data_7MUW
#
_entry.id   7MUW
#
_cell.length_a   1.00
_cell.length_b   1.00
_cell.length_c   1.00
_cell.angle_alpha   90.00
_cell.angle_beta   90.00
_cell.angle_gamma   90.00
#
_symmetry.space_group_name_H-M   'P 1'
#
loop_
_entity.id
_entity.type
_entity.pdbx_description
1 polymer 'IcmE protein'
2 polymer 'Type IV secretion protein IcmK'
3 polymer 'Inner membrane lipoprotein YiaD'
4 polymer 'Outer membrane protein, OmpA family protein'
5 polymer 'DUF2807 domain-containing protein'
6 polymer 'Neurogenic locus notch'
7 polymer 'Unknown protein fragment'
8 polymer 'Unknown protein fragment'
9 polymer DotD
10 polymer DotF
11 polymer DotC
#
loop_
_entity_poly.entity_id
_entity_poly.type
_entity_poly.pdbx_seq_one_letter_code
_entity_poly.pdbx_strand_id
1 'polypeptide(L)'
;MASKKENLKSLFSNTRTRVIIIFTAALLIIAVVIGFFKIRGATTGSIAAAEVSTVPGGIQSIPGVLDPTAQYAKLQEEQN
ITQAQVAEKTGGSAIPTIIRTQALGEGVGVIGSQSGVGFAALAQEELGGPQRSLWIQELQDGSCSKSVITKVVNQGAQLT
DLKAACSCVQLKDSGYGLQELEQVCECKELKSAGYNARQLKEAGYSAGRLRNCGFDACELRNAGFTAQEMKDGGFSDGEL
KGAGFSDAEIAKASGLPDGITADDVRKAGCGAAALAKLRQAGVSASAIRKISGCTAEQLKAAGYTAKELKDAGFSAADLR
RAGFSAAELKDAGFTARDLLNAGFTPADLAKAGFSDAQIKAAQAELPPGITPQDVKNAGCDVEALKKEREAGVSAALIRQ
YAGCSAQALKAAGFTDADLANAGFTPAQISAATPLSDAEIKAAGCDPDKLKKLFSAGVSAKRIKELNGCSAEALKAAGYD
AQSLLAAGFTPQELLAAGFTPKQLEDAGLNPVSIIADGRVADCSVESLKKARAAGVSALTIKQTLGCSAAALKAAGYTAK
ELKDAGFTAAELKAAGFSAKELKDAGFTAKELRDAGFSAQELKDVGFSAKDLKDAGFSAAELKAAGFTAAQLKAAGFSAK
DLKDAGFSAAELKAAGFSAKELKDAGFSASDLKNAGFSAKELKDAGFSASDLKSAGFSASELKNAGYSADELKKAGYTSA
ELRNAGFSPQESAVAGLQGPDLQQLDSSITGIPSIPGATPRPTTSDAASSAEQLQAILQKQNEQLAEQKYQQEIQQRTSD
MLTAATQLVQDWKQVETQVYTEGTEETKTSGGESAVPGTGTGTGSNNQPVDQGAVSAQNQAIIKTGDIMFAVLDTSVNSD
EPGPILATIVTGKLKGSKLIGSFNLPSNADKMVITFNTMSIPGAEKTISISAYAIDPNTARTALASRTNHHYLMRYGSLF
ASSFLQGFGNAFQSANTTITIGGTGGGNNITVANGVGRSTLENAVIGLATVGKAWSQQAQQLFNTPTTVEVYSGTGLGIL
FTQDVTTI
;
AG,Fg,Gg,BG,Hg,Bg,Ig,CG,Jg,Kg,DG,Lg,Mg,EG,VG,WG,XG,YG,FG,ZG,Cg,GG,Dg,HG,IG,JG,KG,LG,MG,NG,OG,PG,Ag,Eg
2 'polypeptide(L)'
;MMKKYDQLCKYCLVIGLTFSMSCSIYAADQSDDAQQALQQLRMLQQKLSQNPSPDAQSGAGDGGDNAASDSTQQPNQSGQ
ANAPAANQTATAGGDGQIISQDDAEVIDKKAFKDMTRNLYPLNPEQVVKLKQIYETSEYAKAATPGTPPKPTATSQFVNL
SPGSTPPVIRLSQGFVSSLVFLDSTGAPWPIAAYDLGDPSSFNIQWDKTSNTLMIQATKLYNYGNLAVRLRGLNTPVMLT
LIPGQKAVDYRVDLRVQGYGPNAKSMPTEEGIPPSANDLLLHVLEGVPPPGSRRLVVSGGDARAWLSNEKMYVRTNLTIL
SPGWLASMTSADGTHAYEMQKSPVLLVSWHGKVMQLKVEGL
;
EH,FH,GH,HH,IH,JH,AH,KH,LH,MH,VH,WH,XH,YH,ZH,BH,CH,DH
3 'polypeptide(L)'
;MRSLRTNYIYVLFKTTGLLFLLLLSACNRSGYIPENEVPKLPCRVDGACDATIIKMMTDLNKKGIKVASVGQNYLISIPA
SALFADQSPRLNWASYSLLNEIAAFLKQFRKIAITVTSYSSKYVSVKRERALTLARSRVVSEYLWSQGVDSRIIFTQGLG
SDKPITSYTLGGDRSPNARVEITFRRAVA
;
EK,FK,GK,HK,IK,JK,KK,LK,AK,MK,BK,CK,DK
4 'polypeptide(L)'
;MRNLMRCLIMIKSLIKGVDMSRKLAKTRILGYGLMICFLAGCFHPPYNNFQPDRRAVKRVGVDTGIGAVAGAIASGTASG
TLIGAAAGGTVGLVASIYRDSKRKIIRDLQKQDIQYVEYGDTRTLIIPTDKYFMFSSPRLNEICYPGLNNVIRLLNFYPQ
STIYVAGFTDNVGSRSHKRKLSQAQAETMMTFLWANGIAAKRLKAEGYGDKNAISDNAIIHGSAQNRRIEIQWFTSPAQP
PQPQMAYVK
;
EL,FL,GL,HL,IL,JL,KL,LL,ML,AL,BL,CL,DL
5 'polypeptide(L)'
;MLKRCYLLILLMFVLASCAHHKPQTPPAEVKKQGTSSTRQFRQVSSFNQIVVQGRLNVNLHTGYNKPEVMLRGDPRDLVQ
VRTIVKQNTLYVSLGQGYPDYGAVTVDIKTKFLNRFRYEGAGVVTGNNLRTSYLDLYLANEGTTRLAGNIGLQKLEAVGN
GVTQINGVSSRNLQIVLKGDPKVLISGFVNLRQLDMYGKGTLSLYWIKSDTLTIRAKKAAKIQLAGIVNRLDVELWDFAQ
FKGKYLRAQRSFVKTHDKSVAEISAVNHQSSLATDASDIYYYNLSKTRADFMAFNGSVLDMREWGQSDLKDFDRYNKQFP
;
EM,FM,GM,HM,IM,JM,KM,LM,MM,AM,BM,CM,DM
6 'polypeptide(L)'
;MLFLKIKTNQRTTMNILKPKAFLLASVFVLSISPAFAADGCCSKMGGINYCDSSAGRLVCNNGFYSTCYCTRHAVMDLQF
LMGCCLWHGGVYPQLNSSGLVVCNDGYVSEECSLQKPVEQISVY
;
EN,FN,GN,HN,IN,JN,KN,LN,MN,AN,BN,CN,DN
7 'polypeptide(L)' (UNK)(UNK)(UNK)(UNK)(UNK)(UNK)(UNK)(UNK)(UNK) EU,FU,GU,HU,IU,JU,KU,LU,MU,AU,BU,CU,DU
8 'polypeptide(L)'
;(UNK)(UNK)(UNK)(UNK)(UNK)(UNK)(UNK)(UNK)(UNK)(UNK)(UNK)(UNK)(UNK)(UNK)(UNK)(UNK)
(UNK)(UNK)(UNK)(UNK)(UNK)(UNK)(UNK)(UNK)(UNK)(UNK)(UNK)(UNK)(UNK)(UNK)(UNK)(UNK)
(UNK)(UNK)(UNK)(UNK)(UNK)(UNK)(UNK)(UNK)(UNK)(UNK)(UNK)(UNK)(UNK)(UNK)(UNK)(UNK)
;
EX,FX,GX,HX,IX,JX,KX,LX,MX,VX,WX,XX,YX,ZX,AX,BX,CX,DX
9 'polypeptide(L)'
;MNNNKIVIMFIFSALLAGCAGTMKFKKPPINNPSDDATIKLAEAAVSVSDSMLEMAKVEKVITPPSKDNTLTIPNAYNLQ
ARASVDWSGPIEELTARIAKAAHFRFRVLGKSPSVPVLISISTKDESLAEILRDIDYQAGKKASIHVYPNSQVVELRYAK
IYS
;
Ed,FD,Fd,GD,Gd,HD,Hd,ID,Id,JD,Jd,KD,Kd,CD,LD,Ld,MD,Md,Ad,BD,Bd,Cd,DD,Dd,AD,ED
10 'polypeptide(L)'
;MMAEHDQNNDEYKFAELDSYDMDQAGESDLDSEASYQSGKEGLTKKKDIKRNALIAIGAVVFIMVMYKIIGWMFFSDKSS
QVTSKPAIPPVTQVATPQPVQTIPTTTPIQQVQPTTIIEDDPDLKKKVSAIEMTQQSLRSEVNALSEQINAVNNNIKNLN
AQIVNLNQIIGNMSNQIARQSEVINVLMARTTPKKVVKVSRPIVQARIIYYIQAVIPGRAWLIGSNGSTLTVREGSKIPG
YGMVKLIDSLQGRILTSSGQVIKFSQEDS
;
Ef,FF,Ff,AF,GF,Gf,HF,Hf,IF,If,JF,Jf,KF,Kf,LF,Lf,MF,CF,Mf,VF,WF,XF,YF,ZF,Af,BF,Bf,Cf,DF,Df,EF
11 'polypeptide(L)'
;MRKFILSLSILLSALLVACSSRNHYGDTGSLAGLQAMADSKYTRAQKKQKMGKIREMALKETALSVGAQAGLAWRAKIID
EQLNKQARNLDAIYDFNSLVLEHNILPPVLLEGRNTLNLADAQSIRISDRTYKVAKQAHFITTPPTWRQYLWMDYVKPEA
PNVTLLPKTKAEKEIWCIYTERGWKNGIDQANTILEENIARIKEDFGGMILYRKLLAMNMVSPPYVSHTDLGVTGDGSEI
HIDDRVLRITALPELNVNSAEWRAAVAKDENALERFKNMEKLANQAKIVITNKSWQPIIAPVS
;
BC,CC,DC,EC,FC,GC,HC,IC,JC,KC,LC,MC,AC
#
# COMPACT_ATOMS: atom_id res chain seq x y z
N ILE A 862 52.18 42.48 7.87
CA ILE A 862 51.94 41.68 9.06
C ILE A 862 51.98 42.56 10.30
N ILE A 863 50.90 42.56 11.07
CA ILE A 863 50.76 43.39 12.26
C ILE A 863 50.62 42.48 13.47
N LYS A 864 51.44 42.74 14.49
CA LYS A 864 51.45 41.94 15.70
C LYS A 864 50.13 42.08 16.47
N THR A 865 49.80 41.06 17.24
CA THR A 865 48.60 41.07 18.07
C THR A 865 48.78 42.08 19.21
N GLY A 866 47.88 43.04 19.30
CA GLY A 866 47.83 43.92 20.46
C GLY A 866 48.89 44.99 20.57
N ASP A 867 49.49 45.38 19.45
CA ASP A 867 50.46 46.46 19.46
C ASP A 867 49.73 47.80 19.54
N ILE A 868 50.49 48.86 19.77
CA ILE A 868 49.94 50.18 20.07
C ILE A 868 50.41 51.15 18.99
N MET A 869 49.46 51.89 18.42
CA MET A 869 49.74 53.01 17.53
C MET A 869 49.02 54.24 18.06
N PHE A 870 49.09 55.35 17.33
CA PHE A 870 48.44 56.57 17.73
C PHE A 870 47.73 57.19 16.54
N ALA A 871 46.68 57.96 16.81
CA ALA A 871 45.83 58.51 15.77
C ALA A 871 45.21 59.80 16.27
N VAL A 872 44.56 60.51 15.35
CA VAL A 872 43.91 61.79 15.62
C VAL A 872 42.47 61.72 15.14
N LEU A 873 41.53 62.05 16.02
CA LEU A 873 40.12 62.16 15.66
C LEU A 873 39.73 63.63 15.61
N ASP A 874 38.70 63.93 14.82
CA ASP A 874 38.31 65.33 14.65
C ASP A 874 36.83 65.57 14.94
N THR A 875 35.97 64.66 14.50
CA THR A 875 34.53 64.90 14.57
C THR A 875 34.00 64.47 15.94
N SER A 876 33.68 65.44 16.78
CA SER A 876 33.14 65.18 18.10
C SER A 876 31.70 64.70 17.98
N VAL A 877 31.26 63.93 18.97
CA VAL A 877 29.89 63.41 19.00
C VAL A 877 29.55 63.09 20.45
N ASN A 878 28.26 63.20 20.77
CA ASN A 878 27.72 62.86 22.07
C ASN A 878 27.38 61.38 22.14
N SER A 879 27.17 60.89 23.36
CA SER A 879 26.80 59.50 23.57
C SER A 879 25.29 59.32 23.45
N ASP A 880 24.70 59.78 22.37
CA ASP A 880 23.25 59.78 22.28
C ASP A 880 22.71 59.11 21.02
N GLU A 881 23.34 59.34 19.87
CA GLU A 881 22.85 58.81 18.59
C GLU A 881 24.02 58.15 17.88
N PRO A 882 23.87 56.91 17.41
CA PRO A 882 24.97 56.24 16.70
C PRO A 882 25.24 56.88 15.36
N GLY A 883 26.51 56.85 14.97
CA GLY A 883 26.93 57.37 13.70
C GLY A 883 28.39 57.04 13.43
N PRO A 884 28.81 57.18 12.18
CA PRO A 884 30.21 56.92 11.85
C PRO A 884 31.14 58.01 12.39
N ILE A 885 32.18 57.61 13.09
CA ILE A 885 33.24 58.51 13.55
C ILE A 885 34.56 58.01 12.98
N LEU A 886 35.38 58.94 12.47
CA LEU A 886 36.62 58.60 11.79
C LEU A 886 37.81 59.23 12.49
N ALA A 887 38.90 58.50 12.54
CA ALA A 887 40.21 58.97 12.98
C ALA A 887 41.24 58.63 11.90
N THR A 888 42.43 59.21 12.02
CA THR A 888 43.48 59.03 11.02
C THR A 888 44.76 58.67 11.73
N ILE A 889 45.35 57.53 11.34
CA ILE A 889 46.66 57.13 11.84
C ILE A 889 47.71 58.07 11.29
N VAL A 890 48.50 58.68 12.18
CA VAL A 890 49.46 59.69 11.79
C VAL A 890 50.91 59.25 12.01
N THR A 891 51.13 58.16 12.73
CA THR A 891 52.48 57.68 12.96
C THR A 891 52.58 56.19 12.62
N GLY A 892 53.76 55.60 12.85
CA GLY A 892 53.93 54.19 12.57
C GLY A 892 54.00 53.91 11.09
N LYS A 893 53.89 52.62 10.75
CA LYS A 893 53.91 52.19 9.36
C LYS A 893 52.68 52.66 8.60
N LEU A 894 51.52 52.65 9.26
CA LEU A 894 50.29 53.09 8.62
C LEU A 894 50.25 54.62 8.60
N LYS A 895 50.44 55.18 7.41
CA LYS A 895 50.50 56.62 7.23
C LYS A 895 49.34 57.05 6.35
N GLY A 896 48.52 57.98 6.84
CA GLY A 896 47.38 58.45 6.08
C GLY A 896 46.18 57.52 6.11
N SER A 897 46.23 56.46 6.91
CA SER A 897 45.10 55.54 6.99
C SER A 897 43.98 56.14 7.84
N LYS A 898 42.76 55.76 7.51
CA LYS A 898 41.58 56.21 8.26
C LYS A 898 40.94 55.01 8.95
N LEU A 899 40.13 55.31 9.98
CA LEU A 899 39.49 54.28 10.78
C LEU A 899 38.12 54.80 11.20
N ILE A 900 37.08 54.06 10.84
CA ILE A 900 35.69 54.43 11.05
C ILE A 900 35.05 53.42 12.00
N GLY A 901 34.28 53.94 12.95
CA GLY A 901 33.48 53.12 13.83
C GLY A 901 32.40 53.92 14.52
N SER A 902 32.07 53.55 15.76
CA SER A 902 31.08 54.28 16.53
C SER A 902 31.53 54.26 17.99
N PHE A 903 30.69 54.76 18.88
CA PHE A 903 31.01 54.80 20.29
C PHE A 903 30.34 53.61 20.99
N ASN A 904 30.64 53.46 22.27
CA ASN A 904 29.97 52.49 23.11
C ASN A 904 29.13 53.22 24.13
N LEU A 905 28.10 52.56 24.61
CA LEU A 905 27.30 53.10 25.68
C LEU A 905 27.51 52.31 26.95
N PRO A 906 28.04 52.92 28.01
CA PRO A 906 28.29 52.19 29.24
C PRO A 906 27.12 52.23 30.20
N SER A 907 27.12 51.29 31.14
CA SER A 907 26.14 51.31 32.22
C SER A 907 26.39 52.45 33.19
N ASN A 908 27.66 52.71 33.52
CA ASN A 908 28.04 53.81 34.39
C ASN A 908 28.92 54.78 33.61
N ALA A 909 28.80 56.06 33.94
CA ALA A 909 29.42 57.13 33.16
C ALA A 909 30.84 57.45 33.60
N ASP A 910 31.53 56.51 34.23
CA ASP A 910 32.90 56.71 34.67
C ASP A 910 33.94 56.36 33.59
N LYS A 911 33.52 55.73 32.51
CA LYS A 911 34.44 55.43 31.41
C LYS A 911 33.63 55.32 30.13
N MET A 912 34.33 55.41 29.00
CA MET A 912 33.68 55.43 27.70
C MET A 912 34.66 54.97 26.64
N VAL A 913 34.27 53.96 25.85
CA VAL A 913 35.18 53.35 24.88
C VAL A 913 34.59 53.50 23.49
N ILE A 914 35.46 53.39 22.49
CA ILE A 914 35.13 53.63 21.10
C ILE A 914 35.36 52.36 20.31
N THR A 915 34.33 51.87 19.63
CA THR A 915 34.43 50.71 18.77
C THR A 915 34.96 51.18 17.41
N PHE A 916 36.06 50.58 16.96
CA PHE A 916 36.72 51.00 15.73
C PHE A 916 37.09 49.79 14.90
N ASN A 917 36.47 49.65 13.73
CA ASN A 917 36.66 48.44 12.93
C ASN A 917 37.06 48.72 11.49
N THR A 918 36.55 49.78 10.88
CA THR A 918 36.70 49.99 9.44
C THR A 918 38.02 50.71 9.19
N MET A 919 39.04 49.96 8.82
CA MET A 919 40.37 50.51 8.57
C MET A 919 40.60 50.58 7.07
N SER A 920 40.93 51.76 6.57
CA SER A 920 41.21 51.97 5.15
C SER A 920 42.59 52.59 5.00
N ILE A 921 43.45 51.92 4.26
CA ILE A 921 44.84 52.36 4.02
C ILE A 921 44.91 52.94 2.62
N PRO A 922 45.52 54.11 2.42
CA PRO A 922 45.69 54.64 1.06
C PRO A 922 46.75 53.90 0.27
N GLY A 923 46.99 54.36 -0.95
CA GLY A 923 47.87 53.63 -1.85
C GLY A 923 47.07 52.66 -2.70
N ALA A 924 46.48 51.64 -2.08
CA ALA A 924 45.67 50.67 -2.78
C ALA A 924 44.23 50.77 -2.30
N GLU A 925 43.29 50.47 -3.22
CA GLU A 925 41.87 50.48 -2.91
C GLU A 925 41.50 49.16 -2.23
N LYS A 926 41.83 49.08 -0.93
CA LYS A 926 41.47 47.94 -0.11
C LYS A 926 40.95 48.44 1.22
N THR A 927 40.12 47.62 1.88
CA THR A 927 39.51 48.02 3.14
C THR A 927 39.49 46.80 4.05
N ILE A 928 40.42 46.74 5.00
CA ILE A 928 40.47 45.68 5.99
C ILE A 928 39.52 46.02 7.13
N SER A 929 39.26 45.05 8.00
CA SER A 929 38.26 45.25 9.05
C SER A 929 38.79 44.89 10.43
N ILE A 930 39.98 45.37 10.77
CA ILE A 930 40.55 45.13 12.10
C ILE A 930 39.73 45.90 13.13
N SER A 931 39.08 45.16 14.02
CA SER A 931 38.18 45.74 15.01
C SER A 931 38.89 45.80 16.35
N ALA A 932 39.08 47.01 16.85
CA ALA A 932 39.78 47.22 18.11
C ALA A 932 39.26 48.50 18.74
N TYR A 933 39.79 48.83 19.91
CA TYR A 933 39.36 49.99 20.67
C TYR A 933 40.52 50.95 20.84
N ALA A 934 40.32 51.98 21.66
CA ALA A 934 41.31 53.03 21.85
C ALA A 934 41.62 53.21 23.33
N ILE A 935 42.72 53.90 23.60
CA ILE A 935 43.17 54.22 24.96
C ILE A 935 43.47 55.71 25.03
N ASP A 936 42.97 56.35 26.10
CA ASP A 936 43.07 57.80 26.25
C ASP A 936 44.51 58.22 26.55
N PRO A 937 45.04 59.22 25.85
CA PRO A 937 46.40 59.68 26.14
C PRO A 937 46.49 60.41 27.46
N ASN A 938 47.71 60.45 28.00
CA ASN A 938 48.15 61.12 29.23
C ASN A 938 47.52 60.55 30.50
N THR A 939 46.81 59.43 30.42
CA THR A 939 46.33 58.75 31.61
C THR A 939 46.59 57.26 31.48
N ALA A 940 46.80 56.82 30.23
CA ALA A 940 46.93 55.42 29.82
C ALA A 940 45.71 54.61 30.28
N ARG A 941 44.54 55.22 30.08
CA ARG A 941 43.28 54.66 30.53
C ARG A 941 42.29 54.67 29.39
N THR A 942 41.12 54.09 29.65
CA THR A 942 40.03 54.05 28.69
C THR A 942 38.91 55.02 29.02
N ALA A 943 39.14 55.99 29.89
CA ALA A 943 38.11 56.94 30.26
C ALA A 943 37.93 58.01 29.19
N LEU A 944 36.95 58.87 29.39
CA LEU A 944 36.65 59.95 28.46
C LEU A 944 36.91 61.31 29.10
N ALA A 945 37.52 62.20 28.32
CA ALA A 945 37.65 63.61 28.69
C ALA A 945 36.33 64.30 28.38
N SER A 946 35.51 64.46 29.41
CA SER A 946 34.23 65.13 29.31
C SER A 946 33.83 65.60 30.71
N ARG A 947 32.56 65.98 30.84
CA ARG A 947 31.96 66.29 32.13
C ARG A 947 30.85 65.28 32.44
N THR A 948 30.77 64.91 33.72
CA THR A 948 29.82 63.90 34.16
C THR A 948 28.72 64.45 35.05
N ASN A 949 28.75 65.73 35.40
CA ASN A 949 27.80 66.34 36.33
C ASN A 949 26.68 67.06 35.59
N HIS A 950 26.19 66.47 34.49
CA HIS A 950 25.32 67.18 33.57
C HIS A 950 23.93 67.46 34.16
N HIS A 951 23.28 66.46 34.73
CA HIS A 951 21.87 66.59 35.12
C HIS A 951 21.61 65.97 36.48
N TYR A 952 22.44 66.30 37.47
CA TYR A 952 22.16 65.91 38.84
C TYR A 952 21.38 66.97 39.59
N LEU A 953 21.91 68.20 39.63
CA LEU A 953 21.32 69.27 40.43
C LEU A 953 19.98 69.72 39.87
N MET A 954 19.79 69.60 38.55
CA MET A 954 18.52 69.99 37.94
C MET A 954 17.36 69.13 38.42
N ARG A 955 17.51 67.81 38.33
CA ARG A 955 16.44 66.93 38.78
C ARG A 955 16.31 66.92 40.30
N TYR A 956 17.44 67.09 41.01
CA TYR A 956 17.40 67.21 42.47
C TYR A 956 16.59 68.42 42.91
N GLY A 957 16.88 69.59 42.34
CA GLY A 957 16.17 70.81 42.71
C GLY A 957 14.72 70.79 42.29
N SER A 958 14.43 70.21 41.12
CA SER A 958 13.03 70.11 40.67
C SER A 958 12.22 69.23 41.59
N LEU A 959 12.76 68.07 41.97
CA LEU A 959 12.07 67.15 42.86
C LEU A 959 11.86 67.77 44.23
N PHE A 960 12.90 68.40 44.77
CA PHE A 960 12.81 68.97 46.12
C PHE A 960 11.87 70.17 46.15
N ALA A 961 11.87 70.98 45.09
CA ALA A 961 11.00 72.14 45.06
C ALA A 961 9.53 71.74 44.92
N SER A 962 9.25 70.74 44.05
CA SER A 962 7.88 70.25 43.91
C SER A 962 7.38 69.64 45.21
N SER A 963 8.27 68.93 45.92
CA SER A 963 7.97 68.46 47.26
C SER A 963 7.60 69.60 48.18
N PHE A 964 8.47 70.61 48.31
CA PHE A 964 8.26 71.73 49.22
C PHE A 964 6.97 72.47 48.93
N LEU A 965 6.59 72.54 47.65
CA LEU A 965 5.32 73.14 47.26
C LEU A 965 4.14 72.32 47.77
N GLN A 966 4.19 70.99 47.58
CA GLN A 966 3.15 70.10 48.08
C GLN A 966 3.00 70.21 49.59
N GLY A 967 4.14 70.23 50.29
CA GLY A 967 4.12 70.31 51.75
C GLY A 967 3.57 71.63 52.25
N PHE A 968 3.87 72.72 51.54
CA PHE A 968 3.39 74.02 51.99
C PHE A 968 1.90 74.12 51.84
N GLY A 969 1.38 73.62 50.72
CA GLY A 969 -0.06 73.63 50.53
C GLY A 969 -0.80 72.80 51.54
N ASN A 970 -0.37 71.55 51.77
CA ASN A 970 -1.13 70.71 52.70
C ASN A 970 -0.99 71.17 54.15
N ALA A 971 0.23 71.48 54.60
CA ALA A 971 0.39 71.83 56.02
C ALA A 971 -0.16 73.20 56.33
N PHE A 972 -0.01 74.17 55.44
CA PHE A 972 -0.56 75.48 55.70
C PHE A 972 -2.05 75.58 55.38
N GLN A 973 -2.63 74.59 54.69
CA GLN A 973 -4.09 74.49 54.68
C GLN A 973 -4.59 73.90 55.99
N SER A 974 -3.85 72.93 56.55
CA SER A 974 -4.25 72.29 57.80
C SER A 974 -4.13 73.23 58.99
N ALA A 975 -3.09 74.06 59.04
CA ALA A 975 -2.76 74.84 60.23
C ALA A 975 -3.55 76.14 60.32
N ASN A 976 -4.65 76.29 59.55
CA ASN A 976 -5.44 77.50 59.59
C ASN A 976 -6.19 77.69 60.90
N THR A 977 -6.77 76.62 61.43
CA THR A 977 -7.43 76.71 62.74
C THR A 977 -6.42 76.76 63.86
N THR A 978 -5.29 76.07 63.71
CA THR A 978 -4.28 76.03 64.76
C THR A 978 -3.38 77.27 64.68
N SER A 999 -5.29 86.95 53.12
CA SER A 999 -5.81 86.15 52.02
C SER A 999 -4.69 85.72 51.09
N THR A 1000 -3.64 86.55 51.03
CA THR A 1000 -2.50 86.24 50.16
C THR A 1000 -1.71 85.05 50.68
N LEU A 1001 -1.70 84.84 51.99
CA LEU A 1001 -1.13 83.61 52.54
C LEU A 1001 -1.93 82.40 52.09
N GLU A 1002 -3.25 82.53 52.05
CA GLU A 1002 -4.10 81.47 51.51
C GLU A 1002 -3.83 81.26 50.03
N ASN A 1003 -3.51 82.32 49.31
CA ASN A 1003 -3.14 82.18 47.90
C ASN A 1003 -1.80 81.48 47.73
N ALA A 1004 -0.88 81.69 48.68
CA ALA A 1004 0.36 80.91 48.70
C ALA A 1004 0.08 79.43 48.92
N VAL A 1005 -0.83 79.13 49.87
CA VAL A 1005 -1.31 77.77 50.07
C VAL A 1005 -1.87 77.19 48.79
N ILE A 1006 -2.67 78.00 48.08
CA ILE A 1006 -3.29 77.63 46.81
C ILE A 1006 -2.24 77.24 45.77
N GLY A 1007 -1.24 78.12 45.59
CA GLY A 1007 -0.32 77.96 44.50
C GLY A 1007 0.59 76.79 44.72
N LEU A 1008 1.14 76.68 45.93
CA LEU A 1008 2.08 75.60 46.19
C LEU A 1008 1.33 74.27 46.32
N ALA A 1009 0.10 74.31 46.88
CA ALA A 1009 -0.76 73.14 47.01
C ALA A 1009 -1.06 72.49 45.68
N THR A 1010 -1.23 73.27 44.64
CA THR A 1010 -1.58 72.61 43.41
C THR A 1010 -0.45 72.46 42.42
N VAL A 1011 0.58 73.31 42.46
CA VAL A 1011 1.71 73.08 41.56
C VAL A 1011 2.72 72.11 42.14
N GLY A 1012 2.56 71.69 43.39
CA GLY A 1012 3.47 70.68 43.92
C GLY A 1012 3.28 69.31 43.30
N LYS A 1013 2.04 68.84 43.21
CA LYS A 1013 1.79 67.42 42.95
C LYS A 1013 2.09 67.03 41.51
N ALA A 1014 1.64 67.84 40.55
CA ALA A 1014 1.87 67.53 39.14
C ALA A 1014 3.34 67.64 38.80
N TRP A 1015 4.01 68.66 39.32
CA TRP A 1015 5.45 68.77 39.12
C TRP A 1015 6.20 67.66 39.84
N SER A 1016 5.65 67.16 40.96
CA SER A 1016 6.29 66.07 41.68
C SER A 1016 6.23 64.77 40.89
N GLN A 1017 5.06 64.46 40.31
CA GLN A 1017 4.98 63.24 39.51
C GLN A 1017 5.73 63.39 38.20
N GLN A 1018 5.81 64.60 37.65
CA GLN A 1018 6.66 64.80 36.46
C GLN A 1018 8.14 64.65 36.81
N ALA A 1019 8.55 65.10 38.01
CA ALA A 1019 9.92 64.92 38.43
C ALA A 1019 10.25 63.45 38.66
N GLN A 1020 9.29 62.69 39.18
CA GLN A 1020 9.46 61.24 39.29
C GLN A 1020 9.52 60.60 37.92
N GLN A 1021 8.79 61.17 36.95
CA GLN A 1021 8.87 60.68 35.58
C GLN A 1021 10.25 60.92 34.96
N LEU A 1022 10.80 62.12 35.14
CA LEU A 1022 12.03 62.49 34.45
C LEU A 1022 13.29 62.32 35.29
N PHE A 1023 13.17 61.74 36.49
CA PHE A 1023 14.35 61.64 37.36
C PHE A 1023 15.34 60.58 36.87
N ASN A 1024 14.91 59.68 36.00
CA ASN A 1024 15.71 58.52 35.61
C ASN A 1024 16.69 58.81 34.49
N THR A 1025 16.80 60.05 34.00
CA THR A 1025 17.69 60.35 32.89
C THR A 1025 19.14 60.41 33.38
N PRO A 1026 20.05 59.66 32.78
CA PRO A 1026 21.46 59.71 33.18
C PRO A 1026 22.11 61.00 32.68
N THR A 1027 23.28 61.29 33.25
CA THR A 1027 24.08 62.45 32.85
C THR A 1027 25.07 61.99 31.78
N THR A 1028 25.09 62.69 30.66
CA THR A 1028 25.81 62.23 29.49
C THR A 1028 27.25 62.73 29.48
N VAL A 1029 28.04 62.16 28.57
CA VAL A 1029 29.39 62.62 28.26
C VAL A 1029 29.49 62.76 26.75
N GLU A 1030 30.37 63.65 26.31
CA GLU A 1030 30.56 63.91 24.88
C GLU A 1030 32.05 64.06 24.62
N VAL A 1031 32.54 63.38 23.57
CA VAL A 1031 33.95 63.48 23.21
C VAL A 1031 34.25 64.87 22.65
N TYR A 1032 35.52 65.24 22.68
CA TYR A 1032 35.93 66.56 22.25
C TYR A 1032 36.54 66.49 20.85
N SER A 1033 36.44 67.60 20.13
CA SER A 1033 36.75 67.63 18.71
C SER A 1033 38.23 67.81 18.41
N GLY A 1034 39.07 67.95 19.43
CA GLY A 1034 40.48 68.21 19.20
C GLY A 1034 41.39 67.38 20.04
N THR A 1035 41.00 66.13 20.31
CA THR A 1035 41.75 65.25 21.19
C THR A 1035 42.40 64.14 20.37
N GLY A 1036 43.71 63.99 20.51
CA GLY A 1036 44.42 62.86 19.95
C GLY A 1036 44.17 61.61 20.79
N LEU A 1037 44.65 60.49 20.27
CA LEU A 1037 44.34 59.22 20.90
C LEU A 1037 45.41 58.18 20.58
N GLY A 1038 45.42 57.12 21.37
CA GLY A 1038 46.20 55.94 21.10
C GLY A 1038 45.28 54.75 20.90
N ILE A 1039 45.74 53.82 20.06
CA ILE A 1039 44.95 52.66 19.65
C ILE A 1039 45.73 51.39 19.98
N LEU A 1040 45.13 50.51 20.77
CA LEU A 1040 45.64 49.16 20.94
C LEU A 1040 44.99 48.26 19.90
N PHE A 1041 45.67 47.18 19.55
CA PHE A 1041 45.11 46.22 18.61
C PHE A 1041 44.47 45.05 19.34
N THR A 1042 43.72 44.26 18.57
CA THR A 1042 43.03 43.09 19.11
C THR A 1042 43.49 41.79 18.46
N GLN A 1043 43.54 41.73 17.14
CA GLN A 1043 44.03 40.57 16.42
C GLN A 1043 45.02 41.01 15.35
N ASP A 1044 45.60 40.02 14.67
CA ASP A 1044 46.55 40.30 13.62
C ASP A 1044 45.83 40.61 12.32
N VAL A 1045 46.48 41.38 11.46
CA VAL A 1045 46.04 41.62 10.09
C VAL A 1045 47.26 41.55 9.18
N THR A 1046 47.00 41.34 7.89
CA THR A 1046 48.08 41.22 6.91
C THR A 1046 48.14 42.45 6.01
N ALA B 104 58.48 -104.89 -29.53
CA ALA B 104 57.30 -104.13 -29.93
C ALA B 104 56.79 -103.28 -28.78
N GLU B 105 57.66 -103.04 -27.80
CA GLU B 105 57.28 -102.28 -26.62
C GLU B 105 58.10 -101.01 -26.40
N VAL B 106 59.29 -100.88 -27.00
CA VAL B 106 60.11 -99.69 -26.82
C VAL B 106 59.73 -98.57 -27.76
N ILE B 107 58.69 -98.75 -28.58
CA ILE B 107 58.21 -97.71 -29.48
C ILE B 107 57.71 -96.50 -28.68
N ASP B 108 57.03 -96.76 -27.56
CA ASP B 108 56.59 -95.68 -26.68
C ASP B 108 57.75 -94.94 -26.05
N LYS B 109 58.82 -95.66 -25.69
CA LYS B 109 60.01 -95.03 -25.14
C LYS B 109 60.71 -94.16 -26.18
N LYS B 110 60.79 -94.66 -27.42
CA LYS B 110 61.35 -93.86 -28.51
C LYS B 110 60.53 -92.62 -28.78
N ALA B 111 59.20 -92.76 -28.74
CA ALA B 111 58.31 -91.62 -28.93
C ALA B 111 58.47 -90.59 -27.83
N PHE B 112 58.60 -91.05 -26.58
CA PHE B 112 58.76 -90.14 -25.46
C PHE B 112 60.09 -89.40 -25.50
N LYS B 113 61.18 -90.10 -25.83
CA LYS B 113 62.47 -89.43 -25.91
C LYS B 113 62.55 -88.49 -27.12
N ASP B 114 61.91 -88.85 -28.23
CA ASP B 114 61.93 -87.98 -29.39
C ASP B 114 61.09 -86.72 -29.16
N MET B 115 59.92 -86.87 -28.52
CA MET B 115 59.12 -85.68 -28.24
C MET B 115 59.76 -84.84 -27.14
N THR B 116 60.53 -85.45 -26.25
CA THR B 116 61.31 -84.67 -25.30
C THR B 116 62.39 -83.84 -26.01
N ARG B 117 63.07 -84.47 -26.98
CA ARG B 117 64.08 -83.77 -27.77
C ARG B 117 63.46 -82.65 -28.58
N ASN B 118 62.26 -82.86 -29.10
CA ASN B 118 61.60 -81.84 -29.89
C ASN B 118 61.05 -80.70 -29.03
N LEU B 119 60.52 -81.02 -27.85
CA LEU B 119 59.95 -79.99 -26.99
C LEU B 119 61.03 -79.13 -26.36
N TYR B 120 62.08 -79.74 -25.83
CA TYR B 120 63.19 -78.98 -25.27
C TYR B 120 64.40 -79.18 -26.16
N PRO B 121 64.61 -78.33 -27.16
CA PRO B 121 65.67 -78.55 -28.13
C PRO B 121 67.05 -78.08 -27.68
N LEU B 122 67.14 -77.41 -26.54
CA LEU B 122 68.38 -76.89 -26.00
C LEU B 122 68.65 -77.51 -24.65
N ASN B 123 69.91 -77.85 -24.39
CA ASN B 123 70.30 -78.34 -23.09
C ASN B 123 70.20 -77.21 -22.06
N PRO B 124 69.93 -77.53 -20.80
CA PRO B 124 70.04 -76.51 -19.74
C PRO B 124 71.43 -75.92 -19.63
N GLU B 125 72.46 -76.76 -19.80
CA GLU B 125 73.82 -76.25 -19.86
C GLU B 125 74.06 -75.41 -21.11
N GLN B 126 73.38 -75.75 -22.22
CA GLN B 126 73.43 -74.91 -23.41
C GLN B 126 72.79 -73.56 -23.14
N VAL B 127 71.70 -73.55 -22.36
CA VAL B 127 71.04 -72.31 -21.95
C VAL B 127 71.99 -71.46 -21.12
N VAL B 128 72.72 -72.10 -20.21
CA VAL B 128 73.73 -71.41 -19.40
C VAL B 128 74.83 -70.81 -20.28
N LYS B 129 75.30 -71.58 -21.26
CA LYS B 129 76.36 -71.11 -22.16
C LYS B 129 75.89 -69.93 -23.00
N LEU B 130 74.69 -70.02 -23.57
CA LEU B 130 74.20 -68.95 -24.42
C LEU B 130 73.88 -67.71 -23.61
N LYS B 131 73.38 -67.89 -22.38
CA LYS B 131 73.15 -66.74 -21.50
C LYS B 131 74.45 -66.05 -21.13
N GLN B 132 75.49 -66.83 -20.84
CA GLN B 132 76.79 -66.24 -20.50
C GLN B 132 77.40 -65.51 -21.69
N ILE B 133 77.31 -66.09 -22.90
CA ILE B 133 77.92 -65.42 -24.04
C ILE B 133 77.06 -64.23 -24.48
N TYR B 134 75.75 -64.27 -24.21
CA TYR B 134 74.91 -63.11 -24.44
C TYR B 134 75.28 -61.98 -23.48
N GLU B 135 75.52 -62.32 -22.21
CA GLU B 135 75.88 -61.31 -21.22
C GLU B 135 77.24 -60.69 -21.54
N THR B 136 78.18 -61.52 -22.00
CA THR B 136 79.47 -61.00 -22.45
C THR B 136 79.31 -60.11 -23.68
N SER B 137 78.41 -60.50 -24.59
CA SER B 137 78.17 -59.72 -25.80
C SER B 137 77.58 -58.35 -25.47
N GLU B 138 76.60 -58.31 -24.57
CA GLU B 138 76.02 -57.01 -24.23
C GLU B 138 76.94 -56.20 -23.33
N TYR B 139 77.82 -56.84 -22.57
CA TYR B 139 78.83 -56.10 -21.83
C TYR B 139 79.83 -55.43 -22.78
N ALA B 140 80.27 -56.16 -23.80
CA ALA B 140 81.13 -55.56 -24.81
C ALA B 140 80.41 -54.50 -25.62
N LYS B 141 79.10 -54.67 -25.80
CA LYS B 141 78.28 -53.64 -26.42
C LYS B 141 78.23 -52.38 -25.56
N ALA B 142 78.04 -52.53 -24.25
CA ALA B 142 77.95 -51.42 -23.33
C ALA B 142 79.30 -50.84 -22.97
N ALA B 143 80.39 -51.48 -23.38
CA ALA B 143 81.72 -50.95 -23.15
C ALA B 143 81.94 -49.66 -23.93
N THR B 144 82.75 -48.77 -23.36
CA THR B 144 82.96 -47.46 -23.94
C THR B 144 84.31 -47.38 -24.64
N PRO B 145 84.39 -46.73 -25.80
CA PRO B 145 85.65 -46.68 -26.54
C PRO B 145 86.66 -45.73 -25.91
N GLY B 146 87.92 -46.06 -26.14
CA GLY B 146 89.02 -45.17 -25.79
C GLY B 146 89.18 -44.99 -24.29
N THR B 147 89.83 -43.90 -23.91
CA THR B 147 90.01 -43.56 -22.52
C THR B 147 88.82 -42.74 -22.05
N PRO B 148 88.07 -43.20 -21.06
CA PRO B 148 87.02 -42.37 -20.47
C PRO B 148 87.60 -41.19 -19.74
N PRO B 149 86.92 -40.04 -19.75
CA PRO B 149 87.51 -38.82 -19.20
C PRO B 149 87.55 -38.83 -17.68
N LYS B 150 88.62 -38.29 -17.13
CA LYS B 150 88.83 -38.25 -15.69
C LYS B 150 87.96 -37.15 -15.08
N PRO B 151 87.25 -37.42 -13.99
CA PRO B 151 86.41 -36.39 -13.37
C PRO B 151 87.23 -35.31 -12.70
N THR B 152 86.77 -34.06 -12.83
CA THR B 152 87.44 -32.92 -12.26
C THR B 152 86.40 -31.93 -11.74
N ALA B 153 86.85 -31.07 -10.82
CA ALA B 153 86.06 -29.98 -10.29
C ALA B 153 86.94 -28.74 -10.22
N THR B 154 86.33 -27.56 -10.40
CA THR B 154 87.11 -26.33 -10.48
C THR B 154 86.40 -25.19 -9.77
N SER B 155 87.17 -24.36 -9.09
CA SER B 155 86.71 -23.09 -8.53
C SER B 155 87.49 -21.98 -9.24
N GLN B 156 86.95 -21.51 -10.35
CA GLN B 156 87.67 -20.64 -11.26
C GLN B 156 87.33 -19.18 -10.97
N PHE B 157 88.36 -18.35 -10.84
CA PHE B 157 88.17 -16.93 -10.64
C PHE B 157 88.14 -16.23 -11.99
N VAL B 158 87.08 -15.46 -12.22
CA VAL B 158 86.77 -14.90 -13.53
C VAL B 158 87.39 -13.51 -13.63
N ASN B 159 87.94 -13.20 -14.80
CA ASN B 159 88.43 -11.88 -15.11
C ASN B 159 87.56 -11.29 -16.21
N LEU B 160 87.05 -10.08 -15.98
CA LEU B 160 86.22 -9.40 -16.96
C LEU B 160 87.01 -8.41 -17.81
N SER B 161 88.33 -8.46 -17.76
CA SER B 161 89.15 -7.57 -18.55
C SER B 161 89.07 -7.95 -20.03
N PRO B 162 89.04 -6.97 -20.94
CA PRO B 162 88.93 -7.31 -22.37
C PRO B 162 90.16 -8.02 -22.93
N GLY B 163 91.33 -7.83 -22.34
CA GLY B 163 92.51 -8.53 -22.79
C GLY B 163 92.52 -10.00 -22.42
N SER B 164 91.72 -10.40 -21.44
CA SER B 164 91.70 -11.78 -21.01
C SER B 164 91.02 -12.67 -22.03
N THR B 165 91.56 -13.87 -22.21
CA THR B 165 90.89 -14.87 -23.03
C THR B 165 89.61 -15.34 -22.34
N PRO B 166 88.57 -15.66 -23.09
CA PRO B 166 87.33 -16.15 -22.50
C PRO B 166 87.53 -17.53 -21.88
N PRO B 167 86.86 -17.81 -20.76
CA PRO B 167 87.01 -19.12 -20.13
C PRO B 167 86.37 -20.23 -20.95
N VAL B 168 87.13 -21.32 -21.07
CA VAL B 168 86.74 -22.49 -21.85
C VAL B 168 86.40 -23.61 -20.86
N ILE B 169 85.29 -24.29 -21.12
CA ILE B 169 84.78 -25.34 -20.24
C ILE B 169 84.77 -26.64 -21.01
N ARG B 170 85.49 -27.64 -20.48
CA ARG B 170 85.37 -28.99 -21.01
C ARG B 170 84.02 -29.57 -20.63
N LEU B 171 83.34 -30.14 -21.61
CA LEU B 171 81.98 -30.61 -21.43
C LEU B 171 81.97 -32.10 -21.16
N SER B 172 80.77 -32.68 -21.13
CA SER B 172 80.61 -34.12 -20.98
C SER B 172 79.35 -34.52 -21.72
N GLN B 173 79.49 -35.34 -22.75
CA GLN B 173 78.36 -35.75 -23.56
C GLN B 173 77.48 -36.71 -22.77
N GLY B 174 76.24 -36.30 -22.53
CA GLY B 174 75.33 -37.10 -21.73
C GLY B 174 75.53 -36.97 -20.23
N PHE B 175 76.35 -36.04 -19.77
CA PHE B 175 76.55 -35.83 -18.34
C PHE B 175 76.47 -34.34 -18.04
N VAL B 176 75.84 -34.02 -16.92
CA VAL B 176 75.49 -32.64 -16.59
C VAL B 176 76.71 -31.92 -16.03
N SER B 177 76.86 -30.66 -16.40
CA SER B 177 77.88 -29.78 -15.86
C SER B 177 77.21 -28.61 -15.14
N SER B 178 77.69 -28.30 -13.95
CA SER B 178 77.10 -27.26 -13.10
C SER B 178 78.06 -26.08 -13.00
N LEU B 179 77.60 -24.92 -13.46
CA LEU B 179 78.36 -23.67 -13.36
C LEU B 179 77.66 -22.83 -12.30
N VAL B 180 78.26 -22.72 -11.13
CA VAL B 180 77.67 -21.98 -10.02
C VAL B 180 78.38 -20.63 -9.94
N PHE B 181 77.61 -19.54 -10.02
CA PHE B 181 78.14 -18.20 -10.18
C PHE B 181 78.13 -17.48 -8.85
N LEU B 182 79.29 -16.99 -8.44
CA LEU B 182 79.45 -16.21 -7.22
C LEU B 182 80.16 -14.91 -7.55
N ASP B 183 79.91 -13.90 -6.72
CA ASP B 183 80.61 -12.63 -6.86
C ASP B 183 81.98 -12.74 -6.19
N SER B 184 82.69 -11.61 -6.08
CA SER B 184 83.99 -11.60 -5.43
C SER B 184 83.87 -11.88 -3.94
N THR B 185 82.72 -11.57 -3.33
CA THR B 185 82.47 -11.99 -1.97
C THR B 185 82.21 -13.49 -1.85
N GLY B 186 81.88 -14.15 -2.97
CA GLY B 186 81.48 -15.53 -2.95
C GLY B 186 80.00 -15.75 -2.72
N ALA B 187 79.24 -14.69 -2.50
CA ALA B 187 77.79 -14.81 -2.37
C ALA B 187 77.18 -15.18 -3.72
N PRO B 188 76.05 -15.89 -3.72
CA PRO B 188 75.46 -16.32 -5.00
C PRO B 188 74.93 -15.15 -5.81
N TRP B 189 75.33 -15.11 -7.07
CA TRP B 189 74.89 -14.07 -8.00
C TRP B 189 74.01 -14.73 -9.05
N PRO B 190 72.69 -14.61 -8.93
CA PRO B 190 71.79 -15.36 -9.82
C PRO B 190 71.77 -14.78 -11.23
N ILE B 191 71.30 -15.62 -12.15
CA ILE B 191 71.28 -15.29 -13.57
C ILE B 191 70.08 -14.37 -13.85
N ALA B 192 70.37 -13.19 -14.39
CA ALA B 192 69.27 -12.32 -14.82
C ALA B 192 68.69 -12.79 -16.14
N ALA B 193 69.55 -13.13 -17.10
CA ALA B 193 69.11 -13.65 -18.39
C ALA B 193 70.27 -14.44 -18.99
N TYR B 194 69.98 -15.16 -20.06
CA TYR B 194 71.03 -15.86 -20.79
C TYR B 194 70.64 -16.01 -22.24
N ASP B 195 71.62 -16.38 -23.06
CA ASP B 195 71.43 -16.56 -24.49
C ASP B 195 72.46 -17.56 -24.99
N LEU B 196 71.99 -18.62 -25.64
CA LEU B 196 72.85 -19.69 -26.12
C LEU B 196 72.54 -19.99 -27.58
N GLY B 197 73.58 -20.08 -28.39
CA GLY B 197 73.43 -20.55 -29.76
C GLY B 197 73.65 -22.04 -29.87
N ASP B 198 73.04 -22.63 -30.90
CA ASP B 198 73.00 -24.06 -31.20
C ASP B 198 72.49 -24.87 -30.00
N PRO B 199 71.19 -24.83 -29.71
CA PRO B 199 70.68 -25.61 -28.58
C PRO B 199 70.72 -27.12 -28.77
N SER B 200 70.79 -27.59 -30.02
CA SER B 200 70.79 -29.03 -30.26
C SER B 200 72.10 -29.70 -29.89
N SER B 201 73.17 -28.94 -29.68
CA SER B 201 74.43 -29.52 -29.25
C SER B 201 74.58 -29.59 -27.75
N PHE B 202 73.95 -28.68 -27.02
CA PHE B 202 74.09 -28.63 -25.56
C PHE B 202 72.71 -28.39 -24.96
N ASN B 203 72.25 -29.33 -24.13
CA ASN B 203 71.03 -29.09 -23.40
C ASN B 203 71.27 -28.08 -22.29
N ILE B 204 70.21 -27.38 -21.91
CA ILE B 204 70.27 -26.32 -20.91
C ILE B 204 69.24 -26.62 -19.84
N GLN B 205 69.66 -26.57 -18.58
CA GLN B 205 68.74 -26.65 -17.45
C GLN B 205 69.04 -25.49 -16.51
N TRP B 206 67.99 -24.76 -16.13
CA TRP B 206 68.15 -23.58 -15.29
C TRP B 206 66.82 -23.28 -14.62
N ASP B 207 66.75 -23.45 -13.31
CA ASP B 207 65.62 -22.90 -12.58
C ASP B 207 65.75 -21.39 -12.49
N LYS B 208 64.60 -20.73 -12.31
CA LYS B 208 64.48 -19.29 -12.55
C LYS B 208 65.27 -18.44 -11.58
N THR B 209 65.49 -18.88 -10.34
CA THR B 209 66.10 -18.05 -9.33
C THR B 209 67.46 -18.56 -8.86
N SER B 210 68.12 -19.37 -9.67
CA SER B 210 69.39 -19.96 -9.26
C SER B 210 70.56 -19.14 -9.76
N ASN B 211 71.71 -19.35 -9.12
CA ASN B 211 72.99 -18.86 -9.61
C ASN B 211 73.81 -19.96 -10.28
N THR B 212 73.20 -21.13 -10.51
CA THR B 212 73.88 -22.26 -11.10
C THR B 212 73.17 -22.67 -12.38
N LEU B 213 73.94 -22.87 -13.43
CA LEU B 213 73.44 -23.30 -14.74
C LEU B 213 73.87 -24.73 -15.00
N MET B 214 72.93 -25.57 -15.41
CA MET B 214 73.20 -26.96 -15.72
C MET B 214 73.18 -27.14 -17.24
N ILE B 215 74.30 -27.62 -17.79
CA ILE B 215 74.48 -27.76 -19.22
C ILE B 215 74.81 -29.21 -19.53
N GLN B 216 74.10 -29.78 -20.50
CA GLN B 216 74.24 -31.20 -20.84
C GLN B 216 74.59 -31.29 -22.31
N ALA B 217 75.81 -31.76 -22.61
CA ALA B 217 76.25 -31.87 -23.98
C ALA B 217 75.55 -33.02 -24.68
N THR B 218 75.10 -32.76 -25.92
CA THR B 218 74.34 -33.74 -26.68
C THR B 218 75.22 -34.51 -27.66
N LYS B 219 75.92 -33.81 -28.54
CA LYS B 219 76.76 -34.47 -29.54
C LYS B 219 78.20 -34.58 -29.02
N LEU B 220 79.05 -35.18 -29.84
CA LEU B 220 80.35 -35.66 -29.34
C LEU B 220 81.40 -34.56 -29.33
N TYR B 221 81.76 -34.03 -30.50
CA TYR B 221 82.91 -33.14 -30.62
C TYR B 221 82.52 -31.84 -31.30
N ASN B 222 81.44 -31.22 -30.84
CA ASN B 222 80.93 -29.98 -31.42
C ASN B 222 80.93 -28.90 -30.34
N TYR B 223 81.72 -27.85 -30.57
CA TYR B 223 81.92 -26.80 -29.58
C TYR B 223 80.96 -25.65 -29.81
N GLY B 224 80.97 -24.70 -28.88
CA GLY B 224 80.08 -23.56 -28.98
C GLY B 224 80.44 -22.49 -27.98
N ASN B 225 79.54 -21.51 -27.85
CA ASN B 225 79.72 -20.41 -26.93
C ASN B 225 78.36 -19.97 -26.42
N LEU B 226 78.37 -19.19 -25.34
CA LEU B 226 77.12 -18.73 -24.73
C LEU B 226 77.38 -17.43 -23.97
N ALA B 227 76.30 -16.74 -23.62
CA ALA B 227 76.39 -15.51 -22.84
C ALA B 227 75.35 -15.54 -21.73
N VAL B 228 75.71 -15.01 -20.57
CA VAL B 228 74.83 -14.93 -19.41
C VAL B 228 74.91 -13.52 -18.84
N ARG B 229 73.77 -12.85 -18.73
CA ARG B 229 73.68 -11.56 -18.09
C ARG B 229 73.28 -11.75 -16.62
N LEU B 230 74.04 -11.13 -15.73
CA LEU B 230 73.72 -11.13 -14.31
C LEU B 230 73.01 -9.83 -13.95
N ARG B 231 72.64 -9.70 -12.67
CA ARG B 231 71.78 -8.60 -12.26
C ARG B 231 72.55 -7.30 -12.10
N GLY B 232 73.51 -7.27 -11.19
CA GLY B 232 74.24 -6.04 -10.91
C GLY B 232 75.19 -5.61 -12.01
N LEU B 233 75.65 -6.55 -12.83
CA LEU B 233 76.57 -6.21 -13.90
C LEU B 233 75.81 -5.66 -15.09
N ASN B 234 76.34 -4.57 -15.65
CA ASN B 234 75.80 -4.06 -16.91
C ASN B 234 76.21 -4.94 -18.08
N THR B 235 77.35 -5.63 -17.97
CA THR B 235 77.90 -6.40 -19.07
C THR B 235 77.75 -7.89 -18.82
N PRO B 236 77.18 -8.63 -19.75
CA PRO B 236 77.09 -10.09 -19.60
C PRO B 236 78.45 -10.75 -19.81
N VAL B 237 78.49 -12.03 -19.45
CA VAL B 237 79.71 -12.84 -19.51
C VAL B 237 79.55 -13.87 -20.61
N MET B 238 80.53 -13.92 -21.51
CA MET B 238 80.53 -14.86 -22.62
C MET B 238 81.56 -15.95 -22.36
N LEU B 239 81.16 -17.20 -22.50
CA LEU B 239 81.99 -18.35 -22.20
C LEU B 239 82.02 -19.28 -23.40
N THR B 240 83.09 -20.06 -23.51
CA THR B 240 83.26 -21.02 -24.59
C THR B 240 83.19 -22.44 -24.03
N LEU B 241 82.57 -23.33 -24.79
CA LEU B 241 82.31 -24.69 -24.35
C LEU B 241 82.86 -25.66 -25.38
N ILE B 242 83.73 -26.57 -24.94
CA ILE B 242 84.35 -27.55 -25.84
C ILE B 242 84.12 -28.94 -25.26
N PRO B 243 83.50 -29.86 -26.00
CA PRO B 243 83.35 -31.23 -25.51
C PRO B 243 84.49 -32.13 -25.95
N GLY B 244 84.44 -33.40 -25.55
CA GLY B 244 85.35 -34.41 -26.06
C GLY B 244 86.80 -34.26 -25.67
N GLN B 245 87.09 -33.96 -24.42
CA GLN B 245 88.46 -33.89 -23.92
C GLN B 245 88.78 -35.15 -23.13
N LYS B 246 90.00 -35.22 -22.62
CA LYS B 246 90.43 -36.37 -21.85
C LYS B 246 90.06 -36.27 -20.37
N ALA B 247 89.40 -35.20 -19.96
CA ALA B 247 88.91 -35.06 -18.60
C ALA B 247 87.55 -34.39 -18.63
N VAL B 248 86.72 -34.72 -17.64
CA VAL B 248 85.37 -34.18 -17.51
C VAL B 248 85.33 -33.30 -16.27
N ASP B 249 84.88 -32.06 -16.44
CA ASP B 249 84.71 -31.13 -15.34
C ASP B 249 83.22 -31.07 -15.00
N TYR B 250 82.86 -31.47 -13.78
CA TYR B 250 81.47 -31.38 -13.37
C TYR B 250 81.10 -29.96 -12.98
N ARG B 251 81.74 -29.41 -11.95
CA ARG B 251 81.38 -28.11 -11.43
C ARG B 251 82.48 -27.10 -11.72
N VAL B 252 82.07 -25.91 -12.13
CA VAL B 252 82.93 -24.74 -12.13
C VAL B 252 82.25 -23.68 -11.28
N ASP B 253 82.91 -23.27 -10.21
CA ASP B 253 82.45 -22.16 -9.37
C ASP B 253 83.08 -20.90 -9.92
N LEU B 254 82.30 -20.11 -10.65
CA LEU B 254 82.79 -18.91 -11.31
C LEU B 254 82.72 -17.76 -10.33
N ARG B 255 83.87 -17.42 -9.75
CA ARG B 255 83.97 -16.30 -8.81
C ARG B 255 84.36 -15.07 -9.59
N VAL B 256 83.39 -14.23 -9.93
CA VAL B 256 83.65 -13.09 -10.79
C VAL B 256 84.21 -11.94 -9.96
N GLN B 257 84.85 -10.99 -10.65
CA GLN B 257 85.44 -9.83 -10.00
C GLN B 257 84.41 -8.84 -9.49
N GLY B 258 83.16 -8.95 -9.93
CA GLY B 258 82.13 -8.02 -9.52
C GLY B 258 81.55 -8.37 -8.15
N TYR B 259 80.52 -7.62 -7.79
CA TYR B 259 79.81 -7.80 -6.54
C TYR B 259 78.32 -7.83 -6.82
N GLY B 260 77.64 -8.86 -6.29
CA GLY B 260 76.23 -9.01 -6.53
C GLY B 260 75.39 -8.12 -5.64
N PRO B 261 74.06 -8.32 -5.72
CA PRO B 261 73.18 -7.69 -4.74
C PRO B 261 73.45 -8.16 -3.31
N ASN B 262 73.85 -9.41 -3.16
CA ASN B 262 74.40 -9.92 -1.91
C ASN B 262 75.90 -9.65 -1.96
N ALA B 263 76.35 -8.64 -1.22
CA ALA B 263 77.76 -8.27 -1.23
C ALA B 263 78.09 -7.68 0.14
N LYS B 264 79.24 -6.99 0.22
CA LYS B 264 79.75 -6.33 1.43
C LYS B 264 79.97 -7.31 2.59
N SER B 265 80.19 -8.58 2.27
CA SER B 265 80.44 -9.59 3.28
C SER B 265 81.93 -9.74 3.57
N MET B 266 82.79 -9.05 2.82
CA MET B 266 84.21 -9.09 3.09
C MET B 266 84.53 -8.33 4.38
N PRO B 267 85.57 -8.72 5.11
CA PRO B 267 85.96 -7.97 6.30
C PRO B 267 86.49 -6.59 5.95
N THR B 268 86.25 -5.65 6.86
CA THR B 268 86.79 -4.30 6.68
C THR B 268 88.29 -4.31 6.93
N GLU B 269 89.04 -3.75 5.98
CA GLU B 269 90.49 -3.83 6.04
C GLU B 269 91.05 -2.89 7.11
N GLU B 270 91.97 -3.41 7.91
CA GLU B 270 92.64 -2.61 8.91
C GLU B 270 93.57 -1.60 8.24
N GLY B 271 93.83 -0.49 8.93
CA GLY B 271 94.62 0.56 8.34
C GLY B 271 95.43 1.36 9.34
N ILE B 272 95.98 2.47 8.86
CA ILE B 272 96.76 3.39 9.71
C ILE B 272 95.82 4.04 10.71
N PRO B 273 96.24 4.19 11.97
CA PRO B 273 95.47 5.03 12.91
C PRO B 273 95.50 6.48 12.47
N PRO B 274 94.49 7.26 12.84
CA PRO B 274 94.47 8.67 12.46
C PRO B 274 95.52 9.48 13.20
N SER B 275 95.85 10.64 12.64
CA SER B 275 96.75 11.58 13.28
C SER B 275 95.97 12.42 14.30
N ALA B 276 96.62 13.45 14.82
CA ALA B 276 95.92 14.39 15.68
C ALA B 276 94.98 15.27 14.86
N ASN B 277 93.95 15.77 15.53
CA ASN B 277 93.00 16.64 14.87
C ASN B 277 93.63 18.00 14.60
N ASP B 278 93.27 18.58 13.46
CA ASP B 278 93.80 19.89 13.07
C ASP B 278 93.22 21.02 13.91
N LEU B 279 92.14 20.77 14.65
CA LEU B 279 91.63 21.75 15.58
C LEU B 279 92.57 21.96 16.76
N LEU B 280 93.46 20.99 17.02
CA LEU B 280 94.45 21.16 18.06
C LEU B 280 95.44 22.28 17.74
N LEU B 281 95.66 22.54 16.45
CA LEU B 281 96.49 23.69 16.06
C LEU B 281 95.84 25.00 16.50
N HIS B 282 94.53 25.12 16.29
CA HIS B 282 93.82 26.32 16.70
C HIS B 282 93.75 26.43 18.21
N VAL B 283 93.62 25.29 18.90
CA VAL B 283 93.63 25.28 20.36
C VAL B 283 95.00 25.72 20.87
N LEU B 284 96.07 25.24 20.23
CA LEU B 284 97.42 25.59 20.62
C LEU B 284 97.70 27.07 20.37
N GLU B 285 97.14 27.63 19.30
CA GLU B 285 97.24 29.06 19.08
C GLU B 285 96.47 29.84 20.15
N GLY B 286 95.21 29.48 20.37
CA GLY B 286 94.37 30.22 21.28
C GLY B 286 93.01 30.55 20.70
N VAL B 287 92.86 30.39 19.39
CA VAL B 287 91.57 30.64 18.75
C VAL B 287 90.65 29.46 19.05
N PRO B 288 89.44 29.71 19.57
CA PRO B 288 88.52 28.61 19.82
C PRO B 288 88.01 28.02 18.52
N PRO B 289 87.68 26.73 18.51
CA PRO B 289 87.12 26.14 17.31
C PRO B 289 85.69 26.62 17.10
N PRO B 290 85.21 26.65 15.86
CA PRO B 290 83.81 27.04 15.63
C PRO B 290 82.86 26.00 16.15
N GLY B 291 81.68 26.47 16.57
CA GLY B 291 80.69 25.59 17.13
C GLY B 291 80.94 25.19 18.57
N SER B 292 81.95 25.75 19.21
CA SER B 292 82.28 25.42 20.59
C SER B 292 81.78 26.53 21.50
N ARG B 293 82.10 26.41 22.79
CA ARG B 293 81.79 27.47 23.74
C ARG B 293 82.85 27.46 24.84
N ARG B 294 82.94 28.59 25.54
CA ARG B 294 84.02 28.80 26.49
C ARG B 294 83.77 28.05 27.79
N LEU B 295 84.88 27.73 28.46
CA LEU B 295 84.85 27.08 29.76
C LEU B 295 85.60 27.95 30.76
N VAL B 296 85.00 28.16 31.93
CA VAL B 296 85.63 28.97 32.97
C VAL B 296 86.71 28.14 33.64
N VAL B 297 87.92 28.67 33.69
CA VAL B 297 89.09 28.03 34.28
C VAL B 297 89.53 28.88 35.45
N SER B 298 89.85 28.24 36.57
CA SER B 298 90.33 28.96 37.73
C SER B 298 91.44 28.18 38.42
N GLY B 299 92.27 28.91 39.17
CA GLY B 299 93.37 28.33 39.90
C GLY B 299 94.70 28.36 39.20
N GLY B 300 94.75 28.80 37.95
CA GLY B 300 96.00 28.82 37.21
C GLY B 300 95.78 29.34 35.80
N ASP B 301 96.86 29.39 35.05
CA ASP B 301 96.87 30.00 33.72
C ASP B 301 96.60 28.94 32.67
N ALA B 302 95.34 28.80 32.27
CA ALA B 302 94.96 27.89 31.20
C ALA B 302 93.67 28.37 30.58
N ARG B 303 93.43 27.92 29.35
CA ARG B 303 92.21 28.23 28.63
C ARG B 303 91.55 26.92 28.20
N ALA B 304 90.22 26.93 28.11
CA ALA B 304 89.50 25.71 27.82
C ALA B 304 88.25 26.00 26.99
N TRP B 305 87.87 25.02 26.18
CA TRP B 305 86.65 25.08 25.40
C TRP B 305 86.02 23.69 25.33
N LEU B 306 84.71 23.67 25.10
CA LEU B 306 83.95 22.45 24.91
C LEU B 306 83.25 22.52 23.57
N SER B 307 83.51 21.53 22.71
CA SER B 307 82.93 21.53 21.36
C SER B 307 82.00 20.35 21.13
N ASN B 308 82.49 19.12 21.29
CA ASN B 308 81.76 17.91 20.96
C ASN B 308 81.85 16.94 22.12
N GLU B 309 81.49 17.45 23.31
CA GLU B 309 81.74 16.92 24.66
C GLU B 309 83.16 16.39 24.82
N LYS B 310 84.11 17.07 24.21
CA LYS B 310 85.54 16.84 24.41
C LYS B 310 86.14 18.17 24.83
N MET B 311 86.79 18.19 25.98
CA MET B 311 87.39 19.43 26.43
C MET B 311 88.75 19.62 25.78
N TYR B 312 88.99 20.85 25.35
CA TYR B 312 90.26 21.26 24.75
C TYR B 312 90.86 22.32 25.65
N VAL B 313 92.12 22.12 26.04
CA VAL B 313 92.76 22.97 27.03
C VAL B 313 94.14 23.39 26.51
N ARG B 314 94.41 24.69 26.54
CA ARG B 314 95.70 25.24 26.20
C ARG B 314 96.36 25.79 27.46
N THR B 315 97.61 25.40 27.70
CA THR B 315 98.37 25.88 28.84
C THR B 315 99.85 25.74 28.53
N ASN B 316 100.68 25.84 29.56
CA ASN B 316 102.11 25.58 29.45
C ASN B 316 102.60 24.68 30.57
N LEU B 317 101.69 24.11 31.34
CA LEU B 317 102.03 23.22 32.44
C LEU B 317 102.02 21.78 31.93
N THR B 318 102.06 20.81 32.84
CA THR B 318 102.08 19.40 32.48
C THR B 318 100.96 18.69 33.22
N ILE B 319 100.03 18.11 32.47
CA ILE B 319 98.86 17.48 33.06
C ILE B 319 99.24 16.16 33.72
N LEU B 320 98.61 15.85 34.85
CA LEU B 320 98.94 14.62 35.57
C LEU B 320 97.78 13.63 35.62
N SER B 321 96.64 14.02 36.19
CA SER B 321 95.69 12.99 36.61
C SER B 321 94.83 12.34 35.52
N PRO B 322 93.96 13.07 34.81
CA PRO B 322 92.79 12.39 34.22
C PRO B 322 93.05 11.71 32.89
N GLY B 323 94.29 11.69 32.40
CA GLY B 323 94.56 11.20 31.07
C GLY B 323 94.13 12.19 30.00
N TRP B 324 94.49 11.87 28.77
CA TRP B 324 94.08 12.69 27.63
C TRP B 324 94.09 11.82 26.38
N LEU B 325 93.40 12.31 25.35
CA LEU B 325 93.38 11.60 24.08
C LEU B 325 94.36 12.19 23.08
N ALA B 326 94.44 13.51 23.00
CA ALA B 326 95.32 14.15 22.03
C ALA B 326 96.14 15.23 22.70
N SER B 327 97.37 15.40 22.21
CA SER B 327 98.28 16.37 22.78
C SER B 327 99.17 16.94 21.70
N MET B 328 99.57 18.19 21.88
CA MET B 328 100.54 18.81 20.99
C MET B 328 101.26 19.92 21.75
N THR B 329 102.44 20.30 21.25
CA THR B 329 103.26 21.31 21.88
C THR B 329 103.81 22.25 20.81
N SER B 330 103.81 23.54 21.13
CA SER B 330 104.46 24.55 20.31
C SER B 330 105.97 24.48 20.48
N ALA B 331 106.68 25.25 19.67
CA ALA B 331 108.10 25.42 19.86
C ALA B 331 108.43 26.32 21.04
N ASP B 332 107.45 27.06 21.55
CA ASP B 332 107.65 28.06 22.58
C ASP B 332 107.26 27.58 23.96
N GLY B 333 106.87 26.31 24.09
CA GLY B 333 106.48 25.78 25.38
C GLY B 333 105.01 25.98 25.67
N THR B 334 104.16 25.53 24.75
CA THR B 334 102.71 25.62 24.91
C THR B 334 102.12 24.26 24.62
N HIS B 335 101.42 23.69 25.60
CA HIS B 335 100.84 22.36 25.49
C HIS B 335 99.33 22.47 25.36
N ALA B 336 98.78 21.80 24.36
CA ALA B 336 97.35 21.75 24.10
C ALA B 336 96.90 20.30 24.14
N TYR B 337 95.75 20.08 24.80
CA TYR B 337 95.24 18.75 25.02
C TYR B 337 93.77 18.67 24.66
N GLU B 338 93.36 17.50 24.18
CA GLU B 338 91.96 17.14 24.04
C GLU B 338 91.70 15.89 24.84
N MET B 339 90.66 15.94 25.68
CA MET B 339 90.36 14.85 26.59
C MET B 339 88.87 14.85 26.91
N GLN B 340 88.46 13.90 27.75
CA GLN B 340 87.10 13.85 28.25
C GLN B 340 86.91 14.87 29.37
N LYS B 341 85.66 15.26 29.58
CA LYS B 341 85.35 16.30 30.54
C LYS B 341 85.59 15.85 31.98
N SER B 342 86.07 16.76 32.80
CA SER B 342 86.40 16.47 34.19
C SER B 342 86.33 17.76 34.98
N PRO B 343 85.85 17.72 36.23
CA PRO B 343 85.84 18.95 37.04
C PRO B 343 87.19 19.33 37.60
N VAL B 344 88.20 18.46 37.50
CA VAL B 344 89.50 18.74 38.09
C VAL B 344 90.59 18.43 37.07
N LEU B 345 91.76 19.04 37.30
CA LEU B 345 92.99 18.71 36.61
C LEU B 345 94.12 18.73 37.62
N LEU B 346 95.23 18.07 37.29
CA LEU B 346 96.37 18.00 38.18
C LEU B 346 97.64 18.36 37.41
N VAL B 347 98.44 19.26 37.98
CA VAL B 347 99.67 19.70 37.34
C VAL B 347 100.80 19.73 38.36
N SER B 348 102.02 19.74 37.84
CA SER B 348 103.20 20.04 38.63
C SER B 348 103.75 21.37 38.15
N TRP B 349 103.84 22.34 39.06
CA TRP B 349 104.24 23.68 38.67
C TRP B 349 105.75 23.76 38.48
N HIS B 350 106.50 23.61 39.56
CA HIS B 350 107.96 23.63 39.52
C HIS B 350 108.50 22.53 40.42
N GLY B 351 107.93 21.34 40.30
CA GLY B 351 108.23 20.25 41.21
C GLY B 351 107.27 20.14 42.36
N LYS B 352 106.22 20.95 42.38
CA LYS B 352 105.19 20.89 43.41
C LYS B 352 103.85 20.69 42.74
N VAL B 353 103.04 19.80 43.29
CA VAL B 353 101.79 19.38 42.66
C VAL B 353 100.67 20.30 43.09
N MET B 354 99.89 20.78 42.13
CA MET B 354 98.74 21.62 42.39
C MET B 354 97.54 21.12 41.59
N GLN B 355 96.36 21.50 42.06
CA GLN B 355 95.09 21.08 41.46
C GLN B 355 94.41 22.28 40.81
N LEU B 356 93.74 22.01 39.70
CA LEU B 356 93.04 23.03 38.94
C LEU B 356 91.56 22.72 38.89
N LYS B 357 90.75 23.69 39.29
CA LYS B 357 89.30 23.53 39.31
C LYS B 357 88.74 23.87 37.94
N VAL B 358 87.95 22.96 37.39
CA VAL B 358 87.28 23.16 36.11
C VAL B 358 85.80 23.33 36.39
N GLU B 359 85.23 24.42 35.89
CA GLU B 359 83.88 24.82 36.24
C GLU B 359 83.08 25.06 34.97
N GLY B 360 81.76 25.15 35.14
CA GLY B 360 80.89 25.48 34.04
C GLY B 360 80.74 24.40 33.00
N LEU B 361 80.95 23.14 33.36
CA LEU B 361 80.83 22.05 32.41
C LEU B 361 79.37 21.77 32.06
N VAL C 38 75.49 68.01 16.32
CA VAL C 38 76.16 69.17 16.90
C VAL C 38 76.44 69.03 18.42
N PRO C 39 75.51 68.46 19.23
CA PRO C 39 75.96 67.97 20.55
C PRO C 39 76.70 66.65 20.46
N LYS C 40 76.50 65.89 19.38
CA LYS C 40 77.23 64.66 19.12
C LYS C 40 78.21 64.78 17.97
N LEU C 41 77.80 65.42 16.89
CA LEU C 41 78.74 65.77 15.82
C LEU C 41 79.63 66.93 16.29
N PRO C 42 80.85 67.02 15.78
CA PRO C 42 81.74 68.12 16.18
C PRO C 42 81.27 69.45 15.63
N CYS C 43 80.91 70.38 16.51
CA CYS C 43 80.48 71.71 16.09
C CYS C 43 81.66 72.51 15.54
N ARG C 44 82.76 72.54 16.27
CA ARG C 44 83.97 73.24 15.84
C ARG C 44 85.16 72.38 16.21
N VAL C 45 86.34 72.83 15.79
CA VAL C 45 87.57 72.14 16.18
C VAL C 45 87.83 72.41 17.65
N ASP C 46 88.06 71.34 18.41
CA ASP C 46 88.20 71.42 19.85
C ASP C 46 89.48 72.14 20.24
N GLY C 47 89.42 72.87 21.35
CA GLY C 47 90.56 73.64 21.83
C GLY C 47 90.93 74.78 20.92
N ALA C 48 89.95 75.42 20.28
CA ALA C 48 90.21 76.51 19.36
C ALA C 48 89.24 77.64 19.63
N CYS C 49 89.77 78.84 19.84
CA CYS C 49 88.95 80.04 19.99
C CYS C 49 89.69 81.19 19.31
N ASP C 50 88.99 81.84 18.38
CA ASP C 50 89.59 82.87 17.55
C ASP C 50 89.97 84.09 18.37
N ALA C 51 89.18 84.40 19.40
CA ALA C 51 89.51 85.48 20.31
C ALA C 51 90.80 85.21 21.06
N THR C 52 90.98 83.97 21.53
CA THR C 52 92.23 83.60 22.18
C THR C 52 93.39 83.66 21.20
N ILE C 53 93.15 83.27 19.96
CA ILE C 53 94.19 83.28 18.93
C ILE C 53 94.67 84.70 18.66
N ILE C 54 93.74 85.64 18.44
CA ILE C 54 94.13 87.01 18.14
C ILE C 54 94.68 87.70 19.40
N LYS C 55 94.22 87.29 20.59
CA LYS C 55 94.73 87.87 21.82
C LYS C 55 96.18 87.47 22.06
N MET C 56 96.50 86.18 21.88
CA MET C 56 97.89 85.78 22.06
C MET C 56 98.77 86.25 20.91
N MET C 57 98.20 86.48 19.72
CA MET C 57 98.97 87.10 18.65
C MET C 57 99.36 88.53 19.00
N THR C 58 98.41 89.29 19.54
CA THR C 58 98.69 90.66 19.96
C THR C 58 99.68 90.68 21.12
N ASP C 59 99.56 89.72 22.04
CA ASP C 59 100.49 89.63 23.16
C ASP C 59 101.90 89.30 22.69
N LEU C 60 102.02 88.40 21.71
CA LEU C 60 103.34 88.05 21.17
C LEU C 60 103.98 89.23 20.44
N ASN C 61 103.18 89.95 19.65
CA ASN C 61 103.75 91.09 18.93
C ASN C 61 104.09 92.24 19.87
N LYS C 62 103.36 92.38 20.98
CA LYS C 62 103.75 93.39 21.97
C LYS C 62 104.92 92.91 22.83
N LYS C 63 105.15 91.60 22.89
CA LYS C 63 106.41 91.12 23.44
C LYS C 63 107.56 91.48 22.51
N GLY C 64 107.32 91.41 21.20
CA GLY C 64 108.28 91.88 20.22
C GLY C 64 108.69 90.85 19.20
N ILE C 65 108.25 89.62 19.31
CA ILE C 65 108.56 88.60 18.30
C ILE C 65 107.64 88.85 17.11
N LYS C 66 108.22 88.82 15.91
CA LYS C 66 107.50 89.23 14.72
C LYS C 66 106.51 88.15 14.31
N VAL C 67 105.23 88.51 14.22
CA VAL C 67 104.16 87.64 13.79
C VAL C 67 103.51 88.27 12.57
N ALA C 68 103.36 87.49 11.49
CA ALA C 68 102.79 88.04 10.27
C ALA C 68 101.98 86.98 9.56
N SER C 69 100.94 87.44 8.85
CA SER C 69 100.06 86.57 8.08
C SER C 69 99.81 87.17 6.70
N VAL C 70 99.72 86.31 5.70
CA VAL C 70 99.33 86.70 4.35
C VAL C 70 98.51 85.57 3.74
N GLY C 71 97.23 85.86 3.47
CA GLY C 71 96.33 84.82 3.02
C GLY C 71 96.08 83.81 4.12
N GLN C 72 96.64 82.61 3.95
CA GLN C 72 96.66 81.62 5.01
C GLN C 72 98.08 81.23 5.40
N ASN C 73 99.08 81.98 4.94
CA ASN C 73 100.48 81.68 5.21
C ASN C 73 100.96 82.55 6.36
N TYR C 74 101.61 81.92 7.34
CA TYR C 74 102.03 82.58 8.56
C TYR C 74 103.52 82.47 8.74
N LEU C 75 104.13 83.58 9.16
CA LEU C 75 105.58 83.67 9.36
C LEU C 75 105.85 84.30 10.72
N ILE C 76 106.74 83.69 11.48
CA ILE C 76 107.11 84.20 12.81
C ILE C 76 108.62 84.22 12.94
N SER C 77 109.16 85.37 13.30
CA SER C 77 110.59 85.56 13.53
C SER C 77 110.87 85.86 14.99
N ILE C 78 111.94 85.26 15.51
CA ILE C 78 112.36 85.42 16.90
C ILE C 78 113.81 85.89 16.90
N PRO C 79 114.15 86.91 17.69
CA PRO C 79 115.56 87.28 17.83
C PRO C 79 116.38 86.21 18.53
N ALA C 80 117.60 86.01 18.05
CA ALA C 80 118.44 84.95 18.57
C ALA C 80 119.03 85.31 19.93
N SER C 81 119.20 86.61 20.21
CA SER C 81 119.80 87.03 21.47
C SER C 81 118.87 86.76 22.65
N ALA C 82 117.57 86.82 22.43
CA ALA C 82 116.62 86.50 23.48
C ALA C 82 116.39 85.00 23.63
N LEU C 83 117.01 84.18 22.78
CA LEU C 83 116.77 82.74 22.80
C LEU C 83 118.01 81.95 23.19
N PHE C 84 119.10 82.09 22.45
CA PHE C 84 120.25 81.21 22.62
C PHE C 84 121.37 81.90 23.39
N ALA C 85 122.41 81.13 23.68
CA ALA C 85 123.61 81.69 24.24
C ALA C 85 124.40 82.41 23.16
N ASP C 86 125.30 83.30 23.60
CA ASP C 86 126.07 84.11 22.67
C ASP C 86 127.08 83.26 21.94
N GLN C 87 126.93 83.19 20.60
CA GLN C 87 127.78 82.40 19.70
C GLN C 87 127.80 80.93 20.08
N SER C 88 126.70 80.42 20.64
CA SER C 88 126.67 79.09 21.19
C SER C 88 125.28 78.51 21.02
N PRO C 89 125.16 77.23 20.66
CA PRO C 89 123.85 76.58 20.50
C PRO C 89 123.30 76.00 21.79
N ARG C 90 123.32 76.80 22.86
CA ARG C 90 122.80 76.39 24.15
C ARG C 90 121.69 77.34 24.57
N LEU C 91 120.67 76.79 25.21
CA LEU C 91 119.46 77.54 25.53
C LEU C 91 119.47 78.00 26.99
N ASN C 92 118.63 78.99 27.24
CA ASN C 92 118.40 79.50 28.58
C ASN C 92 117.16 78.84 29.18
N TRP C 93 117.07 78.88 30.51
CA TRP C 93 115.97 78.21 31.17
C TRP C 93 114.66 78.98 31.05
N ALA C 94 114.72 80.31 31.03
CA ALA C 94 113.50 81.09 30.92
C ALA C 94 112.90 81.03 29.53
N SER C 95 113.69 80.63 28.52
CA SER C 95 113.20 80.55 27.15
C SER C 95 112.20 79.42 26.94
N TYR C 96 112.19 78.42 27.83
CA TYR C 96 111.36 77.25 27.59
C TYR C 96 109.89 77.55 27.82
N SER C 97 109.57 78.49 28.72
CA SER C 97 108.19 78.93 28.88
C SER C 97 107.68 79.62 27.61
N LEU C 98 108.54 80.43 26.99
CA LEU C 98 108.22 81.06 25.72
C LEU C 98 108.03 80.03 24.62
N LEU C 99 108.87 78.99 24.61
CA LEU C 99 108.72 77.93 23.62
C LEU C 99 107.43 77.15 23.83
N ASN C 100 107.07 76.91 25.09
CA ASN C 100 105.84 76.19 25.40
C ASN C 100 104.61 76.98 24.99
N GLU C 101 104.59 78.29 25.26
CA GLU C 101 103.44 79.07 24.83
C GLU C 101 103.44 79.29 23.32
N ILE C 102 104.61 79.24 22.68
CA ILE C 102 104.67 79.27 21.24
C ILE C 102 104.07 78.00 20.65
N ALA C 103 104.32 76.85 21.29
CA ALA C 103 103.71 75.60 20.83
C ALA C 103 102.21 75.59 21.10
N ALA C 104 101.80 76.23 22.20
CA ALA C 104 100.37 76.36 22.50
C ALA C 104 99.66 77.21 21.45
N PHE C 105 100.33 78.28 20.99
CA PHE C 105 99.78 79.05 19.88
C PHE C 105 99.76 78.22 18.59
N LEU C 106 100.81 77.43 18.37
CA LEU C 106 100.90 76.66 17.14
C LEU C 106 99.87 75.55 17.06
N LYS C 107 99.42 75.04 18.22
CA LYS C 107 98.39 74.01 18.23
C LYS C 107 97.02 74.53 17.78
N GLN C 108 96.83 75.84 17.76
CA GLN C 108 95.53 76.41 17.41
C GLN C 108 95.19 76.23 15.94
N PHE C 109 96.16 75.93 15.09
CA PHE C 109 95.92 75.78 13.67
C PHE C 109 96.11 74.33 13.26
N ARG C 110 95.61 74.02 12.07
CA ARG C 110 95.78 72.71 11.46
C ARG C 110 96.69 72.87 10.25
N LYS C 111 97.78 72.13 10.22
CA LYS C 111 98.79 72.29 9.18
C LYS C 111 99.53 70.98 8.97
N ILE C 112 100.25 70.92 7.87
CA ILE C 112 100.96 69.72 7.46
C ILE C 112 102.47 69.90 7.53
N ALA C 113 102.98 71.00 6.97
CA ALA C 113 104.41 71.21 6.83
C ALA C 113 104.79 72.57 7.41
N ILE C 114 105.80 72.58 8.28
CA ILE C 114 106.37 73.81 8.81
C ILE C 114 107.86 73.78 8.51
N THR C 115 108.45 74.96 8.30
CA THR C 115 109.87 75.06 8.00
C THR C 115 110.54 76.00 8.99
N VAL C 116 111.71 75.58 9.46
CA VAL C 116 112.49 76.30 10.47
C VAL C 116 113.82 76.70 9.85
N THR C 117 114.17 77.98 9.97
CA THR C 117 115.44 78.49 9.49
C THR C 117 116.10 79.34 10.57
N SER C 118 117.42 79.45 10.48
CA SER C 118 118.20 80.24 11.43
C SER C 118 119.24 81.07 10.69
N TYR C 119 119.45 82.30 11.17
CA TYR C 119 120.35 83.25 10.53
C TYR C 119 121.17 83.93 11.61
N SER C 120 122.43 84.23 11.28
CA SER C 120 123.37 84.75 12.24
C SER C 120 124.20 85.85 11.59
N SER C 121 125.25 86.26 12.28
CA SER C 121 126.19 87.26 11.80
C SER C 121 127.38 86.59 11.13
N LYS C 122 128.30 87.40 10.62
CA LYS C 122 129.55 86.90 10.07
C LYS C 122 130.60 86.91 11.18
N TYR C 123 131.07 85.72 11.56
CA TYR C 123 131.95 85.59 12.72
C TYR C 123 133.33 85.09 12.35
N VAL C 124 133.44 83.90 11.74
CA VAL C 124 134.75 83.35 11.38
C VAL C 124 134.74 82.91 9.93
N SER C 125 133.75 82.08 9.58
CA SER C 125 133.80 81.28 8.37
C SER C 125 132.42 81.31 7.73
N VAL C 126 132.16 80.36 6.84
CA VAL C 126 130.80 80.07 6.45
C VAL C 126 130.38 78.80 7.18
N LYS C 127 131.35 77.89 7.37
CA LYS C 127 131.06 76.54 7.82
C LYS C 127 130.66 76.50 9.28
N ARG C 128 131.40 77.24 10.12
CA ARG C 128 131.09 77.29 11.55
C ARG C 128 129.74 77.92 11.80
N GLU C 129 129.43 78.97 11.04
CA GLU C 129 128.16 79.68 11.22
C GLU C 129 126.99 78.85 10.72
N ARG C 130 127.18 78.14 9.60
CA ARG C 130 126.13 77.25 9.11
C ARG C 130 125.92 76.08 10.06
N ALA C 131 127.00 75.56 10.65
CA ALA C 131 126.87 74.50 11.64
C ALA C 131 126.14 74.98 12.89
N LEU C 132 126.42 76.21 13.34
CA LEU C 132 125.74 76.76 14.50
C LEU C 132 124.25 76.95 14.24
N THR C 133 123.90 77.48 13.08
CA THR C 133 122.49 77.65 12.73
C THR C 133 121.80 76.30 12.57
N LEU C 134 122.51 75.32 12.01
CA LEU C 134 121.96 73.98 11.84
C LEU C 134 121.70 73.33 13.19
N ALA C 135 122.62 73.49 14.13
CA ALA C 135 122.43 72.92 15.46
C ALA C 135 121.29 73.58 16.21
N ARG C 136 121.19 74.92 16.12
CA ARG C 136 120.10 75.63 16.78
C ARG C 136 118.75 75.23 16.21
N SER C 137 118.68 75.11 14.87
CA SER C 137 117.45 74.69 14.22
C SER C 137 117.10 73.24 14.58
N ARG C 138 118.10 72.36 14.67
CA ARG C 138 117.85 70.99 15.05
C ARG C 138 117.32 70.88 16.46
N VAL C 139 117.87 71.68 17.38
CA VAL C 139 117.44 71.67 18.78
C VAL C 139 116.00 72.16 18.90
N VAL C 140 115.69 73.27 18.23
CA VAL C 140 114.33 73.81 18.37
C VAL C 140 113.31 72.92 17.65
N SER C 141 113.69 72.29 16.54
CA SER C 141 112.78 71.39 15.85
C SER C 141 112.53 70.12 16.66
N GLU C 142 113.58 69.62 17.31
CA GLU C 142 113.45 68.45 18.19
C GLU C 142 112.52 68.75 19.35
N TYR C 143 112.70 69.91 19.99
CA TYR C 143 111.83 70.25 21.12
C TYR C 143 110.39 70.49 20.67
N LEU C 144 110.21 71.08 19.49
CA LEU C 144 108.86 71.31 19.00
C LEU C 144 108.16 70.01 18.65
N TRP C 145 108.88 69.06 18.05
CA TRP C 145 108.30 67.75 17.77
C TRP C 145 108.03 66.97 19.05
N SER C 146 108.86 67.16 20.07
CA SER C 146 108.60 66.57 21.38
C SER C 146 107.32 67.12 21.97
N GLN C 147 107.11 68.42 21.83
CA GLN C 147 105.83 69.00 22.19
C GLN C 147 104.75 68.54 21.20
N GLY C 148 103.51 68.68 21.63
CA GLY C 148 102.41 68.14 20.86
C GLY C 148 102.02 68.96 19.64
N VAL C 149 102.86 68.97 18.62
CA VAL C 149 102.53 69.65 17.38
C VAL C 149 101.85 68.66 16.45
N ASP C 150 100.83 69.13 15.75
CA ASP C 150 100.14 68.30 14.77
C ASP C 150 100.63 68.71 13.38
N SER C 151 101.84 68.29 13.06
CA SER C 151 102.39 68.49 11.74
C SER C 151 102.94 67.17 11.23
N ARG C 152 102.60 66.84 9.99
CA ARG C 152 103.18 65.66 9.39
C ARG C 152 104.62 65.90 8.94
N ILE C 153 104.97 67.14 8.60
CA ILE C 153 106.31 67.48 8.16
C ILE C 153 106.84 68.58 9.06
N ILE C 154 108.07 68.41 9.54
CA ILE C 154 108.81 69.49 10.17
C ILE C 154 110.15 69.58 9.44
N PHE C 155 110.39 70.72 8.81
CA PHE C 155 111.59 70.97 8.03
C PHE C 155 112.51 71.94 8.76
N THR C 156 113.81 71.66 8.72
CA THR C 156 114.79 72.54 9.34
C THR C 156 116.04 72.63 8.48
N GLN C 157 116.61 73.84 8.43
CA GLN C 157 117.86 74.12 7.75
C GLN C 157 118.44 75.39 8.34
N GLY C 158 119.74 75.58 8.16
CA GLY C 158 120.41 76.74 8.69
C GLY C 158 121.29 77.43 7.67
N LEU C 159 121.26 78.75 7.63
CA LEU C 159 122.03 79.50 6.65
C LEU C 159 123.05 80.45 7.27
N GLY C 160 122.66 81.26 8.22
CA GLY C 160 123.62 82.11 8.93
C GLY C 160 123.70 83.50 8.34
N SER C 161 124.91 83.91 7.96
CA SER C 161 125.18 85.25 7.46
C SER C 161 124.94 85.37 5.97
N ASP C 162 124.20 84.45 5.38
CA ASP C 162 123.94 84.46 3.95
C ASP C 162 122.78 85.36 3.56
N LYS C 163 121.96 85.78 4.53
CA LYS C 163 120.82 86.66 4.27
C LYS C 163 120.87 87.83 5.24
N PRO C 164 121.51 88.93 4.85
CA PRO C 164 121.43 90.16 5.65
C PRO C 164 120.12 90.89 5.38
N ILE C 165 119.19 90.81 6.34
CA ILE C 165 117.95 91.58 6.24
C ILE C 165 118.09 92.96 6.85
N THR C 166 119.28 93.33 7.30
CA THR C 166 119.51 94.62 7.92
C THR C 166 120.72 95.27 7.30
N SER C 167 120.59 96.55 6.93
CA SER C 167 121.74 97.30 6.48
C SER C 167 122.71 97.57 7.62
N TYR C 168 122.19 97.73 8.83
CA TYR C 168 123.02 97.90 10.03
C TYR C 168 123.71 96.56 10.31
N THR C 169 125.01 96.51 10.01
CA THR C 169 125.79 95.29 10.20
C THR C 169 126.79 95.42 11.34
N LEU C 170 126.68 96.48 12.13
CA LEU C 170 127.67 96.73 13.18
C LEU C 170 127.50 95.79 14.36
N GLY C 171 126.26 95.41 14.67
CA GLY C 171 126.02 94.56 15.81
C GLY C 171 126.47 93.12 15.57
N GLY C 172 126.75 92.43 16.67
CA GLY C 172 127.17 91.04 16.60
C GLY C 172 126.01 90.09 16.80
N ASP C 173 126.00 89.37 17.92
CA ASP C 173 124.85 88.54 18.24
C ASP C 173 123.65 89.39 18.67
N ARG C 174 123.88 90.63 19.10
CA ARG C 174 122.80 91.54 19.43
C ARG C 174 122.12 92.14 18.20
N SER C 175 122.68 91.93 17.02
CA SER C 175 122.11 92.51 15.81
C SER C 175 120.78 91.83 15.47
N PRO C 176 119.77 92.60 15.04
CA PRO C 176 118.44 92.02 14.79
C PRO C 176 118.37 91.06 13.62
N ASN C 177 119.36 91.06 12.72
CA ASN C 177 119.36 90.06 11.67
C ASN C 177 119.71 88.67 12.19
N ALA C 178 120.34 88.58 13.36
CA ALA C 178 120.49 87.30 14.03
C ALA C 178 119.13 86.85 14.54
N ARG C 179 118.62 85.77 13.98
CA ARG C 179 117.20 85.46 14.14
C ARG C 179 116.96 83.99 13.85
N VAL C 180 115.75 83.54 14.18
CA VAL C 180 115.21 82.28 13.69
C VAL C 180 113.81 82.56 13.16
N GLU C 181 113.34 81.67 12.29
CA GLU C 181 112.13 81.91 11.54
C GLU C 181 111.37 80.61 11.35
N ILE C 182 110.07 80.64 11.58
CA ILE C 182 109.19 79.51 11.32
C ILE C 182 108.12 79.96 10.33
N THR C 183 107.97 79.20 9.25
CA THR C 183 107.05 79.53 8.18
C THR C 183 106.15 78.34 7.88
N PHE C 184 104.86 78.60 7.69
CA PHE C 184 103.95 77.54 7.26
C PHE C 184 102.77 78.15 6.52
N ARG C 185 101.93 77.27 5.98
CA ARG C 185 100.67 77.62 5.35
C ARG C 185 99.55 76.88 6.05
N ARG C 186 98.51 77.62 6.46
CA ARG C 186 97.34 76.99 7.08
C ARG C 186 96.59 76.18 6.04
N ALA C 187 96.25 74.94 6.39
CA ALA C 187 95.62 74.01 5.46
C ALA C 187 94.11 74.09 5.62
N VAL C 188 93.42 74.21 4.49
CA VAL C 188 91.95 74.21 4.39
C VAL C 188 91.29 75.27 5.27
N CYS D 42 121.59 82.99 41.84
CA CYS D 42 121.58 82.08 42.98
C CYS D 42 121.90 80.66 42.56
N PHE D 43 120.99 80.05 41.80
CA PHE D 43 121.17 78.68 41.33
C PHE D 43 120.66 78.56 39.90
N HIS D 44 121.34 77.74 39.11
CA HIS D 44 120.86 77.40 37.77
C HIS D 44 120.48 75.93 37.74
N PRO D 45 119.25 75.60 37.37
CA PRO D 45 118.82 74.21 37.23
C PRO D 45 119.63 73.42 36.20
N PRO D 46 120.13 74.04 35.09
CA PRO D 46 121.13 73.22 34.37
C PRO D 46 122.49 73.21 35.04
N TYR D 47 122.61 72.36 36.06
CA TYR D 47 123.84 71.93 36.74
C TYR D 47 124.56 73.05 37.50
N ASN D 48 124.03 74.28 37.46
CA ASN D 48 124.64 75.49 38.04
C ASN D 48 126.08 75.68 37.58
N ASN D 49 126.33 75.35 36.30
CA ASN D 49 127.62 75.54 35.62
C ASN D 49 128.77 74.80 36.32
N PHE D 50 128.45 73.68 36.97
CA PHE D 50 129.41 72.78 37.62
C PHE D 50 130.26 73.51 38.66
N GLN D 51 129.59 74.15 39.60
CA GLN D 51 130.23 74.88 40.67
C GLN D 51 129.74 74.38 42.02
N PRO D 52 130.55 74.47 43.08
CA PRO D 52 130.08 74.04 44.41
C PRO D 52 128.97 74.95 44.92
N ASP D 53 127.95 74.33 45.50
CA ASP D 53 126.79 75.08 45.97
C ASP D 53 127.13 75.83 47.25
N ARG D 54 126.69 77.08 47.32
CA ARG D 54 126.73 77.83 48.57
C ARG D 54 125.36 77.75 49.23
N ARG D 55 124.93 76.50 49.42
CA ARG D 55 123.63 76.22 50.01
C ARG D 55 123.61 76.53 51.50
N ALA D 56 124.73 76.31 52.19
CA ALA D 56 124.83 76.67 53.59
C ALA D 56 124.75 78.18 53.80
N VAL D 57 125.34 78.96 52.89
CA VAL D 57 125.24 80.40 53.01
C VAL D 57 123.82 80.87 52.70
N LYS D 58 123.10 80.13 51.85
CA LYS D 58 121.68 80.46 51.62
C LYS D 58 120.84 80.16 52.84
N ARG D 59 121.13 79.03 53.50
CA ARG D 59 120.42 78.67 54.72
C ARG D 59 120.68 79.67 55.84
N VAL D 60 121.94 80.08 56.03
CA VAL D 60 122.21 81.03 57.11
C VAL D 60 121.73 82.43 56.74
N GLY D 61 121.68 82.77 55.44
CA GLY D 61 121.12 84.05 55.05
C GLY D 61 119.62 84.12 55.27
N VAL D 62 118.91 83.03 54.95
CA VAL D 62 117.47 83.03 55.19
C VAL D 62 117.16 82.85 56.68
N ASP D 63 118.08 82.31 57.46
CA ASP D 63 117.88 82.26 58.90
C ASP D 63 118.12 83.61 59.56
N THR D 64 119.11 84.36 59.07
CA THR D 64 119.32 85.71 59.57
C THR D 64 118.24 86.65 59.07
N GLY D 65 117.64 86.35 57.93
CA GLY D 65 116.52 87.14 57.42
C GLY D 65 115.20 86.70 58.03
N GLY D 88 118.86 83.90 62.74
CA GLY D 88 119.55 83.10 63.74
C GLY D 88 120.75 82.37 63.20
N GLY D 89 121.94 82.77 63.65
CA GLY D 89 123.16 82.14 63.18
C GLY D 89 123.31 80.70 63.62
N THR D 90 122.94 80.41 64.87
CA THR D 90 123.06 79.05 65.39
C THR D 90 122.06 78.10 64.73
N VAL D 91 120.82 78.55 64.55
CA VAL D 91 119.83 77.71 63.89
C VAL D 91 120.16 77.57 62.40
N GLY D 92 120.75 78.59 61.79
CA GLY D 92 121.23 78.47 60.42
C GLY D 92 122.37 77.48 60.29
N LEU D 93 123.30 77.49 61.25
CA LEU D 93 124.41 76.54 61.24
C LEU D 93 123.92 75.11 61.47
N VAL D 94 122.98 74.92 62.39
CA VAL D 94 122.50 73.56 62.64
C VAL D 94 121.62 73.07 61.49
N ALA D 95 120.92 73.98 60.80
CA ALA D 95 120.17 73.60 59.62
C ALA D 95 121.10 73.23 58.47
N SER D 96 122.22 73.95 58.35
CA SER D 96 123.21 73.62 57.33
C SER D 96 123.87 72.27 57.60
N ILE D 97 124.22 71.99 58.85
CA ILE D 97 124.89 70.71 59.11
C ILE D 97 123.88 69.57 59.08
N TYR D 98 122.60 69.83 59.33
CA TYR D 98 121.60 68.80 59.12
C TYR D 98 121.33 68.62 57.64
N ARG D 99 121.53 69.67 56.84
CA ARG D 99 121.42 69.55 55.40
C ARG D 99 122.54 68.70 54.82
N ASP D 100 123.76 68.88 55.33
CA ASP D 100 124.87 68.07 54.86
C ASP D 100 125.04 66.78 55.66
N SER D 101 124.16 66.51 56.62
CA SER D 101 124.22 65.25 57.35
C SER D 101 123.89 64.09 56.42
N LYS D 102 124.77 63.08 56.45
CA LYS D 102 124.76 62.04 55.43
C LYS D 102 123.54 61.14 55.55
N ARG D 103 123.02 60.95 56.77
CA ARG D 103 121.80 60.20 56.96
C ARG D 103 120.61 60.87 56.29
N LYS D 104 120.56 62.21 56.37
CA LYS D 104 119.52 62.94 55.66
C LYS D 104 119.73 62.88 54.15
N ILE D 105 120.98 62.78 53.70
CA ILE D 105 121.24 62.62 52.27
C ILE D 105 120.71 61.29 51.77
N ILE D 106 120.94 60.21 52.52
CA ILE D 106 120.40 58.91 52.16
C ILE D 106 118.89 58.91 52.26
N ARG D 107 118.34 59.64 53.23
CA ARG D 107 116.88 59.77 53.35
C ARG D 107 116.29 60.48 52.14
N ASP D 108 116.97 61.51 51.64
CA ASP D 108 116.53 62.18 50.43
C ASP D 108 116.66 61.27 49.20
N LEU D 109 117.72 60.47 49.16
CA LEU D 109 117.88 59.54 48.04
C LEU D 109 116.83 58.43 48.07
N GLN D 110 116.38 58.04 49.25
CA GLN D 110 115.31 57.05 49.36
C GLN D 110 113.95 57.69 49.12
N LYS D 111 113.82 58.99 49.40
CA LYS D 111 112.67 59.75 48.92
C LYS D 111 112.64 59.75 47.41
N GLN D 112 113.80 59.90 46.78
CA GLN D 112 113.94 59.63 45.36
C GLN D 112 113.83 58.13 45.09
N ASP D 113 113.70 57.77 43.83
CA ASP D 113 113.64 56.36 43.47
C ASP D 113 115.01 55.81 43.14
N ILE D 114 115.97 56.02 44.04
CA ILE D 114 117.34 55.56 43.89
C ILE D 114 117.65 54.66 45.07
N GLN D 115 118.18 53.46 44.79
CA GLN D 115 118.39 52.48 45.84
C GLN D 115 119.87 52.43 46.22
N TYR D 116 120.15 52.66 47.49
CA TYR D 116 121.52 52.68 48.00
C TYR D 116 121.74 51.45 48.87
N VAL D 117 122.84 50.75 48.61
CA VAL D 117 123.20 49.57 49.38
C VAL D 117 124.61 49.76 49.90
N GLU D 118 124.75 49.79 51.22
CA GLU D 118 126.06 49.78 51.87
C GLU D 118 126.16 48.49 52.64
N TYR D 119 126.69 47.46 51.99
CA TYR D 119 126.88 46.16 52.63
C TYR D 119 128.37 45.83 52.60
N GLY D 120 128.92 45.51 53.75
CA GLY D 120 130.36 45.33 53.85
C GLY D 120 131.06 46.66 53.69
N ASP D 121 132.22 46.64 53.04
CA ASP D 121 132.95 47.85 52.72
C ASP D 121 132.69 48.34 51.31
N THR D 122 131.72 47.75 50.62
CA THR D 122 131.41 48.09 49.23
C THR D 122 130.08 48.81 49.18
N ARG D 123 130.04 49.93 48.45
CA ARG D 123 128.84 50.74 48.33
C ARG D 123 128.35 50.73 46.89
N THR D 124 127.03 50.53 46.73
CA THR D 124 126.43 50.33 45.43
C THR D 124 125.16 51.18 45.31
N LEU D 125 124.88 51.60 44.08
CA LEU D 125 123.76 52.46 43.76
C LEU D 125 122.97 51.90 42.58
N ILE D 126 121.66 51.98 42.67
CA ILE D 126 120.74 51.47 41.66
C ILE D 126 119.89 52.62 41.18
N ILE D 127 119.89 52.84 39.86
CA ILE D 127 119.23 53.99 39.24
C ILE D 127 118.34 53.54 38.10
N PRO D 128 117.07 53.95 38.06
CA PRO D 128 116.14 53.54 36.99
C PRO D 128 116.38 54.33 35.70
N THR D 129 116.69 53.59 34.63
CA THR D 129 117.01 54.20 33.35
C THR D 129 115.80 54.89 32.74
N ASP D 130 114.62 54.31 32.94
CA ASP D 130 113.41 54.80 32.28
C ASP D 130 112.91 56.11 32.88
N LYS D 131 113.34 56.44 34.09
CA LYS D 131 113.01 57.75 34.65
C LYS D 131 114.18 58.71 34.64
N TYR D 132 115.41 58.22 34.61
CA TYR D 132 116.57 59.10 34.58
C TYR D 132 117.17 59.23 33.19
N PHE D 133 116.47 58.76 32.17
CA PHE D 133 116.92 58.85 30.79
C PHE D 133 115.72 59.17 29.91
N MET D 134 116.01 59.71 28.73
CA MET D 134 114.98 59.73 27.71
C MET D 134 114.90 58.35 27.05
N PHE D 135 113.75 58.07 26.44
CA PHE D 135 113.47 56.72 25.98
C PHE D 135 114.30 56.37 24.75
N SER D 136 114.94 55.19 24.81
CA SER D 136 115.66 54.55 23.70
C SER D 136 116.77 55.44 23.15
N SER D 137 117.36 56.26 24.01
CA SER D 137 118.34 57.24 23.59
C SER D 137 119.43 57.35 24.64
N PRO D 138 120.66 57.66 24.23
CA PRO D 138 121.68 58.03 25.22
C PRO D 138 121.44 59.38 25.87
N ARG D 139 120.52 60.19 25.34
CA ARG D 139 120.21 61.48 25.92
C ARG D 139 119.51 61.32 27.27
N LEU D 140 119.59 62.36 28.08
CA LEU D 140 119.28 62.30 29.50
C LEU D 140 117.99 63.04 29.82
N ASN D 141 117.32 62.58 30.87
CA ASN D 141 116.19 63.31 31.41
C ASN D 141 116.67 64.58 32.11
N GLU D 142 115.85 65.63 32.04
CA GLU D 142 116.18 66.90 32.64
C GLU D 142 115.42 67.17 33.93
N ILE D 143 114.49 66.30 34.31
CA ILE D 143 113.69 66.53 35.50
C ILE D 143 114.51 66.25 36.76
N CYS D 144 115.29 65.18 36.76
CA CYS D 144 115.88 64.64 37.98
C CYS D 144 117.24 65.26 38.29
N TYR D 145 117.46 66.49 37.87
CA TYR D 145 118.65 67.23 38.30
C TYR D 145 118.80 67.44 39.81
N PRO D 146 117.75 67.58 40.65
CA PRO D 146 118.07 67.62 42.09
C PRO D 146 118.62 66.31 42.63
N GLY D 147 118.11 65.19 42.12
CA GLY D 147 118.72 63.91 42.45
C GLY D 147 120.14 63.78 41.93
N LEU D 148 120.40 64.37 40.76
CA LEU D 148 121.77 64.37 40.23
C LEU D 148 122.71 65.18 41.11
N ASN D 149 122.25 66.32 41.61
CA ASN D 149 123.05 67.12 42.54
C ASN D 149 123.26 66.40 43.85
N ASN D 150 122.24 65.66 44.31
CA ASN D 150 122.41 64.82 45.50
C ASN D 150 123.44 63.74 45.27
N VAL D 151 123.47 63.17 44.07
CA VAL D 151 124.45 62.14 43.73
C VAL D 151 125.86 62.71 43.76
N ILE D 152 126.03 63.92 43.19
CA ILE D 152 127.35 64.56 43.20
C ILE D 152 127.77 64.90 44.63
N ARG D 153 126.81 65.37 45.44
CA ARG D 153 127.10 65.70 46.84
C ARG D 153 127.50 64.46 47.63
N LEU D 154 126.85 63.32 47.37
CA LEU D 154 127.20 62.09 48.08
C LEU D 154 128.55 61.56 47.60
N LEU D 155 128.84 61.67 46.32
CA LEU D 155 130.12 61.21 45.79
C LEU D 155 131.28 62.14 46.14
N ASN D 156 130.99 63.32 46.67
CA ASN D 156 132.05 64.20 47.18
C ASN D 156 132.80 63.62 48.39
N PHE D 157 132.22 62.66 49.10
CA PHE D 157 132.76 62.23 50.38
C PHE D 157 133.77 61.09 50.29
N TYR D 158 134.04 60.56 49.10
CA TYR D 158 134.87 59.36 48.97
C TYR D 158 135.99 59.67 47.99
N PRO D 159 137.07 60.29 48.46
CA PRO D 159 138.08 60.84 47.55
C PRO D 159 139.03 59.82 46.96
N GLN D 160 138.94 58.54 47.32
CA GLN D 160 139.81 57.53 46.75
C GLN D 160 139.04 56.28 46.34
N SER D 161 137.75 56.42 46.07
CA SER D 161 136.94 55.27 45.73
C SER D 161 137.21 54.80 44.31
N THR D 162 137.15 53.48 44.11
CA THR D 162 137.35 52.86 42.80
C THR D 162 135.98 52.74 42.14
N ILE D 163 135.63 53.73 41.33
CA ILE D 163 134.27 53.85 40.80
C ILE D 163 134.12 52.96 39.59
N TYR D 164 133.15 52.05 39.64
CA TYR D 164 132.73 51.26 38.51
C TYR D 164 131.26 51.52 38.26
N VAL D 165 130.87 51.66 37.00
CA VAL D 165 129.46 51.79 36.64
C VAL D 165 129.14 50.83 35.51
N ALA D 166 127.89 50.37 35.48
CA ALA D 166 127.45 49.40 34.49
C ALA D 166 125.98 49.65 34.17
N GLY D 167 125.60 49.23 32.98
CA GLY D 167 124.23 49.37 32.50
C GLY D 167 123.63 48.02 32.15
N PHE D 168 122.34 47.87 32.43
CA PHE D 168 121.66 46.61 32.17
C PHE D 168 120.27 46.89 31.60
N THR D 169 119.75 45.90 30.87
CA THR D 169 118.55 46.08 30.07
C THR D 169 117.69 44.83 30.15
N ASP D 170 116.63 44.79 29.35
CA ASP D 170 115.76 43.64 29.21
C ASP D 170 116.23 42.79 28.03
N ASN D 171 115.40 41.83 27.63
CA ASN D 171 115.82 40.73 26.77
C ASN D 171 115.37 40.83 25.32
N VAL D 172 114.46 41.74 25.00
CA VAL D 172 113.82 41.74 23.70
C VAL D 172 114.64 42.56 22.71
N GLY D 173 114.96 41.96 21.57
CA GLY D 173 115.70 42.62 20.52
C GLY D 173 117.01 41.92 20.23
N SER D 174 117.86 42.62 19.49
CA SER D 174 119.23 42.14 19.28
C SER D 174 120.04 42.37 20.54
N ARG D 175 120.74 41.32 20.99
CA ARG D 175 121.58 41.44 22.17
C ARG D 175 122.77 42.35 21.92
N SER D 176 123.26 42.38 20.67
CA SER D 176 124.27 43.36 20.29
C SER D 176 123.73 44.77 20.39
N HIS D 177 122.48 44.98 19.99
CA HIS D 177 121.84 46.28 20.12
C HIS D 177 121.69 46.68 21.58
N LYS D 178 121.33 45.71 22.44
CA LYS D 178 121.23 45.98 23.87
C LYS D 178 122.57 46.33 24.47
N ARG D 179 123.62 45.65 24.01
CA ARG D 179 124.98 45.95 24.43
C ARG D 179 125.38 47.37 24.04
N LYS D 180 125.03 47.77 22.81
CA LYS D 180 125.32 49.13 22.36
C LYS D 180 124.56 50.17 23.17
N LEU D 181 123.29 49.90 23.46
CA LEU D 181 122.47 50.83 24.24
C LEU D 181 123.00 50.98 25.65
N SER D 182 123.34 49.85 26.28
CA SER D 182 123.85 49.88 27.65
C SER D 182 125.21 50.56 27.71
N GLN D 183 126.06 50.32 26.70
CA GLN D 183 127.35 50.99 26.62
C GLN D 183 127.18 52.49 26.47
N ALA D 184 126.21 52.91 25.64
CA ALA D 184 125.95 54.33 25.46
C ALA D 184 125.49 54.99 26.74
N GLN D 185 124.55 54.35 27.45
CA GLN D 185 124.03 54.94 28.67
C GLN D 185 125.08 54.98 29.77
N ALA D 186 125.87 53.92 29.90
CA ALA D 186 126.92 53.89 30.90
C ALA D 186 128.01 54.92 30.60
N GLU D 187 128.35 55.10 29.32
CA GLU D 187 129.37 56.07 29.00
C GLU D 187 128.87 57.50 29.16
N THR D 188 127.57 57.74 28.94
CA THR D 188 127.04 59.06 29.23
C THR D 188 127.04 59.35 30.72
N MET D 189 126.72 58.34 31.53
CA MET D 189 126.77 58.53 32.98
C MET D 189 128.21 58.76 33.46
N MET D 190 129.16 58.04 32.86
CA MET D 190 130.57 58.22 33.17
C MET D 190 131.04 59.61 32.79
N THR D 191 130.58 60.10 31.63
CA THR D 191 130.93 61.44 31.18
C THR D 191 130.36 62.51 32.12
N PHE D 192 129.12 62.30 32.57
CA PHE D 192 128.51 63.24 33.50
C PHE D 192 129.24 63.25 34.84
N LEU D 193 129.68 62.09 35.29
CA LEU D 193 130.47 62.03 36.51
C LEU D 193 131.82 62.71 36.32
N TRP D 194 132.46 62.48 35.17
CA TRP D 194 133.76 63.06 34.89
C TRP D 194 133.70 64.57 34.71
N ALA D 195 132.54 65.09 34.36
CA ALA D 195 132.37 66.53 34.22
C ALA D 195 132.39 67.27 35.56
N ASN D 196 132.35 66.56 36.68
CA ASN D 196 132.36 67.18 38.00
C ASN D 196 133.71 67.06 38.69
N GLY D 197 134.80 67.17 37.94
CA GLY D 197 136.12 67.31 38.52
C GLY D 197 136.75 66.04 39.05
N ILE D 198 136.23 64.88 38.70
CA ILE D 198 136.77 63.62 39.18
C ILE D 198 137.65 63.00 38.09
N ALA D 199 138.83 62.52 38.49
CA ALA D 199 139.80 61.98 37.56
C ALA D 199 139.29 60.69 36.91
N ALA D 200 139.60 60.54 35.62
CA ALA D 200 139.04 59.45 34.83
C ALA D 200 139.63 58.10 35.18
N LYS D 201 140.83 58.06 35.77
CA LYS D 201 141.43 56.79 36.14
C LYS D 201 140.75 56.16 37.34
N ARG D 202 139.98 56.93 38.11
CA ARG D 202 139.15 56.38 39.16
C ARG D 202 137.85 55.79 38.63
N LEU D 203 137.57 55.95 37.35
CA LEU D 203 136.26 55.62 36.79
C LEU D 203 136.38 54.43 35.85
N LYS D 204 135.28 53.68 35.75
CA LYS D 204 135.22 52.56 34.81
C LYS D 204 133.77 52.32 34.43
N ALA D 205 133.48 52.33 33.13
CA ALA D 205 132.13 52.18 32.62
C ALA D 205 132.00 50.91 31.81
N GLU D 206 130.86 50.25 31.94
CA GLU D 206 130.60 49.02 31.20
C GLU D 206 129.09 48.86 31.01
N GLY D 207 128.70 48.39 29.84
CA GLY D 207 127.30 48.12 29.60
C GLY D 207 127.07 46.68 29.18
N TYR D 208 126.41 45.91 30.04
CA TYR D 208 126.10 44.52 29.73
C TYR D 208 124.63 44.41 29.34
N GLY D 209 124.21 43.18 29.05
CA GLY D 209 122.84 42.99 28.61
C GLY D 209 121.90 42.68 29.75
N ASP D 210 121.38 41.46 29.77
CA ASP D 210 120.43 41.02 30.78
C ASP D 210 120.86 39.70 31.39
N LYS D 211 122.16 39.40 31.36
CA LYS D 211 122.66 38.12 31.82
C LYS D 211 122.56 37.96 33.33
N ASN D 212 122.42 39.06 34.06
CA ASN D 212 122.25 39.02 35.51
C ASN D 212 121.04 39.91 35.84
N ALA D 213 119.86 39.31 35.80
CA ALA D 213 118.62 40.00 36.14
C ALA D 213 118.19 39.60 37.54
N ILE D 214 117.60 40.54 38.25
CA ILE D 214 117.08 40.28 39.58
C ILE D 214 115.60 39.95 39.47
N SER D 215 115.14 39.74 38.25
CA SER D 215 113.73 39.59 37.97
C SER D 215 113.57 38.68 36.75
N ASP D 216 112.39 38.69 36.15
CA ASP D 216 112.10 37.91 34.96
C ASP D 216 111.30 38.75 33.97
N ASN D 217 111.62 38.59 32.69
CA ASN D 217 111.03 39.41 31.64
C ASN D 217 109.59 39.05 31.32
N ALA D 218 109.12 37.88 31.74
CA ALA D 218 107.74 37.50 31.43
C ALA D 218 106.71 38.25 32.26
N ILE D 219 107.14 38.91 33.32
CA ILE D 219 106.26 39.72 34.16
C ILE D 219 106.63 41.18 33.93
N ILE D 220 105.60 42.03 33.87
CA ILE D 220 105.80 43.42 33.44
C ILE D 220 106.55 44.22 34.48
N HIS D 221 106.20 44.04 35.76
CA HIS D 221 106.93 44.73 36.81
C HIS D 221 108.36 44.22 36.92
N GLY D 222 108.57 42.94 36.65
CA GLY D 222 109.93 42.41 36.59
C GLY D 222 110.72 43.00 35.43
N SER D 223 110.07 43.19 34.29
CA SER D 223 110.74 43.84 33.17
C SER D 223 111.03 45.31 33.45
N ALA D 224 110.18 45.96 34.24
CA ALA D 224 110.49 47.30 34.73
C ALA D 224 111.69 47.28 35.65
N GLN D 225 111.80 46.25 36.49
CA GLN D 225 112.96 46.12 37.37
C GLN D 225 114.21 45.67 36.65
N ASN D 226 114.09 45.18 35.41
CA ASN D 226 115.22 44.60 34.70
C ASN D 226 116.29 45.63 34.35
N ARG D 227 115.92 46.63 33.55
CA ARG D 227 116.90 47.61 33.10
C ARG D 227 117.29 48.55 34.23
N ARG D 228 118.59 48.81 34.37
CA ARG D 228 119.08 49.47 35.57
C ARG D 228 120.44 50.09 35.29
N ILE D 229 120.84 50.99 36.18
CA ILE D 229 122.17 51.54 36.24
C ILE D 229 122.78 51.15 37.57
N GLU D 230 123.91 50.46 37.53
CA GLU D 230 124.58 49.90 38.69
C GLU D 230 125.88 50.65 38.94
N ILE D 231 126.08 51.10 40.18
CA ILE D 231 127.31 51.77 40.58
C ILE D 231 127.93 50.99 41.73
N GLN D 232 129.19 50.61 41.59
CA GLN D 232 129.93 49.97 42.66
C GLN D 232 131.17 50.78 42.99
N TRP D 233 131.54 50.80 44.27
CA TRP D 233 132.90 51.17 44.63
C TRP D 233 133.29 50.53 45.96
N PHE D 234 134.56 50.15 46.04
CA PHE D 234 135.15 49.66 47.28
C PHE D 234 135.56 50.87 48.12
N THR D 235 136.27 50.61 49.21
CA THR D 235 136.86 51.69 49.99
C THR D 235 138.34 51.86 49.72
N SER D 236 139.08 50.77 49.54
CA SER D 236 140.50 50.86 49.23
C SER D 236 140.82 50.22 47.89
N LEU E 113 179.46 59.20 23.60
CA LEU E 113 178.90 60.01 22.53
C LEU E 113 177.37 59.97 22.57
N ASN E 114 176.79 60.18 23.76
CA ASN E 114 175.35 60.10 23.94
C ASN E 114 174.79 61.27 24.75
N ARG E 115 175.55 62.33 24.95
CA ARG E 115 175.07 63.49 25.69
C ARG E 115 175.54 64.75 24.99
N PHE E 116 174.59 65.62 24.63
CA PHE E 116 174.93 66.85 23.93
C PHE E 116 174.17 68.02 24.54
N ARG E 117 174.91 69.07 24.86
CA ARG E 117 174.34 70.32 25.37
C ARG E 117 174.90 71.47 24.55
N TYR E 118 174.07 72.46 24.27
CA TYR E 118 174.54 73.65 23.59
C TYR E 118 173.85 74.89 24.13
N GLU E 119 174.64 75.94 24.33
CA GLU E 119 174.15 77.27 24.66
C GLU E 119 174.89 78.29 23.82
N GLY E 120 174.27 79.45 23.62
CA GLY E 120 175.00 80.62 23.16
C GLY E 120 175.08 80.87 21.67
N ALA E 121 173.93 80.92 20.99
CA ALA E 121 173.78 81.45 19.63
C ALA E 121 174.64 80.71 18.62
N GLY E 122 174.29 79.45 18.39
CA GLY E 122 175.03 78.63 17.45
C GLY E 122 174.11 77.89 16.50
N VAL E 123 174.59 77.71 15.28
CA VAL E 123 173.90 76.97 14.24
C VAL E 123 174.61 75.63 14.09
N VAL E 124 173.94 74.56 14.48
CA VAL E 124 174.51 73.21 14.47
C VAL E 124 173.68 72.36 13.52
N THR E 125 174.34 71.75 12.54
CA THR E 125 173.69 70.87 11.58
C THR E 125 174.40 69.53 11.58
N GLY E 126 173.66 68.47 11.89
CA GLY E 126 174.22 67.14 11.90
C GLY E 126 173.33 66.17 11.14
N ASN E 127 173.96 65.23 10.46
CA ASN E 127 173.25 64.24 9.68
C ASN E 127 173.86 62.87 9.90
N ASN E 128 173.01 61.84 9.73
CA ASN E 128 173.38 60.42 9.74
C ASN E 128 174.04 59.99 11.05
N LEU E 129 173.52 60.51 12.16
CA LEU E 129 174.02 60.10 13.47
C LEU E 129 173.23 58.92 13.99
N ARG E 130 173.90 58.09 14.79
CA ARG E 130 173.29 56.88 15.33
C ARG E 130 173.56 56.79 16.83
N THR E 131 172.56 56.32 17.57
CA THR E 131 172.66 56.12 19.01
C THR E 131 171.58 55.14 19.44
N SER E 132 171.74 54.64 20.66
CA SER E 132 170.62 53.97 21.32
C SER E 132 169.74 54.99 22.02
N TYR E 133 170.36 55.94 22.72
CA TYR E 133 169.66 57.05 23.34
C TYR E 133 170.68 58.16 23.56
N LEU E 134 170.27 59.40 23.33
CA LEU E 134 171.08 60.54 23.68
C LEU E 134 170.25 61.56 24.47
N ASP E 135 170.92 62.25 25.37
CA ASP E 135 170.30 63.30 26.18
C ASP E 135 170.68 64.65 25.61
N LEU E 136 169.67 65.45 25.26
CA LEU E 136 169.86 66.69 24.51
C LEU E 136 169.40 67.88 25.34
N TYR E 137 170.25 68.89 25.44
CA TYR E 137 169.88 70.16 26.04
C TYR E 137 170.23 71.29 25.08
N LEU E 138 169.28 72.18 24.85
CA LEU E 138 169.43 73.30 23.94
C LEU E 138 169.06 74.59 24.65
N ALA E 139 169.84 75.63 24.41
CA ALA E 139 169.57 76.93 25.02
C ALA E 139 170.15 78.01 24.13
N ASN E 140 169.52 79.19 24.19
CA ASN E 140 170.06 80.47 23.69
C ASN E 140 170.39 80.40 22.19
N GLU E 141 169.32 80.18 21.41
CA GLU E 141 169.35 80.15 19.94
C GLU E 141 170.30 79.07 19.43
N GLY E 142 169.88 77.84 19.67
CA GLY E 142 170.46 76.71 18.96
C GLY E 142 169.68 76.45 17.69
N THR E 143 170.18 76.97 16.57
CA THR E 143 169.59 76.72 15.26
C THR E 143 170.03 75.32 14.84
N THR E 144 169.21 74.33 15.14
CA THR E 144 169.63 72.94 15.06
C THR E 144 168.93 72.24 13.91
N ARG E 145 169.72 71.56 13.09
CA ARG E 145 169.22 70.71 12.01
C ARG E 145 169.73 69.30 12.23
N LEU E 146 168.82 68.33 12.17
CA LEU E 146 169.16 66.93 12.34
C LEU E 146 168.58 66.12 11.20
N ALA E 147 169.43 65.32 10.56
CA ALA E 147 169.04 64.52 9.40
C ALA E 147 169.56 63.10 9.52
N GLY E 148 169.36 62.47 10.68
CA GLY E 148 169.80 61.11 10.87
C GLY E 148 168.76 60.20 11.51
N ASN E 149 169.19 59.02 11.95
CA ASN E 149 168.32 58.05 12.63
C ASN E 149 168.76 57.98 14.08
N ILE E 150 168.08 58.74 14.93
CA ILE E 150 168.52 58.95 16.31
C ILE E 150 167.38 58.56 17.24
N GLY E 151 167.67 57.68 18.19
CA GLY E 151 166.75 57.41 19.28
C GLY E 151 167.02 58.34 20.45
N LEU E 152 165.94 58.85 21.04
CA LEU E 152 166.04 59.73 22.19
C LEU E 152 164.80 59.60 23.04
N GLN E 153 164.92 59.99 24.31
CA GLN E 153 163.82 59.90 25.24
C GLN E 153 163.62 61.22 25.97
N LYS E 154 164.72 61.95 26.18
CA LYS E 154 164.70 63.20 26.92
C LYS E 154 165.32 64.30 26.08
N LEU E 155 164.61 65.42 25.99
CA LEU E 155 165.14 66.62 25.35
C LEU E 155 164.63 67.82 26.12
N GLU E 156 165.54 68.72 26.49
CA GLU E 156 165.18 69.93 27.21
C GLU E 156 165.73 71.14 26.47
N ALA E 157 164.84 72.03 26.06
CA ALA E 157 165.22 73.28 25.42
C ALA E 157 164.67 74.43 26.23
N VAL E 158 165.47 75.50 26.33
CA VAL E 158 165.02 76.69 27.04
C VAL E 158 163.87 77.35 26.28
N GLY E 159 164.03 77.54 24.97
CA GLY E 159 162.99 78.11 24.16
C GLY E 159 163.50 79.12 23.16
N ASN E 160 162.58 79.65 22.34
CA ASN E 160 162.85 80.69 21.34
C ASN E 160 163.94 80.28 20.35
N GLY E 161 163.91 79.01 19.95
CA GLY E 161 164.88 78.49 19.01
C GLY E 161 164.21 77.66 17.95
N VAL E 162 164.96 77.38 16.88
CA VAL E 162 164.50 76.60 15.75
C VAL E 162 165.26 75.28 15.73
N THR E 163 164.52 74.18 15.72
CA THR E 163 165.12 72.85 15.75
C THR E 163 164.33 71.94 14.82
N GLN E 164 164.89 71.69 13.64
CA GLN E 164 164.26 70.81 12.66
C GLN E 164 164.96 69.46 12.70
N ILE E 165 164.23 68.44 13.15
CA ILE E 165 164.75 67.08 13.27
C ILE E 165 163.96 66.20 12.32
N ASN E 166 164.66 65.44 11.49
CA ASN E 166 164.03 64.53 10.54
C ASN E 166 164.48 63.12 10.86
N GLY E 167 163.60 62.34 11.48
CA GLY E 167 163.85 60.92 11.72
C GLY E 167 164.25 60.59 13.14
N VAL E 168 163.29 60.13 13.93
CA VAL E 168 163.54 59.61 15.28
C VAL E 168 162.79 58.30 15.41
N SER E 169 163.53 57.23 15.70
CA SER E 169 162.93 55.90 15.87
C SER E 169 163.20 55.47 17.30
N SER E 170 162.33 55.88 18.22
CA SER E 170 162.47 55.53 19.62
C SER E 170 161.12 55.08 20.15
N ARG E 171 161.15 54.23 21.17
CA ARG E 171 159.95 53.67 21.76
C ARG E 171 159.60 54.30 23.10
N ASN E 172 160.24 55.40 23.47
CA ASN E 172 159.87 56.17 24.65
C ASN E 172 160.38 57.58 24.48
N LEU E 173 159.59 58.55 24.95
CA LEU E 173 159.95 59.95 24.83
C LEU E 173 159.18 60.77 25.86
N GLN E 174 159.82 61.85 26.33
CA GLN E 174 159.19 62.79 27.24
C GLN E 174 159.96 64.10 27.16
N ILE E 175 159.27 65.18 26.77
CA ILE E 175 159.87 66.49 26.57
C ILE E 175 158.97 67.54 27.22
N VAL E 176 159.58 68.45 27.99
CA VAL E 176 158.89 69.63 28.49
C VAL E 176 159.70 70.86 28.08
N LEU E 177 159.03 72.01 28.07
CA LEU E 177 159.63 73.25 27.56
C LEU E 177 159.42 74.38 28.56
N LYS E 178 160.18 75.45 28.36
CA LYS E 178 160.11 76.62 29.22
C LYS E 178 159.73 77.89 28.47
N GLY E 179 160.40 78.19 27.36
CA GLY E 179 160.11 79.39 26.61
C GLY E 179 159.16 79.14 25.46
N ASP E 180 159.47 79.70 24.28
CA ASP E 180 158.59 79.61 23.11
C ASP E 180 159.39 79.09 21.92
N PRO E 181 159.72 77.81 21.91
CA PRO E 181 160.59 77.26 20.86
C PRO E 181 159.77 76.92 19.62
N LYS E 182 160.51 76.49 18.58
CA LYS E 182 159.92 76.09 17.30
C LYS E 182 160.61 74.80 16.89
N VAL E 183 159.91 73.68 17.08
CA VAL E 183 160.49 72.37 16.82
C VAL E 183 159.61 71.59 15.86
N LEU E 184 160.23 70.62 15.19
CA LEU E 184 159.51 69.70 14.32
C LEU E 184 160.30 68.40 14.26
N ILE E 185 159.60 67.27 14.39
CA ILE E 185 160.23 65.96 14.49
C ILE E 185 159.55 65.00 13.53
N SER E 186 160.21 63.87 13.29
CA SER E 186 159.73 62.86 12.37
C SER E 186 160.11 61.48 12.87
N GLY E 187 159.32 60.47 12.48
CA GLY E 187 159.60 59.09 12.79
C GLY E 187 158.48 58.46 13.63
N PHE E 188 158.88 57.57 14.53
CA PHE E 188 157.95 56.88 15.43
C PHE E 188 158.22 57.33 16.85
N VAL E 189 157.19 57.85 17.51
CA VAL E 189 157.34 58.46 18.82
C VAL E 189 156.29 57.87 19.76
N ASN E 190 156.76 57.34 20.89
CA ASN E 190 155.88 57.02 22.02
C ASN E 190 155.88 58.25 22.93
N LEU E 191 154.78 58.99 22.91
CA LEU E 191 154.63 60.14 23.78
C LEU E 191 153.89 59.75 25.05
N ARG E 192 154.15 60.48 26.11
CA ARG E 192 153.48 60.16 27.36
C ARG E 192 152.81 61.36 28.02
N GLN E 193 153.42 62.53 27.94
CA GLN E 193 152.93 63.69 28.68
C GLN E 193 153.48 64.95 28.02
N LEU E 194 152.74 66.05 28.14
CA LEU E 194 153.24 67.36 27.74
C LEU E 194 152.55 68.45 28.53
N ASP E 195 153.33 69.37 29.08
CA ASP E 195 152.83 70.55 29.78
C ASP E 195 153.45 71.79 29.17
N MET E 196 152.63 72.77 28.81
CA MET E 196 153.07 73.94 28.08
C MET E 196 152.56 75.19 28.78
N TYR E 197 153.44 76.18 28.94
CA TYR E 197 153.12 77.39 29.68
C TYR E 197 153.58 78.67 28.99
N GLY E 198 154.11 78.59 27.78
CA GLY E 198 154.57 79.78 27.09
C GLY E 198 153.82 80.04 25.80
N LYS E 199 154.55 80.04 24.69
CA LYS E 199 154.01 80.20 23.34
C LYS E 199 154.51 79.07 22.45
N GLY E 200 154.34 77.85 22.93
CA GLY E 200 154.98 76.70 22.31
C GLY E 200 154.35 76.31 20.99
N THR E 201 155.21 75.91 20.05
CA THR E 201 154.81 75.44 18.74
C THR E 201 155.42 74.06 18.54
N LEU E 202 154.56 73.04 18.42
CA LEU E 202 155.02 71.67 18.37
C LEU E 202 154.25 70.93 17.29
N SER E 203 154.93 70.00 16.61
CA SER E 203 154.30 69.19 15.58
C SER E 203 155.09 67.91 15.41
N LEU E 204 154.43 66.93 14.80
CA LEU E 204 155.07 65.65 14.48
C LEU E 204 154.35 65.00 13.31
N TYR E 205 155.07 64.11 12.63
CA TYR E 205 154.48 63.40 11.49
C TYR E 205 153.67 62.20 11.97
N TRP E 206 154.33 61.25 12.63
CA TRP E 206 153.67 60.05 13.09
C TRP E 206 154.01 59.80 14.55
N ILE E 207 153.01 59.36 15.31
CA ILE E 207 153.20 59.00 16.71
C ILE E 207 152.45 57.70 16.96
N LYS E 208 153.12 56.76 17.63
CA LYS E 208 152.51 55.48 17.99
C LYS E 208 152.68 55.34 19.50
N SER E 209 151.73 55.90 20.25
CA SER E 209 151.70 55.82 21.69
C SER E 209 150.35 55.27 22.12
N ASP E 210 150.19 55.12 23.44
CA ASP E 210 148.97 54.55 24.00
C ASP E 210 148.13 55.58 24.72
N THR E 211 148.70 56.27 25.70
CA THR E 211 147.95 57.23 26.52
C THR E 211 148.70 58.54 26.56
N LEU E 212 147.99 59.63 26.30
CA LEU E 212 148.57 60.96 26.28
C LEU E 212 147.88 61.87 27.28
N THR E 213 148.67 62.72 27.92
CA THR E 213 148.19 63.65 28.94
C THR E 213 148.76 65.02 28.64
N ILE E 214 147.90 65.97 28.27
CA ILE E 214 148.33 67.28 27.80
C ILE E 214 147.74 68.34 28.72
N ARG E 215 148.59 69.25 29.17
CA ARG E 215 148.16 70.44 29.91
C ARG E 215 148.73 71.66 29.20
N ALA E 216 147.86 72.62 28.85
CA ALA E 216 148.30 73.86 28.22
C ALA E 216 147.70 75.05 28.95
N LYS E 217 148.54 76.05 29.24
CA LYS E 217 148.12 77.20 30.01
C LYS E 217 148.04 78.48 29.19
N LYS E 218 149.13 78.88 28.53
CA LYS E 218 149.21 80.22 27.95
C LYS E 218 148.97 80.22 26.43
N ALA E 219 149.80 79.51 25.67
CA ALA E 219 149.65 79.47 24.22
C ALA E 219 150.37 78.23 23.70
N ALA E 220 149.64 77.32 23.07
CA ALA E 220 150.24 76.11 22.54
C ALA E 220 149.59 75.77 21.21
N LYS E 221 150.42 75.48 20.21
CA LYS E 221 149.95 75.11 18.88
C LYS E 221 150.60 73.77 18.54
N ILE E 222 149.84 72.70 18.74
CA ILE E 222 150.36 71.34 18.62
C ILE E 222 149.67 70.66 17.44
N GLN E 223 150.47 70.09 16.55
CA GLN E 223 149.99 69.49 15.31
C GLN E 223 150.53 68.06 15.25
N LEU E 224 149.73 67.10 15.71
CA LEU E 224 150.15 65.71 15.79
C LEU E 224 149.20 64.83 15.01
N ALA E 225 149.73 63.70 14.54
CA ALA E 225 148.96 62.74 13.76
C ALA E 225 149.46 61.34 14.06
N GLY E 226 148.56 60.45 14.45
CA GLY E 226 148.97 59.11 14.83
C GLY E 226 147.82 58.35 15.48
N ILE E 227 148.20 57.32 16.24
CA ILE E 227 147.25 56.39 16.84
C ILE E 227 147.26 56.56 18.35
N VAL E 228 146.08 56.79 18.92
CA VAL E 228 145.93 57.04 20.35
C VAL E 228 144.86 56.11 20.89
N ASN E 229 145.17 55.40 21.97
CA ASN E 229 144.15 54.63 22.67
C ASN E 229 143.40 55.49 23.68
N ARG E 230 144.13 56.29 24.46
CA ARG E 230 143.53 57.11 25.50
C ARG E 230 144.16 58.50 25.47
N LEU E 231 143.32 59.53 25.50
CA LEU E 231 143.79 60.90 25.40
C LEU E 231 143.09 61.76 26.44
N ASP E 232 143.87 62.59 27.15
CA ASP E 232 143.34 63.57 28.08
C ASP E 232 143.95 64.92 27.78
N VAL E 233 143.11 65.94 27.64
CA VAL E 233 143.55 67.28 27.26
C VAL E 233 142.93 68.30 28.21
N GLU E 234 143.78 69.14 28.79
CA GLU E 234 143.35 70.30 29.56
C GLU E 234 143.90 71.55 28.88
N LEU E 235 143.01 72.46 28.51
CA LEU E 235 143.38 73.75 27.92
C LEU E 235 142.81 74.86 28.77
N TRP E 236 143.65 75.83 29.13
CA TRP E 236 143.18 76.90 30.01
C TRP E 236 142.74 78.14 29.25
N ASP E 237 143.65 78.77 28.51
CA ASP E 237 143.32 79.99 27.80
C ASP E 237 144.28 80.14 26.63
N PHE E 238 143.73 80.57 25.49
CA PHE E 238 144.47 80.87 24.25
C PHE E 238 145.27 79.68 23.74
N ALA E 239 144.81 78.47 24.05
CA ALA E 239 145.39 77.25 23.55
C ALA E 239 144.64 76.84 22.29
N GLN E 240 145.38 76.40 21.28
CA GLN E 240 144.82 75.99 20.01
C GLN E 240 145.38 74.61 19.69
N PHE E 241 144.57 73.58 19.93
CA PHE E 241 145.03 72.21 19.79
C PHE E 241 144.45 71.57 18.54
N LYS E 242 145.31 70.89 17.78
CA LYS E 242 144.94 70.25 16.53
C LYS E 242 145.10 68.75 16.70
N GLY E 243 143.99 68.02 16.66
CA GLY E 243 144.06 66.58 16.62
C GLY E 243 143.59 66.08 15.28
N LYS E 244 143.77 66.91 14.25
CA LYS E 244 143.45 66.50 12.90
C LYS E 244 144.39 65.39 12.46
N TYR E 245 143.81 64.36 11.85
CA TYR E 245 144.48 63.10 11.48
C TYR E 245 145.10 62.40 12.69
N LEU E 246 144.55 62.65 13.86
CA LEU E 246 145.03 62.06 15.11
C LEU E 246 143.84 61.33 15.73
N ARG E 247 143.86 60.00 15.66
CA ARG E 247 142.69 59.19 15.99
C ARG E 247 142.79 58.65 17.41
N ALA E 248 141.74 58.88 18.20
CA ALA E 248 141.71 58.50 19.60
C ALA E 248 140.49 57.63 19.86
N GLN E 249 140.72 56.46 20.47
CA GLN E 249 139.60 55.60 20.85
C GLN E 249 138.88 56.15 22.06
N ARG E 250 139.62 56.63 23.05
CA ARG E 250 139.07 57.29 24.22
C ARG E 250 139.59 58.72 24.22
N SER E 251 138.68 59.68 24.29
CA SER E 251 139.09 61.08 24.34
C SER E 251 138.38 61.79 25.48
N PHE E 252 139.14 62.60 26.23
CA PHE E 252 138.61 63.45 27.27
C PHE E 252 139.15 64.86 27.06
N VAL E 253 138.23 65.83 26.96
CA VAL E 253 138.57 67.20 26.63
C VAL E 253 138.01 68.10 27.72
N LYS E 254 138.86 68.93 28.32
CA LYS E 254 138.43 70.02 29.17
C LYS E 254 139.01 71.32 28.63
N THR E 255 138.13 72.27 28.33
CA THR E 255 138.52 73.56 27.80
C THR E 255 137.93 74.66 28.68
N HIS E 256 138.81 75.51 29.19
CA HIS E 256 138.38 76.66 29.99
C HIS E 256 138.21 77.86 29.05
N ASP E 257 138.17 79.06 29.62
CA ASP E 257 137.84 80.27 28.88
C ASP E 257 138.84 80.59 27.78
N LYS E 258 138.31 80.80 26.57
CA LYS E 258 139.06 81.15 25.37
C LYS E 258 140.12 80.10 25.02
N SER E 259 139.63 78.90 24.71
CA SER E 259 140.47 77.78 24.32
C SER E 259 139.79 77.01 23.20
N VAL E 260 140.55 76.68 22.16
CA VAL E 260 140.02 76.08 20.95
C VAL E 260 140.77 74.78 20.70
N ALA E 261 140.03 73.70 20.47
CA ALA E 261 140.64 72.43 20.11
C ALA E 261 139.75 71.71 19.10
N GLU E 262 140.39 71.12 18.11
CA GLU E 262 139.72 70.25 17.15
C GLU E 262 140.15 68.82 17.43
N ILE E 263 139.17 67.92 17.45
CA ILE E 263 139.34 66.52 17.87
C ILE E 263 138.87 65.63 16.74
N SER E 264 139.36 64.39 16.75
CA SER E 264 139.08 63.40 15.71
C SER E 264 138.76 62.06 16.36
N ALA E 265 137.82 62.06 17.30
CA ALA E 265 137.53 60.88 18.11
C ALA E 265 136.94 59.74 17.29
N VAL E 266 137.16 58.52 17.77
CA VAL E 266 136.85 57.30 17.02
C VAL E 266 135.64 56.58 17.61
N ASN E 267 135.71 56.23 18.89
CA ASN E 267 134.65 55.46 19.52
C ASN E 267 133.97 56.22 20.65
N HIS E 268 134.75 56.75 21.59
CA HIS E 268 134.20 57.26 22.85
C HIS E 268 134.79 58.63 23.13
N GLN E 269 133.93 59.64 23.16
CA GLN E 269 134.33 61.03 23.28
C GLN E 269 133.62 61.70 24.43
N SER E 270 134.39 62.36 25.30
CA SER E 270 133.85 63.16 26.39
C SER E 270 134.42 64.57 26.28
N SER E 271 133.53 65.57 26.27
CA SER E 271 133.96 66.94 26.01
C SER E 271 133.29 67.89 27.01
N LEU E 272 134.07 68.86 27.49
CA LEU E 272 133.55 69.84 28.43
C LEU E 272 134.16 71.20 28.11
N ALA E 273 133.31 72.22 28.05
CA ALA E 273 133.72 73.59 27.77
C ALA E 273 133.10 74.52 28.81
N THR E 274 133.89 75.46 29.33
CA THR E 274 133.35 76.38 30.31
C THR E 274 132.65 77.56 29.65
N ASP E 275 133.41 78.40 28.96
CA ASP E 275 132.84 79.61 28.35
C ASP E 275 133.73 80.04 27.20
N ALA E 276 133.12 80.31 26.05
CA ALA E 276 133.80 80.75 24.82
C ALA E 276 134.89 79.78 24.39
N SER E 277 134.62 78.49 24.56
CA SER E 277 135.59 77.44 24.32
C SER E 277 135.08 76.57 23.19
N ASP E 278 135.94 76.33 22.20
CA ASP E 278 135.55 75.65 20.98
C ASP E 278 136.02 74.21 21.01
N ILE E 279 135.08 73.29 20.88
CA ILE E 279 135.33 71.87 20.71
C ILE E 279 134.84 71.52 19.31
N TYR E 280 135.76 71.18 18.43
CA TYR E 280 135.42 70.97 17.02
C TYR E 280 135.69 69.51 16.68
N TYR E 281 134.63 68.71 16.67
CA TYR E 281 134.77 67.30 16.36
C TYR E 281 134.74 67.08 14.86
N TYR E 282 135.62 66.21 14.38
CA TYR E 282 135.75 66.00 12.94
C TYR E 282 135.61 64.55 12.52
N ASN E 283 135.07 63.68 13.38
CA ASN E 283 134.76 62.33 12.97
C ASN E 283 133.53 61.86 13.73
N LEU E 284 132.70 61.08 13.05
CA LEU E 284 131.44 60.60 13.65
C LEU E 284 131.77 59.41 14.53
N SER E 285 132.07 59.69 15.79
CA SER E 285 132.36 58.64 16.76
C SER E 285 131.08 57.88 17.11
N LYS E 286 131.27 56.64 17.55
CA LYS E 286 130.11 55.82 17.90
C LYS E 286 129.48 56.25 19.21
N THR E 287 130.25 56.82 20.12
CA THR E 287 129.69 57.35 21.36
C THR E 287 130.34 58.69 21.65
N ARG E 288 129.52 59.68 21.97
CA ARG E 288 129.97 61.05 22.03
C ARG E 288 129.08 61.82 22.98
N ALA E 289 129.69 62.52 23.95
CA ALA E 289 128.93 63.30 24.92
C ALA E 289 129.72 64.55 25.27
N ASP E 290 128.99 65.61 25.57
CA ASP E 290 129.61 66.92 25.78
C ASP E 290 128.75 67.76 26.70
N PHE E 291 129.39 68.76 27.29
CA PHE E 291 128.70 69.73 28.13
C PHE E 291 129.35 71.09 27.97
N MET E 292 128.51 72.13 28.00
CA MET E 292 128.95 73.52 27.92
C MET E 292 128.36 74.29 29.09
N ALA E 293 129.21 74.99 29.82
CA ALA E 293 128.78 75.67 31.04
C ALA E 293 128.13 77.02 30.75
N PHE E 294 128.88 77.94 30.15
CA PHE E 294 128.34 79.26 29.87
C PHE E 294 128.19 79.52 28.38
N ASN E 295 129.27 79.43 27.62
CA ASN E 295 129.26 79.77 26.20
C ASN E 295 130.12 78.81 25.40
N GLY E 296 130.10 77.53 25.79
CA GLY E 296 130.84 76.54 25.03
C GLY E 296 130.23 76.28 23.68
N SER E 297 131.07 75.90 22.72
CA SER E 297 130.66 75.78 21.33
C SER E 297 131.25 74.50 20.77
N VAL E 298 130.39 73.51 20.50
CA VAL E 298 130.81 72.24 19.94
C VAL E 298 130.26 72.16 18.52
N LEU E 299 131.17 72.06 17.55
CA LEU E 299 130.78 72.13 16.15
C LEU E 299 131.52 71.07 15.35
N ASP E 300 131.00 70.79 14.15
CA ASP E 300 131.48 69.70 13.32
C ASP E 300 132.41 70.14 12.20
N MET E 301 131.93 71.01 11.30
CA MET E 301 132.62 71.46 10.09
C MET E 301 133.08 70.30 9.21
N ARG E 302 132.11 69.60 8.64
CA ARG E 302 132.38 68.71 7.52
C ARG E 302 131.77 69.30 6.25
N GLU E 303 132.26 68.81 5.11
CA GLU E 303 132.03 69.50 3.85
C GLU E 303 130.61 69.35 3.32
N TRP E 304 129.86 68.34 3.80
CA TRP E 304 128.48 68.04 3.42
C TRP E 304 128.34 67.68 1.94
N GLY E 305 129.41 67.32 1.26
CA GLY E 305 129.33 66.95 -0.13
C GLY E 305 130.07 65.66 -0.41
N GLN E 306 130.86 65.22 0.56
CA GLN E 306 131.58 63.97 0.44
C GLN E 306 130.60 62.80 0.48
N SER E 307 130.82 61.84 -0.42
CA SER E 307 129.86 60.76 -0.61
C SER E 307 129.83 59.80 0.57
N ASP E 308 130.90 59.69 1.32
CA ASP E 308 131.01 58.75 2.43
C ASP E 308 130.42 59.30 3.72
N LEU E 309 129.87 60.51 3.70
CA LEU E 309 129.32 61.10 4.91
C LEU E 309 128.02 60.42 5.30
N LYS E 310 127.90 60.08 6.58
CA LYS E 310 126.75 59.36 7.10
C LYS E 310 126.10 60.16 8.22
N ASP E 311 124.85 59.81 8.52
CA ASP E 311 124.08 60.47 9.54
C ASP E 311 124.30 59.79 10.88
N PHE E 312 123.63 60.28 11.92
CA PHE E 312 123.65 59.64 13.22
C PHE E 312 122.82 58.36 13.20
N ASP E 313 122.99 57.56 14.23
CA ASP E 313 122.13 56.42 14.51
C ASP E 313 121.45 56.64 15.85
N ARG E 314 120.73 55.61 16.31
CA ARG E 314 119.99 55.71 17.56
C ARG E 314 120.92 55.84 18.75
N TYR E 315 122.13 55.34 18.63
CA TYR E 315 123.15 55.51 19.65
C TYR E 315 123.98 56.76 19.43
N ASN E 316 123.64 57.58 18.43
CA ASN E 316 124.45 58.73 18.09
C ASN E 316 123.70 60.05 18.08
N LYS E 317 122.38 60.03 18.23
CA LYS E 317 121.62 61.28 18.24
C LYS E 317 121.83 61.99 19.56
N GLN E 318 122.88 62.80 19.66
CA GLN E 318 123.21 63.51 20.88
C GLN E 318 123.10 65.00 20.62
N PHE E 319 121.94 65.55 20.96
CA PHE E 319 121.69 66.96 20.72
C PHE E 319 122.50 67.81 21.70
N PRO E 320 123.09 68.92 21.23
CA PRO E 320 123.90 69.79 22.09
C PRO E 320 123.06 70.58 23.08
N ASP F 39 80.52 79.36 21.62
CA ASP F 39 79.45 79.33 20.63
C ASP F 39 79.72 80.39 19.57
N GLY F 40 80.24 81.53 20.00
CA GLY F 40 80.59 82.58 19.08
C GLY F 40 81.79 82.21 18.25
N CYS F 41 81.58 81.95 16.97
CA CYS F 41 82.67 81.55 16.09
C CYS F 41 83.59 82.73 15.78
N CYS F 42 83.04 83.77 15.17
CA CYS F 42 83.81 84.98 14.91
C CYS F 42 83.63 86.00 16.03
N SER F 43 83.85 85.57 17.26
CA SER F 43 83.83 86.47 18.39
C SER F 43 85.12 87.29 18.43
N LYS F 44 85.03 88.44 19.10
CA LYS F 44 86.08 89.47 19.14
C LYS F 44 86.48 89.91 17.73
N MET F 45 85.50 89.95 16.83
CA MET F 45 85.72 90.25 15.42
C MET F 45 84.45 90.94 14.93
N GLY F 46 84.29 91.01 13.61
CA GLY F 46 83.10 91.60 13.05
C GLY F 46 81.90 90.70 12.98
N GLY F 47 82.01 89.47 13.48
CA GLY F 47 80.92 88.53 13.39
C GLY F 47 81.02 87.68 12.14
N ILE F 48 79.98 86.89 11.92
CA ILE F 48 79.96 85.95 10.82
C ILE F 48 79.66 86.68 9.52
N ASN F 49 80.52 86.50 8.53
CA ASN F 49 80.24 87.10 7.23
C ASN F 49 79.29 86.24 6.41
N TYR F 50 79.71 85.02 6.07
CA TYR F 50 78.86 84.06 5.37
C TYR F 50 79.40 82.66 5.63
N CYS F 51 78.91 81.70 4.88
CA CYS F 51 79.39 80.32 4.92
C CYS F 51 80.02 80.02 3.57
N ASP F 52 81.35 80.03 3.53
CA ASP F 52 82.06 79.62 2.33
C ASP F 52 81.97 78.11 2.26
N SER F 53 81.12 77.62 1.36
CA SER F 53 80.87 76.19 1.25
C SER F 53 81.91 75.47 0.41
N SER F 54 82.79 76.20 -0.27
CA SER F 54 83.93 75.56 -0.92
C SER F 54 84.84 74.93 0.11
N ALA F 55 85.08 75.63 1.22
CA ALA F 55 85.72 75.03 2.39
C ALA F 55 84.72 74.49 3.39
N GLY F 56 83.43 74.81 3.24
CA GLY F 56 82.44 74.38 4.20
C GLY F 56 82.55 75.03 5.55
N ARG F 57 83.14 76.21 5.62
CA ARG F 57 83.40 76.89 6.88
C ARG F 57 82.78 78.27 6.86
N LEU F 58 82.40 78.75 8.05
CA LEU F 58 81.98 80.13 8.18
C LEU F 58 83.19 81.05 8.07
N VAL F 59 82.95 82.27 7.62
CA VAL F 59 84.00 83.27 7.50
C VAL F 59 83.65 84.47 8.36
N CYS F 60 84.68 85.10 8.92
CA CYS F 60 84.50 86.29 9.72
C CYS F 60 84.49 87.52 8.83
N ASN F 61 84.21 88.68 9.43
CA ASN F 61 84.20 89.92 8.67
C ASN F 61 85.61 90.36 8.31
N ASN F 62 86.57 90.18 9.20
CA ASN F 62 87.95 90.27 8.76
C ASN F 62 88.32 89.01 8.00
N GLY F 63 89.31 89.14 7.12
CA GLY F 63 89.59 88.09 6.16
C GLY F 63 90.28 86.86 6.70
N PHE F 64 89.60 86.09 7.54
CA PHE F 64 90.18 84.85 8.04
C PHE F 64 89.11 83.77 8.12
N TYR F 65 89.53 82.54 7.83
CA TYR F 65 88.65 81.40 8.00
C TYR F 65 88.45 81.13 9.48
N SER F 66 87.19 81.01 9.90
CA SER F 66 86.88 80.78 11.30
C SER F 66 87.17 79.33 11.66
N THR F 67 87.16 79.06 12.96
CA THR F 67 87.37 77.70 13.44
C THR F 67 86.16 76.82 13.20
N CYS F 68 84.98 77.39 13.05
CA CYS F 68 83.77 76.61 12.87
C CYS F 68 83.63 76.16 11.42
N TYR F 69 82.65 75.28 11.20
CA TYR F 69 82.26 74.85 9.86
C TYR F 69 80.77 75.09 9.70
N CYS F 70 80.28 74.90 8.47
CA CYS F 70 78.85 75.04 8.22
C CYS F 70 78.25 73.92 7.40
N THR F 71 79.02 72.96 6.93
CA THR F 71 78.49 71.86 6.15
C THR F 71 78.76 70.55 6.85
N ARG F 72 77.90 69.56 6.58
CA ARG F 72 78.24 68.19 6.92
C ARG F 72 79.26 67.61 5.97
N HIS F 73 79.44 68.21 4.81
CA HIS F 73 80.52 67.87 3.89
C HIS F 73 81.77 68.69 4.19
N ALA F 74 82.19 68.71 5.44
CA ALA F 74 83.35 69.47 5.86
C ALA F 74 84.41 68.52 6.43
N VAL F 75 85.64 69.00 6.45
CA VAL F 75 86.78 68.20 6.88
C VAL F 75 86.89 68.33 8.39
N MET F 76 86.57 67.25 9.10
CA MET F 76 86.84 67.14 10.53
C MET F 76 87.75 65.94 10.77
N ASP F 77 88.70 66.11 11.68
CA ASP F 77 89.62 65.04 12.03
C ASP F 77 89.01 64.29 13.22
N LEU F 78 88.16 63.31 12.92
CA LEU F 78 87.52 62.51 13.94
C LEU F 78 87.99 61.06 13.80
N GLN F 79 88.40 60.48 14.93
CA GLN F 79 88.90 59.11 14.93
C GLN F 79 88.15 58.21 15.91
N PHE F 80 86.96 58.59 16.33
CA PHE F 80 86.14 57.77 17.20
C PHE F 80 84.69 57.83 16.74
N LEU F 81 84.00 56.71 16.85
CA LEU F 81 82.58 56.63 16.51
C LEU F 81 81.96 55.48 17.30
N MET F 82 80.66 55.28 17.08
CA MET F 82 79.89 54.22 17.74
C MET F 82 79.25 53.31 16.69
N GLY F 83 78.45 52.37 17.18
CA GLY F 83 77.66 51.52 16.31
C GLY F 83 77.70 50.07 16.74
N CYS F 84 76.80 49.28 16.14
CA CYS F 84 76.74 47.85 16.33
C CYS F 84 76.88 47.17 14.98
N CYS F 85 77.46 45.95 15.01
CA CYS F 85 77.84 45.18 13.80
C CYS F 85 78.75 45.99 12.89
N LEU F 86 79.67 46.74 13.52
CA LEU F 86 80.50 47.67 12.79
C LEU F 86 81.55 46.94 11.97
N TRP F 87 81.90 47.55 10.83
CA TRP F 87 82.93 47.06 9.90
C TRP F 87 82.62 45.65 9.41
N HIS F 88 81.36 45.43 9.08
CA HIS F 88 80.85 44.14 8.65
C HIS F 88 79.72 44.41 7.68
N GLY F 89 78.85 43.43 7.49
CA GLY F 89 77.66 43.65 6.67
C GLY F 89 76.66 44.62 7.25
N GLY F 90 76.82 45.04 8.50
CA GLY F 90 75.94 45.99 9.13
C GLY F 90 74.93 45.29 10.02
N VAL F 91 73.99 46.08 10.52
CA VAL F 91 72.87 45.51 11.26
C VAL F 91 71.97 44.78 10.28
N TYR F 92 71.65 43.53 10.58
CA TYR F 92 70.72 42.79 9.76
C TYR F 92 69.32 43.38 9.87
N PRO F 93 68.62 43.56 8.75
CA PRO F 93 67.29 44.21 8.80
C PRO F 93 66.25 43.43 9.58
N GLN F 94 66.30 42.11 9.57
CA GLN F 94 65.31 41.33 10.29
C GLN F 94 65.60 41.35 11.78
N LEU F 95 64.54 41.20 12.58
CA LEU F 95 64.68 41.08 14.02
C LEU F 95 64.74 39.61 14.41
N ASN F 96 65.18 39.37 15.64
CA ASN F 96 65.27 38.01 16.18
C ASN F 96 64.43 37.93 17.44
N SER F 97 63.75 36.79 17.60
CA SER F 97 62.94 36.55 18.79
C SER F 97 63.80 36.49 20.05
N SER F 98 64.98 35.88 19.95
CA SER F 98 65.93 35.92 21.05
C SER F 98 66.76 37.20 20.95
N GLY F 99 67.68 37.37 21.89
CA GLY F 99 68.54 38.53 21.91
C GLY F 99 69.73 38.47 20.99
N LEU F 100 69.87 37.39 20.23
CA LEU F 100 70.99 37.25 19.31
C LEU F 100 70.82 38.21 18.14
N VAL F 101 71.89 38.92 17.81
CA VAL F 101 71.90 39.85 16.68
C VAL F 101 72.99 39.41 15.72
N VAL F 102 72.65 39.27 14.45
CA VAL F 102 73.59 38.83 13.42
C VAL F 102 73.93 40.03 12.54
N CYS F 103 75.13 39.99 11.96
CA CYS F 103 75.52 40.95 10.95
C CYS F 103 75.38 40.33 9.56
N ASN F 104 75.27 41.21 8.57
CA ASN F 104 74.99 40.74 7.21
C ASN F 104 76.19 40.09 6.53
N ASP F 105 77.38 40.17 7.13
CA ASP F 105 78.52 39.42 6.62
C ASP F 105 78.61 38.02 7.21
N GLY F 106 77.77 37.70 8.18
CA GLY F 106 77.81 36.40 8.83
C GLY F 106 78.33 36.38 10.24
N TYR F 107 78.47 37.52 10.89
CA TYR F 107 79.00 37.60 12.24
C TYR F 107 77.88 37.90 13.23
N VAL F 108 78.05 37.44 14.46
CA VAL F 108 77.13 37.73 15.56
C VAL F 108 77.90 38.51 16.62
N SER F 109 77.34 39.65 17.03
CA SER F 109 78.00 40.56 17.95
C SER F 109 77.47 40.36 19.36
N GLU F 110 78.37 39.95 20.27
CA GLU F 110 77.96 39.61 21.63
C GLU F 110 77.63 40.85 22.43
N GLU F 111 78.42 41.91 22.27
CA GLU F 111 78.17 43.15 23.00
C GLU F 111 76.89 43.82 22.52
N CYS F 112 76.62 43.73 21.21
CA CYS F 112 75.34 44.21 20.69
C CYS F 112 74.19 43.34 21.17
N SER F 113 74.44 42.05 21.36
CA SER F 113 73.42 41.17 21.91
C SER F 113 73.29 41.36 23.41
N LEU F 114 72.20 40.82 23.95
CA LEU F 114 71.99 40.74 25.38
C LEU F 114 72.26 39.32 25.86
N GLN F 115 72.40 39.17 27.17
CA GLN F 115 72.68 37.87 27.77
C GLN F 115 71.58 37.50 28.76
N LYS F 116 71.78 36.39 29.46
CA LYS F 116 70.82 35.89 30.42
C LYS F 116 71.47 35.65 31.78
N UNK G 1 106.91 76.42 1.23
CA UNK G 1 106.89 77.83 1.59
C UNK G 1 108.30 78.42 1.61
N UNK G 2 108.81 78.61 2.84
CA UNK G 2 110.16 79.16 3.10
C UNK G 2 110.36 80.51 2.45
N UNK G 3 109.32 81.36 2.50
CA UNK G 3 109.38 82.68 1.90
C UNK G 3 108.40 83.59 2.60
N UNK G 4 108.76 84.86 2.70
CA UNK G 4 107.91 85.89 3.28
C UNK G 4 107.42 86.90 2.24
N UNK G 5 108.33 87.46 1.46
CA UNK G 5 107.99 88.45 0.45
C UNK G 5 108.54 88.00 -0.89
N UNK G 6 107.75 88.21 -1.95
CA UNK G 6 108.19 87.94 -3.32
C UNK G 6 109.04 89.13 -3.77
N UNK G 7 110.27 89.16 -3.26
CA UNK G 7 111.17 90.26 -3.57
C UNK G 7 111.70 90.12 -4.99
N UNK G 8 111.54 91.17 -5.79
CA UNK G 8 111.97 91.18 -7.18
C UNK G 8 113.16 92.12 -7.33
N UNK G 9 114.27 91.57 -7.82
CA UNK G 9 115.52 92.28 -8.10
C UNK G 9 116.08 93.06 -6.91
N UNK H 1 91.01 -70.09 -19.33
CA UNK H 1 91.55 -69.67 -20.61
C UNK H 1 91.84 -68.17 -20.60
N UNK H 2 92.25 -67.67 -19.45
CA UNK H 2 92.60 -66.25 -19.28
C UNK H 2 94.10 -66.18 -19.00
N UNK H 3 94.89 -66.09 -20.06
CA UNK H 3 96.34 -66.03 -19.96
C UNK H 3 96.80 -64.59 -20.22
N UNK H 4 97.56 -64.03 -19.28
CA UNK H 4 97.98 -62.65 -19.37
C UNK H 4 99.19 -62.44 -20.26
N UNK H 5 99.91 -63.52 -20.63
CA UNK H 5 101.12 -63.36 -21.42
C UNK H 5 100.82 -62.95 -22.86
N UNK H 6 99.82 -63.58 -23.48
CA UNK H 6 99.43 -63.21 -24.83
C UNK H 6 98.78 -61.82 -24.85
N UNK H 7 98.07 -61.47 -23.76
CA UNK H 7 97.52 -60.13 -23.65
C UNK H 7 98.61 -59.07 -23.52
N UNK H 8 99.68 -59.38 -22.78
CA UNK H 8 100.80 -58.47 -22.67
C UNK H 8 101.55 -58.35 -24.00
N UNK H 9 101.65 -59.45 -24.75
CA UNK H 9 102.26 -59.40 -26.08
C UNK H 9 101.43 -58.56 -27.04
N UNK H 10 100.11 -58.69 -26.99
CA UNK H 10 99.24 -57.86 -27.82
C UNK H 10 99.30 -56.39 -27.40
N UNK H 11 99.45 -56.13 -26.09
CA UNK H 11 99.61 -54.76 -25.61
C UNK H 11 100.92 -54.16 -26.08
N UNK H 12 101.99 -54.95 -26.11
CA UNK H 12 103.27 -54.48 -26.65
C UNK H 12 103.18 -54.22 -28.15
N UNK H 13 102.46 -55.08 -28.87
CA UNK H 13 102.26 -54.86 -30.31
C UNK H 13 101.39 -53.63 -30.58
N UNK H 14 100.43 -53.34 -29.69
CA UNK H 14 99.63 -52.13 -29.83
C UNK H 14 100.43 -50.88 -29.49
N UNK H 15 101.35 -51.00 -28.52
CA UNK H 15 102.22 -49.89 -28.18
C UNK H 15 103.18 -49.57 -29.31
N UNK H 16 103.83 -50.60 -29.87
CA UNK H 16 104.71 -50.43 -31.02
C UNK H 16 104.26 -51.41 -32.10
N UNK H 17 103.26 -51.01 -32.88
CA UNK H 17 102.82 -51.79 -34.02
C UNK H 17 103.70 -51.61 -35.24
N UNK H 18 104.61 -50.63 -35.19
CA UNK H 18 105.58 -50.33 -36.25
C UNK H 18 104.90 -50.03 -37.59
N UNK H 19 103.81 -49.27 -37.55
CA UNK H 19 103.06 -48.96 -38.76
C UNK H 19 102.40 -47.61 -38.61
N UNK H 20 102.82 -46.64 -39.43
CA UNK H 20 102.23 -45.31 -39.47
C UNK H 20 102.61 -44.65 -40.79
N UNK H 21 101.61 -44.18 -41.53
CA UNK H 21 101.87 -43.42 -42.75
C UNK H 21 100.74 -42.44 -42.98
N UNK H 22 101.07 -41.16 -43.12
CA UNK H 22 100.07 -40.10 -43.20
C UNK H 22 100.13 -39.40 -44.54
N UNK H 23 99.19 -38.48 -44.75
CA UNK H 23 99.13 -37.69 -45.97
C UNK H 23 98.53 -36.33 -45.62
N UNK H 24 99.34 -35.28 -45.66
CA UNK H 24 98.86 -33.95 -45.31
C UNK H 24 98.36 -33.23 -46.55
N UNK H 25 97.73 -32.09 -46.33
CA UNK H 25 97.16 -31.28 -47.40
C UNK H 25 97.71 -29.87 -47.34
N UNK H 26 97.35 -29.07 -48.34
CA UNK H 26 97.66 -27.66 -48.38
C UNK H 26 96.40 -26.87 -48.02
N UNK H 27 96.47 -25.53 -48.13
CA UNK H 27 95.32 -24.70 -47.87
C UNK H 27 94.25 -24.86 -48.94
N UNK H 28 94.65 -25.05 -50.20
CA UNK H 28 93.73 -25.24 -51.32
C UNK H 28 93.52 -26.72 -51.64
N UNK H 29 93.61 -27.58 -50.61
CA UNK H 29 93.35 -29.04 -50.69
C UNK H 29 94.27 -29.74 -51.69
N UNK H 30 95.57 -29.43 -51.62
CA UNK H 30 96.59 -30.14 -52.38
C UNK H 30 97.37 -31.02 -51.42
N UNK H 31 97.34 -32.32 -51.66
CA UNK H 31 97.81 -33.31 -50.68
C UNK H 31 99.13 -33.91 -51.11
N UNK H 32 100.01 -34.09 -50.12
CA UNK H 32 101.26 -34.82 -50.30
C UNK H 32 101.40 -35.80 -49.15
N UNK H 33 101.93 -36.98 -49.44
CA UNK H 33 101.99 -38.07 -48.48
C UNK H 33 103.21 -37.89 -47.56
N UNK H 34 103.45 -38.89 -46.71
CA UNK H 34 104.59 -38.87 -45.81
C UNK H 34 105.28 -40.22 -45.84
N UNK H 35 106.49 -40.26 -45.30
CA UNK H 35 107.23 -41.50 -45.18
C UNK H 35 106.62 -42.38 -44.10
N UNK H 36 106.93 -43.68 -44.18
CA UNK H 36 106.40 -44.64 -43.21
C UNK H 36 107.08 -44.44 -41.86
N UNK H 37 106.27 -44.42 -40.80
CA UNK H 37 106.74 -44.12 -39.45
C UNK H 37 106.42 -45.28 -38.53
N UNK H 38 106.65 -45.05 -37.23
CA UNK H 38 106.48 -46.01 -36.13
C UNK H 38 107.32 -47.26 -36.34
N UNK H 39 93.78 -26.75 -42.22
CA UNK H 39 93.64 -27.37 -43.53
C UNK H 39 94.92 -28.08 -43.96
N UNK H 40 95.94 -28.00 -43.11
CA UNK H 40 97.26 -28.54 -43.43
C UNK H 40 97.35 -30.03 -43.11
N UNK H 41 97.20 -30.40 -41.84
CA UNK H 41 97.39 -31.76 -41.39
C UNK H 41 96.04 -32.36 -41.02
N UNK H 42 95.68 -33.45 -41.68
CA UNK H 42 94.47 -34.17 -41.32
C UNK H 42 94.73 -35.01 -40.07
N UNK H 43 93.74 -35.02 -39.17
CA UNK H 43 93.85 -35.81 -37.95
C UNK H 43 93.85 -37.30 -38.27
N UNK H 44 93.03 -37.72 -39.23
CA UNK H 44 92.97 -39.11 -39.63
C UNK H 44 93.84 -39.41 -40.84
N UNK H 45 94.90 -38.63 -41.06
CA UNK H 45 95.78 -38.86 -42.20
C UNK H 45 96.58 -40.15 -42.03
N UNK H 46 96.98 -40.47 -40.79
CA UNK H 46 97.81 -41.64 -40.54
C UNK H 46 97.00 -42.92 -40.63
N UNK H 47 97.56 -43.92 -41.31
CA UNK H 47 96.99 -45.25 -41.40
C UNK H 47 98.12 -46.27 -41.24
N UNK H 48 97.74 -47.48 -40.84
CA UNK H 48 98.71 -48.55 -40.62
C UNK H 48 98.84 -49.44 -41.86
N LYS I 24 111.31 79.31 33.03
CA LYS I 24 111.10 78.95 34.42
C LYS I 24 110.80 77.45 34.55
N PHE I 25 110.06 76.92 33.58
CA PHE I 25 109.69 75.51 33.58
C PHE I 25 109.89 74.91 32.20
N LYS I 26 110.42 73.70 32.16
CA LYS I 26 110.51 72.91 30.95
C LYS I 26 109.47 71.81 31.04
N LYS I 27 108.66 71.70 30.04
CA LYS I 27 107.61 70.71 30.20
C LYS I 27 108.01 69.40 29.54
N PRO I 28 107.62 68.26 30.13
CA PRO I 28 107.85 66.98 29.48
C PRO I 28 106.93 66.81 28.27
N PRO I 29 107.29 65.95 27.32
CA PRO I 29 106.43 65.73 26.16
C PRO I 29 105.08 65.14 26.52
N ILE I 30 104.09 65.46 25.68
CA ILE I 30 102.73 64.95 25.90
C ILE I 30 102.69 63.45 25.63
N ASN I 31 103.26 63.02 24.53
CA ASN I 31 103.28 61.61 24.14
C ASN I 31 104.46 60.87 24.75
N ASN I 32 104.62 61.00 26.05
CA ASN I 32 105.73 60.35 26.73
C ASN I 32 105.42 58.87 26.95
N PRO I 33 106.34 57.98 26.60
CA PRO I 33 106.19 56.59 27.00
C PRO I 33 106.48 56.45 28.49
N SER I 34 105.48 56.70 29.33
CA SER I 34 105.66 56.72 30.78
C SER I 34 105.06 55.51 31.47
N ASP I 35 104.93 54.40 30.75
CA ASP I 35 104.39 53.18 31.34
C ASP I 35 105.23 52.00 30.87
N ASP I 36 105.36 51.01 31.76
CA ASP I 36 106.23 49.87 31.50
C ASP I 36 105.72 49.00 30.37
N ALA I 37 104.40 48.92 30.19
CA ALA I 37 103.88 48.23 29.01
C ALA I 37 104.16 49.03 27.75
N THR I 38 103.99 50.35 27.82
CA THR I 38 104.07 51.18 26.63
C THR I 38 105.49 51.28 26.11
N ILE I 39 106.48 51.29 27.01
CA ILE I 39 107.86 51.34 26.56
C ILE I 39 108.24 50.04 25.86
N LYS I 40 107.70 48.92 26.34
CA LYS I 40 107.94 47.63 25.70
C LYS I 40 107.28 47.58 24.34
N LEU I 41 106.07 48.15 24.22
CA LEU I 41 105.39 48.25 22.94
C LEU I 41 106.19 49.09 21.95
N ALA I 42 106.74 50.21 22.42
CA ALA I 42 107.47 51.11 21.54
C ALA I 42 108.78 50.48 21.07
N GLU I 43 109.51 49.83 21.98
CA GLU I 43 110.77 49.21 21.55
C GLU I 43 110.51 47.99 20.69
N ALA I 44 109.40 47.27 20.93
CA ALA I 44 109.04 46.16 20.07
C ALA I 44 108.69 46.64 18.66
N ALA I 45 108.01 47.79 18.58
CA ALA I 45 107.72 48.39 17.29
C ALA I 45 109.00 48.81 16.58
N VAL I 46 109.95 49.37 17.33
CA VAL I 46 111.24 49.74 16.75
C VAL I 46 111.98 48.51 16.23
N SER I 47 111.96 47.43 17.01
CA SER I 47 112.64 46.20 16.63
C SER I 47 112.03 45.58 15.38
N VAL I 48 110.70 45.52 15.31
CA VAL I 48 110.08 44.88 14.15
C VAL I 48 110.21 45.76 12.92
N SER I 49 110.22 47.09 13.09
CA SER I 49 110.48 47.98 11.97
C SER I 49 111.89 47.81 11.45
N ASP I 50 112.85 47.67 12.36
CA ASP I 50 114.23 47.44 11.97
C ASP I 50 114.39 46.09 11.26
N SER I 51 113.70 45.07 11.75
CA SER I 51 113.79 43.75 11.14
C SER I 51 113.20 43.73 9.74
N MET I 52 112.05 44.38 9.57
CA MET I 52 111.45 44.48 8.24
C MET I 52 112.30 45.34 7.32
N LEU I 53 112.97 46.37 7.88
CA LEU I 53 113.88 47.18 7.09
C LEU I 53 115.06 46.37 6.59
N GLU I 54 115.62 45.52 7.45
CA GLU I 54 116.74 44.68 7.03
C GLU I 54 116.30 43.63 6.03
N MET I 55 115.09 43.11 6.19
CA MET I 55 114.54 42.17 5.23
C MET I 55 114.34 42.83 3.87
N ALA I 56 113.86 44.08 3.86
CA ALA I 56 113.72 44.81 2.61
C ALA I 56 115.07 45.15 2.00
N LYS I 57 116.08 45.40 2.84
CA LYS I 57 117.42 45.67 2.34
C LYS I 57 118.02 44.43 1.67
N VAL I 58 117.85 43.27 2.30
CA VAL I 58 118.39 42.05 1.70
C VAL I 58 117.51 41.56 0.55
N GLU I 59 116.28 42.04 0.44
CA GLU I 59 115.42 41.59 -0.63
C GLU I 59 115.53 42.46 -1.87
N LYS I 60 115.63 43.78 -1.71
CA LYS I 60 115.58 44.68 -2.84
C LYS I 60 116.87 44.62 -3.64
N VAL I 61 116.73 44.50 -4.96
CA VAL I 61 117.87 44.39 -5.87
C VAL I 61 117.79 45.55 -6.85
N ILE I 62 118.89 46.28 -6.98
CA ILE I 62 118.94 47.44 -7.87
C ILE I 62 119.90 47.17 -9.00
N THR I 63 120.00 48.12 -9.93
CA THR I 63 120.97 48.11 -11.00
C THR I 63 121.90 49.32 -10.88
N PRO I 64 123.18 49.16 -11.20
CA PRO I 64 124.10 50.30 -11.10
C PRO I 64 123.82 51.31 -12.21
N PRO I 65 124.14 52.59 -11.98
CA PRO I 65 123.98 53.59 -13.04
C PRO I 65 125.02 53.47 -14.15
N SER I 66 126.01 52.61 -14.00
CA SER I 66 126.97 52.38 -15.07
C SER I 66 126.33 51.67 -16.25
N LYS I 67 125.46 50.70 -16.00
CA LYS I 67 124.99 49.81 -17.06
C LYS I 67 123.47 49.67 -17.10
N ASP I 68 122.74 50.56 -16.45
CA ASP I 68 121.29 50.53 -16.57
C ASP I 68 120.87 51.03 -17.95
N ASN I 69 120.12 50.20 -18.67
CA ASN I 69 119.81 50.49 -20.07
C ASN I 69 118.62 51.44 -20.11
N THR I 70 118.90 52.71 -20.38
CA THR I 70 117.89 53.74 -20.46
C THR I 70 118.36 54.81 -21.43
N LEU I 71 117.43 55.68 -21.81
CA LEU I 71 117.76 56.79 -22.70
C LEU I 71 118.32 57.96 -21.91
N THR I 72 119.46 58.48 -22.34
CA THR I 72 120.02 59.68 -21.74
C THR I 72 119.63 60.90 -22.57
N ILE I 73 120.01 62.07 -22.08
CA ILE I 73 119.67 63.33 -22.75
C ILE I 73 120.57 63.52 -23.97
N PRO I 74 119.99 63.68 -25.15
CA PRO I 74 120.82 63.89 -26.35
C PRO I 74 121.38 65.29 -26.41
N ASN I 75 120.68 66.23 -25.77
CA ASN I 75 121.05 67.65 -25.66
C ASN I 75 121.20 68.30 -27.05
N ALA I 76 120.24 68.01 -27.92
CA ALA I 76 120.10 68.75 -29.15
C ALA I 76 119.56 70.13 -28.84
N TYR I 77 119.95 71.12 -29.64
CA TYR I 77 119.55 72.50 -29.36
C TYR I 77 118.05 72.70 -29.60
N ASN I 78 117.47 71.99 -30.57
CA ASN I 78 116.04 72.08 -30.80
C ASN I 78 115.22 71.30 -29.78
N LEU I 79 115.87 70.52 -28.92
CA LEU I 79 115.19 69.66 -27.96
C LEU I 79 114.84 70.36 -26.65
N GLN I 80 114.98 71.69 -26.59
CA GLN I 80 114.69 72.43 -25.38
C GLN I 80 113.31 73.06 -25.39
N ALA I 81 112.44 72.64 -26.30
CA ALA I 81 111.10 73.18 -26.35
C ALA I 81 110.24 72.57 -25.23
N ARG I 82 109.11 73.22 -24.98
CA ARG I 82 108.16 72.84 -23.95
C ARG I 82 106.80 72.58 -24.57
N ALA I 83 106.10 71.56 -24.08
CA ALA I 83 104.84 71.17 -24.71
C ALA I 83 103.96 70.44 -23.70
N SER I 84 102.67 70.37 -24.03
CA SER I 84 101.69 69.58 -23.29
C SER I 84 101.14 68.51 -24.23
N VAL I 85 101.27 67.25 -23.85
CA VAL I 85 100.85 66.14 -24.69
C VAL I 85 100.12 65.11 -23.84
N ASP I 86 98.90 64.76 -24.24
CA ASP I 86 98.23 63.56 -23.76
C ASP I 86 97.98 62.64 -24.95
N TRP I 87 98.39 61.39 -24.82
CA TRP I 87 98.28 60.44 -25.91
C TRP I 87 98.21 59.03 -25.35
N SER I 88 97.41 58.18 -25.98
CA SER I 88 97.30 56.78 -25.63
C SER I 88 97.16 56.02 -26.95
N GLY I 89 98.27 55.60 -27.52
CA GLY I 89 98.24 54.89 -28.78
C GLY I 89 99.60 54.40 -29.21
N PRO I 90 99.74 54.14 -30.52
CA PRO I 90 100.98 53.53 -31.02
C PRO I 90 102.18 54.44 -30.90
N ILE I 91 103.34 53.80 -30.67
CA ILE I 91 104.56 54.53 -30.38
C ILE I 91 105.07 55.26 -31.62
N GLU I 92 105.00 54.61 -32.79
CA GLU I 92 105.68 55.09 -33.98
C GLU I 92 105.05 56.37 -34.52
N GLU I 93 103.71 56.47 -34.48
CA GLU I 93 103.03 57.67 -34.92
C GLU I 93 103.38 58.85 -34.02
N LEU I 94 103.43 58.61 -32.71
CA LEU I 94 103.78 59.64 -31.75
C LEU I 94 105.21 60.11 -31.95
N THR I 95 106.14 59.17 -32.18
CA THR I 95 107.53 59.55 -32.37
C THR I 95 107.75 60.27 -33.68
N ALA I 96 107.00 59.88 -34.73
CA ALA I 96 107.08 60.59 -36.00
C ALA I 96 106.56 62.02 -35.87
N ARG I 97 105.48 62.21 -35.11
CA ARG I 97 104.99 63.56 -34.87
C ARG I 97 105.96 64.38 -34.05
N ILE I 98 106.63 63.74 -33.08
CA ILE I 98 107.63 64.45 -32.27
C ILE I 98 108.81 64.87 -33.13
N ALA I 99 109.28 63.98 -34.00
CA ALA I 99 110.39 64.31 -34.89
C ALA I 99 110.01 65.39 -35.88
N LYS I 100 108.76 65.37 -36.35
CA LYS I 100 108.27 66.42 -37.23
C LYS I 100 108.20 67.76 -36.52
N ALA I 101 107.79 67.76 -35.25
CA ALA I 101 107.73 69.00 -34.49
C ALA I 101 109.13 69.51 -34.16
N ALA I 102 110.06 68.60 -33.90
CA ALA I 102 111.41 68.96 -33.51
C ALA I 102 112.35 69.06 -34.70
N HIS I 103 111.82 68.98 -35.93
CA HIS I 103 112.55 69.21 -37.18
C HIS I 103 113.68 68.19 -37.36
N PHE I 104 113.34 66.92 -37.15
CA PHE I 104 114.27 65.81 -37.28
C PHE I 104 113.71 64.79 -38.24
N ARG I 105 114.59 64.17 -39.01
CA ARG I 105 114.16 63.05 -39.85
C ARG I 105 113.91 61.82 -38.97
N PHE I 106 113.09 60.93 -39.50
CA PHE I 106 112.59 59.77 -38.77
C PHE I 106 112.83 58.52 -39.58
N ARG I 107 113.25 57.44 -38.90
CA ARG I 107 113.40 56.18 -39.59
C ARG I 107 113.14 55.03 -38.62
N VAL I 108 112.86 53.87 -39.20
CA VAL I 108 112.57 52.66 -38.44
C VAL I 108 113.36 51.51 -39.02
N LEU I 109 113.86 50.64 -38.14
CA LEU I 109 114.52 49.41 -38.54
C LEU I 109 113.91 48.26 -37.76
N GLY I 110 113.34 47.31 -38.48
CA GLY I 110 112.76 46.13 -37.87
C GLY I 110 111.42 45.82 -38.50
N LYS I 111 110.70 44.90 -37.88
CA LYS I 111 109.40 44.46 -38.36
C LYS I 111 108.34 44.84 -37.33
N SER I 112 107.30 45.50 -37.80
CA SER I 112 106.20 45.83 -36.91
C SER I 112 105.37 44.58 -36.64
N PRO I 113 105.16 44.21 -35.38
CA PRO I 113 104.30 43.06 -35.08
C PRO I 113 102.84 43.40 -35.33
N SER I 114 102.04 42.35 -35.45
CA SER I 114 100.59 42.52 -35.58
C SER I 114 99.99 43.12 -34.31
N VAL I 115 100.47 42.69 -33.15
CA VAL I 115 100.03 43.27 -31.88
C VAL I 115 100.66 44.65 -31.74
N PRO I 116 99.87 45.70 -31.56
CA PRO I 116 100.43 47.04 -31.43
C PRO I 116 101.06 47.25 -30.06
N VAL I 117 101.99 48.19 -30.01
CA VAL I 117 102.65 48.60 -28.78
C VAL I 117 102.15 49.99 -28.43
N LEU I 118 101.50 50.12 -27.27
CA LEU I 118 100.75 51.32 -26.93
C LEU I 118 101.27 51.90 -25.63
N ILE I 119 101.48 53.22 -25.62
CA ILE I 119 102.00 53.94 -24.47
C ILE I 119 101.15 55.19 -24.26
N SER I 120 100.67 55.38 -23.04
CA SER I 120 99.85 56.53 -22.68
C SER I 120 100.66 57.46 -21.78
N ILE I 121 100.81 58.72 -22.21
CA ILE I 121 101.47 59.76 -21.43
C ILE I 121 100.56 60.98 -21.39
N SER I 122 100.47 61.61 -20.22
CA SER I 122 99.69 62.84 -20.05
C SER I 122 100.56 63.83 -19.28
N THR I 123 101.22 64.75 -19.99
CA THR I 123 102.11 65.72 -19.37
C THR I 123 101.77 67.12 -19.86
N LYS I 124 102.21 68.10 -19.08
CA LYS I 124 101.82 69.49 -19.27
C LYS I 124 102.98 70.39 -19.65
N ASP I 125 104.10 70.37 -18.92
CA ASP I 125 105.17 71.32 -19.19
C ASP I 125 106.50 70.70 -18.75
N GLU I 126 107.21 70.09 -19.70
CA GLU I 126 108.59 69.64 -19.50
C GLU I 126 109.24 69.49 -20.87
N SER I 127 110.37 68.79 -20.92
CA SER I 127 111.18 68.70 -22.14
C SER I 127 110.82 67.46 -22.96
N LEU I 128 110.93 67.62 -24.27
CA LEU I 128 110.67 66.52 -25.19
C LEU I 128 111.71 65.42 -25.06
N ALA I 129 112.92 65.76 -24.62
CA ALA I 129 113.90 64.73 -24.30
C ALA I 129 113.44 63.88 -23.13
N GLU I 130 112.83 64.50 -22.12
CA GLU I 130 112.24 63.74 -21.03
C GLU I 130 111.06 62.92 -21.50
N ILE I 131 110.29 63.45 -22.46
CA ILE I 131 109.19 62.70 -23.07
C ILE I 131 109.73 61.45 -23.75
N LEU I 132 110.82 61.60 -24.50
CA LEU I 132 111.42 60.46 -25.19
C LEU I 132 112.05 59.48 -24.21
N ARG I 133 112.59 59.98 -23.10
CA ARG I 133 113.13 59.11 -22.07
C ARG I 133 112.05 58.27 -21.42
N ASP I 134 110.91 58.89 -21.11
CA ASP I 134 109.80 58.12 -20.56
C ASP I 134 109.18 57.20 -21.60
N ILE I 135 109.26 57.59 -22.88
CA ILE I 135 108.85 56.72 -23.97
C ILE I 135 109.73 55.47 -24.01
N ASP I 136 111.04 55.65 -23.85
CA ASP I 136 111.96 54.53 -23.80
C ASP I 136 111.70 53.65 -22.59
N TYR I 137 111.37 54.27 -21.46
CA TYR I 137 111.08 53.50 -20.25
C TYR I 137 109.80 52.69 -20.40
N GLN I 138 108.77 53.27 -21.00
CA GLN I 138 107.51 52.56 -21.17
C GLN I 138 107.52 51.59 -22.35
N ALA I 139 108.48 51.72 -23.26
CA ALA I 139 108.50 50.86 -24.44
C ALA I 139 108.86 49.42 -24.11
N GLY I 140 109.61 49.20 -23.03
CA GLY I 140 109.96 47.84 -22.69
C GLY I 140 111.03 47.29 -23.63
N LYS I 141 111.09 45.97 -23.65
CA LYS I 141 112.16 45.25 -24.34
C LYS I 141 111.88 45.08 -25.83
N LYS I 142 110.66 45.34 -26.29
CA LYS I 142 110.31 45.04 -27.67
C LYS I 142 110.90 46.02 -28.67
N ALA I 143 111.31 47.20 -28.22
CA ALA I 143 111.82 48.19 -29.15
C ALA I 143 112.83 49.08 -28.43
N SER I 144 113.53 49.88 -29.22
CA SER I 144 114.55 50.79 -28.73
C SER I 144 114.53 52.05 -29.57
N ILE I 145 115.12 53.11 -29.04
CA ILE I 145 115.07 54.43 -29.64
C ILE I 145 116.47 55.01 -29.66
N HIS I 146 116.90 55.49 -30.83
CA HIS I 146 118.19 56.13 -30.97
C HIS I 146 118.01 57.51 -31.59
N VAL I 147 118.92 58.41 -31.24
CA VAL I 147 118.86 59.80 -31.67
C VAL I 147 120.26 60.23 -32.07
N TYR I 148 120.40 60.81 -33.27
CA TYR I 148 121.70 61.22 -33.77
C TYR I 148 121.64 62.68 -34.18
N PRO I 149 122.47 63.55 -33.59
CA PRO I 149 122.50 64.97 -33.95
C PRO I 149 123.57 65.36 -34.95
N ASN I 150 124.45 64.44 -35.37
CA ASN I 150 125.39 64.75 -36.43
C ASN I 150 124.66 64.96 -37.75
N SER I 151 123.78 64.04 -38.10
CA SER I 151 122.74 64.25 -39.10
C SER I 151 121.42 64.05 -38.38
N GLN I 152 120.57 65.07 -38.39
CA GLN I 152 119.50 65.25 -37.40
C GLN I 152 118.41 64.21 -37.62
N VAL I 153 118.62 63.01 -37.06
CA VAL I 153 117.73 61.90 -37.32
C VAL I 153 117.41 61.20 -35.99
N VAL I 154 116.28 60.50 -35.99
CA VAL I 154 115.91 59.57 -34.92
C VAL I 154 115.49 58.26 -35.56
N GLU I 155 115.61 57.19 -34.78
CA GLU I 155 115.38 55.84 -35.28
C GLU I 155 114.67 55.02 -34.23
N LEU I 156 113.66 54.29 -34.66
CA LEU I 156 112.98 53.29 -33.84
C LEU I 156 113.38 51.90 -34.32
N ARG I 157 113.89 51.09 -33.40
CA ARG I 157 114.41 49.77 -33.72
C ARG I 157 113.53 48.72 -33.05
N TYR I 158 113.01 47.79 -33.84
CA TYR I 158 112.26 46.68 -33.28
C TYR I 158 113.21 45.62 -32.72
N ALA I 159 112.62 44.65 -32.01
CA ALA I 159 113.36 43.50 -31.52
C ALA I 159 112.62 42.23 -31.91
N LYS I 160 113.34 41.13 -31.93
CA LYS I 160 112.76 39.83 -32.29
C LYS I 160 111.86 39.30 -31.17
N ILE J 208 146.56 41.18 -2.08
CA ILE J 208 146.62 41.61 -0.68
C ILE J 208 145.92 42.96 -0.56
N ILE J 209 145.42 43.28 0.64
CA ILE J 209 144.60 44.45 0.88
C ILE J 209 145.29 45.32 1.91
N TYR J 210 145.40 46.62 1.61
CA TYR J 210 145.99 47.59 2.52
C TYR J 210 144.91 48.48 3.10
N TYR J 211 145.23 49.12 4.24
CA TYR J 211 144.27 49.96 4.94
C TYR J 211 144.94 51.24 5.39
N ILE J 212 144.15 52.31 5.44
CA ILE J 212 144.65 53.65 5.77
C ILE J 212 144.56 53.85 7.27
N GLN J 213 145.68 54.24 7.89
CA GLN J 213 145.72 54.54 9.31
C GLN J 213 145.68 56.03 9.60
N ALA J 214 146.57 56.81 9.00
CA ALA J 214 146.59 58.25 9.17
C ALA J 214 147.27 58.87 7.96
N VAL J 215 147.05 60.18 7.77
CA VAL J 215 147.51 60.88 6.59
C VAL J 215 148.04 62.25 6.98
N ILE J 216 148.83 62.82 6.08
CA ILE J 216 149.27 64.22 6.16
C ILE J 216 149.33 64.77 4.75
N PRO J 217 149.29 66.09 4.59
CA PRO J 217 149.70 66.67 3.31
C PRO J 217 151.13 66.29 2.95
N GLY J 218 151.27 65.47 1.91
CA GLY J 218 152.57 65.01 1.46
C GLY J 218 152.85 63.53 1.67
N ARG J 219 152.47 63.00 2.84
CA ARG J 219 152.81 61.64 3.22
C ARG J 219 151.59 60.94 3.79
N ALA J 220 151.59 59.61 3.71
CA ALA J 220 150.47 58.83 4.22
C ALA J 220 151.00 57.60 4.93
N TRP J 221 150.23 57.15 5.92
CA TRP J 221 150.50 55.91 6.63
C TRP J 221 149.52 54.84 6.15
N LEU J 222 150.04 53.69 5.78
CA LEU J 222 149.25 52.55 5.35
C LEU J 222 149.57 51.38 6.25
N ILE J 223 148.55 50.58 6.56
CA ILE J 223 148.73 49.34 7.31
C ILE J 223 148.09 48.21 6.53
N GLY J 224 148.85 47.16 6.25
CA GLY J 224 148.39 46.08 5.42
C GLY J 224 147.57 45.06 6.15
N SER J 225 147.10 44.06 5.39
CA SER J 225 146.33 42.97 5.98
C SER J 225 147.20 42.05 6.83
N ASN J 226 148.47 41.87 6.44
CA ASN J 226 149.39 41.04 7.19
C ASN J 226 150.16 41.81 8.26
N GLY J 227 149.63 42.96 8.70
CA GLY J 227 150.22 43.71 9.78
C GLY J 227 151.36 44.62 9.42
N SER J 228 151.75 44.67 8.15
CA SER J 228 152.86 45.53 7.74
C SER J 228 152.36 46.95 7.49
N THR J 229 153.18 47.92 7.88
CA THR J 229 152.88 49.33 7.68
C THR J 229 153.89 49.95 6.75
N LEU J 230 153.55 51.14 6.24
CA LEU J 230 154.35 51.78 5.22
C LEU J 230 154.06 53.28 5.20
N THR J 231 155.09 54.06 4.91
CA THR J 231 154.96 55.48 4.66
C THR J 231 155.08 55.72 3.16
N VAL J 232 154.08 56.38 2.58
CA VAL J 232 153.96 56.50 1.15
C VAL J 232 153.84 57.97 0.78
N ARG J 233 154.65 58.41 -0.19
CA ARG J 233 154.67 59.79 -0.65
C ARG J 233 153.51 60.06 -1.59
N GLU J 234 153.53 61.23 -2.24
CA GLU J 234 152.50 61.58 -3.20
C GLU J 234 152.62 60.75 -4.48
N GLY J 235 153.82 60.32 -4.82
CA GLY J 235 154.02 59.42 -5.94
C GLY J 235 154.80 58.19 -5.54
N SER J 236 154.16 57.03 -5.58
CA SER J 236 154.79 55.81 -5.09
C SER J 236 154.10 54.60 -5.72
N LYS J 237 154.72 53.44 -5.52
CA LYS J 237 154.23 52.18 -6.06
C LYS J 237 153.93 51.22 -4.92
N ILE J 238 152.77 50.60 -4.95
CA ILE J 238 152.36 49.62 -3.95
C ILE J 238 151.84 48.38 -4.66
N PRO J 239 152.06 47.18 -4.11
CA PRO J 239 151.65 45.96 -4.80
C PRO J 239 150.14 45.78 -4.81
N GLY J 240 149.63 45.38 -5.96
CA GLY J 240 148.21 45.16 -6.13
C GLY J 240 147.39 46.42 -6.35
N TYR J 241 148.01 47.60 -6.30
CA TYR J 241 147.28 48.84 -6.46
C TYR J 241 147.98 49.73 -7.48
N GLY J 242 149.30 49.61 -7.60
CA GLY J 242 150.02 50.37 -8.59
C GLY J 242 150.55 51.69 -8.09
N MET J 243 150.38 52.74 -8.88
CA MET J 243 150.97 54.05 -8.61
C MET J 243 149.94 54.96 -7.95
N VAL J 244 150.31 55.57 -6.85
CA VAL J 244 149.48 56.59 -6.21
C VAL J 244 149.87 57.94 -6.78
N LYS J 245 148.86 58.71 -7.21
CA LYS J 245 149.10 60.05 -7.73
C LYS J 245 148.46 61.14 -6.91
N LEU J 246 147.51 60.83 -6.04
CA LEU J 246 146.82 61.87 -5.29
C LEU J 246 146.42 61.34 -3.93
N ILE J 247 146.82 62.06 -2.89
CA ILE J 247 146.35 61.82 -1.54
C ILE J 247 145.39 62.94 -1.18
N ASP J 248 144.59 62.69 -0.14
CA ASP J 248 143.61 63.66 0.32
C ASP J 248 143.91 64.05 1.75
N SER J 249 144.01 65.35 1.99
CA SER J 249 144.13 65.89 3.34
C SER J 249 142.78 66.27 3.92
N LEU J 250 141.69 66.04 3.18
CA LEU J 250 140.35 66.31 3.71
C LEU J 250 139.72 65.05 4.28
N GLN J 251 139.56 64.02 3.45
CA GLN J 251 138.92 62.78 3.85
C GLN J 251 139.85 61.61 3.56
N GLY J 252 139.47 60.44 4.08
CA GLY J 252 140.26 59.24 3.89
C GLY J 252 139.99 58.57 2.55
N ARG J 253 140.56 59.14 1.48
CA ARG J 253 140.32 58.64 0.13
C ARG J 253 141.59 58.86 -0.68
N ILE J 254 142.28 57.78 -1.06
CA ILE J 254 143.51 57.89 -1.84
C ILE J 254 143.38 57.03 -3.08
N LEU J 255 143.58 57.64 -4.25
CA LEU J 255 143.36 56.95 -5.52
C LEU J 255 144.65 56.33 -6.03
N THR J 256 144.50 55.26 -6.81
CA THR J 256 145.62 54.50 -7.36
C THR J 256 145.61 54.54 -8.88
N SER J 257 146.69 54.03 -9.47
CA SER J 257 146.78 53.93 -10.93
C SER J 257 145.94 52.80 -11.48
N SER J 258 145.72 51.74 -10.70
CA SER J 258 144.93 50.63 -11.18
C SER J 258 143.44 50.95 -11.26
N GLY J 259 143.00 52.01 -10.57
CA GLY J 259 141.62 52.44 -10.69
C GLY J 259 140.78 52.16 -9.46
N GLN J 260 141.38 52.27 -8.29
CA GLN J 260 140.65 52.10 -7.04
C GLN J 260 141.11 53.14 -6.04
N VAL J 261 140.21 53.51 -5.15
CA VAL J 261 140.46 54.50 -4.11
C VAL J 261 140.39 53.78 -2.77
N ILE J 262 141.53 53.67 -2.09
CA ILE J 262 141.55 53.08 -0.77
C ILE J 262 140.97 54.06 0.24
N LYS J 263 140.27 53.52 1.24
CA LYS J 263 139.59 54.29 2.27
C LYS J 263 140.05 53.81 3.64
N PHE J 264 139.36 54.26 4.69
CA PHE J 264 139.66 53.83 6.04
C PHE J 264 139.03 52.47 6.33
N SER J 265 139.09 52.07 7.59
CA SER J 265 138.56 50.79 8.02
C SER J 265 137.69 50.97 9.26
N GLN J 266 136.83 49.97 9.51
CA GLN J 266 135.97 49.98 10.68
C GLN J 266 136.09 48.66 11.43
N MET K 23 95.39 98.43 16.45
CA MET K 23 96.23 97.26 16.68
C MET K 23 95.50 95.99 16.23
N LYS K 24 94.39 96.15 15.52
CA LYS K 24 93.62 95.03 15.04
C LYS K 24 94.24 94.47 13.76
N PHE K 25 93.81 93.26 13.41
CA PHE K 25 94.28 92.57 12.22
C PHE K 25 93.12 92.36 11.26
N LYS K 26 93.28 92.82 10.03
CA LYS K 26 92.26 92.66 9.00
C LYS K 26 92.94 92.41 7.67
N LYS K 27 92.72 91.21 7.12
CA LYS K 27 93.12 90.95 5.75
C LYS K 27 92.27 91.80 4.80
N PRO K 28 92.85 92.24 3.68
CA PRO K 28 92.16 93.21 2.81
C PRO K 28 90.86 92.71 2.19
N PRO K 29 90.83 91.59 1.39
CA PRO K 29 89.71 91.45 0.44
C PRO K 29 88.41 91.01 1.09
N ILE K 30 87.48 91.95 1.25
CA ILE K 30 86.18 91.69 1.85
C ILE K 30 85.12 92.11 0.84
N ASN K 31 84.22 91.19 0.52
CA ASN K 31 83.21 91.41 -0.50
C ASN K 31 81.82 91.31 0.11
N ASN K 32 80.81 91.37 -0.76
CA ASN K 32 79.47 91.01 -0.38
C ASN K 32 79.39 89.50 -0.18
N PRO K 33 78.43 89.02 0.61
CA PRO K 33 78.24 87.56 0.74
C PRO K 33 77.80 86.92 -0.56
N SER K 34 78.14 85.63 -0.70
CA SER K 34 77.96 84.86 -1.91
C SER K 34 76.90 83.79 -1.72
N ASP K 35 76.74 82.94 -2.73
CA ASP K 35 75.76 81.86 -2.70
C ASP K 35 76.39 80.56 -3.17
N ASP K 36 75.99 79.46 -2.51
CA ASP K 36 76.58 78.16 -2.75
C ASP K 36 76.30 77.64 -4.16
N ALA K 37 75.14 77.97 -4.72
CA ALA K 37 74.85 77.57 -6.09
C ALA K 37 75.76 78.28 -7.07
N THR K 38 76.05 79.56 -6.81
CA THR K 38 77.02 80.29 -7.63
C THR K 38 78.41 79.69 -7.48
N ILE K 39 78.73 79.22 -6.27
CA ILE K 39 80.00 78.55 -6.04
C ILE K 39 80.10 77.27 -6.87
N LYS K 40 79.02 76.49 -6.90
CA LYS K 40 79.00 75.25 -7.67
C LYS K 40 79.06 75.53 -9.16
N LEU K 41 78.39 76.59 -9.61
CA LEU K 41 78.45 76.99 -11.01
C LEU K 41 79.86 77.40 -11.42
N ALA K 42 80.55 78.13 -10.54
CA ALA K 42 81.94 78.51 -10.83
C ALA K 42 82.86 77.30 -10.85
N GLU K 43 82.60 76.35 -9.95
CA GLU K 43 83.36 75.10 -9.90
C GLU K 43 83.19 74.31 -11.18
N ALA K 44 81.98 74.28 -11.73
CA ALA K 44 81.79 73.66 -13.04
C ALA K 44 82.45 74.48 -14.14
N ALA K 45 82.39 75.81 -14.02
CA ALA K 45 82.77 76.69 -15.11
C ALA K 45 84.28 76.71 -15.33
N VAL K 46 85.06 76.57 -14.27
CA VAL K 46 86.52 76.58 -14.43
C VAL K 46 86.97 75.35 -15.22
N SER K 47 86.38 74.18 -14.94
CA SER K 47 86.73 72.98 -15.68
C SER K 47 86.18 73.00 -17.10
N VAL K 48 85.02 73.62 -17.27
CA VAL K 48 84.47 73.81 -18.62
C VAL K 48 85.41 74.65 -19.47
N SER K 49 85.89 75.75 -18.89
CA SER K 49 86.82 76.64 -19.59
C SER K 49 88.14 75.96 -19.85
N ASP K 50 88.61 75.13 -18.91
CA ASP K 50 89.85 74.38 -19.11
C ASP K 50 89.73 73.40 -20.27
N SER K 51 88.59 72.71 -20.34
CA SER K 51 88.33 71.78 -21.42
C SER K 51 88.28 72.50 -22.76
N MET K 52 87.64 73.68 -22.78
CA MET K 52 87.59 74.47 -24.00
C MET K 52 88.97 74.97 -24.40
N LEU K 53 89.82 75.30 -23.42
CA LEU K 53 91.15 75.79 -23.71
C LEU K 53 92.03 74.71 -24.33
N GLU K 54 92.00 73.51 -23.75
CA GLU K 54 92.80 72.44 -24.34
C GLU K 54 92.24 71.99 -25.68
N MET K 55 90.91 72.07 -25.85
CA MET K 55 90.31 71.79 -27.15
C MET K 55 90.76 72.79 -28.20
N ALA K 56 90.84 74.07 -27.84
CA ALA K 56 91.32 75.08 -28.76
C ALA K 56 92.79 74.87 -29.10
N LYS K 57 93.58 74.45 -28.11
CA LYS K 57 95.00 74.18 -28.34
C LYS K 57 95.20 73.03 -29.32
N VAL K 58 94.50 71.92 -29.11
CA VAL K 58 94.70 70.77 -30.00
C VAL K 58 94.10 71.04 -31.38
N GLU K 59 93.03 71.85 -31.45
CA GLU K 59 92.45 72.20 -32.74
C GLU K 59 93.40 73.07 -33.54
N LYS K 60 94.01 74.07 -32.88
CA LYS K 60 95.00 74.92 -33.55
C LYS K 60 96.20 74.12 -34.01
N VAL K 61 96.67 73.19 -33.17
CA VAL K 61 97.86 72.45 -33.54
C VAL K 61 97.59 71.38 -34.59
N ILE K 62 96.35 70.97 -34.79
CA ILE K 62 96.08 69.99 -35.83
C ILE K 62 95.60 70.63 -37.13
N THR K 63 95.05 71.84 -37.08
CA THR K 63 94.59 72.51 -38.29
C THR K 63 95.28 73.86 -38.41
N PRO K 64 96.30 73.99 -39.25
CA PRO K 64 96.98 75.27 -39.41
C PRO K 64 96.15 76.19 -40.29
N PRO K 65 95.72 77.34 -39.76
CA PRO K 65 94.96 78.29 -40.56
C PRO K 65 95.86 79.05 -41.51
N SER K 66 95.25 79.58 -42.57
CA SER K 66 96.02 80.27 -43.60
C SER K 66 95.38 81.56 -44.09
N LYS K 67 94.21 81.94 -43.62
CA LYS K 67 93.51 83.09 -44.15
C LYS K 67 92.92 83.93 -43.03
N ASP K 68 92.57 85.17 -43.38
CA ASP K 68 91.85 86.07 -42.49
C ASP K 68 90.75 86.75 -43.29
N ASN K 69 89.64 87.04 -42.62
CA ASN K 69 88.51 87.66 -43.29
C ASN K 69 88.64 89.17 -43.40
N THR K 70 89.71 89.75 -42.86
CA THR K 70 89.93 91.19 -43.02
C THR K 70 90.21 91.55 -44.46
N LEU K 71 90.73 90.61 -45.26
CA LEU K 71 90.86 90.85 -46.68
C LEU K 71 89.49 90.86 -47.36
N THR K 72 88.66 89.87 -47.07
CA THR K 72 87.39 89.77 -47.79
C THR K 72 86.36 90.77 -47.30
N ILE K 73 86.56 91.37 -46.14
CA ILE K 73 85.84 92.59 -45.78
C ILE K 73 86.83 93.55 -45.12
N PRO K 74 87.26 94.58 -45.82
CA PRO K 74 88.14 95.57 -45.20
C PRO K 74 87.36 96.68 -44.53
N ASN K 75 88.05 97.63 -43.92
CA ASN K 75 87.42 98.79 -43.33
C ASN K 75 87.47 99.96 -44.30
N ALA K 76 86.70 101.00 -43.99
CA ALA K 76 86.66 102.21 -44.79
C ALA K 76 86.19 103.35 -43.90
N TYR K 77 85.89 104.49 -44.52
CA TYR K 77 85.34 105.61 -43.80
C TYR K 77 83.87 105.36 -43.50
N ASN K 78 83.26 106.29 -42.74
CA ASN K 78 81.93 106.25 -42.13
C ASN K 78 81.59 104.90 -41.52
N LEU K 79 82.60 104.26 -40.92
CA LEU K 79 82.49 102.89 -40.45
C LEU K 79 83.01 102.73 -39.03
N GLN K 80 83.89 103.62 -38.58
CA GLN K 80 84.50 103.49 -37.27
C GLN K 80 83.68 104.15 -36.17
N ALA K 81 82.49 104.65 -36.49
CA ALA K 81 81.52 104.98 -35.44
C ALA K 81 81.14 103.71 -34.70
N ARG K 82 80.97 103.81 -33.39
CA ARG K 82 81.02 102.61 -32.58
C ARG K 82 79.67 102.29 -31.97
N ALA K 83 79.61 101.11 -31.35
CA ALA K 83 78.35 100.60 -30.81
C ALA K 83 78.62 99.60 -29.70
N SER K 84 77.73 99.60 -28.72
CA SER K 84 77.67 98.58 -27.68
C SER K 84 76.35 97.85 -27.79
N VAL K 85 76.41 96.51 -27.79
CA VAL K 85 75.31 95.70 -28.29
C VAL K 85 74.91 94.63 -27.28
N ASP K 86 73.68 94.14 -27.46
CA ASP K 86 73.16 92.98 -26.73
C ASP K 86 72.07 92.37 -27.60
N TRP K 87 72.39 91.30 -28.30
CA TRP K 87 71.47 90.71 -29.27
C TRP K 87 71.54 89.19 -29.17
N SER K 88 70.37 88.56 -29.17
CA SER K 88 70.29 87.10 -29.05
C SER K 88 69.21 86.54 -29.98
N GLY K 89 69.15 87.03 -31.22
CA GLY K 89 68.11 86.62 -32.12
C GLY K 89 68.59 86.45 -33.55
N PRO K 90 67.68 86.66 -34.51
CA PRO K 90 68.05 86.56 -35.93
C PRO K 90 68.97 87.69 -36.33
N ILE K 91 69.68 87.47 -37.43
CA ILE K 91 70.84 88.27 -37.78
C ILE K 91 70.53 89.35 -38.80
N GLU K 92 69.51 89.09 -39.62
CA GLU K 92 69.33 89.89 -40.83
C GLU K 92 68.84 91.30 -40.52
N GLU K 93 67.90 91.43 -39.59
CA GLU K 93 67.39 92.75 -39.22
C GLU K 93 68.43 93.54 -38.44
N LEU K 94 69.27 92.85 -37.67
CA LEU K 94 70.37 93.51 -36.99
C LEU K 94 71.38 94.07 -37.98
N THR K 95 71.74 93.27 -38.99
CA THR K 95 72.66 93.74 -40.02
C THR K 95 72.03 94.84 -40.88
N ALA K 96 70.72 94.79 -41.08
CA ALA K 96 70.02 95.86 -41.77
C ALA K 96 70.07 97.16 -40.97
N ARG K 97 69.92 97.08 -39.65
CA ARG K 97 70.09 98.26 -38.81
C ARG K 97 71.52 98.77 -38.86
N ILE K 98 72.49 97.86 -38.96
CA ILE K 98 73.90 98.25 -39.08
C ILE K 98 74.12 99.03 -40.38
N ALA K 99 73.60 98.52 -41.48
CA ALA K 99 73.76 99.20 -42.76
C ALA K 99 72.99 100.51 -42.81
N LYS K 100 71.84 100.57 -42.13
CA LYS K 100 71.08 101.80 -42.02
C LYS K 100 71.85 102.86 -41.24
N ALA K 101 72.55 102.43 -40.18
CA ALA K 101 73.45 103.34 -39.49
C ALA K 101 74.60 103.77 -40.39
N ALA K 102 75.12 102.85 -41.19
CA ALA K 102 76.29 103.12 -42.02
C ALA K 102 75.95 103.83 -43.31
N HIS K 103 74.66 104.10 -43.58
CA HIS K 103 74.16 104.67 -44.83
C HIS K 103 74.57 103.83 -46.02
N PHE K 104 74.53 102.51 -45.85
CA PHE K 104 74.94 101.57 -46.88
C PHE K 104 73.73 100.76 -47.34
N ARG K 105 73.77 100.34 -48.60
CA ARG K 105 72.71 99.50 -49.09
C ARG K 105 72.86 98.08 -48.56
N PHE K 106 71.74 97.37 -48.52
CA PHE K 106 71.68 96.04 -47.94
C PHE K 106 71.29 95.04 -49.02
N ARG K 107 72.01 93.92 -49.09
CA ARG K 107 71.78 92.91 -50.10
C ARG K 107 71.68 91.54 -49.44
N VAL K 108 70.76 90.71 -49.94
CA VAL K 108 70.55 89.37 -49.44
C VAL K 108 70.68 88.39 -50.60
N LEU K 109 71.42 87.31 -50.38
CA LEU K 109 71.73 86.33 -51.39
C LEU K 109 71.30 84.96 -50.90
N GLY K 110 70.55 84.24 -51.71
CA GLY K 110 70.05 82.94 -51.34
C GLY K 110 68.75 83.02 -50.55
N LYS K 111 68.05 81.89 -50.53
CA LYS K 111 66.79 81.81 -49.82
C LYS K 111 67.01 81.76 -48.32
N SER K 112 66.01 82.23 -47.58
CA SER K 112 66.06 82.12 -46.12
C SER K 112 65.87 80.66 -45.73
N PRO K 113 66.62 80.18 -44.74
CA PRO K 113 66.50 78.77 -44.34
C PRO K 113 65.22 78.54 -43.56
N SER K 114 64.82 77.27 -43.53
CA SER K 114 63.66 76.88 -42.73
C SER K 114 63.96 77.01 -41.24
N VAL K 115 65.09 76.47 -40.80
CA VAL K 115 65.53 76.66 -39.42
C VAL K 115 66.16 78.05 -39.34
N PRO K 116 65.67 78.92 -38.48
CA PRO K 116 66.26 80.26 -38.35
C PRO K 116 67.65 80.18 -37.73
N VAL K 117 68.49 81.13 -38.13
CA VAL K 117 69.85 81.23 -37.64
C VAL K 117 69.89 82.33 -36.58
N LEU K 118 70.28 81.96 -35.37
CA LEU K 118 70.25 82.86 -34.24
C LEU K 118 71.66 83.02 -33.68
N ILE K 119 72.01 84.26 -33.34
CA ILE K 119 73.31 84.57 -32.78
C ILE K 119 73.10 85.34 -31.49
N SER K 120 73.62 84.80 -30.39
CA SER K 120 73.62 85.49 -29.10
C SER K 120 74.98 86.11 -28.90
N ILE K 121 75.02 87.43 -28.82
CA ILE K 121 76.28 88.15 -28.64
C ILE K 121 75.99 89.47 -27.94
N SER K 122 76.85 89.83 -27.00
CA SER K 122 76.75 91.12 -26.34
C SER K 122 78.16 91.59 -26.01
N THR K 123 78.61 92.62 -26.70
CA THR K 123 79.92 93.20 -26.50
C THR K 123 79.75 94.70 -26.23
N LYS K 124 80.86 95.43 -26.22
CA LYS K 124 80.80 96.83 -25.80
C LYS K 124 81.89 97.62 -26.52
N ASP K 125 81.46 98.53 -27.39
CA ASP K 125 82.22 99.70 -27.84
C ASP K 125 83.53 99.32 -28.56
N GLU K 126 83.37 98.70 -29.72
CA GLU K 126 84.53 98.48 -30.57
C GLU K 126 84.22 98.84 -32.01
N SER K 127 85.11 98.47 -32.94
CA SER K 127 84.94 98.82 -34.34
C SER K 127 83.81 98.01 -34.98
N LEU K 128 83.03 98.70 -35.80
CA LEU K 128 81.86 98.08 -36.40
C LEU K 128 82.23 97.09 -37.48
N ALA K 129 83.32 97.35 -38.21
CA ALA K 129 83.78 96.41 -39.23
C ALA K 129 84.26 95.11 -38.61
N GLU K 130 85.02 95.20 -37.52
CA GLU K 130 85.44 93.98 -36.83
C GLU K 130 84.27 93.31 -36.14
N ILE K 131 83.26 94.09 -35.72
CA ILE K 131 82.02 93.52 -35.21
C ILE K 131 81.36 92.67 -36.27
N LEU K 132 81.33 93.18 -37.50
CA LEU K 132 80.81 92.41 -38.63
C LEU K 132 81.66 91.17 -38.88
N ARG K 133 82.97 91.30 -38.70
CA ARG K 133 83.88 90.18 -38.92
C ARG K 133 83.63 89.06 -37.92
N ASP K 134 83.48 89.40 -36.65
CA ASP K 134 83.22 88.35 -35.67
C ASP K 134 81.80 87.84 -35.76
N ILE K 135 80.87 88.66 -36.26
CA ILE K 135 79.52 88.18 -36.52
C ILE K 135 79.55 87.13 -37.63
N ASP K 136 80.33 87.35 -38.67
CA ASP K 136 80.42 86.36 -39.73
C ASP K 136 81.21 85.13 -39.29
N TYR K 137 82.20 85.32 -38.41
CA TYR K 137 82.90 84.19 -37.81
C TYR K 137 81.97 83.32 -36.98
N GLN K 138 81.10 83.95 -36.19
CA GLN K 138 80.17 83.20 -35.37
C GLN K 138 79.08 82.58 -36.21
N ALA K 139 78.77 83.16 -37.37
CA ALA K 139 77.91 82.50 -38.33
C ALA K 139 78.56 81.24 -38.88
N GLY K 140 79.83 81.36 -39.27
CA GLY K 140 80.60 80.21 -39.72
C GLY K 140 80.13 79.60 -41.02
N LYS K 141 79.69 78.34 -40.95
CA LYS K 141 79.34 77.59 -42.14
C LYS K 141 78.03 78.05 -42.77
N LYS K 142 77.19 78.73 -42.00
CA LYS K 142 75.83 79.01 -42.46
C LYS K 142 75.78 80.14 -43.48
N ALA K 143 76.64 81.14 -43.34
CA ALA K 143 76.48 82.36 -44.11
C ALA K 143 77.82 83.06 -44.25
N SER K 144 77.85 84.04 -45.14
CA SER K 144 79.01 84.90 -45.31
C SER K 144 78.57 86.34 -45.51
N ILE K 145 79.45 87.27 -45.16
CA ILE K 145 79.21 88.71 -45.31
C ILE K 145 80.31 89.28 -46.19
N HIS K 146 79.93 90.07 -47.18
CA HIS K 146 80.88 90.82 -47.97
C HIS K 146 80.48 92.29 -47.95
N VAL K 147 81.47 93.16 -48.03
CA VAL K 147 81.23 94.61 -48.04
C VAL K 147 82.02 95.20 -49.20
N TYR K 148 81.33 95.91 -50.09
CA TYR K 148 82.01 96.66 -51.14
C TYR K 148 81.87 98.13 -50.81
N PRO K 149 82.93 98.77 -50.32
CA PRO K 149 82.81 100.13 -49.78
C PRO K 149 82.74 101.18 -50.86
N ASN K 150 83.43 100.91 -51.97
CA ASN K 150 83.35 101.79 -53.13
C ASN K 150 81.94 101.80 -53.72
N SER K 151 81.23 100.68 -53.61
CA SER K 151 79.83 100.63 -53.97
C SER K 151 78.91 100.85 -52.79
N GLN K 152 79.47 100.95 -51.57
CA GLN K 152 78.73 101.28 -50.34
C GLN K 152 77.62 100.27 -50.04
N VAL K 153 77.93 98.99 -50.25
CA VAL K 153 76.94 97.94 -50.12
C VAL K 153 77.44 96.86 -49.17
N VAL K 154 76.53 96.31 -48.38
CA VAL K 154 76.81 95.18 -47.50
C VAL K 154 75.89 94.04 -47.92
N GLU K 155 76.48 92.89 -48.25
CA GLU K 155 75.76 91.76 -48.79
C GLU K 155 75.93 90.55 -47.89
N LEU K 156 74.82 90.00 -47.43
CA LEU K 156 74.78 88.72 -46.73
C LEU K 156 74.44 87.64 -47.74
N ARG K 157 75.14 86.51 -47.67
CA ARG K 157 74.82 85.36 -48.51
C ARG K 157 74.61 84.15 -47.61
N TYR K 158 73.50 83.45 -47.83
CA TYR K 158 73.22 82.21 -47.13
C TYR K 158 73.97 81.05 -47.80
N ALA K 159 73.97 79.91 -47.13
CA ALA K 159 74.60 78.72 -47.68
C ALA K 159 73.60 77.97 -48.55
N LYS K 160 73.95 77.78 -49.82
CA LYS K 160 73.14 76.96 -50.74
C LYS K 160 73.73 75.56 -50.74
N ILE K 161 73.03 74.62 -50.11
CA ILE K 161 73.54 73.26 -49.97
C ILE K 161 72.35 72.31 -49.86
N TYR K 162 72.61 71.01 -49.97
CA TYR K 162 71.63 69.92 -50.02
C TYR K 162 70.69 70.11 -51.19
N ARG L 207 107.62 4.79 -36.79
CA ARG L 207 106.48 5.50 -37.36
C ARG L 207 105.17 4.88 -36.86
N ILE L 208 104.55 4.05 -37.68
CA ILE L 208 103.29 3.39 -37.33
C ILE L 208 103.19 2.08 -38.12
N ILE L 209 102.96 0.98 -37.41
CA ILE L 209 102.72 -0.30 -38.05
C ILE L 209 101.21 -0.45 -38.26
N TYR L 210 100.84 -1.28 -39.22
CA TYR L 210 99.44 -1.52 -39.55
C TYR L 210 99.14 -3.01 -39.49
N TYR L 211 97.89 -3.32 -39.18
CA TYR L 211 97.42 -4.69 -39.15
C TYR L 211 96.10 -4.80 -39.88
N ILE L 212 95.86 -5.97 -40.47
CA ILE L 212 94.61 -6.24 -41.16
C ILE L 212 93.52 -6.49 -40.12
N GLN L 213 92.44 -5.72 -40.20
CA GLN L 213 91.29 -5.91 -39.34
C GLN L 213 90.20 -6.73 -40.01
N ALA L 214 89.84 -6.39 -41.25
CA ALA L 214 88.92 -7.18 -42.04
C ALA L 214 89.50 -7.32 -43.44
N VAL L 215 89.51 -8.55 -43.95
CA VAL L 215 90.11 -8.85 -45.25
C VAL L 215 89.02 -9.42 -46.16
N ILE L 216 88.77 -8.73 -47.27
CA ILE L 216 87.92 -9.23 -48.35
C ILE L 216 88.69 -9.00 -49.65
N PRO L 217 88.30 -9.68 -50.73
CA PRO L 217 88.76 -9.26 -52.05
C PRO L 217 88.24 -7.87 -52.38
N GLY L 218 89.09 -7.07 -53.03
CA GLY L 218 88.74 -5.71 -53.41
C GLY L 218 89.08 -4.67 -52.37
N ARG L 219 88.34 -4.63 -51.27
CA ARG L 219 88.53 -3.64 -50.22
C ARG L 219 89.35 -4.23 -49.08
N ALA L 220 89.78 -3.35 -48.18
CA ALA L 220 90.58 -3.78 -47.03
C ALA L 220 90.40 -2.80 -45.89
N TRP L 221 90.60 -3.29 -44.67
CA TRP L 221 90.49 -2.50 -43.46
C TRP L 221 91.75 -2.67 -42.65
N LEU L 222 92.37 -1.56 -42.29
CA LEU L 222 93.63 -1.58 -41.56
C LEU L 222 93.50 -0.79 -40.27
N ILE L 223 94.21 -1.25 -39.24
CA ILE L 223 94.23 -0.60 -37.95
C ILE L 223 95.68 -0.38 -37.55
N GLY L 224 96.03 0.86 -37.21
CA GLY L 224 97.39 1.21 -36.92
C GLY L 224 97.73 1.11 -35.44
N SER L 225 99.01 1.38 -35.15
CA SER L 225 99.48 1.43 -33.78
C SER L 225 99.13 2.76 -33.10
N ASN L 226 98.64 3.73 -33.85
CA ASN L 226 98.24 5.02 -33.29
C ASN L 226 96.82 5.02 -32.75
N GLY L 227 96.13 3.89 -32.84
CA GLY L 227 94.74 3.80 -32.43
C GLY L 227 93.74 4.13 -33.50
N SER L 228 94.18 4.52 -34.69
CA SER L 228 93.30 4.91 -35.78
C SER L 228 93.20 3.79 -36.81
N THR L 229 92.02 3.64 -37.40
CA THR L 229 91.79 2.65 -38.43
C THR L 229 91.29 3.34 -39.70
N LEU L 230 91.52 2.69 -40.83
CA LEU L 230 91.12 3.20 -42.13
C LEU L 230 90.62 2.06 -43.00
N THR L 231 89.92 2.42 -44.06
CA THR L 231 89.50 1.50 -45.10
C THR L 231 90.08 1.94 -46.43
N VAL L 232 90.67 1.00 -47.16
CA VAL L 232 91.39 1.29 -48.39
C VAL L 232 90.98 0.26 -49.44
N ARG L 233 91.49 0.43 -50.66
CA ARG L 233 91.30 -0.51 -51.74
C ARG L 233 92.66 -1.00 -52.25
N GLU L 234 92.62 -1.84 -53.27
CA GLU L 234 93.84 -2.43 -53.82
C GLU L 234 94.71 -1.38 -54.50
N GLY L 235 94.13 -0.60 -55.40
CA GLY L 235 94.91 0.42 -56.07
C GLY L 235 94.88 1.73 -55.32
N SER L 236 95.91 1.97 -54.51
CA SER L 236 95.93 3.17 -53.69
C SER L 236 97.37 3.48 -53.32
N LYS L 237 97.62 4.75 -53.03
CA LYS L 237 98.91 5.22 -52.53
C LYS L 237 98.79 5.40 -51.03
N ILE L 238 99.58 4.63 -50.29
CA ILE L 238 99.53 4.62 -48.83
C ILE L 238 100.71 5.42 -48.30
N PRO L 239 100.47 6.45 -47.49
CA PRO L 239 101.59 7.21 -46.91
C PRO L 239 102.39 6.37 -45.93
N GLY L 240 103.71 6.48 -46.04
CA GLY L 240 104.62 5.73 -45.20
C GLY L 240 104.90 4.32 -45.67
N TYR L 241 104.23 3.85 -46.70
CA TYR L 241 104.43 2.51 -47.24
C TYR L 241 104.57 2.49 -48.75
N GLY L 242 104.07 3.51 -49.43
CA GLY L 242 104.16 3.58 -50.87
C GLY L 242 102.83 3.38 -51.55
N MET L 243 102.71 2.31 -52.33
CA MET L 243 101.45 1.97 -52.97
C MET L 243 101.10 0.53 -52.64
N VAL L 244 99.83 0.28 -52.38
CA VAL L 244 99.37 -1.09 -52.19
C VAL L 244 99.40 -1.80 -53.54
N LYS L 245 100.13 -2.90 -53.61
CA LYS L 245 100.30 -3.62 -54.86
C LYS L 245 99.61 -4.97 -54.90
N LEU L 246 99.27 -5.57 -53.76
CA LEU L 246 98.62 -6.87 -53.80
C LEU L 246 97.79 -7.08 -52.55
N ILE L 247 96.60 -7.66 -52.75
CA ILE L 247 95.76 -8.15 -51.67
C ILE L 247 95.70 -9.66 -51.80
N ASP L 248 96.14 -10.37 -50.76
CA ASP L 248 96.09 -11.82 -50.73
C ASP L 248 95.09 -12.21 -49.66
N SER L 249 93.86 -12.49 -50.08
CA SER L 249 92.82 -12.93 -49.16
C SER L 249 93.14 -14.29 -48.56
N LEU L 250 93.84 -15.13 -49.32
CA LEU L 250 94.45 -16.31 -48.74
C LEU L 250 95.54 -15.90 -47.77
N GLN L 251 95.43 -16.37 -46.53
CA GLN L 251 96.34 -16.19 -45.40
C GLN L 251 96.42 -14.74 -44.90
N GLY L 252 95.68 -13.81 -45.49
CA GLY L 252 95.62 -12.44 -44.99
C GLY L 252 96.90 -11.64 -45.14
N ARG L 253 97.25 -11.28 -46.37
CA ARG L 253 98.46 -10.52 -46.63
C ARG L 253 98.13 -9.26 -47.42
N ILE L 254 98.77 -8.15 -47.08
CA ILE L 254 98.74 -6.95 -47.91
C ILE L 254 100.17 -6.62 -48.29
N LEU L 255 100.44 -6.62 -49.59
CA LEU L 255 101.76 -6.38 -50.13
C LEU L 255 101.81 -4.98 -50.73
N THR L 256 102.83 -4.22 -50.35
CA THR L 256 102.97 -2.83 -50.80
C THR L 256 104.07 -2.72 -51.83
N SER L 257 104.19 -1.51 -52.40
CA SER L 257 105.18 -1.26 -53.44
C SER L 257 106.60 -1.24 -52.88
N SER L 258 106.75 -0.97 -51.59
CA SER L 258 108.05 -0.92 -50.95
C SER L 258 108.53 -2.27 -50.48
N GLY L 259 107.81 -3.35 -50.81
CA GLY L 259 108.16 -4.67 -50.33
C GLY L 259 107.66 -4.98 -48.93
N GLN L 260 106.92 -4.06 -48.31
CA GLN L 260 106.41 -4.28 -46.97
C GLN L 260 105.12 -5.11 -47.01
N VAL L 261 104.90 -5.88 -45.96
CA VAL L 261 103.76 -6.78 -45.87
C VAL L 261 103.04 -6.51 -44.55
N ILE L 262 101.75 -6.24 -44.63
CA ILE L 262 100.90 -6.06 -43.46
C ILE L 262 100.06 -7.31 -43.28
N LYS L 263 100.14 -7.91 -42.09
CA LYS L 263 99.41 -9.11 -41.72
C LYS L 263 98.55 -8.81 -40.51
N PHE L 264 97.98 -9.86 -39.92
CA PHE L 264 97.24 -9.72 -38.68
C PHE L 264 98.21 -9.58 -37.50
N SER L 265 97.65 -9.24 -36.34
CA SER L 265 98.43 -9.12 -35.12
C SER L 265 98.85 -10.49 -34.61
N GLN L 266 100.06 -10.56 -34.05
CA GLN L 266 100.53 -11.76 -33.41
C GLN L 266 99.73 -12.05 -32.14
N GLU L 267 99.41 -11.01 -31.37
CA GLU L 267 98.55 -11.19 -30.20
C GLU L 267 97.13 -11.54 -30.61
N ASP L 268 96.59 -10.83 -31.60
CA ASP L 268 95.25 -11.11 -32.09
C ASP L 268 95.35 -12.15 -33.20
N SER L 269 95.61 -13.39 -32.79
CA SER L 269 95.83 -14.49 -33.71
C SER L 269 94.55 -15.28 -33.96
N GLN M 791 87.54 -52.31 -63.27
CA GLN M 791 87.43 -51.33 -64.34
C GLN M 791 86.03 -50.71 -64.39
N GLN M 792 85.02 -51.56 -64.48
CA GLN M 792 83.63 -51.13 -64.54
C GLN M 792 83.02 -50.94 -63.16
N GLU M 793 83.80 -51.11 -62.10
CA GLU M 793 83.31 -51.01 -60.74
C GLU M 793 83.41 -49.61 -60.18
N ILE M 794 83.83 -48.63 -60.99
CA ILE M 794 84.01 -47.26 -60.51
C ILE M 794 82.67 -46.61 -60.24
N GLN M 795 81.69 -46.81 -61.13
CA GLN M 795 80.51 -45.95 -61.20
C GLN M 795 79.58 -46.17 -60.02
N GLN M 796 79.29 -47.42 -59.69
CA GLN M 796 78.46 -47.70 -58.52
C GLN M 796 79.23 -47.44 -57.23
N ARG M 797 80.56 -47.47 -57.28
CA ARG M 797 81.36 -47.00 -56.16
C ARG M 797 81.38 -45.48 -56.10
N THR M 798 81.08 -44.81 -57.21
CA THR M 798 81.04 -43.35 -57.23
C THR M 798 79.68 -42.84 -56.84
N SER M 799 78.62 -43.57 -57.19
CA SER M 799 77.26 -43.06 -57.03
C SER M 799 76.82 -43.07 -55.57
N ASP M 800 77.15 -44.14 -54.84
CA ASP M 800 76.65 -44.31 -53.48
C ASP M 800 77.27 -43.30 -52.52
N MET M 801 78.57 -43.02 -52.68
CA MET M 801 79.22 -42.04 -51.83
C MET M 801 78.76 -40.62 -52.14
N LEU M 802 78.29 -40.38 -53.37
CA LEU M 802 77.71 -39.08 -53.70
C LEU M 802 76.43 -38.82 -52.92
N THR M 803 75.61 -39.86 -52.76
CA THR M 803 74.40 -39.75 -51.96
C THR M 803 74.73 -39.48 -50.49
N ALA M 804 75.78 -40.11 -49.99
CA ALA M 804 76.26 -39.78 -48.66
C ALA M 804 76.81 -38.36 -48.60
N ALA M 805 77.49 -37.93 -49.66
CA ALA M 805 78.05 -36.59 -49.69
C ALA M 805 76.96 -35.53 -49.77
N THR M 806 75.91 -35.79 -50.54
CA THR M 806 74.80 -34.84 -50.62
C THR M 806 74.02 -34.81 -49.32
N GLN M 807 74.03 -35.92 -48.58
CA GLN M 807 73.47 -35.91 -47.23
C GLN M 807 74.32 -35.03 -46.31
N LEU M 808 75.65 -35.10 -46.44
CA LEU M 808 76.52 -34.43 -45.49
C LEU M 808 76.54 -32.93 -45.69
N VAL M 809 76.44 -32.47 -46.94
CA VAL M 809 76.40 -31.04 -47.20
C VAL M 809 75.09 -30.44 -46.72
N GLN M 810 74.03 -31.25 -46.69
CA GLN M 810 72.77 -30.81 -46.10
C GLN M 810 72.92 -30.61 -44.60
N ASP M 811 73.74 -31.45 -43.96
CA ASP M 811 74.00 -31.30 -42.53
C ASP M 811 74.78 -30.01 -42.25
N TRP M 812 75.73 -29.67 -43.12
CA TRP M 812 76.49 -28.46 -42.96
C TRP M 812 75.74 -27.23 -43.48
N LYS M 813 74.59 -27.43 -44.13
CA LYS M 813 73.89 -26.30 -44.73
C LYS M 813 73.19 -25.46 -43.67
N GLN M 814 72.45 -26.09 -42.76
CA GLN M 814 71.57 -25.35 -41.88
C GLN M 814 72.30 -24.90 -40.61
N VAL M 815 71.85 -23.76 -40.09
CA VAL M 815 72.26 -23.25 -38.79
C VAL M 815 71.00 -22.85 -38.05
N GLU M 816 70.77 -23.48 -36.91
CA GLU M 816 69.61 -23.12 -36.09
C GLU M 816 69.87 -21.81 -35.35
N THR M 817 68.79 -21.15 -34.98
CA THR M 817 68.90 -19.87 -34.30
C THR M 817 69.30 -20.07 -32.83
N GLN M 818 69.79 -18.99 -32.23
CA GLN M 818 70.02 -18.98 -30.80
C GLN M 818 68.70 -18.82 -30.06
N VAL M 819 68.74 -19.05 -28.75
CA VAL M 819 67.58 -18.89 -27.89
C VAL M 819 67.96 -17.92 -26.77
N TYR M 820 67.09 -16.95 -26.52
CA TYR M 820 67.30 -15.95 -25.48
C TYR M 820 66.18 -16.08 -24.47
N THR M 821 66.55 -16.22 -23.20
CA THR M 821 65.59 -16.45 -22.13
C THR M 821 65.66 -15.34 -21.11
N GLU M 822 64.49 -14.84 -20.70
CA GLU M 822 64.40 -13.77 -19.73
C GLU M 822 64.33 -14.36 -18.32
N GLY M 823 63.99 -13.51 -17.35
CA GLY M 823 63.86 -13.95 -15.98
C GLY M 823 63.05 -12.96 -15.17
N THR M 824 63.17 -13.07 -13.86
CA THR M 824 62.52 -12.13 -12.95
C THR M 824 63.41 -11.83 -11.74
N ALA N 104 75.62 -88.95 -34.23
CA ALA N 104 74.22 -88.73 -33.87
C ALA N 104 74.12 -87.87 -32.62
N GLU N 105 75.26 -87.46 -32.09
CA GLU N 105 75.29 -86.71 -30.85
C GLU N 105 76.04 -85.39 -30.95
N VAL N 106 77.14 -85.35 -31.70
CA VAL N 106 77.85 -84.08 -31.92
C VAL N 106 77.17 -83.24 -33.00
N ILE N 107 76.15 -83.79 -33.66
CA ILE N 107 75.29 -83.02 -34.55
C ILE N 107 74.63 -81.88 -33.78
N ASP N 108 74.22 -82.15 -32.53
CA ASP N 108 73.66 -81.13 -31.66
C ASP N 108 74.67 -80.04 -31.34
N LYS N 109 75.93 -80.41 -31.10
CA LYS N 109 76.95 -79.42 -30.80
C LYS N 109 77.28 -78.56 -32.02
N LYS N 110 77.37 -79.20 -33.19
CA LYS N 110 77.62 -78.46 -34.43
C LYS N 110 76.47 -77.50 -34.75
N ALA N 111 75.23 -77.97 -34.56
CA ALA N 111 74.08 -77.12 -34.79
C ALA N 111 73.97 -76.01 -33.76
N PHE N 112 74.40 -76.26 -32.52
CA PHE N 112 74.46 -75.21 -31.50
C PHE N 112 75.46 -74.14 -31.88
N LYS N 113 76.64 -74.55 -32.36
CA LYS N 113 77.64 -73.61 -32.83
C LYS N 113 77.12 -72.79 -34.02
N ASP N 114 76.46 -73.45 -34.97
CA ASP N 114 75.94 -72.75 -36.14
C ASP N 114 74.78 -71.82 -35.77
N MET N 115 73.94 -72.24 -34.83
CA MET N 115 72.83 -71.41 -34.37
C MET N 115 73.34 -70.16 -33.65
N THR N 116 74.35 -70.32 -32.79
CA THR N 116 74.95 -69.16 -32.13
C THR N 116 75.63 -68.24 -33.13
N ARG N 117 76.28 -68.82 -34.15
CA ARG N 117 76.96 -68.02 -35.16
C ARG N 117 75.96 -67.27 -36.03
N ASN N 118 74.80 -67.86 -36.29
CA ASN N 118 73.77 -67.16 -37.05
C ASN N 118 73.05 -66.12 -36.21
N LEU N 119 72.95 -66.35 -34.90
CA LEU N 119 72.38 -65.34 -34.00
C LEU N 119 73.29 -64.12 -33.94
N TYR N 120 74.59 -64.33 -33.70
CA TYR N 120 75.56 -63.24 -33.66
C TYR N 120 76.62 -63.49 -34.73
N PRO N 121 76.43 -62.98 -35.94
CA PRO N 121 77.49 -63.10 -36.96
C PRO N 121 78.65 -62.14 -36.74
N LEU N 122 78.59 -61.27 -35.74
CA LEU N 122 79.63 -60.31 -35.46
C LEU N 122 80.29 -60.64 -34.13
N ASN N 123 81.62 -60.63 -34.11
CA ASN N 123 82.35 -60.83 -32.87
C ASN N 123 82.20 -59.61 -31.97
N PRO N 124 82.27 -59.79 -30.65
CA PRO N 124 82.29 -58.62 -29.75
C PRO N 124 83.49 -57.71 -29.97
N GLU N 125 84.64 -58.26 -30.31
CA GLU N 125 85.79 -57.43 -30.67
C GLU N 125 85.55 -56.72 -31.99
N GLN N 126 84.81 -57.35 -32.91
CA GLN N 126 84.41 -56.66 -34.13
C GLN N 126 83.46 -55.52 -33.81
N VAL N 127 82.57 -55.70 -32.82
CA VAL N 127 81.68 -54.65 -32.36
C VAL N 127 82.49 -53.48 -31.79
N VAL N 128 83.51 -53.81 -31.00
CA VAL N 128 84.36 -52.78 -30.40
C VAL N 128 85.12 -52.01 -31.47
N LYS N 129 85.69 -52.70 -32.45
CA LYS N 129 86.49 -52.00 -33.45
C LYS N 129 85.61 -51.24 -34.44
N LEU N 130 84.38 -51.71 -34.70
CA LEU N 130 83.48 -50.91 -35.52
C LEU N 130 82.98 -49.70 -34.75
N LYS N 131 82.88 -49.81 -33.42
CA LYS N 131 82.62 -48.64 -32.60
C LYS N 131 83.77 -47.64 -32.68
N GLN N 132 85.01 -48.17 -32.75
CA GLN N 132 86.19 -47.30 -32.90
C GLN N 132 86.15 -46.56 -34.23
N ILE N 133 85.84 -47.26 -35.32
CA ILE N 133 85.81 -46.59 -36.61
C ILE N 133 84.58 -45.71 -36.77
N TYR N 134 83.50 -45.99 -36.02
CA TYR N 134 82.38 -45.06 -35.98
C TYR N 134 82.77 -43.77 -35.27
N GLU N 135 83.56 -43.89 -34.20
CA GLU N 135 84.08 -42.69 -33.55
C GLU N 135 85.04 -41.94 -34.45
N THR N 136 85.80 -42.67 -35.27
CA THR N 136 86.68 -42.04 -36.26
C THR N 136 85.88 -41.25 -37.30
N SER N 137 84.80 -41.85 -37.79
CA SER N 137 83.91 -41.18 -38.72
C SER N 137 83.25 -39.97 -38.07
N GLU N 138 82.90 -40.10 -36.79
CA GLU N 138 82.29 -38.97 -36.06
C GLU N 138 83.30 -37.85 -35.87
N TYR N 139 84.56 -38.20 -35.65
CA TYR N 139 85.62 -37.19 -35.58
C TYR N 139 85.79 -36.49 -36.92
N ALA N 140 85.72 -37.24 -38.02
CA ALA N 140 85.82 -36.64 -39.35
C ALA N 140 84.63 -35.72 -39.62
N LYS N 141 83.44 -36.11 -39.16
CA LYS N 141 82.26 -35.26 -39.34
C LYS N 141 82.34 -33.99 -38.50
N ALA N 142 82.71 -34.13 -37.23
CA ALA N 142 82.81 -32.99 -36.34
C ALA N 142 84.06 -32.15 -36.57
N ALA N 143 84.97 -32.62 -37.41
CA ALA N 143 86.19 -31.87 -37.70
C ALA N 143 85.86 -30.62 -38.52
N THR N 144 86.58 -29.54 -38.24
CA THR N 144 86.40 -28.28 -38.95
C THR N 144 87.59 -28.04 -39.85
N PRO N 145 87.42 -28.04 -41.17
CA PRO N 145 88.53 -27.75 -42.08
C PRO N 145 88.95 -26.29 -41.98
N GLY N 146 90.18 -26.03 -42.41
CA GLY N 146 90.74 -24.71 -42.27
C GLY N 146 91.31 -24.49 -40.88
N THR N 147 91.17 -23.27 -40.41
CA THR N 147 91.69 -22.95 -39.08
C THR N 147 90.59 -22.37 -38.20
N PRO N 148 90.60 -22.70 -36.90
CA PRO N 148 89.64 -22.08 -35.99
C PRO N 148 90.10 -20.69 -35.60
N PRO N 149 89.26 -19.67 -35.83
CA PRO N 149 89.63 -18.31 -35.42
C PRO N 149 89.60 -18.12 -33.91
N LYS N 150 90.38 -17.17 -33.45
CA LYS N 150 90.61 -17.00 -32.02
C LYS N 150 89.47 -16.22 -31.38
N PRO N 151 88.87 -16.72 -30.29
CA PRO N 151 87.89 -15.92 -29.55
C PRO N 151 88.57 -14.77 -28.83
N THR N 152 87.95 -13.58 -28.93
CA THR N 152 88.55 -12.35 -28.43
C THR N 152 87.46 -11.41 -27.98
N ALA N 153 87.83 -10.47 -27.12
CA ALA N 153 86.95 -9.40 -26.66
C ALA N 153 87.64 -8.07 -26.88
N THR N 154 86.97 -7.16 -27.60
CA THR N 154 87.59 -5.89 -27.98
C THR N 154 86.67 -4.71 -27.70
N SER N 155 87.26 -3.64 -27.20
CA SER N 155 86.61 -2.35 -27.03
C SER N 155 87.12 -1.38 -28.08
N GLN N 156 86.29 -0.39 -28.38
CA GLN N 156 86.58 0.58 -29.44
C GLN N 156 85.73 1.82 -29.21
N PHE N 157 86.30 2.98 -29.53
CA PHE N 157 85.58 4.25 -29.47
C PHE N 157 85.12 4.62 -30.87
N VAL N 158 83.80 4.69 -31.05
CA VAL N 158 83.24 5.12 -32.32
C VAL N 158 83.32 6.64 -32.41
N ASN N 159 83.91 7.14 -33.48
CA ASN N 159 84.00 8.57 -33.73
C ASN N 159 82.87 8.95 -34.69
N LEU N 160 82.24 10.10 -34.42
CA LEU N 160 81.04 10.49 -35.16
C LEU N 160 81.27 11.75 -35.98
N SER N 161 82.46 11.91 -36.55
CA SER N 161 82.67 12.93 -37.57
C SER N 161 81.97 12.50 -38.86
N PRO N 162 81.62 13.46 -39.73
CA PRO N 162 81.04 13.09 -41.03
C PRO N 162 81.96 12.27 -41.92
N GLY N 163 83.27 12.39 -41.79
CA GLY N 163 84.19 11.62 -42.59
C GLY N 163 84.76 10.41 -41.86
N SER N 164 84.10 10.00 -40.79
CA SER N 164 84.61 8.92 -39.95
C SER N 164 84.54 7.58 -40.66
N THR N 165 85.50 6.72 -40.34
CA THR N 165 85.56 5.40 -40.93
C THR N 165 84.43 4.51 -40.39
N PRO N 166 83.93 3.59 -41.21
CA PRO N 166 82.84 2.71 -40.75
C PRO N 166 83.35 1.69 -39.74
N PRO N 167 82.68 1.56 -38.59
CA PRO N 167 83.07 0.54 -37.62
C PRO N 167 82.69 -0.85 -38.09
N VAL N 168 83.70 -1.73 -38.10
CA VAL N 168 83.63 -3.07 -38.68
C VAL N 168 83.56 -4.09 -37.56
N ILE N 169 82.58 -4.98 -37.63
CA ILE N 169 82.34 -5.98 -36.59
C ILE N 169 82.60 -7.36 -37.18
N ARG N 170 83.55 -8.08 -36.59
CA ARG N 170 83.85 -9.44 -37.02
C ARG N 170 82.73 -10.39 -36.62
N LEU N 171 82.40 -11.33 -37.50
CA LEU N 171 81.33 -12.29 -37.26
C LEU N 171 81.84 -13.71 -37.45
N SER N 172 81.31 -14.61 -36.62
CA SER N 172 81.52 -16.04 -36.76
C SER N 172 80.18 -16.72 -36.85
N GLN N 173 80.02 -17.57 -37.86
CA GLN N 173 78.70 -18.12 -38.18
C GLN N 173 78.25 -19.13 -37.13
N GLY N 174 77.05 -18.89 -36.59
CA GLY N 174 76.52 -19.76 -35.58
C GLY N 174 77.03 -19.49 -34.18
N PHE N 175 77.65 -18.34 -33.95
CA PHE N 175 78.18 -18.00 -32.64
C PHE N 175 77.70 -16.61 -32.24
N VAL N 176 77.69 -16.38 -30.93
CA VAL N 176 77.06 -15.21 -30.35
C VAL N 176 78.11 -14.13 -30.09
N SER N 177 77.83 -12.91 -30.53
CA SER N 177 78.62 -11.74 -30.17
C SER N 177 77.75 -10.79 -29.37
N SER N 178 78.26 -10.34 -28.23
CA SER N 178 77.58 -9.40 -27.36
C SER N 178 78.15 -8.01 -27.60
N LEU N 179 77.28 -7.09 -28.04
CA LEU N 179 77.67 -5.73 -28.36
C LEU N 179 77.06 -4.78 -27.35
N VAL N 180 77.91 -3.97 -26.70
CA VAL N 180 77.48 -3.14 -25.58
C VAL N 180 77.81 -1.68 -25.90
N PHE N 181 76.80 -0.81 -25.80
CA PHE N 181 76.95 0.61 -26.05
C PHE N 181 77.13 1.35 -24.73
N LEU N 182 78.27 2.02 -24.58
CA LEU N 182 78.51 2.91 -23.46
C LEU N 182 79.03 4.24 -24.01
N ASP N 183 79.00 5.27 -23.19
CA ASP N 183 79.49 6.57 -23.62
C ASP N 183 80.99 6.68 -23.34
N SER N 184 81.52 7.89 -23.46
CA SER N 184 82.91 8.14 -23.13
C SER N 184 83.16 7.99 -21.64
N THR N 185 82.16 8.29 -20.80
CA THR N 185 82.25 8.00 -19.38
C THR N 185 82.01 6.54 -19.05
N GLY N 186 81.56 5.73 -20.03
CA GLY N 186 81.29 4.34 -19.79
C GLY N 186 79.88 4.03 -19.33
N ALA N 187 79.04 5.04 -19.15
CA ALA N 187 77.67 4.80 -18.74
C ALA N 187 76.86 4.27 -19.92
N PRO N 188 75.89 3.40 -19.67
CA PRO N 188 75.09 2.83 -20.77
C PRO N 188 74.18 3.88 -21.41
N TRP N 189 73.81 3.59 -22.66
CA TRP N 189 72.87 4.42 -23.42
C TRP N 189 71.85 3.48 -24.04
N PRO N 190 70.60 3.48 -23.57
CA PRO N 190 69.62 2.49 -24.03
C PRO N 190 69.24 2.68 -25.49
N ILE N 191 68.96 1.56 -26.14
CA ILE N 191 68.63 1.55 -27.56
C ILE N 191 67.13 1.79 -27.72
N ALA N 192 66.77 2.73 -28.58
CA ALA N 192 65.36 2.99 -28.84
C ALA N 192 64.84 2.15 -30.00
N ALA N 193 65.55 2.15 -31.12
CA ALA N 193 65.08 1.47 -32.32
C ALA N 193 66.27 1.10 -33.17
N TYR N 194 66.03 0.20 -34.12
CA TYR N 194 67.08 -0.18 -35.05
C TYR N 194 66.46 -0.59 -36.38
N ASP N 195 67.32 -0.68 -37.39
CA ASP N 195 66.95 -1.12 -38.73
C ASP N 195 68.00 -2.10 -39.21
N LEU N 196 67.56 -3.31 -39.53
CA LEU N 196 68.44 -4.40 -39.90
C LEU N 196 68.23 -4.75 -41.37
N GLY N 197 69.32 -4.76 -42.12
CA GLY N 197 69.31 -5.26 -43.49
C GLY N 197 69.82 -6.70 -43.51
N ASP N 198 69.16 -7.52 -44.35
CA ASP N 198 69.42 -8.95 -44.55
C ASP N 198 69.42 -9.74 -43.24
N PRO N 199 68.25 -10.05 -42.66
CA PRO N 199 68.21 -10.87 -41.45
C PRO N 199 68.67 -12.31 -41.65
N SER N 200 68.80 -12.80 -42.88
CA SER N 200 69.24 -14.17 -43.14
C SER N 200 70.70 -14.41 -42.80
N SER N 201 71.48 -13.35 -42.54
CA SER N 201 72.86 -13.52 -42.12
C SER N 201 73.07 -13.31 -40.64
N PHE N 202 72.18 -12.57 -39.97
CA PHE N 202 72.37 -12.21 -38.57
C PHE N 202 71.09 -12.48 -37.80
N ASN N 203 71.21 -13.20 -36.69
CA ASN N 203 70.07 -13.45 -35.81
C ASN N 203 70.10 -12.40 -34.70
N ILE N 204 69.00 -11.68 -34.55
CA ILE N 204 68.92 -10.54 -33.64
C ILE N 204 68.01 -10.91 -32.48
N GLN N 205 68.55 -10.87 -31.27
CA GLN N 205 67.76 -10.98 -30.05
C GLN N 205 68.08 -9.78 -29.18
N TRP N 206 67.04 -9.11 -28.70
CA TRP N 206 67.23 -7.84 -27.99
C TRP N 206 66.04 -7.58 -27.10
N ASP N 207 66.26 -7.60 -25.79
CA ASP N 207 65.27 -7.03 -24.88
C ASP N 207 65.17 -5.54 -25.13
N LYS N 208 63.95 -5.02 -25.06
CA LYS N 208 63.61 -3.75 -25.70
C LYS N 208 64.03 -2.53 -24.90
N THR N 209 64.96 -2.66 -23.94
CA THR N 209 65.35 -1.53 -23.12
C THR N 209 66.86 -1.40 -22.96
N SER N 210 67.59 -2.49 -23.19
CA SER N 210 69.01 -2.53 -22.83
C SER N 210 69.86 -1.79 -23.84
N ASN N 211 71.16 -1.74 -23.57
CA ASN N 211 72.17 -1.21 -24.49
C ASN N 211 73.04 -2.34 -25.05
N THR N 212 72.48 -3.53 -25.13
CA THR N 212 73.23 -4.72 -25.52
C THR N 212 72.49 -5.47 -26.62
N LEU N 213 73.26 -5.99 -27.57
CA LEU N 213 72.74 -6.80 -28.65
C LEU N 213 73.49 -8.12 -28.70
N MET N 214 72.75 -9.22 -28.59
CA MET N 214 73.31 -10.55 -28.72
C MET N 214 73.01 -11.03 -30.14
N ILE N 215 74.02 -11.02 -31.00
CA ILE N 215 73.84 -11.25 -32.43
C ILE N 215 74.50 -12.57 -32.80
N GLN N 216 73.77 -13.42 -33.51
CA GLN N 216 74.26 -14.69 -34.00
C GLN N 216 74.39 -14.60 -35.52
N ALA N 217 75.61 -14.78 -36.02
CA ALA N 217 75.83 -14.80 -37.46
C ALA N 217 75.31 -16.11 -38.04
N THR N 218 74.63 -16.03 -39.18
CA THR N 218 73.90 -17.17 -39.73
C THR N 218 74.49 -17.71 -41.02
N LYS N 219 75.11 -16.88 -41.84
CA LYS N 219 75.71 -17.33 -43.08
C LYS N 219 77.23 -17.21 -42.99
N LEU N 220 77.90 -17.65 -44.06
CA LEU N 220 79.36 -17.86 -44.01
C LEU N 220 80.16 -16.62 -44.41
N TYR N 221 79.99 -16.16 -45.65
CA TYR N 221 80.81 -15.08 -46.19
C TYR N 221 79.93 -14.00 -46.79
N ASN N 222 78.91 -13.57 -46.05
CA ASN N 222 78.00 -12.53 -46.50
C ASN N 222 77.96 -11.42 -45.46
N TYR N 223 78.32 -10.21 -45.88
CA TYR N 223 78.48 -9.08 -44.98
C TYR N 223 77.31 -8.12 -45.12
N GLY N 224 77.14 -7.28 -44.11
CA GLY N 224 75.97 -6.43 -44.07
C GLY N 224 76.19 -5.16 -43.29
N ASN N 225 75.10 -4.42 -43.10
CA ASN N 225 75.10 -3.14 -42.42
C ASN N 225 73.97 -3.10 -41.41
N LEU N 226 74.00 -2.10 -40.53
CA LEU N 226 73.03 -2.01 -39.46
C LEU N 226 72.88 -0.55 -39.03
N ALA N 227 71.63 -0.13 -38.78
CA ALA N 227 71.35 1.22 -38.32
C ALA N 227 70.77 1.16 -36.91
N VAL N 228 71.31 2.00 -36.02
CA VAL N 228 70.91 2.04 -34.62
C VAL N 228 70.50 3.46 -34.27
N ARG N 229 69.42 3.59 -33.49
CA ARG N 229 69.06 4.85 -32.85
C ARG N 229 68.84 4.58 -31.37
N LEU N 230 69.62 5.24 -30.52
CA LEU N 230 69.50 5.04 -29.09
C LEU N 230 68.37 5.90 -28.53
N ARG N 231 68.18 5.82 -27.21
CA ARG N 231 67.04 6.48 -26.58
C ARG N 231 67.20 8.00 -26.58
N GLY N 232 68.25 8.49 -25.92
CA GLY N 232 68.48 9.91 -25.91
C GLY N 232 69.27 10.44 -27.08
N LEU N 233 69.60 9.58 -28.04
CA LEU N 233 70.44 9.95 -29.15
C LEU N 233 69.60 10.45 -30.32
N ASN N 234 70.00 11.56 -30.91
CA ASN N 234 69.34 12.11 -32.08
C ASN N 234 69.99 11.71 -33.39
N THR N 235 71.30 11.50 -33.37
CA THR N 235 72.04 11.16 -34.60
C THR N 235 72.12 9.65 -34.75
N PRO N 236 71.56 9.07 -35.80
CA PRO N 236 71.64 7.62 -35.99
C PRO N 236 73.05 7.16 -36.31
N VAL N 237 73.35 5.92 -35.95
CA VAL N 237 74.69 5.36 -36.11
C VAL N 237 74.61 4.12 -37.01
N MET N 238 75.45 4.08 -38.03
CA MET N 238 75.47 3.01 -39.01
C MET N 238 76.78 2.25 -38.88
N LEU N 239 76.69 0.93 -38.77
CA LEU N 239 77.84 0.06 -38.57
C LEU N 239 77.84 -1.01 -39.64
N THR N 240 79.00 -1.61 -39.90
CA THR N 240 79.09 -2.69 -40.87
C THR N 240 79.64 -3.95 -40.21
N LEU N 241 79.12 -5.09 -40.64
CA LEU N 241 79.43 -6.39 -40.06
C LEU N 241 79.96 -7.31 -41.14
N ILE N 242 81.15 -7.86 -40.92
CA ILE N 242 81.83 -8.73 -41.88
C ILE N 242 82.06 -10.08 -41.22
N PRO N 243 81.66 -11.18 -41.85
CA PRO N 243 82.06 -12.49 -41.34
C PRO N 243 83.35 -12.97 -41.97
N GLY N 244 83.93 -14.04 -41.43
CA GLY N 244 85.15 -14.59 -42.00
C GLY N 244 86.41 -13.84 -41.62
N GLN N 245 86.69 -13.76 -40.33
CA GLN N 245 87.90 -13.12 -39.82
C GLN N 245 88.59 -14.04 -38.84
N LYS N 246 89.90 -13.80 -38.67
CA LYS N 246 90.73 -14.67 -37.86
C LYS N 246 90.53 -14.49 -36.36
N ALA N 247 89.79 -13.48 -35.94
CA ALA N 247 89.48 -13.27 -34.53
C ALA N 247 87.98 -13.27 -34.33
N VAL N 248 87.52 -14.00 -33.32
CA VAL N 248 86.11 -14.07 -32.98
C VAL N 248 85.84 -13.02 -31.92
N ASP N 249 84.97 -12.07 -32.23
CA ASP N 249 84.65 -10.99 -31.30
C ASP N 249 83.58 -11.50 -30.34
N TYR N 250 84.03 -12.02 -29.19
CA TYR N 250 83.08 -12.45 -28.17
C TYR N 250 82.40 -11.25 -27.51
N ARG N 251 83.05 -10.10 -27.49
CA ARG N 251 82.46 -8.87 -26.96
C ARG N 251 82.90 -7.70 -27.82
N VAL N 252 81.92 -6.99 -28.37
CA VAL N 252 82.15 -5.75 -29.10
C VAL N 252 81.70 -4.63 -28.17
N ASP N 253 82.66 -3.97 -27.54
CA ASP N 253 82.36 -2.87 -26.64
C ASP N 253 82.57 -1.57 -27.40
N LEU N 254 81.55 -0.72 -27.44
CA LEU N 254 81.62 0.52 -28.20
C LEU N 254 81.38 1.72 -27.28
N ARG N 255 82.18 2.76 -27.49
CA ARG N 255 82.11 4.00 -26.72
C ARG N 255 81.70 5.14 -27.64
N VAL N 256 80.73 5.93 -27.21
CA VAL N 256 80.26 7.06 -27.98
C VAL N 256 80.92 8.33 -27.45
N GLN N 257 81.00 9.34 -28.32
CA GLN N 257 81.56 10.62 -27.92
C GLN N 257 80.55 11.52 -27.23
N GLY N 258 79.28 11.15 -27.22
CA GLY N 258 78.27 11.81 -26.42
C GLY N 258 78.20 11.22 -25.04
N TYR N 259 77.07 11.45 -24.37
CA TYR N 259 76.84 10.94 -23.03
C TYR N 259 75.47 10.29 -22.96
N GLY N 260 75.40 9.11 -22.37
CA GLY N 260 74.14 8.46 -22.12
C GLY N 260 73.38 9.15 -21.02
N PRO N 261 72.09 8.83 -20.86
CA PRO N 261 71.30 9.45 -19.80
C PRO N 261 71.69 8.99 -18.40
N ASN N 262 72.41 7.88 -18.29
CA ASN N 262 72.93 7.42 -17.01
C ASN N 262 74.24 8.10 -16.62
N ALA N 263 74.81 8.91 -17.51
CA ALA N 263 76.09 9.53 -17.25
C ALA N 263 75.94 10.74 -16.34
N LYS N 264 77.08 11.19 -15.80
CA LYS N 264 77.09 12.38 -14.96
C LYS N 264 76.90 13.64 -15.79
N SER N 265 77.74 13.81 -16.82
CA SER N 265 77.62 14.82 -17.87
C SER N 265 77.65 16.24 -17.31
N MET N 266 78.76 16.57 -16.64
CA MET N 266 78.98 17.92 -16.12
C MET N 266 80.37 18.42 -16.50
N PRO N 267 80.53 18.94 -17.73
CA PRO N 267 81.76 19.67 -18.06
C PRO N 267 81.66 21.12 -17.64
N THR N 268 82.80 21.81 -17.66
CA THR N 268 82.86 23.20 -17.25
C THR N 268 83.62 24.03 -18.27
N GLU N 269 83.18 25.27 -18.45
CA GLU N 269 83.75 26.18 -19.44
C GLU N 269 84.13 27.49 -18.76
N GLU N 270 85.35 27.94 -18.99
CA GLU N 270 85.83 29.20 -18.44
C GLU N 270 86.27 30.10 -19.59
N GLY N 271 86.21 31.40 -19.36
CA GLY N 271 86.60 32.36 -20.38
C GLY N 271 87.20 33.63 -19.83
N ILE N 272 87.13 34.69 -20.61
CA ILE N 272 87.62 35.99 -20.14
C ILE N 272 86.63 36.56 -19.13
N PRO N 273 87.08 36.95 -17.94
CA PRO N 273 86.17 37.55 -16.95
C PRO N 273 85.69 38.91 -17.40
N PRO N 274 84.52 39.34 -16.95
CA PRO N 274 83.97 40.62 -17.40
C PRO N 274 84.76 41.81 -16.86
N SER N 275 84.58 42.94 -17.52
CA SER N 275 85.22 44.18 -17.14
C SER N 275 84.37 44.90 -16.10
N ALA N 276 84.70 46.16 -15.83
CA ALA N 276 83.98 46.93 -14.83
C ALA N 276 82.63 47.39 -15.38
N ASN N 277 81.84 48.00 -14.50
CA ASN N 277 80.51 48.45 -14.87
C ASN N 277 80.57 49.71 -15.71
N ASP N 278 79.68 49.80 -16.67
CA ASP N 278 79.48 51.04 -17.41
C ASP N 278 78.74 52.08 -16.59
N LEU N 279 78.08 51.65 -15.51
CA LEU N 279 77.48 52.57 -14.56
C LEU N 279 78.55 53.40 -13.83
N LEU N 280 79.75 52.85 -13.71
CA LEU N 280 80.82 53.53 -13.00
C LEU N 280 81.26 54.80 -13.70
N LEU N 281 81.06 54.89 -15.02
CA LEU N 281 81.39 56.12 -15.73
C LEU N 281 80.45 57.24 -15.35
N HIS N 282 79.14 56.93 -15.25
CA HIS N 282 78.18 57.92 -14.79
C HIS N 282 78.42 58.28 -13.34
N VAL N 283 78.85 57.29 -12.55
CA VAL N 283 79.22 57.56 -11.15
C VAL N 283 80.42 58.51 -11.09
N LEU N 284 81.41 58.28 -11.95
CA LEU N 284 82.62 59.09 -11.96
C LEU N 284 82.34 60.52 -12.39
N GLU N 285 81.49 60.69 -13.39
CA GLU N 285 81.16 62.05 -13.79
C GLU N 285 80.14 62.71 -12.88
N GLY N 286 79.46 61.94 -12.03
CA GLY N 286 78.66 62.51 -10.97
C GLY N 286 77.16 62.30 -11.07
N VAL N 287 76.66 61.86 -12.22
CA VAL N 287 75.22 61.61 -12.32
C VAL N 287 74.89 60.29 -11.61
N PRO N 288 73.94 60.30 -10.67
CA PRO N 288 73.61 59.07 -9.97
C PRO N 288 72.91 58.09 -10.89
N PRO N 289 72.99 56.79 -10.62
CA PRO N 289 72.22 55.84 -11.40
C PRO N 289 70.75 56.00 -11.13
N PRO N 290 69.89 55.76 -12.12
CA PRO N 290 68.46 55.83 -11.89
C PRO N 290 67.98 54.65 -11.05
N GLY N 291 66.93 54.91 -10.27
CA GLY N 291 66.35 53.90 -9.42
C GLY N 291 66.99 53.76 -8.06
N SER N 292 68.18 54.32 -7.86
CA SER N 292 68.84 54.27 -6.57
C SER N 292 68.30 55.37 -5.67
N ARG N 293 68.83 55.45 -4.46
CA ARG N 293 68.51 56.55 -3.56
C ARG N 293 69.79 57.16 -3.04
N ARG N 294 69.72 58.45 -2.72
CA ARG N 294 70.88 59.18 -2.26
C ARG N 294 71.26 58.74 -0.85
N LEU N 295 72.56 58.74 -0.58
CA LEU N 295 73.08 58.28 0.69
C LEU N 295 73.67 59.45 1.46
N VAL N 296 73.35 59.52 2.75
CA VAL N 296 73.82 60.61 3.59
C VAL N 296 75.28 60.33 3.97
N VAL N 297 76.16 61.27 3.65
CA VAL N 297 77.59 61.17 3.90
C VAL N 297 77.99 62.32 4.80
N SER N 298 78.83 62.05 5.79
CA SER N 298 79.30 63.10 6.67
C SER N 298 80.74 62.81 7.09
N GLY N 299 81.42 63.87 7.53
CA GLY N 299 82.79 63.80 7.96
C GLY N 299 83.79 64.29 6.92
N GLY N 300 83.38 64.35 5.65
CA GLY N 300 84.29 64.77 4.60
C GLY N 300 83.52 65.05 3.33
N ASP N 301 84.26 65.18 2.24
CA ASP N 301 83.69 65.54 0.94
C ASP N 301 83.68 64.33 0.02
N ALA N 302 82.54 63.65 -0.07
CA ALA N 302 82.36 62.51 -0.95
C ALA N 302 80.87 62.32 -1.18
N ARG N 303 80.56 61.59 -2.25
CA ARG N 303 79.18 61.26 -2.59
C ARG N 303 79.04 59.75 -2.72
N ALA N 304 77.85 59.24 -2.42
CA ALA N 304 77.62 57.80 -2.45
C ALA N 304 76.20 57.49 -2.87
N TRP N 305 76.04 56.39 -3.60
CA TRP N 305 74.73 55.91 -4.02
C TRP N 305 74.68 54.40 -3.89
N LEU N 306 73.45 53.90 -3.72
CA LEU N 306 73.20 52.48 -3.49
C LEU N 306 71.99 52.04 -4.29
N SER N 307 72.19 51.12 -5.23
CA SER N 307 71.12 50.64 -6.09
C SER N 307 70.86 49.15 -5.93
N ASN N 308 71.89 48.32 -6.06
CA ASN N 308 71.71 46.88 -6.11
C ASN N 308 72.56 46.23 -5.04
N GLU N 309 72.46 46.76 -3.82
CA GLU N 309 73.20 46.32 -2.63
C GLU N 309 74.70 46.47 -2.78
N LYS N 310 75.14 47.33 -3.70
CA LYS N 310 76.53 47.66 -3.91
C LYS N 310 76.64 49.17 -3.94
N MET N 311 77.50 49.74 -3.10
CA MET N 311 77.60 51.18 -3.01
C MET N 311 78.69 51.69 -3.95
N TYR N 312 78.37 52.80 -4.61
CA TYR N 312 79.29 53.47 -5.51
C TYR N 312 79.60 54.83 -4.93
N VAL N 313 80.88 55.13 -4.78
CA VAL N 313 81.33 56.30 -4.04
C VAL N 313 82.29 57.10 -4.91
N ARG N 314 82.00 58.39 -5.06
CA ARG N 314 82.82 59.32 -5.82
C ARG N 314 83.46 60.31 -4.87
N THR N 315 84.78 60.44 -4.94
CA THR N 315 85.49 61.41 -4.11
C THR N 315 86.78 61.80 -4.83
N ASN N 316 87.56 62.64 -4.16
CA ASN N 316 88.90 62.97 -4.61
C ASN N 316 89.95 62.45 -3.65
N LEU N 317 89.62 61.43 -2.88
CA LEU N 317 90.48 60.88 -1.86
C LEU N 317 90.69 59.39 -2.09
N THR N 318 91.54 58.78 -1.27
CA THR N 318 91.89 57.37 -1.39
C THR N 318 91.34 56.61 -0.19
N ILE N 319 90.58 55.56 -0.46
CA ILE N 319 89.95 54.77 0.59
C ILE N 319 90.91 53.68 1.04
N LEU N 320 90.77 53.24 2.29
CA LEU N 320 91.70 52.29 2.86
C LEU N 320 91.07 50.98 3.31
N SER N 321 90.05 51.03 4.17
CA SER N 321 89.68 49.82 4.90
C SER N 321 88.95 48.73 4.12
N PRO N 322 87.72 48.93 3.63
CA PRO N 322 86.85 47.77 3.41
C PRO N 322 87.05 47.05 2.09
N GLY N 323 88.01 47.48 1.26
CA GLY N 323 88.15 46.92 -0.07
C GLY N 323 87.08 47.43 -1.02
N TRP N 324 87.20 47.01 -2.28
CA TRP N 324 86.23 47.41 -3.28
C TRP N 324 86.22 46.40 -4.40
N LEU N 325 85.15 46.43 -5.19
CA LEU N 325 85.03 45.53 -6.31
C LEU N 325 85.61 46.12 -7.58
N ALA N 326 85.46 47.43 -7.80
CA ALA N 326 85.97 48.01 -9.03
C ALA N 326 86.37 49.46 -8.80
N SER N 327 87.26 49.96 -9.66
CA SER N 327 87.81 51.29 -9.47
C SER N 327 87.96 52.02 -10.79
N MET N 328 87.60 53.31 -10.77
CA MET N 328 87.67 54.19 -11.93
C MET N 328 88.34 55.50 -11.54
N THR N 329 89.02 56.11 -12.51
CA THR N 329 89.74 57.35 -12.30
C THR N 329 89.35 58.36 -13.37
N SER N 330 89.18 59.61 -12.96
CA SER N 330 88.91 60.69 -13.91
C SER N 330 90.25 61.28 -14.36
N ALA N 331 90.17 62.41 -15.07
CA ALA N 331 91.36 63.12 -15.44
C ALA N 331 91.87 64.04 -14.34
N ASP N 332 91.06 64.31 -13.32
CA ASP N 332 91.39 65.29 -12.30
C ASP N 332 91.70 64.65 -10.95
N GLY N 333 92.14 63.40 -10.96
CA GLY N 333 92.39 62.71 -9.72
C GLY N 333 91.15 62.35 -8.95
N THR N 334 90.01 62.30 -9.61
CA THR N 334 88.75 61.93 -8.98
C THR N 334 88.61 60.41 -9.03
N HIS N 335 88.43 59.81 -7.86
CA HIS N 335 88.34 58.37 -7.72
C HIS N 335 86.90 57.94 -7.51
N ALA N 336 86.47 56.93 -8.27
CA ALA N 336 85.17 56.32 -8.10
C ALA N 336 85.36 54.85 -7.77
N TYR N 337 84.64 54.37 -6.76
CA TYR N 337 84.78 53.00 -6.32
C TYR N 337 83.43 52.30 -6.29
N GLU N 338 83.45 51.01 -6.60
CA GLU N 338 82.30 50.13 -6.42
C GLU N 338 82.68 49.08 -5.39
N MET N 339 81.88 49.00 -4.32
CA MET N 339 82.21 48.14 -3.19
C MET N 339 80.94 47.64 -2.52
N GLN N 340 81.13 46.74 -1.55
CA GLN N 340 80.04 46.26 -0.71
C GLN N 340 79.61 47.34 0.28
N LYS N 341 78.37 47.23 0.75
CA LYS N 341 77.83 48.21 1.67
C LYS N 341 78.44 48.07 3.05
N SER N 342 78.83 49.21 3.63
CA SER N 342 79.42 49.27 4.95
C SER N 342 79.27 50.69 5.45
N PRO N 343 78.96 50.90 6.72
CA PRO N 343 78.71 52.27 7.21
C PRO N 343 79.95 53.06 7.57
N VAL N 344 81.14 52.49 7.38
CA VAL N 344 82.37 53.08 7.91
C VAL N 344 83.48 52.94 6.88
N LEU N 345 84.26 54.00 6.72
CA LEU N 345 85.33 54.03 5.74
C LEU N 345 86.60 54.60 6.36
N LEU N 346 87.75 54.18 5.83
CA LEU N 346 89.04 54.73 6.23
C LEU N 346 89.69 55.37 5.03
N VAL N 347 90.18 56.58 5.19
CA VAL N 347 90.73 57.37 4.10
C VAL N 347 91.98 58.07 4.58
N SER N 348 93.08 57.94 3.84
CA SER N 348 94.22 58.83 4.04
C SER N 348 93.93 60.15 3.36
N TRP N 349 94.04 61.25 4.11
CA TRP N 349 93.72 62.56 3.58
C TRP N 349 94.96 63.24 3.00
N HIS N 350 95.93 63.55 3.85
CA HIS N 350 97.19 64.15 3.43
C HIS N 350 98.34 63.48 4.15
N GLY N 351 98.32 62.15 4.19
CA GLY N 351 99.20 61.40 5.04
C GLY N 351 98.66 61.16 6.43
N LYS N 352 97.45 61.63 6.72
CA LYS N 352 96.81 61.45 8.01
C LYS N 352 95.56 60.62 7.83
N VAL N 353 95.34 59.69 8.75
CA VAL N 353 94.23 58.75 8.66
C VAL N 353 92.94 59.45 9.07
N MET N 354 91.84 59.05 8.44
CA MET N 354 90.56 59.69 8.67
C MET N 354 89.46 58.64 8.63
N GLN N 355 88.50 58.77 9.54
CA GLN N 355 87.33 57.90 9.58
C GLN N 355 86.15 58.60 8.94
N LEU N 356 85.33 57.82 8.24
CA LEU N 356 84.15 58.35 7.54
C LEU N 356 82.94 57.55 7.98
N LYS N 357 81.92 58.25 8.48
CA LYS N 357 80.68 57.64 8.93
C LYS N 357 79.59 57.93 7.90
N VAL N 358 78.95 56.86 7.41
CA VAL N 358 77.87 56.95 6.44
C VAL N 358 76.71 56.13 6.97
N GLU N 359 75.54 56.75 7.04
CA GLU N 359 74.35 56.07 7.52
C GLU N 359 73.31 56.02 6.39
N GLY N 360 72.11 55.59 6.74
CA GLY N 360 71.07 55.43 5.76
C GLY N 360 71.13 54.13 4.98
N LEU N 361 72.02 53.22 5.35
CA LEU N 361 72.10 51.92 4.70
C LEU N 361 70.90 51.06 5.09
N VAL O 38 44.95 86.78 -11.45
CA VAL O 38 44.69 88.17 -11.83
C VAL O 38 45.83 89.17 -11.44
N PRO O 39 46.35 89.19 -10.19
CA PRO O 39 47.52 90.06 -9.96
C PRO O 39 48.80 89.51 -10.53
N LYS O 40 48.82 88.22 -10.91
CA LYS O 40 50.00 87.63 -11.54
C LYS O 40 50.23 88.21 -12.93
N LEU O 41 49.16 88.54 -13.65
CA LEU O 41 49.30 89.28 -14.89
C LEU O 41 49.78 90.69 -14.58
N PRO O 42 50.67 91.26 -15.40
CA PRO O 42 51.20 92.59 -15.11
C PRO O 42 50.16 93.68 -15.27
N CYS O 43 50.33 94.74 -14.49
CA CYS O 43 49.40 95.86 -14.48
C CYS O 43 49.94 97.08 -15.21
N ARG O 44 51.15 97.50 -14.89
CA ARG O 44 51.76 98.66 -15.52
C ARG O 44 53.23 98.33 -15.79
N VAL O 45 53.93 99.28 -16.40
CA VAL O 45 55.38 99.16 -16.51
C VAL O 45 56.00 99.40 -15.15
N ASP O 46 56.91 98.51 -14.75
CA ASP O 46 57.45 98.50 -13.40
C ASP O 46 58.30 99.73 -13.13
N GLY O 47 57.96 100.46 -12.08
CA GLY O 47 58.65 101.71 -11.77
C GLY O 47 58.44 102.80 -12.79
N ALA O 48 57.22 102.93 -13.32
CA ALA O 48 56.91 103.94 -14.31
C ALA O 48 55.73 104.77 -13.84
N CYS O 49 55.83 106.08 -14.04
CA CYS O 49 54.74 107.00 -13.71
C CYS O 49 54.83 108.21 -14.62
N ASP O 50 53.77 108.42 -15.40
CA ASP O 50 53.77 109.47 -16.42
C ASP O 50 53.84 110.86 -15.81
N ALA O 51 53.26 111.04 -14.61
CA ALA O 51 53.35 112.32 -13.93
C ALA O 51 54.79 112.64 -13.54
N THR O 52 55.51 111.63 -13.04
CA THR O 52 56.93 111.79 -12.76
C THR O 52 57.72 112.07 -14.02
N ILE O 53 57.34 111.42 -15.12
CA ILE O 53 58.03 111.59 -16.39
C ILE O 53 57.89 113.03 -16.90
N ILE O 54 56.65 113.53 -16.92
CA ILE O 54 56.42 114.88 -17.43
C ILE O 54 57.00 115.91 -16.47
N LYS O 55 56.99 115.62 -15.16
CA LYS O 55 57.58 116.55 -14.20
C LYS O 55 59.09 116.64 -14.38
N MET O 56 59.77 115.51 -14.56
CA MET O 56 61.21 115.56 -14.68
C MET O 56 61.65 116.11 -16.03
N MET O 57 60.88 115.88 -17.11
CA MET O 57 61.27 116.50 -18.37
C MET O 57 60.97 117.99 -18.37
N THR O 58 59.94 118.42 -17.63
CA THR O 58 59.72 119.84 -17.42
C THR O 58 60.86 120.46 -16.63
N ASP O 59 61.39 119.72 -15.65
CA ASP O 59 62.53 120.20 -14.87
C ASP O 59 63.78 120.32 -15.74
N LEU O 60 63.98 119.37 -16.65
CA LEU O 60 65.13 119.44 -17.55
C LEU O 60 65.00 120.62 -18.52
N ASN O 61 63.80 120.85 -19.04
CA ASN O 61 63.61 121.97 -19.95
C ASN O 61 63.71 123.30 -19.22
N LYS O 62 63.27 123.37 -17.96
CA LYS O 62 63.42 124.61 -17.20
C LYS O 62 64.83 124.79 -16.67
N LYS O 63 65.63 123.73 -16.62
CA LYS O 63 67.05 123.87 -16.33
C LYS O 63 67.89 124.02 -17.59
N GLY O 64 67.27 123.97 -18.76
CA GLY O 64 67.91 124.40 -19.98
C GLY O 64 68.32 123.30 -20.94
N ILE O 65 68.15 122.04 -20.57
CA ILE O 65 68.47 120.95 -21.47
C ILE O 65 67.36 120.82 -22.49
N LYS O 66 67.70 120.80 -23.77
CA LYS O 66 66.69 120.82 -24.82
C LYS O 66 66.07 119.43 -24.93
N VAL O 67 64.79 119.32 -24.58
CA VAL O 67 64.05 118.07 -24.64
C VAL O 67 62.99 118.22 -25.73
N ALA O 68 63.10 117.43 -26.79
CA ALA O 68 62.19 117.48 -27.91
C ALA O 68 61.46 116.15 -28.03
N SER O 69 60.13 116.22 -28.01
CA SER O 69 59.26 115.06 -28.17
C SER O 69 58.39 115.30 -29.40
N VAL O 70 58.55 114.43 -30.40
CA VAL O 70 57.81 114.58 -31.66
C VAL O 70 57.52 113.17 -32.19
N GLY O 71 56.23 112.88 -32.39
CA GLY O 71 55.79 111.54 -32.75
C GLY O 71 56.09 110.57 -31.63
N GLN O 72 57.05 109.69 -31.86
CA GLN O 72 57.66 108.91 -30.80
C GLN O 72 59.16 109.11 -30.74
N ASN O 73 59.76 109.75 -31.72
CA ASN O 73 61.20 109.98 -31.75
C ASN O 73 61.52 111.13 -30.81
N TYR O 74 62.37 110.86 -29.82
CA TYR O 74 62.67 111.83 -28.78
C TYR O 74 64.16 112.15 -28.80
N LEU O 75 64.46 113.45 -28.72
CA LEU O 75 65.81 113.97 -28.89
C LEU O 75 66.17 114.87 -27.72
N ILE O 76 67.41 114.76 -27.23
CA ILE O 76 67.86 115.57 -26.11
C ILE O 76 69.20 116.20 -26.45
N SER O 77 69.24 117.53 -26.43
CA SER O 77 70.44 118.30 -26.73
C SER O 77 70.97 118.93 -25.46
N ILE O 78 72.27 118.77 -25.24
CA ILE O 78 72.94 119.33 -24.06
C ILE O 78 74.09 120.20 -24.51
N PRO O 79 74.27 121.39 -23.93
CA PRO O 79 75.47 122.19 -24.25
C PRO O 79 76.72 121.61 -23.60
N ALA O 80 77.83 121.68 -24.33
CA ALA O 80 79.07 121.07 -23.87
C ALA O 80 79.74 121.84 -22.75
N SER O 81 79.37 123.09 -22.54
CA SER O 81 79.99 123.91 -21.50
C SER O 81 79.62 123.44 -20.10
N ALA O 82 78.48 122.77 -19.95
CA ALA O 82 78.12 122.17 -18.68
C ALA O 82 78.75 120.80 -18.48
N LEU O 83 79.52 120.32 -19.45
CA LEU O 83 80.01 118.95 -19.43
C LEU O 83 81.52 118.86 -19.41
N PHE O 84 82.22 119.63 -20.24
CA PHE O 84 83.65 119.50 -20.36
C PHE O 84 84.33 120.85 -20.18
N ALA O 85 85.64 120.84 -20.34
CA ALA O 85 86.42 122.06 -20.40
C ALA O 85 86.56 122.50 -21.86
N ASP O 86 87.49 123.41 -22.12
CA ASP O 86 87.63 124.01 -23.45
C ASP O 86 88.23 122.98 -24.40
N GLN O 87 87.35 122.31 -25.16
CA GLN O 87 87.71 121.38 -26.23
C GLN O 87 88.56 120.22 -25.74
N SER O 88 88.27 119.74 -24.54
CA SER O 88 89.00 118.63 -23.98
C SER O 88 88.03 117.61 -23.41
N PRO O 89 88.31 116.31 -23.58
CA PRO O 89 87.37 115.27 -23.12
C PRO O 89 87.64 114.84 -21.68
N ARG O 90 87.61 115.79 -20.76
CA ARG O 90 87.71 115.49 -19.34
C ARG O 90 86.45 115.96 -18.64
N LEU O 91 85.84 115.09 -17.86
CA LEU O 91 84.53 115.34 -17.29
C LEU O 91 84.64 116.15 -16.01
N ASN O 92 83.78 117.17 -15.89
CA ASN O 92 83.65 117.88 -14.63
C ASN O 92 82.92 117.02 -13.61
N TRP O 93 83.20 117.27 -12.34
CA TRP O 93 82.68 116.38 -11.30
C TRP O 93 81.20 116.59 -11.03
N ALA O 94 80.71 117.82 -11.17
CA ALA O 94 79.31 118.10 -10.83
C ALA O 94 78.33 117.54 -11.85
N SER O 95 78.80 117.14 -13.02
CA SER O 95 77.92 116.67 -14.09
C SER O 95 77.36 115.27 -13.83
N TYR O 96 77.88 114.56 -12.82
CA TYR O 96 77.45 113.20 -12.57
C TYR O 96 76.01 113.12 -12.11
N SER O 97 75.57 114.10 -11.30
CA SER O 97 74.18 114.12 -10.84
C SER O 97 73.22 114.33 -12.00
N LEU O 98 73.53 115.26 -12.91
CA LEU O 98 72.66 115.52 -14.03
C LEU O 98 72.68 114.38 -15.03
N LEU O 99 73.84 113.73 -15.20
CA LEU O 99 73.91 112.55 -16.06
C LEU O 99 73.12 111.39 -15.46
N ASN O 100 73.16 111.27 -14.14
CA ASN O 100 72.34 110.29 -13.43
C ASN O 100 70.86 110.57 -13.63
N GLU O 101 70.49 111.84 -13.63
CA GLU O 101 69.10 112.23 -13.90
C GLU O 101 68.69 111.88 -15.33
N ILE O 102 69.60 112.10 -16.28
CA ILE O 102 69.34 111.75 -17.68
C ILE O 102 69.14 110.25 -17.83
N ALA O 103 69.98 109.45 -17.15
CA ALA O 103 69.84 108.01 -17.19
C ALA O 103 68.54 107.55 -16.53
N ALA O 104 68.15 108.23 -15.44
CA ALA O 104 66.89 107.89 -14.76
C ALA O 104 65.69 108.19 -15.63
N PHE O 105 65.72 109.31 -16.36
CA PHE O 105 64.63 109.61 -17.28
C PHE O 105 64.62 108.65 -18.46
N LEU O 106 65.80 108.28 -18.96
CA LEU O 106 65.88 107.38 -20.10
C LEU O 106 65.42 105.97 -19.73
N LYS O 107 65.61 105.57 -18.47
CA LYS O 107 65.19 104.26 -18.02
C LYS O 107 63.67 104.09 -18.02
N GLN O 108 62.92 105.19 -18.03
CA GLN O 108 61.47 105.12 -18.00
C GLN O 108 60.88 104.53 -19.27
N PHE O 109 61.54 104.69 -20.40
CA PHE O 109 60.96 104.28 -21.68
C PHE O 109 61.57 102.98 -22.16
N ARG O 110 60.91 102.38 -23.15
CA ARG O 110 61.36 101.16 -23.78
C ARG O 110 61.91 101.47 -25.16
N LYS O 111 63.11 100.98 -25.45
CA LYS O 111 63.85 101.36 -26.64
C LYS O 111 64.37 100.11 -27.33
N ILE O 112 65.05 100.32 -28.45
CA ILE O 112 65.87 99.28 -29.06
C ILE O 112 67.28 99.83 -29.25
N ALA O 113 67.38 100.98 -29.91
CA ALA O 113 68.66 101.58 -30.23
C ALA O 113 68.65 103.07 -29.88
N ILE O 114 69.71 103.50 -29.21
CA ILE O 114 69.94 104.91 -28.92
C ILE O 114 71.14 105.35 -29.73
N THR O 115 71.18 106.63 -30.10
CA THR O 115 72.29 107.16 -30.86
C THR O 115 72.77 108.47 -30.24
N VAL O 116 74.08 108.58 -30.06
CA VAL O 116 74.71 109.77 -29.52
C VAL O 116 75.56 110.39 -30.62
N THR O 117 75.36 111.70 -30.84
CA THR O 117 76.15 112.46 -31.78
C THR O 117 76.76 113.66 -31.07
N SER O 118 77.99 113.97 -31.42
CA SER O 118 78.70 115.07 -30.80
C SER O 118 79.08 116.13 -31.83
N TYR O 119 78.96 117.40 -31.45
CA TYR O 119 79.27 118.52 -32.33
C TYR O 119 79.99 119.60 -31.55
N SER O 120 80.81 120.36 -32.27
CA SER O 120 81.64 121.39 -31.65
C SER O 120 81.84 122.51 -32.66
N SER O 121 82.86 123.33 -32.44
CA SER O 121 83.23 124.41 -33.34
C SER O 121 84.62 124.14 -33.91
N LYS O 122 84.93 124.83 -35.01
CA LYS O 122 86.20 124.62 -35.71
C LYS O 122 87.33 125.30 -34.95
N TYR O 123 88.36 124.53 -34.61
CA TYR O 123 89.49 125.03 -33.84
C TYR O 123 90.82 124.86 -34.54
N VAL O 124 91.14 123.67 -35.02
CA VAL O 124 92.46 123.39 -35.58
C VAL O 124 92.32 122.86 -37.00
N SER O 125 91.61 121.76 -37.15
CA SER O 125 91.53 121.04 -38.41
C SER O 125 90.13 120.43 -38.49
N VAL O 126 89.97 119.44 -39.35
CA VAL O 126 88.83 118.56 -39.21
C VAL O 126 89.14 117.41 -38.25
N LYS O 127 90.40 116.97 -38.24
CA LYS O 127 90.76 115.72 -37.59
C LYS O 127 90.70 115.83 -36.07
N ARG O 128 91.21 116.94 -35.53
CA ARG O 128 91.24 117.13 -34.08
C ARG O 128 89.84 117.24 -33.51
N GLU O 129 88.97 117.99 -34.18
CA GLU O 129 87.61 118.15 -33.71
C GLU O 129 86.81 116.86 -33.87
N ARG O 130 87.06 116.11 -34.95
CA ARG O 130 86.42 114.81 -35.12
C ARG O 130 86.82 113.85 -34.01
N ALA O 131 88.11 113.83 -33.67
CA ALA O 131 88.59 112.97 -32.60
C ALA O 131 88.02 113.38 -31.25
N LEU O 132 87.92 114.70 -31.01
CA LEU O 132 87.38 115.18 -29.75
C LEU O 132 85.91 114.83 -29.60
N THR O 133 85.12 115.02 -30.66
CA THR O 133 83.71 114.68 -30.63
C THR O 133 83.52 113.17 -30.44
N LEU O 134 84.34 112.36 -31.13
CA LEU O 134 84.25 110.92 -30.98
C LEU O 134 84.62 110.48 -29.57
N ALA O 135 85.61 111.14 -28.96
CA ALA O 135 86.03 110.78 -27.62
C ALA O 135 84.96 111.12 -26.59
N ARG O 136 84.36 112.31 -26.72
CA ARG O 136 83.30 112.70 -25.79
C ARG O 136 82.08 111.80 -25.92
N SER O 137 81.70 111.48 -27.16
CA SER O 137 80.59 110.55 -27.38
C SER O 137 80.91 109.16 -26.87
N ARG O 138 82.17 108.74 -27.02
CA ARG O 138 82.58 107.42 -26.56
C ARG O 138 82.52 107.32 -25.04
N VAL O 139 82.99 108.34 -24.34
CA VAL O 139 83.00 108.25 -22.88
C VAL O 139 81.60 108.36 -22.30
N VAL O 140 80.74 109.19 -22.91
CA VAL O 140 79.37 109.26 -22.39
C VAL O 140 78.60 107.99 -22.72
N SER O 141 78.89 107.38 -23.88
CA SER O 141 78.23 106.12 -24.24
C SER O 141 78.68 105.00 -23.33
N GLU O 142 79.97 104.99 -22.98
CA GLU O 142 80.48 103.96 -22.09
C GLU O 142 79.89 104.08 -20.70
N TYR O 143 79.79 105.30 -20.18
CA TYR O 143 79.18 105.47 -18.87
C TYR O 143 77.70 105.11 -18.88
N LEU O 144 77.00 105.48 -19.95
CA LEU O 144 75.57 105.19 -20.01
C LEU O 144 75.30 103.70 -20.18
N TRP O 145 76.16 103.01 -20.95
CA TRP O 145 76.02 101.56 -21.08
C TRP O 145 76.37 100.86 -19.78
N SER O 146 77.31 101.41 -19.01
CA SER O 146 77.55 100.90 -17.67
C SER O 146 76.34 101.13 -16.77
N GLN O 147 75.67 102.26 -16.95
CA GLN O 147 74.42 102.50 -16.24
C GLN O 147 73.33 101.58 -16.75
N GLY O 148 72.33 101.35 -15.90
CA GLY O 148 71.31 100.38 -16.19
C GLY O 148 70.16 100.91 -17.03
N VAL O 149 70.38 101.09 -18.32
CA VAL O 149 69.33 101.44 -19.26
C VAL O 149 69.18 100.29 -20.25
N ASP O 150 67.96 99.76 -20.36
CA ASP O 150 67.71 98.56 -21.15
C ASP O 150 67.67 98.92 -22.63
N SER O 151 68.86 99.07 -23.20
CA SER O 151 69.00 99.22 -24.63
C SER O 151 69.61 97.97 -25.22
N ARG O 152 69.31 97.73 -26.49
CA ARG O 152 69.98 96.68 -27.24
C ARG O 152 71.16 97.19 -28.03
N ILE O 153 71.08 98.42 -28.54
CA ILE O 153 72.15 99.01 -29.34
C ILE O 153 72.36 100.44 -28.86
N ILE O 154 73.62 100.77 -28.58
CA ILE O 154 74.02 102.16 -28.41
C ILE O 154 75.03 102.51 -29.51
N PHE O 155 74.67 103.48 -30.34
CA PHE O 155 75.54 104.03 -31.36
C PHE O 155 76.19 105.29 -30.84
N THR O 156 77.46 105.47 -31.16
CA THR O 156 78.19 106.69 -30.79
C THR O 156 78.96 107.19 -31.99
N GLN O 157 78.86 108.51 -32.23
CA GLN O 157 79.61 109.18 -33.29
C GLN O 157 79.67 110.68 -33.02
N GLY O 158 80.63 111.32 -33.68
CA GLY O 158 80.76 112.75 -33.61
C GLY O 158 81.20 113.29 -34.96
N LEU O 159 80.86 114.56 -35.21
CA LEU O 159 81.07 115.15 -36.53
C LEU O 159 81.83 116.47 -36.50
N GLY O 160 82.38 116.86 -35.36
CA GLY O 160 83.15 118.08 -35.30
C GLY O 160 82.30 119.33 -35.39
N SER O 161 82.42 120.06 -36.50
CA SER O 161 81.70 121.30 -36.70
C SER O 161 81.04 121.37 -38.07
N ASP O 162 80.86 120.23 -38.73
CA ASP O 162 80.37 120.23 -40.09
C ASP O 162 78.86 120.41 -40.18
N LYS O 163 78.14 120.31 -39.06
CA LYS O 163 76.70 120.47 -39.04
C LYS O 163 76.36 121.59 -38.06
N PRO O 164 76.34 122.83 -38.52
CA PRO O 164 76.01 123.94 -37.62
C PRO O 164 74.52 123.99 -37.33
N ILE O 165 74.19 124.78 -36.31
CA ILE O 165 72.80 125.03 -35.98
C ILE O 165 72.42 126.50 -36.07
N THR O 166 73.39 127.41 -35.98
CA THR O 166 73.15 128.84 -36.14
C THR O 166 74.41 129.45 -36.70
N SER O 167 74.26 130.41 -37.61
CA SER O 167 75.41 131.07 -38.25
C SER O 167 76.22 131.93 -37.28
N TYR O 168 75.68 132.25 -36.11
CA TYR O 168 76.42 133.00 -35.10
C TYR O 168 77.58 132.16 -34.58
N THR O 169 78.80 132.69 -34.69
CA THR O 169 80.00 131.91 -34.44
C THR O 169 81.00 132.69 -33.60
N LEU O 170 80.53 133.36 -32.57
CA LEU O 170 81.44 134.12 -31.72
C LEU O 170 81.99 133.30 -30.55
N GLY O 171 81.15 132.55 -29.86
CA GLY O 171 81.61 131.75 -28.74
C GLY O 171 82.40 130.53 -29.19
N GLY O 172 83.19 130.01 -28.25
CA GLY O 172 83.98 128.82 -28.52
C GLY O 172 83.25 127.59 -28.04
N ASP O 173 83.70 127.03 -26.91
CA ASP O 173 82.92 126.00 -26.25
C ASP O 173 81.64 126.56 -25.62
N ARG O 174 81.57 127.88 -25.43
CA ARG O 174 80.34 128.53 -24.99
C ARG O 174 79.28 128.62 -26.07
N SER O 175 79.62 128.31 -27.32
CA SER O 175 78.65 128.32 -28.39
C SER O 175 77.65 127.18 -28.21
N PRO O 176 76.39 127.37 -28.64
CA PRO O 176 75.43 126.26 -28.60
C PRO O 176 75.75 125.13 -29.55
N ASN O 177 76.57 125.39 -30.57
CA ASN O 177 77.00 124.34 -31.50
C ASN O 177 77.91 123.33 -30.82
N ALA O 178 78.58 123.71 -29.73
CA ALA O 178 79.23 122.72 -28.88
C ALA O 178 78.13 121.98 -28.12
N ARG O 179 77.69 120.87 -28.70
CA ARG O 179 76.48 120.22 -28.25
C ARG O 179 76.64 118.71 -28.32
N VAL O 180 75.83 118.03 -27.54
CA VAL O 180 75.74 116.57 -27.58
C VAL O 180 74.27 116.20 -27.68
N GLU O 181 73.94 115.35 -28.65
CA GLU O 181 72.56 114.97 -28.93
C GLU O 181 72.39 113.49 -28.72
N ILE O 182 71.38 113.12 -27.93
CA ILE O 182 71.00 111.73 -27.71
C ILE O 182 69.59 111.54 -28.24
N THR O 183 69.45 110.68 -29.24
CA THR O 183 68.18 110.47 -29.90
C THR O 183 67.79 109.00 -29.83
N PHE O 184 66.49 108.76 -29.66
CA PHE O 184 66.00 107.39 -29.69
C PHE O 184 64.54 107.37 -30.10
N ARG O 185 64.12 106.21 -30.59
CA ARG O 185 62.73 105.95 -30.94
C ARG O 185 62.09 105.12 -29.84
N ARG O 186 60.96 105.58 -29.33
CA ARG O 186 60.24 104.81 -28.33
C ARG O 186 59.62 103.59 -28.97
N ALA O 187 59.84 102.43 -28.37
CA ALA O 187 59.37 101.17 -28.92
C ALA O 187 57.99 100.85 -28.34
N VAL O 188 56.98 100.81 -29.22
CA VAL O 188 55.58 100.53 -28.90
C VAL O 188 55.01 101.43 -27.81
N CYS P 42 87.22 124.02 -2.46
CA CYS P 42 88.51 123.95 -1.80
C CYS P 42 89.24 122.65 -2.14
N PHE P 43 88.55 121.75 -2.83
CA PHE P 43 89.10 120.45 -3.14
C PHE P 43 88.46 119.91 -4.40
N HIS P 44 89.19 119.05 -5.11
CA HIS P 44 88.68 118.32 -6.26
C HIS P 44 88.85 116.83 -6.01
N PRO P 45 87.76 116.07 -5.92
CA PRO P 45 87.87 114.60 -5.71
C PRO P 45 88.57 113.87 -6.84
N PRO P 46 88.49 114.32 -8.13
CA PRO P 46 89.46 113.77 -9.09
C PRO P 46 90.86 114.33 -8.92
N TYR P 47 91.62 113.73 -8.00
CA TYR P 47 93.07 113.87 -7.81
C TYR P 47 93.52 115.26 -7.35
N ASN P 48 92.60 116.21 -7.15
CA ASN P 48 92.90 117.61 -6.84
C ASN P 48 93.84 118.22 -7.88
N ASN P 49 93.60 117.86 -9.15
CA ASN P 49 94.43 118.23 -10.29
C ASN P 49 95.89 117.83 -10.09
N PHE P 50 96.08 116.66 -9.47
CA PHE P 50 97.39 116.08 -9.15
C PHE P 50 98.27 117.04 -8.34
N GLN P 51 97.64 117.73 -7.41
CA GLN P 51 98.37 118.70 -6.61
C GLN P 51 98.22 118.39 -5.14
N PRO P 52 99.27 118.59 -4.34
CA PRO P 52 99.18 118.31 -2.91
C PRO P 52 98.31 119.35 -2.21
N ASP P 53 97.42 118.89 -1.34
CA ASP P 53 96.54 119.79 -0.61
C ASP P 53 97.19 120.23 0.69
N ARG P 54 96.61 121.26 1.29
CA ARG P 54 97.02 121.73 2.61
C ARG P 54 95.90 121.29 3.57
N ARG P 55 96.15 120.19 4.28
CA ARG P 55 95.18 119.72 5.25
C ARG P 55 95.14 120.62 6.47
N ALA P 56 96.24 121.31 6.77
CA ALA P 56 96.33 122.10 7.99
C ALA P 56 95.49 123.38 7.93
N VAL P 57 95.32 123.95 6.73
CA VAL P 57 94.67 125.26 6.63
C VAL P 57 93.17 125.15 6.92
N LYS P 58 92.55 124.03 6.53
CA LYS P 58 91.15 123.81 6.84
C LYS P 58 90.93 123.61 8.34
N ARG P 59 91.86 122.90 9.00
CA ARG P 59 91.72 122.64 10.42
C ARG P 59 91.97 123.90 11.24
N VAL P 60 92.96 124.72 10.85
CA VAL P 60 93.18 125.95 11.60
C VAL P 60 92.08 126.98 11.32
N GLY P 61 91.48 126.94 10.12
CA GLY P 61 90.34 127.81 9.85
C GLY P 61 89.13 127.44 10.68
N VAL P 62 88.82 126.14 10.77
CA VAL P 62 87.66 125.73 11.56
C VAL P 62 87.96 125.75 13.06
N ASP P 63 89.23 125.80 13.46
CA ASP P 63 89.53 125.95 14.87
C ASP P 63 89.51 127.41 15.30
N THR P 64 89.96 128.32 14.43
CA THR P 64 89.83 129.75 14.71
C THR P 64 88.39 130.22 14.60
N GLY P 65 87.57 129.54 13.78
CA GLY P 65 86.16 129.87 13.70
C GLY P 65 85.38 129.38 14.90
N GLY P 88 91.09 127.15 18.55
CA GLY P 88 92.37 127.82 18.70
C GLY P 88 93.41 127.37 17.69
N GLY P 89 94.38 128.24 17.44
CA GLY P 89 95.45 127.92 16.50
C GLY P 89 96.33 126.79 16.98
N THR P 90 96.61 126.75 18.29
CA THR P 90 97.48 125.71 18.84
C THR P 90 96.79 124.35 18.80
N VAL P 91 95.52 124.27 19.19
CA VAL P 91 94.81 123.00 19.16
C VAL P 91 94.57 122.56 17.73
N GLY P 92 94.35 123.51 16.81
CA GLY P 92 94.25 123.16 15.39
C GLY P 92 95.55 122.63 14.83
N LEU P 93 96.67 123.23 15.22
CA LEU P 93 97.99 122.77 14.77
C LEU P 93 98.30 121.37 15.30
N VAL P 94 98.03 121.12 16.59
CA VAL P 94 98.37 119.82 17.15
C VAL P 94 97.41 118.75 16.63
N ALA P 95 96.16 119.10 16.35
CA ALA P 95 95.22 118.15 15.77
C ALA P 95 95.62 117.81 14.34
N SER P 96 96.08 118.82 13.58
CA SER P 96 96.52 118.59 12.22
C SER P 96 97.76 117.71 12.17
N ILE P 97 98.74 117.99 13.04
CA ILE P 97 99.95 117.18 13.01
C ILE P 97 99.74 115.80 13.61
N TYR P 98 98.76 115.64 14.51
CA TYR P 98 98.47 114.30 15.00
C TYR P 98 97.68 113.49 13.98
N ARG P 99 96.82 114.14 13.18
CA ARG P 99 96.19 113.44 12.07
C ARG P 99 97.20 113.10 10.99
N ASP P 100 98.19 113.96 10.77
CA ASP P 100 99.24 113.71 9.79
C ASP P 100 100.38 112.87 10.35
N SER P 101 100.29 112.45 11.61
CA SER P 101 101.20 111.45 12.12
C SER P 101 101.01 110.14 11.37
N LYS P 102 102.12 109.40 11.22
CA LYS P 102 102.13 108.22 10.36
C LYS P 102 101.29 107.09 10.92
N ARG P 103 101.16 107.01 12.25
CA ARG P 103 100.36 105.97 12.86
C ARG P 103 98.88 106.13 12.53
N LYS P 104 98.41 107.37 12.46
CA LYS P 104 97.04 107.61 12.03
C LYS P 104 96.83 107.25 10.58
N ILE P 105 97.87 107.43 9.74
CA ILE P 105 97.80 107.01 8.35
C ILE P 105 97.70 105.50 8.26
N ILE P 106 98.47 104.79 9.09
CA ILE P 106 98.42 103.33 9.12
C ILE P 106 97.07 102.85 9.60
N ARG P 107 96.51 103.51 10.62
CA ARG P 107 95.19 103.15 11.13
C ARG P 107 94.11 103.40 10.08
N ASP P 108 94.23 104.50 9.34
CA ASP P 108 93.29 104.79 8.26
C ASP P 108 93.40 103.76 7.14
N LEU P 109 94.62 103.32 6.82
CA LEU P 109 94.77 102.31 5.78
C LEU P 109 94.24 100.96 6.21
N GLN P 110 94.41 100.61 7.49
CA GLN P 110 93.85 99.36 7.99
C GLN P 110 92.33 99.44 8.10
N LYS P 111 91.79 100.64 8.36
CA LYS P 111 90.35 100.85 8.25
C LYS P 111 89.89 100.66 6.82
N GLN P 112 90.65 101.20 5.87
CA GLN P 112 90.33 101.03 4.47
C GLN P 112 90.76 99.65 3.99
N ASP P 113 90.61 99.41 2.70
CA ASP P 113 90.95 98.13 2.10
C ASP P 113 92.42 98.09 1.68
N ILE P 114 93.31 98.39 2.60
CA ILE P 114 94.74 98.49 2.33
C ILE P 114 95.46 97.59 3.33
N GLN P 115 96.47 96.84 2.87
CA GLN P 115 97.26 96.01 3.78
C GLN P 115 98.70 96.50 3.81
N TYR P 116 99.21 96.81 5.00
CA TYR P 116 100.56 97.32 5.16
C TYR P 116 101.39 96.36 5.97
N VAL P 117 102.62 96.09 5.49
CA VAL P 117 103.55 95.21 6.20
C VAL P 117 104.89 95.92 6.30
N GLU P 118 105.41 96.04 7.52
CA GLU P 118 106.73 96.58 7.77
C GLU P 118 107.59 95.50 8.40
N TYR P 119 108.76 95.26 7.81
CA TYR P 119 109.67 94.23 8.30
C TYR P 119 111.08 94.61 7.86
N GLY P 120 111.86 95.14 8.80
CA GLY P 120 113.23 95.53 8.48
C GLY P 120 113.27 96.76 7.60
N ASP P 121 114.21 96.76 6.66
CA ASP P 121 114.40 97.88 5.76
C ASP P 121 113.50 97.84 4.53
N THR P 122 112.77 96.74 4.33
CA THR P 122 111.86 96.61 3.21
C THR P 122 110.43 96.70 3.72
N ARG P 123 109.60 97.49 3.04
CA ARG P 123 108.20 97.62 3.43
C ARG P 123 107.30 97.40 2.23
N THR P 124 106.06 97.01 2.51
CA THR P 124 105.16 96.54 1.46
C THR P 124 103.74 97.02 1.68
N LEU P 125 103.07 97.33 0.57
CA LEU P 125 101.66 97.64 0.53
C LEU P 125 100.94 96.66 -0.39
N ILE P 126 99.76 96.21 0.02
CA ILE P 126 98.99 95.22 -0.70
C ILE P 126 97.62 95.81 -0.98
N ILE P 127 97.23 95.79 -2.26
CA ILE P 127 95.99 96.40 -2.75
C ILE P 127 95.13 95.32 -3.42
N PRO P 128 93.82 95.27 -3.16
CA PRO P 128 92.95 94.35 -3.89
C PRO P 128 92.55 94.91 -5.25
N THR P 129 92.73 94.09 -6.28
CA THR P 129 92.50 94.50 -7.66
C THR P 129 91.02 94.80 -7.91
N ASP P 130 90.15 93.94 -7.40
CA ASP P 130 88.72 94.11 -7.62
C ASP P 130 88.18 95.36 -6.93
N LYS P 131 88.65 95.64 -5.72
CA LYS P 131 88.15 96.80 -5.00
C LYS P 131 88.70 98.10 -5.58
N TYR P 132 89.99 98.11 -5.91
CA TYR P 132 90.62 99.34 -6.37
C TYR P 132 90.87 99.33 -7.87
N PHE P 133 90.03 98.62 -8.62
CA PHE P 133 90.11 98.61 -10.06
C PHE P 133 88.72 98.45 -10.62
N MET P 134 88.56 98.83 -11.88
CA MET P 134 87.37 98.41 -12.62
C MET P 134 87.51 96.95 -12.98
N PHE P 135 86.37 96.28 -13.13
CA PHE P 135 86.35 94.83 -13.26
C PHE P 135 86.90 94.39 -14.61
N SER P 136 87.84 93.44 -14.55
CA SER P 136 88.40 92.73 -15.72
C SER P 136 89.00 93.69 -16.74
N SER P 137 89.58 94.78 -16.25
CA SER P 137 89.91 95.91 -17.11
C SER P 137 91.00 96.72 -16.44
N PRO P 138 91.91 97.31 -17.22
CA PRO P 138 92.94 98.19 -16.62
C PRO P 138 92.42 99.56 -16.20
N ARG P 139 91.14 99.85 -16.37
CA ARG P 139 90.59 101.12 -15.94
C ARG P 139 90.56 101.19 -14.42
N LEU P 140 90.83 102.38 -13.91
CA LEU P 140 90.85 102.59 -12.46
C LEU P 140 89.44 102.83 -11.94
N ASN P 141 89.17 102.27 -10.76
CA ASN P 141 87.97 102.64 -10.05
C ASN P 141 88.10 104.08 -9.55
N GLU P 142 87.02 104.85 -9.70
CA GLU P 142 87.08 106.24 -9.30
C GLU P 142 86.71 106.47 -7.84
N ILE P 143 85.91 105.57 -7.26
CA ILE P 143 85.42 105.78 -5.90
C ILE P 143 86.52 105.57 -4.86
N CYS P 144 87.57 104.82 -5.20
CA CYS P 144 88.64 104.51 -4.26
C CYS P 144 89.77 105.53 -4.30
N TYR P 145 89.47 106.78 -4.62
CA TYR P 145 90.45 107.86 -4.56
C TYR P 145 91.12 108.13 -3.20
N PRO P 146 90.45 108.12 -2.02
CA PRO P 146 91.17 108.60 -0.83
C PRO P 146 92.25 107.64 -0.35
N GLY P 147 92.11 106.35 -0.64
CA GLY P 147 93.20 105.43 -0.39
C GLY P 147 94.42 105.75 -1.23
N LEU P 148 94.20 106.14 -2.47
CA LEU P 148 95.31 106.55 -3.34
C LEU P 148 95.96 107.82 -2.82
N ASN P 149 95.14 108.75 -2.33
CA ASN P 149 95.67 109.98 -1.74
C ASN P 149 96.52 109.69 -0.51
N ASN P 150 96.06 108.76 0.34
CA ASN P 150 96.85 108.34 1.48
C ASN P 150 98.12 107.62 1.06
N VAL P 151 98.06 106.88 -0.05
CA VAL P 151 99.24 106.20 -0.59
C VAL P 151 100.30 107.22 -0.98
N ILE P 152 99.88 108.28 -1.67
CA ILE P 152 100.81 109.32 -2.09
C ILE P 152 101.36 110.07 -0.88
N ARG P 153 100.50 110.35 0.11
CA ARG P 153 100.94 111.03 1.33
C ARG P 153 101.91 110.18 2.14
N LEU P 154 101.75 108.85 2.12
CA LEU P 154 102.70 107.99 2.80
C LEU P 154 104.01 107.91 2.03
N LEU P 155 103.94 107.81 0.71
CA LEU P 155 105.16 107.69 -0.08
C LEU P 155 105.92 109.00 -0.20
N ASN P 156 105.32 110.12 0.21
CA ASN P 156 106.07 111.35 0.35
C ASN P 156 107.13 111.28 1.46
N PHE P 157 106.98 110.37 2.42
CA PHE P 157 107.92 110.29 3.52
C PHE P 157 109.26 109.70 3.12
N TYR P 158 109.36 109.03 1.98
CA TYR P 158 110.58 108.32 1.58
C TYR P 158 111.00 108.78 0.20
N PRO P 159 111.67 109.92 0.09
CA PRO P 159 112.03 110.44 -1.23
C PRO P 159 113.36 109.92 -1.76
N GLN P 160 113.90 108.86 -1.16
CA GLN P 160 115.15 108.28 -1.65
C GLN P 160 115.09 106.78 -1.87
N SER P 161 114.00 106.12 -1.48
CA SER P 161 113.95 104.67 -1.52
C SER P 161 113.74 104.16 -2.95
N THR P 162 114.05 102.88 -3.15
CA THR P 162 113.88 102.21 -4.42
C THR P 162 112.64 101.32 -4.36
N ILE P 163 111.80 101.41 -5.38
CA ILE P 163 110.44 100.89 -5.35
C ILE P 163 110.29 99.83 -6.43
N TYR P 164 109.68 98.71 -6.06
CA TYR P 164 109.22 97.70 -7.00
C TYR P 164 107.72 97.52 -6.83
N VAL P 165 107.01 97.31 -7.93
CA VAL P 165 105.58 97.07 -7.91
C VAL P 165 105.26 95.89 -8.80
N ALA P 166 104.40 95.00 -8.31
CA ALA P 166 104.07 93.77 -9.02
C ALA P 166 102.56 93.53 -8.98
N GLY P 167 102.09 92.82 -9.99
CA GLY P 167 100.69 92.44 -10.07
C GLY P 167 100.53 90.94 -10.01
N PHE P 168 99.39 90.50 -9.45
CA PHE P 168 99.13 89.07 -9.32
C PHE P 168 97.65 88.78 -9.55
N THR P 169 97.39 87.60 -10.10
CA THR P 169 96.01 87.15 -10.37
C THR P 169 95.93 85.64 -10.09
N ASP P 170 94.81 85.05 -10.50
CA ASP P 170 94.49 83.66 -10.20
C ASP P 170 94.89 82.75 -11.37
N ASN P 171 94.44 81.50 -11.30
CA ASN P 171 94.92 80.43 -12.17
C ASN P 171 93.95 80.08 -13.29
N VAL P 172 92.94 80.91 -13.56
CA VAL P 172 91.94 80.62 -14.56
C VAL P 172 92.22 81.45 -15.80
N GLY P 173 92.30 80.78 -16.96
CA GLY P 173 92.46 81.44 -18.24
C GLY P 173 93.69 80.96 -18.97
N SER P 174 93.95 81.60 -20.11
CA SER P 174 95.18 81.35 -20.84
C SER P 174 96.37 81.92 -20.10
N ARG P 175 97.50 81.21 -20.18
CA ARG P 175 98.71 81.61 -19.45
C ARG P 175 99.24 82.95 -19.96
N SER P 176 99.28 83.11 -21.28
CA SER P 176 99.69 84.38 -21.87
C SER P 176 98.71 85.49 -21.53
N HIS P 177 97.42 85.15 -21.46
CA HIS P 177 96.41 86.13 -21.08
C HIS P 177 96.61 86.62 -19.65
N LYS P 178 96.92 85.69 -18.73
CA LYS P 178 97.21 86.07 -17.35
C LYS P 178 98.45 86.94 -17.26
N ARG P 179 99.48 86.59 -18.02
CA ARG P 179 100.72 87.36 -18.03
C ARG P 179 100.48 88.77 -18.56
N LYS P 180 99.70 88.89 -19.64
CA LYS P 180 99.42 90.21 -20.22
C LYS P 180 98.58 91.06 -19.29
N LEU P 181 97.58 90.46 -18.63
CA LEU P 181 96.76 91.22 -17.69
C LEU P 181 97.58 91.69 -16.50
N SER P 182 98.47 90.83 -16.00
CA SER P 182 99.32 91.21 -14.87
C SER P 182 100.26 92.35 -15.24
N GLN P 183 100.87 92.27 -16.43
CA GLN P 183 101.75 93.35 -16.88
C GLN P 183 100.96 94.63 -17.11
N ALA P 184 99.71 94.52 -17.59
CA ALA P 184 98.89 95.71 -17.80
C ALA P 184 98.55 96.40 -16.49
N GLN P 185 98.19 95.62 -15.46
CA GLN P 185 97.90 96.20 -14.16
C GLN P 185 99.13 96.85 -13.56
N ALA P 186 100.29 96.21 -13.71
CA ALA P 186 101.54 96.78 -13.20
C ALA P 186 101.89 98.09 -13.91
N GLU P 187 101.71 98.13 -15.23
CA GLU P 187 102.04 99.33 -15.99
C GLU P 187 101.11 100.48 -15.65
N THR P 188 99.81 100.19 -15.46
CA THR P 188 98.88 101.24 -15.05
C THR P 188 99.21 101.77 -13.66
N MET P 189 99.57 100.87 -12.74
CA MET P 189 99.91 101.30 -11.38
C MET P 189 101.17 102.16 -11.38
N MET P 190 102.19 101.76 -12.13
CA MET P 190 103.41 102.56 -12.16
C MET P 190 103.22 103.85 -12.93
N THR P 191 102.27 103.89 -13.87
CA THR P 191 101.93 105.14 -14.54
C THR P 191 101.27 106.11 -13.57
N PHE P 192 100.37 105.60 -12.71
CA PHE P 192 99.78 106.43 -11.68
C PHE P 192 100.83 106.96 -10.72
N LEU P 193 101.80 106.12 -10.37
CA LEU P 193 102.87 106.55 -9.48
C LEU P 193 103.74 107.61 -10.13
N TRP P 194 103.99 107.49 -11.44
CA TRP P 194 104.75 108.51 -12.15
C TRP P 194 103.98 109.81 -12.26
N ALA P 195 102.64 109.72 -12.28
CA ALA P 195 101.80 110.90 -12.38
C ALA P 195 101.83 111.79 -11.14
N ASN P 196 102.41 111.33 -10.04
CA ASN P 196 102.41 112.09 -8.79
C ASN P 196 103.74 112.77 -8.54
N GLY P 197 104.41 113.23 -9.59
CA GLY P 197 105.65 113.96 -9.43
C GLY P 197 106.82 113.14 -8.92
N ILE P 198 106.92 111.88 -9.31
CA ILE P 198 107.99 110.99 -8.89
C ILE P 198 108.81 110.62 -10.12
N ALA P 199 110.13 110.69 -9.98
CA ALA P 199 111.02 110.43 -11.10
C ALA P 199 111.00 108.96 -11.49
N ALA P 200 111.02 108.70 -12.81
CA ALA P 200 110.94 107.37 -13.35
C ALA P 200 112.23 106.56 -13.17
N LYS P 201 113.30 107.20 -12.69
CA LYS P 201 114.51 106.46 -12.34
C LYS P 201 114.23 105.47 -11.22
N ARG P 202 113.38 105.86 -10.27
CA ARG P 202 113.00 105.00 -9.15
C ARG P 202 111.80 104.11 -9.48
N LEU P 203 111.53 103.87 -10.76
CA LEU P 203 110.31 103.19 -11.18
C LEU P 203 110.66 101.87 -11.86
N LYS P 204 109.99 100.80 -11.42
CA LYS P 204 110.16 99.48 -12.03
C LYS P 204 108.93 98.65 -11.69
N ALA P 205 108.27 98.11 -12.70
CA ALA P 205 107.02 97.39 -12.52
C ALA P 205 107.11 96.01 -13.17
N GLU P 206 106.35 95.07 -12.63
CA GLU P 206 106.33 93.71 -13.14
C GLU P 206 105.02 93.04 -12.74
N GLY P 207 104.56 92.13 -13.57
CA GLY P 207 103.34 91.39 -13.31
C GLY P 207 103.53 89.90 -13.52
N TYR P 208 102.91 89.12 -12.65
CA TYR P 208 102.91 87.68 -12.74
C TYR P 208 101.50 87.16 -12.57
N GLY P 209 101.25 85.97 -13.07
CA GLY P 209 99.93 85.38 -12.97
C GLY P 209 99.81 84.53 -11.73
N ASP P 210 99.70 83.22 -11.93
CA ASP P 210 99.70 82.26 -10.83
C ASP P 210 101.09 81.68 -10.59
N LYS P 211 102.14 82.50 -10.80
CA LYS P 211 103.50 82.03 -10.63
C LYS P 211 103.83 81.73 -9.18
N ASN P 212 103.31 82.53 -8.26
CA ASN P 212 103.54 82.31 -6.84
C ASN P 212 102.39 82.95 -6.07
N ALA P 213 101.68 82.16 -5.29
CA ALA P 213 100.45 82.58 -4.64
C ALA P 213 100.56 82.41 -3.14
N ILE P 214 100.02 83.38 -2.40
CA ILE P 214 99.90 83.24 -0.95
C ILE P 214 98.67 82.46 -0.53
N SER P 215 97.81 82.12 -1.49
CA SER P 215 96.53 81.51 -1.19
C SER P 215 96.23 80.43 -2.22
N ASP P 216 95.26 79.58 -1.89
CA ASP P 216 94.88 78.48 -2.76
C ASP P 216 93.82 78.93 -3.75
N ASN P 217 93.77 78.22 -4.88
CA ASN P 217 92.79 78.47 -5.92
C ASN P 217 91.54 77.60 -5.78
N ALA P 218 91.59 76.54 -4.99
CA ALA P 218 90.45 75.63 -4.88
C ALA P 218 89.32 76.20 -4.04
N ILE P 219 89.59 77.22 -3.23
CA ILE P 219 88.55 77.82 -2.40
C ILE P 219 88.35 79.27 -2.81
N ILE P 220 87.14 79.75 -2.60
CA ILE P 220 86.68 81.00 -3.21
C ILE P 220 87.37 82.20 -2.58
N HIS P 221 87.50 82.19 -1.25
CA HIS P 221 88.10 83.34 -0.57
C HIS P 221 89.58 83.46 -0.90
N GLY P 222 90.30 82.34 -0.93
CA GLY P 222 91.70 82.39 -1.31
C GLY P 222 91.91 82.73 -2.77
N SER P 223 90.98 82.28 -3.63
CA SER P 223 91.04 82.67 -5.04
C SER P 223 90.79 84.17 -5.19
N ALA P 224 89.95 84.75 -4.34
CA ALA P 224 89.84 86.21 -4.30
C ALA P 224 91.13 86.84 -3.78
N GLN P 225 91.77 86.20 -2.81
CA GLN P 225 92.98 86.74 -2.20
C GLN P 225 94.19 86.70 -3.13
N ASN P 226 94.18 85.80 -4.12
CA ASN P 226 95.36 85.62 -4.97
C ASN P 226 95.65 86.84 -5.83
N ARG P 227 94.62 87.47 -6.39
CA ARG P 227 94.86 88.68 -7.18
C ARG P 227 95.19 89.85 -6.26
N ARG P 228 96.29 90.52 -6.52
CA ARG P 228 96.76 91.55 -5.61
C ARG P 228 97.70 92.49 -6.34
N ILE P 229 97.94 93.64 -5.71
CA ILE P 229 98.95 94.59 -6.11
C ILE P 229 99.96 94.68 -4.98
N GLU P 230 101.21 94.36 -5.29
CA GLU P 230 102.30 94.36 -4.32
C GLU P 230 103.17 95.58 -4.57
N ILE P 231 103.47 96.33 -3.51
CA ILE P 231 104.32 97.51 -3.57
C ILE P 231 105.41 97.31 -2.54
N GLN P 232 106.57 96.86 -2.98
CA GLN P 232 107.73 96.77 -2.11
C GLN P 232 108.59 98.01 -2.30
N TRP P 233 109.26 98.44 -1.24
CA TRP P 233 110.34 99.40 -1.41
C TRP P 233 111.36 99.22 -0.30
N PHE P 234 112.61 99.51 -0.67
CA PHE P 234 113.77 99.38 0.20
C PHE P 234 113.91 100.62 1.07
N THR P 235 115.04 100.76 1.74
CA THR P 235 115.35 101.99 2.45
C THR P 235 116.62 102.64 1.94
N SER P 236 117.71 101.88 1.82
CA SER P 236 118.98 102.41 1.33
C SER P 236 119.83 101.30 0.71
N LEU Q 113 143.73 117.45 -35.94
CA LEU Q 113 142.79 118.56 -35.77
C LEU Q 113 141.70 118.18 -34.77
N ASN Q 114 141.77 118.77 -33.57
CA ASN Q 114 140.88 118.41 -32.47
C ASN Q 114 139.80 119.43 -32.20
N ARG Q 115 139.88 120.63 -32.77
CA ARG Q 115 138.92 121.66 -32.44
C ARG Q 115 138.70 122.58 -33.64
N PHE Q 116 137.54 123.21 -33.65
CA PHE Q 116 137.29 124.32 -34.56
C PHE Q 116 136.29 125.27 -33.93
N ARG Q 117 136.76 126.47 -33.60
CA ARG Q 117 135.91 127.52 -33.06
C ARG Q 117 135.94 128.70 -34.03
N TYR Q 118 134.76 129.14 -34.45
CA TYR Q 118 134.66 130.32 -35.30
C TYR Q 118 133.67 131.30 -34.71
N GLU Q 119 134.02 132.58 -34.82
CA GLU Q 119 133.13 133.69 -34.53
C GLU Q 119 133.26 134.71 -35.66
N GLY Q 120 132.19 135.46 -35.91
CA GLY Q 120 132.31 136.63 -36.74
C GLY Q 120 132.01 136.53 -38.22
N ALA Q 121 130.81 136.06 -38.57
CA ALA Q 121 130.17 136.26 -39.89
C ALA Q 121 131.00 135.64 -41.02
N GLY Q 122 131.07 134.31 -40.99
CA GLY Q 122 131.85 133.59 -41.98
C GLY Q 122 131.11 132.37 -42.49
N VAL Q 123 131.46 131.98 -43.71
CA VAL Q 123 130.90 130.82 -44.36
C VAL Q 123 132.04 129.82 -44.57
N VAL Q 124 131.89 128.62 -44.02
CA VAL Q 124 132.87 127.56 -44.15
C VAL Q 124 132.24 126.40 -44.90
N THR Q 125 132.90 125.94 -45.95
CA THR Q 125 132.40 124.87 -46.80
C THR Q 125 133.44 123.77 -46.90
N GLY Q 126 133.01 122.53 -46.67
CA GLY Q 126 133.91 121.40 -46.74
C GLY Q 126 133.22 120.11 -47.11
N ASN Q 127 133.82 119.34 -48.01
CA ASN Q 127 133.28 118.07 -48.45
C ASN Q 127 134.39 117.04 -48.50
N ASN Q 128 133.99 115.76 -48.33
CA ASN Q 128 134.86 114.59 -48.38
C ASN Q 128 135.96 114.62 -47.31
N LEU Q 129 135.71 115.29 -46.20
CA LEU Q 129 136.65 115.29 -45.09
C LEU Q 129 136.32 114.15 -44.14
N ARG Q 130 137.25 113.89 -43.22
CA ARG Q 130 137.07 112.86 -42.21
C ARG Q 130 137.79 113.30 -40.94
N THR Q 131 137.20 112.94 -39.80
CA THR Q 131 137.85 113.09 -38.51
C THR Q 131 137.35 112.00 -37.58
N SER Q 132 138.14 111.73 -36.54
CA SER Q 132 137.73 110.76 -35.54
C SER Q 132 136.91 111.41 -34.44
N TYR Q 133 137.42 112.47 -33.84
CA TYR Q 133 136.71 113.19 -32.80
C TYR Q 133 137.26 114.60 -32.71
N LEU Q 134 136.36 115.58 -32.64
CA LEU Q 134 136.76 116.97 -32.46
C LEU Q 134 135.62 117.73 -31.78
N ASP Q 135 135.94 118.91 -31.29
CA ASP Q 135 134.96 119.80 -30.66
C ASP Q 135 134.71 121.00 -31.55
N LEU Q 136 133.44 121.31 -31.77
CA LEU Q 136 133.03 122.40 -32.65
C LEU Q 136 132.35 123.50 -31.84
N TYR Q 137 132.64 124.76 -32.19
CA TYR Q 137 132.02 125.90 -31.51
C TYR Q 137 131.77 127.01 -32.54
N LEU Q 138 130.52 127.15 -32.96
CA LEU Q 138 130.13 128.16 -33.92
C LEU Q 138 129.46 129.33 -33.24
N ALA Q 139 129.76 130.54 -33.71
CA ALA Q 139 129.13 131.73 -33.20
C ALA Q 139 129.11 132.80 -34.28
N ASN Q 140 128.10 133.68 -34.18
CA ASN Q 140 127.97 134.91 -34.97
C ASN Q 140 127.95 134.63 -36.47
N GLU Q 141 126.94 133.86 -36.88
CA GLU Q 141 126.70 133.44 -38.27
C GLU Q 141 127.91 132.69 -38.85
N GLY Q 142 128.12 131.52 -38.27
CA GLY Q 142 128.96 130.53 -38.90
C GLY Q 142 128.12 129.68 -39.83
N THR Q 143 128.11 130.03 -41.11
CA THR Q 143 127.31 129.32 -42.11
C THR Q 143 128.15 128.15 -42.62
N THR Q 144 127.84 126.95 -42.14
CA THR Q 144 128.70 125.78 -42.35
C THR Q 144 128.00 124.77 -43.26
N ARG Q 145 128.68 124.40 -44.34
CA ARG Q 145 128.27 123.30 -45.19
C ARG Q 145 129.29 122.18 -45.01
N LEU Q 146 128.82 121.03 -44.54
CA LEU Q 146 129.68 119.87 -44.30
C LEU Q 146 129.10 118.68 -45.05
N ALA Q 147 129.91 118.07 -45.91
CA ALA Q 147 129.46 116.98 -46.77
C ALA Q 147 130.43 115.80 -46.68
N GLY Q 148 130.79 115.43 -45.46
CA GLY Q 148 131.67 114.29 -45.25
C GLY Q 148 131.28 113.54 -44.00
N ASN Q 149 131.65 112.27 -43.97
CA ASN Q 149 131.40 111.39 -42.83
C ASN Q 149 132.31 111.81 -41.69
N ILE Q 150 131.78 112.56 -40.73
CA ILE Q 150 132.55 113.19 -39.67
C ILE Q 150 132.19 112.54 -38.36
N GLY Q 151 133.22 112.26 -37.54
CA GLY Q 151 133.03 111.74 -36.20
C GLY Q 151 133.47 112.76 -35.16
N LEU Q 152 132.66 112.91 -34.13
CA LEU Q 152 132.92 113.88 -33.07
C LEU Q 152 132.14 113.46 -31.83
N GLN Q 153 132.27 114.26 -30.77
CA GLN Q 153 131.47 114.07 -29.58
C GLN Q 153 130.84 115.36 -29.06
N LYS Q 154 131.32 116.53 -29.46
CA LYS Q 154 130.80 117.78 -28.92
C LYS Q 154 130.71 118.84 -30.02
N LEU Q 155 129.49 119.29 -30.29
CA LEU Q 155 129.24 120.43 -31.14
C LEU Q 155 128.43 121.46 -30.35
N GLU Q 156 128.75 122.73 -30.56
CA GLU Q 156 128.10 123.82 -29.83
C GLU Q 156 127.90 125.01 -30.74
N ALA Q 157 126.75 125.66 -30.58
CA ALA Q 157 126.42 126.87 -31.33
C ALA Q 157 125.89 127.92 -30.37
N VAL Q 158 126.28 129.18 -30.59
CA VAL Q 158 125.83 130.23 -29.68
C VAL Q 158 124.40 130.67 -30.01
N GLY Q 159 124.14 131.02 -31.26
CA GLY Q 159 122.81 131.43 -31.65
C GLY Q 159 122.74 132.16 -32.97
N ASN Q 160 121.61 132.00 -33.68
CA ASN Q 160 121.32 132.61 -34.97
C ASN Q 160 122.37 132.23 -36.02
N GLY Q 161 122.43 130.93 -36.32
CA GLY Q 161 123.30 130.43 -37.35
C GLY Q 161 122.70 129.27 -38.12
N VAL Q 162 122.77 129.34 -39.45
CA VAL Q 162 122.25 128.28 -40.31
C VAL Q 162 123.39 127.32 -40.60
N THR Q 163 123.11 126.03 -40.46
CA THR Q 163 124.16 125.01 -40.54
C THR Q 163 123.64 123.77 -41.25
N GLN Q 164 124.40 123.30 -42.23
CA GLN Q 164 124.15 122.02 -42.90
C GLN Q 164 125.29 121.07 -42.61
N ILE Q 165 124.96 119.90 -42.06
CA ILE Q 165 125.92 118.84 -41.78
C ILE Q 165 125.38 117.55 -42.38
N ASN Q 166 126.18 116.89 -43.22
CA ASN Q 166 125.77 115.68 -43.91
C ASN Q 166 126.74 114.56 -43.55
N GLY Q 167 126.29 113.63 -42.72
CA GLY Q 167 127.02 112.42 -42.41
C GLY Q 167 127.78 112.49 -41.11
N VAL Q 168 127.19 111.95 -40.05
CA VAL Q 168 127.79 111.97 -38.72
C VAL Q 168 127.86 110.54 -38.20
N SER Q 169 129.07 110.09 -37.87
CA SER Q 169 129.29 108.77 -37.29
C SER Q 169 129.86 108.98 -35.89
N SER Q 170 128.98 109.12 -34.90
CA SER Q 170 129.38 109.35 -33.53
C SER Q 170 128.83 108.25 -32.65
N ARG Q 171 129.71 107.63 -31.86
CA ARG Q 171 129.27 106.72 -30.82
C ARG Q 171 128.49 107.46 -29.75
N ASN Q 172 128.93 108.67 -29.43
CA ASN Q 172 128.17 109.56 -28.56
C ASN Q 172 128.33 110.98 -29.08
N LEU Q 173 127.34 111.81 -28.78
CA LEU Q 173 127.39 113.23 -29.12
C LEU Q 173 126.47 113.98 -28.19
N GLN Q 174 126.97 115.07 -27.62
CA GLN Q 174 126.20 115.91 -26.71
C GLN Q 174 126.15 117.32 -27.25
N ILE Q 175 125.01 117.98 -27.03
CA ILE Q 175 124.75 119.30 -27.61
C ILE Q 175 123.84 120.07 -26.66
N VAL Q 176 124.25 121.27 -26.31
CA VAL Q 176 123.40 122.21 -25.58
C VAL Q 176 123.27 123.46 -26.45
N LEU Q 177 122.25 124.25 -26.17
CA LEU Q 177 121.95 125.39 -27.02
C LEU Q 177 121.30 126.49 -26.19
N LYS Q 178 121.57 127.74 -26.57
CA LYS Q 178 120.98 128.87 -25.86
C LYS Q 178 120.32 129.85 -26.81
N GLY Q 179 120.83 129.95 -28.04
CA GLY Q 179 120.29 130.86 -29.03
C GLY Q 179 119.23 130.20 -29.88
N ASP Q 180 119.05 130.76 -31.08
CA ASP Q 180 118.06 130.26 -32.04
C ASP Q 180 118.74 129.97 -33.37
N PRO Q 181 119.46 128.86 -33.48
CA PRO Q 181 120.08 128.51 -34.77
C PRO Q 181 119.19 127.64 -35.62
N LYS Q 182 119.66 127.28 -36.81
CA LYS Q 182 118.92 126.41 -37.73
C LYS Q 182 119.88 125.31 -38.18
N VAL Q 183 119.67 124.11 -37.68
CA VAL Q 183 120.58 122.99 -37.93
C VAL Q 183 119.79 121.80 -38.45
N LEU Q 184 120.48 120.95 -39.19
CA LEU Q 184 119.92 119.71 -39.71
C LEU Q 184 121.07 118.74 -39.94
N ILE Q 185 120.94 117.52 -39.43
CA ILE Q 185 122.07 116.61 -39.31
C ILE Q 185 121.68 115.26 -39.91
N SER Q 186 122.49 114.78 -40.84
CA SER Q 186 122.40 113.41 -41.33
C SER Q 186 123.48 112.56 -40.69
N GLY Q 187 123.20 111.26 -40.58
CA GLY Q 187 124.11 110.31 -39.98
C GLY Q 187 123.41 109.55 -38.87
N PHE Q 188 124.22 108.99 -37.96
CA PHE Q 188 123.71 108.21 -36.84
C PHE Q 188 124.34 108.73 -35.56
N VAL Q 189 123.50 109.14 -34.61
CA VAL Q 189 123.96 109.74 -33.36
C VAL Q 189 123.27 109.04 -32.20
N ASN Q 190 124.06 108.54 -31.27
CA ASN Q 190 123.55 108.03 -30.00
C ASN Q 190 123.77 109.12 -28.96
N LEU Q 191 122.91 110.12 -28.99
CA LEU Q 191 122.96 111.18 -27.99
C LEU Q 191 122.32 110.72 -26.69
N ARG Q 192 122.43 111.54 -25.66
CA ARG Q 192 121.99 111.09 -24.34
C ARG Q 192 121.03 112.04 -23.65
N GLN Q 193 121.23 113.35 -23.80
CA GLN Q 193 120.41 114.31 -23.06
C GLN Q 193 120.22 115.55 -23.92
N LEU Q 194 119.02 116.11 -23.90
CA LEU Q 194 118.72 117.32 -24.64
C LEU Q 194 117.96 118.30 -23.76
N ASP Q 195 118.43 119.56 -23.75
CA ASP Q 195 117.82 120.61 -22.96
C ASP Q 195 117.74 121.87 -23.81
N MET Q 196 116.54 122.43 -23.95
CA MET Q 196 116.31 123.59 -24.79
C MET Q 196 115.57 124.67 -24.00
N TYR Q 197 116.03 125.91 -24.13
CA TYR Q 197 115.48 127.02 -23.36
C TYR Q 197 115.25 128.28 -24.19
N GLY Q 198 115.56 128.26 -25.48
CA GLY Q 198 115.42 129.45 -26.30
C GLY Q 198 114.38 129.33 -27.40
N LYS Q 199 114.81 129.44 -28.64
CA LYS Q 199 113.95 129.35 -29.83
C LYS Q 199 114.59 128.42 -30.84
N GLY Q 200 114.96 127.23 -30.38
CA GLY Q 200 115.78 126.34 -31.18
C GLY Q 200 115.00 125.63 -32.29
N THR Q 201 115.71 125.35 -33.38
CA THR Q 201 115.20 124.58 -34.50
C THR Q 201 116.22 123.51 -34.83
N LEU Q 202 115.77 122.26 -34.91
CA LEU Q 202 116.69 121.15 -35.05
C LEU Q 202 115.96 119.93 -35.60
N SER Q 203 116.68 119.16 -36.42
CA SER Q 203 116.13 117.96 -37.02
C SER Q 203 117.24 116.94 -37.17
N LEU Q 204 116.98 115.71 -36.73
CA LEU Q 204 117.92 114.60 -36.86
C LEU Q 204 117.28 113.53 -37.73
N TYR Q 205 118.03 113.07 -38.72
CA TYR Q 205 117.46 112.15 -39.70
C TYR Q 205 117.43 110.72 -39.18
N TRP Q 206 118.52 110.26 -38.58
CA TRP Q 206 118.56 108.93 -38.01
C TRP Q 206 119.24 108.98 -36.66
N ILE Q 207 118.57 108.44 -35.64
CA ILE Q 207 119.12 108.37 -34.29
C ILE Q 207 118.96 106.95 -33.79
N LYS Q 208 120.07 106.35 -33.36
CA LYS Q 208 120.11 104.98 -32.87
C LYS Q 208 120.61 105.05 -31.44
N SER Q 209 119.68 105.25 -30.50
CA SER Q 209 120.00 105.39 -29.10
C SER Q 209 119.06 104.52 -28.27
N ASP Q 210 119.29 104.52 -26.96
CA ASP Q 210 118.53 103.69 -26.04
C ASP Q 210 117.66 104.53 -25.10
N THR Q 211 118.26 105.46 -24.37
CA THR Q 211 117.55 106.23 -23.37
C THR Q 211 117.78 107.71 -23.63
N LEU Q 212 116.69 108.45 -23.73
CA LEU Q 212 116.76 109.89 -23.98
C LEU Q 212 115.94 110.63 -22.94
N THR Q 213 116.51 111.73 -22.45
CA THR Q 213 115.83 112.66 -21.55
C THR Q 213 115.86 114.04 -22.18
N ILE Q 214 114.68 114.59 -22.48
CA ILE Q 214 114.56 115.85 -23.17
C ILE Q 214 113.73 116.79 -22.32
N ARG Q 215 114.25 117.99 -22.08
CA ARG Q 215 113.52 119.03 -21.38
C ARG Q 215 113.50 120.28 -22.24
N ALA Q 216 112.31 120.86 -22.40
CA ALA Q 216 112.15 122.05 -23.24
C ALA Q 216 111.37 123.11 -22.48
N LYS Q 217 111.79 124.36 -22.63
CA LYS Q 217 111.28 125.46 -21.84
C LYS Q 217 110.46 126.45 -22.65
N LYS Q 218 111.04 127.06 -23.69
CA LYS Q 218 110.46 128.26 -24.28
C LYS Q 218 109.96 128.06 -25.71
N ALA Q 219 110.80 127.62 -26.63
CA ALA Q 219 110.38 127.40 -28.01
C ALA Q 219 111.33 126.41 -28.64
N ALA Q 220 110.82 125.21 -28.96
CA ALA Q 220 111.62 124.18 -29.59
C ALA Q 220 110.88 123.64 -30.79
N LYS Q 221 111.57 123.57 -31.91
CA LYS Q 221 111.08 122.90 -33.11
C LYS Q 221 112.02 121.72 -33.34
N ILE Q 222 111.53 120.51 -33.06
CA ILE Q 222 112.35 119.32 -33.04
C ILE Q 222 111.74 118.28 -33.97
N GLN Q 223 112.54 117.81 -34.93
CA GLN Q 223 112.06 116.84 -35.92
C GLN Q 223 112.98 115.62 -35.89
N LEU Q 224 112.48 114.51 -35.37
CA LEU Q 224 113.29 113.33 -35.14
C LEU Q 224 112.71 112.12 -35.84
N ALA Q 225 113.59 111.16 -36.12
CA ALA Q 225 113.21 109.88 -36.69
C ALA Q 225 114.31 108.87 -36.37
N GLY Q 226 113.93 107.74 -35.77
CA GLY Q 226 114.91 106.75 -35.37
C GLY Q 226 114.32 105.75 -34.40
N ILE Q 227 115.20 105.03 -33.72
CA ILE Q 227 114.81 103.94 -32.81
C ILE Q 227 115.32 104.29 -31.42
N VAL Q 228 114.41 104.30 -30.44
CA VAL Q 228 114.76 104.49 -29.04
C VAL Q 228 114.19 103.31 -28.24
N ASN Q 229 114.72 103.11 -27.04
CA ASN Q 229 114.11 102.16 -26.13
C ASN Q 229 113.33 102.88 -25.03
N ARG Q 230 114.00 103.78 -24.31
CA ARG Q 230 113.39 104.52 -23.22
C ARG Q 230 113.49 106.01 -23.53
N LEU Q 231 112.39 106.74 -23.36
CA LEU Q 231 112.37 108.15 -23.69
C LEU Q 231 111.46 108.90 -22.74
N ASP Q 232 111.94 110.03 -22.24
CA ASP Q 232 111.15 110.90 -21.37
C ASP Q 232 111.24 112.34 -21.88
N VAL Q 233 110.10 113.01 -21.90
CA VAL Q 233 109.96 114.34 -22.45
C VAL Q 233 109.24 115.22 -21.42
N GLU Q 234 109.83 116.38 -21.12
CA GLU Q 234 109.20 117.41 -20.31
C GLU Q 234 109.07 118.66 -21.15
N LEU Q 235 107.86 119.22 -21.21
CA LEU Q 235 107.58 120.42 -21.98
C LEU Q 235 106.99 121.49 -21.09
N TRP Q 236 107.49 122.72 -21.19
CA TRP Q 236 107.06 123.79 -20.30
C TRP Q 236 106.06 124.76 -20.92
N ASP Q 237 106.44 125.46 -22.00
CA ASP Q 237 105.51 126.38 -22.63
C ASP Q 237 105.91 126.58 -24.08
N PHE Q 238 104.90 126.70 -24.95
CA PHE Q 238 105.03 126.93 -26.40
C PHE Q 238 105.91 125.87 -27.04
N ALA Q 239 105.75 124.63 -26.60
CA ALA Q 239 106.66 123.55 -26.94
C ALA Q 239 105.98 122.66 -27.97
N GLN Q 240 106.45 122.73 -29.21
CA GLN Q 240 105.91 121.93 -30.31
C GLN Q 240 106.93 120.87 -30.67
N PHE Q 241 106.73 119.65 -30.16
CA PHE Q 241 107.65 118.56 -30.38
C PHE Q 241 107.01 117.53 -31.30
N LYS Q 242 107.77 117.11 -32.32
CA LYS Q 242 107.31 116.14 -33.30
C LYS Q 242 108.25 114.94 -33.23
N GLY Q 243 107.95 114.00 -32.34
CA GLY Q 243 108.61 112.72 -32.35
C GLY Q 243 107.80 111.72 -33.15
N LYS Q 244 107.14 112.21 -34.20
CA LYS Q 244 106.54 111.32 -35.18
C LYS Q 244 107.63 110.59 -35.94
N TYR Q 245 107.31 109.37 -36.38
CA TYR Q 245 108.24 108.43 -37.02
C TYR Q 245 109.45 108.12 -36.14
N LEU Q 246 109.24 108.11 -34.82
CA LEU Q 246 110.31 107.86 -33.85
C LEU Q 246 109.78 106.77 -32.91
N ARG Q 247 109.99 105.52 -33.30
CA ARG Q 247 109.42 104.39 -32.57
C ARG Q 247 110.25 104.09 -31.34
N ALA Q 248 109.61 104.14 -30.17
CA ALA Q 248 110.25 103.86 -28.90
C ALA Q 248 109.38 102.95 -28.07
N GLN Q 249 110.01 102.03 -27.34
CA GLN Q 249 109.26 101.06 -26.55
C GLN Q 249 108.68 101.70 -25.30
N ARG Q 250 109.45 102.53 -24.61
CA ARG Q 250 109.04 103.17 -23.38
C ARG Q 250 108.95 104.67 -23.61
N SER Q 251 107.77 105.26 -23.37
CA SER Q 251 107.59 106.68 -23.57
C SER Q 251 106.92 107.30 -22.35
N PHE Q 252 107.48 108.41 -21.88
CA PHE Q 252 106.92 109.18 -20.77
C PHE Q 252 106.81 110.63 -21.20
N VAL Q 253 105.61 111.19 -21.11
CA VAL Q 253 105.33 112.55 -21.55
C VAL Q 253 104.77 113.34 -20.38
N LYS Q 254 105.41 114.46 -20.07
CA LYS Q 254 104.93 115.38 -19.03
C LYS Q 254 104.89 116.78 -19.64
N THR Q 255 103.69 117.34 -19.73
CA THR Q 255 103.49 118.59 -20.45
C THR Q 255 102.77 119.60 -19.57
N HIS Q 256 103.30 120.81 -19.53
CA HIS Q 256 102.64 121.96 -18.91
C HIS Q 256 101.83 122.69 -19.98
N ASP Q 257 101.45 123.93 -19.70
CA ASP Q 257 100.63 124.73 -20.61
C ASP Q 257 101.32 125.00 -21.94
N LYS Q 258 100.53 124.98 -23.01
CA LYS Q 258 100.96 125.30 -24.38
C LYS Q 258 102.08 124.36 -24.86
N SER Q 259 101.70 123.09 -24.96
CA SER Q 259 102.63 122.05 -25.36
C SER Q 259 101.92 121.05 -26.25
N VAL Q 260 102.38 120.94 -27.49
CA VAL Q 260 101.84 120.01 -28.47
C VAL Q 260 102.93 118.99 -28.77
N ALA Q 261 102.55 117.71 -28.78
CA ALA Q 261 103.51 116.63 -28.95
C ALA Q 261 102.94 115.58 -29.88
N GLU Q 262 103.81 115.07 -30.76
CA GLU Q 262 103.47 114.01 -31.72
C GLU Q 262 104.26 112.77 -31.37
N ILE Q 263 103.57 111.70 -30.99
CA ILE Q 263 104.18 110.54 -30.35
C ILE Q 263 104.06 109.33 -31.27
N SER Q 264 105.05 108.45 -31.20
CA SER Q 264 105.16 107.24 -32.01
C SER Q 264 105.51 106.05 -31.13
N ALA Q 265 104.80 105.88 -30.02
CA ALA Q 265 105.10 104.84 -29.04
C ALA Q 265 104.79 103.44 -29.58
N VAL Q 266 105.49 102.44 -29.02
CA VAL Q 266 105.42 101.06 -29.50
C VAL Q 266 104.67 100.17 -28.51
N ASN Q 267 105.15 100.09 -27.27
CA ASN Q 267 104.58 99.16 -26.31
C ASN Q 267 104.04 99.85 -25.07
N HIS Q 268 104.77 100.80 -24.50
CA HIS Q 268 104.44 101.36 -23.20
C HIS Q 268 104.41 102.88 -23.28
N GLN Q 269 103.26 103.46 -22.96
CA GLN Q 269 102.98 104.87 -23.19
C GLN Q 269 102.37 105.48 -21.93
N SER Q 270 103.04 106.50 -21.39
CA SER Q 270 102.56 107.24 -20.24
C SER Q 270 102.44 108.71 -20.62
N SER Q 271 101.27 109.29 -20.39
CA SER Q 271 101.00 110.65 -20.84
C SER Q 271 100.36 111.46 -19.72
N LEU Q 272 100.88 112.67 -19.50
CA LEU Q 272 100.38 113.54 -18.46
C LEU Q 272 100.42 114.98 -18.93
N ALA Q 273 99.29 115.67 -18.80
CA ALA Q 273 99.16 117.05 -19.25
C ALA Q 273 98.48 117.87 -18.17
N THR Q 274 98.99 119.10 -17.94
CA THR Q 274 98.37 119.97 -16.94
C THR Q 274 97.16 120.68 -17.54
N ASP Q 275 97.40 121.54 -18.53
CA ASP Q 275 96.37 122.28 -19.23
C ASP Q 275 96.95 122.70 -20.55
N ALA Q 276 96.07 123.07 -21.49
CA ALA Q 276 96.42 123.69 -22.78
C ALA Q 276 97.39 122.85 -23.59
N SER Q 277 97.36 121.53 -23.41
CA SER Q 277 98.37 120.63 -23.96
C SER Q 277 97.69 119.58 -24.81
N ASP Q 278 98.27 119.34 -25.97
CA ASP Q 278 97.75 118.38 -26.94
C ASP Q 278 98.78 117.31 -27.20
N ILE Q 279 98.37 116.06 -27.05
CA ILE Q 279 99.21 114.90 -27.30
C ILE Q 279 98.55 114.11 -28.41
N TYR Q 280 99.34 113.70 -29.40
CA TYR Q 280 98.80 112.98 -30.55
C TYR Q 280 99.65 111.74 -30.79
N TYR Q 281 99.14 110.59 -30.35
CA TYR Q 281 99.85 109.35 -30.57
C TYR Q 281 99.42 108.74 -31.90
N TYR Q 282 100.38 108.31 -32.70
CA TYR Q 282 100.07 107.83 -34.04
C TYR Q 282 100.31 106.35 -34.22
N ASN Q 283 101.05 105.70 -33.33
CA ASN Q 283 101.18 104.25 -33.32
C ASN Q 283 100.52 103.73 -32.06
N LEU Q 284 99.55 102.84 -32.21
CA LEU Q 284 98.76 102.37 -31.09
C LEU Q 284 99.58 101.39 -30.26
N SER Q 285 99.92 101.79 -29.04
CA SER Q 285 100.84 101.02 -28.22
C SER Q 285 100.16 99.81 -27.61
N LYS Q 286 100.99 98.90 -27.09
CA LYS Q 286 100.45 97.75 -26.36
C LYS Q 286 99.89 98.17 -25.01
N THR Q 287 100.46 99.19 -24.39
CA THR Q 287 100.00 99.69 -23.12
C THR Q 287 100.02 101.22 -23.15
N ARG Q 288 98.96 101.83 -22.65
CA ARG Q 288 98.79 103.27 -22.77
C ARG Q 288 97.96 103.78 -21.61
N ALA Q 289 98.41 104.88 -21.00
CA ALA Q 289 97.63 105.52 -19.95
C ALA Q 289 97.84 107.02 -20.00
N ASP Q 290 96.74 107.76 -19.83
CA ASP Q 290 96.71 109.20 -20.04
C ASP Q 290 96.05 109.89 -18.86
N PHE Q 291 96.54 111.09 -18.54
CA PHE Q 291 95.94 111.89 -17.48
C PHE Q 291 96.01 113.38 -17.83
N MET Q 292 94.91 114.08 -17.55
CA MET Q 292 94.82 115.53 -17.74
C MET Q 292 94.44 116.16 -16.40
N ALA Q 293 94.99 117.36 -16.14
CA ALA Q 293 94.75 118.05 -14.88
C ALA Q 293 93.69 119.14 -15.01
N PHE Q 294 93.91 120.10 -15.91
CA PHE Q 294 92.93 121.16 -16.13
C PHE Q 294 92.37 121.13 -17.55
N ASN Q 295 93.24 121.13 -18.57
CA ASN Q 295 92.80 121.25 -19.96
C ASN Q 295 93.66 120.42 -20.90
N GLY Q 296 94.15 119.28 -20.44
CA GLY Q 296 94.91 118.41 -21.31
C GLY Q 296 94.02 117.66 -22.28
N SER Q 297 94.63 117.20 -23.37
CA SER Q 297 93.89 116.44 -24.37
C SER Q 297 94.84 115.49 -25.08
N VAL Q 298 94.49 114.21 -25.10
CA VAL Q 298 95.29 113.17 -25.74
C VAL Q 298 94.43 112.51 -26.80
N LEU Q 299 94.93 112.47 -28.03
CA LEU Q 299 94.16 112.02 -29.18
C LEU Q 299 95.00 111.12 -30.06
N ASP Q 300 94.31 110.30 -30.84
CA ASP Q 300 94.92 109.39 -31.80
C ASP Q 300 95.15 110.09 -33.14
N MET Q 301 94.08 110.64 -33.72
CA MET Q 301 94.08 111.28 -35.04
C MET Q 301 94.62 110.36 -36.13
N ARG Q 302 94.14 109.12 -36.13
CA ARG Q 302 94.54 108.18 -37.16
C ARG Q 302 93.80 108.49 -38.47
N GLU Q 303 94.24 107.82 -39.54
CA GLU Q 303 93.76 108.15 -40.87
C GLU Q 303 92.33 107.70 -41.10
N TRP Q 304 91.88 106.67 -40.36
CA TRP Q 304 90.57 106.01 -40.49
C TRP Q 304 90.33 105.42 -41.87
N GLY Q 305 91.38 105.23 -42.66
CA GLY Q 305 91.19 104.91 -44.07
C GLY Q 305 92.05 103.78 -44.58
N GLN Q 306 93.03 103.35 -43.79
CA GLN Q 306 93.87 102.25 -44.24
C GLN Q 306 93.10 100.94 -44.14
N SER Q 307 93.53 99.96 -44.93
CA SER Q 307 92.82 98.70 -45.03
C SER Q 307 93.16 97.73 -43.90
N ASP Q 308 94.12 98.07 -43.04
CA ASP Q 308 94.59 97.14 -42.02
C ASP Q 308 94.76 97.84 -40.69
N LEU Q 309 93.80 98.66 -40.31
CA LEU Q 309 93.86 99.35 -39.03
C LEU Q 309 93.55 98.39 -37.89
N LYS Q 310 94.21 98.61 -36.75
CA LYS Q 310 94.11 97.71 -35.61
C LYS Q 310 93.14 98.27 -34.59
N ASP Q 311 92.12 97.47 -34.26
CA ASP Q 311 91.20 97.84 -33.20
C ASP Q 311 91.82 97.54 -31.84
N PHE Q 312 91.18 98.03 -30.78
CA PHE Q 312 91.66 97.78 -29.43
C PHE Q 312 91.45 96.32 -29.04
N ASP Q 313 92.35 95.84 -28.20
CA ASP Q 313 92.21 94.56 -27.53
C ASP Q 313 91.44 94.77 -26.23
N ARG Q 314 91.40 93.76 -25.38
CA ARG Q 314 90.92 93.97 -24.02
C ARG Q 314 91.90 94.83 -23.23
N TYR Q 315 93.20 94.55 -23.37
CA TYR Q 315 94.18 95.06 -22.43
C TYR Q 315 94.49 96.54 -22.65
N ASN Q 316 94.37 97.04 -23.87
CA ASN Q 316 94.69 98.44 -24.13
C ASN Q 316 93.47 99.18 -24.67
N LYS Q 317 92.29 98.84 -24.17
CA LYS Q 317 91.09 99.62 -24.45
C LYS Q 317 90.78 100.56 -23.27
N GLN Q 318 91.69 101.49 -23.04
CA GLN Q 318 91.53 102.45 -21.96
C GLN Q 318 90.69 103.61 -22.43
N PHE Q 319 89.74 104.03 -21.60
CA PHE Q 319 88.86 105.12 -21.94
C PHE Q 319 89.39 106.43 -21.40
N PRO Q 320 89.66 107.43 -22.25
CA PRO Q 320 90.04 108.76 -21.79
C PRO Q 320 88.84 109.51 -21.22
N ASP R 39 45.11 105.40 -8.84
CA ASP R 39 45.05 104.46 -9.96
C ASP R 39 44.85 105.21 -11.26
N GLY R 40 45.31 106.45 -11.30
CA GLY R 40 45.23 107.25 -12.50
C GLY R 40 46.31 106.90 -13.50
N CYS R 41 45.93 106.25 -14.60
CA CYS R 41 46.91 105.87 -15.60
C CYS R 41 47.41 107.07 -16.38
N CYS R 42 46.51 107.95 -16.79
CA CYS R 42 46.91 109.23 -17.37
C CYS R 42 46.92 110.33 -16.30
N SER R 43 47.67 110.07 -15.23
CA SER R 43 47.75 111.01 -14.12
C SER R 43 48.53 112.26 -14.51
N LYS R 44 48.10 113.40 -13.96
CA LYS R 44 48.59 114.74 -14.30
C LYS R 44 48.47 115.02 -15.79
N MET R 45 47.45 114.46 -16.43
CA MET R 45 47.22 114.64 -17.84
C MET R 45 45.76 114.95 -18.08
N GLY R 46 45.33 114.97 -19.34
CA GLY R 46 43.95 115.29 -19.62
C GLY R 46 42.97 114.16 -19.35
N GLY R 47 43.47 112.96 -19.11
CA GLY R 47 42.65 111.80 -18.88
C GLY R 47 42.87 110.75 -19.95
N ILE R 48 42.14 109.64 -19.79
CA ILE R 48 42.26 108.52 -20.71
C ILE R 48 41.43 108.79 -21.94
N ASN R 49 41.93 108.40 -23.12
CA ASN R 49 41.11 108.46 -24.31
C ASN R 49 40.41 107.12 -24.54
N TYR R 50 41.17 106.07 -24.79
CA TYR R 50 40.65 104.71 -24.95
C TYR R 50 41.80 103.72 -24.77
N CYS R 51 41.55 102.47 -25.13
CA CYS R 51 42.52 101.40 -25.10
C CYS R 51 42.81 100.95 -26.53
N ASP R 52 43.93 101.41 -27.07
CA ASP R 52 44.35 100.97 -28.40
C ASP R 52 44.85 99.54 -28.30
N SER R 53 44.11 98.61 -28.89
CA SER R 53 44.45 97.20 -28.83
C SER R 53 45.50 96.80 -29.84
N SER R 54 45.90 97.70 -30.73
CA SER R 54 47.06 97.45 -31.58
C SER R 54 48.32 97.34 -30.74
N ALA R 55 48.39 98.10 -29.65
CA ALA R 55 49.43 97.92 -28.65
C ALA R 55 48.91 97.33 -27.35
N GLY R 56 47.59 97.26 -27.18
CA GLY R 56 47.04 96.89 -25.89
C GLY R 56 47.33 97.89 -24.80
N ARG R 57 47.41 99.16 -25.16
CA ARG R 57 47.84 100.21 -24.26
C ARG R 57 46.84 101.35 -24.25
N LEU R 58 46.73 102.02 -23.11
CA LEU R 58 45.86 103.15 -22.98
C LEU R 58 46.46 104.37 -23.67
N VAL R 59 45.61 105.14 -24.35
CA VAL R 59 46.02 106.42 -24.92
C VAL R 59 45.44 107.52 -24.05
N CYS R 60 46.27 108.51 -23.72
CA CYS R 60 45.83 109.61 -22.89
C CYS R 60 45.16 110.68 -23.73
N ASN R 61 44.60 111.69 -23.06
CA ASN R 61 43.98 112.81 -23.78
C ASN R 61 45.03 113.63 -24.52
N ASN R 62 46.13 113.96 -23.84
CA ASN R 62 47.33 114.34 -24.57
C ASN R 62 47.86 113.10 -25.28
N GLY R 63 48.31 113.29 -26.52
CA GLY R 63 48.56 112.16 -27.40
C GLY R 63 49.78 111.34 -27.04
N PHE R 64 49.72 110.64 -25.91
CA PHE R 64 50.84 109.85 -25.42
C PHE R 64 50.32 108.56 -24.84
N TYR R 65 51.08 107.48 -25.01
CA TYR R 65 50.73 106.21 -24.40
C TYR R 65 51.04 106.24 -22.92
N SER R 66 50.14 105.68 -22.12
CA SER R 66 50.35 105.61 -20.68
C SER R 66 51.32 104.48 -20.34
N THR R 67 51.62 104.35 -19.06
CA THR R 67 52.43 103.23 -18.58
C THR R 67 51.59 102.00 -18.25
N CYS R 68 50.27 102.12 -18.28
CA CYS R 68 49.39 101.01 -17.96
C CYS R 68 49.19 100.12 -19.18
N TYR R 69 48.65 98.93 -18.92
CA TYR R 69 48.23 98.01 -19.97
C TYR R 69 46.72 97.88 -19.91
N CYS R 70 46.13 97.46 -21.04
CA CYS R 70 44.70 97.19 -21.05
C CYS R 70 44.33 95.96 -21.84
N THR R 71 45.30 95.15 -22.28
CA THR R 71 45.01 93.91 -22.97
C THR R 71 46.04 92.87 -22.54
N ARG R 72 45.57 91.65 -22.28
CA ARG R 72 46.49 90.55 -22.01
C ARG R 72 47.30 90.16 -23.24
N HIS R 73 46.84 90.50 -24.43
CA HIS R 73 47.60 90.27 -25.66
C HIS R 73 48.53 91.43 -25.97
N ALA R 74 49.37 91.79 -25.01
CA ALA R 74 50.30 92.89 -25.16
C ALA R 74 51.72 92.40 -24.88
N VAL R 75 52.69 93.14 -25.40
CA VAL R 75 54.10 92.78 -25.26
C VAL R 75 54.50 92.96 -23.80
N MET R 76 54.70 91.85 -23.10
CA MET R 76 55.10 91.88 -21.71
C MET R 76 56.57 91.54 -21.57
N ASP R 77 57.13 91.93 -20.43
CA ASP R 77 58.51 91.61 -20.09
C ASP R 77 58.44 90.61 -18.95
N LEU R 78 58.31 89.35 -19.30
CA LEU R 78 58.15 88.27 -18.34
C LEU R 78 59.46 87.52 -18.20
N GLN R 79 59.93 87.37 -16.96
CA GLN R 79 61.15 86.63 -16.67
C GLN R 79 61.00 85.64 -15.53
N PHE R 80 59.94 85.71 -14.75
CA PHE R 80 59.69 84.78 -13.66
C PHE R 80 58.27 84.27 -13.76
N LEU R 81 58.06 83.01 -13.36
CA LEU R 81 56.75 82.40 -13.46
C LEU R 81 56.58 81.37 -12.35
N MET R 82 55.33 81.11 -12.01
CA MET R 82 54.98 80.14 -10.97
C MET R 82 54.72 78.78 -11.59
N GLY R 83 54.14 77.87 -10.81
CA GLY R 83 53.74 76.57 -11.31
C GLY R 83 54.82 75.52 -11.16
N CYS R 84 54.47 74.30 -11.57
CA CYS R 84 55.41 73.19 -11.53
C CYS R 84 55.24 72.35 -12.80
N CYS R 85 56.12 71.34 -12.92
CA CYS R 85 56.30 70.54 -14.14
C CYS R 85 56.60 71.41 -15.36
N LEU R 86 57.37 72.47 -15.12
CA LEU R 86 57.76 73.37 -16.19
C LEU R 86 58.86 72.73 -17.02
N TRP R 87 58.96 73.19 -18.28
CA TRP R 87 59.90 72.68 -19.29
C TRP R 87 59.75 71.18 -19.52
N HIS R 88 58.52 70.68 -19.38
CA HIS R 88 58.23 69.26 -19.50
C HIS R 88 56.82 69.14 -20.06
N GLY R 89 56.22 67.97 -19.92
CA GLY R 89 54.88 67.76 -20.44
C GLY R 89 53.77 68.32 -19.59
N GLY R 90 54.08 69.06 -18.54
CA GLY R 90 53.07 69.57 -17.64
C GLY R 90 52.66 68.52 -16.62
N VAL R 91 51.83 68.95 -15.67
CA VAL R 91 51.38 68.07 -14.60
C VAL R 91 50.42 67.04 -15.17
N TYR R 92 50.65 65.77 -14.84
CA TYR R 92 49.85 64.69 -15.38
C TYR R 92 48.44 64.73 -14.80
N PRO R 93 47.41 64.54 -15.64
CA PRO R 93 46.03 64.65 -15.15
C PRO R 93 45.59 63.54 -14.22
N GLN R 94 46.31 62.42 -14.15
CA GLN R 94 45.90 61.37 -13.23
C GLN R 94 46.19 61.78 -11.79
N LEU R 95 45.44 61.19 -10.87
CA LEU R 95 45.61 61.42 -9.44
C LEU R 95 46.23 60.15 -8.87
N ASN R 96 47.54 60.17 -8.66
CA ASN R 96 48.22 59.08 -7.98
C ASN R 96 47.76 59.02 -6.53
N SER R 97 47.63 57.80 -6.01
CA SER R 97 47.14 57.62 -4.64
C SER R 97 48.14 58.14 -3.61
N SER R 98 49.42 58.13 -3.95
CA SER R 98 50.45 58.74 -3.12
C SER R 98 50.61 60.21 -3.51
N GLY R 99 51.54 60.89 -2.83
CA GLY R 99 51.95 62.22 -3.22
C GLY R 99 52.97 62.26 -4.32
N LEU R 100 53.35 61.10 -4.83
CA LEU R 100 54.33 61.02 -5.92
C LEU R 100 53.66 61.44 -7.21
N VAL R 101 54.15 62.52 -7.82
CA VAL R 101 53.58 63.08 -9.04
C VAL R 101 54.69 63.18 -10.08
N VAL R 102 54.41 62.70 -11.30
CA VAL R 102 55.37 62.69 -12.38
C VAL R 102 54.75 63.43 -13.56
N CYS R 103 55.53 64.31 -14.19
CA CYS R 103 55.06 65.08 -15.33
C CYS R 103 54.84 64.18 -16.56
N ASN R 104 54.18 64.74 -17.57
CA ASN R 104 53.77 63.98 -18.75
C ASN R 104 54.94 63.50 -19.59
N ASP R 105 56.11 64.13 -19.48
CA ASP R 105 57.28 63.69 -20.22
C ASP R 105 57.94 62.46 -19.59
N GLY R 106 57.48 62.02 -18.43
CA GLY R 106 57.99 60.84 -17.78
C GLY R 106 58.96 61.10 -16.64
N TYR R 107 59.55 62.28 -16.58
CA TYR R 107 60.41 62.63 -15.47
C TYR R 107 59.56 63.04 -14.28
N VAL R 108 59.96 62.57 -13.10
CA VAL R 108 59.15 62.73 -11.90
C VAL R 108 59.35 64.11 -11.31
N SER R 109 58.27 64.69 -10.80
CA SER R 109 58.30 66.02 -10.19
C SER R 109 58.40 65.86 -8.68
N GLU R 110 59.61 65.55 -8.22
CA GLU R 110 59.86 65.44 -6.79
C GLU R 110 59.82 66.79 -6.10
N GLU R 111 60.04 67.88 -6.83
CA GLU R 111 59.94 69.20 -6.24
C GLU R 111 58.49 69.59 -6.02
N CYS R 112 57.63 69.26 -7.00
CA CYS R 112 56.20 69.49 -6.84
C CYS R 112 55.60 68.52 -5.82
N SER R 113 56.19 67.33 -5.69
CA SER R 113 55.69 66.32 -4.78
C SER R 113 56.05 66.67 -3.33
N LEU R 114 55.33 66.04 -2.41
CA LEU R 114 55.67 66.10 -1.00
C LEU R 114 56.74 65.06 -0.70
N GLN R 115 57.15 64.98 0.56
CA GLN R 115 58.26 64.13 0.96
C GLN R 115 57.81 63.09 1.97
N LYS R 116 58.71 62.15 2.24
CA LYS R 116 58.47 61.07 3.19
C LYS R 116 58.92 61.48 4.59
N UNK S 1 67.51 106.41 -36.28
CA UNK S 1 67.11 107.79 -35.99
C UNK S 1 68.12 108.77 -36.59
N UNK S 2 68.89 109.42 -35.70
CA UNK S 2 69.90 110.42 -36.04
C UNK S 2 69.36 111.56 -36.87
N UNK S 3 68.12 111.98 -36.61
CA UNK S 3 67.48 113.04 -37.38
C UNK S 3 66.34 113.62 -36.57
N UNK S 4 66.15 114.94 -36.70
CA UNK S 4 64.97 115.60 -36.15
C UNK S 4 64.10 116.18 -37.25
N UNK S 5 64.66 117.01 -38.12
CA UNK S 5 63.90 117.64 -39.19
C UNK S 5 64.46 117.19 -40.54
N UNK S 6 63.64 116.48 -41.29
CA UNK S 6 63.99 116.17 -42.67
C UNK S 6 63.82 117.43 -43.49
N UNK S 7 64.88 118.23 -43.58
CA UNK S 7 64.80 119.55 -44.18
C UNK S 7 64.74 119.44 -45.69
N UNK S 8 63.75 120.08 -46.30
CA UNK S 8 63.66 120.14 -47.75
C UNK S 8 64.69 121.13 -48.27
N UNK S 9 65.60 120.64 -49.12
CA UNK S 9 66.69 121.41 -49.75
C UNK S 9 67.57 122.16 -48.76
N UNK T 1 101.59 -47.37 -33.45
CA UNK T 1 100.47 -46.44 -33.55
C UNK T 1 100.83 -45.23 -34.41
N UNK T 2 100.05 -44.16 -34.28
CA UNK T 2 100.31 -42.93 -35.03
C UNK T 2 101.24 -42.05 -34.22
N UNK T 3 102.50 -41.97 -34.64
CA UNK T 3 103.53 -41.23 -33.94
C UNK T 3 103.77 -39.88 -34.61
N UNK T 4 104.74 -39.14 -34.08
CA UNK T 4 105.03 -37.79 -34.58
C UNK T 4 105.95 -37.78 -35.79
N UNK T 5 106.59 -38.90 -36.13
CA UNK T 5 107.49 -38.94 -37.29
C UNK T 5 106.70 -38.80 -38.59
N UNK T 6 105.54 -39.45 -38.68
CA UNK T 6 104.67 -39.29 -39.84
C UNK T 6 104.14 -37.87 -39.95
N UNK T 7 103.82 -37.26 -38.82
CA UNK T 7 103.35 -35.87 -38.82
C UNK T 7 104.45 -34.92 -39.25
N UNK T 8 105.69 -35.16 -38.82
CA UNK T 8 106.81 -34.32 -39.23
C UNK T 8 107.10 -34.46 -40.72
N UNK T 9 107.07 -35.70 -41.23
CA UNK T 9 107.29 -35.91 -42.67
C UNK T 9 106.18 -35.32 -43.50
N UNK T 10 104.93 -35.44 -43.04
CA UNK T 10 103.80 -34.86 -43.75
C UNK T 10 103.84 -33.33 -43.72
N UNK T 11 104.29 -32.75 -42.60
CA UNK T 11 104.43 -31.31 -42.51
C UNK T 11 105.55 -30.81 -43.41
N UNK T 12 106.63 -31.58 -43.51
CA UNK T 12 107.70 -31.23 -44.45
C UNK T 12 107.23 -31.33 -45.90
N UNK T 13 106.38 -32.32 -46.20
CA UNK T 13 105.83 -32.43 -47.54
C UNK T 13 104.85 -31.29 -47.85
N UNK T 14 104.06 -30.88 -46.87
CA UNK T 14 103.02 -29.88 -47.08
C UNK T 14 103.50 -28.45 -46.86
N UNK T 15 104.73 -28.25 -46.40
CA UNK T 15 105.25 -26.89 -46.23
C UNK T 15 105.45 -26.19 -47.58
N UNK T 16 105.86 -26.93 -48.61
CA UNK T 16 106.07 -26.37 -49.94
C UNK T 16 105.43 -27.33 -50.95
N UNK T 17 104.28 -26.93 -51.51
CA UNK T 17 103.61 -27.78 -52.49
C UNK T 17 104.32 -27.77 -53.83
N UNK T 18 105.03 -26.66 -54.14
CA UNK T 18 105.83 -26.48 -55.36
C UNK T 18 105.00 -26.62 -56.63
N UNK T 19 103.73 -26.22 -56.58
CA UNK T 19 102.84 -26.27 -57.74
C UNK T 19 101.72 -25.27 -57.53
N UNK T 20 101.68 -24.22 -58.34
CA UNK T 20 100.62 -23.21 -58.24
C UNK T 20 100.56 -22.48 -59.59
N UNK T 21 99.48 -22.66 -60.32
CA UNK T 21 99.24 -21.97 -61.59
C UNK T 21 97.93 -21.23 -61.50
N UNK T 22 97.98 -19.91 -61.64
CA UNK T 22 96.81 -19.07 -61.38
C UNK T 22 96.18 -18.60 -62.69
N UNK T 23 94.98 -18.04 -62.57
CA UNK T 23 94.24 -17.49 -63.69
C UNK T 23 93.67 -16.14 -63.30
N UNK T 24 93.51 -15.27 -64.29
CA UNK T 24 92.94 -13.94 -64.08
C UNK T 24 92.02 -13.59 -65.22
N UNK T 25 91.02 -12.74 -64.93
CA UNK T 25 90.01 -12.37 -65.91
C UNK T 25 89.71 -10.88 -65.79
N UNK T 26 89.24 -10.31 -66.89
CA UNK T 26 88.83 -8.91 -66.96
C UNK T 26 87.31 -8.81 -66.89
N UNK T 27 86.80 -7.62 -67.21
CA UNK T 27 85.35 -7.36 -67.15
C UNK T 27 84.58 -8.21 -68.14
N UNK T 28 85.11 -8.35 -69.36
CA UNK T 28 84.54 -9.25 -70.37
C UNK T 28 85.29 -10.58 -70.43
N UNK T 29 85.95 -10.95 -69.32
CA UNK T 29 86.69 -12.20 -69.14
C UNK T 29 87.81 -12.35 -70.18
N UNK T 30 88.71 -11.38 -70.20
CA UNK T 30 89.88 -11.48 -71.06
C UNK T 30 90.87 -12.50 -70.50
N UNK T 31 91.62 -13.15 -71.39
CA UNK T 31 92.55 -14.18 -70.99
C UNK T 31 93.76 -13.56 -70.29
N UNK T 32 94.14 -14.16 -69.16
CA UNK T 32 95.31 -13.71 -68.41
C UNK T 32 95.82 -14.89 -67.59
N UNK T 33 96.96 -15.45 -68.00
CA UNK T 33 97.52 -16.62 -67.36
C UNK T 33 98.62 -16.22 -66.37
N UNK T 34 99.18 -17.23 -65.70
CA UNK T 34 100.20 -17.02 -64.68
C UNK T 34 101.28 -18.08 -64.82
N UNK T 35 102.54 -17.64 -64.74
CA UNK T 35 103.66 -18.57 -64.66
C UNK T 35 103.69 -19.22 -63.29
N UNK T 36 104.16 -20.46 -63.25
CA UNK T 36 104.09 -21.26 -62.03
C UNK T 36 105.10 -20.78 -60.98
N UNK T 37 104.68 -20.83 -59.72
CA UNK T 37 105.53 -20.43 -58.60
C UNK T 37 105.12 -21.25 -57.39
N UNK T 38 105.56 -20.80 -56.21
CA UNK T 38 105.34 -21.43 -54.90
C UNK T 38 105.77 -22.90 -54.87
N UNK T 39 87.51 -6.45 -60.43
CA UNK T 39 87.64 -7.83 -60.85
C UNK T 39 88.89 -8.02 -61.69
N UNK T 40 90.00 -8.35 -61.03
CA UNK T 40 91.28 -8.51 -61.69
C UNK T 40 91.77 -9.95 -61.70
N UNK T 41 91.88 -10.58 -60.53
CA UNK T 41 92.37 -11.95 -60.44
C UNK T 41 91.70 -12.62 -59.25
N UNK T 42 91.11 -13.78 -59.50
CA UNK T 42 90.49 -14.56 -58.43
C UNK T 42 91.56 -15.32 -57.66
N UNK T 43 91.51 -15.25 -56.33
CA UNK T 43 92.44 -16.01 -55.51
C UNK T 43 92.14 -17.50 -55.58
N UNK T 44 90.89 -17.88 -55.82
CA UNK T 44 90.52 -19.28 -55.98
C UNK T 44 90.78 -19.80 -57.38
N UNK T 45 91.21 -18.94 -58.31
CA UNK T 45 91.51 -19.38 -59.66
C UNK T 45 92.85 -20.12 -59.76
N UNK T 46 93.66 -20.11 -58.70
CA UNK T 46 94.90 -20.87 -58.71
C UNK T 46 94.63 -22.36 -58.55
N UNK T 47 95.42 -23.17 -59.26
CA UNK T 47 95.35 -24.62 -59.21
C UNK T 47 96.70 -25.18 -58.78
N UNK T 48 96.67 -26.14 -57.86
CA UNK T 48 97.88 -26.71 -57.31
C UNK T 48 98.04 -28.18 -57.70
N LYS U 24 79.09 115.37 -7.57
CA LYS U 24 78.92 115.36 -6.12
C LYS U 24 78.57 113.97 -5.62
N PHE U 25 77.80 113.23 -6.41
CA PHE U 25 77.42 111.85 -6.09
C PHE U 25 77.64 111.01 -7.35
N LYS U 26 78.85 110.49 -7.50
CA LYS U 26 79.14 109.58 -8.60
C LYS U 26 78.50 108.23 -8.31
N LYS U 27 77.79 107.71 -9.28
CA LYS U 27 77.18 106.43 -9.00
C LYS U 27 78.15 105.28 -9.31
N PRO U 28 78.09 104.20 -8.53
CA PRO U 28 78.79 102.98 -8.90
C PRO U 28 78.05 102.28 -10.03
N PRO U 29 78.69 101.35 -10.73
CA PRO U 29 77.96 100.51 -11.69
C PRO U 29 76.92 99.67 -10.99
N ILE U 30 75.77 99.49 -11.65
CA ILE U 30 74.63 98.85 -11.02
C ILE U 30 74.71 97.35 -11.22
N ASN U 31 74.69 96.89 -12.47
CA ASN U 31 74.82 95.47 -12.77
C ASN U 31 76.31 95.15 -12.87
N ASN U 32 76.94 95.09 -11.71
CA ASN U 32 78.38 94.85 -11.67
C ASN U 32 78.68 93.67 -10.76
N PRO U 33 79.71 92.91 -11.07
CA PRO U 33 80.07 91.75 -10.24
C PRO U 33 80.81 92.15 -8.98
N SER U 34 80.10 92.45 -7.90
CA SER U 34 80.74 92.80 -6.63
C SER U 34 80.91 91.60 -5.71
N ASP U 35 80.97 90.39 -6.25
CA ASP U 35 81.15 89.19 -5.46
C ASP U 35 82.18 88.30 -6.13
N ASP U 36 82.93 87.55 -5.30
CA ASP U 36 84.04 86.74 -5.78
C ASP U 36 83.57 85.60 -6.68
N ALA U 37 82.47 84.94 -6.31
CA ALA U 37 81.90 83.92 -7.18
C ALA U 37 81.42 84.52 -8.48
N THR U 38 80.87 85.73 -8.41
CA THR U 38 80.38 86.40 -9.61
C THR U 38 81.51 86.78 -10.54
N ILE U 39 82.63 87.28 -10.00
CA ILE U 39 83.75 87.63 -10.87
C ILE U 39 84.40 86.38 -11.43
N LYS U 40 84.38 85.28 -10.68
CA LYS U 40 84.90 84.02 -11.21
C LYS U 40 84.04 83.53 -12.37
N LEU U 41 82.72 83.61 -12.22
CA LEU U 41 81.81 83.23 -13.29
C LEU U 41 81.97 84.13 -14.51
N ALA U 42 82.14 85.43 -14.29
CA ALA U 42 82.28 86.36 -15.40
C ALA U 42 83.60 86.16 -16.13
N GLU U 43 84.68 85.89 -15.40
CA GLU U 43 85.96 85.60 -16.02
C GLU U 43 85.91 84.30 -16.82
N ALA U 44 85.22 83.29 -16.27
CA ALA U 44 85.05 82.03 -16.99
C ALA U 44 84.24 82.22 -18.27
N ALA U 45 83.21 83.06 -18.20
CA ALA U 45 82.40 83.37 -19.38
C ALA U 45 83.21 84.10 -20.44
N VAL U 46 84.06 85.04 -20.02
CA VAL U 46 84.91 85.77 -20.95
C VAL U 46 85.89 84.81 -21.63
N SER U 47 86.50 83.93 -20.84
CA SER U 47 87.47 82.99 -21.38
C SER U 47 86.82 81.99 -22.34
N VAL U 48 85.63 81.51 -22.01
CA VAL U 48 84.99 80.53 -22.90
C VAL U 48 84.45 81.22 -24.15
N SER U 49 84.09 82.50 -24.05
CA SER U 49 83.68 83.24 -25.24
C SER U 49 84.86 83.43 -26.18
N ASP U 50 86.04 83.75 -25.63
CA ASP U 50 87.23 83.87 -26.46
C ASP U 50 87.63 82.53 -27.07
N SER U 51 87.47 81.46 -26.30
CA SER U 51 87.80 80.13 -26.78
C SER U 51 86.90 79.72 -27.94
N MET U 52 85.60 79.95 -27.83
CA MET U 52 84.70 79.63 -28.93
C MET U 52 84.91 80.55 -30.11
N LEU U 53 85.29 81.81 -29.85
CA LEU U 53 85.59 82.74 -30.93
C LEU U 53 86.78 82.29 -31.76
N GLU U 54 87.87 81.89 -31.10
CA GLU U 54 89.01 81.42 -31.86
C GLU U 54 88.78 80.03 -32.44
N MET U 55 87.87 79.24 -31.84
CA MET U 55 87.47 77.97 -32.43
C MET U 55 86.78 78.19 -33.77
N ALA U 56 85.86 79.15 -33.82
CA ALA U 56 85.21 79.49 -35.08
C ALA U 56 86.18 80.15 -36.05
N LYS U 57 87.17 80.88 -35.52
CA LYS U 57 88.19 81.49 -36.36
C LYS U 57 89.03 80.44 -37.08
N VAL U 58 89.39 79.37 -36.37
CA VAL U 58 90.08 78.27 -37.01
C VAL U 58 89.15 77.53 -37.97
N GLU U 59 87.92 77.28 -37.54
CA GLU U 59 87.05 76.37 -38.26
C GLU U 59 86.45 76.95 -39.53
N LYS U 60 86.22 78.26 -39.56
CA LYS U 60 85.53 78.85 -40.70
C LYS U 60 86.45 78.90 -41.90
N VAL U 61 85.97 78.38 -43.03
CA VAL U 61 86.72 78.36 -44.29
C VAL U 61 86.18 79.46 -45.18
N ILE U 62 87.07 80.34 -45.62
CA ILE U 62 86.69 81.48 -46.46
C ILE U 62 87.36 81.32 -47.82
N THR U 63 86.94 82.19 -48.74
CA THR U 63 87.61 82.37 -50.02
C THR U 63 87.77 83.87 -50.25
N PRO U 64 88.91 84.30 -50.81
CA PRO U 64 89.08 85.72 -51.07
C PRO U 64 88.23 86.16 -52.24
N PRO U 65 87.81 87.44 -52.28
CA PRO U 65 86.96 87.91 -53.38
C PRO U 65 87.66 88.00 -54.72
N SER U 66 89.00 87.95 -54.74
CA SER U 66 89.73 88.03 -55.99
C SER U 66 89.50 86.80 -56.86
N LYS U 67 89.58 85.61 -56.26
CA LYS U 67 89.41 84.38 -57.00
C LYS U 67 88.00 83.82 -56.92
N ASP U 68 87.08 84.53 -56.26
CA ASP U 68 85.71 84.06 -56.15
C ASP U 68 84.99 84.26 -57.47
N ASN U 69 84.30 83.22 -57.93
CA ASN U 69 83.63 83.24 -59.24
C ASN U 69 82.17 83.63 -59.04
N THR U 70 81.94 84.90 -58.78
CA THR U 70 80.62 85.49 -58.75
C THR U 70 80.48 86.41 -59.96
N LEU U 71 79.33 86.36 -60.61
CA LEU U 71 79.08 87.19 -61.79
C LEU U 71 79.07 88.67 -61.41
N THR U 72 79.93 89.44 -62.06
CA THR U 72 80.05 90.85 -61.76
C THR U 72 78.86 91.62 -62.33
N ILE U 73 78.70 92.85 -61.85
CA ILE U 73 77.66 93.74 -62.36
C ILE U 73 78.08 94.27 -63.71
N PRO U 74 77.30 94.04 -64.77
CA PRO U 74 77.69 94.51 -66.10
C PRO U 74 77.51 96.01 -66.31
N ASN U 75 76.79 96.68 -65.40
CA ASN U 75 76.49 98.11 -65.34
C ASN U 75 76.14 98.77 -66.68
N ALA U 76 75.34 98.08 -67.49
CA ALA U 76 74.78 98.72 -68.68
C ALA U 76 73.67 99.67 -68.27
N TYR U 77 73.39 100.64 -69.15
CA TYR U 77 72.40 101.66 -68.83
C TYR U 77 70.99 101.08 -68.81
N ASN U 78 70.70 100.14 -69.70
CA ASN U 78 69.38 99.52 -69.70
C ASN U 78 69.19 98.58 -68.52
N LEU U 79 70.26 98.15 -67.87
CA LEU U 79 70.12 97.28 -66.71
C LEU U 79 69.86 98.04 -65.43
N GLN U 80 69.88 99.38 -65.47
CA GLN U 80 69.59 100.20 -64.30
C GLN U 80 68.12 100.56 -64.20
N ALA U 81 67.25 99.82 -64.88
CA ALA U 81 65.83 100.04 -64.80
C ALA U 81 65.28 99.59 -63.44
N ARG U 82 64.10 100.09 -63.12
CA ARG U 82 63.45 99.80 -61.85
C ARG U 82 62.30 98.81 -62.07
N ALA U 83 62.27 97.75 -61.28
CA ALA U 83 61.32 96.66 -61.49
C ALA U 83 61.08 95.93 -60.17
N SER U 84 59.95 95.22 -60.12
CA SER U 84 59.55 94.41 -58.97
C SER U 84 59.10 93.04 -59.46
N VAL U 85 59.53 91.98 -58.77
CA VAL U 85 59.33 90.62 -59.27
C VAL U 85 59.05 89.69 -58.09
N ASP U 86 57.99 88.89 -58.20
CA ASP U 86 57.82 87.69 -57.40
C ASP U 86 57.76 86.49 -58.32
N TRP U 87 58.52 85.45 -57.98
CA TRP U 87 58.61 84.25 -58.80
C TRP U 87 59.05 83.09 -57.94
N SER U 88 58.50 81.92 -58.23
CA SER U 88 59.10 80.66 -57.81
C SER U 88 59.09 79.73 -59.01
N GLY U 89 60.14 78.93 -59.14
CA GLY U 89 60.17 77.91 -60.17
C GLY U 89 61.44 77.90 -60.98
N PRO U 90 61.35 77.51 -62.26
CA PRO U 90 62.54 77.46 -63.12
C PRO U 90 63.14 78.82 -63.45
N ILE U 91 64.21 78.79 -64.22
CA ILE U 91 65.11 79.92 -64.34
C ILE U 91 65.16 80.48 -65.76
N GLU U 92 65.15 79.60 -66.76
CA GLU U 92 65.41 80.02 -68.14
C GLU U 92 64.26 80.84 -68.71
N GLU U 93 63.02 80.47 -68.38
CA GLU U 93 61.86 81.26 -68.79
C GLU U 93 61.88 82.63 -68.15
N LEU U 94 62.26 82.69 -66.87
CA LEU U 94 62.34 83.96 -66.15
C LEU U 94 63.42 84.85 -66.75
N THR U 95 64.56 84.27 -67.12
CA THR U 95 65.62 85.07 -67.74
C THR U 95 65.22 85.53 -69.13
N ALA U 96 64.45 84.72 -69.85
CA ALA U 96 63.96 85.16 -71.16
C ALA U 96 63.01 86.33 -71.03
N ARG U 97 62.13 86.30 -70.01
CA ARG U 97 61.25 87.44 -69.76
C ARG U 97 62.05 88.66 -69.33
N ILE U 98 63.12 88.45 -68.57
CA ILE U 98 63.99 89.54 -68.14
C ILE U 98 64.68 90.18 -69.33
N ALA U 99 65.16 89.35 -70.26
CA ALA U 99 65.82 89.86 -71.46
C ALA U 99 64.85 90.63 -72.34
N LYS U 100 63.61 90.13 -72.45
CA LYS U 100 62.61 90.84 -73.25
C LYS U 100 62.20 92.15 -72.59
N ALA U 101 62.16 92.20 -71.26
CA ALA U 101 61.88 93.45 -70.57
C ALA U 101 63.05 94.42 -70.68
N ALA U 102 64.26 93.91 -70.75
CA ALA U 102 65.46 94.73 -70.84
C ALA U 102 65.88 95.01 -72.26
N HIS U 103 65.07 94.58 -73.24
CA HIS U 103 65.29 94.80 -74.67
C HIS U 103 66.61 94.18 -75.13
N PHE U 104 66.91 93.00 -74.61
CA PHE U 104 68.12 92.26 -74.93
C PHE U 104 67.75 90.93 -75.56
N ARG U 105 68.61 90.44 -76.44
CA ARG U 105 68.41 89.11 -76.96
C ARG U 105 68.91 88.08 -75.97
N PHE U 106 68.46 86.84 -76.15
CA PHE U 106 68.78 85.76 -75.25
C PHE U 106 69.18 84.52 -76.04
N ARG U 107 70.19 83.80 -75.55
CA ARG U 107 70.60 82.55 -76.15
C ARG U 107 70.98 81.55 -75.07
N VAL U 108 71.04 80.29 -75.47
CA VAL U 108 71.41 79.20 -74.57
C VAL U 108 72.70 78.58 -75.06
N LEU U 109 73.40 77.91 -74.14
CA LEU U 109 74.63 77.18 -74.40
C LEU U 109 74.47 75.85 -73.68
N GLY U 110 73.92 74.86 -74.38
CA GLY U 110 73.72 73.55 -73.82
C GLY U 110 72.32 73.07 -74.06
N LYS U 111 71.85 72.20 -73.16
CA LYS U 111 70.54 71.60 -73.27
C LYS U 111 69.85 71.63 -71.91
N SER U 112 68.52 71.60 -71.94
CA SER U 112 67.75 71.64 -70.72
C SER U 112 67.79 70.28 -70.02
N PRO U 113 68.13 70.23 -68.73
CA PRO U 113 68.14 68.94 -68.01
C PRO U 113 66.72 68.46 -67.74
N SER U 114 66.65 67.24 -67.18
CA SER U 114 65.36 66.61 -66.93
C SER U 114 64.62 67.30 -65.79
N VAL U 115 65.19 67.24 -64.59
CA VAL U 115 64.60 67.96 -63.46
C VAL U 115 64.96 69.43 -63.62
N PRO U 116 63.98 70.32 -63.64
CA PRO U 116 64.28 71.74 -63.77
C PRO U 116 64.94 72.30 -62.52
N VAL U 117 65.82 73.26 -62.73
CA VAL U 117 66.49 73.94 -61.62
C VAL U 117 65.54 74.98 -61.07
N LEU U 118 65.18 74.84 -59.80
CA LEU U 118 64.11 75.62 -59.21
C LEU U 118 64.69 76.72 -58.32
N ILE U 119 64.19 77.94 -58.51
CA ILE U 119 64.64 79.09 -57.75
C ILE U 119 63.41 79.91 -57.36
N SER U 120 63.60 80.80 -56.38
CA SER U 120 62.50 81.62 -55.89
C SER U 120 63.04 82.96 -55.41
N ILE U 121 62.20 83.98 -55.53
CA ILE U 121 62.58 85.35 -55.27
C ILE U 121 61.29 86.16 -55.11
N SER U 122 61.30 87.12 -54.18
CA SER U 122 60.18 88.04 -54.03
C SER U 122 60.73 89.37 -53.57
N THR U 123 60.70 90.38 -54.44
CA THR U 123 61.33 91.64 -54.12
C THR U 123 60.64 92.77 -54.89
N LYS U 124 60.84 93.98 -54.37
CA LYS U 124 60.26 95.19 -54.93
C LYS U 124 61.27 96.13 -55.55
N ASP U 125 62.44 96.32 -54.93
CA ASP U 125 63.50 97.16 -55.47
C ASP U 125 64.79 96.34 -55.44
N GLU U 126 64.97 95.52 -56.47
CA GLU U 126 66.24 94.84 -56.75
C GLU U 126 66.40 94.83 -58.25
N SER U 127 67.32 95.62 -58.77
CA SER U 127 67.39 95.84 -60.21
C SER U 127 67.97 94.63 -60.94
N LEU U 128 68.13 94.79 -62.24
CA LEU U 128 68.26 93.65 -63.14
C LEU U 128 69.61 92.96 -62.99
N ALA U 129 70.68 93.73 -62.83
CA ALA U 129 72.02 93.15 -62.75
C ALA U 129 72.20 92.35 -61.46
N GLU U 130 71.73 92.87 -60.34
CA GLU U 130 71.84 92.14 -59.09
C GLU U 130 70.84 90.99 -59.02
N ILE U 131 69.72 91.10 -59.72
CA ILE U 131 68.81 89.96 -59.87
C ILE U 131 69.53 88.85 -60.63
N LEU U 132 70.25 89.20 -61.68
CA LEU U 132 71.08 88.23 -62.39
C LEU U 132 72.20 87.70 -61.52
N ARG U 133 72.73 88.53 -60.63
CA ARG U 133 73.79 88.10 -59.72
C ARG U 133 73.26 87.02 -58.76
N ASP U 134 72.07 87.25 -58.21
CA ASP U 134 71.44 86.25 -57.35
C ASP U 134 71.06 85.00 -58.13
N ILE U 135 70.65 85.17 -59.39
CA ILE U 135 70.30 84.04 -60.24
C ILE U 135 71.52 83.18 -60.51
N ASP U 136 72.66 83.81 -60.81
CA ASP U 136 73.90 83.08 -61.04
C ASP U 136 74.42 82.44 -59.77
N TYR U 137 74.19 83.07 -58.62
CA TYR U 137 74.56 82.45 -57.35
C TYR U 137 73.74 81.21 -57.08
N GLN U 138 72.42 81.31 -57.22
CA GLN U 138 71.56 80.18 -56.95
C GLN U 138 71.56 79.15 -58.07
N ALA U 139 72.19 79.46 -59.21
CA ALA U 139 72.40 78.45 -60.23
C ALA U 139 73.38 77.38 -59.75
N GLY U 140 74.44 77.80 -59.07
CA GLY U 140 75.38 76.84 -58.50
C GLY U 140 76.21 76.16 -59.57
N LYS U 141 76.47 74.86 -59.35
CA LYS U 141 77.34 74.10 -60.25
C LYS U 141 76.65 73.71 -61.54
N LYS U 142 75.32 73.75 -61.58
CA LYS U 142 74.59 73.18 -62.71
C LYS U 142 74.65 74.08 -63.94
N ALA U 143 74.60 75.40 -63.76
CA ALA U 143 74.58 76.32 -64.89
C ALA U 143 75.11 77.66 -64.42
N SER U 144 75.16 78.60 -65.36
CA SER U 144 75.58 79.97 -65.11
C SER U 144 75.02 80.84 -66.22
N ILE U 145 75.25 82.14 -66.11
CA ILE U 145 74.80 83.10 -67.11
C ILE U 145 75.93 84.07 -67.42
N HIS U 146 75.90 84.60 -68.63
CA HIS U 146 76.89 85.56 -69.09
C HIS U 146 76.19 86.70 -69.79
N VAL U 147 76.78 87.89 -69.68
CA VAL U 147 76.19 89.13 -70.18
C VAL U 147 77.12 89.73 -71.21
N TYR U 148 76.59 90.07 -72.38
CA TYR U 148 77.37 90.75 -73.40
C TYR U 148 76.71 92.09 -73.69
N PRO U 149 77.38 93.21 -73.40
CA PRO U 149 76.85 94.53 -73.73
C PRO U 149 77.33 95.09 -75.05
N ASN U 150 78.25 94.42 -75.74
CA ASN U 150 78.61 94.82 -77.09
C ASN U 150 77.50 94.48 -78.06
N SER U 151 77.21 93.19 -78.21
CA SER U 151 75.98 92.71 -78.81
C SER U 151 75.04 92.38 -77.65
N GLN U 152 73.93 93.10 -77.58
CA GLN U 152 73.12 93.21 -76.36
C GLN U 152 72.41 91.89 -76.09
N VAL U 153 73.14 90.96 -75.48
CA VAL U 153 72.67 89.59 -75.36
C VAL U 153 72.96 89.06 -73.95
N VAL U 154 72.17 88.07 -73.57
CA VAL U 154 72.40 87.30 -72.35
C VAL U 154 72.39 85.82 -72.70
N GLU U 155 73.32 85.08 -72.13
CA GLU U 155 73.53 83.68 -72.45
C GLU U 155 73.35 82.84 -71.20
N LEU U 156 72.54 81.80 -71.30
CA LEU U 156 72.40 80.82 -70.22
C LEU U 156 73.23 79.60 -70.60
N ARG U 157 74.35 79.40 -69.90
CA ARG U 157 75.28 78.34 -70.22
C ARG U 157 75.16 77.24 -69.17
N TYR U 158 74.78 76.04 -69.60
CA TYR U 158 74.64 74.93 -68.69
C TYR U 158 76.00 74.29 -68.39
N ALA U 159 75.98 73.19 -67.66
CA ALA U 159 77.19 72.43 -67.38
C ALA U 159 76.90 70.94 -67.54
N LYS U 160 77.95 70.17 -67.77
CA LYS U 160 77.81 68.73 -67.96
C LYS U 160 78.24 67.96 -66.72
N ILE V 208 114.32 85.57 -48.07
CA ILE V 208 114.64 86.59 -47.08
C ILE V 208 113.63 87.73 -47.15
N ILE V 209 113.04 88.04 -46.00
CA ILE V 209 112.05 89.09 -45.88
C ILE V 209 112.71 90.30 -45.25
N TYR V 210 112.44 91.48 -45.80
CA TYR V 210 113.00 92.72 -45.30
C TYR V 210 111.96 93.49 -44.49
N TYR V 211 112.43 94.20 -43.48
CA TYR V 211 111.56 94.94 -42.58
C TYR V 211 112.08 96.35 -42.38
N ILE V 212 111.15 97.29 -42.26
CA ILE V 212 111.48 98.69 -42.06
C ILE V 212 111.51 98.99 -40.57
N GLN V 213 112.24 100.05 -40.22
CA GLN V 213 112.28 100.51 -38.83
C GLN V 213 111.85 101.95 -38.67
N ALA V 214 112.25 102.84 -39.58
CA ALA V 214 111.87 104.23 -39.51
C ALA V 214 111.72 104.79 -40.91
N VAL V 215 110.77 105.70 -41.08
CA VAL V 215 110.33 106.17 -42.38
C VAL V 215 110.34 107.69 -42.39
N ILE V 216 110.95 108.27 -43.43
CA ILE V 216 110.89 109.70 -43.67
C ILE V 216 110.36 109.87 -45.09
N PRO V 217 109.74 111.00 -45.44
CA PRO V 217 109.41 111.23 -46.85
C PRO V 217 110.66 111.35 -47.71
N GLY V 218 110.89 110.37 -48.57
CA GLY V 218 112.04 110.42 -49.46
C GLY V 218 112.98 109.25 -49.32
N ARG V 219 113.21 108.80 -48.09
CA ARG V 219 114.11 107.68 -47.85
C ARG V 219 113.69 106.96 -46.59
N ALA V 220 114.21 105.75 -46.41
CA ALA V 220 113.88 104.95 -45.25
C ALA V 220 115.06 104.04 -44.93
N TRP V 221 115.01 103.45 -43.74
CA TRP V 221 116.04 102.54 -43.26
C TRP V 221 115.44 101.14 -43.15
N LEU V 222 116.16 100.16 -43.66
CA LEU V 222 115.62 98.82 -43.87
C LEU V 222 116.48 97.79 -43.16
N ILE V 223 115.84 96.82 -42.52
CA ILE V 223 116.52 95.66 -41.96
C ILE V 223 116.11 94.43 -42.76
N GLY V 224 116.92 93.37 -42.67
CA GLY V 224 116.66 92.13 -43.34
C GLY V 224 116.38 90.99 -42.38
N SER V 225 116.14 89.81 -42.96
CA SER V 225 115.92 88.61 -42.17
C SER V 225 117.18 88.21 -41.42
N ASN V 226 118.34 88.44 -42.02
CA ASN V 226 119.61 88.29 -41.33
C ASN V 226 119.99 89.54 -40.55
N GLY V 227 119.15 90.57 -40.55
CA GLY V 227 119.51 91.84 -39.96
C GLY V 227 120.35 92.72 -40.85
N SER V 228 120.25 92.57 -42.17
CA SER V 228 121.05 93.36 -43.08
C SER V 228 120.51 94.79 -43.15
N THR V 229 121.33 95.74 -42.72
CA THR V 229 120.94 97.14 -42.73
C THR V 229 120.93 97.67 -44.16
N LEU V 230 119.96 98.52 -44.45
CA LEU V 230 119.85 99.10 -45.78
C LEU V 230 119.15 100.44 -45.68
N THR V 231 119.62 101.39 -46.49
CA THR V 231 118.97 102.68 -46.68
C THR V 231 118.43 102.69 -48.11
N VAL V 232 117.12 102.92 -48.23
CA VAL V 232 116.42 102.78 -49.50
C VAL V 232 115.94 104.17 -49.94
N ARG V 233 116.34 104.58 -51.14
CA ARG V 233 115.81 105.77 -51.76
C ARG V 233 114.66 105.38 -52.69
N GLU V 234 113.94 106.39 -53.19
CA GLU V 234 112.82 106.13 -54.10
C GLU V 234 113.32 105.55 -55.42
N GLY V 235 114.34 106.16 -56.00
CA GLY V 235 114.96 105.53 -57.15
C GLY V 235 116.11 104.66 -56.70
N SER V 236 115.82 103.38 -56.48
CA SER V 236 116.80 102.41 -56.01
C SER V 236 116.24 101.02 -56.25
N LYS V 237 117.08 100.02 -56.06
CA LYS V 237 116.69 98.63 -56.26
C LYS V 237 116.89 97.84 -54.98
N ILE V 238 115.99 96.91 -54.74
CA ILE V 238 116.11 95.94 -53.64
C ILE V 238 116.37 94.57 -54.25
N PRO V 239 117.44 93.88 -53.87
CA PRO V 239 117.73 92.58 -54.47
C PRO V 239 116.73 91.52 -54.03
N GLY V 240 116.31 90.71 -54.99
CA GLY V 240 115.29 89.70 -54.76
C GLY V 240 113.87 90.22 -54.82
N TYR V 241 113.67 91.53 -54.89
CA TYR V 241 112.34 92.12 -54.90
C TYR V 241 112.12 93.15 -55.99
N GLY V 242 113.18 93.68 -56.60
CA GLY V 242 113.02 94.57 -57.73
C GLY V 242 113.38 96.02 -57.46
N MET V 243 112.55 96.93 -57.96
CA MET V 243 112.79 98.36 -57.84
C MET V 243 111.64 99.02 -57.10
N VAL V 244 111.95 99.84 -56.10
CA VAL V 244 110.90 100.51 -55.34
C VAL V 244 110.28 101.60 -56.20
N LYS V 245 108.95 101.56 -56.32
CA LYS V 245 108.23 102.52 -57.14
C LYS V 245 107.37 103.48 -56.33
N LEU V 246 107.03 103.14 -55.09
CA LEU V 246 106.21 104.02 -54.27
C LEU V 246 106.47 103.74 -52.80
N ILE V 247 106.68 104.80 -52.03
CA ILE V 247 106.76 104.74 -50.59
C ILE V 247 105.59 105.55 -50.02
N ASP V 248 105.32 105.33 -48.74
CA ASP V 248 104.30 106.08 -48.03
C ASP V 248 104.86 106.63 -46.74
N SER V 249 104.46 107.85 -46.40
CA SER V 249 104.75 108.42 -45.09
C SER V 249 103.56 108.35 -44.16
N LEU V 250 102.35 108.17 -44.70
CA LEU V 250 101.19 107.95 -43.85
C LEU V 250 101.25 106.57 -43.20
N GLN V 251 101.53 105.54 -43.99
CA GLN V 251 101.66 104.18 -43.52
C GLN V 251 103.03 103.64 -43.91
N GLY V 252 103.29 102.40 -43.54
CA GLY V 252 104.55 101.75 -43.85
C GLY V 252 104.50 100.97 -45.14
N ARG V 253 103.51 101.25 -45.98
CA ARG V 253 103.37 100.58 -47.26
C ARG V 253 104.47 101.04 -48.20
N ILE V 254 105.31 100.12 -48.67
CA ILE V 254 106.26 100.39 -49.72
C ILE V 254 106.12 99.32 -50.79
N LEU V 255 106.17 99.72 -52.05
CA LEU V 255 105.84 98.86 -53.17
C LEU V 255 107.06 98.67 -54.06
N THR V 256 107.14 97.50 -54.70
CA THR V 256 108.25 97.16 -55.57
C THR V 256 107.79 97.13 -57.02
N SER V 257 108.78 97.07 -57.91
CA SER V 257 108.50 96.87 -59.34
C SER V 257 108.00 95.46 -59.62
N SER V 258 108.24 94.51 -58.72
CA SER V 258 107.67 93.17 -58.83
C SER V 258 106.25 93.10 -58.27
N GLY V 259 105.69 94.22 -57.81
CA GLY V 259 104.38 94.21 -57.21
C GLY V 259 104.34 93.74 -55.78
N GLN V 260 105.49 93.50 -55.17
CA GLN V 260 105.55 93.05 -53.79
C GLN V 260 105.42 94.25 -52.87
N VAL V 261 104.70 94.06 -51.77
CA VAL V 261 104.38 95.11 -50.81
C VAL V 261 105.02 94.76 -49.48
N ILE V 262 105.77 95.69 -48.91
CA ILE V 262 106.36 95.53 -47.59
C ILE V 262 105.69 96.51 -46.63
N LYS V 263 105.25 95.99 -45.49
CA LYS V 263 104.69 96.74 -44.37
C LYS V 263 105.70 96.72 -43.23
N PHE V 264 105.30 97.25 -42.08
CA PHE V 264 106.19 97.29 -40.93
C PHE V 264 106.31 95.92 -40.28
N SER V 265 107.24 95.82 -39.34
CA SER V 265 107.46 94.58 -38.62
C SER V 265 106.36 94.35 -37.60
N GLN V 266 106.31 93.13 -37.09
CA GLN V 266 105.29 92.76 -36.11
C GLN V 266 105.78 91.62 -35.22
N GLY W 26 52.82 84.28 7.90
CA GLY W 26 52.95 84.19 6.45
C GLY W 26 53.50 82.87 5.97
N ASP W 27 54.28 82.90 4.90
CA ASP W 27 54.89 81.69 4.35
C ASP W 27 56.37 81.81 4.04
N THR W 28 56.91 83.01 3.84
CA THR W 28 58.35 83.17 3.63
C THR W 28 59.08 83.46 4.93
N GLY W 29 58.45 84.18 5.85
CA GLY W 29 58.92 84.27 7.22
C GLY W 29 58.12 83.29 8.06
N SER W 30 57.92 82.10 7.51
CA SER W 30 57.08 81.09 8.13
C SER W 30 57.73 80.48 9.36
N LEU W 31 59.00 80.73 9.62
CA LEU W 31 59.57 80.46 10.94
C LEU W 31 58.80 81.22 12.00
N ALA W 32 58.68 82.54 11.83
CA ALA W 32 57.87 83.34 12.74
C ALA W 32 56.39 83.08 12.53
N GLY W 33 55.99 82.66 11.33
CA GLY W 33 54.59 82.32 11.09
C GLY W 33 54.14 81.13 11.91
N LEU W 34 54.94 80.08 11.93
CA LEU W 34 54.63 78.93 12.77
C LEU W 34 54.97 79.18 14.22
N GLN W 35 55.84 80.16 14.52
CA GLN W 35 55.98 80.62 15.89
C GLN W 35 54.66 81.23 16.40
N ALA W 36 53.99 82.00 15.54
CA ALA W 36 52.67 82.50 15.89
C ALA W 36 51.63 81.38 15.92
N MET W 37 51.76 80.42 15.00
CA MET W 37 50.81 79.31 14.92
C MET W 37 50.97 78.31 16.05
N ALA W 38 52.10 78.35 16.77
CA ALA W 38 52.22 77.58 18.01
C ALA W 38 51.21 78.06 19.04
N ASP W 39 50.97 79.37 19.11
CA ASP W 39 49.89 79.90 19.91
C ASP W 39 48.55 79.53 19.29
N SER W 40 47.52 79.44 20.13
CA SER W 40 46.22 78.95 19.71
C SER W 40 45.22 80.06 19.37
N LYS W 41 45.64 81.33 19.37
CA LYS W 41 44.67 82.38 19.08
C LYS W 41 44.31 82.44 17.60
N TYR W 42 45.24 82.08 16.71
CA TYR W 42 44.89 82.01 15.29
C TYR W 42 44.12 80.74 14.99
N THR W 43 44.32 79.68 15.78
CA THR W 43 43.54 78.46 15.62
C THR W 43 42.07 78.71 15.94
N ARG W 44 41.78 79.50 16.98
CA ARG W 44 40.40 79.89 17.25
C ARG W 44 39.96 81.08 16.42
N ALA W 45 40.88 81.77 15.75
CA ALA W 45 40.49 82.75 14.74
C ALA W 45 40.17 82.08 13.40
N GLN W 46 40.56 80.82 13.23
CA GLN W 46 40.34 80.11 11.97
C GLN W 46 38.87 79.81 11.69
N LYS W 47 38.03 79.84 12.72
CA LYS W 47 36.65 79.38 12.57
C LYS W 47 35.82 80.33 11.71
N LYS W 48 35.97 81.64 11.92
CA LYS W 48 35.17 82.61 11.17
C LYS W 48 35.57 82.65 9.70
N GLN W 49 36.88 82.53 9.43
CA GLN W 49 37.31 82.49 8.04
C GLN W 49 36.96 81.17 7.38
N LYS W 50 36.89 80.08 8.15
CA LYS W 50 36.37 78.82 7.60
C LYS W 50 34.88 78.93 7.29
N MET W 51 34.14 79.65 8.15
CA MET W 51 32.73 79.94 7.87
C MET W 51 32.56 80.74 6.59
N GLY W 52 33.43 81.74 6.39
CA GLY W 52 33.37 82.52 5.17
C GLY W 52 33.73 81.72 3.92
N LYS W 53 34.81 80.93 4.00
CA LYS W 53 35.28 80.22 2.82
C LYS W 53 34.39 79.03 2.46
N ILE W 54 33.70 78.45 3.44
CA ILE W 54 32.83 77.32 3.14
C ILE W 54 31.50 77.76 2.54
N ARG W 55 31.17 79.05 2.61
CA ARG W 55 29.83 79.53 2.29
C ARG W 55 29.74 80.36 1.03
N GLU W 56 30.68 81.29 0.80
CA GLU W 56 30.57 82.24 -0.31
C GLU W 56 30.81 81.61 -1.66
N MET W 57 31.31 80.37 -1.71
CA MET W 57 31.57 79.68 -2.96
C MET W 57 30.31 79.40 -3.78
N ALA W 58 29.14 79.39 -3.14
CA ALA W 58 27.92 79.03 -3.84
C ALA W 58 27.45 80.14 -4.77
N LEU W 59 27.23 81.33 -4.24
CA LEU W 59 26.58 82.39 -5.01
C LEU W 59 27.53 83.05 -5.99
N LYS W 60 28.85 82.88 -5.81
CA LYS W 60 29.80 83.58 -6.65
C LYS W 60 29.81 83.02 -8.08
N GLU W 61 29.59 81.71 -8.23
CA GLU W 61 29.51 81.13 -9.56
C GLU W 61 28.27 81.62 -10.31
N THR W 62 27.15 81.75 -9.59
CA THR W 62 25.94 82.29 -10.19
C THR W 62 26.12 83.75 -10.58
N ALA W 63 26.80 84.53 -9.74
CA ALA W 63 27.07 85.93 -10.05
C ALA W 63 27.97 86.05 -11.27
N LEU W 64 29.00 85.19 -11.36
CA LEU W 64 29.86 85.15 -12.53
C LEU W 64 29.08 84.78 -13.77
N SER W 65 28.14 83.83 -13.65
CA SER W 65 27.36 83.38 -14.80
C SER W 65 26.44 84.47 -15.31
N VAL W 66 25.73 85.15 -14.41
CA VAL W 66 24.82 86.19 -14.87
C VAL W 66 25.58 87.41 -15.37
N GLY W 67 26.76 87.69 -14.80
CA GLY W 67 27.60 88.73 -15.36
C GLY W 67 28.11 88.39 -16.74
N ALA W 68 28.44 87.11 -16.96
CA ALA W 68 28.86 86.64 -18.28
C ALA W 68 27.74 86.82 -19.29
N GLN W 69 26.51 86.46 -18.91
CA GLN W 69 25.38 86.60 -19.83
C GLN W 69 25.10 88.06 -20.14
N ALA W 70 25.12 88.92 -19.13
CA ALA W 70 24.82 90.34 -19.33
C ALA W 70 25.89 91.02 -20.19
N GLY W 71 27.16 90.76 -19.88
CA GLY W 71 28.23 91.38 -20.65
C GLY W 71 28.29 90.87 -22.07
N LEU W 72 28.07 89.57 -22.27
CA LEU W 72 28.05 88.99 -23.60
C LEU W 72 26.93 89.56 -24.44
N ALA W 73 25.72 89.65 -23.88
CA ALA W 73 24.58 90.17 -24.62
C ALA W 73 24.74 91.65 -24.94
N TRP W 74 25.22 92.43 -23.97
CA TRP W 74 25.37 93.86 -24.19
C TRP W 74 26.47 94.16 -25.20
N ARG W 75 27.61 93.47 -25.10
CA ARG W 75 28.69 93.66 -26.05
C ARG W 75 28.28 93.21 -27.44
N ALA W 76 27.48 92.13 -27.52
CA ALA W 76 26.96 91.69 -28.81
C ALA W 76 26.05 92.73 -29.43
N LYS W 77 25.18 93.34 -28.63
CA LYS W 77 24.27 94.36 -29.14
C LYS W 77 25.03 95.60 -29.62
N ILE W 78 26.00 96.05 -28.84
CA ILE W 78 26.79 97.23 -29.20
C ILE W 78 27.62 96.96 -30.46
N ILE W 79 28.24 95.78 -30.53
CA ILE W 79 29.10 95.49 -31.66
C ILE W 79 28.26 95.22 -32.91
N ASP W 80 27.00 94.78 -32.74
CA ASP W 80 26.13 94.63 -33.89
C ASP W 80 25.71 95.98 -34.43
N GLU W 81 25.41 96.92 -33.54
CA GLU W 81 25.08 98.28 -33.97
C GLU W 81 26.27 98.94 -34.67
N GLN W 82 27.48 98.74 -34.13
CA GLN W 82 28.66 99.32 -34.74
C GLN W 82 29.00 98.67 -36.07
N LEU W 83 28.74 97.37 -36.21
CA LEU W 83 28.95 96.71 -37.50
C LEU W 83 27.95 97.22 -38.53
N ASN W 84 26.69 97.33 -38.15
CA ASN W 84 25.67 97.75 -39.10
C ASN W 84 25.77 99.24 -39.43
N LYS W 85 26.44 100.02 -38.59
CA LYS W 85 26.54 101.45 -38.84
C LYS W 85 27.43 101.80 -40.04
N GLN W 86 28.31 100.89 -40.46
CA GLN W 86 29.22 101.22 -41.56
C GLN W 86 29.08 100.20 -42.67
N ALA W 87 27.84 99.90 -43.04
CA ALA W 87 27.57 98.81 -43.97
C ALA W 87 28.03 99.13 -45.38
N ARG W 88 28.04 100.41 -45.76
CA ARG W 88 28.38 100.80 -47.12
C ARG W 88 29.83 100.51 -47.45
N ASN W 89 30.72 100.73 -46.49
CA ASN W 89 32.13 100.45 -46.70
C ASN W 89 32.39 98.96 -46.82
N LEU W 90 31.57 98.13 -46.17
CA LEU W 90 31.69 96.69 -46.29
C LEU W 90 31.38 96.23 -47.71
N ASP W 91 30.31 96.77 -48.30
CA ASP W 91 30.01 96.46 -49.69
C ASP W 91 31.04 97.06 -50.62
N ALA W 92 31.63 98.20 -50.22
CA ALA W 92 32.70 98.80 -51.01
C ALA W 92 33.93 97.92 -51.05
N ILE W 93 34.30 97.33 -49.92
CA ILE W 93 35.48 96.49 -49.89
C ILE W 93 35.21 95.05 -50.32
N TYR W 94 33.95 94.62 -50.36
CA TYR W 94 33.61 93.26 -50.74
C TYR W 94 32.65 93.29 -51.92
N ASP W 95 33.20 93.07 -53.11
CA ASP W 95 32.42 92.92 -54.33
C ASP W 95 32.73 91.53 -54.88
N PHE W 96 32.00 90.53 -54.40
CA PHE W 96 32.13 89.20 -54.97
C PHE W 96 31.61 89.14 -56.39
N ASN W 97 30.65 90.01 -56.71
CA ASN W 97 30.11 90.10 -58.06
C ASN W 97 31.16 90.55 -59.06
N SER W 98 32.17 91.30 -58.60
CA SER W 98 33.29 91.64 -59.47
C SER W 98 34.14 90.41 -59.78
N LEU W 99 34.22 89.45 -58.88
CA LEU W 99 35.00 88.25 -59.11
C LEU W 99 34.15 87.08 -59.60
N VAL W 100 32.85 87.29 -59.80
CA VAL W 100 32.00 86.26 -60.37
C VAL W 100 32.42 85.98 -61.81
N LEU W 101 32.65 84.72 -62.12
CA LEU W 101 33.08 84.34 -63.46
C LEU W 101 31.94 84.49 -64.46
N GLU W 102 32.30 84.51 -65.74
CA GLU W 102 31.37 84.91 -66.80
C GLU W 102 30.27 83.88 -67.04
N HIS W 103 30.42 82.66 -66.54
CA HIS W 103 29.34 81.68 -66.59
C HIS W 103 28.53 81.65 -65.30
N ASN W 104 28.55 82.75 -64.53
CA ASN W 104 27.82 82.91 -63.26
C ASN W 104 28.20 81.81 -62.26
N ILE W 105 29.49 81.52 -62.19
CA ILE W 105 30.01 80.42 -61.38
C ILE W 105 31.04 80.97 -60.42
N LEU W 106 30.92 80.59 -59.16
CA LEU W 106 31.84 81.06 -58.12
C LEU W 106 33.24 80.52 -58.37
N PRO W 107 34.26 81.37 -58.36
CA PRO W 107 35.63 80.88 -58.47
C PRO W 107 36.03 80.07 -57.25
N PRO W 108 36.95 79.12 -57.40
CA PRO W 108 37.29 78.22 -56.28
C PRO W 108 38.20 78.91 -55.27
N VAL W 109 38.57 78.16 -54.24
CA VAL W 109 39.34 78.66 -53.11
C VAL W 109 40.71 78.00 -53.12
N LEU W 110 41.76 78.79 -53.03
CA LEU W 110 43.14 78.29 -53.02
C LEU W 110 43.85 78.73 -51.75
N LEU W 111 44.82 77.92 -51.33
CA LEU W 111 45.67 78.26 -50.21
C LEU W 111 47.12 77.99 -50.57
N GLU W 112 48.00 78.85 -50.05
CA GLU W 112 49.43 78.75 -50.31
C GLU W 112 50.17 78.55 -48.99
N GLY W 113 51.40 78.08 -49.11
CA GLY W 113 52.26 77.93 -47.95
C GLY W 113 53.71 78.09 -48.33
N ARG W 114 54.48 78.79 -47.50
CA ARG W 114 55.87 79.09 -47.81
C ARG W 114 56.79 78.46 -46.79
N ASN W 115 57.95 78.03 -47.27
CA ASN W 115 59.07 77.52 -46.48
C ASN W 115 58.65 76.36 -45.58
N THR W 116 58.12 75.33 -46.22
CA THR W 116 57.59 74.18 -45.52
C THR W 116 58.70 73.36 -44.90
N LEU W 117 58.57 73.04 -43.62
CA LEU W 117 59.52 72.16 -42.95
C LEU W 117 58.77 71.16 -42.09
N ASN W 118 59.11 69.88 -42.24
CA ASN W 118 58.59 68.85 -41.37
C ASN W 118 59.73 67.97 -40.91
N LEU W 119 59.85 67.83 -39.59
CA LEU W 119 60.68 66.79 -38.99
C LEU W 119 59.73 65.69 -38.54
N ALA W 120 59.75 64.57 -39.27
CA ALA W 120 59.01 63.40 -38.83
C ALA W 120 59.66 62.78 -37.60
N ASP W 121 60.92 62.40 -37.74
CA ASP W 121 61.74 61.89 -36.66
C ASP W 121 63.20 62.08 -37.08
N ALA W 122 64.11 61.38 -36.40
CA ALA W 122 65.47 61.27 -36.90
C ALA W 122 65.47 60.50 -38.21
N GLN W 123 66.49 60.79 -39.04
CA GLN W 123 66.65 60.27 -40.41
C GLN W 123 65.44 60.62 -41.30
N SER W 124 64.79 61.76 -41.04
CA SER W 124 63.62 62.14 -41.83
C SER W 124 63.39 63.64 -41.72
N ILE W 125 63.69 64.37 -42.78
CA ILE W 125 63.38 65.79 -42.88
C ILE W 125 62.80 66.03 -44.27
N ARG W 126 61.64 66.68 -44.34
CA ARG W 126 61.03 67.03 -45.61
C ARG W 126 60.83 68.54 -45.66
N ILE W 127 61.45 69.18 -46.65
CA ILE W 127 61.30 70.62 -46.84
C ILE W 127 60.64 70.87 -48.17
N SER W 128 60.13 72.09 -48.31
CA SER W 128 59.61 72.57 -49.59
C SER W 128 59.69 74.09 -49.60
N ASP W 129 59.80 74.65 -50.80
CA ASP W 129 59.79 76.10 -50.93
C ASP W 129 58.38 76.63 -50.69
N ARG W 130 57.43 76.23 -51.54
CA ARG W 130 56.05 76.61 -51.38
C ARG W 130 55.17 75.41 -51.68
N THR W 131 53.88 75.57 -51.41
CA THR W 131 52.89 74.55 -51.69
C THR W 131 51.54 75.22 -51.90
N TYR W 132 50.65 74.53 -52.60
CA TYR W 132 49.34 75.07 -52.95
C TYR W 132 48.29 73.99 -52.85
N LYS W 133 47.17 74.34 -52.23
CA LYS W 133 46.09 73.42 -51.92
C LYS W 133 44.75 74.00 -52.36
N VAL W 134 43.98 73.23 -53.11
CA VAL W 134 42.60 73.61 -53.41
C VAL W 134 41.76 73.31 -52.19
N ALA W 135 41.07 74.31 -51.67
CA ALA W 135 40.24 74.12 -50.50
C ALA W 135 38.81 73.72 -50.89
N LYS W 136 38.13 74.57 -51.65
CA LYS W 136 36.77 74.31 -52.09
C LYS W 136 36.72 74.30 -53.60
N GLN W 137 36.06 73.29 -54.16
CA GLN W 137 35.88 73.22 -55.59
C GLN W 137 34.91 74.29 -56.06
N ALA W 138 35.17 74.83 -57.25
CA ALA W 138 34.29 75.83 -57.84
C ALA W 138 32.93 75.23 -58.19
N HIS W 139 31.88 76.01 -57.94
CA HIS W 139 30.52 75.60 -58.26
C HIS W 139 29.69 76.84 -58.53
N PHE W 140 28.45 76.63 -58.94
CA PHE W 140 27.58 77.75 -59.29
C PHE W 140 27.09 78.46 -58.04
N ILE W 141 26.55 79.66 -58.27
CA ILE W 141 25.96 80.47 -57.21
C ILE W 141 24.69 81.10 -57.75
N THR W 142 23.64 81.07 -56.93
CA THR W 142 22.45 81.86 -57.24
C THR W 142 22.76 83.35 -57.15
N THR W 143 23.36 83.77 -56.04
CA THR W 143 23.70 85.15 -55.78
C THR W 143 25.12 85.16 -55.22
N PRO W 144 25.85 86.25 -55.40
CA PRO W 144 27.12 86.42 -54.67
C PRO W 144 26.85 86.53 -53.18
N PRO W 145 27.73 85.97 -52.35
CA PRO W 145 27.52 86.06 -50.90
C PRO W 145 27.73 87.47 -50.38
N THR W 146 27.06 87.77 -49.28
CA THR W 146 27.20 89.06 -48.62
C THR W 146 28.05 88.93 -47.37
N TRP W 147 28.51 90.08 -46.87
CA TRP W 147 29.25 90.11 -45.62
C TRP W 147 28.36 89.79 -44.43
N ARG W 148 27.05 90.01 -44.54
CA ARG W 148 26.14 89.67 -43.46
C ARG W 148 26.05 88.17 -43.25
N GLN W 149 26.33 87.38 -44.29
CA GLN W 149 26.35 85.94 -44.15
C GLN W 149 27.52 85.45 -43.29
N TYR W 150 28.56 86.25 -43.14
CA TYR W 150 29.76 85.83 -42.42
C TYR W 150 30.04 86.63 -41.17
N LEU W 151 29.54 87.85 -41.06
CA LEU W 151 29.94 88.75 -40.00
C LEU W 151 28.80 89.24 -39.13
N TRP W 152 27.56 88.84 -39.41
CA TRP W 152 26.48 89.24 -38.52
C TRP W 152 26.57 88.45 -37.23
N MET W 153 26.44 89.16 -36.11
CA MET W 153 26.40 88.53 -34.80
C MET W 153 24.95 88.39 -34.38
N ASP W 154 24.60 87.21 -33.86
CA ASP W 154 23.23 86.94 -33.45
C ASP W 154 22.99 87.48 -32.06
N TYR W 155 21.91 88.26 -31.90
CA TYR W 155 21.60 88.90 -30.63
C TYR W 155 20.19 88.55 -30.21
N VAL W 156 20.07 88.01 -29.01
CA VAL W 156 18.78 87.81 -28.34
C VAL W 156 18.89 88.40 -26.95
N LYS W 157 17.95 89.27 -26.59
CA LYS W 157 17.95 89.84 -25.26
C LYS W 157 17.58 88.75 -24.24
N PRO W 158 18.37 88.56 -23.18
CA PRO W 158 18.04 87.55 -22.19
C PRO W 158 17.14 88.09 -21.10
N GLU W 159 16.25 87.23 -20.62
CA GLU W 159 15.27 87.58 -19.59
C GLU W 159 15.21 86.50 -18.52
N ALA W 160 16.37 86.09 -18.00
CA ALA W 160 16.44 85.07 -16.96
C ALA W 160 17.23 85.56 -15.75
N PRO W 161 16.63 86.44 -14.93
CA PRO W 161 17.26 86.76 -13.64
C PRO W 161 16.86 85.78 -12.55
N ASN W 162 17.78 84.93 -12.12
CA ASN W 162 17.49 83.97 -11.05
C ASN W 162 18.68 83.88 -10.11
N VAL W 163 18.38 83.83 -8.81
CA VAL W 163 19.39 83.75 -7.77
C VAL W 163 19.21 82.43 -7.02
N THR W 164 20.30 81.69 -6.84
CA THR W 164 20.26 80.52 -5.98
C THR W 164 20.28 80.94 -4.52
N LEU W 165 21.34 81.62 -4.10
CA LEU W 165 21.44 82.19 -2.76
C LEU W 165 21.77 83.66 -2.88
N LEU W 166 20.95 84.49 -2.26
CA LEU W 166 21.22 85.91 -2.26
C LEU W 166 22.43 86.23 -1.38
N PRO W 167 23.21 87.25 -1.74
CA PRO W 167 24.24 87.73 -0.81
C PRO W 167 23.62 88.39 0.40
N LYS W 168 23.99 87.91 1.58
CA LYS W 168 23.34 88.32 2.81
C LYS W 168 23.74 89.73 3.23
N THR W 169 25.02 89.94 3.47
CA THR W 169 25.50 91.21 4.01
C THR W 169 26.26 92.00 2.95
N LYS W 170 26.84 93.11 3.39
CA LYS W 170 27.46 94.08 2.49
C LYS W 170 28.72 93.53 1.85
N ALA W 171 29.49 92.71 2.57
CA ALA W 171 30.72 92.16 2.03
C ALA W 171 30.45 91.20 0.88
N GLU W 172 29.47 90.31 1.05
CA GLU W 172 29.15 89.37 -0.02
C GLU W 172 28.39 90.05 -1.15
N LYS W 173 27.63 91.12 -0.86
CA LYS W 173 27.06 91.92 -1.93
C LYS W 173 28.16 92.61 -2.74
N GLU W 174 29.20 93.09 -2.07
CA GLU W 174 30.34 93.70 -2.74
C GLU W 174 31.07 92.70 -3.63
N ILE W 175 31.30 91.48 -3.12
CA ILE W 175 31.98 90.50 -3.97
C ILE W 175 31.05 90.00 -5.07
N TRP W 176 29.72 90.04 -4.85
CA TRP W 176 28.75 89.77 -5.91
C TRP W 176 28.87 90.79 -7.02
N CYS W 177 29.03 92.07 -6.65
CA CYS W 177 29.22 93.13 -7.63
C CYS W 177 30.52 92.96 -8.41
N ILE W 178 31.61 92.63 -7.72
CA ILE W 178 32.88 92.53 -8.44
C ILE W 178 32.93 91.27 -9.30
N TYR W 179 32.24 90.20 -8.91
CA TYR W 179 32.21 89.02 -9.76
C TYR W 179 31.26 89.21 -10.93
N THR W 180 30.23 90.03 -10.75
CA THR W 180 29.40 90.46 -11.87
C THR W 180 30.23 91.28 -12.86
N GLU W 181 31.10 92.14 -12.34
CA GLU W 181 32.01 92.90 -13.21
C GLU W 181 32.98 91.99 -13.96
N ARG W 182 33.50 90.97 -13.27
CA ARG W 182 34.39 90.01 -13.90
C ARG W 182 33.69 89.23 -15.00
N GLY W 183 32.45 88.82 -14.75
CA GLY W 183 31.67 88.15 -15.78
C GLY W 183 31.36 89.06 -16.96
N TRP W 184 31.11 90.35 -16.67
CA TRP W 184 30.89 91.34 -17.71
C TRP W 184 32.09 91.45 -18.64
N LYS W 185 33.29 91.52 -18.03
CA LYS W 185 34.52 91.58 -18.81
C LYS W 185 34.75 90.29 -19.61
N ASN W 186 34.46 89.14 -19.00
CA ASN W 186 34.66 87.86 -19.68
C ASN W 186 33.73 87.71 -20.87
N GLY W 187 32.47 88.13 -20.72
CA GLY W 187 31.54 88.07 -21.85
C GLY W 187 31.93 89.02 -22.96
N ILE W 188 32.45 90.20 -22.60
CA ILE W 188 32.93 91.16 -23.61
C ILE W 188 34.09 90.56 -24.40
N ASP W 189 35.04 89.96 -23.70
CA ASP W 189 36.20 89.37 -24.37
C ASP W 189 35.80 88.16 -25.21
N GLN W 190 34.84 87.37 -24.74
CA GLN W 190 34.35 86.24 -25.50
C GLN W 190 33.69 86.66 -26.81
N ALA W 191 32.86 87.72 -26.76
CA ALA W 191 32.23 88.22 -27.97
C ALA W 191 33.25 88.78 -28.93
N ASN W 192 34.28 89.47 -28.41
CA ASN W 192 35.35 89.97 -29.26
C ASN W 192 36.12 88.84 -29.93
N THR W 193 36.33 87.74 -29.20
CA THR W 193 37.02 86.59 -29.76
C THR W 193 36.24 85.96 -30.89
N ILE W 194 34.92 85.82 -30.71
CA ILE W 194 34.06 85.22 -31.73
C ILE W 194 34.03 86.11 -32.98
N LEU W 195 33.92 87.43 -32.77
CA LEU W 195 33.94 88.36 -33.89
C LEU W 195 35.25 88.31 -34.66
N GLU W 196 36.37 88.20 -33.92
CA GLU W 196 37.68 88.11 -34.56
C GLU W 196 37.81 86.85 -35.39
N GLU W 197 37.26 85.73 -34.89
CA GLU W 197 37.27 84.49 -35.67
C GLU W 197 36.45 84.61 -36.94
N ASN W 198 35.31 85.31 -36.86
CA ASN W 198 34.51 85.54 -38.07
C ASN W 198 35.26 86.40 -39.07
N ILE W 199 35.97 87.42 -38.59
CA ILE W 199 36.79 88.27 -39.44
C ILE W 199 37.87 87.45 -40.13
N ALA W 200 38.52 86.56 -39.39
CA ALA W 200 39.56 85.71 -39.95
C ALA W 200 39.00 84.77 -41.00
N ARG W 201 37.79 84.24 -40.77
CA ARG W 201 37.18 83.32 -41.71
C ARG W 201 36.84 84.03 -43.03
N ILE W 202 36.27 85.23 -42.95
CA ILE W 202 35.90 85.90 -44.20
C ILE W 202 37.15 86.41 -44.92
N LYS W 203 38.21 86.74 -44.17
CA LYS W 203 39.48 87.09 -44.79
C LYS W 203 40.07 85.89 -45.52
N GLU W 204 39.91 84.70 -44.94
CA GLU W 204 40.33 83.46 -45.60
C GLU W 204 39.59 83.25 -46.91
N ASP W 205 38.27 83.50 -46.91
CA ASP W 205 37.46 83.32 -48.11
C ASP W 205 37.91 84.25 -49.23
N PHE W 206 38.05 85.54 -48.92
CA PHE W 206 38.41 86.49 -49.97
C PHE W 206 39.85 86.31 -50.42
N GLY W 207 40.74 85.92 -49.50
CA GLY W 207 42.11 85.63 -49.89
C GLY W 207 42.21 84.43 -50.81
N GLY W 208 41.42 83.39 -50.54
CA GLY W 208 41.40 82.25 -51.45
C GLY W 208 40.87 82.59 -52.82
N MET W 209 39.85 83.46 -52.87
CA MET W 209 39.30 83.91 -54.15
C MET W 209 40.35 84.67 -54.95
N ILE W 210 41.01 85.65 -54.33
CA ILE W 210 41.98 86.44 -55.06
C ILE W 210 43.24 85.64 -55.36
N LEU W 211 43.52 84.61 -54.56
CA LEU W 211 44.65 83.74 -54.86
C LEU W 211 44.39 82.91 -56.10
N TYR W 212 43.16 82.42 -56.25
CA TYR W 212 42.80 81.74 -57.50
C TYR W 212 42.89 82.68 -58.69
N ARG W 213 42.44 83.93 -58.51
CA ARG W 213 42.49 84.89 -59.61
C ARG W 213 43.93 85.18 -60.03
N LYS W 214 44.82 85.36 -59.05
CA LYS W 214 46.23 85.60 -59.34
C LYS W 214 46.88 84.38 -59.94
N LEU W 215 46.48 83.18 -59.54
CA LEU W 215 47.07 81.97 -60.09
C LEU W 215 46.65 81.77 -61.54
N LEU W 216 45.39 82.07 -61.85
CA LEU W 216 44.95 81.99 -63.25
C LEU W 216 45.60 83.08 -64.08
N ALA W 217 45.90 84.22 -63.48
CA ALA W 217 46.72 85.22 -64.15
C ALA W 217 48.13 84.70 -64.41
N MET W 218 48.68 83.95 -63.44
CA MET W 218 50.00 83.36 -63.55
C MET W 218 50.04 82.15 -64.47
N ASN W 219 48.87 81.67 -64.92
CA ASN W 219 48.70 80.45 -65.72
C ASN W 219 49.24 79.24 -64.97
N MET W 220 48.73 79.08 -63.75
CA MET W 220 49.05 77.93 -62.92
C MET W 220 47.89 76.94 -62.78
N VAL W 221 46.67 77.35 -63.10
CA VAL W 221 45.51 76.50 -62.94
C VAL W 221 44.82 76.34 -64.29
N SER W 222 44.11 75.23 -64.43
CA SER W 222 43.25 75.07 -65.58
C SER W 222 42.00 75.92 -65.40
N PRO W 223 41.54 76.60 -66.46
CA PRO W 223 40.26 77.28 -66.37
C PRO W 223 39.12 76.27 -66.34
N PRO W 224 38.00 76.62 -65.71
CA PRO W 224 36.83 75.74 -65.78
C PRO W 224 36.23 75.75 -67.16
N TYR W 225 35.52 74.67 -67.49
CA TYR W 225 34.85 74.59 -68.77
C TYR W 225 33.52 73.86 -68.64
N VAL W 226 32.53 74.33 -69.41
CA VAL W 226 31.15 73.88 -69.31
C VAL W 226 30.61 73.55 -70.70
N SER W 227 30.06 72.35 -70.85
CA SER W 227 29.30 72.00 -72.03
C SER W 227 27.90 72.58 -71.93
N HIS W 228 27.40 73.08 -73.06
CA HIS W 228 26.04 73.58 -73.16
C HIS W 228 25.36 72.97 -74.38
N THR W 229 24.11 72.58 -74.20
CA THR W 229 23.29 72.05 -75.27
C THR W 229 21.98 72.80 -75.28
N ASP W 230 21.28 72.72 -76.40
CA ASP W 230 19.95 73.32 -76.50
C ASP W 230 19.16 72.56 -77.56
N LEU W 231 17.87 72.40 -77.31
CA LEU W 231 16.97 71.66 -78.18
C LEU W 231 15.88 72.57 -78.69
N GLY W 232 14.94 72.00 -79.42
CA GLY W 232 13.78 72.72 -79.90
C GLY W 232 12.68 72.77 -78.86
N VAL W 233 11.45 72.90 -79.33
CA VAL W 233 10.30 72.81 -78.44
C VAL W 233 10.14 71.37 -77.98
N THR W 234 9.54 71.19 -76.81
CA THR W 234 9.37 69.87 -76.24
C THR W 234 8.13 69.87 -75.37
N GLY W 235 7.99 68.84 -74.55
CA GLY W 235 6.87 68.71 -73.65
C GLY W 235 5.70 67.97 -74.29
N ASP W 236 4.73 67.66 -73.45
CA ASP W 236 3.56 66.90 -73.88
C ASP W 236 2.50 67.83 -74.43
N GLY W 237 1.30 67.30 -74.66
CA GLY W 237 0.20 68.14 -75.13
C GLY W 237 -0.36 69.07 -74.08
N SER W 238 -0.07 68.83 -72.80
CA SER W 238 -0.54 69.70 -71.74
C SER W 238 0.47 70.78 -71.39
N GLU W 239 1.74 70.40 -71.27
CA GLU W 239 2.81 71.32 -70.91
C GLU W 239 3.85 71.32 -72.02
N ILE W 240 4.30 72.51 -72.40
CA ILE W 240 5.35 72.65 -73.41
C ILE W 240 6.37 73.66 -72.93
N HIS W 241 7.59 73.50 -73.44
CA HIS W 241 8.68 74.44 -73.21
C HIS W 241 9.27 74.83 -74.56
N ILE W 242 9.44 76.13 -74.77
CA ILE W 242 9.82 76.63 -76.09
C ILE W 242 11.30 76.38 -76.36
N ASP W 243 12.16 76.97 -75.55
CA ASP W 243 13.60 76.81 -75.72
C ASP W 243 14.15 76.16 -74.46
N ASP W 244 14.72 74.96 -74.62
CA ASP W 244 15.26 74.17 -73.54
C ASP W 244 16.76 74.03 -73.75
N ARG W 245 17.54 74.69 -72.91
CA ARG W 245 19.00 74.60 -72.96
C ARG W 245 19.50 74.09 -71.62
N VAL W 246 20.55 73.28 -71.66
CA VAL W 246 21.10 72.60 -70.50
C VAL W 246 22.59 72.87 -70.44
N LEU W 247 23.06 73.39 -69.31
CA LEU W 247 24.48 73.65 -69.10
C LEU W 247 25.00 72.75 -68.00
N ARG W 248 25.90 71.84 -68.38
CA ARG W 248 26.59 70.96 -67.44
C ARG W 248 28.07 71.27 -67.54
N ILE W 249 28.70 71.54 -66.42
CA ILE W 249 30.14 71.79 -66.50
C ILE W 249 30.88 70.46 -66.47
N THR W 250 32.00 70.43 -67.17
CA THR W 250 32.77 69.21 -67.34
C THR W 250 34.18 69.33 -66.79
N ALA W 251 34.86 70.44 -67.04
CA ALA W 251 36.24 70.61 -66.63
C ALA W 251 36.27 71.47 -65.38
N LEU W 252 36.48 70.83 -64.24
CA LEU W 252 36.77 71.55 -63.01
C LEU W 252 38.14 72.20 -63.10
N PRO W 253 38.34 73.33 -62.43
CA PRO W 253 39.69 73.89 -62.35
C PRO W 253 40.60 73.03 -61.50
N GLU W 254 41.85 72.89 -61.94
CA GLU W 254 42.85 72.18 -61.16
C GLU W 254 44.22 72.67 -61.61
N LEU W 255 45.22 72.37 -60.77
CA LEU W 255 46.60 72.73 -61.05
C LEU W 255 47.15 71.92 -62.21
N ASN W 256 48.11 72.49 -62.93
CA ASN W 256 48.79 71.82 -64.02
C ASN W 256 50.21 71.46 -63.59
N VAL W 257 50.54 70.17 -63.63
CA VAL W 257 51.80 69.71 -63.08
C VAL W 257 52.99 70.01 -63.98
N ASN W 258 52.75 70.32 -65.25
CA ASN W 258 53.86 70.61 -66.15
C ASN W 258 54.27 72.07 -65.97
N SER W 259 55.58 72.27 -65.80
CA SER W 259 56.08 73.58 -65.38
C SER W 259 56.23 74.57 -66.52
N ALA W 260 56.38 74.10 -67.76
CA ALA W 260 56.75 74.97 -68.87
C ALA W 260 55.63 75.92 -69.29
N GLU W 261 54.40 75.70 -68.83
CA GLU W 261 53.27 76.52 -69.21
C GLU W 261 53.05 77.70 -68.27
N TRP W 262 54.06 78.06 -67.49
CA TRP W 262 53.93 79.06 -66.45
C TRP W 262 54.68 80.31 -66.88
N ARG W 263 53.96 81.41 -67.04
CA ARG W 263 54.56 82.65 -67.50
C ARG W 263 54.89 83.53 -66.31
N ALA W 264 56.11 84.04 -66.28
CA ALA W 264 56.53 84.94 -65.21
C ALA W 264 56.08 86.36 -65.52
N ALA W 265 56.41 87.28 -64.62
CA ALA W 265 56.01 88.67 -64.76
C ALA W 265 57.05 89.56 -64.12
N VAL W 266 57.00 90.85 -64.49
CA VAL W 266 57.96 91.83 -63.99
C VAL W 266 57.28 93.19 -63.96
N ALA W 267 57.33 93.85 -62.80
CA ALA W 267 56.69 95.15 -62.63
C ALA W 267 57.67 96.27 -62.99
N LYS W 268 57.31 97.49 -62.66
CA LYS W 268 58.18 98.64 -62.92
C LYS W 268 58.25 99.57 -61.71
N ARG X 207 -9.97 -112.20 15.36
CA ARG X 207 -8.77 -111.40 15.44
C ARG X 207 -8.89 -110.16 14.55
N ILE X 208 -7.76 -109.53 14.25
CA ILE X 208 -7.73 -108.32 13.44
C ILE X 208 -7.56 -108.73 11.99
N ILE X 209 -8.48 -108.30 11.14
CA ILE X 209 -8.46 -108.60 9.72
C ILE X 209 -7.87 -107.40 8.99
N TYR X 210 -6.77 -107.63 8.29
CA TYR X 210 -6.14 -106.55 7.55
C TYR X 210 -6.79 -106.37 6.19
N TYR X 211 -6.92 -105.11 5.78
CA TYR X 211 -7.44 -104.74 4.48
C TYR X 211 -6.34 -104.10 3.67
N ILE X 212 -6.36 -104.31 2.35
CA ILE X 212 -5.45 -103.59 1.47
C ILE X 212 -5.89 -102.13 1.42
N GLN X 213 -4.98 -101.22 1.78
CA GLN X 213 -5.28 -99.79 1.71
C GLN X 213 -4.82 -99.22 0.37
N ALA X 214 -3.52 -99.30 0.09
CA ALA X 214 -2.94 -98.84 -1.15
C ALA X 214 -2.02 -99.92 -1.70
N VAL X 215 -2.09 -100.15 -3.01
CA VAL X 215 -1.29 -101.17 -3.66
C VAL X 215 -0.53 -100.53 -4.82
N ILE X 216 0.80 -100.64 -4.78
CA ILE X 216 1.66 -100.32 -5.90
C ILE X 216 2.55 -101.54 -6.09
N PRO X 217 3.28 -101.67 -7.19
CA PRO X 217 4.36 -102.66 -7.23
C PRO X 217 5.42 -102.33 -6.19
N GLY X 218 5.93 -103.37 -5.53
CA GLY X 218 6.94 -103.20 -4.52
C GLY X 218 6.44 -103.11 -3.09
N ARG X 219 5.53 -102.19 -2.80
CA ARG X 219 5.00 -102.01 -1.46
C ARG X 219 3.49 -102.10 -1.48
N ALA X 220 2.93 -102.61 -0.39
CA ALA X 220 1.48 -102.72 -0.25
C ALA X 220 1.07 -102.20 1.12
N TRP X 221 0.01 -101.40 1.15
CA TRP X 221 -0.42 -100.74 2.37
C TRP X 221 -1.57 -101.53 2.98
N LEU X 222 -1.39 -101.95 4.21
CA LEU X 222 -2.36 -102.79 4.92
C LEU X 222 -2.91 -102.06 6.13
N ILE X 223 -4.24 -102.05 6.23
CA ILE X 223 -4.96 -101.46 7.35
C ILE X 223 -5.77 -102.56 8.02
N GLY X 224 -5.59 -102.71 9.33
CA GLY X 224 -6.33 -103.72 10.07
C GLY X 224 -7.75 -103.30 10.36
N SER X 225 -8.45 -104.18 11.08
CA SER X 225 -9.83 -103.88 11.46
C SER X 225 -9.90 -102.79 12.51
N ASN X 226 -8.87 -102.69 13.35
CA ASN X 226 -8.85 -101.69 14.42
C ASN X 226 -8.56 -100.28 13.92
N GLY X 227 -8.12 -100.14 12.66
CA GLY X 227 -7.77 -98.84 12.11
C GLY X 227 -6.29 -98.58 11.97
N SER X 228 -5.44 -99.38 12.62
CA SER X 228 -4.00 -99.23 12.46
C SER X 228 -3.56 -99.74 11.10
N THR X 229 -2.52 -99.11 10.55
CA THR X 229 -2.07 -99.42 9.20
C THR X 229 -0.57 -99.23 9.11
N LEU X 230 0.00 -99.89 8.09
CA LEU X 230 1.40 -99.70 7.70
C LEU X 230 1.53 -100.12 6.24
N THR X 231 2.75 -100.31 5.78
CA THR X 231 3.00 -100.91 4.48
C THR X 231 4.11 -101.94 4.58
N VAL X 232 4.08 -102.90 3.67
CA VAL X 232 4.97 -104.06 3.70
C VAL X 232 5.51 -104.31 2.30
N ARG X 233 6.55 -105.13 2.26
CA ARG X 233 7.16 -105.64 1.04
C ARG X 233 7.00 -107.17 1.04
N GLU X 234 7.65 -107.82 0.08
CA GLU X 234 7.56 -109.27 0.01
C GLU X 234 8.31 -109.96 1.15
N GLY X 235 9.44 -109.40 1.56
CA GLY X 235 10.13 -109.94 2.71
C GLY X 235 9.72 -109.22 3.98
N SER X 236 8.78 -109.81 4.72
CA SER X 236 8.24 -109.19 5.92
C SER X 236 7.61 -110.27 6.78
N LYS X 237 7.32 -109.91 8.02
CA LYS X 237 6.68 -110.80 8.98
C LYS X 237 5.31 -110.25 9.37
N ILE X 238 4.31 -111.10 9.32
CA ILE X 238 2.92 -110.72 9.56
C ILE X 238 2.46 -111.38 10.86
N PRO X 239 2.09 -110.61 11.88
CA PRO X 239 1.58 -111.21 13.12
C PRO X 239 0.19 -111.80 12.90
N GLY X 240 0.01 -113.02 13.39
CA GLY X 240 -1.23 -113.74 13.20
C GLY X 240 -1.37 -114.42 11.86
N TYR X 241 -0.39 -114.28 10.98
CA TYR X 241 -0.44 -114.91 9.67
C TYR X 241 0.84 -115.63 9.28
N GLY X 242 1.98 -115.30 9.89
CA GLY X 242 3.22 -116.01 9.63
C GLY X 242 4.18 -115.27 8.73
N MET X 243 4.30 -115.72 7.48
CA MET X 243 5.29 -115.21 6.55
C MET X 243 4.60 -114.62 5.33
N VAL X 244 5.08 -113.46 4.89
CA VAL X 244 4.58 -112.86 3.66
C VAL X 244 5.05 -113.69 2.48
N LYS X 245 4.11 -114.23 1.71
CA LYS X 245 4.42 -115.18 0.65
C LYS X 245 4.37 -114.56 -0.73
N LEU X 246 3.24 -113.97 -1.12
CA LEU X 246 3.12 -113.36 -2.43
C LEU X 246 2.24 -112.12 -2.33
N ILE X 247 2.73 -111.02 -2.88
CA ILE X 247 1.97 -109.77 -2.98
C ILE X 247 1.85 -109.47 -4.47
N ASP X 248 0.69 -109.76 -5.04
CA ASP X 248 0.44 -109.47 -6.44
C ASP X 248 0.17 -107.98 -6.60
N SER X 249 0.96 -107.33 -7.46
CA SER X 249 0.75 -105.91 -7.72
C SER X 249 -0.57 -105.66 -8.44
N LEU X 250 -0.91 -106.52 -9.39
CA LEU X 250 -2.19 -106.41 -10.08
C LEU X 250 -3.28 -107.11 -9.27
N GLN X 251 -4.52 -106.67 -9.49
CA GLN X 251 -5.76 -107.29 -9.02
C GLN X 251 -5.94 -107.29 -7.50
N GLY X 252 -5.06 -106.60 -6.75
CA GLY X 252 -5.20 -106.46 -5.32
C GLY X 252 -5.13 -107.75 -4.53
N ARG X 253 -4.17 -108.60 -4.87
CA ARG X 253 -4.06 -109.93 -4.28
C ARG X 253 -2.81 -110.03 -3.43
N ILE X 254 -2.96 -110.48 -2.19
CA ILE X 254 -1.83 -110.80 -1.33
C ILE X 254 -2.03 -112.21 -0.80
N LEU X 255 -1.14 -113.12 -1.20
CA LEU X 255 -1.18 -114.48 -0.72
C LEU X 255 -0.42 -114.60 0.60
N THR X 256 -0.90 -115.49 1.46
CA THR X 256 -0.50 -115.49 2.86
C THR X 256 -0.10 -116.88 3.31
N SER X 257 0.79 -116.92 4.31
CA SER X 257 1.12 -118.19 4.96
C SER X 257 -0.06 -118.73 5.76
N SER X 258 -0.96 -117.85 6.21
CA SER X 258 -2.21 -118.29 6.78
C SER X 258 -3.27 -118.59 5.72
N GLY X 259 -2.92 -118.44 4.44
CA GLY X 259 -3.83 -118.77 3.36
C GLY X 259 -4.80 -117.69 2.98
N GLN X 260 -4.74 -116.52 3.61
CA GLN X 260 -5.68 -115.45 3.32
C GLN X 260 -5.32 -114.75 2.01
N VAL X 261 -6.34 -114.17 1.39
CA VAL X 261 -6.16 -113.28 0.26
C VAL X 261 -6.62 -111.90 0.71
N ILE X 262 -5.65 -111.03 1.00
CA ILE X 262 -5.98 -109.70 1.48
C ILE X 262 -6.56 -108.86 0.34
N LYS X 263 -7.59 -108.09 0.65
CA LYS X 263 -8.34 -107.35 -0.35
C LYS X 263 -8.97 -106.15 0.34
N PHE X 264 -9.84 -105.46 -0.37
CA PHE X 264 -10.65 -104.38 0.18
C PHE X 264 -11.89 -104.97 0.83
N SER X 265 -12.78 -104.10 1.29
CA SER X 265 -14.13 -104.53 1.61
C SER X 265 -14.92 -104.75 0.33
N GLN X 266 -15.94 -105.59 0.41
CA GLN X 266 -16.86 -105.74 -0.71
C GLN X 266 -17.65 -104.46 -0.94
N GLU X 267 -18.15 -103.86 0.14
CA GLU X 267 -18.89 -102.61 0.05
C GLU X 267 -17.99 -101.38 0.01
N ASP X 268 -16.70 -101.54 0.28
CA ASP X 268 -15.72 -100.45 0.19
C ASP X 268 -14.53 -100.97 -0.60
N SER X 269 -14.59 -100.82 -1.92
CA SER X 269 -13.50 -101.21 -2.80
C SER X 269 -13.32 -100.17 -3.92
N MET Y 23 52.97 125.66 -20.62
CA MET Y 23 53.99 124.70 -20.24
C MET Y 23 53.52 123.27 -20.51
N LYS Y 24 52.33 123.15 -21.11
CA LYS Y 24 51.77 121.85 -21.41
C LYS Y 24 52.45 121.24 -22.63
N PHE Y 25 52.25 119.93 -22.81
CA PHE Y 25 52.79 119.19 -23.94
C PHE Y 25 51.68 118.36 -24.54
N LYS Y 26 51.55 118.43 -25.86
CA LYS Y 26 50.40 117.82 -26.54
C LYS Y 26 50.77 117.49 -27.97
N LYS Y 27 50.63 116.22 -28.34
CA LYS Y 27 50.81 115.82 -29.72
C LYS Y 27 49.60 116.28 -30.55
N PRO Y 28 49.80 116.57 -31.84
CA PRO Y 28 48.72 117.14 -32.66
C PRO Y 28 47.50 116.25 -32.83
N PRO Y 29 47.61 114.98 -33.36
CA PRO Y 29 46.38 114.31 -33.80
C PRO Y 29 45.59 113.75 -32.63
N ILE Y 30 44.49 114.43 -32.30
CA ILE Y 30 43.58 113.99 -31.25
C ILE Y 30 42.24 113.68 -31.91
N ASN Y 31 41.71 112.50 -31.64
CA ASN Y 31 40.56 111.99 -32.36
C ASN Y 31 39.49 111.56 -31.37
N ASN Y 32 38.31 111.25 -31.91
CA ASN Y 32 37.25 110.64 -31.14
C ASN Y 32 37.64 109.21 -30.76
N PRO Y 33 37.09 108.67 -29.67
CA PRO Y 33 37.44 107.30 -29.26
C PRO Y 33 37.03 106.25 -30.28
N SER Y 34 37.80 105.17 -30.34
CA SER Y 34 37.72 104.20 -31.41
C SER Y 34 37.23 102.85 -30.88
N ASP Y 35 37.13 101.88 -31.78
CA ASP Y 35 36.60 100.57 -31.47
C ASP Y 35 37.49 99.47 -32.04
N ASP Y 36 37.71 98.45 -31.22
CA ASP Y 36 38.65 97.37 -31.56
C ASP Y 36 38.19 96.57 -32.77
N ALA Y 37 36.87 96.37 -32.91
CA ALA Y 37 36.37 95.64 -34.06
C ALA Y 37 36.60 96.40 -35.35
N THR Y 38 36.45 97.73 -35.31
CA THR Y 38 36.79 98.56 -36.46
C THR Y 38 38.29 98.54 -36.72
N ILE Y 39 39.10 98.44 -35.66
CA ILE Y 39 40.55 98.31 -35.82
C ILE Y 39 40.88 97.04 -36.59
N LYS Y 40 40.27 95.93 -36.19
CA LYS Y 40 40.50 94.66 -36.88
C LYS Y 40 39.95 94.68 -38.30
N LEU Y 41 38.83 95.38 -38.50
CA LEU Y 41 38.24 95.51 -39.82
C LEU Y 41 39.18 96.23 -40.78
N ALA Y 42 39.67 97.40 -40.38
CA ALA Y 42 40.59 98.15 -41.23
C ALA Y 42 41.92 97.44 -41.37
N GLU Y 43 42.35 96.71 -40.34
CA GLU Y 43 43.59 95.95 -40.39
C GLU Y 43 43.53 94.86 -41.44
N ALA Y 44 42.41 94.13 -41.50
CA ALA Y 44 42.24 93.14 -42.56
C ALA Y 44 42.07 93.81 -43.92
N ALA Y 45 41.38 94.95 -43.94
CA ALA Y 45 41.05 95.64 -45.19
C ALA Y 45 42.30 96.16 -45.88
N VAL Y 46 43.28 96.62 -45.11
CA VAL Y 46 44.52 97.14 -45.67
C VAL Y 46 45.28 96.02 -46.40
N SER Y 47 45.36 94.85 -45.76
CA SER Y 47 46.03 93.70 -46.36
C SER Y 47 45.33 93.23 -47.63
N VAL Y 48 44.00 93.17 -47.59
CA VAL Y 48 43.22 92.77 -48.77
C VAL Y 48 43.42 93.78 -49.90
N SER Y 49 43.46 95.07 -49.55
CA SER Y 49 43.64 96.13 -50.54
C SER Y 49 45.00 96.04 -51.22
N ASP Y 50 46.06 95.80 -50.45
CA ASP Y 50 47.37 95.75 -51.10
C ASP Y 50 47.55 94.47 -51.90
N SER Y 51 46.91 93.37 -51.47
CA SER Y 51 46.92 92.15 -52.27
C SER Y 51 46.22 92.37 -53.61
N MET Y 52 45.07 93.05 -53.58
CA MET Y 52 44.36 93.41 -54.80
C MET Y 52 45.20 94.33 -55.67
N LEU Y 53 45.92 95.26 -55.05
CA LEU Y 53 46.76 96.21 -55.78
C LEU Y 53 47.91 95.49 -56.50
N GLU Y 54 48.59 94.58 -55.81
CA GLU Y 54 49.73 93.93 -56.44
C GLU Y 54 49.28 92.95 -57.52
N MET Y 55 48.13 92.28 -57.33
CA MET Y 55 47.68 91.40 -58.40
C MET Y 55 47.17 92.19 -59.59
N ALA Y 56 46.63 93.39 -59.34
CA ALA Y 56 46.26 94.27 -60.45
C ALA Y 56 47.49 94.73 -61.22
N LYS Y 57 48.59 94.99 -60.50
CA LYS Y 57 49.84 95.33 -61.17
C LYS Y 57 50.35 94.16 -62.02
N VAL Y 58 50.23 92.94 -61.49
CA VAL Y 58 50.64 91.75 -62.23
C VAL Y 58 49.82 91.58 -63.50
N GLU Y 59 48.50 91.77 -63.38
CA GLU Y 59 47.63 91.69 -64.55
C GLU Y 59 47.93 92.79 -65.55
N LYS Y 60 48.25 93.98 -65.06
CA LYS Y 60 48.57 95.11 -65.92
C LYS Y 60 49.84 94.87 -66.72
N VAL Y 61 50.86 94.30 -66.08
CA VAL Y 61 52.11 94.05 -66.78
C VAL Y 61 52.08 92.75 -67.58
N ILE Y 62 51.10 91.89 -67.36
CA ILE Y 62 51.00 90.68 -68.15
C ILE Y 62 50.04 90.80 -69.32
N THR Y 63 49.14 91.79 -69.31
CA THR Y 63 48.20 91.98 -70.40
C THR Y 63 48.22 93.43 -70.84
N PRO Y 64 48.51 93.73 -72.09
CA PRO Y 64 48.57 95.13 -72.53
C PRO Y 64 47.18 95.63 -72.90
N PRO Y 65 46.73 96.71 -72.26
CA PRO Y 65 45.49 97.35 -72.71
C PRO Y 65 45.71 98.07 -74.04
N SER Y 66 44.78 97.85 -74.97
CA SER Y 66 44.97 98.38 -76.32
C SER Y 66 43.71 98.98 -76.90
N LYS Y 67 42.68 99.23 -76.11
CA LYS Y 67 41.43 99.77 -76.63
C LYS Y 67 40.68 100.48 -75.51
N ASP Y 68 40.09 101.62 -75.84
CA ASP Y 68 39.34 102.42 -74.88
C ASP Y 68 37.88 102.48 -75.31
N ASN Y 69 36.99 102.56 -74.31
CA ASN Y 69 35.56 102.58 -74.59
C ASN Y 69 35.05 103.96 -74.97
N THR Y 70 35.87 105.00 -74.83
CA THR Y 70 35.50 106.32 -75.31
C THR Y 70 35.40 106.37 -76.83
N LEU Y 71 36.03 105.43 -77.53
CA LEU Y 71 35.77 105.25 -78.95
C LEU Y 71 34.33 104.80 -79.18
N THR Y 72 33.84 103.87 -78.37
CA THR Y 72 32.49 103.35 -78.54
C THR Y 72 31.46 104.38 -78.15
N ILE Y 73 31.61 104.99 -76.97
CA ILE Y 73 30.70 106.04 -76.53
C ILE Y 73 31.47 107.35 -76.56
N PRO Y 74 31.15 108.27 -77.48
CA PRO Y 74 31.70 109.62 -77.43
C PRO Y 74 30.83 110.49 -76.53
N ASN Y 75 31.20 111.77 -76.47
CA ASN Y 75 30.45 112.75 -75.71
C ASN Y 75 30.08 113.93 -76.59
N ALA Y 76 29.03 114.63 -76.19
CA ALA Y 76 28.55 115.79 -76.91
C ALA Y 76 27.97 116.76 -75.89
N TYR Y 77 27.18 117.73 -76.37
CA TYR Y 77 26.52 118.63 -75.46
C TYR Y 77 25.38 117.91 -74.74
N ASN Y 78 24.87 118.58 -73.68
CA ASN Y 78 23.96 118.09 -72.64
C ASN Y 78 24.38 116.71 -72.11
N LEU Y 79 25.69 116.52 -71.99
CA LEU Y 79 26.27 115.39 -71.30
C LEU Y 79 27.08 115.82 -70.10
N GLN Y 80 27.31 117.11 -69.94
CA GLN Y 80 28.17 117.64 -68.89
C GLN Y 80 27.39 118.02 -67.64
N ALA Y 81 26.09 117.72 -67.59
CA ALA Y 81 25.32 117.94 -66.38
C ALA Y 81 25.82 117.04 -65.27
N ARG Y 82 25.79 117.54 -64.05
CA ARG Y 82 26.46 116.82 -62.97
C ARG Y 82 25.49 115.87 -62.30
N ALA Y 83 26.06 114.82 -61.71
CA ALA Y 83 25.27 113.80 -61.04
C ALA Y 83 26.11 113.12 -59.99
N SER Y 84 25.51 112.91 -58.82
CA SER Y 84 26.12 112.12 -57.76
C SER Y 84 25.17 111.00 -57.37
N VAL Y 85 25.69 109.78 -57.32
CA VAL Y 85 24.83 108.60 -57.37
C VAL Y 85 25.38 107.51 -56.47
N ASP Y 86 24.52 106.98 -55.59
CA ASP Y 86 24.79 105.77 -54.82
C ASP Y 86 23.72 104.75 -55.20
N TRP Y 87 24.00 103.96 -56.22
CA TRP Y 87 23.07 102.95 -56.70
C TRP Y 87 23.61 101.56 -56.37
N SER Y 88 22.71 100.67 -55.94
CA SER Y 88 23.11 99.32 -55.53
C SER Y 88 22.10 98.29 -56.00
N GLY Y 89 21.64 98.40 -57.23
CA GLY Y 89 20.64 97.47 -57.72
C GLY Y 89 20.89 97.00 -59.14
N PRO Y 90 19.83 96.64 -59.84
CA PRO Y 90 19.96 96.30 -61.26
C PRO Y 90 20.19 97.54 -62.10
N ILE Y 91 20.61 97.32 -63.35
CA ILE Y 91 21.09 98.43 -64.16
C ILE Y 91 19.98 99.18 -64.86
N GLU Y 92 18.78 98.59 -64.97
CA GLU Y 92 17.76 99.07 -65.90
C GLU Y 92 17.10 100.35 -65.42
N GLU Y 93 16.78 100.43 -64.13
CA GLU Y 93 16.17 101.64 -63.59
C GLU Y 93 17.16 102.79 -63.62
N LEU Y 94 18.43 102.49 -63.37
CA LEU Y 94 19.49 103.49 -63.41
C LEU Y 94 19.64 104.07 -64.81
N THR Y 95 19.74 103.21 -65.82
CA THR Y 95 19.92 103.71 -67.18
C THR Y 95 18.64 104.36 -67.71
N ALA Y 96 17.47 103.94 -67.20
CA ALA Y 96 16.23 104.59 -67.59
C ALA Y 96 16.14 106.01 -67.03
N ARG Y 97 16.55 106.18 -65.76
CA ARG Y 97 16.59 107.51 -65.17
C ARG Y 97 17.63 108.38 -65.87
N ILE Y 98 18.74 107.78 -66.28
CA ILE Y 98 19.78 108.50 -67.00
C ILE Y 98 19.26 108.97 -68.35
N ALA Y 99 18.56 108.10 -69.08
CA ALA Y 99 18.01 108.48 -70.38
C ALA Y 99 16.93 109.55 -70.25
N LYS Y 100 16.12 109.46 -69.18
CA LYS Y 100 15.11 110.47 -68.93
C LYS Y 100 15.73 111.82 -68.64
N ALA Y 101 16.83 111.83 -67.87
CA ALA Y 101 17.56 113.08 -67.63
C ALA Y 101 18.19 113.61 -68.91
N ALA Y 102 18.72 112.72 -69.74
CA ALA Y 102 19.41 113.12 -70.95
C ALA Y 102 18.46 113.50 -72.08
N HIS Y 103 17.16 113.25 -71.91
CA HIS Y 103 16.13 113.46 -72.93
C HIS Y 103 16.46 112.70 -74.21
N PHE Y 104 16.92 111.46 -74.04
CA PHE Y 104 17.42 110.67 -75.13
C PHE Y 104 16.54 109.44 -75.34
N ARG Y 105 16.50 108.97 -76.58
CA ARG Y 105 15.78 107.75 -76.88
C ARG Y 105 16.54 106.56 -76.30
N PHE Y 106 15.80 105.57 -75.83
CA PHE Y 106 16.36 104.43 -75.13
C PHE Y 106 16.18 103.15 -75.95
N ARG Y 107 17.15 102.26 -75.88
CA ARG Y 107 17.05 101.01 -76.62
C ARG Y 107 17.76 99.90 -75.87
N VAL Y 108 17.13 98.74 -75.80
CA VAL Y 108 17.65 97.57 -75.10
C VAL Y 108 17.67 96.41 -76.09
N LEU Y 109 18.81 95.75 -76.22
CA LEU Y 109 19.03 94.72 -77.23
C LEU Y 109 19.29 93.40 -76.54
N GLY Y 110 18.53 92.38 -76.92
CA GLY Y 110 18.67 91.06 -76.34
C GLY Y 110 17.61 90.76 -75.31
N LYS Y 111 17.95 89.84 -74.42
CA LYS Y 111 17.06 89.40 -73.35
C LYS Y 111 17.78 89.42 -72.03
N SER Y 112 17.06 89.75 -70.98
CA SER Y 112 17.61 89.71 -69.64
C SER Y 112 17.76 88.27 -69.18
N PRO Y 113 18.93 87.88 -68.70
CA PRO Y 113 19.07 86.56 -68.07
C PRO Y 113 18.38 86.54 -66.72
N SER Y 114 18.22 85.32 -66.19
CA SER Y 114 17.55 85.15 -64.90
C SER Y 114 18.35 85.75 -63.76
N VAL Y 115 19.65 85.53 -63.75
CA VAL Y 115 20.52 86.16 -62.76
C VAL Y 115 20.59 87.63 -63.11
N PRO Y 116 20.18 88.52 -62.21
CA PRO Y 116 20.18 89.95 -62.54
C PRO Y 116 21.58 90.51 -62.54
N VAL Y 117 21.87 91.35 -63.52
CA VAL Y 117 23.15 92.03 -63.59
C VAL Y 117 23.12 93.12 -62.53
N LEU Y 118 23.68 92.83 -61.37
CA LEU Y 118 23.59 93.72 -60.23
C LEU Y 118 24.89 94.50 -60.09
N ILE Y 119 24.74 95.80 -59.87
CA ILE Y 119 25.87 96.72 -59.78
C ILE Y 119 25.77 97.49 -58.48
N SER Y 120 26.88 98.13 -58.13
CA SER Y 120 26.92 98.99 -56.95
C SER Y 120 27.97 100.06 -57.21
N ILE Y 121 27.50 101.28 -57.46
CA ILE Y 121 28.36 102.40 -57.78
C ILE Y 121 28.03 103.55 -56.83
N SER Y 122 29.05 104.04 -56.14
CA SER Y 122 28.93 105.20 -55.24
C SER Y 122 29.92 106.25 -55.74
N THR Y 123 29.45 107.14 -56.60
CA THR Y 123 30.30 108.15 -57.21
C THR Y 123 29.73 109.54 -56.98
N LYS Y 124 30.59 110.54 -57.18
CA LYS Y 124 30.31 111.91 -56.78
C LYS Y 124 30.69 112.86 -57.91
N ASP Y 125 29.68 113.50 -58.50
CA ASP Y 125 29.80 114.77 -59.23
C ASP Y 125 30.77 114.69 -60.42
N GLU Y 126 30.39 113.90 -61.41
CA GLU Y 126 31.22 113.76 -62.60
C GLU Y 126 30.34 113.78 -63.84
N SER Y 127 30.98 113.59 -64.99
CA SER Y 127 30.27 113.64 -66.25
C SER Y 127 29.37 112.43 -66.41
N LEU Y 128 28.26 112.65 -67.11
CA LEU Y 128 27.35 111.55 -67.40
C LEU Y 128 27.99 110.53 -68.33
N ALA Y 129 28.81 110.98 -69.27
CA ALA Y 129 29.52 110.07 -70.16
C ALA Y 129 30.52 109.21 -69.40
N GLU Y 130 31.25 109.80 -68.47
CA GLU Y 130 32.19 109.02 -67.66
C GLU Y 130 31.47 108.12 -66.69
N ILE Y 131 30.30 108.54 -66.21
CA ILE Y 131 29.46 107.68 -65.38
C ILE Y 131 29.02 106.46 -66.17
N LEU Y 132 28.59 106.66 -67.41
CA LEU Y 132 28.17 105.56 -68.26
C LEU Y 132 29.33 104.64 -68.62
N ARG Y 133 30.51 105.22 -68.84
CA ARG Y 133 31.68 104.41 -69.15
C ARG Y 133 32.11 103.56 -67.95
N ASP Y 134 32.05 104.14 -66.75
CA ASP Y 134 32.34 103.36 -65.54
C ASP Y 134 31.28 102.31 -65.30
N ILE Y 135 30.03 102.60 -65.63
CA ILE Y 135 28.95 101.62 -65.50
C ILE Y 135 29.18 100.45 -66.44
N ASP Y 136 29.57 100.74 -67.68
CA ASP Y 136 29.86 99.67 -68.64
C ASP Y 136 31.11 98.90 -68.26
N TYR Y 137 32.08 99.56 -67.65
CA TYR Y 137 33.25 98.87 -67.11
C TYR Y 137 32.85 97.93 -65.97
N GLN Y 138 31.95 98.39 -65.11
CA GLN Y 138 31.46 97.56 -64.02
C GLN Y 138 30.68 96.36 -64.55
N ALA Y 139 29.93 96.56 -65.63
CA ALA Y 139 29.20 95.47 -66.25
C ALA Y 139 30.15 94.44 -66.86
N GLY Y 140 31.11 94.90 -67.65
CA GLY Y 140 32.10 93.98 -68.20
C GLY Y 140 31.50 93.10 -69.28
N LYS Y 141 31.67 91.78 -69.12
CA LYS Y 141 31.29 90.82 -70.13
C LYS Y 141 29.78 90.58 -70.21
N LYS Y 142 29.01 91.08 -69.25
CA LYS Y 142 27.58 90.78 -69.25
C LYS Y 142 26.82 91.60 -70.29
N ALA Y 143 27.22 92.85 -70.49
CA ALA Y 143 26.48 93.73 -71.39
C ALA Y 143 27.43 94.77 -71.97
N SER Y 144 26.92 95.55 -72.91
CA SER Y 144 27.69 96.62 -73.52
C SER Y 144 26.79 97.81 -73.75
N ILE Y 145 27.40 99.00 -73.73
CA ILE Y 145 26.69 100.27 -73.82
C ILE Y 145 27.20 101.01 -75.05
N HIS Y 146 26.29 101.50 -75.88
CA HIS Y 146 26.64 102.31 -77.03
C HIS Y 146 25.77 103.55 -77.04
N VAL Y 147 26.35 104.65 -77.55
CA VAL Y 147 25.69 105.94 -77.56
C VAL Y 147 25.78 106.51 -78.96
N TYR Y 148 24.64 106.87 -79.53
CA TYR Y 148 24.59 107.50 -80.84
C TYR Y 148 24.13 108.94 -80.64
N PRO Y 149 25.05 109.90 -80.60
CA PRO Y 149 24.67 111.28 -80.27
C PRO Y 149 24.02 112.00 -81.44
N ASN Y 150 24.38 111.58 -82.65
CA ASN Y 150 23.67 112.04 -83.83
C ASN Y 150 22.22 111.59 -83.79
N SER Y 151 21.98 110.37 -83.33
CA SER Y 151 20.64 109.85 -83.15
C SER Y 151 20.08 110.10 -81.77
N GLN Y 152 20.94 110.52 -80.82
CA GLN Y 152 20.58 110.82 -79.43
C GLN Y 152 19.94 109.60 -78.76
N VAL Y 153 20.58 108.46 -78.93
CA VAL Y 153 20.06 107.17 -78.49
C VAL Y 153 21.08 106.52 -77.58
N VAL Y 154 20.64 106.09 -76.40
CA VAL Y 154 21.43 105.25 -75.51
C VAL Y 154 20.94 103.82 -75.65
N GLU Y 155 21.87 102.91 -75.95
CA GLU Y 155 21.54 101.52 -76.23
C GLU Y 155 22.36 100.62 -75.34
N LEU Y 156 21.70 99.62 -74.76
CA LEU Y 156 22.39 98.51 -74.12
C LEU Y 156 22.21 97.26 -74.97
N ARG Y 157 23.17 96.34 -74.84
CA ARG Y 157 23.07 95.04 -75.50
C ARG Y 157 23.56 93.96 -74.55
N TYR Y 158 22.81 92.87 -74.46
CA TYR Y 158 23.19 91.77 -73.58
C TYR Y 158 24.29 90.93 -74.21
N ALA Y 159 24.85 90.03 -73.41
CA ALA Y 159 25.87 89.12 -73.91
C ALA Y 159 25.23 87.98 -74.69
N LYS Y 160 25.85 87.62 -75.81
CA LYS Y 160 25.40 86.47 -76.60
C LYS Y 160 25.99 85.22 -75.96
N ILE Y 161 25.20 84.62 -75.07
CA ILE Y 161 25.55 83.35 -74.44
C ILE Y 161 24.22 82.72 -74.03
N TYR Y 162 24.25 81.41 -73.79
CA TYR Y 162 23.12 80.58 -73.36
C TYR Y 162 22.00 80.61 -74.40
N ARG Z 207 69.15 41.92 -78.47
CA ARG Z 207 67.78 41.66 -78.87
C ARG Z 207 67.17 40.53 -78.04
N ILE Z 208 66.16 39.86 -78.59
CA ILE Z 208 65.46 38.77 -77.92
C ILE Z 208 65.83 37.47 -78.61
N ILE Z 209 66.31 36.50 -77.83
CA ILE Z 209 66.76 35.22 -78.37
C ILE Z 209 65.84 34.12 -77.83
N TYR Z 210 65.27 33.34 -78.74
CA TYR Z 210 64.31 32.32 -78.37
C TYR Z 210 65.00 31.01 -78.02
N TYR Z 211 64.35 30.24 -77.16
CA TYR Z 211 64.81 28.92 -76.77
C TYR Z 211 63.68 27.93 -76.95
N ILE Z 212 64.02 26.73 -77.40
CA ILE Z 212 63.04 25.66 -77.52
C ILE Z 212 62.76 25.11 -76.14
N GLN Z 213 61.48 24.95 -75.80
CA GLN Z 213 61.09 24.30 -74.56
C GLN Z 213 60.37 22.98 -74.79
N ALA Z 214 59.36 22.95 -75.66
CA ALA Z 214 58.61 21.75 -75.95
C ALA Z 214 58.65 21.48 -77.44
N VAL Z 215 59.06 20.27 -77.82
CA VAL Z 215 59.22 19.90 -79.22
C VAL Z 215 58.43 18.62 -79.48
N ILE Z 216 57.52 18.67 -80.44
CA ILE Z 216 56.83 17.50 -80.98
C ILE Z 216 56.89 17.63 -82.49
N PRO Z 217 56.60 16.58 -83.26
CA PRO Z 217 56.29 16.79 -84.68
C PRO Z 217 55.03 17.64 -84.82
N GLY Z 218 55.05 18.52 -85.79
CA GLY Z 218 53.90 19.40 -86.04
C GLY Z 218 53.88 20.73 -85.32
N ARG Z 219 54.19 20.72 -84.02
CA ARG Z 219 54.13 21.94 -83.22
C ARG Z 219 55.45 22.14 -82.48
N ALA Z 220 55.74 23.40 -82.16
CA ALA Z 220 56.93 23.75 -81.41
C ALA Z 220 56.59 24.83 -80.41
N TRP Z 221 57.34 24.88 -79.32
CA TRP Z 221 57.13 25.87 -78.27
C TRP Z 221 58.44 26.61 -78.02
N LEU Z 222 58.45 27.90 -78.34
CA LEU Z 222 59.62 28.74 -78.14
C LEU Z 222 59.41 29.65 -76.96
N ILE Z 223 60.50 30.00 -76.28
CA ILE Z 223 60.49 31.00 -75.23
C ILE Z 223 61.68 31.92 -75.44
N GLY Z 224 61.42 33.22 -75.53
CA GLY Z 224 62.49 34.19 -75.75
C GLY Z 224 63.33 34.42 -74.52
N SER Z 225 64.42 35.18 -74.72
CA SER Z 225 65.34 35.48 -73.64
C SER Z 225 64.77 36.47 -72.64
N ASN Z 226 63.74 37.23 -73.01
CA ASN Z 226 63.12 38.19 -72.13
C ASN Z 226 62.02 37.57 -71.26
N GLY Z 227 61.72 36.29 -71.46
CA GLY Z 227 60.65 35.62 -70.76
C GLY Z 227 59.39 35.40 -71.59
N SER Z 228 59.31 36.03 -72.76
CA SER Z 228 58.15 35.86 -73.63
C SER Z 228 58.20 34.50 -74.31
N THR Z 229 57.04 33.87 -74.45
CA THR Z 229 56.95 32.55 -75.04
C THR Z 229 55.75 32.45 -75.96
N LEU Z 230 55.79 31.46 -76.84
CA LEU Z 230 54.76 31.26 -77.86
C LEU Z 230 54.88 29.85 -78.40
N THR Z 231 53.88 29.47 -79.19
CA THR Z 231 53.92 28.22 -79.93
C THR Z 231 53.82 28.52 -81.43
N VAL Z 232 54.49 27.68 -82.22
CA VAL Z 232 54.56 27.85 -83.67
C VAL Z 232 54.37 26.50 -84.33
N ARG Z 233 54.24 26.53 -85.65
CA ARG Z 233 54.11 25.36 -86.49
C ARG Z 233 55.31 25.26 -87.43
N GLU Z 234 55.25 24.33 -88.38
CA GLU Z 234 56.33 24.16 -89.34
C GLU Z 234 56.45 25.36 -90.28
N GLY Z 235 55.34 25.77 -90.88
CA GLY Z 235 55.37 26.94 -91.73
C GLY Z 235 54.68 28.13 -91.09
N SER Z 236 55.47 29.07 -90.57
CA SER Z 236 54.91 30.22 -89.87
C SER Z 236 55.93 31.36 -89.92
N LYS Z 237 55.55 32.48 -89.31
CA LYS Z 237 56.40 33.66 -89.27
C LYS Z 237 56.79 33.97 -87.83
N ILE Z 238 58.00 34.50 -87.66
CA ILE Z 238 58.50 34.86 -86.34
C ILE Z 238 59.18 36.21 -86.41
N PRO Z 239 58.75 37.20 -85.61
CA PRO Z 239 59.39 38.52 -85.66
C PRO Z 239 60.78 38.50 -85.04
N GLY Z 240 61.71 39.17 -85.72
CA GLY Z 240 63.09 39.17 -85.34
C GLY Z 240 63.90 38.02 -85.87
N TYR Z 241 63.25 36.98 -86.37
CA TYR Z 241 63.93 35.82 -86.93
C TYR Z 241 63.51 35.52 -88.36
N GLY Z 242 62.26 35.77 -88.73
CA GLY Z 242 61.83 35.59 -90.10
C GLY Z 242 60.69 34.61 -90.27
N MET Z 243 60.93 33.55 -91.06
CA MET Z 243 59.92 32.57 -91.38
C MET Z 243 60.47 31.18 -91.06
N VAL Z 244 59.63 30.34 -90.46
CA VAL Z 244 60.04 28.99 -90.08
C VAL Z 244 59.97 28.11 -91.32
N LYS Z 245 61.09 27.49 -91.67
CA LYS Z 245 61.18 26.64 -92.85
C LYS Z 245 61.23 25.15 -92.51
N LEU Z 246 61.94 24.76 -91.45
CA LEU Z 246 62.07 23.36 -91.09
C LEU Z 246 62.39 23.25 -89.60
N ILE Z 247 61.72 22.31 -88.94
CA ILE Z 247 61.95 22.01 -87.53
C ILE Z 247 62.25 20.52 -87.41
N ASP Z 248 63.34 20.18 -86.74
CA ASP Z 248 63.69 18.79 -86.50
C ASP Z 248 63.08 18.34 -85.17
N SER Z 249 62.20 17.34 -85.22
CA SER Z 249 61.58 16.82 -84.00
C SER Z 249 62.62 16.12 -83.13
N LEU Z 250 63.49 15.33 -83.73
CA LEU Z 250 64.65 14.84 -83.01
C LEU Z 250 65.67 15.96 -82.84
N GLN Z 251 66.48 15.85 -81.78
CA GLN Z 251 67.62 16.70 -81.47
C GLN Z 251 67.29 18.18 -81.20
N GLY Z 252 66.00 18.54 -81.22
CA GLY Z 252 65.54 19.88 -80.88
C GLY Z 252 66.11 21.02 -81.71
N ARG Z 253 65.75 21.08 -82.99
CA ARG Z 253 66.35 22.04 -83.91
C ARG Z 253 65.28 22.79 -84.69
N ILE Z 254 65.47 24.09 -84.85
CA ILE Z 254 64.55 24.94 -85.61
C ILE Z 254 65.36 25.73 -86.63
N LEU Z 255 64.93 25.71 -87.89
CA LEU Z 255 65.58 26.47 -88.95
C LEU Z 255 64.68 27.62 -89.38
N THR Z 256 65.27 28.79 -89.60
CA THR Z 256 64.53 29.99 -89.97
C THR Z 256 64.84 30.39 -91.41
N SER Z 257 64.04 31.33 -91.91
CA SER Z 257 64.26 31.86 -93.26
C SER Z 257 65.53 32.68 -93.35
N SER Z 258 65.88 33.37 -92.26
CA SER Z 258 67.10 34.18 -92.23
C SER Z 258 68.35 33.36 -91.89
N GLY Z 259 68.26 32.04 -91.95
CA GLY Z 259 69.39 31.18 -91.68
C GLY Z 259 69.65 30.91 -90.22
N GLN Z 260 68.77 31.37 -89.33
CA GLN Z 260 69.02 31.24 -87.91
C GLN Z 260 68.56 29.88 -87.42
N VAL Z 261 69.39 29.24 -86.59
CA VAL Z 261 69.12 27.93 -86.04
C VAL Z 261 68.82 28.11 -84.55
N ILE Z 262 67.61 27.78 -84.15
CA ILE Z 262 67.15 27.90 -82.78
C ILE Z 262 67.27 26.55 -82.10
N LYS Z 263 67.85 26.53 -80.91
CA LYS Z 263 68.01 25.32 -80.13
C LYS Z 263 67.44 25.52 -78.73
N PHE Z 264 67.71 24.58 -77.83
CA PHE Z 264 67.35 24.68 -76.43
C PHE Z 264 68.29 25.63 -75.70
N SER Z 265 68.09 25.78 -74.40
CA SER Z 265 69.08 26.44 -73.57
C SER Z 265 70.27 25.52 -73.37
N GLN Z 266 71.48 26.05 -73.56
CA GLN Z 266 72.68 25.24 -73.44
C GLN Z 266 72.97 24.89 -71.98
N GLU Z 267 72.87 25.88 -71.10
CA GLU Z 267 73.10 25.62 -69.67
C GLU Z 267 71.95 24.83 -69.06
N ASP Z 268 70.74 25.00 -69.60
CA ASP Z 268 69.53 24.41 -69.04
C ASP Z 268 69.02 23.39 -70.06
N SER Z 269 69.51 22.16 -69.95
CA SER Z 269 69.17 21.10 -70.89
C SER Z 269 68.85 19.79 -70.18
N GLN AA 791 73.76 -24.83 -92.42
CA GLN AA 791 73.01 -23.77 -93.09
C GLN AA 791 71.69 -23.55 -92.37
N GLN AA 792 71.22 -24.58 -91.68
CA GLN AA 792 69.96 -24.53 -90.94
C GLN AA 792 70.15 -24.09 -89.50
N GLU AA 793 71.29 -23.48 -89.17
CA GLU AA 793 71.55 -23.03 -87.81
C GLU AA 793 70.83 -21.74 -87.47
N ILE AA 794 70.27 -21.05 -88.47
CA ILE AA 794 69.55 -19.81 -88.22
C ILE AA 794 68.25 -20.09 -87.46
N GLN AA 795 67.55 -21.16 -87.86
CA GLN AA 795 66.21 -21.42 -87.35
C GLN AA 795 66.23 -21.82 -85.88
N GLN AA 796 67.23 -22.59 -85.47
CA GLN AA 796 67.38 -22.89 -84.06
C GLN AA 796 67.82 -21.67 -83.25
N ARG AA 797 68.56 -20.76 -83.88
CA ARG AA 797 68.85 -19.48 -83.24
C ARG AA 797 67.61 -18.60 -83.22
N THR AA 798 66.71 -18.77 -84.19
CA THR AA 798 65.45 -18.05 -84.17
C THR AA 798 64.49 -18.63 -83.14
N SER AA 799 64.77 -19.80 -82.59
CA SER AA 799 63.91 -20.38 -81.57
C SER AA 799 64.16 -19.72 -80.21
N ASP AA 800 65.38 -19.86 -79.70
CA ASP AA 800 65.70 -19.45 -78.33
C ASP AA 800 65.80 -17.94 -78.16
N MET AA 801 65.80 -17.18 -79.25
CA MET AA 801 65.69 -15.73 -79.14
C MET AA 801 64.36 -15.32 -78.54
N LEU AA 802 63.28 -15.95 -79.01
CA LEU AA 802 61.93 -15.45 -78.74
C LEU AA 802 61.52 -15.68 -77.30
N THR AA 803 62.16 -16.61 -76.61
CA THR AA 803 61.94 -16.77 -75.19
C THR AA 803 62.40 -15.54 -74.42
N ALA AA 804 63.59 -15.04 -74.75
CA ALA AA 804 64.09 -13.84 -74.08
C ALA AA 804 63.48 -12.58 -74.66
N ALA AA 805 63.24 -12.57 -75.96
CA ALA AA 805 62.81 -11.34 -76.63
C ALA AA 805 61.37 -10.97 -76.26
N THR AA 806 60.47 -11.95 -76.29
CA THR AA 806 59.11 -11.69 -75.84
C THR AA 806 59.06 -11.42 -74.35
N GLN AA 807 59.99 -11.99 -73.59
CA GLN AA 807 60.14 -11.62 -72.19
C GLN AA 807 60.58 -10.17 -72.07
N LEU AA 808 61.59 -9.78 -72.84
CA LEU AA 808 62.20 -8.48 -72.65
C LEU AA 808 61.34 -7.34 -73.17
N VAL AA 809 60.50 -7.62 -74.18
CA VAL AA 809 59.72 -6.55 -74.79
C VAL AA 809 58.62 -6.07 -73.84
N GLN AA 810 58.13 -6.93 -72.95
CA GLN AA 810 57.18 -6.49 -71.96
C GLN AA 810 57.84 -6.06 -70.65
N ASP AA 811 59.15 -6.25 -70.53
CA ASP AA 811 59.84 -5.89 -69.29
C ASP AA 811 59.85 -4.38 -69.08
N TRP AA 812 59.99 -3.62 -70.15
CA TRP AA 812 59.86 -2.17 -70.05
C TRP AA 812 58.43 -1.70 -70.25
N LYS AA 813 57.51 -2.60 -70.61
CA LYS AA 813 56.13 -2.20 -70.80
C LYS AA 813 55.47 -1.86 -69.48
N GLN AA 814 55.61 -2.72 -68.48
CA GLN AA 814 54.97 -2.46 -67.20
C GLN AA 814 55.81 -1.47 -66.40
N VAL AA 815 55.14 -0.53 -65.76
CA VAL AA 815 55.75 0.46 -64.88
C VAL AA 815 54.85 0.60 -63.67
N GLU AA 816 55.39 0.34 -62.49
CA GLU AA 816 54.64 0.50 -61.26
C GLU AA 816 54.38 1.98 -60.98
N THR AA 817 53.33 2.25 -60.22
CA THR AA 817 52.92 3.62 -59.99
C THR AA 817 53.68 4.22 -58.81
N GLN AA 818 53.23 5.39 -58.36
CA GLN AA 818 53.84 6.12 -57.27
C GLN AA 818 53.37 5.59 -55.93
N VAL AA 819 53.85 6.22 -54.85
CA VAL AA 819 53.29 6.06 -53.52
C VAL AA 819 53.50 7.35 -52.73
N TYR AA 820 52.42 7.91 -52.23
CA TYR AA 820 52.50 9.06 -51.33
C TYR AA 820 52.14 8.61 -49.93
N THR AA 821 52.93 9.04 -48.95
CA THR AA 821 52.74 8.66 -47.57
C THR AA 821 52.77 9.91 -46.68
N GLU AA 822 51.81 9.99 -45.77
CA GLU AA 822 51.69 11.10 -44.84
C GLU AA 822 52.26 10.70 -43.49
N GLY AA 823 52.92 11.64 -42.83
CA GLY AA 823 53.41 11.45 -41.47
C GLY AA 823 52.63 12.32 -40.50
N THR AA 824 52.15 11.70 -39.43
CA THR AA 824 51.40 12.41 -38.40
C THR AA 824 52.29 12.73 -37.21
N ILE BA 862 36.62 55.66 -8.51
CA ILE BA 862 37.08 55.06 -7.26
C ILE BA 862 37.29 56.13 -6.20
N ILE BA 863 36.58 56.00 -5.08
CA ILE BA 863 36.73 56.88 -3.93
C ILE BA 863 37.11 56.02 -2.73
N LYS BA 864 38.18 56.42 -2.03
CA LYS BA 864 38.64 55.70 -0.85
C LYS BA 864 37.61 55.78 0.27
N THR BA 865 37.64 54.80 1.16
CA THR BA 865 36.65 54.67 2.22
C THR BA 865 36.80 55.81 3.22
N GLY BA 866 35.68 56.44 3.57
CA GLY BA 866 35.62 57.37 4.69
C GLY BA 866 36.40 58.66 4.56
N ASP BA 867 36.32 59.31 3.41
CA ASP BA 867 36.92 60.62 3.22
C ASP BA 867 35.82 61.69 3.31
N ILE BA 868 36.23 62.95 3.36
CA ILE BA 868 35.33 64.06 3.64
C ILE BA 868 35.30 65.00 2.44
N MET BA 869 34.11 65.30 1.95
CA MET BA 869 33.90 66.33 0.92
C MET BA 869 32.97 67.40 1.51
N PHE BA 870 32.65 68.42 0.71
CA PHE BA 870 31.89 69.55 1.20
C PHE BA 870 30.76 69.88 0.24
N ALA BA 871 29.66 70.38 0.80
CA ALA BA 871 28.48 70.75 0.02
C ALA BA 871 27.80 71.93 0.70
N VAL BA 872 26.71 72.41 0.09
CA VAL BA 872 25.92 73.51 0.63
C VAL BA 872 24.48 73.05 0.75
N LEU BA 873 23.88 73.24 1.92
CA LEU BA 873 22.49 72.90 2.15
C LEU BA 873 21.62 74.12 1.88
N ASP BA 874 20.59 73.91 1.05
CA ASP BA 874 19.76 75.00 0.58
C ASP BA 874 18.28 74.76 0.87
N THR BA 875 17.86 73.49 0.89
CA THR BA 875 16.46 73.17 1.15
C THR BA 875 16.26 72.95 2.64
N SER BA 876 15.68 73.95 3.31
CA SER BA 876 15.47 73.88 4.75
C SER BA 876 14.24 73.04 5.06
N VAL BA 877 14.25 72.41 6.24
CA VAL BA 877 13.16 71.56 6.69
C VAL BA 877 13.18 71.49 8.20
N ASN BA 878 12.01 71.26 8.79
CA ASN BA 878 11.87 71.02 10.21
C ASN BA 878 12.04 69.54 10.51
N SER BA 879 12.33 69.22 11.76
CA SER BA 879 12.49 67.83 12.17
C SER BA 879 11.15 67.21 12.54
N ASP BA 880 10.16 67.32 11.66
CA ASP BA 880 8.88 66.63 11.88
C ASP BA 880 8.42 65.83 10.68
N GLU BA 881 8.70 66.28 9.46
CA GLU BA 881 8.21 65.62 8.24
C GLU BA 881 9.39 65.16 7.40
N PRO BA 882 9.66 63.86 7.31
CA PRO BA 882 10.73 63.38 6.44
C PRO BA 882 10.40 63.54 4.96
N GLY BA 883 11.48 63.69 4.18
CA GLY BA 883 11.36 63.87 2.75
C GLY BA 883 12.71 64.02 2.10
N PRO BA 884 12.73 64.27 0.79
CA PRO BA 884 14.00 64.50 0.10
C PRO BA 884 14.63 65.85 0.43
N ILE BA 885 15.87 65.83 0.89
CA ILE BA 885 16.66 67.05 1.11
C ILE BA 885 17.98 66.89 0.35
N LEU BA 886 18.34 67.90 -0.43
CA LEU BA 886 19.47 67.81 -1.34
C LEU BA 886 20.52 68.87 -1.05
N ALA BA 887 21.77 68.48 -1.18
CA ALA BA 887 22.92 69.37 -1.20
C ALA BA 887 23.69 69.15 -2.50
N THR BA 888 24.75 69.93 -2.71
CA THR BA 888 25.50 69.87 -3.96
C THR BA 888 26.98 70.09 -3.68
N ILE BA 889 27.81 69.13 -4.11
CA ILE BA 889 29.25 69.24 -3.94
C ILE BA 889 29.79 70.30 -4.89
N VAL BA 890 30.63 71.20 -4.36
CA VAL BA 890 31.17 72.29 -5.15
C VAL BA 890 32.69 72.19 -5.34
N THR BA 891 33.34 71.21 -4.71
CA THR BA 891 34.78 71.05 -4.88
C THR BA 891 35.16 69.59 -5.05
N GLY BA 892 36.47 69.32 -5.10
CA GLY BA 892 36.91 67.95 -5.24
C GLY BA 892 36.70 67.43 -6.66
N LYS BA 893 36.69 66.11 -6.77
CA LYS BA 893 36.43 65.47 -8.06
C LYS BA 893 34.98 65.66 -8.49
N LEU BA 894 34.05 65.59 -7.55
CA LEU BA 894 32.64 65.76 -7.85
C LEU BA 894 32.29 67.24 -7.93
N LYS BA 895 32.16 67.75 -9.15
CA LYS BA 895 31.72 69.12 -9.37
C LYS BA 895 30.36 69.07 -10.05
N GLY BA 896 29.38 69.73 -9.47
CA GLY BA 896 28.03 69.63 -9.98
C GLY BA 896 27.28 68.39 -9.56
N SER BA 897 27.91 67.51 -8.78
CA SER BA 897 27.23 66.35 -8.24
C SER BA 897 26.29 66.79 -7.12
N LYS BA 898 25.12 66.16 -7.05
CA LYS BA 898 24.13 66.55 -6.06
C LYS BA 898 23.61 65.32 -5.33
N LEU BA 899 23.08 65.53 -4.13
CA LEU BA 899 22.85 64.42 -3.22
C LEU BA 899 21.54 64.64 -2.48
N ILE BA 900 20.61 63.70 -2.66
CA ILE BA 900 19.31 63.67 -2.00
C ILE BA 900 19.34 62.62 -0.89
N GLY BA 901 18.90 63.01 0.30
CA GLY BA 901 18.68 62.07 1.37
C GLY BA 901 17.53 62.51 2.26
N SER BA 902 17.57 62.12 3.53
CA SER BA 902 16.51 62.48 4.46
C SER BA 902 17.17 62.76 5.80
N PHE BA 903 16.38 62.80 6.86
CA PHE BA 903 16.94 62.96 8.19
C PHE BA 903 16.47 61.82 9.10
N ASN BA 904 17.07 61.78 10.28
CA ASN BA 904 16.64 60.88 11.34
C ASN BA 904 16.21 61.71 12.54
N LEU BA 905 15.36 61.14 13.36
CA LEU BA 905 14.94 61.86 14.53
C LEU BA 905 15.67 61.34 15.76
N PRO BA 906 16.45 62.18 16.41
CA PRO BA 906 17.16 61.75 17.63
C PRO BA 906 16.23 61.66 18.82
N SER BA 907 16.70 60.91 19.82
CA SER BA 907 15.96 60.80 21.08
C SER BA 907 15.96 62.10 21.86
N ASN BA 908 17.09 62.81 21.86
CA ASN BA 908 17.22 64.09 22.54
C ASN BA 908 17.58 65.16 21.51
N ALA BA 909 17.28 66.41 21.84
CA ALA BA 909 17.45 67.53 20.93
C ALA BA 909 18.85 68.15 20.99
N ASP BA 910 19.85 67.40 21.44
CA ASP BA 910 21.22 67.89 21.53
C ASP BA 910 22.00 67.73 20.24
N LYS BA 911 21.48 67.01 19.25
CA LYS BA 911 22.15 66.86 17.98
C LYS BA 911 21.11 66.54 16.91
N MET BA 912 21.56 66.58 15.65
CA MET BA 912 20.73 66.28 14.50
C MET BA 912 21.63 66.00 13.31
N VAL BA 913 21.43 64.83 12.68
CA VAL BA 913 22.27 64.41 11.58
C VAL BA 913 21.38 64.07 10.38
N ILE BA 914 22.00 64.06 9.20
CA ILE BA 914 21.29 63.99 7.93
C ILE BA 914 21.70 62.71 7.20
N THR BA 915 20.71 61.90 6.83
CA THR BA 915 20.93 60.72 6.00
C THR BA 915 21.16 61.20 4.56
N PHE BA 916 22.14 60.62 3.89
CA PHE BA 916 22.45 60.97 2.51
C PHE BA 916 22.80 59.71 1.74
N ASN BA 917 21.96 59.36 0.77
CA ASN BA 917 22.15 58.10 0.04
C ASN BA 917 22.08 58.23 -1.48
N THR BA 918 21.26 59.14 -2.01
CA THR BA 918 20.98 59.18 -3.44
C THR BA 918 21.84 60.23 -4.11
N MET BA 919 22.92 59.80 -4.75
CA MET BA 919 23.92 60.72 -5.32
C MET BA 919 23.83 60.67 -6.84
N SER BA 920 23.85 61.84 -7.46
CA SER BA 920 23.79 61.97 -8.91
C SER BA 920 24.99 62.76 -9.41
N ILE BA 921 25.65 62.23 -10.44
CA ILE BA 921 26.82 62.82 -11.07
C ILE BA 921 26.35 63.47 -12.37
N PRO BA 922 26.76 64.70 -12.69
CA PRO BA 922 26.39 65.29 -13.98
C PRO BA 922 27.14 64.66 -15.15
N GLY BA 923 26.73 65.02 -16.35
CA GLY BA 923 27.33 64.46 -17.55
C GLY BA 923 26.62 63.24 -18.08
N ALA BA 924 26.73 62.13 -17.36
CA ALA BA 924 26.14 60.87 -17.79
C ALA BA 924 24.86 60.59 -17.01
N GLU BA 925 24.01 59.73 -17.60
CA GLU BA 925 22.72 59.36 -17.03
C GLU BA 925 22.93 58.26 -15.99
N LYS BA 926 23.35 58.68 -14.79
CA LYS BA 926 23.60 57.75 -13.70
C LYS BA 926 23.07 58.36 -12.41
N THR BA 927 22.81 57.49 -11.43
CA THR BA 927 22.46 57.92 -10.09
C THR BA 927 23.03 56.88 -9.12
N ILE BA 928 24.21 57.16 -8.59
CA ILE BA 928 24.93 56.19 -7.77
C ILE BA 928 24.36 56.18 -6.36
N SER BA 929 24.72 55.17 -5.58
CA SER BA 929 24.05 54.93 -4.30
C SER BA 929 25.02 54.90 -3.13
N ILE BA 930 25.91 55.89 -3.03
CA ILE BA 930 26.75 56.01 -1.85
C ILE BA 930 25.89 56.52 -0.71
N SER BA 931 25.76 55.73 0.34
CA SER BA 931 24.94 56.06 1.49
C SER BA 931 25.83 56.35 2.68
N ALA BA 932 25.73 57.56 3.21
CA ALA BA 932 26.60 58.00 4.28
C ALA BA 932 25.89 59.10 5.06
N TYR BA 933 26.63 59.75 5.94
CA TYR BA 933 26.12 60.83 6.77
C TYR BA 933 26.83 62.13 6.44
N ALA BA 934 26.57 63.15 7.26
CA ALA BA 934 27.16 64.47 7.11
C ALA BA 934 27.69 64.97 8.45
N ILE BA 935 28.63 65.91 8.39
CA ILE BA 935 29.24 66.49 9.59
C ILE BA 935 29.17 68.01 9.49
N ASP BA 936 28.74 68.64 10.58
CA ASP BA 936 28.52 70.08 10.60
C ASP BA 936 29.86 70.82 10.66
N PRO BA 937 30.06 71.83 9.82
CA PRO BA 937 31.33 72.57 9.85
C PRO BA 937 31.43 73.49 11.06
N ASN BA 938 32.67 73.83 11.39
CA ASN BA 938 33.10 74.82 12.40
C ASN BA 938 32.70 74.46 13.82
N THR BA 939 32.25 73.24 14.07
CA THR BA 939 32.06 72.77 15.44
C THR BA 939 32.68 71.39 15.55
N ALA BA 940 32.78 70.72 14.40
CA ALA BA 940 33.17 69.31 14.25
C ALA BA 940 32.32 68.42 15.14
N ARG BA 941 31.03 68.75 15.17
CA ARG BA 941 30.05 68.02 15.97
C ARG BA 941 28.85 67.71 15.10
N THR BA 942 28.10 66.70 15.51
CA THR BA 942 26.89 66.32 14.80
C THR BA 942 25.66 67.09 15.25
N ALA BA 943 25.85 68.18 15.99
CA ALA BA 943 24.72 69.01 16.41
C ALA BA 943 24.21 69.86 15.25
N LEU BA 944 23.03 70.45 15.45
CA LEU BA 944 22.43 71.33 14.47
C LEU BA 944 22.36 72.75 15.01
N ALA BA 945 22.60 73.72 14.13
CA ALA BA 945 22.50 75.14 14.47
C ALA BA 945 21.03 75.56 14.41
N SER BA 946 20.36 75.45 15.55
CA SER BA 946 18.99 75.91 15.71
C SER BA 946 18.73 76.13 17.21
N ARG BA 947 17.53 76.60 17.51
CA ARG BA 947 17.11 76.79 18.89
C ARG BA 947 16.35 75.55 19.37
N THR BA 948 16.30 75.40 20.69
CA THR BA 948 15.69 74.21 21.29
C THR BA 948 14.75 74.50 22.44
N ASN BA 949 14.54 75.76 22.82
CA ASN BA 949 13.73 76.09 24.00
C ASN BA 949 12.30 76.45 23.62
N HIS BA 950 11.78 75.84 22.55
CA HIS BA 950 10.49 76.25 22.02
C HIS BA 950 9.33 75.78 22.89
N HIS BA 951 9.37 74.52 23.33
CA HIS BA 951 8.20 73.89 23.93
C HIS BA 951 8.53 73.38 25.32
N TYR BA 952 9.19 74.20 26.12
CA TYR BA 952 9.29 73.94 27.55
C TYR BA 952 8.37 74.84 28.35
N LEU BA 953 8.57 76.16 28.20
CA LEU BA 953 7.95 77.13 29.09
C LEU BA 953 6.45 77.24 28.85
N MET BA 954 6.02 77.00 27.61
CA MET BA 954 4.59 77.03 27.28
C MET BA 954 3.81 75.97 28.05
N ARG BA 955 4.26 74.72 27.99
CA ARG BA 955 3.54 73.67 28.68
C ARG BA 955 3.76 73.72 30.18
N TYR BA 956 4.94 74.18 30.64
CA TYR BA 956 5.16 74.38 32.08
C TYR BA 956 4.19 75.40 32.65
N GLY BA 957 4.09 76.57 32.00
CA GLY BA 957 3.20 77.61 32.47
C GLY BA 957 1.73 77.23 32.37
N SER BA 958 1.36 76.49 31.31
CA SER BA 958 -0.01 76.04 31.18
C SER BA 958 -0.40 75.08 32.29
N LEU BA 959 0.49 74.11 32.60
CA LEU BA 959 0.24 73.18 33.69
C LEU BA 959 0.15 73.89 35.03
N PHE BA 960 1.06 74.83 35.28
CA PHE BA 960 1.08 75.52 36.56
C PHE BA 960 -0.10 76.45 36.71
N ALA BA 961 -0.56 77.05 35.61
CA ALA BA 961 -1.74 77.90 35.66
C ALA BA 961 -3.01 77.09 35.93
N SER BA 962 -3.14 75.93 35.26
CA SER BA 962 -4.27 75.03 35.53
C SER BA 962 -4.28 74.56 36.97
N SER BA 963 -3.09 74.26 37.50
CA SER BA 963 -2.94 73.94 38.91
C SER BA 963 -3.43 75.06 39.81
N PHE BA 964 -2.86 76.26 39.67
CA PHE BA 964 -3.19 77.41 40.52
C PHE BA 964 -4.68 77.74 40.47
N LEU BA 965 -5.31 77.51 39.31
CA LEU BA 965 -6.75 77.67 39.19
C LEU BA 965 -7.50 76.64 40.05
N GLN BA 966 -7.09 75.37 39.97
CA GLN BA 966 -7.70 74.30 40.78
C GLN BA 966 -7.54 74.59 42.26
N GLY BA 967 -6.34 75.01 42.65
CA GLY BA 967 -6.05 75.28 44.05
C GLY BA 967 -6.82 76.46 44.58
N PHE BA 968 -7.00 77.50 43.76
CA PHE BA 968 -7.74 78.67 44.20
C PHE BA 968 -9.18 78.31 44.44
N GLY BA 969 -9.75 77.52 43.53
CA GLY BA 969 -11.13 77.10 43.72
C GLY BA 969 -11.35 76.26 44.95
N ASN BA 970 -10.54 75.20 45.13
CA ASN BA 970 -10.78 74.31 46.26
C ASN BA 970 -10.46 74.97 47.60
N ALA BA 971 -9.33 75.66 47.71
CA ALA BA 971 -8.96 76.21 49.00
C ALA BA 971 -9.80 77.43 49.36
N PHE BA 972 -10.08 78.32 48.40
CA PHE BA 972 -10.88 79.48 48.76
C PHE BA 972 -12.38 79.17 48.76
N GLN BA 973 -12.77 77.97 48.33
CA GLN BA 973 -14.12 77.49 48.64
C GLN BA 973 -14.15 76.84 50.02
N SER BA 974 -13.06 76.19 50.43
CA SER BA 974 -13.02 75.56 51.74
C SER BA 974 -12.88 76.59 52.85
N ALA BA 975 -12.30 77.75 52.54
CA ALA BA 975 -12.02 78.76 53.55
C ALA BA 975 -13.22 79.64 53.87
N ASN BA 976 -14.43 79.26 53.43
CA ASN BA 976 -15.61 80.04 53.73
C ASN BA 976 -16.02 79.96 55.19
N THR BA 977 -15.78 78.81 55.84
CA THR BA 977 -16.02 78.71 57.27
C THR BA 977 -14.92 79.42 58.06
N THR BA 978 -13.69 79.36 57.57
CA THR BA 978 -12.58 79.98 58.29
C THR BA 978 -12.44 81.45 57.95
N SER BA 999 -19.12 87.83 47.08
CA SER BA 999 -19.85 87.29 45.93
C SER BA 999 -18.95 87.22 44.71
N THR BA 1000 -18.32 88.36 44.38
CA THR BA 1000 -17.40 88.40 43.25
C THR BA 1000 -16.17 87.55 43.49
N LEU BA 1001 -15.69 87.52 44.73
CA LEU BA 1001 -14.60 86.61 45.09
C LEU BA 1001 -15.04 85.16 44.94
N GLU BA 1002 -16.31 84.87 45.28
CA GLU BA 1002 -16.85 83.53 45.07
C GLU BA 1002 -16.92 83.18 43.59
N ASN BA 1003 -17.21 84.17 42.74
CA ASN BA 1003 -17.23 83.90 41.30
C ASN BA 1003 -15.83 83.68 40.75
N ALA BA 1004 -14.82 84.35 41.34
CA ALA BA 1004 -13.44 84.02 41.02
C ALA BA 1004 -13.09 82.60 41.41
N VAL BA 1005 -13.53 82.19 42.61
CA VAL BA 1005 -13.39 80.81 43.08
C VAL BA 1005 -14.04 79.85 42.10
N ILE BA 1006 -15.23 80.23 41.60
CA ILE BA 1006 -15.99 79.44 40.62
C ILE BA 1006 -15.18 79.23 39.35
N GLY BA 1007 -14.62 80.32 38.80
CA GLY BA 1007 -14.01 80.25 37.50
C GLY BA 1007 -12.74 79.44 37.54
N LEU BA 1008 -11.91 79.70 38.55
CA LEU BA 1008 -10.65 78.99 38.65
C LEU BA 1008 -10.90 77.54 39.06
N ALA BA 1009 -11.89 77.32 39.94
CA ALA BA 1009 -12.32 76.01 40.42
C ALA BA 1009 -12.68 75.07 39.31
N THR BA 1010 -13.31 75.57 38.27
CA THR BA 1010 -13.73 74.61 37.27
C THR BA 1010 -12.90 74.63 36.00
N VAL BA 1011 -12.30 75.75 35.62
CA VAL BA 1011 -11.44 75.69 34.43
C VAL BA 1011 -10.05 75.18 34.75
N GLY BA 1012 -9.69 75.00 36.03
CA GLY BA 1012 -8.42 74.38 36.33
C GLY BA 1012 -8.37 72.92 35.95
N LYS BA 1013 -9.46 72.19 36.18
CA LYS BA 1013 -9.43 70.72 36.13
C LYS BA 1013 -9.28 70.20 34.71
N ALA BA 1014 -10.10 70.72 33.79
CA ALA BA 1014 -10.05 70.28 32.41
C ALA BA 1014 -8.74 70.70 31.75
N TRP BA 1015 -8.26 71.90 32.05
CA TRP BA 1015 -6.97 72.33 31.55
C TRP BA 1015 -5.84 71.51 32.16
N SER BA 1016 -6.00 71.03 33.39
CA SER BA 1016 -4.98 70.20 34.02
C SER BA 1016 -4.86 68.84 33.34
N GLN BA 1017 -6.00 68.19 33.10
CA GLN BA 1017 -5.94 66.89 32.43
C GLN BA 1017 -5.51 67.04 30.97
N GLN BA 1018 -5.91 68.13 30.29
CA GLN BA 1018 -5.46 68.33 28.93
C GLN BA 1018 -3.97 68.67 28.86
N ALA BA 1019 -3.45 69.38 29.86
CA ALA BA 1019 -2.03 69.67 29.90
C ALA BA 1019 -1.22 68.42 30.20
N GLN BA 1020 -1.74 67.54 31.04
CA GLN BA 1020 -1.10 66.24 31.24
C GLN BA 1020 -1.17 65.39 29.98
N GLN BA 1021 -2.21 65.59 29.17
CA GLN BA 1021 -2.27 64.93 27.87
C GLN BA 1021 -1.21 65.47 26.92
N LEU BA 1022 -1.08 66.80 26.80
CA LEU BA 1022 -0.24 67.39 25.77
C LEU BA 1022 1.18 67.69 26.24
N PHE BA 1023 1.53 67.31 27.47
CA PHE BA 1023 2.84 67.64 27.99
C PHE BA 1023 3.95 66.81 27.34
N ASN BA 1024 3.60 65.67 26.76
CA ASN BA 1024 4.56 64.69 26.27
C ASN BA 1024 5.26 65.11 24.98
N THR BA 1025 4.82 66.17 24.32
CA THR BA 1025 5.40 66.54 23.04
C THR BA 1025 6.74 67.24 23.26
N PRO BA 1026 7.82 66.75 22.64
CA PRO BA 1026 9.15 67.30 22.89
C PRO BA 1026 9.38 68.60 22.11
N THR BA 1027 10.59 69.14 22.27
CA THR BA 1027 11.01 70.36 21.59
C THR BA 1027 11.69 70.00 20.28
N THR BA 1028 11.36 70.73 19.23
CA THR BA 1028 11.80 70.40 17.89
C THR BA 1028 12.97 71.28 17.44
N VAL BA 1029 13.61 70.87 16.35
CA VAL BA 1029 14.68 71.64 15.71
C VAL BA 1029 14.33 71.79 14.23
N GLU BA 1030 15.01 72.74 13.59
CA GLU BA 1030 14.77 73.00 12.17
C GLU BA 1030 16.06 73.48 11.51
N VAL BA 1031 16.45 72.82 10.42
CA VAL BA 1031 17.65 73.22 9.70
C VAL BA 1031 17.36 74.47 8.87
N TYR BA 1032 18.42 75.12 8.42
CA TYR BA 1032 18.31 76.40 7.73
C TYR BA 1032 18.61 76.24 6.25
N SER BA 1033 18.20 77.25 5.47
CA SER BA 1033 18.25 77.20 4.02
C SER BA 1033 19.52 77.78 3.43
N GLY BA 1034 20.49 78.17 4.25
CA GLY BA 1034 21.69 78.78 3.72
C GLY BA 1034 22.98 78.35 4.39
N THR BA 1035 23.03 77.13 4.91
CA THR BA 1035 24.17 76.65 5.67
C THR BA 1035 24.98 75.67 4.84
N GLY BA 1036 26.29 75.84 4.82
CA GLY BA 1036 27.17 74.85 4.23
C GLY BA 1036 27.32 73.66 5.16
N LEU BA 1037 27.92 72.60 4.61
CA LEU BA 1037 28.08 71.37 5.38
C LEU BA 1037 29.22 70.55 4.80
N GLY BA 1038 29.72 69.62 5.62
CA GLY BA 1038 30.66 68.62 5.19
C GLY BA 1038 30.01 67.24 5.26
N ILE BA 1039 30.43 66.37 4.34
CA ILE BA 1039 29.85 65.04 4.20
C ILE BA 1039 30.98 64.03 4.21
N LEU BA 1040 30.94 63.10 5.17
CA LEU BA 1040 31.89 62.00 5.21
C LEU BA 1040 31.36 60.85 4.37
N PHE BA 1041 32.25 59.93 4.04
CA PHE BA 1041 31.91 58.72 3.31
C PHE BA 1041 31.84 57.53 4.27
N THR BA 1042 31.19 56.47 3.82
CA THR BA 1042 31.09 55.24 4.58
C THR BA 1042 31.65 54.05 3.84
N GLN BA 1043 31.48 54.00 2.51
CA GLN BA 1043 32.01 52.92 1.70
C GLN BA 1043 32.67 53.52 0.46
N ASP BA 1044 33.20 52.63 -0.38
CA ASP BA 1044 33.85 53.01 -1.62
C ASP BA 1044 32.85 52.96 -2.77
N VAL BA 1045 33.16 53.69 -3.85
CA VAL BA 1045 32.37 53.67 -5.07
C VAL BA 1045 33.32 53.43 -6.25
N THR BA 1046 32.76 53.45 -7.45
CA THR BA 1046 33.54 53.23 -8.66
C THR BA 1046 33.36 54.39 -9.64
N ALA CA 104 93.53 -51.76 -57.60
CA ALA CA 104 92.85 -52.48 -56.52
C ALA CA 104 92.60 -51.57 -55.33
N GLU CA 105 93.30 -50.43 -55.29
CA GLU CA 105 93.16 -49.47 -54.21
C GLU CA 105 92.91 -48.08 -54.78
N VAL CA 106 93.41 -47.84 -56.00
CA VAL CA 106 93.23 -46.57 -56.68
C VAL CA 106 91.82 -46.38 -57.22
N ILE CA 107 91.00 -47.44 -57.18
CA ILE CA 107 89.61 -47.37 -57.61
C ILE CA 107 88.84 -46.38 -56.74
N ASP CA 108 89.11 -46.39 -55.43
CA ASP CA 108 88.47 -45.44 -54.53
C ASP CA 108 88.92 -44.01 -54.80
N LYS CA 109 90.19 -43.81 -55.16
CA LYS CA 109 90.68 -42.48 -55.50
C LYS CA 109 90.04 -41.95 -56.78
N LYS CA 110 89.92 -42.82 -57.79
CA LYS CA 110 89.25 -42.45 -59.04
C LYS CA 110 87.78 -42.12 -58.80
N ALA CA 111 87.11 -42.94 -57.98
CA ALA CA 111 85.71 -42.68 -57.64
C ALA CA 111 85.56 -41.40 -56.85
N PHE CA 112 86.52 -41.07 -55.98
CA PHE CA 112 86.46 -39.82 -55.23
C PHE CA 112 86.62 -38.61 -56.13
N LYS CA 113 87.57 -38.66 -57.08
CA LYS CA 113 87.75 -37.56 -58.02
C LYS CA 113 86.54 -37.41 -58.93
N ASP CA 114 85.98 -38.54 -59.39
CA ASP CA 114 84.80 -38.48 -60.26
C ASP CA 114 83.58 -37.99 -59.49
N MET CA 115 83.43 -38.38 -58.23
CA MET CA 115 82.35 -37.89 -57.40
C MET CA 115 82.47 -36.39 -57.17
N THR CA 116 83.70 -35.91 -56.98
CA THR CA 116 83.93 -34.48 -56.81
C THR CA 116 83.56 -33.71 -58.07
N ARG CA 117 84.05 -34.17 -59.23
CA ARG CA 117 83.78 -33.46 -60.48
C ARG CA 117 82.35 -33.64 -60.95
N ASN CA 118 81.60 -34.60 -60.43
CA ASN CA 118 80.19 -34.72 -60.75
C ASN CA 118 79.30 -33.97 -59.78
N LEU CA 119 79.71 -33.84 -58.51
CA LEU CA 119 79.02 -32.95 -57.60
C LEU CA 119 79.17 -31.50 -58.06
N TYR CA 120 80.40 -31.08 -58.31
CA TYR CA 120 80.68 -29.71 -58.74
C TYR CA 120 81.47 -29.77 -60.04
N PRO CA 121 80.77 -29.86 -61.18
CA PRO CA 121 81.48 -29.68 -62.45
C PRO CA 121 81.97 -28.26 -62.66
N LEU CA 122 81.32 -27.28 -62.03
CA LEU CA 122 81.74 -25.89 -62.14
C LEU CA 122 83.03 -25.66 -61.36
N ASN CA 123 83.98 -25.00 -62.01
CA ASN CA 123 85.15 -24.51 -61.29
C ASN CA 123 84.76 -23.28 -60.48
N PRO CA 124 85.50 -22.98 -59.39
CA PRO CA 124 85.30 -21.70 -58.71
C PRO CA 124 85.56 -20.50 -59.60
N GLU CA 125 86.58 -20.60 -60.46
CA GLU CA 125 86.83 -19.54 -61.44
C GLU CA 125 85.72 -19.50 -62.49
N GLN CA 126 85.13 -20.65 -62.81
CA GLN CA 126 83.96 -20.67 -63.70
C GLN CA 126 82.78 -19.97 -63.04
N VAL CA 127 82.61 -20.17 -61.73
CA VAL CA 127 81.58 -19.47 -60.97
C VAL CA 127 81.82 -17.96 -61.00
N VAL CA 128 83.08 -17.56 -60.84
CA VAL CA 128 83.44 -16.14 -60.87
C VAL CA 128 83.16 -15.53 -62.23
N LYS CA 129 83.53 -16.24 -63.30
CA LYS CA 129 83.30 -15.76 -64.66
C LYS CA 129 81.81 -15.70 -64.97
N LEU CA 130 81.04 -16.69 -64.49
CA LEU CA 130 79.59 -16.66 -64.68
C LEU CA 130 78.95 -15.50 -63.94
N LYS CA 131 79.43 -15.21 -62.73
CA LYS CA 131 78.91 -14.08 -61.97
C LYS CA 131 79.21 -12.76 -62.66
N GLN CA 132 80.43 -12.62 -63.18
CA GLN CA 132 80.80 -11.39 -63.89
C GLN CA 132 80.01 -11.22 -65.19
N ILE CA 133 79.82 -12.33 -65.92
CA ILE CA 133 79.05 -12.29 -67.17
C ILE CA 133 77.59 -11.96 -66.89
N TYR CA 134 77.03 -12.53 -65.81
CA TYR CA 134 75.67 -12.22 -65.40
C TYR CA 134 75.52 -10.77 -65.00
N GLU CA 135 76.50 -10.23 -64.27
CA GLU CA 135 76.45 -8.83 -63.87
C GLU CA 135 76.55 -7.90 -65.07
N THR CA 136 77.39 -8.26 -66.04
CA THR CA 136 77.49 -7.50 -67.28
C THR CA 136 76.19 -7.54 -68.07
N SER CA 137 75.56 -8.71 -68.10
CA SER CA 137 74.31 -8.87 -68.83
C SER CA 137 73.18 -8.07 -68.20
N GLU CA 138 73.08 -8.08 -66.86
CA GLU CA 138 72.02 -7.29 -66.24
C GLU CA 138 72.34 -5.80 -66.27
N TYR CA 139 73.63 -5.44 -66.31
CA TYR CA 139 73.98 -4.04 -66.50
C TYR CA 139 73.58 -3.54 -67.88
N ALA CA 140 73.80 -4.37 -68.91
CA ALA CA 140 73.34 -4.03 -70.25
C ALA CA 140 71.81 -4.03 -70.32
N LYS CA 141 71.17 -4.89 -69.53
CA LYS CA 141 69.72 -4.87 -69.41
C LYS CA 141 69.22 -3.56 -68.80
N ALA CA 142 69.88 -3.10 -67.75
CA ALA CA 142 69.48 -1.88 -67.07
C ALA CA 142 70.05 -0.63 -67.73
N ALA CA 143 70.80 -0.79 -68.82
CA ALA CA 143 71.33 0.35 -69.57
C ALA CA 143 70.19 1.16 -70.18
N THR CA 144 70.02 2.39 -69.71
CA THR CA 144 68.92 3.22 -70.16
C THR CA 144 69.16 3.72 -71.58
N PRO CA 145 68.12 3.78 -72.42
CA PRO CA 145 68.30 4.26 -73.79
C PRO CA 145 68.45 5.77 -73.84
N GLY CA 146 69.28 6.21 -74.78
CA GLY CA 146 69.36 7.61 -75.14
C GLY CA 146 70.05 8.47 -74.08
N THR CA 147 70.11 9.75 -74.40
CA THR CA 147 70.67 10.72 -73.45
C THR CA 147 69.66 11.00 -72.36
N PRO CA 148 70.03 10.84 -71.09
CA PRO CA 148 69.11 11.14 -70.00
C PRO CA 148 68.90 12.63 -69.85
N PRO CA 149 67.71 13.06 -69.47
CA PRO CA 149 67.47 14.49 -69.28
C PRO CA 149 68.11 15.00 -67.98
N LYS CA 150 68.42 16.27 -67.98
CA LYS CA 150 68.98 16.89 -66.79
C LYS CA 150 67.87 17.17 -65.78
N PRO CA 151 68.04 16.79 -64.51
CA PRO CA 151 67.05 17.16 -63.49
C PRO CA 151 67.12 18.64 -63.14
N THR CA 152 66.10 19.40 -63.55
CA THR CA 152 66.08 20.84 -63.40
C THR CA 152 64.90 21.27 -62.55
N ALA CA 153 65.10 22.37 -61.82
CA ALA CA 153 64.05 23.03 -61.07
C ALA CA 153 63.67 24.33 -61.77
N THR CA 154 62.37 24.59 -61.89
CA THR CA 154 61.86 25.70 -62.67
C THR CA 154 60.89 26.53 -61.84
N SER CA 155 60.89 27.84 -62.11
CA SER CA 155 59.97 28.77 -61.46
C SER CA 155 59.40 29.69 -62.54
N GLN CA 156 58.09 29.60 -62.77
CA GLN CA 156 57.44 30.36 -63.82
C GLN CA 156 56.28 31.15 -63.26
N PHE CA 157 55.96 32.25 -63.93
CA PHE CA 157 54.83 33.10 -63.60
C PHE CA 157 53.71 32.84 -64.60
N VAL CA 158 52.49 32.66 -64.08
CA VAL CA 158 51.35 32.29 -64.90
C VAL CA 158 50.75 33.54 -65.51
N ASN CA 159 50.55 33.53 -66.83
CA ASN CA 159 49.89 34.61 -67.52
C ASN CA 159 48.39 34.36 -67.57
N LEU CA 160 47.61 35.42 -67.35
CA LEU CA 160 46.16 35.34 -67.28
C LEU CA 160 45.49 36.14 -68.41
N SER CA 161 46.14 36.22 -69.56
CA SER CA 161 45.54 36.90 -70.70
C SER CA 161 44.41 36.06 -71.29
N PRO CA 162 43.38 36.69 -71.85
CA PRO CA 162 42.28 35.94 -72.45
C PRO CA 162 42.58 35.38 -73.84
N GLY CA 163 43.79 35.59 -74.38
CA GLY CA 163 44.10 35.09 -75.70
C GLY CA 163 45.50 34.55 -75.87
N SER CA 164 46.29 34.52 -74.80
CA SER CA 164 47.68 34.14 -74.89
C SER CA 164 47.85 32.62 -74.96
N THR CA 165 49.10 32.20 -75.06
CA THR CA 165 49.42 30.78 -75.08
C THR CA 165 49.29 30.18 -73.68
N PRO CA 166 48.70 28.99 -73.56
CA PRO CA 166 48.60 28.33 -72.25
C PRO CA 166 49.95 27.82 -71.78
N PRO CA 167 50.11 27.60 -70.47
CA PRO CA 167 51.39 27.09 -69.97
C PRO CA 167 51.64 25.63 -70.34
N VAL CA 168 52.93 25.33 -70.55
CA VAL CA 168 53.41 24.02 -70.97
C VAL CA 168 54.41 23.53 -69.95
N ILE CA 169 54.35 22.24 -69.61
CA ILE CA 169 55.26 21.64 -68.64
C ILE CA 169 55.84 20.36 -69.23
N ARG CA 170 57.17 20.25 -69.18
CA ARG CA 170 57.85 19.03 -69.61
C ARG CA 170 57.85 17.99 -68.50
N LEU CA 171 57.89 16.72 -68.90
CA LEU CA 171 57.80 15.60 -67.99
C LEU CA 171 58.77 14.52 -68.43
N SER CA 172 59.10 13.64 -67.49
CA SER CA 172 59.85 12.42 -67.75
C SER CA 172 59.02 11.21 -67.37
N GLN CA 173 59.20 10.13 -68.12
CA GLN CA 173 58.38 8.93 -67.92
C GLN CA 173 58.74 8.24 -66.62
N GLY CA 174 57.72 7.90 -65.83
CA GLY CA 174 57.92 7.19 -64.60
C GLY CA 174 58.55 7.99 -63.49
N PHE CA 175 58.59 9.32 -63.61
CA PHE CA 175 59.22 10.17 -62.63
C PHE CA 175 58.22 11.14 -62.03
N VAL CA 176 58.31 11.33 -60.72
CA VAL CA 176 57.39 12.21 -60.01
C VAL CA 176 57.78 13.66 -60.29
N SER CA 177 56.83 14.42 -60.78
CA SER CA 177 56.99 15.86 -61.01
C SER CA 177 56.11 16.59 -60.01
N SER CA 178 56.72 17.51 -59.27
CA SER CA 178 56.03 18.27 -58.24
C SER CA 178 55.69 19.65 -58.77
N LEU CA 179 54.44 20.06 -58.59
CA LEU CA 179 53.97 21.38 -59.01
C LEU CA 179 53.41 22.08 -57.78
N VAL CA 180 53.94 23.27 -57.48
CA VAL CA 180 53.54 24.01 -56.29
C VAL CA 180 53.08 25.40 -56.72
N PHE CA 181 52.26 26.02 -55.88
CA PHE CA 181 51.55 27.24 -56.24
C PHE CA 181 51.71 28.29 -55.15
N LEU CA 182 52.23 29.45 -55.53
CA LEU CA 182 52.28 30.62 -54.67
C LEU CA 182 51.64 31.79 -55.39
N ASP CA 183 51.22 32.80 -54.64
CA ASP CA 183 50.68 34.00 -55.25
C ASP CA 183 51.83 34.93 -55.65
N SER CA 184 51.50 36.17 -56.03
CA SER CA 184 52.51 37.11 -56.47
C SER CA 184 53.43 37.56 -55.34
N THR CA 185 52.95 37.52 -54.10
CA THR CA 185 53.83 37.77 -52.96
C THR CA 185 54.52 36.51 -52.45
N GLY CA 186 54.25 35.36 -53.06
CA GLY CA 186 54.90 34.13 -52.67
C GLY CA 186 54.19 33.32 -51.61
N ALA CA 187 53.09 33.82 -51.05
CA ALA CA 187 52.33 33.03 -50.09
C ALA CA 187 51.63 31.87 -50.80
N PRO CA 188 51.65 30.67 -50.24
CA PRO CA 188 51.16 29.49 -50.96
C PRO CA 188 49.65 29.51 -51.12
N TRP CA 189 49.20 29.27 -52.34
CA TRP CA 189 47.79 29.31 -52.65
C TRP CA 189 47.28 27.88 -52.81
N PRO CA 190 46.41 27.40 -51.91
CA PRO CA 190 45.93 26.02 -52.01
C PRO CA 190 44.99 25.82 -53.20
N ILE CA 191 44.83 24.55 -53.56
CA ILE CA 191 44.08 24.16 -54.75
C ILE CA 191 42.71 23.68 -54.32
N ALA CA 192 41.68 24.14 -55.02
CA ALA CA 192 40.33 23.64 -54.75
C ALA CA 192 40.09 22.30 -55.43
N ALA CA 193 40.18 22.26 -56.75
CA ALA CA 193 39.86 21.04 -57.48
C ALA CA 193 40.62 21.00 -58.80
N TYR CA 194 40.48 19.89 -59.52
CA TYR CA 194 41.19 19.71 -60.76
C TYR CA 194 40.45 18.74 -61.65
N ASP CA 195 40.77 18.78 -62.94
CA ASP CA 195 40.21 17.86 -63.93
C ASP CA 195 41.34 17.40 -64.84
N LEU CA 196 41.52 16.08 -64.91
CA LEU CA 196 42.63 15.47 -65.63
C LEU CA 196 42.09 14.69 -66.83
N GLY CA 197 42.66 14.95 -68.00
CA GLY CA 197 42.36 14.17 -69.19
C GLY CA 197 43.36 13.04 -69.36
N ASP CA 198 42.84 11.90 -69.81
CA ASP CA 198 43.56 10.63 -70.00
C ASP CA 198 44.32 10.18 -68.76
N PRO CA 199 43.64 9.60 -67.77
CA PRO CA 199 44.36 9.09 -66.58
C PRO CA 199 45.32 7.93 -66.84
N SER CA 200 45.32 7.32 -68.03
CA SER CA 200 46.29 6.26 -68.30
C SER CA 200 47.71 6.77 -68.44
N SER CA 201 47.89 8.04 -68.81
CA SER CA 201 49.23 8.58 -68.96
C SER CA 201 49.76 9.19 -67.68
N PHE CA 202 48.89 9.67 -66.81
CA PHE CA 202 49.31 10.43 -65.64
C PHE CA 202 48.63 9.90 -64.39
N ASN CA 203 49.40 9.80 -63.31
CA ASN CA 203 48.88 9.47 -61.99
C ASN CA 203 48.96 10.71 -61.12
N ILE CA 204 47.96 10.87 -60.25
CA ILE CA 204 47.89 12.02 -59.34
C ILE CA 204 47.59 11.51 -57.95
N GLN CA 205 48.47 11.82 -57.00
CA GLN CA 205 48.18 11.67 -55.58
C GLN CA 205 48.22 13.06 -54.95
N TRP CA 206 47.17 13.39 -54.21
CA TRP CA 206 47.01 14.75 -53.71
C TRP CA 206 46.12 14.74 -52.49
N ASP CA 207 46.70 15.06 -51.34
CA ASP CA 207 45.91 15.36 -50.15
C ASP CA 207 45.11 16.64 -50.39
N LYS CA 208 43.85 16.63 -49.94
CA LYS CA 208 42.84 17.56 -50.42
C LYS CA 208 43.04 19.00 -49.99
N THR CA 209 43.96 19.28 -49.06
CA THR CA 209 44.20 20.63 -48.61
C THR CA 209 45.54 21.18 -49.04
N SER CA 210 46.33 20.42 -49.78
CA SER CA 210 47.67 20.84 -50.17
C SER CA 210 47.64 21.62 -51.47
N ASN CA 211 48.68 22.41 -51.69
CA ASN CA 211 48.85 23.20 -52.90
C ASN CA 211 49.84 22.55 -53.86
N THR CA 212 50.20 21.31 -53.63
CA THR CA 212 51.24 20.64 -54.40
C THR CA 212 50.66 19.39 -55.06
N LEU CA 213 51.02 19.18 -56.32
CA LEU CA 213 50.57 18.04 -57.09
C LEU CA 213 51.76 17.20 -57.53
N MET CA 214 51.62 15.88 -57.39
CA MET CA 214 52.66 14.93 -57.77
C MET CA 214 52.14 14.14 -58.96
N ILE CA 215 52.77 14.32 -60.12
CA ILE CA 215 52.30 13.75 -61.36
C ILE CA 215 53.35 12.79 -61.90
N GLN CA 216 52.91 11.66 -62.46
CA GLN CA 216 53.82 10.62 -62.92
C GLN CA 216 53.46 10.25 -64.34
N ALA CA 217 54.40 10.43 -65.26
CA ALA CA 217 54.17 10.10 -66.66
C ALA CA 217 54.31 8.61 -66.84
N THR CA 218 53.18 7.93 -67.08
CA THR CA 218 53.23 6.50 -67.34
C THR CA 218 53.77 6.21 -68.73
N LYS CA 219 53.39 7.02 -69.71
CA LYS CA 219 53.86 6.87 -71.08
C LYS CA 219 54.86 7.97 -71.40
N LEU CA 220 55.59 7.77 -72.50
CA LEU CA 220 56.78 8.55 -72.79
C LEU CA 220 56.52 9.76 -73.67
N TYR CA 221 55.56 9.70 -74.58
CA TYR CA 221 55.37 10.76 -75.56
C TYR CA 221 53.93 11.21 -75.70
N ASN CA 222 52.97 10.53 -75.06
CA ASN CA 222 51.58 10.88 -75.19
C ASN CA 222 51.30 12.11 -74.33
N TYR CA 223 51.18 13.26 -74.96
CA TYR CA 223 51.00 14.52 -74.25
C TYR CA 223 49.55 14.65 -73.79
N GLY CA 224 49.38 15.39 -72.70
CA GLY CA 224 48.05 15.56 -72.13
C GLY CA 224 47.75 16.96 -71.68
N ASN CA 225 46.61 17.14 -71.00
CA ASN CA 225 46.14 18.45 -70.59
C ASN CA 225 45.51 18.34 -69.21
N LEU CA 226 45.35 19.49 -68.56
CA LEU CA 226 44.89 19.53 -67.18
C LEU CA 226 44.25 20.87 -66.89
N ALA CA 227 43.15 20.86 -66.14
CA ALA CA 227 42.48 22.08 -65.70
C ALA CA 227 42.55 22.16 -64.19
N VAL CA 228 42.96 23.31 -63.67
CA VAL CA 228 43.21 23.49 -62.24
C VAL CA 228 42.32 24.62 -61.74
N ARG CA 229 41.73 24.44 -60.57
CA ARG CA 229 40.98 25.50 -59.90
C ARG CA 229 41.54 25.67 -58.49
N LEU CA 230 42.07 26.84 -58.19
CA LEU CA 230 42.54 27.15 -56.86
C LEU CA 230 41.36 27.50 -55.95
N ARG CA 231 41.64 27.60 -54.66
CA ARG CA 231 40.60 27.92 -53.69
C ARG CA 231 40.12 29.36 -53.86
N GLY CA 232 41.05 30.30 -53.94
CA GLY CA 232 40.68 31.70 -54.10
C GLY CA 232 40.45 32.14 -55.53
N LEU CA 233 40.64 31.25 -56.49
CA LEU CA 233 40.54 31.62 -57.90
C LEU CA 233 39.18 31.26 -58.47
N ASN CA 234 38.58 32.21 -59.19
CA ASN CA 234 37.37 31.97 -59.94
C ASN CA 234 37.66 31.40 -61.33
N THR CA 235 38.61 31.97 -62.03
CA THR CA 235 38.91 31.54 -63.39
C THR CA 235 39.72 30.25 -63.35
N PRO CA 236 39.28 29.19 -64.03
CA PRO CA 236 40.07 27.96 -64.09
C PRO CA 236 41.31 28.14 -64.96
N VAL CA 237 42.41 27.57 -64.51
CA VAL CA 237 43.68 27.67 -65.21
C VAL CA 237 43.85 26.41 -66.04
N MET CA 238 44.56 26.56 -67.15
CA MET CA 238 44.80 25.49 -68.10
C MET CA 238 46.28 25.14 -68.09
N LEU CA 239 46.58 23.90 -68.46
CA LEU CA 239 47.97 23.46 -68.52
C LEU CA 239 48.07 22.31 -69.51
N THR CA 240 49.17 22.27 -70.26
CA THR CA 240 49.46 21.10 -71.07
C THR CA 240 50.79 20.49 -70.66
N LEU CA 241 50.86 19.17 -70.78
CA LEU CA 241 52.00 18.40 -70.31
C LEU CA 241 52.55 17.60 -71.48
N ILE CA 242 53.85 17.70 -71.70
CA ILE CA 242 54.52 16.89 -72.72
C ILE CA 242 55.55 16.03 -72.01
N PRO CA 243 55.45 14.71 -72.07
CA PRO CA 243 56.48 13.87 -71.46
C PRO CA 243 57.67 13.68 -72.39
N GLY CA 244 58.84 13.49 -71.78
CA GLY CA 244 60.04 13.19 -72.53
C GLY CA 244 60.69 14.36 -73.25
N GLN CA 245 61.23 15.32 -72.51
CA GLN CA 245 61.99 16.43 -73.08
C GLN CA 245 63.46 16.33 -72.66
N LYS CA 246 64.23 17.34 -73.09
CA LYS CA 246 65.67 17.34 -72.84
C LYS CA 246 66.02 17.57 -71.37
N ALA CA 247 65.11 18.14 -70.60
CA ALA CA 247 65.25 18.23 -69.16
C ALA CA 247 64.08 17.51 -68.52
N VAL CA 248 64.17 17.33 -67.20
CA VAL CA 248 63.05 16.82 -66.42
C VAL CA 248 62.82 17.80 -65.28
N ASP CA 249 61.63 18.36 -65.21
CA ASP CA 249 61.30 19.35 -64.19
C ASP CA 249 60.95 18.60 -62.92
N TYR CA 250 61.93 18.53 -62.01
CA TYR CA 250 61.67 17.92 -60.70
C TYR CA 250 60.70 18.76 -59.89
N ARG CA 251 60.93 20.07 -59.84
CA ARG CA 251 60.02 20.99 -59.17
C ARG CA 251 59.65 22.11 -60.12
N VAL CA 252 58.36 22.46 -60.12
CA VAL CA 252 57.85 23.61 -60.84
C VAL CA 252 57.14 24.51 -59.82
N ASP CA 253 57.52 25.77 -59.80
CA ASP CA 253 56.90 26.78 -58.96
C ASP CA 253 56.02 27.66 -59.83
N LEU CA 254 54.79 27.90 -59.40
CA LEU CA 254 53.83 28.67 -60.18
C LEU CA 254 53.48 29.95 -59.44
N ARG CA 255 53.84 31.08 -60.03
CA ARG CA 255 53.52 32.39 -59.49
C ARG CA 255 52.18 32.84 -60.04
N VAL CA 256 51.26 33.20 -59.15
CA VAL CA 256 49.92 33.62 -59.51
C VAL CA 256 49.81 35.12 -59.30
N GLN CA 257 49.34 35.83 -60.33
CA GLN CA 257 49.19 37.27 -60.25
C GLN CA 257 48.07 37.71 -59.32
N GLY CA 258 47.15 36.82 -58.98
CA GLY CA 258 46.06 37.19 -58.10
C GLY CA 258 46.51 37.38 -56.67
N TYR CA 259 45.67 38.09 -55.91
CA TYR CA 259 45.89 38.36 -54.50
C TYR CA 259 44.61 38.00 -53.75
N GLY CA 260 44.49 36.73 -53.39
CA GLY CA 260 43.29 36.25 -52.75
C GLY CA 260 43.40 36.26 -51.24
N PRO CA 261 43.05 35.15 -50.60
CA PRO CA 261 43.22 35.06 -49.14
C PRO CA 261 44.67 35.05 -48.71
N ASN CA 262 45.58 34.61 -49.58
CA ASN CA 262 47.00 34.65 -49.29
C ASN CA 262 47.65 35.93 -49.83
N ALA CA 263 47.03 37.07 -49.51
CA ALA CA 263 47.54 38.38 -49.85
C ALA CA 263 47.96 39.12 -48.59
N LYS CA 264 48.49 38.37 -47.62
CA LYS CA 264 48.74 38.91 -46.29
C LYS CA 264 49.95 39.83 -46.23
N SER CA 265 50.79 39.84 -47.26
CA SER CA 265 52.05 40.55 -47.23
C SER CA 265 51.93 41.81 -48.08
N MET CA 266 51.95 42.96 -47.43
CA MET CA 266 51.99 44.24 -48.11
C MET CA 266 53.44 44.59 -48.46
N PRO CA 267 53.67 45.28 -49.59
CA PRO CA 267 55.05 45.53 -50.02
C PRO CA 267 55.76 46.56 -49.15
N THR CA 268 57.01 46.26 -48.82
CA THR CA 268 57.83 47.16 -48.03
C THR CA 268 58.46 48.21 -48.94
N GLU CA 269 58.17 49.48 -48.66
CA GLU CA 269 58.65 50.58 -49.47
C GLU CA 269 59.48 51.53 -48.62
N GLU CA 270 60.30 52.33 -49.29
CA GLU CA 270 61.04 53.39 -48.62
C GLU CA 270 60.06 54.45 -48.17
N GLY CA 271 59.80 54.49 -46.87
CA GLY CA 271 58.77 55.36 -46.33
C GLY CA 271 59.10 56.83 -46.43
N ILE CA 272 58.44 57.52 -47.35
CA ILE CA 272 58.58 58.96 -47.47
C ILE CA 272 57.70 59.60 -46.40
N PRO CA 273 58.26 60.45 -45.54
CA PRO CA 273 57.44 61.13 -44.53
C PRO CA 273 56.51 62.13 -45.19
N PRO CA 274 55.41 62.51 -44.53
CA PRO CA 274 54.48 63.46 -45.12
C PRO CA 274 55.08 64.85 -45.26
N SER CA 275 54.48 65.63 -46.15
CA SER CA 275 54.98 66.97 -46.44
C SER CA 275 54.74 67.91 -45.26
N ALA CA 276 53.47 68.12 -44.91
CA ALA CA 276 53.11 68.95 -43.77
C ALA CA 276 51.71 68.54 -43.33
N ASN CA 277 51.12 69.36 -42.48
CA ASN CA 277 49.70 69.28 -42.19
C ASN CA 277 48.97 70.15 -43.21
N ASP CA 278 47.90 69.62 -43.79
CA ASP CA 278 47.09 70.44 -44.68
C ASP CA 278 46.29 71.46 -43.89
N LEU CA 279 45.94 71.14 -42.65
CA LEU CA 279 45.26 72.08 -41.78
C LEU CA 279 46.21 73.14 -41.24
N LEU CA 280 47.52 72.93 -41.37
CA LEU CA 280 48.49 73.95 -40.99
C LEU CA 280 48.37 75.20 -41.84
N LEU CA 281 47.88 75.05 -43.08
CA LEU CA 281 47.60 76.21 -43.91
C LEU CA 281 46.49 77.07 -43.30
N HIS CA 282 45.42 76.42 -42.82
CA HIS CA 282 44.35 77.15 -42.16
C HIS CA 282 44.81 77.76 -40.85
N VAL CA 283 45.69 77.07 -40.13
CA VAL CA 283 46.25 77.62 -38.90
C VAL CA 283 47.10 78.85 -39.19
N LEU CA 284 47.92 78.79 -40.24
CA LEU CA 284 48.77 79.93 -40.61
C LEU CA 284 47.93 81.10 -41.09
N GLU CA 285 46.84 80.82 -41.80
CA GLU CA 285 45.93 81.88 -42.19
C GLU CA 285 45.22 82.46 -40.98
N GLY CA 286 44.94 81.64 -39.97
CA GLY CA 286 44.17 82.07 -38.82
C GLY CA 286 42.84 81.37 -38.67
N VAL CA 287 42.50 80.46 -39.58
CA VAL CA 287 41.30 79.65 -39.44
C VAL CA 287 41.55 78.65 -38.33
N PRO CA 288 40.68 78.59 -37.30
CA PRO CA 288 40.85 77.59 -36.27
C PRO CA 288 40.60 76.20 -36.84
N PRO CA 289 41.32 75.19 -36.36
CA PRO CA 289 41.09 73.83 -36.84
C PRO CA 289 39.77 73.30 -36.33
N PRO CA 290 39.09 72.45 -37.09
CA PRO CA 290 37.80 71.92 -36.64
C PRO CA 290 37.98 70.92 -35.50
N GLY CA 291 36.99 70.91 -34.61
CA GLY CA 291 37.04 70.03 -33.45
C GLY CA 291 38.16 70.37 -32.48
N SER CA 292 38.35 71.65 -32.20
CA SER CA 292 39.49 72.11 -31.42
C SER CA 292 39.05 73.19 -30.44
N ARG CA 293 39.87 73.42 -29.43
CA ARG CA 293 39.56 74.35 -28.36
C ARG CA 293 40.60 75.45 -28.29
N ARG CA 294 40.14 76.68 -28.12
CA ARG CA 294 41.02 77.82 -28.00
C ARG CA 294 41.79 77.77 -26.68
N LEU CA 295 42.97 78.37 -26.68
CA LEU CA 295 43.86 78.35 -25.52
C LEU CA 295 44.21 79.77 -25.11
N VAL CA 296 44.30 79.99 -23.81
CA VAL CA 296 44.57 81.32 -23.28
C VAL CA 296 46.06 81.60 -23.38
N VAL CA 297 46.41 82.67 -24.09
CA VAL CA 297 47.79 83.04 -24.35
C VAL CA 297 48.08 84.35 -23.62
N SER CA 298 49.19 84.39 -22.89
CA SER CA 298 49.60 85.60 -22.20
C SER CA 298 51.06 85.91 -22.55
N GLY CA 299 51.31 87.16 -22.97
CA GLY CA 299 52.66 87.60 -23.23
C GLY CA 299 52.88 88.43 -24.48
N GLY CA 300 51.93 88.41 -25.41
CA GLY CA 300 52.10 89.18 -26.63
C GLY CA 300 51.10 88.79 -27.70
N ASP CA 301 51.60 88.67 -28.93
CA ASP CA 301 50.77 88.37 -30.09
C ASP CA 301 51.02 86.92 -30.50
N ALA CA 302 50.11 86.03 -30.08
CA ALA CA 302 50.12 84.64 -30.47
C ALA CA 302 48.74 84.07 -30.17
N ARG CA 303 48.25 83.23 -31.07
CA ARG CA 303 46.98 82.54 -30.84
C ARG CA 303 47.22 81.04 -30.87
N ALA CA 304 46.48 80.31 -30.03
CA ALA CA 304 46.74 78.90 -29.82
C ALA CA 304 45.44 78.11 -29.75
N TRP CA 305 45.49 76.92 -30.33
CA TRP CA 305 44.40 75.96 -30.22
C TRP CA 305 44.96 74.58 -29.90
N LEU CA 306 44.10 73.76 -29.33
CA LEU CA 306 44.41 72.38 -29.01
C LEU CA 306 43.37 71.49 -29.67
N SER CA 307 43.84 70.53 -30.48
CA SER CA 307 42.95 69.59 -31.14
C SER CA 307 43.23 68.14 -30.77
N ASN CA 308 44.46 67.70 -30.94
CA ASN CA 308 44.83 66.29 -30.87
C ASN CA 308 46.04 66.10 -29.97
N GLU CA 309 45.92 66.65 -28.76
CA GLU CA 309 46.97 66.86 -27.74
C GLU CA 309 48.28 67.37 -28.34
N LYS CA 310 48.16 68.24 -29.34
CA LYS CA 310 49.29 68.93 -29.95
C LYS CA 310 48.88 70.39 -30.13
N MET CA 311 49.75 71.29 -29.73
CA MET CA 311 49.44 72.71 -29.81
C MET CA 311 49.56 73.21 -31.25
N TYR CA 312 48.68 74.12 -31.63
CA TYR CA 312 48.77 74.79 -32.91
C TYR CA 312 48.76 76.29 -32.65
N VAL CA 313 49.83 76.96 -33.05
CA VAL CA 313 50.09 78.33 -32.64
C VAL CA 313 50.40 79.17 -33.87
N ARG CA 314 49.69 80.29 -34.00
CA ARG CA 314 49.95 81.26 -35.05
C ARG CA 314 50.47 82.54 -34.42
N THR CA 315 51.63 82.99 -34.89
CA THR CA 315 52.25 84.23 -34.43
C THR CA 315 53.25 84.69 -35.49
N ASN CA 316 54.07 85.66 -35.12
CA ASN CA 316 55.12 86.16 -35.99
C ASN CA 316 56.45 86.30 -35.28
N LEU CA 317 56.54 85.85 -34.03
CA LEU CA 317 57.79 85.87 -33.29
C LEU CA 317 58.60 84.62 -33.62
N THR CA 318 59.64 84.35 -32.84
CA THR CA 318 60.52 83.20 -33.08
C THR CA 318 60.54 82.33 -31.83
N ILE CA 319 59.87 81.19 -31.90
CA ILE CA 319 59.73 80.30 -30.76
C ILE CA 319 61.07 79.60 -30.48
N LEU CA 320 61.45 79.55 -29.21
CA LEU CA 320 62.78 79.10 -28.84
C LEU CA 320 62.83 77.79 -28.05
N SER CA 321 62.11 77.69 -26.93
CA SER CA 321 62.43 76.62 -25.99
C SER CA 321 62.02 75.20 -26.41
N PRO CA 322 60.73 74.85 -26.54
CA PRO CA 322 60.39 73.42 -26.51
C PRO CA 322 60.50 72.69 -27.84
N GLY CA 323 60.84 73.38 -28.93
CA GLY CA 323 60.90 72.75 -30.23
C GLY CA 323 59.52 72.54 -30.84
N TRP CA 324 59.53 72.15 -32.11
CA TRP CA 324 58.29 71.86 -32.80
C TRP CA 324 58.50 70.77 -33.84
N LEU CA 325 57.40 70.34 -34.45
CA LEU CA 325 57.45 69.29 -35.45
C LEU CA 325 57.06 69.76 -36.84
N ALA CA 326 56.24 70.80 -36.96
CA ALA CA 326 55.88 71.30 -38.28
C ALA CA 326 56.03 72.81 -38.31
N SER CA 327 56.76 73.31 -39.31
CA SER CA 327 56.99 74.73 -39.45
C SER CA 327 56.45 75.21 -40.79
N MET CA 328 55.61 76.24 -40.74
CA MET CA 328 55.04 76.84 -41.93
C MET CA 328 55.18 78.34 -41.85
N THR CA 329 55.40 78.96 -42.99
CA THR CA 329 55.61 80.40 -43.05
C THR CA 329 54.69 81.01 -44.10
N SER CA 330 54.33 82.27 -43.88
CA SER CA 330 53.42 82.98 -44.76
C SER CA 330 54.20 83.66 -45.88
N ALA CA 331 53.52 84.52 -46.62
CA ALA CA 331 54.18 85.35 -47.61
C ALA CA 331 54.56 86.72 -47.08
N ASP CA 332 54.28 86.99 -45.80
CA ASP CA 332 54.55 88.31 -45.22
C ASP CA 332 55.48 88.27 -44.02
N GLY CA 333 55.66 87.12 -43.39
CA GLY CA 333 56.40 87.02 -42.16
C GLY CA 333 55.63 86.44 -40.99
N THR CA 334 54.45 85.88 -41.22
CA THR CA 334 53.72 85.19 -40.18
C THR CA 334 54.17 83.75 -40.12
N HIS CA 335 54.15 83.17 -38.92
CA HIS CA 335 54.66 81.84 -38.70
C HIS CA 335 53.61 80.96 -38.03
N ALA CA 336 53.68 79.67 -38.32
CA ALA CA 336 52.79 78.70 -37.70
C ALA CA 336 53.58 77.44 -37.39
N TYR CA 337 53.31 76.87 -36.21
CA TYR CA 337 54.05 75.70 -35.75
C TYR CA 337 53.12 74.68 -35.14
N GLU CA 338 53.38 73.42 -35.46
CA GLU CA 338 52.79 72.30 -34.74
C GLU CA 338 53.86 71.67 -33.86
N MET CA 339 53.53 71.55 -32.57
CA MET CA 339 54.47 71.09 -31.56
C MET CA 339 53.70 70.27 -30.53
N GLN CA 340 54.34 70.01 -29.41
CA GLN CA 340 53.71 69.31 -28.30
C GLN CA 340 53.04 70.35 -27.38
N LYS CA 341 52.63 69.91 -26.20
CA LYS CA 341 51.97 70.78 -25.24
C LYS CA 341 52.95 71.16 -24.13
N SER CA 342 53.03 72.45 -23.84
CA SER CA 342 53.90 72.94 -22.79
C SER CA 342 53.29 74.19 -22.19
N PRO CA 343 53.35 74.36 -20.88
CA PRO CA 343 52.76 75.55 -20.24
C PRO CA 343 53.60 76.81 -20.38
N VAL CA 344 54.80 76.73 -20.95
CA VAL CA 344 55.63 77.91 -21.15
C VAL CA 344 56.26 77.84 -22.54
N LEU CA 345 56.64 79.01 -23.05
CA LEU CA 345 57.32 79.12 -24.33
C LEU CA 345 58.40 80.18 -24.20
N LEU CA 346 59.34 80.17 -25.14
CA LEU CA 346 60.38 81.20 -25.17
C LEU CA 346 60.42 81.83 -26.56
N VAL CA 347 60.53 83.15 -26.60
CA VAL CA 347 60.58 83.90 -27.84
C VAL CA 347 61.69 84.94 -27.77
N SER CA 348 62.16 85.33 -28.96
CA SER CA 348 63.12 86.41 -29.12
C SER CA 348 62.46 87.52 -29.90
N TRP CA 349 62.48 88.74 -29.36
CA TRP CA 349 61.72 89.83 -29.94
C TRP CA 349 62.57 90.67 -30.89
N HIS CA 350 63.62 91.29 -30.36
CA HIS CA 350 64.54 92.11 -31.16
C HIS CA 350 65.97 91.88 -30.68
N GLY CA 351 66.33 90.61 -30.50
CA GLY CA 351 67.55 90.27 -29.80
C GLY CA 351 67.38 90.18 -28.31
N LYS CA 352 66.18 90.42 -27.79
CA LYS CA 352 65.87 90.33 -26.38
C LYS CA 352 64.94 89.14 -26.15
N VAL CA 353 65.22 88.38 -25.10
CA VAL CA 353 64.56 87.10 -24.86
C VAL CA 353 63.45 87.29 -23.84
N MET CA 354 62.26 86.78 -24.15
CA MET CA 354 61.14 86.76 -23.23
C MET CA 354 60.52 85.38 -23.23
N GLN CA 355 59.72 85.11 -22.20
CA GLN CA 355 59.00 83.85 -22.10
C GLN CA 355 57.50 84.11 -22.03
N LEU CA 356 56.73 83.23 -22.66
CA LEU CA 356 55.28 83.35 -22.76
C LEU CA 356 54.62 82.31 -21.88
N LYS CA 357 53.74 82.76 -21.00
CA LYS CA 357 52.98 81.88 -20.14
C LYS CA 357 51.79 81.30 -20.91
N VAL CA 358 51.66 79.98 -20.88
CA VAL CA 358 50.55 79.28 -21.52
C VAL CA 358 49.71 78.67 -20.41
N GLU CA 359 48.43 79.03 -20.38
CA GLU CA 359 47.49 78.51 -19.39
C GLU CA 359 46.25 78.01 -20.10
N GLY CA 360 45.34 77.43 -19.32
CA GLY CA 360 44.13 76.88 -19.89
C GLY CA 360 44.33 75.61 -20.67
N LEU CA 361 45.35 74.83 -20.34
CA LEU CA 361 45.59 73.55 -21.00
C LEU CA 361 44.62 72.51 -20.47
N VAL DA 38 5.63 93.92 -33.32
CA VAL DA 38 4.81 95.12 -33.46
C VAL DA 38 5.26 96.30 -32.54
N PRO DA 39 5.59 96.10 -31.26
CA PRO DA 39 6.26 97.20 -30.54
C PRO DA 39 7.66 97.46 -31.06
N LYS DA 40 8.32 96.44 -31.58
CA LYS DA 40 9.59 96.65 -32.28
C LYS DA 40 9.37 97.29 -33.64
N LEU DA 41 8.20 97.07 -34.24
CA LEU DA 41 7.90 97.69 -35.52
C LEU DA 41 7.60 99.18 -35.32
N PRO DA 42 8.04 100.03 -36.24
CA PRO DA 42 7.79 101.47 -36.11
C PRO DA 42 6.38 101.80 -36.57
N CYS DA 43 5.58 102.39 -35.68
CA CYS DA 43 4.24 102.81 -36.05
C CYS DA 43 4.29 103.98 -37.02
N ARG DA 44 5.24 104.89 -36.83
CA ARG DA 44 5.47 106.00 -37.72
C ARG DA 44 6.86 105.89 -38.33
N VAL DA 45 7.07 106.57 -39.44
CA VAL DA 45 8.42 106.75 -39.95
C VAL DA 45 9.16 107.71 -39.03
N ASP DA 46 10.40 107.36 -38.69
CA ASP DA 46 11.18 108.11 -37.70
C ASP DA 46 11.47 109.53 -38.16
N GLY DA 47 11.39 110.47 -37.22
CA GLY DA 47 11.60 111.87 -37.52
C GLY DA 47 10.55 112.48 -38.40
N ALA DA 48 9.28 112.11 -38.20
CA ALA DA 48 8.19 112.64 -39.00
C ALA DA 48 7.16 113.29 -38.09
N CYS DA 49 6.86 114.55 -38.35
CA CYS DA 49 5.74 115.23 -37.72
C CYS DA 49 5.17 116.19 -38.75
N ASP DA 50 3.94 115.89 -39.18
CA ASP DA 50 3.29 116.67 -40.23
C ASP DA 50 2.98 118.08 -39.76
N ALA DA 51 2.77 118.25 -38.45
CA ALA DA 51 2.62 119.59 -37.88
C ALA DA 51 3.89 120.40 -38.06
N THR DA 52 5.05 119.77 -37.83
CA THR DA 52 6.31 120.45 -38.08
C THR DA 52 6.51 120.74 -39.56
N ILE DA 53 6.03 119.83 -40.42
CA ILE DA 53 6.12 120.04 -41.86
C ILE DA 53 5.34 121.28 -42.27
N ILE DA 54 4.11 121.39 -41.77
CA ILE DA 54 3.26 122.55 -42.06
C ILE DA 54 3.86 123.82 -41.47
N LYS DA 55 4.45 123.72 -40.27
CA LYS DA 55 5.06 124.87 -39.62
C LYS DA 55 6.24 125.41 -40.43
N MET DA 56 7.13 124.52 -40.88
CA MET DA 56 8.28 125.01 -41.62
C MET DA 56 7.92 125.43 -43.04
N MET DA 57 6.88 124.84 -43.63
CA MET DA 57 6.39 125.34 -44.92
C MET DA 57 5.79 126.73 -44.78
N THR DA 58 5.07 126.96 -43.68
CA THR DA 58 4.50 128.28 -43.40
C THR DA 58 5.60 129.31 -43.19
N ASP DA 59 6.65 128.93 -42.46
CA ASP DA 59 7.76 129.85 -42.25
C ASP DA 59 8.54 130.08 -43.53
N LEU DA 60 8.62 129.08 -44.41
CA LEU DA 60 9.29 129.26 -45.70
C LEU DA 60 8.53 130.25 -46.57
N ASN DA 61 7.21 130.14 -46.61
CA ASN DA 61 6.44 131.09 -47.40
C ASN DA 61 6.39 132.47 -46.74
N LYS DA 62 6.54 132.53 -45.42
CA LYS DA 62 6.71 133.83 -44.77
C LYS DA 62 8.04 134.45 -45.13
N LYS DA 63 9.08 133.64 -45.26
CA LYS DA 63 10.37 134.14 -45.72
C LYS DA 63 10.33 134.51 -47.20
N GLY DA 64 9.40 133.96 -47.96
CA GLY DA 64 9.20 134.38 -49.33
C GLY DA 64 9.80 133.47 -50.38
N ILE DA 65 10.54 132.44 -49.99
CA ILE DA 65 11.02 131.47 -50.95
C ILE DA 65 9.86 130.61 -51.42
N LYS DA 66 9.82 130.32 -52.71
CA LYS DA 66 8.65 129.70 -53.30
C LYS DA 66 8.65 128.21 -53.07
N VAL DA 67 7.52 127.67 -52.61
CA VAL DA 67 7.35 126.25 -52.36
C VAL DA 67 6.06 125.82 -53.05
N ALA DA 68 6.14 124.76 -53.87
CA ALA DA 68 4.99 124.31 -54.62
C ALA DA 68 4.87 122.80 -54.58
N SER DA 69 3.64 122.31 -54.45
CA SER DA 69 3.35 120.89 -54.44
C SER DA 69 2.30 120.60 -55.51
N VAL DA 70 2.60 119.68 -56.41
CA VAL DA 70 1.68 119.26 -57.46
C VAL DA 70 1.51 117.75 -57.30
N GLY DA 71 0.40 117.35 -56.68
CA GLY DA 71 0.15 115.94 -56.45
C GLY DA 71 1.14 115.37 -55.46
N GLN DA 72 2.07 114.56 -55.98
CA GLN DA 72 3.15 114.00 -55.16
C GLN DA 72 4.52 114.53 -55.58
N ASN DA 73 4.55 115.67 -56.28
CA ASN DA 73 5.78 116.29 -56.74
C ASN DA 73 5.95 117.64 -56.05
N TYR DA 74 7.21 118.00 -55.79
CA TYR DA 74 7.53 119.19 -55.04
C TYR DA 74 8.64 119.97 -55.74
N LEU DA 75 8.45 121.28 -55.81
CA LEU DA 75 9.41 122.19 -56.43
C LEU DA 75 9.61 123.40 -55.53
N ILE DA 76 10.86 123.68 -55.18
CA ILE DA 76 11.21 124.80 -54.31
C ILE DA 76 12.16 125.72 -55.06
N SER DA 77 11.86 127.01 -55.04
CA SER DA 77 12.67 128.02 -55.72
C SER DA 77 13.17 129.06 -54.73
N ILE DA 78 14.45 129.38 -54.84
CA ILE DA 78 15.13 130.34 -53.97
C ILE DA 78 15.69 131.44 -54.85
N PRO DA 79 15.51 132.71 -54.49
CA PRO DA 79 16.21 133.78 -55.22
C PRO DA 79 17.70 133.78 -54.88
N ALA DA 80 18.53 134.03 -55.90
CA ALA DA 80 19.97 133.98 -55.73
C ALA DA 80 20.52 135.17 -54.97
N SER DA 81 19.74 136.25 -54.84
CA SER DA 81 20.21 137.44 -54.15
C SER DA 81 20.37 137.21 -52.66
N ALA DA 82 19.62 136.27 -52.10
CA ALA DA 82 19.78 135.90 -50.70
C ALA DA 82 20.84 134.83 -50.49
N LEU DA 83 21.48 134.36 -51.56
CA LEU DA 83 22.42 133.25 -51.47
C LEU DA 83 23.83 133.61 -51.86
N PHE DA 84 24.03 134.22 -53.02
CA PHE DA 84 25.35 134.45 -53.55
C PHE DA 84 25.69 135.93 -53.49
N ALA DA 85 26.86 136.27 -54.04
CA ALA DA 85 27.22 137.65 -54.27
C ALA DA 85 26.78 138.03 -55.69
N ASP DA 86 27.22 139.18 -56.16
CA ASP DA 86 26.80 139.70 -57.46
C ASP DA 86 27.46 138.90 -58.57
N GLN DA 87 26.69 137.97 -59.15
CA GLN DA 87 27.07 137.17 -60.32
C GLN DA 87 28.34 136.36 -60.08
N SER DA 88 28.53 135.88 -58.86
CA SER DA 88 29.70 135.13 -58.49
C SER DA 88 29.28 133.98 -57.59
N PRO DA 89 29.94 132.83 -57.69
CA PRO DA 89 29.56 131.66 -56.88
C PRO DA 89 30.23 131.61 -55.52
N ARG DA 90 30.21 132.72 -54.81
CA ARG DA 90 30.72 132.80 -53.45
C ARG DA 90 29.55 132.89 -52.49
N LEU DA 91 29.62 132.11 -51.41
CA LEU DA 91 28.47 131.94 -50.52
C LEU DA 91 28.61 132.84 -49.30
N ASN DA 92 27.54 133.55 -48.98
CA ASN DA 92 27.49 134.33 -47.76
C ASN DA 92 27.40 133.40 -46.56
N TRP DA 93 28.00 133.82 -45.46
CA TRP DA 93 28.07 132.97 -44.27
C TRP DA 93 26.71 132.83 -43.61
N ALA DA 94 25.85 133.83 -43.73
CA ALA DA 94 24.53 133.77 -43.12
C ALA DA 94 23.59 132.85 -43.88
N SER DA 95 23.89 132.56 -45.15
CA SER DA 95 23.01 131.72 -45.96
C SER DA 95 23.00 130.27 -45.52
N TYR DA 96 24.00 129.85 -44.75
CA TYR DA 96 24.07 128.48 -44.30
C TYR DA 96 23.00 128.14 -43.28
N SER DA 97 22.45 129.14 -42.57
CA SER DA 97 21.32 128.89 -41.67
C SER DA 97 20.08 128.46 -42.45
N LEU DA 98 19.78 129.18 -43.54
CA LEU DA 98 18.65 128.81 -44.37
C LEU DA 98 18.95 127.53 -45.15
N LEU DA 99 20.22 127.26 -45.44
CA LEU DA 99 20.60 125.98 -45.99
C LEU DA 99 20.33 124.84 -45.02
N ASN DA 100 20.61 125.06 -43.74
CA ASN DA 100 20.29 124.07 -42.71
C ASN DA 100 18.79 123.86 -42.59
N GLU DA 101 18.02 124.95 -42.71
CA GLU DA 101 16.57 124.85 -42.65
C GLU DA 101 16.00 124.07 -43.83
N ILE DA 102 16.51 124.33 -45.03
CA ILE DA 102 15.98 123.62 -46.19
C ILE DA 102 16.47 122.18 -46.21
N ALA DA 103 17.64 121.90 -45.62
CA ALA DA 103 18.09 120.53 -45.49
C ALA DA 103 17.24 119.77 -44.47
N ALA DA 104 16.85 120.45 -43.39
CA ALA DA 104 15.96 119.84 -42.40
C ALA DA 104 14.58 119.57 -42.99
N PHE DA 105 14.11 120.45 -43.88
CA PHE DA 105 12.86 120.16 -44.59
C PHE DA 105 13.01 118.97 -45.52
N LEU DA 106 14.10 118.92 -46.28
CA LEU DA 106 14.31 117.85 -47.24
C LEU DA 106 14.63 116.52 -46.58
N LYS DA 107 14.98 116.53 -45.30
CA LYS DA 107 15.17 115.29 -44.55
C LYS DA 107 13.87 114.49 -44.40
N GLN DA 108 12.72 115.17 -44.49
CA GLN DA 108 11.44 114.55 -44.12
C GLN DA 108 11.01 113.49 -45.12
N PHE DA 109 11.09 113.78 -46.41
CA PHE DA 109 10.48 112.91 -47.39
C PHE DA 109 11.36 111.71 -47.69
N ARG DA 110 10.74 110.70 -48.30
CA ARG DA 110 11.44 109.51 -48.75
C ARG DA 110 11.40 109.51 -50.28
N LYS DA 111 12.57 109.72 -50.89
CA LYS DA 111 12.66 109.89 -52.33
C LYS DA 111 13.97 109.28 -52.80
N ILE DA 112 14.07 109.06 -54.11
CA ILE DA 112 15.22 108.44 -54.71
C ILE DA 112 16.08 109.44 -55.47
N ALA DA 113 15.46 110.34 -56.23
CA ALA DA 113 16.18 111.23 -57.12
C ALA DA 113 15.69 112.67 -56.91
N ILE DA 114 16.65 113.59 -56.77
CA ILE DA 114 16.35 115.02 -56.70
C ILE DA 114 17.14 115.72 -57.79
N THR DA 115 16.58 116.82 -58.31
CA THR DA 115 17.22 117.56 -59.38
C THR DA 115 17.26 119.04 -59.04
N VAL DA 116 18.43 119.65 -59.20
CA VAL DA 116 18.64 121.07 -58.98
C VAL DA 116 18.88 121.72 -60.33
N THR DA 117 18.24 122.85 -60.56
CA THR DA 117 18.45 123.67 -61.74
C THR DA 117 18.76 125.10 -61.30
N SER DA 118 19.58 125.77 -62.09
CA SER DA 118 19.96 127.14 -61.76
C SER DA 118 19.66 128.07 -62.91
N TYR DA 119 18.96 129.16 -62.61
CA TYR DA 119 18.62 130.20 -63.58
C TYR DA 119 19.28 131.51 -63.19
N SER DA 120 19.66 132.29 -64.19
CA SER DA 120 20.32 133.56 -63.95
C SER DA 120 19.89 134.54 -65.04
N SER DA 121 20.62 135.65 -65.15
CA SER DA 121 20.38 136.66 -66.17
C SER DA 121 21.43 136.56 -67.27
N LYS DA 122 21.19 137.30 -68.34
CA LYS DA 122 22.15 137.41 -69.44
C LYS DA 122 23.07 138.59 -69.16
N TYR DA 123 24.37 138.31 -69.04
CA TYR DA 123 25.32 139.32 -68.59
C TYR DA 123 26.36 139.68 -69.65
N VAL DA 124 27.16 138.73 -70.12
CA VAL DA 124 28.18 139.04 -71.11
C VAL DA 124 28.04 138.09 -72.29
N SER DA 125 28.12 136.79 -72.02
CA SER DA 125 27.93 135.76 -73.02
C SER DA 125 26.98 134.72 -72.45
N VAL DA 126 26.44 133.89 -73.34
CA VAL DA 126 25.66 132.74 -72.89
C VAL DA 126 26.55 131.75 -72.17
N LYS DA 127 27.80 131.62 -72.63
CA LYS DA 127 28.76 130.70 -72.06
C LYS DA 127 29.07 131.05 -70.61
N ARG DA 128 29.21 132.35 -70.32
CA ARG DA 128 29.57 132.82 -68.99
C ARG DA 128 28.49 132.49 -67.97
N GLU DA 129 27.24 132.85 -68.28
CA GLU DA 129 26.18 132.62 -67.31
C GLU DA 129 25.78 131.15 -67.26
N ARG DA 130 25.97 130.39 -68.35
CA ARG DA 130 25.76 128.94 -68.29
C ARG DA 130 26.77 128.30 -67.35
N ALA DA 131 28.04 128.70 -67.45
CA ALA DA 131 29.06 128.17 -66.55
C ALA DA 131 28.80 128.58 -65.10
N LEU DA 132 28.34 129.82 -64.89
CA LEU DA 132 28.05 130.29 -63.55
C LEU DA 132 26.90 129.51 -62.92
N THR DA 133 25.83 129.27 -63.69
CA THR DA 133 24.71 128.49 -63.17
C THR DA 133 25.12 127.05 -62.89
N LEU DA 134 25.95 126.47 -63.75
CA LEU DA 134 26.45 125.11 -63.52
C LEU DA 134 27.28 125.04 -62.26
N ALA DA 135 28.14 126.03 -62.03
CA ALA DA 135 28.98 126.03 -60.84
C ALA DA 135 28.15 126.21 -59.57
N ARG DA 136 27.16 127.11 -59.60
CA ARG DA 136 26.31 127.33 -58.43
C ARG DA 136 25.51 126.09 -58.08
N SER DA 137 24.94 125.43 -59.10
CA SER DA 137 24.20 124.19 -58.88
C SER DA 137 25.12 123.10 -58.36
N ARG DA 138 26.36 123.04 -58.87
CA ARG DA 138 27.33 122.06 -58.42
C ARG DA 138 27.66 122.24 -56.95
N VAL DA 139 27.87 123.48 -56.52
CA VAL DA 139 28.27 123.75 -55.15
C VAL DA 139 27.12 123.47 -54.19
N VAL DA 140 25.90 123.88 -54.54
CA VAL DA 140 24.78 123.62 -53.63
C VAL DA 140 24.44 122.13 -53.60
N SER DA 141 24.66 121.41 -54.71
CA SER DA 141 24.44 119.97 -54.72
C SER DA 141 25.47 119.26 -53.86
N GLU DA 142 26.72 119.71 -53.91
CA GLU DA 142 27.76 119.11 -53.07
C GLU DA 142 27.49 119.36 -51.59
N TYR DA 143 27.01 120.56 -51.26
CA TYR DA 143 26.66 120.82 -49.87
C TYR DA 143 25.46 119.99 -49.43
N LEU DA 144 24.50 119.76 -50.32
CA LEU DA 144 23.35 118.95 -49.96
C LEU DA 144 23.72 117.48 -49.79
N TRP DA 145 24.66 116.99 -50.58
CA TRP DA 145 25.15 115.64 -50.36
C TRP DA 145 25.97 115.56 -49.07
N SER DA 146 26.68 116.63 -48.74
CA SER DA 146 27.42 116.69 -47.48
C SER DA 146 26.46 116.60 -46.30
N GLN DA 147 25.35 117.32 -46.38
CA GLN DA 147 24.32 117.17 -45.37
C GLN DA 147 23.63 115.82 -45.53
N GLY DA 148 23.00 115.37 -44.46
CA GLY DA 148 22.53 114.00 -44.38
C GLY DA 148 21.20 113.71 -45.03
N VAL DA 149 20.90 114.39 -46.14
CA VAL DA 149 19.67 114.13 -46.86
C VAL DA 149 19.79 112.79 -47.57
N ASP DA 150 18.65 112.15 -47.84
CA ASP DA 150 18.61 110.80 -48.38
C ASP DA 150 18.15 110.84 -49.83
N SER DA 151 19.00 110.33 -50.72
CA SER DA 151 18.63 110.08 -52.10
C SER DA 151 19.62 109.07 -52.67
N ARG DA 152 19.28 108.53 -53.81
CA ARG DA 152 20.25 107.78 -54.58
C ARG DA 152 20.84 108.58 -55.72
N ILE DA 153 20.07 109.49 -56.31
CA ILE DA 153 20.47 110.24 -57.49
C ILE DA 153 20.30 111.72 -57.21
N ILE DA 154 21.36 112.49 -57.47
CA ILE DA 154 21.29 113.95 -57.49
C ILE DA 154 21.71 114.39 -58.89
N PHE DA 155 20.78 115.03 -59.60
CA PHE DA 155 21.02 115.61 -60.91
C PHE DA 155 21.12 117.12 -60.77
N THR DA 156 22.14 117.71 -61.41
CA THR DA 156 22.37 119.15 -61.36
C THR DA 156 22.52 119.70 -62.76
N GLN DA 157 21.78 120.79 -63.04
CA GLN DA 157 21.77 121.46 -64.34
C GLN DA 157 21.78 122.98 -64.17
N GLY DA 158 22.51 123.64 -65.06
CA GLY DA 158 22.49 125.08 -65.14
C GLY DA 158 21.96 125.56 -66.46
N LEU DA 159 20.99 126.48 -66.45
CA LEU DA 159 20.35 126.93 -67.67
C LEU DA 159 20.53 128.40 -67.96
N GLY DA 160 20.85 129.22 -66.97
CA GLY DA 160 21.13 130.62 -67.23
C GLY DA 160 19.89 131.46 -67.43
N SER DA 161 19.80 132.13 -68.58
CA SER DA 161 18.72 133.07 -68.87
C SER DA 161 17.95 132.65 -70.10
N ASP DA 162 17.67 131.35 -70.23
CA ASP DA 162 16.99 130.86 -71.41
C ASP DA 162 15.48 130.79 -71.23
N LYS DA 163 15.00 130.58 -70.01
CA LYS DA 163 13.57 130.52 -69.71
C LYS DA 163 13.26 131.55 -68.63
N PRO DA 164 13.01 132.79 -69.00
CA PRO DA 164 12.60 133.78 -68.00
C PRO DA 164 11.18 133.50 -67.53
N ILE DA 165 11.00 133.49 -66.21
CA ILE DA 165 9.67 133.33 -65.66
C ILE DA 165 8.87 134.61 -65.78
N THR DA 166 9.54 135.75 -65.89
CA THR DA 166 8.87 137.04 -66.02
C THR DA 166 9.57 137.83 -67.10
N SER DA 167 8.76 138.57 -67.89
CA SER DA 167 9.32 139.45 -68.91
C SER DA 167 9.89 140.74 -68.32
N TYR DA 168 9.69 140.99 -67.03
CA TYR DA 168 10.27 142.17 -66.39
C TYR DA 168 11.76 141.97 -66.17
N THR DA 169 12.56 142.26 -67.20
CA THR DA 169 14.01 142.08 -67.14
C THR DA 169 14.73 143.38 -66.83
N LEU DA 170 14.11 144.22 -66.00
CA LEU DA 170 14.72 145.48 -65.63
C LEU DA 170 15.98 145.28 -64.77
N GLY DA 171 15.86 144.49 -63.72
CA GLY DA 171 16.95 144.32 -62.78
C GLY DA 171 17.96 143.30 -63.24
N GLY DA 172 19.03 143.18 -62.46
CA GLY DA 172 20.04 142.18 -62.70
C GLY DA 172 19.89 141.01 -61.77
N ASP DA 173 20.73 140.94 -60.74
CA ASP DA 173 20.55 139.93 -59.72
C ASP DA 173 19.38 140.25 -58.79
N ARG DA 174 18.94 141.50 -58.79
CA ARG DA 174 17.72 141.86 -58.06
C ARG DA 174 16.47 141.39 -58.78
N SER DA 175 16.57 141.08 -60.08
CA SER DA 175 15.44 140.50 -60.79
C SER DA 175 15.20 139.08 -60.29
N PRO DA 176 13.93 138.70 -60.06
CA PRO DA 176 13.66 137.44 -59.35
C PRO DA 176 13.92 136.18 -60.15
N ASN DA 177 14.21 136.28 -61.45
CA ASN DA 177 14.50 135.08 -62.22
C ASN DA 177 15.88 134.51 -61.91
N ALA DA 178 16.76 135.29 -61.28
CA ALA DA 178 18.02 134.76 -60.77
C ALA DA 178 17.71 133.89 -59.57
N ARG DA 179 17.68 132.58 -59.78
CA ARG DA 179 17.07 131.69 -58.82
C ARG DA 179 17.67 130.30 -58.95
N VAL DA 180 17.34 129.45 -57.98
CA VAL DA 180 17.68 128.04 -58.02
C VAL DA 180 16.46 127.24 -57.63
N GLU DA 181 16.22 126.15 -58.37
CA GLU DA 181 15.06 125.31 -58.17
C GLU DA 181 15.49 123.90 -57.84
N ILE DA 182 14.76 123.26 -56.94
CA ILE DA 182 14.93 121.84 -56.64
C ILE DA 182 13.60 121.16 -56.84
N THR DA 183 13.61 120.05 -57.55
CA THR DA 183 12.42 119.29 -57.86
C THR DA 183 12.63 117.84 -57.48
N PHE DA 184 11.58 117.23 -56.92
CA PHE DA 184 11.58 115.80 -56.66
C PHE DA 184 10.13 115.32 -56.59
N ARG DA 185 9.97 114.01 -56.40
CA ARG DA 185 8.67 113.41 -56.19
C ARG DA 185 8.69 112.59 -54.92
N ARG DA 186 7.76 112.88 -54.01
CA ARG DA 186 7.60 112.03 -52.84
C ARG DA 186 7.01 110.69 -53.26
N ALA DA 187 7.72 109.62 -52.97
CA ALA DA 187 7.34 108.29 -53.42
C ALA DA 187 6.89 107.50 -52.21
N VAL DA 188 5.57 107.32 -52.10
CA VAL DA 188 4.89 106.55 -51.05
C VAL DA 188 5.24 107.01 -49.64
N CYS EA 42 32.95 144.81 -37.36
CA CYS EA 42 32.48 143.49 -37.77
C CYS EA 42 33.58 142.72 -38.50
N PHE EA 43 33.84 141.50 -38.05
CA PHE EA 43 34.85 140.63 -38.63
C PHE EA 43 34.19 139.55 -39.47
N HIS EA 44 34.66 139.38 -40.70
CA HIS EA 44 34.05 138.41 -41.60
C HIS EA 44 34.59 137.01 -41.32
N PRO EA 45 33.72 136.04 -41.06
CA PRO EA 45 34.15 134.64 -40.89
C PRO EA 45 34.86 134.07 -42.11
N PRO EA 46 34.51 134.44 -43.38
CA PRO EA 46 35.44 133.93 -44.40
C PRO EA 46 36.71 134.77 -44.56
N TYR EA 47 37.61 134.57 -43.59
CA TYR EA 47 39.01 135.03 -43.59
C TYR EA 47 39.14 136.55 -43.72
N ASN EA 48 38.09 137.28 -43.31
CA ASN EA 48 38.00 138.73 -43.41
C ASN EA 48 38.21 139.22 -44.85
N ASN EA 49 37.73 138.41 -45.81
CA ASN EA 49 37.87 138.62 -47.26
C ASN EA 49 39.33 138.79 -47.66
N PHE EA 50 40.22 138.04 -46.97
CA PHE EA 50 41.68 138.12 -47.12
C PHE EA 50 42.20 139.54 -46.95
N GLN EA 51 41.58 140.28 -46.04
CA GLN EA 51 42.00 141.62 -45.71
C GLN EA 51 42.39 141.65 -44.24
N PRO EA 52 43.54 142.23 -43.89
CA PRO EA 52 44.01 142.16 -42.49
C PRO EA 52 43.13 142.98 -41.56
N ASP EA 53 42.70 142.34 -40.47
CA ASP EA 53 41.77 142.97 -39.55
C ASP EA 53 42.46 144.03 -38.71
N ARG EA 54 41.65 144.85 -38.06
CA ARG EA 54 42.11 145.79 -37.05
C ARG EA 54 41.66 145.24 -35.70
N ARG EA 55 42.64 144.87 -34.87
CA ARG EA 55 42.36 144.07 -33.68
C ARG EA 55 42.10 144.90 -32.44
N ALA EA 56 43.00 145.85 -32.15
CA ALA EA 56 42.98 146.53 -30.86
C ALA EA 56 41.84 147.53 -30.71
N VAL EA 57 41.29 148.01 -31.82
CA VAL EA 57 40.33 149.12 -31.77
C VAL EA 57 39.01 148.65 -31.14
N LYS EA 58 38.57 147.45 -31.48
CA LYS EA 58 37.33 146.91 -30.92
C LYS EA 58 37.47 146.67 -29.42
N ARG EA 59 38.64 146.17 -28.99
CA ARG EA 59 38.85 145.90 -27.58
C ARG EA 59 38.96 147.19 -26.77
N VAL EA 60 39.62 148.22 -27.32
CA VAL EA 60 39.69 149.46 -26.56
C VAL EA 60 38.35 150.19 -26.60
N GLY EA 61 37.56 150.00 -27.66
CA GLY EA 61 36.22 150.57 -27.68
C GLY EA 61 35.30 149.93 -26.66
N VAL EA 62 35.35 148.60 -26.54
CA VAL EA 62 34.53 147.93 -25.53
C VAL EA 62 35.09 148.12 -24.13
N ASP EA 63 36.39 148.46 -24.00
CA ASP EA 63 36.94 148.76 -22.70
C ASP EA 63 36.53 150.17 -22.25
N THR EA 64 36.49 151.13 -23.18
CA THR EA 64 36.02 152.46 -22.85
C THR EA 64 34.51 152.52 -22.69
N GLY EA 65 33.79 151.59 -23.32
CA GLY EA 65 32.34 151.54 -23.18
C GLY EA 65 31.87 151.05 -21.83
N GLY EA 88 38.77 151.04 -20.06
CA GLY EA 88 39.70 152.14 -20.26
C GLY EA 88 40.70 151.89 -21.37
N GLY EA 89 41.30 153.00 -21.83
CA GLY EA 89 42.28 152.90 -22.91
C GLY EA 89 43.54 152.16 -22.51
N THR EA 90 43.99 152.34 -21.26
CA THR EA 90 45.22 151.70 -20.81
C THR EA 90 45.07 150.19 -20.67
N VAL EA 91 43.97 149.76 -20.03
CA VAL EA 91 43.70 148.34 -19.88
C VAL EA 91 43.39 147.71 -21.24
N GLY EA 92 42.73 148.45 -22.14
CA GLY EA 92 42.54 147.97 -23.51
C GLY EA 92 43.85 147.80 -24.27
N LEU EA 93 44.78 148.75 -24.09
CA LEU EA 93 46.09 148.65 -24.74
C LEU EA 93 46.90 147.48 -24.20
N VAL EA 94 46.87 147.26 -22.88
CA VAL EA 94 47.67 146.17 -22.33
C VAL EA 94 47.04 144.82 -22.68
N ALA EA 95 45.71 144.76 -22.81
CA ALA EA 95 45.06 143.54 -23.30
C ALA EA 95 45.37 143.31 -24.77
N SER EA 96 45.48 144.38 -25.55
CA SER EA 96 45.82 144.27 -26.95
C SER EA 96 47.24 143.76 -27.15
N ILE EA 97 48.19 144.31 -26.40
CA ILE EA 97 49.57 143.84 -26.55
C ILE EA 97 49.76 142.50 -25.89
N TYR EA 98 48.89 142.10 -24.96
CA TYR EA 98 48.91 140.73 -24.49
C TYR EA 98 48.36 139.77 -25.53
N ARG EA 99 47.36 140.23 -26.31
CA ARG EA 99 46.85 139.42 -27.41
C ARG EA 99 47.89 139.26 -28.51
N ASP EA 100 48.63 140.31 -28.80
CA ASP EA 100 49.68 140.25 -29.81
C ASP EA 100 51.01 139.78 -29.24
N SER EA 101 51.07 139.48 -27.95
CA SER EA 101 52.25 138.87 -27.37
C SER EA 101 52.42 137.46 -27.94
N LYS EA 102 53.66 137.13 -28.33
CA LYS EA 102 53.90 135.90 -29.07
C LYS EA 102 53.71 134.66 -28.21
N ARG EA 103 53.99 134.77 -26.92
CA ARG EA 103 53.83 133.64 -26.01
C ARG EA 103 52.36 133.25 -25.86
N LYS EA 104 51.46 134.24 -25.82
CA LYS EA 104 50.04 133.96 -25.77
C LYS EA 104 49.56 133.33 -27.08
N ILE EA 105 50.13 133.75 -28.21
CA ILE EA 105 49.78 133.18 -29.50
C ILE EA 105 50.21 131.71 -29.56
N ILE EA 106 51.41 131.41 -29.09
CA ILE EA 106 51.89 130.02 -29.07
C ILE EA 106 51.06 129.18 -28.09
N ARG EA 107 50.64 129.79 -26.97
CA ARG EA 107 49.78 129.08 -26.03
C ARG EA 107 48.41 128.80 -26.63
N ASP EA 108 47.90 129.71 -27.45
CA ASP EA 108 46.65 129.44 -28.15
C ASP EA 108 46.83 128.38 -29.23
N LEU EA 109 47.99 128.36 -29.88
CA LEU EA 109 48.26 127.32 -30.87
C LEU EA 109 48.38 125.95 -30.20
N GLN EA 110 48.91 125.91 -28.98
CA GLN EA 110 48.95 124.67 -28.21
C GLN EA 110 47.58 124.31 -27.63
N LYS EA 111 46.74 125.31 -27.40
CA LYS EA 111 45.33 125.04 -27.10
C LYS EA 111 44.65 124.38 -28.28
N GLN EA 112 44.97 124.85 -29.49
CA GLN EA 112 44.64 124.11 -30.69
C GLN EA 112 45.52 122.86 -30.78
N ASP EA 113 45.17 121.98 -31.72
CA ASP EA 113 45.92 120.74 -31.89
C ASP EA 113 47.07 120.91 -32.87
N ILE EA 114 47.88 121.94 -32.68
CA ILE EA 114 48.91 122.33 -33.64
C ILE EA 114 50.24 122.38 -32.90
N GLN EA 115 51.30 121.85 -33.51
CA GLN EA 115 52.58 121.73 -32.84
C GLN EA 115 53.57 122.75 -33.35
N TYR EA 116 54.22 123.46 -32.43
CA TYR EA 116 55.28 124.40 -32.75
C TYR EA 116 56.59 123.92 -32.14
N VAL EA 117 57.64 123.89 -32.94
CA VAL EA 117 58.96 123.48 -32.49
C VAL EA 117 59.96 124.57 -32.85
N GLU EA 118 60.71 125.04 -31.86
CA GLU EA 118 61.83 125.95 -32.09
C GLU EA 118 63.11 125.30 -31.60
N TYR EA 119 64.11 125.24 -32.49
CA TYR EA 119 65.39 124.64 -32.17
C TYR EA 119 66.45 125.27 -33.04
N GLY EA 120 67.59 125.62 -32.43
CA GLY EA 120 68.63 126.34 -33.13
C GLY EA 120 68.17 127.73 -33.48
N ASP EA 121 67.91 127.96 -34.77
CA ASP EA 121 67.30 129.20 -35.22
C ASP EA 121 66.11 128.99 -36.15
N THR EA 122 66.04 127.88 -36.87
CA THR EA 122 64.88 127.61 -37.70
C THR EA 122 63.75 127.08 -36.85
N ARG EA 123 62.52 127.22 -37.36
CA ARG EA 123 61.35 126.77 -36.62
C ARG EA 123 60.42 125.98 -37.52
N THR EA 124 59.64 125.09 -36.90
CA THR EA 124 58.78 124.17 -37.63
C THR EA 124 57.38 124.13 -37.03
N LEU EA 125 56.41 123.90 -37.92
CA LEU EA 125 54.99 123.88 -37.60
C LEU EA 125 54.39 122.58 -38.11
N ILE EA 126 53.60 121.91 -37.28
CA ILE EA 126 53.02 120.62 -37.61
C ILE EA 126 51.51 120.71 -37.45
N ILE EA 127 50.80 120.33 -38.51
CA ILE EA 127 49.34 120.44 -38.58
C ILE EA 127 48.72 119.09 -38.95
N PRO EA 128 47.76 118.60 -38.18
CA PRO EA 128 47.05 117.36 -38.53
C PRO EA 128 45.99 117.59 -39.60
N THR EA 129 46.20 116.96 -40.75
CA THR EA 129 45.34 117.16 -41.91
C THR EA 129 43.96 116.55 -41.72
N ASP EA 130 43.81 115.58 -40.81
CA ASP EA 130 42.52 114.95 -40.59
C ASP EA 130 41.52 115.93 -39.99
N LYS EA 131 41.95 116.75 -39.04
CA LYS EA 131 41.06 117.76 -38.50
C LYS EA 131 41.15 119.08 -39.24
N TYR EA 132 42.23 119.34 -39.98
CA TYR EA 132 42.36 120.62 -40.66
C TYR EA 132 42.13 120.50 -42.16
N PHE EA 133 41.53 119.41 -42.63
CA PHE EA 133 41.25 119.22 -44.04
C PHE EA 133 39.93 118.48 -44.19
N MET EA 134 39.33 118.61 -45.36
CA MET EA 134 38.23 117.71 -45.70
C MET EA 134 38.80 116.36 -46.11
N PHE EA 135 38.03 115.31 -45.87
CA PHE EA 135 38.54 113.95 -46.00
C PHE EA 135 38.78 113.56 -47.45
N SER EA 136 39.95 112.97 -47.70
CA SER EA 136 40.33 112.37 -48.99
C SER EA 136 40.29 113.38 -50.14
N SER EA 137 40.54 114.64 -49.84
CA SER EA 137 40.38 115.71 -50.80
C SER EA 137 41.36 116.81 -50.47
N PRO EA 138 41.79 117.60 -51.46
CA PRO EA 138 42.57 118.80 -51.18
C PRO EA 138 41.76 119.97 -50.63
N ARG EA 139 40.47 119.79 -50.36
CA ARG EA 139 39.66 120.82 -49.72
C ARG EA 139 40.10 120.94 -48.27
N LEU EA 140 40.56 122.12 -47.87
CA LEU EA 140 40.84 122.36 -46.47
C LEU EA 140 39.54 122.53 -45.68
N ASN EA 141 39.63 122.33 -44.37
CA ASN EA 141 38.48 122.52 -43.51
C ASN EA 141 38.11 123.99 -43.41
N GLU EA 142 36.81 124.27 -43.49
CA GLU EA 142 36.33 125.63 -43.31
C GLU EA 142 36.31 126.03 -41.84
N ILE EA 143 36.05 125.08 -40.94
CA ILE EA 143 35.82 125.41 -39.53
C ILE EA 143 37.11 125.81 -38.82
N CYS EA 144 38.27 125.50 -39.38
CA CYS EA 144 39.55 125.82 -38.75
C CYS EA 144 40.02 127.26 -39.02
N TYR EA 145 39.09 128.14 -39.38
CA TYR EA 145 39.43 129.54 -39.60
C TYR EA 145 40.08 130.29 -38.42
N PRO EA 146 39.71 130.12 -37.13
CA PRO EA 146 40.43 130.90 -36.11
C PRO EA 146 41.85 130.42 -35.92
N GLY EA 147 42.08 129.10 -36.04
CA GLY EA 147 43.44 128.59 -36.02
C GLY EA 147 44.25 129.09 -37.21
N LEU EA 148 43.60 129.21 -38.37
CA LEU EA 148 44.28 129.75 -39.54
C LEU EA 148 44.63 131.22 -39.36
N ASN EA 149 43.73 131.99 -38.74
CA ASN EA 149 44.01 133.39 -38.44
C ASN EA 149 45.17 133.51 -37.46
N ASN EA 150 45.22 132.63 -36.46
CA ASN EA 150 46.35 132.59 -35.54
C ASN EA 150 47.65 132.23 -36.26
N VAL EA 151 47.56 131.32 -37.24
CA VAL EA 151 48.73 130.93 -38.04
C VAL EA 151 49.26 132.13 -38.82
N ILE EA 152 48.35 132.90 -39.41
CA ILE EA 152 48.76 134.05 -40.21
C ILE EA 152 49.36 135.14 -39.32
N ARG EA 153 48.74 135.39 -38.17
CA ARG EA 153 49.29 136.40 -37.25
C ARG EA 153 50.61 135.95 -36.65
N LEU EA 154 50.82 134.64 -36.50
CA LEU EA 154 52.10 134.14 -36.01
C LEU EA 154 53.18 134.30 -37.07
N LEU EA 155 52.86 133.93 -38.31
CA LEU EA 155 53.84 134.04 -39.38
C LEU EA 155 54.05 135.48 -39.85
N ASN EA 156 53.22 136.41 -39.37
CA ASN EA 156 53.40 137.82 -39.69
C ASN EA 156 54.70 138.41 -39.11
N PHE EA 157 55.27 137.79 -38.08
CA PHE EA 157 56.40 138.38 -37.38
C PHE EA 157 57.74 138.20 -38.09
N TYR EA 158 57.80 137.41 -39.17
CA TYR EA 158 59.07 137.05 -39.80
C TYR EA 158 59.02 137.44 -41.27
N PRO EA 159 59.20 138.72 -41.60
CA PRO EA 159 59.03 139.17 -42.98
C PRO EA 159 60.24 138.96 -43.88
N GLN EA 160 61.26 138.22 -43.45
CA GLN EA 160 62.40 137.93 -44.30
C GLN EA 160 62.77 136.46 -44.35
N SER EA 161 62.15 135.62 -43.52
CA SER EA 161 62.51 134.21 -43.47
C SER EA 161 62.07 133.48 -44.73
N THR EA 162 62.87 132.51 -45.13
CA THR EA 162 62.54 131.62 -46.23
C THR EA 162 61.86 130.37 -45.71
N ILE EA 163 60.83 129.93 -46.43
CA ILE EA 163 59.92 128.89 -45.96
C ILE EA 163 59.98 127.71 -46.92
N TYR EA 164 60.10 126.51 -46.36
CA TYR EA 164 59.78 125.28 -47.05
C TYR EA 164 58.51 124.72 -46.44
N VAL EA 165 57.66 124.12 -47.27
CA VAL EA 165 56.44 123.49 -46.80
C VAL EA 165 56.36 122.09 -47.40
N ALA EA 166 55.89 121.13 -46.61
CA ALA EA 166 55.90 119.74 -47.00
C ALA EA 166 54.65 119.04 -46.49
N GLY EA 167 54.22 118.05 -47.25
CA GLY EA 167 53.06 117.26 -46.89
C GLY EA 167 53.45 115.81 -46.66
N PHE EA 168 52.69 115.12 -45.83
CA PHE EA 168 52.94 113.72 -45.56
C PHE EA 168 51.64 112.97 -45.38
N THR EA 169 51.66 111.68 -45.72
CA THR EA 169 50.49 110.82 -45.58
C THR EA 169 50.88 109.48 -44.99
N ASP EA 170 49.96 108.53 -45.00
CA ASP EA 170 50.21 107.19 -44.49
C ASP EA 170 50.81 106.30 -45.58
N ASN EA 171 50.88 105.00 -45.32
CA ASN EA 171 51.60 104.08 -46.20
C ASN EA 171 50.71 103.38 -47.19
N VAL EA 172 49.42 103.24 -46.89
CA VAL EA 172 48.53 102.37 -47.65
C VAL EA 172 48.11 103.09 -48.92
N GLY EA 173 48.18 102.39 -50.05
CA GLY EA 173 47.74 102.91 -51.32
C GLY EA 173 48.85 102.93 -52.35
N SER EA 174 48.49 103.41 -53.54
CA SER EA 174 49.48 103.59 -54.59
C SER EA 174 50.44 104.72 -54.22
N ARG EA 175 51.72 104.49 -54.48
CA ARG EA 175 52.76 105.46 -54.16
C ARG EA 175 52.56 106.75 -54.93
N SER EA 176 52.26 106.64 -56.23
CA SER EA 176 52.00 107.81 -57.06
C SER EA 176 50.76 108.55 -56.59
N HIS EA 177 49.73 107.80 -56.18
CA HIS EA 177 48.50 108.41 -55.68
C HIS EA 177 48.75 109.18 -54.39
N LYS EA 178 49.53 108.61 -53.47
CA LYS EA 178 49.84 109.29 -52.22
C LYS EA 178 50.71 110.51 -52.46
N ARG EA 179 51.63 110.41 -53.42
CA ARG EA 179 52.45 111.56 -53.80
C ARG EA 179 51.60 112.68 -54.37
N LYS EA 180 50.61 112.32 -55.21
CA LYS EA 180 49.71 113.32 -55.77
C LYS EA 180 48.89 114.00 -54.69
N LEU EA 181 48.38 113.23 -53.73
CA LEU EA 181 47.58 113.82 -52.65
C LEU EA 181 48.42 114.73 -51.76
N SER EA 182 49.65 114.31 -51.45
CA SER EA 182 50.52 115.13 -50.62
C SER EA 182 50.89 116.43 -51.32
N GLN EA 183 51.21 116.34 -52.62
CA GLN EA 183 51.53 117.53 -53.40
C GLN EA 183 50.35 118.47 -53.50
N ALA EA 184 49.13 117.90 -53.66
CA ALA EA 184 47.94 118.72 -53.74
C ALA EA 184 47.66 119.46 -52.43
N GLN EA 185 47.79 118.76 -51.30
CA GLN EA 185 47.49 119.40 -50.02
C GLN EA 185 48.53 120.49 -49.67
N ALA EA 186 49.81 120.18 -49.87
CA ALA EA 186 50.84 121.18 -49.61
C ALA EA 186 50.75 122.35 -50.59
N GLU EA 187 50.35 122.07 -51.83
CA GLU EA 187 50.16 123.12 -52.81
C GLU EA 187 49.03 124.05 -52.40
N THR EA 188 47.93 123.48 -51.91
CA THR EA 188 46.80 124.31 -51.48
C THR EA 188 47.15 125.17 -50.29
N MET EA 189 47.90 124.60 -49.34
CA MET EA 189 48.38 125.39 -48.20
C MET EA 189 49.30 126.52 -48.66
N MET EA 190 50.17 126.22 -49.62
CA MET EA 190 51.08 127.24 -50.15
C MET EA 190 50.32 128.34 -50.88
N THR EA 191 49.28 127.99 -51.63
CA THR EA 191 48.50 129.00 -52.34
C THR EA 191 47.72 129.86 -51.37
N PHE EA 192 47.21 129.28 -50.29
CA PHE EA 192 46.57 130.06 -49.25
C PHE EA 192 47.55 131.04 -48.62
N LEU EA 193 48.78 130.59 -48.36
CA LEU EA 193 49.80 131.46 -47.77
C LEU EA 193 50.19 132.58 -48.73
N TRP EA 194 50.26 132.27 -50.03
CA TRP EA 194 50.54 133.29 -51.03
C TRP EA 194 49.41 134.29 -51.15
N ALA EA 195 48.17 133.83 -51.02
CA ALA EA 195 47.03 134.72 -51.06
C ALA EA 195 46.92 135.58 -49.81
N ASN EA 196 47.54 135.15 -48.71
CA ASN EA 196 47.53 135.93 -47.49
C ASN EA 196 48.39 137.18 -47.56
N GLY EA 197 49.27 137.29 -48.55
CA GLY EA 197 50.01 138.52 -48.81
C GLY EA 197 51.51 138.35 -48.97
N ILE EA 198 52.10 137.29 -48.46
CA ILE EA 198 53.54 137.08 -48.61
C ILE EA 198 53.82 136.65 -50.04
N ALA EA 199 54.80 137.30 -50.67
CA ALA EA 199 55.09 137.07 -52.08
C ALA EA 199 55.72 135.70 -52.29
N ALA EA 200 55.57 135.20 -53.52
CA ALA EA 200 55.93 133.83 -53.86
C ALA EA 200 57.43 133.57 -53.87
N LYS EA 201 58.26 134.60 -53.78
CA LYS EA 201 59.71 134.40 -53.81
C LYS EA 201 60.26 133.80 -52.53
N ARG EA 202 59.46 133.70 -51.48
CA ARG EA 202 59.90 133.09 -50.23
C ARG EA 202 59.34 131.68 -50.04
N LEU EA 203 58.75 131.09 -51.08
CA LEU EA 203 57.99 129.86 -50.92
C LEU EA 203 58.45 128.78 -51.89
N LYS EA 204 58.45 127.53 -51.40
CA LYS EA 204 58.63 126.36 -52.24
C LYS EA 204 57.96 125.18 -51.53
N ALA EA 205 57.21 124.38 -52.29
CA ALA EA 205 56.35 123.36 -51.72
C ALA EA 205 56.76 121.96 -52.18
N GLU EA 206 56.53 120.99 -51.30
CA GLU EA 206 56.87 119.60 -51.60
C GLU EA 206 55.99 118.68 -50.74
N GLY EA 207 55.44 117.65 -51.37
CA GLY EA 207 54.67 116.67 -50.62
C GLY EA 207 55.22 115.27 -50.76
N TYR EA 208 55.79 114.73 -49.69
CA TYR EA 208 56.27 113.37 -49.70
C TYR EA 208 55.16 112.43 -49.27
N GLY EA 209 55.31 111.16 -49.63
CA GLY EA 209 54.33 110.18 -49.24
C GLY EA 209 54.67 109.53 -47.93
N ASP EA 210 54.99 108.24 -47.98
CA ASP EA 210 55.40 107.46 -46.81
C ASP EA 210 56.92 107.26 -46.79
N LYS EA 211 57.66 108.28 -47.21
CA LYS EA 211 59.10 108.11 -47.37
C LYS EA 211 59.81 108.05 -46.02
N ASN EA 212 59.47 108.94 -45.10
CA ASN EA 212 60.09 108.94 -43.78
C ASN EA 212 59.10 109.55 -42.79
N ALA EA 213 58.38 108.69 -42.10
CA ALA EA 213 57.45 109.13 -41.07
C ALA EA 213 58.14 109.12 -39.71
N ILE EA 214 57.60 109.94 -38.80
CA ILE EA 214 58.06 109.95 -37.41
C ILE EA 214 57.36 108.90 -36.58
N SER EA 215 56.41 108.16 -37.14
CA SER EA 215 55.54 107.31 -36.36
C SER EA 215 55.35 105.98 -37.08
N ASP EA 216 54.96 104.97 -36.30
CA ASP EA 216 54.79 103.62 -36.82
C ASP EA 216 53.43 103.52 -37.51
N ASN EA 217 53.46 103.21 -38.80
CA ASN EA 217 52.22 103.08 -39.55
C ASN EA 217 51.48 101.80 -39.24
N ALA EA 218 52.16 100.80 -38.66
CA ALA EA 218 51.50 99.56 -38.28
C ALA EA 218 50.61 99.71 -37.05
N ILE EA 219 50.74 100.82 -36.33
CA ILE EA 219 49.88 101.13 -35.20
C ILE EA 219 48.91 102.21 -35.64
N ILE EA 220 47.69 102.15 -35.08
CA ILE EA 220 46.62 103.04 -35.51
C ILE EA 220 46.91 104.48 -35.12
N HIS EA 221 47.46 104.68 -33.91
CA HIS EA 221 47.77 106.04 -33.47
C HIS EA 221 48.90 106.64 -34.30
N GLY EA 222 49.91 105.84 -34.63
CA GLY EA 222 50.95 106.32 -35.53
C GLY EA 222 50.45 106.54 -36.93
N SER EA 223 49.45 105.77 -37.36
CA SER EA 223 48.81 106.01 -38.64
C SER EA 223 48.09 107.35 -38.65
N ALA EA 224 47.49 107.71 -37.51
CA ALA EA 224 46.94 109.05 -37.38
C ALA EA 224 48.04 110.10 -37.32
N GLN EA 225 49.19 109.75 -36.77
CA GLN EA 225 50.26 110.72 -36.55
C GLN EA 225 51.01 111.08 -37.83
N ASN EA 226 51.24 110.11 -38.71
CA ASN EA 226 52.18 110.34 -39.82
C ASN EA 226 51.61 111.25 -40.89
N ARG EA 227 50.31 111.18 -41.15
CA ARG EA 227 49.69 112.05 -42.14
C ARG EA 227 49.62 113.47 -41.59
N ARG EA 228 50.48 114.35 -42.12
CA ARG EA 228 50.74 115.61 -41.43
C ARG EA 228 51.13 116.68 -42.42
N ILE EA 229 51.21 117.92 -41.92
CA ILE EA 229 51.67 119.06 -42.69
C ILE EA 229 52.82 119.69 -41.92
N GLU EA 230 53.97 119.80 -42.58
CA GLU EA 230 55.20 120.33 -42.00
C GLU EA 230 55.52 121.68 -42.65
N ILE EA 231 55.91 122.64 -41.82
CA ILE EA 231 56.33 123.96 -42.29
C ILE EA 231 57.66 124.27 -41.62
N GLN EA 232 58.73 124.33 -42.40
CA GLN EA 232 60.03 124.73 -41.90
C GLN EA 232 60.30 126.14 -42.38
N TRP EA 233 60.87 126.98 -41.52
CA TRP EA 233 61.36 128.25 -42.03
C TRP EA 233 62.59 128.68 -41.28
N PHE EA 234 63.49 129.34 -42.02
CA PHE EA 234 64.79 129.73 -41.52
C PHE EA 234 64.70 131.03 -40.73
N THR EA 235 65.85 131.60 -40.41
CA THR EA 235 65.93 132.93 -39.83
C THR EA 235 66.70 133.89 -40.71
N SER EA 236 67.86 133.48 -41.22
CA SER EA 236 68.64 134.31 -42.13
C SER EA 236 69.46 133.45 -43.08
N LEU FA 113 76.47 151.76 -85.68
CA LEU FA 113 75.31 151.25 -86.39
C LEU FA 113 74.47 150.35 -85.50
N ASN FA 114 74.26 150.78 -84.24
CA ASN FA 114 73.51 149.98 -83.29
C ASN FA 114 72.56 150.81 -82.43
N ARG FA 115 72.23 152.03 -82.83
CA ARG FA 115 71.35 152.87 -82.01
C ARG FA 115 70.60 153.83 -82.91
N PHE FA 116 69.30 153.97 -82.65
CA PHE FA 116 68.51 154.94 -83.40
C PHE FA 116 67.44 155.55 -82.49
N ARG FA 117 67.23 156.85 -82.66
CA ARG FA 117 66.21 157.61 -81.95
C ARG FA 117 65.43 158.44 -82.95
N TYR FA 118 64.10 158.48 -82.81
CA TYR FA 118 63.30 159.31 -83.70
C TYR FA 118 62.18 160.00 -82.95
N GLU FA 119 61.94 161.25 -83.33
CA GLU FA 119 60.72 161.98 -83.03
C GLU FA 119 60.27 162.71 -84.30
N GLY FA 120 58.97 162.95 -84.41
CA GLY FA 120 58.50 163.84 -85.44
C GLY FA 120 57.82 163.26 -86.67
N ALA FA 121 56.91 162.31 -86.48
CA ALA FA 121 55.90 161.87 -87.46
C ALA FA 121 56.56 161.33 -88.74
N GLY FA 122 57.24 160.20 -88.57
CA GLY FA 122 57.97 159.60 -89.67
C GLY FA 122 57.69 158.12 -89.77
N VAL FA 123 57.64 157.66 -91.01
CA VAL FA 123 57.47 156.24 -91.33
C VAL FA 123 58.81 155.73 -91.84
N VAL FA 124 59.43 154.86 -91.05
CA VAL FA 124 60.73 154.29 -91.38
C VAL FA 124 60.55 152.79 -91.56
N THR FA 125 61.01 152.28 -92.70
CA THR FA 125 60.88 150.87 -93.04
C THR FA 125 62.25 150.30 -93.35
N GLY FA 126 62.63 149.25 -92.63
CA GLY FA 126 63.85 148.53 -92.90
C GLY FA 126 63.58 147.05 -93.02
N ASN FA 127 64.40 146.40 -93.83
CA ASN FA 127 64.28 144.95 -94.03
C ASN FA 127 65.64 144.40 -94.40
N ASN FA 128 65.82 143.11 -94.10
CA ASN FA 128 67.06 142.34 -94.32
C ASN FA 128 68.25 142.99 -93.61
N LEU FA 129 68.15 143.06 -92.29
CA LEU FA 129 69.22 143.53 -91.43
C LEU FA 129 69.62 142.43 -90.45
N ARG FA 130 70.91 142.42 -90.09
CA ARG FA 130 71.43 141.53 -89.07
C ARG FA 130 72.17 142.35 -88.03
N THR FA 131 71.97 142.01 -86.76
CA THR FA 131 72.55 142.77 -85.67
C THR FA 131 72.76 141.87 -84.47
N SER FA 132 73.84 142.14 -83.72
CA SER FA 132 74.00 141.52 -82.41
C SER FA 132 73.07 142.17 -81.40
N TYR FA 133 73.07 143.50 -81.36
CA TYR FA 133 72.17 144.25 -80.50
C TYR FA 133 72.08 145.68 -81.05
N LEU FA 134 70.88 146.25 -81.00
CA LEU FA 134 70.70 147.67 -81.25
C LEU FA 134 69.63 148.20 -80.31
N ASP FA 135 69.70 149.49 -80.02
CA ASP FA 135 68.76 150.16 -79.14
C ASP FA 135 67.91 151.15 -79.93
N LEU FA 136 66.60 151.05 -79.76
CA LEU FA 136 65.63 151.85 -80.50
C LEU FA 136 64.85 152.72 -79.54
N TYR FA 137 64.73 154.00 -79.90
CA TYR FA 137 63.88 154.94 -79.17
C TYR FA 137 62.96 155.62 -80.16
N LEU FA 138 61.66 155.55 -79.90
CA LEU FA 138 60.65 156.07 -80.79
C LEU FA 138 59.70 157.00 -80.04
N ALA FA 139 59.33 158.09 -80.70
CA ALA FA 139 58.32 158.99 -80.17
C ALA FA 139 57.66 159.72 -81.33
N ASN FA 140 56.43 160.19 -81.07
CA ASN FA 140 55.69 161.12 -81.92
C ASN FA 140 55.48 160.57 -83.33
N GLU FA 141 54.70 159.48 -83.38
CA GLU FA 141 54.36 158.75 -84.61
C GLU FA 141 55.61 158.26 -85.34
N GLY FA 142 56.33 157.36 -84.66
CA GLY FA 142 57.35 156.59 -85.32
C GLY FA 142 56.75 155.31 -85.86
N THR FA 143 56.39 155.30 -87.13
CA THR FA 143 55.81 154.12 -87.76
C THR FA 143 56.96 153.31 -88.34
N THR FA 144 57.44 152.33 -87.57
CA THR FA 144 58.60 151.55 -87.94
C THR FA 144 58.15 150.17 -88.41
N ARG FA 145 58.55 149.82 -89.63
CA ARG FA 145 58.27 148.51 -90.21
C ARG FA 145 59.60 147.82 -90.45
N LEU FA 146 59.96 146.88 -89.57
CA LEU FA 146 61.19 146.12 -89.72
C LEU FA 146 60.85 144.67 -90.06
N ALA FA 147 61.41 144.20 -91.17
CA ALA FA 147 61.07 142.90 -91.75
C ALA FA 147 62.32 142.04 -91.93
N GLY FA 148 63.15 141.96 -90.90
CA GLY FA 148 64.34 141.14 -90.98
C GLY FA 148 64.52 140.23 -89.77
N ASN FA 149 65.74 139.75 -89.56
CA ASN FA 149 66.09 138.94 -88.40
C ASN FA 149 66.99 139.79 -87.52
N ILE FA 150 66.40 140.43 -86.51
CA ILE FA 150 67.05 141.48 -85.73
C ILE FA 150 67.09 141.05 -84.28
N GLY FA 151 68.27 141.13 -83.67
CA GLY FA 151 68.43 140.85 -82.25
C GLY FA 151 68.63 142.15 -81.49
N LEU FA 152 67.92 142.26 -80.37
CA LEU FA 152 67.97 143.46 -79.54
C LEU FA 152 67.49 143.10 -78.14
N GLN FA 153 67.75 144.00 -77.20
CA GLN FA 153 67.28 143.87 -75.83
C GLN FA 153 66.43 145.05 -75.38
N LYS FA 154 66.84 146.27 -75.69
CA LYS FA 154 66.20 147.46 -75.16
C LYS FA 154 65.45 148.19 -76.27
N LEU FA 155 64.17 148.47 -76.02
CA LEU FA 155 63.34 149.27 -76.89
C LEU FA 155 62.55 150.22 -76.03
N GLU FA 156 62.41 151.47 -76.48
CA GLU FA 156 61.66 152.47 -75.72
C GLU FA 156 60.81 153.30 -76.67
N ALA FA 157 59.49 153.13 -76.60
CA ALA FA 157 58.55 153.95 -77.34
C ALA FA 157 57.74 154.79 -76.36
N VAL FA 158 57.52 156.05 -76.71
CA VAL FA 158 56.79 156.95 -75.81
C VAL FA 158 55.31 156.58 -75.79
N GLY FA 159 54.71 156.43 -76.96
CA GLY FA 159 53.30 156.06 -77.03
C GLY FA 159 52.61 156.77 -78.17
N ASN FA 160 51.32 156.41 -78.34
CA ASN FA 160 50.42 156.97 -79.35
C ASN FA 160 50.97 156.81 -80.77
N GLY FA 161 51.55 155.63 -81.02
CA GLY FA 161 52.05 155.30 -82.34
C GLY FA 161 52.09 153.79 -82.50
N VAL FA 162 52.07 153.36 -83.75
CA VAL FA 162 52.03 151.93 -84.07
C VAL FA 162 53.39 151.51 -84.63
N THR FA 163 53.71 150.24 -84.42
CA THR FA 163 54.97 149.67 -84.89
C THR FA 163 54.79 148.18 -85.12
N GLN FA 164 55.13 147.72 -86.32
CA GLN FA 164 55.09 146.31 -86.67
C GLN FA 164 56.50 145.85 -87.01
N ILE FA 165 57.01 144.89 -86.23
CA ILE FA 165 58.32 144.30 -86.45
C ILE FA 165 58.13 142.82 -86.73
N ASN FA 166 58.70 142.34 -87.83
CA ASN FA 166 58.49 140.97 -88.28
C ASN FA 166 59.80 140.20 -88.15
N GLY FA 167 59.98 139.55 -87.00
CA GLY FA 167 61.08 138.64 -86.79
C GLY FA 167 62.14 139.17 -85.84
N VAL FA 168 62.08 138.74 -84.58
CA VAL FA 168 63.11 139.04 -83.59
C VAL FA 168 63.48 137.74 -82.91
N SER FA 169 64.74 137.33 -83.05
CA SER FA 169 65.27 136.14 -82.39
C SER FA 169 66.44 136.57 -81.53
N SER FA 170 66.13 137.01 -80.31
CA SER FA 170 67.13 137.48 -79.37
C SER FA 170 67.08 136.63 -78.11
N ARG FA 171 68.26 136.34 -77.56
CA ARG FA 171 68.34 135.59 -76.32
C ARG FA 171 67.77 136.38 -75.15
N ASN FA 172 68.04 137.68 -75.12
CA ASN FA 172 67.61 138.53 -74.02
C ASN FA 172 66.86 139.72 -74.57
N LEU FA 173 65.79 140.10 -73.87
CA LEU FA 173 65.05 141.30 -74.19
C LEU FA 173 64.29 141.74 -72.94
N GLN FA 174 64.25 143.05 -72.72
CA GLN FA 174 63.49 143.64 -71.63
C GLN FA 174 62.88 144.93 -72.14
N ILE FA 175 61.56 145.07 -72.00
CA ILE FA 175 60.81 146.16 -72.61
C ILE FA 175 59.88 146.75 -71.57
N VAL FA 176 59.91 148.08 -71.42
CA VAL FA 176 58.99 148.79 -70.55
C VAL FA 176 58.47 150.02 -71.29
N LEU FA 177 57.16 150.22 -71.28
CA LEU FA 177 56.53 151.34 -71.96
C LEU FA 177 55.73 152.16 -70.96
N LYS FA 178 55.51 153.42 -71.32
CA LYS FA 178 54.88 154.39 -70.43
C LYS FA 178 53.52 154.86 -70.93
N GLY FA 179 53.44 155.37 -72.16
CA GLY FA 179 52.20 155.91 -72.68
C GLY FA 179 51.28 154.84 -73.24
N ASP FA 180 50.69 155.09 -74.41
CA ASP FA 180 49.76 154.16 -75.05
C ASP FA 180 50.22 153.85 -76.46
N PRO FA 181 51.24 153.00 -76.62
CA PRO FA 181 51.67 152.63 -77.97
C PRO FA 181 50.98 151.38 -78.47
N LYS FA 182 51.30 150.96 -79.69
CA LYS FA 182 50.80 149.72 -80.25
C LYS FA 182 51.96 149.04 -80.95
N VAL FA 183 52.25 147.80 -80.58
CA VAL FA 183 53.41 147.08 -81.10
C VAL FA 183 53.01 145.66 -81.44
N LEU FA 184 53.47 145.19 -82.60
CA LEU FA 184 53.20 143.84 -83.07
C LEU FA 184 54.51 143.25 -83.56
N ILE FA 185 55.10 142.35 -82.78
CA ILE FA 185 56.46 141.85 -83.01
C ILE FA 185 56.42 140.34 -83.19
N SER FA 186 57.08 139.86 -84.23
CA SER FA 186 57.22 138.44 -84.56
C SER FA 186 58.58 137.91 -84.12
N GLY FA 187 58.68 136.58 -84.04
CA GLY FA 187 59.95 135.93 -83.75
C GLY FA 187 59.97 135.08 -82.50
N PHE FA 188 61.17 134.84 -81.97
CA PHE FA 188 61.36 134.05 -80.74
C PHE FA 188 62.10 134.92 -79.73
N VAL FA 189 61.38 135.36 -78.68
CA VAL FA 189 61.87 136.34 -77.74
C VAL FA 189 61.73 135.79 -76.32
N ASN FA 190 62.78 135.95 -75.52
CA ASN FA 190 62.69 135.73 -74.08
C ASN FA 190 62.51 137.07 -73.38
N LEU FA 191 61.59 137.11 -72.41
CA LEU FA 191 61.33 138.30 -71.61
C LEU FA 191 61.46 137.96 -70.13
N ARG FA 192 61.96 138.92 -69.35
CA ARG FA 192 62.02 138.75 -67.91
C ARG FA 192 60.90 139.46 -67.17
N GLN FA 193 60.45 140.62 -67.65
CA GLN FA 193 59.45 141.39 -66.93
C GLN FA 193 58.68 142.26 -67.91
N LEU FA 194 57.43 142.58 -67.56
CA LEU FA 194 56.66 143.53 -68.35
C LEU FA 194 55.68 144.29 -67.46
N ASP FA 195 55.68 145.61 -67.60
CA ASP FA 195 54.82 146.49 -66.84
C ASP FA 195 54.13 147.48 -67.77
N MET FA 196 52.86 147.74 -67.50
CA MET FA 196 52.07 148.66 -68.29
C MET FA 196 51.24 149.54 -67.37
N TYR FA 197 51.22 150.85 -67.68
CA TYR FA 197 50.56 151.83 -66.83
C TYR FA 197 49.63 152.77 -67.58
N GLY FA 198 49.51 152.65 -68.90
CA GLY FA 198 48.65 153.53 -69.66
C GLY FA 198 47.52 152.81 -70.36
N LYS FA 199 47.53 152.82 -71.69
CA LYS FA 199 46.57 152.09 -72.52
C LYS FA 199 47.31 151.27 -73.56
N GLY FA 200 48.27 150.49 -73.08
CA GLY FA 200 49.21 149.83 -73.97
C GLY FA 200 48.60 148.66 -74.72
N THR FA 201 49.20 148.35 -75.86
CA THR FA 201 48.76 147.27 -76.72
C THR FA 201 49.97 146.57 -77.31
N LEU FA 202 50.04 145.25 -77.15
CA LEU FA 202 51.21 144.51 -77.56
C LEU FA 202 50.85 143.07 -77.90
N SER FA 203 51.52 142.54 -78.92
CA SER FA 203 51.27 141.20 -79.41
C SER FA 203 52.59 140.57 -79.83
N LEU FA 204 52.92 139.44 -79.22
CA LEU FA 204 54.12 138.68 -79.56
C LEU FA 204 53.72 137.28 -79.99
N TYR FA 205 54.37 136.79 -81.05
CA TYR FA 205 53.95 135.54 -81.65
C TYR FA 205 54.42 134.33 -80.86
N TRP FA 206 55.74 134.19 -80.68
CA TRP FA 206 56.31 133.04 -80.01
C TRP FA 206 57.30 133.51 -78.94
N ILE FA 207 57.19 132.93 -77.76
CA ILE FA 207 58.05 133.27 -76.63
C ILE FA 207 58.52 131.99 -75.97
N LYS FA 208 59.81 131.95 -75.61
CA LYS FA 208 60.39 130.83 -74.90
C LYS FA 208 61.23 131.40 -73.76
N SER FA 209 60.59 131.56 -72.60
CA SER FA 209 61.23 132.09 -71.41
C SER FA 209 60.89 131.19 -70.24
N ASP FA 210 61.44 131.53 -69.07
CA ASP FA 210 61.26 130.74 -67.87
C ASP FA 210 60.45 131.47 -66.80
N THR FA 211 60.86 132.66 -66.42
CA THR FA 211 60.26 133.40 -65.33
C THR FA 211 59.71 134.71 -65.86
N LEU FA 212 58.42 134.96 -65.64
CA LEU FA 212 57.81 136.17 -66.16
C LEU FA 212 56.96 136.84 -65.08
N THR FA 213 57.08 138.17 -65.01
CA THR FA 213 56.39 138.98 -64.04
C THR FA 213 55.66 140.10 -64.78
N ILE FA 214 54.34 140.13 -64.68
CA ILE FA 214 53.50 141.05 -65.42
C ILE FA 214 52.79 141.94 -64.42
N ARG FA 215 52.85 143.26 -64.65
CA ARG FA 215 52.13 144.22 -63.81
C ARG FA 215 51.36 145.18 -64.70
N ALA FA 216 50.03 145.09 -64.69
CA ALA FA 216 49.18 145.99 -65.45
C ALA FA 216 48.38 146.86 -64.51
N LYS FA 217 48.41 148.17 -64.76
CA LYS FA 217 47.85 149.17 -63.87
C LYS FA 217 46.55 149.78 -64.38
N LYS FA 218 46.54 150.29 -65.61
CA LYS FA 218 45.41 151.06 -66.11
C LYS FA 218 44.68 150.37 -67.27
N ALA FA 219 45.38 150.06 -68.36
CA ALA FA 219 44.76 149.39 -69.50
C ALA FA 219 45.85 148.73 -70.32
N ALA FA 220 45.78 147.41 -70.46
CA ALA FA 220 46.75 146.67 -71.25
C ALA FA 220 46.04 145.64 -72.10
N LYS FA 221 46.40 145.61 -73.38
CA LYS FA 221 45.91 144.62 -74.33
C LYS FA 221 47.11 143.76 -74.72
N ILE FA 222 47.04 142.48 -74.37
CA ILE FA 222 48.20 141.60 -74.42
C ILE FA 222 47.83 140.35 -75.21
N GLN FA 223 48.62 140.05 -76.24
CA GLN FA 223 48.42 138.83 -77.04
C GLN FA 223 49.73 138.05 -77.04
N LEU FA 224 49.81 137.02 -76.19
CA LEU FA 224 50.99 136.19 -76.10
C LEU FA 224 50.68 134.75 -76.43
N ALA FA 225 51.72 134.03 -76.87
CA ALA FA 225 51.60 132.60 -77.16
C ALA FA 225 52.98 131.99 -77.03
N GLY FA 226 53.12 131.00 -76.14
CA GLY FA 226 54.41 130.36 -75.95
C GLY FA 226 54.38 129.45 -74.74
N ILE FA 227 55.57 129.10 -74.28
CA ILE FA 227 55.75 128.22 -73.13
C ILE FA 227 56.60 128.94 -72.09
N VAL FA 228 56.08 129.03 -70.86
CA VAL FA 228 56.82 129.54 -69.72
C VAL FA 228 56.90 128.45 -68.67
N ASN FA 229 57.62 128.75 -67.59
CA ASN FA 229 57.71 127.85 -66.45
C ASN FA 229 57.10 128.47 -65.20
N ARG FA 230 57.58 129.64 -64.79
CA ARG FA 230 57.00 130.36 -63.67
C ARG FA 230 56.43 131.68 -64.17
N LEU FA 231 55.16 131.92 -63.87
CA LEU FA 231 54.48 133.09 -64.39
C LEU FA 231 53.67 133.74 -63.28
N ASP FA 232 53.82 135.05 -63.14
CA ASP FA 232 53.06 135.81 -62.16
C ASP FA 232 52.45 137.01 -62.84
N VAL FA 233 51.16 137.25 -62.56
CA VAL FA 233 50.41 138.34 -63.15
C VAL FA 233 49.74 139.12 -62.03
N GLU FA 234 49.92 140.44 -62.03
CA GLU FA 234 49.22 141.36 -61.16
C GLU FA 234 48.41 142.32 -62.01
N LEU FA 235 47.11 142.39 -61.76
CA LEU FA 235 46.21 143.30 -62.46
C LEU FA 235 45.56 144.22 -61.45
N TRP FA 236 45.60 145.53 -61.71
CA TRP FA 236 45.06 146.50 -60.76
C TRP FA 236 43.63 146.92 -61.09
N ASP FA 237 43.42 147.56 -62.25
CA ASP FA 237 42.11 148.06 -62.60
C ASP FA 237 42.03 148.25 -64.10
N PHE FA 238 40.91 147.79 -64.68
CA PHE FA 238 40.59 147.93 -66.11
C PHE FA 238 41.66 147.32 -67.01
N ALA FA 239 42.29 146.25 -66.55
CA ALA FA 239 43.29 145.53 -67.31
C ALA FA 239 42.62 144.34 -67.98
N GLN FA 240 43.04 144.04 -69.21
CA GLN FA 240 42.46 142.96 -70.01
C GLN FA 240 43.59 142.10 -70.54
N PHE FA 241 44.04 141.14 -69.74
CA PHE FA 241 45.14 140.26 -70.12
C PHE FA 241 44.57 138.98 -70.72
N LYS FA 242 44.94 138.71 -71.97
CA LYS FA 242 44.53 137.48 -72.64
C LYS FA 242 45.78 136.65 -72.96
N GLY FA 243 46.17 135.80 -72.02
CA GLY FA 243 47.25 134.87 -72.30
C GLY FA 243 46.73 133.56 -72.84
N LYS FA 244 45.81 133.62 -73.80
CA LYS FA 244 45.33 132.42 -74.45
C LYS FA 244 46.43 131.84 -75.34
N TYR FA 245 46.41 130.50 -75.48
CA TYR FA 245 47.44 129.71 -76.17
C TYR FA 245 48.83 129.95 -75.58
N LEU FA 246 48.91 130.19 -74.27
CA LEU FA 246 50.16 130.45 -73.58
C LEU FA 246 50.19 129.58 -72.33
N ARG FA 247 51.11 128.63 -72.29
CA ARG FA 247 51.10 127.57 -71.28
C ARG FA 247 52.29 127.74 -70.34
N ALA FA 248 52.01 127.90 -69.06
CA ALA FA 248 53.03 127.98 -68.02
C ALA FA 248 52.74 126.93 -66.96
N GLN FA 249 53.80 126.26 -66.49
CA GLN FA 249 53.64 125.16 -65.54
C GLN FA 249 53.19 125.68 -64.18
N ARG FA 250 53.72 126.82 -63.76
CA ARG FA 250 53.33 127.45 -62.50
C ARG FA 250 52.75 128.81 -62.82
N SER FA 251 51.52 129.05 -62.36
CA SER FA 251 50.83 130.30 -62.64
C SER FA 251 50.27 130.88 -61.35
N PHE FA 252 50.51 132.17 -61.15
CA PHE FA 252 50.03 132.88 -59.97
C PHE FA 252 49.41 134.20 -60.41
N VAL FA 253 48.11 134.33 -60.19
CA VAL FA 253 47.34 135.48 -60.66
C VAL FA 253 46.75 136.21 -59.48
N LYS FA 254 47.00 137.51 -59.40
CA LYS FA 254 46.39 138.37 -58.39
C LYS FA 254 45.70 139.53 -59.09
N THR FA 255 44.39 139.63 -58.92
CA THR FA 255 43.59 140.63 -59.61
C THR FA 255 42.82 141.45 -58.58
N HIS FA 256 42.92 142.76 -58.70
CA HIS FA 256 42.15 143.70 -57.90
C HIS FA 256 40.88 144.07 -58.67
N ASP FA 257 40.24 145.17 -58.29
CA ASP FA 257 38.92 145.56 -58.80
C ASP FA 257 38.93 145.78 -60.30
N LYS FA 258 37.94 145.19 -60.98
CA LYS FA 258 37.65 145.34 -62.41
C LYS FA 258 38.85 144.93 -63.27
N SER FA 259 39.14 143.63 -63.21
CA SER FA 259 40.22 143.05 -63.98
C SER FA 259 39.71 141.89 -64.81
N VAL FA 260 40.37 141.63 -65.93
CA VAL FA 260 40.02 140.54 -66.83
C VAL FA 260 41.29 139.75 -67.10
N ALA FA 261 41.26 138.45 -66.80
CA ALA FA 261 42.40 137.57 -67.00
C ALA FA 261 41.96 136.32 -67.73
N GLU FA 262 42.71 135.94 -68.75
CA GLU FA 262 42.48 134.72 -69.52
C GLU FA 262 43.74 133.88 -69.45
N ILE FA 263 43.65 132.71 -68.82
CA ILE FA 263 44.80 131.87 -68.51
C ILE FA 263 44.66 130.54 -69.25
N SER FA 264 45.81 129.95 -69.56
CA SER FA 264 45.87 128.64 -70.23
C SER FA 264 46.90 127.74 -69.53
N ALA FA 265 46.83 127.69 -68.20
CA ALA FA 265 47.81 126.95 -67.40
C ALA FA 265 47.66 125.45 -67.60
N VAL FA 266 48.73 124.73 -67.27
CA VAL FA 266 48.84 123.29 -67.54
C VAL FA 266 49.00 122.49 -66.26
N ASN FA 267 49.94 122.89 -65.40
CA ASN FA 267 50.33 122.06 -64.27
C ASN FA 267 49.84 122.59 -62.93
N HIS FA 268 50.17 123.84 -62.59
CA HIS FA 268 49.82 124.39 -61.29
C HIS FA 268 49.22 125.78 -61.46
N GLN FA 269 48.04 125.97 -60.87
CA GLN FA 269 47.25 127.18 -61.06
C GLN FA 269 46.86 127.76 -59.72
N SER FA 270 47.18 129.03 -59.49
CA SER FA 270 46.79 129.74 -58.29
C SER FA 270 46.20 131.08 -58.69
N SER FA 271 45.02 131.40 -58.17
CA SER FA 271 44.32 132.60 -58.60
C SER FA 271 43.60 133.24 -57.42
N LEU FA 272 43.72 134.56 -57.32
CA LEU FA 272 43.04 135.34 -56.32
C LEU FA 272 42.42 136.57 -56.97
N ALA FA 273 41.15 136.81 -56.68
CA ALA FA 273 40.43 137.97 -57.20
C ALA FA 273 39.76 138.69 -56.03
N THR FA 274 39.99 139.99 -55.92
CA THR FA 274 39.42 140.74 -54.80
C THR FA 274 37.93 140.99 -55.02
N ASP FA 275 37.60 141.75 -56.07
CA ASP FA 275 36.23 142.07 -56.39
C ASP FA 275 36.17 142.43 -57.86
N ALA FA 276 35.01 142.18 -58.46
CA ALA FA 276 34.66 142.58 -59.84
C ALA FA 276 35.64 142.06 -60.89
N SER FA 277 36.34 140.98 -60.59
CA SER FA 277 37.41 140.49 -61.45
C SER FA 277 36.95 139.18 -62.07
N ASP FA 278 37.21 139.03 -63.37
CA ASP FA 278 36.88 137.81 -64.09
C ASP FA 278 38.17 137.11 -64.46
N ILE FA 279 38.29 135.85 -64.03
CA ILE FA 279 39.42 135.00 -64.36
C ILE FA 279 38.87 133.79 -65.08
N TYR FA 280 39.40 133.50 -66.26
CA TYR FA 280 38.92 132.39 -67.08
C TYR FA 280 40.06 131.43 -67.35
N TYR FA 281 39.96 130.21 -66.84
CA TYR FA 281 40.98 129.19 -67.05
C TYR FA 281 40.53 128.31 -68.21
N TYR FA 282 41.39 128.15 -69.21
CA TYR FA 282 41.00 127.51 -70.46
C TYR FA 282 41.69 126.18 -70.68
N ASN FA 283 42.22 125.57 -69.62
CA ASN FA 283 42.77 124.23 -69.72
C ASN FA 283 42.63 123.57 -68.36
N LEU FA 284 42.25 122.29 -68.37
CA LEU FA 284 41.99 121.56 -67.14
C LEU FA 284 43.33 121.18 -66.53
N SER FA 285 43.84 122.07 -65.67
CA SER FA 285 45.13 121.86 -65.04
C SER FA 285 45.02 120.79 -63.95
N LYS FA 286 46.16 120.19 -63.62
CA LYS FA 286 46.19 119.14 -62.61
C LYS FA 286 45.94 119.71 -61.22
N THR FA 287 46.62 120.79 -60.87
CA THR FA 287 46.51 121.40 -59.55
C THR FA 287 45.88 122.77 -59.68
N ARG FA 288 44.80 122.99 -58.94
CA ARG FA 288 43.96 124.17 -59.08
C ARG FA 288 43.66 124.74 -57.70
N ALA FA 289 43.86 126.05 -57.54
CA ALA FA 289 43.49 126.74 -56.31
C ALA FA 289 43.00 128.13 -56.66
N ASP FA 290 41.75 128.43 -56.32
CA ASP FA 290 41.09 129.67 -56.70
C ASP FA 290 40.40 130.29 -55.50
N PHE FA 291 40.49 131.62 -55.38
CA PHE FA 291 39.85 132.31 -54.27
C PHE FA 291 39.33 133.66 -54.72
N MET FA 292 38.11 133.99 -54.28
CA MET FA 292 37.50 135.30 -54.48
C MET FA 292 37.20 135.92 -53.12
N ALA FA 293 37.39 137.23 -53.04
CA ALA FA 293 37.25 137.96 -51.78
C ALA FA 293 35.89 138.65 -51.66
N PHE FA 294 35.56 139.55 -52.57
CA PHE FA 294 34.26 140.23 -52.52
C PHE FA 294 33.39 139.86 -53.71
N ASN FA 295 33.86 140.07 -54.94
CA ASN FA 295 33.04 139.82 -56.12
C ASN FA 295 33.83 139.19 -57.26
N GLY FA 296 34.91 138.48 -56.97
CA GLY FA 296 35.66 137.81 -58.00
C GLY FA 296 34.93 136.60 -58.55
N SER FA 297 35.34 136.18 -59.74
CA SER FA 297 34.67 135.08 -60.43
C SER FA 297 35.68 134.33 -61.27
N VAL FA 298 35.88 133.05 -60.97
CA VAL FA 298 36.81 132.20 -61.69
C VAL FA 298 36.01 131.14 -62.42
N LEU FA 299 36.11 131.14 -63.75
CA LEU FA 299 35.22 130.36 -64.60
C LEU FA 299 36.02 129.60 -65.65
N ASP FA 300 35.44 128.47 -66.08
CA ASP FA 300 36.10 127.61 -67.04
C ASP FA 300 35.90 128.13 -68.46
N MET FA 301 34.64 128.42 -68.83
CA MET FA 301 34.28 129.10 -70.08
C MET FA 301 34.72 128.33 -71.32
N ARG FA 302 34.63 127.01 -71.27
CA ARG FA 302 34.91 126.20 -72.44
C ARG FA 302 33.62 125.94 -73.21
N GLU FA 303 33.69 125.04 -74.20
CA GLU FA 303 32.57 124.84 -75.11
C GLU FA 303 31.64 123.70 -74.71
N TRP FA 304 32.07 122.83 -73.79
CA TRP FA 304 31.32 121.66 -73.31
C TRP FA 304 30.92 120.71 -74.43
N GLY FA 305 31.73 120.65 -75.48
CA GLY FA 305 31.36 119.87 -76.64
C GLY FA 305 32.55 119.20 -77.30
N GLN FA 306 33.70 119.23 -76.63
CA GLN FA 306 34.89 118.60 -77.19
C GLN FA 306 34.74 117.08 -77.16
N SER FA 307 35.09 116.44 -78.28
CA SER FA 307 34.92 115.01 -78.45
C SER FA 307 35.83 114.17 -77.55
N ASP FA 308 36.88 114.78 -76.98
CA ASP FA 308 37.77 114.07 -76.08
C ASP FA 308 38.07 114.91 -74.85
N LEU FA 309 37.05 115.61 -74.35
CA LEU FA 309 37.22 116.41 -73.15
C LEU FA 309 37.28 115.51 -71.92
N LYS FA 310 38.27 115.75 -71.07
CA LYS FA 310 38.43 114.97 -69.85
C LYS FA 310 37.75 115.67 -68.68
N ASP FA 311 37.46 114.89 -67.65
CA ASP FA 311 36.90 115.40 -66.41
C ASP FA 311 38.01 115.49 -65.37
N PHE FA 312 37.65 115.86 -64.15
CA PHE FA 312 38.60 115.96 -63.06
C PHE FA 312 38.54 114.71 -62.20
N ASP FA 313 39.49 114.62 -61.28
CA ASP FA 313 39.62 113.45 -60.42
C ASP FA 313 39.63 113.88 -58.96
N ARG FA 314 40.00 112.94 -58.08
CA ARG FA 314 39.99 113.20 -56.64
C ARG FA 314 41.02 114.24 -56.22
N TYR FA 315 42.05 114.45 -57.03
CA TYR FA 315 43.07 115.44 -56.71
C TYR FA 315 42.71 116.84 -57.18
N ASN FA 316 41.73 116.97 -58.07
CA ASN FA 316 41.49 118.24 -58.73
C ASN FA 316 40.17 118.89 -58.36
N LYS FA 317 39.27 118.18 -57.69
CA LYS FA 317 37.92 118.67 -57.43
C LYS FA 317 37.96 119.69 -56.31
N GLN FA 318 38.12 120.95 -56.67
CA GLN FA 318 37.98 122.06 -55.73
C GLN FA 318 36.68 122.79 -56.03
N PHE FA 319 35.87 122.97 -55.00
CA PHE FA 319 34.52 123.47 -55.19
C PHE FA 319 34.46 124.94 -54.79
N PRO FA 320 34.23 125.86 -55.73
CA PRO FA 320 34.09 127.28 -55.43
C PRO FA 320 32.74 127.64 -54.83
N ASP GA 39 0.23 107.92 -32.62
CA ASP GA 39 -1.03 107.69 -33.31
C ASP GA 39 -1.63 109.00 -33.82
N GLY GA 40 -1.14 110.11 -33.31
CA GLY GA 40 -1.54 111.41 -33.82
C GLY GA 40 -0.73 111.75 -35.05
N CYS GA 41 -1.34 111.60 -36.23
CA CYS GA 41 -0.60 111.63 -37.48
C CYS GA 41 -0.98 112.81 -38.36
N CYS GA 42 -2.27 112.99 -38.63
CA CYS GA 42 -2.69 114.12 -39.46
C CYS GA 42 -3.03 115.34 -38.61
N SER GA 43 -2.13 115.72 -37.72
CA SER GA 43 -2.35 116.90 -36.90
C SER GA 43 -1.99 118.15 -37.70
N LYS GA 44 -2.58 119.27 -37.27
CA LYS GA 44 -2.57 120.55 -37.99
C LYS GA 44 -3.11 120.39 -39.41
N MET GA 45 -4.06 119.48 -39.57
CA MET GA 45 -4.69 119.15 -40.83
C MET GA 45 -6.12 118.74 -40.51
N GLY GA 46 -6.78 118.09 -41.45
CA GLY GA 46 -8.16 117.71 -41.23
C GLY GA 46 -8.37 116.49 -40.38
N GLY GA 47 -7.31 115.85 -39.90
CA GLY GA 47 -7.41 114.57 -39.26
C GLY GA 47 -7.37 113.46 -40.29
N ILE GA 48 -7.36 112.23 -39.80
CA ILE GA 48 -7.21 111.06 -40.66
C ILE GA 48 -8.53 110.80 -41.37
N ASN GA 49 -8.46 110.51 -42.67
CA ASN GA 49 -9.65 110.07 -43.39
C ASN GA 49 -9.72 108.54 -43.48
N TYR GA 50 -8.75 107.90 -44.14
CA TYR GA 50 -8.80 106.46 -44.33
C TYR GA 50 -7.43 105.93 -44.70
N CYS GA 51 -7.23 104.64 -44.50
CA CYS GA 51 -5.96 104.00 -44.81
C CYS GA 51 -5.99 103.44 -46.23
N ASP GA 52 -5.15 104.00 -47.10
CA ASP GA 52 -4.88 103.38 -48.40
C ASP GA 52 -4.17 102.06 -48.15
N SER GA 53 -4.90 100.96 -48.36
CA SER GA 53 -4.33 99.64 -48.17
C SER GA 53 -3.40 99.25 -49.30
N SER GA 54 -3.64 99.78 -50.51
CA SER GA 54 -2.69 99.57 -51.59
C SER GA 54 -1.38 100.29 -51.34
N ALA GA 55 -1.44 101.41 -50.63
CA ALA GA 55 -0.22 102.08 -50.17
C ALA GA 55 0.21 101.60 -48.80
N GLY GA 56 -0.70 101.04 -48.00
CA GLY GA 56 -0.38 100.72 -46.62
C GLY GA 56 -0.16 101.95 -45.78
N ARG GA 57 -0.74 103.08 -46.18
CA ARG GA 57 -0.45 104.37 -45.57
C ARG GA 57 -1.74 105.11 -45.30
N LEU GA 58 -1.73 105.89 -44.23
CA LEU GA 58 -2.91 106.69 -43.92
C LEU GA 58 -3.02 107.87 -44.88
N VAL GA 59 -4.25 108.26 -45.17
CA VAL GA 59 -4.58 109.42 -45.99
C VAL GA 59 -5.48 110.29 -45.13
N CYS GA 60 -5.07 111.54 -44.95
CA CYS GA 60 -5.74 112.46 -44.05
C CYS GA 60 -7.02 112.99 -44.66
N ASN GA 61 -7.80 113.70 -43.84
CA ASN GA 61 -8.89 114.49 -44.39
C ASN GA 61 -8.37 115.64 -45.21
N ASN GA 62 -7.24 116.21 -44.84
CA ASN GA 62 -6.48 117.02 -45.77
C ASN GA 62 -5.90 116.13 -46.85
N GLY GA 63 -5.86 116.64 -48.08
CA GLY GA 63 -5.50 115.80 -49.21
C GLY GA 63 -4.02 115.47 -49.32
N PHE GA 64 -3.49 114.72 -48.36
CA PHE GA 64 -2.08 114.34 -48.39
C PHE GA 64 -1.92 112.94 -47.82
N TYR GA 65 -0.83 112.30 -48.19
CA TYR GA 65 -0.46 111.01 -47.63
C TYR GA 65 0.18 111.21 -46.26
N SER GA 66 -0.35 110.53 -45.25
CA SER GA 66 0.17 110.68 -43.91
C SER GA 66 1.44 109.86 -43.72
N THR GA 67 2.12 110.11 -42.62
CA THR GA 67 3.40 109.49 -42.34
C THR GA 67 3.27 108.17 -41.61
N CYS GA 68 2.23 108.01 -40.78
CA CYS GA 68 2.09 106.78 -40.02
C CYS GA 68 1.63 105.63 -40.91
N TYR GA 69 2.02 104.42 -40.52
CA TYR GA 69 1.69 103.21 -41.24
C TYR GA 69 0.43 102.58 -40.66
N CYS GA 70 -0.35 101.92 -41.53
CA CYS GA 70 -1.50 101.16 -41.07
C CYS GA 70 -1.38 99.67 -41.32
N THR GA 71 -0.88 99.25 -42.48
CA THR GA 71 -0.74 97.83 -42.78
C THR GA 71 0.72 97.43 -42.68
N ARG GA 72 0.96 96.15 -42.41
CA ARG GA 72 2.33 95.67 -42.30
C ARG GA 72 2.94 95.29 -43.64
N HIS GA 73 2.20 95.43 -44.74
CA HIS GA 73 2.76 95.23 -46.07
C HIS GA 73 3.29 96.54 -46.66
N ALA GA 74 4.13 97.25 -45.90
CA ALA GA 74 4.59 98.56 -46.32
C ALA GA 74 6.11 98.62 -46.16
N VAL GA 75 6.70 99.68 -46.70
CA VAL GA 75 8.15 99.83 -46.75
C VAL GA 75 8.57 100.57 -45.48
N MET GA 76 8.82 99.80 -44.43
CA MET GA 76 9.50 100.31 -43.24
C MET GA 76 10.95 99.88 -43.33
N ASP GA 77 11.87 100.84 -43.26
CA ASP GA 77 13.29 100.58 -43.46
C ASP GA 77 13.85 99.88 -42.22
N LEU GA 78 13.59 98.58 -42.14
CA LEU GA 78 14.02 97.77 -41.01
C LEU GA 78 15.31 97.06 -41.41
N GLN GA 79 16.43 97.57 -40.93
CA GLN GA 79 17.73 97.00 -41.24
C GLN GA 79 18.38 96.33 -40.03
N PHE GA 80 17.72 96.34 -38.88
CA PHE GA 80 18.23 95.69 -37.68
C PHE GA 80 17.12 94.89 -37.02
N LEU GA 81 17.45 93.66 -36.60
CA LEU GA 81 16.48 92.84 -35.90
C LEU GA 81 17.22 91.82 -35.04
N MET GA 82 16.50 91.27 -34.07
CA MET GA 82 17.06 90.31 -33.12
C MET GA 82 16.84 88.90 -33.64
N GLY GA 83 17.08 87.91 -32.78
CA GLY GA 83 16.87 86.52 -33.14
C GLY GA 83 18.17 85.82 -33.50
N CYS GA 84 18.39 84.63 -32.96
CA CYS GA 84 19.61 83.90 -33.27
C CYS GA 84 19.34 82.79 -34.29
N CYS GA 85 20.42 82.11 -34.69
CA CYS GA 85 20.46 81.19 -35.84
C CYS GA 85 19.97 81.86 -37.12
N LEU GA 86 20.31 83.13 -37.29
CA LEU GA 86 19.93 83.88 -38.46
C LEU GA 86 20.98 83.72 -39.55
N TRP GA 87 20.56 83.98 -40.80
CA TRP GA 87 21.30 83.67 -42.02
C TRP GA 87 21.68 82.19 -42.06
N HIS GA 88 20.76 81.35 -41.60
CA HIS GA 88 21.00 79.92 -41.44
C HIS GA 88 19.66 79.23 -41.62
N GLY GA 89 19.58 77.98 -41.15
CA GLY GA 89 18.34 77.24 -41.25
C GLY GA 89 17.32 77.56 -40.18
N GLY GA 90 17.52 78.61 -39.41
CA GLY GA 90 16.67 78.89 -38.27
C GLY GA 90 17.11 78.09 -37.08
N VAL GA 91 16.38 78.26 -35.98
CA VAL GA 91 16.66 77.53 -34.76
C VAL GA 91 16.09 76.13 -34.88
N TYR GA 92 16.92 75.12 -34.63
CA TYR GA 92 16.48 73.73 -34.67
C TYR GA 92 15.51 73.48 -33.52
N PRO GA 93 14.29 73.02 -33.78
CA PRO GA 93 13.28 72.90 -32.73
C PRO GA 93 13.34 71.62 -31.91
N GLN GA 94 14.42 70.85 -31.99
CA GLN GA 94 14.48 69.62 -31.20
C GLN GA 94 14.74 69.95 -29.74
N LEU GA 95 14.43 68.99 -28.89
CA LEU GA 95 14.62 69.12 -27.45
C LEU GA 95 15.91 68.45 -27.04
N ASN GA 96 16.84 69.23 -26.49
CA ASN GA 96 18.17 68.76 -26.13
C ASN GA 96 18.39 68.96 -24.64
N SER GA 97 19.01 67.96 -24.01
CA SER GA 97 19.31 68.05 -22.58
C SER GA 97 20.33 69.13 -22.28
N SER GA 98 21.37 69.24 -23.11
CA SER GA 98 22.43 70.21 -22.88
C SER GA 98 21.98 71.62 -23.28
N GLY GA 99 22.77 72.60 -22.87
CA GLY GA 99 22.42 73.98 -23.12
C GLY GA 99 22.75 74.49 -24.50
N LEU GA 100 23.43 73.69 -25.32
CA LEU GA 100 23.75 74.11 -26.68
C LEU GA 100 22.51 74.12 -27.55
N VAL GA 101 22.44 75.09 -28.45
CA VAL GA 101 21.36 75.20 -29.43
C VAL GA 101 21.99 75.25 -30.82
N VAL GA 102 21.55 74.35 -31.70
CA VAL GA 102 22.12 74.25 -33.03
C VAL GA 102 21.14 74.85 -34.03
N CYS GA 103 21.65 75.23 -35.19
CA CYS GA 103 20.83 75.68 -36.29
C CYS GA 103 20.59 74.53 -37.26
N ASN GA 104 19.55 74.70 -38.09
CA ASN GA 104 19.12 73.60 -38.96
C ASN GA 104 20.08 73.35 -40.12
N ASP GA 105 20.90 74.33 -40.48
CA ASP GA 105 21.84 74.16 -41.57
C ASP GA 105 23.18 73.57 -41.11
N GLY GA 106 23.32 73.27 -39.82
CA GLY GA 106 24.56 72.75 -39.29
C GLY GA 106 25.39 73.74 -38.52
N TYR GA 107 25.04 75.02 -38.54
CA TYR GA 107 25.76 76.01 -37.76
C TYR GA 107 25.42 75.86 -36.28
N VAL GA 108 26.41 76.12 -35.43
CA VAL GA 108 26.26 75.98 -33.98
C VAL GA 108 26.11 77.37 -33.38
N SER GA 109 25.00 77.61 -32.70
CA SER GA 109 24.71 78.91 -32.10
C SER GA 109 25.08 78.90 -30.62
N GLU GA 110 26.38 78.83 -30.38
CA GLU GA 110 26.88 78.79 -29.00
C GLU GA 110 26.74 80.13 -28.30
N GLU GA 111 26.65 81.23 -29.04
CA GLU GA 111 26.44 82.54 -28.41
C GLU GA 111 25.00 82.68 -27.94
N CYS GA 112 24.05 82.13 -28.68
CA CYS GA 112 22.68 82.04 -28.19
C CYS GA 112 22.59 81.01 -27.06
N SER GA 113 23.43 79.98 -27.11
CA SER GA 113 23.51 79.03 -26.02
C SER GA 113 24.22 79.64 -24.82
N LEU GA 114 24.09 78.96 -23.68
CA LEU GA 114 24.82 79.31 -22.48
C LEU GA 114 25.92 78.28 -22.24
N GLN GA 115 27.03 78.74 -21.67
CA GLN GA 115 28.19 77.91 -21.43
C GLN GA 115 28.60 78.00 -19.97
N LYS GA 116 29.36 77.01 -19.52
CA LYS GA 116 29.90 77.01 -18.16
C LYS GA 116 31.22 76.25 -18.11
N UNK HA 1 12.37 114.77 -62.90
CA UNK HA 1 11.11 115.47 -63.11
C UNK HA 1 11.32 116.76 -63.88
N UNK HA 2 11.84 117.78 -63.18
CA UNK HA 2 12.19 119.09 -63.74
C UNK HA 2 10.99 119.76 -64.42
N UNK HA 3 9.84 119.72 -63.75
CA UNK HA 3 8.63 120.30 -64.33
C UNK HA 3 7.70 120.78 -63.23
N UNK HA 4 7.23 122.01 -63.36
CA UNK HA 4 6.27 122.59 -62.44
C UNK HA 4 4.88 122.70 -63.04
N UNK HA 5 4.79 123.15 -64.29
CA UNK HA 5 3.52 123.31 -64.98
C UNK HA 5 3.66 122.81 -66.40
N UNK HA 6 2.57 122.24 -66.93
CA UNK HA 6 2.54 121.83 -68.32
C UNK HA 6 2.43 123.06 -69.21
N UNK HA 7 3.37 123.22 -70.13
CA UNK HA 7 3.31 124.33 -71.06
C UNK HA 7 2.20 124.10 -72.08
N UNK HA 8 1.75 125.19 -72.70
CA UNK HA 8 0.77 125.12 -73.78
C UNK HA 8 1.07 126.23 -74.77
N UNK HA 9 1.84 125.90 -75.81
CA UNK HA 9 2.26 126.79 -76.90
C UNK HA 9 2.95 128.06 -76.41
N UNK IA 1 90.48 -1.02 -68.88
CA UNK IA 1 90.19 -2.26 -69.60
C UNK IA 1 89.72 -1.97 -71.02
N UNK IA 2 88.71 -1.11 -71.14
CA UNK IA 2 88.20 -0.73 -72.45
C UNK IA 2 89.19 0.19 -73.14
N UNK IA 3 89.32 0.02 -74.45
CA UNK IA 3 90.26 0.81 -75.24
C UNK IA 3 89.64 2.16 -75.57
N UNK IA 4 90.19 3.22 -74.96
CA UNK IA 4 89.61 4.56 -75.13
C UNK IA 4 89.86 5.10 -76.53
N UNK IA 5 91.05 4.85 -77.10
CA UNK IA 5 91.35 5.32 -78.44
C UNK IA 5 90.51 4.59 -79.49
N UNK IA 6 90.33 3.28 -79.33
CA UNK IA 6 89.46 2.53 -80.22
C UNK IA 6 87.99 2.95 -80.06
N UNK IA 7 87.58 3.29 -78.83
CA UNK IA 7 86.24 3.81 -78.61
C UNK IA 7 86.04 5.16 -79.28
N UNK IA 8 87.06 6.01 -79.25
CA UNK IA 8 86.99 7.30 -79.94
C UNK IA 8 86.96 7.13 -81.45
N UNK IA 9 87.71 6.15 -81.97
CA UNK IA 9 87.67 5.85 -83.39
C UNK IA 9 86.30 5.32 -83.82
N UNK IA 10 85.69 4.46 -82.98
CA UNK IA 10 84.36 3.96 -83.26
C UNK IA 10 83.31 5.06 -83.17
N UNK IA 11 83.48 5.99 -82.23
CA UNK IA 11 82.56 7.13 -82.12
C UNK IA 11 82.68 8.06 -83.33
N UNK IA 12 83.91 8.28 -83.82
CA UNK IA 12 84.12 9.06 -85.03
C UNK IA 12 83.51 8.38 -86.24
N UNK IA 13 83.65 7.05 -86.33
CA UNK IA 13 83.05 6.31 -87.44
C UNK IA 13 81.52 6.31 -87.37
N UNK IA 14 80.97 6.30 -86.15
CA UNK IA 14 79.52 6.38 -86.00
C UNK IA 14 79.00 7.77 -86.34
N UNK IA 15 79.75 8.81 -85.96
CA UNK IA 15 79.36 10.17 -86.31
C UNK IA 15 79.48 10.44 -87.80
N UNK IA 16 80.47 9.84 -88.45
CA UNK IA 16 80.62 9.94 -89.91
C UNK IA 16 79.94 8.72 -90.54
N UNK IA 17 78.62 8.75 -90.57
CA UNK IA 17 77.85 7.66 -91.17
C UNK IA 17 78.00 7.66 -92.68
N UNK IA 18 77.87 8.83 -93.31
CA UNK IA 18 78.14 9.12 -94.72
C UNK IA 18 77.26 8.34 -95.70
N UNK IA 19 76.13 7.79 -95.24
CA UNK IA 19 75.24 7.04 -96.13
C UNK IA 19 73.84 7.03 -95.52
N UNK IA 20 72.91 7.78 -96.13
CA UNK IA 20 71.54 7.83 -95.65
C UNK IA 20 70.63 8.27 -96.78
N UNK IA 21 69.47 7.64 -96.88
CA UNK IA 21 68.45 7.99 -97.86
C UNK IA 21 67.14 8.31 -97.15
N UNK IA 22 66.46 9.36 -97.58
CA UNK IA 22 65.25 9.82 -96.92
C UNK IA 22 64.03 9.59 -97.80
N UNK IA 23 62.87 9.48 -97.15
CA UNK IA 23 61.60 9.32 -97.82
C UNK IA 23 60.52 9.99 -96.99
N UNK IA 24 59.86 10.98 -97.58
CA UNK IA 24 58.80 11.74 -96.92
C UNK IA 24 57.44 11.37 -97.50
N UNK IA 25 56.40 11.79 -96.79
CA UNK IA 25 55.02 11.52 -97.18
C UNK IA 25 54.22 12.82 -97.22
N UNK IA 26 53.24 12.86 -98.11
CA UNK IA 26 52.37 14.00 -98.26
C UNK IA 26 51.04 13.74 -97.55
N UNK IA 27 50.08 14.64 -97.74
CA UNK IA 27 48.81 14.54 -97.03
C UNK IA 27 47.94 13.42 -97.58
N UNK IA 28 48.05 13.11 -98.88
CA UNK IA 28 47.26 12.06 -99.51
C UNK IA 28 48.01 10.75 -99.60
N UNK IA 29 48.89 10.49 -98.62
CA UNK IA 29 49.77 9.31 -98.56
C UNK IA 29 50.61 9.17 -99.83
N UNK IA 30 51.10 10.30 -100.33
CA UNK IA 30 51.98 10.32 -101.50
C UNK IA 30 53.43 10.22 -101.04
N UNK IA 31 54.14 9.20 -101.53
CA UNK IA 31 55.50 8.93 -101.12
C UNK IA 31 56.48 9.67 -102.00
N UNK IA 32 57.58 10.14 -101.41
CA UNK IA 32 58.64 10.81 -102.15
C UNK IA 32 59.97 10.46 -101.48
N UNK IA 33 60.69 9.52 -102.07
CA UNK IA 33 62.03 9.20 -101.60
C UNK IA 33 63.06 9.98 -102.43
N UNK IA 34 64.02 10.55 -101.74
CA UNK IA 34 65.00 11.45 -102.35
C UNK IA 34 66.33 10.74 -102.56
N UNK IA 35 67.30 11.50 -103.05
CA UNK IA 35 68.63 10.96 -103.30
C UNK IA 35 69.35 10.70 -101.98
N UNK IA 36 70.26 9.73 -102.02
CA UNK IA 36 71.01 9.35 -100.82
C UNK IA 36 72.03 10.43 -100.49
N UNK IA 37 71.93 10.98 -99.28
CA UNK IA 37 72.79 12.10 -98.89
C UNK IA 37 73.41 11.85 -97.52
N UNK IA 38 74.09 12.87 -96.99
CA UNK IA 38 74.78 12.87 -95.69
C UNK IA 38 75.79 11.73 -95.55
N UNK IA 39 52.09 15.52 -90.85
CA UNK IA 39 52.34 14.32 -91.66
C UNK IA 39 53.25 14.65 -92.85
N UNK IA 40 53.88 15.82 -92.80
CA UNK IA 40 54.75 16.24 -93.89
C UNK IA 40 56.04 15.44 -93.93
N UNK IA 41 56.55 15.06 -92.76
CA UNK IA 41 57.77 14.26 -92.69
C UNK IA 41 57.75 13.46 -91.40
N UNK IA 42 58.15 12.21 -91.50
CA UNK IA 42 58.29 11.37 -90.31
C UNK IA 42 59.52 11.78 -89.52
N UNK IA 43 59.50 11.49 -88.22
CA UNK IA 43 60.71 11.60 -87.43
C UNK IA 43 61.74 10.58 -87.88
N UNK IA 44 61.28 9.40 -88.28
CA UNK IA 44 62.12 8.35 -88.84
C UNK IA 44 62.04 8.31 -90.36
N UNK IA 45 61.92 9.47 -91.00
CA UNK IA 45 61.79 9.51 -92.46
C UNK IA 45 63.10 9.15 -93.14
N UNK IA 46 64.22 9.25 -92.44
CA UNK IA 46 65.51 8.88 -93.00
C UNK IA 46 65.83 7.43 -92.68
N UNK IA 47 66.78 6.88 -93.43
CA UNK IA 47 67.29 5.52 -93.21
C UNK IA 47 68.77 5.51 -93.53
N UNK IA 48 69.59 5.19 -92.54
CA UNK IA 48 71.04 5.18 -92.70
C UNK IA 48 71.61 3.79 -92.51
N LYS JA 24 24.89 131.46 -40.13
CA LYS JA 24 25.34 131.76 -38.77
C LYS JA 24 25.92 130.52 -38.13
N PHE JA 25 25.75 129.38 -38.79
CA PHE JA 25 26.33 128.13 -38.33
C PHE JA 25 26.80 127.30 -39.52
N LYS JA 26 28.06 126.91 -39.50
CA LYS JA 26 28.66 126.08 -40.54
C LYS JA 26 28.66 124.64 -40.00
N LYS JA 27 27.54 123.97 -40.14
CA LYS JA 27 27.42 122.63 -39.61
C LYS JA 27 28.24 121.67 -40.47
N PRO JA 28 28.99 120.75 -39.86
CA PRO JA 28 29.79 119.82 -40.64
C PRO JA 28 28.92 118.77 -41.29
N PRO JA 29 29.45 118.06 -42.29
CA PRO JA 29 28.74 116.88 -42.80
C PRO JA 29 28.52 115.84 -41.73
N ILE JA 30 27.35 115.21 -41.77
CA ILE JA 30 26.95 114.29 -40.71
C ILE JA 30 27.76 112.99 -40.81
N ASN JA 31 27.91 112.46 -42.02
CA ASN JA 31 28.66 111.22 -42.20
C ASN JA 31 30.15 111.50 -42.42
N ASN JA 32 30.75 112.28 -41.54
CA ASN JA 32 32.17 112.55 -41.66
C ASN JA 32 32.97 111.40 -41.07
N PRO JA 33 34.08 111.05 -41.70
CA PRO JA 33 34.95 110.03 -41.11
C PRO JA 33 35.76 110.60 -39.94
N SER JA 34 35.14 110.64 -38.77
CA SER JA 34 35.73 111.29 -37.59
C SER JA 34 36.43 110.29 -36.68
N ASP JA 35 37.12 109.32 -37.26
CA ASP JA 35 37.92 108.37 -36.49
C ASP JA 35 39.02 107.83 -37.39
N ASP JA 36 40.14 107.45 -36.78
CA ASP JA 36 41.28 106.96 -37.53
C ASP JA 36 41.00 105.61 -38.18
N ALA JA 37 40.29 104.73 -37.46
CA ALA JA 37 39.87 103.47 -38.05
C ALA JA 37 38.91 103.71 -39.19
N THR JA 38 38.04 104.72 -39.05
CA THR JA 38 37.10 105.07 -40.11
C THR JA 38 37.82 105.58 -41.35
N ILE JA 39 38.83 106.45 -41.17
CA ILE JA 39 39.50 106.99 -42.35
C ILE JA 39 40.36 105.92 -43.00
N LYS JA 40 40.92 104.99 -42.21
CA LYS JA 40 41.65 103.88 -42.80
C LYS JA 40 40.73 102.96 -43.58
N LEU JA 41 39.54 102.69 -43.04
CA LEU JA 41 38.56 101.84 -43.72
C LEU JA 41 38.07 102.48 -45.01
N ALA JA 42 37.75 103.77 -44.97
CA ALA JA 42 37.23 104.45 -46.14
C ALA JA 42 38.31 104.61 -47.21
N GLU JA 43 39.55 104.88 -46.78
CA GLU JA 43 40.65 104.96 -47.72
C GLU JA 43 40.92 103.62 -48.38
N ALA JA 44 40.84 102.54 -47.60
CA ALA JA 44 41.04 101.20 -48.16
C ALA JA 44 39.93 100.86 -49.13
N ALA JA 45 38.70 101.30 -48.84
CA ALA JA 45 37.59 101.10 -49.77
C ALA JA 45 37.82 101.86 -51.07
N VAL JA 46 38.34 103.09 -50.97
CA VAL JA 46 38.63 103.90 -52.16
C VAL JA 46 39.69 103.21 -53.01
N SER JA 47 40.75 102.73 -52.35
CA SER JA 47 41.85 102.08 -53.05
C SER JA 47 41.41 100.79 -53.71
N VAL JA 48 40.62 99.98 -53.01
CA VAL JA 48 40.21 98.70 -53.59
C VAL JA 48 39.20 98.91 -54.69
N SER JA 49 38.37 99.96 -54.61
CA SER JA 49 37.46 100.29 -55.70
C SER JA 49 38.23 100.72 -56.93
N ASP JA 50 39.27 101.53 -56.75
CA ASP JA 50 40.10 101.95 -57.87
C ASP JA 50 40.83 100.76 -58.50
N SER JA 51 41.37 99.87 -57.68
CA SER JA 51 42.14 98.76 -58.20
C SER JA 51 41.23 97.74 -58.91
N MET JA 52 40.05 97.50 -58.36
CA MET JA 52 39.08 96.64 -59.02
C MET JA 52 38.61 97.25 -60.33
N LEU JA 53 38.44 98.57 -60.35
CA LEU JA 53 38.11 99.29 -61.58
C LEU JA 53 39.20 99.13 -62.63
N GLU JA 54 40.47 99.21 -62.21
CA GLU JA 54 41.58 99.04 -63.14
C GLU JA 54 41.64 97.63 -63.70
N MET JA 55 41.40 96.63 -62.84
CA MET JA 55 41.38 95.24 -63.31
C MET JA 55 40.25 95.01 -64.30
N ALA JA 56 39.06 95.55 -64.02
CA ALA JA 56 37.95 95.42 -64.95
C ALA JA 56 38.21 96.16 -66.25
N LYS JA 57 38.86 97.33 -66.16
CA LYS JA 57 39.16 98.12 -67.34
C LYS JA 57 40.16 97.43 -68.25
N VAL JA 58 41.18 96.82 -67.67
CA VAL JA 58 42.12 96.06 -68.50
C VAL JA 58 41.54 94.72 -68.93
N GLU JA 59 40.49 94.24 -68.26
CA GLU JA 59 39.94 92.96 -68.64
C GLU JA 59 38.92 93.06 -69.77
N LYS JA 60 38.07 94.09 -69.76
CA LYS JA 60 36.99 94.18 -70.71
C LYS JA 60 37.50 94.58 -72.08
N VAL JA 61 37.09 93.82 -73.10
CA VAL JA 61 37.50 94.06 -74.48
C VAL JA 61 36.24 94.10 -75.35
N ILE JA 62 36.10 95.17 -76.14
CA ILE JA 62 34.93 95.38 -76.97
C ILE JA 62 35.38 95.78 -78.36
N THR JA 63 34.41 95.85 -79.27
CA THR JA 63 34.54 96.08 -80.70
C THR JA 63 34.54 97.58 -81.01
N PRO JA 64 35.35 98.01 -81.98
CA PRO JA 64 35.25 99.38 -82.49
C PRO JA 64 34.04 99.54 -83.38
N PRO JA 65 33.58 100.77 -83.60
CA PRO JA 65 32.49 100.99 -84.57
C PRO JA 65 32.94 100.91 -86.02
N SER JA 66 34.20 100.60 -86.29
CA SER JA 66 34.65 100.40 -87.67
C SER JA 66 34.14 99.07 -88.22
N LYS JA 67 34.18 98.01 -87.41
CA LYS JA 67 33.87 96.67 -87.87
C LYS JA 67 32.74 96.04 -87.05
N ASP JA 68 31.84 96.86 -86.53
CA ASP JA 68 30.72 96.33 -85.77
C ASP JA 68 29.69 95.72 -86.71
N ASN JA 69 29.29 94.48 -86.43
CA ASN JA 69 28.36 93.76 -87.28
C ASN JA 69 26.93 93.94 -86.76
N THR JA 70 26.51 95.19 -86.70
CA THR JA 70 25.15 95.55 -86.32
C THR JA 70 24.48 96.22 -87.51
N LEU JA 71 23.26 95.81 -87.82
CA LEU JA 71 22.57 96.35 -88.98
C LEU JA 71 22.08 97.76 -88.70
N THR JA 72 22.41 98.68 -89.59
CA THR JA 72 22.02 100.06 -89.40
C THR JA 72 20.55 100.26 -89.75
N ILE JA 73 20.05 101.42 -89.39
CA ILE JA 73 18.66 101.77 -89.70
C ILE JA 73 18.57 102.17 -91.17
N PRO JA 74 17.68 101.53 -91.95
CA PRO JA 74 17.57 101.88 -93.38
C PRO JA 74 16.90 103.22 -93.64
N ASN JA 75 16.27 103.82 -92.63
CA ASN JA 75 15.66 105.16 -92.63
C ASN JA 75 14.72 105.42 -93.82
N ALA JA 76 14.01 104.38 -94.25
CA ALA JA 76 13.03 104.56 -95.31
C ALA JA 76 11.77 105.22 -94.75
N TYR JA 77 10.91 105.65 -95.67
CA TYR JA 77 9.69 106.36 -95.28
C TYR JA 77 8.69 105.42 -94.60
N ASN JA 78 8.46 104.26 -95.18
CA ASN JA 78 7.40 103.38 -94.72
C ASN JA 78 7.77 102.62 -93.45
N LEU JA 79 9.03 102.63 -93.06
CA LEU JA 79 9.51 101.85 -91.93
C LEU JA 79 9.48 102.62 -90.63
N GLN JA 80 8.65 103.67 -90.53
CA GLN JA 80 8.61 104.52 -89.36
C GLN JA 80 7.32 104.35 -88.57
N ALA JA 81 6.69 103.18 -88.66
CA ALA JA 81 5.41 102.95 -88.01
C ALA JA 81 5.62 102.47 -86.57
N ARG JA 82 4.59 102.68 -85.76
CA ARG JA 82 4.55 102.19 -84.39
C ARG JA 82 3.82 100.86 -84.34
N ALA JA 83 4.25 99.99 -83.43
CA ALA JA 83 3.62 98.70 -83.27
C ALA JA 83 3.82 98.20 -81.85
N SER JA 84 2.89 97.36 -81.41
CA SER JA 84 2.99 96.62 -80.16
C SER JA 84 3.03 95.15 -80.53
N VAL JA 85 4.17 94.51 -80.31
CA VAL JA 85 4.42 93.17 -80.84
C VAL JA 85 4.92 92.27 -79.72
N ASP JA 86 4.28 91.12 -79.54
CA ASP JA 86 4.77 90.05 -78.69
C ASP JA 86 4.89 88.79 -79.53
N TRP JA 87 6.05 88.14 -79.44
CA TRP JA 87 6.32 86.93 -80.20
C TRP JA 87 7.42 86.16 -79.49
N SER JA 88 7.31 84.83 -79.53
CA SER JA 88 8.40 83.96 -79.09
C SER JA 88 8.31 82.69 -79.92
N GLY JA 89 9.06 82.63 -81.01
CA GLY JA 89 9.03 81.48 -81.88
C GLY JA 89 10.00 81.58 -83.04
N PRO JA 90 9.70 80.86 -84.13
CA PRO JA 90 10.59 80.89 -85.29
C PRO JA 90 10.59 82.23 -85.98
N ILE JA 91 11.74 82.54 -86.60
CA ILE JA 91 11.99 83.88 -87.09
C ILE JA 91 11.28 84.14 -88.41
N GLU JA 92 11.09 83.09 -89.23
CA GLU JA 92 10.74 83.26 -90.63
C GLU JA 92 9.31 83.75 -90.81
N GLU JA 93 8.37 83.16 -90.07
CA GLU JA 93 6.98 83.59 -90.16
C GLU JA 93 6.81 85.00 -89.63
N LEU JA 94 7.57 85.34 -88.58
CA LEU JA 94 7.52 86.68 -88.01
C LEU JA 94 8.02 87.72 -88.99
N THR JA 95 9.15 87.45 -89.66
CA THR JA 95 9.67 88.45 -90.57
C THR JA 95 8.88 88.52 -91.85
N ALA JA 96 8.25 87.42 -92.28
CA ALA JA 96 7.33 87.48 -93.41
C ALA JA 96 6.09 88.30 -93.07
N ARG JA 97 5.60 88.16 -91.82
CA ARG JA 97 4.48 88.98 -91.36
C ARG JA 97 4.85 90.45 -91.34
N ILE JA 98 6.06 90.76 -90.88
CA ILE JA 98 6.52 92.15 -90.84
C ILE JA 98 6.65 92.73 -92.24
N ALA JA 99 7.18 91.93 -93.18
CA ALA JA 99 7.31 92.38 -94.57
C ALA JA 99 5.95 92.62 -95.21
N LYS JA 100 4.99 91.75 -94.92
CA LYS JA 100 3.64 91.94 -95.46
C LYS JA 100 2.96 93.16 -94.84
N ALA JA 101 3.20 93.40 -93.54
CA ALA JA 101 2.60 94.57 -92.89
C ALA JA 101 3.23 95.87 -93.39
N ALA JA 102 4.52 95.84 -93.69
CA ALA JA 102 5.21 97.01 -94.20
C ALA JA 102 5.17 97.11 -95.71
N HIS JA 103 4.49 96.16 -96.38
CA HIS JA 103 4.35 96.09 -97.84
C HIS JA 103 5.72 95.97 -98.50
N PHE JA 104 6.44 94.92 -98.11
CA PHE JA 104 7.76 94.64 -98.62
C PHE JA 104 7.82 93.22 -99.14
N ARG JA 105 8.48 93.03 -100.27
CA ARG JA 105 8.76 91.70 -100.75
C ARG JA 105 9.79 91.03 -99.85
N PHE JA 106 9.65 89.73 -99.68
CA PHE JA 106 10.47 89.00 -98.74
C PHE JA 106 10.95 87.69 -99.34
N ARG JA 107 12.22 87.37 -99.13
CA ARG JA 107 12.74 86.09 -99.57
C ARG JA 107 13.82 85.62 -98.61
N VAL JA 108 14.10 84.32 -98.66
CA VAL JA 108 15.10 83.69 -97.82
C VAL JA 108 15.96 82.77 -98.68
N LEU JA 109 17.27 82.95 -98.61
CA LEU JA 109 18.22 82.07 -99.27
C LEU JA 109 19.03 81.33 -98.23
N GLY JA 110 19.35 80.08 -98.53
CA GLY JA 110 20.10 79.25 -97.61
C GLY JA 110 19.38 77.96 -97.29
N LYS JA 111 19.74 77.33 -96.19
CA LYS JA 111 19.15 76.06 -95.78
C LYS JA 111 18.60 76.17 -94.37
N SER JA 112 17.35 75.81 -94.19
CA SER JA 112 16.77 75.77 -92.87
C SER JA 112 17.30 74.56 -92.11
N PRO JA 113 17.87 74.74 -90.93
CA PRO JA 113 18.44 73.60 -90.19
C PRO JA 113 17.35 72.73 -89.59
N SER JA 114 17.79 71.60 -89.04
CA SER JA 114 16.89 70.74 -88.29
C SER JA 114 16.40 71.42 -87.02
N VAL JA 115 17.30 72.13 -86.33
CA VAL JA 115 16.92 72.96 -85.19
C VAL JA 115 16.56 74.33 -85.72
N PRO JA 116 15.32 74.78 -85.55
CA PRO JA 116 14.93 76.10 -86.06
C PRO JA 116 15.53 77.21 -85.22
N VAL JA 117 15.54 78.40 -85.78
CA VAL JA 117 16.07 79.58 -85.12
C VAL JA 117 14.97 80.19 -84.26
N LEU JA 118 15.28 80.45 -82.99
CA LEU JA 118 14.30 80.89 -82.01
C LEU JA 118 14.64 82.28 -81.52
N ILE JA 119 13.65 83.16 -81.49
CA ILE JA 119 13.80 84.51 -80.98
C ILE JA 119 12.52 84.91 -80.25
N SER JA 120 12.57 86.06 -79.57
CA SER JA 120 11.41 86.58 -78.87
C SER JA 120 11.53 88.09 -78.75
N ILE JA 121 10.41 88.78 -78.94
CA ILE JA 121 10.33 90.23 -78.84
C ILE JA 121 8.99 90.58 -78.20
N SER JA 122 9.01 91.38 -77.13
CA SER JA 122 7.78 91.83 -76.48
C SER JA 122 7.91 93.32 -76.18
N THR JA 123 7.16 94.15 -76.89
CA THR JA 123 7.22 95.58 -76.68
C THR JA 123 5.89 96.21 -77.04
N LYS JA 124 5.67 97.41 -76.50
CA LYS JA 124 4.48 98.20 -76.78
C LYS JA 124 4.68 99.24 -77.86
N ASP JA 125 5.88 99.81 -77.95
CA ASP JA 125 6.22 100.71 -79.06
C ASP JA 125 7.67 100.52 -79.43
N GLU JA 126 7.92 100.31 -80.71
CA GLU JA 126 9.26 100.13 -81.24
C GLU JA 126 9.22 100.37 -82.74
N SER JA 127 10.24 101.04 -83.27
CA SER JA 127 10.37 101.13 -84.71
C SER JA 127 10.69 99.77 -85.29
N LEU JA 128 10.09 99.48 -86.44
CA LEU JA 128 10.28 98.18 -87.07
C LEU JA 128 11.70 98.00 -87.60
N ALA JA 129 12.39 99.11 -87.92
CA ALA JA 129 13.81 99.01 -88.22
C ALA JA 129 14.60 98.55 -86.99
N GLU JA 130 14.25 99.06 -85.82
CA GLU JA 130 14.86 98.57 -84.58
C GLU JA 130 14.48 97.13 -84.30
N ILE JA 131 13.27 96.73 -84.68
CA ILE JA 131 12.84 95.34 -84.56
C ILE JA 131 13.71 94.44 -85.41
N LEU JA 132 13.97 94.86 -86.66
CA LEU JA 132 14.83 94.10 -87.55
C LEU JA 132 16.27 94.07 -87.05
N ARG JA 133 16.75 95.18 -86.49
CA ARG JA 133 18.09 95.24 -85.94
C ARG JA 133 18.25 94.29 -84.75
N ASP JA 134 17.24 94.26 -83.86
CA ASP JA 134 17.29 93.33 -82.74
C ASP JA 134 17.14 91.90 -83.19
N ILE JA 135 16.40 91.68 -84.29
CA ILE JA 135 16.28 90.34 -84.86
C ILE JA 135 17.63 89.86 -85.35
N ASP JA 136 18.37 90.72 -86.06
CA ASP JA 136 19.68 90.33 -86.54
C ASP JA 136 20.68 90.19 -85.40
N TYR JA 137 20.56 91.01 -84.36
CA TYR JA 137 21.44 90.94 -83.21
C TYR JA 137 21.24 89.65 -82.44
N GLN JA 138 19.99 89.27 -82.20
CA GLN JA 138 19.72 88.00 -81.52
C GLN JA 138 19.95 86.81 -82.44
N ALA JA 139 19.95 87.02 -83.76
CA ALA JA 139 20.37 85.97 -84.68
C ALA JA 139 21.86 85.72 -84.54
N GLY JA 140 22.65 86.77 -84.39
CA GLY JA 140 24.06 86.62 -84.13
C GLY JA 140 24.85 86.10 -85.31
N LYS JA 141 25.28 84.84 -85.23
CA LYS JA 141 26.19 84.27 -86.21
C LYS JA 141 25.56 83.12 -87.00
N LYS JA 142 24.25 83.13 -87.17
CA LYS JA 142 23.58 82.07 -87.92
C LYS JA 142 22.81 82.57 -89.14
N ALA JA 143 22.39 83.83 -89.16
CA ALA JA 143 21.63 84.35 -90.27
C ALA JA 143 21.95 85.81 -90.46
N SER JA 144 21.61 86.31 -91.64
CA SER JA 144 21.89 87.67 -92.05
C SER JA 144 20.60 88.32 -92.56
N ILE JA 145 20.40 89.57 -92.19
CA ILE JA 145 19.26 90.35 -92.61
C ILE JA 145 19.74 91.41 -93.59
N HIS JA 146 19.19 91.41 -94.79
CA HIS JA 146 19.55 92.40 -95.79
C HIS JA 146 18.30 93.13 -96.24
N VAL JA 147 18.37 94.45 -96.29
CA VAL JA 147 17.23 95.30 -96.61
C VAL JA 147 17.59 96.11 -97.84
N TYR JA 148 16.73 96.08 -98.85
CA TYR JA 148 16.92 96.87 -100.05
C TYR JA 148 15.71 97.77 -100.22
N PRO JA 149 15.90 99.09 -100.22
CA PRO JA 149 14.75 100.01 -100.24
C PRO JA 149 14.31 100.42 -101.63
N ASN JA 150 15.18 100.30 -102.62
CA ASN JA 150 14.82 100.66 -103.99
C ASN JA 150 13.84 99.66 -104.57
N SER JA 151 14.25 98.40 -104.69
CA SER JA 151 13.32 97.29 -104.82
C SER JA 151 13.05 96.81 -103.40
N GLN JA 152 11.88 97.17 -102.87
CA GLN JA 152 11.60 97.12 -101.44
C GLN JA 152 11.49 95.67 -100.99
N VAL JA 153 12.65 95.08 -100.74
CA VAL JA 153 12.76 93.66 -100.49
C VAL JA 153 13.63 93.44 -99.25
N VAL JA 154 13.39 92.30 -98.61
CA VAL JA 154 14.23 91.85 -97.50
C VAL JA 154 14.68 90.43 -97.81
N GLU JA 155 15.93 90.13 -97.46
CA GLU JA 155 16.54 88.83 -97.68
C GLU JA 155 17.02 88.26 -96.36
N LEU JA 156 16.63 87.03 -96.09
CA LEU JA 156 17.10 86.28 -94.93
C LEU JA 156 18.10 85.24 -95.40
N ARG JA 157 19.34 85.38 -94.96
CA ARG JA 157 20.44 84.56 -95.43
C ARG JA 157 20.83 83.58 -94.34
N TYR JA 158 20.75 82.29 -94.64
CA TYR JA 158 21.20 81.30 -93.68
C TYR JA 158 22.72 81.23 -93.65
N ALA JA 159 23.26 80.55 -92.63
CA ALA JA 159 24.68 80.24 -92.60
C ALA JA 159 24.96 78.99 -93.43
N LYS JA 160 26.19 78.49 -93.35
CA LYS JA 160 26.57 77.29 -94.09
C LYS JA 160 26.80 76.11 -93.17
N ILE KA 208 58.25 108.98 -86.22
CA ILE KA 208 58.14 109.73 -84.97
C ILE KA 208 56.77 110.39 -84.88
N ILE KA 209 56.62 111.27 -83.89
CA ILE KA 209 55.39 112.02 -83.67
C ILE KA 209 55.72 113.51 -83.61
N TYR KA 210 54.69 114.31 -83.41
CA TYR KA 210 54.84 115.75 -83.21
C TYR KA 210 53.87 116.20 -82.13
N TYR KA 211 54.27 117.26 -81.43
CA TYR KA 211 53.49 117.83 -80.35
C TYR KA 211 53.44 119.34 -80.52
N ILE KA 212 52.27 119.91 -80.25
CA ILE KA 212 52.08 121.34 -80.40
C ILE KA 212 52.67 122.07 -79.20
N GLN KA 213 53.07 123.32 -79.42
CA GLN KA 213 53.54 124.19 -78.35
C GLN KA 213 52.57 125.34 -78.11
N ALA KA 214 52.26 126.11 -79.15
CA ALA KA 214 51.25 127.15 -79.06
C ALA KA 214 50.57 127.23 -80.41
N VAL KA 215 49.34 127.75 -80.41
CA VAL KA 215 48.48 127.73 -81.59
C VAL KA 215 48.05 129.15 -81.90
N ILE KA 216 48.14 129.52 -83.17
CA ILE KA 216 47.57 130.77 -83.67
C ILE KA 216 46.71 130.41 -84.87
N PRO KA 217 45.73 131.24 -85.22
CA PRO KA 217 45.05 131.03 -86.49
C PRO KA 217 45.99 131.29 -87.66
N GLY KA 218 46.39 130.22 -88.33
CA GLY KA 218 47.28 130.31 -89.48
C GLY KA 218 48.58 129.54 -89.31
N ARG KA 219 49.18 129.60 -88.12
CA ARG KA 219 50.47 128.99 -87.88
C ARG KA 219 50.47 128.27 -86.54
N ALA KA 220 51.43 127.38 -86.36
CA ALA KA 220 51.56 126.65 -85.11
C ALA KA 220 53.02 126.28 -84.90
N TRP KA 221 53.33 125.83 -83.68
CA TRP KA 221 54.67 125.38 -83.34
C TRP KA 221 54.62 123.89 -83.03
N LEU KA 222 55.46 123.12 -83.71
CA LEU KA 222 55.49 121.67 -83.58
C LEU KA 222 56.88 121.21 -83.18
N ILE KA 223 56.93 120.20 -82.31
CA ILE KA 223 58.17 119.60 -81.86
C ILE KA 223 58.11 118.11 -82.17
N GLY KA 224 59.15 117.59 -82.83
CA GLY KA 224 59.25 116.18 -83.12
C GLY KA 224 59.97 115.44 -82.01
N SER KA 225 60.08 114.12 -82.20
CA SER KA 225 60.70 113.27 -81.19
C SER KA 225 62.22 113.43 -81.14
N ASN KA 226 62.82 113.96 -82.20
CA ASN KA 226 64.25 114.20 -82.27
C ASN KA 226 64.63 115.62 -81.86
N GLY KA 227 63.68 116.39 -81.34
CA GLY KA 227 63.92 117.77 -81.01
C GLY KA 227 63.80 118.73 -82.17
N SER KA 228 63.27 118.27 -83.30
CA SER KA 228 63.11 119.13 -84.48
C SER KA 228 61.91 120.05 -84.27
N THR KA 229 62.17 121.36 -84.26
CA THR KA 229 61.11 122.35 -84.13
C THR KA 229 60.68 122.82 -85.51
N LEU KA 230 59.43 123.28 -85.59
CA LEU KA 230 58.91 123.78 -86.85
C LEU KA 230 57.78 124.78 -86.59
N THR KA 231 57.72 125.80 -87.42
CA THR KA 231 56.60 126.74 -87.46
C THR KA 231 55.80 126.46 -88.73
N VAL KA 232 54.51 126.21 -88.57
CA VAL KA 232 53.70 125.58 -89.59
C VAL KA 232 52.65 126.57 -90.07
N ARG KA 233 52.67 126.86 -91.37
CA ARG KA 233 51.67 127.63 -92.08
C ARG KA 233 50.44 126.76 -92.37
N GLU KA 234 49.37 127.39 -92.84
CA GLU KA 234 48.23 126.64 -93.34
C GLU KA 234 48.61 125.80 -94.56
N GLY KA 235 49.42 126.36 -95.44
CA GLY KA 235 50.02 125.57 -96.50
C GLY KA 235 51.45 125.22 -96.17
N SER KA 236 51.70 123.99 -95.74
CA SER KA 236 53.05 123.59 -95.38
C SER KA 236 53.21 122.10 -95.58
N LYS KA 237 54.46 121.66 -95.71
CA LYS KA 237 54.81 120.27 -95.93
C LYS KA 237 55.44 119.70 -94.66
N ILE KA 238 54.95 118.54 -94.23
CA ILE KA 238 55.48 117.88 -93.04
C ILE KA 238 55.93 116.48 -93.43
N PRO KA 239 57.02 115.96 -92.84
CA PRO KA 239 57.52 114.64 -93.26
C PRO KA 239 56.63 113.51 -92.77
N GLY KA 240 56.25 112.63 -93.69
CA GLY KA 240 55.42 111.49 -93.36
C GLY KA 240 53.94 111.81 -93.24
N TYR KA 241 53.53 113.06 -93.43
CA TYR KA 241 52.12 113.41 -93.33
C TYR KA 241 51.64 114.32 -94.46
N GLY KA 242 52.52 114.87 -95.28
CA GLY KA 242 52.11 115.56 -96.48
C GLY KA 242 51.80 117.02 -96.24
N MET KA 243 50.62 117.45 -96.66
CA MET KA 243 50.20 118.84 -96.58
C MET KA 243 49.26 119.01 -95.40
N VAL KA 244 49.49 120.04 -94.58
CA VAL KA 244 48.53 120.40 -93.55
C VAL KA 244 47.29 120.95 -94.23
N LYS KA 245 46.15 120.32 -93.97
CA LYS KA 245 44.90 120.73 -94.61
C LYS KA 245 43.98 121.52 -93.70
N LEU KA 246 44.11 121.37 -92.38
CA LEU KA 246 43.22 122.06 -91.46
C LEU KA 246 43.89 122.16 -90.10
N ILE KA 247 43.87 123.36 -89.52
CA ILE KA 247 44.26 123.57 -88.13
C ILE KA 247 43.08 124.16 -87.39
N ASP KA 248 43.16 124.13 -86.07
CA ASP KA 248 42.24 124.85 -85.21
C ASP KA 248 43.04 125.51 -84.11
N SER KA 249 42.81 126.81 -83.92
CA SER KA 249 43.40 127.49 -82.77
C SER KA 249 42.59 127.26 -81.51
N LEU KA 250 41.28 127.00 -81.64
CA LEU KA 250 40.44 126.81 -80.46
C LEU KA 250 40.73 125.49 -79.76
N GLN KA 251 40.79 124.41 -80.53
CA GLN KA 251 41.08 123.09 -79.98
C GLN KA 251 42.34 122.55 -80.63
N GLY KA 252 43.07 121.74 -79.88
CA GLY KA 252 44.32 121.18 -80.37
C GLY KA 252 44.12 120.06 -81.36
N ARG KA 253 43.59 120.37 -82.53
CA ARG KA 253 43.37 119.40 -83.59
C ARG KA 253 43.98 119.94 -84.87
N ILE KA 254 45.03 119.28 -85.35
CA ILE KA 254 45.68 119.67 -86.59
C ILE KA 254 45.50 118.55 -87.60
N LEU KA 255 44.84 118.84 -88.71
CA LEU KA 255 44.51 117.83 -89.71
C LEU KA 255 45.43 117.98 -90.92
N THR KA 256 46.04 116.88 -91.34
CA THR KA 256 46.93 116.90 -92.49
C THR KA 256 46.34 116.08 -93.63
N SER KA 257 47.06 116.08 -94.77
CA SER KA 257 46.60 115.37 -95.95
C SER KA 257 46.68 113.86 -95.81
N SER KA 258 47.45 113.35 -94.85
CA SER KA 258 47.52 111.91 -94.61
C SER KA 258 46.41 111.41 -93.71
N GLY KA 259 45.36 112.20 -93.49
CA GLY KA 259 44.27 111.78 -92.63
C GLY KA 259 44.62 111.74 -91.17
N GLN KA 260 45.66 112.46 -90.76
CA GLN KA 260 46.17 112.39 -89.39
C GLN KA 260 45.88 113.69 -88.66
N VAL KA 261 45.53 113.56 -87.38
CA VAL KA 261 45.28 114.69 -86.50
C VAL KA 261 46.36 114.69 -85.43
N ILE KA 262 46.98 115.86 -85.24
CA ILE KA 262 48.01 116.08 -84.24
C ILE KA 262 47.39 116.89 -83.10
N LYS KA 263 47.71 116.47 -81.88
CA LYS KA 263 47.15 117.02 -80.66
C LYS KA 263 48.27 117.60 -79.80
N PHE KA 264 47.90 118.17 -78.67
CA PHE KA 264 48.88 118.74 -77.75
C PHE KA 264 49.61 117.64 -76.99
N SER KA 265 50.57 118.05 -76.17
CA SER KA 265 51.48 117.12 -75.52
C SER KA 265 50.80 116.38 -74.38
N GLN KA 266 51.48 115.36 -73.89
CA GLN KA 266 51.03 114.57 -72.75
C GLN KA 266 52.22 113.96 -72.02
N MET LA 23 -4.31 130.35 -45.40
CA MET LA 23 -2.97 130.12 -45.91
C MET LA 23 -2.63 128.64 -45.87
N LYS LA 24 -3.65 127.81 -45.62
CA LYS LA 24 -3.45 126.38 -45.54
C LYS LA 24 -3.38 125.77 -46.94
N PHE LA 25 -3.07 124.48 -46.98
CA PHE LA 25 -2.77 123.79 -48.23
C PHE LA 25 -3.62 122.55 -48.35
N LYS LA 26 -4.07 122.26 -49.57
CA LYS LA 26 -4.94 121.12 -49.80
C LYS LA 26 -4.88 120.73 -51.27
N LYS LA 27 -4.60 119.46 -51.53
CA LYS LA 27 -4.76 118.93 -52.87
C LYS LA 27 -6.25 118.80 -53.20
N PRO LA 28 -6.62 118.87 -54.47
CA PRO LA 28 -8.06 118.91 -54.84
C PRO LA 28 -8.86 117.67 -54.46
N PRO LA 29 -8.50 116.44 -54.85
CA PRO LA 29 -9.52 115.38 -54.77
C PRO LA 29 -9.70 114.86 -53.35
N ILE LA 30 -10.89 115.06 -52.81
CA ILE LA 30 -11.27 114.52 -51.51
C ILE LA 30 -12.65 113.89 -51.68
N ASN LA 31 -12.68 112.56 -51.75
CA ASN LA 31 -13.92 111.82 -51.90
C ASN LA 31 -14.38 111.29 -50.55
N ASN LA 32 -15.41 110.46 -50.58
CA ASN LA 32 -15.79 109.72 -49.40
C ASN LA 32 -14.75 108.64 -49.12
N PRO LA 33 -14.61 108.19 -47.86
CA PRO LA 33 -13.63 107.15 -47.55
C PRO LA 33 -13.93 105.82 -48.24
N SER LA 34 -12.88 105.08 -48.53
CA SER LA 34 -12.93 103.95 -49.44
C SER LA 34 -12.95 102.63 -48.68
N ASP LA 35 -12.86 101.53 -49.43
CA ASP LA 35 -12.84 100.18 -48.88
C ASP LA 35 -11.72 99.37 -49.52
N ASP LA 36 -10.97 98.67 -48.67
CA ASP LA 36 -9.79 97.93 -49.11
C ASP LA 36 -10.13 96.81 -50.07
N ALA LA 37 -11.26 96.13 -49.84
CA ALA LA 37 -11.65 95.06 -50.75
C ALA LA 37 -12.02 95.60 -52.12
N THR LA 38 -12.66 96.78 -52.18
CA THR LA 38 -12.91 97.42 -53.45
C THR LA 38 -11.61 97.86 -54.13
N ILE LA 39 -10.62 98.26 -53.33
CA ILE LA 39 -9.30 98.57 -53.89
C ILE LA 39 -8.69 97.34 -54.55
N LYS LA 40 -8.79 96.19 -53.87
CA LYS LA 40 -8.28 94.94 -54.43
C LYS LA 40 -9.05 94.55 -55.69
N LEU LA 41 -10.36 94.79 -55.69
CA LEU LA 41 -11.19 94.48 -56.85
C LEU LA 41 -10.80 95.31 -58.07
N ALA LA 42 -10.58 96.61 -57.87
CA ALA LA 42 -10.17 97.47 -58.96
C ALA LA 42 -8.77 97.12 -59.45
N GLU LA 43 -7.90 96.74 -58.50
CA GLU LA 43 -6.54 96.34 -58.85
C GLU LA 43 -6.53 95.07 -59.70
N ALA LA 44 -7.42 94.13 -59.40
CA ALA LA 44 -7.57 92.96 -60.24
C ALA LA 44 -8.17 93.33 -61.60
N ALA LA 45 -9.17 94.22 -61.57
CA ALA LA 45 -9.96 94.51 -62.76
C ALA LA 45 -9.16 95.24 -63.82
N VAL LA 46 -8.24 96.12 -63.41
CA VAL LA 46 -7.43 96.83 -64.38
C VAL LA 46 -6.50 95.87 -65.12
N SER LA 47 -5.99 94.85 -64.41
CA SER LA 47 -5.14 93.85 -65.03
C SER LA 47 -5.92 92.99 -66.01
N VAL LA 48 -7.13 92.57 -65.61
CA VAL LA 48 -7.96 91.76 -66.49
C VAL LA 48 -8.37 92.55 -67.72
N SER LA 49 -8.67 93.85 -67.52
CA SER LA 49 -9.01 94.73 -68.63
C SER LA 49 -7.85 94.91 -69.59
N ASP LA 50 -6.63 95.04 -69.07
CA ASP LA 50 -5.47 95.16 -69.94
C ASP LA 50 -5.23 93.90 -70.76
N SER LA 51 -5.33 92.73 -70.12
CA SER LA 51 -5.14 91.47 -70.83
C SER LA 51 -6.19 91.27 -71.91
N MET LA 52 -7.45 91.57 -71.58
CA MET LA 52 -8.52 91.47 -72.54
C MET LA 52 -8.38 92.50 -73.66
N LEU LA 53 -7.84 93.68 -73.35
CA LEU LA 53 -7.69 94.73 -74.35
C LEU LA 53 -6.62 94.37 -75.37
N GLU LA 54 -5.48 93.86 -74.90
CA GLU LA 54 -4.46 93.44 -75.85
C GLU LA 54 -4.90 92.18 -76.61
N MET LA 55 -5.73 91.34 -75.97
CA MET LA 55 -6.39 90.24 -76.68
C MET LA 55 -7.22 90.75 -77.84
N ALA LA 56 -8.03 91.78 -77.58
CA ALA LA 56 -8.90 92.34 -78.60
C ALA LA 56 -8.09 92.98 -79.73
N LYS LA 57 -7.00 93.67 -79.38
CA LYS LA 57 -6.17 94.32 -80.38
C LYS LA 57 -5.51 93.30 -81.30
N VAL LA 58 -4.89 92.26 -80.72
CA VAL LA 58 -4.18 91.28 -81.53
C VAL LA 58 -5.15 90.43 -82.33
N GLU LA 59 -6.33 90.13 -81.77
CA GLU LA 59 -7.32 89.38 -82.52
C GLU LA 59 -7.91 90.21 -83.66
N LYS LA 60 -8.06 91.53 -83.45
CA LYS LA 60 -8.47 92.43 -84.52
C LYS LA 60 -7.42 92.48 -85.62
N VAL LA 61 -6.14 92.44 -85.24
CA VAL LA 61 -5.06 92.44 -86.22
C VAL LA 61 -5.09 91.17 -87.05
N ILE LA 62 -5.21 90.01 -86.39
CA ILE LA 62 -5.15 88.75 -87.13
C ILE LA 62 -6.44 88.45 -87.87
N THR LA 63 -7.54 89.11 -87.53
CA THR LA 63 -8.81 88.88 -88.21
C THR LA 63 -9.35 90.18 -88.77
N PRO LA 64 -9.15 90.44 -90.06
CA PRO LA 64 -9.82 91.58 -90.68
C PRO LA 64 -11.32 91.35 -90.77
N PRO LA 65 -12.12 92.41 -90.64
CA PRO LA 65 -13.57 92.22 -90.71
C PRO LA 65 -14.04 91.94 -92.13
N SER LA 66 -15.24 91.37 -92.22
CA SER LA 66 -15.81 90.99 -93.51
C SER LA 66 -17.06 91.79 -93.84
N LYS LA 67 -18.08 91.76 -92.97
CA LYS LA 67 -19.35 92.40 -93.26
C LYS LA 67 -19.87 93.09 -92.02
N ASP LA 68 -20.80 94.03 -92.23
CA ASP LA 68 -21.45 94.76 -91.14
C ASP LA 68 -22.92 94.40 -91.09
N ASN LA 69 -23.45 94.27 -89.87
CA ASN LA 69 -24.82 93.80 -89.67
C ASN LA 69 -25.88 94.83 -90.04
N THR LA 70 -25.48 96.06 -90.39
CA THR LA 70 -26.41 97.05 -90.88
C THR LA 70 -27.09 96.61 -92.17
N LEU LA 71 -26.38 95.82 -92.99
CA LEU LA 71 -26.98 95.27 -94.20
C LEU LA 71 -28.10 94.27 -93.88
N THR LA 72 -27.89 93.42 -92.86
CA THR LA 72 -28.93 92.48 -92.48
C THR LA 72 -30.10 93.19 -91.81
N ILE LA 73 -29.82 94.03 -90.83
CA ILE LA 73 -30.87 94.83 -90.20
C ILE LA 73 -30.57 96.30 -90.44
N PRO LA 74 -31.31 96.95 -91.33
CA PRO LA 74 -31.17 98.39 -91.53
C PRO LA 74 -32.17 99.15 -90.66
N ASN LA 75 -31.97 100.46 -90.60
CA ASN LA 75 -32.86 101.33 -89.86
C ASN LA 75 -34.12 101.61 -90.67
N ALA LA 76 -35.12 102.19 -90.00
CA ALA LA 76 -36.39 102.53 -90.61
C ALA LA 76 -37.07 103.59 -89.75
N TYR LA 77 -38.23 104.03 -90.21
CA TYR LA 77 -39.02 104.98 -89.44
C TYR LA 77 -39.69 104.28 -88.26
N ASN LA 78 -40.24 105.09 -87.36
CA ASN LA 78 -40.76 104.77 -86.02
C ASN LA 78 -39.87 103.80 -85.26
N LEU LA 79 -38.56 103.96 -85.42
CA LEU LA 79 -37.56 103.20 -84.69
C LEU LA 79 -36.74 104.10 -83.79
N GLN LA 80 -37.07 105.39 -83.75
CA GLN LA 80 -36.26 106.38 -83.07
C GLN LA 80 -36.76 106.70 -81.68
N ALA LA 81 -37.81 106.01 -81.22
CA ALA LA 81 -38.17 106.07 -79.81
C ALA LA 81 -37.06 105.43 -79.00
N ARG LA 82 -36.77 105.99 -77.83
CA ARG LA 82 -35.55 105.62 -77.14
C ARG LA 82 -35.85 104.78 -75.91
N ALA LA 83 -34.81 104.21 -75.34
CA ALA LA 83 -34.99 103.28 -74.24
C ALA LA 83 -33.74 103.23 -73.38
N SER LA 84 -33.95 102.99 -72.09
CA SER LA 84 -32.88 102.64 -71.17
C SER LA 84 -33.31 101.39 -70.42
N VAL LA 85 -32.49 100.35 -70.49
CA VAL LA 85 -32.91 99.01 -70.10
C VAL LA 85 -31.88 98.37 -69.17
N ASP LA 86 -32.34 97.35 -68.47
CA ASP LA 86 -31.47 96.50 -67.66
C ASP LA 86 -32.10 95.11 -67.62
N TRP LA 87 -31.62 94.22 -68.48
CA TRP LA 87 -32.15 92.88 -68.63
C TRP LA 87 -31.01 91.88 -68.60
N SER LA 88 -31.20 90.79 -67.86
CA SER LA 88 -30.17 89.77 -67.73
C SER LA 88 -30.80 88.39 -67.77
N GLY LA 89 -31.72 88.18 -68.71
CA GLY LA 89 -32.39 86.90 -68.83
C GLY LA 89 -32.46 86.38 -70.25
N PRO LA 90 -33.50 85.60 -70.53
CA PRO LA 90 -33.70 85.11 -71.91
C PRO LA 90 -34.10 86.23 -72.85
N ILE LA 91 -33.78 86.00 -74.12
CA ILE LA 91 -33.94 87.03 -75.14
C ILE LA 91 -35.39 87.20 -75.57
N GLU LA 92 -36.24 86.19 -75.37
CA GLU LA 92 -37.54 86.13 -76.04
C GLU LA 92 -38.52 87.13 -75.47
N GLU LA 93 -38.59 87.24 -74.15
CA GLU LA 93 -39.48 88.23 -73.53
C GLU LA 93 -39.02 89.64 -73.83
N LEU LA 94 -37.71 89.84 -73.90
CA LEU LA 94 -37.16 91.15 -74.22
C LEU LA 94 -37.53 91.59 -75.63
N THR LA 95 -37.34 90.70 -76.61
CA THR LA 95 -37.70 91.08 -77.97
C THR LA 95 -39.21 91.10 -78.18
N ALA LA 96 -39.98 90.39 -77.37
CA ALA LA 96 -41.43 90.53 -77.40
C ALA LA 96 -41.86 91.90 -76.92
N ARG LA 97 -41.24 92.40 -75.84
CA ARG LA 97 -41.49 93.76 -75.38
C ARG LA 97 -41.09 94.79 -76.42
N ILE LA 98 -39.95 94.53 -77.11
CA ILE LA 98 -39.48 95.42 -78.17
C ILE LA 98 -40.48 95.45 -79.32
N ALA LA 99 -41.01 94.29 -79.71
CA ALA LA 99 -41.98 94.23 -80.79
C ALA LA 99 -43.29 94.90 -80.40
N LYS LA 100 -43.67 94.79 -79.13
CA LYS LA 100 -44.87 95.47 -78.63
C LYS LA 100 -44.70 96.98 -78.68
N ALA LA 101 -43.50 97.47 -78.32
CA ALA LA 101 -43.23 98.90 -78.43
C ALA LA 101 -43.21 99.36 -79.89
N ALA LA 102 -42.59 98.57 -80.76
CA ALA LA 102 -42.40 98.98 -82.15
C ALA LA 102 -43.62 98.76 -83.02
N HIS LA 103 -44.63 98.05 -82.50
CA HIS LA 103 -45.85 97.69 -83.23
C HIS LA 103 -45.54 96.92 -84.51
N PHE LA 104 -44.54 96.05 -84.43
CA PHE LA 104 -44.16 95.22 -85.56
C PHE LA 104 -44.51 93.76 -85.25
N ARG LA 105 -44.79 93.01 -86.30
CA ARG LA 105 -45.25 91.64 -86.11
C ARG LA 105 -44.08 90.72 -85.77
N PHE LA 106 -44.28 89.92 -84.73
CA PHE LA 106 -43.26 89.00 -84.23
C PHE LA 106 -43.15 87.79 -85.14
N ARG LA 107 -41.93 87.32 -85.35
CA ARG LA 107 -41.69 86.12 -86.13
C ARG LA 107 -40.60 85.30 -85.46
N VAL LA 108 -40.81 83.99 -85.38
CA VAL LA 108 -39.85 83.06 -84.81
C VAL LA 108 -39.59 81.95 -85.82
N LEU LA 109 -38.32 81.68 -86.08
CA LEU LA 109 -37.92 80.61 -86.99
C LEU LA 109 -36.98 79.68 -86.24
N GLY LA 110 -37.25 78.39 -86.33
CA GLY LA 110 -36.45 77.39 -85.64
C GLY LA 110 -37.00 77.06 -84.27
N LYS LA 111 -36.30 76.15 -83.62
CA LYS LA 111 -36.66 75.67 -82.29
C LYS LA 111 -35.61 76.12 -81.30
N SER LA 112 -36.07 76.53 -80.11
CA SER LA 112 -35.15 76.91 -79.06
C SER LA 112 -34.39 75.69 -78.56
N PRO LA 113 -33.10 75.83 -78.28
CA PRO LA 113 -32.33 74.72 -77.71
C PRO LA 113 -32.71 74.50 -76.25
N SER LA 114 -32.25 73.36 -75.74
CA SER LA 114 -32.49 73.03 -74.33
C SER LA 114 -31.78 74.00 -73.40
N VAL LA 115 -30.52 74.33 -73.70
CA VAL LA 115 -29.83 75.35 -72.92
C VAL LA 115 -30.37 76.72 -73.32
N PRO LA 116 -30.83 77.53 -72.37
CA PRO LA 116 -31.34 78.86 -72.72
C PRO LA 116 -30.23 79.80 -73.15
N VAL LA 117 -30.59 80.78 -73.95
CA VAL LA 117 -29.69 81.83 -74.38
C VAL LA 117 -29.83 83.00 -73.41
N LEU LA 118 -28.74 83.35 -72.73
CA LEU LA 118 -28.78 84.35 -71.68
C LEU LA 118 -28.02 85.59 -72.15
N ILE LA 119 -28.69 86.73 -72.14
CA ILE LA 119 -28.11 88.00 -72.55
C ILE LA 119 -28.25 88.97 -71.39
N SER LA 120 -27.12 89.52 -70.94
CA SER LA 120 -27.11 90.54 -69.90
C SER LA 120 -26.82 91.88 -70.55
N ILE LA 121 -27.71 92.85 -70.36
CA ILE LA 121 -27.60 94.16 -70.97
C ILE LA 121 -27.79 95.22 -69.91
N SER LA 122 -26.83 96.14 -69.81
CA SER LA 122 -26.93 97.31 -68.93
C SER LA 122 -26.49 98.53 -69.72
N THR LA 123 -27.42 99.17 -70.41
CA THR LA 123 -27.14 100.35 -71.21
C THR LA 123 -28.28 101.35 -71.04
N LYS LA 124 -28.16 102.49 -71.72
CA LYS LA 124 -29.07 103.60 -71.47
C LYS LA 124 -29.07 104.55 -72.66
N ASP LA 125 -30.27 104.96 -73.11
CA ASP LA 125 -30.50 106.01 -74.10
C ASP LA 125 -29.84 105.69 -75.44
N GLU LA 126 -30.37 104.66 -76.08
CA GLU LA 126 -29.98 104.33 -77.43
C GLU LA 126 -31.20 103.89 -78.23
N SER LA 127 -31.03 103.87 -79.54
CA SER LA 127 -32.13 103.58 -80.45
C SER LA 127 -32.50 102.11 -80.38
N LEU LA 128 -33.69 101.81 -80.93
CA LEU LA 128 -34.13 100.43 -81.04
C LEU LA 128 -33.24 99.66 -82.00
N ALA LA 129 -32.79 100.33 -83.07
CA ALA LA 129 -31.86 99.71 -84.01
C ALA LA 129 -30.55 99.38 -83.34
N GLU LA 130 -30.04 100.29 -82.50
CA GLU LA 130 -28.80 100.04 -81.79
C GLU LA 130 -28.95 98.94 -80.76
N ILE LA 131 -30.12 98.88 -80.12
CA ILE LA 131 -30.42 97.83 -79.15
C ILE LA 131 -30.41 96.47 -79.85
N LEU LA 132 -31.06 96.40 -81.01
CA LEU LA 132 -31.13 95.13 -81.71
C LEU LA 132 -29.79 94.72 -82.30
N ARG LA 133 -28.99 95.69 -82.76
CA ARG LA 133 -27.67 95.37 -83.28
C ARG LA 133 -26.75 94.87 -82.17
N ASP LA 134 -26.84 95.48 -80.98
CA ASP LA 134 -26.08 94.99 -79.83
C ASP LA 134 -26.56 93.61 -79.42
N ILE LA 135 -27.87 93.35 -79.54
CA ILE LA 135 -28.42 92.05 -79.20
C ILE LA 135 -27.90 90.97 -80.13
N ASP LA 136 -27.89 91.23 -81.45
CA ASP LA 136 -27.42 90.19 -82.36
C ASP LA 136 -25.91 90.04 -82.30
N TYR LA 137 -25.18 91.12 -81.99
CA TYR LA 137 -23.75 90.99 -81.78
C TYR LA 137 -23.45 90.15 -80.54
N GLN LA 138 -24.22 90.34 -79.47
CA GLN LA 138 -24.00 89.54 -78.27
C GLN LA 138 -24.41 88.08 -78.48
N ALA LA 139 -25.45 87.85 -79.28
CA ALA LA 139 -25.87 86.48 -79.56
C ALA LA 139 -24.84 85.76 -80.42
N GLY LA 140 -24.41 86.40 -81.51
CA GLY LA 140 -23.42 85.82 -82.38
C GLY LA 140 -23.90 84.62 -83.16
N LYS LA 141 -23.40 83.44 -82.80
CA LYS LA 141 -23.64 82.22 -83.57
C LYS LA 141 -24.80 81.40 -83.02
N LYS LA 142 -25.51 81.89 -82.03
CA LYS LA 142 -26.66 81.17 -81.49
C LYS LA 142 -27.98 81.58 -82.12
N ALA LA 143 -28.12 82.85 -82.50
CA ALA LA 143 -29.33 83.31 -83.15
C ALA LA 143 -29.02 84.52 -84.00
N SER LA 144 -30.00 84.96 -84.77
CA SER LA 144 -29.85 86.15 -85.60
C SER LA 144 -31.17 86.87 -85.72
N ILE LA 145 -31.09 88.15 -86.06
CA ILE LA 145 -32.22 89.05 -86.09
C ILE LA 145 -32.34 89.62 -87.49
N HIS LA 146 -33.54 89.52 -88.07
CA HIS LA 146 -33.85 90.15 -89.33
C HIS LA 146 -35.05 91.06 -89.16
N VAL LA 147 -35.14 92.07 -90.03
CA VAL LA 147 -36.25 93.01 -90.01
C VAL LA 147 -36.73 93.22 -91.43
N TYR LA 148 -38.03 93.41 -91.60
CA TYR LA 148 -38.61 93.80 -92.89
C TYR LA 148 -39.64 94.87 -92.61
N PRO LA 149 -39.23 96.15 -92.67
CA PRO LA 149 -40.18 97.23 -92.39
C PRO LA 149 -41.21 97.41 -93.47
N ASN LA 150 -40.94 96.91 -94.68
CA ASN LA 150 -41.95 96.87 -95.73
C ASN LA 150 -43.13 96.01 -95.33
N SER LA 151 -42.85 94.86 -94.71
CA SER LA 151 -43.88 94.03 -94.12
C SER LA 151 -44.07 94.30 -92.64
N GLN LA 152 -43.34 95.27 -92.09
CA GLN LA 152 -43.24 95.64 -90.66
C GLN LA 152 -43.22 94.42 -89.73
N VAL LA 153 -42.29 93.52 -90.02
CA VAL LA 153 -42.10 92.33 -89.22
C VAL LA 153 -40.67 92.29 -88.67
N VAL LA 154 -40.54 91.65 -87.52
CA VAL LA 154 -39.24 91.43 -86.87
C VAL LA 154 -39.10 89.95 -86.60
N GLU LA 155 -38.02 89.36 -87.07
CA GLU LA 155 -37.84 87.92 -87.12
C GLU LA 155 -36.61 87.51 -86.33
N LEU LA 156 -36.77 86.52 -85.46
CA LEU LA 156 -35.68 85.89 -84.75
C LEU LA 156 -35.48 84.50 -85.32
N ARG LA 157 -34.28 84.21 -85.81
CA ARG LA 157 -33.96 82.89 -86.33
C ARG LA 157 -32.96 82.21 -85.41
N TYR LA 158 -33.26 80.96 -85.03
CA TYR LA 158 -32.38 80.21 -84.15
C TYR LA 158 -31.20 79.64 -84.94
N ALA LA 159 -30.26 79.06 -84.20
CA ALA LA 159 -29.10 78.42 -84.82
C ALA LA 159 -29.46 76.97 -85.14
N LYS LA 160 -29.57 76.66 -86.43
CA LYS LA 160 -29.70 75.27 -86.86
C LYS LA 160 -28.31 74.66 -86.79
N ILE LA 161 -28.12 73.75 -85.85
CA ILE LA 161 -26.84 73.11 -85.60
C ILE LA 161 -27.12 71.63 -85.32
N TYR LA 162 -26.05 70.84 -85.24
CA TYR LA 162 -26.05 69.37 -85.31
C TYR LA 162 -26.78 68.90 -86.56
N ARG MA 207 38.79 47.88 -96.09
CA ARG MA 207 37.55 47.12 -96.02
C ARG MA 207 37.57 46.13 -94.85
N ILE MA 208 36.65 45.16 -94.88
CA ILE MA 208 36.43 44.25 -93.76
C ILE MA 208 37.05 42.90 -94.08
N ILE MA 209 37.84 42.37 -93.15
CA ILE MA 209 38.66 41.18 -93.38
C ILE MA 209 38.06 40.02 -92.59
N TYR MA 210 37.85 38.90 -93.28
CA TYR MA 210 37.29 37.69 -92.68
C TYR MA 210 38.33 36.59 -92.62
N TYR MA 211 38.30 35.83 -91.53
CA TYR MA 211 39.08 34.62 -91.37
C TYR MA 211 38.16 33.44 -91.16
N ILE MA 212 38.70 32.24 -91.34
CA ILE MA 212 37.94 31.02 -91.05
C ILE MA 212 38.03 30.73 -89.56
N GLN MA 213 36.88 30.50 -88.93
CA GLN MA 213 36.84 30.01 -87.56
C GLN MA 213 36.47 28.54 -87.46
N ALA MA 214 35.64 28.03 -88.36
CA ALA MA 214 35.30 26.62 -88.38
C ALA MA 214 34.99 26.20 -89.82
N VAL MA 215 35.48 25.02 -90.19
CA VAL MA 215 35.29 24.49 -91.55
C VAL MA 215 34.80 23.05 -91.44
N ILE MA 216 33.62 22.80 -92.01
CA ILE MA 216 33.14 21.45 -92.28
C ILE MA 216 32.76 21.39 -93.74
N PRO MA 217 32.61 20.18 -94.30
CA PRO MA 217 31.96 20.07 -95.62
C PRO MA 217 30.53 20.60 -95.57
N GLY MA 218 30.19 21.42 -96.55
CA GLY MA 218 28.89 22.05 -96.59
C GLY MA 218 28.86 23.44 -96.00
N ARG MA 219 29.17 23.57 -94.71
CA ARG MA 219 29.06 24.85 -94.02
C ARG MA 219 30.44 25.38 -93.63
N ALA MA 220 30.64 26.66 -93.85
CA ALA MA 220 31.91 27.31 -93.53
C ALA MA 220 31.63 28.49 -92.62
N TRP MA 221 32.38 28.59 -91.53
CA TRP MA 221 32.21 29.63 -90.53
C TRP MA 221 33.32 30.67 -90.68
N LEU MA 222 32.92 31.92 -90.91
CA LEU MA 222 33.83 33.02 -91.14
C LEU MA 222 33.54 34.13 -90.14
N ILE MA 223 34.60 34.73 -89.61
CA ILE MA 223 34.52 35.81 -88.64
C ILE MA 223 35.22 37.03 -89.22
N GLY MA 224 34.52 38.16 -89.25
CA GLY MA 224 35.07 39.39 -89.76
C GLY MA 224 35.78 40.20 -88.68
N SER MA 225 36.25 41.38 -89.08
CA SER MA 225 36.91 42.29 -88.16
C SER MA 225 35.94 43.00 -87.23
N ASN MA 226 34.66 43.05 -87.58
CA ASN MA 226 33.64 43.67 -86.75
C ASN MA 226 33.03 42.69 -85.75
N GLY MA 227 33.55 41.47 -85.66
CA GLY MA 227 32.93 40.46 -84.83
C GLY MA 227 31.78 39.74 -85.49
N SER MA 228 31.54 39.98 -86.77
CA SER MA 228 30.45 39.34 -87.50
C SER MA 228 30.86 37.90 -87.80
N THR MA 229 30.23 36.94 -87.12
CA THR MA 229 30.48 35.52 -87.32
C THR MA 229 29.28 34.93 -88.05
N LEU MA 230 29.56 34.18 -89.11
CA LEU MA 230 28.49 33.63 -89.94
C LEU MA 230 28.95 32.31 -90.54
N THR MA 231 28.00 31.57 -91.09
CA THR MA 231 28.31 30.37 -91.86
C THR MA 231 27.58 30.43 -93.19
N VAL MA 232 28.23 29.93 -94.23
CA VAL MA 232 27.69 29.92 -95.58
C VAL MA 232 27.98 28.58 -96.21
N ARG MA 233 27.55 28.43 -97.45
CA ARG MA 233 27.74 27.22 -98.25
C ARG MA 233 28.51 27.58 -99.53
N GLU MA 234 28.60 26.61 -100.43
CA GLU MA 234 29.28 26.82 -101.71
C GLU MA 234 28.52 27.84 -102.57
N GLY MA 235 27.20 27.73 -102.63
CA GLY MA 235 26.43 28.73 -103.34
C GLY MA 235 26.02 29.86 -102.42
N SER MA 236 26.80 30.94 -102.41
CA SER MA 236 26.52 32.09 -101.55
C SER MA 236 27.28 33.30 -102.09
N LYS MA 237 26.83 34.47 -101.68
CA LYS MA 237 27.48 35.72 -102.00
C LYS MA 237 27.78 36.48 -100.70
N ILE MA 238 28.89 37.21 -100.69
CA ILE MA 238 29.30 37.97 -99.53
C ILE MA 238 29.82 39.34 -99.96
N PRO MA 239 29.60 40.40 -99.18
CA PRO MA 239 30.07 41.73 -99.60
C PRO MA 239 31.57 41.87 -99.47
N GLY MA 240 32.20 42.37 -100.54
CA GLY MA 240 33.63 42.60 -100.57
C GLY MA 240 34.45 41.38 -100.94
N TYR MA 241 33.85 40.20 -100.93
CA TYR MA 241 34.49 38.98 -101.40
C TYR MA 241 33.86 38.43 -102.66
N GLY MA 242 32.53 38.41 -102.73
CA GLY MA 242 31.85 38.00 -103.94
C GLY MA 242 31.23 36.63 -103.88
N MET MA 243 31.35 35.88 -104.96
CA MET MA 243 30.74 34.56 -105.10
C MET MA 243 31.76 33.50 -104.76
N VAL MA 244 31.38 32.55 -103.90
CA VAL MA 244 32.28 31.48 -103.48
C VAL MA 244 32.53 30.56 -104.66
N LYS MA 245 33.80 30.28 -104.94
CA LYS MA 245 34.19 29.44 -106.07
C LYS MA 245 34.44 27.99 -105.69
N LEU MA 246 35.30 27.76 -104.69
CA LEU MA 246 35.66 26.40 -104.32
C LEU MA 246 36.01 26.36 -102.84
N ILE MA 247 35.41 25.40 -102.13
CA ILE MA 247 35.67 25.18 -100.71
C ILE MA 247 36.51 23.92 -100.59
N ASP MA 248 37.72 24.07 -100.06
CA ASP MA 248 38.67 22.96 -99.97
C ASP MA 248 38.78 22.49 -98.52
N SER MA 249 38.60 21.19 -98.32
CA SER MA 249 38.82 20.61 -97.00
C SER MA 249 40.28 20.66 -96.61
N LEU MA 250 41.16 20.27 -97.53
CA LEU MA 250 42.58 20.37 -97.28
C LEU MA 250 43.03 21.82 -97.39
N GLN MA 251 44.10 22.14 -96.64
CA GLN MA 251 44.86 23.40 -96.65
C GLN MA 251 44.10 24.61 -96.10
N GLY MA 252 42.81 24.47 -95.79
CA GLY MA 252 42.03 25.54 -95.18
C GLY MA 252 41.86 26.78 -96.03
N ARG MA 253 41.56 26.62 -97.31
CA ARG MA 253 41.46 27.72 -98.25
C ARG MA 253 40.03 27.85 -98.75
N ILE MA 254 39.50 29.06 -98.75
CA ILE MA 254 38.19 29.34 -99.34
C ILE MA 254 38.38 30.35 -100.46
N LEU MA 255 37.93 29.99 -101.66
CA LEU MA 255 38.07 30.86 -102.83
C LEU MA 255 36.80 31.66 -103.04
N THR MA 256 36.95 32.91 -103.45
CA THR MA 256 35.81 33.73 -103.84
C THR MA 256 36.01 34.27 -105.26
N SER MA 257 34.96 34.94 -105.77
CA SER MA 257 34.94 35.41 -107.15
C SER MA 257 35.89 36.57 -107.39
N SER MA 258 36.24 37.32 -106.35
CA SER MA 258 37.19 38.41 -106.47
C SER MA 258 38.63 37.95 -106.36
N GLY MA 259 38.88 36.65 -106.32
CA GLY MA 259 40.21 36.12 -106.11
C GLY MA 259 40.65 36.09 -104.67
N GLN MA 260 39.77 36.43 -103.73
CA GLN MA 260 40.13 36.46 -102.32
C GLN MA 260 40.01 35.09 -101.70
N VAL MA 261 40.99 34.73 -100.88
CA VAL MA 261 41.05 33.43 -100.22
C VAL MA 261 40.93 33.66 -98.72
N ILE MA 262 39.99 32.97 -98.11
CA ILE MA 262 39.81 32.99 -96.67
C ILE MA 262 40.60 31.85 -96.05
N LYS MA 263 41.19 32.12 -94.89
CA LYS MA 263 42.10 31.21 -94.20
C LYS MA 263 42.08 31.57 -92.72
N PHE MA 264 42.52 30.64 -91.89
CA PHE MA 264 42.74 30.91 -90.48
C PHE MA 264 43.85 31.94 -90.29
N SER MA 265 43.80 32.62 -89.15
CA SER MA 265 44.73 33.70 -88.87
C SER MA 265 46.10 33.16 -88.48
N GLN MA 266 47.05 34.08 -88.30
CA GLN MA 266 48.40 33.70 -87.86
C GLN MA 266 48.39 33.23 -86.42
N GLU MA 267 47.78 34.01 -85.52
CA GLU MA 267 47.75 33.64 -84.11
C GLU MA 267 46.78 32.50 -83.84
N ASP MA 268 45.84 32.26 -84.75
CA ASP MA 268 44.85 31.19 -84.62
C ASP MA 268 44.82 30.45 -85.95
N SER MA 269 45.63 29.40 -86.06
CA SER MA 269 45.69 28.60 -87.28
C SER MA 269 45.37 27.13 -87.00
N GLN NA 791 56.89 -16.97 -104.01
CA GLN NA 791 55.47 -16.73 -104.20
C GLN NA 791 54.73 -16.86 -102.87
N GLN NA 792 55.17 -17.79 -102.03
CA GLN NA 792 54.58 -17.98 -100.71
C GLN NA 792 55.00 -16.90 -99.72
N GLU NA 793 55.95 -16.04 -100.09
CA GLU NA 793 56.51 -15.07 -99.16
C GLU NA 793 55.56 -13.92 -98.86
N ILE NA 794 54.58 -13.66 -99.73
CA ILE NA 794 53.68 -12.53 -99.52
C ILE NA 794 52.73 -12.80 -98.37
N GLN NA 795 52.17 -14.01 -98.32
CA GLN NA 795 51.06 -14.29 -97.42
C GLN NA 795 51.54 -14.43 -95.97
N GLN NA 796 52.73 -14.97 -95.78
CA GLN NA 796 53.33 -14.95 -94.44
C GLN NA 796 53.68 -13.52 -94.04
N ARG NA 797 54.10 -12.70 -95.00
CA ARG NA 797 54.29 -11.27 -94.76
C ARG NA 797 52.96 -10.52 -94.73
N THR NA 798 51.86 -11.16 -95.14
CA THR NA 798 50.55 -10.56 -94.99
C THR NA 798 49.92 -10.91 -93.64
N SER NA 799 50.13 -12.14 -93.18
CA SER NA 799 49.42 -12.65 -92.01
C SER NA 799 49.88 -11.96 -90.73
N ASP NA 800 51.19 -11.72 -90.59
CA ASP NA 800 51.70 -11.01 -89.41
C ASP NA 800 51.29 -9.55 -89.42
N MET NA 801 51.08 -8.99 -90.61
CA MET NA 801 50.60 -7.62 -90.73
C MET NA 801 49.19 -7.47 -90.18
N LEU NA 802 48.34 -8.46 -90.45
CA LEU NA 802 46.92 -8.36 -90.10
C LEU NA 802 46.71 -8.36 -88.59
N THR NA 803 47.41 -9.24 -87.87
CA THR NA 803 47.32 -9.22 -86.42
C THR NA 803 47.98 -7.98 -85.83
N ALA NA 804 49.02 -7.49 -86.48
CA ALA NA 804 49.61 -6.22 -86.06
C ALA NA 804 48.67 -5.06 -86.33
N ALA NA 805 47.97 -5.09 -87.47
CA ALA NA 805 47.06 -4.01 -87.82
C ALA NA 805 45.86 -3.96 -86.90
N THR NA 806 45.31 -5.12 -86.55
CA THR NA 806 44.12 -5.17 -85.71
C THR NA 806 44.41 -4.71 -84.29
N GLN NA 807 45.63 -4.90 -83.82
CA GLN NA 807 45.98 -4.50 -82.47
C GLN NA 807 46.06 -2.98 -82.33
N LEU NA 808 46.60 -2.31 -83.35
CA LEU NA 808 46.86 -0.88 -83.21
C LEU NA 808 45.59 -0.04 -83.34
N VAL NA 809 44.62 -0.49 -84.13
CA VAL NA 809 43.43 0.32 -84.38
C VAL NA 809 42.55 0.40 -83.14
N GLN NA 810 42.40 -0.72 -82.41
CA GLN NA 810 41.49 -0.76 -81.28
C GLN NA 810 42.03 0.06 -80.10
N ASP NA 811 43.35 0.14 -79.98
CA ASP NA 811 43.95 1.05 -79.01
C ASP NA 811 43.66 2.49 -79.38
N TRP NA 812 43.72 2.81 -80.67
CA TRP NA 812 43.33 4.13 -81.12
C TRP NA 812 41.82 4.27 -81.30
N LYS NA 813 41.07 3.20 -81.12
CA LYS NA 813 39.62 3.31 -81.17
C LYS NA 813 39.07 3.95 -79.90
N GLN NA 814 39.59 3.59 -78.74
CA GLN NA 814 39.03 4.05 -77.48
C GLN NA 814 39.79 5.26 -76.96
N VAL NA 815 39.05 6.15 -76.30
CA VAL NA 815 39.60 7.28 -75.56
C VAL NA 815 38.86 7.34 -74.24
N GLU NA 816 39.58 7.29 -73.13
CA GLU NA 816 38.93 7.27 -71.83
C GLU NA 816 38.44 8.66 -71.44
N THR NA 817 37.68 8.71 -70.37
CA THR NA 817 37.05 9.95 -69.94
C THR NA 817 37.96 10.72 -68.99
N GLN NA 818 37.40 11.74 -68.35
CA GLN NA 818 38.12 12.58 -67.41
C GLN NA 818 37.72 12.23 -65.97
N VAL NA 819 38.44 12.81 -65.03
CA VAL NA 819 38.14 12.67 -63.61
C VAL NA 819 38.24 14.04 -62.97
N TYR NA 820 37.17 14.45 -62.29
CA TYR NA 820 37.15 15.70 -61.55
C TYR NA 820 37.12 15.37 -60.06
N THR NA 821 38.19 15.74 -59.36
CA THR NA 821 38.34 15.45 -57.94
C THR NA 821 38.34 16.75 -57.17
N GLU NA 822 37.47 16.85 -56.17
CA GLU NA 822 37.34 18.05 -55.37
C GLU NA 822 38.31 18.04 -54.19
N GLY NA 823 38.36 19.18 -53.49
CA GLY NA 823 39.13 19.28 -52.27
C GLY NA 823 38.43 20.13 -51.23
N THR NA 824 38.20 19.58 -50.05
CA THR NA 824 37.54 20.32 -49.00
C THR NA 824 38.16 20.00 -47.64
N ALA OA 104 92.05 -33.96 -73.73
CA ALA OA 104 90.64 -34.27 -73.50
C ALA OA 104 90.03 -33.29 -72.51
N GLU OA 105 90.89 -32.61 -71.76
CA GLU OA 105 90.43 -31.68 -70.74
C GLU OA 105 89.97 -30.34 -71.30
N VAL OA 106 90.35 -30.01 -72.54
CA VAL OA 106 89.89 -28.77 -73.16
C VAL OA 106 88.44 -28.87 -73.60
N ILE OA 107 87.91 -30.10 -73.67
CA ILE OA 107 86.51 -30.34 -74.02
C ILE OA 107 85.60 -29.72 -72.96
N ASP OA 108 86.04 -29.75 -71.70
CA ASP OA 108 85.27 -29.15 -70.60
C ASP OA 108 85.20 -27.64 -70.73
N LYS OA 109 86.31 -27.01 -71.12
CA LYS OA 109 86.30 -25.56 -71.31
C LYS OA 109 85.48 -25.16 -72.52
N LYS OA 110 85.56 -25.95 -73.60
CA LYS OA 110 84.72 -25.71 -74.77
C LYS OA 110 83.24 -25.83 -74.42
N ALA OA 111 82.89 -26.83 -73.63
CA ALA OA 111 81.51 -27.02 -73.21
C ALA OA 111 81.06 -25.93 -72.26
N PHE OA 112 81.97 -25.40 -71.44
CA PHE OA 112 81.64 -24.25 -70.60
C PHE OA 112 81.33 -23.01 -71.43
N LYS OA 113 82.13 -22.77 -72.48
CA LYS OA 113 81.89 -21.63 -73.35
C LYS OA 113 80.57 -21.76 -74.10
N ASP OA 114 80.30 -22.94 -74.67
CA ASP OA 114 79.02 -23.07 -75.37
C ASP OA 114 77.85 -23.20 -74.40
N MET OA 115 78.09 -23.56 -73.14
CA MET OA 115 77.03 -23.52 -72.15
C MET OA 115 76.66 -22.09 -71.80
N THR OA 116 77.65 -21.21 -71.69
CA THR OA 116 77.37 -19.77 -71.55
C THR OA 116 76.65 -19.24 -72.78
N ARG OA 117 77.04 -19.74 -73.96
CA ARG OA 117 76.36 -19.38 -75.21
C ARG OA 117 74.90 -19.82 -75.20
N ASN OA 118 74.62 -21.00 -74.68
CA ASN OA 118 73.24 -21.48 -74.61
C ASN OA 118 72.45 -20.73 -73.55
N LEU OA 119 73.10 -20.36 -72.45
CA LEU OA 119 72.43 -19.61 -71.40
C LEU OA 119 72.04 -18.22 -71.88
N TYR OA 120 72.92 -17.57 -72.63
CA TYR OA 120 72.62 -16.27 -73.23
C TYR OA 120 72.85 -16.35 -74.73
N PRO OA 121 71.85 -16.80 -75.50
CA PRO OA 121 72.01 -16.83 -76.97
C PRO OA 121 71.95 -15.47 -77.62
N LEU OA 122 71.59 -14.43 -76.89
CA LEU OA 122 71.47 -13.08 -77.43
C LEU OA 122 72.59 -12.22 -76.86
N ASN OA 123 73.31 -11.55 -77.77
CA ASN OA 123 74.44 -10.72 -77.39
C ASN OA 123 73.96 -9.49 -76.62
N PRO OA 124 74.78 -8.97 -75.70
CA PRO OA 124 74.41 -7.73 -75.00
C PRO OA 124 74.25 -6.54 -75.92
N GLU OA 125 75.06 -6.45 -76.97
CA GLU OA 125 74.91 -5.38 -77.94
C GLU OA 125 73.63 -5.54 -78.74
N GLN OA 126 73.27 -6.79 -79.05
CA GLN OA 126 71.99 -7.06 -79.70
C GLN OA 126 70.83 -6.71 -78.79
N VAL OA 127 70.99 -6.93 -77.48
CA VAL OA 127 69.98 -6.55 -76.50
C VAL OA 127 69.81 -5.04 -76.47
N VAL OA 128 70.94 -4.31 -76.50
CA VAL OA 128 70.91 -2.85 -76.50
C VAL OA 128 70.24 -2.31 -77.77
N LYS OA 129 70.59 -2.89 -78.92
CA LYS OA 129 69.99 -2.47 -80.18
C LYS OA 129 68.50 -2.81 -80.25
N LEU OA 130 68.11 -3.94 -79.65
CA LEU OA 130 66.70 -4.27 -79.56
C LEU OA 130 65.95 -3.31 -78.66
N LYS OA 131 66.60 -2.85 -77.58
CA LYS OA 131 66.01 -1.84 -76.71
C LYS OA 131 65.83 -0.52 -77.45
N GLN OA 132 66.81 -0.14 -78.26
CA GLN OA 132 66.71 1.10 -79.03
C GLN OA 132 65.63 1.01 -80.09
N ILE OA 133 65.51 -0.14 -80.77
CA ILE OA 133 64.45 -0.26 -81.76
C ILE OA 133 63.09 -0.41 -81.08
N TYR OA 134 63.05 -0.87 -79.82
CA TYR OA 134 61.81 -0.82 -79.05
C TYR OA 134 61.41 0.62 -78.76
N GLU OA 135 62.39 1.46 -78.42
CA GLU OA 135 62.13 2.89 -78.25
C GLU OA 135 61.61 3.50 -79.55
N THR OA 136 62.21 3.10 -80.67
CA THR OA 136 61.80 3.60 -81.98
C THR OA 136 60.37 3.19 -82.32
N SER OA 137 60.04 1.92 -82.07
CA SER OA 137 58.71 1.41 -82.37
C SER OA 137 57.65 2.04 -81.47
N GLU OA 138 57.97 2.22 -80.19
CA GLU OA 138 57.00 2.82 -79.28
C GLU OA 138 56.83 4.31 -79.56
N TYR OA 139 57.89 4.99 -80.03
CA TYR OA 139 57.72 6.38 -80.44
C TYR OA 139 56.93 6.50 -81.73
N ALA OA 140 57.10 5.53 -82.64
CA ALA OA 140 56.29 5.51 -83.85
C ALA OA 140 54.82 5.27 -83.53
N LYS OA 141 54.55 4.40 -82.56
CA LYS OA 141 53.18 4.18 -82.12
C LYS OA 141 52.60 5.42 -81.45
N ALA OA 142 53.41 6.11 -80.65
CA ALA OA 142 52.95 7.36 -80.04
C ALA OA 142 52.85 8.50 -81.04
N ALA OA 143 53.45 8.38 -82.21
CA ALA OA 143 53.35 9.41 -83.23
C ALA OA 143 51.94 9.46 -83.79
N THR OA 144 51.51 10.66 -84.17
CA THR OA 144 50.17 10.93 -84.67
C THR OA 144 50.24 11.58 -86.06
N PRO OA 145 49.30 11.29 -86.94
CA PRO OA 145 49.30 11.93 -88.26
C PRO OA 145 48.91 13.39 -88.17
N GLY OA 146 49.36 14.15 -89.18
CA GLY OA 146 49.06 15.56 -89.26
C GLY OA 146 49.80 16.37 -88.21
N THR OA 147 49.33 17.59 -88.02
CA THR OA 147 49.89 18.46 -87.01
C THR OA 147 48.87 18.73 -85.92
N PRO OA 148 49.31 18.87 -84.67
CA PRO OA 148 48.37 19.18 -83.60
C PRO OA 148 47.83 20.59 -83.74
N PRO OA 149 46.63 20.86 -83.22
CA PRO OA 149 46.03 22.18 -83.38
C PRO OA 149 46.71 23.24 -82.51
N LYS OA 150 46.39 24.49 -82.81
CA LYS OA 150 46.94 25.63 -82.07
C LYS OA 150 46.31 25.73 -80.69
N PRO OA 151 47.10 25.68 -79.62
CA PRO OA 151 46.53 25.83 -78.27
C PRO OA 151 46.09 27.25 -77.99
N THR OA 152 44.78 27.47 -77.97
CA THR OA 152 44.21 28.81 -77.95
C THR OA 152 43.25 28.98 -76.78
N ALA OA 153 43.05 30.23 -76.39
CA ALA OA 153 42.04 30.63 -75.41
C ALA OA 153 41.19 31.73 -76.01
N THR OA 154 39.87 31.62 -75.89
CA THR OA 154 38.94 32.50 -76.58
C THR OA 154 38.03 33.19 -75.57
N SER OA 155 37.75 34.47 -75.83
CA SER OA 155 36.86 35.28 -75.00
C SER OA 155 35.90 36.03 -75.92
N GLN OA 156 34.65 35.61 -75.95
CA GLN OA 156 33.65 36.23 -76.81
C GLN OA 156 32.39 36.61 -76.03
N PHE OA 157 31.36 37.03 -76.76
CA PHE OA 157 30.13 37.52 -76.18
C PHE OA 157 28.95 36.75 -76.76
N VAL OA 158 28.02 36.35 -75.91
CA VAL OA 158 26.84 35.62 -76.33
C VAL OA 158 25.71 36.62 -76.57
N ASN OA 159 25.30 36.74 -77.83
CA ASN OA 159 24.23 37.64 -78.20
C ASN OA 159 22.90 36.92 -78.05
N LEU OA 160 21.96 37.58 -77.37
CA LEU OA 160 20.63 37.03 -77.13
C LEU OA 160 19.65 37.42 -78.22
N SER OA 161 20.11 38.10 -79.27
CA SER OA 161 19.24 38.57 -80.33
C SER OA 161 18.76 37.40 -81.19
N PRO OA 162 17.55 37.48 -81.75
CA PRO OA 162 17.05 36.41 -82.62
C PRO OA 162 17.60 36.41 -84.04
N GLY OA 163 18.64 37.18 -84.33
CA GLY OA 163 19.27 37.12 -85.63
C GLY OA 163 20.71 36.67 -85.53
N SER OA 164 21.19 36.52 -84.30
CA SER OA 164 22.59 36.19 -84.07
C SER OA 164 22.88 34.74 -84.44
N THR OA 165 24.04 34.53 -85.06
CA THR OA 165 24.49 33.17 -85.35
C THR OA 165 24.87 32.46 -84.05
N PRO OA 166 24.51 31.18 -83.90
CA PRO OA 166 24.81 30.48 -82.65
C PRO OA 166 26.30 30.21 -82.52
N PRO OA 167 26.82 30.22 -81.29
CA PRO OA 167 28.26 29.99 -81.11
C PRO OA 167 28.65 28.53 -81.33
N VAL OA 168 29.72 28.33 -82.10
CA VAL OA 168 30.29 27.02 -82.40
C VAL OA 168 31.67 26.95 -81.77
N ILE OA 169 31.98 25.81 -81.14
CA ILE OA 169 33.17 25.64 -80.33
C ILE OA 169 34.06 24.60 -80.97
N ARG OA 170 35.31 24.98 -81.27
CA ARG OA 170 36.28 24.06 -81.82
C ARG OA 170 36.83 23.17 -80.71
N LEU OA 171 36.81 21.86 -80.94
CA LEU OA 171 37.18 20.89 -79.92
C LEU OA 171 38.16 19.87 -80.47
N SER OA 172 38.79 19.14 -79.55
CA SER OA 172 39.69 18.04 -79.88
C SER OA 172 39.35 16.83 -79.03
N GLN OA 173 39.58 15.64 -79.60
CA GLN OA 173 39.25 14.41 -78.90
C GLN OA 173 40.24 14.13 -77.79
N GLY OA 174 39.73 13.88 -76.60
CA GLY OA 174 40.59 13.52 -75.48
C GLY OA 174 41.25 14.68 -74.77
N PHE OA 175 40.67 15.87 -74.85
CA PHE OA 175 41.23 17.04 -74.17
C PHE OA 175 40.11 17.81 -73.47
N VAL OA 176 40.35 18.17 -72.21
CA VAL OA 176 39.35 18.88 -71.44
C VAL OA 176 39.27 20.32 -71.91
N SER OA 177 38.06 20.79 -72.17
CA SER OA 177 37.80 22.17 -72.56
C SER OA 177 36.88 22.80 -71.54
N SER OA 178 37.14 24.07 -71.25
CA SER OA 178 36.49 24.79 -70.17
C SER OA 178 35.61 25.90 -70.73
N LEU OA 179 34.40 26.02 -70.17
CA LEU OA 179 33.45 27.08 -70.53
C LEU OA 179 33.12 27.88 -69.29
N VAL OA 180 33.39 29.18 -69.33
CA VAL OA 180 33.15 30.09 -68.22
C VAL OA 180 32.25 31.21 -68.71
N PHE OA 181 31.16 31.46 -67.98
CA PHE OA 181 30.14 32.42 -68.39
C PHE OA 181 30.11 33.58 -67.42
N LEU OA 182 30.23 34.80 -67.95
CA LEU OA 182 30.18 36.02 -67.18
C LEU OA 182 29.09 36.92 -67.73
N ASP OA 183 28.50 37.74 -66.86
CA ASP OA 183 27.42 38.62 -67.27
C ASP OA 183 28.01 39.88 -67.92
N SER OA 184 27.16 40.90 -68.09
CA SER OA 184 27.65 42.17 -68.62
C SER OA 184 28.58 42.87 -67.63
N THR OA 185 28.40 42.63 -66.34
CA THR OA 185 29.32 43.15 -65.34
C THR OA 185 30.54 42.25 -65.14
N GLY OA 186 30.59 41.12 -65.82
CA GLY OA 186 31.70 40.20 -65.71
C GLY OA 186 31.60 39.20 -64.58
N ALA OA 187 30.53 39.26 -63.78
CA ALA OA 187 30.38 38.33 -62.68
C ALA OA 187 30.01 36.94 -63.21
N PRO OA 188 30.57 35.88 -62.64
CA PRO OA 188 30.28 34.53 -63.11
C PRO OA 188 28.84 34.12 -62.81
N TRP OA 189 28.05 33.94 -63.86
CA TRP OA 189 26.65 33.60 -63.69
C TRP OA 189 26.52 32.11 -63.36
N PRO OA 190 25.90 31.74 -62.25
CA PRO OA 190 25.69 30.33 -61.94
C PRO OA 190 24.68 29.69 -62.88
N ILE OA 191 24.83 28.37 -63.06
CA ILE OA 191 24.08 27.60 -64.04
C ILE OA 191 23.08 26.72 -63.31
N ALA OA 192 21.84 26.69 -63.79
CA ALA OA 192 20.82 25.86 -63.17
C ALA OA 192 20.82 24.44 -63.72
N ALA OA 193 20.61 24.28 -65.02
CA ALA OA 193 20.45 22.95 -65.60
C ALA OA 193 21.15 22.91 -66.96
N TYR OA 194 21.40 21.70 -67.45
CA TYR OA 194 21.97 21.58 -68.78
C TYR OA 194 21.52 20.29 -69.44
N ASP OA 195 21.33 20.35 -70.75
CA ASP OA 195 20.96 19.21 -71.55
C ASP OA 195 21.99 19.02 -72.66
N LEU OA 196 22.33 17.77 -72.93
CA LEU OA 196 23.45 17.44 -73.80
C LEU OA 196 22.99 16.52 -74.93
N GLY OA 197 23.26 16.89 -76.17
CA GLY OA 197 22.99 16.03 -77.29
C GLY OA 197 24.16 15.10 -77.54
N ASP OA 198 23.87 13.82 -77.71
CA ASP OA 198 24.80 12.73 -77.95
C ASP OA 198 25.95 12.65 -76.94
N PRO OA 199 25.72 12.12 -75.73
CA PRO OA 199 26.82 11.92 -74.78
C PRO OA 199 27.86 10.89 -75.20
N SER OA 200 27.69 10.17 -76.31
CA SER OA 200 28.78 9.33 -76.81
C SER OA 200 29.88 10.15 -77.48
N SER OA 201 29.64 11.43 -77.77
CA SER OA 201 30.68 12.30 -78.29
C SER OA 201 31.34 13.15 -77.21
N PHE OA 202 30.61 13.48 -76.14
CA PHE OA 202 31.13 14.39 -75.13
C PHE OA 202 30.79 13.87 -73.74
N ASN OA 203 31.66 14.16 -72.78
CA ASN OA 203 31.43 13.86 -71.37
C ASN OA 203 31.56 15.15 -70.57
N ILE OA 204 30.64 15.36 -69.64
CA ILE OA 204 30.58 16.58 -68.85
C ILE OA 204 30.62 16.22 -67.37
N GLN OA 205 31.54 16.84 -66.64
CA GLN OA 205 31.52 16.86 -65.18
C GLN OA 205 31.09 18.25 -64.74
N TRP OA 206 30.10 18.31 -63.86
CA TRP OA 206 29.47 19.58 -63.50
C TRP OA 206 29.15 19.56 -62.01
N ASP OA 207 29.82 20.41 -61.24
CA ASP OA 207 29.45 20.59 -59.85
C ASP OA 207 28.13 21.37 -59.77
N LYS OA 208 27.44 21.18 -58.63
CA LYS OA 208 26.05 21.59 -58.51
C LYS OA 208 25.86 23.10 -58.60
N THR OA 209 26.77 23.87 -57.99
CA THR OA 209 26.71 25.31 -58.06
C THR OA 209 27.79 25.89 -58.98
N SER OA 210 28.36 25.07 -59.85
CA SER OA 210 29.47 25.52 -60.68
C SER OA 210 28.97 26.36 -61.85
N ASN OA 211 29.73 27.39 -62.18
CA ASN OA 211 29.49 28.21 -63.36
C ASN OA 211 30.40 27.81 -64.52
N THR OA 212 31.22 26.78 -64.35
CA THR OA 212 32.23 26.39 -65.33
C THR OA 212 31.98 24.97 -65.77
N LEU OA 213 32.06 24.74 -67.08
CA LEU OA 213 31.74 23.46 -67.68
C LEU OA 213 32.99 22.81 -68.26
N MET OA 214 33.23 21.55 -67.92
CA MET OA 214 34.36 20.78 -68.43
C MET OA 214 33.83 19.72 -69.38
N ILE OA 215 34.27 19.77 -70.63
CA ILE OA 215 33.82 18.83 -71.66
C ILE OA 215 35.03 18.37 -72.47
N GLN OA 216 35.18 17.06 -72.64
CA GLN OA 216 36.14 16.53 -73.58
C GLN OA 216 35.40 15.79 -74.69
N ALA OA 217 36.00 15.79 -75.87
CA ALA OA 217 35.39 15.12 -77.01
C ALA OA 217 35.77 13.65 -77.00
N THR OA 218 34.78 12.79 -77.17
CA THR OA 218 34.99 11.35 -77.25
C THR OA 218 34.93 10.84 -78.68
N LYS OA 219 34.68 11.71 -79.65
CA LYS OA 219 34.65 11.35 -81.06
C LYS OA 219 35.53 12.32 -81.84
N LEU OA 220 35.59 12.13 -83.15
CA LEU OA 220 36.57 12.81 -83.99
C LEU OA 220 35.95 13.91 -84.86
N TYR OA 221 34.93 13.58 -85.65
CA TYR OA 221 34.32 14.54 -86.56
C TYR OA 221 32.80 14.46 -86.49
N ASN OA 222 32.27 14.36 -85.28
CA ASN OA 222 30.83 14.29 -85.07
C ASN OA 222 30.43 15.48 -84.19
N TYR OA 223 29.92 16.52 -84.82
CA TYR OA 223 29.55 17.75 -84.14
C TYR OA 223 28.30 17.55 -83.30
N GLY OA 224 28.20 18.32 -82.22
CA GLY OA 224 27.10 18.18 -81.29
C GLY OA 224 26.59 19.50 -80.76
N ASN OA 225 25.66 19.46 -79.81
CA ASN OA 225 25.02 20.66 -79.32
C ASN OA 225 24.55 20.47 -77.88
N LEU OA 226 24.24 21.60 -77.24
CA LEU OA 226 23.85 21.58 -75.84
C LEU OA 226 22.96 22.77 -75.54
N ALA OA 227 22.24 22.66 -74.43
CA ALA OA 227 21.37 23.71 -73.92
C ALA OA 227 21.69 23.99 -72.47
N VAL OA 228 21.72 25.26 -72.12
CA VAL OA 228 22.16 25.76 -70.81
C VAL OA 228 21.05 26.62 -70.22
N ARG OA 229 20.66 26.31 -68.99
CA ARG OA 229 19.74 27.13 -68.22
C ARG OA 229 20.49 27.69 -67.02
N LEU OA 230 20.54 29.01 -66.92
CA LEU OA 230 21.25 29.67 -65.85
C LEU OA 230 20.36 29.80 -64.61
N ARG OA 231 20.96 30.26 -63.52
CA ARG OA 231 20.28 30.29 -62.23
C ARG OA 231 19.16 31.33 -62.19
N GLY OA 232 19.30 32.42 -62.94
CA GLY OA 232 18.29 33.46 -62.90
C GLY OA 232 17.63 33.70 -64.24
N LEU OA 233 18.28 33.27 -65.33
CA LEU OA 233 17.76 33.55 -66.66
C LEU OA 233 16.57 32.66 -66.99
N ASN OA 234 15.76 33.15 -67.94
CA ASN OA 234 14.61 32.42 -68.43
C ASN OA 234 14.90 31.68 -69.74
N THR OA 235 15.49 32.38 -70.71
CA THR OA 235 15.73 31.79 -72.02
C THR OA 235 16.95 30.88 -71.97
N PRO OA 236 16.83 29.62 -72.41
CA PRO OA 236 18.00 28.75 -72.48
C PRO OA 236 18.93 29.14 -73.62
N VAL OA 237 20.17 28.70 -73.49
CA VAL OA 237 21.23 29.00 -74.46
C VAL OA 237 21.58 27.71 -75.19
N MET OA 238 21.52 27.76 -76.52
CA MET OA 238 21.81 26.60 -77.35
C MET OA 238 23.13 26.83 -78.08
N LEU OA 239 24.11 25.97 -77.81
CA LEU OA 239 25.45 26.11 -78.36
C LEU OA 239 25.80 24.86 -79.15
N THR OA 240 26.61 25.05 -80.20
CA THR OA 240 27.06 23.92 -81.00
C THR OA 240 28.58 23.83 -80.99
N LEU OA 241 29.10 22.61 -81.04
CA LEU OA 241 30.53 22.38 -81.03
C LEU OA 241 30.89 21.38 -82.11
N ILE OA 242 32.09 21.52 -82.64
CA ILE OA 242 32.62 20.64 -83.68
C ILE OA 242 33.99 20.14 -83.25
N PRO OA 243 34.22 18.84 -83.24
CA PRO OA 243 35.57 18.32 -83.00
C PRO OA 243 36.35 18.16 -84.30
N GLY OA 244 37.67 18.24 -84.18
CA GLY OA 244 38.53 18.04 -85.31
C GLY OA 244 38.78 19.29 -86.14
N GLN OA 245 39.20 20.36 -85.48
CA GLN OA 245 39.54 21.61 -86.14
C GLN OA 245 41.03 21.91 -85.95
N LYS OA 246 41.48 22.99 -86.58
CA LYS OA 246 42.89 23.34 -86.57
C LYS OA 246 43.31 24.15 -85.36
N ALA OA 247 42.38 24.46 -84.47
CA ALA OA 247 42.69 25.15 -83.22
C ALA OA 247 41.94 24.49 -82.08
N VAL OA 248 42.59 24.38 -80.93
CA VAL OA 248 41.95 23.90 -79.72
C VAL OA 248 41.74 25.09 -78.80
N ASP OA 249 40.48 25.32 -78.42
CA ASP OA 249 40.11 26.42 -77.55
C ASP OA 249 39.93 25.83 -76.15
N TYR OA 250 40.94 26.01 -75.31
CA TYR OA 250 40.90 25.42 -73.97
C TYR OA 250 39.89 26.13 -73.08
N ARG OA 251 39.92 27.45 -73.05
CA ARG OA 251 39.01 28.25 -72.23
C ARG OA 251 38.15 29.11 -73.14
N VAL OA 252 36.85 29.11 -72.89
CA VAL OA 252 35.89 29.91 -73.63
C VAL OA 252 35.16 30.79 -72.63
N ASP OA 253 35.51 32.07 -72.61
CA ASP OA 253 34.83 33.06 -71.78
C ASP OA 253 33.69 33.65 -72.59
N LEU OA 254 32.50 33.75 -71.98
CA LEU OA 254 31.32 34.16 -72.72
C LEU OA 254 30.57 35.26 -71.98
N ARG OA 255 30.38 36.40 -72.65
CA ARG OA 255 29.67 37.54 -72.07
C ARG OA 255 28.16 37.43 -72.29
N VAL OA 256 27.41 37.91 -71.31
CA VAL OA 256 25.95 37.82 -71.27
C VAL OA 256 25.38 39.23 -71.22
N GLN OA 257 24.31 39.47 -72.00
CA GLN OA 257 23.65 40.78 -72.03
C GLN OA 257 23.04 41.13 -70.67
N GLY OA 258 22.43 40.16 -70.00
CA GLY OA 258 21.79 40.43 -68.73
C GLY OA 258 22.78 40.61 -67.61
N TYR OA 259 22.26 41.09 -66.48
CA TYR OA 259 23.04 41.26 -65.26
C TYR OA 259 22.81 40.06 -64.36
N GLY OA 260 23.88 39.41 -63.94
CA GLY OA 260 23.79 38.26 -63.08
C GLY OA 260 23.34 38.63 -61.69
N PRO OA 261 22.89 37.64 -60.92
CA PRO OA 261 22.55 37.90 -59.51
C PRO OA 261 23.76 38.21 -58.65
N ASN OA 262 24.96 37.81 -59.08
CA ASN OA 262 26.19 38.10 -58.38
C ASN OA 262 26.93 39.30 -58.95
N ALA OA 263 26.22 40.17 -59.67
CA ALA OA 263 26.85 41.29 -60.37
C ALA OA 263 27.38 42.32 -59.38
N LYS OA 264 28.63 42.74 -59.61
CA LYS OA 264 29.31 43.65 -58.68
C LYS OA 264 28.73 45.06 -58.75
N SER OA 265 28.56 45.59 -59.95
CA SER OA 265 28.19 46.99 -60.12
C SER OA 265 27.04 47.13 -61.11
N MET OA 266 26.31 48.22 -60.96
CA MET OA 266 25.25 48.65 -61.85
C MET OA 266 25.69 49.88 -62.64
N PRO OA 267 25.19 50.05 -63.86
CA PRO OA 267 25.60 51.22 -64.65
C PRO OA 267 25.07 52.53 -64.07
N THR OA 268 25.83 53.60 -64.32
CA THR OA 268 25.45 54.92 -63.85
C THR OA 268 24.47 55.55 -64.83
N GLU OA 269 23.36 56.07 -64.30
CA GLU OA 269 22.31 56.64 -65.12
C GLU OA 269 22.07 58.09 -64.74
N GLU OA 270 21.94 58.93 -65.77
CA GLU OA 270 21.59 60.33 -65.60
C GLU OA 270 20.53 60.68 -66.63
N GLY OA 271 20.26 61.96 -66.78
CA GLY OA 271 19.30 62.39 -67.78
C GLY OA 271 19.22 63.90 -67.81
N ILE OA 272 18.16 64.38 -68.45
CA ILE OA 272 17.87 65.81 -68.46
C ILE OA 272 17.45 66.24 -67.05
N PRO OA 273 17.97 67.36 -66.53
CA PRO OA 273 17.48 67.85 -65.24
C PRO OA 273 16.04 68.32 -65.37
N PRO OA 274 15.27 68.32 -64.28
CA PRO OA 274 13.88 68.76 -64.36
C PRO OA 274 13.76 70.25 -64.68
N SER OA 275 12.66 70.59 -65.35
CA SER OA 275 12.50 71.94 -65.86
C SER OA 275 12.11 72.91 -64.75
N ALA OA 276 10.95 72.69 -64.13
CA ALA OA 276 10.47 73.55 -63.06
C ALA OA 276 9.40 72.79 -62.30
N ASN OA 277 9.00 73.36 -61.18
CA ASN OA 277 7.88 72.81 -60.43
C ASN OA 277 6.58 73.40 -60.94
N ASP OA 278 5.52 72.59 -60.88
CA ASP OA 278 4.22 73.03 -61.34
C ASP OA 278 3.58 74.02 -60.38
N LEU OA 279 3.99 73.99 -59.12
CA LEU OA 279 3.39 74.83 -58.09
C LEU OA 279 3.73 76.30 -58.29
N LEU OA 280 4.86 76.56 -58.95
CA LEU OA 280 5.34 77.92 -59.14
C LEU OA 280 4.40 78.73 -60.02
N LEU OA 281 3.67 78.08 -60.91
CA LEU OA 281 2.70 78.79 -61.73
C LEU OA 281 1.51 79.25 -60.90
N HIS OA 282 1.05 78.42 -59.97
CA HIS OA 282 0.03 78.84 -59.03
C HIS OA 282 0.54 79.94 -58.12
N VAL OA 283 1.84 79.91 -57.78
CA VAL OA 283 2.45 80.99 -57.02
C VAL OA 283 2.44 82.28 -57.84
N LEU OA 284 2.73 82.17 -59.14
CA LEU OA 284 2.68 83.32 -60.05
C LEU OA 284 1.27 83.90 -60.12
N GLU OA 285 0.27 83.04 -60.11
CA GLU OA 285 -1.10 83.50 -60.01
C GLU OA 285 -1.46 84.00 -58.62
N GLY OA 286 -0.65 83.67 -57.62
CA GLY OA 286 -0.99 83.98 -56.25
C GLY OA 286 -1.79 82.90 -55.56
N VAL OA 287 -2.14 81.83 -56.26
CA VAL OA 287 -2.87 80.71 -55.67
C VAL OA 287 -1.92 79.95 -54.76
N PRO OA 288 -2.25 79.79 -53.49
CA PRO OA 288 -1.43 78.95 -52.62
C PRO OA 288 -1.57 77.49 -53.02
N PRO OA 289 -0.51 76.71 -52.87
CA PRO OA 289 -0.57 75.31 -53.25
C PRO OA 289 -1.37 74.51 -52.24
N PRO OA 290 -1.99 73.41 -52.66
CA PRO OA 290 -2.71 72.56 -51.71
C PRO OA 290 -1.75 71.91 -50.72
N GLY OA 291 -2.23 71.74 -49.49
CA GLY OA 291 -1.45 71.15 -48.43
C GLY OA 291 -0.47 72.07 -47.77
N SER OA 292 -0.36 73.31 -48.22
CA SER OA 292 0.59 74.25 -47.63
C SER OA 292 -0.08 75.00 -46.48
N ARG OA 293 0.61 76.02 -45.98
CA ARG OA 293 0.02 76.93 -45.02
C ARG OA 293 0.62 78.32 -45.20
N ARG OA 294 -0.16 79.32 -44.83
CA ARG OA 294 0.26 80.70 -45.00
C ARG OA 294 1.31 81.08 -43.97
N LEU OA 295 2.09 82.09 -44.31
CA LEU OA 295 3.15 82.61 -43.46
C LEU OA 295 2.85 84.08 -43.14
N VAL OA 296 3.82 84.73 -42.50
CA VAL OA 296 3.73 86.16 -42.19
C VAL OA 296 4.89 86.86 -42.90
N VAL OA 297 4.57 87.92 -43.63
CA VAL OA 297 5.56 88.72 -44.34
C VAL OA 297 5.61 90.09 -43.69
N SER OA 298 6.82 90.54 -43.36
CA SER OA 298 7.02 91.88 -42.82
C SER OA 298 8.12 92.57 -43.61
N GLY OA 299 7.79 93.71 -44.22
CA GLY OA 299 8.77 94.48 -44.95
C GLY OA 299 8.29 95.12 -46.23
N GLY OA 300 7.12 94.75 -46.71
CA GLY OA 300 6.60 95.36 -47.92
C GLY OA 300 5.65 94.41 -48.65
N ASP OA 301 5.64 94.56 -49.97
CA ASP OA 301 4.72 93.84 -50.85
C ASP OA 301 5.34 92.49 -51.21
N ALA OA 302 4.99 91.45 -50.46
CA ALA OA 302 5.42 90.09 -50.74
C ALA OA 302 4.49 89.11 -50.04
N ARG OA 303 4.32 87.94 -50.63
CA ARG OA 303 3.52 86.88 -50.04
C ARG OA 303 4.34 85.60 -49.98
N ALA OA 304 4.09 84.78 -48.95
CA ALA OA 304 4.94 83.63 -48.68
C ALA OA 304 4.11 82.44 -48.25
N TRP OA 305 4.62 81.25 -48.58
CA TRP OA 305 3.99 79.99 -48.18
C TRP OA 305 5.05 78.94 -47.94
N LEU OA 306 4.66 77.92 -47.18
CA LEU OA 306 5.50 76.77 -46.86
C LEU OA 306 4.71 75.50 -47.10
N SER OA 307 5.21 74.63 -47.97
CA SER OA 307 4.55 73.36 -48.24
C SER OA 307 5.45 72.17 -47.91
N ASN OA 308 6.65 72.10 -48.47
CA ASN OA 308 7.49 70.92 -48.43
C ASN OA 308 8.90 71.29 -48.02
N GLU OA 309 9.00 72.00 -46.89
CA GLU OA 309 10.25 72.52 -46.33
C GLU OA 309 10.95 73.46 -47.30
N LYS OA 310 10.15 74.16 -48.11
CA LYS OA 310 10.65 75.12 -49.08
C LYS OA 310 9.80 76.38 -48.96
N MET OA 311 10.46 77.53 -48.95
CA MET OA 311 9.74 78.79 -48.98
C MET OA 311 9.36 79.11 -50.41
N TYR OA 312 8.12 79.54 -50.60
CA TYR OA 312 7.63 80.00 -51.90
C TYR OA 312 7.16 81.43 -51.73
N VAL OA 313 7.73 82.34 -52.51
CA VAL OA 313 7.48 83.77 -52.32
C VAL OA 313 7.09 84.40 -53.64
N ARG OA 314 5.99 85.14 -53.61
CA ARG OA 314 5.51 85.91 -54.75
C ARG OA 314 5.69 87.38 -54.45
N THR OA 315 6.39 88.08 -55.33
CA THR OA 315 6.65 89.51 -55.16
C THR OA 315 6.93 90.09 -56.53
N ASN OA 316 7.50 91.29 -56.57
CA ASN OA 316 8.07 91.84 -57.79
C ASN OA 316 9.43 92.45 -57.56
N LEU OA 317 9.98 92.31 -56.35
CA LEU OA 317 11.29 92.84 -56.02
C LEU OA 317 12.35 91.81 -56.40
N THR OA 318 13.58 92.02 -55.96
CA THR OA 318 14.68 91.10 -56.22
C THR OA 318 15.36 90.73 -54.91
N ILE OA 319 15.41 89.44 -54.61
CA ILE OA 319 15.96 88.96 -53.36
C ILE OA 319 17.47 88.83 -53.49
N LEU OA 320 18.18 89.07 -52.39
CA LEU OA 320 19.63 89.10 -52.42
C LEU OA 320 20.28 87.94 -51.66
N SER OA 321 20.04 87.83 -50.36
CA SER OA 321 20.96 87.05 -49.54
C SER OA 321 20.87 85.53 -49.67
N PRO OA 322 19.76 84.86 -49.30
CA PRO OA 322 19.87 83.46 -48.89
C PRO OA 322 19.99 82.47 -50.04
N GLY OA 323 19.89 82.91 -51.30
CA GLY OA 323 19.93 81.99 -52.41
C GLY OA 323 18.61 81.29 -52.64
N TRP OA 324 18.21 81.17 -53.90
CA TRP OA 324 16.95 80.53 -54.23
C TRP OA 324 17.19 79.41 -55.23
N LEU OA 325 16.25 78.47 -55.24
CA LEU OA 325 16.38 77.29 -56.09
C LEU OA 325 15.70 77.46 -57.43
N ALA OA 326 14.65 78.26 -57.51
CA ALA OA 326 13.96 78.43 -58.79
C ALA OA 326 13.31 79.80 -58.86
N SER OA 327 13.27 80.35 -60.07
CA SER OA 327 12.65 81.65 -60.31
C SER OA 327 11.74 81.58 -61.53
N MET OA 328 10.59 82.23 -61.42
CA MET OA 328 9.62 82.31 -62.49
C MET OA 328 9.23 83.77 -62.70
N THR OA 329 9.11 84.17 -63.96
CA THR OA 329 8.82 85.54 -64.32
C THR OA 329 7.47 85.61 -65.02
N SER OA 330 6.68 86.63 -64.67
CA SER OA 330 5.44 86.91 -65.37
C SER OA 330 5.74 87.76 -66.61
N ALA OA 331 4.70 88.29 -67.21
CA ALA OA 331 4.85 89.30 -68.25
C ALA OA 331 4.76 90.72 -67.71
N ASP OA 332 4.60 90.88 -66.40
CA ASP OA 332 4.37 92.19 -65.80
C ASP OA 332 5.36 92.51 -64.69
N GLY OA 333 6.51 91.84 -64.68
CA GLY OA 333 7.50 92.08 -63.65
C GLY OA 333 7.23 91.37 -62.34
N THR OA 334 6.16 90.61 -62.24
CA THR OA 334 5.91 89.80 -61.07
C THR OA 334 6.84 88.59 -61.10
N HIS OA 335 7.36 88.21 -59.95
CA HIS OA 335 8.32 87.13 -59.85
C HIS OA 335 7.92 86.18 -58.73
N ALA OA 336 8.25 84.91 -58.94
CA ALA OA 336 8.04 83.86 -57.96
C ALA OA 336 9.36 83.16 -57.70
N TYR OA 337 9.64 82.90 -56.43
CA TYR OA 337 10.89 82.30 -56.01
C TYR OA 337 10.61 81.09 -55.15
N GLU OA 338 11.29 79.98 -55.45
CA GLU OA 338 11.31 78.80 -54.61
C GLU OA 338 12.70 78.67 -54.00
N MET OA 339 12.76 78.57 -52.69
CA MET OA 339 14.02 78.72 -51.98
C MET OA 339 13.99 77.94 -50.68
N GLN OA 340 15.11 78.01 -49.95
CA GLN OA 340 15.24 77.38 -48.65
C GLN OA 340 14.46 78.17 -47.59
N LYS OA 341 14.19 77.53 -46.46
CA LYS OA 341 13.54 78.20 -45.36
C LYS OA 341 14.51 79.13 -44.65
N SER OA 342 14.11 80.38 -44.47
CA SER OA 342 14.95 81.37 -43.82
C SER OA 342 14.07 82.45 -43.21
N PRO OA 343 14.34 82.85 -41.96
CA PRO OA 343 13.52 83.89 -41.33
C PRO OA 343 13.78 85.28 -41.86
N VAL OA 344 14.86 85.50 -42.59
CA VAL OA 344 15.23 86.84 -43.04
C VAL OA 344 15.45 86.82 -44.55
N LEU OA 345 15.21 87.96 -45.16
CA LEU OA 345 15.43 88.14 -46.58
C LEU OA 345 16.10 89.48 -46.82
N LEU OA 346 16.91 89.56 -47.88
CA LEU OA 346 17.55 90.79 -48.28
C LEU OA 346 17.09 91.15 -49.68
N VAL OA 347 16.66 92.40 -49.88
CA VAL OA 347 16.14 92.84 -51.16
C VAL OA 347 16.72 94.20 -51.51
N SER OA 348 16.69 94.51 -52.81
CA SER OA 348 17.03 95.83 -53.31
C SER OA 348 15.76 96.43 -53.89
N TRP OA 349 15.39 97.62 -53.41
CA TRP OA 349 14.11 98.20 -53.79
C TRP OA 349 14.24 99.14 -54.97
N HIS OA 350 14.94 100.26 -54.78
CA HIS OA 350 15.21 101.21 -55.84
C HIS OA 350 16.63 101.74 -55.70
N GLY OA 351 17.57 100.83 -55.48
CA GLY OA 351 18.91 101.19 -55.09
C GLY OA 351 19.10 101.29 -53.60
N LYS OA 352 18.09 100.94 -52.82
CA LYS OA 352 18.18 100.94 -51.36
C LYS OA 352 17.99 99.51 -50.87
N VAL OA 353 18.76 99.14 -49.84
CA VAL OA 353 18.80 97.78 -49.36
C VAL OA 353 17.81 97.63 -48.21
N MET OA 354 16.99 96.58 -48.27
CA MET OA 354 15.94 96.35 -47.28
C MET OA 354 16.02 94.92 -46.78
N GLN OA 355 15.61 94.73 -45.52
CA GLN OA 355 15.54 93.42 -44.91
C GLN OA 355 14.09 93.09 -44.61
N LEU OA 356 13.74 91.83 -44.82
CA LEU OA 356 12.37 91.35 -44.66
C LEU OA 356 12.35 90.26 -43.59
N LYS OA 357 11.43 90.41 -42.64
CA LYS OA 357 11.27 89.46 -41.54
C LYS OA 357 10.08 88.56 -41.79
N VAL OA 358 10.29 87.25 -41.70
CA VAL OA 358 9.28 86.24 -41.98
C VAL OA 358 9.02 85.47 -40.70
N GLU OA 359 7.76 85.34 -40.32
CA GLU OA 359 7.35 84.55 -39.18
C GLU OA 359 6.62 83.31 -39.67
N GLY OA 360 6.24 82.46 -38.73
CA GLY OA 360 5.54 81.24 -39.05
C GLY OA 360 6.42 80.08 -39.44
N LEU OA 361 7.73 80.27 -39.48
CA LEU OA 361 8.64 79.17 -39.75
C LEU OA 361 8.85 78.34 -38.49
N VAL PA 38 -38.86 81.83 -40.77
CA VAL PA 38 -39.95 82.76 -40.46
C VAL PA 38 -39.51 84.17 -39.97
N PRO PA 39 -38.66 84.33 -38.92
CA PRO PA 39 -38.36 85.70 -38.47
C PRO PA 39 -37.41 86.45 -39.39
N LYS PA 40 -36.65 85.75 -40.24
CA LYS PA 40 -35.79 86.41 -41.21
C LYS PA 40 -36.48 86.62 -42.56
N LEU PA 41 -37.67 86.07 -42.73
CA LEU PA 41 -38.43 86.34 -43.94
C LEU PA 41 -38.98 87.76 -43.90
N PRO PA 42 -39.01 88.47 -45.03
CA PRO PA 42 -39.57 89.82 -45.04
C PRO PA 42 -41.07 89.81 -44.84
N CYS PA 43 -41.56 90.85 -44.15
CA CYS PA 43 -42.98 90.98 -43.86
C CYS PA 43 -43.72 91.66 -45.01
N ARG PA 44 -43.31 92.88 -45.35
CA ARG PA 44 -43.88 93.63 -46.45
C ARG PA 44 -42.79 93.95 -47.45
N VAL PA 45 -43.20 94.41 -48.63
CA VAL PA 45 -42.24 94.85 -49.63
C VAL PA 45 -41.58 96.14 -49.16
N ASP PA 46 -40.26 96.20 -49.27
CA ASP PA 46 -39.49 97.32 -48.75
C ASP PA 46 -39.79 98.60 -49.53
N GLY PA 47 -39.78 99.72 -48.81
CA GLY PA 47 -40.09 101.01 -49.40
C GLY PA 47 -41.52 101.13 -49.85
N ALA PA 48 -42.46 100.69 -49.02
CA ALA PA 48 -43.86 100.74 -49.40
C ALA PA 48 -44.72 101.02 -48.18
N CYS PA 49 -45.71 101.89 -48.37
CA CYS PA 49 -46.71 102.20 -47.35
C CYS PA 49 -47.95 102.70 -48.06
N ASP PA 50 -49.04 101.94 -47.94
CA ASP PA 50 -50.26 102.26 -48.69
C ASP PA 50 -50.91 103.54 -48.20
N ALA PA 51 -50.76 103.85 -46.91
CA ALA PA 51 -51.23 105.12 -46.39
C ALA PA 51 -50.49 106.29 -47.04
N THR PA 52 -49.18 106.13 -47.21
CA THR PA 52 -48.40 107.14 -47.92
C THR PA 52 -48.79 107.21 -49.38
N ILE PA 53 -49.14 106.06 -49.97
CA ILE PA 53 -49.58 106.02 -51.37
C ILE PA 53 -50.86 106.82 -51.56
N ILE PA 54 -51.83 106.59 -50.69
CA ILE PA 54 -53.11 107.29 -50.77
C ILE PA 54 -52.93 108.77 -50.47
N LYS PA 55 -52.08 109.09 -49.49
CA LYS PA 55 -51.81 110.48 -49.13
C LYS PA 55 -51.18 111.25 -50.28
N MET PA 56 -50.19 110.66 -50.94
CA MET PA 56 -49.54 111.35 -52.04
C MET PA 56 -50.40 111.38 -53.29
N MET PA 57 -51.29 110.40 -53.47
CA MET PA 57 -52.25 110.47 -54.56
C MET PA 57 -53.24 111.62 -54.34
N THR PA 58 -53.69 111.78 -53.10
CA THR PA 58 -54.56 112.90 -52.75
C THR PA 58 -53.84 114.23 -52.93
N ASP PA 59 -52.55 114.27 -52.59
CA ASP PA 59 -51.77 115.50 -52.78
C ASP PA 59 -51.59 115.83 -54.27
N LEU PA 60 -51.40 114.81 -55.10
CA LEU PA 60 -51.32 115.03 -56.54
C LEU PA 60 -52.64 115.54 -57.10
N ASN PA 61 -53.75 114.99 -56.60
CA ASN PA 61 -55.06 115.46 -57.04
C ASN PA 61 -55.32 116.89 -56.61
N LYS PA 62 -54.95 117.26 -55.38
CA LYS PA 62 -55.18 118.61 -54.93
C LYS PA 62 -54.18 119.60 -55.51
N LYS PA 63 -53.04 119.12 -56.00
CA LYS PA 63 -52.14 119.97 -56.76
C LYS PA 63 -52.65 120.15 -58.19
N GLY PA 64 -53.36 119.17 -58.72
CA GLY PA 64 -53.87 119.22 -60.07
C GLY PA 64 -53.16 118.29 -61.03
N ILE PA 65 -52.13 117.59 -60.57
CA ILE PA 65 -51.46 116.61 -61.40
C ILE PA 65 -52.31 115.36 -61.46
N LYS PA 66 -52.64 114.92 -62.68
CA LYS PA 66 -53.64 113.87 -62.82
C LYS PA 66 -53.02 112.51 -62.53
N VAL PA 67 -53.68 111.76 -61.66
CA VAL PA 67 -53.31 110.37 -61.38
C VAL PA 67 -54.51 109.50 -61.72
N ALA PA 68 -54.29 108.51 -62.58
CA ALA PA 68 -55.34 107.64 -63.08
C ALA PA 68 -55.03 106.20 -62.73
N SER PA 69 -56.00 105.53 -62.12
CA SER PA 69 -55.86 104.14 -61.66
C SER PA 69 -57.02 103.33 -62.22
N VAL PA 70 -56.74 102.56 -63.28
CA VAL PA 70 -57.75 101.71 -63.90
C VAL PA 70 -57.14 100.32 -64.10
N GLY PA 71 -57.78 99.31 -63.55
CA GLY PA 71 -57.24 97.96 -63.60
C GLY PA 71 -55.96 97.87 -62.79
N GLN PA 72 -54.91 97.35 -63.40
CA GLN PA 72 -53.58 97.33 -62.80
C GLN PA 72 -52.61 98.22 -63.56
N ASN PA 73 -53.13 99.11 -64.42
CA ASN PA 73 -52.33 100.04 -65.19
C ASN PA 73 -52.56 101.45 -64.67
N TYR PA 74 -51.48 102.19 -64.48
CA TYR PA 74 -51.51 103.49 -63.84
C TYR PA 74 -50.91 104.55 -64.75
N LEU PA 75 -51.52 105.74 -64.70
CA LEU PA 75 -51.18 106.87 -65.54
C LEU PA 75 -50.94 108.11 -64.69
N ILE PA 76 -49.87 108.84 -65.01
CA ILE PA 76 -49.63 110.18 -64.45
C ILE PA 76 -49.61 111.17 -65.59
N SER PA 77 -50.44 112.20 -65.50
CA SER PA 77 -50.52 113.25 -66.51
C SER PA 77 -50.12 114.57 -65.91
N ILE PA 78 -49.20 115.27 -66.57
CA ILE PA 78 -48.66 116.53 -66.08
C ILE PA 78 -48.68 117.56 -67.20
N PRO PA 79 -49.26 118.75 -67.00
CA PRO PA 79 -49.09 119.82 -67.99
C PRO PA 79 -47.66 120.31 -68.04
N ALA PA 80 -47.16 120.55 -69.26
CA ALA PA 80 -45.76 120.88 -69.47
C ALA PA 80 -45.42 122.31 -69.10
N SER PA 81 -46.42 123.16 -68.85
CA SER PA 81 -46.16 124.54 -68.48
C SER PA 81 -45.53 124.65 -67.10
N ALA PA 82 -45.77 123.68 -66.23
CA ALA PA 82 -45.13 123.62 -64.94
C ALA PA 82 -43.80 122.87 -64.98
N LEU PA 83 -43.34 122.51 -66.18
CA LEU PA 83 -42.08 121.80 -66.34
C LEU PA 83 -41.06 122.56 -67.16
N PHE PA 84 -41.49 123.29 -68.18
CA PHE PA 84 -40.54 123.93 -69.09
C PHE PA 84 -40.92 125.39 -69.28
N ALA PA 85 -40.09 126.08 -70.05
CA ALA PA 85 -40.35 127.45 -70.45
C ALA PA 85 -41.20 127.45 -71.71
N ASP PA 86 -41.23 128.58 -72.42
CA ASP PA 86 -42.08 128.75 -73.58
C ASP PA 86 -41.52 127.91 -74.73
N GLN PA 87 -42.06 126.69 -74.85
CA GLN PA 87 -41.71 125.73 -75.90
C GLN PA 87 -40.22 125.39 -75.88
N SER PA 88 -39.65 125.32 -74.70
CA SER PA 88 -38.23 125.08 -74.59
C SER PA 88 -37.96 123.70 -74.03
N PRO PA 89 -36.86 123.06 -74.43
CA PRO PA 89 -36.40 121.84 -73.78
C PRO PA 89 -35.50 122.13 -72.58
N ARG PA 90 -35.97 123.02 -71.69
CA ARG PA 90 -35.19 123.45 -70.54
C ARG PA 90 -36.05 123.28 -69.30
N LEU PA 91 -35.39 123.05 -68.17
CA LEU PA 91 -36.07 122.74 -66.92
C LEU PA 91 -36.06 123.95 -65.99
N ASN PA 92 -37.21 124.22 -65.38
CA ASN PA 92 -37.27 125.17 -64.29
C ASN PA 92 -36.54 124.60 -63.09
N TRP PA 93 -35.92 125.49 -62.32
CA TRP PA 93 -35.18 125.02 -61.15
C TRP PA 93 -36.12 124.58 -60.04
N ALA PA 94 -37.28 125.21 -59.91
CA ALA PA 94 -38.23 124.84 -58.86
C ALA PA 94 -38.94 123.54 -59.16
N SER PA 95 -38.91 123.07 -60.41
CA SER PA 95 -39.60 121.84 -60.79
C SER PA 95 -38.94 120.58 -60.25
N TYR PA 96 -37.73 120.69 -59.70
CA TYR PA 96 -37.07 119.52 -59.14
C TYR PA 96 -37.75 119.02 -57.88
N SER PA 97 -38.49 119.89 -57.19
CA SER PA 97 -39.33 119.43 -56.08
C SER PA 97 -40.44 118.50 -56.59
N LEU PA 98 -41.07 118.88 -57.71
CA LEU PA 98 -42.10 118.02 -58.30
C LEU PA 98 -41.50 116.73 -58.83
N LEU PA 99 -40.28 116.82 -59.37
CA LEU PA 99 -39.57 115.63 -59.82
C LEU PA 99 -39.24 114.71 -58.65
N ASN PA 100 -38.87 115.29 -57.51
CA ASN PA 100 -38.64 114.49 -56.31
C ASN PA 100 -39.93 113.86 -55.81
N GLU PA 101 -41.06 114.56 -55.96
CA GLU PA 101 -42.35 114.00 -55.58
C GLU PA 101 -42.71 112.79 -56.43
N ILE PA 102 -42.59 112.93 -57.75
CA ILE PA 102 -42.95 111.81 -58.62
C ILE PA 102 -41.94 110.68 -58.49
N ALA PA 103 -40.68 110.99 -58.16
CA ALA PA 103 -39.71 109.95 -57.90
C ALA PA 103 -40.02 109.20 -56.60
N ALA PA 104 -40.47 109.93 -55.58
CA ALA PA 104 -40.83 109.30 -54.32
C ALA PA 104 -42.07 108.43 -54.48
N PHE PA 105 -42.99 108.83 -55.35
CA PHE PA 105 -44.12 107.96 -55.64
C PHE PA 105 -43.69 106.73 -56.43
N LEU PA 106 -42.79 106.90 -57.40
CA LEU PA 106 -42.38 105.80 -58.26
C LEU PA 106 -41.55 104.78 -57.51
N LYS PA 107 -40.73 105.22 -56.55
CA LYS PA 107 -39.93 104.30 -55.77
C LYS PA 107 -40.78 103.48 -54.82
N GLN PA 108 -42.00 103.92 -54.52
CA GLN PA 108 -42.88 103.13 -53.68
C GLN PA 108 -43.55 102.00 -54.43
N PHE PA 109 -43.35 101.90 -55.74
CA PHE PA 109 -44.03 100.89 -56.55
C PHE PA 109 -43.03 100.01 -57.27
N ARG PA 110 -43.38 98.72 -57.37
CA ARG PA 110 -42.61 97.77 -58.14
C ARG PA 110 -43.15 97.74 -59.57
N LYS PA 111 -42.25 97.81 -60.54
CA LYS PA 111 -42.62 97.92 -61.93
C LYS PA 111 -41.72 97.02 -62.77
N ILE PA 112 -42.02 96.94 -64.05
CA ILE PA 112 -41.19 96.21 -65.01
C ILE PA 112 -40.80 97.16 -66.13
N ALA PA 113 -41.79 97.69 -66.83
CA ALA PA 113 -41.59 98.57 -67.97
C ALA PA 113 -42.42 99.82 -67.80
N ILE PA 114 -41.78 100.98 -67.95
CA ILE PA 114 -42.46 102.27 -67.85
C ILE PA 114 -42.30 103.01 -69.16
N THR PA 115 -43.36 103.68 -69.60
CA THR PA 115 -43.34 104.43 -70.84
C THR PA 115 -43.68 105.90 -70.56
N VAL PA 116 -42.95 106.80 -71.20
CA VAL PA 116 -43.21 108.23 -71.12
C VAL PA 116 -43.42 108.77 -72.53
N THR PA 117 -44.48 109.55 -72.69
CA THR PA 117 -44.80 110.17 -73.97
C THR PA 117 -45.08 111.64 -73.74
N SER PA 118 -44.72 112.45 -74.73
CA SER PA 118 -44.91 113.90 -74.64
C SER PA 118 -45.79 114.40 -75.77
N TYR PA 119 -46.83 115.15 -75.43
CA TYR PA 119 -47.71 115.78 -76.39
C TYR PA 119 -47.56 117.29 -76.33
N SER PA 120 -47.80 117.96 -77.44
CA SER PA 120 -47.62 119.40 -77.53
C SER PA 120 -48.65 119.97 -78.48
N SER PA 121 -48.41 121.18 -78.94
CA SER PA 121 -49.25 121.86 -79.92
C SER PA 121 -48.53 121.90 -81.26
N LYS PA 122 -49.15 122.58 -82.23
CA LYS PA 122 -48.55 122.82 -83.53
C LYS PA 122 -48.13 124.29 -83.60
N TYR PA 123 -46.83 124.53 -83.69
CA TYR PA 123 -46.28 125.87 -83.55
C TYR PA 123 -45.65 126.40 -84.83
N VAL PA 124 -44.64 125.74 -85.36
CA VAL PA 124 -44.04 126.15 -86.63
C VAL PA 124 -43.97 124.95 -87.56
N SER PA 125 -43.36 123.86 -87.10
CA SER PA 125 -43.20 122.67 -87.90
C SER PA 125 -43.57 121.43 -87.11
N VAL PA 126 -44.04 120.43 -87.86
CA VAL PA 126 -44.29 119.12 -87.30
C VAL PA 126 -43.00 118.52 -86.76
N LYS PA 127 -41.91 118.67 -87.52
CA LYS PA 127 -40.59 118.23 -87.08
C LYS PA 127 -40.15 119.00 -85.84
N ARG PA 128 -40.46 120.29 -85.79
CA ARG PA 128 -40.09 121.12 -84.64
C ARG PA 128 -40.76 120.64 -83.36
N GLU PA 129 -42.09 120.44 -83.42
CA GLU PA 129 -42.77 120.04 -82.20
C GLU PA 129 -42.49 118.59 -81.83
N ARG PA 130 -42.25 117.72 -82.81
CA ARG PA 130 -41.87 116.35 -82.49
C ARG PA 130 -40.48 116.30 -81.86
N ALA PA 131 -39.57 117.15 -82.34
CA ALA PA 131 -38.24 117.23 -81.76
C ALA PA 131 -38.30 117.78 -80.34
N LEU PA 132 -39.16 118.78 -80.10
CA LEU PA 132 -39.30 119.34 -78.76
C LEU PA 132 -39.84 118.30 -77.78
N THR PA 133 -40.86 117.56 -78.20
CA THR PA 133 -41.42 116.50 -77.36
C THR PA 133 -40.39 115.41 -77.10
N LEU PA 134 -39.63 115.03 -78.12
CA LEU PA 134 -38.62 113.99 -77.99
C LEU PA 134 -37.50 114.41 -77.05
N ALA PA 135 -37.07 115.68 -77.15
CA ALA PA 135 -36.01 116.17 -76.27
C ALA PA 135 -36.48 116.24 -74.83
N ARG PA 136 -37.72 116.71 -74.59
CA ARG PA 136 -38.24 116.78 -73.24
C ARG PA 136 -38.40 115.41 -72.62
N SER PA 137 -38.89 114.45 -73.41
CA SER PA 137 -39.05 113.08 -72.94
C SER PA 137 -37.70 112.44 -72.64
N ARG PA 138 -36.70 112.70 -73.49
CA ARG PA 138 -35.37 112.16 -73.27
C ARG PA 138 -34.75 112.72 -72.00
N VAL PA 139 -34.95 114.02 -71.75
CA VAL PA 139 -34.39 114.66 -70.57
C VAL PA 139 -35.02 114.11 -69.30
N VAL PA 140 -36.36 114.00 -69.28
CA VAL PA 140 -37.01 113.53 -68.06
C VAL PA 140 -36.75 112.03 -67.85
N SER PA 141 -36.59 111.26 -68.94
CA SER PA 141 -36.26 109.84 -68.83
C SER PA 141 -34.85 109.66 -68.29
N GLU PA 142 -33.92 110.48 -68.76
CA GLU PA 142 -32.54 110.39 -68.28
C GLU PA 142 -32.45 110.77 -66.80
N TYR PA 143 -33.16 111.82 -66.39
CA TYR PA 143 -33.14 112.20 -64.98
C TYR PA 143 -33.79 111.14 -64.11
N LEU PA 144 -34.87 110.54 -64.59
CA LEU PA 144 -35.53 109.53 -63.79
C LEU PA 144 -34.73 108.23 -63.75
N TRP PA 145 -33.96 107.95 -64.81
CA TRP PA 145 -33.05 106.82 -64.77
C TRP PA 145 -31.90 107.07 -63.82
N SER PA 146 -31.45 108.33 -63.74
CA SER PA 146 -30.44 108.70 -62.76
C SER PA 146 -30.97 108.54 -61.35
N GLN PA 147 -32.25 108.87 -61.15
CA GLN PA 147 -32.90 108.55 -59.90
C GLN PA 147 -33.07 107.03 -59.76
N GLY PA 148 -33.08 106.56 -58.52
CA GLY PA 148 -33.09 105.14 -58.25
C GLY PA 148 -34.45 104.48 -58.25
N VAL PA 149 -35.02 104.26 -59.43
CA VAL PA 149 -36.30 103.55 -59.57
C VAL PA 149 -36.03 102.18 -60.17
N ASP PA 150 -36.59 101.15 -59.55
CA ASP PA 150 -36.32 99.76 -59.90
C ASP PA 150 -37.13 99.41 -61.14
N SER PA 151 -36.57 99.73 -62.30
CA SER PA 151 -37.20 99.41 -63.57
C SER PA 151 -36.32 98.46 -64.36
N ARG PA 152 -36.96 97.73 -65.27
CA ARG PA 152 -36.23 97.00 -66.29
C ARG PA 152 -36.22 97.72 -67.62
N ILE PA 153 -37.34 98.26 -68.05
CA ILE PA 153 -37.44 98.95 -69.34
C ILE PA 153 -37.96 100.36 -69.10
N ILE PA 154 -37.31 101.34 -69.74
CA ILE PA 154 -37.85 102.69 -69.83
C ILE PA 154 -37.91 103.05 -71.31
N PHE PA 155 -39.12 103.32 -71.79
CA PHE PA 155 -39.38 103.73 -73.16
C PHE PA 155 -39.77 105.20 -73.18
N THR PA 156 -39.22 105.95 -74.13
CA THR PA 156 -39.52 107.36 -74.26
C THR PA 156 -39.87 107.71 -75.71
N GLN PA 157 -40.95 108.49 -75.87
CA GLN PA 157 -41.35 109.00 -77.17
C GLN PA 157 -42.22 110.23 -77.02
N GLY PA 158 -42.40 110.93 -78.14
CA GLY PA 158 -43.26 112.09 -78.18
C GLY PA 158 -43.95 112.19 -79.52
N LEU PA 159 -45.15 112.79 -79.50
CA LEU PA 159 -45.94 112.90 -80.71
C LEU PA 159 -46.41 114.31 -81.03
N GLY PA 160 -46.30 115.26 -80.10
CA GLY PA 160 -46.69 116.62 -80.39
C GLY PA 160 -48.19 116.84 -80.39
N SER PA 161 -48.72 117.33 -81.50
CA SER PA 161 -50.14 117.66 -81.61
C SER PA 161 -50.94 116.57 -82.28
N ASP PA 162 -50.38 115.38 -82.46
CA ASP PA 162 -51.05 114.32 -83.19
C ASP PA 162 -52.19 113.66 -82.43
N LYS PA 163 -52.28 113.88 -81.12
CA LYS PA 163 -53.37 113.31 -80.31
C LYS PA 163 -54.03 114.42 -79.51
N PRO PA 164 -54.91 115.20 -80.14
CA PRO PA 164 -55.64 116.23 -79.39
C PRO PA 164 -56.76 115.61 -78.57
N ILE PA 165 -57.02 116.23 -77.41
CA ILE PA 165 -58.12 115.83 -76.55
C ILE PA 165 -59.05 116.98 -76.26
N THR PA 166 -58.89 118.10 -76.94
CA THR PA 166 -59.73 119.26 -76.70
C THR PA 166 -59.98 120.00 -78.00
N SER PA 167 -61.25 120.32 -78.27
CA SER PA 167 -61.57 121.18 -79.40
C SER PA 167 -61.10 122.60 -79.18
N TYR PA 168 -61.17 123.08 -77.93
CA TYR PA 168 -60.72 124.42 -77.58
C TYR PA 168 -59.20 124.48 -77.67
N THR PA 169 -58.69 125.28 -78.60
CA THR PA 169 -57.26 125.34 -78.90
C THR PA 169 -56.78 126.78 -78.93
N LEU PA 170 -57.15 127.57 -77.92
CA LEU PA 170 -56.75 128.97 -77.90
C LEU PA 170 -55.38 129.17 -77.25
N GLY PA 171 -55.12 128.52 -76.12
CA GLY PA 171 -53.84 128.65 -75.47
C GLY PA 171 -52.73 127.97 -76.24
N GLY PA 172 -51.50 128.34 -75.89
CA GLY PA 172 -50.34 127.76 -76.52
C GLY PA 172 -49.75 126.69 -75.64
N ASP PA 173 -48.71 127.05 -74.88
CA ASP PA 173 -48.23 126.15 -73.84
C ASP PA 173 -49.19 126.06 -72.67
N ARG PA 174 -50.10 127.02 -72.53
CA ARG PA 174 -51.16 126.96 -71.53
C ARG PA 174 -52.29 126.02 -71.93
N SER PA 175 -52.31 125.55 -73.18
CA SER PA 175 -53.36 124.64 -73.62
C SER PA 175 -53.23 123.29 -72.91
N PRO PA 176 -54.34 122.69 -72.48
CA PRO PA 176 -54.25 121.49 -71.65
C PRO PA 176 -53.78 120.25 -72.38
N ASN PA 177 -53.89 120.20 -73.71
CA ASN PA 177 -53.48 119.01 -74.44
C ASN PA 177 -51.95 118.89 -74.50
N ALA PA 178 -51.24 120.02 -74.46
CA ALA PA 178 -49.79 119.99 -74.40
C ALA PA 178 -49.37 119.53 -73.00
N ARG PA 179 -48.85 118.32 -72.90
CA ARG PA 179 -48.64 117.69 -71.60
C ARG PA 179 -47.63 116.56 -71.75
N VAL PA 180 -47.40 115.86 -70.64
CA VAL PA 180 -46.63 114.63 -70.64
C VAL PA 180 -47.42 113.57 -69.89
N GLU PA 181 -47.21 112.33 -70.30
CA GLU PA 181 -47.95 111.19 -69.77
C GLU PA 181 -46.98 110.06 -69.47
N ILE PA 182 -47.17 109.45 -68.30
CA ILE PA 182 -46.35 108.35 -67.82
C ILE PA 182 -47.27 107.17 -67.55
N THR PA 183 -46.96 106.04 -68.14
CA THR PA 183 -47.80 104.86 -68.00
C THR PA 183 -46.97 103.68 -67.54
N PHE PA 184 -47.57 102.84 -66.69
CA PHE PA 184 -46.97 101.56 -66.35
C PHE PA 184 -48.06 100.59 -65.94
N ARG PA 185 -47.70 99.32 -65.84
CA ARG PA 185 -48.58 98.28 -65.32
C ARG PA 185 -47.96 97.69 -64.06
N ARG PA 186 -48.74 97.65 -62.99
CA ARG PA 186 -48.25 97.15 -61.71
C ARG PA 186 -48.07 95.64 -61.76
N ALA PA 187 -46.83 95.20 -61.57
CA ALA PA 187 -46.54 93.77 -61.50
C ALA PA 187 -47.03 93.21 -60.18
N VAL PA 188 -47.58 91.99 -60.24
CA VAL PA 188 -48.08 91.23 -59.10
C VAL PA 188 -49.14 91.99 -58.30
N CYS QA 42 -34.95 137.18 -58.53
CA CYS QA 42 -33.78 137.70 -57.85
C CYS QA 42 -32.50 137.18 -58.47
N PHE QA 43 -32.37 135.85 -58.53
CA PHE QA 43 -31.19 135.19 -59.06
C PHE QA 43 -31.55 133.79 -59.49
N HIS QA 44 -31.09 133.39 -60.67
CA HIS QA 44 -31.38 132.05 -61.17
C HIS QA 44 -30.25 131.12 -60.81
N PRO QA 45 -30.51 130.04 -60.07
CA PRO QA 45 -29.46 129.05 -59.78
C PRO QA 45 -28.92 128.37 -61.02
N PRO QA 46 -29.69 128.26 -62.14
CA PRO QA 46 -28.99 128.11 -63.42
C PRO QA 46 -28.32 129.39 -63.89
N TYR QA 47 -27.13 129.64 -63.33
CA TYR QA 47 -26.09 130.53 -63.85
C TYR QA 47 -26.54 131.98 -63.99
N ASN QA 48 -27.65 132.36 -63.36
CA ASN QA 48 -28.33 133.65 -63.52
C ASN QA 48 -28.64 133.94 -64.99
N ASN QA 49 -28.90 132.89 -65.77
CA ASN QA 49 -29.07 132.94 -67.22
C ASN QA 49 -27.93 133.67 -67.92
N PHE QA 50 -26.71 133.47 -67.41
CA PHE QA 50 -25.47 134.15 -67.85
C PHE QA 50 -25.62 135.66 -67.81
N GLN QA 51 -26.30 136.17 -66.78
CA GLN QA 51 -26.39 137.62 -66.73
C GLN QA 51 -25.43 138.18 -65.68
N PRO QA 52 -24.93 139.40 -65.89
CA PRO QA 52 -24.01 140.00 -64.92
C PRO QA 52 -24.67 140.30 -63.58
N ASP QA 53 -24.27 139.55 -62.56
CA ASP QA 53 -24.91 139.63 -61.26
C ASP QA 53 -24.46 140.87 -60.49
N ARG QA 54 -25.40 141.46 -59.76
CA ARG QA 54 -25.10 142.49 -58.77
C ARG QA 54 -25.24 141.87 -57.38
N ARG QA 55 -24.16 141.93 -56.60
CA ARG QA 55 -24.12 141.26 -55.31
C ARG QA 55 -24.28 142.20 -54.13
N ALA QA 56 -23.74 143.41 -54.21
CA ALA QA 56 -23.79 144.35 -53.10
C ALA QA 56 -25.16 144.97 -52.91
N VAL QA 57 -26.09 144.81 -53.86
CA VAL QA 57 -27.44 145.30 -53.67
C VAL QA 57 -28.14 144.53 -52.55
N LYS QA 58 -27.87 143.22 -52.47
CA LYS QA 58 -28.39 142.41 -51.37
C LYS QA 58 -27.79 142.86 -50.04
N ARG QA 59 -26.50 143.20 -50.05
CA ARG QA 59 -25.83 143.64 -48.83
C ARG QA 59 -26.36 144.99 -48.35
N VAL QA 60 -26.57 145.93 -49.27
CA VAL QA 60 -27.11 147.21 -48.83
C VAL QA 60 -28.58 147.08 -48.46
N GLY QA 61 -29.30 146.12 -49.05
CA GLY QA 61 -30.66 145.86 -48.63
C GLY QA 61 -30.75 145.31 -47.22
N VAL QA 62 -29.90 144.34 -46.89
CA VAL QA 62 -29.94 143.79 -45.53
C VAL QA 62 -29.29 144.72 -44.51
N ASP QA 63 -28.42 145.64 -44.94
CA ASP QA 63 -27.88 146.63 -44.01
C ASP QA 63 -28.87 147.76 -43.76
N THR QA 64 -29.66 148.14 -44.76
CA THR QA 64 -30.80 149.02 -44.49
C THR QA 64 -31.85 148.31 -43.63
N GLY QA 65 -32.00 147.00 -43.81
CA GLY QA 65 -32.85 146.22 -42.96
C GLY QA 65 -32.25 146.02 -41.57
N GLY QA 88 -26.55 150.33 -41.55
CA GLY QA 88 -25.16 150.64 -41.80
C GLY QA 88 -24.77 150.44 -43.26
N GLY QA 89 -25.05 151.46 -44.07
CA GLY QA 89 -24.68 151.40 -45.48
C GLY QA 89 -23.18 151.39 -45.69
N THR QA 90 -22.45 152.16 -44.89
CA THR QA 90 -20.99 152.21 -45.02
C THR QA 90 -20.34 150.90 -44.59
N VAL QA 91 -20.81 150.31 -43.49
CA VAL QA 91 -20.23 149.04 -43.05
C VAL QA 91 -20.65 147.91 -43.98
N GLY QA 92 -21.84 148.00 -44.58
CA GLY QA 92 -22.21 147.04 -45.61
C GLY QA 92 -21.36 147.17 -46.85
N LEU QA 93 -21.02 148.40 -47.23
CA LEU QA 93 -20.14 148.63 -48.37
C LEU QA 93 -18.74 148.10 -48.10
N VAL QA 94 -18.23 148.31 -46.89
CA VAL QA 94 -16.87 147.83 -46.61
C VAL QA 94 -16.85 146.31 -46.47
N ALA QA 95 -17.94 145.70 -45.99
CA ALA QA 95 -18.02 144.25 -45.97
C ALA QA 95 -18.12 143.67 -47.38
N SER QA 96 -18.86 144.36 -48.25
CA SER QA 96 -18.96 143.91 -49.64
C SER QA 96 -17.62 144.03 -50.37
N ILE QA 97 -16.90 145.13 -50.17
CA ILE QA 97 -15.61 145.25 -50.84
C ILE QA 97 -14.55 144.36 -50.19
N TYR QA 98 -14.77 143.93 -48.94
CA TYR QA 98 -13.93 142.86 -48.40
C TYR QA 98 -14.25 141.54 -49.09
N ARG QA 99 -15.53 141.26 -49.32
CA ARG QA 99 -15.91 139.96 -49.86
C ARG QA 99 -15.74 139.85 -51.37
N ASP QA 100 -15.57 140.96 -52.10
CA ASP QA 100 -15.27 140.86 -53.51
C ASP QA 100 -13.78 140.93 -53.80
N SER QA 101 -12.93 140.70 -52.80
CA SER QA 101 -11.50 140.76 -53.01
C SER QA 101 -11.03 139.56 -53.85
N LYS QA 102 -9.94 139.79 -54.59
CA LYS QA 102 -9.32 138.69 -55.33
C LYS QA 102 -8.76 137.64 -54.38
N ARG QA 103 -8.15 138.09 -53.28
CA ARG QA 103 -7.72 137.15 -52.25
C ARG QA 103 -8.90 136.45 -51.60
N LYS QA 104 -10.02 137.14 -51.45
CA LYS QA 104 -11.24 136.50 -50.97
C LYS QA 104 -11.73 135.44 -51.95
N ILE QA 105 -11.59 135.72 -53.26
CA ILE QA 105 -11.95 134.75 -54.28
C ILE QA 105 -11.06 133.51 -54.18
N ILE QA 106 -9.76 133.72 -54.00
CA ILE QA 106 -8.83 132.59 -53.93
C ILE QA 106 -9.04 131.79 -52.65
N ARG QA 107 -9.33 132.46 -51.54
CA ARG QA 107 -9.62 131.74 -50.30
C ARG QA 107 -10.95 130.99 -50.39
N ASP QA 108 -11.92 131.54 -51.12
CA ASP QA 108 -13.16 130.80 -51.38
C ASP QA 108 -12.90 129.57 -52.25
N LEU QA 109 -12.02 129.71 -53.24
CA LEU QA 109 -11.71 128.57 -54.09
C LEU QA 109 -10.89 127.53 -53.34
N GLN QA 110 -10.14 127.95 -52.32
CA GLN QA 110 -9.44 127.01 -51.46
C GLN QA 110 -10.40 126.34 -50.49
N LYS QA 111 -11.46 127.06 -50.08
CA LYS QA 111 -12.56 126.43 -49.36
C LYS QA 111 -13.24 125.39 -50.23
N GLN QA 112 -13.39 125.68 -51.51
CA GLN QA 112 -13.82 124.68 -52.47
C GLN QA 112 -12.65 123.78 -52.84
N ASP QA 113 -12.93 122.78 -53.67
CA ASP QA 113 -11.93 121.77 -54.01
C ASP QA 113 -11.26 122.09 -55.35
N ILE QA 114 -10.66 123.26 -55.46
CA ILE QA 114 -9.99 123.68 -56.69
C ILE QA 114 -8.67 124.34 -56.31
N GLN QA 115 -7.58 123.93 -56.97
CA GLN QA 115 -6.26 124.39 -56.57
C GLN QA 115 -5.76 125.49 -57.49
N TYR QA 116 -5.08 126.48 -56.93
CA TYR QA 116 -4.63 127.66 -57.65
C TYR QA 116 -3.13 127.81 -57.52
N VAL QA 117 -2.47 128.19 -58.62
CA VAL QA 117 -1.03 128.42 -58.63
C VAL QA 117 -0.75 129.75 -59.32
N GLU QA 118 0.00 130.61 -58.66
CA GLU QA 118 0.53 131.83 -59.27
C GLU QA 118 2.04 131.76 -59.24
N TYR QA 119 2.67 132.02 -60.39
CA TYR QA 119 4.12 131.87 -60.50
C TYR QA 119 4.63 132.77 -61.59
N GLY QA 120 5.40 133.80 -61.22
CA GLY QA 120 5.92 134.75 -62.17
C GLY QA 120 4.81 135.57 -62.80
N ASP QA 121 4.53 135.31 -64.07
CA ASP QA 121 3.38 135.91 -64.74
C ASP QA 121 2.33 134.90 -65.12
N THR QA 122 2.71 133.67 -65.48
CA THR QA 122 1.76 132.64 -65.84
C THR QA 122 1.04 132.14 -64.60
N ARG QA 123 -0.28 132.08 -64.65
CA ARG QA 123 -1.06 131.56 -63.54
C ARG QA 123 -1.96 130.43 -64.01
N THR QA 124 -2.29 129.53 -63.09
CA THR QA 124 -2.92 128.27 -63.43
C THR QA 124 -3.94 127.86 -62.37
N LEU QA 125 -4.93 127.10 -62.83
CA LEU QA 125 -5.97 126.52 -62.00
C LEU QA 125 -6.07 125.03 -62.29
N ILE QA 126 -6.41 124.26 -61.26
CA ILE QA 126 -6.56 122.82 -61.35
C ILE QA 126 -7.93 122.44 -60.81
N ILE QA 127 -8.70 121.73 -61.63
CA ILE QA 127 -10.10 121.38 -61.36
C ILE QA 127 -10.23 119.86 -61.33
N PRO QA 128 -11.01 119.30 -60.43
CA PRO QA 128 -11.28 117.86 -60.48
C PRO QA 128 -12.46 117.49 -61.38
N THR QA 129 -12.15 116.66 -62.38
CA THR QA 129 -13.17 116.18 -63.30
C THR QA 129 -14.19 115.31 -62.58
N ASP QA 130 -13.72 114.55 -61.59
CA ASP QA 130 -14.58 113.60 -60.88
C ASP QA 130 -15.58 114.28 -59.98
N LYS QA 131 -15.39 115.55 -59.67
CA LYS QA 131 -16.37 116.31 -58.91
C LYS QA 131 -17.08 117.36 -59.74
N TYR QA 132 -16.57 117.69 -60.93
CA TYR QA 132 -17.19 118.73 -61.74
C TYR QA 132 -17.78 118.18 -63.04
N PHE QA 133 -17.87 116.86 -63.17
CA PHE QA 133 -18.58 116.25 -64.29
C PHE QA 133 -19.53 115.18 -63.77
N MET QA 134 -20.09 114.39 -64.67
CA MET QA 134 -20.63 113.09 -64.34
C MET QA 134 -19.69 112.02 -64.89
N PHE QA 135 -19.93 110.79 -64.49
CA PHE QA 135 -18.98 109.70 -64.73
C PHE QA 135 -18.95 109.35 -66.21
N SER QA 136 -17.75 109.47 -66.81
CA SER QA 136 -17.48 109.16 -68.22
C SER QA 136 -18.40 109.94 -69.16
N SER QA 137 -18.70 111.17 -68.80
CA SER QA 137 -19.63 111.98 -69.57
C SER QA 137 -19.05 113.38 -69.76
N PRO QA 138 -19.33 114.01 -70.90
CA PRO QA 138 -18.97 115.43 -71.06
C PRO QA 138 -19.92 116.39 -70.38
N ARG QA 139 -20.99 115.89 -69.78
CA ARG QA 139 -21.97 116.74 -69.12
C ARG QA 139 -21.42 117.28 -67.82
N LEU QA 140 -21.82 118.51 -67.49
CA LEU QA 140 -21.27 119.21 -66.34
C LEU QA 140 -22.20 119.06 -65.13
N ASN QA 141 -21.59 118.91 -63.96
CA ASN QA 141 -22.36 118.76 -62.73
C ASN QA 141 -23.06 120.07 -62.39
N GLU QA 142 -24.33 119.98 -62.05
CA GLU QA 142 -25.11 121.18 -61.74
C GLU QA 142 -24.93 121.65 -60.32
N ILE QA 143 -24.42 120.81 -59.43
CA ILE QA 143 -24.31 121.20 -58.03
C ILE QA 143 -23.12 122.15 -57.83
N CYS QA 144 -22.12 122.07 -58.69
CA CYS QA 144 -20.89 122.84 -58.54
C CYS QA 144 -20.95 124.19 -59.26
N TYR QA 145 -22.15 124.75 -59.40
CA TYR QA 145 -22.30 126.10 -59.95
C TYR QA 145 -21.57 127.26 -59.20
N PRO QA 146 -21.54 127.36 -57.86
CA PRO QA 146 -20.99 128.60 -57.28
C PRO QA 146 -19.50 128.73 -57.44
N GLY QA 147 -18.77 127.62 -57.51
CA GLY QA 147 -17.36 127.69 -57.84
C GLY QA 147 -17.14 128.19 -59.26
N LEU QA 148 -18.03 127.81 -60.17
CA LEU QA 148 -17.95 128.31 -61.55
C LEU QA 148 -18.21 129.81 -61.60
N ASN QA 149 -19.17 130.27 -60.80
CA ASN QA 149 -19.45 131.70 -60.73
C ASN QA 149 -18.27 132.47 -60.15
N ASN QA 150 -17.62 131.90 -59.14
CA ASN QA 150 -16.42 132.52 -58.59
C ASN QA 150 -15.27 132.49 -59.57
N VAL QA 151 -15.20 131.46 -60.41
CA VAL QA 151 -14.21 131.39 -61.49
C VAL QA 151 -14.41 132.54 -62.47
N ILE QA 152 -15.67 132.81 -62.83
CA ILE QA 152 -15.95 133.89 -63.76
C ILE QA 152 -15.67 135.25 -63.12
N ARG QA 153 -15.96 135.37 -61.82
CA ARG QA 153 -15.62 136.59 -61.09
C ARG QA 153 -14.12 136.82 -61.04
N LEU QA 154 -13.34 135.74 -60.92
CA LEU QA 154 -11.88 135.85 -60.98
C LEU QA 154 -11.42 136.26 -62.38
N LEU QA 155 -11.95 135.60 -63.41
CA LEU QA 155 -11.53 135.85 -64.78
C LEU QA 155 -11.97 137.21 -65.30
N ASN QA 156 -12.90 137.86 -64.61
CA ASN QA 156 -13.20 139.26 -64.89
C ASN QA 156 -11.99 140.16 -64.65
N PHE QA 157 -11.10 139.77 -63.73
CA PHE QA 157 -9.96 140.62 -63.40
C PHE QA 157 -8.90 140.65 -64.49
N TYR QA 158 -8.92 139.73 -65.43
CA TYR QA 158 -7.90 139.64 -66.48
C TYR QA 158 -8.59 139.63 -67.84
N PRO QA 159 -9.01 140.78 -68.34
CA PRO QA 159 -9.78 140.79 -69.59
C PRO QA 159 -8.92 140.85 -70.85
N GLN QA 160 -7.63 140.59 -70.77
CA GLN QA 160 -6.77 140.77 -71.93
C GLN QA 160 -6.06 139.51 -72.40
N SER QA 161 -5.51 138.73 -71.48
CA SER QA 161 -4.53 137.71 -71.85
C SER QA 161 -5.19 136.48 -72.47
N THR QA 162 -4.39 135.75 -73.25
CA THR QA 162 -4.83 134.51 -73.86
C THR QA 162 -4.91 133.39 -72.82
N ILE QA 163 -5.79 132.43 -73.06
CA ILE QA 163 -6.06 131.34 -72.14
C ILE QA 163 -5.79 130.02 -72.85
N TYR QA 164 -5.28 129.06 -72.10
CA TYR QA 164 -5.15 127.68 -72.55
C TYR QA 164 -5.82 126.77 -71.54
N VAL QA 165 -6.49 125.73 -72.03
CA VAL QA 165 -7.14 124.75 -71.18
C VAL QA 165 -6.78 123.36 -71.66
N ALA QA 166 -6.53 122.47 -70.70
CA ALA QA 166 -6.11 121.11 -71.00
C ALA QA 166 -6.86 120.14 -70.09
N GLY QA 167 -7.12 118.96 -70.64
CA GLY QA 167 -7.78 117.90 -69.92
C GLY QA 167 -6.83 116.78 -69.59
N PHE QA 168 -7.08 116.07 -68.49
CA PHE QA 168 -6.26 114.96 -68.06
C PHE QA 168 -7.12 113.85 -67.48
N THR QA 169 -6.75 112.61 -67.79
CA THR QA 169 -7.40 111.43 -67.26
C THR QA 169 -6.37 110.53 -66.60
N ASP QA 170 -6.81 109.32 -66.25
CA ASP QA 170 -5.93 108.30 -65.69
C ASP QA 170 -5.32 107.48 -66.81
N ASN QA 171 -4.68 106.36 -66.46
CA ASN QA 171 -3.93 105.56 -67.41
C ASN QA 171 -4.70 104.37 -67.95
N VAL QA 172 -5.67 103.88 -67.21
CA VAL QA 172 -6.36 102.65 -67.55
C VAL QA 172 -7.38 102.91 -68.64
N GLY QA 173 -7.42 102.05 -69.65
CA GLY QA 173 -8.40 102.10 -70.70
C GLY QA 173 -7.75 102.25 -72.07
N SER QA 174 -8.59 102.47 -73.08
CA SER QA 174 -8.11 102.70 -74.42
C SER QA 174 -7.47 104.07 -74.54
N ARG QA 175 -6.30 104.10 -75.20
CA ARG QA 175 -5.54 105.35 -75.33
C ARG QA 175 -6.29 106.37 -76.18
N SER QA 176 -6.76 105.95 -77.35
CA SER QA 176 -7.48 106.84 -78.25
C SER QA 176 -8.79 107.30 -77.63
N HIS QA 177 -9.48 106.39 -76.95
CA HIS QA 177 -10.73 106.75 -76.30
C HIS QA 177 -10.52 107.74 -75.17
N LYS QA 178 -9.43 107.57 -74.40
CA LYS QA 178 -9.11 108.51 -73.33
C LYS QA 178 -8.76 109.88 -73.89
N ARG QA 179 -8.00 109.90 -74.99
CA ARG QA 179 -7.65 111.15 -75.64
C ARG QA 179 -8.89 111.87 -76.15
N LYS QA 180 -9.82 111.12 -76.76
CA LYS QA 180 -11.04 111.72 -77.28
C LYS QA 180 -11.93 112.24 -76.15
N LEU QA 181 -12.02 111.50 -75.04
CA LEU QA 181 -12.79 111.95 -73.90
C LEU QA 181 -12.21 113.22 -73.29
N SER QA 182 -10.87 113.29 -73.20
CA SER QA 182 -10.22 114.49 -72.68
C SER QA 182 -10.46 115.67 -73.58
N GLN QA 183 -10.39 115.46 -74.90
CA GLN QA 183 -10.66 116.52 -75.87
C GLN QA 183 -12.09 117.02 -75.74
N ALA QA 184 -13.03 116.10 -75.57
CA ALA QA 184 -14.44 116.47 -75.44
C ALA QA 184 -14.69 117.28 -74.17
N GLN QA 185 -14.11 116.85 -73.05
CA GLN QA 185 -14.32 117.55 -71.79
C GLN QA 185 -13.70 118.94 -71.81
N ALA QA 186 -12.49 119.05 -72.38
CA ALA QA 186 -11.84 120.35 -72.49
C ALA QA 186 -12.61 121.28 -73.42
N GLU QA 187 -13.15 120.73 -74.51
CA GLU QA 187 -13.92 121.55 -75.44
C GLU QA 187 -15.22 122.04 -74.81
N THR QA 188 -15.88 121.19 -74.01
CA THR QA 188 -17.08 121.62 -73.31
C THR QA 188 -16.78 122.71 -72.30
N MET QA 189 -15.66 122.58 -71.58
CA MET QA 189 -15.33 123.59 -70.57
C MET QA 189 -14.99 124.93 -71.21
N MET QA 190 -14.21 124.91 -72.30
CA MET QA 190 -13.89 126.17 -72.96
C MET QA 190 -15.10 126.74 -73.69
N THR QA 191 -16.03 125.90 -74.13
CA THR QA 191 -17.27 126.38 -74.71
C THR QA 191 -18.10 127.11 -73.67
N PHE QA 192 -18.18 126.54 -72.46
CA PHE QA 192 -18.87 127.20 -71.37
C PHE QA 192 -18.22 128.53 -71.02
N LEU QA 193 -16.89 128.56 -71.02
CA LEU QA 193 -16.18 129.81 -70.71
C LEU QA 193 -16.39 130.85 -71.80
N TRP QA 194 -16.49 130.43 -73.06
CA TRP QA 194 -16.79 131.37 -74.14
C TRP QA 194 -18.20 131.90 -74.02
N ALA QA 195 -19.14 131.05 -73.64
CA ALA QA 195 -20.50 131.50 -73.40
C ALA QA 195 -20.60 132.41 -72.19
N ASN QA 196 -19.64 132.32 -71.26
CA ASN QA 196 -19.62 133.24 -70.13
C ASN QA 196 -19.28 134.66 -70.54
N GLY QA 197 -18.72 134.87 -71.72
CA GLY QA 197 -18.56 136.23 -72.21
C GLY QA 197 -17.29 136.55 -72.95
N ILE QA 198 -16.19 135.86 -72.64
CA ILE QA 198 -14.92 136.15 -73.27
C ILE QA 198 -14.92 135.55 -74.68
N ALA QA 199 -14.56 136.38 -75.67
CA ALA QA 199 -14.52 135.94 -77.05
C ALA QA 199 -13.43 134.89 -77.25
N ALA QA 200 -13.66 134.00 -78.22
CA ALA QA 200 -12.90 132.76 -78.35
C ALA QA 200 -11.49 132.95 -78.89
N LYS QA 201 -11.13 134.16 -79.34
CA LYS QA 201 -9.79 134.37 -79.90
C LYS QA 201 -8.70 134.34 -78.85
N ARG QA 202 -9.05 134.40 -77.57
CA ARG QA 202 -8.07 134.25 -76.49
C ARG QA 202 -8.04 132.83 -75.93
N LEU QA 203 -8.73 131.89 -76.57
CA LEU QA 203 -8.91 130.56 -76.01
C LEU QA 203 -8.39 129.50 -76.98
N LYS QA 204 -7.62 128.55 -76.44
CA LYS QA 204 -7.25 127.34 -77.15
C LYS QA 204 -7.38 126.17 -76.20
N ALA QA 205 -7.85 125.04 -76.72
CA ALA QA 205 -8.19 123.89 -75.88
C ALA QA 205 -7.46 122.65 -76.36
N GLU QA 206 -7.15 121.77 -75.40
CA GLU QA 206 -6.54 120.49 -75.70
C GLU QA 206 -6.80 119.55 -74.52
N GLY QA 207 -7.00 118.27 -74.82
CA GLY QA 207 -7.08 117.31 -73.76
C GLY QA 207 -6.10 116.17 -73.95
N TYR QA 208 -5.11 116.08 -73.09
CA TYR QA 208 -4.17 114.98 -73.18
C TYR QA 208 -4.73 113.80 -72.39
N GLY QA 209 -4.22 112.61 -72.71
CA GLY QA 209 -4.67 111.44 -71.99
C GLY QA 209 -3.83 111.24 -70.76
N ASP QA 210 -3.14 110.10 -70.70
CA ASP QA 210 -2.11 109.86 -69.69
C ASP QA 210 -0.72 110.10 -70.27
N LYS QA 211 -0.62 111.12 -71.13
CA LYS QA 211 0.64 111.44 -71.80
C LYS QA 211 1.70 111.87 -70.80
N ASN QA 212 1.31 112.64 -69.79
CA ASN QA 212 2.24 113.11 -68.78
C ASN QA 212 1.45 113.37 -67.52
N ALA QA 213 1.64 112.52 -66.51
CA ALA QA 213 0.87 112.61 -65.28
C ALA QA 213 1.51 113.60 -64.33
N ILE QA 214 0.94 113.69 -63.13
CA ILE QA 214 1.51 114.48 -62.05
C ILE QA 214 1.87 113.64 -60.84
N SER QA 215 1.43 112.39 -60.79
CA SER QA 215 1.74 111.50 -59.68
C SER QA 215 1.64 110.07 -60.20
N ASP QA 216 1.77 109.12 -59.28
CA ASP QA 216 1.70 107.71 -59.65
C ASP QA 216 0.28 107.30 -59.97
N ASN QA 217 0.13 106.50 -61.04
CA ASN QA 217 -1.17 105.96 -61.41
C ASN QA 217 -1.47 104.63 -60.74
N ALA QA 218 -0.45 103.90 -60.27
CA ALA QA 218 -0.68 102.61 -59.65
C ALA QA 218 -1.29 102.73 -58.26
N ILE QA 219 -1.20 103.90 -57.64
CA ILE QA 219 -1.83 104.11 -56.35
C ILE QA 219 -3.15 104.85 -56.57
N ILE QA 220 -4.05 104.70 -55.61
CA ILE QA 220 -5.44 105.04 -55.83
C ILE QA 220 -5.66 106.55 -55.75
N HIS QA 221 -5.13 107.16 -54.70
CA HIS QA 221 -5.27 108.61 -54.54
C HIS QA 221 -4.50 109.36 -55.63
N GLY QA 222 -3.35 108.82 -56.05
CA GLY QA 222 -2.64 109.41 -57.18
C GLY QA 222 -3.41 109.26 -58.48
N SER QA 223 -4.10 108.13 -58.66
CA SER QA 223 -4.95 107.95 -59.82
C SER QA 223 -6.10 108.94 -59.82
N ALA QA 224 -6.68 109.20 -58.64
CA ALA QA 224 -7.70 110.23 -58.52
C ALA QA 224 -7.13 111.61 -58.79
N GLN QA 225 -5.90 111.86 -58.36
CA GLN QA 225 -5.27 113.15 -58.57
C GLN QA 225 -4.92 113.39 -60.03
N ASN QA 226 -4.71 112.31 -60.80
CA ASN QA 226 -4.22 112.46 -62.15
C ASN QA 226 -5.25 113.09 -63.09
N ARG QA 227 -6.50 112.67 -63.00
CA ARG QA 227 -7.53 113.20 -63.87
C ARG QA 227 -7.94 114.58 -63.39
N ARG QA 228 -7.79 115.59 -64.25
CA ARG QA 228 -7.92 116.97 -63.82
C ARG QA 228 -8.18 117.85 -65.02
N ILE QA 229 -8.41 119.14 -64.74
CA ILE QA 229 -8.50 120.18 -65.74
C ILE QA 229 -7.48 121.24 -65.40
N GLU QA 230 -6.60 121.55 -66.35
CA GLU QA 230 -5.55 122.53 -66.17
C GLU QA 230 -5.88 123.78 -66.97
N ILE QA 231 -5.86 124.93 -66.31
CA ILE QA 231 -6.15 126.20 -66.95
C ILE QA 231 -4.95 127.12 -66.77
N GLN QA 232 -4.39 127.60 -67.87
CA GLN QA 232 -3.24 128.49 -67.84
C GLN QA 232 -3.60 129.81 -68.50
N TRP QA 233 -3.03 130.90 -67.99
CA TRP QA 233 -3.04 132.14 -68.76
C TRP QA 233 -1.81 132.97 -68.42
N PHE QA 234 -1.33 133.67 -69.45
CA PHE QA 234 -0.15 134.51 -69.38
C PHE QA 234 -0.57 135.91 -68.92
N THR QA 235 0.31 136.89 -69.09
CA THR QA 235 -0.03 138.29 -68.85
C THR QA 235 -0.09 139.10 -70.13
N SER QA 236 0.97 139.08 -70.93
CA SER QA 236 1.00 139.81 -72.20
C SER QA 236 1.37 138.89 -73.36
N LEU RA 113 -10.07 149.80 -116.78
CA LEU RA 113 -10.82 148.60 -116.44
C LEU RA 113 -10.63 148.24 -114.97
N ASN RA 114 -10.71 149.24 -114.09
CA ASN RA 114 -10.49 149.06 -112.67
C ASN RA 114 -11.68 149.47 -111.81
N ARG RA 115 -12.50 150.40 -112.27
CA ARG RA 115 -13.59 150.94 -111.47
C ARG RA 115 -14.87 150.94 -112.30
N PHE RA 116 -15.97 150.48 -111.69
CA PHE RA 116 -17.30 150.73 -112.23
C PHE RA 116 -18.20 151.20 -111.10
N ARG RA 117 -18.75 152.40 -111.25
CA ARG RA 117 -19.73 152.94 -110.32
C ARG RA 117 -20.98 153.28 -111.10
N TYR RA 118 -22.11 152.69 -110.72
CA TYR RA 118 -23.38 153.00 -111.37
C TYR RA 118 -24.39 153.44 -110.33
N GLU RA 119 -24.95 154.63 -110.56
CA GLU RA 119 -26.00 155.21 -109.74
C GLU RA 119 -27.00 155.85 -110.69
N GLY RA 120 -28.26 155.46 -110.60
CA GLY RA 120 -29.28 156.11 -111.39
C GLY RA 120 -30.10 155.24 -112.33
N ALA RA 121 -30.22 153.95 -111.99
CA ALA RA 121 -31.21 153.01 -112.55
C ALA RA 121 -31.07 152.86 -114.07
N GLY RA 122 -29.91 152.31 -114.46
CA GLY RA 122 -29.69 151.84 -115.81
C GLY RA 122 -29.66 150.32 -115.84
N VAL RA 123 -29.45 149.80 -117.04
CA VAL RA 123 -29.29 148.36 -117.26
C VAL RA 123 -27.96 148.13 -117.96
N VAL RA 124 -27.06 147.40 -117.31
CA VAL RA 124 -25.75 147.06 -117.88
C VAL RA 124 -25.60 145.54 -117.85
N THR RA 125 -25.28 144.96 -119.00
CA THR RA 125 -25.05 143.53 -119.14
C THR RA 125 -23.65 143.30 -119.70
N GLY RA 126 -22.89 142.43 -119.05
CA GLY RA 126 -21.54 142.14 -119.49
C GLY RA 126 -21.21 140.68 -119.28
N ASN RA 127 -20.33 140.17 -120.15
CA ASN RA 127 -19.92 138.78 -120.09
C ASN RA 127 -18.55 138.64 -120.75
N ASN RA 128 -17.86 137.57 -120.38
CA ASN RA 128 -16.55 137.18 -120.92
C ASN RA 128 -15.50 138.28 -120.70
N LEU RA 129 -15.42 138.77 -119.47
CA LEU RA 129 -14.37 139.70 -119.06
C LEU RA 129 -13.51 139.03 -118.01
N ARG RA 130 -12.22 139.35 -118.00
CA ARG RA 130 -11.28 138.79 -117.05
C ARG RA 130 -10.33 139.86 -116.55
N THR RA 131 -10.06 139.84 -115.24
CA THR RA 131 -9.15 140.78 -114.62
C THR RA 131 -8.63 140.17 -113.33
N SER RA 132 -7.59 140.80 -112.78
CA SER RA 132 -7.13 140.44 -111.44
C SER RA 132 -8.06 140.98 -110.38
N TYR RA 133 -8.43 142.26 -110.49
CA TYR RA 133 -9.29 142.91 -109.51
C TYR RA 133 -9.90 144.14 -110.14
N LEU RA 134 -11.18 144.37 -109.86
CA LEU RA 134 -11.80 145.67 -110.09
C LEU RA 134 -12.82 145.91 -108.99
N ASP RA 135 -13.22 147.16 -108.83
CA ASP RA 135 -14.17 147.52 -107.79
C ASP RA 135 -15.50 147.97 -108.41
N LEU RA 136 -16.58 147.65 -107.72
CA LEU RA 136 -17.94 147.94 -108.16
C LEU RA 136 -18.67 148.69 -107.05
N TYR RA 137 -19.31 149.80 -107.42
CA TYR RA 137 -20.16 150.55 -106.49
C TYR RA 137 -21.52 150.74 -107.13
N LEU RA 138 -22.53 150.07 -106.60
CA LEU RA 138 -23.85 150.00 -107.21
C LEU RA 138 -24.88 150.71 -106.33
N ALA RA 139 -25.80 151.41 -106.98
CA ALA RA 139 -26.89 152.04 -106.25
C ALA RA 139 -28.09 152.20 -107.16
N ASN RA 140 -29.26 152.38 -106.53
CA ASN RA 140 -30.51 152.82 -107.15
C ASN RA 140 -30.99 151.85 -108.24
N GLU RA 141 -31.14 150.58 -107.82
CA GLU RA 141 -31.58 149.42 -108.63
C GLU RA 141 -30.97 149.39 -110.03
N GLY RA 142 -29.66 149.60 -110.09
CA GLY RA 142 -28.96 149.46 -111.35
C GLY RA 142 -28.89 148.01 -111.76
N THR RA 143 -29.64 147.64 -112.79
CA THR RA 143 -29.81 146.24 -113.21
C THR RA 143 -28.51 145.77 -113.85
N THR RA 144 -27.70 145.06 -113.06
CA THR RA 144 -26.40 144.57 -113.48
C THR RA 144 -26.49 143.08 -113.74
N ARG RA 145 -26.21 142.67 -114.98
CA ARG RA 145 -26.16 141.27 -115.34
C ARG RA 145 -24.73 140.92 -115.72
N LEU RA 146 -24.19 139.90 -115.04
CA LEU RA 146 -22.79 139.51 -115.20
C LEU RA 146 -22.72 138.03 -115.50
N ALA RA 147 -22.20 137.69 -116.67
CA ALA RA 147 -21.96 136.32 -117.08
C ALA RA 147 -20.50 136.12 -117.43
N GLY RA 148 -19.61 136.78 -116.69
CA GLY RA 148 -18.19 136.67 -116.94
C GLY RA 148 -17.44 136.37 -115.67
N ASN RA 149 -16.36 135.61 -115.81
CA ASN RA 149 -15.54 135.20 -114.67
C ASN RA 149 -14.57 136.32 -114.34
N ILE RA 150 -14.94 137.15 -113.38
CA ILE RA 150 -14.11 138.28 -112.96
C ILE RA 150 -13.73 138.05 -111.50
N GLY RA 151 -12.42 138.02 -111.24
CA GLY RA 151 -11.92 137.98 -109.88
C GLY RA 151 -11.80 139.38 -109.31
N LEU RA 152 -12.24 139.55 -108.08
CA LEU RA 152 -12.23 140.85 -107.42
C LEU RA 152 -12.30 140.64 -105.91
N GLN RA 153 -12.35 141.74 -105.19
CA GLN RA 153 -12.39 141.75 -103.73
C GLN RA 153 -13.54 142.57 -103.17
N LYS RA 154 -13.85 143.71 -103.80
CA LYS RA 154 -14.73 144.71 -103.21
C LYS RA 154 -15.94 144.96 -104.07
N LEU RA 155 -17.11 144.96 -103.46
CA LEU RA 155 -18.35 145.39 -104.10
C LEU RA 155 -19.21 146.03 -103.04
N GLU RA 156 -19.63 147.28 -103.27
CA GLU RA 156 -20.41 148.03 -102.30
C GLU RA 156 -21.71 148.49 -102.95
N ALA RA 157 -22.83 148.08 -102.37
CA ALA RA 157 -24.15 148.43 -102.87
C ALA RA 157 -24.88 149.25 -101.82
N VAL RA 158 -25.53 150.32 -102.26
CA VAL RA 158 -26.28 151.17 -101.34
C VAL RA 158 -27.51 150.44 -100.80
N GLY RA 159 -28.28 149.83 -101.69
CA GLY RA 159 -29.49 149.14 -101.28
C GLY RA 159 -30.60 149.30 -102.30
N ASN RA 160 -31.68 148.54 -102.13
CA ASN RA 160 -32.85 148.52 -103.02
C ASN RA 160 -32.46 148.20 -104.46
N GLY RA 161 -31.62 147.18 -104.61
CA GLY RA 161 -31.18 146.74 -105.92
C GLY RA 161 -31.11 145.23 -106.00
N VAL RA 162 -31.00 144.75 -107.23
CA VAL RA 162 -30.91 143.32 -107.51
C VAL RA 162 -29.73 143.08 -108.44
N THR RA 163 -28.95 142.04 -108.13
CA THR RA 163 -27.73 141.76 -108.88
C THR RA 163 -27.54 140.25 -109.01
N GLN RA 164 -27.31 139.81 -110.25
CA GLN RA 164 -26.96 138.43 -110.56
C GLN RA 164 -25.56 138.43 -111.15
N ILE RA 165 -24.66 137.65 -110.54
CA ILE RA 165 -23.27 137.57 -110.98
C ILE RA 165 -22.94 136.12 -111.25
N ASN RA 166 -22.44 135.84 -112.46
CA ASN RA 166 -22.00 134.50 -112.82
C ASN RA 166 -20.51 134.56 -113.12
N GLY RA 167 -19.71 134.05 -112.19
CA GLY RA 167 -18.28 133.91 -112.39
C GLY RA 167 -17.44 134.83 -111.52
N VAL RA 168 -16.94 134.31 -110.41
CA VAL RA 168 -15.99 135.00 -109.55
C VAL RA 168 -14.89 134.02 -109.20
N SER RA 169 -13.64 134.38 -109.51
CA SER RA 169 -12.48 133.53 -109.22
C SER RA 169 -11.41 134.38 -108.56
N SER RA 170 -11.46 134.47 -107.23
CA SER RA 170 -10.45 135.19 -106.48
C SER RA 170 -10.33 134.56 -105.10
N ARG RA 171 -9.18 134.79 -104.47
CA ARG RA 171 -8.87 134.24 -103.16
C ARG RA 171 -9.02 135.27 -102.06
N ASN RA 172 -9.75 136.35 -102.31
CA ASN RA 172 -9.97 137.39 -101.32
C ASN RA 172 -11.23 138.14 -101.70
N LEU RA 173 -12.08 138.42 -100.71
CA LEU RA 173 -13.32 139.15 -100.95
C LEU RA 173 -13.77 139.80 -99.66
N GLN RA 174 -14.33 141.00 -99.76
CA GLN RA 174 -14.88 141.70 -98.60
C GLN RA 174 -15.98 142.64 -99.08
N ILE RA 175 -17.20 142.39 -98.64
CA ILE RA 175 -18.39 143.14 -99.06
C ILE RA 175 -19.23 143.45 -97.83
N VAL RA 176 -19.60 144.72 -97.65
CA VAL RA 176 -20.48 145.12 -96.57
C VAL RA 176 -21.59 146.01 -97.15
N LEU RA 177 -22.84 145.68 -96.84
CA LEU RA 177 -23.99 146.36 -97.41
C LEU RA 177 -24.79 147.05 -96.31
N LYS RA 178 -25.64 147.98 -96.71
CA LYS RA 178 -26.35 148.82 -95.75
C LYS RA 178 -27.85 148.86 -95.96
N GLY RA 179 -28.33 148.83 -97.20
CA GLY RA 179 -29.75 148.94 -97.46
C GLY RA 179 -30.46 147.61 -97.58
N ASP RA 180 -31.16 147.41 -98.69
CA ASP RA 180 -31.82 146.14 -98.99
C ASP RA 180 -31.44 145.66 -100.39
N PRO RA 181 -30.24 145.13 -100.57
CA PRO RA 181 -29.88 144.55 -101.87
C PRO RA 181 -30.19 143.06 -101.92
N LYS RA 182 -30.19 142.54 -103.14
CA LYS RA 182 -30.49 141.14 -103.40
C LYS RA 182 -29.45 140.62 -104.39
N VAL RA 183 -28.46 139.92 -103.87
CA VAL RA 183 -27.28 139.54 -104.66
C VAL RA 183 -27.20 138.02 -104.73
N LEU RA 184 -27.00 137.50 -105.93
CA LEU RA 184 -26.85 136.07 -106.17
C LEU RA 184 -25.61 135.87 -107.02
N ILE RA 185 -24.55 135.32 -106.41
CA ILE RA 185 -23.23 135.27 -107.02
C ILE RA 185 -22.75 133.84 -107.09
N SER RA 186 -22.28 133.43 -108.27
CA SER RA 186 -21.69 132.12 -108.48
C SER RA 186 -20.20 132.25 -108.74
N GLY RA 187 -19.42 131.34 -108.19
CA GLY RA 187 -18.00 131.33 -108.41
C GLY RA 187 -17.25 130.82 -107.19
N PHE RA 188 -15.96 131.14 -107.15
CA PHE RA 188 -15.06 130.71 -106.08
C PHE RA 188 -14.74 131.90 -105.20
N VAL RA 189 -15.09 131.81 -103.92
CA VAL RA 189 -15.10 132.94 -103.01
C VAL RA 189 -14.28 132.59 -101.77
N ASN RA 190 -13.39 133.49 -101.37
CA ASN RA 190 -12.75 133.46 -100.06
C ASN RA 190 -13.12 134.75 -99.35
N LEU RA 191 -13.78 134.63 -98.20
CA LEU RA 191 -14.30 135.77 -97.46
C LEU RA 191 -13.81 135.74 -96.02
N ARG RA 192 -13.86 136.90 -95.37
CA ARG RA 192 -13.44 137.04 -93.98
C ARG RA 192 -14.55 137.50 -93.06
N GLN RA 193 -15.28 138.56 -93.42
CA GLN RA 193 -16.17 139.20 -92.46
C GLN RA 193 -17.39 139.77 -93.16
N LEU RA 194 -18.54 139.67 -92.50
CA LEU RA 194 -19.80 140.18 -93.02
C LEU RA 194 -20.56 140.91 -91.92
N ASP RA 195 -21.17 142.04 -92.29
CA ASP RA 195 -21.94 142.86 -91.36
C ASP RA 195 -23.21 143.32 -92.06
N MET RA 196 -24.36 142.93 -91.53
CA MET RA 196 -25.65 143.24 -92.12
C MET RA 196 -26.50 144.03 -91.14
N TYR RA 197 -27.03 145.17 -91.60
CA TYR RA 197 -27.85 146.04 -90.79
C TYR RA 197 -29.15 146.48 -91.46
N GLY RA 198 -29.45 145.97 -92.65
CA GLY RA 198 -30.64 146.38 -93.36
C GLY RA 198 -31.62 145.24 -93.62
N LYS RA 199 -31.94 145.02 -94.88
CA LYS RA 199 -32.89 143.99 -95.32
C LYS RA 199 -32.29 143.21 -96.48
N GLY RA 200 -31.08 142.73 -96.30
CA GLY RA 200 -30.28 142.23 -97.41
C GLY RA 200 -30.38 140.73 -97.60
N THR RA 201 -30.49 140.32 -98.87
CA THR RA 201 -30.49 138.91 -99.25
C THR RA 201 -29.25 138.63 -100.08
N LEU RA 202 -28.49 137.63 -99.66
CA LEU RA 202 -27.21 137.28 -100.27
C LEU RA 202 -27.14 135.77 -100.42
N SER RA 203 -26.85 135.32 -101.64
CA SER RA 203 -26.69 133.91 -101.92
C SER RA 203 -25.41 133.71 -102.72
N LEU RA 204 -24.55 132.81 -102.24
CA LEU RA 204 -23.27 132.54 -102.88
C LEU RA 204 -23.17 131.05 -103.19
N TYR RA 205 -22.55 130.73 -104.32
CA TYR RA 205 -22.46 129.33 -104.73
C TYR RA 205 -21.43 128.56 -103.90
N TRP RA 206 -20.17 128.95 -103.98
CA TRP RA 206 -19.10 128.20 -103.36
C TRP RA 206 -18.24 129.12 -102.50
N ILE RA 207 -17.69 128.57 -101.42
CA ILE RA 207 -16.79 129.28 -100.54
C ILE RA 207 -15.75 128.29 -100.03
N LYS RA 208 -14.47 128.56 -100.31
CA LYS RA 208 -13.37 127.74 -99.82
C LYS RA 208 -12.51 128.64 -98.94
N SER RA 209 -12.89 128.74 -97.66
CA SER RA 209 -12.20 129.62 -96.73
C SER RA 209 -11.91 128.90 -95.43
N ASP RA 210 -11.40 129.64 -94.45
CA ASP RA 210 -11.15 129.08 -93.13
C ASP RA 210 -11.86 129.84 -92.01
N THR RA 211 -11.90 131.17 -92.06
CA THR RA 211 -12.45 131.96 -90.98
C THR RA 211 -13.49 132.92 -91.52
N LEU RA 212 -14.70 132.83 -91.00
CA LEU RA 212 -15.76 133.79 -91.30
C LEU RA 212 -16.32 134.34 -90.00
N THR RA 213 -16.57 135.64 -89.98
CA THR RA 213 -17.15 136.31 -88.83
C THR RA 213 -18.33 137.13 -89.33
N ILE RA 214 -19.53 136.72 -88.92
CA ILE RA 214 -20.77 137.24 -89.47
C ILE RA 214 -21.56 137.91 -88.35
N ARG RA 215 -22.02 139.12 -88.61
CA ARG RA 215 -22.86 139.85 -87.67
C ARG RA 215 -24.13 140.30 -88.38
N ALA RA 216 -25.28 140.04 -87.78
CA ALA RA 216 -26.55 140.37 -88.39
C ALA RA 216 -27.44 141.10 -87.39
N LYS RA 217 -28.01 142.22 -87.82
CA LYS RA 217 -28.75 143.12 -86.95
C LYS RA 217 -30.25 143.16 -87.21
N LYS RA 218 -30.67 143.41 -88.45
CA LYS RA 218 -32.07 143.71 -88.72
C LYS RA 218 -32.77 142.64 -89.56
N ALA RA 219 -32.30 142.39 -90.78
CA ALA RA 219 -32.96 141.42 -91.65
C ALA RA 219 -31.95 140.94 -92.67
N ALA RA 220 -31.55 139.68 -92.56
CA ALA RA 220 -30.57 139.11 -93.48
C ALA RA 220 -31.04 137.74 -93.92
N LYS RA 221 -31.01 137.51 -95.23
CA LYS RA 221 -31.24 136.21 -95.81
C LYS RA 221 -29.92 135.76 -96.42
N ILE RA 222 -29.41 134.63 -95.96
CA ILE RA 222 -28.08 134.17 -96.34
C ILE RA 222 -28.18 132.74 -96.83
N GLN RA 223 -27.62 132.47 -98.01
CA GLN RA 223 -27.61 131.12 -98.58
C GLN RA 223 -26.19 130.79 -99.03
N LEU RA 224 -25.52 129.95 -98.24
CA LEU RA 224 -24.12 129.61 -98.46
C LEU RA 224 -23.91 128.12 -98.58
N ALA RA 225 -22.85 127.74 -99.29
CA ALA RA 225 -22.47 126.34 -99.44
C ALA RA 225 -20.99 126.28 -99.72
N GLY RA 226 -20.24 125.57 -98.89
CA GLY RA 226 -18.79 125.49 -99.10
C GLY RA 226 -18.09 124.96 -97.86
N ILE RA 227 -16.81 125.34 -97.73
CA ILE RA 227 -15.92 124.81 -96.72
C ILE RA 227 -15.41 125.95 -95.86
N VAL RA 228 -15.68 125.85 -94.55
CA VAL RA 228 -15.15 126.79 -93.56
C VAL RA 228 -14.42 125.98 -92.50
N ASN RA 229 -13.35 126.56 -91.94
CA ASN RA 229 -12.75 125.95 -90.75
C ASN RA 229 -13.34 126.54 -89.48
N ARG RA 230 -13.34 127.87 -89.36
CA ARG RA 230 -13.81 128.55 -88.17
C ARG RA 230 -14.95 129.49 -88.53
N LEU RA 231 -16.07 129.36 -87.82
CA LEU RA 231 -17.27 130.16 -88.04
C LEU RA 231 -17.61 130.90 -86.76
N ASP RA 232 -17.89 132.20 -86.89
CA ASP RA 232 -18.40 133.00 -85.80
C ASP RA 232 -19.66 133.70 -86.26
N VAL RA 233 -20.74 133.58 -85.49
CA VAL RA 233 -22.02 134.13 -85.88
C VAL RA 233 -22.59 134.90 -84.69
N GLU RA 234 -22.93 136.17 -84.91
CA GLU RA 234 -23.67 136.98 -83.96
C GLU RA 234 -24.98 137.39 -84.60
N LEU RA 235 -26.09 137.07 -83.93
CA LEU RA 235 -27.42 137.45 -84.40
C LEU RA 235 -28.10 138.30 -83.34
N TRP RA 236 -28.71 139.41 -83.75
CA TRP RA 236 -29.39 140.26 -82.79
C TRP RA 236 -30.90 140.05 -82.77
N ASP RA 237 -31.58 140.28 -83.90
CA ASP RA 237 -33.03 140.17 -83.93
C ASP RA 237 -33.48 140.05 -85.38
N PHE RA 238 -34.44 139.15 -85.62
CA PHE RA 238 -35.12 138.95 -86.90
C PHE RA 238 -34.12 138.64 -88.02
N ALA RA 239 -33.10 137.88 -87.68
CA ALA RA 239 -32.07 137.48 -88.63
C ALA RA 239 -32.15 135.98 -88.83
N GLN RA 240 -32.20 135.56 -90.09
CA GLN RA 240 -32.37 134.16 -90.46
C GLN RA 240 -31.16 133.73 -91.27
N PHE RA 241 -30.30 132.93 -90.67
CA PHE RA 241 -29.13 132.41 -91.35
C PHE RA 241 -29.32 130.94 -91.67
N LYS RA 242 -29.00 130.57 -92.92
CA LYS RA 242 -29.16 129.20 -93.40
C LYS RA 242 -27.80 128.72 -93.90
N GLY RA 243 -27.00 128.15 -93.00
CA GLY RA 243 -25.79 127.47 -93.43
C GLY RA 243 -26.03 125.99 -93.58
N LYS RA 244 -27.19 125.63 -94.13
CA LYS RA 244 -27.39 124.27 -94.59
C LYS RA 244 -26.48 124.02 -95.77
N TYR RA 245 -25.97 122.78 -95.86
CA TYR RA 245 -24.95 122.36 -96.82
C TYR RA 245 -23.70 123.22 -96.72
N LEU RA 246 -23.31 123.58 -95.51
CA LEU RA 246 -22.12 124.39 -95.25
C LEU RA 246 -21.33 123.69 -94.14
N ARG RA 247 -20.39 122.85 -94.54
CA ARG RA 247 -19.62 122.06 -93.58
C ARG RA 247 -18.57 122.93 -92.91
N ALA RA 248 -18.53 122.89 -91.58
CA ALA RA 248 -17.60 123.70 -90.82
C ALA RA 248 -16.93 122.85 -89.75
N GLN RA 249 -15.67 123.15 -89.47
CA GLN RA 249 -14.93 122.40 -88.47
C GLN RA 249 -15.16 122.95 -87.07
N ARG RA 250 -15.02 124.26 -86.91
CA ARG RA 250 -15.27 124.95 -85.65
C ARG RA 250 -16.42 125.91 -85.86
N SER RA 251 -17.41 125.88 -84.96
CA SER RA 251 -18.53 126.80 -85.09
C SER RA 251 -18.85 127.41 -83.74
N PHE RA 252 -19.04 128.73 -83.73
CA PHE RA 252 -19.47 129.47 -82.54
C PHE RA 252 -20.63 130.34 -82.92
N VAL RA 253 -21.79 130.09 -82.32
CA VAL RA 253 -23.03 130.77 -82.66
C VAL RA 253 -23.58 131.43 -81.40
N LYS RA 254 -23.93 132.71 -81.49
CA LYS RA 254 -24.57 133.42 -80.39
C LYS RA 254 -25.76 134.20 -80.93
N THR RA 255 -26.96 133.82 -80.50
CA THR RA 255 -28.20 134.42 -80.98
C THR RA 255 -28.91 135.11 -79.82
N HIS RA 256 -29.31 136.35 -80.06
CA HIS RA 256 -30.15 137.10 -79.15
C HIS RA 256 -31.61 136.86 -79.53
N ASP RA 257 -32.52 137.71 -79.07
CA ASP RA 257 -33.95 137.48 -79.18
C ASP RA 257 -34.43 137.41 -80.62
N LYS RA 258 -35.22 136.38 -80.92
CA LYS RA 258 -35.92 136.16 -82.19
C LYS RA 258 -34.94 136.06 -83.36
N SER RA 259 -34.15 135.00 -83.31
CA SER RA 259 -33.16 134.72 -84.34
C SER RA 259 -33.33 133.28 -84.82
N VAL RA 260 -32.96 133.05 -86.08
CA VAL RA 260 -33.08 131.75 -86.73
C VAL RA 260 -31.70 131.34 -87.22
N ALA RA 261 -31.22 130.18 -86.78
CA ALA RA 261 -29.90 129.70 -87.16
C ALA RA 261 -30.01 128.29 -87.71
N GLU RA 262 -29.40 128.04 -88.88
CA GLU RA 262 -29.34 126.71 -89.47
C GLU RA 262 -27.88 126.34 -89.64
N ILE RA 263 -27.48 125.23 -89.02
CA ILE RA 263 -26.08 124.85 -88.87
C ILE RA 263 -25.86 123.52 -89.58
N SER RA 264 -24.64 123.33 -90.09
CA SER RA 264 -24.21 122.07 -90.70
C SER RA 264 -22.81 121.72 -90.21
N ALA RA 265 -22.60 121.80 -88.90
CA ALA RA 265 -21.28 121.60 -88.31
C ALA RA 265 -20.83 120.14 -88.43
N VAL RA 266 -19.52 119.95 -88.44
CA VAL RA 266 -18.92 118.63 -88.64
C VAL RA 266 -18.36 118.08 -87.33
N ASN RA 267 -17.41 118.80 -86.71
CA ASN RA 267 -16.73 118.28 -85.54
C ASN RA 267 -17.07 119.06 -84.28
N HIS RA 268 -16.81 120.37 -84.26
CA HIS RA 268 -16.79 121.14 -83.02
C HIS RA 268 -17.87 122.21 -83.09
N GLN RA 269 -18.88 122.08 -82.23
CA GLN RA 269 -20.06 122.93 -82.27
C GLN RA 269 -20.26 123.61 -80.92
N SER RA 270 -20.38 124.94 -80.95
CA SER RA 270 -20.54 125.76 -79.77
C SER RA 270 -21.72 126.70 -79.99
N SER RA 271 -22.74 126.60 -79.16
CA SER RA 271 -24.01 127.25 -79.45
C SER RA 271 -24.58 127.93 -78.23
N LEU RA 272 -25.11 129.14 -78.42
CA LEU RA 272 -25.75 129.87 -77.34
C LEU RA 272 -26.93 130.67 -77.87
N ALA RA 273 -28.07 130.52 -77.20
CA ALA RA 273 -29.29 131.25 -77.55
C ALA RA 273 -29.88 131.89 -76.29
N THR RA 274 -30.29 133.16 -76.41
CA THR RA 274 -30.82 133.83 -75.23
C THR RA 274 -32.28 133.49 -74.98
N ASP RA 275 -33.15 133.88 -75.90
CA ASP RA 275 -34.59 133.75 -75.72
C ASP RA 275 -35.27 133.84 -77.06
N ALA RA 276 -36.31 133.02 -77.24
CA ALA RA 276 -37.20 133.03 -78.42
C ALA RA 276 -36.44 132.84 -79.73
N SER RA 277 -35.30 132.18 -79.69
CA SER RA 277 -34.40 132.05 -80.82
C SER RA 277 -34.12 130.58 -81.06
N ASP RA 278 -34.24 130.16 -82.31
CA ASP RA 278 -34.17 128.77 -82.69
C ASP RA 278 -32.86 128.47 -83.40
N ILE RA 279 -32.20 127.40 -83.00
CA ILE RA 279 -31.00 126.92 -83.64
C ILE RA 279 -31.25 125.48 -84.05
N TYR RA 280 -31.31 125.24 -85.36
CA TYR RA 280 -31.51 123.92 -85.93
C TYR RA 280 -30.27 123.56 -86.72
N TYR RA 281 -29.87 122.29 -86.67
CA TYR RA 281 -28.74 121.84 -87.45
C TYR RA 281 -29.15 120.66 -88.32
N TYR RA 282 -28.22 120.24 -89.16
CA TYR RA 282 -28.48 119.18 -90.13
C TYR RA 282 -27.43 118.09 -90.10
N ASN RA 283 -26.50 118.13 -89.16
CA ASN RA 283 -25.51 117.06 -89.05
C ASN RA 283 -25.19 116.83 -87.59
N LEU RA 284 -24.94 115.58 -87.24
CA LEU RA 284 -24.56 115.21 -85.89
C LEU RA 284 -23.07 115.42 -85.72
N SER RA 285 -22.69 116.43 -84.96
CA SER RA 285 -21.28 116.73 -84.75
C SER RA 285 -20.66 115.73 -83.79
N LYS RA 286 -19.36 115.53 -83.92
CA LYS RA 286 -18.65 114.66 -82.98
C LYS RA 286 -18.48 115.34 -81.62
N THR RA 287 -18.52 116.66 -81.56
CA THR RA 287 -18.48 117.39 -80.30
C THR RA 287 -19.48 118.52 -80.36
N ARG RA 288 -20.41 118.52 -79.40
CA ARG RA 288 -21.52 119.45 -79.40
C ARG RA 288 -21.71 120.02 -77.99
N ALA RA 289 -21.82 121.35 -77.89
CA ALA RA 289 -22.17 121.97 -76.63
C ALA RA 289 -23.04 123.18 -76.89
N ASP RA 290 -24.28 123.12 -76.43
CA ASP RA 290 -25.29 124.15 -76.69
C ASP RA 290 -25.91 124.60 -75.39
N PHE RA 291 -26.28 125.87 -75.32
CA PHE RA 291 -26.93 126.42 -74.14
C PHE RA 291 -27.95 127.46 -74.54
N MET RA 292 -29.00 127.58 -73.72
CA MET RA 292 -30.05 128.56 -73.90
C MET RA 292 -30.37 129.21 -72.54
N ALA RA 293 -30.73 130.48 -72.57
CA ALA RA 293 -30.80 131.30 -71.36
C ALA RA 293 -32.23 131.43 -70.83
N PHE RA 294 -33.14 131.97 -71.64
CA PHE RA 294 -34.52 132.17 -71.20
C PHE RA 294 -35.49 131.33 -72.01
N ASN RA 295 -35.56 131.56 -73.32
CA ASN RA 295 -36.48 130.81 -74.17
C ASN RA 295 -35.82 130.37 -75.46
N GLY RA 296 -34.49 130.31 -75.49
CA GLY RA 296 -33.81 129.78 -76.66
C GLY RA 296 -34.04 128.29 -76.82
N SER RA 297 -33.93 127.83 -78.06
CA SER RA 297 -34.23 126.45 -78.38
C SER RA 297 -33.14 125.90 -79.30
N VAL RA 298 -32.65 124.72 -78.97
CA VAL RA 298 -31.66 124.01 -79.78
C VAL RA 298 -32.27 122.68 -80.16
N LEU RA 299 -32.36 122.40 -81.46
CA LEU RA 299 -33.07 121.21 -81.90
C LEU RA 299 -32.23 120.43 -82.90
N ASP RA 300 -32.43 119.10 -82.88
CA ASP RA 300 -31.72 118.20 -83.78
C ASP RA 300 -32.16 118.42 -85.22
N MET RA 301 -33.48 118.41 -85.46
CA MET RA 301 -34.11 118.84 -86.71
C MET RA 301 -33.66 118.03 -87.93
N ARG RA 302 -33.39 116.74 -87.74
CA ARG RA 302 -33.18 115.84 -88.86
C ARG RA 302 -34.52 115.19 -89.20
N GLU RA 303 -34.50 114.16 -90.05
CA GLU RA 303 -35.74 113.63 -90.60
C GLU RA 303 -36.02 112.17 -90.27
N TRP RA 304 -35.07 111.45 -89.67
CA TRP RA 304 -35.17 110.03 -89.27
C TRP RA 304 -35.41 109.10 -90.45
N GLY RA 305 -35.13 109.54 -91.68
CA GLY RA 305 -35.44 108.75 -92.84
C GLY RA 305 -34.20 108.25 -93.56
N GLN RA 306 -33.04 108.52 -92.97
CA GLN RA 306 -31.78 108.09 -93.56
C GLN RA 306 -31.64 106.58 -93.45
N SER RA 307 -31.14 105.98 -94.52
CA SER RA 307 -30.84 104.56 -94.48
C SER RA 307 -29.52 104.25 -93.79
N ASP RA 308 -28.75 105.28 -93.43
CA ASP RA 308 -27.43 105.10 -92.87
C ASP RA 308 -27.15 106.09 -91.75
N LEU RA 309 -28.17 106.46 -90.98
CA LEU RA 309 -27.98 107.46 -89.94
C LEU RA 309 -27.21 106.88 -88.76
N LYS RA 310 -26.21 107.62 -88.29
CA LYS RA 310 -25.51 107.26 -87.08
C LYS RA 310 -26.30 107.67 -85.85
N ASP RA 311 -26.08 106.95 -84.75
CA ASP RA 311 -26.71 107.24 -83.49
C ASP RA 311 -25.78 108.10 -82.63
N PHE RA 312 -26.13 108.26 -81.36
CA PHE RA 312 -25.26 108.97 -80.43
C PHE RA 312 -24.01 108.17 -80.15
N ASP RA 313 -22.88 108.87 -80.10
CA ASP RA 313 -21.61 108.24 -79.79
C ASP RA 313 -21.42 108.23 -78.27
N ARG RA 314 -20.24 107.83 -77.82
CA ARG RA 314 -19.98 107.83 -76.38
C ARG RA 314 -19.79 109.23 -75.84
N TYR RA 315 -19.32 110.15 -76.68
CA TYR RA 315 -19.02 111.51 -76.24
C TYR RA 315 -20.08 112.52 -76.66
N ASN RA 316 -20.97 112.16 -77.56
CA ASN RA 316 -21.94 113.11 -78.07
C ASN RA 316 -23.22 113.14 -77.26
N LYS RA 317 -23.35 112.29 -76.25
CA LYS RA 317 -24.58 112.19 -75.47
C LYS RA 317 -24.65 113.38 -74.51
N GLN RA 318 -25.03 114.52 -75.05
CA GLN RA 318 -25.28 115.72 -74.26
C GLN RA 318 -26.77 116.00 -74.28
N PHE RA 319 -27.35 116.08 -73.11
CA PHE RA 319 -28.80 116.17 -73.01
C PHE RA 319 -29.24 117.63 -73.00
N PRO RA 320 -30.20 118.03 -73.84
CA PRO RA 320 -30.70 119.39 -73.90
C PRO RA 320 -31.49 119.78 -72.66
N ASP SA 39 -48.61 97.22 -38.03
CA ASP SA 39 -48.62 96.11 -38.97
C ASP SA 39 -49.90 96.14 -39.79
N GLY SA 40 -50.58 97.29 -39.78
CA GLY SA 40 -51.76 97.46 -40.59
C GLY SA 40 -51.42 97.50 -42.06
N CYS SA 41 -51.75 96.43 -42.78
CA CYS SA 41 -51.33 96.31 -44.17
C CYS SA 41 -52.23 97.11 -45.10
N CYS SA 42 -53.54 96.93 -44.98
CA CYS SA 42 -54.50 97.82 -45.63
C CYS SA 42 -54.95 98.92 -44.69
N SER SA 43 -53.98 99.59 -44.06
CA SER SA 43 -54.28 100.71 -43.19
C SER SA 43 -54.58 101.94 -44.02
N LYS SA 44 -55.49 102.78 -43.50
CA LYS SA 44 -56.12 103.88 -44.23
C LYS SA 44 -56.73 103.39 -45.54
N MET SA 45 -57.35 102.21 -45.47
CA MET SA 45 -58.02 101.59 -46.60
C MET SA 45 -59.23 100.84 -46.04
N GLY SA 46 -59.82 99.97 -46.86
CA GLY SA 46 -60.97 99.22 -46.41
C GLY SA 46 -60.67 98.11 -45.42
N GLY SA 47 -59.40 97.84 -45.18
CA GLY SA 47 -59.01 96.72 -44.34
C GLY SA 47 -58.67 95.49 -45.17
N ILE SA 48 -58.21 94.47 -44.47
CA ILE SA 48 -57.82 93.24 -45.13
C ILE SA 48 -59.06 92.49 -45.59
N ASN SA 49 -59.05 92.02 -46.83
CA ASN SA 49 -60.14 91.16 -47.29
C ASN SA 49 -59.79 89.69 -47.08
N TYR SA 50 -58.74 89.22 -47.76
CA TYR SA 50 -58.22 87.86 -47.64
C TYR SA 50 -56.90 87.80 -48.38
N CYS SA 51 -56.17 86.70 -48.17
CA CYS SA 51 -54.88 86.47 -48.81
C CYS SA 51 -55.08 85.57 -50.01
N ASP SA 52 -54.83 86.10 -51.20
CA ASP SA 52 -54.83 85.28 -52.41
C ASP SA 52 -53.48 84.60 -52.54
N SER SA 53 -53.48 83.28 -52.62
CA SER SA 53 -52.25 82.52 -52.80
C SER SA 53 -51.85 82.36 -54.26
N SER SA 54 -52.71 82.74 -55.21
CA SER SA 54 -52.30 82.73 -56.60
C SER SA 54 -51.26 83.80 -56.87
N ALA SA 55 -51.38 84.93 -56.18
CA ALA SA 55 -50.34 85.95 -56.18
C ALA SA 55 -49.59 86.04 -54.86
N GLY SA 56 -50.04 85.31 -53.84
CA GLY SA 56 -49.37 85.30 -52.55
C GLY SA 56 -49.42 86.62 -51.81
N ARG SA 57 -50.52 87.36 -51.96
CA ARG SA 57 -50.61 88.70 -51.43
C ARG SA 57 -51.95 88.92 -50.76
N LEU SA 58 -51.97 89.84 -49.81
CA LEU SA 58 -53.22 90.26 -49.21
C LEU SA 58 -54.01 91.12 -50.18
N VAL SA 59 -55.32 91.15 -49.99
CA VAL SA 59 -56.22 91.98 -50.78
C VAL SA 59 -56.86 92.98 -49.83
N CYS SA 60 -56.79 94.25 -50.19
CA CYS SA 60 -57.52 95.24 -49.42
C CYS SA 60 -59.01 95.15 -49.75
N ASN SA 61 -59.84 95.67 -48.84
CA ASN SA 61 -61.27 95.66 -49.09
C ASN SA 61 -61.65 96.67 -50.17
N ASN SA 62 -60.88 97.73 -50.33
CA ASN SA 62 -60.93 98.48 -51.57
C ASN SA 62 -60.10 97.75 -52.62
N GLY SA 63 -60.46 97.94 -53.88
CA GLY SA 63 -59.93 97.11 -54.95
C GLY SA 63 -58.49 97.36 -55.32
N PHE SA 64 -57.57 97.04 -54.42
CA PHE SA 64 -56.14 97.12 -54.71
C PHE SA 64 -55.43 95.98 -54.01
N TYR SA 65 -54.33 95.53 -54.61
CA TYR SA 65 -53.47 94.57 -53.97
C TYR SA 65 -52.66 95.27 -52.88
N SER SA 66 -52.51 94.60 -51.75
CA SER SA 66 -51.95 95.24 -50.57
C SER SA 66 -50.43 95.32 -50.65
N THR SA 67 -49.83 95.72 -49.53
CA THR SA 67 -48.39 95.86 -49.44
C THR SA 67 -47.74 94.58 -48.93
N CYS SA 68 -48.28 94.02 -47.85
CA CYS SA 68 -47.65 92.91 -47.16
C CYS SA 68 -47.79 91.61 -47.96
N TYR SA 69 -46.86 90.69 -47.71
CA TYR SA 69 -46.97 89.34 -48.22
C TYR SA 69 -47.76 88.47 -47.25
N CYS SA 70 -48.20 87.31 -47.73
CA CYS SA 70 -48.80 86.34 -46.82
C CYS SA 70 -48.25 84.93 -47.01
N THR SA 71 -47.77 84.61 -48.21
CA THR SA 71 -47.29 83.28 -48.51
C THR SA 71 -45.81 83.32 -48.86
N ARG SA 72 -45.11 82.23 -48.53
CA ARG SA 72 -43.71 82.11 -48.88
C ARG SA 72 -43.49 81.77 -50.35
N HIS SA 73 -44.54 81.41 -51.07
CA HIS SA 73 -44.43 81.19 -52.51
C HIS SA 73 -44.73 82.47 -53.28
N ALA SA 74 -44.07 83.56 -52.91
CA ALA SA 74 -44.30 84.87 -53.51
C ALA SA 74 -42.98 85.49 -53.90
N VAL SA 75 -43.07 86.62 -54.58
CA VAL SA 75 -41.89 87.29 -55.11
C VAL SA 75 -41.39 88.28 -54.06
N MET SA 76 -40.39 87.86 -53.29
CA MET SA 76 -39.67 88.75 -52.40
C MET SA 76 -38.28 88.99 -52.96
N ASP SA 77 -37.80 90.22 -52.85
CA ASP SA 77 -36.47 90.57 -53.33
C ASP SA 77 -35.44 89.96 -52.39
N LEU SA 78 -34.80 88.89 -52.84
CA LEU SA 78 -33.87 88.13 -52.01
C LEU SA 78 -32.45 88.36 -52.54
N GLN SA 79 -31.64 89.07 -51.76
CA GLN SA 79 -30.26 89.34 -52.13
C GLN SA 79 -29.24 88.96 -51.06
N PHE SA 80 -29.66 88.78 -49.81
CA PHE SA 80 -28.74 88.48 -48.71
C PHE SA 80 -29.15 87.19 -48.01
N LEU SA 81 -28.17 86.35 -47.70
CA LEU SA 81 -28.42 85.08 -47.05
C LEU SA 81 -27.46 84.90 -45.89
N MET SA 82 -27.91 84.12 -44.90
CA MET SA 82 -27.07 83.70 -43.79
C MET SA 82 -26.61 82.27 -44.03
N GLY SA 83 -25.96 81.69 -43.02
CA GLY SA 83 -25.48 80.33 -43.11
C GLY SA 83 -24.13 80.24 -43.79
N CYS SA 84 -23.49 79.10 -43.60
CA CYS SA 84 -22.19 78.84 -44.19
C CYS SA 84 -22.28 77.69 -45.17
N CYS SA 85 -21.14 77.38 -45.80
CA CYS SA 85 -21.01 76.34 -46.82
C CYS SA 85 -21.95 76.57 -48.00
N LEU SA 86 -22.17 77.83 -48.33
CA LEU SA 86 -23.00 78.16 -49.47
C LEU SA 86 -22.23 77.94 -50.76
N TRP SA 87 -22.98 77.81 -51.86
CA TRP SA 87 -22.46 77.45 -53.19
C TRP SA 87 -21.66 76.15 -53.14
N HIS SA 88 -22.11 75.23 -52.30
CA HIS SA 88 -21.42 73.98 -52.03
C HIS SA 88 -22.49 72.95 -51.70
N GLY SA 89 -22.08 71.86 -51.06
CA GLY SA 89 -23.03 70.86 -50.62
C GLY SA 89 -23.71 71.16 -49.31
N GLY SA 90 -23.59 72.39 -48.80
CA GLY SA 90 -24.14 72.71 -47.51
C GLY SA 90 -23.28 72.17 -46.39
N VAL SA 91 -23.77 72.35 -45.16
CA VAL SA 91 -23.06 71.85 -44.00
C VAL SA 91 -23.17 70.33 -43.96
N TYR SA 92 -22.04 69.66 -43.78
CA TYR SA 92 -22.04 68.21 -43.64
C TYR SA 92 -22.76 67.82 -42.35
N PRO SA 93 -23.60 66.78 -42.40
CA PRO SA 93 -24.43 66.45 -41.23
C PRO SA 93 -23.66 65.93 -40.03
N GLN SA 94 -22.46 65.39 -40.22
CA GLN SA 94 -21.73 64.81 -39.10
C GLN SA 94 -21.13 65.90 -38.23
N LEU SA 95 -21.20 65.70 -36.92
CA LEU SA 95 -20.54 66.57 -35.95
C LEU SA 95 -19.22 65.92 -35.55
N ASN SA 96 -18.13 66.65 -35.74
CA ASN SA 96 -16.80 66.12 -35.54
C ASN SA 96 -16.17 66.66 -34.25
N SER SA 97 -15.24 65.88 -33.70
CA SER SA 97 -14.49 66.33 -32.53
C SER SA 97 -13.59 67.52 -32.87
N SER SA 98 -12.97 67.49 -34.05
CA SER SA 98 -12.14 68.60 -34.49
C SER SA 98 -13.00 69.80 -34.84
N GLY SA 99 -12.46 71.00 -34.59
CA GLY SA 99 -13.19 72.22 -34.78
C GLY SA 99 -13.40 72.63 -36.22
N LEU SA 100 -12.70 72.00 -37.15
CA LEU SA 100 -12.92 72.27 -38.56
C LEU SA 100 -14.22 71.62 -39.02
N VAL SA 101 -14.94 72.34 -39.89
CA VAL SA 101 -16.15 71.83 -40.52
C VAL SA 101 -15.97 71.92 -42.03
N VAL SA 102 -16.18 70.82 -42.73
CA VAL SA 102 -15.97 70.71 -44.16
C VAL SA 102 -17.32 70.47 -44.81
N CYS SA 103 -17.60 71.21 -45.88
CA CYS SA 103 -18.88 71.10 -46.56
C CYS SA 103 -18.98 69.77 -47.32
N ASN SA 104 -20.19 69.47 -47.79
CA ASN SA 104 -20.44 68.19 -48.46
C ASN SA 104 -19.74 68.08 -49.80
N ASP SA 105 -19.34 69.19 -50.40
CA ASP SA 105 -18.58 69.12 -51.64
C ASP SA 105 -17.09 68.93 -51.41
N GLY SA 106 -16.65 68.87 -50.16
CA GLY SA 106 -15.26 68.68 -49.83
C GLY SA 106 -14.53 69.93 -49.41
N TYR SA 107 -15.11 71.10 -49.62
CA TYR SA 107 -14.46 72.34 -49.22
C TYR SA 107 -14.63 72.58 -47.74
N VAL SA 108 -13.62 73.21 -47.14
CA VAL SA 108 -13.58 73.48 -45.71
C VAL SA 108 -13.67 74.97 -45.49
N SER SA 109 -14.57 75.39 -44.61
CA SER SA 109 -14.80 76.80 -44.32
C SER SA 109 -14.18 77.17 -42.99
N GLU SA 110 -13.17 78.03 -43.02
CA GLU SA 110 -12.51 78.48 -41.80
C GLU SA 110 -13.44 79.33 -40.95
N GLU SA 111 -14.21 80.23 -41.58
CA GLU SA 111 -15.11 81.09 -40.83
C GLU SA 111 -16.29 80.33 -40.25
N CYS SA 112 -16.67 79.20 -40.86
CA CYS SA 112 -17.62 78.31 -40.20
C CYS SA 112 -16.94 77.51 -39.11
N SER SA 113 -15.66 77.22 -39.25
CA SER SA 113 -14.91 76.50 -38.23
C SER SA 113 -14.59 77.42 -37.06
N LEU SA 114 -14.26 76.82 -35.93
CA LEU SA 114 -13.79 77.57 -34.78
C LEU SA 114 -12.27 77.59 -34.76
N GLN SA 115 -11.70 78.70 -34.29
CA GLN SA 115 -10.28 78.97 -34.44
C GLN SA 115 -9.61 79.11 -33.08
N LYS SA 116 -8.36 78.62 -33.01
CA LYS SA 116 -7.49 78.84 -31.86
C LYS SA 116 -6.03 78.72 -32.27
N UNK TA 1 -47.94 99.31 -72.73
CA UNK TA 1 -49.09 100.10 -72.29
C UNK TA 1 -49.41 101.19 -73.31
N UNK TA 2 -48.94 102.41 -73.03
CA UNK TA 2 -49.01 103.60 -73.87
C UNK TA 2 -50.44 104.05 -74.17
N UNK TA 3 -51.43 103.58 -73.40
CA UNK TA 3 -52.82 103.98 -73.58
C UNK TA 3 -53.57 103.69 -72.29
N UNK TA 4 -54.00 104.74 -71.59
CA UNK TA 4 -54.77 104.53 -70.37
C UNK TA 4 -56.21 104.17 -70.68
N UNK TA 5 -56.80 104.78 -71.71
CA UNK TA 5 -58.20 104.55 -72.07
C UNK TA 5 -58.29 104.42 -73.59
N UNK TA 6 -58.20 103.18 -74.07
CA UNK TA 6 -58.35 102.91 -75.50
C UNK TA 6 -59.80 103.12 -75.90
N UNK TA 7 -60.07 104.22 -76.60
CA UNK TA 7 -61.42 104.57 -76.96
C UNK TA 7 -61.95 103.62 -78.03
N UNK TA 8 -63.12 103.06 -77.79
CA UNK TA 8 -63.75 102.15 -78.73
C UNK TA 8 -64.42 102.97 -79.82
N UNK TA 9 -63.73 103.11 -80.96
CA UNK TA 9 -64.15 103.88 -82.14
C UNK TA 9 -64.53 105.32 -81.83
N UNK UA 1 73.80 10.33 -90.21
CA UNK UA 1 72.55 9.57 -90.22
C UNK UA 1 71.36 10.49 -90.43
N UNK UA 2 71.38 11.62 -89.75
CA UNK UA 2 70.32 12.61 -89.90
C UNK UA 2 70.50 13.35 -91.23
N UNK UA 3 69.93 12.78 -92.29
CA UNK UA 3 70.12 13.32 -93.64
C UNK UA 3 69.24 14.54 -93.82
N UNK UA 4 69.80 15.70 -93.48
CA UNK UA 4 69.04 16.94 -93.59
C UNK UA 4 68.82 17.35 -95.04
N UNK UA 5 69.85 17.21 -95.88
CA UNK UA 5 69.73 17.56 -97.29
C UNK UA 5 68.76 16.64 -98.02
N UNK UA 6 68.84 15.33 -97.75
CA UNK UA 6 67.91 14.39 -98.34
C UNK UA 6 66.50 14.58 -97.80
N UNK UA 7 66.36 14.99 -96.53
CA UNK UA 7 65.05 15.29 -95.98
C UNK UA 7 64.43 16.50 -96.65
N UNK UA 8 65.22 17.55 -96.88
CA UNK UA 8 64.73 18.72 -97.59
C UNK UA 8 64.38 18.40 -99.04
N UNK UA 9 65.18 17.55 -99.68
CA UNK UA 9 64.89 17.13 -101.06
C UNK UA 9 63.61 16.31 -101.14
N UNK UA 10 63.40 15.40 -100.18
CA UNK UA 10 62.17 14.62 -100.14
C UNK UA 10 60.96 15.48 -99.81
N UNK UA 11 61.15 16.51 -98.97
CA UNK UA 11 60.07 17.45 -98.69
C UNK UA 11 59.68 18.23 -99.93
N UNK UA 12 60.67 18.68 -100.71
CA UNK UA 12 60.39 19.36 -101.97
C UNK UA 12 59.72 18.43 -102.98
N UNK UA 13 60.14 17.17 -103.02
CA UNK UA 13 59.54 16.21 -103.95
C UNK UA 13 58.10 15.88 -103.54
N UNK UA 14 57.83 15.80 -102.24
CA UNK UA 14 56.47 15.55 -101.79
C UNK UA 14 55.58 16.77 -101.98
N UNK UA 15 56.15 17.97 -101.88
CA UNK UA 15 55.39 19.18 -102.19
C UNK UA 15 55.05 19.24 -103.67
N UNK UA 16 56.02 18.91 -104.53
CA UNK UA 16 55.79 18.88 -105.97
C UNK UA 16 55.41 17.46 -106.39
N UNK UA 17 54.18 17.08 -106.03
CA UNK UA 17 53.70 15.74 -106.35
C UNK UA 17 53.39 15.59 -107.83
N UNK UA 18 53.01 16.69 -108.50
CA UNK UA 18 52.68 16.75 -109.93
C UNK UA 18 51.57 15.77 -110.32
N UNK UA 19 50.59 15.59 -109.44
CA UNK UA 19 49.46 14.71 -109.71
C UNK UA 19 48.29 15.13 -108.83
N UNK UA 20 47.10 15.14 -109.43
CA UNK UA 20 45.87 15.42 -108.68
C UNK UA 20 44.70 14.83 -109.45
N UNK UA 21 44.04 13.83 -108.89
CA UNK UA 21 42.84 13.23 -109.46
C UNK UA 21 41.73 13.26 -108.43
N UNK UA 22 40.55 13.72 -108.84
CA UNK UA 22 39.42 13.90 -107.94
C UNK UA 22 38.17 13.26 -108.53
N UNK UA 23 37.27 12.87 -107.64
CA UNK UA 23 36.01 12.24 -108.03
C UNK UA 23 34.85 13.00 -107.42
N UNK UA 24 33.73 13.04 -108.14
CA UNK UA 24 32.54 13.75 -107.68
C UNK UA 24 31.32 12.88 -107.86
N UNK UA 25 30.39 12.98 -106.91
CA UNK UA 25 29.12 12.28 -106.96
C UNK UA 25 27.99 13.29 -106.80
N UNK UA 26 26.99 13.19 -107.68
CA UNK UA 26 25.89 14.14 -107.68
C UNK UA 26 24.85 13.77 -106.62
N UNK UA 27 23.69 14.42 -106.72
CA UNK UA 27 22.59 14.09 -105.82
C UNK UA 27 22.02 12.71 -106.09
N UNK UA 28 22.16 12.22 -107.32
CA UNK UA 28 21.88 10.83 -107.66
C UNK UA 28 23.13 9.98 -107.64
N UNK UA 29 24.22 10.49 -107.03
CA UNK UA 29 25.51 9.80 -106.85
C UNK UA 29 26.13 9.35 -108.18
N UNK UA 30 26.00 10.18 -109.21
CA UNK UA 30 26.62 9.87 -110.49
C UNK UA 30 28.12 10.14 -110.42
N UNK UA 31 28.91 9.13 -110.77
CA UNK UA 31 30.37 9.21 -110.65
C UNK UA 31 30.95 9.98 -111.82
N UNK UA 32 31.63 11.08 -111.52
CA UNK UA 32 32.32 11.87 -112.52
C UNK UA 32 33.75 12.09 -112.08
N UNK UA 33 34.70 11.71 -112.92
CA UNK UA 33 36.12 11.87 -112.62
C UNK UA 33 36.80 12.56 -113.79
N UNK UA 34 37.59 13.57 -113.48
CA UNK UA 34 38.30 14.33 -114.50
C UNK UA 34 39.72 13.79 -114.65
N UNK UA 35 40.49 14.41 -115.54
CA UNK UA 35 41.86 13.99 -115.78
C UNK UA 35 42.79 14.58 -114.70
N UNK UA 36 44.06 14.22 -114.80
CA UNK UA 36 45.05 14.70 -113.85
C UNK UA 36 45.36 16.18 -114.09
N UNK UA 37 45.55 16.92 -113.00
CA UNK UA 37 45.92 18.33 -113.06
C UNK UA 37 47.14 18.56 -112.20
N UNK UA 38 48.00 19.47 -112.65
CA UNK UA 38 49.28 19.83 -112.03
C UNK UA 38 50.19 18.63 -111.75
N UNK UA 39 25.46 18.03 -101.04
CA UNK UA 39 26.38 17.03 -101.56
C UNK UA 39 26.69 17.30 -103.02
N UNK UA 40 27.88 17.82 -103.29
CA UNK UA 40 28.33 18.08 -104.65
C UNK UA 40 29.56 17.26 -105.02
N UNK UA 41 30.61 17.31 -104.19
CA UNK UA 41 31.83 16.55 -104.45
C UNK UA 41 32.54 16.34 -103.13
N UNK UA 42 33.10 15.14 -102.94
CA UNK UA 42 33.87 14.85 -101.74
C UNK UA 42 35.21 15.58 -101.82
N UNK UA 43 35.42 16.54 -100.93
CA UNK UA 43 36.65 17.34 -100.97
C UNK UA 43 37.87 16.54 -100.52
N UNK UA 44 37.66 15.43 -99.81
CA UNK UA 44 38.74 14.53 -99.46
C UNK UA 44 39.04 13.51 -100.56
N UNK UA 45 38.20 13.43 -101.61
CA UNK UA 45 38.40 12.45 -102.67
C UNK UA 45 39.52 12.81 -103.63
N UNK UA 46 40.02 14.04 -103.57
CA UNK UA 46 41.16 14.43 -104.40
C UNK UA 46 42.44 13.82 -103.85
N UNK UA 47 43.22 13.18 -104.72
CA UNK UA 47 44.42 12.47 -104.32
C UNK UA 47 45.59 12.86 -105.21
N UNK UA 48 46.79 12.77 -104.65
CA UNK UA 48 48.02 13.09 -105.37
C UNK UA 48 48.84 11.84 -105.64
N LYS VA 24 -36.02 123.01 -57.00
CA LYS VA 24 -35.24 123.69 -55.95
C LYS VA 24 -34.07 122.82 -55.54
N PHE VA 25 -34.34 121.56 -55.28
CA PHE VA 25 -33.33 120.59 -54.89
C PHE VA 25 -33.16 119.59 -56.02
N LYS VA 26 -32.27 119.90 -56.95
CA LYS VA 26 -31.84 118.91 -57.94
C LYS VA 26 -30.94 117.93 -57.20
N LYS VA 27 -31.52 116.81 -56.79
CA LYS VA 27 -30.82 115.86 -55.94
C LYS VA 27 -29.75 115.12 -56.74
N PRO VA 28 -28.65 114.75 -56.11
CA PRO VA 28 -27.60 113.99 -56.80
C PRO VA 28 -28.06 112.57 -57.09
N PRO VA 29 -27.39 111.88 -58.01
CA PRO VA 29 -27.67 110.46 -58.22
C PRO VA 29 -27.39 109.65 -56.96
N ILE VA 30 -28.25 108.66 -56.70
CA ILE VA 30 -28.20 107.94 -55.44
C ILE VA 30 -27.08 106.92 -55.45
N ASN VA 31 -27.13 105.97 -56.37
CA ASN VA 31 -26.11 104.93 -56.47
C ASN VA 31 -25.00 105.33 -57.42
N ASN VA 32 -24.45 106.52 -57.20
CA ASN VA 32 -23.36 107.07 -57.98
C ASN VA 32 -22.02 106.61 -57.41
N PRO VA 33 -21.04 106.38 -58.28
CA PRO VA 33 -19.71 106.01 -57.79
C PRO VA 33 -18.95 107.16 -57.18
N SER VA 34 -19.15 107.41 -55.89
CA SER VA 34 -18.45 108.50 -55.20
C SER VA 34 -17.16 108.04 -54.55
N ASP VA 35 -16.48 107.04 -55.10
CA ASP VA 35 -15.21 106.56 -54.59
C ASP VA 35 -14.28 106.29 -55.76
N ASP VA 36 -12.97 106.41 -55.50
CA ASP VA 36 -11.97 106.19 -56.52
C ASP VA 36 -11.97 104.73 -56.99
N ALA VA 37 -12.12 103.81 -56.04
CA ALA VA 37 -12.22 102.39 -56.39
C ALA VA 37 -13.45 102.13 -57.25
N THR VA 38 -14.57 102.78 -56.91
CA THR VA 38 -15.80 102.59 -57.66
C THR VA 38 -15.70 103.16 -59.07
N ILE VA 39 -15.09 104.34 -59.23
CA ILE VA 39 -15.00 104.90 -60.58
C ILE VA 39 -14.00 104.13 -61.41
N LYS VA 40 -12.92 103.64 -60.80
CA LYS VA 40 -11.98 102.80 -61.54
C LYS VA 40 -12.63 101.49 -61.96
N LEU VA 41 -13.43 100.91 -61.06
CA LEU VA 41 -14.13 99.65 -61.34
C LEU VA 41 -15.14 99.83 -62.46
N ALA VA 42 -15.93 100.90 -62.40
CA ALA VA 42 -16.97 101.13 -63.39
C ALA VA 42 -16.38 101.50 -64.74
N GLU VA 43 -15.28 102.27 -64.73
CA GLU VA 43 -14.60 102.60 -65.97
C GLU VA 43 -13.99 101.36 -66.62
N ALA VA 44 -13.41 100.48 -65.80
CA ALA VA 44 -12.88 99.23 -66.33
C ALA VA 44 -13.99 98.33 -66.87
N ALA VA 45 -15.15 98.37 -66.22
CA ALA VA 45 -16.31 97.62 -66.72
C ALA VA 45 -16.78 98.17 -68.05
N VAL VA 46 -16.76 99.50 -68.20
CA VAL VA 46 -17.09 100.13 -69.47
C VAL VA 46 -16.13 99.70 -70.56
N SER VA 47 -14.83 99.68 -70.24
CA SER VA 47 -13.81 99.31 -71.20
C SER VA 47 -13.95 97.84 -71.63
N VAL VA 48 -14.20 96.95 -70.67
CA VAL VA 48 -14.30 95.53 -71.01
C VAL VA 48 -15.59 95.26 -71.77
N SER VA 49 -16.66 96.01 -71.48
CA SER VA 49 -17.91 95.84 -72.21
C SER VA 49 -17.76 96.26 -73.66
N ASP VA 50 -17.16 97.44 -73.88
CA ASP VA 50 -16.98 97.92 -75.25
C ASP VA 50 -16.00 97.06 -76.03
N SER VA 51 -14.93 96.60 -75.38
CA SER VA 51 -13.93 95.81 -76.08
C SER VA 51 -14.44 94.41 -76.40
N MET VA 52 -15.19 93.80 -75.48
CA MET VA 52 -15.78 92.50 -75.78
C MET VA 52 -16.90 92.62 -76.80
N LEU VA 53 -17.59 93.76 -76.82
CA LEU VA 53 -18.55 94.04 -77.88
C LEU VA 53 -17.86 94.12 -79.23
N GLU VA 54 -16.69 94.76 -79.28
CA GLU VA 54 -15.93 94.80 -80.52
C GLU VA 54 -15.40 93.43 -80.91
N MET VA 55 -15.05 92.61 -79.91
CA MET VA 55 -14.67 91.23 -80.17
C MET VA 55 -15.81 90.44 -80.80
N ALA VA 56 -17.03 90.64 -80.28
CA ALA VA 56 -18.20 90.00 -80.86
C ALA VA 56 -18.48 90.53 -82.27
N LYS VA 57 -18.25 91.83 -82.49
CA LYS VA 57 -18.44 92.42 -83.81
C LYS VA 57 -17.49 91.82 -84.84
N VAL VA 58 -16.23 91.65 -84.45
CA VAL VA 58 -15.26 91.11 -85.40
C VAL VA 58 -15.40 89.61 -85.56
N GLU VA 59 -16.02 88.92 -84.60
CA GLU VA 59 -16.15 87.47 -84.75
C GLU VA 59 -17.47 87.05 -85.37
N LYS VA 60 -18.49 87.90 -85.36
CA LYS VA 60 -19.80 87.50 -85.86
C LYS VA 60 -19.81 87.46 -87.38
N VAL VA 61 -20.33 86.38 -87.94
CA VAL VA 61 -20.41 86.17 -89.38
C VAL VA 61 -21.87 86.20 -89.79
N ILE VA 62 -22.18 87.04 -90.79
CA ILE VA 62 -23.55 87.22 -91.25
C ILE VA 62 -23.67 86.78 -92.71
N THR VA 63 -24.87 86.91 -93.26
CA THR VA 63 -25.18 86.51 -94.62
C THR VA 63 -25.79 87.69 -95.37
N PRO VA 64 -25.54 87.80 -96.67
CA PRO VA 64 -26.21 88.83 -97.46
C PRO VA 64 -27.69 88.55 -97.61
N PRO VA 65 -28.54 89.57 -97.59
CA PRO VA 65 -29.99 89.35 -97.64
C PRO VA 65 -30.50 88.97 -99.03
N SER VA 66 -29.67 89.02 -100.05
CA SER VA 66 -30.05 88.58 -101.37
C SER VA 66 -29.75 87.10 -101.60
N LYS VA 67 -28.73 86.57 -100.94
CA LYS VA 67 -28.28 85.21 -101.15
C LYS VA 67 -28.76 84.25 -100.07
N ASP VA 68 -29.66 84.70 -99.20
CA ASP VA 68 -30.14 83.86 -98.11
C ASP VA 68 -31.05 82.75 -98.64
N ASN VA 69 -30.92 81.57 -98.06
CA ASN VA 69 -31.75 80.42 -98.43
C ASN VA 69 -33.06 80.49 -97.64
N THR VA 70 -33.92 81.41 -98.07
CA THR VA 70 -35.20 81.64 -97.42
C THR VA 70 -36.31 81.52 -98.47
N LEU VA 71 -37.44 80.99 -98.04
CA LEU VA 71 -38.58 80.83 -98.92
C LEU VA 71 -39.38 82.13 -98.97
N THR VA 72 -39.52 82.69 -100.16
CA THR VA 72 -40.34 83.88 -100.32
C THR VA 72 -41.82 83.52 -100.27
N ILE VA 73 -42.65 84.53 -100.02
CA ILE VA 73 -44.09 84.36 -99.85
C ILE VA 73 -44.79 84.74 -101.15
N PRO VA 74 -45.45 83.81 -101.83
CA PRO VA 74 -46.21 84.16 -103.04
C PRO VA 74 -47.50 84.91 -102.78
N ASN VA 75 -47.91 85.04 -101.51
CA ASN VA 75 -49.04 85.81 -100.97
C ASN VA 75 -50.34 85.72 -101.77
N ALA VA 76 -50.66 84.55 -102.30
CA ALA VA 76 -51.99 84.34 -102.84
C ALA VA 76 -53.00 84.21 -101.70
N TYR VA 77 -54.27 84.43 -102.03
CA TYR VA 77 -55.31 84.51 -101.00
C TYR VA 77 -55.58 83.19 -100.32
N ASN VA 78 -55.25 82.07 -100.96
CA ASN VA 78 -55.50 80.76 -100.38
C ASN VA 78 -54.54 80.41 -99.26
N LEU VA 79 -53.46 81.16 -99.08
CA LEU VA 79 -52.47 80.85 -98.06
C LEU VA 79 -52.62 81.71 -96.82
N GLN VA 80 -53.67 82.52 -96.73
CA GLN VA 80 -53.83 83.49 -95.67
C GLN VA 80 -54.65 82.95 -94.50
N ALA VA 81 -55.03 81.68 -94.53
CA ALA VA 81 -55.83 81.10 -93.47
C ALA VA 81 -54.99 80.88 -92.21
N ARG VA 82 -55.70 80.72 -91.09
CA ARG VA 82 -55.07 80.59 -89.78
C ARG VA 82 -55.47 79.27 -89.15
N ALA VA 83 -54.61 78.75 -88.29
CA ALA VA 83 -54.85 77.47 -87.63
C ALA VA 83 -54.06 77.41 -86.33
N SER VA 84 -54.40 76.43 -85.50
CA SER VA 84 -53.66 76.08 -84.30
C SER VA 84 -53.14 74.67 -84.51
N VAL VA 85 -51.86 74.55 -84.85
CA VAL VA 85 -51.28 73.26 -85.24
C VAL VA 85 -50.06 72.98 -84.38
N ASP VA 86 -50.08 71.85 -83.68
CA ASP VA 86 -48.91 71.32 -83.02
C ASP VA 86 -48.58 69.97 -83.65
N TRP VA 87 -47.31 69.76 -83.98
CA TRP VA 87 -46.90 68.54 -84.64
C TRP VA 87 -45.45 68.26 -84.29
N SER VA 88 -45.11 66.98 -84.14
CA SER VA 88 -43.73 66.57 -83.96
C SER VA 88 -43.56 65.26 -84.73
N GLY VA 89 -42.96 65.35 -85.91
CA GLY VA 89 -42.73 64.17 -86.70
C GLY VA 89 -42.34 64.49 -88.12
N PRO VA 90 -42.65 63.58 -89.04
CA PRO VA 90 -42.24 63.76 -90.44
C PRO VA 90 -42.96 64.91 -91.12
N ILE VA 91 -42.53 65.13 -92.36
CA ILE VA 91 -42.83 66.37 -93.09
C ILE VA 91 -43.93 66.15 -94.12
N GLU VA 92 -43.89 65.01 -94.81
CA GLU VA 92 -44.64 64.82 -96.04
C GLU VA 92 -46.15 64.78 -95.80
N GLU VA 93 -46.57 64.09 -94.75
CA GLU VA 93 -47.99 64.02 -94.41
C GLU VA 93 -48.53 65.39 -94.03
N LEU VA 94 -47.75 66.16 -93.26
CA LEU VA 94 -48.16 67.50 -92.85
C LEU VA 94 -48.25 68.44 -94.05
N THR VA 95 -47.30 68.34 -94.98
CA THR VA 95 -47.32 69.23 -96.14
C THR VA 95 -48.45 68.87 -97.10
N ALA VA 96 -48.73 67.57 -97.26
CA ALA VA 96 -49.87 67.16 -98.07
C ALA VA 96 -51.18 67.60 -97.42
N ARG VA 97 -51.26 67.54 -96.10
CA ARG VA 97 -52.45 68.02 -95.40
C ARG VA 97 -52.62 69.53 -95.55
N ILE VA 98 -51.51 70.27 -95.53
CA ILE VA 98 -51.54 71.71 -95.74
C ILE VA 98 -52.01 72.04 -97.16
N ALA VA 99 -51.51 71.29 -98.15
CA ALA VA 99 -51.93 71.49 -99.53
C ALA VA 99 -53.40 71.15 -99.71
N LYS VA 100 -53.88 70.11 -99.01
CA LYS VA 100 -55.30 69.78 -99.03
C LYS VA 100 -56.13 70.89 -98.42
N ALA VA 101 -55.67 71.47 -97.32
CA ALA VA 101 -56.40 72.56 -96.67
C ALA VA 101 -56.41 73.83 -97.51
N ALA VA 102 -55.33 74.09 -98.24
CA ALA VA 102 -55.22 75.27 -99.06
C ALA VA 102 -55.68 75.06 -100.50
N HIS VA 103 -56.17 73.85 -100.82
CA HIS VA 103 -56.73 73.49 -102.13
C HIS VA 103 -55.68 73.64 -103.23
N PHE VA 104 -54.49 73.13 -102.94
CA PHE VA 104 -53.39 73.12 -103.88
C PHE VA 104 -52.96 71.68 -104.14
N ARG VA 105 -52.58 71.39 -105.38
CA ARG VA 105 -52.03 70.09 -105.67
C ARG VA 105 -50.62 69.98 -105.08
N PHE VA 106 -50.22 68.76 -104.77
CA PHE VA 106 -48.97 68.52 -104.07
C PHE VA 106 -48.22 67.37 -104.73
N ARG VA 107 -46.92 67.56 -104.94
CA ARG VA 107 -46.12 66.52 -105.56
C ARG VA 107 -44.71 66.55 -104.97
N VAL VA 108 -44.00 65.44 -105.17
CA VAL VA 108 -42.65 65.28 -104.64
C VAL VA 108 -41.69 65.08 -105.79
N LEU VA 109 -40.41 65.20 -105.48
CA LEU VA 109 -39.35 64.98 -106.45
C LEU VA 109 -38.12 64.48 -105.72
N GLY VA 110 -37.45 63.48 -106.30
CA GLY VA 110 -36.30 62.89 -105.66
C GLY VA 110 -36.67 61.62 -104.90
N LYS VA 111 -35.92 61.31 -103.85
CA LYS VA 111 -36.20 60.13 -103.03
C LYS VA 111 -36.10 60.51 -101.57
N SER VA 112 -37.10 60.11 -100.79
CA SER VA 112 -37.08 60.36 -99.37
C SER VA 112 -36.02 59.48 -98.69
N PRO VA 113 -35.36 59.98 -97.66
CA PRO VA 113 -34.35 59.16 -96.97
C PRO VA 113 -35.00 58.05 -96.16
N SER VA 114 -34.16 57.04 -95.85
CA SER VA 114 -34.61 55.95 -94.99
C SER VA 114 -34.94 56.44 -93.60
N VAL VA 115 -34.06 57.25 -93.02
CA VAL VA 115 -34.40 57.96 -91.79
C VAL VA 115 -35.36 59.09 -92.13
N PRO VA 116 -36.52 59.17 -91.49
CA PRO VA 116 -37.45 60.25 -91.79
C PRO VA 116 -36.92 61.59 -91.32
N VAL VA 117 -37.27 62.63 -92.08
CA VAL VA 117 -36.90 64.00 -91.75
C VAL VA 117 -37.96 64.53 -90.78
N LEU VA 118 -37.56 64.77 -89.55
CA LEU VA 118 -38.49 65.04 -88.47
C LEU VA 118 -38.47 66.52 -88.12
N ILE VA 119 -39.64 67.13 -88.08
CA ILE VA 119 -39.78 68.55 -87.78
C ILE VA 119 -40.86 68.71 -86.73
N SER VA 120 -40.52 69.42 -85.65
CA SER VA 120 -41.47 69.72 -84.58
C SER VA 120 -41.79 71.20 -84.62
N ILE VA 121 -43.08 71.52 -84.67
CA ILE VA 121 -43.57 72.89 -84.63
C ILE VA 121 -44.79 72.95 -83.74
N SER VA 122 -45.09 74.15 -83.28
CA SER VA 122 -46.25 74.36 -82.41
C SER VA 122 -46.69 75.82 -82.56
N THR VA 123 -47.92 76.03 -83.02
CA THR VA 123 -48.45 77.38 -83.16
C THR VA 123 -49.92 77.40 -82.79
N LYS VA 124 -50.35 78.54 -82.27
CA LYS VA 124 -51.74 78.80 -81.93
C LYS VA 124 -52.47 79.57 -83.03
N ASP VA 125 -51.78 80.51 -83.67
CA ASP VA 125 -52.39 81.31 -84.72
C ASP VA 125 -51.28 81.77 -85.66
N GLU VA 126 -51.27 81.25 -86.89
CA GLU VA 126 -50.23 81.59 -87.84
C GLU VA 126 -50.77 81.35 -89.24
N SER VA 127 -50.21 82.06 -90.21
CA SER VA 127 -50.62 81.87 -91.59
C SER VA 127 -49.72 80.86 -92.29
N LEU VA 128 -50.30 80.21 -93.29
CA LEU VA 128 -49.75 78.98 -93.85
C LEU VA 128 -48.47 79.24 -94.63
N ALA VA 129 -48.33 80.44 -95.20
CA ALA VA 129 -47.14 80.77 -95.98
C ALA VA 129 -45.90 80.82 -95.10
N GLU VA 130 -45.95 81.57 -94.00
CA GLU VA 130 -44.80 81.58 -93.11
C GLU VA 130 -44.68 80.30 -92.30
N ILE VA 131 -45.78 79.54 -92.16
CA ILE VA 131 -45.69 78.20 -91.61
C ILE VA 131 -44.79 77.34 -92.49
N LEU VA 132 -45.02 77.38 -93.80
CA LEU VA 132 -44.19 76.59 -94.72
C LEU VA 132 -42.78 77.17 -94.84
N ARG VA 133 -42.64 78.49 -94.67
CA ARG VA 133 -41.32 79.11 -94.65
C ARG VA 133 -40.50 78.60 -93.48
N ASP VA 134 -41.11 78.51 -92.30
CA ASP VA 134 -40.39 77.95 -91.16
C ASP VA 134 -40.21 76.44 -91.29
N ILE VA 135 -41.11 75.78 -92.04
CA ILE VA 135 -40.93 74.36 -92.34
C ILE VA 135 -39.66 74.15 -93.17
N ASP VA 136 -39.47 74.98 -94.20
CA ASP VA 136 -38.26 74.91 -95.00
C ASP VA 136 -37.03 75.32 -94.21
N TYR VA 137 -37.18 76.28 -93.30
CA TYR VA 137 -36.08 76.67 -92.43
C TYR VA 137 -35.66 75.53 -91.51
N GLN VA 138 -36.63 74.77 -91.00
CA GLN VA 138 -36.32 73.57 -90.24
C GLN VA 138 -35.72 72.50 -91.13
N ALA VA 139 -36.15 72.44 -92.40
CA ALA VA 139 -35.65 71.42 -93.31
C ALA VA 139 -34.18 71.65 -93.64
N GLY VA 140 -33.79 72.89 -93.88
CA GLY VA 140 -32.40 73.23 -94.11
C GLY VA 140 -31.85 72.72 -95.42
N LYS VA 141 -30.86 71.83 -95.34
CA LYS VA 141 -30.10 71.43 -96.51
C LYS VA 141 -30.67 70.20 -97.22
N LYS VA 142 -31.33 69.31 -96.49
CA LYS VA 142 -31.68 68.01 -97.05
C LYS VA 142 -32.94 68.04 -97.90
N ALA VA 143 -33.74 69.10 -97.84
CA ALA VA 143 -34.97 69.15 -98.62
C ALA VA 143 -35.29 70.61 -98.96
N SER VA 144 -36.14 70.77 -99.95
CA SER VA 144 -36.58 72.09 -100.38
C SER VA 144 -38.01 71.99 -100.88
N ILE VA 145 -38.68 73.14 -100.89
CA ILE VA 145 -40.08 73.23 -101.32
C ILE VA 145 -40.19 74.39 -102.30
N HIS VA 146 -40.81 74.12 -103.45
CA HIS VA 146 -41.12 75.14 -104.43
C HIS VA 146 -42.62 75.27 -104.55
N VAL VA 147 -43.13 76.49 -104.40
CA VAL VA 147 -44.56 76.76 -104.41
C VAL VA 147 -44.86 77.57 -105.66
N TYR VA 148 -45.85 77.11 -106.44
CA TYR VA 148 -46.24 77.81 -107.66
C TYR VA 148 -47.70 78.21 -107.55
N PRO VA 149 -48.01 79.51 -107.63
CA PRO VA 149 -49.41 79.96 -107.49
C PRO VA 149 -50.12 80.12 -108.81
N ASN VA 150 -49.38 80.02 -109.93
CA ASN VA 150 -50.02 80.07 -111.24
C ASN VA 150 -50.70 78.73 -111.54
N SER VA 151 -49.91 77.65 -111.61
CA SER VA 151 -50.44 76.30 -111.50
C SER VA 151 -50.34 75.91 -110.05
N GLN VA 152 -51.49 75.85 -109.37
CA GLN VA 152 -51.57 75.91 -107.92
C GLN VA 152 -51.02 74.63 -107.32
N VAL VA 153 -49.69 74.60 -107.15
CA VAL VA 153 -49.00 73.38 -106.77
C VAL VA 153 -47.91 73.69 -105.74
N VAL VA 154 -47.57 72.66 -104.97
CA VAL VA 154 -46.42 72.69 -104.06
C VAL VA 154 -45.61 71.42 -104.28
N GLU VA 155 -44.30 71.58 -104.40
CA GLU VA 155 -43.43 70.50 -104.87
C GLU VA 155 -42.25 70.35 -103.93
N LEU VA 156 -42.04 69.13 -103.44
CA LEU VA 156 -40.92 68.83 -102.57
C LEU VA 156 -39.76 68.24 -103.36
N ARG VA 157 -38.55 68.56 -102.91
CA ARG VA 157 -37.33 68.17 -103.62
C ARG VA 157 -36.28 67.80 -102.58
N TYR VA 158 -35.92 66.51 -102.53
CA TYR VA 158 -34.91 66.07 -101.59
C TYR VA 158 -33.51 66.38 -102.13
N ALA VA 159 -32.52 66.13 -101.29
CA ALA VA 159 -31.14 66.35 -101.68
C ALA VA 159 -30.61 65.15 -102.48
N LYS VA 160 -29.42 65.32 -103.03
CA LYS VA 160 -28.79 64.26 -103.81
C LYS VA 160 -27.45 63.86 -103.22
N ILE WA 208 -9.85 104.46 -107.63
CA ILE WA 208 -9.99 105.90 -107.44
C ILE WA 208 -11.41 106.23 -106.97
N ILE WA 209 -11.51 106.96 -105.87
CA ILE WA 209 -12.77 107.22 -105.20
C ILE WA 209 -13.01 108.73 -105.13
N TYR WA 210 -14.26 109.13 -105.33
CA TYR WA 210 -14.67 110.52 -105.25
C TYR WA 210 -15.56 110.73 -104.04
N TYR WA 211 -15.58 111.95 -103.53
CA TYR WA 211 -16.42 112.31 -102.40
C TYR WA 211 -17.06 113.66 -102.66
N ILE WA 212 -17.95 114.04 -101.76
CA ILE WA 212 -18.69 115.29 -101.88
C ILE WA 212 -18.10 116.29 -100.89
N GLN WA 213 -18.24 117.58 -101.21
CA GLN WA 213 -17.90 118.65 -100.28
C GLN WA 213 -19.10 119.53 -99.98
N ALA WA 214 -19.81 120.00 -101.00
CA ALA WA 214 -20.99 120.83 -100.82
C ALA WA 214 -22.01 120.46 -101.88
N VAL WA 215 -23.29 120.60 -101.52
CA VAL WA 215 -24.38 120.19 -102.40
C VAL WA 215 -25.47 121.27 -102.41
N ILE WA 216 -26.28 121.22 -103.46
CA ILE WA 216 -27.44 122.09 -103.63
C ILE WA 216 -28.36 121.30 -104.57
N PRO WA 217 -29.65 121.59 -104.64
CA PRO WA 217 -30.44 121.00 -105.72
C PRO WA 217 -29.98 121.50 -107.09
N GLY WA 218 -29.36 120.60 -107.86
CA GLY WA 218 -28.88 120.95 -109.18
C GLY WA 218 -27.38 120.88 -109.34
N ARG WA 219 -26.64 121.39 -108.34
CA ARG WA 219 -25.20 121.47 -108.41
C ARG WA 219 -24.58 120.84 -107.17
N ALA WA 220 -23.36 120.34 -107.31
CA ALA WA 220 -22.66 119.72 -106.21
C ALA WA 220 -21.16 119.86 -106.41
N TRP WA 221 -20.42 119.63 -105.33
CA TRP WA 221 -18.97 119.73 -105.34
C TRP WA 221 -18.35 118.37 -105.09
N LEU WA 222 -17.48 117.95 -105.98
CA LEU WA 222 -16.80 116.66 -105.93
C LEU WA 222 -15.32 116.86 -105.66
N ILE WA 223 -14.74 115.96 -104.87
CA ILE WA 223 -13.31 115.93 -104.59
C ILE WA 223 -12.79 114.54 -104.95
N GLY WA 224 -11.66 114.51 -105.68
CA GLY WA 224 -11.10 113.27 -106.16
C GLY WA 224 -10.06 112.67 -105.24
N SER WA 225 -9.64 111.45 -105.59
CA SER WA 225 -8.55 110.80 -104.88
C SER WA 225 -7.22 111.47 -105.18
N ASN WA 226 -7.10 112.14 -106.32
CA ASN WA 226 -5.93 112.92 -106.67
C ASN WA 226 -5.95 114.32 -106.09
N GLY WA 227 -7.01 114.69 -105.37
CA GLY WA 227 -7.16 116.04 -104.88
C GLY WA 227 -7.76 117.01 -105.88
N SER WA 228 -8.21 116.54 -107.03
CA SER WA 228 -8.80 117.39 -108.05
C SER WA 228 -10.24 117.71 -107.65
N THR WA 229 -10.60 119.00 -107.68
CA THR WA 229 -11.96 119.40 -107.38
C THR WA 229 -12.79 119.45 -108.67
N LEU WA 230 -14.11 119.43 -108.48
CA LEU WA 230 -15.02 119.45 -109.62
C LEU WA 230 -16.36 120.00 -109.18
N THR WA 231 -17.03 120.71 -110.10
CA THR WA 231 -18.42 121.09 -109.93
C THR WA 231 -19.26 120.22 -110.87
N VAL WA 232 -20.29 119.58 -110.33
CA VAL WA 232 -21.05 118.58 -111.06
C VAL WA 232 -22.52 118.95 -111.05
N ARG WA 233 -23.18 118.69 -112.18
CA ARG WA 233 -24.61 118.89 -112.36
C ARG WA 233 -25.30 117.53 -112.48
N GLU WA 234 -26.62 117.57 -112.65
CA GLU WA 234 -27.36 116.37 -113.02
C GLU WA 234 -26.94 115.87 -114.40
N GLY WA 235 -26.78 116.79 -115.35
CA GLY WA 235 -26.27 116.40 -116.65
C GLY WA 235 -24.77 116.57 -116.74
N SER WA 236 -24.04 115.48 -116.49
CA SER WA 236 -22.58 115.48 -116.56
C SER WA 236 -22.09 114.05 -116.62
N LYS WA 237 -21.36 113.70 -117.67
CA LYS WA 237 -20.72 112.40 -117.75
C LYS WA 237 -19.46 112.42 -116.89
N ILE WA 238 -19.37 111.50 -115.96
CA ILE WA 238 -18.30 111.49 -114.95
C ILE WA 238 -17.42 110.27 -115.19
N PRO WA 239 -16.11 110.43 -115.32
CA PRO WA 239 -15.22 109.28 -115.52
C PRO WA 239 -15.16 108.40 -114.27
N GLY WA 240 -15.05 107.09 -114.51
CA GLY WA 240 -14.96 106.12 -113.44
C GLY WA 240 -16.29 105.67 -112.88
N TYR WA 241 -17.38 106.39 -113.15
CA TYR WA 241 -18.70 106.03 -112.66
C TYR WA 241 -19.80 106.13 -113.70
N GLY WA 242 -19.61 106.89 -114.77
CA GLY WA 242 -20.61 107.01 -115.81
C GLY WA 242 -21.41 108.29 -115.69
N MET WA 243 -22.74 108.16 -115.74
CA MET WA 243 -23.64 109.30 -115.77
C MET WA 243 -24.38 109.41 -114.45
N VAL WA 244 -24.36 110.60 -113.85
CA VAL WA 244 -25.14 110.84 -112.63
C VAL WA 244 -26.62 110.86 -112.98
N LYS WA 245 -27.39 110.04 -112.27
CA LYS WA 245 -28.80 109.87 -112.59
C LYS WA 245 -29.72 110.68 -111.69
N LEU WA 246 -29.37 110.84 -110.42
CA LEU WA 246 -30.16 111.69 -109.53
C LEU WA 246 -29.22 112.25 -108.46
N ILE WA 247 -29.47 113.50 -108.08
CA ILE WA 247 -28.69 114.17 -107.06
C ILE WA 247 -29.62 114.49 -105.89
N ASP WA 248 -29.22 114.07 -104.69
CA ASP WA 248 -30.03 114.26 -103.50
C ASP WA 248 -29.47 115.43 -102.70
N SER WA 249 -30.36 116.34 -102.30
CA SER WA 249 -29.94 117.50 -101.53
C SER WA 249 -29.94 117.23 -100.03
N LEU WA 250 -31.00 116.61 -99.51
CA LEU WA 250 -31.06 116.32 -98.08
C LEU WA 250 -30.16 115.16 -97.68
N GLN WA 251 -29.88 114.25 -98.61
CA GLN WA 251 -29.03 113.11 -98.33
C GLN WA 251 -27.72 113.27 -99.08
N GLY WA 252 -26.61 113.08 -98.37
CA GLY WA 252 -25.31 113.07 -99.00
C GLY WA 252 -25.06 111.75 -99.70
N ARG WA 253 -25.77 111.54 -100.81
CA ARG WA 253 -25.90 110.21 -101.40
C ARG WA 253 -26.22 110.43 -102.88
N ILE WA 254 -25.22 110.28 -103.73
CA ILE WA 254 -25.41 110.49 -105.17
C ILE WA 254 -25.14 109.18 -105.88
N LEU WA 255 -26.07 108.76 -106.72
CA LEU WA 255 -25.92 107.52 -107.46
C LEU WA 255 -25.61 107.81 -108.92
N THR WA 256 -24.86 106.91 -109.54
CA THR WA 256 -24.44 107.06 -110.93
C THR WA 256 -25.17 106.06 -111.81
N SER WA 257 -24.78 106.05 -113.09
CA SER WA 257 -25.37 105.12 -114.06
C SER WA 257 -24.94 103.68 -113.77
N SER WA 258 -23.77 103.49 -113.17
CA SER WA 258 -23.31 102.16 -112.81
C SER WA 258 -23.77 101.74 -111.42
N GLY WA 259 -24.79 102.40 -110.87
CA GLY WA 259 -25.40 101.98 -109.62
C GLY WA 259 -24.55 102.20 -108.40
N GLN WA 260 -23.52 103.03 -108.51
CA GLN WA 260 -22.60 103.28 -107.41
C GLN WA 260 -22.93 104.59 -106.74
N VAL WA 261 -22.64 104.66 -105.45
CA VAL WA 261 -23.04 105.77 -104.60
C VAL WA 261 -21.79 106.47 -104.09
N ILE WA 262 -21.71 107.77 -104.33
CA ILE WA 262 -20.70 108.63 -103.74
C ILE WA 262 -21.34 109.40 -102.59
N LYS WA 263 -20.70 109.34 -101.43
CA LYS WA 263 -21.12 110.04 -100.22
C LYS WA 263 -19.99 110.97 -99.78
N PHE WA 264 -20.16 111.57 -98.62
CA PHE WA 264 -19.12 112.41 -98.04
C PHE WA 264 -18.03 111.55 -97.42
N SER WA 265 -16.90 112.20 -97.13
CA SER WA 265 -15.74 111.48 -96.59
C SER WA 265 -15.96 111.12 -95.13
N GLN WA 266 -15.45 109.96 -94.75
CA GLN WA 266 -15.56 109.49 -93.37
C GLN WA 266 -14.17 109.26 -92.78
N GLN XA 791 17.15 -111.39 -39.59
CA GLN XA 791 18.15 -111.58 -40.63
C GLN XA 791 18.80 -110.24 -40.99
N GLN XA 792 18.40 -109.68 -42.12
CA GLN XA 792 18.83 -108.34 -42.52
C GLN XA 792 17.94 -107.25 -41.94
N GLU XA 793 16.90 -107.62 -41.21
CA GLU XA 793 15.94 -106.68 -40.65
C GLU XA 793 16.26 -106.32 -39.21
N ILE XA 794 17.43 -106.71 -38.72
CA ILE XA 794 17.81 -106.45 -37.33
C ILE XA 794 18.00 -104.95 -37.10
N GLN XA 795 18.74 -104.30 -38.00
CA GLN XA 795 19.18 -102.93 -37.76
C GLN XA 795 18.03 -101.94 -37.90
N GLN XA 796 17.05 -102.24 -38.76
CA GLN XA 796 15.87 -101.40 -38.81
C GLN XA 796 14.97 -101.67 -37.60
N ARG XA 797 14.98 -102.91 -37.11
CA ARG XA 797 14.36 -103.18 -35.83
C ARG XA 797 15.15 -102.56 -34.69
N THR XA 798 16.47 -102.47 -34.85
CA THR XA 798 17.29 -101.78 -33.86
C THR XA 798 17.10 -100.26 -33.95
N SER XA 799 16.69 -99.76 -35.11
CA SER XA 799 16.60 -98.32 -35.33
C SER XA 799 15.49 -97.70 -34.50
N ASP XA 800 14.34 -98.37 -34.42
CA ASP XA 800 13.19 -97.82 -33.71
C ASP XA 800 13.43 -97.79 -32.21
N MET XA 801 14.02 -98.85 -31.66
CA MET XA 801 14.32 -98.87 -30.24
C MET XA 801 15.52 -97.99 -29.90
N LEU XA 802 16.37 -97.69 -30.89
CA LEU XA 802 17.40 -96.68 -30.69
C LEU XA 802 16.76 -95.32 -30.47
N THR XA 803 15.72 -95.01 -31.25
CA THR XA 803 15.00 -93.75 -31.07
C THR XA 803 14.21 -93.74 -29.77
N ALA XA 804 13.54 -94.86 -29.46
CA ALA XA 804 12.62 -94.90 -28.34
C ALA XA 804 13.34 -94.82 -27.00
N ALA XA 805 14.43 -95.58 -26.85
CA ALA XA 805 15.14 -95.60 -25.58
C ALA XA 805 15.84 -94.27 -25.33
N THR XA 806 16.36 -93.63 -26.38
CA THR XA 806 16.92 -92.29 -26.25
C THR XA 806 15.84 -91.29 -25.84
N GLN XA 807 14.63 -91.45 -26.38
CA GLN XA 807 13.51 -90.69 -25.88
C GLN XA 807 13.13 -91.11 -24.48
N LEU XA 808 13.34 -92.37 -24.13
CA LEU XA 808 12.94 -92.84 -22.80
C LEU XA 808 13.90 -92.38 -21.73
N VAL XA 809 15.20 -92.32 -22.03
CA VAL XA 809 16.16 -91.95 -20.99
C VAL XA 809 16.09 -90.48 -20.62
N GLN XA 810 15.73 -89.61 -21.56
CA GLN XA 810 15.56 -88.20 -21.21
C GLN XA 810 14.27 -87.96 -20.43
N ASP XA 811 13.34 -88.92 -20.45
CA ASP XA 811 12.11 -88.83 -19.68
C ASP XA 811 12.33 -89.07 -18.20
N TRP XA 812 13.51 -89.52 -17.78
CA TRP XA 812 13.82 -89.64 -16.36
C TRP XA 812 14.83 -88.62 -15.90
N LYS XA 813 15.34 -87.77 -16.78
CA LYS XA 813 16.35 -86.80 -16.37
C LYS XA 813 15.76 -85.63 -15.62
N GLN XA 814 14.55 -85.21 -15.96
CA GLN XA 814 14.00 -83.98 -15.39
C GLN XA 814 13.45 -84.24 -13.98
N VAL XA 815 13.64 -83.25 -13.12
CA VAL XA 815 13.04 -83.23 -11.79
C VAL XA 815 12.81 -81.79 -11.39
N GLU XA 816 11.57 -81.43 -11.12
CA GLU XA 816 11.29 -80.07 -10.69
C GLU XA 816 11.60 -79.92 -9.21
N THR XA 817 11.79 -78.67 -8.81
CA THR XA 817 12.13 -78.39 -7.42
C THR XA 817 10.87 -78.38 -6.55
N GLN XA 818 11.10 -78.42 -5.25
CA GLN XA 818 10.05 -78.16 -4.28
C GLN XA 818 9.64 -76.69 -4.36
N VAL XA 819 8.39 -76.42 -4.02
CA VAL XA 819 7.85 -75.07 -4.04
C VAL XA 819 7.09 -74.85 -2.74
N TYR XA 820 7.47 -73.82 -2.00
CA TYR XA 820 6.74 -73.40 -0.82
C TYR XA 820 5.81 -72.26 -1.17
N THR XA 821 4.65 -72.23 -0.53
CA THR XA 821 3.68 -71.17 -0.75
C THR XA 821 3.15 -70.70 0.60
N GLU XA 822 3.32 -69.42 0.89
CA GLU XA 822 2.90 -68.82 2.15
C GLU XA 822 1.46 -68.33 2.06
N GLY XA 823 0.89 -68.07 3.23
CA GLY XA 823 -0.47 -67.56 3.28
C GLY XA 823 -0.74 -66.85 4.59
N THR XA 824 -1.71 -65.95 4.57
CA THR XA 824 -2.15 -65.27 5.78
C THR XA 824 -3.63 -64.89 5.67
N MET YA 23 -63.93 110.72 -51.80
CA MET YA 23 -62.61 111.01 -52.34
C MET YA 23 -61.75 109.75 -52.35
N LYS YA 24 -62.36 108.62 -51.96
CA LYS YA 24 -61.66 107.35 -51.99
C LYS YA 24 -61.61 106.80 -53.41
N PHE YA 25 -60.84 105.73 -53.58
CA PHE YA 25 -60.66 105.10 -54.87
C PHE YA 25 -60.75 103.59 -54.71
N LYS YA 26 -61.39 102.93 -55.67
CA LYS YA 26 -61.56 101.49 -55.63
C LYS YA 26 -61.78 100.99 -57.06
N LYS YA 27 -61.90 99.68 -57.19
CA LYS YA 27 -62.28 99.07 -58.45
C LYS YA 27 -63.65 98.43 -58.30
N PRO YA 28 -64.47 98.46 -59.36
CA PRO YA 28 -65.87 97.99 -59.25
C PRO YA 28 -66.03 96.52 -58.89
N PRO YA 29 -65.14 95.57 -59.32
CA PRO YA 29 -65.28 94.23 -58.74
C PRO YA 29 -64.82 94.15 -57.30
N ILE YA 30 -65.79 94.09 -56.40
CA ILE YA 30 -65.57 93.88 -54.98
C ILE YA 30 -66.51 92.75 -54.56
N ASN YA 31 -65.95 91.65 -54.07
CA ASN YA 31 -66.76 90.48 -53.78
C ASN YA 31 -66.49 89.89 -52.41
N ASN YA 32 -67.07 88.72 -52.15
CA ASN YA 32 -66.87 88.02 -50.90
C ASN YA 32 -65.45 87.46 -50.83
N PRO YA 33 -64.94 87.21 -49.62
CA PRO YA 33 -63.65 86.54 -49.49
C PRO YA 33 -63.70 85.12 -50.03
N SER YA 34 -62.55 84.67 -50.52
CA SER YA 34 -62.46 83.43 -51.27
C SER YA 34 -61.76 82.34 -50.45
N ASP YA 35 -61.54 81.20 -51.10
CA ASP YA 35 -60.94 80.04 -50.45
C ASP YA 35 -59.84 79.47 -51.34
N ASP YA 36 -58.71 79.15 -50.70
CA ASP YA 36 -57.52 78.66 -51.42
C ASP YA 36 -57.76 77.33 -52.10
N ALA YA 37 -58.64 76.48 -51.54
CA ALA YA 37 -58.99 75.24 -52.20
C ALA YA 37 -59.70 75.49 -53.51
N THR YA 38 -60.62 76.46 -53.53
CA THR YA 38 -61.24 76.87 -54.78
C THR YA 38 -60.25 77.52 -55.73
N ILE YA 39 -59.25 78.22 -55.17
CA ILE YA 39 -58.21 78.83 -55.99
C ILE YA 39 -57.42 77.75 -56.74
N LYS YA 40 -57.01 76.71 -56.02
CA LYS YA 40 -56.27 75.62 -56.64
C LYS YA 40 -57.15 74.78 -57.55
N LEU YA 41 -58.45 74.69 -57.22
CA LEU YA 41 -59.39 73.98 -58.09
C LEU YA 41 -59.52 74.68 -59.43
N ALA YA 42 -59.68 76.01 -59.43
CA ALA YA 42 -59.74 76.77 -60.67
C ALA YA 42 -58.40 76.74 -61.38
N GLU YA 43 -57.30 76.69 -60.62
CA GLU YA 43 -55.96 76.61 -61.19
C GLU YA 43 -55.78 75.33 -62.00
N ALA YA 44 -56.26 74.20 -61.46
CA ALA YA 44 -56.28 72.99 -62.26
C ALA YA 44 -57.29 73.08 -63.39
N ALA YA 45 -58.43 73.72 -63.13
CA ALA YA 45 -59.58 73.65 -64.01
C ALA YA 45 -59.36 74.40 -65.32
N VAL YA 46 -58.61 75.50 -65.28
CA VAL YA 46 -58.37 76.26 -66.50
C VAL YA 46 -57.55 75.44 -67.50
N SER YA 47 -56.51 74.75 -67.00
CA SER YA 47 -55.68 73.90 -67.85
C SER YA 47 -56.45 72.69 -68.33
N VAL YA 48 -57.28 72.10 -67.46
CA VAL YA 48 -58.07 70.93 -67.82
C VAL YA 48 -59.07 71.30 -68.92
N SER YA 49 -59.75 72.43 -68.75
CA SER YA 49 -60.74 72.89 -69.72
C SER YA 49 -60.08 73.24 -71.04
N ASP YA 50 -58.89 73.85 -70.99
CA ASP YA 50 -58.18 74.19 -72.22
C ASP YA 50 -57.76 72.94 -72.98
N SER YA 51 -57.26 71.94 -72.26
CA SER YA 51 -56.85 70.69 -72.90
C SER YA 51 -58.05 69.96 -73.51
N MET YA 52 -59.18 69.94 -72.80
CA MET YA 52 -60.39 69.31 -73.31
C MET YA 52 -60.91 70.04 -74.54
N LEU YA 53 -60.87 71.37 -74.51
CA LEU YA 53 -61.32 72.18 -75.64
C LEU YA 53 -60.45 71.94 -76.87
N GLU YA 54 -59.14 71.87 -76.68
CA GLU YA 54 -58.24 71.64 -77.81
C GLU YA 54 -58.41 70.24 -78.36
N MET YA 55 -58.63 69.25 -77.48
CA MET YA 55 -58.88 67.89 -77.94
C MET YA 55 -60.18 67.80 -78.74
N ALA YA 56 -61.22 68.49 -78.27
CA ALA YA 56 -62.49 68.47 -78.99
C ALA YA 56 -62.37 69.14 -80.35
N LYS YA 57 -61.64 70.26 -80.40
CA LYS YA 57 -61.45 70.96 -81.67
C LYS YA 57 -60.65 70.11 -82.66
N VAL YA 58 -59.58 69.46 -82.20
CA VAL YA 58 -58.79 68.67 -83.14
C VAL YA 58 -59.54 67.41 -83.54
N GLU YA 59 -60.39 66.87 -82.66
CA GLU YA 59 -61.20 65.70 -83.02
C GLU YA 59 -62.22 66.05 -84.08
N LYS YA 60 -62.91 67.18 -83.89
CA LYS YA 60 -63.91 67.63 -84.86
C LYS YA 60 -63.27 67.98 -86.20
N VAL YA 61 -62.10 68.62 -86.17
CA VAL YA 61 -61.47 68.99 -87.43
C VAL YA 61 -60.78 67.81 -88.09
N ILE YA 62 -60.52 66.73 -87.34
CA ILE YA 62 -59.92 65.55 -87.96
C ILE YA 62 -61.00 64.68 -88.59
N THR YA 63 -62.09 64.41 -87.87
CA THR YA 63 -63.14 63.59 -88.43
C THR YA 63 -64.40 64.42 -88.60
N PRO YA 64 -64.87 64.60 -89.83
CA PRO YA 64 -66.05 65.44 -90.05
C PRO YA 64 -67.32 64.67 -89.77
N PRO YA 65 -68.15 65.15 -88.85
CA PRO YA 65 -69.48 64.56 -88.69
C PRO YA 65 -70.35 64.86 -89.88
N SER YA 66 -71.30 63.95 -90.15
CA SER YA 66 -72.09 64.03 -91.36
C SER YA 66 -73.58 63.80 -91.15
N LYS YA 67 -74.06 63.74 -89.91
CA LYS YA 67 -75.46 63.46 -89.66
C LYS YA 67 -75.92 64.21 -88.41
N ASP YA 68 -77.24 64.34 -88.30
CA ASP YA 68 -77.88 64.91 -87.13
C ASP YA 68 -79.01 63.99 -86.69
N ASN YA 69 -79.21 63.92 -85.38
CA ASN YA 69 -80.24 63.05 -84.83
C ASN YA 69 -81.62 63.68 -84.85
N THR YA 70 -81.74 64.90 -85.37
CA THR YA 70 -83.04 65.53 -85.56
C THR YA 70 -83.89 64.73 -86.54
N LEU YA 71 -83.26 64.17 -87.57
CA LEU YA 71 -83.95 63.28 -88.49
C LEU YA 71 -84.39 61.99 -87.79
N THR YA 72 -83.52 61.43 -86.94
CA THR YA 72 -83.84 60.18 -86.27
C THR YA 72 -84.98 60.34 -85.28
N ILE YA 73 -84.89 61.33 -84.41
CA ILE YA 73 -85.99 61.67 -83.53
C ILE YA 73 -86.42 63.09 -83.87
N PRO YA 74 -87.56 63.26 -84.52
CA PRO YA 74 -88.08 64.60 -84.79
C PRO YA 74 -88.93 65.10 -83.64
N ASN YA 75 -89.21 66.39 -83.67
CA ASN YA 75 -90.04 67.02 -82.66
C ASN YA 75 -91.51 66.77 -82.95
N ALA YA 76 -92.37 67.22 -82.05
CA ALA YA 76 -93.81 67.07 -82.22
C ALA YA 76 -94.52 68.16 -81.42
N TYR YA 77 -95.80 68.36 -81.74
CA TYR YA 77 -96.66 69.18 -80.92
C TYR YA 77 -96.90 68.48 -79.58
N ASN YA 78 -97.23 69.29 -78.57
CA ASN YA 78 -97.35 68.93 -77.14
C ASN YA 78 -96.14 68.14 -76.65
N LEU YA 79 -94.97 68.52 -77.15
CA LEU YA 79 -93.69 68.07 -76.64
C LEU YA 79 -92.84 69.25 -76.22
N GLN YA 80 -93.46 70.42 -76.08
CA GLN YA 80 -92.73 71.68 -75.90
C GLN YA 80 -92.93 72.25 -74.50
N ALA YA 81 -93.23 71.39 -73.53
CA ALA YA 81 -93.28 71.82 -72.16
C ALA YA 81 -91.87 72.10 -71.65
N ARG YA 82 -91.79 72.82 -70.54
CA ARG YA 82 -90.50 73.19 -70.00
C ARG YA 82 -90.09 72.24 -68.90
N ALA YA 83 -88.79 72.00 -68.78
CA ALA YA 83 -88.27 71.08 -67.78
C ALA YA 83 -86.95 71.60 -67.26
N SER YA 84 -86.87 71.82 -65.96
CA SER YA 84 -85.61 72.10 -65.28
C SER YA 84 -85.26 70.86 -64.46
N VAL YA 85 -84.14 70.23 -64.81
CA VAL YA 85 -83.88 68.86 -64.38
C VAL YA 85 -82.49 68.75 -63.75
N ASP YA 86 -82.35 67.71 -62.94
CA ASP YA 86 -81.05 67.27 -62.44
C ASP YA 86 -81.16 65.80 -62.09
N TRP YA 87 -80.41 64.96 -62.80
CA TRP YA 87 -80.38 63.53 -62.52
C TRP YA 87 -78.93 63.07 -62.56
N SER YA 88 -78.59 62.13 -61.69
CA SER YA 88 -77.20 61.70 -61.54
C SER YA 88 -77.12 60.20 -61.36
N GLY YA 89 -77.87 59.45 -62.16
CA GLY YA 89 -77.88 58.01 -62.02
C GLY YA 89 -78.37 57.28 -63.25
N PRO YA 90 -79.07 56.16 -63.02
CA PRO YA 90 -79.57 55.36 -64.14
C PRO YA 90 -80.70 56.06 -64.88
N ILE YA 91 -80.96 55.58 -66.10
CA ILE YA 91 -81.75 56.34 -67.05
C ILE YA 91 -83.18 55.81 -67.23
N GLU YA 92 -83.47 54.60 -66.77
CA GLU YA 92 -84.75 53.98 -67.10
C GLU YA 92 -85.89 54.65 -66.34
N GLU YA 93 -85.68 54.92 -65.05
CA GLU YA 93 -86.68 55.65 -64.26
C GLU YA 93 -86.86 57.07 -64.78
N LEU YA 94 -85.76 57.68 -65.23
CA LEU YA 94 -85.81 59.03 -65.77
C LEU YA 94 -86.64 59.10 -67.04
N THR YA 95 -86.39 58.18 -67.98
CA THR YA 95 -87.16 58.21 -69.21
C THR YA 95 -88.58 57.71 -69.01
N ALA YA 96 -88.85 56.89 -67.99
CA ALA YA 96 -90.22 56.54 -67.66
C ALA YA 96 -90.98 57.75 -67.13
N ARG YA 97 -90.33 58.56 -66.28
CA ARG YA 97 -90.94 59.81 -65.81
C ARG YA 97 -91.19 60.78 -66.96
N ILE YA 98 -90.24 60.84 -67.89
CA ILE YA 98 -90.37 61.74 -69.04
C ILE YA 98 -91.51 61.29 -69.94
N ALA YA 99 -91.66 59.98 -70.14
CA ALA YA 99 -92.75 59.46 -70.97
C ALA YA 99 -94.10 59.65 -70.30
N LYS YA 100 -94.14 59.49 -68.97
CA LYS YA 100 -95.37 59.71 -68.22
C LYS YA 100 -95.80 61.17 -68.30
N ALA YA 101 -94.83 62.09 -68.24
CA ALA YA 101 -95.14 63.50 -68.46
C ALA YA 101 -95.62 63.74 -69.89
N ALA YA 102 -94.99 63.08 -70.87
CA ALA YA 102 -95.29 63.32 -72.26
C ALA YA 102 -96.56 62.62 -72.73
N HIS YA 103 -97.17 61.79 -71.87
CA HIS YA 103 -98.37 61.00 -72.17
C HIS YA 103 -98.16 60.08 -73.37
N PHE YA 104 -96.94 59.59 -73.54
CA PHE YA 104 -96.61 58.70 -74.64
C PHE YA 104 -96.31 57.32 -74.09
N ARG YA 105 -96.47 56.31 -74.93
CA ARG YA 105 -96.04 54.99 -74.52
C ARG YA 105 -94.52 54.90 -74.52
N PHE YA 106 -93.99 54.07 -73.62
CA PHE YA 106 -92.56 53.88 -73.49
C PHE YA 106 -92.24 52.40 -73.64
N ARG YA 107 -91.21 52.11 -74.42
CA ARG YA 107 -90.91 50.74 -74.80
C ARG YA 107 -89.41 50.52 -74.80
N VAL YA 108 -89.00 49.29 -74.49
CA VAL YA 108 -87.59 48.93 -74.45
C VAL YA 108 -87.31 47.87 -75.52
N LEU YA 109 -86.06 47.84 -75.97
CA LEU YA 109 -85.60 46.91 -77.00
C LEU YA 109 -84.27 46.35 -76.55
N GLY YA 110 -84.17 45.02 -76.50
CA GLY YA 110 -82.97 44.38 -76.03
C GLY YA 110 -83.03 44.05 -74.55
N LYS YA 111 -81.92 44.26 -73.85
CA LYS YA 111 -81.87 43.96 -72.42
C LYS YA 111 -80.88 44.89 -71.74
N SER YA 112 -81.15 45.19 -70.48
CA SER YA 112 -80.22 45.98 -69.69
C SER YA 112 -78.99 45.15 -69.36
N PRO YA 113 -77.79 45.64 -69.68
CA PRO YA 113 -76.58 44.90 -69.32
C PRO YA 113 -76.33 44.97 -67.82
N SER YA 114 -75.48 44.04 -67.37
CA SER YA 114 -75.15 43.97 -65.94
C SER YA 114 -74.38 45.19 -65.49
N VAL YA 115 -73.49 45.71 -66.32
CA VAL YA 115 -72.92 47.03 -66.07
C VAL YA 115 -74.03 48.03 -66.34
N PRO YA 116 -74.37 48.88 -65.38
CA PRO YA 116 -75.41 49.88 -65.61
C PRO YA 116 -74.89 51.02 -66.46
N VAL YA 117 -75.80 51.60 -67.24
CA VAL YA 117 -75.50 52.79 -68.03
C VAL YA 117 -76.14 53.97 -67.31
N LEU YA 118 -75.31 54.79 -66.69
CA LEU YA 118 -75.77 55.86 -65.82
C LEU YA 118 -75.40 57.22 -66.40
N ILE YA 119 -76.25 58.20 -66.15
CA ILE YA 119 -76.10 59.54 -66.72
C ILE YA 119 -76.20 60.56 -65.60
N SER YA 120 -75.21 61.43 -65.51
CA SER YA 120 -75.30 62.65 -64.72
C SER YA 120 -75.66 63.78 -65.67
N ILE YA 121 -76.81 64.41 -65.44
CA ILE YA 121 -77.29 65.48 -66.31
C ILE YA 121 -78.03 66.50 -65.45
N SER YA 122 -77.79 67.78 -65.71
CA SER YA 122 -78.51 68.86 -65.06
C SER YA 122 -78.41 70.10 -65.94
N THR YA 123 -79.56 70.71 -66.24
CA THR YA 123 -79.61 71.89 -67.07
C THR YA 123 -80.81 72.73 -66.67
N LYS YA 124 -81.18 73.69 -67.51
CA LYS YA 124 -82.18 74.69 -67.15
C LYS YA 124 -83.07 75.00 -68.35
N ASP YA 125 -84.30 74.48 -68.32
CA ASP YA 125 -85.47 75.01 -69.01
C ASP YA 125 -85.31 75.05 -70.53
N GLU YA 126 -85.21 73.86 -71.12
CA GLU YA 126 -85.25 73.79 -72.57
C GLU YA 126 -86.32 72.82 -73.06
N SER YA 127 -86.30 72.52 -74.35
CA SER YA 127 -87.30 71.64 -74.94
C SER YA 127 -87.11 70.21 -74.47
N LEU YA 128 -88.23 69.50 -74.35
CA LEU YA 128 -88.20 68.08 -74.00
C LEU YA 128 -87.52 67.27 -75.08
N ALA YA 129 -87.77 67.62 -76.35
CA ALA YA 129 -87.13 66.94 -77.46
C ALA YA 129 -85.62 67.15 -77.46
N GLU YA 130 -85.18 68.37 -77.13
CA GLU YA 130 -83.75 68.62 -77.09
C GLU YA 130 -83.12 67.99 -75.86
N ILE YA 131 -83.88 67.86 -74.77
CA ILE YA 131 -83.44 67.09 -73.62
C ILE YA 131 -83.22 65.64 -74.02
N LEU YA 132 -84.17 65.08 -74.78
CA LEU YA 132 -84.08 63.71 -75.23
C LEU YA 132 -82.89 63.51 -76.18
N ARG YA 133 -82.66 64.48 -77.06
CA ARG YA 133 -81.53 64.40 -77.97
C ARG YA 133 -80.21 64.51 -77.23
N ASP YA 134 -80.17 65.34 -76.18
CA ASP YA 134 -78.98 65.45 -75.35
C ASP YA 134 -78.71 64.14 -74.61
N ILE YA 135 -79.76 63.51 -74.09
CA ILE YA 135 -79.60 62.25 -73.38
C ILE YA 135 -79.15 61.15 -74.33
N ASP YA 136 -79.69 61.14 -75.54
CA ASP YA 136 -79.28 60.15 -76.53
C ASP YA 136 -77.85 60.38 -76.99
N TYR YA 137 -77.43 61.65 -77.09
CA TYR YA 137 -76.05 61.96 -77.42
C TYR YA 137 -75.10 61.52 -76.31
N GLN YA 138 -75.51 61.70 -75.07
CA GLN YA 138 -74.66 61.27 -73.96
C GLN YA 138 -74.70 59.76 -73.78
N ALA YA 139 -75.70 59.08 -74.34
CA ALA YA 139 -75.76 57.64 -74.28
C ALA YA 139 -74.61 56.99 -75.04
N GLY YA 140 -74.26 57.53 -76.21
CA GLY YA 140 -73.14 56.99 -76.95
C GLY YA 140 -73.49 55.67 -77.61
N LYS YA 141 -72.53 54.75 -77.60
CA LYS YA 141 -72.68 53.48 -78.29
C LYS YA 141 -73.57 52.50 -77.54
N LYS YA 142 -73.83 52.73 -76.25
CA LYS YA 142 -74.50 51.72 -75.45
C LYS YA 142 -75.99 51.62 -75.72
N ALA YA 143 -76.64 52.76 -75.97
CA ALA YA 143 -78.08 52.75 -76.17
C ALA YA 143 -78.46 53.84 -77.16
N SER YA 144 -79.68 53.73 -77.67
CA SER YA 144 -80.22 54.72 -78.60
C SER YA 144 -81.69 54.97 -78.29
N ILE YA 145 -82.14 56.15 -78.69
CA ILE YA 145 -83.49 56.64 -78.43
C ILE YA 145 -84.14 56.98 -79.76
N HIS YA 146 -85.34 56.44 -79.98
CA HIS YA 146 -86.12 56.78 -81.16
C HIS YA 146 -87.52 57.17 -80.73
N VAL YA 147 -88.19 57.97 -81.55
CA VAL YA 147 -89.54 58.39 -81.25
C VAL YA 147 -90.42 58.16 -82.47
N TYR YA 148 -91.72 58.01 -82.23
CA TYR YA 148 -92.72 57.97 -83.29
C TYR YA 148 -93.92 58.72 -82.77
N PRO YA 149 -94.07 60.01 -83.15
CA PRO YA 149 -95.20 60.79 -82.65
C PRO YA 149 -96.50 60.43 -83.32
N ASN YA 150 -96.45 59.87 -84.53
CA ASN YA 150 -97.64 59.30 -85.14
C ASN YA 150 -98.17 58.14 -84.32
N SER YA 151 -97.28 57.31 -83.81
CA SER YA 151 -97.66 56.22 -82.93
C SER YA 151 -97.56 56.59 -81.46
N GLN YA 152 -97.19 57.84 -81.16
CA GLN YA 152 -96.93 58.41 -79.81
C GLN YA 152 -96.19 57.44 -78.88
N VAL YA 153 -95.08 56.92 -79.39
CA VAL YA 153 -94.26 55.97 -78.65
C VAL YA 153 -92.82 56.46 -78.60
N VAL YA 154 -92.14 56.11 -77.51
CA VAL YA 154 -90.73 56.41 -77.28
C VAL YA 154 -90.03 55.09 -77.05
N GLU YA 155 -89.01 54.81 -77.87
CA GLU YA 155 -88.32 53.53 -77.84
C GLU YA 155 -86.89 53.73 -77.36
N LEU YA 156 -86.49 52.88 -76.41
CA LEU YA 156 -85.14 52.85 -75.87
C LEU YA 156 -84.54 51.50 -76.25
N ARG YA 157 -83.53 51.50 -77.11
CA ARG YA 157 -82.90 50.27 -77.55
C ARG YA 157 -81.50 50.17 -77.00
N TYR YA 158 -81.09 48.96 -76.63
CA TYR YA 158 -79.74 48.71 -76.16
C TYR YA 158 -78.84 48.34 -77.33
N ALA YA 159 -77.56 48.13 -77.04
CA ALA YA 159 -76.63 47.70 -78.07
C ALA YA 159 -76.88 46.23 -78.46
N LYS YA 160 -76.45 45.90 -79.67
CA LYS YA 160 -76.52 44.53 -80.19
C LYS YA 160 -75.21 43.78 -79.93
N ILE YA 161 -74.86 43.67 -78.65
CA ILE YA 161 -73.72 42.90 -78.19
C ILE YA 161 -74.05 42.46 -76.77
N TYR YA 162 -73.22 41.56 -76.22
CA TYR YA 162 -73.37 40.94 -74.89
C TYR YA 162 -74.68 40.17 -74.80
N ARG ZA 207 -27.10 31.14 -104.59
CA ARG ZA 207 -27.50 29.77 -104.29
C ARG ZA 207 -26.78 29.24 -103.05
N ILE ZA 208 -27.09 28.00 -102.68
CA ILE ZA 208 -26.44 27.35 -101.56
C ILE ZA 208 -25.21 26.61 -102.07
N ILE ZA 209 -24.06 26.89 -101.46
CA ILE ZA 209 -22.78 26.40 -101.96
C ILE ZA 209 -22.45 25.11 -101.21
N TYR ZA 210 -22.44 23.99 -101.93
CA TYR ZA 210 -22.20 22.69 -101.35
C TYR ZA 210 -20.73 22.32 -101.51
N TYR ZA 211 -20.13 21.83 -100.43
CA TYR ZA 211 -18.78 21.29 -100.46
C TYR ZA 211 -18.82 19.85 -99.97
N ILE ZA 212 -17.98 19.02 -100.57
CA ILE ZA 212 -17.83 17.66 -100.08
C ILE ZA 212 -17.04 17.73 -98.79
N GLN ZA 213 -17.73 17.58 -97.65
CA GLN ZA 213 -17.04 17.56 -96.37
C GLN ZA 213 -16.31 16.24 -96.18
N ALA ZA 214 -16.93 15.14 -96.57
CA ALA ZA 214 -16.30 13.82 -96.43
C ALA ZA 214 -16.82 12.93 -97.55
N VAL ZA 215 -15.92 12.48 -98.41
CA VAL ZA 215 -16.26 11.55 -99.48
C VAL ZA 215 -15.93 10.15 -98.99
N ILE ZA 216 -16.93 9.28 -99.01
CA ILE ZA 216 -16.73 7.87 -98.72
C ILE ZA 216 -17.38 7.08 -99.85
N PRO ZA 217 -16.97 5.83 -100.06
CA PRO ZA 217 -17.69 4.98 -101.02
C PRO ZA 217 -19.14 4.77 -100.59
N GLY ZA 218 -20.06 5.12 -101.49
CA GLY ZA 218 -21.48 5.05 -101.23
C GLY ZA 218 -22.13 6.35 -100.78
N ARG ZA 219 -21.77 6.87 -99.61
CA ARG ZA 219 -22.40 8.07 -99.09
C ARG ZA 219 -21.62 9.31 -99.51
N ALA ZA 220 -22.33 10.43 -99.60
CA ALA ZA 220 -21.72 11.72 -99.93
C ALA ZA 220 -22.13 12.73 -98.86
N TRP ZA 221 -21.14 13.33 -98.20
CA TRP ZA 221 -21.39 14.29 -97.14
C TRP ZA 221 -21.18 15.69 -97.71
N LEU ZA 222 -22.26 16.47 -97.74
CA LEU ZA 222 -22.26 17.80 -98.34
C LEU ZA 222 -22.66 18.83 -97.30
N ILE ZA 223 -21.91 19.92 -97.23
CA ILE ZA 223 -22.17 21.02 -96.32
C ILE ZA 223 -22.53 22.24 -97.15
N GLY ZA 224 -23.70 22.83 -96.86
CA GLY ZA 224 -24.12 24.01 -97.58
C GLY ZA 224 -23.37 25.25 -97.13
N SER ZA 225 -23.60 26.34 -97.88
CA SER ZA 225 -23.01 27.63 -97.53
C SER ZA 225 -23.58 28.15 -96.22
N ASN ZA 226 -24.89 27.99 -96.01
CA ASN ZA 226 -25.51 28.39 -94.76
C ASN ZA 226 -25.35 27.37 -93.66
N GLY ZA 227 -24.82 26.19 -93.97
CA GLY ZA 227 -24.60 25.16 -92.96
C GLY ZA 227 -25.44 23.91 -93.11
N SER ZA 228 -25.92 23.60 -94.32
CA SER ZA 228 -26.73 22.40 -94.53
C SER ZA 228 -25.81 21.20 -94.63
N THR ZA 229 -25.41 20.68 -93.47
CA THR ZA 229 -24.53 19.52 -93.40
C THR ZA 229 -25.39 18.25 -93.42
N LEU ZA 230 -25.49 17.63 -94.58
CA LEU ZA 230 -26.30 16.43 -94.75
C LEU ZA 230 -25.48 15.40 -95.53
N THR ZA 231 -26.08 14.23 -95.77
CA THR ZA 231 -25.46 13.19 -96.58
C THR ZA 231 -26.51 12.59 -97.50
N VAL ZA 232 -26.02 12.01 -98.60
CA VAL ZA 232 -26.88 11.48 -99.66
C VAL ZA 232 -26.27 10.18 -100.19
N ARG ZA 233 -27.04 9.53 -101.06
CA ARG ZA 233 -26.66 8.31 -101.73
C ARG ZA 233 -26.20 8.64 -103.16
N GLU ZA 234 -26.01 7.60 -103.97
CA GLU ZA 234 -25.71 7.81 -105.39
C GLU ZA 234 -26.92 8.37 -106.13
N GLY ZA 235 -28.09 7.75 -105.95
CA GLY ZA 235 -29.30 8.22 -106.60
C GLY ZA 235 -30.12 9.13 -105.72
N SER ZA 236 -30.04 10.44 -105.96
CA SER ZA 236 -30.74 11.40 -105.14
C SER ZA 236 -31.02 12.65 -105.96
N LYS ZA 237 -31.99 13.43 -105.49
CA LYS ZA 237 -32.37 14.69 -106.12
C LYS ZA 237 -32.00 15.83 -105.19
N ILE ZA 238 -31.22 16.77 -105.70
CA ILE ZA 238 -30.75 17.92 -104.95
C ILE ZA 238 -31.13 19.19 -105.71
N PRO ZA 239 -31.83 20.13 -105.09
CA PRO ZA 239 -32.09 21.41 -105.74
C PRO ZA 239 -30.81 22.21 -105.92
N GLY ZA 240 -30.71 22.87 -107.07
CA GLY ZA 240 -29.52 23.62 -107.42
C GLY ZA 240 -28.45 22.79 -108.11
N TYR ZA 241 -28.55 21.46 -108.08
CA TYR ZA 241 -27.60 20.60 -108.77
C TYR ZA 241 -28.34 19.58 -109.63
N GLY ZA 242 -29.53 19.19 -109.21
CA GLY ZA 242 -30.30 18.23 -109.97
C GLY ZA 242 -30.20 16.82 -109.46
N MET ZA 243 -29.66 15.92 -110.28
CA MET ZA 243 -29.57 14.50 -109.94
C MET ZA 243 -28.13 14.04 -110.06
N VAL ZA 244 -27.66 13.33 -109.05
CA VAL ZA 244 -26.32 12.75 -109.07
C VAL ZA 244 -26.37 11.44 -109.83
N LYS ZA 245 -25.53 11.31 -110.86
CA LYS ZA 245 -25.46 10.10 -111.66
C LYS ZA 245 -24.19 9.30 -111.42
N LEU ZA 246 -23.17 9.89 -110.79
CA LEU ZA 246 -21.93 9.20 -110.51
C LEU ZA 246 -21.27 9.84 -109.32
N ILE ZA 247 -20.72 9.01 -108.43
CA ILE ZA 247 -19.95 9.48 -107.29
C ILE ZA 247 -18.48 9.23 -107.61
N ASP ZA 248 -17.73 10.32 -107.75
CA ASP ZA 248 -16.29 10.24 -108.04
C ASP ZA 248 -15.57 10.17 -106.69
N SER ZA 249 -15.42 8.94 -106.18
CA SER ZA 249 -14.78 8.73 -104.89
C SER ZA 249 -13.30 9.08 -104.95
N LEU ZA 250 -12.64 8.75 -106.06
CA LEU ZA 250 -11.27 9.22 -106.28
C LEU ZA 250 -11.29 10.71 -106.57
N GLN ZA 251 -10.34 11.43 -105.96
CA GLN ZA 251 -10.09 12.87 -106.03
C GLN ZA 251 -11.20 13.73 -105.43
N GLY ZA 252 -12.25 13.14 -104.86
CA GLY ZA 252 -13.29 13.88 -104.15
C GLY ZA 252 -14.16 14.79 -105.00
N ARG ZA 253 -14.94 14.20 -105.91
CA ARG ZA 253 -15.78 14.96 -106.83
C ARG ZA 253 -17.17 14.35 -106.89
N ILE ZA 254 -18.15 15.17 -107.27
CA ILE ZA 254 -19.53 14.74 -107.46
C ILE ZA 254 -20.03 15.34 -108.77
N LEU ZA 255 -20.52 14.48 -109.67
CA LEU ZA 255 -21.06 14.90 -110.96
C LEU ZA 255 -22.58 14.91 -110.87
N THR ZA 256 -23.19 16.03 -111.27
CA THR ZA 256 -24.63 16.20 -111.15
C THR ZA 256 -25.28 16.21 -112.54
N SER ZA 257 -26.62 16.24 -112.54
CA SER ZA 257 -27.36 16.30 -113.79
C SER ZA 257 -27.27 17.66 -114.46
N SER ZA 258 -26.86 18.68 -113.73
CA SER ZA 258 -26.64 20.01 -114.28
C SER ZA 258 -25.26 20.18 -114.90
N GLY ZA 259 -24.51 19.10 -115.06
CA GLY ZA 259 -23.15 19.19 -115.55
C GLY ZA 259 -22.20 19.87 -114.58
N GLN ZA 260 -22.51 19.80 -113.29
CA GLN ZA 260 -21.77 20.54 -112.27
C GLN ZA 260 -21.11 19.57 -111.31
N VAL ZA 261 -19.95 19.96 -110.81
CA VAL ZA 261 -19.13 19.11 -109.95
C VAL ZA 261 -19.07 19.75 -108.56
N ILE ZA 262 -19.65 19.08 -107.59
CA ILE ZA 262 -19.44 19.42 -106.19
C ILE ZA 262 -18.05 18.91 -105.80
N LYS ZA 263 -17.34 19.71 -105.01
CA LYS ZA 263 -15.96 19.38 -104.66
C LYS ZA 263 -15.68 19.96 -103.28
N PHE ZA 264 -14.53 19.57 -102.74
CA PHE ZA 264 -14.00 20.21 -101.54
C PHE ZA 264 -13.66 21.67 -101.82
N SER ZA 265 -13.57 22.44 -100.75
CA SER ZA 265 -13.07 23.81 -100.87
C SER ZA 265 -11.56 23.80 -101.14
N GLN ZA 266 -11.05 24.94 -101.61
CA GLN ZA 266 -9.62 25.01 -101.87
C GLN ZA 266 -8.82 25.11 -100.58
N GLU ZA 267 -9.30 25.89 -99.61
CA GLU ZA 267 -8.62 25.97 -98.33
C GLU ZA 267 -8.91 24.76 -97.45
N ASP ZA 268 -9.93 23.98 -97.76
CA ASP ZA 268 -10.26 22.74 -97.06
C ASP ZA 268 -10.42 21.65 -98.10
N SER ZA 269 -9.31 21.05 -98.51
CA SER ZA 269 -9.33 20.00 -99.52
C SER ZA 269 -8.73 18.71 -98.99
N GLN AB 791 16.76 -15.19 -117.71
CA GLN AB 791 16.14 -16.38 -118.27
C GLN AB 791 15.64 -17.31 -117.16
N GLN AB 792 16.55 -18.14 -116.63
CA GLN AB 792 16.24 -19.03 -115.53
C GLN AB 792 16.69 -18.48 -114.18
N GLU AB 793 17.33 -17.31 -114.18
CA GLU AB 793 17.93 -16.73 -112.98
C GLU AB 793 16.96 -15.85 -112.23
N ILE AB 794 15.69 -15.80 -112.65
CA ILE AB 794 14.73 -14.87 -112.09
C ILE AB 794 14.32 -15.29 -110.69
N GLN AB 795 14.43 -16.58 -110.37
CA GLN AB 795 13.89 -17.11 -109.13
C GLN AB 795 14.68 -16.63 -107.91
N GLN AB 796 16.02 -16.70 -107.98
CA GLN AB 796 16.84 -16.17 -106.90
C GLN AB 796 16.76 -14.66 -106.83
N ARG AB 797 16.55 -14.02 -107.98
CA ARG AB 797 16.33 -12.58 -108.02
C ARG AB 797 15.00 -12.21 -107.38
N THR AB 798 14.02 -13.11 -107.46
CA THR AB 798 12.72 -12.88 -106.83
C THR AB 798 12.81 -13.03 -105.32
N SER AB 799 13.51 -14.06 -104.85
CA SER AB 799 13.34 -14.54 -103.48
C SER AB 799 13.97 -13.61 -102.46
N ASP AB 800 15.16 -13.08 -102.77
CA ASP AB 800 15.93 -12.32 -101.78
C ASP AB 800 15.26 -10.98 -101.47
N MET AB 801 14.79 -10.30 -102.50
CA MET AB 801 14.08 -9.04 -102.27
C MET AB 801 12.68 -9.28 -101.72
N LEU AB 802 12.12 -10.47 -101.95
CA LEU AB 802 10.83 -10.82 -101.35
C LEU AB 802 10.94 -10.88 -99.83
N THR AB 803 12.05 -11.40 -99.33
CA THR AB 803 12.29 -11.43 -97.89
C THR AB 803 12.35 -10.02 -97.32
N ALA AB 804 12.99 -9.11 -98.05
CA ALA AB 804 12.93 -7.70 -97.69
C ALA AB 804 11.53 -7.14 -97.85
N ALA AB 805 10.81 -7.60 -98.90
CA ALA AB 805 9.45 -7.15 -99.12
C ALA AB 805 8.51 -7.64 -98.03
N THR AB 806 8.67 -8.90 -97.60
CA THR AB 806 7.89 -9.39 -96.47
C THR AB 806 8.33 -8.72 -95.18
N GLN AB 807 9.56 -8.25 -95.11
CA GLN AB 807 9.97 -7.45 -93.97
C GLN AB 807 9.35 -6.06 -94.03
N LEU AB 808 9.22 -5.49 -95.23
CA LEU AB 808 8.86 -4.09 -95.34
C LEU AB 808 7.38 -3.83 -95.15
N VAL AB 809 6.53 -4.83 -95.35
CA VAL AB 809 5.08 -4.61 -95.28
C VAL AB 809 4.64 -4.36 -93.84
N GLN AB 810 5.16 -5.13 -92.90
CA GLN AB 810 4.83 -4.91 -91.49
C GLN AB 810 5.48 -3.65 -90.95
N ASP AB 811 6.52 -3.15 -91.61
CA ASP AB 811 7.13 -1.88 -91.20
C ASP AB 811 6.20 -0.72 -91.40
N TRP AB 812 5.36 -0.76 -92.43
CA TRP AB 812 4.32 0.23 -92.60
C TRP AB 812 3.01 -0.17 -91.93
N LYS AB 813 2.99 -1.30 -91.23
CA LYS AB 813 1.76 -1.78 -90.60
C LYS AB 813 1.70 -1.47 -89.11
N GLN AB 814 2.79 -1.59 -88.38
CA GLN AB 814 2.76 -1.30 -86.95
C GLN AB 814 2.69 0.20 -86.72
N VAL AB 815 2.16 0.56 -85.56
CA VAL AB 815 1.91 1.97 -85.23
C VAL AB 815 1.98 2.13 -83.71
N GLU AB 816 2.77 3.08 -83.26
CA GLU AB 816 2.84 3.40 -81.84
C GLU AB 816 1.70 4.33 -81.46
N THR AB 817 1.29 4.23 -80.21
CA THR AB 817 0.18 5.01 -79.70
C THR AB 817 0.62 6.42 -79.33
N GLN AB 818 -0.33 7.24 -78.92
CA GLN AB 818 -0.04 8.56 -78.42
C GLN AB 818 0.41 8.47 -76.95
N VAL AB 819 0.81 9.62 -76.39
CA VAL AB 819 1.19 9.71 -74.99
C VAL AB 819 0.72 11.06 -74.45
N TYR AB 820 -0.05 11.04 -73.37
CA TYR AB 820 -0.47 12.25 -72.70
C TYR AB 820 0.24 12.35 -71.35
N THR AB 821 0.69 13.55 -71.02
CA THR AB 821 1.36 13.78 -69.74
C THR AB 821 0.82 15.05 -69.13
N GLU AB 822 0.57 15.01 -67.82
CA GLU AB 822 0.11 16.16 -67.05
C GLU AB 822 1.28 16.78 -66.33
N GLY AB 823 1.45 18.09 -66.49
CA GLY AB 823 2.54 18.81 -65.86
C GLY AB 823 2.09 19.54 -64.62
N THR AB 824 2.54 19.06 -63.46
CA THR AB 824 2.18 19.67 -62.19
C THR AB 824 3.40 20.26 -61.52
N ALA BB 104 63.48 -8.75 -102.06
CA ALA BB 104 64.12 -8.07 -100.94
C ALA BB 104 63.08 -7.37 -100.07
N GLU BB 105 62.85 -6.09 -100.36
CA GLU BB 105 61.84 -5.30 -99.64
C GLU BB 105 60.68 -4.88 -100.54
N VAL BB 106 60.82 -5.02 -101.86
CA VAL BB 106 59.71 -4.76 -102.77
C VAL BB 106 58.58 -5.76 -102.51
N ILE BB 107 58.93 -6.99 -102.16
CA ILE BB 107 57.94 -8.00 -101.78
C ILE BB 107 57.21 -7.59 -100.51
N ASP BB 108 57.93 -6.99 -99.55
CA ASP BB 108 57.30 -6.51 -98.33
C ASP BB 108 56.41 -5.31 -98.58
N LYS BB 109 56.79 -4.44 -99.53
CA LYS BB 109 55.91 -3.34 -99.93
C LYS BB 109 54.64 -3.86 -100.59
N LYS BB 110 54.78 -4.89 -101.43
CA LYS BB 110 53.60 -5.52 -102.03
C LYS BB 110 52.69 -6.13 -100.98
N ALA BB 111 53.29 -6.78 -99.98
CA ALA BB 111 52.52 -7.35 -98.88
C ALA BB 111 51.81 -6.28 -98.06
N PHE BB 112 52.47 -5.14 -97.84
CA PHE BB 112 51.82 -4.01 -97.18
C PHE BB 112 50.64 -3.50 -97.99
N LYS BB 113 50.81 -3.41 -99.31
CA LYS BB 113 49.73 -2.95 -100.17
C LYS BB 113 48.53 -3.88 -100.15
N ASP BB 114 48.78 -5.20 -100.25
CA ASP BB 114 47.65 -6.11 -100.29
C ASP BB 114 47.00 -6.27 -98.92
N MET BB 115 47.78 -6.14 -97.83
CA MET BB 115 47.13 -6.18 -96.52
C MET BB 115 46.35 -4.90 -96.25
N THR BB 116 46.78 -3.77 -96.82
CA THR BB 116 45.98 -2.56 -96.76
C THR BB 116 44.67 -2.73 -97.51
N ARG BB 117 44.75 -3.36 -98.69
CA ARG BB 117 43.57 -3.66 -99.50
C ARG BB 117 42.61 -4.60 -98.77
N ASN BB 118 43.16 -5.58 -98.06
CA ASN BB 118 42.31 -6.51 -97.31
C ASN BB 118 41.75 -5.89 -96.04
N LEU BB 119 42.48 -4.97 -95.41
CA LEU BB 119 41.94 -4.28 -94.24
C LEU BB 119 40.78 -3.37 -94.62
N TYR BB 120 40.97 -2.53 -95.62
CA TYR BB 120 39.89 -1.63 -96.02
C TYR BB 120 39.38 -2.02 -97.39
N PRO BB 121 38.18 -2.61 -97.48
CA PRO BB 121 37.72 -3.16 -98.76
C PRO BB 121 37.16 -2.13 -99.74
N LEU BB 122 37.04 -0.86 -99.34
CA LEU BB 122 36.35 0.09 -100.19
C LEU BB 122 36.91 1.49 -99.98
N ASN BB 123 36.64 2.36 -100.96
CA ASN BB 123 37.15 3.71 -101.02
C ASN BB 123 36.42 4.61 -100.03
N PRO BB 124 37.07 5.69 -99.56
CA PRO BB 124 36.34 6.70 -98.78
C PRO BB 124 35.21 7.36 -99.54
N GLU BB 125 35.39 7.59 -100.84
CA GLU BB 125 34.29 8.09 -101.66
C GLU BB 125 33.19 7.05 -101.80
N GLN BB 126 33.56 5.77 -101.81
CA GLN BB 126 32.55 4.71 -101.79
C GLN BB 126 31.81 4.70 -100.47
N VAL BB 127 32.50 5.00 -99.36
CA VAL BB 127 31.85 5.11 -98.05
C VAL BB 127 30.83 6.24 -98.05
N VAL BB 128 31.23 7.40 -98.58
CA VAL BB 128 30.35 8.57 -98.58
C VAL BB 128 29.17 8.35 -99.52
N LYS BB 129 29.40 7.74 -100.68
CA LYS BB 129 28.29 7.48 -101.59
C LYS BB 129 27.37 6.37 -101.07
N LEU BB 130 27.91 5.43 -100.30
CA LEU BB 130 27.06 4.41 -99.67
C LEU BB 130 26.18 5.03 -98.61
N LYS BB 131 26.74 5.96 -97.83
CA LYS BB 131 25.94 6.70 -96.87
C LYS BB 131 24.88 7.53 -97.56
N GLN BB 132 25.23 8.12 -98.71
CA GLN BB 132 24.30 8.95 -99.47
C GLN BB 132 23.13 8.11 -100.01
N ILE BB 133 23.43 6.95 -100.60
CA ILE BB 133 22.34 6.14 -101.12
C ILE BB 133 21.58 5.44 -100.02
N TYR BB 134 22.19 5.23 -98.85
CA TYR BB 134 21.43 4.75 -97.69
C TYR BB 134 20.44 5.79 -97.22
N GLU BB 135 20.86 7.07 -97.20
CA GLU BB 135 19.96 8.16 -96.88
C GLU BB 135 18.84 8.26 -97.90
N THR BB 136 19.16 8.05 -99.17
CA THR BB 136 18.14 8.07 -100.21
C THR BB 136 17.16 6.90 -100.06
N SER BB 137 17.68 5.73 -99.68
CA SER BB 137 16.83 4.57 -99.47
C SER BB 137 15.88 4.77 -98.30
N GLU BB 138 16.38 5.29 -97.18
CA GLU BB 138 15.51 5.55 -96.05
C GLU BB 138 14.58 6.73 -96.29
N TYR BB 139 14.96 7.65 -97.20
CA TYR BB 139 14.04 8.69 -97.60
C TYR BB 139 12.89 8.12 -98.43
N ALA BB 140 13.20 7.19 -99.33
CA ALA BB 140 12.16 6.50 -100.08
C ALA BB 140 11.29 5.66 -99.16
N LYS BB 141 11.86 5.14 -98.08
CA LYS BB 141 11.08 4.45 -97.06
C LYS BB 141 10.13 5.41 -96.36
N ALA BB 142 10.64 6.53 -95.87
CA ALA BB 142 9.85 7.46 -95.07
C ALA BB 142 8.90 8.30 -95.92
N ALA BB 143 9.04 8.29 -97.23
CA ALA BB 143 8.14 9.04 -98.10
C ALA BB 143 6.77 8.37 -98.14
N THR BB 144 5.72 9.17 -97.95
CA THR BB 144 4.36 8.69 -98.04
C THR BB 144 3.73 9.17 -99.34
N PRO BB 145 3.03 8.30 -100.05
CA PRO BB 145 2.57 8.65 -101.40
C PRO BB 145 1.35 9.57 -101.38
N GLY BB 146 1.00 10.04 -102.57
CA GLY BB 146 -0.19 10.85 -102.73
C GLY BB 146 0.00 12.24 -102.16
N THR BB 147 -1.08 12.76 -101.56
CA THR BB 147 -1.03 14.06 -100.93
C THR BB 147 -1.34 13.94 -99.44
N PRO BB 148 -0.63 14.67 -98.59
CA PRO BB 148 -1.01 14.74 -97.18
C PRO BB 148 -2.31 15.50 -97.02
N PRO BB 149 -3.07 15.23 -95.96
CA PRO BB 149 -4.34 15.93 -95.76
C PRO BB 149 -4.12 17.39 -95.38
N LYS BB 150 -5.16 18.18 -95.60
CA LYS BB 150 -5.08 19.61 -95.37
C LYS BB 150 -5.13 19.93 -93.89
N PRO BB 151 -4.08 20.50 -93.31
CA PRO BB 151 -4.05 20.76 -91.86
C PRO BB 151 -4.88 21.99 -91.51
N THR BB 152 -6.06 21.75 -90.92
CA THR BB 152 -6.97 22.84 -90.59
C THR BB 152 -7.62 22.56 -89.25
N ALA BB 153 -7.66 23.58 -88.40
CA ALA BB 153 -8.40 23.52 -87.15
C ALA BB 153 -9.80 24.08 -87.39
N THR BB 154 -10.79 23.21 -87.45
CA THR BB 154 -12.14 23.58 -87.87
C THR BB 154 -13.06 23.62 -86.65
N SER BB 155 -13.71 24.76 -86.45
CA SER BB 155 -14.67 24.95 -85.38
C SER BB 155 -16.06 24.94 -85.98
N GLN BB 156 -16.92 24.06 -85.48
CA GLN BB 156 -18.24 23.85 -86.07
C GLN BB 156 -19.32 23.87 -85.00
N PHE BB 157 -20.54 24.20 -85.42
CA PHE BB 157 -21.71 24.17 -84.57
C PHE BB 157 -22.33 22.78 -84.59
N VAL BB 158 -22.81 22.33 -83.44
CA VAL BB 158 -23.47 21.04 -83.32
C VAL BB 158 -24.96 21.26 -83.19
N ASN BB 159 -25.72 20.68 -84.11
CA ASN BB 159 -27.17 20.83 -84.13
C ASN BB 159 -27.81 19.64 -83.44
N LEU BB 160 -28.71 19.92 -82.49
CA LEU BB 160 -29.41 18.90 -81.72
C LEU BB 160 -30.73 18.47 -82.37
N SER BB 161 -30.94 18.81 -83.64
CA SER BB 161 -32.20 18.49 -84.30
C SER BB 161 -32.30 16.99 -84.56
N PRO BB 162 -33.51 16.42 -84.47
CA PRO BB 162 -33.66 14.98 -84.73
C PRO BB 162 -33.39 14.58 -86.18
N GLY BB 163 -33.45 15.52 -87.12
CA GLY BB 163 -33.12 15.23 -88.50
C GLY BB 163 -31.73 15.63 -88.91
N SER BB 164 -30.96 16.26 -88.03
CA SER BB 164 -29.61 16.70 -88.37
C SER BB 164 -28.65 15.51 -88.43
N THR BB 165 -27.84 15.47 -89.48
CA THR BB 165 -26.82 14.45 -89.61
C THR BB 165 -25.73 14.68 -88.56
N PRO BB 166 -25.12 13.61 -88.03
CA PRO BB 166 -24.13 13.76 -86.95
C PRO BB 166 -22.86 14.41 -87.45
N PRO BB 167 -22.10 15.06 -86.54
CA PRO BB 167 -20.83 15.69 -86.95
C PRO BB 167 -19.76 14.69 -87.36
N VAL BB 168 -19.41 14.73 -88.64
CA VAL BB 168 -18.33 13.91 -89.20
C VAL BB 168 -17.02 14.60 -88.92
N ILE BB 169 -16.10 13.89 -88.26
CA ILE BB 169 -14.76 14.39 -87.97
C ILE BB 169 -13.78 13.60 -88.81
N ARG BB 170 -13.06 14.29 -89.67
CA ARG BB 170 -12.07 13.66 -90.54
C ARG BB 170 -10.76 13.46 -89.77
N LEU BB 171 -10.23 12.24 -89.81
CA LEU BB 171 -9.15 11.83 -88.94
C LEU BB 171 -7.90 11.45 -89.71
N SER BB 172 -6.74 11.74 -89.13
CA SER BB 172 -5.44 11.43 -89.68
C SER BB 172 -4.73 10.43 -88.78
N GLN BB 173 -4.27 9.32 -89.37
CA GLN BB 173 -3.54 8.32 -88.62
C GLN BB 173 -2.17 8.85 -88.22
N GLY BB 174 -1.81 8.64 -86.96
CA GLY BB 174 -0.58 9.19 -86.43
C GLY BB 174 -0.68 10.62 -85.99
N PHE BB 175 -1.84 11.26 -86.13
CA PHE BB 175 -2.04 12.63 -85.70
C PHE BB 175 -3.21 12.71 -84.75
N VAL BB 176 -3.02 13.45 -83.66
CA VAL BB 176 -4.01 13.54 -82.60
C VAL BB 176 -4.89 14.77 -82.84
N SER BB 177 -6.19 14.53 -82.96
CA SER BB 177 -7.16 15.61 -83.00
C SER BB 177 -7.52 16.00 -81.57
N SER BB 178 -7.55 17.31 -81.32
CA SER BB 178 -7.88 17.84 -80.00
C SER BB 178 -9.29 18.42 -80.05
N LEU BB 179 -10.17 17.92 -79.18
CA LEU BB 179 -11.57 18.29 -79.17
C LEU BB 179 -11.86 19.12 -77.93
N VAL BB 180 -12.46 20.28 -78.13
CA VAL BB 180 -12.88 21.16 -77.03
C VAL BB 180 -14.33 21.55 -77.27
N PHE BB 181 -15.16 21.37 -76.24
CA PHE BB 181 -16.60 21.58 -76.34
C PHE BB 181 -16.97 22.84 -75.57
N LEU BB 182 -17.61 23.78 -76.26
CA LEU BB 182 -18.06 25.02 -75.64
C LEU BB 182 -19.56 25.14 -75.83
N ASP BB 183 -20.25 25.63 -74.81
CA ASP BB 183 -21.70 25.79 -74.87
C ASP BB 183 -22.04 27.02 -75.71
N SER BB 184 -23.32 27.40 -75.74
CA SER BB 184 -23.72 28.62 -76.43
C SER BB 184 -23.18 29.87 -75.74
N THR BB 185 -22.86 29.78 -74.44
CA THR BB 185 -22.15 30.85 -73.75
C THR BB 185 -20.67 30.87 -74.09
N GLY BB 186 -20.16 29.86 -74.78
CA GLY BB 186 -18.76 29.77 -75.11
C GLY BB 186 -17.89 29.15 -74.05
N ALA BB 187 -18.43 28.87 -72.88
CA ALA BB 187 -17.68 28.30 -71.79
C ALA BB 187 -17.54 26.79 -71.97
N PRO BB 188 -16.46 26.19 -71.49
CA PRO BB 188 -16.29 24.73 -71.61
C PRO BB 188 -17.31 23.98 -70.77
N TRP BB 189 -18.00 23.04 -71.41
CA TRP BB 189 -18.98 22.21 -70.73
C TRP BB 189 -18.31 20.91 -70.35
N PRO BB 190 -18.13 20.62 -69.06
CA PRO BB 190 -17.43 19.40 -68.65
C PRO BB 190 -18.21 18.14 -69.00
N ILE BB 191 -17.46 17.09 -69.32
CA ILE BB 191 -18.02 15.85 -69.86
C ILE BB 191 -18.26 14.89 -68.71
N ALA BB 192 -19.52 14.47 -68.55
CA ALA BB 192 -19.83 13.51 -67.50
C ALA BB 192 -19.34 12.11 -67.87
N ALA BB 193 -19.57 11.69 -69.11
CA ALA BB 193 -19.21 10.33 -69.52
C ALA BB 193 -18.99 10.29 -71.02
N TYR BB 194 -18.33 9.22 -71.46
CA TYR BB 194 -18.14 9.00 -72.89
C TYR BB 194 -18.06 7.51 -73.16
N ASP BB 195 -18.29 7.15 -74.41
CA ASP BB 195 -18.10 5.77 -74.86
C ASP BB 195 -17.82 5.81 -76.35
N LEU BB 196 -16.70 5.21 -76.75
CA LEU BB 196 -16.34 5.11 -78.16
C LEU BB 196 -16.58 3.70 -78.67
N GLY BB 197 -16.95 3.61 -79.94
CA GLY BB 197 -17.09 2.32 -80.61
C GLY BB 197 -15.85 2.02 -81.42
N ASP BB 198 -15.53 0.72 -81.51
CA ASP BB 198 -14.34 0.16 -82.15
C ASP BB 198 -13.07 0.81 -81.60
N PRO BB 199 -12.67 0.49 -80.37
CA PRO BB 199 -11.57 1.26 -79.74
C PRO BB 199 -10.18 0.96 -80.28
N SER BB 200 -10.02 0.04 -81.23
CA SER BB 200 -8.69 -0.22 -81.76
C SER BB 200 -8.22 0.90 -82.67
N SER BB 201 -9.15 1.51 -83.43
CA SER BB 201 -8.77 2.54 -84.38
C SER BB 201 -8.45 3.87 -83.72
N PHE BB 202 -8.87 4.07 -82.47
CA PHE BB 202 -8.80 5.38 -81.84
C PHE BB 202 -8.20 5.28 -80.45
N ASN BB 203 -7.30 6.21 -80.14
CA ASN BB 203 -6.70 6.31 -78.82
C ASN BB 203 -7.30 7.50 -78.09
N ILE BB 204 -7.64 7.29 -76.81
CA ILE BB 204 -8.35 8.28 -76.00
C ILE BB 204 -7.45 8.69 -74.86
N GLN BB 205 -7.26 9.99 -74.68
CA GLN BB 205 -6.56 10.56 -73.53
C GLN BB 205 -7.41 11.69 -72.98
N TRP BB 206 -7.85 11.56 -71.73
CA TRP BB 206 -8.81 12.50 -71.17
C TRP BB 206 -8.75 12.43 -69.66
N ASP BB 207 -8.39 13.55 -69.03
CA ASP BB 207 -8.43 13.64 -67.58
C ASP BB 207 -9.88 13.67 -67.10
N LYS BB 208 -10.07 13.34 -65.82
CA LYS BB 208 -11.41 13.14 -65.27
C LYS BB 208 -12.22 14.42 -65.19
N THR BB 209 -11.60 15.59 -65.25
CA THR BB 209 -12.29 16.85 -65.03
C THR BB 209 -12.57 17.64 -66.30
N SER BB 210 -11.57 17.89 -67.12
CA SER BB 210 -11.74 18.84 -68.22
C SER BB 210 -12.50 18.20 -69.39
N ASN BB 211 -13.00 19.06 -70.26
CA ASN BB 211 -13.70 18.64 -71.47
C ASN BB 211 -12.75 18.39 -72.64
N THR BB 212 -11.46 18.60 -72.45
CA THR BB 212 -10.50 18.42 -73.53
C THR BB 212 -10.34 16.93 -73.86
N LEU BB 213 -10.35 16.62 -75.15
CA LEU BB 213 -10.28 15.25 -75.61
C LEU BB 213 -9.13 15.10 -76.61
N MET BB 214 -8.38 14.01 -76.47
CA MET BB 214 -7.31 13.67 -77.39
C MET BB 214 -7.68 12.39 -78.12
N ILE BB 215 -7.92 12.49 -79.43
CA ILE BB 215 -8.29 11.35 -80.24
C ILE BB 215 -7.18 11.11 -81.24
N GLN BB 216 -6.45 10.01 -81.07
CA GLN BB 216 -5.40 9.63 -81.99
C GLN BB 216 -5.92 8.51 -82.88
N ALA BB 217 -5.95 8.76 -84.19
CA ALA BB 217 -6.36 7.73 -85.12
C ALA BB 217 -5.24 6.71 -85.29
N THR BB 218 -5.58 5.43 -85.13
CA THR BB 218 -4.61 4.35 -85.20
C THR BB 218 -4.68 3.56 -86.49
N LYS BB 219 -5.88 3.33 -87.03
CA LYS BB 219 -6.05 2.63 -88.29
C LYS BB 219 -6.13 3.65 -89.42
N LEU BB 220 -6.48 3.18 -90.62
CA LEU BB 220 -6.46 4.01 -91.82
C LEU BB 220 -7.84 4.36 -92.35
N TYR BB 221 -8.68 3.38 -92.62
CA TYR BB 221 -9.99 3.62 -93.23
C TYR BB 221 -11.07 2.90 -92.46
N ASN BB 222 -11.05 3.02 -91.13
CA ASN BB 222 -11.99 2.32 -90.26
C ASN BB 222 -12.80 3.35 -89.49
N TYR BB 223 -14.05 3.55 -89.91
CA TYR BB 223 -14.93 4.53 -89.33
C TYR BB 223 -15.43 4.10 -87.96
N GLY BB 224 -15.93 5.05 -87.20
CA GLY BB 224 -16.45 4.77 -85.87
C GLY BB 224 -17.32 5.90 -85.38
N ASN BB 225 -17.82 5.74 -84.17
CA ASN BB 225 -18.67 6.75 -83.56
C ASN BB 225 -18.37 6.87 -82.08
N LEU BB 226 -18.80 7.98 -81.50
CA LEU BB 226 -18.55 8.28 -80.09
C LEU BB 226 -19.77 8.95 -79.48
N ALA BB 227 -20.19 8.46 -78.32
CA ALA BB 227 -21.27 9.07 -77.54
C ALA BB 227 -20.67 9.82 -76.36
N VAL BB 228 -21.15 11.04 -76.13
CA VAL BB 228 -20.62 11.93 -75.12
C VAL BB 228 -21.80 12.49 -74.31
N ARG BB 229 -21.71 12.40 -72.99
CA ARG BB 229 -22.67 13.02 -72.07
C ARG BB 229 -21.96 14.06 -71.22
N LEU BB 230 -22.53 15.26 -71.15
CA LEU BB 230 -21.96 16.34 -70.37
C LEU BB 230 -22.57 16.39 -68.97
N ARG BB 231 -22.10 17.34 -68.16
CA ARG BB 231 -22.54 17.43 -66.78
C ARG BB 231 -23.98 17.96 -66.69
N GLY BB 232 -24.19 19.20 -67.15
CA GLY BB 232 -25.53 19.76 -67.13
C GLY BB 232 -26.43 19.29 -68.25
N LEU BB 233 -25.90 18.50 -69.18
CA LEU BB 233 -26.64 18.02 -70.34
C LEU BB 233 -26.94 16.53 -70.18
N ASN BB 234 -28.21 16.17 -70.35
CA ASN BB 234 -28.59 14.76 -70.29
C ASN BB 234 -28.46 14.09 -71.64
N THR BB 235 -28.58 14.86 -72.72
CA THR BB 235 -28.64 14.28 -74.06
C THR BB 235 -27.25 13.91 -74.54
N PRO BB 236 -26.99 12.65 -74.88
CA PRO BB 236 -25.69 12.28 -75.45
C PRO BB 236 -25.56 12.73 -76.90
N VAL BB 237 -24.32 12.92 -77.31
CA VAL BB 237 -23.97 13.42 -78.63
C VAL BB 237 -23.11 12.37 -79.33
N MET BB 238 -23.45 12.06 -80.57
CA MET BB 238 -22.60 11.23 -81.41
C MET BB 238 -21.71 12.10 -82.27
N LEU BB 239 -20.42 11.82 -82.23
CA LEU BB 239 -19.46 12.34 -83.19
C LEU BB 239 -18.95 11.15 -83.99
N THR BB 240 -19.06 11.21 -85.31
CA THR BB 240 -18.68 10.09 -86.15
C THR BB 240 -17.30 10.34 -86.74
N LEU BB 241 -16.35 9.48 -86.38
CA LEU BB 241 -14.97 9.61 -86.82
C LEU BB 241 -14.79 8.87 -88.13
N ILE BB 242 -14.38 9.59 -89.17
CA ILE BB 242 -14.08 9.00 -90.46
C ILE BB 242 -12.61 9.25 -90.74
N PRO BB 243 -11.76 8.22 -90.76
CA PRO BB 243 -10.38 8.40 -91.19
C PRO BB 243 -10.22 8.08 -92.68
N GLY BB 244 -9.04 8.39 -93.20
CA GLY BB 244 -8.75 8.07 -94.59
C GLY BB 244 -9.36 9.02 -95.59
N GLN BB 245 -8.92 10.27 -95.59
CA GLN BB 245 -9.41 11.28 -96.51
C GLN BB 245 -8.31 12.32 -96.71
N LYS BB 246 -8.62 13.37 -97.46
CA LYS BB 246 -7.63 14.34 -97.90
C LYS BB 246 -7.64 15.63 -97.09
N ALA BB 247 -8.32 15.66 -95.95
CA ALA BB 247 -8.25 16.79 -95.05
C ALA BB 247 -8.34 16.26 -93.63
N VAL BB 248 -7.63 16.92 -92.71
CA VAL BB 248 -7.57 16.48 -91.32
C VAL BB 248 -8.23 17.54 -90.44
N ASP BB 249 -9.22 17.12 -89.64
CA ASP BB 249 -9.76 17.96 -88.60
C ASP BB 249 -8.74 18.04 -87.47
N TYR BB 250 -7.83 19.02 -87.56
CA TYR BB 250 -6.68 19.04 -86.67
C TYR BB 250 -7.06 19.42 -85.24
N ARG BB 251 -7.91 20.43 -85.07
CA ARG BB 251 -8.37 20.83 -83.75
C ARG BB 251 -9.81 21.27 -83.87
N VAL BB 252 -10.72 20.57 -83.18
CA VAL BB 252 -12.15 20.76 -83.36
C VAL BB 252 -12.72 21.40 -82.10
N ASP BB 253 -13.30 22.57 -82.27
CA ASP BB 253 -14.10 23.24 -81.24
C ASP BB 253 -15.57 23.07 -81.61
N LEU BB 254 -16.38 22.64 -80.65
CA LEU BB 254 -17.76 22.28 -80.95
C LEU BB 254 -18.73 23.11 -80.13
N ARG BB 255 -19.68 23.74 -80.82
CA ARG BB 255 -20.64 24.66 -80.23
C ARG BB 255 -21.91 23.92 -79.85
N VAL BB 256 -22.34 24.12 -78.61
CA VAL BB 256 -23.54 23.47 -78.08
C VAL BB 256 -24.67 24.48 -78.04
N GLN BB 257 -25.89 24.02 -78.37
CA GLN BB 257 -27.08 24.85 -78.22
C GLN BB 257 -27.36 25.16 -76.75
N GLY BB 258 -27.01 24.26 -75.84
CA GLY BB 258 -27.27 24.44 -74.44
C GLY BB 258 -26.27 25.37 -73.77
N TYR BB 259 -26.36 25.43 -72.45
CA TYR BB 259 -25.52 26.28 -71.61
C TYR BB 259 -24.97 25.45 -70.47
N GLY BB 260 -23.67 25.55 -70.23
CA GLY BB 260 -23.00 24.72 -69.27
C GLY BB 260 -23.25 25.13 -67.83
N PRO BB 261 -22.47 24.56 -66.91
CA PRO BB 261 -22.49 25.07 -65.52
C PRO BB 261 -22.00 26.50 -65.44
N ASN BB 262 -21.06 26.88 -66.30
CA ASN BB 262 -20.69 28.28 -66.49
C ASN BB 262 -21.57 28.85 -67.62
N ALA BB 263 -22.81 29.13 -67.25
CA ALA BB 263 -23.84 29.53 -68.20
C ALA BB 263 -23.89 31.03 -68.42
N LYS BB 264 -22.94 31.80 -67.87
CA LYS BB 264 -22.94 33.25 -68.01
C LYS BB 264 -22.39 33.61 -69.38
N SER BB 265 -23.28 33.99 -70.29
CA SER BB 265 -22.89 34.62 -71.54
C SER BB 265 -22.99 36.13 -71.40
N MET BB 266 -21.97 36.83 -71.89
CA MET BB 266 -21.95 38.27 -71.70
C MET BB 266 -22.91 38.96 -72.68
N PRO BB 267 -23.64 39.98 -72.21
CA PRO BB 267 -24.57 40.69 -73.11
C PRO BB 267 -23.87 41.70 -74.02
N THR BB 268 -24.67 42.48 -74.73
CA THR BB 268 -24.13 43.50 -75.64
C THR BB 268 -23.48 44.63 -74.84
N GLU BB 269 -22.33 45.10 -75.33
CA GLU BB 269 -21.54 46.12 -74.67
C GLU BB 269 -21.44 47.36 -75.58
N GLU BB 270 -20.54 48.28 -75.19
CA GLU BB 270 -20.33 49.59 -75.83
C GLU BB 270 -21.62 50.40 -75.86
N GLY BB 271 -22.08 50.72 -74.66
CA GLY BB 271 -23.39 51.33 -74.49
C GLY BB 271 -23.40 52.82 -74.79
N ILE BB 272 -24.51 53.23 -75.41
CA ILE BB 272 -24.83 54.64 -75.65
C ILE BB 272 -25.18 55.25 -74.29
N PRO BB 273 -24.88 56.52 -74.05
CA PRO BB 273 -25.37 57.19 -72.84
C PRO BB 273 -26.88 57.21 -72.79
N PRO BB 274 -27.47 57.01 -71.61
CA PRO BB 274 -28.92 56.89 -71.51
C PRO BB 274 -29.60 58.24 -71.50
N SER BB 275 -30.93 58.21 -71.54
CA SER BB 275 -31.73 59.41 -71.44
C SER BB 275 -31.99 59.72 -69.97
N ALA BB 276 -32.90 60.66 -69.71
CA ALA BB 276 -33.17 61.07 -68.34
C ALA BB 276 -34.09 60.08 -67.64
N ASN BB 277 -34.26 60.28 -66.34
CA ASN BB 277 -35.12 59.43 -65.53
C ASN BB 277 -36.59 59.66 -65.87
N ASP BB 278 -37.37 58.59 -65.75
CA ASP BB 278 -38.80 58.66 -66.01
C ASP BB 278 -39.56 59.43 -64.95
N LEU BB 279 -38.96 59.68 -63.78
CA LEU BB 279 -39.61 60.51 -62.77
C LEU BB 279 -39.64 61.99 -63.16
N LEU BB 280 -38.94 62.37 -64.23
CA LEU BB 280 -39.01 63.72 -64.74
C LEU BB 280 -40.43 64.10 -65.15
N LEU BB 281 -41.17 63.16 -65.73
CA LEU BB 281 -42.55 63.42 -66.11
C LEU BB 281 -43.44 63.58 -64.89
N HIS BB 282 -43.21 62.75 -63.87
CA HIS BB 282 -43.97 62.85 -62.62
C HIS BB 282 -43.75 64.20 -61.95
N VAL BB 283 -42.49 64.59 -61.82
CA VAL BB 283 -42.20 65.87 -61.17
C VAL BB 283 -42.51 67.04 -62.09
N LEU BB 284 -42.61 66.82 -63.40
CA LEU BB 284 -43.03 67.88 -64.30
C LEU BB 284 -44.52 68.14 -64.16
N GLU BB 285 -45.31 67.09 -63.96
CA GLU BB 285 -46.72 67.28 -63.72
C GLU BB 285 -47.04 67.51 -62.26
N GLY BB 286 -46.05 67.45 -61.37
CA GLY BB 286 -46.27 67.70 -59.97
C GLY BB 286 -46.45 66.48 -59.10
N VAL BB 287 -46.22 65.29 -59.63
CA VAL BB 287 -46.28 64.08 -58.82
C VAL BB 287 -44.97 63.99 -58.04
N PRO BB 288 -45.00 63.98 -56.72
CA PRO BB 288 -43.80 63.68 -55.96
C PRO BB 288 -43.42 62.22 -56.14
N PRO BB 289 -42.12 61.92 -56.25
CA PRO BB 289 -41.72 60.53 -56.43
C PRO BB 289 -41.96 59.74 -55.16
N PRO BB 290 -42.26 58.45 -55.27
CA PRO BB 290 -42.49 57.64 -54.07
C PRO BB 290 -41.20 57.42 -53.30
N GLY BB 291 -41.34 57.31 -51.98
CA GLY BB 291 -40.19 57.14 -51.13
C GLY BB 291 -39.38 58.39 -50.88
N SER BB 292 -39.86 59.54 -51.33
CA SER BB 292 -39.17 60.80 -51.14
C SER BB 292 -39.80 61.57 -49.99
N ARG BB 293 -39.19 62.69 -49.64
CA ARG BB 293 -39.76 63.59 -48.65
C ARG BB 293 -39.70 65.02 -49.16
N ARG BB 294 -40.67 65.83 -48.74
CA ARG BB 294 -40.80 67.18 -49.22
C ARG BB 294 -39.71 68.07 -48.65
N LEU BB 295 -39.42 69.15 -49.36
CA LEU BB 295 -38.40 70.10 -48.98
C LEU BB 295 -39.04 71.47 -48.81
N VAL BB 296 -38.44 72.28 -47.94
CA VAL BB 296 -38.96 73.62 -47.69
C VAL BB 296 -38.44 74.56 -48.77
N VAL BB 297 -39.36 75.21 -49.47
CA VAL BB 297 -39.03 76.20 -50.49
C VAL BB 297 -39.48 77.57 -49.99
N SER BB 298 -38.57 78.53 -50.01
CA SER BB 298 -38.87 79.88 -49.57
C SER BB 298 -38.44 80.87 -50.64
N GLY BB 299 -39.29 81.86 -50.88
CA GLY BB 299 -38.95 82.98 -51.73
C GLY BB 299 -39.55 82.96 -53.12
N GLY BB 300 -40.38 81.98 -53.46
CA GLY BB 300 -40.98 81.96 -54.78
C GLY BB 300 -41.83 80.72 -54.96
N ASP BB 301 -42.49 80.67 -56.11
CA ASP BB 301 -43.41 79.58 -56.45
C ASP BB 301 -42.63 78.47 -57.12
N ALA BB 302 -42.13 77.54 -56.31
CA ALA BB 302 -41.45 76.36 -56.80
C ALA BB 302 -41.56 75.27 -55.74
N ARG BB 303 -41.45 74.02 -56.18
CA ARG BB 303 -41.57 72.90 -55.27
C ARG BB 303 -40.35 72.01 -55.40
N ALA BB 304 -40.02 71.32 -54.32
CA ALA BB 304 -38.77 70.56 -54.26
C ALA BB 304 -38.99 69.24 -53.56
N TRP BB 305 -38.22 68.24 -53.97
CA TRP BB 305 -38.27 66.91 -53.37
C TRP BB 305 -36.89 66.27 -53.40
N LEU BB 306 -36.71 65.29 -52.51
CA LEU BB 306 -35.43 64.62 -52.33
C LEU BB 306 -35.68 63.13 -52.19
N SER BB 307 -35.15 62.35 -53.13
CA SER BB 307 -35.35 60.91 -53.13
C SER BB 307 -34.05 60.12 -53.02
N ASN BB 308 -33.08 60.41 -53.89
CA ASN BB 308 -31.86 59.61 -53.96
C ASN BB 308 -30.66 60.53 -53.79
N GLU BB 309 -30.69 61.33 -52.71
CA GLU BB 309 -29.84 62.48 -52.39
C GLU BB 309 -29.58 63.37 -53.60
N LYS BB 310 -30.61 63.53 -54.42
CA LYS BB 310 -30.61 64.48 -55.54
C LYS BB 310 -31.91 65.26 -55.43
N MET BB 311 -31.82 66.58 -55.61
CA MET BB 311 -33.00 67.40 -55.52
C MET BB 311 -33.68 67.49 -56.87
N TYR BB 312 -34.98 67.25 -56.87
CA TYR BB 312 -35.84 67.52 -58.01
C TYR BB 312 -36.64 68.77 -57.70
N VAL BB 313 -36.70 69.70 -58.65
CA VAL BB 313 -37.38 70.97 -58.44
C VAL BB 313 -38.30 71.25 -59.62
N ARG BB 314 -39.52 71.67 -59.31
CA ARG BB 314 -40.54 71.98 -60.30
C ARG BB 314 -40.88 73.46 -60.21
N THR BB 315 -40.80 74.16 -61.33
CA THR BB 315 -41.18 75.56 -61.41
C THR BB 315 -41.53 75.87 -62.85
N ASN BB 316 -41.61 77.15 -63.19
CA ASN BB 316 -41.64 77.58 -64.58
C ASN BB 316 -40.57 78.62 -64.84
N LEU BB 317 -39.68 78.86 -63.88
CA LEU BB 317 -38.67 79.90 -63.98
C LEU BB 317 -37.38 79.33 -64.57
N THR BB 318 -36.30 80.09 -64.49
CA THR BB 318 -35.03 79.70 -65.09
C THR BB 318 -33.94 79.71 -64.02
N ILE BB 319 -33.56 78.51 -63.57
CA ILE BB 319 -32.50 78.36 -62.58
C ILE BB 319 -31.16 78.70 -63.22
N LEU BB 320 -30.30 79.40 -62.46
CA LEU BB 320 -29.05 79.88 -63.02
C LEU BB 320 -27.81 79.27 -62.37
N SER BB 321 -27.67 79.37 -61.03
CA SER BB 321 -26.36 79.17 -60.41
C SER BB 321 -25.90 77.71 -60.35
N PRO BB 322 -26.54 76.82 -59.59
CA PRO BB 322 -25.79 75.66 -59.07
C PRO BB 322 -25.51 74.56 -60.08
N GLY BB 323 -26.09 74.62 -61.27
CA GLY BB 323 -25.79 73.61 -62.27
C GLY BB 323 -26.71 72.41 -62.15
N TRP BB 324 -27.49 72.16 -63.19
CA TRP BB 324 -28.45 71.07 -63.16
C TRP BB 324 -27.91 69.87 -63.91
N LEU BB 325 -28.32 68.69 -63.46
CA LEU BB 325 -27.96 67.45 -64.16
C LEU BB 325 -28.96 67.12 -65.26
N ALA BB 326 -30.26 67.26 -64.99
CA ALA BB 326 -31.27 66.93 -65.98
C ALA BB 326 -32.31 68.03 -66.06
N SER BB 327 -32.83 68.25 -67.26
CA SER BB 327 -33.83 69.29 -67.49
C SER BB 327 -34.99 68.73 -68.30
N MET BB 328 -36.20 69.17 -67.97
CA MET BB 328 -37.39 68.74 -68.67
C MET BB 328 -38.34 69.93 -68.85
N THR BB 329 -38.92 70.03 -70.05
CA THR BB 329 -39.81 71.12 -70.40
C THR BB 329 -41.19 70.56 -70.73
N SER BB 330 -42.22 71.33 -70.40
CA SER BB 330 -43.58 70.89 -70.61
C SER BB 330 -44.16 71.53 -71.87
N ALA BB 331 -45.45 71.30 -72.10
CA ALA BB 331 -46.18 72.05 -73.11
C ALA BB 331 -46.47 73.47 -72.66
N ASP BB 332 -46.53 73.71 -71.36
CA ASP BB 332 -46.90 75.00 -70.81
C ASP BB 332 -45.72 75.80 -70.30
N GLY BB 333 -44.49 75.40 -70.63
CA GLY BB 333 -43.33 76.07 -70.11
C GLY BB 333 -42.98 75.73 -68.69
N THR BB 334 -43.62 74.72 -68.12
CA THR BB 334 -43.20 74.20 -66.82
C THR BB 334 -41.86 73.49 -66.98
N HIS BB 335 -40.94 73.76 -66.08
CA HIS BB 335 -39.61 73.20 -66.13
C HIS BB 335 -39.33 72.40 -64.86
N ALA BB 336 -38.77 71.21 -65.06
CA ALA BB 336 -38.35 70.34 -63.97
C ALA BB 336 -36.85 70.13 -64.07
N TYR BB 337 -36.15 70.29 -62.96
CA TYR BB 337 -34.71 70.17 -62.92
C TYR BB 337 -34.28 69.14 -61.89
N GLU BB 338 -33.29 68.34 -62.27
CA GLU BB 338 -32.64 67.40 -61.37
C GLU BB 338 -31.20 67.86 -61.17
N MET BB 339 -30.81 68.04 -59.91
CA MET BB 339 -29.44 68.44 -59.61
C MET BB 339 -29.05 67.96 -58.23
N GLN BB 340 -27.85 68.35 -57.81
CA GLN BB 340 -27.34 68.01 -56.49
C GLN BB 340 -27.82 69.01 -55.46
N LYS BB 341 -27.78 68.60 -54.20
CA LYS BB 341 -28.37 69.36 -53.11
C LYS BB 341 -27.61 70.66 -52.88
N SER BB 342 -28.36 71.74 -52.68
CA SER BB 342 -27.80 73.07 -52.42
C SER BB 342 -28.86 73.92 -51.75
N PRO BB 343 -28.50 74.72 -50.77
CA PRO BB 343 -29.51 75.54 -50.09
C PRO BB 343 -29.94 76.76 -50.87
N VAL BB 344 -29.18 77.18 -51.87
CA VAL BB 344 -29.36 78.48 -52.48
C VAL BB 344 -29.53 78.29 -53.99
N LEU BB 345 -30.56 78.92 -54.54
CA LEU BB 345 -30.82 78.91 -55.96
C LEU BB 345 -30.76 80.33 -56.50
N LEU BB 346 -30.51 80.45 -57.80
CA LEU BB 346 -30.48 81.75 -58.46
C LEU BB 346 -31.33 81.68 -59.71
N VAL BB 347 -32.23 82.65 -59.87
CA VAL BB 347 -33.21 82.61 -60.93
C VAL BB 347 -33.32 84.00 -61.55
N SER BB 348 -33.23 84.08 -62.88
CA SER BB 348 -33.58 85.29 -63.59
C SER BB 348 -35.10 85.32 -63.75
N TRP BB 349 -35.73 86.37 -63.23
CA TRP BB 349 -37.18 86.43 -63.22
C TRP BB 349 -37.73 87.17 -64.42
N HIS BB 350 -37.41 88.46 -64.54
CA HIS BB 350 -37.84 89.29 -65.66
C HIS BB 350 -36.67 90.12 -66.14
N GLY BB 351 -35.53 89.48 -66.36
CA GLY BB 351 -34.29 90.19 -66.59
C GLY BB 351 -33.60 90.65 -65.33
N LYS BB 352 -34.17 90.35 -64.17
CA LYS BB 352 -33.62 90.71 -62.86
C LYS BB 352 -33.36 89.45 -62.07
N VAL BB 353 -32.21 89.39 -61.41
CA VAL BB 353 -31.81 88.16 -60.72
C VAL BB 353 -32.49 88.08 -59.36
N MET BB 354 -32.55 86.87 -58.82
CA MET BB 354 -33.18 86.65 -57.53
C MET BB 354 -32.62 85.38 -56.89
N GLN BB 355 -32.31 85.47 -55.61
CA GLN BB 355 -31.88 84.32 -54.83
C GLN BB 355 -33.09 83.57 -54.29
N LEU BB 356 -32.88 82.30 -53.97
CA LEU BB 356 -33.95 81.43 -53.47
C LEU BB 356 -33.42 80.55 -52.36
N LYS BB 357 -34.21 80.45 -51.29
CA LYS BB 357 -33.79 79.80 -50.05
C LYS BB 357 -34.45 78.44 -49.92
N VAL BB 358 -33.66 77.44 -49.53
CA VAL BB 358 -34.14 76.10 -49.27
C VAL BB 358 -33.84 75.77 -47.82
N GLU BB 359 -34.88 75.43 -47.06
CA GLU BB 359 -34.72 74.96 -45.71
C GLU BB 359 -35.04 73.48 -45.64
N GLY BB 360 -34.75 72.89 -44.48
CA GLY BB 360 -35.02 71.48 -44.28
C GLY BB 360 -34.13 70.56 -45.07
N LEU BB 361 -32.95 71.02 -45.46
CA LEU BB 361 -32.03 70.21 -46.25
C LEU BB 361 -31.40 69.13 -45.39
N ILE CB 862 15.86 62.93 -21.23
CA ILE CB 862 16.77 62.66 -20.13
C ILE CB 862 16.97 63.91 -19.29
N ILE CB 863 16.45 63.87 -18.07
CA ILE CB 863 16.57 64.97 -17.11
C ILE CB 863 17.31 64.44 -15.89
N LYS CB 864 18.28 65.22 -15.41
CA LYS CB 864 19.14 64.78 -14.31
C LYS CB 864 18.33 64.66 -13.01
N THR CB 865 18.83 63.83 -12.10
CA THR CB 865 18.19 63.60 -10.81
C THR CB 865 18.25 64.87 -9.98
N GLY CB 866 17.15 65.19 -9.30
CA GLY CB 866 17.11 66.19 -8.25
C GLY CB 866 17.39 67.63 -8.63
N ASP CB 867 16.94 68.07 -9.80
CA ASP CB 867 17.14 69.45 -10.21
C ASP CB 867 16.03 70.31 -9.62
N ILE CB 868 16.14 71.62 -9.85
CA ILE CB 868 15.18 72.59 -9.33
C ILE CB 868 14.49 73.26 -10.52
N MET CB 869 13.16 73.23 -10.52
CA MET CB 869 12.35 73.94 -11.50
C MET CB 869 11.30 74.76 -10.75
N PHE CB 870 10.53 75.54 -11.48
CA PHE CB 870 9.47 76.33 -10.88
C PHE CB 870 8.16 76.07 -11.61
N ALA CB 871 7.06 76.17 -10.85
CA ALA CB 871 5.74 75.93 -11.38
C ALA CB 871 4.77 76.90 -10.72
N VAL CB 872 3.52 76.87 -11.17
CA VAL CB 872 2.48 77.76 -10.66
C VAL CB 872 1.34 76.91 -10.14
N LEU CB 873 0.98 77.10 -8.88
CA LEU CB 873 -0.16 76.43 -8.28
C LEU CB 873 -1.37 77.35 -8.31
N ASP CB 874 -2.44 76.85 -8.94
CA ASP CB 874 -3.67 77.62 -9.07
C ASP CB 874 -4.82 76.90 -8.40
N THR CB 875 -4.76 75.57 -8.38
CA THR CB 875 -5.84 74.77 -7.79
C THR CB 875 -5.67 74.73 -6.27
N SER CB 876 -6.42 75.55 -5.57
CA SER CB 876 -6.35 75.61 -4.11
C SER CB 876 -7.22 74.52 -3.50
N VAL CB 877 -6.80 74.05 -2.32
CA VAL CB 877 -7.50 73.00 -1.61
C VAL CB 877 -7.20 73.16 -0.12
N ASN CB 878 -8.16 72.75 0.71
CA ASN CB 878 -7.97 72.68 2.14
C ASN CB 878 -7.28 71.37 2.50
N SER CB 879 -6.63 71.35 3.65
CA SER CB 879 -5.95 70.15 4.12
C SER CB 879 -6.91 69.22 4.84
N ASP CB 880 -7.98 68.83 4.17
CA ASP CB 880 -8.98 67.94 4.75
C ASP CB 880 -9.27 66.73 3.89
N GLU CB 881 -9.35 66.89 2.57
CA GLU CB 881 -9.75 65.81 1.67
C GLU CB 881 -8.66 65.64 0.62
N PRO CB 882 -7.88 64.56 0.67
CA PRO CB 882 -6.87 64.33 -0.36
C PRO CB 882 -7.51 64.00 -1.70
N GLY CB 883 -6.82 64.40 -2.77
CA GLY CB 883 -7.31 64.21 -4.11
C GLY CB 883 -6.42 64.87 -5.14
N PRO CB 884 -6.84 64.86 -6.40
CA PRO CB 884 -6.02 65.45 -7.47
C PRO CB 884 -5.97 66.96 -7.43
N ILE CB 885 -4.76 67.50 -7.27
CA ILE CB 885 -4.47 68.92 -7.41
C ILE CB 885 -3.37 69.06 -8.44
N LEU CB 886 -3.52 70.02 -9.34
CA LEU CB 886 -2.58 70.17 -10.45
C LEU CB 886 -1.95 71.56 -10.42
N ALA CB 887 -0.69 71.61 -10.83
CA ALA CB 887 0.08 72.83 -11.04
C ALA CB 887 0.59 72.82 -12.48
N THR CB 888 1.21 73.93 -12.88
CA THR CB 888 1.68 74.07 -14.26
C THR CB 888 3.10 74.63 -14.24
N ILE CB 889 4.02 73.91 -14.88
CA ILE CB 889 5.41 74.35 -14.99
C ILE CB 889 5.49 75.55 -15.92
N VAL CB 890 6.35 76.50 -15.58
CA VAL CB 890 6.48 77.72 -16.37
C VAL CB 890 7.90 77.92 -16.91
N THR CB 891 8.89 77.16 -16.43
CA THR CB 891 10.27 77.41 -16.84
C THR CB 891 10.97 76.13 -17.28
N GLY CB 892 12.20 76.27 -17.76
CA GLY CB 892 12.98 75.13 -18.19
C GLY CB 892 12.55 74.61 -19.55
N LYS CB 893 13.00 73.39 -19.86
CA LYS CB 893 12.57 72.72 -21.08
C LYS CB 893 11.09 72.35 -21.02
N LEU CB 894 10.58 72.07 -19.83
CA LEU CB 894 9.17 71.77 -19.65
C LEU CB 894 8.38 73.06 -19.65
N LYS CB 895 7.83 73.41 -20.81
CA LYS CB 895 7.03 74.62 -20.97
C LYS CB 895 5.61 74.22 -21.32
N GLY CB 896 4.64 74.71 -20.54
CA GLY CB 896 3.26 74.35 -20.75
C GLY CB 896 2.87 73.02 -20.18
N SER CB 897 3.81 72.31 -19.56
CA SER CB 897 3.52 71.03 -18.94
C SER CB 897 2.77 71.24 -17.64
N LYS CB 898 1.99 70.26 -17.24
CA LYS CB 898 1.27 70.34 -15.98
C LYS CB 898 1.51 69.06 -15.18
N LEU CB 899 1.10 69.09 -13.91
CA LEU CB 899 1.50 68.05 -12.97
C LEU CB 899 0.41 67.89 -11.92
N ILE CB 900 -0.08 66.66 -11.77
CA ILE CB 900 -1.14 66.32 -10.82
C ILE CB 900 -0.55 65.53 -9.67
N GLY CB 901 -1.14 65.68 -8.49
CA GLY CB 901 -0.76 64.94 -7.32
C GLY CB 901 -1.74 65.17 -6.17
N SER CB 902 -1.26 65.02 -4.94
CA SER CB 902 -2.11 65.25 -3.76
C SER CB 902 -1.25 65.86 -2.67
N PHE CB 903 -1.81 66.04 -1.49
CA PHE CB 903 -1.05 66.56 -0.36
C PHE CB 903 -0.81 65.43 0.66
N ASN CB 904 -0.23 65.82 1.78
CA ASN CB 904 0.02 64.89 2.87
C ASN CB 904 -0.65 65.42 4.11
N LEU CB 905 -0.82 64.54 5.09
CA LEU CB 905 -1.22 65.03 6.39
C LEU CB 905 -0.05 64.96 7.34
N PRO CB 906 0.55 66.09 7.70
CA PRO CB 906 1.65 66.08 8.67
C PRO CB 906 1.15 65.79 10.08
N SER CB 907 2.06 65.31 10.91
CA SER CB 907 1.74 65.07 12.31
C SER CB 907 1.55 66.37 13.08
N ASN CB 908 2.32 67.39 12.75
CA ASN CB 908 2.24 68.69 13.40
C ASN CB 908 1.98 69.76 12.35
N ALA CB 909 1.31 70.84 12.77
CA ALA CB 909 0.80 71.85 11.86
C ALA CB 909 1.81 72.97 11.59
N ASP CB 910 3.10 72.74 11.80
CA ASP CB 910 4.11 73.77 11.55
C ASP CB 910 4.57 73.78 10.10
N LYS CB 911 4.25 72.75 9.32
CA LYS CB 911 4.61 72.72 7.91
C LYS CB 911 3.65 71.79 7.18
N MET CB 912 3.83 71.71 5.86
CA MET CB 912 2.93 70.98 4.99
C MET CB 912 3.63 70.72 3.66
N VAL CB 913 3.50 69.50 3.14
CA VAL CB 913 4.19 69.13 1.92
C VAL CB 913 3.18 68.57 0.92
N ILE CB 914 3.57 68.63 -0.36
CA ILE CB 914 2.70 68.24 -1.48
C ILE CB 914 3.39 67.12 -2.24
N THR CB 915 2.65 66.04 -2.48
CA THR CB 915 3.14 64.91 -3.26
C THR CB 915 2.74 65.09 -4.72
N PHE CB 916 3.72 65.18 -5.61
CA PHE CB 916 3.47 65.45 -7.02
C PHE CB 916 4.07 64.32 -7.86
N ASN CB 917 3.21 63.59 -8.56
CA ASN CB 917 3.69 62.38 -9.21
C ASN CB 917 3.33 62.28 -10.69
N THR CB 918 2.17 62.78 -11.11
CA THR CB 918 1.71 62.52 -12.48
C THR CB 918 2.01 63.73 -13.37
N MET CB 919 3.02 63.61 -14.21
CA MET CB 919 3.48 64.72 -15.06
C MET CB 919 2.95 64.51 -16.47
N SER CB 920 2.38 65.57 -17.06
CA SER CB 920 1.91 65.55 -18.43
C SER CB 920 2.59 66.66 -19.23
N ILE CB 921 3.24 66.28 -20.31
CA ILE CB 921 3.96 67.18 -21.21
C ILE CB 921 3.14 67.33 -22.48
N PRO CB 922 2.97 68.54 -23.02
CA PRO CB 922 2.19 68.70 -24.26
C PRO CB 922 2.87 68.13 -25.49
N GLY CB 923 2.18 68.23 -26.63
CA GLY CB 923 2.70 67.74 -27.89
C GLY CB 923 2.30 66.32 -28.24
N ALA CB 924 2.83 65.34 -27.53
CA ALA CB 924 2.60 63.95 -27.86
C ALA CB 924 1.81 63.24 -26.77
N GLU CB 925 1.29 62.07 -27.12
CA GLU CB 925 0.48 61.25 -26.21
C GLU CB 925 1.40 60.44 -25.30
N LYS CB 926 1.70 61.02 -24.14
CA LYS CB 926 2.49 60.35 -23.12
C LYS CB 926 2.05 60.85 -21.75
N THR CB 927 2.37 60.07 -20.72
CA THR CB 927 2.13 60.47 -19.33
C THR CB 927 3.22 59.84 -18.48
N ILE CB 928 4.22 60.65 -18.10
CA ILE CB 928 5.33 60.16 -17.29
C ILE CB 928 4.98 60.29 -15.81
N SER CB 929 5.73 59.60 -14.96
CA SER CB 929 5.35 59.49 -13.55
C SER CB 929 6.50 59.84 -12.61
N ILE CB 930 7.14 60.99 -12.82
CA ILE CB 930 8.17 61.47 -11.90
C ILE CB 930 7.47 61.91 -10.61
N SER CB 931 7.79 61.23 -9.51
CA SER CB 931 7.19 61.50 -8.23
C SER CB 931 8.09 62.43 -7.45
N ALA CB 932 7.69 63.69 -7.33
CA ALA CB 932 8.57 64.72 -6.76
C ALA CB 932 7.78 65.53 -5.74
N TYR CB 933 8.49 66.37 -5.00
CA TYR CB 933 7.89 67.19 -3.96
C TYR CB 933 8.04 68.66 -4.33
N ALA CB 934 7.63 69.53 -3.40
CA ALA CB 934 7.63 70.96 -3.63
C ALA CB 934 8.42 71.68 -2.54
N ILE CB 935 9.00 72.81 -2.91
CA ILE CB 935 9.73 73.67 -2.00
C ILE CB 935 9.24 75.10 -2.18
N ASP CB 936 9.15 75.82 -1.09
CA ASP CB 936 8.64 77.18 -1.16
C ASP CB 936 9.70 78.11 -1.73
N PRO CB 937 9.41 78.84 -2.81
CA PRO CB 937 10.36 79.83 -3.31
C PRO CB 937 10.51 81.00 -2.36
N ASN CB 938 11.70 81.60 -2.39
CA ASN CB 938 12.15 82.78 -1.66
C ASN CB 938 12.23 82.57 -0.14
N THR CB 939 12.04 81.35 0.35
CA THR CB 939 12.32 81.01 1.74
C THR CB 939 13.14 79.73 1.78
N ALA CB 940 12.94 78.89 0.76
CA ALA CB 940 13.62 77.60 0.57
C ALA CB 940 13.41 76.67 1.76
N ARG CB 941 12.18 76.69 2.26
CA ARG CB 941 11.75 75.78 3.31
C ARG CB 941 10.51 75.05 2.84
N THR CB 942 10.03 74.13 3.66
CA THR CB 942 8.90 73.29 3.29
C THR CB 942 7.61 73.60 4.05
N ALA CB 943 7.50 74.79 4.64
CA ALA CB 943 6.29 75.15 5.38
C ALA CB 943 5.18 75.58 4.42
N LEU CB 944 4.01 75.87 4.99
CA LEU CB 944 2.86 76.32 4.22
C LEU CB 944 2.51 77.76 4.59
N ALA CB 945 2.27 78.57 3.55
CA ALA CB 945 1.75 79.92 3.73
C ALA CB 945 0.25 79.83 4.00
N SER CB 946 -0.08 79.65 5.27
CA SER CB 946 -1.47 79.61 5.71
C SER CB 946 -1.50 80.00 7.18
N ARG CB 947 -2.68 79.90 7.78
CA ARG CB 947 -2.86 80.19 9.19
C ARG CB 947 -3.11 78.90 9.98
N THR CB 948 -2.48 78.84 11.16
CA THR CB 948 -2.48 77.61 11.95
C THR CB 948 -3.14 77.73 13.31
N ASN CB 949 -3.79 78.85 13.62
CA ASN CB 949 -4.46 79.04 14.90
C ASN CB 949 -5.97 78.99 14.76
N HIS CB 950 -6.48 78.11 13.88
CA HIS CB 950 -7.88 78.15 13.48
C HIS CB 950 -8.82 77.66 14.57
N HIS CB 951 -8.48 76.57 15.25
CA HIS CB 951 -9.39 75.96 16.21
C HIS CB 951 -8.67 75.61 17.50
N TYR CB 952 -7.86 76.54 18.00
CA TYR CB 952 -7.44 76.48 19.40
C TYR CB 952 -8.43 77.19 20.30
N LEU CB 953 -8.67 78.47 20.03
CA LEU CB 953 -9.42 79.33 20.94
C LEU CB 953 -10.89 78.98 20.97
N MET CB 954 -11.42 78.39 19.90
CA MET CB 954 -12.83 77.98 19.87
C MET CB 954 -13.11 76.90 20.90
N ARG CB 955 -12.33 75.82 20.87
CA ARG CB 955 -12.54 74.75 21.84
C ARG CB 955 -12.07 75.16 23.23
N TYR CB 956 -11.04 76.02 23.31
CA TYR CB 956 -10.64 76.57 24.61
C TYR CB 956 -11.77 77.35 25.27
N GLY CB 957 -12.40 78.25 24.52
CA GLY CB 957 -13.47 79.06 25.07
C GLY CB 957 -14.71 78.27 25.40
N SER CB 958 -15.05 77.28 24.57
CA SER CB 958 -16.19 76.42 24.86
C SER CB 958 -15.96 75.61 26.13
N LEU CB 959 -14.76 75.06 26.29
CA LEU CB 959 -14.43 74.28 27.48
C LEU CB 959 -14.43 75.15 28.72
N PHE CB 960 -13.83 76.34 28.63
CA PHE CB 960 -13.77 77.27 29.76
C PHE CB 960 -15.15 77.76 30.15
N ALA CB 961 -16.01 78.03 29.17
CA ALA CB 961 -17.37 78.48 29.45
C ALA CB 961 -18.18 77.40 30.15
N SER CB 962 -18.13 76.16 29.62
CA SER CB 962 -18.88 75.06 30.23
C SER CB 962 -18.40 74.76 31.64
N SER CB 963 -17.07 74.83 31.85
CA SER CB 963 -16.51 74.70 33.19
C SER CB 963 -17.05 75.77 34.12
N PHE CB 964 -16.92 77.05 33.74
CA PHE CB 964 -17.33 78.18 34.58
C PHE CB 964 -18.81 78.11 34.91
N LEU CB 965 -19.62 77.59 33.99
CA LEU CB 965 -21.04 77.36 34.26
C LEU CB 965 -21.23 76.30 35.35
N GLN CB 966 -20.52 75.17 35.23
CA GLN CB 966 -20.60 74.11 36.23
C GLN CB 966 -20.19 74.62 37.61
N GLY CB 967 -19.08 75.37 37.65
CA GLY CB 967 -18.59 75.89 38.91
C GLY CB 967 -19.52 76.90 39.54
N PHE CB 968 -20.18 77.71 38.70
CA PHE CB 968 -21.09 78.72 39.23
C PHE CB 968 -22.28 78.07 39.88
N GLY CB 969 -22.84 77.05 39.21
CA GLY CB 969 -23.96 76.35 39.79
C GLY CB 969 -23.62 75.65 41.09
N ASN CB 970 -22.51 74.87 41.11
CA ASN CB 970 -22.23 74.09 42.31
C ASN CB 970 -21.79 74.98 43.48
N ALA CB 971 -20.91 75.97 43.25
CA ALA CB 971 -20.42 76.75 44.37
C ALA CB 971 -21.47 77.75 44.86
N PHE CB 972 -22.21 78.39 43.96
CA PHE CB 972 -23.22 79.32 44.44
C PHE CB 972 -24.48 78.61 44.94
N GLN CB 973 -24.63 77.30 44.68
CA GLN CB 973 -25.65 76.56 45.42
C GLN CB 973 -25.12 76.10 46.77
N SER CB 974 -23.83 75.79 46.85
CA SER CB 974 -23.27 75.29 48.10
C SER CB 974 -23.13 76.39 49.14
N ALA CB 975 -22.85 77.62 48.71
CA ALA CB 975 -22.62 78.72 49.62
C ALA CB 975 -23.91 79.45 50.02
N ASN CB 976 -25.07 78.81 49.83
CA ASN CB 976 -26.33 79.47 50.13
C ASN CB 976 -26.58 79.61 51.63
N THR CB 977 -26.11 78.66 52.44
CA THR CB 977 -26.36 78.72 53.88
C THR CB 977 -25.48 79.78 54.53
N THR CB 978 -24.23 79.89 54.12
CA THR CB 978 -23.31 80.86 54.70
C THR CB 978 -23.19 82.10 53.82
N SER CB 999 -34.11 84.28 44.59
CA SER CB 999 -34.91 83.77 43.49
C SER CB 999 -34.13 83.82 42.18
N THR CB 1000 -33.83 85.04 41.73
CA THR CB 1000 -33.13 85.24 40.47
C THR CB 1000 -31.69 84.73 40.52
N LEU CB 1001 -31.03 84.89 41.67
CA LEU CB 1001 -29.70 84.32 41.86
C LEU CB 1001 -29.75 82.80 41.81
N GLU CB 1002 -30.82 82.22 42.38
CA GLU CB 1002 -31.04 80.79 42.27
C GLU CB 1002 -31.27 80.37 40.82
N ASN CB 1003 -31.93 81.22 40.03
CA ASN CB 1003 -32.13 80.93 38.62
C ASN CB 1003 -30.82 80.96 37.84
N ALA CB 1004 -29.92 81.88 38.22
CA ALA CB 1004 -28.58 81.88 37.62
C ALA CB 1004 -27.82 80.61 37.96
N VAL CB 1005 -27.91 80.17 39.23
CA VAL CB 1005 -27.36 78.89 39.65
C VAL CB 1005 -27.93 77.75 38.83
N ILE CB 1006 -29.25 77.80 38.59
CA ILE CB 1006 -29.97 76.80 37.79
C ILE CB 1006 -29.38 76.70 36.39
N GLY CB 1007 -29.25 77.85 35.73
CA GLY CB 1007 -28.89 77.84 34.32
C GLY CB 1007 -27.48 77.38 34.12
N LEU CB 1008 -26.55 77.93 34.92
CA LEU CB 1008 -25.15 77.59 34.73
C LEU CB 1008 -24.87 76.17 35.22
N ALA CB 1009 -25.51 75.80 36.36
CA ALA CB 1009 -25.42 74.46 36.96
C ALA CB 1009 -25.77 73.37 35.99
N THR CB 1010 -26.80 73.57 35.18
CA THR CB 1010 -27.17 72.46 34.34
C THR CB 1010 -26.67 72.54 32.91
N VAL CB 1011 -26.44 73.73 32.36
CA VAL CB 1011 -25.90 73.78 31.00
C VAL CB 1011 -24.39 73.64 30.98
N GLY CB 1012 -23.72 73.62 32.13
CA GLY CB 1012 -22.28 73.40 32.10
C GLY CB 1012 -21.87 71.99 31.70
N LYS CB 1013 -22.54 70.97 32.24
CA LYS CB 1013 -21.98 69.62 32.24
C LYS CB 1013 -22.01 68.97 30.86
N ALA CB 1014 -23.15 69.07 30.18
CA ALA CB 1014 -23.28 68.45 28.86
C ALA CB 1014 -22.38 69.14 27.84
N TRP CB 1015 -22.29 70.46 27.92
CA TRP CB 1015 -21.37 71.17 27.06
C TRP CB 1015 -19.92 70.86 27.40
N SER CB 1016 -19.63 70.55 28.67
CA SER CB 1016 -18.28 70.18 29.06
C SER CB 1016 -17.88 68.84 28.47
N GLN CB 1017 -18.75 67.84 28.58
CA GLN CB 1017 -18.40 66.53 28.03
C GLN CB 1017 -18.37 66.56 26.50
N GLN CB 1018 -19.25 67.34 25.86
CA GLN CB 1018 -19.17 67.45 24.40
C GLN CB 1018 -17.95 68.23 23.95
N ALA CB 1019 -17.51 69.21 24.76
CA ALA CB 1019 -16.29 69.93 24.44
C ALA CB 1019 -15.06 69.05 24.60
N GLN CB 1020 -15.09 68.13 25.57
CA GLN CB 1020 -14.00 67.16 25.66
C GLN CB 1020 -14.07 66.16 24.52
N GLN CB 1021 -15.28 65.90 24.00
CA GLN CB 1021 -15.40 65.06 22.81
C GLN CB 1021 -14.77 65.73 21.59
N LEU CB 1022 -15.05 67.00 21.36
CA LEU CB 1022 -14.56 67.68 20.16
C LEU CB 1022 -13.26 68.43 20.40
N PHE CB 1023 -12.64 68.24 21.55
CA PHE CB 1023 -11.46 69.02 21.91
C PHE CB 1023 -10.22 68.56 21.15
N ASN CB 1024 -10.28 67.41 20.50
CA ASN CB 1024 -9.14 66.83 19.81
C ASN CB 1024 -8.94 67.36 18.42
N THR CB 1025 -9.82 68.22 17.92
CA THR CB 1025 -9.77 68.64 16.52
C THR CB 1025 -8.62 69.61 16.30
N PRO CB 1026 -7.73 69.33 15.37
CA PRO CB 1026 -6.60 70.23 15.10
C PRO CB 1026 -7.06 71.44 14.28
N THR CB 1027 -6.21 72.46 14.28
CA THR CB 1027 -6.46 73.67 13.51
C THR CB 1027 -5.99 73.43 12.08
N THR CB 1028 -6.91 73.51 11.14
CA THR CB 1028 -6.65 73.11 9.77
C THR CB 1028 -5.92 74.22 9.02
N VAL CB 1029 -5.39 73.87 7.84
CA VAL CB 1029 -4.72 74.82 6.96
C VAL CB 1029 -5.25 74.63 5.54
N GLU CB 1030 -5.00 75.62 4.69
CA GLU CB 1030 -5.47 75.59 3.31
C GLU CB 1030 -4.54 76.41 2.43
N VAL CB 1031 -4.13 75.82 1.30
CA VAL CB 1031 -3.26 76.52 0.36
C VAL CB 1031 -4.06 77.57 -0.42
N TYR CB 1032 -3.34 78.44 -1.11
CA TYR CB 1032 -3.96 79.52 -1.86
C TYR CB 1032 -4.06 79.17 -3.34
N SER CB 1033 -4.86 79.94 -4.06
CA SER CB 1033 -5.12 79.70 -5.48
C SER CB 1033 -4.28 80.58 -6.40
N GLY CB 1034 -3.38 81.40 -5.87
CA GLY CB 1034 -2.59 82.28 -6.71
C GLY CB 1034 -1.14 82.34 -6.30
N THR CB 1035 -0.61 81.24 -5.77
CA THR CB 1035 0.75 81.18 -5.28
C THR CB 1035 1.56 80.23 -6.15
N GLY CB 1036 2.71 80.71 -6.62
CA GLY CB 1036 3.64 79.86 -7.34
C GLY CB 1036 4.42 78.99 -6.38
N LEU CB 1037 5.26 78.13 -6.96
CA LEU CB 1037 5.99 77.16 -6.16
C LEU CB 1037 7.26 76.75 -6.88
N GLY CB 1038 8.18 76.17 -6.11
CA GLY CB 1038 9.37 75.55 -6.64
C GLY CB 1038 9.32 74.04 -6.43
N ILE CB 1039 9.93 73.32 -7.36
CA ILE CB 1039 9.88 71.85 -7.38
C ILE CB 1039 11.31 71.33 -7.41
N LEU CB 1040 11.65 70.52 -6.42
CA LEU CB 1040 12.85 69.69 -6.46
C LEU CB 1040 12.47 68.33 -7.02
N PHE CB 1041 13.36 67.76 -7.83
CA PHE CB 1041 13.10 66.46 -8.42
C PHE CB 1041 13.64 65.36 -7.54
N THR CB 1042 13.22 64.12 -7.85
CA THR CB 1042 13.60 62.95 -7.07
C THR CB 1042 14.27 61.87 -7.90
N GLN CB 1043 13.79 61.63 -9.12
CA GLN CB 1043 14.39 60.64 -10.01
C GLN CB 1043 14.47 61.23 -11.41
N ASP CB 1044 15.05 60.45 -12.32
CA ASP CB 1044 15.24 60.88 -13.69
C ASP CB 1044 14.06 60.43 -14.55
N VAL CB 1045 13.98 60.98 -15.77
CA VAL CB 1045 12.97 60.63 -16.74
C VAL CB 1045 13.64 60.50 -18.11
N THR CB 1046 12.82 60.25 -19.13
CA THR CB 1046 13.31 60.12 -20.49
C THR CB 1046 12.34 60.75 -21.49
N VAL DB 38 -76.38 59.23 -30.90
CA VAL DB 38 -77.13 60.49 -30.97
C VAL DB 38 -76.45 61.63 -31.76
N PRO DB 39 -75.18 62.02 -31.50
CA PRO DB 39 -74.63 63.15 -32.26
C PRO DB 39 -74.26 62.80 -33.69
N LYS DB 40 -74.10 61.52 -34.01
CA LYS DB 40 -73.82 61.11 -35.38
C LYS DB 40 -75.09 60.98 -36.20
N LEU DB 41 -76.01 60.15 -35.78
CA LEU DB 41 -77.22 59.92 -36.54
C LEU DB 41 -78.18 61.10 -36.34
N PRO DB 42 -78.75 61.62 -37.42
CA PRO DB 42 -79.72 62.71 -37.29
C PRO DB 42 -81.04 62.22 -36.71
N CYS DB 43 -81.69 63.09 -35.94
CA CYS DB 43 -82.98 62.74 -35.37
C CYS DB 43 -84.09 62.90 -36.42
N ARG DB 44 -83.97 63.91 -37.28
CA ARG DB 44 -84.96 64.17 -38.30
C ARG DB 44 -84.28 64.92 -39.45
N VAL DB 45 -85.05 65.21 -40.49
CA VAL DB 45 -84.57 66.09 -41.55
C VAL DB 45 -84.46 67.51 -40.99
N ASP DB 46 -83.41 68.22 -41.40
CA ASP DB 46 -83.15 69.55 -40.89
C ASP DB 46 -84.21 70.54 -41.36
N GLY DB 47 -84.46 71.53 -40.51
CA GLY DB 47 -85.47 72.54 -40.79
C GLY DB 47 -86.88 72.00 -40.85
N ALA DB 48 -87.26 71.14 -39.91
CA ALA DB 48 -88.56 70.48 -39.93
C ALA DB 48 -89.24 70.65 -38.59
N CYS DB 49 -90.37 71.34 -38.60
CA CYS DB 49 -91.26 71.44 -37.44
C CYS DB 49 -92.69 71.35 -37.94
N ASP DB 50 -93.36 70.25 -37.59
CA ASP DB 50 -94.70 70.00 -38.09
C ASP DB 50 -95.71 71.00 -37.55
N ALA DB 51 -95.42 71.58 -36.38
CA ALA DB 51 -96.19 72.71 -35.88
C ALA DB 51 -96.11 73.90 -36.83
N THR DB 52 -94.90 74.19 -37.32
CA THR DB 52 -94.75 75.26 -38.31
C THR DB 52 -95.42 74.90 -39.62
N ILE DB 53 -95.42 73.60 -39.98
CA ILE DB 53 -96.08 73.16 -41.20
C ILE DB 53 -97.58 73.43 -41.14
N ILE DB 54 -98.21 73.00 -40.04
CA ILE DB 54 -99.67 73.17 -39.93
C ILE DB 54 -100.02 74.64 -39.73
N LYS DB 55 -99.14 75.41 -39.08
CA LYS DB 55 -99.40 76.84 -38.91
C LYS DB 55 -99.33 77.58 -40.24
N MET DB 56 -98.32 77.28 -41.06
CA MET DB 56 -98.21 77.97 -42.34
C MET DB 56 -99.27 77.48 -43.32
N MET DB 57 -99.71 76.23 -43.20
CA MET DB 57 -100.85 75.78 -43.99
C MET DB 57 -102.12 76.53 -43.61
N THR DB 58 -102.32 76.75 -42.31
CA THR DB 58 -103.46 77.53 -41.84
C THR DB 58 -103.39 78.96 -42.35
N ASP DB 59 -102.20 79.55 -42.34
CA ASP DB 59 -102.04 80.94 -42.78
C ASP DB 59 -102.27 81.08 -44.29
N LEU DB 60 -101.77 80.13 -45.08
CA LEU DB 60 -102.00 80.20 -46.53
C LEU DB 60 -103.46 79.96 -46.87
N ASN DB 61 -104.12 79.05 -46.16
CA ASN DB 61 -105.52 78.78 -46.45
C ASN DB 61 -106.41 79.95 -46.01
N LYS DB 62 -106.07 80.61 -44.90
CA LYS DB 62 -106.84 81.78 -44.51
C LYS DB 62 -106.48 83.01 -45.34
N LYS DB 63 -105.33 83.00 -46.02
CA LYS DB 63 -105.06 84.02 -47.02
C LYS DB 63 -105.65 83.67 -48.37
N GLY DB 64 -106.20 82.46 -48.52
CA GLY DB 64 -106.99 82.13 -49.69
C GLY DB 64 -106.30 81.27 -50.71
N ILE DB 65 -105.05 80.90 -50.47
CA ILE DB 65 -104.35 79.99 -51.37
C ILE DB 65 -104.88 78.59 -51.14
N LYS DB 66 -105.32 77.94 -52.22
CA LYS DB 66 -106.00 76.65 -52.07
C LYS DB 66 -104.95 75.58 -51.87
N VAL DB 67 -104.81 75.11 -50.63
CA VAL DB 67 -103.85 74.08 -50.27
C VAL DB 67 -104.64 72.82 -49.98
N ALA DB 68 -104.47 71.80 -50.81
CA ALA DB 68 -105.23 70.57 -50.68
C ALA DB 68 -104.31 69.38 -50.77
N SER DB 69 -104.65 68.32 -50.04
CA SER DB 69 -103.82 67.12 -50.04
C SER DB 69 -104.66 65.92 -49.68
N VAL DB 70 -104.28 64.78 -50.25
CA VAL DB 70 -104.83 63.49 -49.85
C VAL DB 70 -103.76 62.44 -50.14
N GLY DB 71 -103.40 61.68 -49.12
CA GLY DB 71 -102.29 60.75 -49.27
C GLY DB 71 -100.98 61.51 -49.33
N GLN DB 72 -100.11 61.09 -50.23
CA GLN DB 72 -98.85 61.79 -50.48
C GLN DB 72 -99.00 62.89 -51.53
N ASN DB 73 -100.19 63.03 -52.09
CA ASN DB 73 -100.41 63.89 -53.26
C ASN DB 73 -100.90 65.27 -52.80
N TYR DB 74 -100.25 66.30 -53.31
CA TYR DB 74 -100.48 67.67 -52.87
C TYR DB 74 -100.73 68.57 -54.07
N LEU DB 75 -101.73 69.45 -53.93
CA LEU DB 75 -102.05 70.49 -54.91
C LEU DB 75 -102.13 71.83 -54.20
N ILE DB 76 -101.64 72.86 -54.85
CA ILE DB 76 -101.80 74.24 -54.38
C ILE DB 76 -102.20 75.10 -55.58
N SER DB 77 -103.31 75.80 -55.43
CA SER DB 77 -103.84 76.67 -56.47
C SER DB 77 -103.77 78.12 -56.02
N ILE DB 78 -103.32 78.98 -56.91
CA ILE DB 78 -103.09 80.40 -56.64
C ILE DB 78 -103.78 81.21 -57.72
N PRO DB 79 -104.63 82.17 -57.38
CA PRO DB 79 -105.19 83.06 -58.39
C PRO DB 79 -104.12 83.96 -58.99
N ALA DB 80 -104.29 84.28 -60.28
CA ALA DB 80 -103.34 85.14 -60.96
C ALA DB 80 -103.58 86.62 -60.69
N SER DB 81 -104.70 86.96 -60.04
CA SER DB 81 -105.02 88.36 -59.77
C SER DB 81 -104.07 88.96 -58.74
N ALA DB 82 -103.58 88.15 -57.81
CA ALA DB 82 -102.55 88.58 -56.88
C ALA DB 82 -101.15 88.33 -57.41
N LEU DB 83 -101.03 87.97 -58.69
CA LEU DB 83 -99.75 87.58 -59.26
C LEU DB 83 -99.29 88.50 -60.38
N PHE DB 84 -100.13 88.74 -61.39
CA PHE DB 84 -99.71 89.48 -62.56
C PHE DB 84 -100.63 90.65 -62.81
N ALA DB 85 -100.35 91.37 -63.89
CA ALA DB 85 -101.25 92.40 -64.39
C ALA DB 85 -102.25 91.76 -65.35
N ASP DB 86 -103.01 92.58 -66.06
CA ASP DB 86 -104.04 92.07 -66.95
C ASP DB 86 -103.39 91.50 -68.20
N GLN DB 87 -103.56 90.18 -68.41
CA GLN DB 87 -103.20 89.48 -69.65
C GLN DB 87 -101.71 89.55 -69.97
N SER DB 88 -100.89 89.79 -68.95
CA SER DB 88 -99.49 90.08 -69.16
C SER DB 88 -98.64 89.40 -68.10
N PRO DB 89 -97.47 88.89 -68.46
CA PRO DB 89 -96.58 88.23 -67.50
C PRO DB 89 -95.64 89.20 -66.79
N ARG DB 90 -96.19 90.29 -66.27
CA ARG DB 90 -95.43 91.24 -65.48
C ARG DB 90 -95.74 91.01 -64.00
N LEU DB 91 -94.71 91.04 -63.17
CA LEU DB 91 -94.83 90.62 -61.79
C LEU DB 91 -95.00 91.82 -60.88
N ASN DB 92 -95.98 91.73 -59.97
CA ASN DB 92 -96.13 92.72 -58.92
C ASN DB 92 -94.95 92.65 -57.97
N TRP DB 93 -94.59 93.81 -57.42
CA TRP DB 93 -93.43 93.86 -56.54
C TRP DB 93 -93.71 93.18 -55.21
N ALA DB 94 -94.91 93.35 -54.67
CA ALA DB 94 -95.27 92.73 -53.41
C ALA DB 94 -95.54 91.23 -53.53
N SER DB 95 -95.68 90.72 -54.76
CA SER DB 95 -95.94 89.30 -54.96
C SER DB 95 -94.73 88.44 -54.62
N TYR DB 96 -93.54 89.03 -54.58
CA TYR DB 96 -92.33 88.24 -54.34
C TYR DB 96 -92.25 87.76 -52.90
N SER DB 97 -92.89 88.46 -51.95
CA SER DB 97 -92.95 87.98 -50.58
C SER DB 97 -93.76 86.70 -50.50
N LEU DB 98 -94.92 86.67 -51.18
CA LEU DB 98 -95.75 85.48 -51.22
C LEU DB 98 -95.05 84.35 -51.95
N LEU DB 99 -94.32 84.68 -53.03
CA LEU DB 99 -93.57 83.68 -53.77
C LEU DB 99 -92.45 83.08 -52.92
N ASN DB 100 -91.74 83.91 -52.18
CA ASN DB 100 -90.65 83.42 -51.36
C ASN DB 100 -91.15 82.59 -50.18
N GLU DB 101 -92.29 82.99 -49.59
CA GLU DB 101 -92.78 82.19 -48.47
C GLU DB 101 -93.43 80.89 -48.94
N ILE DB 102 -94.03 80.86 -50.13
CA ILE DB 102 -94.53 79.58 -50.60
C ILE DB 102 -93.39 78.70 -51.08
N ALA DB 103 -92.28 79.30 -51.53
CA ALA DB 103 -91.09 78.52 -51.82
C ALA DB 103 -90.49 77.94 -50.55
N ALA DB 104 -90.49 78.72 -49.47
CA ALA DB 104 -89.98 78.22 -48.19
C ALA DB 104 -90.88 77.13 -47.63
N PHE DB 105 -92.19 77.24 -47.86
CA PHE DB 105 -93.09 76.15 -47.48
C PHE DB 105 -92.82 74.90 -48.30
N LEU DB 106 -92.55 75.06 -49.60
CA LEU DB 106 -92.25 73.90 -50.43
C LEU DB 106 -90.88 73.29 -50.07
N LYS DB 107 -89.99 74.11 -49.52
CA LYS DB 107 -88.69 73.63 -49.05
C LYS DB 107 -88.81 72.65 -47.89
N GLN DB 108 -89.94 72.64 -47.19
CA GLN DB 108 -90.12 71.77 -46.05
C GLN DB 108 -90.19 70.30 -46.46
N PHE DB 109 -90.75 70.01 -47.63
CA PHE DB 109 -91.00 68.63 -48.03
C PHE DB 109 -89.88 68.10 -48.91
N ARG DB 110 -89.50 66.86 -48.65
CA ARG DB 110 -88.57 66.14 -49.50
C ARG DB 110 -89.33 65.60 -50.69
N LYS DB 111 -89.01 66.10 -51.88
CA LYS DB 111 -89.77 65.76 -53.07
C LYS DB 111 -88.81 65.58 -54.24
N ILE DB 112 -89.33 64.98 -55.31
CA ILE DB 112 -88.55 64.67 -56.51
C ILE DB 112 -89.12 65.39 -57.73
N ALA DB 113 -90.42 65.27 -57.95
CA ALA DB 113 -91.07 65.80 -59.13
C ALA DB 113 -92.02 66.93 -58.75
N ILE DB 114 -91.96 68.02 -59.51
CA ILE DB 114 -92.84 69.17 -59.32
C ILE DB 114 -93.51 69.46 -60.65
N THR DB 115 -94.83 69.65 -60.64
CA THR DB 115 -95.55 70.00 -61.85
C THR DB 115 -96.22 71.36 -61.67
N VAL DB 116 -96.01 72.25 -62.64
CA VAL DB 116 -96.57 73.59 -62.64
C VAL DB 116 -97.41 73.75 -63.89
N THR DB 117 -98.67 74.16 -63.71
CA THR DB 117 -99.55 74.41 -64.84
C THR DB 117 -100.25 75.73 -64.66
N SER DB 118 -100.40 76.46 -65.75
CA SER DB 118 -101.06 77.76 -65.74
C SER DB 118 -102.34 77.70 -66.56
N TYR DB 119 -103.38 78.36 -66.06
CA TYR DB 119 -104.68 78.41 -66.73
C TYR DB 119 -105.14 79.85 -66.80
N SER DB 120 -105.90 80.17 -67.84
CA SER DB 120 -106.36 81.53 -68.09
C SER DB 120 -107.80 81.48 -68.56
N SER DB 121 -108.26 82.60 -69.12
CA SER DB 121 -109.58 82.71 -69.69
C SER DB 121 -109.48 82.96 -71.19
N LYS DB 122 -110.63 83.14 -71.82
CA LYS DB 122 -110.72 83.39 -73.25
C LYS DB 122 -110.63 84.89 -73.49
N TYR DB 123 -109.55 85.34 -74.13
CA TYR DB 123 -109.34 86.76 -74.36
C TYR DB 123 -109.36 87.13 -75.85
N VAL DB 124 -108.49 86.55 -76.67
CA VAL DB 124 -108.47 86.89 -78.09
C VAL DB 124 -108.50 85.63 -78.95
N SER DB 125 -107.58 84.71 -78.68
CA SER DB 125 -107.29 83.63 -79.60
C SER DB 125 -107.10 82.36 -78.78
N VAL DB 126 -106.45 81.37 -79.38
CA VAL DB 126 -105.99 80.22 -78.64
C VAL DB 126 -104.49 80.29 -78.36
N LYS DB 127 -103.71 80.63 -79.38
CA LYS DB 127 -102.26 80.58 -79.30
C LYS DB 127 -101.71 81.64 -78.37
N ARG DB 128 -102.31 82.83 -78.38
CA ARG DB 128 -101.87 83.92 -77.51
C ARG DB 128 -102.06 83.57 -76.05
N GLU DB 129 -103.20 82.96 -75.73
CA GLU DB 129 -103.48 82.57 -74.35
C GLU DB 129 -102.61 81.42 -73.90
N ARG DB 130 -102.34 80.47 -74.82
CA ARG DB 130 -101.41 79.39 -74.52
C ARG DB 130 -100.01 79.91 -74.25
N ALA DB 131 -99.56 80.88 -75.07
CA ALA DB 131 -98.24 81.46 -74.88
C ALA DB 131 -98.16 82.26 -73.59
N LEU DB 132 -99.24 82.96 -73.22
CA LEU DB 132 -99.26 83.72 -71.98
C LEU DB 132 -99.17 82.80 -70.77
N THR DB 133 -99.94 81.71 -70.77
CA THR DB 133 -99.87 80.74 -69.68
C THR DB 133 -98.50 80.09 -69.60
N LEU DB 134 -97.92 79.76 -70.76
CA LEU DB 134 -96.60 79.16 -70.81
C LEU DB 134 -95.54 80.10 -70.26
N ALA DB 135 -95.62 81.38 -70.63
CA ALA DB 135 -94.62 82.35 -70.18
C ALA DB 135 -94.73 82.61 -68.69
N ARG DB 136 -95.95 82.72 -68.17
CA ARG DB 136 -96.12 82.94 -66.73
C ARG DB 136 -95.63 81.73 -65.94
N SER DB 137 -95.90 80.52 -66.46
CA SER DB 137 -95.38 79.31 -65.83
C SER DB 137 -93.86 79.27 -65.86
N ARG DB 138 -93.26 79.70 -66.97
CA ARG DB 138 -91.80 79.72 -67.07
C ARG DB 138 -91.18 80.69 -66.09
N VAL DB 139 -91.79 81.86 -65.92
CA VAL DB 139 -91.23 82.86 -65.02
C VAL DB 139 -91.34 82.41 -63.56
N VAL DB 140 -92.50 81.85 -63.19
CA VAL DB 140 -92.64 81.39 -61.81
C VAL DB 140 -91.75 80.16 -61.56
N SER DB 141 -91.50 79.36 -62.59
CA SER DB 141 -90.62 78.20 -62.44
C SER DB 141 -89.17 78.63 -62.25
N GLU DB 142 -88.72 79.61 -63.03
CA GLU DB 142 -87.33 80.02 -62.90
C GLU DB 142 -87.09 80.79 -61.61
N TYR DB 143 -88.10 81.51 -61.11
CA TYR DB 143 -87.94 82.10 -59.78
C TYR DB 143 -87.94 81.03 -58.70
N LEU DB 144 -88.71 79.96 -58.90
CA LEU DB 144 -88.72 78.86 -57.94
C LEU DB 144 -87.38 78.13 -57.93
N TRP DB 145 -86.75 78.00 -59.10
CA TRP DB 145 -85.42 77.40 -59.13
C TRP DB 145 -84.37 78.33 -58.56
N SER DB 146 -84.56 79.64 -58.72
CA SER DB 146 -83.67 80.61 -58.09
C SER DB 146 -83.75 80.50 -56.57
N GLN DB 147 -84.95 80.33 -56.05
CA GLN DB 147 -85.09 80.02 -54.63
C GLN DB 147 -84.61 78.59 -54.36
N GLY DB 148 -84.25 78.35 -53.10
CA GLY DB 148 -83.55 77.13 -52.75
C GLY DB 148 -84.43 75.93 -52.44
N VAL DB 149 -85.39 75.66 -53.31
CA VAL DB 149 -86.19 74.45 -53.16
C VAL DB 149 -85.39 73.26 -53.67
N ASP DB 150 -85.84 72.07 -53.28
CA ASP DB 150 -85.18 70.83 -53.68
C ASP DB 150 -86.16 70.00 -54.49
N SER DB 151 -85.88 69.88 -55.78
CA SER DB 151 -86.59 68.94 -56.64
C SER DB 151 -85.59 68.32 -57.60
N ARG DB 152 -85.91 67.12 -58.07
CA ARG DB 152 -85.08 66.55 -59.12
C ARG DB 152 -85.52 67.04 -60.48
N ILE DB 153 -86.82 67.00 -60.76
CA ILE DB 153 -87.35 67.41 -62.06
C ILE DB 153 -88.54 68.33 -61.82
N ILE DB 154 -88.54 69.48 -62.48
CA ILE DB 154 -89.65 70.41 -62.45
C ILE DB 154 -90.18 70.58 -63.87
N PHE DB 155 -91.46 70.26 -64.06
CA PHE DB 155 -92.15 70.39 -65.32
C PHE DB 155 -93.06 71.60 -65.31
N THR DB 156 -93.22 72.23 -66.48
CA THR DB 156 -93.96 73.46 -66.61
C THR DB 156 -94.78 73.44 -67.90
N GLN DB 157 -96.06 73.81 -67.77
CA GLN DB 157 -96.95 73.91 -68.92
C GLN DB 157 -98.12 74.82 -68.58
N GLY DB 158 -98.79 75.29 -69.63
CA GLY DB 158 -99.96 76.13 -69.47
C GLY DB 158 -100.88 75.97 -70.65
N LEU DB 159 -102.17 76.16 -70.40
CA LEU DB 159 -103.16 75.85 -71.43
C LEU DB 159 -104.07 77.02 -71.76
N GLY DB 160 -104.50 77.76 -70.75
CA GLY DB 160 -105.43 78.86 -70.95
C GLY DB 160 -106.83 78.50 -70.46
N SER DB 161 -107.81 78.69 -71.33
CA SER DB 161 -109.21 78.42 -71.00
C SER DB 161 -109.63 77.05 -71.52
N ASP DB 162 -108.68 76.14 -71.67
CA ASP DB 162 -108.97 74.83 -72.23
C ASP DB 162 -109.67 73.93 -71.21
N LYS DB 163 -109.29 74.03 -69.94
CA LYS DB 163 -109.89 73.22 -68.89
C LYS DB 163 -110.58 74.11 -67.87
N PRO DB 164 -111.89 74.27 -67.94
CA PRO DB 164 -112.60 75.10 -66.97
C PRO DB 164 -112.72 74.39 -65.64
N ILE DB 165 -112.98 75.20 -64.60
CA ILE DB 165 -113.26 74.68 -63.27
C ILE DB 165 -114.61 75.11 -62.74
N THR DB 166 -115.28 76.06 -63.39
CA THR DB 166 -116.62 76.47 -63.00
C THR DB 166 -117.27 77.06 -64.25
N SER DB 167 -118.51 76.65 -64.53
CA SER DB 167 -119.24 77.16 -65.68
C SER DB 167 -119.55 78.64 -65.57
N TYR DB 168 -119.59 79.19 -64.36
CA TYR DB 168 -119.75 80.63 -64.17
C TYR DB 168 -118.49 81.33 -64.61
N THR DB 169 -118.49 81.89 -65.83
CA THR DB 169 -117.35 82.55 -66.43
C THR DB 169 -117.67 84.01 -66.72
N LEU DB 170 -118.34 84.68 -65.79
CA LEU DB 170 -118.72 86.07 -66.02
C LEU DB 170 -117.52 87.01 -65.91
N GLY DB 171 -116.69 86.80 -64.90
CA GLY DB 171 -115.58 87.70 -64.67
C GLY DB 171 -114.45 87.51 -65.67
N GLY DB 172 -113.53 88.46 -65.66
CA GLY DB 172 -112.37 88.40 -66.53
C GLY DB 172 -111.21 87.73 -65.86
N ASP DB 173 -110.13 88.47 -65.62
CA ASP DB 173 -109.00 87.92 -64.90
C ASP DB 173 -109.30 87.72 -63.42
N ARG DB 174 -110.33 88.39 -62.90
CA ARG DB 174 -110.78 88.15 -61.53
C ARG DB 174 -111.46 86.81 -61.37
N SER DB 175 -111.91 86.20 -62.47
CA SER DB 175 -112.55 84.88 -62.38
C SER DB 175 -111.51 83.83 -62.00
N PRO DB 176 -111.86 82.89 -61.11
CA PRO DB 176 -110.85 82.00 -60.53
C PRO DB 176 -110.33 80.92 -61.46
N ASN DB 177 -110.85 80.81 -62.69
CA ASN DB 177 -110.28 79.86 -63.63
C ASN DB 177 -108.88 80.27 -64.06
N ALA DB 178 -108.64 81.58 -64.20
CA ALA DB 178 -107.31 82.09 -64.47
C ALA DB 178 -106.48 82.01 -63.20
N ARG DB 179 -105.52 81.09 -63.18
CA ARG DB 179 -104.84 80.70 -61.96
C ARG DB 179 -103.58 79.92 -62.32
N VAL DB 180 -102.89 79.45 -61.29
CA VAL DB 180 -101.75 78.54 -61.44
C VAL DB 180 -101.89 77.43 -60.42
N GLU DB 181 -101.53 76.22 -60.81
CA GLU DB 181 -101.63 75.06 -59.93
C GLU DB 181 -100.30 74.33 -59.91
N ILE DB 182 -99.84 74.00 -58.70
CA ILE DB 182 -98.61 73.27 -58.49
C ILE DB 182 -98.96 71.97 -57.79
N THR DB 183 -98.45 70.86 -58.30
CA THR DB 183 -98.75 69.55 -57.76
C THR DB 183 -97.47 68.75 -57.57
N PHE DB 184 -97.50 67.87 -56.57
CA PHE DB 184 -96.42 66.92 -56.38
C PHE DB 184 -96.91 65.73 -55.56
N ARG DB 185 -96.03 64.75 -55.42
CA ARG DB 185 -96.21 63.60 -54.56
C ARG DB 185 -95.07 63.55 -53.56
N ARG DB 186 -95.39 63.45 -52.28
CA ARG DB 186 -94.38 63.41 -51.23
C ARG DB 186 -93.64 62.08 -51.29
N ALA DB 187 -92.34 62.13 -51.57
CA ALA DB 187 -91.52 60.92 -51.69
C ALA DB 187 -91.02 60.56 -50.31
N VAL DB 188 -91.80 59.76 -49.60
CA VAL DB 188 -91.56 59.30 -48.22
C VAL DB 188 -91.30 60.45 -47.26
N CYS EB 42 -96.63 105.39 -55.50
CA CYS EB 42 -95.66 106.45 -55.29
C CYS EB 42 -94.39 106.20 -56.10
N PHE EB 43 -93.92 104.96 -56.09
CA PHE EB 43 -92.70 104.59 -56.79
C PHE EB 43 -92.70 103.09 -57.08
N HIS EB 44 -92.21 102.73 -58.27
CA HIS EB 44 -92.05 101.34 -58.62
C HIS EB 44 -90.58 100.96 -58.59
N PRO EB 45 -90.19 99.98 -57.78
CA PRO EB 45 -88.81 99.45 -57.83
C PRO EB 45 -88.45 98.90 -59.20
N PRO EB 46 -89.40 98.32 -60.00
CA PRO EB 46 -88.96 98.17 -61.40
C PRO EB 46 -88.99 99.48 -62.19
N TYR EB 47 -87.89 100.24 -62.04
CA TYR EB 47 -87.49 101.36 -62.89
C TYR EB 47 -88.51 102.51 -62.92
N ASN EB 48 -89.41 102.55 -61.93
CA ASN EB 48 -90.54 103.49 -61.86
C ASN EB 48 -91.41 103.43 -63.12
N ASN EB 49 -91.48 102.25 -63.73
CA ASN EB 49 -92.20 101.98 -64.99
C ASN EB 49 -91.76 102.91 -66.11
N PHE EB 50 -90.47 103.27 -66.12
CA PHE EB 50 -89.84 104.15 -67.11
C PHE EB 50 -90.56 105.49 -67.22
N GLN EB 51 -90.56 106.21 -66.10
CA GLN EB 51 -91.14 107.54 -65.99
C GLN EB 51 -90.13 108.45 -65.32
N PRO EB 52 -90.16 109.76 -65.63
CA PRO EB 52 -89.27 110.70 -64.93
C PRO EB 52 -89.59 110.82 -63.45
N ASP EB 53 -88.65 110.36 -62.63
CA ASP EB 53 -88.88 110.31 -61.19
C ASP EB 53 -88.78 111.71 -60.59
N ARG EB 54 -89.56 111.93 -59.53
CA ARG EB 54 -89.53 113.19 -58.78
C ARG EB 54 -89.20 112.88 -57.32
N ARG EB 55 -88.22 113.60 -56.78
CA ARG EB 55 -87.77 113.42 -55.41
C ARG EB 55 -87.93 114.69 -54.58
N ALA EB 56 -87.65 115.86 -55.18
CA ALA EB 56 -87.53 117.10 -54.42
C ALA EB 56 -88.86 117.58 -53.89
N VAL EB 57 -89.95 117.34 -54.63
CA VAL EB 57 -91.27 117.75 -54.15
C VAL EB 57 -91.68 116.93 -52.94
N LYS EB 58 -91.37 115.62 -52.95
CA LYS EB 58 -91.61 114.79 -51.78
C LYS EB 58 -90.73 115.20 -50.60
N ARG EB 59 -89.48 115.59 -50.89
CA ARG EB 59 -88.59 116.03 -49.83
C ARG EB 59 -89.05 117.33 -49.19
N VAL EB 60 -89.50 118.30 -49.99
CA VAL EB 60 -89.97 119.55 -49.39
C VAL EB 60 -91.35 119.36 -48.75
N GLY EB 61 -92.12 118.38 -49.22
CA GLY EB 61 -93.38 118.06 -48.57
C GLY EB 61 -93.18 117.47 -47.18
N VAL EB 62 -92.23 116.53 -47.05
CA VAL EB 62 -91.96 115.99 -45.73
C VAL EB 62 -91.15 116.96 -44.87
N ASP EB 63 -90.51 117.96 -45.47
CA ASP EB 63 -89.91 119.02 -44.67
C ASP EB 63 -90.97 119.94 -44.10
N THR EB 64 -91.94 120.35 -44.92
CA THR EB 64 -92.97 121.29 -44.46
C THR EB 64 -94.11 120.61 -43.71
N GLY EB 65 -94.18 119.28 -43.71
CA GLY EB 65 -95.22 118.58 -42.98
C GLY EB 65 -95.05 118.61 -41.48
N GLY EB 88 -88.63 123.33 -43.07
CA GLY EB 88 -88.69 124.56 -43.84
C GLY EB 88 -88.64 124.33 -45.34
N GLY EB 89 -89.38 125.16 -46.09
CA GLY EB 89 -89.37 125.05 -47.53
C GLY EB 89 -88.03 125.42 -48.13
N THR EB 90 -87.39 126.45 -47.58
CA THR EB 90 -86.08 126.87 -48.07
C THR EB 90 -85.00 125.84 -47.77
N VAL EB 91 -85.05 125.23 -46.58
CA VAL EB 91 -84.03 124.23 -46.26
C VAL EB 91 -84.31 122.92 -47.02
N GLY EB 92 -85.57 122.64 -47.34
CA GLY EB 92 -85.87 121.55 -48.25
C GLY EB 92 -85.35 121.82 -49.65
N LEU EB 93 -85.47 123.08 -50.10
CA LEU EB 93 -84.93 123.47 -51.40
C LEU EB 93 -83.41 123.37 -51.43
N VAL EB 94 -82.74 123.74 -50.33
CA VAL EB 94 -81.28 123.67 -50.34
C VAL EB 94 -80.81 122.23 -50.22
N ALA EB 95 -81.59 121.36 -49.55
CA ALA EB 95 -81.27 119.94 -49.55
C ALA EB 95 -81.48 119.34 -50.94
N SER EB 96 -82.50 119.82 -51.66
CA SER EB 96 -82.73 119.38 -53.03
C SER EB 96 -81.61 119.79 -53.95
N ILE EB 97 -81.15 121.05 -53.84
CA ILE EB 97 -80.08 121.49 -54.73
C ILE EB 97 -78.73 120.92 -54.32
N TYR EB 98 -78.58 120.47 -53.08
CA TYR EB 98 -77.38 119.71 -52.75
C TYR EB 98 -77.46 118.30 -53.30
N ARG EB 99 -78.63 117.65 -53.21
CA ARG EB 99 -78.72 116.25 -53.60
C ARG EB 99 -78.81 116.05 -55.10
N ASP EB 100 -79.22 117.07 -55.87
CA ASP EB 100 -79.26 116.91 -57.31
C ASP EB 100 -77.94 117.28 -57.98
N SER EB 101 -76.98 117.80 -57.21
CA SER EB 101 -75.71 118.24 -57.76
C SER EB 101 -74.87 117.06 -58.23
N LYS EB 102 -74.03 117.33 -59.23
CA LYS EB 102 -73.26 116.28 -59.90
C LYS EB 102 -72.22 115.65 -58.97
N ARG EB 103 -71.65 116.44 -58.05
CA ARG EB 103 -70.74 115.90 -57.05
C ARG EB 103 -71.46 114.91 -56.13
N LYS EB 104 -72.71 115.21 -55.77
CA LYS EB 104 -73.48 114.31 -54.93
C LYS EB 104 -73.78 113.00 -55.65
N ILE EB 105 -74.10 113.08 -56.94
CA ILE EB 105 -74.37 111.88 -57.73
C ILE EB 105 -73.09 111.07 -57.90
N ILE EB 106 -71.95 111.76 -58.07
CA ILE EB 106 -70.67 111.08 -58.18
C ILE EB 106 -70.32 110.36 -56.88
N ARG EB 107 -70.58 111.00 -55.75
CA ARG EB 107 -70.37 110.35 -54.46
C ARG EB 107 -71.33 109.19 -54.25
N ASP EB 108 -72.54 109.29 -54.79
CA ASP EB 108 -73.47 108.17 -54.76
C ASP EB 108 -72.96 106.99 -55.57
N LEU EB 109 -72.39 107.27 -56.75
CA LEU EB 109 -71.86 106.18 -57.56
C LEU EB 109 -70.56 105.63 -56.97
N GLN EB 110 -69.86 106.42 -56.17
CA GLN EB 110 -68.69 105.91 -55.46
C GLN EB 110 -69.11 105.05 -54.27
N LYS EB 111 -70.23 105.40 -53.62
CA LYS EB 111 -70.84 104.49 -52.65
C LYS EB 111 -71.26 103.20 -53.34
N GLN EB 112 -71.82 103.32 -54.54
CA GLN EB 112 -72.05 102.17 -55.40
C GLN EB 112 -70.72 101.61 -55.90
N ASP EB 113 -70.81 100.48 -56.56
CA ASP EB 113 -69.62 99.88 -57.15
C ASP EB 113 -69.45 100.30 -58.60
N ILE EB 114 -69.50 101.60 -58.88
CA ILE EB 114 -69.40 102.12 -60.24
C ILE EB 114 -68.24 103.10 -60.27
N GLN EB 115 -67.36 102.96 -61.26
CA GLN EB 115 -66.20 103.84 -61.37
C GLN EB 115 -66.41 104.88 -62.45
N TYR EB 116 -66.10 106.13 -62.14
CA TYR EB 116 -66.21 107.24 -63.09
C TYR EB 116 -64.83 107.80 -63.37
N VAL EB 117 -64.57 108.11 -64.64
CA VAL EB 117 -63.33 108.76 -65.05
C VAL EB 117 -63.69 109.94 -65.95
N GLU EB 118 -63.16 111.11 -65.62
CA GLU EB 118 -63.20 112.25 -66.51
C GLU EB 118 -61.77 112.61 -66.92
N TYR EB 119 -61.59 112.88 -68.21
CA TYR EB 119 -60.27 113.24 -68.72
C TYR EB 119 -60.46 114.10 -69.96
N GLY EB 120 -60.25 115.40 -69.82
CA GLY EB 120 -60.35 116.32 -70.95
C GLY EB 120 -61.76 116.48 -71.46
N ASP EB 121 -62.04 115.91 -72.63
CA ASP EB 121 -63.35 115.98 -73.24
C ASP EB 121 -64.15 114.69 -73.08
N THR EB 122 -63.47 113.57 -72.90
CA THR EB 122 -64.10 112.26 -72.91
C THR EB 122 -64.40 111.80 -71.49
N ARG EB 123 -65.59 111.26 -71.29
CA ARG EB 123 -66.00 110.78 -69.98
C ARG EB 123 -66.39 109.32 -70.07
N THR EB 124 -65.94 108.53 -69.10
CA THR EB 124 -66.05 107.08 -69.14
C THR EB 124 -66.55 106.52 -67.81
N LEU EB 125 -67.21 105.38 -67.90
CA LEU EB 125 -67.82 104.70 -66.77
C LEU EB 125 -67.50 103.22 -66.81
N ILE EB 126 -67.24 102.66 -65.63
CA ILE EB 126 -66.85 101.26 -65.47
C ILE EB 126 -67.86 100.58 -64.57
N ILE EB 127 -68.40 99.47 -65.05
CA ILE EB 127 -69.54 98.78 -64.44
C ILE EB 127 -69.21 97.31 -64.26
N PRO EB 128 -69.42 96.74 -63.06
CA PRO EB 128 -69.09 95.33 -62.82
C PRO EB 128 -70.19 94.37 -63.22
N THR EB 129 -69.82 93.44 -64.08
CA THR EB 129 -70.78 92.52 -64.69
C THR EB 129 -71.36 91.55 -63.67
N ASP EB 130 -70.55 91.16 -62.69
CA ASP EB 130 -70.97 90.12 -61.74
C ASP EB 130 -72.05 90.65 -60.79
N LYS EB 131 -71.86 91.84 -60.25
CA LYS EB 131 -72.86 92.43 -59.37
C LYS EB 131 -73.92 93.20 -60.12
N TYR EB 132 -73.80 93.35 -61.44
CA TYR EB 132 -74.86 94.02 -62.19
C TYR EB 132 -75.51 93.14 -63.24
N PHE EB 133 -75.29 91.83 -63.20
CA PHE EB 133 -76.03 90.91 -64.05
C PHE EB 133 -76.31 89.62 -63.29
N MET EB 134 -77.29 88.89 -63.78
CA MET EB 134 -77.42 87.50 -63.38
C MET EB 134 -76.24 86.71 -63.92
N PHE EB 135 -75.88 85.64 -63.20
CA PHE EB 135 -74.62 84.95 -63.45
C PHE EB 135 -74.66 84.17 -64.75
N SER EB 136 -73.63 84.35 -65.57
CA SER EB 136 -73.38 83.61 -66.82
C SER EB 136 -74.56 83.72 -67.79
N SER EB 137 -75.18 84.89 -67.83
CA SER EB 137 -76.39 85.10 -68.60
C SER EB 137 -76.40 86.52 -69.13
N PRO EB 138 -77.08 86.78 -70.24
CA PRO EB 138 -77.35 88.17 -70.64
C PRO EB 138 -78.41 88.85 -69.80
N ARG EB 139 -79.06 88.14 -68.89
CA ARG EB 139 -80.04 88.74 -68.01
C ARG EB 139 -79.34 89.64 -66.99
N LEU EB 140 -80.15 90.47 -66.35
CA LEU EB 140 -79.68 91.51 -65.45
C LEU EB 140 -80.11 91.22 -64.02
N ASN EB 141 -79.25 91.56 -63.07
CA ASN EB 141 -79.63 91.53 -61.66
C ASN EB 141 -80.40 92.79 -61.32
N GLU EB 142 -81.61 92.63 -60.82
CA GLU EB 142 -82.49 93.77 -60.56
C GLU EB 142 -82.36 94.32 -59.15
N ILE EB 143 -81.46 93.79 -58.33
CA ILE EB 143 -81.28 94.33 -56.99
C ILE EB 143 -80.62 95.70 -57.04
N CYS EB 144 -79.64 95.88 -57.92
CA CYS EB 144 -78.85 97.10 -57.98
C CYS EB 144 -79.46 98.16 -58.89
N TYR EB 145 -80.78 98.18 -59.01
CA TYR EB 145 -81.46 99.22 -59.78
C TYR EB 145 -81.27 100.67 -59.33
N PRO EB 146 -80.96 101.03 -58.06
CA PRO EB 146 -80.61 102.44 -57.80
C PRO EB 146 -79.37 102.91 -58.54
N GLY EB 147 -78.39 102.02 -58.76
CA GLY EB 147 -77.25 102.37 -59.59
C GLY EB 147 -77.65 102.68 -61.02
N LEU EB 148 -78.59 101.89 -61.56
CA LEU EB 148 -79.07 102.13 -62.92
C LEU EB 148 -79.83 103.45 -63.01
N ASN EB 149 -80.68 103.73 -62.01
CA ASN EB 149 -81.44 104.97 -62.02
C ASN EB 149 -80.53 106.19 -61.88
N ASN EB 150 -79.50 106.08 -61.05
CA ASN EB 150 -78.53 107.17 -60.94
C ASN EB 150 -77.71 107.32 -62.20
N VAL EB 151 -77.43 106.20 -62.89
CA VAL EB 151 -76.72 106.25 -64.16
C VAL EB 151 -77.53 107.01 -65.20
N ILE EB 152 -78.84 106.74 -65.25
CA ILE EB 152 -79.69 107.42 -66.21
C ILE EB 152 -79.85 108.90 -65.84
N ARG EB 153 -79.97 109.18 -64.54
CA ARG EB 153 -80.10 110.57 -64.10
C ARG EB 153 -78.84 111.37 -64.36
N LEU EB 154 -77.67 110.74 -64.24
CA LEU EB 154 -76.43 111.43 -64.55
C LEU EB 154 -76.26 111.61 -66.06
N LEU EB 155 -76.61 110.59 -66.84
CA LEU EB 155 -76.50 110.68 -68.29
C LEU EB 155 -77.52 111.63 -68.89
N ASN EB 156 -78.54 112.03 -68.14
CA ASN EB 156 -79.44 113.08 -68.59
C ASN EB 156 -78.73 114.43 -68.75
N PHE EB 157 -77.61 114.64 -68.05
CA PHE EB 157 -76.91 115.91 -68.10
C PHE EB 157 -76.07 116.09 -69.36
N TYR EB 158 -75.96 115.08 -70.22
CA TYR EB 158 -75.15 115.15 -71.43
C TYR EB 158 -76.03 114.79 -72.63
N PRO EB 159 -76.92 115.70 -73.04
CA PRO EB 159 -77.94 115.35 -74.04
C PRO EB 159 -77.48 115.46 -75.48
N GLN EB 160 -76.19 115.64 -75.74
CA GLN EB 160 -75.73 115.93 -77.09
C GLN EB 160 -74.81 114.87 -77.66
N SER EB 161 -73.82 114.43 -76.90
CA SER EB 161 -72.78 113.58 -77.45
C SER EB 161 -73.27 112.17 -77.68
N THR EB 162 -72.70 111.53 -78.69
CA THR EB 162 -72.96 110.12 -78.96
C THR EB 162 -72.20 109.26 -77.97
N ILE EB 163 -72.67 108.03 -77.79
CA ILE EB 163 -72.16 107.13 -76.76
C ILE EB 163 -71.68 105.84 -77.40
N TYR EB 164 -70.54 105.35 -76.93
CA TYR EB 164 -70.09 103.99 -77.18
C TYR EB 164 -70.20 103.20 -75.88
N VAL EB 165 -70.62 101.96 -75.99
CA VAL EB 165 -70.60 101.03 -74.86
C VAL EB 165 -69.93 99.74 -75.31
N ALA EB 166 -69.19 99.11 -74.40
CA ALA EB 166 -68.47 97.90 -74.77
C ALA EB 166 -68.39 96.97 -73.57
N GLY EB 167 -68.28 95.69 -73.86
CA GLY EB 167 -68.23 94.66 -72.83
C GLY EB 167 -66.94 93.86 -72.92
N PHE EB 168 -66.48 93.36 -71.77
CA PHE EB 168 -65.22 92.62 -71.70
C PHE EB 168 -65.35 91.45 -70.73
N THR EB 169 -64.65 90.35 -71.06
CA THR EB 169 -64.70 89.13 -70.26
C THR EB 169 -63.32 88.52 -70.04
N ASP EB 170 -63.28 87.29 -69.54
CA ASP EB 170 -62.05 86.59 -69.24
C ASP EB 170 -61.54 85.88 -70.48
N ASN EB 171 -60.57 84.97 -70.29
CA ASN EB 171 -59.84 84.36 -71.40
C ASN EB 171 -60.01 82.84 -71.45
N VAL EB 172 -61.09 82.30 -70.90
CA VAL EB 172 -61.28 80.86 -70.78
C VAL EB 172 -62.58 80.48 -71.48
N GLY EB 173 -62.48 79.52 -72.39
CA GLY EB 173 -63.62 79.02 -73.13
C GLY EB 173 -63.45 79.21 -74.63
N SER EB 174 -64.52 78.96 -75.36
CA SER EB 174 -64.52 79.20 -76.80
C SER EB 174 -64.49 80.69 -77.09
N ARG EB 175 -63.64 81.06 -78.07
CA ARG EB 175 -63.53 82.46 -78.48
C ARG EB 175 -64.85 82.97 -79.04
N SER EB 176 -65.50 82.15 -79.85
CA SER EB 176 -66.81 82.50 -80.40
C SER EB 176 -67.84 82.67 -79.30
N HIS EB 177 -67.78 81.80 -78.28
CA HIS EB 177 -68.68 81.93 -77.14
C HIS EB 177 -68.44 83.22 -76.37
N LYS EB 178 -67.17 83.59 -76.19
CA LYS EB 178 -66.82 84.82 -75.47
C LYS EB 178 -67.35 86.04 -76.21
N ARG EB 179 -67.10 86.12 -77.52
CA ARG EB 179 -67.55 87.30 -78.25
C ARG EB 179 -69.07 87.32 -78.41
N LYS EB 180 -69.72 86.15 -78.47
CA LYS EB 180 -71.17 86.10 -78.53
C LYS EB 180 -71.80 86.61 -77.24
N LEU EB 181 -71.28 86.15 -76.09
CA LEU EB 181 -71.78 86.61 -74.81
C LEU EB 181 -71.54 88.09 -74.61
N SER EB 182 -70.36 88.57 -75.04
CA SER EB 182 -70.03 89.98 -74.92
C SER EB 182 -70.94 90.85 -75.76
N GLN EB 183 -71.18 90.45 -77.01
CA GLN EB 183 -72.03 91.23 -77.89
C GLN EB 183 -73.48 91.21 -77.41
N ALA EB 184 -73.94 90.07 -76.88
CA ALA EB 184 -75.30 89.99 -76.36
C ALA EB 184 -75.46 90.90 -75.14
N GLN EB 185 -74.47 90.90 -74.25
CA GLN EB 185 -74.54 91.74 -73.06
C GLN EB 185 -74.52 93.22 -73.44
N ALA EB 186 -73.68 93.58 -74.41
CA ALA EB 186 -73.60 94.98 -74.85
C ALA EB 186 -74.89 95.43 -75.51
N GLU EB 187 -75.50 94.56 -76.32
CA GLU EB 187 -76.74 94.94 -76.99
C GLU EB 187 -77.88 95.07 -76.00
N THR EB 188 -77.92 94.22 -74.97
CA THR EB 188 -78.92 94.37 -73.93
C THR EB 188 -78.73 95.67 -73.15
N MET EB 189 -77.49 96.02 -72.86
CA MET EB 189 -77.20 97.25 -72.13
C MET EB 189 -77.60 98.48 -72.93
N MET EB 190 -77.29 98.49 -74.23
CA MET EB 190 -77.66 99.64 -75.04
C MET EB 190 -79.16 99.67 -75.31
N THR EB 191 -79.82 98.52 -75.27
CA THR EB 191 -81.27 98.48 -75.35
C THR EB 191 -81.90 99.14 -74.14
N PHE EB 192 -81.40 98.82 -72.95
CA PHE EB 192 -81.89 99.46 -71.74
C PHE EB 192 -81.58 100.96 -71.74
N LEU EB 193 -80.44 101.34 -72.32
CA LEU EB 193 -80.14 102.76 -72.46
C LEU EB 193 -81.12 103.46 -73.39
N TRP EB 194 -81.50 102.79 -74.48
CA TRP EB 194 -82.51 103.34 -75.38
C TRP EB 194 -83.88 103.41 -74.72
N ALA EB 195 -84.14 102.52 -73.77
CA ALA EB 195 -85.43 102.47 -73.08
C ALA EB 195 -85.68 103.68 -72.18
N ASN EB 196 -84.68 104.51 -71.93
CA ASN EB 196 -84.83 105.69 -71.08
C ASN EB 196 -85.09 106.95 -71.89
N GLY EB 197 -85.35 106.84 -73.18
CA GLY EB 197 -85.75 107.97 -73.99
C GLY EB 197 -84.67 108.59 -74.84
N ILE EB 198 -83.46 108.03 -74.84
CA ILE EB 198 -82.38 108.56 -75.65
C ILE EB 198 -82.59 108.14 -77.10
N ALA EB 199 -82.29 109.04 -78.03
CA ALA EB 199 -82.51 108.79 -79.45
C ALA EB 199 -81.59 107.71 -79.97
N ALA EB 200 -82.11 106.90 -80.90
CA ALA EB 200 -81.42 105.70 -81.34
C ALA EB 200 -80.17 105.98 -82.16
N LYS EB 201 -80.04 107.19 -82.71
CA LYS EB 201 -78.84 107.53 -83.46
C LYS EB 201 -77.66 107.86 -82.56
N ARG EB 202 -77.86 107.98 -81.26
CA ARG EB 202 -76.83 108.41 -80.34
C ARG EB 202 -76.10 107.25 -79.67
N LEU EB 203 -76.32 106.01 -80.12
CA LEU EB 203 -75.82 104.85 -79.40
C LEU EB 203 -75.06 103.90 -80.33
N LYS EB 204 -73.95 103.37 -79.83
CA LYS EB 204 -73.24 102.29 -80.50
C LYS EB 204 -72.73 101.31 -79.45
N ALA EB 205 -72.90 100.02 -79.72
CA ALA EB 205 -72.52 98.98 -78.78
C ALA EB 205 -71.48 98.04 -79.40
N GLU EB 206 -70.66 97.45 -78.54
CA GLU EB 206 -69.66 96.49 -78.97
C GLU EB 206 -69.28 95.58 -77.81
N GLY EB 207 -69.09 94.30 -78.11
CA GLY EB 207 -68.65 93.38 -77.10
C GLY EB 207 -67.36 92.69 -77.50
N TYR EB 208 -66.28 92.99 -76.80
CA TYR EB 208 -65.01 92.35 -77.04
C TYR EB 208 -64.81 91.20 -76.07
N GLY EB 209 -63.94 90.28 -76.45
CA GLY EB 209 -63.67 89.14 -75.60
C GLY EB 209 -62.47 89.41 -74.71
N ASP EB 210 -61.36 88.76 -74.99
CA ASP EB 210 -60.09 88.99 -74.30
C ASP EB 210 -59.13 89.73 -75.22
N LYS EB 211 -59.66 90.69 -75.98
CA LYS EB 211 -58.85 91.37 -76.99
C LYS EB 211 -57.86 92.34 -76.35
N ASN EB 212 -58.31 93.14 -75.38
CA ASN EB 212 -57.43 94.11 -74.72
C ASN EB 212 -57.73 94.05 -73.22
N ALA EB 213 -56.96 93.23 -72.51
CA ALA EB 213 -57.14 93.06 -71.09
C ALA EB 213 -56.41 94.15 -70.33
N ILE EB 214 -57.16 94.91 -69.53
CA ILE EB 214 -56.54 95.93 -68.67
C ILE EB 214 -55.97 95.33 -67.41
N SER EB 215 -56.20 94.05 -67.17
CA SER EB 215 -55.65 93.36 -66.01
C SER EB 215 -55.13 92.01 -66.50
N ASP EB 216 -54.75 91.15 -65.56
CA ASP EB 216 -54.22 89.84 -65.89
C ASP EB 216 -55.16 88.76 -65.40
N ASN EB 217 -55.41 87.78 -66.27
CA ASN EB 217 -56.30 86.68 -65.90
C ASN EB 217 -55.59 85.55 -65.18
N ALA EB 218 -54.25 85.54 -65.15
CA ALA EB 218 -53.53 84.48 -64.44
C ALA EB 218 -53.63 84.64 -62.94
N ILE EB 219 -53.93 85.83 -62.44
CA ILE EB 219 -54.22 86.07 -61.04
C ILE EB 219 -55.73 86.16 -60.91
N ILE EB 220 -56.28 85.55 -59.85
CA ILE EB 220 -57.72 85.36 -59.72
C ILE EB 220 -58.43 86.69 -59.50
N HIS EB 221 -57.88 87.54 -58.63
CA HIS EB 221 -58.50 88.84 -58.38
C HIS EB 221 -58.43 89.74 -59.61
N GLY EB 222 -57.31 89.70 -60.33
CA GLY EB 222 -57.21 90.42 -61.58
C GLY EB 222 -58.15 89.89 -62.65
N SER EB 223 -58.39 88.58 -62.66
CA SER EB 223 -59.33 88.01 -63.61
C SER EB 223 -60.76 88.41 -63.28
N ALA EB 224 -61.08 88.53 -62.00
CA ALA EB 224 -62.37 89.08 -61.61
C ALA EB 224 -62.48 90.55 -61.99
N GLN EB 225 -61.37 91.29 -61.89
CA GLN EB 225 -61.38 92.69 -62.28
C GLN EB 225 -61.39 92.88 -63.79
N ASN EB 226 -61.04 91.86 -64.56
CA ASN EB 226 -60.90 92.03 -66.00
C ASN EB 226 -62.24 92.17 -66.69
N ARG EB 227 -63.22 91.34 -66.34
CA ARG EB 227 -64.52 91.40 -67.00
C ARG EB 227 -65.27 92.65 -66.52
N ARG EB 228 -65.83 93.39 -67.47
CA ARG EB 228 -66.26 94.75 -67.17
C ARG EB 228 -67.21 95.24 -68.25
N ILE EB 229 -67.86 96.36 -67.96
CA ILE EB 229 -68.60 97.13 -68.94
C ILE EB 229 -68.01 98.53 -68.96
N GLU EB 230 -67.57 98.98 -70.14
CA GLU EB 230 -67.07 100.34 -70.29
C GLU EB 230 -68.07 101.16 -71.09
N ILE EB 231 -68.19 102.43 -70.69
CA ILE EB 231 -69.03 103.41 -71.38
C ILE EB 231 -68.17 104.62 -71.67
N GLN EB 232 -68.11 105.02 -72.94
CA GLN EB 232 -67.36 106.19 -73.37
C GLN EB 232 -68.31 107.17 -74.02
N TRP EB 233 -68.15 108.47 -73.72
CA TRP EB 233 -68.86 109.46 -74.50
C TRP EB 233 -68.06 110.73 -74.62
N PHE EB 234 -68.23 111.40 -75.76
CA PHE EB 234 -67.50 112.59 -76.13
C PHE EB 234 -68.13 113.81 -75.46
N THR EB 235 -67.74 114.99 -75.93
CA THR EB 235 -68.38 116.24 -75.55
C THR EB 235 -69.29 116.77 -76.65
N SER EB 236 -68.77 116.93 -77.86
CA SER EB 236 -69.58 117.39 -78.98
C SER EB 236 -70.38 116.24 -79.55
N LEU FB 113 -95.22 112.59 -119.21
CA LEU FB 113 -95.81 112.99 -117.93
C LEU FB 113 -94.73 113.26 -116.88
N ASN FB 114 -94.88 114.37 -116.18
CA ASN FB 114 -93.97 114.74 -115.11
C ASN FB 114 -94.66 114.93 -113.78
N ARG FB 115 -95.82 115.59 -113.76
CA ARG FB 115 -96.57 115.80 -112.53
C ARG FB 115 -98.05 115.84 -112.87
N PHE FB 116 -98.86 115.05 -112.16
CA PHE FB 116 -100.29 115.05 -112.35
C PHE FB 116 -101.01 115.12 -111.01
N ARG FB 117 -102.03 115.96 -110.95
CA ARG FB 117 -102.92 116.06 -109.81
C ARG FB 117 -104.34 115.80 -110.28
N TYR FB 118 -105.08 115.01 -109.51
CA TYR FB 118 -106.50 114.81 -109.79
C TYR FB 118 -107.34 115.16 -108.59
N GLU FB 119 -108.40 115.95 -108.85
CA GLU FB 119 -109.42 116.31 -107.89
C GLU FB 119 -110.77 116.25 -108.59
N GLY FB 120 -111.77 115.72 -107.91
CA GLY FB 120 -113.13 115.81 -108.42
C GLY FB 120 -113.79 114.54 -108.91
N ALA FB 121 -113.59 113.42 -108.20
CA ALA FB 121 -114.40 112.20 -108.28
C ALA FB 121 -114.43 111.58 -109.68
N GLY FB 122 -113.24 111.11 -110.10
CA GLY FB 122 -113.12 110.43 -111.38
C GLY FB 122 -112.25 109.19 -111.28
N VAL FB 123 -112.30 108.40 -112.35
CA VAL FB 123 -111.56 107.14 -112.44
C VAL FB 123 -110.48 107.32 -113.50
N VAL FB 124 -109.23 107.06 -113.11
CA VAL FB 124 -108.08 107.19 -114.01
C VAL FB 124 -107.38 105.84 -114.11
N THR FB 125 -107.18 105.37 -115.33
CA THR FB 125 -106.54 104.10 -115.62
C THR FB 125 -105.35 104.32 -116.55
N GLY FB 126 -104.21 103.75 -116.20
CA GLY FB 126 -103.03 103.84 -117.03
C GLY FB 126 -102.11 102.64 -116.91
N ASN FB 127 -101.51 102.22 -118.02
CA ASN FB 127 -100.63 101.05 -117.99
C ASN FB 127 -99.50 101.26 -118.98
N ASN FB 128 -98.40 100.53 -118.73
CA ASN FB 128 -97.21 100.47 -119.59
C ASN FB 128 -96.58 101.86 -119.79
N LEU FB 129 -96.39 102.58 -118.69
CA LEU FB 129 -95.79 103.90 -118.70
C LEU FB 129 -94.35 103.82 -118.20
N ARG FB 130 -93.42 104.34 -119.00
CA ARG FB 130 -92.01 104.35 -118.65
C ARG FB 130 -91.51 105.79 -118.57
N THR FB 131 -90.90 106.15 -117.45
CA THR FB 131 -90.37 107.48 -117.25
C THR FB 131 -89.27 107.41 -116.20
N SER FB 132 -88.49 108.48 -116.12
CA SER FB 132 -87.50 108.60 -115.06
C SER FB 132 -88.19 108.81 -113.71
N TYR FB 133 -89.13 109.74 -113.65
CA TYR FB 133 -89.84 110.10 -112.43
C TYR FB 133 -91.06 110.92 -112.79
N LEU FB 134 -92.17 110.67 -112.09
CA LEU FB 134 -93.32 111.57 -112.11
C LEU FB 134 -93.91 111.63 -110.72
N ASP FB 135 -94.63 112.72 -110.46
CA ASP FB 135 -95.28 112.96 -109.19
C ASP FB 135 -96.79 112.89 -109.34
N LEU FB 136 -97.45 112.35 -108.32
CA LEU FB 136 -98.90 112.20 -108.29
C LEU FB 136 -99.45 112.90 -107.07
N TYR FB 137 -100.56 113.61 -107.27
CA TYR FB 137 -101.41 114.07 -106.17
C TYR FB 137 -102.82 113.58 -106.44
N LEU FB 138 -103.43 112.97 -105.42
CA LEU FB 138 -104.75 112.38 -105.54
C LEU FB 138 -105.68 112.97 -104.50
N ALA FB 139 -106.90 113.28 -104.93
CA ALA FB 139 -107.93 113.73 -104.00
C ALA FB 139 -109.28 113.29 -104.54
N ASN FB 140 -110.28 113.34 -103.64
CA ASN FB 140 -111.70 113.16 -103.94
C ASN FB 140 -111.98 111.79 -104.57
N GLU FB 141 -111.73 110.75 -103.77
CA GLU FB 141 -111.94 109.32 -104.06
C GLU FB 141 -111.51 108.92 -105.47
N GLY FB 142 -110.31 109.38 -105.85
CA GLY FB 142 -109.79 109.10 -107.17
C GLY FB 142 -109.47 107.64 -107.38
N THR FB 143 -110.30 106.96 -108.17
CA THR FB 143 -110.14 105.54 -108.42
C THR FB 143 -109.02 105.36 -109.44
N THR FB 144 -107.83 105.06 -108.96
CA THR FB 144 -106.65 105.00 -109.79
C THR FB 144 -106.23 103.55 -109.97
N ARG FB 145 -106.16 103.13 -111.23
CA ARG FB 145 -105.64 101.82 -111.61
C ARG FB 145 -104.40 102.06 -112.46
N LEU FB 146 -103.26 101.54 -112.01
CA LEU FB 146 -101.99 101.78 -112.68
C LEU FB 146 -101.24 100.47 -112.83
N ALA FB 147 -100.69 100.25 -114.02
CA ALA FB 147 -99.92 99.04 -114.32
C ALA FB 147 -98.68 99.38 -115.15
N GLY FB 148 -98.00 100.45 -114.77
CA GLY FB 148 -96.76 100.85 -115.40
C GLY FB 148 -95.53 100.36 -114.65
N ASN FB 149 -94.38 100.95 -114.97
CA ASN FB 149 -93.14 100.73 -114.22
C ASN FB 149 -92.45 102.08 -114.10
N ILE FB 150 -92.74 102.79 -113.01
CA ILE FB 150 -92.30 104.16 -112.81
C ILE FB 150 -91.52 104.23 -111.52
N GLY FB 151 -90.30 104.77 -111.59
CA GLY FB 151 -89.57 105.08 -110.37
C GLY FB 151 -89.95 106.47 -109.88
N LEU FB 152 -90.86 106.53 -108.92
CA LEU FB 152 -91.35 107.81 -108.41
C LEU FB 152 -90.84 108.04 -107.00
N GLN FB 153 -90.31 109.24 -106.77
CA GLN FB 153 -89.81 109.61 -105.45
C GLN FB 153 -90.89 110.25 -104.60
N LYS FB 154 -91.88 110.88 -105.22
CA LYS FB 154 -92.94 111.55 -104.49
C LYS FB 154 -94.30 111.06 -104.95
N LEU FB 155 -95.20 110.90 -104.00
CA LEU FB 155 -96.59 110.54 -104.26
C LEU FB 155 -97.41 110.99 -103.07
N GLU FB 156 -98.53 111.66 -103.32
CA GLU FB 156 -99.35 112.20 -102.25
C GLU FB 156 -100.82 111.97 -102.57
N ALA FB 157 -101.56 111.49 -101.57
CA ALA FB 157 -103.00 111.33 -101.67
C ALA FB 157 -103.64 111.86 -100.40
N VAL FB 158 -104.83 112.42 -100.54
CA VAL FB 158 -105.52 112.96 -99.38
C VAL FB 158 -106.10 111.84 -98.52
N GLY FB 159 -107.01 111.07 -99.09
CA GLY FB 159 -107.68 110.02 -98.36
C GLY FB 159 -109.05 109.78 -98.95
N ASN FB 160 -109.82 108.93 -98.25
CA ASN FB 160 -111.20 108.58 -98.58
C ASN FB 160 -111.33 108.01 -99.99
N GLY FB 161 -110.35 107.21 -100.40
CA GLY FB 161 -110.36 106.64 -101.72
C GLY FB 161 -109.36 105.51 -101.82
N VAL FB 162 -109.48 104.75 -102.91
CA VAL FB 162 -108.67 103.58 -103.14
C VAL FB 162 -107.70 103.84 -104.30
N THR FB 163 -106.61 103.08 -104.31
CA THR FB 163 -105.59 103.20 -105.34
C THR FB 163 -104.86 101.88 -105.50
N GLN FB 164 -104.80 101.37 -106.74
CA GLN FB 164 -104.09 100.14 -107.04
C GLN FB 164 -103.01 100.44 -108.08
N ILE FB 165 -101.75 100.16 -107.73
CA ILE FB 165 -100.64 100.26 -108.66
C ILE FB 165 -99.90 98.93 -108.64
N ASN FB 166 -99.64 98.38 -109.82
CA ASN FB 166 -98.92 97.11 -109.95
C ASN FB 166 -97.59 97.38 -110.64
N GLY FB 167 -96.51 97.40 -109.84
CA GLY FB 167 -95.17 97.52 -110.37
C GLY FB 167 -94.60 98.92 -110.25
N VAL FB 168 -93.78 99.14 -109.22
CA VAL FB 168 -93.05 100.40 -109.05
C VAL FB 168 -91.62 100.03 -108.63
N SER FB 169 -90.64 100.53 -109.38
CA SER FB 169 -89.23 100.31 -109.08
C SER FB 169 -88.59 101.68 -108.85
N SER FB 170 -88.69 102.17 -107.62
CA SER FB 170 -88.10 103.45 -107.24
C SER FB 170 -87.09 103.23 -106.13
N ARG FB 171 -85.94 103.88 -106.25
CA ARG FB 171 -84.90 103.77 -105.23
C ARG FB 171 -85.16 104.66 -104.03
N ASN FB 172 -86.08 105.61 -104.13
CA ASN FB 172 -86.43 106.46 -103.00
C ASN FB 172 -87.91 106.78 -103.06
N LEU FB 173 -88.49 107.03 -101.90
CA LEU FB 173 -89.90 107.37 -101.81
C LEU FB 173 -90.14 108.15 -100.53
N GLN FB 174 -91.27 108.88 -100.52
CA GLN FB 174 -91.69 109.63 -99.34
C GLN FB 174 -93.20 109.79 -99.41
N ILE FB 175 -93.92 109.13 -98.51
CA ILE FB 175 -95.37 109.15 -98.47
C ILE FB 175 -95.82 109.70 -97.14
N VAL FB 176 -96.72 110.68 -97.17
CA VAL FB 176 -97.46 111.10 -95.98
C VAL FB 176 -98.94 111.12 -96.35
N LEU FB 177 -99.79 110.90 -95.35
CA LEU FB 177 -101.22 110.78 -95.57
C LEU FB 177 -101.96 111.56 -94.49
N LYS FB 178 -103.19 111.98 -94.82
CA LYS FB 178 -103.96 112.82 -93.92
C LYS FB 178 -105.37 112.29 -93.70
N GLY FB 179 -105.93 111.61 -94.69
CA GLY FB 179 -107.31 111.14 -94.57
C GLY FB 179 -107.42 109.65 -94.33
N ASP FB 180 -108.24 108.98 -95.13
CA ASP FB 180 -108.47 107.54 -95.01
C ASP FB 180 -108.26 106.87 -96.36
N PRO FB 181 -107.01 106.73 -96.82
CA PRO FB 181 -106.77 106.11 -98.12
C PRO FB 181 -106.52 104.61 -98.01
N LYS FB 182 -106.75 103.95 -99.14
CA LYS FB 182 -106.59 102.50 -99.26
C LYS FB 182 -105.76 102.26 -100.51
N VAL FB 183 -104.44 102.28 -100.36
CA VAL FB 183 -103.56 102.14 -101.51
C VAL FB 183 -102.82 100.81 -101.38
N LEU FB 184 -102.43 100.26 -102.53
CA LEU FB 184 -101.53 99.13 -102.54
C LEU FB 184 -100.73 99.18 -103.84
N ILE FB 185 -99.41 98.94 -103.71
CA ILE FB 185 -98.47 99.13 -104.80
C ILE FB 185 -97.55 97.92 -104.86
N SER FB 186 -97.47 97.28 -106.01
CA SER FB 186 -96.54 96.19 -106.24
C SER FB 186 -95.18 96.74 -106.68
N GLY FB 187 -94.16 95.90 -106.57
CA GLY FB 187 -92.82 96.30 -106.93
C GLY FB 187 -91.86 96.26 -105.75
N PHE FB 188 -90.75 96.97 -105.87
CA PHE FB 188 -89.77 97.04 -104.80
C PHE FB 188 -89.30 98.48 -104.63
N VAL FB 189 -89.29 98.96 -103.38
CA VAL FB 189 -88.94 100.34 -103.08
C VAL FB 189 -88.02 100.35 -101.86
N ASN FB 190 -86.88 101.04 -101.97
CA ASN FB 190 -86.03 101.33 -100.83
C ASN FB 190 -86.61 102.58 -100.15
N LEU FB 191 -87.58 102.35 -99.28
CA LEU FB 191 -88.21 103.46 -98.58
C LEU FB 191 -87.47 103.79 -97.29
N ARG FB 192 -87.67 105.01 -96.80
CA ARG FB 192 -86.93 105.54 -95.66
C ARG FB 192 -87.81 105.87 -94.47
N GLN FB 193 -88.85 106.68 -94.67
CA GLN FB 193 -89.63 107.19 -93.55
C GLN FB 193 -91.11 107.18 -93.88
N LEU FB 194 -91.92 106.73 -92.92
CA LEU FB 194 -93.36 106.74 -93.06
C LEU FB 194 -93.99 107.30 -91.78
N ASP FB 195 -94.97 108.19 -91.95
CA ASP FB 195 -95.62 108.87 -90.84
C ASP FB 195 -97.12 108.87 -91.10
N MET FB 196 -97.85 108.04 -90.35
CA MET FB 196 -99.27 107.83 -90.55
C MET FB 196 -100.07 108.46 -89.42
N TYR FB 197 -101.12 109.21 -89.78
CA TYR FB 197 -101.93 109.92 -88.81
C TYR FB 197 -103.42 109.76 -89.01
N GLY FB 198 -103.87 109.18 -90.12
CA GLY FB 198 -105.29 109.02 -90.37
C GLY FB 198 -105.77 107.59 -90.26
N LYS FB 199 -106.33 107.08 -91.35
CA LYS FB 199 -106.86 105.72 -91.44
C LYS FB 199 -106.30 105.02 -92.68
N GLY FB 200 -104.97 105.05 -92.81
CA GLY FB 200 -104.32 104.66 -94.04
C GLY FB 200 -104.00 103.18 -94.12
N THR FB 201 -104.30 102.57 -95.26
CA THR FB 201 -103.95 101.18 -95.52
C THR FB 201 -102.98 101.13 -96.69
N LEU FB 202 -101.86 100.43 -96.49
CA LEU FB 202 -100.79 100.35 -97.46
C LEU FB 202 -100.30 98.91 -97.56
N SER FB 203 -99.83 98.55 -98.75
CA SER FB 203 -99.37 97.19 -99.02
C SER FB 203 -98.33 97.21 -100.11
N LEU FB 204 -97.11 96.81 -99.75
CA LEU FB 204 -96.01 96.65 -100.71
C LEU FB 204 -95.53 95.21 -100.69
N TYR FB 205 -95.35 94.65 -101.88
CA TYR FB 205 -94.94 93.25 -101.97
C TYR FB 205 -93.47 93.07 -101.60
N TRP FB 206 -92.60 93.95 -102.08
CA TRP FB 206 -91.19 93.85 -101.81
C TRP FB 206 -90.65 95.20 -101.34
N ILE FB 207 -89.76 95.15 -100.36
CA ILE FB 207 -89.05 96.32 -99.87
C ILE FB 207 -87.62 95.90 -99.54
N LYS FB 208 -86.67 96.25 -100.42
CA LYS FB 208 -85.26 96.02 -100.15
C LYS FB 208 -84.66 97.35 -99.70
N SER FB 209 -84.63 97.56 -98.41
CA SER FB 209 -84.14 98.80 -97.83
C SER FB 209 -83.23 98.49 -96.64
N ASP FB 210 -82.77 99.53 -96.00
CA ASP FB 210 -81.84 99.40 -94.91
C ASP FB 210 -82.27 100.16 -93.67
N THR FB 211 -82.88 101.33 -93.83
CA THR FB 211 -83.24 102.19 -92.71
C THR FB 211 -84.69 102.61 -92.85
N LEU FB 212 -85.49 102.30 -91.84
CA LEU FB 212 -86.91 102.63 -91.83
C LEU FB 212 -87.27 103.31 -90.52
N THR FB 213 -87.97 104.44 -90.64
CA THR FB 213 -88.46 105.20 -89.49
C THR FB 213 -89.97 105.33 -89.64
N ILE FB 214 -90.72 104.65 -88.78
CA ILE FB 214 -92.17 104.58 -88.90
C ILE FB 214 -92.79 105.17 -87.65
N ARG FB 215 -93.70 106.13 -87.84
CA ARG FB 215 -94.43 106.76 -86.73
C ARG FB 215 -95.92 106.68 -87.03
N ALA FB 216 -96.65 105.86 -86.27
CA ALA FB 216 -98.07 105.65 -86.49
C ALA FB 216 -98.89 106.20 -85.34
N LYS FB 217 -99.95 106.92 -85.68
CA LYS FB 217 -100.73 107.67 -84.71
C LYS FB 217 -102.13 107.11 -84.49
N LYS FB 218 -102.94 106.99 -85.55
CA LYS FB 218 -104.35 106.69 -85.37
C LYS FB 218 -104.77 105.34 -85.93
N ALA FB 219 -104.58 105.09 -87.23
CA ALA FB 219 -105.00 103.82 -87.82
C ALA FB 219 -104.15 103.56 -89.06
N ALA FB 220 -103.28 102.55 -88.97
CA ALA FB 220 -102.45 102.15 -90.09
C ALA FB 220 -102.63 100.66 -90.30
N LYS FB 221 -103.08 100.29 -91.49
CA LYS FB 221 -103.13 98.91 -91.92
C LYS FB 221 -101.95 98.68 -92.84
N ILE FB 222 -101.16 97.65 -92.54
CA ILE FB 222 -99.82 97.50 -93.09
C ILE FB 222 -99.65 96.09 -93.62
N GLN FB 223 -99.29 95.96 -94.90
CA GLN FB 223 -98.92 94.68 -95.47
C GLN FB 223 -97.57 94.85 -96.17
N LEU FB 224 -96.51 94.54 -95.44
CA LEU FB 224 -95.15 94.73 -95.93
C LEU FB 224 -94.35 93.45 -95.77
N ALA FB 225 -93.38 93.26 -96.66
CA ALA FB 225 -92.53 92.07 -96.64
C ALA FB 225 -91.26 92.38 -97.41
N GLY FB 226 -90.11 92.16 -96.77
CA GLY FB 226 -88.85 92.46 -97.46
C GLY FB 226 -87.67 92.39 -96.52
N ILE FB 227 -86.64 93.14 -96.88
CA ILE FB 227 -85.37 93.16 -96.15
C ILE FB 227 -85.13 94.58 -95.65
N VAL FB 228 -84.91 94.70 -94.35
CA VAL FB 228 -84.61 95.98 -93.70
C VAL FB 228 -83.43 95.78 -92.76
N ASN FB 229 -82.38 96.57 -92.93
CA ASN FB 229 -81.24 96.43 -92.04
C ASN FB 229 -81.50 97.04 -90.66
N ARG FB 230 -82.11 98.22 -90.62
CA ARG FB 230 -82.39 98.87 -89.36
C ARG FB 230 -83.77 99.49 -89.40
N LEU FB 231 -84.60 99.15 -88.41
CA LEU FB 231 -85.99 99.58 -88.37
C LEU FB 231 -86.31 100.15 -87.00
N ASP FB 232 -87.03 101.27 -86.98
CA ASP FB 232 -87.53 101.82 -85.73
C ASP FB 232 -88.98 102.26 -85.93
N VAL FB 233 -89.88 101.67 -85.15
CA VAL FB 233 -91.32 101.90 -85.29
C VAL FB 233 -91.88 102.36 -83.94
N GLU FB 234 -92.62 103.46 -83.97
CA GLU FB 234 -93.39 103.95 -82.82
C GLU FB 234 -94.87 103.83 -83.14
N LEU FB 235 -95.62 103.25 -82.21
CA LEU FB 235 -97.07 103.12 -82.32
C LEU FB 235 -97.73 103.88 -81.18
N TRP FB 236 -98.73 104.72 -81.51
CA TRP FB 236 -99.36 105.57 -80.51
C TRP FB 236 -100.68 105.01 -79.98
N ASP FB 237 -101.67 104.80 -80.85
CA ASP FB 237 -102.96 104.28 -80.42
C ASP FB 237 -103.69 103.69 -81.62
N PHE FB 238 -104.30 102.51 -81.39
CA PHE FB 238 -105.08 101.78 -82.39
C PHE FB 238 -104.27 101.49 -83.65
N ALA FB 239 -102.99 101.19 -83.44
CA ALA FB 239 -102.04 101.00 -84.53
C ALA FB 239 -101.79 99.52 -84.72
N GLN FB 240 -101.70 99.10 -85.98
CA GLN FB 240 -101.46 97.72 -86.35
C GLN FB 240 -100.25 97.67 -87.26
N PHE FB 241 -99.33 96.76 -86.96
CA PHE FB 241 -98.17 96.54 -87.83
C PHE FB 241 -98.04 95.04 -88.08
N LYS FB 242 -98.26 94.63 -89.33
CA LYS FB 242 -98.15 93.22 -89.69
C LYS FB 242 -96.83 92.94 -90.41
N GLY FB 243 -95.71 93.09 -89.70
CA GLY FB 243 -94.43 92.88 -90.34
C GLY FB 243 -93.98 91.44 -90.45
N LYS FB 244 -94.93 90.54 -90.70
CA LYS FB 244 -94.60 89.18 -91.10
C LYS FB 244 -93.95 89.20 -92.49
N TYR FB 245 -93.08 88.22 -92.72
CA TYR FB 245 -92.26 88.05 -93.93
C TYR FB 245 -91.34 89.24 -94.17
N LEU FB 246 -91.01 89.99 -93.12
CA LEU FB 246 -90.14 91.15 -93.21
C LEU FB 246 -88.92 90.87 -92.34
N ARG FB 247 -87.81 90.51 -92.96
CA ARG FB 247 -86.63 90.10 -92.24
C ARG FB 247 -85.81 91.31 -91.84
N ALA FB 248 -85.49 91.40 -90.55
CA ALA FB 248 -84.84 92.58 -89.98
C ALA FB 248 -83.55 92.19 -89.29
N GLN FB 249 -82.52 93.00 -89.47
CA GLN FB 249 -81.27 92.80 -88.76
C GLN FB 249 -81.28 93.52 -87.42
N ARG FB 250 -81.71 94.79 -87.42
CA ARG FB 250 -81.86 95.58 -86.20
C ARG FB 250 -83.30 96.05 -86.13
N SER FB 251 -83.98 95.72 -85.03
CA SER FB 251 -85.37 96.14 -84.89
C SER FB 251 -85.55 96.87 -83.57
N PHE FB 252 -86.30 97.97 -83.62
CA PHE FB 252 -86.63 98.77 -82.45
C PHE FB 252 -88.12 99.07 -82.49
N VAL FB 253 -88.82 98.70 -81.42
CA VAL FB 253 -90.27 98.90 -81.33
C VAL FB 253 -90.58 99.65 -80.05
N LYS FB 254 -91.29 100.77 -80.17
CA LYS FB 254 -91.92 101.42 -79.03
C LYS FB 254 -93.43 101.38 -79.22
N THR FB 255 -94.15 100.90 -78.21
CA THR FB 255 -95.58 100.72 -78.31
C THR FB 255 -96.28 101.37 -77.12
N HIS FB 256 -97.17 102.31 -77.42
CA HIS FB 256 -97.98 102.99 -76.44
C HIS FB 256 -99.31 102.25 -76.27
N ASP FB 257 -100.28 102.91 -75.65
CA ASP FB 257 -101.58 102.30 -75.34
C ASP FB 257 -102.33 101.91 -76.60
N LYS FB 258 -102.88 100.69 -76.59
CA LYS FB 258 -103.70 100.10 -77.64
C LYS FB 258 -102.93 100.02 -78.96
N SER FB 259 -101.90 99.19 -78.94
CA SER FB 259 -101.03 99.01 -80.10
C SER FB 259 -100.73 97.53 -80.31
N VAL FB 260 -100.70 97.12 -81.58
CA VAL FB 260 -100.46 95.74 -81.97
C VAL FB 260 -99.37 95.73 -83.02
N ALA FB 261 -98.31 94.98 -82.75
CA ALA FB 261 -97.21 94.83 -83.71
C ALA FB 261 -96.82 93.37 -83.79
N GLU FB 262 -96.51 92.91 -84.99
CA GLU FB 262 -96.07 91.55 -85.25
C GLU FB 262 -94.77 91.63 -86.02
N ILE FB 263 -93.68 91.21 -85.38
CA ILE FB 263 -92.33 91.45 -85.85
C ILE FB 263 -91.69 90.12 -86.24
N SER FB 264 -90.76 90.18 -87.19
CA SER FB 264 -90.04 89.03 -87.71
C SER FB 264 -88.53 89.27 -87.63
N ALA FB 265 -88.07 89.69 -86.46
CA ALA FB 265 -86.66 90.02 -86.26
C ALA FB 265 -85.78 88.78 -86.32
N VAL FB 266 -84.63 88.92 -86.98
CA VAL FB 266 -83.75 87.80 -87.26
C VAL FB 266 -82.53 87.80 -86.35
N ASN FB 267 -81.92 88.96 -86.11
CA ASN FB 267 -80.65 89.02 -85.41
C ASN FB 267 -80.76 89.74 -84.08
N HIS FB 268 -81.22 90.98 -84.06
CA HIS FB 268 -81.12 91.85 -82.88
C HIS FB 268 -82.41 92.64 -82.71
N GLN FB 269 -83.03 92.47 -81.54
CA GLN FB 269 -84.38 92.97 -81.31
C GLN FB 269 -84.48 93.72 -80.00
N SER FB 270 -85.01 94.94 -80.07
CA SER FB 270 -85.32 95.76 -78.91
C SER FB 270 -86.81 96.09 -78.95
N SER FB 271 -87.52 95.74 -77.89
CA SER FB 271 -88.96 95.91 -77.87
C SER FB 271 -89.40 96.50 -76.53
N LEU FB 272 -90.20 97.55 -76.59
CA LEU FB 272 -90.71 98.18 -75.39
C LEU FB 272 -92.20 98.46 -75.56
N ALA FB 273 -92.99 98.09 -74.56
CA ALA FB 273 -94.42 98.30 -74.56
C ALA FB 273 -94.84 98.80 -73.19
N THR FB 274 -95.64 99.86 -73.14
CA THR FB 274 -96.06 100.28 -71.81
C THR FB 274 -97.29 99.49 -71.33
N ASP FB 275 -98.40 99.61 -72.04
CA ASP FB 275 -99.64 98.98 -71.63
C ASP FB 275 -100.55 98.89 -72.85
N ALA FB 276 -101.46 97.91 -72.81
CA ALA FB 276 -102.42 97.63 -73.89
C ALA FB 276 -101.71 97.45 -75.24
N SER FB 277 -100.58 96.78 -75.21
CA SER FB 277 -99.70 96.69 -76.37
C SER FB 277 -99.20 95.26 -76.50
N ASP FB 278 -99.23 94.76 -77.73
CA ASP FB 278 -98.86 93.38 -78.01
C ASP FB 278 -97.73 93.37 -79.02
N ILE FB 279 -96.68 92.60 -78.71
CA ILE FB 279 -95.51 92.47 -79.57
C ILE FB 279 -95.37 91.00 -79.89
N TYR FB 280 -95.61 90.63 -81.13
CA TYR FB 280 -95.68 89.23 -81.52
C TYR FB 280 -94.45 88.89 -82.36
N TYR FB 281 -93.43 88.34 -81.71
CA TYR FB 281 -92.22 87.98 -82.43
C TYR FB 281 -92.41 86.62 -83.07
N TYR FB 282 -92.03 86.51 -84.34
CA TYR FB 282 -92.26 85.30 -85.10
C TYR FB 282 -90.99 84.61 -85.54
N ASN FB 283 -89.83 85.24 -85.35
CA ASN FB 283 -88.56 84.65 -85.75
C ASN FB 283 -87.58 84.76 -84.60
N LEU FB 284 -86.71 83.77 -84.49
CA LEU FB 284 -85.79 83.65 -83.37
C LEU FB 284 -84.62 84.60 -83.56
N SER FB 285 -84.69 85.77 -82.93
CA SER FB 285 -83.55 86.66 -82.91
C SER FB 285 -82.47 86.11 -82.00
N LYS FB 286 -81.22 86.20 -82.44
CA LYS FB 286 -80.11 85.75 -81.62
C LYS FB 286 -79.91 86.64 -80.40
N THR FB 287 -80.32 87.91 -80.48
CA THR FB 287 -80.26 88.83 -79.36
C THR FB 287 -81.63 89.45 -79.21
N ARG FB 288 -82.22 89.34 -78.03
CA ARG FB 288 -83.58 89.78 -77.79
C ARG FB 288 -83.65 90.49 -76.46
N ALA FB 289 -84.33 91.63 -76.43
CA ALA FB 289 -84.60 92.31 -75.17
C ALA FB 289 -85.97 92.97 -75.26
N ASP FB 290 -86.89 92.53 -74.40
CA ASP FB 290 -88.27 92.97 -74.41
C ASP FB 290 -88.66 93.46 -73.04
N PHE FB 291 -89.45 94.54 -72.98
CA PHE FB 291 -89.85 95.11 -71.70
C PHE FB 291 -91.27 95.63 -71.77
N MET FB 292 -92.00 95.48 -70.66
CA MET FB 292 -93.34 96.01 -70.50
C MET FB 292 -93.40 96.84 -69.23
N ALA FB 293 -94.11 97.97 -69.29
CA ALA FB 293 -94.16 98.89 -68.16
C ALA FB 293 -95.38 98.63 -67.27
N PHE FB 294 -96.59 98.69 -67.85
CA PHE FB 294 -97.80 98.45 -67.08
C PHE FB 294 -98.55 97.22 -67.55
N ASN FB 295 -98.93 97.16 -68.82
CA ASN FB 295 -99.71 96.03 -69.30
C ASN FB 295 -99.27 95.58 -70.69
N GLY FB 296 -98.04 95.86 -71.09
CA GLY FB 296 -97.54 95.35 -72.35
C GLY FB 296 -97.30 93.85 -72.30
N SER FB 297 -97.27 93.25 -73.47
CA SER FB 297 -97.15 91.80 -73.57
C SER FB 297 -96.36 91.44 -74.82
N VAL FB 298 -95.49 90.45 -74.70
CA VAL FB 298 -94.64 89.99 -75.79
C VAL FB 298 -94.85 88.49 -75.95
N LEU FB 299 -95.26 88.06 -77.15
CA LEU FB 299 -95.70 86.70 -77.38
C LEU FB 299 -95.06 86.12 -78.63
N ASP FB 300 -94.90 84.79 -78.61
CA ASP FB 300 -94.25 84.02 -79.67
C ASP FB 300 -95.25 83.58 -80.74
N MET FB 301 -96.32 82.89 -80.32
CA MET FB 301 -97.28 82.13 -81.14
C MET FB 301 -96.63 81.41 -82.32
N ARG FB 302 -95.70 80.53 -81.98
CA ARG FB 302 -95.13 79.65 -82.99
C ARG FB 302 -95.97 78.37 -83.10
N GLU FB 303 -95.74 77.64 -84.19
CA GLU FB 303 -96.62 76.54 -84.58
C GLU FB 303 -96.41 75.29 -83.73
N TRP FB 304 -95.19 75.09 -83.20
CA TRP FB 304 -94.79 74.02 -82.28
C TRP FB 304 -94.85 72.63 -82.89
N GLY FB 305 -95.00 72.50 -84.21
CA GLY FB 305 -95.11 71.19 -84.80
C GLY FB 305 -94.25 71.05 -86.04
N GLN FB 306 -93.55 72.12 -86.40
CA GLN FB 306 -92.66 72.08 -87.55
C GLN FB 306 -91.43 71.25 -87.23
N SER FB 307 -90.92 70.57 -88.26
CA SER FB 307 -89.75 69.73 -88.10
C SER FB 307 -88.47 70.52 -87.93
N ASP FB 308 -88.45 71.80 -88.32
CA ASP FB 308 -87.26 72.63 -88.24
C ASP FB 308 -87.31 73.59 -87.05
N LEU FB 309 -88.07 73.23 -86.02
CA LEU FB 309 -88.13 74.03 -84.81
C LEU FB 309 -86.85 73.86 -84.01
N LYS FB 310 -86.30 74.98 -83.54
CA LYS FB 310 -85.09 74.97 -82.73
C LYS FB 310 -85.33 75.77 -81.45
N ASP FB 311 -84.65 75.36 -80.38
CA ASP FB 311 -84.82 75.98 -79.08
C ASP FB 311 -83.74 77.05 -78.88
N PHE FB 312 -83.79 77.70 -77.72
CA PHE FB 312 -82.87 78.77 -77.40
C PHE FB 312 -81.49 78.23 -77.05
N ASP FB 313 -80.54 79.14 -76.94
CA ASP FB 313 -79.20 78.85 -76.49
C ASP FB 313 -78.99 79.52 -75.14
N ARG FB 314 -77.75 79.48 -74.65
CA ARG FB 314 -77.40 80.18 -73.43
C ARG FB 314 -77.59 81.68 -73.58
N TYR FB 315 -77.34 82.21 -74.77
CA TYR FB 315 -77.49 83.64 -75.02
C TYR FB 315 -78.94 84.08 -75.13
N ASN FB 316 -79.88 83.14 -75.28
CA ASN FB 316 -81.26 83.49 -75.59
C ASN FB 316 -82.25 83.12 -74.48
N LYS FB 317 -81.77 82.64 -73.35
CA LYS FB 317 -82.67 82.30 -72.24
C LYS FB 317 -83.10 83.59 -71.57
N GLN FB 318 -84.19 84.17 -72.05
CA GLN FB 318 -84.71 85.43 -71.54
C GLN FB 318 -86.09 85.18 -70.94
N PHE FB 319 -86.25 85.55 -69.67
CA PHE FB 319 -87.52 85.33 -69.00
C PHE FB 319 -88.20 86.66 -68.72
N PRO FB 320 -89.32 86.98 -69.39
CA PRO FB 320 -90.06 88.22 -69.20
C PRO FB 320 -90.93 88.19 -67.95
N ASP GB 39 -88.34 67.07 -28.37
CA ASP GB 39 -88.41 65.61 -28.48
C ASP GB 39 -89.76 65.16 -29.01
N GLY GB 40 -90.78 66.00 -28.82
CA GLY GB 40 -92.10 65.68 -29.31
C GLY GB 40 -92.21 65.90 -30.79
N CYS GB 41 -92.24 64.81 -31.55
CA CYS GB 41 -92.19 64.90 -33.00
C CYS GB 41 -93.49 65.38 -33.59
N CYS GB 42 -94.62 64.88 -33.09
CA CYS GB 42 -95.92 65.24 -33.63
C CYS GB 42 -96.55 66.41 -32.88
N SER GB 43 -95.80 67.51 -32.79
CA SER GB 43 -96.31 68.69 -32.10
C SER GB 43 -97.34 69.40 -32.96
N LYS GB 44 -98.34 69.98 -32.30
CA LYS GB 44 -99.52 70.60 -32.92
C LYS GB 44 -100.20 69.63 -33.88
N MET GB 45 -100.30 68.38 -33.45
CA MET GB 45 -100.90 67.31 -34.22
C MET GB 45 -101.78 66.53 -33.27
N GLY GB 46 -102.21 65.34 -33.69
CA GLY GB 46 -102.95 64.48 -32.79
C GLY GB 46 -102.13 63.73 -31.78
N GLY GB 47 -100.82 63.93 -31.78
CA GLY GB 47 -99.94 63.11 -30.98
C GLY GB 47 -99.38 61.96 -31.79
N ILE GB 48 -98.20 61.50 -31.40
CA ILE GB 48 -97.49 60.48 -32.17
C ILE GB 48 -98.18 59.14 -31.96
N ASN GB 49 -98.53 58.47 -33.06
CA ASN GB 49 -99.22 57.19 -32.94
C ASN GB 49 -98.24 56.03 -32.91
N TYR GB 50 -97.49 55.81 -33.99
CA TYR GB 50 -96.62 54.63 -34.05
C TYR GB 50 -95.56 54.80 -35.11
N CYS GB 51 -94.57 53.90 -35.07
CA CYS GB 51 -93.46 53.90 -36.01
C CYS GB 51 -93.64 52.78 -37.03
N ASP GB 52 -93.47 53.11 -38.29
CA ASP GB 52 -93.41 52.12 -39.35
C ASP GB 52 -91.95 51.84 -39.68
N SER GB 53 -91.59 50.56 -39.66
CA SER GB 53 -90.25 50.13 -40.00
C SER GB 53 -90.04 49.88 -41.49
N SER GB 54 -91.11 49.91 -42.29
CA SER GB 54 -90.92 49.80 -43.73
C SER GB 54 -90.25 51.04 -44.28
N ALA GB 55 -90.55 52.21 -43.71
CA ALA GB 55 -89.93 53.45 -44.13
C ALA GB 55 -89.15 54.12 -43.02
N GLY GB 56 -89.15 53.56 -41.81
CA GLY GB 56 -88.48 54.18 -40.68
C GLY GB 56 -89.08 55.51 -40.29
N ARG GB 57 -90.40 55.59 -40.27
CA ARG GB 57 -91.09 56.86 -40.13
C ARG GB 57 -92.05 56.84 -38.95
N LEU GB 58 -92.42 58.04 -38.51
CA LEU GB 58 -93.30 58.24 -37.38
C LEU GB 58 -94.63 58.77 -37.88
N VAL GB 59 -95.70 58.03 -37.65
CA VAL GB 59 -97.05 58.45 -38.01
C VAL GB 59 -97.75 58.94 -36.76
N CYS GB 60 -98.32 60.13 -36.86
CA CYS GB 60 -99.04 60.74 -35.76
C CYS GB 60 -100.45 60.16 -35.66
N ASN GB 61 -101.21 60.64 -34.67
CA ASN GB 61 -102.60 60.21 -34.55
C ASN GB 61 -103.45 60.77 -35.70
N ASN GB 62 -103.28 62.04 -36.02
CA ASN GB 62 -103.74 62.51 -37.32
C ASN GB 62 -102.82 61.95 -38.38
N GLY GB 63 -103.41 61.58 -39.52
CA GLY GB 63 -102.71 60.75 -40.49
C GLY GB 63 -101.62 61.43 -41.28
N PHE GB 64 -100.53 61.80 -40.62
CA PHE GB 64 -99.41 62.42 -41.29
C PHE GB 64 -98.11 61.85 -40.77
N TYR GB 65 -97.17 61.65 -41.68
CA TYR GB 65 -95.84 61.18 -41.32
C TYR GB 65 -95.06 62.32 -40.69
N SER GB 66 -94.64 62.13 -39.44
CA SER GB 66 -93.73 63.09 -38.83
C SER GB 66 -92.35 62.96 -39.46
N THR GB 67 -91.58 64.03 -39.33
CA THR GB 67 -90.27 64.08 -39.95
C THR GB 67 -89.21 63.31 -39.19
N CYS GB 68 -89.51 62.84 -37.98
CA CYS GB 68 -88.55 62.07 -37.21
C CYS GB 68 -88.36 60.68 -37.81
N TYR GB 69 -87.28 60.03 -37.39
CA TYR GB 69 -86.91 58.71 -37.88
C TYR GB 69 -86.93 57.72 -36.74
N CYS GB 70 -87.24 56.46 -37.06
CA CYS GB 70 -87.22 55.40 -36.06
C CYS GB 70 -86.47 54.15 -36.50
N THR GB 71 -85.85 54.15 -37.68
CA THR GB 71 -85.07 53.00 -38.11
C THR GB 71 -83.82 53.50 -38.81
N ARG GB 72 -82.68 52.92 -38.48
CA ARG GB 72 -81.44 53.24 -39.18
C ARG GB 72 -81.43 52.74 -40.61
N HIS GB 73 -82.29 51.78 -40.94
CA HIS GB 73 -82.43 51.31 -42.32
C HIS GB 73 -83.45 52.13 -43.09
N ALA GB 74 -83.27 53.45 -43.09
CA ALA GB 74 -84.18 54.36 -43.77
C ALA GB 74 -83.38 55.31 -44.63
N VAL GB 75 -84.05 55.98 -45.56
CA VAL GB 75 -83.37 56.92 -46.45
C VAL GB 75 -83.09 58.19 -45.65
N MET GB 76 -81.81 58.55 -45.55
CA MET GB 76 -81.40 59.77 -44.87
C MET GB 76 -80.45 60.54 -45.77
N ASP GB 77 -80.37 61.85 -45.50
CA ASP GB 77 -79.44 62.73 -46.21
C ASP GB 77 -78.07 62.58 -45.58
N LEU GB 78 -77.18 61.84 -46.24
CA LEU GB 78 -75.85 61.56 -45.71
C LEU GB 78 -74.84 62.12 -46.70
N GLN GB 79 -74.29 63.29 -46.37
CA GLN GB 79 -73.35 63.98 -47.24
C GLN GB 79 -72.03 64.33 -46.57
N PHE GB 80 -71.88 64.04 -45.29
CA PHE GB 80 -70.63 64.29 -44.58
C PHE GB 80 -70.54 63.36 -43.39
N LEU GB 81 -69.36 62.78 -43.18
CA LEU GB 81 -69.17 61.88 -42.05
C LEU GB 81 -67.71 61.93 -41.61
N MET GB 82 -67.47 61.41 -40.42
CA MET GB 82 -66.15 61.40 -39.80
C MET GB 82 -65.42 60.10 -40.14
N GLY GB 83 -64.31 59.86 -39.48
CA GLY GB 83 -63.55 58.62 -39.64
C GLY GB 83 -62.17 58.87 -40.22
N CYS GB 84 -61.41 57.79 -40.28
CA CYS GB 84 -60.04 57.83 -40.79
C CYS GB 84 -59.82 56.65 -41.72
N CYS GB 85 -58.81 56.81 -42.59
CA CYS GB 85 -58.51 55.89 -43.70
C CYS GB 85 -59.74 55.65 -44.57
N LEU GB 86 -60.47 56.72 -44.85
CA LEU GB 86 -61.72 56.62 -45.58
C LEU GB 86 -61.45 56.32 -47.05
N TRP GB 87 -62.33 55.51 -47.63
CA TRP GB 87 -62.17 54.94 -48.98
C TRP GB 87 -60.83 54.24 -49.14
N HIS GB 88 -60.47 53.49 -48.12
CA HIS GB 88 -59.26 52.70 -48.07
C HIS GB 88 -59.59 51.46 -47.27
N GLY GB 89 -58.58 50.76 -46.78
CA GLY GB 89 -58.85 49.60 -45.98
C GLY GB 89 -59.28 49.86 -44.55
N GLY GB 90 -59.47 51.12 -44.17
CA GLY GB 90 -59.80 51.45 -42.80
C GLY GB 90 -58.56 51.40 -41.94
N VAL GB 91 -58.79 51.59 -40.64
CA VAL GB 91 -57.69 51.50 -39.67
C VAL GB 91 -57.24 50.05 -39.58
N TYR GB 92 -55.94 49.84 -39.73
CA TYR GB 92 -55.40 48.49 -39.61
C TYR GB 92 -55.51 48.03 -38.17
N PRO GB 93 -56.11 46.86 -37.90
CA PRO GB 93 -56.22 46.38 -36.52
C PRO GB 93 -54.90 45.92 -35.91
N GLN GB 94 -53.81 45.88 -36.67
CA GLN GB 94 -52.51 45.67 -36.05
C GLN GB 94 -52.12 46.89 -35.22
N LEU GB 95 -51.27 46.64 -34.22
CA LEU GB 95 -50.81 47.70 -33.34
C LEU GB 95 -49.32 47.89 -33.52
N ASN GB 96 -48.91 49.12 -33.78
CA ASN GB 96 -47.51 49.45 -34.01
C ASN GB 96 -47.02 50.38 -32.91
N SER GB 97 -45.71 50.28 -32.62
CA SER GB 97 -45.09 51.22 -31.70
C SER GB 97 -45.10 52.64 -32.25
N SER GB 98 -44.85 52.78 -33.55
CA SER GB 98 -44.88 54.08 -34.18
C SER GB 98 -46.32 54.56 -34.34
N GLY GB 99 -46.48 55.88 -34.39
CA GLY GB 99 -47.78 56.48 -34.60
C GLY GB 99 -48.25 56.49 -36.03
N LEU GB 100 -47.43 56.01 -36.96
CA LEU GB 100 -47.84 55.91 -38.35
C LEU GB 100 -48.79 54.72 -38.50
N VAL GB 101 -49.93 54.97 -39.14
CA VAL GB 101 -50.92 53.94 -39.41
C VAL GB 101 -51.13 53.86 -40.92
N VAL GB 102 -50.99 52.66 -41.47
CA VAL GB 102 -51.21 52.39 -42.88
C VAL GB 102 -52.55 51.69 -43.02
N CYS GB 103 -53.38 52.17 -43.93
CA CYS GB 103 -54.69 51.57 -44.15
C CYS GB 103 -54.55 50.18 -44.76
N ASN GB 104 -55.59 49.35 -44.56
CA ASN GB 104 -55.51 47.93 -44.87
C ASN GB 104 -55.43 47.64 -46.36
N ASP GB 105 -55.72 48.61 -47.22
CA ASP GB 105 -55.46 48.46 -48.65
C ASP GB 105 -54.02 48.78 -49.00
N GLY GB 106 -53.18 49.11 -48.01
CA GLY GB 106 -51.78 49.39 -48.23
C GLY GB 106 -51.41 50.85 -48.22
N TYR GB 107 -52.39 51.74 -48.22
CA TYR GB 107 -52.08 53.16 -48.28
C TYR GB 107 -51.82 53.71 -46.89
N VAL GB 108 -50.92 54.69 -46.81
CA VAL GB 108 -50.51 55.29 -45.55
C VAL GB 108 -51.17 56.65 -45.43
N SER GB 109 -51.90 56.86 -44.35
CA SER GB 109 -52.60 58.11 -44.10
C SER GB 109 -51.87 58.84 -42.97
N GLU GB 110 -50.94 59.71 -43.35
CA GLU GB 110 -50.20 60.50 -42.36
C GLU GB 110 -51.07 61.57 -41.71
N GLU GB 111 -52.17 61.97 -42.36
CA GLU GB 111 -53.14 62.86 -41.73
C GLU GB 111 -53.82 62.17 -40.56
N CYS GB 112 -54.18 60.90 -40.73
CA CYS GB 112 -54.67 60.10 -39.63
C CYS GB 112 -53.58 59.81 -38.61
N SER GB 113 -52.33 59.69 -39.07
CA SER GB 113 -51.22 59.49 -38.16
C SER GB 113 -50.87 60.81 -37.45
N LEU GB 114 -49.96 60.71 -36.49
CA LEU GB 114 -49.44 61.90 -35.83
C LEU GB 114 -48.38 62.56 -36.70
N GLN GB 115 -47.88 63.71 -36.22
CA GLN GB 115 -47.01 64.56 -37.00
C GLN GB 115 -45.66 64.63 -36.29
N LYS GB 116 -44.69 63.86 -36.78
CA LYS GB 116 -43.31 63.94 -36.31
C LYS GB 116 -42.35 63.41 -37.37
N UNK HB 1 -98.30 63.64 -62.65
CA UNK HB 1 -99.70 63.37 -62.33
C UNK HB 1 -100.58 64.55 -62.71
N UNK HB 2 -100.25 65.71 -62.14
CA UNK HB 2 -100.77 67.04 -62.43
C UNK HB 2 -102.24 67.24 -62.09
N UNK HB 3 -102.93 66.22 -61.56
CA UNK HB 3 -104.36 66.37 -61.24
C UNK HB 3 -104.70 65.35 -60.16
N UNK HB 4 -104.80 65.82 -58.91
CA UNK HB 4 -105.20 64.97 -57.81
C UNK HB 4 -106.66 65.19 -57.42
N UNK HB 5 -107.50 65.57 -58.36
CA UNK HB 5 -108.95 65.55 -58.21
C UNK HB 5 -109.50 64.87 -59.45
N UNK HB 6 -109.57 63.54 -59.40
CA UNK HB 6 -109.87 62.74 -60.59
C UNK HB 6 -111.36 62.55 -60.73
N UNK HB 7 -111.96 63.25 -61.70
CA UNK HB 7 -113.34 63.00 -62.06
C UNK HB 7 -113.46 61.73 -62.89
N UNK HB 8 -114.64 61.14 -62.88
CA UNK HB 8 -114.92 59.91 -63.63
C UNK HB 8 -116.03 60.19 -64.63
N UNK HB 9 -115.62 60.67 -65.81
CA UNK HB 9 -116.49 61.02 -66.95
C UNK HB 9 -117.62 61.99 -66.58
N UNK IB 1 21.71 16.87 -114.08
CA UNK IB 1 21.26 17.43 -112.81
C UNK IB 1 19.86 16.94 -112.46
N UNK IB 2 19.18 17.68 -111.59
CA UNK IB 2 17.79 17.38 -111.24
C UNK IB 2 16.93 17.68 -112.46
N UNK IB 3 16.42 16.62 -113.09
CA UNK IB 3 15.72 16.72 -114.38
C UNK IB 3 14.33 17.30 -114.17
N UNK IB 4 14.27 18.64 -114.08
CA UNK IB 4 13.00 19.31 -113.88
C UNK IB 4 12.15 19.31 -115.14
N UNK IB 5 12.77 19.58 -116.30
CA UNK IB 5 12.04 19.57 -117.56
C UNK IB 5 11.58 18.16 -117.93
N UNK IB 6 12.45 17.17 -117.70
CA UNK IB 6 12.05 15.78 -117.94
C UNK IB 6 10.99 15.32 -116.94
N UNK IB 7 11.03 15.84 -115.71
CA UNK IB 7 9.97 15.54 -114.75
C UNK IB 7 8.64 16.14 -115.16
N UNK IB 8 8.66 17.36 -115.71
CA UNK IB 8 7.45 17.95 -116.24
C UNK IB 8 6.91 17.20 -117.44
N UNK IB 9 7.81 16.73 -118.32
CA UNK IB 9 7.39 15.93 -119.47
C UNK IB 9 6.85 14.57 -119.03
N UNK IB 10 7.42 13.99 -117.97
CA UNK IB 10 6.90 12.74 -117.43
C UNK IB 10 5.54 12.94 -116.78
N UNK IB 11 5.34 14.08 -116.12
CA UNK IB 11 4.03 14.41 -115.56
C UNK IB 11 3.00 14.60 -116.68
N UNK IB 12 3.41 15.22 -117.78
CA UNK IB 12 2.52 15.39 -118.92
C UNK IB 12 2.18 14.06 -119.57
N UNK IB 13 3.15 13.14 -119.66
CA UNK IB 13 2.88 11.82 -120.20
C UNK IB 13 1.99 11.01 -119.27
N UNK IB 14 2.16 11.17 -117.96
CA UNK IB 14 1.30 10.49 -117.00
C UNK IB 14 -0.08 11.12 -116.89
N UNK IB 15 -0.25 12.36 -117.36
CA UNK IB 15 -1.56 12.98 -117.41
C UNK IB 15 -2.48 12.27 -118.39
N UNK IB 16 -1.93 11.75 -119.48
CA UNK IB 16 -2.69 10.96 -120.46
C UNK IB 16 -1.90 9.68 -120.70
N UNK IB 17 -2.14 8.66 -119.86
CA UNK IB 17 -1.43 7.40 -119.96
C UNK IB 17 -2.01 6.47 -121.02
N UNK IB 18 -3.13 6.86 -121.65
CA UNK IB 18 -3.79 6.13 -122.72
C UNK IB 18 -4.18 4.71 -122.32
N UNK IB 19 -4.67 4.56 -121.09
CA UNK IB 19 -5.07 3.25 -120.58
C UNK IB 19 -6.10 3.44 -119.48
N UNK IB 20 -7.28 2.84 -119.67
CA UNK IB 20 -8.34 2.88 -118.66
C UNK IB 20 -9.31 1.73 -118.93
N UNK IB 21 -9.58 0.93 -117.91
CA UNK IB 21 -10.54 -0.16 -118.01
C UNK IB 21 -11.10 -0.44 -116.62
N UNK IB 22 -12.42 -0.57 -116.51
CA UNK IB 22 -13.08 -0.72 -115.22
C UNK IB 22 -13.88 -2.01 -115.19
N UNK IB 23 -14.06 -2.54 -113.99
CA UNK IB 23 -14.92 -3.69 -113.74
C UNK IB 23 -15.98 -3.30 -112.72
N UNK IB 24 -17.24 -3.54 -113.06
CA UNK IB 24 -18.35 -3.28 -112.16
C UNK IB 24 -18.89 -4.58 -111.62
N UNK IB 25 -19.51 -4.50 -110.44
CA UNK IB 25 -20.01 -5.66 -109.72
C UNK IB 25 -21.54 -5.70 -109.81
N UNK IB 26 -22.06 -6.87 -110.17
CA UNK IB 26 -23.50 -7.10 -110.12
C UNK IB 26 -23.86 -7.69 -108.76
N UNK IB 27 -25.16 -7.94 -108.56
CA UNK IB 27 -25.62 -8.49 -107.29
C UNK IB 27 -25.21 -9.95 -107.13
N UNK IB 28 -25.14 -10.70 -108.23
CA UNK IB 28 -24.81 -12.11 -108.21
C UNK IB 28 -23.36 -12.39 -108.58
N UNK IB 29 -22.45 -11.47 -108.21
CA UNK IB 29 -21.01 -11.57 -108.46
C UNK IB 29 -20.68 -11.73 -109.94
N UNK IB 30 -21.37 -10.99 -110.79
CA UNK IB 30 -21.11 -10.98 -112.22
C UNK IB 30 -20.35 -9.71 -112.57
N UNK IB 31 -19.12 -9.86 -113.05
CA UNK IB 31 -18.33 -8.72 -113.45
C UNK IB 31 -18.87 -8.14 -114.75
N UNK IB 32 -18.84 -6.82 -114.86
CA UNK IB 32 -19.38 -6.10 -116.02
C UNK IB 32 -18.23 -5.52 -116.83
N UNK IB 33 -18.25 -5.75 -118.13
CA UNK IB 33 -17.21 -5.29 -119.02
C UNK IB 33 -17.33 -3.79 -119.27
N UNK IB 34 -16.28 -3.23 -119.86
CA UNK IB 34 -16.20 -1.79 -120.11
C UNK IB 34 -15.60 -1.53 -121.48
N UNK IB 35 -15.80 -0.32 -121.97
CA UNK IB 35 -15.22 0.13 -123.21
C UNK IB 35 -13.82 0.71 -122.96
N UNK IB 36 -13.09 0.91 -124.05
CA UNK IB 36 -11.76 1.51 -123.95
C UNK IB 36 -11.89 3.00 -123.64
N UNK IB 37 -10.99 3.49 -122.79
CA UNK IB 37 -11.04 4.88 -122.35
C UNK IB 37 -9.62 5.39 -122.12
N UNK IB 38 -9.53 6.73 -122.05
CA UNK IB 38 -8.29 7.49 -121.84
C UNK IB 38 -7.20 7.15 -122.86
N UNK IB 39 -22.39 -1.43 -103.99
CA UNK IB 39 -22.76 -2.72 -104.55
C UNK IB 39 -22.56 -2.75 -106.07
N UNK IB 40 -22.00 -1.69 -106.61
CA UNK IB 40 -21.81 -1.55 -108.05
C UNK IB 40 -20.34 -1.54 -108.45
N UNK IB 41 -19.55 -0.64 -107.89
CA UNK IB 41 -18.15 -0.53 -108.26
C UNK IB 41 -17.36 -0.01 -107.08
N UNK IB 42 -16.14 -0.52 -106.91
CA UNK IB 42 -15.28 -0.08 -105.83
C UNK IB 42 -14.60 1.24 -106.16
N UNK IB 43 -13.86 1.76 -105.18
CA UNK IB 43 -13.04 2.94 -105.43
C UNK IB 43 -11.88 2.61 -106.36
N UNK IB 44 -11.40 1.36 -106.33
CA UNK IB 44 -10.38 0.87 -107.23
C UNK IB 44 -10.95 -0.04 -108.31
N UNK IB 45 -12.16 0.25 -108.79
CA UNK IB 45 -12.78 -0.59 -109.80
C UNK IB 45 -12.17 -0.38 -111.18
N UNK IB 46 -11.47 0.73 -111.39
CA UNK IB 46 -10.83 1.02 -112.66
C UNK IB 46 -9.31 0.99 -112.53
N UNK IB 47 -8.65 0.58 -113.60
CA UNK IB 47 -7.19 0.54 -113.64
C UNK IB 47 -6.72 0.81 -115.06
N UNK IB 48 -5.48 1.30 -115.16
CA UNK IB 48 -4.90 1.61 -116.47
C UNK IB 48 -4.41 0.33 -117.15
N LYS JB 24 -91.94 91.69 -51.05
CA LYS JB 24 -91.35 93.01 -51.14
C LYS JB 24 -89.92 92.92 -51.63
N PHE JB 25 -89.27 91.79 -51.33
CA PHE JB 25 -87.83 91.64 -51.53
C PHE JB 25 -87.56 90.40 -52.35
N LYS JB 26 -87.26 90.60 -53.64
CA LYS JB 26 -86.80 89.53 -54.51
C LYS JB 26 -85.40 89.15 -54.07
N LYS JB 27 -85.30 88.09 -53.30
CA LYS JB 27 -84.02 87.72 -52.72
C LYS JB 27 -83.12 87.02 -53.75
N PRO JB 28 -81.80 87.21 -53.65
CA PRO JB 28 -80.88 86.53 -54.56
C PRO JB 28 -80.86 85.04 -54.30
N PRO JB 29 -80.43 84.23 -55.28
CA PRO JB 29 -80.36 82.78 -55.07
C PRO JB 29 -79.41 82.39 -53.96
N ILE JB 30 -79.77 81.34 -53.23
CA ILE JB 30 -78.98 80.90 -52.09
C ILE JB 30 -77.69 80.26 -52.56
N ASN JB 31 -77.80 79.30 -53.47
CA ASN JB 31 -76.62 78.63 -54.03
C ASN JB 31 -76.18 79.34 -55.31
N ASN JB 32 -75.88 80.62 -55.15
CA ASN JB 32 -75.44 81.48 -56.24
C ASN JB 32 -73.93 81.62 -56.21
N PRO JB 33 -73.27 81.69 -57.35
CA PRO JB 33 -71.83 81.91 -57.36
C PRO JB 33 -71.46 83.33 -56.98
N SER JB 34 -71.36 83.60 -55.68
CA SER JB 34 -71.06 84.93 -55.17
C SER JB 34 -69.59 85.12 -54.84
N ASP JB 35 -68.70 84.37 -55.47
CA ASP JB 35 -67.28 84.50 -55.21
C ASP JB 35 -66.52 84.45 -56.54
N ASP JB 36 -65.39 85.16 -56.56
CA ASP JB 36 -64.60 85.31 -57.77
C ASP JB 36 -63.97 83.99 -58.21
N ALA JB 37 -63.57 83.15 -57.26
CA ALA JB 37 -63.10 81.82 -57.63
C ALA JB 37 -64.24 80.97 -58.16
N THR JB 38 -65.41 81.09 -57.54
CA THR JB 38 -66.52 80.20 -57.87
C THR JB 38 -67.11 80.52 -59.24
N ILE JB 39 -67.12 81.80 -59.63
CA ILE JB 39 -67.67 82.14 -60.95
C ILE JB 39 -66.76 81.60 -62.05
N LYS JB 40 -65.44 81.68 -61.85
CA LYS JB 40 -64.50 81.11 -62.81
C LYS JB 40 -64.62 79.60 -62.83
N LEU JB 41 -64.83 78.99 -61.67
CA LEU JB 41 -64.97 77.54 -61.57
C LEU JB 41 -66.22 77.06 -62.31
N ALA JB 42 -67.34 77.74 -62.09
CA ALA JB 42 -68.59 77.35 -62.73
C ALA JB 42 -68.56 77.61 -64.23
N GLU JB 43 -67.91 78.71 -64.64
CA GLU JB 43 -67.78 79.01 -66.06
C GLU JB 43 -66.90 77.96 -66.75
N ALA JB 44 -65.83 77.53 -66.09
CA ALA JB 44 -64.99 76.47 -66.65
C ALA JB 44 -65.76 75.15 -66.70
N ALA JB 45 -66.62 74.91 -65.72
CA ALA JB 45 -67.45 73.71 -65.73
C ALA JB 45 -68.42 73.73 -66.90
N VAL JB 46 -69.01 74.88 -67.17
CA VAL JB 46 -69.90 75.04 -68.32
C VAL JB 46 -69.15 74.81 -69.63
N SER JB 47 -67.93 75.37 -69.71
CA SER JB 47 -67.13 75.22 -70.92
C SER JB 47 -66.72 73.77 -71.17
N VAL JB 48 -66.30 73.07 -70.12
CA VAL JB 48 -65.85 71.70 -70.30
C VAL JB 48 -67.04 70.77 -70.55
N SER JB 49 -68.21 71.10 -70.00
CA SER JB 49 -69.41 70.32 -70.30
C SER JB 49 -69.82 70.48 -71.75
N ASP JB 50 -69.75 71.71 -72.26
CA ASP JB 50 -70.08 71.95 -73.66
C ASP JB 50 -69.07 71.29 -74.60
N SER JB 51 -67.78 71.32 -74.22
CA SER JB 51 -66.75 70.66 -75.01
C SER JB 51 -66.96 69.15 -75.04
N MET JB 52 -67.31 68.57 -73.89
CA MET JB 52 -67.60 67.14 -73.83
C MET JB 52 -68.83 66.79 -74.65
N LEU JB 53 -69.83 67.66 -74.62
CA LEU JB 53 -71.04 67.46 -75.42
C LEU JB 53 -70.72 67.48 -76.91
N GLU JB 54 -69.85 68.40 -77.33
CA GLU JB 54 -69.47 68.46 -78.74
C GLU JB 54 -68.63 67.27 -79.15
N MET JB 55 -67.78 66.79 -78.24
CA MET JB 55 -66.99 65.60 -78.53
C MET JB 55 -67.88 64.37 -78.69
N ALA JB 56 -68.87 64.23 -77.82
CA ALA JB 56 -69.82 63.13 -77.97
C ALA JB 56 -70.69 63.30 -79.21
N LYS JB 57 -70.97 64.54 -79.58
CA LYS JB 57 -71.76 64.83 -80.77
C LYS JB 57 -71.04 64.37 -82.03
N VAL JB 58 -69.77 64.76 -82.16
CA VAL JB 58 -69.00 64.31 -83.33
C VAL JB 58 -68.55 62.87 -83.21
N GLU JB 59 -68.64 62.26 -82.03
CA GLU JB 59 -68.26 60.88 -81.86
C GLU JB 59 -69.38 59.90 -82.16
N LYS JB 60 -70.63 60.29 -81.90
CA LYS JB 60 -71.74 59.35 -82.04
C LYS JB 60 -72.06 59.07 -83.50
N VAL JB 61 -72.43 57.83 -83.78
CA VAL JB 61 -72.80 57.38 -85.12
C VAL JB 61 -74.25 56.92 -85.08
N ILE JB 62 -75.07 57.44 -86.00
CA ILE JB 62 -76.49 57.12 -86.03
C ILE JB 62 -76.84 56.52 -87.39
N THR JB 63 -78.12 56.21 -87.58
CA THR JB 63 -78.66 55.62 -88.79
C THR JB 63 -79.89 56.41 -89.23
N PRO JB 64 -80.16 56.47 -90.53
CA PRO JB 64 -81.40 57.08 -90.99
C PRO JB 64 -82.61 56.27 -90.55
N PRO JB 65 -83.63 56.92 -89.99
CA PRO JB 65 -84.82 56.19 -89.53
C PRO JB 65 -85.70 55.68 -90.66
N SER JB 66 -85.48 56.13 -91.89
CA SER JB 66 -86.14 55.51 -93.02
C SER JB 66 -85.49 54.17 -93.38
N LYS JB 67 -84.16 54.10 -93.29
CA LYS JB 67 -83.41 52.94 -93.74
C LYS JB 67 -82.94 52.06 -92.60
N ASP JB 68 -83.56 52.16 -91.43
CA ASP JB 68 -83.23 51.27 -90.34
C ASP JB 68 -83.72 49.86 -90.64
N ASN JB 69 -82.95 48.87 -90.20
CA ASN JB 69 -83.34 47.47 -90.38
C ASN JB 69 -84.06 46.96 -89.13
N THR JB 70 -85.14 47.65 -88.79
CA THR JB 70 -86.00 47.29 -87.67
C THR JB 70 -87.34 46.82 -88.23
N LEU JB 71 -87.83 45.70 -87.73
CA LEU JB 71 -89.08 45.15 -88.22
C LEU JB 71 -90.26 46.01 -87.78
N THR JB 72 -91.10 46.39 -88.74
CA THR JB 72 -92.26 47.20 -88.42
C THR JB 72 -93.38 46.33 -87.87
N ILE JB 73 -94.38 47.00 -87.30
CA ILE JB 73 -95.53 46.30 -86.71
C ILE JB 73 -96.52 45.98 -87.83
N PRO JB 74 -96.92 44.71 -87.99
CA PRO JB 74 -97.86 44.36 -89.06
C PRO JB 74 -99.29 44.80 -88.82
N ASN JB 75 -99.61 45.25 -87.60
CA ASN JB 75 -100.90 45.76 -87.12
C ASN JB 75 -102.13 44.96 -87.54
N ALA JB 76 -102.01 43.63 -87.60
CA ALA JB 76 -103.18 42.81 -87.83
C ALA JB 76 -104.01 42.71 -86.55
N TYR JB 77 -105.23 42.22 -86.70
CA TYR JB 77 -106.18 42.18 -85.59
C TYR JB 77 -105.74 41.19 -84.52
N ASN JB 78 -105.22 40.03 -84.93
CA ASN JB 78 -104.77 39.03 -83.96
C ASN JB 78 -103.56 39.48 -83.17
N LEU JB 79 -102.79 40.43 -83.69
CA LEU JB 79 -101.57 40.87 -83.04
C LEU JB 79 -101.83 41.82 -81.88
N GLN JB 80 -103.06 42.27 -81.70
CA GLN JB 80 -103.39 43.27 -80.68
C GLN JB 80 -103.67 42.66 -79.32
N ALA JB 81 -103.62 41.34 -79.18
CA ALA JB 81 -103.87 40.71 -77.90
C ALA JB 81 -102.72 40.92 -76.94
N ARG JB 82 -103.03 40.92 -75.66
CA ARG JB 82 -102.04 41.15 -74.61
C ARG JB 82 -101.67 39.83 -73.94
N ALA JB 83 -100.47 39.79 -73.37
CA ALA JB 83 -99.98 38.56 -72.77
C ALA JB 83 -98.97 38.89 -71.68
N SER JB 84 -98.74 37.91 -70.80
CA SER JB 84 -97.74 37.98 -69.75
C SER JB 84 -96.77 36.83 -69.99
N VAL JB 85 -95.65 37.12 -70.66
CA VAL JB 85 -94.75 36.08 -71.14
C VAL JB 85 -93.36 36.32 -70.58
N ASP JB 86 -92.79 35.30 -69.97
CA ASP JB 86 -91.37 35.28 -69.66
C ASP JB 86 -90.78 33.98 -70.19
N TRP JB 87 -89.69 34.11 -70.94
CA TRP JB 87 -89.04 32.94 -71.52
C TRP JB 87 -87.56 33.18 -71.67
N SER JB 88 -86.77 32.16 -71.36
CA SER JB 88 -85.34 32.15 -71.64
C SER JB 88 -85.04 30.89 -72.43
N GLY JB 89 -84.36 31.06 -73.56
CA GLY JB 89 -83.91 29.91 -74.32
C GLY JB 89 -83.99 30.13 -75.82
N PRO JB 90 -84.18 29.04 -76.56
CA PRO JB 90 -84.22 29.15 -78.03
C PRO JB 90 -85.49 29.82 -78.53
N ILE JB 91 -85.54 30.04 -79.84
CA ILE JB 91 -86.55 30.91 -80.43
C ILE JB 91 -87.67 30.14 -81.13
N GLU JB 92 -87.40 28.92 -81.59
CA GLU JB 92 -88.29 28.26 -82.55
C GLU JB 92 -89.56 27.77 -81.87
N GLU JB 93 -89.41 27.06 -80.75
CA GLU JB 93 -90.55 26.59 -79.99
C GLU JB 93 -91.35 27.76 -79.43
N LEU JB 94 -90.65 28.82 -79.04
CA LEU JB 94 -91.31 30.02 -78.53
C LEU JB 94 -92.20 30.66 -79.58
N THR JB 95 -91.66 30.90 -80.78
CA THR JB 95 -92.46 31.55 -81.81
C THR JB 95 -93.51 30.62 -82.41
N ALA JB 96 -93.30 29.30 -82.36
CA ALA JB 96 -94.34 28.37 -82.78
C ALA JB 96 -95.50 28.38 -81.79
N ARG JB 97 -95.18 28.48 -80.50
CA ARG JB 97 -96.22 28.64 -79.48
C ARG JB 97 -96.96 29.96 -79.64
N ILE JB 98 -96.23 31.01 -80.01
CA ILE JB 98 -96.85 32.32 -80.23
C ILE JB 98 -97.79 32.27 -81.42
N ALA JB 99 -97.37 31.64 -82.52
CA ALA JB 99 -98.24 31.50 -83.68
C ALA JB 99 -99.43 30.61 -83.39
N LYS JB 100 -99.26 29.61 -82.53
CA LYS JB 100 -100.37 28.78 -82.10
C LYS JB 100 -101.37 29.58 -81.29
N ALA JB 101 -100.89 30.48 -80.44
CA ALA JB 101 -101.79 31.38 -79.73
C ALA JB 101 -102.46 32.36 -80.67
N ALA JB 102 -101.78 32.76 -81.73
CA ALA JB 102 -102.29 33.74 -82.67
C ALA JB 102 -103.12 33.14 -83.78
N HIS JB 103 -103.27 31.79 -83.79
CA HIS JB 103 -103.95 31.03 -84.85
C HIS JB 103 -103.34 31.32 -86.22
N PHE JB 104 -102.01 31.39 -86.27
CA PHE JB 104 -101.29 31.62 -87.50
C PHE JB 104 -100.44 30.40 -87.82
N ARG JB 105 -100.42 30.03 -89.10
CA ARG JB 105 -99.51 28.98 -89.54
C ARG JB 105 -98.09 29.51 -89.48
N PHE JB 106 -97.14 28.60 -89.23
CA PHE JB 106 -95.74 28.97 -89.11
C PHE JB 106 -94.89 28.01 -89.91
N ARG JB 107 -93.90 28.57 -90.62
CA ARG JB 107 -92.86 27.76 -91.24
C ARG JB 107 -91.51 28.42 -91.02
N VAL JB 108 -90.48 27.60 -91.01
CA VAL JB 108 -89.11 28.06 -90.79
C VAL JB 108 -88.25 27.57 -91.94
N LEU JB 109 -87.54 28.49 -92.58
CA LEU JB 109 -86.62 28.18 -93.66
C LEU JB 109 -85.20 28.42 -93.19
N GLY JB 110 -84.32 27.48 -93.48
CA GLY JB 110 -82.93 27.50 -93.06
C GLY JB 110 -82.59 26.28 -92.25
N LYS JB 111 -81.42 26.31 -91.64
CA LYS JB 111 -80.91 25.21 -90.84
C LYS JB 111 -80.72 25.69 -89.41
N SER JB 112 -81.20 24.90 -88.46
CA SER JB 112 -80.99 25.23 -87.05
C SER JB 112 -79.57 24.89 -86.67
N PRO JB 113 -78.81 25.84 -86.12
CA PRO JB 113 -77.43 25.55 -85.71
C PRO JB 113 -77.40 24.77 -84.41
N SER JB 114 -76.19 24.34 -84.05
CA SER JB 114 -75.98 23.70 -82.75
C SER JB 114 -76.24 24.67 -81.61
N VAL JB 115 -75.78 25.90 -81.76
CA VAL JB 115 -76.10 26.97 -80.83
C VAL JB 115 -77.38 27.64 -81.32
N PRO JB 116 -78.45 27.65 -80.53
CA PRO JB 116 -79.68 28.29 -80.98
C PRO JB 116 -79.66 29.79 -80.71
N VAL JB 117 -80.78 30.46 -80.98
CA VAL JB 117 -80.94 31.86 -80.63
C VAL JB 117 -81.35 31.93 -79.16
N LEU JB 118 -80.37 31.97 -78.28
CA LEU JB 118 -80.63 31.95 -76.84
C LEU JB 118 -81.04 33.34 -76.41
N ILE JB 119 -82.34 33.55 -76.25
CA ILE JB 119 -82.88 34.85 -75.90
C ILE JB 119 -83.87 34.70 -74.76
N SER JB 120 -84.11 35.82 -74.08
CA SER JB 120 -84.99 35.84 -72.91
C SER JB 120 -85.74 37.16 -72.90
N ILE JB 121 -87.05 37.10 -72.72
CA ILE JB 121 -87.89 38.29 -72.56
C ILE JB 121 -88.87 38.00 -71.44
N SER JB 122 -88.95 38.92 -70.48
CA SER JB 122 -89.90 38.83 -69.37
C SER JB 122 -90.74 40.10 -69.36
N THR JB 123 -92.03 39.97 -69.67
CA THR JB 123 -92.94 41.10 -69.74
C THR JB 123 -94.28 40.71 -69.14
N LYS JB 124 -94.86 41.63 -68.38
CA LYS JB 124 -96.15 41.45 -67.74
C LYS JB 124 -97.31 41.77 -68.67
N ASP JB 125 -97.17 42.77 -69.53
CA ASP JB 125 -98.25 43.14 -70.43
C ASP JB 125 -97.65 43.71 -71.71
N GLU JB 126 -97.81 43.01 -72.82
CA GLU JB 126 -97.36 43.50 -74.10
C GLU JB 126 -98.17 42.85 -75.20
N SER JB 127 -98.20 43.51 -76.35
CA SER JB 127 -98.87 42.97 -77.52
C SER JB 127 -97.87 42.29 -78.44
N LEU JB 128 -98.37 41.27 -79.14
CA LEU JB 128 -97.51 40.29 -79.79
C LEU JB 128 -96.72 40.87 -80.96
N ALA JB 129 -97.22 41.94 -81.58
CA ALA JB 129 -96.52 42.53 -82.72
C ALA JB 129 -95.20 43.15 -82.29
N GLU JB 130 -95.24 43.99 -81.26
CA GLU JB 130 -93.99 44.56 -80.75
C GLU JB 130 -93.18 43.54 -79.97
N ILE JB 131 -93.83 42.50 -79.44
CA ILE JB 131 -93.09 41.37 -78.87
C ILE JB 131 -92.22 40.72 -79.94
N LEU JB 132 -92.79 40.47 -81.12
CA LEU JB 132 -92.03 39.88 -82.21
C LEU JB 132 -91.04 40.88 -82.80
N ARG JB 133 -91.34 42.18 -82.70
CA ARG JB 133 -90.38 43.20 -83.11
C ARG JB 133 -89.12 43.14 -82.25
N ASP JB 134 -89.29 43.03 -80.93
CA ASP JB 134 -88.12 42.89 -80.07
C ASP JB 134 -87.46 41.52 -80.24
N ILE JB 135 -88.24 40.51 -80.60
CA ILE JB 135 -87.70 39.19 -80.92
C ILE JB 135 -86.76 39.28 -82.13
N ASP JB 136 -87.21 39.99 -83.17
CA ASP JB 136 -86.39 40.16 -84.35
C ASP JB 136 -85.18 41.03 -84.08
N TYR JB 137 -85.33 42.04 -83.21
CA TYR JB 137 -84.19 42.87 -82.84
C TYR JB 137 -83.13 42.08 -82.10
N GLN JB 138 -83.54 41.22 -81.17
CA GLN JB 138 -82.58 40.38 -80.49
C GLN JB 138 -82.04 39.28 -81.39
N ALA JB 139 -82.81 38.89 -82.42
CA ALA JB 139 -82.30 37.94 -83.40
C ALA JB 139 -81.19 38.56 -84.24
N GLY JB 140 -81.38 39.80 -84.67
CA GLY JB 140 -80.37 40.54 -85.41
C GLY JB 140 -80.02 39.95 -86.76
N LYS JB 141 -78.73 39.77 -87.00
CA LYS JB 141 -78.24 39.33 -88.30
C LYS JB 141 -78.44 37.84 -88.54
N LYS JB 142 -78.56 37.05 -87.48
CA LYS JB 142 -78.59 35.60 -87.65
C LYS JB 142 -79.93 35.10 -88.17
N ALA JB 143 -81.03 35.80 -87.86
CA ALA JB 143 -82.34 35.34 -88.31
C ALA JB 143 -83.29 36.53 -88.40
N SER JB 144 -84.37 36.32 -89.15
CA SER JB 144 -85.44 37.30 -89.27
C SER JB 144 -86.78 36.60 -89.25
N ILE JB 145 -87.82 37.36 -88.95
CA ILE JB 145 -89.19 36.85 -88.94
C ILE JB 145 -90.01 37.73 -89.89
N HIS JB 146 -90.73 37.09 -90.81
CA HIS JB 146 -91.57 37.81 -91.76
C HIS JB 146 -93.00 37.34 -91.62
N VAL JB 147 -93.93 38.30 -91.55
CA VAL JB 147 -95.32 38.03 -91.26
C VAL JB 147 -96.16 38.32 -92.49
N TYR JB 148 -96.96 37.35 -92.91
CA TYR JB 148 -98.01 37.59 -93.89
C TYR JB 148 -99.34 37.60 -93.15
N PRO JB 149 -99.99 38.77 -93.00
CA PRO JB 149 -101.30 38.79 -92.35
C PRO JB 149 -102.44 38.62 -93.34
N ASN JB 150 -102.14 38.76 -94.63
CA ASN JB 150 -103.14 38.48 -95.66
C ASN JB 150 -103.44 36.98 -95.72
N SER JB 151 -102.39 36.16 -95.80
CA SER JB 151 -102.48 34.72 -95.64
C SER JB 151 -101.73 34.38 -94.36
N GLN JB 152 -102.46 33.98 -93.33
CA GLN JB 152 -102.06 34.14 -91.92
C GLN JB 152 -100.90 33.22 -91.58
N VAL JB 153 -99.70 33.65 -91.97
CA VAL JB 153 -98.52 32.82 -91.84
C VAL JB 153 -97.36 33.66 -91.32
N VAL JB 154 -96.40 32.99 -90.71
CA VAL JB 154 -95.16 33.60 -90.26
C VAL JB 154 -94.01 32.70 -90.67
N GLU JB 155 -92.90 33.32 -91.10
CA GLU JB 155 -91.75 32.60 -91.62
C GLU JB 155 -90.51 32.99 -90.82
N LEU JB 156 -89.76 31.99 -90.40
CA LEU JB 156 -88.50 32.17 -89.70
C LEU JB 156 -87.35 31.94 -90.67
N ARG JB 157 -86.71 33.02 -91.09
CA ARG JB 157 -85.64 32.96 -92.08
C ARG JB 157 -84.30 32.91 -91.35
N TYR JB 158 -83.52 31.87 -91.62
CA TYR JB 158 -82.18 31.78 -91.06
C TYR JB 158 -81.20 32.60 -91.89
N ALA JB 159 -79.97 32.67 -91.39
CA ALA JB 159 -78.86 33.23 -92.16
C ALA JB 159 -77.99 32.09 -92.68
N LYS JB 160 -76.97 32.46 -93.45
CA LYS JB 160 -76.08 31.48 -94.08
C LYS JB 160 -74.64 31.62 -93.59
N ILE KB 208 -75.95 74.76 -108.29
CA ILE KB 208 -76.24 76.04 -107.66
C ILE KB 208 -77.47 75.91 -106.76
N ILE KB 209 -77.31 76.26 -105.49
CA ILE KB 209 -78.40 76.21 -104.53
C ILE KB 209 -79.04 77.59 -104.44
N TYR KB 210 -80.28 77.63 -103.97
CA TYR KB 210 -81.07 78.84 -103.90
C TYR KB 210 -81.57 79.06 -102.49
N TYR KB 211 -81.94 80.30 -102.18
CA TYR KB 211 -82.47 80.65 -100.88
C TYR KB 211 -83.61 81.62 -101.02
N ILE KB 212 -84.52 81.58 -100.07
CA ILE KB 212 -85.68 82.46 -100.07
C ILE KB 212 -85.39 83.71 -99.27
N GLN KB 213 -86.04 84.81 -99.63
CA GLN KB 213 -85.93 86.04 -98.88
C GLN KB 213 -87.27 86.46 -98.26
N ALA KB 214 -88.32 86.60 -99.07
CA ALA KB 214 -89.63 86.94 -98.57
C ALA KB 214 -90.67 86.07 -99.26
N VAL KB 215 -91.75 85.78 -98.55
CA VAL KB 215 -92.74 84.81 -98.99
C VAL KB 215 -94.14 85.41 -98.85
N ILE KB 216 -94.90 85.37 -99.94
CA ILE KB 216 -96.33 85.64 -99.89
C ILE KB 216 -97.04 84.40 -100.42
N PRO KB 217 -98.31 84.20 -100.07
CA PRO KB 217 -99.07 83.16 -100.77
C PRO KB 217 -99.20 83.45 -102.26
N GLY KB 218 -98.52 82.66 -103.07
CA GLY KB 218 -98.54 82.83 -104.51
C GLY KB 218 -97.19 83.18 -105.11
N ARG KB 219 -96.44 84.08 -104.49
CA ARG KB 219 -95.18 84.55 -105.03
C ARG KB 219 -94.14 84.64 -103.91
N ALA KB 220 -92.88 84.52 -104.27
CA ALA KB 220 -91.82 84.60 -103.27
C ALA KB 220 -90.55 85.16 -103.89
N TRP KB 221 -89.68 85.65 -103.03
CA TRP KB 221 -88.36 86.10 -103.43
C TRP KB 221 -87.38 84.95 -103.29
N LEU KB 222 -86.57 84.74 -104.34
CA LEU KB 222 -85.54 83.72 -104.35
C LEU KB 222 -84.19 84.39 -104.63
N ILE KB 223 -83.16 83.91 -103.96
CA ILE KB 223 -81.79 84.32 -104.24
C ILE KB 223 -80.93 83.07 -104.38
N GLY KB 224 -80.12 83.01 -105.44
CA GLY KB 224 -79.31 81.85 -105.72
C GLY KB 224 -77.93 81.93 -105.08
N SER KB 225 -77.08 80.98 -105.47
CA SER KB 225 -75.73 80.94 -104.95
C SER KB 225 -74.85 82.00 -105.60
N ASN KB 226 -75.10 82.28 -106.89
CA ASN KB 226 -74.27 83.23 -107.63
C ASN KB 226 -74.68 84.67 -107.42
N GLY KB 227 -75.72 84.93 -106.63
CA GLY KB 227 -76.19 86.29 -106.43
C GLY KB 227 -77.26 86.73 -107.38
N SER KB 228 -77.90 85.80 -108.10
CA SER KB 228 -78.99 86.12 -109.01
C SER KB 228 -80.31 85.88 -108.30
N THR KB 229 -81.17 86.89 -108.30
CA THR KB 229 -82.45 86.82 -107.61
C THR KB 229 -83.59 86.65 -108.60
N LEU KB 230 -84.76 86.31 -108.06
CA LEU KB 230 -85.92 85.99 -108.88
C LEU KB 230 -87.18 86.17 -108.06
N THR KB 231 -88.26 86.54 -108.75
CA THR KB 231 -89.60 86.53 -108.17
C THR KB 231 -90.35 85.33 -108.74
N VAL KB 232 -90.84 84.46 -107.87
CA VAL KB 232 -91.34 83.16 -108.29
C VAL KB 232 -92.85 83.09 -108.04
N ARG KB 233 -93.56 82.54 -109.01
CA ARG KB 233 -94.97 82.20 -108.90
C ARG KB 233 -95.12 80.87 -108.16
N GLU KB 234 -96.29 80.66 -107.55
CA GLU KB 234 -96.65 79.33 -107.06
C GLU KB 234 -96.68 78.32 -108.20
N GLY KB 235 -97.28 78.68 -109.32
CA GLY KB 235 -97.19 77.83 -110.50
C GLY KB 235 -96.11 78.33 -111.44
N SER KB 236 -94.93 77.72 -111.39
CA SER KB 236 -93.80 78.16 -112.21
C SER KB 236 -92.80 77.03 -112.34
N LYS KB 237 -92.01 77.10 -113.39
CA LYS KB 237 -91.01 76.09 -113.72
C LYS KB 237 -89.62 76.69 -113.59
N ILE KB 238 -88.77 76.06 -112.79
CA ILE KB 238 -87.39 76.46 -112.64
C ILE KB 238 -86.52 75.27 -113.01
N PRO KB 239 -85.59 75.40 -113.97
CA PRO KB 239 -84.69 74.29 -114.29
C PRO KB 239 -83.74 73.97 -113.14
N GLY KB 240 -83.44 72.68 -113.00
CA GLY KB 240 -82.70 72.19 -111.88
C GLY KB 240 -83.55 71.84 -110.67
N TYR KB 241 -84.77 72.32 -110.62
CA TYR KB 241 -85.74 72.02 -109.57
C TYR KB 241 -87.06 71.53 -110.13
N GLY KB 242 -87.51 72.06 -111.27
CA GLY KB 242 -88.76 71.64 -111.85
C GLY KB 242 -89.90 72.60 -111.57
N MET KB 243 -91.09 72.06 -111.33
CA MET KB 243 -92.29 72.83 -111.03
C MET KB 243 -92.48 72.88 -109.53
N VAL KB 244 -92.60 74.09 -108.98
CA VAL KB 244 -92.82 74.25 -107.56
C VAL KB 244 -94.26 73.87 -107.24
N LYS KB 245 -94.42 72.93 -106.30
CA LYS KB 245 -95.73 72.36 -106.03
C LYS KB 245 -96.53 73.15 -105.00
N LEU KB 246 -95.89 73.81 -104.05
CA LEU KB 246 -96.61 74.46 -102.97
C LEU KB 246 -95.74 75.55 -102.35
N ILE KB 247 -96.33 76.71 -102.12
CA ILE KB 247 -95.72 77.77 -101.32
C ILE KB 247 -96.36 77.72 -99.94
N ASP KB 248 -95.56 77.42 -98.94
CA ASP KB 248 -96.01 77.46 -97.55
C ASP KB 248 -95.65 78.83 -97.00
N SER KB 249 -96.67 79.58 -96.61
CA SER KB 249 -96.47 80.94 -96.15
C SER KB 249 -96.20 81.01 -94.65
N LEU KB 250 -96.87 80.17 -93.87
CA LEU KB 250 -96.73 80.20 -92.42
C LEU KB 250 -95.37 79.65 -91.99
N GLN KB 251 -94.91 78.60 -92.65
CA GLN KB 251 -93.60 78.02 -92.40
C GLN KB 251 -92.75 78.21 -93.65
N GLY KB 252 -91.53 78.73 -93.47
CA GLY KB 252 -90.70 79.12 -94.58
C GLY KB 252 -90.11 77.96 -95.36
N ARG KB 253 -90.97 77.26 -96.10
CA ARG KB 253 -90.55 76.12 -96.89
C ARG KB 253 -91.29 76.13 -98.21
N ILE KB 254 -90.60 75.75 -99.28
CA ILE KB 254 -91.22 75.57 -100.59
C ILE KB 254 -90.62 74.33 -101.23
N LEU KB 255 -91.49 73.48 -101.77
CA LEU KB 255 -91.06 72.25 -102.42
C LEU KB 255 -91.30 72.34 -103.92
N THR KB 256 -90.59 71.51 -104.67
CA THR KB 256 -90.65 71.53 -106.13
C THR KB 256 -90.62 70.11 -106.66
N SER KB 257 -90.55 70.00 -107.99
CA SER KB 257 -90.65 68.70 -108.66
C SER KB 257 -89.43 67.82 -108.38
N SER KB 258 -88.28 68.43 -108.11
CA SER KB 258 -87.12 67.65 -107.70
C SER KB 258 -87.24 67.11 -106.28
N GLY KB 259 -88.16 67.64 -105.48
CA GLY KB 259 -88.41 67.14 -104.16
C GLY KB 259 -87.58 67.77 -103.06
N GLN KB 260 -86.57 68.57 -103.41
CA GLN KB 260 -85.80 69.29 -102.41
C GLN KB 260 -86.54 70.57 -102.02
N VAL KB 261 -86.40 70.96 -100.77
CA VAL KB 261 -87.14 72.09 -100.20
C VAL KB 261 -86.19 73.26 -100.00
N ILE KB 262 -86.55 74.41 -100.57
CA ILE KB 262 -85.75 75.62 -100.40
C ILE KB 262 -86.16 76.29 -99.10
N LYS KB 263 -85.18 76.57 -98.25
CA LYS KB 263 -85.41 77.19 -96.95
C LYS KB 263 -84.61 78.48 -96.85
N PHE KB 264 -84.61 79.08 -95.66
CA PHE KB 264 -83.89 80.31 -95.40
C PHE KB 264 -82.41 80.00 -95.11
N SER KB 265 -81.69 81.00 -94.64
CA SER KB 265 -80.28 80.84 -94.30
C SER KB 265 -80.15 80.26 -92.91
N GLN KB 266 -78.93 80.25 -92.37
CA GLN KB 266 -78.69 79.66 -91.07
C GLN KB 266 -78.26 80.72 -90.05
N MET LB 23 -109.69 74.73 -37.48
CA MET LB 23 -109.85 73.82 -38.62
C MET LB 23 -108.64 72.92 -38.77
N LYS LB 24 -108.55 71.88 -37.95
CA LYS LB 24 -107.47 70.93 -38.08
C LYS LB 24 -107.70 70.03 -39.29
N PHE LB 25 -106.61 69.48 -39.82
CA PHE LB 25 -106.64 68.69 -41.03
C PHE LB 25 -106.20 67.27 -40.72
N LYS LB 26 -106.88 66.29 -41.31
CA LYS LB 26 -106.63 64.89 -41.02
C LYS LB 26 -106.75 64.07 -42.30
N LYS LB 27 -106.47 62.79 -42.18
CA LYS LB 27 -106.52 61.79 -43.23
C LYS LB 27 -107.34 60.61 -42.74
N PRO LB 28 -108.01 59.88 -43.64
CA PRO LB 28 -109.11 58.96 -43.21
C PRO LB 28 -108.69 57.82 -42.30
N PRO LB 29 -107.75 56.89 -42.69
CA PRO LB 29 -107.75 55.57 -42.03
C PRO LB 29 -107.08 55.62 -40.67
N ILE LB 30 -107.89 55.58 -39.63
CA ILE LB 30 -107.43 55.59 -38.24
C ILE LB 30 -107.87 54.30 -37.58
N ASN LB 31 -106.92 53.55 -37.05
CA ASN LB 31 -107.22 52.32 -36.35
C ASN LB 31 -106.15 52.09 -35.29
N ASN LB 32 -106.04 50.86 -34.81
CA ASN LB 32 -105.09 50.53 -33.77
C ASN LB 32 -103.66 50.55 -34.33
N PRO LB 33 -102.67 50.83 -33.47
CA PRO LB 33 -101.28 50.80 -33.93
C PRO LB 33 -100.83 49.39 -34.31
N SER LB 34 -99.92 49.33 -35.29
CA SER LB 34 -99.52 48.07 -35.90
C SER LB 34 -98.28 47.52 -35.21
N ASP LB 35 -97.70 46.47 -35.79
CA ASP LB 35 -96.53 45.81 -35.23
C ASP LB 35 -95.53 45.50 -36.34
N ASP LB 36 -94.24 45.68 -36.02
CA ASP LB 36 -93.19 45.56 -37.02
C ASP LB 36 -93.04 44.13 -37.53
N ALA LB 37 -93.21 43.14 -36.65
CA ALA LB 37 -93.13 41.75 -37.08
C ALA LB 37 -94.28 41.39 -38.00
N THR LB 38 -95.47 41.94 -37.72
CA THR LB 38 -96.60 41.76 -38.61
C THR LB 38 -96.36 42.43 -39.96
N ILE LB 39 -95.65 43.56 -39.96
CA ILE LB 39 -95.26 44.21 -41.21
C ILE LB 39 -94.31 43.32 -42.00
N LYS LB 40 -93.36 42.68 -41.30
CA LYS LB 40 -92.43 41.77 -41.96
C LYS LB 40 -93.15 40.58 -42.56
N LEU LB 41 -94.09 40.01 -41.82
CA LEU LB 41 -94.85 38.88 -42.33
C LEU LB 41 -95.73 39.28 -43.51
N ALA LB 42 -96.30 40.49 -43.46
CA ALA LB 42 -97.13 40.97 -44.56
C ALA LB 42 -96.32 41.16 -45.84
N GLU LB 43 -95.14 41.78 -45.72
CA GLU LB 43 -94.34 42.02 -46.91
C GLU LB 43 -93.72 40.74 -47.43
N ALA LB 44 -93.51 39.74 -46.56
CA ALA LB 44 -93.14 38.42 -47.05
C ALA LB 44 -94.29 37.77 -47.82
N ALA LB 45 -95.49 37.85 -47.24
CA ALA LB 45 -96.64 37.15 -47.78
C ALA LB 45 -97.10 37.74 -49.09
N VAL LB 46 -96.86 39.03 -49.32
CA VAL LB 46 -97.19 39.65 -50.60
C VAL LB 46 -96.38 39.02 -51.72
N SER LB 47 -95.07 38.87 -51.49
CA SER LB 47 -94.19 38.23 -52.47
C SER LB 47 -94.56 36.77 -52.68
N VAL LB 48 -94.88 36.07 -51.59
CA VAL LB 48 -95.26 34.67 -51.67
C VAL LB 48 -96.54 34.50 -52.48
N SER LB 49 -97.52 35.39 -52.24
CA SER LB 49 -98.78 35.36 -52.97
C SER LB 49 -98.58 35.65 -54.44
N ASP LB 50 -97.71 36.61 -54.77
CA ASP LB 50 -97.43 36.93 -56.16
C ASP LB 50 -96.79 35.75 -56.88
N SER LB 51 -95.83 35.10 -56.23
CA SER LB 51 -95.17 33.94 -56.84
C SER LB 51 -96.13 32.79 -57.04
N MET LB 52 -96.98 32.52 -56.03
CA MET LB 52 -97.95 31.45 -56.12
C MET LB 52 -98.98 31.72 -57.21
N LEU LB 53 -99.44 32.97 -57.32
CA LEU LB 53 -100.40 33.35 -58.34
C LEU LB 53 -99.82 33.23 -59.74
N GLU LB 54 -98.55 33.63 -59.90
CA GLU LB 54 -97.91 33.52 -61.21
C GLU LB 54 -97.73 32.06 -61.62
N MET LB 55 -97.30 31.21 -60.68
CA MET LB 55 -97.13 29.79 -60.99
C MET LB 55 -98.47 29.13 -61.32
N ALA LB 56 -99.51 29.47 -60.59
CA ALA LB 56 -100.83 28.91 -60.87
C ALA LB 56 -101.37 29.40 -62.21
N LYS LB 57 -101.10 30.67 -62.55
CA LYS LB 57 -101.56 31.21 -63.82
C LYS LB 57 -100.87 30.54 -65.00
N VAL LB 58 -99.54 30.37 -64.91
CA VAL LB 58 -98.84 29.74 -66.03
C VAL LB 58 -99.15 28.24 -66.08
N GLU LB 59 -99.48 27.63 -64.93
CA GLU LB 59 -99.93 26.25 -64.94
C GLU LB 59 -101.27 26.10 -65.63
N LYS LB 60 -102.20 27.01 -65.36
CA LYS LB 60 -103.49 27.02 -66.05
C LYS LB 60 -103.33 27.29 -67.53
N VAL LB 61 -102.35 28.12 -67.89
CA VAL LB 61 -102.08 28.41 -69.30
C VAL LB 61 -101.60 27.16 -70.01
N ILE LB 62 -100.63 26.45 -69.42
CA ILE LB 62 -100.08 25.28 -70.11
C ILE LB 62 -101.02 24.08 -70.02
N THR LB 63 -101.91 24.04 -69.03
CA THR LB 63 -102.78 22.88 -68.86
C THR LB 63 -104.24 23.29 -68.96
N PRO LB 64 -104.93 22.96 -70.04
CA PRO LB 64 -106.37 23.21 -70.10
C PRO LB 64 -107.12 22.21 -69.23
N PRO LB 65 -108.06 22.68 -68.42
CA PRO LB 65 -108.89 21.75 -67.63
C PRO LB 65 -109.85 21.00 -68.52
N SER LB 66 -110.30 19.85 -68.02
CA SER LB 66 -111.13 18.95 -68.83
C SER LB 66 -112.57 18.88 -68.32
N LYS LB 67 -112.79 18.47 -67.08
CA LYS LB 67 -114.14 18.24 -66.57
C LYS LB 67 -114.26 18.84 -65.18
N ASP LB 68 -115.44 18.65 -64.58
CA ASP LB 68 -115.78 19.22 -63.28
C ASP LB 68 -116.27 18.13 -62.35
N ASN LB 69 -115.90 18.24 -61.08
CA ASN LB 69 -116.33 17.24 -60.10
C ASN LB 69 -117.77 17.45 -59.63
N THR LB 70 -118.43 18.53 -60.05
CA THR LB 70 -119.86 18.65 -59.85
C THR LB 70 -120.62 17.58 -60.61
N LEU LB 71 -120.09 17.15 -61.76
CA LEU LB 71 -120.64 16.00 -62.46
C LEU LB 71 -120.50 14.72 -61.62
N THR LB 72 -119.36 14.57 -60.94
CA THR LB 72 -119.16 13.39 -60.09
C THR LB 72 -120.10 13.40 -58.89
N ILE LB 73 -120.27 14.55 -58.26
CA ILE LB 73 -121.17 14.64 -57.11
C ILE LB 73 -122.16 15.77 -57.33
N PRO LB 74 -123.25 15.55 -58.06
CA PRO LB 74 -124.28 16.58 -58.21
C PRO LB 74 -125.06 16.76 -56.92
N ASN LB 75 -125.59 17.97 -56.73
CA ASN LB 75 -126.37 18.25 -55.55
C ASN LB 75 -127.78 17.71 -55.71
N ALA LB 76 -128.50 17.66 -54.60
CA ALA LB 76 -129.88 17.22 -54.56
C ALA LB 76 -130.53 17.86 -53.33
N TYR LB 77 -131.71 17.37 -52.97
CA TYR LB 77 -132.37 17.86 -51.78
C TYR LB 77 -131.65 17.35 -50.52
N ASN LB 78 -131.98 17.99 -49.40
CA ASN LB 78 -131.37 17.82 -48.06
C ASN LB 78 -129.84 17.82 -48.11
N LEU LB 79 -129.29 18.63 -49.00
CA LEU LB 79 -127.85 18.85 -49.08
C LEU LB 79 -127.49 20.32 -48.99
N GLN LB 80 -128.46 21.22 -49.11
CA GLN LB 80 -128.20 22.64 -49.19
C GLN LB 80 -128.31 23.34 -47.83
N ALA LB 81 -128.61 22.60 -46.77
CA ALA LB 81 -128.42 23.12 -45.43
C ALA LB 81 -126.94 23.40 -45.20
N ARG LB 82 -126.64 24.51 -44.54
CA ARG LB 82 -125.28 25.01 -44.69
C ARG LB 82 -124.48 24.83 -43.42
N ALA LB 83 -123.19 25.19 -43.50
CA ALA LB 83 -122.24 24.89 -42.45
C ALA LB 83 -121.05 25.83 -42.54
N SER LB 84 -120.50 26.15 -41.38
CA SER LB 84 -119.23 26.86 -41.27
C SER LB 84 -118.25 25.98 -40.52
N VAL LB 85 -117.05 25.80 -41.10
CA VAL LB 85 -116.11 24.80 -40.62
C VAL LB 85 -114.83 25.47 -40.16
N ASP LB 86 -114.13 24.77 -39.26
CA ASP LB 86 -112.75 25.11 -38.90
C ASP LB 86 -112.07 23.80 -38.53
N TRP LB 87 -111.40 23.21 -39.51
CA TRP LB 87 -110.80 21.90 -39.32
C TRP LB 87 -109.42 21.90 -39.95
N SER LB 88 -108.45 21.35 -39.23
CA SER LB 88 -107.10 21.24 -39.76
C SER LB 88 -106.48 19.91 -39.36
N GLY LB 89 -107.25 18.83 -39.44
CA GLY LB 89 -106.77 17.54 -39.01
C GLY LB 89 -107.10 16.42 -39.97
N PRO LB 90 -107.66 15.33 -39.44
CA PRO LB 90 -107.95 14.16 -40.29
C PRO LB 90 -109.18 14.35 -41.16
N ILE LB 91 -109.57 13.30 -41.86
CA ILE LB 91 -110.59 13.37 -42.90
C ILE LB 91 -111.85 12.61 -42.50
N GLU LB 92 -111.68 11.37 -42.01
CA GLU LB 92 -112.80 10.43 -41.91
C GLU LB 92 -113.79 10.84 -40.82
N GLU LB 93 -113.29 11.40 -39.71
CA GLU LB 93 -114.18 11.84 -38.65
C GLU LB 93 -115.04 13.01 -39.11
N LEU LB 94 -114.43 13.95 -39.82
CA LEU LB 94 -115.17 15.10 -40.34
C LEU LB 94 -116.20 14.67 -41.38
N THR LB 95 -115.84 13.74 -42.26
CA THR LB 95 -116.79 13.27 -43.25
C THR LB 95 -117.90 12.44 -42.63
N ALA LB 96 -117.61 11.72 -41.55
CA ALA LB 96 -118.65 11.01 -40.83
C ALA LB 96 -119.61 11.98 -40.15
N ARG LB 97 -119.07 13.10 -39.64
CA ARG LB 97 -119.93 14.16 -39.10
C ARG LB 97 -120.82 14.75 -40.19
N ILE LB 98 -120.26 14.92 -41.39
CA ILE LB 98 -121.03 15.45 -42.51
C ILE LB 98 -122.15 14.49 -42.91
N ALA LB 99 -121.85 13.19 -42.97
CA ALA LB 99 -122.87 12.19 -43.31
C ALA LB 99 -123.92 12.08 -42.23
N LYS LB 100 -123.54 12.24 -40.95
CA LYS LB 100 -124.52 12.24 -39.87
C LYS LB 100 -125.42 13.46 -39.95
N ALA LB 101 -124.88 14.61 -40.36
CA ALA LB 101 -125.72 15.79 -40.57
C ALA LB 101 -126.65 15.59 -41.75
N ALA LB 102 -126.18 14.93 -42.80
CA ALA LB 102 -126.95 14.77 -44.04
C ALA LB 102 -127.87 13.57 -44.02
N HIS LB 103 -127.83 12.76 -42.97
CA HIS LB 103 -128.63 11.54 -42.81
C HIS LB 103 -128.41 10.56 -43.95
N PHE LB 104 -127.16 10.45 -44.40
CA PHE LB 104 -126.81 9.57 -45.49
C PHE LB 104 -125.89 8.47 -45.00
N ARG LB 105 -125.93 7.33 -45.69
CA ARG LB 105 -125.07 6.22 -45.31
C ARG LB 105 -123.62 6.52 -45.69
N PHE LB 106 -122.70 6.05 -44.87
CA PHE LB 106 -121.29 6.38 -45.00
C PHE LB 106 -120.50 5.12 -45.35
N ARG LB 107 -119.68 5.21 -46.40
CA ARG LB 107 -118.95 4.04 -46.86
C ARG LB 107 -117.52 4.41 -47.21
N VAL LB 108 -116.62 3.45 -46.96
CA VAL LB 108 -115.19 3.59 -47.22
C VAL LB 108 -114.76 2.52 -48.20
N LEU LB 109 -113.89 2.87 -49.13
CA LEU LB 109 -113.31 1.93 -50.07
C LEU LB 109 -111.79 2.01 -49.97
N GLY LB 110 -111.15 0.88 -49.77
CA GLY LB 110 -109.72 0.83 -49.61
C GLY LB 110 -109.29 0.95 -48.16
N LYS LB 111 -108.11 0.39 -47.88
CA LYS LB 111 -107.57 0.45 -46.53
C LYS LB 111 -107.04 1.85 -46.22
N SER LB 112 -106.98 2.16 -44.95
CA SER LB 112 -106.34 3.39 -44.52
C SER LB 112 -104.83 3.25 -44.70
N PRO LB 113 -104.18 4.13 -45.45
CA PRO LB 113 -102.72 4.06 -45.55
C PRO LB 113 -102.06 4.47 -44.25
N SER LB 114 -100.84 3.98 -44.06
CA SER LB 114 -100.12 4.23 -42.81
C SER LB 114 -99.73 5.68 -42.66
N VAL LB 115 -99.35 6.33 -43.76
CA VAL LB 115 -99.16 7.77 -43.73
C VAL LB 115 -100.56 8.40 -43.68
N PRO LB 116 -100.84 9.21 -42.67
CA PRO LB 116 -102.18 9.78 -42.54
C PRO LB 116 -102.44 10.86 -43.58
N VAL LB 117 -103.72 11.04 -43.88
CA VAL LB 117 -104.17 12.04 -44.85
C VAL LB 117 -104.76 13.19 -44.05
N LEU LB 118 -104.17 14.38 -44.19
CA LEU LB 118 -104.51 15.52 -43.35
C LEU LB 118 -105.11 16.61 -44.22
N ILE LB 119 -106.23 17.15 -43.76
CA ILE LB 119 -106.99 18.16 -44.50
C ILE LB 119 -107.13 19.38 -43.61
N SER LB 120 -106.82 20.56 -44.16
CA SER LB 120 -106.99 21.83 -43.47
C SER LB 120 -107.95 22.69 -44.27
N ILE LB 121 -109.21 22.72 -43.86
CA ILE LB 121 -110.23 23.55 -44.48
C ILE LB 121 -110.95 24.32 -43.38
N SER LB 122 -111.00 25.65 -43.53
CA SER LB 122 -111.73 26.50 -42.59
C SER LB 122 -112.37 27.62 -43.41
N THR LB 123 -113.65 27.45 -43.74
CA THR LB 123 -114.41 28.48 -44.43
C THR LB 123 -115.70 28.76 -43.67
N LYS LB 124 -116.62 29.51 -44.26
CA LYS LB 124 -117.79 29.97 -43.51
C LYS LB 124 -119.02 30.01 -44.41
N ASP LB 125 -120.07 29.28 -44.01
CA ASP LB 125 -121.42 29.33 -44.57
C ASP LB 125 -121.44 28.95 -46.05
N GLU LB 126 -121.10 27.69 -46.32
CA GLU LB 126 -121.20 27.14 -47.66
C GLU LB 126 -122.08 25.91 -47.67
N SER LB 127 -122.52 25.54 -48.87
CA SER LB 127 -123.28 24.32 -49.05
C SER LB 127 -122.36 23.10 -49.06
N LEU LB 128 -122.93 21.97 -48.67
CA LEU LB 128 -122.13 20.78 -48.39
C LEU LB 128 -121.60 20.15 -49.65
N ALA LB 129 -122.28 20.32 -50.78
CA ALA LB 129 -121.78 19.80 -52.05
C ALA LB 129 -120.50 20.50 -52.45
N GLU LB 130 -120.47 21.83 -52.34
CA GLU LB 130 -119.24 22.58 -52.59
C GLU LB 130 -118.19 22.28 -51.54
N ILE LB 131 -118.61 22.00 -50.30
CA ILE LB 131 -117.68 21.58 -49.26
C ILE LB 131 -116.98 20.30 -49.65
N LEU LB 132 -117.75 19.31 -50.12
CA LEU LB 132 -117.19 18.02 -50.52
C LEU LB 132 -116.31 18.16 -51.76
N ARG LB 133 -116.70 19.04 -52.68
CA ARG LB 133 -115.85 19.28 -53.85
C ARG LB 133 -114.53 19.92 -53.45
N ASP LB 134 -114.56 20.83 -52.48
CA ASP LB 134 -113.32 21.39 -51.94
C ASP LB 134 -112.48 20.32 -51.25
N ILE LB 135 -113.13 19.40 -50.55
CA ILE LB 135 -112.43 18.32 -49.88
C ILE LB 135 -111.75 17.40 -50.88
N ASP LB 136 -112.46 17.05 -51.96
CA ASP LB 136 -111.88 16.18 -52.97
C ASP LB 136 -110.77 16.89 -53.74
N TYR LB 137 -110.89 18.20 -53.95
CA TYR LB 137 -109.80 18.94 -54.57
C TYR LB 137 -108.58 19.04 -53.65
N GLN LB 138 -108.82 19.15 -52.34
CA GLN LB 138 -107.70 19.12 -51.39
C GLN LB 138 -107.05 17.76 -51.37
N ALA LB 139 -107.84 16.69 -51.51
CA ALA LB 139 -107.28 15.35 -51.60
C ALA LB 139 -106.45 15.18 -52.86
N GLY LB 140 -106.97 15.64 -54.00
CA GLY LB 140 -106.27 15.52 -55.25
C GLY LB 140 -106.10 14.08 -55.69
N LYS LB 141 -104.88 13.58 -55.60
CA LYS LB 141 -104.57 12.21 -56.00
C LYS LB 141 -104.63 11.23 -54.83
N LYS LB 142 -105.01 11.68 -53.64
CA LYS LB 142 -105.06 10.80 -52.48
C LYS LB 142 -106.35 9.99 -52.42
N ALA LB 143 -107.49 10.63 -52.62
CA ALA LB 143 -108.77 9.97 -52.45
C ALA LB 143 -109.80 10.64 -53.34
N SER LB 144 -110.94 9.97 -53.48
CA SER LB 144 -112.06 10.50 -54.27
C SER LB 144 -113.35 10.31 -53.49
N ILE LB 145 -114.32 11.17 -53.79
CA ILE LB 145 -115.60 11.20 -53.09
C ILE LB 145 -116.72 10.97 -54.09
N HIS LB 146 -117.61 10.03 -53.78
CA HIS LB 146 -118.77 9.77 -54.62
C HIS LB 146 -120.04 9.82 -53.78
N VAL LB 147 -121.11 10.34 -54.38
CA VAL LB 147 -122.42 10.41 -53.72
C VAL LB 147 -123.46 9.87 -54.70
N TYR LB 148 -124.25 8.92 -54.24
CA TYR LB 148 -125.41 8.44 -54.99
C TYR LB 148 -126.65 8.76 -54.18
N PRO LB 149 -127.38 9.83 -54.53
CA PRO LB 149 -128.47 10.29 -53.66
C PRO LB 149 -129.75 9.48 -53.81
N ASN LB 150 -129.88 8.74 -54.90
CA ASN LB 150 -131.01 7.84 -55.04
C ASN LB 150 -130.97 6.74 -53.99
N SER LB 151 -129.78 6.21 -53.72
CA SER LB 151 -129.58 5.26 -52.64
C SER LB 151 -129.03 5.93 -51.38
N GLN LB 152 -128.85 7.25 -51.41
CA GLN LB 152 -128.52 8.09 -50.24
C GLN LB 152 -127.20 7.68 -49.59
N VAL LB 153 -126.23 7.36 -50.42
CA VAL LB 153 -124.97 6.78 -49.97
C VAL LB 153 -123.83 7.71 -50.36
N VAL LB 154 -123.03 8.11 -49.37
CA VAL LB 154 -121.81 8.86 -49.57
C VAL LB 154 -120.64 7.95 -49.27
N GLU LB 155 -119.72 7.81 -50.22
CA GLU LB 155 -118.57 6.95 -50.03
C GLU LB 155 -117.31 7.69 -50.41
N LEU LB 156 -116.23 7.33 -49.74
CA LEU LB 156 -114.89 7.75 -50.12
C LEU LB 156 -114.13 6.54 -50.64
N ARG LB 157 -113.09 6.83 -51.41
CA ARG LB 157 -112.25 5.76 -51.93
C ARG LB 157 -110.80 6.22 -51.92
N TYR LB 158 -109.94 5.40 -51.33
CA TYR LB 158 -108.52 5.72 -51.27
C TYR LB 158 -107.87 5.47 -52.63
N ALA LB 159 -106.64 5.94 -52.78
CA ALA LB 159 -105.88 5.65 -53.99
C ALA LB 159 -105.26 4.27 -53.91
N LYS LB 160 -105.62 3.41 -54.86
CA LYS LB 160 -104.92 2.15 -55.06
C LYS LB 160 -103.60 2.48 -55.73
N ILE LB 161 -102.51 2.39 -54.96
CA ILE LB 161 -101.21 2.85 -55.40
C ILE LB 161 -100.15 2.11 -54.58
N TYR LB 162 -98.92 2.11 -55.10
CA TYR LB 162 -97.71 1.51 -54.50
C TYR LB 162 -97.87 0.00 -54.37
N ARG MB 207 -53.49 11.18 -99.52
CA ARG MB 207 -53.81 9.97 -98.78
C ARG MB 207 -52.68 9.63 -97.81
N ILE MB 208 -52.96 8.74 -96.85
CA ILE MB 208 -51.98 8.33 -95.87
C ILE MB 208 -51.01 7.35 -96.53
N ILE MB 209 -49.72 7.64 -96.43
CA ILE MB 209 -48.68 6.85 -97.07
C ILE MB 209 -47.79 6.27 -95.99
N TYR MB 210 -47.67 4.94 -95.98
CA TYR MB 210 -46.78 4.26 -95.06
C TYR MB 210 -45.35 4.31 -95.58
N TYR MB 211 -44.41 4.23 -94.64
CA TYR MB 211 -43.00 4.13 -94.94
C TYR MB 211 -42.43 2.94 -94.18
N ILE MB 212 -41.36 2.37 -94.73
CA ILE MB 212 -40.77 1.16 -94.16
C ILE MB 212 -39.97 1.53 -92.92
N GLN MB 213 -40.21 0.83 -91.82
CA GLN MB 213 -39.42 0.96 -90.60
C GLN MB 213 -38.44 -0.19 -90.41
N ALA MB 214 -38.94 -1.42 -90.41
CA ALA MB 214 -38.11 -2.62 -90.34
C ALA MB 214 -38.49 -3.54 -91.49
N VAL MB 215 -37.48 -4.11 -92.15
CA VAL MB 215 -37.68 -4.95 -93.31
C VAL MB 215 -36.92 -6.26 -93.12
N ILE MB 216 -37.63 -7.38 -93.24
CA ILE MB 216 -37.05 -8.71 -93.12
C ILE MB 216 -37.79 -9.62 -94.10
N PRO MB 217 -37.25 -10.80 -94.44
CA PRO MB 217 -38.11 -11.82 -95.03
C PRO MB 217 -39.19 -12.24 -94.04
N GLY MB 218 -40.41 -12.44 -94.55
CA GLY MB 218 -41.52 -12.82 -93.70
C GLY MB 218 -42.31 -11.65 -93.16
N ARG MB 219 -41.69 -10.84 -92.30
CA ARG MB 219 -42.39 -9.73 -91.66
C ARG MB 219 -41.99 -8.40 -92.28
N ALA MB 220 -42.80 -7.39 -92.04
CA ALA MB 220 -42.46 -6.02 -92.44
C ALA MB 220 -43.07 -5.05 -91.45
N TRP MB 221 -42.53 -3.84 -91.41
CA TRP MB 221 -43.01 -2.80 -90.51
C TRP MB 221 -43.30 -1.53 -91.31
N LEU MB 222 -44.52 -1.03 -91.20
CA LEU MB 222 -44.93 0.16 -91.94
C LEU MB 222 -45.47 1.20 -90.97
N ILE MB 223 -44.88 2.39 -91.02
CA ILE MB 223 -45.31 3.52 -90.20
C ILE MB 223 -45.93 4.55 -91.13
N GLY MB 224 -47.19 4.87 -90.89
CA GLY MB 224 -47.93 5.74 -91.78
C GLY MB 224 -47.59 7.21 -91.59
N SER MB 225 -48.21 8.03 -92.45
CA SER MB 225 -48.08 9.47 -92.30
C SER MB 225 -48.76 9.98 -91.04
N ASN MB 226 -49.75 9.25 -90.54
CA ASN MB 226 -50.38 9.60 -89.27
C ASN MB 226 -49.46 9.36 -88.08
N GLY MB 227 -48.49 8.45 -88.20
CA GLY MB 227 -47.62 8.09 -87.11
C GLY MB 227 -47.90 6.76 -86.47
N SER MB 228 -48.74 5.93 -87.07
CA SER MB 228 -49.05 4.61 -86.54
C SER MB 228 -48.19 3.56 -87.25
N THR MB 229 -47.58 2.67 -86.47
CA THR MB 229 -46.68 1.64 -86.99
C THR MB 229 -47.33 0.27 -86.81
N LEU MB 230 -47.37 -0.50 -87.89
CA LEU MB 230 -47.97 -1.83 -87.89
C LEU MB 230 -47.04 -2.81 -88.57
N THR MB 231 -46.89 -3.99 -87.97
CA THR MB 231 -46.20 -5.09 -88.63
C THR MB 231 -47.18 -5.85 -89.51
N VAL MB 232 -46.75 -6.16 -90.73
CA VAL MB 232 -47.56 -6.85 -91.72
C VAL MB 232 -46.81 -8.09 -92.19
N ARG MB 233 -47.53 -8.96 -92.92
CA ARG MB 233 -46.98 -10.21 -93.41
C ARG MB 233 -47.11 -10.28 -94.92
N GLU MB 234 -46.86 -11.46 -95.50
CA GLU MB 234 -46.86 -11.59 -96.96
C GLU MB 234 -48.26 -11.48 -97.54
N GLY MB 235 -49.16 -12.38 -97.16
CA GLY MB 235 -50.51 -12.31 -97.70
C GLY MB 235 -51.36 -11.35 -96.90
N SER MB 236 -51.55 -10.14 -97.41
CA SER MB 236 -52.17 -9.09 -96.64
C SER MB 236 -53.21 -8.35 -97.48
N LYS MB 237 -54.22 -7.83 -96.80
CA LYS MB 237 -55.22 -6.96 -97.41
C LYS MB 237 -55.12 -5.59 -96.75
N ILE MB 238 -54.91 -4.57 -97.55
CA ILE MB 238 -54.63 -3.23 -97.04
C ILE MB 238 -55.44 -2.22 -97.85
N PRO MB 239 -56.20 -1.32 -97.20
CA PRO MB 239 -56.93 -0.29 -97.95
C PRO MB 239 -55.99 0.68 -98.65
N GLY MB 240 -56.38 1.05 -99.86
CA GLY MB 240 -55.61 1.98 -100.68
C GLY MB 240 -54.46 1.37 -101.44
N TYR MB 241 -54.12 0.11 -101.16
CA TYR MB 241 -52.98 -0.54 -101.80
C TYR MB 241 -53.39 -1.78 -102.56
N GLY MB 242 -54.18 -2.66 -101.95
CA GLY MB 242 -54.62 -3.86 -102.63
C GLY MB 242 -54.05 -5.13 -102.03
N MET MB 243 -53.60 -6.05 -102.88
CA MET MB 243 -53.05 -7.32 -102.44
C MET MB 243 -51.52 -7.26 -102.45
N VAL MB 244 -50.91 -7.98 -101.53
CA VAL MB 244 -49.46 -8.10 -101.44
C VAL MB 244 -49.10 -9.54 -101.75
N LYS MB 245 -48.35 -9.74 -102.82
CA LYS MB 245 -48.00 -11.07 -103.30
C LYS MB 245 -46.51 -11.35 -103.29
N LEU MB 246 -45.69 -10.38 -102.88
CA LEU MB 246 -44.25 -10.58 -102.83
C LEU MB 246 -43.64 -9.62 -101.81
N ILE MB 247 -42.68 -10.13 -101.04
CA ILE MB 247 -41.89 -9.32 -100.11
C ILE MB 247 -40.49 -9.20 -100.68
N ASP MB 248 -40.04 -7.95 -100.85
CA ASP MB 248 -38.70 -7.66 -101.36
C ASP MB 248 -37.86 -7.20 -100.17
N SER MB 249 -37.20 -8.17 -99.52
CA SER MB 249 -36.34 -7.85 -98.38
C SER MB 249 -35.13 -7.04 -98.80
N LEU MB 250 -34.58 -7.35 -99.97
CA LEU MB 250 -33.54 -6.52 -100.56
C LEU MB 250 -34.16 -5.22 -101.07
N GLN MB 251 -33.32 -4.19 -101.14
CA GLN MB 251 -33.57 -2.87 -101.74
C GLN MB 251 -34.65 -2.06 -101.04
N GLY MB 252 -35.27 -2.55 -99.97
CA GLY MB 252 -36.30 -1.83 -99.25
C GLY MB 252 -37.57 -1.55 -100.05
N ARG MB 253 -38.08 -2.55 -100.75
CA ARG MB 253 -39.25 -2.38 -101.59
C ARG MB 253 -40.37 -3.32 -101.15
N ILE MB 254 -41.61 -2.95 -101.46
CA ILE MB 254 -42.78 -3.75 -101.13
C ILE MB 254 -43.63 -3.88 -102.39
N LEU MB 255 -43.91 -5.12 -102.78
CA LEU MB 255 -44.70 -5.39 -103.97
C LEU MB 255 -46.18 -5.43 -103.64
N THR MB 256 -46.97 -4.67 -104.41
CA THR MB 256 -48.41 -4.59 -104.20
C THR MB 256 -49.11 -4.73 -105.54
N SER MB 257 -50.26 -5.43 -105.52
CA SER MB 257 -50.95 -5.86 -106.74
C SER MB 257 -51.41 -4.70 -107.63
N SER MB 258 -51.56 -3.50 -107.06
CA SER MB 258 -51.94 -2.33 -107.83
C SER MB 258 -50.76 -1.52 -108.31
N GLY MB 259 -49.56 -2.12 -108.42
CA GLY MB 259 -48.41 -1.40 -108.90
C GLY MB 259 -47.89 -0.32 -107.98
N GLN MB 260 -47.88 -0.59 -106.67
CA GLN MB 260 -47.44 0.37 -105.67
C GLN MB 260 -46.23 -0.20 -104.92
N VAL MB 261 -45.19 0.62 -104.78
CA VAL MB 261 -43.95 0.21 -104.11
C VAL MB 261 -43.77 1.07 -102.88
N ILE MB 262 -43.75 0.44 -101.72
CA ILE MB 262 -43.47 1.14 -100.48
C ILE MB 262 -41.98 1.08 -100.22
N LYS MB 263 -41.42 2.21 -99.79
CA LYS MB 263 -39.99 2.38 -99.62
C LYS MB 263 -39.77 3.19 -98.35
N PHE MB 264 -38.56 3.71 -98.19
CA PHE MB 264 -38.29 4.74 -97.21
C PHE MB 264 -38.63 6.10 -97.83
N SER MB 265 -38.22 7.18 -97.17
CA SER MB 265 -38.42 8.50 -97.73
C SER MB 265 -37.44 8.75 -98.88
N GLN MB 266 -37.70 9.82 -99.62
CA GLN MB 266 -36.75 10.24 -100.65
C GLN MB 266 -35.45 10.71 -100.03
N GLU MB 267 -35.54 11.42 -98.90
CA GLU MB 267 -34.35 11.88 -98.19
C GLU MB 267 -33.99 10.94 -97.05
N ASP MB 268 -34.95 10.67 -96.15
CA ASP MB 268 -34.72 9.79 -95.00
C ASP MB 268 -34.67 8.35 -95.52
N SER MB 269 -33.49 7.96 -95.98
CA SER MB 269 -33.28 6.65 -96.57
C SER MB 269 -31.82 6.23 -96.45
N GLN NB 791 -2.95 -25.08 -116.92
CA GLN NB 791 -3.21 -26.52 -117.00
C GLN NB 791 -2.90 -27.20 -115.67
N GLN NB 792 -1.65 -27.63 -115.53
CA GLN NB 792 -1.19 -28.20 -114.27
C GLN NB 792 -0.66 -27.16 -113.30
N GLU NB 793 -0.57 -25.90 -113.73
CA GLU NB 793 -0.08 -24.84 -112.85
C GLU NB 793 -1.20 -24.17 -112.06
N ILE NB 794 -2.45 -24.49 -112.36
CA ILE NB 794 -3.58 -23.85 -111.71
C ILE NB 794 -3.72 -24.26 -110.26
N GLN NB 795 -3.30 -25.48 -109.91
CA GLN NB 795 -3.56 -26.03 -108.59
C GLN NB 795 -2.76 -25.31 -107.51
N GLN NB 796 -1.48 -25.06 -107.79
CA GLN NB 796 -0.70 -24.23 -106.89
C GLN NB 796 -1.11 -22.76 -107.01
N ARG NB 797 -1.67 -22.38 -108.15
CA ARG NB 797 -2.24 -21.05 -108.32
C ARG NB 797 -3.63 -20.94 -107.71
N THR NB 798 -4.20 -22.04 -107.24
CA THR NB 798 -5.42 -21.99 -106.46
C THR NB 798 -5.15 -22.16 -104.97
N SER NB 799 -4.11 -22.91 -104.62
CA SER NB 799 -3.82 -23.17 -103.22
C SER NB 799 -3.26 -21.94 -102.52
N ASP NB 800 -2.61 -21.05 -103.28
CA ASP NB 800 -2.03 -19.86 -102.69
C ASP NB 800 -3.11 -18.88 -102.23
N MET NB 801 -4.10 -18.62 -103.08
CA MET NB 801 -5.21 -17.78 -102.68
C MET NB 801 -6.14 -18.51 -101.72
N LEU NB 802 -6.10 -19.85 -101.73
CA LEU NB 802 -6.75 -20.61 -100.67
C LEU NB 802 -6.14 -20.30 -99.32
N THR NB 803 -4.82 -20.21 -99.25
CA THR NB 803 -4.16 -19.81 -98.02
C THR NB 803 -4.38 -18.33 -97.73
N ALA NB 804 -4.49 -17.51 -98.78
CA ALA NB 804 -4.72 -16.08 -98.58
C ALA NB 804 -6.13 -15.83 -98.07
N ALA NB 805 -7.12 -16.51 -98.62
CA ALA NB 805 -8.48 -16.30 -98.18
C ALA NB 805 -8.77 -16.98 -96.85
N THR NB 806 -8.09 -18.09 -96.54
CA THR NB 806 -8.26 -18.67 -95.23
C THR NB 806 -7.60 -17.82 -94.15
N GLN NB 807 -6.63 -16.99 -94.52
CA GLN NB 807 -6.26 -15.87 -93.67
C GLN NB 807 -7.36 -14.83 -93.66
N LEU NB 808 -7.95 -14.55 -94.82
CA LEU NB 808 -8.87 -13.44 -94.94
C LEU NB 808 -10.26 -13.74 -94.40
N VAL NB 809 -10.63 -15.02 -94.27
CA VAL NB 809 -12.00 -15.34 -93.86
C VAL NB 809 -12.21 -14.98 -92.40
N GLN NB 810 -11.20 -15.19 -91.55
CA GLN NB 810 -11.32 -14.84 -90.15
C GLN NB 810 -11.12 -13.36 -89.90
N ASP NB 811 -10.69 -12.61 -90.92
CA ASP NB 811 -10.41 -11.19 -90.76
C ASP NB 811 -11.66 -10.36 -90.54
N TRP NB 812 -12.85 -10.92 -90.82
CA TRP NB 812 -14.08 -10.23 -90.50
C TRP NB 812 -14.92 -10.96 -89.46
N LYS NB 813 -14.53 -12.16 -89.06
CA LYS NB 813 -15.29 -12.87 -88.03
C LYS NB 813 -15.12 -12.22 -86.67
N GLN NB 814 -13.93 -11.69 -86.39
CA GLN NB 814 -13.67 -11.09 -85.10
C GLN NB 814 -14.34 -9.72 -84.99
N VAL NB 815 -14.59 -9.32 -83.74
CA VAL NB 815 -15.23 -8.04 -83.41
C VAL NB 815 -14.87 -7.71 -81.98
N GLU NB 816 -14.44 -6.47 -81.73
CA GLU NB 816 -14.10 -6.04 -80.39
C GLU NB 816 -15.31 -5.38 -79.73
N THR NB 817 -15.08 -4.81 -78.54
CA THR NB 817 -16.15 -4.31 -77.69
C THR NB 817 -15.89 -2.85 -77.34
N GLN NB 818 -16.97 -2.08 -77.23
CA GLN NB 818 -16.87 -0.71 -76.78
C GLN NB 818 -16.54 -0.67 -75.28
N VAL NB 819 -16.00 0.47 -74.85
CA VAL NB 819 -15.54 0.64 -73.47
C VAL NB 819 -16.19 1.89 -72.90
N TYR NB 820 -16.86 1.74 -71.77
CA TYR NB 820 -17.53 2.83 -71.09
C TYR NB 820 -16.66 3.37 -69.96
N THR NB 821 -16.71 4.68 -69.75
CA THR NB 821 -15.97 5.32 -68.69
C THR NB 821 -16.73 6.55 -68.19
N GLU NB 822 -17.07 6.55 -66.91
CA GLU NB 822 -17.76 7.67 -66.27
C GLU NB 822 -16.76 8.47 -65.43
N GLY NB 823 -17.27 9.42 -64.66
CA GLY NB 823 -16.44 10.25 -63.81
C GLY NB 823 -17.00 10.42 -62.42
N THR NB 824 -16.66 11.52 -61.77
CA THR NB 824 -17.12 11.79 -60.42
C THR NB 824 -18.27 12.79 -60.41
N ALA OB 104 42.10 -5.22 -113.46
CA ALA OB 104 43.18 -4.98 -112.53
C ALA OB 104 42.83 -3.82 -111.60
N GLU OB 105 42.10 -2.84 -112.13
CA GLU OB 105 41.66 -1.70 -111.33
C GLU OB 105 40.16 -1.50 -111.47
N VAL OB 106 39.61 -1.87 -112.62
CA VAL OB 106 38.17 -1.76 -112.83
C VAL OB 106 37.40 -2.87 -112.12
N ILE OB 107 38.11 -3.91 -111.68
CA ILE OB 107 37.51 -5.02 -110.93
C ILE OB 107 36.92 -4.52 -109.62
N ASP OB 108 37.57 -3.52 -108.99
CA ASP OB 108 37.05 -2.91 -107.78
C ASP OB 108 35.71 -2.22 -108.04
N LYS OB 109 35.60 -1.49 -109.14
CA LYS OB 109 34.36 -0.80 -109.49
C LYS OB 109 33.25 -1.80 -109.82
N LYS OB 110 33.59 -2.85 -110.57
CA LYS OB 110 32.62 -3.88 -110.92
C LYS OB 110 32.10 -4.60 -109.68
N ALA OB 111 33.01 -4.97 -108.77
CA ALA OB 111 32.61 -5.65 -107.55
C ALA OB 111 31.80 -4.75 -106.63
N PHE OB 112 32.16 -3.46 -106.56
CA PHE OB 112 31.43 -2.53 -105.70
C PHE OB 112 30.02 -2.30 -106.23
N LYS OB 113 29.86 -2.16 -107.55
CA LYS OB 113 28.53 -1.97 -108.11
C LYS OB 113 27.69 -3.24 -107.99
N ASP OB 114 28.32 -4.40 -108.15
CA ASP OB 114 27.60 -5.66 -108.01
C ASP OB 114 27.15 -5.89 -106.57
N MET OB 115 28.00 -5.58 -105.58
CA MET OB 115 27.58 -5.75 -104.20
C MET OB 115 26.56 -4.70 -103.79
N THR OB 116 26.62 -3.51 -104.41
CA THR OB 116 25.57 -2.52 -104.17
C THR OB 116 24.23 -3.02 -104.66
N ARG OB 117 24.22 -3.62 -105.86
CA ARG OB 117 23.01 -4.23 -106.41
C ARG OB 117 22.53 -5.41 -105.56
N ASN OB 118 23.47 -6.19 -105.01
CA ASN OB 118 23.11 -7.30 -104.15
C ASN OB 118 22.51 -6.83 -102.83
N LEU OB 119 23.08 -5.78 -102.25
CA LEU OB 119 22.60 -5.28 -100.97
C LEU OB 119 21.24 -4.63 -101.11
N TYR OB 120 21.01 -3.89 -102.18
CA TYR OB 120 19.72 -3.26 -102.43
C TYR OB 120 19.21 -3.69 -103.80
N PRO OB 121 18.59 -4.86 -103.90
CA PRO OB 121 18.01 -5.28 -105.17
C PRO OB 121 16.73 -4.53 -105.55
N LEU OB 122 16.05 -3.93 -104.58
CA LEU OB 122 14.79 -3.24 -104.85
C LEU OB 122 15.03 -1.77 -105.11
N ASN OB 123 14.45 -1.27 -106.18
CA ASN OB 123 14.56 0.14 -106.51
C ASN OB 123 13.64 0.98 -105.62
N PRO OB 124 14.00 2.26 -105.38
CA PRO OB 124 13.11 3.13 -104.58
C PRO OB 124 11.75 3.34 -105.21
N GLU OB 125 11.67 3.42 -106.54
CA GLU OB 125 10.38 3.51 -107.20
C GLU OB 125 9.60 2.21 -107.06
N GLN OB 126 10.31 1.08 -107.01
CA GLN OB 126 9.65 -0.19 -106.73
C GLN OB 126 9.11 -0.22 -105.31
N VAL OB 127 9.85 0.40 -104.37
CA VAL OB 127 9.39 0.52 -102.99
C VAL OB 127 8.12 1.36 -102.91
N VAL OB 128 8.10 2.48 -103.65
CA VAL OB 128 6.92 3.35 -103.67
C VAL OB 128 5.72 2.64 -104.31
N LYS OB 129 5.95 1.91 -105.40
CA LYS OB 129 4.87 1.19 -106.07
C LYS OB 129 4.33 0.06 -105.21
N LEU OB 130 5.20 -0.64 -104.48
CA LEU OB 130 4.73 -1.69 -103.58
C LEU OB 130 3.97 -1.11 -102.40
N LYS OB 131 4.40 0.06 -101.91
CA LYS OB 131 3.65 0.73 -100.84
C LYS OB 131 2.27 1.15 -101.32
N GLN OB 132 2.18 1.66 -102.56
CA GLN OB 132 0.89 2.06 -103.09
C GLN OB 132 -0.01 0.87 -103.36
N ILE OB 133 0.55 -0.24 -103.84
CA ILE OB 133 -0.30 -1.41 -104.10
C ILE OB 133 -0.72 -2.05 -102.78
N TYR OB 134 0.10 -1.92 -101.74
CA TYR OB 134 -0.32 -2.34 -100.40
C TYR OB 134 -1.44 -1.44 -99.88
N GLU OB 135 -1.37 -0.14 -100.19
CA GLU OB 135 -2.43 0.78 -99.80
C GLU OB 135 -3.75 0.44 -100.50
N THR OB 136 -3.68 0.07 -101.78
CA THR OB 136 -4.89 -0.38 -102.48
C THR OB 136 -5.42 -1.67 -101.90
N SER OB 137 -4.52 -2.60 -101.53
CA SER OB 137 -4.92 -3.87 -100.94
C SER OB 137 -5.63 -3.66 -99.61
N GLU OB 138 -5.04 -2.84 -98.72
CA GLU OB 138 -5.67 -2.59 -97.44
C GLU OB 138 -6.91 -1.71 -97.55
N TYR OB 139 -7.02 -0.89 -98.60
CA TYR OB 139 -8.24 -0.13 -98.79
C TYR OB 139 -9.37 -1.02 -99.27
N ALA OB 140 -9.07 -1.97 -100.16
CA ALA OB 140 -10.07 -2.95 -100.56
C ALA OB 140 -10.43 -3.88 -99.40
N LYS OB 141 -9.48 -4.10 -98.48
CA LYS OB 141 -9.78 -4.83 -97.26
C LYS OB 141 -10.75 -4.04 -96.37
N ALA OB 142 -10.46 -2.75 -96.15
CA ALA OB 142 -11.27 -1.95 -95.24
C ALA OB 142 -12.62 -1.58 -95.82
N ALA OB 143 -12.75 -1.57 -97.14
CA ALA OB 143 -14.03 -1.25 -97.75
C ALA OB 143 -15.04 -2.37 -97.53
N THR OB 144 -16.31 -1.98 -97.43
CA THR OB 144 -17.40 -2.92 -97.28
C THR OB 144 -18.33 -2.84 -98.48
N PRO OB 145 -18.72 -3.96 -99.07
CA PRO OB 145 -19.60 -3.92 -100.25
C PRO OB 145 -21.01 -3.47 -99.89
N GLY OB 146 -21.70 -2.93 -100.90
CA GLY OB 146 -23.05 -2.45 -100.73
C GLY OB 146 -23.10 -1.00 -100.29
N THR OB 147 -24.33 -0.47 -100.28
CA THR OB 147 -24.56 0.91 -99.87
C THR OB 147 -24.47 1.04 -98.35
N PRO OB 148 -23.83 2.10 -97.85
CA PRO OB 148 -23.67 2.25 -96.40
C PRO OB 148 -24.97 2.69 -95.77
N PRO OB 149 -25.14 2.43 -94.46
CA PRO OB 149 -26.34 2.91 -93.77
C PRO OB 149 -26.30 4.42 -93.59
N LYS OB 150 -27.47 4.98 -93.30
CA LYS OB 150 -27.60 6.41 -93.10
C LYS OB 150 -27.85 6.70 -91.63
N PRO OB 151 -26.96 7.44 -90.96
CA PRO OB 151 -27.20 7.76 -89.55
C PRO OB 151 -28.30 8.80 -89.38
N THR OB 152 -29.11 8.61 -88.34
CA THR OB 152 -30.23 9.50 -88.07
C THR OB 152 -30.56 9.45 -86.59
N ALA OB 153 -31.55 10.25 -86.19
CA ALA OB 153 -32.08 10.25 -84.83
C ALA OB 153 -33.59 10.14 -84.90
N THR OB 154 -34.16 9.31 -84.02
CA THR OB 154 -35.58 9.02 -84.02
C THR OB 154 -36.18 9.42 -82.69
N SER OB 155 -37.37 10.01 -82.73
CA SER OB 155 -38.13 10.38 -81.55
C SER OB 155 -39.44 9.60 -81.58
N GLN OB 156 -39.55 8.58 -80.73
CA GLN OB 156 -40.67 7.67 -80.77
C GLN OB 156 -41.44 7.73 -79.46
N PHE OB 157 -42.76 7.57 -79.56
CA PHE OB 157 -43.62 7.53 -78.39
C PHE OB 157 -43.96 6.07 -78.08
N VAL OB 158 -43.82 5.69 -76.81
CA VAL OB 158 -44.03 4.32 -76.39
C VAL OB 158 -45.53 4.03 -76.38
N ASN OB 159 -45.93 2.96 -77.07
CA ASN OB 159 -47.33 2.56 -77.11
C ASN OB 159 -47.59 1.65 -75.92
N LEU OB 160 -48.24 2.20 -74.89
CA LEU OB 160 -48.49 1.46 -73.67
C LEU OB 160 -49.80 0.67 -73.71
N SER OB 161 -50.51 0.69 -74.83
CA SER OB 161 -51.71 -0.12 -74.95
C SER OB 161 -51.34 -1.60 -75.00
N PRO OB 162 -52.06 -2.46 -74.30
CA PRO OB 162 -51.65 -3.86 -74.16
C PRO OB 162 -51.96 -4.75 -75.36
N GLY OB 163 -52.30 -4.20 -76.52
CA GLY OB 163 -52.57 -5.02 -77.69
C GLY OB 163 -51.87 -4.53 -78.93
N SER OB 164 -51.17 -3.41 -78.83
CA SER OB 164 -50.54 -2.79 -79.98
C SER OB 164 -49.21 -3.46 -80.31
N THR OB 165 -48.65 -3.08 -81.47
CA THR OB 165 -47.34 -3.55 -81.91
C THR OB 165 -46.24 -2.90 -81.09
N PRO OB 166 -45.19 -3.64 -80.74
CA PRO OB 166 -44.11 -3.08 -79.94
C PRO OB 166 -43.17 -2.24 -80.78
N PRO OB 167 -42.60 -1.17 -80.23
CA PRO OB 167 -41.63 -0.37 -80.97
C PRO OB 167 -40.34 -1.14 -81.25
N VAL OB 168 -39.77 -0.87 -82.42
CA VAL OB 168 -38.59 -1.57 -82.90
C VAL OB 168 -37.45 -0.57 -83.02
N ILE OB 169 -36.26 -1.01 -82.65
CA ILE OB 169 -35.05 -0.19 -82.67
C ILE OB 169 -34.12 -0.71 -83.74
N ARG OB 170 -33.69 0.17 -84.63
CA ARG OB 170 -32.75 -0.19 -85.70
C ARG OB 170 -31.33 0.04 -85.23
N LEU OB 171 -30.47 -0.96 -85.42
CA LEU OB 171 -29.09 -0.90 -84.95
C LEU OB 171 -28.14 -1.23 -86.10
N SER OB 172 -26.84 -1.04 -85.83
CA SER OB 172 -25.79 -1.32 -86.79
C SER OB 172 -24.61 -1.96 -86.09
N GLN OB 173 -23.90 -2.81 -86.82
CA GLN OB 173 -22.67 -3.41 -86.32
C GLN OB 173 -21.56 -2.37 -86.29
N GLY OB 174 -20.77 -2.39 -85.22
CA GLY OB 174 -19.65 -1.49 -85.11
C GLY OB 174 -20.02 -0.07 -84.75
N PHE OB 175 -21.26 0.18 -84.34
CA PHE OB 175 -21.68 1.51 -83.94
C PHE OB 175 -22.62 1.39 -82.75
N VAL OB 176 -22.72 2.49 -82.00
CA VAL OB 176 -23.41 2.50 -80.72
C VAL OB 176 -24.78 3.10 -80.89
N SER OB 177 -25.81 2.43 -80.38
CA SER OB 177 -27.17 2.92 -80.37
C SER OB 177 -27.48 3.45 -78.98
N SER OB 178 -27.91 4.71 -78.91
CA SER OB 178 -28.21 5.36 -77.64
C SER OB 178 -29.70 5.59 -77.54
N LEU OB 179 -30.34 4.99 -76.53
CA LEU OB 179 -31.77 5.18 -76.31
C LEU OB 179 -31.97 5.90 -74.99
N VAL OB 180 -32.71 7.01 -75.04
CA VAL OB 180 -32.90 7.89 -73.90
C VAL OB 180 -34.39 7.95 -73.59
N PHE OB 181 -34.74 7.70 -72.32
CA PHE OB 181 -36.12 7.57 -71.89
C PHE OB 181 -36.59 8.87 -71.26
N LEU OB 182 -37.57 9.50 -71.88
CA LEU OB 182 -38.30 10.61 -71.29
C LEU OB 182 -39.75 10.21 -71.12
N ASP OB 183 -40.47 10.95 -70.28
CA ASP OB 183 -41.89 10.68 -70.08
C ASP OB 183 -42.71 11.49 -71.07
N SER OB 184 -44.02 11.61 -70.83
CA SER OB 184 -44.85 12.50 -71.63
C SER OB 184 -44.42 13.95 -71.45
N THR OB 185 -44.03 14.32 -70.23
CA THR OB 185 -43.54 15.67 -69.97
C THR OB 185 -42.13 15.91 -70.49
N GLY OB 186 -41.42 14.85 -70.91
CA GLY OB 186 -40.05 14.99 -71.32
C GLY OB 186 -39.04 14.86 -70.22
N ALA OB 187 -39.48 14.71 -68.97
CA ALA OB 187 -38.56 14.50 -67.86
C ALA OB 187 -37.91 13.12 -67.98
N PRO OB 188 -36.62 12.99 -67.69
CA PRO OB 188 -35.95 11.70 -67.84
C PRO OB 188 -36.45 10.66 -66.85
N TRP OB 189 -36.61 9.43 -67.34
CA TRP OB 189 -37.14 8.33 -66.55
C TRP OB 189 -36.07 7.24 -66.47
N PRO OB 190 -35.28 7.20 -65.40
CA PRO OB 190 -34.14 6.28 -65.36
C PRO OB 190 -34.56 4.82 -65.28
N ILE OB 191 -33.64 3.95 -65.71
CA ILE OB 191 -33.92 2.54 -65.91
C ILE OB 191 -33.63 1.81 -64.60
N ALA OB 192 -34.68 1.33 -63.95
CA ALA OB 192 -34.51 0.60 -62.70
C ALA OB 192 -33.95 -0.80 -62.95
N ALA OB 193 -34.47 -1.50 -63.95
CA ALA OB 193 -34.01 -2.84 -64.26
C ALA OB 193 -34.17 -3.10 -65.74
N TYR OB 194 -33.38 -4.03 -66.26
CA TYR OB 194 -33.48 -4.40 -67.66
C TYR OB 194 -33.10 -5.86 -67.84
N ASP OB 195 -33.65 -6.46 -68.89
CA ASP OB 195 -33.28 -7.83 -69.24
C ASP OB 195 -33.33 -7.94 -70.76
N LEU OB 196 -32.17 -8.18 -71.37
CA LEU OB 196 -32.05 -8.30 -72.82
C LEU OB 196 -32.01 -9.77 -73.18
N GLY OB 197 -32.94 -10.19 -74.05
CA GLY OB 197 -32.87 -11.53 -74.60
C GLY OB 197 -31.66 -11.66 -75.50
N ASP OB 198 -30.87 -12.72 -75.29
CA ASP OB 198 -29.57 -12.97 -75.91
C ASP OB 198 -28.62 -11.79 -75.74
N PRO OB 199 -28.04 -11.58 -74.56
CA PRO OB 199 -27.00 -10.54 -74.43
C PRO OB 199 -25.75 -10.81 -75.26
N SER OB 200 -25.53 -12.04 -75.72
CA SER OB 200 -24.40 -12.33 -76.61
C SER OB 200 -24.52 -11.65 -77.97
N SER OB 201 -25.73 -11.33 -78.40
CA SER OB 201 -25.91 -10.64 -79.66
C SER OB 201 -25.75 -9.14 -79.55
N PHE OB 202 -25.78 -8.58 -78.33
CA PHE OB 202 -25.74 -7.13 -78.16
C PHE OB 202 -24.99 -6.80 -76.88
N ASN OB 203 -23.80 -6.21 -77.03
CA ASN OB 203 -23.13 -5.60 -75.90
C ASN OB 203 -23.88 -4.36 -75.47
N ILE OB 204 -24.06 -4.19 -74.18
CA ILE OB 204 -24.88 -3.11 -73.62
C ILE OB 204 -24.14 -2.50 -72.45
N GLN OB 205 -24.00 -1.17 -72.47
CA GLN OB 205 -23.41 -0.42 -71.38
C GLN OB 205 -24.52 0.26 -70.57
N TRP OB 206 -24.37 0.26 -69.26
CA TRP OB 206 -25.43 0.78 -68.39
C TRP OB 206 -24.83 1.31 -67.09
N ASP OB 207 -25.05 2.58 -66.81
CA ASP OB 207 -24.81 3.13 -65.50
C ASP OB 207 -26.12 3.14 -64.71
N LYS OB 208 -26.00 3.32 -63.40
CA LYS OB 208 -27.06 2.96 -62.46
C LYS OB 208 -28.30 3.83 -62.61
N THR OB 209 -28.11 5.15 -62.62
CA THR OB 209 -29.22 6.08 -62.51
C THR OB 209 -29.56 6.75 -63.83
N SER OB 210 -29.09 6.23 -64.95
CA SER OB 210 -29.34 6.87 -66.23
C SER OB 210 -30.63 6.36 -66.84
N ASN OB 211 -31.16 7.16 -67.76
CA ASN OB 211 -32.28 6.76 -68.61
C ASN OB 211 -31.82 6.44 -70.02
N THR OB 212 -30.51 6.34 -70.25
CA THR OB 212 -29.96 6.13 -71.58
C THR OB 212 -29.14 4.86 -71.60
N LEU OB 213 -29.44 3.99 -72.57
CA LEU OB 213 -28.73 2.75 -72.79
C LEU OB 213 -27.89 2.85 -74.06
N MET OB 214 -26.63 2.45 -73.95
CA MET OB 214 -25.72 2.35 -75.08
C MET OB 214 -25.60 0.88 -75.47
N ILE OB 215 -25.96 0.57 -76.71
CA ILE OB 215 -25.99 -0.80 -77.20
C ILE OB 215 -24.99 -0.94 -78.33
N GLN OB 216 -24.15 -1.95 -78.24
CA GLN OB 216 -23.22 -2.32 -79.30
C GLN OB 216 -23.69 -3.63 -79.90
N ALA OB 217 -23.95 -3.63 -81.20
CA ALA OB 217 -24.31 -4.86 -81.89
C ALA OB 217 -23.11 -5.79 -81.95
N THR OB 218 -23.37 -7.08 -81.77
CA THR OB 218 -22.30 -8.08 -81.80
C THR OB 218 -22.37 -8.98 -83.03
N LYS OB 219 -23.56 -9.44 -83.40
CA LYS OB 219 -23.76 -10.20 -84.63
C LYS OB 219 -24.40 -9.29 -85.67
N LEU OB 220 -24.76 -9.87 -86.82
CA LEU OB 220 -25.08 -9.08 -88.00
C LEU OB 220 -26.57 -8.98 -88.28
N TYR OB 221 -27.28 -10.10 -88.38
CA TYR OB 221 -28.67 -10.10 -88.82
C TYR OB 221 -29.55 -10.88 -87.85
N ASN OB 222 -29.42 -10.59 -86.55
CA ASN OB 222 -30.12 -11.36 -85.53
C ASN OB 222 -30.91 -10.43 -84.63
N TYR OB 223 -32.23 -10.52 -84.71
CA TYR OB 223 -33.15 -9.68 -83.96
C TYR OB 223 -33.34 -10.17 -82.53
N GLY OB 224 -33.71 -9.25 -81.65
CA GLY OB 224 -33.79 -9.54 -80.23
C GLY OB 224 -34.90 -8.76 -79.55
N ASN OB 225 -35.00 -8.96 -78.23
CA ASN OB 225 -36.05 -8.37 -77.42
C ASN OB 225 -35.46 -7.80 -76.13
N LEU OB 226 -36.13 -6.80 -75.57
CA LEU OB 226 -35.65 -6.17 -74.35
C LEU OB 226 -36.81 -5.84 -73.42
N ALA OB 227 -36.66 -6.18 -72.15
CA ALA OB 227 -37.63 -5.89 -71.10
C ALA OB 227 -37.08 -4.80 -70.20
N VAL OB 228 -37.88 -3.77 -69.97
CA VAL OB 228 -37.49 -2.57 -69.24
C VAL OB 228 -38.40 -2.39 -68.05
N ARG OB 229 -37.81 -2.08 -66.89
CA ARG OB 229 -38.54 -1.66 -65.70
C ARG OB 229 -38.02 -0.28 -65.32
N LEU OB 230 -38.90 0.71 -65.35
CA LEU OB 230 -38.52 2.07 -65.02
C LEU OB 230 -38.80 2.35 -63.54
N ARG OB 231 -38.73 3.62 -63.16
CA ARG OB 231 -38.88 3.99 -61.75
C ARG OB 231 -40.34 3.89 -61.31
N GLY OB 232 -41.21 4.71 -61.91
CA GLY OB 232 -42.61 4.69 -61.53
C GLY OB 232 -43.43 3.63 -62.20
N LEU OB 233 -42.88 2.94 -63.19
CA LEU OB 233 -43.63 1.95 -63.94
C LEU OB 233 -43.78 0.66 -63.15
N ASN OB 234 -44.96 0.06 -63.25
CA ASN OB 234 -45.22 -1.27 -62.73
C ASN OB 234 -45.31 -2.31 -63.84
N THR OB 235 -45.98 -2.01 -64.93
CA THR OB 235 -46.02 -2.90 -66.08
C THR OB 235 -44.72 -2.77 -66.86
N PRO OB 236 -44.03 -3.88 -67.15
CA PRO OB 236 -42.77 -3.79 -67.87
C PRO OB 236 -42.97 -3.42 -69.33
N VAL OB 237 -41.89 -2.97 -69.96
CA VAL OB 237 -41.91 -2.45 -71.33
C VAL OB 237 -41.09 -3.37 -72.21
N MET OB 238 -41.72 -3.89 -73.25
CA MET OB 238 -41.08 -4.84 -74.15
C MET OB 238 -40.83 -4.15 -75.50
N LEU OB 239 -39.57 -4.06 -75.89
CA LEU OB 239 -39.19 -3.43 -77.14
C LEU OB 239 -38.40 -4.40 -78.00
N THR OB 240 -38.71 -4.44 -79.29
CA THR OB 240 -38.01 -5.33 -80.21
C THR OB 240 -36.90 -4.57 -80.93
N LEU OB 241 -35.85 -5.30 -81.28
CA LEU OB 241 -34.65 -4.69 -81.83
C LEU OB 241 -34.16 -5.49 -83.03
N ILE OB 242 -33.75 -4.79 -84.08
CA ILE OB 242 -33.16 -5.43 -85.25
C ILE OB 242 -31.90 -4.66 -85.62
N PRO OB 243 -30.75 -5.33 -85.73
CA PRO OB 243 -29.54 -4.65 -86.18
C PRO OB 243 -29.39 -4.75 -87.69
N GLY OB 244 -28.47 -3.93 -88.21
CA GLY OB 244 -28.18 -3.96 -89.62
C GLY OB 244 -29.28 -3.35 -90.46
N GLN OB 245 -29.51 -2.05 -90.29
CA GLN OB 245 -30.53 -1.33 -91.03
C GLN OB 245 -29.86 -0.22 -91.82
N LYS OB 246 -30.40 0.07 -93.01
CA LYS OB 246 -29.88 1.12 -93.87
C LYS OB 246 -30.14 2.52 -93.34
N ALA OB 247 -31.00 2.67 -92.34
CA ALA OB 247 -31.22 3.94 -91.65
C ALA OB 247 -30.97 3.65 -90.17
N VAL OB 248 -29.75 3.91 -89.71
CA VAL OB 248 -29.35 3.59 -88.35
C VAL OB 248 -29.69 4.78 -87.46
N ASP OB 249 -30.48 4.52 -86.42
CA ASP OB 249 -30.86 5.55 -85.45
C ASP OB 249 -29.87 5.52 -84.31
N TYR OB 250 -29.00 6.54 -84.24
CA TYR OB 250 -28.11 6.65 -83.09
C TYR OB 250 -28.90 6.97 -81.82
N ARG OB 251 -29.76 8.00 -81.88
CA ARG OB 251 -30.43 8.54 -80.72
C ARG OB 251 -31.92 8.23 -80.84
N VAL OB 252 -32.40 7.28 -80.04
CA VAL OB 252 -33.80 6.93 -79.99
C VAL OB 252 -34.36 7.51 -78.70
N ASP OB 253 -35.17 8.56 -78.84
CA ASP OB 253 -35.78 9.24 -77.70
C ASP OB 253 -37.16 8.65 -77.49
N LEU OB 254 -37.30 7.82 -76.46
CA LEU OB 254 -38.54 7.12 -76.18
C LEU OB 254 -39.34 7.89 -75.15
N ARG OB 255 -40.52 8.36 -75.53
CA ARG OB 255 -41.37 9.17 -74.68
C ARG OB 255 -42.51 8.30 -74.18
N VAL OB 256 -42.57 8.09 -72.88
CA VAL OB 256 -43.56 7.22 -72.28
C VAL OB 256 -44.88 7.97 -72.13
N GLN OB 257 -46.00 7.25 -72.31
CA GLN OB 257 -47.30 7.81 -71.98
C GLN OB 257 -47.44 8.05 -70.48
N GLY OB 258 -46.72 7.28 -69.66
CA GLY OB 258 -46.74 7.47 -68.23
C GLY OB 258 -45.94 8.67 -67.79
N TYR OB 259 -45.92 8.88 -66.48
CA TYR OB 259 -45.32 10.05 -65.88
C TYR OB 259 -44.10 9.65 -65.07
N GLY OB 260 -42.97 10.31 -65.33
CA GLY OB 260 -41.69 9.92 -64.77
C GLY OB 260 -41.49 10.36 -63.34
N PRO OB 261 -40.23 10.36 -62.89
CA PRO OB 261 -39.94 10.77 -61.51
C PRO OB 261 -40.22 12.23 -61.23
N ASN OB 262 -39.97 13.12 -62.19
CA ASN OB 262 -40.28 14.53 -61.99
C ASN OB 262 -41.77 14.78 -62.22
N ALA OB 263 -42.24 14.52 -63.44
CA ALA OB 263 -43.66 14.50 -63.83
C ALA OB 263 -44.35 15.84 -63.58
N LYS OB 264 -43.89 16.86 -64.29
CA LYS OB 264 -44.47 18.20 -64.20
C LYS OB 264 -45.07 18.56 -65.56
N SER OB 265 -46.35 18.92 -65.56
CA SER OB 265 -47.10 19.17 -66.78
C SER OB 265 -47.01 20.64 -67.17
N MET OB 266 -47.79 21.03 -68.19
CA MET OB 266 -47.80 22.40 -68.68
C MET OB 266 -49.05 23.11 -68.22
N PRO OB 267 -48.95 24.13 -67.36
CA PRO OB 267 -50.16 24.81 -66.86
C PRO OB 267 -50.60 25.97 -67.74
N THR OB 268 -50.10 26.03 -68.97
CA THR OB 268 -50.32 27.18 -69.84
C THR OB 268 -51.74 27.28 -70.37
N GLU OB 269 -52.56 26.25 -70.20
CA GLU OB 269 -53.98 26.34 -70.58
C GLU OB 269 -54.71 27.18 -69.55
N GLU OB 270 -55.24 28.33 -69.98
CA GLU OB 270 -55.83 29.28 -69.05
C GLU OB 270 -57.20 28.84 -68.55
N GLY OB 271 -58.00 28.23 -69.43
CA GLY OB 271 -59.31 27.75 -69.02
C GLY OB 271 -60.33 28.86 -68.88
N ILE OB 272 -61.43 28.52 -68.23
CA ILE OB 272 -62.57 29.42 -68.08
C ILE OB 272 -62.53 30.05 -66.70
N PRO OB 273 -62.84 31.34 -66.56
CA PRO OB 273 -63.07 31.90 -65.23
C PRO OB 273 -64.30 31.29 -64.59
N PRO OB 274 -64.36 31.26 -63.26
CA PRO OB 274 -65.52 30.68 -62.59
C PRO OB 274 -66.78 31.51 -62.78
N SER OB 275 -67.92 30.87 -62.58
CA SER OB 275 -69.21 31.48 -62.92
C SER OB 275 -69.61 32.53 -61.88
N ALA OB 276 -69.84 32.11 -60.65
CA ALA OB 276 -70.30 32.99 -59.58
C ALA OB 276 -70.11 32.28 -58.25
N ASN OB 277 -70.24 33.04 -57.17
CA ASN OB 277 -70.31 32.44 -55.84
C ASN OB 277 -71.72 31.91 -55.61
N ASP OB 278 -71.80 30.70 -55.05
CA ASP OB 278 -73.09 30.06 -54.86
C ASP OB 278 -73.89 30.71 -53.74
N LEU OB 279 -73.19 31.34 -52.78
CA LEU OB 279 -73.88 32.01 -51.70
C LEU OB 279 -74.49 33.35 -52.11
N LEU OB 280 -74.19 33.81 -53.34
CA LEU OB 280 -74.82 35.02 -53.85
C LEU OB 280 -76.33 34.86 -53.95
N LEU OB 281 -76.80 33.66 -54.30
CA LEU OB 281 -78.23 33.40 -54.33
C LEU OB 281 -78.84 33.48 -52.93
N HIS OB 282 -78.11 32.97 -51.93
CA HIS OB 282 -78.54 33.07 -50.54
C HIS OB 282 -78.62 34.52 -50.10
N VAL OB 283 -77.64 35.33 -50.50
CA VAL OB 283 -77.66 36.76 -50.18
C VAL OB 283 -78.82 37.45 -50.89
N LEU OB 284 -79.09 37.05 -52.14
CA LEU OB 284 -80.19 37.64 -52.90
C LEU OB 284 -81.53 37.31 -52.29
N GLU OB 285 -81.66 36.12 -51.71
CA GLU OB 285 -82.89 35.78 -51.03
C GLU OB 285 -82.84 36.07 -49.54
N GLY OB 286 -81.79 36.73 -49.06
CA GLY OB 286 -81.73 37.14 -47.68
C GLY OB 286 -81.20 36.11 -46.72
N VAL OB 287 -80.76 34.96 -47.20
CA VAL OB 287 -80.13 33.97 -46.32
C VAL OB 287 -78.71 34.44 -46.03
N PRO OB 288 -78.34 34.61 -44.76
CA PRO OB 288 -76.95 34.96 -44.46
C PRO OB 288 -76.03 33.79 -44.76
N PRO OB 289 -74.78 34.06 -45.14
CA PRO OB 289 -73.84 32.98 -45.36
C PRO OB 289 -73.47 32.31 -44.05
N PRO OB 290 -73.13 31.03 -44.08
CA PRO OB 290 -72.70 30.36 -42.84
C PRO OB 290 -71.34 30.86 -42.38
N GLY OB 291 -71.22 31.07 -41.07
CA GLY OB 291 -69.98 31.47 -40.47
C GLY OB 291 -69.72 32.95 -40.44
N SER OB 292 -70.57 33.76 -41.05
CA SER OB 292 -70.37 35.21 -41.05
C SER OB 292 -70.98 35.81 -39.80
N ARG OB 293 -70.99 37.14 -39.74
CA ARG OB 293 -71.62 37.86 -38.65
C ARG OB 293 -72.33 39.08 -39.21
N ARG OB 294 -73.17 39.66 -38.38
CA ARG OB 294 -73.95 40.82 -38.79
C ARG OB 294 -73.06 42.06 -38.88
N LEU OB 295 -73.43 42.96 -39.80
CA LEU OB 295 -72.76 44.23 -39.96
C LEU OB 295 -73.76 45.35 -39.78
N VAL OB 296 -73.37 46.38 -39.04
CA VAL OB 296 -74.28 47.48 -38.73
C VAL OB 296 -74.37 48.38 -39.95
N VAL OB 297 -75.55 48.46 -40.53
CA VAL OB 297 -75.79 49.23 -41.75
C VAL OB 297 -76.77 50.34 -41.43
N SER OB 298 -76.37 51.57 -41.69
CA SER OB 298 -77.25 52.73 -41.51
C SER OB 298 -77.21 53.56 -42.77
N GLY OB 299 -78.38 53.91 -43.29
CA GLY OB 299 -78.45 54.73 -44.48
C GLY OB 299 -79.50 54.31 -45.48
N GLY OB 300 -80.16 53.19 -45.25
CA GLY OB 300 -81.20 52.74 -46.16
C GLY OB 300 -81.41 51.24 -46.05
N ASP OB 301 -82.17 50.72 -47.01
CA ASP OB 301 -82.54 49.31 -47.04
C ASP OB 301 -81.40 48.50 -47.66
N ALA OB 302 -80.41 48.19 -46.83
CA ALA OB 302 -79.32 47.32 -47.26
C ALA OB 302 -78.88 46.47 -46.06
N ARG OB 303 -78.58 45.21 -46.35
CA ARG OB 303 -78.11 44.28 -45.34
C ARG OB 303 -76.77 43.71 -45.76
N ALA OB 304 -75.82 43.62 -44.83
CA ALA OB 304 -74.46 43.26 -45.14
C ALA OB 304 -73.95 42.17 -44.21
N TRP OB 305 -72.99 41.41 -44.72
CA TRP OB 305 -72.35 40.33 -44.00
C TRP OB 305 -70.88 40.25 -44.40
N LEU OB 306 -70.08 39.67 -43.51
CA LEU OB 306 -68.64 39.55 -43.70
C LEU OB 306 -68.22 38.14 -43.33
N SER OB 307 -67.76 37.37 -44.31
CA SER OB 307 -67.43 35.97 -44.09
C SER OB 307 -65.95 35.68 -44.27
N ASN OB 308 -65.39 35.97 -45.44
CA ASN OB 308 -64.02 35.59 -45.78
C ASN OB 308 -63.24 36.80 -46.24
N GLU OB 309 -63.33 37.86 -45.43
CA GLU OB 309 -62.77 39.19 -45.71
C GLU OB 309 -63.32 39.77 -47.00
N LYS OB 310 -64.57 39.45 -47.32
CA LYS OB 310 -65.28 39.99 -48.47
C LYS OB 310 -66.64 40.46 -47.98
N MET OB 311 -67.03 41.65 -48.39
CA MET OB 311 -68.34 42.16 -48.01
C MET OB 311 -69.40 41.61 -48.94
N TYR OB 312 -70.53 41.20 -48.36
CA TYR OB 312 -71.67 40.69 -49.09
C TYR OB 312 -72.88 41.53 -48.71
N VAL OB 313 -73.41 42.27 -49.67
CA VAL OB 313 -74.49 43.20 -49.38
C VAL OB 313 -75.68 42.89 -50.27
N ARG OB 314 -76.86 43.25 -49.77
CA ARG OB 314 -78.12 43.03 -50.46
C ARG OB 314 -78.97 44.29 -50.30
N THR OB 315 -79.41 44.83 -51.42
CA THR OB 315 -80.24 46.04 -51.41
C THR OB 315 -81.11 46.02 -52.67
N ASN OB 316 -81.72 47.16 -52.96
CA ASN OB 316 -82.43 47.35 -54.21
C ASN OB 316 -81.90 48.54 -54.98
N LEU OB 317 -80.87 49.19 -54.49
CA LEU OB 317 -80.33 50.41 -55.08
C LEU OB 317 -79.07 50.09 -55.87
N THR OB 318 -78.38 51.13 -56.34
CA THR OB 318 -77.20 50.96 -57.17
C THR OB 318 -76.02 51.66 -56.51
N ILE OB 319 -74.92 50.93 -56.37
CA ILE OB 319 -73.73 51.44 -55.68
C ILE OB 319 -72.83 52.15 -56.67
N LEU OB 320 -72.06 53.12 -56.17
CA LEU OB 320 -71.21 53.93 -57.04
C LEU OB 320 -69.73 53.79 -56.70
N SER OB 321 -69.32 54.05 -55.47
CA SER OB 321 -67.91 54.30 -55.19
C SER OB 321 -66.98 53.09 -55.22
N PRO OB 322 -67.10 52.10 -54.31
CA PRO OB 322 -65.91 51.35 -53.91
C PRO OB 322 -65.46 50.29 -54.89
N GLY OB 323 -66.20 50.02 -55.96
CA GLY OB 323 -65.87 48.93 -56.84
C GLY OB 323 -66.46 47.64 -56.31
N TRP OB 324 -67.26 46.98 -57.12
CA TRP OB 324 -67.91 45.73 -56.73
C TRP OB 324 -67.35 44.61 -57.57
N LEU OB 325 -66.90 43.55 -56.91
CA LEU OB 325 -66.22 42.46 -57.60
C LEU OB 325 -67.19 41.64 -58.44
N ALA OB 326 -68.35 41.31 -57.88
CA ALA OB 326 -69.38 40.62 -58.64
C ALA OB 326 -70.74 40.98 -58.06
N SER OB 327 -71.77 40.81 -58.88
CA SER OB 327 -73.11 41.14 -58.41
C SER OB 327 -74.13 40.29 -59.14
N MET OB 328 -75.30 40.17 -58.53
CA MET OB 328 -76.40 39.37 -59.02
C MET OB 328 -77.70 40.14 -58.88
N THR OB 329 -78.64 39.86 -59.78
CA THR OB 329 -79.93 40.51 -59.80
C THR OB 329 -81.02 39.47 -59.58
N SER OB 330 -82.07 39.87 -58.86
CA SER OB 330 -83.26 39.06 -58.70
C SER OB 330 -84.25 39.42 -59.80
N ALA OB 331 -85.48 38.95 -59.66
CA ALA OB 331 -86.55 39.32 -60.58
C ALA OB 331 -87.39 40.48 -60.08
N ASP OB 332 -87.06 41.05 -58.93
CA ASP OB 332 -87.88 42.07 -58.30
C ASP OB 332 -87.06 43.30 -57.93
N GLY OB 333 -86.08 43.64 -58.75
CA GLY OB 333 -85.29 44.83 -58.50
C GLY OB 333 -84.31 44.72 -57.35
N THR OB 334 -84.02 43.51 -56.88
CA THR OB 334 -83.12 43.29 -55.78
C THR OB 334 -81.73 42.99 -56.34
N HIS OB 335 -80.71 43.57 -55.73
CA HIS OB 335 -79.33 43.41 -56.17
C HIS OB 335 -78.47 42.97 -55.00
N ALA OB 336 -77.67 41.93 -55.23
CA ALA OB 336 -76.70 41.46 -54.26
C ALA OB 336 -75.31 41.67 -54.82
N TYR OB 337 -74.37 42.04 -53.94
CA TYR OB 337 -73.02 42.37 -54.36
C TYR OB 337 -72.03 41.65 -53.45
N GLU OB 338 -71.00 41.07 -54.05
CA GLU OB 338 -69.83 40.59 -53.34
C GLU OB 338 -68.67 41.47 -53.76
N MET OB 339 -68.15 42.26 -52.81
CA MET OB 339 -67.08 43.20 -53.10
C MET OB 339 -65.99 43.08 -52.04
N GLN OB 340 -64.94 43.86 -52.23
CA GLN OB 340 -63.91 44.04 -51.23
C GLN OB 340 -64.44 44.86 -50.06
N LYS OB 341 -63.78 44.73 -48.92
CA LYS OB 341 -64.26 45.39 -47.70
C LYS OB 341 -63.95 46.89 -47.72
N SER OB 342 -64.83 47.64 -47.07
CA SER OB 342 -64.80 49.10 -46.97
C SER OB 342 -65.84 49.55 -45.94
N PRO OB 343 -65.63 50.65 -45.23
CA PRO OB 343 -66.66 51.15 -44.33
C PRO OB 343 -67.67 52.10 -44.96
N VAL OB 344 -67.51 52.46 -46.24
CA VAL OB 344 -68.34 53.50 -46.85
C VAL OB 344 -68.76 53.08 -48.24
N LEU OB 345 -69.94 53.57 -48.65
CA LEU OB 345 -70.50 53.30 -49.97
C LEU OB 345 -71.08 54.58 -50.53
N LEU OB 346 -71.29 54.60 -51.84
CA LEU OB 346 -71.98 55.70 -52.50
C LEU OB 346 -73.08 55.13 -53.37
N VAL OB 347 -74.28 55.70 -53.25
CA VAL OB 347 -75.46 55.18 -53.94
C VAL OB 347 -76.25 56.34 -54.52
N SER OB 348 -76.59 56.25 -55.79
CA SER OB 348 -77.59 57.15 -56.38
C SER OB 348 -78.97 56.61 -55.99
N TRP OB 349 -79.68 57.33 -55.14
CA TRP OB 349 -80.95 56.84 -54.63
C TRP OB 349 -82.06 57.02 -55.65
N HIS OB 350 -82.38 58.28 -55.97
CA HIS OB 350 -83.39 58.60 -56.96
C HIS OB 350 -82.87 59.70 -57.87
N GLY OB 351 -81.68 59.51 -58.41
CA GLY OB 351 -81.00 60.56 -59.12
C GLY OB 351 -80.24 61.52 -58.24
N LYS OB 352 -80.31 61.33 -56.93
CA LYS OB 352 -79.58 62.14 -55.95
C LYS OB 352 -78.58 61.23 -55.25
N VAL OB 353 -77.35 61.72 -55.11
CA VAL OB 353 -76.27 60.91 -54.56
C VAL OB 353 -76.40 60.85 -53.04
N MET OB 354 -75.88 59.78 -52.46
CA MET OB 354 -75.97 59.59 -51.02
C MET OB 354 -74.86 58.68 -50.53
N GLN OB 355 -74.23 59.07 -49.43
CA GLN OB 355 -73.22 58.25 -48.79
C GLN OB 355 -73.88 57.20 -47.90
N LEU OB 356 -73.15 56.12 -47.65
CA LEU OB 356 -73.59 55.05 -46.76
C LEU OB 356 -72.45 54.70 -45.83
N LYS OB 357 -72.73 54.68 -44.53
CA LYS OB 357 -71.75 54.37 -43.51
C LYS OB 357 -72.08 53.04 -42.88
N VAL OB 358 -71.10 52.13 -42.86
CA VAL OB 358 -71.27 50.78 -42.33
C VAL OB 358 -70.32 50.63 -41.15
N GLU OB 359 -70.88 50.34 -39.99
CA GLU OB 359 -70.10 50.13 -38.78
C GLU OB 359 -69.76 48.65 -38.64
N GLY OB 360 -69.26 48.26 -37.47
CA GLY OB 360 -68.94 46.87 -37.22
C GLY OB 360 -67.66 46.39 -37.86
N LEU OB 361 -66.79 47.29 -38.29
CA LEU OB 361 -65.54 46.89 -38.92
C LEU OB 361 -64.34 47.31 -38.09
N VAL PB 38 -97.35 21.86 -12.00
CA VAL PB 38 -98.58 22.31 -11.36
C VAL PB 38 -98.67 23.86 -11.17
N PRO PB 39 -97.62 24.57 -10.71
CA PRO PB 39 -97.70 26.04 -10.79
C PRO PB 39 -97.70 26.57 -12.21
N LYS PB 40 -97.03 25.89 -13.13
CA LYS PB 40 -97.04 26.27 -14.54
C LYS PB 40 -98.19 25.64 -15.31
N LEU PB 41 -99.00 24.86 -14.67
CA LEU PB 41 -100.12 24.20 -15.32
C LEU PB 41 -101.43 24.83 -14.88
N PRO PB 42 -102.42 24.90 -15.77
CA PRO PB 42 -103.70 25.52 -15.40
C PRO PB 42 -104.49 24.65 -14.43
N CYS PB 43 -105.05 25.30 -13.41
CA CYS PB 43 -105.91 24.59 -12.48
C CYS PB 43 -107.23 24.21 -13.13
N ARG PB 44 -107.78 25.11 -13.94
CA ARG PB 44 -109.05 24.88 -14.60
C ARG PB 44 -108.97 25.43 -16.01
N VAL PB 45 -110.02 25.22 -16.79
CA VAL PB 45 -110.14 25.86 -18.08
C VAL PB 45 -110.36 27.36 -17.87
N ASP PB 46 -109.80 28.16 -18.77
CA ASP PB 46 -109.80 29.60 -18.60
C ASP PB 46 -111.20 30.18 -18.87
N GLY PB 47 -111.57 31.16 -18.06
CA GLY PB 47 -112.87 31.79 -18.16
C GLY PB 47 -114.01 30.85 -17.83
N ALA PB 48 -113.89 30.13 -16.72
CA ALA PB 48 -114.89 29.15 -16.33
C ALA PB 48 -115.29 29.36 -14.88
N CYS PB 49 -116.60 29.43 -14.64
CA CYS PB 49 -117.15 29.46 -13.28
C CYS PB 49 -118.54 28.85 -13.34
N ASP PB 50 -118.67 27.65 -12.77
CA ASP PB 50 -119.93 26.91 -12.83
C ASP PB 50 -121.03 27.61 -12.04
N ALA PB 51 -120.66 28.38 -11.02
CA ALA PB 51 -121.64 29.19 -10.30
C ALA PB 51 -122.26 30.24 -11.21
N THR PB 52 -121.42 30.90 -12.02
CA THR PB 52 -121.94 31.84 -13.01
C THR PB 52 -122.77 31.12 -14.05
N ILE PB 53 -122.36 29.90 -14.42
CA ILE PB 53 -123.10 29.09 -15.40
C ILE PB 53 -124.51 28.81 -14.90
N ILE PB 54 -124.62 28.33 -13.66
CA ILE PB 54 -125.94 27.93 -13.16
C ILE PB 54 -126.80 29.16 -12.86
N LYS PB 55 -126.19 30.28 -12.44
CA LYS PB 55 -127.02 31.44 -12.19
C LYS PB 55 -127.49 32.09 -13.49
N MET PB 56 -126.69 32.05 -14.56
CA MET PB 56 -127.18 32.62 -15.81
C MET PB 56 -128.14 31.67 -16.50
N MET PB 57 -128.02 30.36 -16.26
CA MET PB 57 -129.04 29.42 -16.73
C MET PB 57 -130.36 29.64 -16.01
N THR PB 58 -130.29 29.95 -14.71
CA THR PB 58 -131.47 30.34 -13.95
C THR PB 58 -132.09 31.61 -14.51
N ASP PB 59 -131.25 32.58 -14.88
CA ASP PB 59 -131.75 33.81 -15.49
C ASP PB 59 -132.37 33.55 -16.85
N LEU PB 60 -131.81 32.60 -17.61
CA LEU PB 60 -132.37 32.25 -18.92
C LEU PB 60 -133.74 31.61 -18.78
N ASN PB 61 -133.87 30.66 -17.86
CA ASN PB 61 -135.16 30.01 -17.65
C ASN PB 61 -136.19 30.95 -17.06
N LYS PB 62 -135.78 31.89 -16.20
CA LYS PB 62 -136.73 32.86 -15.69
C LYS PB 62 -137.04 33.95 -16.72
N LYS PB 63 -136.18 34.12 -17.72
CA LYS PB 63 -136.55 34.91 -18.89
C LYS PB 63 -137.33 34.12 -19.91
N GLY PB 64 -137.49 32.82 -19.69
CA GLY PB 64 -138.36 32.01 -20.51
C GLY PB 64 -137.68 31.38 -21.71
N ILE PB 65 -136.44 31.76 -21.98
CA ILE PB 65 -135.67 31.06 -23.01
C ILE PB 65 -135.32 29.68 -22.47
N LYS PB 66 -135.80 28.64 -23.13
CA LYS PB 66 -135.76 27.32 -22.52
C LYS PB 66 -134.38 26.70 -22.74
N VAL PB 67 -133.77 26.26 -21.66
CA VAL PB 67 -132.49 25.56 -21.71
C VAL PB 67 -132.71 24.18 -21.13
N ALA PB 68 -132.38 23.15 -21.91
CA ALA PB 68 -132.58 21.76 -21.56
C ALA PB 68 -131.23 21.11 -21.31
N SER PB 69 -131.04 20.60 -20.11
CA SER PB 69 -129.84 19.89 -19.70
C SER PB 69 -130.21 18.44 -19.43
N VAL PB 70 -129.68 17.53 -20.23
CA VAL PB 70 -129.93 16.11 -20.04
C VAL PB 70 -128.69 15.34 -20.48
N GLY PB 71 -128.08 14.62 -19.55
CA GLY PB 71 -126.84 13.92 -19.83
C GLY PB 71 -125.72 14.88 -20.15
N GLN PB 72 -124.97 14.57 -21.20
CA GLN PB 72 -123.95 15.47 -21.73
C GLN PB 72 -124.48 16.36 -22.83
N ASN PB 73 -125.74 16.22 -23.20
CA ASN PB 73 -126.30 16.94 -24.34
C ASN PB 73 -127.15 18.10 -23.84
N TYR PB 74 -127.13 19.20 -24.59
CA TYR PB 74 -127.81 20.41 -24.17
C TYR PB 74 -128.53 21.04 -25.35
N LEU PB 75 -129.71 21.60 -25.05
CA LEU PB 75 -130.58 22.22 -26.03
C LEU PB 75 -130.95 23.60 -25.54
N ILE PB 76 -131.07 24.56 -26.47
CA ILE PB 76 -131.62 25.87 -26.15
C ILE PB 76 -132.67 26.21 -27.19
N SER PB 77 -133.88 26.47 -26.72
CA SER PB 77 -135.00 26.85 -27.58
C SER PB 77 -135.41 28.29 -27.25
N ILE PB 78 -135.66 29.06 -28.31
CA ILE PB 78 -135.97 30.48 -28.21
C ILE PB 78 -137.26 30.74 -28.98
N PRO PB 79 -138.21 31.48 -28.41
CA PRO PB 79 -139.38 31.92 -29.20
C PRO PB 79 -138.99 32.98 -30.21
N ALA PB 80 -139.49 32.83 -31.43
CA ALA PB 80 -139.14 33.74 -32.51
C ALA PB 80 -139.82 35.09 -32.41
N SER PB 81 -140.91 35.18 -31.64
CA SER PB 81 -141.62 36.44 -31.52
C SER PB 81 -140.82 37.47 -30.73
N ALA PB 82 -139.98 37.01 -29.82
CA ALA PB 82 -139.09 37.92 -29.10
C ALA PB 82 -137.83 38.25 -29.89
N LEU PB 83 -137.67 37.70 -31.08
CA LEU PB 83 -136.44 37.85 -31.84
C LEU PB 83 -136.64 38.58 -33.16
N PHE PB 84 -137.56 38.12 -33.99
CA PHE PB 84 -137.70 38.61 -35.36
C PHE PB 84 -138.97 39.44 -35.51
N ALA PB 85 -139.16 39.94 -36.72
CA ALA PB 85 -140.38 40.67 -37.06
C ALA PB 85 -141.44 39.69 -37.53
N ASP PB 86 -142.58 40.21 -37.93
CA ASP PB 86 -143.73 39.40 -38.31
C ASP PB 86 -143.47 38.77 -39.67
N GLN PB 87 -143.17 37.47 -39.67
CA GLN PB 87 -142.87 36.66 -40.86
C GLN PB 87 -141.73 37.25 -41.67
N SER PB 88 -140.73 37.79 -40.98
CA SER PB 88 -139.67 38.52 -41.64
C SER PB 88 -138.31 38.12 -41.09
N PRO PB 89 -137.27 38.05 -41.95
CA PRO PB 89 -135.93 37.71 -41.49
C PRO PB 89 -135.11 38.93 -41.10
N ARG PB 90 -135.65 39.74 -40.19
CA ARG PB 90 -134.97 40.95 -39.74
C ARG PB 90 -135.01 41.00 -38.22
N LEU PB 91 -134.09 41.76 -37.65
CA LEU PB 91 -133.84 41.72 -36.22
C LEU PB 91 -134.18 43.06 -35.57
N ASN PB 92 -134.80 42.97 -34.40
CA ASN PB 92 -134.90 44.13 -33.53
C ASN PB 92 -133.55 44.42 -32.91
N TRP PB 93 -133.33 45.69 -32.57
CA TRP PB 93 -132.02 46.08 -32.03
C TRP PB 93 -131.85 45.61 -30.60
N ALA PB 94 -132.93 45.51 -29.83
CA ALA PB 94 -132.82 45.08 -28.45
C ALA PB 94 -132.53 43.60 -28.31
N SER PB 95 -132.70 42.81 -29.37
CA SER PB 95 -132.41 41.39 -29.34
C SER PB 95 -130.92 41.09 -29.28
N TYR PB 96 -130.09 42.06 -29.65
CA TYR PB 96 -128.65 41.83 -29.70
C TYR PB 96 -128.05 41.66 -28.31
N SER PB 97 -128.64 42.31 -27.31
CA SER PB 97 -128.19 42.09 -25.93
C SER PB 97 -128.46 40.66 -25.49
N LEU PB 98 -129.65 40.13 -25.81
CA LEU PB 98 -129.99 38.75 -25.47
C LEU PB 98 -129.09 37.78 -26.22
N LEU PB 99 -128.80 38.08 -27.48
CA LEU PB 99 -127.91 37.22 -28.26
C LEU PB 99 -126.49 37.26 -27.71
N ASN PB 100 -126.07 38.43 -27.21
CA ASN PB 100 -124.78 38.54 -26.55
C ASN PB 100 -124.74 37.72 -25.27
N GLU PB 101 -125.84 37.70 -24.52
CA GLU PB 101 -125.91 36.87 -23.31
C GLU PB 101 -125.86 35.39 -23.66
N ILE PB 102 -126.52 35.00 -24.75
CA ILE PB 102 -126.48 33.61 -25.19
C ILE PB 102 -125.07 33.20 -25.59
N ALA PB 103 -124.39 34.09 -26.32
CA ALA PB 103 -123.00 33.81 -26.70
C ALA PB 103 -122.08 33.77 -25.49
N ALA PB 104 -122.35 34.62 -24.50
CA ALA PB 104 -121.55 34.63 -23.28
C ALA PB 104 -121.75 33.35 -22.48
N PHE PB 105 -122.97 32.82 -22.46
CA PHE PB 105 -123.18 31.52 -21.85
C PHE PB 105 -122.48 30.42 -22.64
N LEU PB 106 -122.50 30.53 -23.96
CA LEU PB 106 -121.85 29.52 -24.80
C LEU PB 106 -120.34 29.57 -24.68
N LYS PB 107 -119.79 30.70 -24.23
CA LYS PB 107 -118.36 30.80 -23.94
C LYS PB 107 -117.91 29.87 -22.82
N GLN PB 108 -118.82 29.46 -21.95
CA GLN PB 108 -118.45 28.70 -20.76
C GLN PB 108 -118.18 27.23 -21.04
N PHE PB 109 -118.46 26.73 -22.23
CA PHE PB 109 -118.30 25.31 -22.51
C PHE PB 109 -117.29 25.10 -23.64
N ARG PB 110 -116.83 23.85 -23.75
CA ARG PB 110 -115.99 23.41 -24.85
C ARG PB 110 -116.81 22.49 -25.74
N LYS PB 111 -116.82 22.77 -27.03
CA LYS PB 111 -117.73 22.12 -27.96
C LYS PB 111 -116.99 21.64 -29.19
N ILE PB 112 -117.72 20.92 -30.04
CA ILE PB 112 -117.22 20.43 -31.31
C ILE PB 112 -118.10 20.96 -32.43
N ALA PB 113 -119.38 20.59 -32.39
CA ALA PB 113 -120.33 20.95 -33.42
C ALA PB 113 -121.61 21.48 -32.78
N ILE PB 114 -122.16 22.53 -33.36
CA ILE PB 114 -123.40 23.14 -32.90
C ILE PB 114 -124.40 23.09 -34.04
N THR PB 115 -125.60 22.60 -33.75
CA THR PB 115 -126.64 22.47 -34.76
C THR PB 115 -127.71 23.52 -34.52
N VAL PB 116 -128.10 24.22 -35.58
CA VAL PB 116 -129.11 25.27 -35.53
C VAL PB 116 -130.27 24.86 -36.40
N THR PB 117 -131.47 24.86 -35.83
CA THR PB 117 -132.69 24.64 -36.59
C THR PB 117 -133.64 25.79 -36.33
N SER PB 118 -134.43 26.12 -37.35
CA SER PB 118 -135.48 27.12 -37.18
C SER PB 118 -136.83 26.55 -37.57
N TYR PB 119 -137.89 27.03 -36.87
CA TYR PB 119 -139.24 26.55 -37.07
C TYR PB 119 -140.19 27.74 -37.03
N SER PB 120 -141.31 27.61 -37.73
CA SER PB 120 -142.28 28.70 -37.84
C SER PB 120 -143.68 28.12 -37.75
N SER PB 121 -144.66 28.95 -38.08
CA SER PB 121 -146.05 28.54 -38.23
C SER PB 121 -146.46 28.68 -39.69
N LYS PB 122 -147.61 28.08 -40.03
CA LYS PB 122 -148.09 28.12 -41.40
C LYS PB 122 -148.63 29.50 -41.72
N TYR PB 123 -148.03 30.16 -42.71
CA TYR PB 123 -148.37 31.55 -43.04
C TYR PB 123 -148.94 31.69 -44.44
N VAL PB 124 -148.21 31.30 -45.48
CA VAL PB 124 -148.69 31.44 -46.85
C VAL PB 124 -148.55 30.11 -47.58
N SER PB 125 -147.36 29.54 -47.55
CA SER PB 125 -147.02 28.38 -48.37
C SER PB 125 -146.22 27.42 -47.51
N VAL PB 126 -145.51 26.50 -48.14
CA VAL PB 126 -144.53 25.67 -47.45
C VAL PB 126 -143.12 26.20 -47.70
N LYS PB 127 -142.81 26.51 -48.96
CA LYS PB 127 -141.47 26.97 -49.33
C LYS PB 127 -141.15 28.33 -48.75
N ARG PB 128 -142.17 29.17 -48.57
CA ARG PB 128 -141.98 30.49 -47.97
C ARG PB 128 -141.48 30.37 -46.53
N GLU PB 129 -142.13 29.50 -45.76
CA GLU PB 129 -141.70 29.27 -44.39
C GLU PB 129 -140.37 28.53 -44.33
N ARG PB 130 -140.12 27.63 -45.28
CA ARG PB 130 -138.83 26.95 -45.36
C ARG PB 130 -137.69 27.94 -45.56
N ALA PB 131 -137.85 28.85 -46.50
CA ALA PB 131 -136.80 29.82 -46.79
C ALA PB 131 -136.67 30.85 -45.67
N LEU PB 132 -137.79 31.22 -45.03
CA LEU PB 132 -137.70 32.15 -43.90
C LEU PB 132 -136.93 31.53 -42.74
N THR PB 133 -137.23 30.26 -42.42
CA THR PB 133 -136.51 29.58 -41.36
C THR PB 133 -135.05 29.42 -41.70
N LEU PB 134 -134.75 29.11 -42.96
CA LEU PB 134 -133.36 28.99 -43.42
C LEU PB 134 -132.61 30.30 -43.28
N ALA PB 135 -133.26 31.42 -43.65
CA ALA PB 135 -132.62 32.72 -43.57
C ALA PB 135 -132.39 33.15 -42.13
N ARG PB 136 -133.37 32.92 -41.25
CA ARG PB 136 -133.23 33.29 -39.85
C ARG PB 136 -132.13 32.49 -39.17
N SER PB 137 -132.09 31.17 -39.44
CA SER PB 137 -131.05 30.33 -38.88
C SER PB 137 -129.68 30.71 -39.43
N ARG PB 138 -129.62 31.08 -40.71
CA ARG PB 138 -128.37 31.51 -41.32
C ARG PB 138 -127.84 32.79 -40.67
N VAL PB 139 -128.74 33.75 -40.41
CA VAL PB 139 -128.34 35.01 -39.82
C VAL PB 139 -127.83 34.81 -38.40
N VAL PB 140 -128.55 34.02 -37.61
CA VAL PB 140 -128.12 33.83 -36.23
C VAL PB 140 -126.85 32.98 -36.17
N SER PB 141 -126.66 32.07 -37.12
CA SER PB 141 -125.41 31.32 -37.20
C SER PB 141 -124.25 32.22 -37.56
N GLU PB 142 -124.48 33.17 -38.48
CA GLU PB 142 -123.42 34.10 -38.86
C GLU PB 142 -123.02 35.00 -37.71
N TYR PB 143 -123.99 35.48 -36.93
CA TYR PB 143 -123.63 36.32 -35.80
C TYR PB 143 -122.96 35.51 -34.69
N LEU PB 144 -123.37 34.27 -34.49
CA LEU PB 144 -122.71 33.45 -33.48
C LEU PB 144 -121.30 33.09 -33.91
N TRP PB 145 -121.05 32.98 -35.21
CA TRP PB 145 -119.68 32.77 -35.67
C TRP PB 145 -118.87 34.05 -35.54
N SER PB 146 -119.50 35.20 -35.78
CA SER PB 146 -118.82 36.49 -35.66
C SER PB 146 -118.39 36.73 -34.21
N GLN PB 147 -119.24 36.36 -33.27
CA GLN PB 147 -118.80 36.31 -31.89
C GLN PB 147 -117.85 35.14 -31.70
N GLY PB 148 -116.88 35.33 -30.82
CA GLY PB 148 -115.80 34.38 -30.69
C GLY PB 148 -116.06 33.23 -29.73
N VAL PB 149 -116.89 32.27 -30.13
CA VAL PB 149 -117.10 31.05 -29.38
C VAL PB 149 -116.38 29.92 -30.10
N ASP PB 150 -115.54 29.20 -29.38
CA ASP PB 150 -114.65 28.21 -29.98
C ASP PB 150 -115.45 26.96 -30.34
N SER PB 151 -116.01 26.96 -31.54
CA SER PB 151 -116.66 25.80 -32.11
C SER PB 151 -115.99 25.43 -33.41
N ARG PB 152 -115.91 24.13 -33.68
CA ARG PB 152 -115.29 23.70 -34.93
C ARG PB 152 -116.29 23.67 -36.07
N ILE PB 153 -117.49 23.17 -35.82
CA ILE PB 153 -118.49 22.95 -36.86
C ILE PB 153 -119.77 23.65 -36.46
N ILE PB 154 -120.33 24.44 -37.36
CA ILE PB 154 -121.67 25.00 -37.19
C ILE PB 154 -122.53 24.48 -38.34
N PHE PB 155 -123.56 23.72 -38.00
CA PHE PB 155 -124.57 23.27 -38.95
C PHE PB 155 -125.81 24.13 -38.79
N THR PB 156 -126.45 24.47 -39.91
CA THR PB 156 -127.65 25.28 -39.82
C THR PB 156 -128.67 24.88 -40.89
N GLN PB 157 -129.95 24.88 -40.47
CA GLN PB 157 -131.06 24.57 -41.34
C GLN PB 157 -132.37 25.08 -40.72
N GLY PB 158 -133.38 25.18 -41.58
CA GLY PB 158 -134.72 25.50 -41.13
C GLY PB 158 -135.71 24.52 -41.71
N LEU PB 159 -136.86 24.40 -41.05
CA LEU PB 159 -137.84 23.40 -41.43
C LEU PB 159 -139.22 23.98 -41.67
N GLY PB 160 -139.42 25.28 -41.53
CA GLY PB 160 -140.72 25.87 -41.72
C GLY PB 160 -141.66 25.51 -40.59
N SER PB 161 -142.71 24.74 -40.92
CA SER PB 161 -143.65 24.28 -39.92
C SER PB 161 -143.95 22.81 -40.13
N ASP PB 162 -142.92 22.03 -40.47
CA ASP PB 162 -143.13 20.61 -40.75
C ASP PB 162 -143.36 19.83 -39.47
N LYS PB 163 -142.60 20.11 -38.42
CA LYS PB 163 -142.74 19.38 -37.16
C LYS PB 163 -143.14 20.36 -36.06
N PRO PB 164 -144.42 20.45 -35.75
CA PRO PB 164 -144.84 21.28 -34.62
C PRO PB 164 -144.48 20.62 -33.29
N ILE PB 165 -144.46 21.45 -32.26
CA ILE PB 165 -144.31 20.96 -30.89
C ILE PB 165 -145.51 21.33 -30.03
N THR PB 166 -146.57 21.87 -30.64
CA THR PB 166 -147.77 22.22 -29.90
C THR PB 166 -148.98 21.92 -30.79
N SER PB 167 -149.92 21.15 -30.25
CA SER PB 167 -151.16 20.89 -30.98
C SER PB 167 -152.03 22.13 -31.02
N TYR PB 168 -151.95 22.99 -30.02
CA TYR PB 168 -152.73 24.22 -29.96
C TYR PB 168 -152.09 25.23 -30.91
N THR PB 169 -152.69 25.38 -32.08
CA THR PB 169 -152.13 26.20 -33.16
C THR PB 169 -153.01 27.39 -33.46
N LEU PB 170 -153.49 28.06 -32.41
CA LEU PB 170 -154.32 29.24 -32.61
C LEU PB 170 -153.51 30.41 -33.13
N GLY PB 171 -152.35 30.67 -32.52
CA GLY PB 171 -151.57 31.84 -32.88
C GLY PB 171 -150.83 31.67 -34.18
N GLY PB 172 -150.32 32.79 -34.68
CA GLY PB 172 -149.52 32.79 -35.89
C GLY PB 172 -148.05 32.82 -35.56
N ASP PB 173 -147.42 33.99 -35.69
CA ASP PB 173 -146.03 34.13 -35.29
C ASP PB 173 -145.85 34.15 -33.77
N ARG PB 174 -146.94 34.23 -33.01
CA ARG PB 174 -146.85 34.16 -31.56
C ARG PB 174 -147.00 32.75 -31.03
N SER PB 175 -147.17 31.77 -31.92
CA SER PB 175 -147.32 30.39 -31.48
C SER PB 175 -146.00 29.85 -30.95
N PRO PB 176 -146.03 29.01 -29.91
CA PRO PB 176 -144.77 28.44 -29.39
C PRO PB 176 -144.09 27.47 -30.34
N ASN PB 177 -144.79 26.96 -31.35
CA ASN PB 177 -144.14 26.13 -32.35
C ASN PB 177 -143.17 26.93 -33.21
N ALA PB 178 -143.45 28.21 -33.43
CA ALA PB 178 -142.50 29.09 -34.08
C ALA PB 178 -141.36 29.38 -33.11
N ARG PB 179 -140.15 28.97 -33.48
CA ARG PB 179 -139.05 28.89 -32.53
C ARG PB 179 -137.73 28.77 -33.27
N VAL PB 180 -136.65 28.78 -32.50
CA VAL PB 180 -135.33 28.48 -33.02
C VAL PB 180 -134.60 27.65 -31.97
N GLU PB 181 -134.04 26.51 -32.39
CA GLU PB 181 -133.40 25.57 -31.50
C GLU PB 181 -131.92 25.45 -31.84
N ILE PB 182 -131.09 25.31 -30.81
CA ILE PB 182 -129.67 25.02 -30.99
C ILE PB 182 -129.31 23.86 -30.07
N THR PB 183 -128.69 22.84 -30.65
CA THR PB 183 -128.35 21.62 -29.93
C THR PB 183 -126.87 21.35 -30.01
N PHE PB 184 -126.33 20.76 -28.93
CA PHE PB 184 -124.97 20.25 -28.94
C PHE PB 184 -124.84 19.18 -27.86
N ARG PB 185 -123.63 18.61 -27.78
CA ARG PB 185 -123.25 17.69 -26.73
C ARG PB 185 -121.94 18.18 -26.14
N ARG PB 186 -121.85 18.23 -24.81
CA ARG PB 186 -120.65 18.70 -24.16
C ARG PB 186 -119.52 17.68 -24.32
N ALA PB 187 -118.39 18.14 -24.82
CA ALA PB 187 -117.23 17.28 -25.05
C ALA PB 187 -116.33 17.35 -23.83
N VAL PB 188 -116.32 16.27 -23.04
CA VAL PB 188 -115.48 16.09 -21.85
C VAL PB 188 -115.64 17.20 -20.82
N CYS QB 42 -139.07 59.15 -31.30
CA CYS QB 42 -137.79 58.59 -30.90
C CYS QB 42 -136.88 58.39 -32.11
N PHE QB 43 -136.06 57.34 -32.05
CA PHE QB 43 -135.10 57.06 -33.10
C PHE QB 43 -134.76 55.57 -33.09
N HIS QB 44 -134.55 55.01 -34.28
CA HIS QB 44 -134.11 53.63 -34.39
C HIS QB 44 -132.69 53.60 -34.93
N PRO QB 45 -131.76 52.96 -34.23
CA PRO QB 45 -130.37 52.84 -34.72
C PRO QB 45 -130.25 52.11 -36.05
N PRO QB 46 -131.19 51.18 -36.43
CA PRO QB 46 -131.25 50.84 -37.86
C PRO QB 46 -131.87 51.94 -38.71
N TYR QB 47 -131.13 53.02 -38.93
CA TYR QB 47 -131.40 54.10 -39.89
C TYR QB 47 -132.75 54.79 -39.70
N ASN QB 48 -133.38 54.59 -38.53
CA ASN QB 48 -134.72 55.10 -38.19
C ASN QB 48 -135.76 54.69 -39.23
N ASN QB 49 -135.59 53.49 -39.80
CA ASN QB 49 -136.49 52.89 -40.79
C ASN QB 49 -136.68 53.78 -42.01
N PHE QB 50 -135.60 54.47 -42.42
CA PHE QB 50 -135.55 55.34 -43.60
C PHE QB 50 -136.59 56.45 -43.55
N GLN QB 51 -136.76 57.03 -42.36
CA GLN QB 51 -137.66 58.14 -42.10
C GLN QB 51 -136.87 59.45 -42.05
N PRO QB 52 -137.39 60.52 -42.66
CA PRO QB 52 -136.76 61.84 -42.51
C PRO QB 52 -136.80 62.35 -41.08
N ASP QB 53 -135.63 62.48 -40.47
CA ASP QB 53 -135.52 62.80 -39.04
C ASP QB 53 -135.92 64.25 -38.78
N ARG QB 54 -136.64 64.47 -37.69
CA ARG QB 54 -137.00 65.81 -37.22
C ARG QB 54 -136.23 66.06 -35.93
N ARG QB 55 -135.01 66.55 -36.06
CA ARG QB 55 -134.15 66.79 -34.90
C ARG QB 55 -134.58 68.01 -34.10
N ALA QB 56 -135.18 69.01 -34.76
CA ALA QB 56 -135.45 70.29 -34.12
C ALA QB 56 -136.54 70.19 -33.07
N VAL QB 57 -137.59 69.39 -33.33
CA VAL QB 57 -138.63 69.21 -32.33
C VAL QB 57 -138.09 68.44 -31.13
N LYS QB 58 -137.19 67.48 -31.35
CA LYS QB 58 -136.55 66.79 -30.24
C LYS QB 58 -135.69 67.73 -29.42
N ARG QB 59 -134.96 68.63 -30.09
CA ARG QB 59 -134.11 69.59 -29.39
C ARG QB 59 -134.94 70.59 -28.57
N VAL QB 60 -136.03 71.10 -29.15
CA VAL QB 60 -136.83 72.04 -28.38
C VAL QB 60 -137.64 71.32 -27.30
N GLY QB 61 -137.94 70.04 -27.51
CA GLY QB 61 -138.57 69.26 -26.46
C GLY QB 61 -137.66 69.03 -25.27
N VAL QB 62 -136.40 68.69 -25.53
CA VAL QB 62 -135.48 68.48 -24.41
C VAL QB 62 -135.03 69.81 -23.81
N ASP QB 63 -135.14 70.93 -24.54
CA ASP QB 63 -134.92 72.23 -23.91
C ASP QB 63 -136.09 72.62 -23.02
N THR QB 64 -137.32 72.38 -23.48
CA THR QB 64 -138.50 72.73 -22.69
C THR QB 64 -138.75 71.76 -21.54
N GLY QB 65 -138.15 70.58 -21.58
CA GLY QB 65 -138.32 69.62 -20.50
C GLY QB 65 -137.53 70.00 -19.26
N GLY QB 88 -136.61 75.99 -22.63
CA GLY QB 88 -136.83 77.28 -23.26
C GLY QB 88 -136.90 77.20 -24.76
N GLY QB 89 -137.96 77.78 -25.32
CA GLY QB 89 -138.19 77.67 -26.77
C GLY QB 89 -137.16 78.41 -27.59
N THR QB 90 -136.80 79.62 -27.17
CA THR QB 90 -135.86 80.43 -27.96
C THR QB 90 -134.44 79.87 -27.90
N VAL QB 91 -134.00 79.45 -26.71
CA VAL QB 91 -132.67 78.86 -26.57
C VAL QB 91 -132.60 77.51 -27.28
N GLY QB 92 -133.70 76.73 -27.21
CA GLY QB 92 -133.75 75.50 -27.97
C GLY QB 92 -133.73 75.72 -29.47
N LEU QB 93 -134.41 76.78 -29.94
CA LEU QB 93 -134.43 77.12 -31.35
C LEU QB 93 -133.04 77.52 -31.85
N VAL QB 94 -132.35 78.39 -31.10
CA VAL QB 94 -131.04 78.85 -31.55
C VAL QB 94 -130.01 77.72 -31.43
N ALA QB 95 -130.15 76.84 -30.44
CA ALA QB 95 -129.26 75.69 -30.34
C ALA QB 95 -129.47 74.71 -31.49
N SER QB 96 -130.73 74.47 -31.87
CA SER QB 96 -131.02 73.57 -32.98
C SER QB 96 -130.52 74.15 -34.30
N ILE QB 97 -130.76 75.44 -34.54
CA ILE QB 97 -130.31 76.02 -35.81
C ILE QB 97 -128.81 76.24 -35.84
N TYR QB 98 -128.15 76.28 -34.68
CA TYR QB 98 -126.70 76.24 -34.68
C TYR QB 98 -126.19 74.84 -34.96
N ARG QB 99 -126.90 73.82 -34.48
CA ARG QB 99 -126.44 72.45 -34.69
C ARG QB 99 -126.68 71.99 -36.12
N ASP QB 100 -127.72 72.48 -36.79
CA ASP QB 100 -127.96 72.07 -38.16
C ASP QB 100 -127.20 72.91 -39.17
N SER QB 101 -126.31 73.80 -38.72
CA SER QB 101 -125.49 74.57 -39.63
C SER QB 101 -124.51 73.65 -40.35
N LYS QB 102 -124.25 73.96 -41.62
CA LYS QB 102 -123.50 73.07 -42.50
C LYS QB 102 -122.04 72.93 -42.05
N ARG QB 103 -121.45 74.02 -41.55
CA ARG QB 103 -120.09 73.97 -41.05
C ARG QB 103 -119.97 73.10 -39.82
N LYS QB 104 -121.02 73.03 -39.00
CA LYS QB 104 -121.03 72.11 -37.88
C LYS QB 104 -121.07 70.66 -38.36
N ILE QB 105 -121.79 70.39 -39.45
CA ILE QB 105 -121.82 69.06 -40.03
C ILE QB 105 -120.46 68.68 -40.59
N ILE QB 106 -119.77 69.64 -41.22
CA ILE QB 106 -118.42 69.39 -41.74
C ILE QB 106 -117.43 69.19 -40.59
N ARG QB 107 -117.62 69.91 -39.48
CA ARG QB 107 -116.78 69.69 -38.30
C ARG QB 107 -117.00 68.31 -37.70
N ASP QB 108 -118.26 67.85 -37.69
CA ASP QB 108 -118.55 66.48 -37.26
C ASP QB 108 -117.95 65.47 -38.22
N LEU QB 109 -117.93 65.80 -39.51
CA LEU QB 109 -117.30 64.95 -40.51
C LEU QB 109 -115.80 64.86 -40.30
N GLN QB 110 -115.19 65.97 -39.88
CA GLN QB 110 -113.77 65.99 -39.54
C GLN QB 110 -113.50 65.20 -38.26
N LYS QB 111 -114.43 65.26 -37.31
CA LYS QB 111 -114.35 64.42 -36.11
C LYS QB 111 -114.43 62.95 -36.48
N GLN QB 112 -115.27 62.61 -37.44
CA GLN QB 112 -115.28 61.27 -38.00
C GLN QB 112 -114.13 61.13 -39.00
N ASP QB 113 -113.97 59.93 -39.53
CA ASP QB 113 -112.87 59.68 -40.45
C ASP QB 113 -113.29 59.87 -41.90
N ILE QB 114 -113.93 61.00 -42.22
CA ILE QB 114 -114.49 61.24 -43.55
C ILE QB 114 -113.85 62.50 -44.11
N GLN QB 115 -113.39 62.43 -45.36
CA GLN QB 115 -112.65 63.53 -45.96
C GLN QB 115 -113.56 64.29 -46.92
N TYR QB 116 -113.77 65.58 -46.65
CA TYR QB 116 -114.63 66.42 -47.47
C TYR QB 116 -113.79 67.49 -48.16
N VAL QB 117 -113.88 67.54 -49.50
CA VAL QB 117 -113.16 68.52 -50.29
C VAL QB 117 -114.16 69.21 -51.20
N GLU QB 118 -114.08 70.55 -51.26
CA GLU QB 118 -114.85 71.30 -52.25
C GLU QB 118 -113.91 72.19 -53.04
N TYR QB 119 -113.95 72.06 -54.36
CA TYR QB 119 -113.13 72.86 -55.24
C TYR QB 119 -113.96 73.25 -56.45
N GLY QB 120 -114.25 74.55 -56.59
CA GLY QB 120 -115.11 74.99 -57.67
C GLY QB 120 -116.53 74.51 -57.46
N ASP QB 121 -117.16 74.08 -58.54
CA ASP QB 121 -118.50 73.53 -58.48
C ASP QB 121 -118.51 72.03 -58.23
N THR QB 122 -117.34 71.43 -58.02
CA THR QB 122 -117.22 70.00 -57.79
C THR QB 122 -116.95 69.75 -56.30
N ARG QB 123 -117.71 68.83 -55.71
CA ARG QB 123 -117.54 68.46 -54.32
C ARG QB 123 -117.29 66.96 -54.23
N THR QB 124 -116.29 66.58 -53.43
CA THR QB 124 -115.88 65.19 -53.28
C THR QB 124 -115.87 64.80 -51.81
N LEU QB 125 -116.23 63.54 -51.58
CA LEU QB 125 -116.24 62.90 -50.27
C LEU QB 125 -115.46 61.60 -50.35
N ILE QB 126 -114.60 61.37 -49.37
CA ILE QB 126 -113.74 60.19 -49.34
C ILE QB 126 -114.05 59.42 -48.07
N ILE QB 127 -114.35 58.14 -48.23
CA ILE QB 127 -114.70 57.27 -47.10
C ILE QB 127 -113.80 56.05 -47.11
N PRO QB 128 -113.13 55.73 -46.00
CA PRO QB 128 -112.33 54.50 -45.93
C PRO QB 128 -113.22 53.27 -45.90
N THR QB 129 -113.03 52.42 -46.90
CA THR QB 129 -113.83 51.20 -47.03
C THR QB 129 -113.60 50.25 -45.87
N ASP QB 130 -112.38 50.19 -45.36
CA ASP QB 130 -112.06 49.32 -44.24
C ASP QB 130 -112.77 49.78 -42.97
N LYS QB 131 -112.83 51.09 -42.74
CA LYS QB 131 -113.48 51.57 -41.54
C LYS QB 131 -114.99 51.49 -41.65
N TYR QB 132 -115.54 51.74 -42.83
CA TYR QB 132 -116.99 51.81 -43.00
C TYR QB 132 -117.50 50.66 -43.86
N PHE QB 133 -116.88 49.50 -43.73
CA PHE QB 133 -117.35 48.28 -44.36
C PHE QB 133 -117.19 47.13 -43.38
N MET QB 134 -117.41 45.93 -43.88
CA MET QB 134 -117.02 44.70 -43.20
C MET QB 134 -115.98 44.01 -44.05
N PHE QB 135 -114.99 43.40 -43.39
CA PHE QB 135 -113.74 43.03 -44.04
C PHE QB 135 -113.94 41.91 -45.06
N SER QB 136 -113.33 42.11 -46.24
CA SER QB 136 -113.32 41.16 -47.35
C SER QB 136 -114.72 40.77 -47.78
N SER QB 137 -115.63 41.75 -47.74
CA SER QB 137 -117.05 41.49 -47.98
C SER QB 137 -117.70 42.78 -48.42
N PRO QB 138 -118.74 42.71 -49.25
CA PRO QB 138 -119.52 43.91 -49.58
C PRO QB 138 -120.50 44.33 -48.50
N ARG QB 139 -120.47 43.68 -47.33
CA ARG QB 139 -121.38 44.06 -46.26
C ARG QB 139 -120.93 45.38 -45.63
N LEU QB 140 -121.86 46.31 -45.52
CA LEU QB 140 -121.60 47.56 -44.84
C LEU QB 140 -121.56 47.32 -43.33
N ASN QB 141 -120.69 48.06 -42.65
CA ASN QB 141 -120.70 48.01 -41.20
C ASN QB 141 -121.94 48.71 -40.66
N GLU QB 142 -122.62 48.04 -39.73
CA GLU QB 142 -123.81 48.63 -39.14
C GLU QB 142 -123.48 49.69 -38.10
N ILE QB 143 -122.34 49.53 -37.42
CA ILE QB 143 -122.06 50.32 -36.23
C ILE QB 143 -121.78 51.78 -36.56
N CYS QB 144 -121.17 52.07 -37.71
CA CYS QB 144 -120.74 53.41 -38.03
C CYS QB 144 -121.83 54.25 -38.71
N TYR QB 145 -123.09 53.94 -38.44
CA TYR QB 145 -124.25 54.65 -39.01
C TYR QB 145 -124.40 56.17 -38.78
N PRO QB 146 -123.85 56.81 -37.71
CA PRO QB 146 -123.94 58.28 -37.67
C PRO QB 146 -123.24 58.99 -38.81
N GLY QB 147 -122.16 58.43 -39.33
CA GLY QB 147 -121.52 59.00 -40.51
C GLY QB 147 -122.42 58.96 -41.72
N LEU QB 148 -123.14 57.84 -41.91
CA LEU QB 148 -124.07 57.74 -43.03
C LEU QB 148 -125.24 58.71 -42.88
N ASN QB 149 -125.71 58.89 -41.64
CA ASN QB 149 -126.77 59.87 -41.39
C ASN QB 149 -126.31 61.29 -41.69
N ASN QB 150 -125.06 61.62 -41.31
CA ASN QB 150 -124.49 62.92 -41.65
C ASN QB 150 -124.32 63.07 -43.16
N VAL QB 151 -123.98 61.97 -43.85
CA VAL QB 151 -123.85 62.00 -45.30
C VAL QB 151 -125.19 62.33 -45.95
N ILE QB 152 -126.26 61.72 -45.46
CA ILE QB 152 -127.57 61.97 -46.05
C ILE QB 152 -128.06 63.38 -45.72
N ARG QB 153 -127.80 63.84 -44.49
CA ARG QB 153 -128.17 65.20 -44.10
C ARG QB 153 -127.41 66.24 -44.92
N LEU QB 154 -126.16 65.95 -45.28
CA LEU QB 154 -125.41 66.83 -46.16
C LEU QB 154 -125.96 66.77 -47.58
N LEU QB 155 -126.21 65.56 -48.08
CA LEU QB 155 -126.58 65.38 -49.47
C LEU QB 155 -128.01 65.81 -49.78
N ASN QB 156 -128.83 66.04 -48.74
CA ASN QB 156 -130.15 66.60 -49.00
C ASN QB 156 -130.09 68.05 -49.45
N PHE QB 157 -128.97 68.74 -49.25
CA PHE QB 157 -128.87 70.16 -49.58
C PHE QB 157 -128.87 70.43 -51.08
N TYR QB 158 -128.44 69.48 -51.90
CA TYR QB 158 -128.33 69.68 -53.34
C TYR QB 158 -129.09 68.58 -54.07
N PRO QB 159 -130.40 68.72 -54.19
CA PRO QB 159 -131.20 67.63 -54.77
C PRO QB 159 -131.26 67.62 -56.28
N GLN QB 160 -130.37 68.34 -56.96
CA GLN QB 160 -130.44 68.45 -58.41
C GLN QB 160 -129.22 67.96 -59.15
N SER QB 161 -128.06 67.89 -58.50
CA SER QB 161 -126.82 67.55 -59.19
C SER QB 161 -126.72 66.04 -59.44
N THR QB 162 -125.98 65.69 -60.49
CA THR QB 162 -125.66 64.30 -60.79
C THR QB 162 -124.41 63.90 -60.03
N ILE QB 163 -124.38 62.66 -59.56
CA ILE QB 163 -123.34 62.18 -58.66
C ILE QB 163 -122.61 61.02 -59.32
N TYR QB 164 -121.29 60.98 -59.13
CA TYR QB 164 -120.46 59.84 -59.49
C TYR QB 164 -119.92 59.20 -58.22
N VAL QB 165 -119.84 57.86 -58.23
CA VAL QB 165 -119.25 57.12 -57.12
C VAL QB 165 -118.28 56.09 -57.70
N ALA QB 166 -117.13 55.97 -57.05
CA ALA QB 166 -116.08 55.05 -57.49
C ALA QB 166 -115.46 54.36 -56.30
N GLY QB 167 -114.92 53.18 -56.55
CA GLY QB 167 -114.28 52.38 -55.52
C GLY QB 167 -112.83 52.11 -55.86
N PHE QB 168 -111.99 52.04 -54.83
CA PHE QB 168 -110.56 51.83 -55.01
C PHE QB 168 -110.03 50.85 -53.97
N THR QB 169 -109.16 49.95 -54.40
CA THR QB 169 -108.54 48.96 -53.54
C THR QB 169 -107.03 48.93 -53.79
N ASP QB 170 -106.34 48.10 -53.02
CA ASP QB 170 -104.89 48.00 -53.08
C ASP QB 170 -104.47 47.12 -54.25
N ASN QB 171 -103.18 46.75 -54.28
CA ASN QB 171 -102.56 46.15 -55.45
C ASN QB 171 -102.26 44.67 -55.30
N VAL QB 172 -102.92 43.99 -54.36
CA VAL QB 172 -102.61 42.61 -54.02
C VAL QB 172 -103.80 41.74 -54.40
N GLY QB 173 -103.53 40.69 -55.19
CA GLY QB 173 -104.54 39.72 -55.57
C GLY QB 173 -104.74 39.68 -57.07
N SER QB 174 -105.78 38.96 -57.47
CA SER QB 174 -106.17 38.93 -58.87
C SER QB 174 -106.78 40.27 -59.28
N ARG QB 175 -106.39 40.74 -60.46
CA ARG QB 175 -106.91 42.01 -60.98
C ARG QB 175 -108.41 41.91 -61.25
N SER QB 176 -108.85 40.76 -61.75
CA SER QB 176 -110.27 40.50 -61.94
C SER QB 176 -111.01 40.50 -60.61
N HIS QB 177 -110.37 39.93 -59.58
CA HIS QB 177 -110.96 39.93 -58.24
C HIS QB 177 -111.10 41.34 -57.69
N LYS QB 178 -110.07 42.17 -57.91
CA LYS QB 178 -110.13 43.57 -57.47
C LYS QB 178 -111.24 44.32 -58.18
N ARG QB 179 -111.37 44.11 -59.49
CA ARG QB 179 -112.41 44.77 -60.27
C ARG QB 179 -113.80 44.34 -59.80
N LYS QB 180 -113.99 43.03 -59.56
CA LYS QB 180 -115.27 42.52 -59.08
C LYS QB 180 -115.63 43.10 -57.72
N LEU QB 181 -114.66 43.11 -56.80
CA LEU QB 181 -114.92 43.61 -55.45
C LEU QB 181 -115.20 45.10 -55.46
N SER QB 182 -114.46 45.86 -56.27
CA SER QB 182 -114.67 47.29 -56.37
C SER QB 182 -116.05 47.62 -56.93
N GLN QB 183 -116.44 46.92 -58.00
CA GLN QB 183 -117.76 47.14 -58.57
C GLN QB 183 -118.87 46.72 -57.63
N ALA QB 184 -118.65 45.66 -56.85
CA ALA QB 184 -119.64 45.22 -55.88
C ALA QB 184 -119.84 46.26 -54.78
N GLN QB 185 -118.75 46.81 -54.26
CA GLN QB 185 -118.87 47.78 -53.18
C GLN QB 185 -119.46 49.09 -53.68
N ALA QB 186 -119.09 49.50 -54.89
CA ALA QB 186 -119.65 50.72 -55.46
C ALA QB 186 -121.15 50.57 -55.73
N GLU QB 187 -121.54 49.39 -56.24
CA GLU QB 187 -122.95 49.13 -56.48
C GLU QB 187 -123.72 49.08 -55.17
N THR QB 188 -123.10 48.57 -54.11
CA THR QB 188 -123.72 48.55 -52.79
C THR QB 188 -123.98 49.97 -52.29
N MET QB 189 -122.99 50.84 -52.44
CA MET QB 189 -123.13 52.21 -51.95
C MET QB 189 -124.17 52.98 -52.74
N MET QB 190 -124.17 52.84 -54.07
CA MET QB 190 -125.16 53.56 -54.86
C MET QB 190 -126.56 52.96 -54.69
N THR QB 191 -126.64 51.67 -54.37
CA THR QB 191 -127.91 51.06 -54.03
C THR QB 191 -128.48 51.65 -52.73
N PHE QB 192 -127.60 51.83 -51.74
CA PHE QB 192 -128.02 52.47 -50.50
C PHE QB 192 -128.46 53.90 -50.73
N LEU QB 193 -127.74 54.62 -51.61
CA LEU QB 193 -128.12 55.99 -51.94
C LEU QB 193 -129.45 56.05 -52.67
N TRP QB 194 -129.73 55.06 -53.51
CA TRP QB 194 -131.05 54.94 -54.14
C TRP QB 194 -132.12 54.70 -53.10
N ALA QB 195 -131.82 53.88 -52.10
CA ALA QB 195 -132.76 53.62 -51.01
C ALA QB 195 -133.01 54.87 -50.18
N ASN QB 196 -132.03 55.77 -50.11
CA ASN QB 196 -132.20 57.00 -49.34
C ASN QB 196 -133.22 57.96 -49.96
N GLY QB 197 -133.57 57.79 -51.23
CA GLY QB 197 -134.63 58.60 -51.80
C GLY QB 197 -134.23 59.45 -52.98
N ILE QB 198 -133.26 58.98 -53.77
CA ILE QB 198 -132.80 59.68 -54.95
C ILE QB 198 -133.19 58.87 -56.18
N ALA QB 199 -133.66 59.56 -57.21
CA ALA QB 199 -134.09 58.89 -58.44
C ALA QB 199 -132.91 58.27 -59.17
N ALA QB 200 -133.16 57.12 -59.79
CA ALA QB 200 -132.12 56.29 -60.38
C ALA QB 200 -131.50 56.91 -61.63
N LYS QB 201 -132.12 57.94 -62.20
CA LYS QB 201 -131.56 58.59 -63.38
C LYS QB 201 -130.35 59.45 -63.06
N ARG QB 202 -130.13 59.77 -61.78
CA ARG QB 202 -129.06 60.67 -61.38
C ARG QB 202 -127.77 59.96 -61.00
N LEU QB 203 -127.72 58.63 -61.10
CA LEU QB 203 -126.64 57.88 -60.49
C LEU QB 203 -125.98 56.94 -61.48
N LYS QB 204 -124.66 56.84 -61.38
CA LYS QB 204 -123.89 55.78 -62.01
C LYS QB 204 -122.70 55.48 -61.09
N ALA QB 205 -122.19 54.26 -61.21
CA ALA QB 205 -121.17 53.78 -60.29
C ALA QB 205 -120.03 53.12 -61.05
N GLU QB 206 -118.85 53.14 -60.45
CA GLU QB 206 -117.68 52.52 -61.06
C GLU QB 206 -116.68 52.13 -59.99
N GLY QB 207 -115.99 51.01 -60.21
CA GLY QB 207 -114.96 50.59 -59.31
C GLY QB 207 -113.71 50.13 -60.03
N TYR QB 208 -112.57 50.62 -59.60
CA TYR QB 208 -111.29 50.26 -60.17
C TYR QB 208 -110.46 49.49 -59.15
N GLY QB 209 -109.39 48.89 -59.63
CA GLY QB 209 -108.50 48.19 -58.73
C GLY QB 209 -107.38 49.11 -58.28
N ASP QB 210 -106.17 48.84 -58.76
CA ASP QB 210 -105.03 49.71 -58.57
C ASP QB 210 -104.75 50.54 -59.81
N LYS QB 211 -105.82 50.93 -60.53
CA LYS QB 211 -105.65 51.53 -61.85
C LYS QB 211 -105.16 52.97 -61.76
N ASN QB 212 -105.48 53.67 -60.69
CA ASN QB 212 -105.02 55.05 -60.49
C ASN QB 212 -104.78 55.22 -59.00
N ALA QB 213 -103.53 55.06 -58.59
CA ALA QB 213 -103.17 55.06 -57.18
C ALA QB 213 -103.25 56.46 -56.61
N ILE QB 214 -103.68 56.55 -55.35
CA ILE QB 214 -103.65 57.79 -54.59
C ILE QB 214 -102.50 57.81 -53.60
N SER QB 215 -101.82 56.69 -53.40
CA SER QB 215 -100.78 56.56 -52.40
C SER QB 215 -99.76 55.55 -52.91
N ASP QB 216 -98.91 55.05 -52.02
CA ASP QB 216 -97.89 54.08 -52.37
C ASP QB 216 -98.11 52.79 -51.58
N ASN QB 217 -97.89 51.66 -52.27
CA ASN QB 217 -98.10 50.35 -51.69
C ASN QB 217 -96.88 49.80 -50.95
N ALA QB 218 -95.73 50.46 -51.07
CA ALA QB 218 -94.55 49.98 -50.37
C ALA QB 218 -94.65 50.20 -48.87
N ILE QB 219 -95.35 51.22 -48.43
CA ILE QB 219 -95.54 51.52 -47.02
C ILE QB 219 -96.89 50.97 -46.59
N ILE QB 220 -96.95 50.44 -45.37
CA ILE QB 220 -98.17 49.81 -44.88
C ILE QB 220 -99.26 50.85 -44.66
N HIS QB 221 -98.91 51.97 -44.04
CA HIS QB 221 -99.88 53.03 -43.81
C HIS QB 221 -100.31 53.69 -45.11
N GLY QB 222 -99.39 53.79 -46.08
CA GLY QB 222 -99.77 54.29 -47.39
C GLY QB 222 -100.72 53.35 -48.13
N SER QB 223 -100.47 52.05 -48.01
CA SER QB 223 -101.38 51.07 -48.60
C SER QB 223 -102.74 51.08 -47.92
N ALA QB 224 -102.76 51.39 -46.62
CA ALA QB 224 -104.03 51.58 -45.93
C ALA QB 224 -104.75 52.83 -46.43
N GLN QB 225 -103.99 53.90 -46.69
CA GLN QB 225 -104.60 55.12 -47.21
C GLN QB 225 -105.08 54.98 -48.65
N ASN QB 226 -104.52 54.03 -49.40
CA ASN QB 226 -104.82 53.92 -50.82
C ASN QB 226 -106.27 53.51 -51.08
N ARG QB 227 -106.74 52.44 -50.44
CA ARG QB 227 -108.07 51.92 -50.72
C ARG QB 227 -109.14 52.82 -50.10
N ARG QB 228 -110.18 53.12 -50.87
CA ARG QB 228 -111.10 54.19 -50.49
C ARG QB 228 -112.38 54.09 -51.31
N ILE QB 229 -113.33 54.96 -50.97
CA ILE QB 229 -114.56 55.16 -51.71
C ILE QB 229 -114.66 56.65 -52.03
N GLU QB 230 -114.76 56.97 -53.31
CA GLU QB 230 -114.75 58.34 -53.81
C GLU QB 230 -116.16 58.71 -54.27
N ILE QB 231 -116.62 59.89 -53.86
CA ILE QB 231 -117.92 60.42 -54.23
C ILE QB 231 -117.69 61.82 -54.77
N GLN QB 232 -118.16 62.09 -55.97
CA GLN QB 232 -118.02 63.43 -56.54
C GLN QB 232 -119.34 63.88 -57.14
N TRP QB 233 -119.57 65.19 -57.12
CA TRP QB 233 -120.72 65.72 -57.83
C TRP QB 233 -120.47 67.16 -58.27
N PHE QB 234 -121.13 67.53 -59.37
CA PHE QB 234 -121.03 68.84 -59.98
C PHE QB 234 -122.09 69.75 -59.35
N THR QB 235 -122.33 70.91 -59.97
CA THR QB 235 -123.44 71.77 -59.59
C THR QB 235 -124.49 71.87 -60.70
N SER QB 236 -124.10 72.26 -61.90
CA SER QB 236 -125.04 72.41 -63.00
C SER QB 236 -124.70 71.46 -64.14
N LEU RB 113 -157.32 54.82 -92.80
CA LEU RB 113 -157.57 53.48 -92.26
C LEU RB 113 -156.70 53.22 -91.03
N ASN RB 114 -156.48 54.26 -90.22
CA ASN RB 114 -155.58 54.17 -89.08
C ASN RB 114 -156.23 54.61 -87.78
N ARG RB 115 -157.55 54.72 -87.73
CA ARG RB 115 -158.25 55.26 -86.56
C ARG RB 115 -159.42 54.36 -86.21
N PHE RB 116 -159.56 54.03 -84.93
CA PHE RB 116 -160.72 53.26 -84.47
C PHE RB 116 -161.04 53.66 -83.04
N ARG RB 117 -162.14 54.38 -82.85
CA ARG RB 117 -162.66 54.72 -81.53
C ARG RB 117 -164.09 54.21 -81.46
N TYR RB 118 -164.34 53.29 -80.53
CA TYR RB 118 -165.65 52.66 -80.39
C TYR RB 118 -166.10 52.62 -78.94
N GLU RB 119 -167.40 52.85 -78.75
CA GLU RB 119 -168.11 52.58 -77.52
C GLU RB 119 -169.38 51.82 -77.86
N GLY RB 120 -169.84 50.99 -76.93
CA GLY RB 120 -171.16 50.41 -77.08
C GLY RB 120 -171.28 48.92 -77.40
N ALA RB 121 -170.42 48.09 -76.79
CA ALA RB 121 -170.56 46.64 -76.71
C ALA RB 121 -170.59 45.98 -78.10
N GLY RB 122 -169.46 46.10 -78.78
CA GLY RB 122 -169.31 45.54 -80.10
C GLY RB 122 -168.17 44.56 -80.16
N VAL RB 123 -168.31 43.58 -81.05
CA VAL RB 123 -167.33 42.52 -81.24
C VAL RB 123 -166.70 42.70 -82.60
N VAL RB 124 -165.38 42.84 -82.63
CA VAL RB 124 -164.63 43.02 -83.86
C VAL RB 124 -163.57 41.92 -83.94
N THR RB 125 -163.67 41.10 -84.99
CA THR RB 125 -162.68 40.08 -85.29
C THR RB 125 -161.98 40.47 -86.59
N GLY RB 126 -160.68 40.72 -86.50
CA GLY RB 126 -159.91 41.11 -87.67
C GLY RB 126 -158.71 40.23 -87.89
N ASN RB 127 -158.49 39.82 -89.13
CA ASN RB 127 -157.39 38.95 -89.50
C ASN RB 127 -156.66 39.53 -90.69
N ASN RB 128 -155.35 39.25 -90.75
CA ASN RB 128 -154.46 39.64 -91.85
C ASN RB 128 -154.42 41.16 -92.06
N LEU RB 129 -154.50 41.90 -90.97
CA LEU RB 129 -154.42 43.36 -91.05
C LEU RB 129 -152.95 43.76 -91.05
N ARG RB 130 -152.58 44.62 -92.00
CA ARG RB 130 -151.20 45.10 -92.13
C ARG RB 130 -151.23 46.62 -92.15
N THR RB 131 -150.40 47.23 -91.30
CA THR RB 131 -150.40 48.68 -91.13
C THR RB 131 -149.06 49.11 -90.55
N SER RB 132 -148.81 50.41 -90.64
CA SER RB 132 -147.64 51.01 -90.00
C SER RB 132 -147.98 51.47 -88.58
N TYR RB 133 -149.04 52.26 -88.44
CA TYR RB 133 -149.46 52.77 -87.14
C TYR RB 133 -150.94 53.07 -87.18
N LEU RB 134 -151.65 52.70 -86.11
CA LEU RB 134 -153.04 53.05 -85.95
C LEU RB 134 -153.33 53.31 -84.47
N ASP RB 135 -154.41 54.04 -84.23
CA ASP RB 135 -154.80 54.45 -82.88
C ASP RB 135 -156.15 53.85 -82.52
N LEU RB 136 -156.25 53.35 -81.29
CA LEU RB 136 -157.41 52.62 -80.81
C LEU RB 136 -157.90 53.24 -79.50
N TYR RB 137 -159.22 53.47 -79.42
CA TYR RB 137 -159.85 54.00 -78.22
C TYR RB 137 -161.15 53.23 -78.01
N LEU RB 138 -161.15 52.31 -77.05
CA LEU RB 138 -162.26 51.41 -76.85
C LEU RB 138 -162.90 51.61 -75.48
N ALA RB 139 -164.21 51.46 -75.42
CA ALA RB 139 -164.92 51.55 -74.15
C ALA RB 139 -166.11 50.61 -74.15
N ASN RB 140 -166.43 50.11 -72.95
CA ASN RB 140 -167.66 49.36 -72.63
C ASN RB 140 -167.75 48.08 -73.46
N GLU RB 141 -166.80 47.17 -73.18
CA GLU RB 141 -166.73 45.82 -73.74
C GLU RB 141 -166.63 45.85 -75.27
N GLY RB 142 -165.50 46.37 -75.73
CA GLY RB 142 -165.13 46.17 -77.11
C GLY RB 142 -164.38 44.86 -77.22
N THR RB 143 -165.10 43.80 -77.59
CA THR RB 143 -164.53 42.45 -77.63
C THR RB 143 -163.78 42.31 -78.95
N THR RB 144 -162.46 42.43 -78.90
CA THR RB 144 -161.65 42.52 -80.10
C THR RB 144 -160.65 41.38 -80.17
N ARG RB 145 -160.61 40.72 -81.32
CA ARG RB 145 -159.60 39.73 -81.65
C ARG RB 145 -158.83 40.23 -82.86
N LEU RB 146 -157.50 40.28 -82.74
CA LEU RB 146 -156.63 40.77 -83.80
C LEU RB 146 -155.64 39.67 -84.15
N ALA RB 147 -155.61 39.29 -85.42
CA ALA RB 147 -154.77 38.19 -85.91
C ALA RB 147 -154.07 38.59 -87.21
N GLY RB 148 -153.50 39.78 -87.24
CA GLY RB 148 -152.74 40.21 -88.40
C GLY RB 148 -151.33 40.65 -88.05
N ASN RB 149 -150.67 41.35 -88.97
CA ASN RB 149 -149.34 41.89 -88.75
C ASN RB 149 -149.52 43.40 -88.55
N ILE RB 150 -149.80 43.78 -87.31
CA ILE RB 150 -150.33 45.10 -86.98
C ILE RB 150 -149.29 45.86 -86.17
N GLY RB 151 -149.00 47.09 -86.59
CA GLY RB 151 -148.12 47.98 -85.85
C GLY RB 151 -148.89 49.17 -85.29
N LEU RB 152 -148.54 49.56 -84.07
CA LEU RB 152 -149.15 50.71 -83.41
C LEU RB 152 -148.22 51.19 -82.32
N GLN RB 153 -148.56 52.33 -81.74
CA GLN RB 153 -147.81 52.89 -80.63
C GLN RB 153 -148.67 53.13 -79.41
N LYS RB 154 -149.89 53.61 -79.58
CA LYS RB 154 -150.73 54.01 -78.46
C LYS RB 154 -152.08 53.34 -78.54
N LEU RB 155 -152.69 53.14 -77.38
CA LEU RB 155 -154.01 52.53 -77.27
C LEU RB 155 -154.61 52.97 -75.96
N GLU RB 156 -155.94 53.09 -75.94
CA GLU RB 156 -156.68 53.38 -74.72
C GLU RB 156 -157.88 52.45 -74.61
N ALA RB 157 -158.00 51.80 -73.46
CA ALA RB 157 -159.16 50.99 -73.12
C ALA RB 157 -159.73 51.52 -71.82
N VAL RB 158 -161.03 51.84 -71.81
CA VAL RB 158 -161.61 52.48 -70.63
C VAL RB 158 -161.81 51.46 -69.52
N GLY RB 159 -162.56 50.41 -69.77
CA GLY RB 159 -162.76 49.40 -68.76
C GLY RB 159 -163.82 48.39 -69.17
N ASN RB 160 -163.79 47.25 -68.48
CA ASN RB 160 -164.72 46.13 -68.66
C ASN RB 160 -164.73 45.62 -70.09
N GLY RB 161 -163.56 45.60 -70.72
CA GLY RB 161 -163.44 45.11 -72.07
C GLY RB 161 -162.30 44.12 -72.20
N VAL RB 162 -162.53 42.99 -72.86
CA VAL RB 162 -161.56 41.93 -73.02
C VAL RB 162 -161.03 41.97 -74.44
N THR RB 163 -159.70 41.95 -74.58
CA THR RB 163 -159.08 42.09 -75.89
C THR RB 163 -157.93 41.09 -76.03
N GLN RB 164 -157.85 40.42 -77.18
CA GLN RB 164 -156.75 39.53 -77.49
C GLN RB 164 -156.08 39.98 -78.77
N ILE RB 165 -154.79 40.30 -78.69
CA ILE RB 165 -154.03 40.76 -79.85
C ILE RB 165 -152.89 39.78 -80.09
N ASN RB 166 -152.75 39.34 -81.35
CA ASN RB 166 -151.78 38.31 -81.71
C ASN RB 166 -150.77 38.89 -82.70
N GLY RB 167 -149.68 39.47 -82.17
CA GLY RB 167 -148.56 39.86 -82.98
C GLY RB 167 -148.48 41.34 -83.30
N VAL RB 168 -147.68 42.07 -82.54
CA VAL RB 168 -147.40 43.49 -82.78
C VAL RB 168 -145.90 43.69 -82.67
N SER RB 169 -145.29 44.22 -83.73
CA SER RB 169 -143.87 44.58 -83.71
C SER RB 169 -143.81 46.10 -83.59
N SER RB 170 -143.87 46.59 -82.36
CA SER RB 170 -143.88 48.02 -82.10
C SER RB 170 -142.46 48.49 -81.85
N ARG RB 171 -141.95 49.32 -82.76
CA ARG RB 171 -140.67 49.98 -82.55
C ARG RB 171 -140.73 50.98 -81.40
N ASN RB 172 -141.92 51.51 -81.12
CA ASN RB 172 -142.16 52.32 -79.94
C ASN RB 172 -143.57 52.02 -79.47
N LEU RB 173 -143.80 52.16 -78.16
CA LEU RB 173 -145.12 51.91 -77.62
C LEU RB 173 -145.30 52.67 -76.32
N GLN RB 174 -146.52 53.18 -76.11
CA GLN RB 174 -146.92 53.75 -74.84
C GLN RB 174 -148.36 53.34 -74.58
N ILE RB 175 -148.69 53.14 -73.30
CA ILE RB 175 -150.01 52.64 -72.92
C ILE RB 175 -150.32 53.13 -71.51
N VAL RB 176 -151.54 53.64 -71.31
CA VAL RB 176 -152.04 53.96 -69.98
C VAL RB 176 -153.48 53.45 -69.89
N LEU RB 177 -153.94 53.25 -68.66
CA LEU RB 177 -155.27 52.69 -68.42
C LEU RB 177 -155.97 53.50 -67.34
N LYS RB 178 -157.30 53.49 -67.40
CA LYS RB 178 -158.12 54.31 -66.50
C LYS RB 178 -158.97 53.46 -65.56
N GLY RB 179 -159.81 52.58 -66.09
CA GLY RB 179 -160.65 51.75 -65.25
C GLY RB 179 -160.13 50.33 -65.18
N ASP RB 180 -160.99 49.34 -65.48
CA ASP RB 180 -160.60 47.93 -65.39
C ASP RB 180 -160.85 47.23 -66.72
N PRO RB 181 -159.90 47.28 -67.66
CA PRO RB 181 -159.95 46.40 -68.82
C PRO RB 181 -159.15 45.13 -68.59
N LYS RB 182 -159.26 44.21 -69.56
CA LYS RB 182 -158.54 42.93 -69.52
C LYS RB 182 -158.01 42.67 -70.92
N VAL RB 183 -156.69 42.69 -71.08
CA VAL RB 183 -156.06 42.55 -72.38
C VAL RB 183 -155.00 41.47 -72.32
N LEU RB 184 -154.69 40.90 -73.48
CA LEU RB 184 -153.61 39.93 -73.60
C LEU RB 184 -152.99 40.11 -74.98
N ILE RB 185 -151.73 40.53 -75.01
CA ILE RB 185 -151.07 40.94 -76.24
C ILE RB 185 -149.84 40.09 -76.47
N SER RB 186 -149.69 39.56 -77.68
CA SER RB 186 -148.47 38.91 -78.12
C SER RB 186 -147.73 39.81 -79.11
N GLY RB 187 -146.43 39.58 -79.21
CA GLY RB 187 -145.61 40.37 -80.11
C GLY RB 187 -144.40 40.98 -79.43
N PHE RB 188 -143.89 42.09 -79.97
CA PHE RB 188 -142.72 42.77 -79.43
C PHE RB 188 -143.12 44.21 -79.09
N VAL RB 189 -142.93 44.59 -77.83
CA VAL RB 189 -143.37 45.89 -77.34
C VAL RB 189 -142.15 46.65 -76.85
N ASN RB 190 -141.94 47.84 -77.39
CA ASN RB 190 -140.86 48.71 -76.95
C ASN RB 190 -141.41 49.74 -75.97
N LEU RB 191 -141.83 49.23 -74.81
CA LEU RB 191 -142.40 50.07 -73.77
C LEU RB 191 -141.31 50.87 -73.07
N ARG RB 192 -141.72 51.99 -72.46
CA ARG RB 192 -140.84 52.75 -71.59
C ARG RB 192 -141.51 53.08 -70.26
N GLN RB 193 -142.82 53.30 -70.27
CA GLN RB 193 -143.51 53.86 -69.12
C GLN RB 193 -144.88 53.25 -68.96
N LEU RB 194 -145.23 52.85 -67.74
CA LEU RB 194 -146.58 52.39 -67.45
C LEU RB 194 -146.89 52.62 -65.97
N ASP RB 195 -147.98 53.35 -65.71
CA ASP RB 195 -148.50 53.56 -64.36
C ASP RB 195 -149.95 53.12 -64.32
N MET RB 196 -150.31 52.36 -63.29
CA MET RB 196 -151.64 51.79 -63.16
C MET RB 196 -152.22 52.15 -61.79
N TYR RB 197 -153.51 52.48 -61.76
CA TYR RB 197 -154.16 53.03 -60.59
C TYR RB 197 -155.46 52.35 -60.19
N GLY RB 198 -155.91 51.34 -60.95
CA GLY RB 198 -157.19 50.72 -60.66
C GLY RB 198 -157.10 49.27 -60.25
N LYS RB 199 -157.62 48.37 -61.08
CA LYS RB 199 -157.58 46.93 -60.89
C LYS RB 199 -157.10 46.26 -62.15
N GLY RB 200 -155.96 46.74 -62.65
CA GLY RB 200 -155.51 46.39 -63.99
C GLY RB 200 -154.96 44.98 -64.09
N THR RB 201 -155.24 44.35 -65.24
CA THR RB 201 -154.72 43.04 -65.60
C THR RB 201 -154.06 43.17 -66.97
N LEU RB 202 -152.85 42.63 -67.10
CA LEU RB 202 -152.19 42.66 -68.40
C LEU RB 202 -151.20 41.51 -68.53
N SER RB 203 -151.10 41.00 -69.76
CA SER RB 203 -150.20 39.90 -70.08
C SER RB 203 -149.55 40.18 -71.43
N LEU RB 204 -148.21 40.13 -71.44
CA LEU RB 204 -147.41 40.33 -72.64
C LEU RB 204 -146.52 39.12 -72.85
N TYR RB 205 -146.00 38.99 -74.07
CA TYR RB 205 -145.21 37.82 -74.41
C TYR RB 205 -143.73 38.13 -74.54
N TRP RB 206 -143.36 39.08 -75.40
CA TRP RB 206 -141.96 39.41 -75.60
C TRP RB 206 -141.80 40.93 -75.56
N ILE RB 207 -140.75 41.39 -74.89
CA ILE RB 207 -140.40 42.80 -74.85
C ILE RB 207 -138.89 42.93 -75.03
N LYS RB 208 -138.48 43.82 -75.91
CA LYS RB 208 -137.06 44.13 -76.15
C LYS RB 208 -136.89 45.63 -75.93
N SER RB 209 -136.57 46.01 -74.70
CA SER RB 209 -136.38 47.42 -74.38
C SER RB 209 -135.13 47.63 -73.56
N ASP RB 210 -134.94 48.84 -73.07
CA ASP RB 210 -133.75 49.18 -72.30
C ASP RB 210 -134.09 49.75 -70.93
N THR RB 211 -135.13 50.56 -70.83
CA THR RB 211 -135.47 51.24 -69.58
C THR RB 211 -136.99 51.23 -69.42
N LEU RB 212 -137.46 50.63 -68.32
CA LEU RB 212 -138.87 50.60 -68.01
C LEU RB 212 -139.12 51.27 -66.66
N THR RB 213 -140.17 52.08 -66.60
CA THR RB 213 -140.63 52.71 -65.38
C THR RB 213 -142.06 52.26 -65.14
N ILE RB 214 -142.24 51.40 -64.13
CA ILE RB 214 -143.54 50.80 -63.86
C ILE RB 214 -143.97 51.25 -62.47
N ARG RB 215 -145.17 51.81 -62.39
CA ARG RB 215 -145.76 52.21 -61.12
C ARG RB 215 -147.12 51.56 -60.96
N ALA RB 216 -147.38 51.01 -59.79
CA ALA RB 216 -148.63 50.33 -59.49
C ALA RB 216 -149.19 50.90 -58.19
N LYS RB 217 -150.47 51.28 -58.21
CA LYS RB 217 -151.07 52.04 -57.12
C LYS RB 217 -152.07 51.23 -56.31
N LYS RB 218 -153.11 50.69 -56.93
CA LYS RB 218 -154.22 50.11 -56.20
C LYS RB 218 -154.33 48.59 -56.34
N ALA RB 219 -154.36 48.08 -57.57
CA ALA RB 219 -154.38 46.64 -57.80
C ALA RB 219 -153.85 46.39 -59.20
N ALA RB 220 -152.74 45.69 -59.30
CA ALA RB 220 -152.12 45.45 -60.60
C ALA RB 220 -151.72 43.98 -60.70
N LYS RB 221 -151.98 43.40 -61.85
CA LYS RB 221 -151.56 42.05 -62.20
C LYS RB 221 -150.82 42.14 -63.53
N ILE RB 222 -149.52 41.92 -63.49
CA ILE RB 222 -148.65 42.12 -64.65
C ILE RB 222 -147.93 40.82 -64.93
N GLN RB 223 -148.07 40.32 -66.16
CA GLN RB 223 -147.34 39.15 -66.63
C GLN RB 223 -146.43 39.56 -67.78
N LEU RB 224 -145.12 39.34 -67.61
CA LEU RB 224 -144.13 39.81 -68.57
C LEU RB 224 -143.09 38.72 -68.83
N ALA RB 225 -142.46 38.82 -70.01
CA ALA RB 225 -141.32 37.99 -70.37
C ALA RB 225 -140.55 38.71 -71.47
N GLY RB 226 -139.22 38.66 -71.39
CA GLY RB 226 -138.39 39.34 -72.37
C GLY RB 226 -137.09 39.78 -71.73
N ILE RB 227 -136.37 40.64 -72.46
CA ILE RB 227 -135.08 41.16 -72.03
C ILE RB 227 -135.16 42.69 -72.06
N VAL RB 228 -135.06 43.32 -70.89
CA VAL RB 228 -134.94 44.77 -70.75
C VAL RB 228 -133.79 45.05 -69.80
N ASN RB 229 -132.93 46.00 -70.16
CA ASN RB 229 -131.70 46.22 -69.41
C ASN RB 229 -131.97 46.81 -68.03
N ARG RB 230 -132.82 47.83 -67.94
CA ARG RB 230 -132.99 48.60 -66.72
C ARG RB 230 -134.47 48.68 -66.37
N LEU RB 231 -134.79 48.34 -65.12
CA LEU RB 231 -136.16 48.35 -64.62
C LEU RB 231 -136.23 49.16 -63.33
N ASP RB 232 -137.26 50.00 -63.22
CA ASP RB 232 -137.55 50.71 -61.98
C ASP RB 232 -139.03 50.51 -61.68
N VAL RB 233 -139.33 49.83 -60.58
CA VAL RB 233 -140.68 49.46 -60.21
C VAL RB 233 -141.02 50.10 -58.88
N GLU RB 234 -142.15 50.80 -58.84
CA GLU RB 234 -142.73 51.30 -57.61
C GLU RB 234 -144.08 50.64 -57.42
N LEU RB 235 -144.29 50.04 -56.25
CA LEU RB 235 -145.53 49.36 -55.94
C LEU RB 235 -146.05 49.91 -54.61
N TRP RB 236 -147.33 50.27 -54.58
CA TRP RB 236 -147.88 50.93 -53.40
C TRP RB 236 -148.65 49.98 -52.50
N ASP RB 237 -149.70 49.34 -53.02
CA ASP RB 237 -150.53 48.47 -52.20
C ASP RB 237 -151.29 47.52 -53.09
N PHE RB 238 -151.38 46.26 -52.66
CA PHE RB 238 -152.19 45.20 -53.29
C PHE RB 238 -151.81 45.00 -54.75
N ALA RB 239 -150.52 45.11 -55.05
CA ALA RB 239 -150.01 45.01 -56.40
C ALA RB 239 -149.16 43.75 -56.50
N GLN RB 240 -149.50 42.90 -57.47
CA GLN RB 240 -148.84 41.60 -57.67
C GLN RB 240 -148.18 41.64 -59.04
N PHE RB 241 -146.86 41.71 -59.05
CA PHE RB 241 -146.09 41.76 -60.30
C PHE RB 241 -145.39 40.44 -60.51
N LYS RB 242 -145.51 39.87 -61.72
CA LYS RB 242 -144.83 38.62 -62.04
C LYS RB 242 -143.86 38.88 -63.19
N GLY RB 243 -142.62 39.20 -62.85
CA GLY RB 243 -141.57 39.25 -63.83
C GLY RB 243 -140.82 37.94 -63.89
N LYS RB 244 -141.56 36.83 -63.79
CA LYS RB 244 -140.97 35.53 -64.03
C LYS RB 244 -140.63 35.40 -65.50
N TYR RB 245 -139.49 34.73 -65.76
CA TYR RB 245 -138.88 34.60 -67.10
C TYR RB 245 -138.65 35.97 -67.73
N LEU RB 246 -138.14 36.92 -66.94
CA LEU RB 246 -137.89 38.28 -67.39
C LEU RB 246 -136.53 38.69 -66.83
N ARG RB 247 -135.48 38.48 -67.62
CA ARG RB 247 -134.12 38.73 -67.18
C ARG RB 247 -133.76 40.19 -67.40
N ALA RB 248 -133.16 40.81 -66.39
CA ALA RB 248 -132.86 42.24 -66.44
C ALA RB 248 -131.49 42.53 -65.84
N GLN RB 249 -130.75 43.41 -66.51
CA GLN RB 249 -129.40 43.74 -66.06
C GLN RB 249 -129.43 44.62 -64.82
N ARG RB 250 -130.29 45.63 -64.81
CA ARG RB 250 -130.44 46.54 -63.67
C ARG RB 250 -131.86 46.45 -63.16
N SER RB 251 -132.01 46.22 -61.86
CA SER RB 251 -133.35 46.16 -61.28
C SER RB 251 -133.40 47.02 -60.03
N PHE RB 252 -134.41 47.89 -59.95
CA PHE RB 252 -134.72 48.67 -58.77
C PHE RB 252 -136.16 48.40 -58.39
N VAL RB 253 -136.39 47.89 -57.19
CA VAL RB 253 -137.72 47.57 -56.70
C VAL RB 253 -137.97 48.37 -55.43
N LYS RB 254 -139.06 49.12 -55.40
CA LYS RB 254 -139.46 49.89 -54.22
C LYS RB 254 -140.91 49.57 -53.91
N THR RB 255 -141.14 48.86 -52.80
CA THR RB 255 -142.47 48.37 -52.45
C THR RB 255 -142.90 48.94 -51.10
N HIS RB 256 -144.10 49.48 -51.09
CA HIS RB 256 -144.75 49.94 -49.87
C HIS RB 256 -145.60 48.80 -49.30
N ASP RB 257 -146.53 49.14 -48.40
CA ASP RB 257 -147.28 48.15 -47.64
C ASP RB 257 -148.15 47.27 -48.52
N LYS RB 258 -148.04 45.96 -48.29
CA LYS RB 258 -148.82 44.91 -48.97
C LYS RB 258 -148.64 44.97 -50.49
N SER RB 259 -147.41 44.69 -50.92
CA SER RB 259 -147.06 44.62 -52.33
C SER RB 259 -146.17 43.41 -52.56
N VAL RB 260 -146.51 42.61 -53.57
CA VAL RB 260 -145.80 41.38 -53.85
C VAL RB 260 -145.26 41.43 -55.27
N ALA RB 261 -143.96 41.20 -55.41
CA ALA RB 261 -143.34 41.17 -56.72
C ALA RB 261 -142.41 39.97 -56.82
N GLU RB 262 -142.43 39.32 -57.98
CA GLU RB 262 -141.51 38.24 -58.31
C GLU RB 262 -140.61 38.75 -59.41
N ILE RB 263 -139.29 38.61 -59.21
CA ILE RB 263 -138.28 39.17 -60.10
C ILE RB 263 -137.41 38.04 -60.61
N SER RB 264 -136.76 38.29 -61.74
CA SER RB 264 -135.86 37.34 -62.38
C SER RB 264 -134.57 38.04 -62.82
N ALA RB 265 -133.98 38.80 -61.90
CA ALA RB 265 -132.80 39.59 -62.22
C ALA RB 265 -131.58 38.68 -62.43
N VAL RB 266 -130.66 39.14 -63.28
CA VAL RB 266 -129.49 38.37 -63.65
C VAL RB 266 -128.19 39.04 -63.21
N ASN RB 267 -128.10 40.37 -63.29
CA ASN RB 267 -126.84 41.06 -63.01
C ASN RB 267 -126.87 41.86 -61.71
N HIS RB 268 -127.80 42.81 -61.57
CA HIS RB 268 -127.69 43.81 -60.51
C HIS RB 268 -129.06 44.06 -59.91
N GLN RB 269 -129.17 43.86 -58.60
CA GLN RB 269 -130.45 43.87 -57.90
C GLN RB 269 -130.41 44.86 -56.74
N SER RB 270 -131.37 45.78 -56.75
CA SER RB 270 -131.56 46.75 -55.67
C SER RB 270 -133.01 46.65 -55.22
N SER RB 271 -133.22 46.38 -53.93
CA SER RB 271 -134.58 46.14 -53.46
C SER RB 271 -134.83 46.80 -52.11
N LEU RB 272 -136.01 47.40 -51.97
CA LEU RB 272 -136.43 48.00 -50.72
C LEU RB 272 -137.91 47.72 -50.49
N ALA RB 273 -138.23 47.25 -49.30
CA ALA RB 273 -139.60 46.98 -48.89
C ALA RB 273 -139.88 47.66 -47.56
N THR RB 274 -141.06 48.26 -47.44
CA THR RB 274 -141.38 48.95 -46.19
C THR RB 274 -141.88 47.98 -45.12
N ASP RB 275 -143.03 47.36 -45.36
CA ASP RB 275 -143.66 46.48 -44.40
C ASP RB 275 -144.68 45.63 -45.14
N ALA RB 276 -144.83 44.37 -44.69
CA ALA RB 276 -145.82 43.41 -45.20
C ALA RB 276 -145.69 43.20 -46.71
N SER RB 277 -144.47 43.34 -47.24
CA SER RB 277 -144.23 43.34 -48.66
C SER RB 277 -143.20 42.28 -48.99
N ASP RB 278 -143.34 41.68 -50.15
CA ASP RB 278 -142.52 40.56 -50.57
C ASP RB 278 -141.84 40.89 -51.90
N ILE RB 279 -140.53 40.79 -51.92
CA ILE RB 279 -139.74 40.96 -53.13
C ILE RB 279 -138.99 39.64 -53.34
N TYR RB 280 -139.60 38.73 -54.06
CA TYR RB 280 -139.00 37.41 -54.25
C TYR RB 280 -138.17 37.42 -55.52
N TYR RB 281 -137.02 36.75 -55.46
CA TYR RB 281 -136.13 36.66 -56.61
C TYR RB 281 -135.97 35.21 -57.02
N TYR RB 282 -136.18 34.92 -58.30
CA TYR RB 282 -136.08 33.56 -58.79
C TYR RB 282 -134.75 33.26 -59.44
N ASN RB 283 -133.83 34.22 -59.45
CA ASN RB 283 -132.53 34.00 -60.07
C ASN RB 283 -131.48 34.78 -59.29
N LEU RB 284 -130.30 34.19 -59.17
CA LEU RB 284 -129.21 34.79 -58.41
C LEU RB 284 -128.56 35.88 -59.24
N SER RB 285 -128.70 37.13 -58.81
CA SER RB 285 -128.03 38.22 -59.50
C SER RB 285 -126.54 38.20 -59.17
N LYS RB 286 -125.74 38.80 -60.06
CA LYS RB 286 -124.31 38.89 -59.83
C LYS RB 286 -123.97 39.83 -58.69
N THR RB 287 -124.85 40.77 -58.37
CA THR RB 287 -124.71 41.62 -57.21
C THR RB 287 -126.11 41.93 -56.70
N ARG RB 288 -126.31 41.79 -55.39
CA ARG RB 288 -127.64 41.87 -54.79
C ARG RB 288 -127.57 42.69 -53.51
N ALA RB 289 -128.48 43.65 -53.37
CA ALA RB 289 -128.57 44.40 -52.13
C ALA RB 289 -130.02 44.73 -51.82
N ASP RB 290 -130.44 44.42 -50.59
CA ASP RB 290 -131.82 44.42 -50.19
C ASP RB 290 -131.97 45.13 -48.85
N PHE RB 291 -133.15 45.72 -48.65
CA PHE RB 291 -133.46 46.38 -47.38
C PHE RB 291 -134.94 46.23 -47.05
N MET RB 292 -135.23 45.95 -45.79
CA MET RB 292 -136.58 45.94 -45.26
C MET RB 292 -136.67 46.95 -44.14
N ALA RB 293 -137.81 47.65 -44.06
CA ALA RB 293 -137.98 48.72 -43.09
C ALA RB 293 -138.69 48.25 -41.83
N PHE RB 294 -139.89 47.70 -41.97
CA PHE RB 294 -140.60 47.15 -40.82
C PHE RB 294 -140.88 45.65 -40.97
N ASN RB 295 -141.49 45.22 -42.07
CA ASN RB 295 -141.85 43.82 -42.22
C ASN RB 295 -141.64 43.33 -43.65
N GLY RB 296 -140.68 43.91 -44.36
CA GLY RB 296 -140.40 43.46 -45.70
C GLY RB 296 -139.65 42.14 -45.72
N SER RB 297 -139.77 41.43 -46.84
CA SER RB 297 -139.13 40.13 -46.98
C SER RB 297 -138.61 39.96 -48.40
N VAL RB 298 -137.33 39.64 -48.53
CA VAL RB 298 -136.72 39.34 -49.81
C VAL RB 298 -136.20 37.92 -49.73
N LEU RB 299 -136.79 37.03 -50.52
CA LEU RB 299 -136.54 35.60 -50.38
C LEU RB 299 -136.31 34.97 -51.75
N ASP RB 300 -135.64 33.82 -51.74
CA ASP RB 300 -135.24 33.13 -52.96
C ASP RB 300 -136.32 32.18 -53.47
N MET RB 301 -136.72 31.24 -52.60
CA MET RB 301 -137.60 30.09 -52.88
C MET RB 301 -137.34 29.44 -54.24
N ARG RB 302 -136.11 28.99 -54.43
CA ARG RB 302 -135.79 28.14 -55.56
C ARG RB 302 -136.16 26.69 -55.22
N GLU RB 303 -136.02 25.81 -56.21
CA GLU RB 303 -136.56 24.46 -56.09
C GLU RB 303 -135.73 23.54 -55.18
N TRP RB 304 -134.49 23.94 -54.86
CA TRP RB 304 -133.55 23.21 -54.00
C TRP RB 304 -133.19 21.83 -54.54
N GLY RB 305 -133.45 21.55 -55.80
CA GLY RB 305 -133.28 20.22 -56.33
C GLY RB 305 -132.80 20.17 -57.76
N GLN RB 306 -132.37 21.30 -58.29
CA GLN RB 306 -131.85 21.31 -59.65
C GLN RB 306 -130.48 20.64 -59.69
N SER RB 307 -130.15 20.08 -60.85
CA SER RB 307 -128.86 19.45 -61.02
C SER RB 307 -127.73 20.45 -61.08
N ASP RB 308 -128.01 21.70 -61.42
CA ASP RB 308 -126.97 22.71 -61.64
C ASP RB 308 -127.26 23.99 -60.87
N LEU RB 309 -127.89 23.88 -59.70
CA LEU RB 309 -128.08 25.06 -58.86
C LEU RB 309 -126.80 25.31 -58.07
N LYS RB 310 -126.26 26.52 -58.21
CA LYS RB 310 -124.98 26.87 -57.63
C LYS RB 310 -125.16 27.63 -56.32
N ASP RB 311 -124.08 27.69 -55.55
CA ASP RB 311 -124.09 28.31 -54.22
C ASP RB 311 -123.74 29.79 -54.34
N PHE RB 312 -123.48 30.43 -53.21
CA PHE RB 312 -123.17 31.84 -53.19
C PHE RB 312 -121.75 32.11 -53.67
N ASP RB 313 -121.50 33.38 -53.98
CA ASP RB 313 -120.17 33.89 -54.21
C ASP RB 313 -119.74 34.72 -53.00
N ARG RB 314 -118.43 34.93 -52.89
CA ARG RB 314 -117.89 35.86 -51.91
C ARG RB 314 -118.40 37.27 -52.17
N TYR RB 315 -118.44 37.66 -53.44
CA TYR RB 315 -118.99 38.95 -53.80
C TYR RB 315 -120.50 39.00 -53.62
N ASN RB 316 -121.19 37.89 -53.87
CA ASN RB 316 -122.65 37.84 -53.83
C ASN RB 316 -123.19 37.54 -52.44
N LYS RB 317 -122.33 37.36 -51.45
CA LYS RB 317 -122.78 36.95 -50.12
C LYS RB 317 -123.39 38.15 -49.41
N GLN RB 318 -124.66 38.05 -49.05
CA GLN RB 318 -125.32 39.06 -48.25
C GLN RB 318 -126.18 38.37 -47.20
N PHE RB 319 -126.26 39.00 -46.03
CA PHE RB 319 -126.88 38.41 -44.85
C PHE RB 319 -127.95 39.36 -44.33
N PRO RB 320 -129.17 39.29 -44.88
CA PRO RB 320 -130.26 40.16 -44.42
C PRO RB 320 -130.80 39.75 -43.07
N ASP SB 39 -109.86 27.72 -5.36
CA ASP SB 39 -109.79 26.27 -5.14
C ASP SB 39 -111.19 25.68 -5.07
N GLY SB 40 -112.19 26.54 -4.96
CA GLY SB 40 -113.57 26.09 -4.93
C GLY SB 40 -114.10 25.87 -6.32
N CYS SB 41 -114.19 24.61 -6.72
CA CYS SB 41 -114.52 24.28 -8.11
C CYS SB 41 -116.01 24.01 -8.31
N CYS SB 42 -116.60 23.18 -7.45
CA CYS SB 42 -118.04 22.89 -7.54
C CYS SB 42 -118.85 23.85 -6.67
N SER SB 43 -118.61 25.14 -6.90
CA SER SB 43 -119.28 26.18 -6.12
C SER SB 43 -120.75 26.27 -6.50
N LYS SB 44 -121.55 26.69 -5.51
CA LYS SB 44 -123.01 26.79 -5.60
C LYS SB 44 -123.66 25.48 -5.98
N MET SB 45 -123.04 24.38 -5.55
CA MET SB 45 -123.49 23.03 -5.87
C MET SB 45 -123.19 22.15 -4.66
N GLY SB 46 -123.24 20.84 -4.87
CA GLY SB 46 -123.01 19.92 -3.77
C GLY SB 46 -121.57 19.74 -3.35
N GLY SB 47 -120.64 20.46 -3.96
CA GLY SB 47 -119.24 20.26 -3.70
C GLY SB 47 -118.69 19.13 -4.54
N ILE SB 48 -117.38 18.93 -4.45
CA ILE SB 48 -116.72 17.89 -5.23
C ILE SB 48 -117.03 16.55 -4.60
N ASN SB 49 -117.67 15.66 -5.36
CA ASN SB 49 -117.86 14.30 -4.87
C ASN SB 49 -116.54 13.52 -4.94
N TYR SB 50 -116.00 13.36 -6.14
CA TYR SB 50 -114.70 12.71 -6.32
C TYR SB 50 -114.12 13.16 -7.64
N CYS SB 51 -113.07 12.46 -8.09
CA CYS SB 51 -112.43 12.75 -9.37
C CYS SB 51 -112.50 11.51 -10.25
N ASP SB 52 -113.07 11.66 -11.43
CA ASP SB 52 -113.02 10.64 -12.48
C ASP SB 52 -111.72 10.85 -13.22
N SER SB 53 -110.76 9.95 -13.00
CA SER SB 53 -109.46 10.07 -13.64
C SER SB 53 -109.49 9.71 -15.12
N SER SB 54 -110.42 8.85 -15.53
CA SER SB 54 -110.60 8.59 -16.95
C SER SB 54 -111.06 9.84 -17.67
N ALA SB 55 -111.98 10.57 -17.05
CA ALA SB 55 -112.31 11.90 -17.55
C ALA SB 55 -111.26 12.93 -17.17
N GLY SB 56 -110.44 12.64 -16.16
CA GLY SB 56 -109.49 13.62 -15.65
C GLY SB 56 -110.13 14.81 -15.00
N ARG SB 57 -111.36 14.67 -14.53
CA ARG SB 57 -112.17 15.82 -14.11
C ARG SB 57 -112.83 15.52 -12.78
N LEU SB 58 -113.12 16.59 -12.04
CA LEU SB 58 -113.79 16.48 -10.76
C LEU SB 58 -115.29 16.29 -10.99
N VAL SB 59 -115.80 15.10 -10.65
CA VAL SB 59 -117.24 14.89 -10.63
C VAL SB 59 -117.76 15.43 -9.31
N CYS SB 60 -118.61 16.44 -9.40
CA CYS SB 60 -119.16 17.09 -8.23
C CYS SB 60 -120.21 16.21 -7.58
N ASN SB 61 -120.69 16.65 -6.42
CA ASN SB 61 -121.89 16.04 -5.86
C ASN SB 61 -123.13 16.46 -6.62
N ASN SB 62 -123.04 17.55 -7.39
CA ASN SB 62 -124.00 17.81 -8.44
C ASN SB 62 -123.77 16.85 -9.60
N GLY SB 63 -124.73 16.79 -10.50
CA GLY SB 63 -124.64 15.87 -11.62
C GLY SB 63 -123.83 16.37 -12.81
N PHE SB 64 -122.91 17.29 -12.57
CA PHE SB 64 -122.12 17.90 -13.63
C PHE SB 64 -120.63 17.77 -13.31
N TYR SB 65 -119.84 17.67 -14.37
CA TYR SB 65 -118.39 17.71 -14.22
C TYR SB 65 -117.94 19.12 -13.86
N SER SB 66 -116.97 19.20 -12.95
CA SER SB 66 -116.38 20.50 -12.66
C SER SB 66 -115.47 20.94 -13.80
N THR SB 67 -115.27 22.25 -13.89
CA THR SB 67 -114.35 22.80 -14.87
C THR SB 67 -112.90 22.51 -14.53
N CYS SB 68 -112.59 22.30 -13.26
CA CYS SB 68 -111.23 21.98 -12.83
C CYS SB 68 -110.89 20.53 -13.14
N TYR SB 69 -109.62 20.29 -13.43
CA TYR SB 69 -109.13 18.94 -13.65
C TYR SB 69 -108.60 18.35 -12.34
N CYS SB 70 -108.19 17.09 -12.41
CA CYS SB 70 -107.55 16.43 -11.28
C CYS SB 70 -106.32 15.62 -11.67
N THR SB 71 -105.88 15.69 -12.92
CA THR SB 71 -104.66 15.00 -13.33
C THR SB 71 -104.06 15.73 -14.51
N ARG SB 72 -102.80 15.41 -14.80
CA ARG SB 72 -102.13 15.96 -15.96
C ARG SB 72 -102.64 15.35 -17.26
N HIS SB 73 -103.26 14.18 -17.21
CA HIS SB 73 -103.78 13.52 -18.40
C HIS SB 73 -105.19 14.04 -18.66
N ALA SB 74 -105.26 15.16 -19.36
CA ALA SB 74 -106.53 15.77 -19.72
C ALA SB 74 -106.34 16.54 -21.03
N VAL SB 75 -107.46 16.82 -21.69
CA VAL SB 75 -107.42 17.56 -22.95
C VAL SB 75 -107.10 19.00 -22.63
N MET SB 76 -105.83 19.37 -22.74
CA MET SB 76 -105.36 20.69 -22.37
C MET SB 76 -105.07 21.47 -23.65
N ASP SB 77 -105.85 22.52 -23.89
CA ASP SB 77 -105.66 23.36 -25.07
C ASP SB 77 -104.45 24.25 -24.84
N LEU SB 78 -103.27 23.67 -25.10
CA LEU SB 78 -102.00 24.35 -24.88
C LEU SB 78 -101.47 24.87 -26.21
N GLN SB 79 -101.35 26.19 -26.33
CA GLN SB 79 -100.83 26.81 -27.52
C GLN SB 79 -99.61 27.69 -27.26
N PHE SB 80 -99.12 27.75 -26.03
CA PHE SB 80 -97.98 28.58 -25.69
C PHE SB 80 -97.31 28.02 -24.45
N LEU SB 81 -95.98 27.98 -24.46
CA LEU SB 81 -95.20 27.54 -23.31
C LEU SB 81 -93.82 28.19 -23.40
N MET SB 82 -92.90 27.71 -22.57
CA MET SB 82 -91.56 28.27 -22.46
C MET SB 82 -90.51 27.17 -22.71
N GLY SB 83 -89.24 27.55 -22.60
CA GLY SB 83 -88.14 26.62 -22.77
C GLY SB 83 -87.03 27.14 -23.65
N CYS SB 84 -85.86 26.52 -23.58
CA CYS SB 84 -84.71 26.89 -24.40
C CYS SB 84 -84.30 25.70 -25.26
N CYS SB 85 -83.70 26.02 -26.42
CA CYS SB 85 -83.46 25.07 -27.51
C CYS SB 85 -84.75 24.37 -27.91
N LEU SB 86 -85.84 25.13 -27.92
CA LEU SB 86 -87.17 24.56 -28.04
C LEU SB 86 -87.47 24.17 -29.47
N TRP SB 87 -88.33 23.16 -29.62
CA TRP SB 87 -88.77 22.61 -30.91
C TRP SB 87 -87.57 22.18 -31.76
N HIS SB 88 -86.61 21.58 -31.10
CA HIS SB 88 -85.32 21.24 -31.68
C HIS SB 88 -84.82 19.99 -30.97
N GLY SB 89 -83.51 19.72 -31.06
CA GLY SB 89 -82.91 18.62 -30.34
C GLY SB 89 -82.89 18.77 -28.83
N GLY SB 90 -83.22 19.95 -28.32
CA GLY SB 90 -83.20 20.19 -26.89
C GLY SB 90 -81.84 20.64 -26.41
N VAL SB 91 -81.77 20.97 -25.12
CA VAL SB 91 -80.54 21.45 -24.52
C VAL SB 91 -79.53 20.31 -24.46
N TYR SB 92 -78.35 20.55 -25.01
CA TYR SB 92 -77.33 19.52 -25.05
C TYR SB 92 -76.81 19.26 -23.64
N PRO SB 93 -76.65 17.99 -23.24
CA PRO SB 93 -76.21 17.70 -21.86
C PRO SB 93 -74.81 18.16 -21.55
N GLN SB 94 -73.94 18.32 -22.55
CA GLN SB 94 -72.61 18.85 -22.28
C GLN SB 94 -72.70 20.33 -21.95
N LEU SB 95 -71.81 20.78 -21.08
CA LEU SB 95 -71.81 22.14 -20.57
C LEU SB 95 -70.74 22.96 -21.28
N ASN SB 96 -71.00 24.25 -21.42
CA ASN SB 96 -70.13 25.16 -22.14
C ASN SB 96 -69.52 26.16 -21.17
N SER SB 97 -68.19 26.28 -21.23
CA SER SB 97 -67.53 27.34 -20.48
C SER SB 97 -67.85 28.72 -21.04
N SER SB 98 -68.06 28.80 -22.35
CA SER SB 98 -68.46 30.05 -22.97
C SER SB 98 -69.98 30.21 -22.88
N GLY SB 99 -70.46 31.37 -23.32
CA GLY SB 99 -71.87 31.67 -23.24
C GLY SB 99 -72.74 31.00 -24.28
N LEU SB 100 -72.14 30.32 -25.26
CA LEU SB 100 -72.91 29.68 -26.31
C LEU SB 100 -73.61 28.44 -25.80
N VAL SB 101 -74.83 28.22 -26.29
CA VAL SB 101 -75.57 26.98 -26.05
C VAL SB 101 -76.02 26.46 -27.41
N VAL SB 102 -75.66 25.22 -27.71
CA VAL SB 102 -75.96 24.61 -29.00
C VAL SB 102 -76.82 23.39 -28.75
N CYS SB 103 -77.93 23.28 -29.48
CA CYS SB 103 -78.87 22.19 -29.25
C CYS SB 103 -78.33 20.88 -29.82
N ASN SB 104 -79.08 19.80 -29.57
CA ASN SB 104 -78.63 18.46 -29.94
C ASN SB 104 -78.65 18.22 -31.43
N ASP SB 105 -79.37 19.03 -32.20
CA ASP SB 105 -79.36 18.90 -33.64
C ASP SB 105 -78.19 19.63 -34.28
N GLY SB 106 -77.32 20.25 -33.48
CA GLY SB 106 -76.25 21.08 -33.98
C GLY SB 106 -76.60 22.54 -34.10
N TYR SB 107 -77.87 22.90 -34.00
CA TYR SB 107 -78.28 24.29 -34.05
C TYR SB 107 -77.89 24.99 -32.76
N VAL SB 108 -77.41 26.23 -32.89
CA VAL SB 108 -77.00 27.04 -31.76
C VAL SB 108 -78.11 28.02 -31.45
N SER SB 109 -78.54 28.07 -30.19
CA SER SB 109 -79.61 28.96 -29.76
C SER SB 109 -78.97 30.20 -29.15
N GLU SB 110 -78.71 31.19 -30.00
CA GLU SB 110 -78.02 32.40 -29.57
C GLU SB 110 -78.93 33.31 -28.77
N GLU SB 111 -80.23 33.29 -29.05
CA GLU SB 111 -81.19 34.04 -28.25
C GLU SB 111 -81.25 33.51 -26.82
N CYS SB 112 -81.21 32.17 -26.67
CA CYS SB 112 -81.09 31.59 -25.34
C CYS SB 112 -79.71 31.86 -24.74
N SER SB 113 -78.69 31.96 -25.60
CA SER SB 113 -77.35 32.30 -25.15
C SER SB 113 -77.27 33.78 -24.75
N LEU SB 114 -76.17 34.13 -24.10
CA LEU SB 114 -75.92 35.52 -23.70
C LEU SB 114 -75.18 36.25 -24.81
N GLN SB 115 -74.84 37.50 -24.56
CA GLN SB 115 -74.20 38.36 -25.54
C GLN SB 115 -72.99 39.05 -24.94
N LYS SB 116 -72.16 39.61 -25.81
CA LYS SB 116 -71.03 40.44 -25.38
C LYS SB 116 -70.66 41.44 -26.47
N UNK TB 1 -126.47 15.80 -32.88
CA UNK TB 1 -127.43 15.95 -31.79
C UNK TB 1 -128.84 16.07 -32.33
N UNK TB 2 -129.27 17.31 -32.57
CA UNK TB 2 -130.51 17.74 -33.22
C UNK TB 2 -131.79 17.39 -32.46
N UNK TB 3 -131.70 16.76 -31.29
CA UNK TB 3 -132.88 16.39 -30.52
C UNK TB 3 -132.46 16.14 -29.09
N UNK TB 4 -133.13 16.79 -28.14
CA UNK TB 4 -132.94 16.50 -26.73
C UNK TB 4 -134.03 15.59 -26.18
N UNK TB 5 -135.00 15.19 -27.01
CA UNK TB 5 -136.07 14.29 -26.59
C UNK TB 5 -136.35 13.35 -27.76
N UNK TB 6 -135.70 12.19 -27.75
CA UNK TB 6 -135.96 11.18 -28.76
C UNK TB 6 -137.34 10.58 -28.52
N UNK TB 7 -138.29 10.93 -29.37
CA UNK TB 7 -139.68 10.50 -29.22
C UNK TB 7 -139.77 9.01 -29.51
N UNK TB 8 -139.87 8.21 -28.45
CA UNK TB 8 -139.95 6.76 -28.57
C UNK TB 8 -141.36 6.40 -29.03
N UNK TB 9 -141.55 6.41 -30.34
CA UNK TB 9 -142.80 6.07 -31.04
C UNK TB 9 -144.00 6.88 -30.58
N UNK UB 1 -5.22 8.91 -115.24
CA UNK UB 1 -4.94 7.62 -115.82
C UNK UB 1 -6.23 6.88 -116.14
N UNK UB 2 -6.80 6.23 -115.12
CA UNK UB 2 -8.07 5.52 -115.28
C UNK UB 2 -9.18 6.56 -115.36
N UNK UB 3 -9.73 6.75 -116.55
CA UNK UB 3 -10.77 7.73 -116.80
C UNK UB 3 -12.14 7.19 -116.41
N UNK UB 4 -13.09 8.10 -116.23
CA UNK UB 4 -14.44 7.76 -115.78
C UNK UB 4 -15.30 7.16 -116.88
N UNK UB 5 -14.85 7.21 -118.15
CA UNK UB 5 -15.62 6.61 -119.23
C UNK UB 5 -15.68 5.09 -119.11
N UNK UB 6 -14.58 4.48 -118.65
CA UNK UB 6 -14.57 3.04 -118.40
C UNK UB 6 -15.53 2.67 -117.27
N UNK UB 7 -15.57 3.49 -116.21
CA UNK UB 7 -16.51 3.24 -115.12
C UNK UB 7 -17.95 3.42 -115.57
N UNK UB 8 -18.20 4.40 -116.43
CA UNK UB 8 -19.54 4.61 -116.98
C UNK UB 8 -19.99 3.43 -117.83
N UNK UB 9 -19.08 2.93 -118.69
CA UNK UB 9 -19.41 1.76 -119.51
C UNK UB 9 -19.59 0.51 -118.66
N UNK UB 10 -18.80 0.36 -117.59
CA UNK UB 10 -18.94 -0.78 -116.70
C UNK UB 10 -20.26 -0.73 -115.93
N UNK UB 11 -20.65 0.47 -115.46
CA UNK UB 11 -21.94 0.63 -114.79
C UNK UB 11 -23.09 0.39 -115.76
N UNK UB 12 -22.93 0.80 -117.01
CA UNK UB 12 -23.93 0.52 -118.04
C UNK UB 12 -24.07 -0.97 -118.29
N UNK UB 13 -22.95 -1.70 -118.34
CA UNK UB 13 -23.00 -3.15 -118.54
C UNK UB 13 -23.55 -3.87 -117.32
N UNK UB 14 -23.30 -3.33 -116.12
CA UNK UB 14 -23.88 -3.91 -114.91
C UNK UB 14 -25.38 -3.66 -114.83
N UNK UB 15 -25.83 -2.50 -115.30
CA UNK UB 15 -27.26 -2.24 -115.37
C UNK UB 15 -27.93 -3.10 -116.45
N UNK UB 16 -27.28 -3.24 -117.60
CA UNK UB 16 -27.80 -4.05 -118.70
C UNK UB 16 -27.17 -5.44 -118.62
N UNK UB 17 -27.68 -6.23 -117.68
CA UNK UB 17 -27.24 -7.61 -117.51
C UNK UB 17 -28.02 -8.60 -118.34
N UNK UB 18 -29.32 -8.33 -118.56
CA UNK UB 18 -30.25 -9.15 -119.34
C UNK UB 18 -30.33 -10.59 -118.81
N UNK UB 19 -30.25 -10.73 -117.49
CA UNK UB 19 -30.25 -12.06 -116.87
C UNK UB 19 -30.74 -11.93 -115.43
N UNK UB 20 -31.83 -12.63 -115.11
CA UNK UB 20 -32.36 -12.68 -113.76
C UNK UB 20 -33.18 -13.94 -113.62
N UNK UB 21 -32.84 -14.79 -112.64
CA UNK UB 21 -33.53 -16.05 -112.42
C UNK UB 21 -33.39 -16.44 -110.96
N UNK UB 22 -34.47 -17.00 -110.40
CA UNK UB 22 -34.48 -17.42 -109.01
C UNK UB 22 -35.12 -18.80 -108.91
N UNK UB 23 -34.76 -19.52 -107.85
CA UNK UB 23 -35.28 -20.86 -107.62
C UNK UB 23 -35.65 -21.01 -106.15
N UNK UB 24 -36.94 -21.14 -105.88
CA UNK UB 24 -37.43 -21.37 -104.53
C UNK UB 24 -37.72 -22.86 -104.34
N UNK UB 25 -38.25 -23.20 -103.17
CA UNK UB 25 -38.50 -24.59 -102.85
C UNK UB 25 -39.87 -24.74 -102.19
N UNK UB 26 -40.41 -25.94 -102.29
CA UNK UB 26 -41.62 -26.32 -101.59
C UNK UB 26 -41.27 -26.81 -100.19
N UNK UB 27 -42.27 -27.31 -99.47
CA UNK UB 27 -42.07 -27.76 -98.10
C UNK UB 27 -41.34 -29.10 -98.02
N UNK UB 28 -41.32 -29.88 -99.10
CA UNK UB 28 -40.70 -31.20 -99.11
C UNK UB 28 -39.43 -31.24 -99.95
N UNK UB 29 -38.64 -30.15 -99.92
CA UNK UB 29 -37.37 -30.00 -100.64
C UNK UB 29 -37.53 -30.22 -102.14
N UNK UB 30 -38.59 -29.65 -102.71
CA UNK UB 30 -38.86 -29.74 -104.15
C UNK UB 30 -38.52 -28.41 -104.80
N UNK UB 31 -37.74 -28.46 -105.87
CA UNK UB 31 -37.32 -27.25 -106.56
C UNK UB 31 -38.50 -26.61 -107.31
N UNK UB 32 -38.48 -25.28 -107.42
CA UNK UB 32 -39.51 -24.56 -108.14
C UNK UB 32 -38.89 -23.31 -108.73
N UNK UB 33 -38.87 -23.24 -110.07
CA UNK UB 33 -38.26 -22.10 -110.76
C UNK UB 33 -38.88 -21.98 -112.13
N UNK UB 34 -38.70 -20.81 -112.73
CA UNK UB 34 -39.17 -20.50 -114.07
C UNK UB 34 -37.97 -20.25 -114.98
N UNK UB 35 -38.25 -19.79 -116.20
CA UNK UB 35 -37.19 -19.38 -117.11
C UNK UB 35 -36.55 -18.09 -116.62
N UNK UB 36 -35.33 -17.86 -117.09
CA UNK UB 36 -34.59 -16.66 -116.70
C UNK UB 36 -35.22 -15.43 -117.36
N UNK UB 37 -35.45 -14.39 -116.55
CA UNK UB 37 -36.10 -13.17 -117.01
C UNK UB 37 -35.10 -12.02 -116.99
N UNK UB 38 -35.60 -10.83 -117.34
CA UNK UB 38 -34.86 -9.58 -117.46
C UNK UB 38 -33.63 -9.70 -118.37
N UNK UB 39 -40.58 -21.32 -95.72
CA UNK UB 39 -41.05 -21.83 -97.00
C UNK UB 39 -41.88 -20.79 -97.73
N UNK UB 40 -41.47 -19.53 -97.62
CA UNK UB 40 -42.22 -18.42 -98.20
C UNK UB 40 -41.49 -17.77 -99.38
N UNK UB 41 -40.26 -17.29 -99.17
CA UNK UB 41 -39.54 -16.57 -100.22
C UNK UB 41 -38.06 -16.67 -99.97
N UNK UB 42 -37.33 -17.28 -100.91
CA UNK UB 42 -35.87 -17.34 -100.86
C UNK UB 42 -35.33 -16.05 -101.46
N UNK UB 43 -34.95 -15.11 -100.59
CA UNK UB 43 -34.46 -13.82 -101.04
C UNK UB 43 -33.09 -13.91 -101.68
N UNK UB 44 -32.32 -14.94 -101.36
CA UNK UB 44 -30.99 -15.14 -101.94
C UNK UB 44 -31.02 -15.99 -103.20
N UNK UB 45 -32.20 -16.40 -103.66
CA UNK UB 45 -32.28 -17.26 -104.83
C UNK UB 45 -32.02 -16.52 -106.13
N UNK UB 46 -32.11 -15.19 -106.14
CA UNK UB 46 -31.98 -14.42 -107.36
C UNK UB 46 -30.52 -14.38 -107.84
N UNK UB 47 -30.33 -14.58 -109.14
CA UNK UB 47 -29.01 -14.61 -109.74
C UNK UB 47 -29.09 -14.13 -111.18
N UNK UB 48 -27.94 -13.70 -111.70
CA UNK UB 48 -27.87 -13.21 -113.07
C UNK UB 48 -27.39 -14.31 -114.02
N LYS VB 24 -129.58 46.19 -27.20
CA LYS VB 24 -129.34 47.63 -27.19
C LYS VB 24 -127.95 47.96 -27.74
N PHE VB 25 -127.00 47.05 -27.53
CA PHE VB 25 -125.65 47.18 -28.05
C PHE VB 25 -125.29 45.94 -28.82
N LYS VB 26 -124.85 46.12 -30.06
CA LYS VB 26 -124.40 45.02 -30.91
C LYS VB 26 -122.88 45.09 -30.99
N LYS VB 27 -122.21 44.15 -30.33
CA LYS VB 27 -120.77 44.21 -30.18
C LYS VB 27 -120.07 43.88 -31.49
N PRO VB 28 -118.91 44.48 -31.74
CA PRO VB 28 -118.14 44.13 -32.94
C PRO VB 28 -117.53 42.75 -32.79
N PRO VB 29 -117.17 42.10 -33.91
CA PRO VB 29 -116.51 40.79 -33.82
C PRO VB 29 -115.17 40.88 -33.11
N ILE VB 30 -114.86 39.84 -32.33
CA ILE VB 30 -113.73 39.87 -31.42
C ILE VB 30 -112.43 39.65 -32.17
N ASN VB 31 -112.35 38.56 -32.92
CA ASN VB 31 -111.17 38.27 -33.73
C ASN VB 31 -111.33 38.85 -35.13
N ASN VB 32 -111.49 40.16 -35.17
CA ASN VB 32 -111.64 40.87 -36.42
C ASN VB 32 -110.35 41.58 -36.77
N PRO VB 33 -109.96 41.58 -38.05
CA PRO VB 33 -108.73 42.26 -38.45
C PRO VB 33 -108.86 43.77 -38.45
N SER VB 34 -108.66 44.40 -37.29
CA SER VB 34 -108.78 45.85 -37.17
C SER VB 34 -107.44 46.56 -37.35
N ASP VB 35 -106.52 45.98 -38.11
CA ASP VB 35 -105.22 46.58 -38.35
C ASP VB 35 -104.82 46.39 -39.80
N ASP VB 36 -104.03 47.33 -40.32
CA ASP VB 36 -103.61 47.30 -41.72
C ASP VB 36 -102.73 46.10 -42.01
N ALA VB 37 -101.82 45.77 -41.09
CA ALA VB 37 -100.99 44.59 -41.26
C ALA VB 37 -101.83 43.32 -41.23
N THR VB 38 -102.84 43.29 -40.36
CA THR VB 38 -103.70 42.12 -40.25
C THR VB 38 -104.54 41.92 -41.50
N ILE VB 39 -105.09 43.02 -42.06
CA ILE VB 39 -105.89 42.86 -43.27
C ILE VB 39 -105.00 42.53 -44.45
N LYS VB 40 -103.74 43.00 -44.43
CA LYS VB 40 -102.79 42.63 -45.46
C LYS VB 40 -102.49 41.13 -45.41
N LEU VB 41 -102.25 40.61 -44.20
CA LEU VB 41 -101.99 39.19 -44.04
C LEU VB 41 -103.21 38.34 -44.40
N ALA VB 42 -104.40 38.78 -44.01
CA ALA VB 42 -105.60 38.00 -44.27
C ALA VB 42 -105.97 38.02 -45.74
N GLU VB 43 -105.76 39.16 -46.40
CA GLU VB 43 -105.96 39.24 -47.84
C GLU VB 43 -104.96 38.35 -48.57
N ALA VB 44 -103.71 38.32 -48.09
CA ALA VB 44 -102.72 37.42 -48.66
C ALA VB 44 -103.11 35.96 -48.48
N ALA VB 45 -103.66 35.62 -47.31
CA ALA VB 45 -104.09 34.26 -47.04
C ALA VB 45 -105.26 33.87 -47.94
N VAL VB 46 -106.19 34.80 -48.16
CA VAL VB 46 -107.31 34.57 -49.06
C VAL VB 46 -106.81 34.34 -50.48
N SER VB 47 -105.84 35.15 -50.91
CA SER VB 47 -105.29 35.04 -52.25
C SER VB 47 -104.58 33.72 -52.46
N VAL VB 48 -103.78 33.28 -51.48
CA VAL VB 48 -103.06 32.03 -51.67
C VAL VB 48 -103.99 30.84 -51.52
N SER VB 49 -105.08 30.97 -50.74
CA SER VB 49 -106.06 29.91 -50.65
C SER VB 49 -106.78 29.73 -51.98
N ASP VB 50 -107.15 30.84 -52.61
CA ASP VB 50 -107.80 30.76 -53.91
C ASP VB 50 -106.84 30.27 -54.99
N SER VB 51 -105.56 30.65 -54.89
CA SER VB 51 -104.57 30.18 -55.84
C SER VB 51 -104.34 28.68 -55.71
N MET VB 52 -104.27 28.18 -54.48
CA MET VB 52 -104.15 26.74 -54.27
C MET VB 52 -105.41 26.01 -54.72
N LEU VB 53 -106.57 26.63 -54.54
CA LEU VB 53 -107.81 26.06 -55.06
C LEU VB 53 -107.78 25.95 -56.57
N GLU VB 54 -107.28 26.98 -57.25
CA GLU VB 54 -107.14 26.94 -58.70
C GLU VB 54 -106.14 25.88 -59.14
N MET VB 55 -105.03 25.76 -58.41
CA MET VB 55 -104.03 24.75 -58.74
C MET VB 55 -104.57 23.35 -58.56
N ALA VB 56 -105.33 23.12 -57.49
CA ALA VB 56 -105.96 21.83 -57.27
C ALA VB 56 -107.04 21.56 -58.31
N LYS VB 57 -107.73 22.61 -58.75
CA LYS VB 57 -108.75 22.48 -59.79
C LYS VB 57 -108.12 22.03 -61.10
N VAL VB 58 -107.01 22.66 -61.49
CA VAL VB 58 -106.37 22.28 -62.73
C VAL VB 58 -105.56 21.00 -62.59
N GLU VB 59 -105.26 20.59 -61.37
CA GLU VB 59 -104.45 19.40 -61.16
C GLU VB 59 -105.27 18.14 -61.01
N LYS VB 60 -106.46 18.24 -60.42
CA LYS VB 60 -107.24 17.06 -60.09
C LYS VB 60 -107.80 16.41 -61.33
N VAL VB 61 -107.72 15.08 -61.38
CA VAL VB 61 -108.17 14.29 -62.50
C VAL VB 61 -109.30 13.40 -62.01
N ILE VB 62 -110.44 13.44 -62.71
CA ILE VB 62 -111.62 12.70 -62.29
C ILE VB 62 -111.98 11.67 -63.35
N THR VB 63 -113.02 10.90 -63.07
CA THR VB 63 -113.56 9.92 -64.00
C THR VB 63 -115.06 10.14 -64.15
N PRO VB 64 -115.60 9.99 -65.35
CA PRO VB 64 -117.04 10.08 -65.53
C PRO VB 64 -117.73 8.88 -64.93
N PRO VB 65 -119.00 9.02 -64.54
CA PRO VB 65 -119.78 7.84 -64.12
C PRO VB 65 -120.23 6.96 -65.28
N SER VB 66 -119.95 7.37 -66.52
CA SER VB 66 -120.34 6.57 -67.67
C SER VB 66 -119.51 5.30 -67.79
N LYS VB 67 -118.24 5.34 -67.39
CA LYS VB 67 -117.36 4.20 -67.65
C LYS VB 67 -116.44 3.89 -66.48
N ASP VB 68 -116.78 4.31 -65.26
CA ASP VB 68 -115.98 3.94 -64.10
C ASP VB 68 -116.27 2.50 -63.72
N ASN VB 69 -115.24 1.66 -63.78
CA ASN VB 69 -115.42 0.22 -63.59
C ASN VB 69 -115.37 -0.13 -62.10
N THR VB 70 -116.42 0.28 -61.41
CA THR VB 70 -116.71 -0.18 -60.07
C THR VB 70 -117.89 -1.13 -60.12
N LEU VB 71 -117.94 -2.06 -59.17
CA LEU VB 71 -118.95 -3.10 -59.20
C LEU VB 71 -120.32 -2.54 -58.85
N THR VB 72 -121.23 -2.57 -59.82
CA THR VB 72 -122.61 -2.21 -59.53
C THR VB 72 -123.25 -3.27 -58.64
N ILE VB 73 -124.18 -2.82 -57.81
CA ILE VB 73 -124.84 -3.73 -56.87
C ILE VB 73 -125.83 -4.61 -57.63
N PRO VB 74 -125.74 -5.94 -57.52
CA PRO VB 74 -126.60 -6.80 -58.33
C PRO VB 74 -128.05 -6.82 -57.87
N ASN VB 75 -128.32 -6.45 -56.61
CA ASN VB 75 -129.65 -6.31 -56.03
C ASN VB 75 -130.44 -7.63 -56.07
N ALA VB 76 -129.92 -8.61 -55.35
CA ALA VB 76 -130.61 -9.87 -55.13
C ALA VB 76 -130.77 -10.09 -53.63
N TYR VB 77 -131.80 -10.86 -53.26
CA TYR VB 77 -132.22 -10.92 -51.86
C TYR VB 77 -131.21 -11.67 -50.99
N ASN VB 78 -130.46 -12.61 -51.56
CA ASN VB 78 -129.46 -13.33 -50.79
C ASN VB 78 -128.26 -12.47 -50.42
N LEU VB 79 -128.09 -11.32 -51.03
CA LEU VB 79 -126.98 -10.43 -50.76
C LEU VB 79 -127.31 -9.37 -49.71
N GLN VB 80 -128.49 -9.41 -49.12
CA GLN VB 80 -128.98 -8.33 -48.29
C GLN VB 80 -128.71 -8.53 -46.81
N ALA VB 81 -128.02 -9.59 -46.43
CA ALA VB 81 -127.79 -9.86 -45.02
C ALA VB 81 -126.62 -9.03 -44.49
N ARG VB 82 -126.40 -9.12 -43.19
CA ARG VB 82 -125.30 -8.47 -42.51
C ARG VB 82 -124.18 -9.46 -42.26
N ALA VB 83 -122.97 -8.93 -42.11
CA ALA VB 83 -121.80 -9.76 -41.86
C ALA VB 83 -120.75 -8.95 -41.11
N SER VB 84 -119.79 -9.67 -40.54
CA SER VB 84 -118.68 -9.07 -39.82
C SER VB 84 -117.43 -9.85 -40.18
N VAL VB 85 -116.51 -9.21 -40.89
CA VAL VB 85 -115.36 -9.89 -41.47
C VAL VB 85 -114.09 -9.12 -41.16
N ASP VB 86 -113.11 -9.80 -40.58
CA ASP VB 86 -111.76 -9.26 -40.43
C ASP VB 86 -110.79 -10.27 -41.03
N TRP VB 87 -110.33 -9.99 -42.24
CA TRP VB 87 -109.49 -10.91 -42.99
C TRP VB 87 -108.40 -10.11 -43.70
N SER VB 88 -107.23 -10.72 -43.84
CA SER VB 88 -106.19 -10.17 -44.71
C SER VB 88 -105.36 -11.35 -45.20
N GLY VB 89 -105.63 -11.81 -46.42
CA GLY VB 89 -104.91 -12.92 -46.99
C GLY VB 89 -105.37 -13.27 -48.39
N PRO VB 90 -105.50 -14.56 -48.67
CA PRO VB 90 -105.97 -14.99 -49.99
C PRO VB 90 -107.42 -14.60 -50.22
N ILE VB 91 -107.78 -14.51 -51.50
CA ILE VB 91 -109.02 -13.91 -51.91
C ILE VB 91 -110.07 -14.95 -52.31
N GLU VB 92 -109.61 -16.01 -52.98
CA GLU VB 92 -110.52 -16.96 -53.61
C GLU VB 92 -111.32 -17.76 -52.58
N GLU VB 93 -110.65 -18.23 -51.52
CA GLU VB 93 -111.36 -18.98 -50.49
C GLU VB 93 -112.32 -18.10 -49.72
N LEU VB 94 -111.97 -16.83 -49.53
CA LEU VB 94 -112.84 -15.88 -48.84
C LEU VB 94 -114.11 -15.64 -49.63
N THR VB 95 -113.99 -15.39 -50.93
CA THR VB 95 -115.19 -15.14 -51.71
C THR VB 95 -115.98 -16.42 -51.97
N ALA VB 96 -115.31 -17.58 -51.97
CA ALA VB 96 -116.03 -18.84 -52.07
C ALA VB 96 -116.85 -19.09 -50.81
N ARG VB 97 -116.30 -18.75 -49.64
CA ARG VB 97 -117.06 -18.85 -48.42
C ARG VB 97 -118.19 -17.83 -48.38
N ILE VB 98 -118.00 -16.68 -49.01
CA ILE VB 98 -119.09 -15.70 -49.14
C ILE VB 98 -120.21 -16.28 -49.99
N ALA VB 99 -119.88 -16.94 -51.09
CA ALA VB 99 -120.88 -17.61 -51.91
C ALA VB 99 -121.55 -18.76 -51.16
N LYS VB 100 -120.79 -19.45 -50.31
CA LYS VB 100 -121.36 -20.49 -49.45
C LYS VB 100 -122.38 -19.91 -48.49
N ALA VB 101 -122.08 -18.76 -47.90
CA ALA VB 101 -123.03 -18.10 -47.01
C ALA VB 101 -124.23 -17.57 -47.78
N ALA VB 102 -124.04 -17.19 -49.04
CA ALA VB 102 -125.13 -16.70 -49.86
C ALA VB 102 -125.89 -17.81 -50.57
N HIS VB 103 -125.49 -19.07 -50.37
CA HIS VB 103 -126.06 -20.25 -51.04
C HIS VB 103 -125.97 -20.12 -52.56
N PHE VB 104 -124.86 -19.57 -53.03
CA PHE VB 104 -124.58 -19.42 -54.44
C PHE VB 104 -123.43 -20.33 -54.83
N ARG VB 105 -123.50 -20.88 -56.03
CA ARG VB 105 -122.36 -21.64 -56.52
C ARG VB 105 -121.22 -20.70 -56.89
N PHE VB 106 -120.04 -21.28 -57.03
CA PHE VB 106 -118.85 -20.53 -57.38
C PHE VB 106 -118.27 -21.07 -58.67
N ARG VB 107 -117.79 -20.16 -59.52
CA ARG VB 107 -117.15 -20.54 -60.77
C ARG VB 107 -115.91 -19.68 -60.95
N VAL VB 108 -114.84 -20.30 -61.42
CA VAL VB 108 -113.53 -19.67 -61.53
C VAL VB 108 -113.06 -19.80 -62.97
N LEU VB 109 -112.68 -18.67 -63.56
CA LEU VB 109 -112.08 -18.64 -64.89
C LEU VB 109 -110.66 -18.14 -64.80
N GLY VB 110 -109.78 -18.73 -65.61
CA GLY VB 110 -108.41 -18.28 -65.67
C GLY VB 110 -107.45 -19.20 -64.94
N LYS VB 111 -106.34 -18.64 -64.47
CA LYS VB 111 -105.33 -19.40 -63.75
C LYS VB 111 -104.78 -18.56 -62.62
N SER VB 112 -104.57 -19.20 -61.48
CA SER VB 112 -104.05 -18.48 -60.32
C SER VB 112 -102.55 -18.33 -60.43
N PRO VB 113 -102.02 -17.11 -60.34
CA PRO VB 113 -100.56 -16.93 -60.32
C PRO VB 113 -99.96 -17.47 -59.04
N SER VB 114 -98.65 -17.73 -59.11
CA SER VB 114 -97.92 -18.24 -57.95
C SER VB 114 -97.89 -17.23 -56.82
N VAL VB 115 -97.72 -15.96 -57.15
CA VAL VB 115 -97.86 -14.91 -56.13
C VAL VB 115 -99.34 -14.73 -55.80
N PRO VB 116 -99.73 -14.82 -54.54
CA PRO VB 116 -101.15 -14.66 -54.20
C PRO VB 116 -101.58 -13.20 -54.27
N VAL VB 117 -102.89 -13.02 -54.41
CA VAL VB 117 -103.51 -11.71 -54.38
C VAL VB 117 -104.04 -11.47 -52.98
N LEU VB 118 -103.57 -10.42 -52.34
CA LEU VB 118 -103.87 -10.17 -50.94
C LEU VB 118 -104.81 -8.97 -50.81
N ILE VB 119 -105.49 -8.91 -49.67
CA ILE VB 119 -106.56 -7.97 -49.43
C ILE VB 119 -106.52 -7.55 -47.96
N SER VB 120 -107.44 -6.66 -47.59
CA SER VB 120 -107.56 -6.21 -46.21
C SER VB 120 -109.01 -5.78 -45.98
N ILE VB 121 -109.72 -6.52 -45.13
CA ILE VB 121 -111.13 -6.28 -44.86
C ILE VB 121 -111.32 -6.26 -43.36
N SER VB 122 -111.94 -5.21 -42.85
CA SER VB 122 -112.28 -5.13 -41.43
C SER VB 122 -113.60 -4.39 -41.33
N THR VB 123 -114.71 -5.14 -41.27
CA THR VB 123 -116.04 -4.56 -41.21
C THR VB 123 -116.86 -5.25 -40.14
N LYS VB 124 -117.76 -4.48 -39.53
CA LYS VB 124 -118.61 -4.94 -38.45
C LYS VB 124 -120.03 -5.27 -38.90
N ASP VB 125 -120.63 -4.42 -39.73
CA ASP VB 125 -122.02 -4.61 -40.16
C ASP VB 125 -122.14 -4.04 -41.57
N GLU VB 126 -122.16 -4.93 -42.56
CA GLU VB 126 -122.24 -4.49 -43.95
C GLU VB 126 -122.84 -5.60 -44.79
N SER VB 127 -123.30 -5.24 -45.98
CA SER VB 127 -123.94 -6.19 -46.86
C SER VB 127 -122.97 -6.70 -47.90
N LEU VB 128 -123.26 -7.91 -48.38
CA LEU VB 128 -122.33 -8.67 -49.21
C LEU VB 128 -122.12 -8.02 -50.56
N ALA VB 129 -123.10 -7.26 -51.05
CA ALA VB 129 -122.97 -6.59 -52.34
C ALA VB 129 -121.85 -5.55 -52.31
N GLU VB 130 -121.88 -4.65 -51.33
CA GLU VB 130 -120.81 -3.67 -51.26
C GLU VB 130 -119.52 -4.27 -50.69
N ILE VB 131 -119.61 -5.39 -49.97
CA ILE VB 131 -118.40 -6.11 -49.58
C ILE VB 131 -117.66 -6.62 -50.80
N LEU VB 132 -118.40 -7.23 -51.73
CA LEU VB 132 -117.79 -7.68 -52.98
C LEU VB 132 -117.41 -6.52 -53.87
N ARG VB 133 -118.10 -5.38 -53.74
CA ARG VB 133 -117.69 -4.18 -54.47
C ARG VB 133 -116.33 -3.69 -53.99
N ASP VB 134 -116.11 -3.71 -52.68
CA ASP VB 134 -114.81 -3.37 -52.12
C ASP VB 134 -113.76 -4.39 -52.55
N ILE VB 135 -114.14 -5.65 -52.61
CA ILE VB 135 -113.23 -6.71 -53.05
C ILE VB 135 -112.79 -6.48 -54.48
N ASP VB 136 -113.75 -6.17 -55.36
CA ASP VB 136 -113.44 -5.94 -56.75
C ASP VB 136 -112.66 -4.64 -56.96
N TYR VB 137 -112.90 -3.64 -56.10
CA TYR VB 137 -112.16 -2.40 -56.18
C TYR VB 137 -110.70 -2.61 -55.77
N GLN VB 138 -110.46 -3.33 -54.69
CA GLN VB 138 -109.11 -3.58 -54.25
C GLN VB 138 -108.42 -4.67 -55.07
N ALA VB 139 -109.17 -5.40 -55.89
CA ALA VB 139 -108.60 -6.48 -56.67
C ALA VB 139 -107.66 -5.99 -57.77
N GLY VB 140 -107.72 -4.72 -58.14
CA GLY VB 140 -106.83 -4.23 -59.17
C GLY VB 140 -107.26 -4.73 -60.55
N LYS VB 141 -106.26 -5.06 -61.37
CA LYS VB 141 -106.50 -5.51 -62.72
C LYS VB 141 -106.10 -6.96 -62.94
N LYS VB 142 -105.61 -7.64 -61.91
CA LYS VB 142 -105.20 -9.03 -62.07
C LYS VB 142 -106.39 -9.97 -62.15
N ALA VB 143 -107.52 -9.60 -61.54
CA ALA VB 143 -108.72 -10.42 -61.57
C ALA VB 143 -109.93 -9.53 -61.32
N SER VB 144 -111.10 -10.07 -61.63
CA SER VB 144 -112.36 -9.39 -61.38
C SER VB 144 -113.42 -10.44 -61.05
N ILE VB 145 -114.63 -9.97 -60.77
CA ILE VB 145 -115.72 -10.84 -60.37
C ILE VB 145 -116.97 -10.48 -61.16
N HIS VB 146 -117.85 -11.46 -61.30
CA HIS VB 146 -119.13 -11.31 -61.97
C HIS VB 146 -120.20 -11.98 -61.12
N VAL VB 147 -121.42 -11.45 -61.21
CA VAL VB 147 -122.56 -11.96 -60.44
C VAL VB 147 -123.63 -12.40 -61.42
N TYR VB 148 -124.10 -13.63 -61.27
CA TYR VB 148 -125.20 -14.12 -62.09
C TYR VB 148 -126.34 -14.54 -61.16
N PRO VB 149 -127.42 -13.77 -61.09
CA PRO VB 149 -128.59 -14.19 -60.30
C PRO VB 149 -129.62 -14.98 -61.09
N ASN VB 150 -129.41 -15.17 -62.39
CA ASN VB 150 -130.29 -16.04 -63.17
C ASN VB 150 -130.10 -17.49 -62.75
N SER VB 151 -128.88 -18.00 -62.95
CA SER VB 151 -128.44 -19.23 -62.29
C SER VB 151 -127.47 -18.80 -61.20
N GLN VB 152 -127.79 -19.14 -59.96
CA GLN VB 152 -127.27 -18.44 -58.78
C GLN VB 152 -125.79 -18.76 -58.60
N VAL VB 153 -124.96 -18.00 -59.30
CA VAL VB 153 -123.52 -18.27 -59.31
C VAL VB 153 -122.75 -16.96 -59.20
N VAL VB 154 -121.54 -17.07 -58.65
CA VAL VB 154 -120.57 -16.00 -58.66
C VAL VB 154 -119.39 -16.45 -59.51
N GLU VB 155 -118.63 -15.48 -59.99
CA GLU VB 155 -117.55 -15.76 -60.94
C GLU VB 155 -116.32 -14.97 -60.56
N LEU VB 156 -115.20 -15.67 -60.44
CA LEU VB 156 -113.90 -15.05 -60.20
C LEU VB 156 -113.05 -15.30 -61.44
N ARG VB 157 -112.76 -14.24 -62.19
CA ARG VB 157 -112.09 -14.34 -63.47
C ARG VB 157 -110.72 -13.68 -63.39
N TYR VB 158 -109.68 -14.45 -63.68
CA TYR VB 158 -108.32 -13.90 -63.72
C TYR VB 158 -108.10 -13.15 -65.03
N ALA VB 159 -106.91 -12.55 -65.15
CA ALA VB 159 -106.53 -11.89 -66.38
C ALA VB 159 -105.07 -12.21 -66.69
N LYS VB 160 -104.49 -11.51 -67.68
CA LYS VB 160 -103.10 -11.71 -68.03
C LYS VB 160 -102.33 -10.40 -67.96
N ILE WB 208 -123.02 25.04 -84.90
CA ILE WB 208 -123.59 26.21 -84.25
C ILE WB 208 -124.34 25.76 -82.98
N ILE WB 209 -124.20 26.54 -81.91
CA ILE WB 209 -124.77 26.22 -80.61
C ILE WB 209 -125.82 27.26 -80.27
N TYR WB 210 -126.97 26.81 -79.76
CA TYR WB 210 -128.12 27.66 -79.52
C TYR WB 210 -128.32 27.89 -78.02
N TYR WB 211 -128.77 29.10 -77.69
CA TYR WB 211 -128.97 29.51 -76.31
C TYR WB 211 -130.33 30.19 -76.19
N ILE WB 212 -130.90 30.11 -74.99
CA ILE WB 212 -132.26 30.54 -74.76
C ILE WB 212 -132.27 31.92 -74.12
N GLN WB 213 -133.41 32.61 -74.23
CA GLN WB 213 -133.58 33.91 -73.59
C GLN WB 213 -134.68 33.88 -72.53
N ALA WB 214 -135.90 33.49 -72.88
CA ALA WB 214 -137.01 33.51 -71.94
C ALA WB 214 -137.99 32.40 -72.31
N VAL WB 215 -138.43 31.64 -71.33
CA VAL WB 215 -139.27 30.47 -71.54
C VAL WB 215 -140.57 30.68 -70.77
N ILE WB 216 -141.63 31.04 -71.48
CA ILE WB 216 -142.98 30.98 -70.93
C ILE WB 216 -143.37 29.50 -70.93
N PRO WB 217 -144.33 29.06 -70.12
CA PRO WB 217 -144.85 27.70 -70.29
C PRO WB 217 -145.51 27.53 -71.66
N GLY WB 218 -144.87 26.75 -72.52
CA GLY WB 218 -145.38 26.54 -73.86
C GLY WB 218 -144.54 27.15 -74.97
N ARG WB 219 -143.97 28.33 -74.73
CA ARG WB 219 -143.28 29.08 -75.77
C ARG WB 219 -141.96 29.61 -75.22
N ALA WB 220 -140.93 29.62 -76.06
CA ALA WB 220 -139.60 30.03 -75.60
C ALA WB 220 -138.93 30.93 -76.63
N TRP WB 221 -137.94 31.68 -76.16
CA TRP WB 221 -137.07 32.48 -77.02
C TRP WB 221 -135.69 31.85 -77.08
N LEU WB 222 -135.06 31.92 -78.25
CA LEU WB 222 -133.77 31.31 -78.49
C LEU WB 222 -132.88 32.27 -79.26
N ILE WB 223 -131.58 32.22 -78.96
CA ILE WB 223 -130.56 32.87 -79.77
C ILE WB 223 -129.63 31.78 -80.31
N GLY WB 224 -128.96 32.10 -81.41
CA GLY WB 224 -127.95 31.24 -81.97
C GLY WB 224 -126.57 31.82 -81.74
N SER WB 225 -125.56 31.01 -82.08
CA SER WB 225 -124.18 31.48 -82.01
C SER WB 225 -123.87 32.48 -83.11
N ASN WB 226 -124.57 32.38 -84.25
CA ASN WB 226 -124.37 33.30 -85.34
C ASN WB 226 -125.00 34.66 -85.11
N GLY WB 227 -125.94 34.76 -84.17
CA GLY WB 227 -126.70 35.98 -83.99
C GLY WB 227 -128.07 35.97 -84.60
N SER WB 228 -128.72 34.81 -84.66
CA SER WB 228 -130.08 34.70 -85.21
C SER WB 228 -131.07 34.51 -84.07
N THR WB 229 -132.08 35.37 -84.01
CA THR WB 229 -133.14 35.22 -83.03
C THR WB 229 -134.12 34.15 -83.49
N LEU WB 230 -134.85 33.60 -82.51
CA LEU WB 230 -135.81 32.55 -82.80
C LEU WB 230 -136.85 32.53 -81.71
N THR WB 231 -138.09 32.24 -82.09
CA THR WB 231 -139.15 31.92 -81.14
C THR WB 231 -139.55 30.48 -81.40
N VAL WB 232 -139.44 29.65 -80.37
CA VAL WB 232 -139.52 28.20 -80.51
C VAL WB 232 -140.71 27.70 -79.69
N ARG WB 233 -141.58 26.94 -80.35
CA ARG WB 233 -142.75 26.35 -79.72
C ARG WB 233 -142.41 24.93 -79.28
N GLU WB 234 -143.41 24.19 -78.81
CA GLU WB 234 -143.19 22.78 -78.46
C GLU WB 234 -142.95 21.96 -79.73
N GLY WB 235 -143.78 22.15 -80.74
CA GLY WB 235 -143.54 21.51 -82.02
C GLY WB 235 -142.57 22.34 -82.83
N SER WB 236 -141.31 21.93 -82.86
CA SER WB 236 -140.27 22.72 -83.50
C SER WB 236 -139.15 21.82 -83.99
N LYS WB 237 -138.60 22.15 -85.14
CA LYS WB 237 -137.49 21.42 -85.75
C LYS WB 237 -136.37 22.42 -86.05
N ILE WB 238 -135.15 22.06 -85.65
CA ILE WB 238 -133.97 22.87 -85.95
C ILE WB 238 -132.89 21.95 -86.52
N PRO WB 239 -132.05 22.42 -87.43
CA PRO WB 239 -130.98 21.56 -87.97
C PRO WB 239 -129.92 21.25 -86.92
N GLY WB 240 -129.42 20.02 -86.98
CA GLY WB 240 -128.44 19.55 -86.03
C GLY WB 240 -129.00 19.08 -84.71
N TYR WB 241 -130.29 19.32 -84.44
CA TYR WB 241 -130.90 18.92 -83.19
C TYR WB 241 -132.20 18.16 -83.45
N GLY WB 242 -132.86 18.49 -84.55
CA GLY WB 242 -134.06 17.78 -84.94
C GLY WB 242 -135.32 18.26 -84.25
N MET WB 243 -136.25 17.34 -84.02
CA MET WB 243 -137.55 17.66 -83.46
C MET WB 243 -137.44 17.94 -81.95
N VAL WB 244 -138.09 19.02 -81.52
CA VAL WB 244 -138.13 19.34 -80.09
C VAL WB 244 -139.07 18.35 -79.40
N LYS WB 245 -138.53 17.62 -78.42
CA LYS WB 245 -139.31 16.62 -77.72
C LYS WB 245 -140.11 17.21 -76.57
N LEU WB 246 -139.46 18.00 -75.72
CA LEU WB 246 -140.16 18.64 -74.60
C LEU WB 246 -139.41 19.90 -74.20
N ILE WB 247 -140.10 20.75 -73.46
CA ILE WB 247 -139.52 21.97 -72.90
C ILE WB 247 -139.76 21.97 -71.40
N ASP WB 248 -138.96 22.76 -70.70
CA ASP WB 248 -139.15 22.98 -69.27
C ASP WB 248 -139.22 24.48 -69.02
N SER WB 249 -140.23 24.90 -68.27
CA SER WB 249 -140.40 26.30 -67.92
C SER WB 249 -139.84 26.63 -66.55
N LEU WB 250 -139.84 25.69 -65.62
CA LEU WB 250 -139.30 25.95 -64.29
C LEU WB 250 -137.80 26.13 -64.33
N GLN WB 251 -137.10 25.35 -65.15
CA GLN WB 251 -135.67 25.50 -65.35
C GLN WB 251 -135.40 25.54 -66.85
N GLY WB 252 -134.38 26.29 -67.25
CA GLY WB 252 -134.09 26.46 -68.65
C GLY WB 252 -133.39 25.28 -69.28
N ARG WB 253 -134.07 24.13 -69.33
CA ARG WB 253 -133.50 22.89 -69.84
C ARG WB 253 -134.46 22.33 -70.88
N ILE WB 254 -134.06 22.37 -72.15
CA ILE WB 254 -134.93 22.01 -73.26
C ILE WB 254 -134.35 20.79 -73.96
N LEU WB 255 -135.20 19.79 -74.17
CA LEU WB 255 -134.79 18.53 -74.77
C LEU WB 255 -135.38 18.40 -76.16
N THR WB 256 -134.52 18.10 -77.13
CA THR WB 256 -134.92 17.83 -78.50
C THR WB 256 -134.67 16.35 -78.82
N SER WB 257 -134.87 15.99 -80.09
CA SER WB 257 -134.66 14.61 -80.51
C SER WB 257 -133.18 14.21 -80.51
N SER WB 258 -132.27 15.19 -80.53
CA SER WB 258 -130.85 14.87 -80.50
C SER WB 258 -130.39 14.38 -79.14
N GLY WB 259 -131.18 14.58 -78.09
CA GLY WB 259 -130.81 14.15 -76.76
C GLY WB 259 -129.99 15.14 -75.98
N GLN WB 260 -129.58 16.25 -76.59
CA GLN WB 260 -128.78 17.26 -75.93
C GLN WB 260 -129.65 18.41 -75.46
N VAL WB 261 -129.15 19.14 -74.46
CA VAL WB 261 -129.91 20.16 -73.75
C VAL WB 261 -129.30 21.53 -74.05
N ILE WB 262 -130.16 22.49 -74.37
CA ILE WB 262 -129.75 23.88 -74.58
C ILE WB 262 -130.08 24.68 -73.34
N LYS WB 263 -129.13 25.50 -72.89
CA LYS WB 263 -129.29 26.31 -71.70
C LYS WB 263 -129.05 27.78 -72.03
N PHE WB 264 -129.04 28.60 -70.99
CA PHE WB 264 -128.62 29.99 -71.14
C PHE WB 264 -127.11 30.05 -71.33
N SER WB 265 -126.66 30.92 -72.23
CA SER WB 265 -125.24 31.12 -72.44
C SER WB 265 -124.63 31.85 -71.24
N GLN WB 266 -123.37 31.55 -70.97
CA GLN WB 266 -122.68 32.12 -69.82
C GLN WB 266 -121.48 32.98 -70.23
N ALA XB 104 -37.96 -85.70 -76.65
CA ALA XB 104 -37.50 -84.41 -76.17
C ALA XB 104 -37.87 -84.21 -74.71
N GLU XB 105 -38.32 -85.28 -74.09
CA GLU XB 105 -38.82 -85.23 -72.71
C GLU XB 105 -38.14 -86.23 -71.79
N VAL XB 106 -37.89 -87.45 -72.27
CA VAL XB 106 -37.26 -88.47 -71.45
C VAL XB 106 -35.81 -88.12 -71.13
N ILE XB 107 -35.16 -87.40 -72.05
CA ILE XB 107 -33.80 -86.92 -71.83
C ILE XB 107 -33.76 -85.95 -70.66
N ASP XB 108 -34.72 -85.02 -70.63
CA ASP XB 108 -34.83 -84.09 -69.51
C ASP XB 108 -35.21 -84.80 -68.22
N LYS XB 109 -36.03 -85.86 -68.32
CA LYS XB 109 -36.39 -86.65 -67.15
C LYS XB 109 -35.18 -87.32 -66.52
N LYS XB 110 -34.37 -88.01 -67.34
CA LYS XB 110 -33.22 -88.71 -66.79
C LYS XB 110 -32.11 -87.75 -66.39
N ALA XB 111 -32.00 -86.60 -67.06
CA ALA XB 111 -31.05 -85.57 -66.65
C ALA XB 111 -31.44 -84.97 -65.31
N PHE XB 112 -32.74 -84.74 -65.08
CA PHE XB 112 -33.19 -84.26 -63.78
C PHE XB 112 -32.97 -85.29 -62.69
N LYS XB 113 -33.20 -86.57 -62.99
CA LYS XB 113 -32.99 -87.63 -62.01
C LYS XB 113 -31.52 -87.74 -61.61
N ASP XB 114 -30.62 -87.77 -62.61
CA ASP XB 114 -29.20 -87.88 -62.31
C ASP XB 114 -28.66 -86.59 -61.69
N MET XB 115 -29.27 -85.44 -62.01
CA MET XB 115 -28.87 -84.19 -61.37
C MET XB 115 -29.22 -84.19 -59.90
N THR XB 116 -30.42 -84.68 -59.56
CA THR XB 116 -30.81 -84.81 -58.16
C THR XB 116 -29.91 -85.78 -57.41
N ARG XB 117 -29.60 -86.92 -58.06
CA ARG XB 117 -28.76 -87.92 -57.41
C ARG XB 117 -27.33 -87.43 -57.21
N ASN XB 118 -26.81 -86.63 -58.16
CA ASN XB 118 -25.49 -86.06 -57.99
C ASN XB 118 -25.46 -84.91 -57.01
N LEU XB 119 -26.57 -84.16 -56.92
CA LEU XB 119 -26.66 -83.10 -55.92
C LEU XB 119 -26.65 -83.68 -54.51
N TYR XB 120 -27.39 -84.76 -54.30
CA TYR XB 120 -27.41 -85.45 -53.02
C TYR XB 120 -26.99 -86.89 -53.22
N PRO XB 121 -25.69 -87.18 -53.24
CA PRO XB 121 -25.25 -88.58 -53.30
C PRO XB 121 -25.57 -89.35 -52.03
N LEU XB 122 -25.67 -88.67 -50.90
CA LEU XB 122 -25.92 -89.33 -49.63
C LEU XB 122 -27.40 -89.63 -49.45
N ASN XB 123 -27.72 -90.90 -49.25
CA ASN XB 123 -29.09 -91.29 -48.94
C ASN XB 123 -29.43 -90.88 -47.51
N PRO XB 124 -30.71 -90.59 -47.23
CA PRO XB 124 -31.09 -90.20 -45.86
C PRO XB 124 -30.88 -91.30 -44.83
N GLU XB 125 -31.21 -92.55 -45.18
CA GLU XB 125 -30.97 -93.64 -44.24
C GLU XB 125 -29.47 -93.93 -44.13
N GLN XB 126 -28.70 -93.65 -45.18
CA GLN XB 126 -27.25 -93.72 -45.08
C GLN XB 126 -26.72 -92.67 -44.12
N VAL XB 127 -27.31 -91.47 -44.15
CA VAL XB 127 -26.94 -90.39 -43.23
C VAL XB 127 -27.22 -90.79 -41.80
N VAL XB 128 -28.39 -91.37 -41.56
CA VAL XB 128 -28.76 -91.83 -40.21
C VAL XB 128 -27.83 -92.94 -39.74
N LYS XB 129 -27.51 -93.89 -40.64
CA LYS XB 129 -26.61 -94.99 -40.31
C LYS XB 129 -25.22 -94.50 -39.95
N LEU XB 130 -24.68 -93.56 -40.73
CA LEU XB 130 -23.35 -93.06 -40.42
C LEU XB 130 -23.35 -92.15 -39.21
N LYS XB 131 -24.47 -91.49 -38.91
CA LYS XB 131 -24.57 -90.74 -37.66
C LYS XB 131 -24.52 -91.66 -36.46
N GLN XB 132 -25.24 -92.79 -36.53
CA GLN XB 132 -25.14 -93.79 -35.46
C GLN XB 132 -23.75 -94.40 -35.38
N ILE XB 133 -23.09 -94.58 -36.52
CA ILE XB 133 -21.72 -95.10 -36.54
C ILE XB 133 -20.77 -94.13 -35.87
N TYR XB 134 -20.92 -92.83 -36.15
CA TYR XB 134 -20.07 -91.82 -35.54
C TYR XB 134 -20.32 -91.72 -34.04
N GLU XB 135 -21.57 -91.86 -33.62
CA GLU XB 135 -21.87 -91.86 -32.18
C GLU XB 135 -21.31 -93.09 -31.49
N THR XB 136 -21.35 -94.25 -32.17
CA THR XB 136 -20.75 -95.46 -31.62
C THR XB 136 -19.23 -95.34 -31.54
N SER XB 137 -18.61 -94.72 -32.54
CA SER XB 137 -17.17 -94.49 -32.53
C SER XB 137 -16.77 -93.55 -31.40
N GLU XB 138 -17.57 -92.50 -31.17
CA GLU XB 138 -17.29 -91.59 -30.06
C GLU XB 138 -17.49 -92.29 -28.72
N TYR XB 139 -18.47 -93.19 -28.63
CA TYR XB 139 -18.65 -93.97 -27.41
C TYR XB 139 -17.47 -94.89 -27.17
N ALA XB 140 -16.93 -95.49 -28.22
CA ALA XB 140 -15.74 -96.32 -28.11
C ALA XB 140 -14.53 -95.49 -27.68
N LYS XB 141 -14.41 -94.28 -28.21
CA LYS XB 141 -13.31 -93.40 -27.84
C LYS XB 141 -13.41 -92.98 -26.38
N ALA XB 142 -14.60 -92.58 -25.94
CA ALA XB 142 -14.78 -92.11 -24.58
C ALA XB 142 -14.96 -93.24 -23.58
N ALA XB 143 -15.01 -94.49 -24.04
CA ALA XB 143 -15.10 -95.62 -23.13
C ALA XB 143 -13.82 -95.76 -22.33
N THR XB 144 -13.96 -96.16 -21.07
CA THR XB 144 -12.81 -96.21 -20.18
C THR XB 144 -12.42 -97.67 -19.91
N PRO XB 145 -11.13 -97.98 -19.95
CA PRO XB 145 -10.70 -99.35 -19.66
C PRO XB 145 -10.85 -99.67 -18.17
N GLY XB 146 -11.17 -100.93 -17.90
CA GLY XB 146 -11.35 -101.37 -16.53
C GLY XB 146 -12.61 -100.79 -15.90
N THR XB 147 -12.58 -100.70 -14.58
CA THR XB 147 -13.66 -100.09 -13.85
C THR XB 147 -13.19 -98.82 -13.15
N PRO XB 148 -14.04 -97.79 -13.09
CA PRO XB 148 -13.68 -96.62 -12.30
C PRO XB 148 -13.62 -96.95 -10.83
N PRO XB 149 -12.83 -96.22 -10.05
CA PRO XB 149 -12.81 -96.45 -8.60
C PRO XB 149 -14.11 -96.01 -7.95
N LYS XB 150 -14.43 -96.65 -6.83
CA LYS XB 150 -15.68 -96.36 -6.13
C LYS XB 150 -15.55 -95.07 -5.35
N PRO XB 151 -16.41 -94.07 -5.58
CA PRO XB 151 -16.33 -92.81 -4.85
C PRO XB 151 -16.83 -92.94 -3.42
N THR XB 152 -15.91 -92.82 -2.47
CA THR XB 152 -16.25 -92.97 -1.07
C THR XB 152 -15.61 -91.84 -0.26
N ALA XB 153 -16.22 -91.56 0.89
CA ALA XB 153 -15.70 -90.59 1.84
C ALA XB 153 -14.93 -91.32 2.93
N THR XB 154 -13.75 -90.78 3.28
CA THR XB 154 -12.89 -91.37 4.28
C THR XB 154 -12.46 -90.31 5.29
N SER XB 155 -12.62 -90.62 6.57
CA SER XB 155 -12.21 -89.74 7.66
C SER XB 155 -11.32 -90.52 8.60
N GLN XB 156 -10.12 -89.99 8.86
CA GLN XB 156 -9.12 -90.66 9.67
C GLN XB 156 -8.55 -89.68 10.70
N PHE XB 157 -7.56 -90.16 11.43
CA PHE XB 157 -6.96 -89.42 12.53
C PHE XB 157 -5.47 -89.26 12.30
N VAL XB 158 -4.95 -88.09 12.68
CA VAL XB 158 -3.55 -87.74 12.56
C VAL XB 158 -2.91 -87.87 13.93
N ASN XB 159 -1.95 -88.77 14.05
CA ASN XB 159 -1.24 -89.00 15.29
C ASN XB 159 0.21 -88.58 15.15
N LEU XB 160 0.73 -87.91 16.17
CA LEU XB 160 2.04 -87.28 16.13
C LEU XB 160 3.15 -88.17 16.68
N SER XB 161 3.01 -89.47 16.56
CA SER XB 161 4.07 -90.36 17.03
C SER XB 161 5.24 -90.36 16.04
N PRO XB 162 6.48 -90.46 16.54
CA PRO XB 162 7.62 -90.59 15.62
C PRO XB 162 7.65 -91.93 14.90
N GLY XB 163 7.05 -92.97 15.47
CA GLY XB 163 6.97 -94.25 14.82
C GLY XB 163 5.71 -94.49 14.01
N SER XB 164 4.77 -93.55 14.03
CA SER XB 164 3.53 -93.73 13.29
C SER XB 164 3.76 -93.56 11.79
N THR XB 165 3.08 -94.40 11.02
CA THR XB 165 3.18 -94.29 9.56
C THR XB 165 2.43 -93.05 9.08
N PRO XB 166 2.96 -92.34 8.09
CA PRO XB 166 2.23 -91.19 7.55
C PRO XB 166 1.02 -91.66 6.75
N PRO XB 167 -0.04 -90.85 6.71
CA PRO XB 167 -1.26 -91.27 5.98
C PRO XB 167 -1.09 -91.16 4.47
N VAL XB 168 -1.46 -92.23 3.77
CA VAL XB 168 -1.56 -92.27 2.32
C VAL XB 168 -3.02 -92.07 1.95
N ILE XB 169 -3.26 -91.50 0.78
CA ILE XB 169 -4.61 -91.19 0.31
C ILE XB 169 -4.80 -91.78 -1.07
N ARG XB 170 -5.81 -92.63 -1.22
CA ARG XB 170 -6.10 -93.32 -2.48
C ARG XB 170 -6.82 -92.35 -3.42
N LEU XB 171 -6.19 -92.06 -4.56
CA LEU XB 171 -6.71 -91.05 -5.48
C LEU XB 171 -6.71 -91.59 -6.90
N SER XB 172 -7.27 -90.77 -7.80
CA SER XB 172 -7.34 -91.07 -9.21
C SER XB 172 -6.94 -89.84 -10.01
N GLN XB 173 -6.65 -90.05 -11.29
CA GLN XB 173 -6.17 -88.97 -12.14
C GLN XB 173 -7.32 -88.17 -12.72
N GLY XB 174 -7.21 -86.85 -12.64
CA GLY XB 174 -8.10 -85.96 -13.34
C GLY XB 174 -9.37 -85.57 -12.60
N PHE XB 175 -9.60 -86.10 -11.41
CA PHE XB 175 -10.82 -85.81 -10.66
C PHE XB 175 -10.50 -85.03 -9.41
N VAL XB 176 -11.35 -84.05 -9.09
CA VAL XB 176 -11.11 -83.14 -7.98
C VAL XB 176 -11.33 -83.86 -6.66
N SER XB 177 -10.35 -83.78 -5.77
CA SER XB 177 -10.41 -84.39 -4.46
C SER XB 177 -10.40 -83.31 -3.40
N SER XB 178 -11.21 -83.50 -2.35
CA SER XB 178 -11.39 -82.53 -1.29
C SER XB 178 -10.72 -83.04 -0.02
N LEU XB 179 -9.94 -82.17 0.62
CA LEU XB 179 -9.24 -82.48 1.86
C LEU XB 179 -9.56 -81.42 2.91
N VAL XB 180 -9.96 -81.87 4.10
CA VAL XB 180 -10.31 -80.96 5.19
C VAL XB 180 -9.66 -81.45 6.49
N PHE XB 181 -9.22 -80.49 7.31
CA PHE XB 181 -8.55 -80.76 8.57
C PHE XB 181 -9.35 -80.19 9.73
N LEU XB 182 -9.66 -81.04 10.70
CA LEU XB 182 -10.26 -80.63 11.95
C LEU XB 182 -9.37 -81.12 13.09
N ASP XB 183 -9.57 -80.54 14.27
CA ASP XB 183 -8.78 -80.94 15.44
C ASP XB 183 -9.42 -82.17 16.09
N SER XB 184 -8.99 -82.48 17.31
CA SER XB 184 -9.58 -83.58 18.06
C SER XB 184 -11.02 -83.25 18.47
N THR XB 185 -11.30 -81.98 18.77
CA THR XB 185 -12.65 -81.56 19.12
C THR XB 185 -13.55 -81.40 17.91
N GLY XB 186 -13.00 -81.43 16.69
CA GLY XB 186 -13.77 -81.26 15.49
C GLY XB 186 -13.80 -79.85 14.95
N ALA XB 187 -13.24 -78.88 15.66
CA ALA XB 187 -13.19 -77.52 15.17
C ALA XB 187 -12.21 -77.43 14.00
N PRO XB 188 -12.51 -76.60 13.00
CA PRO XB 188 -11.61 -76.50 11.84
C PRO XB 188 -10.30 -75.81 12.21
N TRP XB 189 -9.20 -76.46 11.89
CA TRP XB 189 -7.88 -75.93 12.21
C TRP XB 189 -7.28 -75.35 10.94
N PRO XB 190 -7.20 -74.04 10.80
CA PRO XB 190 -6.84 -73.44 9.51
C PRO XB 190 -5.35 -73.60 9.20
N ILE XB 191 -5.04 -73.61 7.91
CA ILE XB 191 -3.70 -73.81 7.41
C ILE XB 191 -2.99 -72.47 7.33
N ALA XB 192 -1.73 -72.44 7.77
CA ALA XB 192 -0.90 -71.27 7.52
C ALA XB 192 -0.29 -71.34 6.14
N ALA XB 193 0.45 -72.40 5.84
CA ALA XB 193 1.17 -72.52 4.59
C ALA XB 193 1.44 -74.00 4.30
N TYR XB 194 2.09 -74.24 3.18
CA TYR XB 194 2.31 -75.62 2.73
C TYR XB 194 3.51 -75.66 1.79
N ASP XB 195 3.90 -76.90 1.47
CA ASP XB 195 4.90 -77.17 0.45
C ASP XB 195 4.47 -78.40 -0.34
N LEU XB 196 4.60 -78.29 -1.66
CA LEU XB 196 4.24 -79.34 -2.61
C LEU XB 196 5.48 -79.78 -3.37
N GLY XB 197 5.70 -81.09 -3.44
CA GLY XB 197 6.77 -81.67 -4.22
C GLY XB 197 6.21 -82.28 -5.49
N ASP XB 198 6.94 -82.08 -6.60
CA ASP XB 198 6.57 -82.47 -7.95
C ASP XB 198 5.19 -81.96 -8.35
N PRO XB 199 5.02 -80.66 -8.65
CA PRO XB 199 3.72 -80.18 -9.15
C PRO XB 199 3.30 -80.77 -10.49
N SER XB 200 4.22 -81.34 -11.27
CA SER XB 200 3.86 -81.94 -12.55
C SER XB 200 3.02 -83.20 -12.37
N SER XB 201 3.13 -83.86 -11.22
CA SER XB 201 2.31 -85.03 -10.96
C SER XB 201 0.96 -84.67 -10.35
N PHE XB 202 0.94 -83.72 -9.43
CA PHE XB 202 -0.28 -83.31 -8.76
C PHE XB 202 -0.31 -81.79 -8.67
N ASN XB 203 -1.47 -81.21 -8.99
CA ASN XB 203 -1.68 -79.78 -8.84
C ASN XB 203 -2.68 -79.55 -7.72
N ILE XB 204 -2.44 -78.52 -6.91
CA ILE XB 204 -3.28 -78.20 -5.77
C ILE XB 204 -3.67 -76.74 -5.84
N GLN XB 205 -4.70 -76.40 -5.07
CA GLN XB 205 -5.17 -75.02 -4.96
C GLN XB 205 -5.68 -74.80 -3.54
N TRP XB 206 -5.49 -73.59 -3.03
CA TRP XB 206 -5.73 -73.34 -1.61
C TRP XB 206 -6.11 -71.88 -1.40
N ASP XB 207 -7.31 -71.65 -0.89
CA ASP XB 207 -7.68 -70.32 -0.43
C ASP XB 207 -6.89 -69.95 0.82
N LYS XB 208 -6.56 -68.67 0.94
CA LYS XB 208 -5.52 -68.23 1.87
C LYS XB 208 -5.88 -68.35 3.34
N THR XB 209 -7.14 -68.61 3.68
CA THR XB 209 -7.57 -68.56 5.08
C THR XB 209 -7.98 -69.91 5.64
N SER XB 210 -8.88 -70.63 4.98
CA SER XB 210 -9.50 -71.81 5.57
C SER XB 210 -8.57 -73.01 5.46
N ASN XB 211 -9.11 -74.19 5.75
CA ASN XB 211 -8.35 -75.44 5.75
C ASN XB 211 -8.93 -76.42 4.75
N THR XB 212 -9.18 -75.93 3.53
CA THR XB 212 -9.70 -76.74 2.45
C THR XB 212 -8.64 -76.90 1.38
N LEU XB 213 -8.41 -78.12 0.93
CA LEU XB 213 -7.43 -78.41 -0.11
C LEU XB 213 -8.10 -79.10 -1.29
N MET XB 214 -7.90 -78.54 -2.47
CA MET XB 214 -8.45 -79.06 -3.72
C MET XB 214 -7.31 -79.68 -4.51
N ILE XB 215 -7.41 -80.99 -4.74
CA ILE XB 215 -6.31 -81.76 -5.31
C ILE XB 215 -6.73 -82.32 -6.66
N GLN XB 216 -5.83 -82.25 -7.63
CA GLN XB 216 -6.02 -82.94 -8.89
C GLN XB 216 -4.74 -83.66 -9.25
N ALA XB 217 -4.88 -84.76 -9.98
CA ALA XB 217 -3.75 -85.61 -10.35
C ALA XB 217 -3.57 -85.58 -11.85
N THR XB 218 -2.32 -85.47 -12.29
CA THR XB 218 -1.99 -85.38 -13.71
C THR XB 218 -1.57 -86.71 -14.30
N LYS XB 219 -0.71 -87.44 -13.62
CA LYS XB 219 -0.20 -88.71 -14.11
C LYS XB 219 -1.03 -89.86 -13.55
N LEU XB 220 -0.66 -91.09 -13.92
CA LEU XB 220 -1.45 -92.27 -13.56
C LEU XB 220 -0.82 -93.08 -12.45
N TYR XB 221 0.48 -93.37 -12.53
CA TYR XB 221 1.16 -94.27 -11.60
C TYR XB 221 2.35 -93.58 -10.94
N ASN XB 222 2.14 -92.37 -10.42
CA ASN XB 222 3.21 -91.64 -9.76
C ASN XB 222 2.66 -90.99 -8.50
N TYR XB 223 3.25 -91.33 -7.35
CA TYR XB 223 2.78 -90.87 -6.06
C TYR XB 223 3.37 -89.50 -5.71
N GLY XB 224 2.89 -88.94 -4.60
CA GLY XB 224 3.36 -87.63 -4.18
C GLY XB 224 3.34 -87.46 -2.67
N ASN XB 225 4.06 -86.43 -2.21
CA ASN XB 225 4.11 -86.05 -0.81
C ASN XB 225 3.56 -84.64 -0.64
N LEU XB 226 3.36 -84.25 0.62
CA LEU XB 226 2.82 -82.93 0.93
C LEU XB 226 3.20 -82.54 2.36
N ALA XB 227 3.68 -81.31 2.54
CA ALA XB 227 3.94 -80.77 3.87
C ALA XB 227 2.96 -79.63 4.14
N VAL XB 228 2.38 -79.61 5.34
CA VAL XB 228 1.35 -78.65 5.70
C VAL XB 228 1.68 -78.08 7.08
N ARG XB 229 1.73 -76.74 7.19
CA ARG XB 229 1.86 -76.07 8.46
C ARG XB 229 0.58 -75.29 8.73
N LEU XB 230 -0.06 -75.56 9.86
CA LEU XB 230 -1.27 -74.86 10.23
C LEU XB 230 -0.95 -73.55 10.94
N ARG XB 231 -1.99 -72.76 11.20
CA ARG XB 231 -1.78 -71.44 11.78
C ARG XB 231 -1.39 -71.53 13.25
N GLY XB 232 -2.01 -72.42 14.00
CA GLY XB 232 -1.68 -72.58 15.40
C GLY XB 232 -0.61 -73.64 15.64
N LEU XB 233 -0.36 -74.47 14.64
CA LEU XB 233 0.56 -75.59 14.80
C LEU XB 233 2.01 -75.12 14.78
N ASN XB 234 2.85 -75.85 15.52
CA ASN XB 234 4.29 -75.67 15.46
C ASN XB 234 4.95 -76.75 14.60
N THR XB 235 4.75 -78.01 14.94
CA THR XB 235 5.31 -79.10 14.16
C THR XB 235 4.46 -79.33 12.91
N PRO XB 236 5.06 -79.32 11.72
CA PRO XB 236 4.27 -79.52 10.49
C PRO XB 236 3.83 -80.96 10.31
N VAL XB 237 2.99 -81.18 9.29
CA VAL XB 237 2.42 -82.49 9.00
C VAL XB 237 2.86 -82.91 7.61
N MET XB 238 3.02 -84.22 7.42
CA MET XB 238 3.29 -84.80 6.11
C MET XB 238 2.19 -85.77 5.75
N LEU XB 239 1.68 -85.65 4.52
CA LEU XB 239 0.73 -86.61 3.97
C LEU XB 239 1.26 -87.07 2.62
N THR XB 240 0.76 -88.22 2.14
CA THR XB 240 1.16 -88.71 0.84
C THR XB 240 -0.06 -89.18 0.06
N LEU XB 241 0.02 -89.03 -1.26
CA LEU XB 241 -1.07 -89.36 -2.17
C LEU XB 241 -0.62 -90.46 -3.11
N ILE XB 242 -1.45 -91.49 -3.26
CA ILE XB 242 -1.16 -92.66 -4.08
C ILE XB 242 -2.23 -92.74 -5.16
N PRO XB 243 -1.88 -92.66 -6.45
CA PRO XB 243 -2.88 -92.87 -7.49
C PRO XB 243 -3.00 -94.34 -7.85
N GLY XB 244 -3.81 -94.65 -8.85
CA GLY XB 244 -3.97 -96.03 -9.30
C GLY XB 244 -4.65 -96.95 -8.32
N GLN XB 245 -5.73 -96.49 -7.69
CA GLN XB 245 -6.45 -97.27 -6.69
C GLN XB 245 -7.88 -97.50 -7.14
N LYS XB 246 -8.42 -98.66 -6.81
CA LYS XB 246 -9.79 -99.01 -7.16
C LYS XB 246 -10.81 -98.44 -6.18
N ALA XB 247 -10.35 -97.73 -5.16
CA ALA XB 247 -11.21 -96.86 -4.37
C ALA XB 247 -10.59 -95.47 -4.38
N VAL XB 248 -11.44 -94.45 -4.46
CA VAL XB 248 -10.98 -93.07 -4.48
C VAL XB 248 -11.49 -92.39 -3.23
N ASP XB 249 -10.57 -91.80 -2.47
CA ASP XB 249 -10.94 -91.00 -1.31
C ASP XB 249 -11.48 -89.66 -1.79
N TYR XB 250 -12.77 -89.62 -2.13
CA TYR XB 250 -13.40 -88.42 -2.63
C TYR XB 250 -13.46 -87.31 -1.58
N ARG XB 251 -13.76 -87.65 -0.33
CA ARG XB 251 -13.89 -86.68 0.75
C ARG XB 251 -12.94 -87.12 1.86
N VAL XB 252 -11.78 -86.46 1.97
CA VAL XB 252 -10.77 -86.86 2.93
C VAL XB 252 -10.85 -85.89 4.10
N ASP XB 253 -11.15 -86.42 5.28
CA ASP XB 253 -11.22 -85.65 6.50
C ASP XB 253 -10.17 -86.18 7.48
N LEU XB 254 -9.44 -85.27 8.13
CA LEU XB 254 -8.42 -85.67 9.08
C LEU XB 254 -8.61 -84.94 10.39
N ARG XB 255 -8.71 -85.69 11.48
CA ARG XB 255 -8.79 -85.12 12.82
C ARG XB 255 -7.44 -85.26 13.50
N VAL XB 256 -6.83 -84.14 13.86
CA VAL XB 256 -5.48 -84.17 14.42
C VAL XB 256 -5.53 -84.47 15.92
N GLN XB 257 -4.40 -84.94 16.46
CA GLN XB 257 -4.26 -85.09 17.91
C GLN XB 257 -4.34 -83.74 18.62
N GLY XB 258 -3.68 -82.73 18.06
CA GLY XB 258 -3.60 -81.45 18.74
C GLY XB 258 -4.90 -80.67 18.71
N TYR XB 259 -4.95 -79.65 19.55
CA TYR XB 259 -6.10 -78.77 19.64
C TYR XB 259 -5.84 -77.50 18.85
N GLY XB 260 -6.83 -77.06 18.08
CA GLY XB 260 -6.70 -75.87 17.29
C GLY XB 260 -6.98 -74.62 18.09
N PRO XB 261 -7.36 -73.54 17.41
CA PRO XB 261 -7.74 -72.31 18.13
C PRO XB 261 -9.03 -72.43 18.92
N ASN XB 262 -9.88 -73.42 18.62
CA ASN XB 262 -11.16 -73.58 19.26
C ASN XB 262 -11.25 -74.94 19.94
N ALA XB 263 -11.80 -74.96 21.15
CA ALA XB 263 -12.00 -76.18 21.92
C ALA XB 263 -13.50 -76.44 22.08
N LYS XB 264 -13.90 -77.69 21.96
CA LYS XB 264 -15.30 -78.06 21.93
C LYS XB 264 -15.53 -79.29 22.80
N SER XB 265 -16.77 -79.45 23.25
CA SER XB 265 -17.19 -80.63 24.01
C SER XB 265 -18.68 -80.86 23.73
N MET XB 266 -19.30 -81.71 24.54
CA MET XB 266 -20.73 -82.01 24.45
C MET XB 266 -21.35 -81.76 25.83
N PRO XB 267 -21.54 -80.49 26.20
CA PRO XB 267 -21.89 -80.17 27.60
C PRO XB 267 -23.37 -80.12 27.90
N THR XB 268 -24.23 -80.71 27.04
CA THR XB 268 -25.66 -80.44 27.01
C THR XB 268 -26.41 -80.79 28.30
N GLU XB 269 -26.51 -82.09 28.61
CA GLU XB 269 -27.09 -82.62 29.85
C GLU XB 269 -28.50 -82.08 30.14
N GLU XB 270 -29.37 -82.19 29.14
CA GLU XB 270 -30.67 -81.51 29.20
C GLU XB 270 -31.63 -82.19 30.17
N GLY XB 271 -31.69 -83.52 30.14
CA GLY XB 271 -32.75 -84.21 30.87
C GLY XB 271 -32.55 -84.32 32.36
N ILE XB 272 -31.31 -84.15 32.84
CA ILE XB 272 -30.97 -84.45 34.22
C ILE XB 272 -31.35 -83.32 35.16
N PRO XB 273 -32.17 -83.57 36.17
CA PRO XB 273 -32.43 -82.56 37.20
C PRO XB 273 -31.27 -82.48 38.18
N PRO XB 274 -31.03 -81.33 38.79
CA PRO XB 274 -29.98 -81.23 39.80
C PRO XB 274 -30.35 -81.96 41.08
N SER XB 275 -29.32 -82.32 41.85
CA SER XB 275 -29.52 -83.17 43.02
C SER XB 275 -30.07 -82.39 44.21
N ALA XB 276 -29.28 -81.44 44.73
CA ALA XB 276 -29.66 -80.66 45.90
C ALA XB 276 -28.77 -79.43 45.97
N ASN XB 277 -29.24 -78.45 46.74
CA ASN XB 277 -28.45 -77.24 47.02
C ASN XB 277 -27.89 -77.40 48.42
N ASP XB 278 -26.65 -77.85 48.51
CA ASP XB 278 -26.07 -78.53 49.66
C ASP XB 278 -25.83 -77.66 50.88
N LEU XB 279 -26.31 -76.41 50.99
CA LEU XB 279 -26.17 -75.68 52.25
C LEU XB 279 -27.03 -76.24 53.35
N LEU XB 280 -28.04 -77.04 53.00
CA LEU XB 280 -28.96 -77.64 53.97
C LEU XB 280 -28.26 -78.59 54.94
N LEU XB 281 -27.10 -79.12 54.57
CA LEU XB 281 -26.32 -79.89 55.53
C LEU XB 281 -25.82 -79.01 56.68
N HIS XB 282 -25.29 -77.84 56.33
CA HIS XB 282 -24.92 -76.87 57.36
C HIS XB 282 -26.14 -76.37 58.11
N VAL XB 283 -27.28 -76.27 57.44
CA VAL XB 283 -28.51 -75.88 58.11
C VAL XB 283 -28.93 -76.94 59.15
N LEU XB 284 -28.83 -78.22 58.78
CA LEU XB 284 -29.11 -79.30 59.72
C LEU XB 284 -28.14 -79.29 60.88
N GLU XB 285 -26.90 -78.92 60.62
CA GLU XB 285 -25.96 -78.73 61.72
C GLU XB 285 -26.20 -77.43 62.48
N GLY XB 286 -27.03 -76.53 61.95
CA GLY XB 286 -27.27 -75.26 62.58
C GLY XB 286 -26.29 -74.16 62.21
N VAL XB 287 -25.18 -74.50 61.56
CA VAL XB 287 -24.21 -73.50 61.16
C VAL XB 287 -24.76 -72.74 59.96
N PRO XB 288 -24.86 -71.42 60.03
CA PRO XB 288 -25.39 -70.67 58.90
C PRO XB 288 -24.43 -70.70 57.73
N PRO XB 289 -24.95 -70.61 56.50
CA PRO XB 289 -24.06 -70.49 55.35
C PRO XB 289 -23.41 -69.12 55.32
N PRO XB 290 -22.21 -69.01 54.78
CA PRO XB 290 -21.57 -67.70 54.67
C PRO XB 290 -22.27 -66.81 53.65
N GLY XB 291 -22.15 -65.51 53.85
CA GLY XB 291 -22.82 -64.54 53.01
C GLY XB 291 -24.27 -64.30 53.36
N SER XB 292 -24.79 -64.97 54.37
CA SER XB 292 -26.18 -64.83 54.79
C SER XB 292 -26.22 -64.07 56.12
N ARG XB 293 -27.44 -63.75 56.56
CA ARG XB 293 -27.63 -63.06 57.83
C ARG XB 293 -28.80 -63.68 58.56
N ARG XB 294 -28.83 -63.45 59.87
CA ARG XB 294 -29.87 -64.00 60.71
C ARG XB 294 -31.20 -63.30 60.47
N LEU XB 295 -32.27 -64.10 60.49
CA LEU XB 295 -33.63 -63.59 60.38
C LEU XB 295 -34.36 -63.98 61.66
N VAL XB 296 -35.00 -63.01 62.30
CA VAL XB 296 -35.58 -63.20 63.62
C VAL XB 296 -36.87 -64.01 63.50
N VAL XB 297 -36.95 -65.11 64.26
CA VAL XB 297 -38.04 -66.08 64.16
C VAL XB 297 -38.94 -65.91 65.37
N SER XB 298 -40.25 -65.97 65.14
CA SER XB 298 -41.23 -65.77 66.19
C SER XB 298 -42.24 -66.91 66.23
N GLY XB 299 -42.58 -67.34 67.44
CA GLY XB 299 -43.70 -68.24 67.66
C GLY XB 299 -43.36 -69.66 68.04
N GLY XB 300 -42.12 -70.10 67.81
CA GLY XB 300 -41.80 -71.50 68.03
C GLY XB 300 -40.32 -71.78 68.18
N ASP XB 301 -39.85 -72.87 67.58
CA ASP XB 301 -38.44 -73.27 67.65
C ASP XB 301 -37.92 -73.49 66.24
N ALA XB 302 -37.42 -72.41 65.63
CA ALA XB 302 -36.83 -72.48 64.31
C ALA XB 302 -35.80 -71.37 64.18
N ARG XB 303 -34.85 -71.57 63.28
CA ARG XB 303 -33.84 -70.55 63.00
C ARG XB 303 -33.76 -70.32 61.50
N ALA XB 304 -33.58 -69.05 61.11
CA ALA XB 304 -33.76 -68.64 59.72
C ALA XB 304 -32.56 -67.84 59.22
N TRP XB 305 -32.27 -68.01 57.93
CA TRP XB 305 -31.21 -67.27 57.26
C TRP XB 305 -31.63 -66.98 55.82
N LEU XB 306 -31.02 -65.94 55.26
CA LEU XB 306 -31.30 -65.52 53.90
C LEU XB 306 -29.99 -65.26 53.18
N SER XB 307 -29.72 -66.04 52.12
CA SER XB 307 -28.45 -65.97 51.41
C SER XB 307 -28.60 -65.42 50.00
N ASN XB 308 -29.43 -66.06 49.18
CA ASN XB 308 -29.59 -65.73 47.77
C ASN XB 308 -31.04 -65.46 47.46
N GLU XB 309 -31.63 -64.57 48.29
CA GLU XB 309 -33.06 -64.29 48.47
C GLU XB 309 -33.90 -65.56 48.44
N LYS XB 310 -33.40 -66.60 49.11
CA LYS XB 310 -34.13 -67.81 49.40
C LYS XB 310 -33.97 -68.05 50.89
N MET XB 311 -35.07 -68.27 51.59
CA MET XB 311 -34.99 -68.42 53.04
C MET XB 311 -34.69 -69.87 53.40
N TYR XB 312 -33.91 -70.03 54.46
CA TYR XB 312 -33.48 -71.32 54.97
C TYR XB 312 -33.88 -71.39 56.43
N VAL XB 313 -34.59 -72.45 56.81
CA VAL XB 313 -35.09 -72.58 58.17
C VAL XB 313 -34.76 -73.97 58.70
N ARG XB 314 -34.23 -74.01 59.91
CA ARG XB 314 -33.95 -75.24 60.62
C ARG XB 314 -34.92 -75.37 61.79
N THR XB 315 -35.62 -76.50 61.87
CA THR XB 315 -36.61 -76.73 62.90
C THR XB 315 -36.81 -78.23 63.05
N ASN XB 316 -37.90 -78.59 63.73
CA ASN XB 316 -38.33 -79.99 63.81
C ASN XB 316 -39.84 -80.12 63.59
N LEU XB 317 -40.51 -79.05 63.19
CA LEU XB 317 -41.95 -79.06 63.00
C LEU XB 317 -42.28 -79.54 61.59
N THR XB 318 -43.54 -79.37 61.18
CA THR XB 318 -43.99 -79.80 59.86
C THR XB 318 -44.55 -78.59 59.12
N ILE XB 319 -43.81 -78.13 58.12
CA ILE XB 319 -44.18 -76.91 57.39
C ILE XB 319 -45.33 -77.22 56.45
N LEU XB 320 -46.39 -76.39 56.52
CA LEU XB 320 -47.60 -76.65 55.77
C LEU XB 320 -47.90 -75.60 54.71
N SER XB 321 -47.94 -74.32 55.10
CA SER XB 321 -48.61 -73.31 54.28
C SER XB 321 -47.94 -72.93 52.98
N PRO XB 322 -46.76 -72.29 52.96
CA PRO XB 322 -46.42 -71.45 51.80
C PRO XB 322 -45.84 -72.20 50.61
N GLY XB 323 -45.70 -73.51 50.67
CA GLY XB 323 -44.92 -74.23 49.69
C GLY XB 323 -43.42 -74.12 49.97
N TRP XB 324 -42.68 -75.04 49.38
CA TRP XB 324 -41.23 -75.04 49.56
C TRP XB 324 -40.59 -75.75 48.39
N LEU XB 325 -39.28 -75.56 48.27
CA LEU XB 325 -38.52 -76.08 47.15
C LEU XB 325 -37.55 -77.19 47.53
N ALA XB 326 -36.92 -77.11 48.70
CA ALA XB 326 -35.99 -78.15 49.11
C ALA XB 326 -36.18 -78.45 50.59
N SER XB 327 -36.04 -79.73 50.95
CA SER XB 327 -36.13 -80.15 52.35
C SER XB 327 -35.18 -81.30 52.61
N MET XB 328 -34.63 -81.32 53.82
CA MET XB 328 -33.78 -82.40 54.27
C MET XB 328 -34.13 -82.77 55.71
N THR XB 329 -33.85 -84.01 56.07
CA THR XB 329 -34.14 -84.51 57.39
C THR XB 329 -32.91 -85.21 57.96
N SER XB 330 -32.62 -84.92 59.21
CA SER XB 330 -31.46 -85.48 59.89
C SER XB 330 -31.73 -86.91 60.32
N ALA XB 331 -30.73 -87.51 60.97
CA ALA XB 331 -30.89 -88.85 61.52
C ALA XB 331 -31.86 -88.85 62.68
N ASP XB 332 -31.82 -87.82 63.53
CA ASP XB 332 -32.77 -87.73 64.62
C ASP XB 332 -34.14 -87.32 64.15
N GLY XB 333 -34.25 -86.70 62.98
CA GLY XB 333 -35.53 -86.35 62.41
C GLY XB 333 -35.80 -84.86 62.28
N THR XB 334 -34.85 -84.00 62.64
CA THR XB 334 -35.05 -82.56 62.46
C THR XB 334 -35.02 -82.20 60.99
N HIS XB 335 -35.72 -81.13 60.65
CA HIS XB 335 -35.98 -80.78 59.27
C HIS XB 335 -35.35 -79.44 58.92
N ALA XB 336 -34.95 -79.33 57.65
CA ALA XB 336 -34.36 -78.12 57.10
C ALA XB 336 -35.07 -77.80 55.79
N TYR XB 337 -35.54 -76.57 55.65
CA TYR XB 337 -36.33 -76.17 54.50
C TYR XB 337 -35.69 -74.96 53.83
N GLU XB 338 -35.48 -75.06 52.52
CA GLU XB 338 -35.10 -73.94 51.68
C GLU XB 338 -36.26 -73.62 50.76
N MET XB 339 -36.70 -72.38 50.76
CA MET XB 339 -37.89 -72.00 50.01
C MET XB 339 -37.84 -70.52 49.65
N GLN XB 340 -38.89 -70.06 48.98
CA GLN XB 340 -39.07 -68.65 48.73
C GLN XB 340 -39.39 -67.91 50.01
N LYS XB 341 -39.16 -66.60 50.00
CA LYS XB 341 -39.37 -65.80 51.20
C LYS XB 341 -40.86 -65.64 51.50
N SER XB 342 -41.18 -65.64 52.78
CA SER XB 342 -42.51 -65.40 53.26
C SER XB 342 -42.37 -64.72 54.61
N PRO XB 343 -43.24 -63.74 54.91
CA PRO XB 343 -43.24 -63.15 56.25
C PRO XB 343 -44.01 -63.95 57.27
N VAL XB 344 -44.66 -65.04 56.87
CA VAL XB 344 -45.55 -65.77 57.75
C VAL XB 344 -45.56 -67.24 57.33
N LEU XB 345 -45.38 -68.13 58.29
CA LEU XB 345 -45.46 -69.57 58.07
C LEU XB 345 -46.55 -70.15 58.96
N LEU XB 346 -47.07 -71.31 58.55
CA LEU XB 346 -48.04 -72.04 59.35
C LEU XB 346 -47.66 -73.51 59.36
N VAL XB 347 -47.56 -74.07 60.56
CA VAL XB 347 -47.10 -75.44 60.75
C VAL XB 347 -48.12 -76.20 61.58
N SER XB 348 -47.94 -77.51 61.65
CA SER XB 348 -48.70 -78.36 62.57
C SER XB 348 -47.73 -78.86 63.63
N TRP XB 349 -48.03 -78.56 64.89
CA TRP XB 349 -47.11 -78.92 65.96
C TRP XB 349 -47.48 -80.25 66.61
N HIS XB 350 -48.66 -80.32 67.18
CA HIS XB 350 -49.11 -81.52 67.89
C HIS XB 350 -50.54 -81.83 67.48
N GLY XB 351 -50.79 -81.84 66.18
CA GLY XB 351 -52.14 -81.91 65.69
C GLY XB 351 -52.88 -80.60 65.71
N LYS XB 352 -52.17 -79.51 66.00
CA LYS XB 352 -52.76 -78.18 66.05
C LYS XB 352 -51.92 -77.23 65.23
N VAL XB 353 -52.59 -76.28 64.57
CA VAL XB 353 -51.95 -75.38 63.62
C VAL XB 353 -51.40 -74.17 64.36
N MET XB 354 -50.12 -73.89 64.15
CA MET XB 354 -49.42 -72.80 64.81
C MET XB 354 -48.83 -71.86 63.77
N GLN XB 355 -49.00 -70.57 64.01
CA GLN XB 355 -48.55 -69.53 63.10
C GLN XB 355 -47.24 -68.94 63.58
N LEU XB 356 -46.34 -68.67 62.63
CA LEU XB 356 -45.02 -68.12 62.91
C LEU XB 356 -44.85 -66.85 62.09
N LYS XB 357 -44.41 -65.78 62.75
CA LYS XB 357 -44.19 -64.51 62.10
C LYS XB 357 -42.72 -64.37 61.73
N VAL XB 358 -42.46 -64.07 60.47
CA VAL XB 358 -41.09 -63.96 59.97
C VAL XB 358 -40.80 -62.50 59.64
N GLU XB 359 -40.27 -61.78 60.62
CA GLU XB 359 -39.92 -60.37 60.44
C GLU XB 359 -38.42 -60.25 60.22
N GLY XB 360 -37.93 -59.01 60.20
CA GLY XB 360 -36.53 -58.76 59.96
C GLY XB 360 -36.11 -58.81 58.51
N LEU XB 361 -37.05 -58.85 57.58
CA LEU XB 361 -36.74 -58.88 56.17
C LEU XB 361 -36.28 -57.50 55.69
N MET YB 23 -133.72 26.75 -8.03
CA MET YB 23 -134.01 25.35 -8.28
C MET YB 23 -132.74 24.55 -8.55
N LYS YB 24 -132.51 23.53 -7.74
CA LYS YB 24 -131.34 22.69 -7.90
C LYS YB 24 -131.53 21.75 -9.09
N PHE YB 25 -130.43 21.46 -9.78
CA PHE YB 25 -130.43 20.60 -10.96
C PHE YB 25 -129.50 19.42 -10.72
N LYS YB 26 -130.04 18.22 -10.86
CA LYS YB 26 -129.31 17.00 -10.59
C LYS YB 26 -129.40 16.06 -11.79
N LYS YB 27 -128.42 15.16 -11.88
CA LYS YB 27 -128.44 14.10 -12.86
C LYS YB 27 -128.58 12.77 -12.15
N PRO YB 28 -129.52 11.92 -12.55
CA PRO YB 28 -130.02 10.82 -11.68
C PRO YB 28 -128.99 9.75 -11.35
N PRO YB 29 -127.99 9.44 -12.21
CA PRO YB 29 -126.86 8.65 -11.68
C PRO YB 29 -126.04 9.44 -10.68
N ILE YB 30 -126.17 9.04 -9.41
CA ILE YB 30 -125.39 9.60 -8.32
C ILE YB 30 -125.21 8.48 -7.29
N ASN YB 31 -123.97 8.20 -6.92
CA ASN YB 31 -123.69 7.07 -6.05
C ASN YB 31 -122.46 7.38 -5.21
N ASN YB 32 -121.92 6.33 -4.60
CA ASN YB 32 -120.70 6.44 -3.81
C ASN YB 32 -119.51 6.74 -4.72
N PRO YB 33 -118.47 7.38 -4.20
CA PRO YB 33 -117.27 7.63 -5.01
C PRO YB 33 -116.53 6.34 -5.35
N SER YB 34 -115.83 6.37 -6.48
CA SER YB 34 -115.17 5.21 -7.05
C SER YB 34 -113.68 5.23 -6.73
N ASP YB 35 -112.95 4.30 -7.34
CA ASP YB 35 -111.51 4.24 -7.21
C ASP YB 35 -110.87 4.07 -8.59
N ASP YB 36 -109.69 4.68 -8.75
CA ASP YB 36 -109.03 4.70 -10.04
C ASP YB 36 -108.55 3.32 -10.46
N ALA YB 37 -108.12 2.49 -9.51
CA ALA YB 37 -107.72 1.13 -9.84
C ALA YB 37 -108.91 0.30 -10.30
N THR YB 38 -110.08 0.53 -9.67
CA THR YB 38 -111.31 -0.09 -10.12
C THR YB 38 -111.67 0.36 -11.53
N ILE YB 39 -111.44 1.65 -11.81
CA ILE YB 39 -111.69 2.20 -13.14
C ILE YB 39 -110.80 1.53 -14.18
N LYS YB 40 -109.51 1.38 -13.85
CA LYS YB 40 -108.56 0.78 -14.77
C LYS YB 40 -108.86 -0.69 -15.00
N LEU YB 41 -109.26 -1.39 -13.94
CA LEU YB 41 -109.64 -2.79 -14.07
C LEU YB 41 -110.87 -2.96 -14.94
N ALA YB 42 -111.86 -2.07 -14.79
CA ALA YB 42 -113.07 -2.17 -15.60
C ALA YB 42 -112.79 -1.87 -17.07
N GLU YB 43 -111.97 -0.85 -17.34
CA GLU YB 43 -111.70 -0.54 -18.75
C GLU YB 43 -110.79 -1.58 -19.39
N ALA YB 44 -109.97 -2.28 -18.61
CA ALA YB 44 -109.27 -3.43 -19.19
C ALA YB 44 -110.23 -4.58 -19.44
N ALA YB 45 -111.13 -4.83 -18.49
CA ALA YB 45 -111.98 -6.00 -18.54
C ALA YB 45 -113.02 -5.91 -19.65
N VAL YB 46 -113.45 -4.70 -19.99
CA VAL YB 46 -114.43 -4.57 -21.08
C VAL YB 46 -113.79 -4.94 -22.41
N SER YB 47 -112.52 -4.60 -22.61
CA SER YB 47 -111.83 -5.00 -23.84
C SER YB 47 -111.56 -6.49 -23.86
N VAL YB 48 -111.24 -7.06 -22.69
CA VAL YB 48 -111.05 -8.50 -22.58
C VAL YB 48 -112.34 -9.24 -22.93
N SER YB 49 -113.46 -8.76 -22.41
CA SER YB 49 -114.75 -9.41 -22.64
C SER YB 49 -115.18 -9.25 -24.09
N ASP YB 50 -114.87 -8.10 -24.70
CA ASP YB 50 -115.18 -7.91 -26.12
C ASP YB 50 -114.37 -8.87 -26.98
N SER YB 51 -113.10 -9.09 -26.61
CA SER YB 51 -112.26 -10.04 -27.34
C SER YB 51 -112.80 -11.45 -27.19
N MET YB 52 -113.28 -11.79 -25.99
CA MET YB 52 -113.89 -13.09 -25.77
C MET YB 52 -115.17 -13.26 -26.58
N LEU YB 53 -115.96 -12.19 -26.69
CA LEU YB 53 -117.21 -12.24 -27.45
C LEU YB 53 -116.95 -12.46 -28.94
N GLU YB 54 -115.99 -11.72 -29.50
CA GLU YB 54 -115.73 -11.89 -30.92
C GLU YB 54 -115.07 -13.24 -31.21
N MET YB 55 -114.22 -13.74 -30.31
CA MET YB 55 -113.63 -15.05 -30.58
C MET YB 55 -114.66 -16.16 -30.42
N ALA YB 56 -115.65 -15.97 -29.55
CA ALA YB 56 -116.72 -16.95 -29.43
C ALA YB 56 -117.59 -16.95 -30.68
N LYS YB 57 -117.85 -15.76 -31.24
CA LYS YB 57 -118.57 -15.67 -32.51
C LYS YB 57 -117.80 -16.36 -33.63
N VAL YB 58 -116.48 -16.17 -33.66
CA VAL YB 58 -115.64 -16.80 -34.68
C VAL YB 58 -115.65 -18.32 -34.52
N GLU YB 59 -115.59 -18.81 -33.28
CA GLU YB 59 -115.61 -20.25 -33.03
C GLU YB 59 -116.94 -20.88 -33.46
N LYS YB 60 -118.05 -20.22 -33.11
CA LYS YB 60 -119.37 -20.71 -33.50
C LYS YB 60 -119.53 -20.71 -35.02
N VAL YB 61 -119.04 -19.67 -35.69
CA VAL YB 61 -119.20 -19.63 -37.14
C VAL YB 61 -118.21 -20.53 -37.85
N ILE YB 62 -117.13 -20.94 -37.20
CA ILE YB 62 -116.17 -21.80 -37.88
C ILE YB 62 -116.46 -23.28 -37.65
N THR YB 63 -117.17 -23.65 -36.58
CA THR YB 63 -117.59 -25.03 -36.49
C THR YB 63 -118.98 -25.10 -35.86
N PRO YB 64 -119.86 -25.93 -36.42
CA PRO YB 64 -121.24 -25.96 -35.93
C PRO YB 64 -121.36 -26.86 -34.71
N PRO YB 65 -122.31 -26.57 -33.82
CA PRO YB 65 -122.63 -27.51 -32.75
C PRO YB 65 -123.35 -28.73 -33.32
N SER YB 66 -123.23 -29.84 -32.58
CA SER YB 66 -123.78 -31.11 -33.03
C SER YB 66 -124.93 -31.60 -32.15
N LYS YB 67 -124.71 -31.70 -30.85
CA LYS YB 67 -125.68 -32.32 -29.95
C LYS YB 67 -125.72 -31.49 -28.66
N ASP YB 68 -126.32 -32.06 -27.63
CA ASP YB 68 -126.42 -31.43 -26.33
C ASP YB 68 -126.17 -32.47 -25.25
N ASN YB 69 -125.61 -32.03 -24.12
CA ASN YB 69 -125.34 -32.93 -23.02
C ASN YB 69 -126.57 -33.21 -22.19
N THR YB 70 -127.68 -32.52 -22.44
CA THR YB 70 -128.96 -32.91 -21.87
C THR YB 70 -129.44 -34.25 -22.40
N LEU YB 71 -128.95 -34.67 -23.56
CA LEU YB 71 -129.25 -36.00 -24.08
C LEU YB 71 -128.68 -37.09 -23.17
N THR YB 72 -127.39 -36.98 -22.85
CA THR YB 72 -126.80 -37.99 -21.96
C THR YB 72 -127.21 -37.78 -20.51
N ILE YB 73 -127.49 -36.54 -20.11
CA ILE YB 73 -127.96 -36.30 -18.76
C ILE YB 73 -129.35 -35.67 -18.85
N PRO YB 74 -130.41 -36.46 -18.82
CA PRO YB 74 -131.76 -35.88 -18.75
C PRO YB 74 -132.17 -35.62 -17.30
N ASN YB 75 -133.12 -34.71 -17.16
CA ASN YB 75 -133.66 -34.42 -15.84
C ASN YB 75 -134.63 -35.51 -15.42
N ALA YB 76 -134.96 -35.52 -14.13
CA ALA YB 76 -135.90 -36.49 -13.58
C ALA YB 76 -136.58 -35.87 -12.36
N TYR YB 77 -137.37 -36.68 -11.66
CA TYR YB 77 -137.98 -36.21 -10.43
C TYR YB 77 -136.95 -36.12 -9.32
N ASN YB 78 -137.27 -35.33 -8.29
CA ASN YB 78 -136.42 -34.92 -7.16
C ASN YB 78 -135.03 -34.47 -7.60
N LEU YB 79 -134.97 -33.83 -8.76
CA LEU YB 79 -133.77 -33.21 -9.29
C LEU YB 79 -133.90 -31.70 -9.27
N GLN YB 80 -135.00 -31.20 -8.73
CA GLN YB 80 -135.33 -29.79 -8.81
C GLN YB 80 -135.27 -29.09 -7.46
N ALA YB 81 -134.82 -29.77 -6.41
CA ALA YB 81 -134.56 -29.11 -5.14
C ALA YB 81 -133.37 -28.18 -5.33
N ARG YB 82 -133.61 -26.88 -5.28
CA ARG YB 82 -132.66 -25.97 -5.89
C ARG YB 82 -131.48 -25.71 -4.97
N ALA YB 83 -130.49 -24.99 -5.49
CA ALA YB 83 -129.28 -24.71 -4.75
C ALA YB 83 -128.66 -23.42 -5.23
N SER YB 84 -128.14 -22.65 -4.28
CA SER YB 84 -127.27 -21.52 -4.56
C SER YB 84 -125.85 -21.90 -4.15
N VAL YB 85 -124.91 -21.74 -5.07
CA VAL YB 85 -123.62 -22.42 -4.97
C VAL YB 85 -122.50 -21.47 -5.32
N ASP YB 86 -121.51 -21.38 -4.43
CA ASP YB 86 -120.19 -20.84 -4.73
C ASP YB 86 -119.15 -21.90 -4.42
N TRP YB 87 -118.25 -22.15 -5.36
CA TRP YB 87 -117.26 -23.20 -5.19
C TRP YB 87 -116.03 -22.89 -6.02
N SER YB 88 -114.85 -23.13 -5.45
CA SER YB 88 -113.60 -22.86 -6.13
C SER YB 88 -112.56 -23.94 -5.83
N GLY YB 89 -112.97 -25.20 -5.87
CA GLY YB 89 -112.05 -26.26 -5.52
C GLY YB 89 -112.13 -27.48 -6.43
N PRO YB 90 -111.79 -28.65 -5.88
CA PRO YB 90 -111.95 -29.91 -6.64
C PRO YB 90 -113.40 -30.32 -6.81
N ILE YB 91 -113.63 -31.46 -7.45
CA ILE YB 91 -114.94 -31.82 -7.94
C ILE YB 91 -115.58 -32.97 -7.15
N GLU YB 92 -114.78 -33.83 -6.52
CA GLU YB 92 -115.28 -35.09 -5.97
C GLU YB 92 -116.15 -34.86 -4.75
N GLU YB 93 -115.68 -34.06 -3.80
CA GLU YB 93 -116.48 -33.78 -2.60
C GLU YB 93 -117.71 -32.96 -2.94
N LEU YB 94 -117.62 -32.12 -3.97
CA LEU YB 94 -118.76 -31.31 -4.39
C LEU YB 94 -119.87 -32.19 -4.96
N THR YB 95 -119.53 -33.10 -5.86
CA THR YB 95 -120.55 -33.98 -6.39
C THR YB 95 -120.99 -35.02 -5.36
N ALA YB 96 -120.15 -35.31 -4.37
CA ALA YB 96 -120.59 -36.16 -3.26
C ALA YB 96 -121.65 -35.47 -2.43
N ARG YB 97 -121.47 -34.16 -2.16
CA ARG YB 97 -122.49 -33.38 -1.48
C ARG YB 97 -123.78 -33.32 -2.30
N ILE YB 98 -123.63 -33.20 -3.62
CA ILE YB 98 -124.78 -33.17 -4.52
C ILE YB 98 -125.56 -34.48 -4.46
N ALA YB 99 -124.84 -35.60 -4.49
CA ALA YB 99 -125.50 -36.90 -4.45
C ALA YB 99 -126.14 -37.17 -3.09
N LYS YB 100 -125.50 -36.72 -2.01
CA LYS YB 100 -126.07 -36.89 -0.68
C LYS YB 100 -127.32 -36.06 -0.52
N ALA YB 101 -127.35 -34.85 -1.12
CA ALA YB 101 -128.57 -34.07 -1.11
C ALA YB 101 -129.65 -34.71 -1.98
N ALA YB 102 -129.24 -35.33 -3.08
CA ALA YB 102 -130.21 -35.88 -4.01
C ALA YB 102 -130.69 -37.28 -3.64
N HIS YB 103 -130.12 -37.88 -2.59
CA HIS YB 103 -130.36 -39.27 -2.18
C HIS YB 103 -130.06 -40.24 -3.32
N PHE YB 104 -128.95 -40.01 -4.00
CA PHE YB 104 -128.58 -40.81 -5.16
C PHE YB 104 -127.30 -41.58 -4.87
N ARG YB 105 -127.17 -42.73 -5.53
CA ARG YB 105 -125.91 -43.45 -5.49
C ARG YB 105 -124.87 -42.69 -6.29
N PHE YB 106 -123.66 -42.66 -5.76
CA PHE YB 106 -122.55 -41.94 -6.38
C PHE YB 106 -121.50 -42.93 -6.85
N ARG YB 107 -120.98 -42.71 -8.05
CA ARG YB 107 -120.03 -43.63 -8.66
C ARG YB 107 -118.85 -42.85 -9.23
N VAL YB 108 -117.65 -43.37 -8.98
CA VAL YB 108 -116.41 -42.82 -9.53
C VAL YB 108 -115.86 -43.84 -10.51
N LEU YB 109 -115.54 -43.38 -11.72
CA LEU YB 109 -115.11 -44.25 -12.80
C LEU YB 109 -113.82 -43.72 -13.38
N GLY YB 110 -112.83 -44.60 -13.53
CA GLY YB 110 -111.55 -44.21 -14.07
C GLY YB 110 -110.56 -43.81 -13.01
N LYS YB 111 -109.35 -43.50 -13.45
CA LYS YB 111 -108.25 -43.14 -12.55
C LYS YB 111 -108.22 -41.64 -12.35
N SER YB 112 -108.09 -41.22 -11.10
CA SER YB 112 -107.91 -39.82 -10.80
C SER YB 112 -106.54 -39.37 -11.30
N PRO YB 113 -106.45 -38.27 -12.04
CA PRO YB 113 -105.17 -37.83 -12.56
C PRO YB 113 -104.29 -37.24 -11.46
N SER YB 114 -103.00 -37.21 -11.75
CA SER YB 114 -102.05 -36.58 -10.84
C SER YB 114 -102.30 -35.09 -10.74
N VAL YB 115 -102.60 -34.44 -11.86
CA VAL YB 115 -102.95 -33.03 -11.86
C VAL YB 115 -104.38 -32.90 -11.33
N PRO YB 116 -104.60 -32.15 -10.25
CA PRO YB 116 -105.97 -31.94 -9.79
C PRO YB 116 -106.72 -31.01 -10.71
N VAL YB 117 -108.02 -31.25 -10.83
CA VAL YB 117 -108.90 -30.44 -11.66
C VAL YB 117 -109.68 -29.51 -10.74
N LEU YB 118 -109.53 -28.21 -10.96
CA LEU YB 118 -110.11 -27.21 -10.09
C LEU YB 118 -111.07 -26.35 -10.90
N ILE YB 119 -112.28 -26.19 -10.38
CA ILE YB 119 -113.35 -25.51 -11.11
C ILE YB 119 -114.00 -24.50 -10.20
N SER YB 120 -114.55 -23.45 -10.80
CA SER YB 120 -115.19 -22.39 -10.06
C SER YB 120 -116.61 -22.19 -10.57
N ILE YB 121 -117.55 -22.08 -9.64
CA ILE YB 121 -118.97 -21.95 -9.95
C ILE YB 121 -119.56 -20.93 -9.00
N SER YB 122 -120.29 -19.94 -9.55
CA SER YB 122 -120.98 -18.92 -8.76
C SER YB 122 -122.36 -18.72 -9.36
N THR YB 123 -123.38 -19.31 -8.74
CA THR YB 123 -124.73 -19.28 -9.28
C THR YB 123 -125.75 -19.32 -8.14
N LYS YB 124 -126.99 -18.99 -8.47
CA LYS YB 124 -128.01 -18.71 -7.46
C LYS YB 124 -129.34 -19.34 -7.86
N ASP YB 125 -129.76 -20.36 -7.12
CA ASP YB 125 -131.09 -20.98 -7.18
C ASP YB 125 -131.39 -21.55 -8.58
N GLU YB 126 -130.63 -22.58 -8.92
CA GLU YB 126 -130.80 -23.28 -10.19
C GLU YB 126 -131.17 -24.73 -9.94
N SER YB 127 -131.44 -25.43 -11.03
CA SER YB 127 -131.78 -26.85 -10.98
C SER YB 127 -130.52 -27.69 -11.02
N LEU YB 128 -130.58 -28.82 -10.32
CA LEU YB 128 -129.39 -29.64 -10.08
C LEU YB 128 -128.87 -30.28 -11.36
N ALA YB 129 -129.78 -30.64 -12.27
CA ALA YB 129 -129.36 -31.20 -13.55
C ALA YB 129 -128.59 -30.17 -14.36
N GLU YB 130 -129.05 -28.92 -14.35
CA GLU YB 130 -128.32 -27.87 -15.06
C GLU YB 130 -127.00 -27.56 -14.39
N ILE YB 131 -126.94 -27.66 -13.06
CA ILE YB 131 -125.68 -27.49 -12.35
C ILE YB 131 -124.69 -28.57 -12.75
N LEU YB 132 -125.17 -29.81 -12.85
CA LEU YB 132 -124.32 -30.91 -13.31
C LEU YB 132 -123.86 -30.70 -14.75
N ARG YB 133 -124.75 -30.17 -15.59
CA ARG YB 133 -124.41 -29.93 -16.99
C ARG YB 133 -123.35 -28.85 -17.13
N ASP YB 134 -123.46 -27.76 -16.38
CA ASP YB 134 -122.43 -26.73 -16.49
C ASP YB 134 -121.14 -27.15 -15.82
N ILE YB 135 -121.22 -28.04 -14.82
CA ILE YB 135 -120.01 -28.64 -14.26
C ILE YB 135 -119.30 -29.48 -15.32
N ASP YB 136 -120.07 -30.23 -16.10
CA ASP YB 136 -119.51 -31.01 -17.21
C ASP YB 136 -118.90 -30.10 -18.26
N TYR YB 137 -119.57 -28.99 -18.57
CA TYR YB 137 -119.06 -28.05 -19.57
C TYR YB 137 -117.78 -27.37 -19.10
N GLN YB 138 -117.70 -27.01 -17.82
CA GLN YB 138 -116.48 -26.42 -17.30
C GLN YB 138 -115.37 -27.46 -17.21
N ALA YB 139 -115.73 -28.73 -17.04
CA ALA YB 139 -114.71 -29.79 -17.04
C ALA YB 139 -114.13 -29.97 -18.43
N GLY YB 140 -114.97 -30.08 -19.44
CA GLY YB 140 -114.47 -30.30 -20.79
C GLY YB 140 -113.95 -31.72 -20.96
N LYS YB 141 -112.81 -31.83 -21.63
CA LYS YB 141 -112.27 -33.14 -22.01
C LYS YB 141 -111.61 -33.88 -20.86
N LYS YB 142 -111.50 -33.26 -19.68
CA LYS YB 142 -110.86 -33.94 -18.55
C LYS YB 142 -111.74 -35.02 -17.97
N ALA YB 143 -113.05 -34.77 -17.89
CA ALA YB 143 -113.95 -35.72 -17.27
C ALA YB 143 -115.34 -35.53 -17.84
N SER YB 144 -116.21 -36.51 -17.58
CA SER YB 144 -117.58 -36.49 -18.06
C SER YB 144 -118.49 -37.02 -16.96
N ILE YB 145 -119.77 -36.71 -17.10
CA ILE YB 145 -120.79 -37.07 -16.12
C ILE YB 145 -121.86 -37.89 -16.82
N HIS YB 146 -122.26 -39.00 -16.23
CA HIS YB 146 -123.42 -39.74 -16.69
C HIS YB 146 -124.40 -39.94 -15.55
N VAL YB 147 -125.69 -39.92 -15.87
CA VAL YB 147 -126.75 -40.02 -14.87
C VAL YB 147 -127.75 -41.07 -15.33
N TYR YB 148 -128.00 -42.06 -14.49
CA TYR YB 148 -129.01 -43.09 -14.74
C TYR YB 148 -130.06 -42.96 -13.66
N PRO YB 149 -131.17 -42.25 -13.91
CA PRO YB 149 -132.16 -42.01 -12.86
C PRO YB 149 -133.02 -43.22 -12.54
N ASN YB 150 -133.08 -44.20 -13.44
CA ASN YB 150 -133.80 -45.44 -13.16
C ASN YB 150 -133.13 -46.19 -12.02
N SER YB 151 -131.80 -46.22 -12.01
CA SER YB 151 -131.05 -46.75 -10.89
C SER YB 151 -130.63 -45.67 -9.91
N GLN YB 152 -130.89 -44.39 -10.23
CA GLN YB 152 -130.58 -43.23 -9.40
C GLN YB 152 -129.09 -43.13 -9.10
N VAL YB 153 -128.28 -43.42 -10.11
CA VAL YB 153 -126.83 -43.43 -9.96
C VAL YB 153 -126.25 -42.31 -10.81
N VAL YB 154 -125.43 -41.47 -10.17
CA VAL YB 154 -124.67 -40.45 -10.87
C VAL YB 154 -123.21 -40.86 -10.84
N GLU YB 155 -122.61 -41.01 -12.02
CA GLU YB 155 -121.23 -41.41 -12.14
C GLU YB 155 -120.39 -40.31 -12.79
N LEU YB 156 -119.17 -40.17 -12.29
CA LEU YB 156 -118.19 -39.25 -12.84
C LEU YB 156 -117.06 -40.09 -13.43
N ARG YB 157 -116.84 -39.97 -14.73
CA ARG YB 157 -115.81 -40.73 -15.43
C ARG YB 157 -114.65 -39.82 -15.79
N TYR YB 158 -113.44 -40.26 -15.46
CA TYR YB 158 -112.25 -39.50 -15.80
C TYR YB 158 -111.90 -39.69 -17.27
N ALA YB 159 -110.90 -38.95 -17.72
CA ALA YB 159 -110.39 -39.09 -19.08
C ALA YB 159 -109.27 -40.11 -19.10
N LYS YB 160 -109.48 -41.21 -19.81
CA LYS YB 160 -108.43 -42.21 -19.97
C LYS YB 160 -107.46 -41.70 -21.01
N ILE YB 161 -106.48 -40.94 -20.55
CA ILE YB 161 -105.48 -40.30 -21.40
C ILE YB 161 -104.13 -40.49 -20.74
N TYR YB 162 -103.07 -40.14 -21.48
CA TYR YB 162 -101.66 -40.30 -21.11
C TYR YB 162 -101.34 -41.77 -20.89
N LYS ZB 60 -9.77 85.27 -20.57
CA LYS ZB 60 -8.48 85.58 -21.19
C LYS ZB 60 -8.41 84.98 -22.58
N GLU ZB 61 -8.05 83.69 -22.62
CA GLU ZB 61 -8.08 82.91 -23.85
C GLU ZB 61 -9.49 82.81 -24.43
N THR ZB 62 -10.49 82.67 -23.55
CA THR ZB 62 -11.89 82.67 -24.00
C THR ZB 62 -12.26 84.01 -24.61
N ALA ZB 63 -11.78 85.10 -24.01
CA ALA ZB 63 -12.00 86.43 -24.57
C ALA ZB 63 -11.35 86.57 -25.93
N LEU ZB 64 -10.14 86.01 -26.09
CA LEU ZB 64 -9.45 86.01 -27.37
C LEU ZB 64 -10.25 85.27 -28.44
N SER ZB 65 -10.78 84.10 -28.09
CA SER ZB 65 -11.52 83.30 -29.04
C SER ZB 65 -12.84 83.97 -29.43
N VAL ZB 66 -13.56 84.53 -28.45
CA VAL ZB 66 -14.84 85.15 -28.80
C VAL ZB 66 -14.63 86.46 -29.54
N GLY ZB 67 -13.53 87.17 -29.26
CA GLY ZB 67 -13.21 88.36 -30.03
C GLY ZB 67 -12.86 88.02 -31.47
N ALA ZB 68 -12.14 86.91 -31.65
CA ALA ZB 68 -11.83 86.45 -33.01
C ALA ZB 68 -13.10 86.06 -33.77
N GLN ZB 69 -14.01 85.35 -33.10
CA GLN ZB 69 -15.26 84.95 -33.75
C GLN ZB 69 -16.12 86.16 -34.12
N ALA ZB 70 -16.23 87.11 -33.20
CA ALA ZB 70 -17.02 88.31 -33.45
C ALA ZB 70 -16.42 89.16 -34.56
N GLY ZB 71 -15.10 89.32 -34.57
CA GLY ZB 71 -14.45 90.09 -35.61
C GLY ZB 71 -14.56 89.45 -36.98
N LEU ZB 72 -14.41 88.13 -37.03
CA LEU ZB 72 -14.51 87.42 -38.29
C LEU ZB 72 -15.93 87.49 -38.86
N ALA ZB 73 -16.94 87.31 -37.99
CA ALA ZB 73 -18.32 87.39 -38.46
C ALA ZB 73 -18.69 88.81 -38.86
N TRP ZB 74 -18.20 89.81 -38.11
CA TRP ZB 74 -18.49 91.20 -38.42
C TRP ZB 74 -17.90 91.61 -39.76
N ARG ZB 75 -16.62 91.24 -40.00
CA ARG ZB 75 -15.99 91.55 -41.27
C ARG ZB 75 -16.62 90.78 -42.42
N ALA ZB 76 -17.05 89.54 -42.17
CA ALA ZB 76 -17.72 88.75 -43.20
C ALA ZB 76 -19.03 89.39 -43.61
N LYS ZB 77 -19.81 89.86 -42.63
CA LYS ZB 77 -21.07 90.52 -42.94
C LYS ZB 77 -20.81 91.84 -43.67
N ILE ZB 78 -19.75 92.56 -43.29
CA ILE ZB 78 -19.42 93.82 -43.96
C ILE ZB 78 -19.05 93.58 -45.42
N ILE ZB 79 -18.19 92.59 -45.68
CA ILE ZB 79 -17.73 92.36 -47.04
C ILE ZB 79 -18.83 91.76 -47.90
N ASP ZB 80 -19.71 90.96 -47.30
CA ASP ZB 80 -20.85 90.44 -48.06
C ASP ZB 80 -21.84 91.56 -48.37
N GLU ZB 81 -21.98 92.53 -47.46
CA GLU ZB 81 -22.79 93.70 -47.73
C GLU ZB 81 -22.23 94.52 -48.88
N GLN ZB 82 -20.90 94.71 -48.90
CA GLN ZB 82 -20.27 95.45 -49.99
C GLN ZB 82 -20.40 94.73 -51.32
N LEU ZB 83 -20.26 93.40 -51.30
CA LEU ZB 83 -20.43 92.61 -52.51
C LEU ZB 83 -21.87 92.66 -53.01
N ASN ZB 84 -22.83 92.66 -52.09
CA ASN ZB 84 -24.23 92.77 -52.48
C ASN ZB 84 -24.54 94.15 -53.04
N LYS ZB 85 -23.89 95.17 -52.49
CA LYS ZB 85 -24.14 96.54 -52.94
C LYS ZB 85 -23.56 96.77 -54.34
N GLN ZB 86 -22.32 96.35 -54.56
CA GLN ZB 86 -21.75 96.48 -55.90
C GLN ZB 86 -22.08 95.20 -56.66
N ALA ZB 87 -23.18 95.24 -57.41
CA ALA ZB 87 -23.67 94.06 -58.09
C ALA ZB 87 -23.35 94.05 -59.59
N ARG ZB 88 -23.83 95.07 -60.32
CA ARG ZB 88 -23.92 94.97 -61.77
C ARG ZB 88 -22.56 95.12 -62.45
N ASN ZB 89 -21.70 95.99 -61.93
CA ASN ZB 89 -20.37 96.12 -62.55
C ASN ZB 89 -19.52 94.89 -62.28
N LEU ZB 90 -19.80 94.18 -61.19
CA LEU ZB 90 -19.05 92.99 -60.82
C LEU ZB 90 -19.25 91.87 -61.85
N ASP ZB 91 -20.49 91.42 -62.03
CA ASP ZB 91 -20.72 90.40 -63.04
C ASP ZB 91 -20.64 90.96 -64.44
N ALA ZB 92 -20.72 92.28 -64.60
CA ALA ZB 92 -20.48 92.89 -65.91
C ALA ZB 92 -19.03 92.71 -66.33
N ILE ZB 93 -18.09 92.95 -65.42
CA ILE ZB 93 -16.68 92.78 -65.77
C ILE ZB 93 -16.31 91.30 -65.76
N TYR ZB 94 -17.01 90.48 -64.97
CA TYR ZB 94 -16.78 89.04 -64.98
C TYR ZB 94 -17.88 88.37 -65.79
N ASP ZB 95 -17.77 88.47 -67.11
CA ASP ZB 95 -18.64 87.69 -67.98
C ASP ZB 95 -18.14 86.25 -68.03
N PHE ZB 96 -19.06 85.35 -68.29
CA PHE ZB 96 -18.70 83.97 -68.61
C PHE ZB 96 -19.39 83.48 -69.87
N ASN ZB 97 -20.63 83.92 -70.10
CA ASN ZB 97 -21.40 83.43 -71.23
C ASN ZB 97 -20.87 83.94 -72.56
N SER ZB 98 -20.15 85.06 -72.55
CA SER ZB 98 -19.54 85.53 -73.79
C SER ZB 98 -18.36 84.67 -74.22
N LEU ZB 99 -17.76 83.95 -73.28
CA LEU ZB 99 -16.54 83.21 -73.56
C LEU ZB 99 -16.81 81.75 -73.94
N VAL ZB 100 -18.06 81.33 -73.95
CA VAL ZB 100 -18.40 79.93 -74.19
C VAL ZB 100 -18.21 79.58 -75.66
N LEU ZB 101 -18.25 78.30 -75.95
CA LEU ZB 101 -17.95 77.80 -77.28
C LEU ZB 101 -19.23 77.48 -78.04
N GLU ZB 102 -19.07 76.85 -79.20
CA GLU ZB 102 -20.20 76.61 -80.09
C GLU ZB 102 -21.16 75.58 -79.52
N HIS ZB 103 -20.63 74.46 -79.02
CA HIS ZB 103 -21.46 73.39 -78.51
C HIS ZB 103 -21.47 73.34 -76.99
N ASN ZB 104 -21.48 74.52 -76.35
CA ASN ZB 104 -21.75 74.69 -74.92
C ASN ZB 104 -20.71 73.98 -74.05
N ILE ZB 105 -19.46 74.05 -74.48
CA ILE ZB 105 -18.36 73.42 -73.76
C ILE ZB 105 -17.55 74.51 -73.08
N LEU ZB 106 -17.25 74.31 -71.79
CA LEU ZB 106 -16.41 75.23 -71.06
C LEU ZB 106 -14.99 75.22 -71.63
N PRO ZB 107 -14.43 76.38 -71.98
CA PRO ZB 107 -13.07 76.41 -72.49
C PRO ZB 107 -12.07 76.08 -71.40
N PRO ZB 108 -10.92 75.50 -71.76
CA PRO ZB 108 -9.96 75.07 -70.73
C PRO ZB 108 -9.08 76.20 -70.22
N VAL ZB 109 -8.13 75.86 -69.37
CA VAL ZB 109 -7.34 76.83 -68.61
C VAL ZB 109 -5.87 76.67 -68.98
N LEU ZB 110 -5.22 77.80 -69.29
CA LEU ZB 110 -3.81 77.81 -69.66
C LEU ZB 110 -3.01 78.68 -68.72
N LEU ZB 111 -1.71 78.38 -68.63
CA LEU ZB 111 -0.76 79.17 -67.87
C LEU ZB 111 0.53 79.33 -68.67
N GLU ZB 112 1.12 80.52 -68.62
CA GLU ZB 112 2.39 80.76 -69.27
C GLU ZB 112 3.39 81.33 -68.27
N GLY ZB 113 4.55 80.70 -68.17
CA GLY ZB 113 5.68 81.24 -67.45
C GLY ZB 113 6.78 81.58 -68.43
N ARG ZB 114 7.63 82.54 -68.05
CA ARG ZB 114 8.73 82.97 -68.91
C ARG ZB 114 10.02 82.99 -68.12
N ASN ZB 115 11.12 82.64 -68.82
CA ASN ZB 115 12.49 82.69 -68.32
C ASN ZB 115 12.67 81.86 -67.05
N THR ZB 116 12.49 80.55 -67.21
CA THR ZB 116 12.54 79.63 -66.09
C THR ZB 116 13.94 79.06 -65.99
N LEU ZB 117 14.51 79.11 -64.78
CA LEU ZB 117 15.84 78.58 -64.53
C LEU ZB 117 15.78 77.61 -63.37
N ASN ZB 118 16.37 76.43 -63.57
CA ASN ZB 118 16.46 75.42 -62.53
C ASN ZB 118 17.92 75.02 -62.35
N LEU ZB 119 18.48 75.40 -61.22
CA LEU ZB 119 19.71 74.79 -60.75
C LEU ZB 119 19.35 73.43 -60.17
N ALA ZB 120 19.68 72.35 -60.90
CA ALA ZB 120 19.36 71.02 -60.38
C ALA ZB 120 20.27 70.69 -59.21
N ASP ZB 121 21.55 70.94 -59.36
CA ASP ZB 121 22.57 70.84 -58.34
C ASP ZB 121 23.72 71.73 -58.80
N ALA ZB 122 24.88 71.56 -58.19
CA ALA ZB 122 26.09 72.15 -58.76
C ALA ZB 122 26.38 71.52 -60.11
N GLN ZB 123 27.02 72.30 -60.98
CA GLN ZB 123 27.48 71.95 -62.33
C GLN ZB 123 26.35 71.62 -63.30
N SER ZB 124 25.09 71.91 -62.96
CA SER ZB 124 23.96 71.46 -63.77
C SER ZB 124 22.82 72.47 -63.66
N ILE ZB 125 22.64 73.29 -64.69
CA ILE ZB 125 21.53 74.24 -64.74
C ILE ZB 125 20.74 74.02 -66.02
N ARG ZB 126 19.46 74.37 -65.97
CA ARG ZB 126 18.56 74.22 -67.12
C ARG ZB 126 17.73 75.48 -67.30
N ILE ZB 127 17.70 76.00 -68.51
CA ILE ZB 127 16.98 77.22 -68.84
C ILE ZB 127 15.90 76.88 -69.86
N SER ZB 128 14.66 77.25 -69.54
CA SER ZB 128 13.56 77.20 -70.49
C SER ZB 128 13.05 78.61 -70.73
N ASP ZB 129 12.73 78.91 -71.99
CA ASP ZB 129 12.30 80.27 -72.31
C ASP ZB 129 10.87 80.53 -71.90
N ARG ZB 130 9.92 79.79 -72.50
CA ARG ZB 130 8.50 79.96 -72.23
C ARG ZB 130 7.88 78.59 -71.98
N THR ZB 131 7.11 78.49 -70.90
CA THR ZB 131 6.45 77.25 -70.52
C THR ZB 131 4.96 77.47 -70.52
N TYR ZB 132 4.22 76.54 -71.09
CA TYR ZB 132 2.78 76.63 -71.14
C TYR ZB 132 2.17 75.38 -70.54
N LYS ZB 133 1.13 75.57 -69.75
CA LYS ZB 133 0.50 74.51 -68.97
C LYS ZB 133 -0.99 74.49 -69.24
N VAL ZB 134 -1.50 73.30 -69.57
CA VAL ZB 134 -2.94 73.05 -69.49
C VAL ZB 134 -3.25 72.69 -68.04
N ALA ZB 135 -4.03 73.54 -67.37
CA ALA ZB 135 -4.31 73.34 -65.95
C ALA ZB 135 -5.61 72.57 -65.75
N LYS ZB 136 -6.72 73.11 -66.23
CA LYS ZB 136 -8.04 72.50 -66.08
C LYS ZB 136 -8.57 72.15 -67.46
N GLN ZB 137 -8.91 70.87 -67.64
CA GLN ZB 137 -9.30 70.38 -68.96
C GLN ZB 137 -10.70 70.84 -69.31
N ALA ZB 138 -10.91 71.10 -70.61
CA ALA ZB 138 -12.21 71.51 -71.11
C ALA ZB 138 -13.22 70.37 -70.99
N HIS ZB 139 -14.49 70.74 -70.74
CA HIS ZB 139 -15.56 69.76 -70.65
C HIS ZB 139 -16.88 70.45 -70.97
N PHE ZB 140 -17.95 69.66 -70.95
CA PHE ZB 140 -19.28 70.16 -71.19
C PHE ZB 140 -19.76 71.01 -70.02
N ILE ZB 141 -20.84 71.76 -70.26
CA ILE ZB 141 -21.41 72.62 -69.23
C ILE ZB 141 -22.88 72.84 -69.57
N THR ZB 142 -23.67 73.23 -68.58
CA THR ZB 142 -25.07 73.55 -68.76
C THR ZB 142 -25.39 75.01 -68.51
N THR ZB 143 -24.70 75.64 -67.57
CA THR ZB 143 -24.90 77.04 -67.23
C THR ZB 143 -23.54 77.72 -67.11
N PRO ZB 144 -23.44 78.99 -67.47
CA PRO ZB 144 -22.18 79.70 -67.27
C PRO ZB 144 -21.89 79.89 -65.79
N PRO ZB 145 -20.63 79.84 -65.40
CA PRO ZB 145 -20.27 80.11 -64.01
C PRO ZB 145 -20.49 81.58 -63.67
N THR ZB 146 -20.64 81.85 -62.38
CA THR ZB 146 -20.74 83.20 -61.87
C THR ZB 146 -19.60 83.46 -60.90
N TRP ZB 147 -19.61 84.66 -60.34
CA TRP ZB 147 -18.64 85.06 -59.34
C TRP ZB 147 -19.03 84.65 -57.93
N ARG ZB 148 -20.27 84.22 -57.72
CA ARG ZB 148 -20.74 83.97 -56.37
C ARG ZB 148 -20.17 82.69 -55.80
N GLN ZB 149 -19.81 81.73 -56.65
CA GLN ZB 149 -19.16 80.52 -56.20
C GLN ZB 149 -17.65 80.68 -56.09
N TYR ZB 150 -17.12 81.88 -56.35
CA TYR ZB 150 -15.71 82.15 -56.17
C TYR ZB 150 -15.40 83.24 -55.17
N LEU ZB 151 -16.35 84.14 -54.88
CA LEU ZB 151 -16.05 85.33 -54.09
C LEU ZB 151 -16.95 85.52 -52.88
N TRP ZB 152 -18.13 84.92 -52.84
CA TRP ZB 152 -19.05 85.19 -51.75
C TRP ZB 152 -18.59 84.54 -50.46
N MET ZB 153 -18.75 85.26 -49.37
CA MET ZB 153 -18.27 84.82 -48.06
C MET ZB 153 -19.41 84.18 -47.26
N ASP ZB 154 -19.05 83.18 -46.48
CA ASP ZB 154 -20.00 82.59 -45.54
C ASP ZB 154 -20.27 83.56 -44.39
N TYR ZB 155 -21.52 83.62 -43.94
CA TYR ZB 155 -21.87 84.46 -42.81
C TYR ZB 155 -22.66 83.66 -41.79
N VAL ZB 156 -22.23 83.74 -40.54
CA VAL ZB 156 -22.98 83.25 -39.39
C VAL ZB 156 -22.58 84.07 -38.17
N LYS ZB 157 -23.57 84.66 -37.50
CA LYS ZB 157 -23.29 85.39 -36.29
C LYS ZB 157 -23.23 84.43 -35.11
N PRO ZB 158 -22.14 84.37 -34.37
CA PRO ZB 158 -22.09 83.51 -33.17
C PRO ZB 158 -22.87 84.16 -32.05
N GLU ZB 159 -24.05 83.62 -31.78
CA GLU ZB 159 -24.94 84.15 -30.74
C GLU ZB 159 -24.94 83.29 -29.50
N ALA ZB 160 -23.78 82.74 -29.12
CA ALA ZB 160 -23.66 81.90 -27.92
C ALA ZB 160 -22.57 82.46 -27.02
N PRO ZB 161 -22.85 83.53 -26.27
CA PRO ZB 161 -21.87 83.96 -25.26
C PRO ZB 161 -22.05 83.17 -23.97
N ASN ZB 162 -21.56 81.94 -23.98
CA ASN ZB 162 -21.60 81.08 -22.80
C ASN ZB 162 -20.48 81.53 -21.88
N VAL ZB 163 -20.81 82.40 -20.94
CA VAL ZB 163 -19.81 82.99 -20.06
C VAL ZB 163 -19.61 82.07 -18.88
N THR ZB 164 -18.43 81.44 -18.85
CA THR ZB 164 -17.93 80.82 -17.64
C THR ZB 164 -16.95 81.72 -16.91
N LEU ZB 165 -16.19 82.52 -17.65
CA LEU ZB 165 -15.30 83.52 -17.07
C LEU ZB 165 -16.07 84.84 -16.94
N LEU ZB 166 -16.91 84.91 -15.92
CA LEU ZB 166 -17.67 86.12 -15.65
C LEU ZB 166 -16.74 87.24 -15.19
N PRO ZB 167 -16.92 88.46 -15.70
CA PRO ZB 167 -16.05 89.57 -15.30
C PRO ZB 167 -16.32 89.99 -13.85
N LYS ZB 168 -15.31 89.82 -13.01
CA LYS ZB 168 -15.39 90.18 -11.60
C LYS ZB 168 -14.87 91.58 -11.33
N THR ZB 169 -13.67 91.88 -11.82
CA THR ZB 169 -13.02 93.15 -11.59
C THR ZB 169 -12.81 93.88 -12.91
N LYS ZB 170 -12.60 95.20 -12.80
CA LYS ZB 170 -12.45 96.05 -13.97
C LYS ZB 170 -11.16 95.77 -14.72
N ALA ZB 171 -10.15 95.23 -14.04
CA ALA ZB 171 -8.94 94.76 -14.72
C ALA ZB 171 -9.27 93.60 -15.65
N GLU ZB 172 -10.07 92.66 -15.18
CA GLU ZB 172 -10.54 91.56 -16.02
C GLU ZB 172 -11.39 92.08 -17.17
N LYS ZB 173 -12.25 93.08 -16.89
CA LYS ZB 173 -13.09 93.67 -17.93
C LYS ZB 173 -12.24 94.34 -19.01
N GLU ZB 174 -11.19 95.05 -18.61
CA GLU ZB 174 -10.39 95.78 -19.58
C GLU ZB 174 -9.48 94.84 -20.38
N ILE ZB 175 -8.93 93.81 -19.75
CA ILE ZB 175 -8.14 92.86 -20.52
C ILE ZB 175 -9.04 92.03 -21.43
N TRP ZB 176 -10.29 91.80 -21.00
CA TRP ZB 176 -11.30 91.20 -21.86
C TRP ZB 176 -11.59 92.09 -23.06
N CYS ZB 177 -11.65 93.39 -22.83
CA CYS ZB 177 -11.87 94.35 -23.92
C CYS ZB 177 -10.71 94.35 -24.91
N ILE ZB 178 -9.47 94.34 -24.41
CA ILE ZB 178 -8.35 94.42 -25.35
C ILE ZB 178 -8.13 93.08 -26.07
N TYR ZB 179 -8.48 91.96 -25.41
CA TYR ZB 179 -8.46 90.68 -26.11
C TYR ZB 179 -9.54 90.63 -27.17
N THR ZB 180 -10.69 91.25 -26.90
CA THR ZB 180 -11.74 91.40 -27.91
C THR ZB 180 -11.25 92.27 -29.07
N GLU ZB 181 -10.46 93.31 -28.76
CA GLU ZB 181 -9.93 94.19 -29.79
C GLU ZB 181 -8.98 93.45 -30.73
N ARG ZB 182 -8.04 92.69 -30.16
CA ARG ZB 182 -7.10 91.99 -31.03
C ARG ZB 182 -7.78 90.83 -31.75
N GLY ZB 183 -8.82 90.24 -31.15
CA GLY ZB 183 -9.60 89.26 -31.87
C GLY ZB 183 -10.37 89.87 -33.02
N TRP ZB 184 -10.88 91.09 -32.83
CA TRP ZB 184 -11.53 91.83 -33.91
C TRP ZB 184 -10.56 92.08 -35.05
N LYS ZB 185 -9.34 92.49 -34.71
CA LYS ZB 185 -8.31 92.73 -35.74
C LYS ZB 185 -7.92 91.45 -36.46
N ASN ZB 186 -7.81 90.35 -35.72
CA ASN ZB 186 -7.47 89.06 -36.33
C ASN ZB 186 -8.56 88.59 -37.27
N GLY ZB 187 -9.83 88.79 -36.89
CA GLY ZB 187 -10.92 88.47 -37.79
C GLY ZB 187 -10.88 89.32 -39.05
N ILE ZB 188 -10.50 90.59 -38.89
CA ILE ZB 188 -10.37 91.50 -40.03
C ILE ZB 188 -9.32 91.00 -41.02
N ASP ZB 189 -8.12 90.70 -40.51
CA ASP ZB 189 -7.06 90.30 -41.43
C ASP ZB 189 -7.29 88.90 -41.99
N GLN ZB 190 -7.95 88.02 -41.21
CA GLN ZB 190 -8.28 86.70 -41.71
C GLN ZB 190 -9.26 86.77 -42.86
N ALA ZB 191 -10.30 87.60 -42.73
CA ALA ZB 191 -11.27 87.77 -43.80
C ALA ZB 191 -10.63 88.41 -45.02
N ASN ZB 192 -9.71 89.36 -44.80
CA ASN ZB 192 -9.00 89.98 -45.92
C ASN ZB 192 -8.14 88.96 -46.64
N THR ZB 193 -7.51 88.05 -45.90
CA THR ZB 193 -6.70 87.01 -46.52
C THR ZB 193 -7.55 86.06 -47.34
N ILE ZB 194 -8.71 85.66 -46.81
CA ILE ZB 194 -9.61 84.77 -47.52
C ILE ZB 194 -10.12 85.42 -48.80
N LEU ZB 195 -10.50 86.70 -48.72
CA LEU ZB 195 -10.96 87.43 -49.89
C LEU ZB 195 -9.86 87.60 -50.92
N GLU ZB 196 -8.61 87.79 -50.46
CA GLU ZB 196 -7.50 87.93 -51.39
C GLU ZB 196 -7.23 86.63 -52.11
N GLU ZB 197 -7.30 85.51 -51.40
CA GLU ZB 197 -7.13 84.20 -52.04
C GLU ZB 197 -8.24 83.93 -53.04
N ASN ZB 198 -9.47 84.33 -52.70
CA ASN ZB 198 -10.60 84.15 -53.59
C ASN ZB 198 -10.44 84.96 -54.88
N ILE ZB 199 -10.06 86.23 -54.74
CA ILE ZB 199 -9.95 87.07 -55.93
C ILE ZB 199 -8.75 86.66 -56.77
N ALA ZB 200 -7.68 86.13 -56.13
CA ALA ZB 200 -6.56 85.61 -56.88
C ALA ZB 200 -6.95 84.37 -57.68
N ARG ZB 201 -7.75 83.49 -57.06
CA ARG ZB 201 -8.18 82.27 -57.75
C ARG ZB 201 -9.08 82.59 -58.93
N ILE ZB 202 -10.00 83.55 -58.77
CA ILE ZB 202 -10.90 83.84 -59.88
C ILE ZB 202 -10.17 84.63 -60.97
N LYS ZB 203 -9.15 85.41 -60.60
CA LYS ZB 203 -8.29 86.04 -61.60
C LYS ZB 203 -7.54 84.99 -62.40
N GLU ZB 204 -7.04 83.95 -61.72
CA GLU ZB 204 -6.35 82.86 -62.40
C GLU ZB 204 -7.27 82.13 -63.36
N ASP ZB 205 -8.52 81.90 -62.94
CA ASP ZB 205 -9.50 81.21 -63.78
C ASP ZB 205 -9.81 82.01 -65.05
N PHE ZB 206 -10.05 83.31 -64.88
CA PHE ZB 206 -10.34 84.17 -66.03
C PHE ZB 206 -9.12 84.30 -66.95
N GLY ZB 207 -7.92 84.34 -66.35
CA GLY ZB 207 -6.71 84.41 -67.15
C GLY ZB 207 -6.47 83.16 -67.96
N GLY ZB 208 -6.80 81.99 -67.38
CA GLY ZB 208 -6.70 80.75 -68.12
C GLY ZB 208 -7.68 80.69 -69.27
N MET ZB 209 -8.90 81.20 -69.05
CA MET ZB 209 -9.90 81.25 -70.12
C MET ZB 209 -9.44 82.16 -71.27
N ILE ZB 210 -8.94 83.34 -70.93
CA ILE ZB 210 -8.52 84.26 -71.99
C ILE ZB 210 -7.23 83.81 -72.64
N LEU ZB 211 -6.41 83.03 -71.93
CA LEU ZB 211 -5.19 82.49 -72.54
C LEU ZB 211 -5.53 81.39 -73.52
N TYR ZB 212 -6.54 80.58 -73.21
CA TYR ZB 212 -7.03 79.61 -74.19
C TYR ZB 212 -7.59 80.30 -75.42
N ARG ZB 213 -8.33 81.40 -75.20
CA ARG ZB 213 -8.86 82.16 -76.32
C ARG ZB 213 -7.75 82.71 -77.21
N LYS ZB 214 -6.69 83.24 -76.59
CA LYS ZB 214 -5.60 83.83 -77.37
C LYS ZB 214 -4.79 82.77 -78.10
N LEU ZB 215 -4.50 81.66 -77.44
CA LEU ZB 215 -3.70 80.65 -78.12
C LEU ZB 215 -4.50 79.85 -79.12
N LEU ZB 216 -5.83 79.84 -79.01
CA LEU ZB 216 -6.65 79.27 -80.07
C LEU ZB 216 -6.73 80.21 -81.25
N ALA ZB 217 -6.80 81.52 -80.99
CA ALA ZB 217 -6.81 82.48 -82.08
C ALA ZB 217 -5.45 82.57 -82.77
N MET ZB 218 -4.38 82.27 -82.06
CA MET ZB 218 -3.03 82.36 -82.59
C MET ZB 218 -2.60 81.07 -83.27
N ASN ZB 219 -3.52 80.10 -83.41
CA ASN ZB 219 -3.26 78.78 -83.99
C ASN ZB 219 -2.14 78.06 -83.23
N MET ZB 220 -2.25 78.07 -81.91
CA MET ZB 220 -1.33 77.32 -81.06
C MET ZB 220 -1.97 76.10 -80.42
N VAL ZB 221 -3.29 76.05 -80.35
CA VAL ZB 221 -4.00 74.89 -79.83
C VAL ZB 221 -4.88 74.32 -80.93
N SER ZB 222 -5.22 73.08 -80.78
CA SER ZB 222 -6.18 72.37 -81.59
C SER ZB 222 -7.60 72.65 -81.09
N PRO ZB 223 -8.55 72.88 -81.98
CA PRO ZB 223 -9.93 73.08 -81.54
C PRO ZB 223 -10.52 71.76 -81.07
N PRO ZB 224 -11.53 71.81 -80.22
CA PRO ZB 224 -12.25 70.58 -79.88
C PRO ZB 224 -13.08 70.09 -81.05
N TYR ZB 225 -13.16 68.77 -81.18
CA TYR ZB 225 -13.95 68.12 -82.22
C TYR ZB 225 -15.03 67.27 -81.57
N VAL ZB 226 -16.27 67.47 -82.00
CA VAL ZB 226 -17.41 66.78 -81.41
C VAL ZB 226 -18.26 66.23 -82.55
N SER ZB 227 -18.59 64.94 -82.48
CA SER ZB 227 -19.43 64.28 -83.45
C SER ZB 227 -20.82 64.07 -82.86
N HIS ZB 228 -21.84 64.46 -83.62
CA HIS ZB 228 -23.23 64.23 -83.23
C HIS ZB 228 -23.86 63.20 -84.14
N THR ZB 229 -24.43 62.16 -83.54
CA THR ZB 229 -25.13 61.10 -84.23
C THR ZB 229 -26.62 61.25 -84.00
N ASP ZB 230 -27.40 61.13 -85.07
CA ASP ZB 230 -28.83 61.38 -85.04
C ASP ZB 230 -29.57 60.12 -85.48
N LEU ZB 231 -30.51 59.69 -84.65
CA LEU ZB 231 -31.40 58.59 -84.97
C LEU ZB 231 -32.83 59.07 -84.82
N GLY ZB 232 -33.74 58.41 -85.54
CA GLY ZB 232 -35.14 58.82 -85.54
C GLY ZB 232 -35.89 58.32 -84.33
N VAL ZB 233 -37.05 57.69 -84.57
CA VAL ZB 233 -37.82 57.14 -83.47
C VAL ZB 233 -37.10 55.92 -82.90
N THR ZB 234 -37.24 55.71 -81.60
CA THR ZB 234 -36.61 54.58 -80.93
C THR ZB 234 -37.40 54.20 -79.70
N GLY ZB 235 -37.27 52.94 -79.31
CA GLY ZB 235 -37.92 52.42 -78.12
C GLY ZB 235 -38.93 51.35 -78.46
N ASP ZB 236 -39.58 50.85 -77.41
CA ASP ZB 236 -40.58 49.81 -77.53
C ASP ZB 236 -41.95 50.44 -77.78
N GLY ZB 237 -43.02 49.65 -77.64
CA GLY ZB 237 -44.36 50.17 -77.77
C GLY ZB 237 -44.87 50.93 -76.57
N SER ZB 238 -44.10 51.00 -75.49
CA SER ZB 238 -44.47 51.76 -74.31
C SER ZB 238 -43.64 53.01 -74.10
N GLU ZB 239 -42.38 53.01 -74.54
CA GLU ZB 239 -41.52 54.18 -74.47
C GLU ZB 239 -41.07 54.52 -75.88
N ILE ZB 240 -41.25 55.78 -76.27
CA ILE ZB 240 -40.74 56.22 -77.57
C ILE ZB 240 -40.06 57.57 -77.42
N HIS ZB 241 -38.91 57.71 -78.06
CA HIS ZB 241 -38.18 58.96 -78.14
C HIS ZB 241 -38.26 59.45 -79.57
N ILE ZB 242 -38.43 60.77 -79.75
CA ILE ZB 242 -38.70 61.29 -81.08
C ILE ZB 242 -37.44 61.31 -81.93
N ASP ZB 243 -36.38 61.94 -81.44
CA ASP ZB 243 -35.19 62.17 -82.26
C ASP ZB 243 -33.96 62.09 -81.36
N ASP ZB 244 -33.36 60.90 -81.29
CA ASP ZB 244 -32.20 60.72 -80.42
C ASP ZB 244 -31.00 61.40 -81.06
N ARG ZB 245 -30.34 62.26 -80.28
CA ARG ZB 245 -29.20 63.00 -80.79
C ARG ZB 245 -28.11 62.95 -79.73
N VAL ZB 246 -27.02 62.25 -80.03
CA VAL ZB 246 -25.95 62.02 -79.07
C VAL ZB 246 -24.66 62.55 -79.67
N LEU ZB 247 -24.06 63.52 -78.99
CA LEU ZB 247 -22.83 64.14 -79.46
C LEU ZB 247 -21.73 63.91 -78.44
N ARG ZB 248 -20.59 63.45 -78.92
CA ARG ZB 248 -19.44 63.15 -78.09
C ARG ZB 248 -18.28 64.00 -78.54
N ILE ZB 249 -17.58 64.62 -77.59
CA ILE ZB 249 -16.38 65.36 -77.92
C ILE ZB 249 -15.24 64.34 -78.00
N THR ZB 250 -14.87 63.99 -79.22
CA THR ZB 250 -13.83 62.98 -79.42
C THR ZB 250 -12.46 63.54 -79.11
N ALA ZB 251 -12.18 64.76 -79.55
CA ALA ZB 251 -10.83 65.32 -79.52
C ALA ZB 251 -10.74 66.42 -78.48
N LEU ZB 252 -9.87 66.23 -77.51
CA LEU ZB 252 -9.55 67.28 -76.57
C LEU ZB 252 -8.64 68.31 -77.22
N PRO ZB 253 -8.73 69.57 -76.80
CA PRO ZB 253 -7.75 70.57 -77.25
C PRO ZB 253 -6.36 70.27 -76.71
N GLU ZB 254 -5.35 70.65 -77.48
CA GLU ZB 254 -3.96 70.40 -77.12
C GLU ZB 254 -3.09 71.42 -77.82
N LEU ZB 255 -1.82 71.47 -77.43
CA LEU ZB 255 -0.89 72.45 -77.97
C LEU ZB 255 -0.06 71.86 -79.09
N ASN ZB 256 -0.07 72.52 -80.25
CA ASN ZB 256 0.72 72.03 -81.38
C ASN ZB 256 2.20 72.29 -81.15
N VAL ZB 257 3.02 71.40 -81.68
CA VAL ZB 257 4.47 71.47 -81.47
C VAL ZB 257 5.23 71.69 -82.76
N ASN ZB 258 4.60 71.57 -83.92
CA ASN ZB 258 5.33 71.70 -85.17
C ASN ZB 258 5.60 73.17 -85.48
N SER ZB 259 6.44 73.39 -86.48
CA SER ZB 259 6.93 74.72 -86.81
C SER ZB 259 6.06 75.45 -87.81
N ALA ZB 260 4.94 74.88 -88.23
CA ALA ZB 260 4.14 75.48 -89.27
C ALA ZB 260 2.93 76.26 -88.75
N GLU ZB 261 2.37 75.86 -87.62
CA GLU ZB 261 1.10 76.41 -87.17
C GLU ZB 261 1.24 77.77 -86.50
N TRP ZB 262 2.46 78.24 -86.31
CA TRP ZB 262 2.68 79.48 -85.57
C TRP ZB 262 2.27 80.68 -86.40
N ARG ZB 263 1.52 81.59 -85.77
CA ARG ZB 263 0.94 82.75 -86.43
C ARG ZB 263 1.45 84.01 -85.74
N ALA ZB 264 1.80 85.01 -86.53
CA ALA ZB 264 2.37 86.25 -86.02
C ALA ZB 264 1.41 87.41 -86.24
N ALA ZB 265 1.58 88.45 -85.42
CA ALA ZB 265 0.74 89.63 -85.48
C ALA ZB 265 1.60 90.87 -85.24
N VAL ZB 266 1.09 92.01 -85.69
CA VAL ZB 266 1.79 93.28 -85.52
C VAL ZB 266 0.74 94.39 -85.44
N ALA ZB 267 0.80 95.20 -84.38
CA ALA ZB 267 -0.18 96.25 -84.17
C ALA ZB 267 0.18 97.47 -85.01
N LYS ZB 268 -0.68 98.49 -84.93
CA LYS ZB 268 -0.45 99.74 -85.64
C LYS ZB 268 -0.56 100.92 -84.68
N ARG AC 207 -73.86 -15.26 -85.07
CA ARG AC 207 -73.45 -16.50 -84.43
C ARG AC 207 -72.10 -16.34 -83.74
N ILE AC 208 -71.35 -17.44 -83.63
CA ILE AC 208 -70.06 -17.46 -82.96
C ILE AC 208 -68.98 -17.89 -83.94
N ILE AC 209 -67.93 -17.08 -84.07
CA ILE AC 209 -66.82 -17.35 -84.97
C ILE AC 209 -65.64 -17.87 -84.15
N TYR AC 210 -65.09 -18.99 -84.56
CA TYR AC 210 -63.95 -19.60 -83.87
C TYR AC 210 -62.68 -19.26 -84.62
N TYR AC 211 -61.67 -18.83 -83.88
CA TYR AC 211 -60.33 -18.60 -84.39
C TYR AC 211 -59.36 -19.57 -83.74
N ILE AC 212 -58.37 -20.00 -84.50
CA ILE AC 212 -57.29 -20.77 -83.91
C ILE AC 212 -56.44 -19.83 -83.06
N GLN AC 213 -56.20 -20.20 -81.81
CA GLN AC 213 -55.31 -19.46 -80.93
C GLN AC 213 -54.05 -20.24 -80.62
N ALA AC 214 -54.18 -21.51 -80.24
CA ALA AC 214 -53.05 -22.40 -80.03
C ALA AC 214 -53.31 -23.69 -80.78
N VAL AC 215 -52.30 -24.16 -81.51
CA VAL AC 215 -52.43 -25.36 -82.32
C VAL AC 215 -51.20 -26.24 -82.08
N ILE AC 216 -51.45 -27.48 -81.66
CA ILE AC 216 -50.40 -28.49 -81.55
C ILE AC 216 -50.84 -29.68 -82.39
N PRO AC 217 -49.98 -30.64 -82.68
CA PRO AC 217 -50.49 -31.94 -83.15
C PRO AC 217 -51.34 -32.59 -82.08
N GLY AC 218 -52.51 -33.09 -82.49
CA GLY AC 218 -53.45 -33.66 -81.55
C GLY AC 218 -54.52 -32.71 -81.05
N ARG AC 219 -54.13 -31.67 -80.32
CA ARG AC 219 -55.09 -30.76 -79.71
C ARG AC 219 -55.10 -29.42 -80.43
N ALA AC 220 -56.24 -28.73 -80.33
CA ALA AC 220 -56.37 -27.42 -80.95
C ALA AC 220 -57.18 -26.51 -80.04
N TRP AC 221 -56.73 -25.27 -79.91
CA TRP AC 221 -57.37 -24.29 -79.04
C TRP AC 221 -58.07 -23.23 -79.89
N LEU AC 222 -59.35 -23.02 -79.64
CA LEU AC 222 -60.18 -22.12 -80.41
C LEU AC 222 -60.78 -21.06 -79.50
N ILE AC 223 -60.68 -19.81 -79.94
CA ILE AC 223 -61.29 -18.68 -79.27
C ILE AC 223 -62.58 -18.34 -80.01
N GLY AC 224 -63.69 -18.31 -79.28
CA GLY AC 224 -64.98 -18.04 -79.85
C GLY AC 224 -65.26 -16.55 -79.99
N SER AC 225 -66.54 -16.24 -80.22
CA SER AC 225 -66.95 -14.85 -80.37
C SER AC 225 -66.97 -14.12 -79.03
N ASN AC 226 -67.31 -14.81 -77.95
CA ASN AC 226 -67.30 -14.19 -76.63
C ASN AC 226 -65.90 -14.00 -76.06
N GLY AC 227 -64.89 -14.60 -76.68
CA GLY AC 227 -63.52 -14.50 -76.22
C GLY AC 227 -62.99 -15.72 -75.48
N SER AC 228 -63.87 -16.64 -75.09
CA SER AC 228 -63.42 -17.83 -74.38
C SER AC 228 -62.72 -18.78 -75.34
N THR AC 229 -61.63 -19.39 -74.86
CA THR AC 229 -60.82 -20.32 -75.64
C THR AC 229 -60.91 -21.70 -75.03
N LEU AC 230 -61.21 -22.70 -75.87
CA LEU AC 230 -61.31 -24.08 -75.44
C LEU AC 230 -60.58 -24.98 -76.41
N THR AC 231 -60.01 -26.06 -75.88
CA THR AC 231 -59.29 -27.02 -76.69
C THR AC 231 -60.17 -28.21 -77.06
N VAL AC 232 -59.76 -28.91 -78.10
CA VAL AC 232 -60.51 -30.03 -78.65
C VAL AC 232 -59.54 -30.97 -79.36
N ARG AC 233 -60.00 -32.20 -79.59
CA ARG AC 233 -59.26 -33.25 -80.26
C ARG AC 233 -59.69 -33.31 -81.73
N GLU AC 234 -59.24 -34.35 -82.43
CA GLU AC 234 -59.56 -34.49 -83.85
C GLU AC 234 -61.02 -34.88 -84.05
N GLY AC 235 -61.41 -36.05 -83.55
CA GLY AC 235 -62.77 -36.49 -83.76
C GLY AC 235 -63.69 -36.02 -82.66
N SER AC 236 -64.37 -34.90 -82.89
CA SER AC 236 -65.26 -34.32 -81.89
C SER AC 236 -66.22 -33.37 -82.60
N LYS AC 237 -67.40 -33.22 -82.01
CA LYS AC 237 -68.46 -32.41 -82.61
C LYS AC 237 -68.29 -30.95 -82.19
N ILE AC 238 -68.27 -30.07 -83.17
CA ILE AC 238 -68.08 -28.64 -82.95
C ILE AC 238 -69.46 -27.99 -82.85
N PRO AC 239 -69.75 -27.26 -81.77
CA PRO AC 239 -71.01 -26.50 -81.70
C PRO AC 239 -71.00 -25.36 -82.71
N GLY AC 240 -71.94 -25.42 -83.66
CA GLY AC 240 -72.07 -24.42 -84.70
C GLY AC 240 -71.54 -24.83 -86.05
N TYR AC 241 -70.74 -25.89 -86.12
CA TYR AC 241 -70.20 -26.34 -87.41
C TYR AC 241 -70.30 -27.85 -87.57
N GLY AC 242 -71.02 -28.54 -86.69
CA GLY AC 242 -71.25 -29.97 -86.88
C GLY AC 242 -70.18 -30.86 -86.30
N MET AC 243 -69.27 -31.32 -87.16
CA MET AC 243 -68.23 -32.27 -86.78
C MET AC 243 -66.90 -31.83 -87.35
N VAL AC 244 -65.86 -31.85 -86.51
CA VAL AC 244 -64.51 -31.51 -86.95
C VAL AC 244 -64.00 -32.63 -87.84
N LYS AC 245 -63.74 -32.31 -89.12
CA LYS AC 245 -63.32 -33.34 -90.07
C LYS AC 245 -61.85 -33.68 -89.92
N LEU AC 246 -60.97 -32.71 -90.13
CA LEU AC 246 -59.53 -32.95 -90.07
C LEU AC 246 -58.85 -31.78 -89.36
N ILE AC 247 -57.68 -32.07 -88.81
CA ILE AC 247 -56.84 -31.07 -88.16
C ILE AC 247 -55.46 -31.13 -88.80
N ASP AC 248 -55.00 -29.99 -89.33
CA ASP AC 248 -53.68 -29.87 -89.93
C ASP AC 248 -52.94 -28.75 -89.20
N SER AC 249 -51.92 -29.13 -88.43
CA SER AC 249 -51.13 -28.14 -87.70
C SER AC 249 -50.33 -27.26 -88.63
N LEU AC 250 -49.82 -27.81 -89.73
CA LEU AC 250 -49.26 -26.96 -90.77
C LEU AC 250 -50.38 -26.20 -91.47
N GLN AC 251 -50.11 -24.93 -91.75
CA GLN AC 251 -51.02 -23.95 -92.35
C GLN AC 251 -52.29 -23.69 -91.54
N GLY AC 252 -52.36 -24.19 -90.30
CA GLY AC 252 -53.42 -23.89 -89.35
C GLY AC 252 -54.83 -24.21 -89.80
N ARG AC 253 -55.07 -25.42 -90.26
CA ARG AC 253 -56.34 -25.75 -90.91
C ARG AC 253 -57.17 -26.65 -90.00
N ILE AC 254 -58.43 -26.28 -89.78
CA ILE AC 254 -59.39 -27.16 -89.12
C ILE AC 254 -60.61 -27.28 -90.03
N LEU AC 255 -60.88 -28.50 -90.48
CA LEU AC 255 -62.01 -28.74 -91.38
C LEU AC 255 -63.23 -29.18 -90.58
N THR AC 256 -64.38 -28.60 -90.93
CA THR AC 256 -65.64 -28.93 -90.28
C THR AC 256 -66.53 -29.75 -91.21
N SER AC 257 -67.55 -30.37 -90.62
CA SER AC 257 -68.56 -31.05 -91.42
C SER AC 257 -69.56 -30.08 -92.03
N SER AC 258 -69.55 -28.82 -91.63
CA SER AC 258 -70.41 -27.80 -92.20
C SER AC 258 -69.83 -27.19 -93.47
N GLY AC 259 -68.65 -27.61 -93.89
CA GLY AC 259 -67.99 -26.98 -95.01
C GLY AC 259 -67.25 -25.72 -94.65
N GLN AC 260 -66.63 -25.67 -93.47
CA GLN AC 260 -65.94 -24.50 -92.99
C GLN AC 260 -64.52 -24.84 -92.56
N VAL AC 261 -63.67 -23.82 -92.56
CA VAL AC 261 -62.26 -23.95 -92.19
C VAL AC 261 -61.96 -22.95 -91.09
N ILE AC 262 -61.43 -23.44 -89.98
CA ILE AC 262 -61.02 -22.60 -88.87
C ILE AC 262 -59.51 -22.41 -88.95
N LYS AC 263 -59.07 -21.17 -88.81
CA LYS AC 263 -57.66 -20.81 -88.85
C LYS AC 263 -57.44 -19.62 -87.91
N PHE AC 264 -56.31 -18.96 -88.06
CA PHE AC 264 -56.03 -17.71 -87.34
C PHE AC 264 -56.66 -16.54 -88.08
N SER AC 265 -56.35 -15.33 -87.63
CA SER AC 265 -56.91 -14.13 -88.23
C SER AC 265 -55.97 -13.57 -89.30
N GLN AC 266 -56.52 -12.63 -90.09
CA GLN AC 266 -55.69 -11.94 -91.07
C GLN AC 266 -54.76 -10.93 -90.39
N GLU AC 267 -55.28 -10.17 -89.44
CA GLU AC 267 -54.46 -9.22 -88.72
C GLU AC 267 -53.65 -9.89 -87.61
N ASP AC 268 -54.02 -11.10 -87.20
CA ASP AC 268 -53.36 -11.81 -86.12
C ASP AC 268 -52.75 -13.08 -86.72
N SER AC 269 -51.47 -13.02 -87.02
CA SER AC 269 -50.77 -14.15 -87.64
C SER AC 269 -49.28 -14.11 -87.36
N GLN BC 791 -18.21 -37.44 -111.91
CA GLN BC 791 -18.62 -38.82 -112.15
C GLN BC 791 -18.20 -39.70 -110.98
N GLN BC 792 -16.92 -40.08 -110.96
CA GLN BC 792 -16.36 -40.84 -109.85
C GLN BC 792 -15.79 -39.94 -108.75
N GLU BC 793 -15.97 -38.63 -108.87
CA GLU BC 793 -15.57 -37.68 -107.85
C GLU BC 793 -16.71 -37.34 -106.89
N ILE BC 794 -17.70 -38.22 -106.80
CA ILE BC 794 -18.86 -38.00 -105.93
C ILE BC 794 -18.43 -37.98 -104.46
N GLN BC 795 -17.55 -38.92 -104.08
CA GLN BC 795 -17.25 -39.19 -102.68
C GLN BC 795 -16.49 -38.03 -102.04
N GLN BC 796 -15.56 -37.44 -102.79
CA GLN BC 796 -14.91 -36.24 -102.29
C GLN BC 796 -15.88 -35.05 -102.31
N ARG BC 797 -16.75 -34.99 -103.31
CA ARG BC 797 -17.77 -33.95 -103.35
C ARG BC 797 -18.89 -34.22 -102.36
N THR BC 798 -19.04 -35.48 -101.93
CA THR BC 798 -19.92 -35.75 -100.80
C THR BC 798 -19.29 -35.30 -99.50
N SER BC 799 -18.01 -35.59 -99.31
CA SER BC 799 -17.39 -35.45 -98.00
C SER BC 799 -17.11 -33.99 -97.66
N ASP BC 800 -16.70 -33.20 -98.64
CA ASP BC 800 -16.15 -31.87 -98.36
C ASP BC 800 -17.20 -30.91 -97.83
N MET BC 801 -18.44 -31.04 -98.29
CA MET BC 801 -19.52 -30.21 -97.76
C MET BC 801 -20.32 -30.90 -96.68
N LEU BC 802 -20.20 -32.23 -96.54
CA LEU BC 802 -20.72 -32.90 -95.36
C LEU BC 802 -19.99 -32.45 -94.11
N THR BC 803 -18.68 -32.22 -94.23
CA THR BC 803 -17.92 -31.61 -93.16
C THR BC 803 -18.43 -30.21 -92.84
N ALA BC 804 -18.77 -29.46 -93.89
CA ALA BC 804 -19.43 -28.19 -93.68
C ALA BC 804 -20.84 -28.39 -93.12
N ALA BC 805 -21.52 -29.46 -93.56
CA ALA BC 805 -22.84 -29.76 -93.03
C ALA BC 805 -22.78 -30.21 -91.58
N THR BC 806 -21.82 -31.08 -91.25
CA THR BC 806 -21.73 -31.53 -89.86
C THR BC 806 -21.14 -30.46 -88.96
N GLN BC 807 -20.49 -29.44 -89.52
CA GLN BC 807 -20.15 -28.26 -88.74
C GLN BC 807 -21.39 -27.44 -88.46
N LEU BC 808 -22.23 -27.23 -89.46
CA LEU BC 808 -23.28 -26.23 -89.35
C LEU BC 808 -24.48 -26.72 -88.56
N VAL BC 809 -24.62 -28.03 -88.34
CA VAL BC 809 -25.79 -28.53 -87.63
C VAL BC 809 -25.72 -28.18 -86.15
N GLN BC 810 -24.55 -28.34 -85.53
CA GLN BC 810 -24.40 -28.03 -84.12
C GLN BC 810 -24.36 -26.54 -83.86
N ASP BC 811 -24.11 -25.74 -84.89
CA ASP BC 811 -24.20 -24.29 -84.77
C ASP BC 811 -25.64 -23.81 -84.62
N TRP BC 812 -26.62 -24.64 -84.94
CA TRP BC 812 -28.03 -24.30 -84.79
C TRP BC 812 -28.67 -25.08 -83.65
N LYS BC 813 -27.90 -25.32 -82.60
CA LYS BC 813 -28.39 -26.02 -81.41
C LYS BC 813 -28.25 -25.20 -80.13
N GLN BC 814 -27.19 -24.41 -80.02
CA GLN BC 814 -26.90 -23.69 -78.79
C GLN BC 814 -27.85 -22.52 -78.60
N VAL BC 815 -28.15 -22.23 -77.33
CA VAL BC 815 -28.93 -21.07 -76.94
C VAL BC 815 -28.52 -20.67 -75.53
N GLU BC 816 -28.11 -19.43 -75.35
CA GLU BC 816 -27.70 -18.97 -74.05
C GLU BC 816 -28.89 -18.44 -73.27
N THR BC 817 -28.71 -18.35 -71.96
CA THR BC 817 -29.73 -17.82 -71.06
C THR BC 817 -29.42 -16.36 -70.78
N GLN BC 818 -30.45 -15.52 -70.89
CA GLN BC 818 -30.28 -14.10 -70.62
C GLN BC 818 -30.05 -13.86 -69.13
N VAL BC 819 -29.46 -12.70 -68.83
CA VAL BC 819 -29.13 -12.31 -67.47
C VAL BC 819 -30.02 -11.14 -67.09
N TYR BC 820 -30.79 -11.31 -66.02
CA TYR BC 820 -31.67 -10.26 -65.52
C TYR BC 820 -30.85 -9.28 -64.70
N THR BC 821 -30.87 -8.01 -65.10
CA THR BC 821 -30.06 -6.98 -64.47
C THR BC 821 -30.97 -5.97 -63.77
N GLU BC 822 -30.53 -5.51 -62.60
CA GLU BC 822 -31.35 -4.66 -61.77
C GLU BC 822 -30.62 -3.37 -61.42
N GLY BC 823 -31.23 -2.56 -60.55
CA GLY BC 823 -30.58 -1.34 -60.09
C GLY BC 823 -31.31 -0.79 -58.90
N THR BC 824 -30.57 0.01 -58.11
CA THR BC 824 -31.13 0.65 -56.94
C THR BC 824 -30.53 2.04 -56.72
N ALA CC 104 21.28 -7.55 -120.20
CA ALA CC 104 21.00 -8.11 -118.88
C ALA CC 104 20.40 -7.05 -117.97
N GLU CC 105 19.19 -6.61 -118.29
CA GLU CC 105 18.51 -5.57 -117.52
C GLU CC 105 17.02 -5.79 -117.32
N VAL CC 106 16.40 -6.70 -118.05
CA VAL CC 106 14.96 -6.96 -117.88
C VAL CC 106 14.66 -7.82 -116.67
N ILE CC 107 15.69 -8.35 -116.03
CA ILE CC 107 15.54 -9.29 -114.91
C ILE CC 107 14.87 -8.60 -113.73
N ASP CC 108 15.26 -7.34 -113.46
CA ASP CC 108 14.70 -6.60 -112.34
C ASP CC 108 13.22 -6.35 -112.51
N LYS CC 109 12.80 -5.94 -113.71
CA LYS CC 109 11.39 -5.67 -113.97
C LYS CC 109 10.56 -6.95 -113.91
N LYS CC 110 11.04 -8.02 -114.56
CA LYS CC 110 10.30 -9.27 -114.59
C LYS CC 110 10.19 -9.90 -113.20
N ALA CC 111 11.30 -9.91 -112.46
CA ALA CC 111 11.29 -10.42 -111.10
C ALA CC 111 10.43 -9.56 -110.18
N PHE CC 112 10.40 -8.25 -110.41
CA PHE CC 112 9.55 -7.38 -109.62
C PHE CC 112 8.07 -7.67 -109.86
N LYS CC 113 7.71 -7.91 -111.13
CA LYS CC 113 6.33 -8.27 -111.45
C LYS CC 113 5.93 -9.60 -110.81
N ASP CC 114 6.82 -10.59 -110.91
CA ASP CC 114 6.53 -11.90 -110.34
C ASP CC 114 6.47 -11.86 -108.82
N MET CC 115 7.34 -11.08 -108.19
CA MET CC 115 7.35 -10.97 -106.74
C MET CC 115 6.12 -10.23 -106.24
N THR CC 116 5.68 -9.20 -106.98
CA THR CC 116 4.47 -8.49 -106.62
C THR CC 116 3.24 -9.39 -106.73
N ARG CC 117 3.15 -10.17 -107.80
CA ARG CC 117 2.02 -11.07 -107.98
C ARG CC 117 2.05 -12.22 -106.96
N ASN CC 118 3.24 -12.68 -106.58
CA ASN CC 118 3.33 -13.70 -105.53
C ASN CC 118 2.96 -13.14 -104.17
N LEU CC 119 3.31 -11.87 -103.91
CA LEU CC 119 2.95 -11.23 -102.66
C LEU CC 119 1.44 -11.07 -102.54
N TYR CC 120 0.80 -10.58 -103.61
CA TYR CC 120 -0.65 -10.40 -103.63
C TYR CC 120 -1.21 -11.23 -104.77
N PRO CC 121 -1.63 -12.46 -104.51
CA PRO CC 121 -2.17 -13.33 -105.56
C PRO CC 121 -3.64 -13.10 -105.89
N LEU CC 122 -4.26 -12.04 -105.38
CA LEU CC 122 -5.66 -11.76 -105.67
C LEU CC 122 -5.85 -10.28 -105.95
N ASN CC 123 -6.76 -9.97 -106.88
CA ASN CC 123 -7.06 -8.59 -107.19
C ASN CC 123 -7.88 -7.95 -106.08
N PRO CC 124 -7.78 -6.63 -105.90
CA PRO CC 124 -8.71 -5.94 -104.99
C PRO CC 124 -10.16 -6.06 -105.39
N GLU CC 125 -10.44 -6.10 -106.70
CA GLU CC 125 -11.81 -6.36 -107.16
C GLU CC 125 -12.25 -7.75 -106.75
N GLN CC 126 -11.36 -8.74 -106.85
CA GLN CC 126 -11.65 -10.09 -106.37
C GLN CC 126 -11.86 -10.10 -104.86
N VAL CC 127 -11.12 -9.25 -104.14
CA VAL CC 127 -11.28 -9.11 -102.69
C VAL CC 127 -12.68 -8.60 -102.35
N VAL CC 128 -13.14 -7.59 -103.08
CA VAL CC 128 -14.49 -7.06 -102.87
C VAL CC 128 -15.54 -8.11 -103.23
N LYS CC 129 -15.29 -8.87 -104.30
CA LYS CC 129 -16.21 -9.94 -104.71
C LYS CC 129 -16.32 -11.02 -103.65
N LEU CC 130 -15.18 -11.46 -103.11
CA LEU CC 130 -15.22 -12.52 -102.11
C LEU CC 130 -15.75 -12.00 -100.77
N LYS CC 131 -15.57 -10.71 -100.48
CA LYS CC 131 -16.20 -10.14 -99.30
C LYS CC 131 -17.71 -10.08 -99.46
N GLN CC 132 -18.19 -9.81 -100.68
CA GLN CC 132 -19.61 -9.89 -100.97
C GLN CC 132 -20.12 -11.31 -100.82
N ILE CC 133 -19.30 -12.29 -101.25
CA ILE CC 133 -19.65 -13.70 -101.06
C ILE CC 133 -19.72 -14.05 -99.58
N TYR CC 134 -18.81 -13.49 -98.79
CA TYR CC 134 -18.82 -13.68 -97.34
C TYR CC 134 -20.07 -13.08 -96.72
N GLU CC 135 -20.48 -11.90 -97.18
CA GLU CC 135 -21.72 -11.30 -96.72
C GLU CC 135 -22.93 -12.13 -97.11
N THR CC 136 -22.89 -12.73 -98.31
CA THR CC 136 -23.95 -13.60 -98.77
C THR CC 136 -24.06 -14.85 -97.89
N SER CC 137 -22.91 -15.42 -97.54
CA SER CC 137 -22.88 -16.58 -96.65
C SER CC 137 -23.40 -16.22 -95.27
N GLU CC 138 -23.03 -15.04 -94.78
CA GLU CC 138 -23.51 -14.58 -93.47
C GLU CC 138 -25.02 -14.36 -93.47
N TYR CC 139 -25.55 -13.79 -94.55
CA TYR CC 139 -26.99 -13.58 -94.66
C TYR CC 139 -27.73 -14.89 -94.77
N ALA CC 140 -27.16 -15.86 -95.50
CA ALA CC 140 -27.78 -17.18 -95.58
C ALA CC 140 -27.72 -17.93 -94.26
N LYS CC 141 -26.67 -17.71 -93.48
CA LYS CC 141 -26.56 -18.31 -92.16
C LYS CC 141 -27.59 -17.73 -91.20
N ALA CC 142 -27.69 -16.40 -91.17
CA ALA CC 142 -28.63 -15.76 -90.25
C ALA CC 142 -30.05 -15.72 -90.78
N ALA CC 143 -30.29 -16.22 -92.00
CA ALA CC 143 -31.64 -16.27 -92.54
C ALA CC 143 -32.47 -17.31 -91.78
N THR CC 144 -33.71 -16.94 -91.48
CA THR CC 144 -34.62 -17.81 -90.74
C THR CC 144 -35.74 -18.27 -91.66
N PRO CC 145 -35.81 -19.56 -92.01
CA PRO CC 145 -36.88 -20.04 -92.90
C PRO CC 145 -38.24 -20.06 -92.21
N GLY CC 146 -39.29 -20.21 -93.00
CA GLY CC 146 -40.63 -20.21 -92.47
C GLY CC 146 -41.10 -18.80 -92.13
N THR CC 147 -42.25 -18.76 -91.48
CA THR CC 147 -42.84 -17.48 -91.10
C THR CC 147 -42.36 -17.08 -89.73
N PRO CC 148 -41.76 -15.90 -89.59
CA PRO CC 148 -41.47 -15.37 -88.26
C PRO CC 148 -42.77 -15.04 -87.54
N PRO CC 149 -42.82 -15.19 -86.22
CA PRO CC 149 -44.06 -14.92 -85.50
C PRO CC 149 -44.35 -13.43 -85.42
N LYS CC 150 -45.63 -13.11 -85.41
CA LYS CC 150 -46.04 -11.71 -85.30
C LYS CC 150 -45.92 -11.26 -83.84
N PRO CC 151 -45.24 -10.14 -83.57
CA PRO CC 151 -45.06 -9.70 -82.19
C PRO CC 151 -46.35 -9.20 -81.56
N THR CC 152 -46.91 -9.98 -80.65
CA THR CC 152 -48.24 -9.72 -80.10
C THR CC 152 -48.16 -9.60 -78.58
N ALA CC 153 -48.69 -8.51 -78.05
CA ALA CC 153 -48.92 -8.36 -76.63
C ALA CC 153 -50.41 -8.50 -76.36
N THR CC 154 -50.75 -9.20 -75.27
CA THR CC 154 -52.14 -9.48 -74.95
C THR CC 154 -52.39 -9.34 -73.46
N SER CC 155 -53.64 -9.06 -73.11
CA SER CC 155 -54.10 -9.02 -71.73
C SER CC 155 -55.30 -9.94 -71.59
N GLN CC 156 -55.18 -10.95 -70.73
CA GLN CC 156 -56.21 -11.96 -70.55
C GLN CC 156 -56.56 -12.09 -69.08
N PHE CC 157 -57.67 -12.76 -68.82
CA PHE CC 157 -58.20 -12.94 -67.48
C PHE CC 157 -58.11 -14.40 -67.09
N VAL CC 158 -57.55 -14.65 -65.92
CA VAL CC 158 -57.46 -16.00 -65.36
C VAL CC 158 -58.84 -16.40 -64.86
N ASN CC 159 -59.28 -17.58 -65.26
CA ASN CC 159 -60.59 -18.09 -64.86
C ASN CC 159 -60.40 -19.17 -63.78
N LEU CC 160 -61.25 -19.11 -62.75
CA LEU CC 160 -61.20 -20.07 -61.65
C LEU CC 160 -62.31 -21.11 -61.74
N SER CC 161 -62.84 -21.34 -62.94
CA SER CC 161 -63.91 -22.30 -63.12
C SER CC 161 -63.37 -23.73 -62.99
N PRO CC 162 -64.14 -24.64 -62.40
CA PRO CC 162 -63.67 -26.02 -62.23
C PRO CC 162 -63.73 -26.88 -63.47
N GLY CC 163 -64.08 -26.33 -64.63
CA GLY CC 163 -64.09 -27.09 -65.86
C GLY CC 163 -63.39 -26.36 -66.98
N SER CC 164 -63.00 -25.12 -66.73
CA SER CC 164 -62.34 -24.31 -67.74
C SER CC 164 -60.93 -24.80 -67.98
N THR CC 165 -60.55 -24.87 -69.25
CA THR CC 165 -59.19 -25.23 -69.61
C THR CC 165 -58.25 -24.08 -69.25
N PRO CC 166 -57.05 -24.38 -68.75
CA PRO CC 166 -56.13 -23.31 -68.36
C PRO CC 166 -55.58 -22.59 -69.59
N PRO CC 167 -55.23 -21.32 -69.46
CA PRO CC 167 -54.71 -20.56 -70.59
C PRO CC 167 -53.33 -21.04 -71.03
N VAL CC 168 -53.09 -20.86 -72.33
CA VAL CC 168 -51.87 -21.28 -73.01
C VAL CC 168 -51.03 -20.05 -73.33
N ILE CC 169 -49.73 -20.15 -73.09
CA ILE CC 169 -48.79 -19.08 -73.38
C ILE CC 169 -47.93 -19.49 -74.56
N ARG CC 170 -47.90 -18.65 -75.59
CA ARG CC 170 -47.07 -18.92 -76.75
C ARG CC 170 -45.66 -18.39 -76.54
N LEU CC 171 -44.67 -19.19 -76.93
CA LEU CC 171 -43.28 -18.81 -76.80
C LEU CC 171 -42.54 -19.16 -78.10
N SER CC 172 -41.25 -18.86 -78.13
CA SER CC 172 -40.40 -19.21 -79.25
C SER CC 172 -38.98 -19.40 -78.74
N GLN CC 173 -38.27 -20.37 -79.32
CA GLN CC 173 -36.92 -20.67 -78.88
C GLN CC 173 -35.97 -19.55 -79.28
N GLY CC 174 -35.35 -18.93 -78.30
CA GLY CC 174 -34.49 -17.79 -78.51
C GLY CC 174 -35.08 -16.44 -78.19
N PHE CC 175 -36.31 -16.39 -77.66
CA PHE CC 175 -36.93 -15.14 -77.28
C PHE CC 175 -37.62 -15.28 -75.93
N VAL CC 176 -37.90 -14.12 -75.33
CA VAL CC 176 -38.40 -14.04 -73.95
C VAL CC 176 -39.86 -13.60 -73.99
N SER CC 177 -40.70 -14.33 -73.26
CA SER CC 177 -42.08 -13.93 -73.02
C SER CC 177 -42.17 -13.35 -71.61
N SER CC 178 -42.89 -12.25 -71.48
CA SER CC 178 -42.98 -11.50 -70.23
C SER CC 178 -44.39 -11.57 -69.69
N LEU CC 179 -44.54 -12.07 -68.47
CA LEU CC 179 -45.83 -12.24 -67.83
C LEU CC 179 -45.96 -11.26 -66.68
N VAL CC 180 -47.04 -10.49 -66.68
CA VAL CC 180 -47.32 -9.52 -65.63
C VAL CC 180 -48.69 -9.85 -65.05
N PHE CC 181 -48.77 -9.96 -63.71
CA PHE CC 181 -49.94 -10.49 -63.04
C PHE CC 181 -50.64 -9.41 -62.24
N LEU CC 182 -51.97 -9.43 -62.27
CA LEU CC 182 -52.80 -8.46 -61.58
C LEU CC 182 -53.95 -9.17 -60.88
N ASP CC 183 -54.57 -8.45 -59.95
CA ASP CC 183 -55.81 -8.88 -59.32
C ASP CC 183 -56.98 -8.56 -60.24
N SER CC 184 -58.20 -8.58 -59.69
CA SER CC 184 -59.40 -8.38 -60.49
C SER CC 184 -59.52 -6.95 -61.01
N THR CC 185 -59.23 -5.96 -60.16
CA THR CC 185 -59.33 -4.57 -60.60
C THR CC 185 -58.19 -4.20 -61.53
N GLY CC 186 -56.97 -4.58 -61.18
CA GLY CC 186 -55.83 -4.25 -62.00
C GLY CC 186 -54.59 -3.80 -61.24
N ALA CC 187 -54.64 -3.84 -59.91
CA ALA CC 187 -53.46 -3.59 -59.13
C ALA CC 187 -52.46 -4.74 -59.30
N PRO CC 188 -51.16 -4.46 -59.19
CA PRO CC 188 -50.17 -5.55 -59.22
C PRO CC 188 -50.37 -6.52 -58.07
N TRP CC 189 -50.20 -7.80 -58.38
CA TRP CC 189 -50.56 -8.89 -57.47
C TRP CC 189 -49.37 -9.84 -57.37
N PRO CC 190 -48.50 -9.65 -56.39
CA PRO CC 190 -47.24 -10.42 -56.33
C PRO CC 190 -47.46 -11.86 -55.90
N ILE CC 191 -46.44 -12.66 -56.18
CA ILE CC 191 -46.50 -14.10 -55.97
C ILE CC 191 -45.63 -14.46 -54.76
N ALA CC 192 -45.82 -15.68 -54.26
CA ALA CC 192 -45.08 -16.18 -53.10
C ALA CC 192 -44.13 -17.31 -53.46
N ALA CC 193 -44.55 -18.24 -54.32
CA ALA CC 193 -43.72 -19.36 -54.73
C ALA CC 193 -44.20 -19.83 -56.09
N TYR CC 194 -43.35 -20.57 -56.78
CA TYR CC 194 -43.73 -21.08 -58.10
C TYR CC 194 -43.02 -22.39 -58.40
N ASP CC 195 -43.39 -22.97 -59.53
CA ASP CC 195 -42.99 -24.33 -59.88
C ASP CC 195 -42.98 -24.45 -61.39
N LEU CC 196 -41.81 -24.79 -61.95
CA LEU CC 196 -41.66 -24.99 -63.37
C LEU CC 196 -41.23 -26.42 -63.65
N GLY CC 197 -41.99 -27.11 -64.50
CA GLY CC 197 -41.56 -28.39 -65.03
C GLY CC 197 -40.63 -28.19 -66.21
N ASP CC 198 -39.60 -29.02 -66.28
CA ASP CC 198 -38.56 -29.04 -67.31
C ASP CC 198 -37.89 -27.69 -67.53
N PRO CC 199 -36.96 -27.27 -66.66
CA PRO CC 199 -36.17 -26.06 -66.95
C PRO CC 199 -35.30 -26.14 -68.21
N SER CC 200 -35.04 -27.33 -68.75
CA SER CC 200 -34.28 -27.42 -70.00
C SER CC 200 -35.06 -26.89 -71.20
N SER CC 201 -36.38 -26.76 -71.10
CA SER CC 201 -37.17 -26.12 -72.13
C SER CC 201 -37.41 -24.64 -71.88
N PHE CC 202 -37.48 -24.22 -70.63
CA PHE CC 202 -37.87 -22.86 -70.29
C PHE CC 202 -36.94 -22.30 -69.22
N ASN CC 203 -36.43 -21.11 -69.44
CA ASN CC 203 -35.59 -20.41 -68.48
C ASN CC 203 -36.44 -19.50 -67.62
N ILE CC 204 -35.90 -19.13 -66.46
CA ILE CC 204 -36.63 -18.30 -65.50
C ILE CC 204 -35.74 -17.12 -65.11
N GLN CC 205 -36.25 -15.92 -65.32
CA GLN CC 205 -35.68 -14.70 -64.75
C GLN CC 205 -36.77 -14.06 -63.89
N TRP CC 206 -36.42 -13.77 -62.63
CA TRP CC 206 -37.46 -13.37 -61.67
C TRP CC 206 -36.83 -12.61 -60.52
N ASP CC 207 -37.31 -11.39 -60.28
CA ASP CC 207 -36.96 -10.65 -59.08
C ASP CC 207 -37.87 -11.08 -57.94
N LYS CC 208 -37.36 -10.89 -56.71
CA LYS CC 208 -37.92 -11.58 -55.54
C LYS CC 208 -39.31 -11.09 -55.17
N THR CC 209 -39.60 -9.81 -55.37
CA THR CC 209 -40.88 -9.25 -54.95
C THR CC 209 -41.89 -9.06 -56.07
N SER CC 210 -41.44 -8.78 -57.28
CA SER CC 210 -42.37 -8.54 -58.38
C SER CC 210 -42.94 -9.85 -58.91
N ASN CC 211 -44.16 -9.77 -59.42
CA ASN CC 211 -44.83 -10.89 -60.06
C ASN CC 211 -44.47 -11.01 -61.53
N THR CC 212 -43.59 -10.15 -62.04
CA THR CC 212 -43.19 -10.22 -63.44
C THR CC 212 -42.28 -11.41 -63.67
N LEU CC 213 -42.59 -12.21 -64.69
CA LEU CC 213 -41.83 -13.40 -65.04
C LEU CC 213 -41.31 -13.26 -66.45
N MET CC 214 -39.99 -13.25 -66.60
CA MET CC 214 -39.34 -13.28 -67.91
C MET CC 214 -38.92 -14.71 -68.18
N ILE CC 215 -39.55 -15.34 -69.17
CA ILE CC 215 -39.33 -16.76 -69.46
C ILE CC 215 -38.74 -16.87 -70.85
N GLN CC 216 -37.56 -17.48 -70.95
CA GLN CC 216 -36.91 -17.71 -72.21
C GLN CC 216 -37.10 -19.16 -72.61
N ALA CC 217 -37.74 -19.38 -73.75
CA ALA CC 217 -37.94 -20.74 -74.23
C ALA CC 217 -36.64 -21.28 -74.80
N THR CC 218 -36.24 -22.46 -74.31
CA THR CC 218 -34.97 -23.06 -74.67
C THR CC 218 -35.13 -24.24 -75.63
N LYS CC 219 -36.36 -24.55 -76.04
CA LYS CC 219 -36.59 -25.64 -76.97
C LYS CC 219 -37.58 -25.18 -78.05
N LEU CC 220 -37.53 -25.87 -79.19
CA LEU CC 220 -38.26 -25.42 -80.36
C LEU CC 220 -39.75 -25.74 -80.26
N TYR CC 221 -40.08 -27.03 -80.13
CA TYR CC 221 -41.47 -27.49 -80.16
C TYR CC 221 -41.73 -28.48 -79.04
N ASN CC 222 -41.32 -28.12 -77.83
CA ASN CC 222 -41.55 -28.93 -76.65
C ASN CC 222 -42.33 -28.10 -75.64
N TYR CC 223 -43.57 -28.50 -75.39
CA TYR CC 223 -44.51 -27.74 -74.58
C TYR CC 223 -44.21 -27.93 -73.10
N GLY CC 224 -45.00 -27.27 -72.26
CA GLY CC 224 -44.80 -27.39 -70.83
C GLY CC 224 -45.92 -26.75 -70.04
N ASN CC 225 -45.72 -26.73 -68.73
CA ASN CC 225 -46.75 -26.29 -67.81
C ASN CC 225 -46.08 -25.64 -66.61
N LEU CC 226 -46.85 -24.83 -65.87
CA LEU CC 226 -46.28 -24.08 -64.76
C LEU CC 226 -47.34 -23.84 -63.70
N ALA CC 227 -46.91 -23.72 -62.45
CA ALA CC 227 -47.80 -23.43 -61.33
C ALA CC 227 -47.22 -22.32 -60.47
N VAL CC 228 -48.11 -21.54 -59.85
CA VAL CC 228 -47.73 -20.44 -58.97
C VAL CC 228 -48.63 -20.47 -57.74
N ARG CC 229 -48.03 -20.49 -56.57
CA ARG CC 229 -48.75 -20.22 -55.32
C ARG CC 229 -48.53 -18.76 -54.95
N LEU CC 230 -49.63 -18.04 -54.74
CA LEU CC 230 -49.57 -16.61 -54.49
C LEU CC 230 -49.49 -16.31 -53.00
N ARG CC 231 -49.34 -15.02 -52.68
CA ARG CC 231 -49.10 -14.61 -51.30
C ARG CC 231 -50.36 -14.69 -50.46
N GLY CC 232 -51.37 -13.88 -50.80
CA GLY CC 232 -52.59 -13.88 -50.03
C GLY CC 232 -53.59 -14.94 -50.44
N LEU CC 233 -53.38 -15.59 -51.57
CA LEU CC 233 -54.34 -16.55 -52.10
C LEU CC 233 -53.82 -17.96 -51.85
N ASN CC 234 -54.63 -18.78 -51.19
CA ASN CC 234 -54.28 -20.18 -50.97
C ASN CC 234 -54.40 -20.99 -52.26
N THR CC 235 -55.31 -20.61 -53.13
CA THR CC 235 -55.56 -21.38 -54.35
C THR CC 235 -54.45 -21.12 -55.36
N PRO CC 236 -53.75 -22.14 -55.82
CA PRO CC 236 -52.69 -21.93 -56.82
C PRO CC 236 -53.26 -21.68 -58.20
N VAL CC 237 -52.43 -21.08 -59.05
CA VAL CC 237 -52.78 -20.74 -60.42
C VAL CC 237 -51.87 -21.51 -61.36
N MET CC 238 -52.46 -22.22 -62.31
CA MET CC 238 -51.71 -23.14 -63.15
C MET CC 238 -51.98 -22.85 -64.62
N LEU CC 239 -50.91 -22.83 -65.42
CA LEU CC 239 -50.97 -22.40 -66.81
C LEU CC 239 -50.22 -23.38 -67.70
N THR CC 240 -50.66 -23.50 -68.95
CA THR CC 240 -49.91 -24.30 -69.91
C THR CC 240 -49.26 -23.39 -70.93
N LEU CC 241 -48.27 -23.91 -71.63
CA LEU CC 241 -47.51 -23.08 -72.55
C LEU CC 241 -46.92 -23.93 -73.65
N ILE CC 242 -46.94 -23.41 -74.87
CA ILE CC 242 -46.37 -24.10 -76.02
C ILE CC 242 -45.37 -23.16 -76.71
N PRO CC 243 -44.31 -23.69 -77.29
CA PRO CC 243 -43.38 -22.83 -78.03
C PRO CC 243 -43.66 -22.82 -79.52
N GLY CC 244 -43.08 -21.85 -80.23
CA GLY CC 244 -43.07 -21.83 -81.68
C GLY CC 244 -44.40 -21.66 -82.38
N GLN CC 245 -45.22 -20.71 -81.92
CA GLN CC 245 -46.49 -20.45 -82.58
C GLN CC 245 -46.31 -19.45 -83.72
N LYS CC 246 -47.39 -19.28 -84.49
CA LYS CC 246 -47.37 -18.35 -85.61
C LYS CC 246 -47.36 -16.89 -85.17
N ALA CC 247 -47.70 -16.63 -83.91
CA ALA CC 247 -47.49 -15.33 -83.29
C ALA CC 247 -46.88 -15.56 -81.92
N VAL CC 248 -46.07 -14.61 -81.49
CA VAL CC 248 -45.39 -14.70 -80.20
C VAL CC 248 -46.16 -13.90 -79.17
N ASP CC 249 -46.52 -14.55 -78.06
CA ASP CC 249 -47.07 -13.84 -76.92
C ASP CC 249 -45.94 -13.05 -76.26
N TYR CC 250 -45.81 -11.78 -76.65
CA TYR CC 250 -44.68 -10.98 -76.21
C TYR CC 250 -44.82 -10.59 -74.74
N ARG CC 251 -45.86 -9.81 -74.42
CA ARG CC 251 -46.19 -9.46 -73.05
C ARG CC 251 -47.62 -9.89 -72.78
N VAL CC 252 -47.79 -10.80 -71.83
CA VAL CC 252 -49.10 -11.30 -71.42
C VAL CC 252 -49.39 -10.75 -70.03
N ASP CC 253 -50.51 -10.03 -69.91
CA ASP CC 253 -50.95 -9.47 -68.64
C ASP CC 253 -52.17 -10.27 -68.19
N LEU CC 254 -52.01 -11.03 -67.11
CA LEU CC 254 -53.05 -11.92 -66.63
C LEU CC 254 -53.67 -11.34 -65.37
N ARG CC 255 -54.98 -11.16 -65.37
CA ARG CC 255 -55.70 -10.64 -64.21
C ARG CC 255 -56.55 -11.75 -63.62
N VAL CC 256 -56.31 -12.06 -62.34
CA VAL CC 256 -57.00 -13.18 -61.71
C VAL CC 256 -58.36 -12.73 -61.21
N GLN CC 257 -59.27 -13.70 -61.04
CA GLN CC 257 -60.55 -13.42 -60.39
C GLN CC 257 -60.37 -13.01 -58.94
N GLY CC 258 -59.31 -13.50 -58.29
CA GLY CC 258 -59.08 -13.15 -56.91
C GLY CC 258 -58.59 -11.73 -56.72
N TYR CC 259 -58.64 -11.28 -55.48
CA TYR CC 259 -58.16 -9.98 -55.07
C TYR CC 259 -56.92 -10.12 -54.19
N GLY CC 260 -56.08 -9.10 -54.21
CA GLY CC 260 -54.93 -9.05 -53.35
C GLY CC 260 -55.27 -8.45 -52.00
N PRO CC 261 -54.24 -8.09 -51.22
CA PRO CC 261 -54.49 -7.29 -50.01
C PRO CC 261 -55.02 -5.89 -50.31
N ASN CC 262 -54.77 -5.38 -51.50
CA ASN CC 262 -55.32 -4.11 -51.95
C ASN CC 262 -55.40 -4.14 -53.47
N ALA CC 263 -56.61 -4.03 -54.02
CA ALA CC 263 -56.76 -4.00 -55.46
C ALA CC 263 -57.29 -2.66 -55.96
N LYS CC 264 -58.50 -2.26 -55.59
CA LYS CC 264 -58.87 -0.87 -55.75
C LYS CC 264 -59.56 -0.37 -54.49
N SER CC 265 -60.50 -1.19 -54.00
CA SER CC 265 -61.39 -0.90 -52.89
C SER CC 265 -62.26 -2.12 -52.66
N MET CC 266 -63.15 -2.07 -51.66
CA MET CC 266 -64.20 -3.07 -51.54
C MET CC 266 -65.49 -2.47 -52.06
N PRO CC 267 -66.14 -3.08 -53.05
CA PRO CC 267 -67.35 -2.50 -53.63
C PRO CC 267 -68.52 -2.47 -52.67
N THR CC 268 -69.35 -1.45 -52.82
CA THR CC 268 -70.42 -1.16 -51.87
C THR CC 268 -71.66 -1.99 -52.17
N GLU CC 269 -72.35 -2.41 -51.10
CA GLU CC 269 -73.53 -3.26 -51.19
C GLU CC 269 -74.71 -2.57 -50.53
N GLU CC 270 -75.85 -2.58 -51.21
CA GLU CC 270 -77.11 -2.12 -50.64
C GLU CC 270 -78.05 -3.32 -50.51
N GLY CC 271 -78.66 -3.44 -49.34
CA GLY CC 271 -79.46 -4.62 -49.08
C GLY CC 271 -80.91 -4.34 -48.75
N ILE CC 272 -81.59 -5.33 -48.20
CA ILE CC 272 -83.02 -5.23 -47.92
C ILE CC 272 -83.22 -4.33 -46.70
N PRO CC 273 -84.11 -3.35 -46.76
CA PRO CC 273 -84.40 -2.54 -45.59
C PRO CC 273 -85.08 -3.39 -44.51
N PRO CC 274 -84.66 -3.24 -43.26
CA PRO CC 274 -85.23 -4.05 -42.19
C PRO CC 274 -86.63 -3.59 -41.84
N SER CC 275 -87.36 -4.48 -41.17
CA SER CC 275 -88.72 -4.19 -40.75
C SER CC 275 -88.72 -3.35 -39.48
N ALA CC 276 -89.91 -3.09 -38.96
CA ALA CC 276 -90.05 -2.39 -37.70
C ALA CC 276 -89.63 -3.30 -36.54
N ASN CC 277 -89.22 -2.66 -35.45
CA ASN CC 277 -88.77 -3.41 -34.29
C ASN CC 277 -89.95 -4.03 -33.54
N ASP CC 278 -89.68 -5.17 -32.91
CA ASP CC 278 -90.73 -5.86 -32.16
C ASP CC 278 -91.09 -5.13 -30.88
N LEU CC 279 -90.25 -4.21 -30.41
CA LEU CC 279 -90.57 -3.41 -29.24
C LEU CC 279 -91.73 -2.46 -29.50
N LEU CC 280 -91.99 -2.15 -30.77
CA LEU CC 280 -93.16 -1.35 -31.13
C LEU CC 280 -94.44 -2.05 -30.71
N LEU CC 281 -94.49 -3.38 -30.88
CA LEU CC 281 -95.68 -4.14 -30.48
C LEU CC 281 -95.86 -4.12 -28.97
N HIS CC 282 -94.76 -4.22 -28.22
CA HIS CC 282 -94.84 -4.15 -26.77
C HIS CC 282 -95.30 -2.78 -26.31
N VAL CC 283 -94.78 -1.72 -26.93
CA VAL CC 283 -95.17 -0.36 -26.59
C VAL CC 283 -96.64 -0.14 -26.91
N LEU CC 284 -97.08 -0.61 -28.08
CA LEU CC 284 -98.48 -0.47 -28.49
C LEU CC 284 -99.41 -1.27 -27.59
N GLU CC 285 -98.95 -2.40 -27.09
CA GLU CC 285 -99.77 -3.16 -26.15
C GLU CC 285 -99.81 -2.49 -24.79
N GLY CC 286 -98.70 -1.94 -24.35
CA GLY CC 286 -98.66 -1.28 -23.05
C GLY CC 286 -97.52 -1.74 -22.17
N VAL CC 287 -96.88 -2.84 -22.53
CA VAL CC 287 -95.75 -3.34 -21.75
C VAL CC 287 -94.50 -2.55 -22.14
N PRO CC 288 -93.82 -1.94 -21.16
CA PRO CC 288 -92.61 -1.20 -21.49
C PRO CC 288 -91.48 -2.16 -21.85
N PRO CC 289 -90.54 -1.74 -22.68
CA PRO CC 289 -89.40 -2.60 -23.00
C PRO CC 289 -88.47 -2.72 -21.81
N PRO CC 290 -87.78 -3.84 -21.67
CA PRO CC 290 -86.80 -3.98 -20.58
C PRO CC 290 -85.60 -3.06 -20.80
N GLY CC 291 -85.04 -2.61 -19.69
CA GLY CC 291 -83.93 -1.69 -19.73
C GLY CC 291 -84.30 -0.24 -19.98
N SER CC 292 -85.59 0.06 -20.12
CA SER CC 292 -86.02 1.41 -20.41
C SER CC 292 -86.21 2.20 -19.11
N ARG CC 293 -86.81 3.38 -19.22
CA ARG CC 293 -87.11 4.19 -18.05
C ARG CC 293 -88.31 5.07 -18.38
N ARG CC 294 -89.08 5.39 -17.36
CA ARG CC 294 -90.31 6.14 -17.55
C ARG CC 294 -90.02 7.62 -17.76
N LEU CC 295 -91.01 8.30 -18.36
CA LEU CC 295 -90.95 9.73 -18.61
C LEU CC 295 -92.15 10.40 -17.93
N VAL CC 296 -92.16 11.72 -17.98
CA VAL CC 296 -93.23 12.52 -17.40
C VAL CC 296 -93.93 13.28 -18.52
N VAL CC 297 -95.19 12.95 -18.76
CA VAL CC 297 -95.97 13.52 -19.85
C VAL CC 297 -97.17 14.23 -19.25
N SER CC 298 -97.38 15.48 -19.66
CA SER CC 298 -98.50 16.27 -19.17
C SER CC 298 -99.20 16.96 -20.34
N GLY CC 299 -100.51 17.11 -20.20
CA GLY CC 299 -101.30 17.84 -21.17
C GLY CC 299 -102.18 17.01 -22.08
N GLY CC 300 -102.22 15.70 -21.90
CA GLY CC 300 -103.04 14.88 -22.78
C GLY CC 300 -102.95 13.41 -22.40
N ASP CC 301 -103.55 12.58 -23.26
CA ASP CC 301 -103.58 11.14 -23.05
C ASP CC 301 -102.51 10.50 -23.93
N ALA CC 302 -101.31 10.34 -23.36
CA ALA CC 302 -100.20 9.71 -24.04
C ALA CC 302 -99.19 9.24 -23.01
N ARG CC 303 -98.52 8.13 -23.31
CA ARG CC 303 -97.45 7.62 -22.48
C ARG CC 303 -96.20 7.45 -23.34
N ALA CC 304 -95.03 7.51 -22.71
CA ALA CC 304 -93.79 7.48 -23.47
C ALA CC 304 -92.68 6.88 -22.64
N TRP CC 305 -91.64 6.44 -23.33
CA TRP CC 305 -90.48 5.83 -22.71
C TRP CC 305 -89.22 6.21 -23.46
N LEU CC 306 -88.12 6.19 -22.71
CA LEU CC 306 -86.76 6.35 -23.25
C LEU CC 306 -86.00 5.07 -22.95
N SER CC 307 -85.60 4.36 -24.01
CA SER CC 307 -84.87 3.10 -23.86
C SER CC 307 -83.46 3.18 -24.44
N ASN CC 308 -83.33 3.53 -25.71
CA ASN CC 308 -82.06 3.45 -26.43
C ASN CC 308 -81.81 4.74 -27.19
N GLU CC 309 -81.92 5.87 -26.46
CA GLU CC 309 -81.78 7.24 -26.97
C GLU CC 309 -82.80 7.57 -28.03
N LYS CC 310 -83.91 6.85 -28.07
CA LYS CC 310 -84.98 7.06 -29.02
C LYS CC 310 -86.28 7.07 -28.23
N MET CC 311 -87.14 8.03 -28.55
CA MET CC 311 -88.42 8.13 -27.87
C MET CC 311 -89.40 7.11 -28.43
N TYR CC 312 -90.11 6.45 -27.53
CA TYR CC 312 -91.22 5.56 -27.88
C TYR CC 312 -92.48 6.11 -27.25
N VAL CC 313 -93.54 6.23 -28.04
CA VAL CC 313 -94.75 6.89 -27.58
C VAL CC 313 -95.96 6.04 -27.96
N ARG CC 314 -96.82 5.77 -26.97
CA ARG CC 314 -98.09 5.10 -27.18
C ARG CC 314 -99.23 6.03 -26.80
N THR CC 315 -100.18 6.19 -27.72
CA THR CC 315 -101.39 6.95 -27.43
C THR CC 315 -102.50 6.45 -28.35
N ASN CC 316 -103.59 7.21 -28.40
CA ASN CC 316 -104.65 6.99 -29.39
C ASN CC 316 -104.83 8.21 -30.27
N LEU CC 317 -103.84 9.10 -30.31
CA LEU CC 317 -103.93 10.36 -31.02
C LEU CC 317 -102.97 10.34 -32.20
N THR CC 318 -102.97 11.44 -32.96
CA THR CC 318 -102.22 11.56 -34.20
C THR CC 318 -101.12 12.59 -34.02
N ILE CC 319 -99.87 12.15 -33.99
CA ILE CC 319 -98.75 13.05 -33.88
C ILE CC 319 -98.53 13.76 -35.21
N LEU CC 320 -98.19 15.04 -35.15
CA LEU CC 320 -98.07 15.83 -36.37
C LEU CC 320 -96.67 16.38 -36.59
N SER CC 321 -96.11 17.08 -35.62
CA SER CC 321 -94.95 17.91 -35.94
C SER CC 321 -93.60 17.20 -36.13
N PRO CC 322 -93.04 16.50 -35.15
CA PRO CC 322 -91.58 16.31 -35.14
C PRO CC 322 -91.07 15.20 -36.04
N GLY CC 323 -91.93 14.41 -36.69
CA GLY CC 323 -91.44 13.32 -37.50
C GLY CC 323 -91.06 12.10 -36.69
N TRP CC 324 -91.45 10.92 -37.17
CA TRP CC 324 -91.17 9.69 -36.46
C TRP CC 324 -90.40 8.72 -37.35
N LEU CC 325 -89.69 7.80 -36.70
CA LEU CC 325 -88.91 6.84 -37.44
C LEU CC 325 -89.73 5.61 -37.82
N ALA CC 326 -90.60 5.14 -36.93
CA ALA CC 326 -91.48 4.03 -37.30
C ALA CC 326 -92.83 4.19 -36.65
N SER CC 327 -93.86 3.74 -37.37
CA SER CC 327 -95.24 3.89 -36.93
C SER CC 327 -95.96 2.55 -36.95
N MET CC 328 -96.73 2.31 -35.90
CA MET CC 328 -97.38 1.04 -35.65
C MET CC 328 -98.80 1.30 -35.17
N THR CC 329 -99.74 0.46 -35.58
CA THR CC 329 -101.14 0.66 -35.24
C THR CC 329 -101.75 -0.63 -34.73
N SER CC 330 -102.74 -0.50 -33.86
CA SER CC 330 -103.47 -1.63 -33.32
C SER CC 330 -104.75 -1.83 -34.13
N ALA CC 331 -105.60 -2.75 -33.66
CA ALA CC 331 -106.93 -2.93 -34.22
C ALA CC 331 -107.99 -2.16 -33.44
N ASP CC 332 -107.57 -1.33 -32.48
CA ASP CC 332 -108.51 -0.68 -31.57
C ASP CC 332 -108.14 0.78 -31.36
N GLY CC 333 -107.75 1.47 -32.44
CA GLY CC 333 -107.53 2.90 -32.38
C GLY CC 333 -106.29 3.33 -31.64
N THR CC 334 -105.37 2.42 -31.37
CA THR CC 334 -104.16 2.74 -30.64
C THR CC 334 -102.98 2.87 -31.60
N HIS CC 335 -102.16 3.89 -31.37
CA HIS CC 335 -101.02 4.19 -32.24
C HIS CC 335 -99.76 4.24 -31.40
N ALA CC 336 -98.66 3.75 -31.99
CA ALA CC 336 -97.35 3.79 -31.38
C ALA CC 336 -96.35 4.32 -32.39
N TYR CC 337 -95.41 5.13 -31.89
CA TYR CC 337 -94.38 5.69 -32.74
C TYR CC 337 -93.04 5.57 -32.05
N GLU CC 338 -91.99 5.51 -32.86
CA GLU CC 338 -90.64 5.68 -32.35
C GLU CC 338 -89.91 6.70 -33.20
N MET CC 339 -89.11 7.53 -32.53
CA MET CC 339 -88.50 8.69 -33.14
C MET CC 339 -87.30 9.11 -32.32
N GLN CC 340 -86.73 10.26 -32.67
CA GLN CC 340 -85.66 10.87 -31.90
C GLN CC 340 -86.23 11.50 -30.63
N LYS CC 341 -85.34 11.90 -29.74
CA LYS CC 341 -85.77 12.53 -28.52
C LYS CC 341 -86.18 13.97 -28.77
N SER CC 342 -87.21 14.40 -28.05
CA SER CC 342 -87.72 15.76 -28.10
C SER CC 342 -88.55 16.00 -26.85
N PRO CC 343 -88.46 17.18 -26.24
CA PRO CC 343 -89.29 17.46 -25.06
C PRO CC 343 -90.70 17.89 -25.42
N VAL CC 344 -91.02 18.03 -26.70
CA VAL CC 344 -92.19 18.75 -27.16
C VAL CC 344 -92.84 18.01 -28.32
N LEU CC 345 -94.16 18.07 -28.37
CA LEU CC 345 -94.93 17.43 -29.43
C LEU CC 345 -96.06 18.35 -29.86
N LEU CC 346 -96.64 18.05 -31.02
CA LEU CC 346 -97.82 18.75 -31.48
C LEU CC 346 -98.74 17.78 -32.20
N VAL CC 347 -100.00 17.73 -31.76
CA VAL CC 347 -100.98 16.80 -32.29
C VAL CC 347 -102.21 17.59 -32.73
N SER CC 348 -103.16 16.87 -33.32
CA SER CC 348 -104.51 17.38 -33.55
C SER CC 348 -105.47 16.47 -32.81
N TRP CC 349 -106.23 17.04 -31.88
CA TRP CC 349 -107.06 16.22 -31.03
C TRP CC 349 -108.38 15.85 -31.71
N HIS CC 350 -109.21 16.84 -32.01
CA HIS CC 350 -110.48 16.61 -32.67
C HIS CC 350 -110.69 17.65 -33.76
N GLY CC 351 -109.66 17.82 -34.60
CA GLY CC 351 -109.64 18.88 -35.59
C GLY CC 351 -109.03 20.16 -35.10
N LYS CC 352 -108.75 20.26 -33.81
CA LYS CC 352 -108.09 21.40 -33.21
C LYS CC 352 -106.66 21.00 -32.86
N VAL CC 353 -105.72 21.87 -33.19
CA VAL CC 353 -104.30 21.57 -33.05
C VAL CC 353 -103.84 21.96 -31.66
N MET CC 354 -103.06 21.08 -31.01
CA MET CC 354 -102.61 21.27 -29.65
C MET CC 354 -101.14 20.93 -29.53
N GLN CC 355 -100.52 21.43 -28.46
CA GLN CC 355 -99.13 21.16 -28.13
C GLN CC 355 -99.07 20.21 -26.94
N LEU CC 356 -97.88 19.66 -26.72
CA LEU CC 356 -97.64 18.72 -25.63
C LEU CC 356 -96.23 18.92 -25.10
N LYS CC 357 -96.11 19.00 -23.77
CA LYS CC 357 -94.83 19.17 -23.11
C LYS CC 357 -94.50 17.92 -22.31
N VAL CC 358 -93.27 17.44 -22.46
CA VAL CC 358 -92.81 16.23 -21.81
C VAL CC 358 -91.50 16.53 -21.08
N GLU CC 359 -91.47 16.25 -19.79
CA GLU CC 359 -90.29 16.45 -18.97
C GLU CC 359 -89.50 15.16 -18.84
N GLY CC 360 -88.46 15.18 -18.02
CA GLY CC 360 -87.67 14.00 -17.74
C GLY CC 360 -86.65 13.64 -18.78
N LEU CC 361 -86.55 14.40 -19.86
CA LEU CC 361 -85.61 14.11 -20.93
C LEU CC 361 -84.25 14.72 -20.62
N ILE DC 862 -8.38 62.03 -28.14
CA ILE DC 862 -7.18 62.26 -27.35
C ILE DC 862 -7.37 63.49 -26.45
N ILE DC 863 -7.21 63.27 -25.16
CA ILE DC 863 -7.27 64.33 -24.16
C ILE DC 863 -6.02 64.24 -23.29
N LYS DC 864 -5.34 65.38 -23.14
CA LYS DC 864 -4.12 65.42 -22.33
C LYS DC 864 -4.45 65.16 -20.86
N THR DC 865 -3.47 64.58 -20.16
CA THR DC 865 -3.66 64.16 -18.77
C THR DC 865 -3.79 65.38 -17.87
N GLY DC 866 -5.00 65.57 -17.33
CA GLY DC 866 -5.21 66.56 -16.28
C GLY DC 866 -5.59 67.96 -16.70
N ASP DC 867 -6.19 68.10 -17.88
CA ASP DC 867 -6.56 69.42 -18.38
C ASP DC 867 -7.88 69.87 -17.73
N ILE DC 868 -8.32 71.07 -18.11
CA ILE DC 868 -9.44 71.74 -17.45
C ILE DC 868 -10.48 72.10 -18.52
N MET DC 869 -11.72 71.69 -18.27
CA MET DC 869 -12.86 72.05 -19.10
C MET DC 869 -13.88 72.78 -18.23
N PHE DC 870 -14.99 73.21 -18.83
CA PHE DC 870 -16.04 73.89 -18.10
C PHE DC 870 -17.39 73.30 -18.48
N ALA DC 871 -18.30 73.30 -17.51
CA ALA DC 871 -19.62 72.73 -17.70
C ALA DC 871 -20.59 73.48 -16.79
N VAL DC 872 -21.88 73.27 -17.02
CA VAL DC 872 -22.92 73.79 -16.17
C VAL DC 872 -23.79 72.63 -15.72
N LEU DC 873 -23.98 72.49 -14.41
CA LEU DC 873 -24.84 71.46 -13.85
C LEU DC 873 -26.20 72.08 -13.53
N ASP DC 874 -27.24 71.26 -13.64
CA ASP DC 874 -28.59 71.72 -13.37
C ASP DC 874 -29.25 70.87 -12.30
N THR DC 875 -29.03 69.56 -12.33
CA THR DC 875 -29.70 68.64 -11.42
C THR DC 875 -29.07 68.76 -10.03
N SER DC 876 -29.59 69.69 -9.23
CA SER DC 876 -29.08 69.94 -7.89
C SER DC 876 -29.51 68.83 -6.96
N VAL DC 877 -28.72 68.61 -5.91
CA VAL DC 877 -29.02 67.59 -4.90
C VAL DC 877 -28.41 68.02 -3.58
N ASN DC 878 -28.93 67.47 -2.50
CA ASN DC 878 -28.38 67.62 -1.16
C ASN DC 878 -27.38 66.50 -0.91
N SER DC 879 -26.50 66.72 0.08
CA SER DC 879 -25.54 65.71 0.47
C SER DC 879 -26.13 64.75 1.50
N ASP DC 880 -27.26 64.15 1.18
CA ASP DC 880 -27.96 63.29 2.13
C ASP DC 880 -28.11 61.85 1.63
N GLU DC 881 -28.57 61.67 0.40
CA GLU DC 881 -28.82 60.33 -0.14
C GLU DC 881 -28.12 60.28 -1.49
N PRO DC 882 -27.67 59.11 -1.94
CA PRO DC 882 -27.03 59.02 -3.25
C PRO DC 882 -28.01 59.27 -4.38
N GLY DC 883 -27.49 59.87 -5.45
CA GLY DC 883 -28.26 60.10 -6.65
C GLY DC 883 -27.38 60.50 -7.81
N PRO DC 884 -27.78 60.14 -9.02
CA PRO DC 884 -27.04 60.57 -10.20
C PRO DC 884 -27.27 62.05 -10.48
N ILE DC 885 -26.19 62.78 -10.74
CA ILE DC 885 -26.25 64.21 -11.05
C ILE DC 885 -25.56 64.44 -12.39
N LEU DC 886 -26.18 65.25 -13.25
CA LEU DC 886 -25.67 65.48 -14.59
C LEU DC 886 -25.33 66.94 -14.79
N ALA DC 887 -24.22 67.18 -15.47
CA ALA DC 887 -23.79 68.48 -15.97
C ALA DC 887 -23.69 68.42 -17.48
N THR DC 888 -23.58 69.59 -18.11
CA THR DC 888 -23.54 69.69 -19.56
C THR DC 888 -22.31 70.50 -19.94
N ILE DC 889 -21.44 69.91 -20.77
CA ILE DC 889 -20.24 70.60 -21.23
C ILE DC 889 -20.64 71.76 -22.13
N VAL DC 890 -20.09 72.94 -21.83
CA VAL DC 890 -20.56 74.17 -22.45
C VAL DC 890 -19.56 74.75 -23.44
N THR DC 891 -18.32 74.25 -23.49
CA THR DC 891 -17.33 74.77 -24.43
C THR DC 891 -16.33 73.70 -24.84
N GLY DC 892 -15.21 74.13 -25.42
CA GLY DC 892 -14.12 73.22 -25.71
C GLY DC 892 -14.37 72.38 -26.95
N LYS DC 893 -13.56 71.34 -27.09
CA LYS DC 893 -13.67 70.46 -28.25
C LYS DC 893 -14.94 69.60 -28.17
N LEU DC 894 -15.21 69.03 -27.01
CA LEU DC 894 -16.42 68.24 -26.84
C LEU DC 894 -17.59 69.18 -26.57
N LYS DC 895 -18.52 69.22 -27.50
CA LYS DC 895 -19.70 70.09 -27.40
C LYS DC 895 -20.94 69.22 -27.49
N GLY DC 896 -21.94 69.54 -26.67
CA GLY DC 896 -23.13 68.71 -26.59
C GLY DC 896 -22.96 67.51 -25.69
N SER DC 897 -21.78 67.34 -25.10
CA SER DC 897 -21.55 66.20 -24.22
C SER DC 897 -22.13 66.49 -22.84
N LYS DC 898 -22.56 65.43 -22.17
CA LYS DC 898 -23.08 65.55 -20.82
C LYS DC 898 -22.37 64.55 -19.92
N LEU DC 899 -22.56 64.71 -18.62
CA LEU DC 899 -21.78 63.92 -17.65
C LEU DC 899 -22.63 63.66 -16.42
N ILE DC 900 -22.89 62.38 -16.17
CA ILE DC 900 -23.56 61.93 -14.96
C ILE DC 900 -22.49 61.42 -13.99
N GLY DC 901 -22.75 61.60 -12.71
CA GLY DC 901 -21.85 61.17 -11.67
C GLY DC 901 -22.50 61.24 -10.30
N SER DC 902 -21.69 61.30 -9.26
CA SER DC 902 -22.19 61.21 -7.89
C SER DC 902 -21.31 62.11 -7.01
N PHE DC 903 -21.40 61.91 -5.71
CA PHE DC 903 -20.71 62.76 -4.75
C PHE DC 903 -20.00 61.90 -3.71
N ASN DC 904 -19.36 62.59 -2.77
CA ASN DC 904 -18.77 61.96 -1.59
C ASN DC 904 -19.07 62.82 -0.38
N LEU DC 905 -19.07 62.21 0.79
CA LEU DC 905 -19.26 63.01 1.99
C LEU DC 905 -17.97 63.15 2.76
N PRO DC 906 -17.45 64.37 2.93
CA PRO DC 906 -16.29 64.58 3.78
C PRO DC 906 -16.65 64.52 5.25
N SER DC 907 -15.62 64.31 6.08
CA SER DC 907 -15.81 64.29 7.53
C SER DC 907 -16.16 65.66 8.08
N ASN DC 908 -15.53 66.71 7.57
CA ASN DC 908 -15.84 68.08 7.94
C ASN DC 908 -16.52 68.76 6.77
N ALA DC 909 -17.44 69.68 7.08
CA ALA DC 909 -18.32 70.26 6.07
C ALA DC 909 -17.75 71.53 5.44
N ASP DC 910 -16.43 71.67 5.42
CA ASP DC 910 -15.79 72.87 4.89
C ASP DC 910 -15.63 72.86 3.38
N LYS DC 911 -15.79 71.72 2.73
CA LYS DC 911 -15.71 71.63 1.28
C LYS DC 911 -16.50 70.42 0.81
N MET DC 912 -16.54 70.25 -0.51
CA MET DC 912 -17.27 69.15 -1.14
C MET DC 912 -16.78 69.00 -2.58
N VAL DC 913 -16.60 67.76 -3.01
CA VAL DC 913 -16.21 67.47 -4.38
C VAL DC 913 -17.24 66.51 -4.97
N ILE DC 914 -17.29 66.47 -6.31
CA ILE DC 914 -18.29 65.72 -7.05
C ILE DC 914 -17.58 64.63 -7.84
N THR DC 915 -17.98 63.38 -7.59
CA THR DC 915 -17.42 62.24 -8.30
C THR DC 915 -18.09 62.13 -9.66
N PHE DC 916 -17.38 62.56 -10.70
CA PHE DC 916 -17.91 62.59 -12.05
C PHE DC 916 -17.22 61.52 -12.88
N ASN DC 917 -17.98 60.53 -13.32
CA ASN DC 917 -17.34 59.39 -13.98
C ASN DC 917 -17.95 59.03 -15.32
N THR DC 918 -19.23 59.32 -15.54
CA THR DC 918 -19.93 58.78 -16.70
C THR DC 918 -20.19 59.89 -17.71
N MET DC 919 -19.34 59.96 -18.73
CA MET DC 919 -19.40 61.02 -19.73
C MET DC 919 -19.98 60.44 -21.02
N SER DC 920 -20.93 61.16 -21.61
CA SER DC 920 -21.57 60.76 -22.86
C SER DC 920 -21.37 61.87 -23.89
N ILE DC 921 -20.93 61.49 -25.08
CA ILE DC 921 -20.61 62.41 -26.17
C ILE DC 921 -21.60 62.15 -27.31
N PRO DC 922 -22.21 63.20 -27.89
CA PRO DC 922 -23.12 62.96 -29.02
C PRO DC 922 -22.38 62.61 -30.31
N GLY DC 923 -23.13 62.35 -31.37
CA GLY DC 923 -22.54 61.97 -32.64
C GLY DC 923 -22.39 60.48 -32.79
N ALA DC 924 -21.51 59.86 -32.02
CA ALA DC 924 -21.29 58.43 -32.07
C ALA DC 924 -21.85 57.78 -30.81
N GLU DC 925 -22.45 56.61 -30.99
CA GLU DC 925 -23.06 55.88 -29.88
C GLU DC 925 -21.95 55.16 -29.11
N LYS DC 926 -21.33 55.91 -28.20
CA LYS DC 926 -20.30 55.40 -27.32
C LYS DC 926 -20.51 56.01 -25.94
N THR DC 927 -19.97 55.34 -24.91
CA THR DC 927 -20.12 55.84 -23.54
C THR DC 927 -18.77 55.64 -22.84
N ILE DC 928 -18.01 56.73 -22.74
CA ILE DC 928 -16.70 56.69 -22.10
C ILE DC 928 -16.88 56.76 -20.59
N SER DC 929 -15.82 56.42 -19.85
CA SER DC 929 -15.89 56.36 -18.40
C SER DC 929 -14.73 57.09 -17.75
N ILE DC 930 -14.46 58.31 -18.20
CA ILE DC 930 -13.41 59.13 -17.61
C ILE DC 930 -13.87 59.61 -16.23
N SER DC 931 -13.06 59.34 -15.23
CA SER DC 931 -13.31 59.80 -13.87
C SER DC 931 -12.69 61.17 -13.70
N ALA DC 932 -13.48 62.13 -13.22
CA ALA DC 932 -13.01 63.49 -13.08
C ALA DC 932 -13.68 64.12 -11.86
N TYR DC 933 -13.09 65.19 -11.35
CA TYR DC 933 -13.62 65.95 -10.24
C TYR DC 933 -13.89 67.38 -10.70
N ALA DC 934 -14.32 68.23 -9.77
CA ALA DC 934 -14.76 69.58 -10.09
C ALA DC 934 -14.08 70.61 -9.21
N ILE DC 935 -14.02 71.84 -9.73
CA ILE DC 935 -13.46 72.98 -9.00
C ILE DC 935 -14.40 74.17 -9.16
N ASP DC 936 -14.41 75.04 -8.16
CA ASP DC 936 -15.23 76.25 -8.19
C ASP DC 936 -14.64 77.24 -9.17
N PRO DC 937 -15.39 77.66 -10.20
CA PRO DC 937 -14.86 78.67 -11.13
C PRO DC 937 -14.72 80.04 -10.48
N ASN DC 938 -13.68 80.77 -10.89
CA ASN DC 938 -13.24 82.08 -10.42
C ASN DC 938 -12.96 82.12 -8.93
N THR DC 939 -12.77 80.98 -8.27
CA THR DC 939 -12.36 80.91 -6.88
C THR DC 939 -11.18 79.95 -6.81
N ALA DC 940 -11.19 78.97 -7.71
CA ALA DC 940 -10.16 77.95 -7.88
C ALA DC 940 -9.88 77.18 -6.58
N ARG DC 941 -10.98 76.89 -5.88
CA ARG DC 941 -10.93 76.13 -4.65
C ARG DC 941 -11.95 74.99 -4.75
N THR DC 942 -11.85 74.06 -3.82
CA THR DC 942 -12.67 72.85 -3.85
C THR DC 942 -13.84 72.89 -2.89
N ALA DC 943 -14.25 74.08 -2.44
CA ALA DC 943 -15.38 74.21 -1.52
C ALA DC 943 -16.71 74.07 -2.26
N LEU DC 944 -17.79 74.19 -1.50
CA LEU DC 944 -19.14 74.10 -2.05
C LEU DC 944 -19.96 75.34 -1.71
N ALA DC 945 -20.91 75.67 -2.58
CA ALA DC 945 -21.83 76.79 -2.35
C ALA DC 945 -23.04 76.29 -1.56
N SER DC 946 -22.93 76.40 -0.23
CA SER DC 946 -24.02 76.06 0.68
C SER DC 946 -23.74 76.74 2.02
N ARG DC 947 -24.56 76.41 3.00
CA ARG DC 947 -24.43 76.90 4.36
C ARG DC 947 -23.99 75.77 5.29
N THR DC 948 -23.25 76.15 6.34
CA THR DC 948 -22.70 75.15 7.26
C THR DC 948 -23.26 75.25 8.67
N ASN DC 949 -24.15 76.20 8.96
CA ASN DC 949 -24.78 76.34 10.27
C ASN DC 949 -26.17 75.75 10.28
N HIS DC 950 -26.35 74.62 9.58
CA HIS DC 950 -27.67 74.05 9.34
C HIS DC 950 -28.34 73.54 10.60
N HIS DC 951 -27.62 72.77 11.42
CA HIS DC 951 -28.20 72.20 12.63
C HIS DC 951 -27.23 72.34 13.79
N TYR DC 952 -26.65 73.52 13.96
CA TYR DC 952 -25.93 73.86 15.17
C TYR DC 952 -26.87 74.34 16.27
N LEU DC 953 -27.60 75.42 15.96
CA LEU DC 953 -28.39 76.12 16.96
C LEU DC 953 -29.59 75.31 17.41
N MET DC 954 -30.12 74.44 16.53
CA MET DC 954 -31.26 73.59 16.88
C MET DC 954 -30.91 72.64 18.02
N ARG DC 955 -29.83 71.88 17.87
CA ARG DC 955 -29.45 70.94 18.91
C ARG DC 955 -28.87 71.65 20.12
N TYR DC 956 -28.16 72.78 19.92
CA TYR DC 956 -27.65 73.55 21.04
C TYR DC 956 -28.77 74.08 21.91
N GLY DC 957 -29.81 74.65 21.29
CA GLY DC 957 -30.94 75.18 22.03
C GLY DC 957 -31.75 74.09 22.70
N SER DC 958 -31.91 72.93 22.04
CA SER DC 958 -32.63 71.81 22.64
C SER DC 958 -31.92 71.29 23.88
N LEU DC 959 -30.60 71.09 23.79
CA LEU DC 959 -29.83 70.60 24.93
C LEU DC 959 -29.82 71.60 26.07
N PHE DC 960 -29.60 72.89 25.76
CA PHE DC 960 -29.49 73.88 26.81
C PHE DC 960 -30.83 74.16 27.47
N ALA DC 961 -31.93 74.10 26.71
CA ALA DC 961 -33.26 74.25 27.28
C ALA DC 961 -33.58 73.07 28.20
N SER DC 962 -33.27 71.84 27.77
CA SER DC 962 -33.51 70.67 28.60
C SER DC 962 -32.70 70.72 29.89
N SER DC 963 -31.46 71.20 29.79
CA SER DC 963 -30.63 71.41 30.97
C SER DC 963 -31.26 72.41 31.92
N PHE DC 964 -31.61 73.61 31.42
CA PHE DC 964 -32.18 74.67 32.26
C PHE DC 964 -33.47 74.24 32.95
N LEU DC 965 -34.25 73.39 32.28
CA LEU DC 965 -35.43 72.79 32.90
C LEU DC 965 -35.04 71.88 34.06
N GLN DC 966 -34.04 71.00 33.83
CA GLN DC 966 -33.58 70.09 34.87
C GLN DC 966 -33.10 70.86 36.10
N GLY DC 967 -32.29 71.88 35.86
CA GLY DC 967 -31.75 72.68 36.95
C GLY DC 967 -32.82 73.44 37.69
N PHE DC 968 -33.83 73.94 36.96
CA PHE DC 968 -34.87 74.73 37.61
C PHE DC 968 -35.71 73.88 38.53
N GLY DC 969 -36.07 72.69 38.06
CA GLY DC 969 -36.85 71.80 38.90
C GLY DC 969 -36.11 71.35 40.14
N ASN DC 970 -34.85 70.90 39.98
CA ASN DC 970 -34.14 70.38 41.15
C ASN DC 970 -33.76 71.49 42.13
N ALA DC 971 -33.27 72.63 41.65
CA ALA DC 971 -32.81 73.65 42.59
C ALA DC 971 -33.97 74.40 43.22
N PHE DC 972 -35.06 74.65 42.48
CA PHE DC 972 -36.19 75.28 43.14
C PHE DC 972 -37.02 74.30 43.94
N GLN DC 973 -36.79 72.98 43.79
CA GLN DC 973 -37.29 72.08 44.81
C GLN DC 973 -36.42 72.12 46.06
N SER DC 974 -35.10 72.21 45.88
CA SER DC 974 -34.18 72.21 47.03
C SER DC 974 -34.27 73.49 47.85
N ALA DC 975 -34.59 74.62 47.21
CA ALA DC 975 -34.61 75.91 47.89
C ALA DC 975 -35.94 76.19 48.60
N ASN DC 976 -36.78 75.18 48.79
CA ASN DC 976 -38.06 75.40 49.46
C ASN DC 976 -37.93 75.56 50.96
N THR DC 977 -36.98 74.85 51.58
CA THR DC 977 -36.82 74.92 53.03
C THR DC 977 -36.15 76.22 53.45
N THR DC 978 -35.12 76.65 52.73
CA THR DC 978 -34.39 77.86 53.10
C THR DC 978 -34.42 78.89 51.98
N SER DC 999 -48.05 77.40 45.55
CA SER DC 999 -48.44 76.24 44.75
C SER DC 999 -47.91 76.35 43.34
N THR DC 1000 -48.00 77.56 42.79
CA THR DC 1000 -47.60 77.80 41.41
C THR DC 1000 -46.11 77.64 41.20
N LEU DC 1001 -45.30 78.05 42.18
CA LEU DC 1001 -43.86 77.80 42.12
C LEU DC 1001 -43.57 76.30 42.16
N GLU DC 1002 -44.35 75.56 42.93
CA GLU DC 1002 -44.22 74.11 42.96
C GLU DC 1002 -44.60 73.50 41.61
N ASN DC 1003 -45.60 74.08 40.94
CA ASN DC 1003 -45.97 73.60 39.61
C ASN DC 1003 -44.87 73.90 38.59
N ALA DC 1004 -44.19 75.04 38.75
CA ALA DC 1004 -43.02 75.33 37.92
C ALA DC 1004 -41.91 74.31 38.16
N VAL DC 1005 -41.66 73.96 39.43
CA VAL DC 1005 -40.71 72.90 39.80
C VAL DC 1005 -41.09 71.60 39.13
N ILE DC 1006 -42.38 71.28 39.13
CA ILE DC 1006 -42.92 70.07 38.52
C ILE DC 1006 -42.58 70.01 37.03
N GLY DC 1007 -42.92 71.09 36.31
CA GLY DC 1007 -42.84 71.05 34.86
C GLY DC 1007 -41.41 70.99 34.39
N LEU DC 1008 -40.57 71.86 34.95
CA LEU DC 1008 -39.18 71.92 34.51
C LEU DC 1008 -38.41 70.68 34.97
N ALA DC 1009 -38.66 70.24 36.22
CA ALA DC 1009 -38.03 69.05 36.80
C ALA DC 1009 -38.26 67.81 35.99
N THR DC 1010 -39.45 67.64 35.44
CA THR DC 1010 -39.67 66.38 34.78
C THR DC 1010 -39.54 66.43 33.27
N VAL DC 1011 -39.77 67.57 32.62
CA VAL DC 1011 -39.54 67.59 31.18
C VAL DC 1011 -38.10 67.91 30.83
N GLY DC 1012 -37.25 68.23 31.82
CA GLY DC 1012 -35.84 68.39 31.51
C GLY DC 1012 -35.13 67.10 31.13
N LYS DC 1013 -35.38 66.03 31.91
CA LYS DC 1013 -34.49 64.86 31.88
C LYS DC 1013 -34.64 64.05 30.60
N ALA DC 1014 -35.88 63.76 30.20
CA ALA DC 1014 -36.12 62.97 28.99
C ALA DC 1014 -35.68 63.75 27.75
N TRP DC 1015 -35.94 65.05 27.73
CA TRP DC 1015 -35.46 65.88 26.64
C TRP DC 1015 -33.94 65.96 26.61
N SER DC 1016 -33.29 65.92 27.77
CA SER DC 1016 -31.84 65.98 27.82
C SER DC 1016 -31.22 64.70 27.27
N GLN DC 1017 -31.74 63.54 27.66
CA GLN DC 1017 -31.18 62.30 27.14
C GLN DC 1017 -31.53 62.11 25.67
N GLN DC 1018 -32.70 62.56 25.22
CA GLN DC 1018 -33.02 62.47 23.81
C GLN DC 1018 -32.18 63.45 22.99
N ALA DC 1019 -31.83 64.61 23.58
CA ALA DC 1019 -30.95 65.54 22.90
C ALA DC 1019 -29.53 64.99 22.81
N GLN DC 1020 -29.09 64.27 23.84
CA GLN DC 1020 -27.80 63.57 23.74
C GLN DC 1020 -27.87 62.46 22.70
N GLN DC 1021 -29.05 61.87 22.50
CA GLN DC 1021 -29.23 60.88 21.45
C GLN DC 1021 -29.11 61.53 20.06
N LEU DC 1022 -29.82 62.64 19.82
CA LEU DC 1022 -29.88 63.23 18.49
C LEU DC 1022 -28.83 64.31 18.27
N PHE DC 1023 -27.90 64.48 19.20
CA PHE DC 1023 -26.93 65.57 19.09
C PHE DC 1023 -25.86 65.30 18.05
N ASN DC 1024 -25.73 64.06 17.61
CA ASN DC 1024 -24.60 63.60 16.81
C ASN DC 1024 -24.72 63.90 15.32
N THR DC 1025 -25.80 64.53 14.88
CA THR DC 1025 -26.03 64.69 13.44
C THR DC 1025 -25.14 65.79 12.88
N PRO DC 1026 -24.32 65.51 11.89
CA PRO DC 1026 -23.45 66.54 11.31
C PRO DC 1026 -24.23 67.45 10.36
N THR DC 1027 -23.66 68.61 10.08
CA THR DC 1027 -24.25 69.57 9.16
C THR DC 1027 -23.97 69.15 7.73
N THR DC 1028 -24.99 69.22 6.88
CA THR DC 1028 -24.87 68.80 5.49
C THR DC 1028 -24.73 70.01 4.57
N VAL DC 1029 -24.33 69.73 3.32
CA VAL DC 1029 -24.19 70.74 2.29
C VAL DC 1029 -25.15 70.41 1.16
N GLU DC 1030 -25.31 71.36 0.24
CA GLU DC 1030 -26.22 71.20 -0.89
C GLU DC 1030 -25.79 72.10 -2.03
N VAL DC 1031 -25.63 71.50 -3.22
CA VAL DC 1031 -25.31 72.27 -4.41
C VAL DC 1031 -26.55 73.00 -4.91
N TYR DC 1032 -26.35 73.93 -5.83
CA TYR DC 1032 -27.45 74.69 -6.39
C TYR DC 1032 -27.67 74.33 -7.85
N SER DC 1033 -28.86 74.67 -8.36
CA SER DC 1033 -29.30 74.21 -9.66
C SER DC 1033 -28.77 75.04 -10.82
N GLY DC 1034 -28.03 76.11 -10.55
CA GLY DC 1034 -27.54 76.96 -11.62
C GLY DC 1034 -26.09 77.31 -11.46
N THR DC 1035 -25.30 76.39 -10.90
CA THR DC 1035 -23.91 76.64 -10.59
C THR DC 1035 -23.04 76.17 -11.75
N GLY DC 1036 -22.32 77.09 -12.36
CA GLY DC 1036 -21.30 76.73 -13.32
C GLY DC 1036 -20.12 76.13 -12.62
N LEU DC 1037 -19.36 75.33 -13.36
CA LEU DC 1037 -18.27 74.59 -12.74
C LEU DC 1037 -17.18 74.35 -13.76
N GLY DC 1038 -15.97 74.16 -13.23
CA GLY DC 1038 -14.84 73.71 -14.02
C GLY DC 1038 -14.45 72.31 -13.60
N ILE DC 1039 -13.96 71.54 -14.56
CA ILE DC 1039 -13.67 70.12 -14.38
C ILE DC 1039 -12.21 69.88 -14.73
N LEU DC 1040 -11.44 69.42 -13.75
CA LEU DC 1040 -10.10 68.92 -14.00
C LEU DC 1040 -10.19 67.44 -14.33
N PHE DC 1041 -9.26 66.96 -15.14
CA PHE DC 1041 -9.29 65.57 -15.56
C PHE DC 1041 -8.20 64.77 -14.84
N THR DC 1042 -8.30 63.45 -14.97
CA THR DC 1042 -7.41 62.52 -14.29
C THR DC 1042 -6.63 61.65 -15.25
N GLN DC 1043 -7.30 61.04 -16.23
CA GLN DC 1043 -6.66 60.16 -17.19
C GLN DC 1043 -7.02 60.60 -18.60
N ASP DC 1044 -6.43 59.92 -19.58
CA ASP DC 1044 -6.58 60.28 -20.97
C ASP DC 1044 -7.66 59.44 -21.64
N VAL DC 1045 -8.14 59.91 -22.80
CA VAL DC 1045 -9.04 59.15 -23.66
C VAL DC 1045 -8.44 59.12 -25.07
N THR DC 1046 -9.17 58.49 -25.99
CA THR DC 1046 -8.70 58.40 -27.37
C THR DC 1046 -9.84 58.61 -28.35
N VAL EC 38 -99.19 -14.24 17.39
CA VAL EC 38 -100.27 -13.93 18.32
C VAL EC 38 -100.51 -12.40 18.52
N PRO EC 39 -99.48 -11.55 18.60
CA PRO EC 39 -99.77 -10.11 18.40
C PRO EC 39 -100.19 -9.79 16.99
N LYS EC 40 -99.69 -10.52 16.00
CA LYS EC 40 -100.12 -10.37 14.61
C LYS EC 40 -101.08 -11.45 14.17
N LEU EC 41 -100.95 -12.65 14.70
CA LEU EC 41 -101.90 -13.72 14.39
C LEU EC 41 -103.20 -13.47 15.14
N PRO EC 42 -104.35 -13.78 14.53
CA PRO EC 42 -105.63 -13.58 15.23
C PRO EC 42 -105.82 -14.56 16.37
N CYS EC 43 -106.49 -14.07 17.42
CA CYS EC 43 -106.77 -14.90 18.58
C CYS EC 43 -108.05 -15.71 18.40
N ARG EC 44 -109.04 -15.16 17.71
CA ARG EC 44 -110.32 -15.80 17.54
C ARG EC 44 -110.86 -15.45 16.16
N VAL EC 45 -112.00 -16.04 15.81
CA VAL EC 45 -112.67 -15.70 14.57
C VAL EC 45 -113.40 -14.39 14.76
N ASP EC 46 -113.86 -13.79 13.67
CA ASP EC 46 -114.42 -12.45 13.71
C ASP EC 46 -115.83 -12.46 14.29
N GLY EC 47 -116.11 -11.49 15.16
CA GLY EC 47 -117.42 -11.31 15.75
C GLY EC 47 -117.88 -12.45 16.64
N ALA EC 48 -117.00 -12.91 17.51
CA ALA EC 48 -117.23 -14.13 18.28
C ALA EC 48 -117.38 -13.78 19.75
N CYS EC 49 -118.52 -14.17 20.32
CA CYS EC 49 -118.74 -14.08 21.77
C CYS EC 49 -119.82 -15.09 22.13
N ASP EC 50 -119.41 -16.12 22.88
CA ASP EC 50 -120.32 -17.21 23.20
C ASP EC 50 -121.42 -16.77 24.15
N ALA EC 51 -121.15 -15.75 24.96
CA ALA EC 51 -122.20 -15.14 25.77
C ALA EC 51 -123.27 -14.52 24.88
N THR EC 52 -122.87 -13.85 23.80
CA THR EC 52 -123.86 -13.34 22.86
C THR EC 52 -124.58 -14.47 22.12
N ILE EC 53 -123.87 -15.57 21.86
CA ILE EC 53 -124.49 -16.73 21.21
C ILE EC 53 -125.59 -17.31 22.06
N ILE EC 54 -125.30 -17.56 23.35
CA ILE EC 54 -126.31 -18.14 24.22
C ILE EC 54 -127.37 -17.11 24.57
N LYS EC 55 -127.03 -15.82 24.53
CA LYS EC 55 -128.03 -14.78 24.77
C LYS EC 55 -129.06 -14.74 23.66
N MET EC 56 -128.60 -14.74 22.40
CA MET EC 56 -129.54 -14.71 21.29
C MET EC 56 -130.27 -16.05 21.16
N MET EC 57 -129.64 -17.16 21.59
CA MET EC 57 -130.34 -18.44 21.62
C MET EC 57 -131.48 -18.42 22.63
N THR EC 58 -131.22 -17.88 23.82
CA THR EC 58 -132.25 -17.78 24.85
C THR EC 58 -133.37 -16.85 24.43
N ASP EC 59 -133.02 -15.73 23.81
CA ASP EC 59 -134.03 -14.78 23.35
C ASP EC 59 -134.85 -15.36 22.19
N LEU EC 60 -134.22 -16.16 21.32
CA LEU EC 60 -134.95 -16.76 20.21
C LEU EC 60 -135.91 -17.83 20.71
N ASN EC 61 -135.48 -18.63 21.69
CA ASN EC 61 -136.38 -19.63 22.25
C ASN EC 61 -137.49 -18.99 23.07
N LYS EC 62 -137.23 -17.81 23.65
CA LYS EC 62 -138.31 -17.07 24.28
C LYS EC 62 -139.25 -16.47 23.24
N LYS EC 63 -138.72 -16.12 22.06
CA LYS EC 63 -139.58 -15.64 20.98
C LYS EC 63 -140.49 -16.75 20.47
N GLY EC 64 -139.96 -17.97 20.33
CA GLY EC 64 -140.81 -19.08 19.97
C GLY EC 64 -140.23 -19.98 18.91
N ILE EC 65 -139.31 -19.45 18.12
CA ILE EC 65 -138.62 -20.26 17.12
C ILE EC 65 -137.66 -21.21 17.82
N LYS EC 66 -137.66 -22.47 17.40
CA LYS EC 66 -136.98 -23.51 18.14
C LYS EC 66 -135.59 -23.75 17.56
N VAL EC 67 -134.58 -23.73 18.43
CA VAL EC 67 -133.20 -23.97 18.04
C VAL EC 67 -132.76 -25.29 18.65
N ALA EC 68 -132.32 -26.21 17.80
CA ALA EC 68 -131.90 -27.53 18.20
C ALA EC 68 -130.40 -27.68 18.00
N SER EC 69 -129.72 -28.19 19.02
CA SER EC 69 -128.27 -28.30 19.03
C SER EC 69 -127.87 -29.67 19.54
N VAL EC 70 -127.21 -30.47 18.70
CA VAL EC 70 -126.71 -31.75 19.18
C VAL EC 70 -125.43 -32.09 18.44
N GLY EC 71 -124.35 -32.31 19.18
CA GLY EC 71 -123.08 -32.70 18.61
C GLY EC 71 -122.49 -31.65 17.71
N GLN EC 72 -122.55 -31.90 16.40
CA GLN EC 72 -122.15 -30.92 15.41
C GLN EC 72 -123.31 -30.40 14.58
N ASN EC 73 -124.50 -30.99 14.72
CA ASN EC 73 -125.64 -30.63 13.88
C ASN EC 73 -126.54 -29.65 14.62
N TYR EC 74 -126.93 -28.59 13.91
CA TYR EC 74 -127.80 -27.57 14.45
C TYR EC 74 -128.95 -27.32 13.49
N LEU EC 75 -130.14 -27.20 14.06
CA LEU EC 75 -131.38 -27.02 13.33
C LEU EC 75 -132.13 -25.82 13.90
N ILE EC 76 -132.95 -25.21 13.06
CA ILE EC 76 -133.78 -24.08 13.48
C ILE EC 76 -135.14 -24.24 12.81
N SER EC 77 -136.18 -24.32 13.62
CA SER EC 77 -137.54 -24.50 13.14
C SER EC 77 -138.33 -23.21 13.38
N ILE EC 78 -139.01 -22.75 12.33
CA ILE EC 78 -139.73 -21.49 12.34
C ILE EC 78 -141.17 -21.77 11.94
N PRO EC 79 -142.16 -21.38 12.73
CA PRO EC 79 -143.55 -21.50 12.29
C PRO EC 79 -143.87 -20.49 11.21
N ALA EC 80 -144.85 -20.84 10.38
CA ALA EC 80 -145.20 -20.02 9.22
C ALA EC 80 -146.04 -18.81 9.59
N SER EC 81 -146.55 -18.73 10.82
CA SER EC 81 -147.41 -17.63 11.23
C SER EC 81 -146.66 -16.30 11.26
N ALA EC 82 -145.43 -16.32 11.76
CA ALA EC 82 -144.61 -15.12 11.78
C ALA EC 82 -143.84 -14.90 10.48
N LEU EC 83 -144.02 -15.78 9.49
CA LEU EC 83 -143.26 -15.71 8.25
C LEU EC 83 -144.11 -15.31 7.06
N PHE EC 84 -145.18 -16.04 6.78
CA PHE EC 84 -145.97 -15.82 5.58
C PHE EC 84 -147.42 -15.57 5.95
N ALA EC 85 -148.21 -15.26 4.92
CA ALA EC 85 -149.62 -15.01 5.09
C ALA EC 85 -150.39 -16.33 4.92
N ASP EC 86 -151.71 -16.25 4.81
CA ASP EC 86 -152.57 -17.42 4.82
C ASP EC 86 -152.42 -18.18 3.50
N GLN EC 87 -151.58 -19.22 3.53
CA GLN EC 87 -151.34 -20.13 2.41
C GLN EC 87 -150.83 -19.41 1.17
N SER EC 88 -150.10 -18.31 1.35
CA SER EC 88 -149.62 -17.53 0.24
C SER EC 88 -148.11 -17.35 0.36
N PRO EC 89 -147.40 -17.29 -0.76
CA PRO EC 89 -145.96 -17.05 -0.72
C PRO EC 89 -145.62 -15.56 -0.76
N ARG EC 90 -146.19 -14.80 0.16
CA ARG EC 90 -145.96 -13.37 0.24
C ARG EC 90 -145.53 -13.01 1.66
N LEU EC 91 -144.56 -12.11 1.76
CA LEU EC 91 -143.93 -11.75 3.02
C LEU EC 91 -144.55 -10.48 3.59
N ASN EC 92 -144.91 -10.53 4.86
CA ASN EC 92 -145.24 -9.31 5.57
C ASN EC 92 -143.99 -8.47 5.79
N TRP EC 93 -144.19 -7.18 6.01
CA TRP EC 93 -143.06 -6.28 6.19
C TRP EC 93 -142.36 -6.47 7.52
N ALA EC 94 -143.06 -7.00 8.52
CA ALA EC 94 -142.46 -7.19 9.85
C ALA EC 94 -141.55 -8.41 9.92
N SER EC 95 -141.57 -9.29 8.90
CA SER EC 95 -140.77 -10.50 8.94
C SER EC 95 -139.29 -10.23 8.76
N TYR EC 96 -138.92 -9.08 8.20
CA TYR EC 96 -137.54 -8.82 7.84
C TYR EC 96 -136.65 -8.55 9.05
N SER EC 97 -137.22 -8.10 10.17
CA SER EC 97 -136.45 -8.01 11.40
C SER EC 97 -136.04 -9.39 11.90
N LEU EC 98 -136.96 -10.35 11.85
CA LEU EC 98 -136.63 -11.73 12.23
C LEU EC 98 -135.68 -12.35 11.22
N LEU EC 99 -135.81 -11.99 9.95
CA LEU EC 99 -134.89 -12.45 8.93
C LEU EC 99 -133.48 -11.92 9.18
N ASN EC 100 -133.37 -10.65 9.57
CA ASN EC 100 -132.06 -10.09 9.90
C ASN EC 100 -131.50 -10.70 11.17
N GLU EC 101 -132.37 -11.09 12.11
CA GLU EC 101 -131.87 -11.71 13.33
C GLU EC 101 -131.34 -13.12 13.07
N ILE EC 102 -132.05 -13.89 12.25
CA ILE EC 102 -131.57 -15.24 11.95
C ILE EC 102 -130.36 -15.17 11.03
N ALA EC 103 -130.25 -14.12 10.20
CA ALA EC 103 -129.03 -13.92 9.43
C ALA EC 103 -127.86 -13.57 10.34
N ALA EC 104 -128.12 -12.79 11.39
CA ALA EC 104 -127.07 -12.46 12.35
C ALA EC 104 -126.63 -13.71 13.11
N PHE EC 105 -127.57 -14.59 13.44
CA PHE EC 105 -127.21 -15.84 14.09
C PHE EC 105 -126.39 -16.73 13.17
N LEU EC 106 -126.76 -16.81 11.89
CA LEU EC 106 -126.01 -17.63 10.96
C LEU EC 106 -124.69 -16.99 10.56
N LYS EC 107 -124.53 -15.69 10.81
CA LYS EC 107 -123.25 -15.03 10.58
C LYS EC 107 -122.21 -15.45 11.62
N GLN EC 108 -122.64 -16.03 12.73
CA GLN EC 108 -121.72 -16.29 13.83
C GLN EC 108 -120.78 -17.46 13.54
N PHE EC 109 -121.28 -18.51 12.90
CA PHE EC 109 -120.52 -19.74 12.78
C PHE EC 109 -119.93 -19.89 11.38
N ARG EC 110 -119.17 -20.96 11.20
CA ARG EC 110 -118.55 -21.31 9.93
C ARG EC 110 -119.12 -22.64 9.46
N LYS EC 111 -119.52 -22.69 8.19
CA LYS EC 111 -120.20 -23.87 7.68
C LYS EC 111 -120.01 -23.94 6.17
N ILE EC 112 -120.29 -25.11 5.62
CA ILE EC 112 -120.15 -25.36 4.19
C ILE EC 112 -121.50 -25.39 3.48
N ALA EC 113 -122.41 -26.23 3.96
CA ALA EC 113 -123.70 -26.44 3.31
C ALA EC 113 -124.83 -26.24 4.31
N ILE EC 114 -125.82 -25.45 3.93
CA ILE EC 114 -127.03 -25.26 4.73
C ILE EC 114 -128.21 -25.71 3.89
N THR EC 115 -129.17 -26.37 4.53
CA THR EC 115 -130.33 -26.88 3.81
C THR EC 115 -131.61 -26.42 4.50
N VAL EC 116 -132.50 -25.82 3.73
CA VAL EC 116 -133.80 -25.36 4.22
C VAL EC 116 -134.87 -26.27 3.64
N THR EC 117 -135.71 -26.83 4.52
CA THR EC 117 -136.82 -27.68 4.13
C THR EC 117 -138.12 -27.08 4.65
N SER EC 118 -139.12 -27.07 3.78
CA SER EC 118 -140.42 -26.48 4.09
C SER EC 118 -141.50 -27.54 4.18
N TYR EC 119 -142.45 -27.34 5.10
CA TYR EC 119 -143.55 -28.24 5.33
C TYR EC 119 -144.82 -27.42 5.51
N SER EC 120 -145.96 -28.02 5.18
CA SER EC 120 -147.21 -27.29 5.17
C SER EC 120 -148.34 -28.25 5.56
N SER EC 121 -149.57 -27.85 5.26
CA SER EC 121 -150.75 -28.67 5.44
C SER EC 121 -151.34 -29.04 4.08
N LYS EC 122 -152.28 -29.98 4.10
CA LYS EC 122 -152.98 -30.38 2.89
C LYS EC 122 -154.21 -29.49 2.70
N TYR EC 123 -154.28 -28.80 1.57
CA TYR EC 123 -155.34 -27.82 1.34
C TYR EC 123 -156.27 -28.22 0.20
N VAL EC 124 -155.74 -28.40 -1.00
CA VAL EC 124 -156.58 -28.77 -2.15
C VAL EC 124 -156.00 -30.01 -2.82
N SER EC 125 -154.69 -30.02 -3.02
CA SER EC 125 -154.04 -30.99 -3.89
C SER EC 125 -152.79 -31.47 -3.16
N VAL EC 126 -151.86 -32.03 -3.92
CA VAL EC 126 -150.48 -32.15 -3.48
C VAL EC 126 -149.61 -31.10 -4.16
N LYS EC 127 -149.91 -30.83 -5.43
CA LYS EC 127 -149.09 -29.95 -6.27
C LYS EC 127 -149.10 -28.53 -5.75
N ARG EC 128 -150.25 -28.08 -5.23
CA ARG EC 128 -150.40 -26.69 -4.80
C ARG EC 128 -149.50 -26.38 -3.62
N GLU EC 129 -149.56 -27.20 -2.57
CA GLU EC 129 -148.69 -26.94 -1.43
C GLU EC 129 -147.25 -27.34 -1.69
N ARG EC 130 -146.98 -28.27 -2.61
CA ARG EC 130 -145.60 -28.56 -2.96
C ARG EC 130 -144.96 -27.35 -3.66
N ALA EC 131 -145.69 -26.75 -4.59
CA ALA EC 131 -145.19 -25.55 -5.26
C ALA EC 131 -145.11 -24.37 -4.29
N LEU EC 132 -146.05 -24.28 -3.35
CA LEU EC 132 -146.03 -23.21 -2.37
C LEU EC 132 -144.81 -23.31 -1.46
N THR EC 133 -144.53 -24.52 -0.97
CA THR EC 133 -143.37 -24.74 -0.11
C THR EC 133 -142.07 -24.52 -0.88
N LEU EC 134 -142.04 -24.95 -2.16
CA LEU EC 134 -140.88 -24.74 -3.00
C LEU EC 134 -140.62 -23.25 -3.24
N ALA EC 135 -141.69 -22.47 -3.47
CA ALA EC 135 -141.53 -21.05 -3.69
C ALA EC 135 -141.08 -20.32 -2.44
N ARG EC 136 -141.65 -20.68 -1.28
CA ARG EC 136 -141.26 -20.04 -0.03
C ARG EC 136 -139.82 -20.35 0.33
N SER EC 137 -139.41 -21.61 0.15
CA SER EC 137 -138.03 -21.99 0.37
C SER EC 137 -137.09 -21.29 -0.60
N ARG EC 138 -137.54 -21.14 -1.85
CA ARG EC 138 -136.74 -20.45 -2.86
C ARG EC 138 -136.49 -19.00 -2.50
N VAL EC 139 -137.54 -18.29 -2.08
CA VAL EC 139 -137.39 -16.86 -1.82
C VAL EC 139 -136.59 -16.63 -0.54
N VAL EC 140 -136.76 -17.49 0.48
CA VAL EC 140 -135.97 -17.27 1.69
C VAL EC 140 -134.52 -17.68 1.47
N SER EC 141 -134.26 -18.66 0.59
CA SER EC 141 -132.89 -19.01 0.26
C SER EC 141 -132.22 -17.91 -0.55
N GLU EC 142 -132.97 -17.28 -1.45
CA GLU EC 142 -132.42 -16.18 -2.23
C GLU EC 142 -132.08 -14.99 -1.34
N TYR EC 143 -132.95 -14.67 -0.38
CA TYR EC 143 -132.63 -13.58 0.54
C TYR EC 143 -131.44 -13.92 1.42
N LEU EC 144 -131.35 -15.17 1.88
CA LEU EC 144 -130.22 -15.56 2.73
C LEU EC 144 -128.91 -15.55 1.95
N TRP EC 145 -128.95 -15.94 0.69
CA TRP EC 145 -127.73 -15.89 -0.12
C TRP EC 145 -127.37 -14.46 -0.49
N SER EC 146 -128.37 -13.59 -0.63
CA SER EC 146 -128.09 -12.16 -0.78
C SER EC 146 -127.40 -11.61 0.45
N GLN EC 147 -127.85 -12.04 1.62
CA GLN EC 147 -127.15 -11.71 2.85
C GLN EC 147 -125.80 -12.42 2.89
N GLY EC 148 -124.88 -11.84 3.66
CA GLY EC 148 -123.50 -12.28 3.60
C GLY EC 148 -123.11 -13.38 4.56
N VAL EC 149 -124.00 -14.32 4.81
CA VAL EC 149 -123.63 -15.49 5.60
C VAL EC 149 -122.77 -16.40 4.74
N ASP EC 150 -121.58 -16.73 5.22
CA ASP EC 150 -120.59 -17.40 4.40
C ASP EC 150 -120.85 -18.89 4.42
N SER EC 151 -121.48 -19.39 3.36
CA SER EC 151 -121.60 -20.81 3.11
C SER EC 151 -121.39 -21.06 1.64
N ARG EC 152 -120.88 -22.25 1.33
CA ARG EC 152 -120.62 -22.54 -0.07
C ARG EC 152 -121.87 -23.04 -0.78
N ILE EC 153 -122.63 -23.93 -0.16
CA ILE EC 153 -123.81 -24.51 -0.78
C ILE EC 153 -125.02 -24.24 0.10
N ILE EC 154 -126.10 -23.79 -0.51
CA ILE EC 154 -127.39 -23.72 0.17
C ILE EC 154 -128.41 -24.47 -0.67
N PHE EC 155 -128.93 -25.56 -0.11
CA PHE EC 155 -130.00 -26.32 -0.74
C PHE EC 155 -131.33 -25.85 -0.21
N THR EC 156 -132.29 -25.68 -1.11
CA THR EC 156 -133.64 -25.25 -0.77
C THR EC 156 -134.64 -26.25 -1.32
N GLN EC 157 -135.52 -26.74 -0.45
CA GLN EC 157 -136.59 -27.61 -0.89
C GLN EC 157 -137.78 -27.51 0.05
N GLY EC 158 -138.95 -27.84 -0.49
CA GLY EC 158 -140.16 -27.90 0.29
C GLY EC 158 -141.01 -29.09 -0.12
N LEU EC 159 -141.35 -29.93 0.85
CA LEU EC 159 -142.01 -31.20 0.56
C LEU EC 159 -143.52 -31.09 0.55
N GLY EC 160 -144.07 -29.89 0.69
CA GLY EC 160 -145.51 -29.75 0.78
C GLY EC 160 -146.00 -30.16 2.14
N SER EC 161 -146.70 -31.30 2.23
CA SER EC 161 -147.23 -31.76 3.50
C SER EC 161 -147.08 -33.27 3.65
N ASP EC 162 -146.04 -33.83 3.05
CA ASP EC 162 -145.91 -35.28 2.99
C ASP EC 162 -145.27 -35.89 4.22
N LYS EC 163 -144.73 -35.07 5.12
CA LYS EC 163 -144.16 -35.56 6.37
C LYS EC 163 -144.73 -34.75 7.52
N PRO EC 164 -145.89 -35.11 8.04
CA PRO EC 164 -146.44 -34.42 9.20
C PRO EC 164 -145.66 -34.77 10.45
N ILE EC 165 -145.76 -33.88 11.43
CA ILE EC 165 -145.13 -34.10 12.72
C ILE EC 165 -146.12 -34.45 13.82
N THR EC 166 -147.36 -33.95 13.74
CA THR EC 166 -148.34 -34.18 14.77
C THR EC 166 -149.67 -34.50 14.11
N SER EC 167 -150.40 -35.47 14.68
CA SER EC 167 -151.73 -35.81 14.20
C SER EC 167 -152.77 -34.75 14.57
N TYR EC 168 -152.43 -33.81 15.44
CA TYR EC 168 -153.31 -32.70 15.77
C TYR EC 168 -153.40 -31.77 14.57
N THR EC 169 -154.41 -31.97 13.74
CA THR EC 169 -154.55 -31.24 12.49
C THR EC 169 -155.79 -30.37 12.47
N LEU EC 170 -156.13 -29.77 13.61
CA LEU EC 170 -157.32 -28.92 13.67
C LEU EC 170 -157.10 -27.62 12.91
N GLY EC 171 -155.97 -26.97 13.12
CA GLY EC 171 -155.68 -25.76 12.41
C GLY EC 171 -155.21 -26.01 10.99
N GLY EC 172 -155.13 -24.93 10.23
CA GLY EC 172 -154.55 -24.99 8.90
C GLY EC 172 -153.14 -24.45 8.95
N ASP EC 173 -152.97 -23.19 8.57
CA ASP EC 173 -151.71 -22.51 8.82
C ASP EC 173 -151.49 -22.24 10.30
N ARG EC 174 -152.57 -22.22 11.09
CA ARG EC 174 -152.44 -22.17 12.54
C ARG EC 174 -151.87 -23.45 13.12
N SER EC 175 -152.01 -24.57 12.42
CA SER EC 175 -151.44 -25.82 12.90
C SER EC 175 -149.92 -25.79 12.78
N PRO EC 176 -149.20 -26.32 13.77
CA PRO EC 176 -147.73 -26.16 13.79
C PRO EC 176 -147.00 -27.05 12.80
N ASN EC 177 -147.69 -27.94 12.09
CA ASN EC 177 -147.03 -28.76 11.08
C ASN EC 177 -146.52 -27.93 9.92
N ALA EC 178 -147.21 -26.84 9.60
CA ALA EC 178 -146.72 -25.87 8.64
C ALA EC 178 -145.52 -25.14 9.24
N ARG EC 179 -144.35 -25.34 8.65
CA ARG EC 179 -143.10 -24.91 9.27
C ARG EC 179 -142.03 -24.78 8.20
N VAL EC 180 -140.93 -24.14 8.57
CA VAL EC 180 -139.72 -24.14 7.76
C VAL EC 180 -138.54 -24.35 8.69
N GLU EC 181 -137.70 -25.33 8.39
CA GLU EC 181 -136.55 -25.60 9.24
C GLU EC 181 -135.28 -25.64 8.41
N ILE EC 182 -134.23 -25.07 8.98
CA ILE EC 182 -132.93 -25.00 8.33
C ILE EC 182 -131.95 -25.81 9.17
N THR EC 183 -131.07 -26.54 8.49
CA THR EC 183 -130.14 -27.42 9.17
C THR EC 183 -128.75 -27.26 8.58
N PHE EC 184 -127.76 -27.42 9.45
CA PHE EC 184 -126.37 -27.48 9.02
C PHE EC 184 -125.56 -28.25 10.05
N ARG EC 185 -124.32 -28.52 9.71
CA ARG EC 185 -123.34 -29.09 10.62
C ARG EC 185 -122.14 -28.15 10.69
N ARG EC 186 -121.78 -27.76 11.90
CA ARG EC 186 -120.60 -26.92 12.08
C ARG EC 186 -119.34 -27.72 11.80
N ALA EC 187 -118.48 -27.17 10.94
CA ALA EC 187 -117.24 -27.82 10.56
C ALA EC 187 -116.09 -27.16 11.30
N VAL EC 188 -115.39 -27.95 12.12
CA VAL EC 188 -114.20 -27.55 12.88
C VAL EC 188 -114.44 -26.35 13.79
N CYS FC 42 -152.62 3.50 9.62
CA CYS FC 42 -151.83 2.34 9.23
C CYS FC 42 -151.36 2.47 7.78
N PHE FC 43 -150.27 1.78 7.45
CA PHE FC 43 -149.68 1.88 6.13
C PHE FC 43 -148.87 0.61 5.84
N HIS FC 44 -148.84 0.23 4.56
CA HIS FC 44 -148.04 -0.91 4.13
C HIS FC 44 -146.94 -0.42 3.19
N PRO FC 45 -145.68 -0.63 3.54
CA PRO FC 45 -144.58 -0.28 2.62
C PRO FC 45 -144.61 -1.04 1.30
N PRO FC 46 -145.12 -2.31 1.22
CA PRO FC 46 -145.40 -2.83 -0.13
C PRO FC 46 -146.63 -2.22 -0.76
N TYR FC 47 -146.46 -1.01 -1.32
CA TYR FC 47 -147.39 -0.33 -2.22
C TYR FC 47 -148.77 -0.06 -1.63
N ASN FC 48 -148.88 -0.15 -0.29
CA ASN FC 48 -150.15 -0.17 0.45
C ASN FC 48 -151.13 -1.17 -0.13
N ASN FC 49 -150.60 -2.32 -0.55
CA ASN FC 49 -151.35 -3.40 -1.22
C ASN FC 49 -152.15 -2.89 -2.42
N PHE FC 50 -151.53 -1.96 -3.18
CA PHE FC 50 -152.15 -1.30 -4.35
C PHE FC 50 -153.45 -0.60 -3.97
N GLN FC 51 -153.50 -0.05 -2.77
CA GLN FC 51 -154.67 0.65 -2.27
C GLN FC 51 -154.48 2.16 -2.46
N PRO FC 52 -155.58 2.92 -2.58
CA PRO FC 52 -155.47 4.38 -2.68
C PRO FC 52 -154.97 4.99 -1.38
N ASP FC 53 -153.85 5.71 -1.46
CA ASP FC 53 -153.23 6.30 -0.28
C ASP FC 53 -154.06 7.47 0.22
N ARG FC 54 -154.00 7.67 1.54
CA ARG FC 54 -154.77 8.74 2.19
C ARG FC 54 -153.90 9.34 3.29
N ARG FC 55 -153.20 10.41 2.95
CA ARG FC 55 -152.31 11.12 3.87
C ARG FC 55 -153.00 12.30 4.55
N ALA FC 56 -153.91 12.97 3.84
CA ALA FC 56 -154.52 14.20 4.33
C ALA FC 56 -155.43 13.97 5.53
N VAL FC 57 -156.03 12.79 5.66
CA VAL FC 57 -156.89 12.51 6.81
C VAL FC 57 -156.08 12.44 8.09
N LYS FC 58 -154.95 11.72 8.07
CA LYS FC 58 -154.12 11.66 9.26
C LYS FC 58 -153.38 12.98 9.47
N ARG FC 59 -153.14 13.74 8.40
CA ARG FC 59 -152.55 15.07 8.54
C ARG FC 59 -153.49 16.02 9.26
N VAL FC 60 -154.76 16.06 8.87
CA VAL FC 60 -155.70 16.93 9.57
C VAL FC 60 -156.05 16.37 10.95
N GLY FC 61 -155.93 15.06 11.15
CA GLY FC 61 -156.11 14.50 12.48
C GLY FC 61 -155.03 14.94 13.46
N VAL FC 62 -153.77 14.89 13.03
CA VAL FC 62 -152.70 15.34 13.91
C VAL FC 62 -152.63 16.86 13.97
N ASP FC 63 -153.24 17.57 13.01
CA ASP FC 63 -153.34 19.02 13.13
C ASP FC 63 -154.43 19.43 14.11
N THR FC 64 -155.55 18.70 14.14
CA THR FC 64 -156.56 18.94 15.16
C THR FC 64 -156.05 18.54 16.54
N GLY FC 65 -155.25 17.48 16.60
CA GLY FC 65 -154.64 17.08 17.86
C GLY FC 65 -153.46 17.94 18.26
N GLY FC 88 -156.38 22.97 14.38
CA GLY FC 88 -156.47 23.57 13.07
C GLY FC 88 -156.63 22.55 11.95
N GLY FC 89 -157.84 22.01 11.81
CA GLY FC 89 -158.11 21.07 10.74
C GLY FC 89 -158.06 21.71 9.38
N THR FC 90 -158.58 22.94 9.26
CA THR FC 90 -158.46 23.69 8.01
C THR FC 90 -157.02 24.04 7.71
N VAL FC 91 -156.22 24.31 8.76
CA VAL FC 91 -154.78 24.54 8.60
C VAL FC 91 -154.10 23.29 8.07
N GLY FC 92 -154.49 22.13 8.59
CA GLY FC 92 -153.95 20.89 8.08
C GLY FC 92 -154.37 20.60 6.65
N LEU FC 93 -155.60 20.97 6.29
CA LEU FC 93 -156.07 20.76 4.92
C LEU FC 93 -155.33 21.66 3.93
N VAL FC 94 -155.14 22.93 4.28
CA VAL FC 94 -154.41 23.81 3.37
C VAL FC 94 -152.93 23.45 3.33
N ALA FC 95 -152.39 22.93 4.44
CA ALA FC 95 -151.02 22.43 4.42
C ALA FC 95 -150.91 21.19 3.55
N SER FC 96 -151.92 20.33 3.55
CA SER FC 96 -151.88 19.12 2.74
C SER FC 96 -152.03 19.45 1.26
N ILE FC 97 -152.90 20.40 0.91
CA ILE FC 97 -153.00 20.77 -0.50
C ILE FC 97 -151.82 21.63 -0.94
N TYR FC 98 -151.07 22.21 0.01
CA TYR FC 98 -149.77 22.77 -0.33
C TYR FC 98 -148.75 21.67 -0.59
N ARG FC 99 -148.74 20.64 0.24
CA ARG FC 99 -147.70 19.62 0.19
C ARG FC 99 -147.88 18.64 -0.97
N ASP FC 100 -149.11 18.30 -1.32
CA ASP FC 100 -149.33 17.30 -2.37
C ASP FC 100 -149.44 17.94 -3.75
N SER FC 101 -149.21 19.24 -3.85
CA SER FC 101 -149.33 19.97 -5.10
C SER FC 101 -148.27 19.53 -6.10
N LYS FC 102 -148.49 19.91 -7.36
CA LYS FC 102 -147.62 19.48 -8.46
C LYS FC 102 -146.21 20.05 -8.29
N ARG FC 103 -146.10 21.31 -7.88
CA ARG FC 103 -144.78 21.90 -7.66
C ARG FC 103 -144.06 21.23 -6.50
N LYS FC 104 -144.76 20.96 -5.40
CA LYS FC 104 -144.12 20.34 -4.25
C LYS FC 104 -143.77 18.88 -4.51
N ILE FC 105 -144.61 18.17 -5.26
CA ILE FC 105 -144.29 16.78 -5.54
C ILE FC 105 -143.17 16.69 -6.58
N ILE FC 106 -143.06 17.69 -7.46
CA ILE FC 106 -141.93 17.75 -8.38
C ILE FC 106 -140.65 18.07 -7.60
N ARG FC 107 -140.75 18.95 -6.61
CA ARG FC 107 -139.61 19.26 -5.75
C ARG FC 107 -139.15 18.05 -4.96
N ASP FC 108 -140.09 17.24 -4.47
CA ASP FC 108 -139.73 16.03 -3.75
C ASP FC 108 -139.15 14.97 -4.70
N LEU FC 109 -139.68 14.89 -5.91
CA LEU FC 109 -139.14 13.95 -6.88
C LEU FC 109 -137.78 14.38 -7.41
N GLN FC 110 -137.45 15.67 -7.29
CA GLN FC 110 -136.12 16.16 -7.60
C GLN FC 110 -135.17 16.04 -6.42
N LYS FC 111 -135.71 16.06 -5.20
CA LYS FC 111 -134.93 15.64 -4.04
C LYS FC 111 -134.52 14.18 -4.18
N GLN FC 112 -135.45 13.34 -4.62
CA GLN FC 112 -135.10 12.01 -5.06
C GLN FC 112 -134.39 12.08 -6.40
N ASP FC 113 -133.80 10.96 -6.81
CA ASP FC 113 -132.94 10.96 -7.99
C ASP FC 113 -133.74 10.67 -9.27
N ILE FC 114 -134.79 11.44 -9.51
CA ILE FC 114 -135.70 11.21 -10.63
C ILE FC 114 -135.75 12.48 -11.47
N GLN FC 115 -135.58 12.34 -12.78
CA GLN FC 115 -135.52 13.50 -13.66
C GLN FC 115 -136.86 13.68 -14.38
N TYR FC 116 -137.34 14.91 -14.44
CA TYR FC 116 -138.57 15.22 -15.16
C TYR FC 116 -138.33 16.43 -16.04
N VAL FC 117 -138.80 16.35 -17.29
CA VAL FC 117 -138.72 17.47 -18.23
C VAL FC 117 -140.09 17.63 -18.90
N GLU FC 118 -140.65 18.83 -18.79
CA GLU FC 118 -141.83 19.20 -19.56
C GLU FC 118 -141.42 20.21 -20.62
N TYR FC 119 -141.75 19.91 -21.87
CA TYR FC 119 -141.37 20.72 -23.02
C TYR FC 119 -142.61 20.89 -23.89
N GLY FC 120 -143.36 21.96 -23.64
CA GLY FC 120 -144.62 22.16 -24.32
C GLY FC 120 -145.68 21.18 -23.86
N ASP FC 121 -146.00 20.21 -24.70
CA ASP FC 121 -147.04 19.23 -24.40
C ASP FC 121 -146.50 17.85 -24.08
N THR FC 122 -145.45 17.40 -24.78
CA THR FC 122 -144.86 16.11 -24.49
C THR FC 122 -144.06 16.19 -23.20
N ARG FC 123 -144.28 15.25 -22.30
CA ARG FC 123 -143.62 15.26 -21.00
C ARG FC 123 -142.85 13.96 -20.81
N THR FC 124 -141.64 14.08 -20.25
CA THR FC 124 -140.69 12.99 -20.18
C THR FC 124 -140.20 12.80 -18.74
N LEU FC 125 -140.10 11.53 -18.34
CA LEU FC 125 -139.64 11.13 -17.02
C LEU FC 125 -138.47 10.16 -17.17
N ILE FC 126 -137.46 10.32 -16.34
CA ILE FC 126 -136.21 9.56 -16.46
C ILE FC 126 -135.90 8.93 -15.11
N ILE FC 127 -135.73 7.61 -15.12
CA ILE FC 127 -135.49 6.81 -13.93
C ILE FC 127 -134.11 6.17 -14.05
N PRO FC 128 -133.30 6.18 -13.00
CA PRO FC 128 -132.01 5.46 -13.03
C PRO FC 128 -132.21 3.99 -12.73
N THR FC 129 -131.74 3.14 -13.65
CA THR FC 129 -131.86 1.69 -13.49
C THR FC 129 -131.03 1.20 -12.32
N ASP FC 130 -129.81 1.72 -12.18
CA ASP FC 130 -128.85 1.21 -11.21
C ASP FC 130 -129.23 1.56 -9.78
N LYS FC 131 -130.07 2.58 -9.58
CA LYS FC 131 -130.53 2.92 -8.24
C LYS FC 131 -131.96 2.52 -7.96
N TYR FC 132 -132.80 2.39 -8.99
CA TYR FC 132 -134.18 2.01 -8.78
C TYR FC 132 -134.47 0.58 -9.21
N PHE FC 133 -133.43 -0.21 -9.43
CA PHE FC 133 -133.59 -1.60 -9.85
C PHE FC 133 -132.76 -2.50 -8.95
N MET FC 134 -133.20 -3.75 -8.83
CA MET FC 134 -132.33 -4.77 -8.30
C MET FC 134 -131.27 -5.09 -9.35
N PHE FC 135 -130.04 -5.31 -8.88
CA PHE FC 135 -128.88 -5.29 -9.77
C PHE FC 135 -128.85 -6.49 -10.71
N SER FC 136 -128.55 -6.21 -11.99
CA SER FC 136 -128.29 -7.20 -13.03
C SER FC 136 -129.48 -8.14 -13.22
N SER FC 137 -130.68 -7.59 -13.11
CA SER FC 137 -131.88 -8.41 -13.02
C SER FC 137 -133.06 -7.57 -13.45
N PRO FC 138 -134.14 -8.21 -13.92
CA PRO FC 138 -135.41 -7.50 -14.06
C PRO FC 138 -136.13 -7.28 -12.74
N ARG FC 139 -135.60 -7.79 -11.64
CA ARG FC 139 -136.19 -7.56 -10.33
C ARG FC 139 -136.02 -6.09 -9.92
N LEU FC 140 -136.85 -5.68 -8.98
CA LEU FC 140 -136.97 -4.29 -8.60
C LEU FC 140 -136.23 -4.02 -7.30
N ASN FC 141 -135.64 -2.84 -7.20
CA ASN FC 141 -135.23 -2.33 -5.91
C ASN FC 141 -136.47 -2.05 -5.05
N GLU FC 142 -136.36 -2.29 -3.76
CA GLU FC 142 -137.53 -2.19 -2.90
C GLU FC 142 -137.56 -0.94 -2.05
N ILE FC 143 -136.40 -0.33 -1.77
CA ILE FC 143 -136.37 0.79 -0.84
C ILE FC 143 -136.89 2.06 -1.48
N CYS FC 144 -136.97 2.11 -2.81
CA CYS FC 144 -137.44 3.30 -3.52
C CYS FC 144 -138.96 3.36 -3.66
N TYR FC 145 -139.68 2.63 -2.80
CA TYR FC 145 -141.12 2.71 -2.79
C TYR FC 145 -141.73 4.08 -2.49
N PRO FC 146 -141.16 4.99 -1.68
CA PRO FC 146 -141.77 6.34 -1.63
C PRO FC 146 -141.65 7.09 -2.94
N GLY FC 147 -140.55 6.92 -3.66
CA GLY FC 147 -140.44 7.49 -4.98
C GLY FC 147 -141.43 6.88 -5.95
N LEU FC 148 -141.69 5.59 -5.81
CA LEU FC 148 -142.70 4.94 -6.64
C LEU FC 148 -144.10 5.48 -6.35
N ASN FC 149 -144.40 5.70 -5.07
CA ASN FC 149 -145.70 6.27 -4.70
C ASN FC 149 -145.85 7.70 -5.19
N ASN FC 150 -144.75 8.47 -5.16
CA ASN FC 150 -144.76 9.81 -5.73
C ASN FC 150 -144.97 9.78 -7.23
N VAL FC 151 -144.39 8.78 -7.90
CA VAL FC 151 -144.60 8.59 -9.33
C VAL FC 151 -146.07 8.33 -9.63
N ILE FC 152 -146.71 7.47 -8.84
CA ILE FC 152 -148.12 7.17 -9.03
C ILE FC 152 -148.98 8.40 -8.76
N ARG FC 153 -148.66 9.15 -7.70
CA ARG FC 153 -149.43 10.35 -7.38
C ARG FC 153 -149.29 11.43 -8.43
N LEU FC 154 -148.10 11.57 -9.03
CA LEU FC 154 -147.94 12.54 -10.10
C LEU FC 154 -148.64 12.10 -11.37
N LEU FC 155 -148.53 10.81 -11.71
CA LEU FC 155 -149.14 10.33 -12.94
C LEU FC 155 -150.64 10.15 -12.83
N ASN FC 156 -151.21 10.29 -11.64
CA ASN FC 156 -152.66 10.33 -11.49
C ASN FC 156 -153.28 11.57 -12.12
N PHE FC 157 -152.51 12.62 -12.39
CA PHE FC 157 -153.04 13.88 -12.87
C PHE FC 157 -153.29 13.93 -14.37
N TYR FC 158 -152.94 12.88 -15.11
CA TYR FC 158 -153.07 12.88 -16.57
C TYR FC 158 -153.86 11.65 -16.99
N PRO FC 159 -155.18 11.65 -16.78
CA PRO FC 159 -155.96 10.44 -16.94
C PRO FC 159 -156.40 10.14 -18.36
N GLN FC 160 -155.91 10.87 -19.37
CA GLN FC 160 -156.27 10.58 -20.75
C GLN FC 160 -155.07 10.46 -21.68
N SER FC 161 -153.87 10.76 -21.21
CA SER FC 161 -152.71 10.78 -22.08
C SER FC 161 -152.28 9.37 -22.47
N THR FC 162 -151.88 9.22 -23.73
CA THR FC 162 -151.24 8.00 -24.18
C THR FC 162 -149.81 7.96 -23.70
N ILE FC 163 -149.35 6.77 -23.31
CA ILE FC 163 -148.05 6.60 -22.66
C ILE FC 163 -147.15 5.75 -23.53
N TYR FC 164 -145.88 6.15 -23.63
CA TYR FC 164 -144.82 5.32 -24.19
C TYR FC 164 -143.74 5.17 -23.13
N VAL FC 165 -143.16 3.98 -23.04
CA VAL FC 165 -142.11 3.70 -22.07
C VAL FC 165 -141.00 2.91 -22.76
N ALA FC 166 -139.75 3.26 -22.44
CA ALA FC 166 -138.60 2.67 -23.09
C ALA FC 166 -137.48 2.48 -22.09
N GLY FC 167 -136.59 1.56 -22.42
CA GLY FC 167 -135.42 1.29 -21.60
C GLY FC 167 -134.15 1.37 -22.42
N PHE FC 168 -133.07 1.77 -21.76
CA PHE FC 168 -131.79 1.94 -22.44
C PHE FC 168 -130.65 1.46 -21.55
N THR FC 169 -129.59 0.97 -22.18
CA THR FC 169 -128.45 0.42 -21.47
C THR FC 169 -127.16 0.93 -22.10
N ASP FC 170 -126.05 0.36 -21.66
CA ASP FC 170 -124.72 0.77 -22.09
C ASP FC 170 -124.28 -0.06 -23.30
N ASN FC 171 -122.98 -0.03 -23.62
CA ASN FC 171 -122.46 -0.57 -24.87
C ASN FC 171 -121.91 -1.98 -24.75
N VAL FC 172 -121.71 -2.49 -23.55
CA VAL FC 172 -120.87 -3.66 -23.33
C VAL FC 172 -121.75 -4.89 -23.17
N GLY FC 173 -121.46 -5.92 -23.96
CA GLY FC 173 -122.15 -7.19 -23.91
C GLY FC 173 -122.70 -7.59 -25.25
N SER FC 174 -123.40 -8.72 -25.27
CA SER FC 174 -124.09 -9.14 -26.48
C SER FC 174 -125.28 -8.24 -26.74
N ARG FC 175 -125.51 -7.93 -28.02
CA ARG FC 175 -126.61 -7.09 -28.43
C ARG FC 175 -127.95 -7.73 -28.09
N SER FC 176 -128.05 -9.04 -28.32
CA SER FC 176 -129.25 -9.78 -27.94
C SER FC 176 -129.44 -9.76 -26.43
N HIS FC 177 -128.33 -9.84 -25.68
CA HIS FC 177 -128.39 -9.79 -24.22
C HIS FC 177 -128.92 -8.45 -23.72
N LYS FC 178 -128.41 -7.36 -24.30
CA LYS FC 178 -128.88 -6.03 -23.93
C LYS FC 178 -130.34 -5.84 -24.30
N ARG FC 179 -130.74 -6.32 -25.47
CA ARG FC 179 -132.12 -6.19 -25.91
C ARG FC 179 -133.06 -6.98 -25.01
N LYS FC 180 -132.65 -8.19 -24.61
CA LYS FC 180 -133.44 -8.99 -23.68
C LYS FC 180 -133.59 -8.31 -22.33
N LEU FC 181 -132.48 -7.78 -21.80
CA LEU FC 181 -132.51 -7.14 -20.49
C LEU FC 181 -133.38 -5.89 -20.50
N SER FC 182 -133.22 -5.05 -21.53
CA SER FC 182 -134.00 -3.82 -21.63
C SER FC 182 -135.47 -4.11 -21.85
N GLN FC 183 -135.79 -5.13 -22.65
CA GLN FC 183 -137.18 -5.51 -22.86
C GLN FC 183 -137.80 -6.03 -21.58
N ALA FC 184 -137.04 -6.80 -20.80
CA ALA FC 184 -137.54 -7.31 -19.52
C ALA FC 184 -137.80 -6.19 -18.53
N GLN FC 185 -136.87 -5.23 -18.45
CA GLN FC 185 -137.03 -4.11 -17.52
C GLN FC 185 -138.22 -3.23 -17.91
N ALA FC 186 -138.38 -2.98 -19.22
CA ALA FC 186 -139.50 -2.17 -19.68
C ALA FC 186 -140.84 -2.89 -19.45
N GLU FC 187 -140.87 -4.21 -19.64
CA GLU FC 187 -142.11 -4.94 -19.40
C GLU FC 187 -142.45 -4.98 -17.92
N THR FC 188 -141.44 -5.05 -17.05
CA THR FC 188 -141.71 -4.98 -15.61
C THR FC 188 -142.26 -3.63 -15.21
N MET FC 189 -141.72 -2.56 -15.78
CA MET FC 189 -142.25 -1.22 -15.50
C MET FC 189 -143.68 -1.07 -16.02
N MET FC 190 -143.94 -1.63 -17.20
CA MET FC 190 -145.28 -1.63 -17.78
C MET FC 190 -146.27 -2.35 -16.88
N THR FC 191 -145.89 -3.52 -16.37
CA THR FC 191 -146.78 -4.28 -15.51
C THR FC 191 -146.98 -3.60 -14.17
N PHE FC 192 -145.95 -2.94 -13.66
CA PHE FC 192 -146.12 -2.21 -12.40
C PHE FC 192 -147.07 -1.03 -12.56
N LEU FC 193 -146.98 -0.32 -13.68
CA LEU FC 193 -147.92 0.76 -13.91
C LEU FC 193 -149.33 0.24 -14.14
N TRP FC 194 -149.46 -0.91 -14.81
CA TRP FC 194 -150.77 -1.51 -15.02
C TRP FC 194 -151.36 -2.05 -13.72
N ALA FC 195 -150.50 -2.37 -12.75
CA ALA FC 195 -150.94 -2.89 -11.46
C ALA FC 195 -151.73 -1.88 -10.65
N ASN FC 196 -151.64 -0.59 -10.97
CA ASN FC 196 -152.47 0.40 -10.32
C ASN FC 196 -153.78 0.65 -11.06
N GLY FC 197 -154.12 -0.20 -12.02
CA GLY FC 197 -155.42 -0.19 -12.63
C GLY FC 197 -155.56 0.59 -13.92
N ILE FC 198 -154.45 1.00 -14.52
CA ILE FC 198 -154.52 1.76 -15.76
C ILE FC 198 -154.81 0.81 -16.91
N ALA FC 199 -155.55 1.30 -17.91
CA ALA FC 199 -155.93 0.49 -19.06
C ALA FC 199 -154.72 0.13 -19.89
N ALA FC 200 -154.70 -1.10 -20.40
CA ALA FC 200 -153.51 -1.63 -21.05
C ALA FC 200 -153.27 -0.99 -22.40
N LYS FC 201 -154.33 -0.52 -23.07
CA LYS FC 201 -154.14 0.12 -24.36
C LYS FC 201 -153.56 1.52 -24.23
N ARG FC 202 -153.50 2.07 -23.03
CA ARG FC 202 -152.94 3.40 -22.83
C ARG FC 202 -151.42 3.44 -22.90
N LEU FC 203 -150.76 2.27 -22.96
CA LEU FC 203 -149.32 2.22 -22.80
C LEU FC 203 -148.73 1.28 -23.85
N LYS FC 204 -147.45 1.51 -24.15
CA LYS FC 204 -146.67 0.64 -25.02
C LYS FC 204 -145.22 0.71 -24.59
N ALA FC 205 -144.59 -0.45 -24.44
CA ALA FC 205 -143.25 -0.55 -23.88
C ALA FC 205 -142.25 -1.07 -24.91
N GLU FC 206 -141.02 -0.57 -24.83
CA GLU FC 206 -139.95 -1.02 -25.70
C GLU FC 206 -138.62 -0.83 -25.00
N GLY FC 207 -137.77 -1.85 -25.07
CA GLY FC 207 -136.44 -1.74 -24.53
C GLY FC 207 -135.38 -1.74 -25.61
N TYR FC 208 -134.79 -0.59 -25.88
CA TYR FC 208 -133.70 -0.50 -26.82
C TYR FC 208 -132.38 -0.79 -26.09
N GLY FC 209 -131.34 -1.03 -26.87
CA GLY FC 209 -130.06 -1.36 -26.27
C GLY FC 209 -129.20 -0.12 -26.12
N ASP FC 210 -128.22 0.00 -26.99
CA ASP FC 210 -127.33 1.16 -27.05
C ASP FC 210 -127.50 1.89 -28.37
N LYS FC 211 -128.76 2.05 -28.81
CA LYS FC 211 -129.01 2.74 -30.06
C LYS FC 211 -128.72 4.23 -29.94
N ASN FC 212 -129.06 4.83 -28.81
CA ASN FC 212 -128.81 6.25 -28.59
C ASN FC 212 -128.76 6.50 -27.10
N ALA FC 213 -127.73 7.20 -26.65
CA ALA FC 213 -127.57 7.55 -25.26
C ALA FC 213 -127.24 9.04 -25.14
N ILE FC 214 -127.65 9.63 -24.02
CA ILE FC 214 -127.42 11.05 -23.76
C ILE FC 214 -126.01 11.34 -23.31
N SER FC 215 -125.18 10.31 -23.13
CA SER FC 215 -123.80 10.49 -22.73
C SER FC 215 -122.93 9.56 -23.57
N ASP FC 216 -121.63 9.64 -23.34
CA ASP FC 216 -120.66 8.82 -24.05
C ASP FC 216 -120.23 7.64 -23.18
N ASN FC 217 -119.98 6.51 -23.83
CA ASN FC 217 -119.68 5.28 -23.11
C ASN FC 217 -118.21 5.11 -22.81
N ALA FC 218 -117.33 5.96 -23.34
CA ALA FC 218 -115.91 5.87 -23.00
C ALA FC 218 -115.63 6.38 -21.60
N ILE FC 219 -116.33 7.42 -21.16
CA ILE FC 219 -116.19 7.96 -19.81
C ILE FC 219 -116.96 7.04 -18.88
N ILE FC 220 -116.40 6.82 -17.68
CA ILE FC 220 -117.02 5.94 -16.71
C ILE FC 220 -118.35 6.51 -16.22
N HIS FC 221 -118.36 7.79 -15.85
CA HIS FC 221 -119.58 8.40 -15.36
C HIS FC 221 -120.61 8.55 -16.48
N GLY FC 222 -120.17 8.85 -17.70
CA GLY FC 222 -121.09 8.92 -18.81
C GLY FC 222 -121.68 7.57 -19.17
N SER FC 223 -120.88 6.52 -19.09
CA SER FC 223 -121.39 5.17 -19.32
C SER FC 223 -122.35 4.75 -18.21
N ALA FC 224 -122.13 5.26 -16.99
CA ALA FC 224 -123.14 5.10 -15.94
C ALA FC 224 -124.42 5.85 -16.30
N GLN FC 225 -124.29 7.03 -16.88
CA GLN FC 225 -125.44 7.83 -17.29
C GLN FC 225 -126.20 7.22 -18.45
N ASN FC 226 -125.56 6.34 -19.22
CA ASN FC 226 -126.16 5.83 -20.47
C ASN FC 226 -127.42 5.02 -20.22
N ARG FC 227 -127.42 4.14 -19.23
CA ARG FC 227 -128.59 3.32 -18.96
C ARG FC 227 -129.66 4.13 -18.25
N ARG FC 228 -130.90 3.99 -18.70
CA ARG FC 228 -131.98 4.86 -18.22
C ARG FC 228 -133.32 4.19 -18.49
N ILE FC 229 -134.35 4.72 -17.83
CA ILE FC 229 -135.74 4.40 -18.14
C ILE FC 229 -136.45 5.68 -18.54
N GLU FC 230 -137.09 5.68 -19.70
CA GLU FC 230 -137.72 6.84 -20.29
C GLU FC 230 -139.22 6.64 -20.33
N ILE FC 231 -139.97 7.63 -19.86
CA ILE FC 231 -141.42 7.60 -19.86
C ILE FC 231 -141.89 8.86 -20.57
N GLN FC 232 -142.36 8.72 -21.80
CA GLN FC 232 -142.91 9.82 -22.55
C GLN FC 232 -144.43 9.75 -22.50
N TRP FC 233 -145.07 10.91 -22.42
CA TRP FC 233 -146.50 10.92 -22.68
C TRP FC 233 -146.91 12.24 -23.30
N PHE FC 234 -147.84 12.16 -24.24
CA PHE FC 234 -148.39 13.29 -24.96
C PHE FC 234 -149.51 13.91 -24.15
N THR FC 235 -150.30 14.77 -24.79
CA THR FC 235 -151.52 15.28 -24.18
C THR FC 235 -152.77 14.87 -24.94
N SER FC 236 -152.69 14.70 -26.25
CA SER FC 236 -153.82 14.26 -27.06
C SER FC 236 -153.53 12.91 -27.72
N LEU GC 113 -183.76 -17.75 -45.07
CA LEU GC 113 -183.03 -18.35 -43.95
C LEU GC 113 -182.16 -17.31 -43.27
N ASN GC 114 -182.77 -16.46 -42.44
CA ASN GC 114 -182.08 -15.33 -41.83
C ASN GC 114 -182.23 -15.24 -40.32
N ARG GC 115 -183.29 -15.79 -39.74
CA ARG GC 115 -183.53 -15.58 -38.32
C ARG GC 115 -184.21 -16.81 -37.72
N PHE GC 116 -183.92 -17.08 -36.47
CA PHE GC 116 -184.63 -18.10 -35.69
C PHE GC 116 -184.60 -17.69 -34.22
N ARG GC 117 -185.77 -17.36 -33.69
CA ARG GC 117 -185.93 -17.08 -32.27
C ARG GC 117 -186.90 -18.09 -31.70
N TYR GC 118 -186.48 -18.81 -30.67
CA TYR GC 118 -187.37 -19.78 -30.04
C TYR GC 118 -187.51 -19.50 -28.56
N GLU GC 119 -188.76 -19.58 -28.10
CA GLU GC 119 -189.14 -19.49 -26.70
C GLU GC 119 -190.23 -20.52 -26.45
N GLY GC 120 -190.29 -21.03 -25.22
CA GLY GC 120 -191.42 -21.84 -24.82
C GLY GC 120 -191.28 -23.35 -24.87
N ALA GC 121 -190.19 -23.87 -24.28
CA ALA GC 121 -190.03 -25.28 -23.88
C ALA GC 121 -190.12 -26.24 -25.07
N GLY GC 122 -189.11 -26.16 -25.94
CA GLY GC 122 -189.03 -27.05 -27.07
C GLY GC 122 -187.61 -27.47 -27.37
N VAL GC 123 -187.50 -28.43 -28.28
CA VAL GC 123 -186.23 -28.98 -28.73
C VAL GC 123 -186.12 -28.75 -30.23
N VAL GC 124 -185.02 -28.14 -30.66
CA VAL GC 124 -184.75 -27.88 -32.07
C VAL GC 124 -183.48 -28.63 -32.45
N THR GC 125 -183.58 -29.49 -33.46
CA THR GC 125 -182.46 -30.29 -33.92
C THR GC 125 -182.35 -30.16 -35.43
N GLY GC 126 -181.14 -29.86 -35.91
CA GLY GC 126 -180.93 -29.70 -37.34
C GLY GC 126 -179.49 -29.99 -37.72
N ASN GC 127 -179.30 -30.25 -39.01
CA ASN GC 127 -177.97 -30.50 -39.56
C ASN GC 127 -177.93 -30.05 -41.01
N ASN GC 128 -176.71 -29.78 -41.48
CA ASN GC 128 -176.40 -29.28 -42.82
C ASN GC 128 -177.17 -27.99 -43.13
N LEU GC 129 -176.82 -26.95 -42.37
CA LEU GC 129 -177.34 -25.61 -42.57
C LEU GC 129 -176.17 -24.69 -42.92
N ARG GC 130 -176.14 -24.21 -44.15
CA ARG GC 130 -175.10 -23.30 -44.62
C ARG GC 130 -175.67 -21.89 -44.65
N THR GC 131 -174.91 -20.94 -44.10
CA THR GC 131 -175.42 -19.58 -43.97
C THR GC 131 -174.26 -18.60 -43.92
N SER GC 132 -174.52 -17.38 -44.41
CA SER GC 132 -173.58 -16.29 -44.20
C SER GC 132 -173.84 -15.60 -42.86
N TYR GC 133 -175.11 -15.41 -42.51
CA TYR GC 133 -175.48 -14.88 -41.21
C TYR GC 133 -176.92 -15.27 -40.89
N LEU GC 134 -177.16 -15.74 -39.67
CA LEU GC 134 -178.50 -15.86 -39.15
C LEU GC 134 -178.52 -15.38 -37.70
N ASP GC 135 -179.64 -14.77 -37.32
CA ASP GC 135 -179.83 -14.24 -35.99
C ASP GC 135 -180.54 -15.30 -35.15
N LEU GC 136 -179.82 -15.85 -34.19
CA LEU GC 136 -180.33 -16.92 -33.34
C LEU GC 136 -180.63 -16.38 -31.95
N TYR GC 137 -181.84 -16.64 -31.46
CA TYR GC 137 -182.20 -16.29 -30.09
C TYR GC 137 -182.84 -17.49 -29.42
N LEU GC 138 -182.37 -17.81 -28.23
CA LEU GC 138 -182.81 -19.00 -27.50
C LEU GC 138 -183.28 -18.61 -26.11
N ALA GC 139 -184.48 -19.07 -25.74
CA ALA GC 139 -184.98 -18.83 -24.40
C ALA GC 139 -185.92 -19.96 -24.01
N ASN GC 140 -186.10 -20.10 -22.69
CA ASN GC 140 -187.09 -20.97 -22.05
C ASN GC 140 -186.87 -22.44 -22.43
N GLU GC 141 -185.67 -22.94 -22.11
CA GLU GC 141 -185.24 -24.32 -22.37
C GLU GC 141 -185.34 -24.66 -23.86
N GLY GC 142 -184.49 -24.01 -24.65
CA GLY GC 142 -184.37 -24.38 -26.04
C GLY GC 142 -183.32 -25.46 -26.19
N THR GC 143 -183.76 -26.72 -26.26
CA THR GC 143 -182.83 -27.84 -26.36
C THR GC 143 -182.33 -27.91 -27.80
N THR GC 144 -181.17 -27.33 -28.06
CA THR GC 144 -180.70 -27.11 -29.42
C THR GC 144 -179.54 -28.04 -29.74
N ARG GC 145 -179.73 -28.87 -30.77
CA ARG GC 145 -178.70 -29.71 -31.33
C ARG GC 145 -178.51 -29.30 -32.78
N LEU GC 146 -177.32 -28.81 -33.10
CA LEU GC 146 -177.01 -28.35 -34.45
C LEU GC 146 -175.76 -29.07 -34.95
N ALA GC 147 -175.84 -29.59 -36.17
CA ALA GC 147 -174.75 -30.32 -36.80
C ALA GC 147 -174.57 -29.83 -38.24
N GLY GC 148 -174.52 -28.51 -38.42
CA GLY GC 148 -174.29 -27.93 -39.71
C GLY GC 148 -173.15 -26.94 -39.67
N ASN GC 149 -172.61 -26.67 -40.85
CA ASN GC 149 -171.53 -25.68 -41.02
C ASN GC 149 -172.17 -24.31 -41.11
N ILE GC 150 -172.45 -23.73 -39.95
CA ILE GC 150 -173.13 -22.44 -39.86
C ILE GC 150 -172.09 -21.34 -39.80
N GLY GC 151 -172.19 -20.38 -40.72
CA GLY GC 151 -171.46 -19.14 -40.61
C GLY GC 151 -172.43 -18.07 -40.16
N LEU GC 152 -172.10 -17.43 -39.05
CA LEU GC 152 -173.01 -16.44 -38.47
C LEU GC 152 -172.19 -15.38 -37.76
N GLN GC 153 -172.86 -14.25 -37.49
CA GLN GC 153 -172.23 -13.12 -36.83
C GLN GC 153 -172.82 -12.81 -35.46
N LYS GC 154 -174.06 -13.18 -35.20
CA LYS GC 154 -174.69 -12.87 -33.92
C LYS GC 154 -175.48 -14.07 -33.42
N LEU GC 155 -175.32 -14.35 -32.13
CA LEU GC 155 -176.00 -15.45 -31.46
C LEU GC 155 -176.38 -14.99 -30.07
N GLU GC 156 -177.52 -15.46 -29.56
CA GLU GC 156 -177.96 -15.07 -28.22
C GLU GC 156 -178.79 -16.16 -27.59
N ALA GC 157 -178.48 -16.48 -26.34
CA ALA GC 157 -179.30 -17.36 -25.52
C ALA GC 157 -179.41 -16.75 -24.13
N VAL GC 158 -180.52 -17.02 -23.46
CA VAL GC 158 -180.73 -16.46 -22.13
C VAL GC 158 -179.96 -17.26 -21.09
N GLY GC 159 -180.32 -18.52 -20.93
CA GLY GC 159 -179.70 -19.36 -19.93
C GLY GC 159 -180.62 -20.50 -19.52
N ASN GC 160 -180.14 -21.28 -18.55
CA ASN GC 160 -180.84 -22.43 -17.98
C ASN GC 160 -181.19 -23.47 -19.03
N GLY GC 161 -180.29 -23.67 -19.98
CA GLY GC 161 -180.52 -24.61 -21.05
C GLY GC 161 -179.22 -25.05 -21.69
N VAL GC 162 -179.30 -26.14 -22.44
CA VAL GC 162 -178.14 -26.73 -23.10
C VAL GC 162 -178.21 -26.41 -24.59
N THR GC 163 -177.02 -26.29 -25.19
CA THR GC 163 -176.91 -26.07 -26.62
C THR GC 163 -175.62 -26.70 -27.12
N GLN GC 164 -175.74 -27.60 -28.09
CA GLN GC 164 -174.59 -28.30 -28.67
C GLN GC 164 -174.57 -28.01 -30.16
N ILE GC 165 -173.57 -27.25 -30.60
CA ILE GC 165 -173.43 -26.85 -32.00
C ILE GC 165 -172.10 -27.35 -32.51
N ASN GC 166 -172.13 -28.07 -33.63
CA ASN GC 166 -170.92 -28.61 -34.24
C ASN GC 166 -170.69 -27.90 -35.56
N GLY GC 167 -169.64 -27.09 -35.63
CA GLY GC 167 -169.22 -26.45 -36.86
C GLY GC 167 -169.66 -25.01 -36.97
N VAL GC 168 -168.74 -24.09 -36.66
CA VAL GC 168 -168.99 -22.65 -36.77
C VAL GC 168 -167.80 -22.01 -37.46
N SER GC 169 -168.05 -21.33 -38.58
CA SER GC 169 -167.04 -20.56 -39.29
C SER GC 169 -167.48 -19.09 -39.23
N SER GC 170 -167.09 -18.41 -38.15
CA SER GC 170 -167.55 -17.06 -37.89
C SER GC 170 -166.37 -16.09 -37.94
N ARG GC 171 -166.53 -15.03 -38.76
CA ARG GC 171 -165.52 -13.99 -38.80
C ARG GC 171 -165.59 -13.07 -37.58
N ASN GC 172 -166.78 -12.91 -37.00
CA ASN GC 172 -166.97 -12.09 -35.82
C ASN GC 172 -168.19 -12.59 -35.08
N LEU GC 173 -168.14 -12.51 -33.76
CA LEU GC 173 -169.27 -12.87 -32.93
C LEU GC 173 -169.14 -12.19 -31.58
N GLN GC 174 -170.25 -12.08 -30.87
CA GLN GC 174 -170.27 -11.52 -29.54
C GLN GC 174 -171.43 -12.11 -28.76
N ILE GC 175 -171.14 -12.65 -27.57
CA ILE GC 175 -172.11 -13.37 -26.76
C ILE GC 175 -172.21 -12.67 -25.41
N VAL GC 176 -173.44 -12.39 -24.98
CA VAL GC 176 -173.71 -11.87 -23.65
C VAL GC 176 -174.74 -12.78 -22.99
N LEU GC 177 -174.44 -13.27 -21.79
CA LEU GC 177 -175.30 -14.22 -21.11
C LEU GC 177 -175.78 -13.65 -19.79
N LYS GC 178 -176.99 -14.05 -19.42
CA LYS GC 178 -177.64 -13.53 -18.22
C LYS GC 178 -178.13 -14.66 -17.32
N GLY GC 179 -178.57 -15.76 -17.92
CA GLY GC 179 -179.00 -16.92 -17.16
C GLY GC 179 -177.86 -17.84 -16.84
N ASP GC 180 -178.11 -19.15 -16.80
CA ASP GC 180 -177.08 -20.15 -16.47
C ASP GC 180 -177.04 -21.19 -17.58
N PRO GC 181 -176.41 -20.87 -18.72
CA PRO GC 181 -176.45 -21.77 -19.87
C PRO GC 181 -175.28 -22.74 -19.91
N LYS GC 182 -175.44 -23.76 -20.75
CA LYS GC 182 -174.45 -24.81 -20.95
C LYS GC 182 -174.27 -24.97 -22.45
N VAL GC 183 -173.17 -24.45 -22.99
CA VAL GC 183 -172.99 -24.35 -24.44
C VAL GC 183 -171.67 -25.00 -24.84
N LEU GC 184 -171.72 -25.83 -25.87
CA LEU GC 184 -170.52 -26.36 -26.50
C LEU GC 184 -170.58 -26.05 -27.98
N ILE GC 185 -169.47 -25.52 -28.51
CA ILE GC 185 -169.42 -25.07 -29.90
C ILE GC 185 -168.15 -25.60 -30.54
N SER GC 186 -168.31 -26.30 -31.67
CA SER GC 186 -167.21 -26.71 -32.51
C SER GC 186 -167.08 -25.76 -33.70
N GLY GC 187 -165.88 -25.73 -34.28
CA GLY GC 187 -165.63 -24.90 -35.43
C GLY GC 187 -164.43 -23.99 -35.26
N PHE GC 188 -164.47 -22.82 -35.90
CA PHE GC 188 -163.39 -21.84 -35.81
C PHE GC 188 -164.01 -20.46 -35.69
N VAL GC 189 -163.79 -19.81 -34.55
CA VAL GC 189 -164.42 -18.54 -34.22
C VAL GC 189 -163.33 -17.50 -34.05
N ASN GC 190 -163.46 -16.39 -34.76
CA ASN GC 190 -162.60 -15.22 -34.55
C ASN GC 190 -163.33 -14.33 -33.55
N LEU GC 191 -163.05 -14.56 -32.27
CA LEU GC 191 -163.81 -13.92 -31.20
C LEU GC 191 -163.22 -12.56 -30.84
N ARG GC 192 -164.05 -11.75 -30.18
CA ARG GC 192 -163.67 -10.39 -29.81
C ARG GC 192 -163.71 -10.14 -28.31
N GLN GC 193 -164.80 -10.48 -27.64
CA GLN GC 193 -165.01 -10.06 -26.26
C GLN GC 193 -165.99 -11.00 -25.60
N LEU GC 194 -165.91 -11.10 -24.27
CA LEU GC 194 -166.86 -11.93 -23.53
C LEU GC 194 -167.08 -11.37 -22.13
N ASP GC 195 -168.35 -11.28 -21.73
CA ASP GC 195 -168.75 -10.81 -20.41
C ASP GC 195 -169.72 -11.81 -19.81
N MET GC 196 -169.46 -12.22 -18.56
CA MET GC 196 -170.23 -13.27 -17.91
C MET GC 196 -170.67 -12.81 -16.52
N TYR GC 197 -171.93 -13.05 -16.19
CA TYR GC 197 -172.52 -12.53 -14.97
C TYR GC 197 -173.37 -13.53 -14.20
N GLY GC 198 -173.56 -14.75 -14.71
CA GLY GC 198 -174.41 -15.71 -14.02
C GLY GC 198 -173.67 -16.93 -13.53
N LYS GC 199 -174.05 -18.10 -14.02
CA LYS GC 199 -173.41 -19.38 -13.74
C LYS GC 199 -173.12 -20.10 -15.05
N GLY GC 200 -172.46 -19.38 -15.96
CA GLY GC 200 -172.32 -19.87 -17.32
C GLY GC 200 -171.29 -20.98 -17.46
N THR GC 201 -171.53 -21.87 -18.42
CA THR GC 201 -170.62 -22.96 -18.72
C THR GC 201 -170.49 -23.05 -20.24
N LEU GC 202 -169.29 -22.79 -20.74
CA LEU GC 202 -169.05 -22.68 -22.17
C LEU GC 202 -167.79 -23.45 -22.54
N SER GC 203 -167.82 -24.07 -23.72
CA SER GC 203 -166.62 -24.70 -24.24
C SER GC 203 -166.51 -24.43 -25.73
N LEU GC 204 -165.35 -23.91 -26.15
CA LEU GC 204 -165.05 -23.69 -27.55
C LEU GC 204 -163.73 -24.38 -27.86
N TYR GC 205 -163.71 -25.16 -28.94
CA TYR GC 205 -162.56 -26.03 -29.18
C TYR GC 205 -161.39 -25.25 -29.78
N TRP GC 206 -161.62 -24.61 -30.92
CA TRP GC 206 -160.58 -23.82 -31.57
C TRP GC 206 -161.06 -22.40 -31.73
N ILE GC 207 -160.16 -21.46 -31.44
CA ILE GC 207 -160.42 -20.03 -31.63
C ILE GC 207 -159.13 -19.41 -32.11
N LYS GC 208 -159.09 -19.01 -33.37
CA LYS GC 208 -157.93 -18.33 -33.94
C LYS GC 208 -158.33 -16.86 -34.09
N SER GC 209 -158.15 -16.12 -33.01
CA SER GC 209 -158.45 -14.70 -32.99
C SER GC 209 -157.21 -13.93 -32.55
N ASP GC 210 -157.34 -12.63 -32.34
CA ASP GC 210 -156.20 -11.79 -32.04
C ASP GC 210 -156.26 -11.23 -30.62
N THR GC 211 -157.33 -10.51 -30.29
CA THR GC 211 -157.44 -9.82 -29.02
C THR GC 211 -158.72 -10.23 -28.33
N LEU GC 212 -158.61 -10.63 -27.07
CA LEU GC 212 -159.77 -11.03 -26.27
C LEU GC 212 -159.79 -10.25 -24.97
N THR GC 213 -160.98 -9.79 -24.60
CA THR GC 213 -161.22 -9.15 -23.31
C THR GC 213 -162.35 -9.89 -22.62
N ILE GC 214 -162.07 -10.42 -21.44
CA ILE GC 214 -163.01 -11.27 -20.72
C ILE GC 214 -163.28 -10.64 -19.37
N ARG GC 215 -164.55 -10.45 -19.05
CA ARG GC 215 -164.99 -9.99 -17.74
C ARG GC 215 -165.84 -11.07 -17.11
N ALA GC 216 -165.54 -11.42 -15.85
CA ALA GC 216 -166.28 -12.46 -15.16
C ALA GC 216 -166.69 -11.97 -13.78
N LYS GC 217 -168.00 -12.05 -13.50
CA LYS GC 217 -168.57 -11.46 -12.29
C LYS GC 217 -168.91 -12.51 -11.23
N LYS GC 218 -169.73 -13.50 -11.58
CA LYS GC 218 -170.33 -14.38 -10.58
C LYS GC 218 -169.84 -15.82 -10.66
N ALA GC 219 -170.04 -16.49 -11.80
CA ALA GC 219 -169.62 -17.89 -11.93
C ALA GC 219 -169.52 -18.21 -13.42
N ALA GC 220 -168.31 -18.54 -13.86
CA ALA GC 220 -168.10 -18.93 -15.25
C ALA GC 220 -167.20 -20.15 -15.26
N LYS GC 221 -167.44 -21.02 -16.25
CA LYS GC 221 -166.61 -22.21 -16.45
C LYS GC 221 -166.40 -22.33 -17.96
N ILE GC 222 -165.25 -21.86 -18.42
CA ILE GC 222 -164.98 -21.71 -19.84
C ILE GC 222 -163.79 -22.60 -20.22
N GLN GC 223 -163.97 -23.38 -21.28
CA GLN GC 223 -162.94 -24.27 -21.79
C GLN GC 223 -162.48 -23.73 -23.14
N LEU GC 224 -161.31 -23.10 -23.16
CA LEU GC 224 -160.80 -22.41 -24.33
C LEU GC 224 -159.38 -22.88 -24.66
N ALA GC 225 -159.09 -22.91 -25.96
CA ALA GC 225 -157.79 -23.33 -26.45
C ALA GC 225 -157.60 -22.80 -27.86
N GLY GC 226 -156.42 -22.29 -28.16
CA GLY GC 226 -156.15 -21.77 -29.48
C GLY GC 226 -155.02 -20.74 -29.45
N ILE GC 227 -155.04 -19.87 -30.46
CA ILE GC 227 -153.99 -18.88 -30.68
C ILE GC 227 -154.58 -17.50 -30.45
N VAL GC 228 -153.99 -16.75 -29.50
CA VAL GC 228 -154.43 -15.41 -29.17
C VAL GC 228 -153.21 -14.49 -29.16
N ASN GC 229 -153.28 -13.39 -29.90
CA ASN GC 229 -152.17 -12.44 -29.89
C ASN GC 229 -152.17 -11.58 -28.63
N ARG GC 230 -153.33 -11.26 -28.08
CA ARG GC 230 -153.38 -10.38 -26.91
C ARG GC 230 -154.65 -10.67 -26.13
N LEU GC 231 -154.51 -10.90 -24.83
CA LEU GC 231 -155.65 -11.28 -24.01
C LEU GC 231 -155.59 -10.56 -22.66
N ASP GC 232 -156.77 -10.12 -22.21
CA ASP GC 232 -156.93 -9.57 -20.87
C ASP GC 232 -158.17 -10.18 -20.24
N VAL GC 233 -158.08 -10.47 -18.95
CA VAL GC 233 -159.16 -11.13 -18.24
C VAL GC 233 -159.26 -10.58 -16.83
N GLU GC 234 -160.45 -10.12 -16.46
CA GLU GC 234 -160.76 -9.60 -15.14
C GLU GC 234 -161.72 -10.55 -14.45
N LEU GC 235 -161.36 -10.99 -13.24
CA LEU GC 235 -162.15 -11.89 -12.43
C LEU GC 235 -162.56 -11.17 -11.16
N TRP GC 236 -163.85 -11.23 -10.80
CA TRP GC 236 -164.30 -10.53 -9.61
C TRP GC 236 -164.47 -11.44 -8.40
N ASP GC 237 -165.32 -12.46 -8.50
CA ASP GC 237 -165.59 -13.32 -7.35
C ASP GC 237 -166.21 -14.63 -7.82
N PHE GC 238 -165.68 -15.74 -7.29
CA PHE GC 238 -166.18 -17.10 -7.54
C PHE GC 238 -166.16 -17.45 -9.02
N ALA GC 239 -165.16 -16.96 -9.73
CA ALA GC 239 -165.09 -17.08 -11.17
C ALA GC 239 -163.89 -17.93 -11.54
N GLN GC 240 -164.11 -18.88 -12.44
CA GLN GC 240 -163.10 -19.86 -12.84
C GLN GC 240 -162.81 -19.66 -14.32
N PHE GC 241 -161.53 -19.67 -14.67
CA PHE GC 241 -161.13 -19.60 -16.07
C PHE GC 241 -160.04 -20.64 -16.31
N LYS GC 242 -160.43 -21.79 -16.87
CA LYS GC 242 -159.49 -22.86 -17.16
C LYS GC 242 -158.99 -22.71 -18.59
N GLY GC 243 -158.22 -21.63 -18.80
CA GLY GC 243 -157.70 -21.38 -20.14
C GLY GC 243 -156.40 -22.09 -20.41
N LYS GC 244 -156.28 -23.32 -19.94
CA LYS GC 244 -155.15 -24.16 -20.31
C LYS GC 244 -155.25 -24.52 -21.79
N TYR GC 245 -154.07 -24.75 -22.39
CA TYR GC 245 -153.86 -24.99 -23.83
C TYR GC 245 -154.31 -23.82 -24.70
N LEU GC 246 -154.48 -22.64 -24.12
CA LEU GC 246 -154.85 -21.43 -24.85
C LEU GC 246 -153.65 -20.51 -24.85
N ARG GC 247 -152.98 -20.42 -25.99
CA ARG GC 247 -151.69 -19.76 -26.06
C ARG GC 247 -151.87 -18.27 -26.32
N ALA GC 248 -151.29 -17.45 -25.45
CA ALA GC 248 -151.42 -16.00 -25.53
C ALA GC 248 -150.04 -15.36 -25.56
N GLN GC 249 -149.78 -14.54 -26.57
CA GLN GC 249 -148.52 -13.82 -26.65
C GLN GC 249 -148.42 -12.79 -25.53
N ARG GC 250 -149.47 -11.99 -25.35
CA ARG GC 250 -149.59 -11.07 -24.24
C ARG GC 250 -150.75 -11.51 -23.36
N SER GC 251 -150.46 -11.72 -22.08
CA SER GC 251 -151.50 -12.12 -21.14
C SER GC 251 -151.57 -11.13 -20.00
N PHE GC 252 -152.78 -10.64 -19.71
CA PHE GC 252 -153.05 -9.75 -18.59
C PHE GC 252 -154.16 -10.36 -17.75
N VAL GC 253 -153.87 -10.59 -16.48
CA VAL GC 253 -154.81 -11.21 -15.56
C VAL GC 253 -154.97 -10.29 -14.36
N LYS GC 254 -156.19 -9.86 -14.08
CA LYS GC 254 -156.48 -9.07 -12.88
C LYS GC 254 -157.59 -9.77 -12.12
N THR GC 255 -157.27 -10.21 -10.90
CA THR GC 255 -158.14 -11.08 -10.13
C THR GC 255 -158.41 -10.47 -8.76
N HIS GC 256 -159.68 -10.35 -8.42
CA HIS GC 256 -160.12 -9.92 -7.10
C HIS GC 256 -160.33 -11.17 -6.23
N ASP GC 257 -161.04 -11.00 -5.12
CA ASP GC 257 -161.18 -12.05 -4.11
C ASP GC 257 -161.88 -13.30 -4.66
N LYS GC 258 -161.33 -14.46 -4.31
CA LYS GC 258 -161.87 -15.79 -4.62
C LYS GC 258 -162.01 -16.00 -6.13
N SER GC 259 -160.86 -16.04 -6.79
CA SER GC 259 -160.82 -16.20 -8.23
C SER GC 259 -159.86 -17.32 -8.59
N VAL GC 260 -160.19 -18.03 -9.67
CA VAL GC 260 -159.43 -19.19 -10.13
C VAL GC 260 -159.05 -18.95 -11.58
N ALA GC 261 -157.75 -18.96 -11.87
CA ALA GC 261 -157.28 -18.74 -13.23
C ALA GC 261 -156.17 -19.75 -13.56
N GLU GC 262 -156.27 -20.38 -14.72
CA GLU GC 262 -155.27 -21.33 -15.20
C GLU GC 262 -154.89 -20.91 -16.61
N ILE GC 263 -153.69 -20.36 -16.77
CA ILE GC 263 -153.28 -19.69 -17.99
C ILE GC 263 -152.16 -20.47 -18.67
N SER GC 264 -151.94 -20.13 -19.94
CA SER GC 264 -150.96 -20.79 -20.79
C SER GC 264 -150.17 -19.76 -21.59
N ALA GC 265 -149.69 -18.72 -20.91
CA ALA GC 265 -148.95 -17.65 -21.58
C ALA GC 265 -147.58 -18.14 -22.03
N VAL GC 266 -147.15 -17.69 -23.21
CA VAL GC 266 -145.95 -18.20 -23.85
C VAL GC 266 -144.81 -17.19 -23.81
N ASN GC 267 -145.08 -15.90 -24.00
CA ASN GC 267 -144.03 -14.89 -24.08
C ASN GC 267 -144.07 -13.92 -22.91
N HIS GC 268 -145.18 -13.23 -22.72
CA HIS GC 268 -145.25 -12.10 -21.81
C HIS GC 268 -146.46 -12.26 -20.90
N GLN GC 269 -146.18 -12.34 -19.59
CA GLN GC 269 -147.17 -12.69 -18.58
C GLN GC 269 -147.29 -11.55 -17.58
N SER GC 270 -148.51 -11.10 -17.35
CA SER GC 270 -148.80 -10.04 -16.40
C SER GC 270 -149.96 -10.49 -15.53
N SER GC 271 -149.74 -10.51 -14.22
CA SER GC 271 -150.77 -11.06 -13.34
C SER GC 271 -150.81 -10.31 -12.02
N LEU GC 272 -152.03 -10.06 -11.55
CA LEU GC 272 -152.25 -9.39 -10.27
C LEU GC 272 -153.42 -10.06 -9.56
N ALA GC 273 -153.25 -10.32 -8.26
CA ALA GC 273 -154.27 -10.95 -7.45
C ALA GC 273 -154.40 -10.21 -6.13
N THR GC 274 -155.65 -9.97 -5.71
CA THR GC 274 -155.86 -9.19 -4.49
C THR GC 274 -155.72 -10.05 -3.24
N ASP GC 275 -156.62 -11.02 -3.08
CA ASP GC 275 -156.64 -11.84 -1.87
C ASP GC 275 -157.37 -13.13 -2.17
N ALA GC 276 -156.81 -14.25 -1.65
CA ALA GC 276 -157.39 -15.59 -1.76
C ALA GC 276 -157.62 -16.01 -3.20
N SER GC 277 -156.77 -15.55 -4.11
CA SER GC 277 -156.92 -15.80 -5.53
C SER GC 277 -155.78 -16.68 -6.00
N ASP GC 278 -156.11 -17.65 -6.85
CA ASP GC 278 -155.13 -18.60 -7.35
C ASP GC 278 -154.99 -18.44 -8.85
N ILE GC 279 -153.76 -18.17 -9.30
CA ILE GC 279 -153.42 -18.12 -10.70
C ILE GC 279 -152.30 -19.12 -10.93
N TYR GC 280 -152.54 -20.07 -11.82
CA TYR GC 280 -151.57 -21.12 -12.13
C TYR GC 280 -151.24 -21.02 -13.60
N TYR GC 281 -149.97 -20.81 -13.93
CA TYR GC 281 -149.63 -20.89 -15.34
C TYR GC 281 -149.19 -22.31 -15.68
N TYR GC 282 -149.07 -22.58 -16.97
CA TYR GC 282 -148.60 -23.91 -17.36
C TYR GC 282 -147.57 -23.84 -18.48
N ASN GC 283 -146.97 -22.68 -18.70
CA ASN GC 283 -145.93 -22.55 -19.71
C ASN GC 283 -144.92 -21.52 -19.23
N LEU GC 284 -143.66 -21.76 -19.57
CA LEU GC 284 -142.57 -20.90 -19.13
C LEU GC 284 -142.52 -19.67 -20.03
N SER GC 285 -142.99 -18.55 -19.50
CA SER GC 285 -142.98 -17.31 -20.26
C SER GC 285 -141.56 -16.77 -20.38
N LYS GC 286 -141.30 -16.08 -21.50
CA LYS GC 286 -140.05 -15.35 -21.66
C LYS GC 286 -139.97 -14.22 -20.64
N THR GC 287 -141.08 -13.53 -20.42
CA THR GC 287 -141.16 -12.44 -19.47
C THR GC 287 -142.31 -12.70 -18.52
N ARG GC 288 -142.05 -12.57 -17.23
CA ARG GC 288 -143.04 -12.88 -16.20
C ARG GC 288 -143.10 -11.73 -15.20
N ALA GC 289 -144.31 -11.31 -14.86
CA ALA GC 289 -144.50 -10.30 -13.82
C ALA GC 289 -145.78 -10.59 -13.07
N ASP GC 290 -145.67 -10.80 -11.76
CA ASP GC 290 -146.78 -11.21 -10.92
C ASP GC 290 -146.80 -10.37 -9.66
N PHE GC 291 -148.00 -10.10 -9.14
CA PHE GC 291 -148.15 -9.34 -7.92
C PHE GC 291 -149.35 -9.84 -7.11
N MET GC 292 -149.16 -9.91 -5.79
CA MET GC 292 -150.22 -10.27 -4.86
C MET GC 292 -150.38 -9.14 -3.85
N ALA GC 293 -151.63 -8.88 -3.46
CA ALA GC 293 -151.92 -7.76 -2.56
C ALA GC 293 -152.11 -8.19 -1.11
N PHE GC 294 -153.09 -9.04 -0.83
CA PHE GC 294 -153.30 -9.52 0.53
C PHE GC 294 -153.00 -11.00 0.66
N ASN GC 295 -153.62 -11.84 -0.18
CA ASN GC 295 -153.40 -13.28 -0.12
C ASN GC 295 -153.42 -13.91 -1.50
N GLY GC 296 -152.97 -13.18 -2.52
CA GLY GC 296 -152.93 -13.74 -3.85
C GLY GC 296 -151.81 -14.75 -4.01
N SER GC 297 -151.92 -15.56 -5.07
CA SER GC 297 -150.92 -16.59 -5.30
C SER GC 297 -150.79 -16.86 -6.78
N VAL GC 298 -149.56 -16.95 -7.27
CA VAL GC 298 -149.26 -17.30 -8.65
C VAL GC 298 -148.25 -18.43 -8.63
N LEU GC 299 -148.58 -19.54 -9.30
CA LEU GC 299 -147.81 -20.77 -9.20
C LEU GC 299 -147.51 -21.35 -10.58
N ASP GC 300 -146.50 -22.22 -10.60
CA ASP GC 300 -145.91 -22.76 -11.81
C ASP GC 300 -146.58 -24.03 -12.30
N MET GC 301 -146.85 -24.97 -11.37
CA MET GC 301 -147.75 -26.11 -11.59
C MET GC 301 -147.31 -27.01 -12.75
N ARG GC 302 -146.01 -27.21 -12.89
CA ARG GC 302 -145.49 -28.10 -13.90
C ARG GC 302 -145.47 -29.52 -13.36
N GLU GC 303 -144.82 -30.43 -14.10
CA GLU GC 303 -144.94 -31.85 -13.80
C GLU GC 303 -143.73 -32.43 -13.06
N TRP GC 304 -142.56 -31.80 -13.16
CA TRP GC 304 -141.28 -32.27 -12.62
C TRP GC 304 -140.88 -33.65 -13.14
N GLY GC 305 -141.40 -34.05 -14.29
CA GLY GC 305 -141.16 -35.39 -14.79
C GLY GC 305 -140.96 -35.40 -16.28
N GLN GC 306 -140.98 -34.21 -16.87
CA GLN GC 306 -140.68 -34.09 -18.29
C GLN GC 306 -139.20 -34.30 -18.52
N SER GC 307 -138.87 -35.14 -19.50
CA SER GC 307 -137.47 -35.39 -19.84
C SER GC 307 -136.82 -34.23 -20.56
N ASP GC 308 -137.57 -33.21 -20.97
CA ASP GC 308 -137.02 -32.06 -21.68
C ASP GC 308 -137.64 -30.77 -21.16
N LEU GC 309 -137.84 -30.67 -19.85
CA LEU GC 309 -138.40 -29.46 -19.27
C LEU GC 309 -137.30 -28.44 -19.03
N LYS GC 310 -137.56 -27.20 -19.43
CA LYS GC 310 -136.62 -26.11 -19.18
C LYS GC 310 -136.90 -25.46 -17.84
N ASP GC 311 -135.85 -24.94 -17.23
CA ASP GC 311 -135.91 -24.31 -15.92
C ASP GC 311 -135.84 -22.79 -16.08
N PHE GC 312 -135.68 -22.09 -14.96
CA PHE GC 312 -135.52 -20.65 -14.98
C PHE GC 312 -134.20 -20.27 -15.65
N ASP GC 313 -134.25 -19.20 -16.44
CA ASP GC 313 -133.10 -18.68 -17.15
C ASP GC 313 -132.68 -17.36 -16.50
N ARG GC 314 -131.75 -16.66 -17.15
CA ARG GC 314 -131.23 -15.41 -16.61
C ARG GC 314 -132.30 -14.33 -16.55
N TYR GC 315 -133.12 -14.22 -17.60
CA TYR GC 315 -133.95 -13.05 -17.78
C TYR GC 315 -135.34 -13.20 -17.19
N ASN GC 316 -135.84 -14.42 -17.07
CA ASN GC 316 -137.20 -14.61 -16.57
C ASN GC 316 -137.24 -14.97 -15.10
N LYS GC 317 -136.09 -15.04 -14.43
CA LYS GC 317 -136.04 -15.50 -13.04
C LYS GC 317 -136.41 -14.35 -12.11
N GLN GC 318 -137.71 -14.07 -12.07
CA GLN GC 318 -138.26 -13.10 -11.13
C GLN GC 318 -138.73 -13.86 -9.90
N PHE GC 319 -138.07 -13.60 -8.77
CA PHE GC 319 -138.38 -14.33 -7.55
C PHE GC 319 -139.68 -13.81 -6.95
N PRO GC 320 -140.68 -14.67 -6.74
CA PRO GC 320 -141.97 -14.28 -6.17
C PRO GC 320 -141.86 -13.89 -4.71
N ASP HC 39 -110.85 -11.62 25.78
CA ASP HC 39 -110.01 -12.79 25.63
C ASP HC 39 -110.65 -14.02 26.25
N GLY HC 40 -111.76 -13.81 26.95
CA GLY HC 40 -112.43 -14.91 27.61
C GLY HC 40 -113.30 -15.66 26.63
N CYS HC 41 -112.76 -16.75 26.08
CA CYS HC 41 -113.46 -17.46 25.02
C CYS HC 41 -114.66 -18.24 25.55
N CYS HC 42 -114.48 -18.96 26.65
CA CYS HC 42 -115.59 -19.68 27.26
C CYS HC 42 -116.27 -18.86 28.34
N SER HC 43 -116.61 -17.61 28.02
CA SER HC 43 -117.26 -16.73 28.96
C SER HC 43 -118.76 -17.01 28.99
N LYS HC 44 -119.34 -16.84 30.19
CA LYS HC 44 -120.74 -17.15 30.49
C LYS HC 44 -121.10 -18.60 30.19
N MET HC 45 -120.11 -19.49 30.33
CA MET HC 45 -120.29 -20.91 30.10
C MET HC 45 -119.77 -21.59 31.36
N GLY HC 46 -119.57 -22.91 31.28
CA GLY HC 46 -118.96 -23.63 32.40
C GLY HC 46 -117.50 -23.35 32.63
N GLY HC 47 -116.87 -22.52 31.81
CA GLY HC 47 -115.45 -22.28 31.86
C GLY HC 47 -114.73 -22.99 30.73
N ILE HC 48 -113.46 -22.65 30.57
CA ILE HC 48 -112.63 -23.29 29.56
C ILE HC 48 -112.10 -24.60 30.12
N ASN HC 49 -112.35 -25.70 29.42
CA ASN HC 49 -111.83 -26.98 29.91
C ASN HC 49 -110.37 -27.14 29.52
N TYR HC 50 -110.07 -27.22 28.23
CA TYR HC 50 -108.68 -27.35 27.77
C TYR HC 50 -108.61 -26.99 26.29
N CYS HC 51 -107.48 -27.31 25.66
CA CYS HC 51 -107.29 -27.08 24.24
C CYS HC 51 -107.13 -28.42 23.54
N ASP HC 52 -108.00 -28.69 22.57
CA ASP HC 52 -107.85 -29.85 21.70
C ASP HC 52 -106.99 -29.41 20.53
N SER HC 53 -105.71 -29.77 20.57
CA SER HC 53 -104.79 -29.35 19.54
C SER HC 53 -104.89 -30.16 18.26
N SER HC 54 -105.62 -31.27 18.29
CA SER HC 54 -105.93 -31.97 17.04
C SER HC 54 -106.82 -31.10 16.16
N ALA HC 55 -107.82 -30.46 16.76
CA ALA HC 55 -108.57 -29.42 16.08
C ALA HC 55 -107.90 -28.06 16.17
N GLY HC 56 -106.93 -27.91 17.08
CA GLY HC 56 -106.34 -26.62 17.31
C GLY HC 56 -107.29 -25.63 17.94
N ARG HC 57 -108.31 -26.12 18.64
CA ARG HC 57 -109.41 -25.29 19.11
C ARG HC 57 -109.59 -25.48 20.60
N LEU HC 58 -110.10 -24.46 21.25
CA LEU HC 58 -110.42 -24.56 22.66
C LEU HC 58 -111.68 -25.39 22.86
N VAL HC 59 -111.74 -26.09 23.99
CA VAL HC 59 -112.90 -26.84 24.42
C VAL HC 59 -113.30 -26.27 25.78
N CYS HC 60 -114.53 -25.79 25.86
CA CYS HC 60 -115.05 -25.26 27.10
C CYS HC 60 -115.44 -26.40 28.04
N ASN HC 61 -115.76 -26.05 29.29
CA ASN HC 61 -116.30 -27.04 30.21
C ASN HC 61 -117.69 -27.48 29.80
N ASN HC 62 -118.45 -26.61 29.15
CA ASN HC 62 -119.65 -27.05 28.47
C ASN HC 62 -119.26 -27.80 27.20
N GLY HC 63 -120.16 -28.68 26.75
CA GLY HC 63 -119.90 -29.50 25.59
C GLY HC 63 -119.92 -28.78 24.27
N PHE HC 64 -120.29 -27.50 24.27
CA PHE HC 64 -120.20 -26.70 23.06
C PHE HC 64 -118.74 -26.45 22.71
N TYR HC 65 -118.43 -26.50 21.42
CA TYR HC 65 -117.09 -26.17 20.97
C TYR HC 65 -116.86 -24.67 21.12
N SER HC 66 -115.66 -24.29 21.56
CA SER HC 66 -115.35 -22.87 21.70
C SER HC 66 -115.06 -22.26 20.34
N THR HC 67 -114.84 -20.95 20.35
CA THR HC 67 -114.68 -20.18 19.13
C THR HC 67 -113.26 -19.66 18.91
N CYS HC 68 -112.34 -19.94 19.82
CA CYS HC 68 -110.96 -19.48 19.69
C CYS HC 68 -110.06 -20.64 19.27
N TYR HC 69 -108.82 -20.30 18.96
CA TYR HC 69 -107.80 -21.30 18.67
C TYR HC 69 -106.78 -21.35 19.79
N CYS HC 70 -105.92 -22.36 19.72
CA CYS HC 70 -104.81 -22.46 20.66
C CYS HC 70 -103.50 -22.88 20.01
N THR HC 71 -103.47 -23.17 18.72
CA THR HC 71 -102.26 -23.55 18.03
C THR HC 71 -102.22 -22.87 16.68
N ARG HC 72 -101.00 -22.74 16.13
CA ARG HC 72 -100.89 -22.24 14.77
C ARG HC 72 -101.33 -23.27 13.74
N HIS HC 73 -101.42 -24.54 14.12
CA HIS HC 73 -102.01 -25.56 13.25
C HIS HC 73 -103.52 -25.57 13.45
N ALA HC 74 -104.17 -24.55 12.91
CA ALA HC 74 -105.62 -24.41 12.98
C ALA HC 74 -106.09 -23.88 11.63
N VAL HC 75 -107.34 -23.43 11.58
CA VAL HC 75 -107.96 -22.96 10.34
C VAL HC 75 -108.27 -21.48 10.53
N MET HC 76 -107.35 -20.62 10.08
CA MET HC 76 -107.58 -19.18 10.04
C MET HC 76 -107.66 -18.73 8.60
N ASP HC 77 -108.68 -17.94 8.29
CA ASP HC 77 -108.89 -17.43 6.94
C ASP HC 77 -107.88 -16.31 6.69
N LEU HC 78 -106.69 -16.72 6.26
CA LEU HC 78 -105.64 -15.76 5.96
C LEU HC 78 -105.92 -15.14 4.61
N GLN HC 79 -106.19 -13.83 4.61
CA GLN HC 79 -106.49 -13.11 3.38
C GLN HC 79 -105.62 -11.89 3.17
N PHE HC 80 -104.89 -11.44 4.17
CA PHE HC 80 -103.93 -10.35 4.00
C PHE HC 80 -102.62 -10.73 4.67
N LEU HC 81 -101.51 -10.38 4.02
CA LEU HC 81 -100.18 -10.69 4.53
C LEU HC 81 -99.29 -9.46 4.47
N MET HC 82 -98.17 -9.54 5.17
CA MET HC 82 -97.19 -8.48 5.25
C MET HC 82 -96.00 -8.83 4.36
N GLY HC 83 -94.95 -8.02 4.46
CA GLY HC 83 -93.70 -8.31 3.79
C GLY HC 83 -93.69 -7.88 2.33
N CYS HC 84 -92.52 -8.03 1.71
CA CYS HC 84 -92.33 -7.70 0.31
C CYS HC 84 -91.59 -8.83 -0.38
N CYS HC 85 -91.40 -8.68 -1.69
CA CYS HC 85 -90.90 -9.73 -2.59
C CYS HC 85 -91.74 -11.00 -2.49
N LEU HC 86 -93.05 -10.81 -2.34
CA LEU HC 86 -93.96 -11.93 -2.26
C LEU HC 86 -94.31 -12.43 -3.64
N TRP HC 87 -94.88 -13.65 -3.67
CA TRP HC 87 -95.10 -14.43 -4.90
C TRP HC 87 -93.81 -14.58 -5.70
N HIS HC 88 -92.73 -14.77 -4.98
CA HIS HC 88 -91.39 -14.83 -5.56
C HIS HC 88 -90.58 -15.81 -4.72
N GLY HC 89 -89.27 -15.76 -4.86
CA GLY HC 89 -88.40 -16.52 -3.99
C GLY HC 89 -88.10 -15.84 -2.67
N GLY HC 90 -88.81 -14.76 -2.35
CA GLY HC 90 -88.54 -14.01 -1.16
C GLY HC 90 -87.56 -12.88 -1.41
N VAL HC 91 -87.30 -12.13 -0.34
CA VAL HC 91 -86.32 -11.06 -0.40
C VAL HC 91 -84.92 -11.67 -0.49
N TYR HC 92 -84.13 -11.18 -1.45
CA TYR HC 92 -82.78 -11.69 -1.63
C TYR HC 92 -81.92 -11.31 -0.43
N PRO HC 93 -81.22 -12.26 0.18
CA PRO HC 93 -80.58 -12.00 1.49
C PRO HC 93 -79.32 -11.17 1.42
N GLN HC 94 -78.77 -10.91 0.24
CA GLN HC 94 -77.53 -10.16 0.18
C GLN HC 94 -77.77 -8.68 0.45
N LEU HC 95 -76.72 -8.00 0.89
CA LEU HC 95 -76.76 -6.57 1.13
C LEU HC 95 -76.20 -5.83 -0.08
N ASN HC 96 -76.93 -4.82 -0.54
CA ASN HC 96 -76.56 -4.09 -1.74
C ASN HC 96 -76.17 -2.66 -1.38
N SER HC 97 -75.23 -2.12 -2.16
CA SER HC 97 -74.82 -0.73 -1.98
C SER HC 97 -75.95 0.22 -2.34
N SER HC 98 -76.67 -0.07 -3.43
CA SER HC 98 -77.78 0.78 -3.84
C SER HC 98 -79.06 0.38 -3.12
N GLY HC 99 -80.02 1.29 -3.11
CA GLY HC 99 -81.26 1.09 -2.39
C GLY HC 99 -82.25 0.17 -3.05
N LEU HC 100 -82.01 -0.25 -4.29
CA LEU HC 100 -82.88 -1.19 -4.95
C LEU HC 100 -82.75 -2.58 -4.33
N VAL HC 101 -83.87 -3.29 -4.28
CA VAL HC 101 -83.92 -4.64 -3.73
C VAL HC 101 -84.46 -5.58 -4.80
N VAL HC 102 -83.72 -6.64 -5.07
CA VAL HC 102 -84.16 -7.68 -5.97
C VAL HC 102 -84.74 -8.80 -5.12
N CYS HC 103 -85.57 -9.63 -5.74
CA CYS HC 103 -86.07 -10.83 -5.09
C CYS HC 103 -85.21 -12.02 -5.53
N ASN HC 104 -85.49 -13.17 -4.93
CA ASN HC 104 -84.67 -14.34 -5.21
C ASN HC 104 -84.94 -14.94 -6.57
N ASP HC 105 -86.08 -14.64 -7.18
CA ASP HC 105 -86.37 -15.09 -8.53
C ASP HC 105 -85.90 -14.11 -9.59
N GLY HC 106 -85.15 -13.07 -9.19
CA GLY HC 106 -84.69 -12.06 -10.12
C GLY HC 106 -85.63 -10.89 -10.28
N TYR HC 107 -86.79 -10.91 -9.64
CA TYR HC 107 -87.72 -9.80 -9.73
C TYR HC 107 -87.20 -8.62 -8.90
N VAL HC 108 -87.25 -7.43 -9.48
CA VAL HC 108 -86.81 -6.23 -8.79
C VAL HC 108 -88.04 -5.54 -8.21
N SER HC 109 -88.03 -5.32 -6.90
CA SER HC 109 -89.18 -4.75 -6.19
C SER HC 109 -88.89 -3.29 -5.90
N GLU HC 110 -89.27 -2.42 -6.84
CA GLU HC 110 -89.08 -0.99 -6.68
C GLU HC 110 -89.95 -0.45 -5.55
N GLU HC 111 -91.15 -0.99 -5.39
CA GLU HC 111 -92.04 -0.56 -4.32
C GLU HC 111 -91.51 -0.95 -2.95
N CYS HC 112 -90.78 -2.06 -2.86
CA CYS HC 112 -90.09 -2.38 -1.63
C CYS HC 112 -88.84 -1.53 -1.45
N SER HC 113 -88.23 -1.10 -2.55
CA SER HC 113 -87.04 -0.27 -2.47
C SER HC 113 -87.38 1.14 -2.01
N LEU HC 114 -86.55 1.68 -1.13
CA LEU HC 114 -86.63 3.10 -0.81
C LEU HC 114 -86.06 3.91 -1.97
N GLN HC 115 -86.66 5.06 -2.22
CA GLN HC 115 -86.41 5.82 -3.43
C GLN HC 115 -85.63 7.10 -3.11
N LYS HC 116 -85.36 7.88 -4.15
CA LYS HC 116 -84.76 9.19 -4.01
C LYS HC 116 -85.85 10.23 -3.70
N UNK IC 1 -126.82 -33.07 5.63
CA UNK IC 1 -127.66 -32.99 6.82
C UNK IC 1 -129.07 -33.51 6.51
N UNK IC 2 -130.02 -32.57 6.48
CA UNK IC 2 -131.44 -32.83 6.15
C UNK IC 2 -132.05 -33.86 7.10
N UNK IC 3 -131.70 -33.80 8.38
CA UNK IC 3 -132.22 -34.74 9.36
C UNK IC 3 -132.18 -34.11 10.74
N UNK IC 4 -133.03 -34.62 11.62
CA UNK IC 4 -133.08 -34.19 13.01
C UNK IC 4 -132.73 -35.31 13.98
N UNK IC 5 -133.38 -36.46 13.84
CA UNK IC 5 -133.14 -37.59 14.72
C UNK IC 5 -133.38 -38.88 13.96
N UNK IC 6 -132.58 -39.90 14.24
CA UNK IC 6 -132.68 -41.19 13.57
C UNK IC 6 -133.87 -41.94 14.16
N UNK IC 7 -135.04 -41.65 13.63
CA UNK IC 7 -136.25 -42.37 14.04
C UNK IC 7 -136.19 -43.80 13.53
N UNK IC 8 -136.44 -44.75 14.42
CA UNK IC 8 -136.41 -46.16 14.08
C UNK IC 8 -137.83 -46.72 14.14
N UNK IC 9 -138.29 -47.25 13.01
CA UNK IC 9 -139.63 -47.83 12.81
C UNK IC 9 -140.76 -46.90 13.21
N UNK JC 1 -30.07 -10.09 -112.50
CA UNK JC 1 -29.90 -10.65 -111.16
C UNK JC 1 -31.25 -10.98 -110.53
N UNK JC 2 -32.05 -9.95 -110.34
CA UNK JC 2 -33.37 -10.09 -109.74
C UNK JC 2 -34.41 -9.42 -110.63
N UNK JC 3 -35.47 -10.15 -110.95
CA UNK JC 3 -36.60 -9.61 -111.69
C UNK JC 3 -37.88 -9.90 -110.91
N UNK JC 4 -38.75 -8.89 -110.80
CA UNK JC 4 -40.02 -9.07 -110.14
C UNK JC 4 -40.92 -10.03 -110.88
N UNK JC 5 -40.88 -10.01 -112.22
CA UNK JC 5 -41.62 -10.98 -113.02
C UNK JC 5 -41.10 -12.39 -112.82
N UNK JC 6 -39.77 -12.55 -112.71
CA UNK JC 6 -39.19 -13.85 -112.42
C UNK JC 6 -39.59 -14.35 -111.05
N UNK JC 7 -39.63 -13.45 -110.06
CA UNK JC 7 -40.05 -13.82 -108.71
C UNK JC 7 -41.52 -14.21 -108.66
N UNK JC 8 -42.36 -13.48 -109.41
CA UNK JC 8 -43.79 -13.83 -109.46
C UNK JC 8 -44.02 -15.15 -110.17
N UNK JC 9 -43.28 -15.42 -111.25
CA UNK JC 9 -43.40 -16.69 -111.95
C UNK JC 9 -42.90 -17.85 -111.09
N UNK JC 10 -41.81 -17.64 -110.34
CA UNK JC 10 -41.32 -18.67 -109.44
C UNK JC 10 -42.29 -18.92 -108.29
N UNK JC 11 -42.93 -17.87 -107.78
CA UNK JC 11 -43.94 -18.03 -106.74
C UNK JC 11 -45.17 -18.77 -107.27
N UNK JC 12 -45.56 -18.49 -108.52
CA UNK JC 12 -46.68 -19.19 -109.13
C UNK JC 12 -46.34 -20.66 -109.38
N UNK JC 13 -45.10 -20.94 -109.77
CA UNK JC 13 -44.68 -22.33 -109.96
C UNK JC 13 -44.60 -23.08 -108.63
N UNK JC 14 -44.19 -22.40 -107.56
CA UNK JC 14 -44.14 -23.04 -106.25
C UNK JC 14 -45.52 -23.21 -105.64
N UNK JC 15 -46.47 -22.32 -105.94
CA UNK JC 15 -47.81 -22.45 -105.41
C UNK JC 15 -48.60 -23.59 -106.05
N UNK JC 16 -48.18 -24.04 -107.23
CA UNK JC 16 -48.80 -25.18 -107.92
C UNK JC 16 -47.70 -26.17 -108.24
N UNK JC 17 -47.40 -27.05 -107.28
CA UNK JC 17 -46.35 -28.05 -107.50
C UNK JC 17 -46.84 -29.17 -108.40
N UNK JC 18 -48.16 -29.43 -108.41
CA UNK JC 18 -48.82 -30.46 -109.21
C UNK JC 18 -48.30 -31.87 -108.92
N UNK JC 19 -47.79 -32.09 -107.70
CA UNK JC 19 -47.29 -33.40 -107.29
C UNK JC 19 -47.30 -33.44 -105.77
N UNK JC 20 -48.18 -34.25 -105.18
CA UNK JC 20 -48.29 -34.35 -103.73
C UNK JC 20 -48.92 -35.68 -103.36
N UNK JC 21 -48.17 -36.53 -102.66
CA UNK JC 21 -48.66 -37.81 -102.21
C UNK JC 21 -48.34 -37.98 -100.73
N UNK JC 22 -49.30 -38.53 -99.98
CA UNK JC 22 -49.15 -38.69 -98.54
C UNK JC 22 -49.20 -40.17 -98.17
N UNK JC 23 -48.50 -40.52 -97.09
CA UNK JC 23 -48.44 -41.88 -96.58
C UNK JC 23 -48.79 -41.83 -95.10
N UNK JC 24 -50.04 -42.16 -94.77
CA UNK JC 24 -50.47 -42.16 -93.39
C UNK JC 24 -50.07 -43.46 -92.70
N UNK JC 25 -50.07 -43.44 -91.37
CA UNK JC 25 -49.74 -44.60 -90.57
C UNK JC 25 -50.88 -44.88 -89.59
N UNK JC 26 -51.39 -46.10 -89.62
CA UNK JC 26 -52.46 -46.51 -88.75
C UNK JC 26 -51.94 -46.74 -87.33
N UNK JC 27 -52.84 -47.10 -86.42
CA UNK JC 27 -52.51 -47.24 -85.01
C UNK JC 27 -51.61 -48.43 -84.71
N UNK JC 28 -51.52 -49.40 -85.61
CA UNK JC 28 -50.60 -50.52 -85.49
C UNK JC 28 -49.30 -50.27 -86.24
N UNK JC 29 -49.00 -48.98 -86.53
CA UNK JC 29 -47.82 -48.54 -87.30
C UNK JC 29 -47.76 -49.21 -88.68
N UNK JC 30 -48.91 -49.31 -89.34
CA UNK JC 30 -49.01 -49.87 -90.68
C UNK JC 30 -49.19 -48.75 -91.67
N UNK JC 31 -48.37 -48.75 -92.72
CA UNK JC 31 -48.31 -47.66 -93.68
C UNK JC 31 -49.34 -47.84 -94.78
N UNK JC 32 -50.01 -46.75 -95.14
CA UNK JC 32 -50.95 -46.74 -96.26
C UNK JC 32 -50.82 -45.41 -96.99
N UNK JC 33 -50.46 -45.48 -98.26
CA UNK JC 33 -50.39 -44.31 -99.13
C UNK JC 33 -51.37 -44.51 -100.28
N UNK JC 34 -52.29 -43.57 -100.42
CA UNK JC 34 -53.33 -43.68 -101.44
C UNK JC 34 -52.91 -42.94 -102.70
N UNK JC 35 -53.87 -42.72 -103.61
CA UNK JC 35 -53.60 -42.00 -104.84
C UNK JC 35 -53.33 -40.52 -104.56
N UNK JC 36 -52.44 -39.94 -105.35
CA UNK JC 36 -51.98 -38.58 -105.14
C UNK JC 36 -53.06 -37.57 -105.53
N UNK JC 37 -52.89 -36.35 -105.00
CA UNK JC 37 -53.76 -35.23 -105.33
C UNK JC 37 -52.90 -33.98 -105.50
N UNK JC 38 -53.46 -33.01 -106.23
CA UNK JC 38 -52.85 -31.71 -106.53
C UNK JC 38 -51.44 -31.80 -107.14
N UNK JC 39 -52.24 -40.52 -83.55
CA UNK JC 39 -51.23 -41.40 -84.12
C UNK JC 39 -51.57 -41.79 -85.56
N UNK JC 40 -52.75 -41.35 -86.02
CA UNK JC 40 -53.17 -41.66 -87.38
C UNK JC 40 -52.41 -40.82 -88.39
N UNK JC 41 -52.19 -39.54 -88.10
CA UNK JC 41 -51.51 -38.66 -89.04
C UNK JC 41 -50.79 -37.56 -88.27
N UNK JC 42 -49.50 -37.41 -88.53
CA UNK JC 42 -48.69 -36.37 -87.92
C UNK JC 42 -48.68 -35.15 -88.83
N UNK JC 43 -47.78 -34.20 -88.53
CA UNK JC 43 -47.63 -33.02 -89.38
C UNK JC 43 -46.76 -33.29 -90.59
N UNK JC 44 -46.08 -34.43 -90.66
CA UNK JC 44 -45.14 -34.73 -91.74
C UNK JC 44 -45.49 -36.01 -92.49
N UNK JC 45 -46.79 -36.31 -92.63
CA UNK JC 45 -47.20 -37.52 -93.31
C UNK JC 45 -47.19 -37.39 -94.83
N UNK JC 46 -47.10 -36.17 -95.36
CA UNK JC 46 -47.19 -35.96 -96.79
C UNK JC 46 -45.79 -35.81 -97.41
N UNK JC 47 -45.76 -35.72 -98.73
CA UNK JC 47 -44.55 -35.50 -99.50
C UNK JC 47 -44.94 -34.92 -100.85
N UNK JC 48 -43.98 -34.31 -101.52
CA UNK JC 48 -44.22 -33.71 -102.82
C UNK JC 48 -44.34 -34.77 -103.91
N LYS KC 24 -140.84 -4.19 9.60
CA LYS KC 24 -140.40 -2.91 10.15
C LYS KC 24 -139.24 -2.34 9.35
N PHE KC 25 -138.08 -2.98 9.46
CA PHE KC 25 -136.86 -2.55 8.78
C PHE KC 25 -136.36 -3.65 7.87
N LYS KC 26 -136.07 -3.29 6.62
CA LYS KC 26 -135.49 -4.21 5.65
C LYS KC 26 -134.14 -3.67 5.21
N LYS KC 27 -133.15 -4.51 5.21
CA LYS KC 27 -131.83 -4.03 4.87
C LYS KC 27 -131.41 -4.53 3.49
N PRO KC 28 -130.59 -3.75 2.77
CA PRO KC 28 -130.03 -4.24 1.51
C PRO KC 28 -128.97 -5.29 1.77
N PRO KC 29 -128.63 -6.09 0.77
CA PRO KC 29 -127.49 -7.00 0.91
C PRO KC 29 -126.18 -6.25 1.07
N ILE KC 30 -125.22 -6.90 1.72
CA ILE KC 30 -123.97 -6.25 2.09
C ILE KC 30 -123.12 -5.99 0.86
N ASN KC 31 -123.00 -6.98 -0.02
CA ASN KC 31 -122.15 -6.82 -1.21
C ASN KC 31 -122.94 -6.29 -2.40
N ASN KC 32 -123.65 -5.19 -2.18
CA ASN KC 32 -124.33 -4.53 -3.28
C ASN KC 32 -123.31 -3.78 -4.12
N PRO KC 33 -123.34 -3.93 -5.44
CA PRO KC 33 -122.45 -3.13 -6.29
C PRO KC 33 -122.91 -1.69 -6.33
N SER KC 34 -122.54 -0.91 -5.31
CA SER KC 34 -122.97 0.48 -5.25
C SER KC 34 -122.19 1.33 -6.25
N ASP KC 35 -120.92 1.04 -6.42
CA ASP KC 35 -120.11 1.82 -7.36
C ASP KC 35 -120.45 1.46 -8.79
N ASP KC 36 -120.48 2.49 -9.64
CA ASP KC 36 -120.73 2.30 -11.06
C ASP KC 36 -119.62 1.50 -11.72
N ALA KC 37 -118.37 1.74 -11.31
CA ALA KC 37 -117.26 0.95 -11.84
C ALA KC 37 -117.36 -0.50 -11.37
N THR KC 38 -117.83 -0.71 -10.15
CA THR KC 38 -118.09 -2.06 -9.65
C THR KC 38 -119.18 -2.74 -10.48
N ILE KC 39 -120.22 -1.98 -10.85
CA ILE KC 39 -121.30 -2.50 -11.68
C ILE KC 39 -120.75 -2.91 -13.06
N LYS KC 40 -119.93 -2.05 -13.64
CA LYS KC 40 -119.34 -2.34 -14.95
C LYS KC 40 -118.42 -3.55 -14.89
N LEU KC 41 -117.63 -3.65 -13.82
CA LEU KC 41 -116.76 -4.80 -13.64
C LEU KC 41 -117.55 -6.09 -13.47
N ALA KC 42 -118.67 -6.01 -12.74
CA ALA KC 42 -119.49 -7.19 -12.49
C ALA KC 42 -120.18 -7.67 -13.76
N GLU KC 43 -120.71 -6.75 -14.56
CA GLU KC 43 -121.34 -7.17 -15.80
C GLU KC 43 -120.30 -7.64 -16.81
N ALA KC 44 -119.09 -7.10 -16.75
CA ALA KC 44 -118.01 -7.62 -17.58
C ALA KC 44 -117.66 -9.04 -17.19
N ALA KC 45 -117.67 -9.33 -15.88
CA ALA KC 45 -117.45 -10.68 -15.41
C ALA KC 45 -118.56 -11.62 -15.86
N VAL KC 46 -119.80 -11.12 -15.85
CA VAL KC 46 -120.94 -11.89 -16.33
C VAL KC 46 -120.77 -12.22 -17.80
N SER KC 47 -120.38 -11.23 -18.59
CA SER KC 47 -120.20 -11.42 -20.02
C SER KC 47 -119.09 -12.39 -20.34
N VAL KC 48 -117.96 -12.28 -19.64
CA VAL KC 48 -116.84 -13.17 -19.94
C VAL KC 48 -117.13 -14.59 -19.46
N SER KC 49 -117.90 -14.74 -18.37
CA SER KC 49 -118.30 -16.07 -17.93
C SER KC 49 -119.25 -16.71 -18.92
N ASP KC 50 -120.19 -15.93 -19.45
CA ASP KC 50 -121.11 -16.47 -20.46
C ASP KC 50 -120.38 -16.80 -21.75
N SER KC 51 -119.42 -15.97 -22.14
CA SER KC 51 -118.66 -16.22 -23.35
C SER KC 51 -117.79 -17.47 -23.21
N MET KC 52 -117.20 -17.66 -22.02
CA MET KC 52 -116.42 -18.86 -21.77
C MET KC 52 -117.29 -20.10 -21.75
N LEU KC 53 -118.52 -19.97 -21.22
CA LEU KC 53 -119.46 -21.09 -21.24
C LEU KC 53 -119.85 -21.45 -22.67
N GLU KC 54 -120.03 -20.43 -23.52
CA GLU KC 54 -120.33 -20.71 -24.92
C GLU KC 54 -119.17 -21.38 -25.63
N MET KC 55 -117.94 -20.94 -25.30
CA MET KC 55 -116.75 -21.58 -25.86
C MET KC 55 -116.66 -23.04 -25.44
N ALA KC 56 -116.95 -23.32 -24.17
CA ALA KC 56 -116.91 -24.69 -23.67
C ALA KC 56 -118.01 -25.54 -24.31
N LYS KC 57 -119.19 -24.96 -24.49
CA LYS KC 57 -120.31 -25.69 -25.09
C LYS KC 57 -120.03 -26.02 -26.55
N VAL KC 58 -119.45 -25.07 -27.29
CA VAL KC 58 -119.15 -25.35 -28.68
C VAL KC 58 -117.91 -26.25 -28.80
N GLU KC 59 -117.10 -26.34 -27.76
CA GLU KC 59 -115.93 -27.20 -27.83
C GLU KC 59 -116.22 -28.64 -27.41
N LYS KC 60 -117.19 -28.83 -26.52
CA LYS KC 60 -117.34 -30.10 -25.82
C LYS KC 60 -117.78 -31.23 -26.76
N VAL KC 61 -117.08 -32.36 -26.69
CA VAL KC 61 -117.39 -33.54 -27.47
C VAL KC 61 -118.22 -34.48 -26.62
N ILE KC 62 -119.37 -34.90 -27.13
CA ILE KC 62 -120.33 -35.70 -26.38
C ILE KC 62 -120.51 -37.03 -27.09
N THR KC 63 -120.19 -38.11 -26.41
CA THR KC 63 -120.54 -39.42 -26.91
C THR KC 63 -122.04 -39.66 -26.72
N PRO KC 64 -122.70 -40.35 -27.64
CA PRO KC 64 -124.11 -40.68 -27.46
C PRO KC 64 -124.30 -41.70 -26.36
N PRO KC 65 -125.35 -41.55 -25.53
CA PRO KC 65 -125.55 -42.46 -24.41
C PRO KC 65 -126.15 -43.80 -24.79
N SER KC 66 -126.52 -43.99 -26.06
CA SER KC 66 -127.14 -45.24 -26.49
C SER KC 66 -126.10 -46.24 -26.99
N LYS KC 67 -125.35 -45.86 -28.02
CA LYS KC 67 -124.39 -46.74 -28.66
C LYS KC 67 -122.98 -46.55 -28.14
N ASP KC 68 -122.84 -46.01 -26.92
CA ASP KC 68 -121.54 -45.95 -26.27
C ASP KC 68 -121.09 -47.35 -25.90
N ASN KC 69 -119.85 -47.68 -26.28
CA ASN KC 69 -119.32 -49.03 -26.14
C ASN KC 69 -118.81 -49.22 -24.71
N THR KC 70 -119.75 -49.52 -23.81
CA THR KC 70 -119.42 -49.86 -22.43
C THR KC 70 -120.35 -50.98 -21.99
N LEU KC 71 -119.78 -52.09 -21.54
CA LEU KC 71 -120.56 -53.24 -21.09
C LEU KC 71 -121.27 -52.90 -19.79
N THR KC 72 -122.60 -52.80 -19.84
CA THR KC 72 -123.38 -52.42 -18.68
C THR KC 72 -123.56 -53.63 -17.76
N ILE KC 73 -124.42 -53.48 -16.76
CA ILE KC 73 -124.64 -54.48 -15.73
C ILE KC 73 -125.43 -55.65 -16.32
N PRO KC 74 -124.87 -56.87 -16.30
CA PRO KC 74 -125.63 -58.02 -16.82
C PRO KC 74 -126.66 -58.55 -15.84
N ASN KC 75 -126.55 -58.17 -14.56
CA ASN KC 75 -127.52 -58.46 -13.50
C ASN KC 75 -127.70 -59.96 -13.30
N ALA KC 76 -126.62 -60.61 -12.90
CA ALA KC 76 -126.68 -61.98 -12.42
C ALA KC 76 -126.68 -61.99 -10.90
N TYR KC 77 -127.23 -63.06 -10.33
CA TYR KC 77 -127.38 -63.12 -8.88
C TYR KC 77 -126.04 -63.31 -8.17
N ASN KC 78 -125.06 -63.91 -8.85
CA ASN KC 78 -123.72 -64.00 -8.31
C ASN KC 78 -123.01 -62.66 -8.28
N LEU KC 79 -123.43 -61.72 -9.12
CA LEU KC 79 -122.76 -60.44 -9.24
C LEU KC 79 -123.18 -59.43 -8.18
N GLN KC 80 -124.14 -59.79 -7.33
CA GLN KC 80 -124.69 -58.86 -6.37
C GLN KC 80 -123.90 -58.78 -5.07
N ALA KC 81 -122.85 -59.59 -4.94
CA ALA KC 81 -122.06 -59.60 -3.71
C ALA KC 81 -121.21 -58.35 -3.61
N ARG KC 82 -120.90 -57.95 -2.37
CA ARG KC 82 -120.13 -56.76 -2.09
C ARG KC 82 -118.85 -57.14 -1.36
N ALA KC 83 -117.74 -56.53 -1.75
CA ALA KC 83 -116.44 -56.92 -1.23
C ALA KC 83 -115.47 -55.76 -1.30
N SER KC 84 -114.26 -55.96 -0.80
CA SER KC 84 -113.19 -55.00 -0.83
C SER KC 84 -112.03 -55.58 -1.63
N VAL KC 85 -111.51 -54.81 -2.58
CA VAL KC 85 -110.41 -55.26 -3.43
C VAL KC 85 -109.42 -54.13 -3.59
N ASP KC 86 -108.15 -54.41 -3.31
CA ASP KC 86 -107.06 -53.50 -3.65
C ASP KC 86 -106.08 -54.26 -4.54
N TRP KC 87 -105.73 -53.64 -5.67
CA TRP KC 87 -104.89 -54.29 -6.67
C TRP KC 87 -104.27 -53.21 -7.55
N SER KC 88 -103.04 -53.47 -7.99
CA SER KC 88 -102.42 -52.62 -9.00
C SER KC 88 -101.50 -53.51 -9.82
N GLY KC 89 -101.96 -53.94 -10.99
CA GLY KC 89 -101.14 -54.74 -11.86
C GLY KC 89 -101.90 -55.40 -13.00
N PRO KC 90 -101.54 -56.66 -13.29
CA PRO KC 90 -102.25 -57.41 -14.35
C PRO KC 90 -103.72 -57.70 -14.06
N ILE KC 91 -104.36 -58.32 -15.05
CA ILE KC 91 -105.80 -58.47 -15.06
C ILE KC 91 -106.24 -59.92 -14.99
N GLU KC 92 -105.38 -60.88 -15.35
CA GLU KC 92 -105.81 -62.25 -15.60
C GLU KC 92 -106.10 -62.99 -14.31
N GLU KC 93 -105.16 -62.96 -13.36
CA GLU KC 93 -105.39 -63.58 -12.07
C GLU KC 93 -106.47 -62.83 -11.29
N LEU KC 94 -106.60 -61.52 -11.53
CA LEU KC 94 -107.65 -60.74 -10.89
C LEU KC 94 -109.03 -61.20 -11.33
N THR KC 95 -109.26 -61.32 -12.64
CA THR KC 95 -110.56 -61.78 -13.09
C THR KC 95 -110.75 -63.27 -12.84
N ALA KC 96 -109.65 -64.03 -12.68
CA ALA KC 96 -109.78 -65.41 -12.22
C ALA KC 96 -110.31 -65.47 -10.79
N ARG KC 97 -109.82 -64.59 -9.92
CA ARG KC 97 -110.33 -64.49 -8.55
C ARG KC 97 -111.79 -64.04 -8.54
N ILE KC 98 -112.13 -63.11 -9.44
CA ILE KC 98 -113.51 -62.63 -9.53
C ILE KC 98 -114.45 -63.75 -9.97
N ALA KC 99 -114.05 -64.52 -10.98
CA ALA KC 99 -114.85 -65.65 -11.43
C ALA KC 99 -114.93 -66.74 -10.38
N LYS KC 100 -113.87 -66.92 -9.59
CA LYS KC 100 -113.90 -67.87 -8.50
C LYS KC 100 -114.87 -67.44 -7.41
N ALA KC 101 -114.90 -66.14 -7.09
CA ALA KC 101 -115.82 -65.63 -6.09
C ALA KC 101 -117.25 -65.69 -6.59
N ALA KC 102 -117.47 -65.48 -7.88
CA ALA KC 102 -118.81 -65.54 -8.46
C ALA KC 102 -119.20 -66.95 -8.86
N HIS KC 103 -118.30 -67.94 -8.69
CA HIS KC 103 -118.51 -69.33 -9.07
C HIS KC 103 -118.87 -69.48 -10.54
N PHE KC 104 -118.19 -68.70 -11.37
CA PHE KC 104 -118.38 -68.71 -12.82
C PHE KC 104 -117.15 -69.30 -13.49
N ARG KC 105 -117.36 -70.00 -14.60
CA ARG KC 105 -116.23 -70.41 -15.41
C ARG KC 105 -115.66 -69.21 -16.15
N PHE KC 106 -114.43 -69.35 -16.61
CA PHE KC 106 -113.73 -68.25 -17.25
C PHE KC 106 -112.92 -68.75 -18.43
N ARG KC 107 -112.97 -68.00 -19.53
CA ARG KC 107 -112.22 -68.36 -20.73
C ARG KC 107 -111.51 -67.14 -21.28
N VAL KC 108 -110.45 -67.40 -22.05
CA VAL KC 108 -109.61 -66.39 -22.66
C VAL KC 108 -109.69 -66.52 -24.17
N LEU KC 109 -109.97 -65.41 -24.84
CA LEU KC 109 -109.88 -65.34 -26.29
C LEU KC 109 -108.83 -64.30 -26.65
N GLY KC 110 -107.91 -64.67 -27.52
CA GLY KC 110 -106.79 -63.83 -27.89
C GLY KC 110 -105.54 -64.20 -27.12
N LYS KC 111 -104.51 -63.39 -27.31
CA LYS KC 111 -103.22 -63.57 -26.67
C LYS KC 111 -102.79 -62.29 -25.98
N SER KC 112 -102.00 -62.43 -24.93
CA SER KC 112 -101.43 -61.26 -24.28
C SER KC 112 -100.32 -60.69 -25.15
N PRO KC 113 -100.14 -59.37 -25.15
CA PRO KC 113 -99.01 -58.76 -25.85
C PRO KC 113 -97.72 -58.92 -25.04
N SER KC 114 -96.66 -58.31 -25.55
CA SER KC 114 -95.38 -58.31 -24.85
C SER KC 114 -95.47 -57.59 -23.52
N VAL KC 115 -96.12 -56.42 -23.51
CA VAL KC 115 -96.43 -55.71 -22.27
C VAL KC 115 -97.88 -56.02 -21.92
N PRO KC 116 -98.15 -56.72 -20.84
CA PRO KC 116 -99.53 -57.03 -20.48
C PRO KC 116 -100.29 -55.84 -19.91
N VAL KC 117 -101.50 -56.11 -19.43
CA VAL KC 117 -102.36 -55.06 -18.91
C VAL KC 117 -101.79 -54.54 -17.59
N LEU KC 118 -101.71 -53.23 -17.46
CA LEU KC 118 -101.27 -52.58 -16.23
C LEU KC 118 -102.40 -51.70 -15.73
N ILE KC 119 -103.19 -52.21 -14.79
CA ILE KC 119 -104.34 -51.50 -14.26
C ILE KC 119 -104.31 -51.57 -12.75
N SER KC 120 -105.18 -50.79 -12.13
CA SER KC 120 -105.30 -50.76 -10.68
C SER KC 120 -106.76 -50.51 -10.33
N ILE KC 121 -107.15 -51.00 -9.15
CA ILE KC 121 -108.46 -50.72 -8.59
C ILE KC 121 -108.35 -50.92 -7.08
N SER KC 122 -108.85 -49.93 -6.33
CA SER KC 122 -108.78 -49.97 -4.87
C SER KC 122 -110.11 -49.48 -4.33
N THR KC 123 -110.86 -50.37 -3.69
CA THR KC 123 -112.19 -50.05 -3.21
C THR KC 123 -112.53 -50.93 -2.03
N LYS KC 124 -113.51 -50.48 -1.25
CA LYS KC 124 -113.91 -51.12 -0.01
C LYS KC 124 -115.27 -51.81 -0.10
N ASP KC 125 -116.22 -51.23 -0.85
CA ASP KC 125 -117.56 -51.80 -0.95
C ASP KC 125 -118.05 -51.57 -2.38
N GLU KC 126 -118.05 -52.64 -3.18
CA GLU KC 126 -118.48 -52.54 -4.56
C GLU KC 126 -119.02 -53.88 -5.01
N SER KC 127 -119.94 -53.84 -5.97
CA SER KC 127 -120.48 -55.07 -6.54
C SER KC 127 -119.76 -55.42 -7.84
N LEU KC 128 -119.83 -56.70 -8.17
CA LEU KC 128 -118.96 -57.27 -9.20
C LEU KC 128 -119.28 -56.74 -10.59
N ALA KC 129 -120.54 -56.37 -10.84
CA ALA KC 129 -120.92 -55.89 -12.17
C ALA KC 129 -120.25 -54.57 -12.50
N GLU KC 130 -120.35 -53.59 -11.60
CA GLU KC 130 -119.68 -52.33 -11.87
C GLU KC 130 -118.18 -52.41 -11.60
N ILE KC 131 -117.74 -53.42 -10.83
CA ILE KC 131 -116.30 -53.72 -10.76
C ILE KC 131 -115.78 -54.08 -12.15
N LEU KC 132 -116.49 -54.97 -12.84
CA LEU KC 132 -116.07 -55.36 -14.18
C LEU KC 132 -116.29 -54.25 -15.18
N ARG KC 133 -117.31 -53.40 -14.96
CA ARG KC 133 -117.50 -52.24 -15.83
C ARG KC 133 -116.35 -51.26 -15.71
N ASP KC 134 -115.88 -51.02 -14.48
CA ASP KC 134 -114.69 -50.19 -14.27
C ASP KC 134 -113.44 -50.86 -14.84
N ILE KC 135 -113.38 -52.19 -14.77
CA ILE KC 135 -112.27 -52.94 -15.35
C ILE KC 135 -112.22 -52.75 -16.86
N ASP KC 136 -113.37 -52.86 -17.52
CA ASP KC 136 -113.41 -52.68 -18.97
C ASP KC 136 -113.17 -51.23 -19.36
N TYR KC 137 -113.60 -50.29 -18.52
CA TYR KC 137 -113.31 -48.88 -18.78
C TYR KC 137 -111.83 -48.60 -18.70
N GLN KC 138 -111.15 -49.18 -17.71
CA GLN KC 138 -109.70 -49.06 -17.66
C GLN KC 138 -109.03 -49.79 -18.81
N ALA KC 139 -109.64 -50.88 -19.28
CA ALA KC 139 -109.10 -51.61 -20.42
C ALA KC 139 -109.17 -50.79 -21.70
N GLY KC 140 -110.26 -50.05 -21.88
CA GLY KC 140 -110.38 -49.21 -23.04
C GLY KC 140 -110.64 -49.99 -24.32
N LYS KC 141 -109.62 -50.06 -25.18
CA LYS KC 141 -109.80 -50.57 -26.53
C LYS KC 141 -109.04 -51.85 -26.83
N LYS KC 142 -107.90 -52.09 -26.19
CA LYS KC 142 -107.09 -53.25 -26.54
C LYS KC 142 -107.68 -54.55 -26.01
N ALA KC 143 -108.60 -54.48 -25.05
CA ALA KC 143 -109.24 -55.67 -24.53
C ALA KC 143 -110.63 -55.31 -24.02
N SER KC 144 -111.47 -56.34 -23.90
CA SER KC 144 -112.81 -56.19 -23.35
C SER KC 144 -113.20 -57.50 -22.69
N ILE KC 145 -114.40 -57.53 -22.13
CA ILE KC 145 -114.92 -58.73 -21.48
C ILE KC 145 -116.37 -58.93 -21.88
N HIS KC 146 -116.82 -60.17 -21.72
CA HIS KC 146 -118.22 -60.51 -21.96
C HIS KC 146 -118.70 -61.42 -20.85
N VAL KC 147 -119.91 -61.17 -20.37
CA VAL KC 147 -120.49 -61.90 -19.25
C VAL KC 147 -121.68 -62.68 -19.77
N TYR KC 148 -121.73 -63.97 -19.46
CA TYR KC 148 -122.88 -64.80 -19.80
C TYR KC 148 -123.46 -65.38 -18.52
N PRO KC 149 -124.64 -64.94 -18.09
CA PRO KC 149 -125.28 -65.54 -16.93
C PRO KC 149 -126.21 -66.68 -17.27
N ASN KC 150 -126.51 -66.90 -18.55
CA ASN KC 150 -127.26 -68.08 -18.96
C ASN KC 150 -126.41 -69.33 -18.77
N SER KC 151 -125.28 -69.39 -19.46
CA SER KC 151 -124.23 -70.36 -19.17
C SER KC 151 -123.15 -69.62 -18.40
N GLN KC 152 -122.94 -70.00 -17.14
CA GLN KC 152 -122.33 -69.14 -16.11
C GLN KC 152 -120.84 -68.97 -16.39
N VAL KC 153 -120.54 -68.02 -17.29
CA VAL KC 153 -119.17 -67.86 -17.77
C VAL KC 153 -118.83 -66.39 -17.94
N VAL KC 154 -117.53 -66.12 -17.91
CA VAL KC 154 -116.97 -64.82 -18.27
C VAL KC 154 -115.83 -65.04 -19.25
N GLU KC 155 -115.77 -64.21 -20.28
CA GLU KC 155 -114.78 -64.33 -21.33
C GLU KC 155 -113.97 -63.05 -21.40
N LEU KC 156 -112.65 -63.20 -21.47
CA LEU KC 156 -111.74 -62.06 -21.62
C LEU KC 156 -111.27 -62.04 -23.06
N ARG KC 157 -111.64 -60.99 -23.80
CA ARG KC 157 -111.36 -60.87 -25.21
C ARG KC 157 -110.23 -59.88 -25.43
N TYR KC 158 -109.22 -60.29 -26.17
CA TYR KC 158 -108.15 -59.38 -26.58
C TYR KC 158 -108.53 -58.68 -27.88
N ALA KC 159 -107.65 -57.81 -28.34
CA ALA KC 159 -107.76 -57.21 -29.66
C ALA KC 159 -106.61 -57.66 -30.53
N LYS KC 160 -106.90 -57.91 -31.80
CA LYS KC 160 -105.89 -58.37 -32.75
C LYS KC 160 -104.95 -57.24 -33.13
N ILE LC 208 -140.78 -32.33 -44.75
CA ILE LC 208 -141.47 -31.15 -44.26
C ILE LC 208 -141.92 -31.35 -42.82
N ILE LC 209 -141.53 -30.42 -41.96
CA ILE LC 209 -141.87 -30.50 -40.55
C ILE LC 209 -143.25 -29.87 -40.33
N TYR LC 210 -143.87 -30.23 -39.21
CA TYR LC 210 -145.16 -29.70 -38.79
C TYR LC 210 -145.06 -29.35 -37.31
N TYR LC 211 -146.04 -28.59 -36.82
CA TYR LC 211 -146.00 -28.17 -35.43
C TYR LC 211 -147.41 -28.12 -34.86
N ILE LC 212 -147.48 -28.14 -33.53
CA ILE LC 212 -148.74 -28.08 -32.81
C ILE LC 212 -149.09 -26.63 -32.55
N GLN LC 213 -150.38 -26.31 -32.66
CA GLN LC 213 -150.88 -24.97 -32.35
C GLN LC 213 -151.94 -25.00 -31.28
N ALA LC 214 -152.86 -25.96 -31.32
CA ALA LC 214 -153.87 -26.13 -30.31
C ALA LC 214 -153.98 -27.61 -29.96
N VAL LC 215 -154.07 -27.91 -28.66
CA VAL LC 215 -154.04 -29.28 -28.17
C VAL LC 215 -155.22 -29.49 -27.24
N ILE LC 216 -155.99 -30.54 -27.49
CA ILE LC 216 -157.07 -30.95 -26.60
C ILE LC 216 -156.90 -32.43 -26.32
N PRO LC 217 -157.40 -32.92 -25.18
CA PRO LC 217 -157.43 -34.37 -24.98
C PRO LC 217 -158.38 -35.06 -25.94
N GLY LC 218 -157.82 -35.80 -26.89
CA GLY LC 218 -158.62 -36.50 -27.88
C GLY LC 218 -158.36 -36.07 -29.31
N ARG LC 219 -158.24 -34.76 -29.53
CA ARG LC 219 -158.04 -34.23 -30.87
C ARG LC 219 -156.91 -33.21 -30.87
N ALA LC 220 -156.20 -33.13 -31.99
CA ALA LC 220 -155.05 -32.25 -32.12
C ALA LC 220 -155.24 -31.34 -33.32
N TRP LC 221 -154.87 -30.07 -33.14
CA TRP LC 221 -154.90 -29.08 -34.21
C TRP LC 221 -153.48 -28.77 -34.62
N LEU LC 222 -153.11 -29.15 -35.84
CA LEU LC 222 -151.74 -29.09 -36.31
C LEU LC 222 -151.66 -28.31 -37.61
N ILE LC 223 -150.74 -27.36 -37.70
CA ILE LC 223 -150.45 -26.64 -38.92
C ILE LC 223 -148.97 -26.85 -39.24
N GLY LC 224 -148.67 -27.15 -40.50
CA GLY LC 224 -147.33 -27.47 -40.92
C GLY LC 224 -146.44 -26.25 -41.05
N SER LC 225 -145.23 -26.49 -41.56
CA SER LC 225 -144.25 -25.43 -41.72
C SER LC 225 -144.65 -24.46 -42.82
N ASN LC 226 -145.25 -24.97 -43.89
CA ASN LC 226 -145.70 -24.13 -45.01
C ASN LC 226 -147.12 -23.62 -44.82
N GLY LC 227 -147.75 -23.91 -43.69
CA GLY LC 227 -149.11 -23.48 -43.44
C GLY LC 227 -150.17 -24.51 -43.74
N SER LC 228 -149.81 -25.76 -43.98
CA SER LC 228 -150.79 -26.80 -44.23
C SER LC 228 -151.50 -27.17 -42.94
N THR LC 229 -152.77 -26.80 -42.84
CA THR LC 229 -153.55 -27.07 -41.64
C THR LC 229 -153.96 -28.54 -41.58
N LEU LC 230 -154.28 -28.99 -40.38
CA LEU LC 230 -154.68 -30.38 -40.18
C LEU LC 230 -155.50 -30.49 -38.90
N THR LC 231 -156.77 -30.85 -39.05
CA THR LC 231 -157.61 -31.23 -37.91
C THR LC 231 -157.49 -32.75 -37.77
N VAL LC 232 -156.36 -33.16 -37.21
CA VAL LC 232 -155.88 -34.54 -37.33
C VAL LC 232 -156.38 -35.34 -36.13
N ARG LC 233 -157.01 -36.48 -36.42
CA ARG LC 233 -157.50 -37.37 -35.40
C ARG LC 233 -156.35 -38.23 -34.85
N GLU LC 234 -156.60 -38.87 -33.71
CA GLU LC 234 -155.63 -39.79 -33.13
C GLU LC 234 -155.48 -41.04 -34.00
N GLY LC 235 -156.60 -41.60 -34.44
CA GLY LC 235 -156.52 -42.65 -35.44
C GLY LC 235 -156.66 -42.05 -36.82
N SER LC 236 -155.54 -41.80 -37.47
CA SER LC 236 -155.51 -41.15 -38.77
C SER LC 236 -154.14 -41.37 -39.40
N LYS LC 237 -154.02 -40.97 -40.66
CA LYS LC 237 -152.76 -41.04 -41.40
C LYS LC 237 -152.16 -39.65 -41.52
N ILE LC 238 -150.86 -39.54 -41.32
CA ILE LC 238 -150.18 -38.25 -41.43
C ILE LC 238 -149.12 -38.33 -42.51
N PRO LC 239 -148.93 -37.26 -43.30
CA PRO LC 239 -147.95 -37.32 -44.39
C PRO LC 239 -146.51 -37.26 -43.86
N GLY LC 240 -145.68 -38.14 -44.40
CA GLY LC 240 -144.28 -38.21 -44.04
C GLY LC 240 -143.99 -39.00 -42.79
N TYR LC 241 -145.01 -39.45 -42.07
CA TYR LC 241 -144.80 -40.18 -40.83
C TYR LC 241 -145.77 -41.35 -40.66
N GLY LC 242 -146.53 -41.72 -41.68
CA GLY LC 242 -147.45 -42.83 -41.57
C GLY LC 242 -148.71 -42.48 -40.80
N MET LC 243 -148.95 -43.18 -39.70
CA MET LC 243 -150.06 -42.90 -38.82
C MET LC 243 -149.56 -42.24 -37.55
N VAL LC 244 -150.48 -42.01 -36.61
CA VAL LC 244 -150.19 -41.35 -35.35
C VAL LC 244 -150.61 -42.28 -34.22
N LYS LC 245 -149.70 -42.49 -33.26
CA LYS LC 245 -149.91 -43.47 -32.20
C LYS LC 245 -150.56 -42.90 -30.96
N LEU LC 246 -150.00 -41.84 -30.38
CA LEU LC 246 -150.44 -41.34 -29.09
C LEU LC 246 -150.58 -39.83 -29.10
N ILE LC 247 -151.52 -39.33 -28.30
CA ILE LC 247 -151.74 -37.91 -28.10
C ILE LC 247 -151.76 -37.64 -26.60
N ASP LC 248 -150.95 -36.68 -26.17
CA ASP LC 248 -150.91 -36.24 -24.78
C ASP LC 248 -151.14 -34.74 -24.71
N SER LC 249 -151.89 -34.30 -23.69
CA SER LC 249 -152.22 -32.90 -23.52
C SER LC 249 -151.39 -32.22 -22.44
N LEU LC 250 -151.10 -32.92 -21.33
CA LEU LC 250 -150.28 -32.31 -20.30
C LEU LC 250 -148.83 -32.15 -20.75
N GLN LC 251 -148.36 -33.04 -21.61
CA GLN LC 251 -147.08 -32.88 -22.27
C GLN LC 251 -147.33 -32.82 -23.77
N GLY LC 252 -146.76 -31.81 -24.42
CA GLY LC 252 -147.01 -31.62 -25.83
C GLY LC 252 -146.21 -32.55 -26.71
N ARG LC 253 -146.62 -33.82 -26.75
CA ARG LC 253 -145.90 -34.84 -27.50
C ARG LC 253 -146.89 -35.70 -28.26
N ILE LC 254 -146.69 -35.84 -29.56
CA ILE LC 254 -147.52 -36.72 -30.39
C ILE LC 254 -146.59 -37.76 -31.00
N LEU LC 255 -146.95 -39.03 -30.85
CA LEU LC 255 -146.14 -40.12 -31.38
C LEU LC 255 -146.68 -40.55 -32.73
N THR LC 256 -145.80 -40.65 -33.72
CA THR LC 256 -146.16 -41.09 -35.05
C THR LC 256 -145.98 -42.60 -35.17
N SER LC 257 -146.59 -43.17 -36.21
CA SER LC 257 -146.36 -44.58 -36.50
C SER LC 257 -144.99 -44.82 -37.11
N SER LC 258 -144.38 -43.79 -37.71
CA SER LC 258 -143.02 -43.94 -38.22
C SER LC 258 -141.99 -43.98 -37.10
N GLY LC 259 -142.35 -43.54 -35.89
CA GLY LC 259 -141.46 -43.66 -34.77
C GLY LC 259 -140.77 -42.38 -34.37
N GLN LC 260 -141.50 -41.27 -34.30
CA GLN LC 260 -140.94 -40.03 -33.78
C GLN LC 260 -142.00 -39.27 -33.01
N VAL LC 261 -141.53 -38.39 -32.14
CA VAL LC 261 -142.37 -37.53 -31.32
C VAL LC 261 -142.30 -36.13 -31.92
N ILE LC 262 -143.46 -35.57 -32.24
CA ILE LC 262 -143.57 -34.22 -32.77
C ILE LC 262 -144.16 -33.35 -31.67
N LYS LC 263 -143.58 -32.17 -31.48
CA LYS LC 263 -143.91 -31.27 -30.37
C LYS LC 263 -144.16 -29.85 -30.85
N PHE LC 264 -144.23 -28.91 -29.91
CA PHE LC 264 -144.35 -27.50 -30.24
C PHE LC 264 -143.03 -26.96 -30.77
N SER LC 265 -143.12 -25.81 -31.43
CA SER LC 265 -141.94 -25.16 -31.97
C SER LC 265 -141.19 -24.40 -30.87
N GLN LC 266 -140.03 -23.87 -31.25
CA GLN LC 266 -139.18 -23.17 -30.31
C GLN LC 266 -138.39 -22.07 -31.02
N MET MC 23 62.26 -38.20 116.24
CA MET MC 23 63.38 -38.83 115.56
C MET MC 23 63.15 -38.92 114.06
N LYS MC 24 63.86 -38.09 113.31
CA LYS MC 24 63.68 -38.00 111.87
C LYS MC 24 64.31 -39.20 111.17
N PHE MC 25 63.65 -39.62 110.09
CA PHE MC 25 64.10 -40.75 109.29
C PHE MC 25 64.38 -40.28 107.88
N LYS MC 26 65.54 -40.64 107.33
CA LYS MC 26 65.93 -40.13 106.03
C LYS MC 26 66.90 -41.09 105.37
N LYS MC 27 66.62 -41.43 104.12
CA LYS MC 27 67.62 -42.07 103.29
C LYS MC 27 68.71 -41.06 102.95
N PRO MC 28 69.95 -41.52 102.74
CA PRO MC 28 71.10 -40.58 102.63
C PRO MC 28 71.01 -39.57 101.50
N PRO MC 29 70.94 -39.97 100.19
CA PRO MC 29 71.38 -39.04 99.14
C PRO MC 29 70.39 -37.91 98.87
N ILE MC 30 70.74 -36.72 99.30
CA ILE MC 30 69.94 -35.52 99.10
C ILE MC 30 70.84 -34.44 98.50
N ASN MC 31 70.38 -33.81 97.43
CA ASN MC 31 71.17 -32.80 96.74
C ASN MC 31 70.24 -31.78 96.12
N ASN MC 32 70.76 -31.02 95.17
CA ASN MC 32 69.98 -30.02 94.43
C ASN MC 32 68.88 -30.70 93.61
N PRO MC 33 67.77 -30.00 93.36
CA PRO MC 33 66.71 -30.57 92.52
C PRO MC 33 67.15 -30.75 91.08
N SER MC 34 66.52 -31.70 90.41
CA SER MC 34 66.95 -32.16 89.09
C SER MC 34 66.04 -31.59 88.00
N ASP MC 35 66.36 -31.96 86.76
CA ASP MC 35 65.66 -31.44 85.58
C ASP MC 35 65.37 -32.57 84.61
N ASP MC 36 64.14 -32.55 84.07
CA ASP MC 36 63.65 -33.63 83.22
C ASP MC 36 64.43 -33.71 81.90
N ALA MC 37 64.87 -32.57 81.37
CA ALA MC 37 65.63 -32.59 80.13
C ALA MC 37 66.99 -33.26 80.34
N THR MC 38 67.64 -32.96 81.46
CA THR MC 38 68.87 -33.67 81.81
C THR MC 38 68.62 -35.14 82.06
N ILE MC 39 67.44 -35.48 82.60
CA ILE MC 39 67.07 -36.89 82.80
C ILE MC 39 66.98 -37.60 81.45
N LYS MC 40 66.32 -36.97 80.48
CA LYS MC 40 66.18 -37.55 79.16
C LYS MC 40 67.53 -37.69 78.46
N LEU MC 41 68.38 -36.68 78.61
CA LEU MC 41 69.73 -36.74 78.06
C LEU MC 41 70.53 -37.89 78.70
N ALA MC 42 70.35 -38.10 79.99
CA ALA MC 42 71.08 -39.16 80.69
C ALA MC 42 70.63 -40.53 80.22
N GLU MC 43 69.32 -40.76 80.10
CA GLU MC 43 68.88 -42.07 79.67
C GLU MC 43 69.16 -42.31 78.19
N ALA MC 44 69.29 -41.26 77.39
CA ALA MC 44 69.81 -41.44 76.05
C ALA MC 44 71.28 -41.84 76.07
N ALA MC 45 72.07 -41.15 76.90
CA ALA MC 45 73.51 -41.35 76.92
C ALA MC 45 73.89 -42.72 77.46
N VAL MC 46 73.05 -43.29 78.32
CA VAL MC 46 73.32 -44.62 78.85
C VAL MC 46 73.31 -45.66 77.74
N SER MC 47 72.26 -45.65 76.92
CA SER MC 47 72.17 -46.61 75.82
C SER MC 47 73.18 -46.34 74.73
N VAL MC 48 73.51 -45.05 74.51
CA VAL MC 48 74.56 -44.71 73.55
C VAL MC 48 75.90 -45.27 74.02
N SER MC 49 76.20 -45.12 75.30
CA SER MC 49 77.46 -45.62 75.85
C SER MC 49 77.49 -47.14 75.83
N ASP MC 50 76.35 -47.79 76.05
CA ASP MC 50 76.29 -49.24 75.98
C ASP MC 50 76.57 -49.73 74.57
N SER MC 51 75.99 -49.07 73.57
CA SER MC 51 76.23 -49.44 72.18
C SER MC 51 77.69 -49.21 71.81
N MET MC 52 78.26 -48.11 72.28
CA MET MC 52 79.68 -47.84 72.04
C MET MC 52 80.58 -48.88 72.70
N LEU MC 53 80.22 -49.30 73.92
CA LEU MC 53 81.02 -50.28 74.64
C LEU MC 53 80.99 -51.65 73.94
N GLU MC 54 79.80 -52.08 73.51
CA GLU MC 54 79.75 -53.39 72.84
C GLU MC 54 80.39 -53.34 71.47
N MET MC 55 80.31 -52.19 70.77
CA MET MC 55 81.03 -52.04 69.50
C MET MC 55 82.54 -52.09 69.71
N ALA MC 56 83.02 -51.45 70.77
CA ALA MC 56 84.44 -51.50 71.07
C ALA MC 56 84.90 -52.91 71.44
N LYS MC 57 84.06 -53.64 72.17
CA LYS MC 57 84.36 -55.03 72.50
C LYS MC 57 84.47 -55.89 71.25
N VAL MC 58 83.50 -55.73 70.34
CA VAL MC 58 83.47 -56.53 69.12
C VAL MC 58 84.67 -56.19 68.24
N GLU MC 59 85.00 -54.91 68.13
CA GLU MC 59 86.14 -54.48 67.32
C GLU MC 59 87.45 -54.96 67.92
N LYS MC 60 87.57 -54.91 69.25
CA LYS MC 60 88.78 -55.39 69.92
C LYS MC 60 88.97 -56.88 69.74
N VAL MC 61 87.87 -57.64 69.77
CA VAL MC 61 87.96 -59.08 69.53
C VAL MC 61 88.37 -59.36 68.09
N ILE MC 62 87.71 -58.71 67.13
CA ILE MC 62 87.94 -59.06 65.74
C ILE MC 62 89.27 -58.51 65.22
N THR MC 63 89.83 -57.50 65.87
CA THR MC 63 91.05 -56.90 65.37
C THR MC 63 92.18 -57.17 66.35
N PRO MC 64 93.23 -57.86 65.94
CA PRO MC 64 94.36 -58.10 66.83
C PRO MC 64 95.35 -56.94 66.81
N PRO MC 65 95.57 -56.31 67.95
CA PRO MC 65 96.63 -55.28 68.02
C PRO MC 65 98.00 -55.93 68.00
N SER MC 66 98.95 -55.23 67.39
CA SER MC 66 100.30 -55.77 67.30
C SER MC 66 101.34 -54.74 67.71
N LYS MC 67 101.03 -53.46 67.51
CA LYS MC 67 102.01 -52.40 67.72
C LYS MC 67 101.38 -51.27 68.53
N ASP MC 68 102.25 -50.46 69.11
CA ASP MC 68 101.84 -49.29 69.86
C ASP MC 68 102.69 -48.10 69.44
N ASN MC 69 102.11 -46.91 69.57
CA ASN MC 69 102.79 -45.68 69.18
C ASN MC 69 103.83 -45.21 70.19
N THR MC 70 103.95 -45.90 71.33
CA THR MC 70 105.04 -45.59 72.26
C THR MC 70 106.39 -45.95 71.68
N LEU MC 71 106.44 -46.94 70.78
CA LEU MC 71 107.68 -47.23 70.06
C LEU MC 71 108.08 -46.05 69.18
N THR MC 72 107.11 -45.45 68.47
CA THR MC 72 107.41 -44.31 67.62
C THR MC 72 107.66 -43.05 68.44
N ILE MC 73 107.06 -42.97 69.63
CA ILE MC 73 107.18 -41.79 70.48
C ILE MC 73 107.81 -42.21 71.80
N PRO MC 74 109.14 -42.28 71.88
CA PRO MC 74 109.77 -42.45 73.20
C PRO MC 74 109.74 -41.15 73.97
N ASN MC 75 109.96 -41.25 75.27
CA ASN MC 75 110.00 -40.10 76.14
C ASN MC 75 111.42 -39.91 76.67
N ALA MC 76 111.78 -38.63 76.85
CA ALA MC 76 113.09 -38.29 77.39
C ALA MC 76 112.88 -37.24 78.49
N TYR MC 77 113.98 -36.70 78.99
CA TYR MC 77 113.87 -35.64 79.98
C TYR MC 77 113.39 -34.36 79.30
N ASN MC 78 112.81 -33.46 80.11
CA ASN MC 78 112.11 -32.22 79.82
C ASN MC 78 110.75 -32.46 79.16
N LEU MC 79 110.41 -33.71 78.86
CA LEU MC 79 109.10 -34.08 78.35
C LEU MC 79 108.11 -34.36 79.48
N GLN MC 80 108.52 -34.19 80.72
CA GLN MC 80 107.70 -34.57 81.86
C GLN MC 80 107.00 -33.39 82.50
N ALA MC 81 107.17 -32.18 81.97
CA ALA MC 81 106.53 -31.00 82.51
C ALA MC 81 105.01 -31.10 82.33
N ARG MC 82 104.27 -30.73 83.35
CA ARG MC 82 102.88 -31.14 83.39
C ARG MC 82 102.00 -30.11 82.72
N ALA MC 83 100.83 -30.56 82.27
CA ALA MC 83 99.90 -29.69 81.57
C ALA MC 83 98.48 -30.21 81.70
N SER MC 84 97.53 -29.29 81.68
CA SER MC 84 96.10 -29.60 81.62
C SER MC 84 95.47 -28.76 80.53
N VAL MC 85 94.52 -29.36 79.80
CA VAL MC 85 94.14 -28.83 78.49
C VAL MC 85 92.62 -28.73 78.34
N ASP MC 86 92.22 -27.84 77.44
CA ASP MC 86 90.86 -27.77 76.91
C ASP MC 86 90.98 -27.17 75.52
N TRP MC 87 90.66 -27.93 74.49
CA TRP MC 87 90.89 -27.49 73.12
C TRP MC 87 89.94 -28.23 72.20
N SER MC 88 89.33 -27.49 71.28
CA SER MC 88 88.39 -28.09 70.32
C SER MC 88 88.56 -27.46 68.93
N GLY MC 89 89.81 -27.30 68.49
CA GLY MC 89 90.08 -26.62 67.25
C GLY MC 89 90.99 -27.37 66.31
N PRO MC 90 91.64 -26.65 65.40
CA PRO MC 90 92.62 -27.28 64.52
C PRO MC 90 93.89 -27.64 65.27
N ILE MC 91 94.70 -28.48 64.65
CA ILE MC 91 95.82 -29.08 65.35
C ILE MC 91 97.09 -28.23 65.31
N GLU MC 92 97.19 -27.29 64.37
CA GLU MC 92 98.49 -26.70 64.05
C GLU MC 92 98.99 -25.76 65.14
N GLU MC 93 98.12 -24.84 65.59
CA GLU MC 93 98.54 -23.91 66.63
C GLU MC 93 98.72 -24.61 67.96
N LEU MC 94 97.97 -25.69 68.20
CA LEU MC 94 98.17 -26.50 69.40
C LEU MC 94 99.53 -27.18 69.38
N THR MC 95 99.92 -27.73 68.24
CA THR MC 95 101.23 -28.35 68.13
C THR MC 95 102.35 -27.32 68.24
N ALA MC 96 102.13 -26.12 67.70
CA ALA MC 96 103.11 -25.05 67.87
C ALA MC 96 103.24 -24.63 69.32
N ARG MC 97 102.11 -24.59 70.04
CA ARG MC 97 102.13 -24.25 71.46
C ARG MC 97 102.88 -25.29 72.27
N ILE MC 98 102.63 -26.57 71.99
CA ILE MC 98 103.31 -27.60 72.78
C ILE MC 98 104.78 -27.68 72.39
N ALA MC 99 105.14 -27.31 71.16
CA ALA MC 99 106.54 -27.22 70.79
C ALA MC 99 107.24 -26.07 71.50
N LYS MC 100 106.54 -24.93 71.63
CA LYS MC 100 107.07 -23.77 72.33
C LYS MC 100 107.29 -24.10 73.81
N ALA MC 101 106.36 -24.84 74.40
CA ALA MC 101 106.56 -25.29 75.78
C ALA MC 101 107.70 -26.31 75.86
N ALA MC 102 107.84 -27.16 74.85
CA ALA MC 102 108.83 -28.23 74.88
C ALA MC 102 110.24 -27.73 74.60
N HIS MC 103 110.39 -26.51 74.08
CA HIS MC 103 111.66 -25.92 73.65
C HIS MC 103 112.36 -26.80 72.63
N PHE MC 104 111.57 -27.39 71.74
CA PHE MC 104 112.07 -28.27 70.69
C PHE MC 104 111.78 -27.62 69.35
N ARG MC 105 112.59 -27.96 68.35
CA ARG MC 105 112.31 -27.49 67.01
C ARG MC 105 111.08 -28.20 66.47
N PHE MC 106 110.29 -27.46 65.69
CA PHE MC 106 109.01 -27.94 65.20
C PHE MC 106 109.06 -28.08 63.69
N ARG MC 107 108.52 -29.18 63.18
CA ARG MC 107 108.60 -29.49 61.76
C ARG MC 107 107.26 -30.00 61.27
N VAL MC 108 106.91 -29.60 60.05
CA VAL MC 108 105.68 -30.03 59.40
C VAL MC 108 106.02 -30.57 58.02
N LEU MC 109 105.48 -31.73 57.68
CA LEU MC 109 105.69 -32.35 56.39
C LEU MC 109 104.35 -32.59 55.72
N GLY MC 110 104.30 -32.34 54.42
CA GLY MC 110 103.05 -32.47 53.68
C GLY MC 110 102.21 -31.22 53.76
N LYS MC 111 101.36 -31.00 52.75
CA LYS MC 111 100.46 -29.88 52.77
C LYS MC 111 99.16 -30.28 53.44
N SER MC 112 98.60 -29.37 54.23
CA SER MC 112 97.31 -29.61 54.84
C SER MC 112 96.23 -29.61 53.77
N PRO MC 113 95.27 -30.53 53.83
CA PRO MC 113 94.19 -30.55 52.85
C PRO MC 113 93.21 -29.41 53.10
N SER MC 114 92.32 -29.22 52.13
CA SER MC 114 91.34 -28.15 52.21
C SER MC 114 90.34 -28.41 53.33
N VAL MC 115 90.06 -29.66 53.64
CA VAL MC 115 89.33 -29.99 54.86
C VAL MC 115 90.31 -29.85 56.01
N PRO MC 116 90.04 -28.99 56.98
CA PRO MC 116 90.94 -28.89 58.14
C PRO MC 116 90.78 -30.09 59.06
N VAL MC 117 91.84 -30.36 59.81
CA VAL MC 117 91.83 -31.45 60.78
C VAL MC 117 91.41 -30.88 62.12
N LEU MC 118 90.29 -31.38 62.65
CA LEU MC 118 89.74 -30.88 63.90
C LEU MC 118 89.83 -31.95 64.97
N ILE MC 119 90.19 -31.52 66.18
CA ILE MC 119 90.34 -32.40 67.32
C ILE MC 119 89.54 -31.80 68.48
N SER MC 120 89.41 -32.60 69.53
CA SER MC 120 88.71 -32.15 70.73
C SER MC 120 89.27 -32.97 71.90
N ILE MC 121 90.15 -32.35 72.69
CA ILE MC 121 90.75 -33.01 73.85
C ILE MC 121 90.36 -32.19 75.08
N SER MC 122 89.76 -32.87 76.06
CA SER MC 122 89.38 -32.26 77.32
C SER MC 122 89.79 -33.21 78.44
N THR MC 123 91.03 -33.06 78.92
CA THR MC 123 91.54 -33.86 80.02
C THR MC 123 92.31 -32.94 80.97
N LYS MC 124 93.04 -33.54 81.91
CA LYS MC 124 93.74 -32.77 82.92
C LYS MC 124 94.89 -33.59 83.48
N ASP MC 125 96.06 -32.96 83.60
CA ASP MC 125 97.24 -33.47 84.32
C ASP MC 125 97.72 -34.81 83.73
N GLU MC 126 98.22 -34.72 82.50
CA GLU MC 126 98.82 -35.86 81.85
C GLU MC 126 100.17 -35.46 81.26
N SER MC 127 100.98 -36.45 80.97
CA SER MC 127 102.30 -36.21 80.42
C SER MC 127 102.21 -35.68 79.00
N LEU MC 128 103.29 -35.01 78.58
CA LEU MC 128 103.36 -34.51 77.22
C LEU MC 128 103.43 -35.66 76.22
N ALA MC 129 104.12 -36.74 76.58
CA ALA MC 129 104.19 -37.90 75.71
C ALA MC 129 102.83 -38.57 75.56
N GLU MC 130 102.08 -38.66 76.67
CA GLU MC 130 100.73 -39.19 76.60
C GLU MC 130 99.83 -38.28 75.78
N ILE MC 131 100.03 -36.97 75.90
CA ILE MC 131 99.27 -35.99 75.12
C ILE MC 131 99.53 -36.19 73.63
N LEU MC 132 100.80 -36.37 73.26
CA LEU MC 132 101.13 -36.50 71.85
C LEU MC 132 100.68 -37.83 71.29
N ARG MC 133 100.77 -38.91 72.08
CA ARG MC 133 100.31 -40.21 71.61
C ARG MC 133 98.80 -40.25 71.47
N ASP MC 134 98.09 -39.58 72.39
CA ASP MC 134 96.65 -39.47 72.25
C ASP MC 134 96.26 -38.59 71.08
N ILE MC 135 97.07 -37.57 70.79
CA ILE MC 135 96.85 -36.72 69.62
C ILE MC 135 97.00 -37.53 68.35
N ASP MC 136 98.03 -38.37 68.29
CA ASP MC 136 98.22 -39.24 67.13
C ASP MC 136 97.10 -40.27 67.00
N TYR MC 137 96.61 -40.78 68.13
CA TYR MC 137 95.48 -41.69 68.09
C TYR MC 137 94.21 -41.00 67.60
N GLN MC 138 94.01 -39.75 67.99
CA GLN MC 138 92.85 -39.01 67.52
C GLN MC 138 92.98 -38.67 66.04
N ALA MC 139 94.21 -38.37 65.58
CA ALA MC 139 94.41 -38.02 64.18
C ALA MC 139 94.21 -39.22 63.28
N GLY MC 140 94.84 -40.35 63.61
CA GLY MC 140 94.64 -41.56 62.83
C GLY MC 140 95.25 -41.53 61.44
N LYS MC 141 94.39 -41.64 60.43
CA LYS MC 141 94.85 -41.80 59.05
C LYS MC 141 95.17 -40.48 58.38
N LYS MC 142 95.05 -39.36 59.06
CA LYS MC 142 95.29 -38.06 58.47
C LYS MC 142 96.63 -37.45 58.87
N ALA MC 143 97.01 -37.54 60.13
CA ALA MC 143 98.24 -36.94 60.60
C ALA MC 143 99.00 -37.93 61.47
N SER MC 144 100.31 -37.77 61.52
CA SER MC 144 101.16 -38.63 62.34
C SER MC 144 102.27 -37.80 62.97
N ILE MC 145 102.84 -38.32 64.05
CA ILE MC 145 103.79 -37.61 64.88
C ILE MC 145 105.09 -38.42 64.95
N HIS MC 146 106.21 -37.74 64.74
CA HIS MC 146 107.54 -38.33 64.91
C HIS MC 146 108.37 -37.46 65.83
N VAL MC 147 109.00 -38.07 66.83
CA VAL MC 147 109.79 -37.38 67.83
C VAL MC 147 111.21 -37.88 67.75
N TYR MC 148 112.17 -36.96 67.69
CA TYR MC 148 113.58 -37.29 67.74
C TYR MC 148 114.23 -36.50 68.87
N PRO MC 149 114.38 -37.08 70.06
CA PRO MC 149 114.80 -36.30 71.22
C PRO MC 149 116.27 -35.95 71.20
N ASN MC 150 117.06 -36.79 70.53
CA ASN MC 150 118.49 -36.52 70.40
C ASN MC 150 118.74 -35.28 69.56
N SER MC 151 117.89 -35.00 68.59
CA SER MC 151 117.94 -33.77 67.84
C SER MC 151 116.94 -32.74 68.33
N GLN MC 152 116.12 -33.11 69.34
CA GLN MC 152 115.10 -32.24 69.95
C GLN MC 152 114.11 -31.74 68.91
N VAL MC 153 113.53 -32.67 68.16
CA VAL MC 153 112.72 -32.38 66.99
C VAL MC 153 111.35 -33.02 67.19
N VAL MC 154 110.30 -32.21 67.04
CA VAL MC 154 108.93 -32.69 67.02
C VAL MC 154 108.37 -32.41 65.64
N GLU MC 155 107.90 -33.44 64.96
CA GLU MC 155 107.44 -33.31 63.59
C GLU MC 155 106.04 -33.90 63.46
N LEU MC 156 105.18 -33.19 62.74
CA LEU MC 156 103.90 -33.72 62.32
C LEU MC 156 103.89 -33.85 60.80
N ARG MC 157 103.25 -34.90 60.32
CA ARG MC 157 103.19 -35.20 58.91
C ARG MC 157 101.75 -35.43 58.50
N TYR MC 158 101.34 -34.77 57.42
CA TYR MC 158 100.05 -35.01 56.78
C TYR MC 158 100.21 -36.19 55.84
N ALA MC 159 99.39 -37.22 56.03
CA ALA MC 159 99.49 -38.42 55.23
C ALA MC 159 99.02 -38.15 53.81
N LYS MC 160 99.91 -38.35 52.85
CA LYS MC 160 99.56 -38.19 51.44
C LYS MC 160 98.63 -39.32 51.03
N ILE MC 161 97.52 -38.95 50.40
CA ILE MC 161 96.41 -39.87 50.18
C ILE MC 161 95.94 -39.67 48.74
N TYR MC 162 95.23 -40.67 48.22
CA TYR MC 162 94.71 -40.78 46.85
C TYR MC 162 95.86 -40.73 45.84
N MET NC 23 -131.95 -21.17 32.46
CA MET NC 23 -132.20 -22.34 31.64
C MET NC 23 -131.01 -22.63 30.73
N LYS NC 24 -129.97 -23.19 31.34
CA LYS NC 24 -128.72 -23.45 30.65
C LYS NC 24 -128.85 -24.66 29.73
N PHE NC 25 -127.90 -24.78 28.81
CA PHE NC 25 -127.84 -25.90 27.89
C PHE NC 25 -126.43 -26.49 27.91
N LYS NC 26 -126.36 -27.80 27.66
CA LYS NC 26 -125.07 -28.47 27.67
C LYS NC 26 -125.11 -29.72 26.81
N LYS NC 27 -124.14 -29.82 25.90
CA LYS NC 27 -123.94 -31.06 25.19
C LYS NC 27 -123.42 -32.13 26.15
N PRO NC 28 -123.87 -33.37 26.02
CA PRO NC 28 -123.74 -34.36 27.13
C PRO NC 28 -122.31 -34.73 27.50
N PRO NC 29 -121.46 -35.32 26.58
CA PRO NC 29 -120.33 -36.13 27.07
C PRO NC 29 -119.17 -35.26 27.56
N ILE NC 30 -119.01 -35.22 28.89
CA ILE NC 30 -117.95 -34.46 29.52
C ILE NC 30 -117.06 -35.42 30.28
N ASN NC 31 -115.76 -35.36 30.02
CA ASN NC 31 -114.76 -36.18 30.68
C ASN NC 31 -113.72 -35.30 31.35
N ASN NC 32 -112.68 -35.94 31.87
CA ASN NC 32 -111.52 -35.22 32.35
C ASN NC 32 -110.75 -34.66 31.16
N PRO NC 33 -109.97 -33.60 31.37
CA PRO NC 33 -109.14 -33.06 30.27
C PRO NC 33 -108.07 -34.04 29.83
N SER NC 34 -107.75 -33.97 28.54
CA SER NC 34 -106.84 -34.89 27.88
C SER NC 34 -105.44 -34.29 27.79
N ASP NC 35 -104.57 -34.95 27.01
CA ASP NC 35 -103.24 -34.44 26.73
C ASP NC 35 -102.91 -34.64 25.27
N ASP NC 36 -102.25 -33.63 24.68
CA ASP NC 36 -102.00 -33.58 23.24
C ASP NC 36 -101.08 -34.70 22.76
N ALA NC 37 -100.10 -35.11 23.57
CA ALA NC 37 -99.26 -36.23 23.17
C ALA NC 37 -100.06 -37.51 23.11
N THR NC 38 -100.97 -37.71 24.06
CA THR NC 38 -101.88 -38.84 24.01
C THR NC 38 -102.82 -38.76 22.82
N ILE NC 39 -103.19 -37.54 22.42
CA ILE NC 39 -103.99 -37.35 21.21
C ILE NC 39 -103.21 -37.82 19.99
N LYS NC 40 -101.93 -37.46 19.92
CA LYS NC 40 -101.08 -37.90 18.81
C LYS NC 40 -100.91 -39.41 18.81
N LEU NC 41 -100.77 -40.01 19.99
CA LEU NC 41 -100.67 -41.45 20.11
C LEU NC 41 -101.93 -42.15 19.63
N ALA NC 42 -103.09 -41.61 20.01
CA ALA NC 42 -104.37 -42.15 19.56
C ALA NC 42 -104.52 -42.03 18.05
N GLU NC 43 -104.11 -40.88 17.50
CA GLU NC 43 -104.21 -40.64 16.06
C GLU NC 43 -103.35 -41.62 15.29
N ALA NC 44 -102.13 -41.87 15.76
CA ALA NC 44 -101.27 -42.85 15.11
C ALA NC 44 -101.82 -44.26 15.25
N ALA NC 45 -102.30 -44.61 16.44
CA ALA NC 45 -102.71 -45.98 16.71
C ALA NC 45 -104.00 -46.33 16.00
N VAL NC 46 -104.86 -45.35 15.71
CA VAL NC 46 -106.07 -45.61 14.95
C VAL NC 46 -105.72 -46.07 13.54
N SER NC 47 -104.77 -45.38 12.91
CA SER NC 47 -104.31 -45.75 11.59
C SER NC 47 -103.59 -47.10 11.61
N VAL NC 48 -102.81 -47.34 12.66
CA VAL NC 48 -102.11 -48.61 12.81
C VAL NC 48 -103.10 -49.77 12.91
N SER NC 49 -104.11 -49.59 13.77
CA SER NC 49 -105.12 -50.64 13.98
C SER NC 49 -105.95 -50.87 12.74
N ASP NC 50 -106.26 -49.80 12.01
CA ASP NC 50 -107.01 -49.92 10.77
C ASP NC 50 -106.22 -50.71 9.73
N SER NC 51 -104.93 -50.40 9.58
CA SER NC 51 -104.09 -51.10 8.61
C SER NC 51 -103.93 -52.57 8.98
N MET NC 52 -103.69 -52.83 10.28
CA MET NC 52 -103.49 -54.19 10.74
C MET NC 52 -104.76 -55.03 10.59
N LEU NC 53 -105.92 -54.46 10.93
CA LEU NC 53 -107.18 -55.17 10.80
C LEU NC 53 -107.52 -55.48 9.35
N GLU NC 54 -107.35 -54.49 8.46
CA GLU NC 54 -107.66 -54.68 7.06
C GLU NC 54 -106.75 -55.72 6.42
N MET NC 55 -105.45 -55.61 6.67
CA MET NC 55 -104.54 -56.55 6.04
C MET NC 55 -104.57 -57.94 6.69
N ALA NC 56 -104.97 -58.03 7.95
CA ALA NC 56 -105.21 -59.33 8.55
C ALA NC 56 -106.43 -60.00 7.93
N LYS NC 57 -107.47 -59.20 7.64
CA LYS NC 57 -108.62 -59.73 6.90
C LYS NC 57 -108.22 -60.20 5.51
N VAL NC 58 -107.32 -59.45 4.87
CA VAL NC 58 -106.80 -59.84 3.56
C VAL NC 58 -106.07 -61.16 3.65
N GLU NC 59 -105.23 -61.33 4.68
CA GLU NC 59 -104.48 -62.57 4.87
C GLU NC 59 -105.42 -63.74 5.17
N LYS NC 60 -106.47 -63.50 5.95
CA LYS NC 60 -107.43 -64.55 6.26
C LYS NC 60 -108.19 -65.02 5.03
N VAL NC 61 -108.63 -64.08 4.19
CA VAL NC 61 -109.33 -64.50 2.98
C VAL NC 61 -108.36 -65.07 1.94
N ILE NC 62 -107.06 -64.77 2.06
CA ILE NC 62 -106.10 -65.35 1.13
C ILE NC 62 -105.79 -66.80 1.51
N THR NC 63 -105.56 -67.05 2.79
CA THR NC 63 -105.06 -68.34 3.24
C THR NC 63 -106.20 -69.21 3.75
N PRO NC 64 -106.38 -70.42 3.21
CA PRO NC 64 -107.44 -71.30 3.70
C PRO NC 64 -106.96 -72.09 4.91
N PRO NC 65 -107.59 -71.90 6.07
CA PRO NC 65 -107.18 -72.68 7.25
C PRO NC 65 -107.65 -74.12 7.16
N SER NC 66 -106.93 -74.99 7.86
CA SER NC 66 -107.17 -76.43 7.77
C SER NC 66 -108.01 -76.94 8.94
N LYS NC 67 -107.52 -76.77 10.18
CA LYS NC 67 -108.20 -77.30 11.34
C LYS NC 67 -107.76 -76.53 12.57
N ASP NC 68 -108.40 -76.84 13.69
CA ASP NC 68 -108.23 -76.12 14.94
C ASP NC 68 -107.30 -76.90 15.88
N ASN NC 69 -107.05 -76.31 17.05
CA ASN NC 69 -106.26 -76.95 18.09
C ASN NC 69 -107.11 -77.52 19.21
N THR NC 70 -108.43 -77.39 19.12
CA THR NC 70 -109.33 -77.85 20.18
C THR NC 70 -109.31 -79.37 20.29
N LEU NC 71 -109.25 -80.07 19.15
CA LEU NC 71 -109.10 -81.52 19.21
C LEU NC 71 -107.71 -81.94 19.63
N THR NC 72 -106.71 -81.06 19.45
CA THR NC 72 -105.37 -81.39 19.92
C THR NC 72 -105.30 -81.31 21.44
N ILE NC 73 -105.82 -80.24 22.02
CA ILE NC 73 -105.89 -80.09 23.46
C ILE NC 73 -107.35 -79.88 23.85
N PRO NC 74 -108.01 -80.90 24.37
CA PRO NC 74 -109.39 -80.74 24.85
C PRO NC 74 -109.43 -80.19 26.27
N ASN NC 75 -110.62 -80.13 26.84
CA ASN NC 75 -110.82 -79.71 28.22
C ASN NC 75 -111.27 -80.89 29.05
N ALA NC 76 -111.23 -80.71 30.38
CA ALA NC 76 -111.64 -81.74 31.31
C ALA NC 76 -112.06 -81.06 32.62
N TYR NC 77 -112.34 -81.89 33.62
CA TYR NC 77 -112.70 -81.40 34.94
C TYR NC 77 -111.47 -80.86 35.66
N ASN NC 78 -111.73 -80.30 36.86
CA ASN NC 78 -110.78 -79.54 37.71
C ASN NC 78 -109.95 -78.55 36.91
N LEU NC 79 -110.58 -77.93 35.92
CA LEU NC 79 -109.93 -77.00 35.01
C LEU NC 79 -110.75 -75.74 34.81
N GLN NC 80 -112.02 -75.75 35.20
CA GLN NC 80 -112.89 -74.60 34.99
C GLN NC 80 -112.76 -73.57 36.10
N ALA NC 81 -111.86 -73.80 37.05
CA ALA NC 81 -111.42 -72.73 37.94
C ALA NC 81 -110.78 -71.63 37.10
N ARG NC 82 -111.01 -70.39 37.49
CA ARG NC 82 -110.74 -69.27 36.60
C ARG NC 82 -109.51 -68.50 37.05
N ALA NC 83 -109.07 -67.59 36.17
CA ALA NC 83 -107.86 -66.83 36.41
C ALA NC 83 -107.93 -65.50 35.68
N SER NC 84 -107.34 -64.49 36.31
CA SER NC 84 -107.08 -63.19 35.69
C SER NC 84 -105.58 -62.95 35.72
N VAL NC 85 -105.00 -62.63 34.57
CA VAL NC 85 -103.57 -62.75 34.37
C VAL NC 85 -103.04 -61.53 33.62
N ASP NC 86 -101.95 -60.97 34.16
CA ASP NC 86 -101.13 -60.01 33.41
C ASP NC 86 -99.67 -60.45 33.56
N TRP NC 87 -99.18 -61.21 32.59
CA TRP NC 87 -97.82 -61.75 32.60
C TRP NC 87 -97.07 -61.24 31.38
N SER NC 88 -95.81 -60.89 31.57
CA SER NC 88 -95.00 -60.35 30.48
C SER NC 88 -93.59 -60.90 30.55
N GLY NC 89 -93.45 -62.19 30.82
CA GLY NC 89 -92.15 -62.80 30.90
C GLY NC 89 -92.01 -64.00 29.98
N PRO NC 90 -91.09 -64.91 30.32
CA PRO NC 90 -90.96 -66.14 29.53
C PRO NC 90 -92.06 -67.15 29.79
N ILE NC 91 -91.92 -68.34 29.20
CA ILE NC 91 -93.00 -69.32 29.19
C ILE NC 91 -93.00 -70.15 30.46
N GLU NC 92 -91.82 -70.57 30.92
CA GLU NC 92 -91.70 -71.73 31.80
C GLU NC 92 -92.27 -71.48 33.18
N GLU NC 93 -92.02 -70.29 33.75
CA GLU NC 93 -92.54 -69.99 35.09
C GLU NC 93 -94.05 -69.93 35.09
N LEU NC 94 -94.64 -69.33 34.04
CA LEU NC 94 -96.08 -69.27 33.92
C LEU NC 94 -96.69 -70.66 33.74
N THR NC 95 -96.03 -71.50 32.93
CA THR NC 95 -96.52 -72.86 32.73
C THR NC 95 -96.44 -73.68 34.00
N ALA NC 96 -95.39 -73.50 34.78
CA ALA NC 96 -95.27 -74.20 36.05
C ALA NC 96 -96.31 -73.72 37.06
N ARG NC 97 -96.61 -72.41 37.06
CA ARG NC 97 -97.65 -71.88 37.96
C ARG NC 97 -99.02 -72.45 37.61
N ILE NC 98 -99.35 -72.50 36.31
CA ILE NC 98 -100.67 -73.01 35.96
C ILE NC 98 -100.71 -74.53 36.11
N ALA NC 99 -99.56 -75.21 36.03
CA ALA NC 99 -99.54 -76.65 36.30
C ALA NC 99 -99.75 -76.92 37.78
N LYS NC 100 -99.17 -76.10 38.64
CA LYS NC 100 -99.41 -76.20 40.08
C LYS NC 100 -100.87 -75.92 40.42
N ALA NC 101 -101.49 -75.00 39.68
CA ALA NC 101 -102.94 -74.82 39.80
C ALA NC 101 -103.69 -76.07 39.36
N ALA NC 102 -103.22 -76.71 38.28
CA ALA NC 102 -103.92 -77.86 37.72
C ALA NC 102 -103.75 -79.12 38.54
N HIS NC 103 -102.74 -79.16 39.43
CA HIS NC 103 -102.29 -80.38 40.14
C HIS NC 103 -102.01 -81.49 39.15
N PHE NC 104 -101.33 -81.14 38.06
CA PHE NC 104 -101.07 -82.06 36.97
C PHE NC 104 -99.58 -82.33 36.84
N ARG NC 105 -99.25 -83.44 36.19
CA ARG NC 105 -97.89 -83.67 35.77
C ARG NC 105 -97.52 -82.66 34.71
N PHE NC 106 -96.31 -82.12 34.79
CA PHE NC 106 -95.86 -81.07 33.89
C PHE NC 106 -94.59 -81.52 33.22
N ARG NC 107 -94.64 -81.71 31.91
CA ARG NC 107 -93.54 -82.33 31.19
C ARG NC 107 -93.05 -81.42 30.07
N VAL NC 108 -91.74 -81.38 29.90
CA VAL NC 108 -91.12 -80.59 28.85
C VAL NC 108 -90.46 -81.54 27.86
N LEU NC 109 -90.30 -81.05 26.64
CA LEU NC 109 -89.60 -81.78 25.59
C LEU NC 109 -88.83 -80.77 24.75
N GLY NC 110 -87.62 -81.12 24.39
CA GLY NC 110 -86.84 -80.20 23.58
C GLY NC 110 -85.95 -79.31 24.41
N LYS NC 111 -84.81 -78.94 23.83
CA LYS NC 111 -83.91 -78.02 24.49
C LYS NC 111 -84.42 -76.59 24.31
N SER NC 112 -84.33 -75.81 25.38
CA SER NC 112 -84.66 -74.41 25.29
C SER NC 112 -83.59 -73.69 24.50
N PRO NC 113 -83.93 -72.99 23.43
CA PRO NC 113 -82.91 -72.31 22.63
C PRO NC 113 -82.34 -71.12 23.37
N SER NC 114 -81.20 -70.63 22.85
CA SER NC 114 -80.51 -69.51 23.46
C SER NC 114 -81.34 -68.24 23.38
N VAL NC 115 -82.03 -68.03 22.27
CA VAL NC 115 -83.03 -66.96 22.21
C VAL NC 115 -84.25 -67.45 22.97
N PRO NC 116 -84.70 -66.71 23.98
CA PRO NC 116 -85.86 -67.15 24.75
C PRO NC 116 -87.16 -66.80 24.02
N VAL NC 117 -88.26 -67.29 24.59
CA VAL NC 117 -89.60 -67.01 24.09
C VAL NC 117 -90.32 -66.19 25.14
N LEU NC 118 -90.77 -65.00 24.75
CA LEU NC 118 -91.44 -64.09 25.66
C LEU NC 118 -92.86 -63.87 25.19
N ILE NC 119 -93.81 -64.03 26.11
CA ILE NC 119 -95.23 -63.99 25.79
C ILE NC 119 -95.87 -62.94 26.68
N SER NC 120 -96.66 -62.06 26.07
CA SER NC 120 -97.41 -61.04 26.80
C SER NC 120 -98.87 -61.46 26.83
N ILE NC 121 -99.39 -61.71 28.03
CA ILE NC 121 -100.78 -62.08 28.23
C ILE NC 121 -101.40 -61.08 29.19
N SER NC 122 -102.53 -60.50 28.80
CA SER NC 122 -103.25 -59.56 29.65
C SER NC 122 -104.75 -59.81 29.43
N THR NC 123 -105.33 -60.64 30.29
CA THR NC 123 -106.74 -61.00 30.15
C THR NC 123 -107.29 -61.33 31.54
N LYS NC 124 -108.58 -61.66 31.60
CA LYS NC 124 -109.26 -61.79 32.88
C LYS NC 124 -110.44 -62.73 32.77
N ASP NC 125 -110.49 -63.73 33.65
CA ASP NC 125 -111.65 -64.58 33.91
C ASP NC 125 -112.11 -65.35 32.66
N GLU NC 126 -111.23 -66.24 32.21
CA GLU NC 126 -111.58 -67.14 31.11
C GLU NC 126 -111.05 -68.54 31.44
N SER NC 127 -111.29 -69.46 30.51
CA SER NC 127 -110.89 -70.84 30.72
C SER NC 127 -109.38 -70.99 30.68
N LEU NC 128 -108.87 -71.89 31.52
CA LEU NC 128 -107.46 -72.20 31.49
C LEU NC 128 -107.07 -72.92 30.21
N ALA NC 129 -107.98 -73.74 29.68
CA ALA NC 129 -107.73 -74.41 28.40
C ALA NC 129 -107.65 -73.41 27.26
N GLU NC 130 -108.53 -72.40 27.27
CA GLU NC 130 -108.46 -71.37 26.25
C GLU NC 130 -107.25 -70.48 26.44
N ILE NC 131 -106.82 -70.28 27.70
CA ILE NC 131 -105.57 -69.59 27.98
C ILE NC 131 -104.40 -70.35 27.37
N LEU NC 132 -104.41 -71.68 27.53
CA LEU NC 132 -103.36 -72.52 26.96
C LEU NC 132 -103.39 -72.50 25.43
N ARG NC 133 -104.58 -72.49 24.85
CA ARG NC 133 -104.70 -72.42 23.39
C ARG NC 133 -104.21 -71.07 22.87
N ASP NC 134 -104.49 -70.00 23.60
CA ASP NC 134 -103.93 -68.69 23.27
C ASP NC 134 -102.41 -68.68 23.41
N ILE NC 135 -101.90 -69.40 24.40
CA ILE NC 135 -100.45 -69.50 24.60
C ILE NC 135 -99.81 -70.20 23.41
N ASP NC 136 -100.41 -71.30 22.96
CA ASP NC 136 -99.86 -72.02 21.82
C ASP NC 136 -100.00 -71.23 20.53
N TYR NC 137 -101.10 -70.47 20.39
CA TYR NC 137 -101.26 -69.60 19.23
C TYR NC 137 -100.21 -68.50 19.22
N GLN NC 138 -99.95 -67.88 20.38
CA GLN NC 138 -98.98 -66.80 20.44
C GLN NC 138 -97.56 -67.31 20.31
N ALA NC 139 -97.32 -68.56 20.69
CA ALA NC 139 -96.02 -69.18 20.45
C ALA NC 139 -95.83 -69.44 18.96
N GLY NC 140 -96.82 -70.05 18.31
CA GLY NC 140 -96.72 -70.33 16.90
C GLY NC 140 -95.68 -71.39 16.59
N LYS NC 141 -94.63 -71.01 15.88
CA LYS NC 141 -93.61 -71.94 15.46
C LYS NC 141 -92.53 -72.16 16.52
N LYS NC 142 -92.53 -71.37 17.59
CA LYS NC 142 -91.49 -71.52 18.60
C LYS NC 142 -91.70 -72.76 19.46
N ALA NC 143 -92.93 -73.00 19.90
CA ALA NC 143 -93.21 -74.14 20.77
C ALA NC 143 -94.68 -74.53 20.66
N SER NC 144 -94.98 -75.74 21.12
CA SER NC 144 -96.33 -76.27 21.10
C SER NC 144 -96.64 -76.93 22.43
N ILE NC 145 -97.93 -77.03 22.74
CA ILE NC 145 -98.40 -77.59 24.01
C ILE NC 145 -99.50 -78.59 23.72
N HIS NC 146 -99.37 -79.79 24.28
CA HIS NC 146 -100.44 -80.78 24.26
C HIS NC 146 -100.87 -81.11 25.68
N VAL NC 147 -102.03 -81.76 25.79
CA VAL NC 147 -102.56 -82.17 27.07
C VAL NC 147 -102.93 -83.66 26.98
N TYR NC 148 -102.97 -84.30 28.14
CA TYR NC 148 -103.41 -85.68 28.27
C TYR NC 148 -104.22 -85.74 29.55
N PRO NC 149 -105.55 -85.60 29.45
CA PRO NC 149 -106.37 -85.56 30.66
C PRO NC 149 -106.53 -86.91 31.31
N ASN NC 150 -106.52 -87.98 30.53
CA ASN NC 150 -106.50 -89.33 31.10
C ASN NC 150 -105.20 -89.57 31.85
N SER NC 151 -104.09 -89.05 31.33
CA SER NC 151 -102.81 -89.13 32.01
C SER NC 151 -102.58 -87.97 32.96
N GLN NC 152 -103.41 -86.93 32.87
CA GLN NC 152 -103.32 -85.72 33.71
C GLN NC 152 -101.97 -85.03 33.58
N VAL NC 153 -101.46 -84.95 32.34
CA VAL NC 153 -100.18 -84.33 32.06
C VAL NC 153 -100.37 -83.18 31.08
N VAL NC 154 -99.79 -82.04 31.40
CA VAL NC 154 -99.61 -80.95 30.44
C VAL NC 154 -98.18 -81.05 29.92
N GLU NC 155 -98.03 -81.18 28.61
CA GLU NC 155 -96.71 -81.33 28.00
C GLU NC 155 -96.46 -80.17 27.05
N LEU NC 156 -95.22 -79.71 27.02
CA LEU NC 156 -94.77 -78.75 26.03
C LEU NC 156 -93.64 -79.36 25.21
N ARG NC 157 -93.53 -78.92 23.97
CA ARG NC 157 -92.48 -79.38 23.07
C ARG NC 157 -91.88 -78.17 22.39
N TYR NC 158 -90.56 -78.14 22.32
CA TYR NC 158 -89.87 -77.05 21.65
C TYR NC 158 -89.82 -77.31 20.14
N ALA NC 159 -89.23 -76.36 19.43
CA ALA NC 159 -89.07 -76.49 17.99
C ALA NC 159 -87.88 -77.40 17.71
N LYS NC 160 -88.16 -78.59 17.17
CA LYS NC 160 -87.10 -79.49 16.71
C LYS NC 160 -86.62 -78.94 15.37
N ILE NC 161 -85.66 -78.03 15.43
CA ILE NC 161 -85.28 -77.22 14.28
C ILE NC 161 -83.76 -77.30 14.10
N TYR NC 162 -83.34 -77.30 12.84
CA TYR NC 162 -81.96 -77.53 12.38
C TYR NC 162 -81.37 -78.83 12.92
N ARG OC 207 -79.44 -69.52 -43.98
CA ARG OC 207 -78.31 -70.10 -43.28
C ARG OC 207 -77.08 -69.21 -43.36
N ILE OC 208 -75.90 -69.80 -43.24
CA ILE OC 208 -74.64 -69.06 -43.15
C ILE OC 208 -73.81 -69.36 -44.39
N ILE OC 209 -73.32 -68.31 -45.04
CA ILE OC 209 -72.52 -68.44 -46.26
C ILE OC 209 -71.10 -67.97 -45.95
N TYR OC 210 -70.13 -68.83 -46.24
CA TYR OC 210 -68.73 -68.49 -46.05
C TYR OC 210 -68.10 -68.05 -47.35
N TYR OC 211 -67.20 -67.07 -47.25
CA TYR OC 211 -66.44 -66.55 -48.37
C TYR OC 211 -64.96 -66.61 -48.03
N ILE OC 212 -64.13 -66.50 -49.07
CA ILE OC 212 -62.69 -66.52 -48.87
C ILE OC 212 -62.24 -65.14 -48.43
N GLN OC 213 -61.50 -65.09 -47.32
CA GLN OC 213 -60.84 -63.86 -46.86
C GLN OC 213 -59.36 -63.89 -47.20
N ALA OC 214 -58.65 -64.94 -46.78
CA ALA OC 214 -57.25 -65.11 -47.08
C ALA OC 214 -57.01 -66.54 -47.52
N VAL OC 215 -56.30 -66.71 -48.63
CA VAL OC 215 -56.09 -68.02 -49.22
C VAL OC 215 -54.58 -68.21 -49.47
N ILE OC 216 -54.03 -69.27 -48.90
CA ILE OC 216 -52.70 -69.76 -49.26
C ILE OC 216 -52.91 -71.21 -49.68
N PRO OC 217 -51.94 -71.86 -50.33
CA PRO OC 217 -52.01 -73.32 -50.46
C PRO OC 217 -51.92 -73.97 -49.09
N GLY OC 218 -52.79 -74.96 -48.86
CA GLY OC 218 -52.81 -75.66 -47.60
C GLY OC 218 -53.80 -75.13 -46.56
N ARG OC 219 -53.78 -73.82 -46.29
CA ARG OC 219 -54.63 -73.23 -45.28
C ARG OC 219 -55.56 -72.22 -45.91
N ALA OC 220 -56.77 -72.11 -45.37
CA ALA OC 220 -57.77 -71.20 -45.94
C ALA OC 220 -58.47 -70.42 -44.84
N TRP OC 221 -58.52 -69.11 -44.99
CA TRP OC 221 -59.28 -68.27 -44.08
C TRP OC 221 -60.62 -67.93 -44.71
N LEU OC 222 -61.69 -68.21 -43.99
CA LEU OC 222 -63.05 -68.03 -44.46
C LEU OC 222 -63.81 -67.16 -43.49
N ILE OC 223 -64.58 -66.23 -44.04
CA ILE OC 223 -65.43 -65.34 -43.26
C ILE OC 223 -66.88 -65.67 -43.60
N GLY OC 224 -67.66 -65.98 -42.58
CA GLY OC 224 -69.05 -66.33 -42.77
C GLY OC 224 -69.90 -65.12 -43.06
N SER OC 225 -71.19 -65.38 -43.28
CA SER OC 225 -72.16 -64.31 -43.45
C SER OC 225 -72.35 -63.49 -42.18
N ASN OC 226 -72.08 -64.09 -41.03
CA ASN OC 226 -72.06 -63.38 -39.76
C ASN OC 226 -70.75 -62.63 -39.53
N GLY OC 227 -69.76 -62.81 -40.40
CA GLY OC 227 -68.49 -62.14 -40.26
C GLY OC 227 -67.44 -62.91 -39.48
N SER OC 228 -67.78 -64.08 -38.93
CA SER OC 228 -66.82 -64.86 -38.17
C SER OC 228 -65.78 -65.46 -39.12
N THR OC 229 -64.51 -65.30 -38.77
CA THR OC 229 -63.41 -65.74 -39.60
C THR OC 229 -62.71 -66.93 -38.95
N LEU OC 230 -62.34 -67.90 -39.79
CA LEU OC 230 -61.73 -69.12 -39.29
C LEU OC 230 -60.73 -69.64 -40.31
N THR OC 231 -59.74 -70.37 -39.81
CA THR OC 231 -58.71 -70.97 -40.65
C THR OC 231 -58.90 -72.49 -40.66
N VAL OC 232 -58.99 -73.05 -41.87
CA VAL OC 232 -59.21 -74.48 -42.05
C VAL OC 232 -58.10 -75.04 -42.92
N ARG OC 233 -58.12 -76.36 -43.06
CA ARG OC 233 -57.16 -77.13 -43.84
C ARG OC 233 -57.89 -77.79 -45.00
N GLU OC 234 -57.19 -78.71 -45.67
CA GLU OC 234 -57.72 -79.39 -46.85
C GLU OC 234 -58.95 -80.25 -46.56
N GLY OC 235 -59.16 -80.66 -45.31
CA GLY OC 235 -60.36 -81.39 -44.96
C GLY OC 235 -60.83 -81.09 -43.56
N SER OC 236 -62.08 -80.64 -43.42
CA SER OC 236 -62.64 -80.32 -42.11
C SER OC 236 -64.16 -80.41 -42.20
N LYS OC 237 -64.78 -80.45 -41.03
CA LYS OC 237 -66.24 -80.54 -40.92
C LYS OC 237 -66.78 -79.17 -40.54
N ILE OC 238 -67.71 -78.67 -41.35
CA ILE OC 238 -68.16 -77.28 -41.24
C ILE OC 238 -69.66 -77.22 -41.40
N PRO OC 239 -70.31 -76.24 -40.72
CA PRO OC 239 -71.78 -76.15 -40.79
C PRO OC 239 -72.31 -75.73 -42.15
N GLY OC 240 -73.04 -76.63 -42.79
CA GLY OC 240 -73.70 -76.36 -44.04
C GLY OC 240 -72.87 -76.56 -45.28
N TYR OC 241 -71.55 -76.65 -45.15
CA TYR OC 241 -70.69 -76.97 -46.29
C TYR OC 241 -70.20 -78.41 -46.25
N GLY OC 242 -70.30 -79.08 -45.11
CA GLY OC 242 -69.94 -80.48 -45.03
C GLY OC 242 -68.46 -80.73 -44.86
N MET OC 243 -67.82 -81.24 -45.91
CA MET OC 243 -66.43 -81.66 -45.85
C MET OC 243 -65.63 -80.92 -46.93
N VAL OC 244 -64.49 -80.36 -46.53
CA VAL OC 244 -63.58 -79.75 -47.49
C VAL OC 244 -62.95 -80.84 -48.33
N LYS OC 245 -63.07 -80.72 -49.64
CA LYS OC 245 -62.56 -81.73 -50.57
C LYS OC 245 -61.20 -81.36 -51.12
N LEU OC 246 -61.08 -80.19 -51.75
CA LEU OC 246 -59.82 -79.79 -52.35
C LEU OC 246 -59.74 -78.27 -52.33
N ILE OC 247 -58.53 -77.76 -52.09
CA ILE OC 247 -58.26 -76.32 -52.07
C ILE OC 247 -57.44 -75.98 -53.30
N ASP OC 248 -57.97 -75.08 -54.13
CA ASP OC 248 -57.30 -74.67 -55.36
C ASP OC 248 -56.75 -73.26 -55.17
N SER OC 249 -55.42 -73.14 -55.22
CA SER OC 249 -54.79 -71.83 -55.13
C SER OC 249 -55.08 -71.00 -56.37
N LEU OC 250 -55.05 -71.62 -57.54
CA LEU OC 250 -55.42 -70.91 -58.76
C LEU OC 250 -56.92 -70.71 -58.82
N GLN OC 251 -57.33 -69.58 -59.40
CA GLN OC 251 -58.71 -69.17 -59.68
C GLN OC 251 -59.57 -68.97 -58.43
N GLY OC 252 -59.00 -69.11 -57.23
CA GLY OC 252 -59.68 -68.78 -55.98
C GLY OC 252 -60.94 -69.55 -55.65
N ARG OC 253 -60.90 -70.88 -55.77
CA ARG OC 253 -62.08 -71.70 -55.56
C ARG OC 253 -61.80 -72.79 -54.54
N ILE OC 254 -62.72 -72.95 -53.59
CA ILE OC 254 -62.62 -73.98 -52.57
C ILE OC 254 -63.82 -74.91 -52.72
N LEU OC 255 -63.56 -76.22 -52.81
CA LEU OC 255 -64.62 -77.18 -53.00
C LEU OC 255 -65.04 -77.77 -51.66
N THR OC 256 -66.35 -77.84 -51.43
CA THR OC 256 -66.88 -78.49 -50.23
C THR OC 256 -67.83 -79.61 -50.62
N SER OC 257 -68.06 -80.52 -49.67
CA SER OC 257 -68.84 -81.72 -49.95
C SER OC 257 -70.34 -81.45 -50.10
N SER OC 258 -70.81 -80.25 -49.74
CA SER OC 258 -72.20 -79.89 -49.94
C SER OC 258 -72.48 -79.34 -51.34
N GLY OC 259 -71.57 -79.54 -52.28
CA GLY OC 259 -71.71 -78.95 -53.60
C GLY OC 259 -71.60 -77.44 -53.58
N GLN OC 260 -70.72 -76.89 -52.77
CA GLN OC 260 -70.55 -75.45 -52.67
C GLN OC 260 -69.10 -75.07 -52.94
N VAL OC 261 -68.93 -74.02 -53.74
CA VAL OC 261 -67.62 -73.52 -54.13
C VAL OC 261 -67.43 -72.18 -53.42
N ILE OC 262 -66.59 -72.18 -52.39
CA ILE OC 262 -66.27 -70.96 -51.68
C ILE OC 262 -65.38 -70.08 -52.55
N LYS OC 263 -65.72 -68.79 -52.61
CA LYS OC 263 -65.03 -67.79 -53.41
C LYS OC 263 -64.96 -66.52 -52.58
N PHE OC 264 -64.63 -65.41 -53.23
CA PHE OC 264 -64.60 -64.10 -52.59
C PHE OC 264 -65.97 -63.45 -52.74
N SER OC 265 -66.05 -62.16 -52.43
CA SER OC 265 -67.25 -61.37 -52.69
C SER OC 265 -67.24 -60.87 -54.13
N GLN OC 266 -68.44 -60.76 -54.72
CA GLN OC 266 -68.54 -60.22 -56.07
C GLN OC 266 -68.34 -58.70 -56.07
N GLU OC 267 -68.95 -58.00 -55.10
CA GLU OC 267 -68.76 -56.56 -55.01
C GLU OC 267 -67.39 -56.19 -54.46
N ASP OC 268 -66.68 -57.12 -53.85
CA ASP OC 268 -65.33 -56.90 -53.35
C ASP OC 268 -64.43 -57.89 -54.09
N SER OC 269 -64.00 -57.50 -55.29
CA SER OC 269 -63.23 -58.37 -56.15
C SER OC 269 -62.35 -57.59 -57.12
N GLN PC 791 -32.98 -72.94 -89.23
CA GLN PC 791 -31.92 -73.93 -89.23
C GLN PC 791 -30.74 -73.46 -88.39
N GLN PC 792 -29.77 -72.83 -89.04
CA GLN PC 792 -28.63 -72.25 -88.35
C GLN PC 792 -28.90 -70.83 -87.86
N GLU PC 793 -30.07 -70.29 -88.16
CA GLU PC 793 -30.44 -68.93 -87.83
C GLU PC 793 -31.06 -68.82 -86.44
N ILE PC 794 -31.17 -69.94 -85.73
CA ILE PC 794 -31.81 -69.95 -84.42
C ILE PC 794 -30.94 -69.23 -83.39
N GLN PC 795 -29.65 -69.60 -83.33
CA GLN PC 795 -28.82 -69.32 -82.17
C GLN PC 795 -28.46 -67.85 -82.03
N GLN PC 796 -28.19 -67.17 -83.15
CA GLN PC 796 -27.91 -65.74 -83.08
C GLN PC 796 -29.16 -64.96 -82.69
N ARG PC 797 -30.33 -65.40 -83.15
CA ARG PC 797 -31.58 -64.84 -82.67
C ARG PC 797 -31.93 -65.34 -81.28
N THR PC 798 -31.44 -66.52 -80.89
CA THR PC 798 -31.64 -66.99 -79.53
C THR PC 798 -30.83 -66.17 -78.55
N SER PC 799 -29.56 -65.90 -78.89
CA SER PC 799 -28.61 -65.34 -77.94
C SER PC 799 -28.96 -63.90 -77.57
N ASP PC 800 -29.24 -63.06 -78.57
CA ASP PC 800 -29.54 -61.66 -78.28
C ASP PC 800 -30.91 -61.49 -77.63
N MET PC 801 -31.85 -62.38 -77.95
CA MET PC 801 -33.11 -62.40 -77.22
C MET PC 801 -32.91 -62.84 -75.78
N LEU PC 802 -31.94 -63.73 -75.56
CA LEU PC 802 -31.63 -64.18 -74.21
C LEU PC 802 -30.99 -63.07 -73.38
N THR PC 803 -30.17 -62.21 -74.03
CA THR PC 803 -29.54 -61.11 -73.32
C THR PC 803 -30.56 -60.10 -72.84
N ALA PC 804 -31.52 -59.74 -73.70
CA ALA PC 804 -32.58 -58.84 -73.28
C ALA PC 804 -33.51 -59.50 -72.27
N ALA PC 805 -33.69 -60.82 -72.37
CA ALA PC 805 -34.46 -61.54 -71.36
C ALA PC 805 -33.74 -61.52 -70.02
N THR PC 806 -32.44 -61.76 -70.02
CA THR PC 806 -31.68 -61.68 -68.78
C THR PC 806 -31.54 -60.24 -68.30
N GLN PC 807 -31.61 -59.29 -69.24
CA GLN PC 807 -31.70 -57.89 -68.85
C GLN PC 807 -33.01 -57.61 -68.13
N LEU PC 808 -34.12 -58.13 -68.64
CA LEU PC 808 -35.42 -57.66 -68.18
C LEU PC 808 -35.78 -58.23 -66.81
N VAL PC 809 -35.27 -59.42 -66.49
CA VAL PC 809 -35.67 -60.06 -65.24
C VAL PC 809 -35.11 -59.32 -64.03
N GLN PC 810 -33.84 -58.91 -64.08
CA GLN PC 810 -33.28 -58.15 -62.98
C GLN PC 810 -33.84 -56.74 -62.90
N ASP PC 811 -34.39 -56.23 -64.01
CA ASP PC 811 -35.20 -55.03 -63.92
C ASP PC 811 -36.48 -55.28 -63.13
N TRP PC 812 -37.04 -56.48 -63.24
CA TRP PC 812 -38.21 -56.84 -62.45
C TRP PC 812 -37.83 -57.29 -61.05
N LYS PC 813 -36.57 -57.63 -60.82
CA LYS PC 813 -36.17 -58.16 -59.51
C LYS PC 813 -36.15 -57.07 -58.45
N GLN PC 814 -35.59 -55.90 -58.77
CA GLN PC 814 -35.35 -54.92 -57.73
C GLN PC 814 -36.62 -54.12 -57.42
N VAL PC 815 -36.69 -53.66 -56.19
CA VAL PC 815 -37.78 -52.83 -55.70
C VAL PC 815 -37.20 -51.81 -54.73
N GLU PC 816 -37.67 -50.58 -54.82
CA GLU PC 816 -37.23 -49.56 -53.89
C GLU PC 816 -38.05 -49.62 -52.60
N THR PC 817 -37.77 -48.69 -51.70
CA THR PC 817 -38.53 -48.56 -50.47
C THR PC 817 -38.97 -47.11 -50.29
N GLN PC 818 -40.05 -46.94 -49.53
CA GLN PC 818 -40.65 -45.64 -49.30
C GLN PC 818 -39.86 -44.85 -48.27
N VAL PC 819 -40.33 -43.65 -47.98
CA VAL PC 819 -39.73 -42.79 -46.97
C VAL PC 819 -40.82 -41.92 -46.36
N TYR PC 820 -40.95 -41.97 -45.03
CA TYR PC 820 -41.96 -41.20 -44.32
C TYR PC 820 -41.39 -39.83 -43.97
N THR PC 821 -41.98 -38.78 -44.54
CA THR PC 821 -41.53 -37.42 -44.35
C THR PC 821 -42.54 -36.64 -43.51
N GLU PC 822 -42.02 -35.81 -42.61
CA GLU PC 822 -42.85 -35.07 -41.67
C GLU PC 822 -42.90 -33.59 -42.04
N GLY PC 823 -43.78 -32.88 -41.35
CA GLY PC 823 -43.86 -31.44 -41.47
C GLY PC 823 -44.05 -30.79 -40.12
N THR PC 824 -43.13 -29.90 -39.75
CA THR PC 824 -43.20 -29.21 -38.46
C THR PC 824 -42.67 -27.79 -38.58
N ALA QC 104 -22.15 -31.35 -115.40
CA ALA QC 104 -21.26 -30.41 -114.74
C ALA QC 104 -21.79 -30.07 -113.35
N GLU QC 105 -23.09 -30.20 -113.18
CA GLU QC 105 -23.76 -29.87 -111.92
C GLU QC 105 -24.74 -30.92 -111.44
N VAL QC 106 -25.17 -31.84 -112.31
CA VAL QC 106 -26.03 -32.94 -111.89
C VAL QC 106 -25.26 -33.88 -110.96
N ILE QC 107 -23.95 -34.01 -111.16
CA ILE QC 107 -23.09 -34.74 -110.23
C ILE QC 107 -23.12 -34.09 -108.86
N ASP QC 108 -23.06 -32.75 -108.83
CA ASP QC 108 -23.10 -32.01 -107.58
C ASP QC 108 -24.44 -32.18 -106.87
N LYS QC 109 -25.54 -32.12 -107.63
CA LYS QC 109 -26.87 -32.29 -107.04
C LYS QC 109 -27.08 -33.69 -106.51
N LYS QC 110 -26.58 -34.70 -107.24
CA LYS QC 110 -26.64 -36.07 -106.75
C LYS QC 110 -25.82 -36.24 -105.48
N ALA QC 111 -24.66 -35.58 -105.42
CA ALA QC 111 -23.84 -35.60 -104.22
C ALA QC 111 -24.55 -34.94 -103.05
N PHE QC 112 -25.30 -33.86 -103.32
CA PHE QC 112 -26.10 -33.21 -102.28
C PHE QC 112 -27.17 -34.15 -101.75
N LYS QC 113 -27.83 -34.87 -102.66
CA LYS QC 113 -28.89 -35.80 -102.27
C LYS QC 113 -28.35 -36.96 -101.42
N ASP QC 114 -27.24 -37.57 -101.85
CA ASP QC 114 -26.72 -38.69 -101.07
C ASP QC 114 -26.05 -38.21 -99.79
N MET QC 115 -25.54 -36.97 -99.78
CA MET QC 115 -25.06 -36.38 -98.53
C MET QC 115 -26.20 -36.20 -97.54
N THR QC 116 -27.36 -35.73 -98.01
CA THR QC 116 -28.50 -35.55 -97.14
C THR QC 116 -29.01 -36.88 -96.60
N ARG QC 117 -29.06 -37.90 -97.47
CA ARG QC 117 -29.46 -39.23 -97.02
C ARG QC 117 -28.47 -39.84 -96.05
N ASN QC 118 -27.17 -39.59 -96.27
CA ASN QC 118 -26.15 -40.11 -95.37
C ASN QC 118 -26.19 -39.39 -94.03
N LEU QC 119 -26.49 -38.10 -94.03
CA LEU QC 119 -26.64 -37.35 -92.79
C LEU QC 119 -27.85 -37.85 -91.99
N TYR QC 120 -29.00 -37.95 -92.64
CA TYR QC 120 -30.22 -38.40 -91.99
C TYR QC 120 -30.76 -39.59 -92.76
N PRO QC 121 -30.38 -40.81 -92.39
CA PRO QC 121 -30.95 -42.01 -93.03
C PRO QC 121 -32.39 -42.29 -92.66
N LEU QC 122 -32.94 -41.60 -91.66
CA LEU QC 122 -34.28 -41.86 -91.18
C LEU QC 122 -35.26 -40.87 -91.80
N ASN QC 123 -36.37 -41.39 -92.31
CA ASN QC 123 -37.47 -40.53 -92.72
C ASN QC 123 -38.13 -39.94 -91.47
N PRO QC 124 -38.79 -38.78 -91.61
CA PRO QC 124 -39.65 -38.31 -90.51
C PRO QC 124 -40.77 -39.26 -90.18
N GLU QC 125 -41.34 -39.92 -91.20
CA GLU QC 125 -42.33 -40.96 -90.97
C GLU QC 125 -41.71 -42.15 -90.26
N GLN QC 126 -40.46 -42.47 -90.60
CA GLN QC 126 -39.74 -43.52 -89.88
C GLN QC 126 -39.49 -43.13 -88.43
N VAL QC 127 -39.21 -41.85 -88.20
CA VAL QC 127 -39.01 -41.34 -86.85
C VAL QC 127 -40.27 -41.48 -86.02
N VAL QC 128 -41.41 -41.11 -86.61
CA VAL QC 128 -42.70 -41.25 -85.93
C VAL QC 128 -43.03 -42.71 -85.67
N LYS QC 129 -42.76 -43.59 -86.64
CA LYS QC 129 -43.05 -45.00 -86.47
C LYS QC 129 -42.16 -45.65 -85.41
N LEU QC 130 -40.88 -45.27 -85.37
CA LEU QC 130 -40.01 -45.83 -84.35
C LEU QC 130 -40.32 -45.27 -82.97
N LYS QC 131 -40.79 -44.01 -82.91
CA LYS QC 131 -41.28 -43.47 -81.64
C LYS QC 131 -42.53 -44.21 -81.18
N GLN QC 132 -43.39 -44.57 -82.14
CA GLN QC 132 -44.58 -45.34 -81.84
C GLN QC 132 -44.24 -46.72 -81.30
N ILE QC 133 -43.30 -47.42 -81.95
CA ILE QC 133 -42.94 -48.74 -81.46
C ILE QC 133 -42.11 -48.64 -80.17
N TYR QC 134 -41.45 -47.50 -79.95
CA TYR QC 134 -40.72 -47.27 -78.71
C TYR QC 134 -41.67 -47.14 -77.53
N GLU QC 135 -42.70 -46.30 -77.68
CA GLU QC 135 -43.67 -46.17 -76.59
C GLU QC 135 -44.53 -47.42 -76.45
N THR QC 136 -44.72 -48.16 -77.55
CA THR QC 136 -45.46 -49.42 -77.46
C THR QC 136 -44.67 -50.48 -76.69
N SER QC 137 -43.37 -50.59 -76.96
CA SER QC 137 -42.53 -51.50 -76.20
C SER QC 137 -42.39 -51.06 -74.75
N GLU QC 138 -42.37 -49.76 -74.51
CA GLU QC 138 -42.33 -49.25 -73.13
C GLU QC 138 -43.61 -49.61 -72.38
N TYR QC 139 -44.77 -49.50 -73.04
CA TYR QC 139 -46.01 -49.87 -72.38
C TYR QC 139 -46.11 -51.38 -72.19
N ALA QC 140 -45.58 -52.16 -73.13
CA ALA QC 140 -45.54 -53.61 -72.97
C ALA QC 140 -44.65 -54.01 -71.81
N LYS QC 141 -43.53 -53.31 -71.63
CA LYS QC 141 -42.66 -53.54 -70.48
C LYS QC 141 -43.37 -53.16 -69.18
N ALA QC 142 -44.02 -52.00 -69.15
CA ALA QC 142 -44.68 -51.54 -67.93
C ALA QC 142 -45.95 -52.31 -67.63
N ALA QC 143 -46.46 -53.07 -68.59
CA ALA QC 143 -47.62 -53.91 -68.33
C ALA QC 143 -47.26 -55.04 -67.38
N THR QC 144 -48.08 -55.24 -66.36
CA THR QC 144 -47.84 -56.23 -65.34
C THR QC 144 -48.78 -57.41 -65.52
N PRO QC 145 -48.26 -58.63 -65.64
CA PRO QC 145 -49.12 -59.78 -65.87
C PRO QC 145 -49.90 -60.15 -64.61
N GLY QC 146 -50.85 -61.05 -64.80
CA GLY QC 146 -51.73 -61.48 -63.73
C GLY QC 146 -52.90 -60.53 -63.57
N THR QC 147 -53.87 -60.98 -62.79
CA THR QC 147 -55.05 -60.17 -62.54
C THR QC 147 -54.72 -59.03 -61.57
N PRO QC 148 -55.00 -57.79 -61.94
CA PRO QC 148 -54.74 -56.68 -61.02
C PRO QC 148 -55.72 -56.68 -59.87
N PRO QC 149 -55.27 -56.34 -58.67
CA PRO QC 149 -56.16 -56.38 -57.51
C PRO QC 149 -57.12 -55.20 -57.46
N LYS QC 150 -58.10 -55.30 -56.58
CA LYS QC 150 -59.06 -54.23 -56.35
C LYS QC 150 -58.65 -53.41 -55.14
N PRO QC 151 -58.58 -52.07 -55.25
CA PRO QC 151 -58.32 -51.24 -54.07
C PRO QC 151 -59.49 -51.30 -53.09
N THR QC 152 -59.15 -51.22 -51.80
CA THR QC 152 -60.14 -51.41 -50.75
C THR QC 152 -59.71 -50.66 -49.50
N ALA QC 153 -60.67 -50.46 -48.60
CA ALA QC 153 -60.43 -49.96 -47.25
C ALA QC 153 -61.22 -50.83 -46.29
N THR QC 154 -60.53 -51.51 -45.39
CA THR QC 154 -61.14 -52.54 -44.58
C THR QC 154 -61.14 -52.17 -43.10
N SER QC 155 -62.18 -52.60 -42.42
CA SER QC 155 -62.33 -52.45 -40.98
C SER QC 155 -62.45 -53.82 -40.34
N GLN QC 156 -61.79 -54.00 -39.20
CA GLN QC 156 -61.81 -55.29 -38.52
C GLN QC 156 -61.79 -55.05 -37.02
N PHE QC 157 -62.54 -55.87 -36.30
CA PHE QC 157 -62.54 -55.85 -34.84
C PHE QC 157 -61.67 -57.00 -34.36
N VAL QC 158 -60.55 -56.68 -33.75
CA VAL QC 158 -59.57 -57.65 -33.28
C VAL QC 158 -60.13 -58.37 -32.06
N ASN QC 159 -59.82 -59.66 -31.96
CA ASN QC 159 -60.15 -60.45 -30.78
C ASN QC 159 -58.85 -60.84 -30.08
N LEU QC 160 -58.82 -60.63 -28.77
CA LEU QC 160 -57.67 -61.00 -27.95
C LEU QC 160 -57.98 -62.19 -27.05
N SER QC 161 -58.87 -63.06 -27.50
CA SER QC 161 -59.22 -64.25 -26.73
C SER QC 161 -58.06 -65.24 -26.74
N PRO QC 162 -57.89 -66.01 -25.65
CA PRO QC 162 -56.78 -66.97 -25.60
C PRO QC 162 -56.95 -68.19 -26.50
N GLY QC 163 -58.10 -68.38 -27.14
CA GLY QC 163 -58.27 -69.45 -28.10
C GLY QC 163 -58.62 -68.92 -29.47
N SER QC 164 -58.50 -67.59 -29.63
CA SER QC 164 -58.90 -66.94 -30.86
C SER QC 164 -57.93 -67.22 -31.99
N THR QC 165 -58.48 -67.36 -33.19
CA THR QC 165 -57.64 -67.44 -34.38
C THR QC 165 -57.09 -66.04 -34.71
N PRO QC 166 -55.81 -65.91 -34.99
CA PRO QC 166 -55.21 -64.58 -35.19
C PRO QC 166 -55.60 -64.00 -36.55
N PRO QC 167 -55.58 -62.68 -36.67
CA PRO QC 167 -55.95 -62.05 -37.95
C PRO QC 167 -54.79 -61.90 -38.91
N VAL QC 168 -55.14 -61.89 -40.20
CA VAL QC 168 -54.22 -61.76 -41.32
C VAL QC 168 -54.53 -60.47 -42.06
N ILE QC 169 -53.49 -59.86 -42.61
CA ILE QC 169 -53.58 -58.57 -43.29
C ILE QC 169 -53.10 -58.75 -44.73
N ARG QC 170 -53.93 -58.31 -45.67
CA ARG QC 170 -53.58 -58.38 -47.09
C ARG QC 170 -52.70 -57.20 -47.46
N LEU QC 171 -51.58 -57.47 -48.12
CA LEU QC 171 -50.61 -56.45 -48.49
C LEU QC 171 -50.30 -56.54 -49.97
N SER QC 172 -49.78 -55.44 -50.51
CA SER QC 172 -49.36 -55.35 -51.89
C SER QC 172 -47.89 -54.93 -51.96
N GLN QC 173 -47.18 -55.48 -52.94
CA GLN QC 173 -45.73 -55.29 -53.07
C GLN QC 173 -45.43 -53.85 -53.49
N GLY QC 174 -44.82 -53.08 -52.59
CA GLY QC 174 -44.49 -51.71 -52.85
C GLY QC 174 -45.61 -50.73 -52.63
N PHE QC 175 -46.81 -51.19 -52.28
CA PHE QC 175 -47.95 -50.33 -52.06
C PHE QC 175 -48.27 -50.32 -50.57
N VAL QC 176 -48.37 -49.14 -50.01
CA VAL QC 176 -48.44 -48.97 -48.57
C VAL QC 176 -49.86 -49.18 -48.09
N SER QC 177 -49.98 -49.61 -46.85
CA SER QC 177 -51.24 -49.72 -46.14
C SER QC 177 -51.12 -48.95 -44.84
N SER QC 178 -52.18 -48.22 -44.49
CA SER QC 178 -52.27 -47.48 -43.24
C SER QC 178 -53.00 -48.34 -42.22
N LEU QC 179 -52.25 -48.90 -41.29
CA LEU QC 179 -52.79 -49.72 -40.20
C LEU QC 179 -53.05 -48.79 -39.04
N VAL QC 180 -54.33 -48.48 -38.80
CA VAL QC 180 -54.71 -47.52 -37.77
C VAL QC 180 -55.40 -48.31 -36.65
N PHE QC 181 -54.88 -48.18 -35.43
CA PHE QC 181 -55.28 -49.02 -34.31
C PHE QC 181 -56.03 -48.17 -33.29
N LEU QC 182 -57.33 -48.39 -33.19
CA LEU QC 182 -58.16 -47.79 -32.15
C LEU QC 182 -58.71 -48.91 -31.28
N ASP QC 183 -59.45 -48.54 -30.23
CA ASP QC 183 -60.15 -49.56 -29.45
C ASP QC 183 -61.47 -49.88 -30.14
N SER QC 184 -62.33 -50.65 -29.47
CA SER QC 184 -63.64 -50.97 -30.04
C SER QC 184 -64.53 -49.74 -30.15
N THR QC 185 -64.41 -48.81 -29.21
CA THR QC 185 -65.18 -47.57 -29.26
C THR QC 185 -64.49 -46.49 -30.10
N GLY QC 186 -63.29 -46.76 -30.61
CA GLY QC 186 -62.64 -45.85 -31.53
C GLY QC 186 -61.61 -44.93 -30.93
N ALA QC 187 -61.37 -45.01 -29.63
CA ALA QC 187 -60.30 -44.22 -29.02
C ALA QC 187 -58.96 -44.77 -29.48
N PRO QC 188 -58.07 -43.94 -30.03
CA PRO QC 188 -56.77 -44.43 -30.47
C PRO QC 188 -55.90 -44.87 -29.30
N TRP QC 189 -54.99 -45.79 -29.60
CA TRP QC 189 -54.13 -46.36 -28.56
C TRP QC 189 -52.68 -46.10 -28.90
N PRO QC 190 -51.92 -45.44 -28.03
CA PRO QC 190 -50.49 -45.22 -28.30
C PRO QC 190 -49.69 -46.51 -28.27
N ILE QC 191 -48.78 -46.65 -29.23
CA ILE QC 191 -48.02 -47.87 -29.42
C ILE QC 191 -46.71 -47.75 -28.64
N ALA QC 192 -46.44 -48.74 -27.79
CA ALA QC 192 -45.19 -48.76 -27.03
C ALA QC 192 -44.07 -49.41 -27.84
N ALA QC 193 -44.25 -50.66 -28.24
CA ALA QC 193 -43.17 -51.43 -28.84
C ALA QC 193 -43.72 -52.34 -29.93
N TYR QC 194 -42.81 -52.83 -30.77
CA TYR QC 194 -43.19 -53.77 -31.82
C TYR QC 194 -41.98 -54.60 -32.21
N ASP QC 195 -42.22 -55.86 -32.53
CA ASP QC 195 -41.22 -56.76 -33.07
C ASP QC 195 -41.74 -57.34 -34.39
N LEU QC 196 -40.91 -57.31 -35.42
CA LEU QC 196 -41.29 -57.71 -36.75
C LEU QC 196 -40.45 -58.90 -37.20
N GLY QC 197 -41.10 -59.93 -37.73
CA GLY QC 197 -40.39 -60.99 -38.42
C GLY QC 197 -40.30 -60.70 -39.91
N ASP QC 198 -39.24 -61.25 -40.54
CA ASP QC 198 -38.87 -61.03 -41.93
C ASP QC 198 -38.75 -59.55 -42.25
N PRO QC 199 -37.69 -58.87 -41.81
CA PRO QC 199 -37.57 -57.43 -42.05
C PRO QC 199 -37.45 -57.02 -43.51
N SER QC 200 -37.04 -57.93 -44.39
CA SER QC 200 -36.89 -57.57 -45.80
C SER QC 200 -38.24 -57.41 -46.47
N SER QC 201 -39.23 -58.22 -46.08
CA SER QC 201 -40.52 -58.18 -46.76
C SER QC 201 -41.32 -56.93 -46.40
N PHE QC 202 -41.07 -56.35 -45.24
CA PHE QC 202 -41.93 -55.30 -44.72
C PHE QC 202 -41.11 -54.06 -44.39
N ASN QC 203 -41.55 -52.91 -44.88
CA ASN QC 203 -40.96 -51.62 -44.57
C ASN QC 203 -41.83 -50.96 -43.50
N ILE QC 204 -41.22 -50.64 -42.36
CA ILE QC 204 -41.95 -50.08 -41.22
C ILE QC 204 -41.55 -48.62 -41.05
N GLN QC 205 -42.52 -47.74 -41.14
CA GLN QC 205 -42.36 -46.33 -40.78
C GLN QC 205 -43.17 -46.09 -39.52
N TRP QC 206 -42.49 -45.98 -38.38
CA TRP QC 206 -43.18 -45.93 -37.10
C TRP QC 206 -42.77 -44.67 -36.35
N ASP QC 207 -43.70 -43.71 -36.26
CA ASP QC 207 -43.51 -42.58 -35.38
C ASP QC 207 -43.66 -43.03 -33.94
N LYS QC 208 -43.02 -42.28 -33.03
CA LYS QC 208 -42.87 -42.72 -31.64
C LYS QC 208 -44.20 -42.71 -30.90
N THR QC 209 -45.03 -41.69 -31.15
CA THR QC 209 -46.30 -41.52 -30.46
C THR QC 209 -47.48 -41.76 -31.39
N SER QC 210 -47.38 -42.77 -32.25
CA SER QC 210 -48.35 -43.01 -33.30
C SER QC 210 -49.17 -44.26 -33.02
N ASN QC 211 -50.43 -44.23 -33.48
CA ASN QC 211 -51.29 -45.41 -33.55
C ASN QC 211 -51.45 -45.89 -34.98
N THR QC 212 -50.61 -45.38 -35.88
CA THR QC 212 -50.72 -45.64 -37.30
C THR QC 212 -49.39 -46.18 -37.82
N LEU QC 213 -49.47 -47.20 -38.67
CA LEU QC 213 -48.30 -47.77 -39.31
C LEU QC 213 -48.47 -47.73 -40.82
N MET QC 214 -47.51 -47.14 -41.51
CA MET QC 214 -47.49 -47.14 -42.97
C MET QC 214 -46.56 -48.26 -43.42
N ILE QC 215 -47.14 -49.39 -43.81
CA ILE QC 215 -46.37 -50.59 -44.11
C ILE QC 215 -46.58 -50.96 -45.56
N GLN QC 216 -45.49 -51.11 -46.30
CA GLN QC 216 -45.53 -51.57 -47.68
C GLN QC 216 -44.81 -52.90 -47.78
N ALA QC 217 -45.47 -53.87 -48.41
CA ALA QC 217 -44.80 -55.14 -48.68
C ALA QC 217 -43.74 -54.95 -49.75
N THR QC 218 -42.74 -55.83 -49.73
CA THR QC 218 -41.61 -55.72 -50.64
C THR QC 218 -41.40 -56.94 -51.51
N LYS QC 219 -42.02 -58.07 -51.20
CA LYS QC 219 -41.89 -59.28 -51.99
C LYS QC 219 -43.26 -59.71 -52.51
N LEU QC 220 -43.31 -60.88 -53.12
CA LEU QC 220 -44.50 -61.34 -53.85
C LEU QC 220 -45.25 -62.47 -53.16
N TYR QC 221 -44.57 -63.46 -52.62
CA TYR QC 221 -45.24 -64.58 -51.96
C TYR QC 221 -44.54 -64.90 -50.65
N ASN QC 222 -43.96 -63.89 -50.02
CA ASN QC 222 -43.29 -64.05 -48.73
C ASN QC 222 -44.11 -63.35 -47.67
N TYR QC 223 -44.50 -64.09 -46.64
CA TYR QC 223 -45.47 -63.63 -45.67
C TYR QC 223 -44.87 -63.71 -44.27
N GLY QC 224 -45.31 -62.82 -43.39
CA GLY QC 224 -44.66 -62.70 -42.10
C GLY QC 224 -45.58 -62.38 -40.94
N ASN QC 225 -45.01 -61.97 -39.81
CA ASN QC 225 -45.77 -61.71 -38.60
C ASN QC 225 -45.20 -60.51 -37.86
N LEU QC 226 -46.06 -59.90 -37.04
CA LEU QC 226 -45.65 -58.73 -36.27
C LEU QC 226 -46.37 -58.72 -34.95
N ALA QC 227 -45.64 -58.46 -33.87
CA ALA QC 227 -46.19 -58.33 -32.53
C ALA QC 227 -46.12 -56.89 -32.09
N VAL QC 228 -47.26 -56.33 -31.70
CA VAL QC 228 -47.36 -54.93 -31.28
C VAL QC 228 -47.82 -54.91 -29.83
N ARG QC 229 -47.13 -54.13 -29.01
CA ARG QC 229 -47.50 -53.87 -27.63
C ARG QC 229 -47.84 -52.40 -27.48
N LEU QC 230 -49.04 -52.11 -27.00
CA LEU QC 230 -49.49 -50.74 -26.80
C LEU QC 230 -48.90 -50.16 -25.53
N ARG QC 231 -49.01 -48.85 -25.39
CA ARG QC 231 -48.53 -48.20 -24.17
C ARG QC 231 -49.43 -48.51 -22.98
N GLY QC 232 -50.74 -48.47 -23.18
CA GLY QC 232 -51.67 -48.78 -22.12
C GLY QC 232 -52.04 -50.23 -21.97
N LEU QC 233 -51.40 -51.12 -22.72
CA LEU QC 233 -51.70 -52.54 -22.67
C LEU QC 233 -50.57 -53.30 -22.00
N ASN QC 234 -50.92 -54.40 -21.33
CA ASN QC 234 -49.93 -55.29 -20.76
C ASN QC 234 -49.58 -56.43 -21.70
N THR QC 235 -50.59 -57.07 -22.30
CA THR QC 235 -50.37 -58.19 -23.19
C THR QC 235 -50.33 -57.69 -24.63
N PRO QC 236 -49.26 -57.97 -25.38
CA PRO QC 236 -49.22 -57.56 -26.79
C PRO QC 236 -50.09 -58.46 -27.66
N VAL QC 237 -50.16 -58.12 -28.93
CA VAL QC 237 -50.96 -58.85 -29.91
C VAL QC 237 -50.13 -58.98 -31.18
N MET QC 238 -50.02 -60.20 -31.71
CA MET QC 238 -49.33 -60.41 -32.97
C MET QC 238 -50.31 -60.85 -34.06
N LEU QC 239 -50.02 -60.42 -35.28
CA LEU QC 239 -50.87 -60.66 -36.44
C LEU QC 239 -49.99 -61.07 -37.61
N THR QC 240 -50.60 -61.78 -38.57
CA THR QC 240 -49.87 -62.21 -39.74
C THR QC 240 -50.21 -61.33 -40.94
N LEU QC 241 -49.23 -61.19 -41.83
CA LEU QC 241 -49.36 -60.36 -43.02
C LEU QC 241 -49.00 -61.20 -44.23
N ILE QC 242 -49.87 -61.20 -45.24
CA ILE QC 242 -49.62 -61.98 -46.45
C ILE QC 242 -49.66 -61.08 -47.67
N PRO QC 243 -48.85 -61.35 -48.69
CA PRO QC 243 -49.01 -60.67 -49.97
C PRO QC 243 -49.88 -61.48 -50.92
N GLY QC 244 -50.15 -60.93 -52.11
CA GLY QC 244 -50.79 -61.68 -53.16
C GLY QC 244 -52.28 -61.93 -52.99
N GLN QC 245 -53.07 -60.87 -53.02
CA GLN QC 245 -54.52 -60.97 -53.00
C GLN QC 245 -55.10 -60.03 -54.06
N LYS QC 246 -56.37 -60.23 -54.38
CA LYS QC 246 -57.05 -59.40 -55.36
C LYS QC 246 -57.81 -58.24 -54.72
N ALA QC 247 -57.71 -58.08 -53.41
CA ALA QC 247 -58.33 -56.96 -52.70
C ALA QC 247 -57.28 -56.35 -51.79
N VAL QC 248 -56.61 -55.31 -52.29
CA VAL QC 248 -55.51 -54.68 -51.57
C VAL QC 248 -56.10 -53.57 -50.70
N ASP QC 249 -55.83 -53.65 -49.40
CA ASP QC 249 -56.38 -52.68 -48.45
C ASP QC 249 -55.38 -51.55 -48.26
N TYR QC 250 -55.71 -50.37 -48.75
CA TYR QC 250 -54.90 -49.19 -48.49
C TYR QC 250 -55.00 -48.73 -47.04
N ARG QC 251 -56.07 -49.11 -46.35
CA ARG QC 251 -56.31 -48.68 -44.98
C ARG QC 251 -57.00 -49.80 -44.25
N VAL QC 252 -56.48 -50.19 -43.08
CA VAL QC 252 -57.10 -51.18 -42.22
C VAL QC 252 -57.29 -50.57 -40.85
N ASP QC 253 -58.55 -50.45 -40.43
CA ASP QC 253 -58.92 -49.89 -39.14
C ASP QC 253 -59.18 -51.03 -38.16
N LEU QC 254 -58.41 -51.08 -37.09
CA LEU QC 254 -58.47 -52.18 -36.13
C LEU QC 254 -59.12 -51.71 -34.84
N ARG QC 255 -60.06 -52.52 -34.33
CA ARG QC 255 -60.78 -52.24 -33.10
C ARG QC 255 -60.32 -53.21 -32.03
N VAL QC 256 -59.57 -52.75 -31.07
CA VAL QC 256 -59.13 -53.59 -29.96
C VAL QC 256 -60.28 -53.67 -28.95
N GLN QC 257 -60.38 -54.81 -28.26
CA GLN QC 257 -61.50 -55.04 -27.34
C GLN QC 257 -61.44 -54.13 -26.12
N GLY QC 258 -60.25 -53.65 -25.75
CA GLY QC 258 -60.08 -52.84 -24.56
C GLY QC 258 -60.53 -51.39 -24.74
N TYR QC 259 -59.84 -50.49 -24.04
CA TYR QC 259 -60.17 -49.08 -24.07
C TYR QC 259 -58.89 -48.27 -24.01
N GLY QC 260 -58.63 -47.50 -25.07
CA GLY QC 260 -57.44 -46.68 -25.16
C GLY QC 260 -57.42 -45.56 -24.14
N PRO QC 261 -56.22 -45.19 -23.68
CA PRO QC 261 -56.12 -44.25 -22.54
C PRO QC 261 -56.55 -42.83 -22.87
N ASN QC 262 -56.64 -42.46 -24.14
CA ASN QC 262 -57.11 -41.13 -24.53
C ASN QC 262 -58.60 -41.20 -24.80
N ALA QC 263 -59.39 -40.70 -23.83
CA ALA QC 263 -60.85 -40.53 -23.93
C ALA QC 263 -61.56 -41.84 -24.22
N LYS QC 264 -61.49 -42.76 -23.26
CA LYS QC 264 -62.25 -43.99 -23.34
C LYS QC 264 -63.67 -43.86 -22.80
N SER QC 265 -64.02 -42.69 -22.27
CA SER QC 265 -65.34 -42.45 -21.70
C SER QC 265 -66.27 -41.74 -22.68
N MET QC 266 -66.12 -42.04 -23.98
CA MET QC 266 -66.93 -41.40 -25.01
C MET QC 266 -68.44 -41.68 -24.93
N PRO QC 267 -68.95 -42.96 -24.81
CA PRO QC 267 -70.41 -43.13 -24.92
C PRO QC 267 -71.23 -42.62 -23.74
N THR QC 268 -72.10 -41.64 -24.02
CA THR QC 268 -73.10 -41.16 -23.08
C THR QC 268 -74.40 -41.02 -23.88
N GLU QC 269 -75.27 -42.02 -23.78
CA GLU QC 269 -76.47 -42.09 -24.60
C GLU QC 269 -77.60 -41.26 -24.00
N GLU QC 270 -78.73 -41.24 -24.69
CA GLU QC 270 -79.90 -40.46 -24.26
C GLU QC 270 -80.57 -41.16 -23.09
N GLY QC 271 -80.33 -40.65 -21.89
CA GLY QC 271 -80.95 -41.22 -20.71
C GLY QC 271 -82.41 -40.85 -20.57
N ILE QC 272 -83.12 -41.68 -19.84
CA ILE QC 272 -84.51 -41.38 -19.47
C ILE QC 272 -84.51 -40.24 -18.46
N PRO QC 273 -85.44 -39.29 -18.55
CA PRO QC 273 -85.61 -38.31 -17.46
C PRO QC 273 -85.96 -39.00 -16.16
N PRO QC 274 -85.43 -38.49 -15.04
CA PRO QC 274 -85.53 -39.25 -13.78
C PRO QC 274 -86.92 -39.22 -13.19
N SER QC 275 -87.14 -40.16 -12.27
CA SER QC 275 -88.40 -40.29 -11.54
C SER QC 275 -88.34 -39.39 -10.30
N ALA QC 276 -89.30 -39.55 -9.39
CA ALA QC 276 -89.33 -38.74 -8.18
C ALA QC 276 -88.21 -39.16 -7.23
N ASN QC 277 -87.45 -38.17 -6.75
CA ASN QC 277 -86.36 -38.44 -5.83
C ASN QC 277 -86.92 -38.80 -4.46
N ASP QC 278 -86.45 -39.90 -3.89
CA ASP QC 278 -87.17 -40.68 -2.90
C ASP QC 278 -87.17 -40.07 -1.50
N LEU QC 279 -86.91 -38.79 -1.33
CA LEU QC 279 -87.11 -38.19 -0.02
C LEU QC 279 -88.58 -37.97 0.31
N LEU QC 280 -89.42 -37.87 -0.72
CA LEU QC 280 -90.82 -37.53 -0.54
C LEU QC 280 -91.60 -38.62 0.19
N LEU QC 281 -91.20 -39.88 0.06
CA LEU QC 281 -91.89 -40.92 0.81
C LEU QC 281 -91.55 -40.86 2.29
N HIS QC 282 -90.31 -40.48 2.62
CA HIS QC 282 -89.98 -40.17 4.01
C HIS QC 282 -90.79 -39.00 4.51
N VAL QC 283 -90.98 -37.98 3.66
CA VAL QC 283 -91.82 -36.83 4.00
C VAL QC 283 -93.26 -37.28 4.25
N LEU QC 284 -93.77 -38.15 3.39
CA LEU QC 284 -95.14 -38.64 3.50
C LEU QC 284 -95.34 -39.45 4.77
N GLU QC 285 -94.38 -40.29 5.12
CA GLU QC 285 -94.47 -41.02 6.37
C GLU QC 285 -94.20 -40.13 7.57
N GLY QC 286 -93.62 -38.95 7.36
CA GLY QC 286 -93.32 -38.06 8.45
C GLY QC 286 -91.90 -38.15 8.93
N VAL QC 287 -91.06 -38.93 8.26
CA VAL QC 287 -89.63 -38.96 8.56
C VAL QC 287 -89.06 -37.63 8.10
N PRO QC 288 -88.43 -36.86 8.98
CA PRO QC 288 -87.76 -35.65 8.55
C PRO QC 288 -86.57 -35.98 7.67
N PRO QC 289 -86.36 -35.24 6.59
CA PRO QC 289 -85.15 -35.45 5.78
C PRO QC 289 -83.92 -35.05 6.57
N PRO QC 290 -82.79 -35.72 6.34
CA PRO QC 290 -81.61 -35.47 7.17
C PRO QC 290 -80.98 -34.11 6.86
N GLY QC 291 -80.57 -33.43 7.92
CA GLY QC 291 -79.92 -32.14 7.81
C GLY QC 291 -80.84 -30.98 7.57
N SER QC 292 -82.15 -31.19 7.54
CA SER QC 292 -83.09 -30.12 7.25
C SER QC 292 -83.31 -29.26 8.50
N ARG QC 293 -84.13 -28.22 8.35
CA ARG QC 293 -84.47 -27.34 9.45
C ARG QC 293 -85.98 -27.23 9.56
N ARG QC 294 -86.43 -27.01 10.79
CA ARG QC 294 -87.85 -26.81 11.03
C ARG QC 294 -88.30 -25.48 10.45
N LEU QC 295 -89.47 -25.49 9.82
CA LEU QC 295 -90.07 -24.29 9.25
C LEU QC 295 -91.41 -24.06 9.93
N VAL QC 296 -91.65 -22.84 10.37
CA VAL QC 296 -92.86 -22.52 11.12
C VAL QC 296 -94.02 -22.39 10.15
N VAL QC 297 -95.00 -23.27 10.27
CA VAL QC 297 -96.18 -23.28 9.41
C VAL QC 297 -97.35 -22.76 10.22
N SER QC 298 -97.98 -21.69 9.73
CA SER QC 298 -99.07 -21.06 10.44
C SER QC 298 -100.28 -20.92 9.53
N GLY QC 299 -101.47 -21.20 10.09
CA GLY QC 299 -102.71 -21.05 9.37
C GLY QC 299 -103.33 -22.32 8.87
N GLY QC 300 -102.62 -23.44 8.93
CA GLY QC 300 -103.13 -24.68 8.39
C GLY QC 300 -102.48 -25.88 9.06
N ASP QC 301 -102.85 -27.07 8.57
CA ASP QC 301 -102.32 -28.32 9.08
C ASP QC 301 -101.38 -28.91 8.02
N ALA QC 302 -100.11 -28.52 8.10
CA ALA QC 302 -99.09 -29.01 7.19
C ALA QC 302 -97.75 -28.93 7.90
N ARG QC 303 -96.83 -29.79 7.49
CA ARG QC 303 -95.48 -29.73 7.99
C ARG QC 303 -94.52 -29.50 6.83
N ALA QC 304 -93.42 -28.80 7.12
CA ALA QC 304 -92.52 -28.33 6.09
C ALA QC 304 -91.08 -28.63 6.46
N TRP QC 305 -90.25 -28.72 5.43
CA TRP QC 305 -88.83 -28.99 5.61
C TRP QC 305 -88.03 -28.29 4.52
N LEU QC 306 -86.83 -27.85 4.92
CA LEU QC 306 -85.89 -27.18 4.04
C LEU QC 306 -84.52 -27.82 4.25
N SER QC 307 -84.09 -28.65 3.31
CA SER QC 307 -82.82 -29.35 3.42
C SER QC 307 -81.82 -28.92 2.36
N ASN QC 308 -82.26 -28.82 1.12
CA ASN QC 308 -81.37 -28.48 0.01
C ASN QC 308 -81.93 -27.24 -0.66
N GLU QC 309 -82.23 -26.22 0.15
CA GLU QC 309 -83.00 -25.01 -0.13
C GLU QC 309 -84.21 -25.28 -1.01
N LYS QC 310 -84.90 -26.39 -0.73
CA LYS QC 310 -86.12 -26.76 -1.43
C LYS QC 310 -87.19 -27.08 -0.39
N MET QC 311 -88.42 -26.66 -0.67
CA MET QC 311 -89.51 -26.86 0.26
C MET QC 311 -90.14 -28.22 0.04
N TYR QC 312 -90.20 -29.00 1.12
CA TYR QC 312 -90.93 -30.27 1.15
C TYR QC 312 -92.09 -30.07 2.12
N VAL QC 313 -93.30 -30.34 1.65
CA VAL QC 313 -94.48 -30.09 2.48
C VAL QC 313 -95.35 -31.34 2.50
N ARG QC 314 -95.66 -31.80 3.70
CA ARG QC 314 -96.58 -32.90 3.94
C ARG QC 314 -97.89 -32.33 4.45
N THR QC 315 -98.98 -32.68 3.77
CA THR QC 315 -100.29 -32.16 4.15
C THR QC 315 -101.36 -33.10 3.63
N ASN QC 316 -102.61 -32.64 3.65
CA ASN QC 316 -103.73 -33.34 3.02
C ASN QC 316 -104.50 -32.40 2.10
N LEU QC 317 -103.97 -31.23 1.82
CA LEU QC 317 -104.66 -30.20 1.06
C LEU QC 317 -104.13 -30.17 -0.37
N THR QC 318 -104.56 -29.17 -1.14
CA THR QC 318 -104.19 -29.05 -2.54
C THR QC 318 -103.43 -27.74 -2.76
N ILE QC 319 -102.21 -27.86 -3.25
CA ILE QC 319 -101.33 -26.70 -3.43
C ILE QC 319 -101.76 -25.94 -4.67
N LEU QC 320 -101.76 -24.60 -4.60
CA LEU QC 320 -102.24 -23.80 -5.72
C LEU QC 320 -101.15 -22.92 -6.33
N SER QC 321 -100.53 -22.03 -5.54
CA SER QC 321 -99.88 -20.87 -6.14
C SER QC 321 -98.57 -21.17 -6.87
N PRO QC 322 -97.48 -21.59 -6.21
CA PRO QC 322 -96.18 -21.46 -6.87
C PRO QC 322 -95.86 -22.55 -7.87
N GLY QC 323 -96.65 -23.62 -7.93
CA GLY QC 323 -96.33 -24.75 -8.78
C GLY QC 323 -95.32 -25.65 -8.12
N TRP QC 324 -95.62 -26.94 -8.04
CA TRP QC 324 -94.72 -27.88 -7.41
C TRP QC 324 -93.94 -28.65 -8.47
N LEU QC 325 -92.78 -29.17 -8.07
CA LEU QC 325 -91.94 -29.90 -8.99
C LEU QC 325 -92.19 -31.40 -8.95
N ALA QC 326 -92.41 -31.96 -7.76
CA ALA QC 326 -92.70 -33.38 -7.68
C ALA QC 326 -93.73 -33.62 -6.59
N SER QC 327 -94.50 -34.68 -6.73
CA SER QC 327 -95.54 -34.94 -5.73
C SER QC 327 -95.90 -36.41 -5.66
N MET QC 328 -96.35 -36.79 -4.46
CA MET QC 328 -96.77 -38.14 -4.11
C MET QC 328 -98.08 -38.09 -3.34
N THR QC 329 -98.76 -39.23 -3.34
CA THR QC 329 -99.96 -39.41 -2.54
C THR QC 329 -99.84 -40.69 -1.73
N SER QC 330 -100.47 -40.70 -0.56
CA SER QC 330 -100.41 -41.84 0.33
C SER QC 330 -101.51 -42.83 -0.01
N ALA QC 331 -101.55 -43.93 0.75
CA ALA QC 331 -102.73 -44.78 0.74
C ALA QC 331 -103.89 -44.09 1.45
N ASP QC 332 -103.59 -43.20 2.40
CA ASP QC 332 -104.60 -42.36 3.01
C ASP QC 332 -105.03 -41.21 2.11
N GLY QC 333 -104.32 -40.98 1.01
CA GLY QC 333 -104.61 -39.85 0.16
C GLY QC 333 -103.95 -38.56 0.59
N THR QC 334 -103.21 -38.57 1.69
CA THR QC 334 -102.48 -37.38 2.10
C THR QC 334 -101.33 -37.13 1.13
N HIS QC 335 -101.03 -35.86 0.90
CA HIS QC 335 -100.21 -35.45 -0.22
C HIS QC 335 -98.86 -34.93 0.25
N ALA QC 336 -97.85 -35.17 -0.57
CA ALA QC 336 -96.50 -34.66 -0.34
C ALA QC 336 -96.07 -33.89 -1.59
N TYR QC 337 -95.69 -32.63 -1.40
CA TYR QC 337 -95.28 -31.76 -2.49
C TYR QC 337 -93.82 -31.36 -2.28
N GLU QC 338 -93.11 -31.18 -3.39
CA GLU QC 338 -91.73 -30.75 -3.36
C GLU QC 338 -91.51 -29.71 -4.43
N MET QC 339 -90.95 -28.57 -4.05
CA MET QC 339 -90.70 -27.47 -4.98
C MET QC 339 -89.61 -26.57 -4.40
N GLN QC 340 -89.48 -25.36 -4.97
CA GLN QC 340 -88.59 -24.33 -4.47
C GLN QC 340 -89.22 -23.59 -3.31
N LYS QC 341 -88.65 -22.45 -2.94
CA LYS QC 341 -89.09 -21.71 -1.76
C LYS QC 341 -89.90 -20.48 -2.13
N SER QC 342 -90.83 -20.14 -1.24
CA SER QC 342 -91.68 -18.95 -1.30
C SER QC 342 -92.32 -18.73 0.05
N PRO QC 343 -92.42 -17.48 0.53
CA PRO QC 343 -93.03 -17.25 1.85
C PRO QC 343 -94.54 -17.37 1.86
N VAL QC 344 -95.20 -17.43 0.70
CA VAL QC 344 -96.66 -17.50 0.67
C VAL QC 344 -97.07 -18.82 0.04
N LEU QC 345 -98.28 -19.25 0.38
CA LEU QC 345 -98.85 -20.47 -0.17
C LEU QC 345 -100.35 -20.29 -0.33
N LEU QC 346 -100.94 -21.10 -1.21
CA LEU QC 346 -102.36 -21.02 -1.50
C LEU QC 346 -102.94 -22.42 -1.54
N VAL QC 347 -104.08 -22.60 -0.87
CA VAL QC 347 -104.77 -23.89 -0.87
C VAL QC 347 -106.26 -23.66 -1.04
N SER QC 348 -106.94 -24.72 -1.47
CA SER QC 348 -108.40 -24.75 -1.58
C SER QC 348 -108.88 -25.75 -0.55
N TRP QC 349 -109.43 -25.25 0.56
CA TRP QC 349 -109.71 -26.12 1.69
C TRP QC 349 -110.99 -26.93 1.47
N HIS QC 350 -112.12 -26.26 1.34
CA HIS QC 350 -113.40 -26.93 1.11
C HIS QC 350 -114.15 -26.19 0.00
N GLY QC 351 -113.48 -25.95 -1.11
CA GLY QC 351 -114.00 -25.10 -2.14
C GLY QC 351 -113.76 -23.64 -1.91
N LYS QC 352 -113.08 -23.29 -0.81
CA LYS QC 352 -112.77 -21.93 -0.44
C LYS QC 352 -111.27 -21.74 -0.41
N VAL QC 353 -110.81 -20.64 -0.97
CA VAL QC 353 -109.38 -20.37 -1.10
C VAL QC 353 -108.85 -19.81 0.20
N MET QC 354 -107.62 -20.17 0.54
CA MET QC 354 -106.98 -19.63 1.73
C MET QC 354 -105.48 -19.54 1.51
N GLN QC 355 -104.85 -18.61 2.23
CA GLN QC 355 -103.43 -18.36 2.13
C GLN QC 355 -102.69 -18.92 3.33
N LEU QC 356 -101.38 -19.11 3.15
CA LEU QC 356 -100.52 -19.65 4.19
C LEU QC 356 -99.21 -18.90 4.22
N LYS QC 357 -98.72 -18.64 5.43
CA LYS QC 357 -97.46 -17.94 5.65
C LYS QC 357 -96.41 -18.95 6.05
N VAL QC 358 -95.24 -18.84 5.45
CA VAL QC 358 -94.12 -19.73 5.74
C VAL QC 358 -93.12 -18.94 6.58
N GLU QC 359 -93.29 -18.97 7.90
CA GLU QC 359 -92.39 -18.29 8.81
C GLU QC 359 -91.16 -19.16 9.01
N GLY QC 360 -90.00 -18.52 9.13
CA GLY QC 360 -88.74 -19.23 9.23
C GLY QC 360 -88.05 -19.49 7.92
N LEU QC 361 -88.56 -18.94 6.82
CA LEU QC 361 -87.93 -19.10 5.53
C LEU QC 361 -86.66 -18.27 5.44
N VAL RC 38 -79.39 -42.52 47.44
CA VAL RC 38 -80.26 -42.40 48.62
C VAL RC 38 -81.31 -41.26 48.49
N PRO RC 39 -80.98 -40.06 47.97
CA PRO RC 39 -82.07 -39.17 47.53
C PRO RC 39 -82.77 -39.65 46.28
N LYS RC 40 -82.15 -40.57 45.52
CA LYS RC 40 -82.74 -41.16 44.34
C LYS RC 40 -83.33 -42.54 44.64
N LEU RC 41 -82.59 -43.38 45.35
CA LEU RC 41 -83.08 -44.70 45.70
C LEU RC 41 -84.11 -44.60 46.82
N PRO RC 42 -85.25 -45.26 46.69
CA PRO RC 42 -86.24 -45.24 47.78
C PRO RC 42 -85.77 -46.09 48.95
N CYS RC 43 -85.86 -45.53 50.16
CA CYS RC 43 -85.40 -46.23 51.35
C CYS RC 43 -86.31 -47.39 51.71
N ARG RC 44 -87.60 -47.25 51.44
CA ARG RC 44 -88.59 -48.28 51.74
C ARG RC 44 -89.51 -48.42 50.55
N VAL RC 45 -90.45 -49.36 50.64
CA VAL RC 45 -91.45 -49.49 49.59
C VAL RC 45 -92.48 -48.38 49.73
N ASP RC 46 -93.26 -48.16 48.66
CA ASP RC 46 -94.20 -47.05 48.61
C ASP RC 46 -95.35 -47.26 49.60
N GLY RC 47 -95.59 -46.25 50.43
CA GLY RC 47 -96.65 -46.31 51.43
C GLY RC 47 -96.43 -47.36 52.50
N ALA RC 48 -95.22 -47.46 53.01
CA ALA RC 48 -94.83 -48.54 53.92
C ALA RC 48 -95.00 -48.10 55.36
N CYS RC 49 -95.84 -48.81 56.10
CA CYS RC 49 -95.88 -48.68 57.55
C CYS RC 49 -96.37 -50.02 58.12
N ASP RC 50 -95.41 -50.83 58.57
CA ASP RC 50 -95.74 -52.11 59.19
C ASP RC 50 -96.49 -51.93 60.49
N ALA RC 51 -96.36 -50.78 61.15
CA ALA RC 51 -97.23 -50.46 62.28
C ALA RC 51 -98.69 -50.39 61.86
N THR RC 52 -98.96 -49.76 60.72
CA THR RC 52 -100.33 -49.77 60.20
C THR RC 52 -100.75 -51.15 59.74
N ILE RC 53 -99.81 -51.95 59.26
CA ILE RC 53 -100.10 -53.34 58.91
C ILE RC 53 -100.54 -54.13 60.14
N ILE RC 54 -99.82 -53.94 61.25
CA ILE RC 54 -100.18 -54.56 62.52
C ILE RC 54 -101.54 -54.06 63.00
N LYS RC 55 -101.78 -52.75 62.84
CA LYS RC 55 -103.05 -52.16 63.26
C LYS RC 55 -104.22 -52.73 62.49
N MET RC 56 -104.09 -52.86 61.17
CA MET RC 56 -105.19 -53.38 60.37
C MET RC 56 -105.37 -54.88 60.54
N MET RC 57 -104.30 -55.62 60.79
CA MET RC 57 -104.44 -57.03 61.12
C MET RC 57 -105.17 -57.22 62.44
N THR RC 58 -104.83 -56.40 63.42
CA THR RC 58 -105.52 -56.42 64.71
C THR RC 58 -106.99 -56.04 64.56
N ASP RC 59 -107.28 -55.06 63.71
CA ASP RC 59 -108.66 -54.64 63.49
C ASP RC 59 -109.46 -55.72 62.77
N LEU RC 60 -108.83 -56.43 61.82
CA LEU RC 60 -109.51 -57.51 61.13
C LEU RC 60 -109.82 -58.68 62.06
N ASN RC 61 -108.88 -59.03 62.92
CA ASN RC 61 -109.16 -60.09 63.89
C ASN RC 61 -110.13 -59.62 64.96
N LYS RC 62 -110.17 -58.32 65.24
CA LYS RC 62 -111.17 -57.77 66.14
C LYS RC 62 -112.57 -57.86 65.53
N LYS RC 63 -112.67 -57.56 64.24
CA LYS RC 63 -113.98 -57.58 63.58
C LYS RC 63 -114.48 -59.00 63.38
N GLY RC 64 -113.59 -59.91 62.99
CA GLY RC 64 -114.01 -61.30 62.87
C GLY RC 64 -113.40 -62.06 61.71
N ILE RC 65 -112.77 -61.38 60.77
CA ILE RC 65 -112.10 -62.06 59.68
C ILE RC 65 -110.81 -62.66 60.22
N LYS RC 66 -110.66 -63.96 60.06
CA LYS RC 66 -109.49 -64.65 60.60
C LYS RC 66 -108.29 -64.39 59.69
N VAL RC 67 -107.18 -63.96 60.28
CA VAL RC 67 -105.94 -63.74 59.56
C VAL RC 67 -104.92 -64.74 60.07
N ALA RC 68 -104.45 -65.61 59.17
CA ALA RC 68 -103.50 -66.66 59.51
C ALA RC 68 -102.17 -66.38 58.83
N SER RC 69 -101.10 -66.44 59.62
CA SER RC 69 -99.76 -66.14 59.13
C SER RC 69 -98.84 -67.30 59.48
N VAL RC 70 -98.20 -67.88 58.46
CA VAL RC 70 -97.20 -68.91 58.67
C VAL RC 70 -96.14 -68.83 57.58
N GLY RC 71 -94.90 -68.54 57.98
CA GLY RC 71 -93.83 -68.35 57.01
C GLY RC 71 -94.08 -67.12 56.17
N GLN RC 72 -93.92 -67.27 54.86
CA GLN RC 72 -94.28 -66.23 53.91
C GLN RC 72 -95.71 -66.38 53.43
N ASN RC 73 -96.40 -67.42 53.85
CA ASN RC 73 -97.71 -67.78 53.32
C ASN RC 73 -98.78 -67.26 54.26
N TYR RC 74 -99.69 -66.45 53.73
CA TYR RC 74 -100.71 -65.81 54.55
C TYR RC 74 -102.08 -66.05 53.93
N LEU RC 75 -103.06 -66.20 54.81
CA LEU RC 75 -104.42 -66.53 54.42
C LEU RC 75 -105.39 -65.69 55.25
N ILE RC 76 -106.53 -65.36 54.64
CA ILE RC 76 -107.62 -64.70 55.33
C ILE RC 76 -108.90 -65.49 55.09
N SER RC 77 -109.63 -65.77 56.16
CA SER RC 77 -110.87 -66.52 56.12
C SER RC 77 -112.02 -65.62 56.56
N ILE RC 78 -113.08 -65.60 55.75
CA ILE RC 78 -114.22 -64.70 55.96
C ILE RC 78 -115.50 -65.52 55.94
N PRO RC 79 -116.42 -65.31 56.89
CA PRO RC 79 -117.74 -65.92 56.77
C PRO RC 79 -118.50 -65.32 55.60
N ALA RC 80 -119.27 -66.18 54.91
CA ALA RC 80 -120.02 -65.72 53.75
C ALA RC 80 -121.25 -64.91 54.14
N SER RC 81 -121.70 -65.04 55.38
CA SER RC 81 -122.91 -64.33 55.81
C SER RC 81 -122.68 -62.82 55.89
N ALA RC 82 -121.46 -62.40 56.21
CA ALA RC 82 -121.17 -60.98 56.29
C ALA RC 82 -120.92 -60.34 54.93
N LEU RC 83 -120.79 -61.14 53.87
CA LEU RC 83 -120.49 -60.59 52.54
C LEU RC 83 -121.63 -60.80 51.55
N PHE RC 84 -122.06 -62.03 51.34
CA PHE RC 84 -122.93 -62.34 50.21
C PHE RC 84 -124.37 -62.49 50.66
N ALA RC 85 -125.22 -62.77 49.69
CA ALA RC 85 -126.62 -63.05 49.95
C ALA RC 85 -126.79 -64.49 50.41
N ASP RC 86 -128.00 -64.80 50.86
CA ASP RC 86 -128.32 -66.13 51.37
C ASP RC 86 -128.38 -67.11 50.22
N GLN RC 87 -127.32 -67.92 50.10
CA GLN RC 87 -127.00 -68.85 48.99
C GLN RC 87 -127.31 -68.27 47.62
N SER RC 88 -126.97 -67.01 47.43
CA SER RC 88 -127.27 -66.30 46.20
C SER RC 88 -126.09 -65.41 45.83
N PRO RC 89 -125.86 -65.19 44.53
CA PRO RC 89 -124.81 -64.26 44.10
C PRO RC 89 -125.27 -62.81 44.06
N ARG RC 90 -125.59 -62.27 45.23
CA ARG RC 90 -125.96 -60.87 45.36
C ARG RC 90 -125.21 -60.28 46.55
N LEU RC 91 -124.90 -58.99 46.45
CA LEU RC 91 -124.09 -58.31 47.45
C LEU RC 91 -124.88 -57.21 48.14
N ASN RC 92 -124.75 -57.16 49.45
CA ASN RC 92 -125.22 -55.99 50.19
C ASN RC 92 -124.30 -54.81 49.91
N TRP RC 93 -124.84 -53.61 50.15
CA TRP RC 93 -124.09 -52.41 49.81
C TRP RC 93 -122.96 -52.12 50.79
N ALA RC 94 -123.14 -52.49 52.06
CA ALA RC 94 -122.15 -52.19 53.08
C ALA RC 94 -120.89 -53.04 52.96
N SER RC 95 -120.94 -54.12 52.18
CA SER RC 95 -119.79 -54.99 52.00
C SER RC 95 -118.65 -54.33 51.22
N TYR RC 96 -118.97 -53.29 50.44
CA TYR RC 96 -117.96 -52.65 49.62
C TYR RC 96 -116.92 -51.91 50.43
N SER RC 97 -117.32 -51.35 51.59
CA SER RC 97 -116.35 -50.70 52.47
C SER RC 97 -115.36 -51.71 53.04
N LEU RC 98 -115.85 -52.88 53.45
CA LEU RC 98 -114.97 -53.92 53.95
C LEU RC 98 -114.06 -54.46 52.86
N LEU RC 99 -114.59 -54.57 51.64
CA LEU RC 99 -113.76 -55.00 50.51
C LEU RC 99 -112.69 -53.96 50.18
N ASN RC 100 -113.04 -52.68 50.30
CA ASN RC 100 -112.06 -51.61 50.10
C ASN RC 100 -110.97 -51.68 51.15
N GLU RC 101 -111.33 -51.95 52.41
CA GLU RC 101 -110.34 -52.11 53.46
C GLU RC 101 -109.46 -53.33 53.20
N ILE RC 102 -110.06 -54.40 52.68
CA ILE RC 102 -109.31 -55.61 52.33
C ILE RC 102 -108.28 -55.30 51.23
N ALA RC 103 -108.70 -54.57 50.20
CA ALA RC 103 -107.79 -54.20 49.12
C ALA RC 103 -106.72 -53.23 49.60
N ALA RC 104 -107.06 -52.36 50.54
CA ALA RC 104 -106.07 -51.45 51.12
C ALA RC 104 -105.00 -52.20 51.88
N PHE RC 105 -105.40 -53.28 52.57
CA PHE RC 105 -104.39 -54.16 53.15
C PHE RC 105 -103.59 -54.87 52.06
N LEU RC 106 -104.27 -55.39 51.05
CA LEU RC 106 -103.64 -56.31 50.11
C LEU RC 106 -102.75 -55.61 49.10
N LYS RC 107 -102.84 -54.29 48.97
CA LYS RC 107 -101.90 -53.61 48.09
C LYS RC 107 -100.57 -53.31 48.77
N GLN RC 108 -100.43 -53.59 50.07
CA GLN RC 108 -99.24 -53.16 50.79
C GLN RC 108 -98.02 -54.01 50.45
N PHE RC 109 -98.20 -55.32 50.33
CA PHE RC 109 -97.05 -56.22 50.19
C PHE RC 109 -96.62 -56.29 48.73
N ARG RC 110 -95.75 -57.24 48.42
CA ARG RC 110 -95.39 -57.59 47.06
C ARG RC 110 -95.78 -59.05 46.83
N LYS RC 111 -96.47 -59.32 45.72
CA LYS RC 111 -97.10 -60.60 45.51
C LYS RC 111 -97.05 -60.99 44.05
N ILE RC 112 -97.32 -62.27 43.79
CA ILE RC 112 -97.34 -62.80 42.43
C ILE RC 112 -98.70 -63.39 42.12
N ALA RC 113 -99.10 -64.41 42.88
CA ALA RC 113 -100.31 -65.17 42.62
C ALA RC 113 -101.17 -65.20 43.87
N ILE RC 114 -102.45 -64.89 43.71
CA ILE RC 114 -103.40 -64.89 44.82
C ILE RC 114 -104.51 -65.87 44.47
N THR RC 115 -104.84 -66.77 45.40
CA THR RC 115 -105.84 -67.80 45.15
C THR RC 115 -107.03 -67.59 46.09
N VAL RC 116 -108.23 -67.57 45.53
CA VAL RC 116 -109.44 -67.47 46.32
C VAL RC 116 -110.23 -68.77 46.21
N THR RC 117 -110.88 -69.13 47.30
CA THR RC 117 -111.66 -70.34 47.42
C THR RC 117 -112.97 -70.02 48.11
N SER RC 118 -114.06 -70.54 47.58
CA SER RC 118 -115.39 -70.34 48.17
C SER RC 118 -115.99 -71.67 48.56
N TYR RC 119 -116.34 -71.80 49.83
CA TYR RC 119 -116.94 -73.01 50.38
C TYR RC 119 -118.32 -72.69 50.93
N SER RC 120 -119.26 -73.63 50.78
CA SER RC 120 -120.63 -73.41 51.20
C SER RC 120 -121.13 -74.65 51.93
N SER RC 121 -122.43 -74.71 52.17
CA SER RC 121 -123.07 -75.84 52.82
C SER RC 121 -123.95 -76.60 51.83
N LYS RC 122 -124.26 -77.84 52.20
CA LYS RC 122 -125.16 -78.66 51.40
C LYS RC 122 -126.58 -78.13 51.55
N TYR RC 123 -127.12 -77.57 50.46
CA TYR RC 123 -128.40 -76.88 50.53
C TYR RC 123 -129.48 -77.57 49.70
N VAL RC 124 -129.24 -77.78 48.41
CA VAL RC 124 -130.20 -78.47 47.54
C VAL RC 124 -129.52 -79.63 46.85
N SER RC 125 -128.37 -79.38 46.24
CA SER RC 125 -127.67 -80.37 45.44
C SER RC 125 -126.18 -80.12 45.64
N VAL RC 126 -125.38 -80.61 44.71
CA VAL RC 126 -123.96 -80.29 44.66
C VAL RC 126 -123.65 -79.31 43.54
N LYS RC 127 -124.35 -79.43 42.40
CA LYS RC 127 -124.00 -78.67 41.21
C LYS RC 127 -124.31 -77.19 41.38
N ARG RC 128 -125.51 -76.88 41.87
CA ARG RC 128 -125.92 -75.49 42.08
C ARG RC 128 -125.03 -74.81 43.12
N GLU RC 129 -124.64 -75.56 44.14
CA GLU RC 129 -123.85 -75.00 45.22
C GLU RC 129 -122.41 -74.77 44.77
N ARG RC 130 -121.85 -75.70 44.00
CA ARG RC 130 -120.51 -75.51 43.44
C ARG RC 130 -120.49 -74.34 42.46
N ALA RC 131 -121.52 -74.22 41.63
CA ALA RC 131 -121.60 -73.09 40.71
C ALA RC 131 -121.79 -71.77 41.46
N LEU RC 132 -122.54 -71.80 42.56
CA LEU RC 132 -122.72 -70.59 43.37
C LEU RC 132 -121.41 -70.13 43.99
N THR RC 133 -120.63 -71.08 44.51
CA THR RC 133 -119.32 -70.76 45.04
C THR RC 133 -118.40 -70.24 43.95
N LEU RC 134 -118.50 -70.83 42.76
CA LEU RC 134 -117.73 -70.37 41.61
C LEU RC 134 -118.09 -68.93 41.24
N ALA RC 135 -119.39 -68.62 41.26
CA ALA RC 135 -119.84 -67.28 40.94
C ALA RC 135 -119.38 -66.26 41.97
N ARG RC 136 -119.46 -66.62 43.26
CA ARG RC 136 -119.01 -65.71 44.31
C ARG RC 136 -117.52 -65.45 44.21
N SER RC 137 -116.73 -66.50 43.95
CA SER RC 137 -115.30 -66.34 43.78
C SER RC 137 -114.98 -65.49 42.56
N ARG RC 138 -115.72 -65.69 41.46
CA ARG RC 138 -115.52 -64.88 40.26
C ARG RC 138 -115.82 -63.42 40.52
N VAL RC 139 -116.88 -63.14 41.29
CA VAL RC 139 -117.27 -61.76 41.59
C VAL RC 139 -116.19 -61.06 42.42
N VAL RC 140 -115.73 -61.73 43.49
CA VAL RC 140 -114.76 -61.08 44.36
C VAL RC 140 -113.41 -60.97 43.67
N SER RC 141 -113.06 -61.94 42.82
CA SER RC 141 -111.80 -61.89 42.10
C SER RC 141 -111.82 -60.80 41.04
N GLU RC 142 -112.96 -60.61 40.38
CA GLU RC 142 -113.06 -59.55 39.37
C GLU RC 142 -112.99 -58.17 40.01
N TYR RC 143 -113.63 -58.00 41.17
CA TYR RC 143 -113.54 -56.71 41.85
C TYR RC 143 -112.12 -56.44 42.34
N LEU RC 144 -111.44 -57.47 42.82
CA LEU RC 144 -110.07 -57.28 43.26
C LEU RC 144 -109.12 -57.02 42.09
N TRP RC 145 -109.40 -57.63 40.93
CA TRP RC 145 -108.60 -57.36 39.74
C TRP RC 145 -108.84 -55.95 39.22
N SER RC 146 -110.08 -55.47 39.34
CA SER RC 146 -110.37 -54.07 39.05
C SER RC 146 -109.61 -53.16 40.00
N GLN RC 147 -109.45 -53.59 41.24
CA GLN RC 147 -108.59 -52.86 42.15
C GLN RC 147 -107.13 -53.09 41.78
N GLY RC 148 -106.28 -52.17 42.22
CA GLY RC 148 -104.89 -52.17 41.80
C GLY RC 148 -103.94 -52.95 42.68
N VAL RC 149 -104.28 -54.20 42.98
CA VAL RC 149 -103.34 -55.07 43.70
C VAL RC 149 -102.21 -55.47 42.76
N ASP RC 150 -100.99 -55.48 43.29
CA ASP RC 150 -99.80 -55.71 42.46
C ASP RC 150 -99.49 -57.20 42.37
N SER RC 151 -100.43 -57.94 41.80
CA SER RC 151 -100.25 -59.35 41.53
C SER RC 151 -100.33 -59.58 40.03
N ARG RC 152 -99.73 -60.67 39.59
CA ARG RC 152 -99.77 -61.03 38.18
C ARG RC 152 -100.84 -62.07 37.88
N ILE RC 153 -101.11 -62.96 38.82
CA ILE RC 153 -102.06 -64.04 38.62
C ILE RC 153 -103.06 -64.04 39.78
N ILE RC 154 -104.35 -64.07 39.46
CA ILE RC 154 -105.38 -64.34 40.44
C ILE RC 154 -106.13 -65.59 40.01
N PHE RC 155 -106.08 -66.61 40.85
CA PHE RC 155 -106.84 -67.84 40.67
C PHE RC 155 -108.09 -67.79 41.52
N THR RC 156 -109.19 -68.32 40.97
CA THR RC 156 -110.45 -68.38 41.69
C THR RC 156 -111.03 -69.78 41.56
N GLN RC 157 -111.48 -70.34 42.68
CA GLN RC 157 -112.22 -71.60 42.63
C GLN RC 157 -113.20 -71.68 43.80
N GLY RC 158 -114.22 -72.51 43.60
CA GLY RC 158 -115.21 -72.74 44.62
C GLY RC 158 -115.66 -74.19 44.63
N LEU RC 159 -115.91 -74.74 45.81
CA LEU RC 159 -116.18 -76.17 45.92
C LEU RC 159 -117.47 -76.52 46.65
N GLY RC 160 -118.10 -75.57 47.33
CA GLY RC 160 -119.31 -75.90 48.06
C GLY RC 160 -119.02 -76.57 49.39
N SER RC 161 -119.46 -77.82 49.55
CA SER RC 161 -119.34 -78.53 50.81
C SER RC 161 -118.50 -79.77 50.65
N ASP RC 162 -117.36 -79.64 49.97
CA ASP RC 162 -116.50 -80.79 49.74
C ASP RC 162 -115.64 -81.10 50.96
N LYS RC 163 -114.96 -80.09 51.50
CA LYS RC 163 -114.04 -80.27 52.61
C LYS RC 163 -114.53 -79.46 53.80
N PRO RC 164 -115.31 -80.05 54.70
CA PRO RC 164 -115.76 -79.33 55.88
C PRO RC 164 -114.62 -79.08 56.85
N ILE RC 165 -114.76 -78.02 57.64
CA ILE RC 165 -113.82 -77.72 58.69
C ILE RC 165 -114.19 -78.45 59.98
N THR RC 166 -115.46 -78.33 60.38
CA THR RC 166 -115.94 -78.95 61.60
C THR RC 166 -117.22 -79.71 61.29
N SER RC 167 -117.46 -80.78 62.03
CA SER RC 167 -118.66 -81.59 61.86
C SER RC 167 -119.92 -80.88 62.35
N TYR RC 168 -119.79 -79.78 63.09
CA TYR RC 168 -120.94 -79.04 63.58
C TYR RC 168 -121.62 -78.30 62.43
N THR RC 169 -122.64 -78.91 61.85
CA THR RC 169 -123.36 -78.36 60.70
C THR RC 169 -124.81 -78.06 61.08
N LEU RC 170 -125.01 -77.45 62.24
CA LEU RC 170 -126.35 -77.17 62.72
C LEU RC 170 -127.03 -76.07 61.93
N GLY RC 171 -126.24 -75.17 61.32
CA GLY RC 171 -126.79 -74.10 60.53
C GLY RC 171 -126.66 -74.35 59.04
N GLY RC 172 -127.25 -73.44 58.27
CA GLY RC 172 -127.09 -73.45 56.82
C GLY RC 172 -126.07 -72.41 56.42
N ASP RC 173 -126.53 -71.25 55.96
CA ASP RC 173 -125.60 -70.14 55.73
C ASP RC 173 -125.13 -69.52 57.03
N ARG RC 174 -125.88 -69.72 58.13
CA ARG RC 174 -125.42 -69.27 59.44
C ARG RC 174 -124.27 -70.11 59.95
N SER RC 175 -124.10 -71.32 59.45
CA SER RC 175 -123.00 -72.17 59.89
C SER RC 175 -121.67 -71.63 59.37
N PRO RC 176 -120.62 -71.62 60.20
CA PRO RC 176 -119.36 -70.98 59.80
C PRO RC 176 -118.54 -71.78 58.80
N ASN RC 177 -118.95 -73.00 58.46
CA ASN RC 177 -118.22 -73.72 57.43
C ASN RC 177 -118.41 -73.10 56.06
N ALA RC 178 -119.51 -72.40 55.84
CA ALA RC 178 -119.64 -71.55 54.67
C ALA RC 178 -118.70 -70.37 54.81
N ARG RC 179 -117.74 -70.26 53.90
CA ARG RC 179 -116.63 -69.36 54.10
C ARG RC 179 -115.98 -69.03 52.76
N VAL RC 180 -115.08 -68.07 52.79
CA VAL RC 180 -114.22 -67.74 51.67
C VAL RC 180 -112.81 -67.54 52.19
N GLU RC 181 -111.83 -68.17 51.55
CA GLU RC 181 -110.44 -68.09 51.97
C GLU RC 181 -109.60 -67.54 50.84
N ILE RC 182 -108.73 -66.60 51.17
CA ILE RC 182 -107.78 -66.03 50.21
C ILE RC 182 -106.39 -66.36 50.72
N THR RC 183 -105.57 -66.92 49.84
CA THR RC 183 -104.24 -67.36 50.19
C THR RC 183 -103.21 -66.81 49.21
N PHE RC 184 -102.03 -66.48 49.74
CA PHE RC 184 -100.92 -66.05 48.91
C PHE RC 184 -99.63 -66.27 49.66
N ARG RC 185 -98.51 -66.05 48.98
CA ARG RC 185 -97.19 -66.10 49.58
C ARG RC 185 -96.45 -64.80 49.28
N ARG RC 186 -95.98 -64.14 50.33
CA ARG RC 186 -95.19 -62.92 50.17
C ARG RC 186 -93.80 -63.28 49.68
N ALA RC 187 -93.48 -62.91 48.45
CA ALA RC 187 -92.20 -63.26 47.84
C ALA RC 187 -91.26 -62.06 47.94
N VAL RC 188 -90.15 -62.25 48.66
CA VAL RC 188 -89.06 -61.28 48.82
C VAL RC 188 -89.53 -59.93 49.35
N CYS SC 42 -133.26 -46.59 54.67
CA CYS SC 42 -134.63 -46.59 54.18
C CYS SC 42 -134.66 -46.64 52.66
N PHE SC 43 -133.51 -46.94 52.06
CA PHE SC 43 -133.38 -46.96 50.62
C PHE SC 43 -132.22 -47.87 50.23
N HIS SC 44 -132.49 -48.85 49.39
CA HIS SC 44 -131.44 -49.73 48.89
C HIS SC 44 -130.73 -49.06 47.73
N PRO SC 45 -129.41 -48.87 47.80
CA PRO SC 45 -128.66 -48.34 46.65
C PRO SC 45 -128.74 -49.21 45.40
N PRO SC 46 -128.84 -50.58 45.51
CA PRO SC 46 -129.19 -51.24 44.23
C PRO SC 46 -130.66 -51.11 43.84
N TYR SC 47 -130.99 -49.92 43.32
CA TYR SC 47 -132.24 -49.58 42.63
C TYR SC 47 -133.48 -49.77 43.50
N ASN SC 48 -133.29 -49.77 44.82
CA ASN SC 48 -134.34 -50.03 45.82
C ASN SC 48 -135.08 -51.33 45.54
N ASN SC 49 -134.32 -52.36 45.16
CA ASN SC 49 -134.80 -53.72 44.87
C ASN SC 49 -135.86 -53.73 43.77
N PHE SC 50 -135.71 -52.83 42.79
CA PHE SC 50 -136.67 -52.62 41.70
C PHE SC 50 -138.08 -52.36 42.21
N GLN SC 51 -138.17 -51.58 43.28
CA GLN SC 51 -139.45 -51.19 43.84
C GLN SC 51 -139.56 -49.68 43.82
N PRO SC 52 -140.71 -49.13 43.43
CA PRO SC 52 -140.86 -47.67 43.35
C PRO SC 52 -140.80 -47.02 44.72
N ASP SC 53 -139.89 -46.06 44.87
CA ASP SC 53 -139.50 -45.52 46.16
C ASP SC 53 -140.54 -44.56 46.70
N ARG SC 54 -140.33 -44.14 47.95
CA ARG SC 54 -141.21 -43.23 48.66
C ARG SC 54 -140.37 -42.08 49.23
N ARG SC 55 -140.56 -40.89 48.68
CA ARG SC 55 -139.79 -39.72 49.07
C ARG SC 55 -140.63 -38.68 49.80
N ALA SC 56 -141.91 -38.56 49.43
CA ALA SC 56 -142.79 -37.54 49.99
C ALA SC 56 -143.07 -37.77 51.46
N VAL SC 57 -143.21 -39.02 51.88
CA VAL SC 57 -143.43 -39.32 53.29
C VAL SC 57 -142.21 -38.95 54.12
N LYS SC 58 -141.01 -39.21 53.57
CA LYS SC 58 -139.77 -38.81 54.24
C LYS SC 58 -139.66 -37.29 54.34
N ARG SC 59 -140.06 -36.58 53.27
CA ARG SC 59 -139.97 -35.13 53.28
C ARG SC 59 -140.98 -34.50 54.24
N VAL SC 60 -142.21 -35.03 54.30
CA VAL SC 60 -143.16 -34.46 55.24
C VAL SC 60 -142.81 -34.84 56.67
N GLY SC 61 -142.17 -36.00 56.88
CA GLY SC 61 -141.67 -36.33 58.21
C GLY SC 61 -140.55 -35.41 58.65
N VAL SC 62 -139.61 -35.11 57.74
CA VAL SC 62 -138.50 -34.25 58.10
C VAL SC 62 -138.92 -32.77 58.17
N ASP SC 63 -140.06 -32.42 57.57
CA ASP SC 63 -140.57 -31.06 57.72
C ASP SC 63 -141.45 -30.90 58.95
N THR SC 64 -142.14 -31.96 59.36
CA THR SC 64 -142.89 -31.94 60.61
C THR SC 64 -142.02 -32.20 61.83
N GLY SC 65 -140.81 -32.71 61.64
CA GLY SC 65 -139.90 -32.96 62.74
C GLY SC 65 -139.29 -31.70 63.33
N GLY SC 88 -143.63 -28.58 58.22
CA GLY SC 88 -145.08 -28.56 58.13
C GLY SC 88 -145.61 -29.42 57.00
N GLY SC 89 -146.86 -29.87 57.15
CA GLY SC 89 -147.45 -30.77 56.17
C GLY SC 89 -147.69 -30.10 54.83
N THR SC 90 -148.20 -28.88 54.83
CA THR SC 90 -148.52 -28.20 53.58
C THR SC 90 -147.25 -27.77 52.83
N VAL SC 91 -146.27 -27.23 53.55
CA VAL SC 91 -145.01 -26.85 52.92
C VAL SC 91 -144.25 -28.09 52.44
N GLY SC 92 -144.36 -29.20 53.18
CA GLY SC 92 -143.80 -30.45 52.70
C GLY SC 92 -144.50 -30.98 51.47
N LEU SC 93 -145.82 -30.81 51.39
CA LEU SC 93 -146.59 -31.24 50.23
C LEU SC 93 -146.21 -30.43 48.99
N VAL SC 94 -146.11 -29.11 49.14
CA VAL SC 94 -145.81 -28.29 47.97
C VAL SC 94 -144.35 -28.47 47.56
N ALA SC 95 -143.45 -28.71 48.53
CA ALA SC 95 -142.06 -29.01 48.18
C ALA SC 95 -141.94 -30.36 47.50
N SER SC 96 -142.74 -31.34 47.92
CA SER SC 96 -142.72 -32.66 47.30
C SER SC 96 -143.24 -32.61 45.87
N ILE SC 97 -144.34 -31.91 45.65
CA ILE SC 97 -144.87 -31.83 44.28
C ILE SC 97 -144.00 -30.92 43.41
N TYR SC 98 -143.28 -29.96 44.01
CA TYR SC 98 -142.34 -29.18 43.22
C TYR SC 98 -141.13 -30.00 42.81
N ARG SC 99 -140.62 -30.84 43.71
CA ARG SC 99 -139.49 -31.69 43.36
C ARG SC 99 -139.90 -32.81 42.41
N ASP SC 100 -141.15 -33.26 42.49
CA ASP SC 100 -141.66 -34.27 41.58
C ASP SC 100 -142.29 -33.68 40.34
N SER SC 101 -142.26 -32.36 40.20
CA SER SC 101 -142.66 -31.73 38.94
C SER SC 101 -141.69 -32.11 37.83
N LYS SC 102 -142.22 -32.11 36.61
CA LYS SC 102 -141.42 -32.49 35.46
C LYS SC 102 -140.33 -31.47 35.16
N ARG SC 103 -140.59 -30.19 35.44
CA ARG SC 103 -139.59 -29.16 35.22
C ARG SC 103 -138.39 -29.34 36.14
N LYS SC 104 -138.64 -29.70 37.39
CA LYS SC 104 -137.55 -29.89 38.34
C LYS SC 104 -136.70 -31.09 37.98
N ILE SC 105 -137.33 -32.19 37.57
CA ILE SC 105 -136.56 -33.38 37.22
C ILE SC 105 -135.85 -33.17 35.88
N ILE SC 106 -136.38 -32.30 35.02
CA ILE SC 106 -135.67 -31.92 33.81
C ILE SC 106 -134.43 -31.11 34.16
N ARG SC 107 -134.56 -30.19 35.12
CA ARG SC 107 -133.41 -29.41 35.57
C ARG SC 107 -132.37 -30.30 36.25
N ASP SC 108 -132.82 -31.32 36.97
CA ASP SC 108 -131.87 -32.28 37.55
C ASP SC 108 -131.21 -33.13 36.48
N LEU SC 109 -131.92 -33.41 35.39
CA LEU SC 109 -131.31 -34.10 34.26
C LEU SC 109 -130.25 -33.22 33.60
N GLN SC 110 -130.52 -31.91 33.54
CA GLN SC 110 -129.52 -30.96 33.08
C GLN SC 110 -128.31 -30.94 34.01
N LYS SC 111 -128.56 -31.03 35.31
CA LYS SC 111 -127.49 -31.09 36.31
C LYS SC 111 -126.64 -32.34 36.12
N GLN SC 112 -127.28 -33.47 35.87
CA GLN SC 112 -126.55 -34.68 35.54
C GLN SC 112 -126.19 -34.68 34.07
N ASP SC 113 -125.65 -35.80 33.59
CA ASP SC 113 -125.25 -35.93 32.20
C ASP SC 113 -126.37 -36.58 31.39
N ILE SC 114 -127.49 -35.87 31.29
CA ILE SC 114 -128.65 -36.34 30.55
C ILE SC 114 -128.97 -35.31 29.48
N GLN SC 115 -129.50 -35.75 28.34
CA GLN SC 115 -129.97 -34.80 27.33
C GLN SC 115 -131.41 -35.11 26.96
N TYR SC 116 -132.31 -34.19 27.28
CA TYR SC 116 -133.73 -34.32 26.92
C TYR SC 116 -134.05 -33.40 25.75
N VAL SC 117 -134.70 -33.94 24.73
CA VAL SC 117 -135.10 -33.16 23.57
C VAL SC 117 -136.58 -33.43 23.32
N GLU SC 118 -137.38 -32.37 23.32
CA GLU SC 118 -138.79 -32.45 22.95
C GLU SC 118 -139.04 -31.57 21.74
N TYR SC 119 -139.62 -32.16 20.70
CA TYR SC 119 -139.94 -31.43 19.48
C TYR SC 119 -141.13 -32.11 18.82
N GLY SC 120 -142.12 -31.31 18.44
CA GLY SC 120 -143.35 -31.85 17.89
C GLY SC 120 -144.12 -32.60 18.96
N ASP SC 121 -144.16 -33.92 18.83
CA ASP SC 121 -144.71 -34.79 19.87
C ASP SC 121 -143.79 -35.92 20.26
N THR SC 122 -142.87 -36.33 19.39
CA THR SC 122 -141.87 -37.33 19.74
C THR SC 122 -140.85 -36.72 20.69
N ARG SC 123 -140.49 -37.48 21.73
CA ARG SC 123 -139.52 -37.03 22.71
C ARG SC 123 -138.36 -38.01 22.77
N THR SC 124 -137.16 -37.47 23.01
CA THR SC 124 -135.94 -38.25 22.96
C THR SC 124 -135.02 -37.94 24.13
N LEU SC 125 -134.24 -38.94 24.50
CA LEU SC 125 -133.25 -38.86 25.56
C LEU SC 125 -131.90 -39.37 25.04
N ILE SC 126 -130.83 -38.71 25.46
CA ILE SC 126 -129.48 -39.03 25.03
C ILE SC 126 -128.62 -39.24 26.27
N ILE SC 127 -127.92 -40.38 26.30
CA ILE SC 127 -127.14 -40.85 27.45
C ILE SC 127 -125.71 -41.17 27.01
N PRO SC 128 -124.69 -40.69 27.72
CA PRO SC 128 -123.30 -41.00 27.36
C PRO SC 128 -122.91 -42.41 27.75
N THR SC 129 -122.37 -43.14 26.78
CA THR SC 129 -122.02 -44.55 26.97
C THR SC 129 -120.88 -44.71 27.97
N ASP SC 130 -119.92 -43.79 27.95
CA ASP SC 130 -118.77 -43.90 28.84
C ASP SC 130 -119.14 -43.61 30.28
N LYS SC 131 -119.94 -42.57 30.51
CA LYS SC 131 -120.34 -42.26 31.87
C LYS SC 131 -121.48 -43.13 32.38
N TYR SC 132 -122.11 -43.93 31.51
CA TYR SC 132 -123.14 -44.84 31.98
C TYR SC 132 -122.86 -46.28 31.56
N PHE SC 133 -121.59 -46.62 31.39
CA PHE SC 133 -121.20 -47.97 31.06
C PHE SC 133 -119.77 -48.21 31.53
N MET SC 134 -119.40 -49.47 31.59
CA MET SC 134 -118.00 -49.83 31.74
C MET SC 134 -117.36 -49.98 30.37
N PHE SC 135 -116.03 -49.93 30.35
CA PHE SC 135 -115.32 -49.89 29.08
C PHE SC 135 -115.33 -51.25 28.40
N SER SC 136 -115.66 -51.25 27.11
CA SER SC 136 -115.58 -52.42 26.21
C SER SC 136 -116.45 -53.58 26.70
N SER SC 137 -117.53 -53.29 27.39
CA SER SC 137 -118.33 -54.32 28.01
C SER SC 137 -119.79 -53.89 28.06
N PRO SC 138 -120.72 -54.83 28.06
CA PRO SC 138 -122.10 -54.52 28.41
C PRO SC 138 -122.36 -54.43 29.91
N ARG SC 139 -121.32 -54.40 30.74
CA ARG SC 139 -121.49 -54.22 32.17
C ARG SC 139 -121.97 -52.80 32.47
N LEU SC 140 -123.13 -52.69 33.09
CA LEU SC 140 -123.69 -51.39 33.41
C LEU SC 140 -122.89 -50.73 34.52
N ASN SC 141 -122.49 -49.48 34.31
CA ASN SC 141 -121.80 -48.71 35.33
C ASN SC 141 -122.72 -48.43 36.50
N GLU SC 142 -122.14 -48.43 37.70
CA GLU SC 142 -122.92 -48.38 38.93
C GLU SC 142 -122.72 -47.08 39.71
N ILE SC 143 -122.62 -45.95 39.03
CA ILE SC 143 -122.34 -44.70 39.74
C ILE SC 143 -123.57 -43.83 39.83
N CYS SC 144 -124.11 -43.43 38.68
CA CYS SC 144 -125.10 -42.35 38.60
C CYS SC 144 -126.52 -42.87 38.53
N TYR SC 145 -126.80 -43.95 39.25
CA TYR SC 145 -128.13 -44.53 39.38
C TYR SC 145 -129.25 -43.59 39.87
N PRO SC 146 -128.98 -42.45 40.55
CA PRO SC 146 -130.03 -41.41 40.61
C PRO SC 146 -130.51 -40.94 39.26
N GLY SC 147 -129.63 -40.89 38.25
CA GLY SC 147 -130.07 -40.61 36.90
C GLY SC 147 -131.03 -41.65 36.36
N LEU SC 148 -130.77 -42.92 36.65
CA LEU SC 148 -131.67 -43.99 36.23
C LEU SC 148 -133.02 -43.90 36.92
N ASN SC 149 -133.01 -43.60 38.22
CA ASN SC 149 -134.25 -43.44 38.96
C ASN SC 149 -135.06 -42.25 38.45
N ASN SC 150 -134.37 -41.16 38.11
CA ASN SC 150 -135.03 -40.01 37.50
C ASN SC 150 -135.59 -40.36 36.12
N VAL SC 151 -134.86 -41.19 35.37
CA VAL SC 151 -135.32 -41.64 34.06
C VAL SC 151 -136.61 -42.44 34.19
N ILE SC 152 -136.67 -43.33 35.17
CA ILE SC 152 -137.86 -44.14 35.37
C ILE SC 152 -139.03 -43.27 35.86
N ARG SC 153 -138.74 -42.30 36.73
CA ARG SC 153 -139.77 -41.39 37.20
C ARG SC 153 -140.33 -40.54 36.07
N LEU SC 154 -139.47 -40.12 35.14
CA LEU SC 154 -139.95 -39.32 34.01
C LEU SC 154 -140.73 -40.19 33.03
N LEU SC 155 -140.28 -41.42 32.80
CA LEU SC 155 -140.99 -42.30 31.88
C LEU SC 155 -142.27 -42.86 32.46
N ASN SC 156 -142.49 -42.72 33.77
CA ASN SC 156 -143.74 -43.14 34.39
C ASN SC 156 -144.94 -42.31 33.93
N PHE SC 157 -144.71 -41.12 33.36
CA PHE SC 157 -145.81 -40.26 32.98
C PHE SC 157 -146.58 -40.73 31.76
N TYR SC 158 -145.99 -41.60 30.93
CA TYR SC 158 -146.58 -41.98 29.65
C TYR SC 158 -146.72 -43.49 29.59
N PRO SC 159 -147.80 -44.03 30.13
CA PRO SC 159 -147.93 -45.49 30.19
C PRO SC 159 -148.53 -46.13 28.94
N GLN SC 160 -148.57 -45.40 27.83
CA GLN SC 160 -149.17 -45.94 26.61
C GLN SC 160 -148.22 -45.98 25.42
N SER SC 161 -147.25 -45.07 25.35
CA SER SC 161 -146.40 -44.97 24.19
C SER SC 161 -145.39 -46.11 24.13
N THR SC 162 -145.20 -46.66 22.93
CA THR SC 162 -144.12 -47.60 22.71
C THR SC 162 -142.79 -46.87 22.68
N ILE SC 163 -141.73 -47.59 23.03
CA ILE SC 163 -140.41 -47.01 23.23
C ILE SC 163 -139.45 -47.64 22.22
N TYR SC 164 -138.57 -46.81 21.66
CA TYR SC 164 -137.46 -47.27 20.84
C TYR SC 164 -136.15 -46.86 21.51
N VAL SC 165 -135.18 -47.76 21.48
CA VAL SC 165 -133.87 -47.51 22.05
C VAL SC 165 -132.81 -47.91 21.04
N ALA SC 166 -131.72 -47.16 21.01
CA ALA SC 166 -130.66 -47.38 20.04
C ALA SC 166 -129.32 -47.04 20.64
N GLY SC 167 -128.29 -47.75 20.20
CA GLY SC 167 -126.93 -47.52 20.63
C GLY SC 167 -126.05 -47.13 19.46
N PHE SC 168 -125.06 -46.28 19.72
CA PHE SC 168 -124.15 -45.84 18.68
C PHE SC 168 -122.72 -45.79 19.20
N THR SC 169 -121.80 -46.35 18.44
CA THR SC 169 -120.38 -46.39 18.76
C THR SC 169 -119.59 -45.65 17.68
N ASP SC 170 -118.27 -45.74 17.75
CA ASP SC 170 -117.38 -45.01 16.86
C ASP SC 170 -117.14 -45.79 15.57
N ASN SC 171 -116.15 -45.34 14.80
CA ASN SC 171 -115.86 -45.90 13.48
C ASN SC 171 -114.70 -46.87 13.48
N VAL SC 172 -113.92 -46.93 14.55
CA VAL SC 172 -112.67 -47.68 14.58
C VAL SC 172 -112.94 -49.05 15.18
N GLY SC 173 -112.50 -50.10 14.50
CA GLY SC 173 -112.63 -51.47 14.95
C GLY SC 173 -113.33 -52.34 13.93
N SER SC 174 -113.55 -53.59 14.32
CA SER SC 174 -114.31 -54.51 13.49
C SER SC 174 -115.78 -54.12 13.49
N ARG SC 175 -116.37 -54.02 12.30
CA ARG SC 175 -117.74 -53.56 12.17
C ARG SC 175 -118.73 -54.56 12.75
N SER SC 176 -118.46 -55.86 12.58
CA SER SC 176 -119.28 -56.88 13.19
C SER SC 176 -119.20 -56.82 14.70
N HIS SC 177 -118.01 -56.53 15.23
CA HIS SC 177 -117.85 -56.35 16.67
C HIS SC 177 -118.63 -55.14 17.17
N LYS SC 178 -118.62 -54.05 16.40
CA LYS SC 178 -119.39 -52.86 16.76
C LYS SC 178 -120.88 -53.16 16.78
N ARG SC 179 -121.35 -53.90 15.79
CA ARG SC 179 -122.76 -54.27 15.71
C ARG SC 179 -123.16 -55.14 16.90
N LYS SC 180 -122.33 -56.13 17.24
CA LYS SC 180 -122.64 -57.01 18.36
C LYS SC 180 -122.62 -56.26 19.69
N LEU SC 181 -121.63 -55.40 19.89
CA LEU SC 181 -121.54 -54.63 21.13
C LEU SC 181 -122.71 -53.67 21.29
N SER SC 182 -123.06 -52.97 20.20
CA SER SC 182 -124.14 -52.02 20.25
C SER SC 182 -125.49 -52.70 20.48
N GLN SC 183 -125.70 -53.84 19.83
CA GLN SC 183 -126.92 -54.61 20.07
C GLN SC 183 -126.99 -55.12 21.49
N ALA SC 184 -125.85 -55.53 22.05
CA ALA SC 184 -125.82 -56.03 23.42
C ALA SC 184 -126.16 -54.93 24.42
N GLN SC 185 -125.59 -53.73 24.23
CA GLN SC 185 -125.86 -52.64 25.16
C GLN SC 185 -127.30 -52.14 25.02
N ALA SC 186 -127.83 -52.14 23.80
CA ALA SC 186 -129.21 -51.75 23.61
C ALA SC 186 -130.17 -52.74 24.27
N GLU SC 187 -129.86 -54.04 24.16
CA GLU SC 187 -130.69 -55.04 24.83
C GLU SC 187 -130.55 -54.95 26.34
N THR SC 188 -129.38 -54.52 26.83
CA THR SC 188 -129.18 -54.31 28.26
C THR SC 188 -130.07 -53.19 28.77
N MET SC 189 -130.13 -52.07 28.04
CA MET SC 189 -131.01 -50.98 28.42
C MET SC 189 -132.48 -51.39 28.35
N MET SC 190 -132.82 -52.18 27.32
CA MET SC 190 -134.20 -52.62 27.12
C MET SC 190 -134.66 -53.51 28.27
N THR SC 191 -133.85 -54.49 28.64
CA THR SC 191 -134.24 -55.34 29.77
C THR SC 191 -134.11 -54.62 31.10
N PHE SC 192 -133.31 -53.56 31.18
CA PHE SC 192 -133.33 -52.72 32.38
C PHE SC 192 -134.69 -52.07 32.56
N LEU SC 193 -135.23 -51.51 31.47
CA LEU SC 193 -136.57 -50.95 31.53
C LEU SC 193 -137.64 -52.02 31.77
N TRP SC 194 -137.43 -53.22 31.20
CA TRP SC 194 -138.36 -54.32 31.41
C TRP SC 194 -138.42 -54.74 32.86
N ALA SC 195 -137.26 -54.82 33.51
CA ALA SC 195 -137.23 -55.06 34.94
C ALA SC 195 -137.75 -53.87 35.73
N ASN SC 196 -137.64 -52.66 35.19
CA ASN SC 196 -138.26 -51.51 35.81
C ASN SC 196 -139.77 -51.52 35.70
N GLY SC 197 -140.34 -52.32 34.79
CA GLY SC 197 -141.75 -52.59 34.81
C GLY SC 197 -142.56 -52.21 33.58
N ILE SC 198 -141.97 -52.24 32.39
CA ILE SC 198 -142.70 -51.96 31.17
C ILE SC 198 -142.88 -53.26 30.42
N ALA SC 199 -144.08 -53.47 29.87
CA ALA SC 199 -144.34 -54.65 29.06
C ALA SC 199 -143.51 -54.60 27.79
N ALA SC 200 -142.88 -55.72 27.47
CA ALA SC 200 -141.87 -55.76 26.40
C ALA SC 200 -142.46 -55.61 25.01
N LYS SC 201 -143.78 -55.76 24.87
CA LYS SC 201 -144.42 -55.50 23.58
C LYS SC 201 -144.37 -54.03 23.20
N ARG SC 202 -144.21 -53.14 24.17
CA ARG SC 202 -143.97 -51.73 23.89
C ARG SC 202 -142.51 -51.45 23.54
N LEU SC 203 -141.63 -52.44 23.66
CA LEU SC 203 -140.19 -52.21 23.63
C LEU SC 203 -139.57 -52.88 22.41
N LYS SC 204 -138.61 -52.19 21.79
CA LYS SC 204 -137.80 -52.74 20.72
C LYS SC 204 -136.51 -51.95 20.67
N ALA SC 205 -135.42 -52.64 20.31
CA ALA SC 205 -134.09 -52.08 20.42
C ALA SC 205 -133.33 -52.20 19.10
N GLU SC 206 -132.33 -51.34 18.96
CA GLU SC 206 -131.45 -51.37 17.80
C GLU SC 206 -130.07 -50.85 18.18
N GLY SC 207 -129.04 -51.63 17.85
CA GLY SC 207 -127.69 -51.16 18.05
C GLY SC 207 -126.97 -50.93 16.75
N TYR SC 208 -126.77 -49.67 16.39
CA TYR SC 208 -126.04 -49.31 15.19
C TYR SC 208 -124.58 -49.03 15.52
N GLY SC 209 -123.77 -49.00 14.47
CA GLY SC 209 -122.37 -48.70 14.63
C GLY SC 209 -122.11 -47.23 14.34
N ASP SC 210 -121.55 -46.94 13.18
CA ASP SC 210 -121.28 -45.59 12.75
C ASP SC 210 -122.01 -45.29 11.43
N LYS SC 211 -123.22 -45.84 11.29
CA LYS SC 211 -123.96 -45.67 10.05
C LYS SC 211 -124.51 -44.27 9.91
N ASN SC 212 -124.84 -43.62 11.02
CA ASN SC 212 -125.40 -42.27 11.02
C ASN SC 212 -124.81 -41.52 12.20
N ALA SC 213 -123.73 -40.78 11.94
CA ALA SC 213 -123.05 -40.05 13.00
C ALA SC 213 -123.59 -38.65 13.13
N ILE SC 214 -123.65 -38.16 14.38
CA ILE SC 214 -124.06 -36.79 14.65
C ILE SC 214 -122.90 -35.82 14.54
N SER SC 215 -121.69 -36.31 14.34
CA SER SC 215 -120.48 -35.50 14.26
C SER SC 215 -119.47 -36.27 13.44
N ASP SC 216 -118.21 -35.86 13.50
CA ASP SC 216 -117.14 -36.60 12.85
C ASP SC 216 -116.42 -37.48 13.88
N ASN SC 217 -115.79 -38.53 13.39
CA ASN SC 217 -114.90 -39.33 14.20
C ASN SC 217 -113.43 -39.06 13.92
N ALA SC 218 -113.13 -38.11 13.05
CA ALA SC 218 -111.75 -37.74 12.78
C ALA SC 218 -111.18 -36.82 13.86
N ILE SC 219 -112.01 -36.26 14.73
CA ILE SC 219 -111.54 -35.41 15.81
C ILE SC 219 -111.94 -36.01 17.14
N ILE SC 220 -111.21 -35.62 18.19
CA ILE SC 220 -111.31 -36.30 19.47
C ILE SC 220 -112.62 -35.97 20.17
N HIS SC 221 -112.97 -34.68 20.22
CA HIS SC 221 -114.19 -34.28 20.91
C HIS SC 221 -115.42 -34.79 20.19
N GLY SC 222 -115.41 -34.77 18.85
CA GLY SC 222 -116.51 -35.35 18.09
C GLY SC 222 -116.60 -36.84 18.23
N SER SC 223 -115.46 -37.53 18.34
CA SER SC 223 -115.47 -38.96 18.58
C SER SC 223 -116.04 -39.27 19.96
N ALA SC 224 -115.75 -38.43 20.95
CA ALA SC 224 -116.39 -38.59 22.26
C ALA SC 224 -117.87 -38.27 22.20
N GLN SC 225 -118.26 -37.33 21.34
CA GLN SC 225 -119.68 -37.02 21.17
C GLN SC 225 -120.43 -38.16 20.51
N ASN SC 226 -119.76 -38.91 19.63
CA ASN SC 226 -120.45 -39.85 18.75
C ASN SC 226 -121.01 -41.05 19.51
N ARG SC 227 -120.29 -41.54 20.52
CA ARG SC 227 -120.73 -42.71 21.26
C ARG SC 227 -121.90 -42.33 22.16
N ARG SC 228 -123.10 -42.81 21.82
CA ARG SC 228 -124.30 -42.26 22.43
C ARG SC 228 -125.37 -43.32 22.58
N ILE SC 229 -126.33 -43.03 23.47
CA ILE SC 229 -127.51 -43.87 23.68
C ILE SC 229 -128.73 -43.01 23.41
N GLU SC 230 -129.58 -43.47 22.51
CA GLU SC 230 -130.74 -42.74 22.03
C GLU SC 230 -132.01 -43.45 22.47
N ILE SC 231 -132.96 -42.70 23.03
CA ILE SC 231 -134.27 -43.22 23.39
C ILE SC 231 -135.32 -42.31 22.77
N GLN SC 232 -136.25 -42.88 22.02
CA GLN SC 232 -137.33 -42.13 21.41
C GLN SC 232 -138.67 -42.73 21.83
N TRP SC 233 -139.68 -41.86 21.94
CA TRP SC 233 -141.05 -42.35 22.00
C TRP SC 233 -142.01 -41.29 21.46
N PHE SC 234 -143.04 -41.77 20.76
CA PHE SC 234 -144.10 -40.94 20.22
C PHE SC 234 -145.12 -40.63 21.30
N THR SC 235 -146.27 -40.11 20.89
CA THR SC 235 -147.40 -39.94 21.79
C THR SC 235 -148.50 -40.95 21.53
N SER SC 236 -148.93 -41.10 20.27
CA SER SC 236 -149.99 -42.03 19.93
C SER SC 236 -149.46 -43.17 19.07
N LEU TC 113 -169.45 -85.16 16.73
CA LEU TC 113 -168.12 -84.92 16.19
C LEU TC 113 -167.73 -83.46 16.30
N ASN TC 114 -168.62 -82.65 16.87
CA ASN TC 114 -168.41 -81.20 16.99
C ASN TC 114 -167.99 -80.78 18.38
N ARG TC 115 -168.77 -81.12 19.40
CA ARG TC 115 -168.41 -80.82 20.77
C ARG TC 115 -168.83 -82.00 21.65
N PHE TC 116 -167.88 -82.56 22.38
CA PHE TC 116 -168.16 -83.67 23.29
C PHE TC 116 -167.82 -83.26 24.72
N ARG TC 117 -168.76 -83.52 25.63
CA ARG TC 117 -168.56 -83.29 27.04
C ARG TC 117 -168.71 -84.62 27.77
N TYR TC 118 -167.69 -84.99 28.54
CA TYR TC 118 -167.69 -86.28 29.24
C TYR TC 118 -167.71 -86.06 30.74
N GLU TC 119 -168.61 -86.77 31.42
CA GLU TC 119 -168.73 -86.78 32.87
C GLU TC 119 -169.13 -88.18 33.31
N GLY TC 120 -169.08 -88.42 34.61
CA GLY TC 120 -169.66 -89.62 35.17
C GLY TC 120 -168.69 -90.67 35.65
N ALA TC 121 -167.46 -90.23 35.95
CA ALA TC 121 -166.37 -91.08 36.48
C ALA TC 121 -166.07 -92.25 35.56
N GLY TC 122 -165.64 -91.92 34.34
CA GLY TC 122 -165.52 -92.92 33.29
C GLY TC 122 -164.19 -92.85 32.57
N VAL TC 123 -164.00 -93.85 31.71
CA VAL TC 123 -162.80 -93.99 30.89
C VAL TC 123 -163.23 -93.97 29.43
N VAL TC 124 -162.60 -93.10 28.64
CA VAL TC 124 -162.80 -93.05 27.20
C VAL TC 124 -161.49 -93.46 26.53
N THR TC 125 -161.57 -94.45 25.65
CA THR TC 125 -160.41 -94.95 24.93
C THR TC 125 -160.74 -95.04 23.45
N GLY TC 126 -159.88 -94.46 22.62
CA GLY TC 126 -160.11 -94.47 21.19
C GLY TC 126 -158.82 -94.34 20.41
N ASN TC 127 -158.88 -94.76 19.16
CA ASN TC 127 -157.73 -94.69 18.28
C ASN TC 127 -158.20 -94.53 16.84
N ASN TC 128 -157.28 -94.01 16.01
CA ASN TC 128 -157.48 -93.82 14.55
C ASN TC 128 -158.69 -92.94 14.25
N LEU TC 129 -158.89 -91.91 15.07
CA LEU TC 129 -159.93 -90.93 14.81
C LEU TC 129 -159.34 -89.74 14.05
N ARG TC 130 -160.14 -89.19 13.13
CA ARG TC 130 -159.71 -88.07 12.31
C ARG TC 130 -160.76 -86.96 12.37
N THR TC 131 -160.27 -85.72 12.41
CA THR TC 131 -161.15 -84.56 12.46
C THR TC 131 -160.36 -83.34 12.01
N SER TC 132 -161.10 -82.27 11.69
CA SER TC 132 -160.53 -80.96 11.44
C SER TC 132 -160.56 -80.09 12.69
N TYR TC 133 -161.74 -79.94 13.31
CA TYR TC 133 -161.86 -79.26 14.58
C TYR TC 133 -163.00 -79.88 15.38
N LEU TC 134 -162.76 -80.10 16.66
CA LEU TC 134 -163.81 -80.39 17.61
C LEU TC 134 -163.42 -79.84 18.97
N ASP TC 135 -164.41 -79.69 19.84
CA ASP TC 135 -164.21 -79.17 21.19
C ASP TC 135 -164.51 -80.25 22.20
N LEU TC 136 -163.77 -80.23 23.31
CA LEU TC 136 -163.90 -81.22 24.37
C LEU TC 136 -164.02 -80.54 25.72
N TYR TC 137 -165.00 -80.97 26.50
CA TYR TC 137 -165.15 -80.57 27.90
C TYR TC 137 -165.11 -81.83 28.75
N LEU TC 138 -164.01 -82.02 29.45
CA LEU TC 138 -163.82 -83.19 30.30
C LEU TC 138 -164.06 -82.82 31.76
N ALA TC 139 -164.77 -83.70 32.48
CA ALA TC 139 -165.05 -83.43 33.88
C ALA TC 139 -165.22 -84.76 34.62
N ASN TC 140 -165.00 -84.70 35.93
CA ASN TC 140 -165.27 -85.76 36.90
C ASN TC 140 -164.53 -87.06 36.55
N GLU TC 141 -163.20 -86.94 36.59
CA GLU TC 141 -162.26 -88.07 36.52
C GLU TC 141 -162.40 -88.84 35.20
N GLY TC 142 -162.33 -88.10 34.10
CA GLY TC 142 -162.42 -88.73 32.80
C GLY TC 142 -161.06 -89.22 32.33
N THR TC 143 -160.82 -90.52 32.49
CA THR TC 143 -159.55 -91.11 32.09
C THR TC 143 -159.55 -91.30 30.58
N THR TC 144 -158.70 -90.56 29.87
CA THR TC 144 -158.78 -90.47 28.42
C THR TC 144 -157.51 -91.02 27.78
N ARG TC 145 -157.68 -91.97 26.88
CA ARG TC 145 -156.59 -92.49 26.04
C ARG TC 145 -156.98 -92.32 24.59
N LEU TC 146 -156.18 -91.57 23.84
CA LEU TC 146 -156.44 -91.32 22.43
C LEU TC 146 -155.19 -91.60 21.60
N ALA TC 147 -155.37 -92.37 20.53
CA ALA TC 147 -154.28 -92.75 19.64
C ALA TC 147 -154.68 -92.55 18.18
N GLY TC 148 -155.27 -91.39 17.88
CA GLY TC 148 -155.61 -91.04 16.52
C GLY TC 148 -154.93 -89.76 16.09
N ASN TC 149 -155.33 -89.21 14.95
CA ASN TC 149 -154.81 -87.94 14.45
C ASN TC 149 -155.94 -86.92 14.53
N ILE TC 150 -155.93 -86.10 15.58
CA ILE TC 150 -157.03 -85.24 15.94
C ILE TC 150 -156.60 -83.78 15.76
N GLY TC 151 -157.37 -83.04 14.97
CA GLY TC 151 -157.21 -81.60 14.87
C GLY TC 151 -158.29 -80.91 15.68
N LEU TC 152 -157.90 -79.88 16.41
CA LEU TC 152 -158.82 -79.18 17.31
C LEU TC 152 -158.27 -77.79 17.61
N GLN TC 153 -159.10 -76.99 18.27
CA GLN TC 153 -158.73 -75.65 18.67
C GLN TC 153 -159.00 -75.38 20.15
N LYS TC 154 -160.00 -76.01 20.75
CA LYS TC 154 -160.32 -75.80 22.15
C LYS TC 154 -160.40 -77.12 22.87
N LEU TC 155 -159.86 -77.15 24.09
CA LEU TC 155 -159.87 -78.34 24.93
C LEU TC 155 -159.86 -77.88 26.38
N GLU TC 156 -160.93 -78.16 27.11
CA GLU TC 156 -161.05 -77.76 28.50
C GLU TC 156 -161.36 -78.97 29.34
N ALA TC 157 -160.62 -79.13 30.43
CA ALA TC 157 -160.88 -80.16 31.43
C ALA TC 157 -160.94 -79.49 32.79
N VAL TC 158 -161.84 -79.98 33.64
CA VAL TC 158 -161.99 -79.43 34.98
C VAL TC 158 -160.77 -79.72 35.82
N GLY TC 159 -160.35 -80.99 35.84
CA GLY TC 159 -159.17 -81.37 36.60
C GLY TC 159 -159.33 -82.74 37.23
N ASN TC 160 -158.29 -83.17 37.95
CA ASN TC 160 -158.24 -84.45 38.68
C ASN TC 160 -158.48 -85.64 37.74
N GLY TC 161 -157.88 -85.59 36.56
CA GLY TC 161 -158.06 -86.65 35.59
C GLY TC 161 -156.83 -86.79 34.72
N VAL TC 162 -156.66 -88.00 34.18
CA VAL TC 162 -155.52 -88.35 33.35
C VAL TC 162 -155.94 -88.36 31.89
N THR TC 163 -155.06 -87.82 31.03
CA THR TC 163 -155.31 -87.80 29.61
C THR TC 163 -153.98 -88.01 28.88
N GLN TC 164 -153.93 -89.03 28.02
CA GLN TC 164 -152.80 -89.23 27.13
C GLN TC 164 -153.32 -89.26 25.70
N ILE TC 165 -152.85 -88.32 24.89
CA ILE TC 165 -153.18 -88.27 23.47
C ILE TC 165 -151.89 -88.39 22.67
N ASN TC 166 -151.88 -89.30 21.72
CA ASN TC 166 -150.70 -89.58 20.91
C ASN TC 166 -150.94 -89.08 19.49
N GLY TC 167 -150.47 -87.88 19.20
CA GLY TC 167 -150.54 -87.35 17.85
C GLY TC 167 -151.67 -86.35 17.66
N VAL TC 168 -151.34 -85.06 17.68
CA VAL TC 168 -152.31 -84.01 17.42
C VAL TC 168 -151.66 -83.02 16.45
N SER TC 169 -152.31 -82.80 15.32
CA SER TC 169 -151.85 -81.83 14.32
C SER TC 169 -152.85 -80.68 14.32
N SER TC 170 -152.58 -79.65 15.11
CA SER TC 170 -153.47 -78.51 15.24
C SER TC 170 -152.71 -77.22 14.97
N ARG TC 171 -153.41 -76.26 14.37
CA ARG TC 171 -152.80 -74.96 14.09
C ARG TC 171 -152.62 -74.16 15.37
N ASN TC 172 -153.65 -74.13 16.23
CA ASN TC 172 -153.57 -73.36 17.46
C ASN TC 172 -154.47 -74.00 18.49
N LEU TC 173 -154.17 -73.72 19.75
CA LEU TC 173 -155.00 -74.12 20.87
C LEU TC 173 -154.83 -73.12 22.00
N GLN TC 174 -155.81 -73.10 22.90
CA GLN TC 174 -155.80 -72.18 24.03
C GLN TC 174 -156.46 -72.90 25.20
N ILE TC 175 -155.66 -73.31 26.18
CA ILE TC 175 -156.10 -74.19 27.24
C ILE TC 175 -155.93 -73.49 28.58
N VAL TC 176 -157.00 -73.49 29.38
CA VAL TC 176 -156.97 -72.96 30.73
C VAL TC 176 -157.55 -74.02 31.66
N LEU TC 177 -156.82 -74.34 32.73
CA LEU TC 177 -157.21 -75.39 33.66
C LEU TC 177 -157.47 -74.81 35.04
N LYS TC 178 -158.32 -75.50 35.80
CA LYS TC 178 -158.73 -75.04 37.12
C LYS TC 178 -158.41 -76.03 38.23
N GLY TC 179 -158.62 -77.32 37.98
CA GLY TC 179 -158.31 -78.32 39.00
C GLY TC 179 -156.88 -78.79 38.90
N ASP TC 180 -156.65 -80.09 39.09
CA ASP TC 180 -155.31 -80.67 39.06
C ASP TC 180 -155.27 -81.81 38.05
N PRO TC 181 -155.22 -81.50 36.76
CA PRO TC 181 -155.20 -82.56 35.75
C PRO TC 181 -153.79 -83.01 35.40
N LYS TC 182 -153.72 -84.14 34.69
CA LYS TC 182 -152.46 -84.73 34.25
C LYS TC 182 -152.61 -85.03 32.76
N VAL TC 183 -152.05 -84.14 31.93
CA VAL TC 183 -152.25 -84.22 30.49
C VAL TC 183 -150.90 -84.39 29.81
N LEU TC 184 -150.85 -85.35 28.87
CA LEU TC 184 -149.67 -85.52 28.04
C LEU TC 184 -150.15 -85.69 26.60
N ILE TC 185 -149.63 -84.87 25.71
CA ILE TC 185 -150.08 -84.85 24.32
C ILE TC 185 -148.87 -84.80 23.40
N SER TC 186 -148.80 -85.75 22.47
CA SER TC 186 -147.84 -85.72 21.39
C SER TC 186 -148.40 -84.96 20.21
N GLY TC 187 -147.51 -84.33 19.44
CA GLY TC 187 -147.90 -83.60 18.25
C GLY TC 187 -147.00 -82.40 18.05
N PHE TC 188 -147.36 -81.59 17.05
CA PHE TC 188 -146.62 -80.37 16.71
C PHE TC 188 -147.65 -79.26 16.54
N VAL TC 189 -147.99 -78.58 17.63
CA VAL TC 189 -149.05 -77.60 17.66
C VAL TC 189 -148.48 -76.27 18.12
N ASN TC 190 -148.70 -75.21 17.34
CA ASN TC 190 -148.39 -73.87 17.79
C ASN TC 190 -149.35 -73.47 18.89
N LEU TC 191 -148.83 -72.85 19.95
CA LEU TC 191 -149.64 -72.41 21.07
C LEU TC 191 -149.46 -70.91 21.29
N ARG TC 192 -150.38 -70.33 22.05
CA ARG TC 192 -150.41 -68.89 22.22
C ARG TC 192 -150.18 -68.46 23.66
N GLN TC 193 -150.97 -68.95 24.61
CA GLN TC 193 -150.97 -68.41 25.96
C GLN TC 193 -151.57 -69.42 26.92
N LEU TC 194 -150.86 -69.72 28.00
CA LEU TC 194 -151.31 -70.69 28.97
C LEU TC 194 -151.25 -70.11 30.38
N ASP TC 195 -152.32 -70.34 31.14
CA ASP TC 195 -152.46 -69.85 32.50
C ASP TC 195 -152.83 -71.01 33.42
N MET TC 196 -152.11 -71.15 34.52
CA MET TC 196 -152.29 -72.26 35.44
C MET TC 196 -152.46 -71.74 36.86
N TYR TC 197 -153.42 -72.30 37.58
CA TYR TC 197 -153.78 -71.83 38.91
C TYR TC 197 -153.98 -72.93 39.94
N GLY TC 198 -153.94 -74.20 39.54
CA GLY TC 198 -154.16 -75.28 40.49
C GLY TC 198 -152.91 -76.07 40.79
N LYS TC 199 -152.97 -77.38 40.56
CA LYS TC 199 -151.83 -78.27 40.71
C LYS TC 199 -151.63 -79.06 39.43
N GLY TC 200 -151.62 -78.36 38.30
CA GLY TC 200 -151.67 -79.03 37.01
C GLY TC 200 -150.32 -79.60 36.58
N THR TC 201 -150.38 -80.70 35.84
CA THR TC 201 -149.20 -81.30 35.22
C THR TC 201 -149.47 -81.50 33.74
N LEU TC 202 -148.57 -81.00 32.91
CA LEU TC 202 -148.75 -81.02 31.46
C LEU TC 202 -147.43 -81.42 30.83
N SER TC 203 -147.54 -82.11 29.69
CA SER TC 203 -146.35 -82.49 28.95
C SER TC 203 -146.65 -82.54 27.46
N LEU TC 204 -145.73 -81.99 26.67
CA LEU TC 204 -145.82 -81.98 25.22
C LEU TC 204 -144.51 -82.47 24.63
N TYR TC 205 -144.58 -82.97 23.40
CA TYR TC 205 -143.38 -83.45 22.74
C TYR TC 205 -142.75 -82.39 21.84
N TRP TC 206 -143.53 -81.78 20.97
CA TRP TC 206 -143.02 -80.77 20.04
C TRP TC 206 -143.98 -79.59 20.01
N ILE TC 207 -143.42 -78.39 19.94
CA ILE TC 207 -144.20 -77.17 19.82
C ILE TC 207 -143.46 -76.23 18.89
N LYS TC 208 -144.08 -75.89 17.75
CA LYS TC 208 -143.51 -74.99 16.77
C LYS TC 208 -144.39 -73.76 16.69
N SER TC 209 -144.15 -72.82 17.60
CA SER TC 209 -144.85 -71.55 17.65
C SER TC 209 -143.85 -70.42 17.52
N ASP TC 210 -144.34 -69.20 17.69
CA ASP TC 210 -143.49 -68.01 17.66
C ASP TC 210 -143.48 -67.26 18.99
N THR TC 211 -144.64 -66.92 19.51
CA THR TC 211 -144.76 -66.11 20.72
C THR TC 211 -145.60 -66.85 21.73
N LEU TC 212 -145.07 -67.01 22.93
CA LEU TC 212 -145.74 -67.78 23.96
C LEU TC 212 -145.76 -66.98 25.26
N THR TC 213 -146.88 -67.08 25.97
CA THR TC 213 -147.08 -66.39 27.24
C THR TC 213 -147.47 -67.41 28.29
N ILE TC 214 -146.80 -67.36 29.44
CA ILE TC 214 -147.03 -68.32 30.51
C ILE TC 214 -147.32 -67.54 31.78
N ARG TC 215 -148.46 -67.82 32.40
CA ARG TC 215 -148.77 -67.33 33.75
C ARG TC 215 -148.98 -68.52 34.67
N ALA TC 216 -148.24 -68.56 35.78
CA ALA TC 216 -148.39 -69.65 36.73
C ALA TC 216 -148.53 -69.10 38.13
N LYS TC 217 -149.57 -69.56 38.84
CA LYS TC 217 -149.90 -69.03 40.15
C LYS TC 217 -149.55 -69.99 41.28
N LYS TC 218 -150.05 -71.23 41.25
CA LYS TC 218 -149.96 -72.10 42.42
C LYS TC 218 -149.06 -73.31 42.22
N ALA TC 219 -149.34 -74.15 41.22
CA ALA TC 219 -148.49 -75.31 40.96
C ALA TC 219 -148.69 -75.74 39.51
N ALA TC 220 -147.66 -75.56 38.70
CA ALA TC 220 -147.71 -75.96 37.29
C ALA TC 220 -146.44 -76.72 36.96
N LYS TC 221 -146.57 -77.98 36.62
CA LYS TC 221 -145.44 -78.84 36.30
C LYS TC 221 -145.55 -79.16 34.81
N ILE TC 222 -144.84 -78.37 34.01
CA ILE TC 222 -145.01 -78.37 32.56
C ILE TC 222 -143.70 -78.80 31.92
N GLN TC 223 -143.75 -79.90 31.17
CA GLN TC 223 -142.60 -80.41 30.44
C GLN TC 223 -142.81 -80.09 28.97
N LEU TC 224 -142.15 -79.04 28.50
CA LEU TC 224 -142.30 -78.54 27.14
C LEU TC 224 -140.97 -78.56 26.43
N ALA TC 225 -141.00 -78.95 25.15
CA ALA TC 225 -139.82 -78.93 24.31
C ALA TC 225 -140.23 -78.66 22.89
N GLY TC 226 -139.55 -77.72 22.24
CA GLY TC 226 -139.87 -77.37 20.87
C GLY TC 226 -139.18 -76.09 20.46
N ILE TC 227 -139.66 -75.53 19.35
CA ILE TC 227 -139.07 -74.33 18.77
C ILE TC 227 -140.06 -73.19 18.91
N VAL TC 228 -139.66 -72.17 19.68
CA VAL TC 228 -140.42 -70.93 19.79
C VAL TC 228 -139.43 -69.78 19.64
N ASN TC 229 -139.95 -68.61 19.30
CA ASN TC 229 -139.10 -67.45 19.05
C ASN TC 229 -139.16 -66.43 20.18
N ARG TC 230 -140.36 -66.03 20.59
CA ARG TC 230 -140.55 -65.07 21.67
C ARG TC 230 -141.25 -65.78 22.82
N LEU TC 231 -140.72 -65.62 24.02
CA LEU TC 231 -141.27 -66.32 25.18
C LEU TC 231 -141.29 -65.40 26.38
N ASP TC 232 -142.44 -65.37 27.06
CA ASP TC 232 -142.60 -64.61 28.30
C ASP TC 232 -143.15 -65.53 29.36
N VAL TC 233 -142.52 -65.53 30.54
CA VAL TC 233 -142.88 -66.42 31.62
C VAL TC 233 -143.00 -65.61 32.91
N GLU TC 234 -144.15 -65.76 33.58
CA GLU TC 234 -144.37 -65.19 34.91
C GLU TC 234 -144.70 -66.34 35.85
N LEU TC 235 -143.92 -66.46 36.92
CA LEU TC 235 -144.13 -67.47 37.95
C LEU TC 235 -144.31 -66.78 39.29
N TRP TC 236 -145.38 -67.13 40.00
CA TRP TC 236 -145.68 -66.46 41.26
C TRP TC 236 -145.15 -67.21 42.48
N ASP TC 237 -145.63 -68.42 42.72
CA ASP TC 237 -145.26 -69.15 43.93
C ASP TC 237 -145.47 -70.63 43.72
N PHE TC 238 -144.44 -71.42 44.08
CA PHE TC 238 -144.43 -72.88 43.93
C PHE TC 238 -144.70 -73.32 42.50
N ALA TC 239 -144.19 -72.54 41.56
CA ALA TC 239 -144.31 -72.82 40.13
C ALA TC 239 -142.95 -73.29 39.64
N GLN TC 240 -142.90 -74.50 39.11
CA GLN TC 240 -141.66 -75.11 38.66
C GLN TC 240 -141.79 -75.36 37.16
N PHE TC 241 -141.37 -74.37 36.38
CA PHE TC 241 -141.41 -74.47 34.92
C PHE TC 241 -140.08 -75.03 34.46
N LYS TC 242 -140.09 -76.30 34.05
CA LYS TC 242 -138.89 -76.95 33.57
C LYS TC 242 -138.86 -76.94 32.04
N GLY TC 243 -138.59 -75.75 31.49
CA GLY TC 243 -138.52 -75.63 30.05
C GLY TC 243 -137.18 -76.02 29.48
N LYS TC 244 -136.66 -77.17 29.90
CA LYS TC 244 -135.52 -77.77 29.25
C LYS TC 244 -135.92 -78.21 27.84
N TYR TC 245 -134.94 -78.14 26.92
CA TYR TC 245 -135.10 -78.43 25.49
C TYR TC 245 -136.13 -77.54 24.82
N LEU TC 246 -136.42 -76.38 25.38
CA LEU TC 246 -137.37 -75.43 24.81
C LEU TC 246 -136.54 -74.24 24.35
N ARG TC 247 -136.11 -74.28 23.09
CA ARG TC 247 -135.21 -73.28 22.56
C ARG TC 247 -135.98 -72.03 22.15
N ALA TC 248 -135.59 -70.89 22.72
CA ALA TC 248 -136.26 -69.62 22.47
C ALA TC 248 -135.22 -68.56 22.13
N GLN TC 249 -135.44 -67.85 21.02
CA GLN TC 249 -134.53 -66.78 20.64
C GLN TC 249 -134.65 -65.59 21.57
N ARG TC 250 -135.89 -65.22 21.92
CA ARG TC 250 -136.16 -64.15 22.86
C ARG TC 250 -136.79 -64.76 24.09
N SER TC 251 -136.20 -64.51 25.26
CA SER TC 251 -136.69 -65.09 26.49
C SER TC 251 -136.79 -64.02 27.57
N PHE TC 252 -137.95 -63.94 28.22
CA PHE TC 252 -138.16 -63.08 29.37
C PHE TC 252 -138.71 -63.92 30.51
N VAL TC 253 -138.01 -63.93 31.64
CA VAL TC 253 -138.35 -64.75 32.78
C VAL TC 253 -138.53 -63.84 33.98
N LYS TC 254 -139.68 -63.93 34.65
CA LYS TC 254 -139.94 -63.18 35.87
C LYS TC 254 -140.42 -64.14 36.94
N THR TC 255 -139.59 -64.36 37.96
CA THR TC 255 -139.90 -65.29 39.03
C THR TC 255 -140.05 -64.53 40.34
N HIS TC 256 -141.18 -64.74 41.00
CA HIS TC 256 -141.45 -64.17 42.31
C HIS TC 256 -141.00 -65.16 43.38
N ASP TC 257 -141.49 -64.97 44.61
CA ASP TC 257 -141.10 -65.78 45.75
C ASP TC 257 -141.38 -67.26 45.56
N LYS TC 258 -140.31 -68.05 45.68
CA LYS TC 258 -140.32 -69.52 45.62
C LYS TC 258 -140.87 -70.02 44.28
N SER TC 259 -140.09 -69.73 43.24
CA SER TC 259 -140.37 -70.17 41.89
C SER TC 259 -139.11 -70.74 41.27
N VAL TC 260 -139.26 -71.87 40.57
CA VAL TC 260 -138.15 -72.59 39.98
C VAL TC 260 -138.34 -72.58 38.46
N ALA TC 261 -137.27 -72.26 37.73
CA ALA TC 261 -137.34 -72.19 36.28
C ALA TC 261 -136.09 -72.80 35.67
N GLU TC 262 -136.29 -73.64 34.67
CA GLU TC 262 -135.21 -74.26 33.90
C GLU TC 262 -135.33 -73.74 32.46
N ILE TC 263 -134.26 -73.12 31.97
CA ILE TC 263 -134.30 -72.30 30.76
C ILE TC 263 -133.36 -72.89 29.73
N SER TC 264 -133.73 -72.74 28.45
CA SER TC 264 -132.98 -73.23 27.29
C SER TC 264 -132.88 -72.13 26.23
N ALA TC 265 -132.49 -70.92 26.65
CA ALA TC 265 -132.46 -69.76 25.78
C ALA TC 265 -131.38 -69.87 24.70
N VAL TC 266 -131.59 -69.16 23.59
CA VAL TC 266 -130.75 -69.28 22.40
C VAL TC 266 -129.92 -68.04 22.16
N ASN TC 267 -130.55 -66.89 21.98
CA ASN TC 267 -129.84 -65.70 21.57
C ASN TC 267 -129.96 -64.54 22.54
N HIS TC 268 -131.15 -64.31 23.08
CA HIS TC 268 -131.38 -63.15 23.93
C HIS TC 268 -132.18 -63.58 25.15
N GLN TC 269 -131.59 -63.37 26.32
CA GLN TC 269 -132.12 -63.89 27.57
C GLN TC 269 -132.19 -62.77 28.59
N SER TC 270 -133.37 -62.59 29.18
CA SER TC 270 -133.59 -61.58 30.21
C SER TC 270 -134.27 -62.25 31.40
N SER TC 271 -133.72 -62.05 32.58
CA SER TC 271 -134.18 -62.78 33.76
C SER TC 271 -134.24 -61.87 34.97
N LEU TC 272 -135.35 -61.96 35.71
CA LEU TC 272 -135.53 -61.20 36.94
C LEU TC 272 -136.08 -62.13 38.01
N ALA TC 273 -135.42 -62.17 39.16
CA ALA TC 273 -135.83 -63.00 40.28
C ALA TC 273 -135.96 -62.12 41.52
N THR TC 274 -137.12 -62.17 42.16
CA THR TC 274 -137.35 -61.31 43.31
C THR TC 274 -136.61 -61.83 44.55
N ASP TC 275 -137.01 -63.01 45.02
CA ASP TC 275 -136.44 -63.60 46.22
C ASP TC 275 -136.80 -65.07 46.23
N ALA TC 276 -135.88 -65.88 46.77
CA ALA TC 276 -136.07 -67.32 47.02
C ALA TC 276 -136.41 -68.08 45.75
N SER TC 277 -135.97 -67.59 44.61
CA SER TC 277 -136.32 -68.15 43.31
C SER TC 277 -135.05 -68.59 42.61
N ASP TC 278 -135.15 -69.68 41.85
CA ASP TC 278 -134.00 -70.25 41.17
C ASP TC 278 -134.26 -70.28 39.67
N ILE TC 279 -133.29 -69.79 38.90
CA ILE TC 279 -133.37 -69.77 37.45
C ILE TC 279 -132.09 -70.41 36.92
N TYR TC 280 -132.24 -71.53 36.22
CA TYR TC 280 -131.09 -72.30 35.75
C TYR TC 280 -131.09 -72.28 34.22
N TYR TC 281 -130.17 -71.52 33.65
CA TYR TC 281 -130.04 -71.45 32.19
C TYR TC 281 -129.08 -72.54 31.74
N TYR TC 282 -129.51 -73.34 30.76
CA TYR TC 282 -128.72 -74.48 30.33
C TYR TC 282 -128.19 -74.31 28.92
N ASN TC 283 -128.05 -73.07 28.47
CA ASN TC 283 -127.39 -72.77 27.21
C ASN TC 283 -126.81 -71.37 27.31
N LEU TC 284 -125.83 -71.10 26.45
CA LEU TC 284 -125.11 -69.83 26.46
C LEU TC 284 -125.67 -68.94 25.37
N SER TC 285 -126.54 -68.00 25.76
CA SER TC 285 -127.09 -67.06 24.79
C SER TC 285 -126.04 -66.04 24.38
N LYS TC 286 -126.26 -65.44 23.21
CA LYS TC 286 -125.37 -64.38 22.76
C LYS TC 286 -125.55 -63.11 23.56
N THR TC 287 -126.69 -62.95 24.22
CA THR TC 287 -126.96 -61.83 25.10
C THR TC 287 -127.68 -62.37 26.32
N ARG TC 288 -127.15 -62.11 27.51
CA ARG TC 288 -127.65 -62.69 28.74
C ARG TC 288 -127.64 -61.62 29.82
N ALA TC 289 -128.80 -61.31 30.37
CA ALA TC 289 -128.91 -60.31 31.42
C ALA TC 289 -129.77 -60.86 32.55
N ASP TC 290 -129.25 -60.78 33.77
CA ASP TC 290 -129.90 -61.35 34.95
C ASP TC 290 -129.94 -60.32 36.06
N PHE TC 291 -130.99 -60.38 36.86
CA PHE TC 291 -131.13 -59.49 38.01
C PHE TC 291 -131.81 -60.21 39.16
N MET TC 292 -131.33 -59.92 40.38
CA MET TC 292 -131.95 -60.40 41.61
C MET TC 292 -132.35 -59.19 42.46
N ALA TC 293 -133.47 -59.33 43.16
CA ALA TC 293 -133.96 -58.26 44.02
C ALA TC 293 -133.60 -58.47 45.48
N PHE TC 294 -134.08 -59.54 46.09
CA PHE TC 294 -133.74 -59.84 47.48
C PHE TC 294 -132.95 -61.13 47.63
N ASN TC 295 -133.47 -62.25 47.13
CA ASN TC 295 -132.83 -63.54 47.36
C ASN TC 295 -132.89 -64.45 46.14
N GLY TC 296 -133.03 -63.89 44.94
CA GLY TC 296 -133.05 -64.72 43.76
C GLY TC 296 -131.68 -65.24 43.39
N SER TC 297 -131.66 -66.24 42.51
CA SER TC 297 -130.42 -66.85 42.10
C SER TC 297 -130.52 -67.33 40.67
N VAL TC 298 -129.47 -67.05 39.89
CA VAL TC 298 -129.37 -67.48 38.51
C VAL TC 298 -128.09 -68.30 38.37
N LEU TC 299 -128.22 -69.53 37.88
CA LEU TC 299 -127.10 -70.43 37.75
C LEU TC 299 -127.12 -71.13 36.39
N ASP TC 300 -125.91 -71.48 35.94
CA ASP TC 300 -125.78 -72.22 34.69
C ASP TC 300 -126.00 -73.72 34.91
N MET TC 301 -125.25 -74.30 35.85
CA MET TC 301 -125.35 -75.71 36.24
C MET TC 301 -125.15 -76.67 35.08
N ARG TC 302 -124.22 -76.34 34.19
CA ARG TC 302 -123.87 -77.29 33.15
C ARG TC 302 -122.88 -78.32 33.71
N GLU TC 303 -122.63 -79.36 32.90
CA GLU TC 303 -121.88 -80.51 33.39
C GLU TC 303 -120.39 -80.21 33.55
N TRP TC 304 -119.82 -79.39 32.66
CA TRP TC 304 -118.42 -78.99 32.51
C TRP TC 304 -117.54 -80.12 31.99
N GLY TC 305 -118.08 -81.32 31.80
CA GLY TC 305 -117.34 -82.43 31.25
C GLY TC 305 -117.46 -82.56 29.74
N GLN TC 306 -118.09 -81.60 29.09
CA GLN TC 306 -118.20 -81.62 27.63
C GLN TC 306 -116.83 -81.43 27.01
N SER TC 307 -116.52 -82.26 26.01
CA SER TC 307 -115.23 -82.20 25.35
C SER TC 307 -115.07 -80.95 24.48
N ASP TC 308 -116.16 -80.28 24.14
CA ASP TC 308 -116.13 -79.13 23.24
C ASP TC 308 -116.97 -77.99 23.80
N LEU TC 309 -116.79 -77.69 25.08
CA LEU TC 309 -117.52 -76.61 25.71
C LEU TC 309 -116.88 -75.27 25.37
N LYS TC 310 -117.71 -74.29 25.05
CA LYS TC 310 -117.27 -72.93 24.79
C LYS TC 310 -117.34 -72.10 26.07
N ASP TC 311 -116.50 -71.08 26.15
CA ASP TC 311 -116.43 -70.22 27.32
C ASP TC 311 -117.09 -68.87 27.04
N PHE TC 312 -116.99 -67.97 28.00
CA PHE TC 312 -117.52 -66.62 27.84
C PHE TC 312 -116.71 -65.84 26.82
N ASP TC 313 -117.33 -64.80 26.28
CA ASP TC 313 -116.77 -64.02 25.20
C ASP TC 313 -116.55 -62.58 25.68
N ARG TC 314 -116.20 -61.72 24.72
CA ARG TC 314 -116.05 -60.30 25.00
C ARG TC 314 -117.38 -59.66 25.37
N TYR TC 315 -118.48 -60.21 24.89
CA TYR TC 315 -119.79 -59.63 25.09
C TYR TC 315 -120.69 -60.43 26.01
N ASN TC 316 -120.38 -61.71 26.23
CA ASN TC 316 -121.15 -62.53 27.16
C ASN TC 316 -120.59 -62.48 28.57
N LYS TC 317 -119.55 -61.69 28.81
CA LYS TC 317 -118.88 -61.68 30.10
C LYS TC 317 -119.61 -60.71 31.03
N GLN TC 318 -120.75 -61.18 31.53
CA GLN TC 318 -121.52 -60.43 32.51
C GLN TC 318 -121.31 -61.03 33.89
N PHE TC 319 -121.10 -60.17 34.87
CA PHE TC 319 -120.76 -60.61 36.22
C PHE TC 319 -121.95 -60.44 37.15
N PRO TC 320 -122.54 -61.52 37.65
CA PRO TC 320 -123.64 -61.45 38.61
C PRO TC 320 -123.17 -61.15 40.03
N ASP UC 39 -87.39 -42.74 59.94
CA ASP UC 39 -86.70 -43.90 59.39
C ASP UC 39 -87.00 -45.15 60.22
N GLY UC 40 -87.97 -45.02 61.12
CA GLY UC 40 -88.40 -46.15 61.91
C GLY UC 40 -89.12 -47.19 61.09
N CYS UC 41 -88.50 -48.36 60.94
CA CYS UC 41 -89.03 -49.40 60.08
C CYS UC 41 -89.80 -50.48 60.85
N CYS UC 42 -89.22 -50.99 61.93
CA CYS UC 42 -89.95 -51.93 62.79
C CYS UC 42 -90.67 -51.21 63.93
N SER UC 43 -91.44 -50.19 63.56
CA SER UC 43 -92.21 -49.43 64.54
C SER UC 43 -93.39 -50.25 65.02
N LYS UC 44 -93.59 -50.26 66.34
CA LYS UC 44 -94.53 -51.14 67.04
C LYS UC 44 -94.28 -52.61 66.72
N MET UC 45 -92.99 -52.95 66.53
CA MET UC 45 -92.54 -54.31 66.32
C MET UC 45 -91.41 -54.57 67.29
N GLY UC 46 -90.69 -55.66 67.12
CA GLY UC 46 -89.60 -55.95 68.03
C GLY UC 46 -88.34 -55.13 67.84
N GLY UC 47 -88.32 -54.21 66.88
CA GLY UC 47 -87.09 -53.57 66.47
C GLY UC 47 -86.37 -54.46 65.48
N ILE UC 48 -85.34 -53.89 64.85
CA ILE UC 48 -84.59 -54.64 63.85
C ILE UC 48 -83.73 -55.70 64.53
N ASN UC 49 -83.41 -56.75 63.78
CA ASN UC 49 -82.36 -57.67 64.18
C ASN UC 49 -81.07 -57.37 63.42
N TYR UC 50 -81.12 -57.45 62.10
CA TYR UC 50 -80.00 -57.15 61.21
C TYR UC 50 -80.56 -57.09 59.78
N CYS UC 51 -79.66 -56.85 58.84
CA CYS UC 51 -79.99 -56.82 57.43
C CYS UC 51 -79.60 -58.14 56.80
N ASP UC 52 -80.60 -58.96 56.47
CA ASP UC 52 -80.33 -60.17 55.69
C ASP UC 52 -79.96 -59.73 54.28
N SER UC 53 -78.69 -59.89 53.94
CA SER UC 53 -78.17 -59.40 52.67
C SER UC 53 -78.47 -60.31 51.50
N SER UC 54 -78.97 -61.52 51.75
CA SER UC 54 -79.43 -62.38 50.67
C SER UC 54 -80.60 -61.76 49.96
N ALA UC 55 -81.52 -61.16 50.71
CA ALA UC 55 -82.61 -60.39 50.14
C ALA UC 55 -82.34 -58.89 50.15
N GLY UC 56 -81.28 -58.46 50.82
CA GLY UC 56 -81.05 -57.03 51.01
C GLY UC 56 -82.11 -56.36 51.84
N ARG UC 57 -82.64 -57.08 52.83
CA ARG UC 57 -83.82 -56.62 53.57
C ARG UC 57 -83.54 -56.61 55.06
N LEU UC 58 -84.01 -55.57 55.73
CA LEU UC 58 -83.96 -55.52 57.18
C LEU UC 58 -84.97 -56.50 57.76
N VAL UC 59 -84.58 -57.19 58.82
CA VAL UC 59 -85.43 -58.18 59.47
C VAL UC 59 -85.72 -57.71 60.88
N CYS UC 60 -87.00 -57.61 61.21
CA CYS UC 60 -87.39 -57.19 62.54
C CYS UC 60 -87.15 -58.32 63.55
N ASN UC 61 -87.18 -57.97 64.83
CA ASN UC 61 -86.89 -58.95 65.88
C ASN UC 61 -88.00 -59.99 65.98
N ASN UC 62 -89.26 -59.58 65.88
CA ASN UC 62 -90.29 -60.52 65.51
C ASN UC 62 -90.04 -60.94 64.07
N GLY UC 63 -90.16 -62.23 63.80
CA GLY UC 63 -89.58 -62.83 62.60
C GLY UC 63 -90.23 -62.47 61.28
N PHE UC 64 -90.24 -61.18 60.96
CA PHE UC 64 -90.86 -60.69 59.73
C PHE UC 64 -89.85 -59.86 58.96
N TYR UC 65 -90.04 -59.81 57.65
CA TYR UC 65 -89.22 -58.96 56.81
C TYR UC 65 -89.79 -57.55 56.81
N SER UC 66 -88.96 -56.58 57.19
CA SER UC 66 -89.38 -55.19 57.12
C SER UC 66 -89.47 -54.72 55.67
N THR UC 67 -90.36 -53.77 55.43
CA THR UC 67 -90.50 -53.21 54.10
C THR UC 67 -89.32 -52.34 53.70
N CYS UC 68 -88.54 -51.87 54.67
CA CYS UC 68 -87.35 -51.10 54.35
C CYS UC 68 -86.27 -52.01 53.79
N TYR UC 69 -85.36 -51.41 53.03
CA TYR UC 69 -84.22 -52.11 52.47
C TYR UC 69 -82.95 -51.67 53.17
N CYS UC 70 -81.85 -52.37 52.86
CA CYS UC 70 -80.54 -51.95 53.34
C CYS UC 70 -79.47 -51.91 52.26
N THR UC 71 -79.57 -52.71 51.20
CA THR UC 71 -78.56 -52.74 50.15
C THR UC 71 -79.14 -52.28 48.84
N ARG UC 72 -78.24 -51.88 47.93
CA ARG UC 72 -78.64 -51.65 46.55
C ARG UC 72 -79.01 -52.94 45.83
N HIS UC 73 -78.51 -54.08 46.31
CA HIS UC 73 -78.80 -55.37 45.69
C HIS UC 73 -80.12 -55.91 46.25
N ALA UC 74 -81.21 -55.31 45.78
CA ALA UC 74 -82.56 -55.73 46.16
C ALA UC 74 -83.51 -55.31 45.06
N VAL UC 75 -84.69 -55.93 45.07
CA VAL UC 75 -85.67 -55.72 44.00
C VAL UC 75 -86.50 -54.48 44.31
N MET UC 76 -86.23 -53.40 43.57
CA MET UC 76 -87.08 -52.23 43.57
C MET UC 76 -88.09 -52.37 42.44
N ASP UC 77 -88.77 -51.27 42.09
CA ASP UC 77 -89.56 -51.20 40.87
C ASP UC 77 -89.25 -49.85 40.22
N LEU UC 78 -88.24 -49.83 39.38
CA LEU UC 78 -87.80 -48.60 38.73
C LEU UC 78 -88.61 -48.39 37.47
N GLN UC 79 -89.29 -47.25 37.39
CA GLN UC 79 -90.04 -46.87 36.21
C GLN UC 79 -89.70 -45.46 35.73
N PHE UC 80 -88.64 -44.86 36.24
CA PHE UC 80 -88.29 -43.49 35.89
C PHE UC 80 -86.81 -43.29 36.16
N LEU UC 81 -86.07 -42.85 35.15
CA LEU UC 81 -84.65 -42.55 35.31
C LEU UC 81 -84.30 -41.27 34.56
N MET UC 82 -83.28 -40.59 35.07
CA MET UC 82 -82.73 -39.41 34.43
C MET UC 82 -81.60 -39.83 33.50
N GLY UC 83 -80.82 -38.85 33.04
CA GLY UC 83 -79.66 -39.12 32.22
C GLY UC 83 -79.84 -38.58 30.81
N CYS UC 84 -78.84 -38.85 29.99
CA CYS UC 84 -78.85 -38.47 28.58
C CYS UC 84 -78.40 -39.65 27.74
N CYS UC 85 -78.87 -39.67 26.49
CA CYS UC 85 -78.59 -40.72 25.50
C CYS UC 85 -78.98 -42.10 26.02
N LEU UC 86 -80.16 -42.19 26.62
CA LEU UC 86 -80.64 -43.47 27.11
C LEU UC 86 -81.08 -44.33 25.93
N TRP UC 87 -80.85 -45.64 26.06
CA TRP UC 87 -80.95 -46.61 24.97
C TRP UC 87 -80.13 -46.17 23.76
N HIS UC 88 -78.94 -45.65 24.03
CA HIS UC 88 -77.99 -45.23 23.01
C HIS UC 88 -76.60 -45.51 23.55
N GLY UC 89 -75.59 -44.89 22.96
CA GLY UC 89 -74.23 -45.08 23.38
C GLY UC 89 -73.84 -44.36 24.65
N GLY UC 90 -74.77 -43.67 25.30
CA GLY UC 90 -74.43 -42.90 26.47
C GLY UC 90 -73.88 -41.54 26.08
N VAL UC 91 -73.44 -40.81 27.09
CA VAL UC 91 -72.87 -39.49 26.85
C VAL UC 91 -71.43 -39.67 26.41
N TYR UC 92 -71.07 -39.03 25.31
CA TYR UC 92 -69.69 -39.07 24.85
C TYR UC 92 -68.81 -38.24 25.78
N PRO UC 93 -67.69 -38.77 26.26
CA PRO UC 93 -66.94 -38.10 27.32
C PRO UC 93 -66.08 -36.94 26.87
N GLN UC 94 -65.94 -36.71 25.57
CA GLN UC 94 -65.04 -35.66 25.09
C GLN UC 94 -65.64 -34.28 25.30
N LEU UC 95 -64.81 -33.38 25.83
CA LEU UC 95 -65.20 -31.99 26.01
C LEU UC 95 -65.25 -31.30 24.66
N ASN UC 96 -66.42 -31.26 24.03
CA ASN UC 96 -66.54 -30.74 22.68
C ASN UC 96 -66.57 -29.22 22.68
N SER UC 97 -66.14 -28.65 21.55
CA SER UC 97 -66.27 -27.21 21.36
C SER UC 97 -67.72 -26.80 21.18
N SER UC 98 -68.47 -27.55 20.38
CA SER UC 98 -69.88 -27.25 20.18
C SER UC 98 -70.68 -27.58 21.43
N GLY UC 99 -71.69 -26.75 21.71
CA GLY UC 99 -72.46 -26.90 22.93
C GLY UC 99 -73.43 -28.06 22.92
N LEU UC 100 -73.68 -28.66 21.77
CA LEU UC 100 -74.55 -29.83 21.71
C LEU UC 100 -73.85 -31.05 22.30
N VAL UC 101 -74.65 -31.98 22.81
CA VAL UC 101 -74.16 -33.26 23.32
C VAL UC 101 -74.61 -34.35 22.36
N VAL UC 102 -73.67 -35.14 21.88
CA VAL UC 102 -73.90 -36.18 20.89
C VAL UC 102 -73.56 -37.52 21.53
N CYS UC 103 -74.46 -38.50 21.36
CA CYS UC 103 -74.26 -39.82 21.94
C CYS UC 103 -73.10 -40.55 21.23
N ASN UC 104 -72.67 -41.64 21.85
CA ASN UC 104 -71.55 -42.42 21.32
C ASN UC 104 -71.89 -43.15 20.03
N ASP UC 105 -73.16 -43.28 19.69
CA ASP UC 105 -73.57 -43.85 18.42
C ASP UC 105 -73.67 -42.80 17.32
N GLY UC 106 -73.32 -41.55 17.60
CA GLY UC 106 -73.47 -40.47 16.66
C GLY UC 106 -74.80 -39.76 16.72
N TYR UC 107 -75.75 -40.28 17.48
CA TYR UC 107 -77.00 -39.57 17.68
C TYR UC 107 -76.79 -38.37 18.56
N VAL UC 108 -77.52 -37.30 18.30
CA VAL UC 108 -77.35 -36.04 19.03
C VAL UC 108 -78.47 -35.91 20.06
N SER UC 109 -78.09 -35.55 21.28
CA SER UC 109 -79.04 -35.35 22.36
C SER UC 109 -79.38 -33.86 22.41
N GLU UC 110 -80.34 -33.45 21.59
CA GLU UC 110 -80.72 -32.05 21.54
C GLU UC 110 -81.46 -31.61 22.79
N GLU UC 111 -82.10 -32.53 23.50
CA GLU UC 111 -82.79 -32.17 24.73
C GLU UC 111 -81.80 -31.84 25.84
N CYS UC 112 -80.74 -32.64 25.98
CA CYS UC 112 -79.70 -32.30 26.93
C CYS UC 112 -78.80 -31.19 26.41
N SER UC 113 -78.81 -30.94 25.10
CA SER UC 113 -78.08 -29.82 24.54
C SER UC 113 -78.76 -28.51 24.94
N LEU UC 114 -77.96 -27.47 25.08
CA LEU UC 114 -78.52 -26.15 25.31
C LEU UC 114 -79.12 -25.61 24.02
N GLN UC 115 -80.00 -24.63 24.18
CA GLN UC 115 -80.80 -24.12 23.08
C GLN UC 115 -80.29 -22.76 22.63
N LYS UC 116 -80.58 -22.43 21.37
CA LYS UC 116 -80.34 -21.10 20.83
C LYS UC 116 -81.29 -20.81 19.69
N UNK VC 1 -100.84 -71.74 46.51
CA UNK VC 1 -100.65 -72.41 47.79
C UNK VC 1 -101.87 -73.24 48.16
N UNK VC 2 -103.02 -72.56 48.30
CA UNK VC 2 -104.33 -73.13 48.57
C UNK VC 2 -104.39 -73.90 49.89
N UNK VC 3 -103.48 -73.61 50.82
CA UNK VC 3 -103.45 -74.29 52.11
C UNK VC 3 -102.69 -73.42 53.10
N UNK VC 4 -103.39 -72.89 54.09
CA UNK VC 4 -102.70 -72.20 55.17
C UNK VC 4 -102.03 -73.19 56.11
N UNK VC 5 -102.71 -74.28 56.43
CA UNK VC 5 -102.19 -75.31 57.34
C UNK VC 5 -102.57 -76.66 56.74
N UNK VC 6 -101.68 -77.21 55.93
CA UNK VC 6 -101.92 -78.52 55.31
C UNK VC 6 -101.89 -79.62 56.36
N UNK VC 7 -102.83 -80.55 56.24
CA UNK VC 7 -102.94 -81.62 57.22
C UNK VC 7 -101.78 -82.60 57.10
N UNK VC 8 -101.52 -83.31 58.18
CA UNK VC 8 -100.51 -84.36 58.22
C UNK VC 8 -101.21 -85.64 58.65
N UNK VC 9 -101.73 -86.37 57.66
CA UNK VC 9 -102.50 -87.63 57.83
C UNK VC 9 -103.67 -87.49 58.80
N UNK WC 1 -59.18 -50.97 -87.98
CA UNK WC 1 -57.98 -50.97 -87.14
C UNK WC 1 -57.81 -52.32 -86.46
N UNK WC 2 -57.80 -52.31 -85.13
CA UNK WC 2 -57.73 -53.54 -84.36
C UNK WC 2 -59.04 -54.31 -84.49
N UNK WC 3 -58.94 -55.64 -84.40
CA UNK WC 3 -60.09 -56.52 -84.60
C UNK WC 3 -60.60 -56.98 -83.24
N UNK WC 4 -61.64 -56.29 -82.74
CA UNK WC 4 -62.26 -56.68 -81.48
C UNK WC 4 -63.02 -57.99 -81.62
N UNK WC 5 -63.55 -58.29 -82.81
CA UNK WC 5 -64.17 -59.58 -83.06
C UNK WC 5 -63.17 -60.71 -82.97
N UNK WC 6 -61.97 -60.52 -83.53
CA UNK WC 6 -60.92 -61.52 -83.39
C UNK WC 6 -60.40 -61.59 -81.95
N UNK WC 7 -60.43 -60.47 -81.22
CA UNK WC 7 -60.03 -60.49 -79.82
C UNK WC 7 -61.01 -61.30 -78.97
N UNK WC 8 -62.32 -61.12 -79.20
CA UNK WC 8 -63.32 -61.91 -78.49
C UNK WC 8 -63.28 -63.37 -78.93
N UNK WC 9 -62.96 -63.63 -80.20
CA UNK WC 9 -62.79 -65.01 -80.67
C UNK WC 9 -61.58 -65.67 -80.02
N UNK WC 10 -60.50 -64.91 -79.82
CA UNK WC 10 -59.33 -65.43 -79.11
C UNK WC 10 -59.64 -65.68 -77.65
N UNK WC 11 -60.46 -64.82 -77.03
CA UNK WC 11 -60.91 -65.04 -75.67
C UNK WC 11 -61.76 -66.30 -75.57
N UNK WC 12 -62.63 -66.52 -76.56
CA UNK WC 12 -63.45 -67.73 -76.59
C UNK WC 12 -62.60 -68.97 -76.82
N UNK WC 13 -61.56 -68.86 -77.64
CA UNK WC 13 -60.64 -69.98 -77.86
C UNK WC 13 -59.83 -70.28 -76.60
N UNK WC 14 -59.44 -69.25 -75.86
CA UNK WC 14 -58.72 -69.46 -74.61
C UNK WC 14 -59.63 -70.07 -73.55
N UNK WC 15 -60.92 -69.73 -73.56
CA UNK WC 15 -61.87 -70.40 -72.69
C UNK WC 15 -62.05 -71.86 -73.09
N UNK WC 16 -62.32 -72.11 -74.36
CA UNK WC 16 -62.43 -73.47 -74.89
C UNK WC 16 -61.12 -73.90 -75.55
N UNK WC 17 -60.05 -73.84 -74.77
CA UNK WC 17 -58.73 -74.27 -75.24
C UNK WC 17 -58.66 -75.78 -75.42
N UNK WC 18 -59.52 -76.53 -74.71
CA UNK WC 18 -59.60 -77.99 -74.77
C UNK WC 18 -58.27 -78.67 -74.44
N UNK WC 19 -57.65 -78.20 -73.34
CA UNK WC 19 -56.40 -78.77 -72.88
C UNK WC 19 -56.27 -78.55 -71.38
N UNK WC 20 -55.89 -79.60 -70.66
CA UNK WC 20 -55.63 -79.53 -69.23
C UNK WC 20 -54.74 -80.69 -68.84
N UNK WC 21 -53.70 -80.42 -68.05
CA UNK WC 21 -52.76 -81.45 -67.62
C UNK WC 21 -52.27 -81.15 -66.22
N UNK WC 22 -52.05 -82.20 -65.44
CA UNK WC 22 -51.63 -82.04 -64.05
C UNK WC 22 -50.84 -83.27 -63.61
N UNK WC 23 -50.08 -83.11 -62.54
CA UNK WC 23 -49.33 -84.20 -61.93
C UNK WC 23 -49.28 -83.99 -60.43
N UNK WC 24 -49.61 -85.02 -59.66
CA UNK WC 24 -49.65 -84.91 -58.22
C UNK WC 24 -48.54 -85.74 -57.60
N UNK WC 25 -48.37 -85.57 -56.29
CA UNK WC 25 -47.36 -86.32 -55.57
C UNK WC 25 -47.82 -86.52 -54.13
N UNK WC 26 -47.24 -87.53 -53.48
CA UNK WC 26 -47.50 -87.83 -52.09
C UNK WC 26 -46.51 -87.07 -51.22
N UNK WC 27 -46.44 -87.43 -49.94
CA UNK WC 27 -45.55 -86.75 -48.99
C UNK WC 27 -44.17 -87.38 -48.92
N UNK WC 28 -43.87 -88.37 -49.76
CA UNK WC 28 -42.58 -89.06 -49.73
C UNK WC 28 -42.03 -89.26 -51.14
N UNK WC 29 -42.12 -88.21 -51.96
CA UNK WC 29 -41.56 -88.14 -53.32
C UNK WC 29 -42.09 -89.25 -54.23
N UNK WC 30 -43.37 -89.59 -54.07
CA UNK WC 30 -44.04 -90.56 -54.91
C UNK WC 30 -44.95 -89.81 -55.87
N UNK WC 31 -44.64 -89.89 -57.17
CA UNK WC 31 -45.35 -89.13 -58.18
C UNK WC 31 -46.52 -89.93 -58.74
N UNK WC 32 -47.51 -89.22 -59.27
CA UNK WC 32 -48.67 -89.85 -59.87
C UNK WC 32 -49.22 -88.94 -60.95
N UNK WC 33 -49.67 -89.54 -62.05
CA UNK WC 33 -50.25 -88.81 -63.17
C UNK WC 33 -51.19 -89.73 -63.93
N UNK WC 34 -52.09 -89.12 -64.70
CA UNK WC 34 -53.00 -89.87 -65.55
C UNK WC 34 -53.01 -89.28 -66.95
N UNK WC 35 -53.94 -89.73 -67.79
CA UNK WC 35 -54.09 -89.15 -69.12
C UNK WC 35 -54.68 -87.75 -69.01
N UNK WC 36 -54.22 -86.86 -69.90
CA UNK WC 36 -54.70 -85.49 -69.89
C UNK WC 36 -56.12 -85.41 -70.43
N UNK WC 37 -56.99 -84.71 -69.70
CA UNK WC 37 -58.39 -84.61 -70.06
C UNK WC 37 -58.90 -83.22 -69.68
N UNK WC 38 -60.00 -82.84 -70.34
CA UNK WC 38 -60.71 -81.56 -70.16
C UNK WC 38 -59.81 -80.34 -70.34
N UNK WC 39 -46.50 -80.54 -51.46
CA UNK WC 39 -46.53 -81.89 -50.92
C UNK WC 39 -47.62 -82.71 -51.59
N UNK WC 40 -48.81 -82.72 -50.98
CA UNK WC 40 -49.90 -83.53 -51.51
C UNK WC 40 -50.54 -82.89 -52.73
N UNK WC 41 -50.68 -81.56 -52.74
CA UNK WC 41 -51.37 -80.83 -53.81
C UNK WC 41 -50.35 -80.07 -54.64
N UNK WC 42 -49.87 -80.70 -55.70
CA UNK WC 42 -48.92 -80.08 -56.63
C UNK WC 42 -49.71 -79.26 -57.65
N UNK WC 43 -50.14 -78.07 -57.21
CA UNK WC 43 -50.89 -77.18 -58.08
C UNK WC 43 -50.03 -76.53 -59.15
N UNK WC 44 -48.70 -76.59 -59.00
CA UNK WC 44 -47.81 -76.06 -60.04
C UNK WC 44 -47.87 -76.89 -61.31
N UNK WC 45 -48.02 -78.21 -61.19
CA UNK WC 45 -48.10 -79.06 -62.37
C UNK WC 45 -49.46 -78.97 -63.06
N UNK WC 46 -50.46 -78.40 -62.40
CA UNK WC 46 -51.77 -78.23 -63.01
C UNK WC 46 -51.73 -77.09 -64.01
N UNK WC 47 -51.98 -77.39 -65.27
CA UNK WC 47 -51.89 -76.41 -66.34
C UNK WC 47 -52.77 -76.85 -67.49
N UNK WC 48 -52.90 -75.97 -68.49
CA UNK WC 48 -53.65 -76.29 -69.69
C UNK WC 48 -52.84 -77.18 -70.63
N LYS XC 24 -119.94 -49.63 51.74
CA LYS XC 24 -120.90 -48.57 51.49
C LYS XC 24 -120.43 -47.64 50.39
N PHE XC 25 -119.29 -47.00 50.62
CA PHE XC 25 -118.70 -46.12 49.61
C PHE XC 25 -118.05 -46.99 48.54
N LYS XC 26 -118.84 -47.35 47.54
CA LYS XC 26 -118.37 -48.18 46.44
C LYS XC 26 -117.53 -47.31 45.51
N LYS XC 27 -116.24 -47.56 45.48
CA LYS XC 27 -115.35 -46.75 44.69
C LYS XC 27 -115.33 -47.24 43.24
N PRO XC 28 -115.01 -46.35 42.29
CA PRO XC 28 -114.79 -46.80 40.91
C PRO XC 28 -113.46 -47.53 40.80
N PRO XC 29 -113.24 -48.25 39.69
CA PRO XC 29 -111.91 -48.84 39.45
C PRO XC 29 -110.83 -47.77 39.36
N ILE XC 30 -109.64 -48.14 39.85
CA ILE XC 30 -108.57 -47.17 40.04
C ILE XC 30 -108.00 -46.70 38.71
N ASN XC 31 -107.64 -47.64 37.83
CA ASN XC 31 -107.15 -47.27 36.51
C ASN XC 31 -108.27 -47.27 35.48
N ASN XC 32 -109.34 -46.56 35.81
CA ASN XC 32 -110.42 -46.41 34.86
C ASN XC 32 -109.99 -45.47 33.73
N PRO XC 33 -110.28 -45.82 32.49
CA PRO XC 33 -109.98 -44.91 31.39
C PRO XC 33 -110.96 -43.74 31.39
N SER XC 34 -110.66 -42.70 32.17
CA SER XC 34 -111.59 -41.59 32.37
C SER XC 34 -111.35 -40.45 31.39
N ASP XC 35 -110.87 -40.75 30.18
CA ASP XC 35 -110.54 -39.71 29.22
C ASP XC 35 -110.77 -40.27 27.82
N ASP XC 36 -111.11 -39.35 26.90
CA ASP XC 36 -111.40 -39.75 25.52
C ASP XC 36 -110.17 -40.30 24.82
N ALA XC 37 -109.01 -39.68 25.02
CA ALA XC 37 -107.77 -40.23 24.47
C ALA XC 37 -107.45 -41.57 25.07
N THR XC 38 -107.72 -41.73 26.37
CA THR XC 38 -107.45 -42.99 27.04
C THR XC 38 -108.34 -44.11 26.53
N ILE XC 39 -109.64 -43.83 26.33
CA ILE XC 39 -110.52 -44.87 25.83
C ILE XC 39 -110.23 -45.16 24.36
N LYS XC 40 -109.78 -44.15 23.61
CA LYS XC 40 -109.39 -44.40 22.22
C LYS XC 40 -108.17 -45.29 22.15
N LEU XC 41 -107.17 -45.03 22.99
CA LEU XC 41 -105.96 -45.85 23.03
C LEU XC 41 -106.27 -47.27 23.49
N ALA XC 42 -107.13 -47.41 24.51
CA ALA XC 42 -107.44 -48.74 25.02
C ALA XC 42 -108.28 -49.53 24.02
N GLU XC 43 -109.20 -48.86 23.33
CA GLU XC 43 -109.99 -49.51 22.29
C GLU XC 43 -109.10 -49.94 21.14
N ALA XC 44 -108.12 -49.11 20.79
CA ALA XC 44 -107.18 -49.46 19.74
C ALA XC 44 -106.34 -50.66 20.15
N ALA XC 45 -105.95 -50.73 21.42
CA ALA XC 45 -105.21 -51.87 21.94
C ALA XC 45 -106.05 -53.15 21.87
N VAL XC 46 -107.33 -53.03 22.22
CA VAL XC 46 -108.25 -54.17 22.14
C VAL XC 46 -108.37 -54.66 20.70
N SER XC 47 -108.52 -53.72 19.76
CA SER XC 47 -108.66 -54.05 18.35
C SER XC 47 -107.41 -54.70 17.79
N VAL XC 48 -106.23 -54.17 18.13
CA VAL XC 48 -105.01 -54.72 17.56
C VAL XC 48 -104.68 -56.06 18.20
N SER XC 49 -105.07 -56.26 19.46
CA SER XC 49 -104.89 -57.58 20.09
C SER XC 49 -105.79 -58.61 19.45
N ASP XC 50 -107.03 -58.23 19.14
CA ASP XC 50 -107.95 -59.12 18.45
C ASP XC 50 -107.45 -59.46 17.05
N SER XC 51 -106.91 -58.45 16.34
CA SER XC 51 -106.40 -58.68 14.99
C SER XC 51 -105.18 -59.59 15.01
N MET XC 52 -104.27 -59.40 15.98
CA MET XC 52 -103.10 -60.24 16.07
C MET XC 52 -103.46 -61.67 16.47
N LEU XC 53 -104.46 -61.81 17.34
CA LEU XC 53 -104.95 -63.14 17.71
C LEU XC 53 -105.55 -63.86 16.50
N GLU XC 54 -106.32 -63.13 15.70
CA GLU XC 54 -106.88 -63.70 14.48
C GLU XC 54 -105.80 -64.09 13.48
N MET XC 55 -104.78 -63.23 13.33
CA MET XC 55 -103.69 -63.51 12.42
C MET XC 55 -102.90 -64.74 12.87
N ALA XC 56 -102.65 -64.85 14.18
CA ALA XC 56 -101.95 -66.00 14.72
C ALA XC 56 -102.76 -67.27 14.55
N LYS XC 57 -104.08 -67.18 14.72
CA LYS XC 57 -104.95 -68.32 14.52
C LYS XC 57 -104.92 -68.80 13.07
N VAL XC 58 -104.98 -67.85 12.13
CA VAL XC 58 -105.00 -68.25 10.73
C VAL XC 58 -103.63 -68.68 10.23
N GLU XC 59 -102.55 -68.27 10.90
CA GLU XC 59 -101.23 -68.68 10.49
C GLU XC 59 -100.70 -69.86 11.27
N LYS XC 60 -101.42 -70.32 12.28
CA LYS XC 60 -100.95 -71.45 13.07
C LYS XC 60 -101.03 -72.75 12.28
N VAL XC 61 -99.97 -73.54 12.36
CA VAL XC 61 -99.87 -74.82 11.68
C VAL XC 61 -99.61 -75.89 12.72
N ILE XC 62 -100.41 -76.96 12.69
CA ILE XC 62 -100.39 -77.97 13.74
C ILE XC 62 -100.56 -79.35 13.12
N THR XC 63 -100.36 -80.38 13.97
CA THR XC 63 -100.48 -81.78 13.64
C THR XC 63 -101.66 -82.38 14.39
N PRO XC 64 -102.38 -83.33 13.78
CA PRO XC 64 -103.55 -83.90 14.45
C PRO XC 64 -103.13 -84.83 15.58
N PRO XC 65 -103.98 -85.01 16.59
CA PRO XC 65 -103.69 -85.98 17.65
C PRO XC 65 -103.91 -87.44 17.26
N SER XC 66 -104.23 -87.71 16.00
CA SER XC 66 -104.19 -89.07 15.47
C SER XC 66 -102.83 -89.36 14.87
N LYS XC 67 -102.27 -88.41 14.13
CA LYS XC 67 -100.96 -88.57 13.48
C LYS XC 67 -99.85 -87.97 14.31
N ASP XC 68 -100.05 -87.80 15.62
CA ASP XC 68 -98.98 -87.37 16.51
C ASP XC 68 -97.98 -88.51 16.66
N ASN XC 69 -96.89 -88.45 15.89
CA ASN XC 69 -95.98 -89.57 15.78
C ASN XC 69 -94.96 -89.54 16.92
N THR XC 70 -95.47 -89.85 18.11
CA THR XC 70 -94.63 -90.00 19.30
C THR XC 70 -94.93 -91.34 19.94
N LEU XC 71 -93.88 -92.10 20.25
CA LEU XC 71 -94.06 -93.37 20.93
C LEU XC 71 -94.40 -93.13 22.39
N THR XC 72 -95.51 -93.72 22.83
CA THR XC 72 -96.01 -93.49 24.17
C THR XC 72 -95.28 -94.41 25.16
N ILE XC 73 -95.81 -94.49 26.37
CA ILE XC 73 -95.24 -95.35 27.41
C ILE XC 73 -95.49 -96.81 27.06
N PRO XC 74 -94.46 -97.67 27.07
CA PRO XC 74 -94.69 -99.09 26.81
C PRO XC 74 -95.40 -99.83 27.93
N ASN XC 75 -95.53 -99.21 29.10
CA ASN XC 75 -96.30 -99.71 30.26
C ASN XC 75 -95.73 -101.03 30.76
N ALA XC 76 -94.47 -100.98 31.20
CA ALA XC 76 -93.81 -102.08 31.87
C ALA XC 76 -93.45 -101.64 33.28
N TYR XC 77 -93.66 -102.55 34.25
CA TYR XC 77 -93.47 -102.21 35.66
C TYR XC 77 -92.00 -101.95 35.97
N ASN XC 78 -91.09 -102.67 35.32
CA ASN XC 78 -89.67 -102.45 35.51
C ASN XC 78 -89.19 -101.17 34.86
N LEU XC 79 -89.98 -100.57 33.98
CA LEU XC 79 -89.65 -99.31 33.34
C LEU XC 79 -90.07 -98.11 34.17
N GLN XC 80 -90.68 -98.34 35.32
CA GLN XC 80 -91.22 -97.26 36.14
C GLN XC 80 -90.21 -96.71 37.13
N ALA XC 81 -88.95 -97.12 37.04
CA ALA XC 81 -87.93 -96.65 37.96
C ALA XC 81 -87.56 -95.20 37.67
N ARG XC 82 -87.07 -94.53 38.69
CA ARG XC 82 -86.65 -93.13 38.59
C ARG XC 82 -85.13 -93.05 38.64
N ALA XC 83 -84.60 -91.96 38.07
CA ALA XC 83 -83.16 -91.81 37.92
C ALA XC 83 -82.82 -90.34 37.84
N SER XC 84 -81.53 -90.05 37.77
CA SER XC 84 -81.00 -88.71 37.52
C SER XC 84 -79.88 -88.86 36.51
N VAL XC 85 -80.07 -88.32 35.31
CA VAL XC 85 -79.15 -88.57 34.21
C VAL XC 85 -78.75 -87.24 33.59
N ASP XC 86 -77.45 -86.98 33.52
CA ASP XC 86 -76.91 -85.88 32.73
C ASP XC 86 -76.03 -86.46 31.64
N TRP XC 87 -76.27 -86.04 30.41
CA TRP XC 87 -75.55 -86.58 29.27
C TRP XC 87 -75.60 -85.56 28.13
N SER XC 88 -74.51 -85.52 27.36
CA SER XC 88 -74.48 -84.75 26.13
C SER XC 88 -73.52 -85.47 25.19
N GLY XC 89 -74.06 -86.28 24.28
CA GLY XC 89 -73.23 -87.01 23.36
C GLY XC 89 -74.01 -88.01 22.54
N PRO XC 90 -73.34 -89.07 22.11
CA PRO XC 90 -73.97 -90.05 21.22
C PRO XC 90 -75.09 -90.82 21.91
N ILE XC 91 -76.07 -91.21 21.10
CA ILE XC 91 -77.27 -91.84 21.61
C ILE XC 91 -77.01 -93.28 22.06
N GLU XC 92 -76.07 -93.97 21.39
CA GLU XC 92 -75.97 -95.42 21.48
C GLU XC 92 -75.46 -95.88 22.84
N GLU XC 93 -74.43 -95.20 23.37
CA GLU XC 93 -73.90 -95.53 24.69
C GLU XC 93 -74.95 -95.31 25.77
N LEU XC 94 -75.69 -94.21 25.66
CA LEU XC 94 -76.74 -93.89 26.63
C LEU XC 94 -77.87 -94.90 26.58
N THR XC 95 -78.31 -95.30 25.40
CA THR XC 95 -79.43 -96.22 25.34
C THR XC 95 -79.03 -97.64 25.72
N ALA XC 96 -77.78 -98.03 25.45
CA ALA XC 96 -77.31 -99.33 25.94
C ALA XC 96 -77.20 -99.32 27.45
N ARG XC 97 -76.77 -98.18 28.03
CA ARG XC 97 -76.70 -98.07 29.47
C ARG XC 97 -78.07 -98.14 30.12
N ILE XC 98 -79.06 -97.46 29.54
CA ILE XC 98 -80.38 -97.48 30.16
C ILE XC 98 -81.08 -98.83 29.93
N ALA XC 99 -80.76 -99.52 28.83
CA ALA XC 99 -81.32 -100.85 28.61
C ALA XC 99 -80.73 -101.85 29.59
N LYS XC 100 -79.43 -101.74 29.87
CA LYS XC 100 -78.83 -102.60 30.88
C LYS XC 100 -79.33 -102.24 32.27
N ALA XC 101 -79.66 -100.97 32.50
CA ALA XC 101 -80.28 -100.58 33.77
C ALA XC 101 -81.67 -101.18 33.91
N ALA XC 102 -82.40 -101.28 32.80
CA ALA XC 102 -83.75 -101.81 32.83
C ALA XC 102 -83.83 -103.31 32.59
N HIS XC 103 -82.67 -103.98 32.42
CA HIS XC 103 -82.56 -105.43 32.20
C HIS XC 103 -83.33 -105.88 30.97
N PHE XC 104 -83.15 -105.15 29.87
CA PHE XC 104 -83.73 -105.49 28.59
C PHE XC 104 -82.61 -105.69 27.58
N ARG XC 105 -82.81 -106.64 26.68
CA ARG XC 105 -81.86 -106.80 25.58
C ARG XC 105 -81.98 -105.61 24.63
N PHE XC 106 -80.88 -105.28 23.97
CA PHE XC 106 -80.85 -104.12 23.09
C PHE XC 106 -80.14 -104.45 21.79
N ARG XC 107 -80.73 -104.03 20.68
CA ARG XC 107 -80.16 -104.28 19.37
C ARG XC 107 -80.33 -103.05 18.48
N VAL XC 108 -79.64 -103.08 17.33
CA VAL XC 108 -79.59 -101.95 16.42
C VAL XC 108 -79.76 -102.44 14.99
N LEU XC 109 -80.48 -101.67 14.18
CA LEU XC 109 -80.55 -101.86 12.74
C LEU XC 109 -80.20 -100.55 12.06
N GLY XC 110 -79.45 -100.65 10.98
CA GLY XC 110 -78.88 -99.50 10.33
C GLY XC 110 -77.44 -99.27 10.74
N LYS XC 111 -76.95 -98.07 10.44
CA LYS XC 111 -75.59 -97.69 10.79
C LYS XC 111 -75.59 -96.31 11.42
N SER XC 112 -74.73 -96.14 12.41
CA SER XC 112 -74.42 -94.80 12.88
C SER XC 112 -73.64 -94.08 11.79
N PRO XC 113 -73.99 -92.83 11.49
CA PRO XC 113 -73.27 -92.11 10.42
C PRO XC 113 -71.89 -91.65 10.85
N SER XC 114 -71.23 -90.88 9.98
CA SER XC 114 -69.95 -90.28 10.33
C SER XC 114 -70.12 -89.27 11.44
N VAL XC 115 -71.08 -88.36 11.29
CA VAL XC 115 -71.46 -87.47 12.37
C VAL XC 115 -72.42 -88.26 13.27
N PRO XC 116 -72.11 -88.39 14.56
CA PRO XC 116 -73.02 -89.11 15.46
C PRO XC 116 -74.26 -88.29 15.75
N VAL XC 117 -75.35 -88.99 16.05
CA VAL XC 117 -76.59 -88.35 16.49
C VAL XC 117 -76.41 -87.99 17.95
N LEU XC 118 -76.38 -86.70 18.24
CA LEU XC 118 -76.01 -86.20 19.56
C LEU XC 118 -77.25 -85.72 20.29
N ILE XC 119 -77.35 -86.08 21.56
CA ILE XC 119 -78.47 -85.68 22.41
C ILE XC 119 -77.93 -85.27 23.77
N SER XC 120 -78.51 -84.20 24.32
CA SER XC 120 -78.08 -83.65 25.61
C SER XC 120 -79.29 -83.63 26.54
N ILE XC 121 -79.40 -84.65 27.38
CA ILE XC 121 -80.51 -84.78 28.32
C ILE XC 121 -79.96 -84.65 29.72
N SER XC 122 -80.50 -83.72 30.50
CA SER XC 122 -80.05 -83.46 31.85
C SER XC 122 -81.27 -83.32 32.75
N THR XC 123 -81.59 -84.38 33.49
CA THR XC 123 -82.79 -84.40 34.31
C THR XC 123 -82.47 -85.00 35.68
N LYS XC 124 -83.19 -84.54 36.69
CA LYS XC 124 -83.00 -84.94 38.07
C LYS XC 124 -83.93 -86.06 38.51
N ASP XC 125 -85.17 -86.09 38.04
CA ASP XC 125 -86.11 -87.12 38.45
C ASP XC 125 -87.13 -87.33 37.34
N GLU XC 126 -87.00 -88.45 36.63
CA GLU XC 126 -87.91 -88.77 35.56
C GLU XC 126 -87.87 -90.27 35.34
N SER XC 127 -89.00 -90.85 34.94
CA SER XC 127 -89.03 -92.28 34.70
C SER XC 127 -88.53 -92.59 33.29
N LEU XC 128 -88.07 -93.84 33.14
CA LEU XC 128 -87.27 -94.24 32.00
C LEU XC 128 -88.09 -94.26 30.71
N ALA XC 129 -89.38 -94.54 30.81
CA ALA XC 129 -90.22 -94.63 29.61
C ALA XC 129 -90.38 -93.27 28.93
N GLU XC 130 -90.76 -92.25 29.68
CA GLU XC 130 -90.87 -90.94 29.07
C GLU XC 130 -89.52 -90.27 28.86
N ILE XC 131 -88.48 -90.73 29.59
CA ILE XC 131 -87.12 -90.36 29.23
C ILE XC 131 -86.80 -90.84 27.82
N LEU XC 132 -87.16 -92.10 27.53
CA LEU XC 132 -86.97 -92.69 26.21
C LEU XC 132 -87.81 -91.99 25.16
N ARG XC 133 -89.03 -91.59 25.54
CA ARG XC 133 -89.91 -90.85 24.65
C ARG XC 133 -89.29 -89.50 24.28
N ASP XC 134 -88.72 -88.81 25.26
CA ASP XC 134 -88.05 -87.55 24.99
C ASP XC 134 -86.81 -87.75 24.14
N ILE XC 135 -86.09 -88.86 24.34
CA ILE XC 135 -84.93 -89.19 23.53
C ILE XC 135 -85.33 -89.39 22.08
N ASP XC 136 -86.44 -90.10 21.85
CA ASP XC 136 -86.95 -90.30 20.50
C ASP XC 136 -87.42 -88.99 19.88
N TYR XC 137 -87.98 -88.10 20.70
CA TYR XC 137 -88.38 -86.78 20.22
C TYR XC 137 -87.19 -85.95 19.77
N GLN XC 138 -86.09 -86.01 20.54
CA GLN XC 138 -84.87 -85.32 20.11
C GLN XC 138 -84.23 -86.01 18.92
N ALA XC 139 -84.46 -87.31 18.77
CA ALA XC 139 -83.94 -88.04 17.61
C ALA XC 139 -84.65 -87.60 16.34
N GLY XC 140 -85.98 -87.54 16.38
CA GLY XC 140 -86.70 -87.10 15.20
C GLY XC 140 -86.71 -88.16 14.10
N LYS XC 141 -86.52 -87.71 12.87
CA LYS XC 141 -86.63 -88.59 11.71
C LYS XC 141 -85.33 -89.30 11.36
N LYS XC 142 -84.23 -88.98 12.03
CA LYS XC 142 -82.98 -89.67 11.73
C LYS XC 142 -82.94 -91.08 12.31
N ALA XC 143 -83.55 -91.26 13.48
CA ALA XC 143 -83.56 -92.57 14.12
C ALA XC 143 -84.81 -92.70 14.96
N SER XC 144 -85.18 -93.94 15.25
CA SER XC 144 -86.34 -94.25 16.06
C SER XC 144 -86.02 -95.47 16.91
N ILE XC 145 -86.98 -95.86 17.74
CA ILE XC 145 -86.79 -96.97 18.66
C ILE XC 145 -88.09 -97.75 18.78
N HIS XC 146 -87.96 -99.08 18.83
CA HIS XC 146 -89.10 -99.97 18.99
C HIS XC 146 -88.87 -100.83 20.22
N VAL XC 147 -89.88 -100.92 21.07
CA VAL XC 147 -89.79 -101.56 22.37
C VAL XC 147 -90.77 -102.72 22.41
N TYR XC 148 -90.30 -103.89 22.83
CA TYR XC 148 -91.15 -105.05 22.99
C TYR XC 148 -91.06 -105.56 24.42
N PRO XC 149 -92.17 -105.59 25.17
CA PRO XC 149 -92.15 -106.09 26.54
C PRO XC 149 -92.50 -107.56 26.68
N ASN XC 150 -92.90 -108.24 25.60
CA ASN XC 150 -93.12 -109.68 25.66
C ASN XC 150 -91.78 -110.43 25.67
N SER XC 151 -91.02 -110.29 24.60
CA SER XC 151 -89.60 -110.63 24.60
C SER XC 151 -88.88 -109.33 24.90
N GLN XC 152 -88.27 -109.24 26.09
CA GLN XC 152 -87.95 -107.96 26.72
C GLN XC 152 -86.77 -107.32 25.99
N VAL XC 153 -87.08 -106.61 24.90
CA VAL XC 153 -86.06 -106.11 24.00
C VAL XC 153 -86.39 -104.69 23.58
N VAL XC 154 -85.34 -103.95 23.21
CA VAL XC 154 -85.45 -102.63 22.60
C VAL XC 154 -84.53 -102.59 21.40
N GLU XC 155 -84.94 -101.87 20.38
CA GLU XC 155 -84.21 -101.78 19.13
C GLU XC 155 -84.10 -100.33 18.71
N LEU XC 156 -82.91 -99.95 18.25
CA LEU XC 156 -82.65 -98.64 17.69
C LEU XC 156 -82.56 -98.77 16.18
N ARG XC 157 -83.40 -98.01 15.46
CA ARG XC 157 -83.52 -98.10 14.02
C ARG XC 157 -83.02 -96.82 13.39
N TYR XC 158 -82.07 -96.92 12.47
CA TYR XC 158 -81.58 -95.75 11.75
C TYR XC 158 -82.42 -95.49 10.52
N ALA XC 159 -82.22 -94.31 9.93
CA ALA XC 159 -82.83 -93.96 8.66
C ALA XC 159 -81.88 -94.33 7.51
N LYS XC 160 -82.20 -93.88 6.31
CA LYS XC 160 -81.35 -94.12 5.15
C LYS XC 160 -80.79 -92.82 4.59
N ILE YC 208 -125.66 -83.44 0.92
CA ILE YC 208 -126.86 -83.45 1.74
C ILE YC 208 -126.45 -83.51 3.21
N ILE YC 209 -127.02 -82.64 4.04
CA ILE YC 209 -126.62 -82.51 5.43
C ILE YC 209 -127.86 -82.36 6.31
N TYR YC 210 -127.68 -82.61 7.61
CA TYR YC 210 -128.74 -82.55 8.59
C TYR YC 210 -128.19 -81.95 9.88
N TYR YC 211 -129.10 -81.51 10.75
CA TYR YC 211 -128.71 -80.87 12.00
C TYR YC 211 -129.74 -81.17 13.08
N ILE YC 212 -129.26 -81.14 14.33
CA ILE YC 212 -130.12 -81.33 15.49
C ILE YC 212 -130.97 -80.08 15.69
N GLN YC 213 -132.28 -80.27 15.84
CA GLN YC 213 -133.21 -79.19 16.10
C GLN YC 213 -133.74 -79.21 17.53
N ALA YC 214 -134.28 -80.34 17.98
CA ALA YC 214 -134.80 -80.45 19.34
C ALA YC 214 -134.73 -81.91 19.79
N VAL YC 215 -134.38 -82.12 21.05
CA VAL YC 215 -134.16 -83.46 21.60
C VAL YC 215 -134.97 -83.61 22.88
N ILE YC 216 -135.77 -84.67 22.95
CA ILE YC 216 -136.40 -85.08 24.20
C ILE YC 216 -135.69 -86.37 24.62
N PRO YC 217 -135.74 -86.77 25.89
CA PRO YC 217 -135.40 -88.16 26.20
C PRO YC 217 -136.36 -89.12 25.53
N GLY YC 218 -135.88 -89.85 24.54
CA GLY YC 218 -136.70 -90.81 23.82
C GLY YC 218 -136.66 -90.65 22.32
N ARG YC 219 -136.65 -89.40 21.85
CA ARG YC 219 -136.61 -89.12 20.42
C ARG YC 219 -136.09 -87.71 20.22
N ALA YC 220 -135.64 -87.43 18.99
CA ALA YC 220 -135.04 -86.16 18.67
C ALA YC 220 -135.68 -85.60 17.40
N TRP YC 221 -135.26 -84.39 17.04
CA TRP YC 221 -135.72 -83.73 15.82
C TRP YC 221 -134.52 -83.37 14.97
N LEU YC 222 -134.61 -83.66 13.68
CA LEU YC 222 -133.54 -83.42 12.73
C LEU YC 222 -134.08 -82.59 11.59
N ILE YC 223 -133.27 -81.63 11.13
CA ILE YC 223 -133.65 -80.73 10.04
C ILE YC 223 -132.58 -80.78 8.97
N GLY YC 224 -132.99 -81.04 7.73
CA GLY YC 224 -132.06 -81.19 6.63
C GLY YC 224 -131.83 -79.90 5.86
N SER YC 225 -130.97 -79.99 4.85
CA SER YC 225 -130.66 -78.85 4.01
C SER YC 225 -131.79 -78.54 3.02
N ASN YC 226 -132.70 -79.48 2.82
CA ASN YC 226 -133.85 -79.29 1.95
C ASN YC 226 -135.08 -78.79 2.70
N GLY YC 227 -134.94 -78.47 3.98
CA GLY YC 227 -136.07 -78.10 4.80
C GLY YC 227 -136.86 -79.26 5.36
N SER YC 228 -136.41 -80.49 5.13
CA SER YC 228 -137.12 -81.67 5.62
C SER YC 228 -136.93 -81.82 7.12
N THR YC 229 -138.01 -82.12 7.82
CA THR YC 229 -138.01 -82.31 9.26
C THR YC 229 -138.30 -83.77 9.59
N LEU YC 230 -137.65 -84.27 10.63
CA LEU YC 230 -137.76 -85.70 10.94
C LEU YC 230 -137.68 -85.91 12.44
N THR YC 231 -138.68 -86.60 12.99
CA THR YC 231 -138.60 -87.11 14.36
C THR YC 231 -137.91 -88.46 14.33
N VAL YC 232 -136.85 -88.61 15.10
CA VAL YC 232 -135.94 -89.76 15.01
C VAL YC 232 -135.90 -90.47 16.35
N ARG YC 233 -136.13 -91.78 16.32
CA ARG YC 233 -136.13 -92.62 17.51
C ARG YC 233 -134.72 -93.12 17.80
N GLU YC 234 -134.61 -94.06 18.74
CA GLU YC 234 -133.31 -94.60 19.15
C GLU YC 234 -132.70 -95.47 18.05
N GLY YC 235 -133.53 -96.19 17.30
CA GLY YC 235 -133.07 -96.93 16.15
C GLY YC 235 -133.91 -96.62 14.94
N SER YC 236 -133.31 -95.97 13.94
CA SER YC 236 -134.03 -95.58 12.74
C SER YC 236 -133.03 -95.39 11.61
N LYS YC 237 -133.54 -95.37 10.40
CA LYS YC 237 -132.72 -95.27 9.21
C LYS YC 237 -132.80 -93.86 8.65
N ILE YC 238 -131.64 -93.26 8.44
CA ILE YC 238 -131.53 -91.96 7.78
C ILE YC 238 -130.60 -92.15 6.59
N PRO YC 239 -131.00 -91.74 5.39
CA PRO YC 239 -130.12 -91.91 4.23
C PRO YC 239 -128.89 -91.03 4.31
N GLY YC 240 -127.77 -91.57 3.80
CA GLY YC 240 -126.49 -90.91 3.86
C GLY YC 240 -125.76 -91.04 5.17
N TYR YC 241 -126.39 -91.64 6.18
CA TYR YC 241 -125.76 -91.80 7.49
C TYR YC 241 -125.92 -93.23 7.97
N GLY YC 242 -126.99 -93.89 7.53
CA GLY YC 242 -127.23 -95.27 7.91
C GLY YC 242 -128.22 -95.43 9.04
N MET YC 243 -127.81 -96.11 10.11
CA MET YC 243 -128.71 -96.47 11.19
C MET YC 243 -128.29 -95.75 12.46
N VAL YC 244 -129.23 -95.07 13.10
CA VAL YC 244 -128.92 -94.37 14.34
C VAL YC 244 -128.91 -95.37 15.50
N LYS YC 245 -128.14 -95.05 16.53
CA LYS YC 245 -127.95 -95.98 17.63
C LYS YC 245 -128.14 -95.33 19.00
N LEU YC 246 -127.91 -94.03 19.09
CA LEU YC 246 -127.87 -93.36 20.38
C LEU YC 246 -128.68 -92.08 20.35
N ILE YC 247 -129.52 -91.90 21.37
CA ILE YC 247 -130.16 -90.62 21.65
C ILE YC 247 -129.52 -90.09 22.92
N ASP YC 248 -128.92 -88.91 22.83
CA ASP YC 248 -128.31 -88.22 23.95
C ASP YC 248 -129.18 -87.01 24.28
N SER YC 249 -129.59 -86.90 25.54
CA SER YC 249 -130.49 -85.84 25.96
C SER YC 249 -129.77 -84.65 26.55
N LEU YC 250 -128.82 -84.88 27.47
CA LEU YC 250 -128.08 -83.76 28.04
C LEU YC 250 -127.05 -83.21 27.07
N GLN YC 251 -126.64 -84.00 26.09
CA GLN YC 251 -125.64 -83.58 25.12
C GLN YC 251 -126.21 -83.71 23.71
N GLY YC 252 -125.69 -82.91 22.79
CA GLY YC 252 -126.11 -82.96 21.41
C GLY YC 252 -125.25 -83.86 20.56
N ARG YC 253 -124.95 -85.06 21.06
CA ARG YC 253 -124.07 -86.00 20.37
C ARG YC 253 -124.94 -87.15 19.87
N ILE YC 254 -125.28 -87.11 18.59
CA ILE YC 254 -126.04 -88.17 17.94
C ILE YC 254 -125.18 -88.73 16.82
N LEU YC 255 -124.87 -90.01 16.90
CA LEU YC 255 -124.06 -90.70 15.90
C LEU YC 255 -124.87 -91.79 15.24
N THR YC 256 -124.37 -92.27 14.11
CA THR YC 256 -125.08 -93.23 13.27
C THR YC 256 -124.21 -94.47 13.05
N SER YC 257 -124.67 -95.33 12.14
CA SER YC 257 -123.93 -96.55 11.84
C SER YC 257 -122.67 -96.27 11.06
N SER YC 258 -122.64 -95.19 10.29
CA SER YC 258 -121.44 -94.82 9.55
C SER YC 258 -120.37 -94.20 10.44
N GLY YC 259 -120.67 -93.91 11.70
CA GLY YC 259 -119.70 -93.37 12.62
C GLY YC 259 -119.54 -91.87 12.60
N GLN YC 260 -120.37 -91.16 11.84
CA GLN YC 260 -120.31 -89.70 11.81
C GLN YC 260 -121.33 -89.14 12.81
N VAL YC 261 -120.83 -88.43 13.81
CA VAL YC 261 -121.71 -87.84 14.80
C VAL YC 261 -122.38 -86.60 14.21
N ILE YC 262 -123.47 -86.17 14.83
CA ILE YC 262 -124.19 -84.98 14.40
C ILE YC 262 -124.48 -84.12 15.61
N LYS YC 263 -124.65 -82.83 15.37
CA LYS YC 263 -124.75 -81.84 16.45
C LYS YC 263 -125.78 -80.78 16.05
N PHE YC 264 -125.87 -79.73 16.88
CA PHE YC 264 -126.68 -78.58 16.56
C PHE YC 264 -126.05 -77.77 15.42
N SER YC 265 -126.88 -77.00 14.74
CA SER YC 265 -126.38 -76.06 13.77
C SER YC 265 -125.94 -74.76 14.48
N GLN YC 266 -125.03 -74.04 13.85
CA GLN YC 266 -124.48 -72.83 14.45
C GLN YC 266 -124.86 -71.58 13.67
N VAL ZC 38 0.46 -52.75 84.74
CA VAL ZC 38 0.55 -52.97 86.19
C VAL ZC 38 -0.65 -53.74 86.83
N PRO ZC 39 -1.91 -53.29 86.72
CA PRO ZC 39 -2.96 -53.96 87.51
C PRO ZC 39 -3.41 -55.29 86.95
N LYS ZC 40 -2.96 -55.66 85.75
CA LYS ZC 40 -3.36 -56.93 85.16
C LYS ZC 40 -2.68 -58.10 85.85
N LEU ZC 41 -1.39 -57.97 86.11
CA LEU ZC 41 -0.67 -59.01 86.83
C LEU ZC 41 -1.01 -58.94 88.32
N PRO ZC 42 -1.16 -60.08 88.98
CA PRO ZC 42 -1.41 -60.08 90.42
C PRO ZC 42 -0.16 -59.70 91.20
N CYS ZC 43 -0.35 -58.89 92.24
CA CYS ZC 43 0.77 -58.52 93.10
C CYS ZC 43 1.27 -59.69 93.92
N ARG ZC 44 0.35 -60.53 94.39
CA ARG ZC 44 0.69 -61.76 95.11
C ARG ZC 44 -0.22 -62.87 94.60
N VAL ZC 45 -0.01 -64.08 95.12
CA VAL ZC 45 -0.91 -65.18 94.77
C VAL ZC 45 -2.25 -64.97 95.46
N ASP ZC 46 -3.28 -65.59 94.89
CA ASP ZC 46 -4.64 -65.35 95.33
C ASP ZC 46 -4.90 -65.98 96.70
N GLY ZC 47 -5.32 -65.15 97.65
CA GLY ZC 47 -5.65 -65.64 98.96
C GLY ZC 47 -4.46 -66.04 99.81
N ALA ZC 48 -3.25 -65.69 99.39
CA ALA ZC 48 -2.05 -66.10 100.07
C ALA ZC 48 -1.51 -64.94 100.90
N CYS ZC 49 -1.33 -65.17 102.19
CA CYS ZC 49 -0.79 -64.17 103.09
C CYS ZC 49 0.16 -64.85 104.07
N ASP ZC 50 1.40 -64.40 104.09
CA ASP ZC 50 2.42 -65.05 104.92
C ASP ZC 50 2.14 -64.85 106.40
N ALA ZC 51 1.56 -63.71 106.77
CA ALA ZC 51 1.14 -63.50 108.15
C ALA ZC 51 0.06 -64.49 108.56
N THR ZC 52 -0.89 -64.74 107.65
CA THR ZC 52 -1.91 -65.76 107.89
C THR ZC 52 -1.31 -67.15 108.03
N ILE ZC 53 -0.32 -67.45 107.18
CA ILE ZC 53 0.36 -68.74 107.21
C ILE ZC 53 1.08 -68.95 108.53
N ILE ZC 54 1.83 -67.96 108.98
CA ILE ZC 54 2.60 -68.12 110.20
C ILE ZC 54 1.68 -68.09 111.42
N LYS ZC 55 0.54 -67.39 111.32
CA LYS ZC 55 -0.43 -67.39 112.42
C LYS ZC 55 -1.06 -68.75 112.60
N MET ZC 56 -1.52 -69.36 111.50
CA MET ZC 56 -2.14 -70.68 111.63
C MET ZC 56 -1.09 -71.75 111.92
N MET ZC 57 0.17 -71.53 111.50
CA MET ZC 57 1.25 -72.44 111.89
C MET ZC 57 1.46 -72.40 113.40
N THR ZC 58 1.48 -71.20 113.97
CA THR ZC 58 1.62 -71.05 115.41
C THR ZC 58 0.46 -71.67 116.16
N ASP ZC 59 -0.76 -71.48 115.63
CA ASP ZC 59 -1.96 -72.03 116.27
C ASP ZC 59 -1.95 -73.56 116.22
N LEU ZC 60 -1.53 -74.14 115.10
CA LEU ZC 60 -1.52 -75.60 114.97
C LEU ZC 60 -0.47 -76.22 115.89
N ASN ZC 61 0.74 -75.65 115.91
CA ASN ZC 61 1.77 -76.24 116.75
C ASN ZC 61 1.57 -75.94 118.22
N LYS ZC 62 0.81 -74.90 118.57
CA LYS ZC 62 0.46 -74.73 119.97
C LYS ZC 62 -0.77 -75.56 120.36
N LYS ZC 63 -1.56 -75.98 119.38
CA LYS ZC 63 -2.64 -76.92 119.69
C LYS ZC 63 -2.10 -78.31 119.91
N GLY ZC 64 -1.13 -78.72 119.11
CA GLY ZC 64 -0.53 -80.02 119.33
C GLY ZC 64 -0.36 -80.83 118.05
N ILE ZC 65 -0.74 -80.24 116.93
CA ILE ZC 65 -0.51 -80.85 115.63
C ILE ZC 65 0.87 -80.44 115.17
N LYS ZC 66 1.74 -81.42 114.96
CA LYS ZC 66 3.13 -81.09 114.67
C LYS ZC 66 3.29 -80.76 113.20
N VAL ZC 67 4.05 -79.70 112.91
CA VAL ZC 67 4.34 -79.31 111.54
C VAL ZC 67 5.85 -79.19 111.39
N ALA ZC 68 6.41 -79.97 110.46
CA ALA ZC 68 7.83 -79.95 110.15
C ALA ZC 68 8.04 -79.13 108.88
N SER ZC 69 9.02 -78.22 108.94
CA SER ZC 69 9.27 -77.28 107.85
C SER ZC 69 10.77 -77.18 107.64
N VAL ZC 70 11.29 -77.97 106.70
CA VAL ZC 70 12.71 -77.96 106.35
C VAL ZC 70 12.82 -77.90 104.84
N GLY ZC 71 13.53 -76.88 104.35
CA GLY ZC 71 13.61 -76.66 102.91
C GLY ZC 71 12.25 -76.31 102.34
N GLN ZC 72 11.94 -76.88 101.18
CA GLN ZC 72 10.60 -76.79 100.63
C GLN ZC 72 9.70 -77.92 101.11
N ASN ZC 73 10.23 -78.83 101.93
CA ASN ZC 73 9.48 -79.99 102.38
C ASN ZC 73 8.71 -79.63 103.64
N TYR ZC 74 7.42 -79.95 103.63
CA TYR ZC 74 6.55 -79.70 104.77
C TYR ZC 74 5.78 -80.95 105.10
N LEU ZC 75 5.77 -81.31 106.37
CA LEU ZC 75 5.07 -82.48 106.88
C LEU ZC 75 4.16 -82.05 108.02
N ILE ZC 76 3.04 -82.73 108.15
CA ILE ZC 76 2.10 -82.51 109.23
C ILE ZC 76 1.81 -83.86 109.88
N SER ZC 77 1.99 -83.93 111.19
CA SER ZC 77 1.74 -85.13 111.98
C SER ZC 77 0.61 -84.87 112.95
N ILE ZC 78 -0.37 -85.76 112.95
CA ILE ZC 78 -1.57 -85.64 113.77
C ILE ZC 78 -1.66 -86.90 114.61
N PRO ZC 79 -1.95 -86.79 115.92
CA PRO ZC 79 -2.26 -87.99 116.71
C PRO ZC 79 -3.57 -88.62 116.27
N ALA ZC 80 -3.59 -89.95 116.24
CA ALA ZC 80 -4.77 -90.66 115.79
C ALA ZC 80 -5.90 -90.65 116.80
N SER ZC 81 -5.58 -90.43 118.08
CA SER ZC 81 -6.62 -90.43 119.12
C SER ZC 81 -7.54 -89.24 118.97
N ALA ZC 82 -7.00 -88.08 118.59
CA ALA ZC 82 -7.82 -86.90 118.41
C ALA ZC 82 -8.62 -86.92 117.12
N LEU ZC 83 -8.41 -87.91 116.26
CA LEU ZC 83 -9.08 -87.97 114.97
C LEU ZC 83 -10.05 -89.14 114.88
N PHE ZC 84 -9.60 -90.36 115.11
CA PHE ZC 84 -10.43 -91.53 114.94
C PHE ZC 84 -10.83 -92.13 116.29
N ALA ZC 85 -11.68 -93.14 116.21
CA ALA ZC 85 -12.19 -93.82 117.39
C ALA ZC 85 -11.24 -94.93 117.80
N ASP ZC 86 -11.66 -95.75 118.76
CA ASP ZC 86 -10.80 -96.80 119.33
C ASP ZC 86 -10.69 -97.94 118.34
N GLN ZC 87 -9.59 -97.93 117.56
CA GLN ZC 87 -9.29 -98.93 116.52
C GLN ZC 87 -10.42 -99.02 115.49
N SER ZC 88 -11.01 -97.88 115.16
CA SER ZC 88 -12.20 -97.86 114.33
C SER ZC 88 -12.08 -96.79 113.26
N PRO ZC 89 -12.63 -97.05 112.07
CA PRO ZC 89 -12.66 -96.06 110.99
C PRO ZC 89 -13.89 -95.15 111.06
N ARG ZC 90 -14.12 -94.53 112.21
CA ARG ZC 90 -15.26 -93.65 112.40
C ARG ZC 90 -14.77 -92.25 112.76
N LEU ZC 91 -15.48 -91.24 112.27
CA LEU ZC 91 -15.02 -89.86 112.33
C LEU ZC 91 -15.83 -89.08 113.35
N ASN ZC 92 -15.13 -88.37 114.23
CA ASN ZC 92 -15.79 -87.52 115.21
C ASN ZC 92 -16.30 -86.25 114.54
N TRP ZC 93 -17.33 -85.66 115.16
CA TRP ZC 93 -17.96 -84.49 114.56
C TRP ZC 93 -17.09 -83.25 114.68
N ALA ZC 94 -16.29 -83.16 115.74
CA ALA ZC 94 -15.40 -82.01 115.90
C ALA ZC 94 -14.18 -82.10 115.01
N SER ZC 95 -13.86 -83.30 114.49
CA SER ZC 95 -12.67 -83.49 113.68
C SER ZC 95 -12.76 -82.81 112.33
N TYR ZC 96 -13.98 -82.55 111.84
CA TYR ZC 96 -14.13 -81.86 110.57
C TYR ZC 96 -13.69 -80.41 110.66
N SER ZC 97 -13.75 -79.81 111.85
CA SER ZC 97 -13.18 -78.49 112.05
C SER ZC 97 -11.68 -78.49 111.85
N LEU ZC 98 -11.00 -79.51 112.39
CA LEU ZC 98 -9.55 -79.62 112.22
C LEU ZC 98 -9.20 -79.92 110.77
N LEU ZC 99 -10.03 -80.73 110.11
CA LEU ZC 99 -9.81 -80.99 108.68
C LEU ZC 99 -10.02 -79.73 107.85
N ASN ZC 100 -10.97 -78.89 108.25
CA ASN ZC 100 -11.17 -77.61 107.57
C ASN ZC 100 -9.99 -76.67 107.79
N GLU ZC 101 -9.41 -76.70 109.00
CA GLU ZC 101 -8.19 -75.94 109.26
C GLU ZC 101 -7.04 -76.44 108.40
N ILE ZC 102 -6.96 -77.77 108.23
CA ILE ZC 102 -5.94 -78.38 107.38
C ILE ZC 102 -6.10 -77.94 105.93
N ALA ZC 103 -7.34 -77.92 105.45
CA ALA ZC 103 -7.60 -77.46 104.09
C ALA ZC 103 -7.31 -75.97 103.93
N ALA ZC 104 -7.58 -75.17 104.96
CA ALA ZC 104 -7.24 -73.75 104.93
C ALA ZC 104 -5.73 -73.56 104.86
N PHE ZC 105 -4.97 -74.40 105.55
CA PHE ZC 105 -3.52 -74.35 105.44
C PHE ZC 105 -3.06 -74.80 104.07
N LEU ZC 106 -3.71 -75.82 103.52
CA LEU ZC 106 -3.30 -76.39 102.23
C LEU ZC 106 -3.63 -75.47 101.07
N LYS ZC 107 -4.61 -74.59 101.24
CA LYS ZC 107 -4.93 -73.62 100.20
C LYS ZC 107 -3.77 -72.65 99.98
N GLN ZC 108 -3.03 -72.33 101.03
CA GLN ZC 108 -2.04 -71.25 100.97
C GLN ZC 108 -0.78 -71.62 100.21
N PHE ZC 109 -0.61 -72.86 99.80
CA PHE ZC 109 0.61 -73.27 99.12
C PHE ZC 109 0.30 -73.71 97.70
N ARG ZC 110 1.33 -73.59 96.86
CA ARG ZC 110 1.25 -74.02 95.47
C ARG ZC 110 2.01 -75.34 95.38
N LYS ZC 111 1.28 -76.44 95.40
CA LYS ZC 111 1.85 -77.78 95.48
C LYS ZC 111 1.70 -78.48 94.13
N ILE ZC 112 2.27 -79.67 94.05
CA ILE ZC 112 2.09 -80.52 92.87
C ILE ZC 112 1.62 -81.90 93.33
N ALA ZC 113 2.34 -82.48 94.30
CA ALA ZC 113 2.12 -83.83 94.76
C ALA ZC 113 1.91 -83.83 96.27
N ILE ZC 114 1.18 -84.83 96.74
CA ILE ZC 114 0.77 -84.93 98.13
C ILE ZC 114 0.93 -86.39 98.55
N THR ZC 115 1.45 -86.63 99.76
CA THR ZC 115 1.61 -87.99 100.24
C THR ZC 115 0.98 -88.12 101.63
N VAL ZC 116 0.13 -89.13 101.80
CA VAL ZC 116 -0.56 -89.39 103.05
C VAL ZC 116 -0.19 -90.78 103.53
N THR ZC 117 0.20 -90.89 104.79
CA THR ZC 117 0.51 -92.17 105.41
C THR ZC 117 -0.20 -92.27 106.76
N SER ZC 118 -0.64 -93.48 107.09
CA SER ZC 118 -1.28 -93.74 108.37
C SER ZC 118 -0.56 -94.86 109.11
N TYR ZC 119 -0.22 -94.62 110.37
CA TYR ZC 119 0.49 -95.61 111.17
C TYR ZC 119 -0.24 -95.85 112.48
N SER ZC 120 -0.21 -97.09 112.93
CA SER ZC 120 -0.94 -97.50 114.13
C SER ZC 120 -0.06 -98.28 115.10
N SER ZC 121 -0.70 -98.90 116.08
CA SER ZC 121 -0.05 -99.82 117.00
C SER ZC 121 -0.46 -101.25 116.68
N LYS ZC 122 0.33 -102.19 117.17
CA LYS ZC 122 0.01 -103.60 117.00
C LYS ZC 122 -1.13 -103.98 117.93
N TYR ZC 123 -2.23 -104.44 117.35
CA TYR ZC 123 -3.44 -104.76 118.12
C TYR ZC 123 -3.85 -106.22 117.98
N VAL ZC 124 -4.00 -106.72 116.75
CA VAL ZC 124 -4.47 -108.09 116.56
C VAL ZC 124 -3.50 -108.86 115.67
N SER ZC 125 -3.19 -108.30 114.51
CA SER ZC 125 -2.47 -109.03 113.49
C SER ZC 125 -1.60 -108.05 112.72
N VAL ZC 126 -1.18 -108.43 111.52
CA VAL ZC 126 -0.56 -107.49 110.61
C VAL ZC 126 -1.59 -106.92 109.64
N LYS ZC 127 -2.42 -107.80 109.10
CA LYS ZC 127 -3.35 -107.44 108.03
C LYS ZC 127 -4.45 -106.52 108.54
N ARG ZC 128 -4.91 -106.74 109.77
CA ARG ZC 128 -5.96 -105.92 110.35
C ARG ZC 128 -5.51 -104.47 110.53
N GLU ZC 129 -4.29 -104.28 111.04
CA GLU ZC 129 -3.79 -102.93 111.24
C GLU ZC 129 -3.44 -102.27 109.92
N ARG ZC 130 -2.92 -103.05 108.96
CA ARG ZC 130 -2.65 -102.50 107.63
C ARG ZC 130 -3.92 -102.03 106.95
N ALA ZC 131 -4.99 -102.82 107.05
CA ALA ZC 131 -6.26 -102.45 106.45
C ALA ZC 131 -6.88 -101.27 107.17
N LEU ZC 132 -6.75 -101.20 108.50
CA LEU ZC 132 -7.31 -100.07 109.24
C LEU ZC 132 -6.61 -98.77 108.88
N THR ZC 133 -5.28 -98.79 108.80
CA THR ZC 133 -4.53 -97.61 108.39
C THR ZC 133 -4.84 -97.22 106.96
N LEU ZC 134 -5.01 -98.23 106.09
CA LEU ZC 134 -5.38 -97.95 104.71
C LEU ZC 134 -6.74 -97.28 104.62
N ALA ZC 135 -7.72 -97.75 105.40
CA ALA ZC 135 -9.05 -97.17 105.37
C ALA ZC 135 -9.06 -95.75 105.91
N ARG ZC 136 -8.31 -95.50 106.99
CA ARG ZC 136 -8.23 -94.16 107.56
C ARG ZC 136 -7.58 -93.18 106.60
N SER ZC 137 -6.48 -93.61 105.95
CA SER ZC 137 -5.83 -92.77 104.96
C SER ZC 137 -6.74 -92.53 103.76
N ARG ZC 138 -7.49 -93.55 103.36
CA ARG ZC 138 -8.41 -93.42 102.23
C ARG ZC 138 -9.49 -92.39 102.49
N VAL ZC 139 -10.10 -92.45 103.69
CA VAL ZC 139 -11.20 -91.54 103.95
C VAL ZC 139 -10.70 -90.11 104.18
N VAL ZC 140 -9.52 -89.95 104.80
CA VAL ZC 140 -9.04 -88.58 104.99
C VAL ZC 140 -8.57 -87.98 103.67
N SER ZC 141 -8.02 -88.79 102.77
CA SER ZC 141 -7.66 -88.30 101.44
C SER ZC 141 -8.90 -87.98 100.63
N GLU ZC 142 -9.97 -88.76 100.82
CA GLU ZC 142 -11.22 -88.50 100.14
C GLU ZC 142 -11.81 -87.17 100.55
N TYR ZC 143 -11.82 -86.89 101.86
CA TYR ZC 143 -12.35 -85.60 102.30
C TYR ZC 143 -11.45 -84.45 101.89
N LEU ZC 144 -10.13 -84.66 101.89
CA LEU ZC 144 -9.21 -83.61 101.47
C LEU ZC 144 -9.38 -83.28 99.99
N TRP ZC 145 -9.57 -84.30 99.16
CA TRP ZC 145 -9.82 -84.06 97.74
C TRP ZC 145 -11.21 -83.46 97.51
N SER ZC 146 -12.18 -83.80 98.35
CA SER ZC 146 -13.50 -83.18 98.29
C SER ZC 146 -13.40 -81.69 98.57
N GLN ZC 147 -12.60 -81.32 99.56
CA GLN ZC 147 -12.35 -79.91 99.78
C GLN ZC 147 -11.37 -79.39 98.73
N GLY ZC 148 -11.27 -78.06 98.67
CA GLY ZC 148 -10.57 -77.41 97.59
C GLY ZC 148 -9.07 -77.46 97.67
N VAL ZC 149 -8.49 -78.63 97.44
CA VAL ZC 149 -7.04 -78.74 97.35
C VAL ZC 149 -6.63 -78.46 95.91
N ASP ZC 150 -5.58 -77.66 95.76
CA ASP ZC 150 -4.98 -77.45 94.45
C ASP ZC 150 -3.73 -78.33 94.33
N SER ZC 151 -3.97 -79.63 94.36
CA SER ZC 151 -2.92 -80.62 94.17
C SER ZC 151 -3.22 -81.41 92.91
N ARG ZC 152 -2.21 -81.55 92.05
CA ARG ZC 152 -2.37 -82.38 90.87
C ARG ZC 152 -2.46 -83.86 91.25
N ILE ZC 153 -1.54 -84.33 92.08
CA ILE ZC 153 -1.44 -85.75 92.40
C ILE ZC 153 -1.50 -85.93 93.90
N ILE ZC 154 -2.34 -86.87 94.36
CA ILE ZC 154 -2.44 -87.21 95.77
C ILE ZC 154 -2.27 -88.71 95.93
N PHE ZC 155 -1.33 -89.11 96.80
CA PHE ZC 155 -1.10 -90.51 97.16
C PHE ZC 155 -1.56 -90.74 98.60
N THR ZC 156 -2.11 -91.92 98.85
CA THR ZC 156 -2.54 -92.31 100.18
C THR ZC 156 -2.18 -93.77 100.43
N GLN ZC 157 -1.64 -94.03 101.64
CA GLN ZC 157 -1.33 -95.38 102.08
C GLN ZC 157 -1.19 -95.41 103.59
N GLY ZC 158 -1.19 -96.63 104.12
CA GLY ZC 158 -0.97 -96.85 105.54
C GLY ZC 158 -0.22 -98.14 105.76
N LEU ZC 159 0.39 -98.27 106.94
CA LEU ZC 159 1.17 -99.45 107.24
C LEU ZC 159 0.89 -100.07 108.60
N GLY ZC 160 0.41 -99.32 109.57
CA GLY ZC 160 0.17 -99.88 110.89
C GLY ZC 160 1.35 -99.66 111.81
N SER ZC 161 1.82 -100.73 112.45
CA SER ZC 161 2.88 -100.65 113.43
C SER ZC 161 4.18 -101.20 112.87
N ASP ZC 162 4.42 -100.95 111.59
CA ASP ZC 162 5.61 -101.45 110.92
C ASP ZC 162 6.79 -100.51 111.06
N LYS ZC 163 6.54 -99.20 111.08
CA LYS ZC 163 7.59 -98.20 111.27
C LYS ZC 163 7.19 -97.28 112.41
N PRO ZC 164 7.48 -97.67 113.64
CA PRO ZC 164 7.17 -96.80 114.78
C PRO ZC 164 8.19 -95.68 114.90
N ILE ZC 165 7.81 -94.68 115.70
CA ILE ZC 165 8.71 -93.58 116.03
C ILE ZC 165 9.06 -93.55 117.50
N THR ZC 166 8.41 -94.36 118.32
CA THR ZC 166 8.59 -94.31 119.77
C THR ZC 166 8.58 -95.73 120.31
N SER ZC 167 9.56 -96.05 121.14
CA SER ZC 167 9.60 -97.35 121.80
C SER ZC 167 8.76 -97.41 123.06
N TYR ZC 168 8.23 -96.28 123.52
CA TYR ZC 168 7.34 -96.23 124.68
C TYR ZC 168 5.99 -96.80 124.25
N THR ZC 169 5.73 -98.06 124.61
CA THR ZC 169 4.55 -98.77 124.17
C THR ZC 169 3.61 -99.07 125.34
N LEU ZC 170 3.44 -98.09 126.22
CA LEU ZC 170 2.54 -98.28 127.36
C LEU ZC 170 1.09 -98.19 126.93
N GLY ZC 171 0.67 -97.04 126.41
CA GLY ZC 171 -0.71 -96.85 126.03
C GLY ZC 171 -1.06 -97.57 124.74
N GLY ZC 172 -2.36 -97.60 124.47
CA GLY ZC 172 -2.86 -98.25 123.28
C GLY ZC 172 -3.03 -97.26 122.14
N ASP ZC 173 -4.28 -96.89 121.86
CA ASP ZC 173 -4.53 -95.86 120.87
C ASP ZC 173 -4.14 -94.48 121.37
N ARG ZC 174 -3.99 -94.31 122.68
CA ARG ZC 174 -3.49 -93.05 123.24
C ARG ZC 174 -2.00 -92.84 122.99
N SER ZC 175 -1.29 -93.87 122.57
CA SER ZC 175 0.15 -93.76 122.35
C SER ZC 175 0.45 -92.84 121.17
N PRO ZC 176 1.52 -92.05 121.24
CA PRO ZC 176 1.77 -91.05 120.18
C PRO ZC 176 2.14 -91.64 118.83
N ASN ZC 177 2.63 -92.87 118.76
CA ASN ZC 177 2.97 -93.44 117.46
C ASN ZC 177 1.74 -93.85 116.66
N ALA ZC 178 0.57 -93.91 117.27
CA ALA ZC 178 -0.68 -93.95 116.51
C ALA ZC 178 -0.88 -92.58 115.90
N ARG ZC 179 -0.62 -92.47 114.59
CA ARG ZC 179 -0.44 -91.15 114.00
C ARG ZC 179 -0.81 -91.18 112.53
N VAL ZC 180 -0.99 -90.00 111.98
CA VAL ZC 180 -1.19 -89.81 110.55
C VAL ZC 180 -0.28 -88.69 110.08
N GLU ZC 181 0.43 -88.94 108.99
CA GLU ZC 181 1.38 -87.99 108.44
C GLU ZC 181 0.97 -87.61 107.03
N ILE ZC 182 1.21 -86.34 106.69
CA ILE ZC 182 0.90 -85.83 105.36
C ILE ZC 182 2.02 -84.88 104.96
N THR ZC 183 2.65 -85.15 103.82
CA THR ZC 183 3.86 -84.45 103.45
C THR ZC 183 3.85 -84.06 101.98
N PHE ZC 184 4.65 -83.04 101.67
CA PHE ZC 184 4.83 -82.56 100.31
C PHE ZC 184 6.10 -81.73 100.24
N ARG ZC 185 6.48 -81.36 99.02
CA ARG ZC 185 7.51 -80.38 98.77
C ARG ZC 185 6.89 -79.19 98.05
N ARG ZC 186 7.15 -77.98 98.53
CA ARG ZC 186 6.64 -76.80 97.86
C ARG ZC 186 7.38 -76.61 96.54
N ALA ZC 187 6.61 -76.39 95.47
CA ALA ZC 187 7.15 -76.28 94.12
C ALA ZC 187 7.15 -74.81 93.71
N VAL ZC 188 8.34 -74.20 93.76
CA VAL ZC 188 8.61 -72.82 93.35
C VAL ZC 188 7.72 -71.80 94.07
N MET AD 23 -102.73 -58.25 71.62
CA MET AD 23 -102.23 -59.54 71.15
C MET AD 23 -101.10 -59.37 70.14
N LYS AD 24 -99.87 -59.34 70.62
CA LYS AD 24 -98.71 -59.18 69.77
C LYS AD 24 -98.41 -60.47 69.02
N PHE AD 25 -98.03 -60.34 67.76
CA PHE AD 25 -97.74 -61.48 66.91
C PHE AD 25 -96.24 -61.64 66.73
N LYS AD 26 -95.79 -62.89 66.66
CA LYS AD 26 -94.37 -63.19 66.52
C LYS AD 26 -94.21 -64.41 65.62
N LYS AD 27 -92.95 -64.72 65.34
CA LYS AD 27 -92.55 -65.91 64.60
C LYS AD 27 -91.51 -66.65 65.42
N PRO AD 28 -91.45 -67.99 65.31
CA PRO AD 28 -90.59 -68.79 66.20
C PRO AD 28 -89.09 -68.51 66.06
N PRO AD 29 -88.45 -68.68 64.85
CA PRO AD 29 -87.00 -68.82 64.85
C PRO AD 29 -86.30 -67.47 65.00
N ILE AD 30 -85.74 -67.23 66.18
CA ILE AD 30 -84.97 -66.03 66.45
C ILE AD 30 -83.57 -66.45 66.90
N ASN AD 31 -82.56 -65.90 66.23
CA ASN AD 31 -81.18 -66.20 66.54
C ASN AD 31 -80.46 -64.91 66.92
N ASN AD 32 -79.17 -65.05 67.17
CA ASN AD 32 -78.30 -63.89 67.24
C ASN AD 32 -78.14 -63.31 65.83
N PRO AD 33 -77.93 -62.00 65.72
CA PRO AD 33 -77.80 -61.39 64.38
C PRO AD 33 -76.60 -61.91 63.61
N SER AD 34 -76.80 -62.06 62.31
CA SER AD 34 -75.86 -62.74 61.43
C SER AD 34 -74.94 -61.73 60.76
N ASP AD 35 -74.15 -62.20 59.78
CA ASP AD 35 -73.19 -61.36 59.09
C ASP AD 35 -73.13 -61.75 57.62
N ASP AD 36 -72.92 -60.74 56.77
CA ASP AD 36 -72.95 -60.91 55.32
C ASP AD 36 -71.87 -61.85 54.83
N ALA AD 37 -70.70 -61.86 55.47
CA ALA AD 37 -69.65 -62.81 55.10
C ALA AD 37 -70.09 -64.24 55.36
N THR AD 38 -70.77 -64.46 56.49
CA THR AD 38 -71.32 -65.78 56.78
C THR AD 38 -72.39 -66.16 55.78
N ILE AD 39 -73.18 -65.17 55.33
CA ILE AD 39 -74.22 -65.42 54.34
C ILE AD 39 -73.59 -65.86 53.01
N LYS AD 40 -72.54 -65.16 52.58
CA LYS AD 40 -71.85 -65.52 51.35
C LYS AD 40 -71.19 -66.89 51.47
N LEU AD 41 -70.63 -67.19 52.65
CA LEU AD 41 -70.01 -68.48 52.87
C LEU AD 41 -71.02 -69.62 52.80
N ALA AD 42 -72.21 -69.41 53.37
CA ALA AD 42 -73.26 -70.41 53.29
C ALA AD 42 -73.76 -70.57 51.86
N GLU AD 43 -73.84 -69.46 51.13
CA GLU AD 43 -74.23 -69.50 49.72
C GLU AD 43 -73.27 -70.33 48.89
N ALA AD 44 -71.97 -70.17 49.12
CA ALA AD 44 -70.98 -70.99 48.43
C ALA AD 44 -71.04 -72.44 48.89
N ALA AD 45 -71.29 -72.63 50.19
CA ALA AD 45 -71.21 -73.97 50.78
C ALA AD 45 -72.33 -74.85 50.29
N VAL AD 46 -73.53 -74.28 50.09
CA VAL AD 46 -74.67 -75.05 49.60
C VAL AD 46 -74.39 -75.59 48.20
N SER AD 47 -73.85 -74.73 47.33
CA SER AD 47 -73.57 -75.11 45.96
C SER AD 47 -72.47 -76.17 45.89
N VAL AD 48 -71.39 -75.96 46.65
CA VAL AD 48 -70.30 -76.92 46.57
C VAL AD 48 -70.67 -78.23 47.25
N SER AD 49 -71.55 -78.20 48.25
CA SER AD 49 -71.99 -79.42 48.91
C SER AD 49 -72.89 -80.23 48.00
N ASP AD 50 -73.79 -79.56 47.27
CA ASP AD 50 -74.64 -80.26 46.32
C ASP AD 50 -73.82 -80.83 45.17
N SER AD 51 -72.81 -80.08 44.71
CA SER AD 51 -71.94 -80.56 43.64
C SER AD 51 -71.15 -81.79 44.09
N MET AD 52 -70.62 -81.76 45.31
CA MET AD 52 -69.90 -82.92 45.85
C MET AD 52 -70.84 -84.11 46.02
N LEU AD 53 -72.09 -83.86 46.41
CA LEU AD 53 -73.05 -84.93 46.59
C LEU AD 53 -73.36 -85.63 45.28
N GLU AD 54 -73.65 -84.85 44.23
CA GLU AD 54 -73.97 -85.47 42.95
C GLU AD 54 -72.75 -86.12 42.31
N MET AD 55 -71.55 -85.56 42.53
CA MET AD 55 -70.35 -86.18 41.99
C MET AD 55 -70.05 -87.50 42.69
N ALA AD 56 -70.27 -87.56 44.01
CA ALA AD 56 -70.09 -88.81 44.73
C ALA AD 56 -71.12 -89.84 44.30
N LYS AD 57 -72.36 -89.39 44.06
CA LYS AD 57 -73.41 -90.31 43.60
C LYS AD 57 -73.11 -90.87 42.22
N VAL AD 58 -72.64 -90.03 41.30
CA VAL AD 58 -72.34 -90.53 39.96
C VAL AD 58 -71.07 -91.37 39.98
N GLU AD 59 -70.14 -91.11 40.91
CA GLU AD 59 -68.98 -91.98 41.03
C GLU AD 59 -69.37 -93.35 41.57
N LYS AD 60 -70.31 -93.38 42.51
CA LYS AD 60 -70.84 -94.65 43.01
C LYS AD 60 -71.56 -95.42 41.90
N VAL AD 61 -72.29 -94.70 41.04
CA VAL AD 61 -72.97 -95.34 39.91
C VAL AD 61 -71.96 -95.92 38.93
N ILE AD 62 -70.91 -95.15 38.62
CA ILE AD 62 -69.91 -95.60 37.65
C ILE AD 62 -69.13 -96.79 38.18
N THR AD 63 -68.62 -96.69 39.40
CA THR AD 63 -67.74 -97.71 39.94
C THR AD 63 -68.47 -98.49 41.02
N PRO AD 64 -68.73 -99.78 40.82
CA PRO AD 64 -69.30 -100.59 41.88
C PRO AD 64 -68.22 -101.14 42.80
N PRO AD 65 -68.24 -100.77 44.07
CA PRO AD 65 -67.31 -101.38 45.03
C PRO AD 65 -67.69 -102.82 45.31
N SER AD 66 -66.68 -103.61 45.71
CA SER AD 66 -66.88 -105.03 45.94
C SER AD 66 -66.71 -105.40 47.41
N LYS AD 67 -65.57 -105.06 48.01
CA LYS AD 67 -65.22 -105.56 49.33
C LYS AD 67 -64.83 -104.42 50.25
N ASP AD 68 -65.24 -104.52 51.50
CA ASP AD 68 -64.95 -103.53 52.52
C ASP AD 68 -63.58 -103.77 53.14
N ASN AD 69 -63.16 -102.82 53.97
CA ASN AD 69 -61.92 -102.95 54.70
C ASN AD 69 -62.05 -103.81 55.96
N THR AD 70 -63.28 -104.09 56.40
CA THR AD 70 -63.51 -104.76 57.67
C THR AD 70 -63.01 -106.20 57.69
N LEU AD 71 -62.76 -106.79 56.53
CA LEU AD 71 -62.09 -108.08 56.49
C LEU AD 71 -60.66 -107.98 57.01
N THR AD 72 -59.92 -106.96 56.59
CA THR AD 72 -58.55 -106.83 57.04
C THR AD 72 -58.40 -106.00 58.31
N ILE AD 73 -59.45 -105.32 58.75
CA ILE AD 73 -59.42 -104.78 60.11
C ILE AD 73 -60.67 -105.27 60.85
N PRO AD 74 -60.52 -106.25 61.73
CA PRO AD 74 -61.64 -106.66 62.58
C PRO AD 74 -61.63 -105.93 63.92
N ASN AD 75 -62.61 -106.23 64.77
CA ASN AD 75 -62.68 -105.67 66.11
C ASN AD 75 -62.42 -106.76 67.14
N ALA AD 76 -62.13 -106.33 68.36
CA ALA AD 76 -61.80 -107.25 69.44
C ALA AD 76 -62.11 -106.57 70.77
N TYR AD 77 -61.80 -107.27 71.86
CA TYR AD 77 -61.91 -106.70 73.19
C TYR AD 77 -60.76 -105.72 73.42
N ASN AD 78 -60.89 -104.96 74.53
CA ASN AD 78 -60.12 -103.76 74.91
C ASN AD 78 -59.90 -102.82 73.74
N LEU AD 79 -60.93 -102.70 72.91
CA LEU AD 79 -60.98 -101.81 71.77
C LEU AD 79 -62.25 -100.98 71.75
N GLN AD 80 -63.30 -101.44 72.41
CA GLN AD 80 -64.57 -100.75 72.45
C GLN AD 80 -64.57 -99.60 73.43
N ALA AD 81 -63.50 -99.41 74.18
CA ALA AD 81 -63.28 -98.16 74.90
C ALA AD 81 -63.22 -97.04 73.88
N ARG AD 82 -63.82 -95.90 74.23
CA ARG AD 82 -64.17 -94.92 73.21
C ARG AD 82 -63.26 -93.71 73.30
N ALA AD 83 -63.41 -92.81 72.34
CA ALA AD 83 -62.61 -91.60 72.29
C ALA AD 83 -63.36 -90.52 71.53
N SER AD 84 -62.99 -89.27 71.81
CA SER AD 84 -63.41 -88.14 70.99
C SER AD 84 -62.17 -87.39 70.57
N VAL AD 85 -62.02 -87.17 69.27
CA VAL AD 85 -60.78 -86.66 68.71
C VAL AD 85 -61.04 -85.49 67.78
N ASP AD 86 -60.06 -84.59 67.73
CA ASP AD 86 -59.94 -83.54 66.72
C ASP AD 86 -58.46 -83.41 66.43
N TRP AD 87 -57.99 -84.09 65.39
CA TRP AD 87 -56.59 -84.16 65.06
C TRP AD 87 -56.36 -83.60 63.66
N SER AD 88 -55.24 -82.92 63.49
CA SER AD 88 -54.90 -82.34 62.20
C SER AD 88 -53.49 -82.66 61.72
N GLY AD 89 -52.65 -83.23 62.58
CA GLY AD 89 -51.25 -83.41 62.25
C GLY AD 89 -50.99 -84.63 61.40
N PRO AD 90 -49.74 -85.10 61.41
CA PRO AD 90 -49.41 -86.30 60.64
C PRO AD 90 -49.89 -87.59 61.29
N ILE AD 91 -49.50 -88.71 60.71
CA ILE AD 91 -50.10 -90.00 61.04
C ILE AD 91 -49.47 -90.63 62.27
N GLU AD 92 -48.14 -90.60 62.36
CA GLU AD 92 -47.42 -91.52 63.22
C GLU AD 92 -47.59 -91.19 64.70
N GLU AD 93 -47.62 -89.90 65.05
CA GLU AD 93 -47.83 -89.50 66.44
C GLU AD 93 -49.21 -89.91 66.92
N LEU AD 94 -50.22 -89.75 66.08
CA LEU AD 94 -51.58 -90.15 66.43
C LEU AD 94 -51.71 -91.66 66.56
N THR AD 95 -51.05 -92.41 65.68
CA THR AD 95 -51.11 -93.87 65.78
C THR AD 95 -50.37 -94.37 67.01
N ALA AD 96 -49.27 -93.71 67.38
CA ALA AD 96 -48.59 -94.04 68.61
C ALA AD 96 -49.46 -93.74 69.83
N ARG AD 97 -50.19 -92.62 69.78
CA ARG AD 97 -51.11 -92.27 70.87
C ARG AD 97 -52.22 -93.30 71.03
N ILE AD 98 -52.82 -93.72 69.92
CA ILE AD 98 -53.93 -94.67 70.03
C ILE AD 98 -53.42 -96.05 70.42
N ALA AD 99 -52.22 -96.43 69.98
CA ALA AD 99 -51.66 -97.72 70.39
C ALA AD 99 -51.29 -97.71 71.87
N LYS AD 100 -50.76 -96.58 72.37
CA LYS AD 100 -50.45 -96.45 73.78
C LYS AD 100 -51.70 -96.49 74.64
N ALA AD 101 -52.79 -95.90 74.15
CA ALA AD 101 -54.06 -96.02 74.85
C ALA AD 101 -54.57 -97.45 74.82
N ALA AD 102 -54.41 -98.14 73.69
CA ALA AD 102 -55.00 -99.45 73.50
C ALA AD 102 -54.16 -100.59 74.06
N HIS AD 103 -52.95 -100.30 74.57
CA HIS AD 103 -52.01 -101.28 75.10
C HIS AD 103 -51.67 -102.36 74.08
N PHE AD 104 -51.56 -101.96 72.82
CA PHE AD 104 -51.15 -102.85 71.75
C PHE AD 104 -49.79 -102.43 71.23
N ARG AD 105 -48.99 -103.40 70.82
CA ARG AD 105 -47.69 -103.06 70.26
C ARG AD 105 -47.87 -102.45 68.88
N PHE AD 106 -46.92 -101.61 68.50
CA PHE AD 106 -47.04 -100.82 67.29
C PHE AD 106 -45.89 -101.11 66.34
N ARG AD 107 -46.21 -101.23 65.05
CA ARG AD 107 -45.19 -101.50 64.04
C ARG AD 107 -45.42 -100.65 62.79
N VAL AD 108 -44.32 -100.45 62.07
CA VAL AD 108 -44.32 -99.73 60.81
C VAL AD 108 -43.63 -100.58 59.76
N LEU AD 109 -44.15 -100.56 58.55
CA LEU AD 109 -43.58 -101.30 57.43
C LEU AD 109 -43.35 -100.35 56.27
N GLY AD 110 -42.22 -100.51 55.60
CA GLY AD 110 -41.87 -99.70 54.46
C GLY AD 110 -41.25 -98.38 54.87
N LYS AD 111 -40.68 -97.71 53.88
CA LYS AD 111 -39.98 -96.46 54.13
C LYS AD 111 -40.97 -95.31 54.24
N SER AD 112 -40.75 -94.45 55.22
CA SER AD 112 -41.54 -93.24 55.34
C SER AD 112 -41.16 -92.29 54.23
N PRO AD 113 -42.10 -91.82 53.42
CA PRO AD 113 -41.74 -90.94 52.31
C PRO AD 113 -41.39 -89.54 52.81
N SER AD 114 -40.69 -88.81 51.95
CA SER AD 114 -40.34 -87.43 52.27
C SER AD 114 -41.56 -86.54 52.35
N VAL AD 115 -42.50 -86.72 51.43
CA VAL AD 115 -43.76 -85.99 51.50
C VAL AD 115 -44.60 -86.62 52.61
N PRO AD 116 -45.01 -85.83 53.60
CA PRO AD 116 -45.77 -86.39 54.72
C PRO AD 116 -47.22 -86.64 54.34
N VAL AD 117 -47.86 -87.46 55.16
CA VAL AD 117 -49.28 -87.78 55.01
C VAL AD 117 -50.03 -87.07 56.13
N LEU AD 118 -51.03 -86.27 55.77
CA LEU AD 118 -51.70 -85.38 56.70
C LEU AD 118 -53.19 -85.68 56.70
N ILE AD 119 -53.70 -86.15 57.84
CA ILE AD 119 -55.10 -86.51 58.00
C ILE AD 119 -55.67 -85.72 59.17
N SER AD 120 -56.83 -85.10 58.95
CA SER AD 120 -57.54 -84.39 60.01
C SER AD 120 -58.87 -85.09 60.25
N ILE AD 121 -59.06 -85.58 61.48
CA ILE AD 121 -60.28 -86.29 61.86
C ILE AD 121 -60.88 -85.60 63.07
N SER AD 122 -62.16 -85.25 62.99
CA SER AD 122 -62.87 -84.61 64.08
C SER AD 122 -64.18 -85.37 64.30
N THR AD 123 -64.21 -86.23 65.31
CA THR AD 123 -65.40 -87.03 65.61
C THR AD 123 -65.86 -86.76 67.03
N LYS AD 124 -66.83 -87.57 67.47
CA LYS AD 124 -67.46 -87.37 68.77
C LYS AD 124 -67.98 -88.72 69.25
N ASP AD 125 -67.31 -89.30 70.25
CA ASP AD 125 -67.64 -90.58 70.88
C ASP AD 125 -67.66 -91.71 69.85
N GLU AD 126 -66.50 -91.95 69.27
CA GLU AD 126 -66.37 -92.91 68.18
C GLU AD 126 -65.59 -94.13 68.65
N SER AD 127 -66.01 -95.30 68.19
CA SER AD 127 -65.32 -96.54 68.49
C SER AD 127 -64.00 -96.59 67.73
N LEU AD 128 -62.99 -97.17 68.37
CA LEU AD 128 -61.63 -97.10 67.83
C LEU AD 128 -61.46 -97.96 66.59
N ALA AD 129 -62.23 -99.05 66.48
CA ALA AD 129 -62.16 -99.89 65.29
C ALA AD 129 -62.62 -99.13 64.06
N GLU AD 130 -63.75 -98.42 64.17
CA GLU AD 130 -64.20 -97.61 63.06
C GLU AD 130 -63.34 -96.36 62.88
N ILE AD 131 -62.69 -95.91 63.96
CA ILE AD 131 -61.74 -94.80 63.86
C ILE AD 131 -60.57 -95.20 62.97
N LEU AD 132 -60.03 -96.40 63.19
CA LEU AD 132 -58.92 -96.85 62.36
C LEU AD 132 -59.37 -97.25 60.96
N ARG AD 133 -60.62 -97.71 60.83
CA ARG AD 133 -61.18 -97.97 59.51
C ARG AD 133 -61.28 -96.69 58.69
N ASP AD 134 -61.75 -95.61 59.31
CA ASP AD 134 -61.78 -94.32 58.64
C ASP AD 134 -60.38 -93.78 58.40
N ILE AD 135 -59.44 -94.10 59.29
CA ILE AD 135 -58.06 -93.69 59.09
C ILE AD 135 -57.49 -94.33 57.84
N ASP AD 136 -57.73 -95.64 57.68
CA ASP AD 136 -57.27 -96.33 56.48
C ASP AD 136 -58.03 -95.86 55.24
N TYR AD 137 -59.29 -95.49 55.41
CA TYR AD 137 -60.07 -94.95 54.30
C TYR AD 137 -59.50 -93.63 53.80
N GLN AD 138 -59.23 -92.72 54.72
CA GLN AD 138 -58.68 -91.42 54.34
C GLN AD 138 -57.22 -91.52 53.92
N ALA AD 139 -56.50 -92.52 54.39
CA ALA AD 139 -55.18 -92.79 53.86
C ALA AD 139 -55.26 -93.23 52.40
N GLY AD 140 -56.12 -94.21 52.12
CA GLY AD 140 -56.37 -94.61 50.75
C GLY AD 140 -55.22 -95.29 50.06
N LYS AD 141 -54.60 -94.59 49.12
CA LYS AD 141 -53.63 -95.20 48.23
C LYS AD 141 -52.22 -95.26 48.80
N LYS AD 142 -51.78 -94.19 49.48
CA LYS AD 142 -50.36 -94.06 49.81
C LYS AD 142 -49.96 -94.94 51.00
N ALA AD 143 -50.91 -95.36 51.82
CA ALA AD 143 -50.57 -96.17 52.97
C ALA AD 143 -51.74 -97.07 53.32
N SER AD 144 -51.45 -98.11 54.10
CA SER AD 144 -52.46 -99.07 54.53
C SER AD 144 -52.21 -99.43 55.98
N ILE AD 145 -53.18 -100.11 56.57
CA ILE AD 145 -53.12 -100.47 57.98
C ILE AD 145 -53.44 -101.94 58.13
N HIS AD 146 -52.95 -102.53 59.22
CA HIS AD 146 -53.25 -103.91 59.57
C HIS AD 146 -53.28 -104.02 61.08
N VAL AD 147 -54.05 -105.00 61.56
CA VAL AD 147 -54.22 -105.21 63.00
C VAL AD 147 -54.36 -106.69 63.25
N TYR AD 148 -53.56 -107.22 64.16
CA TYR AD 148 -53.63 -108.63 64.54
C TYR AD 148 -53.87 -108.72 66.03
N PRO AD 149 -55.10 -108.98 66.47
CA PRO AD 149 -55.39 -108.97 67.90
C PRO AD 149 -54.88 -110.19 68.63
N ASN AD 150 -54.66 -111.29 67.92
CA ASN AD 150 -54.03 -112.46 68.51
C ASN AD 150 -52.61 -112.14 68.96
N SER AD 151 -51.88 -111.37 68.15
CA SER AD 151 -50.57 -110.88 68.55
C SER AD 151 -50.64 -109.54 69.25
N GLN AD 152 -51.84 -108.94 69.33
CA GLN AD 152 -52.09 -107.64 69.99
C GLN AD 152 -51.23 -106.54 69.38
N VAL AD 153 -51.16 -106.52 68.06
CA VAL AD 153 -50.31 -105.58 67.35
C VAL AD 153 -51.14 -104.79 66.36
N VAL AD 154 -50.71 -103.56 66.13
CA VAL AD 154 -51.24 -102.70 65.09
C VAL AD 154 -50.07 -102.16 64.30
N GLU AD 155 -50.12 -102.29 62.99
CA GLU AD 155 -49.04 -101.84 62.14
C GLU AD 155 -49.61 -100.99 61.01
N LEU AD 156 -48.81 -100.03 60.58
CA LEU AD 156 -49.11 -99.27 59.38
C LEU AD 156 -48.00 -99.49 58.37
N ARG AD 157 -48.37 -99.62 57.11
CA ARG AD 157 -47.42 -99.88 56.05
C ARG AD 157 -47.55 -98.79 55.00
N TYR AD 158 -46.41 -98.42 54.42
CA TYR AD 158 -46.40 -97.41 53.38
C TYR AD 158 -46.63 -98.06 52.02
N ALA AD 159 -46.69 -97.25 50.97
CA ALA AD 159 -46.93 -97.75 49.63
C ALA AD 159 -45.61 -98.11 48.95
N LYS AD 160 -45.53 -99.35 48.46
CA LYS AD 160 -44.39 -99.78 47.65
C LYS AD 160 -44.61 -99.23 46.24
N ILE AD 161 -43.99 -98.10 45.96
CA ILE AD 161 -44.10 -97.42 44.68
C ILE AD 161 -42.82 -96.61 44.51
N TYR AD 162 -42.62 -96.04 43.32
CA TYR AD 162 -41.47 -95.24 42.91
C TYR AD 162 -40.20 -96.09 42.93
N ARG BD 207 -64.15 -91.71 -20.15
CA ARG BD 207 -62.75 -92.09 -20.19
C ARG BD 207 -61.91 -90.97 -20.84
N ILE BD 208 -60.65 -90.89 -20.46
CA ILE BD 208 -59.80 -89.76 -20.86
C ILE BD 208 -59.22 -90.02 -22.24
N ILE BD 209 -59.46 -89.08 -23.15
CA ILE BD 209 -58.97 -89.15 -24.53
C ILE BD 209 -57.66 -88.36 -24.61
N TYR BD 210 -56.73 -88.84 -25.42
CA TYR BD 210 -55.43 -88.21 -25.56
C TYR BD 210 -55.24 -87.65 -26.96
N TYR BD 211 -54.53 -86.54 -27.04
CA TYR BD 211 -54.14 -85.93 -28.30
C TYR BD 211 -52.64 -85.69 -28.30
N ILE BD 212 -52.06 -85.56 -29.49
CA ILE BD 212 -50.63 -85.33 -29.60
C ILE BD 212 -50.32 -83.88 -29.25
N GLN BD 213 -49.44 -83.69 -28.28
CA GLN BD 213 -48.95 -82.36 -27.93
C GLN BD 213 -47.75 -81.97 -28.79
N ALA BD 214 -46.72 -82.82 -28.82
CA ALA BD 214 -45.53 -82.56 -29.61
C ALA BD 214 -44.92 -83.91 -30.00
N VAL BD 215 -44.97 -84.23 -31.28
CA VAL BD 215 -44.45 -85.50 -31.78
C VAL BD 215 -43.02 -85.27 -32.26
N ILE BD 216 -42.07 -85.98 -31.66
CA ILE BD 216 -40.68 -85.95 -32.07
C ILE BD 216 -40.30 -87.39 -32.44
N PRO BD 217 -39.20 -87.62 -33.15
CA PRO BD 217 -38.69 -89.00 -33.23
C PRO BD 217 -38.24 -89.49 -31.86
N GLY BD 218 -38.65 -90.70 -31.51
CA GLY BD 218 -38.26 -91.29 -30.25
C GLY BD 218 -39.26 -91.11 -29.13
N ARG BD 219 -39.54 -89.86 -28.75
CA ARG BD 219 -40.48 -89.57 -27.67
C ARG BD 219 -41.79 -89.04 -28.23
N ALA BD 220 -42.81 -89.01 -27.38
CA ALA BD 220 -44.15 -88.60 -27.79
C ALA BD 220 -44.81 -87.84 -26.66
N TRP BD 221 -45.15 -86.58 -26.91
CA TRP BD 221 -45.85 -85.76 -25.94
C TRP BD 221 -47.35 -85.83 -26.19
N LEU BD 222 -48.09 -86.24 -25.17
CA LEU BD 222 -49.53 -86.42 -25.24
C LEU BD 222 -50.20 -85.59 -24.17
N ILE BD 223 -51.37 -85.05 -24.51
CA ILE BD 223 -52.20 -84.27 -23.60
C ILE BD 223 -53.54 -84.99 -23.46
N GLY BD 224 -53.92 -85.27 -22.21
CA GLY BD 224 -55.18 -85.94 -21.96
C GLY BD 224 -56.38 -85.02 -22.09
N SER BD 225 -57.56 -85.62 -22.00
CA SER BD 225 -58.80 -84.86 -22.11
C SER BD 225 -59.01 -83.96 -20.90
N ASN BD 226 -58.68 -84.45 -19.71
CA ASN BD 226 -58.83 -83.65 -18.50
C ASN BD 226 -57.65 -82.72 -18.25
N GLY BD 227 -56.61 -82.81 -19.07
CA GLY BD 227 -55.44 -81.96 -18.91
C GLY BD 227 -54.17 -82.66 -18.50
N SER BD 228 -54.15 -84.00 -18.48
CA SER BD 228 -52.94 -84.73 -18.10
C SER BD 228 -51.97 -84.71 -19.27
N THR BD 229 -50.75 -84.24 -19.02
CA THR BD 229 -49.72 -84.13 -20.04
C THR BD 229 -48.55 -85.02 -19.66
N LEU BD 230 -48.15 -85.90 -20.58
CA LEU BD 230 -46.98 -86.72 -20.35
C LEU BD 230 -46.35 -87.09 -21.68
N THR BD 231 -45.05 -87.38 -21.65
CA THR BD 231 -44.34 -87.88 -22.82
C THR BD 231 -43.84 -89.28 -22.54
N VAL BD 232 -43.92 -90.14 -23.55
CA VAL BD 232 -43.60 -91.55 -23.42
C VAL BD 232 -42.78 -92.01 -24.62
N ARG BD 233 -42.46 -93.30 -24.63
CA ARG BD 233 -41.66 -93.97 -25.65
C ARG BD 233 -42.52 -95.05 -26.32
N GLU BD 234 -41.86 -95.89 -27.13
CA GLU BD 234 -42.57 -96.95 -27.84
C GLU BD 234 -43.10 -98.00 -26.88
N GLY BD 235 -42.27 -98.46 -25.94
CA GLY BD 235 -42.72 -99.42 -24.97
C GLY BD 235 -43.13 -98.77 -23.66
N SER BD 236 -44.43 -98.56 -23.48
CA SER BD 236 -44.95 -97.93 -22.27
C SER BD 236 -46.43 -98.27 -22.15
N LYS BD 237 -46.95 -98.13 -20.93
CA LYS BD 237 -48.34 -98.41 -20.62
C LYS BD 237 -49.01 -97.15 -20.11
N ILE BD 238 -50.19 -96.85 -20.67
CA ILE BD 238 -50.95 -95.68 -20.26
C ILE BD 238 -52.38 -96.12 -19.94
N PRO BD 239 -53.04 -95.51 -18.95
CA PRO BD 239 -54.40 -95.93 -18.60
C PRO BD 239 -55.41 -95.48 -19.64
N GLY BD 240 -56.35 -96.37 -19.95
CA GLY BD 240 -57.39 -96.08 -20.90
C GLY BD 240 -57.02 -96.33 -22.35
N TYR BD 241 -55.74 -96.52 -22.65
CA TYR BD 241 -55.27 -96.80 -23.99
C TYR BD 241 -54.52 -98.11 -24.10
N GLY BD 242 -53.95 -98.60 -23.02
CA GLY BD 242 -53.26 -99.88 -23.01
C GLY BD 242 -51.79 -99.72 -23.41
N MET BD 243 -51.33 -100.61 -24.28
CA MET BD 243 -49.94 -100.65 -24.71
C MET BD 243 -49.76 -99.83 -25.98
N VAL BD 244 -48.71 -99.01 -26.01
CA VAL BD 244 -48.37 -98.29 -27.23
C VAL BD 244 -47.78 -99.32 -28.20
N LYS BD 245 -48.56 -99.72 -29.20
CA LYS BD 245 -48.12 -100.75 -30.13
C LYS BD 245 -47.09 -100.22 -31.12
N LEU BD 246 -47.33 -99.02 -31.65
CA LEU BD 246 -46.44 -98.47 -32.66
C LEU BD 246 -46.54 -96.96 -32.65
N ILE BD 247 -45.40 -96.30 -32.90
CA ILE BD 247 -45.32 -94.85 -32.99
C ILE BD 247 -44.82 -94.50 -34.38
N ASP BD 248 -45.57 -93.67 -35.10
CA ASP BD 248 -45.17 -93.19 -36.41
C ASP BD 248 -44.82 -91.70 -36.29
N SER BD 249 -43.54 -91.39 -36.48
CA SER BD 249 -43.12 -89.99 -36.54
C SER BD 249 -43.68 -89.31 -37.79
N LEU BD 250 -43.85 -90.06 -38.87
CA LEU BD 250 -44.54 -89.54 -40.04
C LEU BD 250 -46.02 -89.37 -39.75
N GLN BD 251 -46.61 -88.31 -40.32
CA GLN BD 251 -48.04 -88.06 -40.42
C GLN BD 251 -48.74 -87.84 -39.08
N GLY BD 252 -47.99 -87.76 -37.97
CA GLY BD 252 -48.55 -87.50 -36.66
C GLY BD 252 -49.51 -88.55 -36.13
N ARG BD 253 -49.15 -89.82 -36.30
CA ARG BD 253 -50.02 -90.93 -35.91
C ARG BD 253 -49.33 -91.76 -34.85
N ILE BD 254 -50.06 -92.06 -33.77
CA ILE BD 254 -49.60 -92.96 -32.72
C ILE BD 254 -50.59 -94.11 -32.60
N LEU BD 255 -50.12 -95.33 -32.69
CA LEU BD 255 -50.98 -96.51 -32.69
C LEU BD 255 -50.93 -97.17 -31.31
N THR BD 256 -52.10 -97.49 -30.77
CA THR BD 256 -52.17 -98.11 -29.45
C THR BD 256 -52.77 -99.50 -29.54
N SER BD 257 -52.74 -100.20 -28.39
CA SER BD 257 -53.34 -101.53 -28.30
C SER BD 257 -54.86 -101.49 -28.26
N SER BD 258 -55.44 -100.32 -27.97
CA SER BD 258 -56.89 -100.16 -27.95
C SER BD 258 -57.47 -99.89 -29.33
N GLY BD 259 -56.68 -100.05 -30.39
CA GLY BD 259 -57.16 -99.72 -31.72
C GLY BD 259 -57.28 -98.24 -31.98
N GLN BD 260 -56.57 -97.42 -31.22
CA GLN BD 260 -56.73 -95.98 -31.26
C GLN BD 260 -55.48 -95.31 -31.82
N VAL BD 261 -55.71 -94.27 -32.62
CA VAL BD 261 -54.64 -93.46 -33.19
C VAL BD 261 -54.67 -92.10 -32.51
N ILE BD 262 -53.56 -91.72 -31.90
CA ILE BD 262 -53.41 -90.42 -31.28
C ILE BD 262 -52.81 -89.47 -32.30
N LYS BD 263 -53.40 -88.28 -32.41
CA LYS BD 263 -53.00 -87.26 -33.38
C LYS BD 263 -53.31 -85.90 -32.76
N PHE BD 264 -53.38 -84.87 -33.60
CA PHE BD 264 -53.79 -83.55 -33.16
C PHE BD 264 -55.31 -83.44 -33.21
N SER BD 265 -55.83 -82.22 -33.05
CA SER BD 265 -57.27 -82.00 -33.07
C SER BD 265 -57.76 -81.64 -34.46
N GLN BD 266 -59.07 -81.77 -34.65
CA GLN BD 266 -59.68 -81.51 -35.95
C GLN BD 266 -59.84 -80.01 -36.19
N GLU BD 267 -60.63 -79.34 -35.34
CA GLU BD 267 -60.77 -77.89 -35.45
C GLU BD 267 -59.48 -77.18 -35.12
N ASP BD 268 -58.79 -77.62 -34.07
CA ASP BD 268 -57.45 -77.15 -33.74
C ASP BD 268 -56.46 -78.00 -34.52
N SER BD 269 -56.40 -77.75 -35.83
CA SER BD 269 -55.54 -78.52 -36.72
C SER BD 269 -54.16 -77.89 -36.84
N GLN CD 791 -27.53 -89.84 -73.53
CA GLN CD 791 -26.44 -89.72 -74.48
C GLN CD 791 -25.54 -88.52 -74.14
N GLN CD 792 -25.03 -87.86 -75.18
CA GLN CD 792 -24.14 -86.73 -75.02
C GLN CD 792 -24.87 -85.45 -74.64
N GLU CD 793 -26.19 -85.43 -74.72
CA GLU CD 793 -26.98 -84.24 -74.42
C GLU CD 793 -27.29 -84.09 -72.94
N ILE CD 794 -26.89 -85.07 -72.11
CA ILE CD 794 -27.30 -85.09 -70.72
C ILE CD 794 -26.58 -84.03 -69.91
N GLN CD 795 -25.25 -83.99 -70.04
CA GLN CD 795 -24.41 -83.21 -69.12
C GLN CD 795 -24.57 -81.72 -69.32
N GLN CD 796 -24.87 -81.27 -70.54
CA GLN CD 796 -25.20 -79.87 -70.73
C GLN CD 796 -26.55 -79.53 -70.12
N ARG CD 797 -27.50 -80.46 -70.18
CA ARG CD 797 -28.80 -80.26 -69.57
C ARG CD 797 -28.81 -80.56 -68.08
N THR CD 798 -27.77 -81.20 -67.56
CA THR CD 798 -27.69 -81.53 -66.14
C THR CD 798 -26.99 -80.45 -65.33
N SER CD 799 -25.83 -80.00 -65.80
CA SER CD 799 -24.96 -79.14 -65.01
C SER CD 799 -25.55 -77.75 -64.81
N ASP CD 800 -26.25 -77.22 -65.83
CA ASP CD 800 -26.89 -75.92 -65.69
C ASP CD 800 -28.02 -75.99 -64.67
N MET CD 801 -28.77 -77.09 -64.68
CA MET CD 801 -29.76 -77.33 -63.63
C MET CD 801 -29.09 -77.57 -62.29
N LEU CD 802 -27.90 -78.20 -62.30
CA LEU CD 802 -27.17 -78.43 -61.08
C LEU CD 802 -26.69 -77.12 -60.47
N THR CD 803 -26.18 -76.21 -61.31
CA THR CD 803 -25.65 -74.95 -60.80
C THR CD 803 -26.77 -74.04 -60.30
N ALA CD 804 -27.91 -74.02 -61.00
CA ALA CD 804 -29.01 -73.16 -60.58
C ALA CD 804 -29.63 -73.67 -59.28
N ALA CD 805 -29.69 -74.99 -59.10
CA ALA CD 805 -30.27 -75.56 -57.90
C ALA CD 805 -29.39 -75.29 -56.69
N THR CD 806 -28.07 -75.27 -56.89
CA THR CD 806 -27.16 -74.91 -55.81
C THR CD 806 -27.37 -73.46 -55.37
N GLN CD 807 -27.64 -72.58 -56.34
CA GLN CD 807 -28.08 -71.23 -56.00
C GLN CD 807 -29.43 -71.26 -55.29
N LEU CD 808 -30.32 -72.15 -55.74
CA LEU CD 808 -31.65 -72.23 -55.13
C LEU CD 808 -31.58 -72.75 -53.70
N VAL CD 809 -30.77 -73.78 -53.46
CA VAL CD 809 -30.71 -74.33 -52.11
C VAL CD 809 -29.92 -73.43 -51.18
N GLN CD 810 -28.93 -72.70 -51.70
CA GLN CD 810 -28.21 -71.76 -50.86
C GLN CD 810 -29.03 -70.50 -50.60
N ASP CD 811 -30.07 -70.27 -51.39
CA ASP CD 811 -30.99 -69.19 -51.11
C ASP CD 811 -32.00 -69.57 -50.05
N TRP CD 812 -32.07 -70.86 -49.70
CA TRP CD 812 -33.01 -71.31 -48.68
C TRP CD 812 -32.37 -71.44 -47.31
N LYS CD 813 -31.03 -71.56 -47.26
CA LYS CD 813 -30.36 -71.84 -46.00
C LYS CD 813 -30.41 -70.65 -45.05
N GLN CD 814 -30.19 -69.45 -45.58
CA GLN CD 814 -30.15 -68.27 -44.73
C GLN CD 814 -31.56 -67.88 -44.29
N VAL CD 815 -31.63 -67.27 -43.11
CA VAL CD 815 -32.85 -66.67 -42.60
C VAL CD 815 -32.45 -65.53 -41.66
N GLU CD 816 -32.94 -64.34 -41.95
CA GLU CD 816 -32.61 -63.18 -41.13
C GLU CD 816 -33.42 -63.22 -39.82
N THR CD 817 -32.94 -62.46 -38.85
CA THR CD 817 -33.55 -62.44 -37.54
C THR CD 817 -34.55 -61.30 -37.43
N GLN CD 818 -35.03 -61.06 -36.21
CA GLN CD 818 -36.07 -60.07 -35.95
C GLN CD 818 -35.49 -58.67 -35.89
N VAL CD 819 -36.37 -57.70 -35.64
CA VAL CD 819 -35.99 -56.36 -35.28
C VAL CD 819 -37.08 -55.82 -34.36
N TYR CD 820 -36.71 -55.47 -33.13
CA TYR CD 820 -37.67 -55.06 -32.10
C TYR CD 820 -37.36 -53.64 -31.67
N THR CD 821 -38.36 -52.77 -31.76
CA THR CD 821 -38.14 -51.33 -31.60
C THR CD 821 -39.18 -50.75 -30.65
N GLU CD 822 -38.80 -49.70 -29.95
CA GLU CD 822 -39.67 -48.99 -29.02
C GLU CD 822 -39.17 -47.56 -28.86
N GLY CD 823 -40.10 -46.60 -28.85
CA GLY CD 823 -39.72 -45.21 -28.67
C GLY CD 823 -40.82 -44.36 -28.07
N THR CD 824 -40.51 -43.66 -26.98
CA THR CD 824 -41.50 -42.81 -26.32
C THR CD 824 -41.47 -41.40 -26.90
N ALA DD 104 -35.30 -48.89 -105.25
CA ALA DD 104 -34.61 -47.77 -104.62
C ALA DD 104 -34.97 -47.69 -103.15
N GLU DD 105 -36.22 -47.33 -102.87
CA GLU DD 105 -36.71 -47.18 -101.51
C GLU DD 105 -37.00 -48.51 -100.82
N VAL DD 106 -37.01 -49.61 -101.57
CA VAL DD 106 -37.16 -50.93 -100.97
C VAL DD 106 -35.95 -51.27 -100.12
N ILE DD 107 -34.78 -50.73 -100.47
CA ILE DD 107 -33.58 -50.87 -99.66
C ILE DD 107 -33.79 -50.26 -98.29
N ASP DD 108 -34.34 -49.04 -98.26
CA ASP DD 108 -34.62 -48.36 -97.00
C ASP DD 108 -35.73 -49.06 -96.22
N LYS DD 109 -36.72 -49.62 -96.94
CA LYS DD 109 -37.80 -50.35 -96.29
C LYS DD 109 -37.28 -51.60 -95.57
N LYS DD 110 -36.48 -52.42 -96.27
CA LYS DD 110 -35.92 -53.62 -95.68
C LYS DD 110 -34.93 -53.28 -94.57
N ALA DD 111 -34.16 -52.21 -94.75
CA ALA DD 111 -33.22 -51.77 -93.73
C ALA DD 111 -33.93 -51.33 -92.46
N PHE DD 112 -35.04 -50.60 -92.60
CA PHE DD 112 -35.85 -50.22 -91.44
C PHE DD 112 -36.47 -51.44 -90.78
N LYS DD 113 -36.87 -52.43 -91.60
CA LYS DD 113 -37.47 -53.66 -91.07
C LYS DD 113 -36.50 -54.41 -90.18
N ASP DD 114 -35.36 -54.84 -90.73
CA ASP DD 114 -34.42 -55.59 -89.90
C ASP DD 114 -33.71 -54.69 -88.89
N MET DD 115 -33.72 -53.37 -89.09
CA MET DD 115 -33.18 -52.46 -88.09
C MET DD 115 -34.06 -52.44 -86.84
N THR DD 116 -35.38 -52.38 -87.03
CA THR DD 116 -36.29 -52.48 -85.89
C THR DD 116 -36.24 -53.85 -85.26
N ARG DD 117 -36.05 -54.90 -86.09
CA ARG DD 117 -35.91 -56.26 -85.57
C ARG DD 117 -34.69 -56.41 -84.68
N ASN DD 118 -33.55 -55.84 -85.10
CA ASN DD 118 -32.36 -55.92 -84.29
C ASN DD 118 -32.40 -54.97 -83.10
N LEU DD 119 -33.15 -53.87 -83.23
CA LEU DD 119 -33.32 -52.96 -82.11
C LEU DD 119 -34.12 -53.62 -81.00
N TYR DD 120 -35.26 -54.21 -81.32
CA TYR DD 120 -36.04 -54.97 -80.37
C TYR DD 120 -36.20 -56.39 -80.89
N PRO DD 121 -35.35 -57.32 -80.46
CA PRO DD 121 -35.50 -58.72 -80.88
C PRO DD 121 -36.66 -59.45 -80.22
N LEU DD 122 -37.33 -58.83 -79.26
CA LEU DD 122 -38.42 -59.45 -78.52
C LEU DD 122 -39.75 -58.89 -78.99
N ASN DD 123 -40.69 -59.77 -79.28
CA ASN DD 123 -42.07 -59.35 -79.49
C ASN DD 123 -42.68 -58.93 -78.15
N PRO DD 124 -43.58 -57.95 -78.16
CA PRO DD 124 -44.22 -57.52 -76.90
C PRO DD 124 -45.03 -58.61 -76.22
N GLU DD 125 -45.71 -59.43 -77.02
CA GLU DD 125 -46.41 -60.59 -76.47
C GLU DD 125 -45.43 -61.59 -75.87
N GLN DD 126 -44.27 -61.76 -76.51
CA GLN DD 126 -43.20 -62.59 -75.95
C GLN DD 126 -42.70 -62.03 -74.63
N VAL DD 127 -42.62 -60.69 -74.52
CA VAL DD 127 -42.20 -60.04 -73.28
C VAL DD 127 -43.20 -60.31 -72.17
N VAL DD 128 -44.49 -60.18 -72.49
CA VAL DD 128 -45.55 -60.42 -71.49
C VAL DD 128 -45.56 -61.89 -71.06
N LYS DD 129 -45.41 -62.81 -72.01
CA LYS DD 129 -45.37 -64.22 -71.69
C LYS DD 129 -44.14 -64.60 -70.90
N LEU DD 130 -43.00 -63.95 -71.18
CA LEU DD 130 -41.79 -64.22 -70.43
C LEU DD 130 -41.89 -63.70 -69.00
N LYS DD 131 -42.52 -62.53 -68.82
CA LYS DD 131 -42.74 -62.03 -67.47
C LYS DD 131 -43.72 -62.90 -66.71
N GLN DD 132 -44.71 -63.46 -67.41
CA GLN DD 132 -45.64 -64.39 -66.78
C GLN DD 132 -44.95 -65.67 -66.36
N ILE DD 133 -44.11 -66.23 -67.23
CA ILE DD 133 -43.46 -67.49 -66.87
C ILE DD 133 -42.39 -67.25 -65.81
N TYR DD 134 -41.81 -66.06 -65.78
CA TYR DD 134 -40.91 -65.68 -64.69
C TYR DD 134 -41.66 -65.58 -63.37
N GLU DD 135 -42.87 -65.02 -63.39
CA GLU DD 135 -43.62 -64.90 -62.14
C GLU DD 135 -44.12 -66.25 -61.66
N THR DD 136 -44.39 -67.19 -62.58
CA THR DD 136 -44.70 -68.55 -62.15
C THR DD 136 -43.48 -69.24 -61.58
N SER DD 137 -42.30 -68.99 -62.17
CA SER DD 137 -41.06 -69.57 -61.67
C SER DD 137 -40.76 -69.09 -60.25
N GLU DD 138 -40.91 -67.79 -60.00
CA GLU DD 138 -40.66 -67.32 -58.63
C GLU DD 138 -41.80 -67.68 -57.68
N TYR DD 139 -43.02 -67.89 -58.17
CA TYR DD 139 -44.07 -68.42 -57.31
C TYR DD 139 -43.74 -69.84 -56.87
N ALA DD 140 -43.20 -70.66 -57.78
CA ALA DD 140 -42.77 -72.00 -57.40
C ALA DD 140 -41.56 -71.95 -56.48
N LYS DD 141 -40.68 -70.97 -56.66
CA LYS DD 141 -39.54 -70.79 -55.77
C LYS DD 141 -40.00 -70.43 -54.36
N ALA DD 142 -40.92 -69.48 -54.24
CA ALA DD 142 -41.44 -69.07 -52.95
C ALA DD 142 -42.46 -70.04 -52.39
N ALA DD 143 -42.90 -71.03 -53.17
CA ALA DD 143 -43.82 -72.03 -52.68
C ALA DD 143 -43.11 -72.94 -51.68
N THR DD 144 -43.74 -73.14 -50.52
CA THR DD 144 -43.15 -73.93 -49.44
C THR DD 144 -43.84 -75.28 -49.37
N PRO DD 145 -43.11 -76.38 -49.56
CA PRO DD 145 -43.73 -77.71 -49.52
C PRO DD 145 -44.13 -78.09 -48.10
N GLY DD 146 -45.09 -79.01 -48.03
CA GLY DD 146 -45.61 -79.46 -46.75
C GLY DD 146 -46.84 -78.68 -46.33
N THR DD 147 -47.44 -79.14 -45.25
CA THR DD 147 -48.63 -78.53 -44.70
C THR DD 147 -48.26 -77.31 -43.87
N PRO DD 148 -48.87 -76.15 -44.12
CA PRO DD 148 -48.59 -74.98 -43.29
C PRO DD 148 -49.25 -75.13 -41.93
N PRO DD 149 -48.50 -74.89 -40.85
CA PRO DD 149 -49.06 -75.10 -39.51
C PRO DD 149 -50.11 -74.06 -39.15
N LYS DD 150 -50.99 -74.44 -38.24
CA LYS DD 150 -52.10 -73.59 -37.87
C LYS DD 150 -51.68 -72.63 -36.77
N PRO DD 151 -51.76 -71.32 -36.97
CA PRO DD 151 -51.43 -70.37 -35.90
C PRO DD 151 -52.54 -70.31 -34.87
N THR DD 152 -52.16 -70.49 -33.60
CA THR DD 152 -53.14 -70.55 -32.52
C THR DD 152 -52.63 -69.82 -31.30
N ALA DD 153 -53.50 -69.02 -30.70
CA ALA DD 153 -53.25 -68.50 -29.37
C ALA DD 153 -53.49 -69.59 -28.33
N THR DD 154 -52.73 -69.52 -27.24
CA THR DD 154 -52.79 -70.55 -26.21
C THR DD 154 -52.53 -69.90 -24.85
N SER DD 155 -53.24 -70.39 -23.83
CA SER DD 155 -53.05 -69.95 -22.46
C SER DD 155 -52.99 -71.18 -21.56
N GLN DD 156 -51.86 -71.38 -20.91
CA GLN DD 156 -51.65 -72.52 -20.03
C GLN DD 156 -51.22 -72.05 -18.65
N PHE DD 157 -51.34 -72.96 -17.69
CA PHE DD 157 -50.84 -72.74 -16.35
C PHE DD 157 -49.56 -73.52 -16.16
N VAL DD 158 -48.49 -72.80 -15.77
CA VAL DD 158 -47.21 -73.44 -15.47
C VAL DD 158 -47.23 -73.75 -13.97
N ASN DD 159 -47.76 -74.91 -13.63
CA ASN DD 159 -47.69 -75.40 -12.27
C ASN DD 159 -46.25 -75.74 -11.91
N LEU DD 160 -45.94 -75.62 -10.62
CA LEU DD 160 -44.57 -75.79 -10.13
C LEU DD 160 -44.44 -77.06 -9.30
N SER DD 161 -45.09 -78.12 -9.75
CA SER DD 161 -45.02 -79.40 -9.05
C SER DD 161 -43.64 -80.02 -9.23
N PRO DD 162 -42.96 -80.40 -8.16
CA PRO DD 162 -41.60 -80.95 -8.27
C PRO DD 162 -41.53 -82.40 -8.74
N GLY DD 163 -42.64 -82.99 -9.19
CA GLY DD 163 -42.62 -84.32 -9.74
C GLY DD 163 -43.33 -84.38 -11.07
N SER DD 164 -43.69 -83.21 -11.60
CA SER DD 164 -44.45 -83.13 -12.83
C SER DD 164 -43.51 -83.22 -14.04
N THR DD 165 -44.04 -82.95 -15.23
CA THR DD 165 -43.27 -82.95 -16.45
C THR DD 165 -43.19 -81.52 -17.01
N PRO DD 166 -42.04 -81.11 -17.53
CA PRO DD 166 -41.86 -79.72 -17.97
C PRO DD 166 -42.58 -79.46 -19.29
N PRO DD 167 -42.93 -78.20 -19.56
CA PRO DD 167 -43.67 -77.88 -20.79
C PRO DD 167 -42.77 -77.70 -22.01
N VAL DD 168 -43.36 -78.03 -23.15
CA VAL DD 168 -42.77 -77.79 -24.47
C VAL DD 168 -43.61 -76.74 -25.18
N ILE DD 169 -42.97 -76.00 -26.07
CA ILE DD 169 -43.62 -74.97 -26.87
C ILE DD 169 -43.38 -75.27 -28.34
N ARG DD 170 -44.46 -75.38 -29.10
CA ARG DD 170 -44.37 -75.57 -30.55
C ARG DD 170 -43.96 -74.26 -31.22
N LEU DD 171 -42.94 -74.31 -32.07
CA LEU DD 171 -42.37 -73.12 -32.66
C LEU DD 171 -42.29 -73.25 -34.18
N SER DD 172 -42.10 -72.11 -34.84
CA SER DD 172 -41.98 -72.02 -36.28
C SER DD 172 -40.63 -71.41 -36.64
N GLN DD 173 -40.00 -71.96 -37.68
CA GLN DD 173 -38.73 -71.40 -38.15
C GLN DD 173 -38.99 -70.14 -38.94
N GLY DD 174 -38.25 -69.08 -38.63
CA GLY DD 174 -38.39 -67.82 -39.31
C GLY DD 174 -39.58 -66.99 -38.89
N PHE DD 175 -40.32 -67.42 -37.86
CA PHE DD 175 -41.49 -66.69 -37.38
C PHE DD 175 -41.31 -66.36 -35.91
N VAL DD 176 -41.62 -65.11 -35.57
CA VAL DD 176 -41.53 -64.67 -34.18
C VAL DD 176 -42.68 -65.29 -33.38
N SER DD 177 -42.35 -65.82 -32.21
CA SER DD 177 -43.33 -66.37 -31.29
C SER DD 177 -43.31 -65.56 -30.00
N SER DD 178 -44.49 -65.18 -29.53
CA SER DD 178 -44.65 -64.39 -28.32
C SER DD 178 -44.98 -65.31 -27.16
N LEU DD 179 -44.28 -65.11 -26.04
CA LEU DD 179 -44.49 -65.89 -24.83
C LEU DD 179 -44.55 -64.93 -23.65
N VAL DD 180 -45.73 -64.80 -23.04
CA VAL DD 180 -45.93 -63.84 -21.97
C VAL DD 180 -46.12 -64.59 -20.66
N PHE DD 181 -45.75 -63.91 -19.57
CA PHE DD 181 -45.76 -64.49 -18.24
C PHE DD 181 -46.66 -63.67 -17.32
N LEU DD 182 -47.63 -64.35 -16.71
CA LEU DD 182 -48.47 -63.78 -15.68
C LEU DD 182 -48.46 -64.71 -14.46
N ASP DD 183 -48.94 -64.19 -13.33
CA ASP DD 183 -49.00 -64.99 -12.13
C ASP DD 183 -50.33 -65.75 -12.09
N SER DD 184 -50.67 -66.34 -10.94
CA SER DD 184 -51.98 -66.94 -10.77
C SER DD 184 -53.09 -65.90 -10.71
N THR DD 185 -52.75 -64.66 -10.34
CA THR DD 185 -53.71 -63.57 -10.38
C THR DD 185 -53.89 -63.00 -11.78
N GLY DD 186 -53.01 -63.35 -12.71
CA GLY DD 186 -53.01 -62.76 -14.03
C GLY DD 186 -52.22 -61.48 -14.16
N ALA DD 187 -51.67 -60.97 -13.06
CA ALA DD 187 -50.85 -59.77 -13.12
C ALA DD 187 -49.51 -60.09 -13.77
N PRO DD 188 -48.90 -59.13 -14.46
CA PRO DD 188 -47.61 -59.41 -15.11
C PRO DD 188 -46.49 -59.62 -14.10
N TRP DD 189 -45.68 -60.64 -14.35
CA TRP DD 189 -44.47 -60.89 -13.57
C TRP DD 189 -43.29 -60.77 -14.52
N PRO DD 190 -42.59 -59.63 -14.52
CA PRO DD 190 -41.50 -59.43 -15.49
C PRO DD 190 -40.29 -60.30 -15.18
N ILE DD 191 -39.52 -60.53 -16.21
CA ILE DD 191 -38.38 -61.43 -16.18
C ILE DD 191 -37.17 -60.68 -15.63
N ALA DD 192 -36.44 -61.33 -14.72
CA ALA DD 192 -35.20 -60.78 -14.19
C ALA DD 192 -33.97 -61.34 -14.89
N ALA DD 193 -33.89 -62.66 -15.06
CA ALA DD 193 -32.73 -63.25 -15.70
C ALA DD 193 -33.12 -64.55 -16.39
N TYR DD 194 -32.28 -64.98 -17.32
CA TYR DD 194 -32.50 -66.25 -18.00
C TYR DD 194 -31.17 -66.81 -18.49
N ASP DD 195 -31.20 -68.09 -18.85
CA ASP DD 195 -30.10 -68.74 -19.53
C ASP DD 195 -30.65 -69.65 -20.61
N LEU DD 196 -30.11 -69.51 -21.81
CA LEU DD 196 -30.49 -70.31 -22.97
C LEU DD 196 -29.26 -71.08 -23.44
N GLY DD 197 -29.35 -72.40 -23.41
CA GLY DD 197 -28.26 -73.24 -23.87
C GLY DD 197 -28.33 -73.43 -25.37
N ASP DD 198 -27.19 -73.19 -26.04
CA ASP DD 198 -27.02 -73.21 -27.50
C ASP DD 198 -28.03 -72.34 -28.23
N PRO DD 199 -27.89 -71.01 -28.23
CA PRO DD 199 -28.85 -70.17 -28.96
C PRO DD 199 -28.66 -70.12 -30.47
N SER DD 200 -27.89 -71.05 -31.05
CA SER DD 200 -27.74 -71.10 -32.50
C SER DD 200 -29.04 -71.43 -33.21
N SER DD 201 -29.94 -72.14 -32.54
CA SER DD 201 -31.23 -72.44 -33.13
C SER DD 201 -32.32 -71.46 -32.76
N PHE DD 202 -32.13 -70.64 -31.73
CA PHE DD 202 -33.19 -69.77 -31.25
C PHE DD 202 -32.62 -68.41 -30.85
N ASN DD 203 -33.16 -67.36 -31.45
CA ASN DD 203 -32.78 -65.98 -31.13
C ASN DD 203 -33.89 -65.33 -30.32
N ILE DD 204 -33.50 -64.65 -29.24
CA ILE DD 204 -34.45 -63.96 -28.37
C ILE DD 204 -33.95 -62.55 -28.15
N GLN DD 205 -34.78 -61.57 -28.48
CA GLN DD 205 -34.60 -60.21 -27.98
C GLN DD 205 -35.65 -59.97 -26.89
N TRP DD 206 -35.20 -59.53 -25.72
CA TRP DD 206 -36.06 -59.43 -24.56
C TRP DD 206 -35.80 -58.15 -23.80
N ASP DD 207 -36.86 -57.39 -23.53
CA ASP DD 207 -36.73 -56.18 -22.74
C ASP DD 207 -36.49 -56.54 -21.29
N LYS DD 208 -35.51 -55.87 -20.67
CA LYS DD 208 -34.93 -56.28 -19.39
C LYS DD 208 -35.91 -56.26 -18.24
N THR DD 209 -36.97 -55.47 -18.32
CA THR DD 209 -38.00 -55.42 -17.28
C THR DD 209 -39.35 -55.87 -17.80
N SER DD 210 -39.39 -56.80 -18.75
CA SER DD 210 -40.62 -57.23 -19.37
C SER DD 210 -40.92 -58.69 -19.02
N ASN DD 211 -42.17 -59.07 -19.28
CA ASN DD 211 -42.62 -60.45 -19.12
C ASN DD 211 -42.92 -61.11 -20.45
N THR DD 212 -42.43 -60.54 -21.56
CA THR DD 212 -42.73 -61.02 -22.89
C THR DD 212 -41.44 -61.42 -23.59
N LEU DD 213 -41.45 -62.61 -24.19
CA LEU DD 213 -40.32 -63.15 -24.92
C LEU DD 213 -40.69 -63.29 -26.39
N MET DD 214 -39.86 -62.72 -27.26
CA MET DD 214 -40.00 -62.86 -28.70
C MET DD 214 -38.92 -63.82 -29.16
N ILE DD 215 -39.33 -65.01 -29.59
CA ILE DD 215 -38.41 -66.11 -29.86
C ILE DD 215 -38.50 -66.46 -31.34
N GLN DD 216 -37.34 -66.67 -31.96
CA GLN DD 216 -37.28 -66.97 -33.39
C GLN DD 216 -36.48 -68.24 -33.57
N ALA DD 217 -37.07 -69.23 -34.24
CA ALA DD 217 -36.37 -70.45 -34.58
C ALA DD 217 -35.65 -70.26 -35.90
N THR DD 218 -34.40 -70.71 -35.96
CA THR DD 218 -33.54 -70.57 -37.12
C THR DD 218 -33.39 -71.88 -37.89
N LYS DD 219 -33.35 -73.00 -37.19
CA LYS DD 219 -33.28 -74.31 -37.79
C LYS DD 219 -34.67 -74.95 -37.75
N LEU DD 220 -34.76 -76.17 -38.26
CA LEU DD 220 -36.06 -76.81 -38.45
C LEU DD 220 -36.32 -77.98 -37.52
N TYR DD 221 -35.29 -78.66 -37.02
CA TYR DD 221 -35.50 -79.80 -36.15
C TYR DD 221 -34.51 -79.79 -34.99
N ASN DD 222 -33.94 -78.64 -34.69
CA ASN DD 222 -33.01 -78.50 -33.57
C ASN DD 222 -33.81 -77.96 -32.39
N TYR DD 223 -34.35 -78.87 -31.59
CA TYR DD 223 -35.12 -78.51 -30.42
C TYR DD 223 -34.21 -77.94 -29.34
N GLY DD 224 -34.74 -76.98 -28.60
CA GLY DD 224 -33.96 -76.32 -27.57
C GLY DD 224 -34.63 -76.34 -26.21
N ASN DD 225 -34.05 -75.60 -25.28
CA ASN DD 225 -34.40 -75.67 -23.87
C ASN DD 225 -33.75 -74.50 -23.16
N LEU DD 226 -34.40 -74.02 -22.10
CA LEU DD 226 -33.87 -72.85 -21.40
C LEU DD 226 -34.41 -72.83 -19.98
N ALA DD 227 -33.81 -71.96 -19.16
CA ALA DD 227 -34.24 -71.73 -17.79
C ALA DD 227 -34.42 -70.24 -17.58
N VAL DD 228 -35.50 -69.88 -16.89
CA VAL DD 228 -35.85 -68.48 -16.64
C VAL DD 228 -36.08 -68.31 -15.14
N ARG DD 229 -35.52 -67.25 -14.56
CA ARG DD 229 -35.78 -66.88 -13.18
C ARG DD 229 -36.28 -65.45 -13.15
N LEU DD 230 -37.46 -65.24 -12.55
CA LEU DD 230 -38.08 -63.94 -12.51
C LEU DD 230 -37.59 -63.16 -11.29
N ARG DD 231 -38.20 -62.02 -11.01
CA ARG DD 231 -37.69 -61.13 -9.97
C ARG DD 231 -38.02 -61.66 -8.59
N GLY DD 232 -39.30 -61.80 -8.26
CA GLY DD 232 -39.67 -62.42 -7.01
C GLY DD 232 -39.55 -63.93 -6.98
N LEU DD 233 -39.23 -64.52 -8.11
CA LEU DD 233 -39.11 -65.97 -8.22
C LEU DD 233 -37.87 -66.46 -7.48
N ASN DD 234 -38.01 -67.60 -6.80
CA ASN DD 234 -36.89 -68.23 -6.12
C ASN DD 234 -36.37 -69.44 -6.88
N THR DD 235 -37.26 -70.37 -7.24
CA THR DD 235 -36.85 -71.56 -7.98
C THR DD 235 -37.02 -71.32 -9.48
N PRO DD 236 -35.98 -71.46 -10.28
CA PRO DD 236 -36.10 -71.17 -11.72
C PRO DD 236 -36.94 -72.20 -12.44
N VAL DD 237 -37.54 -71.77 -13.54
CA VAL DD 237 -38.46 -72.59 -14.32
C VAL DD 237 -37.81 -72.94 -15.64
N MET DD 238 -37.78 -74.23 -15.96
CA MET DD 238 -37.20 -74.72 -17.20
C MET DD 238 -38.30 -75.01 -18.22
N LEU DD 239 -37.96 -74.84 -19.49
CA LEU DD 239 -38.89 -75.11 -20.59
C LEU DD 239 -38.13 -75.67 -21.77
N THR DD 240 -38.85 -76.34 -22.67
CA THR DD 240 -38.26 -76.82 -23.91
C THR DD 240 -39.09 -76.34 -25.09
N LEU DD 241 -38.42 -76.17 -26.23
CA LEU DD 241 -39.01 -75.61 -27.44
C LEU DD 241 -38.76 -76.57 -28.59
N ILE DD 242 -39.81 -76.90 -29.33
CA ILE DD 242 -39.75 -77.88 -30.40
C ILE DD 242 -40.18 -77.21 -31.70
N PRO DD 243 -39.38 -77.26 -32.76
CA PRO DD 243 -39.85 -76.86 -34.08
C PRO DD 243 -40.47 -78.04 -34.82
N GLY DD 244 -41.07 -77.73 -35.97
CA GLY DD 244 -41.64 -78.75 -36.82
C GLY DD 244 -42.90 -79.42 -36.29
N GLN DD 245 -43.99 -78.66 -36.22
CA GLN DD 245 -45.26 -79.19 -35.74
C GLN DD 245 -46.38 -78.74 -36.67
N LYS DD 246 -47.44 -79.55 -36.74
CA LYS DD 246 -48.58 -79.28 -37.62
C LYS DD 246 -49.43 -78.10 -37.16
N ALA DD 247 -49.22 -77.61 -35.94
CA ALA DD 247 -49.78 -76.36 -35.50
C ALA DD 247 -48.70 -75.61 -34.74
N VAL DD 248 -48.82 -74.30 -34.69
CA VAL DD 248 -47.79 -73.44 -34.10
C VAL DD 248 -48.41 -72.60 -33.00
N ASP DD 249 -47.71 -72.53 -31.87
CA ASP DD 249 -48.09 -71.62 -30.81
C ASP DD 249 -47.79 -70.20 -31.26
N TYR DD 250 -48.79 -69.54 -31.84
CA TYR DD 250 -48.63 -68.17 -32.27
C TYR DD 250 -48.41 -67.25 -31.08
N ARG DD 251 -49.29 -67.33 -30.09
CA ARG DD 251 -49.11 -66.65 -28.81
C ARG DD 251 -49.21 -67.68 -27.70
N VAL DD 252 -48.31 -67.59 -26.73
CA VAL DD 252 -48.36 -68.44 -25.54
C VAL DD 252 -48.45 -67.53 -24.33
N ASP DD 253 -49.39 -67.81 -23.45
CA ASP DD 253 -49.51 -67.13 -22.17
C ASP DD 253 -49.33 -68.16 -21.07
N LEU DD 254 -48.53 -67.84 -20.06
CA LEU DD 254 -48.24 -68.80 -19.00
C LEU DD 254 -48.55 -68.18 -17.66
N ARG DD 255 -49.44 -68.82 -16.90
CA ARG DD 255 -49.81 -68.35 -15.57
C ARG DD 255 -49.11 -69.22 -14.52
N VAL DD 256 -48.31 -68.60 -13.67
CA VAL DD 256 -47.48 -69.33 -12.72
C VAL DD 256 -48.26 -69.56 -11.44
N GLN DD 257 -47.77 -70.52 -10.65
CA GLN DD 257 -48.40 -70.85 -9.37
C GLN DD 257 -48.24 -69.72 -8.36
N GLY DD 258 -47.09 -69.06 -8.35
CA GLY DD 258 -46.83 -67.99 -7.40
C GLY DD 258 -47.52 -66.70 -7.79
N TYR DD 259 -47.30 -65.68 -6.96
CA TYR DD 259 -47.88 -64.37 -7.13
C TYR DD 259 -46.79 -63.36 -7.46
N GLY DD 260 -47.07 -62.49 -8.43
CA GLY DD 260 -46.09 -61.52 -8.87
C GLY DD 260 -45.96 -60.36 -7.91
N PRO DD 261 -45.07 -59.42 -8.28
CA PRO DD 261 -44.93 -58.21 -7.45
C PRO DD 261 -46.12 -57.29 -7.53
N ASN DD 262 -46.81 -57.28 -8.67
CA ASN DD 262 -48.01 -56.46 -8.86
C ASN DD 262 -49.27 -57.31 -8.79
N ALA DD 263 -49.22 -58.42 -8.05
CA ALA DD 263 -50.33 -59.36 -7.96
C ALA DD 263 -51.44 -58.76 -7.11
N LYS DD 264 -52.19 -57.85 -7.73
CA LYS DD 264 -53.27 -57.17 -7.02
C LYS DD 264 -54.51 -58.04 -6.88
N SER DD 265 -54.75 -58.92 -7.85
CA SER DD 265 -55.98 -59.72 -7.87
C SER DD 265 -55.87 -60.84 -6.83
N MET DD 266 -56.04 -60.45 -5.57
CA MET DD 266 -56.01 -61.38 -4.47
C MET DD 266 -57.42 -61.88 -4.19
N PRO DD 267 -57.68 -63.19 -4.25
CA PRO DD 267 -58.99 -63.70 -3.85
C PRO DD 267 -59.21 -63.56 -2.36
N THR DD 268 -60.46 -63.34 -1.98
CA THR DD 268 -60.83 -63.11 -0.59
C THR DD 268 -61.45 -64.36 -0.01
N GLU DD 269 -61.04 -64.71 1.21
CA GLU DD 269 -61.48 -65.94 1.86
C GLU DD 269 -62.15 -65.62 3.19
N GLU DD 270 -63.34 -66.19 3.40
CA GLU DD 270 -64.04 -66.09 4.67
C GLU DD 270 -64.36 -67.50 5.16
N GLY DD 271 -64.03 -67.76 6.42
CA GLY DD 271 -64.20 -69.09 6.98
C GLY DD 271 -65.26 -69.21 8.06
N ILE DD 272 -64.82 -69.40 9.30
CA ILE DD 272 -65.70 -69.75 10.41
C ILE DD 272 -65.73 -68.59 11.40
N PRO DD 273 -66.90 -68.14 11.83
CA PRO DD 273 -66.95 -67.18 12.94
C PRO DD 273 -66.53 -67.84 14.23
N PRO DD 274 -66.02 -67.08 15.20
CA PRO DD 274 -65.56 -67.68 16.46
C PRO DD 274 -66.70 -68.21 17.29
N SER DD 275 -66.35 -69.15 18.18
CA SER DD 275 -67.36 -69.82 19.00
C SER DD 275 -67.92 -68.87 20.05
N ALA DD 276 -67.06 -68.40 20.95
CA ALA DD 276 -67.43 -67.50 22.02
C ALA DD 276 -66.16 -66.90 22.59
N ASN DD 277 -66.35 -65.95 23.51
CA ASN DD 277 -65.24 -65.42 24.29
C ASN DD 277 -65.05 -66.31 25.52
N ASP DD 278 -63.82 -66.81 25.69
CA ASP DD 278 -63.56 -67.71 26.80
C ASP DD 278 -63.45 -66.98 28.13
N LEU DD 279 -63.28 -65.65 28.11
CA LEU DD 279 -63.34 -64.90 29.34
C LEU DD 279 -64.74 -64.83 29.92
N LEU DD 280 -65.75 -65.02 29.07
CA LEU DD 280 -67.12 -65.08 29.55
C LEU DD 280 -67.37 -66.30 30.43
N LEU DD 281 -66.57 -67.36 30.25
CA LEU DD 281 -66.63 -68.49 31.17
C LEU DD 281 -66.19 -68.09 32.57
N HIS DD 282 -65.11 -67.31 32.66
CA HIS DD 282 -64.68 -66.77 33.95
C HIS DD 282 -65.71 -65.81 34.51
N VAL DD 283 -66.37 -65.06 33.63
CA VAL DD 283 -67.44 -64.16 34.05
C VAL DD 283 -68.61 -64.95 34.64
N LEU DD 284 -68.97 -66.06 34.00
CA LEU DD 284 -70.03 -66.92 34.50
C LEU DD 284 -69.66 -67.55 35.83
N GLU DD 285 -68.38 -67.90 35.99
CA GLU DD 285 -67.93 -68.38 37.28
C GLU DD 285 -67.95 -67.29 38.35
N GLY DD 286 -67.75 -66.04 37.94
CA GLY DD 286 -67.77 -64.91 38.86
C GLY DD 286 -66.46 -64.17 38.95
N VAL DD 287 -65.35 -64.76 38.52
CA VAL DD 287 -64.06 -64.09 38.54
C VAL DD 287 -64.04 -63.07 37.40
N PRO DD 288 -63.77 -61.81 37.71
CA PRO DD 288 -63.72 -60.79 36.66
C PRO DD 288 -62.50 -60.98 35.79
N PRO DD 289 -62.54 -60.54 34.53
CA PRO DD 289 -61.37 -60.63 33.67
C PRO DD 289 -60.28 -59.71 34.15
N PRO DD 290 -59.01 -60.04 33.88
CA PRO DD 290 -57.92 -59.15 34.30
C PRO DD 290 -57.95 -57.84 33.53
N GLY DD 291 -57.53 -56.78 34.22
CA GLY DD 291 -57.48 -55.47 33.62
C GLY DD 291 -58.80 -54.74 33.56
N SER DD 292 -59.89 -55.34 34.02
CA SER DD 292 -61.19 -54.70 33.98
C SER DD 292 -61.45 -53.91 35.27
N ARG DD 293 -62.58 -53.24 35.32
CA ARG DD 293 -62.97 -52.46 36.48
C ARG DD 293 -64.36 -52.88 36.94
N ARG DD 294 -64.59 -52.75 38.24
CA ARG DD 294 -65.90 -53.02 38.80
C ARG DD 294 -66.88 -51.92 38.41
N LEU DD 295 -68.13 -52.32 38.19
CA LEU DD 295 -69.19 -51.40 37.82
C LEU DD 295 -70.25 -51.41 38.91
N VAL DD 296 -70.68 -50.23 39.33
CA VAL DD 296 -71.68 -50.13 40.40
C VAL DD 296 -73.06 -50.34 39.77
N VAL DD 297 -73.68 -51.47 40.08
CA VAL DD 297 -75.01 -51.81 39.61
C VAL DD 297 -75.95 -51.75 40.80
N SER DD 298 -77.10 -51.10 40.62
CA SER DD 298 -78.06 -50.96 41.69
C SER DD 298 -79.47 -51.25 41.18
N GLY DD 299 -80.25 -51.96 41.98
CA GLY DD 299 -81.64 -52.21 41.68
C GLY DD 299 -82.02 -53.65 41.42
N GLY DD 300 -81.10 -54.60 41.56
CA GLY DD 300 -81.42 -55.97 41.27
C GLY DD 300 -80.39 -56.96 41.80
N ASP DD 301 -80.05 -57.97 41.00
CA ASP DD 301 -79.02 -58.95 41.36
C ASP DD 301 -78.18 -59.21 40.12
N ALA DD 302 -77.12 -58.42 39.96
CA ALA DD 302 -76.21 -58.58 38.83
C ALA DD 302 -74.86 -57.99 39.20
N ARG DD 303 -73.83 -58.46 38.53
CA ARG DD 303 -72.48 -57.93 38.68
C ARG DD 303 -71.90 -57.64 37.31
N ALA DD 304 -71.26 -56.48 37.17
CA ALA DD 304 -70.87 -56.01 35.85
C ALA DD 304 -69.42 -55.57 35.84
N TRP DD 305 -68.79 -55.71 34.67
CA TRP DD 305 -67.42 -55.31 34.48
C TRP DD 305 -67.24 -54.78 33.06
N LEU DD 306 -66.18 -54.00 32.89
CA LEU DD 306 -65.85 -53.42 31.59
C LEU DD 306 -64.34 -53.44 31.40
N SER DD 307 -63.91 -54.04 30.29
CA SER DD 307 -62.49 -54.14 29.98
C SER DD 307 -62.12 -53.48 28.67
N ASN DD 308 -62.87 -53.75 27.61
CA ASN DD 308 -62.55 -53.26 26.28
C ASN DD 308 -63.72 -52.48 25.72
N GLU DD 309 -64.23 -51.54 26.53
CA GLU DD 309 -65.54 -50.87 26.39
C GLU DD 309 -66.64 -51.82 25.93
N LYS DD 310 -66.71 -52.96 26.61
CA LYS DD 310 -67.77 -53.93 26.44
C LYS DD 310 -68.31 -54.28 27.81
N MET DD 311 -69.62 -54.24 27.96
CA MET DD 311 -70.24 -54.55 29.24
C MET DD 311 -70.37 -56.05 29.39
N TYR DD 312 -69.94 -56.57 30.55
CA TYR DD 312 -70.08 -57.98 30.88
C TYR DD 312 -70.89 -58.07 32.16
N VAL DD 313 -71.96 -58.85 32.13
CA VAL DD 313 -72.91 -58.88 33.23
C VAL DD 313 -73.20 -60.34 33.59
N ARG DD 314 -73.04 -60.67 34.87
CA ARG DD 314 -73.41 -61.95 35.44
C ARG DD 314 -74.65 -61.76 36.29
N THR DD 315 -75.70 -62.52 36.01
CA THR DD 315 -76.95 -62.42 36.73
C THR DD 315 -77.70 -63.74 36.59
N ASN DD 316 -78.99 -63.73 36.90
CA ASN DD 316 -79.83 -64.91 36.64
C ASN DD 316 -81.18 -64.52 36.07
N LEU DD 317 -81.35 -63.28 35.61
CA LEU DD 317 -82.57 -62.83 34.99
C LEU DD 317 -82.39 -62.78 33.48
N THR DD 318 -83.34 -62.20 32.77
CA THR DD 318 -83.31 -62.10 31.32
C THR DD 318 -83.35 -60.64 30.90
N ILE DD 319 -82.37 -60.22 30.11
CA ILE DD 319 -82.27 -58.84 29.67
C ILE DD 319 -83.21 -58.59 28.51
N LEU DD 320 -83.68 -57.36 28.39
CA LEU DD 320 -84.67 -57.01 27.38
C LEU DD 320 -84.13 -56.01 26.36
N SER DD 321 -83.73 -54.82 26.79
CA SER DD 321 -83.50 -53.72 25.85
C SER DD 321 -82.28 -53.83 24.95
N PRO DD 322 -81.04 -53.81 25.49
CA PRO DD 322 -79.94 -53.20 24.73
C PRO DD 322 -79.39 -54.04 23.59
N GLY DD 323 -79.67 -55.34 23.54
CA GLY DD 323 -79.09 -56.17 22.51
C GLY DD 323 -77.76 -56.70 22.98
N TRP DD 324 -77.64 -58.01 23.13
CA TRP DD 324 -76.42 -58.60 23.65
C TRP DD 324 -75.65 -59.27 22.52
N LEU DD 325 -74.33 -59.09 22.54
CA LEU DD 325 -73.48 -59.70 21.54
C LEU DD 325 -73.40 -61.21 21.75
N ALA DD 326 -73.22 -61.64 22.99
CA ALA DD 326 -73.16 -63.07 23.25
C ALA DD 326 -73.67 -63.34 24.66
N SER DD 327 -74.02 -64.59 24.92
CA SER DD 327 -74.48 -64.98 26.24
C SER DD 327 -74.28 -66.46 26.44
N MET DD 328 -74.17 -66.86 27.71
CA MET DD 328 -74.12 -68.27 28.08
C MET DD 328 -74.88 -68.46 29.38
N THR DD 329 -75.13 -69.73 29.70
CA THR DD 329 -75.87 -70.12 30.89
C THR DD 329 -75.12 -71.21 31.62
N SER DD 330 -75.16 -71.17 32.95
CA SER DD 330 -74.53 -72.18 33.78
C SER DD 330 -75.43 -73.41 33.88
N ALA DD 331 -74.98 -74.38 34.67
CA ALA DD 331 -75.85 -75.50 35.02
C ALA DD 331 -76.94 -75.09 36.00
N ASP DD 332 -76.73 -73.99 36.73
CA ASP DD 332 -77.70 -73.50 37.71
C ASP DD 332 -78.68 -72.51 37.10
N GLY DD 333 -78.58 -72.25 35.80
CA GLY DD 333 -79.45 -71.30 35.16
C GLY DD 333 -79.01 -69.85 35.25
N THR DD 334 -77.89 -69.58 35.92
CA THR DD 334 -77.38 -68.21 35.96
C THR DD 334 -76.78 -67.86 34.61
N HIS DD 335 -77.11 -66.67 34.14
CA HIS DD 335 -76.76 -66.23 32.80
C HIS DD 335 -75.63 -65.21 32.85
N ALA DD 336 -74.86 -65.18 31.76
CA ALA DD 336 -73.79 -64.21 31.57
C ALA DD 336 -73.92 -63.63 30.18
N TYR DD 337 -73.79 -62.30 30.08
CA TYR DD 337 -74.00 -61.58 28.82
C TYR DD 337 -72.82 -60.66 28.54
N GLU DD 338 -72.42 -60.63 27.27
CA GLU DD 338 -71.50 -59.65 26.73
C GLU DD 338 -72.25 -58.77 25.75
N MET DD 339 -72.21 -57.46 25.99
CA MET DD 339 -72.96 -56.50 25.21
C MET DD 339 -72.22 -55.16 25.22
N GLN DD 340 -72.91 -54.11 24.78
CA GLN DD 340 -72.35 -52.77 24.78
C GLN DD 340 -72.65 -52.06 26.09
N LYS DD 341 -72.02 -50.90 26.26
CA LYS DD 341 -72.24 -50.10 27.45
C LYS DD 341 -73.57 -49.37 27.36
N SER DD 342 -74.20 -49.16 28.50
CA SER DD 342 -75.48 -48.49 28.59
C SER DD 342 -75.68 -47.97 30.00
N PRO DD 343 -76.26 -46.79 30.18
CA PRO DD 343 -76.59 -46.34 31.54
C PRO DD 343 -77.75 -47.10 32.16
N VAL DD 344 -78.59 -47.73 31.35
CA VAL DD 344 -79.76 -48.41 31.88
C VAL DD 344 -79.84 -49.80 31.27
N LEU DD 345 -80.53 -50.70 31.97
CA LEU DD 345 -80.78 -52.03 31.49
C LEU DD 345 -82.25 -52.36 31.73
N LEU DD 346 -82.78 -53.28 30.93
CA LEU DD 346 -84.18 -53.67 31.06
C LEU DD 346 -84.27 -55.17 31.23
N VAL DD 347 -84.98 -55.60 32.29
CA VAL DD 347 -85.16 -57.02 32.58
C VAL DD 347 -86.62 -57.26 32.92
N SER DD 348 -86.99 -58.53 32.92
CA SER DD 348 -88.26 -58.97 33.50
C SER DD 348 -87.95 -59.88 34.67
N TRP DD 349 -88.56 -59.60 35.82
CA TRP DD 349 -88.23 -60.34 37.02
C TRP DD 349 -89.09 -61.58 37.17
N HIS DD 350 -90.40 -61.40 37.29
CA HIS DD 350 -91.34 -62.51 37.40
C HIS DD 350 -92.54 -62.22 36.50
N GLY DD 351 -92.26 -61.85 35.26
CA GLY DD 351 -93.28 -61.37 34.37
C GLY DD 351 -93.58 -59.90 34.51
N LYS DD 352 -92.87 -59.20 35.39
CA LYS DD 352 -92.99 -57.76 35.54
C LYS DD 352 -91.68 -57.12 35.11
N VAL DD 353 -91.77 -56.08 34.29
CA VAL DD 353 -90.58 -55.44 33.75
C VAL DD 353 -89.96 -54.54 34.81
N MET DD 354 -88.67 -54.26 34.64
CA MET DD 354 -87.89 -53.56 35.64
C MET DD 354 -86.67 -52.94 35.00
N GLN DD 355 -86.37 -51.70 35.39
CA GLN DD 355 -85.22 -50.96 34.88
C GLN DD 355 -84.09 -51.01 35.89
N LEU DD 356 -82.86 -51.08 35.37
CA LEU DD 356 -81.67 -51.20 36.20
C LEU DD 356 -80.71 -50.07 35.89
N LYS DD 357 -80.32 -49.34 36.94
CA LYS DD 357 -79.43 -48.20 36.80
C LYS DD 357 -77.98 -48.67 36.82
N VAL DD 358 -77.14 -48.04 36.00
CA VAL DD 358 -75.74 -48.37 35.90
C VAL DD 358 -74.93 -47.16 36.33
N GLU DD 359 -74.15 -47.31 37.39
CA GLU DD 359 -73.25 -46.28 37.85
C GLU DD 359 -71.83 -46.68 37.50
N GLY DD 360 -71.11 -45.79 36.83
CA GLY DD 360 -69.76 -46.11 36.41
C GLY DD 360 -69.69 -46.49 34.94
N LEU DD 361 -70.34 -45.72 34.09
CA LEU DD 361 -70.33 -45.95 32.65
C LEU DD 361 -68.93 -45.78 32.05
N ILE ED 862 -31.87 52.27 -29.23
CA ILE ED 862 -30.74 53.19 -29.18
C ILE ED 862 -31.11 54.45 -28.42
N ILE ED 863 -30.54 54.61 -27.23
CA ILE ED 863 -30.76 55.78 -26.38
C ILE ED 863 -29.41 56.22 -25.82
N LYS ED 864 -29.11 57.52 -25.96
CA LYS ED 864 -27.86 58.07 -25.44
C LYS ED 864 -27.84 58.03 -23.91
N THR ED 865 -26.64 57.95 -23.34
CA THR ED 865 -26.46 57.80 -21.90
C THR ED 865 -26.84 59.08 -21.19
N GLY ED 866 -27.72 58.96 -20.19
CA GLY ED 866 -27.99 60.05 -19.27
C GLY ED 866 -28.89 61.15 -19.78
N ASP ED 867 -29.67 60.88 -20.81
CA ASP ED 867 -30.60 61.88 -21.33
C ASP ED 867 -31.81 61.97 -20.41
N ILE ED 868 -32.62 63.01 -20.62
CA ILE ED 868 -33.70 63.39 -19.72
C ILE ED 868 -35.02 63.29 -20.47
N MET ED 869 -35.99 62.61 -19.87
CA MET ED 869 -37.31 62.43 -20.43
C MET ED 869 -38.36 62.85 -19.42
N PHE ED 870 -39.61 62.88 -19.84
CA PHE ED 870 -40.72 63.22 -18.97
C PHE ED 870 -41.67 62.04 -18.84
N ALA ED 871 -42.24 61.88 -17.66
CA ALA ED 871 -43.20 60.82 -17.41
C ALA ED 871 -44.28 61.38 -16.49
N VAL ED 872 -45.40 60.66 -16.41
CA VAL ED 872 -46.52 61.06 -15.57
C VAL ED 872 -46.76 59.96 -14.55
N LEU ED 873 -46.69 60.32 -13.27
CA LEU ED 873 -46.93 59.38 -12.18
C LEU ED 873 -48.37 59.50 -11.71
N ASP ED 874 -49.04 58.35 -11.61
CA ASP ED 874 -50.46 58.32 -11.31
C ASP ED 874 -50.74 57.53 -10.03
N THR ED 875 -49.92 56.52 -9.75
CA THR ED 875 -50.13 55.68 -8.59
C THR ED 875 -49.43 56.29 -7.38
N SER ED 876 -50.22 56.67 -6.37
CA SER ED 876 -49.67 57.25 -5.15
C SER ED 876 -49.37 56.16 -4.13
N VAL ED 877 -48.18 56.22 -3.54
CA VAL ED 877 -47.76 55.24 -2.56
C VAL ED 877 -47.06 55.97 -1.42
N ASN ED 878 -47.02 55.34 -0.27
CA ASN ED 878 -46.36 55.85 0.92
C ASN ED 878 -45.04 55.12 1.13
N SER ED 879 -44.17 55.74 1.92
CA SER ED 879 -42.89 55.14 2.28
C SER ED 879 -43.04 54.24 3.51
N ASP ED 880 -43.98 53.32 3.47
CA ASP ED 880 -44.24 52.42 4.58
C ASP ED 880 -44.15 50.95 4.19
N GLU ED 881 -44.69 50.59 3.03
CA GLU ED 881 -44.70 49.20 2.56
C GLU ED 881 -44.22 49.18 1.12
N PRO ED 882 -43.29 48.29 0.76
CA PRO ED 882 -42.82 48.22 -0.63
C PRO ED 882 -43.91 47.72 -1.56
N GLY ED 883 -43.86 48.22 -2.79
CA GLY ED 883 -44.80 47.81 -3.81
C GLY ED 883 -44.45 48.39 -5.16
N PRO ED 884 -45.01 47.81 -6.23
CA PRO ED 884 -44.78 48.37 -7.57
C PRO ED 884 -45.48 49.69 -7.78
N ILE ED 885 -44.81 50.60 -8.46
CA ILE ED 885 -45.36 51.91 -8.82
C ILE ED 885 -45.06 52.16 -10.29
N LEU ED 886 -46.05 52.65 -11.03
CA LEU ED 886 -45.93 52.82 -12.47
C LEU ED 886 -46.09 54.29 -12.84
N ALA ED 887 -45.26 54.73 -13.77
CA ALA ED 887 -45.38 56.01 -14.43
C ALA ED 887 -45.60 55.79 -15.92
N THR ED 888 -46.00 56.84 -16.62
CA THR ED 888 -46.38 56.74 -18.02
C THR ED 888 -45.67 57.83 -18.81
N ILE ED 889 -44.90 57.43 -19.82
CA ILE ED 889 -44.27 58.41 -20.70
C ILE ED 889 -45.32 58.98 -21.63
N VAL ED 890 -45.33 60.30 -21.79
CA VAL ED 890 -46.31 60.95 -22.64
C VAL ED 890 -45.65 61.71 -23.79
N THR ED 891 -44.39 62.10 -23.68
CA THR ED 891 -43.72 62.85 -24.73
C THR ED 891 -42.39 62.20 -25.08
N GLY ED 892 -41.57 62.91 -25.87
CA GLY ED 892 -40.33 62.34 -26.31
C GLY ED 892 -40.56 61.27 -27.36
N LYS ED 893 -39.52 60.47 -27.60
CA LYS ED 893 -39.66 59.40 -28.58
C LYS ED 893 -40.48 58.23 -28.04
N LEU ED 894 -40.48 58.04 -26.72
CA LEU ED 894 -41.27 56.98 -26.12
C LEU ED 894 -42.74 57.38 -26.14
N LYS ED 895 -43.55 56.60 -26.85
CA LYS ED 895 -44.97 56.87 -27.00
C LYS ED 895 -45.76 55.67 -26.47
N GLY ED 896 -46.66 55.93 -25.54
CA GLY ED 896 -47.49 54.89 -24.98
C GLY ED 896 -46.78 53.96 -24.03
N SER ED 897 -45.55 54.28 -23.64
CA SER ED 897 -44.76 53.37 -22.82
C SER ED 897 -45.02 53.61 -21.34
N LYS ED 898 -44.91 52.54 -20.56
CA LYS ED 898 -45.11 52.60 -19.13
C LYS ED 898 -43.87 52.09 -18.41
N LEU ED 899 -43.80 52.34 -17.11
CA LEU ED 899 -42.60 52.00 -16.35
C LEU ED 899 -43.01 51.64 -14.94
N ILE ED 900 -42.81 50.38 -14.56
CA ILE ED 900 -43.01 49.92 -13.20
C ILE ED 900 -41.66 49.88 -12.50
N GLY ED 901 -41.66 50.22 -11.22
CA GLY ED 901 -40.49 50.21 -10.39
C GLY ED 901 -40.87 50.26 -8.94
N SER ED 902 -39.97 50.71 -8.08
CA SER ED 902 -40.24 50.72 -6.66
C SER ED 902 -39.65 52.00 -6.07
N PHE ED 903 -39.59 52.06 -4.75
CA PHE ED 903 -38.98 53.18 -4.05
C PHE ED 903 -37.89 52.64 -3.13
N ASN ED 904 -37.21 53.57 -2.46
CA ASN ED 904 -36.26 53.23 -1.42
C ASN ED 904 -36.59 54.06 -0.20
N LEU ED 905 -36.21 53.55 0.96
CA LEU ED 905 -36.39 54.31 2.18
C LEU ED 905 -35.13 55.11 2.49
N PRO ED 906 -35.19 56.43 2.47
CA PRO ED 906 -34.02 57.23 2.81
C PRO ED 906 -33.81 57.28 4.32
N SER ED 907 -32.58 57.63 4.71
CA SER ED 907 -32.27 57.82 6.11
C SER ED 907 -32.96 59.05 6.68
N ASN ED 908 -33.08 60.11 5.88
CA ASN ED 908 -33.77 61.32 6.29
C ASN ED 908 -34.86 61.63 5.27
N ALA ED 909 -36.01 62.11 5.76
CA ALA ED 909 -37.23 62.22 4.97
C ALA ED 909 -37.38 63.56 4.27
N ASP ED 910 -36.28 64.28 4.05
CA ASP ED 910 -36.36 65.56 3.34
C ASP ED 910 -36.43 65.36 1.82
N LYS ED 911 -36.23 64.14 1.34
CA LYS ED 911 -36.25 63.86 -0.09
C LYS ED 911 -36.73 62.44 -0.29
N MET ED 912 -37.01 62.11 -1.54
CA MET ED 912 -37.44 60.76 -1.90
C MET ED 912 -37.14 60.53 -3.38
N VAL ED 913 -36.47 59.42 -3.67
CA VAL ED 913 -36.13 59.06 -5.04
C VAL ED 913 -36.84 57.75 -5.37
N ILE ED 914 -37.02 57.51 -6.66
CA ILE ED 914 -37.82 56.38 -7.14
C ILE ED 914 -36.93 55.48 -7.97
N THR ED 915 -36.83 54.21 -7.54
CA THR ED 915 -36.10 53.19 -8.29
C THR ED 915 -36.99 52.69 -9.42
N PHE ED 916 -36.71 53.14 -10.64
CA PHE ED 916 -37.50 52.76 -11.80
C PHE ED 916 -36.66 51.84 -12.66
N ASN ED 917 -37.09 50.59 -12.77
CA ASN ED 917 -36.25 49.58 -13.38
C ASN ED 917 -36.90 48.85 -14.54
N THR ED 918 -38.23 48.72 -14.55
CA THR ED 918 -38.86 47.83 -15.52
C THR ED 918 -39.70 48.65 -16.49
N MET ED 919 -39.16 48.86 -17.69
CA MET ED 919 -39.80 49.67 -18.73
C MET ED 919 -40.53 48.72 -19.67
N SER ED 920 -41.78 49.06 -19.99
CA SER ED 920 -42.56 48.31 -20.96
C SER ED 920 -42.93 49.24 -22.11
N ILE ED 921 -42.63 48.82 -23.34
CA ILE ED 921 -42.86 49.59 -24.55
C ILE ED 921 -43.91 48.85 -25.37
N PRO ED 922 -44.98 49.51 -25.83
CA PRO ED 922 -46.00 48.83 -26.63
C PRO ED 922 -45.55 48.55 -28.05
N GLY ED 923 -46.47 48.02 -28.86
CA GLY ED 923 -46.16 47.65 -30.22
C GLY ED 923 -45.72 46.20 -30.32
N ALA ED 924 -44.62 45.86 -29.68
CA ALA ED 924 -44.11 44.50 -29.66
C ALA ED 924 -44.11 43.96 -28.24
N GLU ED 925 -44.13 42.64 -28.12
CA GLU ED 925 -44.10 41.96 -26.83
C GLU ED 925 -42.65 41.89 -26.35
N LYS ED 926 -42.21 42.98 -25.72
CA LYS ED 926 -40.84 43.09 -25.23
C LYS ED 926 -40.87 43.58 -23.79
N THR ED 927 -39.81 43.28 -23.05
CA THR ED 927 -39.70 43.70 -21.65
C THR ED 927 -38.24 44.08 -21.40
N ILE ED 928 -37.94 45.37 -21.46
CA ILE ED 928 -36.59 45.87 -21.21
C ILE ED 928 -36.46 46.24 -19.73
N SER ED 929 -35.21 46.36 -19.27
CA SER ED 929 -34.95 46.49 -17.84
C SER ED 929 -33.99 47.63 -17.52
N ILE ED 930 -34.26 48.81 -18.07
CA ILE ED 930 -33.40 49.98 -17.83
C ILE ED 930 -33.68 50.51 -16.43
N SER ED 931 -32.62 50.62 -15.63
CA SER ED 931 -32.70 51.18 -14.29
C SER ED 931 -32.38 52.66 -14.34
N ALA ED 932 -33.24 53.48 -13.76
CA ALA ED 932 -33.09 54.92 -13.82
C ALA ED 932 -33.72 55.53 -12.56
N TYR ED 933 -33.35 56.78 -12.28
CA TYR ED 933 -33.90 57.55 -11.18
C TYR ED 933 -34.69 58.73 -11.72
N ALA ED 934 -35.21 59.55 -10.81
CA ALA ED 934 -36.13 60.62 -11.16
C ALA ED 934 -35.67 61.95 -10.58
N ILE ED 935 -36.11 63.03 -11.21
CA ILE ED 935 -35.82 64.40 -10.77
C ILE ED 935 -37.10 65.21 -10.84
N ASP ED 936 -37.11 66.34 -10.13
CA ASP ED 936 -38.25 67.25 -10.19
C ASP ED 936 -38.15 68.09 -11.45
N PRO ED 937 -39.12 68.00 -12.37
CA PRO ED 937 -39.05 68.79 -13.60
C PRO ED 937 -39.30 70.26 -13.33
N ASN ED 938 -38.43 71.09 -13.93
CA ASN ED 938 -38.37 72.55 -13.79
C ASN ED 938 -38.20 73.01 -12.35
N THR ED 939 -37.66 72.17 -11.46
CA THR ED 939 -37.29 72.54 -10.10
C THR ED 939 -35.87 72.05 -9.84
N ALA ED 940 -35.46 71.07 -10.65
CA ALA ED 940 -34.07 70.63 -10.82
C ALA ED 940 -33.48 70.05 -9.53
N ARG ED 941 -34.28 69.26 -8.84
CA ARG ED 941 -33.83 68.52 -7.67
C ARG ED 941 -34.53 67.16 -7.64
N THR ED 942 -34.25 66.41 -6.57
CA THR ED 942 -34.78 65.06 -6.42
C THR ED 942 -35.68 64.90 -5.20
N ALA ED 943 -36.07 66.00 -4.55
CA ALA ED 943 -36.82 65.91 -3.30
C ALA ED 943 -38.28 65.56 -3.55
N LEU ED 944 -39.01 65.32 -2.46
CA LEU ED 944 -40.43 65.03 -2.52
C LEU ED 944 -41.24 66.20 -1.98
N ALA ED 945 -42.26 66.58 -2.74
CA ALA ED 945 -43.15 67.68 -2.36
C ALA ED 945 -44.32 67.11 -1.56
N SER ED 946 -44.10 66.99 -0.24
CA SER ED 946 -45.14 66.53 0.67
C SER ED 946 -44.86 67.15 2.04
N ARG ED 947 -45.61 66.68 3.03
CA ARG ED 947 -45.46 67.17 4.39
C ARG ED 947 -44.53 66.26 5.18
N THR ED 948 -43.57 66.88 5.85
CA THR ED 948 -42.58 66.14 6.62
C THR ED 948 -42.70 66.36 8.12
N ASN ED 949 -43.73 67.08 8.58
CA ASN ED 949 -43.93 67.37 9.99
C ASN ED 949 -44.96 66.44 10.60
N HIS ED 950 -44.95 65.17 10.19
CA HIS ED 950 -46.04 64.25 10.52
C HIS ED 950 -46.05 63.84 11.98
N HIS ED 951 -44.89 63.48 12.53
CA HIS ED 951 -44.84 62.91 13.87
C HIS ED 951 -43.71 63.49 14.68
N TYR ED 952 -43.60 64.82 14.70
CA TYR ED 952 -42.79 65.50 15.70
C TYR ED 952 -43.61 65.82 16.95
N LEU ED 953 -44.72 66.53 16.75
CA LEU ED 953 -45.52 67.07 17.85
C LEU ED 953 -46.18 65.97 18.67
N MET ED 954 -46.53 64.86 18.02
CA MET ED 954 -47.20 63.77 18.73
C MET ED 954 -46.30 63.15 19.80
N ARG ED 955 -45.08 62.77 19.41
CA ARG ED 955 -44.17 62.15 20.38
C ARG ED 955 -43.64 63.17 21.38
N TYR ED 956 -43.39 64.42 20.93
CA TYR ED 956 -42.94 65.46 21.86
C TYR ED 956 -43.99 65.76 22.93
N GLY ED 957 -45.24 65.94 22.52
CA GLY ED 957 -46.30 66.25 23.47
C GLY ED 957 -46.62 65.08 24.38
N SER ED 958 -46.58 63.86 23.86
CA SER ED 958 -46.82 62.69 24.70
C SER ED 958 -45.76 62.53 25.77
N LEU ED 959 -44.48 62.69 25.38
CA LEU ED 959 -43.38 62.60 26.34
C LEU ED 959 -43.47 63.69 27.39
N PHE ED 960 -43.75 64.92 26.96
CA PHE ED 960 -43.81 66.03 27.90
C PHE ED 960 -45.00 65.92 28.84
N ALA ED 961 -46.14 65.42 28.35
CA ALA ED 961 -47.30 65.25 29.21
C ALA ED 961 -47.08 64.16 30.26
N SER ED 962 -46.50 63.03 29.84
CA SER ED 962 -46.20 61.95 30.79
C SER ED 962 -45.19 62.39 31.84
N SER ED 963 -44.17 63.16 31.40
CA SER ED 963 -43.22 63.74 32.33
C SER ED 963 -43.88 64.65 33.34
N PHE ED 964 -44.67 65.62 32.86
CA PHE ED 964 -45.33 66.60 33.72
C PHE ED 964 -46.28 65.92 34.71
N LEU ED 965 -46.90 64.82 34.30
CA LEU ED 965 -47.71 64.03 35.22
C LEU ED 965 -46.88 63.42 36.33
N GLN ED 966 -45.75 62.79 35.96
CA GLN ED 966 -44.83 62.21 36.95
C GLN ED 966 -44.35 63.26 37.95
N GLY ED 967 -43.98 64.43 37.43
CA GLY ED 967 -43.48 65.49 38.27
C GLY ED 967 -44.54 66.06 39.20
N PHE ED 968 -45.78 66.16 38.71
CA PHE ED 968 -46.84 66.72 39.54
C PHE ED 968 -47.13 65.82 40.71
N GLY ED 969 -47.19 64.52 40.45
CA GLY ED 969 -47.41 63.59 41.54
C GLY ED 969 -46.28 63.55 42.54
N ASN ED 970 -45.03 63.46 42.07
CA ASN ED 970 -43.94 63.31 43.03
C ASN ED 970 -43.68 64.59 43.81
N ALA ED 971 -43.69 65.76 43.17
CA ALA ED 971 -43.38 66.99 43.88
C ALA ED 971 -44.53 67.42 44.78
N PHE ED 972 -45.77 67.29 44.33
CA PHE ED 972 -46.85 67.66 45.22
C PHE ED 972 -47.16 66.59 46.26
N GLN ED 973 -46.60 65.38 46.12
CA GLN ED 973 -46.58 64.44 47.23
C GLN ED 973 -45.50 64.79 48.24
N SER ED 974 -44.31 65.19 47.76
CA SER ED 974 -43.22 65.52 48.66
C SER ED 974 -43.44 66.84 49.38
N ALA ED 975 -44.27 67.71 48.80
CA ALA ED 975 -44.59 68.99 49.41
C ALA ED 975 -45.76 68.92 50.39
N ASN ED 976 -46.08 67.74 50.90
CA ASN ED 976 -47.21 67.59 51.81
C ASN ED 976 -46.88 68.13 53.21
N THR ED 977 -45.62 68.12 53.60
CA THR ED 977 -45.27 68.56 54.95
C THR ED 977 -45.35 70.08 55.09
N THR ED 978 -44.83 70.81 54.10
CA THR ED 978 -44.81 72.27 54.18
C THR ED 978 -45.61 72.89 53.04
N SER ED 999 -58.42 66.92 50.05
CA SER ED 999 -58.18 65.55 49.64
C SER ED 999 -58.10 65.46 48.12
N THR ED 1000 -58.82 66.35 47.44
CA THR ED 1000 -58.87 66.33 45.98
C THR ED 1000 -57.53 66.71 45.36
N LEU ED 1001 -56.77 67.59 46.02
CA LEU ED 1001 -55.41 67.88 45.57
C LEU ED 1001 -54.54 66.65 45.68
N GLU ED 1002 -54.71 65.86 46.75
CA GLU ED 1002 -54.01 64.59 46.89
C GLU ED 1002 -54.46 63.60 45.82
N ASN ED 1003 -55.73 63.68 45.41
CA ASN ED 1003 -56.20 62.80 44.33
C ASN ED 1003 -55.59 63.19 42.99
N ALA ED 1004 -55.36 64.49 42.79
CA ALA ED 1004 -54.59 64.93 41.62
C ALA ED 1004 -53.16 64.40 41.67
N VAL ED 1005 -52.55 64.45 42.86
CA VAL ED 1005 -51.23 63.84 43.09
C VAL ED 1005 -51.26 62.37 42.71
N ILE ED 1006 -52.31 61.67 43.14
CA ILE ED 1006 -52.51 60.25 42.87
C ILE ED 1006 -52.52 59.97 41.37
N GLY ED 1007 -53.35 60.72 40.63
CA GLY ED 1007 -53.58 60.42 39.25
C GLY ED 1007 -52.35 60.70 38.41
N LEU ED 1008 -51.74 61.87 38.62
CA LEU ED 1008 -50.59 62.23 37.82
C LEU ED 1008 -49.36 61.42 38.22
N ALA ED 1009 -49.22 61.15 39.54
CA ALA ED 1009 -48.16 60.34 40.11
C ALA ED 1009 -48.09 58.96 39.54
N THR ED 1010 -49.23 58.37 39.23
CA THR ED 1010 -49.13 57.02 38.74
C THR ED 1010 -49.31 56.87 37.25
N VAL ED 1011 -50.05 57.76 36.57
CA VAL ED 1011 -50.14 57.63 35.13
C VAL ED 1011 -48.99 58.31 34.41
N GLY ED 1012 -48.11 59.04 35.11
CA GLY ED 1012 -46.94 59.57 34.46
C GLY ED 1012 -45.94 58.50 34.01
N LYS ED 1013 -45.67 57.53 34.87
CA LYS ED 1013 -44.47 56.70 34.71
C LYS ED 1013 -44.61 55.67 33.58
N ALA ED 1014 -45.73 54.94 33.55
CA ALA ED 1014 -45.94 53.96 32.50
C ALA ED 1014 -46.07 54.62 31.14
N TRP ED 1015 -46.76 55.76 31.09
CA TRP ED 1015 -46.83 56.53 29.86
C TRP ED 1015 -45.47 57.09 29.47
N SER ED 1016 -44.61 57.39 30.45
CA SER ED 1016 -43.27 57.88 30.15
C SER ED 1016 -42.40 56.81 29.51
N GLN ED 1017 -42.41 55.59 30.07
CA GLN ED 1017 -41.61 54.54 29.47
C GLN ED 1017 -42.17 54.08 28.14
N GLN ED 1018 -43.50 54.09 27.99
CA GLN ED 1018 -44.07 53.75 26.68
C GLN ED 1018 -43.79 54.83 25.65
N ALA ED 1019 -43.76 56.10 26.06
CA ALA ED 1019 -43.41 57.18 25.14
C ALA ED 1019 -41.94 57.12 24.75
N GLN ED 1020 -41.08 56.71 25.69
CA GLN ED 1020 -39.68 56.48 25.33
C GLN ED 1020 -39.55 55.29 24.39
N GLN ED 1021 -40.45 54.32 24.51
CA GLN ED 1021 -40.48 53.21 23.56
C GLN ED 1021 -40.88 53.69 22.17
N LEU ED 1022 -41.94 54.48 22.06
CA LEU ED 1022 -42.49 54.87 20.76
C LEU ED 1022 -41.88 56.15 20.22
N PHE ED 1023 -40.87 56.70 20.90
CA PHE ED 1023 -40.31 57.98 20.49
C PHE ED 1023 -39.48 57.87 19.21
N ASN ED 1024 -39.06 56.67 18.85
CA ASN ED 1024 -38.12 56.46 17.76
C ASN ED 1024 -38.77 56.46 16.38
N THR ED 1025 -40.09 56.55 16.29
CA THR ED 1025 -40.77 56.46 14.99
C THR ED 1025 -40.58 57.76 14.21
N PRO ED 1026 -40.06 57.72 12.99
CA PRO ED 1026 -39.78 58.93 12.24
C PRO ED 1026 -41.05 59.48 11.60
N THR ED 1027 -40.95 60.73 11.14
CA THR ED 1027 -42.00 61.37 10.37
C THR ED 1027 -42.01 60.78 8.97
N THR ED 1028 -43.20 60.52 8.44
CA THR ED 1028 -43.31 59.83 7.16
C THR ED 1028 -43.46 60.84 6.02
N VAL ED 1029 -43.20 60.36 4.80
CA VAL ED 1029 -43.45 61.12 3.58
C VAL ED 1029 -44.26 60.25 2.63
N GLU ED 1030 -44.99 60.90 1.73
CA GLU ED 1030 -45.85 60.18 0.81
C GLU ED 1030 -46.00 60.95 -0.49
N VAL ED 1031 -45.84 60.27 -1.62
CA VAL ED 1031 -45.98 60.91 -2.92
C VAL ED 1031 -47.45 61.07 -3.27
N TYR ED 1032 -47.71 61.85 -4.31
CA TYR ED 1032 -49.07 62.13 -4.72
C TYR ED 1032 -49.45 61.33 -5.96
N SER ED 1033 -50.74 61.32 -6.27
CA SER ED 1033 -51.28 60.57 -7.39
C SER ED 1033 -51.39 61.38 -8.67
N GLY ED 1034 -50.96 62.64 -8.66
CA GLY ED 1034 -51.15 63.47 -9.84
C GLY ED 1034 -49.98 64.37 -10.17
N THR ED 1035 -48.77 63.93 -9.86
CA THR ED 1035 -47.58 64.73 -10.09
C THR ED 1035 -46.78 64.14 -11.24
N GLY ED 1036 -46.40 64.97 -12.20
CA GLY ED 1036 -45.50 64.56 -13.26
C GLY ED 1036 -44.08 64.53 -12.75
N LEU ED 1037 -43.19 64.02 -13.60
CA LEU ED 1037 -41.81 63.82 -13.19
C LEU ED 1037 -40.91 63.83 -14.41
N GLY ED 1038 -39.61 64.04 -14.16
CA GLY ED 1038 -38.58 63.88 -15.15
C GLY ED 1038 -37.65 62.74 -14.76
N ILE ED 1039 -37.17 62.03 -15.78
CA ILE ED 1039 -36.35 60.84 -15.59
C ILE ED 1039 -35.02 61.06 -16.28
N LEU ED 1040 -33.94 60.96 -15.51
CA LEU ED 1040 -32.59 60.94 -16.08
C LEU ED 1040 -32.16 59.50 -16.31
N PHE ED 1041 -31.37 59.29 -17.34
CA PHE ED 1041 -30.94 57.93 -17.66
C PHE ED 1041 -29.60 57.60 -17.01
N THR ED 1042 -29.29 56.31 -17.00
CA THR ED 1042 -28.03 55.80 -16.45
C THR ED 1042 -27.20 55.06 -17.49
N GLN ED 1043 -27.83 54.20 -18.30
CA GLN ED 1043 -27.12 53.41 -19.30
C GLN ED 1043 -27.86 53.47 -20.63
N ASP ED 1044 -27.28 52.82 -21.64
CA ASP ED 1044 -27.87 52.74 -22.97
C ASP ED 1044 -28.75 51.49 -23.09
N VAL ED 1045 -29.73 51.56 -23.98
CA VAL ED 1045 -30.63 50.46 -24.27
C VAL ED 1045 -30.83 50.36 -25.78
N THR ED 1046 -31.66 49.41 -26.20
CA THR ED 1046 -31.92 49.19 -27.62
C THR ED 1046 -33.37 49.53 -27.98
N VAL FD 38 -43.40 -56.72 70.39
CA VAL FD 38 -43.28 -57.40 71.67
C VAL FD 38 -44.47 -57.17 72.65
N PRO FD 39 -44.97 -55.93 72.87
CA PRO FD 39 -46.22 -55.82 73.64
C PRO FD 39 -47.43 -56.33 72.89
N LYS FD 40 -47.40 -56.33 71.57
CA LYS FD 40 -48.45 -56.97 70.80
C LYS FD 40 -48.33 -58.49 70.87
N LEU FD 41 -47.11 -59.00 71.06
CA LEU FD 41 -46.93 -60.40 71.36
C LEU FD 41 -47.45 -60.69 72.78
N PRO FD 42 -48.01 -61.89 73.00
CA PRO FD 42 -48.52 -62.23 74.33
C PRO FD 42 -47.39 -62.44 75.33
N CYS FD 43 -47.39 -61.65 76.40
CA CYS FD 43 -46.38 -61.79 77.45
C CYS FD 43 -46.57 -63.10 78.21
N ARG FD 44 -47.81 -63.52 78.42
CA ARG FD 44 -48.10 -64.76 79.10
C ARG FD 44 -49.13 -65.55 78.31
N VAL FD 45 -49.62 -66.65 78.87
CA VAL FD 45 -50.68 -67.39 78.23
C VAL FD 45 -52.04 -66.77 78.60
N ASP FD 46 -53.06 -67.12 77.82
CA ASP FD 46 -54.38 -66.52 78.00
C ASP FD 46 -55.03 -67.02 79.29
N GLY FD 47 -55.58 -66.09 80.07
CA GLY FD 47 -56.26 -66.43 81.30
C GLY FD 47 -55.35 -66.83 82.43
N ALA FD 48 -54.06 -66.53 82.33
CA ALA FD 48 -53.06 -67.03 83.27
C ALA FD 48 -53.19 -66.32 84.61
N CYS FD 49 -53.91 -66.93 85.54
CA CYS FD 49 -54.01 -66.44 86.91
C CYS FD 49 -53.67 -67.62 87.82
N ASP FD 50 -52.37 -67.82 88.04
CA ASP FD 50 -51.89 -68.99 88.74
C ASP FD 50 -52.18 -68.91 90.23
N ALA FD 51 -52.28 -67.69 90.76
CA ALA FD 51 -52.73 -67.51 92.15
C ALA FD 51 -54.15 -68.03 92.33
N THR FD 52 -55.02 -67.73 91.37
CA THR FD 52 -56.38 -68.29 91.41
C THR FD 52 -56.38 -69.78 91.16
N ILE FD 53 -55.40 -70.29 90.39
CA ILE FD 53 -55.28 -71.73 90.19
C ILE FD 53 -54.94 -72.43 91.50
N ILE FD 54 -54.01 -71.87 92.27
CA ILE FD 54 -53.67 -72.40 93.59
C ILE FD 54 -54.88 -72.30 94.52
N LYS FD 55 -55.60 -71.17 94.45
CA LYS FD 55 -56.77 -70.96 95.29
C LYS FD 55 -57.87 -71.97 94.98
N MET FD 56 -58.13 -72.24 93.69
CA MET FD 56 -59.19 -73.17 93.35
C MET FD 56 -58.76 -74.62 93.59
N MET FD 57 -57.46 -74.92 93.51
CA MET FD 57 -57.00 -76.24 93.93
C MET FD 57 -57.20 -76.44 95.42
N THR FD 58 -56.93 -75.39 96.20
CA THR FD 58 -57.19 -75.42 97.64
C THR FD 58 -58.68 -75.58 97.92
N ASP FD 59 -59.52 -74.93 97.14
CA ASP FD 59 -60.97 -75.06 97.32
C ASP FD 59 -61.46 -76.43 96.93
N LEU FD 60 -60.86 -77.05 95.91
CA LEU FD 60 -61.21 -78.42 95.54
C LEU FD 60 -60.83 -79.40 96.64
N ASN FD 61 -59.65 -79.22 97.23
CA ASN FD 61 -59.26 -80.08 98.35
C ASN FD 61 -60.11 -79.82 99.58
N LYS FD 62 -60.55 -78.58 99.78
CA LYS FD 62 -61.43 -78.29 100.91
C LYS FD 62 -62.82 -78.85 100.69
N LYS FD 63 -63.28 -78.88 99.44
CA LYS FD 63 -64.57 -79.51 99.15
C LYS FD 63 -64.47 -81.02 99.22
N GLY FD 64 -63.28 -81.58 99.02
CA GLY FD 64 -63.10 -82.99 99.21
C GLY FD 64 -62.88 -83.73 97.90
N ILE FD 65 -62.18 -83.09 96.98
CA ILE FD 65 -61.88 -83.66 95.67
C ILE FD 65 -60.38 -83.84 95.56
N LYS FD 66 -59.95 -85.06 95.25
CA LYS FD 66 -58.53 -85.37 95.28
C LYS FD 66 -57.85 -84.81 94.04
N VAL FD 67 -56.76 -84.09 94.24
CA VAL FD 67 -55.89 -83.64 93.16
C VAL FD 67 -54.48 -84.14 93.47
N ALA FD 68 -53.90 -84.89 92.54
CA ALA FD 68 -52.54 -85.39 92.64
C ALA FD 68 -51.69 -84.69 91.61
N SER FD 69 -50.60 -84.08 92.06
CA SER FD 69 -49.72 -83.27 91.23
C SER FD 69 -48.32 -83.87 91.28
N VAL FD 70 -47.88 -84.44 90.17
CA VAL FD 70 -46.58 -85.10 90.14
C VAL FD 70 -45.95 -84.95 88.75
N GLY FD 71 -44.80 -84.28 88.71
CA GLY FD 71 -44.13 -84.05 87.44
C GLY FD 71 -44.94 -83.13 86.56
N GLN FD 72 -45.12 -83.53 85.30
CA GLN FD 72 -46.03 -82.88 84.39
C GLN FD 72 -47.44 -83.47 84.46
N ASN FD 73 -47.62 -84.53 85.24
CA ASN FD 73 -48.86 -85.29 85.23
C ASN FD 73 -49.73 -84.89 86.40
N TYR FD 74 -51.03 -84.78 86.14
CA TYR FD 74 -51.99 -84.43 87.16
C TYR FD 74 -53.20 -85.34 87.06
N LEU FD 75 -53.72 -85.71 88.23
CA LEU FD 75 -54.87 -86.59 88.36
C LEU FD 75 -55.91 -85.91 89.25
N ILE FD 76 -57.18 -86.02 88.87
CA ILE FD 76 -58.28 -85.57 89.69
C ILE FD 76 -59.21 -86.74 89.94
N SER FD 77 -59.52 -86.97 91.21
CA SER FD 77 -60.38 -88.07 91.64
C SER FD 77 -61.59 -87.50 92.36
N ILE FD 78 -62.77 -87.96 91.93
CA ILE FD 78 -64.04 -87.51 92.49
C ILE FD 78 -64.83 -88.73 92.95
N PRO FD 79 -65.37 -88.73 94.16
CA PRO FD 79 -66.32 -89.78 94.54
C PRO FD 79 -67.61 -89.65 93.73
N ALA FD 80 -68.20 -90.79 93.41
CA ALA FD 80 -69.41 -90.78 92.59
C ALA FD 80 -70.67 -90.57 93.40
N SER FD 81 -70.58 -90.57 94.73
CA SER FD 81 -71.76 -90.49 95.59
C SER FD 81 -72.43 -89.12 95.49
N ALA FD 82 -71.63 -88.07 95.40
CA ALA FD 82 -72.16 -86.73 95.26
C ALA FD 82 -72.43 -86.36 93.81
N LEU FD 83 -72.21 -87.26 92.87
CA LEU FD 83 -72.33 -86.94 91.46
C LEU FD 83 -73.32 -87.80 90.71
N PHE FD 84 -73.73 -88.93 91.25
CA PHE FD 84 -74.70 -89.79 90.58
C PHE FD 84 -75.79 -90.24 91.55
N ALA FD 85 -76.73 -91.01 91.02
CA ALA FD 85 -77.82 -91.58 91.80
C ALA FD 85 -77.40 -92.97 92.29
N ASP FD 86 -78.37 -93.73 92.80
CA ASP FD 86 -78.10 -95.07 93.30
C ASP FD 86 -77.86 -96.01 92.11
N GLN FD 87 -76.60 -96.09 91.67
CA GLN FD 87 -76.14 -96.92 90.55
C GLN FD 87 -76.89 -96.61 89.25
N SER FD 88 -77.30 -95.36 89.08
CA SER FD 88 -77.96 -94.95 87.87
C SER FD 88 -77.09 -93.97 87.12
N PRO FD 89 -77.01 -94.08 85.80
CA PRO FD 89 -76.22 -93.12 85.01
C PRO FD 89 -76.98 -91.83 84.72
N ARG FD 90 -77.36 -91.12 85.79
CA ARG FD 90 -78.09 -89.87 85.69
C ARG FD 90 -77.37 -88.82 86.52
N LEU FD 91 -77.29 -87.62 85.98
CA LEU FD 91 -76.58 -86.53 86.64
C LEU FD 91 -77.50 -85.78 87.57
N ASN FD 92 -77.05 -85.57 88.80
CA ASN FD 92 -77.74 -84.67 89.71
C ASN FD 92 -77.66 -83.24 89.17
N TRP FD 93 -78.73 -82.48 89.40
CA TRP FD 93 -78.83 -81.16 88.78
C TRP FD 93 -77.86 -80.17 89.41
N ALA FD 94 -77.61 -80.29 90.71
CA ALA FD 94 -76.66 -79.43 91.39
C ALA FD 94 -75.21 -79.76 91.07
N SER FD 95 -74.96 -80.92 90.44
CA SER FD 95 -73.59 -81.31 90.10
C SER FD 95 -73.03 -80.50 88.95
N TYR FD 96 -73.87 -79.79 88.20
CA TYR FD 96 -73.38 -79.01 87.07
C TYR FD 96 -72.55 -77.82 87.52
N SER FD 97 -72.80 -77.29 88.73
CA SER FD 97 -71.94 -76.28 89.29
C SER FD 97 -70.53 -76.81 89.52
N LEU FD 98 -70.43 -78.04 90.05
CA LEU FD 98 -69.14 -78.68 90.25
C LEU FD 98 -68.47 -78.97 88.91
N LEU FD 99 -69.26 -79.37 87.91
CA LEU FD 99 -68.72 -79.60 86.58
C LEU FD 99 -68.19 -78.32 85.96
N ASN FD 100 -68.88 -77.21 86.17
CA ASN FD 100 -68.42 -75.93 85.65
C ASN FD 100 -67.14 -75.48 86.33
N GLU FD 101 -67.04 -75.72 87.65
CA GLU FD 101 -65.78 -75.43 88.35
C GLU FD 101 -64.65 -76.32 87.85
N ILE FD 102 -64.97 -77.58 87.54
CA ILE FD 102 -63.98 -78.51 86.98
C ILE FD 102 -63.48 -78.00 85.63
N ALA FD 103 -64.41 -77.56 84.78
CA ALA FD 103 -64.04 -77.04 83.47
C ALA FD 103 -63.24 -75.74 83.58
N ALA FD 104 -63.60 -74.89 84.56
CA ALA FD 104 -62.87 -73.65 84.77
C ALA FD 104 -61.45 -73.92 85.24
N PHE FD 105 -61.28 -74.94 86.09
CA PHE FD 105 -59.94 -75.36 86.47
C PHE FD 105 -59.17 -75.92 85.28
N LEU FD 106 -59.84 -76.71 84.45
CA LEU FD 106 -59.17 -77.40 83.37
C LEU FD 106 -58.80 -76.47 82.23
N LYS FD 107 -59.55 -75.36 82.09
CA LYS FD 107 -59.34 -74.47 80.95
C LYS FD 107 -58.03 -73.70 81.03
N GLN FD 108 -57.42 -73.61 82.21
CA GLN FD 108 -56.22 -72.81 82.35
C GLN FD 108 -55.01 -73.48 81.70
N PHE FD 109 -54.84 -74.78 81.91
CA PHE FD 109 -53.62 -75.45 81.55
C PHE FD 109 -53.56 -75.70 80.04
N ARG FD 110 -52.38 -76.09 79.58
CA ARG FD 110 -52.17 -76.52 78.21
C ARG FD 110 -52.04 -78.04 78.18
N LYS FD 111 -52.81 -78.68 77.32
CA LYS FD 111 -52.92 -80.13 77.36
C LYS FD 111 -53.17 -80.66 75.96
N ILE FD 112 -52.96 -81.97 75.80
CA ILE FD 112 -53.06 -82.59 74.48
C ILE FD 112 -54.05 -83.76 74.53
N ALA FD 113 -53.87 -84.67 75.48
CA ALA FD 113 -54.68 -85.88 75.55
C ALA FD 113 -55.06 -86.16 77.00
N ILE FD 114 -56.33 -86.46 77.23
CA ILE FD 114 -56.85 -86.70 78.58
C ILE FD 114 -57.46 -88.09 78.61
N THR FD 115 -57.49 -88.67 79.81
CA THR FD 115 -58.15 -89.96 80.01
C THR FD 115 -59.09 -89.87 81.19
N VAL FD 116 -60.31 -90.36 81.00
CA VAL FD 116 -61.34 -90.38 82.04
C VAL FD 116 -61.80 -91.81 82.21
N THR FD 117 -61.79 -92.30 83.45
CA THR FD 117 -62.31 -93.63 83.75
C THR FD 117 -63.16 -93.59 85.00
N SER FD 118 -64.04 -94.59 85.12
CA SER FD 118 -64.97 -94.72 86.22
C SER FD 118 -64.87 -96.11 86.82
N TYR FD 119 -64.82 -96.17 88.14
CA TYR FD 119 -64.84 -97.42 88.87
C TYR FD 119 -66.07 -97.45 89.77
N SER FD 120 -66.58 -98.65 90.05
CA SER FD 120 -67.79 -98.79 90.85
C SER FD 120 -67.64 -100.02 91.74
N SER FD 121 -68.76 -100.43 92.34
CA SER FD 121 -68.80 -101.57 93.24
C SER FD 121 -69.44 -102.76 92.58
N LYS FD 122 -69.21 -103.94 93.17
CA LYS FD 122 -69.80 -105.18 92.69
C LYS FD 122 -71.26 -105.22 93.13
N TYR FD 123 -72.17 -105.20 92.16
CA TYR FD 123 -73.59 -105.11 92.45
C TYR FD 123 -74.39 -106.31 91.98
N VAL FD 124 -74.36 -106.64 90.69
CA VAL FD 124 -75.18 -107.72 90.16
C VAL FD 124 -74.32 -108.71 89.38
N SER FD 125 -73.44 -108.18 88.54
CA SER FD 125 -72.81 -108.93 87.47
C SER FD 125 -71.40 -108.39 87.32
N VAL FD 126 -70.80 -108.59 86.15
CA VAL FD 126 -69.58 -107.90 85.76
C VAL FD 126 -69.85 -106.91 84.63
N LYS FD 127 -70.53 -107.35 83.59
CA LYS FD 127 -70.82 -106.49 82.46
C LYS FD 127 -71.82 -105.40 82.80
N ARG FD 128 -72.62 -105.59 83.86
CA ARG FD 128 -73.56 -104.57 84.28
C ARG FD 128 -72.85 -103.30 84.72
N GLU FD 129 -71.89 -103.44 85.64
CA GLU FD 129 -71.13 -102.27 86.05
C GLU FD 129 -70.10 -101.85 85.02
N ARG FD 130 -69.66 -102.78 84.15
CA ARG FD 130 -68.80 -102.38 83.04
C ARG FD 130 -69.53 -101.40 82.11
N ALA FD 131 -70.76 -101.75 81.73
CA ALA FD 131 -71.57 -100.86 80.91
C ALA FD 131 -71.95 -99.60 81.66
N LEU FD 132 -72.19 -99.71 82.97
CA LEU FD 132 -72.56 -98.54 83.77
C LEU FD 132 -71.43 -97.52 83.82
N THR FD 133 -70.22 -97.98 84.15
CA THR FD 133 -69.06 -97.09 84.20
C THR FD 133 -68.72 -96.55 82.82
N LEU FD 134 -68.88 -97.37 81.77
CA LEU FD 134 -68.67 -96.90 80.41
C LEU FD 134 -69.64 -95.79 80.05
N ALA FD 135 -70.92 -95.94 80.43
CA ALA FD 135 -71.92 -94.93 80.14
C ALA FD 135 -71.65 -93.64 80.89
N ARG FD 136 -71.25 -93.74 82.17
CA ARG FD 136 -70.96 -92.55 82.95
C ARG FD 136 -69.75 -91.81 82.39
N SER FD 137 -68.73 -92.55 81.98
CA SER FD 137 -67.56 -91.94 81.35
C SER FD 137 -67.93 -91.27 80.04
N ARG FD 138 -68.80 -91.91 79.25
CA ARG FD 138 -69.28 -91.31 78.00
C ARG FD 138 -70.03 -90.01 78.26
N VAL FD 139 -70.85 -89.98 79.31
CA VAL FD 139 -71.65 -88.79 79.61
C VAL FD 139 -70.76 -87.63 80.03
N VAL FD 140 -69.82 -87.90 80.94
CA VAL FD 140 -68.97 -86.81 81.42
C VAL FD 140 -68.00 -86.34 80.32
N SER FD 141 -67.53 -87.26 79.47
CA SER FD 141 -66.68 -86.88 78.35
C SER FD 141 -67.44 -86.06 77.33
N GLU FD 142 -68.70 -86.43 77.08
CA GLU FD 142 -69.53 -85.69 76.14
C GLU FD 142 -69.80 -84.27 76.61
N TYR FD 143 -70.12 -84.12 77.90
CA TYR FD 143 -70.35 -82.76 78.40
C TYR FD 143 -69.07 -81.95 78.42
N LEU FD 144 -67.94 -82.58 78.74
CA LEU FD 144 -66.69 -81.84 78.78
C LEU FD 144 -66.23 -81.43 77.39
N TRP FD 145 -66.44 -82.30 76.39
CA TRP FD 145 -66.11 -81.94 75.02
C TRP FD 145 -67.06 -80.88 74.49
N SER FD 146 -68.31 -80.88 74.96
CA SER FD 146 -69.21 -79.77 74.67
C SER FD 146 -68.69 -78.47 75.26
N GLN FD 147 -68.16 -78.54 76.48
CA GLN FD 147 -67.52 -77.37 77.06
C GLN FD 147 -66.18 -77.12 76.39
N GLY FD 148 -65.60 -75.97 76.68
CA GLY FD 148 -64.40 -75.54 75.98
C GLY FD 148 -63.11 -76.15 76.47
N VAL FD 149 -62.96 -77.47 76.34
CA VAL FD 149 -61.70 -78.11 76.70
C VAL FD 149 -60.67 -77.82 75.63
N ASP FD 150 -59.48 -77.44 76.07
CA ASP FD 150 -58.40 -77.08 75.15
C ASP FD 150 -57.50 -78.26 74.85
N SER FD 151 -58.09 -79.36 74.41
CA SER FD 151 -57.36 -80.56 74.06
C SER FD 151 -57.73 -80.99 72.65
N ARG FD 152 -57.07 -82.04 72.18
CA ARG FD 152 -57.41 -82.68 70.92
C ARG FD 152 -58.04 -84.04 71.10
N ILE FD 153 -57.56 -84.82 72.07
CA ILE FD 153 -57.96 -86.22 72.23
C ILE FD 153 -58.47 -86.40 73.65
N ILE FD 154 -59.60 -87.09 73.79
CA ILE FD 154 -60.01 -87.62 75.10
C ILE FD 154 -60.36 -89.08 74.94
N PHE FD 155 -59.93 -89.89 75.91
CA PHE FD 155 -60.19 -91.32 75.95
C PHE FD 155 -61.11 -91.64 77.10
N THR FD 156 -62.20 -92.36 76.81
CA THR FD 156 -63.15 -92.78 77.82
C THR FD 156 -63.16 -94.30 77.93
N GLN FD 157 -63.23 -94.78 79.17
CA GLN FD 157 -63.30 -96.20 79.45
C GLN FD 157 -64.00 -96.40 80.78
N GLY FD 158 -64.50 -97.61 80.99
CA GLY FD 158 -65.15 -97.94 82.24
C GLY FD 158 -64.88 -99.36 82.67
N LEU FD 159 -64.59 -99.58 83.95
CA LEU FD 159 -64.22 -100.89 84.44
C LEU FD 159 -65.09 -101.41 85.59
N GLY FD 160 -65.47 -100.55 86.54
CA GLY FD 160 -66.25 -101.02 87.67
C GLY FD 160 -65.41 -101.45 88.85
N SER FD 161 -65.61 -102.67 89.33
CA SER FD 161 -64.91 -103.18 90.50
C SER FD 161 -63.74 -104.07 90.12
N ASP FD 162 -63.11 -103.79 88.98
CA ASP FD 162 -62.00 -104.62 88.52
C ASP FD 162 -60.73 -104.36 89.33
N LYS FD 163 -60.45 -103.10 89.65
CA LYS FD 163 -59.27 -102.72 90.41
C LYS FD 163 -59.70 -101.92 91.63
N PRO FD 164 -60.14 -102.59 92.69
CA PRO FD 164 -60.47 -101.87 93.92
C PRO FD 164 -59.21 -101.37 94.60
N ILE FD 165 -59.35 -100.25 95.30
CA ILE FD 165 -58.25 -99.66 96.04
C ILE FD 165 -58.53 -99.59 97.53
N THR FD 166 -59.57 -100.27 98.00
CA THR FD 166 -59.90 -100.27 99.41
C THR FD 166 -60.29 -101.67 99.83
N SER FD 167 -59.71 -102.15 100.93
CA SER FD 167 -60.13 -103.41 101.50
C SER FD 167 -61.52 -103.31 102.09
N TYR FD 168 -61.88 -102.16 102.66
CA TYR FD 168 -63.19 -101.96 103.26
C TYR FD 168 -64.25 -101.78 102.19
N THR FD 169 -64.81 -102.90 101.72
CA THR FD 169 -65.83 -102.90 100.68
C THR FD 169 -67.24 -103.04 101.24
N LEU FD 170 -67.47 -102.50 102.44
CA LEU FD 170 -68.78 -102.63 103.07
C LEU FD 170 -69.82 -101.73 102.41
N GLY FD 171 -69.44 -100.51 102.08
CA GLY FD 171 -70.36 -99.58 101.46
C GLY FD 171 -70.60 -99.91 99.99
N GLY FD 172 -71.65 -99.31 99.45
CA GLY FD 172 -71.99 -99.50 98.05
C GLY FD 172 -71.53 -98.31 97.23
N ASP FD 173 -72.46 -97.43 96.87
CA ASP FD 173 -72.08 -96.17 96.26
C ASP FD 173 -71.41 -95.24 97.26
N ARG FD 174 -71.68 -95.42 98.55
CA ARG FD 174 -71.01 -94.66 99.58
C ARG FD 174 -69.56 -95.08 99.77
N SER FD 175 -69.18 -96.25 99.26
CA SER FD 175 -67.80 -96.70 99.35
C SER FD 175 -66.90 -95.83 98.45
N PRO FD 176 -65.73 -95.44 98.94
CA PRO FD 176 -64.92 -94.47 98.18
C PRO FD 176 -64.25 -95.04 96.96
N ASN FD 177 -64.14 -96.37 96.83
CA ASN FD 177 -63.51 -96.94 95.65
C ASN FD 177 -64.38 -96.78 94.42
N ALA FD 178 -65.69 -96.71 94.60
CA ALA FD 178 -66.58 -96.28 93.52
C ALA FD 178 -66.36 -94.79 93.29
N ARG FD 179 -65.79 -94.43 92.15
CA ARG FD 179 -65.30 -93.08 91.93
C ARG FD 179 -65.10 -92.86 90.44
N VAL FD 180 -64.61 -91.67 90.10
CA VAL FD 180 -64.16 -91.34 88.76
C VAL FD 180 -62.80 -90.67 88.86
N GLU FD 181 -62.00 -90.83 87.81
CA GLU FD 181 -60.64 -90.33 87.82
C GLU FD 181 -60.25 -89.85 86.43
N ILE FD 182 -59.64 -88.67 86.37
CA ILE FD 182 -59.19 -88.05 85.14
C ILE FD 182 -57.69 -87.82 85.25
N THR FD 183 -56.94 -88.33 84.28
CA THR FD 183 -55.49 -88.21 84.25
C THR FD 183 -55.07 -87.46 82.98
N PHE FD 184 -54.08 -86.58 83.13
CA PHE FD 184 -53.47 -85.96 81.96
C PHE FD 184 -52.06 -85.53 82.31
N ARG FD 185 -51.33 -85.09 81.29
CA ARG FD 185 -49.98 -84.56 81.44
C ARG FD 185 -49.89 -83.20 80.78
N ARG FD 186 -49.41 -82.21 81.52
CA ARG FD 186 -49.20 -80.89 80.94
C ARG FD 186 -47.97 -80.91 80.04
N ALA FD 187 -48.12 -80.42 78.82
CA ALA FD 187 -47.03 -80.38 77.85
C ALA FD 187 -46.62 -78.93 77.63
N VAL FD 188 -45.50 -78.55 78.25
CA VAL FD 188 -44.85 -77.24 78.11
C VAL FD 188 -45.78 -76.07 78.43
N CYS GD 42 -88.89 -79.28 96.15
CA CYS GD 42 -90.25 -79.67 95.82
C CYS GD 42 -90.42 -79.74 94.30
N PHE GD 43 -89.32 -79.60 93.58
CA PHE GD 43 -89.36 -79.63 92.12
C PHE GD 43 -88.00 -80.04 91.59
N HIS GD 44 -88.00 -80.81 90.50
CA HIS GD 44 -86.79 -81.16 89.81
C HIS GD 44 -86.81 -80.55 88.41
N PRO GD 45 -85.79 -79.81 88.02
CA PRO GD 45 -85.72 -79.23 86.67
C PRO GD 45 -85.75 -80.26 85.55
N PRO GD 46 -85.23 -81.51 85.73
CA PRO GD 46 -85.61 -82.54 84.75
C PRO GD 46 -87.04 -83.03 84.91
N TYR GD 47 -87.98 -82.25 84.37
CA TYR GD 47 -89.37 -82.64 84.10
C TYR GD 47 -90.14 -83.06 85.35
N ASN GD 48 -89.69 -82.58 86.52
CA ASN GD 48 -90.25 -82.91 87.83
C ASN GD 48 -90.32 -84.41 88.07
N ASN GD 49 -89.29 -85.11 87.59
CA ASN GD 49 -89.16 -86.57 87.63
C ASN GD 49 -90.37 -87.26 87.00
N PHE GD 50 -90.89 -86.65 85.92
CA PHE GD 50 -92.06 -87.12 85.17
C PHE GD 50 -93.30 -87.25 86.07
N GLN GD 51 -93.44 -86.32 87.00
CA GLN GD 51 -94.58 -86.31 87.89
C GLN GD 51 -95.39 -85.04 87.68
N PRO GD 52 -96.71 -85.09 87.88
CA PRO GD 52 -97.52 -83.88 87.72
C PRO GD 52 -97.22 -82.85 88.80
N ASP GD 53 -96.82 -81.66 88.39
CA ASP GD 53 -96.43 -80.62 89.32
C ASP GD 53 -97.67 -80.02 89.99
N ARG GD 54 -97.44 -79.42 91.16
CA ARG GD 54 -98.47 -78.69 91.88
C ARG GD 54 -97.90 -77.33 92.24
N ARG GD 55 -98.01 -76.39 91.30
CA ARG GD 55 -97.51 -75.04 91.51
C ARG GD 55 -98.39 -74.27 92.48
N ALA GD 56 -99.71 -74.49 92.39
CA ALA GD 56 -100.68 -73.61 93.03
C ALA GD 56 -100.64 -73.70 94.55
N VAL GD 57 -100.33 -74.87 95.10
CA VAL GD 57 -100.27 -75.01 96.55
C VAL GD 57 -99.07 -74.25 97.11
N LYS GD 58 -97.93 -74.29 96.41
CA LYS GD 58 -96.77 -73.51 96.82
C LYS GD 58 -97.03 -72.02 96.65
N ARG GD 59 -97.77 -71.64 95.60
CA ARG GD 59 -98.09 -70.24 95.38
C ARG GD 59 -99.03 -69.71 96.45
N VAL GD 60 -100.03 -70.49 96.86
CA VAL GD 60 -100.92 -70.00 97.90
C VAL GD 60 -100.25 -70.05 99.27
N GLY GD 61 -99.28 -70.96 99.46
CA GLY GD 61 -98.50 -70.92 100.69
C GLY GD 61 -97.63 -69.69 100.80
N VAL GD 62 -96.95 -69.32 99.71
CA VAL GD 62 -96.12 -68.12 99.74
C VAL GD 62 -96.98 -66.86 99.71
N ASP GD 63 -98.22 -66.95 99.23
CA ASP GD 63 -99.13 -65.81 99.29
C ASP GD 63 -99.71 -65.61 100.69
N THR GD 64 -99.96 -66.70 101.42
CA THR GD 64 -100.28 -66.58 102.84
C THR GD 64 -99.10 -66.03 103.62
N GLY GD 65 -97.89 -66.47 103.27
CA GLY GD 65 -96.68 -65.95 103.90
C GLY GD 65 -96.34 -64.53 103.50
N GLY GD 88 -102.24 -63.94 101.70
CA GLY GD 88 -103.47 -64.57 102.15
C GLY GD 88 -103.94 -65.70 101.25
N GLY GD 89 -104.78 -66.56 101.82
CA GLY GD 89 -105.30 -67.68 101.05
C GLY GD 89 -106.23 -67.26 99.93
N THR GD 90 -107.06 -66.24 100.19
CA THR GD 90 -108.02 -65.77 99.19
C THR GD 90 -107.32 -65.10 98.02
N VAL GD 91 -106.36 -64.22 98.31
CA VAL GD 91 -105.62 -63.54 97.25
C VAL GD 91 -104.71 -64.53 96.51
N GLY GD 92 -104.19 -65.54 97.22
CA GLY GD 92 -103.44 -66.59 96.56
C GLY GD 92 -104.29 -67.43 95.62
N LEU GD 93 -105.53 -67.73 96.04
CA LEU GD 93 -106.43 -68.49 95.19
C LEU GD 93 -106.84 -67.71 93.95
N VAL GD 94 -107.12 -66.42 94.11
CA VAL GD 94 -107.53 -65.64 92.94
C VAL GD 94 -106.34 -65.40 92.01
N ALA GD 95 -105.12 -65.28 92.56
CA ALA GD 95 -103.94 -65.18 91.71
C ALA GD 95 -103.66 -66.48 90.97
N SER GD 96 -103.89 -67.61 91.64
CA SER GD 96 -103.68 -68.91 91.00
C SER GD 96 -104.69 -69.15 89.89
N ILE GD 97 -105.96 -68.82 90.11
CA ILE GD 97 -106.94 -69.01 89.05
C ILE GD 97 -106.80 -67.95 87.96
N TYR GD 98 -106.15 -66.83 88.26
CA TYR GD 98 -105.77 -65.90 87.21
C TYR GD 98 -104.64 -66.46 86.36
N ARG GD 99 -103.63 -67.06 87.00
CA ARG GD 99 -102.41 -67.45 86.32
C ARG GD 99 -102.51 -68.79 85.61
N ASP GD 100 -103.37 -69.69 86.04
CA ASP GD 100 -103.43 -71.00 85.39
C ASP GD 100 -104.43 -71.03 84.23
N SER GD 101 -105.02 -69.88 83.89
CA SER GD 101 -105.97 -69.80 82.80
C SER GD 101 -105.30 -70.08 81.46
N LYS GD 102 -106.08 -70.64 80.53
CA LYS GD 102 -105.55 -71.15 79.27
C LYS GD 102 -104.94 -70.06 78.41
N ARG GD 103 -105.59 -68.89 78.38
CA ARG GD 103 -105.08 -67.76 77.60
C ARG GD 103 -103.73 -67.27 78.13
N LYS GD 104 -103.52 -67.36 79.45
CA LYS GD 104 -102.22 -67.03 80.01
C LYS GD 104 -101.16 -68.05 79.60
N ILE GD 105 -101.55 -69.33 79.45
CA ILE GD 105 -100.62 -70.34 78.97
C ILE GD 105 -100.23 -70.05 77.53
N ILE GD 106 -101.20 -69.67 76.69
CA ILE GD 106 -100.91 -69.33 75.31
C ILE GD 106 -100.05 -68.07 75.24
N ARG GD 107 -100.30 -67.11 76.14
CA ARG GD 107 -99.48 -65.90 76.18
C ARG GD 107 -98.06 -66.20 76.59
N ASP GD 108 -97.86 -67.16 77.50
CA ASP GD 108 -96.51 -67.59 77.81
C ASP GD 108 -95.89 -68.38 76.65
N LEU GD 109 -96.71 -69.09 75.88
CA LEU GD 109 -96.18 -69.78 74.70
C LEU GD 109 -95.73 -68.79 73.64
N GLN GD 110 -96.42 -67.66 73.52
CA GLN GD 110 -96.00 -66.60 72.61
C GLN GD 110 -94.82 -65.81 73.17
N LYS GD 111 -94.71 -65.74 74.50
CA LYS GD 111 -93.48 -65.26 75.12
C LYS GD 111 -92.31 -66.17 74.75
N GLN GD 112 -92.57 -67.47 74.73
CA GLN GD 112 -91.64 -68.43 74.17
C GLN GD 112 -91.64 -68.33 72.65
N ASP GD 113 -90.71 -69.04 72.03
CA ASP GD 113 -90.55 -68.99 70.58
C ASP GD 113 -91.32 -70.12 69.89
N ILE GD 114 -92.60 -70.29 70.19
CA ILE GD 114 -93.40 -71.38 69.66
C ILE GD 114 -94.72 -70.82 69.15
N GLN GD 115 -95.10 -71.19 67.93
CA GLN GD 115 -96.28 -70.61 67.29
C GLN GD 115 -97.49 -71.53 67.48
N TYR GD 116 -98.61 -70.95 67.89
CA TYR GD 116 -99.84 -71.69 68.13
C TYR GD 116 -100.93 -71.19 67.19
N VAL GD 117 -101.62 -72.13 66.53
CA VAL GD 117 -102.68 -71.80 65.60
C VAL GD 117 -103.93 -72.59 65.98
N GLU GD 118 -105.04 -71.88 66.19
CA GLU GD 118 -106.34 -72.50 66.39
C GLU GD 118 -107.25 -72.11 65.24
N TYR GD 119 -107.85 -73.10 64.60
CA TYR GD 119 -108.75 -72.86 63.47
C TYR GD 119 -109.85 -73.92 63.53
N GLY GD 120 -110.99 -73.56 64.11
CA GLY GD 120 -112.09 -74.50 64.24
C GLY GD 120 -111.76 -75.57 65.26
N ASP GD 121 -112.05 -76.81 64.91
CA ASP GD 121 -111.80 -77.95 65.78
C ASP GD 121 -110.33 -78.36 65.80
N THR GD 122 -109.54 -77.91 64.84
CA THR GD 122 -108.16 -78.35 64.69
C THR GD 122 -107.22 -77.33 65.31
N ARG GD 123 -106.24 -77.82 66.05
CA ARG GD 123 -105.22 -76.96 66.65
C ARG GD 123 -103.84 -77.49 66.32
N THR GD 124 -102.93 -76.56 66.00
CA THR GD 124 -101.59 -76.89 65.54
C THR GD 124 -100.56 -76.07 66.31
N LEU GD 125 -99.39 -76.68 66.49
CA LEU GD 125 -98.26 -76.09 67.17
C LEU GD 125 -97.02 -76.20 66.30
N ILE GD 126 -96.22 -75.14 66.27
CA ILE GD 126 -94.98 -75.09 65.51
C ILE GD 126 -93.84 -74.83 66.48
N ILE GD 127 -92.86 -75.73 66.47
CA ILE GD 127 -91.75 -75.76 67.43
C ILE GD 127 -90.44 -75.59 66.67
N PRO GD 128 -89.50 -74.79 67.18
CA PRO GD 128 -88.20 -74.63 66.51
C PRO GD 128 -87.23 -75.75 66.88
N THR GD 129 -86.81 -76.50 65.84
CA THR GD 129 -85.97 -77.68 66.02
C THR GD 129 -84.61 -77.33 66.62
N ASP GD 130 -83.99 -76.26 66.11
CA ASP GD 130 -82.66 -75.89 66.58
C ASP GD 130 -82.71 -75.31 67.97
N LYS GD 131 -83.76 -74.56 68.29
CA LYS GD 131 -83.90 -74.02 69.64
C LYS GD 131 -84.24 -75.08 70.66
N TYR GD 132 -84.82 -76.21 70.23
CA TYR GD 132 -85.23 -77.21 71.20
C TYR GD 132 -84.44 -78.51 71.12
N PHE GD 133 -83.41 -78.55 70.28
CA PHE GD 133 -82.52 -79.71 70.21
C PHE GD 133 -81.07 -79.24 70.19
N MET GD 134 -80.16 -80.19 70.09
CA MET GD 134 -78.79 -79.88 69.72
C MET GD 134 -78.61 -80.02 68.22
N PHE GD 135 -77.45 -79.61 67.73
CA PHE GD 135 -77.21 -79.52 66.30
C PHE GD 135 -77.07 -80.91 65.68
N SER GD 136 -77.98 -81.21 64.74
CA SER GD 136 -77.99 -82.46 63.96
C SER GD 136 -78.03 -83.69 64.87
N SER GD 137 -78.78 -83.60 65.95
CA SER GD 137 -78.88 -84.67 66.92
C SER GD 137 -80.32 -84.89 67.30
N PRO GD 138 -80.72 -86.14 67.57
CA PRO GD 138 -82.04 -86.38 68.14
C PRO GD 138 -82.14 -86.02 69.60
N ARG GD 139 -81.03 -85.77 70.28
CA ARG GD 139 -81.05 -85.37 71.68
C ARG GD 139 -81.64 -83.97 71.82
N LEU GD 140 -82.52 -83.81 72.79
CA LEU GD 140 -83.23 -82.55 72.99
C LEU GD 140 -82.47 -81.67 73.96
N ASN GD 141 -82.40 -80.38 73.64
CA ASN GD 141 -81.84 -79.41 74.58
C ASN GD 141 -82.78 -79.23 75.76
N GLU GD 142 -82.23 -79.24 76.97
CA GLU GD 142 -83.01 -79.23 78.19
C GLU GD 142 -83.20 -77.84 78.77
N ILE GD 143 -82.63 -76.81 78.16
CA ILE GD 143 -82.71 -75.49 78.77
C ILE GD 143 -84.08 -74.85 78.55
N CYS GD 144 -84.80 -75.28 77.51
CA CYS GD 144 -86.11 -74.72 77.19
C CYS GD 144 -87.25 -75.51 77.84
N TYR GD 145 -86.99 -76.11 79.00
CA TYR GD 145 -88.02 -76.92 79.67
C TYR GD 145 -89.28 -76.22 80.18
N PRO GD 146 -89.32 -74.93 80.59
CA PRO GD 146 -90.62 -74.37 81.01
C PRO GD 146 -91.65 -74.31 79.89
N GLY GD 147 -91.21 -74.09 78.65
CA GLY GD 147 -92.11 -74.19 77.53
C GLY GD 147 -92.68 -75.58 77.35
N LEU GD 148 -91.85 -76.61 77.60
CA LEU GD 148 -92.32 -77.99 77.53
C LEU GD 148 -93.36 -78.27 78.62
N ASN GD 149 -93.13 -77.75 79.82
CA ASN GD 149 -94.08 -77.91 80.92
C ASN GD 149 -95.41 -77.24 80.60
N ASN GD 150 -95.35 -76.05 80.02
CA ASN GD 150 -96.59 -75.39 79.61
C ASN GD 150 -97.27 -76.10 78.45
N VAL GD 151 -96.48 -76.73 77.57
CA VAL GD 151 -97.06 -77.52 76.48
C VAL GD 151 -97.83 -78.71 77.03
N ILE GD 152 -97.27 -79.38 78.04
CA ILE GD 152 -97.96 -80.51 78.67
C ILE GD 152 -99.21 -80.03 79.40
N ARG GD 153 -99.11 -78.92 80.13
CA ARG GD 153 -100.28 -78.42 80.86
C ARG GD 153 -101.36 -77.92 79.92
N LEU GD 154 -101.00 -77.40 78.75
CA LEU GD 154 -101.99 -76.98 77.79
C LEU GD 154 -102.62 -78.18 77.09
N LEU GD 155 -101.82 -79.19 76.76
CA LEU GD 155 -102.32 -80.37 76.06
C LEU GD 155 -103.16 -81.25 76.98
N ASN GD 156 -103.05 -81.04 78.30
CA ASN GD 156 -103.97 -81.69 79.22
C ASN GD 156 -105.42 -81.28 79.00
N PHE GD 157 -105.67 -80.10 78.42
CA PHE GD 157 -107.03 -79.64 78.18
C PHE GD 157 -107.76 -80.42 77.09
N TYR GD 158 -107.07 -81.21 76.28
CA TYR GD 158 -107.68 -81.96 75.19
C TYR GD 158 -107.37 -83.45 75.40
N PRO GD 159 -108.15 -84.12 76.24
CA PRO GD 159 -107.84 -85.51 76.60
C PRO GD 159 -108.46 -86.56 75.69
N GLN GD 160 -109.16 -86.17 74.64
CA GLN GD 160 -109.89 -87.11 73.80
C GLN GD 160 -109.47 -87.10 72.34
N SER GD 161 -108.62 -86.17 71.93
CA SER GD 161 -108.25 -86.04 70.53
C SER GD 161 -107.21 -87.07 70.13
N THR GD 162 -106.97 -87.16 68.83
CA THR GD 162 -105.89 -87.94 68.26
C THR GD 162 -104.83 -87.01 67.71
N ILE GD 163 -103.58 -87.41 67.82
CA ILE GD 163 -102.44 -86.54 67.60
C ILE GD 163 -101.70 -86.97 66.34
N TYR GD 164 -101.25 -86.00 65.55
CA TYR GD 164 -100.31 -86.22 64.46
C TYR GD 164 -99.15 -85.27 64.65
N VAL GD 165 -97.95 -85.81 64.81
CA VAL GD 165 -96.76 -84.98 64.94
C VAL GD 165 -95.86 -85.22 63.73
N ALA GD 166 -95.11 -84.19 63.37
CA ALA GD 166 -94.35 -84.22 62.13
C ALA GD 166 -93.12 -83.35 62.25
N GLY GD 167 -92.09 -83.72 61.51
CA GLY GD 167 -90.84 -82.98 61.50
C GLY GD 167 -90.54 -82.46 60.11
N PHE GD 168 -89.85 -81.32 60.06
CA PHE GD 168 -89.40 -80.73 58.81
C PHE GD 168 -88.04 -80.09 59.01
N THR GD 169 -87.25 -80.09 57.94
CA THR GD 169 -85.90 -79.53 57.96
C THR GD 169 -85.68 -78.61 56.77
N ASP GD 170 -84.43 -78.23 56.55
CA ASP GD 170 -84.06 -77.45 55.38
C ASP GD 170 -83.92 -78.36 54.17
N ASN GD 171 -83.40 -77.82 53.07
CA ASN GD 171 -83.36 -78.50 51.80
C ASN GD 171 -82.00 -79.12 51.49
N VAL GD 172 -81.03 -78.95 52.36
CA VAL GD 172 -79.65 -79.22 52.02
C VAL GD 172 -79.19 -80.51 52.67
N GLY GD 173 -78.28 -81.21 51.99
CA GLY GD 173 -77.84 -82.51 52.41
C GLY GD 173 -78.49 -83.61 51.59
N SER GD 174 -78.24 -84.85 52.03
CA SER GD 174 -78.84 -86.00 51.38
C SER GD 174 -80.34 -86.05 51.63
N ARG GD 175 -81.07 -86.52 50.62
CA ARG GD 175 -82.50 -86.78 50.78
C ARG GD 175 -82.73 -87.86 51.83
N SER GD 176 -81.95 -88.94 51.76
CA SER GD 176 -82.08 -90.05 52.70
C SER GD 176 -81.71 -89.64 54.11
N HIS GD 177 -80.58 -88.91 54.25
CA HIS GD 177 -80.16 -88.48 55.57
C HIS GD 177 -81.10 -87.43 56.15
N LYS GD 178 -81.65 -86.56 55.30
CA LYS GD 178 -82.63 -85.58 55.76
C LYS GD 178 -83.90 -86.25 56.26
N ARG GD 179 -84.38 -87.24 55.51
CA ARG GD 179 -85.58 -87.96 55.93
C ARG GD 179 -85.34 -88.76 57.19
N LYS GD 180 -84.15 -89.37 57.31
CA LYS GD 180 -83.81 -90.11 58.53
C LYS GD 180 -83.73 -89.19 59.74
N LEU GD 181 -83.15 -87.99 59.55
CA LEU GD 181 -83.07 -87.03 60.64
C LEU GD 181 -84.45 -86.56 61.06
N SER GD 182 -85.33 -86.32 60.09
CA SER GD 182 -86.69 -85.90 60.41
C SER GD 182 -87.46 -86.99 61.14
N GLN GD 183 -87.30 -88.24 60.69
CA GLN GD 183 -87.95 -89.36 61.36
C GLN GD 183 -87.43 -89.54 62.78
N ALA GD 184 -86.12 -89.38 62.97
CA ALA GD 184 -85.54 -89.52 64.30
C ALA GD 184 -86.02 -88.41 65.23
N GLN GD 185 -86.07 -87.18 64.74
CA GLN GD 185 -86.52 -86.06 65.56
C GLN GD 185 -87.99 -86.22 65.94
N ALA GD 186 -88.83 -86.63 64.97
CA ALA GD 186 -90.24 -86.86 65.25
C ALA GD 186 -90.45 -88.00 66.22
N GLU GD 187 -89.66 -89.07 66.08
CA GLU GD 187 -89.77 -90.22 66.97
C GLU GD 187 -89.36 -89.86 68.39
N THR GD 188 -88.32 -89.05 68.55
CA THR GD 188 -87.89 -88.63 69.88
C THR GD 188 -88.94 -87.74 70.54
N MET GD 189 -89.49 -86.79 69.78
CA MET GD 189 -90.52 -85.92 70.32
C MET GD 189 -91.78 -86.69 70.71
N MET GD 190 -92.20 -87.63 69.85
CA MET GD 190 -93.35 -88.46 70.12
C MET GD 190 -93.11 -89.38 71.31
N THR GD 191 -91.89 -89.87 71.46
CA THR GD 191 -91.54 -90.73 72.59
C THR GD 191 -91.59 -89.96 73.90
N PHE GD 192 -91.08 -88.73 73.89
CA PHE GD 192 -91.17 -87.88 75.07
C PHE GD 192 -92.62 -87.58 75.42
N LEU GD 193 -93.45 -87.35 74.40
CA LEU GD 193 -94.87 -87.11 74.64
C LEU GD 193 -95.55 -88.34 75.20
N TRP GD 194 -95.17 -89.53 74.72
CA TRP GD 194 -95.74 -90.77 75.21
C TRP GD 194 -95.32 -91.05 76.65
N ALA GD 195 -94.10 -90.64 77.01
CA ALA GD 195 -93.60 -90.87 78.36
C ALA GD 195 -94.36 -90.08 79.41
N ASN GD 196 -95.12 -89.05 79.02
CA ASN GD 196 -95.92 -88.31 79.98
C ASN GD 196 -97.10 -89.12 80.50
N GLY GD 197 -97.54 -90.13 79.77
CA GLY GD 197 -98.62 -90.98 80.23
C GLY GD 197 -99.76 -91.11 79.26
N ILE GD 198 -99.59 -90.55 78.07
CA ILE GD 198 -100.61 -90.61 77.04
C ILE GD 198 -100.55 -91.99 76.37
N ALA GD 199 -101.71 -92.53 76.03
CA ALA GD 199 -101.79 -93.86 75.43
C ALA GD 199 -101.17 -93.87 74.04
N ALA GD 200 -100.45 -94.95 73.73
CA ALA GD 200 -99.67 -95.02 72.51
C ALA GD 200 -100.53 -95.13 71.25
N LYS GD 201 -101.80 -95.52 71.38
CA LYS GD 201 -102.67 -95.57 70.23
C LYS GD 201 -103.05 -94.19 69.72
N ARG GD 202 -102.98 -93.17 70.56
CA ARG GD 202 -103.40 -91.82 70.22
C ARG GD 202 -102.31 -91.03 69.51
N LEU GD 203 -101.14 -91.61 69.28
CA LEU GD 203 -99.97 -90.88 68.85
C LEU GD 203 -99.53 -91.36 67.47
N LYS GD 204 -99.35 -90.41 66.55
CA LYS GD 204 -98.88 -90.71 65.20
C LYS GD 204 -97.77 -89.74 64.83
N ALA GD 205 -96.71 -90.27 64.23
CA ALA GD 205 -95.51 -89.50 63.93
C ALA GD 205 -95.11 -89.66 62.48
N GLU GD 206 -94.60 -88.57 61.91
CA GLU GD 206 -94.00 -88.61 60.57
C GLU GD 206 -92.97 -87.50 60.45
N GLY GD 207 -91.92 -87.77 59.69
CA GLY GD 207 -90.91 -86.76 59.44
C GLY GD 207 -90.59 -86.60 57.97
N TYR GD 208 -90.86 -85.42 57.43
CA TYR GD 208 -90.55 -85.14 56.04
C TYR GD 208 -89.38 -84.17 55.98
N GLY GD 209 -88.76 -84.10 54.81
CA GLY GD 209 -87.62 -83.21 54.64
C GLY GD 209 -88.02 -81.91 54.00
N ASP GD 210 -87.69 -81.75 52.73
CA ASP GD 210 -88.01 -80.57 51.94
C ASP GD 210 -89.09 -80.85 50.90
N LYS GD 211 -90.02 -81.75 51.22
CA LYS GD 211 -91.07 -82.09 50.26
C LYS GD 211 -92.11 -80.98 50.17
N ASN GD 212 -92.35 -80.25 51.25
CA ASN GD 212 -93.30 -79.15 51.25
C ASN GD 212 -92.88 -78.17 52.33
N ALA GD 213 -92.24 -77.08 51.91
CA ALA GD 213 -91.83 -76.04 52.82
C ALA GD 213 -92.97 -75.07 53.09
N ILE GD 214 -92.79 -74.26 54.13
CA ILE GD 214 -93.69 -73.15 54.41
C ILE GD 214 -93.04 -71.82 54.08
N SER GD 215 -91.85 -71.84 53.50
CA SER GD 215 -91.09 -70.63 53.23
C SER GD 215 -90.21 -70.89 52.01
N ASP GD 216 -89.22 -70.03 51.81
CA ASP GD 216 -88.26 -70.16 50.72
C ASP GD 216 -86.98 -70.79 51.24
N ASN GD 217 -86.30 -71.51 50.36
CA ASN GD 217 -85.04 -72.17 50.71
C ASN GD 217 -83.81 -71.34 50.38
N ALA GD 218 -83.86 -70.50 49.35
CA ALA GD 218 -82.69 -69.74 48.96
C ALA GD 218 -82.40 -68.61 49.94
N ILE GD 219 -83.38 -68.14 50.67
CA ILE GD 219 -83.18 -67.08 51.64
C ILE GD 219 -82.76 -67.71 52.96
N ILE GD 220 -81.86 -67.02 53.65
CA ILE GD 220 -81.27 -67.56 54.88
C ILE GD 220 -82.30 -67.63 56.00
N HIS GD 221 -83.02 -66.53 56.22
CA HIS GD 221 -84.03 -66.53 57.27
C HIS GD 221 -85.22 -67.40 56.91
N GLY GD 222 -85.54 -67.50 55.62
CA GLY GD 222 -86.58 -68.43 55.21
C GLY GD 222 -86.20 -69.88 55.43
N SER GD 223 -84.94 -70.21 55.17
CA SER GD 223 -84.46 -71.56 55.46
C SER GD 223 -84.41 -71.82 56.96
N ALA GD 224 -84.17 -70.77 57.75
CA ALA GD 224 -84.28 -70.91 59.20
C ALA GD 224 -85.72 -71.19 59.62
N GLN GD 225 -86.68 -70.52 58.97
CA GLN GD 225 -88.09 -70.72 59.29
C GLN GD 225 -88.61 -72.06 58.80
N ASN GD 226 -87.97 -72.65 57.80
CA ASN GD 226 -88.49 -73.88 57.20
C ASN GD 226 -88.42 -75.07 58.16
N ARG GD 227 -87.31 -75.19 58.90
CA ARG GD 227 -87.16 -76.34 59.80
C ARG GD 227 -88.07 -76.17 61.01
N ARG GD 228 -88.91 -77.17 61.26
CA ARG GD 228 -90.00 -76.98 62.19
C ARG GD 228 -90.48 -78.34 62.72
N ILE GD 229 -91.25 -78.26 63.80
CA ILE GD 229 -92.00 -79.40 64.32
C ILE GD 229 -93.47 -79.02 64.34
N GLU GD 230 -94.30 -79.86 63.73
CA GLU GD 230 -95.72 -79.59 63.50
C GLU GD 230 -96.56 -80.55 64.33
N ILE GD 231 -97.47 -80.01 65.14
CA ILE GD 231 -98.37 -80.79 65.98
C ILE GD 231 -99.79 -80.47 65.58
N GLN GD 232 -100.57 -81.50 65.23
CA GLN GD 232 -101.96 -81.32 64.86
C GLN GD 232 -102.82 -82.21 65.76
N TRP GD 233 -103.93 -81.65 66.27
CA TRP GD 233 -104.95 -82.50 66.85
C TRP GD 233 -106.32 -81.88 66.67
N PHE GD 234 -107.30 -82.77 66.51
CA PHE GD 234 -108.69 -82.41 66.28
C PHE GD 234 -109.39 -82.17 67.61
N THR GD 235 -110.72 -82.13 67.59
CA THR GD 235 -111.50 -82.12 68.82
C THR GD 235 -112.36 -83.35 68.98
N SER GD 236 -113.10 -83.73 67.95
CA SER GD 236 -113.87 -84.97 67.97
C SER GD 236 -113.19 -86.02 67.11
N LEU HD 113 -116.21 -132.82 72.69
CA LEU HD 113 -114.81 -132.44 72.61
C LEU HD 113 -114.67 -130.93 72.46
N ASN HD 114 -115.45 -130.18 73.25
CA ASN HD 114 -115.51 -128.73 73.12
C ASN HD 114 -115.09 -127.99 74.38
N ARG HD 115 -115.44 -128.49 75.56
CA ARG HD 115 -115.10 -127.83 76.82
C ARG HD 115 -114.70 -128.90 77.82
N PHE HD 116 -113.46 -128.82 78.31
CA PHE HD 116 -112.99 -129.75 79.31
C PHE HD 116 -112.48 -128.99 80.51
N ARG HD 117 -112.86 -129.45 81.70
CA ARG HD 117 -112.40 -128.90 82.96
C ARG HD 117 -111.86 -130.03 83.81
N TYR HD 118 -110.63 -129.86 84.30
CA TYR HD 118 -110.01 -130.86 85.16
C TYR HD 118 -109.71 -130.23 86.51
N GLU HD 119 -110.11 -130.94 87.58
CA GLU HD 119 -109.88 -130.55 88.95
C GLU HD 119 -109.47 -131.81 89.71
N GLY HD 120 -109.51 -131.74 91.04
CA GLY HD 120 -109.37 -132.92 91.86
C GLY HD 120 -107.97 -133.44 92.04
N ALA HD 121 -106.96 -132.72 91.55
CA ALA HD 121 -105.53 -133.01 91.71
C ALA HD 121 -105.17 -134.39 91.14
N GLY HD 122 -105.36 -134.52 89.83
CA GLY HD 122 -105.02 -135.73 89.12
C GLY HD 122 -104.07 -135.45 87.97
N VAL HD 123 -103.76 -136.51 87.25
CA VAL HD 123 -102.80 -136.47 86.14
C VAL HD 123 -103.54 -136.85 84.87
N VAL HD 124 -103.42 -136.01 83.84
CA VAL HD 124 -104.00 -136.25 82.53
C VAL HD 124 -102.86 -136.42 81.53
N THR HD 125 -102.94 -137.47 80.73
CA THR HD 125 -101.95 -137.74 79.68
C THR HD 125 -102.69 -138.08 78.40
N GLY HD 126 -102.50 -137.27 77.37
CA GLY HD 126 -103.14 -137.51 76.09
C GLY HD 126 -102.20 -137.17 74.96
N ASN HD 127 -102.34 -137.92 73.86
CA ASN HD 127 -101.48 -137.72 72.70
C ASN HD 127 -102.29 -137.92 71.43
N ASN HD 128 -101.79 -137.29 70.35
CA ASN HD 128 -102.35 -137.37 69.00
C ASN HD 128 -103.80 -136.92 68.94
N LEU HD 129 -104.08 -135.76 69.54
CA LEU HD 129 -105.41 -135.17 69.52
C LEU HD 129 -105.48 -134.07 68.49
N ARG HD 130 -106.62 -133.98 67.80
CA ARG HD 130 -106.86 -132.95 66.79
C ARG HD 130 -108.19 -132.27 67.09
N THR HD 131 -108.25 -130.95 66.86
CA THR HD 131 -109.45 -130.19 67.12
C THR HD 131 -109.43 -128.92 66.27
N SER HD 132 -110.60 -128.29 66.18
CA SER HD 132 -110.72 -126.94 65.65
C SER HD 132 -110.69 -125.89 66.75
N TYR HD 133 -111.51 -126.09 67.79
CA TYR HD 133 -111.48 -125.23 68.96
C TYR HD 133 -112.03 -125.99 70.15
N LEU HD 134 -111.35 -125.88 71.29
CA LEU HD 134 -111.88 -126.34 72.57
C LEU HD 134 -111.28 -125.51 73.68
N ASP HD 135 -112.00 -125.46 74.80
CA ASP HD 135 -111.60 -124.66 75.95
C ASP HD 135 -111.25 -125.57 77.12
N LEU HD 136 -110.06 -125.35 77.67
CA LEU HD 136 -109.54 -126.11 78.80
C LEU HD 136 -109.55 -125.25 80.06
N TYR HD 137 -109.95 -125.84 81.18
CA TYR HD 137 -109.90 -125.18 82.47
C TYR HD 137 -109.26 -126.13 83.47
N LEU HD 138 -108.04 -125.80 83.89
CA LEU HD 138 -107.28 -126.64 84.81
C LEU HD 138 -107.29 -126.01 86.20
N ALA HD 139 -107.39 -126.86 87.23
CA ALA HD 139 -107.42 -126.35 88.59
C ALA HD 139 -106.77 -127.33 89.54
N ASN HD 140 -106.07 -126.78 90.54
CA ASN HD 140 -105.59 -127.47 91.74
C ASN HD 140 -104.66 -128.64 91.39
N GLU HD 141 -103.53 -128.29 90.76
CA GLU HD 141 -102.47 -129.21 90.35
C GLU HD 141 -103.02 -130.29 89.39
N GLY HD 142 -103.35 -129.83 88.18
CA GLY HD 142 -103.60 -130.76 87.09
C GLY HD 142 -102.31 -131.02 86.35
N THR HD 143 -101.65 -132.13 86.64
CA THR HD 143 -100.43 -132.51 85.94
C THR HD 143 -100.80 -132.99 84.56
N THR HD 144 -100.57 -132.15 83.55
CA THR HD 144 -101.13 -132.37 82.23
C THR HD 144 -100.02 -132.54 81.20
N ARG HD 145 -100.08 -133.63 80.45
CA ARG HD 145 -99.24 -133.88 79.29
C ARG HD 145 -100.13 -133.99 78.07
N LEU HD 146 -99.89 -133.17 77.05
CA LEU HD 146 -100.67 -133.19 75.83
C LEU HD 146 -99.72 -133.19 74.64
N ALA HD 147 -99.91 -134.15 73.74
CA ALA HD 147 -99.03 -134.36 72.59
C ALA HD 147 -99.86 -134.44 71.32
N GLY HD 148 -100.77 -133.49 71.14
CA GLY HD 148 -101.53 -133.39 69.92
C GLY HD 148 -101.50 -131.96 69.38
N ASN HD 149 -101.86 -131.85 68.10
CA ASN HD 149 -101.94 -130.54 67.45
C ASN HD 149 -103.33 -129.96 67.70
N ILE HD 150 -103.41 -128.94 68.54
CA ILE HD 150 -104.67 -128.37 68.99
C ILE HD 150 -104.75 -126.93 68.50
N GLY HD 151 -105.86 -126.59 67.86
CA GLY HD 151 -106.24 -125.20 67.65
C GLY HD 151 -107.24 -124.81 68.72
N LEU HD 152 -106.99 -123.69 69.39
CA LEU HD 152 -107.86 -123.22 70.46
C LEU HD 152 -107.64 -121.73 70.67
N GLN HD 153 -108.60 -121.12 71.33
CA GLN HD 153 -108.56 -119.69 71.65
C GLN HD 153 -108.54 -119.41 73.14
N LYS HD 154 -109.19 -120.24 73.95
CA LYS HD 154 -109.29 -120.00 75.38
C LYS HD 154 -108.66 -121.15 76.15
N LEU HD 155 -107.90 -120.80 77.18
CA LEU HD 155 -107.30 -121.78 78.07
C LEU HD 155 -107.07 -121.11 79.42
N GLU HD 156 -107.67 -121.64 80.47
CA GLU HD 156 -107.60 -121.03 81.79
C GLU HD 156 -107.07 -122.03 82.79
N ALA HD 157 -106.14 -121.61 83.63
CA ALA HD 157 -105.62 -122.40 84.71
C ALA HD 157 -105.68 -121.59 85.99
N VAL HD 158 -106.06 -122.24 87.09
CA VAL HD 158 -106.12 -121.55 88.38
C VAL HD 158 -104.72 -121.19 88.85
N GLY HD 159 -103.82 -122.15 88.83
CA GLY HD 159 -102.46 -121.92 89.30
C GLY HD 159 -101.93 -123.15 90.00
N ASN HD 160 -100.60 -123.13 90.21
CA ASN HD 160 -99.84 -124.16 90.92
C ASN HD 160 -99.99 -125.54 90.26
N GLY HD 161 -99.66 -125.58 88.97
CA GLY HD 161 -99.79 -126.80 88.20
C GLY HD 161 -98.73 -126.88 87.12
N VAL HD 162 -98.56 -128.08 86.58
CA VAL HD 162 -97.59 -128.34 85.52
C VAL HD 162 -98.33 -128.79 84.27
N THR HD 163 -98.03 -128.14 83.15
CA THR HD 163 -98.72 -128.39 81.90
C THR HD 163 -97.71 -128.35 80.77
N GLN HD 164 -97.60 -129.46 80.05
CA GLN HD 164 -96.80 -129.53 78.83
C GLN HD 164 -97.75 -129.73 77.66
N ILE HD 165 -97.67 -128.84 76.67
CA ILE HD 165 -98.47 -128.91 75.46
C ILE HD 165 -97.52 -128.92 74.27
N ASN HD 166 -97.70 -129.91 73.39
CA ASN HD 166 -96.82 -130.08 72.23
C ASN HD 166 -97.61 -129.83 70.96
N GLY HD 167 -97.53 -128.61 70.43
CA GLY HD 167 -98.14 -128.29 69.16
C GLY HD 167 -99.45 -127.55 69.27
N VAL HD 168 -99.42 -126.24 69.07
CA VAL HD 168 -100.61 -125.40 69.07
C VAL HD 168 -100.55 -124.49 67.86
N SER HD 169 -101.62 -124.51 67.06
CA SER HD 169 -101.71 -123.67 65.87
C SER HD 169 -103.10 -123.06 65.80
N SER HD 170 -103.19 -121.75 66.04
CA SER HD 170 -104.46 -121.05 65.98
C SER HD 170 -104.22 -119.59 65.62
N ARG HD 171 -105.26 -118.96 65.09
CA ARG HD 171 -105.19 -117.57 64.66
C ARG HD 171 -105.61 -116.59 65.75
N ASN HD 172 -106.03 -117.08 66.91
CA ASN HD 172 -106.46 -116.21 67.98
C ASN HD 172 -106.30 -116.94 69.31
N LEU HD 173 -105.90 -116.18 70.33
CA LEU HD 173 -105.73 -116.73 71.67
C LEU HD 173 -105.76 -115.57 72.67
N GLN HD 174 -106.34 -115.84 73.84
CA GLN HD 174 -106.38 -114.82 74.90
C GLN HD 174 -106.40 -115.55 76.24
N ILE HD 175 -105.32 -115.41 77.00
CA ILE HD 175 -105.10 -116.17 78.22
C ILE HD 175 -104.99 -115.21 79.40
N VAL HD 176 -105.68 -115.52 80.49
CA VAL HD 176 -105.55 -114.79 81.74
C VAL HD 176 -105.44 -115.81 82.88
N LEU HD 177 -104.44 -115.64 83.74
CA LEU HD 177 -104.21 -116.56 84.84
C LEU HD 177 -104.29 -115.83 86.17
N LYS HD 178 -104.65 -116.56 87.21
CA LYS HD 178 -104.93 -115.98 88.52
C LYS HD 178 -103.88 -116.31 89.57
N GLY HD 179 -103.58 -117.59 89.76
CA GLY HD 179 -102.57 -117.97 90.73
C GLY HD 179 -101.19 -118.05 90.11
N ASP HD 180 -100.42 -119.06 90.49
CA ASP HD 180 -99.00 -119.15 90.14
C ASP HD 180 -98.73 -120.49 89.45
N PRO HD 181 -99.07 -120.62 88.18
CA PRO HD 181 -98.89 -121.89 87.48
C PRO HD 181 -97.54 -121.99 86.79
N LYS HD 182 -97.26 -123.20 86.28
CA LYS HD 182 -96.05 -123.49 85.54
C LYS HD 182 -96.47 -124.10 84.21
N VAL HD 183 -96.30 -123.35 83.12
CA VAL HD 183 -96.82 -123.75 81.82
C VAL HD 183 -95.73 -123.61 80.77
N LEU HD 184 -95.90 -124.38 79.69
CA LEU HD 184 -95.00 -124.33 78.54
C LEU HD 184 -95.77 -124.81 77.33
N ILE HD 185 -95.87 -123.97 76.31
CA ILE HD 185 -96.72 -124.23 75.14
C ILE HD 185 -95.87 -124.25 73.89
N SER HD 186 -96.12 -125.21 73.01
CA SER HD 186 -95.39 -125.37 71.77
C SER HD 186 -96.27 -125.04 70.57
N GLY HD 187 -95.66 -124.40 69.57
CA GLY HD 187 -96.36 -124.09 68.33
C GLY HD 187 -96.23 -122.64 67.91
N PHE HD 188 -97.20 -122.16 67.13
CA PHE HD 188 -97.26 -120.78 66.69
C PHE HD 188 -98.51 -120.13 67.28
N VAL HD 189 -98.34 -119.01 67.96
CA VAL HD 189 -99.38 -118.42 68.78
C VAL HD 189 -99.66 -117.00 68.30
N ASN HD 190 -100.92 -116.72 67.98
CA ASN HD 190 -101.36 -115.36 67.65
C ASN HD 190 -102.07 -114.79 68.88
N LEU HD 191 -101.27 -114.28 69.81
CA LEU HD 191 -101.79 -113.67 71.02
C LEU HD 191 -101.72 -112.15 70.90
N ARG HD 192 -102.62 -111.48 71.62
CA ARG HD 192 -102.70 -110.02 71.55
C ARG HD 192 -102.61 -109.34 72.90
N GLN HD 193 -103.08 -109.97 73.98
CA GLN HD 193 -103.11 -109.32 75.28
C GLN HD 193 -102.80 -110.32 76.38
N LEU HD 194 -101.97 -109.91 77.34
CA LEU HD 194 -101.67 -110.75 78.49
C LEU HD 194 -101.46 -109.90 79.73
N ASP HD 195 -102.13 -110.27 80.82
CA ASP HD 195 -101.98 -109.62 82.10
C ASP HD 195 -101.62 -110.67 83.15
N MET HD 196 -100.85 -110.26 84.15
CA MET HD 196 -100.44 -111.16 85.23
C MET HD 196 -100.45 -110.40 86.55
N TYR HD 197 -100.97 -111.07 87.58
CA TYR HD 197 -101.18 -110.45 88.88
C TYR HD 197 -100.68 -111.28 90.06
N GLY HD 198 -100.25 -112.52 89.85
CA GLY HD 198 -99.80 -113.36 90.94
C GLY HD 198 -98.31 -113.62 90.91
N LYS HD 199 -97.92 -114.89 90.83
CA LYS HD 199 -96.54 -115.31 90.69
C LYS HD 199 -96.41 -116.21 89.47
N GLY HD 200 -96.92 -115.72 88.35
CA GLY HD 200 -97.05 -116.56 87.18
C GLY HD 200 -95.73 -116.82 86.48
N THR HD 201 -95.59 -118.04 85.97
CA THR HD 201 -94.45 -118.46 85.18
C THR HD 201 -94.96 -119.02 83.86
N LEU HD 202 -94.38 -118.56 82.77
CA LEU HD 202 -94.92 -118.89 81.44
C LEU HD 202 -93.77 -118.91 80.43
N SER HD 203 -93.93 -119.74 79.41
CA SER HD 203 -92.95 -119.82 78.34
C SER HD 203 -93.65 -120.20 77.05
N LEU HD 204 -93.37 -119.44 75.99
CA LEU HD 204 -93.87 -119.74 74.66
C LEU HD 204 -92.71 -119.90 73.70
N TYR HD 205 -92.87 -120.84 72.76
CA TYR HD 205 -91.78 -121.12 71.82
C TYR HD 205 -91.76 -120.11 70.68
N TRP HD 206 -92.83 -120.08 69.88
CA TRP HD 206 -92.89 -119.19 68.74
C TRP HD 206 -94.23 -118.48 68.72
N ILE HD 207 -94.20 -117.17 68.56
CA ILE HD 207 -95.40 -116.37 68.36
C ILE HD 207 -95.25 -115.58 67.08
N LYS HD 208 -96.35 -115.41 66.36
CA LYS HD 208 -96.38 -114.63 65.11
C LYS HD 208 -97.57 -113.69 65.22
N SER HD 209 -97.34 -112.54 65.84
CA SER HD 209 -98.40 -111.56 66.00
C SER HD 209 -97.90 -110.17 65.66
N ASP HD 210 -98.73 -109.18 65.85
CA ASP HD 210 -98.37 -107.82 65.50
C ASP HD 210 -98.54 -106.85 66.64
N THR HD 211 -99.59 -107.01 67.46
CA THR HD 211 -99.93 -106.06 68.50
C THR HD 211 -100.01 -106.80 69.83
N LEU HD 212 -99.15 -106.41 70.77
CA LEU HD 212 -99.09 -107.07 72.06
C LEU HD 212 -99.18 -106.04 73.18
N THR HD 213 -100.00 -106.36 74.17
CA THR HD 213 -100.18 -105.52 75.35
C THR HD 213 -99.96 -106.40 76.58
N ILE HD 214 -98.84 -106.20 77.28
CA ILE HD 214 -98.44 -107.04 78.40
C ILE HD 214 -98.44 -106.20 79.65
N ARG HD 215 -99.12 -106.66 80.68
CA ARG HD 215 -99.15 -105.98 81.97
C ARG HD 215 -98.76 -106.96 83.06
N ALA HD 216 -97.85 -106.54 83.94
CA ALA HD 216 -97.42 -107.39 85.05
C ALA HD 216 -97.46 -106.59 86.35
N LYS HD 217 -98.07 -107.18 87.38
CA LYS HD 217 -98.26 -106.51 88.64
C LYS HD 217 -97.33 -107.01 89.73
N LYS HD 218 -97.33 -108.31 90.04
CA LYS HD 218 -96.68 -108.82 91.23
C LYS HD 218 -95.43 -109.65 90.95
N ALA HD 219 -95.55 -110.72 90.17
CA ALA HD 219 -94.39 -111.54 89.81
C ALA HD 219 -94.70 -112.28 88.52
N ALA HD 220 -93.94 -111.97 87.48
CA ALA HD 220 -94.11 -112.62 86.18
C ALA HD 220 -92.76 -113.11 85.71
N LYS HD 221 -92.72 -114.38 85.31
CA LYS HD 221 -91.49 -115.04 84.86
C LYS HD 221 -91.80 -115.63 83.50
N ILE HD 222 -91.63 -114.83 82.46
CA ILE HD 222 -92.10 -115.15 81.11
C ILE HD 222 -90.91 -115.25 80.18
N GLN HD 223 -90.81 -116.39 79.50
CA GLN HD 223 -89.81 -116.61 78.45
C GLN HD 223 -90.53 -116.68 77.12
N LEU HD 224 -90.38 -115.63 76.31
CA LEU HD 224 -91.10 -115.51 75.06
C LEU HD 224 -90.13 -115.35 73.90
N ALA HD 225 -90.52 -115.89 72.74
CA ALA HD 225 -89.73 -115.78 71.53
C ALA HD 225 -90.67 -115.74 70.34
N GLY HD 226 -90.40 -114.84 69.40
CA GLY HD 226 -91.22 -114.74 68.21
C GLY HD 226 -91.08 -113.36 67.58
N ILE HD 227 -92.06 -113.05 66.73
CA ILE HD 227 -92.06 -111.83 65.93
C ILE HD 227 -93.31 -111.02 66.25
N VAL HD 228 -93.11 -109.79 66.73
CA VAL HD 228 -94.19 -108.86 67.02
C VAL HD 228 -93.92 -107.57 66.27
N ASN HD 229 -94.94 -107.04 65.59
CA ASN HD 229 -94.77 -105.74 64.94
C ASN HD 229 -94.75 -104.60 65.95
N ARG HD 230 -95.61 -104.67 66.97
CA ARG HD 230 -95.76 -103.57 67.91
C ARG HD 230 -96.10 -104.14 69.28
N LEU HD 231 -95.23 -103.89 70.25
CA LEU HD 231 -95.35 -104.49 71.58
C LEU HD 231 -95.23 -103.41 72.64
N ASP HD 232 -96.14 -103.42 73.60
CA ASP HD 232 -96.09 -102.52 74.76
C ASP HD 232 -96.14 -103.35 76.03
N VAL HD 233 -95.23 -103.05 76.95
CA VAL HD 233 -95.07 -103.82 78.19
C VAL HD 233 -95.04 -102.85 79.36
N GLU HD 234 -95.91 -103.08 80.34
CA GLU HD 234 -95.93 -102.36 81.61
C GLU HD 234 -95.55 -103.31 82.73
N LEU HD 235 -94.59 -102.90 83.55
CA LEU HD 235 -94.18 -103.66 84.72
C LEU HD 235 -94.35 -102.81 85.96
N TRP HD 236 -94.98 -103.36 86.99
CA TRP HD 236 -95.27 -102.59 88.20
C TRP HD 236 -94.25 -102.82 89.31
N ASP HD 237 -94.14 -104.04 89.82
CA ASP HD 237 -93.21 -104.31 90.92
C ASP HD 237 -92.86 -105.78 90.92
N PHE HD 238 -91.56 -106.07 91.08
CA PHE HD 238 -91.01 -107.43 91.12
C PHE HD 238 -91.38 -108.23 89.87
N ALA HD 239 -91.42 -107.54 88.74
CA ALA HD 239 -91.74 -108.16 87.46
C ALA HD 239 -90.45 -108.46 86.72
N GLN HD 240 -90.38 -109.65 86.13
CA GLN HD 240 -89.17 -110.14 85.48
C GLN HD 240 -89.55 -110.54 84.06
N PHE HD 241 -89.54 -109.57 83.15
CA PHE HD 241 -89.93 -109.83 81.77
C PHE HD 241 -88.70 -110.15 80.94
N LYS HD 242 -88.76 -111.24 80.18
CA LYS HD 242 -87.64 -111.68 79.35
C LYS HD 242 -88.13 -111.84 77.92
N GLY HD 243 -88.09 -110.75 77.13
CA GLY HD 243 -88.37 -110.85 75.73
C GLY HD 243 -87.12 -111.05 74.91
N LYS HD 244 -86.18 -111.82 75.46
CA LYS HD 244 -85.00 -112.22 74.72
C LYS HD 244 -85.39 -113.14 73.58
N TYR HD 245 -84.66 -113.01 72.46
CA TYR HD 245 -84.91 -113.74 71.21
C TYR HD 245 -86.32 -113.48 70.69
N LEU HD 246 -86.78 -112.24 70.83
CA LEU HD 246 -88.10 -111.82 70.36
C LEU HD 246 -87.94 -110.48 69.66
N ARG HD 247 -87.87 -110.51 68.33
CA ARG HD 247 -87.62 -109.30 67.55
C ARG HD 247 -88.89 -108.49 67.43
N ALA HD 248 -88.84 -107.24 67.88
CA ALA HD 248 -89.99 -106.34 67.86
C ALA HD 248 -89.66 -105.11 67.03
N GLN HD 249 -90.53 -104.80 66.07
CA GLN HD 249 -90.31 -103.63 65.23
C GLN HD 249 -90.56 -102.35 66.01
N ARG HD 250 -91.65 -102.31 66.77
CA ARG HD 250 -91.99 -101.19 67.63
C ARG HD 250 -92.04 -101.68 69.06
N SER HD 251 -91.30 -101.03 69.95
CA SER HD 251 -91.25 -101.45 71.34
C SER HD 251 -91.52 -100.27 72.24
N PHE HD 252 -92.43 -100.47 73.20
CA PHE HD 252 -92.75 -99.48 74.22
C PHE HD 252 -92.69 -100.17 75.58
N VAL HD 253 -91.90 -99.62 76.49
CA VAL HD 253 -91.70 -100.23 77.80
C VAL HD 253 -91.87 -99.16 78.87
N LYS HD 254 -92.76 -99.42 79.83
CA LYS HD 254 -92.93 -98.57 81.00
C LYS HD 254 -92.70 -99.42 82.25
N THR HD 255 -91.73 -99.03 83.06
CA THR HD 255 -91.34 -99.83 84.22
C THR HD 255 -91.36 -98.97 85.48
N HIS HD 256 -92.11 -99.41 86.48
CA HIS HD 256 -92.18 -98.77 87.77
C HIS HD 256 -91.09 -99.35 88.68
N ASP HD 257 -91.22 -99.16 89.99
CA ASP HD 257 -90.19 -99.54 90.95
C ASP HD 257 -89.97 -101.05 91.00
N LYS HD 258 -88.70 -101.44 91.00
CA LYS HD 258 -88.21 -102.82 91.11
C LYS HD 258 -88.80 -103.70 90.00
N SER HD 259 -88.39 -103.38 88.78
CA SER HD 259 -88.86 -104.10 87.60
C SER HD 259 -87.69 -104.31 86.65
N VAL HD 260 -87.57 -105.54 86.14
CA VAL HD 260 -86.47 -105.92 85.26
C VAL HD 260 -87.07 -106.40 83.94
N ALA HD 261 -86.55 -105.86 82.84
CA ALA HD 261 -87.01 -106.23 81.51
C ALA HD 261 -85.81 -106.46 80.61
N GLU HD 262 -85.88 -107.53 79.83
CA GLU HD 262 -84.89 -107.87 78.82
C GLU HD 262 -85.53 -107.69 77.46
N ILE HD 263 -84.92 -106.85 76.62
CA ILE HD 263 -85.53 -106.35 75.39
C ILE HD 263 -84.67 -106.76 74.21
N SER HD 264 -85.32 -106.99 73.08
CA SER HD 264 -84.67 -107.32 71.82
C SER HD 264 -85.20 -106.42 70.70
N ALA HD 265 -85.20 -105.10 70.96
CA ALA HD 265 -85.75 -104.12 70.04
C ALA HD 265 -84.93 -104.02 68.75
N VAL HD 266 -85.61 -103.67 67.67
CA VAL HD 266 -85.05 -103.76 66.32
C VAL HD 266 -85.03 -102.41 65.63
N ASN HD 267 -86.18 -101.76 65.54
CA ASN HD 267 -86.32 -100.57 64.71
C ASN HD 267 -86.65 -99.32 65.51
N HIS HD 268 -87.70 -99.36 66.31
CA HIS HD 268 -88.13 -98.19 67.08
C HIS HD 268 -88.29 -98.59 68.53
N GLN HD 269 -87.59 -97.87 69.42
CA GLN HD 269 -87.44 -98.29 70.81
C GLN HD 269 -87.80 -97.13 71.73
N SER HD 270 -88.75 -97.38 72.63
CA SER HD 270 -89.23 -96.39 73.58
C SER HD 270 -89.20 -97.01 74.97
N SER HD 271 -88.48 -96.38 75.89
CA SER HD 271 -88.28 -96.96 77.20
C SER HD 271 -88.36 -95.90 78.29
N LEU HD 272 -89.08 -96.21 79.35
CA LEU HD 272 -89.18 -95.31 80.50
C LEU HD 272 -89.08 -96.14 81.78
N ALA HD 273 -88.23 -95.70 82.70
CA ALA HD 273 -88.01 -96.39 83.96
C ALA HD 273 -88.09 -95.38 85.09
N THR HD 274 -88.82 -95.72 86.15
CA THR HD 274 -89.01 -94.76 87.24
C THR HD 274 -87.82 -94.78 88.20
N ASP HD 275 -87.63 -95.91 88.88
CA ASP HD 275 -86.60 -96.06 89.90
C ASP HD 275 -86.40 -97.55 90.14
N ALA HD 276 -85.13 -97.93 90.41
CA ALA HD 276 -84.73 -99.31 90.69
C ALA HD 276 -85.15 -100.26 89.57
N SER HD 277 -85.16 -99.76 88.35
CA SER HD 277 -85.72 -100.47 87.20
C SER HD 277 -84.60 -100.68 86.19
N ASP HD 278 -84.52 -101.89 85.65
CA ASP HD 278 -83.48 -102.26 84.71
C ASP HD 278 -84.08 -102.64 83.38
N ILE HD 279 -83.57 -102.04 82.31
CA ILE HD 279 -84.03 -102.31 80.96
C ILE HD 279 -82.79 -102.68 80.16
N TYR HD 280 -82.64 -103.97 79.85
CA TYR HD 280 -81.43 -104.48 79.24
C TYR HD 280 -81.75 -104.86 77.80
N TYR HD 281 -81.30 -104.04 76.86
CA TYR HD 281 -81.58 -104.28 75.46
C TYR HD 281 -80.39 -104.97 74.81
N TYR HD 282 -80.64 -106.10 74.16
CA TYR HD 282 -79.55 -106.92 73.63
C TYR HD 282 -79.34 -106.72 72.14
N ASN HD 283 -79.93 -105.68 71.57
CA ASN HD 283 -79.66 -105.32 70.19
C ASN HD 283 -79.81 -103.82 70.04
N LEU HD 284 -79.02 -103.25 69.14
CA LEU HD 284 -79.10 -101.83 68.86
C LEU HD 284 -80.24 -101.56 67.89
N SER HD 285 -81.19 -100.73 68.31
CA SER HD 285 -82.29 -100.37 67.44
C SER HD 285 -81.88 -99.27 66.47
N LYS HD 286 -82.71 -99.08 65.44
CA LYS HD 286 -82.48 -97.97 64.51
C LYS HD 286 -82.76 -96.63 65.16
N THR HD 287 -83.77 -96.57 66.03
CA THR HD 287 -84.08 -95.37 66.79
C THR HD 287 -84.30 -95.79 68.23
N ARG HD 288 -83.56 -95.18 69.14
CA ARG HD 288 -83.58 -95.55 70.56
C ARG HD 288 -83.88 -94.31 71.37
N ALA HD 289 -84.86 -94.40 72.28
CA ALA HD 289 -85.16 -93.30 73.18
C ALA HD 289 -85.49 -93.87 74.55
N ASP HD 290 -84.70 -93.49 75.56
CA ASP HD 290 -84.81 -94.00 76.90
C ASP HD 290 -84.88 -92.84 77.88
N PHE HD 291 -85.61 -93.04 78.97
CA PHE HD 291 -85.71 -92.02 80.01
C PHE HD 291 -85.81 -92.68 81.38
N MET HD 292 -85.17 -92.04 82.36
CA MET HD 292 -85.26 -92.45 83.76
C MET HD 292 -85.88 -91.31 84.57
N ALA HD 293 -86.47 -91.67 85.70
CA ALA HD 293 -87.10 -90.68 86.57
C ALA HD 293 -86.32 -90.48 87.86
N PHE HD 294 -86.14 -91.53 88.66
CA PHE HD 294 -85.34 -91.42 89.89
C PHE HD 294 -84.10 -92.28 89.82
N ASN HD 295 -84.24 -93.59 89.63
CA ASN HD 295 -83.12 -94.51 89.70
C ASN HD 295 -83.15 -95.51 88.54
N GLY HD 296 -83.91 -95.22 87.49
CA GLY HD 296 -84.03 -96.15 86.40
C GLY HD 296 -82.76 -96.24 85.57
N SER HD 297 -82.63 -97.35 84.84
CA SER HD 297 -81.38 -97.63 84.14
C SER HD 297 -81.65 -98.47 82.91
N VAL HD 298 -81.09 -98.04 81.79
CA VAL HD 298 -81.24 -98.70 80.49
C VAL HD 298 -79.85 -99.00 79.96
N LEU HD 299 -79.54 -100.28 79.78
CA LEU HD 299 -78.19 -100.71 79.46
C LEU HD 299 -78.21 -101.72 78.33
N ASP HD 300 -77.12 -101.75 77.58
CA ASP HD 300 -76.98 -102.63 76.43
C ASP HD 300 -76.43 -104.01 76.81
N MET HD 301 -75.24 -104.03 77.43
CA MET HD 301 -74.41 -105.21 77.74
C MET HD 301 -74.40 -106.25 76.61
N ARG HD 302 -73.92 -105.81 75.45
CA ARG HD 302 -73.48 -106.79 74.48
C ARG HD 302 -72.10 -107.32 74.86
N GLU HD 303 -71.68 -108.39 74.19
CA GLU HD 303 -70.54 -109.18 74.65
C GLU HD 303 -69.19 -108.50 74.44
N TRP HD 304 -69.13 -107.43 73.62
CA TRP HD 304 -67.92 -106.66 73.30
C TRP HD 304 -66.82 -107.52 72.67
N GLY HD 305 -67.19 -108.64 72.04
CA GLY HD 305 -66.20 -109.54 71.50
C GLY HD 305 -66.65 -110.15 70.20
N GLN HD 306 -67.75 -109.64 69.66
CA GLN HD 306 -68.24 -110.11 68.37
C GLN HD 306 -67.31 -109.62 67.26
N SER HD 307 -67.00 -110.53 66.33
CA SER HD 307 -66.16 -110.19 65.19
C SER HD 307 -66.85 -109.26 64.20
N ASP HD 308 -68.17 -109.09 64.31
CA ASP HD 308 -68.93 -108.28 63.37
C ASP HD 308 -69.96 -107.44 64.10
N LEU HD 309 -69.59 -106.93 65.28
CA LEU HD 309 -70.50 -106.09 66.04
C LEU HD 309 -70.60 -104.71 65.42
N LYS HD 310 -71.83 -104.25 65.21
CA LYS HD 310 -72.04 -102.90 64.71
C LYS HD 310 -71.94 -101.88 65.84
N ASP HD 311 -71.76 -100.63 65.47
CA ASP HD 311 -71.50 -99.55 66.41
C ASP HD 311 -72.61 -98.50 66.33
N PHE HD 312 -72.37 -97.38 67.01
CA PHE HD 312 -73.33 -96.28 67.05
C PHE HD 312 -73.41 -95.58 65.71
N ASP HD 313 -74.42 -94.73 65.58
CA ASP HD 313 -74.60 -93.91 64.39
C ASP HD 313 -75.04 -92.51 64.83
N ARG HD 314 -75.25 -91.65 63.83
CA ARG HD 314 -75.70 -90.28 64.07
C ARG HD 314 -77.08 -90.27 64.72
N TYR HD 315 -77.95 -91.16 64.28
CA TYR HD 315 -79.32 -91.18 64.75
C TYR HD 315 -79.51 -92.07 65.98
N ASN HD 316 -78.44 -92.68 66.49
CA ASN HD 316 -78.54 -93.58 67.62
C ASN HD 316 -78.07 -92.99 68.93
N LYS HD 317 -77.26 -91.94 68.88
CA LYS HD 317 -76.53 -91.46 70.06
C LYS HD 317 -77.49 -90.75 71.01
N GLN HD 318 -77.99 -91.49 71.98
CA GLN HD 318 -78.70 -90.93 73.11
C GLN HD 318 -77.87 -91.13 74.36
N PHE HD 319 -77.80 -90.10 75.21
CA PHE HD 319 -76.88 -90.07 76.34
C PHE HD 319 -77.67 -89.82 77.63
N PRO HD 320 -78.20 -90.87 78.25
CA PRO HD 320 -78.96 -90.72 79.51
C PRO HD 320 -78.07 -90.38 80.70
N ASP ID 39 -47.51 -59.82 83.80
CA ASP ID 39 -46.39 -59.26 84.54
C ASP ID 39 -46.19 -59.99 85.87
N GLY ID 40 -47.20 -59.96 86.73
CA GLY ID 40 -47.14 -60.73 87.96
C GLY ID 40 -47.42 -62.20 87.67
N CYS ID 41 -46.37 -63.02 87.73
CA CYS ID 41 -46.46 -64.40 87.24
C CYS ID 41 -46.53 -65.42 88.35
N CYS ID 42 -45.59 -65.39 89.29
CA CYS ID 42 -45.59 -66.35 90.39
C CYS ID 42 -46.34 -65.81 91.61
N SER ID 43 -47.57 -65.37 91.39
CA SER ID 43 -48.40 -64.84 92.46
C SER ID 43 -48.95 -65.97 93.33
N LYS ID 44 -49.09 -65.67 94.62
CA LYS ID 44 -49.41 -66.65 95.68
C LYS ID 44 -48.46 -67.84 95.66
N MET ID 45 -47.19 -67.54 95.41
CA MET ID 45 -46.15 -68.56 95.36
C MET ID 45 -44.96 -68.03 96.16
N GLY ID 46 -43.85 -68.75 96.09
CA GLY ID 46 -42.64 -68.23 96.70
C GLY ID 46 -41.97 -67.13 95.92
N GLY ID 47 -42.36 -66.95 94.66
CA GLY ID 47 -41.71 -66.01 93.76
C GLY ID 47 -41.04 -66.74 92.62
N ILE ID 48 -40.44 -65.95 91.73
CA ILE ID 48 -39.79 -66.49 90.54
C ILE ID 48 -38.43 -67.04 90.91
N ASN ID 49 -38.14 -68.26 90.47
CA ASN ID 49 -36.79 -68.78 90.67
C ASN ID 49 -35.88 -68.41 89.50
N TYR ID 50 -36.19 -68.90 88.30
CA TYR ID 50 -35.33 -68.65 87.14
C TYR ID 50 -36.13 -68.95 85.87
N CYS ID 51 -35.45 -68.94 84.74
CA CYS ID 51 -36.07 -69.25 83.45
C CYS ID 51 -35.38 -70.46 82.82
N ASP ID 52 -36.18 -71.46 82.46
CA ASP ID 52 -35.69 -72.59 81.66
C ASP ID 52 -35.89 -72.18 80.20
N SER ID 53 -34.79 -71.79 79.55
CA SER ID 53 -34.83 -71.36 78.17
C SER ID 53 -35.00 -72.50 77.19
N SER ID 54 -34.69 -73.74 77.61
CA SER ID 54 -34.96 -74.90 76.77
C SER ID 54 -36.46 -75.08 76.57
N ALA ID 55 -37.23 -74.87 77.63
CA ALA ID 55 -38.67 -74.77 77.48
C ALA ID 55 -39.13 -73.34 77.23
N GLY ID 56 -38.27 -72.37 77.48
CA GLY ID 56 -38.67 -70.98 77.32
C GLY ID 56 -39.67 -70.51 78.34
N ARG ID 57 -39.71 -71.15 79.50
CA ARG ID 57 -40.73 -70.88 80.50
C ARG ID 57 -40.08 -70.52 81.82
N LEU ID 58 -40.75 -69.65 82.55
CA LEU ID 58 -40.29 -69.31 83.88
C LEU ID 58 -40.63 -70.43 84.85
N VAL ID 59 -39.67 -70.76 85.72
CA VAL ID 59 -39.89 -71.69 86.82
C VAL ID 59 -39.87 -70.88 88.10
N CYS ID 60 -40.94 -70.97 88.87
CA CYS ID 60 -41.10 -70.21 90.09
C CYS ID 60 -40.35 -70.92 91.23
N ASN ID 61 -40.49 -70.38 92.45
CA ASN ID 61 -39.82 -71.00 93.59
C ASN ID 61 -40.48 -72.32 93.97
N ASN ID 62 -41.80 -72.41 93.84
CA ASN ID 62 -42.43 -73.72 93.80
C ASN ID 62 -42.08 -74.40 92.50
N GLY ID 63 -41.90 -75.71 92.55
CA GLY ID 63 -41.36 -76.46 91.43
C GLY ID 63 -42.32 -76.65 90.27
N PHE ID 64 -42.74 -75.55 89.64
CA PHE ID 64 -43.69 -75.60 88.55
C PHE ID 64 -43.29 -74.58 87.50
N TYR ID 65 -43.77 -74.80 86.29
CA TYR ID 65 -43.53 -73.88 85.19
C TYR ID 65 -44.56 -72.77 85.26
N SER ID 66 -44.10 -71.53 85.29
CA SER ID 66 -45.00 -70.40 85.19
C SER ID 66 -45.60 -70.34 83.79
N THR ID 67 -46.87 -69.93 83.73
CA THR ID 67 -47.53 -69.76 82.44
C THR ID 67 -46.94 -68.60 81.64
N CYS ID 68 -46.31 -67.64 82.31
CA CYS ID 68 -45.52 -66.65 81.62
C CYS ID 68 -44.30 -67.32 80.98
N TYR ID 69 -43.90 -66.79 79.82
CA TYR ID 69 -42.68 -67.23 79.18
C TYR ID 69 -41.58 -66.20 79.40
N CYS ID 70 -40.34 -66.61 79.14
CA CYS ID 70 -39.20 -65.70 79.22
C CYS ID 70 -38.65 -65.36 77.85
N THR ID 71 -38.24 -66.35 77.07
CA THR ID 71 -37.80 -66.07 75.72
C THR ID 71 -38.98 -66.10 74.76
N ARG ID 72 -38.73 -65.60 73.56
CA ARG ID 72 -39.71 -65.64 72.48
C ARG ID 72 -39.58 -66.90 71.64
N HIS ID 73 -38.61 -67.76 71.94
CA HIS ID 73 -38.43 -69.02 71.22
C HIS ID 73 -39.12 -70.16 71.96
N ALA ID 74 -40.42 -70.00 72.16
CA ALA ID 74 -41.21 -71.02 72.83
C ALA ID 74 -42.53 -71.17 72.10
N VAL ID 75 -43.40 -72.04 72.63
CA VAL ID 75 -44.66 -72.36 71.97
C VAL ID 75 -45.62 -71.20 72.17
N MET ID 76 -45.76 -70.37 71.14
CA MET ID 76 -46.69 -69.25 71.16
C MET ID 76 -47.94 -69.66 70.40
N ASP ID 77 -49.08 -69.64 71.09
CA ASP ID 77 -50.35 -69.98 70.46
C ASP ID 77 -50.96 -68.71 69.86
N LEU ID 78 -50.36 -68.28 68.76
CA LEU ID 78 -50.84 -67.10 68.04
C LEU ID 78 -51.53 -67.53 66.76
N GLN ID 79 -52.70 -66.93 66.52
CA GLN ID 79 -53.51 -67.26 65.36
C GLN ID 79 -53.86 -66.07 64.49
N PHE ID 80 -53.89 -64.86 65.04
CA PHE ID 80 -54.24 -63.66 64.29
C PHE ID 80 -53.03 -62.75 64.23
N LEU ID 81 -52.74 -62.23 63.03
CA LEU ID 81 -51.56 -61.42 62.81
C LEU ID 81 -51.94 -60.19 62.02
N MET ID 82 -50.96 -59.31 61.82
CA MET ID 82 -51.16 -58.02 61.17
C MET ID 82 -50.31 -57.94 59.90
N GLY ID 83 -50.33 -56.77 59.27
CA GLY ID 83 -49.48 -56.51 58.12
C GLY ID 83 -50.19 -56.81 56.80
N CYS ID 84 -49.80 -56.07 55.77
CA CYS ID 84 -50.32 -56.28 54.43
C CYS ID 84 -49.25 -56.91 53.55
N CYS ID 85 -49.66 -57.27 52.32
CA CYS ID 85 -48.95 -58.21 51.46
C CYS ID 85 -48.64 -59.50 52.19
N LEU ID 86 -49.63 -59.98 52.94
CA LEU ID 86 -49.46 -61.16 53.77
C LEU ID 86 -49.97 -62.37 53.01
N TRP ID 87 -49.26 -63.50 53.20
CA TRP ID 87 -49.43 -64.72 52.41
C TRP ID 87 -49.29 -64.44 50.93
N HIS ID 88 -48.32 -63.58 50.62
CA HIS ID 88 -47.88 -63.27 49.28
C HIS ID 88 -46.37 -63.09 49.38
N GLY ID 89 -45.78 -62.46 48.36
CA GLY ID 89 -44.34 -62.26 48.41
C GLY ID 89 -43.86 -61.19 49.37
N GLY ID 90 -44.75 -60.47 50.02
CA GLY ID 90 -44.36 -59.36 50.86
C GLY ID 90 -44.23 -58.08 50.05
N VAL ID 91 -44.08 -56.97 50.78
CA VAL ID 91 -44.10 -55.65 50.18
C VAL ID 91 -42.87 -55.44 49.31
N TYR ID 92 -43.09 -55.03 48.06
CA TYR ID 92 -41.99 -54.78 47.14
C TYR ID 92 -41.21 -53.54 47.58
N PRO ID 93 -39.88 -53.59 47.58
CA PRO ID 93 -39.08 -52.43 47.98
C PRO ID 93 -39.01 -51.32 46.95
N GLN ID 94 -39.73 -51.42 45.83
CA GLN ID 94 -39.78 -50.34 44.86
C GLN ID 94 -40.52 -49.15 45.44
N LEU ID 95 -39.93 -47.97 45.32
CA LEU ID 95 -40.56 -46.74 45.79
C LEU ID 95 -41.36 -46.13 44.65
N ASN ID 96 -42.69 -46.12 44.81
CA ASN ID 96 -43.60 -45.60 43.79
C ASN ID 96 -44.27 -44.34 44.33
N SER ID 97 -44.33 -43.30 43.50
CA SER ID 97 -44.91 -42.03 43.92
C SER ID 97 -46.42 -42.15 44.09
N SER ID 98 -47.07 -43.02 43.33
CA SER ID 98 -48.50 -43.21 43.49
C SER ID 98 -48.77 -44.15 44.67
N GLY ID 99 -50.05 -44.41 44.91
CA GLY ID 99 -50.47 -45.29 45.98
C GLY ID 99 -50.42 -46.76 45.65
N LEU ID 100 -49.91 -47.12 44.48
CA LEU ID 100 -49.85 -48.51 44.06
C LEU ID 100 -48.78 -49.26 44.85
N VAL ID 101 -49.19 -50.35 45.49
CA VAL ID 101 -48.27 -51.25 46.18
C VAL ID 101 -48.61 -52.67 45.75
N VAL ID 102 -47.60 -53.39 45.27
CA VAL ID 102 -47.75 -54.75 44.74
C VAL ID 102 -46.85 -55.67 45.53
N CYS ID 103 -47.35 -56.86 45.87
CA CYS ID 103 -46.53 -57.81 46.58
C CYS ID 103 -45.52 -58.44 45.65
N ASN ID 104 -44.48 -59.05 46.25
CA ASN ID 104 -43.35 -59.58 45.49
C ASN ID 104 -43.72 -60.74 44.59
N ASP ID 105 -44.80 -61.46 44.89
CA ASP ID 105 -45.27 -62.52 44.00
C ASP ID 105 -46.11 -62.00 42.86
N GLY ID 106 -46.36 -60.68 42.80
CA GLY ID 106 -47.12 -60.08 41.73
C GLY ID 106 -48.50 -59.60 42.13
N TYR ID 107 -48.96 -59.94 43.33
CA TYR ID 107 -50.30 -59.55 43.76
C TYR ID 107 -50.31 -58.08 44.16
N VAL ID 108 -51.27 -57.34 43.63
CA VAL ID 108 -51.44 -55.92 43.97
C VAL ID 108 -52.31 -55.83 45.22
N SER ID 109 -51.85 -55.04 46.19
CA SER ID 109 -52.53 -54.93 47.48
C SER ID 109 -53.38 -53.66 47.47
N GLU ID 110 -54.64 -53.81 47.05
CA GLU ID 110 -55.57 -52.69 47.08
C GLU ID 110 -55.95 -52.30 48.50
N GLU ID 111 -55.83 -53.23 49.45
CA GLU ID 111 -56.11 -52.91 50.85
C GLU ID 111 -55.08 -51.93 51.39
N CYS ID 112 -53.80 -52.18 51.14
CA CYS ID 112 -52.78 -51.24 51.55
C CYS ID 112 -52.64 -50.07 50.59
N SER ID 113 -53.23 -50.16 49.40
CA SER ID 113 -53.14 -49.08 48.44
C SER ID 113 -54.04 -47.91 48.84
N LEU ID 114 -53.68 -46.73 48.35
CA LEU ID 114 -54.52 -45.57 48.53
C LEU ID 114 -55.76 -45.67 47.65
N GLN ID 115 -56.89 -45.22 48.19
CA GLN ID 115 -58.16 -45.26 47.48
C GLN ID 115 -58.43 -43.88 46.90
N LYS ID 116 -58.30 -43.77 45.58
CA LYS ID 116 -58.61 -42.52 44.89
C LYS ID 116 -58.93 -42.79 43.42
N UNK JD 1 -51.85 -91.54 79.94
CA UNK JD 1 -51.04 -92.33 80.86
C UNK JD 1 -51.91 -93.24 81.72
N UNK JD 2 -53.02 -92.67 82.21
CA UNK JD 2 -54.04 -93.36 83.01
C UNK JD 2 -53.47 -93.99 84.27
N UNK JD 3 -52.46 -93.35 84.85
CA UNK JD 3 -51.83 -93.86 86.07
C UNK JD 3 -51.14 -92.71 86.78
N UNK JD 4 -51.56 -92.43 88.01
CA UNK JD 4 -50.87 -91.44 88.84
C UNK JD 4 -49.88 -92.10 89.80
N UNK JD 5 -50.30 -93.17 90.46
CA UNK JD 5 -49.44 -93.91 91.38
C UNK JD 5 -49.09 -95.24 90.72
N UNK JD 6 -47.87 -95.34 90.20
CA UNK JD 6 -47.43 -96.58 89.58
C UNK JD 6 -47.18 -97.65 90.64
N UNK JD 7 -47.86 -98.78 90.51
CA UNK JD 7 -47.75 -99.86 91.49
C UNK JD 7 -46.41 -100.55 91.30
N UNK JD 8 -45.43 -100.18 92.13
CA UNK JD 8 -44.11 -100.78 92.08
C UNK JD 8 -44.14 -102.09 92.86
N UNK JD 9 -44.65 -103.12 92.18
CA UNK JD 9 -44.79 -104.49 92.70
C UNK JD 9 -45.57 -104.58 94.01
N UNK KD 1 -57.86 -73.99 -69.62
CA UNK KD 1 -57.03 -73.68 -68.46
C UNK KD 1 -56.67 -74.95 -67.70
N UNK KD 2 -56.36 -74.80 -66.42
CA UNK KD 2 -56.06 -75.93 -65.54
C UNK KD 2 -57.37 -76.39 -64.93
N UNK KD 3 -57.96 -77.44 -65.50
CA UNK KD 3 -59.25 -77.95 -65.06
C UNK KD 3 -59.09 -78.74 -63.76
N UNK KD 4 -60.14 -78.69 -62.93
CA UNK KD 4 -60.10 -79.37 -61.65
C UNK KD 4 -60.29 -80.88 -61.78
N UNK KD 5 -60.80 -81.35 -62.92
CA UNK KD 5 -61.08 -82.78 -63.09
C UNK KD 5 -59.80 -83.60 -63.16
N UNK KD 6 -58.83 -83.14 -63.96
CA UNK KD 6 -57.55 -83.83 -64.05
C UNK KD 6 -56.76 -83.71 -62.76
N UNK KD 7 -56.90 -82.59 -62.04
CA UNK KD 7 -56.24 -82.43 -60.74
C UNK KD 7 -56.82 -83.38 -59.71
N UNK KD 8 -58.14 -83.56 -59.69
CA UNK KD 8 -58.75 -84.52 -58.78
C UNK KD 8 -58.42 -85.95 -59.17
N UNK KD 9 -58.29 -86.24 -60.47
CA UNK KD 9 -57.85 -87.56 -60.91
C UNK KD 9 -56.41 -87.84 -60.49
N UNK KD 10 -55.55 -86.82 -60.57
CA UNK KD 10 -54.17 -86.97 -60.12
C UNK KD 10 -54.09 -87.13 -58.61
N UNK KD 11 -54.97 -86.44 -57.87
CA UNK KD 11 -55.03 -86.62 -56.42
C UNK KD 11 -55.51 -88.03 -56.06
N UNK KD 12 -56.47 -88.56 -56.83
CA UNK KD 12 -56.93 -89.93 -56.63
C UNK KD 12 -55.82 -90.93 -56.93
N UNK KD 13 -55.04 -90.68 -57.99
CA UNK KD 13 -53.92 -91.56 -58.31
C UNK KD 13 -52.82 -91.47 -57.26
N UNK KD 14 -52.62 -90.29 -56.67
CA UNK KD 14 -51.64 -90.15 -55.60
C UNK KD 14 -52.10 -90.84 -54.32
N UNK KD 15 -53.41 -90.79 -54.04
CA UNK KD 15 -53.96 -91.53 -52.91
C UNK KD 15 -53.88 -93.03 -53.13
N UNK KD 16 -54.11 -93.48 -54.37
CA UNK KD 16 -54.01 -94.90 -54.72
C UNK KD 16 -52.63 -95.17 -55.31
N UNK KD 17 -51.62 -94.99 -54.46
CA UNK KD 17 -50.26 -95.39 -54.79
C UNK KD 17 -49.99 -96.81 -54.30
N UNK KD 18 -50.11 -97.02 -52.98
CA UNK KD 18 -50.04 -98.32 -52.30
C UNK KD 18 -48.74 -99.08 -52.61
N UNK KD 19 -47.64 -98.35 -52.74
CA UNK KD 19 -46.35 -98.97 -53.01
C UNK KD 19 -45.30 -98.23 -52.18
N UNK KD 20 -45.07 -98.72 -50.98
CA UNK KD 20 -44.11 -98.12 -50.06
C UNK KD 20 -43.42 -99.21 -49.27
N UNK KD 21 -42.11 -99.09 -49.12
CA UNK KD 21 -41.30 -100.01 -48.34
C UNK KD 21 -40.55 -99.22 -47.28
N UNK KD 22 -40.88 -99.45 -46.03
CA UNK KD 22 -40.24 -98.78 -44.91
C UNK KD 22 -39.23 -99.71 -44.26
N UNK KD 23 -38.08 -99.17 -43.86
CA UNK KD 23 -37.00 -99.93 -43.27
C UNK KD 23 -36.63 -99.34 -41.92
N UNK KD 24 -36.18 -100.20 -41.01
CA UNK KD 24 -35.77 -99.81 -39.68
C UNK KD 24 -34.35 -100.34 -39.41
N UNK KD 25 -33.92 -100.18 -38.17
CA UNK KD 25 -32.61 -100.64 -37.75
C UNK KD 25 -32.72 -101.32 -36.39
N UNK KD 26 -31.75 -102.18 -36.10
CA UNK KD 26 -31.66 -102.85 -34.81
C UNK KD 26 -30.80 -102.01 -33.88
N UNK KD 27 -30.36 -102.60 -32.76
CA UNK KD 27 -29.52 -101.89 -31.80
C UNK KD 27 -28.13 -101.63 -32.36
N UNK KD 28 -27.62 -102.53 -33.20
CA UNK KD 28 -26.35 -102.32 -33.90
C UNK KD 28 -26.54 -101.73 -35.29
N UNK KD 29 -27.66 -101.04 -35.52
CA UNK KD 29 -28.04 -100.43 -36.80
C UNK KD 29 -28.04 -101.45 -37.94
N UNK KD 30 -28.60 -102.63 -37.67
CA UNK KD 30 -28.63 -103.68 -38.68
C UNK KD 30 -29.64 -103.36 -39.77
N UNK KD 31 -29.42 -103.96 -40.94
CA UNK KD 31 -30.35 -103.77 -42.04
C UNK KD 31 -31.63 -104.54 -41.78
N UNK KD 32 -32.75 -103.83 -41.74
CA UNK KD 32 -34.06 -104.43 -41.48
C UNK KD 32 -35.02 -103.89 -42.54
N UNK KD 33 -35.08 -104.58 -43.67
CA UNK KD 33 -35.96 -104.22 -44.77
C UNK KD 33 -36.76 -105.44 -45.19
N UNK KD 34 -38.09 -105.30 -45.20
CA UNK KD 34 -38.99 -106.38 -45.57
C UNK KD 34 -39.68 -106.01 -46.89
N UNK KD 35 -40.65 -106.85 -47.28
CA UNK KD 35 -41.40 -106.59 -48.50
C UNK KD 35 -42.27 -105.36 -48.36
N UNK KD 36 -42.50 -104.68 -49.48
CA UNK KD 36 -43.31 -103.47 -49.48
C UNK KD 36 -44.76 -103.80 -49.22
N UNK KD 37 -45.37 -103.08 -48.27
CA UNK KD 37 -46.73 -103.34 -47.84
C UNK KD 37 -47.53 -102.04 -47.88
N UNK KD 38 -48.83 -102.18 -47.60
CA UNK KD 38 -49.81 -101.07 -47.54
C UNK KD 38 -49.86 -100.22 -48.80
N UNK KD 39 -33.64 -95.02 -30.74
CA UNK KD 39 -34.19 -94.76 -32.06
C UNK KD 39 -33.91 -95.91 -33.00
N UNK KD 40 -34.96 -96.62 -33.39
CA UNK KD 40 -34.85 -97.78 -34.27
C UNK KD 40 -35.71 -97.63 -35.53
N UNK KD 41 -36.88 -97.02 -35.41
CA UNK KD 41 -37.80 -96.86 -36.54
C UNK KD 41 -37.26 -95.76 -37.45
N UNK KD 42 -36.46 -96.16 -38.42
CA UNK KD 42 -35.85 -95.22 -39.36
C UNK KD 42 -36.94 -94.70 -40.28
N UNK KD 43 -37.51 -93.54 -39.93
CA UNK KD 43 -38.62 -92.98 -40.70
C UNK KD 43 -38.16 -92.44 -42.05
N UNK KD 44 -36.88 -92.11 -42.18
CA UNK KD 44 -36.35 -91.63 -43.46
C UNK KD 44 -35.90 -92.76 -44.38
N UNK KD 45 -35.97 -94.01 -43.93
CA UNK KD 45 -35.57 -95.15 -44.74
C UNK KD 45 -36.68 -95.65 -45.65
N UNK KD 46 -37.86 -95.07 -45.58
CA UNK KD 46 -38.98 -95.52 -46.39
C UNK KD 46 -38.87 -94.97 -47.80
N UNK KD 47 -39.13 -95.82 -48.79
CA UNK KD 47 -39.22 -95.44 -50.18
C UNK KD 47 -40.64 -95.70 -50.67
N UNK KD 48 -41.30 -94.65 -51.14
CA UNK KD 48 -42.68 -94.76 -51.61
C UNK KD 48 -42.80 -94.34 -53.07
N LYS LD 24 -76.57 -76.94 88.86
CA LYS LD 24 -77.64 -75.96 88.94
C LYS LD 24 -78.00 -75.43 87.57
N PHE LD 25 -76.98 -74.99 86.83
CA PHE LD 25 -77.17 -74.36 85.53
C PHE LD 25 -76.33 -75.11 84.50
N LYS LD 26 -77.00 -75.93 83.70
CA LYS LD 26 -76.33 -76.62 82.61
C LYS LD 26 -76.04 -75.62 81.51
N LYS LD 27 -74.78 -75.35 81.28
CA LYS LD 27 -74.39 -74.31 80.34
C LYS LD 27 -74.54 -74.79 78.91
N PRO LD 28 -74.84 -73.88 77.99
CA PRO LD 28 -74.82 -74.23 76.57
C PRO LD 28 -73.40 -74.44 76.08
N PRO LD 29 -73.20 -75.11 74.95
CA PRO LD 29 -71.85 -75.22 74.38
C PRO LD 29 -71.29 -73.86 74.00
N ILE LD 30 -69.98 -73.72 74.19
CA ILE LD 30 -69.33 -72.42 74.00
C ILE LD 30 -69.25 -72.08 72.52
N ASN LD 31 -68.74 -73.02 71.72
CA ASN LD 31 -68.74 -72.83 70.27
C ASN LD 31 -69.99 -73.44 69.65
N ASN LD 32 -71.13 -73.10 70.22
CA ASN LD 32 -72.36 -73.61 69.62
C ASN LD 32 -72.77 -72.75 68.44
N PRO LD 33 -73.21 -73.35 67.35
CA PRO LD 33 -73.70 -72.55 66.22
C PRO LD 33 -75.07 -71.97 66.52
N SER LD 34 -75.12 -70.83 67.20
CA SER LD 34 -76.39 -70.20 67.56
C SER LD 34 -76.89 -69.23 66.50
N ASP LD 35 -76.54 -69.45 65.24
CA ASP LD 35 -76.96 -68.59 64.16
C ASP LD 35 -77.32 -69.45 62.96
N ASP LD 36 -78.26 -68.95 62.15
CA ASP LD 36 -78.76 -69.70 60.99
C ASP LD 36 -77.66 -69.95 59.96
N ALA LD 37 -76.84 -68.94 59.71
CA ALA LD 37 -75.72 -69.14 58.80
C ALA LD 37 -74.70 -70.11 59.35
N THR LD 38 -74.51 -70.11 60.68
CA THR LD 38 -73.56 -71.03 61.28
C THR LD 38 -74.05 -72.48 61.21
N ILE LD 39 -75.34 -72.71 61.48
CA ILE LD 39 -75.82 -74.09 61.39
C ILE LD 39 -75.89 -74.54 59.94
N LYS LD 40 -76.15 -73.62 59.01
CA LYS LD 40 -76.07 -73.97 57.60
C LYS LD 40 -74.65 -74.34 57.20
N LEU LD 41 -73.67 -73.60 57.72
CA LEU LD 41 -72.26 -73.89 57.45
C LEU LD 41 -71.86 -75.25 58.01
N ALA LD 42 -72.23 -75.53 59.26
CA ALA LD 42 -71.81 -76.77 59.90
C ALA LD 42 -72.53 -77.97 59.31
N GLU LD 43 -73.81 -77.81 58.95
CA GLU LD 43 -74.55 -78.88 58.32
C GLU LD 43 -74.01 -79.17 56.93
N ALA LD 44 -73.62 -78.13 56.18
CA ALA LD 44 -72.99 -78.31 54.89
C ALA LD 44 -71.64 -79.01 55.03
N ALA LD 45 -70.90 -78.67 56.08
CA ALA LD 45 -69.63 -79.34 56.34
C ALA LD 45 -69.83 -80.82 56.67
N VAL LD 46 -70.89 -81.13 57.43
CA VAL LD 46 -71.23 -82.51 57.74
C VAL LD 46 -71.57 -83.27 56.46
N SER LD 47 -72.37 -82.65 55.59
CA SER LD 47 -72.77 -83.27 54.34
C SER LD 47 -71.58 -83.54 53.44
N VAL LD 48 -70.67 -82.56 53.32
CA VAL LD 48 -69.54 -82.75 52.42
C VAL LD 48 -68.52 -83.71 53.03
N SER LD 49 -68.46 -83.79 54.37
CA SER LD 49 -67.58 -84.75 55.00
C SER LD 49 -68.06 -86.17 54.76
N ASP LD 50 -69.38 -86.38 54.90
CA ASP LD 50 -69.95 -87.70 54.63
C ASP LD 50 -69.81 -88.07 53.15
N SER LD 51 -69.97 -87.07 52.27
CA SER LD 51 -69.83 -87.32 50.83
C SER LD 51 -68.39 -87.67 50.47
N MET LD 52 -67.42 -86.97 51.07
CA MET LD 52 -66.01 -87.27 50.80
C MET LD 52 -65.62 -88.62 51.39
N LEU LD 53 -66.19 -88.97 52.55
CA LEU LD 53 -65.97 -90.30 53.12
C LEU LD 53 -66.53 -91.38 52.22
N GLU LD 54 -67.70 -91.15 51.63
CA GLU LD 54 -68.26 -92.11 50.69
C GLU LD 54 -67.42 -92.22 49.44
N MET LD 55 -66.84 -91.09 48.99
CA MET LD 55 -65.92 -91.10 47.86
C MET LD 55 -64.69 -91.94 48.17
N ALA LD 56 -64.15 -91.81 49.38
CA ALA LD 56 -63.01 -92.61 49.78
C ALA LD 56 -63.38 -94.08 49.94
N LYS LD 57 -64.60 -94.37 50.40
CA LYS LD 57 -65.06 -95.74 50.52
C LYS LD 57 -65.15 -96.42 49.17
N VAL LD 58 -65.65 -95.69 48.17
CA VAL LD 58 -65.70 -96.23 46.81
C VAL LD 58 -64.30 -96.37 46.25
N GLU LD 59 -63.45 -95.37 46.46
CA GLU LD 59 -62.12 -95.37 45.88
C GLU LD 59 -61.15 -96.34 46.57
N LYS LD 60 -61.51 -96.84 47.75
CA LYS LD 60 -60.59 -97.68 48.50
C LYS LD 60 -60.50 -99.08 47.89
N VAL LD 61 -59.27 -99.54 47.69
CA VAL LD 61 -59.00 -100.87 47.17
C VAL LD 61 -57.97 -101.53 48.07
N ILE LD 62 -58.31 -102.68 48.63
CA ILE LD 62 -57.48 -103.37 49.61
C ILE LD 62 -57.20 -104.79 49.12
N THR LD 63 -56.43 -105.52 49.91
CA THR LD 63 -56.14 -106.92 49.70
C THR LD 63 -56.57 -107.74 50.91
N PRO LD 64 -57.13 -108.93 50.71
CA PRO LD 64 -57.53 -109.76 51.84
C PRO LD 64 -56.34 -110.43 52.47
N PRO LD 65 -56.44 -110.86 53.73
CA PRO LD 65 -55.38 -111.68 54.33
C PRO LD 65 -55.41 -113.14 53.89
N SER LD 66 -56.35 -113.52 53.01
CA SER LD 66 -56.44 -114.89 52.56
C SER LD 66 -55.27 -115.27 51.68
N LYS LD 67 -54.92 -114.41 50.71
CA LYS LD 67 -53.86 -114.72 49.76
C LYS LD 67 -52.95 -113.54 49.54
N ASP LD 68 -52.56 -112.88 50.63
CA ASP LD 68 -51.51 -111.87 50.56
C ASP LD 68 -50.15 -112.54 50.60
N ASN LD 69 -49.23 -112.07 49.76
CA ASN LD 69 -47.91 -112.68 49.64
C ASN LD 69 -46.97 -111.94 50.58
N THR LD 70 -46.66 -112.57 51.72
CA THR LD 70 -45.76 -111.99 52.71
C THR LD 70 -45.11 -113.10 53.51
N LEU LD 71 -44.22 -112.70 54.42
CA LEU LD 71 -43.55 -113.63 55.31
C LEU LD 71 -44.13 -113.50 56.71
N THR LD 72 -44.50 -114.64 57.30
CA THR LD 72 -45.12 -114.68 58.60
C THR LD 72 -44.06 -114.93 59.68
N ILE LD 73 -44.54 -114.99 60.92
CA ILE LD 73 -43.67 -115.22 62.07
C ILE LD 73 -43.35 -116.71 62.16
N PRO LD 74 -42.07 -117.10 62.19
CA PRO LD 74 -41.72 -118.52 62.37
C PRO LD 74 -41.58 -118.94 63.82
N ASN LD 75 -41.49 -117.99 64.75
CA ASN LD 75 -41.38 -118.11 66.21
C ASN LD 75 -40.44 -119.20 66.71
N ALA LD 76 -39.30 -119.38 66.03
CA ALA LD 76 -38.24 -120.21 66.58
C ALA LD 76 -37.47 -119.43 67.64
N TYR LD 77 -36.58 -120.13 68.35
CA TYR LD 77 -35.92 -119.52 69.49
C TYR LD 77 -34.85 -118.52 69.08
N ASN LD 78 -34.24 -118.71 67.91
CA ASN LD 78 -33.22 -117.77 67.45
C ASN LD 78 -33.81 -116.43 67.05
N LEU LD 79 -35.09 -116.39 66.70
CA LEU LD 79 -35.72 -115.20 66.18
C LEU LD 79 -36.34 -114.33 67.26
N GLN LD 80 -36.15 -114.69 68.53
CA GLN LD 80 -36.69 -113.90 69.63
C GLN LD 80 -35.69 -112.91 70.19
N ALA LD 81 -34.51 -112.80 69.60
CA ALA LD 81 -33.50 -111.89 70.12
C ALA LD 81 -33.81 -110.46 69.68
N ARG LD 82 -33.26 -109.52 70.45
CA ARG LD 82 -33.47 -108.10 70.23
C ARG LD 82 -32.14 -107.44 69.91
N ALA LD 83 -32.16 -106.48 68.99
CA ALA LD 83 -30.93 -105.91 68.46
C ALA LD 83 -31.19 -104.50 67.95
N SER LD 84 -30.10 -103.83 67.58
CA SER LD 84 -30.15 -102.50 66.95
C SER LD 84 -29.41 -102.58 65.63
N VAL LD 85 -30.10 -102.23 64.54
CA VAL LD 85 -29.51 -102.31 63.21
C VAL LD 85 -29.80 -101.00 62.48
N ASP LD 86 -28.73 -100.32 62.05
CA ASP LD 86 -28.84 -99.23 61.09
C ASP LD 86 -28.10 -99.65 59.83
N TRP LD 87 -28.78 -99.55 58.70
CA TRP LD 87 -28.22 -99.97 57.42
C TRP LD 87 -28.96 -99.26 56.33
N SER LD 88 -28.23 -98.85 55.29
CA SER LD 88 -28.85 -98.33 54.08
C SER LD 88 -27.96 -98.74 52.91
N GLY LD 89 -28.28 -99.87 52.31
CA GLY LD 89 -27.50 -100.39 51.21
C GLY LD 89 -28.05 -101.68 50.66
N PRO LD 90 -27.18 -102.53 50.12
CA PRO LD 90 -27.63 -103.81 49.55
C PRO LD 90 -28.15 -104.81 50.56
N ILE LD 91 -28.46 -106.01 50.06
CA ILE LD 91 -29.35 -106.93 50.74
C ILE LD 91 -28.62 -108.18 51.21
N GLU LD 92 -27.74 -108.74 50.37
CA GLU LD 92 -27.20 -110.06 50.61
C GLU LD 92 -26.24 -110.07 51.80
N GLU LD 93 -25.42 -109.03 51.91
CA GLU LD 93 -24.53 -108.90 53.06
C GLU LD 93 -25.33 -108.78 54.36
N LEU LD 94 -26.42 -108.02 54.30
CA LEU LD 94 -27.27 -107.82 55.47
C LEU LD 94 -27.93 -109.11 55.91
N THR LD 95 -28.49 -109.86 54.96
CA THR LD 95 -29.18 -111.09 55.35
C THR LD 95 -28.22 -112.20 55.73
N ALA LD 96 -27.02 -112.22 55.14
CA ALA LD 96 -26.02 -113.19 55.57
C ALA LD 96 -25.52 -112.89 56.97
N ARG LD 97 -25.35 -111.60 57.29
CA ARG LD 97 -24.96 -111.21 58.65
C ARG LD 97 -26.05 -111.55 59.65
N ILE LD 98 -27.32 -111.35 59.27
CA ILE LD 98 -28.44 -111.70 60.14
C ILE LD 98 -28.49 -113.20 60.38
N ALA LD 99 -28.30 -114.00 59.32
CA ALA LD 99 -28.33 -115.45 59.45
C ALA LD 99 -27.17 -115.95 60.28
N LYS LD 100 -25.99 -115.33 60.15
CA LYS LD 100 -24.85 -115.73 60.96
C LYS LD 100 -25.04 -115.36 62.42
N ALA LD 101 -25.66 -114.20 62.69
CA ALA LD 101 -25.99 -113.83 64.05
C ALA LD 101 -27.04 -114.75 64.64
N ALA LD 102 -27.94 -115.27 63.81
CA ALA LD 102 -28.92 -116.25 64.25
C ALA LD 102 -28.37 -117.67 64.24
N HIS LD 103 -27.12 -117.86 63.80
CA HIS LD 103 -26.48 -119.17 63.62
C HIS LD 103 -27.28 -120.03 62.66
N PHE LD 104 -27.77 -119.41 61.59
CA PHE LD 104 -28.51 -120.10 60.54
C PHE LD 104 -27.72 -120.04 59.25
N ARG LD 105 -27.74 -121.13 58.49
CA ARG LD 105 -27.15 -121.11 57.18
C ARG LD 105 -28.01 -120.27 56.24
N PHE LD 106 -27.38 -119.71 55.23
CA PHE LD 106 -28.06 -118.88 54.25
C PHE LD 106 -27.74 -119.37 52.86
N ARG LD 107 -28.76 -119.39 52.00
CA ARG LD 107 -28.54 -119.72 50.60
C ARG LD 107 -29.38 -118.80 49.72
N VAL LD 108 -28.93 -118.66 48.47
CA VAL LD 108 -29.60 -117.87 47.46
C VAL LD 108 -30.14 -118.80 46.40
N LEU LD 109 -31.44 -118.73 46.16
CA LEU LD 109 -32.09 -119.46 45.09
C LEU LD 109 -32.53 -118.41 44.07
N GLY LD 110 -31.70 -118.21 43.06
CA GLY LD 110 -31.97 -117.22 42.05
C GLY LD 110 -30.69 -116.56 41.59
N LYS LD 111 -30.85 -115.39 41.00
CA LYS LD 111 -29.76 -114.67 40.34
C LYS LD 111 -29.71 -113.25 40.89
N SER LD 112 -28.56 -112.86 41.41
CA SER LD 112 -28.38 -111.47 41.81
C SER LD 112 -28.23 -110.62 40.56
N PRO LD 113 -29.07 -109.61 40.35
CA PRO LD 113 -29.00 -108.83 39.11
C PRO LD 113 -27.79 -107.93 39.09
N SER LD 114 -27.45 -107.47 37.88
CA SER LD 114 -26.36 -106.52 37.71
C SER LD 114 -26.68 -105.19 38.38
N VAL LD 115 -27.91 -104.74 38.24
CA VAL LD 115 -28.36 -103.58 39.02
C VAL LD 115 -28.50 -104.00 40.47
N PRO LD 116 -27.87 -103.29 41.41
CA PRO LD 116 -28.01 -103.65 42.82
C PRO LD 116 -29.41 -103.36 43.35
N VAL LD 117 -29.80 -104.15 44.34
CA VAL LD 117 -31.07 -103.94 45.03
C VAL LD 117 -30.75 -103.37 46.41
N LEU LD 118 -31.34 -102.22 46.72
CA LEU LD 118 -30.98 -101.48 47.91
C LEU LD 118 -32.13 -101.43 48.89
N ILE LD 119 -31.80 -101.54 50.17
CA ILE LD 119 -32.76 -101.45 51.26
C ILE LD 119 -32.19 -100.54 52.32
N SER LD 120 -33.04 -100.19 53.28
CA SER LD 120 -32.63 -99.26 54.34
C SER LD 120 -33.51 -99.52 55.55
N ILE LD 121 -32.88 -100.02 56.62
CA ILE LD 121 -33.56 -100.30 57.87
C ILE LD 121 -32.77 -99.66 58.99
N SER LD 122 -33.42 -98.78 59.76
CA SER LD 122 -32.80 -98.15 60.93
C SER LD 122 -33.75 -98.34 62.11
N THR LD 123 -33.42 -99.30 62.98
CA THR LD 123 -34.27 -99.63 64.11
C THR LD 123 -33.42 -99.92 65.34
N LYS LD 124 -33.75 -99.24 66.44
CA LYS LD 124 -33.07 -99.41 67.71
C LYS LD 124 -33.40 -100.73 68.40
N ASP LD 125 -34.64 -101.20 68.28
CA ASP LD 125 -35.03 -102.43 68.97
C ASP LD 125 -36.09 -103.14 68.14
N GLU LD 126 -35.78 -104.35 67.72
CA GLU LD 126 -36.72 -105.17 66.97
C GLU LD 126 -36.30 -106.62 67.09
N SER LD 127 -37.24 -107.52 66.83
CA SER LD 127 -36.92 -108.94 66.76
C SER LD 127 -36.82 -109.37 65.29
N LEU LD 128 -36.05 -110.44 65.09
CA LEU LD 128 -35.55 -110.77 63.77
C LEU LD 128 -36.64 -111.23 62.81
N ALA LD 129 -37.73 -111.78 63.34
CA ALA LD 129 -38.82 -112.25 62.49
C ALA LD 129 -39.51 -111.09 61.78
N GLU LD 130 -39.91 -110.07 62.55
CA GLU LD 130 -40.52 -108.90 61.92
C GLU LD 130 -39.48 -108.04 61.22
N ILE LD 131 -38.21 -108.15 61.61
CA ILE LD 131 -37.14 -107.56 60.81
C ILE LD 131 -37.15 -108.14 59.40
N LEU LD 132 -37.21 -109.47 59.30
CA LEU LD 132 -37.24 -110.12 57.99
C LEU LD 132 -38.54 -109.86 57.25
N ARG LD 133 -39.64 -109.73 57.99
CA ARG LD 133 -40.92 -109.40 57.37
C ARG LD 133 -40.89 -108.02 56.74
N ASP LD 134 -40.31 -107.04 57.45
CA ASP LD 134 -40.17 -105.71 56.87
C ASP LD 134 -39.13 -105.70 55.75
N ILE LD 135 -38.15 -106.59 55.83
CA ILE LD 135 -37.17 -106.74 54.76
C ILE LD 135 -37.86 -107.20 53.47
N ASP LD 136 -38.71 -108.22 53.57
CA ASP LD 136 -39.41 -108.68 52.39
C ASP LD 136 -40.51 -107.71 51.96
N TYR LD 137 -41.02 -106.90 52.89
CA TYR LD 137 -41.92 -105.83 52.48
C TYR LD 137 -41.19 -104.78 51.65
N GLN LD 138 -39.97 -104.45 52.03
CA GLN LD 138 -39.14 -103.57 51.21
C GLN LD 138 -38.80 -104.23 49.89
N ALA LD 139 -38.58 -105.54 49.90
CA ALA LD 139 -38.22 -106.27 48.68
C ALA LD 139 -39.37 -106.28 47.69
N GLY LD 140 -40.56 -106.68 48.15
CA GLY LD 140 -41.75 -106.65 47.33
C GLY LD 140 -41.72 -107.57 46.12
N LYS LD 141 -41.59 -106.96 44.94
CA LYS LD 141 -41.73 -107.68 43.69
C LYS LD 141 -40.51 -108.55 43.38
N LYS LD 142 -39.30 -108.04 43.59
CA LYS LD 142 -38.12 -108.64 42.98
C LYS LD 142 -37.65 -109.90 43.70
N ALA LD 143 -37.89 -110.03 45.00
CA ALA LD 143 -37.35 -111.16 45.73
C ALA LD 143 -38.18 -111.44 46.97
N SER LD 144 -38.00 -112.64 47.50
CA SER LD 144 -38.69 -113.09 48.70
C SER LD 144 -37.74 -113.94 49.53
N ILE LD 145 -38.21 -114.36 50.70
CA ILE LD 145 -37.38 -115.09 51.65
C ILE LD 145 -38.17 -116.27 52.21
N HIS LD 146 -37.56 -117.45 52.21
CA HIS LD 146 -38.12 -118.60 52.90
C HIS LD 146 -37.25 -118.96 54.08
N VAL LD 147 -37.90 -119.39 55.16
CA VAL LD 147 -37.22 -119.76 56.41
C VAL LD 147 -37.54 -121.22 56.71
N TYR LD 148 -36.51 -122.01 56.92
CA TYR LD 148 -36.69 -123.42 57.27
C TYR LD 148 -36.04 -123.68 58.63
N PRO LD 149 -36.81 -123.98 59.66
CA PRO LD 149 -36.24 -124.26 60.98
C PRO LD 149 -35.99 -125.74 61.26
N ASN LD 150 -36.35 -126.63 60.34
CA ASN LD 150 -36.00 -128.04 60.51
C ASN LD 150 -34.49 -128.22 60.36
N SER LD 151 -33.96 -127.89 59.19
CA SER LD 151 -32.54 -127.66 59.02
C SER LD 151 -32.36 -126.14 58.93
N GLN LD 152 -31.60 -125.58 59.86
CA GLN LD 152 -31.67 -124.16 60.19
C GLN LD 152 -31.12 -123.30 59.07
N VAL LD 153 -31.97 -122.98 58.09
CA VAL LD 153 -31.53 -122.29 56.88
C VAL LD 153 -32.53 -121.20 56.52
N VAL LD 154 -32.05 -120.20 55.81
CA VAL LD 154 -32.89 -119.18 55.21
C VAL LD 154 -32.42 -118.96 53.78
N GLU LD 155 -33.37 -118.86 52.86
CA GLU LD 155 -33.04 -118.67 51.46
C GLU LD 155 -33.67 -117.39 50.94
N LEU LD 156 -32.93 -116.74 50.05
CA LEU LD 156 -33.41 -115.58 49.31
C LEU LD 156 -33.75 -116.05 47.90
N ARG LD 157 -35.03 -116.03 47.55
CA ARG LD 157 -35.48 -116.46 46.23
C ARG LD 157 -35.67 -115.22 45.36
N TYR LD 158 -34.99 -115.22 44.22
CA TYR LD 158 -35.04 -114.09 43.30
C TYR LD 158 -36.18 -114.27 42.30
N ALA LD 159 -36.44 -113.19 41.55
CA ALA LD 159 -37.41 -113.23 40.47
C ALA LD 159 -36.70 -113.54 39.16
N LYS LD 160 -37.43 -113.43 38.04
CA LYS LD 160 -36.86 -113.71 36.73
C LYS LD 160 -36.94 -112.50 35.82
N ARG MD 207 55.96 -94.63 26.13
CA ARG MD 207 56.40 -93.57 25.22
C ARG MD 207 55.21 -92.91 24.53
N ILE MD 208 55.50 -91.92 23.68
CA ILE MD 208 54.47 -91.13 23.03
C ILE MD 208 54.39 -91.56 21.57
N ILE MD 209 53.23 -92.06 21.17
CA ILE MD 209 53.05 -92.63 19.85
C ILE MD 209 52.58 -91.54 18.89
N TYR MD 210 53.25 -91.44 17.75
CA TYR MD 210 52.95 -90.44 16.74
C TYR MD 210 52.16 -91.07 15.61
N TYR MD 211 51.08 -90.41 15.20
CA TYR MD 211 50.24 -90.88 14.13
C TYR MD 211 50.20 -89.85 13.01
N ILE MD 212 49.81 -90.33 11.83
CA ILE MD 212 49.80 -89.49 10.64
C ILE MD 212 48.60 -88.55 10.69
N GLN MD 213 48.86 -87.26 10.64
CA GLN MD 213 47.81 -86.24 10.56
C GLN MD 213 47.57 -85.80 9.13
N ALA MD 214 48.63 -85.39 8.43
CA ALA MD 214 48.57 -85.06 7.01
C ALA MD 214 49.56 -85.95 6.29
N VAL MD 215 49.11 -86.60 5.22
CA VAL MD 215 49.92 -87.51 4.44
C VAL MD 215 50.24 -86.84 3.10
N ILE MD 216 51.52 -86.69 2.81
CA ILE MD 216 51.98 -86.12 1.55
C ILE MD 216 53.27 -86.82 1.14
N PRO MD 217 53.58 -86.81 -0.15
CA PRO MD 217 54.93 -87.22 -0.57
C PRO MD 217 55.97 -86.24 -0.05
N GLY MD 218 57.13 -86.78 0.34
CA GLY MD 218 58.20 -85.98 0.87
C GLY MD 218 58.08 -85.69 2.36
N ARG MD 219 57.22 -84.75 2.73
CA ARG MD 219 57.03 -84.40 4.13
C ARG MD 219 56.02 -85.34 4.77
N ALA MD 220 56.08 -85.44 6.10
CA ALA MD 220 55.18 -86.28 6.84
C ALA MD 220 54.78 -85.58 8.12
N TRP MD 221 53.48 -85.47 8.36
CA TRP MD 221 52.95 -84.77 9.51
C TRP MD 221 52.54 -85.78 10.58
N LEU MD 222 53.18 -85.71 11.74
CA LEU MD 222 52.98 -86.65 12.82
C LEU MD 222 52.56 -85.90 14.08
N ILE MD 223 51.58 -86.45 14.78
CA ILE MD 223 51.05 -85.88 16.01
C ILE MD 223 51.12 -86.92 17.11
N GLY MD 224 51.67 -86.53 18.26
CA GLY MD 224 51.79 -87.43 19.40
C GLY MD 224 50.70 -87.21 20.44
N SER MD 225 50.79 -87.99 21.51
CA SER MD 225 49.82 -87.93 22.59
C SER MD 225 49.97 -86.69 23.46
N ASN MD 226 51.14 -86.06 23.45
CA ASN MD 226 51.39 -84.87 24.24
C ASN MD 226 50.85 -83.60 23.60
N GLY MD 227 50.34 -83.68 22.37
CA GLY MD 227 49.97 -82.51 21.62
C GLY MD 227 51.04 -81.99 20.69
N SER MD 228 52.12 -82.75 20.49
CA SER MD 228 53.22 -82.31 19.64
C SER MD 228 52.95 -82.70 18.20
N THR MD 229 52.96 -81.71 17.31
CA THR MD 229 52.83 -81.93 15.88
C THR MD 229 54.11 -81.51 15.19
N LEU MD 230 54.53 -82.29 14.20
CA LEU MD 230 55.77 -82.00 13.50
C LEU MD 230 55.69 -82.51 12.06
N THR MD 231 56.56 -81.98 11.22
CA THR MD 231 56.70 -82.43 9.85
C THR MD 231 58.14 -82.85 9.59
N VAL MD 232 58.30 -83.99 8.93
CA VAL MD 232 59.60 -84.59 8.68
C VAL MD 232 59.74 -84.96 7.22
N ARG MD 233 60.85 -85.61 6.87
CA ARG MD 233 61.12 -86.01 5.50
C ARG MD 233 61.55 -87.47 5.43
N GLU MD 234 62.01 -87.91 4.26
CA GLU MD 234 62.42 -89.30 4.08
C GLU MD 234 63.67 -89.61 4.89
N GLY MD 235 64.72 -88.79 4.75
CA GLY MD 235 65.88 -88.95 5.60
C GLY MD 235 65.71 -88.12 6.85
N SER MD 236 65.24 -88.74 7.93
CA SER MD 236 64.88 -87.99 9.11
C SER MD 236 65.18 -88.81 10.36
N LYS MD 237 65.40 -88.09 11.46
CA LYS MD 237 65.66 -88.68 12.77
C LYS MD 237 64.42 -88.51 13.63
N ILE MD 238 63.94 -89.62 14.20
CA ILE MD 238 62.75 -89.63 15.03
C ILE MD 238 63.10 -90.28 16.37
N PRO MD 239 62.90 -89.60 17.49
CA PRO MD 239 63.09 -90.25 18.79
C PRO MD 239 62.01 -91.30 19.04
N GLY MD 240 62.42 -92.41 19.63
CA GLY MD 240 61.55 -93.54 19.84
C GLY MD 240 61.40 -94.47 18.65
N TYR MD 241 61.88 -94.06 17.47
CA TYR MD 241 61.86 -94.92 16.30
C TYR MD 241 63.16 -94.87 15.51
N GLY MD 242 64.12 -94.08 15.91
CA GLY MD 242 65.42 -94.06 15.25
C GLY MD 242 65.40 -93.17 14.01
N MET MD 243 65.52 -93.78 12.84
CA MET MD 243 65.48 -93.09 11.57
C MET MD 243 64.31 -93.63 10.75
N VAL MD 244 64.16 -93.08 9.55
CA VAL MD 244 63.10 -93.49 8.62
C VAL MD 244 63.76 -94.15 7.42
N LYS MD 245 63.47 -95.44 7.24
CA LYS MD 245 63.99 -96.14 6.07
C LYS MD 245 63.23 -95.79 4.80
N LEU MD 246 61.91 -95.60 4.91
CA LEU MD 246 61.10 -95.36 3.73
C LEU MD 246 59.83 -94.61 4.10
N ILE MD 247 59.34 -93.79 3.18
CA ILE MD 247 58.06 -93.12 3.30
C ILE MD 247 57.25 -93.47 2.05
N ASP MD 248 56.06 -94.02 2.25
CA ASP MD 248 55.14 -94.33 1.17
C ASP MD 248 53.86 -93.53 1.38
N SER MD 249 53.53 -92.68 0.40
CA SER MD 249 52.26 -91.97 0.45
C SER MD 249 51.09 -92.92 0.19
N LEU MD 250 51.32 -94.00 -0.54
CA LEU MD 250 50.28 -94.98 -0.80
C LEU MD 250 49.99 -95.78 0.46
N GLN MD 251 48.70 -95.93 0.77
CA GLN MD 251 48.09 -96.74 1.83
C GLN MD 251 48.39 -96.23 3.24
N GLY MD 252 49.19 -95.18 3.40
CA GLY MD 252 49.39 -94.53 4.69
C GLY MD 252 50.12 -95.33 5.75
N ARG MD 253 51.21 -96.01 5.39
CA ARG MD 253 52.08 -96.67 6.35
C ARG MD 253 53.49 -96.14 6.16
N ILE MD 254 54.13 -95.75 7.25
CA ILE MD 254 55.48 -95.20 7.22
C ILE MD 254 56.40 -96.14 7.97
N LEU MD 255 57.51 -96.52 7.34
CA LEU MD 255 58.44 -97.48 7.92
C LEU MD 255 59.60 -96.75 8.58
N THR MD 256 59.95 -97.17 9.80
CA THR MD 256 61.07 -96.61 10.52
C THR MD 256 62.27 -97.54 10.42
N SER MD 257 63.47 -96.96 10.64
CA SER MD 257 64.70 -97.74 10.52
C SER MD 257 64.85 -98.76 11.63
N SER MD 258 64.23 -98.52 12.78
CA SER MD 258 64.23 -99.49 13.87
C SER MD 258 63.17 -100.56 13.70
N GLY MD 259 62.34 -100.47 12.67
CA GLY MD 259 61.39 -101.54 12.38
C GLY MD 259 60.01 -101.34 12.98
N GLN MD 260 59.41 -100.18 12.74
CA GLN MD 260 58.05 -99.90 13.19
C GLN MD 260 57.26 -99.28 12.05
N VAL MD 261 55.94 -99.41 12.14
CA VAL MD 261 55.00 -98.90 11.15
C VAL MD 261 54.17 -97.81 11.81
N ILE MD 262 54.28 -96.59 11.31
CA ILE MD 262 53.43 -95.49 11.73
C ILE MD 262 52.23 -95.44 10.80
N LYS MD 263 51.04 -95.46 11.39
CA LYS MD 263 49.80 -95.41 10.64
C LYS MD 263 48.93 -94.27 11.18
N PHE MD 264 47.67 -94.23 10.75
CA PHE MD 264 46.71 -93.27 11.25
C PHE MD 264 46.13 -93.76 12.58
N SER MD 265 45.22 -92.96 13.13
CA SER MD 265 44.49 -93.40 14.30
C SER MD 265 43.48 -94.46 13.90
N GLN MD 266 43.45 -95.56 14.65
CA GLN MD 266 42.64 -96.71 14.27
C GLN MD 266 41.15 -96.46 14.52
N GLU MD 267 40.82 -95.84 15.66
CA GLU MD 267 39.42 -95.69 16.04
C GLU MD 267 38.68 -94.63 15.21
N ASP MD 268 39.40 -93.76 14.52
CA ASP MD 268 38.79 -92.74 13.67
C ASP MD 268 39.64 -92.65 12.40
N SER MD 269 39.09 -93.14 11.30
CA SER MD 269 39.82 -93.13 10.03
C SER MD 269 38.86 -93.09 8.86
N ILE ND 208 -81.61 -121.41 46.68
CA ILE ND 208 -81.85 -120.02 47.04
C ILE ND 208 -81.08 -119.66 48.30
N ILE ND 209 -81.40 -118.51 48.88
CA ILE ND 209 -80.70 -117.98 50.05
C ILE ND 209 -81.69 -117.91 51.21
N TYR ND 210 -81.29 -118.44 52.36
CA TYR ND 210 -82.15 -118.49 53.53
C TYR ND 210 -81.70 -117.47 54.57
N TYR ND 211 -82.66 -116.99 55.36
CA TYR ND 211 -82.41 -115.97 56.36
C TYR ND 211 -83.08 -116.34 57.67
N ILE ND 212 -82.42 -116.00 58.77
CA ILE ND 212 -82.90 -116.33 60.10
C ILE ND 212 -83.95 -115.31 60.53
N GLN ND 213 -85.03 -115.78 61.17
CA GLN ND 213 -86.04 -114.89 61.71
C GLN ND 213 -86.05 -114.88 63.23
N ALA ND 214 -86.21 -116.03 63.86
CA ALA ND 214 -86.26 -116.12 65.32
C ALA ND 214 -85.36 -117.25 65.79
N VAL ND 215 -84.81 -117.08 66.99
CA VAL ND 215 -83.81 -117.99 67.53
C VAL ND 215 -84.25 -118.47 68.91
N ILE ND 216 -83.60 -119.56 69.35
CA ILE ND 216 -83.74 -120.12 70.69
C ILE ND 216 -82.50 -120.99 70.87
N PRO ND 217 -82.09 -121.33 72.11
CA PRO ND 217 -81.05 -122.36 72.27
C PRO ND 217 -81.50 -123.72 71.75
N GLY ND 218 -80.90 -124.16 70.65
CA GLY ND 218 -81.20 -125.48 70.13
C GLY ND 218 -82.02 -125.48 68.85
N ARG ND 219 -83.03 -124.62 68.78
CA ARG ND 219 -83.92 -124.57 67.64
C ARG ND 219 -83.91 -123.17 67.04
N ALA ND 220 -84.39 -123.07 65.81
CA ALA ND 220 -84.43 -121.79 65.13
C ALA ND 220 -85.56 -121.79 64.11
N TRP ND 221 -86.02 -120.59 63.79
CA TRP ND 221 -87.07 -120.36 62.80
C TRP ND 221 -86.46 -119.62 61.62
N LEU ND 222 -86.62 -120.17 60.43
CA LEU ND 222 -85.87 -119.75 59.26
C LEU ND 222 -86.81 -119.41 58.12
N ILE ND 223 -86.42 -118.41 57.33
CA ILE ND 223 -87.17 -118.00 56.14
C ILE ND 223 -86.22 -118.07 54.95
N GLY ND 224 -86.79 -118.13 53.75
CA GLY ND 224 -86.01 -118.18 52.54
C GLY ND 224 -86.41 -117.17 51.50
N SER ND 225 -85.90 -117.33 50.27
CA SER ND 225 -86.23 -116.40 49.18
C SER ND 225 -87.69 -116.55 48.75
N ASN ND 226 -88.22 -117.77 48.79
CA ASN ND 226 -89.62 -118.00 48.47
C ASN ND 226 -90.54 -117.79 49.66
N GLY ND 227 -89.99 -117.46 50.82
CA GLY ND 227 -90.81 -117.28 52.01
C GLY ND 227 -91.24 -118.56 52.68
N SER ND 228 -90.53 -119.66 52.43
CA SER ND 228 -90.85 -120.94 53.06
C SER ND 228 -90.38 -120.90 54.51
N THR ND 229 -91.33 -120.92 55.45
CA THR ND 229 -90.99 -120.99 56.85
C THR ND 229 -90.48 -122.39 57.20
N LEU ND 230 -89.49 -122.44 58.09
CA LEU ND 230 -88.90 -123.72 58.45
C LEU ND 230 -88.46 -123.68 59.91
N THR ND 231 -88.54 -124.83 60.56
CA THR ND 231 -88.01 -125.01 61.90
C THR ND 231 -86.77 -125.90 61.81
N VAL ND 232 -85.63 -125.38 62.26
CA VAL ND 232 -84.35 -126.02 62.05
C VAL ND 232 -83.70 -126.27 63.41
N ARG ND 233 -83.32 -127.52 63.66
CA ARG ND 233 -82.59 -127.91 64.86
C ARG ND 233 -81.13 -128.10 64.50
N GLU ND 234 -80.34 -128.61 65.45
CA GLU ND 234 -78.94 -128.94 65.17
C GLU ND 234 -78.84 -130.08 64.17
N GLY ND 235 -79.70 -131.08 64.29
CA GLY ND 235 -79.75 -132.13 63.29
C GLY ND 235 -80.77 -131.83 62.22
N SER ND 236 -80.32 -131.25 61.10
CA SER ND 236 -81.22 -130.87 60.02
C SER ND 236 -80.43 -130.71 58.74
N LYS ND 237 -81.03 -131.09 57.62
CA LYS ND 237 -80.46 -130.93 56.30
C LYS ND 237 -81.19 -129.81 55.57
N ILE ND 238 -80.43 -128.88 55.00
CA ILE ND 238 -80.98 -127.70 54.34
C ILE ND 238 -80.48 -127.71 52.89
N PRO ND 239 -81.35 -127.58 51.90
CA PRO ND 239 -80.89 -127.53 50.51
C PRO ND 239 -80.11 -126.26 50.22
N GLY ND 240 -78.97 -126.44 49.56
CA GLY ND 240 -78.09 -125.34 49.26
C GLY ND 240 -77.08 -125.02 50.34
N TYR ND 241 -77.27 -125.55 51.55
CA TYR ND 241 -76.32 -125.33 52.63
C TYR ND 241 -75.88 -126.64 53.26
N GLY ND 242 -76.78 -127.62 53.31
CA GLY ND 242 -76.41 -128.93 53.78
C GLY ND 242 -76.78 -129.22 55.22
N MET ND 243 -75.99 -130.08 55.86
CA MET ND 243 -76.23 -130.45 57.25
C MET ND 243 -75.90 -129.29 58.17
N VAL ND 244 -76.77 -129.05 59.15
CA VAL ND 244 -76.51 -128.02 60.14
C VAL ND 244 -75.38 -128.47 61.05
N LYS ND 245 -74.36 -127.63 61.19
CA LYS ND 245 -73.17 -127.96 61.96
C LYS ND 245 -73.10 -127.27 63.31
N LEU ND 246 -73.38 -125.97 63.37
CA LEU ND 246 -73.21 -125.21 64.60
C LEU ND 246 -74.31 -124.18 64.72
N ILE ND 247 -74.89 -124.06 65.92
CA ILE ND 247 -75.94 -123.09 66.20
C ILE ND 247 -75.53 -122.29 67.44
N ASP ND 248 -75.81 -121.00 67.42
CA ASP ND 248 -75.55 -120.12 68.54
C ASP ND 248 -76.82 -119.41 68.94
N SER ND 249 -77.07 -119.35 70.25
CA SER ND 249 -78.16 -118.56 70.79
C SER ND 249 -77.73 -117.17 71.24
N LEU ND 250 -76.44 -116.99 71.54
CA LEU ND 250 -75.96 -115.68 71.97
C LEU ND 250 -75.97 -114.68 70.82
N GLN ND 251 -75.46 -115.10 69.66
CA GLN ND 251 -75.46 -114.28 68.47
C GLN ND 251 -76.17 -115.04 67.34
N GLY ND 252 -76.32 -114.36 66.20
CA GLY ND 252 -77.03 -114.91 65.09
C GLY ND 252 -76.17 -115.73 64.15
N ARG ND 253 -74.99 -116.11 64.60
CA ARG ND 253 -74.04 -116.87 63.80
C ARG ND 253 -74.46 -118.35 63.79
N ILE ND 254 -74.77 -118.86 62.60
CA ILE ND 254 -75.20 -120.24 62.43
C ILE ND 254 -74.61 -120.75 61.13
N LEU ND 255 -73.79 -121.80 61.21
CA LEU ND 255 -73.10 -122.33 60.04
C LEU ND 255 -73.48 -123.77 59.80
N THR ND 256 -73.32 -124.20 58.56
CA THR ND 256 -73.72 -125.52 58.10
C THR ND 256 -72.50 -126.40 57.89
N SER ND 257 -72.74 -127.61 57.37
CA SER ND 257 -71.65 -128.52 57.02
C SER ND 257 -70.79 -127.95 55.92
N SER ND 258 -71.42 -127.31 54.93
CA SER ND 258 -70.65 -126.64 53.88
C SER ND 258 -70.05 -125.32 54.33
N GLY ND 259 -70.41 -124.83 55.51
CA GLY ND 259 -69.70 -123.74 56.15
C GLY ND 259 -70.26 -122.35 55.92
N GLN ND 260 -71.34 -122.22 55.16
CA GLN ND 260 -71.92 -120.90 54.95
C GLN ND 260 -72.67 -120.46 56.20
N VAL ND 261 -72.37 -119.25 56.66
CA VAL ND 261 -72.95 -118.72 57.89
C VAL ND 261 -74.17 -117.89 57.54
N ILE ND 262 -75.27 -118.15 58.23
CA ILE ND 262 -76.55 -117.48 57.98
C ILE ND 262 -76.67 -116.32 58.95
N LYS ND 263 -77.04 -115.15 58.44
CA LYS ND 263 -77.22 -113.97 59.25
C LYS ND 263 -78.57 -113.33 58.92
N PHE ND 264 -78.91 -112.28 59.64
CA PHE ND 264 -80.19 -111.60 59.46
C PHE ND 264 -80.13 -110.68 58.24
N SER ND 265 -81.31 -110.21 57.83
CA SER ND 265 -81.40 -109.24 56.76
C SER ND 265 -81.00 -107.86 57.24
N GLN ND 266 -80.65 -107.00 56.29
CA GLN ND 266 -80.18 -105.66 56.59
C GLN ND 266 -81.13 -104.60 56.04
N ARG OD 207 83.21 -73.40 19.89
CA ARG OD 207 83.31 -72.84 18.55
C ARG OD 207 81.96 -72.31 18.08
N ILE OD 208 81.85 -72.03 16.79
CA ILE OD 208 80.64 -71.44 16.20
C ILE OD 208 80.14 -72.36 15.09
N ILE OD 209 78.85 -72.68 15.13
CA ILE OD 209 78.26 -73.63 14.20
C ILE OD 209 77.41 -72.87 13.20
N TYR OD 210 77.79 -72.95 11.93
CA TYR OD 210 77.11 -72.25 10.86
C TYR OD 210 76.12 -73.19 10.19
N TYR OD 211 74.95 -72.65 9.83
CA TYR OD 211 73.94 -73.38 9.11
C TYR OD 211 73.48 -72.56 7.91
N ILE OD 212 73.00 -73.25 6.89
CA ILE OD 212 72.63 -72.59 5.64
C ILE OD 212 71.25 -71.98 5.79
N GLN OD 213 71.16 -70.67 5.55
CA GLN OD 213 69.88 -69.96 5.47
C GLN OD 213 69.43 -69.76 4.03
N ALA OD 214 70.34 -69.34 3.16
CA ALA OD 214 70.05 -69.20 1.74
C ALA OD 214 71.23 -69.71 0.93
N VAL OD 215 70.94 -70.49 -0.10
CA VAL OD 215 71.98 -71.09 -0.95
C VAL OD 215 71.61 -70.83 -2.40
N ILE OD 216 72.56 -70.25 -3.15
CA ILE OD 216 72.40 -69.96 -4.57
C ILE OD 216 73.67 -70.42 -5.26
N PRO OD 217 73.71 -70.52 -6.58
CA PRO OD 217 75.01 -70.58 -7.26
C PRO OD 217 75.78 -69.28 -7.05
N GLY OD 218 77.08 -69.39 -6.88
CA GLY OD 218 77.92 -68.23 -6.67
C GLY OD 218 78.16 -67.85 -5.22
N ARG OD 219 77.10 -67.49 -4.51
CA ARG OD 219 77.19 -67.08 -3.11
C ARG OD 219 76.45 -68.06 -2.22
N ALA OD 220 76.56 -67.84 -0.91
CA ALA OD 220 75.88 -68.69 0.06
C ALA OD 220 75.72 -67.91 1.36
N TRP OD 221 74.56 -68.07 1.98
CA TRP OD 221 74.23 -67.39 3.24
C TRP OD 221 74.32 -68.37 4.39
N LEU OD 222 75.13 -68.04 5.39
CA LEU OD 222 75.29 -68.84 6.59
C LEU OD 222 74.84 -68.03 7.79
N ILE OD 223 74.35 -68.74 8.81
CA ILE OD 223 74.06 -68.13 10.10
C ILE OD 223 74.76 -68.95 11.18
N GLY OD 224 75.60 -68.28 11.97
CA GLY OD 224 76.32 -68.96 13.01
C GLY OD 224 75.43 -69.34 14.18
N SER OD 225 75.96 -70.20 15.04
CA SER OD 225 75.26 -70.59 16.26
C SER OD 225 75.13 -69.45 17.26
N ASN OD 226 76.02 -68.45 17.18
CA ASN OD 226 75.88 -67.25 17.98
C ASN OD 226 74.69 -66.39 17.54
N GLY OD 227 74.27 -66.52 16.28
CA GLY OD 227 73.21 -65.72 15.72
C GLY OD 227 73.65 -64.80 14.60
N SER OD 228 74.95 -64.53 14.49
CA SER OD 228 75.44 -63.66 13.43
C SER OD 228 75.44 -64.39 12.10
N THR OD 229 75.06 -63.68 11.05
CA THR OD 229 74.99 -64.23 9.71
C THR OD 229 76.05 -63.61 8.81
N LEU OD 230 76.20 -64.20 7.63
CA LEU OD 230 77.17 -63.77 6.64
C LEU OD 230 76.81 -64.41 5.31
N THR OD 231 77.47 -63.94 4.26
CA THR OD 231 77.43 -64.60 2.96
C THR OD 231 78.83 -64.63 2.38
N VAL OD 232 79.11 -65.70 1.64
CA VAL OD 232 80.44 -65.95 1.09
C VAL OD 232 80.33 -66.42 -0.35
N ARG OD 233 81.47 -66.45 -1.02
CA ARG OD 233 81.62 -66.81 -2.41
C ARG OD 233 82.25 -68.20 -2.52
N GLU OD 234 82.59 -68.59 -3.74
CA GLU OD 234 83.18 -69.90 -3.99
C GLU OD 234 84.56 -70.04 -3.35
N GLY OD 235 85.43 -69.06 -3.57
CA GLY OD 235 86.73 -69.07 -2.92
C GLY OD 235 86.81 -68.04 -1.82
N SER OD 236 86.75 -68.49 -0.56
CA SER OD 236 86.71 -67.57 0.56
C SER OD 236 87.24 -68.27 1.80
N LYS OD 237 87.55 -67.46 2.82
CA LYS OD 237 88.03 -67.94 4.10
C LYS OD 237 86.97 -67.63 5.16
N ILE OD 238 86.63 -68.64 5.96
CA ILE OD 238 85.65 -68.45 7.02
C ILE OD 238 86.30 -68.81 8.35
N PRO OD 239 85.99 -68.09 9.43
CA PRO OD 239 86.68 -68.34 10.71
C PRO OD 239 86.24 -69.64 11.36
N GLY OD 240 87.22 -70.38 11.89
CA GLY OD 240 86.97 -71.62 12.58
C GLY OD 240 86.66 -72.80 11.70
N TYR OD 241 86.62 -72.62 10.39
CA TYR OD 241 86.26 -73.68 9.46
C TYR OD 241 87.33 -73.82 8.38
N GLY OD 242 87.95 -72.70 8.00
CA GLY OD 242 89.00 -72.72 7.01
C GLY OD 242 88.59 -72.10 5.69
N MET OD 243 89.02 -72.71 4.59
CA MET OD 243 88.71 -72.22 3.25
C MET OD 243 87.55 -73.01 2.66
N VAL OD 244 86.97 -72.47 1.60
CA VAL OD 244 85.87 -73.12 0.89
C VAL OD 244 86.36 -73.51 -0.49
N LYS OD 245 86.18 -74.78 -0.84
CA LYS OD 245 86.65 -75.33 -2.11
C LYS OD 245 85.54 -75.51 -3.12
N LEU OD 246 84.45 -76.17 -2.76
CA LEU OD 246 83.37 -76.45 -3.69
C LEU OD 246 82.05 -75.99 -3.09
N ILE OD 247 81.28 -75.26 -3.89
CA ILE OD 247 79.91 -74.90 -3.55
C ILE OD 247 79.01 -75.37 -4.69
N ASP OD 248 78.07 -76.25 -4.38
CA ASP OD 248 77.14 -76.79 -5.35
C ASP OD 248 75.73 -76.57 -4.86
N SER OD 249 74.84 -76.16 -5.77
CA SER OD 249 73.43 -76.03 -5.44
C SER OD 249 72.73 -77.38 -5.33
N LEU OD 250 73.37 -78.45 -5.82
CA LEU OD 250 72.83 -79.79 -5.65
C LEU OD 250 72.92 -80.20 -4.18
N GLN OD 251 71.78 -80.59 -3.62
CA GLN OD 251 71.58 -81.15 -2.28
C GLN OD 251 71.92 -80.19 -1.15
N GLY OD 252 72.16 -78.90 -1.43
CA GLY OD 252 72.32 -77.89 -0.40
C GLY OD 252 73.50 -78.07 0.53
N ARG OD 253 74.67 -78.35 -0.02
CA ARG OD 253 75.85 -78.67 0.78
C ARG OD 253 76.95 -77.63 0.53
N ILE OD 254 77.71 -77.33 1.58
CA ILE OD 254 78.83 -76.42 1.48
C ILE OD 254 80.08 -77.15 1.96
N LEU OD 255 81.10 -77.22 1.11
CA LEU OD 255 82.32 -77.93 1.47
C LEU OD 255 83.34 -76.95 2.06
N THR OD 256 84.19 -77.48 2.95
CA THR OD 256 85.18 -76.67 3.64
C THR OD 256 86.54 -77.31 3.50
N SER OD 257 87.58 -76.49 3.68
CA SER OD 257 88.97 -76.96 3.56
C SER OD 257 89.33 -77.95 4.65
N SER OD 258 88.75 -77.80 5.84
CA SER OD 258 88.99 -78.73 6.93
C SER OD 258 88.03 -79.93 6.90
N GLY OD 259 87.47 -80.23 5.73
CA GLY OD 259 86.64 -81.40 5.55
C GLY OD 259 85.20 -81.24 6.01
N GLN OD 260 84.82 -80.08 6.52
CA GLN OD 260 83.48 -79.88 7.03
C GLN OD 260 82.48 -79.71 5.90
N VAL OD 261 81.26 -80.21 6.13
CA VAL OD 261 80.16 -80.06 5.18
C VAL OD 261 79.06 -79.32 5.91
N ILE OD 262 78.93 -78.03 5.63
CA ILE OD 262 77.87 -77.20 6.20
C ILE OD 262 76.56 -77.51 5.48
N LYS OD 263 75.54 -77.80 6.28
CA LYS OD 263 74.20 -78.10 5.77
C LYS OD 263 73.19 -77.19 6.45
N PHE OD 264 71.91 -77.51 6.30
CA PHE OD 264 70.88 -76.84 7.09
C PHE OD 264 70.84 -77.45 8.48
N SER OD 265 70.04 -76.84 9.36
CA SER OD 265 69.72 -77.48 10.64
C SER OD 265 68.82 -78.68 10.39
N GLN OD 266 69.11 -79.81 11.03
CA GLN OD 266 68.31 -81.00 10.84
C GLN OD 266 66.93 -80.85 11.48
N GLU OD 267 66.90 -80.38 12.72
CA GLU OD 267 65.62 -80.15 13.38
C GLU OD 267 64.89 -78.92 12.86
N ASP OD 268 65.61 -77.96 12.28
CA ASP OD 268 64.99 -76.78 11.69
C ASP OD 268 65.37 -76.77 10.21
N SER OD 269 64.60 -77.49 9.41
CA SER OD 269 64.91 -77.67 8.00
C SER OD 269 63.89 -76.97 7.12
N GLN PD 791 55.05 -98.06 -39.09
CA GLN PD 791 56.33 -97.44 -38.77
C GLN PD 791 56.12 -95.99 -38.35
N GLN PD 792 55.18 -95.32 -39.00
CA GLN PD 792 54.83 -93.94 -38.70
C GLN PD 792 53.95 -93.79 -37.47
N GLU PD 793 53.50 -94.89 -36.88
CA GLU PD 793 52.71 -94.84 -35.66
C GLU PD 793 53.54 -94.31 -34.49
N ILE PD 794 54.85 -94.53 -34.51
CA ILE PD 794 55.75 -93.92 -33.53
C ILE PD 794 55.69 -92.41 -33.63
N GLN PD 795 55.74 -91.89 -34.86
CA GLN PD 795 55.65 -90.45 -35.08
C GLN PD 795 54.28 -89.91 -34.71
N GLN PD 796 53.23 -90.70 -34.94
CA GLN PD 796 51.87 -90.30 -34.59
C GLN PD 796 51.71 -90.18 -33.08
N ARG PD 797 52.18 -91.19 -32.34
CA ARG PD 797 52.14 -91.15 -30.89
C ARG PD 797 53.03 -90.03 -30.35
N THR PD 798 54.16 -89.81 -31.00
CA THR PD 798 55.07 -88.72 -30.65
C THR PD 798 54.38 -87.37 -30.78
N SER PD 799 53.68 -87.15 -31.89
CA SER PD 799 53.01 -85.89 -32.13
C SER PD 799 51.84 -85.67 -31.19
N ASP PD 800 51.05 -86.72 -30.94
CA ASP PD 800 49.88 -86.54 -30.10
C ASP PD 800 50.27 -86.35 -28.64
N MET PD 801 51.31 -87.06 -28.17
CA MET PD 801 51.80 -86.81 -26.83
C MET PD 801 52.57 -85.50 -26.74
N LEU PD 802 53.09 -85.01 -27.87
CA LEU PD 802 53.68 -83.67 -27.89
C LEU PD 802 52.61 -82.60 -27.68
N THR PD 803 51.47 -82.76 -28.35
CA THR PD 803 50.34 -81.85 -28.14
C THR PD 803 49.85 -81.91 -26.71
N ALA PD 804 49.75 -83.12 -26.16
CA ALA PD 804 49.33 -83.29 -24.76
C ALA PD 804 50.35 -82.67 -23.80
N ALA PD 805 51.64 -82.78 -24.11
CA ALA PD 805 52.67 -82.22 -23.25
C ALA PD 805 52.69 -80.71 -23.33
N THR PD 806 52.43 -80.12 -24.50
CA THR PD 806 52.32 -78.68 -24.59
C THR PD 806 51.12 -78.16 -23.80
N GLN PD 807 50.00 -78.89 -23.86
CA GLN PD 807 48.86 -78.56 -23.02
C GLN PD 807 49.21 -78.68 -21.54
N LEU PD 808 49.99 -79.71 -21.18
CA LEU PD 808 50.41 -79.89 -19.80
C LEU PD 808 51.31 -78.76 -19.34
N VAL PD 809 52.22 -78.30 -20.20
CA VAL PD 809 53.16 -77.28 -19.73
C VAL PD 809 52.49 -75.91 -19.68
N GLN PD 810 51.50 -75.63 -20.54
CA GLN PD 810 50.76 -74.40 -20.34
C GLN PD 810 49.83 -74.50 -19.13
N ASP PD 811 49.44 -75.72 -18.74
CA ASP PD 811 48.77 -75.88 -17.45
C ASP PD 811 49.74 -75.64 -16.29
N TRP PD 812 51.00 -76.01 -16.44
CA TRP PD 812 51.96 -75.79 -15.36
C TRP PD 812 52.31 -74.32 -15.21
N LYS PD 813 52.31 -73.57 -16.32
CA LYS PD 813 52.94 -72.25 -16.32
C LYS PD 813 52.15 -71.22 -15.54
N GLN PD 814 50.83 -71.18 -15.69
CA GLN PD 814 50.05 -70.07 -15.19
C GLN PD 814 49.91 -70.13 -13.67
N VAL PD 815 49.74 -68.94 -13.06
CA VAL PD 815 49.74 -68.76 -11.61
C VAL PD 815 48.75 -67.64 -11.28
N GLU PD 816 47.86 -67.90 -10.33
CA GLU PD 816 46.96 -66.88 -9.83
C GLU PD 816 47.53 -66.22 -8.58
N THR PD 817 46.93 -65.09 -8.21
CA THR PD 817 47.46 -64.25 -7.13
C THR PD 817 46.77 -64.60 -5.80
N GLN PD 818 47.09 -63.81 -4.77
CA GLN PD 818 46.48 -63.93 -3.47
C GLN PD 818 45.28 -62.99 -3.36
N VAL PD 819 44.45 -63.22 -2.34
CA VAL PD 819 43.29 -62.37 -2.09
C VAL PD 819 43.32 -61.92 -0.63
N TYR PD 820 43.26 -60.62 -0.42
CA TYR PD 820 43.12 -60.06 0.91
C TYR PD 820 41.71 -59.54 1.09
N THR PD 821 41.12 -59.82 2.24
CA THR PD 821 39.76 -59.39 2.52
C THR PD 821 39.67 -58.86 3.95
N GLU PD 822 39.25 -57.61 4.06
CA GLU PD 822 38.97 -56.98 5.35
C GLU PD 822 37.57 -57.33 5.81
N GLY PD 823 37.30 -57.05 7.08
CA GLY PD 823 35.98 -57.26 7.64
C GLY PD 823 35.69 -56.27 8.74
N THR PD 824 34.40 -55.94 8.88
CA THR PD 824 33.96 -55.03 9.92
C THR PD 824 32.53 -55.34 10.33
N ALA QD 104 11.85 -115.65 -34.80
CA ALA QD 104 10.74 -114.75 -34.58
C ALA QD 104 11.07 -113.74 -33.50
N GLU QD 105 10.74 -114.08 -32.24
CA GLU QD 105 11.02 -113.21 -31.11
C GLU QD 105 12.49 -113.15 -30.75
N VAL QD 106 13.28 -114.14 -31.18
CA VAL QD 106 14.72 -114.11 -30.97
C VAL QD 106 15.36 -112.98 -31.77
N ILE QD 107 14.79 -112.64 -32.92
CA ILE QD 107 15.21 -111.46 -33.69
C ILE QD 107 14.98 -110.20 -32.87
N ASP QD 108 13.83 -110.11 -32.20
CA ASP QD 108 13.51 -108.96 -31.36
C ASP QD 108 14.45 -108.89 -30.16
N LYS QD 109 14.77 -110.03 -29.56
CA LYS QD 109 15.73 -110.07 -28.45
C LYS QD 109 17.12 -109.66 -28.90
N LYS QD 110 17.53 -110.10 -30.09
CA LYS QD 110 18.83 -109.72 -30.64
C LYS QD 110 18.90 -108.22 -30.89
N ALA QD 111 17.81 -107.65 -31.43
CA ALA QD 111 17.75 -106.20 -31.64
C ALA QD 111 17.76 -105.45 -30.30
N PHE QD 112 17.11 -106.01 -29.28
CA PHE QD 112 17.12 -105.40 -27.95
C PHE QD 112 18.52 -105.37 -27.35
N LYS QD 113 19.24 -106.49 -27.48
CA LYS QD 113 20.61 -106.56 -26.99
C LYS QD 113 21.54 -105.61 -27.75
N ASP QD 114 21.36 -105.52 -29.07
CA ASP QD 114 22.19 -104.62 -29.86
C ASP QD 114 21.88 -103.16 -29.55
N MET QD 115 20.60 -102.84 -29.29
CA MET QD 115 20.24 -101.49 -28.90
C MET QD 115 20.83 -101.11 -27.56
N THR QD 116 20.82 -102.06 -26.60
CA THR QD 116 21.43 -101.81 -25.31
C THR QD 116 22.94 -101.62 -25.44
N ARG QD 117 23.59 -102.40 -26.31
CA ARG QD 117 25.01 -102.25 -26.54
C ARG QD 117 25.34 -100.91 -27.18
N ASN QD 118 24.52 -100.47 -28.13
CA ASN QD 118 24.75 -99.17 -28.77
C ASN QD 118 24.46 -98.03 -27.82
N LEU QD 119 23.51 -98.21 -26.91
CA LEU QD 119 23.24 -97.19 -25.90
C LEU QD 119 24.42 -97.06 -24.93
N TYR QD 120 24.88 -98.17 -24.38
CA TYR QD 120 25.95 -98.16 -23.41
C TYR QD 120 27.14 -98.92 -23.97
N PRO QD 121 28.16 -98.23 -24.48
CA PRO QD 121 29.29 -98.93 -25.09
C PRO QD 121 30.22 -99.57 -24.07
N LEU QD 122 30.46 -98.88 -22.95
CA LEU QD 122 31.43 -99.32 -21.97
C LEU QD 122 30.75 -100.05 -20.81
N ASN QD 123 31.44 -101.05 -20.28
CA ASN QD 123 30.95 -101.77 -19.12
C ASN QD 123 31.05 -100.90 -17.87
N PRO QD 124 30.19 -101.16 -16.86
CA PRO QD 124 30.32 -100.43 -15.59
C PRO QD 124 31.66 -100.63 -14.89
N GLU QD 125 32.24 -101.83 -14.98
CA GLU QD 125 33.56 -102.07 -14.42
C GLU QD 125 34.62 -101.27 -15.18
N GLN QD 126 34.46 -101.16 -16.50
CA GLN QD 126 35.33 -100.31 -17.30
C GLN QD 126 35.18 -98.85 -16.91
N VAL QD 127 33.96 -98.45 -16.58
CA VAL QD 127 33.69 -97.07 -16.13
C VAL QD 127 34.40 -96.78 -14.82
N VAL QD 128 34.29 -97.71 -13.87
CA VAL QD 128 34.94 -97.54 -12.57
C VAL QD 128 36.46 -97.54 -12.72
N LYS QD 129 36.99 -98.41 -13.59
CA LYS QD 129 38.43 -98.45 -13.84
C LYS QD 129 38.93 -97.17 -14.50
N LEU QD 130 38.16 -96.63 -15.45
CA LEU QD 130 38.61 -95.40 -16.11
C LEU QD 130 38.50 -94.21 -15.18
N LYS QD 131 37.50 -94.19 -14.29
CA LYS QD 131 37.44 -93.16 -13.27
C LYS QD 131 38.62 -93.26 -12.31
N GLN QD 132 39.02 -94.50 -11.98
CA GLN QD 132 40.16 -94.73 -11.11
C GLN QD 132 41.46 -94.24 -11.74
N ILE QD 133 41.69 -94.57 -13.01
CA ILE QD 133 42.92 -94.13 -13.64
C ILE QD 133 42.88 -92.63 -13.93
N TYR QD 134 41.67 -92.07 -14.10
CA TYR QD 134 41.53 -90.63 -14.26
C TYR QD 134 41.91 -89.89 -12.99
N GLU QD 135 41.45 -90.38 -11.83
CA GLU QD 135 41.80 -89.67 -10.61
C GLU QD 135 43.25 -89.93 -10.20
N THR QD 136 43.84 -91.06 -10.57
CA THR QD 136 45.27 -91.22 -10.31
C THR QD 136 46.10 -90.34 -11.24
N SER QD 137 45.63 -90.12 -12.47
CA SER QD 137 46.29 -89.15 -13.34
C SER QD 137 46.15 -87.74 -12.80
N GLU QD 138 45.00 -87.43 -12.18
CA GLU QD 138 44.83 -86.15 -11.51
C GLU QD 138 45.78 -86.02 -10.32
N TYR QD 139 46.01 -87.12 -9.60
CA TYR QD 139 46.97 -87.09 -8.50
C TYR QD 139 48.40 -86.90 -9.02
N ALA QD 140 48.73 -87.51 -10.16
CA ALA QD 140 50.03 -87.29 -10.78
C ALA QD 140 50.18 -85.85 -11.27
N LYS QD 141 49.07 -85.25 -11.74
CA LYS QD 141 49.06 -83.83 -12.06
C LYS QD 141 49.29 -82.98 -10.82
N ALA QD 142 48.65 -83.34 -9.71
CA ALA QD 142 48.82 -82.61 -8.46
C ALA QD 142 50.16 -82.87 -7.79
N ALA QD 143 50.90 -83.86 -8.26
CA ALA QD 143 52.22 -84.15 -7.72
C ALA QD 143 53.22 -83.05 -8.06
N THR QD 144 54.04 -82.68 -7.09
CA THR QD 144 55.12 -81.72 -7.26
C THR QD 144 56.44 -82.42 -7.05
N PRO QD 145 57.36 -82.39 -8.02
CA PRO QD 145 58.63 -83.10 -7.86
C PRO QD 145 59.54 -82.44 -6.83
N GLY QD 146 60.41 -83.27 -6.26
CA GLY QD 146 61.32 -82.82 -5.22
C GLY QD 146 60.68 -82.85 -3.84
N THR QD 147 61.52 -82.72 -2.82
CA THR QD 147 61.03 -82.67 -1.45
C THR QD 147 60.37 -81.31 -1.20
N PRO QD 148 59.23 -81.30 -0.52
CA PRO QD 148 58.57 -80.03 -0.23
C PRO QD 148 59.32 -79.27 0.85
N PRO QD 149 59.22 -77.94 0.86
CA PRO QD 149 59.89 -77.16 1.91
C PRO QD 149 59.16 -77.26 3.24
N LYS QD 150 59.86 -76.87 4.30
CA LYS QD 150 59.30 -76.97 5.65
C LYS QD 150 58.74 -75.63 6.08
N PRO QD 151 57.46 -75.57 6.46
CA PRO QD 151 56.87 -74.30 6.91
C PRO QD 151 57.33 -73.97 8.33
N THR QD 152 57.95 -72.79 8.48
CA THR QD 152 58.55 -72.39 9.74
C THR QD 152 58.17 -70.96 10.07
N ALA QD 153 58.19 -70.65 11.37
CA ALA QD 153 58.04 -69.29 11.87
C ALA QD 153 59.39 -68.82 12.37
N THR QD 154 59.82 -67.64 11.93
CA THR QD 154 61.14 -67.14 12.26
C THR QD 154 61.07 -65.70 12.77
N SER QD 155 62.01 -65.37 13.65
CA SER QD 155 62.18 -64.02 14.14
C SER QD 155 63.65 -63.65 14.06
N GLN QD 156 63.93 -62.43 13.62
CA GLN QD 156 65.29 -61.93 13.49
C GLN QD 156 65.37 -60.52 14.05
N PHE QD 157 66.47 -60.23 14.72
CA PHE QD 157 66.80 -58.88 15.14
C PHE QD 157 67.65 -58.27 14.03
N VAL QD 158 67.12 -57.26 13.35
CA VAL QD 158 67.85 -56.64 12.26
C VAL QD 158 68.93 -55.72 12.82
N ASN QD 159 69.91 -55.41 11.98
CA ASN QD 159 71.08 -54.64 12.39
C ASN QD 159 71.30 -53.51 11.40
N LEU QD 160 71.41 -52.29 11.92
CA LEU QD 160 71.67 -51.11 11.11
C LEU QD 160 73.14 -50.68 11.17
N SER QD 161 74.04 -51.65 11.37
CA SER QD 161 75.47 -51.36 11.36
C SER QD 161 75.92 -51.06 9.93
N PRO QD 162 77.03 -50.31 9.77
CA PRO QD 162 77.53 -50.02 8.41
C PRO QD 162 78.30 -51.16 7.76
N GLY QD 163 78.22 -52.36 8.33
CA GLY QD 163 78.74 -53.55 7.70
C GLY QD 163 77.83 -54.73 7.98
N SER QD 164 76.60 -54.43 8.38
CA SER QD 164 75.66 -55.47 8.79
C SER QD 164 75.13 -56.23 7.58
N THR QD 165 74.95 -57.53 7.75
CA THR QD 165 74.35 -58.34 6.71
C THR QD 165 72.86 -58.05 6.64
N PRO QD 166 72.32 -57.75 5.45
CA PRO QD 166 70.90 -57.49 5.34
C PRO QD 166 70.10 -58.78 5.52
N PRO QD 167 68.94 -58.71 6.17
CA PRO QD 167 68.12 -59.91 6.35
C PRO QD 167 67.49 -60.41 5.06
N VAL QD 168 67.46 -61.74 4.94
CA VAL QD 168 66.94 -62.46 3.78
C VAL QD 168 65.72 -63.24 4.21
N ILE QD 169 64.74 -63.34 3.32
CA ILE QD 169 63.49 -64.04 3.58
C ILE QD 169 63.35 -65.18 2.59
N ARG QD 170 63.22 -66.40 3.12
CA ARG QD 170 62.87 -67.54 2.28
C ARG QD 170 61.40 -67.44 1.85
N LEU QD 171 61.14 -67.77 0.59
CA LEU QD 171 59.80 -67.70 0.06
C LEU QD 171 59.45 -69.00 -0.67
N SER QD 172 58.15 -69.31 -0.67
CA SER QD 172 57.58 -70.34 -1.51
C SER QD 172 56.68 -69.68 -2.55
N GLN QD 173 56.68 -70.22 -3.76
CA GLN QD 173 55.97 -69.60 -4.85
C GLN QD 173 54.46 -69.74 -4.68
N GLY QD 174 53.76 -68.62 -4.74
CA GLY QD 174 52.32 -68.63 -4.61
C GLY QD 174 51.80 -68.77 -3.19
N PHE QD 175 52.66 -68.68 -2.19
CA PHE QD 175 52.25 -68.84 -0.80
C PHE QD 175 52.50 -67.55 -0.03
N VAL QD 176 51.63 -67.29 0.94
CA VAL QD 176 51.63 -66.02 1.66
C VAL QD 176 52.70 -66.05 2.73
N SER QD 177 53.51 -64.99 2.78
CA SER QD 177 54.48 -64.78 3.84
C SER QD 177 54.13 -63.49 4.57
N SER QD 178 54.08 -63.54 5.89
CA SER QD 178 53.63 -62.42 6.71
C SER QD 178 54.80 -61.85 7.48
N LEU QD 179 55.07 -60.57 7.27
CA LEU QD 179 56.13 -59.84 7.95
C LEU QD 179 55.53 -58.92 9.00
N VAL QD 180 56.04 -58.99 10.23
CA VAL QD 180 55.56 -58.18 11.34
C VAL QD 180 56.76 -57.48 11.98
N PHE QD 181 56.65 -56.16 12.15
CA PHE QD 181 57.75 -55.31 12.59
C PHE QD 181 57.55 -54.83 14.02
N LEU QD 182 58.56 -55.05 14.86
CA LEU QD 182 58.62 -54.52 16.20
C LEU QD 182 59.99 -53.87 16.41
N ASP QD 183 60.16 -53.21 17.54
CA ASP QD 183 61.45 -52.66 17.91
C ASP QD 183 62.23 -53.70 18.72
N SER QD 184 63.31 -53.29 19.38
CA SER QD 184 64.03 -54.22 20.24
C SER QD 184 63.22 -54.57 21.49
N THR QD 185 62.38 -53.65 21.96
CA THR QD 185 61.52 -53.94 23.09
C THR QD 185 60.22 -54.65 22.70
N GLY QD 186 59.98 -54.85 21.40
CA GLY QD 186 58.80 -55.55 20.95
C GLY QD 186 57.56 -54.70 20.79
N ALA QD 187 57.68 -53.38 20.93
CA ALA QD 187 56.54 -52.49 20.75
C ALA QD 187 56.12 -52.45 19.28
N PRO QD 188 54.83 -52.33 19.00
CA PRO QD 188 54.38 -52.31 17.59
C PRO QD 188 54.79 -51.03 16.88
N TRP QD 189 54.99 -51.14 15.58
CA TRP QD 189 55.48 -50.05 14.75
C TRP QD 189 54.77 -50.06 13.42
N PRO QD 190 53.72 -49.25 13.25
CA PRO QD 190 53.08 -49.13 11.94
C PRO QD 190 53.99 -48.48 10.92
N ILE QD 191 53.74 -48.80 9.65
CA ILE QD 191 54.64 -48.49 8.56
C ILE QD 191 54.20 -47.21 7.87
N ALA QD 192 55.14 -46.30 7.62
CA ALA QD 192 54.84 -45.10 6.86
C ALA QD 192 54.63 -45.44 5.38
N ALA QD 193 55.66 -46.01 4.74
CA ALA QD 193 55.58 -46.32 3.32
C ALA QD 193 56.58 -47.43 3.01
N TYR QD 194 56.56 -47.88 1.76
CA TYR QD 194 57.51 -48.89 1.33
C TYR QD 194 57.75 -48.76 -0.16
N ASP QD 195 58.68 -49.58 -0.65
CA ASP QD 195 58.99 -49.71 -2.07
C ASP QD 195 59.46 -51.13 -2.31
N LEU QD 196 59.27 -51.60 -3.54
CA LEU QD 196 59.57 -52.98 -3.89
C LEU QD 196 60.16 -53.03 -5.28
N GLY QD 197 61.21 -53.85 -5.46
CA GLY QD 197 61.72 -54.12 -6.79
C GLY QD 197 61.06 -55.36 -7.38
N ASP QD 198 60.98 -55.37 -8.73
CA ASP QD 198 60.34 -56.41 -9.55
C ASP QD 198 58.92 -56.72 -9.10
N PRO QD 199 57.95 -55.84 -9.41
CA PRO QD 199 56.56 -56.07 -8.95
C PRO QD 199 55.90 -57.31 -9.53
N SER QD 200 56.41 -57.87 -10.64
CA SER QD 200 55.80 -59.07 -11.21
C SER QD 200 56.04 -60.28 -10.32
N SER QD 201 57.25 -60.43 -9.80
CA SER QD 201 57.58 -61.60 -9.00
C SER QD 201 56.95 -61.56 -7.61
N PHE QD 202 56.61 -60.37 -7.10
CA PHE QD 202 56.15 -60.23 -5.73
C PHE QD 202 54.93 -59.32 -5.71
N ASN QD 203 53.79 -59.87 -5.31
CA ASN QD 203 52.59 -59.08 -5.08
C ASN QD 203 52.37 -58.96 -3.58
N ILE QD 204 52.15 -57.74 -3.11
CA ILE QD 204 52.00 -57.46 -1.69
C ILE QD 204 50.62 -56.83 -1.48
N GLN QD 205 49.84 -57.45 -0.60
CA GLN QD 205 48.65 -56.83 -0.07
C GLN QD 205 48.98 -56.25 1.31
N TRP QD 206 48.62 -54.99 1.52
CA TRP QD 206 49.07 -54.29 2.71
C TRP QD 206 48.02 -53.26 3.11
N ASP QD 207 47.42 -53.47 4.28
CA ASP QD 207 46.53 -52.48 4.85
C ASP QD 207 47.31 -51.25 5.29
N LYS QD 208 46.64 -50.10 5.28
CA LYS QD 208 47.31 -48.80 5.28
C LYS QD 208 48.03 -48.49 6.59
N THR QD 209 47.61 -49.06 7.72
CA THR QD 209 48.14 -48.65 9.00
C THR QD 209 48.72 -49.78 9.85
N SER QD 210 48.86 -50.98 9.30
CA SER QD 210 49.34 -52.09 10.11
C SER QD 210 50.87 -52.16 10.09
N ASN QD 211 51.40 -52.99 10.98
CA ASN QD 211 52.79 -53.41 10.94
C ASN QD 211 52.98 -54.74 10.24
N THR QD 212 51.99 -55.18 9.48
CA THR QD 212 51.96 -56.51 8.89
C THR QD 212 51.86 -56.41 7.39
N LEU QD 213 52.71 -57.17 6.69
CA LEU QD 213 52.71 -57.19 5.22
C LEU QD 213 52.62 -58.63 4.75
N MET QD 214 51.70 -58.89 3.82
CA MET QD 214 51.56 -60.21 3.21
C MET QD 214 52.14 -60.15 1.81
N ILE QD 215 53.14 -60.97 1.55
CA ILE QD 215 53.84 -61.01 0.26
C ILE QD 215 53.62 -62.39 -0.34
N GLN QD 216 53.45 -62.41 -1.66
CA GLN QD 216 53.29 -63.66 -2.40
C GLN QD 216 54.35 -63.74 -3.48
N ALA QD 217 54.92 -64.93 -3.67
CA ALA QD 217 55.98 -65.13 -4.63
C ALA QD 217 55.41 -65.70 -5.93
N THR QD 218 55.77 -65.07 -7.05
CA THR QD 218 55.29 -65.49 -8.36
C THR QD 218 56.31 -66.34 -9.12
N LYS QD 219 57.60 -66.10 -8.91
CA LYS QD 219 58.65 -66.81 -9.61
C LYS QD 219 59.43 -67.67 -8.63
N LEU QD 220 59.89 -68.82 -9.13
CA LEU QD 220 60.52 -69.80 -8.25
C LEU QD 220 61.94 -69.39 -7.87
N TYR QD 221 62.67 -68.78 -8.79
CA TYR QD 221 64.10 -68.54 -8.60
C TYR QD 221 64.47 -67.12 -8.97
N ASN QD 222 63.58 -66.18 -8.74
CA ASN QD 222 63.85 -64.77 -8.99
C ASN QD 222 63.84 -64.02 -7.67
N TYR QD 223 65.02 -63.67 -7.19
CA TYR QD 223 65.17 -62.95 -5.93
C TYR QD 223 64.82 -61.49 -6.12
N GLY QD 224 64.50 -60.83 -5.01
CA GLY QD 224 64.13 -59.42 -5.04
C GLY QD 224 64.56 -58.70 -3.79
N ASN QD 225 64.31 -57.39 -3.80
CA ASN QD 225 64.63 -56.54 -2.66
C ASN QD 225 63.47 -55.57 -2.42
N LEU QD 226 63.38 -55.10 -1.19
CA LEU QD 226 62.36 -54.12 -0.84
C LEU QD 226 62.88 -53.23 0.28
N ALA QD 227 62.27 -52.06 0.41
CA ALA QD 227 62.65 -51.09 1.42
C ALA QD 227 61.40 -50.61 2.14
N VAL QD 228 61.56 -50.33 3.43
CA VAL QD 228 60.46 -49.98 4.33
C VAL QD 228 60.85 -48.72 5.10
N ARG QD 229 60.00 -47.70 5.06
CA ARG QD 229 60.09 -46.53 5.92
C ARG QD 229 58.97 -46.59 6.95
N LEU QD 230 59.34 -46.46 8.22
CA LEU QD 230 58.37 -46.49 9.31
C LEU QD 230 58.00 -45.08 9.73
N ARG QD 231 57.08 -44.98 10.69
CA ARG QD 231 56.61 -43.68 11.16
C ARG QD 231 57.66 -42.99 12.00
N GLY QD 232 58.30 -43.71 12.91
CA GLY QD 232 59.30 -43.10 13.78
C GLY QD 232 60.71 -43.25 13.26
N LEU QD 233 60.90 -44.11 12.27
CA LEU QD 233 62.24 -44.38 11.76
C LEU QD 233 62.71 -43.25 10.85
N ASN QD 234 63.99 -42.91 10.97
CA ASN QD 234 64.60 -41.96 10.05
C ASN QD 234 65.16 -42.67 8.83
N THR QD 235 66.10 -43.59 9.01
CA THR QD 235 66.72 -44.28 7.90
C THR QD 235 65.92 -45.53 7.57
N PRO QD 236 65.47 -45.71 6.32
CA PRO QD 236 64.69 -46.88 5.98
C PRO QD 236 65.51 -48.16 5.96
N VAL QD 237 64.80 -49.28 6.04
CA VAL QD 237 65.42 -50.60 6.15
C VAL QD 237 65.05 -51.41 4.92
N MET QD 238 66.06 -51.97 4.26
CA MET QD 238 65.85 -52.76 3.04
C MET QD 238 66.23 -54.21 3.30
N LEU QD 239 65.36 -55.11 2.88
CA LEU QD 239 65.53 -56.55 3.06
C LEU QD 239 65.51 -57.22 1.69
N THR QD 240 66.02 -58.45 1.64
CA THR QD 240 66.04 -59.21 0.40
C THR QD 240 65.24 -60.49 0.56
N LEU QD 241 64.69 -60.97 -0.55
CA LEU QD 241 63.83 -62.15 -0.58
C LEU QD 241 64.35 -63.11 -1.63
N ILE QD 242 64.51 -64.38 -1.24
CA ILE QD 242 64.88 -65.44 -2.16
C ILE QD 242 63.76 -66.49 -2.12
N PRO QD 243 63.16 -66.83 -3.25
CA PRO QD 243 62.16 -67.90 -3.26
C PRO QD 243 62.77 -69.25 -3.63
N GLY QD 244 61.93 -70.28 -3.52
CA GLY QD 244 62.29 -71.62 -3.96
C GLY QD 244 63.38 -72.32 -3.19
N GLN QD 245 63.36 -72.25 -1.86
CA GLN QD 245 64.32 -72.93 -1.02
C GLN QD 245 63.75 -74.25 -0.51
N LYS QD 246 64.52 -74.93 0.33
CA LYS QD 246 64.09 -76.19 0.94
C LYS QD 246 63.36 -75.97 2.26
N ALA QD 247 63.14 -74.71 2.64
CA ALA QD 247 62.31 -74.37 3.78
C ALA QD 247 61.56 -73.09 3.43
N VAL QD 248 60.38 -72.92 4.03
CA VAL QD 248 59.57 -71.74 3.78
C VAL QD 248 59.25 -71.08 5.12
N ASP QD 249 59.59 -69.79 5.22
CA ASP QD 249 59.20 -68.99 6.37
C ASP QD 249 57.74 -68.60 6.24
N TYR QD 250 56.91 -69.05 7.18
CA TYR QD 250 55.52 -68.59 7.18
C TYR QD 250 55.42 -67.17 7.70
N ARG QD 251 55.79 -66.95 8.96
CA ARG QD 251 55.69 -65.65 9.60
C ARG QD 251 57.06 -65.23 10.09
N VAL QD 252 57.49 -64.04 9.65
CA VAL QD 252 58.78 -63.49 10.04
C VAL QD 252 58.53 -62.24 10.88
N ASP QD 253 59.07 -62.25 12.09
CA ASP QD 253 59.06 -61.10 12.98
C ASP QD 253 60.43 -60.44 12.94
N LEU QD 254 60.44 -59.11 12.86
CA LEU QD 254 61.69 -58.37 12.73
C LEU QD 254 61.79 -57.31 13.82
N ARG QD 255 62.89 -57.36 14.58
CA ARG QD 255 63.14 -56.43 15.68
C ARG QD 255 64.28 -55.49 15.29
N VAL QD 256 64.09 -54.20 15.53
CA VAL QD 256 65.03 -53.17 15.11
C VAL QD 256 65.74 -52.62 16.34
N GLN QD 257 66.96 -52.13 16.12
CA GLN QD 257 67.72 -51.48 17.19
C GLN QD 257 67.03 -50.20 17.67
N GLY QD 258 66.50 -49.43 16.73
CA GLY QD 258 65.74 -48.25 17.11
C GLY QD 258 64.40 -48.61 17.72
N TYR QD 259 63.82 -47.63 18.40
CA TYR QD 259 62.58 -47.82 19.14
C TYR QD 259 61.45 -47.04 18.47
N GLY QD 260 60.26 -47.64 18.47
CA GLY QD 260 59.11 -47.04 17.85
C GLY QD 260 58.44 -46.02 18.74
N PRO QD 261 57.17 -45.72 18.44
CA PRO QD 261 56.44 -44.75 19.27
C PRO QD 261 56.12 -45.23 20.66
N ASN QD 262 56.18 -46.54 20.91
CA ASN QD 262 55.86 -47.12 22.21
C ASN QD 262 57.11 -47.72 22.81
N ALA QD 263 57.11 -47.84 24.14
CA ALA QD 263 58.24 -48.41 24.86
C ALA QD 263 57.88 -49.77 25.44
N ASP QD 278 52.09 -64.89 33.10
CA ASP QD 278 53.48 -65.07 32.71
C ASP QD 278 53.76 -66.53 32.35
N LEU QD 279 54.97 -66.98 32.70
CA LEU QD 279 55.39 -68.34 32.38
C LEU QD 279 54.55 -69.37 33.12
N LEU QD 280 54.21 -69.09 34.38
CA LEU QD 280 53.33 -69.98 35.11
C LEU QD 280 51.93 -69.98 34.53
N LEU QD 281 51.47 -68.85 33.99
CA LEU QD 281 50.19 -68.81 33.30
C LEU QD 281 50.22 -69.64 32.03
N HIS QD 282 51.36 -69.65 31.32
CA HIS QD 282 51.47 -70.52 30.15
C HIS QD 282 51.54 -71.99 30.54
N VAL QD 283 52.13 -72.30 31.70
CA VAL QD 283 52.10 -73.66 32.24
C VAL QD 283 50.66 -74.06 32.55
N LEU QD 284 49.90 -73.14 33.15
CA LEU QD 284 48.49 -73.39 33.46
C LEU QD 284 47.66 -73.57 32.20
N GLU QD 285 48.00 -72.83 31.14
CA GLU QD 285 47.38 -73.08 29.85
C GLU QD 285 47.75 -74.46 29.31
N GLY QD 286 49.00 -74.88 29.51
CA GLY QD 286 49.39 -76.23 29.14
C GLY QD 286 50.75 -76.35 28.50
N VAL QD 287 51.25 -75.29 27.90
CA VAL QD 287 52.55 -75.35 27.22
C VAL QD 287 53.65 -75.35 28.27
N PRO QD 288 54.66 -76.22 28.14
CA PRO QD 288 55.70 -76.33 29.16
C PRO QD 288 56.62 -75.12 29.13
N PRO QD 289 57.31 -74.83 30.24
CA PRO QD 289 58.30 -73.75 30.21
C PRO QD 289 59.54 -74.18 29.45
N PRO QD 290 60.26 -73.23 28.85
CA PRO QD 290 61.51 -73.59 28.16
C PRO QD 290 62.58 -74.01 29.15
N GLY QD 291 63.46 -74.90 28.70
CA GLY QD 291 64.49 -75.45 29.54
C GLY QD 291 64.02 -76.54 30.49
N SER QD 292 62.76 -76.94 30.42
CA SER QD 292 62.21 -77.95 31.29
C SER QD 292 62.24 -79.32 30.64
N ARG QD 293 62.23 -80.34 31.49
CA ARG QD 293 62.10 -81.72 31.06
C ARG QD 293 60.88 -82.32 31.72
N ARG QD 294 60.32 -83.34 31.08
CA ARG QD 294 59.12 -83.98 31.60
C ARG QD 294 59.46 -84.81 32.83
N LEU QD 295 58.92 -84.42 33.97
CA LEU QD 295 59.19 -85.09 35.24
C LEU QD 295 58.10 -86.10 35.54
N VAL QD 296 58.45 -87.11 36.33
CA VAL QD 296 57.60 -88.28 36.55
C VAL QD 296 57.27 -88.39 38.03
N VAL QD 297 55.98 -88.46 38.33
CA VAL QD 297 55.48 -88.79 39.66
C VAL QD 297 54.56 -90.01 39.51
N SER QD 298 54.85 -91.06 40.27
CA SER QD 298 54.16 -92.33 40.10
C SER QD 298 52.94 -92.39 41.01
N GLY QD 299 51.80 -92.74 40.43
CA GLY QD 299 50.58 -92.94 41.17
C GLY QD 299 49.61 -91.78 41.22
N GLY QD 300 49.87 -90.71 40.47
CA GLY QD 300 48.98 -89.57 40.49
C GLY QD 300 49.01 -88.83 39.17
N ASP QD 301 48.06 -87.92 39.01
CA ASP QD 301 47.91 -87.13 37.79
C ASP QD 301 48.52 -85.76 38.05
N ALA QD 302 49.75 -85.56 37.59
CA ALA QD 302 50.47 -84.31 37.77
C ALA QD 302 51.50 -84.16 36.67
N ARG QD 303 51.43 -83.07 35.93
CA ARG QD 303 52.39 -82.77 34.88
C ARG QD 303 53.47 -81.88 35.49
N ALA QD 304 54.63 -82.47 35.77
CA ALA QD 304 55.68 -81.78 36.50
C ALA QD 304 56.84 -81.46 35.57
N TRP QD 305 57.43 -80.28 35.79
CA TRP QD 305 58.52 -79.79 34.98
C TRP QD 305 59.61 -79.21 35.88
N LEU QD 306 60.83 -79.21 35.35
CA LEU QD 306 62.02 -78.75 36.05
C LEU QD 306 62.86 -77.96 35.06
N SER QD 307 62.69 -76.65 35.04
CA SER QD 307 63.42 -75.76 34.13
C SER QD 307 64.51 -74.96 34.81
N ASN QD 308 64.26 -74.46 36.02
CA ASN QD 308 65.24 -73.70 36.77
C ASN QD 308 65.43 -74.39 38.11
N GLU QD 309 65.62 -75.71 38.05
CA GLU QD 309 65.58 -76.67 39.17
C GLU QD 309 64.46 -76.35 40.18
N LYS QD 310 63.27 -76.09 39.63
CA LYS QD 310 62.09 -75.80 40.42
C LYS QD 310 60.94 -76.66 39.94
N MET QD 311 60.16 -77.18 40.89
CA MET QD 311 59.02 -78.03 40.57
C MET QD 311 57.87 -77.18 40.05
N TYR QD 312 57.39 -77.51 38.85
CA TYR QD 312 56.23 -76.87 38.24
C TYR QD 312 55.21 -77.95 37.94
N VAL QD 313 54.14 -78.02 38.73
CA VAL QD 313 53.18 -79.11 38.67
C VAL QD 313 51.84 -78.56 38.20
N ARG QD 314 51.31 -79.16 37.14
CA ARG QD 314 49.98 -78.86 36.62
C ARG QD 314 49.07 -80.03 36.93
N THR QD 315 47.96 -79.75 37.61
CA THR QD 315 47.06 -80.80 38.07
C THR QD 315 45.67 -80.20 38.28
N ASN QD 316 44.80 -80.92 38.99
CA ASN QD 316 43.52 -80.38 39.40
C ASN QD 316 43.34 -80.41 40.91
N LEU QD 317 44.36 -80.84 41.66
CA LEU QD 317 44.27 -80.97 43.10
C LEU QD 317 44.96 -79.79 43.77
N THR QD 318 45.09 -79.86 45.09
CA THR QD 318 45.76 -78.83 45.88
C THR QD 318 46.77 -79.50 46.79
N ILE QD 319 48.04 -79.09 46.66
CA ILE QD 319 49.11 -79.69 47.44
C ILE QD 319 49.03 -79.21 48.87
N LEU QD 320 49.53 -80.03 49.80
CA LEU QD 320 49.44 -79.73 51.22
C LEU QD 320 50.80 -79.64 51.89
N SER QD 321 51.69 -80.59 51.66
CA SER QD 321 52.87 -80.70 52.51
C SER QD 321 53.96 -79.65 52.26
N PRO QD 322 54.59 -79.52 51.09
CA PRO QD 322 55.83 -78.73 51.04
C PRO QD 322 55.63 -77.22 50.91
N GLY QD 323 54.40 -76.75 50.71
CA GLY QD 323 54.17 -75.35 50.43
C GLY QD 323 54.44 -75.00 48.98
N TRP QD 324 54.08 -73.78 48.60
CA TRP QD 324 54.29 -73.33 47.24
C TRP QD 324 54.84 -71.92 47.24
N LEU QD 325 55.78 -71.68 46.32
CA LEU QD 325 56.22 -70.31 46.09
C LEU QD 325 55.17 -69.52 45.32
N ALA QD 326 54.55 -70.16 44.33
CA ALA QD 326 53.50 -69.50 43.57
C ALA QD 326 52.47 -70.53 43.14
N SER QD 327 51.25 -70.07 42.90
CA SER QD 327 50.18 -70.94 42.44
C SER QD 327 49.17 -70.13 41.63
N MET QD 328 48.65 -70.76 40.59
CA MET QD 328 47.59 -70.20 39.77
C MET QD 328 46.49 -71.22 39.64
N THR QD 329 45.25 -70.76 39.73
CA THR QD 329 44.09 -71.63 39.58
C THR QD 329 43.11 -70.96 38.63
N SER QD 330 42.64 -71.73 37.65
CA SER QD 330 41.67 -71.21 36.69
C SER QD 330 40.26 -71.60 37.12
N ALA QD 331 39.27 -71.14 36.35
CA ALA QD 331 37.89 -71.43 36.68
C ALA QD 331 37.46 -72.84 36.26
N ASP QD 332 38.24 -73.50 35.41
CA ASP QD 332 37.90 -74.84 34.93
C ASP QD 332 38.47 -75.96 35.80
N GLY QD 333 39.12 -75.61 36.92
CA GLY QD 333 39.62 -76.59 37.84
C GLY QD 333 41.08 -76.95 37.67
N THR QD 334 41.82 -76.25 36.82
CA THR QD 334 43.24 -76.51 36.63
C THR QD 334 44.06 -75.65 37.57
N HIS QD 335 45.06 -76.27 38.19
CA HIS QD 335 45.96 -75.62 39.12
C HIS QD 335 47.39 -75.84 38.67
N ALA QD 336 48.13 -74.74 38.51
CA ALA QD 336 49.56 -74.79 38.22
C ALA QD 336 50.28 -74.23 39.45
N TYR QD 337 50.94 -75.12 40.19
CA TYR QD 337 51.74 -74.74 41.34
C TYR QD 337 53.22 -74.75 40.94
N GLU QD 338 54.01 -73.94 41.63
CA GLU QD 338 55.45 -73.99 41.46
C GLU QD 338 56.10 -73.68 42.79
N MET QD 339 57.20 -74.38 43.06
CA MET QD 339 57.97 -74.23 44.29
C MET QD 339 59.34 -74.86 44.10
N GLN QD 340 60.11 -74.95 45.19
CA GLN QD 340 61.37 -75.66 45.19
C GLN QD 340 61.11 -77.17 45.21
N LYS QD 341 62.10 -77.94 44.77
CA LYS QD 341 61.95 -79.38 44.65
C LYS QD 341 61.85 -80.05 46.02
N SER QD 342 60.98 -81.07 46.11
CA SER QD 342 60.77 -81.87 47.30
C SER QD 342 60.27 -83.22 46.84
N PRO QD 343 60.75 -84.31 47.43
CA PRO QD 343 60.40 -85.65 46.90
C PRO QD 343 59.00 -86.12 47.25
N VAL QD 344 58.41 -85.61 48.33
CA VAL QD 344 57.14 -86.13 48.86
C VAL QD 344 56.10 -85.01 48.79
N LEU QD 345 54.93 -85.34 48.25
CA LEU QD 345 53.82 -84.40 48.16
C LEU QD 345 52.58 -85.00 48.81
N LEU QD 346 51.75 -84.13 49.38
CA LEU QD 346 50.45 -84.53 49.93
C LEU QD 346 49.35 -83.72 49.26
N VAL QD 347 48.34 -84.41 48.77
CA VAL QD 347 47.17 -83.76 48.17
C VAL QD 347 45.92 -84.28 48.88
N SER QD 348 45.13 -83.37 49.43
CA SER QD 348 43.89 -83.72 50.10
C SER QD 348 42.74 -83.36 49.16
N TRP QD 349 42.17 -84.36 48.52
CA TRP QD 349 41.01 -84.19 47.65
C TRP QD 349 39.77 -84.57 48.44
N HIS QD 350 38.94 -83.57 48.76
CA HIS QD 350 37.56 -83.72 49.19
C HIS QD 350 37.39 -84.58 50.44
N GLY QD 351 38.42 -84.63 51.29
CA GLY QD 351 38.39 -85.41 52.50
C GLY QD 351 39.35 -86.57 52.56
N LYS QD 352 39.93 -87.00 51.43
CA LYS QD 352 40.91 -88.08 51.45
C LYS QD 352 42.27 -87.55 51.01
N VAL QD 353 43.31 -87.96 51.72
CA VAL QD 353 44.65 -87.44 51.54
C VAL QD 353 45.52 -88.52 50.89
N MET QD 354 46.15 -88.18 49.78
CA MET QD 354 47.02 -89.08 49.04
C MET QD 354 48.44 -88.54 49.03
N GLN QD 355 49.41 -89.46 49.08
CA GLN QD 355 50.82 -89.13 49.10
C GLN QD 355 51.45 -89.52 47.77
N LEU QD 356 52.26 -88.62 47.21
CA LEU QD 356 52.87 -88.82 45.90
C LEU QD 356 54.37 -88.64 46.00
N LYS QD 357 55.09 -89.36 45.14
CA LYS QD 357 56.54 -89.35 45.08
C LYS QD 357 56.97 -89.02 43.66
N VAL QD 358 57.80 -87.99 43.51
CA VAL QD 358 58.31 -87.57 42.21
C VAL QD 358 59.65 -88.28 41.99
N GLU QD 359 59.77 -88.95 40.85
CA GLU QD 359 60.98 -89.69 40.55
C GLU QD 359 62.05 -88.75 40.01
N GLY QD 360 63.18 -88.69 40.71
CA GLY QD 360 64.27 -87.81 40.33
C GLY QD 360 64.72 -86.93 41.48
N UNK RD 1 49.13 -103.84 -0.81
CA UNK RD 1 48.91 -104.06 -2.24
C UNK RD 1 50.16 -103.73 -3.04
N UNK RD 2 50.82 -102.63 -2.68
CA UNK RD 2 52.05 -102.24 -3.36
C UNK RD 2 53.20 -103.13 -2.93
N UNK RD 3 54.09 -103.43 -3.88
CA UNK RD 3 55.27 -104.23 -3.60
C UNK RD 3 56.30 -103.33 -2.91
N UNK RD 4 56.30 -103.34 -1.59
CA UNK RD 4 57.19 -102.46 -0.83
C UNK RD 4 58.64 -102.92 -0.92
N UNK RD 5 58.86 -104.24 -0.91
CA UNK RD 5 60.21 -104.78 -1.02
C UNK RD 5 60.81 -104.50 -2.40
N UNK RD 6 60.00 -104.67 -3.46
CA UNK RD 6 60.47 -104.35 -4.80
C UNK RD 6 60.64 -102.84 -4.98
N UNK RD 7 59.82 -102.03 -4.31
CA UNK RD 7 60.01 -100.58 -4.34
C UNK RD 7 61.32 -100.18 -3.66
N UNK RD 8 61.64 -100.83 -2.53
CA UNK RD 8 62.90 -100.58 -1.85
C UNK RD 8 64.09 -101.05 -2.68
N UNK RD 9 63.93 -102.17 -3.39
CA UNK RD 9 64.97 -102.65 -4.29
C UNK RD 9 65.19 -101.69 -5.45
N UNK RD 10 64.11 -101.15 -6.00
CA UNK RD 10 64.21 -100.16 -7.08
C UNK RD 10 64.85 -98.88 -6.58
N UNK RD 11 64.55 -98.47 -5.34
CA UNK RD 11 65.19 -97.30 -4.74
C UNK RD 11 66.68 -97.54 -4.51
N UNK RD 12 67.04 -98.75 -4.09
CA UNK RD 12 68.45 -99.08 -3.92
C UNK RD 12 69.19 -99.10 -5.26
N UNK RD 13 68.53 -99.60 -6.30
CA UNK RD 13 69.15 -99.59 -7.63
C UNK RD 13 69.28 -98.18 -8.18
N UNK RD 14 68.31 -97.31 -7.90
CA UNK RD 14 68.40 -95.92 -8.31
C UNK RD 14 69.48 -95.18 -7.52
N UNK RD 15 69.70 -95.56 -6.25
CA UNK RD 15 70.79 -94.99 -5.48
C UNK RD 15 72.14 -95.45 -6.03
N UNK RD 16 72.29 -96.75 -6.26
CA UNK RD 16 73.48 -97.29 -6.93
C UNK RD 16 73.26 -97.44 -8.43
N UNK RD 17 72.76 -96.36 -9.05
CA UNK RD 17 72.57 -96.34 -10.50
C UNK RD 17 73.86 -96.21 -11.26
N UNK RD 18 74.96 -95.83 -10.57
CA UNK RD 18 76.32 -95.75 -11.13
C UNK RD 18 76.40 -94.80 -12.32
N UNK RD 19 75.75 -93.64 -12.19
CA UNK RD 19 75.65 -92.69 -13.30
C UNK RD 19 75.71 -91.27 -12.76
N UNK RD 20 76.77 -90.55 -13.12
CA UNK RD 20 76.93 -89.14 -12.78
C UNK RD 20 77.99 -88.54 -13.70
N UNK RD 21 77.65 -87.43 -14.35
CA UNK RD 21 78.59 -86.72 -15.21
C UNK RD 21 78.14 -85.28 -15.36
N UNK RD 22 79.10 -84.34 -15.27
CA UNK RD 22 78.79 -82.92 -15.31
C UNK RD 22 79.83 -82.20 -16.16
N UNK RD 23 79.69 -80.88 -16.25
CA UNK RD 23 80.60 -80.07 -17.05
C UNK RD 23 80.71 -78.68 -16.44
N UNK RD 24 81.90 -78.10 -16.51
CA UNK RD 24 82.19 -76.75 -16.09
C UNK RD 24 82.57 -75.91 -17.31
N UNK RD 25 82.33 -74.61 -17.20
CA UNK RD 25 82.55 -73.69 -18.31
C UNK RD 25 83.34 -72.47 -17.86
N UNK RD 26 84.10 -71.91 -18.78
CA UNK RD 26 84.86 -70.70 -18.53
C UNK RD 26 84.15 -69.50 -19.16
N UNK RD 27 84.70 -68.31 -18.92
CA UNK RD 27 84.10 -67.09 -19.44
C UNK RD 27 84.28 -66.96 -20.95
N UNK RD 28 85.35 -67.53 -21.50
CA UNK RD 28 85.61 -67.52 -22.93
C UNK RD 28 85.08 -68.77 -23.62
N UNK RD 29 84.02 -69.37 -23.06
CA UNK RD 29 83.35 -70.57 -23.58
C UNK RD 29 84.31 -71.75 -23.73
N UNK RD 30 85.22 -71.90 -22.77
CA UNK RD 30 86.10 -73.05 -22.70
C UNK RD 30 85.43 -74.11 -21.83
N UNK RD 31 85.17 -75.27 -22.41
CA UNK RD 31 84.42 -76.32 -21.74
C UNK RD 31 85.36 -77.31 -21.07
N UNK RD 32 84.85 -77.95 -20.01
CA UNK RD 32 85.59 -79.03 -19.34
C UNK RD 32 84.53 -79.97 -18.76
N UNK RD 33 84.28 -81.06 -19.47
CA UNK RD 33 83.26 -82.03 -19.06
C UNK RD 33 83.93 -83.24 -18.43
N UNK RD 34 83.51 -83.58 -17.22
CA UNK RD 34 84.04 -84.76 -16.55
C UNK RD 34 83.40 -86.01 -17.13
N UNK RD 35 84.15 -87.11 -17.11
CA UNK RD 35 83.65 -88.38 -17.60
C UNK RD 35 82.61 -88.95 -16.66
N UNK RD 36 81.79 -89.86 -17.19
CA UNK RD 36 80.79 -90.54 -16.38
C UNK RD 36 81.45 -91.46 -15.38
N UNK RD 37 80.94 -91.44 -14.15
CA UNK RD 37 81.62 -92.14 -13.06
C UNK RD 37 80.65 -92.94 -12.22
N UNK RD 38 81.14 -93.43 -11.07
CA UNK RD 38 80.42 -94.31 -10.14
C UNK RD 38 79.89 -95.57 -10.81
N UNK RD 39 79.74 -69.44 -14.10
CA UNK RD 39 80.40 -70.03 -15.25
C UNK RD 39 80.60 -71.53 -15.06
N UNK RD 40 81.57 -71.88 -14.22
CA UNK RD 40 81.86 -73.29 -13.94
C UNK RD 40 80.79 -73.93 -13.07
N UNK RD 41 80.09 -73.13 -12.26
CA UNK RD 41 79.10 -73.64 -11.30
C UNK RD 41 77.75 -73.75 -11.99
N UNK RD 42 77.69 -74.61 -13.00
CA UNK RD 42 76.45 -74.91 -13.72
C UNK RD 42 76.02 -76.30 -13.27
N UNK RD 43 75.22 -76.35 -12.21
CA UNK RD 43 74.72 -77.61 -11.68
C UNK RD 43 73.73 -78.28 -12.63
N UNK RD 44 73.17 -77.54 -13.58
CA UNK RD 44 72.31 -78.11 -14.60
C UNK RD 44 73.07 -78.99 -15.58
N UNK RD 45 74.40 -78.87 -15.65
CA UNK RD 45 75.20 -79.74 -16.49
C UNK RD 45 75.33 -81.15 -15.93
N UNK RD 46 74.94 -81.36 -14.68
CA UNK RD 46 74.94 -82.70 -14.09
C UNK RD 46 73.87 -83.56 -14.72
N UNK RD 47 74.20 -84.84 -14.92
CA UNK RD 47 73.30 -85.79 -15.54
C UNK RD 47 73.67 -87.19 -15.09
N UNK RD 48 72.74 -88.12 -15.30
CA UNK RD 48 72.95 -89.51 -14.91
C UNK RD 48 72.64 -90.45 -16.06
N ARG SD 207 93.39 27.10 -58.91
CA ARG SD 207 92.11 27.24 -59.60
C ARG SD 207 91.05 26.31 -59.00
N ILE SD 208 90.09 25.90 -59.81
CA ILE SD 208 89.03 24.99 -59.36
C ILE SD 208 89.20 23.65 -60.05
N ILE SD 209 89.27 22.58 -59.25
CA ILE SD 209 89.46 21.23 -59.74
C ILE SD 209 88.22 20.43 -59.36
N TYR SD 210 87.66 19.72 -60.34
CA TYR SD 210 86.41 18.99 -60.14
C TYR SD 210 86.67 17.54 -59.77
N TYR SD 211 85.67 16.93 -59.14
CA TYR SD 211 85.68 15.52 -58.79
C TYR SD 211 84.43 14.87 -59.35
N ILE SD 212 84.52 13.59 -59.69
CA ILE SD 212 83.33 12.85 -60.07
C ILE SD 212 82.47 12.61 -58.84
N GLN SD 213 81.20 12.96 -58.93
CA GLN SD 213 80.22 12.58 -57.91
C GLN SD 213 79.30 11.46 -58.36
N ALA SD 214 78.76 11.55 -59.57
CA ALA SD 214 77.96 10.47 -60.14
C ALA SD 214 78.15 10.48 -61.65
N VAL SD 215 78.55 9.35 -62.21
CA VAL SD 215 78.77 9.23 -63.65
C VAL SD 215 77.90 8.10 -64.18
N ILE SD 216 77.03 8.44 -65.13
CA ILE SD 216 76.17 7.47 -65.80
C ILE SD 216 76.50 7.56 -67.29
N PRO SD 217 76.02 6.66 -68.14
CA PRO SD 217 76.08 6.94 -69.58
C PRO SD 217 75.20 8.14 -69.93
N GLY SD 218 75.76 9.08 -70.69
CA GLY SD 218 75.04 10.26 -71.10
C GLY SD 218 75.24 11.47 -70.20
N ARG SD 219 74.85 11.37 -68.94
CA ARG SD 219 74.96 12.47 -68.01
C ARG SD 219 76.10 12.24 -67.04
N ALA SD 220 76.48 13.31 -66.34
CA ALA SD 220 77.57 13.24 -65.39
C ALA SD 220 77.36 14.28 -64.30
N TRP SD 221 77.67 13.91 -63.07
CA TRP SD 221 77.54 14.80 -61.92
C TRP SD 221 78.93 15.02 -61.35
N LEU SD 222 79.37 16.26 -61.36
CA LEU SD 222 80.70 16.61 -60.90
C LEU SD 222 80.62 17.56 -59.72
N ILE SD 223 81.66 17.53 -58.89
CA ILE SD 223 81.77 18.41 -57.73
C ILE SD 223 83.14 19.06 -57.76
N GLY SD 224 83.17 20.39 -57.76
CA GLY SD 224 84.42 21.12 -57.82
C GLY SD 224 85.14 21.21 -56.50
N SER SD 225 86.32 21.82 -56.54
CA SER SD 225 87.08 22.06 -55.31
C SER SD 225 86.46 23.13 -54.45
N ASN SD 226 85.68 24.04 -55.05
CA ASN SD 226 85.05 25.13 -54.32
C ASN SD 226 83.87 24.71 -53.47
N GLY SD 227 83.40 23.47 -53.61
CA GLY SD 227 82.24 23.01 -52.90
C GLY SD 227 80.94 23.08 -53.67
N SER SD 228 80.97 23.60 -54.90
CA SER SD 228 79.79 23.62 -55.74
C SER SD 228 79.80 22.43 -56.68
N THR SD 229 78.62 21.82 -56.85
CA THR SD 229 78.46 20.67 -57.72
C THR SD 229 77.57 21.05 -58.90
N LEU SD 230 77.86 20.48 -60.06
CA LEU SD 230 77.07 20.66 -61.26
C LEU SD 230 76.82 19.32 -61.92
N THR SD 231 76.02 19.35 -62.98
CA THR SD 231 75.81 18.17 -63.81
C THR SD 231 75.78 18.61 -65.27
N VAL SD 232 76.34 17.78 -66.14
CA VAL SD 232 76.52 18.09 -67.54
C VAL SD 232 76.26 16.83 -68.37
N ARG SD 233 76.32 16.99 -69.68
CA ARG SD 233 76.16 15.91 -70.64
C ARG SD 233 77.46 15.74 -71.42
N GLU SD 234 77.40 14.90 -72.46
CA GLU SD 234 78.59 14.65 -73.28
C GLU SD 234 78.98 15.89 -74.08
N GLY SD 235 78.02 16.50 -74.75
CA GLY SD 235 78.28 17.75 -75.44
C GLY SD 235 78.01 18.93 -74.55
N SER SD 236 79.06 19.44 -73.91
CA SER SD 236 78.93 20.57 -73.00
C SER SD 236 80.27 21.29 -72.91
N LYS SD 237 80.21 22.54 -72.46
CA LYS SD 237 81.38 23.38 -72.31
C LYS SD 237 81.56 23.75 -70.85
N ILE SD 238 82.77 23.54 -70.34
CA ILE SD 238 83.15 23.91 -68.98
C ILE SD 238 84.39 24.78 -69.07
N PRO SD 239 84.39 25.99 -68.51
CA PRO SD 239 85.57 26.86 -68.60
C PRO SD 239 86.76 26.29 -67.85
N GLY SD 240 87.94 26.50 -68.42
CA GLY SD 240 89.17 25.94 -67.89
C GLY SD 240 89.42 24.50 -68.26
N TYR SD 241 88.49 23.85 -68.94
CA TYR SD 241 88.61 22.44 -69.30
C TYR SD 241 88.37 22.19 -70.78
N GLY SD 242 87.48 22.93 -71.40
CA GLY SD 242 87.22 22.77 -72.82
C GLY SD 242 86.07 21.84 -73.13
N MET SD 243 86.30 20.85 -73.98
CA MET SD 243 85.28 19.94 -74.45
C MET SD 243 85.50 18.56 -73.83
N VAL SD 244 84.43 17.96 -73.33
CA VAL SD 244 84.49 16.58 -72.84
C VAL SD 244 84.72 15.67 -74.02
N LYS SD 245 85.77 14.84 -73.93
CA LYS SD 245 86.02 13.87 -74.99
C LYS SD 245 85.00 12.75 -74.94
N LEU SD 246 84.88 12.07 -73.80
CA LEU SD 246 83.92 10.99 -73.66
C LEU SD 246 83.59 10.82 -72.19
N ILE SD 247 82.30 10.68 -71.90
CA ILE SD 247 81.84 10.23 -70.58
C ILE SD 247 81.79 8.72 -70.62
N ASP SD 248 82.79 8.07 -70.03
CA ASP SD 248 82.84 6.62 -69.95
C ASP SD 248 82.43 6.20 -68.56
N SER SD 249 81.29 5.52 -68.46
CA SER SD 249 80.75 5.17 -67.15
C SER SD 249 81.58 4.09 -66.47
N LEU SD 250 82.18 3.20 -67.25
CA LEU SD 250 83.12 2.25 -66.69
C LEU SD 250 84.39 2.96 -66.27
N GLN SD 251 84.93 2.54 -65.11
CA GLN SD 251 86.20 2.95 -64.52
C GLN SD 251 86.25 4.42 -64.08
N GLY SD 252 85.16 5.18 -64.22
CA GLY SD 252 85.04 6.52 -63.67
C GLY SD 252 86.02 7.54 -64.21
N ARG SD 253 86.18 7.58 -65.52
CA ARG SD 253 87.16 8.45 -66.16
C ARG SD 253 86.43 9.46 -67.05
N ILE SD 254 86.66 10.74 -66.80
CA ILE SD 254 86.14 11.81 -67.64
C ILE SD 254 87.32 12.45 -68.36
N LEU SD 255 87.29 12.45 -69.69
CA LEU SD 255 88.39 12.95 -70.49
C LEU SD 255 87.99 14.28 -71.13
N THR SD 256 88.85 15.28 -70.98
CA THR SD 256 88.59 16.61 -71.53
C THR SD 256 89.58 16.93 -72.64
N SER SD 257 89.23 17.96 -73.42
CA SER SD 257 90.07 18.40 -74.53
C SER SD 257 91.37 19.03 -74.07
N SER SD 258 91.43 19.53 -72.84
CA SER SD 258 92.65 20.12 -72.29
C SER SD 258 93.57 19.10 -71.63
N GLY SD 259 93.40 17.81 -71.92
CA GLY SD 259 94.21 16.78 -71.31
C GLY SD 259 93.97 16.63 -69.83
N GLN SD 260 92.71 16.71 -69.38
CA GLN SD 260 92.35 16.59 -67.98
C GLN SD 260 91.37 15.44 -67.79
N VAL SD 261 91.66 14.57 -66.82
CA VAL SD 261 90.82 13.42 -66.53
C VAL SD 261 90.25 13.59 -65.12
N ILE SD 262 88.94 13.53 -65.02
CA ILE SD 262 88.22 13.69 -63.76
C ILE SD 262 87.78 12.32 -63.26
N LYS SD 263 88.02 12.09 -61.97
CA LYS SD 263 87.54 10.90 -61.27
C LYS SD 263 87.11 11.35 -59.87
N PHE SD 264 86.88 10.39 -59.00
CA PHE SD 264 86.54 10.71 -57.62
C PHE SD 264 87.78 11.14 -56.85
N SER SD 265 87.59 11.54 -55.60
CA SER SD 265 88.70 11.96 -54.77
C SER SD 265 89.50 10.75 -54.29
N GLN SD 266 90.70 11.04 -53.77
CA GLN SD 266 91.58 9.96 -53.31
C GLN SD 266 91.03 9.28 -52.07
N GLU SD 267 90.54 10.07 -51.10
CA GLU SD 267 90.02 9.49 -49.88
C GLU SD 267 88.65 8.85 -50.06
N ASP SD 268 87.96 9.14 -51.16
CA ASP SD 268 86.68 8.51 -51.47
C ASP SD 268 86.82 7.83 -52.83
N SER SD 269 87.33 6.60 -52.80
CA SER SD 269 87.56 5.83 -54.02
C SER SD 269 87.64 4.35 -53.68
N GLN TD 791 81.90 -37.66 -77.66
CA GLN TD 791 81.50 -36.35 -78.16
C GLN TD 791 80.17 -35.94 -77.53
N GLN TD 792 79.35 -36.94 -77.22
CA GLN TD 792 78.07 -36.70 -76.57
C GLN TD 792 78.23 -36.32 -75.10
N GLU TD 793 79.36 -36.68 -74.49
CA GLU TD 793 79.63 -36.28 -73.12
C GLU TD 793 79.81 -34.77 -73.00
N ILE TD 794 80.26 -34.13 -74.09
CA ILE TD 794 80.40 -32.68 -74.14
C ILE TD 794 79.05 -32.01 -73.94
N GLN TD 795 78.04 -32.44 -74.71
CA GLN TD 795 76.73 -31.83 -74.57
C GLN TD 795 76.01 -32.30 -73.32
N GLN TD 796 76.32 -33.50 -72.82
CA GLN TD 796 75.76 -33.96 -71.56
C GLN TD 796 76.21 -33.10 -70.39
N ARG TD 797 77.52 -32.88 -70.27
CA ARG TD 797 78.00 -32.00 -69.21
C ARG TD 797 77.69 -30.54 -69.50
N THR TD 798 77.45 -30.18 -70.75
CA THR TD 798 76.92 -28.85 -71.08
C THR TD 798 75.54 -28.66 -70.47
N SER TD 799 74.68 -29.68 -70.61
CA SER TD 799 73.34 -29.63 -70.03
C SER TD 799 73.41 -29.61 -68.51
N ASP TD 800 74.34 -30.38 -67.94
CA ASP TD 800 74.53 -30.38 -66.48
C ASP TD 800 75.00 -29.00 -65.99
N MET TD 801 75.93 -28.38 -66.72
CA MET TD 801 76.39 -27.05 -66.35
C MET TD 801 75.30 -26.01 -66.57
N LEU TD 802 74.41 -26.24 -67.53
CA LEU TD 802 73.29 -25.34 -67.74
C LEU TD 802 72.29 -25.43 -66.59
N THR TD 803 72.05 -26.64 -66.08
CA THR TD 803 71.20 -26.80 -64.91
C THR TD 803 71.82 -26.12 -63.70
N ALA TD 804 73.13 -26.27 -63.52
CA ALA TD 804 73.82 -25.60 -62.42
C ALA TD 804 73.78 -24.08 -62.59
N ALA TD 805 73.84 -23.60 -63.83
CA ALA TD 805 73.81 -22.16 -64.08
C ALA TD 805 72.43 -21.60 -63.81
N THR TD 806 71.37 -22.33 -64.18
CA THR TD 806 70.01 -21.90 -63.85
C THR TD 806 69.81 -21.89 -62.35
N GLN TD 807 70.37 -22.88 -61.66
CA GLN TD 807 70.35 -22.89 -60.19
C GLN TD 807 71.06 -21.68 -59.60
N LEU TD 808 72.22 -21.32 -60.16
CA LEU TD 808 73.01 -20.24 -59.61
C LEU TD 808 72.37 -18.88 -59.89
N VAL TD 809 71.80 -18.70 -61.08
CA VAL TD 809 71.13 -17.44 -61.36
C VAL TD 809 69.83 -17.36 -60.56
N GLN TD 810 69.22 -18.51 -60.24
CA GLN TD 810 68.07 -18.52 -59.36
C GLN TD 810 68.46 -18.10 -57.95
N ASP TD 811 69.64 -18.52 -57.50
CA ASP TD 811 70.16 -18.06 -56.21
C ASP TD 811 70.51 -16.58 -56.23
N TRP TD 812 70.95 -16.08 -57.39
CA TRP TD 812 71.40 -14.69 -57.48
C TRP TD 812 70.28 -13.70 -57.74
N LYS TD 813 69.11 -14.15 -58.19
CA LYS TD 813 68.06 -13.21 -58.57
C LYS TD 813 67.45 -12.49 -57.37
N GLN TD 814 67.08 -13.24 -56.33
CA GLN TD 814 66.28 -12.65 -55.26
C GLN TD 814 67.14 -11.84 -54.30
N VAL TD 815 66.52 -10.83 -53.71
CA VAL TD 815 67.09 -10.02 -52.63
C VAL TD 815 66.00 -9.81 -51.60
N GLU TD 816 66.26 -10.14 -50.34
CA GLU TD 816 65.24 -10.04 -49.31
C GLU TD 816 65.15 -8.60 -48.81
N THR TD 817 64.35 -8.39 -47.77
CA THR TD 817 63.97 -7.05 -47.32
C THR TD 817 64.49 -6.77 -45.92
N GLN TD 818 64.70 -5.48 -45.64
CA GLN TD 818 65.10 -5.01 -44.33
C GLN TD 818 63.92 -5.04 -43.37
N VAL TD 819 64.23 -4.84 -42.09
CA VAL TD 819 63.22 -4.82 -41.03
C VAL TD 819 63.54 -3.67 -40.07
N TYR TD 820 62.56 -2.82 -39.84
CA TYR TD 820 62.67 -1.75 -38.84
C TYR TD 820 61.97 -2.20 -37.57
N THR TD 821 62.62 -1.99 -36.43
CA THR TD 821 62.13 -2.48 -35.15
C THR TD 821 62.22 -1.36 -34.12
N GLU TD 822 61.12 -1.15 -33.39
CA GLU TD 822 61.07 -0.19 -32.30
C GLU TD 822 61.42 -0.87 -30.99
N GLY TD 823 61.32 -0.11 -29.89
CA GLY TD 823 61.58 -0.66 -28.58
C GLY TD 823 61.34 0.30 -27.44
N THR TD 824 60.65 -0.15 -26.41
CA THR TD 824 60.38 0.67 -25.23
C THR TD 824 60.64 -0.12 -23.96
N ALA UD 104 88.87 -71.61 -42.26
CA ALA UD 104 87.73 -70.98 -42.91
C ALA UD 104 87.30 -69.74 -42.15
N GLU UD 105 87.96 -69.47 -41.03
CA GLU UD 105 87.61 -68.32 -40.20
C GLU UD 105 88.14 -67.01 -40.77
N VAL UD 106 89.07 -67.07 -41.73
CA VAL UD 106 89.53 -65.86 -42.39
C VAL UD 106 88.47 -65.29 -43.33
N ILE UD 107 87.52 -66.13 -43.75
CA ILE UD 107 86.43 -65.69 -44.61
C ILE UD 107 85.54 -64.71 -43.85
N ASP UD 108 85.39 -64.92 -42.54
CA ASP UD 108 84.63 -63.99 -41.70
C ASP UD 108 85.28 -62.61 -41.64
N LYS UD 109 86.61 -62.59 -41.54
CA LYS UD 109 87.31 -61.31 -41.51
C LYS UD 109 87.29 -60.63 -42.87
N LYS UD 110 87.36 -61.42 -43.94
CA LYS UD 110 87.23 -60.86 -45.29
C LYS UD 110 85.85 -60.24 -45.50
N ALA UD 111 84.80 -60.93 -45.05
CA ALA UD 111 83.46 -60.38 -45.12
C ALA UD 111 83.31 -59.16 -44.22
N PHE UD 112 84.01 -59.13 -43.09
CA PHE UD 112 83.99 -57.97 -42.21
C PHE UD 112 84.60 -56.76 -42.90
N LYS UD 113 85.75 -56.93 -43.54
CA LYS UD 113 86.40 -55.77 -44.15
C LYS UD 113 85.67 -55.32 -45.41
N ASP UD 114 85.11 -56.25 -46.19
CA ASP UD 114 84.37 -55.78 -47.36
C ASP UD 114 83.04 -55.17 -46.99
N MET UD 115 82.41 -55.65 -45.90
CA MET UD 115 81.19 -55.00 -45.41
C MET UD 115 81.50 -53.62 -44.85
N THR UD 116 82.68 -53.46 -44.23
CA THR UD 116 83.12 -52.13 -43.81
C THR UD 116 83.32 -51.21 -45.00
N ARG UD 117 83.89 -51.73 -46.09
CA ARG UD 117 84.04 -50.97 -47.33
C ARG UD 117 82.70 -50.60 -47.92
N ASN UD 118 81.73 -51.51 -47.86
CA ASN UD 118 80.39 -51.25 -48.39
C ASN UD 118 79.66 -50.20 -47.56
N LEU UD 119 79.83 -50.24 -46.24
CA LEU UD 119 79.21 -49.24 -45.38
C LEU UD 119 79.84 -47.88 -45.57
N TYR UD 120 81.16 -47.82 -45.69
CA TYR UD 120 81.86 -46.54 -45.87
C TYR UD 120 82.82 -46.64 -47.04
N PRO UD 121 82.36 -46.34 -48.25
CA PRO UD 121 83.28 -46.31 -49.40
C PRO UD 121 84.19 -45.09 -49.42
N LEU UD 122 83.93 -44.08 -48.61
CA LEU UD 122 84.72 -42.86 -48.57
C LEU UD 122 85.70 -42.88 -47.41
N ASN UD 123 86.93 -42.44 -47.68
CA ASN UD 123 87.88 -42.23 -46.59
C ASN UD 123 87.47 -41.01 -45.79
N PRO UD 124 87.76 -41.00 -44.48
CA PRO UD 124 87.56 -39.78 -43.68
C PRO UD 124 88.40 -38.61 -44.16
N GLU UD 125 89.61 -38.88 -44.65
CA GLU UD 125 90.42 -37.83 -45.27
C GLU UD 125 89.75 -37.29 -46.52
N GLN UD 126 89.14 -38.17 -47.31
CA GLN UD 126 88.36 -37.75 -48.47
C GLN UD 126 87.17 -36.91 -48.05
N VAL UD 127 86.54 -37.26 -46.92
CA VAL UD 127 85.40 -36.51 -46.40
C VAL UD 127 85.82 -35.11 -46.00
N VAL UD 128 86.94 -34.99 -45.31
CA VAL UD 128 87.45 -33.67 -44.90
C VAL UD 128 87.87 -32.85 -46.12
N LYS UD 129 88.49 -33.50 -47.10
CA LYS UD 129 88.90 -32.80 -48.32
C LYS UD 129 87.70 -32.32 -49.12
N LEU UD 130 86.65 -33.14 -49.23
CA LEU UD 130 85.48 -32.70 -49.97
C LEU UD 130 84.70 -31.65 -49.20
N LYS UD 131 84.77 -31.66 -47.87
CA LYS UD 131 84.20 -30.56 -47.10
C LYS UD 131 84.97 -29.27 -47.34
N GLN UD 132 86.29 -29.37 -47.50
CA GLN UD 132 87.08 -28.20 -47.87
C GLN UD 132 86.72 -27.71 -49.27
N ILE UD 133 86.46 -28.64 -50.19
CA ILE UD 133 86.00 -28.29 -51.53
C ILE UD 133 84.64 -27.61 -51.47
N TYR UD 134 83.76 -28.08 -50.58
CA TYR UD 134 82.46 -27.47 -50.36
C TYR UD 134 82.60 -26.04 -49.83
N GLU UD 135 83.51 -25.84 -48.88
CA GLU UD 135 83.74 -24.49 -48.35
C GLU UD 135 84.35 -23.59 -49.40
N THR UD 136 85.19 -24.14 -50.28
CA THR UD 136 85.76 -23.39 -51.39
C THR UD 136 84.67 -22.96 -52.37
N SER UD 137 83.71 -23.87 -52.64
CA SER UD 137 82.59 -23.52 -53.51
C SER UD 137 81.68 -22.49 -52.87
N GLU UD 138 81.51 -22.57 -51.54
CA GLU UD 138 80.75 -21.56 -50.81
C GLU UD 138 81.41 -20.19 -50.91
N TYR UD 139 82.73 -20.15 -50.77
CA TYR UD 139 83.48 -18.91 -50.93
C TYR UD 139 83.38 -18.39 -52.36
N ALA UD 140 83.41 -19.30 -53.34
CA ALA UD 140 83.29 -18.91 -54.74
C ALA UD 140 81.93 -18.32 -55.04
N LYS UD 141 80.88 -18.86 -54.44
CA LYS UD 141 79.54 -18.29 -54.60
C LYS UD 141 79.45 -16.94 -53.91
N ALA UD 142 79.89 -16.86 -52.65
CA ALA UD 142 79.73 -15.64 -51.87
C ALA UD 142 80.66 -14.53 -52.30
N ALA UD 143 81.67 -14.82 -53.11
CA ALA UD 143 82.53 -13.78 -53.64
C ALA UD 143 81.76 -12.95 -54.67
N THR UD 144 81.86 -11.63 -54.53
CA THR UD 144 81.24 -10.70 -55.46
C THR UD 144 82.32 -10.05 -56.31
N PRO UD 145 82.34 -10.27 -57.62
CA PRO UD 145 83.40 -9.70 -58.46
C PRO UD 145 83.26 -8.20 -58.61
N GLY UD 146 84.35 -7.57 -59.03
CA GLY UD 146 84.41 -6.13 -59.13
C GLY UD 146 84.80 -5.48 -57.81
N THR UD 147 85.09 -4.20 -57.89
CA THR UD 147 85.46 -3.45 -56.70
C THR UD 147 84.22 -3.19 -55.86
N PRO UD 148 84.23 -3.55 -54.57
CA PRO UD 148 83.13 -3.19 -53.70
C PRO UD 148 83.11 -1.69 -53.46
N PRO UD 149 81.93 -1.09 -53.28
CA PRO UD 149 81.86 0.35 -53.03
C PRO UD 149 82.41 0.69 -51.66
N LYS UD 150 82.90 1.92 -51.54
CA LYS UD 150 83.49 2.36 -50.28
C LYS UD 150 82.38 2.82 -49.35
N PRO UD 151 82.25 2.22 -48.16
CA PRO UD 151 81.23 2.69 -47.20
C PRO UD 151 81.63 4.01 -46.56
N THR UD 152 80.93 5.07 -46.92
CA THR UD 152 81.28 6.42 -46.52
C THR UD 152 80.14 7.06 -45.73
N ALA UD 153 80.28 8.36 -45.47
CA ALA UD 153 79.22 9.16 -44.87
C ALA UD 153 79.46 10.60 -45.30
N THR UD 154 78.38 11.35 -45.52
CA THR UD 154 78.48 12.72 -45.98
C THR UD 154 77.54 13.63 -45.19
N SER UD 155 78.01 14.84 -44.93
CA SER UD 155 77.21 15.90 -44.32
C SER UD 155 77.16 17.03 -45.34
N GLN UD 156 76.18 16.98 -46.23
CA GLN UD 156 76.11 17.86 -47.38
C GLN UD 156 75.02 18.90 -47.17
N PHE UD 157 75.22 20.07 -47.77
CA PHE UD 157 74.26 21.16 -47.67
C PHE UD 157 73.33 21.17 -48.86
N VAL UD 158 72.04 21.14 -48.60
CA VAL UD 158 71.01 21.17 -49.64
C VAL UD 158 70.57 22.61 -49.83
N ASN UD 159 70.68 23.11 -51.06
CA ASN UD 159 70.29 24.47 -51.39
C ASN UD 159 68.95 24.45 -52.11
N LEU UD 160 68.04 25.33 -51.69
CA LEU UD 160 66.66 25.34 -52.16
C LEU UD 160 66.38 26.47 -53.13
N SER UD 161 67.41 26.96 -53.82
CA SER UD 161 67.20 27.98 -54.83
C SER UD 161 66.53 27.37 -56.06
N PRO UD 162 65.76 28.17 -56.81
CA PRO UD 162 65.22 27.66 -58.09
C PRO UD 162 66.29 27.36 -59.13
N GLY UD 163 67.49 27.90 -58.99
CA GLY UD 163 68.59 27.54 -59.85
C GLY UD 163 69.51 26.51 -59.24
N SER UD 164 69.28 26.17 -57.98
CA SER UD 164 70.12 25.20 -57.29
C SER UD 164 69.88 23.79 -57.83
N THR UD 165 70.96 23.03 -57.98
CA THR UD 165 70.85 21.68 -58.48
C THR UD 165 70.25 20.77 -57.41
N PRO UD 166 69.43 19.79 -57.79
CA PRO UD 166 68.90 18.84 -56.82
C PRO UD 166 70.00 17.91 -56.32
N PRO UD 167 70.01 17.59 -55.03
CA PRO UD 167 71.04 16.71 -54.49
C PRO UD 167 70.81 15.26 -54.86
N VAL UD 168 71.91 14.58 -55.18
CA VAL UD 168 71.90 13.20 -55.63
C VAL UD 168 72.54 12.33 -54.55
N ILE UD 169 71.93 11.18 -54.29
CA ILE UD 169 72.32 10.31 -53.18
C ILE UD 169 72.75 8.96 -53.73
N ARG UD 170 73.99 8.58 -53.44
CA ARG UD 170 74.47 7.25 -53.80
C ARG UD 170 73.84 6.21 -52.87
N LEU UD 171 73.51 5.05 -53.44
CA LEU UD 171 72.94 3.96 -52.68
C LEU UD 171 73.60 2.65 -53.06
N SER UD 172 73.58 1.70 -52.13
CA SER UD 172 74.05 0.34 -52.34
C SER UD 172 72.89 -0.63 -52.17
N GLN UD 173 72.81 -1.59 -53.08
CA GLN UD 173 71.70 -2.54 -53.09
C GLN UD 173 71.79 -3.46 -51.87
N GLY UD 174 70.70 -3.51 -51.11
CA GLY UD 174 70.68 -4.31 -49.90
C GLY UD 174 71.31 -3.65 -48.70
N PHE UD 175 71.80 -2.41 -48.83
CA PHE UD 175 72.44 -1.70 -47.74
C PHE UD 175 71.66 -0.44 -47.42
N VAL UD 176 71.33 -0.26 -46.17
CA VAL UD 176 70.42 0.80 -45.74
C VAL UD 176 71.22 2.06 -45.44
N SER UD 177 70.71 3.19 -45.90
CA SER UD 177 71.28 4.50 -45.61
C SER UD 177 70.27 5.34 -44.87
N SER UD 178 70.76 6.15 -43.94
CA SER UD 178 69.93 7.06 -43.16
C SER UD 178 70.17 8.48 -43.63
N LEU UD 179 69.07 9.19 -43.90
CA LEU UD 179 69.12 10.57 -44.37
C LEU UD 179 68.49 11.42 -43.29
N VAL UD 180 69.29 12.27 -42.65
CA VAL UD 180 68.86 13.05 -41.49
C VAL UD 180 68.82 14.52 -41.88
N PHE UD 181 67.66 15.14 -41.69
CA PHE UD 181 67.41 16.50 -42.18
C PHE UD 181 67.60 17.49 -41.04
N LEU UD 182 68.55 18.41 -41.22
CA LEU UD 182 68.81 19.47 -40.26
C LEU UD 182 68.73 20.80 -40.97
N ASP UD 183 68.33 21.83 -40.24
CA ASP UD 183 68.15 23.17 -40.82
C ASP UD 183 69.49 23.90 -40.88
N SER UD 184 69.43 25.21 -41.12
CA SER UD 184 70.63 26.04 -41.12
C SER UD 184 71.30 26.05 -39.76
N THR UD 185 70.51 26.05 -38.69
CA THR UD 185 71.05 25.93 -37.34
C THR UD 185 71.42 24.51 -36.98
N GLY UD 186 71.09 23.54 -37.83
CA GLY UD 186 71.39 22.15 -37.55
C GLY UD 186 70.35 21.43 -36.71
N ALA UD 187 69.29 22.12 -36.30
CA ALA UD 187 68.24 21.48 -35.53
C ALA UD 187 67.44 20.53 -36.42
N PRO UD 188 66.98 19.40 -35.86
CA PRO UD 188 66.21 18.45 -36.67
C PRO UD 188 64.85 18.99 -37.05
N TRP UD 189 64.46 18.73 -38.29
CA TRP UD 189 63.17 19.16 -38.81
C TRP UD 189 62.38 17.95 -39.28
N PRO UD 190 61.35 17.52 -38.54
CA PRO UD 190 60.61 16.32 -38.93
C PRO UD 190 59.80 16.53 -40.20
N ILE UD 191 59.54 15.41 -40.87
CA ILE UD 191 58.94 15.41 -42.19
C ILE UD 191 57.43 15.27 -42.05
N ALA UD 192 56.69 16.23 -42.61
CA ALA UD 192 55.23 16.14 -42.56
C ALA UD 192 54.71 15.09 -43.53
N ALA UD 193 55.25 15.06 -44.74
CA ALA UD 193 54.76 14.13 -45.75
C ALA UD 193 55.89 13.84 -46.74
N TYR UD 194 55.73 12.76 -47.49
CA TYR UD 194 56.74 12.42 -48.49
C TYR UD 194 56.12 11.58 -49.60
N ASP UD 195 56.82 11.57 -50.73
CA ASP UD 195 56.41 10.80 -51.89
C ASP UD 195 57.64 10.17 -52.53
N LEU UD 196 57.48 8.95 -53.03
CA LEU UD 196 58.57 8.14 -53.57
C LEU UD 196 58.25 7.74 -54.99
N GLY UD 197 59.25 7.77 -55.86
CA GLY UD 197 59.16 7.16 -57.17
C GLY UD 197 59.88 5.82 -57.18
N ASP UD 198 59.37 4.89 -58.00
CA ASP UD 198 59.83 3.52 -58.16
C ASP UD 198 59.90 2.78 -56.83
N PRO UD 199 58.76 2.36 -56.25
CA PRO UD 199 58.79 1.60 -54.99
C PRO UD 199 59.55 0.29 -55.05
N SER UD 200 59.59 -0.37 -56.21
CA SER UD 200 60.23 -1.68 -56.28
C SER UD 200 61.75 -1.61 -56.18
N SER UD 201 62.35 -0.46 -56.49
CA SER UD 201 63.79 -0.31 -56.32
C SER UD 201 64.16 0.28 -54.96
N PHE UD 202 63.21 0.85 -54.24
CA PHE UD 202 63.49 1.61 -53.03
C PHE UD 202 62.43 1.29 -51.99
N ASN UD 203 62.81 0.55 -50.96
CA ASN UD 203 61.90 0.18 -49.88
C ASN UD 203 62.19 1.04 -48.66
N ILE UD 204 61.20 1.78 -48.21
CA ILE UD 204 61.36 2.79 -47.18
C ILE UD 204 60.79 2.28 -45.87
N GLN UD 205 61.62 2.25 -44.84
CA GLN UD 205 61.16 2.07 -43.48
C GLN UD 205 61.22 3.43 -42.79
N TRP UD 206 60.16 3.78 -42.07
CA TRP UD 206 60.03 5.16 -41.63
C TRP UD 206 59.33 5.24 -40.29
N ASP UD 207 59.66 6.28 -39.54
CA ASP UD 207 59.04 6.58 -38.25
C ASP UD 207 58.22 7.86 -38.38
N LYS UD 208 57.10 7.89 -37.65
CA LYS UD 208 56.06 8.88 -37.90
C LYS UD 208 56.49 10.31 -37.57
N THR UD 209 57.39 10.48 -36.59
CA THR UD 209 57.87 11.80 -36.22
C THR UD 209 59.39 11.90 -36.30
N SER UD 210 60.00 11.28 -37.30
CA SER UD 210 61.45 11.31 -37.46
C SER UD 210 61.86 12.28 -38.56
N ASN UD 211 62.97 12.97 -38.34
CA ASN UD 211 63.62 13.75 -39.38
C ASN UD 211 64.66 12.93 -40.14
N THR UD 212 64.77 11.65 -39.81
CA THR UD 212 65.71 10.75 -40.47
C THR UD 212 64.92 9.62 -41.12
N LEU UD 213 65.21 9.37 -42.40
CA LEU UD 213 64.58 8.31 -43.16
C LEU UD 213 65.63 7.24 -43.45
N MET UD 214 65.29 6.00 -43.14
CA MET UD 214 66.16 4.87 -43.43
C MET UD 214 65.64 4.15 -44.66
N ILE UD 215 66.51 3.98 -45.66
CA ILE UD 215 66.10 3.46 -46.96
C ILE UD 215 67.11 2.44 -47.44
N GLN UD 216 66.63 1.28 -47.85
CA GLN UD 216 67.45 0.26 -48.48
C GLN UD 216 67.23 0.28 -49.99
N ALA UD 217 68.31 0.26 -50.75
CA ALA UD 217 68.21 0.10 -52.19
C ALA UD 217 67.94 -1.36 -52.51
N THR UD 218 67.00 -1.60 -53.42
CA THR UD 218 66.56 -2.95 -53.73
C THR UD 218 67.11 -3.47 -55.05
N LYS UD 219 67.33 -2.60 -56.02
CA LYS UD 219 67.83 -3.00 -57.33
C LYS UD 219 69.23 -2.42 -57.54
N LEU UD 220 69.76 -2.61 -58.74
CA LEU UD 220 71.17 -2.33 -59.03
C LEU UD 220 71.40 -1.02 -59.77
N TYR UD 221 70.75 -0.81 -60.91
CA TYR UD 221 71.03 0.34 -61.77
C TYR UD 221 69.74 1.03 -62.16
N ASN UD 222 68.88 1.33 -61.18
CA ASN UD 222 67.61 1.98 -61.43
C ASN UD 222 67.47 3.16 -60.48
N TYR UD 223 67.69 4.37 -61.00
CA TYR UD 223 67.67 5.57 -60.21
C TYR UD 223 66.25 6.12 -60.10
N GLY UD 224 65.97 6.75 -58.96
CA GLY UD 224 64.64 7.27 -58.70
C GLY UD 224 64.62 8.65 -58.07
N ASN UD 225 63.44 9.09 -57.64
CA ASN UD 225 63.26 10.44 -57.16
C ASN UD 225 62.40 10.43 -55.89
N LEU UD 226 62.53 11.50 -55.10
CA LEU UD 226 61.85 11.58 -53.82
C LEU UD 226 61.47 13.02 -53.53
N ALA UD 227 60.31 13.19 -52.89
CA ALA UD 227 59.79 14.49 -52.50
C ALA UD 227 59.54 14.51 -51.00
N VAL UD 228 59.95 15.59 -50.34
CA VAL UD 228 59.94 15.70 -48.88
C VAL UD 228 59.26 17.00 -48.49
N ARG UD 229 58.28 16.92 -47.60
CA ARG UD 229 57.62 18.08 -47.02
C ARG UD 229 57.84 18.04 -45.51
N LEU UD 230 58.63 18.99 -44.99
CA LEU UD 230 58.95 19.03 -43.59
C LEU UD 230 57.78 19.61 -42.78
N ARG UD 231 57.99 19.71 -41.46
CA ARG UD 231 56.91 20.04 -40.53
C ARG UD 231 56.38 21.45 -40.75
N GLY UD 232 57.27 22.44 -40.78
CA GLY UD 232 56.88 23.79 -41.04
C GLY UD 232 57.23 24.32 -42.41
N LEU UD 233 57.91 23.51 -43.22
CA LEU UD 233 58.39 23.95 -44.52
C LEU UD 233 57.30 23.84 -45.57
N ASN UD 234 57.15 24.90 -46.36
CA ASN UD 234 56.17 24.94 -47.44
C ASN UD 234 56.72 24.35 -48.72
N THR UD 235 57.94 24.71 -49.09
CA THR UD 235 58.51 24.28 -50.36
C THR UD 235 58.91 22.81 -50.29
N PRO UD 236 58.41 21.95 -51.18
CA PRO UD 236 58.81 20.54 -51.13
C PRO UD 236 60.22 20.35 -51.67
N VAL UD 237 61.02 19.63 -50.90
CA VAL UD 237 62.41 19.35 -51.24
C VAL UD 237 62.47 18.16 -52.19
N MET UD 238 63.30 18.28 -53.21
CA MET UD 238 63.40 17.29 -54.28
C MET UD 238 64.78 16.64 -54.22
N LEU UD 239 64.80 15.30 -54.17
CA LEU UD 239 66.03 14.55 -53.99
C LEU UD 239 66.11 13.45 -55.04
N THR UD 240 67.24 13.34 -55.74
CA THR UD 240 67.40 12.28 -56.72
C THR UD 240 68.36 11.23 -56.16
N LEU UD 241 67.97 9.96 -56.26
CA LEU UD 241 68.69 8.87 -55.64
C LEU UD 241 69.12 7.87 -56.71
N ILE UD 242 70.29 7.29 -56.56
CA ILE UD 242 70.81 6.39 -57.60
C ILE UD 242 71.66 5.30 -56.97
N PRO UD 243 71.44 4.04 -57.34
CA PRO UD 243 72.32 2.96 -56.93
C PRO UD 243 73.40 2.67 -57.97
N GLY UD 244 74.39 1.88 -57.56
CA GLY UD 244 75.45 1.46 -58.45
C GLY UD 244 76.51 2.50 -58.70
N GLN UD 245 77.21 2.91 -57.65
CA GLN UD 245 78.26 3.92 -57.73
C GLN UD 245 79.59 3.32 -57.29
N LYS UD 246 80.64 4.15 -57.30
CA LYS UD 246 81.93 3.73 -56.78
C LYS UD 246 81.97 3.67 -55.26
N ALA UD 247 81.03 4.32 -54.59
CA ALA UD 247 80.99 4.35 -53.14
C ALA UD 247 79.56 4.62 -52.71
N VAL UD 248 79.29 4.36 -51.43
CA VAL UD 248 77.96 4.54 -50.87
C VAL UD 248 78.10 5.19 -49.49
N ASP UD 249 77.36 6.27 -49.27
CA ASP UD 249 77.33 6.92 -47.97
C ASP UD 249 76.41 6.14 -47.03
N TYR UD 250 76.91 5.82 -45.84
CA TYR UD 250 76.04 5.19 -44.85
C TYR UD 250 75.03 6.17 -44.29
N ARG UD 251 75.42 7.44 -44.17
CA ARG UD 251 74.50 8.47 -43.71
C ARG UD 251 74.70 9.72 -44.55
N VAL UD 252 73.59 10.38 -44.87
CA VAL UD 252 73.61 11.70 -45.48
C VAL UD 252 72.92 12.67 -44.52
N ASP UD 253 73.70 13.55 -43.92
CA ASP UD 253 73.16 14.70 -43.23
C ASP UD 253 72.85 15.77 -44.27
N LEU UD 254 71.64 16.30 -44.22
CA LEU UD 254 71.17 17.24 -45.24
C LEU UD 254 70.89 18.58 -44.57
N ARG UD 255 71.71 19.58 -44.90
CA ARG UD 255 71.55 20.91 -44.34
C ARG UD 255 70.59 21.73 -45.20
N VAL UD 256 69.62 22.36 -44.55
CA VAL UD 256 68.55 23.10 -45.20
C VAL UD 256 68.86 24.59 -45.06
N GLN UD 257 68.72 25.33 -46.16
CA GLN UD 257 69.06 26.75 -46.18
C GLN UD 257 68.08 27.60 -45.38
N GLY UD 258 66.94 27.07 -44.95
CA GLY UD 258 66.01 27.82 -44.13
C GLY UD 258 66.18 27.55 -42.65
N TYR UD 259 65.50 28.37 -41.85
CA TYR UD 259 65.45 28.19 -40.41
C TYR UD 259 64.43 27.12 -40.06
N GLY UD 260 64.80 26.25 -39.12
CA GLY UD 260 63.90 25.21 -38.67
C GLY UD 260 62.94 25.71 -37.62
N PRO UD 261 62.15 24.80 -37.05
CA PRO UD 261 61.26 25.18 -35.95
C PRO UD 261 61.98 25.36 -34.63
N ASN UD 262 63.26 25.01 -34.57
CA ASN UD 262 64.04 25.03 -33.34
C ASN UD 262 65.31 25.83 -33.59
N ALA UD 263 65.60 26.76 -32.69
CA ALA UD 263 66.78 27.62 -32.84
C ALA UD 263 67.44 27.88 -31.50
N ASP UD 278 79.83 22.64 -28.32
CA ASP UD 278 80.76 23.69 -28.73
C ASP UD 278 81.99 23.07 -29.39
N LEU UD 279 82.69 23.89 -30.17
CA LEU UD 279 83.91 23.44 -30.83
C LEU UD 279 85.02 23.15 -29.82
N LEU UD 280 85.02 23.88 -28.70
CA LEU UD 280 85.93 23.57 -27.60
C LEU UD 280 85.63 22.19 -27.01
N LEU UD 281 84.35 21.86 -26.88
CA LEU UD 281 83.97 20.52 -26.43
C LEU UD 281 84.34 19.46 -27.46
N HIS UD 282 84.26 19.79 -28.75
CA HIS UD 282 84.69 18.86 -29.80
C HIS UD 282 86.18 18.59 -29.72
N VAL UD 283 86.98 19.64 -29.49
CA VAL UD 283 88.42 19.47 -29.33
C VAL UD 283 88.74 18.67 -28.08
N LEU UD 284 88.03 18.93 -26.98
CA LEU UD 284 88.24 18.20 -25.73
C LEU UD 284 87.89 16.74 -25.86
N GLU UD 285 86.80 16.43 -26.58
CA GLU UD 285 86.47 15.04 -26.85
C GLU UD 285 87.44 14.41 -27.83
N GLY UD 286 88.05 15.20 -28.71
CA GLY UD 286 89.02 14.72 -29.67
C GLY UD 286 88.68 15.01 -31.11
N VAL UD 287 87.51 15.55 -31.40
CA VAL UD 287 87.14 15.87 -32.78
C VAL UD 287 87.85 17.17 -33.19
N PRO UD 288 88.60 17.16 -34.28
CA PRO UD 288 89.24 18.39 -34.76
C PRO UD 288 88.20 19.37 -35.28
N PRO UD 289 88.42 20.67 -35.10
CA PRO UD 289 87.55 21.66 -35.71
C PRO UD 289 87.80 21.75 -37.20
N PRO UD 290 86.87 22.30 -37.98
CA PRO UD 290 87.15 22.51 -39.41
C PRO UD 290 88.26 23.52 -39.63
N GLY UD 291 89.11 23.24 -40.61
CA GLY UD 291 90.24 24.08 -40.92
C GLY UD 291 91.40 23.95 -39.97
N SER UD 292 91.40 22.95 -39.09
CA SER UD 292 92.46 22.82 -38.10
C SER UD 292 93.76 22.34 -38.73
N ARG UD 293 94.85 22.99 -38.35
CA ARG UD 293 96.19 22.56 -38.72
C ARG UD 293 96.85 21.96 -37.49
N ARG UD 294 97.16 20.67 -37.55
CA ARG UD 294 97.75 19.99 -36.41
C ARG UD 294 99.21 20.42 -36.26
N LEU UD 295 99.57 20.82 -35.04
CA LEU UD 295 100.95 21.17 -34.74
C LEU UD 295 101.63 19.99 -34.05
N VAL UD 296 102.93 19.90 -34.23
CA VAL UD 296 103.72 18.76 -33.75
C VAL UD 296 104.40 19.17 -32.45
N VAL UD 297 104.07 18.47 -31.37
CA VAL UD 297 104.70 18.69 -30.08
C VAL UD 297 105.99 17.87 -30.04
N SER UD 298 106.86 18.22 -29.09
CA SER UD 298 108.17 17.58 -28.95
C SER UD 298 108.28 17.00 -27.55
N GLY UD 299 108.14 15.68 -27.45
CA GLY UD 299 108.29 14.99 -26.18
C GLY UD 299 107.20 15.27 -25.16
N GLY UD 300 105.94 15.34 -25.59
CA GLY UD 300 104.85 15.61 -24.67
C GLY UD 300 103.56 14.96 -25.12
N ASP UD 301 102.66 14.77 -24.16
CA ASP UD 301 101.34 14.20 -24.43
C ASP UD 301 100.30 15.30 -24.70
N ALA UD 302 100.62 16.19 -25.64
CA ALA UD 302 99.78 17.33 -25.93
C ALA UD 302 99.33 17.28 -27.39
N ARG UD 303 98.11 17.74 -27.62
CA ARG UD 303 97.51 17.80 -28.95
C ARG UD 303 97.28 19.26 -29.30
N ALA UD 304 97.85 19.70 -30.42
CA ALA UD 304 97.80 21.11 -30.78
C ALA UD 304 97.19 21.27 -32.17
N TRP UD 305 96.23 22.17 -32.27
CA TRP UD 305 95.50 22.40 -33.51
C TRP UD 305 95.45 23.90 -33.81
N LEU UD 306 95.40 24.22 -35.10
CA LEU UD 306 95.44 25.60 -35.60
C LEU UD 306 94.35 25.73 -36.65
N SER UD 307 93.19 26.28 -36.26
CA SER UD 307 92.07 26.45 -37.17
C SER UD 307 91.79 27.91 -37.50
N ASN UD 308 91.84 28.79 -36.49
CA ASN UD 308 91.49 30.20 -36.65
C ASN UD 308 92.59 31.08 -36.07
N GLU UD 309 93.84 30.77 -36.42
CA GLU UD 309 95.06 31.48 -35.99
C GLU UD 309 95.22 31.47 -34.47
N LYS UD 310 94.66 30.46 -33.81
CA LYS UD 310 94.72 30.31 -32.37
C LYS UD 310 95.12 28.88 -32.06
N MET UD 311 95.98 28.71 -31.06
CA MET UD 311 96.41 27.38 -30.65
C MET UD 311 95.32 26.75 -29.79
N TYR UD 312 94.84 25.59 -30.20
CA TYR UD 312 93.88 24.81 -29.42
C TYR UD 312 94.65 23.61 -28.89
N VAL UD 313 94.81 23.53 -27.57
CA VAL UD 313 95.66 22.51 -26.96
C VAL UD 313 94.81 21.64 -26.05
N ARG UD 314 94.81 20.34 -26.33
CA ARG UD 314 94.20 19.33 -25.48
C ARG UD 314 95.32 18.60 -24.74
N THR UD 315 95.22 18.57 -23.41
CA THR UD 315 96.22 17.88 -22.60
C THR UD 315 95.53 17.34 -21.36
N ASN UD 316 96.25 16.50 -20.63
CA ASN UD 316 95.89 16.14 -19.27
C ASN UD 316 96.73 16.91 -18.26
N LEU UD 317 97.45 17.93 -18.72
CA LEU UD 317 98.36 18.72 -17.91
C LEU UD 317 97.86 20.17 -17.87
N THR UD 318 98.68 21.05 -17.30
CA THR UD 318 98.28 22.44 -17.09
C THR UD 318 99.37 23.37 -17.61
N ILE UD 319 98.97 24.37 -18.40
CA ILE UD 319 99.87 25.39 -18.90
C ILE UD 319 99.95 26.52 -17.88
N LEU UD 320 101.11 27.15 -17.80
CA LEU UD 320 101.32 28.22 -16.82
C LEU UD 320 101.79 29.52 -17.45
N SER UD 321 102.67 29.48 -18.45
CA SER UD 321 103.37 30.70 -18.86
C SER UD 321 102.50 31.67 -19.67
N PRO UD 322 101.95 31.32 -20.88
CA PRO UD 322 101.40 32.39 -21.72
C PRO UD 322 100.01 32.86 -21.31
N GLY UD 323 99.18 31.96 -20.78
CA GLY UD 323 97.85 32.32 -20.34
C GLY UD 323 96.79 32.15 -21.42
N TRP UD 324 95.83 31.28 -21.16
CA TRP UD 324 94.78 30.98 -22.11
C TRP UD 324 93.79 32.13 -22.21
N LEU UD 325 92.94 32.08 -23.23
CA LEU UD 325 91.82 32.99 -23.36
C LEU UD 325 90.51 32.38 -22.92
N ALA UD 326 90.30 31.09 -23.20
CA ALA UD 326 89.16 30.34 -22.71
C ALA UD 326 89.57 28.88 -22.58
N SER UD 327 88.83 28.14 -21.77
CA SER UD 327 89.18 26.77 -21.46
C SER UD 327 87.92 25.93 -21.31
N MET UD 328 88.06 24.64 -21.59
CA MET UD 328 87.04 23.65 -21.33
C MET UD 328 87.66 22.50 -20.56
N THR UD 329 86.97 22.04 -19.52
CA THR UD 329 87.46 20.96 -18.68
C THR UD 329 86.35 19.93 -18.46
N SER UD 330 86.77 18.66 -18.37
CA SER UD 330 85.84 17.56 -18.21
C SER UD 330 85.92 16.99 -16.79
N ALA UD 331 85.13 15.96 -16.54
CA ALA UD 331 85.10 15.35 -15.21
C ALA UD 331 86.33 14.48 -14.95
N ASP UD 332 86.94 13.92 -16.00
CA ASP UD 332 88.07 13.04 -15.81
C ASP UD 332 89.38 13.78 -15.56
N GLY UD 333 89.44 15.08 -15.81
CA GLY UD 333 90.63 15.85 -15.56
C GLY UD 333 91.42 16.18 -16.80
N THR UD 334 90.74 16.28 -17.94
CA THR UD 334 91.35 16.63 -19.20
C THR UD 334 91.01 18.08 -19.53
N HIS UD 335 92.02 18.86 -19.89
CA HIS UD 335 91.87 20.29 -20.12
C HIS UD 335 92.15 20.64 -21.56
N ALA UD 336 91.24 21.40 -22.17
CA ALA UD 336 91.41 21.94 -23.51
C ALA UD 336 91.40 23.46 -23.42
N TYR UD 337 92.49 24.09 -23.82
CA TYR UD 337 92.62 25.54 -23.79
C TYR UD 337 92.66 26.09 -25.21
N GLU UD 338 92.27 27.36 -25.34
CA GLU UD 338 92.55 28.15 -26.53
C GLU UD 338 93.49 29.28 -26.14
N MET UD 339 94.39 29.62 -27.05
CA MET UD 339 95.46 30.55 -26.70
C MET UD 339 96.00 31.24 -27.94
N GLN UD 340 96.73 32.33 -27.71
CA GLN UD 340 97.52 32.95 -28.76
C GLN UD 340 98.78 32.14 -29.01
N LYS UD 341 99.50 32.52 -30.07
CA LYS UD 341 100.67 31.77 -30.49
C LYS UD 341 101.87 32.07 -29.61
N SER UD 342 102.51 31.00 -29.12
CA SER UD 342 103.77 31.06 -28.40
C SER UD 342 104.46 29.71 -28.50
N PRO UD 343 105.62 29.62 -29.17
CA PRO UD 343 106.26 28.32 -29.35
C PRO UD 343 106.86 27.73 -28.08
N VAL UD 344 107.11 28.54 -27.05
CA VAL UD 344 107.72 28.08 -25.82
C VAL UD 344 106.64 28.02 -24.75
N LEU UD 345 106.52 26.86 -24.11
CA LEU UD 345 105.45 26.61 -23.15
C LEU UD 345 106.02 26.07 -21.85
N LEU UD 346 105.40 26.43 -20.73
CA LEU UD 346 105.77 25.92 -19.42
C LEU UD 346 104.62 25.11 -18.86
N VAL UD 347 104.92 23.88 -18.45
CA VAL UD 347 103.93 22.98 -17.86
C VAL UD 347 104.47 22.49 -16.52
N SER UD 348 103.70 22.68 -15.47
CA SER UD 348 104.08 22.25 -14.13
C SER UD 348 103.07 21.23 -13.62
N TRP UD 349 103.58 20.09 -13.17
CA TRP UD 349 102.76 19.09 -12.51
C TRP UD 349 103.50 18.52 -11.32
N HIS UD 350 102.76 18.36 -10.21
CA HIS UD 350 103.25 17.76 -8.95
C HIS UD 350 104.46 18.51 -8.40
N GLY UD 351 104.48 19.82 -8.59
CA GLY UD 351 105.57 20.66 -8.14
C GLY UD 351 106.72 20.78 -9.13
N LYS UD 352 106.80 19.92 -10.14
CA LYS UD 352 107.91 19.97 -11.08
C LYS UD 352 107.49 20.75 -12.31
N VAL UD 353 108.46 21.40 -12.95
CA VAL UD 353 108.23 22.27 -14.09
C VAL UD 353 109.06 21.77 -15.26
N MET UD 354 108.46 21.73 -16.44
CA MET UD 354 109.17 21.47 -17.67
C MET UD 354 108.80 22.51 -18.71
N GLN UD 355 109.73 22.71 -19.64
CA GLN UD 355 109.58 23.66 -20.74
C GLN UD 355 109.60 22.88 -22.04
N LEU UD 356 108.64 23.17 -22.92
CA LEU UD 356 108.53 22.46 -24.18
C LEU UD 356 108.42 23.44 -25.34
N LYS UD 357 108.84 22.95 -26.51
CA LYS UD 357 108.73 23.68 -27.76
C LYS UD 357 107.95 22.83 -28.75
N VAL UD 358 107.26 23.49 -29.68
CA VAL UD 358 106.40 22.84 -30.64
C VAL UD 358 106.76 23.30 -32.04
N GLU UD 359 106.42 22.48 -33.03
CA GLU UD 359 106.67 22.79 -34.42
C GLU UD 359 105.69 23.87 -34.90
N GLY UD 360 106.22 24.84 -35.64
CA GLY UD 360 105.40 25.91 -36.19
C GLY UD 360 105.16 27.04 -35.21
N UNK VD 1 101.36 -21.51 -49.76
CA UNK VD 1 100.20 -21.91 -50.54
C UNK VD 1 100.02 -21.01 -51.75
N UNK VD 2 99.94 -19.70 -51.50
CA UNK VD 2 99.81 -18.74 -52.58
C UNK VD 2 101.13 -18.57 -53.33
N UNK VD 3 101.02 -18.00 -54.53
CA UNK VD 3 102.18 -17.78 -55.40
C UNK VD 3 102.20 -16.32 -55.84
N UNK VD 4 103.13 -15.55 -55.27
CA UNK VD 4 103.19 -14.12 -55.53
C UNK VD 4 103.67 -13.83 -56.95
N UNK VD 5 104.59 -14.65 -57.47
CA UNK VD 5 105.05 -14.47 -58.84
C UNK VD 5 103.95 -14.79 -59.84
N UNK VD 6 103.13 -15.80 -59.55
CA UNK VD 6 101.96 -16.07 -60.37
C UNK VD 6 100.95 -14.94 -60.29
N UNK VD 7 100.79 -14.34 -59.10
CA UNK VD 7 99.90 -13.19 -58.96
C UNK VD 7 100.38 -11.99 -59.78
N UNK VD 8 101.69 -11.73 -59.75
CA UNK VD 8 102.25 -10.64 -60.54
C UNK VD 8 102.13 -10.91 -62.04
N UNK VD 9 102.34 -12.16 -62.45
CA UNK VD 9 102.21 -12.53 -63.86
C UNK VD 9 100.77 -12.43 -64.33
N UNK VD 10 99.81 -12.83 -63.48
CA UNK VD 10 98.40 -12.72 -63.82
C UNK VD 10 97.96 -11.26 -63.91
N UNK VD 11 98.47 -10.40 -63.00
CA UNK VD 11 98.17 -8.98 -63.07
C UNK VD 11 98.76 -8.34 -64.32
N UNK VD 12 99.99 -8.73 -64.69
CA UNK VD 12 100.61 -8.19 -65.90
C UNK VD 12 99.88 -8.66 -67.16
N UNK VD 13 99.45 -9.93 -67.19
CA UNK VD 13 98.72 -10.43 -68.34
C UNK VD 13 97.32 -9.83 -68.44
N UNK VD 14 96.71 -9.49 -67.30
CA UNK VD 14 95.43 -8.79 -67.33
C UNK VD 14 95.61 -7.35 -67.80
N UNK VD 15 96.70 -6.70 -67.39
CA UNK VD 15 96.96 -5.34 -67.81
C UNK VD 15 97.28 -5.27 -69.30
N UNK VD 16 98.08 -6.22 -69.80
CA UNK VD 16 98.39 -6.31 -71.23
C UNK VD 16 97.68 -7.53 -71.78
N UNK VD 17 96.43 -7.33 -72.18
CA UNK VD 17 95.63 -8.38 -72.80
C UNK VD 17 95.57 -8.27 -74.31
N UNK VD 18 95.75 -7.05 -74.85
CA UNK VD 18 95.77 -6.74 -76.28
C UNK VD 18 94.50 -7.18 -77.00
N UNK VD 19 93.36 -7.08 -76.32
CA UNK VD 19 92.06 -7.41 -76.92
C UNK VD 19 91.02 -6.50 -76.26
N UNK VD 20 90.75 -5.36 -76.88
CA UNK VD 20 89.74 -4.43 -76.42
C UNK VD 20 89.25 -3.62 -77.61
N UNK VD 21 87.97 -3.79 -77.96
CA UNK VD 21 87.41 -3.12 -79.12
C UNK VD 21 85.93 -2.85 -78.88
N UNK VD 22 85.49 -1.64 -79.24
CA UNK VD 22 84.12 -1.22 -79.04
C UNK VD 22 83.50 -0.82 -80.37
N UNK VD 23 82.19 -1.02 -80.47
CA UNK VD 23 81.42 -0.65 -81.65
C UNK VD 23 80.27 0.23 -81.21
N UNK VD 24 80.18 1.43 -81.79
CA UNK VD 24 79.14 2.38 -81.42
C UNK VD 24 77.90 2.20 -82.28
N UNK VD 25 76.77 2.68 -81.76
CA UNK VD 25 75.50 2.61 -82.48
C UNK VD 25 74.76 3.92 -82.31
N UNK VD 26 74.08 4.35 -83.37
CA UNK VD 26 73.35 5.61 -83.37
C UNK VD 26 71.86 5.34 -83.14
N UNK VD 27 71.05 6.38 -83.28
CA UNK VD 27 69.62 6.27 -83.03
C UNK VD 27 68.88 5.55 -84.15
N UNK VD 28 69.44 5.55 -85.36
CA UNK VD 28 68.80 4.92 -86.51
C UNK VD 28 69.24 3.48 -86.71
N UNK VD 29 69.69 2.82 -85.63
CA UNK VD 29 70.17 1.42 -85.62
C UNK VD 29 71.30 1.18 -86.62
N UNK VD 30 72.20 2.15 -86.72
CA UNK VD 30 73.39 2.03 -87.54
C UNK VD 30 74.61 1.98 -86.63
N UNK VD 31 75.44 0.96 -86.81
CA UNK VD 31 76.60 0.74 -85.97
C UNK VD 31 77.89 0.99 -86.74
N UNK VD 32 78.98 1.08 -86.00
CA UNK VD 32 80.29 1.34 -86.57
C UNK VD 32 81.36 0.79 -85.64
N UNK VD 33 82.26 -0.02 -86.19
CA UNK VD 33 83.38 -0.58 -85.46
C UNK VD 33 84.69 -0.22 -86.15
N UNK VD 34 85.78 -0.21 -85.37
CA UNK VD 34 87.08 0.21 -85.89
C UNK VD 34 88.20 -0.71 -85.41
N UNK VD 35 89.44 -0.26 -85.60
CA UNK VD 35 90.60 -1.02 -85.16
C UNK VD 35 90.71 -1.00 -83.64
N UNK VD 36 91.23 -2.09 -83.09
CA UNK VD 36 91.27 -2.30 -81.65
C UNK VD 36 92.52 -1.66 -81.03
N UNK VD 37 92.50 -1.59 -79.70
CA UNK VD 37 93.65 -1.10 -78.92
C UNK VD 37 93.61 -1.77 -77.55
N UNK VD 38 94.44 -1.27 -76.64
CA UNK VD 38 94.59 -1.76 -75.26
C UNK VD 38 94.90 -3.25 -75.15
N UNK VD 39 72.93 8.16 -76.91
CA UNK VD 39 72.58 6.74 -77.02
C UNK VD 39 73.81 5.90 -77.39
N UNK VD 40 74.82 6.56 -77.94
CA UNK VD 40 76.01 5.87 -78.42
C UNK VD 40 77.00 5.52 -77.32
N UNK VD 41 76.77 5.97 -76.09
CA UNK VD 41 77.70 5.73 -74.98
C UNK VD 41 77.39 4.37 -74.34
N UNK VD 42 77.58 3.33 -75.14
CA UNK VD 42 77.36 1.95 -74.70
C UNK VD 42 78.64 1.46 -74.05
N UNK VD 43 78.66 1.45 -72.71
CA UNK VD 43 79.82 0.97 -71.97
C UNK VD 43 80.03 -0.53 -72.14
N UNK VD 44 78.98 -1.26 -72.49
CA UNK VD 44 79.11 -2.67 -72.83
C UNK VD 44 79.55 -2.88 -74.27
N UNK VD 45 79.72 -1.80 -75.04
CA UNK VD 45 80.14 -1.92 -76.45
C UNK VD 45 81.54 -2.50 -76.57
N UNK VD 46 82.39 -2.25 -75.58
CA UNK VD 46 83.72 -2.85 -75.57
C UNK VD 46 83.64 -4.34 -75.28
N UNK VD 47 84.51 -5.11 -75.90
CA UNK VD 47 84.63 -6.54 -75.67
C UNK VD 47 86.08 -6.88 -75.36
N UNK VD 48 86.27 -8.00 -74.65
CA UNK VD 48 87.62 -8.44 -74.30
C UNK VD 48 87.70 -9.96 -74.21
N ARG WD 207 6.33 42.96 -104.96
CA ARG WD 207 5.27 42.67 -104.00
C ARG WD 207 5.72 41.60 -103.00
N ILE WD 208 4.76 40.81 -102.51
CA ILE WD 208 5.04 39.85 -101.45
C ILE WD 208 5.77 38.64 -102.03
N ILE WD 209 6.91 38.31 -101.45
CA ILE WD 209 7.74 37.20 -101.88
C ILE WD 209 7.80 36.19 -100.74
N TYR WD 210 7.60 34.92 -101.06
CA TYR WD 210 7.50 33.88 -100.05
C TYR WD 210 8.85 33.21 -99.82
N TYR WD 211 9.00 32.67 -98.61
CA TYR WD 211 10.11 31.81 -98.24
C TYR WD 211 9.55 30.48 -97.78
N ILE WD 212 10.18 29.39 -98.20
CA ILE WD 212 9.71 28.05 -97.85
C ILE WD 212 10.13 27.75 -96.43
N GLN WD 213 9.16 27.74 -95.52
CA GLN WD 213 9.48 27.36 -94.14
C GLN WD 213 9.65 25.85 -94.02
N ALA WD 214 8.88 25.08 -94.78
CA ALA WD 214 9.00 23.63 -94.77
C ALA WD 214 8.64 23.10 -96.15
N VAL WD 215 9.40 22.11 -96.61
CA VAL WD 215 9.19 21.48 -97.91
C VAL WD 215 9.12 19.97 -97.70
N ILE WD 216 7.99 19.39 -98.08
CA ILE WD 216 7.83 17.93 -98.13
C ILE WD 216 7.32 17.57 -99.51
N PRO WD 217 7.39 16.30 -99.89
CA PRO WD 217 6.60 15.85 -101.04
C PRO WD 217 5.12 15.99 -100.77
N GLY WD 218 4.42 16.68 -101.67
CA GLY WD 218 2.99 16.78 -101.59
C GLY WD 218 2.46 18.10 -101.06
N ARG WD 219 3.16 18.70 -100.10
CA ARG WD 219 2.70 19.94 -99.48
C ARG WD 219 3.84 20.96 -99.45
N ALA WD 220 3.46 22.22 -99.30
CA ALA WD 220 4.43 23.31 -99.28
C ALA WD 220 3.97 24.37 -98.29
N TRP WD 221 4.89 24.84 -97.46
CA TRP WD 221 4.63 25.89 -96.48
C TRP WD 221 5.42 27.13 -96.83
N LEU WD 222 4.72 28.22 -97.11
CA LEU WD 222 5.33 29.47 -97.55
C LEU WD 222 4.93 30.59 -96.61
N ILE WD 223 5.91 31.40 -96.22
CA ILE WD 223 5.65 32.61 -95.45
C ILE WD 223 6.13 33.80 -96.28
N GLY WD 224 5.23 34.74 -96.55
CA GLY WD 224 5.56 35.89 -97.36
C GLY WD 224 6.36 36.93 -96.59
N SER WD 225 6.71 38.00 -97.30
CA SER WD 225 7.45 39.09 -96.70
C SER WD 225 6.62 39.88 -95.70
N ASN WD 226 5.29 39.77 -95.76
CA ASN WD 226 4.40 40.36 -94.77
C ASN WD 226 4.26 39.49 -93.53
N GLY WD 227 4.94 38.35 -93.48
CA GLY WD 227 4.77 37.40 -92.39
C GLY WD 227 3.60 36.47 -92.56
N SER WD 228 2.89 36.53 -93.67
CA SER WD 228 1.71 35.69 -93.89
C SER WD 228 2.16 34.26 -94.16
N THR WD 229 1.82 33.35 -93.25
CA THR WD 229 2.17 31.95 -93.36
C THR WD 229 0.99 31.17 -93.92
N LEU WD 230 1.27 30.27 -94.84
CA LEU WD 230 0.23 29.52 -95.52
C LEU WD 230 0.82 28.21 -96.02
N THR WD 231 -0.06 27.29 -96.40
CA THR WD 231 0.35 26.04 -97.01
C THR WD 231 -0.52 25.77 -98.22
N VAL WD 232 0.07 25.15 -99.24
CA VAL WD 232 -0.61 24.82 -100.48
C VAL WD 232 -0.05 23.52 -101.04
N ARG WD 233 -0.70 23.03 -102.10
CA ARG WD 233 -0.30 21.84 -102.83
C ARG WD 233 0.01 22.22 -104.29
N GLU WD 234 0.20 21.20 -105.13
CA GLU WD 234 0.52 21.43 -106.53
C GLU WD 234 -0.66 22.03 -107.28
N GLY WD 235 -1.84 21.44 -107.13
CA GLY WD 235 -3.01 21.99 -107.78
C GLY WD 235 -3.75 22.96 -106.90
N SER WD 236 -3.46 24.26 -107.05
CA SER WD 236 -4.05 25.30 -106.22
C SER WD 236 -3.85 26.63 -106.94
N LYS WD 237 -4.49 27.67 -106.39
CA LYS WD 237 -4.35 29.04 -106.89
C LYS WD 237 -3.79 29.91 -105.78
N ILE WD 238 -2.65 30.54 -106.04
CA ILE WD 238 -1.96 31.40 -105.07
C ILE WD 238 -2.06 32.83 -105.56
N PRO WD 239 -2.51 33.77 -104.72
CA PRO WD 239 -2.63 35.16 -105.18
C PRO WD 239 -1.27 35.81 -105.40
N GLY WD 240 -1.17 36.53 -106.52
CA GLY WD 240 0.05 37.20 -106.89
C GLY WD 240 1.07 36.34 -107.60
N TYR WD 241 0.87 35.03 -107.62
CA TYR WD 241 1.74 34.11 -108.35
C TYR WD 241 1.00 33.36 -109.44
N GLY WD 242 -0.16 32.79 -109.13
CA GLY WD 242 -0.97 32.12 -110.13
C GLY WD 242 -1.12 30.63 -109.92
N MET WD 243 -0.64 29.85 -110.88
CA MET WD 243 -0.72 28.39 -110.85
C MET WD 243 0.66 27.83 -110.59
N VAL WD 244 0.74 26.90 -109.63
CA VAL WD 244 2.00 26.23 -109.31
C VAL WD 244 2.40 25.35 -110.49
N LYS WD 245 3.62 25.55 -110.99
CA LYS WD 245 4.10 24.77 -112.13
C LYS WD 245 4.53 23.38 -111.68
N LEU WD 246 5.40 23.31 -110.67
CA LEU WD 246 5.94 22.05 -110.20
C LEU WD 246 6.42 22.20 -108.76
N ILE WD 247 6.12 21.21 -107.94
CA ILE WD 247 6.68 21.10 -106.59
C ILE WD 247 7.73 20.01 -106.63
N ASP WD 248 8.99 20.39 -106.39
CA ASP WD 248 10.10 19.46 -106.35
C ASP WD 248 10.46 19.19 -104.91
N SER WD 249 10.46 17.91 -104.52
CA SER WD 249 10.97 17.53 -103.21
C SER WD 249 12.47 17.77 -103.13
N LEU WD 250 13.18 17.57 -104.23
CA LEU WD 250 14.61 17.83 -104.26
C LEU WD 250 14.89 19.33 -104.25
N GLN WD 251 15.90 19.71 -103.49
CA GLN WD 251 16.53 21.03 -103.43
C GLN WD 251 15.64 22.15 -102.89
N GLY WD 252 14.38 21.86 -102.53
CA GLY WD 252 13.50 22.86 -101.93
C GLY WD 252 13.13 24.00 -102.85
N ARG WD 253 12.41 23.70 -103.93
CA ARG WD 253 12.08 24.67 -104.95
C ARG WD 253 10.58 24.63 -105.23
N ILE WD 254 9.99 25.81 -105.42
CA ILE WD 254 8.58 25.94 -105.80
C ILE WD 254 8.51 26.68 -107.11
N LEU WD 255 7.83 26.10 -108.10
CA LEU WD 255 7.76 26.65 -109.44
C LEU WD 255 6.35 27.13 -109.75
N THR WD 256 6.24 28.25 -110.46
CA THR WD 256 4.97 28.86 -110.80
C THR WD 256 4.84 28.93 -112.32
N SER WD 257 3.59 28.90 -112.79
CA SER WD 257 3.33 29.01 -114.22
C SER WD 257 3.63 30.41 -114.76
N SER WD 258 3.71 31.41 -113.89
CA SER WD 258 4.05 32.77 -114.28
C SER WD 258 5.55 33.02 -114.27
N GLY WD 259 6.37 31.97 -114.36
CA GLY WD 259 7.81 32.13 -114.35
C GLY WD 259 8.38 32.62 -113.04
N GLN WD 260 7.89 32.12 -111.92
CA GLN WD 260 8.33 32.54 -110.60
C GLN WD 260 8.83 31.35 -109.79
N VAL WD 261 9.89 31.56 -109.02
CA VAL WD 261 10.53 30.51 -108.22
C VAL WD 261 10.56 30.97 -106.77
N ILE WD 262 10.07 30.11 -105.88
CA ILE WD 262 10.14 30.34 -104.44
C ILE WD 262 11.16 29.37 -103.86
N LYS WD 263 12.09 29.90 -103.08
CA LYS WD 263 13.14 29.11 -102.46
C LYS WD 263 13.26 29.55 -101.00
N PHE WD 264 14.32 29.10 -100.35
CA PHE WD 264 14.64 29.54 -99.01
C PHE WD 264 15.35 30.89 -99.04
N SER WD 265 15.61 31.44 -97.86
CA SER WD 265 16.47 32.60 -97.78
C SER WD 265 17.92 32.19 -97.99
N GLN WD 266 18.73 33.16 -98.42
CA GLN WD 266 20.16 32.89 -98.57
C GLN WD 266 20.83 32.75 -97.20
N GLU WD 267 20.48 33.64 -96.26
CA GLU WD 267 21.05 33.57 -94.91
C GLU WD 267 20.34 32.54 -94.05
N ASP WD 268 19.11 32.16 -94.39
CA ASP WD 268 18.38 31.11 -93.67
C ASP WD 268 18.30 29.91 -94.60
N SER WD 269 19.37 29.10 -94.57
CA SER WD 269 19.47 27.89 -95.38
C SER WD 269 20.54 26.96 -94.82
N GLN XD 791 36.28 -15.37 -112.97
CA GLN XD 791 36.26 -14.06 -112.33
C GLN XD 791 35.77 -14.18 -110.89
N GLN XD 792 36.26 -15.22 -110.20
CA GLN XD 792 35.87 -15.50 -108.83
C GLN XD 792 36.39 -14.45 -107.85
N GLU XD 793 37.41 -13.68 -108.25
CA GLU XD 793 37.89 -12.56 -107.45
C GLU XD 793 36.80 -11.53 -107.23
N ILE XD 794 35.96 -11.32 -108.25
CA ILE XD 794 34.84 -10.38 -108.16
C ILE XD 794 33.88 -10.78 -107.05
N GLN XD 795 33.49 -12.06 -107.01
CA GLN XD 795 32.50 -12.46 -106.04
C GLN XD 795 33.08 -12.60 -104.64
N GLN XD 796 34.35 -13.00 -104.49
CA GLN XD 796 34.91 -13.06 -103.14
C GLN XD 796 35.15 -11.67 -102.58
N ARG XD 797 35.61 -10.73 -103.43
CA ARG XD 797 35.75 -9.34 -103.01
C ARG XD 797 34.40 -8.72 -102.68
N THR XD 798 33.39 -9.05 -103.48
CA THR XD 798 32.02 -8.61 -103.23
C THR XD 798 31.51 -9.14 -101.90
N SER XD 799 31.84 -10.40 -101.58
CA SER XD 799 31.39 -11.00 -100.32
C SER XD 799 32.03 -10.30 -99.12
N ASP XD 800 33.34 -10.06 -99.15
CA ASP XD 800 33.97 -9.46 -97.98
C ASP XD 800 33.59 -7.99 -97.83
N MET XD 801 33.53 -7.24 -98.93
CA MET XD 801 33.10 -5.86 -98.83
C MET XD 801 31.60 -5.76 -98.54
N LEU XD 802 30.83 -6.81 -98.85
CA LEU XD 802 29.42 -6.85 -98.47
C LEU XD 802 29.27 -7.03 -96.97
N THR XD 803 30.09 -7.89 -96.36
CA THR XD 803 30.10 -8.02 -94.91
C THR XD 803 30.50 -6.70 -94.24
N ALA XD 804 31.53 -6.05 -94.79
CA ALA XD 804 31.95 -4.75 -94.28
C ALA XD 804 30.85 -3.70 -94.44
N ALA XD 805 30.11 -3.76 -95.55
CA ALA XD 805 29.07 -2.76 -95.79
C ALA XD 805 27.85 -3.01 -94.92
N THR XD 806 27.53 -4.27 -94.64
CA THR XD 806 26.44 -4.56 -93.71
C THR XD 806 26.79 -4.09 -92.31
N GLN XD 807 28.05 -4.27 -91.91
CA GLN XD 807 28.55 -3.70 -90.67
C GLN XD 807 28.44 -2.18 -90.69
N LEU XD 808 28.77 -1.57 -91.83
CA LEU XD 808 28.71 -0.11 -91.98
C LEU XD 808 27.29 0.39 -91.83
N VAL XD 809 26.32 -0.29 -92.43
CA VAL XD 809 24.96 0.24 -92.37
C VAL XD 809 24.31 -0.04 -91.02
N GLN XD 810 24.69 -1.12 -90.33
CA GLN XD 810 24.16 -1.24 -88.97
C GLN XD 810 24.84 -0.26 -88.02
N ASP XD 811 26.09 0.12 -88.32
CA ASP XD 811 26.74 1.17 -87.54
C ASP XD 811 26.11 2.54 -87.81
N TRP XD 812 25.61 2.75 -89.02
CA TRP XD 812 24.94 4.01 -89.32
C TRP XD 812 23.49 4.03 -88.90
N LYS XD 813 22.89 2.87 -88.64
CA LYS XD 813 21.47 2.81 -88.27
C LYS XD 813 21.21 3.44 -86.91
N GLN XD 814 21.96 3.05 -85.90
CA GLN XD 814 21.61 3.39 -84.53
C GLN XD 814 21.99 4.83 -84.21
N VAL XD 815 21.30 5.39 -83.22
CA VAL XD 815 21.51 6.74 -82.73
C VAL XD 815 20.93 6.82 -81.32
N GLU XD 816 21.67 7.40 -80.39
CA GLU XD 816 21.21 7.51 -79.01
C GLU XD 816 20.31 8.74 -78.86
N THR XD 817 20.02 9.10 -77.62
CA THR XD 817 19.13 10.20 -77.30
C THR XD 817 19.85 11.23 -76.46
N GLN XD 818 19.42 12.48 -76.57
CA GLN XD 818 19.97 13.54 -75.75
C GLN XD 818 19.51 13.37 -74.30
N VAL XD 819 20.28 13.96 -73.39
CA VAL XD 819 20.09 13.70 -71.96
C VAL XD 819 19.89 15.01 -71.22
N TYR XD 820 19.22 14.90 -70.07
CA TYR XD 820 18.89 16.00 -69.18
C TYR XD 820 19.76 15.94 -67.95
N THR XD 821 20.08 17.10 -67.37
CA THR XD 821 20.68 17.17 -66.05
C THR XD 821 20.11 18.38 -65.33
N GLU XD 822 19.44 18.12 -64.22
CA GLU XD 822 18.84 19.16 -63.40
C GLU XD 822 19.88 19.75 -62.45
N GLY XD 823 19.45 20.63 -61.55
CA GLY XD 823 20.36 21.28 -60.64
C GLY XD 823 19.65 21.78 -59.41
N THR XD 824 20.45 22.23 -58.45
CA THR XD 824 19.94 22.76 -57.19
C THR XD 824 20.78 23.93 -56.72
N ALA YD 104 81.72 -18.64 -88.18
CA ALA YD 104 81.18 -19.21 -86.95
C ALA YD 104 80.53 -18.14 -86.10
N GLU YD 105 80.42 -16.93 -86.64
CA GLU YD 105 80.01 -15.78 -85.84
C GLU YD 105 78.86 -15.01 -86.48
N VAL YD 106 78.77 -15.04 -87.81
CA VAL YD 106 77.75 -14.27 -88.51
C VAL YD 106 76.36 -14.87 -88.40
N ILE YD 107 76.25 -16.10 -87.89
CA ILE YD 107 74.96 -16.75 -87.70
C ILE YD 107 74.12 -15.98 -86.69
N ASP YD 108 74.75 -15.50 -85.61
CA ASP YD 108 74.04 -14.72 -84.61
C ASP YD 108 73.57 -13.37 -85.16
N LYS YD 109 74.38 -12.76 -86.02
CA LYS YD 109 73.98 -11.49 -86.64
C LYS YD 109 72.81 -11.67 -87.60
N LYS YD 110 72.86 -12.72 -88.42
CA LYS YD 110 71.74 -13.01 -89.33
C LYS YD 110 70.48 -13.36 -88.55
N ALA YD 111 70.63 -14.10 -87.45
CA ALA YD 111 69.49 -14.39 -86.59
C ALA YD 111 68.94 -13.14 -85.94
N PHE YD 112 69.82 -12.18 -85.60
CA PHE YD 112 69.35 -10.93 -85.03
C PHE YD 112 68.58 -10.10 -86.04
N LYS YD 113 69.04 -10.09 -87.30
CA LYS YD 113 68.31 -9.39 -88.36
C LYS YD 113 66.94 -10.02 -88.60
N ASP YD 114 66.91 -11.36 -88.74
CA ASP YD 114 65.64 -12.05 -88.97
C ASP YD 114 64.71 -11.95 -87.78
N MET YD 115 65.26 -11.90 -86.57
CA MET YD 115 64.42 -11.76 -85.38
C MET YD 115 63.89 -10.34 -85.24
N THR YD 116 64.65 -9.34 -85.68
CA THR YD 116 64.14 -7.98 -85.71
C THR YD 116 62.98 -7.86 -86.68
N ARG YD 117 63.13 -8.47 -87.87
CA ARG YD 117 62.03 -8.50 -88.83
C ARG YD 117 60.84 -9.31 -88.31
N ASN YD 118 61.11 -10.35 -87.52
CA ASN YD 118 60.04 -11.15 -86.94
C ASN YD 118 59.27 -10.37 -85.89
N LEU YD 119 59.97 -9.65 -85.03
CA LEU YD 119 59.30 -8.91 -83.96
C LEU YD 119 58.53 -7.72 -84.51
N TYR YD 120 59.14 -6.96 -85.40
CA TYR YD 120 58.46 -5.80 -85.99
C TYR YD 120 58.47 -5.93 -87.50
N PRO YD 121 57.50 -6.64 -88.08
CA PRO YD 121 57.39 -6.68 -89.54
C PRO YD 121 56.93 -5.37 -90.15
N LEU YD 122 56.35 -4.47 -89.36
CA LEU YD 122 55.88 -3.18 -89.85
C LEU YD 122 56.93 -2.10 -89.61
N ASN YD 123 57.23 -1.34 -90.65
CA ASN YD 123 58.13 -0.21 -90.52
C ASN YD 123 57.45 0.92 -89.77
N PRO YD 124 58.21 1.77 -89.08
CA PRO YD 124 57.60 2.93 -88.40
C PRO YD 124 56.87 3.89 -89.34
N GLU YD 125 57.44 4.13 -90.52
CA GLU YD 125 56.77 4.97 -91.50
C GLU YD 125 55.51 4.30 -92.03
N GLN YD 126 55.55 2.98 -92.17
CA GLN YD 126 54.36 2.22 -92.52
C GLN YD 126 53.28 2.36 -91.45
N VAL YD 127 53.69 2.33 -90.18
CA VAL YD 127 52.76 2.51 -89.06
C VAL YD 127 52.14 3.90 -89.10
N VAL YD 128 52.94 4.92 -89.39
CA VAL YD 128 52.45 6.29 -89.46
C VAL YD 128 51.46 6.46 -90.61
N LYS YD 129 51.78 5.90 -91.78
CA LYS YD 129 50.88 6.10 -92.92
C LYS YD 129 49.63 5.24 -92.81
N LEU YD 130 49.70 4.08 -92.14
CA LEU YD 130 48.47 3.33 -91.90
C LEU YD 130 47.62 4.00 -90.82
N LYS YD 131 48.25 4.69 -89.87
CA LYS YD 131 47.49 5.49 -88.92
C LYS YD 131 46.80 6.65 -89.61
N GLN YD 132 47.47 7.24 -90.60
CA GLN YD 132 46.84 8.27 -91.45
C GLN YD 132 45.68 7.68 -92.25
N ILE YD 133 45.84 6.45 -92.74
CA ILE YD 133 44.77 5.74 -93.44
C ILE YD 133 43.57 5.53 -92.53
N TYR YD 134 43.83 5.12 -91.29
CA TYR YD 134 42.76 4.95 -90.30
C TYR YD 134 42.07 6.27 -89.99
N GLU YD 135 42.84 7.35 -89.88
CA GLU YD 135 42.28 8.67 -89.63
C GLU YD 135 41.40 9.12 -90.79
N THR YD 136 41.84 8.86 -92.02
CA THR YD 136 41.04 9.19 -93.20
C THR YD 136 39.79 8.34 -93.27
N SER YD 137 39.88 7.07 -92.86
CA SER YD 137 38.71 6.21 -92.80
C SER YD 137 37.72 6.71 -91.74
N GLU YD 138 38.24 7.21 -90.62
CA GLU YD 138 37.38 7.82 -89.61
C GLU YD 138 36.70 9.07 -90.13
N TYR YD 139 37.42 9.86 -90.94
CA TYR YD 139 36.83 11.05 -91.53
C TYR YD 139 35.75 10.70 -92.53
N ALA YD 140 35.98 9.68 -93.36
CA ALA YD 140 34.97 9.23 -94.31
C ALA YD 140 33.77 8.61 -93.60
N LYS YD 141 34.01 7.96 -92.47
CA LYS YD 141 32.91 7.41 -91.67
C LYS YD 141 32.07 8.52 -91.06
N ALA YD 142 32.71 9.51 -90.45
CA ALA YD 142 32.02 10.59 -89.78
C ALA YD 142 31.52 11.67 -90.73
N ALA YD 143 31.86 11.57 -92.02
CA ALA YD 143 31.36 12.52 -93.00
C ALA YD 143 29.86 12.35 -93.21
N THR YD 144 29.15 13.47 -93.28
CA THR YD 144 27.72 13.48 -93.48
C THR YD 144 27.39 14.01 -94.86
N PRO YD 145 26.78 13.22 -95.74
CA PRO YD 145 26.44 13.71 -97.08
C PRO YD 145 25.33 14.75 -97.03
N GLY YD 146 25.34 15.62 -98.03
CA GLY YD 146 24.37 16.70 -98.11
C GLY YD 146 24.82 17.94 -97.34
N THR YD 147 24.27 19.07 -97.76
CA THR YD 147 24.57 20.33 -97.08
C THR YD 147 23.85 20.37 -95.75
N PRO YD 148 24.54 20.71 -94.66
CA PRO YD 148 23.90 20.75 -93.34
C PRO YD 148 22.95 21.92 -93.23
N PRO YD 149 21.86 21.77 -92.48
CA PRO YD 149 20.93 22.88 -92.27
C PRO YD 149 21.51 23.92 -91.34
N LYS YD 150 20.92 25.11 -91.40
CA LYS YD 150 21.48 26.20 -90.61
C LYS YD 150 20.77 26.28 -89.25
N PRO YD 151 21.53 26.22 -88.16
CA PRO YD 151 20.92 26.41 -86.83
C PRO YD 151 20.47 27.84 -86.60
N THR YD 152 19.17 28.06 -86.56
CA THR YD 152 18.59 29.40 -86.48
C THR YD 152 17.67 29.49 -85.28
N ALA YD 153 17.85 30.54 -84.48
CA ALA YD 153 16.90 30.89 -83.44
C ALA YD 153 15.93 31.92 -84.01
N THR YD 154 14.63 31.64 -83.91
CA THR YD 154 13.63 32.52 -84.48
C THR YD 154 12.50 32.75 -83.48
N SER YD 155 11.83 33.90 -83.64
CA SER YD 155 10.68 34.26 -82.82
C SER YD 155 9.51 34.56 -83.75
N GLN YD 156 8.39 33.86 -83.53
CA GLN YD 156 7.21 34.01 -84.35
C GLN YD 156 5.99 34.19 -83.46
N PHE YD 157 4.99 34.87 -84.00
CA PHE YD 157 3.70 34.99 -83.34
C PHE YD 157 2.82 33.82 -83.75
N VAL YD 158 1.99 33.37 -82.82
CA VAL YD 158 1.10 32.24 -83.05
C VAL YD 158 -0.33 32.77 -83.09
N ASN YD 159 -1.01 32.51 -84.19
CA ASN YD 159 -2.40 32.94 -84.36
C ASN YD 159 -3.34 31.79 -84.10
N LEU YD 160 -4.41 32.07 -83.35
CA LEU YD 160 -5.30 31.03 -82.84
C LEU YD 160 -6.67 31.06 -83.50
N SER YD 161 -6.78 31.65 -84.68
CA SER YD 161 -8.06 31.69 -85.37
C SER YD 161 -8.44 30.31 -85.90
N PRO YD 162 -9.74 30.04 -86.09
CA PRO YD 162 -10.15 28.74 -86.64
C PRO YD 162 -10.07 28.66 -88.16
N GLY YD 163 -9.33 29.57 -88.79
CA GLY YD 163 -9.11 29.50 -90.22
C GLY YD 163 -7.65 29.37 -90.58
N SER YD 164 -6.77 29.66 -89.64
CA SER YD 164 -5.34 29.70 -89.91
C SER YD 164 -4.76 28.29 -89.98
N THR YD 165 -3.50 28.24 -90.36
CA THR YD 165 -2.68 27.05 -90.46
C THR YD 165 -1.98 26.76 -89.13
N PRO YD 166 -1.79 25.50 -88.78
CA PRO YD 166 -1.03 25.17 -87.58
C PRO YD 166 0.44 25.50 -87.76
N PRO YD 167 1.10 25.96 -86.70
CA PRO YD 167 2.53 26.27 -86.80
C PRO YD 167 3.38 25.03 -86.97
N VAL YD 168 4.38 25.16 -87.83
CA VAL YD 168 5.24 24.06 -88.27
C VAL YD 168 6.64 24.31 -87.74
N ILE YD 169 7.20 23.30 -87.05
CA ILE YD 169 8.52 23.41 -86.44
C ILE YD 169 9.50 22.57 -87.24
N ARG YD 170 10.52 23.23 -87.79
CA ARG YD 170 11.57 22.54 -88.52
C ARG YD 170 12.51 21.83 -87.55
N LEU YD 171 12.79 20.56 -87.82
CA LEU YD 171 13.58 19.74 -86.92
C LEU YD 171 14.67 19.01 -87.69
N SER YD 172 15.65 18.50 -86.95
CA SER YD 172 16.73 17.70 -87.50
C SER YD 172 17.03 16.54 -86.57
N GLN YD 173 17.56 15.47 -87.16
CA GLN YD 173 17.85 14.26 -86.39
C GLN YD 173 19.07 14.47 -85.50
N GLY YD 174 18.98 13.98 -84.27
CA GLY YD 174 20.10 13.98 -83.36
C GLY YD 174 20.39 15.30 -82.67
N PHE YD 175 19.57 16.32 -82.87
CA PHE YD 175 19.82 17.62 -82.29
C PHE YD 175 18.55 18.15 -81.62
N VAL YD 176 18.75 18.91 -80.55
CA VAL YD 176 17.68 19.31 -79.65
C VAL YD 176 17.25 20.72 -80.01
N SER YD 177 15.94 20.93 -80.13
CA SER YD 177 15.38 22.24 -80.37
C SER YD 177 14.62 22.69 -79.13
N SER YD 178 14.85 23.93 -78.72
CA SER YD 178 14.23 24.49 -77.51
C SER YD 178 13.04 25.34 -77.89
N LEU YD 179 11.89 25.04 -77.29
CA LEU YD 179 10.66 25.76 -77.56
C LEU YD 179 10.30 26.55 -76.31
N VAL YD 180 10.16 27.87 -76.46
CA VAL YD 180 9.81 28.77 -75.38
C VAL YD 180 8.51 29.49 -75.76
N PHE YD 181 7.54 29.47 -74.86
CA PHE YD 181 6.19 29.96 -75.13
C PHE YD 181 5.92 31.18 -74.28
N LEU YD 182 5.56 32.29 -74.93
CA LEU YD 182 5.25 33.53 -74.26
C LEU YD 182 3.90 34.04 -74.75
N ASP YD 183 3.27 34.86 -73.91
CA ASP YD 183 1.98 35.43 -74.25
C ASP YD 183 2.17 36.68 -75.11
N SER YD 184 1.10 37.44 -75.30
CA SER YD 184 1.21 38.71 -76.01
C SER YD 184 1.98 39.74 -75.20
N THR YD 185 1.99 39.61 -73.88
CA THR YD 185 2.87 40.43 -73.05
C THR YD 185 4.29 39.89 -72.96
N GLY YD 186 4.56 38.73 -73.56
CA GLY YD 186 5.89 38.16 -73.53
C GLY YD 186 6.26 37.48 -72.23
N ALA YD 187 5.33 37.38 -71.29
CA ALA YD 187 5.61 36.75 -70.01
C ALA YD 187 5.75 35.24 -70.19
N PRO YD 188 6.56 34.59 -69.33
CA PRO YD 188 6.65 33.12 -69.40
C PRO YD 188 5.35 32.47 -68.97
N TRP YD 189 4.87 31.53 -69.79
CA TRP YD 189 3.61 30.86 -69.55
C TRP YD 189 3.88 29.37 -69.35
N PRO YD 190 3.95 28.90 -68.11
CA PRO YD 190 4.16 27.47 -67.86
C PRO YD 190 2.97 26.63 -68.31
N ILE YD 191 3.28 25.41 -68.72
CA ILE YD 191 2.30 24.51 -69.31
C ILE YD 191 1.48 23.85 -68.21
N ALA YD 192 0.22 23.57 -68.51
CA ALA YD 192 -0.56 22.70 -67.64
C ALA YD 192 -0.40 21.24 -68.04
N ALA YD 193 -0.53 20.93 -69.33
CA ALA YD 193 -0.44 19.55 -69.79
C ALA YD 193 -0.10 19.52 -71.27
N TYR YD 194 0.27 18.34 -71.75
CA TYR YD 194 0.56 18.16 -73.16
C TYR YD 194 0.29 16.72 -73.56
N ASP YD 195 0.04 16.52 -74.86
CA ASP YD 195 -0.13 15.20 -75.46
C ASP YD 195 0.68 15.13 -76.74
N LEU YD 196 1.48 14.08 -76.86
CA LEU YD 196 2.49 13.95 -77.90
C LEU YD 196 2.16 12.77 -78.82
N GLY YD 197 2.39 12.95 -80.12
CA GLY YD 197 2.39 11.84 -81.04
C GLY YD 197 3.80 11.35 -81.33
N ASP YD 198 3.89 10.08 -81.74
CA ASP YD 198 5.12 9.36 -82.11
C ASP YD 198 6.22 9.41 -81.05
N PRO YD 199 6.11 8.64 -79.95
CA PRO YD 199 7.21 8.60 -78.98
C PRO YD 199 8.53 8.05 -79.53
N SER YD 200 8.50 7.17 -80.53
CA SER YD 200 9.76 6.70 -81.09
C SER YD 200 10.45 7.79 -81.92
N SER YD 201 9.66 8.63 -82.59
CA SER YD 201 10.24 9.65 -83.44
C SER YD 201 10.84 10.80 -82.64
N PHE YD 202 10.24 11.15 -81.50
CA PHE YD 202 10.67 12.33 -80.76
C PHE YD 202 10.71 12.06 -79.27
N ASN YD 203 11.62 12.76 -78.60
CA ASN YD 203 11.72 12.75 -77.16
C ASN YD 203 11.48 14.17 -76.64
N ILE YD 204 10.69 14.28 -75.58
CA ILE YD 204 10.40 15.55 -74.92
C ILE YD 204 11.09 15.54 -73.57
N GLN YD 205 11.98 16.50 -73.38
CA GLN YD 205 12.61 16.73 -72.09
C GLN YD 205 12.08 18.03 -71.52
N TRP YD 206 11.36 17.92 -70.41
CA TRP YD 206 10.65 19.04 -69.82
C TRP YD 206 10.26 18.70 -68.38
N ASP YD 207 10.82 19.42 -67.42
CA ASP YD 207 10.29 19.35 -66.07
C ASP YD 207 8.93 20.03 -66.02
N LYS YD 208 8.06 19.54 -65.14
CA LYS YD 208 6.63 19.86 -65.17
C LYS YD 208 6.31 21.31 -64.83
N THR YD 209 7.26 22.08 -64.32
CA THR YD 209 7.01 23.47 -63.94
C THR YD 209 7.49 24.47 -64.99
N SER YD 210 8.56 24.16 -65.71
CA SER YD 210 9.12 25.09 -66.66
C SER YD 210 8.23 25.23 -67.90
N ASN YD 211 8.43 26.32 -68.62
CA ASN YD 211 7.71 26.58 -69.86
C ASN YD 211 8.54 26.31 -71.10
N THR YD 212 9.71 25.68 -70.95
CA THR YD 212 10.62 25.43 -72.05
C THR YD 212 10.67 23.95 -72.34
N LEU YD 213 10.33 23.57 -73.57
CA LEU YD 213 10.40 22.19 -74.01
C LEU YD 213 11.72 21.95 -74.73
N MET YD 214 12.28 20.75 -74.56
CA MET YD 214 13.38 20.29 -75.38
C MET YD 214 12.89 19.15 -76.24
N ILE YD 215 12.98 19.32 -77.56
CA ILE YD 215 12.45 18.35 -78.50
C ILE YD 215 13.63 17.74 -79.24
N GLN YD 216 13.76 16.41 -79.17
CA GLN YD 216 14.82 15.70 -79.84
C GLN YD 216 14.22 14.77 -80.88
N ALA YD 217 14.75 14.82 -82.09
CA ALA YD 217 14.26 14.00 -83.20
C ALA YD 217 15.21 12.83 -83.41
N THR YD 218 14.65 11.61 -83.38
CA THR YD 218 15.40 10.39 -83.60
C THR YD 218 15.36 9.95 -85.05
N LYS YD 219 14.36 10.39 -85.81
CA LYS YD 219 14.19 10.00 -87.20
C LYS YD 219 14.49 11.19 -88.09
N LEU YD 220 14.29 11.01 -89.40
CA LEU YD 220 14.72 11.99 -90.39
C LEU YD 220 13.55 12.62 -91.14
N TYR YD 221 12.60 11.83 -91.62
CA TYR YD 221 11.50 12.31 -92.45
C TYR YD 221 10.17 11.76 -91.95
N ASN YD 222 9.96 11.87 -90.64
CA ASN YD 222 8.74 11.37 -90.01
C ASN YD 222 8.23 12.43 -89.06
N TYR YD 223 7.12 13.08 -89.44
CA TYR YD 223 6.59 14.22 -88.72
C TYR YD 223 5.79 13.79 -87.50
N GLY YD 224 5.26 14.78 -86.77
CA GLY YD 224 4.46 14.52 -85.59
C GLY YD 224 3.67 15.74 -85.18
N ASN YD 225 2.83 15.54 -84.16
CA ASN YD 225 2.00 16.62 -83.66
C ASN YD 225 2.02 16.62 -82.14
N LEU YD 226 1.73 17.79 -81.57
CA LEU YD 226 1.74 17.95 -80.12
C LEU YD 226 0.68 18.95 -79.72
N ALA YD 227 -0.17 18.56 -78.78
CA ALA YD 227 -1.18 19.45 -78.21
C ALA YD 227 -0.72 19.92 -76.84
N VAL YD 228 -0.94 21.21 -76.56
CA VAL YD 228 -0.44 21.86 -75.37
C VAL YD 228 -1.60 22.61 -74.72
N ARG YD 229 -1.86 22.34 -73.46
CA ARG YD 229 -2.79 23.11 -72.65
C ARG YD 229 -1.98 23.92 -71.65
N LEU YD 230 -2.10 25.24 -71.73
CA LEU YD 230 -1.41 26.14 -70.82
C LEU YD 230 -2.21 26.29 -69.53
N ARG YD 231 -1.69 27.11 -68.62
CA ARG YD 231 -2.37 27.31 -67.35
C ARG YD 231 -3.60 28.20 -67.53
N GLY YD 232 -3.40 29.44 -67.99
CA GLY YD 232 -4.51 30.36 -68.14
C GLY YD 232 -5.36 30.09 -69.36
N LEU YD 233 -4.88 29.26 -70.28
CA LEU YD 233 -5.64 28.95 -71.48
C LEU YD 233 -6.80 28.01 -71.17
N ASN YD 234 -7.82 28.06 -72.02
CA ASN YD 234 -8.85 27.03 -72.08
C ASN YD 234 -8.77 26.24 -73.37
N THR YD 235 -8.63 26.91 -74.49
CA THR YD 235 -8.48 26.22 -75.76
C THR YD 235 -7.07 25.67 -75.88
N PRO YD 236 -6.90 24.37 -76.11
CA PRO YD 236 -5.56 23.83 -76.34
C PRO YD 236 -5.00 24.29 -77.67
N VAL YD 237 -3.68 24.37 -77.74
CA VAL YD 237 -2.96 24.79 -78.93
C VAL YD 237 -2.15 23.61 -79.44
N MET YD 238 -2.38 23.22 -80.68
CA MET YD 238 -1.65 22.11 -81.25
C MET YD 238 -0.70 22.60 -82.33
N LEU YD 239 0.46 21.97 -82.39
CA LEU YD 239 1.55 22.33 -83.29
C LEU YD 239 1.98 21.09 -84.04
N THR YD 240 2.52 21.29 -85.25
CA THR YD 240 3.03 20.17 -86.02
C THR YD 240 4.53 20.37 -86.24
N LEU YD 241 5.27 19.27 -86.19
CA LEU YD 241 6.72 19.28 -86.22
C LEU YD 241 7.20 18.35 -87.31
N ILE YD 242 8.05 18.86 -88.20
CA ILE YD 242 8.53 18.12 -89.36
C ILE YD 242 10.06 18.08 -89.29
N PRO YD 243 10.68 16.91 -89.32
CA PRO YD 243 12.14 16.83 -89.37
C PRO YD 243 12.64 16.82 -90.81
N GLY YD 244 13.95 17.01 -90.95
CA GLY YD 244 14.58 16.94 -92.24
C GLY YD 244 14.30 18.14 -93.13
N GLN YD 245 14.80 19.31 -92.73
CA GLN YD 245 14.65 20.53 -93.51
C GLN YD 245 16.02 21.15 -93.76
N LYS YD 246 16.04 22.15 -94.65
CA LYS YD 246 17.28 22.83 -95.00
C LYS YD 246 17.69 23.88 -93.99
N ALA YD 247 16.88 24.11 -92.95
CA ALA YD 247 17.26 25.01 -91.88
C ALA YD 247 16.64 24.48 -90.59
N VAL YD 248 17.47 24.23 -89.60
CA VAL YD 248 17.00 23.70 -88.33
C VAL YD 248 16.70 24.86 -87.39
N ASP YD 249 15.48 24.89 -86.85
CA ASP YD 249 15.10 25.91 -85.89
C ASP YD 249 15.75 25.61 -84.55
N TYR YD 250 16.77 26.38 -84.20
CA TYR YD 250 17.54 26.10 -82.99
C TYR YD 250 16.73 26.42 -81.74
N ARG YD 251 16.05 27.57 -81.72
CA ARG YD 251 15.18 27.92 -80.62
C ARG YD 251 13.96 28.66 -81.17
N VAL YD 252 12.78 28.12 -80.92
CA VAL YD 252 11.55 28.74 -81.38
C VAL YD 252 10.91 29.46 -80.21
N ASP YD 253 10.78 30.78 -80.34
CA ASP YD 253 10.06 31.62 -79.41
C ASP YD 253 8.67 31.86 -80.00
N LEU YD 254 7.63 31.60 -79.21
CA LEU YD 254 6.26 31.60 -79.73
C LEU YD 254 5.41 32.55 -78.92
N ARG YD 255 4.99 33.65 -79.55
CA ARG YD 255 4.12 34.63 -78.92
C ARG YD 255 2.67 34.33 -79.25
N VAL YD 256 1.82 34.31 -78.22
CA VAL YD 256 0.44 33.89 -78.38
C VAL YD 256 -0.50 35.09 -78.26
N GLN YD 257 -1.72 34.92 -78.77
CA GLN YD 257 -2.72 35.97 -78.74
C GLN YD 257 -3.20 36.27 -77.32
N GLY YD 258 -3.33 35.24 -76.50
CA GLY YD 258 -3.79 35.40 -75.14
C GLY YD 258 -2.73 35.97 -74.23
N TYR YD 259 -3.09 36.13 -72.96
CA TYR YD 259 -2.22 36.71 -71.96
C TYR YD 259 -2.07 35.74 -70.79
N GLY YD 260 -0.84 35.57 -70.33
CA GLY YD 260 -0.54 34.61 -69.30
C GLY YD 260 -0.74 35.17 -67.91
N PRO YD 261 -0.17 34.50 -66.89
CA PRO YD 261 -0.36 34.95 -65.51
C PRO YD 261 0.42 36.21 -65.16
N ASN YD 262 1.38 36.61 -65.98
CA ASN YD 262 2.20 37.77 -65.72
C ASN YD 262 2.14 38.73 -66.91
N ALA YD 263 2.71 39.91 -66.71
CA ALA YD 263 2.73 40.93 -67.75
C ALA YD 263 3.95 41.83 -67.62
N ASP YD 278 18.23 49.63 -72.16
CA ASP YD 278 17.73 49.82 -73.51
C ASP YD 278 18.84 49.74 -74.56
N LEU YD 279 18.63 50.44 -75.68
CA LEU YD 279 19.63 50.47 -76.75
C LEU YD 279 20.90 51.16 -76.28
N LEU YD 280 20.78 52.21 -75.48
CA LEU YD 280 21.96 52.85 -74.92
C LEU YD 280 22.68 51.94 -73.94
N LEU YD 281 21.93 51.12 -73.20
CA LEU YD 281 22.56 50.13 -72.34
C LEU YD 281 23.28 49.06 -73.14
N HIS YD 282 22.76 48.68 -74.30
CA HIS YD 282 23.47 47.75 -75.16
C HIS YD 282 24.71 48.38 -75.79
N VAL YD 283 24.65 49.70 -76.06
CA VAL YD 283 25.83 50.43 -76.51
C VAL YD 283 26.91 50.42 -75.43
N LEU YD 284 26.50 50.66 -74.18
CA LEU YD 284 27.44 50.62 -73.05
C LEU YD 284 27.99 49.22 -72.82
N GLU YD 285 27.18 48.19 -73.09
CA GLU YD 285 27.69 46.82 -73.11
C GLU YD 285 28.73 46.64 -74.21
N GLY YD 286 28.48 47.22 -75.38
CA GLY YD 286 29.41 47.13 -76.48
C GLY YD 286 28.71 46.74 -77.76
N VAL YD 287 27.46 46.32 -77.64
CA VAL YD 287 26.65 45.95 -78.79
C VAL YD 287 26.23 47.22 -79.54
N PRO YD 288 26.53 47.31 -80.84
CA PRO YD 288 26.03 48.46 -81.60
C PRO YD 288 24.51 48.40 -81.74
N PRO YD 289 23.84 49.55 -81.79
CA PRO YD 289 22.39 49.53 -81.92
C PRO YD 289 21.98 49.15 -83.33
N PRO YD 290 20.82 48.52 -83.51
CA PRO YD 290 20.40 48.11 -84.85
C PRO YD 290 20.01 49.30 -85.71
N GLY YD 291 20.11 49.09 -87.02
CA GLY YD 291 19.82 50.15 -87.96
C GLY YD 291 20.83 51.27 -87.97
N SER YD 292 22.07 50.98 -87.62
CA SER YD 292 23.12 51.98 -87.53
C SER YD 292 24.12 51.81 -88.66
N ARG YD 293 24.89 52.87 -88.89
CA ARG YD 293 25.94 52.87 -89.88
C ARG YD 293 27.25 53.30 -89.22
N ARG YD 294 28.36 52.88 -89.83
CA ARG YD 294 29.66 53.29 -89.32
C ARG YD 294 29.92 54.76 -89.62
N LEU YD 295 30.39 55.47 -88.61
CA LEU YD 295 30.72 56.89 -88.74
C LEU YD 295 32.22 57.05 -88.60
N VAL YD 296 32.85 57.65 -89.60
CA VAL YD 296 34.30 57.67 -89.69
C VAL YD 296 34.85 58.77 -88.80
N VAL YD 297 35.72 58.40 -87.86
CA VAL YD 297 36.46 59.33 -87.02
C VAL YD 297 37.90 58.86 -86.97
N SER YD 298 38.84 59.73 -87.33
CA SER YD 298 40.26 59.40 -87.35
C SER YD 298 41.05 60.40 -86.52
N GLY YD 299 41.99 59.89 -85.73
CA GLY YD 299 42.78 60.74 -84.86
C GLY YD 299 42.68 60.32 -83.40
N GLY YD 300 41.98 59.22 -83.15
CA GLY YD 300 41.82 58.73 -81.79
C GLY YD 300 41.09 57.41 -81.81
N ASP YD 301 41.01 56.80 -80.63
CA ASP YD 301 40.38 55.48 -80.47
C ASP YD 301 39.02 55.68 -79.82
N ALA YD 302 38.00 55.89 -80.65
CA ALA YD 302 36.62 56.00 -80.21
C ALA YD 302 35.72 55.51 -81.33
N ARG YD 303 34.66 54.80 -80.98
CA ARG YD 303 33.78 54.19 -81.96
C ARG YD 303 32.48 54.97 -82.04
N ALA YD 304 31.98 55.17 -83.26
CA ALA YD 304 30.82 56.02 -83.49
C ALA YD 304 29.79 55.30 -84.33
N TRP YD 305 28.52 55.66 -84.13
CA TRP YD 305 27.41 55.09 -84.86
C TRP YD 305 26.37 56.16 -85.14
N LEU YD 306 25.77 56.06 -86.33
CA LEU YD 306 24.65 56.91 -86.76
C LEU YD 306 23.49 55.99 -87.11
N SER YD 307 22.43 56.04 -86.29
CA SER YD 307 21.29 55.15 -86.48
C SER YD 307 20.01 55.91 -86.82
N ASN YD 308 19.61 56.87 -85.99
CA ASN YD 308 18.33 57.56 -86.11
C ASN YD 308 18.53 59.07 -85.98
N GLU YD 309 19.49 59.59 -86.73
CA GLU YD 309 19.87 61.01 -86.76
C GLU YD 309 20.30 61.53 -85.39
N LYS YD 310 20.94 60.67 -84.61
CA LYS YD 310 21.56 61.02 -83.34
C LYS YD 310 22.83 60.21 -83.21
N MET YD 311 23.95 60.87 -82.95
CA MET YD 311 25.22 60.17 -82.92
C MET YD 311 25.44 59.51 -81.56
N TYR YD 312 25.93 58.28 -81.60
CA TYR YD 312 26.28 57.50 -80.42
C TYR YD 312 27.78 57.20 -80.47
N VAL YD 313 28.44 57.33 -79.33
CA VAL YD 313 29.90 57.15 -79.28
C VAL YD 313 30.26 56.33 -78.05
N ARG YD 314 31.22 55.41 -78.24
CA ARG YD 314 31.79 54.61 -77.17
C ARG YD 314 33.28 54.89 -77.09
N THR YD 315 33.75 55.25 -75.90
CA THR YD 315 35.14 55.61 -75.70
C THR YD 315 35.48 55.43 -74.22
N ASN YD 316 36.60 55.99 -73.79
CA ASN YD 316 36.95 56.08 -72.38
C ASN YD 316 37.41 57.47 -71.97
N LEU YD 317 37.15 58.47 -72.80
CA LEU YD 317 37.61 59.84 -72.59
C LEU YD 317 36.41 60.76 -72.37
N THR YD 318 36.69 62.03 -72.09
CA THR YD 318 35.62 62.98 -71.77
C THR YD 318 35.37 63.88 -72.98
N ILE YD 319 34.26 64.62 -72.91
CA ILE YD 319 33.86 65.53 -73.98
C ILE YD 319 33.59 66.91 -73.37
N LEU YD 320 34.00 67.96 -74.09
CA LEU YD 320 33.94 69.31 -73.55
C LEU YD 320 32.99 70.22 -74.30
N SER YD 321 33.18 70.44 -75.60
CA SER YD 321 32.37 71.47 -76.27
C SER YD 321 30.97 71.08 -76.73
N PRO YD 322 30.71 69.94 -77.42
CA PRO YD 322 29.37 69.79 -78.01
C PRO YD 322 28.29 69.43 -77.00
N GLY YD 323 28.62 68.64 -75.99
CA GLY YD 323 27.67 68.28 -74.96
C GLY YD 323 26.78 67.12 -75.38
N TRP YD 324 26.65 66.13 -74.49
CA TRP YD 324 25.84 64.97 -74.78
C TRP YD 324 24.37 65.29 -74.58
N LEU YD 325 23.52 64.40 -75.11
CA LEU YD 325 22.13 64.33 -74.69
C LEU YD 325 21.90 63.28 -73.62
N ALA YD 326 22.70 62.21 -73.64
CA ALA YD 326 22.76 61.26 -72.54
C ALA YD 326 24.20 60.76 -72.42
N SER YD 327 24.57 60.35 -71.21
CA SER YD 327 25.96 60.01 -70.94
C SER YD 327 26.00 58.95 -69.85
N MET YD 328 26.23 57.70 -70.23
CA MET YD 328 26.32 56.61 -69.27
C MET YD 328 27.74 56.05 -69.27
N THR YD 329 28.07 55.30 -68.23
CA THR YD 329 29.38 54.68 -68.16
C THR YD 329 29.29 53.40 -67.35
N SER YD 330 30.29 52.53 -67.56
CA SER YD 330 30.41 51.30 -66.81
C SER YD 330 31.30 51.53 -65.59
N ALA YD 331 31.54 50.48 -64.82
CA ALA YD 331 32.33 50.61 -63.61
C ALA YD 331 33.83 50.71 -63.92
N ASP YD 332 34.30 50.03 -64.96
CA ASP YD 332 35.73 49.98 -65.23
C ASP YD 332 36.26 51.22 -65.94
N GLY YD 333 35.40 52.04 -66.53
CA GLY YD 333 35.86 53.28 -67.13
C GLY YD 333 35.57 53.41 -68.61
N THR YD 334 34.54 52.73 -69.10
CA THR YD 334 34.11 52.87 -70.49
C THR YD 334 32.83 53.70 -70.53
N HIS YD 335 32.84 54.77 -71.32
CA HIS YD 335 31.73 55.69 -71.43
C HIS YD 335 31.03 55.53 -72.76
N ALA YD 336 29.70 55.69 -72.73
CA ALA YD 336 28.86 55.73 -73.91
C ALA YD 336 28.07 57.04 -73.87
N TYR YD 337 28.31 57.90 -74.85
CA TYR YD 337 27.63 59.17 -74.96
C TYR YD 337 26.71 59.17 -76.17
N GLU YD 338 25.68 60.01 -76.11
CA GLU YD 338 24.73 60.18 -77.20
C GLU YD 338 24.34 61.64 -77.29
N MET YD 339 24.40 62.20 -78.50
CA MET YD 339 23.99 63.59 -78.71
C MET YD 339 23.52 63.76 -80.14
N GLN YD 340 23.25 65.00 -80.52
CA GLN YD 340 22.93 65.32 -81.90
C GLN YD 340 24.21 65.38 -82.73
N LYS YD 341 24.04 65.25 -84.03
CA LYS YD 341 25.17 65.08 -84.94
C LYS YD 341 25.91 66.41 -85.13
N SER YD 342 27.17 66.45 -84.71
CA SER YD 342 28.04 67.60 -84.93
C SER YD 342 29.30 67.07 -85.60
N PRO YD 343 29.83 67.81 -86.59
CA PRO YD 343 31.00 67.30 -87.32
C PRO YD 343 32.30 67.36 -86.52
N VAL YD 344 32.33 68.12 -85.44
CA VAL YD 344 33.55 68.35 -84.67
C VAL YD 344 33.32 67.93 -83.22
N LEU YD 345 34.34 67.32 -82.62
CA LEU YD 345 34.28 66.85 -81.25
C LEU YD 345 35.48 67.37 -80.47
N LEU YD 346 35.23 67.79 -79.23
CA LEU YD 346 36.28 68.27 -78.35
C LEU YD 346 36.48 67.22 -77.25
N VAL YD 347 37.57 66.45 -77.35
CA VAL YD 347 37.79 65.28 -76.52
C VAL YD 347 38.89 65.60 -75.52
N SER YD 348 38.62 65.32 -74.25
CA SER YD 348 39.56 65.55 -73.17
C SER YD 348 40.11 64.23 -72.65
N TRP YD 349 41.41 64.22 -72.38
CA TRP YD 349 42.12 63.04 -71.89
C TRP YD 349 43.35 63.50 -71.15
N HIS YD 350 43.54 62.95 -69.94
CA HIS YD 350 44.72 63.16 -69.08
C HIS YD 350 44.96 64.64 -68.79
N GLY YD 351 43.88 65.40 -68.65
CA GLY YD 351 43.97 66.81 -68.39
C GLY YD 351 44.13 67.69 -69.60
N LYS YD 352 44.42 67.13 -70.77
CA LYS YD 352 44.62 67.95 -71.96
C LYS YD 352 43.48 67.71 -72.95
N VAL YD 353 43.42 68.59 -73.94
CA VAL YD 353 42.30 68.69 -74.86
C VAL YD 353 42.80 68.46 -76.28
N MET YD 354 42.10 67.64 -77.05
CA MET YD 354 42.34 67.47 -78.47
C MET YD 354 41.02 67.58 -79.22
N GLN YD 355 41.13 67.64 -80.55
CA GLN YD 355 39.99 67.83 -81.43
C GLN YD 355 39.89 66.63 -82.37
N LEU YD 356 38.66 66.19 -82.61
CA LEU YD 356 38.39 65.08 -83.52
C LEU YD 356 37.41 65.53 -84.60
N LYS YD 357 37.70 65.15 -85.83
CA LYS YD 357 36.84 65.46 -86.97
C LYS YD 357 36.13 64.18 -87.40
N VAL YD 358 34.83 64.11 -87.15
CA VAL YD 358 34.03 62.96 -87.51
C VAL YD 358 33.43 63.21 -88.90
N GLU YD 359 33.09 62.13 -89.58
CA GLU YD 359 32.55 62.22 -90.93
C GLU YD 359 31.75 60.95 -91.20
N GLY YD 360 30.89 61.03 -92.21
CA GLY YD 360 30.02 59.92 -92.57
C GLY YD 360 30.76 58.75 -93.17
N UNK ZD 1 50.95 18.16 -103.98
CA UNK ZD 1 49.71 17.62 -103.43
C UNK ZD 1 48.60 17.68 -104.46
N UNK ZD 2 47.36 17.79 -103.98
CA UNK ZD 2 46.19 17.85 -104.85
C UNK ZD 2 45.88 19.31 -105.16
N UNK ZD 3 45.97 19.67 -106.44
CA UNK ZD 3 45.69 21.03 -106.88
C UNK ZD 3 44.19 21.23 -107.08
N UNK ZD 4 43.76 22.48 -106.96
CA UNK ZD 4 42.34 22.80 -107.02
C UNK ZD 4 41.78 22.77 -108.44
N UNK ZD 5 42.65 22.76 -109.46
CA UNK ZD 5 42.18 22.70 -110.84
C UNK ZD 5 41.51 21.39 -111.15
N UNK ZD 6 42.01 20.29 -110.58
CA UNK ZD 6 41.37 18.99 -110.75
C UNK ZD 6 39.99 18.96 -110.10
N UNK ZD 7 39.85 19.59 -108.93
CA UNK ZD 7 38.56 19.65 -108.26
C UNK ZD 7 37.58 20.54 -109.04
N UNK ZD 8 38.09 21.62 -109.64
CA UNK ZD 8 37.25 22.47 -110.48
C UNK ZD 8 36.77 21.72 -111.73
N UNK ZD 9 37.66 20.94 -112.34
CA UNK ZD 9 37.29 20.13 -113.49
C UNK ZD 9 36.31 19.02 -113.12
N UNK ZD 10 36.48 18.45 -111.93
CA UNK ZD 10 35.55 17.43 -111.45
C UNK ZD 10 34.17 18.01 -111.18
N UNK ZD 11 34.12 19.22 -110.60
CA UNK ZD 11 32.85 19.91 -110.39
C UNK ZD 11 32.18 20.25 -111.72
N UNK ZD 12 32.98 20.68 -112.70
CA UNK ZD 12 32.45 20.98 -114.03
C UNK ZD 12 31.91 19.73 -114.72
N UNK ZD 13 32.61 18.60 -114.58
CA UNK ZD 13 32.16 17.35 -115.20
C UNK ZD 13 30.90 16.81 -114.52
N UNK ZD 14 30.83 16.89 -113.18
CA UNK ZD 14 29.64 16.41 -112.48
C UNK ZD 14 28.45 17.33 -112.74
N UNK ZD 15 28.68 18.63 -112.92
CA UNK ZD 15 27.59 19.52 -113.24
C UNK ZD 15 27.10 19.32 -114.67
N UNK ZD 16 27.99 19.45 -115.65
CA UNK ZD 16 27.62 19.22 -117.05
C UNK ZD 16 27.94 17.78 -117.47
N UNK ZD 17 27.50 16.83 -116.64
CA UNK ZD 17 27.43 15.45 -117.10
C UNK ZD 17 26.34 15.28 -118.15
N UNK ZD 18 25.22 15.99 -117.95
CA UNK ZD 18 24.11 16.10 -118.91
C UNK ZD 18 23.48 14.76 -119.25
N UNK ZD 19 23.31 13.89 -118.26
CA UNK ZD 19 22.65 12.59 -118.49
C UNK ZD 19 21.77 12.30 -117.27
N UNK ZD 20 20.51 12.71 -117.36
CA UNK ZD 20 19.55 12.51 -116.28
C UNK ZD 20 18.32 11.80 -116.83
N UNK ZD 21 17.94 10.69 -116.20
CA UNK ZD 21 16.81 9.89 -116.63
C UNK ZD 21 15.72 9.91 -115.57
N UNK ZD 22 14.48 10.10 -116.01
CA UNK ZD 22 13.34 10.21 -115.12
C UNK ZD 22 12.23 9.27 -115.58
N UNK ZD 23 11.43 8.82 -114.61
CA UNK ZD 23 10.32 7.93 -114.89
C UNK ZD 23 9.26 8.12 -113.81
N UNK ZD 24 8.12 8.69 -114.19
CA UNK ZD 24 7.03 8.92 -113.26
C UNK ZD 24 6.05 7.75 -113.28
N UNK ZD 25 5.21 7.68 -112.25
CA UNK ZD 25 4.25 6.61 -112.11
C UNK ZD 25 2.83 7.18 -112.15
N UNK ZD 26 1.96 6.50 -112.89
CA UNK ZD 26 0.57 6.90 -112.99
C UNK ZD 26 -0.24 6.30 -111.83
N UNK ZD 27 -1.56 6.32 -111.96
CA UNK ZD 27 -2.42 5.82 -110.90
C UNK ZD 27 -2.33 4.31 -110.73
N UNK ZD 28 -2.25 3.58 -111.85
CA UNK ZD 28 -2.06 2.13 -111.83
C UNK ZD 28 -0.61 1.74 -112.07
N UNK ZD 29 0.33 2.58 -111.60
CA UNK ZD 29 1.78 2.41 -111.72
C UNK ZD 29 2.23 2.28 -113.17
N UNK ZD 30 1.55 2.97 -114.08
CA UNK ZD 30 1.99 3.02 -115.47
C UNK ZD 30 3.20 3.92 -115.58
N UNK ZD 31 4.24 3.43 -116.24
CA UNK ZD 31 5.49 4.17 -116.34
C UNK ZD 31 5.38 5.24 -117.41
N UNK ZD 32 5.59 6.49 -117.03
CA UNK ZD 32 5.68 7.61 -117.95
C UNK ZD 32 7.16 7.98 -118.01
N UNK ZD 33 7.82 7.59 -119.09
CA UNK ZD 33 9.25 7.81 -119.27
C UNK ZD 33 9.47 8.93 -120.28
N UNK ZD 34 10.11 10.00 -119.83
CA UNK ZD 34 10.42 11.13 -120.69
C UNK ZD 34 11.85 11.02 -121.21
N UNK ZD 35 12.20 11.93 -122.12
CA UNK ZD 35 13.54 11.96 -122.67
C UNK ZD 35 14.54 12.50 -121.64
N UNK ZD 36 15.81 12.29 -121.93
CA UNK ZD 36 16.89 12.69 -121.02
C UNK ZD 36 17.09 14.19 -121.12
N UNK ZD 37 16.74 14.92 -120.05
CA UNK ZD 37 16.94 16.34 -119.96
C UNK ZD 37 17.64 16.68 -118.65
N UNK ZD 38 18.39 17.79 -118.67
CA UNK ZD 38 19.12 18.33 -117.52
C UNK ZD 38 20.09 17.34 -116.87
N UNK ZD 39 1.99 11.26 -105.84
CA UNK ZD 39 1.78 9.98 -106.50
C UNK ZD 39 1.99 10.10 -108.01
N UNK ZD 40 1.94 11.33 -108.51
CA UNK ZD 40 2.08 11.56 -109.95
C UNK ZD 40 3.52 11.40 -110.42
N UNK ZD 41 4.48 11.94 -109.66
CA UNK ZD 41 5.88 11.88 -110.03
C UNK ZD 41 6.69 11.35 -108.86
N UNK ZD 42 7.56 10.38 -109.13
CA UNK ZD 42 8.40 9.82 -108.08
C UNK ZD 42 9.49 10.82 -107.71
N UNK ZD 43 9.71 10.97 -106.39
CA UNK ZD 43 10.82 11.79 -105.92
C UNK ZD 43 12.16 11.19 -106.31
N UNK ZD 44 12.23 9.86 -106.43
CA UNK ZD 44 13.37 9.18 -107.02
C UNK ZD 44 13.20 8.95 -108.51
N UNK ZD 45 12.38 9.76 -109.18
CA UNK ZD 45 12.19 9.61 -110.62
C UNK ZD 45 13.45 10.03 -111.37
N UNK ZD 46 13.83 11.30 -111.25
CA UNK ZD 46 15.00 11.81 -111.95
C UNK ZD 46 16.28 11.26 -111.32
N UNK ZD 47 17.25 10.94 -112.17
CA UNK ZD 47 18.54 10.43 -111.70
C UNK ZD 47 19.62 10.88 -112.66
N UNK ZD 48 20.44 11.84 -112.24
CA UNK ZD 48 21.50 12.36 -113.09
C UNK ZD 48 22.69 11.41 -113.14
N ARG AE 207 -80.97 -42.39 -69.41
CA ARG AE 207 -80.82 -43.05 -68.13
C ARG AE 207 -79.49 -42.68 -67.46
N ILE AE 208 -79.11 -43.43 -66.42
CA ILE AE 208 -77.91 -43.11 -65.65
C ILE AE 208 -76.68 -43.51 -66.45
N ILE AE 209 -75.76 -42.56 -66.62
CA ILE AE 209 -74.62 -42.70 -67.52
C ILE AE 209 -73.34 -42.80 -66.69
N TYR AE 210 -72.57 -43.85 -66.94
CA TYR AE 210 -71.27 -44.04 -66.31
C TYR AE 210 -70.17 -43.71 -67.30
N TYR AE 211 -69.17 -42.96 -66.83
CA TYR AE 211 -68.02 -42.59 -67.61
C TYR AE 211 -66.75 -43.11 -66.94
N ILE AE 212 -65.73 -43.32 -67.76
CA ILE AE 212 -64.47 -43.87 -67.28
C ILE AE 212 -63.64 -42.75 -66.67
N GLN AE 213 -63.18 -42.95 -65.44
CA GLN AE 213 -62.22 -42.05 -64.83
C GLN AE 213 -60.80 -42.59 -64.94
N ALA AE 214 -60.61 -43.87 -64.63
CA ALA AE 214 -59.31 -44.52 -64.75
C ALA AE 214 -59.49 -45.87 -65.42
N VAL AE 215 -58.68 -46.14 -66.44
CA VAL AE 215 -58.73 -47.38 -67.18
C VAL AE 215 -57.32 -47.99 -67.20
N ILE AE 216 -57.21 -49.22 -66.72
CA ILE AE 216 -55.99 -50.01 -66.85
C ILE AE 216 -56.43 -51.35 -67.43
N PRO AE 217 -55.51 -52.20 -67.88
CA PRO AE 217 -55.88 -53.61 -68.06
C PRO AE 217 -56.30 -54.22 -66.73
N GLY AE 218 -57.34 -55.05 -66.78
CA GLY AE 218 -57.85 -55.68 -65.59
C GLY AE 218 -58.91 -54.88 -64.85
N ARG AE 219 -58.50 -53.83 -64.16
CA ARG AE 219 -59.42 -53.03 -63.38
C ARG AE 219 -59.94 -51.85 -64.19
N ALA AE 220 -61.07 -51.31 -63.75
CA ALA AE 220 -61.67 -50.16 -64.42
C ALA AE 220 -62.40 -49.32 -63.39
N TRP AE 221 -62.29 -48.00 -63.54
CA TRP AE 221 -62.91 -47.05 -62.63
C TRP AE 221 -63.99 -46.28 -63.37
N LEU AE 222 -65.23 -46.38 -62.89
CA LEU AE 222 -66.39 -45.82 -63.54
C LEU AE 222 -67.17 -44.98 -62.56
N ILE AE 223 -67.63 -43.82 -63.02
CA ILE AE 223 -68.40 -42.89 -62.20
C ILE AE 223 -69.73 -42.63 -62.89
N GLY AE 224 -70.82 -42.78 -62.15
CA GLY AE 224 -72.16 -42.61 -62.70
C GLY AE 224 -72.60 -41.16 -62.76
N SER AE 225 -73.87 -40.99 -63.12
CA SER AE 225 -74.48 -39.67 -63.13
C SER AE 225 -74.64 -39.10 -61.73
N ASN AE 226 -74.77 -39.96 -60.72
CA ASN AE 226 -74.85 -39.51 -59.34
C ASN AE 226 -73.49 -39.25 -58.72
N GLY AE 227 -72.41 -39.43 -59.48
CA GLY AE 227 -71.07 -39.21 -58.96
C GLY AE 227 -70.46 -40.40 -58.26
N SER AE 228 -71.18 -41.51 -58.14
CA SER AE 228 -70.65 -42.69 -57.50
C SER AE 228 -69.60 -43.34 -58.39
N THR AE 229 -68.42 -43.57 -57.84
CA THR AE 229 -67.29 -44.11 -58.58
C THR AE 229 -66.86 -45.43 -57.96
N LEU AE 230 -66.54 -46.40 -58.81
CA LEU AE 230 -66.19 -47.73 -58.34
C LEU AE 230 -65.22 -48.37 -59.32
N THR AE 231 -64.51 -49.39 -58.84
CA THR AE 231 -63.62 -50.19 -59.67
C THR AE 231 -64.20 -51.58 -59.84
N VAL AE 232 -64.04 -52.13 -61.05
CA VAL AE 232 -64.50 -53.46 -61.39
C VAL AE 232 -63.40 -54.19 -62.14
N ARG AE 233 -63.66 -55.46 -62.44
CA ARG AE 233 -62.81 -56.34 -63.22
C ARG AE 233 -63.56 -56.74 -64.49
N GLU AE 234 -63.01 -57.73 -65.20
CA GLU AE 234 -63.66 -58.24 -66.40
C GLU AE 234 -65.02 -58.87 -66.09
N GLY AE 235 -65.10 -59.65 -65.01
CA GLY AE 235 -66.38 -60.21 -64.64
C GLY AE 235 -67.04 -59.49 -63.48
N SER AE 236 -68.03 -58.64 -63.78
CA SER AE 236 -68.70 -57.90 -62.73
C SER AE 236 -70.10 -57.51 -63.16
N LYS AE 237 -70.93 -57.19 -62.18
CA LYS AE 237 -72.32 -56.78 -62.38
C LYS AE 237 -72.52 -55.34 -61.94
N ILE AE 238 -73.22 -54.58 -62.77
CA ILE AE 238 -73.54 -53.19 -62.46
C ILE AE 238 -75.01 -52.96 -62.79
N PRO AE 239 -75.79 -52.35 -61.90
CA PRO AE 239 -77.22 -52.15 -62.17
C PRO AE 239 -77.46 -51.18 -63.31
N GLY AE 240 -78.48 -51.49 -64.11
CA GLY AE 240 -78.80 -50.71 -65.29
C GLY AE 240 -77.96 -51.02 -66.51
N TYR AE 241 -76.97 -51.88 -66.38
CA TYR AE 241 -76.08 -52.23 -67.48
C TYR AE 241 -75.94 -53.74 -67.65
N GLY AE 242 -75.92 -54.49 -66.56
CA GLY AE 242 -75.80 -55.93 -66.65
C GLY AE 242 -74.39 -56.41 -66.40
N MET AE 243 -74.07 -57.58 -66.95
CA MET AE 243 -72.77 -58.20 -66.75
C MET AE 243 -71.76 -57.59 -67.70
N VAL AE 244 -70.55 -57.36 -67.20
CA VAL AE 244 -69.45 -56.88 -68.04
C VAL AE 244 -68.97 -58.05 -68.90
N LYS AE 245 -69.28 -58.01 -70.19
CA LYS AE 245 -68.88 -59.10 -71.07
C LYS AE 245 -67.48 -58.92 -71.64
N LEU AE 246 -66.97 -57.70 -71.68
CA LEU AE 246 -65.63 -57.45 -72.25
C LEU AE 246 -65.10 -56.13 -71.73
N ILE AE 247 -63.80 -56.09 -71.48
CA ILE AE 247 -63.06 -54.86 -71.21
C ILE AE 247 -61.94 -54.76 -72.24
N ASP AE 248 -61.91 -53.66 -72.98
CA ASP AE 248 -60.87 -53.42 -73.97
C ASP AE 248 -60.01 -52.25 -73.50
N SER AE 249 -58.71 -52.51 -73.35
CA SER AE 249 -57.76 -51.43 -73.10
C SER AE 249 -57.62 -50.54 -74.33
N LEU AE 250 -57.79 -51.12 -75.51
CA LEU AE 250 -57.74 -50.33 -76.74
C LEU AE 250 -59.00 -49.47 -76.85
N GLN AE 251 -58.79 -48.19 -77.16
CA GLN AE 251 -59.81 -47.17 -77.41
C GLN AE 251 -60.72 -46.89 -76.21
N GLY AE 252 -60.39 -47.41 -75.03
CA GLY AE 252 -61.13 -47.13 -73.81
C GLY AE 252 -62.59 -47.55 -73.81
N ARG AE 253 -62.87 -48.79 -74.20
CA ARG AE 253 -64.24 -49.27 -74.32
C ARG AE 253 -64.49 -50.42 -73.37
N ILE AE 254 -65.67 -50.42 -72.75
CA ILE AE 254 -66.11 -51.52 -71.90
C ILE AE 254 -67.43 -52.05 -72.45
N LEU AE 255 -67.50 -53.34 -72.70
CA LEU AE 255 -68.72 -53.94 -73.26
C LEU AE 255 -69.52 -54.62 -72.16
N THR AE 256 -70.84 -54.44 -72.20
CA THR AE 256 -71.73 -55.01 -71.20
C THR AE 256 -72.62 -56.09 -71.82
N SER AE 257 -73.30 -56.83 -70.95
CA SER AE 257 -74.23 -57.87 -71.39
C SER AE 257 -75.45 -57.30 -72.09
N SER AE 258 -75.77 -56.03 -71.86
CA SER AE 258 -76.81 -55.35 -72.60
C SER AE 258 -76.34 -54.85 -73.96
N GLY AE 259 -75.07 -55.05 -74.30
CA GLY AE 259 -74.48 -54.47 -75.49
C GLY AE 259 -74.00 -53.05 -75.32
N GLN AE 260 -74.16 -52.48 -74.13
CA GLN AE 260 -73.79 -51.08 -73.90
C GLN AE 260 -72.28 -50.94 -73.77
N VAL AE 261 -71.77 -49.82 -74.27
CA VAL AE 261 -70.34 -49.53 -74.26
C VAL AE 261 -70.12 -48.38 -73.27
N ILE AE 262 -69.44 -48.68 -72.18
CA ILE AE 262 -68.98 -47.65 -71.26
C ILE AE 262 -67.70 -47.04 -71.81
N LYS AE 263 -67.68 -45.71 -71.89
CA LYS AE 263 -66.60 -44.98 -72.52
C LYS AE 263 -66.35 -43.71 -71.72
N PHE AE 264 -65.46 -42.87 -72.24
CA PHE AE 264 -65.20 -41.57 -71.64
C PHE AE 264 -66.25 -40.56 -72.08
N SER AE 265 -66.32 -39.46 -71.36
CA SER AE 265 -67.23 -38.38 -71.73
C SER AE 265 -66.67 -37.58 -72.91
N GLN AE 266 -67.58 -36.91 -73.62
CA GLN AE 266 -67.16 -36.04 -74.72
C GLN AE 266 -66.48 -34.78 -74.18
N GLU AE 267 -67.01 -34.20 -73.11
CA GLU AE 267 -66.36 -33.04 -72.50
C GLU AE 267 -65.09 -33.45 -71.76
N ASP AE 268 -65.05 -34.67 -71.22
CA ASP AE 268 -63.88 -35.19 -70.52
C ASP AE 268 -63.06 -35.96 -71.55
N SER AE 269 -62.42 -35.23 -72.44
CA SER AE 269 -61.62 -35.84 -73.51
C SER AE 269 -60.13 -35.65 -73.26
N CYS BE 42 -26.09 -84.81 124.33
CA CYS BE 42 -27.54 -84.85 124.23
C CYS BE 42 -27.99 -85.46 122.91
N PHE BE 43 -27.24 -85.16 121.84
CA PHE BE 43 -27.57 -85.69 120.53
C PHE BE 43 -26.30 -85.73 119.69
N HIS BE 44 -26.26 -86.68 118.74
CA HIS BE 44 -25.15 -86.79 117.82
C HIS BE 44 -25.64 -86.69 116.39
N PRO BE 45 -25.08 -85.79 115.59
CA PRO BE 45 -25.48 -85.66 114.18
C PRO BE 45 -25.25 -86.91 113.34
N PRO BE 46 -24.19 -87.77 113.59
CA PRO BE 46 -24.21 -89.05 112.87
C PRO BE 46 -25.22 -90.04 113.42
N TYR BE 47 -26.50 -89.79 113.15
CA TYR BE 47 -27.64 -90.67 113.41
C TYR BE 47 -27.83 -91.03 114.87
N ASN BE 48 -27.15 -90.32 115.78
CA ASN BE 48 -27.17 -90.54 117.24
C ASN BE 48 -26.82 -91.98 117.60
N ASN BE 49 -25.98 -92.61 116.78
CA ASN BE 49 -25.64 -94.04 116.86
C ASN BE 49 -26.89 -94.91 116.88
N PHE BE 50 -27.87 -94.54 116.03
CA PHE BE 50 -29.15 -95.24 115.88
C PHE BE 50 -29.90 -95.38 117.21
N GLN BE 51 -30.01 -94.26 117.91
CA GLN BE 51 -30.71 -94.30 119.19
C GLN BE 51 -32.14 -93.83 119.05
N PRO BE 52 -33.10 -94.52 119.67
CA PRO BE 52 -34.45 -93.94 119.80
C PRO BE 52 -34.43 -92.68 120.64
N ASP BE 53 -34.71 -91.55 120.01
CA ASP BE 53 -34.43 -90.27 120.63
C ASP BE 53 -35.55 -89.83 121.56
N ARG BE 54 -35.17 -89.29 122.72
CA ARG BE 54 -36.12 -88.68 123.64
C ARG BE 54 -36.03 -87.16 123.48
N ARG BE 55 -36.61 -86.67 122.39
CA ARG BE 55 -36.63 -85.23 122.13
C ARG BE 55 -37.53 -84.50 123.12
N ALA BE 56 -38.67 -85.10 123.45
CA ALA BE 56 -39.63 -84.48 124.37
C ALA BE 56 -39.09 -84.38 125.77
N VAL BE 57 -38.19 -85.28 126.18
CA VAL BE 57 -37.58 -85.21 127.50
C VAL BE 57 -36.71 -83.96 127.63
N LYS BE 58 -35.87 -83.71 126.62
CA LYS BE 58 -35.07 -82.49 126.62
C LYS BE 58 -35.93 -81.26 126.44
N ARG BE 59 -37.04 -81.38 125.70
CA ARG BE 59 -37.96 -80.26 125.54
C ARG BE 59 -38.59 -79.87 126.88
N VAL BE 60 -39.10 -80.84 127.63
CA VAL BE 60 -39.73 -80.51 128.91
C VAL BE 60 -38.67 -80.14 129.95
N GLY BE 61 -37.43 -80.61 129.79
CA GLY BE 61 -36.36 -80.15 130.66
C GLY BE 61 -36.03 -78.68 130.44
N VAL BE 62 -35.98 -78.27 129.17
CA VAL BE 62 -35.78 -76.86 128.85
C VAL BE 62 -36.95 -76.02 129.32
N ASP BE 63 -38.18 -76.51 129.13
CA ASP BE 63 -39.36 -75.73 129.48
C ASP BE 63 -39.53 -75.63 130.99
N THR BE 64 -39.13 -76.66 131.75
CA THR BE 64 -39.06 -76.51 133.20
C THR BE 64 -37.91 -75.60 133.60
N GLY BE 65 -36.84 -75.57 132.81
CA GLY BE 65 -35.75 -74.65 133.05
C GLY BE 65 -36.03 -73.27 132.52
N GLY BE 88 -42.32 -74.80 132.76
CA GLY BE 88 -43.68 -75.30 132.85
C GLY BE 88 -43.84 -76.70 132.28
N GLY BE 89 -44.23 -77.65 133.16
CA GLY BE 89 -44.50 -78.99 132.70
C GLY BE 89 -45.68 -79.07 131.76
N THR BE 90 -46.68 -78.23 131.98
CA THR BE 90 -47.86 -78.21 131.11
C THR BE 90 -47.51 -77.70 129.71
N VAL BE 91 -46.74 -76.62 129.63
CA VAL BE 91 -46.38 -76.09 128.31
C VAL BE 91 -45.37 -77.02 127.63
N GLY BE 92 -44.54 -77.72 128.40
CA GLY BE 92 -43.66 -78.72 127.81
C GLY BE 92 -44.42 -79.90 127.24
N LEU BE 93 -45.46 -80.36 127.96
CA LEU BE 93 -46.27 -81.46 127.46
C LEU BE 93 -47.08 -81.03 126.23
N VAL BE 94 -47.59 -79.80 126.21
CA VAL BE 94 -48.36 -79.39 125.05
C VAL BE 94 -47.45 -79.15 123.84
N ALA BE 95 -46.20 -78.73 124.07
CA ALA BE 95 -45.26 -78.63 122.96
C ALA BE 95 -44.87 -79.99 122.43
N SER BE 96 -44.69 -80.97 123.33
CA SER BE 96 -44.37 -82.33 122.92
C SER BE 96 -45.51 -82.95 122.12
N ILE BE 97 -46.75 -82.78 122.56
CA ILE BE 97 -47.86 -83.34 121.80
C ILE BE 97 -48.17 -82.53 120.55
N TYR BE 98 -47.72 -81.27 120.48
CA TYR BE 98 -47.86 -80.53 119.24
C TYR BE 98 -46.84 -81.00 118.20
N ARG BE 99 -45.63 -81.33 118.64
CA ARG BE 99 -44.57 -81.62 117.69
C ARG BE 99 -44.45 -83.10 117.36
N ASP BE 100 -44.85 -84.01 118.24
CA ASP BE 100 -44.74 -85.43 117.90
C ASP BE 100 -45.95 -85.93 117.12
N SER BE 101 -46.95 -85.08 116.89
CA SER BE 101 -48.11 -85.45 116.11
C SER BE 101 -47.73 -85.63 114.64
N LYS BE 102 -48.58 -86.36 113.92
CA LYS BE 102 -48.30 -86.70 112.52
C LYS BE 102 -48.29 -85.46 111.63
N ARG BE 103 -49.14 -84.47 111.92
CA ARG BE 103 -49.25 -83.29 111.08
C ARG BE 103 -47.97 -82.45 111.12
N LYS BE 104 -47.32 -82.39 112.29
CA LYS BE 104 -46.04 -81.69 112.39
C LYS BE 104 -44.97 -82.37 111.55
N ILE BE 105 -44.97 -83.71 111.56
CA ILE BE 105 -44.03 -84.48 110.75
C ILE BE 105 -44.30 -84.24 109.27
N ILE BE 106 -45.57 -84.18 108.89
CA ILE BE 106 -45.95 -83.94 107.50
C ILE BE 106 -45.51 -82.56 107.05
N ARG BE 107 -45.76 -81.55 107.89
CA ARG BE 107 -45.39 -80.18 107.52
C ARG BE 107 -43.88 -79.98 107.50
N ASP BE 108 -43.15 -80.65 108.40
CA ASP BE 108 -41.69 -80.60 108.34
C ASP BE 108 -41.17 -81.32 107.09
N LEU BE 109 -41.79 -82.43 106.73
CA LEU BE 109 -41.38 -83.15 105.54
C LEU BE 109 -41.74 -82.40 104.26
N GLN BE 110 -42.75 -81.53 104.34
CA GLN BE 110 -43.06 -80.63 103.24
C GLN BE 110 -42.10 -79.45 103.21
N LYS BE 111 -41.63 -79.02 104.39
CA LYS BE 111 -40.60 -77.98 104.45
C LYS BE 111 -39.30 -78.46 103.84
N GLN BE 112 -38.91 -79.69 104.15
CA GLN BE 112 -37.86 -80.34 103.40
C GLN BE 112 -38.38 -80.74 102.03
N ASP BE 113 -37.46 -81.10 101.14
CA ASP BE 113 -37.84 -81.37 99.76
C ASP BE 113 -38.26 -82.82 99.56
N ILE BE 114 -39.18 -83.29 100.37
CA ILE BE 114 -39.69 -84.66 100.26
C ILE BE 114 -41.18 -84.57 99.97
N GLN BE 115 -41.64 -85.38 99.01
CA GLN BE 115 -43.03 -85.33 98.59
C GLN BE 115 -43.79 -86.54 99.15
N TYR BE 116 -44.84 -86.27 99.92
CA TYR BE 116 -45.66 -87.33 100.50
C TYR BE 116 -47.02 -87.35 99.83
N VAL BE 117 -47.47 -88.53 99.43
CA VAL BE 117 -48.78 -88.70 98.82
C VAL BE 117 -49.48 -89.88 99.49
N GLU BE 118 -50.67 -89.63 100.02
CA GLU BE 118 -51.56 -90.69 100.43
C GLU BE 118 -52.68 -90.81 99.41
N TYR BE 119 -52.94 -92.02 98.94
CA TYR BE 119 -54.08 -92.25 98.07
C TYR BE 119 -54.64 -93.63 98.37
N GLY BE 120 -55.97 -93.72 98.41
CA GLY BE 120 -56.65 -94.94 98.75
C GLY BE 120 -56.36 -95.34 100.18
N ASP BE 121 -55.57 -96.40 100.33
CA ASP BE 121 -55.04 -96.80 101.62
C ASP BE 121 -53.53 -97.06 101.54
N THR BE 122 -52.88 -96.51 100.52
CA THR BE 122 -51.46 -96.66 100.30
C THR BE 122 -50.75 -95.34 100.54
N ARG BE 123 -49.46 -95.42 100.87
CA ARG BE 123 -48.67 -94.22 101.07
C ARG BE 123 -47.39 -94.30 100.25
N THR BE 124 -47.05 -93.17 99.61
CA THR BE 124 -45.89 -93.06 98.74
C THR BE 124 -45.07 -91.83 99.12
N LEU BE 125 -43.77 -91.97 98.97
CA LEU BE 125 -42.80 -90.93 99.27
C LEU BE 125 -41.86 -90.75 98.10
N ILE BE 126 -41.52 -89.50 97.81
CA ILE BE 126 -40.64 -89.13 96.71
C ILE BE 126 -39.46 -88.34 97.28
N ILE BE 127 -38.26 -88.80 96.95
CA ILE BE 127 -37.03 -88.32 97.59
C ILE BE 127 -36.01 -87.92 96.52
N PRO BE 128 -35.42 -86.73 96.59
CA PRO BE 128 -34.51 -86.27 95.54
C PRO BE 128 -33.14 -86.92 95.64
N THR BE 129 -32.75 -87.59 94.55
CA THR BE 129 -31.48 -88.30 94.49
C THR BE 129 -30.30 -87.35 94.63
N ASP BE 130 -30.39 -86.19 93.97
CA ASP BE 130 -29.29 -85.23 93.99
C ASP BE 130 -29.15 -84.58 95.36
N LYS BE 131 -30.26 -84.20 95.98
CA LYS BE 131 -30.18 -83.56 97.28
C LYS BE 131 -29.88 -84.54 98.39
N TYR BE 132 -30.09 -85.84 98.17
CA TYR BE 132 -29.90 -86.80 99.25
C TYR BE 132 -28.79 -87.78 98.98
N PHE BE 133 -28.03 -87.63 97.90
CA PHE BE 133 -26.91 -88.52 97.62
C PHE BE 133 -25.79 -87.73 96.98
N MET BE 134 -24.59 -88.28 97.06
CA MET BE 134 -23.48 -87.74 96.30
C MET BE 134 -23.63 -88.11 94.83
N PHE BE 135 -23.03 -87.29 93.97
CA PHE BE 135 -23.22 -87.43 92.53
C PHE BE 135 -22.53 -88.70 92.02
N SER BE 136 -23.26 -89.45 91.19
CA SER BE 136 -22.75 -90.60 90.44
C SER BE 136 -22.18 -91.68 91.36
N SER BE 137 -22.77 -91.83 92.53
CA SER BE 137 -22.20 -92.69 93.56
C SER BE 137 -23.29 -93.06 94.54
N PRO BE 138 -23.16 -94.18 95.24
CA PRO BE 138 -24.14 -94.51 96.29
C PRO BE 138 -23.83 -93.87 97.63
N ARG BE 139 -22.96 -92.87 97.66
CA ARG BE 139 -22.62 -92.20 98.90
C ARG BE 139 -23.78 -91.31 99.35
N LEU BE 140 -24.30 -91.61 100.52
CA LEU BE 140 -25.40 -90.84 101.09
C LEU BE 140 -24.92 -89.46 101.52
N ASN BE 141 -25.79 -88.47 101.37
CA ASN BE 141 -25.53 -87.16 101.93
C ASN BE 141 -25.65 -87.21 103.45
N GLU BE 142 -24.79 -86.44 104.13
CA GLU BE 142 -24.84 -86.35 105.59
C GLU BE 142 -25.27 -84.97 106.06
N ILE BE 143 -26.05 -84.25 105.26
CA ILE BE 143 -26.51 -82.92 105.64
C ILE BE 143 -27.99 -82.94 105.99
N CYS BE 144 -28.81 -83.68 105.23
CA CYS BE 144 -30.24 -83.76 105.43
C CYS BE 144 -30.63 -84.84 106.44
N TYR BE 145 -29.72 -85.17 107.34
CA TYR BE 145 -30.04 -86.09 108.43
C TYR BE 145 -31.18 -85.67 109.36
N PRO BE 146 -31.54 -84.38 109.56
CA PRO BE 146 -32.84 -84.13 110.22
C PRO BE 146 -34.02 -84.65 109.42
N GLY BE 147 -33.97 -84.52 108.09
CA GLY BE 147 -34.99 -85.12 107.26
C GLY BE 147 -34.97 -86.64 107.34
N LEU BE 148 -33.79 -87.23 107.46
CA LEU BE 148 -33.69 -88.67 107.64
C LEU BE 148 -34.31 -89.13 108.95
N ASN BE 149 -34.06 -88.38 110.03
CA ASN BE 149 -34.64 -88.72 111.32
C ASN BE 149 -36.15 -88.56 111.31
N ASN BE 150 -36.65 -87.54 110.62
CA ASN BE 150 -38.08 -87.38 110.46
C ASN BE 150 -38.69 -88.50 109.62
N VAL BE 151 -37.93 -89.01 108.64
CA VAL BE 151 -38.37 -90.15 107.85
C VAL BE 151 -38.49 -91.39 108.72
N ILE BE 152 -37.50 -91.61 109.59
CA ILE BE 152 -37.54 -92.75 110.51
C ILE BE 152 -38.71 -92.62 111.49
N ARG BE 153 -38.95 -91.41 111.99
CA ARG BE 153 -40.07 -91.19 112.90
C ARG BE 153 -41.41 -91.34 112.20
N LEU BE 154 -41.50 -90.99 110.92
CA LEU BE 154 -42.72 -91.21 110.17
C LEU BE 154 -42.97 -92.69 109.95
N LEU BE 155 -41.93 -93.44 109.59
CA LEU BE 155 -42.08 -94.87 109.38
C LEU BE 155 -42.24 -95.64 110.68
N ASN BE 156 -41.99 -94.99 111.82
CA ASN BE 156 -42.37 -95.58 113.11
C ASN BE 156 -43.88 -95.72 113.25
N PHE BE 157 -44.65 -94.87 112.57
CA PHE BE 157 -46.09 -94.84 112.75
C PHE BE 157 -46.80 -96.06 112.19
N TYR BE 158 -46.21 -96.76 111.22
CA TYR BE 158 -46.83 -97.93 110.61
C TYR BE 158 -45.86 -99.10 110.68
N PRO BE 159 -45.82 -99.80 111.80
CA PRO BE 159 -44.82 -100.87 111.96
C PRO BE 159 -45.25 -102.23 111.41
N GLN BE 160 -46.25 -102.29 110.53
CA GLN BE 160 -46.79 -103.58 110.14
C GLN BE 160 -46.69 -103.90 108.66
N SER BE 161 -46.95 -102.94 107.77
CA SER BE 161 -47.14 -103.25 106.37
C SER BE 161 -45.83 -103.51 105.64
N THR BE 162 -45.93 -104.17 104.50
CA THR BE 162 -44.79 -104.41 103.63
C THR BE 162 -44.39 -103.13 102.91
N ILE BE 163 -43.09 -103.02 102.62
CA ILE BE 163 -42.53 -101.81 102.03
C ILE BE 163 -41.92 -102.15 100.68
N TYR BE 164 -42.11 -101.26 99.71
CA TYR BE 164 -41.45 -101.32 98.42
C TYR BE 164 -40.63 -100.06 98.22
N VAL BE 165 -39.39 -100.22 97.76
CA VAL BE 165 -38.50 -99.09 97.51
C VAL BE 165 -37.96 -99.22 96.09
N ALA BE 166 -37.90 -98.09 95.39
CA ALA BE 166 -37.58 -98.11 93.97
C ALA BE 166 -36.76 -96.88 93.60
N GLY BE 167 -35.91 -97.07 92.60
CA GLY BE 167 -35.04 -96.01 92.11
C GLY BE 167 -35.32 -95.70 90.65
N PHE BE 168 -35.10 -94.45 90.27
CA PHE BE 168 -35.37 -93.99 88.91
C PHE BE 168 -34.25 -93.08 88.42
N THR BE 169 -33.98 -93.14 87.13
CA THR BE 169 -32.96 -92.33 86.49
C THR BE 169 -33.52 -91.68 85.22
N ASP BE 170 -32.65 -91.03 84.47
CA ASP BE 170 -33.00 -90.37 83.21
C ASP BE 170 -32.56 -91.24 82.03
N ASN BE 171 -32.66 -90.66 80.84
CA ASN BE 171 -32.54 -91.41 79.59
C ASN BE 171 -31.12 -91.53 79.07
N VAL BE 172 -30.14 -90.94 79.75
CA VAL BE 172 -28.81 -90.75 79.19
C VAL BE 172 -27.85 -91.77 79.79
N GLY BE 173 -27.03 -92.38 78.93
CA GLY BE 173 -26.03 -93.34 79.35
C GLY BE 173 -26.35 -94.74 78.86
N SER BE 174 -25.47 -95.67 79.23
CA SER BE 174 -25.71 -97.07 78.96
C SER BE 174 -26.87 -97.59 79.80
N ARG BE 175 -27.71 -98.42 79.19
CA ARG BE 175 -28.88 -98.97 79.86
C ARG BE 175 -28.48 -99.86 81.04
N SER BE 176 -27.45 -100.68 80.84
CA SER BE 176 -26.92 -101.51 81.92
C SER BE 176 -26.34 -100.65 83.03
N HIS BE 177 -25.67 -99.55 82.66
CA HIS BE 177 -25.14 -98.62 83.65
C HIS BE 177 -26.24 -97.97 84.47
N LYS BE 178 -27.33 -97.58 83.80
CA LYS BE 178 -28.48 -97.00 84.50
C LYS BE 178 -29.08 -97.99 85.46
N ARG BE 179 -29.23 -99.25 85.03
CA ARG BE 179 -29.80 -100.26 85.90
C ARG BE 179 -28.89 -100.56 87.08
N LYS BE 180 -27.58 -100.57 86.85
CA LYS BE 180 -26.61 -100.78 87.92
C LYS BE 180 -26.69 -99.68 88.97
N LEU BE 181 -26.75 -98.43 88.51
CA LEU BE 181 -26.82 -97.31 89.44
C LEU BE 181 -28.14 -97.30 90.20
N SER BE 182 -29.24 -97.62 89.51
CA SER BE 182 -30.55 -97.63 90.15
C SER BE 182 -30.65 -98.72 91.21
N GLN BE 183 -30.16 -99.91 90.88
CA GLN BE 183 -30.17 -101.00 91.86
C GLN BE 183 -29.21 -100.71 93.01
N ALA BE 184 -28.11 -100.01 92.74
CA ALA BE 184 -27.20 -99.62 93.82
C ALA BE 184 -27.87 -98.65 94.79
N GLN BE 185 -28.59 -97.67 94.26
CA GLN BE 185 -29.31 -96.74 95.12
C GLN BE 185 -30.40 -97.44 95.91
N ALA BE 186 -31.09 -98.38 95.27
CA ALA BE 186 -32.11 -99.16 95.96
C ALA BE 186 -31.51 -100.00 97.07
N GLU BE 187 -30.34 -100.60 96.82
CA GLU BE 187 -29.65 -101.38 97.85
C GLU BE 187 -29.24 -100.50 99.02
N THR BE 188 -28.77 -99.28 98.73
CA THR BE 188 -28.37 -98.35 99.78
C THR BE 188 -29.55 -97.96 100.65
N MET BE 189 -30.69 -97.66 100.03
CA MET BE 189 -31.87 -97.25 100.80
C MET BE 189 -32.42 -98.40 101.63
N MET BE 190 -32.50 -99.60 101.04
CA MET BE 190 -33.03 -100.72 101.81
C MET BE 190 -32.06 -101.15 102.90
N THR BE 191 -30.76 -100.95 102.70
CA THR BE 191 -29.80 -101.24 103.76
C THR BE 191 -29.94 -100.27 104.91
N PHE BE 192 -30.11 -98.99 104.60
CA PHE BE 192 -30.30 -97.99 105.65
C PHE BE 192 -31.59 -98.24 106.42
N LEU BE 193 -32.65 -98.65 105.72
CA LEU BE 193 -33.90 -98.95 106.41
C LEU BE 193 -33.80 -100.24 107.22
N TRP BE 194 -33.01 -101.20 106.74
CA TRP BE 194 -32.78 -102.43 107.49
C TRP BE 194 -31.99 -102.17 108.76
N ALA BE 195 -31.10 -101.17 108.72
CA ALA BE 195 -30.28 -100.84 109.87
C ALA BE 195 -31.07 -100.27 111.03
N ASN BE 196 -32.33 -99.88 110.83
CA ASN BE 196 -33.13 -99.26 111.87
C ASN BE 196 -34.17 -100.22 112.45
N GLY BE 197 -33.80 -101.49 112.59
CA GLY BE 197 -34.62 -102.43 113.33
C GLY BE 197 -35.80 -103.00 112.60
N ILE BE 198 -35.92 -102.76 111.30
CA ILE BE 198 -37.02 -103.31 110.52
C ILE BE 198 -36.58 -104.64 109.95
N ALA BE 199 -37.42 -105.66 110.11
CA ALA BE 199 -37.08 -107.00 109.65
C ALA BE 199 -37.08 -107.06 108.13
N ALA BE 200 -36.17 -107.88 107.59
CA ALA BE 200 -35.90 -107.93 106.16
C ALA BE 200 -37.03 -108.59 105.35
N LYS BE 201 -38.01 -109.19 106.02
CA LYS BE 201 -39.13 -109.80 105.32
C LYS BE 201 -40.01 -108.77 104.62
N ARG BE 202 -40.02 -107.52 105.09
CA ARG BE 202 -40.95 -106.51 104.60
C ARG BE 202 -40.29 -105.55 103.61
N LEU BE 203 -39.20 -105.96 103.00
CA LEU BE 203 -38.44 -105.07 102.11
C LEU BE 203 -38.28 -105.70 100.75
N LYS BE 204 -38.68 -104.95 99.71
CA LYS BE 204 -38.46 -105.32 98.33
C LYS BE 204 -37.83 -104.12 97.64
N ALA BE 205 -36.61 -104.29 97.13
CA ALA BE 205 -35.86 -103.22 96.52
C ALA BE 205 -35.78 -103.41 95.02
N GLU BE 206 -36.03 -102.33 94.27
CA GLU BE 206 -35.99 -102.40 92.83
C GLU BE 206 -35.54 -101.07 92.25
N GLY BE 207 -34.52 -101.12 91.40
CA GLY BE 207 -34.12 -99.92 90.69
C GLY BE 207 -34.52 -99.98 89.23
N TYR BE 208 -35.60 -99.29 88.88
CA TYR BE 208 -35.98 -99.20 87.49
C TYR BE 208 -35.03 -98.25 86.76
N GLY BE 209 -34.95 -98.43 85.46
CA GLY BE 209 -34.10 -97.56 84.67
C GLY BE 209 -34.86 -96.33 84.25
N ASP BE 210 -35.01 -96.17 82.94
CA ASP BE 210 -35.76 -95.04 82.37
C ASP BE 210 -37.03 -95.51 81.68
N LYS BE 211 -37.55 -96.68 82.05
CA LYS BE 211 -38.70 -97.25 81.37
C LYS BE 211 -40.01 -96.55 81.71
N ASN BE 212 -40.04 -95.73 82.75
CA ASN BE 212 -41.27 -95.05 83.13
C ASN BE 212 -40.89 -93.76 83.85
N ALA BE 213 -41.17 -92.63 83.20
CA ALA BE 213 -40.84 -91.32 83.75
C ALA BE 213 -42.11 -90.54 84.03
N ILE BE 214 -42.11 -89.81 85.15
CA ILE BE 214 -43.22 -88.92 85.48
C ILE BE 214 -43.09 -87.57 84.81
N SER BE 215 -42.04 -87.36 84.02
CA SER BE 215 -41.77 -86.07 83.41
C SER BE 215 -41.10 -86.33 82.06
N ASP BE 216 -40.48 -85.29 81.50
CA ASP BE 216 -39.83 -85.36 80.21
C ASP BE 216 -38.36 -85.00 80.36
N ASN BE 217 -37.50 -85.79 79.73
CA ASN BE 217 -36.06 -85.55 79.80
C ASN BE 217 -35.54 -84.56 78.78
N ALA BE 218 -36.38 -84.10 77.84
CA ALA BE 218 -35.93 -83.09 76.90
C ALA BE 218 -35.83 -81.71 77.54
N ILE BE 219 -36.48 -81.50 78.67
CA ILE BE 219 -36.38 -80.25 79.41
C ILE BE 219 -35.62 -80.53 80.71
N ILE BE 220 -34.75 -79.59 81.08
CA ILE BE 220 -33.80 -79.82 82.17
C ILE BE 220 -34.53 -79.90 83.51
N HIS BE 221 -35.51 -79.02 83.74
CA HIS BE 221 -36.30 -79.11 84.96
C HIS BE 221 -37.16 -80.35 84.98
N GLY BE 222 -37.59 -80.81 83.80
CA GLY BE 222 -38.27 -82.09 83.72
C GLY BE 222 -37.38 -83.26 84.10
N SER BE 223 -36.11 -83.21 83.68
CA SER BE 223 -35.17 -84.27 84.05
C SER BE 223 -34.86 -84.24 85.53
N ALA BE 224 -34.74 -83.04 86.10
CA ALA BE 224 -34.54 -82.89 87.53
C ALA BE 224 -35.75 -83.40 88.31
N GLN BE 225 -36.95 -83.19 87.78
CA GLN BE 225 -38.13 -83.83 88.38
C GLN BE 225 -38.10 -85.33 88.19
N ASN BE 226 -37.50 -85.80 87.09
CA ASN BE 226 -37.52 -87.23 86.77
C ASN BE 226 -36.63 -88.03 87.71
N ARG BE 227 -35.46 -87.49 88.07
CA ARG BE 227 -34.56 -88.22 88.95
C ARG BE 227 -35.13 -88.24 90.37
N ARG BE 228 -35.46 -89.44 90.87
CA ARG BE 228 -36.29 -89.54 92.06
C ARG BE 228 -36.09 -90.89 92.75
N ILE BE 229 -36.60 -90.97 93.98
CA ILE BE 229 -36.63 -92.19 94.77
C ILE BE 229 -38.06 -92.39 95.25
N GLU BE 230 -38.62 -93.57 94.98
CA GLU BE 230 -40.02 -93.87 95.22
C GLU BE 230 -40.17 -94.86 96.36
N ILE BE 231 -41.04 -94.56 97.31
CA ILE BE 231 -41.33 -95.42 98.46
C ILE BE 231 -42.83 -95.70 98.46
N GLN BE 232 -43.21 -96.97 98.59
CA GLN BE 232 -44.61 -97.37 98.66
C GLN BE 232 -44.81 -98.28 99.86
N TRP BE 233 -45.96 -98.13 100.53
CA TRP BE 233 -46.39 -99.17 101.46
C TRP BE 233 -47.90 -99.20 101.59
N PHE BE 234 -48.40 -100.41 101.84
CA PHE BE 234 -49.82 -100.71 101.98
C PHE BE 234 -50.27 -100.39 103.41
N THR BE 235 -51.46 -100.87 103.76
CA THR BE 235 -51.98 -100.73 105.12
C THR BE 235 -51.86 -102.02 105.91
N SER BE 236 -52.40 -103.11 105.39
CA SER BE 236 -52.37 -104.38 106.09
C SER BE 236 -51.76 -105.48 105.22
N GLN CE 791 -24.83 -57.32 -101.47
CA GLN CE 791 -26.01 -56.61 -100.99
C GLN CE 791 -25.74 -56.03 -99.61
N GLN CE 792 -24.47 -55.70 -99.35
CA GLN CE 792 -24.01 -55.16 -98.07
C GLN CE 792 -24.46 -53.73 -97.81
N GLU CE 793 -25.04 -53.08 -98.83
CA GLU CE 793 -25.67 -51.78 -98.64
C GLU CE 793 -26.79 -51.87 -97.61
N ILE CE 794 -27.54 -52.97 -97.62
CA ILE CE 794 -28.58 -53.22 -96.63
C ILE CE 794 -27.98 -53.30 -95.23
N GLN CE 795 -26.84 -53.99 -95.10
CA GLN CE 795 -26.22 -54.15 -93.79
C GLN CE 795 -25.67 -52.84 -93.24
N GLN CE 796 -25.02 -52.05 -94.09
CA GLN CE 796 -24.49 -50.78 -93.59
C GLN CE 796 -25.61 -49.78 -93.32
N ARG CE 797 -26.68 -49.81 -94.12
CA ARG CE 797 -27.83 -48.94 -93.86
C ARG CE 797 -28.51 -49.33 -92.54
N THR CE 798 -28.62 -50.65 -92.30
CA THR CE 798 -29.13 -51.14 -91.03
C THR CE 798 -28.25 -50.70 -89.87
N SER CE 799 -26.94 -50.72 -90.07
CA SER CE 799 -26.00 -50.31 -89.02
C SER CE 799 -26.16 -48.84 -88.67
N ASP CE 800 -26.20 -47.97 -89.68
CA ASP CE 800 -26.27 -46.53 -89.37
C ASP CE 800 -27.64 -46.16 -88.82
N MET CE 801 -28.71 -46.77 -89.35
CA MET CE 801 -30.04 -46.51 -88.80
C MET CE 801 -30.19 -47.09 -87.40
N LEU CE 802 -29.49 -48.17 -87.09
CA LEU CE 802 -29.53 -48.72 -85.74
C LEU CE 802 -28.80 -47.83 -84.75
N THR CE 803 -27.66 -47.28 -85.18
CA THR CE 803 -26.93 -46.34 -84.31
C THR CE 803 -27.76 -45.07 -84.07
N ALA CE 804 -28.40 -44.56 -85.12
CA ALA CE 804 -29.29 -43.41 -84.96
C ALA CE 804 -30.48 -43.74 -84.09
N ALA CE 805 -30.97 -44.98 -84.15
CA ALA CE 805 -32.06 -45.42 -83.30
C ALA CE 805 -31.62 -45.46 -81.83
N THR CE 806 -30.39 -45.92 -81.58
CA THR CE 806 -29.87 -45.90 -80.21
C THR CE 806 -29.73 -44.48 -79.70
N GLN CE 807 -29.28 -43.57 -80.56
CA GLN CE 807 -29.20 -42.16 -80.19
C GLN CE 807 -30.57 -41.59 -79.88
N LEU CE 808 -31.57 -41.92 -80.69
CA LEU CE 808 -32.92 -41.39 -80.46
C LEU CE 808 -33.53 -41.97 -79.19
N VAL CE 809 -33.27 -43.24 -78.90
CA VAL CE 809 -33.89 -43.81 -77.71
C VAL CE 809 -33.16 -43.34 -76.45
N GLN CE 810 -31.85 -43.08 -76.51
CA GLN CE 810 -31.22 -42.50 -75.34
C GLN CE 810 -31.58 -41.03 -75.18
N ASP CE 811 -32.01 -40.37 -76.27
CA ASP CE 811 -32.62 -39.05 -76.11
C ASP CE 811 -33.96 -39.15 -75.42
N TRP CE 812 -34.82 -40.05 -75.88
CA TRP CE 812 -36.19 -40.10 -75.40
C TRP CE 812 -36.34 -40.85 -74.09
N LYS CE 813 -35.27 -41.45 -73.58
CA LYS CE 813 -35.38 -42.23 -72.35
C LYS CE 813 -35.54 -41.33 -71.13
N GLN CE 814 -34.58 -40.46 -70.88
CA GLN CE 814 -34.54 -39.75 -69.62
C GLN CE 814 -35.49 -38.55 -69.63
N VAL CE 815 -35.87 -38.14 -68.42
CA VAL CE 815 -36.62 -36.91 -68.19
C VAL CE 815 -36.07 -36.25 -66.94
N GLU CE 816 -35.87 -34.94 -67.00
CA GLU CE 816 -35.34 -34.25 -65.83
C GLU CE 816 -36.46 -33.97 -64.84
N THR CE 817 -36.07 -33.39 -63.71
CA THR CE 817 -37.01 -33.06 -62.65
C THR CE 817 -37.57 -31.66 -62.89
N GLN CE 818 -38.31 -31.16 -61.91
CA GLN CE 818 -38.88 -29.81 -61.95
C GLN CE 818 -38.31 -28.99 -60.82
N VAL CE 819 -38.56 -27.68 -60.87
CA VAL CE 819 -38.01 -26.74 -59.90
C VAL CE 819 -39.15 -26.11 -59.10
N TYR CE 820 -39.03 -26.15 -57.78
CA TYR CE 820 -39.84 -25.37 -56.88
C TYR CE 820 -39.02 -24.21 -56.35
N THR CE 821 -39.54 -23.00 -56.47
CA THR CE 821 -38.82 -21.81 -56.10
C THR CE 821 -39.63 -21.00 -55.10
N GLU CE 822 -38.94 -20.51 -54.07
CA GLU CE 822 -39.56 -19.72 -53.01
C GLU CE 822 -39.65 -18.26 -53.42
N GLY CE 823 -39.98 -17.39 -52.46
CA GLY CE 823 -40.06 -15.98 -52.71
C GLY CE 823 -40.32 -15.15 -51.47
N THR CE 824 -39.75 -13.97 -51.41
CA THR CE 824 -39.93 -13.08 -50.27
C THR CE 824 -39.76 -11.62 -50.70
N ALA DE 104 -3.16 -16.52 -120.46
CA ALA DE 104 -2.10 -16.08 -119.56
C ALA DE 104 -2.68 -15.31 -118.39
N GLU DE 105 -3.99 -15.08 -118.44
CA GLU DE 105 -4.67 -14.26 -117.44
C GLU DE 105 -5.90 -14.96 -116.90
N VAL DE 106 -6.46 -15.88 -117.68
CA VAL DE 106 -7.65 -16.62 -117.26
C VAL DE 106 -7.36 -17.65 -116.18
N ILE DE 107 -6.08 -17.91 -115.91
CA ILE DE 107 -5.66 -18.71 -114.77
C ILE DE 107 -6.18 -18.11 -113.47
N ASP DE 108 -6.12 -16.78 -113.35
CA ASP DE 108 -6.63 -16.09 -112.17
C ASP DE 108 -8.13 -16.25 -112.04
N LYS DE 109 -8.86 -16.19 -113.16
CA LYS DE 109 -10.31 -16.34 -113.13
C LYS DE 109 -10.73 -17.74 -112.71
N LYS DE 110 -10.13 -18.76 -113.33
CA LYS DE 110 -10.48 -20.13 -112.98
C LYS DE 110 -10.00 -20.49 -111.58
N ALA DE 111 -8.89 -19.90 -111.13
CA ALA DE 111 -8.42 -20.15 -109.77
C ALA DE 111 -9.34 -19.50 -108.74
N PHE DE 112 -9.86 -18.31 -109.05
CA PHE DE 112 -10.83 -17.68 -108.16
C PHE DE 112 -12.13 -18.47 -108.12
N LYS DE 113 -12.56 -19.01 -109.27
CA LYS DE 113 -13.75 -19.84 -109.33
C LYS DE 113 -13.59 -21.10 -108.48
N ASP DE 114 -12.47 -21.81 -108.66
CA ASP DE 114 -12.22 -23.02 -107.87
C ASP DE 114 -11.98 -22.69 -106.41
N MET DE 115 -11.45 -21.50 -106.11
CA MET DE 115 -11.27 -21.06 -104.74
C MET DE 115 -12.60 -20.88 -104.03
N THR DE 116 -13.56 -20.21 -104.69
CA THR DE 116 -14.86 -20.01 -104.09
C THR DE 116 -15.62 -21.33 -103.96
N ARG DE 117 -15.52 -22.20 -104.98
CA ARG DE 117 -16.18 -23.51 -104.92
C ARG DE 117 -15.61 -24.38 -103.82
N ASN DE 118 -14.28 -24.36 -103.65
CA ASN DE 118 -13.65 -25.20 -102.65
C ASN DE 118 -13.88 -24.66 -101.24
N LEU DE 119 -13.92 -23.33 -101.10
CA LEU DE 119 -14.19 -22.74 -99.80
C LEU DE 119 -15.62 -23.02 -99.36
N TYR DE 120 -16.59 -22.73 -100.23
CA TYR DE 120 -18.00 -22.93 -99.91
C TYR DE 120 -18.62 -23.82 -100.98
N PRO DE 121 -18.56 -25.14 -100.81
CA PRO DE 121 -19.34 -26.02 -101.69
C PRO DE 121 -20.85 -25.87 -101.50
N LEU DE 122 -21.29 -25.34 -100.37
CA LEU DE 122 -22.70 -25.08 -100.12
C LEU DE 122 -23.10 -23.74 -100.73
N ASN DE 123 -24.09 -23.76 -101.61
CA ASN DE 123 -24.73 -22.53 -102.03
C ASN DE 123 -25.68 -22.06 -100.93
N PRO DE 124 -25.99 -20.75 -100.90
CA PRO DE 124 -26.99 -20.27 -99.93
C PRO DE 124 -28.36 -20.90 -100.07
N GLU DE 125 -28.76 -21.24 -101.30
CA GLU DE 125 -30.00 -21.99 -101.48
C GLU DE 125 -29.91 -23.37 -100.86
N GLN DE 126 -28.74 -24.01 -100.97
CA GLN DE 126 -28.53 -25.29 -100.31
C GLN DE 126 -28.49 -25.14 -98.79
N VAL DE 127 -28.00 -24.00 -98.30
CA VAL DE 127 -28.03 -23.69 -96.87
C VAL DE 127 -29.47 -23.61 -96.38
N VAL DE 128 -30.33 -22.93 -97.14
CA VAL DE 128 -31.75 -22.85 -96.83
C VAL DE 128 -32.39 -24.23 -96.88
N LYS DE 129 -31.98 -25.05 -97.86
CA LYS DE 129 -32.47 -26.41 -97.97
C LYS DE 129 -32.13 -27.25 -96.74
N LEU DE 130 -30.87 -27.22 -96.32
CA LEU DE 130 -30.46 -28.05 -95.19
C LEU DE 130 -31.00 -27.49 -93.88
N LYS DE 131 -31.24 -26.18 -93.81
CA LYS DE 131 -31.91 -25.62 -92.64
C LYS DE 131 -33.35 -26.09 -92.55
N GLN DE 132 -34.03 -26.17 -93.70
CA GLN DE 132 -35.38 -26.73 -93.74
C GLN DE 132 -35.37 -28.20 -93.36
N ILE DE 133 -34.36 -28.94 -93.81
CA ILE DE 133 -34.21 -30.35 -93.46
C ILE DE 133 -34.00 -30.53 -91.96
N TYR DE 134 -33.15 -29.68 -91.38
CA TYR DE 134 -32.89 -29.72 -89.94
C TYR DE 134 -34.15 -29.39 -89.14
N GLU DE 135 -34.90 -28.39 -89.58
CA GLU DE 135 -36.14 -28.03 -88.89
C GLU DE 135 -37.19 -29.11 -89.03
N THR DE 136 -37.23 -29.80 -90.18
CA THR DE 136 -38.12 -30.95 -90.35
C THR DE 136 -37.74 -32.08 -89.41
N SER DE 137 -36.43 -32.31 -89.24
CA SER DE 137 -35.96 -33.28 -88.28
C SER DE 137 -36.35 -32.92 -86.86
N GLU DE 138 -36.25 -31.62 -86.52
CA GLU DE 138 -36.65 -31.15 -85.20
C GLU DE 138 -38.14 -31.34 -84.97
N TYR DE 139 -38.95 -31.09 -85.99
CA TYR DE 139 -40.40 -31.27 -85.87
C TYR DE 139 -40.75 -32.74 -85.70
N ALA DE 140 -40.09 -33.62 -86.47
CA ALA DE 140 -40.34 -35.05 -86.35
C ALA DE 140 -39.89 -35.59 -85.00
N LYS DE 141 -38.82 -35.03 -84.45
CA LYS DE 141 -38.37 -35.41 -83.12
C LYS DE 141 -39.34 -34.92 -82.05
N ALA DE 142 -39.78 -33.66 -82.15
CA ALA DE 142 -40.59 -33.04 -81.12
C ALA DE 142 -42.07 -33.36 -81.25
N ALA DE 143 -42.47 -34.10 -82.28
CA ALA DE 143 -43.86 -34.53 -82.39
C ALA DE 143 -44.19 -35.53 -81.28
N THR DE 144 -45.32 -35.29 -80.60
CA THR DE 144 -45.74 -36.16 -79.50
C THR DE 144 -46.74 -37.17 -80.02
N PRO DE 145 -46.51 -38.47 -79.84
CA PRO DE 145 -47.40 -39.48 -80.40
C PRO DE 145 -48.71 -39.55 -79.63
N GLY DE 146 -49.71 -40.10 -80.31
CA GLY DE 146 -51.01 -40.30 -79.70
C GLY DE 146 -51.76 -38.99 -79.51
N THR DE 147 -52.71 -39.03 -78.58
CA THR DE 147 -53.53 -37.87 -78.25
C THR DE 147 -53.09 -37.29 -76.92
N PRO DE 148 -52.80 -35.99 -76.86
CA PRO DE 148 -52.50 -35.36 -75.58
C PRO DE 148 -53.72 -35.32 -74.69
N PRO DE 149 -53.54 -35.47 -73.38
CA PRO DE 149 -54.67 -35.35 -72.46
C PRO DE 149 -55.20 -33.93 -72.41
N LYS DE 150 -56.50 -33.82 -72.14
CA LYS DE 150 -57.11 -32.50 -72.04
C LYS DE 150 -56.73 -31.86 -70.70
N PRO DE 151 -56.25 -30.62 -70.71
CA PRO DE 151 -55.86 -29.94 -69.46
C PRO DE 151 -57.08 -29.60 -68.62
N THR DE 152 -57.23 -30.28 -67.49
CA THR DE 152 -58.39 -30.15 -66.63
C THR DE 152 -57.97 -29.67 -65.25
N ALA DE 153 -58.71 -28.71 -64.71
CA ALA DE 153 -58.52 -28.22 -63.35
C ALA DE 153 -59.88 -28.36 -62.65
N THR DE 154 -60.12 -29.53 -62.06
CA THR DE 154 -61.41 -29.88 -61.48
C THR DE 154 -61.29 -30.08 -59.99
N SER DE 155 -62.42 -29.96 -59.30
CA SER DE 155 -62.51 -30.16 -57.86
C SER DE 155 -63.16 -31.49 -57.58
N GLN DE 156 -62.60 -32.26 -56.65
CA GLN DE 156 -63.08 -33.59 -56.34
C GLN DE 156 -63.37 -33.69 -54.84
N PHE DE 157 -64.23 -34.66 -54.51
CA PHE DE 157 -64.60 -34.93 -53.13
C PHE DE 157 -63.97 -36.23 -52.68
N VAL DE 158 -63.49 -36.26 -51.45
CA VAL DE 158 -62.87 -37.45 -50.87
C VAL DE 158 -63.78 -37.97 -49.76
N ASN DE 159 -64.17 -39.23 -49.88
CA ASN DE 159 -64.99 -39.91 -48.88
C ASN DE 159 -64.10 -40.74 -47.98
N LEU DE 160 -64.21 -40.51 -46.68
CA LEU DE 160 -63.44 -41.26 -45.68
C LEU DE 160 -64.26 -42.38 -45.04
N SER DE 161 -65.23 -42.92 -45.78
CA SER DE 161 -66.06 -43.98 -45.26
C SER DE 161 -65.27 -45.29 -45.18
N PRO DE 162 -65.58 -46.17 -44.21
CA PRO DE 162 -64.80 -47.40 -44.07
C PRO DE 162 -65.15 -48.49 -45.08
N GLY DE 163 -65.94 -48.16 -46.10
CA GLY DE 163 -66.21 -49.09 -47.17
C GLY DE 163 -66.21 -48.42 -48.53
N SER DE 164 -65.74 -47.17 -48.57
CA SER DE 164 -65.77 -46.39 -49.80
C SER DE 164 -64.58 -46.69 -50.70
N THR DE 165 -64.78 -46.51 -52.00
CA THR DE 165 -63.68 -46.60 -52.94
C THR DE 165 -62.81 -45.35 -52.81
N PRO DE 166 -61.51 -45.48 -52.55
CA PRO DE 166 -60.68 -44.29 -52.35
C PRO DE 166 -60.46 -43.55 -53.66
N PRO DE 167 -60.18 -42.26 -53.61
CA PRO DE 167 -60.03 -41.47 -54.84
C PRO DE 167 -58.80 -41.82 -55.66
N VAL DE 168 -58.95 -41.60 -56.97
CA VAL DE 168 -57.98 -41.95 -57.99
C VAL DE 168 -57.59 -40.67 -58.71
N ILE DE 169 -56.29 -40.40 -58.79
CA ILE DE 169 -55.78 -39.18 -59.41
C ILE DE 169 -55.08 -39.57 -60.71
N ARG DE 170 -55.60 -39.07 -61.83
CA ARG DE 170 -54.91 -39.20 -63.10
C ARG DE 170 -53.73 -38.25 -63.14
N LEU DE 171 -52.65 -38.69 -63.76
CA LEU DE 171 -51.42 -37.92 -63.78
C LEU DE 171 -50.85 -37.89 -65.20
N SER DE 172 -50.14 -36.82 -65.51
CA SER DE 172 -49.37 -36.71 -66.73
C SER DE 172 -47.89 -36.90 -66.39
N GLN DE 173 -47.20 -37.64 -67.24
CA GLN DE 173 -45.81 -38.02 -66.96
C GLN DE 173 -44.89 -36.81 -67.06
N GLY DE 174 -44.12 -36.58 -66.00
CA GLY DE 174 -43.22 -35.45 -65.98
C GLY DE 174 -43.91 -34.12 -65.84
N PHE DE 175 -45.16 -34.10 -65.40
CA PHE DE 175 -45.92 -32.86 -65.26
C PHE DE 175 -46.37 -32.68 -63.82
N VAL DE 176 -46.36 -31.44 -63.37
CA VAL DE 176 -46.67 -31.11 -61.98
C VAL DE 176 -48.18 -30.97 -61.83
N SER DE 177 -48.73 -31.67 -60.84
CA SER DE 177 -50.13 -31.57 -60.48
C SER DE 177 -50.21 -31.03 -59.06
N SER DE 178 -51.15 -30.10 -58.84
CA SER DE 178 -51.30 -29.41 -57.56
C SER DE 178 -52.54 -29.94 -56.86
N LEU DE 179 -52.36 -30.42 -55.63
CA LEU DE 179 -53.44 -30.98 -54.85
C LEU DE 179 -53.60 -30.12 -53.60
N VAL DE 180 -54.78 -29.52 -53.43
CA VAL DE 180 -55.05 -28.62 -52.32
C VAL DE 180 -56.12 -29.24 -51.43
N PHE DE 181 -55.82 -29.35 -50.14
CA PHE DE 181 -56.65 -30.05 -49.18
C PHE DE 181 -57.64 -29.07 -48.57
N LEU DE 182 -58.93 -29.37 -48.68
CA LEU DE 182 -59.98 -28.50 -48.14
C LEU DE 182 -60.96 -29.36 -47.37
N ASP DE 183 -61.33 -28.93 -46.16
CA ASP DE 183 -62.32 -29.64 -45.37
C ASP DE 183 -63.71 -29.22 -45.83
N SER DE 184 -64.75 -29.70 -45.12
CA SER DE 184 -66.12 -29.48 -45.55
C SER DE 184 -66.59 -28.05 -45.32
N THR DE 185 -65.87 -27.26 -44.52
CA THR DE 185 -66.12 -25.83 -44.45
C THR DE 185 -65.53 -25.08 -45.62
N GLY DE 186 -64.72 -25.73 -46.44
CA GLY DE 186 -63.93 -25.06 -47.45
C GLY DE 186 -62.61 -24.52 -46.94
N ALA DE 187 -62.34 -24.65 -45.63
CA ALA DE 187 -61.10 -24.17 -45.08
C ALA DE 187 -59.95 -25.08 -45.49
N PRO DE 188 -58.77 -24.51 -45.72
CA PRO DE 188 -57.60 -25.36 -46.01
C PRO DE 188 -57.13 -26.08 -44.76
N TRP DE 189 -56.91 -27.38 -44.89
CA TRP DE 189 -56.38 -28.17 -43.79
C TRP DE 189 -54.89 -28.40 -44.05
N PRO DE 190 -54.01 -27.76 -43.28
CA PRO DE 190 -52.57 -27.95 -43.49
C PRO DE 190 -52.13 -29.36 -43.11
N ILE DE 191 -51.08 -29.82 -43.78
CA ILE DE 191 -50.66 -31.21 -43.76
C ILE DE 191 -49.70 -31.42 -42.61
N ALA DE 192 -50.00 -32.41 -41.75
CA ALA DE 192 -49.09 -32.75 -40.67
C ALA DE 192 -47.94 -33.62 -41.18
N ALA DE 193 -48.27 -34.71 -41.86
CA ALA DE 193 -47.25 -35.65 -42.32
C ALA DE 193 -47.77 -36.41 -43.54
N TYR DE 194 -46.85 -37.06 -44.24
CA TYR DE 194 -47.21 -37.86 -45.40
C TYR DE 194 -46.18 -38.94 -45.64
N ASP DE 195 -46.56 -39.93 -46.44
CA ASP DE 195 -45.70 -41.03 -46.83
C ASP DE 195 -45.98 -41.39 -48.28
N LEU DE 196 -44.94 -41.33 -49.12
CA LEU DE 196 -45.05 -41.68 -50.53
C LEU DE 196 -44.39 -43.03 -50.74
N GLY DE 197 -45.20 -44.04 -51.06
CA GLY DE 197 -44.64 -45.30 -51.51
C GLY DE 197 -44.06 -45.17 -52.90
N ASP DE 198 -43.07 -46.04 -53.19
CA ASP DE 198 -42.16 -46.09 -54.34
C ASP DE 198 -41.77 -44.70 -54.82
N PRO DE 199 -40.93 -43.98 -54.07
CA PRO DE 199 -40.71 -42.55 -54.36
C PRO DE 199 -39.93 -42.27 -55.63
N SER DE 200 -39.32 -43.26 -56.28
CA SER DE 200 -38.66 -42.98 -57.56
C SER DE 200 -39.66 -42.82 -58.70
N SER DE 201 -40.87 -43.35 -58.54
CA SER DE 201 -41.86 -43.23 -59.60
C SER DE 201 -42.49 -41.85 -59.67
N PHE DE 202 -42.29 -41.01 -58.66
CA PHE DE 202 -42.93 -39.72 -58.59
C PHE DE 202 -41.93 -38.68 -58.10
N ASN DE 203 -42.34 -37.41 -58.15
CA ASN DE 203 -41.57 -36.33 -57.57
C ASN DE 203 -42.51 -35.47 -56.74
N ILE DE 204 -42.16 -35.23 -55.49
CA ILE DE 204 -42.99 -34.49 -54.56
C ILE DE 204 -42.24 -33.25 -54.10
N GLN DE 205 -42.86 -32.09 -54.25
CA GLN DE 205 -42.33 -30.83 -53.75
C GLN DE 205 -43.35 -30.27 -52.75
N TRP DE 206 -42.87 -29.94 -51.55
CA TRP DE 206 -43.81 -29.56 -50.49
C TRP DE 206 -43.09 -28.71 -49.43
N ASP DE 207 -43.57 -27.49 -49.23
CA ASP DE 207 -43.20 -26.73 -48.04
C ASP DE 207 -43.95 -27.29 -46.83
N LYS DE 208 -43.22 -27.46 -45.73
CA LYS DE 208 -43.64 -28.32 -44.63
C LYS DE 208 -44.84 -27.82 -43.85
N THR DE 209 -45.26 -26.56 -44.04
CA THR DE 209 -46.37 -25.99 -43.28
C THR DE 209 -47.50 -25.54 -44.19
N SER DE 210 -47.85 -26.33 -45.20
CA SER DE 210 -48.85 -25.95 -46.17
C SER DE 210 -49.94 -27.01 -46.28
N ASN DE 211 -50.90 -26.75 -47.17
CA ASN DE 211 -52.01 -27.66 -47.45
C ASN DE 211 -52.04 -28.08 -48.91
N THR DE 212 -50.94 -27.87 -49.62
CA THR DE 212 -50.88 -28.12 -51.06
C THR DE 212 -49.66 -28.98 -51.37
N LEU DE 213 -49.84 -29.93 -52.27
CA LEU DE 213 -48.79 -30.85 -52.69
C LEU DE 213 -48.59 -30.72 -54.20
N MET DE 214 -47.32 -30.78 -54.61
CA MET DE 214 -46.96 -30.79 -56.02
C MET DE 214 -46.41 -32.16 -56.36
N ILE DE 215 -47.05 -32.85 -57.30
CA ILE DE 215 -46.72 -34.22 -57.63
C ILE DE 215 -46.38 -34.31 -59.11
N GLN DE 216 -45.22 -34.86 -59.42
CA GLN DE 216 -44.75 -35.00 -60.81
C GLN DE 216 -44.57 -36.47 -61.10
N ALA DE 217 -45.29 -36.97 -62.10
CA ALA DE 217 -45.23 -38.39 -62.45
C ALA DE 217 -43.93 -38.65 -63.18
N THR DE 218 -42.96 -39.24 -62.46
CA THR DE 218 -41.65 -39.49 -63.05
C THR DE 218 -41.69 -40.61 -64.06
N LYS DE 219 -42.33 -41.72 -63.73
CA LYS DE 219 -42.38 -42.87 -64.62
C LYS DE 219 -43.62 -42.77 -65.51
N LEU DE 220 -43.75 -43.72 -66.43
CA LEU DE 220 -44.72 -43.60 -67.52
C LEU DE 220 -46.06 -44.27 -67.21
N TYR DE 221 -46.06 -45.58 -66.99
CA TYR DE 221 -47.30 -46.33 -66.91
C TYR DE 221 -47.43 -47.15 -65.64
N ASN DE 222 -46.44 -47.13 -64.76
CA ASN DE 222 -46.49 -47.86 -63.51
C ASN DE 222 -47.09 -46.96 -62.44
N TYR DE 223 -48.07 -47.48 -61.71
CA TYR DE 223 -48.93 -46.70 -60.83
C TYR DE 223 -48.47 -46.78 -59.39
N GLY DE 224 -49.03 -45.88 -58.57
CA GLY DE 224 -48.65 -45.82 -57.16
C GLY DE 224 -49.74 -45.39 -56.22
N ASN DE 225 -49.36 -45.06 -54.99
CA ASN DE 225 -50.31 -44.61 -53.99
C ASN DE 225 -49.60 -43.68 -53.01
N LEU DE 226 -50.39 -42.88 -52.30
CA LEU DE 226 -49.85 -41.85 -51.42
C LEU DE 226 -50.71 -41.74 -50.18
N ALA DE 227 -50.08 -41.74 -49.00
CA ALA DE 227 -50.78 -41.59 -47.74
C ALA DE 227 -50.47 -40.23 -47.14
N VAL DE 228 -51.49 -39.55 -46.64
CA VAL DE 228 -51.36 -38.23 -46.05
C VAL DE 228 -52.15 -38.19 -44.76
N ARG DE 229 -51.51 -37.75 -43.67
CA ARG DE 229 -52.19 -37.55 -42.39
C ARG DE 229 -52.18 -36.06 -42.06
N LEU DE 230 -53.37 -35.51 -41.83
CA LEU DE 230 -53.51 -34.11 -41.47
C LEU DE 230 -53.33 -33.96 -39.96
N ARG DE 231 -53.50 -32.74 -39.45
CA ARG DE 231 -53.16 -32.47 -38.06
C ARG DE 231 -54.26 -32.96 -37.11
N GLY DE 232 -55.45 -32.41 -37.24
CA GLY DE 232 -56.55 -32.85 -36.39
C GLY DE 232 -57.09 -34.22 -36.73
N LEU DE 233 -56.76 -34.75 -37.90
CA LEU DE 233 -57.18 -36.09 -38.26
C LEU DE 233 -56.41 -37.14 -37.47
N ASN DE 234 -57.11 -38.18 -37.06
CA ASN DE 234 -56.47 -39.32 -36.44
C ASN DE 234 -56.19 -40.43 -37.44
N THR DE 235 -56.97 -40.50 -38.51
CA THR DE 235 -56.82 -41.54 -39.51
C THR DE 235 -56.37 -40.92 -40.83
N PRO DE 236 -55.28 -41.41 -41.42
CA PRO DE 236 -54.79 -40.83 -42.67
C PRO DE 236 -55.59 -41.32 -43.88
N VAL DE 237 -55.31 -40.70 -45.01
CA VAL DE 237 -56.03 -40.94 -46.26
C VAL DE 237 -55.02 -41.43 -47.30
N MET DE 238 -55.35 -42.52 -47.97
CA MET DE 238 -54.54 -43.07 -49.05
C MET DE 238 -55.24 -42.85 -50.38
N LEU DE 239 -54.50 -42.35 -51.36
CA LEU DE 239 -55.01 -42.05 -52.69
C LEU DE 239 -54.24 -42.85 -53.73
N THR DE 240 -54.93 -43.24 -54.78
CA THR DE 240 -54.29 -43.97 -55.87
C THR DE 240 -53.82 -43.00 -56.94
N LEU DE 241 -52.67 -43.28 -57.53
CA LEU DE 241 -52.01 -42.39 -58.48
C LEU DE 241 -51.79 -43.14 -59.78
N ILE DE 242 -52.52 -42.77 -60.82
CA ILE DE 242 -52.42 -43.47 -62.11
C ILE DE 242 -51.85 -42.51 -63.14
N PRO DE 243 -50.62 -42.70 -63.59
CA PRO DE 243 -50.09 -41.86 -64.67
C PRO DE 243 -50.66 -42.27 -66.02
N GLY DE 244 -50.63 -41.31 -66.95
CA GLY DE 244 -50.99 -41.59 -68.33
C GLY DE 244 -52.47 -41.83 -68.60
N GLN DE 245 -53.29 -40.78 -68.52
CA GLN DE 245 -54.70 -40.88 -68.85
C GLN DE 245 -55.07 -39.81 -69.87
N LYS DE 246 -56.33 -39.85 -70.31
CA LYS DE 246 -56.81 -39.01 -71.40
C LYS DE 246 -57.16 -37.59 -70.96
N ALA DE 247 -57.06 -37.28 -69.68
CA ALA DE 247 -57.26 -35.92 -69.20
C ALA DE 247 -56.34 -35.72 -68.01
N VAL DE 248 -55.63 -34.59 -68.00
CA VAL DE 248 -54.62 -34.33 -66.99
C VAL DE 248 -55.21 -33.40 -65.93
N ASP DE 249 -55.15 -33.83 -64.67
CA ASP DE 249 -55.61 -33.04 -63.54
C ASP DE 249 -54.53 -32.02 -63.19
N TYR DE 250 -54.66 -30.83 -63.75
CA TYR DE 250 -53.72 -29.76 -63.44
C TYR DE 250 -53.86 -29.28 -62.00
N ARG DE 251 -55.07 -29.32 -61.46
CA ARG DE 251 -55.32 -28.97 -60.07
C ARG DE 251 -56.48 -29.79 -59.56
N VAL DE 252 -56.34 -30.35 -58.36
CA VAL DE 252 -57.43 -31.04 -57.68
C VAL DE 252 -57.61 -30.42 -56.30
N ASP DE 253 -58.80 -29.88 -56.05
CA ASP DE 253 -59.18 -29.36 -54.75
C ASP DE 253 -59.95 -30.45 -54.03
N LEU DE 254 -59.26 -31.24 -53.23
CA LEU DE 254 -59.88 -32.39 -52.60
C LEU DE 254 -60.69 -31.94 -51.39
N ARG DE 255 -61.83 -32.59 -51.19
CA ARG DE 255 -62.81 -32.18 -50.19
C ARG DE 255 -62.96 -33.28 -49.15
N VAL DE 256 -62.81 -32.90 -47.89
CA VAL DE 256 -62.85 -33.83 -46.77
C VAL DE 256 -64.22 -33.75 -46.11
N GLN DE 257 -64.73 -34.90 -45.67
CA GLN DE 257 -66.00 -34.92 -44.94
C GLN DE 257 -65.88 -34.23 -43.59
N GLY DE 258 -64.72 -34.34 -42.94
CA GLY DE 258 -64.50 -33.74 -41.65
C GLY DE 258 -64.19 -32.26 -41.75
N TYR DE 259 -63.75 -31.71 -40.61
CA TYR DE 259 -63.41 -30.30 -40.50
C TYR DE 259 -62.06 -30.15 -39.81
N GLY DE 260 -61.25 -29.22 -40.31
CA GLY DE 260 -59.98 -28.92 -39.69
C GLY DE 260 -60.14 -27.99 -38.51
N PRO DE 261 -59.02 -27.60 -37.89
CA PRO DE 261 -59.09 -26.59 -36.82
C PRO DE 261 -59.54 -25.22 -37.32
N ASN DE 262 -59.20 -24.87 -38.55
CA ASN DE 262 -59.72 -23.67 -39.18
C ASN DE 262 -61.03 -24.01 -39.88
N ALA DE 263 -61.93 -23.04 -39.92
CA ALA DE 263 -63.24 -23.25 -40.53
C ALA DE 263 -63.79 -21.96 -41.12
N ASP DE 278 -71.78 -12.48 -52.49
CA ASP DE 278 -71.66 -13.92 -52.71
C ASP DE 278 -71.82 -14.26 -54.19
N LEU DE 279 -72.97 -14.84 -54.55
CA LEU DE 279 -73.25 -15.13 -55.96
C LEU DE 279 -73.42 -13.84 -56.76
N LEU DE 280 -74.00 -12.82 -56.14
CA LEU DE 280 -74.10 -11.51 -56.77
C LEU DE 280 -72.73 -10.90 -56.99
N LEU DE 281 -71.82 -11.08 -56.02
CA LEU DE 281 -70.45 -10.60 -56.18
C LEU DE 281 -69.72 -11.36 -57.28
N HIS DE 282 -69.96 -12.66 -57.37
CA HIS DE 282 -69.32 -13.47 -58.42
C HIS DE 282 -69.83 -13.08 -59.81
N VAL DE 283 -71.14 -12.84 -59.94
CA VAL DE 283 -71.68 -12.45 -61.23
C VAL DE 283 -71.34 -10.99 -61.55
N LEU DE 284 -71.05 -10.17 -60.53
CA LEU DE 284 -70.50 -8.85 -60.80
C LEU DE 284 -69.05 -8.95 -61.26
N GLU DE 285 -68.31 -9.92 -60.74
CA GLU DE 285 -66.97 -10.19 -61.26
C GLU DE 285 -67.02 -10.67 -62.70
N GLY DE 286 -68.00 -11.50 -63.04
CA GLY DE 286 -68.20 -11.84 -64.43
C GLY DE 286 -68.61 -13.28 -64.71
N VAL DE 287 -68.35 -14.18 -63.76
CA VAL DE 287 -68.71 -15.59 -63.99
C VAL DE 287 -70.22 -15.75 -63.84
N PRO DE 288 -70.87 -16.55 -64.67
CA PRO DE 288 -72.32 -16.75 -64.56
C PRO DE 288 -72.66 -17.55 -63.32
N PRO DE 289 -73.89 -17.42 -62.81
CA PRO DE 289 -74.31 -18.27 -61.70
C PRO DE 289 -74.47 -19.71 -62.15
N PRO DE 290 -74.32 -20.67 -61.24
CA PRO DE 290 -74.50 -22.08 -61.62
C PRO DE 290 -75.95 -22.39 -61.94
N GLY DE 291 -76.15 -23.23 -62.95
CA GLY DE 291 -77.48 -23.59 -63.40
C GLY DE 291 -78.21 -22.51 -64.18
N SER DE 292 -77.50 -21.46 -64.62
CA SER DE 292 -78.14 -20.38 -65.34
C SER DE 292 -78.47 -20.81 -66.77
N ARG DE 293 -79.48 -20.15 -67.33
CA ARG DE 293 -79.95 -20.44 -68.67
C ARG DE 293 -79.85 -19.19 -69.54
N ARG DE 294 -79.58 -19.40 -70.82
CA ARG DE 294 -79.34 -18.29 -71.73
C ARG DE 294 -80.66 -17.62 -72.10
N LEU DE 295 -80.70 -16.30 -71.97
CA LEU DE 295 -81.83 -15.50 -72.42
C LEU DE 295 -81.29 -14.33 -73.23
N VAL DE 296 -82.08 -13.88 -74.20
CA VAL DE 296 -81.67 -12.83 -75.13
C VAL DE 296 -82.46 -11.56 -74.81
N VAL DE 297 -81.76 -10.45 -74.66
CA VAL DE 297 -82.39 -9.16 -74.44
C VAL DE 297 -82.53 -8.45 -75.78
N SER DE 298 -83.36 -7.42 -75.81
CA SER DE 298 -83.67 -6.68 -77.04
C SER DE 298 -83.01 -5.31 -76.96
N GLY DE 299 -81.88 -5.16 -77.65
CA GLY DE 299 -81.24 -3.87 -77.79
C GLY DE 299 -80.65 -3.29 -76.54
N GLY DE 300 -80.31 -4.13 -75.56
CA GLY DE 300 -79.81 -3.66 -74.28
C GLY DE 300 -78.35 -4.04 -74.08
N ASP DE 301 -77.63 -3.16 -73.38
CA ASP DE 301 -76.21 -3.39 -73.07
C ASP DE 301 -76.11 -4.21 -71.78
N ALA DE 302 -76.48 -5.49 -71.91
CA ALA DE 302 -76.60 -6.35 -70.75
C ALA DE 302 -76.49 -7.81 -71.17
N ARG DE 303 -76.28 -8.66 -70.17
CA ARG DE 303 -76.42 -10.10 -70.33
C ARG DE 303 -77.29 -10.62 -69.19
N ALA DE 304 -78.35 -11.34 -69.54
CA ALA DE 304 -79.35 -11.75 -68.57
C ALA DE 304 -79.49 -13.27 -68.59
N TRP DE 305 -79.69 -13.83 -67.40
CA TRP DE 305 -79.82 -15.27 -67.25
C TRP DE 305 -80.88 -15.59 -66.21
N LEU DE 306 -81.39 -16.82 -66.29
CA LEU DE 306 -82.33 -17.38 -65.32
C LEU DE 306 -81.69 -18.61 -64.71
N SER DE 307 -81.43 -18.56 -63.41
CA SER DE 307 -80.77 -19.64 -62.70
C SER DE 307 -81.66 -20.29 -61.66
N ASN DE 308 -82.34 -19.49 -60.83
CA ASN DE 308 -83.20 -19.97 -59.76
C ASN DE 308 -84.57 -19.32 -59.88
N GLU DE 309 -85.14 -19.42 -61.09
CA GLU DE 309 -86.30 -18.70 -61.63
C GLU DE 309 -86.31 -17.22 -61.25
N LYS DE 310 -85.13 -16.60 -61.25
CA LYS DE 310 -84.96 -15.19 -60.94
C LYS DE 310 -84.06 -14.56 -61.98
N MET DE 311 -84.31 -13.30 -62.31
CA MET DE 311 -83.57 -12.60 -63.34
C MET DE 311 -82.23 -12.13 -62.77
N TYR DE 312 -81.13 -12.60 -63.36
CA TYR DE 312 -79.79 -12.18 -63.03
C TYR DE 312 -79.23 -11.39 -64.20
N VAL DE 313 -78.98 -10.11 -64.00
CA VAL DE 313 -78.59 -9.19 -65.06
C VAL DE 313 -77.19 -8.68 -64.78
N ARG DE 314 -76.35 -8.63 -65.81
CA ARG DE 314 -75.03 -8.01 -65.75
C ARG DE 314 -75.02 -6.88 -66.78
N THR DE 315 -74.93 -5.65 -66.32
CA THR DE 315 -75.14 -4.51 -67.20
C THR DE 315 -74.26 -3.35 -66.75
N ASN DE 316 -74.54 -2.17 -67.33
CA ASN DE 316 -73.89 -0.94 -66.94
C ASN DE 316 -74.85 0.19 -66.66
N LEU DE 317 -76.13 0.05 -67.02
CA LEU DE 317 -77.12 1.10 -66.81
C LEU DE 317 -77.78 0.93 -65.45
N THR DE 318 -78.86 1.67 -65.20
CA THR DE 318 -79.58 1.60 -63.95
C THR DE 318 -81.07 1.35 -64.22
N ILE DE 319 -81.67 0.48 -63.41
CA ILE DE 319 -83.04 0.05 -63.59
C ILE DE 319 -83.94 0.92 -62.72
N LEU DE 320 -85.09 1.32 -63.28
CA LEU DE 320 -85.94 2.31 -62.64
C LEU DE 320 -87.29 1.77 -62.20
N SER DE 321 -88.10 1.22 -63.12
CA SER DE 321 -89.50 0.99 -62.80
C SER DE 321 -89.81 -0.27 -61.99
N PRO DE 322 -89.43 -1.53 -62.41
CA PRO DE 322 -89.99 -2.70 -61.71
C PRO DE 322 -89.37 -2.96 -60.34
N GLY DE 323 -88.06 -2.80 -60.24
CA GLY DE 323 -87.35 -3.04 -59.00
C GLY DE 323 -86.44 -4.25 -59.09
N TRP DE 324 -85.77 -4.49 -57.97
CA TRP DE 324 -84.72 -5.52 -57.91
C TRP DE 324 -84.74 -6.15 -56.53
N LEU DE 325 -84.47 -7.46 -56.50
CA LEU DE 325 -84.27 -8.12 -55.21
C LEU DE 325 -82.95 -7.71 -54.58
N ALA DE 326 -81.89 -7.66 -55.38
CA ALA DE 326 -80.58 -7.27 -54.86
C ALA DE 326 -79.78 -6.62 -55.97
N SER DE 327 -78.75 -5.86 -55.58
CA SER DE 327 -77.94 -5.16 -56.55
C SER DE 327 -76.51 -5.02 -56.04
N MET DE 328 -75.58 -4.90 -56.98
CA MET DE 328 -74.19 -4.67 -56.68
C MET DE 328 -73.58 -3.76 -57.74
N THR DE 329 -72.70 -2.87 -57.30
CA THR DE 329 -71.95 -2.01 -58.20
C THR DE 329 -70.48 -2.37 -58.10
N SER DE 330 -69.78 -2.24 -59.22
CA SER DE 330 -68.39 -2.64 -59.31
C SER DE 330 -67.47 -1.43 -59.24
N ALA DE 331 -66.16 -1.69 -59.35
CA ALA DE 331 -65.19 -0.60 -59.34
C ALA DE 331 -65.28 0.22 -60.62
N ASP DE 332 -65.54 -0.42 -61.76
CA ASP DE 332 -65.65 0.29 -63.02
C ASP DE 332 -67.02 0.89 -63.25
N GLY DE 333 -67.99 0.62 -62.38
CA GLY DE 333 -69.33 1.15 -62.52
C GLY DE 333 -70.35 0.19 -63.09
N THR DE 334 -69.94 -1.03 -63.46
CA THR DE 334 -70.90 -2.01 -63.92
C THR DE 334 -71.77 -2.50 -62.77
N HIS DE 335 -72.95 -3.00 -63.10
CA HIS DE 335 -73.94 -3.34 -62.10
C HIS DE 335 -74.46 -4.76 -62.30
N ALA DE 336 -74.60 -5.46 -61.19
CA ALA DE 336 -75.22 -6.78 -61.14
C ALA DE 336 -76.57 -6.64 -60.47
N TYR DE 337 -77.59 -7.23 -61.09
CA TYR DE 337 -78.97 -7.08 -60.65
C TYR DE 337 -79.62 -8.44 -60.46
N GLU DE 338 -80.40 -8.56 -59.38
CA GLU DE 338 -81.24 -9.71 -59.15
C GLU DE 338 -82.67 -9.23 -58.92
N MET DE 339 -83.60 -9.75 -59.70
CA MET DE 339 -85.02 -9.49 -59.47
C MET DE 339 -85.80 -10.75 -59.78
N GLN DE 340 -87.12 -10.63 -59.81
CA GLN DE 340 -88.00 -11.74 -60.13
C GLN DE 340 -88.14 -11.86 -61.65
N LYS DE 341 -89.08 -12.68 -62.09
CA LYS DE 341 -89.34 -12.81 -63.52
C LYS DE 341 -90.06 -11.58 -64.05
N SER DE 342 -89.52 -11.01 -65.13
CA SER DE 342 -90.14 -9.86 -65.78
C SER DE 342 -89.74 -9.83 -67.24
N PRO DE 343 -90.70 -9.91 -68.17
CA PRO DE 343 -90.35 -9.94 -69.60
C PRO DE 343 -89.94 -8.59 -70.17
N VAL DE 344 -90.21 -7.49 -69.48
CA VAL DE 344 -89.94 -6.15 -69.98
C VAL DE 344 -89.16 -5.38 -68.92
N LEU DE 345 -88.22 -4.55 -69.38
CA LEU DE 345 -87.44 -3.71 -68.48
C LEU DE 345 -87.39 -2.29 -69.03
N LEU DE 346 -87.37 -1.32 -68.13
CA LEU DE 346 -87.16 0.08 -68.48
C LEU DE 346 -86.00 0.61 -67.67
N VAL DE 347 -85.01 1.19 -68.37
CA VAL DE 347 -83.78 1.66 -67.75
C VAL DE 347 -83.58 3.12 -68.13
N SER DE 348 -82.65 3.77 -67.44
CA SER DE 348 -82.33 5.16 -67.68
C SER DE 348 -80.84 5.31 -67.95
N TRP DE 349 -80.51 6.24 -68.84
CA TRP DE 349 -79.13 6.53 -69.20
C TRP DE 349 -79.09 7.95 -69.76
N HIS DE 350 -78.16 8.75 -69.22
CA HIS DE 350 -77.84 10.13 -69.63
C HIS DE 350 -79.09 11.01 -69.82
N GLY DE 351 -80.10 10.79 -68.99
CA GLY DE 351 -81.30 11.58 -68.98
C GLY DE 351 -82.48 10.96 -69.70
N LYS DE 352 -82.26 9.98 -70.58
CA LYS DE 352 -83.35 9.39 -71.33
C LYS DE 352 -83.63 7.98 -70.83
N VAL DE 353 -84.89 7.57 -70.93
CA VAL DE 353 -85.34 6.26 -70.48
C VAL DE 353 -85.60 5.40 -71.70
N MET DE 354 -84.93 4.25 -71.76
CA MET DE 354 -85.14 3.28 -72.83
C MET DE 354 -85.85 2.05 -72.26
N GLN DE 355 -86.33 1.22 -73.19
CA GLN DE 355 -87.03 -0.01 -72.86
C GLN DE 355 -86.37 -1.16 -73.59
N LEU DE 356 -86.33 -2.33 -72.95
CA LEU DE 356 -85.80 -3.53 -73.55
C LEU DE 356 -86.70 -4.71 -73.22
N LYS DE 357 -86.68 -5.69 -74.12
CA LYS DE 357 -87.50 -6.89 -73.99
C LYS DE 357 -86.60 -8.09 -73.75
N VAL DE 358 -86.86 -8.83 -72.67
CA VAL DE 358 -86.10 -10.02 -72.32
C VAL DE 358 -87.04 -11.21 -72.42
N GLU DE 359 -86.62 -12.22 -73.16
CA GLU DE 359 -87.47 -13.36 -73.49
C GLU DE 359 -86.70 -14.66 -73.28
N GLY DE 360 -87.45 -15.73 -73.02
CA GLY DE 360 -86.85 -17.03 -72.80
C GLY DE 360 -87.18 -17.61 -71.43
N LYS EE 60 -43.34 72.90 -23.11
CA LYS EE 60 -42.42 73.24 -24.19
C LYS EE 60 -42.97 72.77 -25.53
N GLU EE 61 -42.58 71.55 -25.92
CA GLU EE 61 -42.98 70.99 -27.21
C GLU EE 61 -44.43 70.54 -27.22
N THR EE 62 -45.04 70.39 -26.04
CA THR EE 62 -46.43 69.94 -25.96
C THR EE 62 -47.38 70.95 -26.58
N ALA EE 63 -47.10 72.24 -26.39
CA ALA EE 63 -47.88 73.30 -27.02
C ALA EE 63 -47.78 73.23 -28.53
N LEU EE 64 -46.57 72.95 -29.05
CA LEU EE 64 -46.38 72.79 -30.48
C LEU EE 64 -47.16 71.61 -31.02
N SER EE 65 -47.15 70.49 -30.29
CA SER EE 65 -47.85 69.29 -30.73
C SER EE 65 -49.36 69.50 -30.75
N VAL EE 66 -49.91 70.11 -29.69
CA VAL EE 66 -51.35 70.30 -29.66
C VAL EE 66 -51.78 71.41 -30.62
N GLY EE 67 -50.88 72.36 -30.91
CA GLY EE 67 -51.18 73.34 -31.94
C GLY EE 67 -51.23 72.72 -33.31
N ALA EE 68 -50.31 71.80 -33.60
CA ALA EE 68 -50.35 71.07 -34.86
C ALA EE 68 -51.61 70.23 -34.99
N GLN EE 69 -52.00 69.57 -33.88
CA GLN EE 69 -53.22 68.76 -33.89
C GLN EE 69 -54.46 69.61 -34.13
N ALA EE 70 -54.59 70.71 -33.39
CA ALA EE 70 -55.77 71.57 -33.50
C ALA EE 70 -55.84 72.24 -34.85
N GLY EE 71 -54.71 72.71 -35.36
CA GLY EE 71 -54.68 73.32 -36.68
C GLY EE 71 -55.03 72.34 -37.79
N LEU EE 72 -54.50 71.11 -37.69
CA LEU EE 72 -54.80 70.10 -38.69
C LEU EE 72 -56.28 69.72 -38.68
N ALA EE 73 -56.85 69.55 -37.48
CA ALA EE 73 -58.26 69.19 -37.38
C ALA EE 73 -59.17 70.32 -37.87
N TRP EE 74 -58.87 71.57 -37.47
CA TRP EE 74 -59.70 72.70 -37.86
C TRP EE 74 -59.64 72.97 -39.35
N ARG EE 75 -58.43 72.92 -39.92
CA ARG EE 75 -58.27 73.09 -41.35
C ARG EE 75 -58.93 71.97 -42.13
N ALA EE 76 -58.86 70.74 -41.60
CA ALA EE 76 -59.53 69.60 -42.22
C ALA EE 76 -61.03 69.78 -42.26
N LYS EE 77 -61.61 70.27 -41.16
CA LYS EE 77 -63.05 70.51 -41.12
C LYS EE 77 -63.44 71.61 -42.10
N ILE EE 78 -62.62 72.65 -42.21
CA ILE EE 78 -62.91 73.75 -43.15
C ILE EE 78 -62.88 73.26 -44.59
N ILE EE 79 -61.83 72.53 -44.96
CA ILE EE 79 -61.71 72.12 -46.37
C ILE EE 79 -62.72 71.04 -46.70
N ASP EE 80 -63.10 70.20 -45.74
CA ASP EE 80 -64.12 69.21 -46.03
C ASP EE 80 -65.49 69.86 -46.13
N GLU EE 81 -65.72 70.96 -45.39
CA GLU EE 81 -66.93 71.73 -45.59
C GLU EE 81 -66.97 72.36 -46.97
N GLN EE 82 -65.83 72.86 -47.44
CA GLN EE 82 -65.76 73.44 -48.78
C GLN EE 82 -66.02 72.41 -49.87
N LEU EE 83 -65.42 71.22 -49.72
CA LEU EE 83 -65.64 70.17 -50.70
C LEU EE 83 -67.07 69.65 -50.65
N ASN EE 84 -67.67 69.60 -49.47
CA ASN EE 84 -69.07 69.23 -49.37
C ASN EE 84 -69.96 70.30 -49.98
N LYS EE 85 -69.55 71.56 -49.91
CA LYS EE 85 -70.29 72.64 -50.54
C LYS EE 85 -70.27 72.52 -52.06
N GLN EE 86 -69.09 72.27 -52.63
CA GLN EE 86 -68.93 72.25 -54.08
C GLN EE 86 -68.92 70.82 -54.58
N ALA EE 87 -70.06 70.37 -55.11
CA ALA EE 87 -70.19 68.99 -55.56
C ALA EE 87 -70.47 68.87 -57.05
N ARG EE 88 -71.55 69.48 -57.54
CA ARG EE 88 -72.03 69.16 -58.90
C ARG EE 88 -71.16 69.80 -59.97
N ASN EE 89 -70.66 71.00 -59.69
CA ASN EE 89 -69.65 71.61 -60.56
C ASN EE 89 -68.37 70.77 -60.59
N LEU EE 90 -68.00 70.21 -59.44
CA LEU EE 90 -66.83 69.35 -59.38
C LEU EE 90 -67.02 68.07 -60.18
N ASP EE 91 -68.23 67.50 -60.14
CA ASP EE 91 -68.52 66.32 -60.94
C ASP EE 91 -68.57 66.66 -62.42
N ALA EE 92 -69.07 67.86 -62.76
CA ALA EE 92 -69.06 68.33 -64.13
C ALA EE 92 -67.63 68.53 -64.63
N ILE EE 93 -66.72 68.92 -63.74
CA ILE EE 93 -65.31 68.96 -64.11
C ILE EE 93 -64.78 67.57 -64.35
N TYR EE 94 -64.83 66.73 -63.32
CA TYR EE 94 -64.27 65.38 -63.41
C TYR EE 94 -65.32 64.33 -63.74
N ASP EE 95 -66.05 64.57 -64.81
CA ASP EE 95 -66.82 63.51 -65.45
C ASP EE 95 -65.88 62.43 -65.94
N PHE EE 96 -66.31 61.18 -65.83
CA PHE EE 96 -65.45 60.06 -66.20
C PHE EE 96 -66.14 59.13 -67.20
N ASN EE 97 -67.45 58.95 -67.03
CA ASN EE 97 -68.19 57.96 -67.81
C ASN EE 97 -68.30 58.32 -69.28
N SER EE 98 -68.07 59.58 -69.65
CA SER EE 98 -67.99 59.93 -71.06
C SER EE 98 -66.68 59.49 -71.70
N LEU EE 99 -65.72 59.04 -70.91
CA LEU EE 99 -64.41 58.64 -71.44
C LEU EE 99 -64.24 57.13 -71.49
N VAL EE 100 -65.13 56.37 -70.87
CA VAL EE 100 -64.98 54.92 -70.82
C VAL EE 100 -65.32 54.33 -72.17
N LEU EE 101 -64.49 53.39 -72.62
CA LEU EE 101 -64.73 52.71 -73.88
C LEU EE 101 -65.93 51.76 -73.74
N GLU EE 102 -66.42 51.30 -74.90
CA GLU EE 102 -67.69 50.57 -74.96
C GLU EE 102 -67.60 49.17 -74.35
N HIS EE 103 -66.40 48.63 -74.17
CA HIS EE 103 -66.26 47.32 -73.55
C HIS EE 103 -65.88 47.42 -72.08
N ASN EE 104 -66.17 48.56 -71.45
CA ASN EE 104 -65.95 48.81 -70.02
C ASN EE 104 -64.49 48.62 -69.64
N ILE EE 105 -63.59 49.08 -70.50
CA ILE EE 105 -62.17 49.04 -70.27
C ILE EE 105 -61.71 50.45 -69.95
N LEU EE 106 -61.03 50.61 -68.82
CA LEU EE 106 -60.52 51.92 -68.45
C LEU EE 106 -59.39 52.31 -69.39
N PRO EE 107 -59.40 53.52 -69.94
CA PRO EE 107 -58.32 53.94 -70.82
C PRO EE 107 -57.02 54.08 -70.05
N PRO EE 108 -55.88 53.84 -70.69
CA PRO EE 108 -54.60 53.87 -69.99
C PRO EE 108 -54.12 55.29 -69.76
N VAL EE 109 -52.94 55.40 -69.15
CA VAL EE 109 -52.36 56.67 -68.74
C VAL EE 109 -51.13 56.93 -69.60
N LEU EE 110 -51.05 58.12 -70.18
CA LEU EE 110 -49.99 58.48 -71.10
C LEU EE 110 -49.30 59.75 -70.62
N LEU EE 111 -48.00 59.85 -70.91
CA LEU EE 111 -47.19 60.99 -70.51
C LEU EE 111 -46.33 61.44 -71.68
N GLU EE 112 -46.17 62.76 -71.81
CA GLU EE 112 -45.41 63.40 -72.86
C GLU EE 112 -44.40 64.34 -72.25
N GLY EE 113 -43.15 64.25 -72.68
CA GLY EE 113 -42.09 65.15 -72.23
C GLY EE 113 -41.47 65.85 -73.41
N ARG EE 114 -41.16 67.13 -73.23
CA ARG EE 114 -40.65 67.98 -74.30
C ARG EE 114 -39.25 68.46 -74.00
N ASN EE 115 -38.40 68.43 -75.03
CA ASN EE 115 -37.04 68.97 -75.02
C ASN EE 115 -36.19 68.32 -73.93
N THR EE 116 -36.00 67.01 -74.07
CA THR EE 116 -35.37 66.21 -73.04
C THR EE 116 -33.88 66.08 -73.33
N LEU EE 117 -33.05 66.65 -72.44
CA LEU EE 117 -31.61 66.53 -72.53
C LEU EE 117 -31.08 65.89 -71.26
N ASN EE 118 -30.30 64.82 -71.44
CA ASN EE 118 -29.60 64.16 -70.35
C ASN EE 118 -28.11 64.29 -70.58
N LEU EE 119 -27.37 64.48 -69.50
CA LEU EE 119 -25.91 64.46 -69.55
C LEU EE 119 -25.43 63.23 -68.81
N ALA EE 120 -24.65 62.39 -69.48
CA ALA EE 120 -24.05 61.26 -68.77
C ALA EE 120 -22.84 61.73 -67.98
N ASP EE 121 -21.89 62.34 -68.65
CA ASP EE 121 -20.70 62.95 -68.05
C ASP EE 121 -20.19 63.97 -69.05
N ALA EE 122 -18.93 64.39 -68.88
CA ALA EE 122 -18.27 65.18 -69.90
C ALA EE 122 -18.19 64.38 -71.21
N GLN EE 123 -18.29 65.13 -72.32
CA GLN EE 123 -18.28 64.61 -73.70
C GLN EE 123 -19.41 63.60 -73.95
N SER EE 124 -20.54 63.74 -73.25
CA SER EE 124 -21.62 62.75 -73.39
C SER EE 124 -22.95 63.41 -72.99
N ILE EE 125 -23.74 63.78 -74.01
CA ILE EE 125 -25.10 64.25 -73.79
C ILE EE 125 -26.01 63.60 -74.81
N ARG EE 126 -27.31 63.65 -74.51
CA ARG EE 126 -28.33 62.97 -75.29
C ARG EE 126 -29.58 63.82 -75.28
N ILE EE 127 -30.02 64.28 -76.44
CA ILE EE 127 -31.11 65.24 -76.54
C ILE EE 127 -32.15 64.69 -77.51
N SER EE 128 -33.43 64.78 -77.13
CA SER EE 128 -34.55 64.50 -78.01
C SER EE 128 -35.59 65.59 -77.87
N ASP EE 129 -36.41 65.73 -78.91
CA ASP EE 129 -37.48 66.72 -78.88
C ASP EE 129 -38.57 66.32 -77.90
N ARG EE 130 -39.10 65.11 -78.05
CA ARG EE 130 -40.18 64.67 -77.19
C ARG EE 130 -40.04 63.19 -76.89
N THR EE 131 -40.69 62.79 -75.81
CA THR EE 131 -40.73 61.41 -75.35
C THR EE 131 -42.16 61.09 -74.93
N TYR EE 132 -42.57 59.85 -75.15
CA TYR EE 132 -43.88 59.40 -74.73
C TYR EE 132 -43.76 58.10 -73.96
N LYS EE 133 -44.53 58.02 -72.88
CA LYS EE 133 -44.39 57.00 -71.85
C LYS EE 133 -45.78 56.53 -71.43
N VAL EE 134 -45.93 55.22 -71.22
CA VAL EE 134 -47.18 54.66 -70.72
C VAL EE 134 -47.02 54.42 -69.23
N ALA EE 135 -47.87 55.04 -68.42
CA ALA EE 135 -47.78 54.90 -66.97
C ALA EE 135 -48.49 53.65 -66.49
N LYS EE 136 -49.80 53.56 -66.70
CA LYS EE 136 -50.59 52.42 -66.27
C LYS EE 136 -51.20 51.76 -67.49
N GLN EE 137 -51.08 50.44 -67.55
CA GLN EE 137 -51.71 49.68 -68.62
C GLN EE 137 -53.23 49.71 -68.47
N ALA EE 138 -53.93 49.75 -69.60
CA ALA EE 138 -55.38 49.73 -69.60
C ALA EE 138 -55.91 48.41 -69.05
N HIS EE 139 -57.05 48.49 -68.38
CA HIS EE 139 -57.63 47.32 -67.74
C HIS EE 139 -59.14 47.46 -67.71
N PHE EE 140 -59.80 46.36 -67.33
CA PHE EE 140 -61.25 46.36 -67.19
C PHE EE 140 -61.67 47.18 -65.97
N ILE EE 141 -62.96 47.50 -65.93
CA ILE EE 141 -63.52 48.28 -64.83
C ILE EE 141 -64.99 47.92 -64.69
N THR EE 142 -65.54 48.19 -63.52
CA THR EE 142 -66.96 48.02 -63.26
C THR EE 142 -67.68 49.33 -63.02
N THR EE 143 -67.06 50.24 -62.28
CA THR EE 143 -67.65 51.53 -61.98
C THR EE 143 -66.66 52.63 -62.33
N PRO EE 144 -67.13 53.78 -62.78
CA PRO EE 144 -66.22 54.91 -62.98
C PRO EE 144 -65.69 55.42 -61.65
N PRO EE 145 -64.48 55.94 -61.63
CA PRO EE 145 -63.96 56.58 -60.42
C PRO EE 145 -64.58 57.96 -60.23
N THR EE 146 -64.22 58.59 -59.12
CA THR EE 146 -64.78 59.89 -58.77
C THR EE 146 -63.71 60.65 -57.99
N TRP EE 147 -64.14 61.68 -57.28
CA TRP EE 147 -63.23 62.59 -56.58
C TRP EE 147 -62.94 62.19 -55.15
N ARG EE 148 -63.74 61.29 -54.56
CA ARG EE 148 -63.60 61.01 -53.13
C ARG EE 148 -62.32 60.26 -52.82
N GLN EE 149 -61.87 59.41 -53.74
CA GLN EE 149 -60.65 58.65 -53.56
C GLN EE 149 -59.43 59.40 -54.08
N TYR EE 150 -59.57 60.69 -54.34
CA TYR EE 150 -58.44 61.49 -54.79
C TYR EE 150 -58.30 62.78 -53.99
N LEU EE 151 -59.40 63.29 -53.47
CA LEU EE 151 -59.37 64.63 -52.88
C LEU EE 151 -59.79 64.66 -51.42
N TRP EE 152 -60.82 63.91 -51.04
CA TRP EE 152 -61.33 63.97 -49.68
C TRP EE 152 -60.33 63.38 -48.72
N MET EE 153 -60.23 64.00 -47.54
CA MET EE 153 -59.25 63.62 -46.55
C MET EE 153 -59.95 63.35 -45.22
N ASP EE 154 -59.25 62.63 -44.35
CA ASP EE 154 -59.84 62.13 -43.12
C ASP EE 154 -60.02 63.25 -42.10
N TYR EE 155 -60.65 62.90 -40.98
CA TYR EE 155 -60.87 63.83 -39.89
C TYR EE 155 -60.97 63.05 -38.59
N VAL EE 156 -60.07 63.32 -37.66
CA VAL EE 156 -60.11 62.75 -36.33
C VAL EE 156 -59.98 63.90 -35.34
N LYS EE 157 -61.00 64.11 -34.53
CA LYS EE 157 -60.93 65.12 -33.49
C LYS EE 157 -60.03 64.63 -32.36
N PRO EE 158 -59.05 65.41 -31.92
CA PRO EE 158 -58.32 65.08 -30.70
C PRO EE 158 -59.05 65.66 -29.50
N GLU EE 159 -59.46 64.79 -28.58
CA GLU EE 159 -60.25 65.20 -27.43
C GLU EE 159 -59.50 65.13 -26.11
N ALA EE 160 -58.24 64.70 -26.10
CA ALA EE 160 -57.52 64.43 -24.87
C ALA EE 160 -56.20 65.20 -24.82
N PRO EE 161 -56.23 66.47 -24.44
CA PRO EE 161 -55.00 67.11 -23.98
C PRO EE 161 -54.79 66.83 -22.50
N ASN EE 162 -53.74 66.07 -22.17
CA ASN EE 162 -53.54 65.64 -20.79
C ASN EE 162 -53.05 66.81 -19.95
N VAL EE 163 -53.77 67.10 -18.87
CA VAL EE 163 -53.46 68.27 -18.04
C VAL EE 163 -52.39 67.81 -17.05
N THR EE 164 -51.15 67.78 -17.53
CA THR EE 164 -50.00 67.49 -16.70
C THR EE 164 -49.00 68.63 -16.72
N LEU EE 165 -48.56 69.08 -17.90
CA LEU EE 165 -47.73 70.27 -18.03
C LEU EE 165 -48.68 71.47 -18.08
N LEU EE 166 -49.20 71.83 -16.91
CA LEU EE 166 -50.17 72.90 -16.80
C LEU EE 166 -49.47 74.24 -16.98
N PRO EE 167 -49.93 75.09 -17.88
CA PRO EE 167 -49.41 76.46 -17.94
C PRO EE 167 -49.93 77.28 -16.76
N LYS EE 168 -49.04 77.59 -15.81
CA LYS EE 168 -49.43 78.22 -14.56
C LYS EE 168 -48.95 79.66 -14.47
N THR EE 169 -47.66 79.91 -14.67
CA THR EE 169 -47.18 81.29 -14.69
C THR EE 169 -47.65 81.98 -15.97
N LYS EE 170 -47.70 83.31 -15.90
CA LYS EE 170 -48.31 84.09 -16.98
C LYS EE 170 -47.47 84.03 -18.26
N ALA EE 171 -46.15 84.10 -18.12
CA ALA EE 171 -45.28 83.99 -19.28
C ALA EE 171 -45.33 82.58 -19.87
N GLU EE 172 -45.48 81.57 -19.00
CA GLU EE 172 -45.64 80.19 -19.47
C GLU EE 172 -46.93 80.03 -20.26
N LYS EE 173 -48.02 80.63 -19.77
CA LYS EE 173 -49.29 80.60 -20.51
C LYS EE 173 -49.17 81.33 -21.83
N GLU EE 174 -48.45 82.44 -21.87
CA GLU EE 174 -48.35 83.20 -23.10
C GLU EE 174 -47.47 82.50 -24.13
N ILE EE 175 -46.38 81.87 -23.70
CA ILE EE 175 -45.57 81.14 -24.65
C ILE EE 175 -46.28 79.87 -25.09
N TRP EE 176 -47.14 79.31 -24.21
CA TRP EE 176 -48.02 78.23 -24.62
C TRP EE 176 -48.98 78.68 -25.70
N CYS EE 177 -49.51 79.91 -25.56
CA CYS EE 177 -50.40 80.49 -26.57
C CYS EE 177 -49.68 80.68 -27.90
N ILE EE 178 -48.48 81.27 -27.89
CA ILE EE 178 -47.80 81.55 -29.15
C ILE EE 178 -47.30 80.26 -29.81
N TYR EE 179 -46.96 79.26 -29.01
CA TYR EE 179 -46.49 78.01 -29.60
C TYR EE 179 -47.67 77.21 -30.16
N THR EE 180 -48.84 77.33 -29.52
CA THR EE 180 -50.06 76.78 -30.09
C THR EE 180 -50.42 77.47 -31.39
N GLU EE 181 -50.20 78.80 -31.46
CA GLU EE 181 -50.48 79.55 -32.67
C GLU EE 181 -49.60 79.11 -33.83
N ARG EE 182 -48.29 78.98 -33.58
CA ARG EE 182 -47.41 78.59 -34.67
C ARG EE 182 -47.61 77.13 -35.06
N GLY EE 183 -47.98 76.27 -34.10
CA GLY EE 183 -48.34 74.91 -34.46
C GLY EE 183 -49.61 74.85 -35.30
N TRP EE 184 -50.56 75.73 -35.00
CA TRP EE 184 -51.78 75.86 -35.80
C TRP EE 184 -51.45 76.24 -37.23
N LYS EE 185 -50.54 77.21 -37.38
CA LYS EE 185 -50.12 77.64 -38.71
C LYS EE 185 -49.40 76.53 -39.45
N ASN EE 186 -48.54 75.77 -38.75
CA ASN EE 186 -47.80 74.68 -39.38
C ASN EE 186 -48.74 73.56 -39.84
N GLY EE 187 -49.73 73.22 -39.02
CA GLY EE 187 -50.70 72.22 -39.42
C GLY EE 187 -51.54 72.67 -40.60
N ILE EE 188 -51.88 73.97 -40.65
CA ILE EE 188 -52.60 74.52 -41.79
C ILE EE 188 -51.78 74.39 -43.06
N ASP EE 189 -50.48 74.74 -42.98
CA ASP EE 189 -49.60 74.64 -44.15
C ASP EE 189 -49.44 73.20 -44.61
N GLN EE 190 -49.32 72.27 -43.65
CA GLN EE 190 -49.17 70.86 -43.98
C GLN EE 190 -50.42 70.32 -44.68
N ALA EE 191 -51.60 70.70 -44.17
CA ALA EE 191 -52.85 70.26 -44.79
C ALA EE 191 -53.01 70.83 -46.19
N ASN EE 192 -52.61 72.08 -46.39
CA ASN EE 192 -52.71 72.66 -47.73
C ASN EE 192 -51.73 72.01 -48.70
N THR EE 193 -50.56 71.60 -48.19
CA THR EE 193 -49.62 70.86 -49.02
C THR EE 193 -50.19 69.50 -49.44
N ILE EE 194 -50.86 68.83 -48.51
CA ILE EE 194 -51.52 67.56 -48.83
C ILE EE 194 -52.61 67.75 -49.88
N LEU EE 195 -53.38 68.84 -49.72
CA LEU EE 195 -54.45 69.13 -50.67
C LEU EE 195 -53.90 69.41 -52.06
N GLU EE 196 -52.81 70.17 -52.16
CA GLU EE 196 -52.30 70.51 -53.47
C GLU EE 196 -51.61 69.32 -54.14
N GLU EE 197 -51.00 68.43 -53.37
CA GLU EE 197 -50.45 67.25 -54.06
C GLU EE 197 -51.55 66.28 -54.45
N ASN EE 198 -52.65 66.24 -53.70
CA ASN EE 198 -53.80 65.43 -54.12
C ASN EE 198 -54.41 65.96 -55.41
N ILE EE 199 -54.55 67.29 -55.51
CA ILE EE 199 -55.15 67.84 -56.72
C ILE EE 199 -54.19 67.70 -57.90
N ALA EE 200 -52.88 67.70 -57.64
CA ALA EE 200 -51.92 67.40 -58.70
C ALA EE 200 -52.06 65.95 -59.17
N ARG EE 201 -52.30 65.03 -58.23
CA ARG EE 201 -52.47 63.62 -58.58
C ARG EE 201 -53.69 63.40 -59.46
N ILE EE 202 -54.83 63.99 -59.08
CA ILE EE 202 -56.02 63.76 -59.88
C ILE EE 202 -55.94 64.48 -61.22
N LYS EE 203 -55.26 65.64 -61.24
CA LYS EE 203 -55.08 66.37 -62.49
C LYS EE 203 -54.20 65.60 -63.46
N GLU EE 204 -53.12 64.97 -62.97
CA GLU EE 204 -52.26 64.24 -63.88
C GLU EE 204 -52.91 62.94 -64.34
N ASP EE 205 -53.77 62.34 -63.51
CA ASP EE 205 -54.51 61.17 -63.96
C ASP EE 205 -55.46 61.52 -65.11
N PHE EE 206 -56.21 62.61 -64.95
CA PHE EE 206 -57.10 63.03 -66.02
C PHE EE 206 -56.34 63.50 -67.26
N GLY EE 207 -55.16 64.09 -67.06
CA GLY EE 207 -54.33 64.48 -68.19
C GLY EE 207 -53.81 63.31 -68.97
N GLY EE 208 -53.43 62.23 -68.27
CA GLY EE 208 -53.03 61.01 -68.95
C GLY EE 208 -54.18 60.39 -69.73
N MET EE 209 -55.40 60.47 -69.17
CA MET EE 209 -56.57 59.99 -69.87
C MET EE 209 -56.83 60.76 -71.16
N ILE EE 210 -56.80 62.10 -71.07
CA ILE EE 210 -57.09 62.89 -72.26
C ILE EE 210 -55.95 62.82 -73.25
N LEU EE 211 -54.72 62.56 -72.78
CA LEU EE 211 -53.60 62.37 -73.69
C LEU EE 211 -53.74 61.07 -74.47
N TYR EE 212 -54.23 60.01 -73.81
CA TYR EE 212 -54.51 58.77 -74.53
C TYR EE 212 -55.59 58.97 -75.59
N ARG EE 213 -56.63 59.72 -75.24
CA ARG EE 213 -57.69 59.99 -76.21
C ARG EE 213 -57.16 60.78 -77.40
N LYS EE 214 -56.32 61.77 -77.14
CA LYS EE 214 -55.78 62.59 -78.22
C LYS EE 214 -54.83 61.81 -79.11
N LEU EE 215 -54.03 60.93 -78.51
CA LEU EE 215 -53.09 60.14 -79.32
C LEU EE 215 -53.82 59.09 -80.13
N LEU EE 216 -54.89 58.52 -79.59
CA LEU EE 216 -55.71 57.60 -80.37
C LEU EE 216 -56.42 58.32 -81.50
N ALA EE 217 -56.80 59.57 -81.27
CA ALA EE 217 -57.32 60.40 -82.37
C ALA EE 217 -56.26 60.66 -83.42
N MET EE 218 -55.02 60.89 -82.99
CA MET EE 218 -53.93 61.20 -83.90
C MET EE 218 -53.31 59.96 -84.52
N ASN EE 219 -53.81 58.77 -84.17
CA ASN EE 219 -53.31 57.47 -84.63
C ASN EE 219 -51.84 57.30 -84.23
N MET EE 220 -51.63 57.36 -82.92
CA MET EE 220 -50.33 57.06 -82.33
C MET EE 220 -50.34 55.80 -81.50
N VAL EE 221 -51.51 55.21 -81.25
CA VAL EE 221 -51.63 53.99 -80.47
C VAL EE 221 -52.65 53.07 -81.14
N SER EE 222 -52.40 51.78 -81.06
CA SER EE 222 -53.37 50.81 -81.54
C SER EE 222 -54.53 50.73 -80.56
N PRO EE 223 -55.78 50.63 -81.04
CA PRO EE 223 -56.89 50.44 -80.14
C PRO EE 223 -56.84 49.06 -79.51
N PRO EE 224 -57.43 48.88 -78.33
CA PRO EE 224 -57.41 47.55 -77.69
C PRO EE 224 -58.26 46.54 -78.43
N TYR EE 225 -57.84 45.28 -78.37
CA TYR EE 225 -58.54 44.20 -79.05
C TYR EE 225 -59.26 43.35 -78.01
N VAL EE 226 -60.58 43.21 -78.20
CA VAL EE 226 -61.43 42.44 -77.29
C VAL EE 226 -62.02 41.28 -78.08
N SER EE 227 -61.84 40.07 -77.55
CA SER EE 227 -62.42 38.88 -78.15
C SER EE 227 -63.48 38.29 -77.23
N HIS EE 228 -64.48 37.68 -77.83
CA HIS EE 228 -65.54 37.01 -77.10
C HIS EE 228 -65.67 35.57 -77.56
N THR EE 229 -65.84 34.67 -76.59
CA THR EE 229 -66.10 33.27 -76.85
C THR EE 229 -67.45 32.91 -76.26
N ASP EE 230 -68.31 32.31 -77.07
CA ASP EE 230 -69.70 32.07 -76.71
C ASP EE 230 -69.94 30.59 -76.51
N LEU EE 231 -70.66 30.25 -75.44
CA LEU EE 231 -71.03 28.89 -75.12
C LEU EE 231 -72.49 28.84 -74.73
N GLY EE 232 -73.16 27.75 -75.10
CA GLY EE 232 -74.56 27.58 -74.78
C GLY EE 232 -74.80 27.17 -73.34
N VAL EE 233 -75.81 26.31 -73.13
CA VAL EE 233 -76.14 25.90 -71.78
C VAL EE 233 -75.11 24.91 -71.28
N THR EE 234 -74.57 25.17 -70.08
CA THR EE 234 -73.53 24.34 -69.50
C THR EE 234 -73.94 23.93 -68.09
N GLY EE 235 -73.40 22.81 -67.64
CA GLY EE 235 -73.50 22.39 -66.26
C GLY EE 235 -74.05 20.99 -66.12
N ASP EE 236 -74.19 20.57 -64.88
CA ASP EE 236 -74.68 19.25 -64.52
C ASP EE 236 -76.20 19.27 -64.45
N GLY EE 237 -76.78 18.23 -63.86
CA GLY EE 237 -78.22 18.19 -63.65
C GLY EE 237 -78.73 19.07 -62.53
N SER EE 238 -77.82 19.68 -61.75
CA SER EE 238 -78.20 20.54 -60.63
C SER EE 238 -77.91 22.01 -60.90
N GLU EE 239 -76.71 22.34 -61.35
CA GLU EE 239 -76.28 23.70 -61.55
C GLU EE 239 -76.15 23.95 -63.04
N ILE EE 240 -76.92 24.91 -63.55
CA ILE EE 240 -76.86 25.25 -64.97
C ILE EE 240 -76.82 26.75 -65.13
N HIS EE 241 -76.21 27.18 -66.24
CA HIS EE 241 -76.20 28.56 -66.68
C HIS EE 241 -76.60 28.59 -68.14
N ILE EE 242 -77.26 29.66 -68.55
CA ILE EE 242 -77.87 29.68 -69.88
C ILE EE 242 -76.84 30.02 -70.95
N ASP EE 243 -76.20 31.18 -70.86
CA ASP EE 243 -75.44 31.75 -71.96
C ASP EE 243 -74.05 32.15 -71.50
N ASP EE 244 -73.11 31.21 -71.51
CA ASP EE 244 -71.80 31.45 -70.93
C ASP EE 244 -70.92 32.15 -71.96
N ARG EE 245 -70.71 33.44 -71.78
CA ARG EE 245 -69.87 34.22 -72.69
C ARG EE 245 -68.66 34.71 -71.93
N VAL EE 246 -67.49 34.60 -72.55
CA VAL EE 246 -66.25 35.04 -71.95
C VAL EE 246 -65.68 36.16 -72.81
N LEU EE 247 -65.46 37.31 -72.20
CA LEU EE 247 -64.82 38.43 -72.86
C LEU EE 247 -63.40 38.57 -72.32
N ARG EE 248 -62.44 38.55 -73.24
CA ARG EE 248 -61.04 38.73 -72.89
C ARG EE 248 -60.46 39.84 -73.75
N ILE EE 249 -59.35 40.40 -73.28
CA ILE EE 249 -58.60 41.40 -74.03
C ILE EE 249 -57.31 40.74 -74.51
N THR EE 250 -57.11 40.75 -75.82
CA THR EE 250 -55.96 40.08 -76.40
C THR EE 250 -54.80 41.05 -76.61
N ALA EE 251 -55.02 42.09 -77.41
CA ALA EE 251 -53.96 43.04 -77.73
C ALA EE 251 -54.19 44.32 -76.93
N LEU EE 252 -53.25 44.62 -76.05
CA LEU EE 252 -53.28 45.85 -75.27
C LEU EE 252 -52.89 47.03 -76.15
N PRO EE 253 -53.35 48.24 -75.82
CA PRO EE 253 -52.89 49.43 -76.55
C PRO EE 253 -51.41 49.68 -76.30
N GLU EE 254 -50.72 50.11 -77.36
CA GLU EE 254 -49.31 50.43 -77.29
C GLU EE 254 -48.98 51.42 -78.39
N LEU EE 255 -47.86 52.11 -78.24
CA LEU EE 255 -47.46 53.13 -79.20
C LEU EE 255 -46.91 52.49 -80.46
N ASN EE 256 -47.43 52.90 -81.61
CA ASN EE 256 -46.85 52.50 -82.87
C ASN EE 256 -45.54 53.25 -83.10
N VAL EE 257 -44.64 52.63 -83.85
CA VAL EE 257 -43.33 53.22 -84.10
C VAL EE 257 -43.14 53.63 -85.55
N ASN EE 258 -43.94 53.12 -86.48
CA ASN EE 258 -43.80 53.50 -87.87
C ASN EE 258 -44.37 54.89 -88.10
N SER EE 259 -43.72 55.64 -88.97
CA SER EE 259 -44.14 57.00 -89.23
C SER EE 259 -45.30 57.10 -90.22
N ALA EE 260 -45.61 56.02 -90.92
CA ALA EE 260 -46.53 56.10 -92.05
C ALA EE 260 -47.97 56.30 -91.63
N GLU EE 261 -48.32 55.97 -90.39
CA GLU EE 261 -49.70 56.02 -89.93
C GLU EE 261 -49.99 57.26 -89.08
N TRP EE 262 -49.12 58.25 -89.11
CA TRP EE 262 -49.28 59.43 -88.27
C TRP EE 262 -49.89 60.54 -89.14
N ARG EE 263 -51.19 60.74 -88.98
CA ARG EE 263 -51.94 61.72 -89.76
C ARG EE 263 -51.88 63.05 -89.03
N ALA EE 264 -51.38 64.07 -89.71
CA ALA EE 264 -51.29 65.39 -89.11
C ALA EE 264 -52.65 66.09 -89.18
N ALA EE 265 -52.75 67.17 -88.42
CA ALA EE 265 -54.00 67.91 -88.28
C ALA EE 265 -53.76 69.39 -88.57
N VAL EE 266 -54.84 70.08 -88.91
CA VAL EE 266 -54.79 71.52 -89.16
C VAL EE 266 -56.15 72.12 -88.82
N ALA EE 267 -56.15 73.21 -88.05
CA ALA EE 267 -57.37 73.88 -87.66
C ALA EE 267 -57.78 74.90 -88.73
N LYS EE 268 -58.77 75.73 -88.41
CA LYS EE 268 -59.20 76.78 -89.32
C LYS EE 268 -59.51 78.06 -88.56
N ILE FE 862 -51.13 37.06 -23.74
CA ILE FE 862 -50.13 38.09 -23.64
C ILE FE 862 -50.68 39.31 -22.91
N ILE FE 863 -50.04 39.65 -21.79
CA ILE FE 863 -50.41 40.80 -20.97
C ILE FE 863 -49.18 41.68 -20.81
N LYS FE 864 -49.37 42.99 -20.99
CA LYS FE 864 -48.27 43.95 -20.93
C LYS FE 864 -47.64 43.96 -19.54
N THR FE 865 -46.34 44.24 -19.49
CA THR FE 865 -45.61 44.22 -18.25
C THR FE 865 -45.99 45.42 -17.40
N GLY FE 866 -46.98 45.24 -16.53
CA GLY FE 866 -47.35 46.28 -15.58
C GLY FE 866 -48.59 47.08 -15.96
N ASP FE 867 -49.48 46.50 -16.76
CA ASP FE 867 -50.66 47.19 -17.23
C ASP FE 867 -51.75 47.16 -16.14
N ILE FE 868 -52.90 47.75 -16.47
CA ILE FE 868 -53.97 48.02 -15.52
C ILE FE 868 -55.18 47.16 -15.87
N MET FE 869 -55.82 46.60 -14.85
CA MET FE 869 -57.04 45.82 -15.00
C MET FE 869 -58.02 46.23 -13.91
N PHE FE 870 -59.30 45.92 -14.12
CA PHE FE 870 -60.33 46.17 -13.14
C PHE FE 870 -60.87 44.84 -12.63
N ALA FE 871 -61.24 44.81 -11.35
CA ALA FE 871 -61.85 43.63 -10.77
C ALA FE 871 -62.76 44.08 -9.63
N VAL FE 872 -63.59 43.16 -9.14
CA VAL FE 872 -64.43 43.41 -7.97
C VAL FE 872 -64.20 42.25 -7.00
N LEU FE 873 -63.91 42.58 -5.75
CA LEU FE 873 -63.71 41.57 -4.71
C LEU FE 873 -64.99 41.41 -3.90
N ASP FE 874 -65.14 40.23 -3.31
CA ASP FE 874 -66.34 39.91 -2.55
C ASP FE 874 -65.99 39.39 -1.16
N THR FE 875 -64.90 38.64 -1.07
CA THR FE 875 -64.54 37.97 0.17
C THR FE 875 -63.68 38.89 1.04
N SER FE 876 -64.16 39.19 2.24
CA SER FE 876 -63.45 40.08 3.16
C SER FE 876 -62.89 39.29 4.35
N VAL FE 877 -61.86 39.86 4.98
CA VAL FE 877 -61.20 39.27 6.14
C VAL FE 877 -60.52 40.37 6.92
N ASN FE 878 -60.42 40.17 8.23
CA ASN FE 878 -59.59 41.01 9.08
C ASN FE 878 -58.12 40.62 8.89
N SER FE 879 -57.23 41.56 9.18
CA SER FE 879 -55.80 41.30 9.14
C SER FE 879 -55.33 40.62 10.43
N ASP FE 880 -55.91 39.49 10.75
CA ASP FE 880 -55.56 38.69 11.93
C ASP FE 880 -55.25 37.25 11.59
N GLU FE 881 -56.02 36.64 10.70
CA GLU FE 881 -55.78 35.27 10.25
C GLU FE 881 -55.73 35.30 8.74
N PRO FE 882 -54.61 34.90 8.13
CA PRO FE 882 -54.54 34.88 6.67
C PRO FE 882 -55.41 33.79 6.06
N GLY FE 883 -55.80 34.01 4.82
CA GLY FE 883 -56.58 33.05 4.09
C GLY FE 883 -56.69 33.39 2.62
N PRO FE 884 -57.11 32.44 1.81
CA PRO FE 884 -57.37 32.72 0.41
C PRO FE 884 -58.58 33.63 0.24
N ILE FE 885 -58.38 34.72 -0.50
CA ILE FE 885 -59.41 35.69 -0.81
C ILE FE 885 -59.50 35.77 -2.34
N LEU FE 886 -60.71 35.92 -2.85
CA LEU FE 886 -60.94 35.90 -4.28
C LEU FE 886 -61.53 37.22 -4.75
N ALA FE 887 -61.17 37.62 -5.95
CA ALA FE 887 -61.79 38.72 -6.68
C ALA FE 887 -62.09 38.25 -8.10
N THR FE 888 -62.92 39.00 -8.81
CA THR FE 888 -63.37 38.59 -10.14
C THR FE 888 -63.07 39.71 -11.12
N ILE FE 889 -62.28 39.40 -12.14
CA ILE FE 889 -62.06 40.34 -13.24
C ILE FE 889 -63.37 40.48 -14.00
N VAL FE 890 -63.91 41.70 -14.03
CA VAL FE 890 -65.28 41.91 -14.47
C VAL FE 890 -65.38 42.36 -15.92
N THR FE 891 -64.29 42.83 -16.51
CA THR FE 891 -64.34 43.31 -17.89
C THR FE 891 -63.04 43.04 -18.62
N GLY FE 892 -62.81 43.75 -19.73
CA GLY FE 892 -61.54 43.66 -20.42
C GLY FE 892 -61.45 42.43 -21.31
N LYS FE 893 -60.21 42.09 -21.67
CA LYS FE 893 -59.95 40.90 -22.47
C LYS FE 893 -60.31 39.63 -21.70
N LEU FE 894 -59.92 39.56 -20.43
CA LEU FE 894 -60.24 38.41 -19.61
C LEU FE 894 -61.58 38.62 -18.93
N LYS FE 895 -62.62 37.99 -19.46
CA LYS FE 895 -63.96 38.09 -18.92
C LYS FE 895 -64.32 36.76 -18.27
N GLY FE 896 -64.88 36.81 -17.07
CA GLY FE 896 -65.14 35.60 -16.32
C GLY FE 896 -63.95 35.07 -15.58
N SER FE 897 -62.79 35.71 -15.72
CA SER FE 897 -61.60 35.29 -15.01
C SER FE 897 -61.66 35.76 -13.57
N LYS FE 898 -60.95 35.06 -12.69
CA LYS FE 898 -60.92 35.41 -11.28
C LYS FE 898 -59.52 35.20 -10.72
N LEU FE 899 -59.33 35.64 -9.47
CA LEU FE 899 -57.97 35.69 -8.91
C LEU FE 899 -58.08 35.49 -7.40
N ILE FE 900 -57.40 34.46 -6.90
CA ILE FE 900 -57.31 34.19 -5.47
C ILE FE 900 -55.90 34.55 -5.00
N GLY FE 901 -55.79 34.85 -3.72
CA GLY FE 901 -54.51 35.18 -3.13
C GLY FE 901 -54.68 35.42 -1.65
N SER FE 902 -53.83 36.28 -1.08
CA SER FE 902 -53.94 36.60 0.33
C SER FE 902 -53.44 38.03 0.52
N PHE FE 903 -53.30 38.44 1.77
CA PHE FE 903 -52.82 39.78 2.10
C PHE FE 903 -51.43 39.69 2.71
N ASN FE 904 -50.95 40.83 3.17
CA ASN FE 904 -49.71 40.88 3.93
C ASN FE 904 -49.96 41.66 5.19
N LEU FE 905 -49.16 41.36 6.21
CA LEU FE 905 -49.24 42.17 7.42
C LEU FE 905 -48.24 43.30 7.33
N PRO FE 906 -48.70 44.55 7.34
CA PRO FE 906 -47.79 45.67 7.19
C PRO FE 906 -47.10 46.03 8.50
N SER FE 907 -46.01 46.79 8.37
CA SER FE 907 -45.35 47.33 9.55
C SER FE 907 -46.21 48.38 10.23
N ASN FE 908 -46.86 49.25 9.47
CA ASN FE 908 -47.82 50.22 9.98
C ASN FE 908 -49.13 50.04 9.25
N ALA FE 909 -50.24 50.20 9.99
CA ALA FE 909 -51.56 49.82 9.51
C ALA FE 909 -52.27 50.92 8.74
N ASP FE 910 -51.53 51.87 8.17
CA ASP FE 910 -52.12 52.94 7.38
C ASP FE 910 -52.56 52.48 6.00
N LYS FE 911 -52.20 51.28 5.60
CA LYS FE 911 -52.55 50.76 4.28
C LYS FE 911 -52.60 49.25 4.36
N MET FE 912 -53.00 48.65 3.24
CA MET FE 912 -53.07 47.20 3.11
C MET FE 912 -52.95 46.86 1.64
N VAL FE 913 -52.13 45.86 1.32
CA VAL FE 913 -52.01 45.39 -0.05
C VAL FE 913 -52.37 43.90 -0.08
N ILE FE 914 -52.78 43.44 -1.26
CA ILE FE 914 -53.25 42.08 -1.45
C ILE FE 914 -52.29 41.36 -2.38
N THR FE 915 -51.70 40.28 -1.88
CA THR FE 915 -50.83 39.44 -2.68
C THR FE 915 -51.71 38.53 -3.53
N PHE FE 916 -51.89 38.89 -4.79
CA PHE FE 916 -52.86 38.25 -5.66
C PHE FE 916 -52.11 37.51 -6.77
N ASN FE 917 -52.09 36.20 -6.69
CA ASN FE 917 -51.22 35.39 -7.54
C ASN FE 917 -51.95 34.29 -8.30
N THR FE 918 -52.93 33.64 -7.69
CA THR FE 918 -53.54 32.45 -8.27
C THR FE 918 -54.62 32.91 -9.23
N MET FE 919 -54.27 33.02 -10.51
CA MET FE 919 -55.16 33.56 -11.53
C MET FE 919 -55.80 32.40 -12.29
N SER FE 920 -57.13 32.37 -12.30
CA SER FE 920 -57.89 31.35 -13.00
C SER FE 920 -58.65 31.99 -14.16
N ILE FE 921 -58.47 31.46 -15.36
CA ILE FE 921 -59.16 31.92 -16.56
C ILE FE 921 -60.05 30.77 -17.05
N PRO FE 922 -61.32 31.03 -17.36
CA PRO FE 922 -62.16 29.95 -17.90
C PRO FE 922 -61.83 29.60 -19.34
N GLY FE 923 -62.66 28.74 -19.94
CA GLY FE 923 -62.39 28.26 -21.28
C GLY FE 923 -61.64 26.94 -21.29
N ALA FE 924 -60.42 26.94 -20.77
CA ALA FE 924 -59.63 25.72 -20.69
C ALA FE 924 -59.30 25.39 -19.24
N GLU FE 925 -58.81 24.17 -19.03
CA GLU FE 925 -58.40 23.70 -17.71
C GLU FE 925 -57.00 24.23 -17.43
N LYS FE 926 -56.94 25.49 -17.02
CA LYS FE 926 -55.67 26.18 -16.80
C LYS FE 926 -55.79 27.06 -15.56
N THR FE 927 -54.65 27.27 -14.90
CA THR FE 927 -54.58 28.18 -13.77
C THR FE 927 -53.17 28.79 -13.79
N ILE FE 928 -53.07 30.02 -14.29
CA ILE FE 928 -51.78 30.69 -14.39
C ILE FE 928 -51.42 31.32 -13.05
N SER FE 929 -50.17 31.74 -12.91
CA SER FE 929 -49.67 32.21 -11.62
C SER FE 929 -49.03 33.59 -11.72
N ILE FE 930 -49.70 34.52 -12.38
CA ILE FE 930 -49.24 35.91 -12.39
C ILE FE 930 -49.55 36.52 -11.04
N SER FE 931 -48.51 37.01 -10.37
CA SER FE 931 -48.66 37.65 -9.07
C SER FE 931 -48.74 39.15 -9.28
N ALA FE 932 -49.81 39.76 -8.81
CA ALA FE 932 -50.06 41.17 -9.05
C ALA FE 932 -50.59 41.79 -7.77
N TYR FE 933 -50.48 43.11 -7.67
CA TYR FE 933 -50.93 43.84 -6.49
C TYR FE 933 -52.17 44.66 -6.86
N ALA FE 934 -52.80 45.23 -5.84
CA ALA FE 934 -54.11 45.85 -5.96
C ALA FE 934 -54.04 47.33 -5.62
N ILE FE 935 -54.91 48.11 -6.26
CA ILE FE 935 -54.97 49.55 -6.09
C ILE FE 935 -56.39 49.94 -5.71
N ASP FE 936 -56.53 51.04 -4.96
CA ASP FE 936 -57.83 51.53 -4.54
C ASP FE 936 -58.45 52.39 -5.64
N PRO FE 937 -59.61 52.00 -6.17
CA PRO FE 937 -60.26 52.84 -7.18
C PRO FE 937 -60.81 54.13 -6.58
N ASN FE 938 -60.87 55.16 -7.43
CA ASN FE 938 -61.36 56.51 -7.16
C ASN FE 938 -60.58 57.24 -6.05
N THR FE 939 -59.41 56.74 -5.67
CA THR FE 939 -58.55 57.42 -4.71
C THR FE 939 -57.13 57.48 -5.25
N ALA FE 940 -56.80 56.47 -6.07
CA ALA FE 940 -55.49 56.28 -6.70
C ALA FE 940 -54.37 56.20 -5.66
N ARG FE 941 -54.67 55.49 -4.57
CA ARG FE 941 -53.69 55.22 -3.52
C ARG FE 941 -53.69 53.72 -3.27
N THR FE 942 -52.70 53.27 -2.50
CA THR FE 942 -52.56 51.86 -2.17
C THR FE 942 -53.16 51.51 -0.82
N ALA FE 943 -53.88 52.42 -0.18
CA ALA FE 943 -54.40 52.19 1.15
C ALA FE 943 -55.65 51.31 1.12
N LEU FE 944 -56.16 50.99 2.30
CA LEU FE 944 -57.42 50.28 2.45
C LEU FE 944 -58.39 51.10 3.28
N ALA FE 945 -59.66 51.05 2.92
CA ALA FE 945 -60.71 51.79 3.61
C ALA FE 945 -61.20 50.97 4.80
N SER FE 946 -60.65 51.28 5.97
CA SER FE 946 -61.03 50.65 7.23
C SER FE 946 -60.79 51.65 8.35
N ARG FE 947 -61.25 51.29 9.54
CA ARG FE 947 -61.06 52.14 10.71
C ARG FE 947 -59.68 51.89 11.31
N THR FE 948 -59.10 52.95 11.88
CA THR FE 948 -57.72 52.90 12.33
C THR FE 948 -57.56 53.09 13.84
N ASN FE 949 -58.61 53.47 14.56
CA ASN FE 949 -58.54 53.76 16.00
C ASN FE 949 -59.00 52.58 16.83
N HIS FE 950 -58.67 51.36 16.38
CA HIS FE 950 -59.25 50.13 16.92
C HIS FE 950 -58.90 49.87 18.37
N HIS FE 951 -57.61 49.89 18.72
CA HIS FE 951 -57.17 49.41 20.02
C HIS FE 951 -56.16 50.35 20.64
N TYR FE 952 -56.46 51.65 20.62
CA TYR FE 952 -55.69 52.62 21.40
C TYR FE 952 -56.32 52.89 22.75
N LEU FE 953 -57.59 53.28 22.72
CA LEU FE 953 -58.26 53.82 23.90
C LEU FE 953 -58.49 52.77 24.97
N MET FE 954 -58.74 51.52 24.57
CA MET FE 954 -59.00 50.47 25.54
C MET FE 954 -57.77 50.17 26.39
N ARG FE 955 -56.62 49.95 25.76
CA ARG FE 955 -55.41 49.68 26.51
C ARG FE 955 -54.92 50.91 27.26
N TYR FE 956 -55.10 52.11 26.68
CA TYR FE 956 -54.72 53.34 27.37
C TYR FE 956 -55.54 53.54 28.64
N GLY FE 957 -56.86 53.36 28.55
CA GLY FE 957 -57.71 53.55 29.71
C GLY FE 957 -57.50 52.49 30.76
N SER FE 958 -57.26 51.24 30.35
CA SER FE 958 -57.00 50.17 31.32
C SER FE 958 -55.71 50.42 32.08
N LEU FE 959 -54.64 50.81 31.36
CA LEU FE 959 -53.36 51.10 32.01
C LEU FE 959 -53.47 52.30 32.94
N PHE FE 960 -54.14 53.37 32.48
CA PHE FE 960 -54.24 54.58 33.28
C PHE FE 960 -55.12 54.37 34.52
N ALA FE 961 -56.16 53.55 34.41
CA ALA FE 961 -57.01 53.27 35.56
C ALA FE 961 -56.30 52.41 36.59
N SER FE 962 -55.54 51.40 36.12
CA SER FE 962 -54.74 50.58 37.04
C SER FE 962 -53.71 51.43 37.77
N SER FE 963 -53.09 52.36 37.04
CA SER FE 963 -52.16 53.31 37.64
C SER FE 963 -52.84 54.15 38.72
N PHE FE 964 -53.94 54.82 38.37
CA PHE FE 964 -54.67 55.71 39.28
C PHE FE 964 -55.12 54.98 40.54
N LEU FE 965 -55.47 53.70 40.40
CA LEU FE 965 -55.79 52.87 41.56
C LEU FE 965 -54.59 52.67 42.46
N GLN FE 966 -53.44 52.30 41.87
CA GLN FE 966 -52.21 52.10 42.64
C GLN FE 966 -51.82 53.37 43.40
N GLY FE 967 -51.88 54.50 42.70
CA GLY FE 967 -51.55 55.78 43.31
C GLY FE 967 -52.51 56.15 44.42
N PHE FE 968 -53.79 55.81 44.27
CA PHE FE 968 -54.78 56.13 45.28
C PHE FE 968 -54.52 55.39 46.56
N GLY FE 969 -54.23 54.09 46.43
CA GLY FE 969 -53.96 53.30 47.62
C GLY FE 969 -52.70 53.73 48.34
N ASN FE 970 -51.60 53.93 47.59
CA ASN FE 970 -50.35 54.26 48.28
C ASN FE 970 -50.38 55.67 48.87
N ALA FE 971 -50.91 56.67 48.15
CA ALA FE 971 -50.86 58.02 48.68
C ALA FE 971 -51.87 58.23 49.80
N PHE FE 972 -53.07 57.66 49.69
CA PHE FE 972 -53.99 57.87 50.80
C PHE FE 972 -53.73 56.93 51.97
N GLN FE 973 -52.88 55.90 51.81
CA GLN FE 973 -52.33 55.27 53.00
C GLN FE 973 -51.22 56.10 53.61
N SER FE 974 -50.40 56.76 52.77
CA SER FE 974 -49.31 57.59 53.26
C SER FE 974 -49.82 58.83 53.99
N ALA FE 975 -51.04 59.26 53.66
CA ALA FE 975 -51.64 60.42 54.30
C ALA FE 975 -52.27 60.11 55.66
N ASN FE 976 -51.97 58.95 56.25
CA ASN FE 976 -52.56 58.58 57.53
C ASN FE 976 -51.97 59.36 58.70
N THR FE 977 -50.66 59.66 58.66
CA THR FE 977 -50.06 60.41 59.75
C THR FE 977 -50.45 61.89 59.69
N THR FE 978 -50.59 62.43 58.49
CA THR FE 978 -50.94 63.84 58.32
C THR FE 978 -52.41 64.01 57.98
N SER FE 999 -62.44 54.80 57.74
CA SER FE 999 -63.12 53.52 57.55
C SER FE 999 -63.33 53.23 56.08
N THR FE 1000 -64.29 53.93 55.49
CA THR FE 1000 -64.59 53.75 54.07
C THR FE 1000 -63.45 54.27 53.19
N LEU FE 1001 -62.78 55.34 53.60
CA LEU FE 1001 -61.61 55.80 52.87
C LEU FE 1001 -60.46 54.82 53.01
N GLU FE 1002 -60.37 54.16 54.16
CA GLU FE 1002 -59.39 53.08 54.34
C GLU FE 1002 -59.69 51.92 53.41
N ASN FE 1003 -60.97 51.60 53.22
CA ASN FE 1003 -61.33 50.54 52.29
C ASN FE 1003 -61.10 50.97 50.84
N ALA FE 1004 -61.21 52.27 50.55
CA ALA FE 1004 -60.83 52.79 49.24
C ALA FE 1004 -59.33 52.61 48.98
N VAL FE 1005 -58.51 52.92 49.99
CA VAL FE 1005 -57.08 52.64 49.96
C VAL FE 1005 -56.84 51.17 49.67
N ILE FE 1006 -57.57 50.31 50.37
CA ILE FE 1006 -57.47 48.85 50.23
C ILE FE 1006 -57.72 48.42 48.79
N GLY FE 1007 -58.87 48.85 48.24
CA GLY FE 1007 -59.31 48.30 46.98
C GLY FE 1007 -58.46 48.80 45.84
N LEU FE 1008 -58.21 50.11 45.82
CA LEU FE 1008 -57.47 50.67 44.70
C LEU FE 1008 -56.00 50.30 44.78
N ALA FE 1009 -55.44 50.25 46.01
CA ALA FE 1009 -54.07 49.82 46.27
C ALA FE 1009 -53.78 48.44 45.71
N THR FE 1010 -54.65 47.48 45.98
CA THR FE 1010 -54.27 46.15 45.59
C THR FE 1010 -54.78 45.73 44.22
N VAL FE 1011 -55.91 46.25 43.74
CA VAL FE 1011 -56.30 45.92 42.38
C VAL FE 1011 -55.60 46.80 41.35
N GLY FE 1012 -54.86 47.82 41.77
CA GLY FE 1012 -54.08 48.58 40.81
C GLY FE 1012 -52.90 47.81 40.27
N LYS FE 1013 -52.17 47.10 41.13
CA LYS FE 1013 -50.85 46.60 40.76
C LYS FE 1013 -50.92 45.42 39.81
N ALA FE 1014 -51.80 44.46 40.08
CA ALA FE 1014 -51.95 43.30 39.19
C ALA FE 1014 -52.52 43.73 37.85
N TRP FE 1015 -53.47 44.67 37.86
CA TRP FE 1015 -53.99 45.21 36.62
C TRP FE 1015 -52.93 46.00 35.87
N SER FE 1016 -52.01 46.65 36.59
CA SER FE 1016 -50.94 47.40 35.96
C SER FE 1016 -49.95 46.48 35.24
N GLN FE 1017 -49.55 45.40 35.91
CA GLN FE 1017 -48.62 44.49 35.26
C GLN FE 1017 -49.30 43.73 34.13
N GLN FE 1018 -50.61 43.43 34.26
CA GLN FE 1018 -51.32 42.82 33.14
C GLN FE 1018 -51.49 43.80 31.98
N ALA FE 1019 -51.67 45.08 32.28
CA ALA FE 1019 -51.80 46.08 31.23
C ALA FE 1019 -50.50 46.27 30.47
N GLN FE 1020 -49.38 46.25 31.18
CA GLN FE 1020 -48.08 46.28 30.49
C GLN FE 1020 -47.82 44.96 29.77
N GLN FE 1021 -48.43 43.87 30.25
CA GLN FE 1021 -48.31 42.59 29.57
C GLN FE 1021 -49.02 42.59 28.22
N LEU FE 1022 -50.26 43.10 28.18
CA LEU FE 1022 -51.05 43.05 26.96
C LEU FE 1022 -51.13 44.39 26.24
N PHE FE 1023 -50.27 45.35 26.58
CA PHE FE 1023 -50.32 46.66 25.94
C PHE FE 1023 -49.85 46.61 24.49
N ASN FE 1024 -49.12 45.57 24.12
CA ASN FE 1024 -48.50 45.45 22.80
C ASN FE 1024 -49.46 44.99 21.70
N THR FE 1025 -50.76 44.92 21.97
CA THR FE 1025 -51.72 44.48 20.96
C THR FE 1025 -51.96 45.58 19.93
N PRO FE 1026 -51.78 45.31 18.65
CA PRO FE 1026 -51.88 46.36 17.62
C PRO FE 1026 -53.33 46.70 17.30
N THR FE 1027 -53.49 47.77 16.52
CA THR FE 1027 -54.78 48.16 15.95
C THR FE 1027 -54.92 47.49 14.60
N THR FE 1028 -56.03 46.77 14.41
CA THR FE 1028 -56.19 45.94 13.23
C THR FE 1028 -56.72 46.76 12.06
N VAL FE 1029 -56.69 46.14 10.88
CA VAL FE 1029 -57.39 46.64 9.70
C VAL FE 1029 -58.18 45.46 9.11
N GLU FE 1030 -59.21 45.79 8.35
CA GLU FE 1030 -60.07 44.77 7.76
C GLU FE 1030 -60.67 45.30 6.46
N VAL FE 1031 -60.48 44.55 5.37
CA VAL FE 1031 -61.05 44.95 4.09
C VAL FE 1031 -62.56 44.73 4.11
N TYR FE 1032 -63.24 45.37 3.16
CA TYR FE 1032 -64.69 45.29 3.09
C TYR FE 1032 -65.12 44.36 1.96
N SER FE 1033 -66.32 43.81 2.11
CA SER FE 1033 -66.78 42.72 1.27
C SER FE 1033 -67.44 43.20 -0.03
N GLY FE 1034 -67.52 44.50 -0.26
CA GLY FE 1034 -68.25 44.98 -1.43
C GLY FE 1034 -67.55 46.07 -2.21
N THR FE 1035 -66.22 46.02 -2.28
CA THR FE 1035 -65.44 47.06 -2.92
C THR FE 1035 -64.88 46.55 -4.24
N GLY FE 1036 -64.87 47.41 -5.25
CA GLY FE 1036 -64.12 47.14 -6.45
C GLY FE 1036 -62.66 47.46 -6.23
N LEU FE 1037 -61.84 47.09 -7.22
CA LEU FE 1037 -60.41 47.27 -7.11
C LEU FE 1037 -59.80 47.39 -8.49
N GLY FE 1038 -58.64 48.05 -8.54
CA GLY FE 1038 -57.80 48.06 -9.70
C GLY FE 1038 -56.57 47.22 -9.44
N ILE FE 1039 -56.04 46.63 -10.51
CA ILE FE 1039 -54.93 45.70 -10.44
C ILE FE 1039 -53.84 46.18 -11.37
N LEU FE 1040 -52.67 46.49 -10.82
CA LEU FE 1040 -51.48 46.72 -11.62
C LEU FE 1040 -50.72 45.40 -11.74
N PHE FE 1041 -50.14 45.16 -12.90
CA PHE FE 1041 -49.49 43.88 -13.15
C PHE FE 1041 -48.00 43.96 -12.85
N THR FE 1042 -47.36 42.79 -12.88
CA THR FE 1042 -45.93 42.67 -12.63
C THR FE 1042 -45.18 42.07 -13.81
N GLN FE 1043 -45.65 40.96 -14.37
CA GLN FE 1043 -45.00 40.33 -15.51
C GLN FE 1043 -46.04 39.93 -16.54
N ASP FE 1044 -45.57 39.37 -17.65
CA ASP FE 1044 -46.39 38.96 -18.76
C ASP FE 1044 -46.92 37.54 -18.55
N VAL FE 1045 -47.94 37.17 -19.33
CA VAL FE 1045 -48.51 35.83 -19.34
C VAL FE 1045 -48.55 35.33 -20.77
N THR FE 1046 -49.07 34.12 -20.95
CA THR FE 1046 -49.23 33.55 -22.28
C THR FE 1046 -50.53 32.74 -22.37
N UNK GE 1 -48.37 -27.38 -104.07
CA UNK GE 1 -47.77 -27.78 -102.81
C UNK GE 1 -48.32 -29.13 -102.36
N UNK GE 2 -48.19 -29.41 -101.07
CA UNK GE 2 -48.76 -30.63 -100.51
C UNK GE 2 -50.28 -30.57 -100.55
N UNK GE 3 -50.91 -31.74 -100.63
CA UNK GE 3 -52.34 -31.84 -100.85
C UNK GE 3 -53.02 -32.38 -99.60
N UNK GE 4 -53.95 -31.58 -99.04
CA UNK GE 4 -54.79 -32.07 -97.96
C UNK GE 4 -55.78 -33.12 -98.46
N UNK GE 5 -56.14 -33.07 -99.74
CA UNK GE 5 -56.95 -34.13 -100.33
C UNK GE 5 -56.20 -35.46 -100.36
N UNK GE 6 -54.92 -35.42 -100.73
CA UNK GE 6 -54.11 -36.64 -100.69
C UNK GE 6 -53.84 -37.10 -99.26
N UNK GE 7 -53.74 -36.15 -98.33
CA UNK GE 7 -53.60 -36.51 -96.91
C UNK GE 7 -54.85 -37.21 -96.39
N UNK GE 8 -56.03 -36.70 -96.75
CA UNK GE 8 -57.27 -37.36 -96.35
C UNK GE 8 -57.45 -38.70 -97.06
N UNK GE 9 -56.95 -38.82 -98.30
CA UNK GE 9 -56.97 -40.11 -98.98
C UNK GE 9 -56.08 -41.14 -98.30
N UNK GE 10 -54.89 -40.72 -97.86
CA UNK GE 10 -54.01 -41.61 -97.12
C UNK GE 10 -54.60 -41.97 -95.76
N UNK GE 11 -55.29 -41.02 -95.12
CA UNK GE 11 -55.97 -41.29 -93.86
C UNK GE 11 -57.11 -42.29 -94.06
N UNK GE 12 -57.84 -42.17 -95.17
CA UNK GE 12 -58.91 -43.12 -95.48
C UNK GE 12 -58.36 -44.49 -95.79
N UNK GE 13 -57.19 -44.56 -96.44
CA UNK GE 13 -56.55 -45.84 -96.72
C UNK GE 13 -56.07 -46.51 -95.43
N UNK GE 14 -55.52 -45.74 -94.51
CA UNK GE 14 -55.02 -46.32 -93.25
C UNK GE 14 -56.13 -46.53 -92.22
N UNK GE 15 -57.30 -45.91 -92.39
CA UNK GE 15 -58.36 -46.05 -91.41
C UNK GE 15 -59.01 -47.43 -91.46
N UNK GE 16 -59.22 -47.96 -92.66
CA UNK GE 16 -59.87 -49.26 -92.84
C UNK GE 16 -58.77 -50.30 -93.05
N UNK GE 17 -58.16 -50.72 -91.95
CA UNK GE 17 -57.16 -51.78 -92.02
C UNK GE 17 -57.82 -53.12 -92.30
N UNK GE 18 -58.89 -53.45 -91.57
CA UNK GE 18 -59.76 -54.62 -91.76
C UNK GE 18 -59.02 -55.94 -91.68
N UNK GE 19 -57.88 -55.99 -90.97
CA UNK GE 19 -57.10 -57.22 -90.86
C UNK GE 19 -56.27 -57.12 -89.59
N UNK GE 20 -56.59 -57.95 -88.59
CA UNK GE 20 -55.82 -58.01 -87.36
C UNK GE 20 -56.09 -59.34 -86.69
N UNK GE 21 -55.03 -60.08 -86.37
CA UNK GE 21 -55.12 -61.37 -85.71
C UNK GE 21 -54.74 -61.21 -84.25
N UNK GE 22 -55.55 -61.77 -83.36
CA UNK GE 22 -55.36 -61.64 -81.92
C UNK GE 22 -55.11 -63.01 -81.30
N UNK GE 23 -54.14 -63.08 -80.40
CA UNK GE 23 -53.80 -64.31 -79.71
C UNK GE 23 -53.91 -64.09 -78.20
N UNK GE 24 -54.82 -64.80 -77.56
CA UNK GE 24 -55.06 -64.69 -76.14
C UNK GE 24 -54.18 -65.66 -75.37
N UNK GE 25 -54.05 -65.42 -74.07
CA UNK GE 25 -53.25 -66.27 -73.20
C UNK GE 25 -54.05 -66.62 -71.95
N UNK GE 26 -53.84 -67.84 -71.46
CA UNK GE 26 -54.47 -68.29 -70.24
C UNK GE 26 -53.61 -67.90 -69.04
N UNK GE 27 -53.92 -68.44 -67.86
CA UNK GE 27 -53.21 -68.06 -66.65
C UNK GE 27 -51.82 -68.68 -66.55
N UNK GE 28 -51.55 -69.77 -67.28
CA UNK GE 28 -50.25 -70.44 -67.24
C UNK GE 28 -49.55 -70.37 -68.59
N UNK GE 29 -49.64 -69.20 -69.24
CA UNK GE 29 -49.01 -68.89 -70.53
C UNK GE 29 -49.41 -69.88 -71.63
N UNK GE 30 -50.69 -70.26 -71.64
CA UNK GE 30 -51.22 -71.14 -72.68
C UNK GE 30 -51.77 -70.25 -73.78
N UNK GE 31 -51.17 -70.33 -74.96
CA UNK GE 31 -51.54 -69.46 -76.07
C UNK GE 31 -52.74 -70.05 -76.82
N UNK GE 32 -53.64 -69.18 -77.27
CA UNK GE 32 -54.79 -69.57 -78.07
C UNK GE 32 -54.99 -68.52 -79.16
N UNK GE 33 -54.80 -68.93 -80.41
CA UNK GE 33 -54.96 -68.05 -81.56
C UNK GE 33 -55.84 -68.73 -82.60
N UNK GE 34 -56.64 -67.91 -83.29
CA UNK GE 34 -57.49 -68.41 -84.36
C UNK GE 34 -57.32 -67.53 -85.59
N UNK GE 35 -58.16 -67.75 -86.61
CA UNK GE 35 -58.13 -66.91 -87.80
C UNK GE 35 -58.63 -65.52 -87.47
N UNK GE 36 -58.13 -64.54 -88.23
CA UNK GE 36 -58.41 -63.14 -87.97
C UNK GE 36 -59.83 -62.78 -88.39
N UNK GE 37 -60.37 -61.73 -87.76
CA UNK GE 37 -61.71 -61.22 -88.04
C UNK GE 37 -61.62 -59.73 -88.35
N UNK GE 38 -62.80 -59.13 -88.55
CA UNK GE 38 -62.99 -57.70 -88.88
C UNK GE 38 -62.18 -57.26 -90.10
N UNK GE 39 -53.60 -61.67 -66.67
CA UNK GE 39 -52.93 -62.42 -67.72
C UNK GE 39 -53.92 -63.21 -68.56
N UNK GE 40 -55.08 -62.60 -68.83
CA UNK GE 40 -56.12 -63.24 -69.63
C UNK GE 40 -56.25 -62.59 -71.01
N UNK GE 41 -56.43 -61.28 -71.06
CA UNK GE 41 -56.56 -60.54 -72.32
C UNK GE 41 -55.33 -59.67 -72.49
N UNK GE 42 -54.48 -60.02 -73.44
CA UNK GE 42 -53.29 -59.23 -73.71
C UNK GE 42 -53.67 -57.93 -74.41
N UNK GE 43 -53.12 -56.82 -73.90
CA UNK GE 43 -53.37 -55.52 -74.52
C UNK GE 43 -52.68 -55.38 -75.86
N UNK GE 44 -51.64 -56.17 -76.11
CA UNK GE 44 -50.95 -56.20 -77.40
C UNK GE 44 -51.21 -57.50 -78.15
N UNK GE 45 -52.37 -58.13 -77.93
CA UNK GE 45 -52.67 -59.40 -78.59
C UNK GE 45 -52.90 -59.23 -80.09
N UNK GE 46 -53.48 -58.10 -80.50
CA UNK GE 46 -53.80 -57.90 -81.90
C UNK GE 46 -52.57 -57.44 -82.67
N UNK GE 47 -52.31 -58.10 -83.80
CA UNK GE 47 -51.29 -57.70 -84.75
C UNK GE 47 -51.95 -57.53 -86.11
N UNK GE 48 -51.75 -56.39 -86.74
CA UNK GE 48 -52.41 -56.08 -88.01
C UNK GE 48 -51.80 -56.84 -89.17
N ARG HE 207 -37.70 -107.44 1.90
CA ARG HE 207 -37.30 -107.18 0.52
C ARG HE 207 -37.20 -105.69 0.22
N ILE HE 208 -36.39 -105.36 -0.79
CA ILE HE 208 -36.20 -103.97 -1.22
C ILE HE 208 -35.97 -103.98 -2.73
N ILE HE 209 -36.64 -103.07 -3.44
CA ILE HE 209 -36.47 -102.94 -4.88
C ILE HE 209 -35.50 -101.81 -5.17
N TYR HE 210 -34.98 -101.80 -6.39
CA TYR HE 210 -33.95 -100.86 -6.80
C TYR HE 210 -34.15 -100.45 -8.25
N TYR HE 211 -33.59 -99.30 -8.60
CA TYR HE 211 -33.56 -98.85 -9.99
C TYR HE 211 -32.22 -98.18 -10.26
N ILE HE 212 -31.84 -98.17 -11.54
CA ILE HE 212 -30.54 -97.68 -11.94
C ILE HE 212 -30.56 -96.16 -11.97
N GLN HE 213 -29.65 -95.54 -11.21
CA GLN HE 213 -29.50 -94.09 -11.24
C GLN HE 213 -28.60 -93.63 -12.38
N ALA HE 214 -27.49 -94.32 -12.60
CA ALA HE 214 -26.58 -94.03 -13.69
C ALA HE 214 -25.93 -95.33 -14.15
N VAL HE 215 -25.64 -95.43 -15.44
CA VAL HE 215 -25.17 -96.67 -16.04
C VAL HE 215 -23.91 -96.38 -16.87
N ILE HE 216 -22.85 -97.12 -16.55
CA ILE HE 216 -21.62 -97.15 -17.35
C ILE HE 216 -21.04 -98.55 -17.23
N PRO HE 217 -20.15 -98.98 -18.12
CA PRO HE 217 -19.33 -100.17 -17.83
C PRO HE 217 -18.45 -99.91 -16.61
N GLY HE 218 -18.33 -100.92 -15.78
CA GLY HE 218 -17.57 -100.80 -14.54
C GLY HE 218 -18.35 -100.45 -13.28
N ARG HE 219 -19.12 -99.36 -13.30
CA ARG HE 219 -19.84 -98.90 -12.13
C ARG HE 219 -21.33 -98.73 -12.44
N ALA HE 220 -22.15 -98.97 -11.42
CA ALA HE 220 -23.58 -98.75 -11.53
C ALA HE 220 -24.07 -98.13 -10.23
N TRP HE 221 -25.19 -97.42 -10.30
CA TRP HE 221 -25.75 -96.74 -9.14
C TRP HE 221 -27.20 -97.16 -8.96
N LEU HE 222 -27.49 -97.74 -7.79
CA LEU HE 222 -28.82 -98.26 -7.49
C LEU HE 222 -29.37 -97.56 -6.25
N ILE HE 223 -30.64 -97.18 -6.32
CA ILE HE 223 -31.32 -96.45 -5.26
C ILE HE 223 -32.47 -97.32 -4.75
N GLY HE 224 -32.52 -97.53 -3.43
CA GLY HE 224 -33.58 -98.32 -2.84
C GLY HE 224 -34.90 -97.60 -2.81
N SER HE 225 -35.95 -98.38 -2.55
CA SER HE 225 -37.30 -97.82 -2.43
C SER HE 225 -37.42 -96.95 -1.20
N ASN HE 226 -36.75 -97.31 -0.10
CA ASN HE 226 -36.73 -96.50 1.10
C ASN HE 226 -35.65 -95.43 1.06
N GLY HE 227 -34.87 -95.37 0.00
CA GLY HE 227 -33.83 -94.37 -0.13
C GLY HE 227 -32.41 -94.87 -0.02
N SER HE 228 -32.20 -96.19 -0.02
CA SER HE 228 -30.85 -96.75 0.08
C SER HE 228 -30.18 -96.64 -1.29
N THR HE 229 -29.35 -95.62 -1.46
CA THR HE 229 -28.67 -95.37 -2.73
C THR HE 229 -27.18 -95.65 -2.56
N LEU HE 230 -26.61 -96.40 -3.50
CA LEU HE 230 -25.21 -96.79 -3.43
C LEU HE 230 -24.73 -97.10 -4.84
N THR HE 231 -23.43 -97.39 -4.95
CA THR HE 231 -22.81 -97.80 -6.20
C THR HE 231 -22.24 -99.20 -6.05
N VAL HE 232 -22.26 -99.94 -7.17
CA VAL HE 232 -21.87 -101.34 -7.21
C VAL HE 232 -21.09 -101.60 -8.50
N ARG HE 233 -20.50 -102.78 -8.57
CA ARG HE 233 -19.68 -103.18 -9.71
C ARG HE 233 -19.97 -104.66 -10.01
N GLU HE 234 -19.10 -105.27 -10.82
CA GLU HE 234 -19.30 -106.65 -11.24
C GLU HE 234 -19.15 -107.63 -10.07
N GLY HE 235 -18.07 -107.50 -9.30
CA GLY HE 235 -17.93 -108.36 -8.15
C GLY HE 235 -18.66 -107.79 -6.97
N SER HE 236 -19.88 -108.29 -6.71
CA SER HE 236 -20.72 -107.68 -5.70
C SER HE 236 -21.67 -108.71 -5.12
N LYS HE 237 -22.13 -108.41 -3.90
CA LYS HE 237 -23.16 -109.19 -3.23
C LYS HE 237 -24.36 -108.28 -2.98
N ILE HE 238 -25.50 -108.64 -3.53
CA ILE HE 238 -26.69 -107.79 -3.50
C ILE HE 238 -27.71 -108.39 -2.53
N PRO HE 239 -28.09 -107.66 -1.48
CA PRO HE 239 -29.08 -108.21 -0.54
C PRO HE 239 -30.46 -108.32 -1.17
N GLY HE 240 -31.10 -109.47 -0.96
CA GLY HE 240 -32.39 -109.75 -1.55
C GLY HE 240 -32.34 -110.28 -2.96
N TYR HE 241 -31.18 -110.21 -3.62
CA TYR HE 241 -31.05 -110.71 -4.98
C TYR HE 241 -29.82 -111.57 -5.18
N GLY HE 242 -29.10 -111.91 -4.12
CA GLY HE 242 -27.98 -112.85 -4.20
C GLY HE 242 -26.66 -112.13 -4.51
N MET HE 243 -26.14 -112.37 -5.70
CA MET HE 243 -24.91 -111.72 -6.13
C MET HE 243 -25.04 -111.38 -7.61
N VAL HE 244 -24.27 -110.39 -8.04
CA VAL HE 244 -24.29 -109.94 -9.42
C VAL HE 244 -23.16 -110.63 -10.19
N LYS HE 245 -23.53 -111.27 -11.29
CA LYS HE 245 -22.56 -111.94 -12.15
C LYS HE 245 -22.36 -111.26 -13.49
N LEU HE 246 -23.26 -110.38 -13.90
CA LEU HE 246 -23.15 -109.74 -15.21
C LEU HE 246 -23.88 -108.41 -15.18
N ILE HE 247 -23.21 -107.36 -15.65
CA ILE HE 247 -23.80 -106.04 -15.79
C ILE HE 247 -23.67 -105.63 -17.24
N ASP HE 248 -24.81 -105.40 -17.90
CA ASP HE 248 -24.83 -104.94 -19.28
C ASP HE 248 -25.09 -103.44 -19.27
N SER HE 249 -24.13 -102.67 -19.80
CA SER HE 249 -24.37 -101.23 -19.98
C SER HE 249 -25.41 -100.99 -21.05
N LEU HE 250 -25.53 -101.90 -22.02
CA LEU HE 250 -26.63 -101.84 -22.97
C LEU HE 250 -27.95 -102.15 -22.29
N GLN HE 251 -28.96 -101.33 -22.59
CA GLN HE 251 -30.36 -101.50 -22.20
C GLN HE 251 -30.60 -101.41 -20.69
N GLY HE 252 -29.60 -100.99 -19.91
CA GLY HE 252 -29.73 -100.86 -18.47
C GLY HE 252 -30.01 -102.17 -17.75
N ARG HE 253 -29.30 -103.23 -18.11
CA ARG HE 253 -29.55 -104.56 -17.61
C ARG HE 253 -28.47 -104.97 -16.62
N ILE HE 254 -28.89 -105.33 -15.40
CA ILE HE 254 -27.99 -105.84 -14.38
C ILE HE 254 -28.53 -107.20 -13.95
N LEU HE 255 -27.77 -108.25 -14.18
CA LEU HE 255 -28.22 -109.61 -13.97
C LEU HE 255 -27.70 -110.14 -12.64
N THR HE 256 -28.59 -110.68 -11.82
CA THR HE 256 -28.24 -111.23 -10.52
C THR HE 256 -28.17 -112.75 -10.57
N SER HE 257 -27.69 -113.32 -9.46
CA SER HE 257 -27.63 -114.78 -9.34
C SER HE 257 -29.03 -115.39 -9.28
N SER HE 258 -29.96 -114.70 -8.61
CA SER HE 258 -31.33 -115.17 -8.55
C SER HE 258 -32.15 -114.75 -9.77
N GLY HE 259 -31.55 -114.04 -10.71
CA GLY HE 259 -32.16 -113.80 -12.01
C GLY HE 259 -32.94 -112.51 -12.15
N GLN HE 260 -33.12 -111.74 -11.08
CA GLN HE 260 -33.83 -110.48 -11.19
C GLN HE 260 -32.95 -109.44 -11.88
N VAL HE 261 -33.58 -108.61 -12.70
CA VAL HE 261 -32.88 -107.59 -13.48
C VAL HE 261 -33.30 -106.22 -12.97
N ILE HE 262 -32.34 -105.42 -12.54
CA ILE HE 262 -32.59 -104.05 -12.15
C ILE HE 262 -32.44 -103.16 -13.37
N LYS HE 263 -33.52 -102.49 -13.75
CA LYS HE 263 -33.53 -101.65 -14.94
C LYS HE 263 -34.01 -100.25 -14.57
N PHE HE 264 -34.26 -99.42 -15.58
CA PHE HE 264 -34.92 -98.15 -15.35
C PHE HE 264 -36.37 -98.38 -15.00
N SER HE 265 -36.94 -97.43 -14.26
CA SER HE 265 -38.34 -97.52 -13.88
C SER HE 265 -39.23 -97.21 -15.09
N GLN HE 266 -40.48 -97.67 -15.01
CA GLN HE 266 -41.42 -97.45 -16.11
C GLN HE 266 -41.80 -95.98 -16.24
N GLU HE 267 -42.08 -95.32 -15.12
CA GLU HE 267 -42.45 -93.91 -15.16
C GLU HE 267 -41.27 -92.99 -15.46
N ASP HE 268 -40.03 -93.50 -15.36
CA ASP HE 268 -38.83 -92.73 -15.69
C ASP HE 268 -38.01 -93.57 -16.66
N SER HE 269 -38.34 -93.47 -17.95
CA SER HE 269 -37.63 -94.22 -18.98
C SER HE 269 -37.65 -93.47 -20.32
N GLN IE 791 -14.30 -99.86 -63.22
CA GLN IE 791 -15.28 -99.71 -62.15
C GLN IE 791 -14.91 -98.54 -61.26
N GLN IE 792 -14.47 -97.45 -61.90
CA GLN IE 792 -14.04 -96.23 -61.19
C GLN IE 792 -15.18 -95.42 -60.63
N GLU IE 793 -16.43 -95.77 -60.98
CA GLU IE 793 -17.60 -95.14 -60.39
C GLU IE 793 -17.67 -95.38 -58.89
N ILE IE 794 -17.17 -96.52 -58.43
CA ILE IE 794 -17.07 -96.81 -57.01
C ILE IE 794 -16.16 -95.80 -56.33
N GLN IE 795 -15.01 -95.51 -56.95
CA GLN IE 795 -14.08 -94.53 -56.40
C GLN IE 795 -14.64 -93.12 -56.46
N GLN IE 796 -15.40 -92.80 -57.51
CA GLN IE 796 -16.02 -91.49 -57.62
C GLN IE 796 -17.04 -91.26 -56.51
N ARG IE 797 -17.92 -92.23 -56.30
CA ARG IE 797 -18.88 -92.19 -55.21
C ARG IE 797 -18.17 -92.18 -53.86
N THR IE 798 -17.05 -92.90 -53.77
CA THR IE 798 -16.24 -92.90 -52.55
C THR IE 798 -15.73 -91.51 -52.23
N SER IE 799 -15.22 -90.81 -53.25
CA SER IE 799 -14.69 -89.47 -53.05
C SER IE 799 -15.79 -88.49 -52.64
N ASP IE 800 -16.91 -88.50 -53.37
CA ASP IE 800 -17.93 -87.48 -53.11
C ASP IE 800 -18.64 -87.71 -51.78
N MET IE 801 -19.04 -88.96 -51.50
CA MET IE 801 -19.71 -89.18 -50.22
C MET IE 801 -18.73 -89.20 -49.06
N LEU IE 802 -17.43 -89.41 -49.29
CA LEU IE 802 -16.48 -89.26 -48.20
C LEU IE 802 -16.29 -87.79 -47.84
N THR IE 803 -16.28 -86.91 -48.86
CA THR IE 803 -16.24 -85.47 -48.58
C THR IE 803 -17.51 -85.03 -47.86
N ALA IE 804 -18.66 -85.57 -48.27
CA ALA IE 804 -19.92 -85.26 -47.59
C ALA IE 804 -19.91 -85.77 -46.16
N ALA IE 805 -19.32 -86.94 -45.93
CA ALA IE 805 -19.25 -87.50 -44.59
C ALA IE 805 -18.35 -86.68 -43.69
N THR IE 806 -17.22 -86.20 -44.22
CA THR IE 806 -16.36 -85.31 -43.46
C THR IE 806 -17.07 -84.01 -43.13
N GLN IE 807 -17.85 -83.50 -44.09
CA GLN IE 807 -18.66 -82.31 -43.87
C GLN IE 807 -19.66 -82.53 -42.74
N LEU IE 808 -20.34 -83.67 -42.75
CA LEU IE 808 -21.37 -83.93 -41.75
C LEU IE 808 -20.75 -84.15 -40.36
N VAL IE 809 -19.61 -84.85 -40.29
CA VAL IE 809 -19.01 -85.10 -38.99
C VAL IE 809 -18.40 -83.82 -38.42
N GLN IE 810 -17.88 -82.93 -39.27
CA GLN IE 810 -17.38 -81.67 -38.74
C GLN IE 810 -18.52 -80.72 -38.40
N ASP IE 811 -19.70 -80.91 -38.98
CA ASP IE 811 -20.86 -80.16 -38.50
C ASP IE 811 -21.40 -80.72 -37.19
N TRP IE 812 -21.21 -82.02 -36.95
CA TRP IE 812 -21.62 -82.61 -35.68
C TRP IE 812 -20.59 -82.39 -34.58
N LYS IE 813 -19.37 -82.00 -34.95
CA LYS IE 813 -18.30 -81.86 -33.96
C LYS IE 813 -18.57 -80.73 -32.97
N GLN IE 814 -18.90 -79.54 -33.47
CA GLN IE 814 -18.96 -78.38 -32.60
C GLN IE 814 -20.24 -78.34 -31.79
N VAL IE 815 -20.13 -77.75 -30.60
CA VAL IE 815 -21.25 -77.44 -29.72
C VAL IE 815 -21.03 -76.03 -29.19
N GLU IE 816 -21.92 -75.11 -29.53
CA GLU IE 816 -21.72 -73.75 -29.07
C GLU IE 816 -22.21 -73.60 -27.63
N THR IE 817 -21.76 -72.54 -26.98
CA THR IE 817 -21.97 -72.37 -25.56
C THR IE 817 -23.38 -71.83 -25.28
N GLN IE 818 -23.67 -71.72 -23.99
CA GLN IE 818 -24.91 -71.12 -23.52
C GLN IE 818 -24.75 -69.61 -23.41
N VAL IE 819 -25.89 -68.92 -23.27
CA VAL IE 819 -25.91 -67.48 -23.06
C VAL IE 819 -26.75 -67.21 -21.82
N TYR IE 820 -26.16 -66.58 -20.83
CA TYR IE 820 -26.83 -66.25 -19.57
C TYR IE 820 -26.91 -64.74 -19.45
N THR IE 821 -28.12 -64.21 -19.31
CA THR IE 821 -28.35 -62.78 -19.25
C THR IE 821 -29.08 -62.44 -17.97
N GLU IE 822 -28.56 -61.43 -17.26
CA GLU IE 822 -29.14 -60.95 -16.02
C GLU IE 822 -29.98 -59.70 -16.29
N GLY IE 823 -30.43 -59.07 -15.22
CA GLY IE 823 -31.22 -57.86 -15.33
C GLY IE 823 -31.52 -57.29 -13.96
N THR IE 824 -32.47 -56.37 -13.93
CA THR IE 824 -32.87 -55.72 -12.70
C THR IE 824 -34.39 -55.49 -12.69
N ALA JE 104 -40.32 -68.93 -93.18
CA ALA JE 104 -39.28 -67.93 -92.96
C ALA JE 104 -39.58 -67.11 -91.72
N GLU JE 105 -40.57 -67.55 -90.95
CA GLU JE 105 -41.00 -66.82 -89.77
C GLU JE 105 -41.25 -67.68 -88.54
N VAL JE 106 -41.32 -69.01 -88.66
CA VAL JE 106 -41.45 -69.87 -87.48
C VAL JE 106 -40.14 -70.04 -86.73
N ILE JE 107 -39.03 -69.62 -87.34
CA ILE JE 107 -37.70 -69.68 -86.72
C ILE JE 107 -37.67 -68.83 -85.45
N ASP JE 108 -38.37 -67.68 -85.48
CA ASP JE 108 -38.43 -66.80 -84.32
C ASP JE 108 -39.15 -67.46 -83.15
N LYS JE 109 -40.25 -68.17 -83.44
CA LYS JE 109 -40.98 -68.85 -82.36
C LYS JE 109 -40.19 -70.02 -81.80
N LYS JE 110 -39.49 -70.76 -82.69
CA LYS JE 110 -38.63 -71.85 -82.23
C LYS JE 110 -37.52 -71.34 -81.33
N ALA JE 111 -36.87 -70.25 -81.75
CA ALA JE 111 -35.78 -69.65 -80.99
C ALA JE 111 -36.29 -69.07 -79.67
N PHE JE 112 -37.50 -68.51 -79.67
CA PHE JE 112 -38.08 -68.01 -78.43
C PHE JE 112 -38.34 -69.15 -77.44
N LYS JE 113 -38.85 -70.27 -77.95
CA LYS JE 113 -39.11 -71.41 -77.07
C LYS JE 113 -37.82 -72.01 -76.52
N ASP JE 114 -36.79 -72.17 -77.37
CA ASP JE 114 -35.57 -72.78 -76.85
C ASP JE 114 -34.78 -71.80 -75.98
N MET JE 115 -34.89 -70.49 -76.23
CA MET JE 115 -34.25 -69.54 -75.33
C MET JE 115 -34.99 -69.47 -74.01
N THR JE 116 -36.31 -69.71 -74.01
CA THR JE 116 -37.05 -69.84 -72.76
C THR JE 116 -36.60 -71.06 -71.98
N ARG JE 117 -36.41 -72.18 -72.68
CA ARG JE 117 -35.94 -73.41 -72.03
C ARG JE 117 -34.53 -73.24 -71.47
N ASN JE 118 -33.66 -72.56 -72.21
CA ASN JE 118 -32.30 -72.35 -71.73
C ASN JE 118 -32.24 -71.32 -70.61
N LEU JE 119 -33.16 -70.35 -70.61
CA LEU JE 119 -33.21 -69.39 -69.52
C LEU JE 119 -33.68 -70.06 -68.24
N TYR JE 120 -34.71 -70.90 -68.32
CA TYR JE 120 -35.20 -71.63 -67.16
C TYR JE 120 -35.22 -73.12 -67.47
N PRO JE 121 -34.09 -73.81 -67.31
CA PRO JE 121 -34.09 -75.26 -67.48
C PRO JE 121 -34.80 -75.99 -66.36
N LEU JE 122 -34.96 -75.36 -65.20
CA LEU JE 122 -35.64 -75.98 -64.08
C LEU JE 122 -37.14 -75.80 -64.21
N ASN JE 123 -37.88 -76.91 -64.19
CA ASN JE 123 -39.33 -76.85 -64.17
C ASN JE 123 -39.81 -76.37 -62.80
N PRO JE 124 -40.96 -75.68 -62.74
CA PRO JE 124 -41.52 -75.31 -61.42
C PRO JE 124 -41.84 -76.50 -60.54
N GLU JE 125 -42.36 -77.56 -61.14
CA GLU JE 125 -42.63 -78.79 -60.40
C GLU JE 125 -41.34 -79.44 -59.93
N GLN JE 126 -40.29 -79.37 -60.75
CA GLN JE 126 -38.98 -79.88 -60.34
C GLN JE 126 -38.39 -79.05 -59.21
N VAL JE 127 -38.64 -77.74 -59.22
CA VAL JE 127 -38.16 -76.86 -58.16
C VAL JE 127 -38.84 -77.21 -56.84
N VAL JE 128 -40.16 -77.41 -56.87
CA VAL JE 128 -40.90 -77.77 -55.66
C VAL JE 128 -40.50 -79.16 -55.17
N LYS JE 129 -40.28 -80.09 -56.12
CA LYS JE 129 -39.83 -81.44 -55.76
C LYS JE 129 -38.46 -81.41 -55.11
N LEU JE 130 -37.54 -80.59 -55.63
CA LEU JE 130 -36.23 -80.52 -55.02
C LEU JE 130 -36.25 -79.76 -53.71
N LYS JE 131 -37.21 -78.84 -53.53
CA LYS JE 131 -37.39 -78.20 -52.24
C LYS JE 131 -37.86 -79.22 -51.19
N GLN JE 132 -38.77 -80.11 -51.58
CA GLN JE 132 -39.21 -81.18 -50.69
C GLN JE 132 -38.07 -82.15 -50.40
N ILE JE 133 -37.25 -82.44 -51.42
CA ILE JE 133 -36.10 -83.32 -51.25
C ILE JE 133 -35.07 -82.70 -50.30
N TYR JE 134 -34.86 -81.38 -50.42
CA TYR JE 134 -33.97 -80.67 -49.50
C TYR JE 134 -34.50 -80.69 -48.08
N GLU JE 135 -35.81 -80.50 -47.92
CA GLU JE 135 -36.41 -80.55 -46.58
C GLU JE 135 -36.28 -81.94 -45.97
N THR JE 136 -36.45 -82.98 -46.79
CA THR JE 136 -36.22 -84.36 -46.34
C THR JE 136 -34.77 -84.58 -45.94
N SER JE 137 -33.83 -84.03 -46.72
CA SER JE 137 -32.41 -84.20 -46.44
C SER JE 137 -32.01 -83.52 -45.14
N GLU JE 138 -32.49 -82.29 -44.91
CA GLU JE 138 -32.16 -81.63 -43.66
C GLU JE 138 -32.90 -82.25 -42.48
N TYR JE 139 -34.06 -82.86 -42.73
CA TYR JE 139 -34.72 -83.63 -41.68
C TYR JE 139 -33.89 -84.84 -41.27
N ALA JE 140 -33.33 -85.55 -42.26
CA ALA JE 140 -32.46 -86.68 -41.97
C ALA JE 140 -31.16 -86.25 -41.32
N LYS JE 141 -30.65 -85.06 -41.69
CA LYS JE 141 -29.46 -84.53 -41.06
C LYS JE 141 -29.70 -84.15 -39.61
N ALA JE 142 -30.80 -83.45 -39.33
CA ALA JE 142 -31.11 -83.00 -37.99
C ALA JE 142 -31.84 -84.05 -37.17
N ALA JE 143 -32.04 -85.24 -37.71
CA ALA JE 143 -32.56 -86.35 -36.92
C ALA JE 143 -31.57 -86.74 -35.83
N THR JE 144 -32.08 -86.91 -34.61
CA THR JE 144 -31.24 -87.21 -33.46
C THR JE 144 -31.36 -88.69 -33.13
N PRO JE 145 -30.30 -89.47 -33.27
CA PRO JE 145 -30.38 -90.91 -33.03
C PRO JE 145 -30.42 -91.23 -31.54
N GLY JE 146 -30.66 -92.50 -31.25
CA GLY JE 146 -30.78 -92.97 -29.89
C GLY JE 146 -32.13 -92.62 -29.28
N THR JE 147 -32.39 -93.22 -28.13
CA THR JE 147 -33.59 -92.88 -27.38
C THR JE 147 -33.42 -91.51 -26.75
N PRO JE 148 -34.29 -90.55 -27.05
CA PRO JE 148 -34.18 -89.24 -26.42
C PRO JE 148 -34.54 -89.32 -24.95
N PRO JE 149 -33.84 -88.57 -24.10
CA PRO JE 149 -34.02 -88.73 -22.66
C PRO JE 149 -35.34 -88.16 -22.18
N LYS JE 150 -35.85 -88.76 -21.12
CA LYS JE 150 -37.10 -88.30 -20.54
C LYS JE 150 -36.87 -87.03 -19.74
N PRO JE 151 -37.56 -85.93 -20.06
CA PRO JE 151 -37.37 -84.69 -19.31
C PRO JE 151 -37.97 -84.77 -17.91
N THR JE 152 -37.10 -84.79 -16.90
CA THR JE 152 -37.51 -84.99 -15.52
C THR JE 152 -36.90 -83.92 -14.63
N ALA JE 153 -37.73 -83.35 -13.76
CA ALA JE 153 -37.29 -82.42 -12.72
C ALA JE 153 -37.52 -83.09 -11.37
N THR JE 154 -36.44 -83.29 -10.61
CA THR JE 154 -36.49 -84.08 -9.39
C THR JE 154 -35.96 -83.28 -8.20
N SER JE 155 -36.34 -83.74 -7.02
CA SER JE 155 -35.80 -83.25 -5.76
C SER JE 155 -35.12 -84.41 -5.05
N GLN JE 156 -33.87 -84.21 -4.64
CA GLN JE 156 -33.10 -85.24 -3.96
C GLN JE 156 -32.54 -84.69 -2.66
N PHE JE 157 -32.51 -85.54 -1.65
CA PHE JE 157 -31.98 -85.18 -0.34
C PHE JE 157 -30.59 -85.79 -0.19
N VAL JE 158 -29.60 -84.94 0.02
CA VAL JE 158 -28.23 -85.41 0.16
C VAL JE 158 -28.00 -85.91 1.58
N ASN JE 159 -26.89 -86.63 1.76
CA ASN JE 159 -26.51 -87.16 3.06
C ASN JE 159 -25.11 -86.70 3.41
N LEU JE 160 -24.93 -86.21 4.63
CA LEU JE 160 -23.67 -85.64 5.07
C LEU JE 160 -22.84 -86.61 5.88
N SER JE 161 -23.23 -87.88 5.92
CA SER JE 161 -22.48 -88.88 6.66
C SER JE 161 -21.16 -89.18 5.97
N PRO JE 162 -20.11 -89.52 6.72
CA PRO JE 162 -18.81 -89.82 6.11
C PRO JE 162 -18.69 -91.19 5.47
N GLY JE 163 -19.80 -91.90 5.26
CA GLY JE 163 -19.76 -93.14 4.51
C GLY JE 163 -20.72 -93.10 3.34
N SER JE 164 -21.35 -91.95 3.14
CA SER JE 164 -22.37 -91.81 2.10
C SER JE 164 -21.74 -91.74 0.72
N THR JE 165 -22.39 -92.40 -0.24
CA THR JE 165 -22.00 -92.25 -1.63
C THR JE 165 -22.38 -90.86 -2.12
N PRO JE 166 -21.55 -90.23 -2.96
CA PRO JE 166 -21.88 -88.89 -3.43
C PRO JE 166 -23.02 -88.92 -4.42
N PRO JE 167 -23.80 -87.84 -4.51
CA PRO JE 167 -24.84 -87.76 -5.55
C PRO JE 167 -24.25 -87.62 -6.94
N VAL JE 168 -24.82 -88.40 -7.87
CA VAL JE 168 -24.42 -88.41 -9.27
C VAL JE 168 -25.60 -87.94 -10.10
N ILE JE 169 -25.36 -86.97 -10.98
CA ILE JE 169 -26.41 -86.33 -11.76
C ILE JE 169 -26.22 -86.69 -13.22
N ARG JE 170 -27.26 -87.25 -13.82
CA ARG JE 170 -27.26 -87.48 -15.26
C ARG JE 170 -27.38 -86.15 -16.00
N LEU JE 171 -26.64 -86.04 -17.10
CA LEU JE 171 -26.57 -84.80 -17.87
C LEU JE 171 -26.87 -85.09 -19.34
N SER JE 172 -27.26 -84.03 -20.05
CA SER JE 172 -27.53 -84.11 -21.48
C SER JE 172 -26.74 -83.04 -22.20
N GLN JE 173 -26.06 -83.44 -23.27
CA GLN JE 173 -25.26 -82.52 -24.07
C GLN JE 173 -26.15 -81.54 -24.81
N GLY JE 174 -25.84 -80.25 -24.71
CA GLY JE 174 -26.66 -79.23 -25.31
C GLY JE 174 -27.91 -78.89 -24.52
N PHE JE 175 -28.10 -79.48 -23.35
CA PHE JE 175 -29.25 -79.22 -22.50
C PHE JE 175 -28.75 -78.73 -21.15
N VAL JE 176 -29.36 -77.66 -20.65
CA VAL JE 176 -28.92 -77.06 -19.41
C VAL JE 176 -29.34 -77.94 -18.23
N SER JE 177 -28.51 -77.97 -17.20
CA SER JE 177 -28.80 -78.68 -15.97
C SER JE 177 -28.71 -77.69 -14.82
N SER JE 178 -29.80 -77.52 -14.09
CA SER JE 178 -29.87 -76.57 -12.98
C SER JE 178 -29.87 -77.35 -11.67
N LEU JE 179 -29.00 -76.96 -10.76
CA LEU JE 179 -28.91 -77.56 -9.43
C LEU JE 179 -29.22 -76.45 -8.42
N VAL JE 180 -30.36 -76.56 -7.75
CA VAL JE 180 -30.81 -75.56 -6.79
C VAL JE 180 -30.67 -76.16 -5.40
N PHE JE 181 -29.96 -75.45 -4.52
CA PHE JE 181 -29.54 -75.99 -3.23
C PHE JE 181 -30.37 -75.36 -2.11
N LEU JE 182 -31.00 -76.21 -1.31
CA LEU JE 182 -31.77 -75.79 -0.15
C LEU JE 182 -31.28 -76.54 1.07
N ASP JE 183 -31.62 -76.02 2.24
CA ASP JE 183 -31.30 -76.69 3.50
C ASP JE 183 -32.43 -77.65 3.84
N SER JE 184 -32.46 -78.15 5.09
CA SER JE 184 -33.55 -79.02 5.53
C SER JE 184 -34.88 -78.29 5.54
N THR JE 185 -34.88 -77.01 5.92
CA THR JE 185 -36.10 -76.22 5.92
C THR JE 185 -36.51 -75.80 4.51
N GLY JE 186 -35.68 -76.03 3.51
CA GLY JE 186 -35.97 -75.61 2.16
C GLY JE 186 -35.54 -74.21 1.81
N ALA JE 187 -34.89 -73.51 2.74
CA ALA JE 187 -34.42 -72.16 2.46
C ALA JE 187 -33.23 -72.21 1.52
N PRO JE 188 -33.14 -71.28 0.55
CA PRO JE 188 -32.01 -71.29 -0.38
C PRO JE 188 -30.69 -70.91 0.28
N TRP JE 189 -29.76 -71.87 0.33
CA TRP JE 189 -28.44 -71.62 0.85
C TRP JE 189 -27.54 -71.23 -0.30
N PRO JE 190 -27.10 -69.96 -0.39
CA PRO JE 190 -26.42 -69.51 -1.61
C PRO JE 190 -25.02 -70.06 -1.75
N ILE JE 191 -24.58 -70.17 -2.99
CA ILE JE 191 -23.27 -70.71 -3.31
C ILE JE 191 -22.21 -69.66 -3.01
N ALA JE 192 -21.08 -70.10 -2.44
CA ALA JE 192 -19.94 -69.23 -2.21
C ALA JE 192 -18.80 -69.51 -3.18
N ALA JE 193 -18.35 -70.77 -3.24
CA ALA JE 193 -17.19 -71.11 -4.04
C ALA JE 193 -17.40 -72.48 -4.68
N TYR JE 194 -16.63 -72.76 -5.73
CA TYR JE 194 -16.76 -74.03 -6.42
C TYR JE 194 -15.46 -74.40 -7.09
N ASP JE 195 -15.29 -75.70 -7.32
CA ASP JE 195 -14.15 -76.23 -8.04
C ASP JE 195 -14.63 -77.42 -8.86
N LEU JE 196 -14.62 -77.27 -10.18
CA LEU JE 196 -15.16 -78.27 -11.10
C LEU JE 196 -14.03 -78.86 -11.94
N GLY JE 197 -13.92 -80.18 -11.92
CA GLY JE 197 -12.98 -80.83 -12.81
C GLY JE 197 -13.49 -80.84 -14.24
N ASP JE 198 -12.54 -80.67 -15.18
CA ASP JE 198 -12.75 -80.59 -16.62
C ASP JE 198 -13.80 -79.55 -17.01
N PRO JE 199 -13.47 -78.26 -16.96
CA PRO JE 199 -14.48 -77.23 -17.26
C PRO JE 199 -14.86 -77.14 -18.73
N SER JE 200 -14.13 -77.79 -19.63
CA SER JE 200 -14.45 -77.71 -21.05
C SER JE 200 -15.78 -78.38 -21.37
N SER JE 201 -16.06 -79.53 -20.73
CA SER JE 201 -17.31 -80.22 -20.98
C SER JE 201 -18.49 -79.54 -20.32
N PHE JE 202 -18.27 -78.72 -19.29
CA PHE JE 202 -19.34 -78.22 -18.46
C PHE JE 202 -19.20 -76.71 -18.30
N ASN JE 203 -19.99 -75.96 -19.05
CA ASN JE 203 -20.03 -74.52 -18.93
C ASN JE 203 -20.73 -74.14 -17.64
N ILE JE 204 -20.17 -73.18 -16.91
CA ILE JE 204 -20.75 -72.70 -15.65
C ILE JE 204 -21.05 -71.22 -15.79
N GLN JE 205 -22.33 -70.88 -15.64
CA GLN JE 205 -22.77 -69.50 -15.51
C GLN JE 205 -23.46 -69.36 -14.17
N TRP JE 206 -22.99 -68.42 -13.34
CA TRP JE 206 -23.41 -68.39 -11.95
C TRP JE 206 -23.30 -66.97 -11.41
N ASP JE 207 -24.46 -66.35 -11.16
CA ASP JE 207 -24.48 -65.11 -10.40
C ASP JE 207 -24.09 -65.38 -8.95
N LYS JE 208 -23.52 -64.36 -8.30
CA LYS JE 208 -22.74 -64.58 -7.10
C LYS JE 208 -23.60 -64.88 -5.87
N THR JE 209 -24.82 -64.38 -5.83
CA THR JE 209 -25.66 -64.53 -4.65
C THR JE 209 -26.68 -65.66 -4.78
N SER JE 210 -26.58 -66.48 -5.81
CA SER JE 210 -27.57 -67.50 -6.06
C SER JE 210 -27.24 -68.81 -5.36
N ASN JE 211 -28.26 -69.63 -5.18
CA ASN JE 211 -28.11 -70.99 -4.69
C ASN JE 211 -28.24 -72.01 -5.83
N THR JE 212 -28.18 -71.56 -7.07
CA THR JE 212 -28.44 -72.40 -8.22
C THR JE 212 -27.26 -72.36 -9.19
N LEU JE 213 -26.90 -73.53 -9.71
CA LEU JE 213 -25.81 -73.67 -10.65
C LEU JE 213 -26.35 -74.17 -11.99
N MET JE 214 -25.85 -73.57 -13.08
CA MET JE 214 -26.20 -73.97 -14.43
C MET JE 214 -25.02 -74.68 -15.08
N ILE JE 215 -25.27 -75.84 -15.67
CA ILE JE 215 -24.23 -76.66 -16.28
C ILE JE 215 -24.68 -76.98 -17.71
N GLN JE 216 -23.83 -76.66 -18.68
CA GLN JE 216 -24.07 -77.00 -20.07
C GLN JE 216 -23.12 -78.12 -20.46
N ALA JE 217 -23.67 -79.32 -20.62
CA ALA JE 217 -22.85 -80.47 -20.99
C ALA JE 217 -22.41 -80.35 -22.44
N THR JE 218 -21.13 -80.62 -22.69
CA THR JE 218 -20.57 -80.53 -24.04
C THR JE 218 -20.12 -81.87 -24.59
N LYS JE 219 -19.59 -82.76 -23.76
CA LYS JE 219 -19.23 -84.09 -24.23
C LYS JE 219 -20.36 -85.07 -23.96
N LEU JE 220 -20.34 -86.18 -24.69
CA LEU JE 220 -21.44 -87.14 -24.67
C LEU JE 220 -21.24 -88.30 -23.70
N TYR JE 221 -20.01 -88.78 -23.55
CA TYR JE 221 -19.75 -89.96 -22.72
C TYR JE 221 -18.54 -89.72 -21.84
N ASN JE 222 -18.43 -88.54 -21.26
CA ASN JE 222 -17.29 -88.20 -20.40
C ASN JE 222 -17.81 -87.56 -19.12
N TYR JE 223 -17.62 -88.25 -18.00
CA TYR JE 223 -18.16 -87.86 -16.72
C TYR JE 223 -17.14 -87.06 -15.91
N GLY JE 224 -17.65 -86.21 -15.02
CA GLY JE 224 -16.80 -85.37 -14.21
C GLY JE 224 -17.31 -85.17 -12.79
N ASN JE 225 -16.74 -84.21 -12.06
CA ASN JE 225 -17.07 -84.03 -10.66
C ASN JE 225 -16.83 -82.59 -10.26
N LEU JE 226 -17.34 -82.23 -9.08
CA LEU JE 226 -17.36 -80.83 -8.64
C LEU JE 226 -17.45 -80.80 -7.12
N ALA JE 227 -16.85 -79.79 -6.52
CA ALA JE 227 -16.97 -79.54 -5.08
C ALA JE 227 -17.50 -78.13 -4.86
N VAL JE 228 -18.47 -78.00 -3.96
CA VAL JE 228 -19.25 -76.77 -3.78
C VAL JE 228 -19.16 -76.34 -2.33
N ARG JE 229 -18.90 -75.06 -2.10
CA ARG JE 229 -18.98 -74.43 -0.79
C ARG JE 229 -20.09 -73.39 -0.80
N LEU JE 230 -21.01 -73.50 0.15
CA LEU JE 230 -22.01 -72.47 0.37
C LEU JE 230 -21.44 -71.39 1.30
N ARG JE 231 -22.26 -70.38 1.58
CA ARG JE 231 -21.77 -69.20 2.29
C ARG JE 231 -21.41 -69.51 3.74
N GLY JE 232 -22.31 -70.16 4.45
CA GLY JE 232 -22.03 -70.59 5.80
C GLY JE 232 -21.57 -72.02 5.91
N LEU JE 233 -21.23 -72.67 4.80
CA LEU JE 233 -20.96 -74.10 4.79
C LEU JE 233 -19.58 -74.37 5.38
N ASN JE 234 -19.55 -75.07 6.51
CA ASN JE 234 -18.28 -75.51 7.08
C ASN JE 234 -17.68 -76.66 6.28
N THR JE 235 -18.50 -77.64 5.92
CA THR JE 235 -18.04 -78.82 5.20
C THR JE 235 -18.51 -78.76 3.76
N PRO JE 236 -17.63 -78.53 2.80
CA PRO JE 236 -18.06 -78.49 1.39
C PRO JE 236 -18.51 -79.85 0.88
N VAL JE 237 -19.41 -79.79 -0.10
CA VAL JE 237 -20.10 -80.97 -0.60
C VAL JE 237 -19.68 -81.21 -2.04
N MET JE 238 -19.27 -82.42 -2.36
CA MET JE 238 -18.81 -82.75 -3.69
C MET JE 238 -19.79 -83.70 -4.37
N LEU JE 239 -20.16 -83.36 -5.60
CA LEU JE 239 -21.06 -84.13 -6.43
C LEU JE 239 -20.31 -84.63 -7.65
N THR JE 240 -20.92 -85.58 -8.36
CA THR JE 240 -20.37 -86.05 -9.63
C THR JE 240 -21.47 -86.04 -10.68
N LEU JE 241 -21.07 -85.79 -11.92
CA LEU JE 241 -21.99 -85.67 -13.04
C LEU JE 241 -21.56 -86.63 -14.14
N ILE JE 242 -22.55 -87.16 -14.86
CA ILE JE 242 -22.26 -88.11 -15.94
C ILE JE 242 -23.24 -87.92 -17.08
N PRO JE 243 -22.78 -87.81 -18.32
CA PRO JE 243 -23.72 -87.68 -19.45
C PRO JE 243 -24.12 -89.04 -19.99
N GLY JE 244 -24.98 -89.06 -21.01
CA GLY JE 244 -25.34 -90.31 -21.64
C GLY JE 244 -26.36 -91.14 -20.88
N GLN JE 245 -27.57 -90.61 -20.73
CA GLN JE 245 -28.63 -91.28 -19.99
C GLN JE 245 -29.92 -91.22 -20.80
N LYS JE 246 -30.81 -92.16 -20.53
CA LYS JE 246 -32.13 -92.20 -21.16
C LYS JE 246 -33.15 -91.35 -20.41
N ALA JE 247 -32.72 -90.62 -19.40
CA ALA JE 247 -33.51 -89.56 -18.78
C ALA JE 247 -32.60 -88.38 -18.54
N VAL JE 248 -33.19 -87.19 -18.45
CA VAL JE 248 -32.43 -85.98 -18.14
C VAL JE 248 -33.00 -85.38 -16.86
N ASP JE 249 -32.15 -85.22 -15.86
CA ASP JE 249 -32.52 -84.55 -14.62
C ASP JE 249 -32.23 -83.06 -14.80
N TYR JE 250 -33.17 -82.39 -15.47
CA TYR JE 250 -32.94 -81.02 -15.90
C TYR JE 250 -32.93 -80.05 -14.72
N ARG JE 251 -33.80 -80.25 -13.74
CA ARG JE 251 -33.85 -79.39 -12.57
C ARG JE 251 -33.79 -80.25 -11.32
N VAL JE 252 -32.66 -80.22 -10.64
CA VAL JE 252 -32.44 -81.05 -9.45
C VAL JE 252 -32.39 -80.15 -8.23
N ASP JE 253 -33.29 -80.41 -7.29
CA ASP JE 253 -33.36 -79.65 -6.04
C ASP JE 253 -32.64 -80.46 -4.97
N LEU JE 254 -31.43 -80.06 -4.65
CA LEU JE 254 -30.60 -80.77 -3.68
C LEU JE 254 -30.81 -80.17 -2.30
N ARG JE 255 -31.27 -80.99 -1.36
CA ARG JE 255 -31.62 -80.55 -0.02
C ARG JE 255 -30.63 -81.12 0.98
N VAL JE 256 -30.08 -80.26 1.82
CA VAL JE 256 -28.98 -80.59 2.72
C VAL JE 256 -29.55 -80.81 4.12
N GLN JE 257 -28.94 -81.76 4.85
CA GLN JE 257 -29.37 -82.07 6.20
C GLN JE 257 -29.16 -80.91 7.16
N GLY JE 258 -28.03 -80.21 7.04
CA GLY JE 258 -27.72 -79.16 7.97
C GLY JE 258 -28.58 -77.91 7.76
N TYR JE 259 -28.63 -77.09 8.81
CA TYR JE 259 -29.31 -75.81 8.73
C TYR JE 259 -28.55 -74.86 7.83
N GLY JE 260 -29.30 -74.04 7.09
CA GLY JE 260 -28.71 -73.10 6.18
C GLY JE 260 -28.60 -71.70 6.74
N PRO JE 261 -28.80 -70.70 5.88
CA PRO JE 261 -28.71 -69.30 6.34
C PRO JE 261 -29.89 -68.86 7.18
N ASN JE 262 -30.97 -69.64 7.26
CA ASN JE 262 -32.16 -69.25 7.99
C ASN JE 262 -32.66 -70.42 8.83
N ALA JE 263 -33.48 -70.10 9.84
CA ALA JE 263 -34.06 -71.09 10.72
C ALA JE 263 -35.48 -70.71 11.11
N ASP JE 278 -53.07 -71.48 -0.15
CA ASP JE 278 -53.52 -72.74 0.43
C ASP JE 278 -54.20 -73.62 -0.62
N LEU JE 279 -55.04 -74.56 -0.15
CA LEU JE 279 -55.77 -75.42 -1.07
C LEU JE 279 -56.86 -74.67 -1.80
N LEU JE 280 -57.38 -73.60 -1.19
CA LEU JE 280 -58.43 -72.79 -1.82
C LEU JE 280 -57.93 -72.11 -3.08
N LEU JE 281 -56.68 -71.62 -3.06
CA LEU JE 281 -56.09 -71.00 -4.24
C LEU JE 281 -55.92 -72.00 -5.37
N HIS JE 282 -55.50 -73.23 -5.05
CA HIS JE 282 -55.27 -74.23 -6.08
C HIS JE 282 -56.58 -74.76 -6.67
N VAL JE 283 -57.60 -74.96 -5.84
CA VAL JE 283 -58.89 -75.35 -6.39
C VAL JE 283 -59.59 -74.18 -7.07
N LEU JE 284 -59.19 -72.95 -6.78
CA LEU JE 284 -59.66 -71.80 -7.54
C LEU JE 284 -59.03 -71.77 -8.92
N GLU JE 285 -57.70 -71.98 -9.00
CA GLU JE 285 -57.01 -71.91 -10.27
C GLU JE 285 -57.26 -73.15 -11.14
N GLY JE 286 -57.73 -74.24 -10.55
CA GLY JE 286 -58.28 -75.32 -11.35
C GLY JE 286 -57.32 -76.41 -11.75
N VAL JE 287 -56.14 -76.49 -11.12
CA VAL JE 287 -55.25 -77.64 -11.33
C VAL JE 287 -55.90 -78.87 -10.70
N PRO JE 288 -55.72 -80.06 -11.27
CA PRO JE 288 -56.23 -81.29 -10.61
C PRO JE 288 -55.52 -81.54 -9.30
N PRO JE 289 -56.25 -81.55 -8.19
CA PRO JE 289 -55.63 -81.74 -6.88
C PRO JE 289 -55.22 -83.19 -6.66
N PRO JE 290 -54.24 -83.44 -5.80
CA PRO JE 290 -53.83 -84.83 -5.54
C PRO JE 290 -54.86 -85.58 -4.71
N GLY JE 291 -54.92 -86.89 -4.94
CA GLY JE 291 -55.75 -87.78 -4.16
C GLY JE 291 -57.22 -87.79 -4.54
N SER JE 292 -57.63 -87.05 -5.55
CA SER JE 292 -59.02 -86.95 -5.93
C SER JE 292 -59.29 -87.74 -7.21
N ARG JE 293 -60.53 -87.64 -7.70
CA ARG JE 293 -60.95 -88.35 -8.91
C ARG JE 293 -61.89 -87.45 -9.70
N ARG JE 294 -62.06 -87.79 -10.97
CA ARG JE 294 -63.02 -87.09 -11.82
C ARG JE 294 -64.44 -87.45 -11.40
N LEU JE 295 -65.33 -86.45 -11.44
CA LEU JE 295 -66.71 -86.63 -11.03
C LEU JE 295 -67.65 -86.22 -12.16
N VAL JE 296 -68.87 -86.75 -12.09
CA VAL JE 296 -69.91 -86.47 -13.06
C VAL JE 296 -70.95 -85.58 -12.38
N VAL JE 297 -71.15 -84.39 -12.92
CA VAL JE 297 -72.13 -83.44 -12.41
C VAL JE 297 -73.18 -83.22 -13.48
N SER JE 298 -74.45 -83.44 -13.13
CA SER JE 298 -75.55 -83.43 -14.09
C SER JE 298 -76.48 -82.26 -13.82
N GLY JE 299 -76.68 -81.42 -14.84
CA GLY JE 299 -77.67 -80.36 -14.81
C GLY JE 299 -77.11 -78.96 -14.71
N GLY JE 300 -75.87 -78.80 -14.24
CA GLY JE 300 -75.34 -77.46 -14.01
C GLY JE 300 -73.87 -77.37 -14.32
N ASP JE 301 -73.38 -76.13 -14.43
CA ASP JE 301 -71.99 -75.86 -14.76
C ASP JE 301 -71.21 -75.75 -13.44
N ALA JE 302 -70.54 -76.83 -13.06
CA ALA JE 302 -69.77 -76.85 -11.83
C ALA JE 302 -68.68 -77.90 -11.93
N ARG JE 303 -67.69 -77.79 -11.05
CA ARG JE 303 -66.61 -78.75 -10.92
C ARG JE 303 -66.61 -79.28 -9.49
N ALA JE 304 -66.93 -80.56 -9.34
CA ALA JE 304 -67.00 -81.19 -8.03
C ALA JE 304 -65.81 -82.12 -7.86
N TRP JE 305 -65.02 -81.89 -6.82
CA TRP JE 305 -63.86 -82.71 -6.52
C TRP JE 305 -64.05 -83.39 -5.17
N LEU JE 306 -63.69 -84.66 -5.12
CA LEU JE 306 -63.81 -85.49 -3.92
C LEU JE 306 -62.56 -86.33 -3.78
N SER JE 307 -61.80 -86.10 -2.71
CA SER JE 307 -60.59 -86.86 -2.45
C SER JE 307 -60.69 -87.69 -1.18
N ASN JE 308 -61.12 -87.08 -0.08
CA ASN JE 308 -61.27 -87.78 1.19
C ASN JE 308 -62.69 -87.58 1.70
N GLU JE 309 -63.66 -87.81 0.80
CA GLU JE 309 -65.10 -87.50 0.94
C GLU JE 309 -65.36 -86.16 1.64
N LYS JE 310 -64.74 -85.11 1.10
CA LYS JE 310 -65.04 -83.73 1.44
C LYS JE 310 -65.20 -82.97 0.13
N MET JE 311 -66.45 -82.65 -0.22
CA MET JE 311 -66.75 -82.15 -1.56
C MET JE 311 -66.34 -80.70 -1.71
N TYR JE 312 -65.57 -80.42 -2.76
CA TYR JE 312 -65.20 -79.06 -3.14
C TYR JE 312 -65.89 -78.73 -4.45
N VAL JE 313 -66.72 -77.69 -4.44
CA VAL JE 313 -67.49 -77.30 -5.62
C VAL JE 313 -66.96 -75.95 -6.09
N ARG JE 314 -66.35 -75.94 -7.27
CA ARG JE 314 -65.92 -74.71 -7.93
C ARG JE 314 -66.93 -74.42 -9.02
N THR JE 315 -67.66 -73.32 -8.88
CA THR JE 315 -68.76 -73.03 -9.80
C THR JE 315 -68.86 -71.53 -9.98
N ASN JE 316 -69.98 -71.10 -10.57
CA ASN JE 316 -70.31 -69.69 -10.69
C ASN JE 316 -71.63 -69.36 -10.01
N LEU JE 317 -72.16 -70.30 -9.23
CA LEU JE 317 -73.45 -70.18 -8.60
C LEU JE 317 -73.27 -69.96 -7.09
N THR JE 318 -74.39 -69.89 -6.38
CA THR JE 318 -74.40 -69.64 -4.94
C THR JE 318 -75.38 -70.62 -4.30
N ILE JE 319 -74.85 -71.62 -3.60
CA ILE JE 319 -75.69 -72.62 -2.97
C ILE JE 319 -76.34 -72.06 -1.72
N LEU JE 320 -77.43 -72.70 -1.28
CA LEU JE 320 -78.13 -72.25 -0.08
C LEU JE 320 -78.57 -73.37 0.86
N SER JE 321 -78.58 -74.64 0.45
CA SER JE 321 -79.16 -75.66 1.31
C SER JE 321 -78.28 -76.10 2.49
N PRO JE 322 -77.01 -76.58 2.31
CA PRO JE 322 -76.33 -77.18 3.46
C PRO JE 322 -75.72 -76.17 4.44
N GLY JE 323 -75.20 -75.07 3.92
CA GLY JE 323 -74.50 -74.11 4.75
C GLY JE 323 -73.00 -74.25 4.60
N TRP JE 324 -72.39 -73.37 3.81
CA TRP JE 324 -70.98 -73.49 3.45
C TRP JE 324 -70.08 -73.20 4.64
N LEU JE 325 -68.90 -73.81 4.60
CA LEU JE 325 -67.88 -73.59 5.63
C LEU JE 325 -66.84 -72.55 5.21
N ALA JE 326 -66.43 -72.55 3.96
CA ALA JE 326 -65.44 -71.61 3.46
C ALA JE 326 -65.95 -70.96 2.18
N SER JE 327 -65.52 -69.73 1.95
CA SER JE 327 -65.92 -68.98 0.77
C SER JE 327 -64.69 -68.27 0.21
N MET JE 328 -64.33 -68.61 -1.02
CA MET JE 328 -63.19 -68.02 -1.72
C MET JE 328 -63.75 -67.30 -2.94
N THR JE 329 -63.89 -65.98 -2.85
CA THR JE 329 -64.42 -65.17 -3.93
C THR JE 329 -63.28 -64.49 -4.68
N SER JE 330 -63.24 -64.69 -5.99
CA SER JE 330 -62.26 -64.10 -6.87
C SER JE 330 -62.93 -63.09 -7.78
N ALA JE 331 -62.10 -62.39 -8.57
CA ALA JE 331 -62.61 -61.30 -9.40
C ALA JE 331 -63.32 -61.79 -10.66
N ASP JE 332 -62.89 -62.92 -11.21
CA ASP JE 332 -63.40 -63.38 -12.51
C ASP JE 332 -64.81 -63.94 -12.44
N GLY JE 333 -65.34 -64.23 -11.25
CA GLY JE 333 -66.72 -64.64 -11.10
C GLY JE 333 -66.93 -66.04 -10.58
N THR JE 334 -65.90 -66.88 -10.54
CA THR JE 334 -66.06 -68.22 -10.00
C THR JE 334 -65.80 -68.23 -8.50
N HIS JE 335 -66.47 -69.15 -7.81
CA HIS JE 335 -66.38 -69.29 -6.37
C HIS JE 335 -66.24 -70.77 -6.02
N ALA JE 336 -65.43 -71.05 -5.01
CA ALA JE 336 -65.18 -72.41 -4.53
C ALA JE 336 -65.73 -72.55 -3.12
N TYR JE 337 -66.52 -73.59 -2.91
CA TYR JE 337 -67.14 -73.86 -1.62
C TYR JE 337 -66.79 -75.28 -1.17
N GLU JE 338 -66.76 -75.48 0.15
CA GLU JE 338 -66.50 -76.79 0.73
C GLU JE 338 -67.72 -77.26 1.51
N MET JE 339 -67.96 -78.57 1.46
CA MET JE 339 -69.06 -79.16 2.20
C MET JE 339 -68.78 -80.65 2.42
N GLN JE 340 -69.61 -81.27 3.23
CA GLN JE 340 -69.57 -82.71 3.43
C GLN JE 340 -70.33 -83.41 2.30
N LYS JE 341 -70.37 -84.74 2.37
CA LYS JE 341 -70.93 -85.54 1.29
C LYS JE 341 -72.45 -85.49 1.27
N SER JE 342 -73.02 -85.25 0.10
CA SER JE 342 -74.45 -85.23 -0.13
C SER JE 342 -74.74 -85.48 -1.60
N PRO JE 343 -75.63 -86.42 -1.94
CA PRO JE 343 -75.84 -86.76 -3.35
C PRO JE 343 -76.64 -85.72 -4.13
N VAL JE 344 -77.65 -85.13 -3.49
CA VAL JE 344 -78.55 -84.19 -4.15
C VAL JE 344 -78.45 -82.85 -3.42
N LEU JE 345 -78.29 -81.78 -4.20
CA LEU JE 345 -78.22 -80.42 -3.66
C LEU JE 345 -79.14 -79.52 -4.48
N LEU JE 346 -79.50 -78.38 -3.89
CA LEU JE 346 -80.34 -77.39 -4.56
C LEU JE 346 -79.67 -76.03 -4.52
N VAL JE 347 -79.55 -75.41 -5.69
CA VAL JE 347 -78.87 -74.13 -5.85
C VAL JE 347 -79.84 -73.14 -6.50
N SER JE 348 -79.86 -71.91 -6.00
CA SER JE 348 -80.73 -70.86 -6.51
C SER JE 348 -79.93 -69.87 -7.35
N TRP JE 349 -80.44 -69.56 -8.54
CA TRP JE 349 -79.90 -68.54 -9.42
C TRP JE 349 -81.04 -67.63 -9.85
N HIS JE 350 -80.82 -66.33 -9.72
CA HIS JE 350 -81.76 -65.27 -10.15
C HIS JE 350 -83.14 -65.39 -9.51
N GLY JE 351 -83.20 -65.93 -8.30
CA GLY JE 351 -84.45 -66.11 -7.61
C GLY JE 351 -85.17 -67.41 -7.87
N LYS JE 352 -84.65 -68.28 -8.73
CA LYS JE 352 -85.26 -69.58 -8.98
C LYS JE 352 -84.27 -70.69 -8.70
N VAL JE 353 -84.76 -71.78 -8.09
CA VAL JE 353 -83.92 -72.84 -7.56
C VAL JE 353 -84.01 -74.07 -8.45
N MET JE 354 -82.87 -74.67 -8.76
CA MET JE 354 -82.78 -75.94 -9.44
C MET JE 354 -82.02 -76.93 -8.56
N GLN JE 355 -81.95 -78.18 -9.00
CA GLN JE 355 -81.31 -79.23 -8.22
C GLN JE 355 -80.27 -79.96 -9.06
N LEU JE 356 -79.25 -80.47 -8.38
CA LEU JE 356 -78.15 -81.20 -8.99
C LEU JE 356 -77.94 -82.50 -8.23
N LYS JE 357 -77.53 -83.53 -8.96
CA LYS JE 357 -77.22 -84.84 -8.40
C LYS JE 357 -75.81 -85.24 -8.81
N VAL JE 358 -75.07 -85.83 -7.88
CA VAL JE 358 -73.70 -86.27 -8.13
C VAL JE 358 -73.57 -87.74 -7.77
N GLU JE 359 -72.58 -88.39 -8.38
CA GLU JE 359 -72.29 -89.79 -8.13
C GLU JE 359 -70.84 -90.07 -8.46
N GLY JE 360 -70.34 -91.20 -7.96
CA GLY JE 360 -68.97 -91.59 -8.19
C GLY JE 360 -68.77 -93.09 -8.18
N UNK KE 1 -49.23 -91.76 -46.42
CA UNK KE 1 -48.64 -92.65 -47.41
C UNK KE 1 -47.53 -93.48 -46.79
N UNK KE 2 -47.28 -93.26 -45.51
CA UNK KE 2 -46.31 -94.07 -44.78
C UNK KE 2 -46.91 -95.43 -44.49
N UNK KE 3 -46.26 -96.49 -44.95
CA UNK KE 3 -46.78 -97.85 -44.84
C UNK KE 3 -46.57 -98.35 -43.42
N UNK KE 4 -47.65 -98.40 -42.64
CA UNK KE 4 -47.54 -98.79 -41.24
C UNK KE 4 -47.29 -100.29 -41.10
N UNK KE 5 -47.89 -101.11 -41.98
CA UNK KE 5 -47.65 -102.54 -41.95
C UNK KE 5 -46.21 -102.88 -42.33
N UNK KE 6 -45.66 -102.18 -43.32
CA UNK KE 6 -44.25 -102.36 -43.67
C UNK KE 6 -43.33 -101.82 -42.59
N UNK KE 7 -43.75 -100.77 -41.87
CA UNK KE 7 -42.99 -100.29 -40.72
C UNK KE 7 -42.95 -101.32 -39.60
N UNK KE 8 -44.09 -101.98 -39.34
CA UNK KE 8 -44.13 -103.03 -38.35
C UNK KE 8 -43.32 -104.25 -38.79
N UNK KE 9 -43.31 -104.53 -40.10
CA UNK KE 9 -42.48 -105.60 -40.64
C UNK KE 9 -41.00 -105.29 -40.49
N UNK KE 10 -40.61 -104.02 -40.68
CA UNK KE 10 -39.23 -103.60 -40.48
C UNK KE 10 -38.84 -103.68 -39.01
N UNK KE 11 -39.77 -103.34 -38.11
CA UNK KE 11 -39.52 -103.48 -36.68
C UNK KE 11 -39.35 -104.95 -36.29
N UNK KE 12 -40.14 -105.83 -36.90
CA UNK KE 12 -40.00 -107.27 -36.65
C UNK KE 12 -38.69 -107.80 -37.19
N UNK KE 13 -38.25 -107.31 -38.35
CA UNK KE 13 -36.96 -107.72 -38.90
C UNK KE 13 -35.81 -107.21 -38.06
N UNK KE 14 -35.94 -106.02 -37.49
CA UNK KE 14 -34.93 -105.52 -36.56
C UNK KE 14 -34.92 -106.29 -35.26
N UNK KE 15 -36.10 -106.74 -34.80
CA UNK KE 15 -36.16 -107.55 -33.58
C UNK KE 15 -35.56 -108.93 -33.80
N UNK KE 16 -35.83 -109.54 -34.95
CA UNK KE 16 -35.27 -110.85 -35.30
C UNK KE 16 -34.71 -110.76 -36.73
N UNK KE 17 -33.48 -110.26 -36.84
CA UNK KE 17 -32.71 -110.31 -38.07
C UNK KE 17 -31.81 -111.53 -38.15
N UNK KE 18 -31.91 -112.44 -37.17
CA UNK KE 18 -31.13 -113.69 -37.08
C UNK KE 18 -29.63 -113.44 -37.08
N UNK KE 19 -29.20 -112.40 -36.36
CA UNK KE 19 -27.77 -112.10 -36.25
C UNK KE 19 -27.53 -111.38 -34.93
N UNK KE 20 -26.83 -112.05 -34.01
CA UNK KE 20 -26.39 -111.42 -32.76
C UNK KE 20 -25.17 -112.19 -32.27
N UNK KE 21 -23.98 -111.64 -32.51
CA UNK KE 21 -22.73 -112.31 -32.19
C UNK KE 21 -21.89 -111.43 -31.29
N UNK KE 22 -21.25 -112.04 -30.29
CA UNK KE 22 -20.42 -111.31 -29.34
C UNK KE 22 -19.09 -112.02 -29.14
N UNK KE 23 -18.07 -111.24 -28.79
CA UNK KE 23 -16.74 -111.76 -28.50
C UNK KE 23 -16.08 -110.87 -27.46
N UNK KE 24 -15.65 -111.47 -26.36
CA UNK KE 24 -15.11 -110.70 -25.24
C UNK KE 24 -13.58 -110.76 -25.24
N UNK KE 25 -12.98 -110.15 -24.22
CA UNK KE 25 -11.53 -110.14 -24.09
C UNK KE 25 -11.16 -110.19 -22.62
N UNK KE 26 -9.94 -110.65 -22.36
CA UNK KE 26 -9.42 -110.73 -21.01
C UNK KE 26 -8.75 -109.42 -20.63
N UNK KE 27 -8.00 -109.42 -19.53
CA UNK KE 27 -7.36 -108.21 -19.04
C UNK KE 27 -6.17 -107.79 -19.90
N UNK KE 28 -5.44 -108.75 -20.46
CA UNK KE 28 -4.26 -108.46 -21.27
C UNK KE 28 -4.57 -108.52 -22.76
N UNK KE 29 -5.78 -108.08 -23.14
CA UNK KE 29 -6.27 -108.01 -24.52
C UNK KE 29 -6.22 -109.36 -25.24
N UNK KE 30 -6.63 -110.41 -24.53
CA UNK KE 30 -6.73 -111.75 -25.10
C UNK KE 30 -8.19 -112.02 -25.45
N UNK KE 31 -8.51 -111.94 -26.73
CA UNK KE 31 -9.89 -112.06 -27.17
C UNK KE 31 -10.33 -113.52 -27.14
N UNK KE 32 -11.64 -113.71 -27.06
CA UNK KE 32 -12.26 -115.03 -27.04
C UNK KE 32 -13.70 -114.88 -27.52
N UNK KE 33 -14.05 -115.63 -28.56
CA UNK KE 33 -15.42 -115.66 -29.06
C UNK KE 33 -16.08 -116.98 -28.68
N UNK KE 34 -17.41 -116.96 -28.64
CA UNK KE 34 -18.21 -118.12 -28.31
C UNK KE 34 -19.31 -118.30 -29.36
N UNK KE 35 -20.25 -119.20 -29.07
CA UNK KE 35 -21.37 -119.42 -29.97
C UNK KE 35 -22.34 -118.26 -29.93
N UNK KE 36 -22.74 -117.78 -31.11
CA UNK KE 36 -23.60 -116.62 -31.20
C UNK KE 36 -25.04 -116.99 -30.87
N UNK KE 37 -25.85 -115.98 -30.54
CA UNK KE 37 -27.26 -116.16 -30.22
C UNK KE 37 -28.07 -115.94 -31.49
N UNK KE 38 -28.33 -117.04 -32.21
CA UNK KE 38 -29.16 -117.09 -33.43
C UNK KE 38 -28.72 -116.12 -34.53
N UNK KE 39 -12.42 -104.60 -17.36
CA UNK KE 39 -12.10 -104.62 -18.78
C UNK KE 39 -12.26 -106.03 -19.35
N UNK KE 40 -13.44 -106.62 -19.13
CA UNK KE 40 -13.72 -107.98 -19.59
C UNK KE 40 -14.79 -108.03 -20.66
N UNK KE 41 -15.97 -107.47 -20.38
CA UNK KE 41 -17.10 -107.51 -21.31
C UNK KE 41 -17.00 -106.32 -22.25
N UNK KE 42 -16.85 -106.60 -23.54
CA UNK KE 42 -16.78 -105.55 -24.53
C UNK KE 42 -18.16 -104.99 -24.80
N UNK KE 43 -18.31 -103.67 -24.63
CA UNK KE 43 -19.59 -103.03 -24.90
C UNK KE 43 -19.88 -102.93 -26.39
N UNK KE 44 -18.88 -103.14 -27.23
CA UNK KE 44 -19.05 -103.19 -28.68
C UNK KE 44 -18.82 -104.60 -29.22
N UNK KE 45 -19.04 -105.61 -28.39
CA UNK KE 45 -18.90 -106.99 -28.84
C UNK KE 45 -20.05 -107.41 -29.75
N UNK KE 46 -21.24 -106.83 -29.56
CA UNK KE 46 -22.43 -107.27 -30.26
C UNK KE 46 -22.41 -106.82 -31.72
N UNK KE 47 -22.73 -107.75 -32.61
CA UNK KE 47 -22.80 -107.50 -34.04
C UNK KE 47 -24.05 -108.17 -34.59
N UNK KE 48 -24.72 -107.47 -35.51
CA UNK KE 48 -25.97 -107.95 -36.08
C UNK KE 48 -25.94 -107.89 -37.61
N LEU LE 113 -35.28 -148.05 112.26
CA LEU LE 113 -34.51 -146.95 112.83
C LEU LE 113 -35.35 -145.67 112.87
N ASN LE 114 -36.03 -145.47 113.99
CA ASN LE 114 -36.98 -144.37 114.14
C ASN LE 114 -36.55 -143.33 115.14
N ARG LE 115 -36.21 -143.74 116.36
CA ARG LE 115 -35.86 -142.81 117.43
C ARG LE 115 -34.70 -143.38 118.22
N PHE LE 116 -33.71 -142.54 118.52
CA PHE LE 116 -32.57 -142.97 119.33
C PHE LE 116 -32.27 -141.88 120.35
N ARG LE 117 -32.58 -142.16 121.61
CA ARG LE 117 -32.25 -141.28 122.72
C ARG LE 117 -31.28 -142.01 123.61
N TYR LE 118 -30.10 -141.42 123.83
CA TYR LE 118 -29.03 -142.09 124.55
C TYR LE 118 -28.45 -141.18 125.62
N GLU LE 119 -28.18 -141.79 126.78
CA GLU LE 119 -27.51 -141.15 127.90
C GLU LE 119 -26.51 -142.14 128.48
N GLY LE 120 -25.96 -141.81 129.64
CA GLY LE 120 -25.17 -142.76 130.39
C GLY LE 120 -23.71 -142.85 130.01
N ALA LE 121 -23.21 -141.93 129.17
CA ALA LE 121 -21.80 -141.80 128.77
C ALA LE 121 -21.26 -143.08 128.12
N GLY LE 122 -21.84 -143.38 126.96
CA GLY LE 122 -21.43 -144.57 126.23
C GLY LE 122 -20.83 -144.27 124.89
N VAL LE 123 -20.10 -145.25 124.35
CA VAL LE 123 -19.45 -145.16 123.05
C VAL LE 123 -20.24 -146.02 122.09
N VAL LE 124 -20.89 -145.38 121.11
CA VAL LE 124 -21.70 -146.06 120.11
C VAL LE 124 -21.07 -145.82 118.74
N THR LE 125 -20.88 -146.89 117.98
CA THR LE 125 -20.26 -146.82 116.67
C THR LE 125 -21.12 -147.58 115.67
N GLY LE 126 -21.36 -146.98 114.52
CA GLY LE 126 -22.14 -147.63 113.48
C GLY LE 126 -21.70 -147.16 112.11
N ASN LE 127 -22.05 -147.96 111.10
CA ASN LE 127 -21.67 -147.64 109.72
C ASN LE 127 -22.64 -148.29 108.76
N ASN LE 128 -22.71 -147.70 107.56
CA ASN LE 128 -23.54 -148.17 106.44
C ASN LE 128 -25.02 -148.23 106.81
N LEU LE 129 -25.50 -147.20 107.50
CA LEU LE 129 -26.91 -147.08 107.83
C LEU LE 129 -27.59 -146.13 106.86
N ARG LE 130 -28.73 -146.56 106.32
CA ARG LE 130 -29.52 -145.75 105.40
C ARG LE 130 -30.94 -145.65 105.93
N THR LE 131 -31.46 -144.43 105.98
CA THR LE 131 -32.82 -144.21 106.48
C THR LE 131 -33.35 -142.91 105.90
N SER LE 132 -34.68 -142.80 105.90
CA SER LE 132 -35.33 -141.57 105.45
C SER LE 132 -35.25 -140.49 106.52
N TYR LE 133 -35.80 -140.78 107.70
CA TYR LE 133 -35.77 -139.83 108.80
C TYR LE 133 -35.77 -140.59 110.11
N LEU LE 134 -34.91 -140.16 111.04
CA LEU LE 134 -34.96 -140.61 112.41
C LEU LE 134 -34.73 -139.42 113.33
N ASP LE 135 -35.19 -139.55 114.56
CA ASP LE 135 -35.03 -138.50 115.55
C ASP LE 135 -33.96 -138.90 116.55
N LEU LE 136 -32.97 -138.01 116.73
CA LEU LE 136 -31.81 -138.27 117.56
C LEU LE 136 -31.82 -137.37 118.79
N TYR LE 137 -31.54 -137.94 119.95
CA TYR LE 137 -31.43 -137.18 121.20
C TYR LE 137 -30.28 -137.75 122.00
N LEU LE 138 -29.16 -137.05 122.02
CA LEU LE 138 -27.95 -137.50 122.69
C LEU LE 138 -27.73 -136.65 123.94
N ALA LE 139 -27.18 -137.28 124.98
CA ALA LE 139 -26.89 -136.54 126.21
C ALA LE 139 -25.69 -137.15 126.92
N ASN LE 140 -24.93 -136.27 127.58
CA ASN LE 140 -23.92 -136.62 128.60
C ASN LE 140 -22.81 -137.51 128.03
N GLU LE 141 -22.06 -136.93 127.10
CA GLU LE 141 -20.86 -137.52 126.49
C GLU LE 141 -21.20 -138.83 125.77
N GLY LE 142 -22.00 -138.67 124.72
CA GLY LE 142 -22.27 -139.79 123.83
C GLY LE 142 -21.20 -139.86 122.76
N THR LE 143 -20.21 -140.73 122.94
CA THR LE 143 -19.10 -140.84 122.00
C THR LE 143 -19.60 -141.62 120.79
N THR LE 144 -20.08 -140.90 119.79
CA THR LE 144 -20.76 -141.49 118.65
C THR LE 144 -19.87 -141.40 117.42
N ARG LE 145 -19.63 -142.53 116.77
CA ARG LE 145 -18.86 -142.61 115.54
C ARG LE 145 -19.74 -143.27 114.49
N LEU LE 146 -20.35 -142.46 113.63
CA LEU LE 146 -21.27 -142.95 112.62
C LEU LE 146 -20.73 -142.66 111.23
N ALA LE 147 -20.70 -143.70 110.39
CA ALA LE 147 -20.23 -143.62 109.02
C ALA LE 147 -21.27 -144.19 108.06
N GLY LE 148 -22.52 -143.81 108.26
CA GLY LE 148 -23.62 -144.25 107.41
C GLY LE 148 -24.30 -143.07 106.75
N ASN LE 149 -24.73 -143.27 105.50
CA ASN LE 149 -25.45 -142.25 104.75
C ASN LE 149 -26.86 -142.11 105.31
N ILE LE 150 -27.04 -141.23 106.28
CA ILE LE 150 -28.23 -141.21 107.12
C ILE LE 150 -29.00 -139.92 106.84
N GLY LE 151 -30.27 -140.09 106.47
CA GLY LE 151 -31.15 -138.95 106.32
C GLY LE 151 -31.92 -138.69 107.60
N LEU LE 152 -31.94 -137.43 108.03
CA LEU LE 152 -32.59 -137.06 109.27
C LEU LE 152 -32.96 -135.58 109.22
N GLN LE 153 -33.83 -135.19 110.14
CA GLN LE 153 -34.27 -133.81 110.28
C GLN LE 153 -34.12 -133.30 111.70
N LYS LE 154 -34.35 -134.15 112.70
CA LYS LE 154 -34.40 -133.72 114.09
C LYS LE 154 -33.27 -134.37 114.88
N LEU LE 155 -32.31 -133.56 115.31
CA LEU LE 155 -31.21 -133.99 116.15
C LEU LE 155 -31.09 -133.00 117.30
N GLU LE 156 -30.91 -133.53 118.51
CA GLU LE 156 -30.80 -132.70 119.70
C GLU LE 156 -29.73 -133.29 120.62
N ALA LE 157 -28.65 -132.55 120.81
CA ALA LE 157 -27.63 -132.90 121.79
C ALA LE 157 -27.80 -131.99 123.00
N VAL LE 158 -27.80 -132.58 124.19
CA VAL LE 158 -28.00 -131.79 125.40
C VAL LE 158 -26.78 -130.91 125.69
N GLY LE 159 -25.60 -131.49 125.62
CA GLY LE 159 -24.38 -130.72 125.81
C GLY LE 159 -23.23 -131.59 126.25
N ASN LE 160 -22.02 -131.07 126.01
CA ASN LE 160 -20.74 -131.66 126.41
C ASN LE 160 -20.57 -133.07 125.81
N GLY LE 161 -20.58 -133.12 124.48
CA GLY LE 161 -20.43 -134.37 123.77
C GLY LE 161 -19.56 -134.21 122.54
N VAL LE 162 -19.05 -135.34 122.07
CA VAL LE 162 -18.25 -135.41 120.85
C VAL LE 162 -18.85 -136.46 119.94
N THR LE 163 -19.03 -136.11 118.66
CA THR LE 163 -19.72 -136.99 117.73
C THR LE 163 -19.21 -136.75 116.31
N GLN LE 164 -18.76 -137.83 115.67
CA GLN LE 164 -18.35 -137.80 114.27
C GLN LE 164 -19.51 -138.33 113.42
N ILE LE 165 -19.94 -137.55 112.44
CA ILE LE 165 -21.01 -137.92 111.53
C ILE LE 165 -20.50 -137.77 110.11
N ASN LE 166 -20.55 -138.85 109.33
CA ASN LE 166 -20.07 -138.84 107.96
C ASN LE 166 -21.21 -139.30 107.06
N GLY LE 167 -21.79 -138.36 106.32
CA GLY LE 167 -22.75 -138.68 105.27
C GLY LE 167 -24.18 -138.45 105.67
N VAL LE 168 -24.72 -137.28 105.31
CA VAL LE 168 -26.13 -136.95 105.51
C VAL LE 168 -26.61 -136.26 104.24
N SER LE 169 -27.62 -136.82 103.60
CA SER LE 169 -28.29 -136.19 102.46
C SER LE 169 -29.70 -135.89 102.92
N SER LE 170 -29.88 -134.73 103.54
CA SER LE 170 -31.13 -134.35 104.17
C SER LE 170 -31.89 -133.38 103.27
N ARG LE 171 -33.18 -133.66 103.07
CA ARG LE 171 -34.05 -132.69 102.43
C ARG LE 171 -34.32 -131.50 103.36
N ASN LE 172 -34.28 -131.73 104.67
CA ASN LE 172 -34.38 -130.66 105.65
C ASN LE 172 -33.72 -131.15 106.92
N LEU LE 173 -33.33 -130.19 107.78
CA LEU LE 173 -32.77 -130.52 109.08
C LEU LE 173 -33.01 -129.35 110.01
N GLN LE 174 -33.45 -129.65 111.23
CA GLN LE 174 -33.60 -128.65 112.28
C GLN LE 174 -32.78 -129.08 113.47
N ILE LE 175 -31.86 -128.23 113.92
CA ILE LE 175 -30.94 -128.53 115.01
C ILE LE 175 -30.80 -127.30 115.89
N VAL LE 176 -30.95 -127.48 117.19
CA VAL LE 176 -30.65 -126.44 118.17
C VAL LE 176 -29.82 -127.08 119.28
N LEU LE 177 -29.13 -126.24 120.05
CA LEU LE 177 -28.28 -126.71 121.13
C LEU LE 177 -28.53 -125.87 122.38
N LYS LE 178 -28.30 -126.49 123.54
CA LYS LE 178 -28.44 -125.82 124.82
C LYS LE 178 -27.22 -125.95 125.72
N GLY LE 179 -26.35 -126.92 125.50
CA GLY LE 179 -25.13 -127.04 126.28
C GLY LE 179 -23.90 -126.63 125.51
N ASP LE 180 -22.77 -127.27 125.78
CA ASP LE 180 -21.50 -126.94 125.15
C ASP LE 180 -20.87 -128.19 124.55
N PRO LE 181 -21.42 -128.69 123.43
CA PRO LE 181 -20.87 -129.92 122.84
C PRO LE 181 -19.76 -129.61 121.84
N LYS LE 182 -19.21 -130.65 121.21
CA LYS LE 182 -18.17 -130.51 120.19
C LYS LE 182 -18.56 -131.46 119.07
N VAL LE 183 -19.34 -130.96 118.11
CA VAL LE 183 -19.89 -131.79 117.06
C VAL LE 183 -19.27 -131.40 115.73
N LEU LE 184 -19.48 -132.25 114.73
CA LEU LE 184 -19.04 -131.99 113.37
C LEU LE 184 -19.94 -132.77 112.42
N ILE LE 185 -20.18 -132.22 111.24
CA ILE LE 185 -21.12 -132.82 110.29
C ILE LE 185 -20.45 -132.86 108.92
N SER LE 186 -20.40 -134.03 108.31
CA SER LE 186 -19.94 -134.21 106.95
C SER LE 186 -21.13 -134.53 106.05
N GLY LE 187 -21.34 -133.71 105.03
CA GLY LE 187 -22.42 -133.91 104.09
C GLY LE 187 -23.00 -132.59 103.65
N PHE LE 188 -24.04 -132.67 102.82
CA PHE LE 188 -24.74 -131.50 102.29
C PHE LE 188 -26.16 -131.51 102.82
N VAL LE 189 -26.56 -130.41 103.45
CA VAL LE 189 -27.79 -130.36 104.24
C VAL LE 189 -28.53 -129.06 103.93
N ASN LE 190 -29.82 -129.18 103.63
CA ASN LE 190 -30.71 -128.04 103.69
C ASN LE 190 -31.08 -127.77 105.15
N LEU LE 191 -30.81 -126.56 105.63
CA LEU LE 191 -31.08 -126.18 107.00
C LEU LE 191 -32.03 -124.99 107.05
N ARG LE 192 -32.63 -124.79 108.23
CA ARG LE 192 -33.62 -123.74 108.42
C ARG LE 192 -33.15 -122.64 109.35
N GLN LE 193 -32.77 -122.97 110.59
CA GLN LE 193 -32.47 -121.93 111.57
C GLN LE 193 -31.49 -122.49 112.59
N LEU LE 194 -30.66 -121.61 113.13
CA LEU LE 194 -29.72 -121.98 114.19
C LEU LE 194 -29.76 -120.97 115.32
N ASP LE 195 -29.81 -121.47 116.55
CA ASP LE 195 -29.75 -120.65 117.75
C ASP LE 195 -28.69 -121.21 118.68
N MET LE 196 -27.80 -120.34 119.15
CA MET LE 196 -26.71 -120.72 120.05
C MET LE 196 -26.75 -119.84 121.29
N TYR LE 197 -26.67 -120.47 122.46
CA TYR LE 197 -26.68 -119.75 123.73
C TYR LE 197 -25.60 -120.22 124.70
N GLY LE 198 -24.77 -121.18 124.30
CA GLY LE 198 -23.75 -121.71 125.19
C GLY LE 198 -22.34 -121.56 124.66
N LYS LE 199 -21.67 -122.67 124.41
CA LYS LE 199 -20.31 -122.70 123.88
C LYS LE 199 -20.23 -123.70 122.73
N GLY LE 200 -21.14 -123.54 121.78
CA GLY LE 200 -21.30 -124.52 120.72
C GLY LE 200 -20.13 -124.54 119.75
N THR LE 201 -19.88 -125.72 119.21
CA THR LE 201 -18.73 -125.95 118.33
C THR LE 201 -19.15 -126.94 117.25
N LEU LE 202 -19.14 -126.51 116.00
CA LEU LE 202 -19.61 -127.32 114.89
C LEU LE 202 -18.87 -126.95 113.61
N SER LE 203 -18.42 -127.97 112.87
CA SER LE 203 -17.86 -127.79 111.54
C SER LE 203 -18.77 -128.52 110.55
N LEU LE 204 -19.47 -127.75 109.72
CA LEU LE 204 -20.32 -128.29 108.67
C LEU LE 204 -19.52 -128.45 107.40
N TYR LE 205 -19.80 -129.51 106.65
CA TYR LE 205 -19.12 -129.68 105.37
C TYR LE 205 -19.78 -128.87 104.27
N TRP LE 206 -21.04 -129.18 103.95
CA TRP LE 206 -21.72 -128.51 102.85
C TRP LE 206 -23.14 -128.16 103.26
N ILE LE 207 -23.65 -127.08 102.68
CA ILE LE 207 -25.01 -126.62 102.92
C ILE LE 207 -25.55 -126.04 101.62
N LYS LE 208 -26.67 -126.58 101.14
CA LYS LE 208 -27.30 -126.14 99.90
C LYS LE 208 -28.74 -125.77 100.22
N SER LE 209 -28.96 -124.50 100.54
CA SER LE 209 -30.29 -124.00 100.87
C SER LE 209 -30.39 -122.55 100.43
N ASP LE 210 -31.56 -121.96 100.67
CA ASP LE 210 -31.83 -120.61 100.23
C ASP LE 210 -31.65 -119.58 101.35
N THR LE 211 -32.39 -119.72 102.44
CA THR LE 211 -32.40 -118.74 103.51
C THR LE 211 -31.99 -119.39 104.82
N LEU LE 212 -30.99 -118.81 105.48
CA LEU LE 212 -30.49 -119.32 106.75
C LEU LE 212 -30.39 -118.19 107.76
N THR LE 213 -30.99 -118.40 108.93
CA THR LE 213 -31.08 -117.41 110.00
C THR LE 213 -30.34 -117.93 111.21
N ILE LE 214 -29.36 -117.17 111.67
CA ILE LE 214 -28.51 -117.56 112.80
C ILE LE 214 -28.63 -116.52 113.90
N ARG LE 215 -28.83 -116.98 115.14
CA ARG LE 215 -28.84 -116.10 116.31
C ARG LE 215 -27.88 -116.69 117.34
N ALA LE 216 -26.79 -115.97 117.61
CA ALA LE 216 -25.75 -116.43 118.52
C ALA LE 216 -25.61 -115.47 119.69
N LYS LE 217 -25.60 -116.02 120.90
CA LYS LE 217 -25.65 -115.25 122.13
C LYS LE 217 -24.35 -115.26 122.90
N LYS LE 218 -23.80 -116.44 123.21
CA LYS LE 218 -22.71 -116.55 124.18
C LYS LE 218 -21.39 -116.96 123.54
N ALA LE 219 -21.33 -118.11 122.89
CA ALA LE 219 -20.09 -118.56 122.26
C ALA LE 219 -20.44 -119.60 121.19
N ALA LE 220 -20.08 -119.31 119.95
CA ALA LE 220 -20.28 -120.25 118.86
C ALA LE 220 -19.03 -120.28 117.99
N LYS LE 221 -18.61 -121.50 117.64
CA LYS LE 221 -17.48 -121.71 116.74
C LYS LE 221 -18.00 -122.64 115.64
N ILE LE 222 -18.45 -122.05 114.54
CA ILE LE 222 -19.08 -122.79 113.46
C ILE LE 222 -18.28 -122.56 112.18
N GLN LE 223 -17.62 -123.61 111.72
CA GLN LE 223 -16.88 -123.60 110.46
C GLN LE 223 -17.84 -124.07 109.38
N LEU LE 224 -18.38 -123.13 108.61
CA LEU LE 224 -19.43 -123.42 107.65
C LEU LE 224 -18.96 -123.10 106.24
N ALA LE 225 -19.37 -123.95 105.30
CA ALA LE 225 -19.03 -123.77 103.90
C ALA LE 225 -20.14 -124.38 103.06
N GLY LE 226 -20.48 -123.72 101.96
CA GLY LE 226 -21.57 -124.17 101.12
C GLY LE 226 -22.08 -123.02 100.29
N ILE LE 227 -23.29 -123.20 99.76
CA ILE LE 227 -23.95 -122.20 98.92
C ILE LE 227 -25.31 -121.89 99.55
N VAL LE 228 -25.51 -120.64 99.94
CA VAL LE 228 -26.74 -120.16 100.54
C VAL LE 228 -27.18 -118.92 99.80
N ASN LE 229 -28.45 -118.88 99.38
CA ASN LE 229 -28.94 -117.74 98.61
C ASN LE 229 -29.16 -116.50 99.47
N ARG LE 230 -29.45 -116.67 100.76
CA ARG LE 230 -29.80 -115.53 101.61
C ARG LE 230 -29.45 -115.88 103.05
N LEU LE 231 -28.61 -115.07 103.68
CA LEU LE 231 -28.09 -115.37 105.00
C LEU LE 231 -28.24 -114.16 105.90
N ASP LE 232 -28.81 -114.36 107.09
CA ASP LE 232 -28.88 -113.31 108.09
C ASP LE 232 -28.36 -113.83 109.43
N VAL LE 233 -27.58 -112.99 110.10
CA VAL LE 233 -26.90 -113.36 111.34
C VAL LE 233 -27.08 -112.26 112.37
N GLU LE 234 -27.38 -112.67 113.60
CA GLU LE 234 -27.42 -111.80 114.76
C GLU LE 234 -26.39 -112.32 115.75
N LEU LE 235 -25.49 -111.43 116.19
CA LEU LE 235 -24.40 -111.79 117.09
C LEU LE 235 -24.45 -110.89 118.31
N TRP LE 236 -24.42 -111.50 119.50
CA TRP LE 236 -24.60 -110.73 120.73
C TRP LE 236 -23.30 -110.40 121.44
N ASP LE 237 -22.54 -111.43 121.85
CA ASP LE 237 -21.30 -111.22 122.60
C ASP LE 237 -20.46 -112.48 122.53
N PHE LE 238 -19.17 -112.31 122.26
CA PHE LE 238 -18.19 -113.40 122.11
C PHE LE 238 -18.65 -114.41 121.05
N ALA LE 239 -19.25 -113.88 120.00
CA ALA LE 239 -19.87 -114.69 118.96
C ALA LE 239 -18.97 -114.67 117.74
N GLN LE 240 -18.56 -115.85 117.31
CA GLN LE 240 -17.53 -116.01 116.28
C GLN LE 240 -18.15 -116.70 115.07
N PHE LE 241 -18.50 -115.92 114.05
CA PHE LE 241 -19.09 -116.45 112.83
C PHE LE 241 -18.01 -116.62 111.78
N LYS LE 242 -17.96 -117.81 111.19
CA LYS LE 242 -16.96 -118.17 110.19
C LYS LE 242 -17.69 -118.60 108.92
N GLY LE 243 -18.02 -117.66 108.05
CA GLY LE 243 -18.59 -117.99 106.76
C GLY LE 243 -17.52 -118.00 105.70
N LYS LE 244 -16.32 -118.44 106.07
CA LYS LE 244 -15.24 -118.59 105.11
C LYS LE 244 -15.54 -119.74 104.17
N TYR LE 245 -15.26 -119.52 102.88
CA TYR LE 245 -15.60 -120.43 101.77
C TYR LE 245 -17.10 -120.74 101.74
N LEU LE 246 -17.92 -119.75 102.08
CA LEU LE 246 -19.37 -119.89 102.15
C LEU LE 246 -19.96 -118.71 101.39
N ARG LE 247 -20.30 -118.94 100.13
CA ARG LE 247 -20.72 -117.87 99.23
C ARG LE 247 -22.20 -117.58 99.44
N ALA LE 248 -22.52 -116.32 99.76
CA ALA LE 248 -23.89 -115.91 100.06
C ALA LE 248 -24.27 -114.72 99.18
N GLN LE 249 -25.40 -114.84 98.49
CA GLN LE 249 -25.84 -113.78 97.57
C GLN LE 249 -26.30 -112.55 98.34
N ARG LE 250 -27.14 -112.76 99.35
CA ARG LE 250 -27.65 -111.68 100.18
C ARG LE 250 -27.13 -111.88 101.58
N SER LE 251 -26.50 -110.85 102.13
CA SER LE 251 -25.91 -110.92 103.46
C SER LE 251 -26.52 -109.85 104.34
N PHE LE 252 -26.98 -110.25 105.51
CA PHE LE 252 -27.45 -109.33 106.53
C PHE LE 252 -26.74 -109.66 107.83
N VAL LE 253 -25.94 -108.72 108.33
CA VAL LE 253 -25.11 -108.94 109.50
C VAL LE 253 -25.48 -107.89 110.55
N LYS LE 254 -25.87 -108.35 111.74
CA LYS LE 254 -26.13 -107.46 112.86
C LYS LE 254 -25.26 -107.90 114.03
N THR LE 255 -24.46 -106.97 114.55
CA THR LE 255 -23.40 -107.31 115.50
C THR LE 255 -23.43 -106.36 116.69
N HIS LE 256 -23.55 -106.93 117.88
CA HIS LE 256 -23.44 -106.20 119.13
C HIS LE 256 -22.01 -106.27 119.64
N ASP LE 257 -21.82 -105.91 120.90
CA ASP LE 257 -20.49 -105.76 121.49
C ASP LE 257 -19.75 -107.10 121.57
N LYS LE 258 -18.46 -107.06 121.22
CA LYS LE 258 -17.55 -108.20 121.23
C LYS LE 258 -18.07 -109.35 120.36
N SER LE 259 -18.10 -109.10 119.05
CA SER LE 259 -18.56 -110.10 118.10
C SER LE 259 -17.69 -110.05 116.86
N VAL LE 260 -17.21 -111.21 116.43
CA VAL LE 260 -16.33 -111.34 115.28
C VAL LE 260 -17.05 -112.16 114.22
N ALA LE 261 -17.02 -111.68 112.98
CA ALA LE 261 -17.66 -112.43 111.90
C ALA LE 261 -16.89 -112.23 110.61
N GLU LE 262 -16.46 -113.32 109.99
CA GLU LE 262 -15.84 -113.28 108.67
C GLU LE 262 -16.83 -113.80 107.65
N ILE LE 263 -16.95 -113.08 106.53
CA ILE LE 263 -18.00 -113.27 105.55
C ILE LE 263 -17.38 -113.49 104.17
N SER LE 264 -18.14 -114.17 103.32
CA SER LE 264 -17.77 -114.44 101.94
C SER LE 264 -18.95 -114.14 101.02
N ALA LE 265 -19.53 -112.95 101.19
CA ALA LE 265 -20.74 -112.57 100.46
C ALA LE 265 -20.45 -112.40 98.97
N VAL LE 266 -21.49 -112.59 98.16
CA VAL LE 266 -21.32 -112.64 96.70
C VAL LE 266 -21.60 -111.28 96.07
N ASN LE 267 -22.83 -110.78 96.22
CA ASN LE 267 -23.18 -109.60 95.45
C ASN LE 267 -23.83 -108.51 96.29
N HIS LE 268 -24.51 -108.87 97.36
CA HIS LE 268 -25.28 -107.92 98.14
C HIS LE 268 -24.92 -108.04 99.61
N GLN LE 269 -24.37 -106.97 100.17
CA GLN LE 269 -23.85 -106.97 101.53
C GLN LE 269 -24.51 -105.85 102.32
N SER LE 270 -25.07 -106.21 103.48
CA SER LE 270 -25.73 -105.26 104.37
C SER LE 270 -25.22 -105.52 105.79
N SER LE 271 -24.39 -104.62 106.31
CA SER LE 271 -23.70 -104.89 107.56
C SER LE 271 -23.91 -103.77 108.57
N LEU LE 272 -24.07 -104.16 109.83
CA LEU LE 272 -24.28 -103.23 110.93
C LEU LE 272 -23.59 -103.76 112.16
N ALA LE 273 -22.74 -102.93 112.78
CA ALA LE 273 -22.06 -103.26 114.02
C ALA LE 273 -22.10 -102.05 114.93
N THR LE 274 -22.36 -102.26 116.22
CA THR LE 274 -22.40 -101.07 117.06
C THR LE 274 -21.03 -100.71 117.64
N ASP LE 275 -20.44 -101.59 118.43
CA ASP LE 275 -19.15 -101.30 119.05
C ASP LE 275 -18.42 -102.59 119.34
N ALA LE 276 -17.09 -102.49 119.38
CA ALA LE 276 -16.19 -103.59 119.75
C ALA LE 276 -16.35 -104.82 118.88
N SER LE 277 -16.79 -104.61 117.63
CA SER LE 277 -17.21 -105.69 116.76
C SER LE 277 -16.42 -105.62 115.46
N ASP LE 278 -16.04 -106.79 114.97
CA ASP LE 278 -15.21 -106.89 113.77
C ASP LE 278 -15.92 -107.73 112.72
N ILE LE 279 -16.08 -107.15 111.54
CA ILE LE 279 -16.64 -107.83 110.38
C ILE LE 279 -15.56 -107.83 109.31
N TYR LE 280 -15.13 -109.01 108.91
CA TYR LE 280 -14.08 -109.16 107.92
C TYR LE 280 -14.66 -109.88 106.72
N TYR LE 281 -14.85 -109.17 105.61
CA TYR LE 281 -15.30 -109.89 104.44
C TYR LE 281 -14.09 -110.47 103.72
N TYR LE 282 -14.33 -111.25 102.68
CA TYR LE 282 -13.22 -111.75 101.88
C TYR LE 282 -13.45 -111.68 100.38
N ASN LE 283 -14.61 -111.24 99.94
CA ASN LE 283 -14.85 -111.07 98.51
C ASN LE 283 -15.56 -109.76 98.29
N LEU LE 284 -15.15 -109.04 97.25
CA LEU LE 284 -15.74 -107.74 96.93
C LEU LE 284 -17.06 -107.96 96.21
N SER LE 285 -18.15 -107.61 96.86
CA SER LE 285 -19.47 -107.77 96.28
C SER LE 285 -19.74 -106.64 95.28
N LYS LE 286 -20.85 -106.78 94.54
CA LYS LE 286 -21.23 -105.73 93.61
C LYS LE 286 -21.86 -104.55 94.32
N THR LE 287 -22.49 -104.76 95.47
CA THR LE 287 -22.95 -103.66 96.29
C THR LE 287 -22.81 -104.03 97.76
N ARG LE 288 -22.15 -103.16 98.51
CA ARG LE 288 -21.89 -103.36 99.93
C ARG LE 288 -22.18 -102.07 100.66
N ALA LE 289 -22.98 -102.15 101.72
CA ALA LE 289 -23.22 -100.99 102.57
C ALA LE 289 -23.06 -101.40 104.03
N ASP LE 290 -22.35 -100.56 104.79
CA ASP LE 290 -21.89 -100.88 106.12
C ASP LE 290 -22.22 -99.75 107.08
N PHE LE 291 -22.36 -100.10 108.35
CA PHE LE 291 -22.53 -99.09 109.38
C PHE LE 291 -21.84 -99.53 110.67
N MET LE 292 -21.10 -98.61 111.27
CA MET LE 292 -20.56 -98.77 112.62
C MET LE 292 -21.14 -97.65 113.48
N ALA LE 293 -21.66 -98.01 114.66
CA ALA LE 293 -22.29 -97.00 115.50
C ALA LE 293 -21.30 -96.33 116.45
N PHE LE 294 -20.64 -97.10 117.31
CA PHE LE 294 -19.65 -96.55 118.23
C PHE LE 294 -18.24 -97.00 117.89
N ASN LE 295 -17.99 -98.32 117.86
CA ASN LE 295 -16.64 -98.83 117.69
C ASN LE 295 -16.61 -100.05 116.77
N GLY LE 296 -17.56 -100.15 115.84
CA GLY LE 296 -17.53 -101.24 114.90
C GLY LE 296 -16.48 -101.07 113.82
N SER LE 297 -16.10 -102.19 113.20
CA SER LE 297 -15.07 -102.17 112.18
C SER LE 297 -15.40 -103.18 111.10
N VAL LE 298 -15.17 -102.79 109.84
CA VAL LE 298 -15.38 -103.66 108.69
C VAL LE 298 -14.11 -103.60 107.84
N LEU LE 299 -13.52 -104.76 107.59
CA LEU LE 299 -12.23 -104.84 106.92
C LEU LE 299 -12.24 -105.89 105.81
N ASP LE 300 -11.23 -105.77 104.95
CA ASP LE 300 -11.16 -106.50 103.69
C ASP LE 300 -10.22 -107.70 103.76
N MET LE 301 -8.97 -107.48 104.18
CA MET LE 301 -7.85 -108.44 104.22
C MET LE 301 -7.81 -109.41 103.05
N ARG LE 302 -7.70 -108.84 101.84
CA ARG LE 302 -7.45 -109.65 100.67
C ARG LE 302 -5.96 -109.95 100.50
N GLU LE 303 -5.58 -110.43 99.32
CA GLU LE 303 -4.23 -110.93 99.11
C GLU LE 303 -3.19 -109.84 99.13
N TRP LE 304 -3.45 -108.73 98.41
CA TRP LE 304 -2.55 -107.62 98.06
C TRP LE 304 -1.35 -108.05 97.23
N GLY LE 305 -1.32 -109.28 96.74
CA GLY LE 305 -0.27 -109.74 95.85
C GLY LE 305 -0.83 -110.73 94.86
N GLN LE 306 -2.16 -110.76 94.75
CA GLN LE 306 -2.82 -111.65 93.82
C GLN LE 306 -2.58 -111.20 92.40
N SER LE 307 -2.21 -112.14 91.53
CA SER LE 307 -2.04 -111.84 90.12
C SER LE 307 -3.35 -111.62 89.39
N ASP LE 308 -4.49 -111.96 90.00
CA ASP LE 308 -5.80 -111.83 89.36
C ASP LE 308 -6.82 -111.27 90.33
N LEU LE 309 -6.43 -110.23 91.08
CA LEU LE 309 -7.41 -109.56 91.92
C LEU LE 309 -8.10 -108.45 91.14
N LYS LE 310 -9.06 -107.80 91.79
CA LYS LE 310 -9.82 -106.72 91.18
C LYS LE 310 -9.95 -105.56 92.17
N ASP LE 311 -10.40 -104.43 91.65
CA ASP LE 311 -10.57 -103.22 92.43
C ASP LE 311 -12.05 -102.80 92.42
N PHE LE 312 -12.34 -101.68 93.08
CA PHE LE 312 -13.69 -101.17 93.14
C PHE LE 312 -14.12 -100.59 91.80
N ASP LE 313 -15.42 -100.34 91.69
CA ASP LE 313 -15.99 -99.70 90.51
C ASP LE 313 -16.60 -98.38 90.92
N ARG LE 314 -17.29 -97.75 89.98
CA ARG LE 314 -18.06 -96.54 90.29
C ARG LE 314 -19.20 -96.86 91.23
N TYR LE 315 -19.73 -98.07 91.17
CA TYR LE 315 -20.78 -98.50 92.06
C TYR LE 315 -20.23 -99.11 93.35
N ASN LE 316 -19.05 -99.72 93.28
CA ASN LE 316 -18.55 -100.49 94.41
C ASN LE 316 -17.74 -99.68 95.39
N LYS LE 317 -17.26 -98.50 95.00
CA LYS LE 317 -16.37 -97.73 95.87
C LYS LE 317 -17.20 -97.06 96.95
N GLN LE 318 -17.38 -97.77 98.06
CA GLN LE 318 -18.06 -97.22 99.23
C GLN LE 318 -17.01 -96.88 100.27
N PHE LE 319 -16.95 -95.61 100.66
CA PHE LE 319 -15.97 -95.23 101.66
C PHE LE 319 -16.54 -95.38 103.07
N PRO LE 320 -15.72 -95.81 104.04
CA PRO LE 320 -16.18 -95.92 105.41
C PRO LE 320 -16.32 -94.55 106.07
N ASP ME 39 -0.10 -54.59 101.36
CA ASP ME 39 0.80 -53.92 102.28
C ASP ME 39 2.20 -54.53 102.20
N GLY ME 40 2.78 -54.83 103.36
CA GLY ME 40 4.08 -55.47 103.40
C GLY ME 40 3.99 -56.90 102.90
N CYS ME 41 4.85 -57.25 101.94
CA CYS ME 41 4.82 -58.62 101.40
C CYS ME 41 5.44 -59.60 102.37
N CYS ME 42 6.55 -59.23 103.02
CA CYS ME 42 7.08 -60.02 104.13
C CYS ME 42 6.58 -59.49 105.46
N SER ME 43 5.27 -59.32 105.57
CA SER ME 43 4.67 -58.85 106.82
C SER ME 43 4.64 -59.98 107.85
N LYS ME 44 4.66 -59.58 109.13
CA LYS ME 44 4.83 -60.47 110.28
C LYS ME 44 6.08 -61.33 110.16
N MET ME 45 7.12 -60.74 109.56
CA MET ME 45 8.40 -61.38 109.36
C MET ME 45 9.46 -60.30 109.49
N GLY ME 46 10.72 -60.67 109.25
CA GLY ME 46 11.78 -59.70 109.39
C GLY ME 46 11.79 -58.65 108.30
N GLY ME 47 11.19 -58.95 107.16
CA GLY ME 47 11.18 -58.05 106.03
C GLY ME 47 11.90 -58.64 104.83
N ILE ME 48 11.69 -57.98 103.70
CA ILE ME 48 12.16 -58.51 102.42
C ILE ME 48 13.67 -58.34 102.30
N ASN ME 49 14.35 -59.41 101.89
CA ASN ME 49 15.78 -59.29 101.61
C ASN ME 49 16.02 -58.76 100.21
N TYR ME 50 15.62 -59.52 99.20
CA TYR ME 50 15.77 -59.12 97.80
C TYR ME 50 14.77 -59.93 96.98
N CYS ME 51 14.97 -59.96 95.67
CA CYS ME 51 14.14 -60.73 94.75
C CYS ME 51 15.04 -61.67 93.96
N ASP ME 52 14.79 -62.97 94.07
CA ASP ME 52 15.39 -63.94 93.17
C ASP ME 52 14.60 -63.89 91.86
N SER ME 53 15.27 -63.40 90.82
CA SER ME 53 14.67 -63.30 89.50
C SER ME 53 14.60 -64.64 88.79
N SER ME 54 15.46 -65.59 89.19
CA SER ME 54 15.34 -66.94 88.65
C SER ME 54 14.03 -67.58 89.07
N ALA ME 55 13.64 -67.36 90.32
CA ALA ME 55 12.33 -67.80 90.79
C ALA ME 55 11.24 -66.76 90.56
N GLY ME 56 11.62 -65.49 90.36
CA GLY ME 56 10.63 -64.44 90.27
C GLY ME 56 9.95 -64.16 91.58
N ARG ME 57 10.60 -64.48 92.69
CA ARG ME 57 9.98 -64.39 94.00
C ARG ME 57 10.88 -63.61 94.95
N LEU ME 58 10.27 -62.90 95.88
CA LEU ME 58 11.05 -62.18 96.87
C LEU ME 58 11.35 -63.09 98.06
N VAL ME 59 12.43 -62.75 98.77
CA VAL ME 59 12.85 -63.51 99.94
C VAL ME 59 12.70 -62.63 101.18
N CYS ME 60 12.09 -63.18 102.21
CA CYS ME 60 11.98 -62.49 103.48
C CYS ME 60 13.28 -62.64 104.27
N ASN ME 61 13.36 -61.97 105.42
CA ASN ME 61 14.54 -62.09 106.27
C ASN ME 61 14.65 -63.49 106.86
N ASN ME 62 13.54 -64.03 107.35
CA ASN ME 62 13.44 -65.47 107.55
C ASN ME 62 13.39 -66.14 106.18
N GLY ME 63 14.01 -67.31 106.08
CA GLY ME 63 14.23 -67.92 104.79
C GLY ME 63 13.02 -68.56 104.14
N PHE ME 64 11.92 -67.83 104.04
CA PHE ME 64 10.68 -68.32 103.49
C PHE ME 64 10.23 -67.42 102.34
N TYR ME 65 9.72 -68.03 101.29
CA TYR ME 65 9.30 -67.26 100.13
C TYR ME 65 7.99 -66.52 100.43
N SER ME 66 7.97 -65.23 100.12
CA SER ME 66 6.76 -64.45 100.31
C SER ME 66 5.75 -64.75 99.22
N THR ME 67 4.51 -64.35 99.46
CA THR ME 67 3.45 -64.57 98.50
C THR ME 67 3.54 -63.64 97.30
N CYS ME 68 4.22 -62.50 97.43
CA CYS ME 68 4.30 -61.56 96.33
C CYS ME 68 5.32 -62.02 95.29
N TYR ME 69 5.06 -61.68 94.04
CA TYR ME 69 6.02 -61.82 92.96
C TYR ME 69 6.78 -60.50 92.80
N CYS ME 70 7.95 -60.60 92.16
CA CYS ME 70 8.69 -59.39 91.81
C CYS ME 70 8.83 -59.22 90.30
N THR ME 71 9.34 -60.23 89.61
CA THR ME 71 9.51 -60.15 88.17
C THR ME 71 8.23 -60.59 87.48
N ARG ME 72 7.97 -59.99 86.32
CA ARG ME 72 6.86 -60.41 85.49
C ARG ME 72 7.06 -61.82 84.97
N HIS ME 73 8.31 -62.18 84.63
CA HIS ME 73 8.63 -63.54 84.21
C HIS ME 73 8.63 -64.44 85.44
N ALA ME 74 7.45 -64.89 85.81
CA ALA ME 74 7.27 -65.78 86.95
C ALA ME 74 6.01 -66.59 86.74
N VAL ME 75 5.85 -67.64 87.55
CA VAL ME 75 4.70 -68.53 87.42
C VAL ME 75 3.49 -67.84 88.04
N MET ME 76 2.67 -67.22 87.20
CA MET ME 76 1.40 -66.67 87.63
C MET ME 76 0.32 -67.73 87.45
N ASP ME 77 -0.94 -67.32 87.53
CA ASP ME 77 -2.07 -68.20 87.20
C ASP ME 77 -2.99 -67.43 86.26
N LEU ME 78 -2.83 -67.67 84.96
CA LEU ME 78 -3.54 -66.94 83.92
C LEU ME 78 -4.71 -67.78 83.44
N GLN ME 79 -5.92 -67.35 83.80
CA GLN ME 79 -7.14 -68.02 83.37
C GLN ME 79 -8.06 -67.10 82.60
N PHE ME 80 -8.19 -65.84 83.03
CA PHE ME 80 -9.10 -64.89 82.43
C PHE ME 80 -8.30 -63.71 81.88
N LEU ME 81 -8.67 -63.26 80.68
CA LEU ME 81 -7.93 -62.20 80.02
C LEU ME 81 -8.87 -61.38 79.16
N MET ME 82 -8.42 -60.17 78.83
CA MET ME 82 -9.17 -59.22 78.03
C MET ME 82 -8.73 -59.30 76.57
N GLY ME 83 -9.18 -58.34 75.77
CA GLY ME 83 -8.75 -58.21 74.40
C GLY ME 83 -9.62 -58.99 73.43
N CYS ME 84 -9.51 -58.61 72.16
CA CYS ME 84 -10.27 -59.24 71.09
C CYS ME 84 -9.35 -59.69 69.98
N CYS ME 85 -9.95 -60.32 68.95
CA CYS ME 85 -9.25 -61.12 67.94
C CYS ME 85 -8.38 -62.19 68.59
N LEU ME 86 -8.90 -62.78 69.66
CA LEU ME 86 -8.19 -63.83 70.38
C LEU ME 86 -8.36 -65.15 69.64
N TRP ME 87 -7.36 -66.03 69.79
CA TRP ME 87 -7.25 -67.30 69.06
C TRP ME 87 -7.32 -67.09 67.56
N HIS ME 88 -6.73 -65.99 67.10
CA HIS ME 88 -6.73 -65.60 65.70
C HIS ME 88 -5.42 -64.89 65.42
N GLY ME 89 -5.36 -64.22 64.28
CA GLY ME 89 -4.12 -63.55 63.92
C GLY ME 89 -3.91 -62.21 64.56
N GLY ME 90 -4.81 -61.78 65.44
CA GLY ME 90 -4.76 -60.44 65.98
C GLY ME 90 -5.43 -59.45 65.04
N VAL ME 91 -5.66 -58.25 65.56
CA VAL ME 91 -6.42 -57.24 64.84
C VAL ME 91 -5.57 -56.68 63.71
N TYR ME 92 -6.13 -56.67 62.50
CA TYR ME 92 -5.48 -56.00 61.38
C TYR ME 92 -5.44 -54.50 61.66
N PRO ME 93 -4.26 -53.88 61.61
CA PRO ME 93 -4.15 -52.48 62.05
C PRO ME 93 -4.49 -51.46 60.98
N GLN ME 94 -5.15 -51.88 59.89
CA GLN ME 94 -5.51 -50.94 58.85
C GLN ME 94 -6.66 -50.05 59.30
N LEU ME 95 -6.79 -48.90 58.63
CA LEU ME 95 -7.97 -48.08 58.77
C LEU ME 95 -9.11 -48.71 57.96
N ASN ME 96 -10.34 -48.39 58.35
CA ASN ME 96 -11.49 -48.91 57.64
C ASN ME 96 -12.62 -47.90 57.71
N SER ME 97 -13.49 -47.95 56.70
CA SER ME 97 -14.68 -47.11 56.71
C SER ME 97 -15.64 -47.56 57.79
N SER ME 98 -16.04 -48.82 57.76
CA SER ME 98 -16.87 -49.39 58.82
C SER ME 98 -16.00 -49.74 60.02
N GLY ME 99 -16.67 -50.12 61.10
CA GLY ME 99 -15.97 -50.52 62.31
C GLY ME 99 -15.78 -52.01 62.39
N LEU ME 100 -15.91 -52.69 61.27
CA LEU ME 100 -15.65 -54.12 61.20
C LEU ME 100 -14.18 -54.39 61.42
N VAL ME 101 -13.86 -55.13 62.47
CA VAL ME 101 -12.48 -55.50 62.77
C VAL ME 101 -12.26 -56.93 62.29
N VAL ME 102 -11.35 -57.08 61.34
CA VAL ME 102 -11.04 -58.37 60.74
C VAL ME 102 -9.72 -58.86 61.33
N CYS ME 103 -9.73 -60.06 61.89
CA CYS ME 103 -8.50 -60.62 62.44
C CYS ME 103 -7.61 -61.09 61.30
N ASN ME 104 -6.31 -61.20 61.60
CA ASN ME 104 -5.29 -61.44 60.58
C ASN ME 104 -5.35 -62.83 59.98
N ASP ME 105 -6.13 -63.75 60.55
CA ASP ME 105 -6.43 -65.01 59.89
C ASP ME 105 -7.56 -64.89 58.88
N GLY ME 106 -8.13 -63.69 58.73
CA GLY ME 106 -9.26 -63.47 57.87
C GLY ME 106 -10.59 -63.48 58.58
N TYR ME 107 -10.63 -63.91 59.84
CA TYR ME 107 -11.86 -63.95 60.59
C TYR ME 107 -12.30 -62.54 60.98
N VAL ME 108 -13.61 -62.36 61.11
CA VAL ME 108 -14.20 -61.08 61.44
C VAL ME 108 -14.92 -61.21 62.78
N SER ME 109 -14.61 -60.30 63.70
CA SER ME 109 -15.22 -60.30 65.03
C SER ME 109 -16.26 -59.19 65.08
N GLU ME 110 -17.53 -59.55 64.93
CA GLU ME 110 -18.59 -58.57 65.03
C GLU ME 110 -18.82 -58.12 66.47
N GLU ME 111 -18.41 -58.92 67.45
CA GLU ME 111 -18.53 -58.50 68.84
C GLU ME 111 -17.53 -57.40 69.16
N CYS ME 112 -16.30 -57.55 68.69
CA CYS ME 112 -15.33 -56.47 68.80
C CYS ME 112 -15.69 -55.32 67.86
N SER ME 113 -16.41 -55.59 66.78
CA SER ME 113 -16.91 -54.53 65.92
C SER ME 113 -18.05 -53.80 66.60
N LEU ME 114 -18.34 -52.61 66.08
CA LEU ME 114 -19.44 -51.82 66.60
C LEU ME 114 -20.78 -52.36 66.10
N GLN ME 115 -21.85 -51.92 66.75
CA GLN ME 115 -23.20 -52.33 66.40
C GLN ME 115 -23.94 -51.17 65.77
N LYS ME 116 -24.54 -51.42 64.60
CA LYS ME 116 -25.41 -50.44 63.98
C LYS ME 116 -26.74 -50.38 64.71
N UNK NE 1 8.76 -87.28 98.19
CA UNK NE 1 9.06 -86.90 99.56
C UNK NE 1 9.18 -88.14 100.45
N UNK NE 2 8.04 -88.56 101.01
CA UNK NE 2 7.81 -89.77 101.81
C UNK NE 2 8.54 -89.80 103.14
N UNK NE 3 9.25 -88.74 103.52
CA UNK NE 3 9.97 -88.71 104.80
C UNK NE 3 10.22 -87.26 105.17
N UNK NE 4 10.38 -87.02 106.47
CA UNK NE 4 10.76 -85.72 106.99
C UNK NE 4 12.27 -85.62 107.22
N UNK NE 5 12.80 -86.48 108.08
CA UNK NE 5 14.22 -86.49 108.40
C UNK NE 5 14.80 -87.82 107.93
N UNK NE 6 15.78 -87.76 107.04
CA UNK NE 6 16.41 -88.97 106.52
C UNK NE 6 17.32 -89.54 107.61
N UNK NE 7 16.84 -90.58 108.28
CA UNK NE 7 17.60 -91.19 109.37
C UNK NE 7 18.82 -91.92 108.83
N UNK NE 8 19.93 -91.78 109.54
CA UNK NE 8 21.21 -92.35 109.12
C UNK NE 8 21.56 -93.47 110.10
N UNK NE 9 21.18 -94.70 109.72
CA UNK NE 9 21.44 -95.95 110.46
C UNK NE 9 20.96 -95.92 111.91
N GLN OE 791 38.49 -107.31 -36.20
CA GLN OE 791 39.69 -106.56 -36.58
C GLN OE 791 39.33 -105.13 -36.92
N GLN OE 792 38.44 -104.97 -37.89
CA GLN OE 792 37.97 -103.67 -38.34
C GLN OE 792 36.88 -103.10 -37.44
N GLU OE 793 36.38 -103.88 -36.49
CA GLU OE 793 35.33 -103.43 -35.60
C GLU OE 793 35.88 -102.69 -34.38
N ILE OE 794 37.20 -102.75 -34.16
CA ILE OE 794 37.81 -102.04 -33.04
C ILE OE 794 37.77 -100.54 -33.27
N GLN OE 795 38.15 -100.10 -34.48
CA GLN OE 795 38.05 -98.68 -34.81
C GLN OE 795 36.60 -98.24 -34.92
N GLN OE 796 35.71 -99.17 -35.26
CA GLN OE 796 34.28 -98.91 -35.10
C GLN OE 796 33.92 -98.75 -33.62
N ARG OE 797 34.54 -99.55 -32.75
CA ARG OE 797 34.27 -99.47 -31.33
C ARG OE 797 34.97 -98.27 -30.67
N THR OE 798 35.82 -97.55 -31.42
CA THR OE 798 36.63 -96.50 -30.82
C THR OE 798 35.80 -95.29 -30.42
N SER OE 799 34.94 -94.81 -31.32
CA SER OE 799 34.28 -93.52 -31.13
C SER OE 799 33.26 -93.57 -29.99
N ASP OE 800 32.48 -94.65 -29.92
CA ASP OE 800 31.53 -94.81 -28.84
C ASP OE 800 32.22 -94.98 -27.50
N MET OE 801 33.38 -95.64 -27.50
CA MET OE 801 34.25 -95.59 -26.33
C MET OE 801 34.74 -94.18 -26.08
N LEU OE 802 35.09 -93.45 -27.15
CA LEU OE 802 35.68 -92.13 -26.99
C LEU OE 802 34.64 -91.09 -26.57
N THR OE 803 33.45 -91.14 -27.16
CA THR OE 803 32.45 -90.11 -26.91
C THR OE 803 31.90 -90.18 -25.50
N ALA OE 804 31.74 -91.39 -24.96
CA ALA OE 804 31.31 -91.53 -23.58
C ALA OE 804 32.40 -91.11 -22.61
N ALA OE 805 33.65 -91.46 -22.92
CA ALA OE 805 34.75 -91.16 -22.01
C ALA OE 805 35.07 -89.67 -21.97
N THR OE 806 35.08 -89.03 -23.14
CA THR OE 806 35.33 -87.60 -23.19
C THR OE 806 34.19 -86.81 -22.60
N GLN OE 807 32.97 -87.36 -22.64
CA GLN OE 807 31.87 -86.75 -21.91
C GLN OE 807 32.07 -86.86 -20.41
N LEU OE 808 32.50 -88.04 -19.94
CA LEU OE 808 32.39 -88.36 -18.53
C LEU OE 808 33.43 -87.64 -17.67
N VAL OE 809 34.57 -87.25 -18.26
CA VAL OE 809 35.66 -86.70 -17.47
C VAL OE 809 35.31 -85.31 -16.94
N GLN OE 810 34.76 -84.45 -17.79
CA GLN OE 810 34.47 -83.08 -17.37
C GLN OE 810 33.25 -83.02 -16.46
N ASP OE 811 32.40 -84.06 -16.48
CA ASP OE 811 31.37 -84.19 -15.47
C ASP OE 811 31.99 -84.36 -14.09
N TRP OE 812 33.04 -85.16 -14.00
CA TRP OE 812 33.80 -85.27 -12.76
C TRP OE 812 34.57 -84.00 -12.46
N LYS OE 813 35.08 -83.34 -13.49
CA LYS OE 813 35.87 -82.13 -13.29
C LYS OE 813 35.01 -80.95 -12.85
N GLN OE 814 33.76 -80.87 -13.32
CA GLN OE 814 32.90 -79.76 -12.94
C GLN OE 814 32.40 -79.95 -11.51
N VAL OE 815 32.40 -78.85 -10.76
CA VAL OE 815 31.96 -78.84 -9.37
C VAL OE 815 31.56 -77.41 -9.00
N GLU OE 816 30.39 -77.26 -8.39
CA GLU OE 816 29.89 -75.95 -8.00
C GLU OE 816 30.49 -75.54 -6.64
N THR OE 817 29.95 -74.46 -6.07
CA THR OE 817 30.38 -73.98 -4.77
C THR OE 817 29.20 -73.85 -3.82
N GLN OE 818 29.53 -73.60 -2.56
CA GLN OE 818 28.54 -73.50 -1.49
C GLN OE 818 27.79 -72.18 -1.57
N VAL OE 819 26.71 -72.11 -0.80
CA VAL OE 819 25.88 -70.89 -0.72
C VAL OE 819 25.53 -70.65 0.74
N TYR OE 820 25.68 -69.41 1.18
CA TYR OE 820 25.31 -69.00 2.53
C TYR OE 820 24.19 -67.98 2.45
N THR OE 821 23.20 -68.12 3.32
CA THR OE 821 22.06 -67.21 3.35
C THR OE 821 21.68 -66.93 4.79
N GLU OE 822 21.53 -65.65 5.11
CA GLU OE 822 21.06 -65.20 6.42
C GLU OE 822 19.62 -64.71 6.28
N GLY OE 823 18.74 -65.20 7.15
CA GLY OE 823 17.38 -64.71 7.18
C GLY OE 823 17.04 -63.99 8.46
N THR OE 824 16.82 -62.69 8.37
CA THR OE 824 16.47 -61.87 9.53
C THR OE 824 15.08 -61.26 9.38
N UNK PE 1 -32.79 -107.28 -28.58
CA UNK PE 1 -31.81 -106.47 -29.30
C UNK PE 1 -30.39 -107.00 -29.08
N UNK PE 2 -29.74 -106.53 -28.03
CA UNK PE 2 -28.39 -106.97 -27.70
C UNK PE 2 -28.47 -108.32 -27.00
N UNK PE 3 -27.77 -109.30 -27.55
CA UNK PE 3 -27.77 -110.64 -26.96
C UNK PE 3 -26.94 -110.67 -25.68
N UNK PE 4 -27.34 -111.54 -24.75
CA UNK PE 4 -26.67 -111.63 -23.47
C UNK PE 4 -26.01 -112.98 -23.22
N UNK PE 5 -26.60 -114.08 -23.71
CA UNK PE 5 -26.04 -115.40 -23.44
C UNK PE 5 -24.73 -115.62 -24.18
N UNK PE 6 -24.66 -115.17 -25.43
CA UNK PE 6 -23.41 -115.26 -26.19
C UNK PE 6 -22.33 -114.38 -25.59
N UNK PE 7 -22.71 -113.20 -25.08
CA UNK PE 7 -21.77 -112.31 -24.42
C UNK PE 7 -21.24 -112.92 -23.12
N UNK PE 8 -22.12 -113.57 -22.34
CA UNK PE 8 -21.68 -114.21 -21.11
C UNK PE 8 -20.78 -115.41 -21.39
N UNK PE 9 -21.09 -116.17 -22.45
CA UNK PE 9 -20.25 -117.31 -22.82
C UNK PE 9 -18.89 -116.84 -23.33
N UNK PE 10 -18.85 -115.74 -24.09
CA UNK PE 10 -17.57 -115.19 -24.53
C UNK PE 10 -16.79 -114.59 -23.35
N UNK PE 11 -17.49 -114.03 -22.36
CA UNK PE 11 -16.81 -113.54 -21.16
C UNK PE 11 -16.22 -114.67 -20.34
N UNK PE 12 -16.92 -115.81 -20.25
CA UNK PE 12 -16.37 -116.98 -19.58
C UNK PE 12 -15.18 -117.55 -20.35
N UNK PE 13 -15.26 -117.56 -21.68
CA UNK PE 13 -14.14 -118.01 -22.49
C UNK PE 13 -12.93 -117.08 -22.38
N UNK PE 14 -13.18 -115.78 -22.21
CA UNK PE 14 -12.08 -114.84 -21.99
C UNK PE 14 -11.49 -114.96 -20.60
N UNK PE 15 -12.33 -115.27 -19.60
CA UNK PE 15 -11.82 -115.49 -18.25
C UNK PE 15 -11.04 -116.79 -18.15
N UNK PE 16 -11.41 -117.80 -18.92
CA UNK PE 16 -10.71 -119.08 -18.93
C UNK PE 16 -10.11 -119.29 -20.33
N UNK PE 17 -8.92 -118.74 -20.53
CA UNK PE 17 -8.19 -118.94 -21.77
C UNK PE 17 -7.12 -120.02 -21.67
N UNK PE 18 -6.72 -120.37 -20.44
CA UNK PE 18 -5.75 -121.44 -20.14
C UNK PE 18 -4.40 -121.20 -20.84
N UNK PE 19 -3.94 -119.95 -20.84
CA UNK PE 19 -2.68 -119.61 -21.49
C UNK PE 19 -1.99 -118.50 -20.71
N UNK PE 20 -0.73 -118.72 -20.38
CA UNK PE 20 0.11 -117.72 -19.72
C UNK PE 20 1.57 -118.06 -19.99
N UNK PE 21 2.44 -117.09 -19.72
CA UNK PE 21 3.88 -117.27 -19.88
C UNK PE 21 4.60 -116.33 -18.95
N UNK PE 22 5.18 -116.86 -17.88
CA UNK PE 22 5.84 -116.06 -16.85
C UNK PE 22 7.34 -115.97 -17.14
N UNK PE 23 7.84 -114.74 -17.22
CA UNK PE 23 9.25 -114.48 -17.50
C UNK PE 23 9.70 -113.34 -16.58
N UNK PE 24 10.23 -113.70 -15.42
CA UNK PE 24 10.71 -112.73 -14.46
C UNK PE 24 12.23 -112.58 -14.57
N UNK PE 25 12.79 -111.70 -13.75
CA UNK PE 25 14.21 -111.43 -13.78
C UNK PE 25 14.73 -111.29 -12.35
N UNK PE 26 16.03 -111.50 -12.20
CA UNK PE 26 16.72 -111.34 -10.93
C UNK PE 26 17.20 -109.90 -10.78
N UNK PE 27 18.09 -109.66 -9.81
CA UNK PE 27 18.56 -108.31 -9.53
C UNK PE 27 19.44 -107.77 -10.65
N UNK PE 28 20.28 -108.64 -11.23
CA UNK PE 28 21.11 -108.27 -12.37
C UNK PE 28 20.48 -108.68 -13.70
N UNK PE 29 19.14 -108.70 -13.75
CA UNK PE 29 18.33 -109.05 -14.92
C UNK PE 29 18.67 -110.44 -15.46
N UNK PE 30 18.94 -111.38 -14.54
CA UNK PE 30 19.08 -112.78 -14.94
C UNK PE 30 17.70 -113.35 -15.24
N UNK PE 31 17.58 -114.05 -16.36
CA UNK PE 31 16.29 -114.49 -16.85
C UNK PE 31 15.71 -115.60 -15.97
N UNK PE 32 14.38 -115.66 -15.94
CA UNK PE 32 13.67 -116.67 -15.16
C UNK PE 32 12.39 -117.01 -15.90
N UNK PE 33 12.46 -118.04 -16.74
CA UNK PE 33 11.31 -118.50 -17.51
C UNK PE 33 10.63 -119.64 -16.76
N UNK PE 34 9.34 -119.49 -16.49
CA UNK PE 34 8.62 -120.45 -15.68
C UNK PE 34 7.70 -121.30 -16.53
N UNK PE 35 7.21 -122.39 -15.93
CA UNK PE 35 6.23 -123.24 -16.58
C UNK PE 35 4.89 -122.52 -16.67
N UNK PE 36 4.16 -122.76 -17.75
CA UNK PE 36 2.88 -122.10 -17.95
C UNK PE 36 1.84 -122.64 -16.99
N UNK PE 37 1.18 -121.74 -16.28
CA UNK PE 37 0.11 -122.08 -15.35
C UNK PE 37 -1.12 -121.23 -15.66
N UNK PE 38 -2.27 -121.71 -15.20
CA UNK PE 38 -3.59 -121.08 -15.37
C UNK PE 38 -3.94 -120.76 -16.82
N UNK PE 39 12.11 -105.56 -9.18
CA UNK PE 39 12.98 -106.21 -10.14
C UNK PE 39 12.53 -107.63 -10.41
N UNK PE 40 11.66 -108.15 -9.55
CA UNK PE 40 11.12 -109.49 -9.71
C UNK PE 40 9.60 -109.53 -9.78
N UNK PE 41 8.91 -108.67 -9.02
CA UNK PE 41 7.44 -108.63 -9.03
C UNK PE 41 6.98 -107.71 -10.16
N UNK PE 42 7.21 -108.19 -11.39
CA UNK PE 42 6.90 -107.42 -12.58
C UNK PE 42 5.56 -107.89 -13.14
N UNK PE 43 4.61 -106.97 -13.25
CA UNK PE 43 3.29 -107.28 -13.81
C UNK PE 43 3.35 -107.71 -15.26
N UNK PE 44 4.36 -107.25 -16.00
CA UNK PE 44 4.58 -107.69 -17.37
C UNK PE 44 5.43 -108.95 -17.46
N UNK PE 45 5.84 -109.51 -16.31
CA UNK PE 45 6.58 -110.77 -16.32
C UNK PE 45 5.72 -111.91 -16.83
N UNK PE 46 4.46 -111.96 -16.41
CA UNK PE 46 3.53 -112.94 -16.93
C UNK PE 46 2.94 -112.46 -18.26
N UNK PE 47 2.78 -113.39 -19.21
CA UNK PE 47 2.25 -113.08 -20.54
C UNK PE 47 1.05 -114.00 -20.79
N UNK PE 48 -0.12 -113.56 -20.37
CA UNK PE 48 -1.34 -114.35 -20.52
C UNK PE 48 -1.83 -114.35 -21.97
N LYS QE 24 -18.13 -79.85 114.78
CA LYS QE 24 -19.04 -78.72 114.79
C LYS QE 24 -19.81 -78.62 113.48
N PHE QE 25 -19.10 -78.36 112.39
CA PHE QE 25 -19.69 -78.17 111.08
C PHE QE 25 -19.04 -79.14 110.09
N LYS QE 26 -19.76 -79.43 109.02
CA LYS QE 26 -19.28 -80.30 107.96
C LYS QE 26 -19.62 -79.62 106.64
N LYS QE 27 -18.63 -78.94 106.07
CA LYS QE 27 -18.86 -78.17 104.87
C LYS QE 27 -18.99 -79.08 103.65
N PRO QE 28 -19.83 -78.72 102.68
CA PRO QE 28 -19.91 -79.50 101.45
C PRO QE 28 -18.69 -79.26 100.59
N PRO QE 29 -18.42 -80.15 99.64
CA PRO QE 29 -17.35 -79.89 98.67
C PRO QE 29 -17.64 -78.66 97.83
N ILE QE 30 -16.57 -77.99 97.40
CA ILE QE 30 -16.70 -76.68 96.76
C ILE QE 30 -17.29 -76.82 95.37
N ASN QE 31 -16.75 -77.72 94.56
CA ASN QE 31 -17.27 -77.90 93.20
C ASN QE 31 -18.31 -79.00 93.14
N ASN QE 32 -19.28 -78.91 94.03
CA ASN QE 32 -20.45 -79.78 93.91
C ASN QE 32 -21.27 -79.34 92.71
N PRO QE 33 -21.67 -80.26 91.86
CA PRO QE 33 -22.57 -79.88 90.77
C PRO QE 33 -23.96 -79.59 91.30
N SER QE 34 -24.15 -78.39 91.85
CA SER QE 34 -25.40 -77.99 92.48
C SER QE 34 -26.42 -77.46 91.50
N ASP QE 35 -26.26 -77.76 90.22
CA ASP QE 35 -27.17 -77.27 89.19
C ASP QE 35 -27.57 -78.40 88.27
N ASP QE 36 -28.81 -78.32 87.79
CA ASP QE 36 -29.38 -79.33 86.93
C ASP QE 36 -28.67 -79.42 85.59
N ALA QE 37 -28.11 -78.31 85.11
CA ALA QE 37 -27.29 -78.39 83.91
C ALA QE 37 -25.95 -79.05 84.20
N THR QE 38 -25.37 -78.75 85.37
CA THR QE 38 -24.03 -79.21 85.68
C THR QE 38 -23.99 -80.71 85.93
N ILE QE 39 -25.03 -81.25 86.57
CA ILE QE 39 -25.07 -82.70 86.76
C ILE QE 39 -25.22 -83.41 85.43
N LYS QE 40 -25.98 -82.82 84.50
CA LYS QE 40 -26.14 -83.38 83.17
C LYS QE 40 -24.82 -83.36 82.42
N LEU QE 41 -24.08 -82.25 82.53
CA LEU QE 41 -22.78 -82.14 81.89
C LEU QE 41 -21.80 -83.16 82.45
N ALA QE 42 -21.77 -83.32 83.77
CA ALA QE 42 -20.83 -84.25 84.38
C ALA QE 42 -21.20 -85.70 84.06
N GLU QE 43 -22.49 -86.00 84.01
CA GLU QE 43 -22.93 -87.33 83.62
C GLU QE 43 -22.55 -87.64 82.17
N ALA QE 44 -22.73 -86.66 81.28
CA ALA QE 44 -22.34 -86.86 79.89
C ALA QE 44 -20.83 -87.03 79.76
N ALA QE 45 -20.06 -86.31 80.59
CA ALA QE 45 -18.62 -86.47 80.59
C ALA QE 45 -18.22 -87.86 81.04
N VAL QE 46 -18.90 -88.39 82.06
CA VAL QE 46 -18.65 -89.75 82.54
C VAL QE 46 -18.95 -90.76 81.45
N SER QE 47 -20.07 -90.56 80.76
CA SER QE 47 -20.49 -91.48 79.69
C SER QE 47 -19.50 -91.48 78.53
N VAL QE 48 -19.05 -90.28 78.12
CA VAL QE 48 -18.15 -90.22 76.98
C VAL QE 48 -16.76 -90.72 77.36
N SER QE 49 -16.38 -90.56 78.63
CA SER QE 49 -15.10 -91.08 79.09
C SER QE 49 -15.11 -92.60 79.08
N ASP QE 50 -16.21 -93.20 79.56
CA ASP QE 50 -16.34 -94.64 79.55
C ASP QE 50 -16.38 -95.19 78.13
N SER QE 51 -17.10 -94.52 77.24
CA SER QE 51 -17.21 -94.98 75.87
C SER QE 51 -15.89 -94.89 75.12
N MET QE 52 -15.14 -93.80 75.33
CA MET QE 52 -13.83 -93.67 74.69
C MET QE 52 -12.84 -94.67 75.28
N LEU QE 53 -12.96 -94.96 76.58
CA LEU QE 53 -12.12 -95.99 77.20
C LEU QE 53 -12.40 -97.35 76.59
N GLU QE 54 -13.68 -97.67 76.36
CA GLU QE 54 -14.01 -98.94 75.74
C GLU QE 54 -13.58 -98.99 74.28
N MET QE 55 -13.63 -97.85 73.59
CA MET QE 55 -13.15 -97.76 72.23
C MET QE 55 -11.66 -98.05 72.17
N ALA QE 56 -10.89 -97.47 73.10
CA ALA QE 56 -9.46 -97.77 73.16
C ALA QE 56 -9.19 -99.21 73.58
N LYS QE 57 -10.07 -99.77 74.44
CA LYS QE 57 -9.93 -101.15 74.87
C LYS QE 57 -10.09 -102.11 73.69
N VAL QE 58 -11.09 -101.88 72.85
CA VAL QE 58 -11.25 -102.72 71.67
C VAL QE 58 -10.26 -102.33 70.57
N GLU QE 59 -9.64 -101.16 70.67
CA GLU QE 59 -8.76 -100.68 69.61
C GLU QE 59 -7.34 -101.20 69.75
N LYS QE 60 -6.78 -101.14 70.95
CA LYS QE 60 -5.34 -101.34 71.13
C LYS QE 60 -4.95 -102.80 70.92
N VAL QE 61 -4.10 -103.03 69.94
CA VAL QE 61 -3.58 -104.36 69.65
C VAL QE 61 -2.36 -104.60 70.55
N ILE QE 62 -2.37 -105.71 71.27
CA ILE QE 62 -1.33 -106.02 72.24
C ILE QE 62 -0.72 -107.37 71.93
N THR QE 63 0.46 -107.61 72.50
CA THR QE 63 1.21 -108.84 72.29
C THR QE 63 1.52 -109.48 73.64
N PRO QE 64 1.49 -110.81 73.72
CA PRO QE 64 1.74 -111.47 75.01
C PRO QE 64 3.20 -111.35 75.41
N PRO QE 65 3.49 -111.37 76.72
CA PRO QE 65 4.89 -111.34 77.16
C PRO QE 65 5.62 -112.66 77.02
N SER QE 66 4.95 -113.71 76.55
CA SER QE 66 5.59 -115.01 76.44
C SER QE 66 6.51 -115.07 75.21
N LYS QE 67 6.13 -114.44 74.11
CA LYS QE 67 6.82 -114.60 72.84
C LYS QE 67 7.24 -113.26 72.25
N ASP QE 68 7.69 -112.34 73.09
CA ASP QE 68 8.20 -111.07 72.59
C ASP QE 68 9.55 -111.27 71.93
N ASN QE 69 9.80 -110.48 70.90
CA ASN QE 69 11.11 -110.49 70.23
C ASN QE 69 12.04 -109.44 70.83
N THR QE 70 12.19 -109.48 72.15
CA THR QE 70 13.12 -108.62 72.86
C THR QE 70 14.22 -109.48 73.45
N LEU QE 71 15.44 -108.97 73.39
CA LEU QE 71 16.57 -109.69 73.99
C LEU QE 71 16.48 -109.61 75.50
N THR QE 72 16.62 -110.77 76.15
CA THR QE 72 16.57 -110.80 77.60
C THR QE 72 17.88 -110.27 78.19
N ILE QE 73 17.85 -109.99 79.48
CA ILE QE 73 19.06 -109.59 80.19
C ILE QE 73 19.98 -110.80 80.32
N PRO QE 74 21.23 -110.71 79.87
CA PRO QE 74 22.13 -111.87 79.96
C PRO QE 74 22.54 -112.24 81.37
N ASN QE 75 22.46 -111.29 82.31
CA ASN QE 75 22.81 -111.48 83.73
C ASN QE 75 24.25 -111.96 83.90
N ALA QE 76 25.19 -111.11 83.53
CA ALA QE 76 26.60 -111.41 83.63
C ALA QE 76 27.28 -110.43 84.58
N TYR QE 77 28.33 -110.91 85.24
CA TYR QE 77 29.01 -110.13 86.28
C TYR QE 77 29.73 -108.93 85.70
N ASN QE 78 30.32 -109.07 84.52
CA ASN QE 78 30.92 -107.93 83.86
C ASN QE 78 29.92 -107.15 83.03
N LEU QE 79 28.66 -107.54 83.05
CA LEU QE 79 27.61 -106.81 82.36
C LEU QE 79 26.69 -106.05 83.28
N GLN QE 80 26.71 -106.34 84.59
CA GLN QE 80 25.89 -105.60 85.54
C GLN QE 80 26.54 -104.31 86.02
N ALA QE 81 27.57 -103.85 85.33
CA ALA QE 81 28.25 -102.62 85.71
C ALA QE 81 27.49 -101.41 85.16
N ARG QE 82 28.09 -100.23 85.26
CA ARG QE 82 27.45 -98.99 84.87
C ARG QE 82 28.29 -98.25 83.84
N ALA QE 83 27.66 -97.29 83.18
CA ALA QE 83 28.32 -96.54 82.11
C ALA QE 83 27.64 -95.19 81.95
N SER QE 84 28.24 -94.34 81.13
CA SER QE 84 27.67 -93.04 80.75
C SER QE 84 27.93 -92.87 79.26
N VAL QE 85 26.89 -93.03 78.45
CA VAL QE 85 27.04 -93.15 77.01
C VAL QE 85 26.18 -92.11 76.31
N ASP QE 86 26.81 -91.27 75.50
CA ASP QE 86 26.10 -90.41 74.56
C ASP QE 86 26.64 -90.73 73.17
N TRP QE 87 25.74 -91.12 72.28
CA TRP QE 87 26.13 -91.51 70.93
C TRP QE 87 24.95 -91.30 69.99
N SER QE 88 25.26 -90.86 68.77
CA SER QE 88 24.24 -90.74 67.74
C SER QE 88 24.88 -91.15 66.41
N GLY QE 89 24.69 -92.41 66.02
CA GLY QE 89 25.22 -92.89 64.77
C GLY QE 89 25.07 -94.38 64.59
N PRO QE 90 26.00 -95.00 63.86
CA PRO QE 90 25.95 -96.45 63.64
C PRO QE 90 26.19 -97.27 64.89
N ILE QE 91 26.06 -98.58 64.76
CA ILE QE 91 25.88 -99.46 65.91
C ILE QE 91 27.06 -100.41 66.07
N GLU QE 92 27.70 -100.77 64.96
CA GLU QE 92 28.64 -101.89 64.98
C GLU QE 92 29.95 -101.54 65.67
N GLU QE 93 30.50 -100.36 65.39
CA GLU QE 93 31.71 -99.92 66.07
C GLU QE 93 31.43 -99.65 67.55
N LEU QE 94 30.24 -99.13 67.85
CA LEU QE 94 29.84 -98.87 69.22
C LEU QE 94 29.76 -100.16 70.03
N THR QE 95 29.11 -101.18 69.48
CA THR QE 95 28.98 -102.43 70.22
C THR QE 95 30.27 -103.22 70.23
N ALA QE 96 31.17 -103.02 69.26
CA ALA QE 96 32.50 -103.58 69.36
C ALA QE 96 33.27 -102.97 70.52
N ARG QE 97 33.16 -101.64 70.68
CA ARG QE 97 33.80 -101.01 71.82
C ARG QE 97 33.11 -101.37 73.14
N ILE QE 98 31.80 -101.67 73.06
CA ILE QE 98 31.08 -102.14 74.24
C ILE QE 98 31.58 -103.50 74.68
N ALA QE 99 31.79 -104.41 73.72
CA ALA QE 99 32.34 -105.72 74.04
C ALA QE 99 33.79 -105.61 74.51
N LYS QE 100 34.54 -104.66 73.98
CA LYS QE 100 35.89 -104.40 74.47
C LYS QE 100 35.87 -103.92 75.92
N ALA QE 101 34.94 -103.02 76.26
CA ALA QE 101 34.84 -102.51 77.62
C ALA QE 101 34.33 -103.57 78.58
N ALA QE 102 33.48 -104.48 78.10
CA ALA QE 102 32.97 -105.59 78.89
C ALA QE 102 33.88 -106.82 78.82
N HIS QE 103 35.04 -106.69 78.15
CA HIS QE 103 36.07 -107.73 78.05
C HIS QE 103 35.53 -108.98 77.36
N PHE QE 104 34.70 -108.77 76.34
CA PHE QE 104 34.11 -109.85 75.57
C PHE QE 104 34.57 -109.76 74.13
N ARG QE 105 34.73 -110.91 73.49
CA ARG QE 105 34.97 -110.90 72.06
C ARG QE 105 33.67 -110.60 71.33
N PHE QE 106 33.80 -110.03 70.14
CA PHE QE 106 32.67 -109.56 69.37
C PHE QE 106 32.77 -110.07 67.95
N ARG QE 107 31.65 -110.57 67.42
CA ARG QE 107 31.63 -111.09 66.07
C ARG QE 107 30.32 -110.70 65.39
N VAL QE 108 30.35 -110.70 64.06
CA VAL QE 108 29.19 -110.31 63.26
C VAL QE 108 29.03 -111.35 62.15
N LEU QE 109 27.82 -111.90 62.04
CA LEU QE 109 27.45 -112.75 60.90
C LEU QE 109 26.36 -112.05 60.11
N GLY QE 110 26.60 -111.88 58.82
CA GLY QE 110 25.76 -111.12 57.92
C GLY QE 110 26.57 -110.06 57.23
N LYS QE 111 25.89 -109.21 56.47
CA LYS QE 111 26.53 -108.13 55.73
C LYS QE 111 25.88 -106.81 56.10
N SER QE 112 26.72 -105.80 56.31
CA SER QE 112 26.19 -104.47 56.51
C SER QE 112 25.78 -103.88 55.17
N PRO QE 113 24.55 -103.43 55.02
CA PRO QE 113 24.13 -102.77 53.78
C PRO QE 113 24.68 -101.34 53.72
N SER QE 114 24.42 -100.68 52.60
CA SER QE 114 24.85 -99.29 52.43
C SER QE 114 24.15 -98.37 53.42
N VAL QE 115 22.85 -98.57 53.60
CA VAL QE 115 22.13 -97.82 54.64
C VAL QE 115 22.45 -98.44 55.99
N PRO QE 116 22.92 -97.67 56.96
CA PRO QE 116 23.35 -98.24 58.24
C PRO QE 116 22.17 -98.42 59.18
N VAL QE 117 22.48 -98.87 60.39
CA VAL QE 117 21.52 -98.96 61.48
C VAL QE 117 21.89 -97.88 62.47
N LEU QE 118 20.99 -96.93 62.67
CA LEU QE 118 21.31 -95.68 63.35
C LEU QE 118 20.53 -95.58 64.65
N ILE QE 119 21.24 -95.28 65.73
CA ILE QE 119 20.64 -95.12 67.05
C ILE QE 119 21.27 -93.92 67.74
N SER QE 120 20.56 -93.39 68.72
CA SER QE 120 21.01 -92.24 69.50
C SER QE 120 20.64 -92.46 70.95
N ILE QE 121 21.63 -92.73 71.79
CA ILE QE 121 21.42 -93.00 73.21
C ILE QE 121 22.20 -91.96 74.00
N SER QE 122 21.50 -91.24 74.88
CA SER QE 122 22.12 -90.28 75.80
C SER QE 122 21.70 -90.68 77.21
N THR QE 123 22.60 -91.33 77.94
CA THR QE 123 22.29 -91.84 79.26
C THR QE 123 23.44 -91.56 80.20
N LYS QE 124 23.13 -90.96 81.34
CA LYS QE 124 24.14 -90.73 82.37
C LYS QE 124 24.48 -92.01 83.10
N ASP QE 125 23.49 -92.83 83.43
CA ASP QE 125 23.76 -94.06 84.17
C ASP QE 125 22.82 -95.14 83.70
N GLU QE 126 23.37 -96.31 83.36
CA GLU QE 126 22.56 -97.44 82.96
C GLU QE 126 23.36 -98.73 83.14
N SER QE 127 22.65 -99.80 83.47
CA SER QE 127 23.23 -101.12 83.38
C SER QE 127 23.46 -101.50 81.93
N LEU QE 128 24.59 -102.18 81.69
CA LEU QE 128 25.02 -102.49 80.34
C LEU QE 128 24.10 -103.51 79.68
N ALA QE 129 23.53 -104.41 80.47
CA ALA QE 129 22.55 -105.36 79.94
C ALA QE 129 21.30 -104.63 79.47
N GLU QE 130 20.85 -103.62 80.21
CA GLU QE 130 19.72 -102.82 79.78
C GLU QE 130 20.06 -101.99 78.55
N ILE QE 131 21.31 -101.55 78.45
CA ILE QE 131 21.79 -100.83 77.27
C ILE QE 131 21.68 -101.73 76.03
N LEU QE 132 22.15 -102.97 76.15
CA LEU QE 132 22.09 -103.90 75.02
C LEU QE 132 20.66 -104.33 74.71
N ARG QE 133 19.81 -104.43 75.73
CA ARG QE 133 18.41 -104.74 75.50
C ARG QE 133 17.71 -103.62 74.72
N ASP QE 134 18.01 -102.37 75.07
CA ASP QE 134 17.46 -101.25 74.30
C ASP QE 134 18.05 -101.19 72.90
N ILE QE 135 19.31 -101.61 72.76
CA ILE QE 135 19.95 -101.66 71.44
C ILE QE 135 19.22 -102.66 70.54
N ASP QE 136 18.93 -103.84 71.08
CA ASP QE 136 18.21 -104.82 70.27
C ASP QE 136 16.75 -104.44 70.09
N TYR QE 137 16.20 -103.63 71.00
CA TYR QE 137 14.85 -103.10 70.81
C TYR QE 137 14.81 -102.13 69.63
N GLN QE 138 15.78 -101.23 69.56
CA GLN QE 138 15.80 -100.22 68.52
C GLN QE 138 16.46 -100.71 67.24
N ALA QE 139 17.02 -101.92 67.24
CA ALA QE 139 17.61 -102.47 66.03
C ALA QE 139 16.58 -102.75 64.95
N GLY QE 140 15.39 -103.20 65.34
CA GLY QE 140 14.38 -103.51 64.36
C GLY QE 140 14.61 -104.86 63.71
N LYS QE 141 13.95 -105.03 62.56
CA LYS QE 141 13.92 -106.32 61.87
C LYS QE 141 15.22 -106.66 61.15
N LYS QE 142 16.13 -105.70 60.99
CA LYS QE 142 17.27 -105.90 60.12
C LYS QE 142 18.35 -106.78 60.74
N ALA QE 143 18.54 -106.69 62.05
CA ALA QE 143 19.57 -107.48 62.72
C ALA QE 143 19.20 -107.61 64.18
N SER QE 144 19.85 -108.56 64.85
CA SER QE 144 19.68 -108.79 66.27
C SER QE 144 21.03 -109.13 66.88
N ILE QE 145 21.04 -109.39 68.19
CA ILE QE 145 22.27 -109.69 68.89
C ILE QE 145 22.04 -110.83 69.88
N HIS QE 146 23.06 -111.65 70.06
CA HIS QE 146 23.05 -112.74 71.01
C HIS QE 146 24.28 -112.65 71.91
N VAL QE 147 24.14 -113.16 73.13
CA VAL QE 147 25.18 -113.11 74.14
C VAL QE 147 25.51 -114.54 74.55
N TYR QE 148 26.79 -114.88 74.50
CA TYR QE 148 27.25 -116.17 75.01
C TYR QE 148 28.21 -115.90 76.17
N PRO QE 149 27.84 -116.26 77.40
CA PRO QE 149 28.75 -116.10 78.54
C PRO QE 149 29.55 -117.34 78.88
N ASN QE 150 29.30 -118.46 78.21
CA ASN QE 150 30.15 -119.63 78.38
C ASN QE 150 31.53 -119.36 77.78
N SER QE 151 31.58 -119.09 76.49
CA SER QE 151 32.73 -118.48 75.86
C SER QE 151 32.38 -117.02 75.61
N GLN QE 152 33.13 -116.11 76.21
CA GLN QE 152 32.70 -114.73 76.44
C GLN QE 152 32.66 -113.97 75.11
N VAL QE 153 31.53 -114.11 74.41
CA VAL QE 153 31.42 -113.56 73.07
C VAL QE 153 30.02 -112.97 72.89
N VAL QE 154 29.93 -112.03 71.95
CA VAL QE 154 28.66 -111.46 71.52
C VAL QE 154 28.59 -111.52 70.01
N GLU QE 155 27.37 -111.67 69.49
CA GLU QE 155 27.14 -111.93 68.08
C GLU QE 155 26.12 -110.94 67.55
N LEU QE 156 26.46 -110.30 66.43
CA LEU QE 156 25.57 -109.41 65.71
C LEU QE 156 25.12 -110.13 64.43
N ARG QE 157 23.85 -110.50 64.39
CA ARG QE 157 23.31 -111.37 63.36
C ARG QE 157 22.37 -110.57 62.47
N TYR QE 158 22.75 -110.42 61.20
CA TYR QE 158 21.90 -109.73 60.24
C TYR QE 158 20.76 -110.63 59.77
N ALA QE 159 19.90 -110.07 58.92
CA ALA QE 159 18.87 -110.83 58.25
C ALA QE 159 18.83 -110.45 56.77
N LYS QE 160 18.12 -111.25 55.98
CA LYS QE 160 17.97 -110.96 54.56
C LYS QE 160 17.05 -109.77 54.33
N ILE RE 208 -15.41 -131.24 79.22
CA ILE RE 208 -16.32 -130.12 79.09
C ILE RE 208 -15.79 -128.91 79.86
N ILE RE 209 -16.71 -128.12 80.39
CA ILE RE 209 -16.37 -126.90 81.13
C ILE RE 209 -16.81 -127.08 82.57
N TYR RE 210 -15.93 -126.74 83.51
CA TYR RE 210 -16.20 -126.90 84.94
C TYR RE 210 -15.95 -125.60 85.69
N TYR RE 211 -16.73 -125.41 86.76
CA TYR RE 211 -16.53 -124.29 87.67
C TYR RE 211 -16.69 -124.80 89.10
N ILE RE 212 -15.95 -124.19 90.00
CA ILE RE 212 -15.94 -124.63 91.39
C ILE RE 212 -17.13 -124.03 92.12
N GLN RE 213 -17.90 -124.88 92.80
CA GLN RE 213 -18.95 -124.40 93.68
C GLN RE 213 -18.37 -123.86 94.99
N ALA RE 214 -17.66 -124.72 95.72
CA ALA RE 214 -17.10 -124.34 97.01
C ALA RE 214 -15.85 -125.17 97.26
N VAL RE 215 -15.05 -124.71 98.24
CA VAL RE 215 -13.73 -125.28 98.48
C VAL RE 215 -13.53 -125.49 99.98
N ILE RE 216 -12.58 -126.37 100.30
CA ILE RE 216 -12.03 -126.55 101.63
C ILE RE 216 -10.56 -126.90 101.37
N PRO RE 217 -9.66 -126.76 102.34
CA PRO RE 217 -8.31 -127.33 102.14
C PRO RE 217 -8.37 -128.84 102.01
N GLY RE 218 -8.05 -129.34 100.81
CA GLY RE 218 -8.04 -130.77 100.56
C GLY RE 218 -9.18 -131.26 99.69
N ARG RE 219 -10.38 -130.71 99.87
CA ARG RE 219 -11.56 -131.16 99.17
C ARG RE 219 -12.33 -129.97 98.63
N ALA RE 220 -13.09 -130.19 97.55
CA ALA RE 220 -13.86 -129.10 96.99
C ALA RE 220 -15.12 -129.62 96.34
N TRP RE 221 -16.05 -128.70 96.08
CA TRP RE 221 -17.24 -128.96 95.31
C TRP RE 221 -17.14 -128.16 94.01
N LEU RE 222 -17.38 -128.83 92.89
CA LEU RE 222 -17.38 -128.13 91.61
C LEU RE 222 -18.53 -128.63 90.75
N ILE RE 223 -18.89 -127.82 89.77
CA ILE RE 223 -20.04 -128.07 88.92
C ILE RE 223 -19.59 -128.00 87.46
N GLY RE 224 -20.13 -128.89 86.64
CA GLY RE 224 -19.86 -128.87 85.21
C GLY RE 224 -20.74 -127.86 84.49
N SER RE 225 -20.47 -127.72 83.19
CA SER RE 225 -21.28 -126.85 82.35
C SER RE 225 -22.68 -127.42 82.15
N ASN RE 226 -22.77 -128.74 81.97
CA ASN RE 226 -24.06 -129.40 81.78
C ASN RE 226 -24.81 -129.62 83.08
N GLY RE 227 -24.16 -129.42 84.23
CA GLY RE 227 -24.75 -129.71 85.50
C GLY RE 227 -24.24 -130.96 86.18
N SER RE 228 -22.95 -131.28 86.01
CA SER RE 228 -22.36 -132.45 86.64
C SER RE 228 -21.76 -132.02 87.98
N THR RE 229 -22.48 -132.33 89.06
CA THR RE 229 -21.99 -132.07 90.41
C THR RE 229 -20.88 -133.06 90.74
N LEU RE 230 -19.75 -132.56 91.28
CA LEU RE 230 -18.69 -133.46 91.69
C LEU RE 230 -18.00 -132.90 92.93
N THR RE 231 -17.59 -133.82 93.81
CA THR RE 231 -16.78 -133.51 94.97
C THR RE 231 -15.39 -134.09 94.73
N VAL RE 232 -14.37 -133.24 94.85
CA VAL RE 232 -13.05 -133.55 94.35
C VAL RE 232 -12.07 -133.59 95.52
N ARG RE 233 -11.37 -134.71 95.65
CA ARG RE 233 -10.22 -134.91 96.53
C ARG RE 233 -8.96 -134.52 95.76
N GLU RE 234 -7.88 -134.22 96.51
CA GLU RE 234 -6.59 -133.93 95.90
C GLU RE 234 -6.09 -135.09 95.06
N GLY RE 235 -6.25 -136.31 95.54
CA GLY RE 235 -6.01 -137.46 94.69
C GLY RE 235 -7.27 -137.84 93.94
N SER RE 236 -7.42 -137.35 92.71
CA SER RE 236 -8.58 -137.60 91.88
C SER RE 236 -8.31 -137.22 90.44
N LYS RE 237 -8.59 -138.11 89.50
CA LYS RE 237 -8.35 -137.86 88.09
C LYS RE 237 -9.65 -137.38 87.46
N ILE RE 238 -9.78 -136.07 87.30
CA ILE RE 238 -11.00 -135.46 86.76
C ILE RE 238 -11.04 -135.65 85.25
N PRO RE 239 -12.09 -136.24 84.71
CA PRO RE 239 -12.21 -136.37 83.25
C PRO RE 239 -12.32 -135.02 82.56
N GLY RE 240 -11.71 -134.92 81.38
CA GLY RE 240 -11.63 -133.68 80.65
C GLY RE 240 -10.52 -132.76 81.06
N TYR RE 241 -9.87 -133.02 82.21
CA TYR RE 241 -8.81 -132.15 82.68
C TYR RE 241 -7.60 -132.88 83.25
N GLY RE 242 -7.66 -134.19 83.44
CA GLY RE 242 -6.51 -134.91 83.95
C GLY RE 242 -6.55 -135.17 85.44
N MET RE 243 -5.42 -134.98 86.12
CA MET RE 243 -5.29 -135.28 87.53
C MET RE 243 -5.08 -134.00 88.32
N VAL RE 244 -5.72 -133.91 89.48
CA VAL RE 244 -5.55 -132.76 90.37
C VAL RE 244 -4.13 -132.74 90.90
N LYS RE 245 -3.43 -131.62 90.67
CA LYS RE 245 -2.08 -131.45 91.20
C LYS RE 245 -2.07 -130.68 92.52
N LEU RE 246 -2.82 -129.58 92.59
CA LEU RE 246 -2.91 -128.80 93.82
C LEU RE 246 -4.25 -128.09 93.86
N ILE RE 247 -4.93 -128.22 94.98
CA ILE RE 247 -6.16 -127.49 95.25
C ILE RE 247 -5.82 -126.34 96.18
N ASP RE 248 -6.10 -125.12 95.75
CA ASP RE 248 -5.88 -123.93 96.56
C ASP RE 248 -7.20 -123.55 97.22
N SER RE 249 -7.17 -123.40 98.54
CA SER RE 249 -8.38 -123.01 99.25
C SER RE 249 -8.51 -121.50 99.37
N LEU RE 250 -7.40 -120.77 99.38
CA LEU RE 250 -7.47 -119.32 99.56
C LEU RE 250 -8.00 -118.63 98.32
N GLN RE 251 -7.66 -119.13 97.13
CA GLN RE 251 -8.17 -118.57 95.88
C GLN RE 251 -8.62 -119.71 94.98
N GLY RE 252 -9.41 -119.36 93.98
CA GLY RE 252 -9.94 -120.33 93.04
C GLY RE 252 -8.90 -120.84 92.06
N ARG RE 253 -7.95 -121.61 92.56
CA ARG RE 253 -6.86 -122.15 91.75
C ARG RE 253 -6.88 -123.66 91.90
N ILE RE 254 -7.34 -124.37 90.87
CA ILE RE 254 -7.29 -125.82 90.87
C ILE RE 254 -6.35 -126.25 89.76
N LEU RE 255 -5.31 -126.99 90.13
CA LEU RE 255 -4.24 -127.34 89.21
C LEU RE 255 -4.53 -128.67 88.53
N THR RE 256 -4.38 -128.70 87.22
CA THR RE 256 -4.61 -129.91 86.43
C THR RE 256 -3.30 -130.51 85.96
N SER RE 257 -3.28 -131.84 85.87
CA SER RE 257 -2.12 -132.52 85.31
C SER RE 257 -1.98 -132.26 83.81
N SER RE 258 -3.10 -131.95 83.14
CA SER RE 258 -3.03 -131.49 81.77
C SER RE 258 -2.40 -130.10 81.68
N GLY RE 259 -2.49 -129.32 82.75
CA GLY RE 259 -1.73 -128.08 82.82
C GLY RE 259 -2.54 -126.81 82.72
N GLN RE 260 -3.73 -126.80 83.32
CA GLN RE 260 -4.52 -125.57 83.39
C GLN RE 260 -5.03 -125.39 84.81
N VAL RE 261 -5.76 -124.30 85.01
CA VAL RE 261 -6.28 -123.91 86.31
C VAL RE 261 -7.79 -123.76 86.21
N ILE RE 262 -8.51 -124.54 86.99
CA ILE RE 262 -9.94 -124.36 87.15
C ILE RE 262 -10.17 -123.23 88.16
N LYS RE 263 -11.01 -122.27 87.79
CA LYS RE 263 -11.33 -121.12 88.62
C LYS RE 263 -12.83 -121.03 88.82
N PHE RE 264 -13.28 -119.96 89.45
CA PHE RE 264 -14.71 -119.75 89.66
C PHE RE 264 -15.38 -119.22 88.41
N SER RE 265 -16.70 -119.33 88.39
CA SER RE 265 -17.50 -118.77 87.32
C SER RE 265 -17.71 -117.27 87.55
N GLN RE 266 -18.43 -116.63 86.63
CA GLN RE 266 -18.65 -115.19 86.71
C GLN RE 266 -20.12 -114.85 86.90
N MET SE 23 8.54 -69.76 119.24
CA MET SE 23 7.36 -69.50 118.41
C MET SE 23 7.77 -68.93 117.05
N LYS SE 24 9.06 -68.63 116.90
CA LYS SE 24 9.58 -68.12 115.65
C LYS SE 24 10.27 -69.23 114.87
N PHE SE 25 10.19 -69.13 113.55
CA PHE SE 25 10.73 -70.14 112.65
C PHE SE 25 11.60 -69.46 111.61
N LYS SE 26 12.81 -69.98 111.42
CA LYS SE 26 13.75 -69.43 110.44
C LYS SE 26 14.50 -70.56 109.75
N LYS SE 27 14.66 -70.43 108.45
CA LYS SE 27 15.52 -71.32 107.69
C LYS SE 27 16.99 -70.94 107.94
N PRO SE 28 17.92 -71.89 107.84
CA PRO SE 28 19.32 -71.63 108.26
C PRO SE 28 20.05 -70.57 107.42
N PRO SE 29 20.20 -70.72 106.10
CA PRO SE 29 21.29 -69.95 105.46
C PRO SE 29 20.91 -68.50 105.21
N ILE SE 30 21.63 -67.59 105.87
CA ILE SE 30 21.46 -66.15 105.70
C ILE SE 30 22.78 -65.58 105.22
N ASN SE 31 22.73 -64.80 104.15
CA ASN SE 31 23.93 -64.21 103.57
C ASN SE 31 23.61 -62.78 103.15
N ASN SE 32 24.53 -62.19 102.39
CA ASN SE 32 24.30 -60.86 101.85
C ASN SE 32 23.24 -60.90 100.75
N PRO SE 33 22.54 -59.79 100.52
CA PRO SE 33 21.59 -59.74 99.39
C PRO SE 33 22.31 -59.87 98.05
N SER SE 34 21.62 -60.49 97.10
CA SER SE 34 22.22 -60.92 95.85
C SER SE 34 21.96 -59.90 94.74
N ASP SE 35 22.36 -60.24 93.53
CA ASP SE 35 22.17 -59.37 92.38
C ASP SE 35 21.92 -60.22 91.14
N ASP SE 36 21.00 -59.74 90.30
CA ASP SE 36 20.50 -60.51 89.16
C ASP SE 36 21.57 -60.78 88.11
N ALA SE 37 22.52 -59.85 87.95
CA ALA SE 37 23.62 -60.08 87.02
C ALA SE 37 24.49 -61.24 87.49
N THR SE 38 24.78 -61.28 88.79
CA THR SE 38 25.49 -62.42 89.36
C THR SE 38 24.69 -63.69 89.26
N ILE SE 39 23.36 -63.58 89.36
CA ILE SE 39 22.47 -64.72 89.21
C ILE SE 39 22.60 -65.32 87.82
N LYS SE 40 22.53 -64.46 86.80
CA LYS SE 40 22.67 -64.92 85.43
C LYS SE 40 24.07 -65.45 85.14
N LEU SE 41 25.08 -64.86 85.77
CA LEU SE 41 26.45 -65.35 85.63
C LEU SE 41 26.59 -66.77 86.19
N ALA SE 42 25.99 -67.03 87.35
CA ALA SE 42 26.02 -68.37 87.92
C ALA SE 42 25.22 -69.35 87.08
N GLU SE 43 24.11 -68.88 86.50
CA GLU SE 43 23.28 -69.72 85.65
C GLU SE 43 24.02 -70.14 84.40
N ALA SE 44 24.83 -69.23 83.84
CA ALA SE 44 25.70 -69.63 82.74
C ALA SE 44 26.80 -70.56 83.22
N ALA SE 45 27.34 -70.28 84.42
CA ALA SE 45 28.54 -70.94 84.90
C ALA SE 45 28.30 -72.42 85.21
N VAL SE 46 27.12 -72.77 85.71
CA VAL SE 46 26.85 -74.16 86.05
C VAL SE 46 26.78 -75.02 84.78
N SER SE 47 26.17 -74.48 83.72
CA SER SE 47 26.12 -75.17 82.44
C SER SE 47 27.50 -75.29 81.83
N VAL SE 48 28.31 -74.23 81.95
CA VAL SE 48 29.68 -74.27 81.45
C VAL SE 48 30.50 -75.33 82.17
N SER SE 49 30.34 -75.41 83.50
CA SER SE 49 31.08 -76.37 84.30
C SER SE 49 30.69 -77.80 83.98
N ASP SE 50 29.39 -78.05 83.80
CA ASP SE 50 28.96 -79.41 83.46
C ASP SE 50 29.42 -79.80 82.05
N SER SE 51 29.45 -78.84 81.13
CA SER SE 51 29.94 -79.11 79.78
C SER SE 51 31.43 -79.45 79.81
N MET SE 52 32.21 -78.70 80.60
CA MET SE 52 33.63 -78.99 80.74
C MET SE 52 33.85 -80.33 81.40
N LEU SE 53 33.01 -80.68 82.37
CA LEU SE 53 33.14 -81.95 83.08
C LEU SE 53 32.91 -83.14 82.14
N GLU SE 54 31.83 -83.10 81.36
CA GLU SE 54 31.57 -84.20 80.45
C GLU SE 54 32.59 -84.24 79.31
N MET SE 55 33.06 -83.08 78.85
CA MET SE 55 34.08 -83.05 77.81
C MET SE 55 35.39 -83.64 78.30
N ALA SE 56 35.78 -83.32 79.53
CA ALA SE 56 36.99 -83.88 80.11
C ALA SE 56 36.86 -85.38 80.33
N LYS SE 57 35.68 -85.84 80.73
CA LYS SE 57 35.44 -87.27 80.89
C LYS SE 57 35.56 -88.00 79.57
N VAL SE 58 34.98 -87.45 78.51
CA VAL SE 58 35.04 -88.04 77.18
C VAL SE 58 36.48 -88.09 76.68
N GLU SE 59 37.21 -86.99 76.89
CA GLU SE 59 38.61 -86.92 76.46
C GLU SE 59 39.48 -87.92 77.19
N LYS SE 60 39.28 -88.06 78.52
CA LYS SE 60 40.07 -88.99 79.30
C LYS SE 60 39.77 -90.43 78.93
N VAL SE 61 38.50 -90.73 78.60
CA VAL SE 61 38.15 -92.07 78.15
C VAL SE 61 38.81 -92.37 76.81
N ILE SE 62 38.69 -91.44 75.86
CA ILE SE 62 39.11 -91.75 74.50
C ILE SE 62 40.64 -91.74 74.38
N THR SE 63 41.33 -91.01 75.25
CA THR SE 63 42.78 -90.89 75.17
C THR SE 63 43.38 -91.34 76.50
N PRO SE 64 43.80 -92.60 76.60
CA PRO SE 64 44.44 -93.08 77.83
C PRO SE 64 45.85 -92.51 77.96
N PRO SE 65 46.16 -91.90 79.10
CA PRO SE 65 47.51 -91.35 79.29
C PRO SE 65 48.53 -92.48 79.51
N SER SE 66 49.79 -92.14 79.27
CA SER SE 66 50.86 -93.12 79.36
C SER SE 66 51.87 -92.82 80.46
N LYS SE 67 52.42 -91.61 80.48
CA LYS SE 67 53.53 -91.27 81.36
C LYS SE 67 53.14 -90.15 82.33
N ASP SE 68 54.13 -89.66 83.06
CA ASP SE 68 53.94 -88.61 84.04
C ASP SE 68 55.09 -87.61 83.92
N ASN SE 69 54.76 -86.34 84.16
CA ASN SE 69 55.76 -85.28 84.09
C ASN SE 69 56.71 -85.28 85.29
N THR SE 70 56.39 -86.03 86.34
CA THR SE 70 57.28 -86.14 87.50
C THR SE 70 58.59 -86.84 87.16
N LEU SE 71 58.61 -87.62 86.07
CA LEU SE 71 59.84 -88.28 85.64
C LEU SE 71 60.90 -87.27 85.23
N THR SE 72 60.51 -86.23 84.50
CA THR SE 72 61.46 -85.17 84.17
C THR SE 72 61.46 -84.05 85.18
N ILE SE 73 60.46 -83.97 86.05
CA ILE SE 73 60.43 -82.96 87.10
C ILE SE 73 60.44 -83.67 88.44
N PRO SE 74 61.59 -83.98 89.01
CA PRO SE 74 61.62 -84.53 90.35
C PRO SE 74 61.61 -83.43 91.39
N ASN SE 75 61.66 -83.79 92.67
CA ASN SE 75 61.72 -82.83 93.76
C ASN SE 75 62.97 -83.08 94.59
N ALA SE 76 63.67 -82.01 94.92
CA ALA SE 76 64.90 -82.08 95.69
C ALA SE 76 64.74 -81.27 96.97
N TYR SE 77 65.80 -81.24 97.76
CA TYR SE 77 65.82 -80.40 98.93
C TYR SE 77 65.91 -78.93 98.51
N ASN SE 78 65.41 -78.05 99.39
CA ASN SE 78 65.30 -76.59 99.26
C ASN SE 78 64.24 -76.18 98.23
N LEU SE 79 63.68 -77.15 97.51
CA LEU SE 79 62.57 -76.93 96.60
C LEU SE 79 61.24 -76.85 97.33
N GLN SE 80 61.22 -77.11 98.62
CA GLN SE 80 60.00 -77.28 99.37
C GLN SE 80 59.52 -76.00 100.03
N ALA SE 81 60.11 -74.86 99.69
CA ALA SE 81 59.58 -73.57 100.14
C ALA SE 81 58.23 -73.32 99.49
N ARG SE 82 57.41 -72.53 100.15
CA ARG SE 82 56.02 -72.40 99.72
C ARG SE 82 55.77 -71.03 99.11
N ALA SE 83 54.69 -70.94 98.35
CA ALA SE 83 54.38 -69.69 97.65
C ALA SE 83 52.89 -69.62 97.38
N SER SE 84 52.42 -68.38 97.24
CA SER SE 84 51.09 -68.11 96.70
C SER SE 84 51.21 -67.00 95.67
N VAL SE 85 50.58 -67.19 94.51
CA VAL SE 85 50.92 -66.45 93.31
C VAL SE 85 49.65 -65.95 92.63
N ASP SE 86 49.62 -64.66 92.31
CA ASP SE 86 48.61 -64.05 91.46
C ASP SE 86 49.33 -63.47 90.25
N TRP SE 87 49.27 -64.17 89.11
CA TRP SE 87 50.02 -63.82 87.93
C TRP SE 87 49.20 -64.16 86.68
N SER SE 88 49.23 -63.27 85.69
CA SER SE 88 48.55 -63.58 84.43
C SER SE 88 49.32 -63.09 83.21
N GLY SE 89 50.62 -62.90 83.33
CA GLY SE 89 51.41 -62.37 82.24
C GLY SE 89 52.27 -63.42 81.57
N PRO SE 90 53.40 -63.00 81.01
CA PRO SE 90 54.33 -63.95 80.40
C PRO SE 90 55.04 -64.76 81.47
N ILE SE 91 55.73 -65.81 81.01
CA ILE SE 91 56.27 -66.82 81.90
C ILE SE 91 57.73 -66.58 82.27
N GLU SE 92 58.44 -65.70 81.56
CA GLU SE 92 59.88 -65.59 81.73
C GLU SE 92 60.24 -64.93 83.05
N GLU SE 93 59.56 -63.83 83.38
CA GLU SE 93 59.79 -63.16 84.66
C GLU SE 93 59.36 -64.05 85.82
N LEU SE 94 58.28 -64.81 85.64
CA LEU SE 94 57.81 -65.71 86.67
C LEU SE 94 58.82 -66.83 86.94
N THR SE 95 59.37 -67.41 85.88
CA THR SE 95 60.40 -68.44 86.04
C THR SE 95 61.67 -67.85 86.62
N ALA SE 96 61.99 -66.60 86.31
CA ALA SE 96 63.13 -65.94 86.92
C ALA SE 96 62.94 -65.75 88.42
N ARG SE 97 61.73 -65.36 88.83
CA ARG SE 97 61.42 -65.24 90.25
C ARG SE 97 61.53 -66.57 90.97
N ILE SE 98 61.04 -67.64 90.32
CA ILE SE 98 61.09 -68.96 90.94
C ILE SE 98 62.53 -69.45 91.05
N ALA SE 99 63.34 -69.26 90.00
CA ALA SE 99 64.73 -69.68 90.05
C ALA SE 99 65.53 -68.85 91.04
N LYS SE 100 65.20 -67.57 91.20
CA LYS SE 100 65.88 -66.74 92.19
C LYS SE 100 65.49 -67.12 93.61
N ALA SE 101 64.25 -67.57 93.80
CA ALA SE 101 63.87 -68.14 95.10
C ALA SE 101 64.62 -69.45 95.36
N ALA SE 102 64.79 -70.27 94.33
CA ALA SE 102 65.42 -71.57 94.47
C ALA SE 102 66.94 -71.49 94.50
N HIS SE 103 67.52 -70.31 94.23
CA HIS SE 103 68.95 -70.10 94.04
C HIS SE 103 69.50 -71.03 92.95
N PHE SE 104 68.75 -71.16 91.86
CA PHE SE 104 69.10 -72.05 90.77
C PHE SE 104 69.39 -71.25 89.51
N ARG SE 105 70.27 -71.80 88.67
CA ARG SE 105 70.51 -71.20 87.38
C ARG SE 105 69.30 -71.37 86.48
N PHE SE 106 69.11 -70.43 85.57
CA PHE SE 106 67.93 -70.41 84.71
C PHE SE 106 68.40 -70.48 83.25
N ARG SE 107 68.41 -71.68 82.69
CA ARG SE 107 68.84 -71.88 81.32
C ARG SE 107 67.65 -71.80 80.38
N VAL SE 108 67.85 -71.12 79.26
CA VAL SE 108 66.81 -70.96 78.24
C VAL SE 108 67.31 -71.60 76.95
N LEU SE 109 66.49 -72.45 76.37
CA LEU SE 109 66.82 -73.20 75.17
C LEU SE 109 65.82 -72.88 74.08
N GLY SE 110 66.32 -72.71 72.86
CA GLY SE 110 65.49 -72.29 71.76
C GLY SE 110 65.28 -70.78 71.79
N LYS SE 111 64.37 -70.32 70.94
CA LYS SE 111 64.07 -68.91 70.80
C LYS SE 111 62.62 -68.66 71.21
N SER SE 112 62.40 -67.56 71.93
CA SER SE 112 61.05 -67.15 72.24
C SER SE 112 60.31 -66.77 70.96
N PRO SE 113 59.07 -67.22 70.81
CA PRO SE 113 58.33 -66.96 69.57
C PRO SE 113 57.88 -65.51 69.50
N SER SE 114 57.44 -65.13 68.30
CA SER SE 114 56.93 -63.78 68.07
C SER SE 114 55.65 -63.53 68.84
N VAL SE 115 54.74 -64.50 68.84
CA VAL SE 115 53.54 -64.40 69.65
C VAL SE 115 53.93 -64.70 71.09
N PRO SE 116 53.66 -63.79 72.02
CA PRO SE 116 53.98 -64.05 73.42
C PRO SE 116 53.07 -65.12 74.00
N VAL SE 117 53.59 -65.82 75.00
CA VAL SE 117 52.87 -66.89 75.67
C VAL SE 117 52.53 -66.43 77.09
N LEU SE 118 51.26 -66.48 77.44
CA LEU SE 118 50.78 -65.99 78.73
C LEU SE 118 50.15 -67.14 79.50
N ILE SE 119 50.41 -67.17 80.81
CA ILE SE 119 49.81 -68.14 81.70
C ILE SE 119 49.17 -67.40 82.85
N SER SE 120 47.89 -67.64 83.08
CA SER SE 120 47.17 -67.04 84.18
C SER SE 120 47.09 -68.02 85.34
N ILE SE 121 47.54 -67.58 86.52
CA ILE SE 121 47.60 -68.42 87.70
C ILE SE 121 47.01 -67.66 88.87
N SER SE 122 46.00 -68.23 89.52
CA SER SE 122 45.54 -67.79 90.83
C SER SE 122 45.46 -69.04 91.69
N THR SE 123 46.59 -69.43 92.27
CA THR SE 123 46.69 -70.59 93.14
C THR SE 123 47.19 -70.14 94.51
N LYS SE 124 47.24 -71.07 95.45
CA LYS SE 124 47.58 -70.71 96.83
C LYS SE 124 48.18 -71.89 97.55
N ASP SE 125 49.39 -71.69 98.07
CA ASP SE 125 50.00 -72.48 99.15
C ASP SE 125 50.19 -73.96 98.75
N GLU SE 126 51.06 -74.18 97.78
CA GLU SE 126 51.52 -75.53 97.49
C GLU SE 126 53.02 -75.49 97.25
N SER SE 127 53.58 -76.63 96.86
CA SER SE 127 55.01 -76.75 96.65
C SER SE 127 55.46 -75.97 95.42
N LEU SE 128 56.73 -75.55 95.46
CA LEU SE 128 57.33 -74.90 94.29
C LEU SE 128 57.42 -75.86 93.11
N ALA SE 129 57.79 -77.10 93.37
CA ALA SE 129 57.87 -78.11 92.31
C ALA SE 129 56.49 -78.40 91.73
N GLU SE 130 55.47 -78.43 92.59
CA GLU SE 130 54.11 -78.64 92.09
C GLU SE 130 53.62 -77.44 91.30
N ILE SE 131 54.03 -76.23 91.72
CA ILE SE 131 53.73 -75.01 90.97
C ILE SE 131 54.35 -75.09 89.58
N LEU SE 132 55.60 -75.53 89.50
CA LEU SE 132 56.28 -75.65 88.21
C LEU SE 132 55.65 -76.74 87.36
N ARG SE 133 55.19 -77.82 87.98
CA ARG SE 133 54.51 -78.88 87.24
C ARG SE 133 53.19 -78.39 86.66
N ASP SE 134 52.44 -77.61 87.43
CA ASP SE 134 51.20 -77.04 86.92
C ASP SE 134 51.49 -76.03 85.81
N ILE SE 135 52.59 -75.29 85.95
CA ILE SE 135 53.00 -74.34 84.91
C ILE SE 135 53.32 -75.08 83.62
N ASP SE 136 54.06 -76.18 83.73
CA ASP SE 136 54.42 -76.97 82.56
C ASP SE 136 53.20 -77.62 81.94
N TYR SE 137 52.24 -78.04 82.76
CA TYR SE 137 51.04 -78.63 82.20
C TYR SE 137 50.17 -77.59 81.52
N GLN SE 138 50.12 -76.38 82.05
CA GLN SE 138 49.38 -75.33 81.36
C GLN SE 138 50.13 -74.79 80.15
N ALA SE 139 51.44 -75.05 80.06
CA ALA SE 139 52.22 -74.61 78.91
C ALA SE 139 51.79 -75.32 77.64
N GLY SE 140 51.57 -76.62 77.71
CA GLY SE 140 51.09 -77.35 76.56
C GLY SE 140 52.19 -77.57 75.55
N LYS SE 141 51.90 -77.26 74.28
CA LYS SE 141 52.76 -77.60 73.17
C LYS SE 141 53.78 -76.53 72.84
N LYS SE 142 53.85 -75.46 73.64
CA LYS SE 142 54.69 -74.33 73.29
C LYS SE 142 56.05 -74.35 73.96
N ALA SE 143 56.12 -74.73 75.23
CA ALA SE 143 57.39 -74.79 75.94
C ALA SE 143 57.39 -75.99 76.88
N SER SE 144 58.54 -76.25 77.47
CA SER SE 144 58.68 -77.35 78.39
C SER SE 144 59.75 -77.03 79.43
N ILE SE 145 59.63 -77.69 80.58
CA ILE SE 145 60.46 -77.41 81.75
C ILE SE 145 61.23 -78.66 82.09
N HIS SE 146 62.49 -78.49 82.50
CA HIS SE 146 63.30 -79.59 82.99
C HIS SE 146 64.09 -79.13 84.21
N VAL SE 147 64.32 -80.07 85.12
CA VAL SE 147 65.00 -79.82 86.37
C VAL SE 147 66.25 -80.67 86.42
N TYR SE 148 67.40 -80.03 86.66
CA TYR SE 148 68.65 -80.74 86.92
C TYR SE 148 69.07 -80.35 88.34
N PRO SE 149 68.68 -81.14 89.35
CA PRO SE 149 68.94 -80.76 90.73
C PRO SE 149 70.40 -80.92 91.12
N ASN SE 150 71.03 -81.96 90.56
CA ASN SE 150 72.46 -82.14 90.74
C ASN SE 150 73.25 -81.03 90.06
N SER SE 151 72.70 -80.46 88.99
CA SER SE 151 73.30 -79.31 88.35
C SER SE 151 72.71 -77.98 88.82
N GLN SE 152 71.62 -78.03 89.62
CA GLN SE 152 70.94 -76.85 90.17
C GLN SE 152 70.47 -75.90 89.06
N VAL SE 153 69.92 -76.48 88.00
CA VAL SE 153 69.55 -75.74 86.79
C VAL SE 153 68.09 -75.99 86.47
N VAL SE 154 67.33 -74.91 86.34
CA VAL SE 154 65.98 -74.97 85.80
C VAL SE 154 66.06 -74.56 84.33
N GLU SE 155 65.64 -75.46 83.45
CA GLU SE 155 65.77 -75.25 82.01
C GLU SE 155 64.39 -75.10 81.40
N LEU SE 156 64.21 -74.04 80.63
CA LEU SE 156 63.00 -73.82 79.85
C LEU SE 156 63.35 -73.93 78.38
N ARG SE 157 62.66 -74.80 77.66
CA ARG SE 157 62.91 -74.99 76.24
C ARG SE 157 61.67 -74.60 75.45
N TYR SE 158 61.88 -73.86 74.36
CA TYR SE 158 60.80 -73.55 73.43
C TYR SE 158 60.68 -74.65 72.40
N ALA SE 159 59.46 -74.85 71.92
CA ALA SE 159 59.20 -75.90 70.95
C ALA SE 159 59.68 -75.48 69.57
N LYS SE 160 60.45 -76.34 68.92
CA LYS SE 160 60.78 -76.15 67.51
C LYS SE 160 59.52 -76.50 66.72
N ILE SE 161 58.84 -75.47 66.23
CA ILE SE 161 57.51 -75.62 65.66
C ILE SE 161 57.49 -74.86 64.35
N TYR SE 162 56.49 -75.19 63.52
CA TYR SE 162 56.19 -74.56 62.22
C TYR SE 162 57.33 -74.78 61.24
N ARG TE 207 23.92 -109.19 24.03
CA ARG TE 207 24.79 -108.07 23.73
C ARG TE 207 24.06 -107.03 22.88
N ILE TE 208 24.76 -105.95 22.55
CA ILE TE 208 24.16 -104.84 21.82
C ILE TE 208 24.09 -105.21 20.34
N ILE TE 209 22.88 -105.09 19.76
CA ILE TE 209 22.62 -105.47 18.38
C ILE TE 209 22.66 -104.23 17.52
N TYR TE 210 23.42 -104.28 16.44
CA TYR TE 210 23.63 -103.13 15.57
C TYR TE 210 22.74 -103.21 14.34
N TYR TE 211 22.19 -102.07 13.96
CA TYR TE 211 21.47 -101.92 12.71
C TYR TE 211 22.29 -101.08 11.74
N ILE TE 212 22.03 -101.26 10.45
CA ILE TE 212 22.62 -100.40 9.45
C ILE TE 212 21.91 -99.06 9.46
N GLN TE 213 22.66 -97.98 9.65
CA GLN TE 213 22.09 -96.65 9.65
C GLN TE 213 22.16 -95.97 8.30
N ALA TE 214 23.26 -96.17 7.56
CA ALA TE 214 23.40 -95.64 6.21
C ALA TE 214 24.38 -96.54 5.47
N VAL TE 215 23.86 -97.42 4.63
CA VAL TE 215 24.71 -98.31 3.84
C VAL TE 215 25.26 -97.52 2.66
N ILE TE 216 26.59 -97.47 2.57
CA ILE TE 216 27.26 -96.69 1.54
C ILE TE 216 28.44 -97.50 1.02
N PRO TE 217 28.92 -97.18 -0.19
CA PRO TE 217 30.22 -97.72 -0.60
C PRO TE 217 31.34 -97.24 0.28
N GLY TE 218 32.27 -98.15 0.59
CA GLY TE 218 33.43 -97.83 1.39
C GLY TE 218 33.16 -97.79 2.88
N ARG TE 219 32.53 -96.72 3.34
CA ARG TE 219 32.19 -96.57 4.75
C ARG TE 219 30.84 -97.23 5.04
N ALA TE 220 30.46 -97.21 6.31
CA ALA TE 220 29.15 -97.74 6.73
C ALA TE 220 28.77 -97.10 8.04
N TRP TE 221 27.49 -96.78 8.18
CA TRP TE 221 26.95 -96.22 9.41
C TRP TE 221 26.17 -97.30 10.14
N LEU TE 222 26.56 -97.58 11.38
CA LEU TE 222 25.95 -98.62 12.18
C LEU TE 222 25.43 -98.02 13.47
N ILE TE 223 24.17 -98.32 13.79
CA ILE TE 223 23.50 -97.80 14.98
C ILE TE 223 23.24 -98.98 15.92
N GLY TE 224 23.69 -98.83 17.17
CA GLY TE 224 23.55 -99.87 18.16
C GLY TE 224 22.14 -100.00 18.70
N SER TE 225 21.96 -101.02 19.54
CA SER TE 225 20.67 -101.25 20.17
C SER TE 225 20.36 -100.17 21.19
N ASN TE 226 21.36 -99.73 21.95
CA ASN TE 226 21.16 -98.68 22.95
C ASN TE 226 21.34 -97.28 22.38
N GLY TE 227 21.64 -97.16 21.09
CA GLY TE 227 21.82 -95.87 20.47
C GLY TE 227 23.24 -95.53 20.07
N SER TE 228 24.17 -96.48 20.13
CA SER TE 228 25.56 -96.21 19.77
C SER TE 228 25.68 -96.18 18.25
N THR TE 229 25.97 -95.00 17.71
CA THR TE 229 26.11 -94.81 16.28
C THR TE 229 27.58 -94.57 15.94
N LEU TE 230 28.04 -95.20 14.87
CA LEU TE 230 29.45 -95.10 14.48
C LEU TE 230 29.57 -95.34 12.99
N THR TE 231 30.75 -95.06 12.46
CA THR TE 231 31.08 -95.34 11.07
C THR TE 231 32.27 -96.27 11.01
N VAL TE 232 32.26 -97.17 10.03
CA VAL TE 232 33.26 -98.22 9.89
C VAL TE 232 33.69 -98.32 8.43
N ARG TE 233 34.81 -99.00 8.21
CA ARG TE 233 35.29 -99.33 6.87
C ARG TE 233 35.51 -100.83 6.73
N GLU TE 234 36.12 -101.25 5.63
CA GLU TE 234 36.37 -102.67 5.40
C GLU TE 234 37.41 -103.20 6.38
N GLY TE 235 38.54 -102.51 6.51
CA GLY TE 235 39.54 -102.94 7.47
C GLY TE 235 39.25 -102.35 8.84
N SER TE 236 38.58 -103.11 9.69
CA SER TE 236 38.20 -102.64 11.01
C SER TE 236 37.90 -103.84 11.89
N LYS TE 237 37.98 -103.62 13.20
CA LYS TE 237 37.65 -104.62 14.20
C LYS TE 237 36.50 -104.09 15.05
N ILE TE 238 35.49 -104.91 15.28
CA ILE TE 238 34.31 -104.54 16.03
C ILE TE 238 34.19 -105.48 17.23
N PRO TE 239 34.00 -104.97 18.44
CA PRO TE 239 33.75 -105.85 19.58
C PRO TE 239 32.39 -106.53 19.48
N GLY TE 240 32.36 -107.82 19.82
CA GLY TE 240 31.15 -108.60 19.79
C GLY TE 240 30.83 -109.23 18.46
N TYR TE 241 31.47 -108.80 17.38
CA TYR TE 241 31.22 -109.37 16.06
C TYR TE 241 32.53 -109.74 15.38
N GLY TE 242 33.60 -109.03 15.70
CA GLY TE 242 34.92 -109.43 15.27
C GLY TE 242 35.51 -108.64 14.12
N MET TE 243 35.66 -109.28 12.96
CA MET TE 243 36.38 -108.72 11.83
C MET TE 243 35.47 -108.70 10.62
N VAL TE 244 35.27 -107.51 10.05
CA VAL TE 244 34.45 -107.35 8.85
C VAL TE 244 35.31 -107.72 7.64
N LYS TE 245 34.89 -108.75 6.91
CA LYS TE 245 35.64 -109.22 5.76
C LYS TE 245 35.01 -108.84 4.42
N LEU TE 246 33.69 -108.70 4.37
CA LEU TE 246 33.01 -108.34 3.14
C LEU TE 246 31.86 -107.40 3.44
N ILE TE 247 31.75 -106.34 2.66
CA ILE TE 247 30.65 -105.39 2.74
C ILE TE 247 29.94 -105.38 1.39
N ASP TE 248 28.65 -105.66 1.39
CA ASP TE 248 27.84 -105.61 0.18
C ASP TE 248 27.05 -104.31 0.21
N SER TE 249 27.39 -103.39 -0.71
CA SER TE 249 26.67 -102.12 -0.78
C SER TE 249 25.23 -102.34 -1.24
N LEU TE 250 25.02 -103.25 -2.19
CA LEU TE 250 23.68 -103.70 -2.49
C LEU TE 250 23.23 -104.68 -1.42
N GLN TE 251 21.90 -104.87 -1.33
CA GLN TE 251 21.20 -105.86 -0.52
C GLN TE 251 21.28 -105.63 0.99
N GLY TE 252 22.03 -104.62 1.43
CA GLY TE 252 22.09 -104.24 2.84
C GLY TE 252 22.67 -105.26 3.80
N ARG TE 253 23.81 -105.86 3.46
CA ARG TE 253 24.41 -106.91 4.27
C ARG TE 253 25.84 -106.54 4.63
N ILE TE 254 26.17 -106.67 5.91
CA ILE TE 254 27.55 -106.52 6.39
C ILE TE 254 27.98 -107.85 6.98
N LEU TE 255 29.10 -108.38 6.49
CA LEU TE 255 29.58 -109.70 6.88
C LEU TE 255 30.77 -109.55 7.83
N THR TE 256 30.67 -110.19 8.99
CA THR TE 256 31.73 -110.15 10.00
C THR TE 256 32.40 -111.51 10.11
N SER TE 257 33.38 -111.59 11.01
CA SER TE 257 34.10 -112.84 11.22
C SER TE 257 33.22 -113.88 11.90
N SER TE 258 32.42 -113.48 12.88
CA SER TE 258 31.58 -114.40 13.63
C SER TE 258 30.19 -114.58 13.02
N GLY TE 259 30.06 -114.33 11.71
CA GLY TE 259 28.89 -114.75 10.97
C GLY TE 259 27.67 -113.87 11.08
N GLN TE 260 27.73 -112.77 11.82
CA GLN TE 260 26.56 -111.90 11.96
C GLN TE 260 26.39 -111.03 10.72
N VAL TE 261 25.14 -110.96 10.25
CA VAL TE 261 24.79 -110.16 9.08
C VAL TE 261 24.02 -108.95 9.57
N ILE TE 262 24.62 -107.77 9.41
CA ILE TE 262 23.98 -106.54 9.85
C ILE TE 262 22.99 -106.09 8.78
N LYS TE 263 21.85 -105.58 9.23
CA LYS TE 263 20.76 -105.19 8.35
C LYS TE 263 19.98 -104.08 9.04
N PHE TE 264 18.86 -103.71 8.44
CA PHE TE 264 17.94 -102.73 9.02
C PHE TE 264 16.96 -103.45 9.94
N SER TE 265 15.90 -102.75 10.35
CA SER TE 265 14.83 -103.35 11.12
C SER TE 265 13.96 -104.22 10.21
N GLN TE 266 13.07 -105.00 10.84
CA GLN TE 266 12.20 -105.90 10.08
C GLN TE 266 11.13 -105.12 9.34
N GLU TE 267 10.48 -104.18 10.02
CA GLU TE 267 9.48 -103.31 9.39
C GLU TE 267 10.05 -101.95 9.04
N ASP TE 268 10.81 -101.34 9.96
CA ASP TE 268 11.42 -100.03 9.72
C ASP TE 268 12.61 -100.22 8.79
N SER TE 269 12.30 -100.34 7.50
CA SER TE 269 13.29 -100.65 6.48
C SER TE 269 12.81 -100.21 5.11
N ALA UE 104 -26.56 -102.27 -61.27
CA ALA UE 104 -27.05 -100.91 -61.48
C ALA UE 104 -27.61 -100.33 -60.20
N GLU UE 105 -27.75 -101.16 -59.19
CA GLU UE 105 -28.34 -100.74 -57.92
C GLU UE 105 -27.48 -101.09 -56.72
N VAL UE 106 -26.80 -102.24 -56.74
CA VAL UE 106 -25.96 -102.66 -55.62
C VAL UE 106 -24.65 -101.89 -55.54
N ILE UE 107 -24.35 -101.09 -56.57
CA ILE UE 107 -23.18 -100.21 -56.58
C ILE UE 107 -23.24 -99.24 -55.41
N ASP UE 108 -24.43 -98.72 -55.10
CA ASP UE 108 -24.61 -97.83 -53.97
C ASP UE 108 -24.33 -98.54 -52.65
N LYS UE 109 -24.76 -99.79 -52.52
CA LYS UE 109 -24.56 -100.53 -51.28
C LYS UE 109 -23.08 -100.85 -51.05
N LYS UE 110 -22.39 -101.33 -52.09
CA LYS UE 110 -20.98 -101.61 -51.93
C LYS UE 110 -20.17 -100.33 -51.77
N ALA UE 111 -20.61 -99.23 -52.39
CA ALA UE 111 -19.98 -97.95 -52.18
C ALA UE 111 -20.15 -97.48 -50.75
N PHE UE 112 -21.32 -97.68 -50.16
CA PHE UE 112 -21.53 -97.26 -48.78
C PHE UE 112 -20.73 -98.11 -47.79
N LYS UE 113 -20.56 -99.42 -48.08
CA LYS UE 113 -19.78 -100.22 -47.15
C LYS UE 113 -18.29 -99.91 -47.26
N ASP UE 114 -17.78 -99.64 -48.47
CA ASP UE 114 -16.38 -99.20 -48.52
C ASP UE 114 -16.22 -97.76 -48.02
N MET UE 115 -17.30 -96.97 -48.07
CA MET UE 115 -17.30 -95.65 -47.47
C MET UE 115 -17.14 -95.73 -45.97
N THR UE 116 -17.87 -96.65 -45.34
CA THR UE 116 -17.73 -96.88 -43.91
C THR UE 116 -16.33 -97.37 -43.58
N ARG UE 117 -15.81 -98.29 -44.38
CA ARG UE 117 -14.47 -98.83 -44.18
C ARG UE 117 -13.40 -97.75 -44.29
N ASN UE 118 -13.51 -96.88 -45.28
CA ASN UE 118 -12.49 -95.84 -45.46
C ASN UE 118 -12.66 -94.70 -44.47
N LEU UE 119 -13.89 -94.40 -44.07
CA LEU UE 119 -14.12 -93.35 -43.08
C LEU UE 119 -13.58 -93.75 -41.73
N TYR UE 120 -13.94 -94.95 -41.26
CA TYR UE 120 -13.49 -95.44 -39.96
C TYR UE 120 -12.77 -96.76 -40.18
N PRO UE 121 -11.45 -96.74 -40.41
CA PRO UE 121 -10.68 -97.99 -40.37
C PRO UE 121 -10.64 -98.63 -38.99
N LEU UE 122 -10.87 -97.86 -37.93
CA LEU UE 122 -10.77 -98.35 -36.57
C LEU UE 122 -12.06 -99.05 -36.17
N ASN UE 123 -11.94 -100.33 -35.81
CA ASN UE 123 -13.04 -100.98 -35.11
C ASN UE 123 -13.13 -100.42 -33.69
N PRO UE 124 -14.33 -100.37 -33.11
CA PRO UE 124 -14.46 -99.93 -31.71
C PRO UE 124 -13.71 -100.81 -30.73
N GLU UE 125 -13.72 -102.12 -30.95
CA GLU UE 125 -12.95 -103.04 -30.11
C GLU UE 125 -11.46 -102.87 -30.34
N GLN UE 126 -11.05 -102.52 -31.56
CA GLN UE 126 -9.65 -102.21 -31.82
C GLN UE 126 -9.23 -100.94 -31.08
N VAL UE 127 -10.14 -99.96 -31.02
CA VAL UE 127 -9.91 -98.73 -30.28
C VAL UE 127 -9.73 -99.03 -28.80
N VAL UE 128 -10.60 -99.89 -28.26
CA VAL UE 128 -10.51 -100.28 -26.85
C VAL UE 128 -9.20 -101.04 -26.58
N LYS UE 129 -8.82 -101.92 -27.50
CA LYS UE 129 -7.59 -102.69 -27.33
C LYS UE 129 -6.34 -101.82 -27.38
N LEU UE 130 -6.30 -100.84 -28.30
CA LEU UE 130 -5.15 -99.96 -28.37
C LEU UE 130 -5.10 -99.02 -27.18
N LYS UE 131 -6.26 -98.58 -26.68
CA LYS UE 131 -6.29 -97.79 -25.45
C LYS UE 131 -5.80 -98.61 -24.26
N GLN UE 132 -6.18 -99.88 -24.22
CA GLN UE 132 -5.75 -100.78 -23.15
C GLN UE 132 -4.25 -100.99 -23.18
N ILE UE 133 -3.68 -101.23 -24.37
CA ILE UE 133 -2.25 -101.43 -24.45
C ILE UE 133 -1.49 -100.13 -24.25
N TYR UE 134 -2.12 -98.98 -24.53
CA TYR UE 134 -1.50 -97.70 -24.21
C TYR UE 134 -1.41 -97.50 -22.71
N GLU UE 135 -2.48 -97.80 -21.98
CA GLU UE 135 -2.45 -97.67 -20.53
C GLU UE 135 -1.49 -98.69 -19.91
N THR UE 136 -1.42 -99.90 -20.49
CA THR UE 136 -0.50 -100.90 -20.01
C THR UE 136 0.95 -100.48 -20.20
N SER UE 137 1.27 -99.90 -21.36
CA SER UE 137 2.61 -99.39 -21.61
C SER UE 137 2.93 -98.19 -20.72
N GLU UE 138 1.92 -97.36 -20.43
CA GLU UE 138 2.10 -96.24 -19.51
C GLU UE 138 2.43 -96.74 -18.11
N TYR UE 139 1.74 -97.78 -17.66
CA TYR UE 139 2.01 -98.33 -16.33
C TYR UE 139 3.37 -99.01 -16.29
N ALA UE 140 3.74 -99.68 -17.37
CA ALA UE 140 5.05 -100.31 -17.45
C ALA UE 140 6.17 -99.30 -17.47
N LYS UE 141 5.97 -98.18 -18.18
CA LYS UE 141 6.96 -97.11 -18.17
C LYS UE 141 7.07 -96.46 -16.80
N ALA UE 142 5.94 -96.25 -16.13
CA ALA UE 142 5.97 -95.67 -14.80
C ALA UE 142 6.42 -96.66 -13.74
N ALA UE 143 6.53 -97.94 -14.06
CA ALA UE 143 7.12 -98.91 -13.14
C ALA UE 143 8.61 -98.64 -12.98
N THR UE 144 9.07 -98.61 -11.73
CA THR UE 144 10.46 -98.34 -11.41
C THR UE 144 11.12 -99.57 -10.80
N PRO UE 145 12.32 -99.93 -11.25
CA PRO UE 145 13.01 -101.08 -10.65
C PRO UE 145 13.49 -100.79 -9.24
N GLY UE 146 13.67 -101.87 -8.49
CA GLY UE 146 14.10 -101.77 -7.11
C GLY UE 146 12.93 -101.71 -6.13
N THR UE 147 13.23 -102.07 -4.89
CA THR UE 147 12.21 -102.02 -3.85
C THR UE 147 12.00 -100.59 -3.39
N PRO UE 148 10.77 -100.10 -3.37
CA PRO UE 148 10.53 -98.74 -2.91
C PRO UE 148 10.75 -98.63 -1.41
N PRO UE 149 11.16 -97.45 -0.93
CA PRO UE 149 11.50 -97.30 0.49
C PRO UE 149 10.27 -97.28 1.38
N LYS UE 150 10.52 -97.40 2.68
CA LYS UE 150 9.48 -97.40 3.69
C LYS UE 150 9.17 -95.97 4.10
N PRO UE 151 7.94 -95.47 3.87
CA PRO UE 151 7.60 -94.11 4.29
C PRO UE 151 7.41 -94.05 5.81
N THR UE 152 8.27 -93.29 6.47
CA THR UE 152 8.23 -93.17 7.92
C THR UE 152 8.92 -91.88 8.33
N ALA UE 153 9.22 -91.76 9.62
CA ALA UE 153 9.85 -90.59 10.19
C ALA UE 153 10.66 -91.04 11.40
N THR UE 154 11.59 -90.19 11.83
CA THR UE 154 12.48 -90.51 12.93
C THR UE 154 12.74 -89.29 13.80
N SER UE 155 13.15 -89.55 15.03
CA SER UE 155 13.62 -88.52 15.95
C SER UE 155 15.00 -88.91 16.44
N GLN UE 156 15.84 -87.90 16.70
CA GLN UE 156 17.22 -88.14 17.07
C GLN UE 156 17.75 -86.96 17.87
N PHE UE 157 18.70 -87.25 18.74
CA PHE UE 157 19.36 -86.24 19.55
C PHE UE 157 20.82 -86.11 19.12
N VAL UE 158 21.24 -84.88 18.86
CA VAL UE 158 22.59 -84.56 18.41
C VAL UE 158 23.27 -83.75 19.50
N ASN UE 159 24.49 -84.16 19.86
CA ASN UE 159 25.31 -83.44 20.81
C ASN UE 159 26.45 -82.76 20.07
N LEU UE 160 26.92 -81.64 20.63
CA LEU UE 160 28.02 -80.86 20.03
C LEU UE 160 29.36 -81.18 20.69
N SER UE 161 29.57 -82.43 21.08
CA SER UE 161 30.81 -82.82 21.74
C SER UE 161 31.97 -82.79 20.75
N PRO UE 162 33.19 -82.49 21.23
CA PRO UE 162 34.35 -82.45 20.33
C PRO UE 162 34.97 -83.81 20.07
N GLY UE 163 34.26 -84.88 20.39
CA GLY UE 163 34.66 -86.22 20.00
C GLY UE 163 33.51 -86.95 19.33
N SER UE 164 32.31 -86.36 19.41
CA SER UE 164 31.12 -86.99 18.86
C SER UE 164 31.14 -86.94 17.34
N THR UE 165 30.70 -88.02 16.73
CA THR UE 165 30.63 -88.10 15.28
C THR UE 165 29.45 -87.28 14.76
N PRO UE 166 29.62 -86.62 13.62
CA PRO UE 166 28.50 -85.91 12.99
C PRO UE 166 27.48 -86.91 12.44
N PRO UE 167 26.20 -86.58 12.49
CA PRO UE 167 25.17 -87.51 12.02
C PRO UE 167 24.92 -87.39 10.52
N VAL UE 168 24.16 -88.36 10.02
CA VAL UE 168 23.76 -88.44 8.63
C VAL UE 168 22.26 -88.19 8.53
N ILE UE 169 21.86 -87.61 7.40
CA ILE UE 169 20.46 -87.32 7.09
C ILE UE 169 20.14 -88.00 5.77
N ARG UE 170 19.15 -88.88 5.79
CA ARG UE 170 18.79 -89.66 4.60
C ARG UE 170 17.70 -88.93 3.84
N LEU UE 171 17.91 -88.76 2.53
CA LEU UE 171 16.95 -88.10 1.66
C LEU UE 171 16.60 -89.03 0.50
N SER UE 172 15.48 -88.72 -0.15
CA SER UE 172 15.02 -89.45 -1.33
C SER UE 172 14.85 -88.48 -2.48
N GLN UE 173 15.36 -88.86 -3.65
CA GLN UE 173 15.28 -88.01 -4.82
C GLN UE 173 13.85 -87.93 -5.31
N GLY UE 174 13.38 -86.71 -5.56
CA GLY UE 174 12.01 -86.51 -5.97
C GLY UE 174 11.00 -86.52 -4.84
N PHE UE 175 11.45 -86.64 -3.60
CA PHE UE 175 10.54 -86.60 -2.46
C PHE UE 175 11.09 -85.67 -1.39
N VAL UE 176 10.17 -85.02 -0.67
CA VAL UE 176 10.48 -83.93 0.24
C VAL UE 176 10.94 -84.48 1.59
N SER UE 177 11.46 -83.60 2.43
CA SER UE 177 11.74 -83.92 3.82
C SER UE 177 11.68 -82.63 4.63
N SER UE 178 11.30 -82.76 5.90
CA SER UE 178 11.16 -81.63 6.81
C SER UE 178 12.04 -81.82 8.02
N LEU UE 179 12.71 -80.75 8.44
CA LEU UE 179 13.62 -80.75 9.57
C LEU UE 179 13.12 -79.77 10.62
N VAL UE 180 13.00 -80.23 11.86
CA VAL UE 180 12.47 -79.44 12.97
C VAL UE 180 13.49 -79.45 14.10
N PHE UE 181 13.86 -78.26 14.57
CA PHE UE 181 14.91 -78.10 15.57
C PHE UE 181 14.31 -77.78 16.94
N LEU UE 182 14.65 -78.57 17.95
CA LEU UE 182 14.26 -78.31 19.32
C LEU UE 182 15.46 -78.52 20.22
N ASP UE 183 15.44 -77.90 21.40
CA ASP UE 183 16.55 -78.01 22.33
C ASP UE 183 16.40 -79.27 23.19
N SER UE 184 17.20 -79.36 24.25
CA SER UE 184 17.17 -80.51 25.15
C SER UE 184 15.84 -80.59 25.89
N THR UE 185 15.28 -79.45 26.30
CA THR UE 185 13.94 -79.48 26.86
C THR UE 185 12.90 -79.74 25.78
N GLY UE 186 13.16 -79.29 24.55
CA GLY UE 186 12.19 -79.41 23.47
C GLY UE 186 11.59 -78.10 23.04
N ALA UE 187 12.01 -76.98 23.63
CA ALA UE 187 11.60 -75.68 23.14
C ALA UE 187 12.21 -75.45 21.76
N PRO UE 188 11.52 -74.73 20.88
CA PRO UE 188 12.04 -74.52 19.52
C PRO UE 188 13.30 -73.68 19.52
N TRP UE 189 14.17 -73.98 18.55
CA TRP UE 189 15.42 -73.25 18.37
C TRP UE 189 15.42 -72.64 16.97
N PRO UE 190 15.11 -71.35 16.84
CA PRO UE 190 15.02 -70.74 15.51
C PRO UE 190 16.36 -70.64 14.82
N ILE UE 191 16.32 -70.70 13.50
CA ILE UE 191 17.52 -70.78 12.67
C ILE UE 191 17.97 -69.38 12.31
N ALA UE 192 19.23 -69.07 12.60
CA ALA UE 192 19.76 -67.78 12.21
C ALA UE 192 20.16 -67.78 10.73
N ALA UE 193 21.05 -68.70 10.35
CA ALA UE 193 21.54 -68.76 8.98
C ALA UE 193 21.98 -70.18 8.68
N TYR UE 194 22.54 -70.36 7.49
CA TYR UE 194 23.01 -71.69 7.05
C TYR UE 194 24.02 -71.51 5.94
N ASP UE 195 24.82 -72.55 5.74
CA ASP UE 195 25.67 -72.68 4.57
C ASP UE 195 25.52 -74.11 4.03
N LEU UE 196 25.13 -74.21 2.76
CA LEU UE 196 24.87 -75.47 2.11
C LEU UE 196 25.83 -75.67 0.95
N GLY UE 197 26.56 -76.77 0.98
CA GLY UE 197 27.35 -77.15 -0.16
C GLY UE 197 26.54 -77.95 -1.16
N ASP UE 198 27.01 -77.92 -2.41
CA ASP UE 198 26.41 -78.58 -3.57
C ASP UE 198 24.93 -78.26 -3.73
N PRO UE 199 24.57 -77.07 -4.22
CA PRO UE 199 23.15 -76.73 -4.38
C PRO UE 199 22.41 -77.59 -5.40
N SER UE 200 23.10 -78.26 -6.33
CA SER UE 200 22.42 -79.17 -7.23
C SER UE 200 21.93 -80.42 -6.53
N SER UE 201 22.48 -80.76 -5.37
CA SER UE 201 21.99 -81.91 -4.62
C SER UE 201 20.63 -81.61 -3.99
N PHE UE 202 20.49 -80.44 -3.36
CA PHE UE 202 19.28 -80.13 -2.62
C PHE UE 202 18.83 -78.71 -2.92
N ASN UE 203 17.54 -78.55 -3.18
CA ASN UE 203 16.91 -77.25 -3.08
C ASN UE 203 16.32 -77.12 -1.69
N ILE UE 204 16.64 -76.01 -1.02
CA ILE UE 204 16.23 -75.79 0.35
C ILE UE 204 15.20 -74.66 0.38
N GLN UE 205 14.04 -74.95 0.95
CA GLN UE 205 13.08 -73.92 1.28
C GLN UE 205 13.19 -73.65 2.77
N TRP UE 206 13.23 -72.36 3.13
CA TRP UE 206 13.39 -71.99 4.53
C TRP UE 206 12.76 -70.62 4.76
N ASP UE 207 11.63 -70.60 5.45
CA ASP UE 207 11.13 -69.36 6.01
C ASP UE 207 12.08 -68.87 7.09
N LYS UE 208 12.36 -67.57 7.09
CA LYS UE 208 13.50 -67.01 7.80
C LYS UE 208 13.34 -67.04 9.32
N THR UE 209 12.14 -67.28 9.84
CA THR UE 209 11.90 -67.24 11.27
C THR UE 209 11.37 -68.58 11.80
N SER UE 210 11.98 -69.70 11.40
CA SER UE 210 11.49 -71.01 11.80
C SER UE 210 12.66 -71.91 12.16
N ASN UE 211 12.34 -72.97 12.91
CA ASN UE 211 13.23 -74.08 13.14
C ASN UE 211 13.02 -75.20 12.13
N THR UE 212 12.44 -74.88 10.99
CA THR UE 212 11.92 -75.86 10.04
C THR UE 212 12.59 -75.66 8.69
N LEU UE 213 13.03 -76.77 8.09
CA LEU UE 213 13.71 -76.78 6.80
C LEU UE 213 12.98 -77.74 5.86
N MET UE 214 12.73 -77.29 4.65
CA MET UE 214 12.12 -78.12 3.60
C MET UE 214 13.20 -78.44 2.58
N ILE UE 215 13.63 -79.71 2.55
CA ILE UE 215 14.75 -80.15 1.74
C ILE UE 215 14.28 -81.23 0.79
N GLN UE 216 14.58 -81.07 -0.50
CA GLN UE 216 14.27 -82.08 -1.50
C GLN UE 216 15.56 -82.54 -2.17
N ALA UE 217 15.77 -83.85 -2.20
CA ALA UE 217 16.92 -84.39 -2.91
C ALA UE 217 16.69 -84.34 -4.41
N THR UE 218 17.72 -83.97 -5.16
CA THR UE 218 17.61 -83.81 -6.59
C THR UE 218 18.51 -84.75 -7.39
N LYS UE 219 19.43 -85.43 -6.73
CA LYS UE 219 20.37 -86.32 -7.40
C LYS UE 219 20.16 -87.76 -6.92
N LEU UE 220 20.80 -88.68 -7.62
CA LEU UE 220 20.62 -90.10 -7.32
C LEU UE 220 21.51 -90.56 -6.18
N TYR UE 221 22.83 -90.48 -6.35
CA TYR UE 221 23.78 -91.00 -5.38
C TYR UE 221 24.87 -89.98 -5.07
N ASN UE 222 24.49 -88.72 -4.96
CA ASN UE 222 25.44 -87.64 -4.67
C ASN UE 222 25.19 -87.16 -3.25
N TYR UE 223 26.06 -87.59 -2.33
CA TYR UE 223 26.01 -87.22 -0.93
C TYR UE 223 26.58 -85.82 -0.73
N GLY UE 224 26.43 -85.29 0.48
CA GLY UE 224 26.91 -83.96 0.78
C GLY UE 224 26.91 -83.66 2.26
N ASN UE 225 26.91 -82.38 2.58
CA ASN UE 225 26.87 -81.93 3.97
C ASN UE 225 26.27 -80.53 4.03
N LEU UE 226 25.99 -80.08 5.26
CA LEU UE 226 25.30 -78.82 5.47
C LEU UE 226 25.58 -78.32 6.88
N ALA UE 227 25.70 -77.00 7.04
CA ALA UE 227 25.85 -76.40 8.36
C ALA UE 227 24.74 -75.37 8.58
N VAL UE 228 24.22 -75.33 9.80
CA VAL UE 228 23.11 -74.47 10.17
C VAL UE 228 23.46 -73.76 11.47
N ARG UE 229 23.46 -72.44 11.44
CA ARG UE 229 23.69 -71.64 12.64
C ARG UE 229 22.33 -71.23 13.20
N LEU UE 230 22.09 -71.58 14.46
CA LEU UE 230 20.83 -71.26 15.12
C LEU UE 230 20.89 -69.86 15.71
N ARG UE 231 19.73 -69.40 16.21
CA ARG UE 231 19.63 -68.06 16.78
C ARG UE 231 20.44 -67.96 18.07
N GLY UE 232 20.26 -68.92 18.98
CA GLY UE 232 20.94 -68.88 20.25
C GLY UE 232 22.20 -69.69 20.37
N LEU UE 233 22.59 -70.42 19.32
CA LEU UE 233 23.74 -71.30 19.37
C LEU UE 233 24.92 -70.63 18.67
N ASN UE 234 26.02 -70.47 19.42
CA ASN UE 234 27.27 -70.06 18.79
C ASN UE 234 27.82 -71.16 17.90
N THR UE 235 27.79 -72.39 18.39
CA THR UE 235 28.25 -73.53 17.61
C THR UE 235 27.22 -73.86 16.53
N PRO UE 236 27.63 -73.93 15.26
CA PRO UE 236 26.69 -74.37 14.22
C PRO UE 236 26.47 -75.87 14.24
N VAL UE 237 25.20 -76.25 14.10
CA VAL UE 237 24.83 -77.65 13.97
C VAL UE 237 25.06 -78.06 12.53
N MET UE 238 25.96 -79.00 12.30
CA MET UE 238 26.36 -79.38 10.95
C MET UE 238 26.31 -80.89 10.81
N LEU UE 239 25.70 -81.35 9.71
CA LEU UE 239 25.47 -82.77 9.48
C LEU UE 239 25.84 -83.10 8.04
N THR UE 240 25.83 -84.39 7.73
CA THR UE 240 26.01 -84.83 6.35
C THR UE 240 24.69 -85.39 5.83
N LEU UE 241 24.60 -85.52 4.51
CA LEU UE 241 23.38 -85.95 3.85
C LEU UE 241 23.68 -87.02 2.83
N ILE UE 242 22.77 -87.98 2.72
CA ILE UE 242 22.94 -89.14 1.85
C ILE UE 242 21.63 -89.43 1.13
N PRO UE 243 21.63 -89.56 -0.19
CA PRO UE 243 20.44 -90.01 -0.92
C PRO UE 243 20.39 -91.52 -1.08
N GLY UE 244 19.18 -92.01 -1.33
CA GLY UE 244 18.98 -93.39 -1.73
C GLY UE 244 19.19 -94.46 -0.67
N GLN UE 245 18.32 -94.54 0.32
CA GLN UE 245 18.32 -95.62 1.30
C GLN UE 245 17.05 -96.45 1.15
N LYS UE 246 17.00 -97.57 1.87
CA LYS UE 246 15.90 -98.52 1.73
C LYS UE 246 14.66 -98.12 2.52
N ALA UE 247 14.73 -97.06 3.30
CA ALA UE 247 13.56 -96.43 3.91
C ALA UE 247 13.63 -94.94 3.62
N VAL UE 248 12.55 -94.23 3.91
CA VAL UE 248 12.57 -92.77 3.81
C VAL UE 248 12.02 -92.19 5.11
N ASP UE 249 12.85 -91.39 5.79
CA ASP UE 249 12.45 -90.70 7.01
C ASP UE 249 12.13 -89.27 6.62
N TYR UE 250 10.84 -88.96 6.53
CA TYR UE 250 10.42 -87.61 6.15
C TYR UE 250 10.74 -86.62 7.26
N ARG UE 251 10.03 -86.73 8.37
CA ARG UE 251 10.26 -85.84 9.51
C ARG UE 251 11.43 -86.38 10.29
N VAL UE 252 12.43 -85.54 10.52
CA VAL UE 252 13.59 -85.88 11.33
C VAL UE 252 13.63 -84.88 12.47
N ASP UE 253 13.07 -85.26 13.61
CA ASP UE 253 13.06 -84.39 14.77
C ASP UE 253 14.45 -84.35 15.39
N LEU UE 254 14.92 -83.15 15.71
CA LEU UE 254 16.28 -82.94 16.18
C LEU UE 254 16.29 -82.35 17.58
N ARG UE 255 17.01 -83.00 18.48
CA ARG UE 255 17.21 -82.51 19.84
C ARG UE 255 18.63 -81.98 19.96
N VAL UE 256 18.77 -80.79 20.54
CA VAL UE 256 20.06 -80.14 20.74
C VAL UE 256 20.34 -80.13 22.23
N GLN UE 257 21.56 -80.50 22.62
CA GLN UE 257 21.92 -80.63 24.03
C GLN UE 257 21.92 -79.30 24.77
N GLY UE 258 22.05 -78.19 24.06
CA GLY UE 258 21.92 -76.88 24.66
C GLY UE 258 20.46 -76.50 24.86
N TYR UE 259 20.27 -75.22 25.17
CA TYR UE 259 18.93 -74.69 25.41
C TYR UE 259 18.68 -73.50 24.50
N GLY UE 260 17.54 -73.52 23.83
CA GLY UE 260 17.21 -72.48 22.89
C GLY UE 260 16.81 -71.19 23.56
N PRO UE 261 16.69 -70.11 22.77
CA PRO UE 261 16.11 -68.88 23.31
C PRO UE 261 14.68 -69.05 23.79
N ASN UE 262 13.92 -69.94 23.15
CA ASN UE 262 12.63 -70.32 23.69
C ASN UE 262 12.81 -71.13 24.96
N ALA UE 263 11.85 -70.98 25.88
CA ALA UE 263 11.92 -71.59 27.20
C ALA UE 263 10.85 -72.66 27.31
N LYS UE 264 11.25 -73.85 27.76
CA LYS UE 264 10.32 -74.91 28.07
C LYS UE 264 10.42 -75.39 29.52
N SER UE 265 11.63 -75.51 30.06
CA SER UE 265 11.92 -75.83 31.47
C SER UE 265 11.30 -77.16 31.88
N MET UE 266 11.79 -78.23 31.25
CA MET UE 266 11.31 -79.58 31.57
C MET UE 266 11.57 -80.05 33.00
N PRO UE 267 12.77 -79.87 33.64
CA PRO UE 267 12.87 -80.34 35.03
C PRO UE 267 12.12 -79.49 36.03
N THR UE 268 10.79 -79.63 36.05
CA THR UE 268 9.91 -78.94 37.00
C THR UE 268 9.08 -80.03 37.68
N GLU UE 269 9.62 -80.60 38.75
CA GLU UE 269 8.99 -81.72 39.44
C GLU UE 269 9.00 -81.49 40.94
N GLU UE 270 8.68 -82.53 41.71
CA GLU UE 270 8.70 -82.43 43.16
C GLU UE 270 10.14 -82.47 43.66
N GLY UE 271 10.29 -82.26 44.97
CA GLY UE 271 11.59 -82.33 45.59
C GLY UE 271 11.42 -82.57 47.07
N ILE UE 272 12.56 -82.70 47.74
CA ILE UE 272 12.54 -82.89 49.20
C ILE UE 272 12.17 -81.56 49.85
N PRO UE 273 11.24 -81.55 50.81
CA PRO UE 273 11.00 -80.34 51.58
C PRO UE 273 12.22 -79.99 52.40
N PRO UE 274 12.47 -78.71 52.65
CA PRO UE 274 13.73 -78.29 53.28
C PRO UE 274 13.76 -78.65 54.76
N SER UE 275 14.93 -78.45 55.34
CA SER UE 275 15.14 -78.73 56.76
C SER UE 275 14.69 -77.51 57.57
N ALA UE 276 15.03 -77.50 58.86
CA ALA UE 276 14.67 -76.39 59.72
C ALA UE 276 15.52 -75.16 59.39
N ASN UE 277 15.05 -74.02 59.88
CA ASN UE 277 15.78 -72.76 59.69
C ASN UE 277 17.05 -72.76 60.54
N ASP UE 278 18.11 -72.18 59.99
CA ASP UE 278 19.40 -72.16 60.68
C ASP UE 278 19.39 -71.20 61.87
N LEU UE 279 18.50 -70.21 61.88
CA LEU UE 279 18.42 -69.30 63.01
C LEU UE 279 17.77 -69.94 64.22
N LEU UE 280 17.16 -71.12 64.05
CA LEU UE 280 16.55 -71.81 65.18
C LEU UE 280 17.60 -72.24 66.21
N LEU UE 281 18.82 -72.54 65.75
CA LEU UE 281 19.88 -72.86 66.69
C LEU UE 281 20.30 -71.64 67.50
N HIS UE 282 20.40 -70.48 66.84
CA HIS UE 282 20.74 -69.25 67.55
C HIS UE 282 19.66 -68.86 68.53
N VAL UE 283 18.40 -69.02 68.14
CA VAL UE 283 17.30 -68.69 69.06
C VAL UE 283 17.14 -69.77 70.11
N LEU UE 284 17.67 -70.98 69.88
CA LEU UE 284 17.73 -71.98 70.93
C LEU UE 284 18.77 -71.60 71.97
N GLU UE 285 19.91 -71.06 71.52
CA GLU UE 285 20.90 -70.55 72.45
C GLU UE 285 20.39 -69.34 73.21
N GLY UE 286 19.69 -68.45 72.52
CA GLY UE 286 19.18 -67.25 73.16
C GLY UE 286 19.45 -66.01 72.34
N VAL UE 287 20.43 -66.06 71.45
CA VAL UE 287 20.77 -64.89 70.63
C VAL UE 287 19.70 -64.75 69.54
N PRO UE 288 19.02 -63.61 69.46
CA PRO UE 288 17.98 -63.44 68.46
C PRO UE 288 18.59 -63.26 67.08
N PRO UE 289 17.84 -63.60 66.02
CA PRO UE 289 18.31 -63.31 64.67
C PRO UE 289 18.34 -61.81 64.43
N PRO UE 290 19.22 -61.34 63.54
CA PRO UE 290 19.30 -59.89 63.29
C PRO UE 290 18.07 -59.37 62.58
N GLY UE 291 17.80 -58.09 62.80
CA GLY UE 291 16.61 -57.44 62.26
C GLY UE 291 15.36 -57.70 63.05
N SER UE 292 15.45 -58.37 64.18
CA SER UE 292 14.28 -58.70 64.98
C SER UE 292 14.00 -57.58 65.98
N ARG UE 293 13.08 -57.81 66.91
CA ARG UE 293 12.82 -56.86 67.97
C ARG UE 293 12.32 -57.61 69.19
N ARG UE 294 12.44 -56.96 70.35
CA ARG UE 294 12.03 -57.59 71.60
C ARG UE 294 10.53 -57.69 71.71
N LEU UE 295 10.07 -58.77 72.32
CA LEU UE 295 8.66 -59.00 72.56
C LEU UE 295 8.45 -59.15 74.06
N VAL UE 296 7.50 -58.41 74.60
CA VAL UE 296 7.20 -58.49 76.03
C VAL UE 296 6.41 -59.77 76.28
N VAL UE 297 6.97 -60.63 77.13
CA VAL UE 297 6.32 -61.87 77.54
C VAL UE 297 6.07 -61.77 79.04
N SER UE 298 4.84 -62.03 79.46
CA SER UE 298 4.46 -61.89 80.85
C SER UE 298 3.54 -63.04 81.23
N GLY UE 299 3.99 -63.88 82.17
CA GLY UE 299 3.19 -64.98 82.67
C GLY UE 299 3.99 -66.22 82.98
N GLY UE 300 5.24 -66.27 82.53
CA GLY UE 300 6.04 -67.46 82.72
C GLY UE 300 7.47 -67.24 82.31
N ASP UE 301 8.17 -68.34 82.06
CA ASP UE 301 9.60 -68.32 81.74
C ASP UE 301 9.78 -68.69 80.27
N ALA UE 302 9.85 -67.68 79.42
CA ALA UE 302 10.16 -67.85 78.01
C ALA UE 302 10.64 -66.52 77.46
N ARG UE 303 11.30 -66.58 76.31
CA ARG UE 303 11.65 -65.40 75.55
C ARG UE 303 11.15 -65.57 74.12
N ALA UE 304 11.00 -64.47 73.41
CA ALA UE 304 10.49 -64.53 72.05
C ALA UE 304 11.00 -63.35 71.25
N TRP UE 305 11.05 -63.53 69.93
CA TRP UE 305 11.46 -62.49 69.00
C TRP UE 305 10.64 -62.58 67.73
N LEU UE 306 10.61 -61.46 67.02
CA LEU UE 306 9.82 -61.32 65.80
C LEU UE 306 10.64 -60.58 64.76
N SER UE 307 10.86 -61.23 63.62
CA SER UE 307 11.65 -60.65 62.54
C SER UE 307 10.87 -60.48 61.25
N ASN UE 308 10.24 -61.54 60.75
CA ASN UE 308 9.56 -61.54 59.46
C ASN UE 308 8.13 -62.00 59.63
N GLU UE 309 7.44 -61.36 60.59
CA GLU UE 309 6.16 -61.74 61.21
C GLU UE 309 6.07 -63.24 61.45
N LYS UE 310 7.16 -63.82 61.95
CA LYS UE 310 7.23 -65.22 62.34
C LYS UE 310 7.81 -65.24 63.75
N MET UE 311 6.99 -65.60 64.72
CA MET UE 311 7.44 -65.60 66.11
C MET UE 311 8.37 -66.77 66.34
N TYR UE 312 9.50 -66.49 66.98
CA TYR UE 312 10.41 -67.53 67.44
C TYR UE 312 10.52 -67.42 68.95
N VAL UE 313 10.14 -68.49 69.65
CA VAL UE 313 10.02 -68.48 71.10
C VAL UE 313 10.92 -69.56 71.68
N ARG UE 314 11.76 -69.17 72.63
CA ARG UE 314 12.64 -70.09 73.34
C ARG UE 314 12.06 -70.31 74.73
N THR UE 315 11.93 -71.58 75.12
CA THR UE 315 11.46 -71.94 76.45
C THR UE 315 11.95 -73.35 76.74
N ASN UE 316 11.38 -73.97 77.77
CA ASN UE 316 11.60 -75.38 78.05
C ASN UE 316 10.29 -76.12 78.22
N LEU UE 317 9.16 -75.45 78.07
CA LEU UE 317 7.86 -76.02 78.36
C LEU UE 317 7.26 -76.63 77.09
N THR UE 318 5.97 -76.96 77.14
CA THR UE 318 5.29 -77.61 76.01
C THR UE 318 4.22 -76.68 75.47
N ILE UE 319 4.32 -76.36 74.18
CA ILE UE 319 3.34 -75.49 73.52
C ILE UE 319 2.06 -76.29 73.28
N LEU UE 320 0.92 -75.68 73.59
CA LEU UE 320 -0.35 -76.40 73.48
C LEU UE 320 -1.28 -75.83 72.41
N SER UE 321 -1.70 -74.58 72.54
CA SER UE 321 -2.86 -74.13 71.76
C SER UE 321 -2.63 -73.84 70.27
N PRO UE 322 -1.84 -72.84 69.88
CA PRO UE 322 -2.13 -72.17 68.60
C PRO UE 322 -1.62 -72.87 67.36
N GLY UE 323 -0.88 -73.98 67.49
CA GLY UE 323 -0.26 -74.56 66.33
C GLY UE 323 1.05 -73.88 65.98
N TRP UE 324 2.03 -74.63 65.50
CA TRP UE 324 3.34 -74.07 65.24
C TRP UE 324 3.92 -74.67 63.97
N LEU UE 325 4.84 -73.93 63.36
CA LEU UE 325 5.41 -74.34 62.09
C LEU UE 325 6.56 -75.32 62.29
N ALA UE 326 7.47 -75.03 63.22
CA ALA UE 326 8.61 -75.90 63.41
C ALA UE 326 9.04 -75.85 64.88
N SER UE 327 9.77 -76.88 65.30
CA SER UE 327 10.22 -76.95 66.68
C SER UE 327 11.54 -77.70 66.75
N MET UE 328 12.39 -77.27 67.69
CA MET UE 328 13.71 -77.85 67.87
C MET UE 328 13.98 -78.09 69.35
N THR UE 329 14.81 -79.10 69.62
CA THR UE 329 15.15 -79.51 70.97
C THR UE 329 16.66 -79.39 71.18
N SER UE 330 17.05 -78.89 72.34
CA SER UE 330 18.46 -78.79 72.69
C SER UE 330 18.95 -80.13 73.24
N ALA UE 331 20.16 -80.12 73.80
CA ALA UE 331 20.64 -81.28 74.54
C ALA UE 331 19.99 -81.37 75.91
N ASP UE 332 19.55 -80.24 76.47
CA ASP UE 332 18.95 -80.19 77.79
C ASP UE 332 17.43 -80.09 77.75
N GLY UE 333 16.82 -80.32 76.59
CA GLY UE 333 15.39 -80.21 76.51
C GLY UE 333 14.87 -78.80 76.37
N THR UE 334 15.73 -77.85 76.01
CA THR UE 334 15.26 -76.51 75.72
C THR UE 334 14.57 -76.53 74.36
N HIS UE 335 13.33 -76.07 74.33
CA HIS UE 335 12.49 -76.14 73.14
C HIS UE 335 12.39 -74.77 72.49
N ALA UE 336 12.66 -74.71 71.20
CA ALA UE 336 12.53 -73.50 70.40
C ALA UE 336 11.46 -73.72 69.35
N TYR UE 337 10.48 -72.83 69.30
CA TYR UE 337 9.35 -72.97 68.41
C TYR UE 337 9.28 -71.80 67.44
N GLU UE 338 9.07 -72.12 66.17
CA GLU UE 338 8.76 -71.13 65.15
C GLU UE 338 7.29 -71.29 64.77
N MET UE 339 6.54 -70.20 64.93
CA MET UE 339 5.12 -70.20 64.62
C MET UE 339 4.76 -68.83 64.05
N GLN UE 340 3.46 -68.62 63.81
CA GLN UE 340 2.98 -67.34 63.31
C GLN UE 340 2.79 -66.37 64.46
N LYS UE 341 2.31 -65.18 64.13
CA LYS UE 341 2.05 -64.17 65.14
C LYS UE 341 0.74 -64.46 65.86
N SER UE 342 0.80 -64.54 67.18
CA SER UE 342 -0.37 -64.82 68.00
C SER UE 342 -0.12 -64.25 69.39
N PRO UE 343 -1.11 -63.59 69.98
CA PRO UE 343 -0.89 -62.94 71.28
C PRO UE 343 -1.03 -63.88 72.46
N VAL UE 344 -1.63 -65.04 72.23
CA VAL UE 344 -2.00 -65.95 73.30
C VAL UE 344 -1.19 -67.23 73.14
N LEU UE 345 -0.68 -67.73 74.26
CA LEU UE 345 0.03 -68.99 74.30
C LEU UE 345 -0.57 -69.87 75.37
N LEU UE 346 -0.38 -71.18 75.23
CA LEU UE 346 -0.86 -72.14 76.22
C LEU UE 346 0.20 -73.17 76.49
N VAL UE 347 0.40 -73.49 77.76
CA VAL UE 347 1.40 -74.46 78.16
C VAL UE 347 0.80 -75.42 79.17
N SER UE 348 1.35 -76.62 79.22
CA SER UE 348 1.09 -77.58 80.29
C SER UE 348 2.32 -77.56 81.17
N TRP UE 349 2.24 -76.87 82.30
CA TRP UE 349 3.44 -76.61 83.09
C TRP UE 349 3.86 -77.84 83.88
N HIS UE 350 3.00 -78.30 84.78
CA HIS UE 350 3.25 -79.49 85.58
C HIS UE 350 2.02 -80.38 85.58
N GLY UE 351 1.50 -80.63 84.39
CA GLY UE 351 0.21 -81.28 84.27
C GLY UE 351 -0.96 -80.35 84.43
N LYS UE 352 -0.72 -79.05 84.53
CA LYS UE 352 -1.76 -78.05 84.67
C LYS UE 352 -1.67 -77.07 83.53
N VAL UE 353 -2.83 -76.62 83.06
CA VAL UE 353 -2.91 -75.73 81.90
C VAL UE 353 -2.66 -74.30 82.35
N MET UE 354 -1.96 -73.54 81.52
CA MET UE 354 -1.62 -72.16 81.83
C MET UE 354 -1.63 -71.32 80.57
N GLN UE 355 -2.34 -70.21 80.62
CA GLN UE 355 -2.36 -69.26 79.52
C GLN UE 355 -1.18 -68.31 79.62
N LEU UE 356 -0.91 -67.61 78.52
CA LEU UE 356 0.22 -66.70 78.45
C LEU UE 356 -0.12 -65.55 77.52
N LYS UE 357 0.16 -64.33 77.96
CA LYS UE 357 -0.09 -63.12 77.20
C LYS UE 357 1.22 -62.58 76.66
N VAL UE 358 1.25 -62.26 75.37
CA VAL UE 358 2.36 -61.57 74.75
C VAL UE 358 1.82 -60.29 74.14
N GLU UE 359 2.38 -59.15 74.55
CA GLU UE 359 1.98 -57.87 74.00
C GLU UE 359 3.02 -57.40 72.99
N GLY UE 360 2.78 -56.23 72.42
CA GLY UE 360 3.72 -55.62 71.49
C GLY UE 360 3.83 -56.33 70.16
N LEU UE 361 2.84 -57.13 69.79
CA LEU UE 361 2.92 -57.89 68.55
C LEU UE 361 2.62 -57.01 67.34
N VAL VE 38 42.29 -33.85 84.72
CA VAL VE 38 43.03 -33.80 85.98
C VAL VE 38 42.18 -34.21 87.23
N PRO VE 39 40.91 -33.78 87.39
CA PRO VE 39 40.11 -34.39 88.46
C PRO VE 39 39.73 -35.83 88.17
N LYS VE 40 39.63 -36.22 86.91
CA LYS VE 40 39.34 -37.61 86.58
C LYS VE 40 40.54 -38.51 86.84
N LEU VE 41 41.74 -37.95 86.77
CA LEU VE 41 42.95 -38.72 86.98
C LEU VE 41 43.34 -38.70 88.45
N PRO VE 42 43.56 -39.86 89.08
CA PRO VE 42 43.93 -39.89 90.50
C PRO VE 42 45.33 -39.35 90.71
N CYS VE 43 45.46 -38.33 91.55
CA CYS VE 43 46.76 -37.69 91.76
C CYS VE 43 47.69 -38.54 92.62
N ARG VE 44 47.15 -39.47 93.40
CA ARG VE 44 47.95 -40.36 94.22
C ARG VE 44 47.29 -41.74 94.23
N VAL VE 45 47.96 -42.69 94.87
CA VAL VE 45 47.35 -44.00 95.04
C VAL VE 45 46.31 -43.94 96.16
N ASP VE 46 45.39 -44.90 96.14
CA ASP VE 46 44.23 -44.86 97.02
C ASP VE 46 44.61 -45.19 98.47
N GLY VE 47 44.03 -44.44 99.39
CA GLY VE 47 44.23 -44.64 100.82
C GLY VE 47 45.66 -44.39 101.26
N ALA VE 48 46.24 -43.29 100.82
CA ALA VE 48 47.66 -43.03 101.01
C ALA VE 48 47.89 -41.73 101.77
N CYS VE 49 48.75 -41.78 102.77
CA CYS VE 49 49.21 -40.58 103.47
C CYS VE 49 50.54 -40.91 104.11
N ASP VE 50 51.60 -40.23 103.65
CA ASP VE 50 52.94 -40.48 104.14
C ASP VE 50 53.10 -40.10 105.61
N ALA VE 51 52.32 -39.13 106.09
CA ALA VE 51 52.31 -38.82 107.51
C ALA VE 51 51.79 -39.99 108.32
N THR VE 52 50.74 -40.65 107.84
CA THR VE 52 50.26 -41.86 108.49
C THR VE 52 51.28 -42.98 108.40
N ILE VE 53 52.00 -43.05 107.27
CA ILE VE 53 53.05 -44.06 107.11
C ILE VE 53 54.14 -43.89 108.15
N ILE VE 54 54.64 -42.66 108.30
CA ILE VE 54 55.76 -42.43 109.21
C ILE VE 54 55.30 -42.54 110.66
N LYS VE 55 54.07 -42.13 110.98
CA LYS VE 55 53.63 -42.26 112.35
C LYS VE 55 53.35 -43.71 112.72
N MET VE 56 52.89 -44.53 111.77
CA MET VE 56 52.66 -45.92 112.11
C MET VE 56 53.97 -46.70 112.19
N MET VE 57 54.97 -46.37 111.38
CA MET VE 57 56.24 -47.06 111.54
C MET VE 57 56.97 -46.58 112.79
N THR VE 58 56.76 -45.32 113.19
CA THR VE 58 57.29 -44.84 114.46
C THR VE 58 56.61 -45.54 115.63
N ASP VE 59 55.31 -45.80 115.51
CA ASP VE 59 54.62 -46.58 116.54
C ASP VE 59 55.10 -48.02 116.57
N LEU VE 60 55.45 -48.59 115.42
CA LEU VE 60 56.02 -49.94 115.40
C LEU VE 60 57.37 -49.99 116.09
N ASN VE 61 58.23 -48.99 115.83
CA ASN VE 61 59.49 -48.94 116.54
C ASN VE 61 59.32 -48.57 118.02
N LYS VE 62 58.23 -47.87 118.36
CA LYS VE 62 57.87 -47.69 119.76
C LYS VE 62 57.53 -49.02 120.41
N LYS VE 63 56.79 -49.87 119.69
CA LYS VE 63 56.50 -51.22 120.16
C LYS VE 63 57.73 -52.10 120.19
N GLY VE 64 58.75 -51.76 119.41
CA GLY VE 64 60.01 -52.46 119.43
C GLY VE 64 60.23 -53.43 118.31
N ILE VE 65 59.21 -53.71 117.50
CA ILE VE 65 59.38 -54.60 116.36
C ILE VE 65 60.18 -53.88 115.28
N LYS VE 66 61.09 -54.61 114.66
CA LYS VE 66 62.12 -53.98 113.83
C LYS VE 66 61.55 -53.61 112.47
N VAL VE 67 61.65 -52.33 112.13
CA VAL VE 67 61.28 -51.82 110.82
C VAL VE 67 62.51 -51.16 110.21
N ALA VE 68 62.91 -51.61 109.03
CA ALA VE 68 64.12 -51.13 108.39
C ALA VE 68 63.81 -50.81 106.94
N SER VE 69 64.29 -49.65 106.47
CA SER VE 69 64.04 -49.18 105.12
C SER VE 69 65.33 -48.60 104.56
N VAL VE 70 65.91 -49.27 103.58
CA VAL VE 70 67.10 -48.77 102.91
C VAL VE 70 67.08 -49.25 101.46
N GLY VE 71 67.16 -48.30 100.53
CA GLY VE 71 66.93 -48.64 99.14
C GLY VE 71 65.47 -48.98 98.92
N GLN VE 72 65.21 -49.80 97.91
CA GLN VE 72 63.84 -50.26 97.72
C GLN VE 72 63.48 -51.40 98.66
N ASN VE 73 64.47 -51.97 99.33
CA ASN VE 73 64.29 -53.16 100.14
C ASN VE 73 63.93 -52.76 101.56
N TYR VE 74 62.80 -53.24 102.04
CA TYR VE 74 62.32 -52.97 103.39
C TYR VE 74 62.21 -54.30 104.13
N LEU VE 75 62.69 -54.32 105.37
CA LEU VE 75 62.73 -55.54 106.18
C LEU VE 75 62.09 -55.29 107.53
N ILE VE 76 61.19 -56.17 107.93
CA ILE VE 76 60.49 -56.06 109.21
C ILE VE 76 60.62 -57.37 109.96
N SER VE 77 61.12 -57.29 111.19
CA SER VE 77 61.33 -58.47 112.02
C SER VE 77 60.48 -58.39 113.27
N ILE VE 78 59.87 -59.52 113.62
CA ILE VE 78 58.97 -59.63 114.77
C ILE VE 78 59.52 -60.73 115.67
N PRO VE 79 59.61 -60.52 116.98
CA PRO VE 79 59.93 -61.61 117.88
C PRO VE 79 58.81 -62.64 117.94
N ALA VE 80 59.19 -63.91 118.07
CA ALA VE 80 58.21 -64.98 118.07
C ALA VE 80 57.46 -65.10 119.39
N SER VE 81 58.02 -64.53 120.47
CA SER VE 81 57.41 -64.65 121.78
C SER VE 81 56.08 -63.92 121.85
N ALA VE 82 56.00 -62.76 121.21
CA ALA VE 82 54.74 -62.02 121.16
C ALA VE 82 53.73 -62.64 120.22
N LEU VE 83 54.14 -63.62 119.42
CA LEU VE 83 53.27 -64.19 118.39
C LEU VE 83 52.72 -65.56 118.77
N PHE VE 84 53.57 -66.47 119.21
CA PHE VE 84 53.17 -67.84 119.48
C PHE VE 84 53.34 -68.14 120.97
N ALA VE 85 53.01 -69.37 121.33
CA ALA VE 85 53.34 -69.89 122.64
C ALA VE 85 54.68 -70.62 122.55
N ASP VE 86 55.08 -71.31 123.62
CA ASP VE 86 56.40 -71.90 123.70
C ASP VE 86 56.48 -73.16 122.85
N GLN VE 87 57.35 -73.11 121.83
CA GLN VE 87 57.54 -74.18 120.84
C GLN VE 87 56.24 -74.55 120.16
N SER VE 88 55.39 -73.56 119.89
CA SER VE 88 54.03 -73.86 119.48
C SER VE 88 53.76 -73.33 118.09
N PRO VE 89 53.24 -74.17 117.20
CA PRO VE 89 52.67 -73.70 115.94
C PRO VE 89 51.20 -73.30 116.09
N ARG VE 90 50.91 -72.53 117.13
CA ARG VE 90 49.55 -72.07 117.41
C ARG VE 90 49.63 -70.61 117.85
N LEU VE 91 48.71 -69.80 117.33
CA LEU VE 91 48.79 -68.37 117.54
C LEU VE 91 48.19 -67.97 118.88
N ASN VE 92 48.31 -66.69 119.18
CA ASN VE 92 47.64 -66.08 120.32
C ASN VE 92 46.49 -65.20 119.80
N TRP VE 93 45.48 -65.03 120.64
CA TRP VE 93 44.34 -64.21 120.26
C TRP VE 93 44.72 -62.74 120.21
N ALA VE 94 45.52 -62.27 121.17
CA ALA VE 94 45.95 -60.88 121.18
C ALA VE 94 46.94 -60.58 120.07
N SER VE 95 47.64 -61.59 119.56
CA SER VE 95 48.56 -61.41 118.45
C SER VE 95 47.83 -61.06 117.14
N TYR VE 96 46.55 -61.41 117.06
CA TYR VE 96 45.77 -61.14 115.85
C TYR VE 96 45.62 -59.64 115.59
N SER VE 97 45.45 -58.85 116.65
CA SER VE 97 45.29 -57.41 116.49
C SER VE 97 46.59 -56.77 115.98
N LEU VE 98 47.73 -57.21 116.51
CA LEU VE 98 49.00 -56.69 116.06
C LEU VE 98 49.30 -57.12 114.63
N LEU VE 99 48.94 -58.35 114.28
CA LEU VE 99 49.11 -58.79 112.90
C LEU VE 99 48.18 -58.04 111.95
N ASN VE 100 46.99 -57.68 112.43
CA ASN VE 100 46.08 -56.85 111.64
C ASN VE 100 46.65 -55.45 111.45
N GLU VE 101 47.33 -54.93 112.47
CA GLU VE 101 48.03 -53.66 112.33
C GLU VE 101 49.16 -53.75 111.31
N ILE VE 102 49.87 -54.88 111.32
CA ILE VE 102 50.93 -55.13 110.34
C ILE VE 102 50.35 -55.16 108.94
N ALA VE 103 49.22 -55.83 108.76
CA ALA VE 103 48.54 -55.86 107.46
C ALA VE 103 48.05 -54.47 107.05
N ALA VE 104 47.62 -53.67 108.02
CA ALA VE 104 47.18 -52.30 107.74
C ALA VE 104 48.33 -51.45 107.23
N PHE VE 105 49.52 -51.62 107.82
CA PHE VE 105 50.69 -50.95 107.27
C PHE VE 105 51.06 -51.50 105.89
N LEU VE 106 50.97 -52.82 105.72
CA LEU VE 106 51.51 -53.45 104.52
C LEU VE 106 50.65 -53.18 103.31
N LYS VE 107 49.34 -53.00 103.50
CA LYS VE 107 48.45 -52.72 102.39
C LYS VE 107 48.67 -51.34 101.80
N GLN VE 108 49.37 -50.45 102.51
CA GLN VE 108 49.63 -49.12 102.01
C GLN VE 108 50.54 -49.12 100.79
N PHE VE 109 51.54 -50.00 100.78
CA PHE VE 109 52.53 -49.98 99.73
C PHE VE 109 52.08 -50.77 98.51
N ARG VE 110 52.74 -50.49 97.39
CA ARG VE 110 52.55 -51.21 96.14
C ARG VE 110 53.83 -51.93 95.79
N LYS VE 111 53.74 -53.24 95.58
CA LYS VE 111 54.92 -54.09 95.44
C LYS VE 111 54.51 -55.38 94.77
N ILE VE 112 55.49 -56.27 94.59
CA ILE VE 112 55.31 -57.51 93.85
C ILE VE 112 55.42 -58.72 94.77
N ALA VE 113 56.54 -58.86 95.47
CA ALA VE 113 56.86 -60.09 96.19
C ALA VE 113 57.15 -59.78 97.65
N ILE VE 114 56.59 -60.60 98.53
CA ILE VE 114 56.90 -60.58 99.96
C ILE VE 114 57.54 -61.91 100.31
N THR VE 115 58.69 -61.87 100.96
CA THR VE 115 59.38 -63.07 101.39
C THR VE 115 59.37 -63.15 102.90
N VAL VE 116 58.89 -64.28 103.42
CA VAL VE 116 58.76 -64.50 104.85
C VAL VE 116 59.72 -65.61 105.25
N THR VE 117 60.56 -65.33 106.24
CA THR VE 117 61.53 -66.30 106.74
C THR VE 117 61.41 -66.38 108.25
N SER VE 118 61.34 -67.60 108.76
CA SER VE 118 61.18 -67.83 110.19
C SER VE 118 62.45 -68.42 110.79
N TYR VE 119 62.81 -67.93 111.98
CA TYR VE 119 64.00 -68.39 112.68
C TYR VE 119 63.66 -68.57 114.16
N SER VE 120 64.36 -69.49 114.82
CA SER VE 120 64.01 -69.88 116.17
C SER VE 120 65.28 -70.06 117.00
N SER VE 121 65.13 -70.71 118.14
CA SER VE 121 66.23 -71.15 118.99
C SER VE 121 66.26 -72.67 119.01
N LYS VE 122 67.42 -73.21 119.39
CA LYS VE 122 67.62 -74.66 119.39
C LYS VE 122 66.89 -75.27 120.57
N TYR VE 123 66.00 -76.24 120.30
CA TYR VE 123 65.16 -76.82 121.32
C TYR VE 123 65.42 -78.31 121.54
N VAL VE 124 65.30 -79.14 120.51
CA VAL VE 124 65.56 -80.57 120.63
C VAL VE 124 66.53 -81.02 119.55
N SER VE 125 66.23 -80.68 118.31
CA SER VE 125 66.92 -81.25 117.16
C SER VE 125 67.02 -80.17 116.09
N VAL VE 126 67.19 -80.58 114.84
CA VAL VE 126 67.17 -79.67 113.71
C VAL VE 126 65.85 -79.76 112.96
N LYS VE 127 65.39 -81.00 112.70
CA LYS VE 127 64.28 -81.22 111.78
C LYS VE 127 62.97 -80.72 112.35
N ARG VE 128 62.75 -80.96 113.65
CA ARG VE 128 61.52 -80.51 114.31
C ARG VE 128 61.41 -78.99 114.29
N GLU VE 129 62.52 -78.31 114.56
CA GLU VE 129 62.50 -76.86 114.62
C GLU VE 129 62.36 -76.25 113.24
N ARG VE 130 62.99 -76.89 112.23
CA ARG VE 130 62.81 -76.45 110.85
C ARG VE 130 61.37 -76.59 110.40
N ALA VE 131 60.74 -77.72 110.74
CA ALA VE 131 59.34 -77.94 110.40
C ALA VE 131 58.42 -76.96 111.11
N LEU VE 132 58.72 -76.67 112.39
CA LEU VE 132 57.93 -75.71 113.16
C LEU VE 132 58.00 -74.32 112.55
N THR VE 133 59.21 -73.87 112.22
CA THR VE 133 59.38 -72.55 111.63
C THR VE 133 58.73 -72.46 110.26
N LEU VE 134 58.83 -73.52 109.46
CA LEU VE 134 58.20 -73.53 108.14
C LEU VE 134 56.68 -73.48 108.25
N ALA VE 135 56.11 -74.23 109.21
CA ALA VE 135 54.66 -74.21 109.40
C ALA VE 135 54.18 -72.85 109.90
N ARG VE 136 54.95 -72.22 110.77
CA ARG VE 136 54.62 -70.87 111.24
C ARG VE 136 54.64 -69.87 110.08
N SER VE 137 55.64 -69.99 109.21
CA SER VE 137 55.73 -69.15 108.02
C SER VE 137 54.52 -69.36 107.12
N ARG VE 138 54.13 -70.62 106.93
CA ARG VE 138 52.98 -70.95 106.08
C ARG VE 138 51.69 -70.37 106.63
N VAL VE 139 51.48 -70.47 107.95
CA VAL VE 139 50.21 -70.03 108.49
C VAL VE 139 50.12 -68.50 108.54
N VAL VE 140 51.25 -67.82 108.78
CA VAL VE 140 51.18 -66.36 108.78
C VAL VE 140 51.02 -65.83 107.35
N SER VE 141 51.60 -66.54 106.37
CA SER VE 141 51.38 -66.16 104.98
C SER VE 141 49.94 -66.41 104.56
N GLU VE 142 49.34 -67.49 105.05
CA GLU VE 142 47.95 -67.78 104.72
C GLU VE 142 47.02 -66.72 105.28
N TYR VE 143 47.26 -66.28 106.52
CA TYR VE 143 46.42 -65.23 107.07
C TYR VE 143 46.62 -63.90 106.35
N LEU VE 144 47.86 -63.60 105.98
CA LEU VE 144 48.11 -62.32 105.31
C LEU VE 144 47.55 -62.31 103.90
N TRP VE 145 47.58 -63.46 103.22
CA TRP VE 145 46.97 -63.56 101.89
C TRP VE 145 45.46 -63.53 101.99
N SER VE 146 44.89 -64.06 103.07
CA SER VE 146 43.46 -63.92 103.30
C SER VE 146 43.08 -62.47 103.59
N GLN VE 147 43.98 -61.73 104.21
CA GLN VE 147 43.74 -60.31 104.44
C GLN VE 147 43.80 -59.52 103.14
N GLY VE 148 43.43 -58.26 103.23
CA GLY VE 148 43.23 -57.44 102.05
C GLY VE 148 44.47 -56.84 101.43
N VAL VE 149 45.65 -57.35 101.81
CA VAL VE 149 46.88 -56.91 101.17
C VAL VE 149 46.94 -57.45 99.76
N ASP VE 150 47.69 -56.77 98.90
CA ASP VE 150 47.84 -57.15 97.51
C ASP VE 150 49.30 -57.46 97.21
N SER VE 151 49.53 -58.60 96.57
CA SER VE 151 50.84 -58.93 96.05
C SER VE 151 50.66 -59.90 94.90
N ARG VE 152 51.73 -60.07 94.14
CA ARG VE 152 51.75 -61.11 93.13
C ARG VE 152 52.45 -62.37 93.60
N ILE VE 153 53.42 -62.24 94.50
CA ILE VE 153 54.21 -63.38 94.96
C ILE VE 153 54.33 -63.31 96.48
N ILE VE 154 53.98 -64.41 97.14
CA ILE VE 154 54.30 -64.61 98.54
C ILE VE 154 55.20 -65.83 98.62
N PHE VE 155 56.45 -65.62 99.01
CA PHE VE 155 57.42 -66.68 99.23
C PHE VE 155 57.57 -66.94 100.72
N THR VE 156 57.73 -68.20 101.10
CA THR VE 156 57.67 -68.57 102.51
C THR VE 156 58.65 -69.69 102.82
N GLN VE 157 59.36 -69.51 103.93
CA GLN VE 157 60.28 -70.52 104.44
C GLN VE 157 60.52 -70.29 105.93
N GLY VE 158 60.83 -71.37 106.63
CA GLY VE 158 61.25 -71.28 108.01
C GLY VE 158 62.37 -72.27 108.26
N LEU VE 159 63.52 -71.77 108.73
CA LEU VE 159 64.74 -72.57 108.74
C LEU VE 159 65.20 -72.95 110.14
N GLY VE 160 64.28 -73.02 111.10
CA GLY VE 160 64.63 -73.47 112.43
C GLY VE 160 65.48 -72.51 113.20
N SER VE 161 66.66 -72.94 113.63
CA SER VE 161 67.60 -72.10 114.33
C SER VE 161 68.97 -72.16 113.67
N ASP VE 162 69.00 -72.47 112.39
CA ASP VE 162 70.27 -72.74 111.71
C ASP VE 162 71.03 -71.49 111.32
N LYS VE 163 70.40 -70.33 111.35
CA LYS VE 163 71.05 -69.07 111.00
C LYS VE 163 70.83 -68.05 112.10
N PRO VE 164 71.57 -68.15 113.20
CA PRO VE 164 71.38 -67.20 114.29
C PRO VE 164 72.09 -65.89 114.00
N ILE VE 165 71.71 -64.87 114.77
CA ILE VE 165 72.31 -63.55 114.68
C ILE VE 165 72.96 -63.12 115.98
N THR VE 166 72.94 -63.96 117.01
CA THR VE 166 73.49 -63.60 118.30
C THR VE 166 74.26 -64.78 118.89
N SER VE 167 75.47 -64.51 119.36
CA SER VE 167 76.23 -65.53 120.08
C SER VE 167 75.59 -65.82 121.43
N TYR VE 168 75.05 -64.79 122.08
CA TYR VE 168 74.37 -64.94 123.36
C TYR VE 168 73.06 -65.68 123.16
N THR VE 169 72.95 -66.88 123.70
CA THR VE 169 71.80 -67.74 123.51
C THR VE 169 71.35 -68.35 124.82
N LEU VE 170 71.29 -67.52 125.87
CA LEU VE 170 70.83 -68.02 127.16
C LEU VE 170 69.33 -68.28 127.15
N GLY VE 171 68.56 -67.34 126.61
CA GLY VE 171 67.14 -67.52 126.53
C GLY VE 171 66.74 -68.51 125.45
N GLY VE 172 65.50 -68.98 125.55
CA GLY VE 172 64.96 -69.92 124.58
C GLY VE 172 64.11 -69.19 123.57
N ASP VE 173 62.80 -69.22 123.76
CA ASP VE 173 61.92 -68.41 122.93
C ASP VE 173 61.91 -66.95 123.32
N ARG VE 174 62.53 -66.59 124.44
CA ARG VE 174 62.76 -65.19 124.79
C ARG VE 174 64.04 -64.64 124.19
N SER VE 175 64.85 -65.48 123.56
CA SER VE 175 66.04 -65.03 122.87
C SER VE 175 65.66 -64.22 121.63
N PRO VE 176 66.50 -63.27 121.23
CA PRO VE 176 66.24 -62.52 120.00
C PRO VE 176 66.30 -63.35 118.72
N ASN VE 177 66.87 -64.55 118.77
CA ASN VE 177 66.91 -65.39 117.57
C ASN VE 177 65.54 -65.94 117.19
N ALA VE 178 64.58 -65.94 118.12
CA ALA VE 178 63.21 -66.34 117.81
C ALA VE 178 62.53 -65.18 117.12
N ARG VE 179 62.40 -65.28 115.80
CA ARG VE 179 62.00 -64.12 114.99
C ARG VE 179 61.34 -64.58 113.71
N VAL VE 180 60.63 -63.64 113.09
CA VAL VE 180 60.10 -63.82 111.74
C VAL VE 180 60.34 -62.52 110.99
N GLU VE 181 60.88 -62.64 109.79
CA GLU VE 181 61.24 -61.47 108.99
C GLU VE 181 60.50 -61.49 107.67
N ILE VE 182 59.96 -60.34 107.31
CA ILE VE 182 59.34 -60.12 106.01
C ILE VE 182 60.17 -59.09 105.27
N THR VE 183 60.65 -59.48 104.09
CA THR VE 183 61.40 -58.59 103.22
C THR VE 183 60.58 -58.34 101.97
N PHE VE 184 60.60 -57.09 101.50
CA PHE VE 184 59.91 -56.78 100.25
C PHE VE 184 60.60 -55.61 99.57
N ARG VE 185 60.20 -55.39 98.32
CA ARG VE 185 60.82 -54.38 97.47
C ARG VE 185 59.73 -53.47 96.91
N ARG VE 186 59.77 -52.20 97.31
CA ARG VE 186 58.83 -51.23 96.77
C ARG VE 186 59.17 -50.93 95.32
N ALA VE 187 58.17 -51.03 94.45
CA ALA VE 187 58.35 -50.82 93.03
C ALA VE 187 57.93 -49.41 92.67
N VAL VE 188 58.86 -48.65 92.08
CA VAL VE 188 58.65 -47.28 91.60
C VAL VE 188 58.13 -46.34 92.68
N CYS WE 42 39.94 -65.20 132.48
CA CYS WE 42 38.50 -65.30 132.62
C CYS WE 42 37.89 -66.18 131.54
N PHE WE 43 38.20 -65.86 130.29
CA PHE WE 43 37.61 -66.58 129.16
C PHE WE 43 38.51 -66.44 127.95
N HIS WE 44 38.66 -67.54 127.20
CA HIS WE 44 39.41 -67.53 125.96
C HIS WE 44 38.48 -67.75 124.78
N PRO WE 45 38.50 -66.85 123.80
CA PRO WE 45 37.76 -67.09 122.55
C PRO WE 45 38.19 -68.36 121.81
N PRO WE 46 39.51 -68.78 121.81
CA PRO WE 46 39.77 -70.11 121.25
C PRO WE 46 39.33 -71.24 122.17
N TYR WE 47 38.02 -71.49 122.22
CA TYR WE 47 37.39 -72.67 122.81
C TYR WE 47 37.67 -72.84 124.30
N ASN WE 48 38.14 -71.78 124.97
CA ASN WE 48 38.56 -71.77 126.36
C ASN WE 48 39.58 -72.86 126.67
N ASN WE 49 40.47 -73.11 125.70
CA ASN WE 49 41.51 -74.15 125.74
C ASN WE 49 40.92 -75.54 126.01
N PHE WE 50 39.73 -75.78 125.44
CA PHE WE 50 39.01 -77.06 125.51
C PHE WE 50 38.74 -77.49 126.94
N GLN WE 51 38.45 -76.53 127.81
CA GLN WE 51 38.08 -76.85 129.17
C GLN WE 51 36.59 -76.60 129.38
N PRO WE 52 35.96 -77.32 130.31
CA PRO WE 52 34.57 -77.01 130.68
C PRO WE 52 34.48 -75.63 131.32
N ASP WE 53 33.72 -74.74 130.69
CA ASP WE 53 33.73 -73.34 131.05
C ASP WE 53 33.01 -73.08 132.37
N ARG WE 54 33.44 -72.04 133.06
CA ARG WE 54 32.85 -71.63 134.33
C ARG WE 54 32.21 -70.28 134.11
N ARG WE 55 30.91 -70.30 133.79
CA ARG WE 55 30.20 -69.10 133.37
C ARG WE 55 29.29 -68.56 134.48
N ALA WE 56 28.48 -69.43 135.08
CA ALA WE 56 27.50 -69.01 136.07
C ALA WE 56 28.14 -68.52 137.36
N VAL WE 57 29.30 -69.04 137.72
CA VAL WE 57 29.99 -68.56 138.91
C VAL WE 57 30.51 -67.15 138.71
N LYS WE 58 31.02 -66.85 137.50
CA LYS WE 58 31.41 -65.49 137.19
C LYS WE 58 30.19 -64.56 137.12
N ARG WE 59 29.06 -65.08 136.62
CA ARG WE 59 27.83 -64.31 136.58
C ARG WE 59 27.34 -63.94 137.97
N VAL WE 60 27.34 -64.90 138.89
CA VAL WE 60 26.87 -64.58 140.25
C VAL WE 60 27.91 -63.75 141.00
N GLY WE 61 29.19 -63.88 140.64
CA GLY WE 61 30.20 -63.02 141.24
C GLY WE 61 30.05 -61.56 140.83
N VAL WE 62 29.82 -61.32 139.54
CA VAL WE 62 29.62 -59.93 139.11
C VAL WE 62 28.24 -59.42 139.47
N ASP WE 63 27.27 -60.30 139.73
CA ASP WE 63 26.00 -59.84 140.27
C ASP WE 63 26.10 -59.45 141.73
N THR WE 64 26.90 -60.18 142.51
CA THR WE 64 27.18 -59.75 143.88
C THR WE 64 28.02 -58.48 143.91
N GLY WE 65 28.94 -58.34 142.97
CA GLY WE 65 29.75 -57.14 142.88
C GLY WE 65 28.98 -55.96 142.31
N GLY WE 88 22.75 -59.33 143.44
CA GLY WE 88 22.56 -60.22 144.58
C GLY WE 88 22.75 -61.69 144.21
N GLY WE 89 23.02 -62.50 145.23
CA GLY WE 89 23.27 -63.91 145.01
C GLY WE 89 22.05 -64.66 144.52
N THR WE 90 20.88 -64.37 145.10
CA THR WE 90 19.66 -65.08 144.73
C THR WE 90 19.21 -64.72 143.32
N VAL WE 91 19.24 -63.43 142.98
CA VAL WE 91 18.84 -62.99 141.64
C VAL WE 91 19.86 -63.47 140.61
N GLY WE 92 21.14 -63.51 140.97
CA GLY WE 92 22.15 -64.07 140.10
C GLY WE 92 21.96 -65.56 139.87
N LEU WE 93 21.58 -66.30 140.91
CA LEU WE 93 21.35 -67.73 140.78
C LEU WE 93 20.13 -68.03 139.93
N VAL WE 94 19.04 -67.28 140.12
CA VAL WE 94 17.85 -67.55 139.33
C VAL WE 94 18.05 -67.10 137.88
N ALA WE 95 18.84 -66.05 137.65
CA ALA WE 95 19.19 -65.69 136.27
C ALA WE 95 20.11 -66.73 135.65
N SER WE 96 20.99 -67.33 136.45
CA SER WE 96 21.86 -68.39 135.95
C SER WE 96 21.07 -69.62 135.54
N ILE WE 97 20.11 -70.04 136.36
CA ILE WE 97 19.32 -71.19 135.99
C ILE WE 97 18.31 -70.85 134.90
N TYR WE 98 17.94 -69.58 134.77
CA TYR WE 98 17.10 -69.17 133.66
C TYR WE 98 17.86 -69.23 132.34
N ARG WE 99 19.13 -68.82 132.35
CA ARG WE 99 19.94 -68.92 131.13
C ARG WE 99 20.33 -70.36 130.83
N ASP WE 100 20.57 -71.18 131.85
CA ASP WE 100 20.92 -72.57 131.66
C ASP WE 100 19.70 -73.46 131.50
N SER WE 101 18.50 -72.90 131.56
CA SER WE 101 17.31 -73.63 131.16
C SER WE 101 17.40 -73.97 129.67
N LYS WE 102 17.03 -75.21 129.34
CA LYS WE 102 17.23 -75.74 127.99
C LYS WE 102 16.39 -75.01 126.97
N ARG WE 103 15.22 -74.51 127.37
CA ARG WE 103 14.38 -73.73 126.46
C ARG WE 103 15.04 -72.43 126.06
N LYS WE 104 15.67 -71.75 127.02
CA LYS WE 104 16.42 -70.54 126.70
C LYS WE 104 17.68 -70.86 125.90
N ILE WE 105 18.26 -72.04 126.11
CA ILE WE 105 19.40 -72.48 125.30
C ILE WE 105 18.99 -72.64 123.85
N ILE WE 106 17.83 -73.27 123.62
CA ILE WE 106 17.31 -73.43 122.26
C ILE WE 106 16.92 -72.07 121.67
N ARG WE 107 16.40 -71.17 122.50
CA ARG WE 107 16.05 -69.83 122.04
C ARG WE 107 17.29 -69.05 121.60
N ASP WE 108 18.37 -69.13 122.37
CA ASP WE 108 19.61 -68.46 121.98
C ASP WE 108 20.24 -69.12 120.75
N LEU WE 109 20.08 -70.44 120.61
CA LEU WE 109 20.56 -71.11 119.42
C LEU WE 109 19.74 -70.69 118.19
N GLN WE 110 18.45 -70.44 118.38
CA GLN WE 110 17.61 -69.94 117.30
C GLN WE 110 17.93 -68.48 116.96
N LYS WE 111 18.35 -67.70 117.96
CA LYS WE 111 18.92 -66.39 117.71
C LYS WE 111 20.18 -66.52 116.86
N GLN WE 112 21.00 -67.53 117.16
CA GLN WE 112 22.10 -67.87 116.29
C GLN WE 112 21.59 -68.55 115.01
N ASP WE 113 22.50 -68.83 114.09
CA ASP WE 113 22.11 -69.29 112.77
C ASP WE 113 22.10 -70.81 112.68
N ILE WE 114 21.39 -71.48 113.59
CA ILE WE 114 21.38 -72.93 113.70
C ILE WE 114 19.93 -73.40 113.73
N GLN WE 115 19.61 -74.47 112.99
CA GLN WE 115 18.27 -75.02 112.99
C GLN WE 115 18.21 -76.29 113.83
N TYR WE 116 17.07 -76.53 114.47
CA TYR WE 116 16.92 -77.64 115.39
C TYR WE 116 15.54 -78.25 115.26
N VAL WE 117 15.47 -79.58 115.28
CA VAL WE 117 14.22 -80.32 115.14
C VAL WE 117 14.18 -81.40 116.21
N GLU WE 118 13.07 -81.45 116.95
CA GLU WE 118 12.76 -82.57 117.83
C GLU WE 118 11.58 -83.33 117.25
N TYR WE 119 11.69 -84.66 117.25
CA TYR WE 119 10.59 -85.50 116.77
C TYR WE 119 10.69 -86.86 117.42
N GLY WE 120 9.75 -87.16 118.33
CA GLY WE 120 9.69 -88.48 118.93
C GLY WE 120 10.86 -88.72 119.86
N ASP WE 121 11.54 -89.85 119.65
CA ASP WE 121 12.70 -90.21 120.43
C ASP WE 121 14.00 -89.72 119.82
N THR WE 122 13.92 -88.96 118.73
CA THR WE 122 15.09 -88.56 117.95
C THR WE 122 15.16 -87.05 117.86
N ARG WE 123 16.37 -86.52 117.90
CA ARG WE 123 16.58 -85.09 117.71
C ARG WE 123 17.66 -84.85 116.66
N THR WE 124 17.43 -83.86 115.80
CA THR WE 124 18.33 -83.52 114.72
C THR WE 124 18.68 -82.04 114.77
N LEU WE 125 19.91 -81.76 114.35
CA LEU WE 125 20.49 -80.42 114.33
C LEU WE 125 21.00 -80.13 112.92
N ILE WE 126 20.75 -78.92 112.44
CA ILE WE 126 21.07 -78.51 111.08
C ILE WE 126 21.98 -77.30 111.13
N ILE WE 127 23.10 -77.38 110.42
CA ILE WE 127 24.11 -76.35 110.39
C ILE WE 127 24.30 -75.89 108.95
N PRO WE 128 24.18 -74.60 108.66
CA PRO WE 128 24.65 -74.08 107.37
C PRO WE 128 26.16 -74.06 107.29
N THR WE 129 26.70 -74.91 106.42
CA THR WE 129 28.15 -75.10 106.33
C THR WE 129 28.86 -73.87 105.79
N ASP WE 130 28.21 -73.13 104.89
CA ASP WE 130 28.84 -71.94 104.33
C ASP WE 130 29.02 -70.85 105.39
N LYS WE 131 27.99 -70.61 106.20
CA LYS WE 131 28.09 -69.57 107.21
C LYS WE 131 28.92 -70.03 108.41
N TYR WE 132 28.93 -71.32 108.71
CA TYR WE 132 29.69 -71.80 109.86
C TYR WE 132 30.96 -72.53 109.46
N PHE WE 133 31.49 -72.27 108.27
CA PHE WE 133 32.69 -72.93 107.82
C PHE WE 133 33.49 -71.98 106.94
N MET WE 134 34.80 -72.21 106.87
CA MET WE 134 35.60 -71.54 105.86
C MET WE 134 35.29 -72.13 104.49
N PHE WE 135 35.43 -71.28 103.46
CA PHE WE 135 34.97 -71.64 102.14
C PHE WE 135 35.89 -72.66 101.49
N SER WE 136 35.27 -73.73 100.96
CA SER WE 136 35.92 -74.75 100.11
C SER WE 136 37.07 -75.45 100.82
N SER WE 137 36.97 -75.61 102.14
CA SER WE 137 38.09 -76.06 102.93
C SER WE 137 37.55 -76.71 104.20
N PRO WE 138 38.29 -77.64 104.81
CA PRO WE 138 37.88 -78.17 106.11
C PRO WE 138 38.18 -77.27 107.29
N ARG WE 139 38.59 -76.02 107.07
CA ARG WE 139 38.84 -75.09 108.15
C ARG WE 139 37.53 -74.61 108.75
N LEU WE 140 37.47 -74.57 110.07
CA LEU WE 140 36.31 -73.99 110.74
C LEU WE 140 36.35 -72.46 110.67
N ASN WE 141 35.18 -71.86 110.76
CA ASN WE 141 35.08 -70.43 110.95
C ASN WE 141 35.07 -70.13 112.44
N GLU WE 142 36.08 -69.42 112.91
CA GLU WE 142 36.20 -69.14 114.34
C GLU WE 142 35.41 -67.92 114.77
N ILE WE 143 34.78 -67.23 113.82
CA ILE WE 143 33.91 -66.12 114.17
C ILE WE 143 32.68 -66.62 114.91
N CYS WE 144 32.12 -67.75 114.47
CA CYS WE 144 30.86 -68.27 115.00
C CYS WE 144 31.09 -69.30 116.10
N TYR WE 145 32.12 -69.09 116.90
CA TYR WE 145 32.38 -69.95 118.06
C TYR WE 145 31.28 -70.04 119.14
N PRO WE 146 30.54 -68.97 119.53
CA PRO WE 146 29.61 -69.17 120.66
C PRO WE 146 28.46 -70.10 120.37
N GLY WE 147 28.04 -70.20 119.09
CA GLY WE 147 27.07 -71.21 118.72
C GLY WE 147 27.60 -72.61 118.91
N LEU WE 148 28.88 -72.82 118.62
CA LEU WE 148 29.50 -74.11 118.85
C LEU WE 148 29.61 -74.41 120.34
N ASN WE 149 29.86 -73.38 121.14
CA ASN WE 149 29.87 -73.56 122.60
C ASN WE 149 28.48 -73.93 123.10
N ASN WE 150 27.44 -73.32 122.53
CA ASN WE 150 26.07 -73.72 122.85
C ASN WE 150 25.78 -75.14 122.40
N VAL WE 151 26.37 -75.57 121.28
CA VAL WE 151 26.21 -76.94 120.80
C VAL WE 151 26.79 -77.93 121.80
N ILE WE 152 27.99 -77.63 122.31
CA ILE WE 152 28.62 -78.49 123.31
C ILE WE 152 27.83 -78.47 124.61
N ARG WE 153 27.29 -77.30 124.98
CA ARG WE 153 26.47 -77.20 126.18
C ARG WE 153 25.19 -78.02 126.08
N LEU WE 154 24.55 -77.98 124.91
CA LEU WE 154 23.33 -78.76 124.71
C LEU WE 154 23.63 -80.25 124.67
N LEU WE 155 24.72 -80.64 124.00
CA LEU WE 155 25.06 -82.06 123.93
C LEU WE 155 25.59 -82.60 125.25
N ASN WE 156 25.97 -81.72 126.18
CA ASN WE 156 26.28 -82.17 127.53
C ASN WE 156 25.04 -82.70 128.25
N PHE WE 157 23.85 -82.26 127.86
CA PHE WE 157 22.63 -82.71 128.52
C PHE WE 157 22.26 -84.15 128.19
N TYR WE 158 22.81 -84.71 127.13
CA TYR WE 158 22.55 -86.10 126.76
C TYR WE 158 23.88 -86.84 126.59
N PRO WE 159 24.51 -87.25 127.69
CA PRO WE 159 25.79 -87.96 127.57
C PRO WE 159 25.66 -89.45 127.27
N GLN WE 160 24.48 -89.89 126.84
CA GLN WE 160 24.21 -91.32 126.71
C GLN WE 160 23.86 -91.76 125.31
N SER WE 161 23.25 -90.91 124.50
CA SER WE 161 22.72 -91.35 123.21
C SER WE 161 23.84 -91.53 122.19
N THR WE 162 23.54 -92.31 121.15
CA THR WE 162 24.43 -92.48 120.03
C THR WE 162 24.11 -91.44 118.97
N ILE WE 163 25.16 -90.85 118.40
CA ILE WE 163 25.02 -89.70 117.52
C ILE WE 163 25.58 -90.06 116.15
N TYR WE 164 24.81 -89.77 115.12
CA TYR WE 164 25.28 -89.81 113.74
C TYR WE 164 25.40 -88.38 113.22
N VAL WE 165 26.37 -88.17 112.34
CA VAL WE 165 26.60 -86.87 111.73
C VAL WE 165 26.82 -87.05 110.24
N ALA WE 166 26.21 -86.18 109.45
CA ALA WE 166 26.21 -86.28 108.01
C ALA WE 166 26.50 -84.92 107.39
N GLY WE 167 27.13 -84.94 106.23
CA GLY WE 167 27.40 -83.72 105.47
C GLY WE 167 26.72 -83.79 104.11
N PHE WE 168 26.26 -82.64 103.63
CA PHE WE 168 25.61 -82.58 102.33
C PHE WE 168 25.98 -81.29 101.61
N THR WE 169 25.97 -81.35 100.29
CA THR WE 169 26.42 -80.24 99.47
C THR WE 169 25.45 -79.90 98.33
N ASP WE 170 25.87 -79.02 97.44
CA ASP WE 170 25.11 -78.68 96.25
C ASP WE 170 25.53 -79.61 95.10
N ASN WE 171 25.14 -79.26 93.88
CA ASN WE 171 25.29 -80.15 92.74
C ASN WE 171 26.36 -79.72 91.74
N VAL WE 172 27.29 -78.86 92.15
CA VAL WE 172 28.32 -78.37 91.25
C VAL WE 172 29.59 -79.19 91.45
N GLY WE 173 30.12 -79.73 90.36
CA GLY WE 173 31.43 -80.37 90.37
C GLY WE 173 31.34 -81.87 90.19
N SER WE 174 32.49 -82.52 90.31
CA SER WE 174 32.57 -83.96 90.26
C SER WE 174 31.90 -84.57 91.48
N ARG WE 175 31.16 -85.67 91.25
CA ARG WE 175 30.48 -86.36 92.33
C ARG WE 175 31.48 -86.94 93.33
N SER WE 176 32.60 -87.44 92.82
CA SER WE 176 33.67 -87.92 93.68
C SER WE 176 34.25 -86.77 94.50
N HIS WE 177 34.38 -85.60 93.88
CA HIS WE 177 34.89 -84.43 94.58
C HIS WE 177 33.95 -83.99 95.69
N LYS WE 178 32.64 -84.00 95.41
CA LYS WE 178 31.65 -83.66 96.42
C LYS WE 178 31.69 -84.65 97.58
N ARG WE 179 31.82 -85.94 97.26
CA ARG WE 179 31.87 -86.97 98.29
C ARG WE 179 33.12 -86.81 99.16
N LYS WE 180 34.26 -86.49 98.53
CA LYS WE 180 35.50 -86.29 99.27
C LYS WE 180 35.41 -85.08 100.21
N LEU WE 181 34.89 -83.97 99.69
CA LEU WE 181 34.78 -82.76 100.52
C LEU WE 181 33.78 -82.94 101.64
N SER WE 182 32.68 -83.63 101.37
CA SER WE 182 31.68 -83.87 102.40
C SER WE 182 32.20 -84.82 103.48
N GLN WE 183 32.95 -85.85 103.08
CA GLN WE 183 33.56 -86.75 104.05
C GLN WE 183 34.59 -86.03 104.90
N ALA WE 184 35.36 -85.13 104.28
CA ALA WE 184 36.35 -84.35 105.04
C ALA WE 184 35.68 -83.43 106.05
N GLN WE 185 34.60 -82.76 105.63
CA GLN WE 185 33.90 -81.84 106.52
C GLN WE 185 33.25 -82.59 107.68
N ALA WE 186 32.62 -83.74 107.38
CA ALA WE 186 32.00 -84.54 108.42
C ALA WE 186 33.02 -85.11 109.39
N GLU WE 187 34.19 -85.52 108.88
CA GLU WE 187 35.21 -86.06 109.77
C GLU WE 187 35.83 -84.96 110.62
N THR WE 188 35.95 -83.73 110.11
CA THR WE 188 36.44 -82.64 110.95
C THR WE 188 35.45 -82.30 112.05
N MET WE 189 34.14 -82.32 111.74
CA MET WE 189 33.14 -82.11 112.78
C MET WE 189 33.16 -83.23 113.82
N MET WE 190 33.36 -84.47 113.35
CA MET WE 190 33.49 -85.61 114.24
C MET WE 190 34.70 -85.47 115.15
N THR WE 191 35.81 -84.97 114.61
CA THR WE 191 37.01 -84.74 115.41
C THR WE 191 36.77 -83.67 116.44
N PHE WE 192 36.02 -82.62 116.07
CA PHE WE 192 35.69 -81.57 117.03
C PHE WE 192 34.85 -82.11 118.18
N LEU WE 193 33.87 -82.95 117.85
CA LEU WE 193 33.02 -83.52 118.89
C LEU WE 193 33.79 -84.50 119.78
N TRP WE 194 34.74 -85.23 119.20
CA TRP WE 194 35.58 -86.12 119.99
C TRP WE 194 36.50 -85.33 120.91
N ALA WE 195 37.06 -84.23 120.41
CA ALA WE 195 37.97 -83.42 121.21
C ALA WE 195 37.24 -82.59 122.25
N ASN WE 196 35.92 -82.42 122.11
CA ASN WE 196 35.17 -81.74 123.14
C ASN WE 196 34.76 -82.66 124.29
N GLY WE 197 35.41 -83.80 124.47
CA GLY WE 197 35.20 -84.64 125.62
C GLY WE 197 34.27 -85.81 125.45
N ILE WE 198 34.02 -86.25 124.22
CA ILE WE 198 33.15 -87.39 123.95
C ILE WE 198 33.98 -88.51 123.37
N ALA WE 199 33.80 -89.71 123.91
CA ALA WE 199 34.51 -90.89 123.41
C ALA WE 199 34.02 -91.26 122.02
N ALA WE 200 34.97 -91.68 121.17
CA ALA WE 200 34.69 -91.91 119.75
C ALA WE 200 33.86 -93.15 119.49
N LYS WE 201 33.72 -94.05 120.45
CA LYS WE 201 32.93 -95.26 120.23
C LYS WE 201 31.44 -95.00 120.21
N ARG WE 202 31.00 -93.81 120.62
CA ARG WE 202 29.60 -93.42 120.51
C ARG WE 202 29.28 -92.77 119.18
N LEU WE 203 30.23 -92.69 118.26
CA LEU WE 203 30.13 -91.79 117.12
C LEU WE 203 30.36 -92.52 115.81
N LYS WE 204 29.70 -92.02 114.76
CA LYS WE 204 29.94 -92.44 113.40
C LYS WE 204 29.56 -91.30 112.46
N ALA WE 205 30.44 -91.01 111.50
CA ALA WE 205 30.28 -89.86 110.63
C ALA WE 205 30.20 -90.29 109.17
N GLU WE 206 29.55 -89.46 108.36
CA GLU WE 206 29.52 -89.65 106.93
C GLU WE 206 29.23 -88.31 106.24
N GLY WE 207 29.78 -88.16 105.05
CA GLY WE 207 29.42 -87.03 104.22
C GLY WE 207 29.03 -87.48 102.82
N TYR WE 208 27.77 -87.28 102.47
CA TYR WE 208 27.29 -87.63 101.14
C TYR WE 208 27.31 -86.40 100.25
N GLY WE 209 27.13 -86.63 98.96
CA GLY WE 209 27.22 -85.54 98.00
C GLY WE 209 25.87 -84.93 97.74
N ASP WE 210 25.28 -85.24 96.59
CA ASP WE 210 23.98 -84.69 96.26
C ASP WE 210 22.99 -85.82 95.99
N LYS WE 211 22.98 -86.84 96.85
CA LYS WE 211 22.06 -87.94 96.67
C LYS WE 211 20.64 -87.54 97.02
N ASN WE 212 20.48 -86.65 97.99
CA ASN WE 212 19.15 -86.27 98.46
C ASN WE 212 19.25 -84.92 99.14
N ALA WE 213 18.36 -84.00 98.79
CA ALA WE 213 18.40 -82.64 99.32
C ALA WE 213 17.02 -82.24 99.85
N ILE WE 214 17.03 -81.18 100.67
CA ILE WE 214 15.80 -80.64 101.22
C ILE WE 214 15.13 -79.65 100.28
N SER WE 215 15.71 -79.39 99.11
CA SER WE 215 15.16 -78.44 98.16
C SER WE 215 15.67 -78.81 96.77
N ASP WE 216 15.50 -77.89 95.83
CA ASP WE 216 16.07 -78.05 94.51
C ASP WE 216 17.49 -77.48 94.48
N ASN WE 217 18.12 -77.58 93.32
CA ASN WE 217 19.40 -76.94 93.09
C ASN WE 217 19.37 -75.89 91.99
N ALA WE 218 18.31 -75.86 91.16
CA ALA WE 218 18.24 -74.87 90.10
C ALA WE 218 17.98 -73.47 90.64
N ILE WE 219 17.20 -73.36 91.71
CA ILE WE 219 16.97 -72.09 92.38
C ILE WE 219 18.11 -71.86 93.36
N ILE WE 220 18.65 -70.64 93.34
CA ILE WE 220 19.89 -70.34 94.06
C ILE WE 220 19.67 -70.38 95.56
N HIS WE 221 18.52 -69.87 96.02
CA HIS WE 221 18.21 -69.89 97.45
C HIS WE 221 18.05 -71.32 97.95
N GLY WE 222 17.39 -72.17 97.16
CA GLY WE 222 17.29 -73.58 97.54
C GLY WE 222 18.62 -74.30 97.47
N SER WE 223 19.48 -73.93 96.52
CA SER WE 223 20.79 -74.55 96.42
C SER WE 223 21.67 -74.17 97.60
N ALA WE 224 21.53 -72.93 98.07
CA ALA WE 224 22.19 -72.53 99.30
C ALA WE 224 21.61 -73.26 100.50
N GLN WE 225 20.31 -73.56 100.47
CA GLN WE 225 19.71 -74.35 101.54
C GLN WE 225 20.13 -75.81 101.52
N ASN WE 226 20.61 -76.30 100.38
CA ASN WE 226 20.90 -77.73 100.25
C ASN WE 226 22.11 -78.15 101.07
N ARG WE 227 23.21 -77.40 101.01
CA ARG WE 227 24.43 -77.80 101.69
C ARG WE 227 24.29 -77.58 103.19
N ARG WE 228 24.58 -78.63 103.97
CA ARG WE 228 24.17 -78.65 105.36
C ARG WE 228 25.01 -79.64 106.14
N ILE WE 229 24.94 -79.52 107.46
CA ILE WE 229 25.48 -80.50 108.39
C ILE WE 229 24.33 -81.00 109.24
N GLU WE 230 24.14 -82.32 109.25
CA GLU WE 230 23.00 -82.98 109.88
C GLU WE 230 23.49 -83.78 111.08
N ILE WE 231 22.78 -83.64 112.19
CA ILE WE 231 23.14 -84.33 113.44
C ILE WE 231 21.90 -85.06 113.94
N GLN WE 232 21.97 -86.37 114.01
CA GLN WE 232 20.87 -87.18 114.52
C GLN WE 232 21.31 -87.87 115.81
N TRP WE 233 20.43 -87.90 116.80
CA TRP WE 233 20.70 -88.77 117.93
C TRP WE 233 19.40 -89.28 118.54
N PHE WE 234 19.50 -90.49 119.09
CA PHE WE 234 18.38 -91.26 119.62
C PHE WE 234 18.15 -90.88 121.08
N THR WE 235 17.36 -91.69 121.78
CA THR WE 235 17.13 -91.51 123.21
C THR WE 235 17.72 -92.64 124.03
N SER WE 236 17.36 -93.88 123.73
CA SER WE 236 17.87 -95.03 124.46
C SER WE 236 18.97 -95.74 123.68
N LEU XE 113 49.92 -129.60 129.05
CA LEU XE 113 50.80 -128.45 129.08
C LEU XE 113 50.03 -127.17 128.82
N ASN XE 114 49.35 -126.68 129.86
CA ASN XE 114 48.53 -125.48 129.75
C ASN XE 114 48.84 -124.40 130.77
N ARG XE 115 49.66 -124.68 131.78
CA ARG XE 115 49.89 -123.75 132.87
C ARG XE 115 51.39 -123.56 133.07
N PHE XE 116 51.80 -122.31 133.27
CA PHE XE 116 53.16 -122.05 133.70
C PHE XE 116 53.20 -120.77 134.51
N ARG XE 117 53.53 -120.89 135.80
CA ARG XE 117 53.79 -119.75 136.66
C ARG XE 117 55.21 -119.88 137.18
N TYR XE 118 56.09 -118.97 136.77
CA TYR XE 118 57.50 -119.06 137.10
C TYR XE 118 57.87 -117.98 138.10
N GLU XE 119 58.53 -118.40 139.18
CA GLU XE 119 59.02 -117.51 140.22
C GLU XE 119 60.36 -118.04 140.72
N GLY XE 120 61.18 -117.13 141.25
CA GLY XE 120 62.36 -117.54 141.98
C GLY XE 120 63.70 -117.49 141.25
N ALA XE 121 63.96 -116.39 140.54
CA ALA XE 121 65.28 -115.99 140.05
C ALA XE 121 65.88 -117.06 139.12
N GLY XE 122 65.22 -117.26 137.99
CA GLY XE 122 65.57 -118.35 137.12
C GLY XE 122 65.69 -117.92 135.67
N VAL XE 123 66.47 -118.70 134.92
CA VAL XE 123 66.64 -118.51 133.49
C VAL XE 123 66.18 -119.78 132.80
N VAL XE 124 65.17 -119.66 131.95
CA VAL XE 124 64.60 -120.80 131.23
C VAL XE 124 64.72 -120.53 129.74
N THR XE 125 65.36 -121.45 129.02
CA THR XE 125 65.51 -121.38 127.58
C THR XE 125 64.90 -122.65 126.97
N GLY XE 126 64.01 -122.47 126.01
CA GLY XE 126 63.34 -123.60 125.38
C GLY XE 126 63.27 -123.44 123.89
N ASN XE 127 63.29 -124.56 123.19
CA ASN XE 127 63.24 -124.58 121.74
C ASN XE 127 62.22 -125.61 121.28
N ASN XE 128 61.62 -125.32 120.11
CA ASN XE 128 60.68 -126.20 119.41
C ASN XE 128 59.45 -126.53 120.27
N LEU XE 129 58.98 -125.56 121.04
CA LEU XE 129 57.79 -125.74 121.85
C LEU XE 129 56.55 -125.47 121.02
N ARG XE 130 55.54 -126.31 121.18
CA ARG XE 130 54.28 -126.17 120.48
C ARG XE 130 53.13 -126.29 121.47
N THR XE 131 52.17 -125.38 121.35
CA THR XE 131 51.02 -125.36 122.25
C THR XE 131 49.86 -124.66 121.55
N SER XE 132 48.65 -125.05 121.96
CA SER XE 132 47.43 -124.37 121.51
C SER XE 132 47.13 -123.17 122.38
N TYR XE 133 46.97 -123.40 123.69
CA TYR XE 133 46.85 -122.32 124.65
C TYR XE 133 47.52 -122.73 125.95
N LEU XE 134 48.30 -121.80 126.51
CA LEU XE 134 48.77 -121.90 127.88
C LEU XE 134 48.73 -120.52 128.51
N ASP XE 135 48.62 -120.51 129.84
CA ASP XE 135 48.59 -119.29 130.63
C ASP XE 135 49.95 -119.10 131.28
N LEU XE 136 50.56 -117.94 131.08
CA LEU XE 136 51.89 -117.64 131.58
C LEU XE 136 51.82 -116.56 132.65
N TYR XE 137 52.48 -116.81 133.79
CA TYR XE 137 52.58 -115.84 134.87
C TYR XE 137 54.05 -115.77 135.28
N LEU XE 138 54.74 -114.73 134.80
CA LEU XE 138 56.16 -114.56 135.08
C LEU XE 138 56.35 -113.61 136.25
N ALA XE 139 57.25 -113.99 137.16
CA ALA XE 139 57.57 -113.16 138.32
C ALA XE 139 58.95 -113.54 138.81
N ASN XE 140 59.56 -112.59 139.54
CA ASN XE 140 60.80 -112.77 140.29
C ASN XE 140 61.96 -113.19 139.40
N GLU XE 141 62.24 -112.35 138.40
CA GLU XE 141 63.41 -112.46 137.51
C GLU XE 141 63.43 -113.79 136.76
N GLY XE 142 62.41 -113.97 135.93
CA GLY XE 142 62.39 -115.08 135.00
C GLY XE 142 62.89 -114.67 133.63
N THR XE 143 64.17 -114.94 133.36
CA THR XE 143 64.76 -114.62 132.06
C THR XE 143 64.43 -115.76 131.10
N THR XE 144 63.52 -115.51 130.18
CA THR XE 144 62.92 -116.57 129.36
C THR XE 144 63.29 -116.38 127.90
N ARG XE 145 63.76 -117.44 127.27
CA ARG XE 145 64.09 -117.46 125.85
C ARG XE 145 63.29 -118.58 125.17
N LEU XE 146 62.65 -118.25 124.05
CA LEU XE 146 61.80 -119.18 123.35
C LEU XE 146 62.25 -119.29 121.90
N ALA XE 147 62.17 -120.49 121.34
CA ALA XE 147 62.55 -120.73 119.95
C ALA XE 147 61.52 -121.61 119.25
N GLY XE 148 60.24 -121.28 119.40
CA GLY XE 148 59.20 -122.06 118.78
C GLY XE 148 57.91 -121.28 118.66
N ASN XE 149 56.93 -121.90 117.99
CA ASN XE 149 55.62 -121.30 117.77
C ASN XE 149 54.72 -121.65 118.94
N ILE XE 150 54.33 -120.64 119.72
CA ILE XE 150 53.57 -120.84 120.95
C ILE XE 150 52.21 -120.18 120.78
N GLY XE 151 51.14 -120.92 121.08
CA GLY XE 151 49.81 -120.37 121.15
C GLY XE 151 49.45 -120.08 122.60
N LEU XE 152 48.99 -118.86 122.84
CA LEU XE 152 48.60 -118.44 124.18
C LEU XE 152 47.65 -117.26 124.06
N GLN XE 153 46.98 -116.96 125.15
CA GLN XE 153 46.12 -115.78 125.23
C GLN XE 153 46.44 -114.92 126.44
N LYS XE 154 46.81 -115.52 127.56
CA LYS XE 154 47.02 -114.78 128.80
C LYS XE 154 48.47 -114.85 129.23
N LEU XE 155 49.14 -113.70 129.19
CA LEU XE 155 50.48 -113.52 129.73
C LEU XE 155 50.39 -112.43 130.78
N GLU XE 156 50.98 -112.68 131.94
CA GLU XE 156 50.96 -111.73 133.05
C GLU XE 156 52.35 -111.65 133.65
N ALA XE 157 52.98 -110.49 133.53
CA ALA XE 157 54.29 -110.25 134.11
C ALA XE 157 54.13 -109.38 135.35
N VAL XE 158 54.73 -109.82 136.46
CA VAL XE 158 54.72 -109.00 137.67
C VAL XE 158 55.63 -107.78 137.50
N GLY XE 159 56.81 -107.99 136.95
CA GLY XE 159 57.69 -106.88 136.61
C GLY XE 159 59.14 -107.25 136.79
N ASN XE 160 60.00 -106.36 136.29
CA ASN XE 160 61.46 -106.41 136.43
C ASN XE 160 62.05 -107.71 135.86
N GLY XE 161 61.88 -107.84 134.54
CA GLY XE 161 62.41 -109.00 133.86
C GLY XE 161 62.63 -108.74 132.39
N VAL XE 162 63.49 -109.57 131.79
CA VAL XE 162 63.74 -109.55 130.36
C VAL XE 162 63.17 -110.83 129.77
N THR XE 163 62.44 -110.70 128.67
CA THR XE 163 61.82 -111.85 128.02
C THR XE 163 61.90 -111.68 126.52
N GLN XE 164 62.37 -112.73 125.84
CA GLN XE 164 62.40 -112.78 124.39
C GLN XE 164 61.56 -113.97 123.93
N ILE XE 165 60.49 -113.68 123.21
CA ILE XE 165 59.60 -114.71 122.69
C ILE XE 165 59.68 -114.64 121.17
N ASN XE 166 59.98 -115.77 120.54
CA ASN XE 166 60.22 -115.84 119.10
C ASN XE 166 59.16 -116.73 118.46
N GLY XE 167 58.00 -116.14 118.17
CA GLY XE 167 56.95 -116.83 117.44
C GLY XE 167 55.73 -117.15 118.27
N VAL XE 168 54.71 -116.30 118.15
CA VAL XE 168 53.44 -116.47 118.84
C VAL XE 168 52.34 -116.59 117.80
N SER XE 169 51.53 -117.63 117.90
CA SER XE 169 50.40 -117.87 117.01
C SER XE 169 49.14 -117.71 117.85
N SER XE 170 48.64 -116.47 117.93
CA SER XE 170 47.45 -116.17 118.70
C SER XE 170 46.50 -115.35 117.84
N ARG XE 171 45.35 -115.94 117.51
CA ARG XE 171 44.27 -115.21 116.89
C ARG XE 171 43.51 -114.34 117.87
N ASN XE 172 43.80 -114.49 119.17
CA ASN XE 172 43.39 -113.55 120.20
C ASN XE 172 44.41 -113.62 121.31
N LEU XE 173 44.73 -112.48 121.90
CA LEU XE 173 45.64 -112.42 123.05
C LEU XE 173 45.34 -111.13 123.79
N GLN XE 174 45.35 -111.20 125.12
CA GLN XE 174 45.31 -110.02 125.96
C GLN XE 174 46.46 -110.10 126.96
N ILE XE 175 47.31 -109.08 126.95
CA ILE XE 175 48.52 -109.05 127.75
C ILE XE 175 48.50 -107.76 128.57
N VAL XE 176 48.73 -107.88 129.88
CA VAL XE 176 48.98 -106.74 130.74
C VAL XE 176 50.03 -107.16 131.76
N LEU XE 177 50.72 -106.17 132.32
CA LEU XE 177 51.80 -106.42 133.26
C LEU XE 177 51.82 -105.30 134.29
N LYS XE 178 52.44 -105.60 135.44
CA LYS XE 178 52.34 -104.72 136.60
C LYS XE 178 53.55 -103.81 136.76
N GLY XE 179 54.74 -104.38 136.91
CA GLY XE 179 55.91 -103.57 137.22
C GLY XE 179 56.57 -102.96 136.00
N ASP XE 180 57.90 -103.09 135.91
CA ASP XE 180 58.67 -102.48 134.84
C ASP XE 180 59.49 -103.56 134.14
N PRO XE 181 58.89 -104.32 133.24
CA PRO XE 181 59.65 -105.30 132.47
C PRO XE 181 60.11 -104.73 131.13
N LYS XE 182 60.92 -105.53 130.45
CA LYS XE 182 61.47 -105.16 129.14
C LYS XE 182 61.38 -106.41 128.26
N VAL XE 183 60.34 -106.49 127.45
CA VAL XE 183 60.08 -107.67 126.64
C VAL XE 183 60.16 -107.33 125.16
N LEU XE 184 60.28 -108.36 124.34
CA LEU XE 184 60.42 -108.20 122.89
C LEU XE 184 59.82 -109.44 122.23
N ILE XE 185 58.74 -109.25 121.48
CA ILE XE 185 57.92 -110.35 120.98
C ILE XE 185 57.83 -110.26 119.47
N SER XE 186 57.91 -111.42 118.81
CA SER XE 186 57.71 -111.55 117.37
C SER XE 186 56.74 -112.68 117.10
N GLY XE 187 56.10 -112.62 115.93
CA GLY XE 187 55.14 -113.64 115.54
C GLY XE 187 53.91 -113.08 114.86
N PHE XE 188 52.73 -113.50 115.32
CA PHE XE 188 51.45 -112.99 114.80
C PHE XE 188 50.45 -112.98 115.94
N VAL XE 189 50.20 -111.79 116.48
CA VAL XE 189 49.31 -111.63 117.63
C VAL XE 189 48.20 -110.67 117.24
N ASN XE 190 46.96 -111.12 117.37
CA ASN XE 190 45.80 -110.23 117.27
C ASN XE 190 45.61 -109.62 118.65
N LEU XE 191 46.18 -108.43 118.83
CA LEU XE 191 46.11 -107.74 120.11
C LEU XE 191 44.72 -107.19 120.34
N ARG XE 192 44.37 -107.01 121.62
CA ARG XE 192 43.05 -106.53 121.99
C ARG XE 192 43.09 -105.19 122.72
N GLN XE 193 43.89 -105.07 123.77
CA GLN XE 193 43.89 -103.87 124.59
C GLN XE 193 45.22 -103.76 125.31
N LEU XE 194 45.62 -102.53 125.63
CA LEU XE 194 46.85 -102.30 126.39
C LEU XE 194 46.66 -101.14 127.36
N ASP XE 195 46.92 -101.40 128.64
CA ASP XE 195 46.95 -100.37 129.66
C ASP XE 195 48.28 -100.47 130.40
N MET XE 196 48.90 -99.34 130.68
CA MET XE 196 50.21 -99.35 131.32
C MET XE 196 50.33 -98.19 132.30
N TYR XE 197 50.80 -98.49 133.51
CA TYR XE 197 50.94 -97.53 134.58
C TYR XE 197 52.37 -97.35 135.08
N GLY XE 198 53.29 -98.25 134.74
CA GLY XE 198 54.61 -98.23 135.34
C GLY XE 198 55.70 -97.61 134.48
N LYS XE 199 56.78 -98.36 134.28
CA LYS XE 199 57.96 -97.95 133.54
C LYS XE 199 58.39 -99.04 132.57
N GLY XE 200 57.42 -99.50 131.78
CA GLY XE 200 57.63 -100.70 130.99
C GLY XE 200 58.22 -100.45 129.61
N THR XE 201 58.68 -101.54 129.01
CA THR XE 201 59.24 -101.50 127.66
C THR XE 201 58.85 -102.76 126.92
N LEU XE 202 58.21 -102.60 125.77
CA LEU XE 202 57.80 -103.73 124.96
C LEU XE 202 57.92 -103.38 123.49
N SER XE 203 58.07 -104.43 122.68
CA SER XE 203 58.21 -104.28 121.24
C SER XE 203 57.56 -105.47 120.58
N LEU XE 204 56.82 -105.22 119.51
CA LEU XE 204 56.17 -106.25 118.72
C LEU XE 204 56.65 -106.14 117.27
N TYR XE 205 57.21 -107.23 116.75
CA TYR XE 205 57.71 -107.22 115.39
C TYR XE 205 56.57 -107.23 114.38
N TRP XE 206 55.57 -108.08 114.59
CA TRP XE 206 54.42 -108.13 113.70
C TRP XE 206 53.15 -108.25 114.54
N ILE XE 207 52.21 -107.35 114.29
CA ILE XE 207 50.88 -107.43 114.88
C ILE XE 207 49.85 -107.20 113.78
N LYS XE 208 48.96 -108.16 113.59
CA LYS XE 208 47.90 -108.07 112.59
C LYS XE 208 46.59 -108.11 113.34
N SER XE 209 46.15 -106.95 113.81
CA SER XE 209 44.95 -106.82 114.60
C SER XE 209 44.03 -105.82 113.94
N ASP XE 210 42.90 -105.55 114.58
CA ASP XE 210 41.87 -104.70 114.01
C ASP XE 210 41.69 -103.39 114.79
N THR XE 211 41.36 -103.47 116.07
CA THR XE 211 41.06 -102.28 116.85
C THR XE 211 41.78 -102.37 118.19
N LEU XE 212 42.49 -101.30 118.52
CA LEU XE 212 43.31 -101.27 119.73
C LEU XE 212 42.97 -100.06 120.58
N THR XE 213 42.96 -100.27 121.88
CA THR XE 213 42.80 -99.21 122.87
C THR XE 213 44.04 -99.20 123.76
N ILE XE 214 44.77 -98.09 123.72
CA ILE XE 214 46.05 -97.97 124.41
C ILE XE 214 45.94 -96.84 125.43
N ARG XE 215 46.30 -97.13 126.67
CA ARG XE 215 46.40 -96.12 127.73
C ARG XE 215 47.79 -96.19 128.35
N ALA XE 216 48.47 -95.05 128.40
CA ALA XE 216 49.80 -94.99 129.02
C ALA XE 216 49.83 -93.89 130.06
N LYS XE 217 50.34 -94.21 131.25
CA LYS XE 217 50.32 -93.29 132.38
C LYS XE 217 51.67 -92.66 132.67
N LYS XE 218 52.70 -93.47 132.93
CA LYS XE 218 53.94 -92.92 133.51
C LYS XE 218 55.15 -93.06 132.59
N ALA XE 219 55.50 -94.25 132.16
CA ALA XE 219 56.67 -94.42 131.29
C ALA XE 219 56.51 -95.72 130.51
N ALA XE 220 56.44 -95.61 129.20
CA ALA XE 220 56.28 -96.80 128.36
C ALA XE 220 57.08 -96.61 127.09
N LYS XE 221 57.91 -97.59 126.79
CA LYS XE 221 58.61 -97.67 125.51
C LYS XE 221 57.85 -98.69 124.67
N ILE XE 222 57.21 -98.23 123.61
CA ILE XE 222 56.28 -99.05 122.83
C ILE XE 222 56.80 -99.05 121.40
N GLN XE 223 57.42 -100.16 120.99
CA GLN XE 223 57.99 -100.26 119.64
C GLN XE 223 57.22 -101.32 118.87
N LEU XE 224 56.21 -100.89 118.10
CA LEU XE 224 55.31 -101.80 117.41
C LEU XE 224 55.43 -101.64 115.92
N ALA XE 225 55.39 -102.77 115.20
CA ALA XE 225 55.29 -102.76 113.76
C ALA XE 225 54.21 -103.74 113.33
N GLY XE 226 53.36 -103.31 112.40
CA GLY XE 226 52.27 -104.16 111.95
C GLY XE 226 51.17 -103.34 111.29
N ILE XE 227 49.98 -103.95 111.22
CA ILE XE 227 48.85 -103.37 110.51
C ILE XE 227 47.67 -103.29 111.47
N VAL XE 228 47.12 -102.08 111.65
CA VAL XE 228 45.94 -101.83 112.44
C VAL XE 228 44.84 -101.34 111.52
N ASN XE 229 43.59 -101.54 111.94
CA ASN XE 229 42.48 -100.89 111.25
C ASN XE 229 41.98 -99.68 112.02
N ARG XE 230 41.76 -99.84 113.32
CA ARG XE 230 41.24 -98.77 114.16
C ARG XE 230 42.05 -98.71 115.44
N LEU XE 231 42.41 -97.50 115.86
CA LEU XE 231 43.30 -97.35 116.99
C LEU XE 231 42.98 -96.09 117.77
N ASP XE 232 42.95 -96.21 119.10
CA ASP XE 232 42.83 -95.07 120.00
C ASP XE 232 43.95 -95.12 121.02
N VAL XE 233 44.61 -93.98 121.22
CA VAL XE 233 45.77 -93.86 122.10
C VAL XE 233 45.55 -92.69 123.04
N GLU XE 234 45.69 -92.94 124.33
CA GLU XE 234 45.68 -91.91 125.37
C GLU XE 234 47.02 -91.92 126.08
N LEU XE 235 47.63 -90.74 126.21
CA LEU XE 235 48.90 -90.56 126.89
C LEU XE 235 48.75 -89.55 128.01
N TRP XE 236 49.27 -89.88 129.19
CA TRP XE 236 49.18 -88.97 130.33
C TRP XE 236 50.42 -88.09 130.48
N ASP XE 237 51.58 -88.70 130.73
CA ASP XE 237 52.77 -87.92 131.05
C ASP XE 237 54.02 -88.79 130.91
N PHE XE 238 55.10 -88.18 130.41
CA PHE XE 238 56.45 -88.75 130.40
C PHE XE 238 56.52 -90.06 129.62
N ALA XE 239 55.77 -90.16 128.55
CA ALA XE 239 55.74 -91.35 127.72
C ALA XE 239 56.15 -91.01 126.30
N GLN XE 240 56.80 -91.96 125.65
CA GLN XE 240 57.19 -91.86 124.26
C GLN XE 240 56.62 -93.06 123.52
N PHE XE 241 55.82 -92.80 122.48
CA PHE XE 241 55.18 -93.85 121.72
C PHE XE 241 55.66 -93.82 120.28
N LYS XE 242 56.02 -95.00 119.76
CA LYS XE 242 56.53 -95.14 118.40
C LYS XE 242 55.57 -96.03 117.64
N GLY XE 243 54.69 -95.43 116.84
CA GLY XE 243 53.85 -96.19 115.95
C GLY XE 243 54.41 -96.10 114.54
N LYS XE 244 55.71 -95.88 114.46
CA LYS XE 244 56.40 -95.94 113.18
C LYS XE 244 56.35 -97.37 112.65
N TYR XE 245 56.20 -97.48 111.32
CA TYR XE 245 55.97 -98.75 110.60
C TYR XE 245 54.75 -99.49 111.13
N LEU XE 246 53.71 -98.74 111.48
CA LEU XE 246 52.50 -99.31 112.08
C LEU XE 246 51.32 -98.54 111.53
N ARG XE 247 50.68 -99.09 110.51
CA ARG XE 247 49.65 -98.37 109.75
C ARG XE 247 48.26 -98.64 110.32
N ALA XE 248 47.45 -97.59 110.34
CA ALA XE 248 46.07 -97.67 110.82
C ALA XE 248 45.19 -96.78 109.98
N GLN XE 249 44.01 -97.30 109.60
CA GLN XE 249 43.09 -96.50 108.78
C GLN XE 249 42.42 -95.42 109.62
N ARG XE 250 42.04 -95.75 110.85
CA ARG XE 250 41.38 -94.81 111.76
C ARG XE 250 42.24 -94.65 113.00
N SER XE 251 42.56 -93.41 113.35
CA SER XE 251 43.41 -93.17 114.51
C SER XE 251 42.92 -91.99 115.32
N PHE XE 252 42.92 -92.17 116.64
CA PHE XE 252 42.65 -91.10 117.59
C PHE XE 252 43.81 -91.00 118.57
N VAL XE 253 44.33 -89.80 118.75
CA VAL XE 253 45.45 -89.55 119.65
C VAL XE 253 45.05 -88.45 120.61
N LYS XE 254 45.11 -88.73 121.91
CA LYS XE 254 44.81 -87.74 122.93
C LYS XE 254 45.96 -87.71 123.93
N THR XE 255 46.67 -86.58 123.98
CA THR XE 255 47.86 -86.47 124.81
C THR XE 255 47.71 -85.34 125.82
N HIS XE 256 47.99 -85.65 127.08
CA HIS XE 256 48.06 -84.67 128.14
C HIS XE 256 49.50 -84.15 128.23
N ASP XE 257 49.84 -83.50 129.35
CA ASP XE 257 51.11 -82.79 129.49
C ASP XE 257 52.32 -83.71 129.39
N LYS XE 258 53.31 -83.28 128.60
CA LYS XE 258 54.62 -83.91 128.45
C LYS XE 258 54.51 -85.36 127.95
N SER XE 259 54.02 -85.48 126.72
CA SER XE 259 53.84 -86.78 126.10
C SER XE 259 54.21 -86.70 124.63
N VAL XE 260 54.98 -87.68 124.14
CA VAL XE 260 55.47 -87.68 122.77
C VAL XE 260 54.97 -88.96 122.09
N ALA XE 261 54.49 -88.82 120.86
CA ALA XE 261 54.07 -89.97 120.09
C ALA XE 261 54.23 -89.68 118.60
N GLU XE 262 54.68 -90.68 117.86
CA GLU XE 262 54.71 -90.62 116.40
C GLU XE 262 53.76 -91.66 115.84
N ILE XE 263 53.06 -91.28 114.77
CA ILE XE 263 51.85 -91.93 114.30
C ILE XE 263 51.94 -92.13 112.80
N SER XE 264 51.61 -93.34 112.33
CA SER XE 264 51.70 -93.68 110.92
C SER XE 264 50.33 -93.96 110.31
N ALA XE 265 49.36 -93.10 110.58
CA ALA XE 265 48.02 -93.25 110.01
C ALA XE 265 48.03 -93.04 108.50
N VAL XE 266 47.10 -93.70 107.81
CA VAL XE 266 47.05 -93.72 106.35
C VAL XE 266 45.79 -93.05 105.81
N ASN XE 267 44.65 -93.21 106.48
CA ASN XE 267 43.39 -92.72 105.94
C ASN XE 267 42.78 -91.61 106.76
N HIS XE 268 42.59 -91.81 108.05
CA HIS XE 268 41.80 -90.89 108.87
C HIS XE 268 42.48 -90.72 110.21
N GLN XE 269 42.88 -89.49 110.53
CA GLN XE 269 43.57 -89.25 111.79
C GLN XE 269 43.00 -88.04 112.51
N SER XE 270 42.84 -88.20 113.83
CA SER XE 270 42.37 -87.16 114.73
C SER XE 270 43.34 -87.06 115.89
N SER XE 271 43.77 -85.84 116.20
CA SER XE 271 44.81 -85.67 117.22
C SER XE 271 44.53 -84.45 118.07
N LEU XE 272 44.71 -84.60 119.38
CA LEU XE 272 44.53 -83.52 120.34
C LEU XE 272 45.65 -83.55 121.35
N ALA XE 273 46.26 -82.39 121.59
CA ALA XE 273 47.33 -82.25 122.56
C ALA XE 273 47.02 -81.10 123.50
N THR XE 274 47.28 -81.31 124.80
CA THR XE 274 47.01 -80.23 125.75
C THR XE 274 48.16 -79.23 125.79
N ASP XE 275 49.33 -79.68 126.23
CA ASP XE 275 50.48 -78.79 126.39
C ASP XE 275 51.72 -79.67 126.48
N ALA XE 276 52.84 -79.16 125.94
CA ALA XE 276 54.15 -79.83 125.96
C ALA XE 276 54.12 -81.21 125.34
N SER XE 277 53.20 -81.43 124.41
CA SER XE 277 52.98 -82.73 123.81
C SER XE 277 53.35 -82.67 122.34
N ASP XE 278 54.01 -83.71 121.87
CA ASP XE 278 54.48 -83.77 120.49
C ASP XE 278 53.80 -84.94 119.79
N ILE XE 279 53.18 -84.64 118.65
CA ILE XE 279 52.52 -85.62 117.82
C ILE XE 279 53.14 -85.53 116.45
N TYR XE 280 53.81 -86.58 116.03
CA TYR XE 280 54.59 -86.56 114.79
C TYR XE 280 53.93 -87.52 113.80
N TYR XE 281 53.19 -86.96 112.85
CA TYR XE 281 52.62 -87.79 111.81
C TYR XE 281 53.68 -88.08 110.76
N TYR XE 282 53.83 -89.35 110.42
CA TYR XE 282 54.85 -89.75 109.47
C TYR XE 282 54.30 -90.04 108.09
N ASN XE 283 53.05 -89.66 107.82
CA ASN XE 283 52.42 -89.97 106.55
C ASN XE 283 51.37 -88.92 106.24
N LEU XE 284 51.02 -88.82 104.96
CA LEU XE 284 49.96 -87.93 104.53
C LEU XE 284 48.66 -88.73 104.46
N SER XE 285 47.78 -88.49 105.41
CA SER XE 285 46.51 -89.19 105.45
C SER XE 285 45.53 -88.61 104.43
N LYS XE 286 44.48 -89.38 104.15
CA LYS XE 286 43.40 -88.85 103.33
C LYS XE 286 42.63 -87.76 104.05
N THR XE 287 42.55 -87.84 105.37
CA THR XE 287 41.89 -86.82 106.17
C THR XE 287 42.63 -86.67 107.50
N ARG XE 288 42.97 -85.42 107.82
CA ARG XE 288 43.79 -85.09 108.97
C ARG XE 288 43.12 -83.98 109.76
N ALA XE 289 43.04 -84.14 111.07
CA ALA XE 289 42.56 -83.05 111.92
C ALA XE 289 43.31 -83.03 113.23
N ASP XE 290 43.89 -81.89 113.58
CA ASP XE 290 44.80 -81.74 114.70
C ASP XE 290 44.44 -80.52 115.53
N PHE XE 291 44.67 -80.62 116.83
CA PHE XE 291 44.34 -79.51 117.74
C PHE XE 291 45.35 -79.44 118.88
N MET XE 292 45.73 -78.21 119.23
CA MET XE 292 46.58 -77.93 120.38
C MET XE 292 45.84 -77.01 121.33
N ALA XE 293 46.03 -77.21 122.64
CA ALA XE 293 45.36 -76.40 123.64
C ALA XE 293 46.26 -75.30 124.18
N PHE XE 294 47.39 -75.66 124.79
CA PHE XE 294 48.33 -74.66 125.30
C PHE XE 294 49.66 -74.71 124.54
N ASN XE 295 50.32 -75.87 124.52
CA ASN XE 295 51.63 -75.97 123.89
C ASN XE 295 51.75 -77.26 123.09
N GLY XE 296 50.65 -77.78 122.57
CA GLY XE 296 50.72 -78.96 121.75
C GLY XE 296 51.35 -78.69 120.39
N SER XE 297 51.98 -79.71 119.84
CA SER XE 297 52.70 -79.55 118.59
C SER XE 297 52.42 -80.76 117.71
N VAL XE 298 52.15 -80.51 116.44
CA VAL XE 298 51.89 -81.55 115.46
C VAL XE 298 52.81 -81.32 114.28
N LEU XE 299 53.68 -82.28 114.00
CA LEU XE 299 54.77 -82.10 113.05
C LEU XE 299 54.91 -83.27 112.10
N ASP XE 300 55.49 -82.96 110.93
CA ASP XE 300 55.59 -83.92 109.84
C ASP XE 300 56.86 -84.77 109.94
N MET XE 301 57.99 -84.11 110.25
CA MET XE 301 59.29 -84.76 110.54
C MET XE 301 59.78 -85.64 109.38
N ARG XE 302 59.55 -85.21 108.15
CA ARG XE 302 59.94 -86.01 107.01
C ARG XE 302 61.22 -85.48 106.38
N GLU XE 303 61.60 -86.06 105.24
CA GLU XE 303 62.93 -85.86 104.68
C GLU XE 303 63.03 -84.64 103.79
N TRP XE 304 62.01 -84.38 102.97
CA TRP XE 304 61.86 -83.33 101.94
C TRP XE 304 62.79 -83.54 100.74
N GLY XE 305 63.64 -84.55 100.75
CA GLY XE 305 64.44 -84.89 99.59
C GLY XE 305 63.91 -86.15 98.96
N GLN XE 306 62.66 -86.49 99.30
CA GLN XE 306 62.04 -87.70 98.77
C GLN XE 306 61.78 -87.55 97.27
N SER XE 307 62.07 -88.61 96.53
CA SER XE 307 61.92 -88.58 95.08
C SER XE 307 60.45 -88.57 94.67
N ASP XE 308 59.57 -89.11 95.50
CA ASP XE 308 58.16 -89.27 95.12
C ASP XE 308 57.24 -88.89 96.27
N LEU XE 309 57.52 -87.78 96.95
CA LEU XE 309 56.60 -87.30 97.97
C LEU XE 309 55.52 -86.43 97.34
N LYS XE 310 54.27 -86.71 97.67
CA LYS XE 310 53.17 -85.90 97.20
C LYS XE 310 52.99 -84.68 98.11
N ASP XE 311 52.34 -83.67 97.56
CA ASP XE 311 52.11 -82.41 98.26
C ASP XE 311 50.74 -82.46 98.95
N PHE XE 312 50.30 -81.31 99.46
CA PHE XE 312 49.03 -81.23 100.15
C PHE XE 312 47.86 -81.40 99.18
N ASP XE 313 46.90 -82.21 99.58
CA ASP XE 313 45.64 -82.30 98.86
C ASP XE 313 44.81 -81.06 99.14
N ARG XE 314 43.85 -80.80 98.24
CA ARG XE 314 42.84 -79.78 98.48
C ARG XE 314 42.07 -80.05 99.75
N TYR XE 315 41.69 -81.30 99.97
CA TYR XE 315 40.98 -81.67 101.19
C TYR XE 315 41.91 -81.76 102.39
N ASN XE 316 43.18 -82.09 102.17
CA ASN XE 316 44.12 -82.22 103.27
C ASN XE 316 44.85 -80.93 103.58
N LYS XE 317 44.55 -79.84 102.88
CA LYS XE 317 45.22 -78.57 103.15
C LYS XE 317 44.65 -77.99 104.43
N GLN XE 318 45.22 -78.40 105.57
CA GLN XE 318 44.73 -77.99 106.87
C GLN XE 318 45.84 -77.26 107.61
N PHE XE 319 45.52 -76.07 108.11
CA PHE XE 319 46.49 -75.28 108.83
C PHE XE 319 46.15 -75.20 110.31
N PRO XE 320 47.15 -75.12 111.19
CA PRO XE 320 46.87 -74.92 112.61
C PRO XE 320 46.42 -73.49 112.91
N ASP YE 39 46.48 -32.70 98.57
CA ASP YE 39 47.34 -31.60 98.14
C ASP YE 39 48.71 -31.68 98.78
N GLY YE 40 48.77 -32.17 100.01
CA GLY YE 40 50.04 -32.31 100.69
C GLY YE 40 50.70 -33.64 100.39
N CYS YE 41 51.63 -33.66 99.43
CA CYS YE 41 52.23 -34.91 99.01
C CYS YE 41 53.36 -35.31 99.94
N CYS YE 42 54.31 -34.41 100.18
CA CYS YE 42 55.36 -34.66 101.18
C CYS YE 42 54.98 -34.06 102.53
N SER YE 43 53.78 -34.41 103.00
CA SER YE 43 53.28 -33.86 104.25
C SER YE 43 53.97 -34.49 105.44
N LYS YE 44 54.22 -33.67 106.47
CA LYS YE 44 54.97 -34.04 107.67
C LYS YE 44 56.36 -34.58 107.32
N MET YE 45 56.96 -34.03 106.28
CA MET YE 45 58.27 -34.44 105.79
C MET YE 45 59.00 -33.17 105.40
N GLY YE 46 60.08 -33.31 104.64
CA GLY YE 46 60.86 -32.15 104.25
C GLY YE 46 60.19 -31.24 103.23
N GLY YE 47 59.08 -31.67 102.63
CA GLY YE 47 58.49 -30.92 101.55
C GLY YE 47 59.03 -31.39 100.22
N ILE YE 48 58.49 -30.80 99.15
CA ILE YE 48 58.76 -31.28 97.79
C ILE YE 48 60.18 -30.91 97.38
N ASN YE 49 60.90 -31.87 96.83
CA ASN YE 49 62.14 -31.52 96.14
C ASN YE 49 61.88 -31.34 94.65
N TYR YE 50 61.48 -32.40 93.96
CA TYR YE 50 61.11 -32.29 92.54
C TYR YE 50 60.30 -33.50 92.13
N CYS YE 51 60.07 -33.61 90.83
CA CYS YE 51 59.34 -34.73 90.23
C CYS YE 51 60.27 -35.49 89.31
N ASP YE 52 60.36 -36.80 89.52
CA ASP YE 52 61.06 -37.68 88.58
C ASP YE 52 60.06 -38.06 87.50
N SER YE 53 60.29 -37.54 86.29
CA SER YE 53 59.45 -37.89 85.15
C SER YE 53 59.69 -39.32 84.69
N SER YE 54 60.94 -39.80 84.83
CA SER YE 54 61.23 -41.19 84.51
C SER YE 54 60.54 -42.13 85.48
N ALA YE 55 60.30 -41.68 86.71
CA ALA YE 55 59.46 -42.42 87.63
C ALA YE 55 58.01 -41.95 87.60
N GLY YE 56 57.76 -40.71 87.16
CA GLY YE 56 56.43 -40.15 87.25
C GLY YE 56 55.99 -39.91 88.67
N ARG YE 57 56.95 -39.68 89.56
CA ARG YE 57 56.69 -39.62 91.00
C ARG YE 57 57.28 -38.35 91.57
N LEU YE 58 57.01 -38.11 92.84
CA LEU YE 58 57.53 -36.94 93.53
C LEU YE 58 58.58 -37.38 94.54
N VAL YE 59 59.78 -36.79 94.44
CA VAL YE 59 60.82 -36.97 95.45
C VAL YE 59 60.82 -35.76 96.34
N CYS YE 60 60.87 -36.00 97.65
CA CYS YE 60 60.73 -34.98 98.66
C CYS YE 60 62.08 -34.47 99.12
N ASN YE 61 62.06 -33.38 99.90
CA ASN YE 61 63.26 -32.94 100.58
C ASN YE 61 63.70 -33.96 101.62
N ASN YE 62 62.73 -34.54 102.33
CA ASN YE 62 63.01 -35.76 103.06
C ASN YE 62 63.29 -36.88 102.07
N GLY YE 63 64.26 -37.73 102.40
CA GLY YE 63 64.72 -38.73 101.46
C GLY YE 63 63.79 -39.90 101.26
N PHE YE 64 62.61 -39.66 100.71
CA PHE YE 64 61.63 -40.72 100.48
C PHE YE 64 60.80 -40.40 99.25
N TYR YE 65 60.14 -41.44 98.74
CA TYR YE 65 59.23 -41.30 97.61
C TYR YE 65 57.82 -41.03 98.12
N SER YE 66 57.28 -39.88 97.76
CA SER YE 66 55.87 -39.64 98.02
C SER YE 66 55.02 -40.48 97.09
N THR YE 67 53.78 -40.72 97.51
CA THR YE 67 52.85 -41.55 96.74
C THR YE 67 52.18 -40.78 95.62
N CYS YE 68 52.41 -39.48 95.50
CA CYS YE 68 51.78 -38.68 94.47
C CYS YE 68 52.40 -38.97 93.10
N TYR YE 69 51.73 -38.47 92.06
CA TYR YE 69 52.20 -38.57 90.70
C TYR YE 69 52.37 -37.17 90.11
N CYS YE 70 53.22 -37.05 89.11
CA CYS YE 70 53.36 -35.79 88.40
C CYS YE 70 53.13 -35.89 86.90
N THR YE 71 53.52 -36.97 86.26
CA THR YE 71 53.36 -37.11 84.82
C THR YE 71 52.32 -38.18 84.51
N ARG YE 72 51.61 -37.97 83.41
CA ARG YE 72 50.60 -38.93 82.99
C ARG YE 72 51.18 -40.20 82.40
N HIS YE 73 52.48 -40.24 82.12
CA HIS YE 73 53.12 -41.45 81.62
C HIS YE 73 53.68 -42.29 82.76
N ALA YE 74 52.87 -42.56 83.78
CA ALA YE 74 53.31 -43.31 84.93
C ALA YE 74 52.25 -44.35 85.28
N VAL YE 75 52.49 -45.11 86.35
CA VAL YE 75 51.66 -46.25 86.69
C VAL YE 75 50.36 -45.72 87.31
N MET YE 76 49.32 -45.60 86.49
CA MET YE 76 47.99 -45.28 86.95
C MET YE 76 47.21 -46.57 87.10
N ASP YE 77 46.52 -46.72 88.23
CA ASP YE 77 45.71 -47.91 88.49
C ASP YE 77 44.25 -47.47 88.51
N LEU YE 78 43.61 -47.53 87.35
CA LEU YE 78 42.23 -47.13 87.19
C LEU YE 78 41.47 -48.21 86.43
N GLN YE 79 40.29 -48.57 86.91
CA GLN YE 79 39.48 -49.61 86.28
C GLN YE 79 38.19 -49.10 85.68
N PHE YE 80 37.62 -48.03 86.23
CA PHE YE 80 36.39 -47.45 85.74
C PHE YE 80 36.72 -46.33 84.76
N LEU YE 81 36.12 -46.38 83.58
CA LEU YE 81 36.37 -45.38 82.55
C LEU YE 81 35.07 -45.08 81.81
N MET YE 82 34.90 -43.81 81.45
CA MET YE 82 33.67 -43.35 80.81
C MET YE 82 33.68 -43.70 79.33
N GLY YE 83 32.73 -43.13 78.60
CA GLY YE 83 32.70 -43.33 77.16
C GLY YE 83 31.91 -44.56 76.77
N CYS YE 84 31.36 -44.51 75.56
CA CYS YE 84 30.68 -45.65 74.96
C CYS YE 84 31.39 -46.04 73.67
N CYS YE 85 30.87 -47.10 73.04
CA CYS YE 85 31.53 -47.82 71.93
C CYS YE 85 32.94 -48.27 72.34
N LEU YE 86 33.07 -48.70 73.59
CA LEU YE 86 34.35 -49.14 74.11
C LEU YE 86 34.61 -50.57 73.63
N TRP YE 87 35.91 -50.86 73.42
CA TRP YE 87 36.38 -52.07 72.72
C TRP YE 87 35.71 -52.20 71.36
N HIS YE 88 35.62 -51.09 70.64
CA HIS YE 88 35.01 -51.03 69.33
C HIS YE 88 35.73 -49.95 68.54
N GLY YE 89 35.12 -49.50 67.46
CA GLY YE 89 35.70 -48.44 66.67
C GLY YE 89 35.51 -47.05 67.23
N GLY YE 90 34.98 -46.92 68.44
CA GLY YE 90 34.71 -45.62 69.00
C GLY YE 90 33.43 -45.03 68.42
N VAL YE 91 33.20 -43.78 68.75
CA VAL YE 91 32.02 -43.08 68.24
C VAL YE 91 32.28 -42.69 66.79
N TYR YE 92 31.38 -43.08 65.90
CA TYR YE 92 31.50 -42.69 64.51
C TYR YE 92 31.19 -41.20 64.38
N PRO YE 93 32.06 -40.42 63.75
CA PRO YE 93 31.92 -38.96 63.78
C PRO YE 93 30.89 -38.40 62.81
N GLN YE 94 30.14 -39.24 62.09
CA GLN YE 94 29.18 -38.73 61.13
C GLN YE 94 27.98 -38.12 61.85
N LEU YE 95 27.31 -37.23 61.14
CA LEU YE 95 26.13 -36.53 61.66
C LEU YE 95 24.91 -37.38 61.35
N ASN YE 96 24.55 -38.24 62.29
CA ASN YE 96 23.37 -39.09 62.10
C ASN YE 96 22.11 -38.25 62.17
N SER YE 97 21.16 -38.53 61.28
CA SER YE 97 19.87 -37.86 61.31
C SER YE 97 19.11 -38.19 62.58
N SER YE 98 19.17 -39.45 63.00
CA SER YE 98 18.60 -39.87 64.27
C SER YE 98 19.65 -39.74 65.37
N GLY YE 99 19.28 -40.14 66.58
CA GLY YE 99 20.22 -40.29 67.66
C GLY YE 99 20.87 -41.65 67.72
N LEU YE 100 20.57 -42.51 66.76
CA LEU YE 100 21.11 -43.86 66.72
C LEU YE 100 22.59 -43.81 66.40
N VAL YE 101 23.43 -44.32 67.30
CA VAL YE 101 24.87 -44.28 67.17
C VAL YE 101 25.38 -45.69 66.97
N VAL YE 102 26.23 -45.88 65.97
CA VAL YE 102 26.82 -47.17 65.65
C VAL YE 102 28.32 -46.99 65.59
N CYS YE 103 29.06 -47.88 66.26
CA CYS YE 103 30.50 -47.76 66.32
C CYS YE 103 31.12 -48.06 64.96
N ASN YE 104 32.38 -47.63 64.79
CA ASN YE 104 33.10 -47.86 63.55
C ASN YE 104 33.42 -49.34 63.34
N ASP YE 105 33.41 -50.13 64.41
CA ASP YE 105 33.42 -51.58 64.28
C ASP YE 105 32.18 -52.08 63.55
N GLY YE 106 31.04 -51.44 63.79
CA GLY YE 106 29.79 -51.81 63.16
C GLY YE 106 28.67 -52.11 64.13
N TYR YE 107 28.97 -52.30 65.42
CA TYR YE 107 27.93 -52.50 66.41
C TYR YE 107 27.23 -51.19 66.71
N VAL YE 108 25.92 -51.26 66.91
CA VAL YE 108 25.09 -50.09 67.20
C VAL YE 108 24.79 -50.03 68.69
N SER YE 109 25.14 -48.91 69.32
CA SER YE 109 25.08 -48.77 70.77
C SER YE 109 23.83 -47.98 71.15
N GLU YE 110 22.72 -48.70 71.33
CA GLU YE 110 21.48 -48.05 71.73
C GLU YE 110 21.50 -47.60 73.18
N GLU YE 111 22.41 -48.12 73.98
CA GLU YE 111 22.54 -47.68 75.37
C GLU YE 111 23.13 -46.27 75.43
N CYS YE 112 24.07 -45.96 74.54
CA CYS YE 112 24.53 -44.58 74.40
C CYS YE 112 23.52 -43.75 73.63
N SER YE 113 22.81 -44.37 72.70
CA SER YE 113 21.76 -43.67 71.96
C SER YE 113 20.55 -43.42 72.86
N LEU YE 114 19.60 -42.66 72.32
CA LEU YE 114 18.34 -42.44 73.00
C LEU YE 114 17.40 -43.60 72.68
N GLN YE 115 16.24 -43.60 73.32
CA GLN YE 115 15.26 -44.66 73.18
C GLN YE 115 13.95 -44.07 72.70
N LYS YE 116 13.23 -44.85 71.89
CA LYS YE 116 11.96 -44.39 71.31
C LYS YE 116 10.84 -45.39 71.57
N UNK ZE 1 64.93 -60.81 97.02
CA UNK ZE 1 65.37 -60.08 98.20
C UNK ZE 1 65.91 -61.04 99.26
N UNK ZE 2 65.19 -61.11 100.40
CA UNK ZE 2 65.51 -61.99 101.52
C UNK ZE 2 66.91 -61.76 102.07
N UNK ZE 3 67.31 -60.49 102.16
CA UNK ZE 3 68.65 -60.16 102.62
C UNK ZE 3 68.63 -58.77 103.26
N UNK ZE 4 69.55 -58.55 104.19
CA UNK ZE 4 69.70 -57.28 104.88
C UNK ZE 4 71.10 -56.72 104.81
N UNK ZE 5 72.12 -57.56 104.69
CA UNK ZE 5 73.50 -57.11 104.73
C UNK ZE 5 74.33 -57.81 103.67
N UNK ZE 6 75.20 -57.04 103.02
CA UNK ZE 6 76.22 -57.59 102.13
C UNK ZE 6 77.42 -57.96 102.99
N UNK ZE 7 77.29 -59.09 103.68
CA UNK ZE 7 78.22 -59.46 104.73
C UNK ZE 7 79.56 -59.87 104.14
N UNK ZE 8 80.61 -59.15 104.52
CA UNK ZE 8 81.95 -59.43 104.04
C UNK ZE 8 82.72 -60.32 105.02
N UNK ZE 9 82.13 -61.50 105.26
CA UNK ZE 9 82.66 -62.57 106.12
C UNK ZE 9 83.02 -62.10 107.54
N UNK AF 1 -6.61 -115.17 -15.97
CA UNK AF 1 -5.73 -114.13 -16.49
C UNK AF 1 -4.34 -114.24 -15.87
N UNK AF 2 -4.23 -113.79 -14.62
CA UNK AF 2 -2.97 -113.91 -13.91
C UNK AF 2 -2.67 -115.35 -13.53
N UNK AF 3 -1.40 -115.70 -13.51
CA UNK AF 3 -0.94 -117.06 -13.22
C UNK AF 3 -0.08 -117.03 -11.96
N UNK AF 4 -0.70 -117.40 -10.82
CA UNK AF 4 -0.01 -117.31 -9.55
C UNK AF 4 1.07 -118.38 -9.40
N UNK AF 5 0.79 -119.60 -9.86
CA UNK AF 5 1.78 -120.68 -9.79
C UNK AF 5 2.95 -120.41 -10.73
N UNK AF 6 2.68 -119.89 -11.92
CA UNK AF 6 3.75 -119.52 -12.83
C UNK AF 6 4.56 -118.34 -12.29
N UNK AF 7 3.90 -117.41 -11.60
CA UNK AF 7 4.62 -116.30 -10.98
C UNK AF 7 5.51 -116.78 -9.84
N UNK AF 8 5.03 -117.73 -9.03
CA UNK AF 8 5.84 -118.29 -7.97
C UNK AF 8 7.02 -119.09 -8.52
N UNK AF 9 6.79 -119.82 -9.62
CA UNK AF 9 7.88 -120.57 -10.26
C UNK AF 9 8.90 -119.62 -10.88
N UNK AF 10 8.45 -118.51 -11.45
CA UNK AF 10 9.37 -117.51 -11.99
C UNK AF 10 10.17 -116.83 -10.88
N UNK AF 11 9.53 -116.58 -9.73
CA UNK AF 11 10.25 -116.04 -8.57
C UNK AF 11 11.28 -117.03 -8.05
N UNK AF 12 10.94 -118.32 -8.02
CA UNK AF 12 11.88 -119.35 -7.61
C UNK AF 12 13.06 -119.45 -8.58
N UNK AF 13 12.80 -119.36 -9.89
CA UNK AF 13 13.87 -119.41 -10.87
C UNK AF 13 14.73 -118.15 -10.83
N UNK AF 14 14.14 -116.99 -10.50
CA UNK AF 14 14.92 -115.78 -10.36
C UNK AF 14 15.80 -115.83 -9.11
N UNK AF 15 15.30 -116.46 -8.04
CA UNK AF 15 16.12 -116.67 -6.86
C UNK AF 15 17.27 -117.64 -7.14
N UNK AF 16 16.95 -118.80 -7.71
CA UNK AF 16 17.97 -119.74 -8.18
C UNK AF 16 18.19 -119.58 -9.67
N UNK AF 17 18.61 -118.36 -10.06
CA UNK AF 17 18.92 -118.08 -11.46
C UNK AF 17 20.17 -118.80 -11.94
N UNK AF 18 21.06 -119.19 -11.02
CA UNK AF 18 22.28 -119.96 -11.28
C UNK AF 18 23.22 -119.27 -12.28
N UNK AF 19 23.24 -117.93 -12.26
CA UNK AF 19 24.14 -117.18 -13.13
C UNK AF 19 24.47 -115.85 -12.43
N UNK AF 20 25.60 -115.82 -11.72
CA UNK AF 20 26.10 -114.59 -11.12
C UNK AF 20 27.61 -114.76 -10.95
N UNK AF 21 28.38 -114.17 -11.85
CA UNK AF 21 29.83 -114.27 -11.84
C UNK AF 21 30.43 -112.90 -11.53
N UNK AF 22 31.09 -112.78 -10.38
CA UNK AF 22 31.67 -111.53 -9.93
C UNK AF 22 33.18 -111.62 -9.99
N UNK AF 23 33.82 -110.64 -10.62
CA UNK AF 23 35.27 -110.57 -10.71
C UNK AF 23 35.72 -109.22 -10.18
N UNK AF 24 36.53 -109.23 -9.13
CA UNK AF 24 37.00 -108.02 -8.48
C UNK AF 24 38.31 -107.56 -9.11
N UNK AF 25 38.81 -106.42 -8.63
CA UNK AF 25 40.05 -105.85 -9.11
C UNK AF 25 40.88 -105.39 -7.92
N UNK AF 26 42.19 -105.29 -8.14
CA UNK AF 26 43.11 -104.87 -7.10
C UNK AF 26 43.13 -103.34 -6.99
N UNK AF 27 44.08 -102.81 -6.23
CA UNK AF 27 44.18 -101.36 -6.08
C UNK AF 27 44.70 -100.70 -7.36
N UNK AF 28 45.51 -101.41 -8.14
CA UNK AF 28 46.03 -100.92 -9.40
C UNK AF 28 45.23 -101.44 -10.60
N UNK AF 29 43.96 -101.79 -10.35
CA UNK AF 29 43.03 -102.32 -11.37
C UNK AF 29 43.57 -103.57 -12.05
N UNK AF 30 44.21 -104.44 -11.26
CA UNK AF 30 44.73 -105.70 -11.78
C UNK AF 30 43.59 -106.69 -11.94
N UNK AF 31 43.63 -107.46 -13.02
CA UNK AF 31 42.59 -108.42 -13.30
C UNK AF 31 42.67 -109.59 -12.31
N UNK AF 32 41.50 -110.05 -11.86
CA UNK AF 32 41.39 -111.17 -10.95
C UNK AF 32 40.36 -112.15 -11.49
N UNK AF 33 40.72 -113.43 -11.54
CA UNK AF 33 39.85 -114.48 -12.05
C UNK AF 33 39.45 -115.40 -10.90
N UNK AF 34 38.17 -115.74 -10.84
CA UNK AF 34 37.64 -116.51 -9.73
C UNK AF 34 36.44 -117.33 -10.23
N UNK AF 35 35.99 -118.27 -9.39
CA UNK AF 35 34.85 -119.10 -9.72
C UNK AF 35 33.55 -118.42 -9.33
N UNK AF 36 32.49 -118.74 -10.07
CA UNK AF 36 31.19 -118.10 -9.90
C UNK AF 36 30.35 -118.82 -8.84
N UNK AF 37 29.23 -118.20 -8.49
CA UNK AF 37 28.29 -118.76 -7.52
C UNK AF 37 26.89 -118.26 -7.87
N UNK AF 38 25.96 -118.42 -6.92
CA UNK AF 38 24.54 -118.11 -7.05
C UNK AF 38 23.89 -118.77 -8.26
N UNK AF 39 40.34 -98.95 -6.13
CA UNK AF 39 39.10 -99.47 -5.54
C UNK AF 39 39.31 -100.87 -4.98
N UNK AF 40 38.46 -101.24 -4.02
CA UNK AF 40 38.57 -102.55 -3.39
C UNK AF 40 37.90 -103.63 -4.24
N UNK AF 41 36.60 -103.46 -4.52
CA UNK AF 41 35.86 -104.41 -5.33
C UNK AF 41 34.70 -103.69 -5.98
N UNK AF 42 34.44 -104.00 -7.24
CA UNK AF 42 33.33 -103.37 -7.95
C UNK AF 42 32.01 -103.97 -7.47
N UNK AF 43 31.08 -103.10 -7.08
CA UNK AF 43 29.77 -103.55 -6.63
C UNK AF 43 28.92 -104.08 -7.78
N UNK AF 44 29.18 -103.63 -9.00
CA UNK AF 44 28.47 -104.08 -10.18
C UNK AF 44 29.27 -105.09 -10.99
N UNK AF 45 30.14 -105.85 -10.34
CA UNK AF 45 31.00 -106.80 -11.01
C UNK AF 45 30.32 -108.13 -11.30
N UNK AF 46 29.09 -108.34 -10.83
CA UNK AF 46 28.40 -109.60 -11.04
C UNK AF 46 27.94 -109.71 -12.49
N UNK AF 47 28.20 -110.87 -13.10
CA UNK AF 47 27.80 -111.13 -14.48
C UNK AF 47 26.99 -112.41 -14.53
N UNK AF 48 25.85 -112.37 -15.21
CA UNK AF 48 24.97 -113.53 -15.32
C UNK AF 48 25.56 -114.56 -16.28
N LYS BF 24 43.47 -59.74 118.86
CA LYS BF 24 42.22 -59.43 119.53
C LYS BF 24 41.05 -59.53 118.57
N PHE BF 25 41.00 -58.63 117.60
CA PHE BF 25 39.93 -58.59 116.62
C PHE BF 25 40.34 -59.43 115.42
N LYS BF 26 39.79 -60.63 115.32
CA LYS BF 26 39.99 -61.45 114.14
C LYS BF 26 39.30 -60.81 112.94
N LYS BF 27 40.00 -60.76 111.82
CA LYS BF 27 39.25 -60.21 110.71
C LYS BF 27 38.78 -61.31 109.77
N PRO BF 28 37.59 -61.18 109.20
CA PRO BF 28 37.17 -62.07 108.13
C PRO BF 28 37.93 -61.76 106.85
N PRO BF 29 37.99 -62.69 105.90
CA PRO BF 29 38.50 -62.34 104.58
C PRO BF 29 37.61 -61.31 103.92
N ILE BF 30 38.24 -60.30 103.32
CA ILE BF 30 37.49 -59.22 102.70
C ILE BF 30 36.78 -59.72 101.45
N ASN BF 31 37.50 -60.45 100.61
CA ASN BF 31 36.93 -60.98 99.38
C ASN BF 31 36.41 -62.40 99.57
N ASN BF 32 35.62 -62.58 100.58
CA ASN BF 32 35.01 -63.89 100.73
C ASN BF 32 33.73 -63.97 99.90
N PRO BF 33 33.37 -65.15 99.42
CA PRO BF 33 32.08 -65.29 98.75
C PRO BF 33 30.94 -65.29 99.75
N SER BF 34 30.52 -64.11 100.20
CA SER BF 34 29.45 -63.99 101.18
C SER BF 34 28.07 -63.90 100.52
N ASP BF 35 27.99 -64.22 99.23
CA ASP BF 35 26.72 -64.33 98.52
C ASP BF 35 26.68 -65.69 97.83
N ASP BF 36 25.46 -66.21 97.71
CA ASP BF 36 25.25 -67.55 97.14
C ASP BF 36 25.66 -67.61 95.68
N ALA BF 37 25.40 -66.54 94.92
CA ALA BF 37 25.82 -66.49 93.53
C ALA BF 37 27.33 -66.49 93.43
N THR BF 38 28.00 -65.75 94.32
CA THR BF 38 29.46 -65.76 94.36
C THR BF 38 29.99 -67.13 94.75
N ILE BF 39 29.29 -67.82 95.65
CA ILE BF 39 29.67 -69.16 96.07
C ILE BF 39 29.61 -70.11 94.90
N LYS BF 40 28.51 -70.06 94.14
CA LYS BF 40 28.34 -70.92 92.98
C LYS BF 40 29.34 -70.58 91.88
N LEU BF 41 29.65 -69.28 91.73
CA LEU BF 41 30.63 -68.85 90.75
C LEU BF 41 32.01 -69.39 91.08
N ALA BF 42 32.41 -69.31 92.35
CA ALA BF 42 33.71 -69.81 92.75
C ALA BF 42 33.79 -71.33 92.65
N GLU BF 43 32.68 -72.01 92.95
CA GLU BF 43 32.61 -73.46 92.79
C GLU BF 43 32.78 -73.86 91.32
N ALA BF 44 32.09 -73.14 90.43
CA ALA BF 44 32.22 -73.41 89.01
C ALA BF 44 33.61 -73.10 88.50
N ALA BF 45 34.24 -72.05 89.03
CA ALA BF 45 35.61 -71.71 88.65
C ALA BF 45 36.59 -72.80 89.07
N VAL BF 46 36.40 -73.34 90.28
CA VAL BF 46 37.23 -74.45 90.74
C VAL BF 46 37.05 -75.67 89.86
N SER BF 47 35.80 -75.99 89.51
CA SER BF 47 35.52 -77.17 88.70
C SER BF 47 36.11 -77.04 87.30
N VAL BF 48 35.96 -75.87 86.68
CA VAL BF 48 36.47 -75.65 85.33
C VAL BF 48 37.99 -75.65 85.33
N SER BF 49 38.59 -75.07 86.37
CA SER BF 49 40.06 -75.05 86.48
C SER BF 49 40.61 -76.46 86.62
N ASP BF 50 39.99 -77.29 87.45
CA ASP BF 50 40.47 -78.66 87.60
C ASP BF 50 40.24 -79.48 86.34
N SER BF 51 39.11 -79.25 85.66
CA SER BF 51 38.81 -79.95 84.42
C SER BF 51 39.83 -79.60 83.34
N MET BF 52 40.16 -78.32 83.22
CA MET BF 52 41.14 -77.92 82.23
C MET BF 52 42.55 -78.37 82.59
N LEU BF 53 42.83 -78.46 83.90
CA LEU BF 53 44.10 -79.02 84.34
C LEU BF 53 44.22 -80.48 83.92
N GLU BF 54 43.15 -81.25 84.11
CA GLU BF 54 43.17 -82.66 83.71
C GLU BF 54 43.23 -82.81 82.19
N MET BF 55 42.54 -81.92 81.47
CA MET BF 55 42.59 -81.93 80.01
C MET BF 55 44.00 -81.65 79.51
N ALA BF 56 44.68 -80.67 80.09
CA ALA BF 56 46.05 -80.37 79.68
C ALA BF 56 47.01 -81.47 80.10
N LYS BF 57 46.76 -82.12 81.24
CA LYS BF 57 47.59 -83.22 81.69
C LYS BF 57 47.52 -84.40 80.73
N VAL BF 58 46.31 -84.70 80.24
CA VAL BF 58 46.19 -85.71 79.19
C VAL BF 58 46.81 -85.20 77.89
N GLU BF 59 46.64 -83.91 77.61
CA GLU BF 59 46.98 -83.39 76.29
C GLU BF 59 48.48 -83.26 76.05
N LYS BF 60 49.26 -83.04 77.10
CA LYS BF 60 50.68 -82.81 76.90
C LYS BF 60 51.42 -84.10 76.58
N VAL BF 61 52.31 -84.02 75.60
CA VAL BF 61 53.16 -85.13 75.19
C VAL BF 61 54.57 -84.84 75.65
N ILE BF 62 55.17 -85.78 76.38
CA ILE BF 62 56.50 -85.58 76.94
C ILE BF 62 57.43 -86.67 76.44
N THR BF 63 58.68 -86.64 76.88
CA THR BF 63 59.69 -87.63 76.53
C THR BF 63 60.41 -88.07 77.79
N PRO BF 64 60.85 -89.34 77.83
CA PRO BF 64 61.67 -89.78 78.97
C PRO BF 64 63.00 -89.08 78.98
N PRO BF 65 63.59 -88.85 80.17
CA PRO BF 65 64.86 -88.13 80.24
C PRO BF 65 66.07 -88.97 79.87
N SER BF 66 65.88 -90.23 79.51
CA SER BF 66 66.97 -91.09 79.05
C SER BF 66 66.98 -91.25 77.53
N LYS BF 67 65.82 -91.46 76.93
CA LYS BF 67 65.71 -91.67 75.49
C LYS BF 67 65.66 -90.37 74.71
N ASP BF 68 65.68 -89.23 75.39
CA ASP BF 68 65.64 -87.94 74.72
C ASP BF 68 66.92 -87.68 73.95
N ASN BF 69 66.81 -86.95 72.85
CA ASN BF 69 67.95 -86.59 72.03
C ASN BF 69 68.37 -85.18 72.40
N THR BF 70 69.51 -85.06 73.10
CA THR BF 70 70.04 -83.77 73.46
C THR BF 70 71.56 -83.89 73.59
N LEU BF 71 72.22 -82.74 73.50
CA LEU BF 71 73.68 -82.69 73.58
C LEU BF 71 74.07 -82.55 75.04
N THR BF 72 74.73 -83.58 75.58
CA THR BF 72 75.19 -83.55 76.95
C THR BF 72 76.46 -82.71 77.07
N ILE BF 73 77.01 -82.65 78.29
CA ILE BF 73 78.15 -81.81 78.60
C ILE BF 73 79.36 -82.69 78.81
N PRO BF 74 80.32 -82.73 77.88
CA PRO BF 74 81.58 -83.44 78.15
C PRO BF 74 82.39 -82.80 79.26
N ASN BF 75 82.30 -81.47 79.40
CA ASN BF 75 82.93 -80.68 80.46
C ASN BF 75 84.46 -80.84 80.47
N ALA BF 76 85.06 -80.37 79.38
CA ALA BF 76 86.50 -80.17 79.34
C ALA BF 76 86.83 -78.78 79.87
N TYR BF 77 88.02 -78.65 80.47
CA TYR BF 77 88.36 -77.44 81.21
C TYR BF 77 88.53 -76.22 80.29
N ASN BF 78 88.89 -76.46 79.03
CA ASN BF 78 89.00 -75.35 78.09
C ASN BF 78 87.64 -74.78 77.71
N LEU BF 79 86.58 -75.56 77.89
CA LEU BF 79 85.24 -75.16 77.49
C LEU BF 79 84.48 -74.44 78.59
N GLN BF 80 85.10 -74.22 79.74
CA GLN BF 80 84.41 -73.71 80.91
C GLN BF 80 84.37 -72.19 80.97
N ALA BF 81 84.93 -71.52 79.97
CA ALA BF 81 84.93 -70.06 79.97
C ALA BF 81 83.55 -69.52 79.61
N ARG BF 82 83.40 -68.22 79.80
CA ARG BF 82 82.15 -67.52 79.51
C ARG BF 82 82.42 -66.48 78.42
N ALA BF 83 81.38 -66.18 77.65
CA ALA BF 83 81.53 -65.24 76.54
C ALA BF 83 80.21 -64.56 76.26
N SER BF 84 80.30 -63.41 75.61
CA SER BF 84 79.15 -62.64 75.16
C SER BF 84 79.11 -62.65 73.63
N VAL BF 85 77.98 -63.06 73.07
CA VAL BF 85 77.83 -63.17 71.62
C VAL BF 85 76.44 -62.71 71.21
N ASP BF 86 76.33 -62.34 69.93
CA ASP BF 86 75.06 -62.02 69.32
C ASP BF 86 75.20 -62.31 67.83
N TRP BF 87 74.71 -63.48 67.42
CA TRP BF 87 74.82 -63.94 66.05
C TRP BF 87 73.45 -64.31 65.52
N SER BF 88 73.21 -63.99 64.26
CA SER BF 88 71.97 -64.44 63.61
C SER BF 88 72.31 -64.72 62.14
N GLY BF 89 72.63 -65.98 61.86
CA GLY BF 89 72.99 -66.38 60.53
C GLY BF 89 73.32 -67.85 60.42
N PRO BF 90 74.26 -68.19 59.53
CA PRO BF 90 74.66 -69.60 59.38
C PRO BF 90 75.43 -70.17 60.56
N ILE BF 91 75.89 -71.41 60.40
CA ILE BF 91 76.27 -72.27 61.50
C ILE BF 91 77.75 -72.62 61.48
N GLU BF 92 78.30 -72.91 60.30
CA GLU BF 92 79.61 -73.55 60.20
C GLU BF 92 80.73 -72.60 60.59
N GLU BF 93 80.67 -71.35 60.12
CA GLU BF 93 81.68 -70.36 60.51
C GLU BF 93 81.59 -70.04 61.99
N LEU BF 94 80.37 -70.02 62.53
CA LEU BF 94 80.17 -69.77 63.95
C LEU BF 94 80.80 -70.86 64.81
N THR BF 95 80.56 -72.12 64.47
CA THR BF 95 81.12 -73.19 65.29
C THR BF 95 82.62 -73.35 65.05
N ALA BF 96 83.11 -72.98 63.86
CA ALA BF 96 84.55 -72.94 63.65
C ALA BF 96 85.20 -71.89 64.52
N ARG BF 97 84.56 -70.72 64.66
CA ARG BF 97 85.04 -69.69 65.57
C ARG BF 97 85.00 -70.15 67.01
N ILE BF 98 83.94 -70.88 67.39
CA ILE BF 98 83.81 -71.38 68.75
C ILE BF 98 84.91 -72.39 69.08
N ALA BF 99 85.17 -73.31 68.15
CA ALA BF 99 86.25 -74.28 68.35
C ALA BF 99 87.62 -73.60 68.34
N LYS BF 100 87.78 -72.55 67.54
CA LYS BF 100 89.02 -71.78 67.55
C LYS BF 100 89.24 -71.10 68.89
N ALA BF 101 88.16 -70.57 69.49
CA ALA BF 101 88.27 -69.98 70.81
C ALA BF 101 88.51 -71.02 71.88
N ALA BF 102 87.96 -72.22 71.70
CA ALA BF 102 88.14 -73.30 72.67
C ALA BF 102 89.43 -74.08 72.46
N HIS BF 103 90.21 -73.73 71.43
CA HIS BF 103 91.49 -74.36 71.09
C HIS BF 103 91.31 -75.85 70.81
N PHE BF 104 90.21 -76.18 70.14
CA PHE BF 104 89.92 -77.53 69.72
C PHE BF 104 89.84 -77.56 68.20
N ARG BF 105 90.26 -78.67 67.61
CA ARG BF 105 90.13 -78.83 66.19
C ARG BF 105 88.67 -79.06 65.82
N PHE BF 106 88.33 -78.78 64.56
CA PHE BF 106 86.94 -78.79 64.13
C PHE BF 106 86.83 -79.42 62.76
N ARG BF 107 85.82 -80.27 62.57
CA ARG BF 107 85.58 -80.87 61.27
C ARG BF 107 84.11 -81.18 61.09
N VAL BF 108 83.74 -81.44 59.84
CA VAL BF 108 82.35 -81.70 59.47
C VAL BF 108 82.26 -83.06 58.79
N LEU BF 109 81.06 -83.62 58.82
CA LEU BF 109 80.73 -84.89 58.16
C LEU BF 109 79.38 -84.68 57.48
N GLY BF 110 79.41 -84.45 56.16
CA GLY BF 110 78.19 -84.26 55.42
C GLY BF 110 78.26 -83.11 54.44
N LYS BF 111 77.14 -82.83 53.77
CA LYS BF 111 77.07 -81.78 52.75
C LYS BF 111 75.98 -80.79 53.12
N SER BF 112 76.32 -79.51 53.09
CA SER BF 112 75.32 -78.49 53.34
C SER BF 112 74.42 -78.33 52.12
N PRO BF 113 73.14 -78.01 52.32
CA PRO BF 113 72.25 -77.74 51.17
C PRO BF 113 72.48 -76.37 50.58
N SER BF 114 71.62 -75.99 49.63
CA SER BF 114 71.72 -74.67 49.00
C SER BF 114 71.44 -73.56 50.01
N VAL BF 115 70.40 -73.71 50.81
CA VAL BF 115 70.13 -72.81 51.93
C VAL BF 115 70.74 -73.43 53.18
N PRO BF 116 71.65 -72.75 53.85
CA PRO BF 116 72.25 -73.31 55.07
C PRO BF 116 71.30 -73.21 56.25
N VAL BF 117 71.68 -73.90 57.32
CA VAL BF 117 70.90 -73.89 58.54
C VAL BF 117 71.16 -72.60 59.29
N LEU BF 118 70.10 -71.90 59.68
CA LEU BF 118 70.20 -70.61 60.30
C LEU BF 118 69.91 -70.72 61.79
N ILE BF 119 70.54 -69.83 62.57
CA ILE BF 119 70.43 -69.81 64.02
C ILE BF 119 70.44 -68.36 64.47
N SER BF 120 70.18 -68.16 65.77
CA SER BF 120 70.19 -66.82 66.36
C SER BF 120 70.39 -66.98 67.86
N ILE BF 121 71.54 -66.52 68.35
CA ILE BF 121 71.90 -66.63 69.76
C ILE BF 121 72.42 -65.28 70.24
N SER BF 122 71.85 -64.77 71.32
CA SER BF 122 72.31 -63.53 71.92
C SER BF 122 72.39 -63.70 73.43
N THR BF 123 73.59 -63.57 73.98
CA THR BF 123 73.80 -63.75 75.41
C THR BF 123 75.03 -62.98 75.84
N LYS BF 124 75.15 -62.81 77.16
CA LYS BF 124 76.23 -62.03 77.77
C LYS BF 124 77.17 -62.89 78.61
N ASP BF 125 76.63 -63.60 79.61
CA ASP BF 125 77.46 -64.36 80.55
C ASP BF 125 76.89 -65.77 80.65
N GLU BF 126 77.41 -66.67 79.82
CA GLU BF 126 76.94 -68.05 79.75
C GLU BF 126 78.03 -68.87 79.08
N SER BF 127 78.20 -70.11 79.56
CA SER BF 127 79.33 -70.92 79.16
C SER BF 127 79.19 -71.47 77.74
N LEU BF 128 80.33 -71.92 77.22
CA LEU BF 128 80.40 -72.42 75.85
C LEU BF 128 79.74 -73.79 75.70
N ALA BF 129 79.68 -74.56 76.78
CA ALA BF 129 78.93 -75.81 76.75
C ALA BF 129 77.44 -75.55 76.57
N GLU BF 130 76.92 -74.55 77.27
CA GLU BF 130 75.53 -74.15 77.07
C GLU BF 130 75.32 -73.54 75.69
N ILE BF 131 76.35 -72.86 75.17
CA ILE BF 131 76.32 -72.37 73.79
C ILE BF 131 76.13 -73.52 72.82
N LEU BF 132 76.91 -74.59 73.00
CA LEU BF 132 76.84 -75.74 72.10
C LEU BF 132 75.52 -76.48 72.22
N ARG BF 133 75.00 -76.59 73.45
CA ARG BF 133 73.72 -77.25 73.67
C ARG BF 133 72.59 -76.48 73.02
N ASP BF 134 72.60 -75.15 73.16
CA ASP BF 134 71.55 -74.34 72.54
C ASP BF 134 71.70 -74.31 71.02
N ILE BF 135 72.94 -74.40 70.52
CA ILE BF 135 73.15 -74.46 69.08
C ILE BF 135 72.58 -75.75 68.50
N ASP BF 136 72.82 -76.87 69.18
CA ASP BF 136 72.27 -78.14 68.70
C ASP BF 136 70.76 -78.19 68.85
N TYR BF 137 70.23 -77.57 69.90
CA TYR BF 137 68.78 -77.52 70.07
C TYR BF 137 68.11 -76.67 69.00
N GLN BF 138 68.72 -75.54 68.66
CA GLN BF 138 68.22 -74.74 67.55
C GLN BF 138 68.39 -75.44 66.21
N ALA BF 139 69.41 -76.30 66.09
CA ALA BF 139 69.56 -77.09 64.88
C ALA BF 139 68.44 -78.11 64.73
N GLY BF 140 68.14 -78.83 65.80
CA GLY BF 140 67.05 -79.79 65.73
C GLY BF 140 67.45 -81.03 64.95
N LYS BF 141 66.73 -81.30 63.87
CA LYS BF 141 66.88 -82.55 63.11
C LYS BF 141 67.53 -82.35 61.76
N LYS BF 142 68.54 -81.48 61.69
CA LYS BF 142 69.32 -81.33 60.48
C LYS BF 142 70.79 -81.69 60.66
N ALA BF 143 71.32 -81.55 61.87
CA ALA BF 143 72.71 -81.88 62.13
C ALA BF 143 72.88 -82.18 63.61
N SER BF 144 74.07 -82.63 63.96
CA SER BF 144 74.43 -83.00 65.32
C SER BF 144 75.82 -82.47 65.62
N ILE BF 145 76.11 -82.34 66.90
CA ILE BF 145 77.42 -81.89 67.37
C ILE BF 145 77.98 -82.99 68.25
N HIS BF 146 79.16 -83.50 67.90
CA HIS BF 146 79.80 -84.53 68.70
C HIS BF 146 81.21 -84.10 69.06
N VAL BF 147 81.51 -84.14 70.35
CA VAL BF 147 82.79 -83.66 70.86
C VAL BF 147 83.62 -84.87 71.27
N TYR BF 148 84.80 -85.00 70.66
CA TYR BF 148 85.77 -85.96 71.13
C TYR BF 148 86.72 -85.26 72.08
N PRO BF 149 86.76 -85.65 73.35
CA PRO BF 149 87.67 -85.01 74.30
C PRO BF 149 89.01 -85.70 74.39
N ASN BF 150 89.10 -86.93 73.87
CA ASN BF 150 90.36 -87.65 73.84
C ASN BF 150 91.31 -87.03 72.83
N SER BF 151 90.88 -86.95 71.57
CA SER BF 151 91.52 -86.11 70.56
C SER BF 151 90.63 -84.89 70.43
N GLN BF 152 91.16 -83.72 70.83
CA GLN BF 152 90.35 -82.55 71.20
C GLN BF 152 89.71 -81.95 69.95
N VAL BF 153 88.60 -82.57 69.53
CA VAL BF 153 87.99 -82.23 68.25
C VAL BF 153 86.48 -82.11 68.44
N VAL BF 154 85.85 -81.35 67.53
CA VAL BF 154 84.41 -81.26 67.46
C VAL BF 154 83.98 -81.61 66.03
N GLU BF 155 82.78 -82.18 65.94
CA GLU BF 155 82.26 -82.71 64.69
C GLU BF 155 80.87 -82.14 64.45
N LEU BF 156 80.69 -81.49 63.31
CA LEU BF 156 79.38 -81.07 62.82
C LEU BF 156 78.90 -82.14 61.84
N ARG BF 157 77.91 -82.92 62.26
CA ARG BF 157 77.47 -84.10 61.52
C ARG BF 157 76.12 -83.79 60.89
N TYR BF 158 76.11 -83.59 59.58
CA TYR BF 158 74.89 -83.29 58.86
C TYR BF 158 73.99 -84.53 58.77
N ALA BF 159 72.76 -84.30 58.34
CA ALA BF 159 71.81 -85.37 58.10
C ALA BF 159 71.51 -85.48 56.61
N LYS BF 160 71.37 -86.71 56.13
CA LYS BF 160 71.07 -86.94 54.72
C LYS BF 160 69.59 -86.68 54.43
N ILE CF 208 51.96 -110.88 88.14
CA ILE CF 208 51.67 -110.81 89.57
C ILE CF 208 52.58 -109.78 90.25
N ILE CF 209 51.97 -108.83 90.93
CA ILE CF 209 52.70 -107.77 91.61
C ILE CF 209 52.55 -107.97 93.11
N TYR CF 210 53.49 -107.39 93.86
CA TYR CF 210 53.50 -107.46 95.30
C TYR CF 210 53.29 -106.07 95.89
N TYR CF 211 52.97 -106.03 97.17
CA TYR CF 211 52.76 -104.76 97.86
C TYR CF 211 53.24 -104.88 99.31
N ILE CF 212 54.15 -103.99 99.69
CA ILE CF 212 54.66 -103.98 101.06
C ILE CF 212 53.59 -103.50 102.01
N GLN CF 213 53.54 -104.10 103.20
CA GLN CF 213 52.55 -103.73 104.21
C GLN CF 213 53.21 -103.13 105.45
N ALA CF 214 54.15 -103.85 106.06
CA ALA CF 214 54.85 -103.37 107.24
C ALA CF 214 56.31 -103.76 107.14
N VAL CF 215 57.20 -102.85 107.53
CA VAL CF 215 58.63 -103.04 107.41
C VAL CF 215 59.27 -102.86 108.79
N ILE CF 216 60.56 -103.20 108.85
CA ILE CF 216 61.40 -103.02 110.01
C ILE CF 216 62.83 -102.97 109.46
N PRO CF 217 63.81 -102.43 110.18
CA PRO CF 217 65.20 -102.63 109.74
C PRO CF 217 65.59 -104.09 109.81
N GLY CF 218 65.78 -104.72 108.66
CA GLY CF 218 66.17 -106.11 108.61
C GLY CF 218 65.16 -107.04 107.98
N ARG CF 219 63.87 -106.86 108.29
CA ARG CF 219 62.83 -107.72 107.76
C ARG CF 219 61.68 -106.88 107.24
N ALA CF 220 60.96 -107.44 106.27
CA ALA CF 220 59.82 -106.76 105.67
C ALA CF 220 58.69 -107.76 105.48
N TRP CF 221 57.48 -107.24 105.40
CA TRP CF 221 56.31 -108.07 105.18
C TRP CF 221 55.47 -107.48 104.05
N LEU CF 222 54.89 -108.35 103.23
CA LEU CF 222 54.22 -107.91 102.03
C LEU CF 222 53.12 -108.90 101.69
N ILE CF 223 52.29 -108.51 100.72
CA ILE CF 223 51.23 -109.36 100.21
C ILE CF 223 51.38 -109.45 98.69
N GLY CF 224 50.78 -110.50 98.13
CA GLY CF 224 50.82 -110.71 96.70
C GLY CF 224 49.55 -110.29 95.99
N SER CF 225 49.58 -110.46 94.67
CA SER CF 225 48.37 -110.25 93.87
C SER CF 225 47.32 -111.31 94.18
N ASN CF 226 47.76 -112.50 94.57
CA ASN CF 226 46.87 -113.57 95.01
C ASN CF 226 46.45 -113.44 96.46
N GLY CF 227 46.94 -112.43 97.18
CA GLY CF 227 46.64 -112.26 98.58
C GLY CF 227 47.51 -113.06 99.52
N SER CF 228 48.54 -113.74 99.01
CA SER CF 228 49.42 -114.53 99.86
C SER CF 228 50.36 -113.61 100.62
N THR CF 229 50.51 -113.85 101.91
CA THR CF 229 51.45 -113.10 102.72
C THR CF 229 52.88 -113.59 102.47
N LEU CF 230 53.85 -112.72 102.71
CA LEU CF 230 55.24 -113.07 102.49
C LEU CF 230 56.14 -112.22 103.38
N THR CF 231 56.98 -112.89 104.16
CA THR CF 231 58.00 -112.23 104.96
C THR CF 231 59.34 -112.39 104.29
N VAL CF 232 60.07 -111.30 104.14
CA VAL CF 232 61.30 -111.24 103.35
C VAL CF 232 62.42 -110.67 104.21
N ARG CF 233 63.54 -111.38 104.27
CA ARG CF 233 64.72 -110.96 105.02
C ARG CF 233 65.56 -109.99 104.19
N GLU CF 234 66.80 -109.77 104.62
CA GLU CF 234 67.72 -108.87 103.91
C GLU CF 234 68.05 -109.43 102.52
N GLY CF 235 68.47 -110.69 102.46
CA GLY CF 235 68.74 -111.31 101.18
C GLY CF 235 67.91 -112.56 100.99
N SER CF 236 67.01 -112.54 100.02
CA SER CF 236 66.14 -113.68 99.79
C SER CF 236 65.73 -113.73 98.33
N LYS CF 237 65.30 -114.91 97.90
CA LYS CF 237 64.85 -115.13 96.54
C LYS CF 237 63.33 -115.03 96.50
N ILE CF 238 62.82 -114.11 95.69
CA ILE CF 238 61.39 -113.94 95.50
C ILE CF 238 61.08 -114.13 94.02
N PRO CF 239 59.97 -114.77 93.66
CA PRO CF 239 59.75 -115.13 92.26
C PRO CF 239 59.41 -113.92 91.39
N GLY CF 240 59.99 -113.91 90.19
CA GLY CF 240 59.75 -112.86 89.23
C GLY CF 240 60.56 -111.61 89.44
N TYR CF 241 61.27 -111.48 90.56
CA TYR CF 241 62.03 -110.28 90.83
C TYR CF 241 63.46 -110.66 91.21
N GLY CF 242 63.64 -111.85 91.74
CA GLY CF 242 64.98 -112.42 91.92
C GLY CF 242 65.48 -112.24 93.35
N MET CF 243 66.70 -111.74 93.48
CA MET CF 243 67.38 -111.65 94.75
C MET CF 243 67.19 -110.27 95.37
N VAL CF 244 66.82 -110.23 96.64
CA VAL CF 244 66.71 -108.98 97.36
C VAL CF 244 68.09 -108.56 97.83
N LYS CF 245 68.49 -107.34 97.50
CA LYS CF 245 69.81 -106.85 97.83
C LYS CF 245 69.83 -105.79 98.92
N LEU CF 246 68.76 -105.01 99.07
CA LEU CF 246 68.68 -104.07 100.18
C LEU CF 246 67.23 -103.83 100.54
N ILE CF 247 67.00 -103.57 101.83
CA ILE CF 247 65.69 -103.21 102.35
C ILE CF 247 65.85 -101.89 103.09
N ASP CF 248 65.05 -100.91 102.72
CA ASP CF 248 65.01 -99.63 103.41
C ASP CF 248 63.76 -99.57 104.27
N SER CF 249 63.95 -99.31 105.56
CA SER CF 249 62.81 -99.23 106.48
C SER CF 249 62.29 -97.81 106.60
N LEU CF 250 63.18 -96.82 106.61
CA LEU CF 250 62.75 -95.44 106.74
C LEU CF 250 62.13 -94.90 105.46
N GLN CF 251 62.42 -95.52 104.32
CA GLN CF 251 61.88 -95.08 103.04
C GLN CF 251 61.40 -96.29 102.26
N GLY CF 252 60.37 -96.09 101.44
CA GLY CF 252 59.80 -97.19 100.71
C GLY CF 252 60.61 -97.61 99.50
N ARG CF 253 61.78 -98.20 99.74
CA ARG CF 253 62.66 -98.62 98.65
C ARG CF 253 63.19 -100.02 98.95
N ILE CF 254 62.91 -100.96 98.05
CA ILE CF 254 63.42 -102.33 98.15
C ILE CF 254 64.00 -102.70 96.80
N LEU CF 255 65.29 -103.01 96.76
CA LEU CF 255 65.96 -103.29 95.50
C LEU CF 255 66.02 -104.80 95.25
N THR CF 256 65.74 -105.19 94.02
CA THR CF 256 65.71 -106.58 93.58
C THR CF 256 66.80 -106.81 92.55
N SER CF 257 66.88 -108.07 92.07
CA SER CF 257 67.84 -108.42 91.03
C SER CF 257 67.46 -107.81 89.69
N SER CF 258 66.16 -107.77 89.38
CA SER CF 258 65.70 -107.15 88.14
C SER CF 258 65.76 -105.64 88.18
N GLY CF 259 65.94 -105.03 89.36
CA GLY CF 259 66.14 -103.61 89.50
C GLY CF 259 64.91 -102.82 89.88
N GLN CF 260 63.72 -103.37 89.69
CA GLN CF 260 62.51 -102.64 90.05
C GLN CF 260 62.33 -102.62 91.55
N VAL CF 261 61.62 -101.60 92.03
CA VAL CF 261 61.51 -101.32 93.45
C VAL CF 261 60.03 -101.26 93.82
N ILE CF 262 59.65 -102.01 94.85
CA ILE CF 262 58.26 -102.15 95.25
C ILE CF 262 57.90 -101.06 96.26
N LYS CF 263 56.82 -100.34 95.98
CA LYS CF 263 56.27 -99.33 96.86
C LYS CF 263 54.97 -99.86 97.49
N PHE CF 264 54.29 -98.99 98.23
CA PHE CF 264 52.98 -99.33 98.77
C PHE CF 264 51.92 -99.25 97.68
N SER CF 265 50.69 -99.63 98.04
CA SER CF 265 49.57 -99.61 97.11
C SER CF 265 48.75 -98.34 97.28
N GLN CF 266 47.73 -98.21 96.43
CA GLN CF 266 46.83 -97.08 96.51
C GLN CF 266 45.39 -97.55 96.72
N LYS DF 60 -71.50 50.20 -14.21
CA LYS DF 60 -70.77 50.73 -15.35
C LYS DF 60 -71.23 50.03 -16.62
N GLU DF 61 -70.46 49.05 -17.10
CA GLU DF 61 -70.86 48.25 -18.25
C GLU DF 61 -71.84 47.15 -17.87
N THR DF 62 -71.99 46.90 -16.57
CA THR DF 62 -73.01 45.97 -16.09
C THR DF 62 -74.41 46.46 -16.42
N ALA DF 63 -74.60 47.79 -16.44
CA ALA DF 63 -75.88 48.36 -16.84
C ALA DF 63 -76.18 48.04 -18.30
N LEU DF 64 -75.16 48.13 -19.17
CA LEU DF 64 -75.33 47.71 -20.57
C LEU DF 64 -75.68 46.25 -20.66
N SER DF 65 -75.02 45.41 -19.84
CA SER DF 65 -75.25 43.98 -19.86
C SER DF 65 -76.68 43.64 -19.45
N VAL DF 66 -77.15 44.20 -18.34
CA VAL DF 66 -78.49 43.88 -17.87
C VAL DF 66 -79.55 44.53 -18.74
N GLY DF 67 -79.24 45.67 -19.37
CA GLY DF 67 -80.18 46.26 -20.31
C GLY DF 67 -80.36 45.40 -21.55
N ALA DF 68 -79.24 44.85 -22.07
CA ALA DF 68 -79.32 43.95 -23.21
C ALA DF 68 -80.10 42.69 -22.86
N GLN DF 69 -79.83 42.12 -21.68
CA GLN DF 69 -80.51 40.89 -21.28
C GLN DF 69 -82.01 41.11 -21.07
N ALA DF 70 -82.38 42.18 -20.36
CA ALA DF 70 -83.77 42.47 -20.09
C ALA DF 70 -84.54 42.82 -21.35
N GLY DF 71 -83.93 43.60 -22.24
CA GLY DF 71 -84.58 43.94 -23.49
C GLY DF 71 -84.78 42.73 -24.39
N LEU DF 72 -83.77 41.85 -24.45
CA LEU DF 72 -83.89 40.66 -25.27
C LEU DF 72 -84.97 39.72 -24.74
N ALA DF 73 -85.02 39.54 -23.42
CA ALA DF 73 -86.04 38.66 -22.84
C ALA DF 73 -87.45 39.22 -23.03
N TRP DF 74 -87.62 40.53 -22.78
CA TRP DF 74 -88.93 41.15 -22.89
C TRP DF 74 -89.40 41.16 -24.34
N ARG DF 75 -88.51 41.48 -25.27
CA ARG DF 75 -88.87 41.48 -26.68
C ARG DF 75 -89.16 40.08 -27.18
N ALA DF 76 -88.45 39.07 -26.67
CA ALA DF 76 -88.75 37.69 -27.05
C ALA DF 76 -90.13 37.26 -26.56
N LYS DF 77 -90.49 37.62 -25.34
CA LYS DF 77 -91.81 37.28 -24.81
C LYS DF 77 -92.92 37.98 -25.59
N ILE DF 78 -92.70 39.27 -25.91
CA ILE DF 78 -93.68 40.04 -26.66
C ILE DF 78 -93.83 39.48 -28.08
N ILE DF 79 -92.72 39.11 -28.71
CA ILE DF 79 -92.82 38.63 -30.09
C ILE DF 79 -93.40 37.23 -30.15
N ASP DF 80 -93.22 36.41 -29.11
CA ASP DF 80 -93.92 35.12 -29.11
C ASP DF 80 -95.40 35.30 -28.84
N GLU DF 81 -95.76 36.31 -28.03
CA GLU DF 81 -97.17 36.66 -27.87
C GLU DF 81 -97.80 37.10 -29.18
N GLN DF 82 -97.11 37.95 -29.92
CA GLN DF 82 -97.63 38.43 -31.20
C GLN DF 82 -97.65 37.33 -32.24
N LEU DF 83 -96.72 36.37 -32.14
CA LEU DF 83 -96.70 35.24 -33.07
C LEU DF 83 -97.88 34.31 -32.82
N ASN DF 84 -98.12 33.94 -31.57
CA ASN DF 84 -99.24 33.04 -31.30
C ASN DF 84 -100.59 33.73 -31.30
N LYS DF 85 -100.61 35.07 -31.36
CA LYS DF 85 -101.86 35.80 -31.51
C LYS DF 85 -102.56 35.45 -32.82
N GLN DF 86 -101.80 35.32 -33.90
CA GLN DF 86 -102.34 34.90 -35.18
C GLN DF 86 -101.93 33.45 -35.43
N ALA DF 87 -102.91 32.59 -35.65
CA ALA DF 87 -102.63 31.17 -35.87
C ALA DF 87 -103.05 30.70 -37.25
N ARG DF 88 -104.33 30.85 -37.62
CA ARG DF 88 -104.86 30.14 -38.78
C ARG DF 88 -104.39 30.74 -40.10
N ASN DF 89 -104.16 32.06 -40.15
CA ASN DF 89 -103.63 32.65 -41.37
C ASN DF 89 -102.20 32.20 -41.62
N LEU DF 90 -101.46 31.93 -40.55
CA LEU DF 90 -100.04 31.56 -40.66
C LEU DF 90 -99.86 30.23 -41.38
N ASP DF 91 -100.45 29.16 -40.85
CA ASP DF 91 -100.38 27.90 -41.57
C ASP DF 91 -101.27 27.90 -42.81
N ALA DF 92 -102.29 28.76 -42.84
CA ALA DF 92 -103.12 28.89 -44.03
C ALA DF 92 -102.32 29.39 -45.22
N ILE DF 93 -101.33 30.25 -44.98
CA ILE DF 93 -100.48 30.66 -46.07
C ILE DF 93 -99.27 29.73 -46.23
N TYR DF 94 -98.72 29.20 -45.14
CA TYR DF 94 -97.63 28.23 -45.25
C TYR DF 94 -98.14 26.79 -45.14
N ASP DF 95 -99.17 26.47 -45.90
CA ASP DF 95 -99.50 25.07 -46.16
C ASP DF 95 -98.34 24.37 -46.86
N PHE DF 96 -98.17 23.09 -46.54
CA PHE DF 96 -97.12 22.29 -47.16
C PHE DF 96 -97.67 21.00 -47.76
N ASN DF 97 -98.67 20.41 -47.09
CA ASN DF 97 -99.15 19.09 -47.45
C ASN DF 97 -99.83 19.06 -48.81
N SER DF 98 -100.37 20.18 -49.26
CA SER DF 98 -100.81 20.27 -50.65
C SER DF 98 -99.64 20.35 -51.61
N LEU DF 99 -98.45 20.73 -51.13
CA LEU DF 99 -97.29 20.85 -51.99
C LEU DF 99 -96.38 19.63 -51.96
N VAL DF 100 -96.60 18.72 -51.01
CA VAL DF 100 -95.90 17.44 -51.05
C VAL DF 100 -96.38 16.66 -52.27
N LEU DF 101 -95.47 15.92 -52.89
CA LEU DF 101 -95.78 15.15 -54.09
C LEU DF 101 -96.55 13.89 -53.72
N GLU DF 102 -96.79 13.02 -54.71
CA GLU DF 102 -97.70 11.89 -54.55
C GLU DF 102 -97.15 10.84 -53.61
N HIS DF 103 -95.84 10.61 -53.63
CA HIS DF 103 -95.25 9.50 -52.91
C HIS DF 103 -94.76 9.90 -51.53
N ASN DF 104 -95.45 10.86 -50.90
CA ASN DF 104 -95.13 11.39 -49.57
C ASN DF 104 -93.69 11.91 -49.52
N ILE DF 105 -93.30 12.60 -50.58
CA ILE DF 105 -91.93 13.04 -50.78
C ILE DF 105 -91.92 14.55 -50.94
N LEU DF 106 -91.11 15.21 -50.13
CA LEU DF 106 -90.99 16.66 -50.23
C LEU DF 106 -90.27 17.03 -51.52
N PRO DF 107 -90.82 17.94 -52.32
CA PRO DF 107 -90.13 18.36 -53.53
C PRO DF 107 -88.87 19.14 -53.20
N PRO DF 108 -87.84 19.09 -54.07
CA PRO DF 108 -86.56 19.69 -53.73
C PRO DF 108 -86.54 21.21 -53.85
N VAL DF 109 -85.37 21.82 -53.65
CA VAL DF 109 -85.22 23.25 -53.52
C VAL DF 109 -84.45 23.79 -54.72
N LEU DF 110 -85.02 24.80 -55.39
CA LEU DF 110 -84.44 25.36 -56.59
C LEU DF 110 -84.19 26.86 -56.42
N LEU DF 111 -83.08 27.33 -56.97
CA LEU DF 111 -82.69 28.73 -56.88
C LEU DF 111 -82.45 29.27 -58.28
N GLU DF 112 -82.96 30.48 -58.54
CA GLU DF 112 -82.80 31.14 -59.83
C GLU DF 112 -82.10 32.48 -59.64
N GLY DF 113 -81.03 32.68 -60.40
CA GLY DF 113 -80.33 33.95 -60.42
C GLY DF 113 -80.33 34.56 -61.80
N ARG DF 114 -80.37 35.89 -61.84
CA ARG DF 114 -80.48 36.64 -63.09
C ARG DF 114 -79.25 37.51 -63.32
N ASN DF 115 -78.79 37.54 -64.57
CA ASN DF 115 -77.83 38.51 -65.10
C ASN DF 115 -76.50 38.44 -64.36
N THR DF 116 -75.83 37.31 -64.52
CA THR DF 116 -74.59 37.02 -63.81
C THR DF 116 -73.42 37.67 -64.51
N LEU DF 117 -72.69 38.52 -63.79
CA LEU DF 117 -71.44 39.10 -64.25
C LEU DF 117 -70.34 38.75 -63.27
N ASN DF 118 -69.24 38.24 -63.78
CA ASN DF 118 -68.09 37.88 -62.95
C ASN DF 118 -66.83 38.42 -63.61
N LEU DF 119 -65.90 38.88 -62.76
CA LEU DF 119 -64.59 39.32 -63.21
C LEU DF 119 -63.55 38.44 -62.54
N ALA DF 120 -62.77 37.73 -63.36
CA ALA DF 120 -61.66 37.00 -62.76
C ALA DF 120 -60.55 37.97 -62.38
N ASP DF 121 -60.11 38.74 -63.35
CA ASP DF 121 -59.19 39.85 -63.19
C ASP DF 121 -59.40 40.76 -64.39
N ALA DF 122 -58.45 41.65 -64.66
CA ALA DF 122 -58.44 42.38 -65.92
C ALA DF 122 -58.27 41.40 -67.08
N GLN DF 123 -58.82 41.81 -68.23
CA GLN DF 123 -58.83 41.03 -69.49
C GLN DF 123 -59.53 39.68 -69.33
N SER DF 124 -60.45 39.55 -68.36
CA SER DF 124 -61.08 38.25 -68.10
C SER DF 124 -62.42 38.49 -67.40
N ILE DF 125 -63.51 38.43 -68.15
CA ILE DF 125 -64.84 38.50 -67.55
C ILE DF 125 -65.73 37.44 -68.16
N ARG DF 126 -66.72 37.01 -67.37
CA ARG DF 126 -67.63 35.94 -67.73
C ARG DF 126 -69.05 36.41 -67.43
N ILE DF 127 -69.93 36.28 -68.40
CA ILE DF 127 -71.29 36.79 -68.30
C ILE DF 127 -72.26 35.69 -68.70
N SER DF 128 -73.27 35.46 -67.88
CA SER DF 128 -74.46 34.73 -68.26
C SER DF 128 -75.67 35.57 -67.89
N ASP DF 129 -76.85 35.11 -68.28
CA ASP DF 129 -78.06 35.85 -67.90
C ASP DF 129 -78.92 35.12 -66.89
N ARG DF 130 -78.87 33.78 -66.85
CA ARG DF 130 -79.72 33.04 -65.92
C ARG DF 130 -78.98 31.81 -65.43
N THR DF 131 -79.14 31.52 -64.15
CA THR DF 131 -78.53 30.38 -63.49
C THR DF 131 -79.55 29.69 -62.61
N TYR DF 132 -79.48 28.38 -62.55
CA TYR DF 132 -80.39 27.58 -61.74
C TYR DF 132 -79.61 26.57 -60.93
N LYS DF 133 -79.94 26.47 -59.64
CA LYS DF 133 -79.19 25.68 -58.69
C LYS DF 133 -80.13 24.79 -57.89
N VAL DF 134 -79.82 23.50 -57.81
CA VAL DF 134 -80.51 22.61 -56.88
C VAL DF 134 -79.81 22.71 -55.53
N ALA DF 135 -80.49 23.32 -54.56
CA ALA DF 135 -79.89 23.51 -53.25
C ALA DF 135 -80.01 22.27 -52.38
N LYS DF 136 -81.25 21.88 -52.06
CA LYS DF 136 -81.52 20.74 -51.20
C LYS DF 136 -82.23 19.68 -52.02
N GLN DF 137 -81.68 18.47 -52.04
CA GLN DF 137 -82.27 17.39 -52.80
C GLN DF 137 -83.51 16.86 -52.11
N ALA DF 138 -84.45 16.37 -52.91
CA ALA DF 138 -85.68 15.78 -52.41
C ALA DF 138 -85.39 14.50 -51.63
N HIS DF 139 -86.28 14.18 -50.69
CA HIS DF 139 -86.15 12.97 -49.91
C HIS DF 139 -87.53 12.56 -49.42
N PHE DF 140 -87.61 11.34 -48.89
CA PHE DF 140 -88.83 10.85 -48.29
C PHE DF 140 -89.18 11.63 -47.03
N ILE DF 141 -90.47 11.78 -46.77
CA ILE DF 141 -90.96 12.48 -45.59
C ILE DF 141 -92.14 11.71 -45.02
N THR DF 142 -92.39 11.91 -43.74
CA THR DF 142 -93.53 11.33 -43.05
C THR DF 142 -94.63 12.34 -42.78
N THR DF 143 -94.27 13.52 -42.32
CA THR DF 143 -95.24 14.55 -41.98
C THR DF 143 -94.75 15.88 -42.54
N PRO DF 144 -95.66 16.75 -42.98
CA PRO DF 144 -95.24 18.02 -43.54
C PRO DF 144 -94.66 18.93 -42.46
N PRO DF 145 -93.71 19.78 -42.81
CA PRO DF 145 -93.17 20.73 -41.83
C PRO DF 145 -94.12 21.90 -41.62
N THR DF 146 -93.76 22.75 -40.67
CA THR DF 146 -94.57 23.90 -40.34
C THR DF 146 -93.66 25.05 -39.93
N TRP DF 147 -94.28 26.12 -39.42
CA TRP DF 147 -93.56 27.26 -38.88
C TRP DF 147 -92.87 26.97 -37.55
N ARG DF 148 -93.15 25.80 -36.96
CA ARG DF 148 -92.56 25.43 -35.68
C ARG DF 148 -91.03 25.40 -35.75
N GLN DF 149 -90.49 24.96 -36.87
CA GLN DF 149 -89.06 24.87 -37.05
C GLN DF 149 -88.47 26.11 -37.70
N TYR DF 150 -89.29 27.11 -37.99
CA TYR DF 150 -88.69 28.27 -38.62
C TYR DF 150 -88.90 29.57 -37.88
N LEU DF 151 -90.12 29.86 -37.42
CA LEU DF 151 -90.44 31.21 -36.95
C LEU DF 151 -90.52 31.34 -35.44
N TRP DF 152 -90.85 30.27 -34.74
CA TRP DF 152 -90.86 30.31 -33.28
C TRP DF 152 -89.44 30.42 -32.75
N MET DF 153 -89.28 31.20 -31.70
CA MET DF 153 -88.02 31.28 -30.99
C MET DF 153 -88.23 30.82 -29.56
N ASP DF 154 -87.22 30.17 -29.01
CA ASP DF 154 -87.29 29.65 -27.65
C ASP DF 154 -87.23 30.80 -26.64
N TYR DF 155 -87.97 30.63 -25.54
CA TYR DF 155 -88.03 31.64 -24.49
C TYR DF 155 -87.90 31.00 -23.13
N VAL DF 156 -86.99 31.54 -22.33
CA VAL DF 156 -86.83 31.15 -20.93
C VAL DF 156 -86.85 32.41 -20.10
N LYS DF 157 -87.68 32.43 -19.06
CA LYS DF 157 -87.75 33.59 -18.19
C LYS DF 157 -86.47 33.68 -17.35
N PRO DF 158 -85.77 34.81 -17.38
CA PRO DF 158 -84.63 34.99 -16.47
C PRO DF 158 -85.05 35.57 -15.14
N GLU DF 159 -84.51 35.00 -14.07
CA GLU DF 159 -84.85 35.43 -12.72
C GLU DF 159 -83.62 35.76 -11.89
N ALA DF 160 -82.44 35.87 -12.51
CA ALA DF 160 -81.18 36.09 -11.80
C ALA DF 160 -80.60 37.43 -12.21
N PRO DF 161 -80.83 38.48 -11.45
CA PRO DF 161 -80.08 39.73 -11.69
C PRO DF 161 -78.65 39.57 -11.25
N ASN DF 162 -77.73 39.42 -12.21
CA ASN DF 162 -76.33 39.19 -11.90
C ASN DF 162 -75.71 40.53 -11.51
N VAL DF 163 -75.90 40.90 -10.25
CA VAL DF 163 -75.54 42.21 -9.74
C VAL DF 163 -74.30 42.06 -8.87
N THR DF 164 -73.21 42.66 -9.32
CA THR DF 164 -72.00 42.82 -8.52
C THR DF 164 -71.71 44.30 -8.24
N LEU DF 165 -71.62 45.11 -9.29
CA LEU DF 165 -71.51 46.55 -9.13
C LEU DF 165 -72.81 47.13 -8.63
N LEU DF 166 -72.71 48.16 -7.79
CA LEU DF 166 -73.89 48.86 -7.29
C LEU DF 166 -73.66 50.36 -7.44
N PRO DF 167 -74.61 51.08 -8.04
CA PRO DF 167 -74.48 52.54 -8.12
C PRO DF 167 -74.63 53.20 -6.75
N LYS DF 168 -73.94 54.31 -6.57
CA LYS DF 168 -73.89 54.99 -5.29
C LYS DF 168 -74.45 56.40 -5.32
N THR DF 169 -74.15 57.18 -6.34
CA THR DF 169 -74.62 58.55 -6.44
C THR DF 169 -75.67 58.68 -7.53
N LYS DF 170 -76.27 59.88 -7.58
CA LYS DF 170 -77.38 60.13 -8.49
C LYS DF 170 -76.95 60.16 -9.94
N ALA DF 171 -75.78 60.75 -10.23
CA ALA DF 171 -75.26 60.76 -11.59
C ALA DF 171 -74.89 59.36 -12.06
N GLU DF 172 -74.35 58.56 -11.15
CA GLU DF 172 -74.05 57.16 -11.46
C GLU DF 172 -75.33 56.39 -11.75
N LYS DF 173 -76.37 56.63 -10.95
CA LYS DF 173 -77.66 56.00 -11.22
C LYS DF 173 -78.26 56.45 -12.53
N GLU DF 174 -78.06 57.73 -12.89
CA GLU DF 174 -78.63 58.25 -14.13
C GLU DF 174 -77.92 57.68 -15.36
N ILE DF 175 -76.58 57.63 -15.33
CA ILE DF 175 -75.86 57.03 -16.45
C ILE DF 175 -76.11 55.53 -16.49
N TRP DF 176 -76.34 54.92 -15.33
CA TRP DF 176 -76.75 53.53 -15.25
C TRP DF 176 -78.09 53.30 -15.95
N CYS DF 177 -79.04 54.21 -15.71
CA CYS DF 177 -80.36 54.10 -16.32
C CYS DF 177 -80.29 54.31 -17.84
N ILE DF 178 -79.49 55.27 -18.30
CA ILE DF 178 -79.45 55.49 -19.74
C ILE DF 178 -78.69 54.37 -20.45
N TYR DF 179 -77.70 53.78 -19.78
CA TYR DF 179 -77.06 52.58 -20.31
C TYR DF 179 -78.02 51.42 -20.38
N THR DF 180 -78.89 51.29 -19.37
CA THR DF 180 -79.93 50.27 -19.38
C THR DF 180 -80.89 50.49 -20.54
N GLU DF 181 -81.24 51.74 -20.81
CA GLU DF 181 -82.16 52.08 -21.89
C GLU DF 181 -81.58 51.71 -23.25
N ARG DF 182 -80.31 52.08 -23.48
CA ARG DF 182 -79.74 51.78 -24.79
C ARG DF 182 -79.48 50.28 -24.97
N GLY DF 183 -79.13 49.57 -23.88
CA GLY DF 183 -79.03 48.11 -23.98
C GLY DF 183 -80.37 47.46 -24.26
N TRP DF 184 -81.44 48.02 -23.69
CA TRP DF 184 -82.80 47.56 -23.95
C TRP DF 184 -83.14 47.69 -25.43
N LYS DF 185 -82.85 48.87 -26.00
CA LYS DF 185 -83.13 49.09 -27.42
C LYS DF 185 -82.30 48.19 -28.32
N ASN DF 186 -81.03 47.97 -27.96
CA ASN DF 186 -80.16 47.11 -28.74
C ASN DF 186 -80.65 45.67 -28.71
N GLY DF 187 -81.11 45.20 -27.55
CA GLY DF 187 -81.65 43.84 -27.47
C GLY DF 187 -82.92 43.67 -28.27
N ILE DF 188 -83.78 44.69 -28.27
CA ILE DF 188 -85.01 44.63 -29.07
C ILE DF 188 -84.68 44.54 -30.56
N ASP DF 189 -83.75 45.38 -31.02
CA ASP DF 189 -83.36 45.34 -32.43
C ASP DF 189 -82.65 44.05 -32.79
N GLN DF 190 -81.89 43.49 -31.85
CA GLN DF 190 -81.24 42.20 -32.07
C GLN DF 190 -82.26 41.09 -32.27
N ALA DF 191 -83.30 41.07 -31.42
CA ALA DF 191 -84.36 40.08 -31.57
C ALA DF 191 -85.11 40.26 -32.88
N ASN DF 192 -85.29 41.52 -33.30
CA ASN DF 192 -85.93 41.80 -34.58
C ASN DF 192 -85.10 41.27 -35.74
N THR DF 193 -83.77 41.39 -35.65
CA THR DF 193 -82.90 40.89 -36.71
C THR DF 193 -82.92 39.37 -36.78
N ILE DF 194 -82.97 38.70 -35.63
CA ILE DF 194 -83.07 37.24 -35.61
C ILE DF 194 -84.38 36.78 -36.23
N LEU DF 195 -85.47 37.50 -35.91
CA LEU DF 195 -86.76 37.23 -36.52
C LEU DF 195 -86.72 37.41 -38.03
N GLU DF 196 -86.03 38.46 -38.50
CA GLU DF 196 -85.90 38.70 -39.94
C GLU DF 196 -85.15 37.57 -40.63
N GLU DF 197 -84.09 37.06 -39.98
CA GLU DF 197 -83.38 35.93 -40.55
C GLU DF 197 -84.23 34.68 -40.61
N ASN DF 198 -85.09 34.47 -39.60
CA ASN DF 198 -86.02 33.35 -39.63
C ASN DF 198 -87.01 33.47 -40.78
N ILE DF 199 -87.52 34.68 -41.01
CA ILE DF 199 -88.45 34.92 -42.10
C ILE DF 199 -87.77 34.70 -43.44
N ALA DF 200 -86.50 35.08 -43.53
CA ALA DF 200 -85.72 34.85 -44.75
C ALA DF 200 -85.56 33.36 -45.02
N ARG DF 201 -85.30 32.57 -43.97
CA ARG DF 201 -85.12 31.12 -44.15
C ARG DF 201 -86.41 30.44 -44.61
N ILE DF 202 -87.54 30.78 -43.99
CA ILE DF 202 -88.78 30.12 -44.41
C ILE DF 202 -89.19 30.59 -45.82
N LYS DF 203 -88.92 31.86 -46.14
CA LYS DF 203 -89.22 32.37 -47.48
C LYS DF 203 -88.40 31.68 -48.55
N GLU DF 204 -87.10 31.47 -48.29
CA GLU DF 204 -86.27 30.83 -49.31
C GLU DF 204 -86.62 29.36 -49.48
N ASP DF 205 -87.01 28.68 -48.40
CA ASP DF 205 -87.41 27.28 -48.55
C ASP DF 205 -88.69 27.15 -49.38
N PHE DF 206 -89.68 28.01 -49.10
CA PHE DF 206 -90.91 27.94 -49.88
C PHE DF 206 -90.69 28.37 -51.33
N GLY DF 207 -89.81 29.35 -51.54
CA GLY DF 207 -89.47 29.74 -52.90
C GLY DF 207 -88.77 28.63 -53.67
N GLY DF 208 -87.94 27.85 -52.98
CA GLY DF 208 -87.26 26.74 -53.63
C GLY DF 208 -88.21 25.65 -54.09
N MET DF 209 -89.15 25.26 -53.23
CA MET DF 209 -90.09 24.22 -53.66
C MET DF 209 -91.08 24.74 -54.70
N ILE DF 210 -91.45 26.03 -54.60
CA ILE DF 210 -92.31 26.65 -55.61
C ILE DF 210 -91.60 26.68 -56.96
N LEU DF 211 -90.31 27.00 -56.96
CA LEU DF 211 -89.53 27.02 -58.19
C LEU DF 211 -89.39 25.64 -58.79
N TYR DF 212 -89.28 24.60 -57.96
CA TYR DF 212 -89.25 23.24 -58.48
C TYR DF 212 -90.55 22.88 -59.18
N ARG DF 213 -91.69 23.23 -58.56
CA ARG DF 213 -92.98 22.98 -59.20
C ARG DF 213 -93.11 23.76 -60.50
N LYS DF 214 -92.58 24.99 -60.52
CA LYS DF 214 -92.64 25.84 -61.70
C LYS DF 214 -91.84 25.24 -62.86
N LEU DF 215 -90.61 24.81 -62.59
CA LEU DF 215 -89.80 24.28 -63.69
C LEU DF 215 -90.25 22.89 -64.11
N LEU DF 216 -90.83 22.11 -63.18
CA LEU DF 216 -91.40 20.82 -63.57
C LEU DF 216 -92.62 21.00 -64.44
N ALA DF 217 -93.41 22.05 -64.18
CA ALA DF 217 -94.46 22.42 -65.11
C ALA DF 217 -93.89 22.87 -66.44
N MET DF 218 -92.78 23.61 -66.41
CA MET DF 218 -92.18 24.14 -67.63
C MET DF 218 -91.37 23.10 -68.40
N ASN DF 219 -91.27 21.87 -67.88
CA ASN DF 219 -90.48 20.78 -68.46
C ASN DF 219 -89.01 21.19 -68.56
N MET DF 220 -88.51 21.77 -67.48
CA MET DF 220 -87.09 22.09 -67.37
C MET DF 220 -86.34 21.12 -66.47
N VAL DF 221 -87.05 20.36 -65.64
CA VAL DF 221 -86.42 19.39 -64.76
C VAL DF 221 -87.12 18.04 -64.93
N SER DF 222 -86.41 16.99 -64.57
CA SER DF 222 -86.98 15.66 -64.61
C SER DF 222 -87.82 15.41 -63.36
N PRO DF 223 -88.89 14.62 -63.49
CA PRO DF 223 -89.61 14.16 -62.31
C PRO DF 223 -88.80 13.12 -61.57
N PRO DF 224 -89.04 12.94 -60.26
CA PRO DF 224 -88.40 11.83 -59.55
C PRO DF 224 -88.98 10.51 -60.00
N TYR DF 225 -88.20 9.44 -59.82
CA TYR DF 225 -88.64 8.12 -60.25
C TYR DF 225 -88.66 7.14 -59.09
N VAL DF 226 -89.73 6.36 -59.04
CA VAL DF 226 -90.05 5.48 -57.92
C VAL DF 226 -90.07 4.03 -58.40
N SER DF 227 -90.03 3.11 -57.45
CA SER DF 227 -90.26 1.70 -57.72
C SER DF 227 -90.83 1.06 -56.48
N HIS DF 228 -91.75 0.12 -56.68
CA HIS DF 228 -92.32 -0.66 -55.59
C HIS DF 228 -92.14 -2.14 -55.91
N THR DF 229 -91.66 -2.90 -54.92
CA THR DF 229 -91.54 -4.35 -55.01
C THR DF 229 -92.26 -4.97 -53.82
N ASP DF 230 -93.20 -5.86 -54.11
CA ASP DF 230 -94.02 -6.45 -53.06
C ASP DF 230 -93.73 -7.94 -52.97
N LEU DF 231 -93.51 -8.41 -51.74
CA LEU DF 231 -93.33 -9.81 -51.45
C LEU DF 231 -94.44 -10.26 -50.52
N GLY DF 232 -94.81 -11.53 -50.61
CA GLY DF 232 -95.96 -12.01 -49.88
C GLY DF 232 -95.71 -12.32 -48.43
N VAL DF 233 -96.19 -13.46 -47.97
CA VAL DF 233 -96.00 -13.86 -46.58
C VAL DF 233 -94.56 -14.26 -46.38
N THR DF 234 -93.92 -13.70 -45.37
CA THR DF 234 -92.51 -13.94 -45.11
C THR DF 234 -92.29 -14.18 -43.63
N GLY DF 235 -91.26 -14.97 -43.33
CA GLY DF 235 -90.84 -15.22 -41.98
C GLY DF 235 -90.79 -16.70 -41.66
N ASP DF 236 -90.47 -16.98 -40.41
CA ASP DF 236 -90.38 -18.35 -39.90
C ASP DF 236 -91.73 -18.76 -39.33
N GLY DF 237 -91.75 -19.86 -38.58
CA GLY DF 237 -92.95 -20.26 -37.87
C GLY DF 237 -93.28 -19.45 -36.64
N SER DF 238 -92.40 -18.53 -36.24
CA SER DF 238 -92.66 -17.67 -35.09
C SER DF 238 -93.01 -16.24 -35.50
N GLU DF 239 -92.14 -15.59 -36.26
CA GLU DF 239 -92.34 -14.20 -36.67
C GLU DF 239 -92.82 -14.18 -38.11
N ILE DF 240 -93.93 -13.49 -38.36
CA ILE DF 240 -94.47 -13.42 -39.70
C ILE DF 240 -94.95 -12.01 -40.00
N HIS DF 241 -94.78 -11.62 -41.26
CA HIS DF 241 -95.44 -10.44 -41.81
C HIS DF 241 -96.18 -10.88 -43.07
N ILE DF 242 -97.45 -10.51 -43.18
CA ILE DF 242 -98.29 -11.04 -44.24
C ILE DF 242 -97.95 -10.44 -45.60
N ASP DF 243 -97.26 -9.30 -45.62
CA ASP DF 243 -96.88 -8.65 -46.85
C ASP DF 243 -95.68 -7.78 -46.55
N ASP DF 244 -94.88 -7.51 -47.58
CA ASP DF 244 -93.70 -6.67 -47.41
C ASP DF 244 -93.53 -5.88 -48.71
N ARG DF 245 -93.91 -4.61 -48.68
CA ARG DF 245 -93.76 -3.76 -49.84
C ARG DF 245 -92.60 -2.81 -49.60
N VAL DF 246 -91.73 -2.71 -50.60
CA VAL DF 246 -90.53 -1.90 -50.56
C VAL DF 246 -90.68 -0.79 -51.58
N LEU DF 247 -90.59 0.45 -51.13
CA LEU DF 247 -90.68 1.61 -51.99
C LEU DF 247 -89.31 2.27 -52.02
N ARG DF 248 -88.74 2.39 -53.21
CA ARG DF 248 -87.44 3.01 -53.41
C ARG DF 248 -87.57 4.10 -54.45
N ILE DF 249 -86.64 5.05 -54.39
CA ILE DF 249 -86.53 6.07 -55.42
C ILE DF 249 -85.20 5.89 -56.12
N THR DF 250 -85.25 5.80 -57.44
CA THR DF 250 -84.09 5.42 -58.24
C THR DF 250 -83.46 6.59 -58.97
N ALA DF 251 -84.26 7.51 -59.49
CA ALA DF 251 -83.76 8.67 -60.22
C ALA DF 251 -84.21 9.93 -59.50
N LEU DF 252 -83.25 10.71 -59.03
CA LEU DF 252 -83.54 12.01 -58.45
C LEU DF 252 -83.96 12.99 -59.54
N PRO DF 253 -84.74 14.01 -59.19
CA PRO DF 253 -84.99 15.10 -60.14
C PRO DF 253 -83.69 15.84 -60.48
N GLU DF 254 -83.58 16.24 -61.75
CA GLU DF 254 -82.44 17.02 -62.20
C GLU DF 254 -82.83 17.77 -63.46
N LEU DF 255 -82.03 18.77 -63.80
CA LEU DF 255 -82.26 19.58 -64.99
C LEU DF 255 -82.08 18.77 -66.26
N ASN DF 256 -82.97 18.98 -67.23
CA ASN DF 256 -82.74 18.49 -68.58
C ASN DF 256 -82.07 19.59 -69.38
N VAL DF 257 -80.80 19.37 -69.72
CA VAL DF 257 -80.00 20.40 -70.37
C VAL DF 257 -80.26 20.51 -71.85
N ASN DF 258 -80.96 19.55 -72.45
CA ASN DF 258 -81.24 19.59 -73.88
C ASN DF 258 -82.35 20.60 -74.15
N SER DF 259 -82.13 21.46 -75.14
CA SER DF 259 -82.97 22.63 -75.34
C SER DF 259 -84.35 22.28 -75.87
N ALA DF 260 -84.45 21.24 -76.71
CA ALA DF 260 -85.68 20.96 -77.43
C ALA DF 260 -86.79 20.46 -76.53
N GLU DF 261 -86.48 20.00 -75.33
CA GLU DF 261 -87.47 19.47 -74.40
C GLU DF 261 -88.03 20.53 -73.47
N TRP DF 262 -87.91 21.80 -73.84
CA TRP DF 262 -88.33 22.89 -72.98
C TRP DF 262 -89.61 23.50 -73.55
N ARG DF 263 -90.60 23.68 -72.71
CA ARG DF 263 -91.92 24.13 -73.12
C ARG DF 263 -92.12 25.56 -72.64
N ALA DF 264 -92.11 26.50 -73.58
CA ALA DF 264 -92.45 27.88 -73.28
C ALA DF 264 -93.96 28.04 -73.18
N ALA DF 265 -94.41 29.16 -72.63
CA ALA DF 265 -95.83 29.38 -72.45
C ALA DF 265 -96.13 30.86 -72.60
N VAL DF 266 -97.35 31.15 -73.04
CA VAL DF 266 -97.80 32.52 -73.29
C VAL DF 266 -99.19 32.68 -72.70
N ALA DF 267 -99.36 33.66 -71.82
CA ALA DF 267 -100.62 33.87 -71.14
C ALA DF 267 -101.57 34.71 -72.01
N LYS DF 268 -102.72 35.05 -71.45
CA LYS DF 268 -103.67 35.94 -72.10
C LYS DF 268 -104.29 36.89 -71.10
N GLY EF 26 -88.96 42.81 -11.42
CA GLY EF 26 -89.24 41.91 -12.52
C GLY EF 26 -88.44 42.23 -13.77
N ASP EF 27 -88.17 41.21 -14.59
CA ASP EF 27 -87.39 41.40 -15.80
C ASP EF 27 -88.20 41.96 -16.96
N THR EF 28 -89.53 41.96 -16.87
CA THR EF 28 -90.34 42.49 -17.96
C THR EF 28 -90.57 43.99 -17.83
N GLY EF 29 -90.94 44.45 -16.63
CA GLY EF 29 -90.98 45.87 -16.34
C GLY EF 29 -89.66 46.29 -15.73
N SER EF 30 -88.57 45.92 -16.41
CA SER EF 30 -87.25 46.07 -15.82
C SER EF 30 -86.76 47.50 -15.84
N LEU EF 31 -87.47 48.42 -16.49
CA LEU EF 31 -87.20 49.84 -16.29
C LEU EF 31 -87.35 50.22 -14.83
N ALA EF 32 -88.57 50.11 -14.30
CA ALA EF 32 -88.81 50.37 -12.89
C ALA EF 32 -88.16 49.32 -12.01
N GLY EF 33 -88.02 48.09 -12.50
CA GLY EF 33 -87.37 47.05 -11.73
C GLY EF 33 -85.91 47.34 -11.45
N LEU EF 34 -85.16 47.73 -12.47
CA LEU EF 34 -83.77 48.07 -12.30
C LEU EF 34 -83.58 49.45 -11.69
N GLN EF 35 -84.57 50.35 -11.83
CA GLN EF 35 -84.55 51.57 -11.04
C GLN EF 35 -84.67 51.27 -9.55
N ALA EF 36 -85.46 50.26 -9.19
CA ALA EF 36 -85.51 49.80 -7.81
C ALA EF 36 -84.21 49.10 -7.41
N MET EF 37 -83.63 48.32 -8.31
CA MET EF 37 -82.38 47.60 -8.01
C MET EF 37 -81.18 48.54 -7.91
N ALA EF 38 -81.27 49.74 -8.48
CA ALA EF 38 -80.20 50.72 -8.30
C ALA EF 38 -80.11 51.21 -6.87
N ASP EF 39 -81.23 51.23 -6.15
CA ASP EF 39 -81.23 51.63 -4.74
C ASP EF 39 -80.65 50.52 -3.88
N SER EF 40 -80.27 50.88 -2.66
CA SER EF 40 -79.62 49.97 -1.74
C SER EF 40 -80.59 49.20 -0.84
N LYS EF 41 -81.90 49.50 -0.91
CA LYS EF 41 -82.85 48.76 -0.08
C LYS EF 41 -83.06 47.34 -0.60
N TYR EF 42 -83.06 47.15 -1.92
CA TYR EF 42 -83.11 45.81 -2.46
C TYR EF 42 -81.83 45.04 -2.20
N THR EF 43 -80.70 45.75 -2.18
CA THR EF 43 -79.41 45.10 -1.91
C THR EF 43 -79.34 44.60 -0.48
N ARG EF 44 -79.77 45.41 0.49
CA ARG EF 44 -79.79 44.94 1.87
C ARG EF 44 -80.90 43.92 2.08
N ALA EF 45 -81.98 43.98 1.28
CA ALA EF 45 -83.00 42.95 1.33
C ALA EF 45 -82.43 41.60 0.89
N GLN EF 46 -81.63 41.59 -0.18
CA GLN EF 46 -80.94 40.38 -0.60
C GLN EF 46 -79.92 39.94 0.44
N LYS EF 47 -79.22 40.90 1.05
CA LYS EF 47 -78.20 40.56 2.04
C LYS EF 47 -78.81 40.00 3.33
N LYS EF 48 -80.06 40.32 3.62
CA LYS EF 48 -80.70 39.69 4.77
C LYS EF 48 -81.45 38.40 4.39
N GLN EF 49 -81.93 38.28 3.16
CA GLN EF 49 -82.68 37.10 2.77
C GLN EF 49 -81.81 35.98 2.22
N LYS EF 50 -80.52 36.24 1.98
CA LYS EF 50 -79.65 35.19 1.43
C LYS EF 50 -79.35 34.11 2.46
N MET EF 51 -79.49 34.42 3.75
CA MET EF 51 -79.38 33.40 4.80
C MET EF 51 -80.52 32.40 4.67
N GLY EF 52 -81.72 32.89 4.41
CA GLY EF 52 -82.83 31.99 4.13
C GLY EF 52 -82.70 31.32 2.78
N LYS EF 53 -81.98 31.96 1.85
CA LYS EF 53 -81.81 31.38 0.52
C LYS EF 53 -80.91 30.15 0.54
N ILE EF 54 -80.05 30.02 1.57
CA ILE EF 54 -79.12 28.91 1.60
C ILE EF 54 -79.66 27.78 2.49
N ARG EF 55 -80.26 28.14 3.62
CA ARG EF 55 -80.63 27.14 4.61
C ARG EF 55 -81.87 26.34 4.18
N GLU EF 56 -82.80 26.99 3.48
CA GLU EF 56 -84.11 26.41 3.26
C GLU EF 56 -84.10 25.22 2.29
N MET EF 57 -83.08 25.11 1.44
CA MET EF 57 -83.09 24.07 0.42
C MET EF 57 -82.80 22.69 0.99
N ALA EF 58 -82.20 22.61 2.17
CA ALA EF 58 -81.98 21.32 2.79
C ALA EF 58 -83.28 20.74 3.34
N LEU EF 59 -84.21 21.60 3.76
CA LEU EF 59 -85.46 21.13 4.35
C LEU EF 59 -86.37 20.51 3.31
N LYS EF 60 -86.44 21.13 2.13
CA LYS EF 60 -87.50 20.79 1.18
C LYS EF 60 -87.28 19.45 0.51
N GLU EF 61 -86.03 19.13 0.18
CA GLU EF 61 -85.73 17.83 -0.42
C GLU EF 61 -85.97 16.69 0.55
N THR EF 62 -85.59 16.91 1.82
CA THR EF 62 -85.84 15.91 2.85
C THR EF 62 -87.33 15.71 3.10
N ALA EF 63 -88.10 16.81 3.12
CA ALA EF 63 -89.54 16.72 3.30
C ALA EF 63 -90.20 16.01 2.12
N LEU EF 64 -89.73 16.29 0.91
CA LEU EF 64 -90.24 15.61 -0.29
C LEU EF 64 -89.95 14.13 -0.24
N SER EF 65 -88.75 13.75 0.21
CA SER EF 65 -88.38 12.33 0.26
C SER EF 65 -89.20 11.59 1.30
N VAL EF 66 -89.35 12.16 2.50
CA VAL EF 66 -90.11 11.45 3.53
C VAL EF 66 -91.59 11.41 3.20
N GLY EF 67 -92.12 12.47 2.57
CA GLY EF 67 -93.49 12.42 2.10
C GLY EF 67 -93.69 11.42 1.00
N ALA EF 68 -92.70 11.25 0.13
CA ALA EF 68 -92.75 10.24 -0.91
C ALA EF 68 -92.82 8.84 -0.31
N GLN EF 69 -91.99 8.58 0.71
CA GLN EF 69 -91.99 7.27 1.35
C GLN EF 69 -93.32 6.98 2.04
N ALA EF 70 -93.84 7.97 2.79
CA ALA EF 70 -95.08 7.78 3.53
C ALA EF 70 -96.27 7.60 2.58
N GLY EF 71 -96.35 8.45 1.55
CA GLY EF 71 -97.45 8.34 0.60
C GLY EF 71 -97.39 7.06 -0.21
N LEU EF 72 -96.18 6.63 -0.57
CA LEU EF 72 -96.03 5.39 -1.32
C LEU EF 72 -96.48 4.19 -0.51
N ALA EF 73 -96.05 4.10 0.76
CA ALA EF 73 -96.45 2.99 1.61
C ALA EF 73 -97.95 3.00 1.89
N TRP EF 74 -98.51 4.18 2.16
CA TRP EF 74 -99.94 4.29 2.45
C TRP EF 74 -100.77 3.94 1.23
N ARG EF 75 -100.39 4.43 0.05
CA ARG EF 75 -101.14 4.14 -1.16
C ARG EF 75 -101.04 2.68 -1.54
N ALA EF 76 -99.88 2.05 -1.28
CA ALA EF 76 -99.75 0.61 -1.49
C ALA EF 76 -100.68 -0.18 -0.58
N LYS EF 77 -100.80 0.23 0.68
CA LYS EF 77 -101.70 -0.45 1.60
C LYS EF 77 -103.16 -0.32 1.18
N ILE EF 78 -103.56 0.90 0.78
CA ILE EF 78 -104.93 1.16 0.36
C ILE EF 78 -105.26 0.38 -0.91
N ILE EF 79 -104.34 0.35 -1.87
CA ILE EF 79 -104.62 -0.35 -3.11
C ILE EF 79 -104.59 -1.86 -2.90
N ASP EF 80 -103.85 -2.34 -1.91
CA ASP EF 80 -103.84 -3.77 -1.64
C ASP EF 80 -105.15 -4.22 -1.00
N GLU EF 81 -105.67 -3.45 -0.05
CA GLU EF 81 -106.95 -3.85 0.54
C GLU EF 81 -108.10 -3.65 -0.44
N GLN EF 82 -108.01 -2.63 -1.31
CA GLN EF 82 -109.02 -2.48 -2.34
C GLN EF 82 -108.97 -3.62 -3.35
N LEU EF 83 -107.77 -4.10 -3.67
CA LEU EF 83 -107.63 -5.27 -4.54
C LEU EF 83 -108.21 -6.52 -3.88
N ASN EF 84 -107.96 -6.68 -2.58
CA ASN EF 84 -108.49 -7.83 -1.85
C ASN EF 84 -110.00 -7.77 -1.69
N LYS EF 85 -110.59 -6.57 -1.77
CA LYS EF 85 -112.02 -6.40 -1.57
C LYS EF 85 -112.88 -7.10 -2.62
N GLN EF 86 -112.34 -7.38 -3.81
CA GLN EF 86 -113.15 -7.89 -4.92
C GLN EF 86 -112.54 -9.18 -5.46
N ALA EF 87 -112.32 -10.14 -4.57
CA ALA EF 87 -111.52 -11.32 -4.88
C ALA EF 87 -112.16 -12.21 -5.96
N ARG EF 88 -113.47 -12.45 -5.87
CA ARG EF 88 -114.12 -13.38 -6.79
C ARG EF 88 -114.18 -12.85 -8.20
N ASN EF 89 -114.27 -11.53 -8.36
CA ASN EF 89 -114.40 -10.95 -9.68
C ASN EF 89 -113.12 -11.08 -10.48
N LEU EF 90 -111.96 -11.05 -9.80
CA LEU EF 90 -110.69 -11.25 -10.48
C LEU EF 90 -110.60 -12.66 -11.07
N ASP EF 91 -111.04 -13.66 -10.30
CA ASP EF 91 -111.08 -15.02 -10.81
C ASP EF 91 -112.12 -15.18 -11.89
N ALA EF 92 -113.20 -14.41 -11.81
CA ALA EF 92 -114.23 -14.44 -12.85
C ALA EF 92 -113.68 -13.89 -14.16
N ILE EF 93 -112.92 -12.79 -14.11
CA ILE EF 93 -112.44 -12.17 -15.33
C ILE EF 93 -111.11 -12.75 -15.81
N TYR EF 94 -110.44 -13.55 -15.00
CA TYR EF 94 -109.19 -14.18 -15.42
C TYR EF 94 -109.22 -15.64 -15.02
N ASP EF 95 -109.25 -16.52 -16.03
CA ASP EF 95 -109.24 -17.96 -15.83
C ASP EF 95 -108.29 -18.56 -16.86
N PHE EF 96 -107.07 -18.87 -16.43
CA PHE EF 96 -106.15 -19.58 -17.30
C PHE EF 96 -106.61 -21.02 -17.53
N ASN EF 97 -107.30 -21.59 -16.55
CA ASN EF 97 -107.62 -23.02 -16.56
C ASN EF 97 -108.58 -23.37 -17.69
N SER EF 98 -109.44 -22.43 -18.06
CA SER EF 98 -110.30 -22.64 -19.22
C SER EF 98 -109.50 -22.68 -20.51
N LEU EF 99 -108.36 -22.00 -20.55
CA LEU EF 99 -107.49 -22.02 -21.72
C LEU EF 99 -106.38 -23.05 -21.62
N VAL EF 100 -106.31 -23.79 -20.51
CA VAL EF 100 -105.33 -24.85 -20.39
C VAL EF 100 -105.71 -26.00 -21.31
N LEU EF 101 -104.78 -26.39 -22.17
CA LEU EF 101 -105.00 -27.51 -23.08
C LEU EF 101 -104.94 -28.83 -22.33
N GLU EF 102 -105.37 -29.89 -23.01
CA GLU EF 102 -105.64 -31.16 -22.35
C GLU EF 102 -104.39 -31.88 -21.86
N HIS EF 103 -103.20 -31.50 -22.34
CA HIS EF 103 -101.97 -32.10 -21.87
C HIS EF 103 -101.23 -31.21 -20.91
N ASN EF 104 -101.98 -30.41 -20.13
CA ASN EF 104 -101.48 -29.61 -19.01
C ASN EF 104 -100.41 -28.61 -19.45
N ILE EF 105 -100.70 -27.92 -20.54
CA ILE EF 105 -99.73 -27.04 -21.18
C ILE EF 105 -100.33 -25.66 -21.33
N LEU EF 106 -99.55 -24.64 -20.96
CA LEU EF 106 -99.96 -23.28 -21.17
C LEU EF 106 -99.97 -22.96 -22.66
N PRO EF 107 -101.01 -22.33 -23.18
CA PRO EF 107 -100.98 -21.83 -24.55
C PRO EF 107 -99.91 -20.78 -24.72
N PRO EF 108 -99.25 -20.76 -25.87
CA PRO EF 108 -98.18 -19.77 -26.08
C PRO EF 108 -98.74 -18.37 -26.26
N VAL EF 109 -97.86 -17.40 -26.06
CA VAL EF 109 -98.23 -15.99 -26.02
C VAL EF 109 -97.86 -15.35 -27.35
N LEU EF 110 -98.79 -14.59 -27.92
CA LEU EF 110 -98.58 -13.96 -29.21
C LEU EF 110 -98.76 -12.46 -29.11
N LEU EF 111 -98.37 -11.78 -30.18
CA LEU EF 111 -98.63 -10.35 -30.34
C LEU EF 111 -98.94 -10.07 -31.80
N GLU EF 112 -99.78 -9.07 -32.02
CA GLU EF 112 -100.26 -8.69 -33.34
C GLU EF 112 -99.76 -7.32 -33.72
N GLY EF 113 -99.89 -7.00 -35.00
CA GLY EF 113 -99.62 -5.67 -35.49
C GLY EF 113 -100.30 -5.38 -36.80
N ARG EF 114 -101.02 -4.25 -36.89
CA ARG EF 114 -101.76 -3.88 -38.08
C ARG EF 114 -101.22 -2.60 -38.66
N ASN EF 115 -100.96 -2.61 -39.97
CA ASN EF 115 -100.55 -1.44 -40.77
C ASN EF 115 -99.23 -0.85 -40.25
N THR EF 116 -98.19 -1.66 -40.38
CA THR EF 116 -96.86 -1.29 -39.95
C THR EF 116 -96.14 -0.48 -41.01
N LEU EF 117 -95.46 0.58 -40.59
CA LEU EF 117 -94.66 1.40 -41.51
C LEU EF 117 -93.30 1.67 -40.88
N ASN EF 118 -92.25 1.33 -41.61
CA ASN EF 118 -90.89 1.59 -41.19
C ASN EF 118 -90.19 2.46 -42.21
N LEU EF 119 -89.60 3.54 -41.73
CA LEU EF 119 -88.73 4.39 -42.53
C LEU EF 119 -87.33 4.20 -41.97
N ALA EF 120 -86.59 3.27 -42.56
CA ALA EF 120 -85.24 2.98 -42.09
C ALA EF 120 -84.29 4.14 -42.39
N ASP EF 121 -84.32 4.62 -43.63
CA ASP EF 121 -83.46 5.73 -44.05
C ASP EF 121 -84.11 6.34 -45.28
N ALA EF 122 -83.36 7.18 -45.99
CA ALA EF 122 -83.81 7.65 -47.28
C ALA EF 122 -83.73 6.52 -48.30
N GLN EF 123 -84.42 6.74 -49.43
CA GLN EF 123 -84.50 5.82 -50.58
C GLN EF 123 -85.06 4.45 -50.22
N SER EF 124 -85.82 4.34 -49.13
CA SER EF 124 -86.24 3.04 -48.62
C SER EF 124 -87.44 3.21 -47.70
N ILE EF 125 -88.58 2.66 -48.10
CA ILE EF 125 -89.79 2.67 -47.29
C ILE EF 125 -90.29 1.23 -47.20
N ARG EF 126 -90.54 0.74 -45.99
CA ARG EF 126 -91.04 -0.61 -45.79
C ARG EF 126 -92.45 -0.54 -45.22
N ILE EF 127 -93.39 -1.19 -45.89
CA ILE EF 127 -94.79 -1.14 -45.50
C ILE EF 127 -95.32 -2.56 -45.41
N SER EF 128 -96.00 -2.87 -44.30
CA SER EF 128 -96.62 -4.17 -44.11
C SER EF 128 -98.04 -3.96 -43.58
N ASP EF 129 -98.91 -4.92 -43.88
CA ASP EF 129 -100.29 -4.80 -43.44
C ASP EF 129 -100.50 -5.40 -42.06
N ARG EF 130 -100.24 -6.70 -41.92
CA ARG EF 130 -100.36 -7.37 -40.63
C ARG EF 130 -99.07 -8.14 -40.35
N THR EF 131 -98.80 -8.31 -39.06
CA THR EF 131 -97.65 -9.07 -38.61
C THR EF 131 -97.99 -9.71 -37.27
N TYR EF 132 -97.33 -10.84 -36.98
CA TYR EF 132 -97.57 -11.57 -35.75
C TYR EF 132 -96.26 -12.13 -35.21
N LYS EF 133 -96.19 -12.20 -33.88
CA LYS EF 133 -94.99 -12.57 -33.16
C LYS EF 133 -95.33 -13.58 -32.07
N VAL EF 134 -94.58 -14.67 -32.02
CA VAL EF 134 -94.63 -15.58 -30.88
C VAL EF 134 -93.67 -15.04 -29.82
N ALA EF 135 -94.21 -14.46 -28.75
CA ALA EF 135 -93.36 -13.96 -27.69
C ALA EF 135 -92.83 -15.12 -26.84
N LYS EF 136 -93.72 -15.88 -26.22
CA LYS EF 136 -93.35 -16.97 -25.34
C LYS EF 136 -93.84 -18.29 -25.93
N GLN EF 137 -92.93 -19.25 -26.07
CA GLN EF 137 -93.28 -20.57 -26.54
C GLN EF 137 -94.06 -21.33 -25.46
N ALA EF 138 -94.88 -22.28 -25.89
CA ALA EF 138 -95.68 -23.07 -24.97
C ALA EF 138 -94.79 -24.00 -24.15
N HIS EF 139 -95.32 -24.38 -22.97
CA HIS EF 139 -94.55 -25.18 -22.03
C HIS EF 139 -95.51 -25.87 -21.07
N PHE EF 140 -94.95 -26.74 -20.24
CA PHE EF 140 -95.72 -27.39 -19.20
C PHE EF 140 -96.07 -26.42 -18.08
N ILE EF 141 -97.19 -26.69 -17.41
CA ILE EF 141 -97.57 -25.98 -16.21
C ILE EF 141 -98.06 -26.99 -15.19
N THR EF 142 -97.48 -26.95 -13.98
CA THR EF 142 -97.97 -27.78 -12.90
C THR EF 142 -99.36 -27.35 -12.46
N THR EF 143 -99.53 -26.06 -12.18
CA THR EF 143 -100.78 -25.49 -11.73
C THR EF 143 -101.10 -24.28 -12.58
N PRO EF 144 -102.38 -23.92 -12.73
CA PRO EF 144 -102.70 -22.69 -13.45
C PRO EF 144 -102.27 -21.48 -12.67
N PRO EF 145 -101.88 -20.39 -13.35
CA PRO EF 145 -101.44 -19.18 -12.64
C PRO EF 145 -102.59 -18.41 -12.02
N THR EF 146 -102.28 -17.22 -11.49
CA THR EF 146 -103.33 -16.35 -10.94
C THR EF 146 -102.95 -14.90 -11.14
N TRP EF 147 -103.90 -14.04 -10.78
CA TRP EF 147 -103.69 -12.60 -10.81
C TRP EF 147 -102.78 -12.12 -9.69
N ARG EF 148 -102.60 -12.94 -8.65
CA ARG EF 148 -101.81 -12.50 -7.50
C ARG EF 148 -100.33 -12.43 -7.86
N GLN EF 149 -99.89 -13.20 -8.85
CA GLN EF 149 -98.52 -13.12 -9.32
C GLN EF 149 -98.26 -11.91 -10.19
N TYR EF 150 -99.30 -11.19 -10.60
CA TYR EF 150 -99.14 -10.11 -11.56
C TYR EF 150 -99.64 -8.76 -11.07
N LEU EF 151 -100.55 -8.73 -10.11
CA LEU EF 151 -101.19 -7.48 -9.72
C LEU EF 151 -101.05 -7.15 -8.25
N TRP EF 152 -100.62 -8.09 -7.42
CA TRP EF 152 -100.50 -7.81 -6.00
C TRP EF 152 -99.34 -6.87 -5.73
N MET EF 153 -99.56 -5.91 -4.85
CA MET EF 153 -98.54 -4.97 -4.46
C MET EF 153 -97.89 -5.40 -3.16
N ASP EF 154 -96.58 -5.19 -3.06
CA ASP EF 154 -95.88 -5.46 -1.82
C ASP EF 154 -96.18 -4.36 -0.80
N TYR EF 155 -95.97 -4.70 0.47
CA TYR EF 155 -96.21 -3.72 1.54
C TYR EF 155 -95.34 -4.10 2.73
N VAL EF 156 -94.36 -3.25 3.03
CA VAL EF 156 -93.63 -3.27 4.29
C VAL EF 156 -93.84 -1.91 4.93
N LYS EF 157 -94.44 -1.90 6.11
CA LYS EF 157 -94.73 -0.63 6.78
C LYS EF 157 -93.44 -0.05 7.34
N PRO EF 158 -93.14 1.21 7.08
CA PRO EF 158 -92.05 1.89 7.78
C PRO EF 158 -92.54 2.47 9.10
N GLU EF 159 -91.64 2.49 10.07
CA GLU EF 159 -91.97 2.96 11.41
C GLU EF 159 -90.98 3.95 11.99
N ALA EF 160 -89.87 4.23 11.32
CA ALA EF 160 -88.82 5.10 11.86
C ALA EF 160 -88.54 6.23 10.89
N PRO EF 161 -89.29 7.33 10.95
CA PRO EF 161 -88.92 8.52 10.18
C PRO EF 161 -87.70 9.18 10.81
N ASN EF 162 -86.55 9.04 10.16
CA ASN EF 162 -85.32 9.61 10.70
C ASN EF 162 -85.36 11.13 10.59
N VAL EF 163 -84.76 11.79 11.58
CA VAL EF 163 -84.77 13.25 11.67
C VAL EF 163 -83.34 13.74 11.47
N THR EF 164 -83.14 14.54 10.43
CA THR EF 164 -81.85 15.16 10.15
C THR EF 164 -81.85 16.66 10.36
N LEU EF 165 -82.98 17.32 10.13
CA LEU EF 165 -83.13 18.75 10.32
C LEU EF 165 -84.38 19.04 11.14
N LEU EF 166 -84.29 20.07 11.98
CA LEU EF 166 -85.40 20.49 12.80
C LEU EF 166 -85.86 21.88 12.39
N PRO EF 167 -87.16 22.09 12.19
CA PRO EF 167 -87.63 23.43 11.83
C PRO EF 167 -87.71 24.34 13.04
N LYS EF 168 -87.40 25.62 12.83
CA LYS EF 168 -87.42 26.62 13.89
C LYS EF 168 -88.36 27.77 13.63
N THR EF 169 -88.64 28.10 12.38
CA THR EF 169 -89.57 29.17 12.05
C THR EF 169 -90.88 28.60 11.53
N LYS EF 170 -91.92 29.42 11.63
CA LYS EF 170 -93.24 29.03 11.13
C LYS EF 170 -93.23 28.86 9.62
N ALA EF 171 -92.42 29.66 8.91
CA ALA EF 171 -92.31 29.52 7.46
C ALA EF 171 -91.69 28.19 7.07
N GLU EF 172 -90.63 27.78 7.77
CA GLU EF 172 -89.99 26.51 7.41
C GLU EF 172 -90.84 25.33 7.87
N LYS EF 173 -91.60 25.49 8.96
CA LYS EF 173 -92.59 24.48 9.34
C LYS EF 173 -93.67 24.34 8.27
N GLU EF 174 -94.14 25.46 7.73
CA GLU EF 174 -95.18 25.44 6.71
C GLU EF 174 -94.69 24.83 5.41
N ILE EF 175 -93.48 25.19 4.97
CA ILE EF 175 -92.97 24.61 3.73
C ILE EF 175 -92.64 23.14 3.93
N TRP EF 176 -92.24 22.75 5.15
CA TRP EF 176 -92.04 21.34 5.49
C TRP EF 176 -93.35 20.57 5.35
N CYS EF 177 -94.45 21.14 5.85
CA CYS EF 177 -95.76 20.51 5.75
C CYS EF 177 -96.22 20.38 4.29
N ILE EF 178 -96.12 21.47 3.54
CA ILE EF 178 -96.67 21.44 2.18
C ILE EF 178 -95.80 20.59 1.26
N TYR EF 179 -94.49 20.54 1.50
CA TYR EF 179 -93.65 19.69 0.67
C TYR EF 179 -93.79 18.24 1.06
N THR EF 180 -94.10 17.95 2.33
CA THR EF 180 -94.45 16.59 2.71
C THR EF 180 -95.75 16.15 2.03
N GLU EF 181 -96.71 17.08 1.93
CA GLU EF 181 -97.95 16.80 1.20
C GLU EF 181 -97.69 16.55 -0.28
N ARG EF 182 -96.79 17.33 -0.87
CA ARG EF 182 -96.44 17.13 -2.27
C ARG EF 182 -95.77 15.78 -2.49
N GLY EF 183 -94.90 15.38 -1.56
CA GLY EF 183 -94.30 14.06 -1.63
C GLY EF 183 -95.33 12.95 -1.48
N TRP EF 184 -96.32 13.18 -0.61
CA TRP EF 184 -97.43 12.22 -0.44
C TRP EF 184 -98.16 12.00 -1.76
N LYS EF 185 -98.45 13.10 -2.46
CA LYS EF 185 -99.08 13.02 -3.77
C LYS EF 185 -98.18 12.32 -4.79
N ASN EF 186 -96.87 12.60 -4.76
CA ASN EF 186 -95.94 11.98 -5.70
C ASN EF 186 -95.84 10.49 -5.50
N GLY EF 187 -95.80 10.04 -4.24
CA GLY EF 187 -95.78 8.61 -3.97
C GLY EF 187 -97.06 7.93 -4.37
N ILE EF 188 -98.19 8.62 -4.21
CA ILE EF 188 -99.48 8.11 -4.69
C ILE EF 188 -99.45 7.90 -6.19
N ASP EF 189 -98.92 8.89 -6.92
CA ASP EF 189 -98.82 8.79 -8.37
C ASP EF 189 -97.88 7.68 -8.81
N GLN EF 190 -96.78 7.50 -8.07
CA GLN EF 190 -95.83 6.43 -8.37
C GLN EF 190 -96.47 5.06 -8.21
N ALA EF 191 -97.26 4.89 -7.13
CA ALA EF 191 -97.93 3.62 -6.91
C ALA EF 191 -98.97 3.34 -7.99
N ASN EF 192 -99.70 4.37 -8.41
CA ASN EF 192 -100.68 4.20 -9.48
C ASN EF 192 -100.01 3.86 -10.81
N THR EF 193 -98.83 4.44 -11.06
CA THR EF 193 -98.06 4.10 -12.26
C THR EF 193 -97.62 2.65 -12.24
N ILE EF 194 -97.19 2.17 -11.08
CA ILE EF 194 -96.79 0.77 -10.94
C ILE EF 194 -97.97 -0.16 -11.19
N LEU EF 195 -99.14 0.20 -10.63
CA LEU EF 195 -100.36 -0.57 -10.87
C LEU EF 195 -100.73 -0.61 -12.35
N GLU EF 196 -100.57 0.53 -13.03
CA GLU EF 196 -100.87 0.60 -14.46
C GLU EF 196 -99.94 -0.30 -15.27
N GLU EF 197 -98.66 -0.33 -14.90
CA GLU EF 197 -97.72 -1.22 -15.57
C GLU EF 197 -98.09 -2.69 -15.37
N ASN EF 198 -98.49 -3.04 -14.14
CA ASN EF 198 -98.85 -4.42 -13.85
C ASN EF 198 -100.10 -4.86 -14.62
N ILE EF 199 -101.11 -3.99 -14.66
CA ILE EF 199 -102.35 -4.36 -15.33
C ILE EF 199 -102.14 -4.39 -16.84
N ALA EF 200 -101.23 -3.56 -17.36
CA ALA EF 200 -100.88 -3.64 -18.77
C ALA EF 200 -100.18 -4.95 -19.10
N ARG EF 201 -99.30 -5.41 -18.21
CA ARG EF 201 -98.60 -6.66 -18.44
C ARG EF 201 -99.55 -7.85 -18.44
N ILE EF 202 -100.49 -7.88 -17.49
CA ILE EF 202 -101.40 -9.03 -17.43
C ILE EF 202 -102.42 -8.98 -18.56
N LYS EF 203 -102.80 -7.77 -19.02
CA LYS EF 203 -103.64 -7.65 -20.19
C LYS EF 203 -102.93 -8.18 -21.43
N GLU EF 204 -101.63 -7.90 -21.53
CA GLU EF 204 -100.83 -8.43 -22.63
C GLU EF 204 -100.79 -9.96 -22.60
N ASP EF 205 -100.64 -10.53 -21.40
CA ASP EF 205 -100.61 -11.99 -21.26
C ASP EF 205 -101.91 -12.64 -21.72
N PHE EF 206 -103.04 -12.13 -21.21
CA PHE EF 206 -104.32 -12.73 -21.55
C PHE EF 206 -104.68 -12.51 -23.01
N GLY EF 207 -104.30 -11.35 -23.57
CA GLY EF 207 -104.55 -11.10 -24.97
C GLY EF 207 -103.74 -12.00 -25.88
N GLY EF 208 -102.49 -12.27 -25.50
CA GLY EF 208 -101.69 -13.21 -26.27
C GLY EF 208 -102.24 -14.62 -26.26
N MET EF 209 -102.74 -15.05 -25.08
CA MET EF 209 -103.32 -16.39 -25.00
C MET EF 209 -104.60 -16.51 -25.81
N ILE EF 210 -105.47 -15.50 -25.75
CA ILE EF 210 -106.72 -15.60 -26.50
C ILE EF 210 -106.46 -15.41 -27.99
N LEU EF 211 -105.40 -14.68 -28.34
CA LEU EF 211 -105.00 -14.59 -29.73
C LEU EF 211 -104.52 -15.92 -30.26
N TYR EF 212 -103.79 -16.69 -29.42
CA TYR EF 212 -103.38 -18.03 -29.83
C TYR EF 212 -104.57 -18.94 -30.04
N ARG EF 213 -105.55 -18.87 -29.14
CA ARG EF 213 -106.75 -19.71 -29.27
C ARG EF 213 -107.52 -19.38 -30.55
N LYS EF 214 -107.70 -18.09 -30.82
CA LYS EF 214 -108.43 -17.69 -32.03
C LYS EF 214 -107.64 -18.02 -33.29
N LEU EF 215 -106.31 -17.95 -33.24
CA LEU EF 215 -105.52 -18.30 -34.42
C LEU EF 215 -105.54 -19.81 -34.68
N LEU EF 216 -105.53 -20.60 -33.61
CA LEU EF 216 -105.63 -22.05 -33.76
C LEU EF 216 -106.99 -22.44 -34.30
N ALA EF 217 -108.04 -21.70 -33.93
CA ALA EF 217 -109.31 -21.86 -34.60
C ALA EF 217 -109.20 -21.46 -36.07
N MET EF 218 -108.46 -20.39 -36.36
CA MET EF 218 -108.34 -19.86 -37.70
C MET EF 218 -107.49 -20.73 -38.62
N ASN EF 219 -106.79 -21.71 -38.07
CA ASN EF 219 -105.88 -22.61 -38.79
C ASN EF 219 -104.76 -21.83 -39.46
N MET EF 220 -104.00 -21.14 -38.62
CA MET EF 220 -102.75 -20.51 -39.02
C MET EF 220 -101.56 -21.02 -38.22
N VAL EF 221 -101.80 -21.75 -37.14
CA VAL EF 221 -100.76 -22.26 -36.27
C VAL EF 221 -100.97 -23.75 -36.07
N SER EF 222 -99.89 -24.50 -36.12
CA SER EF 222 -99.98 -25.93 -35.86
C SER EF 222 -100.15 -26.18 -34.36
N PRO EF 223 -101.04 -27.10 -33.97
CA PRO EF 223 -101.07 -27.52 -32.58
C PRO EF 223 -99.83 -28.33 -32.24
N PRO EF 224 -99.43 -28.36 -30.97
CA PRO EF 224 -98.26 -29.16 -30.60
C PRO EF 224 -98.60 -30.64 -30.58
N TYR EF 225 -97.55 -31.46 -30.63
CA TYR EF 225 -97.70 -32.91 -30.65
C TYR EF 225 -96.77 -33.55 -29.64
N VAL EF 226 -97.24 -34.62 -29.02
CA VAL EF 226 -96.53 -35.27 -27.94
C VAL EF 226 -96.62 -36.79 -28.10
N SER EF 227 -95.47 -37.46 -28.10
CA SER EF 227 -95.42 -38.90 -28.04
C SER EF 227 -95.42 -39.35 -26.59
N HIS EF 228 -95.93 -40.54 -26.34
CA HIS EF 228 -96.01 -41.10 -24.99
C HIS EF 228 -95.33 -42.44 -24.96
N THR EF 229 -94.36 -42.58 -24.06
CA THR EF 229 -93.66 -43.83 -23.83
C THR EF 229 -94.23 -44.49 -22.60
N ASP EF 230 -94.67 -45.74 -22.75
CA ASP EF 230 -95.29 -46.52 -21.69
C ASP EF 230 -94.40 -47.70 -21.36
N LEU EF 231 -94.10 -47.87 -20.08
CA LEU EF 231 -93.29 -48.97 -19.60
C LEU EF 231 -93.99 -49.64 -18.43
N GLY EF 232 -93.86 -50.96 -18.37
CA GLY EF 232 -94.45 -51.72 -17.30
C GLY EF 232 -93.57 -51.71 -16.06
N VAL EF 233 -93.30 -52.90 -15.52
CA VAL EF 233 -92.47 -52.99 -14.33
C VAL EF 233 -91.02 -52.68 -14.68
N THR EF 234 -90.37 -51.89 -13.82
CA THR EF 234 -88.98 -51.53 -14.04
C THR EF 234 -88.31 -51.33 -12.69
N GLY EF 235 -86.99 -51.43 -12.70
CA GLY EF 235 -86.21 -51.30 -11.48
C GLY EF 235 -85.69 -52.64 -10.99
N ASP EF 236 -84.94 -52.58 -9.90
CA ASP EF 236 -84.24 -53.74 -9.38
C ASP EF 236 -85.10 -54.45 -8.34
N GLY EF 237 -84.49 -55.37 -7.60
CA GLY EF 237 -85.17 -56.05 -6.51
C GLY EF 237 -85.36 -55.21 -5.27
N SER EF 238 -84.80 -54.00 -5.23
CA SER EF 238 -85.02 -53.06 -4.14
C SER EF 238 -85.97 -51.93 -4.52
N GLU EF 239 -85.92 -51.45 -5.76
CA GLU EF 239 -86.75 -50.36 -6.21
C GLU EF 239 -87.59 -50.83 -7.38
N ILE EF 240 -88.90 -50.60 -7.32
CA ILE EF 240 -89.79 -50.96 -8.41
C ILE EF 240 -90.79 -49.84 -8.65
N HIS EF 241 -91.23 -49.73 -9.90
CA HIS EF 241 -92.28 -48.82 -10.29
C HIS EF 241 -93.29 -49.59 -11.14
N ILE EF 242 -94.56 -49.18 -11.07
CA ILE EF 242 -95.61 -49.97 -11.67
C ILE EF 242 -95.80 -49.63 -13.15
N ASP EF 243 -96.15 -48.37 -13.43
CA ASP EF 243 -96.49 -47.95 -14.79
C ASP EF 243 -95.76 -46.65 -15.09
N ASP EF 244 -94.60 -46.74 -15.73
CA ASP EF 244 -93.82 -45.56 -16.05
C ASP EF 244 -94.33 -44.94 -17.34
N ARG EF 245 -94.93 -43.76 -17.24
CA ARG EF 245 -95.40 -43.03 -18.41
C ARG EF 245 -94.59 -41.76 -18.55
N VAL EF 246 -94.01 -41.55 -19.72
CA VAL EF 246 -93.27 -40.33 -20.00
C VAL EF 246 -93.81 -39.77 -21.31
N LEU EF 247 -94.40 -38.58 -21.26
CA LEU EF 247 -95.01 -37.97 -22.42
C LEU EF 247 -94.14 -36.81 -22.85
N ARG EF 248 -93.39 -36.98 -23.92
CA ARG EF 248 -92.49 -35.97 -24.42
C ARG EF 248 -93.05 -35.35 -25.68
N ILE EF 249 -93.12 -34.02 -25.71
CA ILE EF 249 -93.56 -33.35 -26.92
C ILE EF 249 -92.41 -33.31 -27.91
N THR EF 250 -92.76 -33.19 -29.18
CA THR EF 250 -91.80 -33.11 -30.26
C THR EF 250 -91.88 -31.82 -31.04
N ALA EF 251 -93.08 -31.37 -31.35
CA ALA EF 251 -93.30 -30.20 -32.19
C ALA EF 251 -93.84 -29.07 -31.33
N LEU EF 252 -93.08 -27.97 -31.26
CA LEU EF 252 -93.60 -26.75 -30.70
C LEU EF 252 -94.63 -26.15 -31.66
N PRO EF 253 -95.64 -25.45 -31.14
CA PRO EF 253 -96.58 -24.76 -32.03
C PRO EF 253 -95.90 -23.63 -32.79
N GLU EF 254 -96.24 -23.51 -34.07
CA GLU EF 254 -95.65 -22.48 -34.90
C GLU EF 254 -96.60 -22.11 -36.03
N LEU EF 255 -96.36 -20.95 -36.62
CA LEU EF 255 -97.14 -20.49 -37.76
C LEU EF 255 -96.84 -21.34 -38.98
N ASN EF 256 -97.86 -21.57 -39.80
CA ASN EF 256 -97.68 -22.21 -41.09
C ASN EF 256 -97.67 -21.14 -42.18
N VAL EF 257 -96.54 -20.99 -42.86
CA VAL EF 257 -96.39 -19.93 -43.84
C VAL EF 257 -97.12 -20.20 -45.15
N ASN EF 258 -97.62 -21.42 -45.34
CA ASN EF 258 -98.35 -21.73 -46.57
C ASN EF 258 -99.74 -21.10 -46.49
N SER EF 259 -100.08 -20.32 -47.52
CA SER EF 259 -101.29 -19.52 -47.49
C SER EF 259 -102.55 -20.34 -47.76
N ALA EF 260 -102.45 -21.38 -48.58
CA ALA EF 260 -103.62 -22.03 -49.14
C ALA EF 260 -104.43 -22.82 -48.12
N GLU EF 261 -103.83 -23.16 -46.98
CA GLU EF 261 -104.51 -23.94 -45.95
C GLU EF 261 -105.32 -23.06 -45.01
N TRP EF 262 -105.31 -21.76 -45.21
CA TRP EF 262 -105.94 -20.85 -44.27
C TRP EF 262 -107.44 -20.83 -44.53
N ARG EF 263 -108.23 -21.07 -43.50
CA ARG EF 263 -109.67 -21.17 -43.61
C ARG EF 263 -110.30 -19.81 -43.38
N ALA EF 264 -111.26 -19.47 -44.23
CA ALA EF 264 -111.89 -18.15 -44.21
C ALA EF 264 -112.90 -18.05 -43.08
N ALA EF 265 -113.56 -16.89 -42.98
CA ALA EF 265 -114.55 -16.61 -41.95
C ALA EF 265 -115.71 -15.84 -42.55
N VAL EF 266 -116.83 -15.84 -41.82
CA VAL EF 266 -118.03 -15.10 -42.20
C VAL EF 266 -118.78 -14.79 -40.91
N ALA EF 267 -119.81 -13.95 -40.99
CA ALA EF 267 -120.67 -13.71 -39.84
C ALA EF 267 -122.07 -13.35 -40.32
N LYS EF 268 -123.01 -13.41 -39.39
CA LYS EF 268 -124.39 -13.07 -39.69
C LYS EF 268 -124.90 -11.95 -38.79
N LYS FF 60 -81.75 -10.38 29.59
CA LYS FF 60 -82.85 -10.49 28.63
C LYS FF 60 -82.84 -11.86 27.97
N GLU FF 61 -81.90 -12.04 27.04
CA GLU FF 61 -81.77 -13.32 26.37
C GLU FF 61 -81.23 -14.40 27.30
N THR FF 62 -80.53 -14.01 28.36
CA THR FF 62 -80.18 -14.96 29.42
C THR FF 62 -81.43 -15.51 30.09
N ALA FF 63 -82.39 -14.62 30.40
CA ALA FF 63 -83.67 -15.05 30.95
C ALA FF 63 -84.44 -15.90 29.96
N LEU FF 64 -84.35 -15.54 28.67
CA LEU FF 64 -84.97 -16.34 27.62
C LEU FF 64 -84.40 -17.75 27.57
N SER FF 65 -83.08 -17.88 27.67
CA SER FF 65 -82.43 -19.18 27.61
C SER FF 65 -82.74 -20.02 28.82
N VAL FF 66 -82.73 -19.42 30.02
CA VAL FF 66 -83.02 -20.22 31.21
C VAL FF 66 -84.49 -20.59 31.28
N GLY FF 67 -85.39 -19.72 30.78
CA GLY FF 67 -86.78 -20.08 30.70
C GLY FF 67 -87.03 -21.20 29.71
N ALA FF 68 -86.32 -21.17 28.57
CA ALA FF 68 -86.43 -22.23 27.59
C ALA FF 68 -85.93 -23.55 28.15
N GLN FF 69 -84.81 -23.53 28.86
CA GLN FF 69 -84.27 -24.75 29.45
C GLN FF 69 -85.19 -25.31 30.53
N ALA FF 70 -85.73 -24.43 31.40
CA ALA FF 70 -86.59 -24.87 32.48
C ALA FF 70 -87.91 -25.43 31.95
N GLY FF 71 -88.52 -24.73 30.99
CA GLY FF 71 -89.75 -25.22 30.41
C GLY FF 71 -89.57 -26.50 29.62
N LEU FF 72 -88.44 -26.62 28.93
CA LEU FF 72 -88.14 -27.84 28.17
C LEU FF 72 -87.98 -29.03 29.11
N ALA FF 73 -87.23 -28.86 30.19
CA ALA FF 73 -87.04 -29.93 31.15
C ALA FF 73 -88.35 -30.29 31.84
N TRP FF 74 -89.16 -29.28 32.17
CA TRP FF 74 -90.45 -29.53 32.82
C TRP FF 74 -91.40 -30.29 31.91
N ARG FF 75 -91.49 -29.88 30.64
CA ARG FF 75 -92.37 -30.55 29.70
C ARG FF 75 -91.90 -31.96 29.41
N ALA FF 76 -90.59 -32.16 29.33
CA ALA FF 76 -90.04 -33.50 29.13
C ALA FF 76 -90.34 -34.40 30.31
N LYS FF 77 -90.25 -33.86 31.52
CA LYS FF 77 -90.60 -34.65 32.70
C LYS FF 77 -92.07 -34.99 32.72
N ILE FF 78 -92.92 -34.05 32.30
CA ILE FF 78 -94.37 -34.27 32.28
C ILE FF 78 -94.73 -35.37 31.27
N ILE FF 79 -94.15 -35.30 30.07
CA ILE FF 79 -94.48 -36.31 29.07
C ILE FF 79 -93.86 -37.66 29.44
N ASP FF 80 -92.74 -37.66 30.15
CA ASP FF 80 -92.16 -38.92 30.60
C ASP FF 80 -93.00 -39.57 31.69
N GLU FF 81 -93.51 -38.78 32.64
CA GLU FF 81 -94.33 -39.38 33.67
C GLU FF 81 -95.69 -39.81 33.13
N GLN FF 82 -96.22 -39.11 32.13
CA GLN FF 82 -97.46 -39.59 31.54
C GLN FF 82 -97.24 -40.83 30.68
N LEU FF 83 -96.06 -40.94 30.07
CA LEU FF 83 -95.73 -42.17 29.35
C LEU FF 83 -95.54 -43.34 30.31
N ASN FF 84 -95.02 -43.06 31.50
CA ASN FF 84 -94.99 -44.09 32.53
C ASN FF 84 -96.39 -44.41 33.04
N LYS FF 85 -97.26 -43.41 33.09
CA LYS FF 85 -98.63 -43.60 33.57
C LYS FF 85 -99.43 -44.49 32.64
N GLN FF 86 -99.42 -44.19 31.35
CA GLN FF 86 -100.05 -45.05 30.36
C GLN FF 86 -98.96 -45.93 29.76
N ALA FF 87 -98.83 -47.14 30.28
CA ALA FF 87 -97.71 -48.01 29.95
C ALA FF 87 -98.10 -49.26 29.18
N ARG FF 88 -99.07 -50.03 29.69
CA ARG FF 88 -99.26 -51.39 29.22
C ARG FF 88 -99.87 -51.44 27.82
N ASN FF 89 -100.80 -50.52 27.53
CA ASN FF 89 -101.41 -50.52 26.20
C ASN FF 89 -100.42 -50.11 25.12
N LEU FF 90 -99.40 -49.33 25.49
CA LEU FF 90 -98.40 -48.86 24.54
C LEU FF 90 -97.60 -50.02 23.95
N ASP FF 91 -96.89 -50.76 24.81
CA ASP FF 91 -96.17 -51.93 24.32
C ASP FF 91 -97.10 -53.07 23.95
N ALA FF 92 -98.34 -53.07 24.45
CA ALA FF 92 -99.32 -54.04 23.99
C ALA FF 92 -99.64 -53.83 22.52
N ILE FF 93 -99.78 -52.58 22.10
CA ILE FF 93 -99.94 -52.28 20.68
C ILE FF 93 -98.66 -52.58 19.93
N TYR FF 94 -97.53 -52.13 20.46
CA TYR FF 94 -96.26 -52.22 19.73
C TYR FF 94 -95.58 -53.55 20.00
N ASP FF 95 -96.18 -54.60 19.44
CA ASP FF 95 -95.56 -55.91 19.44
C ASP FF 95 -94.43 -55.95 18.41
N PHE FF 96 -93.42 -56.76 18.70
CA PHE FF 96 -92.38 -57.00 17.71
C PHE FF 96 -92.16 -58.49 17.54
N ASN FF 97 -92.51 -59.26 18.58
CA ASN FF 97 -92.25 -60.70 18.57
C ASN FF 97 -93.11 -61.42 17.53
N SER FF 98 -94.32 -60.91 17.27
CA SER FF 98 -95.12 -61.47 16.19
C SER FF 98 -94.48 -61.19 14.84
N LEU FF 99 -93.88 -60.01 14.68
CA LEU FF 99 -93.21 -59.68 13.43
C LEU FF 99 -91.88 -60.42 13.28
N VAL FF 100 -91.33 -60.91 14.39
CA VAL FF 100 -90.07 -61.66 14.34
C VAL FF 100 -90.27 -62.95 13.57
N LEU FF 101 -89.46 -63.14 12.54
CA LEU FF 101 -89.52 -64.34 11.72
C LEU FF 101 -88.91 -65.52 12.46
N GLU FF 102 -89.20 -66.73 11.97
CA GLU FF 102 -89.05 -67.96 12.73
C GLU FF 102 -87.60 -68.32 13.03
N HIS FF 103 -86.62 -67.71 12.35
CA HIS FF 103 -85.22 -67.92 12.69
C HIS FF 103 -84.63 -66.72 13.42
N ASN FF 104 -85.47 -66.01 14.19
CA ASN FF 104 -85.10 -64.82 14.97
C ASN FF 104 -84.51 -63.74 14.07
N ILE FF 105 -85.22 -63.42 13.00
CA ILE FF 105 -84.76 -62.50 11.97
C ILE FF 105 -85.69 -61.30 11.96
N LEU FF 106 -85.10 -60.12 12.02
CA LEU FF 106 -85.88 -58.90 11.85
C LEU FF 106 -86.23 -58.76 10.39
N PRO FF 107 -87.51 -58.67 10.03
CA PRO FF 107 -87.88 -58.51 8.63
C PRO FF 107 -87.42 -57.14 8.12
N PRO FF 108 -87.12 -57.03 6.83
CA PRO FF 108 -86.64 -55.76 6.29
C PRO FF 108 -87.78 -54.77 6.14
N VAL FF 109 -87.39 -53.50 5.95
CA VAL FF 109 -88.33 -52.39 5.92
C VAL FF 109 -88.68 -52.08 4.48
N LEU FF 110 -89.98 -52.01 4.18
CA LEU FF 110 -90.47 -51.72 2.85
C LEU FF 110 -91.34 -50.47 2.88
N LEU FF 111 -91.16 -49.61 1.89
CA LEU FF 111 -91.89 -48.36 1.78
C LEU FF 111 -92.59 -48.31 0.43
N GLU FF 112 -93.69 -47.56 0.37
CA GLU FF 112 -94.51 -47.47 -0.82
C GLU FF 112 -94.68 -46.02 -1.23
N GLY FF 113 -95.32 -45.85 -2.39
CA GLY FF 113 -95.71 -44.53 -2.85
C GLY FF 113 -96.76 -44.61 -3.95
N ARG FF 114 -97.78 -43.76 -3.89
CA ARG FF 114 -98.88 -43.79 -4.84
C ARG FF 114 -98.99 -42.46 -5.56
N ASN FF 115 -99.35 -42.56 -6.86
CA ASN FF 115 -99.57 -41.42 -7.75
C ASN FF 115 -98.34 -40.51 -7.81
N THR FF 116 -97.25 -41.10 -8.28
CA THR FF 116 -95.99 -40.37 -8.39
C THR FF 116 -96.02 -39.49 -9.63
N LEU FF 117 -95.76 -38.20 -9.47
CA LEU FF 117 -95.51 -37.35 -10.63
C LEU FF 117 -94.27 -36.51 -10.38
N ASN FF 118 -93.29 -36.66 -11.26
CA ASN FF 118 -92.07 -35.87 -11.20
C ASN FF 118 -91.95 -35.08 -12.49
N LEU FF 119 -91.97 -33.76 -12.38
CA LEU FF 119 -91.47 -32.90 -13.44
C LEU FF 119 -89.96 -32.88 -13.31
N ALA FF 120 -89.26 -33.51 -14.26
CA ALA FF 120 -87.81 -33.59 -14.17
C ALA FF 120 -87.17 -32.23 -14.38
N ASP FF 121 -87.58 -31.54 -15.44
CA ASP FF 121 -87.28 -30.14 -15.68
C ASP FF 121 -88.35 -29.62 -16.64
N ALA FF 122 -88.09 -28.46 -17.25
CA ALA FF 122 -88.94 -28.00 -18.32
C ALA FF 122 -88.86 -28.96 -19.51
N GLN FF 123 -90.04 -29.29 -20.05
CA GLN FF 123 -90.22 -30.26 -21.12
C GLN FF 123 -89.68 -31.64 -20.74
N SER FF 124 -90.07 -32.11 -19.54
CA SER FF 124 -89.77 -33.47 -19.12
C SER FF 124 -90.71 -33.86 -17.99
N ILE FF 125 -91.63 -34.78 -18.24
CA ILE FF 125 -92.56 -35.26 -17.23
C ILE FF 125 -92.40 -36.77 -17.10
N ARG FF 126 -92.72 -37.27 -15.91
CA ARG FF 126 -92.66 -38.72 -15.66
C ARG FF 126 -93.64 -39.06 -14.56
N ILE FF 127 -94.60 -39.92 -14.87
CA ILE FF 127 -95.67 -40.29 -13.94
C ILE FF 127 -95.66 -41.79 -13.75
N SER FF 128 -95.64 -42.22 -12.50
CA SER FF 128 -95.83 -43.62 -12.17
C SER FF 128 -97.07 -43.76 -11.30
N ASP FF 129 -97.71 -44.93 -11.40
CA ASP FF 129 -98.88 -45.19 -10.57
C ASP FF 129 -98.46 -45.44 -9.13
N ARG FF 130 -97.67 -46.48 -8.90
CA ARG FF 130 -97.13 -46.78 -7.58
C ARG FF 130 -95.65 -47.13 -7.72
N THR FF 131 -94.96 -47.03 -6.60
CA THR FF 131 -93.58 -47.46 -6.51
C THR FF 131 -93.33 -48.04 -5.12
N TYR FF 132 -92.32 -48.90 -5.05
CA TYR FF 132 -91.94 -49.53 -3.78
C TYR FF 132 -90.43 -49.53 -3.64
N LYS FF 133 -89.98 -49.43 -2.39
CA LYS FF 133 -88.58 -49.19 -2.07
C LYS FF 133 -88.20 -49.99 -0.83
N VAL FF 134 -87.12 -50.76 -0.92
CA VAL FF 134 -86.57 -51.45 0.24
C VAL FF 134 -85.68 -50.47 0.98
N ALA FF 135 -86.11 -50.06 2.18
CA ALA FF 135 -85.33 -49.10 2.94
C ALA FF 135 -84.17 -49.76 3.67
N LYS FF 136 -84.48 -50.67 4.58
CA LYS FF 136 -83.46 -51.42 5.31
C LYS FF 136 -83.52 -52.88 4.91
N GLN FF 137 -82.44 -53.59 5.17
CA GLN FF 137 -82.36 -55.01 4.87
C GLN FF 137 -82.57 -55.83 6.14
N ALA FF 138 -82.97 -57.09 5.96
CA ALA FF 138 -83.15 -58.00 7.08
C ALA FF 138 -81.82 -58.34 7.72
N HIS FF 139 -81.86 -58.63 9.02
CA HIS FF 139 -80.68 -59.07 9.75
C HIS FF 139 -81.13 -59.86 10.97
N PHE FF 140 -80.18 -60.54 11.60
CA PHE FF 140 -80.45 -61.28 12.81
C PHE FF 140 -80.73 -60.32 13.97
N ILE FF 141 -81.39 -60.84 14.99
CA ILE FF 141 -81.75 -60.04 16.15
C ILE FF 141 -81.86 -60.93 17.37
N THR FF 142 -81.20 -60.56 18.46
CA THR FF 142 -81.30 -61.34 19.68
C THR FF 142 -82.57 -61.01 20.44
N THR FF 143 -82.71 -59.77 20.88
CA THR FF 143 -83.89 -59.41 21.61
C THR FF 143 -84.74 -58.45 20.80
N PRO FF 144 -86.06 -58.66 20.78
CA PRO FF 144 -86.93 -57.76 20.02
C PRO FF 144 -86.94 -56.37 20.63
N PRO FF 145 -87.14 -55.33 19.82
CA PRO FF 145 -87.08 -53.97 20.35
C PRO FF 145 -88.31 -53.59 21.17
N THR FF 146 -88.38 -52.33 21.57
CA THR FF 146 -89.55 -51.82 22.25
C THR FF 146 -89.69 -50.35 21.89
N TRP FF 147 -90.65 -49.70 22.53
CA TRP FF 147 -90.88 -48.27 22.38
C TRP FF 147 -89.89 -47.43 23.15
N ARG FF 148 -89.06 -48.07 23.98
CA ARG FF 148 -88.20 -47.34 24.91
C ARG FF 148 -87.16 -46.50 24.19
N GLN FF 149 -86.59 -47.04 23.12
CA GLN FF 149 -85.59 -46.35 22.33
C GLN FF 149 -86.20 -45.44 21.29
N TYR FF 150 -87.52 -45.30 21.27
CA TYR FF 150 -88.18 -44.40 20.33
C TYR FF 150 -88.87 -43.25 21.04
N LEU FF 151 -89.77 -43.53 21.98
CA LEU FF 151 -90.67 -42.51 22.49
C LEU FF 151 -90.21 -41.91 23.81
N TRP FF 152 -89.13 -42.40 24.40
CA TRP FF 152 -88.62 -41.79 25.61
C TRP FF 152 -87.71 -40.63 25.26
N MET FF 153 -87.81 -39.56 26.05
CA MET FF 153 -86.91 -38.43 25.94
C MET FF 153 -86.05 -38.35 27.20
N ASP FF 154 -84.78 -38.04 27.01
CA ASP FF 154 -83.84 -38.01 28.13
C ASP FF 154 -84.09 -36.80 29.02
N TYR FF 155 -84.08 -37.02 30.32
CA TYR FF 155 -84.42 -36.00 31.30
C TYR FF 155 -83.20 -35.63 32.13
N VAL FF 156 -83.00 -34.33 32.31
CA VAL FF 156 -82.00 -33.80 33.21
C VAL FF 156 -82.68 -32.66 33.98
N LYS FF 157 -82.06 -32.25 35.08
CA LYS FF 157 -82.59 -31.20 35.95
C LYS FF 157 -81.61 -30.04 35.94
N PRO FF 158 -81.76 -29.11 34.99
CA PRO FF 158 -80.91 -27.90 35.00
C PRO FF 158 -81.48 -26.88 35.96
N GLU FF 159 -80.79 -26.70 37.09
CA GLU FF 159 -81.22 -25.75 38.13
C GLU FF 159 -80.04 -24.92 38.59
N ALA FF 160 -79.30 -24.36 37.63
CA ALA FF 160 -78.13 -23.54 37.91
C ALA FF 160 -78.41 -22.10 37.50
N PRO FF 161 -78.84 -21.24 38.43
CA PRO FF 161 -79.11 -19.83 38.09
C PRO FF 161 -77.81 -19.04 38.05
N ASN FF 162 -77.49 -18.49 36.88
CA ASN FF 162 -76.36 -17.59 36.70
C ASN FF 162 -76.93 -16.26 36.21
N VAL FF 163 -77.30 -15.41 37.16
CA VAL FF 163 -78.00 -14.17 36.86
C VAL FF 163 -76.98 -13.06 36.68
N THR FF 164 -76.97 -12.47 35.49
CA THR FF 164 -76.08 -11.35 35.18
C THR FF 164 -76.80 -10.01 35.40
N LEU FF 165 -77.91 -9.79 34.69
CA LEU FF 165 -78.75 -8.63 34.89
C LEU FF 165 -79.79 -9.01 35.94
N LEU FF 166 -79.49 -8.69 37.20
CA LEU FF 166 -80.34 -9.10 38.31
C LEU FF 166 -81.65 -8.33 38.29
N PRO FF 167 -82.80 -8.99 38.46
CA PRO FF 167 -84.07 -8.27 38.57
C PRO FF 167 -84.21 -7.63 39.95
N LYS FF 168 -84.22 -6.32 39.97
CA LYS FF 168 -84.38 -5.58 41.23
C LYS FF 168 -85.52 -4.56 41.16
N THR FF 169 -85.72 -3.94 40.01
CA THR FF 169 -86.88 -3.10 39.81
C THR FF 169 -88.00 -3.88 39.13
N LYS FF 170 -89.17 -3.24 39.06
CA LYS FF 170 -90.36 -3.93 38.54
C LYS FF 170 -90.24 -4.21 37.05
N ALA FF 171 -89.57 -3.35 36.29
CA ALA FF 171 -89.41 -3.58 34.86
C ALA FF 171 -88.48 -4.76 34.59
N GLU FF 172 -87.38 -4.86 35.35
CA GLU FF 172 -86.49 -6.01 35.24
C GLU FF 172 -87.19 -7.29 35.67
N LYS FF 173 -87.98 -7.21 36.75
CA LYS FF 173 -88.71 -8.39 37.22
C LYS FF 173 -89.76 -8.84 36.21
N GLU FF 174 -90.46 -7.90 35.57
CA GLU FF 174 -91.49 -8.30 34.63
C GLU FF 174 -90.90 -8.78 33.31
N ILE FF 175 -89.77 -8.23 32.85
CA ILE FF 175 -89.18 -8.79 31.63
C ILE FF 175 -88.58 -10.15 31.93
N TRP FF 176 -88.08 -10.35 33.16
CA TRP FF 176 -87.65 -11.68 33.62
C TRP FF 176 -88.83 -12.65 33.60
N CYS FF 177 -89.98 -12.21 34.08
CA CYS FF 177 -91.17 -13.07 34.14
C CYS FF 177 -91.68 -13.41 32.75
N ILE FF 178 -91.78 -12.42 31.86
CA ILE FF 178 -92.35 -12.70 30.54
C ILE FF 178 -91.36 -13.49 29.68
N TYR FF 179 -90.05 -13.29 29.87
CA TYR FF 179 -89.09 -14.08 29.13
C TYR FF 179 -89.06 -15.51 29.63
N THR FF 180 -89.23 -15.70 30.94
CA THR FF 180 -89.38 -17.04 31.50
C THR FF 180 -90.64 -17.71 30.97
N GLU FF 181 -91.72 -16.94 30.82
CA GLU FF 181 -92.99 -17.48 30.33
C GLU FF 181 -92.87 -17.94 28.88
N ARG FF 182 -92.31 -17.09 28.02
CA ARG FF 182 -92.18 -17.49 26.62
C ARG FF 182 -91.12 -18.57 26.43
N GLY FF 183 -90.13 -18.63 27.31
CA GLY FF 183 -89.21 -19.75 27.30
C GLY FF 183 -89.88 -21.06 27.68
N TRP FF 184 -90.76 -21.00 28.69
CA TRP FF 184 -91.59 -22.15 29.07
C TRP FF 184 -92.41 -22.64 27.90
N LYS FF 185 -93.06 -21.71 27.20
CA LYS FF 185 -93.91 -22.06 26.06
C LYS FF 185 -93.09 -22.62 24.90
N ASN FF 186 -91.94 -22.02 24.61
CA ASN FF 186 -91.09 -22.48 23.51
C ASN FF 186 -90.50 -23.84 23.80
N GLY FF 187 -90.13 -24.10 25.04
CA GLY FF 187 -89.67 -25.42 25.42
C GLY FF 187 -90.74 -26.48 25.29
N ILE FF 188 -91.98 -26.11 25.66
CA ILE FF 188 -93.10 -27.03 25.51
C ILE FF 188 -93.34 -27.36 24.05
N ASP FF 189 -93.33 -26.33 23.19
CA ASP FF 189 -93.54 -26.52 21.76
C ASP FF 189 -92.43 -27.35 21.13
N GLN FF 190 -91.18 -27.09 21.53
CA GLN FF 190 -90.05 -27.80 20.96
C GLN FF 190 -90.05 -29.26 21.38
N ALA FF 191 -90.40 -29.54 22.65
CA ALA FF 191 -90.51 -30.91 23.11
C ALA FF 191 -91.63 -31.64 22.39
N ASN FF 192 -92.74 -30.95 22.11
CA ASN FF 192 -93.82 -31.55 21.34
C ASN FF 192 -93.38 -31.87 19.92
N THR FF 193 -92.56 -31.01 19.33
CA THR FF 193 -91.98 -31.28 18.02
C THR FF 193 -91.10 -32.54 18.06
N ILE FF 194 -90.31 -32.67 19.12
CA ILE FF 194 -89.43 -33.82 19.28
C ILE FF 194 -90.25 -35.11 19.40
N LEU FF 195 -91.31 -35.06 20.20
CA LEU FF 195 -92.21 -36.20 20.36
C LEU FF 195 -92.91 -36.54 19.06
N GLU FF 196 -93.24 -35.52 18.24
CA GLU FF 196 -93.88 -35.78 16.96
C GLU FF 196 -92.94 -36.49 16.00
N GLU FF 197 -91.67 -36.07 15.98
CA GLU FF 197 -90.69 -36.74 15.12
C GLU FF 197 -90.47 -38.19 15.56
N ASN FF 198 -90.41 -38.42 16.88
CA ASN FF 198 -90.22 -39.77 17.40
C ASN FF 198 -91.40 -40.67 17.08
N ILE FF 199 -92.63 -40.16 17.26
CA ILE FF 199 -93.80 -40.99 17.00
C ILE FF 199 -93.95 -41.23 15.51
N ALA FF 200 -93.52 -40.28 14.68
CA ALA FF 200 -93.52 -40.50 13.23
C ALA FF 200 -92.53 -41.59 12.85
N ARG FF 201 -91.35 -41.59 13.48
CA ARG FF 201 -90.33 -42.58 13.16
C ARG FF 201 -90.78 -43.98 13.55
N ILE FF 202 -91.34 -44.13 14.75
CA ILE FF 202 -91.78 -45.46 15.16
C ILE FF 202 -93.01 -45.90 14.36
N LYS FF 203 -93.84 -44.92 13.92
CA LYS FF 203 -94.98 -45.22 13.08
C LYS FF 203 -94.55 -45.79 11.73
N GLU FF 204 -93.54 -45.17 11.11
CA GLU FF 204 -93.14 -45.65 9.79
C GLU FF 204 -92.37 -46.96 9.90
N ASP FF 205 -91.65 -47.19 11.01
CA ASP FF 205 -91.00 -48.48 11.19
C ASP FF 205 -92.03 -49.61 11.32
N PHE FF 206 -93.07 -49.38 12.13
CA PHE FF 206 -94.13 -50.36 12.30
C PHE FF 206 -94.87 -50.61 10.99
N GLY FF 207 -95.14 -49.54 10.25
CA GLY FF 207 -95.83 -49.67 8.98
C GLY FF 207 -95.01 -50.42 7.95
N GLY FF 208 -93.69 -50.19 7.94
CA GLY FF 208 -92.83 -50.92 7.03
C GLY FF 208 -92.78 -52.40 7.34
N MET FF 209 -92.76 -52.74 8.64
CA MET FF 209 -92.80 -54.15 9.03
C MET FF 209 -94.09 -54.82 8.62
N ILE FF 210 -95.21 -54.13 8.84
CA ILE FF 210 -96.53 -54.65 8.46
C ILE FF 210 -96.62 -54.82 6.95
N LEU FF 211 -96.10 -53.84 6.21
CA LEU FF 211 -96.13 -53.89 4.75
C LEU FF 211 -95.32 -55.03 4.21
N TYR FF 212 -94.13 -55.29 4.79
CA TYR FF 212 -93.32 -56.42 4.33
C TYR FF 212 -94.02 -57.74 4.60
N ARG FF 213 -94.59 -57.89 5.80
CA ARG FF 213 -95.25 -59.15 6.15
C ARG FF 213 -96.44 -59.43 5.24
N LYS FF 214 -97.25 -58.41 4.99
CA LYS FF 214 -98.43 -58.63 4.17
C LYS FF 214 -98.10 -58.73 2.70
N LEU FF 215 -97.02 -58.11 2.23
CA LEU FF 215 -96.61 -58.31 0.85
C LEU FF 215 -96.01 -59.69 0.64
N LEU FF 216 -95.32 -60.22 1.65
CA LEU FF 216 -94.85 -61.60 1.56
C LEU FF 216 -96.01 -62.58 1.59
N ALA FF 217 -97.07 -62.24 2.33
CA ALA FF 217 -98.31 -63.00 2.21
C ALA FF 217 -98.90 -62.88 0.81
N MET FF 218 -98.80 -61.69 0.21
CA MET FF 218 -99.25 -61.45 -1.15
C MET FF 218 -98.36 -62.13 -2.19
N ASN FF 219 -97.20 -62.64 -1.78
CA ASN FF 219 -96.19 -63.24 -2.64
C ASN FF 219 -95.72 -62.24 -3.69
N MET FF 220 -95.10 -61.18 -3.19
CA MET FF 220 -94.44 -60.23 -4.08
C MET FF 220 -93.08 -59.79 -3.56
N VAL FF 221 -92.54 -60.49 -2.56
CA VAL FF 221 -91.13 -60.38 -2.21
C VAL FF 221 -90.63 -61.81 -2.00
N SER FF 222 -89.33 -61.97 -2.13
CA SER FF 222 -88.71 -63.23 -1.80
C SER FF 222 -88.66 -63.37 -0.28
N PRO FF 223 -89.09 -64.51 0.26
CA PRO FF 223 -88.80 -64.78 1.67
C PRO FF 223 -87.31 -64.97 1.87
N PRO FF 224 -86.78 -64.61 3.05
CA PRO FF 224 -85.34 -64.79 3.29
C PRO FF 224 -84.98 -66.26 3.39
N TYR FF 225 -83.81 -66.60 2.86
CA TYR FF 225 -83.34 -67.98 2.85
C TYR FF 225 -82.12 -68.11 3.74
N VAL FF 226 -82.16 -69.07 4.65
CA VAL FF 226 -81.11 -69.28 5.64
C VAL FF 226 -80.55 -70.68 5.46
N SER FF 227 -79.43 -70.94 6.13
CA SER FF 227 -78.84 -72.27 6.13
C SER FF 227 -78.10 -72.49 7.44
N HIS FF 228 -77.89 -73.76 7.75
CA HIS FF 228 -77.26 -74.16 9.01
C HIS FF 228 -76.13 -75.12 8.72
N THR FF 229 -74.90 -74.63 8.81
CA THR FF 229 -73.73 -75.50 8.77
C THR FF 229 -73.67 -76.29 10.06
N ASP FF 230 -73.74 -77.62 9.96
CA ASP FF 230 -73.85 -78.48 11.12
C ASP FF 230 -72.67 -79.45 11.12
N LEU FF 231 -71.91 -79.42 12.21
CA LEU FF 231 -70.77 -80.29 12.41
C LEU FF 231 -70.87 -80.96 13.77
N GLY FF 232 -70.24 -82.11 13.90
CA GLY FF 232 -70.30 -82.86 15.14
C GLY FF 232 -69.36 -82.36 16.21
N VAL FF 233 -68.67 -83.27 16.88
CA VAL FF 233 -67.74 -82.89 17.94
C VAL FF 233 -66.45 -82.40 17.31
N THR FF 234 -66.05 -81.18 17.65
CA THR FF 234 -64.85 -80.56 17.13
C THR FF 234 -64.07 -79.91 18.25
N GLY FF 235 -62.78 -79.72 18.02
CA GLY FF 235 -61.90 -79.05 18.95
C GLY FF 235 -60.62 -79.81 19.16
N ASP FF 236 -59.72 -79.20 19.92
CA ASP FF 236 -58.42 -79.79 20.20
C ASP FF 236 -58.49 -80.60 21.49
N GLY FF 237 -57.32 -81.01 22.01
CA GLY FF 237 -57.26 -81.75 23.26
C GLY FF 237 -57.51 -80.91 24.50
N SER FF 238 -57.54 -79.59 24.37
CA SER FF 238 -57.88 -78.70 25.47
C SER FF 238 -59.27 -78.11 25.37
N GLU FF 239 -59.67 -77.65 24.20
CA GLU FF 239 -60.99 -77.05 23.99
C GLU FF 239 -61.78 -77.92 23.03
N ILE FF 240 -63.08 -78.03 23.29
CA ILE FF 240 -63.95 -78.89 22.49
C ILE FF 240 -65.24 -78.16 22.18
N HIS FF 241 -65.93 -78.66 21.17
CA HIS FF 241 -67.27 -78.20 20.81
C HIS FF 241 -68.15 -79.42 20.70
N ILE FF 242 -69.33 -79.37 21.33
CA ILE FF 242 -70.21 -80.53 21.33
C ILE FF 242 -70.91 -80.69 19.99
N ASP FF 243 -71.67 -79.68 19.58
CA ASP FF 243 -72.51 -79.76 18.40
C ASP FF 243 -72.38 -78.43 17.66
N ASP FF 244 -71.43 -78.37 16.73
CA ASP FF 244 -71.16 -77.13 16.01
C ASP FF 244 -72.32 -76.80 15.09
N ARG FF 245 -72.83 -75.59 15.19
CA ARG FF 245 -73.95 -75.17 14.37
C ARG FF 245 -73.82 -73.68 14.09
N VAL FF 246 -73.75 -73.33 12.81
CA VAL FF 246 -73.62 -71.95 12.38
C VAL FF 246 -74.76 -71.62 11.44
N LEU FF 247 -75.55 -70.62 11.80
CA LEU FF 247 -76.68 -70.18 10.99
C LEU FF 247 -76.27 -68.95 10.19
N ARG FF 248 -76.48 -69.01 8.88
CA ARG FF 248 -76.13 -67.89 8.03
C ARG FF 248 -77.17 -67.71 6.93
N ILE FF 249 -77.49 -66.47 6.64
CA ILE FF 249 -78.45 -66.13 5.60
C ILE FF 249 -77.75 -66.15 4.27
N THR FF 250 -78.34 -66.86 3.31
CA THR FF 250 -77.81 -66.98 1.96
C THR FF 250 -78.44 -65.99 1.00
N ALA FF 251 -79.77 -65.88 1.03
CA ALA FF 251 -80.51 -65.03 0.10
C ALA FF 251 -81.28 -63.99 0.88
N LEU FF 252 -81.11 -62.74 0.50
CA LEU FF 252 -81.84 -61.65 1.11
C LEU FF 252 -83.23 -61.50 0.47
N PRO FF 253 -84.20 -60.97 1.22
CA PRO FF 253 -85.49 -60.62 0.61
C PRO FF 253 -85.32 -59.50 -0.41
N GLU FF 254 -86.07 -59.60 -1.50
CA GLU FF 254 -86.04 -58.60 -2.56
C GLU FF 254 -87.32 -58.71 -3.37
N LEU FF 255 -87.57 -57.68 -4.18
CA LEU FF 255 -88.76 -57.66 -5.02
C LEU FF 255 -88.53 -58.45 -6.29
N ASN FF 256 -89.57 -59.15 -6.75
CA ASN FF 256 -89.53 -59.91 -7.98
C ASN FF 256 -90.42 -59.24 -9.02
N VAL FF 257 -89.86 -58.95 -10.19
CA VAL FF 257 -90.55 -58.11 -11.16
C VAL FF 257 -91.43 -58.88 -12.12
N ASN FF 258 -91.40 -60.19 -12.10
CA ASN FF 258 -92.17 -60.96 -13.06
C ASN FF 258 -93.64 -60.96 -12.70
N SER FF 259 -94.48 -61.22 -13.70
CA SER FF 259 -95.91 -61.07 -13.56
C SER FF 259 -96.61 -62.28 -12.95
N ALA FF 260 -95.93 -63.42 -12.86
CA ALA FF 260 -96.63 -64.65 -12.47
C ALA FF 260 -96.92 -64.72 -10.97
N GLU FF 261 -96.01 -64.20 -10.15
CA GLU FF 261 -96.05 -64.43 -8.71
C GLU FF 261 -97.12 -63.60 -8.00
N TRP FF 262 -97.66 -62.59 -8.67
CA TRP FF 262 -98.66 -61.73 -8.06
C TRP FF 262 -99.98 -62.49 -7.92
N ARG FF 263 -100.46 -62.63 -6.69
CA ARG FF 263 -101.78 -63.19 -6.45
C ARG FF 263 -102.68 -62.08 -5.94
N ALA FF 264 -103.78 -61.84 -6.64
CA ALA FF 264 -104.74 -60.84 -6.18
C ALA FF 264 -105.57 -61.39 -5.04
N ALA FF 265 -106.20 -60.48 -4.30
CA ALA FF 265 -107.02 -60.82 -3.15
C ALA FF 265 -108.42 -60.23 -3.34
N VAL FF 266 -109.42 -60.98 -2.89
CA VAL FF 266 -110.81 -60.57 -3.01
C VAL FF 266 -111.52 -60.89 -1.70
N ALA FF 267 -112.23 -59.91 -1.16
CA ALA FF 267 -112.93 -60.08 0.10
C ALA FF 267 -114.31 -60.70 -0.14
N LYS FF 268 -115.15 -60.70 0.89
CA LYS FF 268 -116.50 -61.23 0.76
C LYS FF 268 -117.51 -60.25 1.35
N ILE GF 862 -63.95 18.08 -13.47
CA ILE GF 862 -63.22 19.34 -13.60
C ILE GF 862 -63.94 20.44 -12.83
N ILE GF 863 -63.23 21.03 -11.87
CA ILE GF 863 -63.74 22.14 -11.08
C ILE GF 863 -62.76 23.30 -11.22
N LYS GF 864 -63.31 24.49 -11.53
CA LYS GF 864 -62.50 25.68 -11.74
C LYS GF 864 -61.79 26.09 -10.46
N THR GF 865 -60.60 26.67 -10.62
CA THR GF 865 -59.81 27.15 -9.50
C THR GF 865 -60.51 28.35 -8.87
N GLY GF 866 -61.04 28.16 -7.66
CA GLY GF 866 -61.54 29.27 -6.88
C GLY GF 866 -63.00 29.63 -7.07
N ASP GF 867 -63.85 28.65 -7.33
CA ASP GF 867 -65.28 28.88 -7.43
C ASP GF 867 -65.92 28.76 -6.04
N ILE GF 868 -67.19 29.14 -5.96
CA ILE GF 868 -67.93 29.18 -4.70
C ILE GF 868 -69.13 28.27 -4.82
N MET GF 869 -69.29 27.38 -3.84
CA MET GF 869 -70.46 26.53 -3.71
C MET GF 869 -71.03 26.71 -2.30
N PHE GF 870 -72.11 26.01 -2.00
CA PHE GF 870 -72.73 26.10 -0.69
C PHE GF 870 -72.86 24.72 -0.08
N ALA GF 871 -72.94 24.68 1.25
CA ALA GF 871 -73.13 23.45 1.99
C ALA GF 871 -73.82 23.77 3.30
N VAL GF 872 -74.26 22.74 4.00
CA VAL GF 872 -74.88 22.90 5.31
C VAL GF 872 -74.03 22.16 6.32
N LEU GF 873 -73.67 22.86 7.40
CA LEU GF 873 -72.93 22.26 8.49
C LEU GF 873 -73.92 21.73 9.53
N ASP GF 874 -73.76 20.45 9.86
CA ASP GF 874 -74.66 19.78 10.78
C ASP GF 874 -73.94 19.47 12.08
N THR GF 875 -72.65 19.17 11.97
CA THR GF 875 -71.85 18.83 13.13
C THR GF 875 -71.32 20.11 13.76
N SER GF 876 -71.67 20.33 15.02
CA SER GF 876 -71.16 21.49 15.76
C SER GF 876 -70.01 21.08 16.65
N VAL GF 877 -69.00 21.97 16.75
CA VAL GF 877 -67.80 21.69 17.53
C VAL GF 877 -67.27 23.01 18.06
N ASN GF 878 -66.50 22.91 19.15
CA ASN GF 878 -65.88 24.04 19.82
C ASN GF 878 -64.42 24.15 19.41
N SER GF 879 -63.84 25.31 19.69
CA SER GF 879 -62.41 25.52 19.49
C SER GF 879 -61.62 25.05 20.70
N ASP GF 880 -61.79 23.79 21.07
CA ASP GF 880 -61.06 23.17 22.18
C ASP GF 880 -60.31 21.92 21.75
N GLU GF 881 -60.93 21.06 20.95
CA GLU GF 881 -60.31 19.83 20.48
C GLU GF 881 -60.50 19.75 18.98
N PRO GF 882 -59.43 19.84 18.17
CA PRO GF 882 -59.58 19.58 16.74
C PRO GF 882 -59.91 18.12 16.47
N GLY GF 883 -60.68 17.92 15.41
CA GLY GF 883 -61.13 16.60 15.05
C GLY GF 883 -61.96 16.62 13.78
N PRO GF 884 -62.48 15.46 13.39
CA PRO GF 884 -63.30 15.39 12.19
C PRO GF 884 -64.65 16.09 12.32
N ILE GF 885 -64.91 17.01 11.39
CA ILE GF 885 -66.21 17.64 11.22
C ILE GF 885 -66.62 17.44 9.78
N LEU GF 886 -67.93 17.30 9.53
CA LEU GF 886 -68.42 17.01 8.19
C LEU GF 886 -69.54 17.99 7.83
N ALA GF 887 -69.63 18.30 6.54
CA ALA GF 887 -70.71 19.06 5.95
C ALA GF 887 -71.15 18.37 4.65
N THR GF 888 -72.32 18.77 4.15
CA THR GF 888 -72.91 18.11 2.99
C THR GF 888 -73.23 19.14 1.92
N ILE GF 889 -72.68 18.93 0.72
CA ILE GF 889 -72.99 19.79 -0.42
C ILE GF 889 -74.38 19.46 -0.93
N VAL GF 890 -75.18 20.50 -1.17
CA VAL GF 890 -76.53 20.33 -1.67
C VAL GF 890 -76.77 21.06 -2.98
N THR GF 891 -75.84 21.89 -3.44
CA THR GF 891 -76.05 22.65 -4.67
C THR GF 891 -74.95 22.40 -5.69
N GLY GF 892 -75.00 23.13 -6.80
CA GLY GF 892 -74.00 22.96 -7.84
C GLY GF 892 -74.20 21.67 -8.61
N LYS GF 893 -73.13 21.25 -9.28
CA LYS GF 893 -73.15 19.98 -9.99
C LYS GF 893 -73.17 18.80 -9.02
N LEU GF 894 -72.38 18.88 -7.97
CA LEU GF 894 -72.27 17.76 -7.03
C LEU GF 894 -73.28 17.91 -5.91
N LYS GF 895 -74.29 17.05 -5.92
CA LYS GF 895 -75.31 17.04 -4.88
C LYS GF 895 -75.17 15.73 -4.12
N GLY GF 896 -75.35 15.80 -2.80
CA GLY GF 896 -75.24 14.62 -1.98
C GLY GF 896 -73.82 14.27 -1.59
N SER GF 897 -72.85 15.02 -2.09
CA SER GF 897 -71.46 14.83 -1.70
C SER GF 897 -71.27 15.39 -0.29
N LYS GF 898 -70.22 14.94 0.38
CA LYS GF 898 -69.94 15.43 1.71
C LYS GF 898 -68.44 15.66 1.88
N LEU GF 899 -68.07 16.25 3.01
CA LEU GF 899 -66.71 16.76 3.16
C LEU GF 899 -66.35 16.77 4.64
N ILE GF 900 -65.19 16.19 4.97
CA ILE GF 900 -64.70 16.12 6.34
C ILE GF 900 -63.41 16.93 6.45
N GLY GF 901 -63.17 17.46 7.64
CA GLY GF 901 -61.99 18.25 7.92
C GLY GF 901 -61.94 18.69 9.37
N SER GF 902 -61.37 19.86 9.65
CA SER GF 902 -61.24 20.33 11.02
C SER GF 902 -61.28 21.86 11.02
N PHE GF 903 -60.88 22.46 12.13
CA PHE GF 903 -60.80 23.92 12.26
C PHE GF 903 -59.37 24.33 12.55
N ASN GF 904 -59.22 25.62 12.84
CA ASN GF 904 -57.94 26.18 13.27
C ASN GF 904 -58.14 26.90 14.58
N LEU GF 905 -57.05 27.06 15.32
CA LEU GF 905 -57.11 27.89 16.51
C LEU GF 905 -56.46 29.22 16.24
N PRO GF 906 -57.23 30.30 16.23
CA PRO GF 906 -56.68 31.61 15.90
C PRO GF 906 -55.93 32.24 17.06
N SER GF 907 -55.03 33.16 16.72
CA SER GF 907 -54.36 33.97 17.74
C SER GF 907 -55.33 34.92 18.41
N ASN GF 908 -56.24 35.51 17.65
CA ASN GF 908 -57.29 36.37 18.17
C ASN GF 908 -58.64 35.81 17.75
N ALA GF 909 -59.58 35.79 18.70
CA ALA GF 909 -60.81 34.99 18.57
C ALA GF 909 -61.96 35.76 17.94
N ASP GF 910 -61.66 36.75 17.10
CA ASP GF 910 -62.72 37.51 16.43
C ASP GF 910 -63.22 36.82 15.16
N LYS GF 911 -62.58 35.75 14.73
CA LYS GF 911 -63.01 35.03 13.53
C LYS GF 911 -62.53 33.59 13.63
N MET GF 912 -62.97 32.77 12.67
CA MET GF 912 -62.68 31.35 12.70
C MET GF 912 -62.78 30.80 11.29
N VAL GF 913 -61.81 29.98 10.89
CA VAL GF 913 -61.79 29.36 9.57
C VAL GF 913 -61.88 27.85 9.74
N ILE GF 914 -62.36 27.19 8.69
CA ILE GF 914 -62.61 25.75 8.71
C ILE GF 914 -61.75 25.11 7.62
N THR GF 915 -60.88 24.20 8.02
CA THR GF 915 -60.04 23.47 7.09
C THR GF 915 -60.79 22.21 6.65
N PHE GF 916 -61.12 22.15 5.36
CA PHE GF 916 -61.94 21.07 4.82
C PHE GF 916 -61.19 20.41 3.68
N ASN GF 917 -60.76 19.18 3.89
CA ASN GF 917 -59.78 18.56 3.00
C ASN GF 917 -60.22 17.25 2.40
N THR GF 918 -61.03 16.45 3.10
CA THR GF 918 -61.35 15.11 2.61
C THR GF 918 -62.74 15.12 2.01
N MET GF 919 -62.80 15.10 0.68
CA MET GF 919 -64.04 15.19 -0.08
C MET GF 919 -64.49 13.80 -0.47
N SER GF 920 -65.77 13.50 -0.25
CA SER GF 920 -66.37 12.25 -0.67
C SER GF 920 -67.54 12.55 -1.60
N ILE GF 921 -67.56 11.88 -2.75
CA ILE GF 921 -68.59 12.05 -3.78
C ILE GF 921 -69.30 10.71 -3.94
N PRO GF 922 -70.64 10.67 -3.96
CA PRO GF 922 -71.33 9.39 -4.16
C PRO GF 922 -71.26 8.89 -5.60
N GLY GF 923 -71.88 7.75 -5.86
CA GLY GF 923 -71.78 7.11 -7.16
C GLY GF 923 -70.68 6.07 -7.20
N ALA GF 924 -69.45 6.48 -6.91
CA ALA GF 924 -68.31 5.57 -6.88
C ALA GF 924 -67.57 5.69 -5.56
N GLU GF 925 -66.86 4.62 -5.21
CA GLU GF 925 -66.03 4.60 -4.00
C GLU GF 925 -64.70 5.27 -4.33
N LYS GF 926 -64.70 6.60 -4.27
CA LYS GF 926 -63.51 7.39 -4.51
C LYS GF 926 -63.37 8.41 -3.39
N THR GF 927 -62.14 8.90 -3.20
CA THR GF 927 -61.89 9.92 -2.18
C THR GF 927 -60.76 10.81 -2.70
N ILE GF 928 -61.13 11.98 -3.21
CA ILE GF 928 -60.15 13.00 -3.58
C ILE GF 928 -59.85 13.83 -2.34
N SER GF 929 -58.78 14.63 -2.39
CA SER GF 929 -58.33 15.34 -1.20
C SER GF 929 -58.18 16.83 -1.45
N ILE GF 930 -59.19 17.44 -2.07
CA ILE GF 930 -59.20 18.88 -2.29
C ILE GF 930 -59.37 19.59 -0.96
N SER GF 931 -58.45 20.50 -0.65
CA SER GF 931 -58.49 21.27 0.59
C SER GF 931 -59.17 22.61 0.33
N ALA GF 932 -60.33 22.80 0.94
CA ALA GF 932 -61.12 24.00 0.70
C ALA GF 932 -61.47 24.61 2.06
N TYR GF 933 -61.85 25.89 2.05
CA TYR GF 933 -62.15 26.62 3.27
C TYR GF 933 -63.60 27.10 3.25
N ALA GF 934 -63.96 27.85 4.28
CA ALA GF 934 -65.35 28.28 4.50
C ALA GF 934 -65.42 29.78 4.73
N ILE GF 935 -66.58 30.35 4.37
CA ILE GF 935 -66.89 31.75 4.67
C ILE GF 935 -68.30 31.80 5.22
N ASP GF 936 -68.57 32.79 6.07
CA ASP GF 936 -69.89 32.96 6.64
C ASP GF 936 -70.84 33.56 5.61
N PRO GF 937 -72.01 32.96 5.40
CA PRO GF 937 -73.01 33.59 4.52
C PRO GF 937 -73.57 34.86 5.14
N ASN GF 938 -74.04 35.75 4.25
CA ASN GF 938 -74.60 37.08 4.52
C ASN GF 938 -73.61 38.03 5.16
N THR GF 939 -72.31 37.73 5.16
CA THR GF 939 -71.29 38.66 5.61
C THR GF 939 -70.18 38.71 4.58
N ALA GF 940 -70.04 37.61 3.83
CA ALA GF 940 -68.93 37.34 2.91
C ALA GF 940 -67.58 37.52 3.60
N ARG GF 941 -67.53 37.00 4.83
CA ARG GF 941 -66.36 37.16 5.68
C ARG GF 941 -66.01 35.82 6.31
N THR GF 942 -65.11 35.89 7.28
CA THR GF 942 -64.57 34.72 7.94
C THR GF 942 -64.94 34.63 9.42
N ALA GF 943 -65.97 35.35 9.86
CA ALA GF 943 -66.29 35.38 11.28
C ALA GF 943 -67.05 34.13 11.70
N LEU GF 944 -67.17 33.96 13.01
CA LEU GF 944 -67.92 32.85 13.59
C LEU GF 944 -69.13 33.38 14.34
N ALA GF 945 -70.26 32.71 14.16
CA ALA GF 945 -71.50 33.07 14.85
C ALA GF 945 -71.49 32.46 16.24
N SER GF 946 -70.77 33.10 17.14
CA SER GF 946 -70.66 32.65 18.53
C SER GF 946 -70.28 33.84 19.39
N ARG GF 947 -70.08 33.59 20.67
CA ARG GF 947 -69.70 34.60 21.64
C ARG GF 947 -68.19 34.55 21.89
N THR GF 948 -67.64 35.73 22.22
CA THR GF 948 -66.21 35.85 22.44
C THR GF 948 -65.87 36.31 23.86
N ASN GF 949 -66.85 36.54 24.72
CA ASN GF 949 -66.64 37.01 26.09
C ASN GF 949 -66.71 35.87 27.10
N HIS GF 950 -66.17 34.71 26.72
CA HIS GF 950 -66.41 33.47 27.45
C HIS GF 950 -65.80 33.46 28.84
N HIS GF 951 -64.54 33.84 28.97
CA HIS GF 951 -63.86 33.77 30.25
C HIS GF 951 -63.04 35.01 30.53
N TYR GF 952 -63.63 36.19 30.29
CA TYR GF 952 -63.04 37.43 30.78
C TYR GF 952 -63.45 37.71 32.22
N LEU GF 953 -64.76 37.63 32.49
CA LEU GF 953 -65.34 38.06 33.76
C LEU GF 953 -64.86 37.21 34.92
N MET GF 954 -64.70 35.90 34.70
CA MET GF 954 -64.30 34.99 35.78
C MET GF 954 -62.91 35.32 36.30
N ARG GF 955 -61.93 35.42 35.41
CA ARG GF 955 -60.57 35.71 35.85
C ARG GF 955 -60.41 37.15 36.32
N TYR GF 956 -61.14 38.11 35.70
CA TYR GF 956 -61.09 39.49 36.14
C TYR GF 956 -61.62 39.64 37.57
N GLY GF 957 -62.79 39.06 37.84
CA GLY GF 957 -63.37 39.14 39.17
C GLY GF 957 -62.56 38.39 40.21
N SER GF 958 -62.00 37.22 39.84
CA SER GF 958 -61.19 36.46 40.77
C SER GF 958 -59.92 37.22 41.16
N LEU GF 959 -59.24 37.81 40.16
CA LEU GF 959 -58.03 38.55 40.42
C LEU GF 959 -58.30 39.79 41.27
N PHE GF 960 -59.35 40.54 40.91
CA PHE GF 960 -59.68 41.75 41.65
C PHE GF 960 -60.13 41.45 43.08
N ALA GF 961 -60.87 40.37 43.27
CA ALA GF 961 -61.33 40.01 44.61
C ALA GF 961 -60.18 39.54 45.49
N SER GF 962 -59.27 38.71 44.94
CA SER GF 962 -58.11 38.27 45.72
C SER GF 962 -57.20 39.43 46.09
N SER GF 963 -57.03 40.37 45.14
CA SER GF 963 -56.31 41.60 45.43
C SER GF 963 -56.94 42.38 46.58
N PHE GF 964 -58.26 42.65 46.48
CA PHE GF 964 -58.99 43.41 47.48
C PHE GF 964 -58.92 42.75 48.86
N LEU GF 965 -58.89 41.41 48.89
CA LEU GF 965 -58.72 40.69 50.15
C LEU GF 965 -57.33 40.93 50.74
N GLN GF 966 -56.28 40.84 49.90
CA GLN GF 966 -54.92 41.12 50.36
C GLN GF 966 -54.80 42.53 50.92
N GLY GF 967 -55.36 43.49 50.21
CA GLY GF 967 -55.31 44.87 50.63
C GLY GF 967 -56.06 45.11 51.92
N PHE GF 968 -57.20 44.43 52.10
CA PHE GF 968 -58.00 44.63 53.29
C PHE GF 968 -57.28 44.12 54.51
N GLY GF 969 -56.67 42.94 54.39
CA GLY GF 969 -55.91 42.41 55.50
C GLY GF 969 -54.72 43.27 55.88
N ASN GF 970 -53.92 43.69 54.89
CA ASN GF 970 -52.72 44.44 55.26
C ASN GF 970 -53.03 45.85 55.75
N ALA GF 971 -53.93 46.58 55.08
CA ALA GF 971 -54.16 47.96 55.49
C ALA GF 971 -55.01 48.05 56.75
N PHE GF 972 -56.00 47.16 56.90
CA PHE GF 972 -56.77 47.17 58.13
C PHE GF 972 -55.99 46.54 59.29
N GLN GF 973 -54.90 45.81 59.02
CA GLN GF 973 -53.95 45.51 60.08
C GLN GF 973 -53.11 46.73 60.44
N SER GF 974 -52.67 47.48 59.42
CA SER GF 974 -51.76 48.59 59.64
C SER GF 974 -52.43 49.75 60.35
N ALA GF 975 -53.74 49.91 60.17
CA ALA GF 975 -54.47 51.01 60.77
C ALA GF 975 -54.92 50.72 62.20
N ASN GF 976 -54.39 49.67 62.83
CA ASN GF 976 -54.81 49.30 64.19
C ASN GF 976 -54.25 50.25 65.24
N THR GF 977 -53.11 50.87 64.98
CA THR GF 977 -52.50 51.75 65.97
C THR GF 977 -53.27 53.06 66.11
N THR GF 978 -53.63 53.67 64.98
CA THR GF 978 -54.31 54.96 65.01
C THR GF 978 -55.80 54.82 64.75
N SER GF 999 -62.94 42.49 68.24
CA SER GF 999 -62.06 41.46 67.69
C SER GF 999 -62.53 41.05 66.31
N THR GF 1000 -63.76 41.44 65.99
CA THR GF 1000 -64.40 41.03 64.73
C THR GF 1000 -63.73 41.66 63.52
N LEU GF 1001 -63.33 42.93 63.63
CA LEU GF 1001 -62.61 43.58 62.54
C LEU GF 1001 -61.23 42.95 62.37
N GLU GF 1002 -60.62 42.52 63.47
CA GLU GF 1002 -59.37 41.78 63.40
C GLU GF 1002 -59.56 40.43 62.72
N ASN GF 1003 -60.73 39.80 62.92
CA ASN GF 1003 -61.02 38.57 62.22
C ASN GF 1003 -61.22 38.80 60.72
N ALA GF 1004 -61.79 39.96 60.37
CA ALA GF 1004 -61.86 40.34 58.95
C ALA GF 1004 -60.48 40.53 58.35
N VAL GF 1005 -59.58 41.19 59.11
CA VAL GF 1005 -58.17 41.31 58.74
C VAL GF 1005 -57.56 39.94 58.49
N ILE GF 1006 -57.83 38.99 59.39
CA ILE GF 1006 -57.34 37.62 59.32
C ILE GF 1006 -57.76 36.96 58.02
N GLY GF 1007 -59.07 37.00 57.73
CA GLY GF 1007 -59.61 36.21 56.64
C GLY GF 1007 -59.16 36.75 55.31
N LEU GF 1008 -59.28 38.06 55.14
CA LEU GF 1008 -58.94 38.65 53.85
C LEU GF 1008 -57.42 38.65 53.65
N ALA GF 1009 -56.66 38.90 54.74
CA ALA GF 1009 -55.21 38.89 54.74
C ALA GF 1009 -54.62 37.57 54.28
N THR GF 1010 -55.27 36.46 54.61
CA THR GF 1010 -54.64 35.22 54.22
C THR GF 1010 -55.28 34.56 53.02
N VAL GF 1011 -56.56 34.76 52.75
CA VAL GF 1011 -57.13 34.16 51.55
C VAL GF 1011 -56.92 35.01 50.31
N GLY GF 1012 -56.41 36.25 50.46
CA GLY GF 1012 -56.09 37.01 49.27
C GLY GF 1012 -54.90 36.46 48.49
N LYS GF 1013 -53.88 35.99 49.21
CA LYS GF 1013 -52.56 35.82 48.60
C LYS GF 1013 -52.49 34.58 47.71
N ALA GF 1014 -52.89 33.42 48.24
CA ALA GF 1014 -52.87 32.19 47.47
C ALA GF 1014 -53.85 32.27 46.31
N TRP GF 1015 -55.02 32.88 46.54
CA TRP GF 1015 -55.97 33.10 45.47
C TRP GF 1015 -55.43 34.06 44.42
N SER GF 1016 -54.60 35.03 44.83
CA SER GF 1016 -54.04 35.98 43.88
C SER GF 1016 -53.01 35.30 42.98
N GLN GF 1017 -52.12 34.50 43.56
CA GLN GF 1017 -51.14 33.83 42.72
C GLN GF 1017 -51.78 32.74 41.86
N GLN GF 1018 -52.83 32.08 42.36
CA GLN GF 1018 -53.54 31.12 41.52
C GLN GF 1018 -54.34 31.81 40.43
N ALA GF 1019 -54.84 33.02 40.69
CA ALA GF 1019 -55.53 33.78 39.65
C ALA GF 1019 -54.59 34.23 38.56
N GLN GF 1020 -53.37 34.64 38.93
CA GLN GF 1020 -52.37 34.96 37.91
C GLN GF 1020 -51.91 33.70 37.19
N GLN GF 1021 -51.99 32.54 37.86
CA GLN GF 1021 -51.75 31.28 37.18
C GLN GF 1021 -52.82 31.00 36.14
N LEU GF 1022 -54.09 31.19 36.48
CA LEU GF 1022 -55.19 30.81 35.60
C LEU GF 1022 -55.61 31.91 34.65
N PHE GF 1023 -54.94 33.07 34.70
CA PHE GF 1023 -55.39 34.22 33.91
C PHE GF 1023 -55.13 34.03 32.42
N ASN GF 1024 -54.27 33.08 32.06
CA ASN GF 1024 -53.85 32.87 30.68
C ASN GF 1024 -54.86 32.08 29.85
N THR GF 1025 -56.00 31.71 30.41
CA THR GF 1025 -56.96 30.87 29.70
C THR GF 1025 -57.71 31.69 28.64
N PRO GF 1026 -57.71 31.26 27.39
CA PRO GF 1026 -58.34 32.05 26.32
C PRO GF 1026 -59.85 31.85 26.29
N THR GF 1027 -60.52 32.74 25.56
CA THR GF 1027 -61.94 32.63 25.27
C THR GF 1027 -62.11 31.84 23.98
N THR GF 1028 -63.06 30.91 23.98
CA THR GF 1028 -63.23 29.99 22.87
C THR GF 1028 -64.30 30.48 21.89
N VAL GF 1029 -64.42 29.78 20.77
CA VAL GF 1029 -65.51 29.92 19.83
C VAL GF 1029 -66.05 28.54 19.50
N GLU GF 1030 -67.34 28.47 19.16
CA GLU GF 1030 -67.99 27.19 18.89
C GLU GF 1030 -69.10 27.36 17.86
N VAL GF 1031 -69.00 26.61 16.76
CA VAL GF 1031 -70.01 26.67 15.72
C VAL GF 1031 -71.31 26.00 16.18
N TYR GF 1032 -72.38 26.23 15.43
CA TYR GF 1032 -73.67 25.67 15.76
C TYR GF 1032 -74.05 24.56 14.80
N SER GF 1033 -74.97 23.70 15.25
CA SER GF 1033 -75.27 22.46 14.56
C SER GF 1033 -76.31 22.62 13.45
N GLY GF 1034 -76.79 23.83 13.20
CA GLY GF 1034 -77.79 24.04 12.18
C GLY GF 1034 -77.47 25.21 11.29
N THR GF 1035 -76.18 25.42 11.02
CA THR GF 1035 -75.71 26.60 10.30
C THR GF 1035 -75.28 26.19 8.90
N GLY GF 1036 -75.73 26.96 7.91
CA GLY GF 1036 -75.23 26.82 6.56
C GLY GF 1036 -73.91 27.54 6.39
N LEU GF 1037 -73.26 27.28 5.26
CA LEU GF 1037 -71.95 27.84 4.99
C LEU GF 1037 -71.70 27.87 3.49
N GLY GF 1038 -70.74 28.72 3.10
CA GLY GF 1038 -70.26 28.78 1.74
C GLY GF 1038 -68.82 28.31 1.66
N ILE GF 1039 -68.51 27.61 0.57
CA ILE GF 1039 -67.22 26.95 0.39
C ILE GF 1039 -66.56 27.51 -0.86
N LEU GF 1040 -65.38 28.10 -0.69
CA LEU GF 1040 -64.57 28.54 -1.82
C LEU GF 1040 -63.48 27.50 -2.08
N PHE GF 1041 -63.12 27.36 -3.35
CA PHE GF 1041 -62.17 26.32 -3.75
C PHE GF 1041 -60.76 26.88 -3.83
N THR GF 1042 -59.79 25.97 -3.77
CA THR GF 1042 -58.37 26.33 -3.81
C THR GF 1042 -57.65 25.73 -4.99
N GLN GF 1043 -57.83 24.44 -5.25
CA GLN GF 1043 -57.20 23.77 -6.39
C GLN GF 1043 -58.28 23.07 -7.21
N ASP GF 1044 -57.84 22.39 -8.27
CA ASP GF 1044 -58.73 21.76 -9.22
C ASP GF 1044 -58.72 20.25 -9.07
N VAL GF 1045 -59.75 19.61 -9.62
CA VAL GF 1045 -59.87 18.16 -9.68
C VAL GF 1045 -60.27 17.77 -11.09
N THR GF 1046 -60.51 16.48 -11.30
CA THR GF 1046 -60.93 15.98 -12.60
C THR GF 1046 -62.33 15.36 -12.52
N LYS HF 60 -61.99 -31.76 55.21
CA LYS HF 60 -63.14 -31.98 54.35
C LYS HF 60 -62.96 -33.24 53.54
N GLU HF 61 -62.37 -33.08 52.35
CA GLU HF 61 -62.05 -34.20 51.48
C GLU HF 61 -61.00 -35.10 52.13
N THR HF 62 -60.06 -34.52 52.88
CA THR HF 62 -59.10 -35.29 53.65
C THR HF 62 -59.80 -36.08 54.74
N ALA HF 63 -60.82 -35.49 55.37
CA ALA HF 63 -61.61 -36.21 56.36
C ALA HF 63 -62.37 -37.36 55.72
N LEU HF 64 -62.87 -37.15 54.49
CA LEU HF 64 -63.55 -38.21 53.75
C LEU HF 64 -62.60 -39.37 53.44
N SER HF 65 -61.39 -39.05 53.00
CA SER HF 65 -60.42 -40.09 52.66
C SER HF 65 -59.93 -40.85 53.88
N VAL HF 66 -59.72 -40.13 55.00
CA VAL HF 66 -59.26 -40.83 56.20
C VAL HF 66 -60.40 -41.62 56.82
N GLY HF 67 -61.66 -41.19 56.60
CA GLY HF 67 -62.78 -42.02 57.00
C GLY HF 67 -62.89 -43.28 56.17
N ALA HF 68 -62.56 -43.17 54.88
CA ALA HF 68 -62.51 -44.35 54.01
C ALA HF 68 -61.45 -45.33 54.49
N GLN HF 69 -60.27 -44.81 54.85
CA GLN HF 69 -59.18 -45.66 55.35
C GLN HF 69 -59.56 -46.33 56.66
N ALA HF 70 -60.14 -45.56 57.60
CA ALA HF 70 -60.47 -46.10 58.91
C ALA HF 70 -61.60 -47.11 58.83
N GLY HF 71 -62.62 -46.85 58.02
CA GLY HF 71 -63.70 -47.80 57.86
C GLY HF 71 -63.26 -49.08 57.17
N LEU HF 72 -62.39 -48.95 56.16
CA LEU HF 72 -61.85 -50.13 55.49
C LEU HF 72 -61.03 -50.99 56.43
N ALA HF 73 -60.18 -50.36 57.25
CA ALA HF 73 -59.37 -51.13 58.18
C ALA HF 73 -60.22 -51.74 59.29
N TRP HF 74 -61.26 -51.03 59.74
CA TRP HF 74 -62.13 -51.55 60.79
C TRP HF 74 -62.91 -52.77 60.31
N ARG HF 75 -63.51 -52.67 59.13
CA ARG HF 75 -64.23 -53.81 58.58
C ARG HF 75 -63.29 -54.96 58.24
N ALA HF 76 -62.05 -54.63 57.85
CA ALA HF 76 -61.04 -55.65 57.63
C ALA HF 76 -60.72 -56.40 58.91
N LYS HF 77 -60.59 -55.68 60.03
CA LYS HF 77 -60.36 -56.33 61.31
C LYS HF 77 -61.55 -57.19 61.71
N ILE HF 78 -62.76 -56.71 61.44
CA ILE HF 78 -63.97 -57.47 61.77
C ILE HF 78 -64.02 -58.78 60.99
N ILE HF 79 -63.76 -58.72 59.69
CA ILE HF 79 -63.88 -59.93 58.88
C ILE HF 79 -62.74 -60.90 59.17
N ASP HF 80 -61.53 -60.39 59.47
CA ASP HF 80 -60.44 -61.28 59.81
C ASP HF 80 -60.66 -61.92 61.18
N GLU HF 81 -61.25 -61.18 62.12
CA GLU HF 81 -61.57 -61.76 63.42
C GLU HF 81 -62.65 -62.82 63.29
N GLN HF 82 -63.62 -62.61 62.41
CA GLN HF 82 -64.67 -63.62 62.22
C GLN HF 82 -64.11 -64.86 61.54
N LEU HF 83 -63.20 -64.67 60.57
CA LEU HF 83 -62.58 -65.80 59.91
C LEU HF 83 -61.65 -66.56 60.85
N ASN HF 84 -61.07 -65.86 61.83
CA ASN HF 84 -60.30 -66.57 62.84
C ASN HF 84 -61.20 -67.29 63.82
N LYS HF 85 -62.38 -66.73 64.11
CA LYS HF 85 -63.31 -67.36 65.05
C LYS HF 85 -63.86 -68.66 64.48
N GLN HF 86 -64.36 -68.61 63.25
CA GLN HF 86 -64.83 -69.83 62.58
C GLN HF 86 -63.84 -70.14 61.47
N ALA HF 87 -63.09 -71.21 61.66
CA ALA HF 87 -62.16 -71.66 60.64
C ALA HF 87 -62.32 -73.16 60.39
N ARG HF 88 -62.71 -73.89 61.43
CA ARG HF 88 -62.64 -75.35 61.39
C ARG HF 88 -63.64 -75.96 60.43
N ASN HF 89 -64.79 -75.30 60.23
CA ASN HF 89 -65.70 -75.75 59.18
C ASN HF 89 -65.09 -75.54 57.80
N LEU HF 90 -64.35 -74.45 57.62
CA LEU HF 90 -63.78 -74.12 56.32
C LEU HF 90 -62.67 -75.09 55.95
N ASP HF 91 -61.75 -75.35 56.88
CA ASP HF 91 -60.72 -76.33 56.60
C ASP HF 91 -61.26 -77.75 56.60
N ALA HF 92 -62.40 -77.98 57.28
CA ALA HF 92 -63.08 -79.26 57.15
C ALA HF 92 -63.61 -79.45 55.73
N ILE HF 93 -64.20 -78.42 55.15
CA ILE HF 93 -64.75 -78.52 53.80
C ILE HF 93 -63.64 -78.60 52.78
N TYR HF 94 -62.63 -77.75 52.91
CA TYR HF 94 -61.62 -77.59 51.87
C TYR HF 94 -60.43 -78.52 52.17
N ASP HF 95 -60.57 -79.77 51.74
CA ASP HF 95 -59.48 -80.72 51.79
C ASP HF 95 -59.08 -81.02 50.35
N PHE HF 96 -58.06 -80.30 49.87
CA PHE HF 96 -57.57 -80.53 48.51
C PHE HF 96 -56.85 -81.86 48.41
N ASN HF 97 -56.28 -82.35 49.52
CA ASN HF 97 -55.51 -83.58 49.49
C ASN HF 97 -56.36 -84.81 49.26
N SER HF 98 -57.67 -84.71 49.47
CA SER HF 98 -58.58 -85.77 49.03
C SER HF 98 -58.54 -85.93 47.53
N LEU HF 99 -58.49 -84.82 46.80
CA LEU HF 99 -58.44 -84.86 45.35
C LEU HF 99 -57.02 -84.93 44.81
N VAL HF 100 -56.02 -84.68 45.65
CA VAL HF 100 -54.64 -84.82 45.23
C VAL HF 100 -54.34 -86.28 44.98
N LEU HF 101 -53.78 -86.57 43.81
CA LEU HF 101 -53.63 -87.95 43.35
C LEU HF 101 -52.43 -88.61 44.02
N GLU HF 102 -52.12 -89.82 43.57
CA GLU HF 102 -51.19 -90.69 44.27
C GLU HF 102 -49.74 -90.26 44.12
N HIS HF 103 -49.42 -89.45 43.11
CA HIS HF 103 -48.06 -88.98 42.90
C HIS HF 103 -47.88 -87.56 43.41
N ASN HF 104 -48.71 -87.15 44.38
CA ASN HF 104 -48.67 -85.82 45.00
C ASN HF 104 -48.81 -84.71 43.97
N ILE HF 105 -49.68 -84.96 43.00
CA ILE HF 105 -49.90 -84.06 41.86
C ILE HF 105 -51.17 -83.29 42.09
N LEU HF 106 -51.12 -81.98 41.89
CA LEU HF 106 -52.33 -81.18 41.92
C LEU HF 106 -53.19 -81.49 40.71
N PRO HF 107 -54.45 -81.87 40.89
CA PRO HF 107 -55.32 -82.12 39.74
C PRO HF 107 -55.60 -80.82 39.00
N PRO HF 108 -55.82 -80.89 37.69
CA PRO HF 108 -55.99 -79.67 36.89
C PRO HF 108 -57.39 -79.08 37.05
N VAL HF 109 -57.63 -77.99 36.34
CA VAL HF 109 -58.81 -77.15 36.51
C VAL HF 109 -59.62 -77.16 35.22
N LEU HF 110 -60.93 -77.39 35.33
CA LEU HF 110 -61.82 -77.46 34.19
C LEU HF 110 -63.00 -76.52 34.36
N LEU HF 111 -63.54 -76.05 33.24
CA LEU HF 111 -64.71 -75.20 33.22
C LEU HF 111 -65.74 -75.75 32.23
N GLU HF 112 -67.01 -75.65 32.60
CA GLU HF 112 -68.11 -76.13 31.78
C GLU HF 112 -69.03 -74.98 31.45
N GLY HF 113 -69.39 -74.85 30.19
CA GLY HF 113 -70.34 -73.83 29.76
C GLY HF 113 -71.45 -74.46 28.94
N ARG HF 114 -72.66 -73.92 29.11
CA ARG HF 114 -73.84 -74.45 28.44
C ARG HF 114 -74.48 -73.38 27.58
N ASN HF 115 -75.07 -73.83 26.46
CA ASN HF 115 -75.84 -73.03 25.51
C ASN HF 115 -75.00 -71.87 24.96
N THR HF 116 -73.95 -72.27 24.24
CA THR HF 116 -72.92 -71.34 23.79
C THR HF 116 -73.32 -70.76 22.44
N LEU HF 117 -73.82 -69.53 22.43
CA LEU HF 117 -74.12 -68.82 21.20
C LEU HF 117 -73.45 -67.46 21.21
N ASN HF 118 -72.72 -67.17 20.14
CA ASN HF 118 -72.23 -65.83 19.90
C ASN HF 118 -72.67 -65.38 18.52
N LEU HF 119 -72.65 -64.06 18.33
CA LEU HF 119 -72.86 -63.44 17.03
C LEU HF 119 -71.56 -62.81 16.57
N ALA HF 120 -71.22 -63.01 15.30
CA ALA HF 120 -70.10 -62.26 14.74
C ALA HF 120 -70.59 -60.95 14.15
N ASP HF 121 -71.52 -61.04 13.21
CA ASP HF 121 -72.18 -59.89 12.60
C ASP HF 121 -73.51 -60.40 12.06
N ALA HF 122 -74.10 -59.63 11.14
CA ALA HF 122 -75.25 -60.12 10.40
C ALA HF 122 -74.87 -61.36 9.59
N GLN HF 123 -75.83 -62.29 9.49
CA GLN HF 123 -75.69 -63.59 8.80
C GLN HF 123 -74.52 -64.42 9.37
N SER HF 124 -74.27 -64.29 10.67
CA SER HF 124 -73.16 -65.04 11.29
C SER HF 124 -73.44 -65.20 12.79
N ILE HF 125 -73.89 -66.39 13.17
CA ILE HF 125 -74.06 -66.76 14.57
C ILE HF 125 -73.58 -68.20 14.74
N ARG HF 126 -72.90 -68.47 15.84
CA ARG HF 126 -72.39 -69.81 16.12
C ARG HF 126 -72.92 -70.28 17.47
N ILE HF 127 -73.50 -71.49 17.48
CA ILE HF 127 -74.15 -72.03 18.67
C ILE HF 127 -73.81 -73.50 18.80
N SER HF 128 -73.37 -73.89 20.00
CA SER HF 128 -73.23 -75.28 20.41
C SER HF 128 -73.86 -75.47 21.78
N ASP HF 129 -73.96 -76.74 22.20
CA ASP HF 129 -74.59 -77.03 23.48
C ASP HF 129 -73.66 -76.72 24.64
N ARG HF 130 -72.54 -77.42 24.72
CA ARG HF 130 -71.61 -77.28 25.83
C ARG HF 130 -70.20 -77.04 25.33
N THR HF 131 -69.40 -76.42 26.18
CA THR HF 131 -67.97 -76.23 25.95
C THR HF 131 -67.22 -76.52 27.24
N TYR HF 132 -65.97 -76.92 27.10
CA TYR HF 132 -65.14 -77.26 28.25
C TYR HF 132 -63.77 -76.65 28.11
N LYS HF 133 -63.33 -75.94 29.15
CA LYS HF 133 -62.13 -75.13 29.13
C LYS HF 133 -61.12 -75.69 30.11
N VAL HF 134 -59.90 -75.94 29.62
CA VAL HF 134 -58.80 -76.31 30.49
C VAL HF 134 -58.19 -75.03 31.02
N ALA HF 135 -58.38 -74.75 32.32
CA ALA HF 135 -57.87 -73.53 32.88
C ALA HF 135 -56.38 -73.64 33.16
N LYS HF 136 -56.00 -74.56 34.04
CA LYS HF 136 -54.61 -74.73 34.45
C LYS HF 136 -54.17 -76.15 34.17
N GLN HF 137 -53.07 -76.28 33.44
CA GLN HF 137 -52.45 -77.59 33.27
C GLN HF 137 -51.90 -78.06 34.61
N ALA HF 138 -52.11 -79.34 34.89
CA ALA HF 138 -51.73 -79.92 36.18
C ALA HF 138 -50.22 -79.92 36.37
N HIS HF 139 -49.79 -79.56 37.57
CA HIS HF 139 -48.38 -79.52 37.92
C HIS HF 139 -48.17 -80.24 39.23
N PHE HF 140 -46.90 -80.40 39.61
CA PHE HF 140 -46.58 -81.04 40.87
C PHE HF 140 -46.80 -80.09 42.02
N ILE HF 141 -46.71 -80.64 43.23
CA ILE HF 141 -46.86 -79.87 44.46
C ILE HF 141 -46.11 -80.59 45.56
N THR HF 142 -45.76 -79.84 46.61
CA THR HF 142 -45.15 -80.41 47.79
C THR HF 142 -46.09 -80.46 48.98
N THR HF 143 -46.85 -79.39 49.20
CA THR HF 143 -47.86 -79.33 50.23
C THR HF 143 -49.16 -78.82 49.62
N PRO HF 144 -50.30 -79.36 50.05
CA PRO HF 144 -51.57 -78.92 49.46
C PRO HF 144 -51.91 -77.51 49.90
N PRO HF 145 -52.66 -76.78 49.10
CA PRO HF 145 -53.07 -75.43 49.49
C PRO HF 145 -54.18 -75.48 50.54
N THR HF 146 -54.61 -74.31 50.97
CA THR HF 146 -55.65 -74.20 51.99
C THR HF 146 -56.62 -73.12 51.55
N TRP HF 147 -57.51 -72.75 52.48
CA TRP HF 147 -58.31 -71.54 52.35
C TRP HF 147 -57.53 -70.29 52.72
N ARG HF 148 -56.36 -70.46 53.31
CA ARG HF 148 -55.66 -69.37 53.96
C ARG HF 148 -55.12 -68.36 52.94
N GLN HF 149 -54.70 -68.82 51.78
CA GLN HF 149 -54.12 -67.95 50.77
C GLN HF 149 -55.16 -67.38 49.83
N TYR HF 150 -56.43 -67.68 50.05
CA TYR HF 150 -57.49 -67.10 49.25
C TYR HF 150 -58.42 -66.23 50.07
N LEU HF 151 -58.87 -66.71 51.22
CA LEU HF 151 -59.96 -66.07 51.92
C LEU HF 151 -59.48 -65.13 53.01
N TRP HF 152 -58.28 -65.29 53.52
CA TRP HF 152 -57.72 -64.28 54.40
C TRP HF 152 -57.38 -63.04 53.59
N MET HF 153 -57.56 -61.88 54.20
CA MET HF 153 -57.28 -60.62 53.57
C MET HF 153 -56.31 -59.82 54.43
N ASP HF 154 -55.59 -58.90 53.78
CA ASP HF 154 -54.56 -58.12 54.45
C ASP HF 154 -55.18 -57.15 55.45
N TYR HF 155 -54.45 -56.92 56.55
CA TYR HF 155 -54.91 -55.98 57.57
C TYR HF 155 -53.75 -55.13 58.07
N VAL HF 156 -53.93 -53.82 58.01
CA VAL HF 156 -53.13 -52.85 58.74
C VAL HF 156 -54.09 -51.81 59.31
N LYS HF 157 -53.55 -50.94 60.15
CA LYS HF 157 -54.32 -49.80 60.64
C LYS HF 157 -53.62 -48.52 60.24
N PRO HF 158 -54.29 -47.61 59.55
CA PRO HF 158 -53.70 -46.28 59.35
C PRO HF 158 -53.74 -45.49 60.64
N GLU HF 159 -52.60 -45.37 61.30
CA GLU HF 159 -52.48 -44.65 62.57
C GLU HF 159 -51.83 -43.30 62.35
N ALA HF 160 -52.15 -42.65 61.24
CA ALA HF 160 -51.56 -41.36 60.88
C ALA HF 160 -52.67 -40.35 60.59
N PRO HF 161 -53.25 -39.74 61.64
CA PRO HF 161 -54.18 -38.65 61.40
C PRO HF 161 -53.44 -37.38 61.07
N ASN HF 162 -53.43 -37.00 59.79
CA ASN HF 162 -52.72 -35.79 59.35
C ASN HF 162 -53.71 -34.63 59.31
N VAL HF 163 -54.16 -34.25 60.51
CA VAL HF 163 -55.21 -33.25 60.66
C VAL HF 163 -54.55 -31.97 61.15
N THR HF 164 -54.61 -30.94 60.32
CA THR HF 164 -54.15 -29.61 60.68
C THR HF 164 -55.26 -28.59 60.60
N LEU HF 165 -56.17 -28.72 59.62
CA LEU HF 165 -57.40 -27.92 59.60
C LEU HF 165 -58.43 -28.68 60.42
N LEU HF 166 -58.28 -28.56 61.75
CA LEU HF 166 -59.22 -29.17 62.67
C LEU HF 166 -60.59 -28.49 62.55
N PRO HF 167 -61.68 -29.22 62.73
CA PRO HF 167 -63.02 -28.60 62.63
C PRO HF 167 -63.28 -27.68 63.81
N LYS HF 168 -63.53 -26.41 63.51
CA LYS HF 168 -63.79 -25.39 64.52
C LYS HF 168 -65.21 -24.87 64.50
N THR HF 169 -65.74 -24.59 63.31
CA THR HF 169 -67.13 -24.15 63.23
C THR HF 169 -68.07 -25.34 63.31
N LYS HF 170 -69.34 -25.04 63.60
CA LYS HF 170 -70.32 -26.09 63.86
C LYS HF 170 -70.67 -26.86 62.59
N ALA HF 171 -70.88 -26.14 61.48
CA ALA HF 171 -71.12 -26.79 60.21
C ALA HF 171 -69.89 -27.54 59.71
N GLU HF 172 -68.71 -27.05 60.06
CA GLU HF 172 -67.46 -27.76 59.77
C GLU HF 172 -67.42 -29.09 60.51
N LYS HF 173 -67.84 -29.10 61.78
CA LYS HF 173 -67.92 -30.35 62.52
C LYS HF 173 -68.99 -31.27 61.93
N GLU HF 174 -70.11 -30.70 61.48
CA GLU HF 174 -71.17 -31.49 60.86
C GLU HF 174 -70.71 -32.18 59.58
N ILE HF 175 -70.05 -31.41 58.71
CA ILE HF 175 -69.60 -32.00 57.46
C ILE HF 175 -68.44 -32.96 57.70
N TRP HF 176 -67.63 -32.71 58.73
CA TRP HF 176 -66.61 -33.67 59.13
C TRP HF 176 -67.22 -34.99 59.57
N CYS HF 177 -68.31 -34.92 60.33
CA CYS HF 177 -69.01 -36.12 60.77
C CYS HF 177 -69.63 -36.88 59.60
N ILE HF 178 -70.27 -36.17 58.68
CA ILE HF 178 -70.93 -36.90 57.59
C ILE HF 178 -69.92 -37.44 56.59
N TYR HF 179 -68.77 -36.76 56.42
CA TYR HF 179 -67.72 -37.30 55.58
C TYR HF 179 -67.09 -38.53 56.23
N THR HF 180 -66.98 -38.52 57.56
CA THR HF 180 -66.55 -39.70 58.29
C THR HF 180 -67.52 -40.86 58.11
N GLU HF 181 -68.83 -40.55 58.10
CA GLU HF 181 -69.85 -41.58 57.90
C GLU HF 181 -69.75 -42.22 56.53
N ARG HF 182 -69.68 -41.39 55.49
CA ARG HF 182 -69.64 -41.95 54.14
C ARG HF 182 -68.32 -42.66 53.86
N GLY HF 183 -67.22 -42.19 54.46
CA GLY HF 183 -65.96 -42.92 54.35
C GLY HF 183 -66.02 -44.28 55.05
N TRP HF 184 -66.65 -44.32 56.23
CA TRP HF 184 -66.78 -45.57 56.97
C TRP HF 184 -67.59 -46.60 56.17
N LYS HF 185 -68.72 -46.18 55.62
CA LYS HF 185 -69.54 -47.13 54.89
C LYS HF 185 -68.93 -47.50 53.53
N ASN HF 186 -68.19 -46.58 52.90
CA ASN HF 186 -67.52 -46.91 51.66
C ASN HF 186 -66.40 -47.92 51.87
N GLY HF 187 -65.64 -47.77 52.95
CA GLY HF 187 -64.62 -48.76 53.26
C GLY HF 187 -65.21 -50.11 53.58
N ILE HF 188 -66.36 -50.11 54.27
CA ILE HF 188 -67.07 -51.35 54.58
C ILE HF 188 -67.51 -52.05 53.31
N ASP HF 189 -68.11 -51.30 52.38
CA ASP HF 189 -68.62 -51.89 51.15
C ASP HF 189 -67.49 -52.35 50.25
N GLN HF 190 -66.36 -51.65 50.27
CA GLN HF 190 -65.18 -52.12 49.53
C GLN HF 190 -64.66 -53.42 50.09
N ALA HF 191 -64.67 -53.56 51.42
CA ALA HF 191 -64.26 -54.80 52.05
C ALA HF 191 -65.19 -55.94 51.68
N ASN HF 192 -66.49 -55.65 51.60
CA ASN HF 192 -67.46 -56.65 51.16
C ASN HF 192 -67.19 -57.08 49.71
N THR HF 193 -66.83 -56.13 48.86
CA THR HF 193 -66.51 -56.45 47.47
C THR HF 193 -65.27 -57.33 47.36
N ILE HF 194 -64.25 -57.02 48.17
CA ILE HF 194 -63.01 -57.81 48.16
C ILE HF 194 -63.27 -59.23 48.65
N LEU HF 195 -64.09 -59.36 49.71
CA LEU HF 195 -64.46 -60.68 50.22
C LEU HF 195 -65.24 -61.47 49.18
N GLU HF 196 -66.14 -60.80 48.46
CA GLU HF 196 -66.90 -61.45 47.40
C GLU HF 196 -65.99 -61.94 46.29
N GLU HF 197 -64.98 -61.14 45.95
CA GLU HF 197 -63.99 -61.55 44.96
C GLU HF 197 -63.25 -62.81 45.38
N ASN HF 198 -62.82 -62.83 46.64
CA ASN HF 198 -62.05 -63.98 47.14
C ASN HF 198 -62.89 -65.24 47.20
N ILE HF 199 -64.14 -65.12 47.64
CA ILE HF 199 -64.97 -66.31 47.74
C ILE HF 199 -65.36 -66.82 46.36
N ALA HF 200 -65.51 -65.92 45.38
CA ALA HF 200 -65.73 -66.37 44.01
C ALA HF 200 -64.52 -67.11 43.47
N ARG HF 201 -63.32 -66.62 43.78
CA ARG HF 201 -62.09 -67.26 43.33
C ARG HF 201 -61.94 -68.67 43.91
N ILE HF 202 -62.20 -68.82 45.21
CA ILE HF 202 -62.04 -70.14 45.80
C ILE HF 202 -63.17 -71.07 45.32
N LYS HF 203 -64.34 -70.51 45.01
CA LYS HF 203 -65.44 -71.30 44.48
C LYS HF 203 -65.08 -71.87 43.12
N GLU HF 204 -64.51 -71.06 42.24
CA GLU HF 204 -64.17 -71.59 40.92
C GLU HF 204 -62.98 -72.55 40.98
N ASP HF 205 -62.07 -72.36 41.95
CA ASP HF 205 -60.98 -73.32 42.12
C ASP HF 205 -61.50 -74.69 42.51
N PHE HF 206 -62.35 -74.76 43.54
CA PHE HF 206 -62.88 -76.04 43.97
C PHE HF 206 -63.82 -76.63 42.92
N GLY HF 207 -64.54 -75.78 42.19
CA GLY HF 207 -65.40 -76.27 41.13
C GLY HF 207 -64.62 -76.88 39.98
N GLY HF 208 -63.47 -76.30 39.64
CA GLY HF 208 -62.63 -76.89 38.63
C GLY HF 208 -62.06 -78.23 39.06
N MET HF 209 -61.70 -78.34 40.34
CA MET HF 209 -61.23 -79.63 40.86
C MET HF 209 -62.34 -80.69 40.81
N ILE HF 210 -63.56 -80.30 41.20
CA ILE HF 210 -64.69 -81.22 41.21
C ILE HF 210 -65.03 -81.65 39.79
N LEU HF 211 -64.96 -80.71 38.84
CA LEU HF 211 -65.20 -81.02 37.44
C LEU HF 211 -64.17 -81.99 36.90
N TYR HF 212 -62.89 -81.81 37.27
CA TYR HF 212 -61.87 -82.73 36.82
C TYR HF 212 -62.11 -84.14 37.36
N ARG HF 213 -62.46 -84.24 38.64
CA ARG HF 213 -62.73 -85.56 39.20
C ARG HF 213 -63.95 -86.21 38.55
N LYS HF 214 -64.98 -85.42 38.28
CA LYS HF 214 -66.19 -85.93 37.64
C LYS HF 214 -65.90 -86.42 36.22
N LEU HF 215 -65.14 -85.67 35.45
CA LEU HF 215 -64.87 -86.09 34.09
C LEU HF 215 -63.87 -87.24 34.02
N LEU HF 216 -62.95 -87.32 34.99
CA LEU HF 216 -62.07 -88.46 35.08
C LEU HF 216 -62.84 -89.73 35.44
N ALA HF 217 -63.87 -89.59 36.26
CA ALA HF 217 -64.81 -90.68 36.46
C ALA HF 217 -65.58 -91.00 35.19
N MET HF 218 -65.96 -89.95 34.44
CA MET HF 218 -66.72 -90.09 33.20
C MET HF 218 -65.93 -90.79 32.11
N ASN HF 219 -64.60 -90.81 32.23
CA ASN HF 219 -63.68 -91.29 31.20
C ASN HF 219 -63.85 -90.46 29.93
N MET HF 220 -63.57 -89.18 30.07
CA MET HF 220 -63.49 -88.27 28.96
C MET HF 220 -62.23 -87.41 28.98
N VAL HF 221 -61.45 -87.47 30.04
CA VAL HF 221 -60.14 -86.81 30.11
C VAL HF 221 -59.11 -87.88 30.45
N SER HF 222 -57.96 -87.81 29.77
CA SER HF 222 -56.91 -88.78 30.04
C SER HF 222 -56.26 -88.49 31.38
N PRO HF 223 -56.03 -89.51 32.19
CA PRO HF 223 -55.24 -89.32 33.41
C PRO HF 223 -53.78 -89.08 33.05
N PRO HF 224 -53.03 -88.41 33.93
CA PRO HF 224 -51.60 -88.17 33.64
C PRO HF 224 -50.78 -89.45 33.71
N TYR HF 225 -49.76 -89.52 32.87
CA TYR HF 225 -48.90 -90.70 32.74
C TYR HF 225 -47.55 -90.43 33.35
N VAL HF 226 -47.05 -91.37 34.16
CA VAL HF 226 -45.84 -91.17 34.94
C VAL HF 226 -44.94 -92.39 34.78
N SER HF 227 -43.67 -92.22 35.13
CA SER HF 227 -42.66 -93.25 35.01
C SER HF 227 -41.55 -93.00 36.02
N HIS HF 228 -40.91 -94.08 36.47
CA HIS HF 228 -39.81 -94.00 37.43
C HIS HF 228 -38.54 -94.47 36.76
N THR HF 229 -37.48 -93.66 36.85
CA THR HF 229 -36.16 -94.02 36.36
C THR HF 229 -35.19 -93.97 37.53
N ASP HF 230 -34.58 -95.10 37.84
CA ASP HF 230 -33.79 -95.24 39.06
C ASP HF 230 -32.36 -95.59 38.72
N LEU HF 231 -31.42 -94.92 39.39
CA LEU HF 231 -30.00 -95.24 39.34
C LEU HF 231 -29.53 -95.57 40.75
N GLY HF 232 -28.50 -96.42 40.83
CA GLY HF 232 -28.05 -96.91 42.12
C GLY HF 232 -27.17 -95.94 42.89
N VAL HF 233 -26.14 -96.47 43.54
CA VAL HF 233 -25.18 -95.65 44.26
C VAL HF 233 -24.37 -94.85 43.24
N THR HF 234 -24.55 -93.53 43.24
CA THR HF 234 -23.94 -92.67 42.24
C THR HF 234 -23.07 -91.62 42.92
N GLY HF 235 -22.06 -91.17 42.19
CA GLY HF 235 -21.15 -90.14 42.66
C GLY HF 235 -19.71 -90.63 42.65
N ASP HF 236 -18.83 -89.72 43.05
CA ASP HF 236 -17.40 -89.98 43.08
C ASP HF 236 -17.00 -90.48 44.47
N GLY HF 237 -15.69 -90.51 44.74
CA GLY HF 237 -15.19 -90.86 46.05
C GLY HF 237 -15.26 -89.76 47.08
N SER HF 238 -15.78 -88.59 46.72
CA SER HF 238 -16.00 -87.50 47.65
C SER HF 238 -17.47 -87.22 47.92
N GLU HF 239 -18.32 -87.39 46.91
CA GLU HF 239 -19.75 -87.17 47.04
C GLU HF 239 -20.47 -88.43 46.59
N ILE HF 240 -21.43 -88.90 47.39
CA ILE HF 240 -22.20 -90.07 47.00
C ILE HF 240 -23.65 -89.89 47.38
N HIS HF 241 -24.52 -90.56 46.63
CA HIS HF 241 -25.92 -90.73 46.95
C HIS HF 241 -26.23 -92.22 46.85
N ILE HF 242 -27.21 -92.66 47.63
CA ILE HF 242 -27.50 -94.09 47.70
C ILE HF 242 -28.27 -94.55 46.46
N ASP HF 243 -29.47 -94.02 46.28
CA ASP HF 243 -30.39 -94.52 45.25
C ASP HF 243 -31.06 -93.32 44.59
N ASP HF 244 -30.47 -92.85 43.50
CA ASP HF 244 -31.03 -91.72 42.79
C ASP HF 244 -32.29 -92.15 42.06
N ARG HF 245 -33.31 -91.31 42.09
CA ARG HF 245 -34.59 -91.66 41.49
C ARG HF 245 -35.21 -90.41 40.89
N VAL HF 246 -35.61 -90.51 39.62
CA VAL HF 246 -36.28 -89.44 38.92
C VAL HF 246 -37.67 -89.93 38.55
N LEU HF 247 -38.65 -89.04 38.68
CA LEU HF 247 -40.02 -89.34 38.30
C LEU HF 247 -40.40 -88.41 37.16
N ARG HF 248 -40.83 -89.00 36.05
CA ARG HF 248 -41.11 -88.25 34.83
C ARG HF 248 -42.56 -88.44 34.41
N ILE HF 249 -43.22 -87.34 34.07
CA ILE HF 249 -44.55 -87.41 33.48
C ILE HF 249 -44.40 -87.23 31.98
N THR HF 250 -45.20 -87.98 31.23
CA THR HF 250 -45.17 -87.92 29.78
C THR HF 250 -46.45 -87.29 29.24
N ALA HF 251 -47.60 -87.83 29.60
CA ALA HF 251 -48.88 -87.36 29.09
C ALA HF 251 -49.52 -86.43 30.10
N LEU HF 252 -49.86 -85.23 29.68
CA LEU HF 252 -50.62 -84.32 30.50
C LEU HF 252 -52.07 -84.77 30.57
N PRO HF 253 -52.80 -84.37 31.60
CA PRO HF 253 -54.25 -84.55 31.60
C PRO HF 253 -54.89 -83.78 30.46
N GLU HF 254 -55.54 -84.50 29.56
CA GLU HF 254 -56.10 -83.89 28.35
C GLU HF 254 -57.32 -84.68 27.90
N LEU HF 255 -58.12 -84.03 27.06
CA LEU HF 255 -59.37 -84.60 26.60
C LEU HF 255 -59.15 -85.68 25.56
N ASN HF 256 -60.16 -86.53 25.40
CA ASN HF 256 -60.28 -87.45 24.28
C ASN HF 256 -61.55 -87.13 23.50
N VAL HF 257 -61.51 -87.38 22.19
CA VAL HF 257 -62.57 -86.92 21.30
C VAL HF 257 -63.34 -88.04 20.63
N ASN HF 258 -62.87 -89.28 20.71
CA ASN HF 258 -63.49 -90.37 19.96
C ASN HF 258 -64.81 -90.79 20.59
N SER HF 259 -65.70 -91.33 19.75
CA SER HF 259 -67.08 -91.56 20.14
C SER HF 259 -67.22 -92.75 21.08
N ALA HF 260 -66.31 -93.72 21.00
CA ALA HF 260 -66.46 -94.92 21.80
C ALA HF 260 -66.12 -94.69 23.26
N GLU HF 261 -65.25 -93.72 23.53
CA GLU HF 261 -64.74 -93.52 24.90
C GLU HF 261 -65.73 -92.81 25.81
N TRP HF 262 -66.80 -92.25 25.26
CA TRP HF 262 -67.86 -91.72 26.10
C TRP HF 262 -68.58 -92.86 26.79
N ARG HF 263 -68.75 -92.74 28.11
CA ARG HF 263 -69.39 -93.77 28.90
C ARG HF 263 -70.54 -93.15 29.67
N ALA HF 264 -71.68 -93.80 29.65
CA ALA HF 264 -72.89 -93.27 30.27
C ALA HF 264 -73.09 -93.86 31.65
N ALA HF 265 -73.83 -93.13 32.48
CA ALA HF 265 -74.13 -93.54 33.84
C ALA HF 265 -75.53 -93.05 34.20
N VAL HF 266 -76.31 -93.91 34.84
CA VAL HF 266 -77.69 -93.63 35.17
C VAL HF 266 -77.91 -93.88 36.65
N ALA HF 267 -78.46 -92.90 37.35
CA ALA HF 267 -78.66 -92.97 38.79
C ALA HF 267 -79.91 -93.77 39.12
N LYS HF 268 -80.34 -93.70 40.37
CA LYS HF 268 -81.55 -94.40 40.81
C LYS HF 268 -82.43 -93.50 41.68
N LYS IF 60 -31.75 -40.39 73.28
CA LYS IF 60 -32.60 -40.81 72.18
C LYS IF 60 -32.15 -42.17 71.66
N GLU IF 61 -31.81 -42.25 70.38
CA GLU IF 61 -31.31 -43.48 69.81
C GLU IF 61 -29.89 -43.79 70.26
N THR IF 62 -29.18 -42.76 70.75
CA THR IF 62 -27.88 -42.96 71.37
C THR IF 62 -28.00 -43.84 72.61
N ALA IF 63 -29.09 -43.69 73.36
CA ALA IF 63 -29.34 -44.56 74.51
C ALA IF 63 -29.50 -46.00 74.08
N LEU IF 64 -30.19 -46.21 72.95
CA LEU IF 64 -30.35 -47.56 72.40
C LEU IF 64 -29.00 -48.16 72.00
N SER IF 65 -28.16 -47.34 71.35
CA SER IF 65 -26.84 -47.83 70.92
C SER IF 65 -25.95 -48.18 72.10
N VAL IF 66 -25.91 -47.32 73.13
CA VAL IF 66 -25.04 -47.60 74.25
C VAL IF 66 -25.61 -48.72 75.11
N GLY IF 67 -26.94 -48.90 75.11
CA GLY IF 67 -27.52 -50.05 75.78
C GLY IF 67 -27.15 -51.35 75.09
N ALA IF 68 -27.12 -51.33 73.76
CA ALA IF 68 -26.68 -52.50 73.00
C ALA IF 68 -25.22 -52.83 73.30
N GLN IF 69 -24.37 -51.80 73.31
CA GLN IF 69 -22.95 -52.01 73.57
C GLN IF 69 -22.70 -52.52 74.99
N ALA IF 70 -23.37 -51.92 75.97
CA ALA IF 70 -23.16 -52.28 77.36
C ALA IF 70 -23.72 -53.67 77.66
N GLY IF 71 -24.89 -54.00 77.11
CA GLY IF 71 -25.45 -55.33 77.30
C GLY IF 71 -24.60 -56.41 76.66
N LEU IF 72 -24.09 -56.14 75.45
CA LEU IF 72 -23.23 -57.10 74.77
C LEU IF 72 -21.93 -57.32 75.54
N ALA IF 73 -21.31 -56.23 76.01
CA ALA IF 73 -20.05 -56.36 76.74
C ALA IF 73 -20.24 -57.06 78.08
N TRP IF 74 -21.29 -56.72 78.81
CA TRP IF 74 -21.54 -57.32 80.12
C TRP IF 74 -21.89 -58.79 79.99
N ARG IF 75 -22.73 -59.14 79.01
CA ARG IF 75 -23.08 -60.55 78.80
C ARG IF 75 -21.87 -61.34 78.31
N ALA IF 76 -20.99 -60.71 77.52
CA ALA IF 76 -19.76 -61.37 77.11
C ALA IF 76 -18.86 -61.66 78.30
N LYS IF 77 -18.74 -60.71 79.22
CA LYS IF 77 -17.97 -60.94 80.45
C LYS IF 77 -18.57 -62.06 81.28
N ILE IF 78 -19.90 -62.07 81.42
CA ILE IF 78 -20.58 -63.10 82.19
C ILE IF 78 -20.38 -64.49 81.57
N ILE IF 79 -20.52 -64.57 80.24
CA ILE IF 79 -20.42 -65.86 79.59
C ILE IF 79 -18.97 -66.33 79.51
N ASP IF 80 -18.01 -65.42 79.49
CA ASP IF 80 -16.61 -65.82 79.52
C ASP IF 80 -16.22 -66.32 80.90
N GLU IF 81 -16.75 -65.70 81.95
CA GLU IF 81 -16.49 -66.23 83.29
C GLU IF 81 -17.21 -67.55 83.51
N GLN IF 82 -18.35 -67.77 82.83
CA GLN IF 82 -19.01 -69.07 82.91
C GLN IF 82 -18.20 -70.14 82.20
N LEU IF 83 -17.64 -69.79 81.04
CA LEU IF 83 -16.80 -70.72 80.30
C LEU IF 83 -15.54 -71.05 81.08
N ASN IF 84 -14.98 -70.06 81.77
CA ASN IF 84 -13.84 -70.30 82.63
C ASN IF 84 -14.23 -71.12 83.85
N LYS IF 85 -15.46 -70.97 84.33
CA LYS IF 85 -15.95 -71.72 85.48
C LYS IF 85 -16.05 -73.20 85.16
N GLN IF 86 -16.70 -73.54 84.05
CA GLN IF 86 -16.73 -74.94 83.63
C GLN IF 86 -15.51 -75.19 82.77
N ALA IF 87 -14.44 -75.65 83.41
CA ALA IF 87 -13.17 -75.86 82.71
C ALA IF 87 -12.96 -77.30 82.28
N ARG IF 88 -12.90 -78.24 83.23
CA ARG IF 88 -12.28 -79.53 82.95
C ARG IF 88 -13.19 -80.45 82.14
N ASN IF 89 -14.49 -80.42 82.43
CA ASN IF 89 -15.41 -81.30 81.73
C ASN IF 89 -15.59 -80.89 80.29
N LEU IF 90 -15.27 -79.64 79.96
CA LEU IF 90 -15.29 -79.18 78.57
C LEU IF 90 -14.28 -79.95 77.72
N ASP IF 91 -13.03 -80.03 78.19
CA ASP IF 91 -12.03 -80.79 77.47
C ASP IF 91 -12.27 -82.29 77.60
N ALA IF 92 -12.89 -82.70 78.71
CA ALA IF 92 -13.27 -84.11 78.86
C ALA IF 92 -14.29 -84.51 77.81
N ILE IF 93 -15.19 -83.60 77.44
CA ILE IF 93 -16.06 -83.84 76.30
C ILE IF 93 -15.26 -83.79 75.01
N TYR IF 94 -14.65 -82.65 74.72
CA TYR IF 94 -14.03 -82.45 73.42
C TYR IF 94 -12.53 -82.75 73.42
N ASP IF 95 -12.17 -83.91 73.94
CA ASP IF 95 -10.87 -84.48 73.60
C ASP IF 95 -10.78 -84.70 72.09
N PHE IF 96 -9.61 -84.37 71.54
CA PHE IF 96 -9.32 -84.59 70.13
C PHE IF 96 -8.30 -85.69 69.90
N ASN IF 97 -7.33 -85.82 70.82
CA ASN IF 97 -6.20 -86.72 70.65
C ASN IF 97 -6.60 -88.18 70.63
N SER IF 98 -7.75 -88.52 71.21
CA SER IF 98 -8.25 -89.90 71.14
C SER IF 98 -8.72 -90.29 69.74
N LEU IF 99 -8.83 -89.33 68.81
CA LEU IF 99 -9.33 -89.61 67.48
C LEU IF 99 -8.26 -89.56 66.41
N VAL IF 100 -7.10 -88.97 66.69
CA VAL IF 100 -6.08 -88.74 65.68
C VAL IF 100 -5.43 -90.08 65.31
N LEU IF 101 -5.10 -90.22 64.03
CA LEU IF 101 -4.56 -91.47 63.52
C LEU IF 101 -3.11 -91.64 63.93
N GLU IF 102 -2.54 -92.79 63.55
CA GLU IF 102 -1.24 -93.20 64.03
C GLU IF 102 -0.09 -92.43 63.41
N HIS IF 103 -0.32 -91.72 62.31
CA HIS IF 103 0.72 -90.91 61.70
C HIS IF 103 0.52 -89.43 61.99
N ASN IF 104 -0.17 -89.13 63.09
CA ASN IF 104 -0.41 -87.77 63.59
C ASN IF 104 -1.13 -86.90 62.55
N ILE IF 105 -2.09 -87.50 61.86
CA ILE IF 105 -2.86 -86.82 60.82
C ILE IF 105 -4.28 -86.63 61.33
N LEU IF 106 -4.77 -85.40 61.27
CA LEU IF 106 -6.12 -85.10 61.70
C LEU IF 106 -7.13 -85.76 60.77
N PRO IF 107 -8.08 -86.54 61.31
CA PRO IF 107 -9.05 -87.20 60.44
C PRO IF 107 -9.98 -86.21 59.77
N PRO IF 108 -10.50 -86.52 58.59
CA PRO IF 108 -11.31 -85.56 57.84
C PRO IF 108 -12.72 -85.44 58.40
N VAL IF 109 -13.54 -84.65 57.71
CA VAL IF 109 -14.88 -84.30 58.15
C VAL IF 109 -15.88 -84.86 57.14
N LEU IF 110 -16.93 -85.50 57.64
CA LEU IF 110 -17.94 -86.13 56.80
C LEU IF 110 -19.31 -85.48 57.05
N LEU IF 111 -20.15 -85.54 56.03
CA LEU IF 111 -21.50 -84.99 56.09
C LEU IF 111 -22.50 -86.03 55.63
N GLU IF 112 -23.56 -86.20 56.42
CA GLU IF 112 -24.60 -87.20 56.19
C GLU IF 112 -25.94 -86.51 56.03
N GLY IF 113 -26.66 -86.85 54.97
CA GLY IF 113 -28.02 -86.38 54.78
C GLY IF 113 -28.95 -87.53 54.49
N ARG IF 114 -30.17 -87.43 55.01
CA ARG IF 114 -31.16 -88.50 54.91
C ARG IF 114 -32.43 -87.98 54.27
N ASN IF 115 -33.07 -88.85 53.47
CA ASN IF 115 -34.41 -88.66 52.89
C ASN IF 115 -34.45 -87.40 52.02
N THR IF 116 -33.68 -87.48 50.94
CA THR IF 116 -33.45 -86.33 50.07
C THR IF 116 -34.59 -86.18 49.08
N LEU IF 117 -35.27 -85.04 49.14
CA LEU IF 117 -36.31 -84.68 48.18
C LEU IF 117 -35.99 -83.31 47.60
N ASN IF 118 -36.06 -83.19 46.29
CA ASN IF 118 -35.73 -81.96 45.60
C ASN IF 118 -36.70 -81.74 44.47
N LEU IF 119 -37.08 -80.48 44.26
CA LEU IF 119 -37.88 -80.06 43.13
C LEU IF 119 -37.23 -78.84 42.51
N ALA IF 120 -37.40 -78.68 41.22
CA ALA IF 120 -36.98 -77.45 40.56
C ALA IF 120 -38.15 -76.69 39.93
N ASP IF 121 -39.04 -77.39 39.25
CA ASP IF 121 -40.23 -76.80 38.62
C ASP IF 121 -41.23 -77.93 38.42
N ALA IF 122 -42.23 -77.67 37.57
CA ALA IF 122 -43.16 -78.73 37.19
C ALA IF 122 -42.45 -79.76 36.33
N GLN IF 123 -42.57 -81.03 36.73
CA GLN IF 123 -41.79 -82.15 36.21
C GLN IF 123 -40.28 -81.86 36.31
N SER IF 124 -39.82 -81.71 37.55
CA SER IF 124 -38.39 -81.77 37.86
C SER IF 124 -38.29 -82.14 39.34
N ILE IF 125 -38.06 -83.42 39.62
CA ILE IF 125 -38.08 -83.95 40.97
C ILE IF 125 -36.99 -85.01 41.11
N ARG IF 126 -36.33 -85.00 42.27
CA ARG IF 126 -35.23 -85.91 42.52
C ARG IF 126 -35.33 -86.40 43.95
N ILE IF 127 -35.33 -87.72 44.11
CA ILE IF 127 -35.54 -88.35 45.41
C ILE IF 127 -34.45 -89.40 45.62
N SER IF 128 -33.80 -89.35 46.77
CA SER IF 128 -32.84 -90.37 47.17
C SER IF 128 -32.96 -90.60 48.66
N ASP IF 129 -32.27 -91.63 49.15
CA ASP IF 129 -32.35 -91.94 50.57
C ASP IF 129 -31.29 -91.19 51.38
N ARG IF 130 -30.02 -91.44 51.10
CA ARG IF 130 -28.95 -90.84 51.88
C ARG IF 130 -27.85 -90.33 50.96
N THR IF 131 -27.16 -89.30 51.42
CA THR IF 131 -26.10 -88.66 50.68
C THR IF 131 -24.94 -88.38 51.63
N TYR IF 132 -23.72 -88.55 51.14
CA TYR IF 132 -22.53 -88.34 51.94
C TYR IF 132 -21.57 -87.41 51.22
N LYS IF 133 -20.98 -86.50 51.99
CA LYS IF 133 -20.14 -85.43 51.48
C LYS IF 133 -18.84 -85.38 52.26
N VAL IF 134 -17.72 -85.35 51.55
CA VAL IF 134 -16.44 -85.07 52.20
C VAL IF 134 -16.31 -83.56 52.35
N ALA IF 135 -16.32 -83.08 53.59
CA ALA IF 135 -16.29 -81.64 53.81
C ALA IF 135 -14.88 -81.08 53.71
N LYS IF 136 -14.00 -81.50 54.62
CA LYS IF 136 -12.63 -81.00 54.66
C LYS IF 136 -11.68 -82.18 54.64
N GLN IF 137 -10.68 -82.11 53.76
CA GLN IF 137 -9.72 -83.19 53.61
C GLN IF 137 -8.83 -83.30 54.84
N ALA IF 138 -8.40 -84.53 55.12
CA ALA IF 138 -7.44 -84.79 56.18
C ALA IF 138 -6.10 -84.13 55.86
N HIS IF 139 -5.38 -83.73 56.91
CA HIS IF 139 -4.06 -83.17 56.77
C HIS IF 139 -3.28 -83.46 58.04
N PHE IF 140 -1.96 -83.27 57.95
CA PHE IF 140 -1.11 -83.42 59.11
C PHE IF 140 -1.32 -82.25 60.07
N ILE IF 141 -0.95 -82.49 61.33
CA ILE IF 141 -1.18 -81.50 62.38
C ILE IF 141 -0.13 -81.70 63.47
N THR IF 142 0.21 -80.61 64.15
CA THR IF 142 1.22 -80.65 65.21
C THR IF 142 0.59 -80.87 66.57
N THR IF 143 -0.28 -79.97 66.98
CA THR IF 143 -1.02 -80.10 68.21
C THR IF 143 -2.50 -80.28 67.90
N PRO IF 144 -3.23 -81.07 68.70
CA PRO IF 144 -4.66 -81.20 68.48
C PRO IF 144 -5.37 -79.90 68.82
N PRO IF 145 -6.45 -79.58 68.13
CA PRO IF 145 -7.23 -78.40 68.48
C PRO IF 145 -8.02 -78.63 69.76
N THR IF 146 -8.42 -77.52 70.38
CA THR IF 146 -9.25 -77.60 71.58
C THR IF 146 -10.49 -76.74 71.39
N TRP IF 147 -11.24 -76.54 72.46
CA TRP IF 147 -12.49 -75.78 72.38
C TRP IF 147 -12.29 -74.29 72.56
N ARG IF 148 -11.06 -73.85 72.82
CA ARG IF 148 -10.83 -72.44 73.09
C ARG IF 148 -10.92 -71.61 71.82
N GLN IF 149 -10.54 -72.17 70.69
CA GLN IF 149 -10.69 -71.53 69.39
C GLN IF 149 -12.05 -71.78 68.77
N TYR IF 150 -13.02 -72.24 69.55
CA TYR IF 150 -14.35 -72.46 69.03
C TYR IF 150 -15.41 -71.79 69.92
N LEU IF 151 -15.14 -71.67 71.22
CA LEU IF 151 -16.17 -71.21 72.14
C LEU IF 151 -15.81 -69.96 72.91
N TRP IF 152 -14.54 -69.56 72.96
CA TRP IF 152 -14.17 -68.38 73.72
C TRP IF 152 -14.52 -67.14 72.90
N MET IF 153 -15.53 -66.41 73.32
CA MET IF 153 -15.84 -65.15 72.67
C MET IF 153 -14.83 -64.09 73.06
N ASP IF 154 -14.67 -63.11 72.18
CA ASP IF 154 -13.77 -62.00 72.45
C ASP IF 154 -14.35 -61.11 73.53
N TYR IF 155 -13.47 -60.34 74.17
CA TYR IF 155 -13.89 -59.41 75.22
C TYR IF 155 -13.12 -58.12 75.06
N VAL IF 156 -13.80 -57.09 74.55
CA VAL IF 156 -13.31 -55.73 74.54
C VAL IF 156 -14.12 -54.96 75.57
N LYS IF 157 -13.44 -54.24 76.45
CA LYS IF 157 -14.13 -53.45 77.44
C LYS IF 157 -14.10 -51.99 77.03
N PRO IF 158 -15.21 -51.43 76.54
CA PRO IF 158 -15.23 -49.99 76.21
C PRO IF 158 -15.66 -49.13 77.37
N GLU IF 159 -14.90 -48.08 77.66
CA GLU IF 159 -15.24 -47.11 78.69
C GLU IF 159 -15.40 -45.72 78.08
N ALA IF 160 -16.09 -45.64 76.94
CA ALA IF 160 -16.26 -44.37 76.22
C ALA IF 160 -17.72 -44.11 75.94
N PRO IF 161 -18.51 -43.68 76.94
CA PRO IF 161 -19.84 -43.13 76.65
C PRO IF 161 -19.73 -41.66 76.30
N ASN IF 162 -19.94 -41.34 75.03
CA ASN IF 162 -19.89 -39.96 74.56
C ASN IF 162 -21.30 -39.40 74.49
N VAL IF 163 -21.49 -38.21 75.03
CA VAL IF 163 -22.82 -37.64 75.23
C VAL IF 163 -23.01 -36.52 74.22
N THR IF 164 -23.72 -36.81 73.14
CA THR IF 164 -24.12 -35.78 72.18
C THR IF 164 -25.51 -35.25 72.54
N LEU IF 165 -26.50 -36.12 72.53
CA LEU IF 165 -27.86 -35.77 72.92
C LEU IF 165 -27.99 -35.93 74.43
N LEU IF 166 -28.47 -34.88 75.09
CA LEU IF 166 -28.52 -34.90 76.54
C LEU IF 166 -29.94 -34.69 77.04
N PRO IF 167 -30.39 -35.47 78.01
CA PRO IF 167 -31.74 -35.29 78.54
C PRO IF 167 -31.83 -34.09 79.47
N LYS IF 168 -32.96 -33.40 79.39
CA LYS IF 168 -33.27 -32.28 80.28
C LYS IF 168 -34.55 -32.51 81.07
N THR IF 169 -35.54 -33.17 80.49
CA THR IF 169 -36.81 -33.40 81.14
C THR IF 169 -36.85 -34.80 81.75
N LYS IF 170 -37.80 -34.99 82.66
CA LYS IF 170 -38.01 -36.30 83.25
C LYS IF 170 -38.55 -37.30 82.25
N ALA IF 171 -39.31 -36.82 81.25
CA ALA IF 171 -39.72 -37.67 80.15
C ALA IF 171 -38.52 -38.13 79.34
N GLU IF 172 -37.55 -37.23 79.13
CA GLU IF 172 -36.32 -37.60 78.44
C GLU IF 172 -35.52 -38.61 79.25
N LYS IF 173 -35.48 -38.43 80.57
CA LYS IF 173 -34.79 -39.40 81.42
C LYS IF 173 -35.48 -40.76 81.40
N GLU IF 174 -36.81 -40.76 81.40
CA GLU IF 174 -37.57 -42.02 81.37
C GLU IF 174 -37.39 -42.76 80.05
N ILE IF 175 -37.44 -42.03 78.92
CA ILE IF 175 -37.23 -42.70 77.65
C ILE IF 175 -35.79 -43.13 77.49
N TRP IF 176 -34.86 -42.40 78.12
CA TRP IF 176 -33.47 -42.84 78.20
C TRP IF 176 -33.36 -44.15 78.96
N CYS IF 177 -34.08 -44.27 80.08
CA CYS IF 177 -34.07 -45.49 80.87
C CYS IF 177 -34.63 -46.68 80.09
N ILE IF 178 -35.75 -46.48 79.42
CA ILE IF 178 -36.37 -47.63 78.75
C ILE IF 178 -35.62 -47.99 77.47
N TYR IF 179 -35.03 -47.01 76.77
CA TYR IF 179 -34.18 -47.31 75.63
C TYR IF 179 -32.92 -48.05 76.06
N THR IF 180 -32.36 -47.65 77.21
CA THR IF 180 -31.22 -48.33 77.78
C THR IF 180 -31.56 -49.78 78.12
N GLU IF 181 -32.72 -50.01 78.72
CA GLU IF 181 -33.14 -51.35 79.11
C GLU IF 181 -33.34 -52.25 77.89
N ARG IF 182 -34.03 -51.74 76.87
CA ARG IF 182 -34.29 -52.59 75.71
C ARG IF 182 -33.03 -52.84 74.89
N GLY IF 183 -32.12 -51.86 74.81
CA GLY IF 183 -30.85 -52.11 74.16
C GLY IF 183 -30.00 -53.11 74.92
N TRP IF 184 -30.07 -53.05 76.25
CA TRP IF 184 -29.37 -54.00 77.10
C TRP IF 184 -29.84 -55.42 76.87
N LYS IF 185 -31.17 -55.61 76.86
CA LYS IF 185 -31.74 -56.94 76.61
C LYS IF 185 -31.43 -57.42 75.21
N ASN IF 186 -31.46 -56.50 74.23
CA ASN IF 186 -31.17 -56.86 72.85
C ASN IF 186 -29.73 -57.31 72.67
N GLY IF 187 -28.79 -56.62 73.32
CA GLY IF 187 -27.39 -57.03 73.24
C GLY IF 187 -27.13 -58.36 73.92
N ILE IF 188 -27.83 -58.61 75.04
CA ILE IF 188 -27.74 -59.90 75.72
C ILE IF 188 -28.21 -61.02 74.79
N ASP IF 189 -29.34 -60.80 74.12
CA ASP IF 189 -29.89 -61.79 73.21
C ASP IF 189 -28.96 -62.04 72.02
N GLN IF 190 -28.34 -60.97 71.51
CA GLN IF 190 -27.41 -61.11 70.40
C GLN IF 190 -26.18 -61.91 70.80
N ALA IF 191 -25.66 -61.68 72.01
CA ALA IF 191 -24.53 -62.45 72.50
C ALA IF 191 -24.87 -63.92 72.66
N ASN IF 192 -26.07 -64.21 73.16
CA ASN IF 192 -26.51 -65.60 73.28
C ASN IF 192 -26.65 -66.26 71.91
N THR IF 193 -27.11 -65.51 70.92
CA THR IF 193 -27.19 -66.01 69.55
C THR IF 193 -25.82 -66.37 69.00
N ILE IF 194 -24.83 -65.52 69.26
CA ILE IF 194 -23.47 -65.77 68.79
C ILE IF 194 -22.89 -67.03 69.44
N LEU IF 195 -23.12 -67.17 70.76
CA LEU IF 195 -22.67 -68.37 71.47
C LEU IF 195 -23.31 -69.63 70.90
N GLU IF 196 -24.61 -69.55 70.58
CA GLU IF 196 -25.32 -70.70 70.04
C GLU IF 196 -24.79 -71.10 68.67
N GLU IF 197 -24.46 -70.10 67.84
CA GLU IF 197 -23.88 -70.39 66.53
C GLU IF 197 -22.51 -71.07 66.66
N ASN IF 198 -21.69 -70.59 67.59
CA ASN IF 198 -20.37 -71.20 67.77
C ASN IF 198 -20.48 -72.63 68.32
N ILE IF 199 -21.45 -72.85 69.21
CA ILE IF 199 -21.71 -74.20 69.75
C ILE IF 199 -22.14 -75.14 68.63
N ALA IF 200 -23.00 -74.65 67.73
CA ALA IF 200 -23.40 -75.46 66.58
C ALA IF 200 -22.22 -75.77 65.68
N ARG IF 201 -21.30 -74.81 65.53
CA ARG IF 201 -20.14 -75.02 64.67
C ARG IF 201 -19.22 -76.11 65.21
N ILE IF 202 -18.90 -76.04 66.50
CA ILE IF 202 -18.00 -77.04 67.06
C ILE IF 202 -18.69 -78.41 67.14
N LYS IF 203 -20.01 -78.42 67.37
CA LYS IF 203 -20.77 -79.67 67.34
C LYS IF 203 -20.73 -80.31 65.97
N GLU IF 204 -20.85 -79.48 64.93
CA GLU IF 204 -20.76 -79.96 63.55
C GLU IF 204 -19.39 -80.56 63.26
N ASP IF 205 -18.33 -79.89 63.73
CA ASP IF 205 -16.98 -80.39 63.49
C ASP IF 205 -16.74 -81.75 64.16
N PHE IF 206 -17.17 -81.86 65.43
CA PHE IF 206 -16.99 -83.12 66.15
C PHE IF 206 -17.84 -84.24 65.56
N GLY IF 207 -19.05 -83.89 65.10
CA GLY IF 207 -19.90 -84.90 64.47
C GLY IF 207 -19.34 -85.40 63.16
N GLY IF 208 -18.70 -84.51 62.39
CA GLY IF 208 -18.02 -84.94 61.19
C GLY IF 208 -16.86 -85.88 61.48
N MET IF 209 -16.13 -85.61 62.56
CA MET IF 209 -15.06 -86.50 63.00
C MET IF 209 -15.59 -87.89 63.35
N ILE IF 210 -16.69 -87.93 64.12
CA ILE IF 210 -17.26 -89.20 64.55
C ILE IF 210 -17.84 -89.96 63.36
N LEU IF 211 -18.39 -89.23 62.39
CA LEU IF 211 -18.92 -89.84 61.19
C LEU IF 211 -17.81 -90.48 60.36
N TYR IF 212 -16.65 -89.81 60.28
CA TYR IF 212 -15.51 -90.42 59.58
C TYR IF 212 -15.04 -91.69 60.28
N ARG IF 213 -14.97 -91.65 61.61
CA ARG IF 213 -14.55 -92.83 62.38
C ARG IF 213 -15.51 -94.00 62.14
N LYS IF 214 -16.80 -93.73 62.17
CA LYS IF 214 -17.76 -94.82 62.00
C LYS IF 214 -17.80 -95.33 60.58
N LEU IF 215 -17.61 -94.46 59.58
CA LEU IF 215 -17.63 -94.93 58.21
C LEU IF 215 -16.39 -95.74 57.88
N LEU IF 216 -15.23 -95.34 58.42
CA LEU IF 216 -14.02 -96.13 58.24
C LEU IF 216 -14.13 -97.46 58.97
N ALA IF 217 -14.79 -97.48 60.12
CA ALA IF 217 -15.04 -98.75 60.80
C ALA IF 217 -16.01 -99.62 59.99
N MET IF 218 -16.98 -99.00 59.34
CA MET IF 218 -17.99 -99.72 58.58
C MET IF 218 -17.60 -99.93 57.13
N ASN IF 219 -16.33 -99.67 56.79
CA ASN IF 219 -15.74 -99.91 55.46
C ASN IF 219 -16.46 -99.10 54.39
N MET IF 220 -16.33 -97.78 54.54
CA MET IF 220 -16.90 -96.83 53.60
C MET IF 220 -15.89 -95.91 52.98
N VAL IF 221 -14.69 -95.79 53.54
CA VAL IF 221 -13.64 -94.97 52.98
C VAL IF 221 -12.36 -95.76 52.93
N SER IF 222 -11.58 -95.52 51.89
CA SER IF 222 -10.22 -96.02 51.86
C SER IF 222 -9.39 -95.34 52.94
N PRO IF 223 -8.54 -96.08 53.64
CA PRO IF 223 -7.67 -95.44 54.63
C PRO IF 223 -6.60 -94.62 53.96
N PRO IF 224 -6.09 -93.58 54.61
CA PRO IF 224 -4.99 -92.81 54.04
C PRO IF 224 -3.72 -93.63 54.01
N TYR IF 225 -3.03 -93.61 52.87
CA TYR IF 225 -1.82 -94.39 52.68
C TYR IF 225 -0.61 -93.47 52.68
N VAL IF 226 0.38 -93.80 53.50
CA VAL IF 226 1.49 -92.92 53.81
C VAL IF 226 2.79 -93.66 53.55
N SER IF 227 3.70 -93.02 52.83
CA SER IF 227 5.02 -93.55 52.57
C SER IF 227 6.07 -92.71 53.28
N HIS IF 228 6.99 -93.37 53.96
CA HIS IF 228 8.17 -92.71 54.50
C HIS IF 228 9.40 -93.19 53.74
N THR IF 229 10.27 -92.23 53.41
CA THR IF 229 11.51 -92.51 52.71
C THR IF 229 12.66 -92.20 53.64
N ASP IF 230 13.60 -93.14 53.74
CA ASP IF 230 14.71 -93.07 54.68
C ASP IF 230 15.99 -92.76 53.92
N LEU IF 231 16.73 -91.76 54.39
CA LEU IF 231 18.04 -91.41 53.89
C LEU IF 231 19.01 -91.34 55.05
N GLY IF 232 20.27 -91.62 54.77
CA GLY IF 232 21.28 -91.60 55.82
C GLY IF 232 21.76 -90.20 56.15
N VAL IF 233 23.07 -90.04 56.29
CA VAL IF 233 23.62 -88.72 56.56
C VAL IF 233 23.55 -87.88 55.29
N THR IF 234 23.13 -86.62 55.46
CA THR IF 234 22.96 -85.71 54.35
C THR IF 234 23.72 -84.42 54.59
N GLY IF 235 24.13 -83.77 53.52
CA GLY IF 235 24.77 -82.47 53.58
C GLY IF 235 26.22 -82.52 53.15
N ASP IF 236 26.85 -81.36 53.22
CA ASP IF 236 28.25 -81.19 52.84
C ASP IF 236 29.13 -81.41 54.07
N GLY IF 237 30.40 -81.03 53.94
CA GLY IF 237 31.33 -81.09 55.06
C GLY IF 237 31.18 -79.99 56.09
N SER IF 238 30.27 -79.04 55.86
CA SER IF 238 29.98 -77.98 56.83
C SER IF 238 28.61 -78.12 57.48
N GLU IF 239 27.62 -78.60 56.75
CA GLU IF 239 26.27 -78.80 57.27
C GLU IF 239 25.94 -80.27 57.17
N ILE IF 240 25.48 -80.87 58.26
CA ILE IF 240 25.17 -82.29 58.26
C ILE IF 240 23.89 -82.56 59.03
N HIS IF 241 23.13 -83.54 58.56
CA HIS IF 241 22.02 -84.12 59.30
C HIS IF 241 22.34 -85.59 59.55
N ILE IF 242 21.70 -86.15 60.57
CA ILE IF 242 22.02 -87.52 60.96
C ILE IF 242 21.22 -88.52 60.14
N ASP IF 243 19.89 -88.48 60.24
CA ASP IF 243 19.04 -89.56 59.73
C ASP IF 243 17.81 -88.94 59.08
N ASP IF 244 17.89 -88.69 57.79
CA ASP IF 244 16.79 -88.02 57.12
C ASP IF 244 15.63 -88.99 56.90
N ARG IF 245 14.42 -88.50 57.13
CA ARG IF 245 13.23 -89.28 56.82
C ARG IF 245 12.15 -88.32 56.35
N VAL IF 246 11.52 -88.65 55.23
CA VAL IF 246 10.48 -87.83 54.65
C VAL IF 246 9.18 -88.60 54.68
N LEU IF 247 8.18 -88.03 55.32
CA LEU IF 247 6.86 -88.61 55.43
C LEU IF 247 5.93 -87.90 54.46
N ARG IF 248 5.40 -88.64 53.49
CA ARG IF 248 4.44 -88.12 52.53
C ARG IF 248 3.22 -89.01 52.55
N ILE IF 249 2.09 -88.48 52.09
CA ILE IF 249 0.87 -89.26 51.97
C ILE IF 249 0.53 -89.37 50.49
N THR IF 250 0.41 -90.60 50.01
CA THR IF 250 0.16 -90.85 48.59
C THR IF 250 -1.34 -90.84 48.30
N ALA IF 251 -2.13 -91.49 49.13
CA ALA IF 251 -3.55 -91.66 48.89
C ALA IF 251 -4.35 -90.95 49.98
N LEU IF 252 -5.15 -89.98 49.57
CA LEU IF 252 -6.09 -89.35 50.47
C LEU IF 252 -7.26 -90.30 50.74
N PRO IF 253 -7.92 -90.18 51.89
CA PRO IF 253 -9.15 -90.96 52.13
C PRO IF 253 -10.26 -90.52 51.20
N GLU IF 254 -10.99 -91.49 50.66
CA GLU IF 254 -12.11 -91.22 49.77
C GLU IF 254 -13.10 -92.37 49.84
N LEU IF 255 -14.33 -92.09 49.42
CA LEU IF 255 -15.40 -93.06 49.55
C LEU IF 255 -15.30 -94.13 48.47
N ASN IF 256 -15.87 -95.28 48.77
CA ASN IF 256 -15.95 -96.38 47.82
C ASN IF 256 -17.31 -96.38 47.16
N VAL IF 257 -17.33 -96.40 45.83
CA VAL IF 257 -18.57 -96.37 45.08
C VAL IF 257 -19.05 -97.78 44.73
N ASN IF 258 -18.39 -98.80 45.26
CA ASN IF 258 -18.79 -100.19 45.07
C ASN IF 258 -19.32 -100.70 46.40
N SER IF 259 -20.63 -100.89 46.46
CA SER IF 259 -21.29 -101.14 47.73
C SER IF 259 -21.10 -102.56 48.24
N ALA IF 260 -20.66 -103.48 47.38
CA ALA IF 260 -20.56 -104.89 47.77
C ALA IF 260 -19.48 -105.11 48.80
N GLU IF 261 -18.45 -104.27 48.83
CA GLU IF 261 -17.38 -104.39 49.81
C GLU IF 261 -17.81 -103.94 51.19
N TRP IF 262 -18.95 -103.26 51.31
CA TRP IF 262 -19.39 -102.77 52.61
C TRP IF 262 -19.86 -103.94 53.46
N ARG IF 263 -19.42 -103.95 54.71
CA ARG IF 263 -19.79 -104.99 55.66
C ARG IF 263 -20.82 -104.44 56.64
N ALA IF 264 -21.91 -105.17 56.80
CA ALA IF 264 -23.00 -104.75 57.67
C ALA IF 264 -22.68 -105.10 59.11
N ALA IF 265 -23.63 -104.84 60.01
CA ALA IF 265 -23.46 -105.15 61.42
C ALA IF 265 -24.83 -105.43 62.02
N VAL IF 266 -24.81 -106.10 63.17
CA VAL IF 266 -26.05 -106.40 63.90
C VAL IF 266 -25.72 -106.48 65.39
N ALA IF 267 -26.46 -105.72 66.19
CA ALA IF 267 -26.24 -105.66 67.63
C ALA IF 267 -26.92 -106.85 68.31
N LYS IF 268 -27.05 -106.77 69.62
CA LYS IF 268 -27.77 -107.78 70.40
C LYS IF 268 -28.29 -107.19 71.71
N GLY JF 26 -18.88 -46.59 85.97
CA GLY JF 26 -20.32 -46.66 85.84
C GLY JF 26 -20.78 -47.52 84.70
N ASP JF 27 -19.86 -47.82 83.77
CA ASP JF 27 -20.20 -48.64 82.61
C ASP JF 27 -20.27 -50.12 82.93
N THR JF 28 -19.69 -50.56 84.04
CA THR JF 28 -19.80 -51.95 84.44
C THR JF 28 -21.22 -52.25 84.94
N GLY JF 29 -21.63 -51.59 86.02
CA GLY JF 29 -23.02 -51.60 86.40
C GLY JF 29 -23.76 -50.55 85.59
N SER JF 30 -23.97 -50.86 84.32
CA SER JF 30 -24.32 -49.84 83.34
C SER JF 30 -25.74 -49.33 83.51
N LEU JF 31 -26.63 -50.12 84.13
CA LEU JF 31 -27.99 -49.66 84.36
C LEU JF 31 -28.02 -48.46 85.31
N ALA JF 32 -27.40 -48.62 86.48
CA ALA JF 32 -27.29 -47.50 87.42
C ALA JF 32 -26.34 -46.43 86.89
N GLY JF 33 -25.32 -46.83 86.13
CA GLY JF 33 -24.38 -45.85 85.58
C GLY JF 33 -25.03 -44.91 84.60
N LEU JF 34 -25.81 -45.45 83.67
CA LEU JF 34 -26.50 -44.60 82.71
C LEU JF 34 -27.73 -43.93 83.30
N GLN JF 35 -28.32 -44.50 84.37
CA GLN JF 35 -29.35 -43.76 85.10
C GLN JF 35 -28.75 -42.54 85.79
N ALA JF 36 -27.54 -42.66 86.33
CA ALA JF 36 -26.86 -41.49 86.86
C ALA JF 36 -26.41 -40.54 85.76
N MET JF 37 -26.06 -41.09 84.59
CA MET JF 37 -25.69 -40.24 83.44
C MET JF 37 -26.88 -39.48 82.89
N ALA JF 38 -28.10 -40.00 83.09
CA ALA JF 38 -29.30 -39.30 82.67
C ALA JF 38 -29.50 -38.00 83.45
N ASP JF 39 -29.08 -37.96 84.70
CA ASP JF 39 -29.07 -36.69 85.43
C ASP JF 39 -27.95 -35.82 84.91
N SER JF 40 -28.16 -34.51 84.95
CA SER JF 40 -27.28 -33.56 84.28
C SER JF 40 -26.10 -33.11 85.15
N LYS JF 41 -25.96 -33.66 86.36
CA LYS JF 41 -24.83 -33.26 87.21
C LYS JF 41 -23.51 -33.82 86.69
N TYR JF 42 -23.49 -35.06 86.22
CA TYR JF 42 -22.26 -35.61 85.68
C TYR JF 42 -21.94 -35.06 84.30
N THR JF 43 -22.93 -34.51 83.60
CA THR JF 43 -22.64 -33.74 82.39
C THR JF 43 -21.83 -32.50 82.72
N ARG JF 44 -22.14 -31.85 83.84
CA ARG JF 44 -21.30 -30.79 84.36
C ARG JF 44 -19.94 -31.32 84.80
N ALA JF 45 -19.93 -32.49 85.46
CA ALA JF 45 -18.69 -33.03 86.00
C ALA JF 45 -17.74 -33.53 84.93
N GLN JF 46 -18.24 -33.82 83.72
CA GLN JF 46 -17.34 -34.23 82.64
C GLN JF 46 -16.51 -33.06 82.15
N LYS JF 47 -17.01 -31.83 82.31
CA LYS JF 47 -16.28 -30.65 81.84
C LYS JF 47 -14.99 -30.43 82.62
N LYS JF 48 -15.02 -30.62 83.94
CA LYS JF 48 -13.84 -30.36 84.75
C LYS JF 48 -12.78 -31.45 84.61
N GLN JF 49 -13.12 -32.63 84.13
CA GLN JF 49 -12.12 -33.66 83.82
C GLN JF 49 -11.76 -33.70 82.35
N LYS JF 50 -12.50 -33.01 81.47
CA LYS JF 50 -12.08 -32.86 80.08
C LYS JF 50 -10.78 -32.07 79.97
N MET JF 51 -10.53 -31.17 80.92
CA MET JF 51 -9.25 -30.44 80.94
C MET JF 51 -8.09 -31.39 81.20
N GLY JF 52 -8.25 -32.31 82.16
CA GLY JF 52 -7.25 -33.35 82.35
C GLY JF 52 -7.14 -34.28 81.17
N LYS JF 53 -8.26 -34.53 80.48
CA LYS JF 53 -8.22 -35.34 79.27
C LYS JF 53 -7.54 -34.61 78.12
N ILE JF 54 -7.43 -33.29 78.18
CA ILE JF 54 -6.77 -32.51 77.13
C ILE JF 54 -5.37 -32.11 77.54
N ARG JF 55 -5.22 -31.46 78.69
CA ARG JF 55 -3.94 -30.89 79.08
C ARG JF 55 -2.99 -31.92 79.68
N GLU JF 56 -3.47 -32.71 80.64
CA GLU JF 56 -2.59 -33.50 81.50
C GLU JF 56 -1.95 -34.69 80.79
N MET JF 57 -2.40 -35.03 79.59
CA MET JF 57 -1.87 -36.19 78.89
C MET JF 57 -0.54 -35.91 78.19
N ALA JF 58 0.00 -34.71 78.33
CA ALA JF 58 1.23 -34.33 77.63
C ALA JF 58 2.49 -34.62 78.44
N LEU JF 59 2.42 -34.48 79.75
CA LEU JF 59 3.61 -34.57 80.60
C LEU JF 59 4.05 -36.01 80.85
N LYS JF 60 3.15 -36.98 80.67
CA LYS JF 60 3.42 -38.34 81.11
C LYS JF 60 4.48 -39.03 80.26
N GLU JF 61 4.43 -38.81 78.95
CA GLU JF 61 5.43 -39.41 78.05
C GLU JF 61 6.80 -38.80 78.28
N THR JF 62 6.85 -37.51 78.56
CA THR JF 62 8.12 -36.85 78.89
C THR JF 62 8.69 -37.39 80.19
N ALA JF 63 7.82 -37.60 81.18
CA ALA JF 63 8.25 -38.20 82.45
C ALA JF 63 8.76 -39.61 82.23
N LEU JF 64 8.09 -40.37 81.35
CA LEU JF 64 8.53 -41.71 80.98
C LEU JF 64 9.90 -41.67 80.33
N SER JF 65 10.13 -40.71 79.44
CA SER JF 65 11.40 -40.62 78.72
C SER JF 65 12.55 -40.26 79.65
N VAL JF 66 12.34 -39.27 80.53
CA VAL JF 66 13.42 -38.87 81.42
C VAL JF 66 13.67 -39.95 82.48
N GLY JF 67 12.63 -40.64 82.92
CA GLY JF 67 12.83 -41.75 83.84
C GLY JF 67 13.56 -42.90 83.20
N ALA JF 68 13.26 -43.17 81.93
CA ALA JF 68 13.96 -44.22 81.20
C ALA JF 68 15.42 -43.89 81.01
N GLN JF 69 15.73 -42.64 80.69
CA GLN JF 69 17.12 -42.23 80.54
C GLN JF 69 17.88 -42.35 81.86
N ALA JF 70 17.27 -41.85 82.94
CA ALA JF 70 17.92 -41.91 84.26
C ALA JF 70 18.09 -43.34 84.73
N GLY JF 71 17.07 -44.19 84.51
CA GLY JF 71 17.17 -45.59 84.92
C GLY JF 71 18.21 -46.35 84.14
N LEU JF 72 18.28 -46.12 82.83
CA LEU JF 72 19.27 -46.78 81.99
C LEU JF 72 20.68 -46.38 82.41
N ALA JF 73 20.91 -45.09 82.64
CA ALA JF 73 22.24 -44.62 83.04
C ALA JF 73 22.63 -45.15 84.42
N TRP JF 74 21.70 -45.09 85.37
CA TRP JF 74 22.00 -45.48 86.74
C TRP JF 74 22.25 -46.97 86.84
N ARG JF 75 21.39 -47.78 86.21
CA ARG JF 75 21.56 -49.22 86.23
C ARG JF 75 22.80 -49.65 85.46
N ALA JF 76 23.15 -48.92 84.38
CA ALA JF 76 24.37 -49.21 83.66
C ALA JF 76 25.60 -48.97 84.52
N LYS JF 77 25.61 -47.87 85.28
CA LYS JF 77 26.71 -47.59 86.18
C LYS JF 77 26.82 -48.65 87.27
N ILE JF 78 25.68 -49.05 87.83
CA ILE JF 78 25.66 -50.07 88.89
C ILE JF 78 26.19 -51.41 88.36
N ILE JF 79 25.73 -51.80 87.17
CA ILE JF 79 26.11 -53.11 86.65
C ILE JF 79 27.56 -53.09 86.16
N ASP JF 80 28.06 -51.92 85.73
CA ASP JF 80 29.47 -51.83 85.36
C ASP JF 80 30.36 -51.97 86.58
N GLU JF 81 29.97 -51.33 87.68
CA GLU JF 81 30.70 -51.47 88.92
C GLU JF 81 30.68 -52.91 89.42
N GLN JF 82 29.52 -53.55 89.35
CA GLN JF 82 29.41 -54.90 89.88
C GLN JF 82 30.12 -55.92 88.99
N LEU JF 83 30.13 -55.69 87.68
CA LEU JF 83 30.88 -56.55 86.77
C LEU JF 83 32.38 -56.39 87.01
N ASN JF 84 32.84 -55.15 87.18
CA ASN JF 84 34.26 -54.93 87.42
C ASN JF 84 34.68 -55.39 88.81
N LYS JF 85 33.72 -55.56 89.73
CA LYS JF 85 34.04 -56.05 91.07
C LYS JF 85 34.60 -57.47 91.04
N GLN JF 86 34.02 -58.34 90.21
CA GLN JF 86 34.36 -59.76 90.21
C GLN JF 86 35.03 -60.19 88.92
N ALA JF 87 36.00 -59.40 88.47
CA ALA JF 87 36.63 -59.64 87.18
C ALA JF 87 37.54 -60.86 87.16
N ARG JF 88 37.96 -61.36 88.32
CA ARG JF 88 38.94 -62.45 88.36
C ARG JF 88 38.35 -63.75 87.85
N ASN JF 89 37.16 -64.10 88.34
CA ASN JF 89 36.55 -65.36 87.95
C ASN JF 89 36.06 -65.34 86.52
N LEU JF 90 35.82 -64.15 85.97
CA LEU JF 90 35.40 -64.02 84.58
C LEU JF 90 36.45 -64.57 83.62
N ASP JF 91 37.63 -63.96 83.60
CA ASP JF 91 38.71 -64.47 82.78
C ASP JF 91 39.27 -65.78 83.31
N ALA JF 92 39.01 -66.11 84.58
CA ALA JF 92 39.39 -67.43 85.07
C ALA JF 92 38.61 -68.53 84.39
N ILE JF 93 37.28 -68.37 84.29
CA ILE JF 93 36.49 -69.40 83.63
C ILE JF 93 36.55 -69.26 82.12
N TYR JF 94 36.87 -68.07 81.60
CA TYR JF 94 36.95 -67.90 80.15
C TYR JF 94 38.41 -67.88 79.69
N ASP JF 95 39.07 -69.02 79.87
CA ASP JF 95 40.45 -69.18 79.44
C ASP JF 95 40.43 -69.52 77.96
N PHE JF 96 40.41 -68.47 77.14
CA PHE JF 96 40.60 -68.67 75.70
C PHE JF 96 42.00 -69.16 75.39
N ASN JF 97 42.99 -68.75 76.19
CA ASN JF 97 44.38 -69.12 75.96
C ASN JF 97 44.60 -70.61 76.11
N SER JF 98 43.79 -71.27 76.94
CA SER JF 98 43.77 -72.72 76.94
C SER JF 98 43.26 -73.27 75.62
N LEU JF 99 42.26 -72.62 75.04
CA LEU JF 99 41.66 -73.11 73.82
C LEU JF 99 42.40 -72.70 72.57
N VAL JF 100 43.46 -71.89 72.71
CA VAL JF 100 44.27 -71.52 71.56
C VAL JF 100 45.03 -72.73 71.04
N LEU JF 101 44.92 -72.99 69.74
CA LEU JF 101 45.65 -74.10 69.14
C LEU JF 101 47.09 -73.70 68.86
N GLU JF 102 47.92 -74.70 68.56
CA GLU JF 102 49.37 -74.53 68.56
C GLU JF 102 49.87 -73.68 67.39
N HIS JF 103 49.06 -73.46 66.36
CA HIS JF 103 49.39 -72.51 65.31
C HIS JF 103 48.69 -71.18 65.50
N ASN JF 104 48.30 -70.88 66.76
CA ASN JF 104 47.61 -69.64 67.14
C ASN JF 104 46.32 -69.44 66.35
N ILE JF 105 45.57 -70.53 66.19
CA ILE JF 105 44.35 -70.53 65.40
C ILE JF 105 43.17 -70.55 66.35
N LEU JF 106 42.23 -69.65 66.14
CA LEU JF 106 40.99 -69.68 66.89
C LEU JF 106 40.18 -70.90 66.49
N PRO JF 107 39.65 -71.67 67.44
CA PRO JF 107 38.77 -72.76 67.08
C PRO JF 107 37.48 -72.26 66.46
N PRO JF 108 36.91 -73.00 65.51
CA PRO JF 108 35.66 -72.57 64.89
C PRO JF 108 34.48 -72.86 65.82
N VAL JF 109 33.31 -72.41 65.39
CA VAL JF 109 32.09 -72.50 66.19
C VAL JF 109 31.16 -73.52 65.57
N LEU JF 110 30.64 -74.43 66.38
CA LEU JF 110 29.74 -75.48 65.91
C LEU JF 110 28.43 -75.45 66.68
N LEU JF 111 27.35 -75.79 65.98
CA LEU JF 111 26.02 -75.83 66.56
C LEU JF 111 25.40 -77.20 66.32
N GLU JF 112 24.76 -77.72 67.35
CA GLU JF 112 24.13 -79.03 67.32
C GLU JF 112 22.64 -78.89 67.63
N GLY JF 113 21.82 -79.44 66.75
CA GLY JF 113 20.37 -79.45 66.93
C GLY JF 113 19.90 -80.89 67.12
N ARG JF 114 18.92 -81.07 68.00
CA ARG JF 114 18.40 -82.38 68.32
C ARG JF 114 16.90 -82.43 68.11
N ASN JF 115 16.42 -83.61 67.69
CA ASN JF 115 15.02 -83.92 67.41
C ASN JF 115 14.45 -82.96 66.37
N THR JF 116 15.07 -82.99 65.19
CA THR JF 116 14.71 -82.08 64.12
C THR JF 116 13.42 -82.54 63.45
N LEU JF 117 12.39 -81.71 63.53
CA LEU JF 117 11.20 -81.87 62.73
C LEU JF 117 10.94 -80.57 61.99
N ASN JF 118 10.86 -80.64 60.67
CA ASN JF 118 10.40 -79.54 59.85
C ASN JF 118 9.07 -79.90 59.22
N LEU JF 119 8.09 -79.04 59.43
CA LEU JF 119 6.80 -79.11 58.76
C LEU JF 119 6.80 -78.00 57.73
N ALA JF 120 7.16 -78.33 56.50
CA ALA JF 120 7.18 -77.32 55.44
C ALA JF 120 5.77 -76.88 55.08
N ASP JF 121 4.88 -77.84 54.86
CA ASP JF 121 3.50 -77.58 54.56
C ASP JF 121 2.71 -78.84 54.90
N ALA JF 122 1.47 -78.91 54.44
CA ALA JF 122 0.70 -80.14 54.57
C ALA JF 122 1.28 -81.23 53.66
N GLN JF 123 0.83 -82.46 53.91
CA GLN JF 123 1.23 -83.68 53.20
C GLN JF 123 2.75 -83.91 53.21
N SER JF 124 3.47 -83.40 54.20
CA SER JF 124 4.93 -83.35 54.11
C SER JF 124 5.53 -83.19 55.49
N ILE JF 125 6.39 -84.13 55.88
CA ILE JF 125 7.14 -84.05 57.12
C ILE JF 125 8.60 -84.40 56.84
N ARG JF 126 9.54 -83.61 57.36
CA ARG JF 126 10.95 -83.99 57.34
C ARG JF 126 11.43 -84.15 58.76
N ILE JF 127 12.11 -85.26 59.05
CA ILE JF 127 12.61 -85.50 60.39
C ILE JF 127 14.04 -86.01 60.35
N SER JF 128 14.83 -85.54 61.30
CA SER JF 128 16.15 -86.08 61.59
C SER JF 128 16.32 -86.10 63.09
N ASP JF 129 17.26 -86.89 63.57
CA ASP JF 129 17.53 -86.86 65.00
C ASP JF 129 18.36 -85.64 65.35
N ARG JF 130 19.56 -85.55 64.81
CA ARG JF 130 20.46 -84.44 65.11
C ARG JF 130 20.99 -83.84 63.82
N THR JF 131 21.60 -82.67 63.98
CA THR JF 131 22.20 -81.94 62.88
C THR JF 131 23.32 -81.06 63.43
N TYR JF 132 24.27 -80.75 62.57
CA TYR JF 132 25.42 -79.94 62.95
C TYR JF 132 25.68 -78.87 61.89
N LYS JF 133 26.06 -77.70 62.38
CA LYS JF 133 26.26 -76.50 61.57
C LYS JF 133 27.58 -75.85 61.95
N VAL JF 134 28.37 -75.47 60.95
CA VAL JF 134 29.49 -74.57 61.19
C VAL JF 134 28.94 -73.15 61.22
N ALA JF 135 29.22 -72.43 62.30
CA ALA JF 135 28.76 -71.05 62.42
C ALA JF 135 29.83 -70.07 61.94
N LYS JF 136 31.00 -70.08 62.57
CA LYS JF 136 32.09 -69.19 62.19
C LYS JF 136 33.32 -70.02 61.90
N GLN JF 137 33.95 -69.73 60.75
CA GLN JF 137 35.09 -70.51 60.30
C GLN JF 137 36.32 -70.20 61.15
N ALA JF 138 37.14 -71.22 61.38
CA ALA JF 138 38.40 -71.06 62.08
C ALA JF 138 39.35 -70.17 61.29
N HIS JF 139 40.21 -69.46 62.01
CA HIS JF 139 41.16 -68.55 61.39
C HIS JF 139 42.33 -68.35 62.33
N PHE JF 140 43.41 -67.76 61.79
CA PHE JF 140 44.53 -67.36 62.61
C PHE JF 140 44.11 -66.23 63.54
N ILE JF 141 44.80 -66.13 64.67
CA ILE JF 141 44.52 -65.06 65.62
C ILE JF 141 45.83 -64.40 66.00
N THR JF 142 45.72 -63.16 66.47
CA THR JF 142 46.85 -62.39 66.98
C THR JF 142 46.92 -62.42 68.49
N THR JF 143 45.84 -62.04 69.16
CA THR JF 143 45.75 -62.05 70.60
C THR JF 143 44.54 -62.85 71.04
N PRO JF 144 44.57 -63.45 72.22
CA PRO JF 144 43.37 -64.08 72.75
C PRO JF 144 42.34 -63.03 73.13
N PRO JF 145 41.09 -63.23 72.77
CA PRO JF 145 40.02 -62.31 73.18
C PRO JF 145 39.70 -62.48 74.65
N THR JF 146 38.97 -61.50 75.18
CA THR JF 146 38.53 -61.57 76.57
C THR JF 146 37.02 -61.40 76.67
N TRP JF 147 36.54 -61.26 77.90
CA TRP JF 147 35.14 -60.99 78.16
C TRP JF 147 34.81 -59.50 78.14
N ARG JF 148 35.82 -58.64 78.15
CA ARG JF 148 35.55 -57.21 78.29
C ARG JF 148 34.92 -56.63 77.03
N GLN JF 149 35.32 -57.11 75.86
CA GLN JF 149 34.71 -56.66 74.64
C GLN JF 149 33.31 -57.24 74.44
N TYR JF 150 32.94 -58.26 75.18
CA TYR JF 150 31.67 -58.92 75.00
C TYR JF 150 30.68 -58.66 76.11
N LEU JF 151 31.12 -58.14 77.25
CA LEU JF 151 30.26 -58.05 78.42
C LEU JF 151 30.24 -56.70 79.10
N TRP JF 152 31.19 -55.81 78.83
CA TRP JF 152 31.23 -54.54 79.53
C TRP JF 152 30.16 -53.61 78.98
N MET JF 153 29.34 -53.07 79.88
CA MET JF 153 28.26 -52.18 79.49
C MET JF 153 28.82 -50.81 79.13
N ASP JF 154 28.41 -50.27 77.99
CA ASP JF 154 28.81 -48.93 77.59
C ASP JF 154 28.02 -47.89 78.36
N TYR JF 155 28.71 -46.84 78.79
CA TYR JF 155 28.09 -45.84 79.65
C TYR JF 155 28.84 -44.53 79.57
N VAL JF 156 28.10 -43.46 79.28
CA VAL JF 156 28.53 -42.09 79.53
C VAL JF 156 27.47 -41.45 80.42
N LYS JF 157 27.90 -40.65 81.37
CA LYS JF 157 26.93 -40.00 82.26
C LYS JF 157 26.28 -38.82 81.54
N PRO JF 158 24.96 -38.77 81.46
CA PRO JF 158 24.27 -37.58 80.96
C PRO JF 158 23.90 -36.62 82.08
N GLU JF 159 24.15 -35.34 81.86
CA GLU JF 159 23.96 -34.33 82.89
C GLU JF 159 23.04 -33.21 82.41
N ALA JF 160 22.24 -33.44 81.37
CA ALA JF 160 21.40 -32.40 80.79
C ALA JF 160 19.96 -32.88 80.71
N PRO JF 161 19.19 -32.75 81.80
CA PRO JF 161 17.75 -32.97 81.70
C PRO JF 161 17.09 -31.80 81.00
N ASN JF 162 16.72 -31.99 79.74
CA ASN JF 162 16.12 -30.93 78.93
C ASN JF 162 14.61 -30.98 79.12
N VAL JF 163 14.05 -29.93 79.72
CA VAL JF 163 12.64 -29.89 80.09
C VAL JF 163 11.93 -28.88 79.19
N THR JF 164 10.81 -29.29 78.61
CA THR JF 164 10.02 -28.43 77.75
C THR JF 164 8.71 -27.97 78.41
N LEU JF 165 8.12 -28.81 79.26
CA LEU JF 165 6.90 -28.45 79.99
C LEU JF 165 7.06 -28.85 81.45
N LEU JF 166 6.39 -28.09 82.32
CA LEU JF 166 6.56 -28.27 83.75
C LEU JF 166 5.21 -28.51 84.42
N PRO JF 167 5.17 -29.37 85.43
CA PRO JF 167 3.94 -29.52 86.21
C PRO JF 167 3.66 -28.30 87.07
N LYS JF 168 2.39 -28.06 87.34
CA LYS JF 168 1.95 -26.91 88.11
C LYS JF 168 1.14 -27.27 89.35
N THR JF 169 0.42 -28.38 89.35
CA THR JF 169 -0.33 -28.81 90.52
C THR JF 169 0.37 -29.94 91.24
N LYS JF 170 -0.03 -30.13 92.50
CA LYS JF 170 0.58 -31.17 93.33
C LYS JF 170 0.30 -32.56 92.80
N ALA JF 171 -0.93 -32.80 92.34
CA ALA JF 171 -1.30 -34.11 91.82
C ALA JF 171 -0.54 -34.44 90.53
N GLU JF 172 -0.37 -33.45 89.65
CA GLU JF 172 0.36 -33.72 88.43
C GLU JF 172 1.85 -33.83 88.71
N LYS JF 173 2.36 -33.15 89.74
CA LYS JF 173 3.72 -33.39 90.21
C LYS JF 173 3.89 -34.82 90.71
N GLU JF 174 2.89 -35.32 91.44
CA GLU JF 174 2.95 -36.69 91.96
C GLU JF 174 2.92 -37.72 90.83
N ILE JF 175 2.06 -37.50 89.82
CA ILE JF 175 2.00 -38.48 88.73
C ILE JF 175 3.25 -38.37 87.84
N TRP JF 176 3.85 -37.18 87.78
CA TRP JF 176 5.15 -37.01 87.13
C TRP JF 176 6.21 -37.82 87.86
N CYS JF 177 6.17 -37.80 89.19
CA CYS JF 177 7.10 -38.60 90.00
C CYS JF 177 6.90 -40.10 89.78
N ILE JF 178 5.64 -40.55 89.75
CA ILE JF 178 5.42 -41.99 89.61
C ILE JF 178 5.75 -42.46 88.20
N TYR JF 179 5.57 -41.61 87.20
CA TYR JF 179 5.95 -42.01 85.85
C TYR JF 179 7.46 -41.97 85.67
N THR JF 180 8.15 -41.10 86.43
CA THR JF 180 9.60 -41.17 86.52
C THR JF 180 10.04 -42.49 87.13
N GLU JF 181 9.30 -42.96 88.16
CA GLU JF 181 9.61 -44.26 88.76
C GLU JF 181 9.38 -45.40 87.77
N ARG JF 182 8.31 -45.31 86.97
CA ARG JF 182 8.07 -46.32 85.95
C ARG JF 182 9.18 -46.33 84.91
N GLY JF 183 9.67 -45.15 84.54
CA GLY JF 183 10.81 -45.09 83.64
C GLY JF 183 12.07 -45.67 84.25
N TRP JF 184 12.26 -45.48 85.55
CA TRP JF 184 13.38 -46.10 86.27
C TRP JF 184 13.30 -47.62 86.16
N LYS JF 185 12.10 -48.17 86.38
CA LYS JF 185 11.90 -49.61 86.27
C LYS JF 185 12.14 -50.11 84.86
N ASN JF 186 11.65 -49.37 83.86
CA ASN JF 186 11.82 -49.78 82.47
C ASN JF 186 13.28 -49.76 82.05
N GLY JF 187 14.04 -48.75 82.49
CA GLY JF 187 15.46 -48.72 82.19
C GLY JF 187 16.22 -49.84 82.87
N ILE JF 188 15.81 -50.20 84.09
CA ILE JF 188 16.41 -51.34 84.78
C ILE JF 188 16.19 -52.62 84.00
N ASP JF 189 14.95 -52.85 83.56
CA ASP JF 189 14.63 -54.07 82.83
C ASP JF 189 15.31 -54.11 81.47
N GLN JF 190 15.43 -52.95 80.83
CA GLN JF 190 16.12 -52.89 79.54
C GLN JF 190 17.60 -53.21 79.68
N ALA JF 191 18.23 -52.70 80.75
CA ALA JF 191 19.63 -53.00 80.99
C ALA JF 191 19.84 -54.48 81.30
N ASN JF 192 18.92 -55.06 82.06
CA ASN JF 192 19.00 -56.49 82.34
C ASN JF 192 18.84 -57.31 81.06
N THR JF 193 17.98 -56.84 80.15
CA THR JF 193 17.83 -57.50 78.86
C THR JF 193 19.12 -57.43 78.05
N ILE JF 194 19.80 -56.28 78.08
CA ILE JF 194 21.06 -56.12 77.35
C ILE JF 194 22.11 -57.07 77.89
N LEU JF 195 22.23 -57.14 79.22
CA LEU JF 195 23.18 -58.04 79.87
C LEU JF 195 22.87 -59.49 79.56
N GLU JF 196 21.58 -59.85 79.55
CA GLU JF 196 21.17 -61.21 79.22
C GLU JF 196 21.53 -61.58 77.79
N GLU JF 197 21.35 -60.64 76.85
CA GLU JF 197 21.71 -60.91 75.47
C GLU JF 197 23.21 -61.10 75.31
N ASN JF 198 24.01 -60.29 76.01
CA ASN JF 198 25.46 -60.42 75.93
C ASN JF 198 25.94 -61.74 76.52
N ILE JF 199 25.37 -62.14 77.67
CA ILE JF 199 25.82 -63.37 78.29
C ILE JF 199 25.36 -64.58 77.48
N ALA JF 200 24.21 -64.47 76.80
CA ALA JF 200 23.79 -65.54 75.90
C ALA JF 200 24.73 -65.64 74.71
N ARG JF 201 25.22 -64.50 74.21
CA ARG JF 201 26.13 -64.50 73.07
C ARG JF 201 27.46 -65.17 73.42
N ILE JF 202 28.03 -64.82 74.57
CA ILE JF 202 29.32 -65.40 74.94
C ILE JF 202 29.17 -66.88 75.31
N LYS JF 203 28.01 -67.26 75.88
CA LYS JF 203 27.71 -68.66 76.12
C LYS JF 203 27.65 -69.45 74.81
N GLU JF 204 27.02 -68.85 73.80
CA GLU JF 204 26.94 -69.47 72.48
C GLU JF 204 28.32 -69.69 71.87
N ASP JF 205 29.20 -68.69 71.97
CA ASP JF 205 30.51 -68.81 71.35
C ASP JF 205 31.38 -69.84 72.06
N PHE JF 206 31.39 -69.81 73.40
CA PHE JF 206 32.19 -70.76 74.16
C PHE JF 206 31.68 -72.18 73.98
N GLY JF 207 30.35 -72.36 73.93
CA GLY JF 207 29.79 -73.67 73.69
C GLY JF 207 30.13 -74.21 72.32
N GLY JF 208 30.13 -73.34 71.31
CA GLY JF 208 30.53 -73.78 69.98
C GLY JF 208 31.98 -74.22 69.89
N MET JF 209 32.86 -73.48 70.57
CA MET JF 209 34.28 -73.86 70.55
C MET JF 209 34.52 -75.17 71.31
N ILE JF 210 33.88 -75.34 72.47
CA ILE JF 210 34.10 -76.58 73.21
C ILE JF 210 33.44 -77.76 72.50
N LEU JF 211 32.36 -77.51 71.75
CA LEU JF 211 31.74 -78.57 70.96
C LEU JF 211 32.65 -78.98 69.81
N TYR JF 212 33.32 -78.01 69.20
CA TYR JF 212 34.31 -78.31 68.17
C TYR JF 212 35.44 -79.18 68.72
N ARG JF 213 35.95 -78.82 69.90
CA ARG JF 213 37.02 -79.61 70.50
C ARG JF 213 36.56 -81.03 70.82
N LYS JF 214 35.33 -81.16 71.33
CA LYS JF 214 34.79 -82.48 71.66
C LYS JF 214 34.61 -83.35 70.42
N LEU JF 215 34.09 -82.77 69.34
CA LEU JF 215 33.87 -83.57 68.15
C LEU JF 215 35.17 -83.88 67.43
N LEU JF 216 36.16 -82.97 67.51
CA LEU JF 216 37.48 -83.26 66.96
C LEU JF 216 38.14 -84.40 67.71
N ALA JF 217 37.97 -84.44 69.04
CA ALA JF 217 38.43 -85.58 69.80
C ALA JF 217 37.64 -86.84 69.45
N MET JF 218 36.36 -86.68 69.11
CA MET JF 218 35.50 -87.79 68.72
C MET JF 218 35.71 -88.22 67.28
N ASN JF 219 36.62 -87.56 66.55
CA ASN JF 219 36.89 -87.78 65.13
C ASN JF 219 35.64 -87.51 64.31
N MET JF 220 35.14 -86.29 64.46
CA MET JF 220 34.04 -85.77 63.66
C MET JF 220 34.43 -84.56 62.85
N VAL JF 221 35.51 -83.88 63.22
CA VAL JF 221 35.97 -82.68 62.53
C VAL JF 221 37.29 -83.00 61.84
N SER JF 222 37.44 -82.55 60.61
CA SER JF 222 38.74 -82.58 59.96
C SER JF 222 39.66 -81.59 60.66
N PRO JF 223 40.89 -81.98 61.01
CA PRO JF 223 41.83 -81.01 61.54
C PRO JF 223 42.25 -80.03 60.47
N PRO JF 224 42.56 -78.79 60.83
CA PRO JF 224 43.11 -77.84 59.85
C PRO JF 224 44.50 -78.28 59.40
N TYR JF 225 44.81 -77.98 58.16
CA TYR JF 225 46.11 -78.31 57.60
C TYR JF 225 46.81 -77.04 57.16
N VAL JF 226 48.08 -76.91 57.55
CA VAL JF 226 48.86 -75.69 57.36
C VAL JF 226 50.25 -76.08 56.90
N SER JF 227 50.73 -75.44 55.85
CA SER JF 227 52.12 -75.59 55.44
C SER JF 227 52.87 -74.29 55.70
N HIS JF 228 54.19 -74.37 55.56
CA HIS JF 228 55.05 -73.22 55.68
C HIS JF 228 56.11 -73.28 54.59
N THR JF 229 56.25 -72.17 53.88
CA THR JF 229 57.30 -71.99 52.89
C THR JF 229 58.46 -71.27 53.56
N ASP JF 230 59.66 -71.83 53.43
CA ASP JF 230 60.84 -71.33 54.13
C ASP JF 230 61.91 -70.97 53.11
N LEU JF 231 62.32 -69.71 53.12
CA LEU JF 231 63.35 -69.21 52.23
C LEU JF 231 64.46 -68.56 53.06
N GLY JF 232 65.64 -68.50 52.47
CA GLY JF 232 66.81 -68.03 53.19
C GLY JF 232 67.07 -66.54 53.05
N VAL JF 233 68.14 -66.18 52.35
CA VAL JF 233 68.47 -64.78 52.14
C VAL JF 233 67.44 -64.14 51.22
N THR JF 234 66.95 -62.97 51.60
CA THR JF 234 65.91 -62.29 50.84
C THR JF 234 66.19 -60.80 50.83
N GLY JF 235 66.04 -60.20 49.66
CA GLY JF 235 66.17 -58.77 49.50
C GLY JF 235 67.38 -58.39 48.67
N ASP JF 236 67.52 -57.09 48.46
CA ASP JF 236 68.61 -56.54 47.67
C ASP JF 236 69.80 -56.22 48.59
N GLY JF 237 70.75 -55.46 48.06
CA GLY JF 237 71.88 -55.01 48.86
C GLY JF 237 71.58 -53.87 49.81
N SER JF 238 70.35 -53.34 49.79
CA SER JF 238 69.96 -52.26 50.72
C SER JF 238 68.93 -52.71 51.74
N GLU JF 239 68.06 -53.64 51.39
CA GLU JF 239 67.02 -54.11 52.29
C GLU JF 239 67.14 -55.62 52.40
N ILE JF 240 67.21 -56.13 53.63
CA ILE JF 240 67.42 -57.56 53.82
C ILE JF 240 66.62 -58.08 54.98
N HIS JF 241 66.30 -59.36 54.93
CA HIS JF 241 65.70 -60.10 56.04
C HIS JF 241 66.49 -61.38 56.23
N ILE JF 242 66.73 -61.75 57.48
CA ILE JF 242 67.55 -62.92 57.78
C ILE JF 242 66.71 -64.17 57.61
N ASP JF 243 65.67 -64.31 58.43
CA ASP JF 243 64.80 -65.47 58.37
C ASP JF 243 63.54 -65.13 57.60
N ASP JF 244 63.01 -66.10 56.87
CA ASP JF 244 61.83 -65.89 56.05
C ASP JF 244 61.01 -67.19 56.06
N ARG JF 245 60.03 -67.25 56.94
CA ARG JF 245 59.09 -68.35 56.98
C ARG JF 245 57.67 -67.79 56.86
N VAL JF 246 56.91 -68.33 55.91
CA VAL JF 246 55.55 -67.91 55.65
C VAL JF 246 54.63 -69.09 55.89
N LEU JF 247 53.66 -68.93 56.78
CA LEU JF 247 52.73 -69.99 57.13
C LEU JF 247 51.38 -69.71 56.51
N ARG JF 248 50.86 -70.71 55.78
CA ARG JF 248 49.56 -70.62 55.11
C ARG JF 248 48.79 -71.90 55.37
N ILE JF 249 47.52 -71.76 55.73
CA ILE JF 249 46.66 -72.92 55.89
C ILE JF 249 46.19 -73.38 54.52
N THR JF 250 46.54 -74.61 54.17
CA THR JF 250 46.03 -75.22 52.96
C THR JF 250 44.60 -75.70 53.12
N ALA JF 251 44.19 -76.14 54.31
CA ALA JF 251 42.88 -76.75 54.47
C ALA JF 251 42.21 -76.24 55.73
N LEU JF 252 41.04 -75.64 55.57
CA LEU JF 252 40.20 -75.26 56.69
C LEU JF 252 39.56 -76.51 57.30
N PRO JF 253 39.20 -76.47 58.58
CA PRO JF 253 38.48 -77.61 59.18
C PRO JF 253 37.08 -77.76 58.61
N GLU JF 254 36.61 -79.00 58.60
CA GLU JF 254 35.26 -79.32 58.17
C GLU JF 254 34.86 -80.65 58.82
N LEU JF 255 33.62 -81.06 58.58
CA LEU JF 255 33.14 -82.32 59.12
C LEU JF 255 33.37 -83.45 58.12
N ASN JF 256 33.04 -84.67 58.53
CA ASN JF 256 33.26 -85.86 57.72
C ASN JF 256 31.93 -86.51 57.39
N VAL JF 257 31.72 -86.81 56.10
CA VAL JF 257 30.47 -87.45 55.69
C VAL JF 257 30.55 -88.97 55.83
N ASN JF 258 31.73 -89.55 55.73
CA ASN JF 258 31.90 -90.98 55.90
C ASN JF 258 31.79 -91.29 57.38
N SER JF 259 30.65 -91.82 57.79
CA SER JF 259 30.41 -92.04 59.21
C SER JF 259 30.99 -93.35 59.71
N ALA JF 260 31.53 -94.19 58.82
CA ALA JF 260 31.94 -95.54 59.20
C ALA JF 260 33.17 -95.52 60.09
N GLU JF 261 34.06 -94.56 59.91
CA GLU JF 261 35.29 -94.50 60.68
C GLU JF 261 35.12 -93.73 61.99
N TRP JF 262 33.90 -93.32 62.31
CA TRP JF 262 33.67 -92.63 63.57
C TRP JF 262 33.84 -93.59 64.73
N ARG JF 263 34.44 -93.10 65.81
CA ARG JF 263 34.67 -93.87 67.01
C ARG JF 263 33.73 -93.41 68.11
N ALA JF 264 33.07 -94.35 68.77
CA ALA JF 264 32.18 -94.04 69.88
C ALA JF 264 32.98 -93.90 71.16
N ALA JF 265 32.28 -93.83 72.29
CA ALA JF 265 32.92 -93.67 73.59
C ALA JF 265 32.30 -94.65 74.57
N VAL JF 266 32.77 -94.60 75.81
CA VAL JF 266 32.32 -95.48 76.88
C VAL JF 266 32.56 -94.77 78.20
N ALA JF 267 32.03 -95.33 79.29
CA ALA JF 267 32.42 -94.90 80.63
C ALA JF 267 32.32 -96.09 81.56
N LYS JF 268 33.14 -96.07 82.61
CA LYS JF 268 33.12 -97.12 83.60
C LYS JF 268 32.82 -96.57 84.99
N LYS KF 60 38.78 -16.25 78.43
CA LYS KF 60 38.67 -17.66 78.76
C LYS KF 60 39.63 -18.48 77.90
N GLU KF 61 39.15 -18.82 76.71
CA GLU KF 61 39.98 -19.53 75.74
C GLU KF 61 41.12 -18.65 75.23
N THR KF 62 40.89 -17.34 75.14
CA THR KF 62 41.96 -16.41 74.83
C THR KF 62 43.01 -16.38 75.93
N ALA KF 63 42.57 -16.47 77.19
CA ALA KF 63 43.50 -16.57 78.31
C ALA KF 63 44.29 -17.86 78.24
N LEU KF 64 43.63 -18.96 77.84
CA LEU KF 64 44.33 -20.23 77.62
C LEU KF 64 45.39 -20.09 76.53
N SER KF 65 45.05 -19.42 75.43
CA SER KF 65 45.99 -19.26 74.32
C SER KF 65 47.19 -18.41 74.71
N VAL KF 66 46.96 -17.29 75.40
CA VAL KF 66 48.09 -16.43 75.75
C VAL KF 66 48.94 -17.08 76.85
N GLY KF 67 48.33 -17.86 77.74
CA GLY KF 67 49.11 -18.64 78.69
C GLY KF 67 49.92 -19.71 78.01
N ALA KF 68 49.37 -20.31 76.95
CA ALA KF 68 50.11 -21.30 76.17
C ALA KF 68 51.33 -20.70 75.51
N GLN KF 69 51.16 -19.52 74.88
CA GLN KF 69 52.28 -18.86 74.22
C GLN KF 69 53.35 -18.44 75.22
N ALA KF 70 52.93 -17.85 76.36
CA ALA KF 70 53.87 -17.39 77.36
C ALA KF 70 54.63 -18.53 78.01
N GLY KF 71 53.92 -19.61 78.37
CA GLY KF 71 54.57 -20.75 78.98
C GLY KF 71 55.50 -21.48 78.04
N LEU KF 72 55.10 -21.61 76.77
CA LEU KF 72 55.96 -22.22 75.77
C LEU KF 72 57.23 -21.41 75.56
N ALA KF 73 57.10 -20.08 75.46
CA ALA KF 73 58.28 -19.23 75.30
C ALA KF 73 59.19 -19.28 76.53
N TRP KF 74 58.61 -19.28 77.72
CA TRP KF 74 59.41 -19.28 78.95
C TRP KF 74 60.17 -20.60 79.11
N ARG KF 75 59.48 -21.72 78.90
CA ARG KF 75 60.12 -23.02 79.01
C ARG KF 75 61.16 -23.21 77.93
N ALA KF 76 60.91 -22.69 76.73
CA ALA KF 76 61.90 -22.77 75.65
C ALA KF 76 63.14 -21.97 75.99
N LYS KF 77 62.96 -20.78 76.57
CA LYS KF 77 64.10 -19.95 76.97
C LYS KF 77 64.93 -20.66 78.04
N ILE KF 78 64.26 -21.24 79.03
CA ILE KF 78 64.97 -21.91 80.13
C ILE KF 78 65.70 -23.16 79.63
N ILE KF 79 65.06 -23.94 78.76
CA ILE KF 79 65.71 -25.15 78.27
C ILE KF 79 66.85 -24.80 77.31
N ASP KF 80 66.75 -23.66 76.62
CA ASP KF 80 67.83 -23.26 75.72
C ASP KF 80 69.05 -22.81 76.52
N GLU KF 81 68.85 -22.04 77.58
CA GLU KF 81 70.00 -21.65 78.39
C GLU KF 81 70.55 -22.83 79.19
N GLN KF 82 69.72 -23.81 79.51
CA GLN KF 82 70.24 -24.98 80.20
C GLN KF 82 71.08 -25.84 79.28
N LEU KF 83 70.64 -26.00 78.03
CA LEU KF 83 71.44 -26.71 77.03
C LEU KF 83 72.73 -25.97 76.75
N ASN KF 84 72.67 -24.63 76.71
CA ASN KF 84 73.87 -23.82 76.58
C ASN KF 84 74.80 -23.98 77.78
N LYS KF 85 74.23 -24.16 78.97
CA LYS KF 85 75.03 -24.38 80.16
C LYS KF 85 75.77 -25.70 80.10
N GLN KF 86 75.08 -26.76 79.70
CA GLN KF 86 75.70 -28.07 79.60
C GLN KF 86 76.11 -28.41 78.18
N ALA KF 87 76.45 -27.39 77.40
CA ALA KF 87 76.81 -27.57 76.00
C ALA KF 87 78.15 -28.30 75.82
N ARG KF 88 79.03 -28.28 76.82
CA ARG KF 88 80.36 -28.85 76.65
C ARG KF 88 80.30 -30.37 76.59
N ASN KF 89 79.55 -30.98 77.49
CA ASN KF 89 79.50 -32.43 77.59
C ASN KF 89 78.78 -33.05 76.40
N LEU KF 90 77.85 -32.32 75.80
CA LEU KF 90 77.12 -32.86 74.65
C LEU KF 90 78.01 -32.98 73.43
N ASP KF 91 78.80 -31.95 73.14
CA ASP KF 91 79.77 -32.11 72.05
C ASP KF 91 80.92 -33.00 72.45
N ALA KF 92 81.17 -33.16 73.75
CA ALA KF 92 82.14 -34.13 74.20
C ALA KF 92 81.70 -35.55 73.86
N ILE KF 93 80.41 -35.84 74.03
CA ILE KF 93 79.98 -37.21 73.76
C ILE KF 93 79.66 -37.41 72.28
N TYR KF 94 79.23 -36.38 71.56
CA TYR KF 94 78.82 -36.55 70.17
C TYR KF 94 79.93 -36.10 69.23
N ASP KF 95 80.99 -36.90 69.18
CA ASP KF 95 82.07 -36.64 68.24
C ASP KF 95 81.72 -37.29 66.91
N PHE KF 96 81.39 -36.48 65.90
CA PHE KF 96 81.18 -37.01 64.57
C PHE KF 96 82.50 -37.36 63.90
N ASN KF 97 83.62 -36.85 64.40
CA ASN KF 97 84.91 -36.98 63.72
C ASN KF 97 85.40 -38.42 63.72
N SER KF 98 85.13 -39.16 64.79
CA SER KF 98 85.42 -40.59 64.80
C SER KF 98 84.55 -41.32 63.80
N LEU KF 99 83.33 -40.86 63.58
CA LEU KF 99 82.46 -41.50 62.59
C LEU KF 99 82.88 -41.15 61.17
N VAL KF 100 83.50 -39.98 60.99
CA VAL KF 100 83.86 -39.52 59.65
C VAL KF 100 84.95 -40.41 59.07
N LEU KF 101 84.72 -40.93 57.88
CA LEU KF 101 85.67 -41.82 57.24
C LEU KF 101 86.81 -41.03 56.61
N GLU KF 102 87.79 -41.77 56.09
CA GLU KF 102 89.07 -41.19 55.69
C GLU KF 102 88.98 -40.36 54.42
N HIS KF 103 87.95 -40.51 53.61
CA HIS KF 103 87.80 -39.73 52.39
C HIS KF 103 86.89 -38.52 52.59
N ASN KF 104 86.68 -38.10 53.85
CA ASN KF 104 85.73 -37.05 54.23
C ASN KF 104 84.34 -37.35 53.69
N ILE KF 105 83.90 -38.58 53.93
CA ILE KF 105 82.62 -39.07 53.44
C ILE KF 105 81.76 -39.46 54.64
N LEU KF 106 80.52 -38.99 54.65
CA LEU KF 106 79.61 -39.29 55.73
C LEU KF 106 79.25 -40.78 55.70
N PRO KF 107 79.41 -41.50 56.81
CA PRO KF 107 78.97 -42.89 56.85
C PRO KF 107 77.45 -42.96 56.75
N PRO KF 108 76.92 -44.04 56.18
CA PRO KF 108 75.47 -44.14 55.99
C PRO KF 108 74.78 -44.51 57.30
N VAL KF 109 73.46 -44.63 57.22
CA VAL KF 109 72.61 -44.90 58.38
C VAL KF 109 71.89 -46.21 58.13
N LEU KF 110 71.96 -47.12 59.10
CA LEU KF 110 71.30 -48.41 59.01
C LEU KF 110 70.32 -48.58 60.16
N LEU KF 111 69.29 -49.40 59.91
CA LEU KF 111 68.28 -49.72 60.91
C LEU KF 111 68.12 -51.23 60.99
N GLU KF 112 67.98 -51.73 62.21
CA GLU KF 112 67.90 -53.15 62.48
C GLU KF 112 66.65 -53.45 63.28
N GLY KF 113 65.88 -54.43 62.81
CA GLY KF 113 64.71 -54.90 63.53
C GLY KF 113 64.86 -56.37 63.88
N ARG KF 114 64.40 -56.73 65.07
CA ARG KF 114 64.43 -58.11 65.53
C ARG KF 114 63.02 -58.57 65.86
N ASN KF 115 62.78 -59.87 65.64
CA ASN KF 115 61.53 -60.55 65.92
C ASN KF 115 60.36 -59.90 65.19
N THR KF 116 60.43 -59.94 63.87
CA THR KF 116 59.45 -59.30 63.01
C THR KF 116 58.30 -60.25 62.74
N LEU KF 117 57.08 -59.81 63.05
CA LEU KF 117 55.90 -60.62 62.76
C LEU KF 117 54.87 -59.78 62.04
N ASN KF 118 54.33 -60.30 60.95
CA ASN KF 118 53.23 -59.64 60.27
C ASN KF 118 52.19 -60.67 59.86
N LEU KF 119 50.98 -60.51 60.39
CA LEU KF 119 49.79 -61.11 59.81
C LEU KF 119 49.28 -60.13 58.76
N ALA KF 120 49.46 -60.46 57.48
CA ALA KF 120 48.90 -59.63 56.44
C ALA KF 120 47.38 -59.74 56.43
N ASP KF 121 46.87 -60.97 56.53
CA ASP KF 121 45.44 -61.26 56.55
C ASP KF 121 45.28 -62.67 57.09
N ALA KF 122 44.09 -63.23 56.94
CA ALA KF 122 43.92 -64.65 57.19
C ALA KF 122 44.62 -65.46 56.10
N GLN KF 123 44.87 -66.73 56.43
CA GLN KF 123 45.52 -67.74 55.60
C GLN KF 123 46.97 -67.40 55.25
N SER KF 124 47.58 -66.43 55.93
CA SER KF 124 48.93 -66.00 55.57
C SER KF 124 49.54 -65.24 56.73
N ILE KF 125 50.61 -65.78 57.31
CA ILE KF 125 51.43 -65.04 58.26
C ILE KF 125 52.87 -65.12 57.80
N ARG KF 126 53.65 -64.09 58.13
CA ARG KF 126 55.05 -64.01 57.74
C ARG KF 126 55.90 -63.64 58.94
N ILE KF 127 56.99 -64.38 59.15
CA ILE KF 127 57.87 -64.13 60.27
C ILE KF 127 59.25 -63.76 59.73
N SER KF 128 60.06 -63.18 60.62
CA SER KF 128 61.46 -62.89 60.33
C SER KF 128 62.20 -62.79 61.65
N ASP KF 129 63.42 -63.31 61.67
CA ASP KF 129 64.26 -63.16 62.85
C ASP KF 129 64.78 -61.73 62.94
N ARG KF 130 65.54 -61.31 61.94
CA ARG KF 130 66.05 -59.95 61.88
C ARG KF 130 65.83 -59.38 60.49
N THR KF 131 65.92 -58.06 60.41
CA THR KF 131 65.86 -57.37 59.13
C THR KF 131 66.66 -56.10 59.23
N TYR KF 132 67.18 -55.64 58.09
CA TYR KF 132 68.04 -54.48 58.03
C TYR KF 132 67.62 -53.59 56.88
N LYS KF 133 67.69 -52.28 57.12
CA LYS KF 133 67.23 -51.25 56.20
C LYS KF 133 68.26 -50.14 56.10
N VAL KF 134 68.58 -49.75 54.88
CA VAL KF 134 69.37 -48.53 54.66
C VAL KF 134 68.43 -47.33 54.75
N ALA KF 135 68.77 -46.38 55.62
CA ALA KF 135 67.94 -45.19 55.81
C ALA KF 135 68.51 -43.97 55.09
N LYS KF 136 69.76 -43.62 55.38
CA LYS KF 136 70.41 -42.47 54.75
C LYS KF 136 71.64 -42.96 54.00
N GLN KF 137 71.77 -42.54 52.75
CA GLN KF 137 72.87 -42.99 51.92
C GLN KF 137 74.16 -42.28 52.32
N ALA KF 138 75.27 -43.02 52.26
CA ALA KF 138 76.58 -42.42 52.42
C ALA KF 138 76.87 -41.45 51.28
N HIS KF 139 77.49 -40.33 51.62
CA HIS KF 139 77.83 -39.29 50.64
C HIS KF 139 78.94 -38.43 51.21
N PHE KF 140 79.42 -37.49 50.39
CA PHE KF 140 80.47 -36.58 50.82
C PHE KF 140 79.95 -35.60 51.85
N ILE KF 141 80.85 -35.13 52.71
CA ILE KF 141 80.50 -34.20 53.78
C ILE KF 141 81.55 -33.11 53.84
N THR KF 142 81.09 -31.85 53.90
CA THR KF 142 82.03 -30.74 54.00
C THR KF 142 82.55 -30.57 55.42
N THR KF 143 81.66 -30.28 56.35
CA THR KF 143 82.02 -30.11 57.74
C THR KF 143 81.24 -31.11 58.58
N PRO KF 144 81.85 -31.69 59.62
CA PRO KF 144 81.12 -32.65 60.46
C PRO KF 144 79.99 -31.97 61.19
N PRO KF 145 78.91 -32.70 61.47
CA PRO KF 145 77.71 -32.06 62.06
C PRO KF 145 77.90 -31.69 63.52
N THR KF 146 76.82 -31.21 64.14
CA THR KF 146 76.84 -30.91 65.57
C THR KF 146 75.43 -31.02 66.11
N TRP KF 147 75.35 -31.09 67.43
CA TRP KF 147 74.08 -31.26 68.12
C TRP KF 147 73.22 -30.02 68.07
N ARG KF 148 73.79 -28.87 67.74
CA ARG KF 148 72.98 -27.65 67.65
C ARG KF 148 72.06 -27.67 66.45
N GLN KF 149 72.35 -28.50 65.45
CA GLN KF 149 71.44 -28.69 64.32
C GLN KF 149 70.29 -29.61 64.65
N TYR KF 150 70.31 -30.28 65.80
CA TYR KF 150 69.31 -31.28 66.11
C TYR KF 150 68.63 -31.07 67.45
N LEU KF 151 69.18 -30.26 68.34
CA LEU KF 151 68.67 -30.16 69.69
C LEU KF 151 68.42 -28.74 70.15
N TRP KF 152 68.92 -27.73 69.44
CA TRP KF 152 68.69 -26.36 69.87
C TRP KF 152 67.26 -25.95 69.59
N MET KF 153 66.66 -25.25 70.54
CA MET KF 153 65.30 -24.78 70.42
C MET KF 153 65.28 -23.33 70.01
N ASP KF 154 64.28 -22.95 69.23
CA ASP KF 154 64.09 -21.56 68.89
C ASP KF 154 63.55 -20.81 70.10
N TYR KF 155 63.77 -19.50 70.11
CA TYR KF 155 63.22 -18.64 71.16
C TYR KF 155 62.98 -17.26 70.58
N VAL KF 156 61.71 -16.94 70.37
CA VAL KF 156 61.27 -15.57 70.09
C VAL KF 156 60.23 -15.21 71.15
N LYS KF 157 60.46 -14.11 71.86
CA LYS KF 157 59.54 -13.67 72.89
C LYS KF 157 58.44 -12.83 72.24
N PRO KF 158 57.17 -13.18 72.40
CA PRO KF 158 56.10 -12.30 71.94
C PRO KF 158 55.66 -11.35 73.05
N GLU KF 159 55.45 -10.09 72.68
CA GLU KF 159 55.11 -9.04 73.63
C GLU KF 159 53.88 -8.29 73.16
N ALA KF 160 52.84 -9.03 72.78
CA ALA KF 160 51.59 -8.44 72.32
C ALA KF 160 50.42 -9.01 73.11
N PRO KF 161 50.24 -8.57 74.37
CA PRO KF 161 49.05 -9.00 75.13
C PRO KF 161 47.85 -8.13 74.81
N ASN KF 162 46.90 -8.70 74.08
CA ASN KF 162 45.66 -7.97 73.76
C ASN KF 162 44.54 -8.99 73.63
N VAL KF 163 43.62 -8.96 74.59
CA VAL KF 163 42.49 -9.88 74.64
C VAL KF 163 41.21 -9.06 74.60
N THR KF 164 40.31 -9.41 73.69
CA THR KF 164 39.03 -8.70 73.59
C THR KF 164 38.16 -8.95 74.81
N LEU KF 165 38.14 -10.19 75.31
CA LEU KF 165 37.35 -10.53 76.50
C LEU KF 165 38.20 -10.19 77.72
N LEU KF 166 38.18 -8.91 78.10
CA LEU KF 166 38.88 -8.47 79.30
C LEU KF 166 38.17 -9.02 80.53
N PRO KF 167 38.91 -9.37 81.58
CA PRO KF 167 38.26 -9.79 82.82
C PRO KF 167 37.62 -8.62 83.54
N LYS KF 168 36.30 -8.56 83.50
CA LYS KF 168 35.57 -7.43 84.08
C LYS KF 168 35.40 -7.61 85.60
N THR KF 169 34.96 -8.79 86.03
CA THR KF 169 34.64 -9.05 87.42
C THR KF 169 35.70 -9.96 88.04
N LYS KF 170 35.46 -10.27 89.33
CA LYS KF 170 36.41 -11.06 90.10
C LYS KF 170 36.50 -12.50 89.62
N ALA KF 171 35.36 -13.10 89.28
CA ALA KF 171 35.36 -14.47 88.75
C ALA KF 171 35.99 -14.51 87.37
N GLU KF 172 35.82 -13.45 86.58
CA GLU KF 172 36.50 -13.33 85.30
C GLU KF 172 38.01 -13.25 85.49
N LYS KF 173 38.47 -12.52 86.50
CA LYS KF 173 39.89 -12.48 86.82
C LYS KF 173 40.39 -13.83 87.30
N GLU KF 174 39.56 -14.56 88.05
CA GLU KF 174 39.92 -15.90 88.53
C GLU KF 174 40.10 -16.87 87.37
N ILE KF 175 39.13 -16.90 86.45
CA ILE KF 175 39.23 -17.84 85.34
C ILE KF 175 40.32 -17.41 84.37
N TRP KF 176 40.58 -16.10 84.25
CA TRP KF 176 41.71 -15.61 83.44
C TRP KF 176 43.03 -16.08 84.01
N CYS KF 177 43.20 -16.00 85.34
CA CYS KF 177 44.42 -16.45 85.99
C CYS KF 177 44.60 -17.96 85.85
N ILE KF 178 43.55 -18.73 86.13
CA ILE KF 178 43.73 -20.18 86.11
C ILE KF 178 43.87 -20.70 84.68
N TYR KF 179 43.28 -20.03 83.71
CA TYR KF 179 43.43 -20.48 82.33
C TYR KF 179 44.79 -20.09 81.77
N THR KF 180 45.33 -18.96 82.23
CA THR KF 180 46.72 -18.63 81.92
C THR KF 180 47.67 -19.66 82.51
N GLU KF 181 47.38 -20.12 83.74
CA GLU KF 181 48.19 -21.18 84.35
C GLU KF 181 48.09 -22.50 83.58
N ARG KF 182 46.88 -22.82 83.13
CA ARG KF 182 46.66 -24.04 82.33
C ARG KF 182 47.45 -23.99 81.03
N GLY KF 183 47.42 -22.83 80.36
CA GLY KF 183 48.22 -22.65 79.17
C GLY KF 183 49.71 -22.73 79.45
N TRP KF 184 50.13 -22.20 80.61
CA TRP KF 184 51.53 -22.26 81.03
C TRP KF 184 52.00 -23.72 81.14
N LYS KF 185 51.21 -24.55 81.83
CA LYS KF 185 51.55 -25.97 81.99
C LYS KF 185 51.55 -26.69 80.65
N ASN KF 186 50.55 -26.42 79.80
CA ASN KF 186 50.44 -27.15 78.55
C ASN KF 186 51.55 -26.75 77.57
N GLY KF 187 51.94 -25.48 77.56
CA GLY KF 187 53.06 -25.06 76.73
C GLY KF 187 54.37 -25.65 77.18
N ILE KF 188 54.55 -25.78 78.51
CA ILE KF 188 55.73 -26.46 79.05
C ILE KF 188 55.77 -27.92 78.58
N ASP KF 189 54.61 -28.60 78.64
CA ASP KF 189 54.55 -30.00 78.25
C ASP KF 189 54.79 -30.17 76.75
N GLN KF 190 54.29 -29.23 75.94
CA GLN KF 190 54.55 -29.28 74.51
C GLN KF 190 56.02 -29.07 74.21
N ALA KF 191 56.68 -28.17 74.95
CA ALA KF 191 58.12 -27.97 74.79
C ALA KF 191 58.91 -29.22 75.13
N ASN KF 192 58.49 -29.92 76.20
CA ASN KF 192 59.13 -31.17 76.56
C ASN KF 192 58.92 -32.25 75.49
N THR KF 193 57.74 -32.25 74.88
CA THR KF 193 57.46 -33.17 73.78
C THR KF 193 58.36 -32.91 72.59
N ILE KF 194 58.55 -31.63 72.25
CA ILE KF 194 59.43 -31.24 71.15
C ILE KF 194 60.87 -31.67 71.44
N LEU KF 195 61.31 -31.46 72.68
CA LEU KF 195 62.65 -31.88 73.10
C LEU KF 195 62.82 -33.39 73.00
N GLU KF 196 61.79 -34.14 73.41
CA GLU KF 196 61.83 -35.59 73.34
C GLU KF 196 61.93 -36.07 71.90
N GLU KF 197 61.20 -35.42 70.99
CA GLU KF 197 61.28 -35.78 69.58
C GLU KF 197 62.66 -35.49 69.00
N ASN KF 198 63.25 -34.35 69.36
CA ASN KF 198 64.57 -34.00 68.88
C ASN KF 198 65.64 -34.98 69.39
N ILE KF 199 65.50 -35.38 70.66
CA ILE KF 199 66.39 -36.36 71.26
C ILE KF 199 66.28 -37.69 70.52
N ALA KF 200 65.06 -38.10 70.22
CA ALA KF 200 64.84 -39.35 69.48
C ALA KF 200 65.45 -39.29 68.09
N ARG KF 201 65.36 -38.14 67.44
CA ARG KF 201 65.91 -37.99 66.10
C ARG KF 201 67.44 -38.10 66.09
N ILE KF 202 68.09 -37.39 67.02
CA ILE KF 202 69.55 -37.43 67.04
C ILE KF 202 70.05 -38.79 67.53
N LYS KF 203 69.27 -39.46 68.39
CA LYS KF 203 69.58 -40.83 68.78
C LYS KF 203 69.49 -41.77 67.60
N GLU KF 204 68.49 -41.55 66.73
CA GLU KF 204 68.37 -42.36 65.52
C GLU KF 204 69.58 -42.20 64.62
N ASP KF 205 70.05 -40.96 64.48
CA ASP KF 205 71.22 -40.69 63.65
C ASP KF 205 72.47 -41.40 64.20
N PHE KF 206 72.72 -41.25 65.50
CA PHE KF 206 73.91 -41.84 66.10
C PHE KF 206 73.83 -43.36 66.11
N GLY KF 207 72.64 -43.91 66.31
CA GLY KF 207 72.47 -45.35 66.27
C GLY KF 207 72.69 -45.90 64.87
N GLY KF 208 72.26 -45.16 63.85
CA GLY KF 208 72.54 -45.58 62.49
C GLY KF 208 74.03 -45.60 62.17
N MET KF 209 74.75 -44.57 62.65
CA MET KF 209 76.19 -44.53 62.44
C MET KF 209 76.90 -45.69 63.12
N ILE KF 210 76.54 -45.96 64.38
CA ILE KF 210 77.24 -47.00 65.11
C ILE KF 210 76.83 -48.38 64.60
N LEU KF 211 75.63 -48.51 64.05
CA LEU KF 211 75.23 -49.77 63.45
C LEU KF 211 75.98 -50.02 62.16
N TYR KF 212 76.23 -48.96 61.38
CA TYR KF 212 77.05 -49.10 60.18
C TYR KF 212 78.46 -49.53 60.53
N ARG KF 213 79.03 -48.94 61.58
CA ARG KF 213 80.37 -49.34 62.01
C ARG KF 213 80.38 -50.79 62.48
N LYS KF 214 79.33 -51.18 63.21
CA LYS KF 214 79.20 -52.55 63.72
C LYS KF 214 79.13 -53.56 62.58
N LEU KF 215 78.33 -53.27 61.57
CA LEU KF 215 78.18 -54.23 60.48
C LEU KF 215 79.39 -54.22 59.55
N LEU KF 216 80.07 -53.08 59.43
CA LEU KF 216 81.30 -53.04 58.66
C LEU KF 216 82.40 -53.85 59.34
N ALA KF 217 82.41 -53.83 60.67
CA ALA KF 217 83.27 -54.76 61.40
C ALA KF 217 82.81 -56.20 61.22
N MET KF 218 81.49 -56.40 61.14
CA MET KF 218 80.91 -57.72 61.03
C MET KF 218 81.03 -58.33 59.63
N ASN KF 219 81.52 -57.55 58.66
CA ASN KF 219 81.56 -57.91 57.24
C ASN KF 219 80.14 -58.20 56.73
N MET KF 220 79.29 -57.19 56.88
CA MET KF 220 77.94 -57.22 56.34
C MET KF 220 77.70 -56.15 55.30
N VAL KF 221 78.50 -55.09 55.26
CA VAL KF 221 78.36 -54.03 54.28
C VAL KF 221 79.65 -53.89 53.50
N SER KF 222 79.53 -53.86 52.19
CA SER KF 222 80.66 -53.56 51.33
C SER KF 222 81.08 -52.11 51.56
N PRO KF 223 82.36 -51.84 51.81
CA PRO KF 223 82.81 -50.47 51.94
C PRO KF 223 82.70 -49.75 50.60
N PRO KF 224 82.46 -48.44 50.61
CA PRO KF 224 82.34 -47.71 49.35
C PRO KF 224 83.66 -47.62 48.63
N TYR KF 225 83.59 -47.67 47.30
CA TYR KF 225 84.75 -47.51 46.45
C TYR KF 225 84.70 -46.14 45.80
N VAL KF 226 85.85 -45.48 45.71
CA VAL KF 226 85.92 -44.09 45.30
C VAL KF 226 87.17 -43.90 44.44
N SER KF 227 87.00 -43.31 43.27
CA SER KF 227 88.10 -43.05 42.37
C SER KF 227 88.47 -41.58 42.38
N HIS KF 228 89.72 -41.31 41.98
CA HIS KF 228 90.24 -39.97 41.82
C HIS KF 228 90.93 -39.87 40.46
N THR KF 229 90.49 -38.89 39.68
CA THR KF 229 91.10 -38.57 38.40
C THR KF 229 92.04 -37.39 38.58
N ASP KF 230 93.29 -37.57 38.16
CA ASP KF 230 94.35 -36.64 38.46
C ASP KF 230 94.89 -36.06 37.16
N LEU KF 231 94.80 -34.74 37.01
CA LEU KF 231 95.42 -34.01 35.91
C LEU KF 231 96.41 -33.02 36.49
N GLY KF 232 97.47 -32.76 35.75
CA GLY KF 232 98.51 -31.88 36.23
C GLY KF 232 98.18 -30.43 35.98
N VAL KF 233 99.06 -29.72 35.29
CA VAL KF 233 98.78 -28.36 34.87
C VAL KF 233 97.63 -28.37 33.87
N THR KF 234 96.76 -27.38 33.97
CA THR KF 234 95.59 -27.28 33.11
C THR KF 234 95.15 -25.84 33.03
N GLY KF 235 94.37 -25.54 32.00
CA GLY KF 235 93.83 -24.21 31.79
C GLY KF 235 94.34 -23.57 30.52
N ASP KF 236 93.69 -22.47 30.16
CA ASP KF 236 94.03 -21.74 28.95
C ASP KF 236 95.17 -20.76 29.24
N GLY KF 237 95.46 -19.89 28.28
CA GLY KF 237 96.50 -18.89 28.47
C GLY KF 237 96.12 -17.74 29.38
N SER KF 238 94.86 -17.65 29.80
CA SER KF 238 94.39 -16.60 30.70
C SER KF 238 94.08 -17.10 32.09
N GLU KF 239 93.54 -18.32 32.21
CA GLU KF 239 93.22 -18.93 33.48
C GLU KF 239 93.88 -20.30 33.54
N ILE KF 240 94.46 -20.64 34.68
CA ILE KF 240 95.10 -21.93 34.85
C ILE KF 240 94.88 -22.47 36.26
N HIS KF 241 94.88 -23.79 36.35
CA HIS KF 241 94.93 -24.52 37.60
C HIS KF 241 96.16 -25.42 37.57
N ILE KF 242 96.74 -25.64 38.75
CA ILE KF 242 98.03 -26.32 38.82
C ILE KF 242 97.87 -27.83 38.77
N ASP KF 243 97.21 -28.39 39.79
CA ASP KF 243 97.10 -29.84 39.93
C ASP KF 243 95.64 -30.17 40.24
N ASP KF 244 94.88 -30.49 39.20
CA ASP KF 244 93.47 -30.81 39.37
C ASP KF 244 93.32 -32.25 39.82
N ARG KF 245 92.62 -32.46 40.93
CA ARG KF 245 92.30 -33.80 41.39
C ARG KF 245 90.81 -33.84 41.67
N VAL KF 246 90.11 -34.77 41.02
CA VAL KF 246 88.67 -34.89 41.16
C VAL KF 246 88.38 -36.24 41.81
N LEU KF 247 87.65 -36.21 42.92
CA LEU KF 247 87.27 -37.42 43.63
C LEU KF 247 85.78 -37.65 43.47
N ARG KF 248 85.42 -38.81 42.95
CA ARG KF 248 84.03 -39.24 42.86
C ARG KF 248 83.94 -40.66 43.36
N ILE KF 249 82.94 -40.93 44.19
CA ILE KF 249 82.70 -42.31 44.60
C ILE KF 249 81.94 -43.01 43.49
N THR KF 250 82.27 -44.28 43.27
CA THR KF 250 81.65 -45.08 42.23
C THR KF 250 80.86 -46.25 42.75
N ALA KF 251 80.97 -46.57 44.04
CA ALA KF 251 80.23 -47.67 44.64
C ALA KF 251 79.59 -47.17 45.92
N LEU KF 252 78.26 -47.13 45.93
CA LEU KF 252 77.55 -46.89 47.17
C LEU KF 252 77.71 -48.09 48.10
N PRO KF 253 77.75 -47.86 49.41
CA PRO KF 253 77.78 -48.99 50.34
C PRO KF 253 76.48 -49.78 50.29
N GLU KF 254 76.61 -51.10 50.33
CA GLU KF 254 75.44 -51.97 50.26
C GLU KF 254 75.74 -53.25 51.01
N LEU KF 255 74.68 -53.89 51.47
CA LEU KF 255 74.82 -55.09 52.28
C LEU KF 255 75.11 -56.29 51.39
N ASN KF 256 75.97 -57.18 51.89
CA ASN KF 256 76.23 -58.43 51.18
C ASN KF 256 75.03 -59.35 51.30
N VAL KF 257 74.96 -60.32 50.39
CA VAL KF 257 73.89 -61.31 50.43
C VAL KF 257 74.41 -62.72 50.63
N ASN KF 258 75.64 -63.02 50.25
CA ASN KF 258 76.18 -64.36 50.43
C ASN KF 258 76.71 -64.48 51.85
N SER KF 259 75.96 -65.17 52.70
CA SER KF 259 76.28 -65.23 54.12
C SER KF 259 77.45 -66.16 54.43
N ALA KF 260 77.96 -66.90 53.44
CA ALA KF 260 79.14 -67.71 53.66
C ALA KF 260 80.39 -66.86 53.91
N GLU KF 261 80.39 -65.61 53.45
CA GLU KF 261 81.51 -64.71 53.66
C GLU KF 261 81.35 -63.89 54.94
N TRP KF 262 80.32 -64.17 55.73
CA TRP KF 262 80.09 -63.42 56.95
C TRP KF 262 81.11 -63.79 58.02
N ARG KF 263 81.43 -62.82 58.86
CA ARG KF 263 82.34 -63.02 59.97
C ARG KF 263 81.57 -62.85 61.27
N ALA KF 264 81.74 -63.80 62.18
CA ALA KF 264 81.00 -63.80 63.44
C ALA KF 264 81.79 -63.06 64.51
N ALA KF 265 81.39 -63.21 65.77
CA ALA KF 265 82.06 -62.58 66.89
C ALA KF 265 82.08 -63.54 68.07
N VAL KF 266 82.98 -63.27 69.01
CA VAL KF 266 83.18 -64.10 70.19
C VAL KF 266 83.68 -63.18 71.30
N ALA KF 267 83.72 -63.69 72.53
CA ALA KF 267 84.25 -62.90 73.63
C ALA KF 267 84.93 -63.83 74.63
N LYS KF 268 85.31 -63.28 75.77
CA LYS KF 268 85.95 -64.05 76.84
C LYS KF 268 85.51 -63.54 78.21
N LYS LF 60 59.92 13.25 62.56
CA LYS LF 60 60.12 11.90 63.08
C LYS LF 60 61.30 11.23 62.38
N GLU LF 61 61.03 10.62 61.23
CA GLU LF 61 62.08 10.04 60.40
C GLU LF 61 62.92 11.10 59.69
N THR LF 62 62.42 12.33 59.65
CA THR LF 62 63.17 13.43 59.07
C THR LF 62 64.45 13.69 59.86
N ALA LF 63 64.37 13.56 61.19
CA ALA LF 63 65.56 13.68 62.03
C ALA LF 63 66.56 12.59 61.73
N LEU LF 64 66.08 11.36 61.45
CA LEU LF 64 66.96 10.26 61.06
C LEU LF 64 67.67 10.58 59.76
N SER LF 65 66.92 11.10 58.78
CA SER LF 65 67.51 11.42 57.48
C SER LF 65 68.56 12.52 57.60
N VAL LF 66 68.25 13.58 58.34
CA VAL LF 66 69.20 14.69 58.42
C VAL LF 66 70.39 14.32 59.31
N GLY LF 67 70.19 13.43 60.29
CA GLY LF 67 71.32 12.95 61.07
C GLY LF 67 72.25 12.09 60.25
N ALA LF 68 71.69 11.24 59.38
CA ALA LF 68 72.50 10.45 58.47
C ALA LF 68 73.30 11.34 57.52
N GLN LF 69 72.65 12.36 56.96
CA GLN LF 69 73.33 13.27 56.03
C GLN LF 69 74.43 14.06 56.74
N ALA LF 70 74.14 14.58 57.93
CA ALA LF 70 75.13 15.38 58.66
C ALA LF 70 76.32 14.53 59.10
N GLY LF 71 76.06 13.32 59.58
CA GLY LF 71 77.14 12.45 60.00
C GLY LF 71 78.02 12.02 58.84
N LEU LF 72 77.40 11.67 57.71
CA LEU LF 72 78.15 11.29 56.52
C LEU LF 72 79.00 12.45 56.01
N ALA LF 73 78.41 13.65 55.99
CA ALA LF 73 79.14 14.82 55.51
C ALA LF 73 80.32 15.16 56.41
N TRP LF 74 80.11 15.11 57.73
CA TRP LF 74 81.15 15.49 58.66
C TRP LF 74 82.29 14.49 58.65
N ARG LF 75 81.97 13.20 58.66
CA ARG LF 75 83.01 12.18 58.65
C ARG LF 75 83.75 12.18 57.33
N ALA LF 76 83.05 12.43 56.22
CA ALA LF 76 83.70 12.52 54.92
C ALA LF 76 84.66 13.69 54.85
N LYS LF 77 84.27 14.85 55.39
CA LYS LF 77 85.17 16.00 55.41
C LYS LF 77 86.38 15.74 56.29
N ILE LF 78 86.17 15.08 57.44
CA ILE LF 78 87.27 14.77 58.35
C ILE LF 78 88.28 13.84 57.69
N ILE LF 79 87.80 12.79 57.04
CA ILE LF 79 88.74 11.85 56.46
C ILE LF 79 89.36 12.41 55.18
N ASP LF 80 88.67 13.30 54.48
CA ASP LF 80 89.26 13.91 53.30
C ASP LF 80 90.37 14.89 53.67
N GLU LF 81 90.15 15.68 54.73
CA GLU LF 81 91.22 16.58 55.15
C GLU LF 81 92.36 15.82 55.82
N GLN LF 82 92.07 14.67 56.44
CA GLN LF 82 93.16 13.84 56.95
C GLN LF 82 93.95 13.21 55.83
N LEU LF 83 93.28 12.80 54.76
CA LEU LF 83 93.96 12.26 53.59
C LEU LF 83 94.81 13.32 52.92
N ASN LF 84 94.32 14.56 52.85
CA ASN LF 84 95.12 15.63 52.28
C ASN LF 84 96.26 16.02 53.20
N LYS LF 85 96.08 15.88 54.51
CA LYS LF 85 97.17 16.18 55.45
C LYS LF 85 98.29 15.15 55.34
N GLN LF 86 97.93 13.87 55.37
CA GLN LF 86 98.91 12.81 55.14
C GLN LF 86 99.04 12.62 53.64
N ALA LF 87 99.81 13.51 53.02
CA ALA LF 87 99.82 13.61 51.57
C ALA LF 87 100.96 12.82 50.91
N ARG LF 88 102.21 13.18 51.21
CA ARG LF 88 103.31 12.81 50.34
C ARG LF 88 103.68 11.33 50.44
N ASN LF 89 103.43 10.72 51.59
CA ASN LF 89 103.75 9.31 51.75
C ASN LF 89 102.82 8.43 50.95
N LEU LF 90 101.63 8.93 50.58
CA LEU LF 90 100.72 8.17 49.74
C LEU LF 90 101.28 7.99 48.34
N ASP LF 91 101.75 9.07 47.72
CA ASP LF 91 102.42 8.94 46.43
C ASP LF 91 103.76 8.22 46.57
N ALA LF 92 104.42 8.39 47.71
CA ALA LF 92 105.68 7.70 47.96
C ALA LF 92 105.50 6.19 47.98
N ILE LF 93 104.41 5.70 48.58
CA ILE LF 93 104.19 4.26 48.57
C ILE LF 93 103.50 3.79 47.29
N TYR LF 94 102.82 4.67 46.57
CA TYR LF 94 102.05 4.25 45.41
C TYR LF 94 102.52 4.93 44.13
N ASP LF 95 103.83 5.10 44.02
CA ASP LF 95 104.45 5.30 42.72
C ASP LF 95 104.07 4.16 41.79
N PHE LF 96 103.75 4.51 40.55
CA PHE LF 96 103.37 3.53 39.54
C PHE LF 96 104.35 3.44 38.40
N ASN LF 97 104.98 4.55 38.02
CA ASN LF 97 105.80 4.59 36.81
C ASN LF 97 107.08 3.79 36.94
N SER LF 98 107.52 3.49 38.17
CA SER LF 98 108.60 2.54 38.35
C SER LF 98 108.20 1.14 37.90
N LEU LF 99 106.97 0.73 38.22
CA LEU LF 99 106.50 -0.57 37.80
C LEU LF 99 105.97 -0.56 36.38
N VAL LF 100 105.71 0.62 35.83
CA VAL LF 100 105.27 0.73 34.44
C VAL LF 100 106.42 0.31 33.52
N LEU LF 101 106.08 -0.50 32.52
CA LEU LF 101 107.07 -1.15 31.67
C LEU LF 101 107.67 -0.16 30.67
N GLU LF 102 108.42 -0.68 29.70
CA GLU LF 102 109.24 0.14 28.82
C GLU LF 102 108.38 0.97 27.86
N HIS LF 103 107.39 0.35 27.25
CA HIS LF 103 106.66 0.98 26.16
C HIS LF 103 105.49 1.83 26.64
N ASN LF 104 105.54 2.27 27.91
CA ASN LF 104 104.51 3.09 28.55
C ASN LF 104 103.14 2.42 28.50
N ILE LF 105 103.15 1.11 28.67
CA ILE LF 105 101.94 0.30 28.70
C ILE LF 105 101.75 -0.17 30.13
N LEU LF 106 100.54 -0.01 30.66
CA LEU LF 106 100.23 -0.48 32.00
C LEU LF 106 100.33 -2.00 32.05
N PRO LF 107 101.09 -2.56 32.99
CA PRO LF 107 101.13 -4.01 33.13
C PRO LF 107 99.80 -4.55 33.60
N PRO LF 108 99.44 -5.76 33.19
CA PRO LF 108 98.11 -6.29 33.54
C PRO LF 108 98.09 -6.80 34.98
N VAL LF 109 96.90 -7.17 35.42
CA VAL LF 109 96.66 -7.58 36.79
C VAL LF 109 96.25 -9.04 36.80
N LEU LF 110 96.87 -9.83 37.66
CA LEU LF 110 96.50 -11.22 37.84
C LEU LF 110 96.16 -11.49 39.29
N LEU LF 111 95.39 -12.55 39.48
CA LEU LF 111 94.99 -13.01 40.81
C LEU LF 111 95.47 -14.45 40.98
N GLU LF 112 96.10 -14.70 42.13
CA GLU LF 112 96.56 -16.03 42.48
C GLU LF 112 95.76 -16.53 43.68
N GLY LF 113 95.16 -17.70 43.53
CA GLY LF 113 94.50 -18.37 44.62
C GLY LF 113 95.21 -19.67 44.91
N ARG LF 114 95.13 -20.13 46.16
CA ARG LF 114 95.75 -21.39 46.52
C ARG LF 114 94.81 -22.23 47.36
N ASN LF 115 94.97 -23.55 47.24
CA ASN LF 115 94.23 -24.57 47.99
C ASN LF 115 92.72 -24.43 47.78
N THR LF 116 92.30 -24.64 46.53
CA THR LF 116 90.92 -24.42 46.16
C THR LF 116 90.18 -25.75 46.08
N LEU LF 117 88.95 -25.76 46.61
CA LEU LF 117 88.15 -26.97 46.61
C LEU LF 117 86.69 -26.62 46.42
N ASN LF 118 86.03 -27.30 45.49
CA ASN LF 118 84.60 -27.14 45.30
C ASN LF 118 83.95 -28.51 45.32
N LEU LF 119 82.88 -28.63 46.09
CA LEU LF 119 82.00 -29.78 46.03
C LEU LF 119 80.89 -29.47 45.03
N ALA LF 120 80.82 -30.26 43.96
CA ALA LF 120 79.74 -30.05 42.99
C ALA LF 120 78.42 -30.51 43.56
N ASP LF 121 78.38 -31.75 44.03
CA ASP LF 121 77.25 -32.31 44.75
C ASP LF 121 77.79 -33.48 45.56
N ALA LF 122 76.91 -34.36 46.02
CA ALA LF 122 77.34 -35.60 46.63
C ALA LF 122 78.10 -36.45 45.62
N GLN LF 123 79.13 -37.14 46.13
CA GLN LF 123 80.02 -38.01 45.35
C GLN LF 123 80.74 -37.26 44.22
N SER LF 124 81.04 -35.98 44.42
CA SER LF 124 81.69 -35.18 43.39
C SER LF 124 82.41 -34.00 44.04
N ILE LF 125 83.73 -34.10 44.17
CA ILE LF 125 84.53 -32.97 44.63
C ILE LF 125 85.71 -32.77 43.70
N ARG LF 126 86.18 -31.53 43.63
CA ARG LF 126 87.31 -31.18 42.79
C ARG LF 126 88.20 -30.20 43.55
N ILE LF 127 89.49 -30.51 43.62
CA ILE LF 127 90.43 -29.73 44.41
C ILE LF 127 91.68 -29.48 43.59
N SER LF 128 92.16 -28.23 43.61
CA SER LF 128 93.41 -27.86 42.98
C SER LF 128 94.31 -27.17 43.98
N ASP LF 129 95.61 -27.23 43.70
CA ASP LF 129 96.60 -26.61 44.58
C ASP LF 129 96.56 -25.09 44.44
N ARG LF 130 96.80 -24.58 43.23
CA ARG LF 130 96.74 -23.15 42.99
C ARG LF 130 96.04 -22.88 41.67
N THR LF 131 95.51 -21.66 41.56
CA THR LF 131 94.90 -21.15 40.35
C THR LF 131 95.44 -19.76 40.08
N TYR LF 132 95.52 -19.40 38.79
CA TYR LF 132 95.97 -18.09 38.37
C TYR LF 132 95.01 -17.56 37.31
N LYS LF 133 94.61 -16.31 37.46
CA LYS LF 133 93.58 -15.70 36.62
C LYS LF 133 94.06 -14.35 36.14
N VAL LF 134 93.89 -14.07 34.85
CA VAL LF 134 94.08 -12.71 34.34
C VAL LF 134 92.81 -11.92 34.61
N ALA LF 135 92.93 -10.83 35.36
CA ALA LF 135 91.76 -10.00 35.65
C ALA LF 135 91.48 -9.01 34.52
N LYS LF 136 92.41 -8.10 34.28
CA LYS LF 136 92.26 -7.09 33.24
C LYS LF 136 93.49 -7.14 32.33
N GLN LF 137 93.25 -6.97 31.04
CA GLN LF 137 94.33 -7.01 30.07
C GLN LF 137 95.20 -5.75 30.16
N ALA LF 138 96.47 -5.91 29.80
CA ALA LF 138 97.37 -4.77 29.68
C ALA LF 138 96.90 -3.83 28.58
N HIS LF 139 97.18 -2.54 28.76
CA HIS LF 139 96.78 -1.55 27.77
C HIS LF 139 97.70 -0.34 27.87
N PHE LF 140 97.69 0.47 26.82
CA PHE LF 140 98.45 1.70 26.78
C PHE LF 140 97.85 2.73 27.72
N ILE LF 141 98.65 3.75 28.04
CA ILE LF 141 98.21 4.83 28.91
C ILE LF 141 99.03 6.06 28.59
N THR LF 142 98.51 7.23 28.95
CA THR LF 142 99.26 8.47 28.80
C THR LF 142 99.97 8.84 30.09
N THR LF 143 99.34 8.61 31.23
CA THR LF 143 99.88 8.98 32.52
C THR LF 143 99.69 7.83 33.48
N PRO LF 144 100.63 7.64 34.41
CA PRO LF 144 100.41 6.67 35.48
C PRO LF 144 99.29 7.13 36.40
N PRO LF 145 98.48 6.22 36.92
CA PRO LF 145 97.40 6.61 37.82
C PRO LF 145 97.89 7.08 39.19
N THR LF 146 96.96 7.39 40.08
CA THR LF 146 97.29 7.84 41.42
C THR LF 146 96.18 7.42 42.37
N TRP LF 147 96.28 7.87 43.62
CA TRP LF 147 95.24 7.61 44.61
C TRP LF 147 93.99 8.43 44.40
N ARG LF 148 94.05 9.41 43.49
CA ARG LF 148 92.97 10.39 43.32
C ARG LF 148 91.68 9.72 42.87
N GLN LF 149 91.78 8.72 42.00
CA GLN LF 149 90.63 7.94 41.57
C GLN LF 149 90.44 6.68 42.38
N TYR LF 150 91.06 6.58 43.56
CA TYR LF 150 90.96 5.34 44.31
C TYR LF 150 90.55 5.53 45.76
N LEU LF 151 90.89 6.65 46.37
CA LEU LF 151 90.66 6.81 47.79
C LEU LF 151 89.81 8.00 48.16
N TRP LF 152 89.87 9.08 47.39
CA TRP LF 152 89.11 10.27 47.70
C TRP LF 152 87.63 10.03 47.44
N MET LF 153 86.79 10.65 48.27
CA MET LF 153 85.35 10.52 48.15
C MET LF 153 84.71 11.90 48.00
N ASP LF 154 83.47 11.89 47.51
CA ASP LF 154 82.75 13.12 47.25
C ASP LF 154 82.40 13.83 48.55
N TYR LF 155 82.56 15.15 48.56
CA TYR LF 155 82.12 15.97 49.68
C TYR LF 155 81.33 17.15 49.17
N VAL LF 156 80.12 17.32 49.71
CA VAL LF 156 79.34 18.54 49.62
C VAL LF 156 78.85 18.84 51.01
N LYS LF 157 78.31 20.04 51.19
CA LYS LF 157 77.69 20.37 52.46
C LYS LF 157 76.18 20.37 52.27
N PRO LF 158 75.46 19.40 52.83
CA PRO LF 158 74.00 19.47 52.80
C PRO LF 158 73.51 20.55 53.75
N GLU LF 159 73.10 21.67 53.18
CA GLU LF 159 72.77 22.86 53.95
C GLU LF 159 71.36 23.31 53.64
N ALA LF 160 70.46 22.36 53.40
CA ALA LF 160 69.07 22.66 53.07
C ALA LF 160 68.13 21.89 54.01
N PRO LF 161 68.03 22.30 55.28
CA PRO LF 161 67.01 21.71 56.14
C PRO LF 161 65.67 22.38 55.92
N ASN LF 162 64.74 21.72 55.23
CA ASN LF 162 63.41 22.26 55.00
C ASN LF 162 62.56 21.78 56.16
N VAL LF 163 62.70 22.46 57.29
CA VAL LF 163 62.05 22.03 58.53
C VAL LF 163 60.68 22.68 58.61
N THR LF 164 59.65 21.85 58.59
CA THR LF 164 58.32 22.21 59.00
C THR LF 164 57.81 21.35 60.14
N LEU LF 165 58.42 20.19 60.37
CA LEU LF 165 58.21 19.40 61.58
C LEU LF 165 59.17 19.93 62.66
N LEU LF 166 58.87 21.14 63.12
CA LEU LF 166 59.70 21.78 64.13
C LEU LF 166 59.46 21.13 65.49
N PRO LF 167 60.51 20.96 66.29
CA PRO LF 167 60.31 20.51 67.69
C PRO LF 167 59.86 21.68 68.55
N LYS LF 168 58.69 21.55 69.17
CA LYS LF 168 58.17 22.56 70.07
C LYS LF 168 58.15 22.09 71.51
N THR LF 169 57.82 20.82 71.73
CA THR LF 169 57.90 20.26 73.07
C THR LF 169 59.25 19.59 73.28
N LYS LF 170 59.60 19.41 74.56
CA LYS LF 170 60.91 18.88 74.93
C LYS LF 170 61.08 17.44 74.49
N ALA LF 171 59.99 16.67 74.44
CA ALA LF 171 60.05 15.32 73.90
C ALA LF 171 60.44 15.34 72.43
N GLU LF 172 59.88 16.29 71.66
CA GLU LF 172 60.26 16.44 70.27
C GLU LF 172 61.71 16.87 70.13
N LYS LF 173 62.16 17.76 71.03
CA LYS LF 173 63.55 18.20 71.01
C LYS LF 173 64.51 17.05 71.29
N GLU LF 174 64.19 16.20 72.28
CA GLU LF 174 65.11 15.13 72.62
C GLU LF 174 65.05 13.99 71.61
N ILE LF 175 63.90 13.73 70.99
CA ILE LF 175 63.92 12.71 69.95
C ILE LF 175 64.63 13.24 68.70
N TRP LF 176 64.55 14.55 68.45
CA TRP LF 176 65.36 15.17 67.41
C TRP LF 176 66.84 14.99 67.70
N CYS LF 177 67.24 15.18 68.96
CA CYS LF 177 68.63 15.00 69.38
C CYS LF 177 69.10 13.56 69.19
N ILE LF 178 68.33 12.60 69.73
CA ILE LF 178 68.81 11.22 69.72
C ILE LF 178 68.75 10.62 68.32
N TYR LF 179 67.76 11.02 67.50
CA TYR LF 179 67.69 10.49 66.15
C TYR LF 179 68.75 11.10 65.27
N THR LF 180 69.07 12.38 65.49
CA THR LF 180 70.19 13.00 64.79
C THR LF 180 71.50 12.36 65.17
N GLU LF 181 71.67 11.98 66.45
CA GLU LF 181 72.93 11.39 66.87
C GLU LF 181 73.07 9.96 66.37
N ARG LF 182 71.98 9.19 66.35
CA ARG LF 182 72.11 7.84 65.81
C ARG LF 182 72.30 7.87 64.30
N GLY LF 183 71.70 8.85 63.61
CA GLY LF 183 72.01 9.02 62.19
C GLY LF 183 73.44 9.46 61.95
N TRP LF 184 73.98 10.29 62.85
CA TRP LF 184 75.38 10.69 62.83
C TRP LF 184 76.28 9.47 62.90
N LYS LF 185 75.98 8.56 63.83
CA LYS LF 185 76.74 7.32 63.97
C LYS LF 185 76.61 6.43 62.73
N ASN LF 186 75.40 6.32 62.18
CA ASN LF 186 75.19 5.47 61.00
C ASN LF 186 75.94 6.01 59.78
N GLY LF 187 75.93 7.33 59.59
CA GLY LF 187 76.68 7.91 58.50
C GLY LF 187 78.18 7.75 58.67
N ILE LF 188 78.65 7.81 59.92
CA ILE LF 188 80.07 7.56 60.21
C ILE LF 188 80.44 6.14 59.82
N ASP LF 189 79.59 5.17 60.18
CA ASP LF 189 79.86 3.77 59.87
C ASP LF 189 79.84 3.53 58.37
N GLN LF 190 78.90 4.17 57.67
CA GLN LF 190 78.81 4.04 56.22
C GLN LF 190 80.06 4.60 55.55
N ALA LF 191 80.53 5.76 56.00
CA ALA LF 191 81.73 6.36 55.44
C ALA LF 191 82.96 5.49 55.69
N ASN LF 192 83.06 4.91 56.89
CA ASN LF 192 84.18 4.05 57.21
C ASN LF 192 84.19 2.79 56.35
N THR LF 193 83.02 2.20 56.12
CA THR LF 193 82.96 1.01 55.27
C THR LF 193 83.27 1.35 53.81
N ILE LF 194 82.85 2.53 53.35
CA ILE LF 194 83.14 2.96 51.99
C ILE LF 194 84.65 3.14 51.81
N LEU LF 195 85.30 3.78 52.78
CA LEU LF 195 86.75 3.95 52.72
C LEU LF 195 87.47 2.61 52.77
N GLU LF 196 86.96 1.68 53.58
CA GLU LF 196 87.53 0.34 53.66
C GLU LF 196 87.45 -0.40 52.34
N GLU LF 197 86.31 -0.28 51.65
CA GLU LF 197 86.16 -0.93 50.35
C GLU LF 197 87.09 -0.31 49.32
N ASN LF 198 87.25 1.02 49.36
CA ASN LF 198 88.15 1.69 48.43
C ASN LF 198 89.60 1.27 48.63
N ILE LF 199 90.05 1.22 49.89
CA ILE LF 199 91.44 0.87 50.15
C ILE LF 199 91.67 -0.61 49.84
N ALA LF 200 90.66 -1.45 50.01
CA ALA LF 200 90.76 -2.85 49.59
C ALA LF 200 90.90 -2.96 48.08
N ARG LF 201 90.17 -2.13 47.34
CA ARG LF 201 90.23 -2.18 45.88
C ARG LF 201 91.60 -1.77 45.36
N ILE LF 202 92.15 -0.68 45.89
CA ILE LF 202 93.45 -0.23 45.40
C ILE LF 202 94.56 -1.18 45.86
N LYS LF 203 94.38 -1.81 47.03
CA LYS LF 203 95.30 -2.87 47.46
C LYS LF 203 95.30 -4.04 46.50
N GLU LF 204 94.11 -4.43 46.04
CA GLU LF 204 93.99 -5.52 45.07
C GLU LF 204 94.67 -5.17 43.75
N ASP LF 205 94.51 -3.93 43.29
CA ASP LF 205 95.13 -3.50 42.04
C ASP LF 205 96.65 -3.52 42.13
N PHE LF 206 97.19 -2.99 43.23
CA PHE LF 206 98.64 -2.96 43.41
C PHE LF 206 99.20 -4.37 43.55
N GLY LF 207 98.48 -5.24 44.26
CA GLY LF 207 98.92 -6.62 44.39
C GLY LF 207 98.92 -7.36 43.07
N GLY LF 208 97.94 -7.04 42.21
CA GLY LF 208 97.96 -7.61 40.86
C GLY LF 208 99.16 -7.17 40.05
N MET LF 209 99.54 -5.89 40.19
CA MET LF 209 100.75 -5.39 39.54
C MET LF 209 102.00 -6.13 40.03
N ILE LF 210 102.10 -6.31 41.34
CA ILE LF 210 103.25 -6.99 41.93
C ILE LF 210 103.30 -8.44 41.49
N LEU LF 211 102.13 -9.09 41.41
CA LEU LF 211 102.06 -10.47 40.96
C LEU LF 211 102.50 -10.62 39.51
N TYR LF 212 102.09 -9.68 38.65
CA TYR LF 212 102.51 -9.75 37.25
C TYR LF 212 104.02 -9.59 37.11
N ARG LF 213 104.60 -8.62 37.84
CA ARG LF 213 106.05 -8.44 37.79
C ARG LF 213 106.78 -9.66 38.31
N LYS LF 214 106.28 -10.25 39.40
CA LYS LF 214 106.94 -11.40 40.01
C LYS LF 214 106.88 -12.63 39.10
N LEU LF 215 105.73 -12.86 38.46
CA LEU LF 215 105.63 -14.03 37.59
C LEU LF 215 106.39 -13.83 36.29
N LEU LF 216 106.48 -12.58 35.81
CA LEU LF 216 107.30 -12.31 34.64
C LEU LF 216 108.77 -12.52 34.96
N ALA LF 217 109.17 -12.21 36.19
CA ALA LF 217 110.51 -12.57 36.64
C ALA LF 217 110.66 -14.09 36.76
N MET LF 218 109.61 -14.77 37.21
CA MET LF 218 109.66 -16.19 37.47
C MET LF 218 109.45 -17.04 36.22
N ASN LF 219 109.26 -16.39 35.07
CA ASN LF 219 109.09 -17.04 33.76
C ASN LF 219 107.85 -17.92 33.77
N MET LF 220 106.71 -17.32 34.13
CA MET LF 220 105.42 -17.96 34.04
C MET LF 220 104.50 -17.30 33.05
N VAL LF 221 104.77 -16.05 32.67
CA VAL LF 221 103.98 -15.34 31.67
C VAL LF 221 104.95 -14.78 30.63
N SER LF 222 104.38 -14.42 29.49
CA SER LF 222 105.17 -13.84 28.43
C SER LF 222 105.08 -12.32 28.48
N PRO LF 223 106.20 -11.63 28.21
CA PRO LF 223 106.12 -10.19 28.02
C PRO LF 223 105.32 -9.87 26.76
N PRO LF 224 104.62 -8.75 26.73
CA PRO LF 224 103.87 -8.39 25.53
C PRO LF 224 104.79 -8.03 24.38
N TYR LF 225 104.42 -8.46 23.19
CA TYR LF 225 105.21 -8.23 21.98
C TYR LF 225 104.56 -7.13 21.16
N VAL LF 226 105.35 -6.11 20.84
CA VAL LF 226 104.85 -4.88 20.24
C VAL LF 226 105.80 -4.45 19.13
N SER LF 227 105.25 -4.19 17.96
CA SER LF 227 106.01 -3.79 16.78
C SER LF 227 105.83 -2.31 16.49
N HIS LF 228 106.82 -1.75 15.81
CA HIS LF 228 106.81 -0.37 15.38
C HIS LF 228 107.24 -0.29 13.92
N THR LF 229 106.68 0.69 13.21
CA THR LF 229 107.03 0.92 11.82
C THR LF 229 107.22 2.42 11.60
N ASP LF 230 108.20 2.75 10.77
CA ASP LF 230 108.56 4.14 10.51
C ASP LF 230 108.25 4.49 9.06
N LEU LF 231 107.57 5.60 8.86
CA LEU LF 231 107.30 6.13 7.54
C LEU LF 231 107.86 7.55 7.46
N GLY LF 232 108.29 7.94 6.27
CA GLY LF 232 108.90 9.25 6.09
C GLY LF 232 107.90 10.37 6.02
N VAL LF 233 108.11 11.29 5.08
CA VAL LF 233 107.18 12.40 4.93
C VAL LF 233 105.89 11.91 4.30
N THR LF 234 104.77 12.49 4.73
CA THR LF 234 103.47 12.03 4.29
C THR LF 234 102.50 13.21 4.24
N GLY LF 235 101.52 13.09 3.37
CA GLY LF 235 100.49 14.10 3.21
C GLY LF 235 100.59 14.79 1.85
N ASP LF 236 99.63 15.68 1.63
CA ASP LF 236 99.50 16.38 0.36
C ASP LF 236 100.33 17.67 0.39
N GLY LF 237 100.09 18.54 -0.57
CA GLY LF 237 100.73 19.84 -0.59
C GLY LF 237 100.17 20.85 0.37
N SER LF 238 99.11 20.50 1.11
CA SER LF 238 98.56 21.36 2.15
C SER LF 238 98.85 20.84 3.55
N GLU LF 239 98.78 19.54 3.77
CA GLU LF 239 99.08 18.92 5.05
C GLU LF 239 100.31 18.04 4.90
N ILE LF 240 101.28 18.21 5.80
CA ILE LF 240 102.46 17.36 5.80
C ILE LF 240 102.78 16.92 7.22
N HIS LF 241 103.17 15.66 7.35
CA HIS LF 241 103.74 15.12 8.57
C HIS LF 241 105.14 14.64 8.25
N ILE LF 242 106.11 15.05 9.07
CA ILE LF 242 107.51 14.78 8.75
C ILE LF 242 107.84 13.30 8.90
N ASP LF 243 107.43 12.71 10.02
CA ASP LF 243 107.61 11.28 10.23
C ASP LF 243 106.28 10.70 10.71
N ASP LF 244 106.06 9.43 10.39
CA ASP LF 244 104.85 8.73 10.80
C ASP LF 244 105.27 7.43 11.47
N ARG LF 245 105.26 7.41 12.79
CA ARG LF 245 105.65 6.23 13.55
C ARG LF 245 104.40 5.53 14.05
N VAL LF 246 104.27 4.25 13.71
CA VAL LF 246 103.10 3.46 14.01
C VAL LF 246 103.50 2.39 15.01
N LEU LF 247 102.81 2.36 16.14
CA LEU LF 247 103.06 1.39 17.19
C LEU LF 247 101.83 0.51 17.34
N ARG LF 248 102.02 -0.79 17.20
CA ARG LF 248 100.95 -1.75 17.43
C ARG LF 248 101.47 -2.83 18.35
N ILE LF 249 100.57 -3.44 19.12
CA ILE LF 249 100.92 -4.55 19.99
C ILE LF 249 100.26 -5.80 19.43
N THR LF 250 101.06 -6.82 19.13
CA THR LF 250 100.53 -8.04 18.57
C THR LF 250 100.14 -9.03 19.66
N ALA LF 251 101.10 -9.39 20.51
CA ALA LF 251 100.91 -10.42 21.51
C ALA LF 251 100.62 -9.79 22.87
N LEU LF 252 99.52 -10.18 23.47
CA LEU LF 252 99.19 -9.82 24.83
C LEU LF 252 100.00 -10.67 25.81
N PRO LF 253 100.17 -10.22 27.05
CA PRO LF 253 100.75 -11.10 28.06
C PRO LF 253 99.81 -12.26 28.39
N GLU LF 254 100.39 -13.45 28.51
CA GLU LF 254 99.62 -14.63 28.85
C GLU LF 254 100.54 -15.65 29.53
N LEU LF 255 99.93 -16.58 30.26
CA LEU LF 255 100.68 -17.58 31.00
C LEU LF 255 101.13 -18.69 30.05
N ASN LF 256 102.16 -19.42 30.49
CA ASN LF 256 102.66 -20.56 29.72
C ASN LF 256 102.19 -21.87 30.36
N VAL LF 257 101.86 -22.84 29.52
CA VAL LF 257 101.45 -24.15 29.98
C VAL LF 257 102.54 -25.19 29.83
N ASN LF 258 103.71 -24.81 29.33
CA ASN LF 258 104.84 -25.71 29.22
C ASN LF 258 105.62 -25.66 30.53
N SER LF 259 105.56 -26.74 31.30
CA SER LF 259 106.04 -26.72 32.67
C SER LF 259 107.56 -26.70 32.77
N ALA LF 260 108.26 -27.17 31.74
CA ALA LF 260 109.70 -27.33 31.83
C ALA LF 260 110.45 -26.00 31.81
N GLU LF 261 109.81 -24.93 31.35
CA GLU LF 261 110.47 -23.64 31.18
C GLU LF 261 110.27 -22.73 32.38
N TRP LF 262 110.09 -23.31 33.56
CA TRP LF 262 109.75 -22.52 34.74
C TRP LF 262 110.94 -22.52 35.69
N ARG LF 263 111.40 -21.32 36.03
CA ARG LF 263 112.59 -21.13 36.85
C ARG LF 263 112.20 -20.47 38.16
N ALA LF 264 112.69 -21.01 39.26
CA ALA LF 264 112.39 -20.50 40.60
C ALA LF 264 113.65 -19.91 41.21
N ALA LF 265 113.51 -19.43 42.45
CA ALA LF 265 114.62 -18.81 43.17
C ALA LF 265 114.57 -19.18 44.63
N VAL LF 266 115.74 -19.17 45.26
CA VAL LF 266 115.93 -19.60 46.64
C VAL LF 266 116.79 -18.58 47.38
N ALA LF 267 116.41 -18.24 48.60
CA ALA LF 267 117.13 -17.24 49.37
C ALA LF 267 118.45 -17.80 49.89
N LYS LF 268 119.12 -17.04 50.74
CA LYS LF 268 120.39 -17.49 51.32
C LYS LF 268 120.54 -17.00 52.75
N LYS MF 60 65.92 41.25 41.42
CA LYS MF 60 67.06 40.46 41.85
C LYS MF 60 67.97 40.19 40.66
N GLU MF 61 67.46 39.39 39.72
CA GLU MF 61 68.19 39.08 38.50
C GLU MF 61 68.20 40.27 37.54
N THR MF 62 67.25 41.19 37.70
CA THR MF 62 67.25 42.42 36.94
C THR MF 62 68.49 43.25 37.22
N ALA MF 63 68.89 43.31 38.49
CA ALA MF 63 70.11 44.01 38.87
C ALA MF 63 71.34 43.36 38.25
N LEU MF 64 71.36 42.03 38.23
CA LEU MF 64 72.46 41.30 37.60
C LEU MF 64 72.55 41.59 36.11
N SER MF 65 71.39 41.64 35.44
CA SER MF 65 71.36 41.88 34.01
C SER MF 65 71.82 43.30 33.67
N VAL MF 66 71.30 44.29 34.41
CA VAL MF 66 71.67 45.67 34.10
C VAL MF 66 73.11 45.95 34.51
N GLY MF 67 73.60 45.29 35.57
CA GLY MF 67 75.01 45.43 35.92
C GLY MF 67 75.91 44.82 34.89
N ALA MF 68 75.51 43.68 34.32
CA ALA MF 68 76.25 43.05 33.24
C ALA MF 68 76.34 43.96 32.02
N GLN MF 69 75.19 44.52 31.61
CA GLN MF 69 75.17 45.37 30.43
C GLN MF 69 75.95 46.67 30.65
N ALA MF 70 75.79 47.29 31.82
CA ALA MF 70 76.45 48.54 32.10
C ALA MF 70 77.97 48.37 32.21
N GLY MF 71 78.41 47.32 32.91
CA GLY MF 71 79.83 47.07 33.02
C GLY MF 71 80.47 46.69 31.69
N LEU MF 72 79.76 45.88 30.89
CA LEU MF 72 80.27 45.49 29.58
C LEU MF 72 80.42 46.70 28.66
N ALA MF 73 79.40 47.56 28.62
CA ALA MF 73 79.45 48.74 27.78
C ALA MF 73 80.50 49.73 28.25
N TRP MF 74 80.63 49.89 29.58
CA TRP MF 74 81.60 50.83 30.13
C TRP MF 74 83.03 50.40 29.84
N ARG MF 75 83.32 49.12 30.06
CA ARG MF 75 84.65 48.59 29.76
C ARG MF 75 84.93 48.61 28.26
N ALA MF 76 83.90 48.37 27.44
CA ALA MF 76 84.05 48.44 25.99
C ALA MF 76 84.41 49.85 25.53
N LYS MF 77 83.73 50.85 26.08
CA LYS MF 77 84.03 52.23 25.70
C LYS MF 77 85.41 52.65 26.17
N ILE MF 78 85.80 52.22 27.38
CA ILE MF 78 87.12 52.55 27.90
C ILE MF 78 88.22 51.90 27.07
N ILE MF 79 88.05 50.64 26.69
CA ILE MF 79 89.09 49.98 25.91
C ILE MF 79 89.11 50.53 24.48
N ASP MF 80 87.98 51.00 23.98
CA ASP MF 80 87.97 51.57 22.64
C ASP MF 80 88.65 52.93 22.61
N GLU MF 81 88.44 53.77 23.64
CA GLU MF 81 89.17 55.04 23.67
C GLU MF 81 90.64 54.83 23.99
N GLN MF 82 90.97 53.75 24.72
CA GLN MF 82 92.37 53.42 24.93
C GLN MF 82 93.04 53.04 23.61
N LEU MF 83 92.32 52.28 22.77
CA LEU MF 83 92.81 51.95 21.44
C LEU MF 83 92.95 53.20 20.57
N ASN MF 84 92.01 54.14 20.72
CA ASN MF 84 92.09 55.38 19.97
C ASN MF 84 93.28 56.22 20.42
N LYS MF 85 93.60 56.17 21.71
CA LYS MF 85 94.77 56.89 22.21
C LYS MF 85 96.06 56.28 21.68
N GLN MF 86 96.21 54.97 21.81
CA GLN MF 86 97.42 54.34 21.32
C GLN MF 86 97.21 54.04 19.83
N ALA MF 87 97.64 54.97 18.99
CA ALA MF 87 97.36 54.83 17.58
C ALA MF 87 98.50 54.18 16.79
N ARG MF 88 99.67 54.82 16.77
CA ARG MF 88 100.64 54.54 15.70
C ARG MF 88 101.40 53.25 15.90
N ASN MF 89 101.57 52.81 17.15
CA ASN MF 89 102.34 51.59 17.39
C ASN MF 89 101.62 50.35 16.87
N LEU MF 90 100.29 50.40 16.78
CA LEU MF 90 99.51 49.28 16.31
C LEU MF 90 99.79 48.98 14.84
N ASP MF 91 99.72 50.01 13.99
CA ASP MF 91 100.12 49.84 12.60
C ASP MF 91 101.61 49.63 12.47
N ALA MF 92 102.40 50.18 13.40
CA ALA MF 92 103.84 50.00 13.37
C ALA MF 92 104.22 48.54 13.53
N ILE MF 93 103.52 47.81 14.40
CA ILE MF 93 103.81 46.38 14.48
C ILE MF 93 103.08 45.62 13.38
N TYR MF 94 101.79 45.87 13.17
CA TYR MF 94 101.04 45.13 12.15
C TYR MF 94 100.93 45.91 10.86
N ASP MF 95 102.06 46.33 10.30
CA ASP MF 95 102.07 46.75 8.90
C ASP MF 95 101.84 45.52 8.05
N PHE MF 96 100.61 45.34 7.58
CA PHE MF 96 100.30 44.23 6.70
C PHE MF 96 100.92 44.41 5.33
N ASN MF 97 101.03 45.66 4.87
CA ASN MF 97 101.39 45.95 3.48
C ASN MF 97 102.84 45.63 3.15
N SER MF 98 103.68 45.35 4.15
CA SER MF 98 105.03 44.91 3.84
C SER MF 98 105.03 43.51 3.24
N LEU MF 99 104.06 42.68 3.62
CA LEU MF 99 104.10 41.26 3.33
C LEU MF 99 103.51 40.91 1.97
N VAL MF 100 103.07 41.89 1.21
CA VAL MF 100 102.43 41.64 -0.09
C VAL MF 100 103.50 41.25 -1.09
N LEU MF 101 103.15 40.32 -1.98
CA LEU MF 101 104.06 39.88 -3.03
C LEU MF 101 103.96 40.82 -4.23
N GLU MF 102 104.52 40.38 -5.37
CA GLU MF 102 104.66 41.27 -6.52
C GLU MF 102 103.33 41.57 -7.18
N HIS MF 103 102.47 40.57 -7.33
CA HIS MF 103 101.22 40.74 -8.06
C HIS MF 103 100.06 41.14 -7.17
N ASN MF 104 100.34 41.86 -6.08
CA ASN MF 104 99.35 42.34 -5.10
C ASN MF 104 98.53 41.18 -4.54
N ILE MF 105 99.20 40.08 -4.26
CA ILE MF 105 98.57 38.84 -3.85
C ILE MF 105 98.83 38.66 -2.35
N LEU MF 106 97.76 38.45 -1.60
CA LEU MF 106 97.87 38.19 -0.18
C LEU MF 106 98.51 36.83 0.04
N PRO MF 107 99.64 36.74 0.74
CA PRO MF 107 100.27 35.45 0.93
C PRO MF 107 99.48 34.58 1.89
N PRO MF 108 99.57 33.26 1.77
CA PRO MF 108 98.73 32.39 2.59
C PRO MF 108 99.21 32.24 4.02
N VAL MF 109 98.57 31.35 4.77
CA VAL MF 109 98.75 31.24 6.21
C VAL MF 109 99.07 29.78 6.55
N LEU MF 110 100.10 29.57 7.37
CA LEU MF 110 100.57 28.25 7.74
C LEU MF 110 100.45 28.02 9.23
N LEU MF 111 100.19 26.77 9.61
CA LEU MF 111 100.09 26.37 11.01
C LEU MF 111 101.04 25.22 11.26
N GLU MF 112 101.59 25.18 12.47
CA GLU MF 112 102.65 24.25 12.83
C GLU MF 112 102.21 23.34 13.96
N GLY MF 113 102.94 22.25 14.13
CA GLY MF 113 102.79 21.37 15.28
C GLY MF 113 104.05 20.57 15.51
N ARG MF 114 104.53 20.53 16.77
CA ARG MF 114 105.78 19.86 17.09
C ARG MF 114 105.54 18.80 18.16
N ASN MF 115 106.08 17.61 17.94
CA ASN MF 115 106.06 16.47 18.85
C ASN MF 115 104.61 16.09 19.21
N THR MF 116 103.89 15.67 18.18
CA THR MF 116 102.48 15.36 18.33
C THR MF 116 102.29 13.85 18.41
N LEU MF 117 101.35 13.44 19.24
CA LEU MF 117 100.99 12.03 19.38
C LEU MF 117 99.49 11.91 19.56
N ASN MF 118 98.87 11.07 18.74
CA ASN MF 118 97.46 10.76 18.84
C ASN MF 118 97.33 9.30 19.24
N LEU MF 119 96.63 9.05 20.34
CA LEU MF 119 96.24 7.70 20.71
C LEU MF 119 94.86 7.43 20.16
N ALA MF 120 94.74 6.43 19.30
CA ALA MF 120 93.42 6.06 18.83
C ALA MF 120 92.70 5.23 19.90
N ASP MF 121 93.30 4.13 20.31
CA ASP MF 121 92.81 3.27 21.36
C ASP MF 121 94.00 2.50 21.88
N ALA MF 122 93.75 1.39 22.58
CA ALA MF 122 94.83 0.47 22.94
C ALA MF 122 95.48 -0.09 21.69
N GLN MF 123 96.80 -0.31 21.79
CA GLN MF 123 97.66 -0.83 20.71
C GLN MF 123 97.62 0.05 19.45
N SER MF 124 97.40 1.36 19.61
CA SER MF 124 97.28 2.24 18.45
C SER MF 124 97.67 3.65 18.85
N ILE MF 125 98.92 4.02 18.56
CA ILE MF 125 99.43 5.37 18.81
C ILE MF 125 100.21 5.82 17.58
N ARG MF 126 99.90 7.03 17.10
CA ARG MF 126 100.55 7.59 15.93
C ARG MF 126 101.25 8.87 16.34
N ILE MF 127 102.56 8.91 16.17
CA ILE MF 127 103.39 10.01 16.66
C ILE MF 127 104.14 10.61 15.47
N SER MF 128 104.01 11.92 15.32
CA SER MF 128 104.83 12.68 14.38
C SER MF 128 105.72 13.64 15.15
N ASP MF 129 106.91 13.87 14.61
CA ASP MF 129 107.79 14.88 15.18
C ASP MF 129 107.25 16.28 14.89
N ARG MF 130 106.85 16.53 13.64
CA ARG MF 130 106.36 17.83 13.23
C ARG MF 130 105.32 17.65 12.13
N THR MF 131 104.41 18.62 12.07
CA THR MF 131 103.34 18.69 11.08
C THR MF 131 103.14 20.15 10.68
N TYR MF 132 102.86 20.36 9.39
CA TYR MF 132 102.53 21.69 8.88
C TYR MF 132 101.26 21.63 8.06
N LYS MF 133 100.44 22.68 8.18
CA LYS MF 133 99.14 22.70 7.53
C LYS MF 133 98.87 24.08 6.94
N VAL MF 134 98.47 24.11 5.68
CA VAL MF 134 97.96 25.33 5.06
C VAL MF 134 96.56 25.60 5.58
N ALA MF 135 96.32 26.81 6.05
CA ALA MF 135 95.00 27.14 6.60
C ALA MF 135 94.07 27.71 5.55
N LYS MF 136 94.44 28.84 4.94
CA LYS MF 136 93.62 29.49 3.93
C LYS MF 136 94.44 29.69 2.68
N GLN MF 137 93.81 29.46 1.53
CA GLN MF 137 94.49 29.64 0.25
C GLN MF 137 94.70 31.12 -0.04
N ALA MF 138 95.82 31.42 -0.68
CA ALA MF 138 96.17 32.78 -1.08
C ALA MF 138 95.17 33.32 -2.09
N HIS MF 139 94.94 34.63 -2.03
CA HIS MF 139 94.00 35.28 -2.93
C HIS MF 139 94.38 36.73 -3.10
N PHE MF 140 93.80 37.37 -4.10
CA PHE MF 140 94.05 38.77 -4.37
C PHE MF 140 93.41 39.65 -3.30
N ILE MF 141 93.83 40.92 -3.28
CA ILE MF 141 93.24 41.92 -2.41
C ILE MF 141 93.44 43.28 -3.04
N THR MF 142 92.60 44.23 -2.66
CA THR MF 142 92.75 45.61 -3.09
C THR MF 142 93.45 46.48 -2.06
N THR MF 143 93.48 46.05 -0.80
CA THR MF 143 94.06 46.86 0.26
C THR MF 143 94.49 45.94 1.39
N PRO MF 144 95.58 46.25 2.09
CA PRO MF 144 95.97 45.42 3.22
C PRO MF 144 95.03 45.60 4.39
N PRO MF 145 94.91 44.62 5.26
CA PRO MF 145 94.17 44.83 6.51
C PRO MF 145 94.96 45.70 7.47
N THR MF 146 94.25 46.18 8.49
CA THR MF 146 94.84 46.94 9.57
C THR MF 146 94.56 46.24 10.91
N TRP MF 147 94.98 46.91 11.98
CA TRP MF 147 94.72 46.44 13.33
C TRP MF 147 93.25 46.59 13.71
N ARG MF 148 92.50 47.39 12.98
CA ARG MF 148 91.15 47.74 13.41
C ARG MF 148 90.17 46.58 13.24
N GLN MF 149 90.37 45.76 12.21
CA GLN MF 149 89.45 44.66 11.94
C GLN MF 149 89.69 43.46 12.84
N TYR MF 150 90.68 43.53 13.72
CA TYR MF 150 90.92 42.51 14.70
C TYR MF 150 91.13 43.06 16.09
N LEU MF 151 91.03 44.36 16.28
CA LEU MF 151 91.22 44.95 17.58
C LEU MF 151 90.05 45.81 18.04
N TRP MF 152 89.46 46.57 17.13
CA TRP MF 152 88.30 47.37 17.48
C TRP MF 152 87.11 46.45 17.72
N MET MF 153 86.26 46.86 18.66
CA MET MF 153 85.06 46.11 18.98
C MET MF 153 83.88 47.05 19.06
N ASP MF 154 82.68 46.47 19.04
CA ASP MF 154 81.44 47.23 18.99
C ASP MF 154 81.22 48.01 20.28
N TYR MF 155 80.53 49.13 20.17
CA TYR MF 155 80.13 49.90 21.33
C TYR MF 155 78.81 50.58 21.04
N VAL MF 156 77.78 50.20 21.80
CA VAL MF 156 76.49 50.89 21.81
C VAL MF 156 76.18 51.19 23.27
N LYS MF 157 75.95 52.45 23.57
CA LYS MF 157 75.64 52.82 24.95
C LYS MF 157 74.17 52.57 25.23
N PRO MF 158 73.83 51.74 26.22
CA PRO MF 158 72.43 51.55 26.58
C PRO MF 158 72.00 52.48 27.70
N GLU MF 159 70.94 53.25 27.42
CA GLU MF 159 70.39 54.18 28.41
C GLU MF 159 68.95 53.83 28.74
N ALA MF 160 68.60 52.55 28.77
CA ALA MF 160 67.23 52.12 29.00
C ALA MF 160 67.19 51.18 30.20
N PRO MF 161 67.15 51.71 31.42
CA PRO MF 161 66.82 50.89 32.58
C PRO MF 161 65.31 50.75 32.70
N ASN MF 162 64.81 49.54 32.45
CA ASN MF 162 63.38 49.30 32.55
C ASN MF 162 62.96 49.38 34.01
N VAL MF 163 62.00 50.25 34.30
CA VAL MF 163 61.63 50.51 35.68
C VAL MF 163 60.63 49.46 36.12
N THR MF 164 61.13 48.29 36.47
CA THR MF 164 60.30 47.16 36.88
C THR MF 164 60.54 46.77 38.33
N LEU MF 165 61.78 46.47 38.70
CA LEU MF 165 62.12 46.11 40.07
C LEU MF 165 62.61 47.36 40.78
N LEU MF 166 61.67 48.25 41.10
CA LEU MF 166 62.01 49.48 41.80
C LEU MF 166 62.20 49.19 43.27
N PRO MF 167 63.35 49.52 43.86
CA PRO MF 167 63.61 49.13 45.24
C PRO MF 167 62.93 50.06 46.25
N LYS MF 168 62.29 49.45 47.25
CA LYS MF 168 61.67 50.18 48.34
C LYS MF 168 62.21 49.81 49.70
N THR MF 169 62.68 48.58 49.90
CA THR MF 169 63.28 48.17 51.15
C THR MF 169 64.77 48.43 51.12
N LYS MF 170 65.34 48.65 52.30
CA LYS MF 170 66.76 48.93 52.42
C LYS MF 170 67.59 47.72 52.03
N ALA MF 171 67.15 46.53 52.46
CA ALA MF 171 67.82 45.30 52.07
C ALA MF 171 67.71 45.05 50.57
N GLU MF 172 66.57 45.43 49.98
CA GLU MF 172 66.41 45.34 48.54
C GLU MF 172 67.38 46.27 47.82
N LYS MF 173 67.57 47.48 48.36
CA LYS MF 173 68.56 48.40 47.80
C LYS MF 173 69.99 47.86 47.93
N GLU MF 174 70.29 47.20 49.06
CA GLU MF 174 71.63 46.66 49.26
C GLU MF 174 71.91 45.48 48.34
N ILE MF 175 70.94 44.57 48.18
CA ILE MF 175 71.15 43.45 47.27
C ILE MF 175 71.16 43.94 45.83
N TRP MF 176 70.43 45.02 45.55
CA TRP MF 176 70.49 45.69 44.25
C TRP MF 176 71.89 46.20 43.97
N CYS MF 177 72.49 46.85 44.98
CA CYS MF 177 73.83 47.41 44.84
C CYS MF 177 74.87 46.31 44.61
N ILE MF 178 74.84 45.26 45.43
CA ILE MF 178 75.87 44.24 45.33
C ILE MF 178 75.67 43.38 44.08
N TYR MF 179 74.42 43.19 43.64
CA TYR MF 179 74.18 42.42 42.43
C TYR MF 179 74.60 43.20 41.19
N THR MF 180 74.35 44.52 41.20
CA THR MF 180 74.84 45.36 40.11
C THR MF 180 76.35 45.42 40.09
N GLU MF 181 76.99 45.39 41.27
CA GLU MF 181 78.44 45.40 41.34
C GLU MF 181 79.05 44.11 40.78
N ARG MF 182 78.49 42.96 41.13
CA ARG MF 182 79.05 41.72 40.60
C ARG MF 182 78.73 41.55 39.12
N GLY MF 183 77.58 42.07 38.65
CA GLY MF 183 77.32 42.09 37.23
C GLY MF 183 78.28 43.00 36.48
N TRP MF 184 78.65 44.12 37.11
CA TRP MF 184 79.67 45.01 36.54
C TRP MF 184 81.00 44.29 36.39
N LYS MF 185 81.36 43.49 37.41
CA LYS MF 185 82.57 42.67 37.33
C LYS MF 185 82.49 41.67 36.19
N ASN MF 186 81.32 41.02 36.05
CA ASN MF 186 81.13 40.03 34.99
C ASN MF 186 81.26 40.64 33.61
N GLY MF 187 80.71 41.84 33.43
CA GLY MF 187 80.85 42.54 32.16
C GLY MF 187 82.29 42.91 31.87
N ILE MF 188 83.03 43.31 32.92
CA ILE MF 188 84.44 43.64 32.74
C ILE MF 188 85.24 42.44 32.27
N ASP MF 189 85.06 41.29 32.93
CA ASP MF 189 85.85 40.13 32.53
C ASP MF 189 85.37 39.56 31.20
N GLN MF 190 84.09 39.75 30.88
CA GLN MF 190 83.58 39.34 29.57
C GLN MF 190 84.22 40.13 28.45
N ALA MF 191 84.35 41.45 28.64
CA ALA MF 191 85.01 42.30 27.65
C ALA MF 191 86.48 41.93 27.51
N ASN MF 192 87.13 41.62 28.64
CA ASN MF 192 88.53 41.19 28.60
C ASN MF 192 88.70 39.89 27.84
N THR MF 193 87.77 38.95 28.03
CA THR MF 193 87.82 37.68 27.32
C THR MF 193 87.65 37.86 25.81
N ILE MF 194 86.72 38.75 25.43
CA ILE MF 194 86.50 39.05 24.01
C ILE MF 194 87.75 39.65 23.39
N LEU MF 195 88.38 40.59 24.10
CA LEU MF 195 89.62 41.19 23.64
C LEU MF 195 90.72 40.14 23.49
N GLU MF 196 90.79 39.21 24.44
CA GLU MF 196 91.78 38.13 24.39
C GLU MF 196 91.61 37.27 23.15
N GLU MF 197 90.35 36.95 22.81
CA GLU MF 197 90.10 36.17 21.60
C GLU MF 197 90.49 36.95 20.35
N ASN MF 198 90.25 38.26 20.34
CA ASN MF 198 90.66 39.09 19.22
C ASN MF 198 92.18 39.09 19.04
N ILE MF 199 92.89 39.21 20.16
CA ILE MF 199 94.36 39.21 20.15
C ILE MF 199 94.89 37.88 19.64
N ALA MF 200 94.29 36.78 20.09
CA ALA MF 200 94.69 35.46 19.63
C ALA MF 200 94.46 35.29 18.14
N ARG MF 201 93.35 35.82 17.64
CA ARG MF 201 93.04 35.72 16.21
C ARG MF 201 94.06 36.48 15.36
N ILE MF 202 94.39 37.71 15.76
CA ILE MF 202 95.33 38.48 14.94
C ILE MF 202 96.74 37.93 15.06
N LYS MF 203 97.10 37.37 16.22
CA LYS MF 203 98.38 36.70 16.35
C LYS MF 203 98.46 35.48 15.45
N GLU MF 204 97.35 34.75 15.33
CA GLU MF 204 97.27 33.61 14.42
C GLU MF 204 97.49 34.04 12.98
N ASP MF 205 96.88 35.15 12.57
CA ASP MF 205 97.01 35.64 11.20
C ASP MF 205 98.45 36.03 10.88
N PHE MF 206 99.06 36.83 11.75
CA PHE MF 206 100.42 37.29 11.48
C PHE MF 206 101.43 36.16 11.56
N GLY MF 207 101.20 35.20 12.46
CA GLY MF 207 102.07 34.04 12.54
C GLY MF 207 102.00 33.18 11.30
N GLY MF 208 100.79 33.01 10.74
CA GLY MF 208 100.67 32.26 9.50
C GLY MF 208 101.35 32.93 8.33
N MET MF 209 101.25 34.26 8.25
CA MET MF 209 101.94 34.99 7.18
C MET MF 209 103.46 34.85 7.29
N ILE MF 210 103.98 35.02 8.51
CA ILE MF 210 105.43 34.93 8.72
C ILE MF 210 105.91 33.51 8.45
N LEU MF 211 105.11 32.51 8.81
CA LEU MF 211 105.50 31.13 8.57
C LEU MF 211 105.49 30.80 7.09
N TYR MF 212 104.56 31.36 6.31
CA TYR MF 212 104.61 31.17 4.86
C TYR MF 212 105.87 31.78 4.27
N ARG MF 213 106.23 32.99 4.73
CA ARG MF 213 107.45 33.63 4.26
C ARG MF 213 108.68 32.79 4.59
N LYS MF 214 108.69 32.19 5.78
CA LYS MF 214 109.85 31.41 6.17
C LYS MF 214 109.93 30.08 5.46
N LEU MF 215 108.78 29.46 5.16
CA LEU MF 215 108.82 28.24 4.37
C LEU MF 215 109.28 28.50 2.94
N LEU MF 216 108.85 29.63 2.36
CA LEU MF 216 109.31 29.98 1.03
C LEU MF 216 110.78 30.34 1.03
N ALA MF 217 111.27 30.94 2.12
CA ALA MF 217 112.69 31.21 2.25
C ALA MF 217 113.48 29.93 2.39
N MET MF 218 113.00 28.97 3.17
CA MET MF 218 113.68 27.72 3.41
C MET MF 218 113.38 26.68 2.35
N ASN MF 219 112.70 27.07 1.27
CA ASN MF 219 112.41 26.23 0.11
C ASN MF 219 111.55 25.03 0.53
N MET MF 220 110.36 25.37 1.06
CA MET MF 220 109.41 24.38 1.51
C MET MF 220 108.09 24.42 0.76
N VAL MF 221 107.75 25.53 0.13
CA VAL MF 221 106.49 25.67 -0.60
C VAL MF 221 106.79 26.13 -2.01
N SER MF 222 105.97 25.68 -2.96
CA SER MF 222 106.06 26.19 -4.31
C SER MF 222 105.60 27.64 -4.34
N PRO MF 223 106.22 28.50 -5.14
CA PRO MF 223 105.74 29.87 -5.27
C PRO MF 223 104.44 29.89 -6.05
N PRO MF 224 103.58 30.87 -5.80
CA PRO MF 224 102.41 31.06 -6.67
C PRO MF 224 102.85 31.49 -8.06
N TYR MF 225 102.10 31.04 -9.05
CA TYR MF 225 102.38 31.38 -10.44
C TYR MF 225 101.16 32.03 -11.08
N VAL MF 226 101.41 33.08 -11.84
CA VAL MF 226 100.37 33.93 -12.40
C VAL MF 226 100.79 34.35 -13.80
N SER MF 227 99.87 34.24 -14.75
CA SER MF 227 100.09 34.72 -16.11
C SER MF 227 99.21 35.93 -16.40
N HIS MF 228 99.77 36.88 -17.14
CA HIS MF 228 99.02 38.03 -17.62
C HIS MF 228 98.92 37.96 -19.13
N THR MF 229 97.70 38.12 -19.64
CA THR MF 229 97.44 38.17 -21.07
C THR MF 229 96.99 39.58 -21.44
N ASP MF 230 97.36 40.02 -22.62
CA ASP MF 230 97.08 41.36 -23.09
C ASP MF 230 96.34 41.31 -24.41
N LEU MF 231 95.27 42.08 -24.51
CA LEU MF 231 94.53 42.27 -25.75
C LEU MF 231 94.55 43.76 -26.08
N GLY MF 232 94.62 44.06 -27.38
CA GLY MF 232 94.75 45.43 -27.82
C GLY MF 232 93.47 46.23 -27.77
N VAL MF 233 93.29 47.11 -28.76
CA VAL MF 233 92.07 47.91 -28.85
C VAL MF 233 90.92 46.98 -29.22
N THR MF 234 89.96 46.83 -28.32
CA THR MF 234 88.89 45.86 -28.52
C THR MF 234 87.56 46.49 -28.16
N GLY MF 235 86.50 45.99 -28.79
CA GLY MF 235 85.16 46.49 -28.62
C GLY MF 235 84.53 46.84 -29.95
N ASP MF 236 83.30 47.31 -29.87
CA ASP MF 236 82.52 47.65 -31.06
C ASP MF 236 82.71 49.12 -31.41
N GLY MF 237 81.85 49.63 -32.29
CA GLY MF 237 81.86 51.04 -32.61
C GLY MF 237 81.29 51.94 -31.55
N SER MF 238 80.63 51.38 -30.54
CA SER MF 238 80.09 52.17 -29.44
C SER MF 238 80.94 52.11 -28.19
N GLU MF 239 81.51 50.96 -27.87
CA GLU MF 239 82.38 50.80 -26.71
C GLU MF 239 83.74 50.31 -27.19
N ILE MF 240 84.81 50.91 -26.67
CA ILE MF 240 86.15 50.49 -27.03
C ILE MF 240 87.03 50.49 -25.79
N HIS MF 241 88.08 49.67 -25.85
CA HIS MF 241 89.11 49.56 -24.83
C HIS MF 241 90.44 49.97 -25.45
N ILE MF 242 91.40 50.31 -24.60
CA ILE MF 242 92.74 50.58 -25.10
C ILE MF 242 93.58 49.31 -25.00
N ASP MF 243 93.71 48.77 -23.80
CA ASP MF 243 94.57 47.61 -23.58
C ASP MF 243 93.97 46.79 -22.45
N ASP MF 244 93.28 45.71 -22.81
CA ASP MF 244 92.65 44.86 -21.83
C ASP MF 244 93.67 43.88 -21.27
N ARG MF 245 93.91 43.94 -19.97
CA ARG MF 245 94.92 43.11 -19.33
C ARG MF 245 94.23 42.17 -18.35
N VAL MF 246 94.48 40.88 -18.51
CA VAL MF 246 93.87 39.84 -17.69
C VAL MF 246 94.97 39.20 -16.87
N LEU MF 247 94.83 39.25 -15.54
CA LEU MF 247 95.78 38.65 -14.62
C LEU MF 247 95.11 37.45 -14.00
N ARG MF 248 95.69 36.26 -14.19
CA ARG MF 248 95.14 35.05 -13.61
C ARG MF 248 96.24 34.21 -12.98
N ILE MF 249 96.00 33.75 -11.78
CA ILE MF 249 96.90 32.83 -11.12
C ILE MF 249 96.45 31.41 -11.45
N THR MF 250 97.42 30.52 -11.66
CA THR MF 250 97.14 29.13 -11.96
C THR MF 250 97.68 28.20 -10.89
N ALA MF 251 98.97 28.28 -10.62
CA ALA MF 251 99.62 27.41 -9.64
C ALA MF 251 99.53 28.08 -8.28
N LEU MF 252 98.63 27.58 -7.44
CA LEU MF 252 98.52 28.06 -6.08
C LEU MF 252 99.72 27.56 -5.26
N PRO MF 253 100.11 28.28 -4.21
CA PRO MF 253 101.20 27.80 -3.35
C PRO MF 253 100.80 26.53 -2.60
N GLU MF 254 101.72 25.58 -2.55
CA GLU MF 254 101.51 24.36 -1.79
C GLU MF 254 102.86 23.79 -1.40
N LEU MF 255 102.85 22.93 -0.39
CA LEU MF 255 104.08 22.31 0.10
C LEU MF 255 104.61 21.29 -0.89
N ASN MF 256 105.94 21.18 -0.94
CA ASN MF 256 106.61 20.16 -1.74
C ASN MF 256 107.11 19.06 -0.82
N VAL MF 257 106.70 17.83 -1.10
CA VAL MF 257 107.01 16.73 -0.19
C VAL MF 257 108.43 16.21 -0.36
N ASN MF 258 109.10 16.55 -1.46
CA ASN MF 258 110.44 16.04 -1.72
C ASN MF 258 111.43 16.83 -0.86
N SER MF 259 111.66 16.32 0.34
CA SER MF 259 112.47 17.02 1.33
C SER MF 259 113.96 16.99 1.04
N ALA MF 260 114.40 16.18 0.07
CA ALA MF 260 115.81 16.14 -0.29
C ALA MF 260 116.28 17.43 -0.93
N GLU MF 261 115.36 18.22 -1.49
CA GLU MF 261 115.68 19.49 -2.11
C GLU MF 261 115.57 20.66 -1.15
N TRP MF 262 115.32 20.38 0.13
CA TRP MF 262 115.23 21.46 1.12
C TRP MF 262 116.61 22.02 1.42
N ARG MF 263 116.67 23.32 1.63
CA ARG MF 263 117.91 24.01 1.96
C ARG MF 263 117.80 24.55 3.38
N ALA MF 264 118.75 24.16 4.22
CA ALA MF 264 118.76 24.56 5.62
C ALA MF 264 119.69 25.75 5.82
N ALA MF 265 119.71 26.27 7.04
CA ALA MF 265 120.47 27.46 7.35
C ALA MF 265 121.33 27.26 8.59
N VAL MF 266 122.46 27.94 8.62
CA VAL MF 266 123.39 27.90 9.74
C VAL MF 266 123.74 29.34 10.11
N ALA MF 267 123.57 29.68 11.39
CA ALA MF 267 123.81 31.03 11.85
C ALA MF 267 125.25 31.19 12.31
N LYS MF 268 125.54 32.30 12.99
CA LYS MF 268 126.85 32.56 13.53
C LYS MF 268 126.77 33.19 14.92
N ALA NF 104 -8.34 -111.88 -47.44
CA ALA NF 104 -9.30 -110.84 -47.73
C ALA NF 104 -10.09 -110.46 -46.48
N GLU NF 105 -9.98 -111.29 -45.44
CA GLU NF 105 -10.74 -111.08 -44.23
C GLU NF 105 -9.82 -110.85 -43.05
N VAL NF 106 -8.67 -111.54 -43.02
CA VAL NF 106 -7.70 -111.38 -41.94
C VAL NF 106 -6.72 -110.24 -42.20
N ILE NF 107 -6.94 -109.46 -43.26
CA ILE NF 107 -6.08 -108.33 -43.57
C ILE NF 107 -6.16 -107.27 -42.48
N ASP NF 108 -7.37 -107.02 -41.97
CA ASP NF 108 -7.55 -106.06 -40.89
C ASP NF 108 -6.89 -106.56 -39.61
N LYS NF 109 -6.95 -107.87 -39.36
CA LYS NF 109 -6.32 -108.44 -38.17
C LYS NF 109 -4.80 -108.32 -38.24
N LYS NF 110 -4.22 -108.62 -39.41
CA LYS NF 110 -2.77 -108.48 -39.59
C LYS NF 110 -2.34 -107.02 -39.47
N ALA NF 111 -3.12 -106.11 -40.04
CA ALA NF 111 -2.79 -104.69 -39.96
C ALA NF 111 -2.90 -104.17 -38.53
N PHE NF 112 -3.90 -104.65 -37.78
CA PHE NF 112 -4.04 -104.24 -36.38
C PHE NF 112 -2.91 -104.77 -35.52
N LYS NF 113 -2.49 -106.02 -35.77
CA LYS NF 113 -1.36 -106.58 -35.04
C LYS NF 113 -0.06 -105.84 -35.35
N ASP NF 114 0.16 -105.51 -36.63
CA ASP NF 114 1.37 -104.78 -37.00
C ASP NF 114 1.34 -103.35 -36.49
N MET NF 115 0.16 -102.73 -36.44
CA MET NF 115 0.03 -101.40 -35.85
C MET NF 115 0.34 -101.42 -34.36
N THR NF 116 -0.16 -102.44 -33.65
CA THR NF 116 0.11 -102.57 -32.22
C THR NF 116 1.59 -102.84 -31.97
N ARG NF 117 2.23 -103.57 -32.88
CA ARG NF 117 3.67 -103.80 -32.76
C ARG NF 117 4.45 -102.51 -33.00
N ASN NF 118 4.14 -101.80 -34.08
CA ASN NF 118 4.95 -100.67 -34.50
C ASN NF 118 4.68 -99.40 -33.71
N LEU NF 119 3.55 -99.30 -33.01
CA LEU NF 119 3.30 -98.14 -32.17
C LEU NF 119 4.25 -98.13 -30.98
N TYR NF 120 4.34 -99.25 -30.27
CA TYR NF 120 5.29 -99.43 -29.18
C TYR NF 120 6.20 -100.58 -29.57
N PRO NF 121 7.32 -100.29 -30.24
CA PRO NF 121 8.21 -101.38 -30.68
C PRO NF 121 8.98 -102.05 -29.55
N LEU NF 122 8.99 -101.47 -28.36
CA LEU NF 122 9.68 -102.05 -27.22
C LEU NF 122 8.70 -102.76 -26.31
N ASN NF 123 9.09 -103.93 -25.83
CA ASN NF 123 8.26 -104.68 -24.90
C ASN NF 123 8.24 -103.98 -23.54
N PRO NF 124 7.15 -104.15 -22.76
CA PRO NF 124 7.15 -103.62 -21.39
C PRO NF 124 8.25 -104.18 -20.51
N GLU NF 125 8.52 -105.48 -20.63
CA GLU NF 125 9.63 -106.08 -19.91
C GLU NF 125 10.96 -105.58 -20.43
N GLN NF 126 11.05 -105.29 -21.72
CA GLN NF 126 12.24 -104.67 -22.28
C GLN NF 126 12.45 -103.28 -21.72
N VAL NF 127 11.36 -102.54 -21.51
CA VAL NF 127 11.41 -101.22 -20.90
C VAL NF 127 11.92 -101.31 -19.47
N VAL NF 128 11.40 -102.29 -18.72
CA VAL NF 128 11.81 -102.48 -17.32
C VAL NF 128 13.29 -102.87 -17.23
N LYS NF 129 13.72 -103.80 -18.09
CA LYS NF 129 15.12 -104.21 -18.11
C LYS NF 129 16.03 -103.07 -18.54
N LEU NF 130 15.60 -102.26 -19.51
CA LEU NF 130 16.38 -101.13 -19.97
C LEU NF 130 16.51 -100.07 -18.88
N LYS NF 131 15.43 -99.84 -18.12
CA LYS NF 131 15.49 -98.89 -17.02
C LYS NF 131 16.39 -99.39 -15.91
N GLN NF 132 16.37 -100.71 -15.65
CA GLN NF 132 17.28 -101.29 -14.66
C GLN NF 132 18.74 -101.17 -15.10
N ILE NF 133 19.00 -101.39 -16.39
CA ILE NF 133 20.35 -101.26 -16.94
C ILE NF 133 20.82 -99.81 -16.85
N TYR NF 134 19.94 -98.87 -17.15
CA TYR NF 134 20.25 -97.44 -17.04
C TYR NF 134 20.53 -97.04 -15.60
N GLU NF 135 19.74 -97.56 -14.65
CA GLU NF 135 19.95 -97.27 -13.24
C GLU NF 135 21.26 -97.83 -12.73
N THR NF 136 21.61 -99.05 -13.16
CA THR NF 136 22.88 -99.65 -12.77
C THR NF 136 24.05 -98.87 -13.35
N SER NF 137 23.93 -98.43 -14.60
CA SER NF 137 24.98 -97.65 -15.24
C SER NF 137 25.19 -96.30 -14.56
N GLU NF 138 24.10 -95.62 -14.19
CA GLU NF 138 24.28 -94.34 -13.50
C GLU NF 138 24.71 -94.52 -12.05
N TYR NF 139 24.40 -95.67 -11.43
CA TYR NF 139 24.99 -95.97 -10.14
C TYR NF 139 26.50 -96.17 -10.26
N ALA NF 140 26.94 -96.85 -11.32
CA ALA NF 140 28.36 -97.03 -11.55
C ALA NF 140 29.05 -95.70 -11.87
N LYS NF 141 28.34 -94.79 -12.54
CA LYS NF 141 28.87 -93.46 -12.78
C LYS NF 141 28.98 -92.66 -11.49
N ALA NF 142 27.91 -92.67 -10.67
CA ALA NF 142 27.89 -91.88 -9.45
C ALA NF 142 28.78 -92.47 -8.35
N ALA NF 143 29.17 -93.73 -8.49
CA ALA NF 143 30.06 -94.33 -7.52
C ALA NF 143 31.46 -93.71 -7.60
N THR NF 144 32.04 -93.45 -6.45
CA THR NF 144 33.38 -92.87 -6.38
C THR NF 144 34.37 -93.89 -5.84
N PRO NF 145 35.53 -94.02 -6.46
CA PRO NF 145 36.50 -95.04 -6.03
C PRO NF 145 37.16 -94.67 -4.70
N GLY NF 146 37.63 -95.72 -4.03
CA GLY NF 146 38.28 -95.56 -2.74
C GLY NF 146 37.27 -95.47 -1.61
N THR NF 147 37.78 -95.61 -0.39
CA THR NF 147 36.84 -95.43 0.69
C THR NF 147 36.64 -93.94 0.97
N PRO NF 148 35.42 -93.54 1.34
CA PRO NF 148 35.20 -92.15 1.72
C PRO NF 148 35.90 -91.82 3.03
N PRO NF 149 36.29 -90.57 3.22
CA PRO NF 149 36.92 -90.17 4.48
C PRO NF 149 35.89 -90.09 5.61
N LYS NF 150 36.41 -90.00 6.83
CA LYS NF 150 35.56 -89.96 8.01
C LYS NF 150 35.37 -88.52 8.46
N PRO NF 151 34.14 -88.00 8.49
CA PRO NF 151 33.93 -86.65 9.01
C PRO NF 151 34.06 -86.61 10.52
N THR NF 152 34.76 -85.60 11.01
CA THR NF 152 35.10 -85.51 12.42
C THR NF 152 34.96 -84.08 12.92
N ALA NF 153 34.42 -83.94 14.12
CA ALA NF 153 34.38 -82.64 14.81
C ALA NF 153 35.47 -82.67 15.87
N THR NF 154 36.60 -82.02 15.58
CA THR NF 154 37.76 -82.06 16.45
C THR NF 154 38.09 -80.67 16.99
N SER NF 155 38.68 -80.66 18.17
CA SER NF 155 39.21 -79.46 18.81
C SER NF 155 40.72 -79.51 18.84
N GLN NF 156 41.34 -78.33 18.88
CA GLN NF 156 42.79 -78.24 18.85
C GLN NF 156 43.21 -76.90 19.47
N PHE NF 157 44.45 -76.86 19.92
CA PHE NF 157 45.01 -75.70 20.60
C PHE NF 157 46.12 -75.10 19.75
N VAL NF 158 46.07 -73.79 19.55
CA VAL NF 158 47.03 -73.07 18.73
C VAL NF 158 48.12 -72.51 19.63
N ASN NF 159 49.36 -72.88 19.35
CA ASN NF 159 50.49 -72.29 20.04
C ASN NF 159 50.80 -70.92 19.46
N LEU NF 160 51.31 -70.04 20.32
CA LEU NF 160 51.73 -68.70 19.91
C LEU NF 160 53.24 -68.54 20.00
N SER NF 161 53.98 -69.63 20.12
CA SER NF 161 55.42 -69.55 20.18
C SER NF 161 56.00 -69.21 18.81
N PRO NF 162 57.12 -68.49 18.76
CA PRO NF 162 57.74 -68.14 17.48
C PRO NF 162 58.54 -69.25 16.82
N GLY NF 163 58.44 -70.49 17.28
CA GLY NF 163 59.15 -71.59 16.65
C GLY NF 163 58.31 -72.84 16.51
N SER NF 164 57.02 -72.73 16.84
CA SER NF 164 56.13 -73.88 16.78
C SER NF 164 55.77 -74.21 15.34
N THR NF 165 55.38 -75.47 15.13
CA THR NF 165 54.94 -75.91 13.82
C THR NF 165 53.57 -75.33 13.50
N PRO NF 166 53.35 -74.86 12.27
CA PRO NF 166 52.02 -74.33 11.91
C PRO NF 166 51.02 -75.45 11.76
N PRO NF 167 49.76 -75.21 12.13
CA PRO NF 167 48.74 -76.25 12.01
C PRO NF 167 48.35 -76.54 10.57
N VAL NF 168 47.99 -77.80 10.33
CA VAL NF 168 47.50 -78.29 9.05
C VAL NF 168 46.04 -78.67 9.20
N ILE NF 169 45.31 -78.59 8.09
CA ILE NF 169 43.89 -78.92 8.07
C ILE NF 169 43.62 -79.91 6.93
N ARG NF 170 43.15 -81.10 7.29
CA ARG NF 170 42.66 -82.05 6.30
C ARG NF 170 41.37 -81.55 5.68
N LEU NF 171 41.23 -81.73 4.37
CA LEU NF 171 40.08 -81.20 3.66
C LEU NF 171 39.51 -82.23 2.71
N SER NF 172 38.29 -81.95 2.25
CA SER NF 172 37.59 -82.73 1.24
C SER NF 172 37.06 -81.81 0.15
N GLN NF 173 37.07 -82.29 -1.09
CA GLN NF 173 36.66 -81.48 -2.22
C GLN NF 173 35.15 -81.24 -2.20
N GLY NF 174 34.76 -79.98 -2.27
CA GLY NF 174 33.37 -79.63 -2.30
C GLY NF 174 32.63 -79.78 -0.99
N PHE NF 175 33.34 -79.98 0.12
CA PHE NF 175 32.73 -80.23 1.41
C PHE NF 175 32.93 -79.05 2.33
N VAL NF 176 31.85 -78.61 2.96
CA VAL NF 176 31.88 -77.44 3.82
C VAL NF 176 32.50 -77.83 5.16
N SER NF 177 33.45 -77.04 5.63
CA SER NF 177 34.07 -77.20 6.93
C SER NF 177 33.95 -75.90 7.71
N SER NF 178 33.65 -76.02 9.00
CA SER NF 178 33.52 -74.88 9.88
C SER NF 178 34.78 -74.70 10.70
N LEU NF 179 35.24 -73.46 10.82
CA LEU NF 179 36.45 -73.11 11.56
C LEU NF 179 36.05 -72.12 12.66
N VAL NF 180 35.97 -72.60 13.91
CA VAL NF 180 35.49 -71.78 15.01
C VAL NF 180 36.66 -71.46 15.93
N PHE NF 181 36.85 -70.18 16.21
CA PHE NF 181 37.99 -69.65 16.97
C PHE NF 181 37.55 -69.21 18.36
N LEU NF 182 38.32 -69.60 19.37
CA LEU NF 182 38.09 -69.19 20.75
C LEU NF 182 39.43 -68.85 21.38
N ASP NF 183 39.39 -68.15 22.51
CA ASP NF 183 40.60 -67.89 23.27
C ASP NF 183 40.88 -69.07 24.19
N SER NF 184 41.81 -68.89 25.13
CA SER NF 184 42.15 -69.95 26.07
C SER NF 184 41.02 -70.21 27.06
N THR NF 185 40.27 -69.17 27.43
CA THR NF 185 39.14 -69.35 28.33
C THR NF 185 37.93 -69.95 27.64
N GLY NF 186 37.91 -69.97 26.31
CA GLY NF 186 36.81 -70.53 25.55
C GLY NF 186 35.88 -69.50 24.95
N ALA NF 187 36.04 -68.22 25.27
CA ALA NF 187 35.22 -67.19 24.66
C ALA NF 187 35.64 -66.98 23.20
N PRO NF 188 34.71 -66.71 22.30
CA PRO NF 188 35.09 -66.49 20.89
C PRO NF 188 35.84 -65.18 20.70
N TRP NF 189 36.72 -65.18 19.71
CA TRP NF 189 37.49 -64.00 19.35
C TRP NF 189 37.04 -63.51 17.99
N PRO NF 190 36.52 -62.29 17.88
CA PRO NF 190 36.12 -61.76 16.57
C PRO NF 190 37.32 -61.52 15.67
N ILE NF 191 37.07 -61.59 14.37
CA ILE NF 191 38.13 -61.60 13.36
C ILE NF 191 38.12 -60.27 12.62
N ALA NF 192 39.31 -59.72 12.38
CA ALA NF 192 39.43 -58.49 11.61
C ALA NF 192 39.48 -58.76 10.11
N ALA NF 193 40.46 -59.54 9.66
CA ALA NF 193 40.68 -59.69 8.24
C ALA NF 193 41.39 -61.01 7.97
N TYR NF 194 41.52 -61.35 6.69
CA TYR NF 194 42.26 -62.54 6.32
C TYR NF 194 42.85 -62.37 4.93
N ASP NF 195 43.80 -63.25 4.61
CA ASP NF 195 44.37 -63.36 3.29
C ASP NF 195 44.48 -64.83 2.94
N LEU NF 196 44.20 -65.14 1.67
CA LEU NF 196 44.15 -66.51 1.19
C LEU NF 196 45.04 -66.63 -0.04
N GLY NF 197 45.86 -67.68 -0.07
CA GLY NF 197 46.57 -68.05 -1.28
C GLY NF 197 45.78 -69.08 -2.05
N ASP NF 198 45.92 -69.05 -3.39
CA ASP NF 198 45.25 -69.91 -4.36
C ASP NF 198 43.74 -69.90 -4.18
N PRO NF 199 43.05 -68.83 -4.61
CA PRO NF 199 41.61 -68.74 -4.38
C PRO NF 199 40.78 -69.70 -5.20
N SER NF 200 41.36 -70.37 -6.20
CA SER NF 200 40.59 -71.31 -7.01
C SER NF 200 40.21 -72.56 -6.23
N SER NF 201 41.16 -73.16 -5.51
CA SER NF 201 40.89 -74.40 -4.81
C SER NF 201 40.12 -74.20 -3.52
N PHE NF 202 40.00 -72.97 -3.03
CA PHE NF 202 39.43 -72.72 -1.71
C PHE NF 202 38.50 -71.53 -1.76
N ASN NF 203 37.26 -71.74 -1.34
CA ASN NF 203 36.26 -70.68 -1.27
C ASN NF 203 35.73 -70.58 0.15
N ILE NF 204 35.61 -69.34 0.64
CA ILE NF 204 35.14 -69.07 1.99
C ILE NF 204 33.94 -68.13 1.90
N GLN NF 205 32.85 -68.53 2.54
CA GLN NF 205 31.77 -67.62 2.87
C GLN NF 205 31.96 -67.17 4.30
N TRP NF 206 31.87 -65.87 4.54
CA TRP NF 206 32.17 -65.33 5.86
C TRP NF 206 31.38 -64.04 6.08
N ASP NF 207 30.44 -64.08 7.02
CA ASP NF 207 29.85 -62.85 7.54
C ASP NF 207 30.91 -62.11 8.35
N LYS NF 208 30.96 -60.80 8.16
CA LYS NF 208 32.14 -60.01 8.51
C LYS NF 208 32.32 -59.82 10.01
N THR NF 209 31.33 -60.19 10.83
CA THR NF 209 31.38 -59.96 12.26
C THR NF 209 31.30 -61.25 13.06
N SER NF 210 31.88 -62.32 12.54
CA SER NF 210 31.80 -63.62 13.20
C SER NF 210 33.18 -64.09 13.65
N ASN NF 211 33.23 -65.31 14.19
CA ASN NF 211 34.48 -65.96 14.54
C ASN NF 211 34.61 -67.33 13.88
N THR NF 212 33.65 -67.72 13.05
CA THR NF 212 33.64 -69.04 12.44
C THR NF 212 33.57 -68.90 10.92
N LEU NF 213 34.47 -69.58 10.23
CA LEU NF 213 34.60 -69.53 8.79
C LEU NF 213 33.96 -70.75 8.15
N MET NF 214 33.30 -70.53 7.01
CA MET NF 214 32.74 -71.60 6.19
C MET NF 214 33.67 -71.82 5.02
N ILE NF 215 34.65 -72.70 5.19
CA ILE NF 215 35.62 -72.96 4.16
C ILE NF 215 35.14 -74.17 3.35
N GLN NF 216 35.57 -74.25 2.10
CA GLN NF 216 35.20 -75.36 1.23
C GLN NF 216 36.29 -75.56 0.20
N ALA NF 217 36.91 -76.74 0.20
CA ALA NF 217 37.91 -77.05 -0.80
C ALA NF 217 37.26 -77.31 -2.15
N THR NF 218 37.88 -76.84 -3.22
CA THR NF 218 37.36 -77.01 -4.57
C THR NF 218 38.16 -78.00 -5.40
N LYS NF 219 39.48 -78.01 -5.28
CA LYS NF 219 40.31 -78.96 -5.99
C LYS NF 219 40.53 -80.21 -5.14
N LEU NF 220 41.47 -81.05 -5.54
CA LEU NF 220 41.59 -82.39 -4.97
C LEU NF 220 42.83 -82.58 -4.10
N TYR NF 221 44.02 -82.31 -4.63
CA TYR NF 221 45.26 -82.60 -3.91
C TYR NF 221 46.24 -81.43 -4.02
N ASN NF 222 45.76 -80.22 -3.74
CA ASN NF 222 46.59 -79.02 -3.80
C ASN NF 222 46.45 -78.25 -2.49
N TYR NF 223 47.58 -78.08 -1.81
CA TYR NF 223 47.60 -77.47 -0.48
C TYR NF 223 47.86 -75.97 -0.58
N GLY NF 224 47.26 -75.23 0.35
CA GLY NF 224 47.31 -73.78 0.32
C GLY NF 224 47.53 -73.19 1.71
N ASN NF 225 47.65 -71.86 1.73
CA ASN NF 225 48.02 -71.12 2.93
C ASN NF 225 46.98 -70.05 3.25
N LEU NF 226 46.67 -69.90 4.55
CA LEU NF 226 45.72 -68.92 5.04
C LEU NF 226 46.33 -68.13 6.18
N ALA NF 227 46.15 -66.81 6.15
CA ALA NF 227 46.56 -65.92 7.24
C ALA NF 227 45.33 -65.19 7.75
N VAL NF 228 45.22 -65.10 9.09
CA VAL NF 228 44.04 -64.57 9.76
C VAL NF 228 44.50 -63.57 10.81
N ARG NF 229 43.89 -62.38 10.82
CA ARG NF 229 44.13 -61.38 11.85
C ARG NF 229 42.82 -61.05 12.55
N LEU NF 230 42.87 -61.00 13.88
CA LEU NF 230 41.71 -60.75 14.71
C LEU NF 230 41.66 -59.28 15.11
N ARG NF 231 40.65 -58.94 15.92
CA ARG NF 231 40.48 -57.55 16.33
C ARG NF 231 41.55 -57.12 17.33
N GLY NF 232 41.79 -57.93 18.35
CA GLY NF 232 42.70 -57.56 19.41
C GLY NF 232 44.14 -57.98 19.22
N LEU NF 233 44.41 -58.89 18.29
CA LEU NF 233 45.76 -59.37 18.09
C LEU NF 233 46.54 -58.41 17.20
N ASN NF 234 47.86 -58.56 17.22
CA ASN NF 234 48.75 -57.97 16.24
C ASN NF 234 49.43 -59.00 15.37
N THR NF 235 49.76 -60.16 15.93
CA THR NF 235 50.44 -61.27 15.27
C THR NF 235 49.43 -62.11 14.50
N PRO NF 236 49.63 -62.34 13.21
CA PRO NF 236 48.68 -63.15 12.43
C PRO NF 236 48.82 -64.64 12.71
N VAL NF 237 47.74 -65.35 12.41
CA VAL NF 237 47.67 -66.80 12.55
C VAL NF 237 47.74 -67.40 11.16
N MET NF 238 48.70 -68.28 10.92
CA MET NF 238 48.93 -68.84 9.61
C MET NF 238 48.77 -70.35 9.66
N LEU NF 239 47.98 -70.88 8.72
CA LEU NF 239 47.68 -72.30 8.67
C LEU NF 239 47.82 -72.82 7.25
N THR NF 240 48.11 -74.11 7.15
CA THR NF 240 48.18 -74.78 5.85
C THR NF 240 47.04 -75.78 5.74
N LEU NF 241 46.45 -75.86 4.56
CA LEU NF 241 45.28 -76.68 4.33
C LEU NF 241 45.52 -77.59 3.16
N ILE NF 242 45.29 -78.90 3.35
CA ILE NF 242 45.54 -79.89 2.32
C ILE NF 242 44.32 -80.79 2.17
N PRO NF 243 43.75 -80.91 0.97
CA PRO NF 243 42.70 -81.89 0.75
C PRO NF 243 43.27 -83.21 0.21
N GLY NF 244 42.41 -84.22 0.16
CA GLY NF 244 42.82 -85.52 -0.32
C GLY NF 244 43.40 -86.41 0.77
N GLN NF 245 42.62 -86.65 1.82
CA GLN NF 245 43.05 -87.47 2.94
C GLN NF 245 41.94 -88.45 3.28
N LYS NF 246 42.29 -89.54 3.95
CA LYS NF 246 41.36 -90.58 4.36
C LYS NF 246 40.49 -90.18 5.55
N ALA NF 247 40.65 -88.98 6.09
CA ALA NF 247 39.76 -88.44 7.10
C ALA NF 247 39.57 -86.96 6.84
N VAL NF 248 38.44 -86.43 7.26
CA VAL NF 248 38.12 -85.02 7.09
C VAL NF 248 37.70 -84.46 8.45
N ASP NF 249 38.36 -83.39 8.87
CA ASP NF 249 37.91 -82.65 10.04
C ASP NF 249 36.66 -81.88 9.63
N TYR NF 250 35.50 -82.44 9.98
CA TYR NF 250 34.24 -81.82 9.59
C TYR NF 250 33.98 -80.53 10.36
N ARG NF 251 34.56 -80.39 11.55
CA ARG NF 251 34.39 -79.16 12.32
C ARG NF 251 35.65 -78.92 13.15
N VAL NF 252 36.36 -77.84 12.85
CA VAL NF 252 37.64 -77.55 13.50
C VAL NF 252 37.42 -76.45 14.51
N ASP NF 253 37.68 -76.75 15.78
CA ASP NF 253 37.60 -75.78 16.87
C ASP NF 253 39.03 -75.46 17.33
N LEU NF 254 39.29 -74.20 17.62
CA LEU NF 254 40.63 -73.77 18.00
C LEU NF 254 40.60 -72.95 19.27
N ARG NF 255 41.57 -73.20 20.15
CA ARG NF 255 41.81 -72.39 21.34
C ARG NF 255 43.15 -71.69 21.18
N VAL NF 256 43.15 -70.36 21.25
CA VAL NF 256 44.37 -69.60 21.09
C VAL NF 256 44.95 -69.28 22.45
N GLN NF 257 46.24 -68.90 22.46
CA GLN NF 257 46.92 -68.59 23.72
C GLN NF 257 46.48 -67.24 24.26
N GLY NF 258 46.26 -66.26 23.40
CA GLY NF 258 45.88 -64.94 23.84
C GLY NF 258 44.45 -64.89 24.36
N TYR NF 259 44.11 -63.73 24.91
CA TYR NF 259 42.79 -63.50 25.47
C TYR NF 259 42.08 -62.46 24.60
N GLY NF 260 40.87 -62.79 24.17
CA GLY NF 260 40.10 -61.89 23.34
C GLY NF 260 39.40 -60.83 24.15
N PRO NF 261 38.64 -59.97 23.45
CA PRO NF 261 37.82 -58.98 24.15
C PRO NF 261 36.70 -59.59 24.96
N ASN NF 262 36.28 -60.82 24.66
CA ASN NF 262 35.26 -61.51 25.42
C ASN NF 262 35.85 -62.37 26.53
N ALA NF 263 37.17 -62.38 26.70
CA ALA NF 263 37.82 -63.19 27.73
C ALA NF 263 37.89 -62.39 29.03
N LYS NF 264 36.74 -62.25 29.67
CA LYS NF 264 36.66 -61.52 30.93
C LYS NF 264 37.28 -62.31 32.07
N SER NF 265 37.16 -63.64 32.03
CA SER NF 265 37.63 -64.48 33.12
C SER NF 265 39.16 -64.50 33.19
N MET NF 266 39.70 -64.29 34.39
CA MET NF 266 41.12 -64.29 34.63
C MET NF 266 41.43 -65.15 35.85
N PRO NF 267 42.46 -65.99 35.79
CA PRO NF 267 42.85 -66.78 36.97
C PRO NF 267 43.39 -65.89 38.08
N THR NF 268 43.23 -66.36 39.31
CA THR NF 268 43.56 -65.58 40.50
C THR NF 268 45.07 -65.56 40.68
N GLU NF 269 45.66 -64.37 40.51
CA GLU NF 269 47.10 -64.20 40.68
C GLU NF 269 47.38 -63.96 42.16
N GLU NF 270 47.51 -65.04 42.91
CA GLU NF 270 47.91 -64.93 44.30
C GLU NF 270 49.43 -64.84 44.38
N GLY NF 271 49.91 -64.29 45.48
CA GLY NF 271 51.34 -64.11 45.61
C GLY NF 271 51.86 -64.16 47.03
N ILE NF 272 53.13 -63.82 47.19
CA ILE NF 272 53.75 -63.80 48.51
C ILE NF 272 53.27 -62.56 49.25
N PRO NF 273 52.75 -62.70 50.48
CA PRO NF 273 52.33 -61.52 51.24
C PRO NF 273 53.52 -60.67 51.62
N PRO NF 274 53.31 -59.37 51.85
CA PRO NF 274 54.43 -58.48 52.16
C PRO NF 274 55.07 -58.78 53.51
N SER NF 275 56.32 -58.37 53.65
CA SER NF 275 57.12 -58.73 54.81
C SER NF 275 56.63 -58.01 56.05
N ALA NF 276 56.72 -56.69 56.06
CA ALA NF 276 56.33 -55.83 57.18
C ALA NF 276 56.25 -54.41 56.66
N ASN NF 277 56.08 -53.46 57.57
CA ASN NF 277 56.15 -52.04 57.26
C ASN NF 277 57.51 -51.52 57.72
N ASP NF 278 58.24 -50.90 56.80
CA ASP NF 278 59.57 -50.41 57.11
C ASP NF 278 59.55 -49.15 57.97
N LEU NF 279 58.42 -48.45 58.01
CA LEU NF 279 58.27 -47.30 58.89
C LEU NF 279 58.25 -47.70 60.36
N LEU NF 280 57.91 -48.97 60.65
CA LEU NF 280 57.93 -49.47 62.01
C LEU NF 280 59.32 -49.48 62.62
N LEU NF 281 60.38 -49.47 61.81
CA LEU NF 281 61.72 -49.29 62.34
C LEU NF 281 61.89 -47.90 62.93
N HIS NF 282 61.40 -46.88 62.24
CA HIS NF 282 61.40 -45.53 62.79
C HIS NF 282 60.50 -45.44 64.01
N VAL NF 283 59.39 -46.18 63.99
CA VAL NF 283 58.50 -46.25 65.16
C VAL NF 283 59.23 -46.88 66.34
N LEU NF 284 59.99 -47.95 66.09
CA LEU NF 284 60.72 -48.65 67.15
C LEU NF 284 61.82 -47.77 67.71
N GLU NF 285 62.47 -46.99 66.86
CA GLU NF 285 63.48 -46.06 67.36
C GLU NF 285 62.85 -44.95 68.17
N GLY NF 286 61.75 -44.37 67.69
CA GLY NF 286 61.09 -43.32 68.44
C GLY NF 286 60.80 -42.10 67.61
N VAL NF 287 61.40 -42.01 66.42
CA VAL NF 287 61.06 -40.92 65.50
C VAL NF 287 59.66 -41.14 64.96
N PRO NF 288 58.77 -40.16 65.04
CA PRO NF 288 57.39 -40.34 64.58
C PRO NF 288 57.33 -40.47 63.07
N PRO NF 289 56.29 -41.13 62.55
CA PRO NF 289 56.12 -41.20 61.11
C PRO NF 289 55.85 -39.83 60.52
N PRO NF 290 56.30 -39.58 59.30
CA PRO NF 290 56.10 -38.26 58.70
C PRO NF 290 54.64 -38.01 58.35
N GLY NF 291 54.20 -36.79 58.64
CA GLY NF 291 52.82 -36.42 58.38
C GLY NF 291 51.82 -37.04 59.31
N SER NF 292 52.25 -37.49 60.48
CA SER NF 292 51.35 -38.15 61.42
C SER NF 292 50.64 -37.12 62.29
N ARG NF 293 49.98 -37.62 63.34
CA ARG NF 293 49.31 -36.78 64.30
C ARG NF 293 49.56 -37.35 65.69
N ARG NF 294 49.89 -36.45 66.62
CA ARG NF 294 50.14 -36.82 68.00
C ARG NF 294 48.86 -37.28 68.66
N LEU NF 295 48.95 -38.34 69.45
CA LEU NF 295 47.82 -38.86 70.19
C LEU NF 295 48.10 -38.77 71.68
N VAL NF 296 47.10 -38.37 72.44
CA VAL NF 296 47.26 -38.23 73.89
C VAL NF 296 47.19 -39.61 74.50
N VAL NF 297 48.25 -40.01 75.18
CA VAL NF 297 48.32 -41.28 75.88
C VAL NF 297 48.38 -41.00 77.38
N SER NF 298 47.56 -41.70 78.15
CA SER NF 298 47.59 -41.55 79.60
C SER NF 298 47.39 -42.90 80.26
N GLY NF 299 47.92 -43.00 81.48
CA GLY NF 299 47.81 -44.21 82.27
C GLY NF 299 49.07 -45.04 82.35
N GLY NF 300 50.06 -44.79 81.51
CA GLY NF 300 51.26 -45.60 81.51
C GLY NF 300 52.30 -45.02 80.58
N ASP NF 301 53.47 -45.65 80.58
CA ASP NF 301 54.61 -45.16 79.81
C ASP NF 301 54.59 -45.80 78.43
N ALA NF 302 54.00 -45.10 77.47
CA ALA NF 302 53.98 -45.53 76.08
C ALA NF 302 53.76 -44.32 75.21
N ARG NF 303 54.09 -44.46 73.93
CA ARG NF 303 53.86 -43.38 72.97
C ARG NF 303 53.04 -43.91 71.81
N ALA NF 304 52.25 -43.03 71.19
CA ALA NF 304 51.36 -43.46 70.12
C ALA NF 304 51.13 -42.33 69.14
N TRP NF 305 50.88 -42.71 67.89
CA TRP NF 305 50.64 -41.76 66.83
C TRP NF 305 49.63 -42.32 65.84
N LEU NF 306 49.01 -41.41 65.09
CA LEU NF 306 48.07 -41.78 64.03
C LEU NF 306 48.52 -41.15 62.72
N SER NF 307 48.88 -41.98 61.75
CA SER NF 307 49.41 -41.49 60.48
C SER NF 307 48.55 -41.84 59.29
N ASN NF 308 48.13 -43.10 59.18
CA ASN NF 308 47.33 -43.59 58.07
C ASN NF 308 46.08 -44.23 58.60
N GLU NF 309 45.38 -43.47 59.47
CA GLU NF 309 44.22 -43.82 60.30
C GLU NF 309 44.35 -45.20 60.95
N LYS NF 310 45.56 -45.54 61.37
CA LYS NF 310 45.86 -46.79 62.08
C LYS NF 310 46.81 -46.46 63.21
N MET NF 311 46.60 -47.08 64.37
CA MET NF 311 47.34 -46.71 65.56
C MET NF 311 48.74 -47.32 65.54
N TYR NF 312 49.73 -46.50 65.86
CA TYR NF 312 51.10 -46.95 66.05
C TYR NF 312 51.49 -46.70 67.50
N VAL NF 313 51.95 -47.75 68.18
CA VAL NF 313 52.24 -47.66 69.61
C VAL NF 313 53.63 -48.22 69.87
N ARG NF 314 54.47 -47.43 70.54
CA ARG NF 314 55.78 -47.85 71.00
C ARG NF 314 55.72 -47.99 72.52
N THR NF 315 56.06 -49.18 73.01
CA THR NF 315 56.04 -49.43 74.44
C THR NF 315 56.97 -50.58 74.77
N ASN NF 316 57.37 -50.64 76.03
CA ASN NF 316 58.16 -51.79 76.49
C ASN NF 316 57.29 -52.92 77.00
N LEU NF 317 55.99 -52.71 77.14
CA LEU NF 317 55.11 -53.66 77.80
C LEU NF 317 54.37 -54.50 76.76
N THR NF 318 53.55 -55.43 77.26
CA THR NF 318 52.84 -56.39 76.42
C THR NF 318 51.36 -56.05 76.42
N ILE NF 319 50.78 -55.92 75.24
CA ILE NF 319 49.40 -55.49 75.07
C ILE NF 319 48.50 -56.69 74.85
N LEU NF 320 47.25 -56.55 75.26
CA LEU NF 320 46.33 -57.69 75.35
C LEU NF 320 45.11 -57.56 74.45
N SER NF 321 44.37 -56.44 74.55
CA SER NF 321 42.98 -56.45 74.10
C SER NF 321 42.80 -56.49 72.58
N PRO NF 322 43.22 -55.46 71.79
CA PRO NF 322 42.64 -55.34 70.44
C PRO NF 322 43.21 -56.33 69.42
N GLY NF 323 44.48 -56.66 69.53
CA GLY NF 323 45.13 -57.48 68.53
C GLY NF 323 45.77 -56.62 67.47
N TRP NF 324 47.10 -56.63 67.43
CA TRP NF 324 47.82 -55.75 66.51
C TRP NF 324 47.90 -56.37 65.13
N LEU NF 325 48.30 -55.56 64.17
CA LEU NF 325 48.50 -56.06 62.82
C LEU NF 325 49.96 -56.36 62.50
N ALA NF 326 50.89 -55.67 63.15
CA ALA NF 326 52.30 -55.97 62.93
C ALA NF 326 53.09 -55.68 64.19
N SER NF 327 54.13 -56.49 64.42
CA SER NF 327 54.95 -56.35 65.61
C SER NF 327 56.43 -56.38 65.28
N MET NF 328 57.18 -55.47 65.89
CA MET NF 328 58.62 -55.42 65.81
C MET NF 328 59.20 -55.25 67.21
N THR NF 329 60.42 -55.74 67.42
CA THR NF 329 61.05 -55.70 68.73
C THR NF 329 62.46 -55.14 68.63
N SER NF 330 62.86 -54.42 69.66
CA SER NF 330 64.21 -53.89 69.79
C SER NF 330 65.06 -54.88 70.58
N ALA NF 331 66.28 -54.47 70.93
CA ALA NF 331 67.17 -55.30 71.72
C ALA NF 331 66.95 -55.16 73.21
N ASP NF 332 66.10 -54.23 73.65
CA ASP NF 332 66.03 -53.82 75.05
C ASP NF 332 64.63 -53.96 75.62
N GLY NF 333 63.86 -54.92 75.14
CA GLY NF 333 62.54 -55.15 75.69
C GLY NF 333 61.47 -54.18 75.24
N THR NF 334 61.79 -53.28 74.30
CA THR NF 334 60.80 -52.38 73.74
C THR NF 334 60.29 -52.96 72.42
N HIS NF 335 59.03 -52.67 72.12
CA HIS NF 335 58.39 -53.19 70.94
C HIS NF 335 57.49 -52.12 70.33
N ALA NF 336 57.34 -52.21 69.02
CA ALA NF 336 56.48 -51.35 68.24
C ALA NF 336 55.35 -52.18 67.65
N TYR NF 337 54.14 -51.67 67.76
CA TYR NF 337 52.95 -52.36 67.29
C TYR NF 337 52.15 -51.46 66.37
N GLU NF 338 51.73 -52.01 65.24
CA GLU NF 338 50.79 -51.33 64.35
C GLU NF 338 49.47 -52.08 64.41
N MET NF 339 48.39 -51.34 64.67
CA MET NF 339 47.11 -51.95 64.95
C MET NF 339 45.99 -51.06 64.45
N GLN NF 340 44.77 -51.58 64.55
CA GLN NF 340 43.57 -50.78 64.33
C GLN NF 340 43.38 -49.82 65.49
N LYS NF 341 42.66 -48.73 65.24
CA LYS NF 341 42.46 -47.71 66.25
C LYS NF 341 41.46 -48.17 67.30
N SER NF 342 41.71 -47.77 68.55
CA SER NF 342 40.85 -48.09 69.69
C SER NF 342 41.20 -47.15 70.83
N PRO NF 343 40.23 -46.65 71.58
CA PRO NF 343 40.55 -45.72 72.67
C PRO NF 343 41.02 -46.41 73.94
N VAL NF 344 40.89 -47.73 74.03
CA VAL NF 344 41.14 -48.45 75.27
C VAL NF 344 42.09 -49.61 75.00
N LEU NF 345 43.11 -49.75 75.84
CA LEU NF 345 44.11 -50.79 75.69
C LEU NF 345 44.23 -51.60 76.98
N LEU NF 346 44.62 -52.86 76.85
CA LEU NF 346 44.88 -53.71 78.00
C LEU NF 346 46.31 -54.19 77.96
N VAL NF 347 46.98 -54.14 79.12
CA VAL NF 347 48.36 -54.53 79.26
C VAL NF 347 48.52 -55.39 80.50
N SER NF 348 49.64 -56.09 80.57
CA SER NF 348 50.02 -56.87 81.74
C SER NF 348 51.34 -56.32 82.25
N TRP NF 349 51.34 -55.80 83.48
CA TRP NF 349 52.53 -55.16 83.99
C TRP NF 349 53.53 -56.19 84.52
N HIS NF 350 53.15 -56.90 85.57
CA HIS NF 350 54.01 -57.91 86.17
C HIS NF 350 53.19 -59.16 86.48
N GLY NF 351 52.42 -59.61 85.49
CA GLY NF 351 51.42 -60.62 85.73
C GLY NF 351 50.10 -60.06 86.20
N LYS NF 352 50.00 -58.75 86.32
CA LYS NF 352 48.79 -58.07 86.79
C LYS NF 352 48.25 -57.21 85.66
N VAL NF 353 46.93 -57.28 85.45
CA VAL NF 353 46.33 -56.59 84.32
C VAL NF 353 46.23 -55.09 84.60
N MET NF 354 46.11 -54.32 83.52
CA MET NF 354 46.02 -52.87 83.58
C MET NF 354 45.39 -52.40 82.28
N GLN NF 355 44.85 -51.19 82.28
CA GLN NF 355 44.25 -50.62 81.08
C GLN NF 355 44.75 -49.20 80.86
N LEU NF 356 44.72 -48.79 79.60
CA LEU NF 356 45.25 -47.52 79.13
C LEU NF 356 44.18 -46.78 78.34
N LYS NF 357 44.08 -45.49 78.59
CA LYS NF 357 43.15 -44.61 77.88
C LYS NF 357 43.92 -43.76 76.89
N VAL NF 358 43.48 -43.75 75.64
CA VAL NF 358 44.15 -43.03 74.56
C VAL NF 358 43.18 -42.02 73.98
N GLU NF 359 43.58 -40.77 73.93
CA GLU NF 359 42.83 -39.72 73.27
C GLU NF 359 43.56 -39.30 71.99
N GLY NF 360 42.77 -38.96 70.98
CA GLY NF 360 43.32 -38.68 69.67
C GLY NF 360 42.58 -39.44 68.59
N LEU NF 361 41.43 -40.01 68.95
CA LEU NF 361 40.58 -40.70 68.00
C LEU NF 361 39.18 -40.11 68.03
N VAL OF 38 70.96 -2.32 70.89
CA VAL OF 38 72.17 -1.94 71.64
C VAL OF 38 72.23 -2.58 73.06
N PRO OF 39 71.12 -2.68 73.83
CA PRO OF 39 71.15 -3.64 74.94
C PRO OF 39 71.31 -5.07 74.48
N LYS OF 40 70.76 -5.40 73.31
CA LYS OF 40 71.02 -6.71 72.72
C LYS OF 40 72.48 -6.85 72.31
N LEU OF 41 73.09 -5.77 71.84
CA LEU OF 41 74.50 -5.79 71.50
C LEU OF 41 75.35 -5.88 72.76
N PRO OF 42 76.52 -6.52 72.69
CA PRO OF 42 77.44 -6.51 73.82
C PRO OF 42 78.00 -5.12 74.08
N CYS OF 43 78.32 -4.87 75.34
CA CYS OF 43 78.90 -3.59 75.76
C CYS OF 43 80.28 -3.75 76.37
N ARG OF 44 80.46 -4.71 77.28
CA ARG OF 44 81.73 -4.91 77.94
C ARG OF 44 81.85 -6.39 78.29
N VAL OF 45 83.09 -6.84 78.49
CA VAL OF 45 83.27 -8.17 79.07
C VAL OF 45 82.88 -8.11 80.53
N ASP OF 46 81.90 -8.94 80.91
CA ASP OF 46 81.19 -8.72 82.17
C ASP OF 46 81.99 -9.23 83.35
N GLY OF 47 81.73 -8.64 84.51
CA GLY OF 47 82.40 -8.99 85.74
C GLY OF 47 83.75 -8.34 85.94
N ALA OF 48 84.13 -7.42 85.07
CA ALA OF 48 85.45 -6.81 85.14
C ALA OF 48 85.32 -5.29 85.14
N CYS OF 49 86.20 -4.65 85.92
CA CYS OF 49 86.29 -3.20 85.93
C CYS OF 49 87.72 -2.82 86.23
N ASP OF 50 88.18 -1.76 85.57
CA ASP OF 50 89.57 -1.34 85.69
C ASP OF 50 89.88 -0.84 87.09
N ALA OF 51 88.90 -0.18 87.73
CA ALA OF 51 89.07 0.26 89.10
C ALA OF 51 89.24 -0.92 90.05
N THR OF 52 88.46 -1.98 89.84
CA THR OF 52 88.60 -3.19 90.63
C THR OF 52 89.95 -3.84 90.42
N ILE OF 53 90.41 -3.88 89.16
CA ILE OF 53 91.69 -4.49 88.82
C ILE OF 53 92.84 -3.75 89.50
N ILE OF 54 92.87 -2.42 89.38
CA ILE OF 54 93.96 -1.62 89.93
C ILE OF 54 93.91 -1.63 91.44
N LYS OF 55 92.72 -1.58 92.03
CA LYS OF 55 92.57 -1.60 93.48
C LYS OF 55 93.05 -2.92 94.06
N MET OF 56 92.64 -4.04 93.46
CA MET OF 56 93.04 -5.33 94.01
C MET OF 56 94.51 -5.63 93.72
N MET OF 57 95.05 -5.05 92.63
CA MET OF 57 96.48 -5.20 92.36
C MET OF 57 97.31 -4.43 93.38
N THR OF 58 96.86 -3.22 93.74
CA THR OF 58 97.53 -2.44 94.76
C THR OF 58 97.45 -3.12 96.12
N ASP OF 59 96.30 -3.73 96.43
CA ASP OF 59 96.17 -4.47 97.69
C ASP OF 59 97.07 -5.70 97.70
N LEU OF 60 97.21 -6.37 96.57
CA LEU OF 60 98.10 -7.53 96.49
C LEU OF 60 99.56 -7.13 96.68
N ASN OF 61 99.97 -6.02 96.06
CA ASN OF 61 101.35 -5.56 96.24
C ASN OF 61 101.58 -5.02 97.64
N LYS OF 62 100.52 -4.52 98.28
CA LYS OF 62 100.63 -4.16 99.70
C LYS OF 62 100.78 -5.40 100.56
N LYS OF 63 100.10 -6.49 100.18
CA LYS OF 63 100.26 -7.74 100.90
C LYS OF 63 101.65 -8.34 100.70
N GLY OF 64 102.28 -8.06 99.57
CA GLY OF 64 103.68 -8.44 99.43
C GLY OF 64 103.93 -9.46 98.35
N ILE OF 65 103.13 -9.41 97.29
CA ILE OF 65 103.22 -10.35 96.19
C ILE OF 65 103.59 -9.56 94.95
N LYS OF 66 104.67 -9.98 94.28
CA LYS OF 66 105.24 -9.18 93.19
C LYS OF 66 104.35 -9.27 91.96
N VAL OF 67 103.89 -8.12 91.48
CA VAL OF 67 103.03 -8.03 90.30
C VAL OF 67 103.76 -7.22 89.24
N ALA OF 68 103.84 -7.75 88.03
CA ALA OF 68 104.55 -7.12 86.93
C ALA OF 68 103.67 -7.14 85.68
N SER OF 69 103.48 -5.96 85.11
CA SER OF 69 102.73 -5.79 83.86
C SER OF 69 103.69 -5.25 82.81
N VAL OF 70 104.11 -6.10 81.89
CA VAL OF 70 105.03 -5.72 80.83
C VAL OF 70 104.30 -5.91 79.51
N GLY OF 71 103.66 -4.84 79.04
CA GLY OF 71 102.87 -4.93 77.83
C GLY OF 71 101.64 -5.78 78.08
N GLN OF 72 101.51 -6.86 77.30
CA GLN OF 72 100.46 -7.85 77.52
C GLN OF 72 100.94 -9.00 78.38
N ASN OF 73 102.19 -8.97 78.83
CA ASN OF 73 102.76 -10.05 79.63
C ASN OF 73 102.67 -9.70 81.10
N TYR OF 74 102.27 -10.69 81.90
CA TYR OF 74 102.03 -10.47 83.31
C TYR OF 74 102.70 -11.57 84.13
N LEU OF 75 103.33 -11.15 85.23
CA LEU OF 75 104.00 -12.04 86.17
C LEU OF 75 103.52 -11.73 87.58
N ILE OF 76 103.16 -12.76 88.32
CA ILE OF 76 102.83 -12.63 89.73
C ILE OF 76 103.63 -13.68 90.50
N SER OF 77 104.41 -13.23 91.48
CA SER OF 77 105.34 -14.09 92.20
C SER OF 77 105.04 -14.03 93.69
N ILE OF 78 104.96 -15.19 94.31
CA ILE OF 78 104.57 -15.33 95.71
C ILE OF 78 105.66 -16.13 96.41
N PRO OF 79 106.11 -15.72 97.60
CA PRO OF 79 106.95 -16.61 98.40
C PRO OF 79 106.15 -17.82 98.89
N ALA OF 80 106.84 -18.95 99.00
CA ALA OF 80 106.19 -20.20 99.37
C ALA OF 80 105.98 -20.34 100.87
N SER OF 81 106.50 -19.40 101.67
CA SER OF 81 106.38 -19.49 103.12
C SER OF 81 104.95 -19.26 103.59
N ALA OF 82 104.16 -18.54 102.81
CA ALA OF 82 102.74 -18.36 103.12
C ALA OF 82 101.89 -19.48 102.56
N LEU OF 83 102.49 -20.48 101.93
CA LEU OF 83 101.76 -21.55 101.27
C LEU OF 83 102.02 -22.92 101.88
N PHE OF 84 103.27 -23.24 102.18
CA PHE OF 84 103.61 -24.58 102.65
C PHE OF 84 104.32 -24.51 103.98
N ALA OF 85 104.64 -25.68 104.52
CA ALA OF 85 105.52 -25.78 105.66
C ALA OF 85 106.96 -25.83 105.18
N ASP OF 86 107.89 -26.18 106.07
CA ASP OF 86 109.30 -26.23 105.72
C ASP OF 86 109.56 -27.43 104.82
N GLN OF 87 109.62 -27.16 103.51
CA GLN OF 87 109.89 -28.15 102.46
C GLN OF 87 108.87 -29.28 102.47
N SER OF 88 107.60 -28.90 102.34
CA SER OF 88 106.50 -29.85 102.34
C SER OF 88 105.56 -29.58 101.18
N PRO OF 89 104.98 -30.63 100.59
CA PRO OF 89 103.93 -30.47 99.58
C PRO OF 89 102.53 -30.46 100.19
N ARG OF 90 102.31 -29.58 101.16
CA ARG OF 90 101.02 -29.48 101.82
C ARG OF 90 100.60 -28.02 101.91
N LEU OF 91 99.30 -27.79 101.77
CA LEU OF 91 98.74 -26.44 101.76
C LEU OF 91 98.16 -26.10 103.12
N ASN OF 92 98.50 -24.91 103.61
CA ASN OF 92 97.93 -24.43 104.86
C ASN OF 92 96.47 -24.06 104.66
N TRP OF 93 95.71 -24.08 105.75
CA TRP OF 93 94.29 -23.81 105.66
C TRP OF 93 94.04 -22.32 105.42
N ALA OF 94 94.87 -21.45 105.99
CA ALA OF 94 94.70 -20.02 105.79
C ALA OF 94 95.13 -19.56 104.40
N SER OF 95 95.84 -20.40 103.65
CA SER OF 95 96.30 -20.02 102.32
C SER OF 95 95.16 -19.96 101.32
N TYR OF 96 94.02 -20.58 101.62
CA TYR OF 96 92.90 -20.60 100.68
C TYR OF 96 92.26 -19.24 100.49
N SER OF 97 92.42 -18.33 101.45
CA SER OF 97 91.96 -16.95 101.26
C SER OF 97 92.74 -16.27 100.14
N LEU OF 98 94.06 -16.41 100.18
CA LEU OF 98 94.89 -15.84 99.12
C LEU OF 98 94.69 -16.58 97.81
N LEU OF 99 94.42 -17.88 97.88
CA LEU OF 99 94.08 -18.64 96.68
C LEU OF 99 92.79 -18.14 96.06
N ASN OF 100 91.79 -17.83 96.89
CA ASN OF 100 90.54 -17.26 96.41
C ASN OF 100 90.77 -15.88 95.80
N GLU OF 101 91.63 -15.08 96.43
CA GLU OF 101 91.95 -13.75 95.90
C GLU OF 101 92.62 -13.83 94.54
N ILE OF 102 93.59 -14.73 94.40
CA ILE OF 102 94.31 -14.79 93.13
C ILE OF 102 93.44 -15.48 92.07
N ALA OF 103 92.50 -16.35 92.47
CA ALA OF 103 91.55 -16.88 91.51
C ALA OF 103 90.59 -15.81 91.02
N ALA OF 104 90.16 -14.93 91.93
CA ALA OF 104 89.30 -13.81 91.54
C ALA OF 104 90.06 -12.83 90.65
N PHE OF 105 91.37 -12.71 90.85
CA PHE OF 105 92.17 -11.91 89.93
C PHE OF 105 92.26 -12.57 88.56
N LEU OF 106 92.52 -13.88 88.53
CA LEU OF 106 92.80 -14.54 87.27
C LEU OF 106 91.55 -14.73 86.42
N LYS OF 107 90.38 -14.81 87.05
CA LYS OF 107 89.15 -14.89 86.28
C LYS OF 107 88.74 -13.55 85.68
N GLN OF 108 89.39 -12.46 86.08
CA GLN OF 108 89.01 -11.15 85.55
C GLN OF 108 89.45 -10.99 84.11
N PHE OF 109 90.60 -11.54 83.75
CA PHE OF 109 91.18 -11.34 82.43
C PHE OF 109 90.86 -12.51 81.51
N ARG OF 110 91.19 -12.32 80.24
CA ARG OF 110 91.04 -13.33 79.22
C ARG OF 110 92.41 -13.78 78.75
N LYS OF 111 92.57 -15.09 78.52
CA LYS OF 111 93.89 -15.64 78.31
C LYS OF 111 93.79 -16.87 77.42
N ILE OF 112 94.93 -17.50 77.16
CA ILE OF 112 94.99 -18.76 76.42
C ILE OF 112 95.74 -19.78 77.27
N ALA OF 113 96.95 -19.44 77.68
CA ALA OF 113 97.82 -20.36 78.42
C ALA OF 113 98.37 -19.68 79.65
N ILE OF 114 98.57 -20.46 80.70
CA ILE OF 114 99.09 -19.99 81.98
C ILE OF 114 100.27 -20.86 82.34
N THR OF 115 101.42 -20.24 82.59
CA THR OF 115 102.62 -20.97 83.00
C THR OF 115 102.87 -20.72 84.48
N VAL OF 116 103.06 -21.81 85.24
CA VAL OF 116 103.44 -21.72 86.64
C VAL OF 116 104.76 -22.44 86.84
N THR OF 117 105.70 -21.76 87.47
CA THR OF 117 107.02 -22.28 87.75
C THR OF 117 107.26 -22.26 89.25
N SER OF 118 108.00 -23.25 89.72
CA SER OF 118 108.31 -23.38 91.13
C SER OF 118 109.82 -23.40 91.34
N TYR OF 119 110.27 -22.69 92.38
CA TYR OF 119 111.67 -22.64 92.73
C TYR OF 119 111.80 -22.80 94.24
N SER OF 120 112.90 -23.40 94.68
CA SER OF 120 113.07 -23.69 96.10
C SER OF 120 114.52 -23.49 96.49
N SER OF 121 114.85 -23.95 97.69
CA SER OF 121 116.19 -23.87 98.24
C SER OF 121 116.99 -25.09 97.83
N LYS OF 122 118.18 -25.25 98.40
CA LYS OF 122 119.01 -26.43 98.23
C LYS OF 122 119.16 -27.09 99.59
N TYR OF 123 118.60 -28.29 99.74
CA TYR OF 123 118.52 -28.93 101.05
C TYR OF 123 119.34 -30.20 101.15
N VAL OF 124 119.11 -31.19 100.28
CA VAL OF 124 119.86 -32.44 100.35
C VAL OF 124 120.42 -32.79 98.98
N SER OF 125 119.58 -32.78 97.97
CA SER OF 125 119.90 -33.38 96.68
C SER OF 125 119.40 -32.45 95.60
N VAL OF 126 119.27 -32.98 94.39
CA VAL OF 126 118.55 -32.30 93.33
C VAL OF 126 117.18 -32.92 93.11
N LYS OF 127 117.09 -34.24 93.27
CA LYS OF 127 115.88 -34.98 92.90
C LYS OF 127 114.73 -34.67 93.85
N ARG OF 128 115.01 -34.63 95.15
CA ARG OF 128 113.99 -34.35 96.14
C ARG OF 128 113.42 -32.95 95.96
N GLU OF 129 114.28 -31.99 95.69
CA GLU OF 129 113.86 -30.61 95.53
C GLU OF 129 113.10 -30.40 94.23
N ARG OF 130 113.55 -31.05 93.14
CA ARG OF 130 112.83 -30.99 91.87
C ARG OF 130 111.44 -31.59 92.00
N ALA OF 131 111.34 -32.76 92.66
CA ALA OF 131 110.05 -33.40 92.83
C ALA OF 131 109.14 -32.61 93.76
N LEU OF 132 109.71 -31.96 94.79
CA LEU OF 132 108.92 -31.13 95.69
C LEU OF 132 108.34 -29.93 94.97
N THR OF 133 109.17 -29.26 94.15
CA THR OF 133 108.70 -28.12 93.37
C THR OF 133 107.64 -28.54 92.36
N LEU OF 134 107.84 -29.70 91.72
CA LEU OF 134 106.87 -30.20 90.75
C LEU OF 134 105.55 -30.56 91.42
N ALA OF 135 105.61 -31.15 92.62
CA ALA OF 135 104.40 -31.51 93.34
C ALA OF 135 103.64 -30.27 93.80
N ARG OF 136 104.36 -29.25 94.28
CA ARG OF 136 103.71 -28.02 94.70
C ARG OF 136 103.04 -27.31 93.54
N SER OF 137 103.73 -27.24 92.39
CA SER OF 137 103.15 -26.64 91.20
C SER OF 137 101.94 -27.42 90.70
N ARG OF 138 102.03 -28.75 90.78
CA ARG OF 138 100.92 -29.62 90.38
C ARG OF 138 99.70 -29.40 91.26
N VAL OF 139 99.91 -29.26 92.57
CA VAL OF 139 98.79 -29.09 93.49
C VAL OF 139 98.13 -27.72 93.30
N VAL OF 140 98.93 -26.67 93.15
CA VAL OF 140 98.34 -25.34 92.99
C VAL OF 140 97.65 -25.22 91.64
N SER OF 141 98.18 -25.88 90.60
CA SER OF 141 97.50 -25.89 89.31
C SER OF 141 96.21 -26.69 89.37
N GLU OF 142 96.19 -27.76 90.16
CA GLU OF 142 94.97 -28.55 90.33
C GLU OF 142 93.89 -27.76 91.02
N TYR OF 143 94.25 -27.02 92.07
CA TYR OF 143 93.23 -26.20 92.74
C TYR OF 143 92.77 -25.04 91.86
N LEU OF 144 93.68 -24.46 91.08
CA LEU OF 144 93.27 -23.41 90.16
C LEU OF 144 92.33 -23.94 89.08
N TRP OF 145 92.60 -25.14 88.57
CA TRP OF 145 91.71 -25.74 87.58
C TRP OF 145 90.37 -26.12 88.19
N SER OF 146 90.36 -26.50 89.47
CA SER OF 146 89.10 -26.70 90.18
C SER OF 146 88.34 -25.38 90.27
N GLN OF 147 89.04 -24.29 90.49
CA GLN OF 147 88.42 -22.98 90.39
C GLN OF 147 88.11 -22.66 88.92
N GLY OF 148 87.27 -21.65 88.74
CA GLY OF 148 86.82 -21.29 87.40
C GLY OF 148 87.82 -20.47 86.62
N VAL OF 149 88.93 -21.10 86.22
CA VAL OF 149 89.94 -20.43 85.42
C VAL OF 149 89.47 -20.38 83.97
N ASP OF 150 89.61 -19.22 83.36
CA ASP OF 150 89.26 -19.04 81.94
C ASP OF 150 90.49 -19.23 81.05
N SER OF 151 91.19 -20.33 81.24
CA SER OF 151 92.38 -20.64 80.48
C SER OF 151 92.23 -21.99 79.80
N ARG OF 152 92.70 -22.08 78.56
CA ARG OF 152 92.65 -23.33 77.84
C ARG OF 152 93.83 -24.24 78.15
N ILE OF 153 95.01 -23.66 78.39
CA ILE OF 153 96.22 -24.44 78.62
C ILE OF 153 96.83 -24.04 79.94
N ILE OF 154 97.15 -25.02 80.77
CA ILE OF 154 97.91 -24.80 82.00
C ILE OF 154 99.20 -25.61 81.89
N PHE OF 155 100.33 -24.93 81.90
CA PHE OF 155 101.65 -25.54 81.94
C PHE OF 155 102.26 -25.33 83.32
N THR OF 156 102.76 -26.41 83.91
CA THR OF 156 103.34 -26.36 85.24
C THR OF 156 104.71 -27.03 85.22
N GLN OF 157 105.65 -26.42 85.93
CA GLN OF 157 106.99 -26.99 86.06
C GLN OF 157 107.64 -26.47 87.35
N GLY OF 158 108.52 -27.29 87.89
CA GLY OF 158 109.27 -26.91 89.07
C GLY OF 158 110.73 -27.31 88.94
N LEU OF 159 111.65 -26.42 89.30
CA LEU OF 159 113.05 -26.61 89.00
C LEU OF 159 113.96 -26.58 90.21
N GLY OF 160 113.42 -26.45 91.43
CA GLY OF 160 114.24 -26.49 92.62
C GLY OF 160 115.09 -25.27 92.85
N SER OF 161 116.40 -25.43 92.73
CA SER OF 161 117.35 -24.34 92.96
C SER OF 161 118.36 -24.27 91.84
N ASP OF 162 117.91 -24.52 90.61
CA ASP OF 162 118.81 -24.41 89.46
C ASP OF 162 119.05 -22.95 89.09
N LYS OF 163 118.06 -22.09 89.32
CA LYS OF 163 118.15 -20.68 88.95
C LYS OF 163 118.03 -19.83 90.21
N PRO OF 164 119.14 -19.43 90.83
CA PRO OF 164 119.05 -18.60 92.03
C PRO OF 164 118.68 -17.16 91.70
N ILE OF 165 117.55 -16.71 92.25
CA ILE OF 165 117.06 -15.38 91.95
C ILE OF 165 117.81 -14.28 92.69
N THR OF 166 118.62 -14.64 93.67
CA THR OF 166 119.39 -13.65 94.42
C THR OF 166 120.69 -14.27 94.88
N SER OF 167 121.67 -13.40 95.16
CA SER OF 167 122.94 -13.86 95.70
C SER OF 167 122.80 -14.30 97.15
N TYR OF 168 121.87 -13.70 97.88
CA TYR OF 168 121.67 -14.03 99.29
C TYR OF 168 120.97 -15.38 99.40
N THR OF 169 121.69 -16.39 99.87
CA THR OF 169 121.17 -17.76 99.96
C THR OF 169 121.03 -18.26 101.38
N LEU OF 170 121.11 -17.37 102.37
CA LEU OF 170 121.20 -17.81 103.76
C LEU OF 170 119.87 -18.28 104.32
N GLY OF 171 118.76 -17.71 103.83
CA GLY OF 171 117.46 -18.19 104.25
C GLY OF 171 117.15 -19.57 103.70
N GLY OF 172 116.23 -20.26 104.36
CA GLY OF 172 115.85 -21.59 103.94
C GLY OF 172 114.61 -21.53 103.07
N ASP OF 173 113.47 -21.92 103.62
CA ASP OF 173 112.21 -21.63 102.98
C ASP OF 173 111.75 -20.20 103.24
N ARG OF 174 112.45 -19.48 104.12
CA ARG OF 174 112.27 -18.04 104.26
C ARG OF 174 113.03 -17.26 103.20
N SER OF 175 113.85 -17.92 102.40
CA SER OF 175 114.61 -17.25 101.37
C SER OF 175 113.68 -16.76 100.26
N PRO OF 176 113.99 -15.62 99.65
CA PRO OF 176 113.21 -15.18 98.48
C PRO OF 176 113.41 -16.05 97.26
N ASN OF 177 114.47 -16.87 97.23
CA ASN OF 177 114.67 -17.78 96.09
C ASN OF 177 113.60 -18.85 96.03
N ALA OF 178 113.12 -19.33 97.18
CA ALA OF 178 112.00 -20.24 97.20
C ALA OF 178 110.72 -19.47 96.92
N ARG OF 179 110.06 -19.80 95.83
CA ARG OF 179 108.99 -18.97 95.30
C ARG OF 179 108.14 -19.77 94.32
N VAL OF 180 106.96 -19.23 94.03
CA VAL OF 180 106.10 -19.74 92.98
C VAL OF 180 105.71 -18.57 92.08
N GLU OF 181 105.94 -18.72 90.78
CA GLU OF 181 105.73 -17.64 89.83
C GLU OF 181 104.69 -18.07 88.80
N ILE OF 182 103.83 -17.12 88.43
CA ILE OF 182 102.81 -17.31 87.40
C ILE OF 182 103.06 -16.26 86.32
N THR OF 183 103.08 -16.70 85.07
CA THR OF 183 103.22 -15.81 83.94
C THR OF 183 102.20 -16.16 82.87
N PHE OF 184 101.79 -15.13 82.13
CA PHE OF 184 101.02 -15.34 80.91
C PHE OF 184 101.15 -14.11 80.02
N ARG OF 185 100.54 -14.21 78.85
CA ARG OF 185 100.42 -13.10 77.91
C ARG OF 185 98.93 -12.83 77.69
N ARG OF 186 98.55 -11.56 77.74
CA ARG OF 186 97.14 -11.19 77.65
C ARG OF 186 96.61 -11.46 76.25
N ALA OF 187 95.52 -12.21 76.17
CA ALA OF 187 94.94 -12.58 74.89
C ALA OF 187 93.81 -11.61 74.53
N VAL OF 188 94.24 -10.37 74.26
CA VAL OF 188 93.40 -9.27 73.77
C VAL OF 188 92.21 -8.98 74.69
N CYS PF 42 93.36 -25.11 120.08
CA CYS PF 42 92.47 -24.74 119.00
C CYS PF 42 91.99 -25.97 118.23
N PHE PF 43 91.69 -25.77 116.95
CA PHE PF 43 91.25 -26.85 116.09
C PHE PF 43 91.72 -26.58 114.68
N HIS PF 44 91.91 -27.65 113.89
CA HIS PF 44 92.32 -27.50 112.51
C HIS PF 44 91.37 -28.27 111.60
N PRO PF 45 90.83 -27.63 110.58
CA PRO PF 45 89.99 -28.32 109.58
C PRO PF 45 90.73 -29.42 108.82
N PRO PF 46 92.08 -29.33 108.59
CA PRO PF 46 92.77 -30.57 108.17
C PRO PF 46 92.93 -31.57 109.31
N TYR PF 47 91.81 -32.19 109.72
CA TYR PF 47 91.72 -33.35 110.61
C TYR PF 47 92.29 -33.11 112.01
N ASN PF 48 92.52 -31.83 112.36
CA ASN PF 48 93.15 -31.40 113.61
C ASN PF 48 94.48 -32.12 113.86
N ASN PF 49 95.21 -32.34 112.76
CA ASN PF 49 96.57 -32.92 112.75
C ASN PF 49 96.62 -34.30 113.40
N PHE PF 50 95.51 -35.05 113.26
CA PHE PF 50 95.41 -36.45 113.68
C PHE PF 50 95.67 -36.65 115.17
N GLN PF 51 95.29 -35.71 115.94
CA GLN PF 51 95.38 -35.87 117.38
C GLN PF 51 94.03 -36.26 117.95
N PRO PF 52 93.98 -36.85 119.15
CA PRO PF 52 92.69 -37.01 119.82
C PRO PF 52 92.06 -35.66 120.13
N ASP PF 53 90.79 -35.50 119.74
CA ASP PF 53 90.14 -34.21 119.81
C ASP PF 53 89.82 -33.84 121.25
N ARG PF 54 90.25 -32.65 121.65
CA ARG PF 54 90.02 -32.17 123.00
C ARG PF 54 88.83 -31.23 123.02
N ARG PF 55 87.65 -31.83 122.86
CA ARG PF 55 86.41 -31.07 122.82
C ARG PF 55 86.00 -30.61 124.21
N ALA PF 56 86.19 -31.46 125.22
CA ALA PF 56 85.59 -31.25 126.53
C ALA PF 56 86.21 -30.08 127.26
N VAL PF 57 87.52 -29.90 127.15
CA VAL PF 57 88.19 -28.79 127.83
C VAL PF 57 87.79 -27.46 127.19
N LYS PF 58 87.65 -27.43 125.87
CA LYS PF 58 87.18 -26.23 125.20
C LYS PF 58 85.73 -25.92 125.57
N ARG PF 59 84.91 -26.96 125.71
CA ARG PF 59 83.51 -26.74 126.07
C ARG PF 59 83.37 -26.25 127.51
N VAL PF 60 84.14 -26.80 128.45
CA VAL PF 60 84.03 -26.32 129.82
C VAL PF 60 84.66 -24.94 129.95
N GLY PF 61 85.65 -24.61 129.11
CA GLY PF 61 86.18 -23.27 129.10
C GLY PF 61 85.18 -22.25 128.60
N VAL PF 62 84.49 -22.56 127.48
CA VAL PF 62 83.52 -21.60 126.95
C VAL PF 62 82.22 -21.60 127.73
N ASP PF 63 81.99 -22.59 128.60
CA ASP PF 63 80.86 -22.49 129.52
C ASP PF 63 81.20 -21.78 130.81
N THR PF 64 82.44 -21.91 131.30
CA THR PF 64 82.85 -21.13 132.47
C THR PF 64 83.12 -19.67 132.14
N GLY PF 65 83.40 -19.36 130.88
CA GLY PF 65 83.59 -17.98 130.47
C GLY PF 65 82.28 -17.22 130.34
N GLY PF 88 81.01 -22.06 136.28
CA GLY PF 88 80.05 -22.92 135.61
C GLY PF 88 80.62 -24.27 135.25
N GLY PF 89 81.34 -24.87 136.20
CA GLY PF 89 81.97 -26.16 135.94
C GLY PF 89 80.98 -27.29 135.77
N THR PF 90 79.91 -27.29 136.57
CA THR PF 90 78.92 -28.36 136.50
C THR PF 90 78.11 -28.29 135.22
N VAL PF 91 77.70 -27.08 134.81
CA VAL PF 91 76.95 -26.95 133.57
C VAL PF 91 77.86 -27.21 132.37
N GLY PF 92 79.15 -26.85 132.48
CA GLY PF 92 80.09 -27.21 131.43
C GLY PF 92 80.28 -28.71 131.31
N LEU PF 93 80.35 -29.41 132.45
CA LEU PF 93 80.48 -30.86 132.43
C LEU PF 93 79.23 -31.54 131.88
N VAL PF 94 78.06 -31.05 132.27
CA VAL PF 94 76.83 -31.68 131.79
C VAL PF 94 76.61 -31.36 130.31
N ALA PF 95 77.04 -30.19 129.85
CA ALA PF 95 76.98 -29.88 128.42
C ALA PF 95 77.95 -30.73 127.63
N SER PF 96 79.14 -30.97 128.19
CA SER PF 96 80.13 -31.81 127.53
C SER PF 96 79.66 -33.24 127.41
N ILE PF 97 79.11 -33.80 128.49
CA ILE PF 97 78.64 -35.19 128.41
C ILE PF 97 77.35 -35.29 127.63
N TYR PF 98 76.56 -34.21 127.52
CA TYR PF 98 75.38 -34.25 126.67
C TYR PF 98 75.78 -34.23 125.20
N ARG PF 99 76.77 -33.41 124.84
CA ARG PF 99 77.23 -33.36 123.46
C ARG PF 99 78.01 -34.61 123.09
N ASP PF 100 78.67 -35.25 124.05
CA ASP PF 100 79.43 -36.46 123.80
C ASP PF 100 78.62 -37.72 124.07
N SER PF 101 77.36 -37.60 124.48
CA SER PF 101 76.50 -38.76 124.59
C SER PF 101 76.22 -39.34 123.21
N LYS PF 102 76.18 -40.67 123.14
CA LYS PF 102 76.14 -41.38 121.87
C LYS PF 102 74.85 -41.14 121.11
N ARG PF 103 73.74 -40.92 121.83
CA ARG PF 103 72.46 -40.63 121.20
C ARG PF 103 72.50 -39.32 120.42
N LYS PF 104 73.12 -38.29 121.01
CA LYS PF 104 73.24 -37.01 120.31
C LYS PF 104 74.23 -37.11 119.15
N ILE PF 105 75.23 -37.99 119.26
CA ILE PF 105 76.13 -38.24 118.14
C ILE PF 105 75.38 -38.86 116.97
N ILE PF 106 74.52 -39.84 117.26
CA ILE PF 106 73.70 -40.48 116.23
C ILE PF 106 72.72 -39.47 115.63
N ARG PF 107 72.15 -38.59 116.46
CA ARG PF 107 71.25 -37.56 115.95
C ARG PF 107 71.98 -36.57 115.05
N ASP PF 108 73.22 -36.23 115.41
CA ASP PF 108 74.03 -35.37 114.55
C ASP PF 108 74.35 -36.05 113.23
N LEU PF 109 74.62 -37.36 113.26
CA LEU PF 109 74.88 -38.07 112.02
C LEU PF 109 73.62 -38.19 111.16
N GLN PF 110 72.45 -38.27 111.79
CA GLN PF 110 71.21 -38.27 111.03
C GLN PF 110 70.93 -36.90 110.42
N LYS PF 111 71.25 -35.83 111.15
CA LYS PF 111 71.15 -34.49 110.57
C LYS PF 111 72.17 -34.28 109.47
N GLN PF 112 73.30 -34.98 109.53
CA GLN PF 112 74.24 -35.03 108.43
C GLN PF 112 73.82 -36.12 107.45
N ASP PF 113 74.61 -36.28 106.40
CA ASP PF 113 74.27 -37.21 105.32
C ASP PF 113 74.98 -38.56 105.55
N ILE PF 114 74.72 -39.16 106.70
CA ILE PF 114 75.29 -40.44 107.07
C ILE PF 114 74.14 -41.37 107.46
N GLN PF 115 74.13 -42.58 106.90
CA GLN PF 115 73.09 -43.56 107.21
C GLN PF 115 73.65 -44.59 108.19
N TYR PF 116 72.97 -44.79 109.30
CA TYR PF 116 73.42 -45.75 110.30
C TYR PF 116 72.34 -46.79 110.53
N VAL PF 117 72.76 -48.06 110.57
CA VAL PF 117 71.86 -49.17 110.83
C VAL PF 117 72.39 -49.94 112.04
N GLU PF 118 71.52 -50.11 113.03
CA GLU PF 118 71.80 -50.90 114.22
C GLU PF 118 70.90 -52.13 114.18
N TYR PF 119 71.50 -53.32 114.26
CA TYR PF 119 70.72 -54.56 114.24
C TYR PF 119 71.45 -55.62 115.06
N GLY PF 120 71.06 -55.75 116.32
CA GLY PF 120 71.65 -56.77 117.18
C GLY PF 120 73.08 -56.43 117.53
N ASP PF 121 73.96 -57.41 117.38
CA ASP PF 121 75.37 -57.22 117.56
C ASP PF 121 76.07 -56.77 116.28
N THR PF 122 75.34 -56.62 115.19
CA THR PF 122 75.89 -56.24 113.90
C THR PF 122 75.54 -54.78 113.63
N ARG PF 123 76.55 -53.96 113.37
CA ARG PF 123 76.34 -52.53 113.17
C ARG PF 123 76.96 -52.08 111.86
N THR PF 124 76.22 -51.24 111.12
CA THR PF 124 76.60 -50.89 109.76
C THR PF 124 76.42 -49.40 109.50
N LEU PF 125 77.27 -48.88 108.64
CA LEU PF 125 77.28 -47.49 108.22
C LEU PF 125 77.27 -47.39 106.71
N ILE PF 126 76.48 -46.46 106.18
CA ILE PF 126 76.36 -46.21 104.76
C ILE PF 126 76.74 -44.77 104.49
N ILE PF 127 77.69 -44.58 103.58
CA ILE PF 127 78.24 -43.27 103.26
C ILE PF 127 77.98 -43.00 101.79
N PRO PF 128 77.45 -41.83 101.41
CA PRO PF 128 77.31 -41.48 99.99
C PRO PF 128 78.61 -40.94 99.41
N THR PF 129 79.10 -41.61 98.37
CA THR PF 129 80.36 -41.23 97.75
C THR PF 129 80.27 -39.91 97.04
N ASP PF 130 79.07 -39.55 96.55
CA ASP PF 130 78.91 -38.35 95.74
C ASP PF 130 79.09 -37.08 96.57
N LYS PF 131 78.79 -37.13 97.86
CA LYS PF 131 79.04 -35.99 98.73
C LYS PF 131 80.27 -36.15 99.59
N TYR PF 132 80.71 -37.38 99.84
CA TYR PF 132 81.88 -37.59 100.69
C TYR PF 132 83.07 -38.11 99.90
N PHE PF 133 83.15 -37.73 98.62
CA PHE PF 133 84.23 -38.17 97.75
C PHE PF 133 84.40 -37.15 96.64
N MET PF 134 85.63 -37.01 96.17
CA MET PF 134 85.83 -36.32 94.91
C MET PF 134 85.38 -37.22 93.77
N PHE PF 135 84.82 -36.61 92.73
CA PHE PF 135 84.19 -37.37 91.66
C PHE PF 135 85.23 -38.08 90.81
N SER PF 136 84.98 -39.38 90.57
CA SER PF 136 85.72 -40.21 89.63
C SER PF 136 87.20 -40.31 89.98
N SER PF 137 87.53 -40.22 91.26
CA SER PF 137 88.91 -40.22 91.72
C SER PF 137 88.92 -40.77 93.13
N PRO PF 138 90.04 -41.36 93.56
CA PRO PF 138 90.15 -41.77 94.97
C PRO PF 138 90.30 -40.61 95.94
N ARG PF 139 90.44 -39.39 95.45
CA ARG PF 139 90.56 -38.22 96.31
C ARG PF 139 89.25 -37.95 97.04
N LEU PF 140 89.34 -37.16 98.10
CA LEU PF 140 88.22 -36.97 99.01
C LEU PF 140 88.00 -35.49 99.28
N ASN PF 141 86.73 -35.13 99.46
CA ASN PF 141 86.38 -33.76 99.78
C ASN PF 141 86.81 -33.42 101.20
N GLU PF 142 87.52 -32.32 101.36
CA GLU PF 142 87.96 -31.90 102.68
C GLU PF 142 86.81 -31.31 103.51
N ILE PF 143 85.83 -30.69 102.84
CA ILE PF 143 84.81 -29.89 103.51
C ILE PF 143 83.90 -30.73 104.38
N CYS PF 144 83.73 -32.01 104.04
CA CYS PF 144 82.86 -32.90 104.82
C CYS PF 144 83.59 -33.55 105.99
N TYR PF 145 84.65 -32.93 106.49
CA TYR PF 145 85.37 -33.45 107.65
C TYR PF 145 84.59 -33.58 108.97
N PRO PF 146 83.51 -32.81 109.29
CA PRO PF 146 82.78 -33.12 110.53
C PRO PF 146 82.18 -34.51 110.59
N GLY PF 147 81.70 -35.01 109.45
CA GLY PF 147 81.22 -36.38 109.41
C GLY PF 147 82.32 -37.39 109.66
N LEU PF 148 83.51 -37.12 109.13
CA LEU PF 148 84.64 -38.01 109.35
C LEU PF 148 85.07 -38.02 110.81
N ASN PF 149 85.08 -36.85 111.44
CA ASN PF 149 85.41 -36.77 112.85
C ASN PF 149 84.36 -37.47 113.71
N ASN PF 150 83.08 -37.37 113.32
CA ASN PF 150 82.04 -38.11 114.01
C ASN PF 150 82.21 -39.60 113.84
N VAL PF 151 82.66 -40.03 112.65
CA VAL PF 151 82.91 -41.44 112.39
C VAL PF 151 84.03 -41.97 113.27
N ILE PF 152 85.10 -41.19 113.41
CA ILE PF 152 86.21 -41.59 114.28
C ILE PF 152 85.78 -41.62 115.74
N ARG PF 153 84.99 -40.63 116.16
CA ARG PF 153 84.49 -40.61 117.53
C ARG PF 153 83.55 -41.77 117.83
N LEU PF 154 82.78 -42.20 116.83
CA LEU PF 154 81.92 -43.36 117.02
C LEU PF 154 82.74 -44.65 117.05
N LEU PF 155 83.69 -44.79 116.14
CA LEU PF 155 84.50 -46.00 116.05
C LEU PF 155 85.51 -46.13 117.16
N ASN PF 156 85.69 -45.08 117.97
CA ASN PF 156 86.40 -45.22 119.23
C ASN PF 156 85.74 -46.24 120.16
N PHE PF 157 84.41 -46.38 120.09
CA PHE PF 157 83.67 -47.15 121.08
C PHE PF 157 83.84 -48.65 120.94
N TYR PF 158 84.42 -49.16 119.86
CA TYR PF 158 84.54 -50.60 119.64
C TYR PF 158 85.98 -50.97 119.36
N PRO PF 159 86.80 -51.10 120.40
CA PRO PF 159 88.23 -51.34 120.20
C PRO PF 159 88.64 -52.81 120.12
N GLN PF 160 87.69 -53.74 119.97
CA GLN PF 160 88.04 -55.14 119.85
C GLN PF 160 87.38 -55.84 118.67
N SER PF 161 86.36 -55.24 118.05
CA SER PF 161 85.67 -55.89 116.95
C SER PF 161 86.39 -55.64 115.63
N THR PF 162 86.30 -56.62 114.74
CA THR PF 162 86.83 -56.47 113.39
C THR PF 162 85.89 -55.63 112.55
N ILE PF 163 86.47 -54.78 111.71
CA ILE PF 163 85.70 -53.86 110.88
C ILE PF 163 85.95 -54.21 109.42
N TYR PF 164 84.88 -54.35 108.66
CA TYR PF 164 84.98 -54.63 107.24
C TYR PF 164 84.32 -53.50 106.46
N VAL PF 165 84.91 -53.16 105.32
CA VAL PF 165 84.38 -52.09 104.48
C VAL PF 165 84.22 -52.59 103.06
N ALA PF 166 83.26 -52.00 102.35
CA ALA PF 166 82.98 -52.36 100.98
C ALA PF 166 82.50 -51.13 100.23
N GLY PF 167 82.77 -51.12 98.93
CA GLY PF 167 82.40 -50.02 98.07
C GLY PF 167 81.41 -50.47 97.00
N PHE PF 168 80.51 -49.56 96.62
CA PHE PF 168 79.50 -49.85 95.62
C PHE PF 168 79.24 -48.64 94.76
N THR PF 169 78.90 -48.88 93.50
CA THR PF 169 78.56 -47.83 92.56
C THR PF 169 77.34 -48.30 91.75
N ASP PF 170 77.01 -47.56 90.70
CA ASP PF 170 75.88 -47.89 89.84
C ASP PF 170 76.34 -48.78 88.69
N ASN PF 171 75.46 -48.96 87.70
CA ASN PF 171 75.62 -49.96 86.65
C ASN PF 171 76.19 -49.39 85.36
N VAL PF 172 76.58 -48.13 85.35
CA VAL PF 172 77.04 -47.48 84.12
C VAL PF 172 78.55 -47.61 84.02
N GLY PF 173 79.03 -48.09 82.88
CA GLY PF 173 80.45 -48.10 82.57
C GLY PF 173 80.99 -49.50 82.40
N SER PF 174 82.30 -49.59 82.24
CA SER PF 174 82.97 -50.87 82.14
C SER PF 174 82.92 -51.61 83.47
N ARG PF 175 82.75 -52.92 83.40
CA ARG PF 175 82.78 -53.76 84.59
C ARG PF 175 84.16 -53.70 85.25
N SER PF 176 85.21 -53.73 84.42
CA SER PF 176 86.58 -53.61 84.92
C SER PF 176 86.79 -52.25 85.59
N HIS PF 177 86.29 -51.19 84.98
CA HIS PF 177 86.39 -49.86 85.57
C HIS PF 177 85.63 -49.78 86.89
N LYS PF 178 84.46 -50.43 86.94
CA LYS PF 178 83.65 -50.46 88.15
C LYS PF 178 84.41 -51.12 89.30
N ARG PF 179 84.95 -52.31 89.06
CA ARG PF 179 85.62 -53.01 90.15
C ARG PF 179 86.93 -52.36 90.52
N LYS PF 180 87.65 -51.77 89.55
CA LYS PF 180 88.90 -51.09 89.88
C LYS PF 180 88.66 -49.84 90.71
N LEU PF 181 87.67 -49.03 90.33
CA LEU PF 181 87.36 -47.83 91.09
C LEU PF 181 86.78 -48.18 92.47
N SER PF 182 86.00 -49.25 92.55
CA SER PF 182 85.45 -49.69 93.83
C SER PF 182 86.55 -50.14 94.77
N GLN PF 183 87.53 -50.91 94.27
CA GLN PF 183 88.66 -51.30 95.11
C GLN PF 183 89.52 -50.11 95.49
N ALA PF 184 89.63 -49.12 94.60
CA ALA PF 184 90.38 -47.91 94.92
C ALA PF 184 89.73 -47.14 96.06
N GLN PF 185 88.41 -47.00 96.02
CA GLN PF 185 87.71 -46.30 97.10
C GLN PF 185 87.77 -47.09 98.40
N ALA PF 186 87.72 -48.42 98.30
CA ALA PF 186 87.85 -49.27 99.48
C ALA PF 186 89.22 -49.11 100.13
N GLU PF 187 90.27 -49.07 99.32
CA GLU PF 187 91.61 -48.88 99.87
C GLU PF 187 91.79 -47.47 100.41
N THR PF 188 91.10 -46.49 99.82
CA THR PF 188 91.13 -45.12 100.34
C THR PF 188 90.54 -45.06 101.75
N MET PF 189 89.38 -45.69 101.93
CA MET PF 189 88.75 -45.73 103.25
C MET PF 189 89.59 -46.51 104.24
N MET PF 190 90.22 -47.60 103.78
CA MET PF 190 91.07 -48.41 104.65
C MET PF 190 92.28 -47.62 105.12
N THR PF 191 92.91 -46.87 104.22
CA THR PF 191 94.06 -46.04 104.58
C THR PF 191 93.65 -44.93 105.54
N PHE PF 192 92.49 -44.32 105.30
CA PHE PF 192 92.02 -43.26 106.19
C PHE PF 192 91.74 -43.78 107.59
N LEU PF 193 91.15 -44.97 107.69
CA LEU PF 193 90.88 -45.53 109.00
C LEU PF 193 92.15 -46.02 109.68
N TRP PF 194 93.11 -46.52 108.91
CA TRP PF 194 94.37 -46.97 109.48
C TRP PF 194 95.21 -45.80 109.97
N ALA PF 195 95.07 -44.64 109.34
CA ALA PF 195 95.80 -43.46 109.76
C ALA PF 195 95.33 -42.93 111.10
N ASN PF 196 94.14 -43.31 111.55
CA ASN PF 196 93.62 -42.85 112.83
C ASN PF 196 93.90 -43.82 113.96
N GLY PF 197 95.01 -44.55 113.90
CA GLY PF 197 95.48 -45.32 115.03
C GLY PF 197 94.86 -46.69 115.20
N ILE PF 198 94.16 -47.20 114.19
CA ILE PF 198 93.57 -48.52 114.28
C ILE PF 198 94.50 -49.53 113.63
N ALA PF 199 94.71 -50.65 114.30
CA ALA PF 199 95.65 -51.66 113.82
C ALA PF 199 95.13 -52.34 112.57
N ALA PF 200 95.99 -52.46 111.56
CA ALA PF 200 95.59 -52.93 110.24
C ALA PF 200 95.18 -54.39 110.23
N LYS PF 201 95.62 -55.18 111.20
CA LYS PF 201 95.20 -56.57 111.29
C LYS PF 201 93.75 -56.71 111.76
N ARG PF 202 93.13 -55.64 112.24
CA ARG PF 202 91.71 -55.63 112.54
C ARG PF 202 90.86 -55.33 111.32
N LEU PF 203 91.46 -55.15 110.15
CA LEU PF 203 90.78 -54.50 109.03
C LEU PF 203 90.80 -55.37 107.79
N LYS PF 204 89.81 -55.15 106.92
CA LYS PF 204 89.68 -55.84 105.65
C LYS PF 204 88.78 -55.02 104.74
N ALA PF 205 89.15 -54.92 103.46
CA ALA PF 205 88.47 -54.05 102.52
C ALA PF 205 88.05 -54.81 101.28
N GLU PF 206 86.95 -54.36 100.68
CA GLU PF 206 86.51 -54.91 99.41
C GLU PF 206 85.65 -53.89 98.66
N GLY PF 207 85.73 -53.91 97.34
CA GLY PF 207 84.89 -53.05 96.52
C GLY PF 207 84.21 -53.80 95.41
N TYR PF 208 82.89 -53.86 95.45
CA TYR PF 208 82.12 -54.51 94.40
C TYR PF 208 81.56 -53.48 93.44
N GLY PF 209 81.09 -53.97 92.30
CA GLY PF 209 80.57 -53.10 91.27
C GLY PF 209 79.08 -52.98 91.36
N ASP PF 210 78.36 -53.66 90.46
CA ASP PF 210 76.91 -53.62 90.44
C ASP PF 210 76.32 -55.01 90.69
N LYS PF 211 77.03 -55.84 91.45
CA LYS PF 211 76.60 -57.21 91.66
C LYS PF 211 75.43 -57.33 92.63
N ASN PF 212 75.20 -56.32 93.46
CA ASN PF 212 74.15 -56.40 94.48
C ASN PF 212 73.74 -54.99 94.84
N ALA PF 213 72.59 -54.56 94.33
CA ALA PF 213 72.11 -53.21 94.53
C ALA PF 213 70.86 -53.22 95.41
N ILE PF 214 70.58 -52.05 95.98
CA ILE PF 214 69.39 -51.87 96.82
C ILE PF 214 68.31 -51.07 96.13
N SER PF 215 68.58 -50.51 94.95
CA SER PF 215 67.60 -49.73 94.22
C SER PF 215 67.77 -49.95 92.73
N ASP PF 216 66.70 -49.70 91.99
CA ASP PF 216 66.74 -49.85 90.55
C ASP PF 216 67.50 -48.70 89.91
N ASN PF 217 68.38 -49.02 88.97
CA ASN PF 217 69.18 -47.99 88.31
C ASN PF 217 68.46 -47.34 87.15
N ALA PF 218 67.31 -47.87 86.70
CA ALA PF 218 66.57 -47.23 85.63
C ALA PF 218 65.84 -45.98 86.09
N ILE PF 219 65.69 -45.79 87.39
CA ILE PF 219 65.18 -44.55 87.97
C ILE PF 219 66.36 -43.76 88.49
N ILE PF 220 66.36 -42.45 88.24
CA ILE PF 220 67.53 -41.60 88.46
C ILE PF 220 67.86 -41.49 89.95
N HIS PF 221 66.84 -41.31 90.79
CA HIS PF 221 67.08 -41.18 92.21
C HIS PF 221 67.54 -42.50 92.82
N GLY PF 222 67.02 -43.63 92.32
CA GLY PF 222 67.51 -44.93 92.78
C GLY PF 222 68.93 -45.20 92.34
N SER PF 223 69.29 -44.78 91.13
CA SER PF 223 70.67 -44.94 90.67
C SER PF 223 71.63 -44.04 91.44
N ALA PF 224 71.16 -42.87 91.87
CA ALA PF 224 71.95 -42.06 92.78
C ALA PF 224 72.03 -42.71 94.16
N GLN PF 225 70.99 -43.44 94.55
CA GLN PF 225 71.00 -44.15 95.83
C GLN PF 225 71.99 -45.31 95.83
N ASN PF 226 72.17 -45.96 94.68
CA ASN PF 226 72.86 -47.25 94.65
C ASN PF 226 74.35 -47.15 94.97
N ARG PF 227 75.00 -46.05 94.62
CA ARG PF 227 76.40 -45.87 94.95
C ARG PF 227 76.55 -45.60 96.44
N ARG PF 228 77.37 -46.39 97.12
CA ARG PF 228 77.38 -46.34 98.58
C ARG PF 228 78.71 -46.89 99.12
N ILE PF 229 78.94 -46.62 100.39
CA ILE PF 229 80.06 -47.18 101.14
C ILE PF 229 79.48 -47.91 102.35
N GLU PF 230 79.78 -49.19 102.46
CA GLU PF 230 79.26 -50.08 103.49
C GLU PF 230 80.33 -50.34 104.53
N ILE PF 231 79.97 -50.19 105.80
CA ILE PF 231 80.86 -50.47 106.92
C ILE PF 231 80.14 -51.42 107.87
N GLN PF 232 80.72 -52.59 108.10
CA GLN PF 232 80.13 -53.59 108.97
C GLN PF 232 81.06 -53.91 110.11
N TRP PF 233 80.50 -54.10 111.31
CA TRP PF 233 81.30 -54.68 112.38
C TRP PF 233 80.43 -55.54 113.29
N PHE PF 234 81.06 -56.57 113.85
CA PHE PF 234 80.45 -57.48 114.81
C PHE PF 234 80.64 -56.94 116.22
N THR PF 235 80.40 -57.79 117.21
CA THR PF 235 80.69 -57.46 118.60
C THR PF 235 81.76 -58.38 119.17
N SER PF 236 81.56 -59.69 119.12
CA SER PF 236 82.52 -60.63 119.68
C SER PF 236 83.02 -61.61 118.62
N LEU QF 113 125.53 -80.03 119.71
CA LEU QF 113 125.57 -79.41 118.38
C LEU QF 113 124.26 -78.69 118.08
N ASN QF 114 123.61 -78.19 119.14
CA ASN QF 114 122.30 -77.57 119.04
C ASN QF 114 122.25 -76.15 119.57
N ARG QF 115 123.17 -75.75 120.43
CA ARG QF 115 123.14 -74.42 121.01
C ARG QF 115 124.57 -73.95 121.19
N PHE QF 116 124.86 -72.71 120.78
CA PHE QF 116 126.20 -72.18 120.86
C PHE QF 116 126.17 -70.74 121.39
N ARG QF 117 127.11 -70.44 122.28
CA ARG QF 117 127.29 -69.10 122.81
C ARG QF 117 128.76 -68.73 122.71
N TYR QF 118 129.05 -67.55 122.16
CA TYR QF 118 130.41 -67.07 122.02
C TYR QF 118 130.52 -65.68 122.64
N GLU QF 119 131.57 -65.49 123.44
CA GLU QF 119 131.84 -64.21 124.09
C GLU QF 119 133.34 -63.94 124.10
N GLY QF 120 133.69 -62.66 124.19
CA GLY QF 120 135.03 -62.28 124.59
C GLY QF 120 136.06 -62.08 123.50
N ALA QF 121 135.74 -61.24 122.50
CA ALA QF 121 136.69 -60.70 121.53
C ALA QF 121 137.42 -61.78 120.74
N GLY QF 122 136.65 -62.52 119.94
CA GLY QF 122 137.17 -63.69 119.28
C GLY QF 122 136.92 -63.65 117.78
N VAL QF 123 137.58 -64.57 117.08
CA VAL QF 123 137.45 -64.73 115.63
C VAL QF 123 137.06 -66.18 115.35
N VAL QF 124 135.92 -66.37 114.70
CA VAL QF 124 135.44 -67.70 114.34
C VAL QF 124 135.17 -67.72 112.84
N THR QF 125 135.78 -68.67 112.14
CA THR QF 125 135.59 -68.85 110.71
C THR QF 125 135.23 -70.31 110.45
N GLY QF 126 134.27 -70.53 109.56
CA GLY QF 126 133.82 -71.88 109.24
C GLY QF 126 133.28 -71.95 107.83
N ASN QF 127 133.56 -73.07 107.18
CA ASN QF 127 133.05 -73.32 105.84
C ASN QF 127 132.59 -74.77 105.76
N ASN QF 128 131.59 -74.99 104.89
CA ASN QF 128 130.98 -76.31 104.64
C ASN QF 128 130.42 -76.93 105.92
N LEU QF 129 129.49 -76.22 106.54
CA LEU QF 129 128.78 -76.70 107.73
C LEU QF 129 127.30 -76.86 107.41
N ARG QF 130 126.71 -77.98 107.85
CA ARG QF 130 125.30 -78.24 107.68
C ARG QF 130 124.64 -78.41 109.04
N THR QF 131 123.45 -77.83 109.18
CA THR QF 131 122.65 -78.03 110.38
C THR QF 131 121.19 -77.86 110.03
N SER QF 132 120.33 -78.46 110.85
CA SER QF 132 118.89 -78.32 110.69
C SER QF 132 118.40 -77.07 111.43
N TYR QF 133 118.62 -77.02 112.74
CA TYR QF 133 118.26 -75.84 113.53
C TYR QF 133 119.13 -75.81 114.77
N LEU QF 134 119.69 -74.64 115.08
CA LEU QF 134 120.46 -74.42 116.29
C LEU QF 134 120.17 -73.02 116.80
N ASP QF 135 120.48 -72.79 118.07
CA ASP QF 135 120.27 -71.50 118.70
C ASP QF 135 121.62 -70.85 118.97
N LEU QF 136 121.80 -69.63 118.48
CA LEU QF 136 123.09 -68.95 118.50
C LEU QF 136 123.03 -67.68 119.32
N TYR QF 137 124.07 -67.46 120.13
CA TYR QF 137 124.15 -66.27 120.98
C TYR QF 137 125.58 -65.72 120.90
N LEU QF 138 125.75 -64.62 120.18
CA LEU QF 138 127.03 -63.95 120.04
C LEU QF 138 127.08 -62.70 120.91
N ALA QF 139 128.24 -62.45 121.51
CA ALA QF 139 128.43 -61.26 122.32
C ALA QF 139 129.90 -60.88 122.28
N ASN QF 140 130.14 -59.57 122.38
CA ASN QF 140 131.45 -58.97 122.61
C ASN QF 140 132.46 -59.33 121.51
N GLU QF 141 132.16 -58.81 120.32
CA GLU QF 141 132.94 -58.89 119.07
C GLU QF 141 133.45 -60.32 118.79
N GLY QF 142 132.48 -61.18 118.52
CA GLY QF 142 132.79 -62.43 117.87
C GLY QF 142 132.73 -62.25 116.37
N THR QF 143 133.88 -62.00 115.75
CA THR QF 143 133.97 -61.80 114.31
C THR QF 143 133.76 -63.14 113.62
N THR QF 144 132.58 -63.33 113.04
CA THR QF 144 132.14 -64.63 112.55
C THR QF 144 132.02 -64.59 111.03
N ARG QF 145 132.71 -65.52 110.38
CA ARG QF 145 132.58 -65.74 108.95
C ARG QF 145 132.10 -67.18 108.73
N LEU QF 146 131.01 -67.34 108.00
CA LEU QF 146 130.43 -68.65 107.74
C LEU QF 146 130.11 -68.80 106.27
N ALA QF 147 130.48 -69.95 105.70
CA ALA QF 147 130.33 -70.19 104.27
C ALA QF 147 129.73 -71.58 104.02
N GLY QF 148 128.66 -71.90 104.74
CA GLY QF 148 127.99 -73.17 104.54
C GLY QF 148 126.48 -73.04 104.46
N ASN QF 149 125.78 -74.16 104.45
CA ASN QF 149 124.31 -74.18 104.43
C ASN QF 149 123.83 -74.39 105.85
N ILE QF 150 123.40 -73.31 106.49
CA ILE QF 150 123.01 -73.32 107.90
C ILE QF 150 121.60 -72.77 108.00
N GLY QF 151 120.73 -73.53 108.66
CA GLY QF 151 119.38 -73.09 108.97
C GLY QF 151 119.19 -72.98 110.47
N LEU QF 152 118.55 -71.88 110.88
CA LEU QF 152 118.31 -71.62 112.30
C LEU QF 152 117.17 -70.63 112.42
N GLN QF 153 116.62 -70.53 113.62
CA GLN QF 153 115.55 -69.58 113.90
C GLN QF 153 115.94 -68.48 114.87
N LYS QF 154 116.77 -68.78 115.87
CA LYS QF 154 117.08 -67.84 116.93
C LYS QF 154 118.58 -67.56 116.97
N LEU QF 155 118.95 -66.36 116.55
CA LEU QF 155 120.30 -65.84 116.65
C LEU QF 155 120.23 -64.49 117.35
N GLU QF 156 121.00 -64.33 118.43
CA GLU QF 156 120.98 -63.11 119.22
C GLU QF 156 122.40 -62.60 119.40
N ALA QF 157 122.68 -61.42 118.84
CA ALA QF 157 123.96 -60.75 119.03
C ALA QF 157 123.76 -59.56 119.95
N VAL QF 158 124.59 -59.46 120.98
CA VAL QF 158 124.40 -58.44 122.01
C VAL QF 158 124.77 -57.07 121.48
N GLY QF 159 126.02 -56.89 121.06
CA GLY QF 159 126.45 -55.61 120.55
C GLY QF 159 127.94 -55.51 120.33
N ASN QF 160 128.35 -54.49 119.56
CA ASN QF 160 129.75 -54.19 119.22
C ASN QF 160 130.44 -55.39 118.54
N GLY QF 161 129.69 -56.09 117.68
CA GLY QF 161 130.20 -57.27 117.03
C GLY QF 161 129.97 -57.21 115.53
N VAL QF 162 130.58 -58.17 114.83
CA VAL QF 162 130.50 -58.26 113.39
C VAL QF 162 130.22 -59.71 113.00
N THR QF 163 129.25 -59.91 112.11
CA THR QF 163 128.83 -61.24 111.69
C THR QF 163 128.57 -61.26 110.19
N GLN QF 164 129.17 -62.23 109.51
CA GLN QF 164 129.15 -62.29 108.05
C GLN QF 164 128.80 -63.73 107.65
N ILE QF 165 127.59 -63.95 107.17
CA ILE QF 165 127.06 -65.29 106.93
C ILE QF 165 126.76 -65.46 105.44
N ASN QF 166 127.31 -66.52 104.85
CA ASN QF 166 127.06 -66.88 103.46
C ASN QF 166 126.34 -68.21 103.43
N GLY QF 167 125.06 -68.19 103.06
CA GLY QF 167 124.26 -69.39 102.94
C GLY QF 167 123.34 -69.60 104.11
N VAL QF 168 122.08 -69.22 103.96
CA VAL QF 168 121.07 -69.35 105.00
C VAL QF 168 119.82 -69.93 104.37
N SER QF 169 119.32 -71.03 104.92
CA SER QF 169 118.09 -71.65 104.45
C SER QF 169 117.32 -72.14 105.67
N SER QF 170 116.36 -71.34 106.11
CA SER QF 170 115.48 -71.72 107.20
C SER QF 170 114.05 -71.37 106.83
N ARG QF 171 113.12 -72.25 107.18
CA ARG QF 171 111.71 -71.99 106.95
C ARG QF 171 111.14 -71.00 107.95
N ASN QF 172 111.85 -70.70 109.03
CA ASN QF 172 111.40 -69.71 109.99
C ASN QF 172 112.62 -68.99 110.55
N LEU QF 173 112.42 -67.72 110.92
CA LEU QF 173 113.47 -66.90 111.49
C LEU QF 173 112.85 -65.76 112.27
N GLN QF 174 113.48 -65.40 113.39
CA GLN QF 174 113.01 -64.28 114.20
C GLN QF 174 114.19 -63.75 115.00
N ILE QF 175 114.66 -62.56 114.66
CA ILE QF 175 115.87 -61.96 115.23
C ILE QF 175 115.50 -60.62 115.86
N VAL QF 176 115.98 -60.38 117.07
CA VAL QF 176 115.87 -59.08 117.71
C VAL QF 176 117.27 -58.64 118.13
N LEU QF 177 117.44 -57.33 118.31
CA LEU QF 177 118.73 -56.74 118.59
C LEU QF 177 118.67 -55.89 119.86
N LYS QF 178 119.83 -55.67 120.44
CA LYS QF 178 119.94 -54.90 121.68
C LYS QF 178 120.98 -53.79 121.61
N GLY QF 179 122.09 -54.00 120.91
CA GLY QF 179 123.15 -53.01 120.85
C GLY QF 179 123.40 -52.45 119.47
N ASP QF 180 124.66 -52.40 119.05
CA ASP QF 180 125.05 -51.89 117.74
C ASP QF 180 125.94 -52.92 117.05
N PRO QF 181 125.33 -53.94 116.43
CA PRO QF 181 126.13 -54.91 115.69
C PRO QF 181 126.25 -54.57 114.21
N LYS QF 182 127.03 -55.35 113.48
CA LYS QF 182 127.17 -55.20 112.03
C LYS QF 182 127.06 -56.57 111.40
N VAL QF 183 125.93 -56.82 110.75
CA VAL QF 183 125.65 -58.16 110.23
C VAL QF 183 125.38 -58.09 108.73
N LEU QF 184 125.74 -59.17 108.05
CA LEU QF 184 125.39 -59.35 106.65
C LEU QF 184 125.09 -60.82 106.42
N ILE QF 185 124.03 -61.10 105.67
CA ILE QF 185 123.55 -62.46 105.46
C ILE QF 185 123.18 -62.63 103.99
N SER QF 186 123.72 -63.67 103.36
CA SER QF 186 123.32 -64.08 102.02
C SER QF 186 122.53 -65.37 102.10
N GLY QF 187 121.39 -65.42 101.42
CA GLY QF 187 120.55 -66.59 101.38
C GLY QF 187 119.09 -66.22 101.36
N PHE QF 188 118.25 -67.17 101.72
CA PHE QF 188 116.80 -67.02 101.70
C PHE QF 188 116.26 -67.05 103.13
N VAL QF 189 115.48 -66.02 103.48
CA VAL QF 189 115.06 -65.77 104.85
C VAL QF 189 113.54 -65.68 104.92
N ASN QF 190 112.95 -66.44 105.84
CA ASN QF 190 111.53 -66.27 106.19
C ASN QF 190 111.49 -65.55 107.53
N LEU QF 191 111.21 -64.26 107.50
CA LEU QF 191 111.27 -63.39 108.68
C LEU QF 191 109.89 -62.83 108.99
N ARG QF 192 109.64 -62.56 110.27
CA ARG QF 192 108.33 -62.15 110.75
C ARG QF 192 108.32 -60.78 111.41
N GLN QF 193 109.23 -60.52 112.34
CA GLN QF 193 109.11 -59.36 113.21
C GLN QF 193 110.47 -58.76 113.49
N LEU QF 194 110.56 -57.43 113.39
CA LEU QF 194 111.79 -56.70 113.67
C LEU QF 194 111.51 -55.62 114.70
N ASP QF 195 112.34 -55.55 115.74
CA ASP QF 195 112.18 -54.58 116.81
C ASP QF 195 113.55 -53.97 117.10
N MET QF 196 113.79 -52.79 116.55
CA MET QF 196 115.10 -52.15 116.63
C MET QF 196 115.02 -50.93 117.54
N TYR QF 197 115.94 -50.86 118.50
CA TYR QF 197 115.96 -49.77 119.46
C TYR QF 197 117.34 -49.19 119.71
N GLY QF 198 118.38 -49.66 119.03
CA GLY QF 198 119.72 -49.18 119.28
C GLY QF 198 120.35 -48.43 118.14
N LYS QF 199 121.50 -48.92 117.69
CA LYS QF 199 122.32 -48.32 116.63
C LYS QF 199 122.75 -49.40 115.64
N GLY QF 200 121.77 -50.17 115.19
CA GLY QF 200 122.06 -51.38 114.44
C GLY QF 200 122.16 -51.18 112.93
N THR QF 201 122.95 -52.05 112.30
CA THR QF 201 123.08 -52.12 110.85
C THR QF 201 122.80 -53.54 110.41
N LEU QF 202 122.06 -53.68 109.30
CA LEU QF 202 121.58 -54.98 108.90
C LEU QF 202 121.33 -55.01 107.40
N SER QF 203 121.72 -56.11 106.77
CA SER QF 203 121.55 -56.30 105.34
C SER QF 203 121.10 -57.74 105.07
N LEU QF 204 120.18 -57.89 104.12
CA LEU QF 204 119.67 -59.19 103.73
C LEU QF 204 119.66 -59.31 102.22
N TYR QF 205 119.79 -60.55 101.73
CA TYR QF 205 119.87 -60.81 100.30
C TYR QF 205 118.52 -61.17 99.69
N TRP QF 206 117.89 -62.23 100.18
CA TRP QF 206 116.61 -62.66 99.64
C TRP QF 206 115.69 -63.04 100.79
N ILE QF 207 114.46 -62.53 100.75
CA ILE QF 207 113.47 -62.83 101.77
C ILE QF 207 112.21 -63.37 101.10
N LYS QF 208 111.74 -64.51 101.58
CA LYS QF 208 110.51 -65.16 101.13
C LYS QF 208 109.61 -65.29 102.36
N SER QF 209 108.84 -64.26 102.63
CA SER QF 209 107.96 -64.24 103.79
C SER QF 209 106.62 -63.65 103.38
N ASP QF 210 105.70 -63.65 104.34
CA ASP QF 210 104.34 -63.20 104.10
C ASP QF 210 104.02 -61.89 104.80
N THR QF 211 104.21 -61.82 106.11
CA THR QF 211 103.87 -60.63 106.88
C THR QF 211 105.09 -60.18 107.66
N LEU QF 212 105.49 -58.93 107.45
CA LEU QF 212 106.59 -58.33 108.18
C LEU QF 212 106.07 -57.15 108.99
N THR QF 213 106.53 -57.05 110.23
CA THR QF 213 106.18 -55.94 111.11
C THR QF 213 107.46 -55.40 111.71
N ILE QF 214 107.76 -54.14 111.45
CA ILE QF 214 109.01 -53.53 111.88
C ILE QF 214 108.68 -52.33 112.76
N ARG QF 215 109.28 -52.31 113.95
CA ARG QF 215 109.18 -51.19 114.88
C ARG QF 215 110.60 -50.69 115.12
N ALA QF 216 110.96 -49.55 114.54
CA ALA QF 216 112.31 -49.01 114.67
C ALA QF 216 112.26 -47.67 115.39
N LYS QF 217 113.10 -47.55 116.43
CA LYS QF 217 113.01 -46.47 117.40
C LYS QF 217 114.14 -45.46 117.31
N LYS QF 218 115.40 -45.91 117.35
CA LYS QF 218 116.52 -45.00 117.56
C LYS QF 218 117.42 -44.86 116.34
N ALA QF 219 118.04 -45.94 115.89
CA ALA QF 219 118.96 -45.87 114.77
C ALA QF 219 119.08 -47.26 114.16
N ALA QF 220 118.49 -47.44 112.98
CA ALA QF 220 118.57 -48.71 112.27
C ALA QF 220 118.87 -48.42 110.81
N LYS QF 221 119.97 -49.00 110.32
CA LYS QF 221 120.30 -48.96 108.91
C LYS QF 221 119.93 -50.32 108.34
N ILE QF 222 118.87 -50.36 107.53
CA ILE QF 222 118.28 -51.61 107.09
C ILE QF 222 118.33 -51.64 105.57
N GLN QF 223 118.92 -52.69 105.01
CA GLN QF 223 118.99 -52.87 103.56
C GLN QF 223 118.49 -54.26 103.22
N LEU QF 224 117.25 -54.36 102.75
CA LEU QF 224 116.63 -55.63 102.45
C LEU QF 224 116.20 -55.67 100.99
N ALA QF 225 116.04 -56.90 100.47
CA ALA QF 225 115.57 -57.11 99.12
C ALA QF 225 114.96 -58.51 99.03
N GLY QF 226 113.87 -58.61 98.30
CA GLY QF 226 113.20 -59.89 98.12
C GLY QF 226 111.70 -59.67 97.89
N ILE QF 227 110.91 -60.65 98.34
CA ILE QF 227 109.47 -60.63 98.17
C ILE QF 227 108.82 -60.70 99.54
N VAL QF 228 108.04 -59.67 99.87
CA VAL QF 228 107.25 -59.63 101.09
C VAL QF 228 105.81 -59.37 100.69
N ASN QF 229 104.91 -60.27 101.09
CA ASN QF 229 103.51 -60.14 100.69
C ASN QF 229 102.85 -58.95 101.37
N ARG QF 230 103.02 -58.84 102.69
CA ARG QF 230 102.41 -57.77 103.47
C ARG QF 230 103.45 -57.16 104.37
N LEU QF 231 103.59 -55.84 104.32
CA LEU QF 231 104.66 -55.14 105.01
C LEU QF 231 104.08 -54.01 105.85
N ASP QF 232 104.52 -53.93 107.11
CA ASP QF 232 104.11 -52.87 108.01
C ASP QF 232 105.35 -52.28 108.67
N VAL QF 233 105.51 -50.96 108.57
CA VAL QF 233 106.69 -50.26 109.06
C VAL QF 233 106.25 -49.14 109.97
N GLU QF 234 106.81 -49.09 111.18
CA GLU QF 234 106.67 -47.97 112.09
C GLU QF 234 108.06 -47.43 112.42
N LEU QF 235 108.25 -46.14 112.18
CA LEU QF 235 109.51 -45.47 112.47
C LEU QF 235 109.27 -44.33 113.44
N TRP QF 236 110.14 -44.22 114.45
CA TRP QF 236 109.97 -43.22 115.48
C TRP QF 236 110.85 -41.99 115.27
N ASP QF 237 112.17 -42.17 115.25
CA ASP QF 237 113.09 -41.05 115.08
C ASP QF 237 114.43 -41.58 114.60
N PHE QF 238 115.02 -40.86 113.63
CA PHE QF 238 116.38 -41.11 113.12
C PHE QF 238 116.53 -42.50 112.54
N ALA QF 239 115.44 -43.07 112.03
CA ALA QF 239 115.49 -44.33 111.33
C ALA QF 239 115.75 -44.04 109.86
N GLN QF 240 116.63 -44.84 109.27
CA GLN QF 240 117.03 -44.71 107.87
C GLN QF 240 116.77 -46.05 107.22
N PHE QF 241 115.59 -46.22 106.66
CA PHE QF 241 115.20 -47.50 106.08
C PHE QF 241 115.33 -47.47 104.56
N LYS QF 242 115.97 -48.49 104.03
CA LYS QF 242 116.08 -48.70 102.59
C LYS QF 242 115.28 -49.93 102.23
N GLY QF 243 114.34 -49.79 101.31
CA GLY QF 243 113.60 -50.92 100.82
C GLY QF 243 113.68 -51.04 99.31
N LYS QF 244 114.85 -50.74 98.76
CA LYS QF 244 115.08 -50.95 97.34
C LYS QF 244 115.10 -52.44 97.03
N TYR QF 245 114.70 -52.77 95.80
CA TYR QF 245 114.62 -54.14 95.28
C TYR QF 245 113.72 -55.03 96.14
N LEU QF 246 112.67 -54.44 96.70
CA LEU QF 246 111.76 -55.14 97.60
C LEU QF 246 110.34 -54.78 97.16
N ARG QF 247 109.72 -55.67 96.41
CA ARG QF 247 108.40 -55.43 95.84
C ARG QF 247 107.36 -56.05 96.74
N ALA QF 248 106.42 -55.23 97.23
CA ALA QF 248 105.43 -55.66 98.20
C ALA QF 248 104.03 -55.37 97.68
N GLN QF 249 103.13 -56.32 97.87
CA GLN QF 249 101.75 -56.15 97.43
C GLN QF 249 101.03 -55.15 98.32
N ARG QF 250 101.01 -55.40 99.62
CA ARG QF 250 100.37 -54.52 100.59
C ARG QF 250 101.44 -53.87 101.45
N SER QF 251 101.44 -52.55 101.51
CA SER QF 251 102.45 -51.82 102.26
C SER QF 251 101.80 -50.76 103.12
N PHE QF 252 102.21 -50.70 104.39
CA PHE QF 252 101.69 -49.75 105.36
C PHE QF 252 102.86 -49.06 106.05
N VAL QF 253 102.86 -47.72 106.01
CA VAL QF 253 103.98 -46.92 106.49
C VAL QF 253 103.45 -45.90 107.50
N LYS QF 254 104.03 -45.89 108.70
CA LYS QF 254 103.73 -44.86 109.68
C LYS QF 254 105.04 -44.31 110.22
N THR QF 255 105.30 -43.03 109.96
CA THR QF 255 106.56 -42.40 110.31
C THR QF 255 106.33 -41.18 111.18
N HIS QF 256 107.02 -41.15 112.32
CA HIS QF 256 106.98 -40.04 113.25
C HIS QF 256 108.11 -39.07 112.92
N ASP QF 257 108.43 -38.18 113.86
CA ASP QF 257 109.33 -37.06 113.63
C ASP QF 257 110.75 -37.50 113.31
N LYS QF 258 111.31 -36.93 112.23
CA LYS QF 258 112.70 -37.09 111.80
C LYS QF 258 113.05 -38.55 111.53
N SER QF 259 112.40 -39.09 110.50
CA SER QF 259 112.62 -40.46 110.08
C SER QF 259 112.52 -40.52 108.56
N VAL QF 260 113.42 -41.29 107.93
CA VAL QF 260 113.50 -41.39 106.48
C VAL QF 260 113.35 -42.86 106.09
N ALA QF 261 112.44 -43.14 105.17
CA ALA QF 261 112.29 -44.48 104.64
C ALA QF 261 112.01 -44.41 103.14
N GLU QF 262 112.69 -45.25 102.37
CA GLU QF 262 112.36 -45.43 100.97
C GLU QF 262 111.74 -46.81 100.78
N ILE QF 263 110.68 -46.86 99.99
CA ILE QF 263 109.86 -48.04 99.75
C ILE QF 263 109.85 -48.33 98.26
N SER QF 264 109.54 -49.57 97.93
CA SER QF 264 109.44 -50.01 96.54
C SER QF 264 108.18 -50.86 96.37
N ALA QF 265 107.05 -50.36 96.87
CA ALA QF 265 105.79 -51.09 96.81
C ALA QF 265 105.28 -51.17 95.37
N VAL QF 266 104.67 -52.31 95.04
CA VAL QF 266 104.30 -52.59 93.67
C VAL QF 266 102.79 -52.51 93.42
N ASN QF 267 101.95 -52.84 94.42
CA ASN QF 267 100.52 -52.92 94.17
C ASN QF 267 99.71 -51.94 95.02
N HIS QF 268 99.88 -51.96 96.33
CA HIS QF 268 99.03 -51.18 97.22
C HIS QF 268 99.87 -50.53 98.30
N GLN QF 269 99.74 -49.21 98.42
CA GLN QF 269 100.63 -48.41 99.25
C GLN QF 269 99.82 -47.44 100.10
N SER QF 270 100.01 -47.50 101.41
CA SER QF 270 99.37 -46.58 102.34
C SER QF 270 100.45 -45.99 103.25
N SER QF 271 100.45 -44.67 103.38
CA SER QF 271 101.54 -44.01 104.08
C SER QF 271 101.08 -42.79 104.85
N LEU QF 272 101.66 -42.61 106.04
CA LEU QF 272 101.36 -41.46 106.89
C LEU QF 272 102.64 -40.97 107.54
N ALA QF 273 102.84 -39.65 107.50
CA ALA QF 273 104.00 -39.01 108.09
C ALA QF 273 103.57 -37.85 108.98
N THR QF 274 104.19 -37.74 110.16
CA THR QF 274 103.76 -36.70 111.09
C THR QF 274 104.41 -35.35 110.78
N ASP QF 275 105.73 -35.26 110.93
CA ASP QF 275 106.44 -34.01 110.76
C ASP QF 275 107.91 -34.29 110.49
N ALA QF 276 108.46 -33.61 109.48
CA ALA QF 276 109.87 -33.73 109.06
C ALA QF 276 110.24 -35.18 108.75
N SER QF 277 109.31 -35.91 108.17
CA SER QF 277 109.50 -37.32 107.84
C SER QF 277 109.54 -37.48 106.34
N ASP QF 278 110.42 -38.34 105.86
CA ASP QF 278 110.63 -38.55 104.44
C ASP QF 278 110.12 -39.94 104.07
N ILE QF 279 109.17 -40.00 103.15
CA ILE QF 279 108.65 -41.25 102.64
C ILE QF 279 108.87 -41.24 101.14
N TYR QF 280 109.82 -42.03 100.66
CA TYR QF 280 110.27 -41.95 99.28
C TYR QF 280 109.93 -43.25 98.56
N TYR QF 281 108.93 -43.21 97.69
CA TYR QF 281 108.51 -44.41 96.98
C TYR QF 281 109.19 -44.46 95.62
N TYR QF 282 109.60 -45.66 95.22
CA TYR QF 282 110.32 -45.81 93.96
C TYR QF 282 109.49 -46.40 92.85
N ASN QF 283 108.37 -47.04 93.15
CA ASN QF 283 107.56 -47.67 92.14
C ASN QF 283 106.13 -47.15 92.23
N LEU QF 284 105.51 -46.95 91.07
CA LEU QF 284 104.13 -46.52 90.99
C LEU QF 284 103.23 -47.73 91.25
N SER QF 285 102.61 -47.76 92.42
CA SER QF 285 101.71 -48.85 92.74
C SER QF 285 100.39 -48.69 92.00
N LYS QF 286 99.57 -49.74 92.07
CA LYS QF 286 98.24 -49.65 91.48
C LYS QF 286 97.32 -48.78 92.31
N THR QF 287 97.46 -48.81 93.64
CA THR QF 287 96.71 -47.95 94.54
C THR QF 287 97.67 -47.32 95.52
N ARG QF 288 97.51 -46.01 95.76
CA ARG QF 288 98.42 -45.25 96.59
C ARG QF 288 97.65 -44.19 97.36
N ALA QF 289 97.88 -44.11 98.66
CA ALA QF 289 97.30 -43.04 99.46
C ALA QF 289 98.30 -42.60 100.53
N ASP QF 290 98.53 -41.29 100.58
CA ASP QF 290 99.58 -40.71 101.42
C ASP QF 290 99.00 -39.55 102.22
N PHE QF 291 99.52 -39.37 103.43
CA PHE QF 291 99.04 -38.32 104.32
C PHE QF 291 100.20 -37.66 105.06
N MET QF 292 100.13 -36.33 105.15
CA MET QF 292 101.11 -35.51 105.84
C MET QF 292 100.41 -34.74 106.95
N ALA QF 293 100.98 -34.77 108.16
CA ALA QF 293 100.32 -34.09 109.27
C ALA QF 293 100.84 -32.68 109.47
N PHE QF 294 102.13 -32.52 109.77
CA PHE QF 294 102.70 -31.19 109.96
C PHE QF 294 103.74 -30.86 108.90
N ASN QF 295 104.82 -31.65 108.82
CA ASN QF 295 105.90 -31.37 107.88
C ASN QF 295 106.37 -32.63 107.18
N GLY QF 296 105.67 -33.75 107.34
CA GLY QF 296 106.02 -34.95 106.63
C GLY QF 296 105.78 -34.82 105.14
N SER QF 297 106.45 -35.67 104.37
CA SER QF 297 106.47 -35.49 102.93
C SER QF 297 106.70 -36.83 102.24
N VAL QF 298 105.87 -37.09 101.23
CA VAL QF 298 105.96 -38.31 100.44
C VAL QF 298 106.33 -37.91 99.02
N LEU QF 299 107.43 -38.46 98.51
CA LEU QF 299 107.94 -38.08 97.21
C LEU QF 299 108.41 -39.30 96.44
N ASP QF 300 108.49 -39.11 95.11
CA ASP QF 300 108.82 -40.16 94.17
C ASP QF 300 110.31 -40.23 93.86
N MET QF 301 110.89 -39.07 93.50
CA MET QF 301 112.22 -38.92 92.86
C MET QF 301 112.52 -40.04 91.87
N ARG QF 302 111.60 -40.24 90.93
CA ARG QF 302 111.87 -41.19 89.87
C ARG QF 302 112.83 -40.60 88.85
N GLU QF 303 113.22 -41.45 87.90
CA GLU QF 303 114.36 -41.16 87.04
C GLU QF 303 114.04 -40.10 85.98
N TRP QF 304 112.78 -40.01 85.54
CA TRP QF 304 112.24 -38.98 84.64
C TRP QF 304 112.88 -39.00 83.25
N GLY QF 305 113.53 -40.09 82.87
CA GLY QF 305 114.17 -40.13 81.56
C GLY QF 305 114.08 -41.49 80.89
N GLN QF 306 113.40 -42.43 81.53
CA GLN QF 306 113.33 -43.79 81.01
C GLN QF 306 112.42 -43.83 79.79
N SER QF 307 112.81 -44.66 78.81
CA SER QF 307 112.00 -44.83 77.61
C SER QF 307 110.70 -45.55 77.87
N ASP QF 308 110.58 -46.26 79.00
CA ASP QF 308 109.38 -47.02 79.32
C ASP QF 308 108.77 -46.61 80.64
N LEU QF 309 109.09 -45.42 81.15
CA LEU QF 309 108.48 -44.95 82.38
C LEU QF 309 107.03 -44.57 82.14
N LYS QF 310 106.17 -44.93 83.09
CA LYS QF 310 104.73 -44.78 82.91
C LYS QF 310 104.18 -43.72 83.86
N ASP QF 311 102.99 -43.24 83.52
CA ASP QF 311 102.30 -42.19 84.24
C ASP QF 311 101.06 -42.76 84.93
N PHE QF 312 100.46 -41.97 85.81
CA PHE QF 312 99.31 -42.44 86.57
C PHE QF 312 98.06 -42.49 85.69
N ASP QF 313 97.16 -43.39 86.04
CA ASP QF 313 95.87 -43.49 85.38
C ASP QF 313 94.86 -42.62 86.12
N ARG QF 314 93.58 -42.79 85.79
CA ARG QF 314 92.52 -42.11 86.55
C ARG QF 314 92.49 -42.61 87.99
N TYR QF 315 92.70 -43.90 88.19
CA TYR QF 315 92.69 -44.46 89.53
C TYR QF 315 93.96 -44.10 90.29
N ASN QF 316 95.08 -43.98 89.59
CA ASN QF 316 96.37 -43.77 90.24
C ASN QF 316 96.73 -42.31 90.40
N LYS QF 317 95.88 -41.39 89.96
CA LYS QF 317 96.22 -39.97 90.02
C LYS QF 317 95.74 -39.34 91.33
N GLN QF 318 96.22 -39.92 92.43
CA GLN QF 318 95.96 -39.38 93.75
C GLN QF 318 96.93 -38.24 94.03
N PHE QF 319 96.40 -37.10 94.35
CA PHE QF 319 97.30 -35.98 94.49
C PHE QF 319 97.63 -35.72 95.94
N PRO QF 320 98.85 -35.23 96.23
CA PRO QF 320 99.20 -34.80 97.57
C PRO QF 320 98.58 -33.45 97.93
N ASP RF 39 79.34 2.44 83.08
CA ASP RF 39 79.44 3.54 82.12
C ASP RF 39 80.88 4.03 82.03
N GLY RF 40 81.64 3.91 83.12
CA GLY RF 40 83.02 4.33 83.13
C GLY RF 40 83.94 3.21 82.69
N CYS RF 41 84.36 3.26 81.42
CA CYS RF 41 85.21 2.21 80.89
C CYS RF 41 86.63 2.34 81.41
N CYS RF 42 87.27 3.47 81.13
CA CYS RF 42 88.61 3.75 81.68
C CYS RF 42 88.50 4.55 82.98
N SER RF 43 87.67 4.05 83.89
CA SER RF 43 87.45 4.73 85.16
C SER RF 43 88.59 4.47 86.13
N LYS RF 44 88.82 5.45 87.02
CA LYS RF 44 89.91 5.44 88.01
C LYS RF 44 91.27 5.25 87.34
N MET RF 45 91.44 5.87 86.18
CA MET RF 45 92.66 5.79 85.40
C MET RF 45 92.93 7.17 84.84
N GLY RF 46 93.83 7.23 83.84
CA GLY RF 46 94.06 8.47 83.14
C GLY RF 46 92.89 8.90 82.28
N GLY RF 47 91.97 8.00 81.99
CA GLY RF 47 90.83 8.26 81.15
C GLY RF 47 90.95 7.54 79.81
N ILE RF 48 89.87 7.63 79.04
CA ILE RF 48 89.84 7.02 77.72
C ILE RF 48 90.69 7.86 76.77
N ASN RF 49 91.63 7.21 76.10
CA ASN RF 49 92.43 7.92 75.11
C ASN RF 49 91.77 7.87 73.73
N TYR RF 50 91.62 6.68 73.16
CA TYR RF 50 91.02 6.53 71.85
C TYR RF 50 90.60 5.08 71.66
N CYS RF 51 90.26 4.70 70.44
CA CYS RF 51 89.89 3.33 70.11
C CYS RF 51 90.90 2.75 69.14
N ASP RF 52 91.50 1.62 69.49
CA ASP RF 52 92.26 0.83 68.54
C ASP RF 52 91.26 -0.03 67.79
N SER RF 53 90.97 0.36 66.56
CA SER RF 53 90.02 -0.37 65.72
C SER RF 53 90.62 -1.67 65.19
N SER RF 54 91.94 -1.80 65.18
CA SER RF 54 92.56 -3.08 64.88
C SER RF 54 92.20 -4.10 65.94
N ALA RF 55 92.26 -3.69 67.20
CA ALA RF 55 91.77 -4.51 68.29
C ALA RF 55 90.27 -4.38 68.49
N GLY RF 56 89.67 -3.29 68.00
CA GLY RF 56 88.29 -3.01 68.34
C GLY RF 56 88.09 -2.73 69.81
N ARG RF 57 89.09 -2.17 70.47
CA ARG RF 57 89.09 -1.99 71.90
C ARG RF 57 89.41 -0.55 72.26
N LEU RF 58 88.87 -0.10 73.39
CA LEU RF 58 89.11 1.26 73.86
C LEU RF 58 90.44 1.30 74.59
N VAL RF 59 91.42 1.98 74.01
CA VAL RF 59 92.71 2.20 74.66
C VAL RF 59 92.58 3.40 75.57
N CYS RF 60 92.87 3.19 76.86
CA CYS RF 60 92.82 4.23 77.86
C CYS RF 60 94.07 5.11 77.76
N ASN RF 61 94.12 6.12 78.63
CA ASN RF 61 95.28 7.03 78.61
C ASN RF 61 96.53 6.35 79.14
N ASN RF 62 96.39 5.52 80.17
CA ASN RF 62 97.48 4.63 80.54
C ASN RF 62 97.45 3.40 79.64
N GLY RF 63 98.63 2.81 79.44
CA GLY RF 63 98.81 1.81 78.40
C GLY RF 63 98.21 0.44 78.69
N PHE RF 64 96.89 0.36 78.77
CA PHE RF 64 96.21 -0.90 79.00
C PHE RF 64 94.97 -0.95 78.12
N TYR RF 65 94.09 -1.89 78.43
CA TYR RF 65 92.85 -2.07 77.69
C TYR RF 65 91.69 -2.17 78.66
N SER RF 66 90.65 -1.37 78.42
CA SER RF 66 89.47 -1.39 79.27
C SER RF 66 88.58 -2.58 78.94
N THR RF 67 87.51 -2.73 79.70
CA THR RF 67 86.57 -3.81 79.45
C THR RF 67 85.68 -3.54 78.24
N CYS RF 68 85.53 -2.28 77.86
CA CYS RF 68 84.63 -1.91 76.79
C CYS RF 68 85.30 -2.10 75.43
N TYR RF 69 84.52 -1.85 74.37
CA TYR RF 69 84.98 -1.97 72.99
C TYR RF 69 84.55 -0.74 72.22
N CYS RF 70 84.81 -0.74 70.92
CA CYS RF 70 84.29 0.31 70.06
C CYS RF 70 83.31 -0.20 69.02
N THR RF 71 83.71 -1.16 68.20
CA THR RF 71 82.87 -1.64 67.11
C THR RF 71 82.46 -3.08 67.37
N ARG RF 72 81.65 -3.60 66.45
CA ARG RF 72 81.29 -5.01 66.49
C ARG RF 72 82.35 -5.90 65.87
N HIS RF 73 83.40 -5.34 65.30
CA HIS RF 73 84.45 -6.12 64.67
C HIS RF 73 85.56 -6.49 65.65
N ALA RF 74 85.15 -7.08 66.78
CA ALA RF 74 86.07 -7.58 67.78
C ALA RF 74 85.40 -8.75 68.47
N VAL RF 75 86.18 -9.48 69.26
CA VAL RF 75 85.72 -10.75 69.82
C VAL RF 75 84.70 -10.51 70.92
N MET RF 76 83.42 -10.64 70.57
CA MET RF 76 82.33 -10.59 71.53
C MET RF 76 81.98 -12.02 71.87
N ASP RF 77 82.62 -12.56 72.91
CA ASP RF 77 82.45 -13.97 73.24
C ASP RF 77 81.10 -14.18 73.90
N LEU RF 78 80.15 -14.72 73.13
CA LEU RF 78 78.89 -15.19 73.67
C LEU RF 78 78.39 -16.34 72.81
N GLN RF 79 77.73 -17.30 73.46
CA GLN RF 79 77.23 -18.48 72.78
C GLN RF 79 75.72 -18.60 72.88
N PHE RF 80 75.02 -17.47 72.98
CA PHE RF 80 73.57 -17.44 73.09
C PHE RF 80 73.02 -16.52 72.01
N LEU RF 81 72.03 -16.99 71.26
CA LEU RF 81 71.46 -16.20 70.18
C LEU RF 81 69.95 -16.04 70.36
N MET RF 82 69.32 -15.47 69.35
CA MET RF 82 67.93 -15.07 69.40
C MET RF 82 67.31 -15.30 68.03
N GLY RF 83 65.99 -15.51 68.00
CA GLY RF 83 65.28 -15.68 66.76
C GLY RF 83 64.89 -17.12 66.51
N CYS RF 84 63.92 -17.30 65.62
CA CYS RF 84 63.47 -18.63 65.25
C CYS RF 84 63.87 -18.95 63.82
N CYS RF 85 63.59 -20.19 63.42
CA CYS RF 85 64.15 -20.82 62.21
C CYS RF 85 65.68 -20.75 62.20
N LEU RF 86 66.27 -20.93 63.38
CA LEU RF 86 67.71 -20.93 63.51
C LEU RF 86 68.25 -22.29 63.11
N TRP RF 87 69.53 -22.29 62.71
CA TRP RF 87 70.19 -23.43 62.05
C TRP RF 87 69.38 -23.88 60.83
N HIS RF 88 68.85 -22.91 60.11
CA HIS RF 88 68.00 -23.13 58.94
C HIS RF 88 68.23 -21.97 57.99
N GLY RF 89 67.34 -21.79 57.04
CA GLY RF 89 67.48 -20.72 56.06
C GLY RF 89 66.82 -19.42 56.48
N GLY RF 90 66.57 -19.26 57.77
CA GLY RF 90 65.83 -18.10 58.23
C GLY RF 90 64.35 -18.28 57.99
N VAL RF 91 63.62 -17.17 58.04
CA VAL RF 91 62.17 -17.18 57.87
C VAL RF 91 61.84 -16.86 56.42
N TYR RF 92 61.05 -17.72 55.80
CA TYR RF 92 60.66 -17.51 54.42
C TYR RF 92 59.65 -16.38 54.34
N PRO RF 93 59.81 -15.41 53.44
CA PRO RF 93 59.03 -14.17 53.51
C PRO RF 93 57.65 -14.22 52.89
N GLN RF 94 57.12 -15.42 52.65
CA GLN RF 94 55.78 -15.54 52.08
C GLN RF 94 54.73 -15.07 53.08
N LEU RF 95 53.77 -14.29 52.60
CA LEU RF 95 52.68 -13.78 53.41
C LEU RF 95 51.70 -14.92 53.69
N ASN RF 96 52.00 -15.73 54.70
CA ASN RF 96 51.19 -16.89 55.02
C ASN RF 96 49.86 -16.49 55.63
N SER RF 97 48.80 -17.20 55.23
CA SER RF 97 47.46 -16.87 55.71
C SER RF 97 47.30 -17.19 57.19
N SER RF 98 47.83 -18.32 57.63
CA SER RF 98 47.72 -18.73 59.02
C SER RF 98 48.90 -18.16 59.81
N GLY RF 99 49.05 -18.60 61.05
CA GLY RF 99 50.20 -18.27 61.86
C GLY RF 99 51.37 -19.22 61.68
N LEU RF 100 51.29 -20.13 60.71
CA LEU RF 100 52.34 -21.10 60.47
C LEU RF 100 53.52 -20.43 59.78
N VAL RF 101 54.72 -20.67 60.32
CA VAL RF 101 55.95 -20.11 59.77
C VAL RF 101 56.86 -21.27 59.36
N VAL RF 102 57.34 -21.22 58.12
CA VAL RF 102 58.13 -22.29 57.54
C VAL RF 102 59.50 -21.73 57.17
N CYS RF 103 60.54 -22.42 57.60
CA CYS RF 103 61.90 -21.98 57.31
C CYS RF 103 62.25 -22.25 55.84
N ASN RF 104 63.30 -21.57 55.37
CA ASN RF 104 63.68 -21.64 53.96
C ASN RF 104 64.27 -22.99 53.59
N ASP RF 105 64.74 -23.78 54.55
CA ASP RF 105 65.24 -25.11 54.25
C ASP RF 105 64.14 -26.16 54.23
N GLY RF 106 62.89 -25.75 54.44
CA GLY RF 106 61.76 -26.66 54.40
C GLY RF 106 61.19 -27.02 55.75
N TYR RF 107 61.90 -26.73 56.84
CA TYR RF 107 61.37 -27.05 58.16
C TYR RF 107 60.28 -26.06 58.55
N VAL RF 108 59.24 -26.57 59.21
CA VAL RF 108 58.14 -25.75 59.71
C VAL RF 108 58.39 -25.49 61.19
N SER RF 109 58.52 -24.22 61.54
CA SER RF 109 58.83 -23.84 62.93
C SER RF 109 57.52 -23.78 63.70
N GLU RF 110 57.16 -24.92 64.30
CA GLU RF 110 55.95 -25.00 65.12
C GLU RF 110 56.07 -24.12 66.36
N GLU RF 111 57.24 -24.12 67.00
CA GLU RF 111 57.43 -23.34 68.20
C GLU RF 111 57.43 -21.85 67.95
N CYS RF 112 57.70 -21.43 66.71
CA CYS RF 112 57.49 -20.04 66.32
C CYS RF 112 56.11 -19.81 65.71
N SER RF 113 55.36 -20.89 65.43
CA SER RF 113 54.05 -20.75 64.83
C SER RF 113 53.01 -20.42 65.89
N LEU RF 114 51.77 -20.22 65.44
CA LEU RF 114 50.67 -19.87 66.31
C LEU RF 114 50.11 -21.11 67.02
N GLN RF 115 49.30 -20.86 68.04
CA GLN RF 115 48.69 -21.92 68.83
C GLN RF 115 47.17 -21.80 68.79
N LYS RF 116 46.49 -22.94 68.73
CA LYS RF 116 45.05 -22.97 68.58
C LYS RF 116 44.41 -23.87 69.63
N UNK SF 1 105.35 -18.40 78.12
CA UNK SF 1 106.55 -17.60 77.92
C UNK SF 1 107.58 -17.89 79.00
N UNK SF 2 107.10 -17.87 80.25
CA UNK SF 2 107.88 -18.17 81.46
C UNK SF 2 109.10 -17.27 81.59
N UNK SF 3 108.95 -16.00 81.23
CA UNK SF 3 110.05 -15.05 81.31
C UNK SF 3 109.47 -13.66 81.51
N UNK SF 4 109.57 -13.15 82.73
CA UNK SF 4 109.13 -11.78 82.99
C UNK SF 4 110.11 -10.78 82.40
N UNK SF 5 111.41 -11.01 82.59
CA UNK SF 5 112.45 -10.12 82.05
C UNK SF 5 113.54 -11.00 81.44
N UNK SF 6 113.63 -10.97 80.11
CA UNK SF 6 114.64 -11.75 79.41
C UNK SF 6 116.01 -11.12 79.61
N UNK SF 7 116.92 -11.88 80.23
CA UNK SF 7 118.23 -11.35 80.55
C UNK SF 7 119.07 -11.21 79.29
N UNK SF 8 119.72 -10.05 79.15
CA UNK SF 8 120.61 -9.80 78.02
C UNK SF 8 122.04 -10.02 78.47
N UNK SF 9 122.44 -11.30 78.48
CA UNK SF 9 123.78 -11.78 78.86
C UNK SF 9 124.23 -11.33 80.25
N UNK TF 1 20.60 -113.26 -7.44
CA UNK TF 1 21.11 -112.16 -6.63
C UNK TF 1 22.63 -112.11 -6.68
N UNK TF 2 23.23 -111.39 -5.74
CA UNK TF 2 24.68 -111.31 -5.65
C UNK TF 2 25.25 -112.63 -5.16
N UNK TF 3 26.36 -113.03 -5.76
CA UNK TF 3 26.98 -114.33 -5.47
C UNK TF 3 28.01 -114.16 -4.38
N UNK TF 4 27.75 -114.74 -3.21
CA UNK TF 4 28.61 -114.52 -2.04
C UNK TF 4 29.92 -115.28 -2.16
N UNK TF 5 29.87 -116.54 -2.61
CA UNK TF 5 31.09 -117.34 -2.75
C UNK TF 5 31.97 -116.80 -3.88
N UNK TF 6 31.36 -116.37 -4.97
CA UNK TF 6 32.11 -115.71 -6.04
C UNK TF 6 32.69 -114.39 -5.57
N UNK TF 7 31.96 -113.65 -4.74
CA UNK TF 7 32.48 -112.41 -4.17
C UNK TF 7 33.68 -112.66 -3.27
N UNK TF 8 33.61 -113.72 -2.45
CA UNK TF 8 34.73 -114.07 -1.58
C UNK TF 8 35.95 -114.51 -2.38
N UNK TF 9 35.74 -115.32 -3.42
CA UNK TF 9 36.86 -115.78 -4.24
C UNK TF 9 37.47 -114.63 -5.05
N UNK TF 10 36.64 -113.71 -5.56
CA UNK TF 10 37.13 -112.56 -6.30
C UNK TF 10 37.87 -111.59 -5.39
N UNK TF 11 37.38 -111.40 -4.16
CA UNK TF 11 38.07 -110.54 -3.21
C UNK TF 11 39.41 -111.12 -2.80
N UNK TF 12 39.47 -112.44 -2.60
CA UNK TF 12 40.73 -113.09 -2.27
C UNK TF 12 41.72 -113.02 -3.44
N UNK TF 13 41.23 -113.18 -4.67
CA UNK TF 13 42.09 -113.11 -5.84
C UNK TF 13 42.59 -111.68 -6.08
N UNK TF 14 41.74 -110.69 -5.82
CA UNK TF 14 42.17 -109.29 -5.94
C UNK TF 14 43.13 -108.91 -4.82
N UNK TF 15 42.97 -109.51 -3.64
CA UNK TF 15 43.92 -109.26 -2.56
C UNK TF 15 45.28 -109.87 -2.85
N UNK TF 16 45.31 -111.12 -3.32
CA UNK TF 16 46.57 -111.79 -3.69
C UNK TF 16 46.41 -112.44 -5.07
N UNK TF 17 46.62 -111.65 -6.12
CA UNK TF 17 46.84 -112.18 -7.45
C UNK TF 17 48.31 -112.26 -7.82
N UNK TF 18 49.19 -111.73 -6.96
CA UNK TF 18 50.65 -111.79 -7.07
C UNK TF 18 51.16 -111.14 -8.36
N UNK TF 19 50.90 -109.83 -8.46
CA UNK TF 19 51.40 -109.03 -9.58
C UNK TF 19 51.54 -107.59 -9.11
N UNK TF 20 52.76 -107.20 -8.73
CA UNK TF 20 53.04 -105.84 -8.27
C UNK TF 20 54.51 -105.55 -8.43
N UNK TF 21 54.83 -104.49 -9.18
CA UNK TF 21 56.21 -104.09 -9.38
C UNK TF 21 56.25 -102.60 -9.70
N UNK TF 22 57.14 -101.87 -9.04
CA UNK TF 22 57.26 -100.43 -9.23
C UNK TF 22 58.66 -100.08 -9.69
N UNK TF 23 58.76 -98.97 -10.41
CA UNK TF 23 60.05 -98.46 -10.90
C UNK TF 23 60.34 -97.14 -10.22
N UNK TF 24 61.50 -97.03 -9.60
CA UNK TF 24 61.93 -95.80 -8.96
C UNK TF 24 62.60 -94.89 -9.97
N UNK TF 25 62.73 -93.63 -9.60
CA UNK TF 25 63.37 -92.64 -10.46
C UNK TF 25 64.15 -91.64 -9.62
N UNK TF 26 65.03 -90.91 -10.29
CA UNK TF 26 65.84 -89.88 -9.67
C UNK TF 26 65.48 -88.51 -10.26
N UNK TF 27 66.07 -87.47 -9.68
CA UNK TF 27 65.82 -86.11 -10.14
C UNK TF 27 66.54 -85.80 -11.46
N UNK TF 28 67.60 -86.54 -11.76
CA UNK TF 28 68.37 -86.33 -12.99
C UNK TF 28 67.89 -87.23 -14.13
N UNK TF 29 66.60 -87.59 -14.14
CA UNK TF 29 65.95 -88.42 -15.16
C UNK TF 29 66.63 -89.78 -15.32
N UNK TF 30 66.94 -90.41 -14.18
CA UNK TF 30 67.48 -91.76 -14.14
C UNK TF 30 66.54 -92.65 -13.35
N UNK TF 31 66.11 -93.75 -13.95
CA UNK TF 31 65.16 -94.67 -13.35
C UNK TF 31 65.82 -96.01 -13.04
N UNK TF 32 65.07 -96.85 -12.34
CA UNK TF 32 65.54 -98.17 -11.93
C UNK TF 32 64.34 -99.07 -11.71
N UNK TF 33 64.34 -100.21 -12.39
CA UNK TF 33 63.26 -101.18 -12.28
C UNK TF 33 63.84 -102.58 -12.17
N UNK TF 34 63.05 -103.48 -11.56
CA UNK TF 34 63.48 -104.86 -11.37
C UNK TF 34 62.38 -105.83 -11.79
N UNK TF 35 62.56 -107.11 -11.48
CA UNK TF 35 61.57 -108.13 -11.81
C UNK TF 35 60.34 -108.00 -10.92
N UNK TF 36 59.23 -108.55 -11.39
CA UNK TF 36 57.96 -108.47 -10.66
C UNK TF 36 57.98 -109.39 -9.44
N UNK TF 37 57.15 -109.05 -8.45
CA UNK TF 37 57.09 -109.78 -7.20
C UNK TF 37 55.72 -109.53 -6.56
N UNK TF 38 55.62 -109.87 -5.28
CA UNK TF 38 54.43 -109.68 -4.42
C UNK TF 38 53.15 -110.29 -4.99
N UNK TF 39 61.16 -86.38 -5.18
CA UNK TF 39 61.50 -86.74 -6.56
C UNK TF 39 61.95 -88.19 -6.65
N UNK TF 40 62.57 -88.69 -5.58
CA UNK TF 40 63.03 -90.07 -5.56
C UNK TF 40 61.89 -91.05 -5.37
N UNK TF 41 60.79 -90.61 -4.73
CA UNK TF 41 59.66 -91.49 -4.44
C UNK TF 41 58.78 -91.58 -5.68
N UNK TF 42 59.24 -92.35 -6.66
CA UNK TF 42 58.49 -92.59 -7.90
C UNK TF 42 57.56 -93.78 -7.71
N UNK TF 43 56.57 -93.59 -6.83
CA UNK TF 43 55.64 -94.66 -6.50
C UNK TF 43 54.59 -94.87 -7.57
N UNK TF 44 54.46 -93.95 -8.53
CA UNK TF 44 53.43 -94.03 -9.55
C UNK TF 44 53.69 -95.11 -10.59
N UNK TF 45 54.88 -95.71 -10.62
CA UNK TF 45 55.21 -96.73 -11.60
C UNK TF 45 54.87 -98.13 -11.14
N UNK TF 46 54.04 -98.27 -10.11
CA UNK TF 46 53.59 -99.59 -9.69
C UNK TF 46 52.59 -100.13 -10.70
N UNK TF 47 52.78 -101.39 -11.09
CA UNK TF 47 51.96 -102.02 -12.11
C UNK TF 47 51.96 -103.52 -11.90
N UNK TF 48 50.96 -104.18 -12.48
CA UNK TF 48 50.83 -105.63 -12.39
C UNK TF 48 51.71 -106.32 -13.41
N LYS UF 24 90.57 -19.60 105.66
CA LYS UF 24 89.44 -20.10 106.44
C LYS UF 24 88.34 -20.63 105.54
N PHE UF 25 88.50 -20.41 104.23
CA PHE UF 25 87.46 -20.75 103.26
C PHE UF 25 88.10 -21.47 102.07
N LYS UF 26 88.01 -22.79 102.08
CA LYS UF 26 88.36 -23.61 100.92
C LYS UF 26 87.08 -23.82 100.11
N LYS UF 27 86.97 -23.14 98.99
CA LYS UF 27 85.75 -23.14 98.22
C LYS UF 27 85.57 -24.45 97.45
N PRO UF 28 84.34 -24.92 97.30
CA PRO UF 28 84.07 -26.07 96.43
C PRO UF 28 84.24 -25.67 94.97
N PRO UF 29 84.37 -26.65 94.07
CA PRO UF 29 84.44 -26.33 92.64
C PRO UF 29 83.18 -25.63 92.15
N ILE UF 30 83.38 -24.61 91.31
CA ILE UF 30 82.27 -23.77 90.86
C ILE UF 30 81.38 -24.54 89.89
N ASN UF 31 81.97 -25.21 88.91
CA ASN UF 31 81.20 -25.99 87.95
C ASN UF 31 81.08 -27.44 88.39
N ASN UF 32 80.64 -27.64 89.61
CA ASN UF 32 80.52 -28.97 90.15
C ASN UF 32 79.22 -29.62 89.69
N PRO UF 33 79.27 -30.88 89.27
CA PRO UF 33 78.03 -31.60 88.96
C PRO UF 33 77.31 -32.00 90.24
N SER UF 34 76.50 -31.09 90.80
CA SER UF 34 75.81 -31.40 92.04
C SER UF 34 74.65 -32.36 91.85
N ASP UF 35 74.15 -32.54 90.62
CA ASP UF 35 72.94 -33.29 90.36
C ASP UF 35 73.27 -34.68 89.83
N ASP UF 36 72.35 -35.61 90.13
CA ASP UF 36 72.54 -37.01 89.74
C ASP UF 36 72.52 -37.18 88.22
N ALA UF 37 71.67 -36.41 87.54
CA ALA UF 37 71.68 -36.42 86.08
C ALA UF 37 73.00 -35.90 85.53
N THR UF 38 73.55 -34.88 86.18
CA THR UF 38 74.84 -34.33 85.74
C THR UF 38 75.97 -35.33 85.95
N ILE UF 39 75.98 -36.03 87.08
CA ILE UF 39 77.06 -37.00 87.29
C ILE UF 39 76.89 -38.21 86.38
N LYS UF 40 75.64 -38.55 86.04
CA LYS UF 40 75.39 -39.60 85.06
C LYS UF 40 75.91 -39.18 83.69
N LEU UF 41 75.69 -37.92 83.33
CA LEU UF 41 76.24 -37.37 82.09
C LEU UF 41 77.75 -37.41 82.08
N ALA UF 42 78.37 -37.09 83.22
CA ALA UF 42 79.82 -37.05 83.31
C ALA UF 42 80.43 -38.44 83.17
N GLU UF 43 79.86 -39.43 83.87
CA GLU UF 43 80.40 -40.78 83.78
C GLU UF 43 80.12 -41.40 82.42
N ALA UF 44 78.99 -41.04 81.80
CA ALA UF 44 78.72 -41.48 80.43
C ALA UF 44 79.74 -40.88 79.47
N ALA UF 45 80.11 -39.62 79.68
CA ALA UF 45 81.10 -38.97 78.85
C ALA UF 45 82.46 -39.63 78.98
N VAL UF 46 82.83 -39.97 80.22
CA VAL UF 46 84.09 -40.66 80.46
C VAL UF 46 84.11 -42.02 79.78
N SER UF 47 83.00 -42.75 79.88
CA SER UF 47 82.90 -44.08 79.27
C SER UF 47 82.98 -44.00 77.75
N VAL UF 48 82.25 -43.07 77.14
CA VAL UF 48 82.22 -43.01 75.68
C VAL UF 48 83.55 -42.49 75.14
N SER UF 49 84.21 -41.59 75.89
CA SER UF 49 85.51 -41.09 75.45
C SER UF 49 86.57 -42.18 75.54
N ASP UF 50 86.50 -43.00 76.60
CA ASP UF 50 87.48 -44.08 76.74
C ASP UF 50 87.25 -45.17 75.70
N SER UF 51 85.99 -45.46 75.39
CA SER UF 51 85.71 -46.46 74.36
C SER UF 51 86.13 -45.98 72.98
N MET UF 52 85.92 -44.68 72.71
CA MET UF 52 86.41 -44.10 71.47
C MET UF 52 87.93 -44.13 71.39
N LEU UF 53 88.59 -43.88 72.52
CA LEU UF 53 90.04 -43.97 72.59
C LEU UF 53 90.53 -45.38 72.30
N GLU UF 54 89.85 -46.38 72.86
CA GLU UF 54 90.21 -47.78 72.61
C GLU UF 54 90.00 -48.15 71.16
N MET UF 55 88.89 -47.68 70.55
CA MET UF 55 88.61 -47.99 69.16
C MET UF 55 89.66 -47.35 68.25
N ALA UF 56 90.03 -46.10 68.53
CA ALA UF 56 91.06 -45.45 67.73
C ALA UF 56 92.42 -46.10 67.92
N LYS UF 57 92.71 -46.55 69.14
CA LYS UF 57 93.98 -47.22 69.42
C LYS UF 57 94.08 -48.54 68.69
N VAL UF 58 93.01 -49.33 68.69
CA VAL UF 58 93.05 -50.61 68.01
C VAL UF 58 92.92 -50.43 66.49
N GLU UF 59 92.42 -49.29 66.03
CA GLU UF 59 92.25 -49.11 64.60
C GLU UF 59 93.47 -48.47 63.94
N LYS UF 60 94.22 -47.67 64.67
CA LYS UF 60 95.32 -46.92 64.06
C LYS UF 60 96.47 -47.85 63.71
N VAL UF 61 96.86 -47.85 62.45
CA VAL UF 61 97.98 -48.65 61.95
C VAL UF 61 99.17 -47.71 61.77
N ILE UF 62 100.30 -48.08 62.38
CA ILE UF 62 101.49 -47.26 62.31
C ILE UF 62 102.64 -48.06 61.72
N THR UF 63 103.81 -47.44 61.62
CA THR UF 63 105.02 -48.11 61.19
C THR UF 63 106.11 -47.86 62.23
N PRO UF 64 106.97 -48.85 62.49
CA PRO UF 64 108.06 -48.63 63.44
C PRO UF 64 109.11 -47.70 62.85
N PRO UF 65 109.93 -47.06 63.71
CA PRO UF 65 111.02 -46.24 63.19
C PRO UF 65 112.20 -47.03 62.64
N SER UF 66 112.13 -48.36 62.61
CA SER UF 66 113.18 -49.16 62.00
C SER UF 66 113.09 -49.14 60.49
N LYS UF 67 111.89 -49.19 59.94
CA LYS UF 67 111.70 -49.39 58.50
C LYS UF 67 110.92 -48.25 57.84
N ASP UF 68 110.84 -47.10 58.49
CA ASP UF 68 110.17 -45.94 57.89
C ASP UF 68 111.04 -45.42 56.75
N ASN UF 69 110.57 -45.59 55.51
CA ASN UF 69 111.39 -45.29 54.34
C ASN UF 69 111.31 -43.80 54.05
N THR UF 70 112.10 -43.05 54.81
CA THR UF 70 112.31 -41.63 54.55
C THR UF 70 113.79 -41.33 54.61
N LEU UF 71 114.24 -40.43 53.75
CA LEU UF 71 115.65 -40.07 53.71
C LEU UF 71 115.98 -39.17 54.90
N THR UF 72 117.06 -39.51 55.59
CA THR UF 72 117.48 -38.76 56.76
C THR UF 72 118.37 -37.60 56.34
N ILE UF 73 119.02 -36.97 57.32
CA ILE UF 73 119.90 -35.85 57.06
C ILE UF 73 121.24 -36.37 56.55
N PRO UF 74 121.70 -35.92 55.38
CA PRO UF 74 123.06 -36.31 54.94
C PRO UF 74 124.17 -35.71 55.79
N ASN UF 75 123.88 -34.62 56.51
CA ASN UF 75 124.78 -33.98 57.48
C ASN UF 75 126.09 -33.53 56.83
N ALA UF 76 125.95 -32.62 55.87
CA ALA UF 76 127.08 -31.94 55.26
C ALA UF 76 127.08 -30.49 55.70
N TYR UF 77 128.27 -29.90 55.78
CA TYR UF 77 128.40 -28.51 56.22
C TYR UF 77 127.82 -27.55 55.20
N ASN UF 78 127.85 -27.92 53.92
CA ASN UF 78 127.23 -27.10 52.88
C ASN UF 78 125.70 -27.14 52.94
N LEU UF 79 125.12 -28.06 53.70
CA LEU UF 79 123.69 -28.22 53.81
C LEU UF 79 123.08 -27.35 54.89
N GLN UF 80 123.88 -26.51 55.54
CA GLN UF 80 123.43 -25.80 56.73
C GLN UF 80 122.90 -24.41 56.42
N ALA UF 81 122.75 -24.06 55.15
CA ALA UF 81 122.22 -22.76 54.79
C ALA UF 81 120.72 -22.70 55.04
N ARG UF 82 120.24 -21.51 55.38
CA ARG UF 82 118.83 -21.25 55.62
C ARG UF 82 118.30 -20.33 54.54
N ALA UF 83 117.04 -20.54 54.14
CA ALA UF 83 116.51 -19.85 52.96
C ALA UF 83 114.99 -19.85 53.01
N SER UF 84 114.39 -19.16 52.05
CA SER UF 84 112.95 -19.17 51.83
C SER UF 84 112.68 -19.64 50.41
N VAL UF 85 111.73 -20.55 50.27
CA VAL UF 85 111.35 -21.10 48.96
C VAL UF 85 109.84 -21.14 48.86
N ASP UF 86 109.30 -20.49 47.84
CA ASP UF 86 107.90 -20.63 47.47
C ASP UF 86 107.85 -21.16 46.04
N TRP UF 87 107.56 -22.44 45.90
CA TRP UF 87 107.58 -23.07 44.58
C TRP UF 87 106.66 -24.28 44.59
N SER UF 88 105.94 -24.48 43.49
CA SER UF 88 105.01 -25.60 43.39
C SER UF 88 104.87 -25.94 41.90
N GLY UF 89 105.53 -27.01 41.48
CA GLY UF 89 105.45 -27.46 40.11
C GLY UF 89 106.33 -28.67 39.88
N PRO UF 90 107.05 -28.69 38.76
CA PRO UF 90 108.01 -29.77 38.52
C PRO UF 90 109.12 -29.82 39.57
N ILE UF 91 109.46 -31.04 39.98
CA ILE UF 91 110.40 -31.24 41.07
C ILE UF 91 111.85 -31.22 40.60
N GLU UF 92 112.07 -31.50 39.31
CA GLU UF 92 113.41 -31.74 38.80
C GLU UF 92 114.20 -30.44 38.68
N GLU UF 93 113.54 -29.37 38.23
CA GLU UF 93 114.18 -28.05 38.19
C GLU UF 93 114.54 -27.58 39.59
N LEU UF 94 113.65 -27.85 40.56
CA LEU UF 94 113.89 -27.44 41.94
C LEU UF 94 115.09 -28.17 42.53
N THR UF 95 115.17 -29.49 42.31
CA THR UF 95 116.28 -30.21 42.93
C THR UF 95 117.60 -29.95 42.20
N ALA UF 96 117.55 -29.69 40.89
CA ALA UF 96 118.77 -29.30 40.18
C ALA UF 96 119.25 -27.93 40.65
N ARG UF 97 118.33 -27.01 40.89
CA ARG UF 97 118.68 -25.70 41.41
C ARG UF 97 119.22 -25.79 42.83
N ILE UF 98 118.65 -26.69 43.63
CA ILE UF 98 119.15 -26.93 44.99
C ILE UF 98 120.57 -27.47 44.94
N ALA UF 99 120.84 -28.39 44.02
CA ALA UF 99 122.18 -28.93 43.85
C ALA UF 99 123.17 -27.86 43.39
N LYS UF 100 122.71 -26.96 42.51
CA LYS UF 100 123.58 -25.88 42.06
C LYS UF 100 123.87 -24.89 43.18
N ALA UF 101 122.87 -24.61 44.03
CA ALA UF 101 123.09 -23.71 45.15
C ALA UF 101 123.97 -24.33 46.22
N ALA UF 102 123.87 -25.64 46.42
CA ALA UF 102 124.66 -26.33 47.43
C ALA UF 102 125.96 -26.90 46.88
N HIS UF 103 126.26 -26.62 45.60
CA HIS UF 103 127.51 -27.00 44.94
C HIS UF 103 127.68 -28.52 44.90
N PHE UF 104 126.62 -29.21 44.48
CA PHE UF 104 126.63 -30.66 44.32
C PHE UF 104 126.29 -31.00 42.88
N ARG UF 105 126.97 -32.01 42.35
CA ARG UF 105 126.69 -32.45 41.00
C ARG UF 105 125.35 -33.18 40.95
N PHE UF 106 124.78 -33.24 39.76
CA PHE UF 106 123.40 -33.69 39.59
C PHE UF 106 123.34 -34.83 38.59
N ARG UF 107 122.69 -35.92 38.98
CA ARG UF 107 122.51 -37.07 38.09
C ARG UF 107 121.07 -37.54 38.13
N VAL UF 108 120.66 -38.21 37.06
CA VAL UF 108 119.30 -38.70 36.91
C VAL UF 108 119.34 -40.14 36.42
N LEU UF 109 118.50 -40.98 37.02
CA LEU UF 109 118.33 -42.38 36.62
C LEU UF 109 116.84 -42.63 36.43
N GLY UF 110 116.41 -42.74 35.19
CA GLY UF 110 115.02 -42.95 34.83
C GLY UF 110 114.56 -41.92 33.85
N LYS UF 111 113.26 -41.94 33.56
CA LYS UF 111 112.64 -41.01 32.63
C LYS UF 111 111.56 -40.21 33.35
N SER UF 112 111.43 -38.95 32.97
CA SER UF 112 110.27 -38.20 33.40
C SER UF 112 109.02 -38.71 32.68
N PRO UF 113 107.92 -38.90 33.38
CA PRO UF 113 106.71 -39.45 32.75
C PRO UF 113 106.01 -38.39 31.91
N SER UF 114 104.94 -38.83 31.26
CA SER UF 114 104.05 -37.89 30.57
C SER UF 114 103.38 -36.95 31.56
N VAL UF 115 102.96 -37.49 32.69
CA VAL UF 115 102.48 -36.66 33.79
C VAL UF 115 103.69 -36.26 34.62
N PRO UF 116 103.96 -34.98 34.78
CA PRO UF 116 105.10 -34.55 35.60
C PRO UF 116 104.78 -34.69 37.08
N VAL UF 117 105.82 -34.56 37.89
CA VAL UF 117 105.71 -34.64 39.34
C VAL UF 117 105.44 -33.24 39.87
N LEU UF 118 104.23 -33.02 40.37
CA LEU UF 118 103.83 -31.73 40.90
C LEU UF 118 104.01 -31.72 42.41
N ILE UF 119 104.65 -30.67 42.92
CA ILE UF 119 104.96 -30.56 44.34
C ILE UF 119 104.32 -29.29 44.89
N SER UF 120 104.52 -29.02 46.18
CA SER UF 120 103.98 -27.81 46.79
C SER UF 120 104.84 -27.47 48.00
N ILE UF 121 105.62 -26.39 47.90
CA ILE UF 121 106.54 -25.98 48.95
C ILE UF 121 106.37 -24.49 49.18
N SER UF 122 106.14 -24.11 50.44
CA SER UF 122 106.10 -22.70 50.83
C SER UF 122 106.72 -22.60 52.23
N THR UF 123 108.00 -22.25 52.28
CA THR UF 123 108.72 -22.16 53.54
C THR UF 123 109.52 -20.86 53.58
N LYS UF 124 109.76 -20.38 54.79
CA LYS UF 124 110.43 -19.11 55.00
C LYS UF 124 111.83 -19.22 55.58
N ASP UF 125 112.06 -20.18 56.48
CA ASP UF 125 113.39 -20.33 57.08
C ASP UF 125 113.58 -21.80 57.44
N GLU UF 126 114.25 -22.54 56.56
CA GLU UF 126 114.55 -23.95 56.79
C GLU UF 126 115.90 -24.26 56.17
N SER UF 127 116.50 -25.36 56.62
CA SER UF 127 117.72 -25.82 56.02
C SER UF 127 117.42 -26.79 54.90
N LEU UF 128 118.32 -26.80 53.90
CA LEU UF 128 118.06 -27.52 52.67
C LEU UF 128 118.07 -29.03 52.86
N ALA UF 129 118.66 -29.53 53.94
CA ALA UF 129 118.61 -30.97 54.24
C ALA UF 129 117.18 -31.42 54.53
N GLU UF 130 116.51 -30.74 55.47
CA GLU UF 130 115.11 -31.11 55.72
C GLU UF 130 114.20 -30.65 54.61
N ILE UF 131 114.62 -29.66 53.82
CA ILE UF 131 113.89 -29.32 52.60
C ILE UF 131 113.88 -30.51 51.64
N LEU UF 132 115.04 -31.13 51.44
CA LEU UF 132 115.12 -32.30 50.57
C LEU UF 132 114.42 -33.50 51.17
N ARG UF 133 114.43 -33.62 52.50
CA ARG UF 133 113.70 -34.69 53.17
C ARG UF 133 112.19 -34.56 52.92
N ASP UF 134 111.67 -33.34 53.06
CA ASP UF 134 110.27 -33.10 52.74
C ASP UF 134 109.99 -33.27 51.25
N ILE UF 135 110.99 -32.97 50.42
CA ILE UF 135 110.84 -33.13 48.97
C ILE UF 135 110.67 -34.61 48.62
N ASP UF 136 111.48 -35.47 49.24
CA ASP UF 136 111.33 -36.90 48.99
C ASP UF 136 110.06 -37.43 49.65
N TYR UF 137 109.61 -36.81 50.73
CA TYR UF 137 108.34 -37.17 51.33
C TYR UF 137 107.18 -36.86 50.40
N GLN UF 138 107.23 -35.71 49.72
CA GLN UF 138 106.23 -35.38 48.72
C GLN UF 138 106.34 -36.29 47.51
N ALA UF 139 107.58 -36.69 47.16
CA ALA UF 139 107.78 -37.60 46.05
C ALA UF 139 107.16 -38.95 46.33
N GLY UF 140 107.28 -39.43 47.56
CA GLY UF 140 106.59 -40.63 48.00
C GLY UF 140 107.05 -41.90 47.33
N LYS UF 141 106.19 -42.46 46.49
CA LYS UF 141 106.43 -43.76 45.88
C LYS UF 141 106.56 -43.67 44.37
N LYS UF 142 107.11 -42.56 43.87
CA LYS UF 142 107.33 -42.39 42.44
C LYS UF 142 108.76 -42.02 42.09
N ALA UF 143 109.46 -41.28 42.96
CA ALA UF 143 110.86 -40.96 42.74
C ALA UF 143 111.53 -40.77 44.09
N SER UF 144 112.85 -40.79 44.08
CA SER UF 144 113.62 -40.66 45.31
C SER UF 144 114.96 -40.03 45.00
N ILE UF 145 115.66 -39.66 46.07
CA ILE UF 145 116.93 -38.95 45.98
C ILE UF 145 117.97 -39.73 46.75
N HIS UF 146 119.09 -40.04 46.10
CA HIS UF 146 120.25 -40.65 46.75
C HIS UF 146 121.40 -39.65 46.72
N VAL UF 147 121.96 -39.38 47.89
CA VAL UF 147 122.92 -38.29 48.05
C VAL UF 147 124.24 -38.87 48.55
N TYR UF 148 125.33 -38.57 47.83
CA TYR UF 148 126.66 -38.88 48.30
C TYR UF 148 127.30 -37.60 48.80
N PRO UF 149 127.61 -37.51 50.09
CA PRO UF 149 128.20 -36.27 50.63
C PRO UF 149 129.71 -36.22 50.53
N ASN UF 150 130.37 -37.37 50.43
CA ASN UF 150 131.82 -37.38 50.27
C ASN UF 150 132.19 -36.93 48.86
N SER UF 151 131.78 -37.69 47.85
CA SER UF 151 131.81 -37.23 46.47
C SER UF 151 130.51 -36.48 46.24
N GLN UF 152 130.61 -35.14 46.17
CA GLN UF 152 129.49 -34.23 46.40
C GLN UF 152 128.49 -34.32 45.24
N VAL UF 153 127.62 -35.33 45.32
CA VAL UF 153 126.68 -35.57 44.23
C VAL UF 153 125.32 -35.92 44.80
N VAL UF 154 124.28 -35.62 44.02
CA VAL UF 154 122.92 -36.07 44.29
C VAL UF 154 122.36 -36.69 43.02
N GLU UF 155 121.50 -37.69 43.20
CA GLU UF 155 120.91 -38.42 42.10
C GLU UF 155 119.42 -38.53 42.30
N LEU UF 156 118.65 -38.18 41.29
CA LEU UF 156 117.22 -38.39 41.26
C LEU UF 156 116.93 -39.69 40.52
N ARG UF 157 116.31 -40.63 41.20
CA ARG UF 157 115.96 -41.92 40.63
C ARG UF 157 114.46 -42.05 40.57
N TYR UF 158 113.94 -42.32 39.38
CA TYR UF 158 112.51 -42.57 39.23
C TYR UF 158 112.16 -43.99 39.68
N ALA UF 159 110.89 -44.33 39.59
CA ALA UF 159 110.43 -45.69 39.81
C ALA UF 159 109.96 -46.30 38.50
N LYS UF 160 109.76 -47.61 38.51
CA LYS UF 160 109.27 -48.32 37.35
C LYS UF 160 107.80 -48.01 37.09
N ILE VF 208 109.02 -70.70 76.06
CA ILE VF 208 109.38 -70.36 77.43
C ILE VF 208 109.92 -68.94 77.50
N ILE VF 209 109.85 -68.34 78.69
CA ILE VF 209 110.28 -66.97 78.89
C ILE VF 209 110.64 -66.81 80.37
N TYR VF 210 111.36 -65.75 80.68
CA TYR VF 210 111.82 -65.48 82.04
C TYR VF 210 111.40 -64.10 82.48
N TYR VF 211 111.25 -63.92 83.78
CA TYR VF 211 110.93 -62.63 84.38
C TYR VF 211 111.74 -62.43 85.63
N ILE VF 212 111.80 -61.18 86.07
CA ILE VF 212 112.64 -60.80 87.21
C ILE VF 212 111.80 -60.82 88.47
N GLN VF 213 112.34 -61.41 89.53
CA GLN VF 213 111.73 -61.27 90.85
C GLN VF 213 112.36 -60.10 91.60
N ALA VF 214 113.66 -60.17 91.86
CA ALA VF 214 114.38 -59.07 92.49
C ALA VF 214 115.84 -59.15 92.05
N VAL VF 215 116.53 -58.02 92.13
CA VAL VF 215 117.90 -57.91 91.62
C VAL VF 215 118.79 -57.18 92.60
N ILE VF 216 120.08 -57.43 92.46
CA ILE VF 216 121.14 -56.64 93.08
C ILE VF 216 122.23 -56.48 92.03
N PRO VF 217 123.10 -55.46 92.17
CA PRO VF 217 124.32 -55.46 91.36
C PRO VF 217 125.15 -56.71 91.58
N GLY VF 218 125.20 -57.57 90.56
CA GLY VF 218 125.92 -58.82 90.63
C GLY VF 218 125.04 -60.06 90.61
N ARG VF 219 123.94 -60.04 91.35
CA ARG VF 219 123.08 -61.20 91.49
C ARG VF 219 121.66 -60.87 91.04
N ALA VF 220 121.04 -61.80 90.32
CA ALA VF 220 119.67 -61.64 89.86
C ALA VF 220 118.90 -62.92 90.14
N TRP VF 221 117.61 -62.76 90.39
CA TRP VF 221 116.71 -63.90 90.59
C TRP VF 221 115.60 -63.85 89.55
N LEU VF 222 115.45 -64.93 88.81
CA LEU VF 222 114.54 -64.99 87.68
C LEU VF 222 113.60 -66.17 87.82
N ILE VF 223 112.41 -66.01 87.26
CA ILE VF 223 111.38 -67.03 87.27
C ILE VF 223 111.03 -67.38 85.83
N GLY VF 224 111.09 -68.67 85.50
CA GLY VF 224 110.84 -69.13 84.16
C GLY VF 224 109.36 -69.34 83.87
N SER VF 225 109.08 -69.84 82.67
CA SER VF 225 107.70 -70.08 82.27
C SER VF 225 107.11 -71.31 82.94
N ASN VF 226 107.95 -72.26 83.35
CA ASN VF 226 107.48 -73.49 83.96
C ASN VF 226 107.35 -73.39 85.48
N GLY VF 227 107.52 -72.21 86.05
CA GLY VF 227 107.50 -72.06 87.48
C GLY VF 227 108.82 -72.33 88.17
N SER VF 228 109.91 -72.44 87.41
CA SER VF 228 111.22 -72.73 87.96
C SER VF 228 111.96 -71.45 88.30
N THR VF 229 112.90 -71.56 89.24
CA THR VF 229 113.70 -70.43 89.67
C THR VF 229 115.11 -70.51 89.12
N LEU VF 230 115.77 -69.36 89.06
CA LEU VF 230 117.14 -69.32 88.58
C LEU VF 230 117.87 -68.16 89.24
N THR VF 231 119.09 -68.43 89.70
CA THR VF 231 119.99 -67.39 90.19
C THR VF 231 121.07 -67.15 89.15
N VAL VF 232 121.23 -65.89 88.77
CA VAL VF 232 122.07 -65.52 87.62
C VAL VF 232 123.10 -64.50 88.09
N ARG VF 233 124.35 -64.72 87.71
CA ARG VF 233 125.48 -63.88 88.10
C ARG VF 233 125.59 -62.67 87.19
N GLU VF 234 126.72 -61.96 87.28
CA GLU VF 234 127.05 -60.95 86.27
C GLU VF 234 127.29 -61.62 84.92
N GLY VF 235 128.08 -62.69 84.91
CA GLY VF 235 128.27 -63.46 83.71
C GLY VF 235 127.85 -64.90 83.93
N SER VF 236 126.78 -65.32 83.26
CA SER VF 236 126.23 -66.66 83.46
C SER VF 236 125.48 -67.08 82.22
N LYS VF 237 125.22 -68.37 82.13
CA LYS VF 237 124.58 -68.99 80.97
C LYS VF 237 123.11 -69.25 81.26
N ILE VF 238 122.24 -68.91 80.30
CA ILE VF 238 120.82 -69.20 80.39
C ILE VF 238 120.29 -69.41 78.98
N PRO VF 239 119.52 -70.48 78.73
CA PRO VF 239 119.07 -70.78 77.38
C PRO VF 239 118.09 -69.74 76.84
N GLY VF 240 118.19 -69.50 75.53
CA GLY VF 240 117.47 -68.42 74.90
C GLY VF 240 118.14 -67.07 75.00
N TYR VF 241 119.16 -66.95 75.81
CA TYR VF 241 119.88 -65.70 76.07
C TYR VF 241 121.39 -65.86 75.91
N GLY VF 242 121.93 -67.01 76.28
CA GLY VF 242 123.37 -67.19 76.20
C GLY VF 242 124.03 -66.59 77.42
N MET VF 243 125.15 -65.90 77.21
CA MET VF 243 125.91 -65.30 78.29
C MET VF 243 125.27 -63.99 78.72
N VAL VF 244 125.22 -63.76 80.02
CA VAL VF 244 124.70 -62.50 80.54
C VAL VF 244 125.80 -61.46 80.44
N LYS VF 245 125.53 -60.38 79.72
CA LYS VF 245 126.53 -59.34 79.54
C LYS VF 245 126.37 -58.14 80.47
N LEU VF 246 125.14 -57.79 80.85
CA LEU VF 246 124.93 -56.60 81.66
C LEU VF 246 123.64 -56.73 82.44
N ILE VF 247 123.73 -56.52 83.75
CA ILE VF 247 122.57 -56.51 84.64
C ILE VF 247 122.46 -55.11 85.22
N ASP VF 248 121.33 -54.48 85.02
CA ASP VF 248 121.10 -53.14 85.54
C ASP VF 248 120.56 -53.22 86.96
N SER VF 249 120.86 -52.19 87.75
CA SER VF 249 120.39 -52.12 89.13
C SER VF 249 119.12 -51.29 89.26
N LEU VF 250 119.17 -50.02 88.87
CA LEU VF 250 117.99 -49.16 88.99
C LEU VF 250 116.94 -49.51 87.95
N GLN VF 251 117.35 -49.65 86.69
CA GLN VF 251 116.41 -50.00 85.63
C GLN VF 251 116.12 -51.48 85.66
N GLY VF 252 114.89 -51.85 85.32
CA GLY VF 252 114.50 -53.23 85.28
C GLY VF 252 114.74 -53.90 83.94
N ARG VF 253 115.95 -53.71 83.40
CA ARG VF 253 116.30 -54.25 82.10
C ARG VF 253 117.58 -55.05 82.23
N ILE VF 254 117.58 -56.26 81.68
CA ILE VF 254 118.72 -57.16 81.76
C ILE VF 254 119.19 -57.47 80.35
N LEU VF 255 120.50 -57.30 80.12
CA LEU VF 255 121.09 -57.53 78.82
C LEU VF 255 121.96 -58.79 78.85
N THR VF 256 121.72 -59.68 77.89
CA THR VF 256 122.51 -60.88 77.71
C THR VF 256 123.20 -60.83 76.35
N SER VF 257 123.88 -61.92 76.01
CA SER VF 257 124.56 -62.00 74.72
C SER VF 257 123.57 -62.02 73.56
N SER VF 258 122.37 -62.56 73.77
CA SER VF 258 121.33 -62.46 72.77
C SER VF 258 120.84 -61.03 72.58
N GLY VF 259 120.98 -60.19 73.61
CA GLY VF 259 120.63 -58.80 73.51
C GLY VF 259 119.21 -58.45 73.88
N GLN VF 260 118.34 -59.45 74.08
CA GLN VF 260 116.97 -59.13 74.47
C GLN VF 260 116.92 -58.71 75.93
N VAL VF 261 115.82 -58.06 76.30
CA VAL VF 261 115.67 -57.38 77.57
C VAL VF 261 114.73 -58.19 78.46
N ILE VF 262 115.18 -58.46 79.69
CA ILE VF 262 114.36 -59.14 80.68
C ILE VF 262 113.74 -58.10 81.61
N LYS VF 263 112.47 -58.28 81.94
CA LYS VF 263 111.70 -57.34 82.73
C LYS VF 263 110.96 -58.09 83.83
N PHE VF 264 110.31 -57.32 84.70
CA PHE VF 264 109.38 -57.89 85.66
C PHE VF 264 108.11 -58.35 84.95
N SER VF 265 107.45 -59.33 85.53
CA SER VF 265 106.27 -59.92 84.90
C SER VF 265 105.06 -58.98 85.00
N GLN VF 266 104.16 -59.13 84.04
CA GLN VF 266 102.95 -58.33 84.00
C GLN VF 266 101.70 -59.21 84.07
N MET WF 23 99.74 4.85 93.86
CA MET WF 23 100.77 4.25 93.01
C MET WF 23 100.21 3.99 91.61
N LYS WF 24 100.24 5.02 90.78
CA LYS WF 24 99.70 4.92 89.43
C LYS WF 24 100.58 4.04 88.56
N PHE WF 25 99.95 3.22 87.73
CA PHE WF 25 100.65 2.32 86.83
C PHE WF 25 100.41 2.77 85.39
N LYS WF 26 101.50 2.99 84.66
CA LYS WF 26 101.41 3.48 83.29
C LYS WF 26 102.24 2.60 82.36
N LYS WF 27 102.40 3.04 81.12
CA LYS WF 27 103.26 2.41 80.13
C LYS WF 27 104.01 3.50 79.37
N PRO WF 28 105.21 3.21 78.86
CA PRO WF 28 106.01 4.26 78.20
C PRO WF 28 105.40 4.78 76.90
N PRO WF 29 104.95 3.95 75.90
CA PRO WF 29 104.50 4.57 74.65
C PRO WF 29 103.12 5.18 74.78
N ILE WF 30 103.08 6.50 74.85
CA ILE WF 30 101.83 7.24 74.92
C ILE WF 30 101.94 8.43 73.97
N ASN WF 31 100.93 8.60 73.11
CA ASN WF 31 100.95 9.68 72.14
C ASN WF 31 99.60 10.37 72.04
N ASN WF 32 99.44 11.22 71.03
CA ASN WF 32 98.13 11.74 70.69
C ASN WF 32 97.28 10.64 70.08
N PRO WF 33 95.96 10.74 70.18
CA PRO WF 33 95.08 9.70 69.62
C PRO WF 33 95.17 9.61 68.10
N SER WF 34 94.87 8.43 67.61
CA SER WF 34 95.01 8.07 66.21
C SER WF 34 93.66 8.13 65.50
N ASP WF 35 93.62 7.66 64.26
CA ASP WF 35 92.38 7.59 63.50
C ASP WF 35 92.28 6.25 62.79
N ASP WF 36 91.06 5.72 62.73
CA ASP WF 36 90.81 4.39 62.18
C ASP WF 36 91.16 4.28 60.71
N ALA WF 37 90.96 5.36 59.96
CA ALA WF 37 91.36 5.36 58.55
C ALA WF 37 92.88 5.25 58.43
N THR WF 38 93.61 5.92 59.30
CA THR WF 38 95.06 5.79 59.33
C THR WF 38 95.47 4.38 59.77
N ILE WF 39 94.68 3.77 60.65
CA ILE WF 39 94.93 2.38 61.06
C ILE WF 39 94.80 1.45 59.87
N LYS WF 40 93.74 1.63 59.08
CA LYS WF 40 93.54 0.83 57.88
C LYS WF 40 94.61 1.11 56.83
N LEU WF 41 95.08 2.36 56.78
CA LEU WF 41 96.18 2.72 55.88
C LEU WF 41 97.44 1.96 56.25
N ALA WF 42 97.76 1.90 57.55
CA ALA WF 42 98.92 1.15 58.00
C ALA WF 42 98.76 -0.35 57.76
N GLU WF 43 97.53 -0.84 57.92
CA GLU WF 43 97.22 -2.24 57.68
C GLU WF 43 97.45 -2.63 56.23
N ALA WF 44 97.07 -1.75 55.30
CA ALA WF 44 97.41 -1.97 53.90
C ALA WF 44 98.91 -1.86 53.68
N ALA WF 45 99.55 -0.89 54.36
CA ALA WF 45 100.92 -0.52 54.06
C ALA WF 45 101.89 -1.62 54.45
N VAL WF 46 101.64 -2.32 55.55
CA VAL WF 46 102.56 -3.36 55.99
C VAL WF 46 102.57 -4.52 55.01
N SER WF 47 101.40 -4.90 54.50
CA SER WF 47 101.34 -6.01 53.55
C SER WF 47 101.92 -5.62 52.20
N VAL WF 48 101.68 -4.36 51.77
CA VAL WF 48 102.25 -3.90 50.51
C VAL WF 48 103.77 -3.82 50.58
N SER WF 49 104.31 -3.31 51.69
CA SER WF 49 105.75 -3.24 51.89
C SER WF 49 106.36 -4.63 51.96
N ASP WF 50 105.68 -5.57 52.61
CA ASP WF 50 106.17 -6.94 52.68
C ASP WF 50 106.20 -7.58 51.31
N SER WF 51 105.17 -7.35 50.51
CA SER WF 51 105.12 -7.90 49.15
C SER WF 51 106.23 -7.34 48.28
N MET WF 52 106.45 -6.02 48.36
CA MET WF 52 107.50 -5.40 47.57
C MET WF 52 108.88 -5.85 48.02
N LEU WF 53 109.07 -6.04 49.34
CA LEU WF 53 110.34 -6.52 49.86
C LEU WF 53 110.63 -7.94 49.40
N GLU WF 54 109.61 -8.81 49.43
CA GLU WF 54 109.76 -10.18 48.97
C GLU WF 54 110.07 -10.23 47.47
N MET WF 55 109.37 -9.40 46.69
CA MET WF 55 109.60 -9.37 45.25
C MET WF 55 110.98 -8.84 44.92
N ALA WF 56 111.45 -7.83 45.66
CA ALA WF 56 112.79 -7.30 45.44
C ALA WF 56 113.86 -8.33 45.80
N LYS WF 57 113.65 -9.07 46.89
CA LYS WF 57 114.61 -10.09 47.29
C LYS WF 57 114.68 -11.22 46.26
N VAL WF 58 113.52 -11.68 45.79
CA VAL WF 58 113.52 -12.79 44.84
C VAL WF 58 114.04 -12.34 43.49
N GLU WF 59 113.82 -11.07 43.12
CA GLU WF 59 114.38 -10.54 41.88
C GLU WF 59 115.89 -10.41 41.97
N LYS WF 60 116.39 -9.98 43.14
CA LYS WF 60 117.83 -9.88 43.35
C LYS WF 60 118.49 -11.24 43.29
N VAL WF 61 117.82 -12.27 43.83
CA VAL WF 61 118.36 -13.62 43.77
C VAL WF 61 118.39 -14.13 42.34
N ILE WF 62 117.27 -13.99 41.62
CA ILE WF 62 117.18 -14.61 40.30
C ILE WF 62 117.93 -13.83 39.23
N THR WF 63 118.23 -12.55 39.45
CA THR WF 63 118.86 -11.76 38.43
C THR WF 63 120.27 -11.36 38.88
N PRO WF 64 121.30 -11.65 38.09
CA PRO WF 64 122.66 -11.25 38.46
C PRO WF 64 122.97 -9.85 37.99
N PRO WF 65 123.23 -8.92 38.91
CA PRO WF 65 123.74 -7.60 38.50
C PRO WF 65 125.20 -7.68 38.10
N SER WF 66 125.63 -6.70 37.32
CA SER WF 66 127.01 -6.77 36.86
C SER WF 66 127.81 -5.49 37.10
N LYS WF 67 127.20 -4.32 36.92
CA LYS WF 67 127.95 -3.08 36.87
C LYS WF 67 127.33 -2.05 37.81
N ASP WF 68 128.11 -1.00 38.09
CA ASP WF 68 127.69 0.08 38.97
C ASP WF 68 127.99 1.41 38.31
N ASN WF 69 127.07 2.36 38.47
CA ASN WF 69 127.10 3.63 37.76
C ASN WF 69 128.13 4.62 38.29
N THR WF 70 128.86 4.29 39.36
CA THR WF 70 129.93 5.14 39.82
C THR WF 70 131.06 5.24 38.81
N LEU WF 71 131.20 4.24 37.94
CA LEU WF 71 132.14 4.33 36.82
C LEU WF 71 131.72 5.42 35.84
N THR WF 72 130.47 5.38 35.38
CA THR WF 72 130.05 6.32 34.35
C THR WF 72 129.76 7.71 34.91
N ILE WF 73 129.61 7.84 36.22
CA ILE WF 73 129.65 9.16 36.83
C ILE WF 73 130.39 9.03 38.16
N PRO WF 74 131.65 9.43 38.22
CA PRO WF 74 132.37 9.50 39.49
C PRO WF 74 132.26 10.90 40.08
N ASN WF 75 132.71 11.02 41.32
CA ASN WF 75 132.71 12.29 42.02
C ASN WF 75 134.05 13.00 41.87
N ALA WF 76 134.02 14.31 42.08
CA ALA WF 76 135.20 15.15 42.03
C ALA WF 76 135.00 16.28 43.02
N TYR WF 77 135.86 17.30 42.94
CA TYR WF 77 135.77 18.41 43.88
C TYR WF 77 134.57 19.28 43.54
N ASN WF 78 134.19 20.12 44.53
CA ASN WF 78 133.01 21.00 44.55
C ASN WF 78 131.73 20.29 44.09
N LEU WF 79 131.62 19.02 44.44
CA LEU WF 79 130.40 18.26 44.29
C LEU WF 79 129.87 17.77 45.62
N GLN WF 80 130.57 18.07 46.71
CA GLN WF 80 130.18 17.62 48.03
C GLN WF 80 129.34 18.62 48.79
N ALA WF 81 129.10 19.80 48.21
CA ALA WF 81 128.09 20.70 48.76
C ALA WF 81 126.73 20.04 48.62
N ARG WF 82 125.92 20.14 49.65
CA ARG WF 82 124.79 19.22 49.76
C ARG WF 82 123.48 19.93 49.49
N ALA WF 83 122.40 19.16 49.55
CA ALA WF 83 121.08 19.69 49.26
C ALA WF 83 120.03 18.81 49.93
N SER WF 84 118.90 19.43 50.26
CA SER WF 84 117.70 18.73 50.67
C SER WF 84 116.60 19.06 49.68
N VAL WF 85 115.96 18.03 49.13
CA VAL WF 85 115.21 18.17 47.90
C VAL WF 85 113.86 17.47 47.98
N ASP WF 86 112.83 18.16 47.48
CA ASP WF 86 111.53 17.57 47.18
C ASP WF 86 111.24 17.88 45.73
N TRP WF 87 110.82 16.89 44.96
CA TRP WF 87 110.57 17.10 43.55
C TRP WF 87 109.50 16.14 43.05
N SER WF 88 108.64 16.65 42.16
CA SER WF 88 107.64 15.80 41.54
C SER WF 88 107.43 16.14 40.07
N GLY WF 89 108.28 16.99 39.49
CA GLY WF 89 108.08 17.42 38.12
C GLY WF 89 108.93 16.64 37.15
N PRO WF 90 109.04 17.13 35.93
CA PRO WF 90 109.90 16.50 34.93
C PRO WF 90 111.37 16.78 35.23
N ILE WF 91 112.24 16.17 34.44
CA ILE WF 91 113.66 16.11 34.76
C ILE WF 91 114.41 17.39 34.40
N GLU WF 92 113.83 18.24 33.55
CA GLU WF 92 114.62 19.23 32.81
C GLU WF 92 115.10 20.36 33.72
N GLU WF 93 114.17 21.11 34.30
CA GLU WF 93 114.58 22.21 35.16
C GLU WF 93 115.21 21.73 36.46
N LEU WF 94 114.91 20.49 36.87
CA LEU WF 94 115.56 19.89 38.02
C LEU WF 94 117.06 19.74 37.79
N THR WF 95 117.44 19.09 36.68
CA THR WF 95 118.87 18.96 36.42
C THR WF 95 119.49 20.27 35.96
N ALA WF 96 118.68 21.21 35.45
CA ALA WF 96 119.22 22.51 35.11
C ALA WF 96 119.61 23.30 36.35
N ARG WF 97 118.76 23.28 37.39
CA ARG WF 97 119.12 23.94 38.63
C ARG WF 97 120.26 23.21 39.34
N ILE WF 98 120.34 21.88 39.16
CA ILE WF 98 121.47 21.12 39.68
C ILE WF 98 122.77 21.57 39.03
N ALA WF 99 122.76 21.73 37.69
CA ALA WF 99 123.94 22.20 36.97
C ALA WF 99 124.29 23.64 37.34
N LYS WF 100 123.28 24.48 37.59
CA LYS WF 100 123.53 25.84 38.03
C LYS WF 100 124.18 25.87 39.40
N ALA WF 101 123.75 24.98 40.30
CA ALA WF 101 124.40 24.85 41.59
C ALA WF 101 125.83 24.35 41.44
N ALA WF 102 126.05 23.41 40.53
CA ALA WF 102 127.37 22.84 40.34
C ALA WF 102 128.32 23.76 39.57
N HIS WF 103 127.78 24.81 38.92
CA HIS WF 103 128.52 25.67 37.99
C HIS WF 103 129.16 24.86 36.88
N PHE WF 104 128.40 23.91 36.34
CA PHE WF 104 128.89 23.02 35.29
C PHE WF 104 128.10 23.24 34.01
N ARG WF 105 128.76 23.03 32.88
CA ARG WF 105 128.09 23.11 31.59
C ARG WF 105 127.09 21.97 31.46
N PHE WF 106 126.03 22.22 30.70
CA PHE WF 106 124.90 21.30 30.61
C PHE WF 106 124.62 20.98 29.16
N ARG WF 107 124.47 19.68 28.86
CA ARG WF 107 124.18 19.24 27.50
C ARG WF 107 123.03 18.26 27.49
N VAL WF 108 122.23 18.32 26.43
CA VAL WF 108 121.09 17.43 26.25
C VAL WF 108 121.19 16.79 24.87
N LEU WF 109 120.99 15.48 24.82
CA LEU WF 109 121.11 14.71 23.59
C LEU WF 109 119.84 13.90 23.37
N GLY WF 110 119.30 13.99 22.17
CA GLY WF 110 118.12 13.23 21.80
C GLY WF 110 116.88 14.10 21.73
N LYS WF 111 115.76 13.43 21.48
CA LYS WF 111 114.45 14.06 21.40
C LYS WF 111 113.67 13.74 22.66
N SER WF 112 113.13 14.78 23.29
CA SER WF 112 112.24 14.57 24.41
C SER WF 112 110.93 13.95 23.90
N PRO WF 113 110.44 12.89 24.52
CA PRO WF 113 109.19 12.28 24.06
C PRO WF 113 107.99 13.12 24.45
N SER WF 114 106.86 12.82 23.80
CA SER WF 114 105.62 13.52 24.12
C SER WF 114 105.16 13.20 25.54
N VAL WF 115 105.28 11.94 25.95
CA VAL WF 115 104.97 11.59 27.33
C VAL WF 115 106.09 12.10 28.25
N PRO WF 116 105.78 12.89 29.26
CA PRO WF 116 106.83 13.37 30.16
C PRO WF 116 107.35 12.27 31.05
N VAL WF 117 108.58 12.45 31.52
CA VAL WF 117 109.21 11.52 32.45
C VAL WF 117 109.27 12.21 33.80
N LEU WF 118 108.64 11.59 34.79
CA LEU WF 118 108.43 12.21 36.10
C LEU WF 118 109.28 11.52 37.14
N ILE WF 119 109.81 12.32 38.06
CA ILE WF 119 110.74 11.85 39.08
C ILE WF 119 110.24 12.32 40.44
N SER WF 120 110.06 11.38 41.36
CA SER WF 120 109.73 11.69 42.73
C SER WF 120 110.98 11.50 43.58
N ILE WF 121 111.37 12.54 44.29
CA ILE WF 121 112.57 12.52 45.12
C ILE WF 121 112.24 13.17 46.45
N SER WF 122 112.57 12.49 47.54
CA SER WF 122 112.39 13.02 48.89
C SER WF 122 113.51 12.50 49.77
N THR WF 123 114.48 13.35 50.07
CA THR WF 123 115.59 12.99 50.93
C THR WF 123 116.07 14.23 51.65
N LYS WF 124 117.18 14.11 52.36
CA LYS WF 124 117.69 15.20 53.17
C LYS WF 124 119.20 15.01 53.36
N ASP WF 125 119.93 16.13 53.22
CA ASP WF 125 121.39 16.20 53.37
C ASP WF 125 122.09 15.24 52.41
N GLU WF 126 121.92 15.54 51.12
CA GLU WF 126 122.52 14.75 50.07
C GLU WF 126 123.18 15.67 49.06
N SER WF 127 124.28 15.21 48.47
CA SER WF 127 125.05 16.01 47.56
C SER WF 127 124.95 15.46 46.14
N LEU WF 128 125.75 16.08 45.26
CA LEU WF 128 125.45 16.11 43.84
C LEU WF 128 125.64 14.77 43.16
N ALA WF 129 126.76 14.10 43.45
CA ALA WF 129 127.12 12.89 42.71
C ALA WF 129 126.18 11.74 43.03
N GLU WF 130 125.95 11.48 44.32
CA GLU WF 130 125.05 10.39 44.68
C GLU WF 130 123.60 10.76 44.43
N ILE WF 131 123.27 12.07 44.46
CA ILE WF 131 121.93 12.50 44.08
C ILE WF 131 121.69 12.20 42.60
N LEU WF 132 122.70 12.45 41.76
CA LEU WF 132 122.56 12.15 40.34
C LEU WF 132 122.55 10.66 40.08
N ARG WF 133 123.27 9.90 40.90
CA ARG WF 133 123.22 8.45 40.80
C ARG WF 133 121.81 7.92 41.11
N ASP WF 134 121.19 8.47 42.15
CA ASP WF 134 119.81 8.11 42.45
C ASP WF 134 118.86 8.56 41.36
N ILE WF 135 119.13 9.72 40.76
CA ILE WF 135 118.29 10.23 39.68
C ILE WF 135 118.35 9.31 38.47
N ASP WF 136 119.55 8.91 38.08
CA ASP WF 136 119.70 8.03 36.93
C ASP WF 136 119.17 6.64 37.21
N TYR WF 137 119.28 6.17 38.45
CA TYR WF 137 118.68 4.89 38.81
C TYR WF 137 117.17 4.96 38.76
N GLN WF 138 116.58 6.07 39.21
CA GLN WF 138 115.13 6.22 39.15
C GLN WF 138 114.67 6.37 37.71
N ALA WF 139 115.51 6.97 36.85
CA ALA WF 139 115.18 7.07 35.44
C ALA WF 139 115.18 5.71 34.77
N GLY WF 140 116.25 4.95 34.96
CA GLY WF 140 116.34 3.62 34.39
C GLY WF 140 116.43 3.58 32.88
N LYS WF 141 115.36 3.10 32.24
CA LYS WF 141 115.38 2.85 30.81
C LYS WF 141 115.16 4.08 29.96
N LYS WF 142 114.67 5.17 30.55
CA LYS WF 142 114.25 6.32 29.76
C LYS WF 142 115.43 7.13 29.25
N ALA WF 143 116.49 7.25 30.04
CA ALA WF 143 117.59 8.14 29.71
C ALA WF 143 118.84 7.66 30.44
N SER WF 144 119.93 8.39 30.22
CA SER WF 144 121.19 8.14 30.89
C SER WF 144 121.87 9.46 31.20
N ILE WF 145 122.65 9.47 32.27
CA ILE WF 145 123.35 10.65 32.75
C ILE WF 145 124.83 10.37 32.73
N HIS WF 146 125.59 11.28 32.12
CA HIS WF 146 127.04 11.15 32.07
C HIS WF 146 127.68 12.43 32.58
N VAL WF 147 128.88 12.30 33.14
CA VAL WF 147 129.61 13.44 33.66
C VAL WF 147 130.99 13.44 33.03
N TYR WF 148 131.57 14.63 32.93
CA TYR WF 148 132.95 14.81 32.47
C TYR WF 148 133.54 15.91 33.33
N PRO WF 149 134.16 15.56 34.46
CA PRO WF 149 134.73 16.59 35.35
C PRO WF 149 136.00 17.20 34.80
N ASN WF 150 136.63 16.57 33.83
CA ASN WF 150 137.76 17.19 33.14
C ASN WF 150 137.32 18.44 32.40
N SER WF 151 136.14 18.41 31.77
CA SER WF 151 135.58 19.57 31.11
C SER WF 151 134.40 20.16 31.86
N GLN WF 152 134.04 19.59 33.01
CA GLN WF 152 132.99 20.10 33.92
C GLN WF 152 131.63 20.17 33.22
N VAL WF 153 131.26 19.06 32.58
CA VAL WF 153 130.06 18.99 31.77
C VAL WF 153 129.19 17.85 32.27
N VAL WF 154 127.91 18.14 32.55
CA VAL WF 154 126.90 17.12 32.81
C VAL WF 154 126.04 16.98 31.56
N GLU WF 155 125.76 15.74 31.17
CA GLU WF 155 125.08 15.47 29.93
C GLU WF 155 123.96 14.47 30.16
N LEU WF 156 122.79 14.77 29.60
CA LEU WF 156 121.67 13.85 29.52
C LEU WF 156 121.60 13.27 28.11
N ARG WF 157 121.26 11.99 28.01
CA ARG WF 157 121.00 11.38 26.72
C ARG WF 157 119.71 10.58 26.81
N TYR WF 158 118.78 10.83 25.87
CA TYR WF 158 117.48 10.19 25.91
C TYR WF 158 117.58 8.74 25.44
N ALA WF 159 116.44 8.04 25.44
CA ALA WF 159 116.38 6.66 24.99
C ALA WF 159 115.96 6.61 23.53
N LYS WF 160 116.80 6.00 22.70
CA LYS WF 160 116.41 5.66 21.34
C LYS WF 160 115.58 4.39 21.40
N ILE WF 161 114.31 4.50 21.04
CA ILE WF 161 113.38 3.38 21.10
C ILE WF 161 112.37 3.50 19.97
N TYR WF 162 111.72 2.38 19.67
CA TYR WF 162 110.63 2.23 18.68
C TYR WF 162 111.03 2.72 17.30
N ARG XF 207 102.02 -48.86 6.25
CA ARG XF 207 101.94 -48.06 5.04
C ARG XF 207 100.48 -47.80 4.67
N ILE XF 208 100.21 -47.69 3.37
CA ILE XF 208 98.87 -47.44 2.85
C ILE XF 208 98.60 -48.44 1.74
N ILE XF 209 97.50 -49.18 1.88
CA ILE XF 209 97.14 -50.23 0.93
C ILE XF 209 95.77 -49.89 0.35
N TYR XF 210 95.68 -49.91 -0.98
CA TYR XF 210 94.46 -49.54 -1.67
C TYR XF 210 93.59 -50.75 -1.90
N TYR XF 211 92.28 -50.55 -1.83
CA TYR XF 211 91.28 -51.51 -2.29
C TYR XF 211 90.54 -50.90 -3.47
N ILE XF 212 90.20 -51.73 -4.44
CA ILE XF 212 89.42 -51.25 -5.59
C ILE XF 212 88.01 -50.94 -5.13
N GLN XF 213 87.49 -49.79 -5.56
CA GLN XF 213 86.10 -49.43 -5.32
C GLN XF 213 85.21 -49.74 -6.52
N ALA XF 214 85.71 -49.57 -7.73
CA ALA XF 214 84.91 -49.81 -8.94
C ALA XF 214 85.82 -50.33 -10.04
N VAL XF 215 85.31 -51.32 -10.78
CA VAL XF 215 86.04 -51.95 -11.87
C VAL XF 215 85.35 -51.58 -13.18
N ILE XF 216 86.11 -50.96 -14.09
CA ILE XF 216 85.61 -50.54 -15.39
C ILE XF 216 86.74 -50.69 -16.41
N PRO XF 217 86.45 -50.85 -17.70
CA PRO XF 217 87.51 -50.77 -18.70
C PRO XF 217 88.08 -49.37 -18.79
N GLY XF 218 89.39 -49.30 -19.00
CA GLY XF 218 90.07 -48.01 -19.10
C GLY XF 218 90.35 -47.38 -17.75
N ARG XF 219 89.31 -46.87 -17.11
CA ARG XF 219 89.46 -46.17 -15.85
C ARG XF 219 89.45 -47.15 -14.68
N ALA XF 220 89.76 -46.63 -13.50
CA ALA XF 220 89.75 -47.45 -12.29
C ALA XF 220 89.50 -46.54 -11.09
N TRP XF 221 88.57 -46.96 -10.22
CA TRP XF 221 88.30 -46.29 -8.96
C TRP XF 221 88.73 -47.18 -7.81
N LEU XF 222 89.38 -46.60 -6.81
CA LEU XF 222 89.94 -47.39 -5.73
C LEU XF 222 90.00 -46.55 -4.47
N ILE XF 223 90.12 -47.24 -3.33
CA ILE XF 223 90.11 -46.59 -2.02
C ILE XF 223 91.23 -47.16 -1.17
N GLY XF 224 92.05 -46.27 -0.59
CA GLY XF 224 93.13 -46.69 0.28
C GLY XF 224 92.67 -47.11 1.65
N SER XF 225 93.62 -47.67 2.42
CA SER XF 225 93.33 -48.11 3.77
C SER XF 225 93.08 -46.95 4.73
N ASN XF 226 93.69 -45.79 4.48
CA ASN XF 226 93.57 -44.63 5.35
C ASN XF 226 92.38 -43.74 4.98
N GLY XF 227 91.56 -44.17 4.02
CA GLY XF 227 90.46 -43.35 3.54
C GLY XF 227 90.76 -42.60 2.27
N SER XF 228 91.92 -42.81 1.66
CA SER XF 228 92.29 -42.14 0.43
C SER XF 228 91.58 -42.83 -0.73
N THR XF 229 90.53 -42.22 -1.24
CA THR XF 229 89.77 -42.74 -2.36
C THR XF 229 90.11 -41.93 -3.60
N LEU XF 230 90.71 -42.59 -4.59
CA LEU XF 230 91.20 -41.94 -5.78
C LEU XF 230 90.75 -42.71 -7.01
N THR XF 231 91.16 -42.22 -8.17
CA THR XF 231 90.87 -42.86 -9.44
C THR XF 231 92.02 -42.60 -10.40
N VAL XF 232 92.30 -43.61 -11.22
CA VAL XF 232 93.45 -43.55 -12.13
C VAL XF 232 93.13 -44.23 -13.45
N ARG XF 233 94.09 -44.16 -14.37
CA ARG XF 233 93.99 -44.77 -15.68
C ARG XF 233 95.10 -45.82 -15.83
N GLU XF 234 95.27 -46.33 -17.05
CA GLU XF 234 96.26 -47.37 -17.31
C GLU XF 234 97.69 -46.87 -17.09
N GLY XF 235 98.11 -45.87 -17.86
CA GLY XF 235 99.46 -45.37 -17.70
C GLY XF 235 99.52 -44.22 -16.72
N SER XF 236 99.87 -44.50 -15.47
CA SER XF 236 99.88 -43.47 -14.45
C SER XF 236 100.83 -43.88 -13.32
N LYS XF 237 101.25 -42.88 -12.56
CA LYS XF 237 102.10 -43.08 -11.40
C LYS XF 237 101.25 -43.20 -10.14
N ILE XF 238 101.48 -44.26 -9.38
CA ILE XF 238 100.76 -44.49 -8.13
C ILE XF 238 101.79 -44.59 -7.01
N PRO XF 239 101.67 -43.78 -5.96
CA PRO XF 239 102.66 -43.83 -4.86
C PRO XF 239 102.60 -45.12 -4.08
N GLY XF 240 103.79 -45.68 -3.81
CA GLY XF 240 103.92 -46.94 -3.13
C GLY XF 240 103.74 -48.15 -4.00
N TYR XF 241 103.46 -47.98 -5.30
CA TYR XF 241 103.19 -49.09 -6.18
C TYR XF 241 103.94 -49.00 -7.50
N GLY XF 242 104.78 -47.99 -7.69
CA GLY XF 242 105.43 -47.83 -8.98
C GLY XF 242 104.45 -47.25 -9.99
N MET XF 243 104.40 -47.82 -11.17
CA MET XF 243 103.43 -47.43 -12.19
C MET XF 243 102.46 -48.58 -12.42
N VAL XF 244 101.25 -48.24 -12.87
CA VAL XF 244 100.24 -49.26 -13.15
C VAL XF 244 100.60 -49.91 -14.48
N LYS XF 245 101.11 -51.14 -14.42
CA LYS XF 245 101.60 -51.79 -15.64
C LYS XF 245 100.47 -52.31 -16.51
N LEU XF 246 99.36 -52.76 -15.93
CA LEU XF 246 98.25 -53.30 -16.70
C LEU XF 246 96.97 -53.20 -15.89
N ILE XF 247 95.90 -52.73 -16.52
CA ILE XF 247 94.57 -52.70 -15.93
C ILE XF 247 93.64 -53.50 -16.83
N ASP XF 248 92.99 -54.51 -16.25
CA ASP XF 248 92.00 -55.31 -16.95
C ASP XF 248 90.70 -55.29 -16.15
N SER XF 249 89.59 -54.99 -16.84
CA SER XF 249 88.29 -55.09 -16.20
C SER XF 249 87.87 -56.53 -15.98
N LEU XF 250 88.48 -57.47 -16.70
CA LEU XF 250 88.32 -58.88 -16.41
C LEU XF 250 88.92 -59.20 -15.04
N GLN XF 251 88.16 -59.91 -14.21
CA GLN XF 251 88.51 -60.44 -12.88
C GLN XF 251 88.73 -59.37 -11.82
N GLY XF 252 88.61 -58.07 -12.16
CA GLY XF 252 88.72 -57.00 -11.19
C GLY XF 252 90.08 -56.85 -10.53
N ARG XF 253 91.15 -56.88 -11.32
CA ARG XF 253 92.50 -56.79 -10.79
C ARG XF 253 93.19 -55.53 -11.30
N ILE XF 254 94.08 -54.98 -10.46
CA ILE XF 254 94.95 -53.88 -10.86
C ILE XF 254 96.38 -54.35 -10.70
N LEU XF 255 97.14 -54.34 -11.78
CA LEU XF 255 98.51 -54.83 -11.78
C LEU XF 255 99.46 -53.65 -11.82
N THR XF 256 100.39 -53.60 -10.86
CA THR XF 256 101.33 -52.50 -10.76
C THR XF 256 102.75 -53.00 -11.01
N SER XF 257 103.64 -52.06 -11.36
CA SER XF 257 105.03 -52.40 -11.67
C SER XF 257 105.81 -52.86 -10.44
N SER XF 258 105.30 -52.61 -9.24
CA SER XF 258 105.89 -53.12 -8.01
C SER XF 258 105.47 -54.56 -7.71
N GLY XF 259 104.88 -55.26 -8.68
CA GLY XF 259 104.45 -56.63 -8.47
C GLY XF 259 103.26 -56.76 -7.54
N GLN XF 260 102.42 -55.73 -7.47
CA GLN XF 260 101.29 -55.72 -6.55
C GLN XF 260 99.99 -55.74 -7.34
N VAL XF 261 99.05 -56.56 -6.89
CA VAL XF 261 97.75 -56.70 -7.51
C VAL XF 261 96.73 -56.13 -6.53
N ILE XF 262 96.30 -54.89 -6.80
CA ILE XF 262 95.21 -54.30 -6.04
C ILE XF 262 93.91 -55.02 -6.39
N LYS XF 263 93.13 -55.34 -5.36
CA LYS XF 263 91.89 -56.08 -5.49
C LYS XF 263 90.85 -55.43 -4.58
N PHE XF 264 89.73 -56.11 -4.38
CA PHE XF 264 88.73 -55.71 -3.42
C PHE XF 264 89.05 -56.31 -2.05
N SER XF 265 88.17 -56.08 -1.09
CA SER XF 265 88.30 -56.70 0.22
C SER XF 265 87.81 -58.15 0.17
N GLN XF 266 88.16 -58.90 1.22
CA GLN XF 266 87.71 -60.29 1.33
C GLN XF 266 86.21 -60.36 1.55
N GLU XF 267 85.68 -59.54 2.46
CA GLU XF 267 84.24 -59.51 2.66
C GLU XF 267 83.53 -58.82 1.49
N ASP XF 268 84.12 -57.75 0.96
CA ASP XF 268 83.53 -57.02 -0.15
C ASP XF 268 83.72 -57.86 -1.41
N SER XF 269 82.77 -58.76 -1.62
CA SER XF 269 82.83 -59.73 -2.71
C SER XF 269 81.43 -60.16 -3.16
N GLN YF 791 73.44 -86.00 -43.95
CA GLN YF 791 74.30 -84.87 -43.69
C GLN YF 791 73.51 -83.57 -43.86
N GLN YF 792 72.33 -83.71 -44.44
CA GLN YF 792 71.40 -82.60 -44.64
C GLN YF 792 70.56 -82.31 -43.41
N GLU YF 793 70.72 -83.09 -42.35
CA GLU YF 793 69.82 -83.04 -41.20
C GLU YF 793 70.18 -81.92 -40.22
N ILE YF 794 71.33 -81.25 -40.42
CA ILE YF 794 71.78 -80.25 -39.46
C ILE YF 794 70.92 -79.00 -39.54
N GLN YF 795 70.56 -78.58 -40.76
CA GLN YF 795 69.92 -77.28 -40.94
C GLN YF 795 68.50 -77.26 -40.40
N GLN YF 796 67.75 -78.34 -40.61
CA GLN YF 796 66.44 -78.46 -39.99
C GLN YF 796 66.56 -78.60 -38.48
N ARG YF 797 67.63 -79.23 -38.01
CA ARG YF 797 67.91 -79.20 -36.58
C ARG YF 797 68.30 -77.80 -36.13
N THR YF 798 69.07 -77.08 -36.95
CA THR YF 798 69.46 -75.73 -36.59
C THR YF 798 68.29 -74.75 -36.71
N SER YF 799 67.24 -75.14 -37.43
CA SER YF 799 66.14 -74.22 -37.68
C SER YF 799 65.30 -73.98 -36.42
N ASP YF 800 64.75 -75.04 -35.84
CA ASP YF 800 63.82 -74.88 -34.72
C ASP YF 800 64.52 -74.44 -33.44
N MET YF 801 65.79 -74.81 -33.26
CA MET YF 801 66.52 -74.32 -32.10
C MET YF 801 66.86 -72.85 -32.22
N LEU YF 802 66.98 -72.32 -33.45
CA LEU YF 802 67.18 -70.89 -33.64
C LEU YF 802 65.91 -70.13 -33.28
N THR YF 803 64.74 -70.70 -33.60
CA THR YF 803 63.48 -70.13 -33.15
C THR YF 803 63.38 -70.16 -31.64
N ALA YF 804 63.86 -71.25 -31.03
CA ALA YF 804 63.98 -71.30 -29.58
C ALA YF 804 65.00 -70.29 -29.08
N ALA YF 805 66.07 -70.08 -29.84
CA ALA YF 805 67.08 -69.10 -29.47
C ALA YF 805 66.52 -67.68 -29.52
N THR YF 806 65.73 -67.37 -30.56
CA THR YF 806 65.11 -66.06 -30.64
C THR YF 806 64.02 -65.92 -29.58
N GLN YF 807 63.45 -67.03 -29.15
CA GLN YF 807 62.44 -66.99 -28.09
C GLN YF 807 63.03 -66.58 -26.76
N LEU YF 808 64.24 -67.03 -26.45
CA LEU YF 808 64.77 -66.80 -25.12
C LEU YF 808 65.46 -65.45 -24.99
N VAL YF 809 66.07 -64.96 -26.06
CA VAL YF 809 66.87 -63.74 -25.97
C VAL YF 809 66.02 -62.50 -25.74
N GLN YF 810 64.76 -62.49 -26.20
CA GLN YF 810 63.89 -61.37 -25.91
C GLN YF 810 63.41 -61.39 -24.47
N ASP YF 811 63.43 -62.57 -23.84
CA ASP YF 811 62.85 -62.72 -22.51
C ASP YF 811 63.69 -62.08 -21.42
N TRP YF 812 64.93 -61.71 -21.70
CA TRP YF 812 65.71 -60.97 -20.73
C TRP YF 812 65.47 -59.48 -20.79
N LYS YF 813 64.65 -59.00 -21.72
CA LYS YF 813 64.49 -57.57 -21.93
C LYS YF 813 63.36 -56.96 -21.13
N GLN YF 814 62.53 -57.77 -20.48
CA GLN YF 814 61.43 -57.25 -19.67
C GLN YF 814 62.02 -56.78 -18.34
N VAL YF 815 62.52 -55.55 -18.36
CA VAL YF 815 63.13 -54.96 -17.17
C VAL YF 815 62.17 -53.92 -16.60
N GLU YF 816 61.31 -54.33 -15.68
CA GLU YF 816 60.35 -53.43 -15.10
C GLU YF 816 60.98 -52.59 -14.00
N THR YF 817 60.28 -51.54 -13.61
CA THR YF 817 60.75 -50.62 -12.60
C THR YF 817 60.05 -50.84 -11.27
N GLN YF 818 60.52 -50.15 -10.24
CA GLN YF 818 60.02 -50.29 -8.89
C GLN YF 818 58.70 -49.54 -8.74
N VAL YF 819 57.99 -49.85 -7.66
CA VAL YF 819 56.74 -49.19 -7.32
C VAL YF 819 56.89 -48.57 -5.94
N TYR YF 820 56.65 -47.27 -5.85
CA TYR YF 820 56.81 -46.53 -4.61
C TYR YF 820 55.43 -46.29 -4.02
N THR YF 821 55.02 -47.19 -3.14
CA THR YF 821 53.68 -47.15 -2.56
C THR YF 821 53.72 -46.31 -1.28
N GLU YF 822 52.94 -45.25 -1.27
CA GLU YF 822 52.91 -44.31 -0.15
C GLU YF 822 51.69 -44.58 0.71
N GLY YF 823 51.89 -44.64 2.02
CA GLY YF 823 50.81 -44.84 2.97
C GLY YF 823 50.65 -43.65 3.90
N THR YF 824 49.40 -43.37 4.25
CA THR YF 824 49.10 -42.26 5.14
C THR YF 824 48.20 -42.70 6.29
N ALA ZF 104 33.80 -113.70 -28.37
CA ALA ZF 104 32.79 -112.69 -28.62
C ALA ZF 104 33.00 -111.48 -27.71
N GLU ZF 105 33.70 -111.69 -26.60
CA GLU ZF 105 33.91 -110.68 -25.59
C GLU ZF 105 35.35 -110.19 -25.48
N VAL ZF 106 36.32 -110.98 -25.95
CA VAL ZF 106 37.71 -110.53 -26.00
C VAL ZF 106 37.89 -109.39 -26.97
N ILE ZF 107 37.02 -109.28 -27.97
CA ILE ZF 107 37.00 -108.13 -28.87
C ILE ZF 107 36.74 -106.84 -28.09
N ASP ZF 108 35.72 -106.88 -27.22
CA ASP ZF 108 35.43 -105.71 -26.39
C ASP ZF 108 36.50 -105.50 -25.32
N LYS ZF 109 37.13 -106.58 -24.86
CA LYS ZF 109 38.21 -106.46 -23.88
C LYS ZF 109 39.42 -105.72 -24.46
N LYS ZF 110 39.89 -106.17 -25.63
CA LYS ZF 110 40.99 -105.47 -26.29
C LYS ZF 110 40.56 -104.11 -26.81
N ALA ZF 111 39.26 -103.93 -27.07
CA ALA ZF 111 38.74 -102.61 -27.44
C ALA ZF 111 38.88 -101.64 -26.28
N PHE ZF 112 38.47 -102.05 -25.08
CA PHE ZF 112 38.60 -101.18 -23.92
C PHE ZF 112 40.07 -100.90 -23.60
N LYS ZF 113 40.94 -101.91 -23.77
CA LYS ZF 113 42.36 -101.73 -23.47
C LYS ZF 113 43.01 -100.75 -24.44
N ASP ZF 114 42.83 -100.95 -25.74
CA ASP ZF 114 43.49 -100.07 -26.70
C ASP ZF 114 42.82 -98.71 -26.78
N MET ZF 115 41.51 -98.62 -26.49
CA MET ZF 115 40.88 -97.31 -26.45
C MET ZF 115 41.28 -96.54 -25.21
N THR ZF 116 41.55 -97.24 -24.11
CA THR ZF 116 42.17 -96.62 -22.95
C THR ZF 116 43.55 -96.08 -23.28
N ARG ZF 117 44.33 -96.87 -24.03
CA ARG ZF 117 45.66 -96.44 -24.45
C ARG ZF 117 45.61 -95.21 -25.36
N ASN ZF 118 44.66 -95.19 -26.30
CA ASN ZF 118 44.54 -94.06 -27.22
C ASN ZF 118 43.97 -92.83 -26.51
N LEU ZF 119 43.09 -93.04 -25.53
CA LEU ZF 119 42.51 -91.94 -24.78
C LEU ZF 119 43.56 -91.27 -23.90
N TYR ZF 120 44.35 -92.07 -23.19
CA TYR ZF 120 45.38 -91.52 -22.31
C TYR ZF 120 46.76 -91.99 -22.72
N PRO ZF 121 47.53 -91.17 -23.41
CA PRO ZF 121 48.94 -91.49 -23.65
C PRO ZF 121 49.85 -91.00 -22.54
N LEU ZF 122 49.27 -90.67 -21.38
CA LEU ZF 122 49.96 -89.96 -20.30
C LEU ZF 122 50.32 -90.93 -19.18
N ASN ZF 123 51.57 -91.40 -19.19
CA ASN ZF 123 52.06 -92.16 -18.05
C ASN ZF 123 52.30 -91.22 -16.87
N PRO ZF 124 51.96 -91.63 -15.65
CA PRO ZF 124 52.16 -90.73 -14.50
C PRO ZF 124 53.63 -90.48 -14.18
N GLU ZF 125 54.46 -91.51 -14.30
CA GLU ZF 125 55.90 -91.35 -14.13
C GLU ZF 125 56.49 -90.46 -15.21
N GLN ZF 126 55.97 -90.55 -16.43
CA GLN ZF 126 56.40 -89.65 -17.50
C GLN ZF 126 55.96 -88.23 -17.22
N VAL ZF 127 54.77 -88.06 -16.63
CA VAL ZF 127 54.27 -86.74 -16.24
C VAL ZF 127 55.17 -86.10 -15.19
N VAL ZF 128 55.55 -86.88 -14.19
CA VAL ZF 128 56.45 -86.38 -13.14
C VAL ZF 128 57.84 -86.10 -13.71
N LYS ZF 129 58.29 -86.92 -14.66
CA LYS ZF 129 59.57 -86.67 -15.34
C LYS ZF 129 59.53 -85.38 -16.14
N LEU ZF 130 58.42 -85.12 -16.83
CA LEU ZF 130 58.31 -83.88 -17.61
C LEU ZF 130 58.23 -82.66 -16.71
N LYS ZF 131 57.54 -82.79 -15.57
CA LYS ZF 131 57.50 -81.68 -14.61
C LYS ZF 131 58.88 -81.44 -13.98
N GLN ZF 132 59.64 -82.52 -13.77
CA GLN ZF 132 60.98 -82.39 -13.21
C GLN ZF 132 61.93 -81.72 -14.20
N ILE ZF 133 61.89 -82.13 -15.47
CA ILE ZF 133 62.78 -81.49 -16.43
C ILE ZF 133 62.30 -80.08 -16.74
N TYR ZF 134 61.01 -79.81 -16.58
CA TYR ZF 134 60.49 -78.46 -16.72
C TYR ZF 134 61.01 -77.55 -15.63
N GLU ZF 135 61.00 -78.02 -14.37
CA GLU ZF 135 61.47 -77.17 -13.30
C GLU ZF 135 62.99 -77.02 -13.32
N THR ZF 136 63.73 -78.02 -13.81
CA THR ZF 136 65.17 -77.83 -13.96
C THR ZF 136 65.49 -76.89 -15.11
N SER ZF 137 64.71 -76.94 -16.19
CA SER ZF 137 64.88 -75.98 -17.28
C SER ZF 137 64.57 -74.57 -16.82
N GLU ZF 138 63.54 -74.42 -15.99
CA GLU ZF 138 63.21 -73.13 -15.41
C GLU ZF 138 64.31 -72.65 -14.47
N TYR ZF 139 64.93 -73.57 -13.72
CA TYR ZF 139 66.05 -73.22 -12.86
C TYR ZF 139 67.24 -72.75 -13.67
N ALA ZF 140 67.51 -73.42 -14.79
CA ALA ZF 140 68.61 -73.02 -15.65
C ALA ZF 140 68.33 -71.70 -16.35
N LYS ZF 141 67.06 -71.44 -16.66
CA LYS ZF 141 66.69 -70.16 -17.25
C LYS ZF 141 66.86 -69.02 -16.25
N ALA ZF 142 66.37 -69.21 -15.03
CA ALA ZF 142 66.48 -68.17 -14.01
C ALA ZF 142 67.86 -68.08 -13.39
N ALA ZF 143 68.73 -69.05 -13.65
CA ALA ZF 143 70.07 -69.03 -13.08
C ALA ZF 143 70.97 -68.08 -13.85
N THR ZF 144 71.69 -67.22 -13.13
CA THR ZF 144 72.60 -66.27 -13.76
C THR ZF 144 74.03 -66.76 -13.58
N PRO ZF 145 74.85 -66.72 -14.64
CA PRO ZF 145 76.26 -67.08 -14.48
C PRO ZF 145 77.01 -66.05 -13.66
N GLY ZF 146 78.10 -66.51 -13.04
CA GLY ZF 146 78.93 -65.65 -12.22
C GLY ZF 146 78.43 -65.53 -10.80
N THR ZF 147 79.33 -65.29 -9.87
CA THR ZF 147 78.93 -65.12 -8.47
C THR ZF 147 78.24 -63.77 -8.30
N PRO ZF 148 77.08 -63.73 -7.65
CA PRO ZF 148 76.38 -62.46 -7.50
C PRO ZF 148 77.10 -61.55 -6.52
N PRO ZF 149 76.93 -60.24 -6.64
CA PRO ZF 149 77.49 -59.33 -5.65
C PRO ZF 149 76.80 -59.46 -4.31
N LYS ZF 150 77.56 -59.22 -3.25
CA LYS ZF 150 77.00 -59.24 -1.91
C LYS ZF 150 76.24 -57.94 -1.65
N PRO ZF 151 75.00 -58.01 -1.18
CA PRO ZF 151 74.29 -56.78 -0.76
C PRO ZF 151 74.93 -56.13 0.46
N THR ZF 152 75.52 -54.95 0.26
CA THR ZF 152 76.31 -54.29 1.29
C THR ZF 152 75.76 -52.89 1.54
N ALA ZF 153 75.54 -52.57 2.80
CA ALA ZF 153 75.17 -51.22 3.22
C ALA ZF 153 76.41 -50.54 3.81
N THR ZF 154 76.68 -49.31 3.39
CA THR ZF 154 77.93 -48.64 3.72
C THR ZF 154 77.67 -47.16 3.98
N SER ZF 155 78.72 -46.48 4.47
CA SER ZF 155 78.71 -45.05 4.71
C SER ZF 155 79.99 -44.43 4.15
N GLN ZF 156 79.86 -43.29 3.48
CA GLN ZF 156 81.00 -42.60 2.91
C GLN ZF 156 80.87 -41.10 3.17
N PHE ZF 157 82.03 -40.44 3.12
CA PHE ZF 157 82.12 -39.00 3.29
C PHE ZF 157 82.32 -38.31 1.95
N VAL ZF 158 81.75 -37.11 1.83
CA VAL ZF 158 81.83 -36.31 0.62
C VAL ZF 158 82.57 -35.02 0.96
N ASN ZF 159 83.62 -34.74 0.20
CA ASN ZF 159 84.47 -33.58 0.44
C ASN ZF 159 84.00 -32.39 -0.39
N LEU ZF 160 83.96 -31.23 0.25
CA LEU ZF 160 83.43 -30.00 -0.35
C LEU ZF 160 84.49 -29.16 -1.04
N SER ZF 161 85.72 -29.63 -1.12
CA SER ZF 161 86.75 -28.85 -1.76
C SER ZF 161 86.60 -28.89 -3.28
N PRO ZF 162 87.07 -27.87 -3.99
CA PRO ZF 162 87.14 -27.94 -5.46
C PRO ZF 162 88.14 -28.96 -5.99
N GLY ZF 163 89.07 -29.45 -5.16
CA GLY ZF 163 89.95 -30.52 -5.55
C GLY ZF 163 89.44 -31.91 -5.25
N SER ZF 164 88.19 -32.04 -4.80
CA SER ZF 164 87.66 -33.33 -4.38
C SER ZF 164 87.29 -34.19 -5.59
N THR ZF 165 87.38 -35.51 -5.38
CA THR ZF 165 87.00 -36.59 -6.28
C THR ZF 165 85.55 -36.99 -6.00
N PRO ZF 166 84.76 -37.27 -7.04
CA PRO ZF 166 83.34 -37.57 -6.83
C PRO ZF 166 83.13 -38.97 -6.29
N PRO ZF 167 82.16 -39.14 -5.40
CA PRO ZF 167 81.84 -40.50 -4.93
C PRO ZF 167 81.13 -41.32 -5.99
N VAL ZF 168 81.50 -42.59 -6.04
CA VAL ZF 168 80.99 -43.57 -7.00
C VAL ZF 168 80.12 -44.55 -6.24
N ILE ZF 169 78.90 -44.77 -6.75
CA ILE ZF 169 77.93 -45.65 -6.11
C ILE ZF 169 77.76 -46.89 -6.98
N ARG ZF 170 78.02 -48.05 -6.38
CA ARG ZF 170 77.77 -49.33 -7.02
C ARG ZF 170 76.27 -49.60 -7.06
N LEU ZF 171 75.79 -50.08 -8.22
CA LEU ZF 171 74.38 -50.31 -8.44
C LEU ZF 171 74.17 -51.70 -9.03
N SER ZF 172 72.91 -52.15 -8.98
CA SER ZF 172 72.50 -53.40 -9.61
C SER ZF 172 71.24 -53.17 -10.42
N GLN ZF 173 71.12 -53.93 -11.51
CA GLN ZF 173 69.91 -53.90 -12.30
C GLN ZF 173 68.80 -54.60 -11.54
N GLY ZF 174 67.65 -53.94 -11.44
CA GLY ZF 174 66.54 -54.50 -10.69
C GLY ZF 174 66.68 -54.41 -9.19
N PHE ZF 175 67.55 -53.54 -8.68
CA PHE ZF 175 67.71 -53.36 -7.24
C PHE ZF 175 67.66 -51.89 -6.89
N VAL ZF 176 67.18 -51.61 -5.68
CA VAL ZF 176 66.92 -50.25 -5.22
C VAL ZF 176 68.08 -49.82 -4.32
N SER ZF 177 68.61 -48.64 -4.58
CA SER ZF 177 69.64 -48.03 -3.76
C SER ZF 177 69.01 -46.91 -2.94
N SER ZF 178 69.27 -46.91 -1.63
CA SER ZF 178 68.74 -45.92 -0.72
C SER ZF 178 69.87 -45.02 -0.24
N LEU ZF 179 69.81 -43.75 -0.65
CA LEU ZF 179 70.79 -42.75 -0.31
C LEU ZF 179 70.22 -41.91 0.83
N VAL ZF 180 70.89 -41.94 1.99
CA VAL ZF 180 70.47 -41.14 3.14
C VAL ZF 180 71.57 -40.13 3.44
N PHE ZF 181 71.20 -38.85 3.45
CA PHE ZF 181 72.16 -37.75 3.46
C PHE ZF 181 72.16 -37.08 4.83
N LEU ZF 182 73.35 -36.95 5.42
CA LEU ZF 182 73.54 -36.28 6.69
C LEU ZF 182 74.64 -35.24 6.57
N ASP ZF 183 74.63 -34.28 7.48
CA ASP ZF 183 75.64 -33.23 7.49
C ASP ZF 183 76.87 -33.71 8.27
N SER ZF 184 77.78 -32.79 8.59
CA SER ZF 184 78.92 -33.13 9.43
C SER ZF 184 78.51 -33.40 10.87
N THR ZF 185 77.40 -32.84 11.32
CA THR ZF 185 76.86 -33.20 12.62
C THR ZF 185 76.03 -34.47 12.60
N GLY ZF 186 75.71 -35.00 11.42
CA GLY ZF 186 74.92 -36.20 11.30
C GLY ZF 186 73.42 -35.98 11.16
N ALA ZF 187 72.96 -34.74 11.26
CA ALA ZF 187 71.55 -34.47 11.10
C ALA ZF 187 71.16 -34.60 9.62
N PRO ZF 188 69.99 -35.15 9.31
CA PRO ZF 188 69.60 -35.33 7.91
C PRO ZF 188 69.29 -34.01 7.22
N TRP ZF 189 69.80 -33.86 6.01
CA TRP ZF 189 69.67 -32.62 5.26
C TRP ZF 189 68.71 -32.82 4.11
N PRO ZF 190 67.56 -32.15 4.09
CA PRO ZF 190 66.58 -32.34 3.02
C PRO ZF 190 67.07 -31.79 1.69
N ILE ZF 191 66.46 -32.27 0.62
CA ILE ZF 191 66.91 -32.03 -0.74
C ILE ZF 191 65.92 -31.15 -1.47
N ALA ZF 192 66.42 -30.04 -2.03
CA ALA ZF 192 65.55 -29.12 -2.75
C ALA ZF 192 65.29 -29.58 -4.18
N ALA ZF 193 66.32 -30.03 -4.89
CA ALA ZF 193 66.15 -30.41 -6.29
C ALA ZF 193 67.22 -31.42 -6.66
N TYR ZF 194 67.02 -32.07 -7.80
CA TYR ZF 194 68.03 -32.96 -8.37
C TYR ZF 194 67.83 -33.07 -9.87
N ASP ZF 195 68.89 -33.51 -10.54
CA ASP ZF 195 68.93 -33.59 -11.99
C ASP ZF 195 69.71 -34.85 -12.36
N LEU ZF 196 69.12 -35.67 -13.23
CA LEU ZF 196 69.65 -36.98 -13.57
C LEU ZF 196 70.10 -37.02 -15.02
N GLY ZF 197 71.23 -37.67 -15.28
CA GLY ZF 197 71.63 -38.00 -16.64
C GLY ZF 197 71.19 -39.41 -17.00
N ASP ZF 198 70.93 -39.61 -18.30
CA ASP ZF 198 70.48 -40.86 -18.93
C ASP ZF 198 69.23 -41.42 -18.25
N PRO ZF 199 68.06 -40.83 -18.48
CA PRO ZF 199 66.86 -41.21 -17.72
C PRO ZF 199 66.35 -42.62 -17.97
N SER ZF 200 66.75 -43.26 -19.07
CA SER ZF 200 66.27 -44.62 -19.33
C SER ZF 200 66.87 -45.62 -18.36
N SER ZF 201 68.18 -45.57 -18.17
CA SER ZF 201 68.88 -46.57 -17.37
C SER ZF 201 68.67 -46.38 -15.87
N PHE ZF 202 68.17 -45.23 -15.44
CA PHE ZF 202 68.06 -44.92 -14.02
C PHE ZF 202 66.65 -44.46 -13.70
N ASN ZF 203 66.02 -45.12 -12.73
CA ASN ZF 203 64.68 -44.78 -12.27
C ASN ZF 203 64.79 -44.15 -10.89
N ILE ZF 204 64.11 -43.02 -10.70
CA ILE ZF 204 64.12 -42.30 -9.44
C ILE ZF 204 62.68 -42.15 -8.97
N GLN ZF 205 62.37 -42.78 -7.84
CA GLN ZF 205 61.11 -42.54 -7.14
C GLN ZF 205 61.43 -41.92 -5.80
N TRP ZF 206 60.71 -40.85 -5.46
CA TRP ZF 206 61.14 -39.97 -4.37
C TRP ZF 206 59.95 -39.16 -3.89
N ASP ZF 207 59.61 -39.32 -2.62
CA ASP ZF 207 58.61 -38.45 -2.01
C ASP ZF 207 59.16 -37.04 -1.88
N LYS ZF 208 58.30 -36.06 -2.11
CA LYS ZF 208 58.70 -34.69 -2.38
C LYS ZF 208 59.34 -33.99 -1.17
N THR ZF 209 59.06 -34.44 0.05
CA THR ZF 209 59.47 -33.72 1.24
C THR ZF 209 60.59 -34.40 2.03
N SER ZF 210 61.18 -35.46 1.50
CA SER ZF 210 62.20 -36.19 2.24
C SER ZF 210 63.58 -35.95 1.63
N ASN ZF 211 64.58 -36.60 2.23
CA ASN ZF 211 65.94 -36.58 1.71
C ASN ZF 211 66.43 -37.94 1.25
N THR ZF 212 65.79 -39.02 1.69
CA THR ZF 212 66.22 -40.36 1.30
C THR ZF 212 65.81 -40.63 -0.15
N LEU ZF 213 66.76 -41.07 -0.95
CA LEU ZF 213 66.55 -41.24 -2.38
C LEU ZF 213 66.55 -42.72 -2.73
N MET ZF 214 65.48 -43.18 -3.36
CA MET ZF 214 65.34 -44.54 -3.83
C MET ZF 214 65.60 -44.54 -5.34
N ILE ZF 215 66.68 -45.20 -5.76
CA ILE ZF 215 67.12 -45.18 -7.15
C ILE ZF 215 67.10 -46.61 -7.68
N GLN ZF 216 66.53 -46.79 -8.88
CA GLN ZF 216 66.51 -48.09 -9.54
C GLN ZF 216 67.29 -48.02 -10.84
N ALA ZF 217 68.18 -49.00 -11.05
CA ALA ZF 217 68.99 -49.05 -12.25
C ALA ZF 217 68.35 -50.00 -13.26
N THR ZF 218 68.17 -49.51 -14.50
CA THR ZF 218 67.48 -50.29 -15.52
C THR ZF 218 68.44 -51.05 -16.43
N LYS ZF 219 69.56 -50.44 -16.79
CA LYS ZF 219 70.55 -51.09 -17.62
C LYS ZF 219 71.53 -51.87 -16.74
N LEU ZF 220 72.64 -52.29 -17.31
CA LEU ZF 220 73.60 -53.13 -16.60
C LEU ZF 220 74.96 -52.49 -16.39
N TYR ZF 221 75.46 -51.73 -17.37
CA TYR ZF 221 76.83 -51.25 -17.30
C TYR ZF 221 77.01 -49.78 -17.62
N ASN ZF 222 76.07 -49.13 -18.30
CA ASN ZF 222 76.26 -47.74 -18.67
C ASN ZF 222 76.11 -46.83 -17.45
N TYR ZF 223 77.06 -45.93 -17.28
CA TYR ZF 223 77.22 -45.15 -16.07
C TYR ZF 223 76.61 -43.77 -16.23
N GLY ZF 224 76.17 -43.21 -15.11
CA GLY ZF 224 75.45 -41.95 -15.13
C GLY ZF 224 75.96 -40.99 -14.07
N ASN ZF 225 75.41 -39.78 -14.12
CA ASN ZF 225 75.75 -38.70 -13.21
C ASN ZF 225 74.48 -38.10 -12.63
N LEU ZF 226 74.59 -37.64 -11.39
CA LEU ZF 226 73.45 -37.04 -10.70
C LEU ZF 226 73.91 -35.78 -9.98
N ALA ZF 227 73.13 -34.71 -10.13
CA ALA ZF 227 73.38 -33.46 -9.43
C ALA ZF 227 72.26 -33.25 -8.41
N VAL ZF 228 72.63 -32.91 -7.19
CA VAL ZF 228 71.67 -32.75 -6.10
C VAL ZF 228 71.87 -31.40 -5.45
N ARG ZF 229 70.83 -30.57 -5.44
CA ARG ZF 229 70.85 -29.32 -4.71
C ARG ZF 229 70.06 -29.51 -3.41
N LEU ZF 230 70.73 -29.28 -2.29
CA LEU ZF 230 70.09 -29.35 -0.99
C LEU ZF 230 69.34 -28.06 -0.71
N ARG ZF 231 68.47 -28.11 0.29
CA ARG ZF 231 67.68 -26.93 0.64
C ARG ZF 231 68.53 -25.88 1.35
N GLY ZF 232 69.34 -26.30 2.30
CA GLY ZF 232 70.21 -25.36 2.98
C GLY ZF 232 71.51 -25.08 2.28
N LEU ZF 233 71.87 -25.87 1.28
CA LEU ZF 233 73.16 -25.75 0.60
C LEU ZF 233 72.96 -25.21 -0.80
N ASN ZF 234 73.67 -24.12 -1.10
CA ASN ZF 234 73.62 -23.55 -2.44
C ASN ZF 234 74.35 -24.43 -3.44
N THR ZF 235 75.43 -25.08 -3.00
CA THR ZF 235 76.28 -25.83 -3.92
C THR ZF 235 75.62 -27.13 -4.34
N PRO ZF 236 75.65 -27.46 -5.63
CA PRO ZF 236 75.17 -28.79 -6.06
C PRO ZF 236 76.14 -29.88 -5.66
N VAL ZF 237 75.68 -31.12 -5.80
CA VAL ZF 237 76.38 -32.32 -5.35
C VAL ZF 237 76.48 -33.27 -6.52
N MET ZF 238 77.69 -33.73 -6.82
CA MET ZF 238 77.92 -34.74 -7.84
C MET ZF 238 77.84 -36.13 -7.25
N LEU ZF 239 77.20 -37.04 -7.98
CA LEU ZF 239 77.18 -38.45 -7.63
C LEU ZF 239 77.37 -39.25 -8.90
N THR ZF 240 78.46 -40.01 -8.98
CA THR ZF 240 78.67 -40.87 -10.13
C THR ZF 240 78.07 -42.23 -9.83
N LEU ZF 241 77.31 -42.77 -10.77
CA LEU ZF 241 76.54 -43.98 -10.55
C LEU ZF 241 76.98 -45.04 -11.56
N ILE ZF 242 77.48 -46.17 -11.07
CA ILE ZF 242 77.97 -47.24 -11.92
C ILE ZF 242 77.26 -48.53 -11.54
N PRO ZF 243 76.54 -49.17 -12.46
CA PRO ZF 243 75.94 -50.47 -12.17
C PRO ZF 243 76.86 -51.62 -12.55
N GLY ZF 244 76.59 -52.77 -11.94
CA GLY ZF 244 77.34 -53.97 -12.23
C GLY ZF 244 78.70 -54.04 -11.58
N GLN ZF 245 78.72 -54.10 -10.25
CA GLN ZF 245 79.95 -54.23 -9.48
C GLN ZF 245 79.96 -55.56 -8.74
N LYS ZF 246 81.13 -55.92 -8.20
CA LYS ZF 246 81.25 -57.17 -7.47
C LYS ZF 246 80.67 -57.08 -6.07
N ALA ZF 247 80.34 -55.89 -5.60
CA ALA ZF 247 79.52 -55.69 -4.42
C ALA ZF 247 78.54 -54.56 -4.73
N VAL ZF 248 77.36 -54.62 -4.11
CA VAL ZF 248 76.30 -53.68 -4.43
C VAL ZF 248 75.98 -52.84 -3.21
N ASP ZF 249 75.95 -51.52 -3.40
CA ASP ZF 249 75.63 -50.57 -2.35
C ASP ZF 249 74.15 -50.68 -2.02
N TYR ZF 250 73.83 -51.31 -0.89
CA TYR ZF 250 72.44 -51.48 -0.51
C TYR ZF 250 71.88 -50.18 0.08
N ARG ZF 251 72.45 -49.74 1.20
CA ARG ZF 251 72.02 -48.53 1.89
C ARG ZF 251 73.25 -47.67 2.12
N VAL ZF 252 73.31 -46.51 1.45
CA VAL ZF 252 74.49 -45.68 1.46
C VAL ZF 252 74.19 -44.43 2.28
N ASP ZF 253 75.00 -44.23 3.32
CA ASP ZF 253 74.95 -43.03 4.14
C ASP ZF 253 75.98 -42.04 3.62
N LEU ZF 254 75.59 -40.78 3.50
CA LEU ZF 254 76.39 -39.76 2.85
C LEU ZF 254 76.65 -38.63 3.83
N ARG ZF 255 77.87 -38.53 4.34
CA ARG ZF 255 78.23 -37.49 5.29
C ARG ZF 255 78.85 -36.32 4.55
N VAL ZF 256 78.19 -35.17 4.60
CA VAL ZF 256 78.63 -34.01 3.85
C VAL ZF 256 79.41 -33.08 4.78
N GLN ZF 257 80.20 -32.19 4.18
CA GLN ZF 257 81.02 -31.27 4.97
C GLN ZF 257 80.19 -30.17 5.63
N GLY ZF 258 79.04 -29.82 5.03
CA GLY ZF 258 78.27 -28.69 5.50
C GLY ZF 258 77.46 -29.01 6.75
N TYR ZF 259 76.56 -28.08 7.07
CA TYR ZF 259 75.70 -28.19 8.25
C TYR ZF 259 74.25 -27.97 7.83
N GLY ZF 260 73.40 -28.94 8.14
CA GLY ZF 260 71.99 -28.83 7.82
C GLY ZF 260 71.29 -27.83 8.72
N PRO ZF 261 70.09 -27.40 8.31
CA PRO ZF 261 69.30 -26.49 9.15
C PRO ZF 261 68.90 -27.10 10.48
N ASN ZF 262 68.69 -28.41 10.52
CA ASN ZF 262 68.52 -29.12 11.78
C ASN ZF 262 69.86 -29.15 12.49
N ALA ZF 263 69.95 -28.44 13.61
CA ALA ZF 263 71.21 -28.34 14.35
C ALA ZF 263 71.32 -29.53 15.30
N LYS ZF 264 72.26 -30.43 15.01
CA LYS ZF 264 72.55 -31.56 15.87
C LYS ZF 264 73.72 -31.29 16.80
N SER ZF 265 74.28 -30.08 16.77
CA SER ZF 265 75.46 -29.75 17.58
C SER ZF 265 75.01 -29.27 18.95
N MET ZF 266 74.68 -30.23 19.80
CA MET ZF 266 74.36 -29.95 21.20
C MET ZF 266 75.49 -30.42 22.09
N PRO ZF 267 76.26 -29.52 22.71
CA PRO ZF 267 77.32 -29.96 23.62
C PRO ZF 267 76.78 -30.54 24.90
N THR ZF 268 76.84 -31.87 25.01
CA THR ZF 268 76.36 -32.64 26.15
C THR ZF 268 77.45 -33.57 26.64
N GLU ZF 269 78.64 -33.00 26.88
CA GLU ZF 269 79.85 -33.78 27.12
C GLU ZF 269 79.83 -34.58 28.41
N GLU ZF 270 79.10 -34.12 29.44
CA GLU ZF 270 79.09 -34.70 30.79
C GLU ZF 270 80.50 -34.86 31.34
N GLY ZF 271 81.28 -33.78 31.23
CA GLY ZF 271 82.68 -33.80 31.55
C GLY ZF 271 82.97 -33.57 33.02
N ILE ZF 272 83.96 -32.73 33.25
CA ILE ZF 272 84.45 -32.45 34.61
C ILE ZF 272 83.45 -31.57 35.34
N PRO ZF 273 83.25 -31.77 36.65
CA PRO ZF 273 82.56 -30.76 37.44
C PRO ZF 273 83.38 -29.48 37.49
N PRO ZF 274 82.72 -28.33 37.68
CA PRO ZF 274 83.44 -27.05 37.63
C PRO ZF 274 84.47 -26.89 38.74
N SER ZF 275 85.51 -26.13 38.43
CA SER ZF 275 86.66 -26.04 39.33
C SER ZF 275 86.37 -25.13 40.50
N ALA ZF 276 86.15 -23.85 40.23
CA ALA ZF 276 85.94 -22.86 41.28
C ALA ZF 276 85.28 -21.64 40.69
N ASN ZF 277 84.72 -20.82 41.56
CA ASN ZF 277 84.18 -19.53 41.17
C ASN ZF 277 85.25 -18.46 41.39
N ASP ZF 278 85.53 -17.69 40.33
CA ASP ZF 278 86.54 -16.64 40.41
C ASP ZF 278 86.07 -15.44 41.21
N LEU ZF 279 84.79 -15.37 41.55
CA LEU ZF 279 84.30 -14.39 42.49
C LEU ZF 279 84.92 -14.58 43.87
N LEU ZF 280 85.27 -15.83 44.21
CA LEU ZF 280 85.97 -16.09 45.47
C LEU ZF 280 87.33 -15.44 45.51
N LEU ZF 281 87.98 -15.28 44.36
CA LEU ZF 281 89.25 -14.57 44.32
C LEU ZF 281 89.08 -13.11 44.70
N HIS ZF 282 88.02 -12.48 44.18
CA HIS ZF 282 87.71 -11.11 44.58
C HIS ZF 282 87.30 -11.01 46.04
N VAL ZF 283 86.61 -12.04 46.54
CA VAL ZF 283 86.23 -12.08 47.96
C VAL ZF 283 87.49 -12.14 48.82
N LEU ZF 284 88.44 -12.98 48.43
CA LEU ZF 284 89.71 -13.09 49.14
C LEU ZF 284 90.51 -11.80 49.04
N GLU ZF 285 90.41 -11.11 47.91
CA GLU ZF 285 91.03 -9.79 47.80
C GLU ZF 285 90.33 -8.77 48.69
N GLY ZF 286 89.04 -8.93 48.93
CA GLY ZF 286 88.27 -7.97 49.67
C GLY ZF 286 87.43 -7.06 48.81
N VAL ZF 287 87.60 -7.09 47.51
CA VAL ZF 287 86.69 -6.34 46.64
C VAL ZF 287 85.35 -7.07 46.59
N PRO ZF 288 84.23 -6.37 46.86
CA PRO ZF 288 82.94 -7.05 46.88
C PRO ZF 288 82.52 -7.46 45.48
N PRO ZF 289 81.68 -8.49 45.36
CA PRO ZF 289 81.18 -8.86 44.05
C PRO ZF 289 80.22 -7.81 43.52
N PRO ZF 290 80.08 -7.68 42.19
CA PRO ZF 290 79.17 -6.67 41.65
C PRO ZF 290 77.71 -7.01 41.92
N GLY ZF 291 76.94 -5.98 42.22
CA GLY ZF 291 75.52 -6.12 42.42
C GLY ZF 291 75.10 -6.73 43.74
N SER ZF 292 76.02 -6.91 44.67
CA SER ZF 292 75.69 -7.56 45.92
C SER ZF 292 75.12 -6.56 46.91
N ARG ZF 293 74.77 -7.06 48.09
CA ARG ZF 293 74.23 -6.25 49.17
C ARG ZF 293 75.07 -6.45 50.42
N ARG ZF 294 75.33 -5.36 51.14
CA ARG ZF 294 76.18 -5.42 52.32
C ARG ZF 294 75.48 -6.17 53.45
N LEU ZF 295 76.27 -6.89 54.23
CA LEU ZF 295 75.79 -7.63 55.39
C LEU ZF 295 76.50 -7.13 56.63
N VAL ZF 296 75.81 -7.17 57.76
CA VAL ZF 296 76.34 -6.71 59.03
C VAL ZF 296 76.87 -7.91 59.78
N VAL ZF 297 78.17 -7.90 60.08
CA VAL ZF 297 78.84 -8.98 60.79
C VAL ZF 297 79.09 -8.52 62.21
N SER ZF 298 78.61 -9.29 63.18
CA SER ZF 298 78.74 -8.93 64.58
C SER ZF 298 79.39 -10.07 65.35
N GLY ZF 299 80.20 -9.71 66.33
CA GLY ZF 299 80.83 -10.67 67.22
C GLY ZF 299 82.28 -10.96 66.93
N GLY ZF 300 82.82 -10.50 65.81
CA GLY ZF 300 84.21 -10.77 65.50
C GLY ZF 300 84.63 -10.04 64.24
N ASP ZF 301 85.84 -10.38 63.78
CA ASP ZF 301 86.44 -9.72 62.62
C ASP ZF 301 86.22 -10.60 61.40
N ALA ZF 302 85.17 -10.31 60.63
CA ALA ZF 302 84.89 -10.97 59.37
C ALA ZF 302 83.99 -10.07 58.55
N ARG ZF 303 83.95 -10.33 57.25
CA ARG ZF 303 83.13 -9.55 56.33
C ARG ZF 303 82.28 -10.49 55.49
N ALA ZF 304 81.13 -9.98 55.01
CA ALA ZF 304 80.20 -10.83 54.30
C ALA ZF 304 79.46 -10.03 53.23
N TRP ZF 305 79.03 -10.76 52.20
CA TRP ZF 305 78.28 -10.18 51.09
C TRP ZF 305 77.26 -11.20 50.60
N LEU ZF 306 76.26 -10.70 49.87
CA LEU ZF 306 75.18 -11.55 49.37
C LEU ZF 306 74.70 -11.01 48.03
N SER ZF 307 74.75 -11.84 47.00
CA SER ZF 307 74.33 -11.42 45.67
C SER ZF 307 73.17 -12.24 45.12
N ASN ZF 308 73.31 -13.55 45.06
CA ASN ZF 308 72.37 -14.43 44.36
C ASN ZF 308 71.90 -15.54 45.28
N GLU ZF 309 71.43 -15.12 46.47
CA GLU ZF 309 71.19 -15.95 47.67
C GLU ZF 309 72.28 -17.00 47.88
N LYS ZF 310 73.52 -16.53 47.80
CA LYS ZF 310 74.70 -17.31 48.16
C LYS ZF 310 75.62 -16.41 48.97
N MET ZF 311 75.82 -16.75 50.24
CA MET ZF 311 76.62 -15.92 51.10
C MET ZF 311 78.09 -16.06 50.78
N TYR ZF 312 78.82 -14.96 50.88
CA TYR ZF 312 80.27 -14.96 50.74
C TYR ZF 312 80.87 -14.32 51.97
N VAL ZF 313 81.91 -14.95 52.52
CA VAL ZF 313 82.50 -14.53 53.77
C VAL ZF 313 84.01 -14.49 53.65
N ARG ZF 314 84.60 -13.44 54.19
CA ARG ZF 314 86.05 -13.24 54.19
C ARG ZF 314 86.51 -13.09 55.64
N THR ZF 315 87.44 -13.95 56.04
CA THR ZF 315 88.05 -13.91 57.37
C THR ZF 315 89.32 -14.73 57.32
N ASN ZF 316 89.92 -14.94 58.49
CA ASN ZF 316 91.05 -15.85 58.66
C ASN ZF 316 90.71 -16.96 59.64
N LEU ZF 317 89.47 -17.08 60.06
CA LEU ZF 317 89.06 -18.08 61.04
C LEU ZF 317 88.63 -19.35 60.33
N THR ZF 318 88.05 -20.28 61.09
CA THR ZF 318 87.58 -21.55 60.55
C THR ZF 318 86.11 -21.71 60.86
N ILE ZF 319 85.28 -21.68 59.83
CA ILE ZF 319 83.85 -21.83 59.98
C ILE ZF 319 83.53 -23.29 60.26
N LEU ZF 320 82.60 -23.53 61.20
CA LEU ZF 320 82.35 -24.88 61.70
C LEU ZF 320 81.01 -25.43 61.28
N SER ZF 321 79.90 -24.77 61.62
CA SER ZF 321 78.62 -25.48 61.60
C SER ZF 321 78.01 -25.75 60.22
N PRO ZF 322 77.66 -24.76 59.39
CA PRO ZF 322 76.72 -25.06 58.29
C PRO ZF 322 77.34 -25.74 57.08
N GLY ZF 323 78.66 -25.70 56.91
CA GLY ZF 323 79.28 -26.33 55.75
C GLY ZF 323 79.20 -25.45 54.53
N TRP ZF 324 80.33 -25.29 53.85
CA TRP ZF 324 80.40 -24.43 52.68
C TRP ZF 324 80.45 -25.27 51.42
N LEU ZF 325 80.28 -24.60 50.28
CA LEU ZF 325 80.35 -25.29 49.00
C LEU ZF 325 81.69 -25.14 48.31
N ALA ZF 326 82.40 -24.04 48.54
CA ALA ZF 326 83.71 -23.86 47.95
C ALA ZF 326 84.62 -23.18 48.96
N SER ZF 327 85.87 -23.61 49.00
CA SER ZF 327 86.86 -23.04 49.90
C SER ZF 327 88.09 -22.60 49.11
N MET ZF 328 88.60 -21.42 49.47
CA MET ZF 328 89.76 -20.87 48.81
C MET ZF 328 90.61 -20.15 49.85
N THR ZF 329 91.92 -20.14 49.63
CA THR ZF 329 92.86 -19.65 50.62
C THR ZF 329 93.87 -18.71 50.00
N SER ZF 330 94.34 -17.77 50.82
CA SER ZF 330 95.42 -16.88 50.44
C SER ZF 330 96.75 -17.47 50.84
N ALA ZF 331 97.83 -16.81 50.42
CA ALA ZF 331 99.14 -17.11 50.95
C ALA ZF 331 99.35 -16.54 52.34
N ASP ZF 332 98.46 -15.65 52.79
CA ASP ZF 332 98.57 -15.02 54.09
C ASP ZF 332 97.60 -15.60 55.11
N GLY ZF 333 97.02 -16.76 54.83
CA GLY ZF 333 96.12 -17.40 55.76
C GLY ZF 333 94.70 -16.88 55.72
N THR ZF 334 94.38 -15.95 54.82
CA THR ZF 334 93.01 -15.49 54.68
C THR ZF 334 92.17 -16.56 54.00
N HIS ZF 335 90.94 -16.72 54.46
CA HIS ZF 335 90.05 -17.76 53.97
C HIS ZF 335 88.83 -17.16 53.31
N ALA ZF 336 88.36 -17.79 52.25
CA ALA ZF 336 87.16 -17.37 51.53
C ALA ZF 336 86.28 -18.58 51.31
N TYR ZF 337 84.98 -18.42 51.54
CA TYR ZF 337 84.04 -19.52 51.48
C TYR ZF 337 82.83 -19.14 50.63
N GLU ZF 338 82.38 -20.09 49.82
CA GLU ZF 338 81.10 -20.01 49.14
C GLU ZF 338 80.17 -21.02 49.78
N MET ZF 339 79.05 -20.54 50.32
CA MET ZF 339 78.19 -21.34 51.16
C MET ZF 339 76.75 -20.89 50.98
N GLN ZF 340 75.84 -21.70 51.50
CA GLN ZF 340 74.43 -21.34 51.55
C GLN ZF 340 74.20 -20.26 52.60
N LYS ZF 341 73.06 -19.58 52.48
CA LYS ZF 341 72.75 -18.53 53.44
C LYS ZF 341 72.29 -19.12 54.76
N SER ZF 342 72.63 -18.44 55.85
CA SER ZF 342 72.25 -18.85 57.19
C SER ZF 342 72.37 -17.64 58.11
N PRO ZF 343 71.41 -17.41 59.00
CA PRO ZF 343 71.50 -16.27 59.92
C PRO ZF 343 72.43 -16.49 61.11
N VAL ZF 344 73.15 -17.59 61.17
CA VAL ZF 344 73.96 -17.93 62.33
C VAL ZF 344 75.15 -18.75 61.87
N LEU ZF 345 76.35 -18.39 62.36
CA LEU ZF 345 77.56 -19.11 62.04
C LEU ZF 345 78.25 -19.56 63.32
N LEU ZF 346 79.18 -20.50 63.17
CA LEU ZF 346 79.96 -20.99 64.30
C LEU ZF 346 81.41 -21.16 63.88
N VAL ZF 347 82.32 -20.64 64.68
CA VAL ZF 347 83.75 -20.78 64.46
C VAL ZF 347 84.39 -21.22 65.77
N SER ZF 348 85.70 -21.39 65.73
CA SER ZF 348 86.51 -21.49 66.93
C SER ZF 348 87.71 -20.58 66.78
N TRP ZF 349 88.15 -20.02 67.90
CA TRP ZF 349 89.23 -19.05 67.87
C TRP ZF 349 90.57 -19.72 68.12
N HIS ZF 350 90.73 -20.32 69.29
CA HIS ZF 350 91.97 -21.01 69.67
C HIS ZF 350 91.63 -22.31 70.37
N GLY ZF 351 90.69 -23.06 69.80
CA GLY ZF 351 90.09 -24.17 70.49
C GLY ZF 351 88.87 -23.81 71.28
N LYS ZF 352 88.53 -22.53 71.35
CA LYS ZF 352 87.33 -22.05 72.02
C LYS ZF 352 86.25 -21.81 70.98
N VAL ZF 353 85.06 -22.39 71.20
CA VAL ZF 353 83.97 -22.24 70.26
C VAL ZF 353 83.40 -20.82 70.33
N MET ZF 354 82.69 -20.43 69.28
CA MET ZF 354 82.34 -19.03 69.10
C MET ZF 354 81.16 -18.89 68.14
N GLN ZF 355 80.08 -18.29 68.61
CA GLN ZF 355 78.88 -18.09 67.80
C GLN ZF 355 78.91 -16.73 67.12
N LEU ZF 356 78.43 -16.68 65.88
CA LEU ZF 356 78.44 -15.47 65.08
C LEU ZF 356 77.03 -15.15 64.63
N LYS ZF 357 76.55 -13.96 64.99
CA LYS ZF 357 75.22 -13.53 64.58
C LYS ZF 357 75.32 -12.80 63.25
N VAL ZF 358 74.45 -13.18 62.32
CA VAL ZF 358 74.42 -12.61 60.99
C VAL ZF 358 73.25 -11.64 60.89
N GLU ZF 359 73.53 -10.42 60.47
CA GLU ZF 359 72.51 -9.42 60.20
C GLU ZF 359 72.66 -8.92 58.78
N GLY ZF 360 71.55 -8.87 58.04
CA GLY ZF 360 71.59 -8.43 56.66
C GLY ZF 360 70.66 -9.23 55.79
N LEU ZF 361 70.04 -10.26 56.37
CA LEU ZF 361 69.08 -11.07 55.66
C LEU ZF 361 67.73 -10.39 55.60
N VAL AG 38 83.37 32.35 45.10
CA VAL AG 38 84.40 33.39 45.18
C VAL AG 38 84.93 33.64 46.61
N PRO AG 39 84.10 33.67 47.67
CA PRO AG 39 84.69 33.54 49.01
C PRO AG 39 85.26 32.16 49.26
N LYS AG 40 84.74 31.14 48.56
CA LYS AG 40 85.34 29.82 48.60
C LYS AG 40 86.73 29.83 47.97
N LEU AG 41 86.91 30.65 46.94
CA LEU AG 41 88.24 30.90 46.42
C LEU AG 41 89.05 31.70 47.44
N PRO AG 42 90.35 31.44 47.55
CA PRO AG 42 91.18 32.19 48.51
C PRO AG 42 91.35 33.65 48.08
N CYS AG 43 91.19 34.55 49.05
CA CYS AG 43 91.43 35.97 48.79
C CYS AG 43 92.91 36.24 48.55
N ARG AG 44 93.78 35.57 49.30
CA ARG AG 44 95.21 35.80 49.20
C ARG AG 44 95.90 34.53 49.68
N VAL AG 45 97.23 34.55 49.65
CA VAL AG 45 98.01 33.48 50.27
C VAL AG 45 97.85 33.59 51.78
N ASP AG 46 97.62 32.45 52.44
CA ASP AG 46 97.32 32.42 53.86
C ASP AG 46 98.51 32.86 54.70
N GLY AG 47 98.21 33.49 55.83
CA GLY AG 47 99.22 33.97 56.75
C GLY AG 47 100.07 35.09 56.21
N ALA AG 48 99.49 36.00 55.43
CA ALA AG 48 100.23 37.08 54.80
C ALA AG 48 99.79 38.40 55.41
N CYS AG 49 100.55 38.87 56.39
CA CYS AG 49 100.35 40.19 56.99
C CYS AG 49 101.64 40.96 56.69
N ASP AG 50 101.63 41.67 55.56
CA ASP AG 50 102.84 42.29 55.03
C ASP AG 50 103.31 43.43 55.91
N ALA AG 51 102.40 44.04 56.68
CA ALA AG 51 102.79 45.01 57.70
C ALA AG 51 103.66 44.36 58.76
N THR AG 52 103.26 43.17 59.21
CA THR AG 52 104.09 42.43 60.15
C THR AG 52 105.38 41.95 59.49
N ILE AG 53 105.34 41.69 58.19
CA ILE AG 53 106.54 41.28 57.46
C ILE AG 53 107.58 42.39 57.46
N ILE AG 54 107.16 43.60 57.09
CA ILE AG 54 108.12 44.70 57.06
C ILE AG 54 108.48 45.14 58.47
N LYS AG 55 107.58 44.95 59.44
CA LYS AG 55 107.87 45.27 60.83
C LYS AG 55 108.95 44.35 61.38
N MET AG 56 108.83 43.04 61.12
CA MET AG 56 109.83 42.11 61.62
C MET AG 56 111.13 42.24 60.83
N MET AG 57 111.06 42.69 59.56
CA MET AG 57 112.28 42.98 58.83
C MET AG 57 113.02 44.16 59.44
N THR AG 58 112.28 45.20 59.83
CA THR AG 58 112.87 46.34 60.52
C THR AG 58 113.43 45.94 61.87
N ASP AG 59 112.76 45.02 62.56
CA ASP AG 59 113.26 44.52 63.83
C ASP AG 59 114.54 43.72 63.66
N LEU AG 60 114.63 42.92 62.60
CA LEU AG 60 115.85 42.16 62.35
C LEU AG 60 117.01 43.07 62.00
N ASN AG 61 116.75 44.11 61.21
CA ASN AG 61 117.79 45.09 60.92
C ASN AG 61 118.17 45.88 62.16
N LYS AG 62 117.23 46.10 63.07
CA LYS AG 62 117.53 46.74 64.34
C LYS AG 62 118.40 45.85 65.21
N LYS AG 63 118.12 44.55 65.20
CA LYS AG 63 118.94 43.60 65.95
C LYS AG 63 120.30 43.37 65.32
N GLY AG 64 120.46 43.68 64.04
CA GLY AG 64 121.73 43.56 63.38
C GLY AG 64 121.80 42.52 62.29
N ILE AG 65 120.68 41.89 61.97
CA ILE AG 65 120.64 40.90 60.90
C ILE AG 65 120.57 41.62 59.57
N LYS AG 66 121.52 41.32 58.68
CA LYS AG 66 121.57 42.01 57.40
C LYS AG 66 120.50 41.47 56.47
N VAL AG 67 119.55 42.32 56.10
CA VAL AG 67 118.47 41.96 55.19
C VAL AG 67 118.53 42.90 53.99
N ALA AG 68 118.59 42.33 52.79
CA ALA AG 68 118.68 43.11 51.57
C ALA AG 68 117.67 42.61 50.56
N SER AG 69 117.04 43.57 49.87
CA SER AG 69 116.01 43.29 48.88
C SER AG 69 116.41 43.94 47.57
N VAL AG 70 116.86 43.14 46.61
CA VAL AG 70 117.26 43.63 45.30
C VAL AG 70 116.34 42.94 44.29
N GLY AG 71 115.24 43.59 43.96
CA GLY AG 71 114.22 42.96 43.13
C GLY AG 71 113.57 41.84 43.91
N GLN AG 72 113.37 40.70 43.24
CA GLN AG 72 112.87 39.53 43.94
C GLN AG 72 113.94 38.84 44.77
N ASN AG 73 115.22 39.12 44.52
CA ASN AG 73 116.30 38.42 45.17
C ASN AG 73 116.51 39.00 46.56
N TYR AG 74 116.24 38.19 47.58
CA TYR AG 74 116.40 38.60 48.96
C TYR AG 74 117.59 37.86 49.57
N LEU AG 75 118.41 38.61 50.30
CA LEU AG 75 119.61 38.11 50.92
C LEU AG 75 119.57 38.43 52.42
N ILE AG 76 119.90 37.44 53.25
CA ILE AG 76 119.98 37.64 54.69
C ILE AG 76 121.29 37.08 55.20
N SER AG 77 122.06 37.91 55.90
CA SER AG 77 123.35 37.53 56.45
C SER AG 77 123.35 37.70 57.97
N ILE AG 78 123.97 36.75 58.65
CA ILE AG 78 124.09 36.77 60.11
C ILE AG 78 125.51 36.38 60.49
N PRO AG 79 126.21 37.17 61.30
CA PRO AG 79 127.54 36.75 61.78
C PRO AG 79 127.45 35.56 62.72
N ALA AG 80 128.50 34.73 62.69
CA ALA AG 80 128.51 33.46 63.39
C ALA AG 80 128.68 33.60 64.91
N SER AG 81 129.09 34.78 65.38
CA SER AG 81 129.32 34.97 66.81
C SER AG 81 128.03 34.89 67.60
N ALA AG 82 126.94 35.39 67.05
CA ALA AG 82 125.65 35.30 67.72
C ALA AG 82 125.03 33.92 67.60
N LEU AG 83 125.61 33.03 66.80
CA LEU AG 83 125.03 31.71 66.57
C LEU AG 83 125.76 30.61 67.31
N PHE AG 84 127.05 30.48 67.07
CA PHE AG 84 127.79 29.32 67.56
C PHE AG 84 128.69 29.72 68.73
N ALA AG 85 129.46 28.75 69.19
CA ALA AG 85 130.48 28.98 70.18
C ALA AG 85 131.80 29.29 69.47
N ASP AG 86 132.91 29.25 70.20
CA ASP AG 86 134.21 29.67 69.69
C ASP AG 86 134.73 28.64 68.69
N GLN AG 87 134.60 28.97 67.40
CA GLN AG 87 135.16 28.23 66.26
C GLN AG 87 134.66 26.79 66.19
N SER AG 88 133.46 26.55 66.71
CA SER AG 88 132.93 25.21 66.85
C SER AG 88 131.52 25.16 66.28
N PRO AG 89 131.10 24.01 65.73
CA PRO AG 89 129.73 23.86 65.25
C PRO AG 89 128.76 23.40 66.34
N ARG AG 90 128.73 24.13 67.44
CA ARG AG 90 127.81 23.84 68.53
C ARG AG 90 126.86 25.01 68.70
N LEU AG 91 125.57 24.74 68.71
CA LEU AG 91 124.57 25.78 68.81
C LEU AG 91 124.48 26.30 70.24
N ASN AG 92 124.52 27.62 70.38
CA ASN AG 92 124.13 28.23 71.64
C ASN AG 92 122.63 28.06 71.84
N TRP AG 93 122.23 27.76 73.07
CA TRP AG 93 120.85 27.35 73.31
C TRP AG 93 119.90 28.54 73.25
N ALA AG 94 120.38 29.74 73.51
CA ALA AG 94 119.52 30.92 73.46
C ALA AG 94 119.21 31.37 72.04
N SER AG 95 119.89 30.79 71.04
CA SER AG 95 119.71 31.19 69.65
C SER AG 95 118.44 30.62 69.02
N TYR AG 96 117.69 29.80 69.74
CA TYR AG 96 116.49 29.20 69.19
C TYR AG 96 115.41 30.24 68.92
N SER AG 97 115.35 31.30 69.73
CA SER AG 97 114.41 32.40 69.48
C SER AG 97 114.72 33.11 68.18
N LEU AG 98 116.01 33.37 67.93
CA LEU AG 98 116.44 33.98 66.68
C LEU AG 98 116.14 33.06 65.50
N LEU AG 99 116.37 31.75 65.69
CA LEU AG 99 116.07 30.78 64.64
C LEU AG 99 114.57 30.73 64.35
N ASN AG 100 113.75 30.86 65.38
CA ASN AG 100 112.30 30.89 65.18
C ASN AG 100 111.85 32.16 64.48
N GLU AG 101 112.51 33.29 64.76
CA GLU AG 101 112.21 34.52 64.02
C GLU AG 101 112.58 34.39 62.55
N ILE AG 102 113.73 33.76 62.28
CA ILE AG 102 114.15 33.50 60.90
C ILE AG 102 113.16 32.59 60.19
N ALA AG 103 112.69 31.55 60.89
CA ALA AG 103 111.69 30.66 60.33
C ALA AG 103 110.36 31.36 60.12
N ALA AG 104 110.00 32.29 61.01
CA ALA AG 104 108.76 33.04 60.85
C ALA AG 104 108.83 33.95 59.63
N PHE AG 105 109.98 34.56 59.37
CA PHE AG 105 110.12 35.35 58.16
C PHE AG 105 110.13 34.47 56.91
N LEU AG 106 110.79 33.32 56.98
CA LEU AG 106 110.91 32.46 55.82
C LEU AG 106 109.65 31.64 55.56
N LYS AG 107 108.71 31.61 56.50
CA LYS AG 107 107.46 30.92 56.25
C LYS AG 107 106.57 31.67 55.27
N GLN AG 108 106.82 32.96 55.10
CA GLN AG 108 105.86 33.80 54.40
C GLN AG 108 105.93 33.61 52.89
N PHE AG 109 107.13 33.74 52.32
CA PHE AG 109 107.26 33.88 50.87
C PHE AG 109 107.16 32.54 50.17
N ARG AG 110 106.53 32.56 49.00
CA ARG AG 110 106.47 31.38 48.13
C ARG AG 110 107.83 31.20 47.48
N LYS AG 111 108.56 30.18 47.91
CA LYS AG 111 109.96 30.04 47.58
C LYS AG 111 110.24 28.62 47.11
N ILE AG 112 111.30 28.49 46.32
CA ILE AG 112 111.68 27.19 45.77
C ILE AG 112 113.11 26.85 46.19
N ALA AG 113 114.06 27.71 45.80
CA ALA AG 113 115.48 27.44 45.98
C ALA AG 113 116.04 28.32 47.08
N ILE AG 114 116.65 27.68 48.07
CA ILE AG 114 117.28 28.39 49.19
C ILE AG 114 118.75 28.07 49.18
N THR AG 115 119.59 29.09 49.10
CA THR AG 115 121.04 28.90 49.11
C THR AG 115 121.59 29.37 50.44
N VAL AG 116 122.09 28.45 51.25
CA VAL AG 116 122.75 28.78 52.51
C VAL AG 116 124.24 28.52 52.33
N THR AG 117 125.05 29.54 52.59
CA THR AG 117 126.49 29.46 52.48
C THR AG 117 127.10 29.98 53.78
N SER AG 118 128.27 29.46 54.11
CA SER AG 118 128.95 29.86 55.33
C SER AG 118 130.38 30.30 55.02
N TYR AG 119 130.75 31.48 55.52
CA TYR AG 119 132.07 32.05 55.39
C TYR AG 119 132.71 32.18 56.76
N SER AG 120 134.03 32.11 56.82
CA SER AG 120 134.74 32.18 58.09
C SER AG 120 135.99 33.04 57.92
N SER AG 121 136.88 32.95 58.90
CA SER AG 121 138.17 33.59 58.90
C SER AG 121 139.25 32.53 58.69
N LYS AG 122 140.51 32.94 58.81
CA LYS AG 122 141.65 32.03 58.68
C LYS AG 122 142.20 31.73 60.07
N TYR AG 123 142.16 30.46 60.45
CA TYR AG 123 142.57 30.06 61.79
C TYR AG 123 143.78 29.12 61.78
N VAL AG 124 143.68 27.96 61.13
CA VAL AG 124 144.78 27.00 61.13
C VAL AG 124 145.13 26.60 59.71
N SER AG 125 144.12 26.19 58.95
CA SER AG 125 144.32 25.62 57.63
C SER AG 125 143.27 26.21 56.71
N VAL AG 126 143.06 25.58 55.56
CA VAL AG 126 141.96 25.96 54.68
C VAL AG 126 140.82 24.96 54.76
N LYS AG 127 141.14 23.67 54.67
CA LYS AG 127 140.11 22.65 54.66
C LYS AG 127 139.48 22.48 56.03
N ARG AG 128 140.20 22.85 57.09
CA ARG AG 128 139.63 22.85 58.43
C ARG AG 128 138.48 23.85 58.53
N GLU AG 129 138.70 25.07 58.03
CA GLU AG 129 137.66 26.07 58.02
C GLU AG 129 136.55 25.71 57.04
N ARG AG 130 136.90 25.06 55.93
CA ARG AG 130 135.88 24.57 54.99
C ARG AG 130 134.97 23.55 55.65
N ALA AG 131 135.54 22.62 56.42
CA ALA AG 131 134.75 21.61 57.11
C ALA AG 131 133.90 22.23 58.20
N LEU AG 132 134.44 23.21 58.94
CA LEU AG 132 133.68 23.88 59.99
C LEU AG 132 132.48 24.63 59.41
N THR AG 133 132.70 25.35 58.31
CA THR AG 133 131.61 26.08 57.65
C THR AG 133 130.58 25.13 57.09
N LEU AG 134 131.03 24.03 56.49
CA LEU AG 134 130.10 23.04 55.93
C LEU AG 134 129.26 22.39 57.02
N ALA AG 135 129.88 22.08 58.17
CA ALA AG 135 129.14 21.48 59.28
C ALA AG 135 128.12 22.44 59.85
N ARG AG 136 128.49 23.71 60.02
CA ARG AG 136 127.56 24.71 60.54
C ARG AG 136 126.38 24.92 59.59
N SER AG 137 126.67 24.99 58.29
CA SER AG 137 125.62 25.15 57.29
C SER AG 137 124.70 23.93 57.25
N ARG AG 138 125.27 22.73 57.38
CA ARG AG 138 124.46 21.52 57.39
C ARG AG 138 123.56 21.46 58.60
N VAL AG 139 124.05 21.90 59.76
CA VAL AG 139 123.25 21.87 60.98
C VAL AG 139 122.09 22.85 60.89
N VAL AG 140 122.38 24.08 60.45
CA VAL AG 140 121.30 25.06 60.37
C VAL AG 140 120.31 24.71 59.27
N SER AG 141 120.78 24.05 58.19
CA SER AG 141 119.88 23.58 57.16
C SER AG 141 119.00 22.43 57.66
N GLU AG 142 119.56 21.59 58.53
CA GLU AG 142 118.80 20.49 59.12
C GLU AG 142 117.67 21.03 59.98
N TYR AG 143 117.96 22.03 60.81
CA TYR AG 143 116.90 22.61 61.63
C TYR AG 143 115.88 23.35 60.78
N LEU AG 144 116.34 24.00 59.71
CA LEU AG 144 115.42 24.74 58.86
C LEU AG 144 114.49 23.80 58.09
N TRP AG 145 115.01 22.66 57.63
CA TRP AG 145 114.15 21.69 56.97
C TRP AG 145 113.24 20.99 57.95
N SER AG 146 113.67 20.86 59.20
CA SER AG 146 112.78 20.40 60.26
C SER AG 146 111.62 21.35 60.45
N GLN AG 147 111.90 22.65 60.40
CA GLN AG 147 110.83 23.62 60.43
C GLN AG 147 110.10 23.62 59.10
N GLY AG 148 108.87 24.14 59.12
CA GLY AG 148 107.97 23.96 58.00
C GLY AG 148 108.01 25.02 56.92
N VAL AG 149 109.18 25.60 56.67
CA VAL AG 149 109.31 26.52 55.55
C VAL AG 149 109.27 25.70 54.26
N ASP AG 150 108.32 26.03 53.39
CA ASP AG 150 108.02 25.18 52.25
C ASP AG 150 108.92 25.53 51.07
N SER AG 151 110.20 25.23 51.23
CA SER AG 151 111.09 25.24 50.09
C SER AG 151 110.92 23.94 49.31
N ARG AG 152 111.45 23.94 48.09
CA ARG AG 152 111.58 22.70 47.35
C ARG AG 152 113.01 22.18 47.40
N ILE AG 153 113.99 23.03 47.11
CA ILE AG 153 115.38 22.65 47.09
C ILE AG 153 116.15 23.60 47.99
N ILE AG 154 116.97 23.05 48.88
CA ILE AG 154 117.88 23.84 49.69
C ILE AG 154 119.30 23.36 49.41
N PHE AG 155 120.11 24.23 48.81
CA PHE AG 155 121.53 23.99 48.61
C PHE AG 155 122.30 24.57 49.80
N THR AG 156 123.23 23.78 50.34
CA THR AG 156 124.08 24.22 51.44
C THR AG 156 125.55 24.07 51.04
N GLN AG 157 126.30 25.16 51.24
CA GLN AG 157 127.73 25.23 50.97
C GLN AG 157 128.45 25.90 52.14
N GLY AG 158 129.59 25.32 52.52
CA GLY AG 158 130.46 25.98 53.47
C GLY AG 158 131.83 26.21 52.86
N LEU AG 159 132.18 27.46 52.59
CA LEU AG 159 133.36 27.75 51.78
C LEU AG 159 134.59 28.08 52.59
N GLY AG 160 134.51 28.04 53.92
CA GLY AG 160 135.65 28.41 54.73
C GLY AG 160 135.93 29.90 54.71
N SER AG 161 137.11 30.27 54.21
CA SER AG 161 137.48 31.67 54.05
C SER AG 161 138.13 31.90 52.70
N ASP AG 162 137.55 31.31 51.65
CA ASP AG 162 138.10 31.45 50.31
C ASP AG 162 137.84 32.83 49.71
N LYS AG 163 136.89 33.58 50.24
CA LYS AG 163 136.68 34.96 49.83
C LYS AG 163 136.09 35.73 51.01
N PRO AG 164 136.86 36.63 51.61
CA PRO AG 164 136.33 37.45 52.70
C PRO AG 164 135.49 38.60 52.15
N ILE AG 165 135.07 39.47 53.05
CA ILE AG 165 134.29 40.64 52.67
C ILE AG 165 135.00 41.95 53.00
N THR AG 166 136.03 41.92 53.84
CA THR AG 166 136.76 43.13 54.20
C THR AG 166 138.16 42.73 54.65
N SER AG 167 139.06 43.71 54.64
CA SER AG 167 140.41 43.51 55.11
C SER AG 167 140.54 43.75 56.61
N TYR AG 168 139.45 44.13 57.28
CA TYR AG 168 139.45 44.40 58.72
C TYR AG 168 139.36 43.07 59.45
N THR AG 169 140.49 42.35 59.49
CA THR AG 169 140.56 41.02 60.05
C THR AG 169 141.27 41.01 61.40
N LEU AG 170 141.10 42.08 62.17
CA LEU AG 170 141.77 42.17 63.45
C LEU AG 170 141.13 41.26 64.48
N GLY AG 171 139.79 41.23 64.52
CA GLY AG 171 139.10 40.32 65.40
C GLY AG 171 139.13 38.90 64.89
N GLY AG 172 138.70 37.98 65.75
CA GLY AG 172 138.67 36.58 65.40
C GLY AG 172 137.30 36.12 65.01
N ASP AG 173 136.59 35.48 65.94
CA ASP AG 173 135.19 35.16 65.71
C ASP AG 173 134.31 36.40 65.72
N ARG AG 174 134.76 37.47 66.36
CA ARG AG 174 134.03 38.73 66.33
C ARG AG 174 134.25 39.51 65.04
N SER AG 175 135.14 39.05 64.17
CA SER AG 175 135.34 39.70 62.89
C SER AG 175 134.11 39.50 62.01
N PRO AG 176 133.60 40.55 61.36
CA PRO AG 176 132.31 40.44 60.67
C PRO AG 176 132.34 39.62 59.40
N ASN AG 177 133.53 39.26 58.88
CA ASN AG 177 133.59 38.45 57.68
C ASN AG 177 133.15 37.01 57.94
N ALA AG 178 133.31 36.51 59.17
CA ALA AG 178 132.84 35.18 59.51
C ALA AG 178 131.34 35.25 59.76
N ARG AG 179 130.57 34.62 58.88
CA ARG AG 179 129.12 34.80 58.87
C ARG AG 179 128.49 33.68 58.08
N VAL AG 180 127.16 33.71 58.00
CA VAL AG 180 126.38 32.82 57.16
C VAL AG 180 125.39 33.67 56.36
N GLU AG 181 124.93 33.12 55.25
CA GLU AG 181 124.17 33.89 54.29
C GLU AG 181 123.14 32.98 53.61
N ILE AG 182 121.93 33.49 53.46
CA ILE AG 182 120.87 32.79 52.75
C ILE AG 182 120.35 33.69 51.64
N THR AG 183 120.32 33.15 50.43
CA THR AG 183 119.86 33.86 49.24
C THR AG 183 118.67 33.12 48.66
N PHE AG 184 117.67 33.87 48.20
CA PHE AG 184 116.58 33.26 47.46
C PHE AG 184 115.94 34.28 46.54
N ARG AG 185 115.12 33.78 45.61
CA ARG AG 185 114.36 34.60 44.69
C ARG AG 185 112.87 34.37 44.94
N ARG AG 186 112.14 35.45 45.17
CA ARG AG 186 110.70 35.37 45.44
C ARG AG 186 109.98 35.04 44.15
N ALA AG 187 109.59 33.78 43.99
CA ALA AG 187 108.96 33.30 42.76
C ALA AG 187 107.47 33.62 42.82
N VAL AG 188 107.06 34.68 42.12
CA VAL AG 188 105.68 35.13 41.94
C VAL AG 188 104.94 35.38 43.27
N CYS BG 42 124.23 29.65 86.26
CA CYS BG 42 123.70 28.88 87.38
C CYS BG 42 123.36 27.47 86.95
N PHE BG 43 122.74 27.35 85.78
CA PHE BG 43 122.34 26.05 85.24
C PHE BG 43 122.28 26.13 83.73
N HIS BG 44 122.69 25.05 83.06
CA HIS BG 44 122.54 24.97 81.62
C HIS BG 44 121.57 23.86 81.24
N PRO BG 45 120.53 24.18 80.49
CA PRO BG 45 119.64 23.13 79.96
C PRO BG 45 120.33 22.13 79.04
N PRO BG 46 121.37 22.53 78.23
CA PRO BG 46 122.07 21.40 77.57
C PRO BG 46 123.00 20.63 78.50
N TYR BG 47 122.39 19.71 79.27
CA TYR BG 47 123.03 18.71 80.12
C TYR BG 47 123.93 19.30 81.21
N ASN BG 48 123.78 20.61 81.48
CA ASN BG 48 124.64 21.39 82.38
C ASN BG 48 126.11 21.27 82.01
N ASN BG 49 126.39 21.20 80.70
CA ASN BG 49 127.73 21.23 80.11
C ASN BG 49 128.62 20.10 80.63
N PHE BG 50 127.99 18.95 80.90
CA PHE BG 50 128.65 17.75 81.44
C PHE BG 50 129.35 18.05 82.76
N GLN BG 51 128.64 18.73 83.64
CA GLN BG 51 129.08 19.03 85.00
C GLN BG 51 128.01 18.56 85.97
N PRO BG 52 128.39 18.18 87.19
CA PRO BG 52 127.39 17.77 88.17
C PRO BG 52 126.50 18.92 88.59
N ASP BG 53 125.20 18.65 88.65
CA ASP BG 53 124.22 19.68 88.94
C ASP BG 53 124.22 19.98 90.44
N ARG BG 54 124.40 21.26 90.78
CA ARG BG 54 124.30 21.70 92.16
C ARG BG 54 122.92 22.31 92.43
N ARG BG 55 121.91 21.44 92.33
CA ARG BG 55 120.54 21.87 92.53
C ARG BG 55 120.24 22.14 94.00
N ALA BG 56 120.92 21.44 94.90
CA ALA BG 56 120.62 21.54 96.32
C ALA BG 56 121.03 22.88 96.90
N VAL BG 57 122.17 23.43 96.46
CA VAL BG 57 122.59 24.73 96.96
C VAL BG 57 121.69 25.83 96.42
N LYS BG 58 121.18 25.66 95.19
CA LYS BG 58 120.19 26.59 94.66
C LYS BG 58 118.90 26.53 95.45
N ARG BG 59 118.48 25.32 95.83
CA ARG BG 59 117.25 25.17 96.61
C ARG BG 59 117.39 25.77 98.01
N VAL BG 60 118.53 25.56 98.67
CA VAL BG 60 118.68 26.12 100.01
C VAL BG 60 118.89 27.63 99.95
N GLY BG 61 119.49 28.13 98.87
CA GLY BG 61 119.57 29.58 98.69
C GLY BG 61 118.20 30.21 98.46
N VAL BG 62 117.37 29.58 97.63
CA VAL BG 62 116.05 30.13 97.36
C VAL BG 62 115.11 29.92 98.54
N ASP BG 63 115.44 29.02 99.47
CA ASP BG 63 114.64 28.94 100.70
C ASP BG 63 115.13 29.93 101.75
N THR BG 64 116.43 30.16 101.87
CA THR BG 64 116.94 31.15 102.82
C THR BG 64 116.66 32.58 102.37
N GLY BG 65 116.44 32.80 101.08
CA GLY BG 65 116.15 34.14 100.58
C GLY BG 65 114.81 34.70 100.99
N GLY BG 88 114.38 29.38 104.93
CA GLY BG 88 115.28 29.00 106.01
C GLY BG 88 116.20 27.86 105.64
N GLY BG 89 117.32 27.76 106.36
CA GLY BG 89 118.30 26.72 106.08
C GLY BG 89 117.79 25.33 106.36
N THR BG 90 117.09 25.16 107.49
CA THR BG 90 116.58 23.84 107.87
C THR BG 90 115.48 23.37 106.92
N VAL BG 91 114.55 24.26 106.58
CA VAL BG 91 113.47 23.88 105.67
C VAL BG 91 114.01 23.66 104.27
N GLY BG 92 115.03 24.43 103.86
CA GLY BG 92 115.67 24.18 102.58
C GLY BG 92 116.40 22.84 102.55
N LEU BG 93 117.06 22.48 103.65
CA LEU BG 93 117.76 21.20 103.72
C LEU BG 93 116.78 20.03 103.69
N VAL BG 94 115.67 20.13 104.42
CA VAL BG 94 114.74 19.00 104.44
C VAL BG 94 113.97 18.90 103.13
N ALA BG 95 113.69 20.04 102.47
CA ALA BG 95 113.09 19.98 101.14
C ALA BG 95 114.06 19.40 100.12
N SER BG 96 115.34 19.73 100.26
CA SER BG 96 116.37 19.19 99.38
C SER BG 96 116.48 17.68 99.53
N ILE BG 97 116.56 17.19 100.78
CA ILE BG 97 116.73 15.76 100.98
C ILE BG 97 115.44 15.00 100.72
N TYR BG 98 114.28 15.67 100.77
CA TYR BG 98 113.06 15.00 100.35
C TYR BG 98 112.98 14.93 98.83
N ARG BG 99 113.48 15.95 98.13
CA ARG BG 99 113.41 15.93 96.68
C ARG BG 99 114.53 15.12 96.04
N ASP BG 100 115.61 14.81 96.76
CA ASP BG 100 116.61 13.90 96.21
C ASP BG 100 116.39 12.45 96.64
N SER BG 101 115.28 12.17 97.32
CA SER BG 101 114.98 10.81 97.74
C SER BG 101 114.71 9.92 96.54
N LYS BG 102 115.07 8.64 96.68
CA LYS BG 102 115.02 7.70 95.57
C LYS BG 102 113.60 7.44 95.09
N ARG BG 103 112.66 7.38 96.04
CA ARG BG 103 111.25 7.23 95.68
C ARG BG 103 110.73 8.45 94.93
N LYS BG 104 111.25 9.64 95.24
CA LYS BG 104 110.89 10.83 94.49
C LYS BG 104 111.42 10.76 93.07
N ILE BG 105 112.61 10.18 92.89
CA ILE BG 105 113.16 9.98 91.56
C ILE BG 105 112.31 9.02 90.75
N ILE BG 106 111.88 7.92 91.39
CA ILE BG 106 111.05 6.94 90.71
C ILE BG 106 109.67 7.53 90.39
N ARG BG 107 109.14 8.37 91.29
CA ARG BG 107 107.88 9.05 91.01
C ARG BG 107 108.03 10.08 89.90
N ASP BG 108 109.21 10.69 89.78
CA ASP BG 108 109.46 11.61 88.68
C ASP BG 108 109.54 10.86 87.35
N LEU BG 109 110.16 9.67 87.35
CA LEU BG 109 110.16 8.88 86.12
C LEU BG 109 108.77 8.32 85.81
N GLN BG 110 107.93 8.13 86.84
CA GLN BG 110 106.53 7.80 86.61
C GLN BG 110 105.77 8.98 86.03
N LYS BG 111 106.14 10.20 86.43
CA LYS BG 111 105.61 11.39 85.78
C LYS BG 111 106.05 11.46 84.33
N GLN BG 112 107.27 11.02 84.06
CA GLN BG 112 107.71 10.79 82.69
C GLN BG 112 107.15 9.47 82.17
N ASP BG 113 107.50 9.15 80.93
CA ASP BG 113 107.09 7.86 80.34
C ASP BG 113 108.19 6.81 80.50
N ILE BG 114 108.69 6.64 81.73
CA ILE BG 114 109.83 5.79 81.99
C ILE BG 114 109.42 4.78 83.05
N GLN BG 115 109.71 3.51 82.83
CA GLN BG 115 109.26 2.48 83.76
C GLN BG 115 110.44 1.72 84.35
N TYR BG 116 110.50 1.67 85.68
CA TYR BG 116 111.58 1.03 86.41
C TYR BG 116 111.07 -0.23 87.09
N VAL BG 117 111.82 -1.30 86.96
CA VAL BG 117 111.46 -2.59 87.54
C VAL BG 117 112.60 -3.04 88.44
N GLU BG 118 112.28 -3.38 89.69
CA GLU BG 118 113.21 -4.02 90.59
C GLU BG 118 112.72 -5.43 90.88
N TYR BG 119 113.58 -6.42 90.67
CA TYR BG 119 113.20 -7.81 90.87
C TYR BG 119 114.44 -8.58 91.31
N GLY BG 120 114.49 -8.92 92.59
CA GLY BG 120 115.68 -9.56 93.13
C GLY BG 120 116.85 -8.59 93.14
N ASP BG 121 118.02 -9.11 92.80
CA ASP BG 121 119.22 -8.28 92.67
C ASP BG 121 119.33 -7.62 91.31
N THR BG 122 118.39 -7.88 90.40
CA THR BG 122 118.43 -7.35 89.04
C THR BG 122 117.46 -6.17 88.93
N ARG BG 123 117.91 -5.07 88.34
CA ARG BG 123 117.07 -3.91 88.14
C ARG BG 123 117.14 -3.45 86.69
N THR BG 124 115.99 -3.06 86.16
CA THR BG 124 115.83 -2.77 84.73
C THR BG 124 115.05 -1.48 84.53
N LEU BG 125 115.30 -0.86 83.38
CA LEU BG 125 114.68 0.39 82.98
C LEU BG 125 114.12 0.28 81.57
N ILE BG 126 112.95 0.89 81.36
CA ILE BG 126 112.25 0.81 80.09
C ILE BG 126 112.01 2.23 79.60
N ILE BG 127 112.52 2.52 78.40
CA ILE BG 127 112.56 3.83 77.77
C ILE BG 127 111.87 3.75 76.40
N PRO BG 128 111.07 4.75 76.02
CA PRO BG 128 110.49 4.76 74.67
C PRO BG 128 111.38 5.38 73.61
N THR BG 129 111.64 4.58 72.57
CA THR BG 129 112.55 4.99 71.49
C THR BG 129 112.01 6.17 70.72
N ASP BG 130 110.70 6.21 70.50
CA ASP BG 130 110.10 7.28 69.71
C ASP BG 130 110.14 8.60 70.47
N LYS BG 131 109.87 8.57 71.77
CA LYS BG 131 109.86 9.80 72.54
C LYS BG 131 111.28 10.30 72.84
N TYR BG 132 112.25 9.41 72.96
CA TYR BG 132 113.60 9.83 73.31
C TYR BG 132 114.57 9.73 72.15
N PHE BG 133 114.06 9.55 70.94
CA PHE BG 133 114.90 9.51 69.75
C PHE BG 133 114.26 10.35 68.67
N MET BG 134 115.08 10.81 67.74
CA MET BG 134 114.53 11.33 66.50
C MET BG 134 113.98 10.16 65.68
N PHE BG 135 113.04 10.47 64.81
CA PHE BG 135 112.34 9.43 64.06
C PHE BG 135 113.28 8.75 63.06
N SER BG 136 113.36 7.42 63.16
CA SER BG 136 114.08 6.54 62.25
C SER BG 136 115.57 6.90 62.15
N SER BG 137 116.12 7.42 63.23
CA SER BG 137 117.47 7.97 63.22
C SER BG 137 118.14 7.66 64.54
N PRO BG 138 119.46 7.51 64.55
CA PRO BG 138 120.18 7.42 65.83
C PRO BG 138 120.28 8.75 66.58
N ARG BG 139 119.81 9.85 65.99
CA ARG BG 139 119.72 11.11 66.73
C ARG BG 139 118.68 11.00 67.83
N LEU BG 140 118.98 11.60 68.97
CA LEU BG 140 118.15 11.50 70.16
C LEU BG 140 117.36 12.78 70.34
N ASN BG 141 116.14 12.64 70.87
CA ASN BG 141 115.32 13.80 71.18
C ASN BG 141 115.94 14.61 72.31
N GLU BG 142 115.80 15.93 72.24
CA GLU BG 142 116.35 16.84 73.22
C GLU BG 142 115.26 17.62 73.95
N ILE BG 143 114.11 17.02 74.18
CA ILE BG 143 112.97 17.70 74.78
C ILE BG 143 112.70 17.21 76.18
N CYS BG 144 112.71 15.89 76.41
CA CYS BG 144 112.44 15.32 77.72
C CYS BG 144 113.73 15.03 78.48
N TYR BG 145 114.77 15.81 78.23
CA TYR BG 145 116.07 15.76 78.90
C TYR BG 145 116.06 15.90 80.43
N PRO BG 146 115.06 16.50 81.11
CA PRO BG 146 114.99 16.29 82.58
C PRO BG 146 114.87 14.83 82.97
N GLY BG 147 114.19 14.01 82.16
CA GLY BG 147 114.20 12.58 82.39
C GLY BG 147 115.59 11.98 82.29
N LEU BG 148 116.39 12.49 81.36
CA LEU BG 148 117.77 12.00 81.23
C LEU BG 148 118.63 12.43 82.41
N ASN BG 149 118.40 13.65 82.91
CA ASN BG 149 119.08 14.10 84.12
C ASN BG 149 118.72 13.22 85.32
N ASN BG 150 117.44 12.88 85.44
CA ASN BG 150 117.02 11.96 86.49
C ASN BG 150 117.60 10.57 86.29
N VAL BG 151 117.78 10.14 85.03
CA VAL BG 151 118.40 8.85 84.74
C VAL BG 151 119.85 8.83 85.23
N ILE BG 152 120.59 9.91 84.98
CA ILE BG 152 121.97 9.97 85.42
C ILE BG 152 122.05 10.04 86.94
N ARG BG 153 121.14 10.81 87.56
CA ARG BG 153 121.12 10.89 89.01
C ARG BG 153 120.72 9.56 89.66
N LEU BG 154 119.88 8.77 88.99
CA LEU BG 154 119.54 7.45 89.50
C LEU BG 154 120.70 6.48 89.36
N LEU BG 155 121.35 6.48 88.20
CA LEU BG 155 122.47 5.57 87.97
C LEU BG 155 123.72 5.96 88.73
N ASN BG 156 123.75 7.15 89.32
CA ASN BG 156 124.78 7.47 90.30
C ASN BG 156 124.73 6.54 91.50
N PHE BG 157 123.54 6.09 91.89
CA PHE BG 157 123.37 5.34 93.14
C PHE BG 157 123.91 3.92 93.10
N TYR BG 158 124.31 3.42 91.93
CA TYR BG 158 124.82 2.05 91.80
C TYR BG 158 126.17 2.10 91.12
N PRO BG 159 127.23 2.43 91.86
CA PRO BG 159 128.53 2.68 91.23
C PRO BG 159 129.41 1.45 91.05
N GLN BG 160 128.88 0.24 91.16
CA GLN BG 160 129.67 -0.96 90.92
C GLN BG 160 128.98 -1.95 90.00
N SER BG 161 127.78 -1.66 89.53
CA SER BG 161 127.03 -2.61 88.72
C SER BG 161 127.56 -2.65 87.30
N THR BG 162 127.64 -3.86 86.75
CA THR BG 162 127.86 -4.03 85.32
C THR BG 162 126.54 -3.79 84.60
N ILE BG 163 126.59 -3.00 83.53
CA ILE BG 163 125.38 -2.49 82.89
C ILE BG 163 125.26 -3.11 81.50
N TYR BG 164 124.10 -3.66 81.21
CA TYR BG 164 123.71 -4.03 79.86
C TYR BG 164 122.61 -3.10 79.40
N VAL BG 165 122.64 -2.73 78.13
CA VAL BG 165 121.53 -2.01 77.51
C VAL BG 165 121.18 -2.74 76.22
N ALA BG 166 119.90 -2.68 75.86
CA ALA BG 166 119.43 -3.37 74.67
C ALA BG 166 118.27 -2.61 74.05
N GLY BG 167 118.12 -2.80 72.75
CA GLY BG 167 117.09 -2.12 72.00
C GLY BG 167 116.28 -3.09 71.18
N PHE BG 168 115.01 -2.74 70.97
CA PHE BG 168 114.09 -3.58 70.22
C PHE BG 168 113.22 -2.73 69.31
N THR BG 169 112.85 -3.31 68.18
CA THR BG 169 112.08 -2.64 67.14
C THR BG 169 110.84 -3.45 66.79
N ASP BG 170 110.17 -3.05 65.72
CA ASP BG 170 108.96 -3.73 65.25
C ASP BG 170 109.34 -4.81 64.25
N ASN BG 171 108.32 -5.37 63.57
CA ASN BG 171 108.50 -6.56 62.75
C ASN BG 171 108.72 -6.26 61.28
N VAL BG 172 108.61 -5.01 60.85
CA VAL BG 172 108.48 -4.67 59.44
C VAL BG 172 109.82 -4.19 58.91
N GLY BG 173 110.26 -4.78 57.79
CA GLY BG 173 111.46 -4.35 57.11
C GLY BG 173 112.47 -5.49 57.00
N SER BG 174 113.62 -5.14 56.42
CA SER BG 174 114.73 -6.07 56.39
C SER BG 174 115.31 -6.23 57.79
N ARG BG 175 115.57 -7.47 58.19
CA ARG BG 175 116.11 -7.74 59.52
C ARG BG 175 117.52 -7.20 59.67
N SER BG 176 118.26 -7.12 58.56
CA SER BG 176 119.55 -6.43 58.57
C SER BG 176 119.38 -4.96 58.90
N HIS BG 177 118.38 -4.32 58.31
CA HIS BG 177 118.10 -2.92 58.60
C HIS BG 177 117.66 -2.73 60.05
N LYS BG 178 116.84 -3.67 60.56
CA LYS BG 178 116.40 -3.59 61.95
C LYS BG 178 117.58 -3.75 62.90
N ARG BG 179 118.47 -4.70 62.61
CA ARG BG 179 119.62 -4.96 63.46
C ARG BG 179 120.58 -3.78 63.45
N LYS BG 180 120.81 -3.19 62.27
CA LYS BG 180 121.70 -2.03 62.18
C LYS BG 180 121.12 -0.83 62.91
N LEU BG 181 119.82 -0.57 62.76
CA LEU BG 181 119.17 0.53 63.46
C LEU BG 181 119.20 0.34 64.96
N SER BG 182 118.90 -0.88 65.42
CA SER BG 182 118.86 -1.16 66.85
C SER BG 182 120.25 -1.08 67.46
N GLN BG 183 121.26 -1.59 66.76
CA GLN BG 183 122.64 -1.51 67.24
C GLN BG 183 123.11 -0.06 67.29
N ALA BG 184 122.73 0.75 66.31
CA ALA BG 184 123.10 2.16 66.32
C ALA BG 184 122.46 2.90 67.49
N GLN BG 185 121.17 2.63 67.74
CA GLN BG 185 120.49 3.27 68.86
C GLN BG 185 121.10 2.86 70.19
N ALA BG 186 121.39 1.57 70.36
CA ALA BG 186 121.97 1.08 71.59
C ALA BG 186 123.37 1.63 71.80
N GLU BG 187 124.15 1.75 70.72
CA GLU BG 187 125.50 2.28 70.87
C GLU BG 187 125.49 3.77 71.18
N THR BG 188 124.53 4.51 70.61
CA THR BG 188 124.41 5.92 70.95
C THR BG 188 124.04 6.10 72.41
N MET BG 189 123.14 5.25 72.91
CA MET BG 189 122.79 5.29 74.33
C MET BG 189 123.99 4.94 75.21
N MET BG 190 124.77 3.94 74.78
CA MET BG 190 125.95 3.53 75.52
C MET BG 190 127.00 4.63 75.57
N THR BG 191 127.20 5.33 74.46
CA THR BG 191 128.15 6.43 74.43
C THR BG 191 127.67 7.60 75.26
N PHE BG 192 126.36 7.85 75.26
CA PHE BG 192 125.81 8.88 76.13
C PHE BG 192 126.05 8.57 77.59
N LEU BG 193 125.87 7.30 77.97
CA LEU BG 193 126.18 6.90 79.33
C LEU BG 193 127.68 6.99 79.62
N TRP BG 194 128.51 6.73 78.61
CA TRP BG 194 129.96 6.86 78.77
C TRP BG 194 130.37 8.30 78.97
N ALA BG 195 129.62 9.24 78.39
CA ALA BG 195 129.94 10.66 78.47
C ALA BG 195 129.73 11.26 79.86
N ASN BG 196 129.09 10.54 80.76
CA ASN BG 196 128.89 11.03 82.12
C ASN BG 196 129.98 10.58 83.07
N GLY BG 197 130.98 9.87 82.58
CA GLY BG 197 132.07 9.45 83.43
C GLY BG 197 131.91 8.09 84.06
N ILE BG 198 131.44 7.11 83.30
CA ILE BG 198 131.34 5.73 83.77
C ILE BG 198 132.33 4.89 82.99
N ALA BG 199 132.80 3.81 83.62
CA ALA BG 199 133.90 3.01 83.08
C ALA BG 199 133.47 2.25 81.84
N ALA BG 200 134.39 2.15 80.87
CA ALA BG 200 134.11 1.45 79.63
C ALA BG 200 133.97 -0.05 79.85
N LYS BG 201 134.68 -0.60 80.83
CA LYS BG 201 134.59 -2.02 81.13
C LYS BG 201 133.30 -2.39 81.84
N ARG BG 202 132.56 -1.41 82.35
CA ARG BG 202 131.33 -1.67 83.09
C ARG BG 202 130.10 -1.64 82.20
N LEU BG 203 130.25 -1.46 80.89
CA LEU BG 203 129.12 -1.25 80.01
C LEU BG 203 129.16 -2.23 78.85
N LYS BG 204 127.96 -2.56 78.35
CA LYS BG 204 127.81 -3.42 77.19
C LYS BG 204 126.47 -3.09 76.54
N ALA BG 205 126.44 -3.14 75.21
CA ALA BG 205 125.27 -2.73 74.45
C ALA BG 205 124.86 -3.80 73.46
N GLU BG 206 123.56 -3.87 73.18
CA GLU BG 206 123.03 -4.84 72.24
C GLU BG 206 121.75 -4.31 71.63
N GLY BG 207 121.71 -4.23 70.30
CA GLY BG 207 120.48 -3.91 69.62
C GLY BG 207 119.88 -5.11 68.93
N TYR BG 208 118.86 -5.70 69.53
CA TYR BG 208 118.18 -6.82 68.90
C TYR BG 208 117.09 -6.31 67.97
N GLY BG 209 116.64 -7.17 67.08
CA GLY BG 209 115.61 -6.79 66.15
C GLY BG 209 114.24 -7.09 66.70
N ASP BG 210 113.56 -8.04 66.09
CA ASP BG 210 112.22 -8.46 66.47
C ASP BG 210 112.21 -9.91 66.92
N LYS BG 211 113.25 -10.31 67.66
CA LYS BG 211 113.38 -11.70 68.08
C LYS BG 211 112.42 -12.02 69.23
N ASN BG 212 112.59 -11.34 70.35
CA ASN BG 212 111.76 -11.58 71.53
C ASN BG 212 111.04 -10.28 71.86
N ALA BG 213 109.89 -10.07 71.23
CA ALA BG 213 109.07 -8.92 71.55
C ALA BG 213 108.20 -9.23 72.76
N ILE BG 214 107.61 -8.19 73.34
CA ILE BG 214 106.71 -8.34 74.46
C ILE BG 214 105.26 -8.21 74.05
N SER BG 215 104.98 -7.87 72.80
CA SER BG 215 103.61 -7.67 72.36
C SER BG 215 103.52 -8.04 70.88
N ASP BG 216 102.31 -7.90 70.34
CA ASP BG 216 102.00 -8.33 68.98
C ASP BG 216 102.08 -7.14 68.04
N ASN BG 217 102.74 -7.34 66.90
CA ASN BG 217 102.87 -6.28 65.92
C ASN BG 217 101.59 -6.04 65.12
N ALA BG 218 100.72 -7.04 65.01
CA ALA BG 218 99.47 -6.84 64.30
C ALA BG 218 98.52 -5.90 65.01
N ILE BG 219 98.64 -5.77 66.33
CA ILE BG 219 97.95 -4.72 67.07
C ILE BG 219 98.81 -3.46 66.99
N ILE BG 220 98.17 -2.33 66.70
CA ILE BG 220 98.88 -1.06 66.53
C ILE BG 220 99.56 -0.65 67.82
N HIS BG 221 98.84 -0.75 68.94
CA HIS BG 221 99.42 -0.37 70.21
C HIS BG 221 100.50 -1.35 70.65
N GLY BG 222 100.34 -2.63 70.33
CA GLY BG 222 101.39 -3.59 70.63
C GLY BG 222 102.66 -3.37 69.83
N SER BG 223 102.50 -3.04 68.55
CA SER BG 223 103.65 -2.71 67.72
C SER BG 223 104.32 -1.43 68.16
N ALA BG 224 103.55 -0.47 68.66
CA ALA BG 224 104.14 0.73 69.25
C ALA BG 224 104.89 0.39 70.54
N GLN BG 225 104.37 -0.55 71.31
CA GLN BG 225 105.03 -0.95 72.55
C GLN BG 225 106.29 -1.75 72.31
N ASN BG 226 106.38 -2.46 71.19
CA ASN BG 226 107.47 -3.40 70.98
C ASN BG 226 108.81 -2.70 70.76
N ARG BG 227 108.80 -1.53 70.13
CA ARG BG 227 110.03 -0.75 70.01
C ARG BG 227 110.34 -0.12 71.36
N ARG BG 228 111.49 -0.47 71.94
CA ARG BG 228 111.73 -0.18 73.34
C ARG BG 228 113.23 -0.18 73.61
N ILE BG 229 113.59 0.41 74.74
CA ILE BG 229 114.96 0.39 75.24
C ILE BG 229 114.93 -0.18 76.65
N GLU BG 230 115.70 -1.24 76.89
CA GLU BG 230 115.82 -1.83 78.21
C GLU BG 230 117.23 -1.67 78.74
N ILE BG 231 117.33 -1.48 80.05
CA ILE BG 231 118.61 -1.38 80.76
C ILE BG 231 118.59 -2.37 81.90
N GLN BG 232 119.54 -3.29 81.92
CA GLN BG 232 119.64 -4.30 82.96
C GLN BG 232 120.92 -4.10 83.76
N TRP BG 233 120.84 -4.31 85.07
CA TRP BG 233 122.07 -4.45 85.85
C TRP BG 233 121.84 -5.34 87.07
N PHE BG 234 122.85 -6.13 87.38
CA PHE BG 234 122.95 -6.87 88.64
C PHE BG 234 123.55 -5.95 89.69
N THR BG 235 123.98 -6.52 90.81
CA THR BG 235 124.79 -5.80 91.78
C THR BG 235 126.24 -6.25 91.78
N SER BG 236 126.48 -7.55 91.88
CA SER BG 236 127.84 -8.09 91.86
C SER BG 236 127.91 -9.37 91.05
N LEU CG 113 172.64 -11.27 79.49
CA LEU CG 113 171.58 -11.28 78.48
C LEU CG 113 170.21 -11.14 79.13
N ASN CG 114 170.18 -10.76 80.40
CA ASN CG 114 168.95 -10.66 81.16
C ASN CG 114 168.61 -9.25 81.62
N ARG CG 115 169.62 -8.46 82.01
CA ARG CG 115 169.38 -7.10 82.47
C ARG CG 115 170.50 -6.20 81.97
N PHE CG 116 170.14 -5.09 81.35
CA PHE CG 116 171.12 -4.11 80.89
C PHE CG 116 170.72 -2.73 81.38
N ARG CG 117 171.68 -2.00 81.93
CA ARG CG 117 171.51 -0.61 82.32
C ARG CG 117 172.64 0.20 81.73
N TYR CG 118 172.29 1.27 81.01
CA TYR CG 118 173.28 2.13 80.37
C TYR CG 118 173.16 3.54 80.91
N GLU CG 119 174.14 3.92 81.73
CA GLU CG 119 174.26 5.27 82.27
C GLU CG 119 175.69 5.73 82.06
N GLY CG 120 175.86 6.92 81.52
CA GLY CG 120 177.19 7.45 81.30
C GLY CG 120 177.42 8.07 79.93
N ALA CG 121 176.34 8.23 79.16
CA ALA CG 121 176.28 8.99 77.91
C ALA CG 121 177.27 8.46 76.86
N GLY CG 122 177.01 7.24 76.41
CA GLY CG 122 177.77 6.62 75.36
C GLY CG 122 176.87 6.18 74.20
N VAL CG 123 177.51 5.91 73.07
CA VAL CG 123 176.82 5.52 71.84
C VAL CG 123 177.11 4.05 71.59
N VAL CG 124 176.06 3.24 71.54
CA VAL CG 124 176.17 1.81 71.28
C VAL CG 124 175.34 1.48 70.05
N THR CG 125 175.97 0.81 69.07
CA THR CG 125 175.31 0.38 67.85
C THR CG 125 175.46 -1.14 67.72
N GLY CG 126 174.34 -1.83 67.58
CA GLY CG 126 174.36 -3.27 67.48
C GLY CG 126 173.41 -3.76 66.41
N ASN CG 127 173.77 -4.90 65.82
CA ASN CG 127 172.98 -5.52 64.77
C ASN CG 127 172.96 -7.03 64.96
N ASN CG 128 171.90 -7.64 64.41
CA ASN CG 128 171.64 -9.08 64.47
C ASN CG 128 171.59 -9.60 65.91
N LEU CG 129 170.94 -8.83 66.78
CA LEU CG 129 170.86 -9.16 68.20
C LEU CG 129 169.66 -10.07 68.41
N ARG CG 130 169.92 -11.36 68.59
CA ARG CG 130 168.88 -12.36 68.85
C ARG CG 130 168.88 -12.66 70.35
N THR CG 131 167.78 -12.31 71.02
CA THR CG 131 167.64 -12.61 72.44
C THR CG 131 166.17 -12.76 72.78
N SER CG 132 165.90 -13.59 73.79
CA SER CG 132 164.52 -13.88 74.18
C SER CG 132 163.91 -12.69 74.94
N TYR CG 133 164.47 -12.38 76.10
CA TYR CG 133 164.01 -11.23 76.87
C TYR CG 133 165.13 -10.73 77.78
N LEU CG 134 165.33 -9.42 77.76
CA LEU CG 134 166.13 -8.74 78.77
C LEU CG 134 165.44 -7.43 79.13
N ASP CG 135 165.63 -7.00 80.37
CA ASP CG 135 165.06 -5.74 80.84
C ASP CG 135 166.08 -4.63 80.63
N LEU CG 136 165.64 -3.56 79.98
CA LEU CG 136 166.54 -2.50 79.52
C LEU CG 136 166.21 -1.20 80.25
N TYR CG 137 167.25 -0.60 80.84
CA TYR CG 137 167.16 0.70 81.47
C TYR CG 137 168.25 1.60 80.89
N LEU CG 138 167.86 2.79 80.45
CA LEU CG 138 168.78 3.73 79.84
C LEU CG 138 168.62 5.11 80.46
N ALA CG 139 169.73 5.84 80.52
CA ALA CG 139 169.67 7.21 81.01
C ALA CG 139 170.78 8.04 80.38
N ASN CG 140 170.59 9.36 80.43
CA ASN CG 140 171.57 10.39 80.08
C ASN CG 140 172.03 10.26 78.62
N GLU CG 141 171.05 10.44 77.73
CA GLU CG 141 171.13 10.32 76.27
C GLU CG 141 172.01 9.15 75.82
N GLY CG 142 171.66 7.96 76.30
CA GLY CG 142 172.36 6.78 75.84
C GLY CG 142 171.87 6.45 74.46
N THR CG 143 172.71 6.73 73.46
CA THR CG 143 172.29 6.65 72.07
C THR CG 143 172.40 5.20 71.61
N THR CG 144 171.27 4.58 71.32
CA THR CG 144 171.21 3.19 70.91
C THR CG 144 170.80 3.12 69.44
N ARG CG 145 171.61 2.44 68.64
CA ARG CG 145 171.30 2.16 67.24
C ARG CG 145 171.27 0.64 67.11
N LEU CG 146 170.11 0.05 67.39
CA LEU CG 146 169.97 -1.40 67.40
C LEU CG 146 169.10 -1.83 66.24
N ALA CG 147 169.56 -2.84 65.51
CA ALA CG 147 168.84 -3.36 64.35
C ALA CG 147 168.66 -4.87 64.47
N GLY CG 148 168.54 -5.38 65.71
CA GLY CG 148 168.35 -6.78 65.94
C GLY CG 148 166.89 -7.12 66.23
N ASN CG 149 166.63 -8.43 66.33
CA ASN CG 149 165.30 -8.94 66.63
C ASN CG 149 165.25 -9.26 68.12
N ILE CG 150 164.75 -8.29 68.90
CA ILE CG 150 164.72 -8.39 70.36
C ILE CG 150 163.27 -8.31 70.81
N GLY CG 151 162.84 -9.30 71.58
CA GLY CG 151 161.54 -9.27 72.24
C GLY CG 151 161.70 -8.79 73.66
N LEU CG 152 160.81 -7.89 74.07
CA LEU CG 152 160.89 -7.33 75.41
C LEU CG 152 159.52 -6.89 75.88
N GLN CG 153 159.31 -6.97 77.19
CA GLN CG 153 158.06 -6.53 77.79
C GLN CG 153 158.23 -5.33 78.72
N LYS CG 154 159.45 -4.91 78.99
CA LYS CG 154 159.70 -3.71 79.76
C LYS CG 154 160.83 -2.92 79.12
N LEU CG 155 160.71 -1.60 79.17
CA LEU CG 155 161.73 -0.70 78.62
C LEU CG 155 161.64 0.62 79.36
N GLU CG 156 162.68 0.97 80.12
CA GLU CG 156 162.67 2.19 80.91
C GLU CG 156 163.83 3.07 80.48
N ALA CG 157 163.52 4.30 80.12
CA ALA CG 157 164.52 5.31 79.79
C ALA CG 157 164.19 6.59 80.53
N VAL CG 158 165.22 7.26 81.05
CA VAL CG 158 165.01 8.48 81.82
C VAL CG 158 164.51 9.61 80.92
N GLY CG 159 165.17 9.82 79.79
CA GLY CG 159 164.73 10.85 78.87
C GLY CG 159 165.87 11.69 78.34
N ASN CG 160 165.52 12.71 77.53
CA ASN CG 160 166.46 13.64 76.90
C ASN CG 160 167.51 12.91 76.05
N GLY CG 161 167.08 11.87 75.36
CA GLY CG 161 167.98 11.12 74.51
C GLY CG 161 167.19 10.34 73.48
N VAL CG 162 167.91 9.93 72.43
CA VAL CG 162 167.29 9.26 71.30
C VAL CG 162 167.61 7.77 71.36
N THR CG 163 166.76 6.99 70.68
CA THR CG 163 166.89 5.54 70.66
C THR CG 163 166.22 5.04 69.39
N GLN CG 164 166.95 4.25 68.59
CA GLN CG 164 166.40 3.61 67.40
C GLN CG 164 166.52 2.11 67.55
N ILE CG 165 165.38 1.42 67.51
CA ILE CG 165 165.33 -0.03 67.57
C ILE CG 165 164.57 -0.53 66.35
N ASN CG 166 165.20 -1.44 65.60
CA ASN CG 166 164.64 -1.95 64.35
C ASN CG 166 164.31 -3.43 64.54
N GLY CG 167 163.05 -3.71 64.87
CA GLY CG 167 162.57 -5.08 64.95
C GLY CG 167 162.32 -5.57 66.35
N VAL CG 168 161.05 -5.55 66.77
CA VAL CG 168 160.65 -6.04 68.09
C VAL CG 168 159.45 -6.95 67.91
N SER CG 169 159.56 -8.18 68.44
CA SER CG 169 158.48 -9.15 68.38
C SER CG 169 158.31 -9.76 69.77
N SER CG 170 157.34 -9.25 70.53
CA SER CG 170 157.11 -9.73 71.89
C SER CG 170 155.63 -9.94 72.12
N ARG CG 171 155.32 -10.82 73.09
CA ARG CG 171 153.94 -11.09 73.43
C ARG CG 171 153.30 -9.93 74.20
N ASN CG 172 154.11 -9.18 74.93
CA ASN CG 172 153.59 -8.07 75.72
C ASN CG 172 154.67 -7.00 75.78
N LEU CG 173 154.25 -5.79 76.14
CA LEU CG 173 155.16 -4.66 76.35
C LEU CG 173 154.43 -3.62 77.19
N GLN CG 174 155.15 -3.05 78.16
CA GLN CG 174 154.61 -1.99 79.01
C GLN CG 174 155.70 -0.96 79.24
N ILE CG 175 155.49 0.25 78.74
CA ILE CG 175 156.49 1.31 78.80
C ILE CG 175 155.92 2.47 79.60
N VAL CG 176 156.69 2.96 80.56
CA VAL CG 176 156.35 4.17 81.31
C VAL CG 176 157.58 5.08 81.31
N LEU CG 177 157.40 6.32 80.89
CA LEU CG 177 158.48 7.29 80.81
C LEU CG 177 158.15 8.53 81.63
N LYS CG 178 159.19 9.21 82.08
CA LYS CG 178 159.05 10.39 82.92
C LYS CG 178 159.64 11.65 82.32
N GLY CG 179 160.80 11.55 81.67
CA GLY CG 179 161.40 12.70 81.03
C GLY CG 179 160.91 12.85 79.60
N ASP CG 180 161.79 13.31 78.70
CA ASP CG 180 161.41 13.57 77.31
C ASP CG 180 162.37 12.82 76.38
N PRO CG 181 162.14 11.52 76.19
CA PRO CG 181 162.99 10.75 75.27
C PRO CG 181 162.46 10.81 73.85
N LYS CG 182 163.22 10.17 72.95
CA LYS CG 182 162.89 10.15 71.52
C LYS CG 182 163.13 8.72 71.05
N VAL CG 183 162.10 7.89 71.11
CA VAL CG 183 162.21 6.47 70.80
C VAL CG 183 161.53 6.21 69.46
N LEU CG 184 162.20 5.43 68.61
CA LEU CG 184 161.64 5.02 67.33
C LEU CG 184 161.82 3.52 67.19
N ILE CG 185 160.71 2.79 67.24
CA ILE CG 185 160.69 1.34 67.38
C ILE CG 185 160.04 0.72 66.15
N SER CG 186 160.61 -0.38 65.69
CA SER CG 186 160.06 -1.17 64.60
C SER CG 186 159.74 -2.58 65.09
N GLY CG 187 158.87 -3.26 64.35
CA GLY CG 187 158.52 -4.64 64.63
C GLY CG 187 157.02 -4.81 64.81
N PHE CG 188 156.66 -5.74 65.69
CA PHE CG 188 155.26 -6.05 65.98
C PHE CG 188 155.08 -6.16 67.48
N VAL CG 189 154.28 -5.28 68.05
CA VAL CG 189 154.15 -5.14 69.50
C VAL CG 189 152.69 -5.32 69.89
N ASN CG 190 152.44 -6.23 70.83
CA ASN CG 190 151.13 -6.40 71.45
C ASN CG 190 151.14 -5.62 72.75
N LEU CG 191 150.98 -4.30 72.63
CA LEU CG 191 151.01 -3.47 73.82
C LEU CG 191 149.65 -3.49 74.52
N ARG CG 192 149.63 -3.02 75.75
CA ARG CG 192 148.45 -3.06 76.60
C ARG CG 192 147.93 -1.69 76.99
N GLN CG 193 148.79 -0.83 77.55
CA GLN CG 193 148.35 0.43 78.15
C GLN CG 193 149.55 1.34 78.32
N LEU CG 194 149.40 2.61 77.98
CA LEU CG 194 150.48 3.58 78.13
C LEU CG 194 149.97 4.87 78.76
N ASP CG 195 150.76 5.39 79.69
CA ASP CG 195 150.48 6.65 80.36
C ASP CG 195 151.70 7.54 80.24
N MET CG 196 151.48 8.79 79.84
CA MET CG 196 152.56 9.75 79.64
C MET CG 196 152.22 11.11 80.24
N TYR CG 197 153.23 11.73 80.85
CA TYR CG 197 153.09 13.03 81.48
C TYR CG 197 154.23 13.98 81.12
N GLY CG 198 155.13 13.56 80.22
CA GLY CG 198 156.27 14.39 79.86
C GLY CG 198 156.10 15.14 78.56
N LYS CG 199 157.14 15.12 77.73
CA LYS CG 199 157.12 15.71 76.38
C LYS CG 199 157.82 14.77 75.41
N GLY CG 200 157.54 13.48 75.50
CA GLY CG 200 158.27 12.49 74.74
C GLY CG 200 157.70 12.23 73.35
N THR CG 201 158.55 11.60 72.53
CA THR CG 201 158.19 11.23 71.16
C THR CG 201 158.24 9.70 71.03
N LEU CG 202 157.15 9.12 70.54
CA LEU CG 202 157.02 7.68 70.38
C LEU CG 202 156.55 7.38 68.98
N SER CG 203 157.07 6.31 68.39
CA SER CG 203 156.68 5.95 67.04
C SER CG 203 156.84 4.45 66.84
N LEU CG 204 155.88 3.86 66.14
CA LEU CG 204 155.87 2.43 65.84
C LEU CG 204 155.56 2.22 64.38
N TYR CG 205 155.96 1.06 63.86
CA TYR CG 205 155.64 0.70 62.48
C TYR CG 205 154.34 -0.10 62.41
N TRP CG 206 154.32 -1.28 63.03
CA TRP CG 206 153.13 -2.11 63.06
C TRP CG 206 152.88 -2.60 64.47
N ILE CG 207 151.61 -2.68 64.85
CA ILE CG 207 151.20 -3.29 66.11
C ILE CG 207 150.03 -4.22 65.85
N LYS CG 208 150.03 -5.37 66.51
CA LYS CG 208 148.91 -6.30 66.47
C LYS CG 208 148.49 -6.56 67.91
N SER CG 209 147.65 -5.68 68.43
CA SER CG 209 147.16 -5.76 69.79
C SER CG 209 145.65 -5.54 69.81
N ASP CG 210 145.04 -5.84 70.95
CA ASP CG 210 143.59 -5.82 71.07
C ASP CG 210 143.07 -4.76 72.02
N THR CG 211 143.66 -4.63 73.19
CA THR CG 211 143.19 -3.70 74.22
C THR CG 211 144.25 -2.64 74.43
N LEU CG 212 143.89 -1.38 74.21
CA LEU CG 212 144.81 -0.27 74.39
C LEU CG 212 144.14 0.83 75.20
N THR CG 213 144.86 1.35 76.20
CA THR CG 213 144.37 2.45 77.02
C THR CG 213 145.48 3.45 77.19
N ILE CG 214 145.25 4.68 76.74
CA ILE CG 214 146.27 5.71 76.73
C ILE CG 214 145.80 6.86 77.61
N ARG CG 215 146.65 7.29 78.53
CA ARG CG 215 146.38 8.44 79.40
C ARG CG 215 147.50 9.46 79.25
N ALA CG 216 147.21 10.59 78.62
CA ALA CG 216 148.24 11.58 78.32
C ALA CG 216 147.94 12.90 79.02
N LYS CG 217 149.00 13.51 79.55
CA LYS CG 217 148.86 14.68 80.41
C LYS CG 217 149.42 15.96 79.79
N LYS CG 218 150.69 15.99 79.39
CA LYS CG 218 151.34 17.26 79.08
C LYS CG 218 151.71 17.40 77.61
N ALA CG 219 152.54 16.53 77.05
CA ALA CG 219 152.90 16.62 75.65
C ALA CG 219 153.39 15.27 75.19
N ALA CG 220 153.04 14.91 73.96
CA ALA CG 220 153.47 13.64 73.39
C ALA CG 220 153.38 13.72 71.88
N LYS CG 221 154.34 13.10 71.21
CA LYS CG 221 154.40 13.07 69.75
C LYS CG 221 154.36 11.60 69.35
N ILE CG 222 153.15 11.07 69.17
CA ILE CG 222 152.95 9.63 69.03
C ILE CG 222 152.50 9.34 67.60
N GLN CG 223 153.26 8.50 66.91
CA GLN CG 223 152.95 8.06 65.56
C GLN CG 223 152.81 6.54 65.60
N LEU CG 224 151.57 6.07 65.68
CA LEU CG 224 151.29 4.65 65.80
C LEU CG 224 150.52 4.16 64.59
N ALA CG 225 150.87 2.97 64.12
CA ALA CG 225 150.19 2.34 63.01
C ALA CG 225 150.13 0.84 63.27
N GLY CG 226 149.06 0.21 62.82
CA GLY CG 226 148.90 -1.21 63.01
C GLY CG 226 147.43 -1.57 63.14
N ILE CG 227 147.18 -2.64 63.90
CA ILE CG 227 145.84 -3.18 64.11
C ILE CG 227 145.49 -3.09 65.59
N VAL CG 228 144.35 -2.49 65.90
CA VAL CG 228 143.85 -2.38 67.27
C VAL CG 228 142.41 -2.84 67.28
N ASN CG 229 142.08 -3.74 68.19
CA ASN CG 229 140.70 -4.19 68.32
C ASN CG 229 139.87 -3.26 69.19
N ARG CG 230 140.48 -2.63 70.19
CA ARG CG 230 139.76 -1.82 71.15
C ARG CG 230 140.71 -0.79 71.74
N LEU CG 231 140.29 0.47 71.77
CA LEU CG 231 141.15 1.55 72.21
C LEU CG 231 140.36 2.60 72.98
N ASP CG 232 140.91 3.03 74.11
CA ASP CG 232 140.41 4.19 74.84
C ASP CG 232 141.55 5.19 75.03
N VAL CG 233 141.21 6.47 74.88
CA VAL CG 233 142.16 7.56 74.91
C VAL CG 233 141.64 8.65 75.84
N GLU CG 234 142.48 9.07 76.78
CA GLU CG 234 142.24 10.27 77.58
C GLU CG 234 143.37 11.25 77.31
N LEU CG 235 143.01 12.48 76.94
CA LEU CG 235 143.96 13.55 76.72
C LEU CG 235 143.61 14.71 77.64
N TRP CG 236 144.61 15.24 78.34
CA TRP CG 236 144.36 16.34 79.28
C TRP CG 236 144.63 17.72 78.68
N ASP CG 237 145.86 18.00 78.27
CA ASP CG 237 146.19 19.34 77.78
C ASP CG 237 147.46 19.29 76.96
N PHE CG 238 147.49 20.10 75.89
CA PHE CG 238 148.67 20.34 75.05
C PHE CG 238 149.23 19.05 74.44
N ALA CG 239 148.35 18.10 74.15
CA ALA CG 239 148.75 16.78 73.67
C ALA CG 239 148.13 16.55 72.31
N GLN CG 240 148.94 16.04 71.39
CA GLN CG 240 148.50 15.70 70.04
C GLN CG 240 148.77 14.22 69.81
N PHE CG 241 147.73 13.48 69.44
CA PHE CG 241 147.89 12.09 69.06
C PHE CG 241 147.46 11.91 67.61
N LYS CG 242 148.27 11.20 66.83
CA LYS CG 242 148.01 10.96 65.42
C LYS CG 242 147.95 9.46 65.20
N GLY CG 243 146.76 8.87 65.36
CA GLY CG 243 146.56 7.48 65.01
C GLY CG 243 146.03 7.36 63.60
N LYS CG 244 146.52 8.20 62.70
CA LYS CG 244 146.34 7.98 61.28
C LYS CG 244 147.11 6.74 60.87
N TYR CG 245 146.57 6.04 59.87
CA TYR CG 245 147.01 4.69 59.44
C TYR CG 245 146.96 3.69 60.58
N LEU CG 246 146.01 3.87 61.50
CA LEU CG 246 145.79 2.98 62.64
C LEU CG 246 144.29 2.79 62.77
N ARG CG 247 143.80 1.61 62.41
CA ARG CG 247 142.38 1.35 62.28
C ARG CG 247 141.89 0.53 63.46
N ALA CG 248 140.77 0.95 64.05
CA ALA CG 248 140.22 0.30 65.23
C ALA CG 248 138.71 0.19 65.10
N GLN CG 249 138.19 -0.98 65.47
CA GLN CG 249 136.74 -1.15 65.52
C GLN CG 249 136.12 -0.36 66.66
N ARG CG 250 136.77 -0.37 67.81
CA ARG CG 250 136.25 0.27 69.02
C ARG CG 250 137.17 1.43 69.38
N SER CG 251 136.65 2.65 69.30
CA SER CG 251 137.41 3.83 69.69
C SER CG 251 136.61 4.63 70.70
N PHE CG 252 137.25 4.98 71.80
CA PHE CG 252 136.65 5.84 72.82
C PHE CG 252 137.61 6.98 73.09
N VAL CG 253 137.11 8.21 73.04
CA VAL CG 253 137.95 9.40 73.18
C VAL CG 253 137.34 10.31 74.22
N LYS CG 254 138.13 10.68 75.23
CA LYS CG 254 137.80 11.79 76.12
C LYS CG 254 138.95 12.81 76.06
N THR CG 255 138.60 14.05 75.74
CA THR CG 255 139.59 15.10 75.59
C THR CG 255 139.19 16.31 76.41
N HIS CG 256 140.12 16.80 77.22
CA HIS CG 256 139.93 18.03 77.94
C HIS CG 256 140.47 19.19 77.10
N ASP CG 257 140.69 20.35 77.73
CA ASP CG 257 141.07 21.56 77.03
C ASP CG 257 142.44 21.45 76.38
N LYS CG 258 142.55 21.98 75.16
CA LYS CG 258 143.76 22.05 74.35
C LYS CG 258 144.32 20.65 74.07
N SER CG 259 143.55 19.90 73.29
CA SER CG 259 143.92 18.55 72.88
C SER CG 259 143.63 18.37 71.40
N VAL CG 260 144.48 17.58 70.73
CA VAL CG 260 144.35 17.31 69.30
C VAL CG 260 144.38 15.79 69.11
N ALA CG 261 143.38 15.26 68.42
CA ALA CG 261 143.27 13.84 68.17
C ALA CG 261 143.02 13.57 66.70
N GLU CG 262 143.71 12.57 66.17
CA GLU CG 262 143.55 12.11 64.79
C GLU CG 262 143.21 10.63 64.85
N ILE CG 263 141.98 10.26 64.49
CA ILE CG 263 141.50 8.90 64.64
C ILE CG 263 141.10 8.35 63.27
N SER CG 264 141.13 7.03 63.15
CA SER CG 264 140.74 6.33 61.94
C SER CG 264 139.85 5.14 62.27
N ALA CG 265 138.81 5.38 63.08
CA ALA CG 265 137.93 4.32 63.57
C ALA CG 265 137.13 3.68 62.44
N VAL CG 266 136.73 2.43 62.67
CA VAL CG 266 136.18 1.57 61.63
C VAL CG 266 134.68 1.38 61.80
N ASN CG 267 134.25 0.92 62.97
CA ASN CG 267 132.84 0.57 63.15
C ASN CG 267 132.16 1.30 64.29
N HIS CG 268 132.84 1.49 65.43
CA HIS CG 268 132.20 2.04 66.62
C HIS CG 268 133.09 3.12 67.20
N GLN CG 269 132.57 4.35 67.24
CA GLN CG 269 133.36 5.52 67.57
C GLN CG 269 132.62 6.40 68.59
N SER CG 270 133.32 6.73 69.68
CA SER CG 270 132.80 7.59 70.73
C SER CG 270 133.76 8.74 70.96
N SER CG 271 133.25 9.96 71.02
CA SER CG 271 134.11 11.12 71.17
C SER CG 271 133.45 12.14 72.09
N LEU CG 272 134.18 12.54 73.13
CA LEU CG 272 133.75 13.58 74.05
C LEU CG 272 134.87 14.60 74.17
N ALA CG 273 134.53 15.87 74.00
CA ALA CG 273 135.49 16.96 74.09
C ALA CG 273 134.93 18.05 74.97
N THR CG 274 135.79 18.63 75.81
CA THR CG 274 135.31 19.69 76.71
C THR CG 274 135.28 21.04 76.00
N ASP CG 275 136.46 21.55 75.62
CA ASP CG 275 136.57 22.86 75.00
C ASP CG 275 137.89 22.96 74.26
N ALA CG 276 137.85 23.52 73.05
CA ALA CG 276 139.00 23.74 72.18
C ALA CG 276 139.78 22.46 71.93
N SER CG 277 139.06 21.35 71.82
CA SER CG 277 139.64 20.05 71.58
C SER CG 277 139.24 19.61 70.17
N ASP CG 278 140.24 19.45 69.32
CA ASP CG 278 140.01 19.22 67.90
C ASP CG 278 140.25 17.76 67.57
N ILE CG 279 139.21 17.06 67.15
CA ILE CG 279 139.27 15.65 66.80
C ILE CG 279 138.96 15.51 65.32
N TYR CG 280 139.72 14.66 64.64
CA TYR CG 280 139.59 14.51 63.20
C TYR CG 280 139.47 13.03 62.87
N TYR CG 281 138.30 12.64 62.38
CA TYR CG 281 138.06 11.25 61.99
C TYR CG 281 138.35 11.12 60.50
N TYR CG 282 139.26 10.22 60.15
CA TYR CG 282 139.68 10.11 58.75
C TYR CG 282 139.08 8.90 58.07
N ASN CG 283 138.07 8.29 58.68
CA ASN CG 283 137.29 7.24 58.04
C ASN CG 283 135.91 7.24 58.67
N LEU CG 284 134.89 7.01 57.84
CA LEU CG 284 133.51 7.02 58.32
C LEU CG 284 133.23 5.72 59.06
N SER CG 285 133.00 5.83 60.36
CA SER CG 285 132.57 4.66 61.12
C SER CG 285 131.11 4.34 60.82
N LYS CG 286 130.75 3.09 61.05
CA LYS CG 286 129.35 2.70 60.89
C LYS CG 286 128.49 3.19 62.04
N THR CG 287 129.09 3.57 63.16
CA THR CG 287 128.38 4.18 64.28
C THR CG 287 129.29 5.22 64.91
N ARG CG 288 128.82 6.46 64.94
CA ARG CG 288 129.62 7.59 65.37
C ARG CG 288 128.82 8.41 66.37
N ALA CG 289 129.44 8.70 67.53
CA ALA CG 289 128.82 9.55 68.53
C ALA CG 289 129.80 10.64 68.91
N ASP CG 290 129.36 11.89 68.82
CA ASP CG 290 130.20 13.06 69.05
C ASP CG 290 129.54 13.99 70.04
N PHE CG 291 130.33 14.52 70.98
CA PHE CG 291 129.78 15.46 71.95
C PHE CG 291 130.83 16.51 72.30
N MET CG 292 130.40 17.77 72.32
CA MET CG 292 131.21 18.91 72.71
C MET CG 292 130.55 19.62 73.89
N ALA CG 293 131.36 19.99 74.87
CA ALA CG 293 130.83 20.67 76.06
C ALA CG 293 130.82 22.19 75.89
N PHE CG 294 131.98 22.79 75.65
CA PHE CG 294 132.04 24.22 75.41
C PHE CG 294 132.52 24.55 74.00
N ASN CG 295 133.69 24.07 73.60
CA ASN CG 295 134.27 24.42 72.31
C ASN CG 295 134.95 23.22 71.67
N GLY CG 296 134.49 22.01 71.98
CA GLY CG 296 135.01 20.85 71.30
C GLY CG 296 134.55 20.79 69.86
N SER CG 297 135.32 20.10 69.03
CA SER CG 297 135.04 20.06 67.62
C SER CG 297 135.46 18.71 67.05
N VAL CG 298 134.59 18.12 66.24
CA VAL CG 298 134.85 16.85 65.59
C VAL CG 298 134.64 17.05 64.10
N LEU CG 299 135.68 16.83 63.32
CA LEU CG 299 135.65 17.14 61.90
C LEU CG 299 136.24 16.00 61.09
N ASP CG 300 135.82 15.93 59.83
CA ASP CG 300 136.27 14.87 58.94
C ASP CG 300 137.68 15.12 58.44
N MET CG 301 137.88 16.24 57.73
CA MET CG 301 139.15 16.62 57.10
C MET CG 301 139.64 15.55 56.14
N ARG CG 302 138.87 15.33 55.09
CA ARG CG 302 139.23 14.38 54.04
C ARG CG 302 139.48 15.12 52.72
N GLU CG 303 139.82 14.34 51.69
CA GLU CG 303 140.35 14.91 50.47
C GLU CG 303 139.28 15.53 49.58
N TRP CG 304 138.07 14.97 49.58
CA TRP CG 304 136.98 15.31 48.65
C TRP CG 304 137.40 15.17 47.18
N GLY CG 305 138.34 14.28 46.89
CA GLY CG 305 138.89 14.25 45.55
C GLY CG 305 138.89 12.89 44.88
N GLN CG 306 138.79 11.83 45.67
CA GLN CG 306 138.90 10.50 45.09
C GLN CG 306 137.60 10.09 44.41
N SER CG 307 137.71 9.10 43.54
CA SER CG 307 136.57 8.57 42.83
C SER CG 307 135.81 7.52 43.63
N ASP CG 308 136.35 7.05 44.75
CA ASP CG 308 135.78 5.94 45.49
C ASP CG 308 135.38 6.32 46.91
N LEU CG 309 135.11 7.60 47.15
CA LEU CG 309 134.65 8.01 48.47
C LEU CG 309 133.21 7.58 48.69
N LYS CG 310 132.96 6.92 49.81
CA LYS CG 310 131.62 6.55 50.21
C LYS CG 310 130.99 7.69 51.00
N ASP CG 311 129.70 7.91 50.76
CA ASP CG 311 129.00 8.99 51.44
C ASP CG 311 128.28 8.43 52.67
N PHE CG 312 127.45 9.26 53.29
CA PHE CG 312 126.71 8.85 54.48
C PHE CG 312 125.60 7.88 54.12
N ASP CG 313 125.09 7.21 55.14
CA ASP CG 313 123.97 6.30 55.04
C ASP CG 313 122.90 6.74 56.04
N ARG CG 314 121.90 5.87 56.23
CA ARG CG 314 120.92 6.08 57.29
C ARG CG 314 121.59 6.06 58.66
N TYR CG 315 122.49 5.12 58.87
CA TYR CG 315 123.10 4.88 60.17
C TYR CG 315 124.30 5.76 60.44
N ASN CG 316 124.90 6.36 59.43
CA ASN CG 316 126.01 7.27 59.61
C ASN CG 316 125.57 8.72 59.71
N LYS CG 317 124.27 8.99 59.52
CA LYS CG 317 123.74 10.34 59.41
C LYS CG 317 123.64 10.96 60.80
N GLN CG 318 124.77 11.41 61.32
CA GLN CG 318 124.81 12.08 62.60
C GLN CG 318 125.38 13.49 62.41
N PHE CG 319 124.65 14.46 62.88
CA PHE CG 319 125.08 15.85 62.75
C PHE CG 319 125.79 16.29 64.02
N PRO CG 320 127.04 16.76 63.92
CA PRO CG 320 127.80 17.23 65.08
C PRO CG 320 127.28 18.56 65.61
N ASP DG 39 91.39 42.97 54.26
CA ASP DG 39 90.81 43.92 53.32
C ASP DG 39 91.88 44.84 52.74
N GLY DG 40 92.78 45.31 53.59
CA GLY DG 40 93.87 46.16 53.14
C GLY DG 40 95.07 45.34 52.71
N CYS DG 41 95.20 45.13 51.40
CA CYS DG 41 96.29 44.30 50.89
C CYS DG 41 97.62 45.04 51.00
N CYS DG 42 97.66 46.31 50.59
CA CYS DG 42 98.85 47.13 50.77
C CYS DG 42 98.75 47.93 52.06
N SER DG 43 98.47 47.24 53.16
CA SER DG 43 98.34 47.89 54.45
C SER DG 43 99.72 48.20 55.02
N LYS DG 44 99.83 49.38 55.63
CA LYS DG 44 101.10 49.98 56.09
C LYS DG 44 102.11 50.04 54.95
N MET DG 45 101.62 50.39 53.76
CA MET DG 45 102.41 50.50 52.55
C MET DG 45 101.98 51.79 51.87
N GLY DG 46 102.39 51.95 50.61
CA GLY DG 46 101.97 53.14 49.89
C GLY DG 46 100.55 53.10 49.37
N GLY DG 47 99.84 52.00 49.54
CA GLY DG 47 98.55 51.82 48.93
C GLY DG 47 98.66 51.10 47.59
N ILE DG 48 97.53 50.63 47.09
CA ILE DG 48 97.51 49.81 45.90
C ILE DG 48 97.69 50.69 44.67
N ASN DG 49 98.58 50.26 43.76
CA ASN DG 49 98.72 50.94 42.48
C ASN DG 49 97.90 50.27 41.39
N TYR DG 50 98.20 49.00 41.07
CA TYR DG 50 97.53 48.37 39.95
C TYR DG 50 97.66 46.86 40.05
N CYS DG 51 96.78 46.15 39.33
CA CYS DG 51 96.83 44.71 39.24
C CYS DG 51 97.56 44.30 37.97
N ASP DG 52 98.71 43.65 38.13
CA ASP DG 52 99.42 43.06 37.01
C ASP DG 52 98.82 41.70 36.73
N SER DG 53 98.15 41.57 35.59
CA SER DG 53 97.55 40.31 35.21
C SER DG 53 98.54 39.32 34.62
N SER DG 54 99.73 39.79 34.24
CA SER DG 54 100.79 38.85 33.86
C SER DG 54 101.25 38.06 35.06
N ALA DG 55 101.24 38.68 36.24
CA ALA DG 55 101.42 37.95 37.48
C ALA DG 55 100.10 37.57 38.14
N GLY DG 56 99.00 38.25 37.77
CA GLY DG 56 97.75 38.06 38.46
C GLY DG 56 97.80 38.52 39.90
N ARG DG 57 98.57 39.57 40.17
CA ARG DG 57 98.84 40.00 41.53
C ARG DG 57 98.77 41.51 41.62
N LEU DG 58 98.48 42.00 42.81
CA LEU DG 58 98.46 43.42 43.06
C LEU DG 58 99.88 43.94 43.26
N VAL DG 59 100.16 45.10 42.69
CA VAL DG 59 101.41 45.83 42.89
C VAL DG 59 101.04 47.15 43.56
N CYS DG 60 101.66 47.42 44.70
CA CYS DG 60 101.32 48.56 45.53
C CYS DG 60 102.01 49.83 45.01
N ASN DG 61 101.80 50.93 45.73
CA ASN DG 61 102.48 52.17 45.38
C ASN DG 61 103.97 52.09 45.70
N ASN DG 62 104.33 51.40 46.77
CA ASN DG 62 105.72 51.07 46.99
C ASN DG 62 106.14 49.96 46.04
N GLY DG 63 107.44 49.72 45.96
CA GLY DG 63 107.97 48.86 44.93
C GLY DG 63 107.77 47.37 45.13
N PHE DG 64 107.09 46.94 46.18
CA PHE DG 64 106.96 45.54 46.49
C PHE DG 64 105.63 44.96 46.02
N TYR DG 65 105.64 43.66 45.75
CA TYR DG 65 104.42 42.95 45.41
C TYR DG 65 103.53 42.81 46.63
N SER DG 66 102.23 42.79 46.38
CA SER DG 66 101.26 42.56 47.45
C SER DG 66 101.00 41.07 47.61
N THR DG 67 99.98 40.74 48.38
CA THR DG 67 99.63 39.36 48.65
C THR DG 67 98.31 38.93 48.04
N CYS DG 68 97.37 39.87 47.84
CA CYS DG 68 96.06 39.52 47.34
C CYS DG 68 96.09 39.28 45.84
N TYR DG 69 95.41 38.22 45.41
CA TYR DG 69 95.28 37.96 43.98
C TYR DG 69 94.31 38.94 43.35
N CYS DG 70 94.37 39.03 42.02
CA CYS DG 70 93.36 39.79 41.28
C CYS DG 70 92.86 39.07 40.05
N THR DG 71 93.32 37.86 39.76
CA THR DG 71 92.83 37.09 38.63
C THR DG 71 92.45 35.69 39.12
N ARG DG 72 91.57 35.05 38.37
CA ARG DG 72 91.39 33.62 38.52
C ARG DG 72 92.54 32.84 37.91
N HIS DG 73 93.27 33.45 36.97
CA HIS DG 73 94.46 32.83 36.40
C HIS DG 73 95.67 33.24 37.22
N ALA DG 74 95.73 32.72 38.44
CA ALA DG 74 96.82 33.02 39.36
C ALA DG 74 97.40 31.72 39.89
N VAL DG 75 98.65 31.80 40.33
CA VAL DG 75 99.33 30.62 40.85
C VAL DG 75 98.90 30.41 42.29
N MET DG 76 97.83 29.66 42.48
CA MET DG 76 97.23 29.44 43.79
C MET DG 76 97.23 27.96 44.10
N ASP DG 77 97.63 27.62 45.32
CA ASP DG 77 97.87 26.24 45.72
C ASP DG 77 96.65 25.64 46.41
N LEU DG 78 95.53 25.63 45.70
CA LEU DG 78 94.31 25.05 46.23
C LEU DG 78 94.43 23.53 46.20
N GLN DG 79 94.32 22.90 47.37
CA GLN DG 79 94.51 21.47 47.49
C GLN DG 79 93.32 20.73 48.05
N PHE DG 80 92.30 21.42 48.53
CA PHE DG 80 91.07 20.79 49.00
C PHE DG 80 89.89 21.38 48.25
N LEU DG 81 89.02 20.52 47.74
CA LEU DG 81 87.88 20.96 46.95
C LEU DG 81 86.66 20.12 47.31
N MET DG 82 85.49 20.62 46.93
CA MET DG 82 84.22 19.96 47.17
C MET DG 82 83.59 19.56 45.85
N GLY DG 83 82.56 18.73 45.94
CA GLY DG 83 81.80 18.35 44.76
C GLY DG 83 81.25 16.94 44.87
N CYS DG 84 80.08 16.74 44.27
CA CYS DG 84 79.48 15.42 44.12
C CYS DG 84 79.78 14.90 42.72
N CYS DG 85 79.98 13.58 42.64
CA CYS DG 85 80.63 12.91 41.49
C CYS DG 85 81.98 13.56 41.16
N LEU DG 86 82.67 14.01 42.19
CA LEU DG 86 83.94 14.69 42.02
C LEU DG 86 85.03 13.68 41.76
N TRP DG 87 86.01 14.11 40.97
CA TRP DG 87 87.17 13.31 40.57
C TRP DG 87 86.72 12.04 39.85
N HIS DG 88 85.71 12.20 39.02
CA HIS DG 88 85.11 11.12 38.24
C HIS DG 88 84.63 11.74 36.93
N GLY DG 89 83.72 11.05 36.24
CA GLY DG 89 83.21 11.54 34.98
C GLY DG 89 82.35 12.78 35.08
N GLY DG 90 81.83 13.08 36.26
CA GLY DG 90 81.00 14.25 36.48
C GLY DG 90 79.53 13.90 36.59
N VAL DG 91 78.76 14.92 36.98
CA VAL DG 91 77.34 14.73 37.23
C VAL DG 91 76.60 14.56 35.91
N TYR DG 92 75.74 13.55 35.83
CA TYR DG 92 74.95 13.34 34.63
C TYR DG 92 73.85 14.40 34.53
N PRO DG 93 73.58 14.90 33.32
CA PRO DG 93 72.55 15.96 33.17
C PRO DG 93 71.13 15.48 33.44
N GLN DG 94 70.80 14.23 33.13
CA GLN DG 94 69.44 13.76 33.39
C GLN DG 94 69.25 13.53 34.89
N LEU DG 95 68.00 13.61 35.32
CA LEU DG 95 67.64 13.42 36.72
C LEU DG 95 66.92 12.09 36.90
N ASN DG 96 67.37 11.30 37.87
CA ASN DG 96 66.75 10.03 38.19
C ASN DG 96 65.40 10.26 38.86
N SER DG 97 64.55 9.22 38.81
CA SER DG 97 63.32 9.23 39.59
C SER DG 97 63.62 9.26 41.08
N SER DG 98 64.61 8.50 41.51
CA SER DG 98 65.06 8.49 42.90
C SER DG 98 66.25 9.44 43.05
N GLY DG 99 66.88 9.39 44.23
CA GLY DG 99 68.10 10.13 44.48
C GLY DG 99 69.36 9.43 44.03
N LEU DG 100 69.21 8.37 43.25
CA LEU DG 100 70.34 7.60 42.74
C LEU DG 100 71.08 8.42 41.69
N VAL DG 101 72.21 9.00 42.07
CA VAL DG 101 72.99 9.86 41.19
C VAL DG 101 74.24 9.09 40.77
N VAL DG 102 74.46 9.01 39.45
CA VAL DG 102 75.49 8.19 38.85
C VAL DG 102 76.39 9.08 38.00
N CYS DG 103 77.70 8.93 38.16
CA CYS DG 103 78.63 9.76 37.40
C CYS DG 103 78.69 9.32 35.95
N ASN DG 104 79.34 10.16 35.12
CA ASN DG 104 79.32 10.01 33.68
C ASN DG 104 80.08 8.77 33.22
N ASP DG 105 81.08 8.33 33.98
CA ASP DG 105 81.82 7.13 33.66
C ASP DG 105 81.18 5.87 34.22
N GLY DG 106 79.91 5.94 34.63
CA GLY DG 106 79.14 4.78 35.02
C GLY DG 106 79.07 4.54 36.51
N TYR DG 107 79.98 5.10 37.29
CA TYR DG 107 79.98 4.89 38.72
C TYR DG 107 78.90 5.71 39.39
N VAL DG 108 78.29 5.15 40.44
CA VAL DG 108 77.23 5.81 41.20
C VAL DG 108 77.76 6.11 42.59
N SER DG 109 77.66 7.36 43.00
CA SER DG 109 78.16 7.79 44.30
C SER DG 109 77.11 7.54 45.37
N GLU DG 110 77.40 6.60 46.26
CA GLU DG 110 76.51 6.35 47.39
C GLU DG 110 76.47 7.53 48.34
N GLU DG 111 77.62 8.16 48.57
CA GLU DG 111 77.66 9.30 49.48
C GLU DG 111 76.97 10.53 48.92
N CYS DG 112 76.77 10.60 47.61
CA CYS DG 112 75.94 11.67 47.05
C CYS DG 112 74.48 11.28 46.93
N SER DG 113 74.20 9.99 46.76
CA SER DG 113 72.82 9.54 46.73
C SER DG 113 72.21 9.56 48.14
N LEU DG 114 70.91 9.77 48.20
CA LEU DG 114 70.16 9.72 49.44
C LEU DG 114 69.26 8.50 49.46
N GLN DG 115 69.24 7.79 50.59
CA GLN DG 115 68.57 6.50 50.67
C GLN DG 115 67.62 6.45 51.87
N LYS DG 116 67.08 5.27 52.14
CA LYS DG 116 66.28 5.04 53.34
C LYS DG 116 66.38 3.59 53.77
N ILE EG 862 -68.55 -2.18 1.88
CA ILE EG 862 -68.24 -0.87 1.32
C ILE EG 862 -69.04 0.20 2.05
N ILE EG 863 -68.32 1.15 2.65
CA ILE EG 863 -68.91 2.24 3.42
C ILE EG 863 -68.38 3.55 2.85
N LYS EG 864 -69.29 4.49 2.57
CA LYS EG 864 -68.91 5.79 2.03
C LYS EG 864 -68.07 6.58 3.03
N THR EG 865 -67.20 7.42 2.51
CA THR EG 865 -66.25 8.16 3.34
C THR EG 865 -66.97 9.24 4.13
N GLY EG 866 -67.22 8.98 5.41
CA GLY EG 866 -67.73 10.01 6.29
C GLY EG 866 -69.24 10.06 6.52
N ASP EG 867 -69.93 8.95 6.27
CA ASP EG 867 -71.36 8.89 6.51
C ASP EG 867 -71.62 8.74 8.01
N ILE EG 868 -72.89 8.87 8.40
CA ILE EG 868 -73.28 8.93 9.81
C ILE EG 868 -74.12 7.71 10.13
N MET EG 869 -73.76 7.02 11.20
CA MET EG 869 -74.44 5.82 11.67
C MET EG 869 -74.78 6.00 13.14
N PHE EG 870 -75.62 5.12 13.67
CA PHE EG 870 -75.98 5.14 15.08
C PHE EG 870 -75.40 3.92 15.76
N ALA EG 871 -75.10 4.07 17.05
CA ALA EG 871 -74.56 2.98 17.85
C ALA EG 871 -75.14 3.10 19.26
N VAL EG 872 -75.10 2.00 19.99
CA VAL EG 872 -75.55 1.98 21.37
C VAL EG 872 -74.38 1.54 22.24
N LEU EG 873 -74.01 2.36 23.21
CA LEU EG 873 -73.03 2.00 24.21
C LEU EG 873 -73.75 1.69 25.51
N ASP EG 874 -73.15 0.81 26.31
CA ASP EG 874 -73.74 0.46 27.59
C ASP EG 874 -72.67 0.40 28.67
N THR EG 875 -71.41 0.49 28.27
CA THR EG 875 -70.29 0.39 29.21
C THR EG 875 -69.70 1.77 29.46
N SER EG 876 -69.67 2.19 30.71
CA SER EG 876 -69.19 3.53 31.06
C SER EG 876 -67.78 3.49 31.64
N VAL EG 877 -67.03 4.56 31.38
CA VAL EG 877 -65.71 4.75 31.95
C VAL EG 877 -65.58 6.22 32.35
N ASN EG 878 -64.66 6.48 33.27
CA ASN EG 878 -64.33 7.82 33.72
C ASN EG 878 -63.06 8.29 33.01
N SER EG 879 -62.86 9.61 33.01
CA SER EG 879 -61.64 10.18 32.46
C SER EG 879 -60.50 10.13 33.48
N ASP EG 880 -60.16 8.94 33.93
CA ASP EG 880 -59.07 8.67 34.84
C ASP EG 880 -58.16 7.55 34.37
N GLU EG 881 -58.71 6.52 33.73
CA GLU EG 881 -57.94 5.39 33.26
C GLU EG 881 -58.34 5.08 31.83
N PRO EG 882 -57.45 5.27 30.86
CA PRO EG 882 -57.74 4.83 29.49
C PRO EG 882 -57.79 3.31 29.39
N GLY EG 883 -58.64 2.84 28.49
CA GLY EG 883 -58.82 1.43 28.29
C GLY EG 883 -59.83 1.15 27.19
N PRO EG 884 -60.04 -0.13 26.90
CA PRO EG 884 -61.06 -0.49 25.90
C PRO EG 884 -62.47 -0.21 26.37
N ILE EG 885 -63.20 0.52 25.54
CA ILE EG 885 -64.62 0.82 25.74
C ILE EG 885 -65.37 0.34 24.51
N LEU EG 886 -66.63 -0.05 24.68
CA LEU EG 886 -67.40 -0.68 23.61
C LEU EG 886 -68.72 0.04 23.40
N ALA EG 887 -69.11 0.17 22.14
CA ALA EG 887 -70.46 0.52 21.71
C ALA EG 887 -70.94 -0.54 20.73
N THR EG 888 -72.22 -0.49 20.36
CA THR EG 888 -72.80 -1.55 19.55
C THR EG 888 -73.68 -0.95 18.47
N ILE EG 889 -73.36 -1.24 17.21
CA ILE EG 889 -74.26 -0.92 16.10
C ILE EG 889 -75.44 -1.87 16.16
N VAL EG 890 -76.65 -1.32 16.11
CA VAL EG 890 -77.85 -2.12 16.18
C VAL EG 890 -78.74 -1.95 14.96
N THR EG 891 -78.49 -0.95 14.12
CA THR EG 891 -79.37 -0.71 12.98
C THR EG 891 -78.59 -0.56 11.68
N GLY EG 892 -79.29 -0.22 10.60
CA GLY EG 892 -78.63 -0.05 9.33
C GLY EG 892 -78.28 -1.38 8.69
N LYS EG 893 -77.23 -1.36 7.86
CA LYS EG 893 -76.76 -2.56 7.18
C LYS EG 893 -76.15 -3.56 8.17
N LEU EG 894 -75.41 -3.05 9.16
CA LEU EG 894 -74.71 -3.92 10.08
C LEU EG 894 -75.55 -4.18 11.32
N LYS EG 895 -75.83 -5.45 11.59
CA LYS EG 895 -76.63 -5.86 12.73
C LYS EG 895 -75.81 -6.82 13.60
N GLY EG 896 -75.88 -6.63 14.91
CA GLY EG 896 -75.12 -7.45 15.82
C GLY EG 896 -73.67 -7.08 15.94
N SER EG 897 -73.25 -6.01 15.29
CA SER EG 897 -71.84 -5.62 15.30
C SER EG 897 -71.57 -4.69 16.47
N LYS EG 898 -70.33 -4.71 16.95
CA LYS EG 898 -69.92 -3.80 18.01
C LYS EG 898 -68.54 -3.24 17.70
N LEU EG 899 -68.07 -2.34 18.56
CA LEU EG 899 -66.89 -1.54 18.27
C LEU EG 899 -66.21 -1.17 19.57
N ILE EG 900 -64.94 -1.57 19.72
CA ILE EG 900 -64.12 -1.26 20.88
C ILE EG 900 -63.05 -0.26 20.48
N GLY EG 901 -62.69 0.59 21.44
CA GLY EG 901 -61.66 1.59 21.26
C GLY EG 901 -61.33 2.32 22.55
N SER EG 902 -61.01 3.60 22.46
CA SER EG 902 -60.54 4.35 23.62
C SER EG 902 -61.19 5.72 23.60
N PHE EG 903 -60.67 6.64 24.41
CA PHE EG 903 -61.11 8.03 24.43
C PHE EG 903 -59.91 8.96 24.35
N ASN EG 904 -60.17 10.25 24.59
CA ASN EG 904 -59.13 11.26 24.63
C ASN EG 904 -59.19 11.99 25.95
N LEU EG 905 -58.07 12.58 26.34
CA LEU EG 905 -58.07 13.46 27.50
C LEU EG 905 -57.86 14.89 27.05
N PRO EG 906 -58.90 15.72 27.09
CA PRO EG 906 -58.76 17.12 26.66
C PRO EG 906 -58.04 17.96 27.70
N SER EG 907 -57.52 19.10 27.22
CA SER EG 907 -56.81 20.03 28.09
C SER EG 907 -57.75 20.73 29.06
N ASN EG 908 -58.98 21.02 28.63
CA ASN EG 908 -60.00 21.60 29.49
C ASN EG 908 -61.21 20.70 29.52
N ALA EG 909 -62.12 20.96 30.46
CA ALA EG 909 -63.24 20.07 30.75
C ALA EG 909 -64.49 20.42 29.95
N ASP EG 910 -64.32 20.92 28.73
CA ASP EG 910 -65.43 21.39 27.92
C ASP EG 910 -66.10 20.28 27.10
N LYS EG 911 -65.42 19.18 26.83
CA LYS EG 911 -66.00 18.11 26.02
C LYS EG 911 -65.26 16.81 26.29
N MET EG 912 -65.68 15.76 25.57
CA MET EG 912 -65.08 14.44 25.67
C MET EG 912 -65.43 13.65 24.42
N VAL EG 913 -64.42 13.14 23.72
CA VAL EG 913 -64.62 12.42 22.47
C VAL EG 913 -64.04 11.02 22.62
N ILE EG 914 -64.51 10.12 21.75
CA ILE EG 914 -64.26 8.69 21.88
C ILE EG 914 -63.46 8.22 20.67
N THR EG 915 -62.31 7.60 20.92
CA THR EG 915 -61.45 7.07 19.87
C THR EG 915 -61.85 5.62 19.60
N PHE EG 916 -62.55 5.38 18.50
CA PHE EG 916 -63.09 4.07 18.19
C PHE EG 916 -62.43 3.55 16.92
N ASN EG 917 -61.75 2.42 17.03
CA ASN EG 917 -61.06 1.93 15.84
C ASN EG 917 -61.25 0.46 15.56
N THR EG 918 -61.56 -0.36 16.57
CA THR EG 918 -61.55 -1.81 16.37
C THR EG 918 -62.99 -2.32 16.28
N MET EG 919 -63.42 -2.68 15.07
CA MET EG 919 -64.79 -3.06 14.78
C MET EG 919 -64.89 -4.57 14.66
N SER EG 920 -65.93 -5.15 15.25
CA SER EG 920 -66.21 -6.58 15.11
C SER EG 920 -67.64 -6.76 14.60
N ILE EG 921 -67.78 -7.50 13.51
CA ILE EG 921 -69.05 -7.71 12.82
C ILE EG 921 -69.31 -9.20 12.77
N PRO EG 922 -70.51 -9.67 13.14
CA PRO EG 922 -70.77 -11.12 13.15
C PRO EG 922 -70.90 -11.73 11.76
N GLY EG 923 -71.22 -13.02 11.72
CA GLY EG 923 -71.22 -13.76 10.48
C GLY EG 923 -69.91 -14.48 10.23
N ALA EG 924 -68.83 -13.72 10.10
CA ALA EG 924 -67.51 -14.28 9.84
C ALA EG 924 -66.54 -13.91 10.95
N GLU EG 925 -65.39 -14.58 10.96
CA GLU EG 925 -64.30 -14.28 11.89
C GLU EG 925 -63.50 -13.10 11.34
N LYS EG 926 -64.06 -11.90 11.51
CA LYS EG 926 -63.48 -10.70 10.94
C LYS EG 926 -63.32 -9.64 12.01
N THR EG 927 -62.28 -8.82 11.85
CA THR EG 927 -62.04 -7.68 12.73
C THR EG 927 -61.35 -6.61 11.89
N ILE EG 928 -62.14 -5.66 11.36
CA ILE EG 928 -61.59 -4.58 10.57
C ILE EG 928 -61.11 -3.48 11.49
N SER EG 929 -60.38 -2.50 10.94
CA SER EG 929 -59.80 -1.44 11.77
C SER EG 929 -60.22 -0.06 11.27
N ILE EG 930 -61.51 0.13 11.02
CA ILE EG 930 -62.03 1.44 10.65
C ILE EG 930 -62.01 2.33 11.89
N SER EG 931 -61.30 3.44 11.80
CA SER EG 931 -61.11 4.35 12.91
C SER EG 931 -62.11 5.49 12.79
N ALA EG 932 -62.95 5.66 13.81
CA ALA EG 932 -64.01 6.64 13.75
C ALA EG 932 -64.16 7.31 15.12
N TYR EG 933 -64.73 8.49 15.14
CA TYR EG 933 -65.01 9.23 16.36
C TYR EG 933 -66.52 9.33 16.55
N ALA EG 934 -66.93 10.03 17.60
CA ALA EG 934 -68.32 10.07 17.99
C ALA EG 934 -68.79 11.50 18.23
N ILE EG 935 -70.10 11.71 18.07
CA ILE EG 935 -70.75 12.95 18.46
C ILE EG 935 -71.90 12.60 19.39
N ASP EG 936 -72.27 13.54 20.25
CA ASP EG 936 -73.35 13.33 21.18
C ASP EG 936 -74.69 13.36 20.45
N PRO EG 937 -75.56 12.39 20.70
CA PRO EG 937 -76.88 12.42 20.07
C PRO EG 937 -77.74 13.55 20.60
N ASN EG 938 -78.65 14.01 19.73
CA ASN EG 938 -79.62 15.09 19.94
C ASN EG 938 -78.99 16.44 20.22
N THR EG 939 -77.69 16.62 19.96
CA THR EG 939 -77.06 17.93 20.10
C THR EG 939 -76.17 18.21 18.90
N ALA EG 940 -75.76 17.13 18.22
CA ALA EG 940 -74.82 17.12 17.10
C ALA EG 940 -73.51 17.83 17.49
N ARG EG 941 -73.03 17.50 18.69
CA ARG EG 941 -71.80 18.05 19.21
C ARG EG 941 -70.97 16.91 19.79
N THR EG 942 -69.75 17.24 20.17
CA THR EG 942 -68.82 16.24 20.67
C THR EG 942 -68.61 16.32 22.18
N ALA EG 943 -69.55 16.92 22.91
CA ALA EG 943 -69.38 17.12 24.34
C ALA EG 943 -69.78 15.89 25.14
N LEU EG 944 -69.70 16.03 26.46
CA LEU EG 944 -70.13 14.99 27.39
C LEU EG 944 -71.19 15.55 28.33
N ALA EG 945 -72.25 14.78 28.55
CA ALA EG 945 -73.32 15.15 29.47
C ALA EG 945 -73.10 14.45 30.81
N SER EG 946 -72.39 15.14 31.69
CA SER EG 946 -72.13 14.64 33.04
C SER EG 946 -71.86 15.84 33.96
N ARG EG 947 -71.29 15.54 35.12
CA ARG EG 947 -70.93 16.56 36.09
C ARG EG 947 -69.46 16.93 35.93
N THR EG 948 -69.21 18.23 35.86
CA THR EG 948 -67.85 18.74 35.72
C THR EG 948 -67.41 19.58 36.91
N ASN EG 949 -68.23 19.70 37.95
CA ASN EG 949 -67.92 20.50 39.14
C ASN EG 949 -67.37 19.64 40.26
N HIS EG 950 -66.54 18.66 39.91
CA HIS EG 950 -66.16 17.60 40.84
C HIS EG 950 -65.26 18.10 41.96
N HIS EG 951 -64.19 18.82 41.62
CA HIS EG 951 -63.15 19.14 42.59
C HIS EG 951 -62.73 20.59 42.50
N TYR EG 952 -63.70 21.50 42.42
CA TYR EG 952 -63.41 22.92 42.57
C TYR EG 952 -63.54 23.36 44.01
N LEU EG 953 -64.73 23.16 44.59
CA LEU EG 953 -65.05 23.73 45.89
C LEU EG 953 -64.31 23.02 47.01
N MET EG 954 -63.96 21.75 46.82
CA MET EG 954 -63.21 21.02 47.84
C MET EG 954 -61.82 21.62 48.05
N ARG EG 955 -61.06 21.79 46.96
CA ARG EG 955 -59.73 22.36 47.09
C ARG EG 955 -59.80 23.84 47.43
N TYR EG 956 -60.82 24.56 46.93
CA TYR EG 956 -60.98 25.96 47.29
C TYR EG 956 -61.24 26.14 48.79
N GLY EG 957 -62.13 25.33 49.35
CA GLY EG 957 -62.44 25.43 50.76
C GLY EG 957 -61.29 25.00 51.65
N SER EG 958 -60.58 23.94 51.26
CA SER EG 958 -59.42 23.50 52.04
C SER EG 958 -58.31 24.55 52.03
N LEU EG 959 -58.04 25.14 50.87
CA LEU EG 959 -57.01 26.18 50.76
C LEU EG 959 -57.38 27.41 51.56
N PHE EG 960 -58.64 27.85 51.45
CA PHE EG 960 -59.06 29.05 52.16
C PHE EG 960 -59.14 28.82 53.67
N ALA EG 961 -59.47 27.60 54.10
CA ALA EG 961 -59.48 27.30 55.52
C ALA EG 961 -58.07 27.28 56.10
N SER EG 962 -57.11 26.68 55.37
CA SER EG 962 -55.72 26.68 55.83
C SER EG 962 -55.17 28.10 55.89
N SER EG 963 -55.53 28.93 54.90
CA SER EG 963 -55.17 30.34 54.93
C SER EG 963 -55.73 31.03 56.15
N PHE EG 964 -57.06 30.93 56.37
CA PHE EG 964 -57.73 31.60 57.48
C PHE EG 964 -57.17 31.18 58.84
N LEU EG 965 -56.74 29.91 58.94
CA LEU EG 965 -56.06 29.45 60.16
C LEU EG 965 -54.72 30.16 60.34
N GLN EG 966 -53.91 30.23 59.28
CA GLN EG 966 -52.62 30.93 59.34
C GLN EG 966 -52.79 32.39 59.73
N GLY EG 967 -53.76 33.05 59.11
CA GLY EG 967 -54.01 34.45 59.40
C GLY EG 967 -54.52 34.67 60.80
N PHE EG 968 -55.31 33.73 61.32
CA PHE EG 968 -55.85 33.87 62.67
C PHE EG 968 -54.74 33.78 63.69
N GLY EG 969 -53.86 32.82 63.51
CA GLY EG 969 -52.75 32.69 64.43
C GLY EG 969 -51.82 33.89 64.41
N ASN EG 970 -51.41 34.33 63.21
CA ASN EG 970 -50.44 35.43 63.18
C ASN EG 970 -51.06 36.76 63.62
N ALA EG 971 -52.26 37.09 63.15
CA ALA EG 971 -52.81 38.41 63.47
C ALA EG 971 -53.31 38.46 64.91
N PHE EG 972 -53.91 37.38 65.42
CA PHE EG 972 -54.33 37.42 66.81
C PHE EG 972 -53.17 37.19 67.77
N GLN EG 973 -52.02 36.73 67.30
CA GLN EG 973 -50.82 36.83 68.12
C GLN EG 973 -50.27 38.25 68.10
N SER EG 974 -50.35 38.92 66.95
CA SER EG 974 -49.82 40.27 66.83
C SER EG 974 -50.63 41.28 67.63
N ALA EG 975 -51.95 41.13 67.65
CA ALA EG 975 -52.83 42.10 68.29
C ALA EG 975 -53.00 41.85 69.79
N ASN EG 976 -52.11 41.08 70.40
CA ASN EG 976 -52.25 40.77 71.83
C ASN EG 976 -51.95 41.99 72.70
N THR EG 977 -50.96 42.80 72.33
CA THR EG 977 -50.60 43.95 73.14
C THR EG 977 -51.64 45.06 73.03
N THR EG 978 -52.06 45.37 71.81
CA THR EG 978 -52.98 46.49 71.60
C THR EG 978 -54.43 46.02 71.57
N SER EG 999 -56.06 32.96 78.00
CA SER EG 999 -55.60 31.58 78.03
C SER EG 999 -56.08 30.83 76.79
N THR EG 1000 -57.37 30.50 76.79
CA THR EG 1000 -57.97 29.73 75.71
C THR EG 1000 -57.97 30.52 74.40
N LEU EG 1001 -57.99 31.85 74.47
CA LEU EG 1001 -57.81 32.67 73.28
C LEU EG 1001 -56.42 32.47 72.69
N GLU EG 1002 -55.40 32.43 73.55
CA GLU EG 1002 -54.05 32.12 73.09
C GLU EG 1002 -53.96 30.71 72.54
N ASN EG 1003 -54.73 29.78 73.10
CA ASN EG 1003 -54.75 28.42 72.57
C ASN EG 1003 -55.41 28.36 71.19
N ALA EG 1004 -56.41 29.21 70.96
CA ALA EG 1004 -56.96 29.34 69.61
C ALA EG 1004 -55.93 29.89 68.63
N VAL EG 1005 -55.17 30.91 69.07
CA VAL EG 1005 -54.04 31.44 68.30
C VAL EG 1005 -53.06 30.33 67.98
N ILE EG 1006 -52.76 29.48 68.97
CA ILE EG 1006 -51.85 28.35 68.84
C ILE EG 1006 -52.32 27.39 67.75
N GLY EG 1007 -53.60 27.01 67.82
CA GLY EG 1007 -54.09 25.93 66.97
C GLY EG 1007 -54.15 26.37 65.53
N LEU EG 1008 -54.69 27.55 65.29
CA LEU EG 1008 -54.82 28.02 63.92
C LEU EG 1008 -53.45 28.41 63.36
N ALA EG 1009 -52.60 29.02 64.22
CA ALA EG 1009 -51.23 29.42 63.88
C ALA EG 1009 -50.39 28.27 63.38
N THR EG 1010 -50.60 27.09 63.92
CA THR EG 1010 -49.71 26.03 63.46
C THR EG 1010 -50.36 25.04 62.51
N VAL EG 1011 -51.66 24.81 62.57
CA VAL EG 1011 -52.25 23.90 61.60
C VAL EG 1011 -52.62 24.60 60.29
N GLY EG 1012 -52.49 25.92 60.20
CA GLY EG 1012 -52.68 26.56 58.91
C GLY EG 1012 -51.59 26.24 57.91
N LYS EG 1013 -50.33 26.18 58.37
CA LYS EG 1013 -49.20 26.30 57.45
C LYS EG 1013 -48.96 25.03 56.64
N ALA EG 1014 -48.91 23.87 57.31
CA ALA EG 1014 -48.71 22.61 56.61
C ALA EG 1014 -49.87 22.29 55.69
N TRP EG 1015 -51.10 22.58 56.15
CA TRP EG 1015 -52.27 22.41 55.31
C TRP EG 1015 -52.24 23.37 54.13
N SER EG 1016 -51.67 24.57 54.31
CA SER EG 1016 -51.57 25.53 53.22
C SER EG 1016 -50.61 25.05 52.13
N GLN EG 1017 -49.42 24.57 52.54
CA GLN EG 1017 -48.47 24.11 51.53
C GLN EG 1017 -48.93 22.82 50.88
N GLN EG 1018 -49.61 21.95 51.62
CA GLN EG 1018 -50.13 20.74 50.99
C GLN EG 1018 -51.33 21.03 50.10
N ALA EG 1019 -52.11 22.07 50.42
CA ALA EG 1019 -53.19 22.48 49.54
C ALA EG 1019 -52.66 23.10 48.26
N GLN EG 1020 -51.55 23.84 48.35
CA GLN EG 1020 -50.87 24.30 47.14
C GLN EG 1020 -50.28 23.14 46.36
N GLN EG 1021 -49.89 22.07 47.06
CA GLN EG 1021 -49.44 20.86 46.37
C GLN EG 1021 -50.58 20.19 45.60
N LEU EG 1022 -51.74 20.02 46.23
CA LEU EG 1022 -52.81 19.23 45.63
C LEU EG 1022 -53.85 20.08 44.91
N PHE EG 1023 -53.61 21.38 44.76
CA PHE EG 1023 -54.59 22.25 44.10
C PHE EG 1023 -54.65 21.99 42.60
N ASN EG 1024 -53.63 21.34 42.05
CA ASN EG 1024 -53.51 21.12 40.61
C ASN EG 1024 -54.40 19.98 40.11
N THR EG 1025 -55.14 19.31 40.97
CA THR EG 1025 -55.94 18.17 40.54
C THR EG 1025 -57.18 18.65 39.80
N PRO EG 1026 -57.39 18.23 38.56
CA PRO EG 1026 -58.53 18.72 37.77
C PRO EG 1026 -59.83 18.04 38.20
N THR EG 1027 -60.94 18.63 37.76
CA THR EG 1027 -62.26 18.05 37.94
C THR EG 1027 -62.54 17.14 36.75
N THR EG 1028 -62.94 15.91 37.03
CA THR EG 1028 -63.00 14.88 36.01
C THR EG 1028 -64.38 14.86 35.32
N VAL EG 1029 -64.45 14.09 34.23
CA VAL EG 1029 -65.69 13.80 33.53
C VAL EG 1029 -65.81 12.28 33.41
N GLU EG 1030 -67.05 11.82 33.22
CA GLU EG 1030 -67.32 10.39 33.15
C GLU EG 1030 -68.52 10.16 32.25
N VAL EG 1031 -68.38 9.24 31.29
CA VAL EG 1031 -69.50 8.93 30.41
C VAL EG 1031 -70.51 8.06 31.15
N TYR EG 1032 -71.70 7.96 30.57
CA TYR EG 1032 -72.78 7.19 31.17
C TYR EG 1032 -72.86 5.80 30.55
N SER EG 1033 -73.52 4.91 31.28
CA SER EG 1033 -73.65 3.51 30.86
C SER EG 1033 -74.99 3.21 30.21
N GLY EG 1034 -75.79 4.23 29.88
CA GLY EG 1034 -77.11 3.98 29.34
C GLY EG 1034 -77.56 4.90 28.24
N THR EG 1035 -76.63 5.39 27.43
CA THR EG 1035 -76.94 6.35 26.38
C THR EG 1035 -76.50 5.80 25.03
N GLY EG 1036 -77.32 6.04 24.00
CA GLY EG 1036 -76.90 5.82 22.63
C GLY EG 1036 -75.97 6.92 22.16
N LEU EG 1037 -75.50 6.77 20.93
CA LEU EG 1037 -74.55 7.71 20.37
C LEU EG 1037 -74.61 7.66 18.85
N GLY EG 1038 -74.08 8.73 18.23
CA GLY EG 1038 -73.92 8.78 16.80
C GLY EG 1038 -72.44 8.81 16.41
N ILE EG 1039 -72.12 8.06 15.36
CA ILE EG 1039 -70.74 7.89 14.91
C ILE EG 1039 -70.64 8.31 13.45
N LEU EG 1040 -69.78 9.27 13.17
CA LEU EG 1040 -69.41 9.58 11.80
C LEU EG 1040 -68.22 8.73 11.40
N PHE EG 1041 -68.12 8.41 10.12
CA PHE EG 1041 -67.02 7.60 9.62
C PHE EG 1041 -65.89 8.51 9.14
N THR EG 1042 -64.74 7.89 8.86
CA THR EG 1042 -63.57 8.62 8.40
C THR EG 1042 -63.03 8.10 7.07
N GLN EG 1043 -63.05 6.80 6.85
CA GLN EG 1043 -62.55 6.20 5.63
C GLN EG 1043 -63.47 5.08 5.18
N ASP EG 1044 -63.14 4.49 4.02
CA ASP EG 1044 -63.95 3.44 3.43
C ASP EG 1044 -63.46 2.06 3.89
N VAL EG 1045 -64.37 1.09 3.85
CA VAL EG 1045 -64.08 -0.30 4.17
C VAL EG 1045 -64.45 -1.15 2.97
N THR EG 1046 -64.21 -2.46 3.08
CA THR EG 1046 -64.57 -3.38 2.01
C THR EG 1046 -65.28 -4.61 2.57
N ILE FG 862 -62.91 -20.06 18.72
CA ILE FG 862 -63.18 -18.78 18.05
C ILE FG 862 -64.04 -17.90 18.95
N ILE FG 863 -63.51 -16.73 19.31
CA ILE FG 863 -64.18 -15.77 20.15
C ILE FG 863 -64.20 -14.42 19.42
N LYS FG 864 -65.38 -13.80 19.35
CA LYS FG 864 -65.54 -12.52 18.67
C LYS FG 864 -64.75 -11.42 19.36
N THR FG 865 -64.33 -10.43 18.59
CA THR FG 865 -63.45 -9.38 19.10
C THR FG 865 -64.24 -8.41 19.96
N GLY FG 866 -64.29 -8.68 21.26
CA GLY FG 866 -64.88 -7.72 22.17
C GLY FG 866 -66.23 -8.09 22.71
N ASP FG 867 -66.53 -9.37 22.76
CA ASP FG 867 -67.77 -9.85 23.36
C ASP FG 867 -67.61 -9.87 24.88
N ILE FG 868 -68.72 -10.11 25.58
CA ILE FG 868 -68.74 -10.04 27.04
C ILE FG 868 -69.13 -11.40 27.60
N MET FG 869 -68.30 -11.93 28.48
CA MET FG 869 -68.55 -13.16 29.21
C MET FG 869 -68.61 -12.83 30.69
N PHE FG 870 -68.84 -13.84 31.53
CA PHE FG 870 -68.99 -13.62 32.95
C PHE FG 870 -68.24 -14.68 33.74
N ALA FG 871 -67.64 -14.26 34.85
CA ALA FG 871 -66.82 -15.14 35.67
C ALA FG 871 -67.03 -14.77 37.13
N VAL FG 872 -66.43 -15.58 38.01
CA VAL FG 872 -66.57 -15.38 39.45
C VAL FG 872 -65.18 -15.25 40.04
N LEU FG 873 -64.94 -14.17 40.76
CA LEU FG 873 -63.70 -13.96 41.49
C LEU FG 873 -63.89 -14.38 42.94
N ASP FG 874 -62.97 -15.23 43.42
CA ASP FG 874 -63.12 -15.84 44.72
C ASP FG 874 -61.98 -15.46 45.66
N THR FG 875 -60.80 -15.21 45.11
CA THR FG 875 -59.65 -14.81 45.91
C THR FG 875 -59.64 -13.29 46.05
N SER FG 876 -59.44 -12.81 47.28
CA SER FG 876 -59.36 -11.39 47.56
C SER FG 876 -57.94 -10.97 47.87
N VAL FG 877 -57.61 -9.72 47.54
CA VAL FG 877 -56.30 -9.15 47.85
C VAL FG 877 -56.43 -7.63 47.86
N ASN FG 878 -55.55 -6.99 48.60
CA ASN FG 878 -55.41 -5.55 48.61
C ASN FG 878 -54.45 -5.13 47.49
N SER FG 879 -54.56 -3.87 47.08
CA SER FG 879 -53.63 -3.31 46.11
C SER FG 879 -52.36 -2.85 46.82
N ASP FG 880 -51.60 -3.78 47.36
CA ASP FG 880 -50.34 -3.51 48.05
C ASP FG 880 -49.17 -4.22 47.39
N GLU FG 881 -49.27 -5.52 47.14
CA GLU FG 881 -48.25 -6.28 46.44
C GLU FG 881 -48.92 -6.98 45.28
N PRO FG 882 -48.50 -6.72 44.03
CA PRO FG 882 -49.13 -7.39 42.89
C PRO FG 882 -48.77 -8.86 42.82
N GLY FG 883 -49.64 -9.63 42.17
CA GLY FG 883 -49.44 -11.05 42.05
C GLY FG 883 -50.50 -11.70 41.18
N PRO FG 884 -50.44 -13.03 41.08
CA PRO FG 884 -51.47 -13.76 40.31
C PRO FG 884 -52.80 -13.79 41.03
N ILE FG 885 -53.86 -13.47 40.30
CA ILE FG 885 -55.23 -13.54 40.79
C ILE FG 885 -56.06 -14.31 39.78
N LEU FG 886 -56.93 -15.19 40.27
CA LEU FG 886 -57.65 -16.15 39.44
C LEU FG 886 -59.15 -15.98 39.60
N ALA FG 887 -59.86 -16.10 38.48
CA ALA FG 887 -61.30 -16.19 38.42
C ALA FG 887 -61.70 -17.41 37.57
N THR FG 888 -62.96 -17.78 37.62
CA THR FG 888 -63.44 -18.97 36.94
C THR FG 888 -64.63 -18.63 36.08
N ILE FG 889 -64.54 -18.96 34.78
CA ILE FG 889 -65.65 -18.77 33.85
C ILE FG 889 -66.78 -19.70 34.24
N VAL FG 890 -67.98 -19.14 34.39
CA VAL FG 890 -69.10 -19.87 34.96
C VAL FG 890 -70.20 -20.18 33.94
N THR FG 891 -70.34 -19.38 32.89
CA THR FG 891 -71.42 -19.60 31.95
C THR FG 891 -70.92 -19.62 30.51
N GLY FG 892 -71.86 -19.62 29.55
CA GLY FG 892 -71.48 -19.54 28.15
C GLY FG 892 -70.92 -20.85 27.63
N LYS FG 893 -70.17 -20.73 26.53
CA LYS FG 893 -69.53 -21.89 25.92
C LYS FG 893 -68.45 -22.48 26.82
N LEU FG 894 -67.69 -21.62 27.48
CA LEU FG 894 -66.59 -22.08 28.32
C LEU FG 894 -67.12 -22.54 29.67
N LYS FG 895 -66.87 -23.79 30.00
CA LYS FG 895 -67.20 -24.34 31.31
C LYS FG 895 -65.94 -24.96 31.92
N GLY FG 896 -65.67 -24.62 33.17
CA GLY FG 896 -64.49 -25.11 33.84
C GLY FG 896 -63.23 -24.36 33.52
N SER FG 897 -63.31 -23.35 32.66
CA SER FG 897 -62.14 -22.57 32.31
C SER FG 897 -61.82 -21.58 33.43
N LYS FG 898 -60.55 -21.29 33.61
CA LYS FG 898 -60.13 -20.35 34.64
C LYS FG 898 -59.10 -19.38 34.07
N LEU FG 899 -58.83 -18.32 34.84
CA LEU FG 899 -58.10 -17.18 34.32
C LEU FG 899 -57.23 -16.61 35.43
N ILE FG 900 -55.94 -16.47 35.16
CA ILE FG 900 -54.97 -15.88 36.07
C ILE FG 900 -54.40 -14.63 35.43
N GLY FG 901 -54.19 -13.60 36.26
CA GLY FG 901 -53.61 -12.35 35.80
C GLY FG 901 -53.17 -11.50 36.98
N SER FG 902 -53.21 -10.18 36.84
CA SER FG 902 -52.74 -9.29 37.90
C SER FG 902 -53.55 -8.00 37.82
N PHE FG 903 -53.08 -6.97 38.51
CA PHE FG 903 -53.69 -5.65 38.44
C PHE FG 903 -52.64 -4.60 38.11
N ASN FG 904 -53.07 -3.35 38.11
CA ASN FG 904 -52.19 -2.21 37.97
C ASN FG 904 -52.56 -1.19 39.03
N LEU FG 905 -51.71 -0.19 39.19
CA LEU FG 905 -52.00 0.87 40.15
C LEU FG 905 -52.20 2.19 39.43
N PRO FG 906 -53.35 2.82 39.60
CA PRO FG 906 -53.59 4.14 38.99
C PRO FG 906 -52.99 5.27 39.82
N SER FG 907 -53.03 6.47 39.24
CA SER FG 907 -52.51 7.65 39.92
C SER FG 907 -53.40 8.06 41.09
N ASN FG 908 -54.72 8.08 40.90
CA ASN FG 908 -55.67 8.30 41.97
C ASN FG 908 -56.49 7.03 42.17
N ALA FG 909 -56.94 6.82 43.41
CA ALA FG 909 -57.57 5.57 43.79
C ALA FG 909 -59.08 5.58 43.57
N ASP FG 910 -59.57 6.37 42.61
CA ASP FG 910 -60.99 6.43 42.30
C ASP FG 910 -61.52 5.16 41.65
N LYS FG 911 -60.64 4.35 41.04
CA LYS FG 911 -61.07 3.12 40.39
C LYS FG 911 -59.88 2.18 40.30
N MET FG 912 -60.17 0.92 39.97
CA MET FG 912 -59.15 -0.10 39.81
C MET FG 912 -59.58 -1.04 38.70
N VAL FG 913 -58.66 -1.32 37.78
CA VAL FG 913 -58.90 -2.28 36.71
C VAL FG 913 -57.96 -3.45 36.91
N ILE FG 914 -58.34 -4.59 36.35
CA ILE FG 914 -57.66 -5.86 36.57
C ILE FG 914 -57.15 -6.38 35.23
N THR FG 915 -55.86 -6.68 35.16
CA THR FG 915 -55.25 -7.17 33.94
C THR FG 915 -55.26 -8.69 33.94
N PHE FG 916 -56.14 -9.27 33.13
CA PHE FG 916 -56.30 -10.72 33.06
C PHE FG 916 -55.84 -11.19 31.69
N ASN FG 917 -54.87 -12.11 31.68
CA ASN FG 917 -54.24 -12.48 30.43
C ASN FG 917 -54.08 -13.98 30.23
N THR FG 918 -54.07 -14.77 31.30
CA THR FG 918 -53.67 -16.17 31.19
C THR FG 918 -54.89 -17.08 31.39
N MET FG 919 -55.44 -17.59 30.29
CA MET FG 919 -56.66 -18.39 30.31
C MET FG 919 -56.31 -19.86 30.11
N SER FG 920 -56.88 -20.72 30.94
CA SER FG 920 -56.71 -22.17 30.81
C SER FG 920 -58.09 -22.82 30.68
N ILE FG 921 -58.25 -23.64 29.65
CA ILE FG 921 -59.50 -24.31 29.31
C ILE FG 921 -59.32 -25.79 29.61
N PRO FG 922 -60.29 -26.46 30.27
CA PRO FG 922 -60.13 -27.89 30.51
C PRO FG 922 -60.38 -28.73 29.27
N GLY FG 923 -60.32 -30.05 29.42
CA GLY FG 923 -60.37 -30.94 28.28
C GLY FG 923 -59.00 -31.33 27.80
N ALA FG 924 -58.21 -30.35 27.36
CA ALA FG 924 -56.86 -30.58 26.88
C ALA FG 924 -55.85 -29.79 27.70
N GLU FG 925 -54.58 -30.15 27.54
CA GLU FG 925 -53.48 -29.47 28.21
C GLU FG 925 -53.12 -28.21 27.41
N LYS FG 926 -53.96 -27.19 27.57
CA LYS FG 926 -53.82 -25.96 26.81
C LYS FG 926 -53.88 -24.76 27.76
N THR FG 927 -53.12 -23.73 27.41
CA THR FG 927 -53.10 -22.48 28.18
C THR FG 927 -52.97 -21.34 27.18
N ILE FG 928 -54.11 -20.77 26.79
CA ILE FG 928 -54.11 -19.67 25.83
C ILE FG 928 -53.80 -18.37 26.56
N SER FG 929 -53.49 -17.32 25.80
CA SER FG 929 -53.04 -16.07 26.39
C SER FG 929 -53.89 -14.90 25.93
N ILE FG 930 -55.20 -15.06 25.96
CA ILE FG 930 -56.13 -13.97 25.64
C ILE FG 930 -56.10 -12.97 26.79
N SER FG 931 -55.79 -11.72 26.47
CA SER FG 931 -55.75 -10.64 27.45
C SER FG 931 -57.07 -9.90 27.42
N ALA FG 932 -57.65 -9.67 28.60
CA ALA FG 932 -58.98 -9.09 28.68
C ALA FG 932 -59.10 -8.32 30.00
N TYR FG 933 -60.05 -7.39 30.05
CA TYR FG 933 -60.33 -6.57 31.21
C TYR FG 933 -61.75 -6.83 31.71
N ALA FG 934 -62.15 -6.09 32.74
CA ALA FG 934 -63.40 -6.33 33.42
C ALA FG 934 -64.16 -5.04 33.69
N ILE FG 935 -65.47 -5.15 33.87
CA ILE FG 935 -66.31 -4.09 34.40
C ILE FG 935 -67.08 -4.65 35.58
N ASP FG 936 -67.51 -3.77 36.47
CA ASP FG 936 -68.25 -4.21 37.64
C ASP FG 936 -69.67 -4.62 37.25
N PRO FG 937 -70.16 -5.76 37.71
CA PRO FG 937 -71.55 -6.13 37.45
C PRO FG 937 -72.52 -5.20 38.16
N ASN FG 938 -73.67 -4.98 37.52
CA ASN FG 938 -74.75 -4.09 37.90
C ASN FG 938 -74.32 -2.64 38.04
N THR FG 939 -73.20 -2.24 37.44
CA THR FG 939 -72.76 -0.85 37.41
C THR FG 939 -72.38 -0.48 35.99
N ALA FG 940 -71.94 -1.49 35.24
CA ALA FG 940 -71.44 -1.38 33.86
C ALA FG 940 -70.32 -0.34 33.75
N ARG FG 941 -69.47 -0.35 34.78
CA ARG FG 941 -68.39 0.62 34.90
C ARG FG 941 -67.13 -0.11 35.34
N THR FG 942 -66.00 0.57 35.15
CA THR FG 942 -64.69 -0.06 35.30
C THR FG 942 -64.12 0.07 36.71
N ALA FG 943 -64.88 0.59 37.65
CA ALA FG 943 -64.35 0.88 38.98
C ALA FG 943 -64.27 -0.37 39.84
N LEU FG 944 -63.72 -0.21 41.03
CA LEU FG 944 -63.67 -1.26 42.03
C LEU FG 944 -64.61 -0.93 43.17
N ALA FG 945 -65.37 -1.93 43.60
CA ALA FG 945 -66.32 -1.75 44.71
C ALA FG 945 -65.61 -2.03 46.02
N SER FG 946 -65.04 -0.97 46.59
CA SER FG 946 -64.36 -1.04 47.88
C SER FG 946 -64.35 0.35 48.50
N ARG FG 947 -63.53 0.51 49.52
CA ARG FG 947 -63.40 1.77 50.22
C ARG FG 947 -62.20 2.56 49.70
N THR FG 948 -62.36 3.89 49.68
CA THR FG 948 -61.31 4.76 49.17
C THR FG 948 -60.83 5.79 50.19
N ASN FG 949 -61.42 5.86 51.38
CA ASN FG 949 -61.06 6.83 52.40
C ASN FG 949 -60.13 6.23 53.46
N HIS FG 950 -59.21 5.35 53.03
CA HIS FG 950 -58.44 4.55 53.98
C HIS FG 950 -57.39 5.34 54.73
N HIS FG 951 -56.64 6.19 54.04
CA HIS FG 951 -55.41 6.72 54.60
C HIS FG 951 -55.35 8.23 54.45
N TYR FG 952 -56.42 8.92 54.82
CA TYR FG 952 -56.42 10.36 54.89
C TYR FG 952 -56.33 10.86 56.33
N LEU FG 953 -57.29 10.45 57.16
CA LEU FG 953 -57.55 11.19 58.39
C LEU FG 953 -56.54 10.85 59.48
N MET FG 954 -55.93 9.67 59.41
CA MET FG 954 -54.89 9.29 60.37
C MET FG 954 -53.68 10.21 60.25
N ARG FG 955 -53.14 10.35 59.04
CA ARG FG 955 -51.98 11.21 58.84
C ARG FG 955 -52.35 12.69 58.95
N TYR FG 956 -53.59 13.07 58.59
CA TYR FG 956 -54.02 14.45 58.77
C TYR FG 956 -54.08 14.81 60.24
N GLY FG 957 -54.66 13.94 61.06
CA GLY FG 957 -54.74 14.20 62.48
C GLY FG 957 -53.39 14.18 63.17
N SER FG 958 -52.49 13.28 62.73
CA SER FG 958 -51.14 13.24 63.28
C SER FG 958 -50.38 14.53 62.96
N LEU FG 959 -50.48 15.01 61.72
CA LEU FG 959 -49.84 16.25 61.31
C LEU FG 959 -50.40 17.44 62.08
N PHE FG 960 -51.73 17.50 62.21
CA PHE FG 960 -52.36 18.62 62.90
C PHE FG 960 -52.04 18.62 64.40
N ALA FG 961 -51.94 17.44 65.00
CA ALA FG 961 -51.56 17.35 66.41
C ALA FG 961 -50.11 17.78 66.62
N SER FG 962 -49.20 17.37 65.74
CA SER FG 962 -47.80 17.79 65.85
C SER FG 962 -47.68 19.31 65.68
N SER FG 963 -48.47 19.88 64.77
CA SER FG 963 -48.56 21.32 64.62
C SER FG 963 -49.03 21.99 65.90
N PHE FG 964 -50.16 21.54 66.46
CA PHE FG 964 -50.74 22.14 67.66
C PHE FG 964 -49.78 22.08 68.84
N LEU FG 965 -49.00 20.99 68.93
CA LEU FG 965 -47.95 20.89 69.94
C LEU FG 965 -46.88 21.96 69.74
N GLN FG 966 -46.40 22.11 68.49
CA GLN FG 966 -45.39 23.13 68.17
C GLN FG 966 -45.88 24.53 68.53
N GLY FG 967 -47.10 24.85 68.11
CA GLY FG 967 -47.66 26.16 68.36
C GLY FG 967 -47.90 26.43 69.82
N PHE FG 968 -48.29 25.41 70.57
CA PHE FG 968 -48.56 25.62 71.99
C PHE FG 968 -47.30 25.87 72.76
N GLY FG 969 -46.25 25.11 72.46
CA GLY FG 969 -44.98 25.34 73.11
C GLY FG 969 -44.40 26.71 72.82
N ASN FG 970 -44.36 27.09 71.54
CA ASN FG 970 -43.74 28.38 71.23
C ASN FG 970 -44.57 29.57 71.70
N ALA FG 971 -45.90 29.55 71.50
CA ALA FG 971 -46.68 30.73 71.85
C ALA FG 971 -46.88 30.84 73.36
N PHE FG 972 -47.09 29.72 74.06
CA PHE FG 972 -47.19 29.84 75.50
C PHE FG 972 -45.85 29.97 76.17
N GLN FG 973 -44.74 29.77 75.46
CA GLN FG 973 -43.46 30.25 75.94
C GLN FG 973 -43.34 31.75 75.76
N SER FG 974 -43.79 32.27 74.61
CA SER FG 974 -43.61 33.68 74.30
C SER FG 974 -44.55 34.58 75.11
N ALA FG 975 -45.67 34.04 75.59
CA ALA FG 975 -46.67 34.84 76.26
C ALA FG 975 -46.37 35.05 77.75
N ASN FG 976 -45.13 34.83 78.18
CA ASN FG 976 -44.79 34.99 79.60
C ASN FG 976 -44.70 36.45 80.02
N THR FG 977 -44.29 37.34 79.10
CA THR FG 977 -44.04 38.73 79.48
C THR FG 977 -45.33 39.49 79.74
N THR FG 978 -46.33 39.34 78.87
CA THR FG 978 -47.57 40.08 79.02
C THR FG 978 -48.71 39.19 79.49
N SER FG 999 -44.99 26.66 86.80
CA SER FG 999 -44.31 25.39 86.99
C SER FG 999 -44.86 24.34 86.04
N THR FG 1000 -46.05 23.83 86.35
CA THR FG 1000 -46.68 22.80 85.53
C THR FG 1000 -47.10 23.35 84.17
N LEU FG 1001 -47.49 24.62 84.11
CA LEU FG 1001 -47.76 25.28 82.83
C LEU FG 1001 -46.49 25.34 81.99
N GLU FG 1002 -45.35 25.62 82.64
CA GLU FG 1002 -44.07 25.63 81.96
C GLU FG 1002 -43.71 24.23 81.47
N ASN FG 1003 -44.06 23.19 82.24
CA ASN FG 1003 -43.83 21.82 81.81
C ASN FG 1003 -44.70 21.44 80.62
N ALA FG 1004 -45.92 21.98 80.58
CA ALA FG 1004 -46.76 21.82 79.40
C ALA FG 1004 -46.12 22.48 78.17
N VAL FG 1005 -45.61 23.70 78.34
CA VAL FG 1005 -44.88 24.41 77.29
C VAL FG 1005 -43.70 23.58 76.81
N ILE FG 1006 -43.00 22.94 77.75
CA ILE FG 1006 -41.87 22.06 77.47
C ILE FG 1006 -42.28 20.91 76.56
N GLY FG 1007 -43.34 20.19 76.94
CA GLY FG 1007 -43.69 18.98 76.24
C GLY FG 1007 -44.20 19.27 74.86
N LEU FG 1008 -45.07 20.29 74.75
CA LEU FG 1008 -45.63 20.70 73.48
C LEU FG 1008 -44.53 21.23 72.55
N ALA FG 1009 -43.65 22.10 73.08
CA ALA FG 1009 -42.59 22.74 72.32
C ALA FG 1009 -41.62 21.75 71.73
N THR FG 1010 -41.34 20.66 72.42
CA THR FG 1010 -40.31 19.81 71.86
C THR FG 1010 -40.85 18.57 71.16
N VAL FG 1011 -41.96 17.99 71.59
CA VAL FG 1011 -42.49 16.85 70.83
C VAL FG 1011 -43.28 17.30 69.61
N GLY FG 1012 -43.51 18.61 69.42
CA GLY FG 1012 -44.12 19.04 68.18
C GLY FG 1012 -43.24 18.86 66.96
N LYS FG 1013 -41.97 19.24 67.04
CA LYS FG 1013 -41.19 19.53 65.84
C LYS FG 1013 -40.75 18.25 65.11
N ALA FG 1014 -40.23 17.27 65.86
CA ALA FG 1014 -39.78 16.03 65.25
C ALA FG 1014 -40.95 15.25 64.67
N TRP FG 1015 -42.08 15.26 65.39
CA TRP FG 1015 -43.30 14.67 64.86
C TRP FG 1015 -43.81 15.42 63.65
N SER FG 1016 -43.58 16.73 63.59
CA SER FG 1016 -44.02 17.52 62.44
C SER FG 1016 -43.22 17.19 61.19
N GLN FG 1017 -41.89 17.08 61.32
CA GLN FG 1017 -41.11 16.70 60.15
C GLN FG 1017 -41.35 15.25 59.76
N GLN FG 1018 -41.61 14.37 60.74
CA GLN FG 1018 -41.94 12.99 60.39
C GLN FG 1018 -43.31 12.88 59.73
N ALA FG 1019 -44.25 13.75 60.10
CA ALA FG 1019 -45.53 13.81 59.41
C ALA FG 1019 -45.36 14.34 58.00
N GLN FG 1020 -44.43 15.27 57.80
CA GLN FG 1020 -44.07 15.68 56.45
C GLN FG 1020 -43.44 14.52 55.67
N GLN FG 1021 -42.70 13.66 56.37
CA GLN FG 1021 -42.08 12.50 55.73
C GLN FG 1021 -43.12 11.48 55.29
N LEU FG 1022 -44.05 11.12 56.16
CA LEU FG 1022 -45.00 10.05 55.88
C LEU FG 1022 -46.35 10.56 55.42
N PHE FG 1023 -46.46 11.85 55.09
CA PHE FG 1023 -47.72 12.42 54.62
C PHE FG 1023 -48.15 11.85 53.28
N ASN FG 1024 -47.20 11.37 52.49
CA ASN FG 1024 -47.42 10.92 51.12
C ASN FG 1024 -47.92 9.49 51.02
N THR FG 1025 -48.45 8.90 52.10
CA THR FG 1025 -48.88 7.51 52.04
C THR FG 1025 -50.18 7.41 51.25
N PRO FG 1026 -50.22 6.64 50.16
CA PRO FG 1026 -51.39 6.59 49.29
C PRO FG 1026 -52.50 5.74 49.91
N THR FG 1027 -53.69 5.91 49.37
CA THR FG 1027 -54.85 5.11 49.76
C THR FG 1027 -55.00 3.95 48.79
N THR FG 1028 -54.93 2.73 49.31
CA THR FG 1028 -55.03 1.56 48.47
C THR FG 1028 -56.47 1.08 48.38
N VAL FG 1029 -56.71 0.20 47.40
CA VAL FG 1029 -58.01 -0.44 47.22
C VAL FG 1029 -57.83 -1.94 47.44
N GLU FG 1030 -58.95 -2.64 47.52
CA GLU FG 1030 -58.93 -4.07 47.85
C GLU FG 1030 -60.15 -4.76 47.26
N VAL FG 1031 -59.91 -5.76 46.42
CA VAL FG 1031 -61.01 -6.57 45.91
C VAL FG 1031 -61.51 -7.50 47.01
N TYR FG 1032 -62.72 -8.00 46.85
CA TYR FG 1032 -63.32 -8.84 47.87
C TYR FG 1032 -63.48 -10.27 47.37
N SER FG 1033 -63.62 -11.18 48.32
CA SER FG 1033 -63.56 -12.60 48.04
C SER FG 1033 -64.87 -13.19 47.55
N GLY FG 1034 -65.95 -12.41 47.50
CA GLY FG 1034 -67.23 -12.94 47.12
C GLY FG 1034 -67.91 -12.17 46.02
N THR FG 1035 -67.12 -11.64 45.08
CA THR FG 1035 -67.65 -10.77 44.03
C THR FG 1035 -67.52 -11.46 42.68
N GLY FG 1036 -68.65 -11.59 41.99
CA GLY FG 1036 -68.64 -11.99 40.59
C GLY FG 1036 -68.32 -10.80 39.71
N LEU FG 1037 -68.12 -11.07 38.44
CA LEU FG 1037 -67.68 -10.04 37.51
C LEU FG 1037 -68.02 -10.42 36.09
N GLY FG 1038 -67.99 -9.41 35.21
CA GLY FG 1038 -68.09 -9.61 33.79
C GLY FG 1038 -66.79 -9.19 33.12
N ILE FG 1039 -66.49 -9.87 32.01
CA ILE FG 1039 -65.23 -9.71 31.30
C ILE FG 1039 -65.51 -9.34 29.86
N LEU FG 1040 -65.04 -8.17 29.43
CA LEU FG 1040 -65.07 -7.81 28.02
C LEU FG 1040 -63.78 -8.29 27.36
N PHE FG 1041 -63.87 -8.67 26.10
CA PHE FG 1041 -62.73 -9.20 25.38
C PHE FG 1041 -62.01 -8.11 24.60
N THR FG 1042 -60.78 -8.41 24.21
CA THR FG 1042 -59.94 -7.49 23.43
C THR FG 1042 -59.56 -8.07 22.08
N GLN FG 1043 -59.10 -9.32 22.05
CA GLN FG 1043 -58.65 -9.96 20.83
C GLN FG 1043 -59.37 -11.30 20.66
N ASP FG 1044 -59.12 -11.95 19.52
CA ASP FG 1044 -59.72 -13.23 19.21
C ASP FG 1044 -58.75 -14.36 19.54
N VAL FG 1045 -59.29 -15.56 19.72
CA VAL FG 1045 -58.53 -16.78 19.95
C VAL FG 1045 -59.16 -17.90 19.12
N THR FG 1046 -58.64 -19.11 19.29
CA THR FG 1046 -59.18 -20.27 18.61
C THR FG 1046 -59.09 -21.52 19.46
N ILE GG 862 -49.02 -34.17 34.33
CA ILE GG 862 -49.72 -33.06 33.69
C ILE GG 862 -50.58 -32.31 34.70
N ILE GG 863 -50.27 -31.04 34.91
CA ILE GG 863 -50.99 -30.18 35.82
C ILE GG 863 -51.53 -28.99 35.04
N LYS GG 864 -52.84 -28.77 35.14
CA LYS GG 864 -53.47 -27.64 34.48
C LYS GG 864 -53.02 -26.33 35.09
N THR GG 865 -53.06 -25.26 34.29
CA THR GG 865 -52.52 -23.96 34.69
C THR GG 865 -53.42 -23.30 35.72
N GLY GG 866 -52.85 -23.00 36.89
CA GLY GG 866 -53.50 -22.14 37.86
C GLY GG 866 -54.41 -22.80 38.87
N ASP GG 867 -54.33 -24.12 39.00
CA ASP GG 867 -55.16 -24.85 39.95
C ASP GG 867 -54.61 -24.65 41.37
N ILE GG 868 -55.41 -25.02 42.37
CA ILE GG 868 -55.12 -24.75 43.77
C ILE GG 868 -55.03 -26.08 44.51
N MET GG 869 -53.93 -26.26 45.24
CA MET GG 869 -53.64 -27.43 46.05
C MET GG 869 -53.42 -27.00 47.49
N PHE GG 870 -53.14 -27.96 48.36
CA PHE GG 870 -52.95 -27.70 49.78
C PHE GG 870 -51.55 -28.10 50.20
N ALA GG 871 -51.04 -27.42 51.22
CA ALA GG 871 -49.78 -27.78 51.84
C ALA GG 871 -49.79 -27.33 53.28
N VAL GG 872 -48.85 -27.84 54.07
CA VAL GG 872 -48.70 -27.46 55.46
C VAL GG 872 -47.29 -26.94 55.66
N LEU GG 873 -47.18 -25.75 56.24
CA LEU GG 873 -45.88 -25.17 56.53
C LEU GG 873 -45.50 -25.50 57.97
N ASP GG 874 -44.28 -25.98 58.15
CA ASP GG 874 -43.80 -26.45 59.44
C ASP GG 874 -42.66 -25.57 59.93
N THR GG 875 -41.96 -24.92 59.01
CA THR GG 875 -40.78 -24.13 59.34
C THR GG 875 -41.16 -22.66 59.50
N SER GG 876 -40.82 -22.08 60.65
CA SER GG 876 -41.11 -20.68 60.93
C SER GG 876 -39.89 -19.81 60.67
N VAL GG 877 -40.14 -18.59 60.19
CA VAL GG 877 -39.08 -17.66 59.83
C VAL GG 877 -39.60 -16.23 59.99
N ASN GG 878 -38.72 -15.33 60.41
CA ASN GG 878 -39.02 -13.91 60.53
C ASN GG 878 -38.60 -13.19 59.26
N SER GG 879 -39.16 -12.00 59.07
CA SER GG 879 -38.79 -11.16 57.94
C SER GG 879 -37.56 -10.32 58.28
N ASP GG 880 -36.46 -10.97 58.59
CA ASP GG 880 -35.19 -10.32 58.84
C ASP GG 880 -34.08 -10.80 57.93
N GLU GG 881 -33.99 -12.11 57.70
CA GLU GG 881 -33.03 -12.66 56.74
C GLU GG 881 -33.78 -13.61 55.82
N PRO GG 882 -33.72 -13.43 54.50
CA PRO GG 882 -34.34 -14.39 53.59
C PRO GG 882 -33.61 -15.72 53.61
N GLY GG 883 -34.35 -16.78 53.33
CA GLY GG 883 -33.79 -18.11 53.36
C GLY GG 883 -34.69 -19.17 52.77
N PRO GG 884 -34.19 -20.40 52.75
CA PRO GG 884 -35.01 -21.51 52.25
C PRO GG 884 -36.11 -21.90 53.23
N ILE GG 885 -37.32 -22.10 52.72
CA ILE GG 885 -38.45 -22.56 53.52
C ILE GG 885 -39.08 -23.74 52.80
N LEU GG 886 -39.46 -24.77 53.55
CA LEU GG 886 -39.99 -26.01 53.00
C LEU GG 886 -41.38 -26.27 53.56
N ALA GG 887 -42.27 -26.73 52.68
CA ALA GG 887 -43.60 -27.20 53.04
C ALA GG 887 -43.84 -28.57 52.41
N THR GG 888 -44.83 -29.28 52.92
CA THR GG 888 -45.11 -30.66 52.52
C THR GG 888 -46.51 -30.74 51.96
N ILE GG 889 -46.65 -31.29 50.75
CA ILE GG 889 -47.97 -31.49 50.18
C ILE GG 889 -48.64 -32.68 50.87
N VAL GG 890 -49.86 -32.45 51.36
CA VAL GG 890 -50.50 -33.41 52.24
C VAL GG 890 -51.69 -34.13 51.57
N THR GG 891 -52.15 -33.65 50.41
CA THR GG 891 -53.24 -34.32 49.71
C THR GG 891 -53.10 -34.14 48.20
N GLY GG 892 -54.19 -34.36 47.46
CA GLY GG 892 -54.19 -34.09 46.04
C GLY GG 892 -53.61 -35.21 45.20
N LYS GG 893 -53.26 -34.86 43.96
CA LYS GG 893 -52.65 -35.84 43.06
C LYS GG 893 -51.26 -36.24 43.52
N LEU GG 894 -50.43 -35.28 43.90
CA LEU GG 894 -49.08 -35.58 44.34
C LEU GG 894 -49.05 -35.72 45.86
N LYS GG 895 -48.53 -36.85 46.32
CA LYS GG 895 -48.42 -37.15 47.74
C LYS GG 895 -46.96 -37.45 48.06
N GLY GG 896 -46.50 -36.99 49.21
CA GLY GG 896 -45.11 -37.16 49.56
C GLY GG 896 -44.18 -36.15 48.94
N SER GG 897 -44.73 -35.16 48.25
CA SER GG 897 -43.89 -34.14 47.60
C SER GG 897 -43.62 -32.98 48.56
N LYS GG 898 -42.49 -32.31 48.36
CA LYS GG 898 -42.08 -31.21 49.20
C LYS GG 898 -41.67 -30.03 48.35
N LEU GG 899 -41.59 -28.86 48.97
CA LEU GG 899 -41.46 -27.61 48.21
C LEU GG 899 -40.64 -26.61 49.00
N ILE GG 900 -39.52 -26.18 48.43
CA ILE GG 900 -38.65 -25.18 49.03
C ILE GG 900 -38.71 -23.90 48.20
N GLY GG 901 -38.61 -22.78 48.89
CA GLY GG 901 -38.55 -21.47 48.26
C GLY GG 901 -38.18 -20.39 49.26
N SER GG 902 -38.69 -19.19 49.07
CA SER GG 902 -38.39 -18.07 49.96
C SER GG 902 -39.58 -17.12 49.93
N PHE GG 903 -39.39 -15.91 50.46
CA PHE GG 903 -40.42 -14.89 50.47
C PHE GG 903 -39.94 -13.68 49.69
N ASN GG 904 -40.73 -12.61 49.78
CA ASN GG 904 -40.34 -11.30 49.30
C ASN GG 904 -40.60 -10.29 50.42
N LEU GG 905 -39.78 -9.25 50.45
CA LEU GG 905 -39.99 -8.23 51.47
C LEU GG 905 -40.86 -7.13 50.91
N PRO GG 906 -42.02 -6.89 51.49
CA PRO GG 906 -42.96 -5.92 50.93
C PRO GG 906 -42.61 -4.49 51.33
N SER GG 907 -43.15 -3.56 50.54
CA SER GG 907 -43.08 -2.14 50.91
C SER GG 907 -43.90 -1.85 52.15
N ASN GG 908 -45.07 -2.47 52.27
CA ASN GG 908 -45.92 -2.35 53.45
C ASN GG 908 -46.24 -3.74 53.97
N ALA GG 909 -46.17 -3.89 55.29
CA ALA GG 909 -46.21 -5.20 55.94
C ALA GG 909 -47.62 -5.62 56.36
N ASP GG 910 -48.64 -5.19 55.62
CA ASP GG 910 -50.01 -5.63 55.86
C ASP GG 910 -50.26 -7.05 55.35
N LYS GG 911 -49.31 -7.63 54.63
CA LYS GG 911 -49.43 -8.97 54.10
C LYS GG 911 -48.04 -9.52 53.87
N MET GG 912 -47.98 -10.80 53.51
CA MET GG 912 -46.73 -11.46 53.15
C MET GG 912 -47.04 -12.65 52.26
N VAL GG 913 -46.34 -12.75 51.14
CA VAL GG 913 -46.53 -13.86 50.21
C VAL GG 913 -45.21 -14.61 50.08
N ILE GG 914 -45.31 -15.85 49.61
CA ILE GG 914 -44.19 -16.78 49.61
C ILE GG 914 -43.89 -17.19 48.17
N THR GG 915 -42.64 -17.01 47.76
CA THR GG 915 -42.19 -17.45 46.45
C THR GG 915 -41.73 -18.90 46.56
N PHE GG 916 -42.51 -19.82 46.00
CA PHE GG 916 -42.24 -21.24 46.07
C PHE GG 916 -41.98 -21.75 44.67
N ASN GG 917 -40.77 -22.20 44.42
CA ASN GG 917 -40.44 -22.61 43.06
C ASN GG 917 -39.73 -23.95 42.99
N THR GG 918 -39.07 -24.38 44.07
CA THR GG 918 -38.26 -25.59 44.00
C THR GG 918 -39.11 -26.76 44.49
N MET GG 919 -39.65 -27.53 43.54
CA MET GG 919 -40.54 -28.64 43.83
C MET GG 919 -39.73 -29.94 43.78
N SER GG 920 -39.91 -30.79 44.78
CA SER GG 920 -39.28 -32.10 44.84
C SER GG 920 -40.37 -33.17 44.92
N ILE GG 921 -40.29 -34.14 44.02
CA ILE GG 921 -41.29 -35.19 43.87
C ILE GG 921 -40.64 -36.52 44.24
N PRO GG 922 -41.28 -37.36 45.07
CA PRO GG 922 -40.71 -38.68 45.37
C PRO GG 922 -40.93 -39.67 44.23
N GLY GG 923 -40.48 -40.90 44.43
CA GLY GG 923 -40.62 -41.91 43.40
C GLY GG 923 -39.42 -41.99 42.48
N ALA GG 924 -39.11 -40.89 41.82
CA ALA GG 924 -37.96 -40.78 40.93
C ALA GG 924 -37.11 -39.57 41.28
N GLU GG 925 -35.85 -39.61 40.85
CA GLU GG 925 -34.89 -38.55 41.17
C GLU GG 925 -34.92 -37.47 40.09
N LYS GG 926 -35.61 -36.38 40.42
CA LYS GG 926 -35.63 -35.17 39.60
C LYS GG 926 -36.00 -33.99 40.49
N THR GG 927 -35.79 -32.78 39.96
CA THR GG 927 -36.19 -31.56 40.67
C THR GG 927 -36.65 -30.55 39.61
N ILE GG 928 -37.96 -30.44 39.44
CA ILE GG 928 -38.53 -29.45 38.51
C ILE GG 928 -38.62 -28.12 39.22
N SER GG 929 -38.88 -27.05 38.46
CA SER GG 929 -38.84 -25.71 39.03
C SER GG 929 -40.11 -24.94 38.71
N ILE GG 930 -41.26 -25.57 38.91
CA ILE GG 930 -42.56 -24.90 38.77
C ILE GG 930 -42.70 -23.90 39.90
N SER GG 931 -43.01 -22.65 39.56
CA SER GG 931 -43.17 -21.58 40.52
C SER GG 931 -44.61 -21.56 41.01
N ALA GG 932 -44.79 -21.32 42.31
CA ALA GG 932 -46.12 -21.25 42.88
C ALA GG 932 -46.08 -20.27 44.05
N TYR GG 933 -47.23 -19.67 44.36
CA TYR GG 933 -47.36 -18.76 45.49
C TYR GG 933 -48.33 -19.34 46.52
N ALA GG 934 -48.59 -18.58 47.57
CA ALA GG 934 -49.36 -19.06 48.71
C ALA GG 934 -50.55 -18.16 49.00
N ILE GG 935 -51.61 -18.76 49.54
CA ILE GG 935 -52.81 -18.05 49.95
C ILE GG 935 -53.29 -18.59 51.28
N ASP GG 936 -54.07 -17.78 52.01
CA ASP GG 936 -54.62 -18.18 53.30
C ASP GG 936 -55.78 -19.15 53.08
N PRO GG 937 -55.71 -20.37 53.60
CA PRO GG 937 -56.76 -21.36 53.33
C PRO GG 937 -58.06 -21.02 54.03
N ASN GG 938 -59.15 -21.18 53.27
CA ASN GG 938 -60.53 -20.82 53.62
C ASN GG 938 -60.68 -19.34 53.99
N THR GG 939 -59.79 -18.47 53.52
CA THR GG 939 -59.86 -17.03 53.74
C THR GG 939 -59.70 -16.34 52.40
N ALA GG 940 -59.08 -17.06 51.46
CA ALA GG 940 -58.91 -16.65 50.05
C ALA GG 940 -58.16 -15.33 49.93
N ARG GG 941 -57.14 -15.18 50.76
CA ARG GG 941 -56.31 -13.97 50.76
C ARG GG 941 -54.86 -14.37 50.89
N THR GG 942 -53.98 -13.40 50.66
CA THR GG 942 -52.55 -13.63 50.62
C THR GG 942 -51.81 -13.03 51.82
N ALA GG 943 -52.52 -12.73 52.91
CA ALA GG 943 -51.91 -12.03 54.02
C ALA GG 943 -51.09 -12.97 54.90
N LEU GG 944 -50.51 -12.40 55.94
CA LEU GG 944 -49.79 -13.17 56.96
C LEU GG 944 -50.53 -13.05 58.29
N ALA GG 945 -50.69 -14.18 58.97
CA ALA GG 945 -51.34 -14.23 60.27
C ALA GG 945 -50.26 -14.16 61.35
N SER GG 946 -49.92 -12.93 61.73
CA SER GG 946 -48.93 -12.67 62.77
C SER GG 946 -49.18 -11.28 63.34
N ARG GG 947 -48.19 -10.79 64.07
CA ARG GG 947 -48.26 -9.46 64.68
C ARG GG 947 -47.51 -8.45 63.82
N THR GG 948 -48.13 -7.29 63.63
CA THR GG 948 -47.57 -6.26 62.76
C THR GG 948 -47.40 -4.90 63.44
N ASN GG 949 -47.67 -4.79 64.74
CA ASN GG 949 -47.49 -3.54 65.47
C ASN GG 949 -46.16 -3.52 66.21
N HIS GG 950 -45.11 -4.07 65.57
CA HIS GG 950 -43.87 -4.41 66.24
C HIS GG 950 -43.08 -3.19 66.69
N HIS GG 951 -42.89 -2.21 65.81
CA HIS GG 951 -41.90 -1.16 66.04
C HIS GG 951 -42.49 0.21 65.75
N TYR GG 952 -43.66 0.49 66.33
CA TYR GG 952 -44.22 1.83 66.33
C TYR GG 952 -44.01 2.54 67.66
N LEU GG 953 -44.51 1.94 68.74
CA LEU GG 953 -44.60 2.62 70.02
C LEU GG 953 -43.23 2.83 70.65
N MET GG 954 -42.29 1.91 70.38
CA MET GG 954 -40.94 2.02 70.90
C MET GG 954 -40.23 3.26 70.38
N ARG GG 955 -40.23 3.44 69.06
CA ARG GG 955 -39.55 4.60 68.48
C ARG GG 955 -40.31 5.89 68.75
N TYR GG 956 -41.66 5.83 68.81
CA TYR GG 956 -42.44 7.02 69.15
C TYR GG 956 -42.13 7.50 70.56
N GLY GG 957 -42.12 6.58 71.53
CA GLY GG 957 -41.85 6.96 72.91
C GLY GG 957 -40.42 7.42 73.13
N SER GG 958 -39.46 6.79 72.43
CA SER GG 958 -38.07 7.21 72.56
C SER GG 958 -37.86 8.62 72.01
N LEU GG 959 -38.42 8.91 70.83
CA LEU GG 959 -38.28 10.24 70.24
C LEU GG 959 -38.98 11.30 71.10
N PHE GG 960 -40.18 11.00 71.59
CA PHE GG 960 -40.92 11.97 72.38
C PHE GG 960 -40.25 12.21 73.74
N ALA GG 961 -39.64 11.18 74.32
CA ALA GG 961 -38.95 11.36 75.60
C ALA GG 961 -37.67 12.17 75.44
N SER GG 962 -36.91 11.92 74.37
CA SER GG 962 -35.72 12.73 74.09
C SER GG 962 -36.09 14.18 73.84
N SER GG 963 -37.19 14.40 73.11
CA SER GG 963 -37.73 15.73 72.92
C SER GG 963 -38.05 16.40 74.25
N PHE GG 964 -38.84 15.73 75.10
CA PHE GG 964 -39.28 16.29 76.38
C PHE GG 964 -38.10 16.62 77.28
N LEU GG 965 -37.03 15.83 77.19
CA LEU GG 965 -35.78 16.16 77.89
C LEU GG 965 -35.18 17.47 77.40
N GLN GG 966 -35.05 17.60 76.07
CA GLN GG 966 -34.50 18.83 75.49
C GLN GG 966 -35.32 20.05 75.89
N GLY GG 967 -36.64 19.92 75.80
CA GLY GG 967 -37.52 21.03 76.13
C GLY GG 967 -37.48 21.40 77.58
N PHE GG 968 -37.35 20.39 78.47
CA PHE GG 968 -37.33 20.67 79.90
C PHE GG 968 -36.11 21.45 80.27
N GLY GG 969 -34.97 21.04 79.73
CA GLY GG 969 -33.75 21.76 80.01
C GLY GG 969 -33.75 23.18 79.48
N ASN GG 970 -34.16 23.37 78.21
CA ASN GG 970 -34.07 24.71 77.65
C ASN GG 970 -35.10 25.66 78.25
N ALA GG 971 -36.36 25.24 78.40
CA ALA GG 971 -37.37 26.17 78.88
C ALA GG 971 -37.25 26.41 80.38
N PHE GG 972 -36.92 25.38 81.16
CA PHE GG 972 -36.72 25.66 82.58
C PHE GG 972 -35.38 26.30 82.87
N GLN GG 973 -34.46 26.34 81.90
CA GLN GG 973 -33.33 27.26 81.99
C GLN GG 973 -33.76 28.69 81.69
N SER GG 974 -34.58 28.86 80.64
CA SER GG 974 -34.98 30.20 80.21
C SER GG 974 -35.90 30.87 81.22
N ALA GG 975 -36.58 30.08 82.04
CA ALA GG 975 -37.47 30.62 83.06
C ALA GG 975 -36.74 31.08 84.32
N ASN GG 976 -35.40 31.17 84.27
CA ASN GG 976 -34.66 31.64 85.43
C ASN GG 976 -34.77 33.15 85.61
N THR GG 977 -35.15 33.88 84.56
CA THR GG 977 -35.27 35.33 84.68
C THR GG 977 -36.52 35.71 85.47
N THR GG 978 -37.62 35.02 85.24
CA THR GG 978 -38.90 35.40 85.85
C THR GG 978 -39.42 34.31 86.77
N SER GG 999 -31.38 24.13 94.06
CA SER GG 999 -30.41 23.85 93.00
C SER GG 999 -30.81 22.59 92.25
N THR GG 1000 -31.70 21.81 92.86
CA THR GG 1000 -32.14 20.54 92.27
C THR GG 1000 -32.94 20.77 90.99
N LEU GG 1001 -33.71 21.86 90.92
CA LEU GG 1001 -34.38 22.22 89.68
C LEU GG 1001 -33.36 22.54 88.59
N GLU GG 1002 -32.28 23.23 88.96
CA GLU GG 1002 -31.23 23.53 88.01
C GLU GG 1002 -30.51 22.27 87.56
N ASN GG 1003 -30.38 21.28 88.45
CA ASN GG 1003 -29.75 20.01 88.06
C ASN GG 1003 -30.67 19.21 87.14
N ALA GG 1004 -31.99 19.32 87.34
CA ALA GG 1004 -32.93 18.72 86.39
C ALA GG 1004 -32.82 19.36 85.02
N VAL GG 1005 -32.69 20.70 84.99
CA VAL GG 1005 -32.41 21.45 83.77
C VAL GG 1005 -31.14 20.91 83.10
N ILE GG 1006 -30.11 20.69 83.90
CA ILE GG 1006 -28.81 20.19 83.45
C ILE GG 1006 -28.96 18.86 82.75
N GLY GG 1007 -29.61 17.91 83.42
CA GLY GG 1007 -29.62 16.54 82.95
C GLY GG 1007 -30.45 16.40 81.71
N LEU GG 1008 -31.65 16.99 81.72
CA LEU GG 1008 -32.54 16.84 80.59
C LEU GG 1008 -32.06 17.68 79.40
N ALA GG 1009 -31.53 18.88 79.69
CA ALA GG 1009 -30.95 19.79 78.70
C ALA GG 1009 -29.84 19.15 77.91
N THR GG 1010 -29.03 18.32 78.54
CA THR GG 1010 -27.94 17.79 77.75
C THR GG 1010 -28.15 16.37 77.25
N VAL GG 1011 -28.91 15.53 77.94
CA VAL GG 1011 -29.11 14.18 77.42
C VAL GG 1011 -30.26 14.11 76.43
N GLY GG 1012 -31.06 15.16 76.27
CA GLY GG 1012 -32.10 15.12 75.27
C GLY GG 1012 -31.58 15.12 73.84
N LYS GG 1013 -30.52 15.89 73.60
CA LYS GG 1013 -30.10 16.20 72.23
C LYS GG 1013 -29.52 14.98 71.52
N ALA GG 1014 -28.59 14.28 72.19
CA ALA GG 1014 -27.95 13.11 71.61
C ALA GG 1014 -28.96 11.99 71.40
N TRP GG 1015 -29.86 11.79 72.37
CA TRP GG 1015 -30.90 10.79 72.20
C TRP GG 1015 -31.87 11.19 71.10
N SER GG 1016 -32.09 12.49 70.90
CA SER GG 1016 -32.98 12.95 69.84
C SER GG 1016 -32.39 12.67 68.46
N GLN GG 1017 -31.12 13.00 68.27
CA GLN GG 1017 -30.51 12.73 66.96
C GLN GG 1017 -30.32 11.24 66.71
N GLN GG 1018 -30.03 10.47 67.76
CA GLN GG 1018 -29.94 9.02 67.58
C GLN GG 1018 -31.30 8.40 67.31
N ALA GG 1019 -32.36 8.95 67.91
CA ALA GG 1019 -33.71 8.44 67.65
C ALA GG 1019 -34.16 8.76 66.23
N GLN GG 1020 -33.81 9.94 65.73
CA GLN GG 1020 -34.11 10.23 64.32
C GLN GG 1020 -33.24 9.40 63.40
N GLN GG 1021 -32.06 8.98 63.87
CA GLN GG 1021 -31.23 8.07 63.09
C GLN GG 1021 -31.86 6.68 63.00
N LEU GG 1022 -32.28 6.11 64.12
CA LEU GG 1022 -32.80 4.74 64.14
C LEU GG 1022 -34.30 4.70 63.97
N PHE GG 1023 -34.94 5.82 63.63
CA PHE GG 1023 -36.38 5.85 63.45
C PHE GG 1023 -36.83 5.14 62.17
N ASN GG 1024 -35.88 4.83 61.27
CA ASN GG 1024 -36.17 4.29 59.96
C ASN GG 1024 -36.34 2.77 59.94
N THR GG 1025 -36.16 2.09 61.06
CA THR GG 1025 -36.26 0.62 61.05
C THR GG 1025 -37.72 0.20 60.97
N PRO GG 1026 -38.10 -0.62 60.00
CA PRO GG 1026 -39.50 -0.97 59.81
C PRO GG 1026 -39.97 -1.99 60.85
N THR GG 1027 -41.28 -2.25 60.83
CA THR GG 1027 -41.90 -3.24 61.71
C THR GG 1027 -41.91 -4.58 60.99
N THR GG 1028 -41.49 -5.63 61.69
CA THR GG 1028 -41.29 -6.92 61.06
C THR GG 1028 -42.57 -7.75 61.09
N VAL GG 1029 -42.60 -8.78 60.24
CA VAL GG 1029 -43.59 -9.84 60.29
C VAL GG 1029 -42.86 -11.15 60.47
N GLU GG 1030 -43.56 -12.13 61.03
CA GLU GG 1030 -42.90 -13.39 61.37
C GLU GG 1030 -43.91 -14.53 61.29
N VAL GG 1031 -43.71 -15.42 60.31
CA VAL GG 1031 -44.60 -16.56 60.16
C VAL GG 1031 -44.36 -17.56 61.29
N TYR GG 1032 -45.31 -18.46 61.48
CA TYR GG 1032 -45.25 -19.40 62.58
C TYR GG 1032 -45.09 -20.82 62.08
N SER GG 1033 -44.70 -21.71 62.98
CA SER GG 1033 -44.27 -23.06 62.63
C SER GG 1033 -45.43 -24.03 62.49
N GLY GG 1034 -46.67 -23.59 62.62
CA GLY GG 1034 -47.79 -24.50 62.59
C GLY GG 1034 -48.93 -24.06 61.72
N THR GG 1035 -48.64 -23.39 60.61
CA THR GG 1035 -49.66 -22.80 59.75
C THR GG 1035 -49.77 -23.61 58.47
N GLY GG 1036 -50.99 -23.94 58.08
CA GLY GG 1036 -51.25 -24.51 56.77
C GLY GG 1036 -51.40 -23.43 55.72
N LEU GG 1037 -51.51 -23.87 54.47
CA LEU GG 1037 -51.55 -22.93 53.35
C LEU GG 1037 -52.18 -23.58 52.13
N GLY GG 1038 -52.71 -22.72 51.26
CA GLY GG 1038 -53.14 -23.12 49.94
C GLY GG 1038 -52.16 -22.59 48.90
N ILE GG 1039 -52.07 -23.30 47.79
CA ILE GG 1039 -51.06 -23.04 46.77
C ILE GG 1039 -51.76 -22.93 45.42
N LEU GG 1040 -51.58 -21.78 44.76
CA LEU GG 1040 -52.04 -21.63 43.38
C LEU GG 1040 -50.87 -21.87 42.44
N PHE GG 1041 -51.16 -22.42 41.27
CA PHE GG 1041 -50.13 -22.72 40.29
C PHE GG 1041 -49.95 -21.56 39.31
N THR GG 1042 -48.81 -21.58 38.63
CA THR GG 1042 -48.47 -20.54 37.66
C THR GG 1042 -48.31 -21.09 36.24
N GLN GG 1043 -47.66 -22.24 36.07
CA GLN GG 1043 -47.49 -22.85 34.77
C GLN GG 1043 -47.78 -24.35 34.87
N ASP GG 1044 -47.70 -25.01 33.71
CA ASP GG 1044 -47.97 -26.44 33.64
C ASP GG 1044 -46.67 -27.23 33.78
N VAL GG 1045 -46.81 -28.51 34.17
CA VAL GG 1045 -45.72 -29.47 34.22
C VAL GG 1045 -46.21 -30.78 33.60
N THR GG 1046 -45.35 -31.79 33.65
CA THR GG 1046 -45.70 -33.10 33.12
C THR GG 1046 -45.75 -34.16 34.22
N ILE HG 862 -27.69 -40.37 47.24
CA ILE HG 862 -28.85 -39.60 46.80
C ILE HG 862 -29.60 -39.05 48.01
N ILE HG 863 -29.74 -37.74 48.07
CA ILE HG 863 -30.46 -37.06 49.14
C ILE HG 863 -31.58 -36.25 48.50
N LYS HG 864 -32.78 -36.32 49.09
CA LYS HG 864 -33.95 -35.58 48.63
C LYS HG 864 -33.68 -34.08 48.62
N THR HG 865 -34.37 -33.38 47.72
CA THR HG 865 -34.11 -31.96 47.50
C THR HG 865 -34.70 -31.17 48.65
N GLY HG 866 -33.92 -31.01 49.72
CA GLY HG 866 -34.26 -30.09 50.79
C GLY HG 866 -34.93 -30.70 52.00
N ASP HG 867 -34.57 -31.93 52.37
CA ASP HG 867 -35.13 -32.55 53.55
C ASP HG 867 -34.31 -32.14 54.78
N ILE HG 868 -34.73 -32.63 55.95
CA ILE HG 868 -34.23 -32.18 57.23
C ILE HG 868 -33.52 -33.34 57.92
N MET HG 869 -32.39 -33.05 58.54
CA MET HG 869 -31.60 -34.02 59.31
C MET HG 869 -31.32 -33.44 60.69
N PHE HG 870 -31.11 -34.33 61.65
CA PHE HG 870 -30.68 -33.94 62.99
C PHE HG 870 -29.16 -33.90 63.01
N ALA HG 871 -28.61 -32.99 63.80
CA ALA HG 871 -27.17 -32.90 63.96
C ALA HG 871 -26.88 -32.30 65.33
N VAL HG 872 -25.63 -32.43 65.76
CA VAL HG 872 -25.18 -31.87 67.02
C VAL HG 872 -24.02 -30.93 66.73
N LEU HG 873 -24.13 -29.70 67.23
CA LEU HG 873 -23.05 -28.73 67.15
C LEU HG 873 -22.26 -28.77 68.45
N ASP HG 874 -20.93 -28.87 68.31
CA ASP HG 874 -20.07 -29.09 69.46
C ASP HG 874 -19.12 -27.92 69.66
N THR HG 875 -18.86 -27.16 68.60
CA THR HG 875 -17.96 -26.03 68.68
C THR HG 875 -18.78 -24.74 68.76
N SER HG 876 -18.47 -23.90 69.75
CA SER HG 876 -19.12 -22.61 69.91
C SER HG 876 -18.23 -21.48 69.39
N VAL HG 877 -18.86 -20.36 69.04
CA VAL HG 877 -18.13 -19.17 68.61
C VAL HG 877 -19.04 -17.97 68.81
N ASN HG 878 -18.43 -16.80 68.96
CA ASN HG 878 -19.14 -15.53 68.99
C ASN HG 878 -19.21 -14.96 67.58
N SER HG 879 -20.17 -14.06 67.38
CA SER HG 879 -20.33 -13.38 66.10
C SER HG 879 -19.41 -12.16 66.02
N ASP HG 880 -18.11 -12.37 66.17
CA ASP HG 880 -17.13 -11.29 66.20
C ASP HG 880 -16.08 -11.41 65.12
N GLU HG 881 -15.51 -12.60 64.93
CA GLU HG 881 -14.45 -12.81 63.94
C GLU HG 881 -14.80 -14.08 63.17
N PRO HG 882 -14.67 -14.08 61.84
CA PRO HG 882 -15.01 -15.29 61.08
C PRO HG 882 -14.03 -16.42 61.31
N GLY HG 883 -14.56 -17.64 61.25
CA GLY HG 883 -13.75 -18.82 61.46
C GLY HG 883 -14.49 -20.09 61.08
N PRO HG 884 -13.74 -21.18 60.95
CA PRO HG 884 -14.38 -22.47 60.63
C PRO HG 884 -15.13 -23.05 61.81
N ILE HG 885 -16.33 -23.58 61.55
CA ILE HG 885 -17.14 -24.24 62.57
C ILE HG 885 -17.55 -25.60 62.04
N LEU HG 886 -17.69 -26.57 62.94
CA LEU HG 886 -18.03 -27.94 62.59
C LEU HG 886 -19.21 -28.42 63.42
N ALA HG 887 -20.09 -29.18 62.79
CA ALA HG 887 -21.18 -29.87 63.47
C ALA HG 887 -21.15 -31.34 63.06
N THR HG 888 -21.91 -32.16 63.78
CA THR HG 888 -21.89 -33.60 63.60
C THR HG 888 -23.31 -34.13 63.48
N ILE HG 889 -23.62 -34.75 62.34
CA ILE HG 889 -24.90 -35.44 62.19
C ILE HG 889 -24.90 -36.66 63.10
N VAL HG 890 -25.96 -36.81 63.90
CA VAL HG 890 -25.96 -37.80 64.97
C VAL HG 890 -26.85 -39.00 64.67
N THR HG 891 -27.79 -38.90 63.73
CA THR HG 891 -28.62 -40.04 63.39
C THR HG 891 -28.78 -40.18 61.88
N GLY HG 892 -29.69 -41.06 61.45
CA GLY HG 892 -30.00 -41.16 60.03
C GLY HG 892 -29.10 -42.12 59.28
N LYS HG 893 -29.17 -42.02 57.94
CA LYS HG 893 -28.42 -42.92 57.09
C LYS HG 893 -26.93 -42.64 57.13
N LEU HG 894 -26.53 -41.38 56.98
CA LEU HG 894 -25.13 -41.03 57.03
C LEU HG 894 -24.71 -40.88 58.49
N LYS HG 895 -23.72 -41.66 58.90
CA LYS HG 895 -23.34 -41.79 60.30
C LYS HG 895 -21.92 -41.29 60.50
N GLY HG 896 -21.73 -40.50 61.57
CA GLY HG 896 -20.42 -39.96 61.86
C GLY HG 896 -19.99 -38.83 60.97
N SER HG 897 -20.91 -38.30 60.16
CA SER HG 897 -20.55 -37.26 59.21
C SER HG 897 -20.44 -35.91 59.90
N LYS HG 898 -19.45 -35.13 59.49
CA LYS HG 898 -19.21 -33.80 60.05
C LYS HG 898 -19.36 -32.75 58.95
N LEU HG 899 -19.53 -31.51 59.37
CA LEU HG 899 -19.82 -30.43 58.43
C LEU HG 899 -19.13 -29.17 58.93
N ILE HG 900 -18.15 -28.70 58.17
CA ILE HG 900 -17.46 -27.44 58.44
C ILE HG 900 -18.02 -26.37 57.53
N GLY HG 901 -18.01 -25.14 58.03
CA GLY HG 901 -18.48 -23.99 57.30
C GLY HG 901 -18.21 -22.74 58.11
N SER HG 902 -19.02 -21.71 57.91
CA SER HG 902 -18.80 -20.46 58.61
C SER HG 902 -20.16 -19.84 58.92
N PHE HG 903 -20.15 -18.57 59.28
CA PHE HG 903 -21.34 -17.81 59.59
C PHE HG 903 -21.34 -16.51 58.80
N ASN HG 904 -22.50 -15.87 58.76
CA ASN HG 904 -22.63 -14.54 58.17
C ASN HG 904 -23.37 -13.67 59.17
N LEU HG 905 -23.04 -12.38 59.17
CA LEU HG 905 -23.60 -11.47 60.14
C LEU HG 905 -24.85 -10.81 59.57
N PRO HG 906 -26.00 -11.00 60.21
CA PRO HG 906 -27.23 -10.32 59.75
C PRO HG 906 -27.18 -8.83 60.06
N SER HG 907 -28.09 -8.11 59.41
CA SER HG 907 -28.20 -6.67 59.64
C SER HG 907 -28.62 -6.34 61.05
N ASN HG 908 -29.58 -7.07 61.61
CA ASN HG 908 -30.00 -6.91 62.99
C ASN HG 908 -29.78 -8.23 63.72
N ALA HG 909 -29.64 -8.13 65.05
CA ALA HG 909 -29.26 -9.27 65.87
C ALA HG 909 -30.43 -10.12 66.33
N ASP HG 910 -31.55 -10.08 65.59
CA ASP HG 910 -32.74 -10.84 65.94
C ASP HG 910 -32.60 -12.33 65.69
N LYS HG 911 -31.65 -12.73 64.85
CA LYS HG 911 -31.43 -14.14 64.55
C LYS HG 911 -30.00 -14.31 64.07
N MET HG 912 -29.63 -15.57 63.84
CA MET HG 912 -28.30 -15.89 63.34
C MET HG 912 -28.36 -17.22 62.62
N VAL HG 913 -27.74 -17.29 61.44
CA VAL HG 913 -27.73 -18.51 60.64
C VAL HG 913 -26.30 -18.88 60.33
N ILE HG 914 -26.10 -20.14 59.97
CA ILE HG 914 -24.79 -20.72 59.76
C ILE HG 914 -24.67 -21.16 58.31
N THR HG 915 -23.62 -20.70 57.64
CA THR HG 915 -23.31 -21.13 56.28
C THR HG 915 -22.55 -22.45 56.37
N PHE HG 916 -23.24 -23.56 56.10
CA PHE HG 916 -22.67 -24.89 56.26
C PHE HG 916 -22.64 -25.59 54.92
N ASN HG 917 -21.46 -25.73 54.37
CA ASN HG 917 -21.33 -26.30 53.04
C ASN HG 917 -20.32 -27.43 52.96
N THR HG 918 -19.20 -27.34 53.68
CA THR HG 918 -18.09 -28.27 53.48
C THR HG 918 -18.40 -29.55 54.26
N MET HG 919 -18.99 -30.51 53.55
CA MET HG 919 -19.44 -31.78 54.15
C MET HG 919 -18.30 -32.79 54.06
N SER HG 920 -17.90 -33.34 55.20
CA SER HG 920 -16.95 -34.44 55.24
C SER HG 920 -17.64 -35.67 55.82
N ILE HG 921 -17.86 -36.66 54.98
CA ILE HG 921 -18.35 -37.98 55.40
C ILE HG 921 -17.12 -38.86 55.58
N PRO HG 922 -16.96 -39.53 56.72
CA PRO HG 922 -15.73 -40.29 56.97
C PRO HG 922 -15.61 -41.57 56.17
N GLY HG 923 -14.54 -42.31 56.41
CA GLY HG 923 -14.28 -43.54 55.71
C GLY HG 923 -13.40 -43.35 54.49
N ALA HG 924 -13.89 -42.57 53.52
CA ALA HG 924 -13.20 -42.35 52.27
C ALA HG 924 -12.54 -40.98 52.28
N GLU HG 925 -11.67 -40.77 51.29
CA GLU HG 925 -10.95 -39.51 51.11
C GLU HG 925 -11.71 -38.64 50.12
N LYS HG 926 -12.91 -38.20 50.52
CA LYS HG 926 -13.75 -37.35 49.69
C LYS HG 926 -14.22 -36.17 50.51
N THR HG 927 -14.52 -35.06 49.82
CA THR HG 927 -15.01 -33.85 50.47
C THR HG 927 -16.00 -33.19 49.53
N ILE HG 928 -17.29 -33.48 49.71
CA ILE HG 928 -18.33 -32.84 48.90
C ILE HG 928 -18.69 -31.50 49.53
N SER HG 929 -19.41 -30.67 48.78
CA SER HG 929 -19.68 -29.31 49.24
C SER HG 929 -21.16 -28.93 49.10
N ILE HG 930 -22.05 -29.78 49.59
CA ILE HG 930 -23.47 -29.47 49.61
C ILE HG 930 -23.71 -28.39 50.66
N SER HG 931 -24.27 -27.26 50.23
CA SER HG 931 -24.52 -26.14 51.11
C SER HG 931 -25.80 -26.40 51.88
N ALA HG 932 -25.80 -26.04 53.16
CA ALA HG 932 -26.95 -26.29 54.01
C ALA HG 932 -27.04 -25.21 55.06
N TYR HG 933 -28.25 -24.95 55.55
CA TYR HG 933 -28.51 -23.97 56.59
C TYR HG 933 -29.15 -24.66 57.79
N ALA HG 934 -29.42 -23.89 58.84
CA ALA HG 934 -29.84 -24.44 60.12
C ALA HG 934 -31.10 -23.76 60.63
N ILE HG 935 -31.84 -24.50 61.45
CA ILE HG 935 -32.99 -23.98 62.19
C ILE HG 935 -32.88 -24.45 63.63
N ASP HG 936 -33.61 -23.80 64.52
CA ASP HG 936 -33.61 -24.18 65.94
C ASP HG 936 -34.39 -25.47 66.12
N PRO HG 937 -33.76 -26.53 66.63
CA PRO HG 937 -34.50 -27.78 66.87
C PRO HG 937 -35.50 -27.63 68.00
N ASN HG 938 -36.62 -28.35 67.85
CA ASN HG 938 -37.80 -28.35 68.71
C ASN HG 938 -38.45 -26.97 68.84
N THR HG 939 -38.16 -26.03 67.94
CA THR HG 939 -38.81 -24.73 67.90
C THR HG 939 -39.24 -24.43 66.48
N ALA HG 940 -38.50 -24.98 65.52
CA ALA HG 940 -38.71 -24.84 64.08
C ALA HG 940 -38.71 -23.38 63.64
N ARG HG 941 -37.81 -22.61 64.27
CA ARG HG 941 -37.66 -21.20 63.96
C ARG HG 941 -36.21 -20.93 63.61
N THR HG 942 -35.95 -19.75 63.07
CA THR HG 942 -34.64 -19.40 62.55
C THR HG 942 -33.82 -18.52 63.47
N ALA HG 943 -34.25 -18.33 64.72
CA ALA HG 943 -33.53 -17.47 65.65
C ALA HG 943 -32.32 -18.17 66.23
N LEU HG 944 -31.53 -17.42 66.99
CA LEU HG 944 -30.42 -17.95 67.77
C LEU HG 944 -30.73 -17.84 69.25
N ALA HG 945 -30.42 -18.91 69.99
CA ALA HG 945 -30.61 -18.93 71.45
C ALA HG 945 -29.37 -18.31 72.11
N SER HG 946 -29.35 -16.99 72.13
CA SER HG 946 -28.26 -16.25 72.77
C SER HG 946 -28.78 -14.86 73.15
N ARG HG 947 -27.86 -13.98 73.48
CA ARG HG 947 -28.18 -12.66 74.01
C ARG HG 947 -27.96 -11.57 72.97
N THR HG 948 -28.91 -10.63 72.93
CA THR HG 948 -28.87 -9.54 71.96
C THR HG 948 -28.71 -8.17 72.60
N ASN HG 949 -28.42 -8.10 73.90
CA ASN HG 949 -28.32 -6.84 74.63
C ASN HG 949 -26.95 -6.66 75.27
N HIS HG 950 -25.87 -6.92 74.53
CA HIS HG 950 -24.54 -6.94 75.13
C HIS HG 950 -24.01 -5.55 75.42
N HIS HG 951 -24.19 -4.60 74.50
CA HIS HG 951 -23.59 -3.28 74.64
C HIS HG 951 -24.59 -2.18 74.30
N TYR HG 952 -25.80 -2.29 74.83
CA TYR HG 952 -26.75 -1.19 74.83
C TYR HG 952 -26.47 -0.22 75.96
N LEU HG 953 -26.52 -0.73 77.20
CA LEU HG 953 -26.56 0.12 78.37
C LEU HG 953 -25.21 0.79 78.64
N MET HG 954 -24.11 0.17 78.20
CA MET HG 954 -22.79 0.76 78.40
C MET HG 954 -22.64 2.07 77.64
N ARG HG 955 -22.92 2.04 76.33
CA ARG HG 955 -22.81 3.26 75.55
C ARG HG 955 -23.92 4.26 75.89
N TYR HG 956 -25.11 3.76 76.27
CA TYR HG 956 -26.20 4.65 76.68
C TYR HG 956 -25.82 5.44 77.93
N GLY HG 957 -25.35 4.74 78.97
CA GLY HG 957 -24.98 5.41 80.20
C GLY HG 957 -23.77 6.30 80.06
N SER HG 958 -22.78 5.88 79.25
CA SER HG 958 -21.59 6.71 79.03
C SER HG 958 -21.95 8.02 78.33
N LEU HG 959 -22.78 7.94 77.29
CA LEU HG 959 -23.22 9.13 76.57
C LEU HG 959 -24.05 10.05 77.46
N PHE HG 960 -24.98 9.47 78.23
CA PHE HG 960 -25.83 10.26 79.11
C PHE HG 960 -25.03 10.94 80.21
N ALA HG 961 -24.03 10.26 80.77
CA ALA HG 961 -23.23 10.86 81.82
C ALA HG 961 -22.32 11.96 81.29
N SER HG 962 -21.76 11.76 80.08
CA SER HG 962 -20.94 12.81 79.47
C SER HG 962 -21.77 14.06 79.17
N SER HG 963 -23.00 13.85 78.67
CA SER HG 963 -23.92 14.96 78.47
C SER HG 963 -24.22 15.69 79.76
N PHE HG 964 -24.63 14.93 80.80
CA PHE HG 964 -24.97 15.51 82.10
C PHE HG 964 -23.82 16.31 82.70
N LEU HG 965 -22.58 15.86 82.45
CA LEU HG 965 -21.41 16.60 82.89
C LEU HG 965 -21.28 17.93 82.16
N GLN HG 966 -21.46 17.92 80.83
CA GLN HG 966 -21.43 19.15 80.04
C GLN HG 966 -22.50 20.14 80.52
N GLY HG 967 -23.71 19.63 80.75
CA GLY HG 967 -24.80 20.45 81.20
C GLY HG 967 -24.57 21.04 82.58
N PHE HG 968 -23.93 20.27 83.46
CA PHE HG 968 -23.70 20.74 84.82
C PHE HG 968 -22.69 21.87 84.82
N GLY HG 969 -21.63 21.70 84.03
CA GLY HG 969 -20.63 22.76 83.96
C GLY HG 969 -21.16 24.04 83.36
N ASN HG 970 -21.88 23.96 82.24
CA ASN HG 970 -22.33 25.20 81.61
C ASN HG 970 -23.44 25.87 82.41
N ALA HG 971 -24.42 25.11 82.93
CA ALA HG 971 -25.54 25.75 83.61
C ALA HG 971 -25.15 26.25 84.99
N PHE HG 972 -24.33 25.50 85.74
CA PHE HG 972 -23.93 26.04 87.02
C PHE HG 972 -22.78 27.03 86.91
N GLN HG 973 -22.16 27.18 85.73
CA GLN HG 973 -21.35 28.36 85.49
C GLN HG 973 -22.25 29.57 85.21
N SER HG 974 -23.35 29.35 84.49
CA SER HG 974 -24.28 30.44 84.18
C SER HG 974 -25.02 30.90 85.42
N ALA HG 975 -25.20 30.02 86.39
CA ALA HG 975 -25.95 30.33 87.61
C ALA HG 975 -25.15 31.14 88.63
N ASN HG 976 -23.95 31.60 88.25
CA ASN HG 976 -23.16 32.44 89.16
C ASN HG 976 -23.72 33.85 89.28
N THR HG 977 -24.59 34.27 88.35
CA THR HG 977 -25.19 35.58 88.46
C THR HG 977 -26.39 35.59 89.40
N THR HG 978 -27.47 34.93 89.02
CA THR HG 978 -28.71 34.98 89.79
C THR HG 978 -28.92 33.69 90.57
N SER HG 999 -16.24 27.91 95.97
CA SER HG 999 -14.98 27.27 95.60
C SER HG 999 -15.22 25.83 95.20
N THR HG 1000 -15.84 25.06 96.10
CA THR HG 1000 -16.05 23.64 95.87
C THR HG 1000 -17.08 23.39 94.77
N LEU HG 1001 -18.20 24.10 94.80
CA LEU HG 1001 -19.19 23.95 93.73
C LEU HG 1001 -18.65 24.52 92.42
N GLU HG 1002 -17.79 25.53 92.52
CA GLU HG 1002 -17.06 26.02 91.35
C GLU HG 1002 -16.17 24.93 90.77
N ASN HG 1003 -15.55 24.13 91.63
CA ASN HG 1003 -14.72 23.02 91.15
C ASN HG 1003 -15.58 21.91 90.54
N ALA HG 1004 -16.80 21.75 91.05
CA ALA HG 1004 -17.74 20.83 90.39
C ALA HG 1004 -18.08 21.30 88.98
N VAL HG 1005 -18.34 22.61 88.83
CA VAL HG 1005 -18.51 23.24 87.53
C VAL HG 1005 -17.31 22.98 86.64
N ILE HG 1006 -16.11 23.14 87.22
CA ILE HG 1006 -14.84 22.96 86.52
C ILE HG 1006 -14.73 21.56 85.93
N GLY HG 1007 -14.96 20.55 86.78
CA GLY HG 1007 -14.65 19.20 86.40
C GLY HG 1007 -15.64 18.69 85.37
N LEU HG 1008 -16.92 18.89 85.65
CA LEU HG 1008 -17.92 18.37 84.72
C LEU HG 1008 -17.95 19.19 83.44
N ALA HG 1009 -17.66 20.50 83.56
CA ALA HG 1009 -17.62 21.45 82.45
C ALA HG 1009 -16.65 21.05 81.38
N THR HG 1010 -15.49 20.54 81.76
CA THR HG 1010 -14.62 20.19 80.64
C THR HG 1010 -14.42 18.70 80.44
N VAL HG 1011 -14.74 17.82 81.39
CA VAL HG 1011 -14.68 16.41 81.06
C VAL HG 1011 -15.94 15.92 80.36
N GLY HG 1012 -17.00 16.72 80.31
CA GLY HG 1012 -18.19 16.29 79.60
C GLY HG 1012 -18.00 16.22 78.09
N LYS HG 1013 -17.31 17.22 77.52
CA LYS HG 1013 -17.32 17.39 76.07
C LYS HG 1013 -16.51 16.33 75.35
N ALA HG 1014 -15.30 16.06 75.84
CA ALA HG 1014 -14.45 15.05 75.23
C ALA HG 1014 -15.06 13.66 75.37
N TRP HG 1015 -15.64 13.38 76.54
CA TRP HG 1015 -16.33 12.12 76.72
C TRP HG 1015 -17.58 12.02 75.85
N SER HG 1016 -18.22 13.17 75.57
CA SER HG 1016 -19.40 13.16 74.70
C SER HG 1016 -19.02 12.83 73.26
N GLN HG 1017 -17.95 13.45 72.75
CA GLN HG 1017 -17.58 13.15 71.37
C GLN HG 1017 -16.99 11.75 71.24
N GLN HG 1018 -16.29 11.26 72.26
CA GLN HG 1018 -15.82 9.87 72.20
C GLN HG 1018 -16.99 8.89 72.32
N ALA HG 1019 -18.03 9.25 73.07
CA ALA HG 1019 -19.21 8.40 73.16
C ALA HG 1019 -19.98 8.36 71.85
N GLN HG 1020 -20.07 9.51 71.16
CA GLN HG 1020 -20.67 9.52 69.83
C GLN HG 1020 -19.81 8.75 68.83
N GLN HG 1021 -18.50 8.71 69.07
CA GLN HG 1021 -17.63 7.85 68.25
C GLN HG 1021 -17.93 6.37 68.50
N LEU HG 1022 -17.99 5.95 69.77
CA LEU HG 1022 -18.12 4.53 70.10
C LEU HG 1022 -19.56 4.07 70.15
N PHE HG 1023 -20.52 4.92 69.79
CA PHE HG 1023 -21.93 4.56 69.92
C PHE HG 1023 -22.38 3.57 68.85
N ASN HG 1024 -21.54 3.29 67.86
CA ASN HG 1024 -21.88 2.46 66.71
C ASN HG 1024 -21.64 0.97 66.93
N THR HG 1025 -21.26 0.55 68.13
CA THR HG 1025 -20.88 -0.84 68.34
C THR HG 1025 -22.12 -1.72 68.46
N PRO HG 1026 -22.26 -2.75 67.63
CA PRO HG 1026 -23.44 -3.61 67.68
C PRO HG 1026 -23.36 -4.60 68.84
N THR HG 1027 -24.51 -5.17 69.18
CA THR HG 1027 -24.60 -6.22 70.19
C THR HG 1027 -24.50 -7.57 69.50
N THR HG 1028 -23.47 -8.33 69.86
CA THR HG 1028 -23.20 -9.60 69.21
C THR HG 1028 -24.00 -10.73 69.89
N VAL HG 1029 -24.12 -11.85 69.17
CA VAL HG 1029 -24.69 -13.07 69.71
C VAL HG 1029 -23.64 -14.16 69.62
N GLU HG 1030 -23.85 -15.23 70.38
CA GLU HG 1030 -22.84 -16.27 70.52
C GLU HG 1030 -23.48 -17.63 70.69
N VAL HG 1031 -23.22 -18.53 69.73
CA VAL HG 1031 -23.75 -19.89 69.83
C VAL HG 1031 -23.02 -20.64 70.94
N TYR HG 1032 -23.61 -21.76 71.34
CA TYR HG 1032 -23.08 -22.54 72.45
C TYR HG 1032 -22.58 -23.89 71.98
N SER HG 1033 -21.70 -24.49 72.79
CA SER HG 1033 -20.93 -25.66 72.40
C SER HG 1033 -21.62 -26.97 72.69
N GLY HG 1034 -22.84 -26.94 73.20
CA GLY HG 1034 -23.53 -28.18 73.52
C GLY HG 1034 -24.96 -28.19 73.03
N THR HG 1035 -25.21 -27.53 71.91
CA THR HG 1035 -26.56 -27.38 71.38
C THR HG 1035 -26.67 -28.14 70.07
N GLY HG 1036 -27.72 -28.93 69.93
CA GLY HG 1036 -28.01 -29.59 68.67
C GLY HG 1036 -28.66 -28.63 67.69
N LEU HG 1037 -28.85 -29.13 66.47
CA LEU HG 1037 -29.39 -28.29 65.40
C LEU HG 1037 -30.09 -29.18 64.38
N GLY HG 1038 -30.95 -28.55 63.58
CA GLY HG 1038 -31.60 -29.19 62.47
C GLY HG 1038 -31.11 -28.59 61.16
N ILE HG 1039 -30.74 -29.46 60.24
CA ILE HG 1039 -30.08 -29.06 59.00
C ILE HG 1039 -30.99 -29.39 57.83
N LEU HG 1040 -31.39 -28.36 57.09
CA LEU HG 1040 -32.15 -28.56 55.87
C LEU HG 1040 -31.19 -28.52 54.68
N PHE HG 1041 -31.49 -29.32 53.67
CA PHE HG 1041 -30.64 -29.38 52.49
C PHE HG 1041 -31.06 -28.34 51.45
N THR HG 1042 -30.21 -28.14 50.46
CA THR HG 1042 -30.45 -27.17 49.41
C THR HG 1042 -30.53 -27.81 48.04
N GLN HG 1043 -29.59 -28.68 47.70
CA GLN HG 1043 -29.60 -29.40 46.43
C GLN HG 1043 -29.40 -30.88 46.70
N ASP HG 1044 -29.44 -31.67 45.63
CA ASP HG 1044 -29.27 -33.12 45.74
C ASP HG 1044 -27.78 -33.49 45.64
N VAL HG 1045 -27.45 -34.66 46.18
CA VAL HG 1045 -26.10 -35.20 46.13
C VAL HG 1045 -26.15 -36.56 45.45
N THR HG 1046 -24.97 -37.12 45.20
CA THR HG 1046 -24.86 -38.43 44.56
C THR HG 1046 -25.03 -39.56 45.58
N ILE IG 862 -3.22 -39.77 55.25
CA ILE IG 862 -4.55 -39.25 54.96
C ILE IG 862 -5.24 -38.80 56.25
N ILE IG 863 -5.48 -37.50 56.35
CA ILE IG 863 -6.18 -36.92 57.48
C ILE IG 863 -7.49 -36.33 56.98
N LYS IG 864 -8.58 -36.68 57.64
CA LYS IG 864 -9.92 -36.31 57.21
C LYS IG 864 -10.12 -34.79 57.27
N THR IG 865 -10.98 -34.29 56.40
CA THR IG 865 -11.25 -32.86 56.32
C THR IG 865 -12.04 -32.39 57.53
N GLY IG 866 -11.33 -31.96 58.58
CA GLY IG 866 -11.98 -31.35 59.72
C GLY IG 866 -12.02 -32.15 61.01
N ASP IG 867 -10.97 -32.89 61.32
CA ASP IG 867 -10.86 -33.56 62.60
C ASP IG 867 -10.17 -32.64 63.60
N ILE IG 868 -10.17 -33.05 64.87
CA ILE IG 868 -9.64 -32.25 65.97
C ILE IG 868 -8.42 -32.96 66.54
N MET IG 869 -7.32 -32.23 66.69
CA MET IG 869 -6.07 -32.74 67.20
C MET IG 869 -5.62 -31.87 68.37
N PHE IG 870 -4.56 -32.30 69.04
CA PHE IG 870 -4.04 -31.59 70.20
C PHE IG 870 -2.60 -31.18 69.96
N ALA IG 871 -2.23 -30.02 70.50
CA ALA IG 871 -0.86 -29.54 70.45
C ALA IG 871 -0.58 -28.74 71.71
N VAL IG 872 0.66 -28.31 71.86
CA VAL IG 872 1.06 -27.49 73.00
C VAL IG 872 1.88 -26.32 72.48
N LEU IG 873 1.52 -25.11 72.89
CA LEU IG 873 2.22 -23.90 72.53
C LEU IG 873 3.23 -23.55 73.61
N ASP IG 874 4.39 -23.07 73.19
CA ASP IG 874 5.55 -23.06 74.07
C ASP IG 874 6.25 -21.71 74.18
N THR IG 875 6.16 -20.87 73.16
CA THR IG 875 6.81 -19.56 73.20
C THR IG 875 5.75 -18.46 73.24
N SER IG 876 5.95 -17.47 74.10
CA SER IG 876 4.96 -16.42 74.31
C SER IG 876 5.39 -15.11 73.70
N VAL IG 877 4.40 -14.35 73.19
CA VAL IG 877 4.60 -13.02 72.67
C VAL IG 877 3.25 -12.30 72.68
N ASN IG 878 3.29 -10.98 72.64
CA ASN IG 878 2.10 -10.16 72.53
C ASN IG 878 1.62 -10.11 71.09
N SER IG 879 0.33 -9.82 70.91
CA SER IG 879 -0.22 -9.54 69.59
C SER IG 879 0.10 -8.11 69.17
N ASP IG 880 1.39 -7.79 69.03
CA ASP IG 880 1.84 -6.46 68.64
C ASP IG 880 2.76 -6.49 67.42
N GLU IG 881 3.65 -7.47 67.34
CA GLU IG 881 4.61 -7.56 66.25
C GLU IG 881 4.53 -8.96 65.68
N PRO IG 882 4.15 -9.13 64.41
CA PRO IG 882 4.12 -10.47 63.82
C PRO IG 882 5.51 -11.05 63.69
N GLY IG 883 5.58 -12.38 63.81
CA GLY IG 883 6.85 -13.07 63.76
C GLY IG 883 6.71 -14.58 63.75
N PRO IG 884 7.85 -15.27 63.65
CA PRO IG 884 7.83 -16.73 63.65
C PRO IG 884 7.51 -17.32 65.02
N ILE IG 885 6.47 -18.14 65.09
CA ILE IG 885 6.10 -18.85 66.30
C ILE IG 885 5.89 -20.32 65.96
N LEU IG 886 6.47 -21.22 66.75
CA LEU IG 886 6.43 -22.65 66.50
C LEU IG 886 5.85 -23.40 67.69
N ALA IG 887 5.08 -24.44 67.41
CA ALA IG 887 4.47 -25.32 68.40
C ALA IG 887 4.70 -26.78 68.00
N THR IG 888 4.26 -27.69 68.87
CA THR IG 888 4.51 -29.12 68.69
C THR IG 888 3.21 -29.88 68.82
N ILE IG 889 2.91 -30.72 67.81
CA ILE IG 889 1.80 -31.66 67.91
C ILE IG 889 2.15 -32.73 68.94
N VAL IG 890 1.21 -33.02 69.84
CA VAL IG 890 1.53 -33.78 71.03
C VAL IG 890 1.03 -35.22 70.99
N THR IG 891 0.04 -35.54 70.17
CA THR IG 891 -0.52 -36.88 70.18
C THR IG 891 -0.92 -37.36 68.80
N GLY IG 892 -1.61 -38.51 68.74
CA GLY IG 892 -2.12 -39.03 67.48
C GLY IG 892 -1.05 -39.69 66.65
N LYS IG 893 -1.30 -39.75 65.34
CA LYS IG 893 -0.33 -40.31 64.41
C LYS IG 893 0.89 -39.43 64.25
N LEU IG 894 0.69 -38.11 64.22
CA LEU IG 894 1.79 -37.17 64.07
C LEU IG 894 2.41 -36.90 65.43
N LYS IG 895 3.61 -37.43 65.64
CA LYS IG 895 4.26 -37.39 66.95
C LYS IG 895 5.47 -36.49 66.89
N GLY IG 896 5.51 -35.48 67.76
CA GLY IG 896 6.65 -34.59 67.85
C GLY IG 896 6.85 -33.67 66.67
N SER IG 897 5.85 -33.55 65.81
CA SER IG 897 5.97 -32.72 64.62
C SER IG 897 5.85 -31.25 65.01
N LYS IG 898 6.65 -30.41 64.36
CA LYS IG 898 6.67 -28.99 64.69
C LYS IG 898 5.90 -28.20 63.65
N LEU IG 899 5.47 -27.01 64.03
CA LEU IG 899 4.62 -26.20 63.16
C LEU IG 899 4.91 -24.73 63.44
N ILE IG 900 5.36 -24.02 62.41
CA ILE IG 900 5.68 -22.60 62.50
C ILE IG 900 4.62 -21.80 61.75
N GLY IG 901 4.41 -20.57 62.21
CA GLY IG 901 3.55 -19.61 61.55
C GLY IG 901 3.66 -18.25 62.21
N SER IG 902 2.57 -17.50 62.17
CA SER IG 902 2.47 -16.19 62.80
C SER IG 902 1.04 -16.04 63.29
N PHE IG 903 0.62 -14.82 63.57
CA PHE IG 903 -0.74 -14.60 64.06
C PHE IG 903 -1.47 -13.58 63.19
N ASN IG 904 -2.72 -13.33 63.55
CA ASN IG 904 -3.51 -12.27 62.94
C ASN IG 904 -4.19 -11.48 64.04
N LEU IG 905 -4.50 -10.23 63.73
CA LEU IG 905 -5.01 -9.29 64.72
C LEU IG 905 -6.51 -9.14 64.58
N PRO IG 906 -7.27 -9.44 65.63
CA PRO IG 906 -8.73 -9.27 65.56
C PRO IG 906 -9.12 -7.80 65.63
N SER IG 907 -10.33 -7.53 65.12
CA SER IG 907 -10.85 -6.17 65.14
C SER IG 907 -11.16 -5.70 66.56
N ASN IG 908 -11.73 -6.56 67.39
CA ASN IG 908 -12.05 -6.24 68.77
C ASN IG 908 -11.35 -7.22 69.70
N ALA IG 909 -11.44 -6.95 71.00
CA ALA IG 909 -10.73 -7.72 72.01
C ALA IG 909 -11.57 -8.83 72.63
N ASP IG 910 -12.51 -9.41 71.88
CA ASP IG 910 -13.32 -10.50 72.40
C ASP IG 910 -12.72 -11.88 72.17
N LYS IG 911 -11.72 -12.00 71.30
CA LYS IG 911 -11.03 -13.26 71.06
C LYS IG 911 -9.69 -12.97 70.39
N MET IG 912 -8.90 -14.03 70.21
CA MET IG 912 -7.63 -13.95 69.50
C MET IG 912 -7.27 -15.36 69.03
N VAL IG 913 -6.89 -15.47 67.76
CA VAL IG 913 -6.62 -16.77 67.13
C VAL IG 913 -5.28 -16.69 66.40
N ILE IG 914 -4.71 -17.87 66.13
CA ILE IG 914 -3.39 -18.01 65.53
C ILE IG 914 -3.54 -18.79 64.23
N THR IG 915 -2.90 -18.29 63.17
CA THR IG 915 -2.86 -18.97 61.88
C THR IG 915 -1.56 -19.76 61.80
N PHE IG 916 -1.67 -21.09 61.74
CA PHE IG 916 -0.49 -21.95 61.71
C PHE IG 916 -0.52 -22.81 60.46
N ASN IG 917 0.52 -22.71 59.64
CA ASN IG 917 0.53 -23.34 58.33
C ASN IG 917 1.77 -24.18 58.03
N THR IG 918 2.95 -23.76 58.49
CA THR IG 918 4.18 -24.40 58.06
C THR IG 918 4.46 -25.61 58.94
N MET IG 919 4.02 -26.78 58.49
CA MET IG 919 4.09 -28.01 59.28
C MET IG 919 5.28 -28.82 58.79
N SER IG 920 6.17 -29.21 59.71
CA SER IG 920 7.30 -30.07 59.40
C SER IG 920 7.32 -31.26 60.35
N ILE IG 921 7.41 -32.46 59.79
CA ILE IG 921 7.58 -33.70 60.54
C ILE IG 921 9.01 -34.16 60.39
N PRO IG 922 9.73 -34.45 61.48
CA PRO IG 922 11.09 -34.98 61.34
C PRO IG 922 11.11 -36.44 60.93
N GLY IG 923 12.30 -37.03 60.87
CA GLY IG 923 12.43 -38.39 60.37
C GLY IG 923 12.73 -38.42 58.88
N ALA IG 924 11.77 -37.98 58.08
CA ALA IG 924 11.96 -37.82 56.64
C ALA IG 924 11.91 -36.35 56.27
N GLU IG 925 12.71 -35.99 55.27
CA GLU IG 925 12.93 -34.59 54.89
C GLU IG 925 11.76 -34.10 54.05
N LYS IG 926 10.76 -33.54 54.73
CA LYS IG 926 9.57 -33.00 54.09
C LYS IG 926 9.08 -31.80 54.87
N THR IG 927 8.31 -30.94 54.20
CA THR IG 927 7.69 -29.79 54.85
C THR IG 927 6.36 -29.51 54.14
N ILE IG 928 5.27 -29.92 54.77
CA ILE IG 928 3.93 -29.67 54.24
C ILE IG 928 3.47 -28.28 54.64
N SER IG 929 2.38 -27.81 54.04
CA SER IG 929 1.87 -26.48 54.35
C SER IG 929 0.38 -26.53 54.70
N ILE IG 930 -0.02 -27.49 55.53
CA ILE IG 930 -1.40 -27.57 55.99
C ILE IG 930 -1.64 -26.42 56.96
N SER IG 931 -2.62 -25.58 56.62
CA SER IG 931 -2.95 -24.41 57.42
C SER IG 931 -4.17 -24.72 58.28
N ALA IG 932 -4.10 -24.38 59.55
CA ALA IG 932 -5.16 -24.69 60.49
C ALA IG 932 -5.17 -23.64 61.58
N TYR IG 933 -6.26 -23.60 62.34
CA TYR IG 933 -6.45 -22.63 63.41
C TYR IG 933 -6.54 -23.34 64.75
N ALA IG 934 -6.68 -22.55 65.81
CA ALA IG 934 -6.75 -23.07 67.17
C ALA IG 934 -8.11 -22.74 67.78
N ILE IG 935 -8.66 -23.71 68.51
CA ILE IG 935 -9.87 -23.51 69.28
C ILE IG 935 -9.54 -23.71 70.75
N ASP IG 936 -10.14 -22.90 71.61
CA ASP IG 936 -9.83 -22.95 73.04
C ASP IG 936 -10.40 -24.23 73.65
N PRO IG 937 -9.55 -25.07 74.25
CA PRO IG 937 -10.05 -26.34 74.80
C PRO IG 937 -10.88 -26.12 76.04
N ASN IG 938 -11.81 -27.05 76.28
CA ASN IG 938 -12.80 -27.08 77.35
C ASN IG 938 -13.75 -25.88 77.35
N THR IG 939 -13.79 -25.11 76.27
CA THR IG 939 -14.74 -24.03 76.09
C THR IG 939 -15.29 -24.17 74.68
N ALA IG 940 -14.51 -24.86 73.85
CA ALA IG 940 -14.80 -25.14 72.43
C ALA IG 940 -15.08 -23.85 71.67
N ARG IG 941 -14.26 -22.84 71.95
CA ARG IG 941 -14.44 -21.51 71.39
C ARG IG 941 -13.10 -21.00 70.88
N THR IG 942 -13.10 -19.76 70.39
CA THR IG 942 -11.93 -19.18 69.77
C THR IG 942 -11.26 -18.09 70.61
N ALA IG 943 -11.71 -17.88 71.85
CA ALA IG 943 -11.14 -16.83 72.68
C ALA IG 943 -9.76 -17.26 73.20
N LEU IG 944 -8.93 -16.25 73.49
CA LEU IG 944 -7.59 -16.48 73.99
C LEU IG 944 -7.54 -16.20 75.48
N ALA IG 945 -6.68 -16.93 76.18
CA ALA IG 945 -6.39 -16.66 77.58
C ALA IG 945 -5.44 -15.47 77.65
N SER IG 946 -6.02 -14.28 77.78
CA SER IG 946 -5.27 -13.05 77.92
C SER IG 946 -6.16 -12.04 78.64
N ARG IG 947 -5.56 -10.92 79.02
CA ARG IG 947 -6.30 -9.81 79.62
C ARG IG 947 -6.61 -8.78 78.54
N THR IG 948 -7.73 -8.08 78.73
CA THR IG 948 -8.20 -7.13 77.72
C THR IG 948 -8.33 -5.70 78.23
N ASN IG 949 -8.16 -5.46 79.52
CA ASN IG 949 -8.36 -4.15 80.12
C ASN IG 949 -7.05 -3.42 80.35
N HIS IG 950 -6.10 -3.53 79.41
CA HIS IG 950 -4.72 -3.12 79.64
C HIS IG 950 -4.55 -1.62 79.77
N HIS IG 951 -5.06 -0.84 78.82
CA HIS IG 951 -4.78 0.59 78.78
C HIS IG 951 -6.03 1.38 78.47
N TYR IG 952 -7.13 1.02 79.13
CA TYR IG 952 -8.35 1.80 79.07
C TYR IG 952 -8.33 2.96 80.06
N LEU IG 953 -8.13 2.63 81.34
CA LEU IG 953 -8.23 3.63 82.40
C LEU IG 953 -7.06 4.60 82.37
N MET IG 954 -5.92 4.20 81.79
CA MET IG 954 -4.77 5.09 81.67
C MET IG 954 -5.09 6.29 80.78
N ARG IG 955 -5.59 6.03 79.56
CA ARG IG 955 -5.93 7.14 78.67
C ARG IG 955 -7.20 7.85 79.14
N TYR IG 956 -8.14 7.12 79.77
CA TYR IG 956 -9.32 7.75 80.34
C TYR IG 956 -8.95 8.77 81.42
N GLY IG 957 -8.08 8.37 82.36
CA GLY IG 957 -7.67 9.27 83.42
C GLY IG 957 -6.83 10.42 82.93
N SER IG 958 -5.98 10.18 81.93
CA SER IG 958 -5.17 11.27 81.37
C SER IG 958 -6.06 12.33 80.71
N LEU IG 959 -7.05 11.89 79.92
CA LEU IG 959 -7.98 12.82 79.29
C LEU IG 959 -8.81 13.57 80.32
N PHE IG 960 -9.30 12.85 81.34
CA PHE IG 960 -10.12 13.48 82.38
C PHE IG 960 -9.33 14.50 83.18
N ALA IG 961 -8.06 14.21 83.49
CA ALA IG 961 -7.25 15.15 84.24
C ALA IG 961 -6.90 16.38 83.42
N SER IG 962 -6.58 16.20 82.13
CA SER IG 962 -6.29 17.35 81.27
C SER IG 962 -7.50 18.25 81.13
N SER IG 963 -8.68 17.64 80.97
CA SER IG 963 -9.92 18.41 80.92
C SER IG 963 -10.18 19.14 82.24
N PHE IG 964 -9.97 18.46 83.37
CA PHE IG 964 -10.17 19.09 84.68
C PHE IG 964 -9.25 20.29 84.86
N LEU IG 965 -8.03 20.20 84.35
CA LEU IG 965 -7.10 21.32 84.39
C LEU IG 965 -7.60 22.49 83.56
N GLN IG 966 -8.07 22.19 82.34
CA GLN IG 966 -8.65 23.22 81.45
C GLN IG 966 -9.82 23.93 82.12
N GLY IG 967 -10.72 23.15 82.72
CA GLY IG 967 -11.88 23.72 83.38
C GLY IG 967 -11.50 24.56 84.59
N PHE IG 968 -10.46 24.14 85.31
CA PHE IG 968 -10.03 24.89 86.49
C PHE IG 968 -9.49 26.24 86.11
N GLY IG 969 -8.67 26.28 85.06
CA GLY IG 969 -8.16 27.55 84.59
C GLY IG 969 -9.24 28.49 84.10
N ASN IG 970 -10.13 28.01 83.23
CA ASN IG 970 -11.12 28.94 82.66
C ASN IG 970 -12.16 29.38 83.69
N ALA IG 971 -12.73 28.45 84.47
CA ALA IG 971 -13.78 28.85 85.38
C ALA IG 971 -13.24 29.59 86.61
N PHE IG 972 -12.09 29.17 87.13
CA PHE IG 972 -11.53 29.90 88.26
C PHE IG 972 -10.86 31.20 87.84
N GLN IG 973 -10.62 31.41 86.54
CA GLN IG 973 -10.32 32.76 86.09
C GLN IG 973 -11.58 33.59 85.91
N SER IG 974 -12.66 32.97 85.46
CA SER IG 974 -13.91 33.69 85.27
C SER IG 974 -14.54 34.09 86.59
N ALA IG 975 -14.22 33.38 87.67
CA ALA IG 975 -14.75 33.67 88.99
C ALA IG 975 -13.96 34.76 89.71
N ASN IG 976 -13.03 35.42 89.03
CA ASN IG 976 -12.23 36.47 89.67
C ASN IG 976 -13.02 37.74 89.92
N THR IG 977 -14.03 38.03 89.09
CA THR IG 977 -14.83 39.22 89.29
C THR IG 977 -15.75 39.07 90.50
N THR IG 978 -16.34 37.89 90.68
CA THR IG 978 -17.21 37.63 91.82
C THR IG 978 -16.65 36.54 92.70
N SER IG 999 -2.61 35.06 95.94
CA SER IG 999 -1.99 34.89 94.63
C SER IG 999 -1.82 33.43 94.29
N THR IG 1000 -1.88 32.57 95.32
CA THR IG 1000 -1.67 31.14 95.13
C THR IG 1000 -2.80 30.50 94.32
N LEU IG 1001 -4.04 30.91 94.57
CA LEU IG 1001 -5.16 30.40 93.77
C LEU IG 1001 -5.07 30.92 92.34
N GLU IG 1002 -4.55 32.14 92.17
CA GLU IG 1002 -4.28 32.66 90.83
C GLU IG 1002 -3.22 31.83 90.12
N ASN IG 1003 -2.22 31.37 90.85
CA ASN IG 1003 -1.21 30.49 90.27
C ASN IG 1003 -1.79 29.11 89.96
N ALA IG 1004 -2.78 28.67 90.74
CA ALA IG 1004 -3.49 27.44 90.41
C ALA IG 1004 -4.25 27.58 89.09
N VAL IG 1005 -4.92 28.73 88.91
CA VAL IG 1005 -5.57 29.07 87.64
C VAL IG 1005 -4.54 29.02 86.51
N ILE IG 1006 -3.37 29.59 86.76
CA ILE IG 1006 -2.27 29.65 85.80
C ILE IG 1006 -1.86 28.25 85.34
N GLY IG 1007 -1.58 27.38 86.32
CA GLY IG 1007 -0.98 26.11 86.00
C GLY IG 1007 -1.96 25.20 85.30
N LEU IG 1008 -3.18 25.12 85.84
CA LEU IG 1008 -4.16 24.20 85.27
C LEU IG 1008 -4.67 24.73 83.94
N ALA IG 1009 -4.82 26.06 83.82
CA ALA IG 1009 -5.21 26.73 82.58
C ALA IG 1009 -4.30 26.40 81.43
N THR IG 1010 -2.99 26.42 81.66
CA THR IG 1010 -2.15 26.23 80.49
C THR IG 1010 -1.68 24.80 80.30
N VAL IG 1011 -1.56 23.99 81.34
CA VAL IG 1011 -1.18 22.60 81.10
C VAL IG 1011 -2.38 21.72 80.77
N GLY IG 1012 -3.61 22.24 80.87
CA GLY IG 1012 -4.74 21.46 80.42
C GLY IG 1012 -4.79 21.28 78.92
N LYS IG 1013 -4.49 22.33 78.16
CA LYS IG 1013 -4.83 22.38 76.75
C LYS IG 1013 -3.93 21.48 75.90
N ALA IG 1014 -2.62 21.60 76.07
CA ALA IG 1014 -1.68 20.79 75.30
C ALA IG 1014 -1.80 19.32 75.65
N TRP IG 1015 -1.96 19.03 76.94
CA TRP IG 1015 -2.17 17.66 77.38
C TRP IG 1015 -3.50 17.11 76.86
N SER IG 1016 -4.53 17.96 76.74
CA SER IG 1016 -5.81 17.51 76.22
C SER IG 1016 -5.73 17.17 74.75
N GLN IG 1017 -5.08 18.01 73.95
CA GLN IG 1017 -4.98 17.70 72.52
C GLN IG 1017 -4.07 16.50 72.27
N GLN IG 1018 -3.01 16.34 73.06
CA GLN IG 1018 -2.18 15.15 72.90
C GLN IG 1018 -2.90 13.89 73.39
N ALA IG 1019 -3.76 14.03 74.41
CA ALA IG 1019 -4.54 12.88 74.87
C ALA IG 1019 -5.58 12.47 73.85
N GLN IG 1020 -6.18 13.45 73.16
CA GLN IG 1020 -7.10 13.12 72.07
C GLN IG 1020 -6.32 12.54 70.88
N GLN IG 1021 -5.06 12.93 70.74
CA GLN IG 1021 -4.21 12.33 69.71
C GLN IG 1021 -3.94 10.85 69.99
N LEU IG 1022 -3.55 10.52 71.22
CA LEU IG 1022 -3.15 9.15 71.53
C LEU IG 1022 -4.26 8.34 72.19
N PHE IG 1023 -5.48 8.86 72.21
CA PHE IG 1023 -6.56 8.16 72.91
C PHE IG 1023 -7.04 6.93 72.14
N ASN IG 1024 -6.69 6.82 70.86
CA ASN IG 1024 -7.14 5.72 70.01
C ASN IG 1024 -6.30 4.45 70.18
N THR IG 1025 -5.58 4.30 71.29
CA THR IG 1025 -4.67 3.17 71.46
C THR IG 1025 -5.46 1.89 71.71
N PRO IG 1026 -5.24 0.83 70.93
CA PRO IG 1026 -5.95 -0.44 71.16
C PRO IG 1026 -5.38 -1.16 72.37
N THR IG 1027 -6.22 -2.03 72.95
CA THR IG 1027 -5.80 -2.91 74.03
C THR IG 1027 -5.34 -4.23 73.42
N THR IG 1028 -4.05 -4.51 73.56
CA THR IG 1028 -3.48 -5.69 72.95
C THR IG 1028 -3.76 -6.93 73.79
N VAL IG 1029 -3.48 -8.10 73.21
CA VAL IG 1029 -3.54 -9.38 73.90
C VAL IG 1029 -2.22 -10.09 73.72
N GLU IG 1030 -1.97 -11.08 74.58
CA GLU IG 1030 -0.67 -11.76 74.60
C GLU IG 1030 -0.88 -13.24 74.85
N VAL IG 1031 -0.25 -14.08 74.01
CA VAL IG 1031 -0.32 -15.51 74.21
C VAL IG 1031 0.65 -15.92 75.32
N TYR IG 1032 0.46 -17.15 75.81
CA TYR IG 1032 1.29 -17.65 76.90
C TYR IG 1032 2.29 -18.66 76.39
N SER IG 1033 3.30 -18.96 77.23
CA SER IG 1033 4.35 -19.90 76.87
C SER IG 1033 4.11 -21.30 77.41
N GLY IG 1034 2.99 -21.54 78.06
CA GLY IG 1034 2.76 -22.83 78.68
C GLY IG 1034 1.36 -23.37 78.53
N THR IG 1035 0.71 -23.07 77.41
CA THR IG 1035 -0.69 -23.44 77.20
C THR IG 1035 -0.80 -24.38 76.01
N GLY IG 1036 -1.51 -25.48 76.20
CA GLY IG 1036 -1.86 -26.36 75.10
C GLY IG 1036 -3.05 -25.82 74.33
N LEU IG 1037 -3.40 -26.53 73.26
CA LEU IG 1037 -4.40 -26.04 72.34
C LEU IG 1037 -5.01 -27.19 71.55
N GLY IG 1038 -6.22 -26.97 71.06
CA GLY IG 1038 -6.88 -27.88 70.16
C GLY IG 1038 -6.95 -27.27 68.76
N ILE IG 1039 -6.72 -28.11 67.76
CA ILE IG 1039 -6.57 -27.68 66.38
C ILE IG 1039 -7.57 -28.42 65.52
N LEU IG 1040 -8.41 -27.68 64.81
CA LEU IG 1040 -9.28 -28.28 63.80
C LEU IG 1040 -8.59 -28.23 62.45
N PHE IG 1041 -8.82 -29.26 61.64
CA PHE IG 1041 -8.17 -29.35 60.34
C PHE IG 1041 -9.00 -28.68 59.26
N THR IG 1042 -8.32 -28.26 58.20
CA THR IG 1042 -8.95 -27.56 57.08
C THR IG 1042 -8.92 -28.36 55.80
N GLN IG 1043 -7.75 -28.92 55.44
CA GLN IG 1043 -7.63 -29.75 54.24
C GLN IG 1043 -6.90 -31.04 54.61
N ASP IG 1044 -6.92 -31.98 53.68
CA ASP IG 1044 -6.32 -33.29 53.89
C ASP IG 1044 -4.83 -33.23 53.63
N VAL IG 1045 -4.12 -34.25 54.11
CA VAL IG 1045 -2.71 -34.45 53.82
C VAL IG 1045 -2.54 -35.85 53.23
N THR IG 1046 -1.31 -36.18 52.83
CA THR IG 1046 -1.02 -37.51 52.32
C THR IG 1046 -0.24 -38.31 53.35
N ILE JG 862 23.47 -29.91 55.98
CA ILE JG 862 22.02 -30.00 56.05
C ILE JG 862 21.52 -29.61 57.43
N ILE JG 863 20.70 -28.57 57.48
CA ILE JG 863 20.03 -28.15 58.70
C ILE JG 863 18.53 -28.16 58.42
N LYS JG 864 17.78 -28.82 59.30
CA LYS JG 864 16.34 -28.94 59.11
C LYS JG 864 15.66 -27.58 59.34
N THR JG 865 14.43 -27.47 58.82
CA THR JG 865 13.66 -26.24 58.94
C THR JG 865 13.23 -26.04 60.39
N GLY JG 866 13.43 -24.82 60.90
CA GLY JG 866 12.92 -24.43 62.20
C GLY JG 866 13.57 -25.10 63.39
N ASP JG 867 14.85 -24.83 63.62
CA ASP JG 867 15.55 -25.29 64.81
C ASP JG 867 16.17 -24.09 65.52
N ILE JG 868 16.80 -24.36 66.66
CA ILE JG 868 17.32 -23.33 67.56
C ILE JG 868 18.79 -23.62 67.85
N MET JG 869 19.63 -22.60 67.70
CA MET JG 869 21.03 -22.67 68.10
C MET JG 869 21.36 -21.47 68.98
N PHE JG 870 22.60 -21.36 69.42
CA PHE JG 870 23.02 -20.28 70.30
C PHE JG 870 24.17 -19.50 69.68
N ALA JG 871 24.32 -18.25 70.13
CA ALA JG 871 25.41 -17.39 69.71
C ALA JG 871 25.70 -16.41 70.84
N VAL JG 872 26.76 -15.63 70.68
CA VAL JG 872 27.13 -14.60 71.65
C VAL JG 872 27.22 -13.27 70.91
N LEU JG 873 26.64 -12.22 71.49
CA LEU JG 873 26.73 -10.88 70.95
C LEU JG 873 27.74 -10.07 71.75
N ASP JG 874 28.68 -9.45 71.04
CA ASP JG 874 29.76 -8.72 71.69
C ASP JG 874 29.75 -7.25 71.32
N THR JG 875 29.29 -6.93 70.12
CA THR JG 875 29.27 -5.54 69.66
C THR JG 875 27.89 -4.94 69.93
N SER JG 876 27.86 -3.85 70.70
CA SER JG 876 26.63 -3.15 70.99
C SER JG 876 26.38 -2.08 69.93
N VAL JG 877 25.10 -1.75 69.74
CA VAL JG 877 24.69 -0.77 68.73
C VAL JG 877 23.37 -0.16 69.17
N ASN JG 878 23.07 1.03 68.65
CA ASN JG 878 21.85 1.73 68.99
C ASN JG 878 20.83 1.57 67.86
N SER JG 879 19.56 1.65 68.24
CA SER JG 879 18.46 1.53 67.29
C SER JG 879 18.14 2.86 66.64
N ASP JG 880 19.12 3.50 66.04
CA ASP JG 880 18.89 4.73 65.30
C ASP JG 880 19.49 4.70 63.91
N GLU JG 881 20.67 4.11 63.74
CA GLU JG 881 21.37 4.08 62.46
C GLU JG 881 21.65 2.64 62.09
N PRO JG 882 21.07 2.11 61.02
CA PRO JG 882 21.34 0.72 60.62
C PRO JG 882 22.76 0.53 60.11
N GLY JG 883 23.28 -0.66 60.37
CA GLY JG 883 24.63 -1.00 59.98
C GLY JG 883 24.98 -2.43 60.34
N PRO JG 884 26.21 -2.84 60.03
CA PRO JG 884 26.63 -4.22 60.33
C PRO JG 884 26.86 -4.48 61.81
N ILE JG 885 26.29 -5.58 62.32
CA ILE JG 885 26.57 -6.08 63.66
C ILE JG 885 26.87 -7.57 63.56
N LEU JG 886 27.88 -8.03 64.31
CA LEU JG 886 28.36 -9.41 64.19
C LEU JG 886 28.16 -10.17 65.49
N ALA JG 887 27.85 -11.45 65.35
CA ALA JG 887 27.77 -12.44 66.41
C ALA JG 887 28.57 -13.68 66.01
N THR JG 888 28.66 -14.64 66.92
CA THR JG 888 29.46 -15.84 66.68
C THR JG 888 28.76 -17.07 67.23
N ILE JG 889 28.46 -18.03 66.36
CA ILE JG 889 27.95 -19.32 66.80
C ILE JG 889 29.10 -20.10 67.43
N VAL JG 890 28.94 -20.47 68.69
CA VAL JG 890 30.00 -21.14 69.43
C VAL JG 890 29.64 -22.57 69.80
N THR JG 891 28.37 -22.96 69.68
CA THR JG 891 27.99 -24.33 69.99
C THR JG 891 27.23 -24.95 68.82
N GLY JG 892 26.65 -26.13 69.03
CA GLY JG 892 26.00 -26.81 67.94
C GLY JG 892 27.03 -27.36 66.97
N LYS JG 893 26.57 -27.67 65.76
CA LYS JG 893 27.48 -28.16 64.74
C LYS JG 893 28.33 -27.04 64.15
N LEU JG 894 27.79 -25.82 64.12
CA LEU JG 894 28.54 -24.68 63.59
C LEU JG 894 29.53 -24.18 64.62
N LYS JG 895 30.81 -24.34 64.32
CA LYS JG 895 31.88 -23.93 65.23
C LYS JG 895 32.70 -22.85 64.54
N GLY JG 896 32.94 -21.75 65.25
CA GLY JG 896 33.72 -20.65 64.71
C GLY JG 896 32.98 -19.78 63.72
N SER JG 897 31.68 -20.00 63.56
CA SER JG 897 30.92 -19.29 62.55
C SER JG 897 30.63 -17.87 63.00
N LYS JG 898 30.78 -16.92 62.09
CA LYS JG 898 30.49 -15.53 62.39
C LYS JG 898 29.27 -15.08 61.61
N LEU JG 899 28.66 -13.97 62.05
CA LEU JG 899 27.37 -13.58 61.53
C LEU JG 899 27.27 -12.06 61.48
N ILE JG 900 26.99 -11.52 60.31
CA ILE JG 900 26.78 -10.11 60.05
C ILE JG 900 25.30 -9.88 59.74
N GLY JG 901 24.72 -8.87 60.39
CA GLY JG 901 23.34 -8.49 60.14
C GLY JG 901 23.04 -7.07 60.56
N SER JG 902 21.77 -6.76 60.75
CA SER JG 902 21.33 -5.43 61.16
C SER JG 902 20.01 -5.57 61.91
N PHE JG 903 19.47 -4.45 62.38
CA PHE JG 903 18.26 -4.43 63.20
C PHE JG 903 17.09 -3.90 62.39
N ASN JG 904 15.91 -3.95 63.00
CA ASN JG 904 14.71 -3.33 62.46
C ASN JG 904 13.96 -2.65 63.60
N LEU JG 905 13.19 -1.63 63.25
CA LEU JG 905 12.51 -0.84 64.26
C LEU JG 905 11.06 -1.24 64.38
N PRO JG 906 10.61 -1.67 65.55
CA PRO JG 906 9.22 -2.07 65.73
C PRO JG 906 8.29 -0.87 65.89
N SER JG 907 7.00 -1.16 65.91
CA SER JG 907 6.00 -0.12 66.13
C SER JG 907 6.06 0.45 67.53
N ASN JG 908 6.15 -0.41 68.54
CA ASN JG 908 6.35 -0.02 69.93
C ASN JG 908 7.59 -0.75 70.46
N ALA JG 909 8.19 -0.19 71.51
CA ALA JG 909 9.50 -0.63 71.98
C ALA JG 909 9.44 -1.81 72.95
N ASP JG 910 8.35 -2.59 72.92
CA ASP JG 910 8.20 -3.76 73.78
C ASP JG 910 8.97 -4.97 73.27
N LYS JG 911 9.55 -4.89 72.08
CA LYS JG 911 10.32 -5.98 71.52
C LYS JG 911 11.38 -5.40 70.61
N MET JG 912 12.36 -6.23 70.26
CA MET JG 912 13.39 -5.86 69.30
C MET JG 912 14.01 -7.14 68.76
N VAL JG 913 14.11 -7.23 67.44
CA VAL JG 913 14.69 -8.40 66.80
C VAL JG 913 15.78 -7.93 65.83
N ILE JG 914 16.69 -8.84 65.53
CA ILE JG 914 17.86 -8.56 64.71
C ILE JG 914 17.77 -9.41 63.46
N THR JG 915 17.84 -8.76 62.30
CA THR JG 915 17.84 -9.46 61.02
C THR JG 915 19.26 -9.95 60.77
N PHE JG 916 19.47 -11.25 60.89
CA PHE JG 916 20.79 -11.86 60.77
C PHE JG 916 20.81 -12.71 59.52
N ASN JG 917 21.63 -12.32 58.55
CA ASN JG 917 21.62 -13.03 57.28
C ASN JG 917 22.99 -13.52 56.83
N THR JG 918 24.05 -12.75 57.05
CA THR JG 918 25.34 -13.02 56.43
C THR JG 918 26.17 -13.91 57.34
N MET JG 919 26.16 -15.21 57.08
CA MET JG 919 26.81 -16.18 57.96
C MET JG 919 28.07 -16.72 57.27
N SER JG 920 29.22 -16.42 57.84
CA SER JG 920 30.49 -16.90 57.32
C SER JG 920 30.95 -18.08 58.16
N ILE JG 921 31.07 -19.23 57.51
CA ILE JG 921 31.58 -20.46 58.12
C ILE JG 921 33.09 -20.47 57.93
N PRO JG 922 33.88 -20.68 58.97
CA PRO JG 922 35.33 -20.72 58.81
C PRO JG 922 35.83 -22.00 58.15
N GLY JG 923 37.14 -22.12 58.00
CA GLY JG 923 37.71 -23.25 57.31
C GLY JG 923 37.90 -22.99 55.83
N ALA JG 924 36.80 -22.88 55.10
CA ALA JG 924 36.82 -22.58 53.68
C ALA JG 924 36.37 -21.15 53.42
N GLU JG 925 36.73 -20.64 52.25
CA GLU JG 925 36.43 -19.27 51.85
C GLU JG 925 35.01 -19.18 51.30
N LYS JG 926 34.04 -19.35 52.18
CA LYS JG 926 32.63 -19.30 51.81
C LYS JG 926 31.86 -18.54 52.89
N THR JG 927 30.71 -17.99 52.49
CA THR JG 927 29.86 -17.23 53.41
C THR JG 927 28.41 -17.51 53.01
N ILE JG 928 27.73 -18.34 53.80
CA ILE JG 928 26.36 -18.75 53.50
C ILE JG 928 25.40 -17.64 53.91
N SER JG 929 24.13 -17.77 53.52
CA SER JG 929 23.20 -16.67 53.68
C SER JG 929 21.92 -17.08 54.41
N ILE JG 930 22.05 -17.75 55.56
CA ILE JG 930 20.87 -18.08 56.36
C ILE JG 930 20.34 -16.78 56.97
N SER JG 931 19.18 -16.36 56.49
CA SER JG 931 18.56 -15.12 56.92
C SER JG 931 17.60 -15.44 58.06
N ALA JG 932 18.03 -15.13 59.28
CA ALA JG 932 17.31 -15.58 60.45
C ALA JG 932 17.22 -14.44 61.45
N TYR JG 933 16.55 -14.69 62.56
CA TYR JG 933 16.30 -13.72 63.61
C TYR JG 933 16.92 -14.21 64.91
N ALA JG 934 16.66 -13.48 65.98
CA ALA JG 934 17.19 -13.80 67.30
C ALA JG 934 16.06 -13.86 68.32
N ILE JG 935 16.22 -14.74 69.31
CA ILE JG 935 15.31 -14.87 70.43
C ILE JG 935 16.13 -14.84 71.71
N ASP JG 936 15.59 -14.20 72.73
CA ASP JG 936 16.34 -14.02 73.98
C ASP JG 936 16.42 -15.33 74.75
N PRO JG 937 17.60 -15.77 75.15
CA PRO JG 937 17.71 -16.95 76.00
C PRO JG 937 17.18 -16.65 77.40
N ASN JG 938 16.73 -17.72 78.06
CA ASN JG 938 16.11 -17.79 79.39
C ASN JG 938 14.74 -17.12 79.45
N THR JG 939 14.21 -16.61 78.34
CA THR JG 939 12.85 -16.06 78.33
C THR JG 939 12.08 -16.62 77.14
N ALA JG 940 12.79 -16.89 76.04
CA ALA JG 940 12.25 -17.31 74.74
C ALA JG 940 11.19 -16.34 74.24
N ARG JG 941 11.48 -15.05 74.44
CA ARG JG 941 10.56 -13.98 74.08
C ARG JG 941 11.34 -12.92 73.31
N THR JG 942 10.60 -12.05 72.64
CA THR JG 942 11.18 -11.11 71.68
C THR JG 942 11.54 -9.77 72.28
N ALA JG 943 11.31 -9.56 73.57
CA ALA JG 943 11.70 -8.31 74.21
C ALA JG 943 13.22 -8.22 74.35
N LEU JG 944 13.72 -6.99 74.44
CA LEU JG 944 15.15 -6.74 74.44
C LEU JG 944 15.60 -6.17 75.78
N ALA JG 945 16.85 -6.46 76.14
CA ALA JG 945 17.46 -5.93 77.35
C ALA JG 945 17.84 -4.47 77.11
N SER JG 946 16.88 -3.59 77.38
CA SER JG 946 17.07 -2.14 77.29
C SER JG 946 16.02 -1.47 78.15
N ARG JG 947 16.02 -0.13 78.13
CA ARG JG 947 14.99 0.65 78.78
C ARG JG 947 14.11 1.33 77.74
N THR JG 948 12.86 1.60 78.15
CA THR JG 948 11.89 2.18 77.23
C THR JG 948 11.29 3.48 77.72
N ASN JG 949 11.80 4.06 78.81
CA ASN JG 949 11.33 5.34 79.34
C ASN JG 949 12.31 6.46 79.03
N HIS JG 950 12.92 6.43 77.84
CA HIS JG 950 14.06 7.27 77.52
C HIS JG 950 13.71 8.75 77.42
N HIS JG 951 12.64 9.09 76.71
CA HIS JG 951 12.30 10.49 76.46
C HIS JG 951 10.82 10.74 76.68
N TYR JG 952 10.28 10.27 77.79
CA TYR JG 952 8.93 10.63 78.19
C TYR JG 952 8.90 11.87 79.06
N LEU JG 953 9.55 11.81 80.22
CA LEU JG 953 9.40 12.83 81.24
C LEU JG 953 10.15 14.10 80.87
N MET JG 954 11.18 14.00 80.03
CA MET JG 954 11.91 15.18 79.57
C MET JG 954 11.00 16.11 78.76
N ARG JG 955 10.34 15.57 77.74
CA ARG JG 955 9.46 16.41 76.93
C ARG JG 955 8.16 16.74 77.67
N TYR JG 956 7.73 15.85 78.59
CA TYR JG 956 6.59 16.17 79.44
C TYR JG 956 6.86 17.40 80.30
N GLY JG 957 8.01 17.42 80.99
CA GLY JG 957 8.35 18.55 81.84
C GLY JG 957 8.62 19.83 81.05
N SER JG 958 9.22 19.69 79.86
CA SER JG 958 9.46 20.87 79.02
C SER JG 958 8.15 21.50 78.56
N LEU JG 959 7.19 20.67 78.11
CA LEU JG 959 5.88 21.17 77.70
C LEU JG 959 5.13 21.80 78.87
N PHE JG 960 5.17 21.14 80.03
CA PHE JG 960 4.44 21.66 81.20
C PHE JG 960 5.04 22.97 81.70
N ALA JG 961 6.36 23.10 81.65
CA ALA JG 961 7.00 24.34 82.08
C ALA JG 961 6.68 25.47 81.11
N SER JG 962 6.71 25.20 79.80
CA SER JG 962 6.35 26.22 78.80
C SER JG 962 4.91 26.67 78.97
N SER JG 963 4.00 25.72 79.24
CA SER JG 963 2.62 26.05 79.53
C SER JG 963 2.51 26.95 80.75
N PHE JG 964 3.04 26.53 81.90
CA PHE JG 964 2.91 27.28 83.15
C PHE JG 964 3.52 28.67 83.04
N LEU JG 965 4.57 28.81 82.23
CA LEU JG 965 5.12 30.13 81.92
C LEU JG 965 4.10 31.00 81.19
N GLN JG 966 3.49 30.45 80.12
CA GLN JG 966 2.48 31.20 79.35
C GLN JG 966 1.31 31.62 80.24
N GLY JG 967 0.84 30.68 81.06
CA GLY JG 967 -0.28 30.96 81.94
C GLY JG 967 0.04 32.01 82.98
N PHE JG 968 1.27 31.98 83.51
CA PHE JG 968 1.65 32.94 84.54
C PHE JG 968 1.69 34.33 83.98
N GLY JG 969 2.27 34.48 82.79
CA GLY JG 969 2.32 35.78 82.17
C GLY JG 969 0.94 36.35 81.84
N ASN JG 970 0.09 35.55 81.19
CA ASN JG 970 -1.20 36.10 80.78
C ASN JG 970 -2.12 36.36 81.97
N ALA JG 971 -2.20 35.45 82.94
CA ALA JG 971 -3.15 35.66 84.03
C ALA JG 971 -2.66 36.71 85.02
N PHE JG 972 -1.36 36.72 85.33
CA PHE JG 972 -0.88 37.75 86.25
C PHE JG 972 -0.66 39.10 85.57
N GLN JG 973 -0.78 39.17 84.23
CA GLN JG 973 -0.94 40.48 83.61
C GLN JG 973 -2.40 40.90 83.57
N SER JG 974 -3.32 39.93 83.40
CA SER JG 974 -4.72 40.27 83.26
C SER JG 974 -5.35 40.69 84.58
N ALA JG 975 -4.98 40.03 85.68
CA ALA JG 975 -5.63 40.27 86.96
C ALA JG 975 -5.02 41.44 87.72
N ASN JG 976 -4.34 42.36 87.03
CA ASN JG 976 -3.67 43.47 87.69
C ASN JG 976 -4.65 44.54 88.17
N THR JG 977 -5.81 44.66 87.51
CA THR JG 977 -6.79 45.66 87.95
C THR JG 977 -7.51 45.21 89.22
N THR JG 978 -7.84 43.94 89.32
CA THR JG 978 -8.57 43.42 90.47
C THR JG 978 -7.63 42.79 91.49
N SER JG 999 6.41 45.94 90.03
CA SER JG 999 7.47 46.13 89.05
C SER JG 999 8.20 44.81 88.79
N THR JG 1000 8.82 44.28 89.84
CA THR JG 1000 9.57 43.03 89.72
C THR JG 1000 8.66 41.84 89.49
N LEU JG 1001 7.48 41.84 90.11
CA LEU JG 1001 6.49 40.81 89.83
C LEU JG 1001 6.00 40.93 88.39
N GLU JG 1002 5.89 42.15 87.88
CA GLU JG 1002 5.58 42.36 86.47
C GLU JG 1002 6.72 41.89 85.58
N ASN JG 1003 7.96 41.91 86.09
CA ASN JG 1003 9.06 41.35 85.32
C ASN JG 1003 9.00 39.82 85.29
N ALA JG 1004 8.51 39.21 86.38
CA ALA JG 1004 8.24 37.78 86.35
C ALA JG 1004 7.16 37.44 85.33
N VAL JG 1005 6.11 38.28 85.29
CA VAL JG 1005 5.07 38.20 84.25
C VAL JG 1005 5.69 38.30 82.86
N ILE JG 1006 6.62 39.24 82.70
CA ILE JG 1006 7.33 39.47 81.44
C ILE JG 1006 8.04 38.20 80.99
N GLY JG 1007 8.82 37.60 81.91
CA GLY JG 1007 9.69 36.52 81.52
C GLY JG 1007 8.91 35.28 81.17
N LEU JG 1008 7.93 34.96 82.00
CA LEU JG 1008 7.18 33.73 81.77
C LEU JG 1008 6.23 33.90 80.59
N ALA JG 1009 5.62 35.10 80.47
CA ALA JG 1009 4.75 35.49 79.38
C ALA JG 1009 5.39 35.34 78.02
N THR JG 1010 6.68 35.63 77.92
CA THR JG 1010 7.25 35.59 76.60
C THR JG 1010 8.09 34.36 76.32
N VAL JG 1011 8.73 33.76 77.31
CA VAL JG 1011 9.48 32.55 77.02
C VAL JG 1011 8.62 31.29 77.09
N GLY JG 1012 7.35 31.40 77.50
CA GLY JG 1012 6.48 30.24 77.42
C GLY JG 1012 6.13 29.83 76.00
N LYS JG 1013 5.89 30.82 75.12
CA LYS JG 1013 5.26 30.54 73.84
C LYS JG 1013 6.21 29.83 72.87
N ALA JG 1014 7.44 30.31 72.76
CA ALA JG 1014 8.41 29.69 71.86
C ALA JG 1014 8.79 28.29 72.33
N TRP JG 1015 8.94 28.12 73.65
CA TRP JG 1015 9.18 26.80 74.19
C TRP JG 1015 7.97 25.89 74.00
N SER JG 1016 6.76 26.46 74.01
CA SER JG 1016 5.55 25.68 73.79
C SER JG 1016 5.49 25.14 72.36
N GLN JG 1017 5.74 26.00 71.37
CA GLN JG 1017 5.70 25.53 70.00
C GLN JG 1017 6.88 24.61 69.68
N GLN JG 1018 8.03 24.82 70.32
CA GLN JG 1018 9.16 23.91 70.12
C GLN JG 1018 8.90 22.55 70.76
N ALA JG 1019 8.23 22.53 71.92
CA ALA JG 1019 7.86 21.27 72.55
C ALA JG 1019 6.81 20.54 71.74
N GLN JG 1020 5.88 21.28 71.14
CA GLN JG 1020 4.94 20.68 70.20
C GLN JG 1020 5.64 20.12 68.97
N GLN JG 1021 6.74 20.77 68.56
CA GLN JG 1021 7.52 20.25 67.45
C GLN JG 1021 8.24 18.95 67.81
N LEU JG 1022 8.93 18.92 68.94
CA LEU JG 1022 9.81 17.80 69.26
C LEU JG 1022 9.15 16.73 70.13
N PHE JG 1023 7.84 16.86 70.40
CA PHE JG 1023 7.17 15.90 71.27
C PHE JG 1023 7.06 14.51 70.67
N ASN JG 1024 7.11 14.40 69.34
CA ASN JG 1024 6.86 13.14 68.64
C ASN JG 1024 8.05 12.18 68.65
N THR JG 1025 9.07 12.40 69.47
CA THR JG 1025 10.21 11.49 69.50
C THR JG 1025 9.90 10.28 70.38
N PRO JG 1026 9.98 9.06 69.86
CA PRO JG 1026 9.80 7.87 70.69
C PRO JG 1026 11.08 7.55 71.45
N THR JG 1027 10.99 6.52 72.29
CA THR JG 1027 12.13 6.06 73.07
C THR JG 1027 12.85 4.97 72.30
N THR JG 1028 14.16 5.13 72.12
CA THR JG 1028 14.96 4.16 71.40
C THR JG 1028 15.29 2.97 72.29
N VAL JG 1029 15.98 1.99 71.71
CA VAL JG 1029 16.55 0.87 72.45
C VAL JG 1029 18.00 0.71 72.02
N GLU JG 1030 18.75 -0.04 72.82
CA GLU JG 1030 20.14 -0.31 72.52
C GLU JG 1030 20.52 -1.69 73.02
N VAL JG 1031 21.03 -2.54 72.12
CA VAL JG 1031 21.49 -3.85 72.52
C VAL JG 1031 22.78 -3.74 73.32
N TYR JG 1032 23.05 -4.75 74.13
CA TYR JG 1032 24.19 -4.73 75.03
C TYR JG 1032 25.40 -5.39 74.38
N SER JG 1033 26.57 -5.08 74.93
CA SER JG 1033 27.83 -5.59 74.40
C SER JG 1033 28.31 -6.87 75.08
N GLY JG 1034 27.55 -7.41 76.02
CA GLY JG 1034 28.01 -8.58 76.75
C GLY JG 1034 26.95 -9.62 77.03
N THR JG 1035 25.98 -9.77 76.12
CA THR JG 1035 24.87 -10.69 76.33
C THR JG 1035 24.82 -11.70 75.19
N GLY JG 1036 24.66 -12.97 75.53
CA GLY JG 1036 24.48 -14.02 74.55
C GLY JG 1036 23.06 -14.01 74.00
N LEU JG 1037 22.83 -14.88 73.03
CA LEU JG 1037 21.56 -14.89 72.32
C LEU JG 1037 21.28 -16.28 71.79
N GLY JG 1038 20.01 -16.49 71.42
CA GLY JG 1038 19.58 -17.69 70.72
C GLY JG 1038 19.00 -17.31 69.36
N ILE JG 1039 19.16 -18.23 68.41
CA ILE JG 1039 18.78 -17.98 67.02
C ILE JG 1039 17.86 -19.10 66.56
N LEU JG 1040 16.68 -18.73 66.07
CA LEU JG 1040 15.79 -19.66 65.41
C LEU JG 1040 16.00 -19.58 63.90
N PHE JG 1041 15.81 -20.70 63.23
CA PHE JG 1041 16.10 -20.80 61.80
C PHE JG 1041 14.87 -20.48 60.96
N THR JG 1042 15.12 -20.01 59.75
CA THR JG 1042 14.06 -19.70 58.78
C THR JG 1042 14.16 -20.57 57.54
N GLN JG 1043 15.36 -20.71 56.96
CA GLN JG 1043 15.55 -21.49 55.76
C GLN JG 1043 16.60 -22.57 56.04
N ASP JG 1044 16.63 -23.57 55.15
CA ASP JG 1044 17.55 -24.69 55.28
C ASP JG 1044 18.85 -24.40 54.52
N VAL JG 1045 19.89 -25.16 54.85
CA VAL JG 1045 21.17 -25.11 54.17
C VAL JG 1045 21.62 -26.54 53.88
N THR JG 1046 22.82 -26.66 53.34
CA THR JG 1046 23.38 -27.96 53.00
C THR JG 1046 24.77 -28.12 53.59
N ILE KG 862 43.58 -14.04 50.77
CA ILE KG 862 42.25 -14.44 51.18
C ILE KG 862 42.02 -14.06 52.63
N ILE KG 863 40.94 -13.32 52.87
CA ILE KG 863 40.55 -12.86 54.19
C ILE KG 863 39.12 -13.29 54.43
N LYS KG 864 38.86 -13.86 55.61
CA LYS KG 864 37.52 -14.32 55.97
C LYS KG 864 36.56 -13.14 56.07
N THR KG 865 35.29 -13.41 55.81
CA THR KG 865 34.23 -12.40 55.89
C THR KG 865 34.05 -11.97 57.34
N GLY KG 866 34.00 -10.66 57.57
CA GLY KG 866 33.59 -10.10 58.84
C GLY KG 866 34.44 -10.39 60.05
N ASP KG 867 35.77 -10.41 59.89
CA ASP KG 867 36.67 -10.64 61.01
C ASP KG 867 37.03 -9.30 61.65
N ILE KG 868 37.81 -9.37 62.73
CA ILE KG 868 38.14 -8.23 63.57
C ILE KG 868 39.63 -7.97 63.50
N MET KG 869 40.01 -6.73 63.21
CA MET KG 869 41.40 -6.30 63.15
C MET KG 869 41.53 -4.97 63.90
N PHE KG 870 42.75 -4.44 63.96
CA PHE KG 870 42.98 -3.18 64.65
C PHE KG 870 43.85 -2.27 63.81
N ALA KG 871 43.66 -0.97 63.99
CA ALA KG 871 44.35 0.04 63.20
C ALA KG 871 44.44 1.31 64.02
N VAL KG 872 45.19 2.29 63.50
CA VAL KG 872 45.38 3.57 64.16
C VAL KG 872 45.00 4.67 63.18
N LEU KG 873 44.19 5.62 63.63
CA LEU KG 873 43.82 6.79 62.84
C LEU KG 873 44.63 8.00 63.32
N ASP KG 874 44.93 8.90 62.39
CA ASP KG 874 45.59 10.14 62.79
C ASP KG 874 44.84 11.38 62.30
N THR KG 875 44.37 11.36 61.06
CA THR KG 875 43.78 12.56 60.46
C THR KG 875 42.35 12.74 60.96
N SER KG 876 42.17 13.68 61.89
CA SER KG 876 40.87 13.89 62.50
C SER KG 876 40.01 14.81 61.64
N VAL KG 877 38.70 14.70 61.82
CA VAL KG 877 37.74 15.52 61.08
C VAL KG 877 36.47 15.62 61.91
N ASN KG 878 35.69 16.65 61.65
CA ASN KG 878 34.39 16.85 62.27
C ASN KG 878 33.31 16.30 61.35
N SER KG 879 32.15 16.00 61.95
CA SER KG 879 31.00 15.56 61.17
C SER KG 879 30.23 16.76 60.61
N ASP KG 880 30.90 17.60 59.84
CA ASP KG 880 30.27 18.76 59.23
C ASP KG 880 30.47 18.81 57.72
N GLU KG 881 31.67 18.50 57.23
CA GLU KG 881 32.00 18.60 55.80
C GLU KG 881 32.64 17.30 55.37
N PRO KG 882 32.22 16.71 54.26
CA PRO KG 882 32.81 15.44 53.81
C PRO KG 882 34.26 15.59 53.38
N GLY KG 883 35.02 14.51 53.54
CA GLY KG 883 36.40 14.50 53.14
C GLY KG 883 37.06 13.14 53.31
N PRO KG 884 38.30 13.01 52.81
CA PRO KG 884 39.03 11.74 52.97
C PRO KG 884 39.68 11.63 54.35
N ILE KG 885 39.52 10.47 54.98
CA ILE KG 885 40.14 10.17 56.26
C ILE KG 885 40.79 8.79 56.17
N LEU KG 886 42.02 8.67 56.67
CA LEU KG 886 42.82 7.46 56.53
C LEU KG 886 43.23 6.89 57.88
N ALA KG 887 43.33 5.56 57.93
CA ALA KG 887 43.94 4.82 59.04
C ALA KG 887 44.95 3.84 58.47
N THR KG 888 45.62 3.11 59.38
CA THR KG 888 46.69 2.19 58.99
C THR KG 888 46.63 0.96 59.88
N ILE KG 889 46.48 -0.21 59.26
CA ILE KG 889 46.49 -1.48 60.00
C ILE KG 889 47.89 -1.76 60.49
N VAL KG 890 48.02 -2.07 61.78
CA VAL KG 890 49.31 -2.22 62.41
C VAL KG 890 49.55 -3.63 62.94
N THR KG 891 48.53 -4.48 62.99
CA THR KG 891 48.69 -5.82 63.55
C THR KG 891 48.09 -6.88 62.64
N GLY KG 892 48.10 -8.13 63.11
CA GLY KG 892 47.41 -9.21 62.42
C GLY KG 892 48.09 -9.61 61.12
N LYS KG 893 47.25 -9.98 60.14
CA LYS KG 893 47.75 -10.41 58.84
C LYS KG 893 48.35 -9.26 58.04
N LEU KG 894 47.67 -8.13 57.97
CA LEU KG 894 48.14 -7.01 57.18
C LEU KG 894 48.81 -5.97 58.07
N LYS KG 895 50.09 -5.73 57.83
CA LYS KG 895 50.86 -4.76 58.58
C LYS KG 895 51.34 -3.68 57.61
N GLY KG 896 51.14 -2.42 57.98
CA GLY KG 896 51.56 -1.33 57.13
C GLY KG 896 50.59 -0.98 56.02
N SER KG 897 49.46 -1.69 55.94
CA SER KG 897 48.44 -1.33 54.96
C SER KG 897 47.73 -0.07 55.42
N LYS KG 898 47.37 0.78 54.47
CA LYS KG 898 46.67 2.02 54.79
C LYS KG 898 45.30 2.02 54.12
N LEU KG 899 44.43 2.90 54.58
CA LEU KG 899 43.02 2.81 54.18
C LEU KG 899 42.40 4.19 54.25
N ILE KG 900 41.87 4.65 53.12
CA ILE KG 900 41.16 5.92 52.98
C ILE KG 900 39.68 5.66 52.84
N GLY KG 901 38.87 6.56 53.40
CA GLY KG 901 37.43 6.48 53.34
C GLY KG 901 36.76 7.78 53.76
N SER KG 902 35.47 7.72 54.07
CA SER KG 902 34.71 8.90 54.44
C SER KG 902 33.85 8.55 55.65
N PHE KG 903 33.09 9.52 56.15
CA PHE KG 903 32.24 9.32 57.31
C PHE KG 903 30.77 9.33 56.89
N ASN KG 904 29.90 9.23 57.89
CA ASN KG 904 28.46 9.31 57.67
C ASN KG 904 27.90 10.37 58.60
N LEU KG 905 26.75 10.91 58.19
CA LEU KG 905 26.00 11.76 59.10
C LEU KG 905 24.81 10.98 59.63
N PRO KG 906 24.80 10.65 60.91
CA PRO KG 906 23.66 9.96 61.50
C PRO KG 906 22.46 10.88 61.67
N SER KG 907 21.29 10.25 61.83
CA SER KG 907 20.07 10.98 62.09
C SER KG 907 20.09 11.67 63.44
N ASN KG 908 20.64 11.02 64.46
CA ASN KG 908 20.74 11.56 65.80
C ASN KG 908 22.21 11.62 66.19
N ALA KG 909 22.52 12.52 67.14
CA ALA KG 909 23.90 12.84 67.48
C ALA KG 909 24.45 11.97 68.61
N ASP KG 910 23.94 10.77 68.80
CA ASP KG 910 24.42 9.89 69.86
C ASP KG 910 25.34 8.78 69.38
N LYS KG 911 25.70 8.77 68.10
CA LYS KG 911 26.63 7.78 67.57
C LYS KG 911 27.32 8.35 66.34
N MET KG 912 28.42 7.71 65.95
CA MET KG 912 29.17 8.14 64.78
C MET KG 912 29.96 6.96 64.21
N VAL KG 913 29.86 6.76 62.90
CA VAL KG 913 30.55 5.66 62.23
C VAL KG 913 31.28 6.18 61.00
N ILE KG 914 32.27 5.42 60.56
CA ILE KG 914 33.18 5.79 59.47
C ILE KG 914 33.09 4.71 58.40
N THR KG 915 32.94 5.12 57.14
CA THR KG 915 32.93 4.19 56.02
C THR KG 915 34.36 4.04 55.50
N PHE KG 916 34.89 2.83 55.58
CA PHE KG 916 36.29 2.57 55.22
C PHE KG 916 36.34 1.59 54.06
N ASN KG 917 36.76 2.08 52.89
CA ASN KG 917 36.66 1.24 51.71
C ASN KG 917 37.95 1.11 50.91
N THR KG 918 38.74 2.17 50.78
CA THR KG 918 39.86 2.15 49.85
C THR KG 918 41.12 1.70 50.59
N MET KG 919 41.45 0.42 50.43
CA MET KG 919 42.55 -0.22 51.16
C MET KG 919 43.72 -0.41 50.21
N SER KG 920 44.88 0.16 50.55
CA SER KG 920 46.10 -0.03 49.78
C SER KG 920 47.12 -0.74 50.66
N ILE KG 921 47.59 -1.89 50.19
CA ILE KG 921 48.54 -2.75 50.90
C ILE KG 921 49.90 -2.55 50.25
N PRO KG 922 50.97 -2.37 51.03
CA PRO KG 922 52.30 -2.15 50.42
C PRO KG 922 52.89 -3.40 49.79
N GLY KG 923 54.12 -3.27 49.29
CA GLY KG 923 54.76 -4.35 48.56
C GLY KG 923 54.49 -4.25 47.07
N ALA KG 924 53.25 -4.48 46.67
CA ALA KG 924 52.86 -4.42 45.27
C ALA KG 924 52.04 -3.18 44.98
N GLU KG 925 51.98 -2.82 43.71
CA GLU KG 925 51.26 -1.64 43.23
C GLU KG 925 49.78 -1.99 43.07
N LYS KG 926 49.08 -2.11 44.19
CA LYS KG 926 47.71 -2.57 44.19
C LYS KG 926 46.85 -1.69 45.07
N THR KG 927 45.54 -1.70 44.82
CA THR KG 927 44.58 -0.95 45.62
C THR KG 927 43.29 -1.77 45.66
N ILE KG 928 43.10 -2.52 46.73
CA ILE KG 928 41.88 -3.32 46.89
C ILE KG 928 40.77 -2.44 47.45
N SER KG 929 39.53 -2.93 47.43
CA SER KG 929 38.39 -2.11 47.81
C SER KG 929 37.48 -2.82 48.80
N ILE KG 930 38.04 -3.40 49.85
CA ILE KG 930 37.24 -3.96 50.93
C ILE KG 930 36.57 -2.81 51.67
N SER KG 931 35.25 -2.76 51.63
CA SER KG 931 34.48 -1.69 52.24
C SER KG 931 34.05 -2.13 53.63
N ALA KG 932 34.71 -1.59 54.65
CA ALA KG 932 34.51 -2.06 56.02
C ALA KG 932 34.15 -0.87 56.89
N TYR KG 933 33.85 -1.17 58.15
CA TYR KG 933 33.43 -0.17 59.11
C TYR KG 933 34.43 -0.12 60.26
N ALA KG 934 34.09 0.64 61.30
CA ALA KG 934 34.91 0.79 62.48
C ALA KG 934 34.09 0.59 63.74
N ILE KG 935 34.72 -0.01 64.75
CA ILE KG 935 34.18 -0.15 66.09
C ILE KG 935 35.25 0.28 67.08
N ASP KG 936 34.85 1.01 68.11
CA ASP KG 936 35.83 1.54 69.05
C ASP KG 936 36.40 0.41 69.91
N PRO KG 937 37.72 0.29 70.01
CA PRO KG 937 38.32 -0.77 70.82
C PRO KG 937 38.07 -0.55 72.30
N ASN KG 938 37.96 -1.67 73.02
CA ASN KG 938 37.65 -1.78 74.45
C ASN KG 938 36.31 -1.16 74.83
N THR KG 939 35.41 -0.92 73.87
CA THR KG 939 34.06 -0.47 74.16
C THR KG 939 33.07 -1.41 73.50
N ALA KG 940 33.39 -1.80 72.27
CA ALA KG 940 32.56 -2.61 71.38
C ALA KG 940 31.17 -1.98 71.18
N ARG KG 941 31.18 -0.64 71.12
CA ARG KG 941 29.98 0.13 70.87
C ARG KG 941 30.29 1.15 69.78
N THR KG 942 29.28 1.43 68.96
CA THR KG 942 29.48 2.23 67.75
C THR KG 942 29.45 3.73 68.00
N ALA KG 943 29.26 4.17 69.23
CA ALA KG 943 29.32 5.59 69.53
C ALA KG 943 30.77 6.08 69.48
N LEU KG 944 30.93 7.40 69.38
CA LEU KG 944 32.24 8.02 69.28
C LEU KG 944 32.55 8.79 70.55
N ALA KG 945 33.81 8.71 70.98
CA ALA KG 945 34.30 9.53 72.08
C ALA KG 945 34.47 10.95 71.56
N SER KG 946 33.45 11.76 71.82
CA SER KG 946 33.40 13.14 71.33
C SER KG 946 32.55 13.94 72.31
N ARG KG 947 32.17 15.14 71.89
CA ARG KG 947 31.20 15.93 72.63
C ARG KG 947 29.96 16.16 71.78
N THR KG 948 28.80 15.96 72.39
CA THR KG 948 27.54 16.05 71.67
C THR KG 948 26.63 17.16 72.20
N ASN KG 949 27.04 17.90 73.21
CA ASN KG 949 26.25 18.97 73.82
C ASN KG 949 26.67 20.35 73.33
N HIS KG 950 27.00 20.45 72.03
CA HIS KG 950 27.67 21.62 71.47
C HIS KG 950 26.81 22.88 71.52
N HIS KG 951 25.60 22.83 70.99
CA HIS KG 951 24.81 24.03 70.75
C HIS KG 951 23.37 23.85 71.18
N TYR KG 952 23.14 23.36 72.40
CA TYR KG 952 21.80 23.36 72.96
C TYR KG 952 21.50 24.62 73.75
N LEU KG 953 22.31 24.87 74.78
CA LEU KG 953 22.04 25.98 75.68
C LEU KG 953 22.33 27.32 75.02
N MET KG 954 23.16 27.34 73.99
CA MET KG 954 23.43 28.58 73.25
C MET KG 954 22.16 29.09 72.57
N ARG KG 955 21.49 28.23 71.79
CA ARG KG 955 20.29 28.67 71.11
C ARG KG 955 19.11 28.77 72.07
N TYR KG 956 19.11 27.95 73.14
CA TYR KG 956 18.10 28.10 74.19
C TYR KG 956 18.17 29.47 74.84
N GLY KG 957 19.37 29.89 75.25
CA GLY KG 957 19.54 31.18 75.89
C GLY KG 957 19.28 32.33 74.94
N SER KG 958 19.67 32.19 73.67
CA SER KG 958 19.42 33.24 72.69
C SER KG 958 17.93 33.44 72.45
N LEU KG 959 17.19 32.34 72.28
CA LEU KG 959 15.75 32.41 72.06
C LEU KG 959 15.03 32.99 73.27
N PHE KG 960 15.39 32.50 74.47
CA PHE KG 960 14.71 32.96 75.67
C PHE KG 960 15.07 34.39 76.02
N ALA KG 961 16.29 34.82 75.70
CA ALA KG 961 16.67 36.22 75.91
C ALA KG 961 15.91 37.15 74.97
N SER KG 962 15.77 36.76 73.69
CA SER KG 962 15.01 37.58 72.75
C SER KG 962 13.55 37.67 73.16
N SER KG 963 12.98 36.56 73.64
CA SER KG 963 11.63 36.55 74.18
C SER KG 963 11.49 37.50 75.36
N PHE KG 964 12.38 37.38 76.35
CA PHE KG 964 12.34 38.21 77.55
C PHE KG 964 12.46 39.70 77.22
N LEU KG 965 13.25 40.02 76.20
CA LEU KG 965 13.32 41.38 75.69
C LEU KG 965 11.98 41.85 75.16
N GLN KG 966 11.33 41.04 74.31
CA GLN KG 966 10.02 41.38 73.76
C GLN KG 966 9.00 41.63 74.86
N GLY KG 967 8.95 40.72 75.83
CA GLY KG 967 8.00 40.84 76.92
C GLY KG 967 8.24 42.03 77.81
N PHE KG 968 9.52 42.35 78.05
CA PHE KG 968 9.86 43.47 78.91
C PHE KG 968 9.43 44.78 78.28
N GLY KG 969 9.72 44.94 77.00
CA GLY KG 969 9.33 46.16 76.32
C GLY KG 969 7.83 46.34 76.26
N ASN KG 970 7.09 45.29 75.85
CA ASN KG 970 5.64 45.48 75.72
C ASN KG 970 4.94 45.62 77.06
N ALA KG 971 5.27 44.81 78.05
CA ALA KG 971 4.51 44.86 79.29
C ALA KG 971 4.90 46.06 80.15
N PHE KG 972 6.18 46.44 80.16
CA PHE KG 972 6.49 47.65 80.90
C PHE KG 972 6.15 48.92 80.12
N GLN KG 973 5.83 48.82 78.82
CA GLN KG 973 5.15 49.92 78.17
C GLN KG 973 3.69 49.97 78.59
N SER KG 974 3.04 48.82 78.66
CA SER KG 974 1.61 48.77 78.95
C SER KG 974 1.30 49.09 80.41
N ALA KG 975 2.29 48.94 81.29
CA ALA KG 975 2.09 49.16 82.72
C ALA KG 975 2.08 50.63 83.11
N ASN KG 976 2.21 51.55 82.15
CA ASN KG 976 2.16 52.98 82.44
C ASN KG 976 0.78 53.43 82.88
N THR KG 977 -0.27 52.74 82.43
CA THR KG 977 -1.62 53.06 82.87
C THR KG 977 -1.83 52.65 84.33
N THR KG 978 -1.13 51.62 84.77
CA THR KG 978 -1.29 51.13 86.14
C THR KG 978 -0.13 51.54 87.02
N SER KG 999 11.45 58.34 81.64
CA SER KG 999 12.45 58.53 80.59
C SER KG 999 13.39 57.33 80.52
N THR KG 1000 14.03 57.02 81.65
CA THR KG 1000 15.01 55.95 81.69
C THR KG 1000 14.38 54.58 81.48
N LEU KG 1001 13.30 54.29 82.20
CA LEU KG 1001 12.60 53.02 82.00
C LEU KG 1001 11.88 53.00 80.66
N GLU KG 1002 11.54 54.19 80.14
CA GLU KG 1002 10.99 54.28 78.79
C GLU KG 1002 12.02 53.85 77.75
N ASN KG 1003 13.27 54.26 77.92
CA ASN KG 1003 14.33 53.83 77.00
C ASN KG 1003 14.67 52.36 77.21
N ALA KG 1004 14.51 51.87 78.43
CA ALA KG 1004 14.62 50.43 78.68
C ALA KG 1004 13.55 49.65 77.91
N VAL KG 1005 12.30 50.13 77.99
CA VAL KG 1005 11.18 49.59 77.24
C VAL KG 1005 11.49 49.58 75.75
N ILE KG 1006 12.08 50.68 75.28
CA ILE KG 1006 12.48 50.83 73.88
C ILE KG 1006 13.47 49.74 73.48
N GLY KG 1007 14.53 49.56 74.28
CA GLY KG 1007 15.60 48.67 73.88
C GLY KG 1007 15.16 47.23 73.88
N LEU KG 1008 14.49 46.82 74.96
CA LEU KG 1008 13.99 45.46 75.08
C LEU KG 1008 12.94 45.17 74.01
N ALA KG 1009 11.96 46.09 73.86
CA ALA KG 1009 10.84 45.96 72.93
C ALA KG 1009 11.28 45.79 71.50
N THR KG 1010 12.35 46.47 71.09
CA THR KG 1010 12.64 46.38 69.69
C THR KG 1010 13.80 45.46 69.35
N VAL KG 1011 14.78 45.27 70.22
CA VAL KG 1011 15.80 44.29 69.88
C VAL KG 1011 15.37 42.87 70.23
N GLY KG 1012 14.21 42.68 70.87
CA GLY KG 1012 13.68 41.34 71.03
C GLY KG 1012 13.25 40.69 69.74
N LYS KG 1013 12.62 41.46 68.85
CA LYS KG 1013 11.83 40.87 67.77
C LYS KG 1013 12.68 40.28 66.66
N ALA KG 1014 13.66 41.04 66.17
CA ALA KG 1014 14.53 40.56 65.12
C ALA KG 1014 15.39 39.40 65.60
N TRP KG 1015 15.86 39.48 66.85
CA TRP KG 1015 16.58 38.37 67.45
C TRP KG 1015 15.69 37.14 67.61
N SER KG 1016 14.40 37.35 67.90
CA SER KG 1016 13.47 36.23 68.05
C SER KG 1016 13.27 35.50 66.72
N GLN KG 1017 13.03 36.25 65.65
CA GLN KG 1017 12.82 35.59 64.36
C GLN KG 1017 14.11 34.98 63.82
N GLN KG 1018 15.26 35.62 64.06
CA GLN KG 1018 16.52 35.02 63.62
C GLN KG 1018 16.88 33.79 64.45
N ALA KG 1019 16.53 33.79 65.74
CA ALA KG 1019 16.77 32.61 66.56
C ALA KG 1019 15.86 31.46 66.17
N GLN KG 1020 14.63 31.76 65.77
CA GLN KG 1020 13.77 30.72 65.23
C GLN KG 1020 14.27 30.25 63.87
N GLN KG 1021 14.97 31.13 63.15
CA GLN KG 1021 15.59 30.73 61.89
C GLN KG 1021 16.74 29.76 62.13
N LEU KG 1022 17.65 30.07 63.05
CA LEU KG 1022 18.86 29.28 63.22
C LEU KG 1022 18.79 28.30 64.37
N PHE KG 1023 17.61 28.08 64.95
CA PHE KG 1023 17.48 27.14 66.06
C PHE KG 1023 17.61 25.70 65.60
N ASN KG 1024 17.44 25.46 64.31
CA ASN KG 1024 17.34 24.13 63.72
C ASN KG 1024 18.68 23.44 63.51
N THR KG 1025 19.81 24.12 63.75
CA THR KG 1025 21.11 23.52 63.46
C THR KG 1025 21.46 22.50 64.54
N PRO KG 1026 21.76 21.26 64.17
CA PRO KG 1026 22.05 20.22 65.16
C PRO KG 1026 23.47 20.36 65.71
N THR KG 1027 23.75 19.57 66.74
CA THR KG 1027 25.07 19.52 67.36
C THR KG 1027 25.84 18.34 66.75
N THR KG 1028 27.04 18.60 66.29
CA THR KG 1028 27.82 17.59 65.58
C THR KG 1028 28.66 16.77 66.54
N VAL KG 1029 29.46 15.86 65.97
CA VAL KG 1029 30.48 15.12 66.70
C VAL KG 1029 31.78 15.25 65.92
N GLU KG 1030 32.89 14.98 66.62
CA GLU KG 1030 34.20 15.09 66.00
C GLU KG 1030 35.10 14.00 66.53
N VAL KG 1031 35.76 13.27 65.62
CA VAL KG 1031 36.75 12.29 66.04
C VAL KG 1031 38.02 13.00 66.50
N TYR KG 1032 38.82 12.28 67.28
CA TYR KG 1032 40.06 12.83 67.80
C TYR KG 1032 41.25 12.31 66.99
N SER KG 1033 42.33 13.07 67.02
CA SER KG 1033 43.47 12.84 66.14
C SER KG 1033 44.42 11.76 66.63
N GLY KG 1034 44.23 11.25 67.84
CA GLY KG 1034 45.14 10.26 68.37
C GLY KG 1034 44.44 9.05 68.92
N THR KG 1035 43.32 8.68 68.31
CA THR KG 1035 42.49 7.58 68.78
C THR KG 1035 42.70 6.39 67.85
N GLY KG 1036 42.99 5.23 68.43
CA GLY KG 1036 43.04 4.00 67.67
C GLY KG 1036 41.65 3.48 67.38
N LEU KG 1037 41.60 2.40 66.62
CA LEU KG 1037 40.32 1.86 66.20
C LEU KG 1037 40.43 0.36 65.98
N GLY KG 1038 39.26 -0.29 66.06
CA GLY KG 1038 39.11 -1.65 65.62
C GLY KG 1038 38.19 -1.70 64.40
N ILE KG 1039 38.44 -2.68 63.55
CA ILE KG 1039 37.73 -2.79 62.28
C ILE KG 1039 37.05 -4.14 62.21
N LEU KG 1040 35.73 -4.12 62.05
CA LEU KG 1040 34.99 -5.28 61.60
C LEU KG 1040 34.95 -5.25 60.07
N PHE KG 1041 35.08 -6.42 59.47
CA PHE KG 1041 35.07 -6.50 58.01
C PHE KG 1041 33.66 -6.80 57.51
N THR KG 1042 33.49 -6.75 56.18
CA THR KG 1042 32.19 -6.96 55.56
C THR KG 1042 32.23 -8.01 54.47
N GLN KG 1043 33.33 -8.12 53.73
CA GLN KG 1043 33.44 -9.09 52.65
C GLN KG 1043 34.85 -9.66 52.60
N ASP KG 1044 35.06 -10.59 51.67
CA ASP KG 1044 36.35 -11.22 51.46
C ASP KG 1044 37.15 -10.47 50.40
N VAL KG 1045 38.45 -10.73 50.37
CA VAL KG 1045 39.35 -10.23 49.32
C VAL KG 1045 40.27 -11.38 48.90
N THR KG 1046 41.20 -11.07 48.00
CA THR KG 1046 42.16 -12.06 47.52
C THR KG 1046 43.55 -11.46 47.36
N ILE LG 862 55.34 5.11 39.90
CA ILE LG 862 54.30 4.44 40.66
C ILE LG 862 54.22 5.02 42.06
N ILE LG 863 53.06 5.55 42.40
CA ILE LG 863 52.79 6.13 43.72
C ILE LG 863 51.63 5.37 44.33
N LYS LG 864 51.81 4.90 45.57
CA LYS LG 864 50.80 4.10 46.27
C LYS LG 864 49.56 4.95 46.55
N THR LG 865 48.41 4.28 46.65
CA THR LG 865 47.14 4.96 46.83
C THR LG 865 47.02 5.48 48.26
N GLY LG 866 47.12 6.80 48.42
CA GLY LG 866 46.81 7.42 49.69
C GLY LG 866 47.98 7.71 50.61
N ASP LG 867 49.19 7.78 50.07
CA ASP LG 867 50.38 8.03 50.88
C ASP LG 867 50.50 9.52 51.20
N ILE LG 868 51.51 9.86 51.99
CA ILE LG 868 51.63 11.17 52.61
C ILE LG 868 52.87 11.87 52.07
N MET LG 869 52.69 13.09 51.58
CA MET LG 869 53.78 13.97 51.17
C MET LG 869 53.59 15.31 51.86
N PHE LG 870 54.49 16.26 51.60
CA PHE LG 870 54.41 17.58 52.20
C PHE LG 870 54.71 18.64 51.16
N ALA LG 871 54.09 19.81 51.33
CA ALA LG 871 54.24 20.90 50.39
C ALA LG 871 54.20 22.22 51.16
N VAL LG 872 54.50 23.31 50.45
CA VAL LG 872 54.53 24.64 51.02
C VAL LG 872 53.55 25.52 50.25
N LEU LG 873 52.67 26.20 50.98
CA LEU LG 873 51.77 27.16 50.37
C LEU LG 873 52.30 28.57 50.60
N ASP LG 874 52.52 29.28 49.50
CA ASP LG 874 53.08 30.62 49.56
C ASP LG 874 52.11 31.63 48.97
N THR LG 875 51.29 31.20 48.01
CA THR LG 875 50.29 32.08 47.41
C THR LG 875 48.98 31.94 48.16
N SER LG 876 48.57 33.00 48.86
CA SER LG 876 47.32 32.99 49.60
C SER LG 876 46.16 33.48 48.74
N VAL LG 877 44.96 33.02 49.07
CA VAL LG 877 43.74 33.42 48.36
C VAL LG 877 42.58 33.34 49.34
N ASN LG 878 41.51 34.09 49.02
CA ASN LG 878 40.31 34.15 49.84
C ASN LG 878 39.26 33.20 49.28
N SER LG 879 38.36 32.76 50.17
CA SER LG 879 37.34 31.79 49.78
C SER LG 879 36.08 32.46 49.26
N ASP LG 880 36.23 33.36 48.31
CA ASP LG 880 35.07 34.01 47.70
C ASP LG 880 35.09 33.94 46.18
N GLU LG 881 36.26 34.03 45.56
CA GLU LG 881 36.39 33.93 44.11
C GLU LG 881 37.36 32.80 43.81
N PRO LG 882 36.96 31.78 43.05
CA PRO LG 882 37.87 30.68 42.72
C PRO LG 882 39.01 31.11 41.83
N GLY LG 883 40.14 30.43 41.99
CA GLY LG 883 41.32 30.73 41.21
C GLY LG 883 42.41 29.69 41.41
N PRO LG 884 43.41 29.71 40.55
CA PRO LG 884 44.54 28.78 40.71
C PRO LG 884 45.43 29.14 41.88
N ILE LG 885 45.74 28.14 42.70
CA ILE LG 885 46.66 28.26 43.81
C ILE LG 885 47.74 27.21 43.64
N LEU LG 886 49.00 27.59 43.85
CA LEU LG 886 50.14 26.71 43.61
C LEU LG 886 50.84 26.39 44.92
N ALA LG 887 51.31 25.16 45.04
CA ALA LG 887 52.19 24.71 46.10
C ALA LG 887 53.36 23.96 45.48
N THR LG 888 54.37 23.67 46.29
CA THR LG 888 55.57 23.02 45.80
C THR LG 888 55.96 21.88 46.73
N ILE LG 889 56.10 20.68 46.16
CA ILE LG 889 56.60 19.55 46.93
C ILE LG 889 58.09 19.75 47.19
N VAL LG 890 58.48 19.67 48.46
CA VAL LG 890 59.85 19.97 48.86
C VAL LG 890 60.60 18.73 49.34
N THR LG 891 59.92 17.61 49.56
CA THR LG 891 60.59 16.45 50.12
C THR LG 891 60.15 15.15 49.44
N GLY LG 892 60.69 14.03 49.91
CA GLY LG 892 60.36 12.75 49.34
C GLY LG 892 61.01 12.54 47.99
N LYS LG 893 60.45 11.61 47.21
CA LYS LG 893 60.92 11.36 45.85
C LYS LG 893 60.65 12.56 44.95
N LEU LG 894 59.49 13.19 45.09
CA LEU LG 894 59.14 14.33 44.27
C LEU LG 894 59.93 15.56 44.72
N LYS LG 895 60.92 15.95 43.93
CA LYS LG 895 61.73 17.11 44.20
C LYS LG 895 61.56 18.09 43.05
N GLY LG 896 61.20 19.34 43.38
CA GLY LG 896 60.96 20.32 42.35
C GLY LG 896 59.60 20.24 41.69
N SER LG 897 58.77 19.29 42.11
CA SER LG 897 57.42 19.18 41.58
C SER LG 897 56.54 20.27 42.17
N LYS LG 898 55.61 20.77 41.37
CA LYS LG 898 54.67 21.78 41.83
C LYS LG 898 53.25 21.36 41.47
N LEU LG 899 52.29 22.05 42.06
CA LEU LG 899 50.90 21.58 42.01
C LEU LG 899 49.97 22.78 42.09
N ILE LG 900 49.15 22.95 41.04
CA ILE LG 900 48.13 23.99 40.99
C ILE LG 900 46.76 23.37 41.16
N GLY LG 901 45.87 24.11 41.82
CA GLY LG 901 44.50 23.69 42.04
C GLY LG 901 43.62 24.85 42.45
N SER LG 902 42.55 24.58 43.18
CA SER LG 902 41.64 25.62 43.63
C SER LG 902 41.10 25.20 45.00
N PHE LG 903 40.03 25.85 45.43
CA PHE LG 903 39.42 25.55 46.72
C PHE LG 903 37.96 25.15 46.51
N ASN LG 904 37.34 24.71 47.60
CA ASN LG 904 35.92 24.43 47.65
C ASN LG 904 35.35 24.99 48.95
N LEU LG 905 34.10 25.46 48.88
CA LEU LG 905 33.48 26.11 50.00
C LEU LG 905 32.74 25.11 50.88
N PRO LG 906 33.01 25.09 52.17
CA PRO LG 906 32.29 24.20 53.08
C PRO LG 906 31.00 24.84 53.57
N SER LG 907 30.15 24.00 54.17
CA SER LG 907 28.94 24.50 54.81
C SER LG 907 29.26 25.30 56.05
N ASN LG 908 30.11 24.77 56.92
CA ASN LG 908 30.60 25.48 58.09
C ASN LG 908 32.08 25.78 57.90
N ALA LG 909 32.49 26.97 58.32
CA ALA LG 909 33.83 27.49 58.06
C ALA LG 909 34.86 26.99 59.07
N ASP LG 910 34.50 26.01 59.91
CA ASP LG 910 35.38 25.45 60.90
C ASP LG 910 36.47 24.56 60.30
N LYS LG 911 36.32 24.18 59.04
CA LYS LG 911 37.35 23.43 58.33
C LYS LG 911 37.38 23.94 56.89
N MET LG 912 38.52 23.72 56.24
CA MET LG 912 38.68 24.14 54.86
C MET LG 912 39.71 23.22 54.21
N VAL LG 913 39.43 22.79 52.98
CA VAL LG 913 40.32 21.90 52.26
C VAL LG 913 40.59 22.50 50.88
N ILE LG 914 41.67 22.04 50.27
CA ILE LG 914 42.12 22.56 48.98
C ILE LG 914 42.09 21.41 47.97
N THR LG 915 41.37 21.63 46.87
CA THR LG 915 41.34 20.67 45.78
C THR LG 915 42.60 20.87 44.94
N PHE LG 916 43.48 19.89 44.95
CA PHE LG 916 44.77 19.99 44.28
C PHE LG 916 44.87 18.89 43.24
N ASN LG 917 44.90 19.27 41.98
CA ASN LG 917 44.75 18.30 40.91
C ASN LG 917 45.82 18.38 39.84
N THR LG 918 46.30 19.58 39.49
CA THR LG 918 47.20 19.72 38.36
C THR LG 918 48.64 19.66 38.84
N MET LG 919 49.28 18.50 38.63
CA MET LG 919 50.62 18.22 39.15
C MET LG 919 51.63 18.26 38.00
N SER LG 920 52.66 19.08 38.17
CA SER LG 920 53.74 19.17 37.18
C SER LG 920 55.05 18.71 37.82
N ILE LG 921 55.68 17.73 37.21
CA ILE LG 921 56.92 17.11 37.69
C ILE LG 921 58.05 17.57 36.77
N PRO LG 922 59.19 18.04 37.30
CA PRO LG 922 60.27 18.50 36.43
C PRO LG 922 60.98 17.35 35.72
N GLY LG 923 61.94 17.70 34.86
CA GLY LG 923 62.64 16.71 34.06
C GLY LG 923 61.98 16.48 32.72
N ALA LG 924 60.79 15.88 32.74
CA ALA LG 924 60.06 15.59 31.51
C ALA LG 924 58.94 16.60 31.32
N GLU LG 925 58.57 16.80 30.05
CA GLU LG 925 57.49 17.71 29.69
C GLU LG 925 56.15 16.98 29.84
N LYS LG 926 55.74 16.80 31.09
CA LYS LG 926 54.49 16.12 31.41
C LYS LG 926 53.76 16.92 32.48
N THR LG 927 52.45 16.67 32.57
CA THR LG 927 51.63 17.26 33.62
C THR LG 927 50.61 16.21 34.02
N ILE LG 928 50.91 15.46 35.07
CA ILE LG 928 50.01 14.39 35.53
C ILE LG 928 48.85 15.02 36.29
N SER LG 929 47.78 14.26 36.49
CA SER LG 929 46.56 14.83 37.03
C SER LG 929 46.08 14.07 38.26
N ILE LG 930 46.98 13.83 39.21
CA ILE LG 930 46.58 13.27 40.50
C ILE LG 930 45.81 14.35 41.25
N SER LG 931 44.56 14.04 41.60
CA SER LG 931 43.67 14.97 42.26
C SER LG 931 43.51 14.57 43.72
N ALA LG 932 44.05 15.38 44.63
CA ALA LG 932 44.05 15.04 46.04
C ALA LG 932 43.87 16.31 46.85
N TYR LG 933 43.87 16.17 48.17
CA TYR LG 933 43.57 17.25 49.10
C TYR LG 933 44.75 17.46 50.06
N ALA LG 934 44.54 18.32 51.05
CA ALA LG 934 45.57 18.71 51.99
C ALA LG 934 45.08 18.58 53.43
N ILE LG 935 46.03 18.40 54.35
CA ILE LG 935 45.75 18.32 55.78
C ILE LG 935 46.79 19.14 56.53
N ASP LG 936 46.47 19.47 57.79
CA ASP LG 936 47.33 20.29 58.63
C ASP LG 936 48.51 19.46 59.12
N PRO LG 937 49.74 19.88 58.84
CA PRO LG 937 50.90 19.17 59.41
C PRO LG 937 51.01 19.38 60.91
N ASN LG 938 51.37 18.30 61.61
CA ASN LG 938 51.52 18.16 63.05
C ASN LG 938 50.25 18.48 63.84
N THR LG 939 49.09 18.54 63.19
CA THR LG 939 47.82 18.74 63.88
C THR LG 939 46.91 17.57 63.53
N ALA LG 940 46.93 17.20 62.25
CA ALA LG 940 46.13 16.12 61.66
C ALA LG 940 44.64 16.33 61.91
N ARG LG 941 44.24 17.60 61.88
CA ARG LG 941 42.86 18.01 61.96
C ARG LG 941 42.61 19.01 60.84
N THR LG 942 41.40 18.99 60.30
CA THR LG 942 41.14 19.63 59.02
C THR LG 942 40.76 21.10 59.14
N ALA LG 943 40.82 21.67 60.34
CA ALA LG 943 40.58 23.09 60.51
C ALA LG 943 41.68 23.92 59.84
N LEU LG 944 41.29 25.08 59.33
CA LEU LG 944 42.20 25.92 58.55
C LEU LG 944 42.80 27.00 59.44
N ALA LG 945 44.07 27.32 59.16
CA ALA LG 945 44.81 28.34 59.90
C ALA LG 945 44.34 29.71 59.45
N SER LG 946 43.19 30.12 59.98
CA SER LG 946 42.61 31.43 59.72
C SER LG 946 41.60 31.74 60.80
N ARG LG 947 40.91 32.85 60.63
CA ARG LG 947 39.92 33.33 61.58
C ARG LG 947 38.51 33.18 61.01
N THR LG 948 37.57 32.88 61.89
CA THR LG 948 36.18 32.68 61.49
C THR LG 948 35.21 33.60 62.22
N ASN LG 949 35.71 34.55 62.99
CA ASN LG 949 34.89 35.46 63.80
C ASN LG 949 34.69 36.80 63.09
N HIS LG 950 34.53 36.75 61.77
CA HIS LG 950 34.70 37.95 60.96
C HIS LG 950 33.50 38.89 61.03
N HIS LG 951 32.30 38.39 60.75
CA HIS LG 951 31.14 39.27 60.56
C HIS LG 951 29.95 38.77 61.36
N TYR LG 952 30.18 38.46 62.63
CA TYR LG 952 29.08 38.24 63.56
C TYR LG 952 28.64 39.53 64.22
N LEU LG 953 29.58 40.19 64.91
CA LEU LG 953 29.26 41.34 65.74
C LEU LG 953 28.88 42.56 64.90
N MET LG 954 29.43 42.67 63.69
CA MET LG 954 29.10 43.79 62.81
C MET LG 954 27.62 43.78 62.41
N ARG LG 955 27.15 42.65 61.88
CA ARG LG 955 25.75 42.55 61.49
C ARG LG 955 24.82 42.55 62.70
N TYR LG 956 25.26 41.95 63.83
CA TYR LG 956 24.45 41.94 65.03
C TYR LG 956 24.24 43.34 65.58
N GLY LG 957 25.32 44.12 65.67
CA GLY LG 957 25.23 45.49 66.17
C GLY LG 957 24.45 46.39 65.24
N SER LG 958 24.61 46.20 63.93
CA SER LG 958 23.84 47.01 62.98
C SER LG 958 22.34 46.73 63.09
N LEU LG 959 21.96 45.45 63.18
CA LEU LG 959 20.56 45.09 63.31
C LEU LG 959 19.97 45.59 64.62
N PHE LG 960 20.71 45.41 65.72
CA PHE LG 960 20.22 45.83 67.02
C PHE LG 960 20.10 47.35 67.12
N ALA LG 961 21.05 48.07 66.50
CA ALA LG 961 20.99 49.52 66.51
C ALA LG 961 19.81 50.03 65.70
N SER LG 962 19.56 49.44 64.52
CA SER LG 962 18.43 49.86 63.70
C SER LG 962 17.10 49.60 64.42
N SER LG 963 17.00 48.44 65.08
CA SER LG 963 15.82 48.13 65.87
C SER LG 963 15.64 49.12 67.02
N PHE LG 964 16.71 49.41 67.78
CA PHE LG 964 16.64 50.32 68.90
C PHE LG 964 16.25 51.73 68.47
N LEU LG 965 16.70 52.15 67.29
CA LEU LG 965 16.28 53.43 66.72
C LEU LG 965 14.78 53.43 66.44
N GLN LG 966 14.28 52.37 65.81
CA GLN LG 966 12.84 52.25 65.54
C GLN LG 966 12.02 52.34 66.81
N GLY LG 967 12.44 51.59 67.84
CA GLY LG 967 11.72 51.57 69.09
C GLY LG 967 11.77 52.88 69.83
N PHE LG 968 12.91 53.57 69.75
CA PHE LG 968 13.04 54.86 70.43
C PHE LG 968 12.11 55.88 69.82
N GLY LG 969 12.07 55.92 68.49
CA GLY LG 969 11.18 56.86 67.83
C GLY LG 969 9.72 56.60 68.10
N ASN LG 970 9.29 55.33 67.98
CA ASN LG 970 7.86 55.07 68.16
C ASN LG 970 7.43 55.19 69.61
N ALA LG 971 8.19 54.62 70.55
CA ALA LG 971 7.74 54.64 71.94
C ALA LG 971 7.90 56.02 72.57
N PHE LG 972 8.98 56.74 72.25
CA PHE LG 972 9.09 58.08 72.78
C PHE LG 972 8.24 59.08 72.02
N GLN LG 973 7.69 58.71 70.86
CA GLN LG 973 6.59 59.47 70.28
C GLN LG 973 5.30 59.21 71.04
N SER LG 974 5.03 57.95 71.37
CA SER LG 974 3.77 57.59 72.03
C SER LG 974 3.73 58.03 73.48
N ALA LG 975 4.90 58.22 74.11
CA ALA LG 975 4.97 58.56 75.52
C ALA LG 975 4.73 60.03 75.80
N ASN LG 976 4.36 60.82 74.78
CA ASN LG 976 4.11 62.24 74.96
C ASN LG 976 2.79 62.51 75.69
N THR LG 977 1.84 61.58 75.60
CA THR LG 977 0.57 61.76 76.30
C THR LG 977 0.71 61.53 77.79
N THR LG 978 1.50 60.54 78.19
CA THR LG 978 1.66 60.20 79.60
C THR LG 978 3.00 60.70 80.14
N SER LG 999 11.36 69.80 72.54
CA SER LG 999 11.75 70.17 71.18
C SER LG 999 12.97 69.36 70.75
N THR LG 1000 14.05 69.45 71.53
CA THR LG 1000 15.26 68.69 71.24
C THR LG 1000 15.02 67.19 71.37
N LEU LG 1001 14.29 66.78 72.41
CA LEU LG 1001 13.94 65.37 72.56
C LEU LG 1001 12.97 64.95 71.46
N GLU LG 1002 12.14 65.88 70.99
CA GLU LG 1002 11.27 65.58 69.85
C GLU LG 1002 12.09 65.34 68.59
N ASN LG 1003 13.17 66.11 68.39
CA ASN LG 1003 14.05 65.87 67.25
C ASN LG 1003 14.81 64.56 67.39
N ALA LG 1004 15.11 64.16 68.64
CA ALA LG 1004 15.65 62.83 68.87
C ALA LG 1004 14.66 61.75 68.44
N VAL LG 1005 13.39 61.89 68.84
CA VAL LG 1005 12.31 60.99 68.44
C VAL LG 1005 12.22 60.92 66.93
N ILE LG 1006 12.36 62.07 66.27
CA ILE LG 1006 12.37 62.21 64.82
C ILE LG 1006 13.47 61.34 64.21
N GLY LG 1007 14.70 61.48 64.73
CA GLY LG 1007 15.83 60.83 64.10
C GLY LG 1007 15.78 59.33 64.29
N LEU LG 1008 15.47 58.90 65.50
CA LEU LG 1008 15.36 57.48 65.80
C LEU LG 1008 14.21 56.84 65.01
N ALA LG 1009 13.05 57.52 64.99
CA ALA LG 1009 11.84 57.04 64.31
C ALA LG 1009 12.04 56.83 62.84
N THR LG 1010 12.83 57.67 62.19
CA THR LG 1010 12.89 57.47 60.76
C THR LG 1010 14.15 56.79 60.26
N VAL LG 1011 15.28 56.89 60.96
CA VAL LG 1011 16.44 56.13 60.51
C VAL LG 1011 16.44 54.70 61.05
N GLY LG 1012 15.48 54.33 61.90
CA GLY LG 1012 15.39 52.94 62.31
C GLY LG 1012 14.97 51.99 61.20
N LYS LG 1013 13.89 52.32 60.49
CA LYS LG 1013 13.16 51.31 59.71
C LYS LG 1013 13.91 50.92 58.44
N ALA LG 1014 14.43 51.91 57.71
CA ALA LG 1014 15.16 51.62 56.47
C ALA LG 1014 16.44 50.86 56.76
N TRP LG 1015 17.13 51.24 57.83
CA TRP LG 1015 18.31 50.49 58.25
C TRP LG 1015 17.93 49.09 58.74
N SER LG 1016 16.74 48.93 59.30
CA SER LG 1016 16.30 47.62 59.77
C SER LG 1016 16.05 46.67 58.61
N GLN LG 1017 15.34 47.13 57.59
CA GLN LG 1017 15.09 46.27 56.44
C GLN LG 1017 16.36 46.04 55.64
N GLN LG 1018 17.27 47.01 55.59
CA GLN LG 1018 18.56 46.79 54.93
C GLN LG 1018 19.43 45.81 55.71
N ALA LG 1019 19.35 45.84 57.05
CA ALA LG 1019 20.10 44.89 57.86
C ALA LG 1019 19.56 43.48 57.70
N GLN LG 1020 18.23 43.33 57.61
CA GLN LG 1020 17.68 42.01 57.35
C GLN LG 1020 17.99 41.56 55.91
N GLN LG 1021 18.20 42.51 55.01
CA GLN LG 1021 18.66 42.17 53.67
C GLN LG 1021 20.10 41.64 53.69
N LEU LG 1022 21.00 42.35 54.37
CA LEU LG 1022 22.42 42.01 54.31
C LEU LG 1022 22.86 41.07 55.43
N PHE LG 1023 21.92 40.56 56.23
CA PHE LG 1023 22.27 39.68 57.33
C PHE LG 1023 22.79 38.32 56.84
N ASN LG 1024 22.46 37.94 55.62
CA ASN LG 1024 22.62 36.58 55.13
C ASN LG 1024 24.06 36.20 54.80
N THR LG 1025 24.97 37.14 54.70
CA THR LG 1025 26.33 36.81 54.29
C THR LG 1025 27.11 36.21 55.45
N PRO LG 1026 27.63 35.00 55.33
CA PRO LG 1026 28.32 34.36 56.46
C PRO LG 1026 29.75 34.90 56.58
N THR LG 1027 30.43 34.44 57.62
CA THR LG 1027 31.82 34.79 57.86
C THR LG 1027 32.69 34.06 56.85
N THR LG 1028 33.70 34.74 56.33
CA THR LG 1028 34.56 34.18 55.31
C THR LG 1028 35.81 33.57 55.94
N VAL LG 1029 36.49 32.72 55.15
CA VAL LG 1029 37.82 32.21 55.49
C VAL LG 1029 38.75 32.56 54.34
N GLU LG 1030 40.05 32.52 54.65
CA GLU LG 1030 41.08 32.85 53.68
C GLU LG 1030 42.38 32.20 54.11
N VAL LG 1031 42.99 31.44 53.19
CA VAL LG 1031 44.21 30.71 53.52
C VAL LG 1031 45.38 31.68 53.63
N TYR LG 1032 46.46 31.19 54.23
CA TYR LG 1032 47.60 32.04 54.54
C TYR LG 1032 48.72 31.85 53.53
N SER LG 1033 49.56 32.89 53.41
CA SER LG 1033 50.65 32.92 52.45
C SER LG 1033 51.95 32.37 53.00
N GLY LG 1034 51.96 31.84 54.23
CA GLY LG 1034 53.19 31.34 54.80
C GLY LG 1034 53.03 30.06 55.60
N THR LG 1035 52.08 29.21 55.20
CA THR LG 1035 51.77 28.01 55.95
C THR LG 1035 52.07 26.78 55.11
N GLY LG 1036 52.80 25.84 55.68
CA GLY LG 1036 53.05 24.56 55.04
C GLY LG 1036 51.83 23.66 55.14
N LEU LG 1037 51.92 22.53 54.44
CA LEU LG 1037 50.78 21.63 54.36
C LEU LG 1037 51.28 20.19 54.20
N GLY LG 1038 50.46 19.26 54.70
CA GLY LG 1038 50.63 17.85 54.43
C GLY LG 1038 49.57 17.39 53.46
N ILE LG 1039 49.92 16.41 52.64
CA ILE LG 1039 49.10 15.96 51.52
C ILE LG 1039 48.88 14.46 51.65
N LEU LG 1040 47.60 14.06 51.65
CA LEU LG 1040 47.23 12.66 51.49
C LEU LG 1040 46.80 12.42 50.05
N PHE LG 1041 47.26 11.32 49.46
CA PHE LG 1041 46.95 11.02 48.07
C PHE LG 1041 45.58 10.39 47.95
N THR LG 1042 45.11 10.31 46.70
CA THR LG 1042 43.80 9.71 46.40
C THR LG 1042 43.90 8.60 45.36
N GLN LG 1043 44.71 8.77 44.32
CA GLN LG 1043 44.88 7.76 43.29
C GLN LG 1043 46.36 7.62 42.93
N ASP LG 1044 46.65 6.68 42.05
CA ASP LG 1044 48.01 6.39 41.64
C ASP LG 1044 48.36 7.17 40.37
N VAL LG 1045 49.66 7.23 40.07
CA VAL LG 1045 50.18 7.70 38.80
C VAL LG 1045 51.32 6.78 38.38
N THR LG 1046 51.91 7.06 37.22
CA THR LG 1046 53.03 6.27 36.72
C THR LG 1046 54.04 7.14 36.00
N ILE MG 862 58.02 25.01 24.50
CA ILE MG 862 57.72 24.16 25.64
C ILE MG 862 57.89 24.94 26.94
N ILE MG 863 56.78 25.12 27.66
CA ILE MG 863 56.78 25.78 28.97
C ILE MG 863 56.09 24.85 29.96
N LYS MG 864 56.74 24.61 31.10
CA LYS MG 864 56.19 23.75 32.12
C LYS MG 864 54.95 24.37 32.76
N THR MG 865 54.08 23.50 33.26
CA THR MG 865 52.79 23.90 33.81
C THR MG 865 52.97 24.68 35.10
N GLY MG 866 52.27 25.80 35.23
CA GLY MG 866 52.13 26.47 36.50
C GLY MG 866 53.35 27.22 37.01
N ASP MG 867 54.26 27.57 36.12
CA ASP MG 867 55.43 28.37 36.48
C ASP MG 867 55.00 29.83 36.58
N ILE MG 868 55.92 30.67 37.06
CA ILE MG 868 55.64 32.08 37.32
C ILE MG 868 56.60 32.95 36.51
N MET MG 869 56.04 33.88 35.75
CA MET MG 869 56.76 34.92 35.06
C MET MG 869 56.35 36.26 35.65
N PHE MG 870 56.77 37.35 35.02
CA PHE MG 870 56.38 38.68 35.46
C PHE MG 870 56.00 39.53 34.26
N ALA MG 871 55.13 40.51 34.50
CA ALA MG 871 54.66 41.40 33.46
C ALA MG 871 54.47 42.78 34.06
N VAL MG 872 54.30 43.77 33.18
CA VAL MG 872 54.09 45.16 33.57
C VAL MG 872 52.78 45.63 32.98
N LEU MG 873 51.88 46.12 33.84
CA LEU MG 873 50.59 46.63 33.43
C LEU MG 873 50.68 48.14 33.21
N ASP MG 874 50.18 48.58 32.05
CA ASP MG 874 50.27 49.98 31.68
C ASP MG 874 48.91 50.57 31.34
N THR MG 875 48.05 49.80 30.69
CA THR MG 875 46.72 50.28 30.32
C THR MG 875 45.74 50.00 31.45
N SER MG 876 45.46 51.01 32.26
CA SER MG 876 44.58 50.86 33.40
C SER MG 876 43.13 50.76 32.94
N VAL MG 877 42.29 50.17 33.78
CA VAL MG 877 40.88 49.98 33.47
C VAL MG 877 40.10 49.88 34.78
N ASN MG 878 38.82 50.17 34.71
CA ASN MG 878 37.91 50.10 35.83
C ASN MG 878 37.02 48.86 35.72
N SER MG 879 36.48 48.43 36.86
CA SER MG 879 35.57 47.30 36.88
C SER MG 879 34.13 47.76 36.65
N ASP MG 880 33.90 48.44 35.55
CA ASP MG 880 32.58 48.95 35.21
C ASP MG 880 32.04 48.37 33.91
N GLU MG 881 32.84 48.39 32.84
CA GLU MG 881 32.51 47.73 31.59
C GLU MG 881 33.73 46.90 31.23
N PRO MG 882 33.57 45.78 30.54
CA PRO MG 882 34.75 45.02 30.07
C PRO MG 882 35.56 45.81 29.05
N GLY MG 883 36.85 45.56 29.05
CA GLY MG 883 37.76 46.21 28.14
C GLY MG 883 39.05 45.45 27.98
N PRO MG 884 39.70 45.60 26.82
CA PRO MG 884 40.98 44.93 26.60
C PRO MG 884 42.10 45.59 27.38
N ILE MG 885 42.89 44.78 28.09
CA ILE MG 885 44.04 45.26 28.85
C ILE MG 885 45.26 44.42 28.47
N LEU MG 886 46.38 45.08 28.24
CA LEU MG 886 47.61 44.42 27.80
C LEU MG 886 48.68 44.61 28.85
N ALA MG 887 49.47 43.56 29.06
CA ALA MG 887 50.66 43.57 29.88
C ALA MG 887 51.86 43.20 29.01
N THR MG 888 53.07 43.42 29.52
CA THR MG 888 54.28 43.18 28.77
C THR MG 888 55.25 42.38 29.63
N ILE MG 889 55.59 41.18 29.17
CA ILE MG 889 56.53 40.32 29.88
C ILE MG 889 57.92 40.91 29.79
N VAL MG 890 58.61 41.02 30.93
CA VAL MG 890 59.91 41.65 31.00
C VAL MG 890 61.03 40.69 31.34
N THR MG 891 60.73 39.51 31.87
CA THR MG 891 61.78 38.58 32.27
C THR MG 891 61.49 37.16 31.79
N GLY MG 892 62.29 36.21 32.26
CA GLY MG 892 62.05 34.82 31.93
C GLY MG 892 62.46 34.49 30.51
N LYS MG 893 61.94 33.36 30.02
CA LYS MG 893 62.23 32.89 28.67
C LYS MG 893 61.68 33.85 27.62
N LEU MG 894 60.47 34.36 27.82
CA LEU MG 894 59.86 35.26 26.85
C LEU MG 894 60.16 36.70 27.22
N LYS MG 895 60.93 37.38 26.36
CA LYS MG 895 61.25 38.79 26.54
C LYS MG 895 60.65 39.56 25.37
N GLY MG 896 60.01 40.69 25.67
CA GLY MG 896 59.36 41.46 24.64
C GLY MG 896 57.98 40.98 24.28
N SER MG 897 57.52 39.90 24.92
CA SER MG 897 56.18 39.40 24.68
C SER MG 897 55.15 40.31 25.34
N LYS MG 898 53.93 40.31 24.81
CA LYS MG 898 52.84 41.04 25.42
C LYS MG 898 51.60 40.17 25.49
N LEU MG 899 50.58 40.66 26.18
CA LEU MG 899 49.46 39.79 26.56
C LEU MG 899 48.20 40.62 26.70
N ILE MG 900 47.17 40.27 25.93
CA ILE MG 900 45.87 40.93 25.97
C ILE MG 900 44.90 40.06 26.74
N GLY MG 901 43.99 40.71 27.47
CA GLY MG 901 42.95 40.03 28.20
C GLY MG 901 41.94 40.99 28.81
N SER MG 902 41.26 40.56 29.86
CA SER MG 902 40.22 41.37 30.49
C SER MG 902 40.18 41.04 31.98
N PHE MG 903 39.14 41.48 32.67
CA PHE MG 903 39.01 41.27 34.10
C PHE MG 903 37.76 40.44 34.40
N ASN MG 904 37.48 40.29 35.69
CA ASN MG 904 36.28 39.60 36.15
C ASN MG 904 35.57 40.48 37.18
N LEU MG 905 34.31 40.18 37.42
CA LEU MG 905 33.59 40.86 38.47
C LEU MG 905 33.38 39.94 39.66
N PRO MG 906 33.98 40.24 40.80
CA PRO MG 906 33.86 39.36 41.96
C PRO MG 906 32.54 39.53 42.69
N SER MG 907 32.23 38.53 43.53
CA SER MG 907 31.04 38.60 44.36
C SER MG 907 31.16 39.64 45.46
N ASN MG 908 32.33 39.75 46.07
CA ASN MG 908 32.60 40.74 47.10
C ASN MG 908 33.85 41.53 46.72
N ALA MG 909 34.02 42.69 47.36
CA ALA MG 909 35.00 43.68 46.94
C ALA MG 909 36.36 43.51 47.63
N ASP MG 910 36.74 42.29 47.95
CA ASP MG 910 38.00 42.02 48.64
C ASP MG 910 39.13 41.56 47.70
N LYS MG 911 38.81 41.15 46.49
CA LYS MG 911 39.83 40.73 45.54
C LYS MG 911 39.33 40.91 44.12
N MET MG 912 40.26 40.85 43.18
CA MET MG 912 39.98 41.12 41.77
C MET MG 912 41.09 40.50 40.93
N VAL MG 913 40.70 39.73 39.90
CA VAL MG 913 41.66 38.99 39.10
C VAL MG 913 41.54 39.44 37.65
N ILE MG 914 42.61 39.18 36.90
CA ILE MG 914 42.72 39.61 35.51
C ILE MG 914 42.83 38.36 34.63
N THR MG 915 41.88 38.22 33.70
CA THR MG 915 41.91 37.13 32.73
C THR MG 915 42.92 37.51 31.65
N PHE MG 916 43.87 36.62 31.38
CA PHE MG 916 44.93 36.89 30.42
C PHE MG 916 45.12 35.69 29.52
N ASN MG 917 44.76 35.84 28.25
CA ASN MG 917 44.76 34.70 27.34
C ASN MG 917 45.51 34.95 26.03
N THR MG 918 45.46 36.17 25.49
CA THR MG 918 45.99 36.40 24.15
C THR MG 918 47.46 36.77 24.28
N MET MG 919 48.33 35.78 24.18
CA MET MG 919 49.77 35.96 24.35
C MET MG 919 50.38 36.14 22.97
N SER MG 920 51.02 37.28 22.75
CA SER MG 920 51.69 37.58 21.49
C SER MG 920 53.18 37.64 21.72
N ILE MG 921 53.93 36.86 20.97
CA ILE MG 921 55.40 36.85 21.00
C ILE MG 921 55.89 37.54 19.74
N PRO MG 922 56.75 38.54 19.84
CA PRO MG 922 57.26 39.21 18.64
C PRO MG 922 58.31 38.37 17.93
N GLY MG 923 58.80 38.87 16.79
CA GLY MG 923 59.75 38.12 15.99
C GLY MG 923 59.07 37.32 14.90
N ALA MG 924 58.20 36.39 15.28
CA ALA MG 924 57.49 35.55 14.33
C ALA MG 924 56.00 35.87 14.34
N GLU MG 925 55.36 35.63 13.20
CA GLU MG 925 53.93 35.87 13.04
C GLU MG 925 53.16 34.69 13.61
N LYS MG 926 53.01 34.70 14.94
CA LYS MG 926 52.24 33.69 15.64
C LYS MG 926 51.56 34.34 16.83
N THR MG 927 50.51 33.68 17.32
CA THR MG 927 49.81 34.13 18.53
C THR MG 927 49.40 32.88 19.28
N ILE MG 928 50.11 32.58 20.38
CA ILE MG 928 49.86 31.38 21.15
C ILE MG 928 48.60 31.57 21.99
N SER MG 929 48.11 30.48 22.58
CA SER MG 929 46.82 30.50 23.24
C SER MG 929 46.90 30.03 24.69
N ILE MG 930 47.85 30.57 25.45
CA ILE MG 930 47.93 30.25 26.88
C ILE MG 930 47.04 31.22 27.66
N SER MG 931 46.08 30.67 28.39
CA SER MG 931 45.17 31.46 29.20
C SER MG 931 45.51 31.26 30.67
N ALA MG 932 45.79 32.36 31.37
CA ALA MG 932 46.19 32.28 32.77
C ALA MG 932 45.80 33.57 33.46
N TYR MG 933 46.10 33.65 34.76
CA TYR MG 933 45.79 34.80 35.58
C TYR MG 933 47.08 35.38 36.15
N ALA MG 934 46.95 36.35 37.07
CA ALA MG 934 48.08 37.09 37.58
C ALA MG 934 48.08 37.12 39.11
N ILE MG 935 49.26 37.35 39.67
CA ILE MG 935 49.45 37.50 41.12
C ILE MG 935 50.29 38.74 41.38
N ASP MG 936 50.04 39.39 42.53
CA ASP MG 936 50.77 40.59 42.92
C ASP MG 936 52.20 40.24 43.30
N PRO MG 937 53.19 41.01 42.83
CA PRO MG 937 54.58 40.69 43.16
C PRO MG 937 54.90 40.97 44.62
N ASN MG 938 55.68 40.07 45.22
CA ASN MG 938 56.19 40.08 46.59
C ASN MG 938 55.09 40.10 47.65
N THR MG 939 53.85 39.74 47.31
CA THR MG 939 52.80 39.56 48.30
C THR MG 939 52.13 38.21 48.06
N ALA MG 940 52.12 37.80 46.79
CA ALA MG 940 51.57 36.52 46.31
C ALA MG 940 50.10 36.37 46.70
N ARG MG 941 49.35 37.45 46.53
CA ARG MG 941 47.92 37.46 46.79
C ARG MG 941 47.21 38.00 45.57
N THR MG 942 45.95 37.59 45.40
CA THR MG 942 45.20 37.92 44.21
C THR MG 942 44.29 39.14 44.38
N ALA MG 943 44.38 39.84 45.51
CA ALA MG 943 43.58 41.04 45.71
C ALA MG 943 44.12 42.19 44.87
N LEU MG 944 43.29 43.22 44.70
CA LEU MG 944 43.65 44.37 43.88
C LEU MG 944 44.07 45.54 44.76
N ALA MG 945 45.09 46.26 44.31
CA ALA MG 945 45.63 47.41 45.04
C ALA MG 945 44.88 48.67 44.61
N SER MG 946 43.80 48.96 45.33
CA SER MG 946 43.02 50.17 45.14
C SER MG 946 42.19 50.42 46.39
N ARG MG 947 41.24 51.33 46.29
CA ARG MG 947 40.31 51.62 47.37
C ARG MG 947 38.96 50.95 47.10
N THR MG 948 38.31 50.53 48.18
CA THR MG 948 37.02 49.86 48.08
C THR MG 948 35.91 50.56 48.85
N ASN MG 949 36.18 51.71 49.45
CA ASN MG 949 35.20 52.45 50.26
C ASN MG 949 34.49 53.52 49.44
N HIS MG 950 34.24 53.24 48.16
CA HIS MG 950 33.82 54.27 47.22
C HIS MG 950 32.36 54.68 47.44
N HIS MG 951 31.48 53.72 47.70
CA HIS MG 951 30.05 53.94 47.62
C HIS MG 951 29.34 53.36 48.83
N TYR MG 952 29.82 53.69 50.03
CA TYR MG 952 29.11 53.40 51.25
C TYR MG 952 28.50 54.64 51.88
N LEU MG 953 29.34 55.65 52.13
CA LEU MG 953 28.95 56.80 52.94
C LEU MG 953 27.99 57.71 52.20
N MET MG 954 28.10 57.79 50.87
CA MET MG 954 27.23 58.65 50.09
C MET MG 954 25.78 58.19 50.15
N ARG MG 955 25.55 56.90 49.86
CA ARG MG 955 24.19 56.37 49.91
C ARG MG 955 23.70 56.26 51.35
N TYR MG 956 24.59 56.00 52.31
CA TYR MG 956 24.20 55.99 53.73
C TYR MG 956 23.72 57.35 54.19
N GLY MG 957 24.47 58.40 53.84
CA GLY MG 957 24.08 59.75 54.25
C GLY MG 957 22.83 60.23 53.56
N SER MG 958 22.66 59.89 52.28
CA SER MG 958 21.43 60.26 51.57
C SER MG 958 20.22 59.56 52.17
N LEU MG 959 20.37 58.26 52.51
CA LEU MG 959 19.28 57.51 53.10
C LEU MG 959 18.89 58.06 54.47
N PHE MG 960 19.88 58.26 55.34
CA PHE MG 960 19.59 58.74 56.69
C PHE MG 960 19.11 60.18 56.68
N ALA MG 961 19.58 60.99 55.74
CA ALA MG 961 19.10 62.36 55.62
C ALA MG 961 17.64 62.40 55.19
N SER MG 962 17.28 61.61 54.17
CA SER MG 962 15.89 61.57 53.71
C SER MG 962 14.98 61.03 54.80
N SER MG 963 15.46 60.03 55.55
CA SER MG 963 14.76 59.55 56.74
C SER MG 963 14.50 60.68 57.73
N PHE MG 964 15.57 61.31 58.25
CA PHE MG 964 15.48 62.35 59.27
C PHE MG 964 14.60 63.51 58.83
N LEU MG 965 14.61 63.81 57.53
CA LEU MG 965 13.71 64.82 56.97
C LEU MG 965 12.25 64.40 57.07
N GLN MG 966 11.95 63.16 56.66
CA GLN MG 966 10.58 62.64 56.75
C GLN MG 966 10.07 62.67 58.18
N GLY MG 967 10.91 62.20 59.10
CA GLY MG 967 10.53 62.15 60.51
C GLY MG 967 10.34 63.53 61.10
N PHE MG 968 11.18 64.49 60.69
CA PHE MG 968 11.08 65.84 61.22
C PHE MG 968 9.79 66.49 60.82
N GLY MG 969 9.44 66.36 59.55
CA GLY MG 969 8.20 66.94 59.08
C GLY MG 969 6.97 66.32 59.71
N ASN MG 970 6.91 64.97 59.77
CA ASN MG 970 5.69 64.36 60.30
C ASN MG 970 5.56 64.55 61.81
N ALA MG 971 6.63 64.36 62.59
CA ALA MG 971 6.49 64.45 64.03
C ALA MG 971 6.35 65.90 64.49
N PHE MG 972 7.04 66.84 63.82
CA PHE MG 972 6.84 68.21 64.21
C PHE MG 972 5.58 68.83 63.61
N GLN MG 973 4.93 68.15 62.65
CA GLN MG 973 3.55 68.49 62.33
C GLN MG 973 2.59 67.95 63.37
N SER MG 974 2.91 66.78 63.92
CA SER MG 974 2.05 66.17 64.93
C SER MG 974 2.12 66.92 66.25
N ALA MG 975 3.27 67.53 66.56
CA ALA MG 975 3.49 68.15 67.85
C ALA MG 975 2.89 69.55 67.97
N ASN MG 976 2.00 69.94 67.07
CA ASN MG 976 1.38 71.25 67.13
C ASN MG 976 0.36 71.36 68.27
N THR MG 977 -0.32 70.25 68.60
CA THR MG 977 -1.36 70.32 69.62
C THR MG 977 -0.77 70.46 71.02
N THR MG 978 0.26 69.69 71.33
CA THR MG 978 0.81 69.69 72.68
C THR MG 978 2.07 70.53 72.78
N SER MG 999 5.54 80.49 62.60
CA SER MG 999 5.22 80.13 61.23
C SER MG 999 6.42 79.54 60.53
N THR MG 1000 7.60 80.02 60.93
CA THR MG 1000 8.85 79.51 60.37
C THR MG 1000 9.08 78.06 60.75
N LEU MG 1001 8.67 77.67 61.96
CA LEU MG 1001 8.68 76.26 62.35
C LEU MG 1001 7.75 75.44 61.46
N GLU MG 1002 6.61 76.01 61.10
CA GLU MG 1002 5.68 75.33 60.20
C GLU MG 1002 6.27 75.17 58.80
N ASN MG 1003 7.01 76.18 58.34
CA ASN MG 1003 7.66 76.07 57.03
C ASN MG 1003 8.79 75.05 57.05
N ALA MG 1004 9.49 74.95 58.18
CA ALA MG 1004 10.46 73.87 58.36
C ALA MG 1004 9.78 72.51 58.31
N VAL MG 1005 8.64 72.38 59.00
CA VAL MG 1005 7.82 71.17 58.96
C VAL MG 1005 7.44 70.81 57.54
N ILE MG 1006 7.08 71.83 56.76
CA ILE MG 1006 6.71 71.67 55.35
C ILE MG 1006 7.87 71.08 54.55
N GLY MG 1007 9.06 71.68 54.69
CA GLY MG 1007 10.18 71.28 53.86
C GLY MG 1007 10.64 69.88 54.20
N LEU MG 1008 10.73 69.58 55.50
CA LEU MG 1008 11.15 68.26 55.95
C LEU MG 1008 10.12 67.20 55.55
N ALA MG 1009 8.83 67.48 55.79
CA ALA MG 1009 7.73 66.55 55.54
C ALA MG 1009 7.61 66.16 54.10
N THR MG 1010 8.00 67.03 53.18
CA THR MG 1010 7.82 66.59 51.81
C THR MG 1010 9.10 66.22 51.09
N VAL MG 1011 10.26 66.81 51.42
CA VAL MG 1011 11.47 66.36 50.75
C VAL MG 1011 12.07 65.13 51.39
N GLY MG 1012 11.51 64.64 52.51
CA GLY MG 1012 11.96 63.36 53.02
C GLY MG 1012 11.59 62.19 52.13
N LYS MG 1013 10.33 62.12 51.69
CA LYS MG 1013 9.78 60.85 51.18
C LYS MG 1013 10.31 60.50 49.80
N ALA MG 1014 10.34 61.48 48.88
CA ALA MG 1014 10.80 61.20 47.52
C ALA MG 1014 12.27 60.86 47.50
N TRP MG 1015 13.07 61.57 48.30
CA TRP MG 1015 14.46 61.23 48.48
C TRP MG 1015 14.63 59.89 49.16
N SER MG 1016 13.70 59.50 50.04
CA SER MG 1016 13.77 58.20 50.69
C SER MG 1016 13.56 57.06 49.71
N GLN MG 1017 12.54 57.17 48.86
CA GLN MG 1017 12.30 56.10 47.90
C GLN MG 1017 13.36 56.09 46.80
N GLN MG 1018 13.93 57.24 46.46
CA GLN MG 1018 15.04 57.24 45.51
C GLN MG 1018 16.31 56.68 46.14
N ALA MG 1019 16.50 56.89 47.44
CA ALA MG 1019 17.65 56.31 48.13
C ALA MG 1019 17.53 54.80 48.22
N GLN MG 1020 16.31 54.31 48.43
CA GLN MG 1020 16.11 52.86 48.38
C GLN MG 1020 16.20 52.35 46.95
N GLN MG 1021 15.93 53.21 45.97
CA GLN MG 1021 16.06 52.82 44.57
C GLN MG 1021 17.52 52.61 44.18
N LEU MG 1022 18.39 53.57 44.50
CA LEU MG 1022 19.79 53.49 44.07
C LEU MG 1022 20.74 53.13 45.21
N PHE MG 1023 20.22 52.59 46.30
CA PHE MG 1023 21.08 52.19 47.42
C PHE MG 1023 21.86 50.92 47.11
N ASN MG 1024 21.43 50.16 46.12
CA ASN MG 1024 21.90 48.79 45.90
C ASN MG 1024 23.21 48.71 45.11
N THR MG 1025 23.77 49.82 44.67
CA THR MG 1025 24.95 49.76 43.80
C THR MG 1025 26.20 49.42 44.61
N PRO MG 1026 26.93 48.38 44.25
CA PRO MG 1026 28.13 47.99 45.00
C PRO MG 1026 29.28 48.96 44.71
N THR MG 1027 30.25 48.97 45.62
CA THR MG 1027 31.44 49.80 45.49
C THR MG 1027 32.41 49.13 44.53
N THR MG 1028 32.88 49.88 43.55
CA THR MG 1028 33.67 49.31 42.46
C THR MG 1028 35.16 49.40 42.76
N VAL MG 1029 35.94 48.66 41.97
CA VAL MG 1029 37.39 48.64 42.07
C VAL MG 1029 37.97 49.05 40.72
N GLU MG 1030 39.25 49.42 40.71
CA GLU MG 1030 39.90 49.89 39.50
C GLU MG 1030 41.41 49.67 39.60
N VAL MG 1031 41.99 49.03 38.58
CA VAL MG 1031 43.42 48.80 38.57
C VAL MG 1031 44.16 50.10 38.20
N TYR MG 1032 45.46 50.10 38.43
CA TYR MG 1032 46.28 51.28 38.20
C TYR MG 1032 47.02 51.17 36.87
N SER MG 1033 47.60 52.29 36.45
CA SER MG 1033 48.32 52.36 35.18
C SER MG 1033 49.81 52.12 35.31
N GLY MG 1034 50.31 51.88 36.52
CA GLY MG 1034 51.75 51.71 36.68
C GLY MG 1034 52.14 50.60 37.64
N THR MG 1035 51.33 49.56 37.74
CA THR MG 1035 51.55 48.49 38.72
C THR MG 1035 52.08 47.25 38.02
N GLY MG 1036 53.23 46.76 38.49
CA GLY MG 1036 53.78 45.52 37.98
C GLY MG 1036 53.04 44.32 38.53
N LEU MG 1037 53.34 43.16 37.95
CA LEU MG 1037 52.60 41.97 38.31
C LEU MG 1037 53.45 40.73 38.07
N GLY MG 1038 53.09 39.65 38.76
CA GLY MG 1038 53.60 38.33 38.48
C GLY MG 1038 52.47 37.48 37.90
N ILE MG 1039 52.87 36.44 37.15
CA ILE MG 1039 51.94 35.61 36.42
C ILE MG 1039 52.19 34.16 36.80
N LEU MG 1040 51.17 33.50 37.34
CA LEU MG 1040 51.18 32.05 37.47
C LEU MG 1040 50.54 31.45 36.24
N PHE MG 1041 50.98 30.26 35.87
CA PHE MG 1041 50.46 29.63 34.66
C PHE MG 1041 49.44 28.54 34.98
N THR MG 1042 48.71 28.14 33.95
CA THR MG 1042 47.63 27.16 34.07
C THR MG 1042 47.87 25.92 33.24
N GLN MG 1043 48.27 26.06 31.97
CA GLN MG 1043 48.52 24.93 31.09
C GLN MG 1043 49.85 25.13 30.37
N ASP MG 1044 50.27 24.11 29.62
CA ASP MG 1044 51.52 24.13 28.90
C ASP MG 1044 51.30 24.63 27.47
N VAL MG 1045 52.40 25.01 26.81
CA VAL MG 1045 52.40 25.42 25.42
C VAL MG 1045 53.57 24.77 24.70
N THR MG 1046 53.72 25.08 23.42
CA THR MG 1046 54.80 24.55 22.61
C THR MG 1046 55.56 25.68 21.94
N GLY NG 26 71.97 58.53 35.29
CA GLY NG 26 72.97 58.36 34.25
C GLY NG 26 73.59 56.97 34.24
N ASP NG 27 73.81 56.45 33.04
CA ASP NG 27 74.40 55.13 32.87
C ASP NG 27 75.86 55.18 32.47
N THR NG 28 76.50 56.35 32.48
CA THR NG 28 77.91 56.42 32.14
C THR NG 28 78.78 55.95 33.30
N GLY NG 29 78.73 56.66 34.43
CA GLY NG 29 79.25 56.12 35.67
C GLY NG 29 78.17 55.34 36.36
N SER NG 30 77.78 54.23 35.73
CA SER NG 30 76.52 53.56 36.03
C SER NG 30 76.49 52.88 37.39
N LEU NG 31 77.65 52.66 38.04
CA LEU NG 31 77.60 52.15 39.41
C LEU NG 31 77.01 53.18 40.35
N ALA NG 32 77.53 54.41 40.31
CA ALA NG 32 76.92 55.52 41.02
C ALA NG 32 75.56 55.86 40.46
N GLY NG 33 75.35 55.62 39.15
CA GLY NG 33 74.05 55.86 38.56
C GLY NG 33 72.96 54.95 39.09
N LEU NG 34 73.26 53.66 39.23
CA LEU NG 34 72.29 52.72 39.81
C LEU NG 34 72.19 52.90 41.31
N GLN NG 35 73.25 53.37 41.96
CA GLN NG 35 73.15 53.71 43.37
C GLN NG 35 72.20 54.89 43.59
N ALA NG 36 72.25 55.87 42.68
CA ALA NG 36 71.28 56.96 42.74
C ALA NG 36 69.89 56.51 42.33
N MET NG 37 69.82 55.56 41.40
CA MET NG 37 68.55 55.02 40.94
C MET NG 37 67.88 54.17 42.01
N ALA NG 38 68.65 53.67 42.97
CA ALA NG 38 68.07 52.91 44.08
C ALA NG 38 67.17 53.75 44.99
N ASP NG 39 67.31 55.08 44.97
CA ASP NG 39 66.42 55.93 45.74
C ASP NG 39 65.04 55.95 45.12
N SER NG 40 64.04 56.24 45.95
CA SER NG 40 62.65 56.25 45.53
C SER NG 40 62.27 57.49 44.74
N LYS NG 41 63.12 58.51 44.70
CA LYS NG 41 62.79 59.76 44.01
C LYS NG 41 62.73 59.56 42.50
N TYR NG 42 63.64 58.75 41.94
CA TYR NG 42 63.52 58.37 40.54
C TYR NG 42 62.29 57.50 40.30
N THR NG 43 61.98 56.63 41.27
CA THR NG 43 60.84 55.72 41.12
C THR NG 43 59.50 56.43 41.20
N ARG NG 44 59.46 57.62 41.79
CA ARG NG 44 58.26 58.45 41.72
C ARG NG 44 58.34 59.52 40.65
N ALA NG 45 59.53 59.83 40.14
CA ALA NG 45 59.69 60.78 39.05
C ALA NG 45 59.56 60.12 37.68
N GLN NG 46 59.52 58.80 37.60
CA GLN NG 46 59.48 58.12 36.31
C GLN NG 46 58.15 58.30 35.59
N LYS NG 47 57.07 58.52 36.32
CA LYS NG 47 55.75 58.57 35.70
C LYS NG 47 55.56 59.85 34.89
N LYS NG 48 56.12 60.96 35.38
CA LYS NG 48 55.96 62.24 34.70
C LYS NG 48 56.74 62.31 33.39
N GLN NG 49 57.74 61.44 33.22
CA GLN NG 49 58.39 61.31 31.92
C GLN NG 49 57.80 60.21 31.06
N LYS NG 50 57.24 59.16 31.68
CA LYS NG 50 56.57 58.11 30.91
C LYS NG 50 55.32 58.65 30.22
N MET NG 51 54.57 59.52 30.90
CA MET NG 51 53.36 60.09 30.31
C MET NG 51 53.67 61.01 29.13
N GLY NG 52 54.87 61.61 29.11
CA GLY NG 52 55.28 62.38 27.94
C GLY NG 52 55.88 61.53 26.86
N LYS NG 53 56.55 60.43 27.24
CA LYS NG 53 57.06 59.47 26.26
C LYS NG 53 55.95 58.76 25.51
N ILE NG 54 54.77 58.64 26.11
CA ILE NG 54 53.62 58.10 25.39
C ILE NG 54 53.21 59.01 24.24
N ARG NG 55 53.21 60.33 24.47
CA ARG NG 55 52.50 61.26 23.60
C ARG NG 55 53.37 62.05 22.64
N GLU NG 56 54.63 62.35 22.99
CA GLU NG 56 55.35 63.50 22.47
C GLU NG 56 55.67 63.42 20.97
N MET NG 57 55.62 62.23 20.37
CA MET NG 57 56.17 62.02 19.03
C MET NG 57 55.39 62.73 17.93
N ALA NG 58 54.08 62.93 18.11
CA ALA NG 58 53.26 63.55 17.08
C ALA NG 58 53.62 65.02 16.89
N LEU NG 59 53.92 65.71 17.99
CA LEU NG 59 54.26 67.13 17.92
C LEU NG 59 55.55 67.37 17.15
N LYS NG 60 56.60 66.60 17.48
CA LYS NG 60 57.86 66.74 16.78
C LYS NG 60 57.76 66.26 15.34
N GLU NG 61 56.93 65.24 15.09
CA GLU NG 61 56.75 64.76 13.72
C GLU NG 61 56.07 65.81 12.85
N THR NG 62 55.03 66.46 13.38
CA THR NG 62 54.36 67.53 12.65
C THR NG 62 55.28 68.72 12.44
N ALA NG 63 56.09 69.06 13.46
CA ALA NG 63 57.04 70.15 13.34
C ALA NG 63 58.07 69.89 12.25
N LEU NG 64 58.59 68.65 12.21
CA LEU NG 64 59.55 68.29 11.17
C LEU NG 64 58.92 68.31 9.79
N SER NG 65 57.67 67.86 9.67
CA SER NG 65 56.99 67.85 8.38
C SER NG 65 56.77 69.27 7.86
N VAL NG 66 56.24 70.15 8.70
CA VAL NG 66 55.97 71.52 8.24
C VAL NG 66 57.28 72.29 8.04
N GLY NG 67 58.32 71.97 8.80
CA GLY NG 67 59.61 72.59 8.57
C GLY NG 67 60.21 72.18 7.25
N ALA NG 68 60.09 70.88 6.90
CA ALA NG 68 60.58 70.40 5.62
C ALA NG 68 59.85 71.06 4.46
N GLN NG 69 58.52 71.17 4.56
CA GLN NG 69 57.74 71.79 3.49
C GLN NG 69 58.07 73.27 3.32
N ALA NG 70 58.11 74.01 4.45
CA ALA NG 70 58.34 75.43 4.38
C ALA NG 70 59.76 75.75 3.92
N GLY NG 71 60.74 75.00 4.43
CA GLY NG 71 62.12 75.23 4.01
C GLY NG 71 62.34 74.88 2.56
N LEU NG 72 61.72 73.79 2.08
CA LEU NG 72 61.87 73.40 0.68
C LEU NG 72 61.27 74.45 -0.25
N ALA NG 73 60.06 74.93 0.08
CA ALA NG 73 59.39 75.93 -0.75
C ALA NG 73 60.15 77.26 -0.75
N TRP NG 74 60.60 77.70 0.43
CA TRP NG 74 61.28 78.98 0.53
C TRP NG 74 62.64 78.95 -0.15
N ARG NG 75 63.39 77.86 0.04
CA ARG NG 75 64.70 77.74 -0.60
C ARG NG 75 64.56 77.61 -2.10
N ALA NG 76 63.51 76.92 -2.57
CA ALA NG 76 63.26 76.82 -4.01
C ALA NG 76 62.94 78.19 -4.62
N LYS NG 77 62.12 78.99 -3.93
CA LYS NG 77 61.81 80.33 -4.43
C LYS NG 77 63.05 81.21 -4.46
N ILE NG 78 63.85 81.18 -3.39
CA ILE NG 78 65.05 82.00 -3.31
C ILE NG 78 66.06 81.59 -4.38
N ILE NG 79 66.22 80.28 -4.59
CA ILE NG 79 67.20 79.84 -5.57
C ILE NG 79 66.69 80.07 -6.99
N ASP NG 80 65.37 80.11 -7.18
CA ASP NG 80 64.83 80.49 -8.48
C ASP NG 80 65.11 81.94 -8.79
N GLU NG 81 64.93 82.81 -7.80
CA GLU NG 81 65.22 84.23 -7.99
C GLU NG 81 66.70 84.47 -8.24
N GLN NG 82 67.56 83.78 -7.48
CA GLN NG 82 68.98 84.01 -7.63
C GLN NG 82 69.52 83.41 -8.92
N LEU NG 83 68.92 82.32 -9.40
CA LEU NG 83 69.29 81.77 -10.69
C LEU NG 83 68.84 82.68 -11.82
N ASN NG 84 67.63 83.24 -11.69
CA ASN NG 84 67.11 84.19 -12.67
C ASN NG 84 67.91 85.48 -12.71
N LYS NG 85 68.57 85.82 -11.61
CA LYS NG 85 69.38 87.04 -11.56
C LYS NG 85 70.52 87.03 -12.57
N GLN NG 86 71.22 85.90 -12.69
CA GLN NG 86 72.48 85.92 -13.42
C GLN NG 86 72.42 85.08 -14.68
N ALA NG 87 71.35 85.24 -15.45
CA ALA NG 87 71.14 84.39 -16.63
C ALA NG 87 72.13 84.68 -17.75
N ARG NG 88 72.59 85.93 -17.88
CA ARG NG 88 73.27 86.37 -19.09
C ARG NG 88 74.63 85.72 -19.26
N ASN NG 89 75.44 85.73 -18.20
CA ASN NG 89 76.73 85.05 -18.28
C ASN NG 89 76.56 83.55 -18.35
N LEU NG 90 75.49 83.03 -17.75
CA LEU NG 90 75.16 81.62 -17.93
C LEU NG 90 74.78 81.32 -19.38
N ASP NG 91 74.04 82.24 -20.01
CA ASP NG 91 73.70 82.09 -21.43
C ASP NG 91 74.95 82.10 -22.30
N ALA NG 92 75.90 82.99 -22.00
CA ALA NG 92 77.14 83.01 -22.75
C ALA NG 92 77.98 81.78 -22.47
N ILE NG 93 77.98 81.30 -21.23
CA ILE NG 93 78.83 80.19 -20.85
C ILE NG 93 78.27 78.87 -21.34
N TYR NG 94 76.99 78.81 -21.67
CA TYR NG 94 76.37 77.61 -22.21
C TYR NG 94 75.89 77.94 -23.61
N ASP NG 95 76.75 77.71 -24.61
CA ASP NG 95 76.41 77.94 -26.00
C ASP NG 95 76.41 76.59 -26.72
N PHE NG 96 75.25 75.93 -26.68
CA PHE NG 96 75.08 74.70 -27.45
C PHE NG 96 74.98 75.01 -28.93
N ASN NG 97 74.53 76.22 -29.28
CA ASN NG 97 74.37 76.61 -30.68
C ASN NG 97 75.70 76.64 -31.41
N SER NG 98 76.78 76.99 -30.72
CA SER NG 98 78.10 76.83 -31.29
C SER NG 98 78.45 75.36 -31.48
N LEU NG 99 77.97 74.49 -30.62
CA LEU NG 99 78.27 73.07 -30.73
C LEU NG 99 77.38 72.35 -31.73
N VAL NG 100 76.34 73.00 -32.24
CA VAL NG 100 75.45 72.38 -33.20
C VAL NG 100 76.20 72.13 -34.50
N LEU NG 101 76.16 70.89 -34.97
CA LEU NG 101 76.74 70.55 -36.26
C LEU NG 101 75.92 71.19 -37.37
N GLU NG 102 76.60 71.49 -38.48
CA GLU NG 102 76.04 72.34 -39.55
C GLU NG 102 74.89 71.69 -40.31
N HIS NG 103 74.64 70.39 -40.12
CA HIS NG 103 73.46 69.75 -40.69
C HIS NG 103 72.29 69.75 -39.72
N ASN NG 104 72.26 70.71 -38.79
CA ASN NG 104 71.20 70.88 -37.78
C ASN NG 104 71.02 69.62 -36.94
N ILE NG 105 72.13 69.00 -36.57
CA ILE NG 105 72.14 67.75 -35.82
C ILE NG 105 72.97 67.96 -34.56
N LEU NG 106 72.40 67.57 -33.42
CA LEU NG 106 73.14 67.62 -32.17
C LEU NG 106 74.27 66.60 -32.20
N PRO NG 107 75.49 66.98 -31.79
CA PRO NG 107 76.57 66.00 -31.72
C PRO NG 107 76.31 64.98 -30.62
N PRO NG 108 76.86 63.77 -30.75
CA PRO NG 108 76.58 62.72 -29.77
C PRO NG 108 77.38 62.94 -28.48
N VAL NG 109 77.22 62.00 -27.55
CA VAL NG 109 77.78 62.11 -26.21
C VAL NG 109 78.80 60.99 -26.02
N LEU NG 110 79.99 61.35 -25.57
CA LEU NG 110 81.07 60.39 -25.35
C LEU NG 110 81.45 60.39 -23.87
N LEU NG 111 81.77 59.21 -23.35
CA LEU NG 111 82.27 59.05 -21.99
C LEU NG 111 83.61 58.35 -22.05
N GLU NG 112 84.62 58.97 -21.46
CA GLU NG 112 85.98 58.43 -21.45
C GLU NG 112 86.35 58.05 -20.03
N GLY NG 113 86.74 56.78 -19.84
CA GLY NG 113 87.16 56.27 -18.55
C GLY NG 113 88.65 56.03 -18.54
N ARG NG 114 89.29 56.41 -17.43
CA ARG NG 114 90.73 56.27 -17.26
C ARG NG 114 91.04 55.36 -16.09
N ASN NG 115 92.02 54.48 -16.30
CA ASN NG 115 92.58 53.57 -15.28
C ASN NG 115 91.49 52.69 -14.67
N THR NG 116 90.92 51.84 -15.52
CA THR NG 116 89.81 51.00 -15.11
C THR NG 116 90.33 49.71 -14.49
N LEU NG 117 89.77 49.34 -13.36
CA LEU NG 117 90.05 48.03 -12.77
C LEU NG 117 88.77 47.36 -12.36
N ASN NG 118 88.69 46.06 -12.65
CA ASN NG 118 87.60 45.20 -12.20
C ASN NG 118 88.21 43.97 -11.56
N LEU NG 119 87.89 43.76 -10.29
CA LEU NG 119 88.12 42.48 -9.62
C LEU NG 119 86.86 41.65 -9.84
N ALA NG 120 86.89 40.76 -10.83
CA ALA NG 120 85.74 39.91 -11.08
C ALA NG 120 85.54 38.91 -9.96
N ASP NG 121 86.62 38.24 -9.55
CA ASP NG 121 86.60 37.27 -8.47
C ASP NG 121 88.04 37.07 -8.03
N ALA NG 122 88.27 36.06 -7.21
CA ALA NG 122 89.64 35.66 -6.90
C ALA NG 122 90.28 35.02 -8.12
N GLN NG 123 91.61 34.96 -8.09
CA GLN NG 123 92.51 34.37 -9.09
C GLN NG 123 92.52 35.10 -10.43
N SER NG 124 91.76 36.18 -10.59
CA SER NG 124 91.57 36.78 -11.90
C SER NG 124 91.14 38.23 -11.74
N ILE NG 125 91.92 39.15 -12.29
CA ILE NG 125 91.61 40.57 -12.32
C ILE NG 125 91.69 41.05 -13.76
N ARG NG 126 91.01 42.18 -14.03
CA ARG NG 126 90.95 42.73 -15.38
C ARG NG 126 91.14 44.23 -15.30
N ILE NG 127 92.24 44.72 -15.86
CA ILE NG 127 92.55 46.15 -15.82
C ILE NG 127 92.65 46.68 -17.26
N SER NG 128 92.58 48.00 -17.37
CA SER NG 128 92.80 48.68 -18.64
C SER NG 128 93.17 50.12 -18.37
N ASP NG 129 93.81 50.74 -19.36
CA ASP NG 129 94.15 52.14 -19.25
C ASP NG 129 92.93 53.03 -19.46
N ARG NG 130 92.34 52.97 -20.65
CA ARG NG 130 91.23 53.85 -20.96
C ARG NG 130 90.19 53.09 -21.79
N THR NG 131 88.95 53.59 -21.69
CA THR NG 131 87.81 53.03 -22.39
C THR NG 131 86.92 54.17 -22.86
N TYR NG 132 86.15 53.90 -23.91
CA TYR NG 132 85.28 54.90 -24.51
C TYR NG 132 83.89 54.32 -24.72
N LYS NG 133 82.87 55.09 -24.36
CA LYS NG 133 81.48 54.67 -24.44
C LYS NG 133 80.66 55.74 -25.14
N VAL NG 134 79.88 55.35 -26.13
CA VAL NG 134 78.94 56.24 -26.78
C VAL NG 134 77.66 56.21 -25.96
N ALA NG 135 77.33 57.33 -25.31
CA ALA NG 135 76.17 57.37 -24.44
C ALA NG 135 74.88 57.60 -25.23
N LYS NG 136 74.78 58.76 -25.89
CA LYS NG 136 73.58 59.13 -26.63
C LYS NG 136 73.91 59.25 -28.11
N GLN NG 137 73.13 58.58 -28.94
CA GLN NG 137 73.30 58.68 -30.38
C GLN NG 137 72.90 60.07 -30.87
N ALA NG 138 73.69 60.60 -31.80
CA ALA NG 138 73.40 61.88 -32.42
C ALA NG 138 72.08 61.82 -33.19
N HIS NG 139 71.36 62.94 -33.19
CA HIS NG 139 70.11 63.05 -33.90
C HIS NG 139 69.89 64.51 -34.29
N PHE NG 140 68.94 64.73 -35.17
CA PHE NG 140 68.61 66.07 -35.61
C PHE NG 140 67.97 66.87 -34.48
N ILE NG 141 68.08 68.18 -34.58
CA ILE NG 141 67.51 69.08 -33.59
C ILE NG 141 66.74 70.17 -34.29
N THR NG 142 65.77 70.73 -33.58
CA THR NG 142 65.02 71.89 -34.06
C THR NG 142 65.57 73.18 -33.49
N THR NG 143 65.73 73.23 -32.17
CA THR NG 143 66.29 74.35 -31.46
C THR NG 143 67.36 73.84 -30.51
N PRO NG 144 68.39 74.64 -30.25
CA PRO NG 144 69.37 74.25 -29.23
C PRO NG 144 68.73 74.23 -27.86
N PRO NG 145 69.18 73.35 -26.97
CA PRO NG 145 68.68 73.35 -25.59
C PRO NG 145 69.16 74.58 -24.84
N THR NG 146 68.53 74.84 -23.71
CA THR NG 146 68.98 75.89 -22.83
C THR NG 146 69.17 75.34 -21.43
N TRP NG 147 69.80 76.18 -20.61
CA TRP NG 147 70.05 75.85 -19.21
C TRP NG 147 68.78 75.76 -18.40
N ARG NG 148 67.71 76.44 -18.83
CA ARG NG 148 66.45 76.36 -18.12
C ARG NG 148 65.82 74.99 -18.21
N GLN NG 149 66.14 74.22 -19.24
CA GLN NG 149 65.70 72.83 -19.34
C GLN NG 149 66.39 71.92 -18.35
N TYR NG 150 67.46 72.37 -17.71
CA TYR NG 150 68.20 71.55 -16.79
C TYR NG 150 68.26 72.14 -15.39
N LEU NG 151 67.90 73.40 -15.21
CA LEU NG 151 68.14 74.07 -13.94
C LEU NG 151 66.95 74.81 -13.36
N TRP NG 152 65.87 75.00 -14.11
CA TRP NG 152 64.77 75.80 -13.60
C TRP NG 152 64.02 75.01 -12.54
N MET NG 153 64.14 75.45 -11.29
CA MET NG 153 63.35 74.87 -10.23
C MET NG 153 61.89 75.27 -10.38
N ASP NG 154 61.01 74.33 -10.12
CA ASP NG 154 59.59 74.62 -10.07
C ASP NG 154 59.26 75.40 -8.81
N TYR NG 155 58.12 76.08 -8.82
CA TYR NG 155 57.70 76.82 -7.63
C TYR NG 155 56.18 76.88 -7.61
N VAL NG 156 55.58 76.04 -6.79
CA VAL NG 156 54.19 76.17 -6.37
C VAL NG 156 54.22 76.52 -4.89
N LYS NG 157 53.72 77.71 -4.57
CA LYS NG 157 53.70 78.13 -3.18
C LYS NG 157 52.61 77.36 -2.44
N PRO NG 158 52.93 76.73 -1.31
CA PRO NG 158 51.88 76.10 -0.50
C PRO NG 158 51.32 77.08 0.50
N GLU NG 159 49.99 77.21 0.50
CA GLU NG 159 49.29 78.13 1.39
C GLU NG 159 48.28 77.39 2.25
N ALA NG 160 48.61 76.16 2.65
CA ALA NG 160 47.69 75.31 3.40
C ALA NG 160 48.35 74.83 4.69
N PRO NG 161 48.32 75.65 5.75
CA PRO NG 161 48.75 75.13 7.05
C PRO NG 161 47.69 74.23 7.64
N ASN NG 162 47.95 72.92 7.62
CA ASN NG 162 47.00 71.93 8.09
C ASN NG 162 47.39 71.53 9.51
N VAL NG 163 46.60 71.98 10.48
CA VAL NG 163 46.90 71.77 11.89
C VAL NG 163 45.85 70.83 12.47
N THR NG 164 46.31 69.72 13.06
CA THR NG 164 45.45 68.78 13.76
C THR NG 164 45.68 68.82 15.26
N LEU NG 165 46.92 68.98 15.69
CA LEU NG 165 47.28 69.05 17.11
C LEU NG 165 48.08 70.30 17.40
N LEU NG 166 48.07 70.71 18.65
CA LEU NG 166 48.79 71.89 19.09
C LEU NG 166 49.64 71.58 20.31
N PRO NG 167 50.78 72.24 20.44
CA PRO NG 167 51.47 72.26 21.73
C PRO NG 167 50.66 73.07 22.73
N LYS NG 168 50.84 72.74 24.01
CA LYS NG 168 50.07 73.36 25.07
C LYS NG 168 50.90 74.25 25.98
N THR NG 169 52.06 73.80 26.43
CA THR NG 169 52.90 74.62 27.29
C THR NG 169 54.16 75.05 26.54
N LYS NG 170 55.02 75.76 27.28
CA LYS NG 170 56.19 76.41 26.72
C LYS NG 170 57.21 75.40 26.23
N ALA NG 171 57.34 74.26 26.91
CA ALA NG 171 58.33 73.25 26.52
C ALA NG 171 57.98 72.62 25.18
N GLU NG 172 56.72 72.22 25.01
CA GLU NG 172 56.32 71.63 23.74
C GLU NG 172 56.28 72.66 22.62
N LYS NG 173 55.92 73.91 22.95
CA LYS NG 173 56.01 74.98 21.95
C LYS NG 173 57.44 75.21 21.49
N GLU NG 174 58.38 75.19 22.44
CA GLU NG 174 59.78 75.46 22.11
C GLU NG 174 60.40 74.31 21.32
N ILE NG 175 60.09 73.06 21.69
CA ILE NG 175 60.63 71.95 20.91
C ILE NG 175 59.95 71.88 19.56
N TRP NG 176 58.70 72.34 19.46
CA TRP NG 176 58.02 72.49 18.17
C TRP NG 176 58.76 73.48 17.29
N CYS NG 177 59.16 74.62 17.87
CA CYS NG 177 59.89 75.64 17.13
C CYS NG 177 61.24 75.12 16.64
N ILE NG 178 61.98 74.46 17.53
CA ILE NG 178 63.33 74.05 17.13
C ILE NG 178 63.29 72.86 16.16
N TYR NG 179 62.29 71.99 16.25
CA TYR NG 179 62.21 70.90 15.29
C TYR NG 179 61.68 71.37 13.94
N THR NG 180 60.84 72.41 13.95
CA THR NG 180 60.49 73.07 12.69
C THR NG 180 61.71 73.72 12.05
N GLU NG 181 62.58 74.30 12.87
CA GLU NG 181 63.83 74.88 12.37
C GLU NG 181 64.74 73.80 11.77
N ARG NG 182 64.83 72.64 12.43
CA ARG NG 182 65.62 71.54 11.92
C ARG NG 182 65.07 71.03 10.58
N GLY NG 183 63.73 70.92 10.48
CA GLY NG 183 63.13 70.56 9.21
C GLY NG 183 63.36 71.60 8.12
N TRP NG 184 63.40 72.88 8.51
CA TRP NG 184 63.71 73.95 7.58
C TRP NG 184 65.11 73.78 7.00
N LYS NG 185 66.08 73.48 7.88
CA LYS NG 185 67.45 73.23 7.44
C LYS NG 185 67.53 72.01 6.53
N ASN NG 186 66.80 70.95 6.87
CA ASN NG 186 66.81 69.74 6.06
C ASN NG 186 66.22 69.97 4.68
N GLY NG 187 65.14 70.76 4.60
CA GLY NG 187 64.56 71.07 3.31
C GLY NG 187 65.49 71.92 2.45
N ILE NG 188 66.21 72.85 3.09
CA ILE NG 188 67.21 73.65 2.38
C ILE NG 188 68.29 72.74 1.80
N ASP NG 189 68.77 71.80 2.60
CA ASP NG 189 69.83 70.90 2.15
C ASP NG 189 69.36 69.98 1.04
N GLN NG 190 68.10 69.51 1.11
CA GLN NG 190 67.58 68.65 0.07
C GLN NG 190 67.43 69.42 -1.25
N ALA NG 191 66.97 70.68 -1.18
CA ALA NG 191 66.89 71.50 -2.38
C ALA NG 191 68.26 71.74 -2.99
N ASN NG 192 69.26 71.96 -2.14
CA ASN NG 192 70.63 72.14 -2.63
C ASN NG 192 71.15 70.87 -3.29
N THR NG 193 70.78 69.70 -2.74
CA THR NG 193 71.20 68.43 -3.32
C THR NG 193 70.59 68.23 -4.70
N ILE NG 194 69.31 68.60 -4.85
CA ILE NG 194 68.64 68.46 -6.15
C ILE NG 194 69.27 69.38 -7.18
N LEU NG 195 69.57 70.63 -6.76
CA LEU NG 195 70.24 71.58 -7.65
C LEU NG 195 71.61 71.07 -8.06
N GLU NG 196 72.34 70.48 -7.12
CA GLU NG 196 73.68 69.95 -7.41
C GLU NG 196 73.62 68.79 -8.39
N GLU NG 197 72.60 67.93 -8.25
CA GLU NG 197 72.44 66.82 -9.20
C GLU NG 197 72.11 67.33 -10.59
N ASN NG 198 71.27 68.35 -10.70
CA ASN NG 198 70.96 68.93 -11.99
C ASN NG 198 72.18 69.59 -12.62
N ILE NG 199 72.99 70.26 -11.80
CA ILE NG 199 74.24 70.86 -12.25
C ILE NG 199 75.18 69.81 -12.80
N ALA NG 200 75.29 68.69 -12.10
CA ALA NG 200 76.15 67.59 -12.54
C ALA NG 200 75.64 66.99 -13.85
N ARG NG 201 74.31 66.93 -14.01
CA ARG NG 201 73.73 66.39 -15.22
C ARG NG 201 74.06 67.26 -16.44
N ILE NG 202 73.82 68.56 -16.32
CA ILE NG 202 74.07 69.43 -17.48
C ILE NG 202 75.58 69.57 -17.72
N LYS NG 203 76.38 69.48 -16.66
CA LYS NG 203 77.83 69.48 -16.78
C LYS NG 203 78.32 68.27 -17.56
N GLU NG 204 77.76 67.10 -17.25
CA GLU NG 204 78.17 65.89 -17.95
C GLU NG 204 77.70 65.89 -19.39
N ASP NG 205 76.56 66.53 -19.68
CA ASP NG 205 76.12 66.63 -21.07
C ASP NG 205 77.05 67.52 -21.90
N PHE NG 206 77.41 68.69 -21.34
CA PHE NG 206 78.34 69.58 -22.03
C PHE NG 206 79.71 68.94 -22.19
N GLY NG 207 80.14 68.19 -21.17
CA GLY NG 207 81.41 67.48 -21.27
C GLY NG 207 81.40 66.40 -22.32
N GLY NG 208 80.27 65.69 -22.46
CA GLY NG 208 80.18 64.68 -23.51
C GLY NG 208 80.20 65.28 -24.90
N MET NG 209 79.54 66.42 -25.08
CA MET NG 209 79.57 67.06 -26.40
C MET NG 209 80.95 67.60 -26.74
N ILE NG 210 81.63 68.25 -25.79
CA ILE NG 210 82.96 68.75 -26.08
C ILE NG 210 83.97 67.60 -26.21
N LEU NG 211 83.69 66.46 -25.58
CA LEU NG 211 84.53 65.29 -25.77
C LEU NG 211 84.37 64.71 -27.16
N TYR NG 212 83.15 64.73 -27.71
CA TYR NG 212 82.97 64.32 -29.09
C TYR NG 212 83.69 65.27 -30.05
N ARG NG 213 83.63 66.57 -29.76
CA ARG NG 213 84.35 67.54 -30.58
C ARG NG 213 85.85 67.28 -30.54
N LYS NG 214 86.37 67.00 -29.35
CA LYS NG 214 87.79 66.69 -29.18
C LYS NG 214 88.18 65.43 -29.93
N LEU NG 215 87.35 64.39 -29.86
CA LEU NG 215 87.67 63.14 -30.51
C LEU NG 215 87.58 63.24 -32.03
N LEU NG 216 86.61 64.01 -32.53
CA LEU NG 216 86.50 64.23 -33.96
C LEU NG 216 87.65 65.06 -34.49
N ALA NG 217 88.16 65.99 -33.67
CA ALA NG 217 89.41 66.65 -34.00
C ALA NG 217 90.57 65.67 -33.99
N MET NG 218 90.55 64.74 -33.05
CA MET NG 218 91.64 63.78 -32.86
C MET NG 218 91.56 62.60 -33.83
N ASN NG 219 90.57 62.58 -34.73
CA ASN NG 219 90.36 61.53 -35.73
C ASN NG 219 90.14 60.19 -35.05
N MET NG 220 89.24 60.20 -34.06
CA MET NG 220 88.89 59.01 -33.31
C MET NG 220 87.46 58.55 -33.57
N VAL NG 221 86.66 59.32 -34.29
CA VAL NG 221 85.29 58.97 -34.61
C VAL NG 221 84.99 59.39 -36.03
N SER NG 222 84.20 58.58 -36.73
CA SER NG 222 83.70 58.98 -38.03
C SER NG 222 82.66 60.07 -37.85
N PRO NG 223 82.64 61.08 -38.73
CA PRO NG 223 81.56 62.06 -38.69
C PRO NG 223 80.25 61.43 -39.13
N PRO NG 224 79.11 61.96 -38.69
CA PRO NG 224 77.83 61.47 -39.21
C PRO NG 224 77.68 61.82 -40.68
N TYR NG 225 77.05 60.90 -41.41
CA TYR NG 225 76.94 61.03 -42.85
C TYR NG 225 75.48 60.98 -43.27
N VAL NG 226 75.11 61.91 -44.14
CA VAL NG 226 73.72 62.18 -44.52
C VAL NG 226 73.55 61.86 -46.01
N SER NG 227 72.30 61.73 -46.43
CA SER NG 227 71.91 61.68 -47.82
C SER NG 227 70.73 62.61 -48.03
N HIS NG 228 70.79 63.38 -49.12
CA HIS NG 228 69.71 64.27 -49.51
C HIS NG 228 69.28 63.96 -50.93
N THR NG 229 67.98 63.81 -51.13
CA THR NG 229 67.40 63.60 -52.44
C THR NG 229 66.40 64.69 -52.74
N ASP NG 230 66.10 64.88 -54.02
CA ASP NG 230 65.22 65.95 -54.45
C ASP NG 230 64.22 65.44 -55.47
N LEU NG 231 63.03 66.02 -55.43
CA LEU NG 231 62.02 65.87 -56.46
C LEU NG 231 61.46 67.25 -56.76
N GLY NG 232 61.05 67.45 -58.01
CA GLY NG 232 60.51 68.73 -58.42
C GLY NG 232 59.07 68.94 -57.99
N VAL NG 233 58.30 69.60 -58.85
CA VAL NG 233 56.89 69.84 -58.53
C VAL NG 233 56.12 68.53 -58.69
N THR NG 234 55.32 68.21 -57.69
CA THR NG 234 54.66 66.92 -57.64
C THR NG 234 53.31 67.06 -56.95
N GLY NG 235 52.41 66.14 -57.27
CA GLY NG 235 51.11 66.06 -56.65
C GLY NG 235 50.00 65.96 -57.68
N ASP NG 236 48.77 66.02 -57.19
CA ASP NG 236 47.59 65.93 -58.02
C ASP NG 236 47.21 67.32 -58.53
N GLY NG 237 46.01 67.44 -59.10
CA GLY NG 237 45.51 68.73 -59.54
C GLY NG 237 45.06 69.65 -58.43
N SER NG 238 45.02 69.17 -57.19
CA SER NG 238 44.63 69.98 -56.05
C SER NG 238 45.78 70.34 -55.14
N GLU NG 239 46.67 69.41 -54.84
CA GLU NG 239 47.76 69.62 -53.91
C GLU NG 239 49.08 69.56 -54.67
N ILE NG 240 49.87 70.62 -54.58
CA ILE NG 240 51.19 70.64 -55.21
C ILE NG 240 52.20 71.21 -54.24
N HIS NG 241 53.45 70.78 -54.40
CA HIS NG 241 54.58 71.32 -53.67
C HIS NG 241 55.66 71.69 -54.66
N ILE NG 242 56.55 72.60 -54.25
CA ILE NG 242 57.57 73.10 -55.16
C ILE NG 242 58.72 72.11 -55.29
N ASP NG 243 59.40 71.83 -54.18
CA ASP NG 243 60.63 71.04 -54.22
C ASP NG 243 60.64 70.10 -53.02
N ASP NG 244 60.33 68.84 -53.28
CA ASP NG 244 60.27 67.83 -52.23
C ASP NG 244 61.69 67.34 -51.98
N ARG NG 245 62.31 67.82 -50.91
CA ARG NG 245 63.68 67.46 -50.57
C ARG NG 245 63.69 66.61 -49.31
N VAL NG 246 64.37 65.47 -49.39
CA VAL NG 246 64.38 64.47 -48.33
C VAL NG 246 65.79 64.39 -47.77
N LEU NG 247 65.91 64.57 -46.45
CA LEU NG 247 67.17 64.51 -45.74
C LEU NG 247 67.12 63.36 -44.76
N ARG NG 248 68.16 62.52 -44.76
CA ARG NG 248 68.20 61.37 -43.87
C ARG NG 248 69.65 61.00 -43.62
N ILE NG 249 70.06 60.96 -42.36
CA ILE NG 249 71.39 60.44 -42.04
C ILE NG 249 71.38 58.94 -42.25
N THR NG 250 72.37 58.46 -42.98
CA THR NG 250 72.52 57.03 -43.22
C THR NG 250 73.70 56.44 -42.48
N ALA NG 251 74.56 57.25 -41.88
CA ALA NG 251 75.69 56.71 -41.12
C ALA NG 251 75.81 57.47 -39.80
N LEU NG 252 75.56 56.77 -38.70
CA LEU NG 252 75.74 57.33 -37.38
C LEU NG 252 77.22 57.43 -37.05
N PRO NG 253 77.60 58.36 -36.16
CA PRO NG 253 78.98 58.37 -35.67
C PRO NG 253 79.26 57.14 -34.82
N GLU NG 254 80.52 56.70 -34.85
CA GLU NG 254 80.97 55.58 -34.04
C GLU NG 254 82.46 55.67 -33.85
N LEU NG 255 82.96 54.97 -32.84
CA LEU NG 255 84.39 54.90 -32.60
C LEU NG 255 85.07 54.06 -33.68
N ASN NG 256 86.29 54.45 -34.05
CA ASN NG 256 87.07 53.62 -34.96
C ASN NG 256 87.88 52.60 -34.15
N VAL NG 257 88.15 51.46 -34.80
CA VAL NG 257 88.82 50.36 -34.12
C VAL NG 257 90.21 50.10 -34.65
N ASN NG 258 90.66 50.83 -35.65
CA ASN NG 258 92.00 50.65 -36.23
C ASN NG 258 92.91 51.72 -35.66
N SER NG 259 93.84 51.31 -34.80
CA SER NG 259 94.68 52.26 -34.09
C SER NG 259 95.78 52.86 -34.95
N ALA NG 260 96.13 52.20 -36.06
CA ALA NG 260 97.24 52.68 -36.87
C ALA NG 260 96.89 53.92 -37.69
N GLU NG 261 95.60 54.24 -37.81
CA GLU NG 261 95.14 55.38 -38.59
C GLU NG 261 94.68 56.52 -37.70
N TRP NG 262 95.38 56.73 -36.60
CA TRP NG 262 95.02 57.77 -35.64
C TRP NG 262 96.08 58.86 -35.64
N ARG NG 263 95.65 60.10 -35.49
CA ARG NG 263 96.55 61.24 -35.47
C ARG NG 263 96.74 61.71 -34.03
N ALA NG 264 97.98 61.92 -33.63
CA ALA NG 264 98.31 62.32 -32.27
C ALA NG 264 98.30 63.84 -32.17
N ALA NG 265 98.85 64.37 -31.08
CA ALA NG 265 98.83 65.80 -30.83
C ALA NG 265 100.14 66.24 -30.19
N VAL NG 266 100.45 67.52 -30.32
CA VAL NG 266 101.65 68.13 -29.77
C VAL NG 266 101.29 69.56 -29.36
N ALA NG 267 102.18 70.23 -28.64
CA ALA NG 267 101.96 71.61 -28.26
C ALA NG 267 103.27 72.37 -28.37
N LYS NG 268 103.22 73.66 -28.01
CA LYS NG 268 104.41 74.49 -27.97
C LYS NG 268 104.38 75.37 -26.73
N UNK OG 1 120.53 31.27 42.72
CA UNK OG 1 121.09 32.61 42.61
C UNK OG 1 122.52 32.66 43.15
N UNK OG 2 122.64 32.47 44.46
CA UNK OG 2 123.90 32.38 45.21
C UNK OG 2 124.75 33.64 45.11
N UNK OG 3 124.14 34.78 44.81
CA UNK OG 3 124.85 36.05 44.68
C UNK OG 3 123.84 37.18 44.75
N UNK OG 4 124.12 38.19 45.57
CA UNK OG 4 123.29 39.38 45.60
C UNK OG 4 124.03 40.65 45.22
N UNK OG 5 125.33 40.58 45.00
CA UNK OG 5 126.13 41.73 44.58
C UNK OG 5 126.87 41.35 43.32
N UNK OG 6 126.41 41.84 42.18
CA UNK OG 6 127.06 41.59 40.89
C UNK OG 6 128.26 42.52 40.78
N UNK OG 7 129.39 42.07 41.34
CA UNK OG 7 130.59 42.87 41.36
C UNK OG 7 131.19 42.98 39.97
N UNK OG 8 131.96 44.04 39.76
CA UNK OG 8 132.56 44.34 38.45
C UNK OG 8 134.01 44.75 38.64
N UNK OG 9 134.92 43.79 38.38
CA UNK OG 9 136.38 43.97 38.39
C UNK OG 9 136.94 44.55 39.67
N UNK PG 1 73.93 -87.74 -5.79
CA UNK PG 1 73.51 -87.60 -7.19
C UNK PG 1 74.73 -87.49 -8.09
N UNK PG 2 75.06 -86.26 -8.47
CA UNK PG 2 76.29 -86.01 -9.20
C UNK PG 2 77.49 -86.25 -8.29
N UNK PG 3 78.52 -86.88 -8.85
CA UNK PG 3 79.68 -87.26 -8.05
C UNK PG 3 80.53 -86.04 -7.72
N UNK PG 4 80.89 -85.90 -6.44
CA UNK PG 4 81.77 -84.82 -6.02
C UNK PG 4 83.18 -84.99 -6.58
N UNK PG 5 83.62 -86.25 -6.75
CA UNK PG 5 84.89 -86.50 -7.40
C UNK PG 5 84.87 -86.07 -8.86
N UNK PG 6 83.74 -86.31 -9.54
CA UNK PG 6 83.58 -85.83 -10.91
C UNK PG 6 83.52 -84.31 -10.96
N UNK PG 7 82.90 -83.68 -9.96
CA UNK PG 7 82.87 -82.22 -9.90
C UNK PG 7 84.27 -81.64 -9.69
N UNK PG 8 85.06 -82.29 -8.83
CA UNK PG 8 86.45 -81.86 -8.61
C UNK PG 8 87.29 -82.07 -9.87
N UNK PG 9 87.06 -83.18 -10.58
CA UNK PG 9 87.77 -83.43 -11.84
C UNK PG 9 87.41 -82.40 -12.90
N UNK PG 10 86.13 -82.02 -12.97
CA UNK PG 10 85.70 -80.99 -13.91
C UNK PG 10 86.26 -79.63 -13.55
N UNK PG 11 86.33 -79.31 -12.25
CA UNK PG 11 86.93 -78.05 -11.82
C UNK PG 11 88.42 -78.01 -12.11
N UNK PG 12 89.12 -79.14 -11.93
CA UNK PG 12 90.54 -79.21 -12.25
C UNK PG 12 90.78 -79.09 -13.75
N UNK PG 13 89.91 -79.72 -14.56
CA UNK PG 13 90.05 -79.60 -16.01
C UNK PG 13 89.70 -78.19 -16.49
N UNK PG 14 88.80 -77.50 -15.80
CA UNK PG 14 88.50 -76.11 -16.14
C UNK PG 14 89.65 -75.20 -15.77
N UNK PG 15 90.31 -75.47 -14.63
CA UNK PG 15 91.49 -74.70 -14.25
C UNK PG 15 92.64 -74.95 -15.21
N UNK PG 16 92.81 -76.19 -15.65
CA UNK PG 16 93.86 -76.55 -16.61
C UNK PG 16 93.35 -76.28 -18.02
N UNK PG 17 93.43 -75.02 -18.44
CA UNK PG 17 92.99 -74.63 -19.77
C UNK PG 17 94.13 -74.66 -20.78
N UNK PG 18 95.17 -73.85 -20.54
CA UNK PG 18 96.39 -73.76 -21.34
C UNK PG 18 96.12 -73.45 -22.82
N UNK PG 19 95.13 -72.59 -23.06
CA UNK PG 19 94.76 -72.22 -24.43
C UNK PG 19 94.12 -70.84 -24.40
N UNK PG 20 94.90 -69.82 -24.79
CA UNK PG 20 94.39 -68.46 -24.86
C UNK PG 20 95.24 -67.66 -25.84
N UNK PG 21 94.58 -66.78 -26.59
CA UNK PG 21 95.27 -65.92 -27.55
C UNK PG 21 94.49 -64.62 -27.64
N UNK PG 22 95.15 -63.50 -27.36
CA UNK PG 22 94.51 -62.21 -27.31
C UNK PG 22 95.16 -61.27 -28.32
N UNK PG 23 94.33 -60.44 -28.94
CA UNK PG 23 94.77 -59.40 -29.86
C UNK PG 23 94.44 -58.04 -29.29
N UNK PG 24 94.98 -57.00 -29.92
CA UNK PG 24 94.75 -55.63 -29.47
C UNK PG 24 94.40 -54.75 -30.66
N UNK PG 25 93.62 -53.71 -30.38
CA UNK PG 25 93.19 -52.75 -31.39
C UNK PG 25 93.62 -51.35 -30.98
N UNK PG 26 94.18 -50.60 -31.93
CA UNK PG 26 94.64 -49.25 -31.67
C UNK PG 26 93.52 -48.26 -31.99
N UNK PG 27 93.85 -46.96 -31.95
CA UNK PG 27 92.85 -45.93 -32.19
C UNK PG 27 92.51 -45.81 -33.68
N UNK PG 28 93.50 -45.95 -34.55
CA UNK PG 28 93.32 -45.84 -35.99
C UNK PG 28 93.16 -47.21 -36.66
N UNK PG 29 92.55 -48.17 -35.93
CA UNK PG 29 92.27 -49.53 -36.40
C UNK PG 29 93.52 -50.28 -36.84
N UNK PG 30 94.61 -50.08 -36.11
CA UNK PG 30 95.84 -50.83 -36.36
C UNK PG 30 95.77 -52.17 -35.66
N UNK PG 31 95.84 -53.25 -36.43
CA UNK PG 31 95.72 -54.59 -35.88
C UNK PG 31 96.99 -54.97 -35.11
N UNK PG 32 96.81 -55.44 -33.88
CA UNK PG 32 97.91 -55.90 -33.04
C UNK PG 32 97.54 -57.28 -32.53
N UNK PG 33 97.84 -58.30 -33.33
CA UNK PG 33 97.55 -59.68 -32.97
C UNK PG 33 98.79 -60.32 -32.38
N UNK PG 34 98.59 -61.04 -31.27
CA UNK PG 34 99.68 -61.72 -30.58
C UNK PG 34 99.58 -63.22 -30.78
N UNK PG 35 100.73 -63.89 -30.69
CA UNK PG 35 100.77 -65.34 -30.81
C UNK PG 35 100.25 -66.00 -29.54
N UNK PG 36 100.15 -67.32 -29.58
CA UNK PG 36 99.65 -68.08 -28.43
C UNK PG 36 100.67 -68.06 -27.30
N UNK PG 37 100.20 -67.72 -26.11
CA UNK PG 37 101.06 -67.65 -24.93
C UNK PG 37 100.23 -68.04 -23.70
N UNK PG 38 100.58 -69.18 -23.11
CA UNK PG 38 99.91 -69.79 -21.95
C UNK PG 38 98.41 -69.98 -22.17
N UNK PG 39 91.85 -46.78 -24.76
CA UNK PG 39 91.67 -48.21 -24.56
C UNK PG 39 92.33 -49.00 -25.69
N UNK PG 40 93.66 -48.97 -25.73
CA UNK PG 40 94.38 -49.76 -26.71
C UNK PG 40 94.34 -51.25 -26.38
N UNK PG 41 94.23 -51.59 -25.10
CA UNK PG 41 94.21 -52.99 -24.67
C UNK PG 41 92.82 -53.56 -24.92
N UNK PG 42 92.68 -54.30 -26.01
CA UNK PG 42 91.39 -54.90 -26.38
C UNK PG 42 91.19 -56.16 -25.53
N UNK PG 43 90.62 -55.94 -24.33
CA UNK PG 43 90.37 -57.04 -23.41
C UNK PG 43 89.26 -57.96 -23.88
N UNK PG 44 88.38 -57.47 -24.76
CA UNK PG 44 87.36 -58.32 -25.33
C UNK PG 44 87.89 -59.16 -26.50
N UNK PG 45 89.14 -58.98 -26.88
CA UNK PG 45 89.71 -59.67 -28.02
C UNK PG 45 90.57 -60.87 -27.63
N UNK PG 46 90.16 -61.63 -26.61
CA UNK PG 46 90.86 -62.85 -26.23
C UNK PG 46 89.98 -64.05 -26.53
N UNK PG 47 90.56 -65.07 -27.16
CA UNK PG 47 89.83 -66.28 -27.52
C UNK PG 47 90.63 -67.50 -27.10
N UNK PG 48 89.93 -68.55 -26.68
CA UNK PG 48 90.57 -69.77 -26.24
C UNK PG 48 91.06 -70.60 -27.42
N LYS QG 24 116.37 28.83 74.45
CA LYS QG 24 115.49 28.54 75.57
C LYS QG 24 114.20 27.89 75.10
N PHE QG 25 113.75 28.26 73.90
CA PHE QG 25 112.51 27.74 73.34
C PHE QG 25 112.86 27.04 72.03
N LYS QG 26 113.22 25.77 72.15
CA LYS QG 26 113.49 24.94 71.00
C LYS QG 26 112.19 24.30 70.54
N LYS QG 27 111.96 24.30 69.25
CA LYS QG 27 110.70 23.73 68.82
C LYS QG 27 110.89 22.34 68.23
N PRO QG 28 109.90 21.46 68.36
CA PRO QG 28 109.92 20.21 67.61
C PRO QG 28 109.62 20.48 66.15
N PRO QG 29 109.96 19.55 65.26
CA PRO QG 29 109.50 19.68 63.87
C PRO QG 29 107.99 19.65 63.78
N ILE QG 30 107.45 20.54 62.96
CA ILE QG 30 106.00 20.73 62.91
C ILE QG 30 105.31 19.54 62.26
N ASN QG 31 105.87 19.02 61.17
CA ASN QG 31 105.29 17.84 60.54
C ASN QG 31 105.93 16.56 61.06
N ASN QG 32 105.94 16.42 62.39
CA ASN QG 32 106.48 15.21 62.96
C ASN QG 32 105.39 14.17 63.12
N PRO QG 33 105.65 12.92 62.76
CA PRO QG 33 104.67 11.86 63.04
C PRO QG 33 104.64 11.51 64.52
N SER QG 34 103.89 12.29 65.30
CA SER QG 34 103.78 12.09 66.74
C SER QG 34 102.68 11.10 67.11
N ASP QG 35 102.29 10.24 66.19
CA ASP QG 35 101.29 9.22 66.43
C ASP QG 35 101.84 7.88 65.95
N ASP QG 36 101.43 6.80 66.63
CA ASP QG 36 101.96 5.47 66.35
C ASP QG 36 101.59 5.00 64.95
N ALA QG 37 100.35 5.23 64.52
CA ALA QG 37 99.94 4.85 63.18
C ALA QG 37 100.68 5.65 62.13
N THR QG 38 100.89 6.94 62.39
CA THR QG 38 101.59 7.80 61.45
C THR QG 38 103.05 7.40 61.31
N ILE QG 39 103.70 7.07 62.43
CA ILE QG 39 105.11 6.72 62.35
C ILE QG 39 105.27 5.32 61.76
N LYS QG 40 104.27 4.45 61.93
CA LYS QG 40 104.25 3.19 61.21
C LYS QG 40 104.11 3.41 59.71
N LEU QG 41 103.26 4.36 59.33
CA LEU QG 41 103.09 4.72 57.92
C LEU QG 41 104.39 5.23 57.32
N ALA QG 42 105.09 6.10 58.07
CA ALA QG 42 106.34 6.67 57.58
C ALA QG 42 107.42 5.62 57.45
N GLU QG 43 107.48 4.68 58.41
CA GLU QG 43 108.43 3.59 58.33
C GLU QG 43 108.14 2.68 57.15
N ALA QG 44 106.85 2.43 56.87
CA ALA QG 44 106.47 1.63 55.72
C ALA QG 44 106.86 2.32 54.42
N ALA QG 45 106.71 3.65 54.39
CA ALA QG 45 107.13 4.42 53.22
C ALA QG 45 108.64 4.34 53.00
N VAL QG 46 109.40 4.40 54.10
CA VAL QG 46 110.86 4.27 54.04
C VAL QG 46 111.24 2.91 53.46
N SER QG 47 110.58 1.85 53.96
CA SER QG 47 110.89 0.50 53.51
C SER QG 47 110.56 0.29 52.04
N VAL QG 48 109.41 0.78 51.60
CA VAL QG 48 109.02 0.54 50.20
C VAL QG 48 109.85 1.42 49.26
N SER QG 49 110.28 2.60 49.72
CA SER QG 49 111.14 3.44 48.89
C SER QG 49 112.52 2.81 48.72
N ASP QG 50 113.07 2.26 49.80
CA ASP QG 50 114.35 1.57 49.68
C ASP QG 50 114.21 0.29 48.85
N SER QG 51 113.05 -0.38 48.94
CA SER QG 51 112.81 -1.56 48.12
C SER QG 51 112.78 -1.22 46.64
N MET QG 52 112.12 -0.12 46.28
CA MET QG 52 112.09 0.32 44.89
C MET QG 52 113.46 0.78 44.42
N LEU QG 53 114.24 1.40 45.32
CA LEU QG 53 115.62 1.76 45.00
C LEU QG 53 116.46 0.53 44.70
N GLU QG 54 116.30 -0.53 45.49
CA GLU QG 54 117.01 -1.78 45.24
C GLU QG 54 116.58 -2.41 43.93
N MET QG 55 115.29 -2.31 43.61
CA MET QG 55 114.77 -2.83 42.35
C MET QG 55 115.39 -2.12 41.15
N ALA QG 56 115.43 -0.78 41.21
CA ALA QG 56 116.05 -0.01 40.13
C ALA QG 56 117.55 -0.26 40.05
N LYS QG 57 118.18 -0.46 41.21
CA LYS QG 57 119.60 -0.74 41.29
C LYS QG 57 119.94 -2.06 40.60
N VAL QG 58 119.10 -3.07 40.80
CA VAL QG 58 119.39 -4.35 40.17
C VAL QG 58 118.94 -4.38 38.72
N GLU QG 59 118.01 -3.51 38.30
CA GLU QG 59 117.48 -3.64 36.96
C GLU QG 59 118.08 -2.67 35.95
N LYS QG 60 118.78 -1.62 36.39
CA LYS QG 60 119.35 -0.68 35.44
C LYS QG 60 120.54 -1.29 34.72
N VAL QG 61 120.75 -0.87 33.48
CA VAL QG 61 121.84 -1.34 32.63
C VAL QG 61 122.68 -0.15 32.20
N ILE QG 62 123.99 -0.22 32.43
CA ILE QG 62 124.91 0.84 32.03
C ILE QG 62 125.94 0.28 31.06
N THR QG 63 126.78 1.16 30.55
CA THR QG 63 127.86 0.84 29.64
C THR QG 63 129.16 1.46 30.14
N PRO QG 64 130.31 0.84 29.85
CA PRO QG 64 131.58 1.48 30.17
C PRO QG 64 131.81 2.68 29.25
N PRO QG 65 132.52 3.71 29.72
CA PRO QG 65 132.75 4.89 28.87
C PRO QG 65 133.78 4.66 27.79
N SER QG 66 134.52 3.56 27.82
CA SER QG 66 135.57 3.32 26.85
C SER QG 66 135.05 2.65 25.58
N LYS QG 67 133.78 2.24 25.55
CA LYS QG 67 133.27 1.46 24.42
C LYS QG 67 132.00 2.02 23.83
N ASP QG 68 131.54 3.19 24.28
CA ASP QG 68 130.30 3.74 23.76
C ASP QG 68 130.51 4.34 22.37
N ASN QG 69 129.45 4.29 21.56
CA ASN QG 69 129.50 4.85 20.20
C ASN QG 69 129.13 6.33 20.25
N THR QG 70 130.05 7.12 20.78
CA THR QG 70 129.93 8.57 20.83
C THR QG 70 131.20 9.17 20.28
N LEU QG 71 131.10 9.87 19.15
CA LEU QG 71 132.24 10.57 18.61
C LEU QG 71 132.60 11.76 19.48
N THR QG 72 133.89 11.91 19.77
CA THR QG 72 134.35 12.89 20.73
C THR QG 72 134.42 14.28 20.11
N ILE QG 73 135.03 15.21 20.82
CA ILE QG 73 135.17 16.59 20.38
C ILE QG 73 136.49 16.72 19.62
N PRO QG 74 136.47 17.09 18.34
CA PRO QG 74 137.74 17.28 17.62
C PRO QG 74 138.54 18.49 18.07
N ASN QG 75 137.89 19.43 18.77
CA ASN QG 75 138.41 20.67 19.37
C ASN QG 75 139.39 21.43 18.48
N ALA QG 76 139.10 21.51 17.19
CA ALA QG 76 139.90 22.32 16.30
C ALA QG 76 139.62 23.80 16.54
N TYR QG 77 140.54 24.64 16.04
CA TYR QG 77 140.42 26.08 16.24
C TYR QG 77 139.22 26.65 15.50
N ASN QG 78 138.93 26.13 14.31
CA ASN QG 78 137.78 26.57 13.55
C ASN QG 78 136.47 26.00 14.08
N LEU QG 79 136.52 25.00 14.96
CA LEU QG 79 135.33 24.31 15.42
C LEU QG 79 134.73 24.93 16.68
N GLN QG 80 134.95 26.22 16.90
CA GLN QG 80 134.53 26.87 18.13
C GLN QG 80 133.46 27.92 17.91
N ALA QG 81 132.75 27.86 16.78
CA ALA QG 81 131.73 28.85 16.48
C ALA QG 81 130.44 28.55 17.22
N ARG QG 82 129.83 29.59 17.77
CA ARG QG 82 128.57 29.48 18.50
C ARG QG 82 127.44 30.00 17.64
N ALA QG 83 126.37 29.21 17.50
CA ALA QG 83 125.31 29.54 16.57
C ALA QG 83 124.00 28.89 17.01
N SER QG 84 122.92 29.34 16.38
CA SER QG 84 121.58 28.80 16.59
C SER QG 84 121.10 28.16 15.30
N VAL QG 85 120.66 26.91 15.38
CA VAL QG 85 120.21 26.17 14.20
C VAL QG 85 118.93 25.42 14.55
N ASP QG 86 117.89 25.61 13.74
CA ASP QG 86 116.67 24.80 13.81
C ASP QG 86 116.56 24.00 12.52
N TRP QG 87 116.23 22.72 12.67
CA TRP QG 87 116.13 21.84 11.51
C TRP QG 87 115.22 20.67 11.86
N SER QG 88 114.46 20.22 10.87
CA SER QG 88 113.64 19.03 11.02
C SER QG 88 113.63 18.31 9.67
N GLY QG 89 114.48 17.31 9.51
CA GLY QG 89 114.51 16.55 8.30
C GLY QG 89 115.78 15.77 8.09
N PRO QG 90 116.18 15.58 6.82
CA PRO QG 90 117.38 14.80 6.52
C PRO QG 90 118.67 15.47 7.00
N ILE QG 91 119.75 14.70 6.91
CA ILE QG 91 120.99 15.10 7.55
C ILE QG 91 122.09 15.47 6.57
N GLU QG 92 121.98 15.08 5.30
CA GLU QG 92 123.10 15.19 4.38
C GLU QG 92 123.40 16.64 4.02
N GLU QG 93 122.37 17.40 3.65
CA GLU QG 93 122.56 18.82 3.38
C GLU QG 93 122.92 19.58 4.65
N LEU QG 94 122.45 19.09 5.79
CA LEU QG 94 122.76 19.72 7.07
C LEU QG 94 124.24 19.63 7.37
N THR QG 95 124.80 18.42 7.28
CA THR QG 95 126.24 18.28 7.56
C THR QG 95 127.09 18.86 6.44
N ALA QG 96 126.55 18.94 5.21
CA ALA QG 96 127.25 19.64 4.14
C ALA QG 96 127.36 21.13 4.45
N ARG QG 97 126.30 21.74 4.95
CA ARG QG 97 126.37 23.14 5.33
C ARG QG 97 127.23 23.35 6.58
N ILE QG 98 127.26 22.35 7.47
CA ILE QG 98 128.15 22.43 8.63
C ILE QG 98 129.61 22.42 8.19
N ALA QG 99 129.95 21.55 7.23
CA ALA QG 99 131.29 21.54 6.66
C ALA QG 99 131.58 22.81 5.89
N LYS QG 100 130.56 23.39 5.26
CA LYS QG 100 130.71 24.68 4.59
C LYS QG 100 131.05 25.78 5.59
N ALA QG 101 130.38 25.77 6.75
CA ALA QG 101 130.69 26.75 7.79
C ALA QG 101 132.05 26.50 8.40
N ALA QG 102 132.48 25.25 8.48
CA ALA QG 102 133.78 24.91 9.04
C ALA QG 102 134.91 25.00 8.02
N HIS QG 103 134.61 25.30 6.75
CA HIS QG 103 135.56 25.31 5.64
C HIS QG 103 136.26 23.96 5.49
N PHE QG 104 135.49 22.89 5.65
CA PHE QG 104 136.00 21.53 5.50
C PHE QG 104 135.32 20.87 4.32
N ARG QG 105 136.06 19.98 3.65
CA ARG QG 105 135.45 19.19 2.60
C ARG QG 105 134.58 18.11 3.22
N PHE QG 106 133.59 17.66 2.45
CA PHE QG 106 132.59 16.73 2.94
C PHE QG 106 132.45 15.59 1.95
N ARG QG 107 132.45 14.36 2.46
CA ARG QG 107 132.35 13.18 1.62
C ARG QG 107 131.43 12.16 2.26
N VAL QG 108 130.99 11.19 1.47
CA VAL QG 108 130.07 10.17 1.89
C VAL QG 108 130.65 8.80 1.58
N LEU QG 109 130.63 7.91 2.58
CA LEU QG 109 131.06 6.53 2.45
C LEU QG 109 129.85 5.67 2.76
N GLY QG 110 129.22 5.12 1.72
CA GLY QG 110 128.02 4.35 1.85
C GLY QG 110 127.02 4.77 0.80
N LYS QG 111 125.82 4.21 0.90
CA LYS QG 111 124.77 4.46 -0.07
C LYS QG 111 123.54 4.99 0.63
N SER QG 112 122.92 6.00 0.05
CA SER QG 112 121.73 6.60 0.65
C SER QG 112 120.54 5.69 0.44
N PRO QG 113 119.81 5.33 1.49
CA PRO QG 113 118.66 4.43 1.35
C PRO QG 113 117.43 5.19 0.85
N SER QG 114 116.33 4.44 0.72
CA SER QG 114 115.08 5.02 0.29
C SER QG 114 114.49 5.95 1.35
N VAL QG 115 114.57 5.54 2.61
CA VAL QG 115 114.08 6.35 3.73
C VAL QG 115 115.28 7.00 4.39
N PRO QG 116 115.48 8.30 4.23
CA PRO QG 116 116.67 8.95 4.79
C PRO QG 116 116.56 9.12 6.30
N VAL QG 117 117.68 9.50 6.90
CA VAL QG 117 117.76 9.70 8.34
C VAL QG 117 117.15 11.04 8.67
N LEU QG 118 115.97 11.03 9.28
CA LEU QG 118 115.21 12.24 9.57
C LEU QG 118 115.42 12.59 11.04
N ILE QG 119 116.15 13.67 11.30
CA ILE QG 119 116.34 14.18 12.64
C ILE QG 119 115.79 15.59 12.70
N SER QG 120 115.67 16.11 13.92
CA SER QG 120 115.11 17.44 14.14
C SER QG 120 115.81 18.03 15.35
N ILE QG 121 116.74 18.95 15.09
CA ILE QG 121 117.56 19.56 16.14
C ILE QG 121 117.25 21.05 16.16
N SER QG 122 116.86 21.56 17.33
CA SER QG 122 116.62 22.97 17.54
C SER QG 122 117.51 23.42 18.68
N THR QG 123 118.54 24.22 18.37
CA THR QG 123 119.50 24.67 19.36
C THR QG 123 119.76 26.15 19.19
N LYS QG 124 120.14 26.78 20.30
CA LYS QG 124 120.33 28.22 20.35
C LYS QG 124 121.77 28.64 20.56
N ASP QG 125 122.46 28.10 21.57
CA ASP QG 125 123.82 28.58 21.84
C ASP QG 125 124.68 27.42 22.32
N GLU QG 126 125.34 26.77 21.38
CA GLU QG 126 126.45 25.85 21.62
C GLU QG 126 127.24 25.79 20.32
N SER QG 127 128.12 24.80 20.19
CA SER QG 127 129.04 24.80 19.07
C SER QG 127 128.91 23.53 18.22
N LEU QG 128 129.64 23.57 17.12
CA LEU QG 128 129.45 22.61 16.03
C LEU QG 128 129.92 21.22 16.41
N ALA QG 129 130.89 21.11 17.32
CA ALA QG 129 131.32 19.79 17.79
C ALA QG 129 130.19 19.09 18.54
N GLU QG 130 129.48 19.83 19.40
CA GLU QG 130 128.31 19.29 20.08
C GLU QG 130 127.18 19.02 19.10
N ILE QG 131 127.07 19.87 18.07
CA ILE QG 131 126.05 19.67 17.03
C ILE QG 131 126.27 18.34 16.32
N LEU QG 132 127.49 18.09 15.87
CA LEU QG 132 127.80 16.84 15.18
C LEU QG 132 127.74 15.65 16.11
N ARG QG 133 128.09 15.85 17.38
CA ARG QG 133 128.00 14.78 18.36
C ARG QG 133 126.55 14.34 18.55
N ASP QG 134 125.63 15.30 18.67
CA ASP QG 134 124.22 14.94 18.82
C ASP QG 134 123.65 14.41 17.51
N ILE QG 135 124.19 14.86 16.37
CA ILE QG 135 123.78 14.32 15.08
C ILE QG 135 124.13 12.84 14.99
N ASP QG 136 125.34 12.49 15.41
CA ASP QG 136 125.74 11.09 15.41
C ASP QG 136 124.97 10.30 16.46
N TYR QG 137 124.62 10.94 17.58
CA TYR QG 137 123.83 10.30 18.61
C TYR QG 137 122.44 9.93 18.10
N GLN QG 138 121.81 10.84 17.36
CA GLN QG 138 120.52 10.53 16.77
C GLN QG 138 120.65 9.64 15.53
N ALA QG 139 121.84 9.57 14.94
CA ALA QG 139 122.08 8.61 13.88
C ALA QG 139 122.10 7.20 14.43
N GLY QG 140 122.78 6.99 15.56
CA GLY QG 140 122.77 5.71 16.22
C GLY QG 140 123.52 4.63 15.48
N LYS QG 141 122.76 3.69 14.89
CA LYS QG 141 123.35 2.53 14.25
C LYS QG 141 123.42 2.62 12.73
N LYS QG 142 122.44 3.27 12.10
CA LYS QG 142 122.37 3.25 10.65
C LYS QG 142 123.43 4.14 10.00
N ALA QG 143 123.99 5.09 10.73
CA ALA QG 143 125.00 5.96 10.16
C ALA QG 143 125.92 6.45 11.25
N SER QG 144 127.09 6.92 10.82
CA SER QG 144 128.08 7.50 11.71
C SER QG 144 128.78 8.62 10.95
N ILE QG 145 129.62 9.37 11.66
CA ILE QG 145 130.40 10.43 11.05
C ILE QG 145 131.85 10.31 11.51
N HIS QG 146 132.75 10.83 10.68
CA HIS QG 146 134.16 10.87 11.03
C HIS QG 146 134.74 12.21 10.63
N VAL QG 147 135.73 12.65 11.42
CA VAL QG 147 136.35 13.96 11.28
C VAL QG 147 137.85 13.73 11.12
N TYR QG 148 138.44 14.34 10.09
CA TYR QG 148 139.87 14.23 9.86
C TYR QG 148 140.45 15.63 9.70
N PRO QG 149 141.32 16.06 10.62
CA PRO QG 149 141.95 17.38 10.52
C PRO QG 149 143.34 17.40 9.88
N ASN QG 150 143.85 16.25 9.45
CA ASN QG 150 145.09 16.26 8.66
C ASN QG 150 144.83 16.83 7.28
N SER QG 151 143.95 16.17 6.52
CA SER QG 151 143.31 16.78 5.36
C SER QG 151 141.88 17.09 5.76
N GLN QG 152 141.52 18.38 5.71
CA GLN QG 152 140.38 18.90 6.46
C GLN QG 152 139.06 18.40 5.88
N VAL QG 153 138.62 17.22 6.32
CA VAL QG 153 137.48 16.56 5.71
C VAL QG 153 136.59 15.97 6.80
N VAL QG 154 135.32 15.81 6.46
CA VAL QG 154 134.36 15.08 7.26
C VAL QG 154 133.69 14.06 6.36
N GLU QG 155 133.28 12.95 6.94
CA GLU QG 155 132.77 11.82 6.17
C GLU QG 155 131.54 11.25 6.85
N LEU QG 156 130.46 11.12 6.09
CA LEU QG 156 129.23 10.51 6.55
C LEU QG 156 129.21 9.05 6.10
N ARG QG 157 129.17 8.14 7.05
CA ARG QG 157 129.25 6.71 6.78
C ARG QG 157 127.90 6.07 6.99
N TYR QG 158 127.44 5.31 5.98
CA TYR QG 158 126.18 4.58 6.07
C TYR QG 158 126.42 3.19 6.62
N ALA QG 159 125.32 2.48 6.87
CA ALA QG 159 125.35 1.07 7.18
C ALA QG 159 124.98 0.24 5.95
N LYS QG 160 125.18 -1.06 6.06
CA LYS QG 160 124.92 -1.97 4.94
C LYS QG 160 123.44 -2.24 4.77
N GLN RG 791 -1.31 -109.87 -50.34
CA GLN RG 791 -0.15 -109.98 -49.47
C GLN RG 791 0.70 -108.71 -49.57
N GLN RG 792 0.68 -108.10 -50.75
CA GLN RG 792 1.37 -106.84 -51.00
C GLN RG 792 0.48 -105.64 -50.73
N GLU RG 793 -0.78 -105.86 -50.35
CA GLU RG 793 -1.73 -104.78 -50.11
C GLU RG 793 -2.00 -104.57 -48.63
N ILE RG 794 -1.43 -105.40 -47.76
CA ILE RG 794 -1.65 -105.26 -46.32
C ILE RG 794 -0.93 -104.03 -45.79
N GLN RG 795 0.13 -103.61 -46.46
CA GLN RG 795 0.97 -102.50 -45.99
C GLN RG 795 0.22 -101.19 -46.07
N GLN RG 796 -0.40 -100.91 -47.21
CA GLN RG 796 -1.23 -99.72 -47.34
C GLN RG 796 -2.52 -99.84 -46.52
N ARG RG 797 -2.97 -101.06 -46.24
CA ARG RG 797 -4.01 -101.25 -45.26
C ARG RG 797 -3.53 -100.86 -43.87
N THR RG 798 -2.27 -101.16 -43.56
CA THR RG 798 -1.69 -100.76 -42.29
C THR RG 798 -1.31 -99.28 -42.25
N SER RG 799 -1.30 -98.61 -43.41
CA SER RG 799 -0.84 -97.23 -43.47
C SER RG 799 -1.79 -96.28 -42.75
N ASP RG 800 -3.11 -96.46 -42.95
CA ASP RG 800 -4.08 -95.57 -42.35
C ASP RG 800 -4.24 -95.83 -40.86
N MET RG 801 -3.92 -97.05 -40.41
CA MET RG 801 -4.12 -97.40 -39.01
C MET RG 801 -3.17 -96.65 -38.10
N LEU RG 802 -1.91 -96.51 -38.52
CA LEU RG 802 -0.91 -95.83 -37.70
C LEU RG 802 -1.18 -94.34 -37.61
N THR RG 803 -1.72 -93.75 -38.69
CA THR RG 803 -2.09 -92.35 -38.67
C THR RG 803 -3.20 -92.08 -37.68
N ALA RG 804 -4.18 -92.99 -37.62
CA ALA RG 804 -5.25 -92.84 -36.63
C ALA RG 804 -4.75 -93.17 -35.23
N ALA RG 805 -3.85 -94.15 -35.12
CA ALA RG 805 -3.35 -94.55 -33.81
C ALA RG 805 -2.51 -93.46 -33.17
N THR RG 806 -1.63 -92.83 -33.96
CA THR RG 806 -0.86 -91.71 -33.46
C THR RG 806 -1.74 -90.50 -33.16
N GLN RG 807 -2.88 -90.40 -33.84
CA GLN RG 807 -3.86 -89.39 -33.48
C GLN RG 807 -4.47 -89.67 -32.12
N LEU RG 808 -4.83 -90.92 -31.85
CA LEU RG 808 -5.64 -91.22 -30.69
C LEU RG 808 -4.87 -91.18 -29.37
N VAL RG 809 -3.56 -91.47 -29.40
CA VAL RG 809 -2.82 -91.69 -28.17
C VAL RG 809 -2.61 -90.38 -27.42
N GLN RG 810 -2.30 -89.30 -28.13
CA GLN RG 810 -2.07 -88.02 -27.48
C GLN RG 810 -3.36 -87.35 -27.03
N ASP RG 811 -4.51 -87.81 -27.53
CA ASP RG 811 -5.79 -87.34 -27.00
C ASP RG 811 -5.98 -87.78 -25.56
N TRP RG 812 -5.64 -89.03 -25.26
CA TRP RG 812 -5.68 -89.49 -23.87
C TRP RG 812 -4.52 -88.94 -23.06
N LYS RG 813 -3.41 -88.57 -23.71
CA LYS RG 813 -2.35 -87.86 -23.01
C LYS RG 813 -2.75 -86.43 -22.74
N GLN RG 814 -3.65 -85.88 -23.55
CA GLN RG 814 -4.15 -84.53 -23.32
C GLN RG 814 -5.04 -84.50 -22.09
N VAL RG 815 -4.75 -83.55 -21.20
CA VAL RG 815 -5.48 -83.41 -19.94
C VAL RG 815 -5.43 -81.95 -19.52
N GLU RG 816 -6.59 -81.38 -19.21
CA GLU RG 816 -6.67 -80.03 -18.70
C GLU RG 816 -6.83 -80.04 -17.18
N THR RG 817 -6.77 -78.85 -16.59
CA THR RG 817 -6.87 -78.68 -15.16
C THR RG 817 -8.22 -78.09 -14.79
N GLN RG 818 -8.49 -78.07 -13.48
CA GLN RG 818 -9.72 -77.50 -12.96
C GLN RG 818 -9.54 -76.00 -12.70
N VAL RG 819 -10.62 -75.34 -12.27
CA VAL RG 819 -10.58 -73.94 -11.88
C VAL RG 819 -11.36 -73.77 -10.59
N TYR RG 820 -10.85 -72.90 -9.72
CA TYR RG 820 -11.51 -72.56 -8.47
C TYR RG 820 -11.88 -71.08 -8.49
N THR RG 821 -13.11 -70.80 -8.07
CA THR RG 821 -13.67 -69.46 -8.16
C THR RG 821 -14.29 -69.07 -6.82
N GLU RG 822 -14.24 -67.77 -6.52
CA GLU RG 822 -14.83 -67.20 -5.33
C GLU RG 822 -16.26 -66.75 -5.63
N GLY RG 823 -16.83 -65.98 -4.70
CA GLY RG 823 -18.14 -65.40 -4.91
C GLY RG 823 -18.67 -64.61 -3.73
N THR RG 824 -19.26 -63.45 -4.01
CA THR RG 824 -19.94 -62.66 -2.98
C THR RG 824 -21.06 -61.84 -3.60
N ILE SG 208 143.49 -16.23 44.26
CA ILE SG 208 144.07 -15.73 45.51
C ILE SG 208 144.10 -14.21 45.48
N ILE SG 209 143.53 -13.59 46.51
CA ILE SG 209 143.35 -12.15 46.56
C ILE SG 209 144.08 -11.59 47.77
N TYR SG 210 144.97 -10.64 47.54
CA TYR SG 210 145.67 -9.96 48.61
C TYR SG 210 144.84 -8.79 49.12
N TYR SG 211 145.17 -8.33 50.33
CA TYR SG 211 144.44 -7.23 50.93
C TYR SG 211 145.36 -6.39 51.81
N ILE SG 212 145.27 -5.08 51.66
CA ILE SG 212 146.02 -4.16 52.50
C ILE SG 212 145.36 -4.08 53.87
N GLN SG 213 146.18 -3.85 54.89
CA GLN SG 213 145.67 -3.60 56.24
C GLN SG 213 146.12 -2.26 56.79
N ALA SG 214 147.41 -1.95 56.72
CA ALA SG 214 147.93 -0.69 57.22
C ALA SG 214 149.14 -0.32 56.39
N VAL SG 215 149.38 0.99 56.25
CA VAL SG 215 150.45 1.49 55.41
C VAL SG 215 150.95 2.81 55.97
N ILE SG 216 152.24 2.88 56.27
CA ILE SG 216 152.89 4.11 56.68
C ILE SG 216 153.47 4.74 55.41
N PRO SG 217 153.72 6.04 55.36
CA PRO SG 217 154.58 6.55 54.29
C PRO SG 217 155.98 5.97 54.38
N GLY SG 218 156.32 5.11 53.42
CA GLY SG 218 157.61 4.45 53.42
C GLY SG 218 157.51 2.93 53.32
N ARG SG 219 156.48 2.35 53.91
CA ARG SG 219 156.33 0.89 53.96
C ARG SG 219 154.87 0.54 53.70
N ALA SG 220 154.56 -0.76 53.81
CA ALA SG 220 153.20 -1.24 53.65
C ALA SG 220 153.09 -2.60 54.34
N TRP SG 221 151.91 -2.86 54.91
CA TRP SG 221 151.60 -4.15 55.50
C TRP SG 221 150.50 -4.83 54.70
N LEU SG 222 150.66 -6.13 54.48
CA LEU SG 222 149.79 -6.86 53.56
C LEU SG 222 149.23 -8.11 54.23
N ILE SG 223 148.07 -8.53 53.72
CA ILE SG 223 147.51 -9.84 54.00
C ILE SG 223 146.92 -10.38 52.70
N GLY SG 224 146.77 -11.70 52.64
CA GLY SG 224 146.22 -12.36 51.48
C GLY SG 224 144.98 -13.17 51.83
N SER SG 225 144.39 -13.76 50.78
CA SER SG 225 143.28 -14.67 50.98
C SER SG 225 143.73 -15.95 51.68
N ASN SG 226 144.95 -16.38 51.40
CA ASN SG 226 145.56 -17.51 52.10
C ASN SG 226 146.24 -17.11 53.40
N GLY SG 227 146.21 -15.82 53.74
CA GLY SG 227 146.87 -15.35 54.95
C GLY SG 227 148.31 -14.94 54.75
N SER SG 228 148.70 -14.54 53.54
CA SER SG 228 150.08 -14.19 53.23
C SER SG 228 150.39 -12.82 53.82
N THR SG 229 150.96 -12.80 55.02
CA THR SG 229 151.40 -11.55 55.62
C THR SG 229 152.65 -11.05 54.91
N LEU SG 230 152.76 -9.73 54.82
CA LEU SG 230 153.91 -9.12 54.14
C LEU SG 230 154.10 -7.70 54.65
N THR SG 231 155.26 -7.44 55.25
CA THR SG 231 155.76 -6.08 55.39
C THR SG 231 156.42 -5.76 54.05
N VAL SG 232 155.64 -5.17 53.14
CA VAL SG 232 155.99 -5.09 51.74
C VAL SG 232 156.50 -3.68 51.44
N ARG SG 233 157.70 -3.61 50.88
CA ARG SG 233 158.27 -2.33 50.48
C ARG SG 233 157.69 -1.89 49.14
N GLU SG 234 157.81 -0.59 48.87
CA GLU SG 234 157.27 -0.04 47.63
C GLU SG 234 158.06 -0.53 46.41
N GLY SG 235 159.34 -0.83 46.57
CA GLY SG 235 160.07 -1.49 45.51
C GLY SG 235 160.14 -2.97 45.79
N SER SG 236 159.23 -3.74 45.20
CA SER SG 236 159.09 -5.15 45.51
C SER SG 236 158.23 -5.81 44.44
N LYS SG 237 158.67 -6.98 43.97
CA LYS SG 237 157.87 -7.79 43.08
C LYS SG 237 156.86 -8.58 43.88
N ILE SG 238 155.58 -8.44 43.56
CA ILE SG 238 154.51 -9.15 44.22
C ILE SG 238 154.02 -10.24 43.26
N PRO SG 239 153.99 -11.51 43.68
CA PRO SG 239 153.56 -12.57 42.77
C PRO SG 239 152.08 -12.50 42.45
N GLY SG 240 151.75 -12.69 41.18
CA GLY SG 240 150.39 -12.60 40.70
C GLY SG 240 149.89 -11.20 40.44
N TYR SG 241 150.64 -10.17 40.83
CA TYR SG 241 150.23 -8.79 40.65
C TYR SG 241 151.35 -7.98 40.01
N GLY SG 242 152.60 -8.39 40.24
CA GLY SG 242 153.72 -7.74 39.60
C GLY SG 242 154.46 -6.77 40.49
N MET SG 243 154.58 -5.52 40.06
CA MET SG 243 155.41 -4.51 40.71
C MET SG 243 154.55 -3.33 41.15
N VAL SG 244 154.75 -2.90 42.39
CA VAL SG 244 154.08 -1.71 42.92
C VAL SG 244 154.92 -0.49 42.56
N LYS SG 245 154.27 0.51 41.96
CA LYS SG 245 155.00 1.73 41.61
C LYS SG 245 155.15 2.65 42.82
N LEU SG 246 154.03 3.05 43.41
CA LEU SG 246 154.04 4.00 44.52
C LEU SG 246 153.01 3.59 45.56
N ILE SG 247 153.41 3.63 46.82
CA ILE SG 247 152.46 3.46 47.92
C ILE SG 247 151.67 4.73 48.08
N ASP SG 248 150.34 4.62 48.11
CA ASP SG 248 149.46 5.76 48.30
C ASP SG 248 149.03 5.78 49.77
N SER SG 249 149.39 6.87 50.45
CA SER SG 249 149.09 7.01 51.88
C SER SG 249 147.83 7.81 52.14
N LEU SG 250 147.53 8.81 51.32
CA LEU SG 250 146.31 9.59 51.52
C LEU SG 250 145.05 8.84 51.15
N GLN SG 251 145.17 7.85 50.26
CA GLN SG 251 144.05 6.99 49.91
C GLN SG 251 144.53 5.55 49.95
N GLY SG 252 143.74 4.67 50.56
CA GLY SG 252 144.12 3.28 50.70
C GLY SG 252 144.02 2.49 49.41
N ARG SG 253 144.89 2.80 48.46
CA ARG SG 253 144.93 2.15 47.16
C ARG SG 253 146.37 1.79 46.86
N ILE SG 254 146.61 0.63 46.25
CA ILE SG 254 147.95 0.24 45.85
C ILE SG 254 147.88 -0.24 44.40
N LEU SG 255 148.60 0.43 43.52
CA LEU SG 255 148.61 0.04 42.12
C LEU SG 255 149.63 -1.08 41.89
N THR SG 256 149.40 -1.84 40.82
CA THR SG 256 150.30 -2.91 40.43
C THR SG 256 150.78 -2.68 39.00
N SER SG 257 151.90 -3.33 38.65
CA SER SG 257 152.39 -3.24 37.29
C SER SG 257 151.52 -4.01 36.32
N SER SG 258 150.76 -5.00 36.79
CA SER SG 258 149.81 -5.69 35.92
C SER SG 258 148.56 -4.86 35.63
N GLY SG 259 148.38 -3.73 36.30
CA GLY SG 259 147.31 -2.81 35.99
C GLY SG 259 146.12 -2.83 36.91
N GLN SG 260 146.16 -3.61 37.98
CA GLN SG 260 145.07 -3.65 38.94
C GLN SG 260 145.48 -2.98 40.24
N VAL SG 261 144.49 -2.55 41.00
CA VAL SG 261 144.71 -1.82 42.24
C VAL SG 261 144.10 -2.62 43.38
N ILE SG 262 144.90 -2.93 44.38
CA ILE SG 262 144.45 -3.62 45.58
C ILE SG 262 144.05 -2.58 46.61
N LYS SG 263 142.85 -2.75 47.17
CA LYS SG 263 142.25 -1.86 48.16
C LYS SG 263 142.01 -2.65 49.45
N PHE SG 264 141.31 -2.01 50.39
CA PHE SG 264 140.89 -2.71 51.60
C PHE SG 264 139.74 -3.67 51.28
N SER SG 265 139.59 -4.67 52.14
CA SER SG 265 138.49 -5.62 51.99
C SER SG 265 137.23 -5.05 52.63
N GLN SG 266 136.09 -5.61 52.20
CA GLN SG 266 134.80 -5.17 52.72
C GLN SG 266 134.05 -6.31 53.39
N MET TG 23 -51.14 -76.87 104.20
CA MET TG 23 -51.83 -76.59 102.95
C MET TG 23 -50.89 -75.97 101.93
N LYS TG 24 -49.61 -76.30 102.04
CA LYS TG 24 -48.60 -75.82 101.12
C LYS TG 24 -48.38 -76.86 100.02
N PHE TG 25 -48.07 -76.38 98.82
CA PHE TG 25 -47.88 -77.23 97.66
C PHE TG 25 -46.51 -76.96 97.05
N LYS TG 26 -45.62 -77.95 97.15
CA LYS TG 26 -44.27 -77.81 96.64
C LYS TG 26 -43.84 -79.10 95.96
N LYS TG 27 -42.90 -78.98 95.10
CA LYS TG 27 -42.20 -80.08 94.45
C LYS TG 27 -40.82 -80.24 95.07
N PRO TG 28 -40.27 -81.46 95.07
CA PRO TG 28 -38.94 -81.68 95.67
C PRO TG 28 -37.81 -80.95 94.98
N PRO TG 29 -37.54 -81.17 93.65
CA PRO TG 29 -36.20 -80.81 93.15
C PRO TG 29 -36.05 -79.32 92.88
N ILE TG 30 -35.27 -78.65 93.71
CA ILE TG 30 -34.88 -77.27 93.48
C ILE TG 30 -33.36 -77.20 93.49
N ASN TG 31 -32.83 -76.18 92.85
CA ASN TG 31 -31.38 -75.99 92.76
C ASN TG 31 -31.11 -74.49 92.80
N ASN TG 32 -29.88 -74.14 92.45
CA ASN TG 32 -29.55 -72.78 92.10
C ASN TG 32 -30.16 -72.45 90.75
N PRO TG 33 -30.37 -71.15 90.46
CA PRO TG 33 -30.72 -70.76 89.08
C PRO TG 33 -29.63 -71.15 88.10
N SER TG 34 -30.06 -71.62 86.94
CA SER TG 34 -29.15 -72.21 85.97
C SER TG 34 -28.68 -71.15 84.98
N ASP TG 35 -27.95 -71.58 83.95
CA ASP TG 35 -27.41 -70.68 82.95
C ASP TG 35 -27.70 -71.21 81.56
N ASP TG 36 -28.08 -70.29 80.67
CA ASP TG 36 -28.53 -70.64 79.33
C ASP TG 36 -27.44 -71.31 78.52
N ALA TG 37 -26.21 -70.82 78.64
CA ALA TG 37 -25.10 -71.42 77.90
C ALA TG 37 -24.82 -72.83 78.39
N THR TG 38 -24.96 -73.05 79.69
CA THR TG 38 -24.84 -74.41 80.23
C THR TG 38 -25.95 -75.30 79.72
N ILE TG 39 -27.15 -74.74 79.52
CA ILE TG 39 -28.25 -75.51 78.93
C ILE TG 39 -27.91 -75.92 77.50
N LYS TG 40 -27.36 -74.99 76.72
CA LYS TG 40 -26.97 -75.30 75.34
C LYS TG 40 -25.86 -76.33 75.30
N LEU TG 41 -24.92 -76.24 76.25
CA LEU TG 41 -23.83 -77.21 76.32
C LEU TG 41 -24.34 -78.60 76.68
N ALA TG 42 -25.32 -78.68 77.58
CA ALA TG 42 -25.93 -79.97 77.88
C ALA TG 42 -26.67 -80.52 76.66
N GLU TG 43 -27.32 -79.63 75.91
CA GLU TG 43 -28.02 -80.02 74.69
C GLU TG 43 -27.06 -80.59 73.66
N ALA TG 44 -25.86 -80.02 73.56
CA ALA TG 44 -24.85 -80.62 72.69
C ALA TG 44 -24.35 -81.94 73.26
N ALA TG 45 -24.16 -82.00 74.57
CA ALA TG 45 -23.46 -83.10 75.20
C ALA TG 45 -24.27 -84.39 75.17
N VAL TG 46 -25.60 -84.29 75.23
CA VAL TG 46 -26.42 -85.49 75.17
C VAL TG 46 -26.29 -86.16 73.80
N SER TG 47 -26.29 -85.35 72.73
CA SER TG 47 -26.14 -85.87 71.37
C SER TG 47 -24.76 -86.46 71.17
N VAL TG 48 -23.73 -85.79 71.69
CA VAL TG 48 -22.36 -86.29 71.60
C VAL TG 48 -22.23 -87.62 72.33
N SER TG 49 -22.85 -87.71 73.51
CA SER TG 49 -22.78 -88.92 74.31
C SER TG 49 -23.46 -90.11 73.64
N ASP TG 50 -24.65 -89.88 73.07
CA ASP TG 50 -25.35 -91.02 72.48
C ASP TG 50 -24.69 -91.48 71.17
N SER TG 51 -24.17 -90.52 70.39
CA SER TG 51 -23.44 -90.89 69.18
C SER TG 51 -22.18 -91.66 69.51
N MET TG 52 -21.47 -91.25 70.57
CA MET TG 52 -20.29 -91.99 71.01
C MET TG 52 -20.67 -93.37 71.54
N LEU TG 53 -21.81 -93.47 72.22
CA LEU TG 53 -22.26 -94.74 72.77
C LEU TG 53 -22.58 -95.74 71.67
N GLU TG 54 -23.32 -95.30 70.65
CA GLU TG 54 -23.62 -96.22 69.56
C GLU TG 54 -22.39 -96.53 68.72
N MET TG 55 -21.46 -95.58 68.62
CA MET TG 55 -20.23 -95.84 67.88
C MET TG 55 -19.39 -96.90 68.59
N ALA TG 56 -19.38 -96.88 69.93
CA ALA TG 56 -18.64 -97.89 70.67
C ALA TG 56 -19.35 -99.23 70.60
N LYS TG 57 -20.69 -99.22 70.59
CA LYS TG 57 -21.43 -100.47 70.47
C LYS TG 57 -21.19 -101.14 69.12
N VAL TG 58 -21.20 -100.34 68.05
CA VAL TG 58 -20.95 -100.87 66.72
C VAL TG 58 -19.51 -101.35 66.59
N GLU TG 59 -18.57 -100.64 67.21
CA GLU TG 59 -17.17 -101.06 67.19
C GLU TG 59 -16.97 -102.38 67.91
N LYS TG 60 -17.58 -102.54 69.09
CA LYS TG 60 -17.43 -103.77 69.86
C LYS TG 60 -18.12 -104.94 69.17
N VAL TG 61 -19.19 -104.67 68.43
CA VAL TG 61 -19.80 -105.72 67.62
C VAL TG 61 -18.87 -106.11 66.47
N ILE TG 62 -18.35 -105.12 65.75
CA ILE TG 62 -17.66 -105.38 64.49
C ILE TG 62 -16.27 -105.98 64.72
N THR TG 63 -15.68 -105.78 65.90
CA THR TG 63 -14.46 -106.53 66.18
C THR TG 63 -14.50 -107.11 67.59
N PRO TG 64 -14.08 -108.36 67.76
CA PRO TG 64 -14.09 -108.96 69.09
C PRO TG 64 -12.77 -108.74 69.81
N PRO TG 65 -12.79 -108.65 71.14
CA PRO TG 65 -11.53 -108.58 71.88
C PRO TG 65 -10.76 -109.89 71.80
N SER TG 66 -9.44 -109.77 71.91
CA SER TG 66 -8.56 -110.91 71.80
C SER TG 66 -7.80 -111.20 73.09
N LYS TG 67 -7.21 -110.18 73.70
CA LYS TG 67 -6.38 -110.37 74.87
C LYS TG 67 -6.48 -109.12 75.75
N ASP TG 68 -6.15 -109.29 77.01
CA ASP TG 68 -6.24 -108.22 78.00
C ASP TG 68 -4.84 -107.79 78.43
N ASN TG 69 -4.68 -106.49 78.69
CA ASN TG 69 -3.39 -105.94 79.07
C ASN TG 69 -2.99 -106.31 80.50
N THR TG 70 -3.90 -106.89 81.28
CA THR TG 70 -3.56 -107.36 82.62
C THR TG 70 -2.57 -108.52 82.60
N LEU TG 71 -2.50 -109.25 81.47
CA LEU TG 71 -1.48 -110.28 81.32
C LEU TG 71 -0.09 -109.66 81.30
N THR TG 72 0.13 -108.65 80.45
CA THR TG 72 1.44 -108.02 80.40
C THR TG 72 1.65 -107.01 81.51
N ILE TG 73 0.61 -106.66 82.26
CA ILE TG 73 0.76 -105.85 83.46
C ILE TG 73 0.21 -106.64 84.63
N PRO TG 74 0.95 -107.58 85.20
CA PRO TG 74 0.48 -108.23 86.43
C PRO TG 74 0.74 -107.34 87.62
N ASN TG 75 -0.08 -107.51 88.65
CA ASN TG 75 0.05 -106.72 89.86
C ASN TG 75 0.72 -107.53 90.95
N ALA TG 76 1.23 -106.82 91.95
CA ALA TG 76 1.94 -107.44 93.05
C ALA TG 76 1.71 -106.58 94.28
N TYR TG 77 2.56 -106.76 95.30
CA TYR TG 77 2.54 -105.87 96.44
C TYR TG 77 3.10 -104.50 96.03
N ASN TG 78 2.95 -103.54 96.95
CA ASN TG 78 3.14 -102.09 96.80
C ASN TG 78 2.54 -101.55 95.51
N LEU TG 79 1.37 -102.09 95.15
CA LEU TG 79 0.59 -101.62 94.02
C LEU TG 79 -0.77 -101.11 94.46
N GLN TG 80 -1.09 -101.20 95.74
CA GLN TG 80 -2.42 -100.99 96.25
C GLN TG 80 -2.60 -99.67 96.97
N ALA TG 81 -1.57 -98.82 97.01
CA ALA TG 81 -1.75 -97.46 97.48
C ALA TG 81 -2.63 -96.70 96.50
N ARG TG 82 -3.37 -95.73 97.00
CA ARG TG 82 -4.38 -95.10 96.17
C ARG TG 82 -3.95 -93.69 95.79
N ALA TG 83 -4.59 -93.16 94.76
CA ALA TG 83 -4.15 -91.88 94.20
C ALA TG 83 -5.31 -91.20 93.51
N SER TG 84 -5.32 -89.87 93.62
CA SER TG 84 -6.22 -89.01 92.85
C SER TG 84 -5.37 -88.14 91.94
N VAL TG 85 -5.76 -88.08 90.67
CA VAL TG 85 -4.93 -87.48 89.64
C VAL TG 85 -5.77 -86.49 88.85
N ASP TG 86 -5.25 -85.28 88.69
CA ASP TG 86 -5.75 -84.32 87.71
C ASP TG 86 -4.53 -83.91 86.88
N TRP TG 87 -4.30 -84.62 85.79
CA TRP TG 87 -3.12 -84.41 84.97
C TRP TG 87 -3.50 -84.10 83.54
N SER TG 88 -2.81 -83.13 82.94
CA SER TG 88 -3.08 -82.68 81.59
C SER TG 88 -1.78 -82.43 80.83
N GLY TG 89 -0.82 -83.34 80.97
CA GLY TG 89 0.48 -83.13 80.39
C GLY TG 89 1.11 -84.36 79.77
N PRO TG 90 2.45 -84.35 79.68
CA PRO TG 90 3.16 -85.52 79.13
C PRO TG 90 3.23 -86.68 80.09
N ILE TG 91 3.96 -87.72 79.73
CA ILE TG 91 3.89 -88.98 80.44
C ILE TG 91 5.15 -89.30 81.24
N GLU TG 92 6.30 -88.72 80.90
CA GLU TG 92 7.57 -89.19 81.46
C GLU TG 92 7.70 -88.81 82.92
N GLU TG 93 7.45 -87.54 83.24
CA GLU TG 93 7.51 -87.07 84.63
C GLU TG 93 6.44 -87.74 85.48
N LEU TG 94 5.24 -87.94 84.92
CA LEU TG 94 4.15 -88.56 85.65
C LEU TG 94 4.47 -90.00 86.01
N THR TG 95 4.94 -90.77 85.02
CA THR TG 95 5.36 -92.14 85.28
C THR TG 95 6.59 -92.20 86.18
N ALA TG 96 7.46 -91.19 86.11
CA ALA TG 96 8.62 -91.15 86.98
C ALA TG 96 8.21 -90.97 88.44
N ARG TG 97 7.26 -90.08 88.71
CA ARG TG 97 6.79 -89.92 90.07
C ARG TG 97 6.00 -91.13 90.53
N ILE TG 98 5.30 -91.81 89.60
CA ILE TG 98 4.61 -93.05 89.93
C ILE TG 98 5.60 -94.13 90.34
N ALA TG 99 6.70 -94.27 89.58
CA ALA TG 99 7.70 -95.27 89.89
C ALA TG 99 8.46 -94.93 91.16
N LYS TG 100 8.69 -93.64 91.42
CA LYS TG 100 9.32 -93.22 92.66
C LYS TG 100 8.42 -93.49 93.86
N ALA TG 101 7.11 -93.33 93.69
CA ALA TG 101 6.19 -93.70 94.75
C ALA TG 101 6.15 -95.21 94.96
N ALA TG 102 6.26 -95.96 93.87
CA ALA TG 102 6.19 -97.43 93.94
C ALA TG 102 7.53 -98.08 94.26
N HIS TG 103 8.59 -97.28 94.40
CA HIS TG 103 9.95 -97.74 94.70
C HIS TG 103 10.45 -98.73 93.65
N PHE TG 104 10.10 -98.49 92.39
CA PHE TG 104 10.50 -99.33 91.29
C PHE TG 104 11.41 -98.56 90.35
N ARG TG 105 12.34 -99.27 89.72
CA ARG TG 105 13.23 -98.61 88.79
C ARG TG 105 12.51 -98.28 87.48
N PHE TG 106 13.04 -97.28 86.79
CA PHE TG 106 12.40 -96.65 85.65
C PHE TG 106 13.18 -96.95 84.39
N ARG TG 107 12.51 -97.51 83.38
CA ARG TG 107 13.18 -97.89 82.14
C ARG TG 107 12.44 -97.31 80.93
N VAL TG 108 13.21 -96.83 79.97
CA VAL TG 108 12.67 -96.23 78.75
C VAL TG 108 13.26 -96.95 77.55
N LEU TG 109 12.44 -97.12 76.52
CA LEU TG 109 12.86 -97.82 75.31
C LEU TG 109 12.40 -97.04 74.09
N GLY TG 110 13.31 -96.80 73.17
CA GLY TG 110 13.03 -96.02 72.00
C GLY TG 110 13.21 -94.53 72.25
N LYS TG 111 13.44 -93.80 71.18
CA LYS TG 111 13.59 -92.36 71.26
C LYS TG 111 12.22 -91.71 71.31
N SER TG 112 12.15 -90.59 72.01
CA SER TG 112 10.90 -89.85 72.06
C SER TG 112 10.59 -89.25 70.68
N PRO TG 113 9.33 -89.28 70.26
CA PRO TG 113 8.99 -88.69 68.97
C PRO TG 113 9.06 -87.17 69.01
N SER TG 114 9.06 -86.57 67.82
CA SER TG 114 9.15 -85.13 67.70
C SER TG 114 7.92 -84.44 68.27
N VAL TG 115 6.74 -84.88 67.86
CA VAL TG 115 5.51 -84.45 68.51
C VAL TG 115 5.40 -85.21 69.83
N PRO TG 116 5.25 -84.51 70.96
CA PRO TG 116 5.10 -85.21 72.23
C PRO TG 116 3.76 -85.92 72.34
N VAL TG 117 3.74 -86.98 73.12
CA VAL TG 117 2.50 -87.68 73.45
C VAL TG 117 1.92 -87.05 74.70
N LEU TG 118 0.67 -86.61 74.61
CA LEU TG 118 0.01 -85.92 75.70
C LEU TG 118 -1.18 -86.74 76.15
N ILE TG 119 -1.38 -86.80 77.47
CA ILE TG 119 -2.48 -87.54 78.02
C ILE TG 119 -3.21 -86.68 79.04
N SER TG 120 -4.48 -86.99 79.24
CA SER TG 120 -5.33 -86.28 80.20
C SER TG 120 -6.06 -87.31 81.04
N ILE TG 121 -5.74 -87.35 82.34
CA ILE TG 121 -6.38 -88.28 83.26
C ILE TG 121 -6.96 -87.48 84.40
N SER TG 122 -8.27 -87.63 84.63
CA SER TG 122 -8.95 -87.01 85.77
C SER TG 122 -9.83 -88.09 86.39
N THR TG 123 -9.25 -88.87 87.30
CA THR TG 123 -9.99 -89.92 87.98
C THR TG 123 -9.89 -89.75 89.49
N LYS TG 124 -10.36 -90.73 90.26
CA LYS TG 124 -10.41 -90.59 91.71
C LYS TG 124 -10.28 -91.94 92.39
N ASP TG 125 -9.21 -92.09 93.19
CA ASP TG 125 -9.00 -93.18 94.13
C ASP TG 125 -8.97 -94.55 93.44
N GLU TG 126 -7.95 -94.72 92.61
CA GLU TG 126 -7.72 -95.98 91.93
C GLU TG 126 -6.47 -96.65 92.46
N SER TG 127 -6.33 -97.93 92.13
CA SER TG 127 -5.08 -98.63 92.38
C SER TG 127 -4.02 -98.13 91.43
N LEU TG 128 -2.77 -98.34 91.81
CA LEU TG 128 -1.65 -97.98 90.93
C LEU TG 128 -1.67 -98.81 89.67
N ALA TG 129 -2.00 -100.10 89.80
CA ALA TG 129 -2.09 -100.97 88.64
C ALA TG 129 -3.22 -100.56 87.71
N GLU TG 130 -4.36 -100.16 88.27
CA GLU TG 130 -5.46 -99.69 87.44
C GLU TG 130 -5.15 -98.36 86.79
N ILE TG 131 -4.41 -97.50 87.48
CA ILE TG 131 -3.95 -96.24 86.89
C ILE TG 131 -3.01 -96.53 85.73
N LEU TG 132 -2.12 -97.50 85.90
CA LEU TG 132 -1.20 -97.90 84.84
C LEU TG 132 -1.93 -98.48 83.64
N ARG TG 133 -2.95 -99.29 83.88
CA ARG TG 133 -3.71 -99.88 82.78
C ARG TG 133 -4.54 -98.82 82.06
N ASP TG 134 -5.10 -97.87 82.80
CA ASP TG 134 -5.83 -96.77 82.18
C ASP TG 134 -4.91 -95.90 81.34
N ILE TG 135 -3.68 -95.68 81.84
CA ILE TG 135 -2.67 -94.96 81.09
C ILE TG 135 -2.31 -95.71 79.81
N ASP TG 136 -2.20 -97.04 79.90
CA ASP TG 136 -1.88 -97.87 78.74
C ASP TG 136 -2.99 -97.81 77.69
N TYR TG 137 -4.24 -97.88 78.12
CA TYR TG 137 -5.35 -97.80 77.17
C TYR TG 137 -5.46 -96.40 76.58
N GLN TG 138 -5.16 -95.37 77.37
CA GLN TG 138 -5.16 -94.01 76.85
C GLN TG 138 -4.01 -93.79 75.88
N ALA TG 139 -2.92 -94.54 76.04
CA ALA TG 139 -1.82 -94.46 75.08
C ALA TG 139 -2.18 -95.18 73.79
N GLY TG 140 -2.45 -96.47 73.88
CA GLY TG 140 -2.84 -97.23 72.71
C GLY TG 140 -1.72 -97.47 71.73
N LYS TG 141 -1.80 -96.78 70.58
CA LYS TG 141 -0.87 -97.04 69.48
C LYS TG 141 0.52 -96.51 69.78
N LYS TG 142 0.61 -95.37 70.46
CA LYS TG 142 1.87 -94.63 70.53
C LYS TG 142 2.88 -95.30 71.47
N ALA TG 143 2.44 -95.77 72.62
CA ALA TG 143 3.36 -96.24 73.64
C ALA TG 143 2.84 -97.51 74.28
N SER TG 144 3.77 -98.28 74.84
CA SER TG 144 3.44 -99.50 75.56
C SER TG 144 4.21 -99.53 76.87
N ILE TG 145 3.67 -100.28 77.83
CA ILE TG 145 4.22 -100.35 79.17
C ILE TG 145 4.22 -101.80 79.63
N HIS TG 146 5.36 -102.25 80.17
CA HIS TG 146 5.45 -103.55 80.79
C HIS TG 146 6.01 -103.36 82.20
N VAL TG 147 5.70 -104.32 83.07
CA VAL TG 147 6.16 -104.31 84.46
C VAL TG 147 6.83 -105.64 84.75
N TYR TG 148 8.02 -105.59 85.34
CA TYR TG 148 8.64 -106.81 85.88
C TYR TG 148 8.70 -106.69 87.39
N PRO TG 149 7.82 -107.39 88.12
CA PRO TG 149 7.81 -107.23 89.58
C PRO TG 149 8.96 -107.93 90.26
N ASN TG 150 9.43 -109.05 89.71
CA ASN TG 150 10.61 -109.72 90.25
C ASN TG 150 11.86 -108.87 90.05
N SER TG 151 11.94 -108.14 88.95
CA SER TG 151 13.01 -107.18 88.75
C SER TG 151 12.68 -105.82 89.34
N GLN TG 152 11.44 -105.60 89.77
CA GLN TG 152 10.97 -104.36 90.38
C GLN TG 152 11.18 -103.16 89.46
N VAL TG 153 10.89 -103.35 88.18
CA VAL TG 153 11.10 -102.31 87.19
C VAL TG 153 9.81 -102.08 86.41
N VAL TG 154 9.65 -100.84 85.95
CA VAL TG 154 8.57 -100.48 85.03
C VAL TG 154 9.21 -99.89 83.78
N GLU TG 155 8.89 -100.46 82.63
CA GLU TG 155 9.53 -100.12 81.37
C GLU TG 155 8.48 -99.61 80.40
N LEU TG 156 8.71 -98.44 79.83
CA LEU TG 156 7.88 -97.94 78.76
C LEU TG 156 8.65 -98.00 77.45
N ARG TG 157 7.91 -98.01 76.36
CA ARG TG 157 8.52 -98.14 75.05
C ARG TG 157 7.69 -97.37 74.02
N TYR TG 158 8.39 -96.62 73.19
CA TYR TG 158 7.74 -95.91 72.09
C TYR TG 158 7.54 -96.83 70.91
N ALA TG 159 6.53 -96.52 70.10
CA ALA TG 159 6.28 -97.33 68.91
C ALA TG 159 7.32 -97.05 67.84
N LYS TG 160 7.91 -98.11 67.30
CA LYS TG 160 8.85 -97.99 66.19
C LYS TG 160 8.04 -97.82 64.91
N ILE TG 161 7.96 -96.59 64.42
CA ILE TG 161 7.25 -96.25 63.20
C ILE TG 161 7.92 -95.00 62.64
N TYR TG 162 7.51 -94.61 61.42
CA TYR TG 162 8.08 -93.52 60.62
C TYR TG 162 9.55 -93.78 60.34
N MET UG 23 112.18 55.39 57.86
CA MET UG 23 112.95 54.16 57.76
C MET UG 23 112.28 53.20 56.79
N LYS UG 24 111.48 53.74 55.87
CA LYS UG 24 110.71 52.93 54.96
C LYS UG 24 111.58 52.47 53.78
N PHE UG 25 110.97 51.70 52.90
CA PHE UG 25 111.68 51.03 51.81
C PHE UG 25 110.94 51.23 50.50
N LYS UG 26 111.71 51.33 49.42
CA LYS UG 26 111.17 51.55 48.09
C LYS UG 26 112.05 50.87 47.06
N LYS UG 27 111.49 50.66 45.88
CA LYS UG 27 112.20 50.13 44.74
C LYS UG 27 112.14 51.10 43.57
N PRO UG 28 113.20 51.18 42.76
CA PRO UG 28 113.31 52.27 41.76
C PRO UG 28 112.23 52.29 40.68
N PRO UG 29 111.73 51.13 40.13
CA PRO UG 29 110.67 51.29 39.12
C PRO UG 29 109.32 51.60 39.73
N ILE UG 30 108.92 52.86 39.65
CA ILE UG 30 107.59 53.32 40.07
C ILE UG 30 107.03 54.15 38.93
N ASN UG 31 105.90 53.72 38.37
CA ASN UG 31 105.35 54.42 37.22
C ASN UG 31 103.85 54.67 37.37
N ASN UG 32 103.24 55.17 36.31
CA ASN UG 32 101.79 55.34 36.29
C ASN UG 32 101.12 53.98 36.24
N PRO UG 33 99.91 53.86 36.80
CA PRO UG 33 99.18 52.58 36.73
C PRO UG 33 98.82 52.22 35.31
N SER UG 34 98.80 50.92 35.04
CA SER UG 34 98.78 50.39 33.69
C SER UG 34 97.42 49.80 33.35
N ASP UG 35 97.32 49.27 32.14
CA ASP UG 35 96.09 48.71 31.61
C ASP UG 35 96.34 47.30 31.10
N ASP UG 36 95.45 46.37 31.47
CA ASP UG 36 95.62 44.96 31.16
C ASP UG 36 95.56 44.68 29.66
N ALA UG 37 94.80 45.49 28.91
CA ALA UG 37 94.79 45.34 27.46
C ALA UG 37 96.15 45.69 26.86
N THR UG 38 96.79 46.73 27.39
CA THR UG 38 98.15 47.06 26.98
C THR UG 38 99.12 45.96 27.40
N ILE UG 39 98.87 45.32 28.54
CA ILE UG 39 99.69 44.21 29.00
C ILE UG 39 99.63 43.05 28.00
N LYS UG 40 98.41 42.70 27.60
CA LYS UG 40 98.24 41.60 26.64
C LYS UG 40 98.78 41.96 25.27
N LEU UG 41 98.66 43.23 24.88
CA LEU UG 41 99.24 43.68 23.62
C LEU UG 41 100.75 43.56 23.62
N ALA UG 42 101.38 43.94 24.73
CA ALA UG 42 102.83 43.76 24.85
C ALA UG 42 103.21 42.29 24.85
N GLU UG 43 102.38 41.46 25.48
CA GLU UG 43 102.64 40.03 25.54
C GLU UG 43 102.58 39.39 24.15
N ALA UG 44 101.66 39.84 23.31
CA ALA UG 44 101.66 39.38 21.93
C ALA UG 44 102.84 39.95 21.16
N ALA UG 45 103.15 41.22 21.39
CA ALA UG 45 104.12 41.93 20.55
C ALA UG 45 105.54 41.45 20.78
N VAL UG 46 105.86 40.99 21.99
CA VAL UG 46 107.21 40.49 22.25
C VAL UG 46 107.45 39.20 21.46
N SER UG 47 106.43 38.34 21.38
CA SER UG 47 106.55 37.12 20.59
C SER UG 47 106.61 37.42 19.11
N VAL UG 48 105.85 38.43 18.68
CA VAL UG 48 105.89 38.86 17.28
C VAL UG 48 107.28 39.37 16.91
N SER UG 49 107.86 40.20 17.79
CA SER UG 49 109.19 40.75 17.54
C SER UG 49 110.26 39.67 17.56
N ASP UG 50 110.12 38.70 18.46
CA ASP UG 50 111.05 37.58 18.49
C ASP UG 50 110.98 36.76 17.21
N SER UG 51 109.77 36.53 16.71
CA SER UG 51 109.59 35.80 15.46
C SER UG 51 110.19 36.57 14.29
N MET UG 52 110.03 37.89 14.29
CA MET UG 52 110.55 38.70 13.20
C MET UG 52 112.08 38.77 13.24
N LEU UG 53 112.67 38.81 14.45
CA LEU UG 53 114.11 38.81 14.56
C LEU UG 53 114.70 37.48 14.10
N GLU UG 54 114.05 36.38 14.45
CA GLU UG 54 114.47 35.08 13.94
C GLU UG 54 114.32 35.00 12.43
N MET UG 55 113.25 35.59 11.89
CA MET UG 55 113.00 35.64 10.46
C MET UG 55 114.10 36.38 9.72
N ALA UG 56 114.50 37.54 10.24
CA ALA UG 56 115.57 38.31 9.63
C ALA UG 56 116.90 37.59 9.75
N LYS UG 57 117.12 36.90 10.88
CA LYS UG 57 118.37 36.17 11.10
C LYS UG 57 118.52 35.03 10.09
N VAL UG 58 117.45 34.25 9.90
CA VAL UG 58 117.56 33.12 8.98
C VAL UG 58 117.62 33.59 7.54
N GLU UG 59 116.95 34.71 7.21
CA GLU UG 59 117.06 35.25 5.87
C GLU UG 59 118.47 35.77 5.58
N LYS UG 60 119.08 36.43 6.56
CA LYS UG 60 120.42 36.96 6.35
C LYS UG 60 121.45 35.85 6.25
N VAL UG 61 121.30 34.79 7.04
CA VAL UG 61 122.26 33.69 6.94
C VAL UG 61 121.97 32.78 5.76
N ILE UG 62 120.79 32.86 5.15
CA ILE UG 62 120.55 32.06 3.96
C ILE UG 62 120.89 32.81 2.67
N THR UG 63 120.92 34.15 2.69
CA THR UG 63 121.41 34.81 1.49
C THR UG 63 122.13 36.10 1.87
N PRO UG 64 123.32 36.32 1.32
CA PRO UG 64 124.02 37.58 1.57
C PRO UG 64 123.75 38.60 0.48
N PRO UG 65 123.56 39.86 0.84
CA PRO UG 65 123.45 40.91 -0.17
C PRO UG 65 124.83 41.29 -0.69
N SER UG 66 124.83 42.05 -1.78
CA SER UG 66 126.07 42.47 -2.42
C SER UG 66 126.15 43.96 -2.75
N LYS UG 67 125.03 44.67 -2.77
CA LYS UG 67 124.99 46.04 -3.25
C LYS UG 67 124.28 46.93 -2.25
N ASP UG 68 124.39 48.24 -2.47
CA ASP UG 68 123.75 49.25 -1.63
C ASP UG 68 123.13 50.30 -2.54
N ASN UG 69 122.07 50.93 -2.06
CA ASN UG 69 121.40 51.98 -2.84
C ASN UG 69 122.08 53.33 -2.69
N THR UG 70 123.13 53.44 -1.89
CA THR UG 70 123.91 54.66 -1.86
C THR UG 70 124.62 54.90 -3.19
N LEU UG 71 124.85 53.84 -3.97
CA LEU UG 71 125.35 54.00 -5.33
C LEU UG 71 124.35 54.73 -6.21
N THR UG 72 123.09 54.28 -6.22
CA THR UG 72 122.14 54.89 -7.15
C THR UG 72 121.62 56.24 -6.64
N ILE UG 73 121.59 56.46 -5.33
CA ILE UG 73 121.27 57.81 -4.86
C ILE UG 73 122.32 58.27 -3.85
N PRO UG 74 123.49 58.74 -4.31
CA PRO UG 74 124.46 59.31 -3.38
C PRO UG 74 124.05 60.71 -2.97
N ASN UG 75 124.65 61.17 -1.87
CA ASN UG 75 124.36 62.49 -1.34
C ASN UG 75 125.26 63.54 -1.97
N ALA UG 76 124.89 64.80 -1.78
CA ALA UG 76 125.67 65.93 -2.26
C ALA UG 76 125.42 67.09 -1.31
N TYR UG 77 125.81 68.29 -1.75
CA TYR UG 77 125.50 69.47 -0.97
C TYR UG 77 124.01 69.79 -1.07
N ASN UG 78 123.53 70.60 -0.11
CA ASN UG 78 122.13 70.96 0.14
C ASN UG 78 121.18 69.76 0.11
N LEU UG 79 121.68 68.62 0.57
CA LEU UG 79 120.86 67.44 0.81
C LEU UG 79 120.90 67.07 2.28
N GLN UG 80 121.56 67.88 3.10
CA GLN UG 80 121.78 67.58 4.50
C GLN UG 80 120.83 68.35 5.41
N ALA UG 81 119.77 68.93 4.84
CA ALA UG 81 118.73 69.55 5.64
C ALA UG 81 118.01 68.49 6.45
N ARG UG 82 117.43 68.91 7.57
CA ARG UG 82 116.87 67.93 8.48
C ARG UG 82 115.35 67.96 8.41
N ALA UG 83 114.75 66.81 8.69
CA ALA UG 83 113.30 66.67 8.61
C ALA UG 83 112.84 65.62 9.60
N SER UG 84 111.81 65.95 10.36
CA SER UG 84 111.12 64.97 11.19
C SER UG 84 109.69 64.85 10.70
N VAL UG 85 109.29 63.64 10.32
CA VAL UG 85 108.05 63.42 9.59
C VAL UG 85 107.23 62.35 10.27
N ASP UG 86 105.94 62.36 9.94
CA ASP UG 86 105.00 61.28 10.25
C ASP UG 86 103.99 61.24 9.10
N TRP UG 87 104.29 60.41 8.11
CA TRP UG 87 103.46 60.26 6.92
C TRP UG 87 103.02 58.82 6.84
N SER UG 88 101.74 58.60 6.57
CA SER UG 88 101.22 57.25 6.38
C SER UG 88 100.21 57.23 5.24
N GLY UG 89 100.51 57.92 4.15
CA GLY UG 89 99.61 57.98 3.03
C GLY UG 89 100.25 57.55 1.73
N PRO UG 90 99.88 58.18 0.63
CA PRO UG 90 100.47 57.84 -0.67
C PRO UG 90 101.88 58.40 -0.80
N ILE UG 91 102.46 58.14 -1.96
CA ILE UG 91 103.86 58.43 -2.17
C ILE UG 91 104.09 59.76 -2.91
N GLU UG 92 103.22 60.07 -3.88
CA GLU UG 92 103.53 61.11 -4.86
C GLU UG 92 103.49 62.51 -4.26
N GLU UG 93 102.48 62.80 -3.43
CA GLU UG 93 102.41 64.10 -2.78
C GLU UG 93 103.57 64.30 -1.82
N LEU UG 94 103.96 63.22 -1.14
CA LEU UG 94 105.10 63.26 -0.22
C LEU UG 94 106.40 63.56 -0.96
N THR UG 95 106.65 62.85 -2.06
CA THR UG 95 107.91 63.06 -2.76
C THR UG 95 107.90 64.37 -3.55
N ALA UG 96 106.71 64.87 -3.92
CA ALA UG 96 106.63 66.21 -4.49
C ALA UG 96 106.97 67.27 -3.45
N ARG UG 97 106.52 67.06 -2.21
CA ARG UG 97 106.90 67.95 -1.12
C ARG UG 97 108.40 67.91 -0.87
N ILE UG 98 108.98 66.71 -0.98
CA ILE UG 98 110.43 66.54 -0.80
C ILE UG 98 111.19 67.27 -1.90
N ALA UG 99 110.73 67.15 -3.15
CA ALA UG 99 111.40 67.84 -4.25
C ALA UG 99 111.23 69.34 -4.18
N LYS UG 100 110.08 69.82 -3.68
CA LYS UG 100 109.90 71.24 -3.49
C LYS UG 100 110.81 71.77 -2.40
N ALA UG 101 111.04 70.99 -1.35
CA ALA UG 101 112.02 71.37 -0.34
C ALA UG 101 113.44 71.32 -0.89
N ALA UG 102 113.73 70.36 -1.76
CA ALA UG 102 115.07 70.14 -2.26
C ALA UG 102 115.43 71.02 -3.45
N HIS UG 103 114.45 71.74 -4.01
CA HIS UG 103 114.61 72.61 -5.19
C HIS UG 103 115.20 71.85 -6.38
N PHE UG 104 114.72 70.62 -6.58
CA PHE UG 104 115.24 69.76 -7.64
C PHE UG 104 114.16 69.43 -8.65
N ARG UG 105 114.60 68.97 -9.82
CA ARG UG 105 113.70 68.63 -10.92
C ARG UG 105 112.92 67.37 -10.58
N PHE UG 106 111.63 67.51 -10.28
CA PHE UG 106 110.77 66.37 -10.04
C PHE UG 106 110.47 65.68 -11.37
N ARG UG 107 110.66 64.36 -11.42
CA ARG UG 107 110.34 63.64 -12.64
C ARG UG 107 109.77 62.27 -12.33
N VAL UG 108 108.77 61.88 -13.12
CA VAL UG 108 108.09 60.60 -13.00
C VAL UG 108 108.27 59.82 -14.29
N LEU UG 109 108.55 58.52 -14.16
CA LEU UG 109 108.77 57.66 -15.30
C LEU UG 109 107.82 56.48 -15.23
N GLY UG 110 107.27 56.11 -16.38
CA GLY UG 110 106.29 55.05 -16.43
C GLY UG 110 104.92 55.56 -16.04
N LYS UG 111 103.98 54.62 -15.90
CA LYS UG 111 102.62 54.94 -15.52
C LYS UG 111 102.28 54.28 -14.20
N SER UG 112 101.39 54.91 -13.46
CA SER UG 112 100.99 54.39 -12.16
C SER UG 112 100.11 53.15 -12.35
N PRO UG 113 100.34 52.10 -11.56
CA PRO UG 113 99.37 51.02 -11.51
C PRO UG 113 98.11 51.48 -10.82
N SER UG 114 97.02 50.77 -11.11
CA SER UG 114 95.72 51.17 -10.60
C SER UG 114 95.61 50.96 -9.10
N VAL UG 115 96.29 49.95 -8.56
CA VAL UG 115 96.34 49.77 -7.12
C VAL UG 115 97.29 50.83 -6.56
N PRO UG 116 96.85 51.65 -5.62
CA PRO UG 116 97.75 52.65 -5.03
C PRO UG 116 98.77 52.02 -4.10
N VAL UG 117 99.89 52.72 -3.95
CA VAL UG 117 100.99 52.28 -3.11
C VAL UG 117 101.10 53.25 -1.94
N LEU UG 118 101.14 52.71 -0.73
CA LEU UG 118 101.14 53.52 0.49
C LEU UG 118 102.38 53.25 1.31
N ILE UG 119 102.98 54.32 1.84
CA ILE UG 119 104.16 54.22 2.67
C ILE UG 119 103.87 54.88 4.01
N SER UG 120 104.13 54.14 5.10
CA SER UG 120 104.02 54.68 6.45
C SER UG 120 105.43 54.88 6.99
N ILE UG 121 105.76 56.13 7.35
CA ILE UG 121 107.06 56.47 7.90
C ILE UG 121 106.84 57.32 9.13
N SER UG 122 107.44 56.90 10.25
CA SER UG 122 107.41 57.65 11.50
C SER UG 122 108.84 57.66 12.05
N THR UG 123 109.62 58.65 11.64
CA THR UG 123 111.01 58.75 12.02
C THR UG 123 111.25 60.09 12.73
N LYS UG 124 112.52 60.39 13.00
CA LYS UG 124 112.85 61.58 13.77
C LYS UG 124 114.27 62.03 13.44
N ASP UG 125 114.37 63.16 12.72
CA ASP UG 125 115.60 63.93 12.52
C ASP UG 125 116.69 63.10 11.82
N GLU UG 126 116.42 62.76 10.56
CA GLU UG 126 117.42 62.11 9.72
C GLU UG 126 117.63 62.93 8.45
N SER UG 127 118.55 62.47 7.62
CA SER UG 127 118.92 63.16 6.41
C SER UG 127 117.88 62.95 5.32
N LEU UG 128 117.90 63.86 4.34
CA LEU UG 128 117.04 63.72 3.17
C LEU UG 128 117.40 62.51 2.35
N ALA UG 129 118.70 62.27 2.15
CA ALA UG 129 119.15 61.12 1.37
C ALA UG 129 118.81 59.81 2.07
N GLU UG 130 118.95 59.78 3.39
CA GLU UG 130 118.54 58.60 4.15
C GLU UG 130 117.03 58.41 4.12
N ILE UG 131 116.27 59.51 4.08
CA ILE UG 131 114.83 59.43 3.91
C ILE UG 131 114.49 58.79 2.55
N LEU UG 132 115.20 59.20 1.51
CA LEU UG 132 115.02 58.61 0.18
C LEU UG 132 115.39 57.14 0.17
N ARG UG 133 116.45 56.77 0.90
CA ARG UG 133 116.86 55.38 1.01
C ARG UG 133 115.80 54.55 1.72
N ASP UG 134 115.21 55.10 2.78
CA ASP UG 134 114.12 54.43 3.49
C ASP UG 134 112.92 54.26 2.59
N ILE UG 135 112.61 55.28 1.79
CA ILE UG 135 111.46 55.23 0.89
C ILE UG 135 111.64 54.16 -0.17
N ASP UG 136 112.83 54.12 -0.79
CA ASP UG 136 113.07 53.14 -1.85
C ASP UG 136 113.15 51.73 -1.29
N TYR UG 137 113.70 51.58 -0.08
CA TYR UG 137 113.79 50.26 0.53
C TYR UG 137 112.42 49.75 0.93
N GLN UG 138 111.55 50.63 1.45
CA GLN UG 138 110.20 50.18 1.77
C GLN UG 138 109.38 49.96 0.51
N ALA UG 139 109.71 50.65 -0.59
CA ALA UG 139 109.02 50.41 -1.85
C ALA UG 139 109.38 49.05 -2.43
N GLY UG 140 110.68 48.73 -2.43
CA GLY UG 140 111.12 47.48 -3.01
C GLY UG 140 110.95 47.44 -4.51
N LYS UG 141 110.04 46.59 -4.98
CA LYS UG 141 109.79 46.46 -6.41
C LYS UG 141 108.65 47.34 -6.89
N LYS UG 142 108.10 48.18 -6.01
CA LYS UG 142 107.01 49.06 -6.43
C LYS UG 142 107.53 50.18 -7.33
N ALA UG 143 108.65 50.79 -6.95
CA ALA UG 143 109.21 51.88 -7.73
C ALA UG 143 110.71 51.94 -7.47
N SER UG 144 111.36 52.91 -8.09
CA SER UG 144 112.78 53.13 -7.85
C SER UG 144 113.08 54.63 -7.88
N ILE UG 145 114.11 55.01 -7.13
CA ILE UG 145 114.48 56.41 -6.92
C ILE UG 145 115.87 56.62 -7.48
N HIS UG 146 116.03 57.65 -8.31
CA HIS UG 146 117.33 58.05 -8.83
C HIS UG 146 117.53 59.53 -8.59
N VAL UG 147 118.78 59.90 -8.33
CA VAL UG 147 119.16 61.30 -8.12
C VAL UG 147 120.34 61.60 -9.03
N TYR UG 148 120.21 62.65 -9.83
CA TYR UG 148 121.28 63.10 -10.73
C TYR UG 148 121.66 64.50 -10.27
N PRO UG 149 122.66 64.63 -9.39
CA PRO UG 149 123.00 65.94 -8.84
C PRO UG 149 123.72 66.84 -9.82
N ASN UG 150 124.33 66.28 -10.86
CA ASN UG 150 124.93 67.10 -11.90
C ASN UG 150 123.87 67.85 -12.69
N SER UG 151 122.67 67.27 -12.80
CA SER UG 151 121.53 67.96 -13.37
C SER UG 151 120.48 68.30 -12.32
N GLN UG 152 120.69 67.88 -11.06
CA GLN UG 152 119.84 68.19 -9.92
C GLN UG 152 118.41 67.70 -10.12
N VAL UG 153 118.29 66.43 -10.51
CA VAL UG 153 117.01 65.82 -10.85
C VAL UG 153 116.72 64.70 -9.87
N VAL UG 154 115.51 64.72 -9.30
CA VAL UG 154 114.99 63.61 -8.51
C VAL UG 154 113.96 62.89 -9.38
N GLU UG 155 114.17 61.60 -9.60
CA GLU UG 155 113.38 60.81 -10.53
C GLU UG 155 112.82 59.61 -9.80
N LEU UG 156 111.53 59.35 -9.99
CA LEU UG 156 110.91 58.13 -9.53
C LEU UG 156 110.34 57.38 -10.72
N ARG UG 157 110.70 56.11 -10.85
CA ARG UG 157 110.29 55.28 -11.97
C ARG UG 157 109.42 54.15 -11.46
N TYR UG 158 108.27 53.94 -12.11
CA TYR UG 158 107.31 52.96 -11.68
C TYR UG 158 107.76 51.55 -12.03
N ALA UG 159 107.00 50.57 -11.56
CA ALA UG 159 107.30 49.18 -11.85
C ALA UG 159 106.87 48.84 -13.27
N LYS UG 160 107.86 48.67 -14.16
CA LYS UG 160 107.58 48.22 -15.52
C LYS UG 160 107.27 46.73 -15.45
N ILE UG 161 105.98 46.41 -15.35
CA ILE UG 161 105.53 45.06 -15.10
C ILE UG 161 104.08 44.96 -15.56
N TYR UG 162 103.62 43.74 -15.84
CA TYR UG 162 102.28 43.39 -16.33
C TYR UG 162 102.04 44.05 -17.68
N ARG VG 207 110.91 -21.25 -14.90
CA ARG VG 207 109.91 -20.43 -15.56
C ARG VG 207 108.50 -20.83 -15.15
N ILE VG 208 107.57 -20.81 -16.09
CA ILE VG 208 106.16 -21.10 -15.82
C ILE VG 208 105.76 -22.34 -16.60
N ILE VG 209 105.23 -23.33 -15.90
CA ILE VG 209 104.81 -24.58 -16.51
C ILE VG 209 103.46 -24.37 -17.18
N TYR VG 210 103.33 -24.84 -18.42
CA TYR VG 210 102.08 -24.77 -19.16
C TYR VG 210 101.59 -26.18 -19.43
N TYR VG 211 100.36 -26.47 -19.02
CA TYR VG 211 99.66 -27.69 -19.39
C TYR VG 211 98.56 -27.33 -20.37
N ILE VG 212 97.89 -28.36 -20.88
CA ILE VG 212 96.81 -28.13 -21.84
C ILE VG 212 95.53 -27.82 -21.08
N GLN VG 213 94.97 -26.64 -21.35
CA GLN VG 213 93.64 -26.30 -20.86
C GLN VG 213 92.55 -26.88 -21.77
N ALA VG 214 92.70 -26.70 -23.07
CA ALA VG 214 91.78 -27.25 -24.07
C ALA VG 214 92.55 -27.45 -25.36
N VAL VG 215 92.29 -28.57 -26.03
CA VAL VG 215 92.99 -28.91 -27.26
C VAL VG 215 91.96 -29.24 -28.33
N ILE VG 216 92.04 -28.52 -29.46
CA ILE VG 216 91.29 -28.83 -30.67
C ILE VG 216 92.33 -28.94 -31.78
N PRO VG 217 92.00 -29.44 -32.98
CA PRO VG 217 92.90 -29.25 -34.11
C PRO VG 217 93.08 -27.77 -34.42
N GLY VG 218 94.34 -27.38 -34.63
CA GLY VG 218 94.68 -26.00 -34.90
C GLY VG 218 95.00 -25.18 -33.66
N ARG VG 219 94.00 -24.84 -32.87
CA ARG VG 219 94.19 -24.00 -31.69
C ARG VG 219 94.49 -24.86 -30.48
N ALA VG 220 95.19 -24.27 -29.51
CA ALA VG 220 95.53 -24.97 -28.28
C ALA VG 220 95.46 -24.01 -27.12
N TRP VG 221 94.73 -24.40 -26.08
CA TRP VG 221 94.57 -23.58 -24.88
C TRP VG 221 95.55 -24.09 -23.83
N LEU VG 222 96.45 -23.22 -23.39
CA LEU VG 222 97.51 -23.58 -22.47
C LEU VG 222 97.29 -22.83 -21.17
N ILE VG 223 97.21 -23.57 -20.07
CA ILE VG 223 97.03 -23.00 -18.74
C ILE VG 223 98.38 -22.91 -18.06
N GLY VG 224 98.75 -21.72 -17.62
CA GLY VG 224 100.02 -21.54 -16.96
C GLY VG 224 100.03 -22.09 -15.55
N SER VG 225 101.23 -22.13 -14.97
CA SER VG 225 101.37 -22.60 -13.59
C SER VG 225 100.76 -21.60 -12.61
N ASN VG 226 100.76 -20.32 -12.95
CA ASN VG 226 100.08 -19.31 -12.15
C ASN VG 226 98.61 -19.18 -12.50
N GLY VG 227 98.15 -19.87 -13.54
CA GLY VG 227 96.79 -19.73 -14.01
C GLY VG 227 96.65 -18.95 -15.30
N SER VG 228 97.72 -18.73 -16.05
CA SER VG 228 97.66 -17.99 -17.30
C SER VG 228 97.18 -18.93 -18.40
N THR VG 229 95.93 -18.78 -18.81
CA THR VG 229 95.33 -19.57 -19.87
C THR VG 229 95.26 -18.72 -21.13
N LEU VG 230 95.91 -19.19 -22.18
CA LEU VG 230 95.96 -18.46 -23.45
C LEU VG 230 95.84 -19.45 -24.61
N THR VG 231 95.21 -19.01 -25.69
CA THR VG 231 95.01 -19.84 -26.86
C THR VG 231 96.02 -19.47 -27.94
N VAL VG 232 96.69 -20.48 -28.50
CA VAL VG 232 97.74 -20.30 -29.48
C VAL VG 232 97.41 -21.13 -30.72
N ARG VG 233 98.22 -20.91 -31.76
CA ARG VG 233 98.10 -21.64 -33.01
C ARG VG 233 99.46 -22.24 -33.37
N GLU VG 234 99.59 -22.76 -34.60
CA GLU VG 234 100.77 -23.52 -34.99
C GLU VG 234 102.02 -22.65 -35.04
N GLY VG 235 101.93 -21.47 -35.63
CA GLY VG 235 103.06 -20.56 -35.62
C GLY VG 235 102.97 -19.60 -34.46
N SER VG 236 103.68 -19.89 -33.37
CA SER VG 236 103.60 -19.05 -32.18
C SER VG 236 104.88 -19.19 -31.36
N LYS VG 237 105.07 -18.23 -30.47
CA LYS VG 237 106.16 -18.23 -29.51
C LYS VG 237 105.58 -18.12 -28.10
N ILE VG 238 106.28 -18.72 -27.14
CA ILE VG 238 105.79 -18.79 -25.77
C ILE VG 238 106.95 -18.65 -24.80
N PRO VG 239 106.88 -17.72 -23.84
CA PRO VG 239 107.91 -17.65 -22.80
C PRO VG 239 107.92 -18.88 -21.91
N GLY VG 240 109.11 -19.33 -21.54
CA GLY VG 240 109.29 -20.53 -20.77
C GLY VG 240 109.35 -21.80 -21.60
N TYR VG 241 108.94 -21.76 -22.86
CA TYR VG 241 108.91 -22.92 -23.71
C TYR VG 241 109.60 -22.70 -25.06
N GLY VG 242 109.49 -21.50 -25.64
CA GLY VG 242 110.19 -21.22 -26.87
C GLY VG 242 109.28 -21.05 -28.08
N MET VG 243 109.57 -21.78 -29.14
CA MET VG 243 108.85 -21.67 -30.41
C MET VG 243 108.07 -22.96 -30.65
N VAL VG 244 106.80 -22.83 -31.03
CA VAL VG 244 105.93 -23.99 -31.20
C VAL VG 244 106.36 -24.79 -32.42
N LYS VG 245 106.84 -26.01 -32.19
CA LYS VG 245 107.26 -26.88 -33.28
C LYS VG 245 106.06 -27.41 -34.05
N LEU VG 246 105.10 -28.01 -33.35
CA LEU VG 246 103.97 -28.65 -34.00
C LEU VG 246 102.80 -28.73 -33.02
N ILE VG 247 101.62 -28.36 -33.49
CA ILE VG 247 100.39 -28.51 -32.73
C ILE VG 247 99.58 -29.64 -33.37
N ASP VG 248 99.25 -30.64 -32.56
CA ASP VG 248 98.42 -31.75 -33.01
C ASP VG 248 97.42 -32.10 -31.91
N SER VG 249 96.19 -32.39 -32.32
CA SER VG 249 95.18 -32.85 -31.37
C SER VG 249 95.34 -34.32 -31.03
N LEU VG 250 96.17 -35.06 -31.78
CA LEU VG 250 96.40 -36.47 -31.49
C LEU VG 250 97.22 -36.63 -30.23
N GLN VG 251 96.72 -37.45 -29.30
CA GLN VG 251 97.36 -37.89 -28.07
C GLN VG 251 97.65 -36.75 -27.09
N GLY VG 252 97.10 -35.55 -27.32
CA GLY VG 252 97.23 -34.42 -26.41
C GLY VG 252 98.63 -33.91 -26.18
N ARG VG 253 99.40 -33.71 -27.26
CA ARG VG 253 100.79 -33.30 -27.15
C ARG VG 253 101.03 -32.06 -28.00
N ILE VG 254 101.71 -31.07 -27.42
CA ILE VG 254 102.13 -29.87 -28.12
C ILE VG 254 103.65 -29.80 -28.08
N LEU VG 255 104.27 -29.60 -29.24
CA LEU VG 255 105.72 -29.66 -29.36
C LEU VG 255 106.31 -28.26 -29.48
N THR VG 256 107.42 -28.03 -28.77
CA THR VG 256 108.09 -26.75 -28.73
C THR VG 256 109.53 -26.90 -29.19
N SER VG 257 110.14 -25.77 -29.58
CA SER VG 257 111.50 -25.76 -30.12
C SER VG 257 112.55 -26.15 -29.09
N SER VG 258 112.27 -25.97 -27.81
CA SER VG 258 113.21 -26.35 -26.76
C SER VG 258 113.03 -27.80 -26.31
N GLY VG 259 112.15 -28.55 -26.96
CA GLY VG 259 111.96 -29.95 -26.60
C GLY VG 259 111.05 -30.19 -25.42
N GLN VG 260 110.27 -29.20 -25.02
CA GLN VG 260 109.30 -29.35 -23.94
C GLN VG 260 107.94 -29.62 -24.55
N VAL VG 261 107.27 -30.64 -24.04
CA VAL VG 261 105.96 -31.06 -24.55
C VAL VG 261 104.89 -30.57 -23.60
N ILE VG 262 103.91 -29.85 -24.14
CA ILE VG 262 102.76 -29.41 -23.36
C ILE VG 262 101.69 -30.49 -23.49
N LYS VG 263 101.39 -31.15 -22.38
CA LYS VG 263 100.32 -32.14 -22.34
C LYS VG 263 99.41 -31.83 -21.16
N PHE VG 264 98.48 -32.74 -20.87
CA PHE VG 264 97.76 -32.65 -19.62
C PHE VG 264 98.68 -33.06 -18.47
N SER VG 265 98.29 -32.62 -17.27
CA SER VG 265 99.00 -33.06 -16.08
C SER VG 265 98.70 -34.54 -15.81
N GLN VG 266 99.63 -35.19 -15.12
CA GLN VG 266 99.35 -36.53 -14.60
C GLN VG 266 98.24 -36.47 -13.56
N GLU VG 267 98.27 -35.45 -12.71
CA GLU VG 267 97.21 -35.24 -11.73
C GLU VG 267 95.93 -34.72 -12.36
N ASP VG 268 96.02 -34.00 -13.48
CA ASP VG 268 94.87 -33.42 -14.16
C ASP VG 268 94.84 -34.02 -15.57
N SER VG 269 94.24 -35.20 -15.68
CA SER VG 269 94.21 -35.93 -16.94
C SER VG 269 92.80 -36.40 -17.28
N GLN WG 791 83.83 -69.54 -51.93
CA GLN WG 791 83.96 -68.26 -52.59
C GLN WG 791 82.60 -67.55 -52.68
N GLN WG 792 81.55 -68.34 -52.90
CA GLN WG 792 80.20 -67.77 -53.00
C GLN WG 792 79.64 -67.37 -51.65
N GLU WG 793 80.24 -67.83 -50.55
CA GLU WG 793 79.76 -67.53 -49.22
C GLU WG 793 80.03 -66.09 -48.80
N ILE WG 794 80.90 -65.39 -49.51
CA ILE WG 794 81.26 -64.02 -49.14
C ILE WG 794 80.09 -63.08 -49.35
N GLN WG 795 79.32 -63.29 -50.43
CA GLN WG 795 78.17 -62.46 -50.73
C GLN WG 795 77.09 -62.61 -49.67
N GLN WG 796 76.87 -63.84 -49.21
CA GLN WG 796 75.93 -64.07 -48.12
C GLN WG 796 76.44 -63.49 -46.82
N ARG WG 797 77.70 -63.78 -46.47
CA ARG WG 797 78.22 -63.42 -45.15
C ARG WG 797 78.40 -61.93 -45.00
N THR WG 798 78.64 -61.22 -46.08
CA THR WG 798 78.63 -59.76 -46.04
C THR WG 798 77.21 -59.24 -45.79
N SER WG 799 76.23 -59.84 -46.48
CA SER WG 799 74.89 -59.28 -46.52
C SER WG 799 74.17 -59.36 -45.17
N ASP WG 800 74.22 -60.53 -44.53
CA ASP WG 800 73.55 -60.66 -43.24
C ASP WG 800 74.28 -59.90 -42.14
N MET WG 801 75.60 -59.79 -42.26
CA MET WG 801 76.33 -59.01 -41.28
C MET WG 801 76.21 -57.51 -41.57
N LEU WG 802 75.86 -57.12 -42.79
CA LEU WG 802 75.56 -55.73 -43.06
C LEU WG 802 74.29 -55.30 -42.36
N THR WG 803 73.26 -56.17 -42.41
CA THR WG 803 72.04 -55.91 -41.67
C THR WG 803 72.29 -55.99 -40.17
N ALA WG 804 73.19 -56.88 -39.76
CA ALA WG 804 73.53 -56.99 -38.35
C ALA WG 804 74.27 -55.74 -37.86
N ALA WG 805 75.20 -55.23 -38.67
CA ALA WG 805 75.98 -54.07 -38.26
C ALA WG 805 75.14 -52.80 -38.30
N THR WG 806 74.25 -52.68 -39.28
CA THR WG 806 73.41 -51.50 -39.35
C THR WG 806 72.33 -51.52 -38.26
N GLN WG 807 72.04 -52.70 -37.73
CA GLN WG 807 71.22 -52.78 -36.53
C GLN WG 807 71.93 -52.18 -35.33
N LEU WG 808 73.24 -52.38 -35.26
CA LEU WG 808 74.00 -51.87 -34.13
C LEU WG 808 74.20 -50.36 -34.25
N VAL WG 809 74.69 -49.90 -35.41
CA VAL WG 809 75.11 -48.52 -35.55
C VAL WG 809 73.93 -47.55 -35.58
N GLN WG 810 72.71 -48.03 -35.85
CA GLN WG 810 71.56 -47.15 -35.76
C GLN WG 810 71.19 -46.84 -34.33
N ASP WG 811 71.71 -47.61 -33.37
CA ASP WG 811 71.44 -47.38 -31.96
C ASP WG 811 72.49 -46.53 -31.29
N TRP WG 812 73.47 -46.02 -32.03
CA TRP WG 812 74.55 -45.26 -31.41
C TRP WG 812 74.43 -43.75 -31.59
N LYS WG 813 73.76 -43.28 -32.63
CA LYS WG 813 73.69 -41.84 -32.85
C LYS WG 813 72.75 -41.16 -31.87
N GLN WG 814 71.63 -41.80 -31.54
CA GLN WG 814 70.66 -41.15 -30.67
C GLN WG 814 71.13 -41.16 -29.23
N VAL WG 815 70.70 -40.14 -28.50
CA VAL WG 815 71.07 -39.96 -27.09
C VAL WG 815 69.97 -39.15 -26.43
N GLU WG 816 69.47 -39.66 -25.30
CA GLU WG 816 68.40 -38.99 -24.60
C GLU WG 816 68.91 -37.74 -23.88
N THR WG 817 67.98 -36.87 -23.51
CA THR WG 817 68.32 -35.59 -22.92
C THR WG 817 68.33 -35.71 -21.39
N GLN WG 818 68.38 -34.56 -20.72
CA GLN WG 818 68.39 -34.51 -19.27
C GLN WG 818 66.97 -34.58 -18.72
N VAL WG 819 66.88 -34.77 -17.40
CA VAL WG 819 65.64 -34.65 -16.66
C VAL WG 819 65.90 -33.88 -15.38
N TYR WG 820 65.00 -32.97 -15.04
CA TYR WG 820 65.14 -32.14 -13.85
C TYR WG 820 63.94 -32.35 -12.94
N THR WG 821 64.20 -32.40 -11.64
CA THR WG 821 63.15 -32.56 -10.65
C THR WG 821 63.32 -31.50 -9.56
N GLU WG 822 62.23 -30.82 -9.23
CA GLU WG 822 62.23 -29.78 -8.23
C GLU WG 822 61.31 -30.16 -7.08
N GLY WG 823 61.69 -29.79 -5.87
CA GLY WG 823 60.86 -30.02 -4.71
C GLY WG 823 60.87 -28.82 -3.79
N THR WG 824 59.82 -28.71 -2.99
CA THR WG 824 59.69 -27.63 -2.02
C THR WG 824 59.24 -28.16 -0.66
#